data_8FJL
#
_entry.id   8FJL
#
loop_
_entity.id
_entity.type
_entity.pdbx_description
1 polymer 'RNA-directed RNA polymerase VP2'
2 polymer 'Microtubule-associated protein VP5'
3 polymer 'Major inner capsid protein VP3'
4 polymer 'Major inner capsid protein VP3'
5 polymer 'RNA (38-MER)'
6 polymer 'RNA (30-MER)'
7 polymer 'RNA (52-MER)'
8 polymer 'RNA (39-MER)'
9 polymer 'Clamp protein VP6'
10 polymer 'Outer capsid protein VP1'
11 polymer 'RNA (60-MER)'
12 non-polymer 'ZINC ION'
#
loop_
_entity_poly.entity_id
_entity_poly.type
_entity_poly.pdbx_seq_one_letter_code
_entity_poly.pdbx_strand_id
1 'polypeptide(L)'
;EELFNALPQPLQQLSLALAGEIPLTDHIFEQAASTWHVQPRSLTYKLLDHIPFSTPVVVPPSIYHSLDWSKCFAVNQDRV
ERVPTIDDPDDVYVPNSDIGPLLTSLHTIPDYGFLHPAIENDATTLRAERARCASTFYKIASSQARQVKLDPIRMLGFLL
LVQARPRVPSGLVTDQPTRRDPTQSPALHAIWQVMQYYKVAGVYYAPALVVPSGAIWWIPPPGKRNVVSVQYLLTDLINL
AILAHMTDMSPTLELTGVLMYLRAASSHSHAYTLLQMKSVFPALSLRSMYRNKGFGGKAPAIEWTEPRSKYKFRWTGVTQ
LHDGLRPRSPSMDVPTLEVLTKYELVDIGHIIIRERNAHPRHNHDSVRFVRDVMALTSGMYLVRQPTMSVLREYSQVPDI
KDPIPPSAWTGPIGNVRYLLPSVQGPARHLYDTWRAAARQIAQDPQWHDPLNQAIMRAQYVTARGGSSASLKFALKVTGI
VLPEYDDSKVKKSSKIYQAAQIARIAFMLLIAAIHAEVTMGIRNQVQRRARSIMPLNVIQQAISAPHTLVANYINKHMNL
STTSGSVVTDKVIPLILYASTPPNTVVNVDIKACDASITYNYFLSVICGAMHEGFEVGNADAAFMGVPSTIVSDRRSSVA
PYSRPISGLQTMVQHLADLYAAGFRYSVSDAFSSGNKFSFPTSTFPSGSTATSTEHTANNSTMMEYFLNVHAPSHVKSAS
LKRILTDMTIQRNYVCQGDDGILLLPHEAASKISADDMNELLTCLRDYGQLFGWNYDIDWSDTAEYLKLYALMGCRIPNT
SRHPPVGKEYAAPQTDEIWPSLIDIVIGHHLNGVTDVLNWREWLRFSWAFACYSSRGGYTNPKGQSFSAQYPWWTFVYLG
IPPILLPGQTPFIHSCYMPPGDQGMFSILNGWRDWLISHASTTLPPLRHNHPVWGLSDVPSLLSQFGVYAGYHAAQHYRR
PKPAPETASSDSINQITSDLTEYLFYDSALKARVMKGRYNWERLSSSLSLNVGSRVPSLFDVPGKWVAAGRDAEKPPPSS
VEDMFTSLNRCIRRPTHSFSRLLELYLRVHVTLGESIPLAIDPDVPQVAGADPANDDHWFKYTCLGDIPSATRNYFGESL
FVGRVVSGLDVEAVDATLLRLKILGAPPEAFIAVLNGIGMSDSEAHQIAGRISLANAQLVQIARVVHLSIPSSWMTLNTG
PYIHHHAYDFKPGITQPSAKSRDKSIWMSPILKLLCTSYAMTVAGPVRTSIVTEIDGSAAALSGNLRVWMRDV
;
A
2 'polypeptide(L)'
;MITIVVIPTAHFSWTDTNFLNSVDYRLTSQPKIRDRFAVYAPGWLRRQLDEFSASLTASELLQALQTIPIPVKARCLLLP
KPKRFAQWLLDVPSANIWHIPVTTLRATVASKHPSSDVYNYIPDHVPPSAEFDTVTRRVAAGRDIYVRSTKVLGAPLCLA
APAKYYAGYLSTHQLDGVYPDNWAPDNFHKREFCLTILPSLLGPRTFLLDVDADRDASYPLSVLWPQLRVLALKSRLLLP
PVALLRRVVDPGLKPTWSADSDAAFRALRLSRPSSASKPTGFDFSALPVVDIICLFESEPDDHGRVAPGTRLTIHSVPTD
LLTSLSIQEGVRYPLRQESGMFVPWVLLALLMSDDVTISGTRRSVKLETAHASARPFVHITVERCASARVVDVRGSPAMY
ANAVCLTLPKGSYKSTIIDTLPAMFSDLSILEQAAVIDSDALGDSLRPSFETQFLERLENLDPKLLDRAVASILSPASDT
SDDAVTTVLDVFNALYREVMTPAQRSRLPLLTQQGRVLAFAHSDYELLSANIPIQVVRGSIPIDHVVNLLARRNRVGGTA
LQVLLDYCYRTQASPLAPTPAGRLYKQLFGPWLMVPRLSDPLIKLRLVASAPAKVLRAAGWTIDGDPPLEVSCLCAYVTD
RAMAAALIERRLDSRALVNVGGDQLMFVEYAPPLPLVSIPRTFLLPVTYVVHWVSPQRVLLNGGNVSFTSGLEWTFDD
;
B
3 'polypeptide(L)'
;DIITRPTSDSIAAVANATKPAAVVSDPQSMKVTPIVNPSSYVCNVCNARFSTMSALSEHLRSDHRDDASTLLATPMINNA
IRSFLTAWDGIRILSPDVSSKHLSAYLDSAVANGPELIVEDTGLCTSFMLLDNIPSAHLTKELIGFTWFMQMYQMTPPLP
EGAVNRIVCMTNWASLGDEGRGLEVRLPPPTDSSVHAYKTVLSRGYIDNAQFNPLALRSNVLLMLLQFTLSNLKINKSST
FTSDVTTITSGRMIRAFEGRPELLALAYPGRAVLPTQTKNAQFLSTAIADRIGRLDRANLIGGEVSAMVECMELCDALTL
HIRETYVMLLRSMHQDPTQIVQIVNECANNLLNSTIPISLRPTILCPWFASSEDLRLQQVMHLVNISSNTAAALPLVEAL
STLLRSVTPLVLDPTVLTNAITTISESTTQTISPISEILRLLQPMGNDYAAFWKCIASWAYNGLVTTVLSEDAFPDSSQS
ITHLPSMWKCLFLTLAGPMTSDPHSPVKVFMALANLLAQPEPIAIGVPGMHQTTPASQFSHPGVWPPGFLNPQLINPQQA
PLLRAFAEHIRANWPQPSEFGYGSTLQGSANLFIPPNRMVYPWPNQPLPRLTVAPTYDSAMSNWISTTIAFFIRVVNSVN
MTATVNDLTRRTMTGVMTAMRQVKTMTPFYIQHMCPTELSVLASVTVTPPFQVPFTRLVQNDVITNVLVARVDPAQRGDA
AVDIRATHATFAAALPVDPAAIVVAMLCGQTETNLIPSHHYGKAFAPLFASNAMFTRNQRAVITREAFVCARSAVAQCQD
AGFLVPRPLDALRQFDVTSAAAAEIMHAVNDAFKTAFDLDGALLDGLALYGDPRIADLSAAYLQYGGNVVREHVPPGPSH
IHRTLQQVESTFMAEMNLFNVARGNLYLVQTATNGNWSPMAPVAAPPFVRGGPNVRVVGRFGTIVPRPDGLEPQLIDDGN
VPRDIAGDWVYPSDVLQVSVAVFCDYVWPMVKAGRTRVLVELGHYVYTLHYYDPQISLDEAPILEEWLSKINPAGIPPVP
FCIPIPQVYPCITARRVHYAFTSENNNDSLFSTNAASIDTAFGENAAVSPLRWPGLVDPNYRVGTNDLPNRITLYNSLYR
YNFTYPTLDGIMYVRSAT
;
C,D,E,F,G,H,I,J,K,L
4 'polypeptide(L)'
;TASPADTNVVPAKDAPTTNSPPSTTSPNQAAADANQQQAGIVSSQSGPNAVGDSAPSTSVNNDGDIITRPTSDSIAAVAN
ATKPAAVVSDPQSM
;
M,N,k,l,m
5 'polyribonucleotide' UAUAUAUAUAUAUAUAUAUAUAUAUAUA a5,b5
6 'polyribonucleotide' UAUAUAUAUAUAUAUAUAUAUAUAUAUAUAUAUAUAUA b6,a6
7 'polyribonucleotide' UAUAUAUAUAUAUAUAUAUAUAUAUAUAUAUAUAUAUAUAUAUAUAUAUAUA a1,b1
8 'polyribonucleotide' UAUAUAUAUAUAUAUAUAUAUAUAUAUAUAUAUAUAUAUA a3,b3
9 'polypeptide(L)'
;AQRQFFGLTYNFYGQPAPLFDLNDLQELAGCYARPWTSRFSHLAISTGSLPVWSARYPSVASRNIIVNTLLGAHLNPFAG
GQVTSHQGITWRDPVLSSLAPVPAIQPPPVWAVAENVPLDSNNYPTYVLNLSSMWPINQDVHIMTMWALSDQGPIYHLEV
PVDPMPAATTAALMAYIGVPIAHLAQTAYRFAGQLPQSPDSTMVSTIRWLSAIWFGSLTGRLNRSRTCNGFYFEFAKPAL
NPDQAVLKWNDGARAAPPAAAQSSYMRCISPHWQHQIVEVAGALMSQSVTAVTGLPALIDEATLPAWSQGVANLTGNGQG
VVPCLDYNPVPMAAARHLQWRQDGLITAAQEAQLNNDYTAYALTIERHLTAMLVANPIAAGRMPIQPFNAADFGQAGQTA
AAVALAQAMFV
;
V,W,X,a,b,d,e,g,h,n
10 'polypeptide(L)'
;AAVFGIQLVPKLNTSTTRRTFLPLRFDLLLDRLQSTNLHGVLYRALDFNPVDRSATVIQTYPPLNAWSPHPAFIENPLDY
RDWTEFIHDRALAFVGVLTQRYPLTQNAQRYTNPLVLGAAFGDFLNARSIDIFLDRLFYGPTQESPITSITKFPYQWTID
FNVTADSVRTPAGCKYITLYGYDPSRPSTPATYGKHRPTYATVFYYSTLPARSRLLANLAAGPTVLEHFDSPTYGPHLLL
PQTGDVLGYSSSLISQAALLMVESVMDALRDNANASASTAVTRLDQSYHPVTSFDPSTFNTLLQRATNLALLAVQGVQSE
SAIPAIPTMSDVRSFVARLMAEGDPQQWFPYRVDQILYWPESPFVPPIGPFYAPFRPVNFPFTTGSYTVVPDASRPLRLL
PQYRNATITVQQADDAYEDTALSPLITTHGFCVTGGVSTSIYDISGDPTAYPPAQLVDTPNDYFDRERMARRDLFRRLRA
PADRSAIKDRAVFDFLASLVNPTTANPVLDTSFSMAYLGASSAHANADEPVILADIRSGSIPGLPIPRRIVQFGYDVVHG
SLLDLSRAVPTGTFGLVYADLDQVEDAGTDMPAANRAAIAMLGTALQMTTAGGVSVLKVNFPTRAFWTQVFNLYATHATT
LHLVKPTIVNSSEVFLVFGGRQSNGALRSTTALQRALLSLYARNAAIDRAVTHIPFFGVPDDGTSDLGIDAVRLFDPMFS
DAVANLPSNALASLVSRVVPSSIMFTRVPSNGPVSTTIYGKRTFLSNRRRARLRDVPMLITTTLVHQRRFTTPPTFTLFS
SEAVPVTTLVAAGYNSFISEQTRNPNLAHLLDLGTGPECRILSLIPPTLQVTMSDARPCAELMASFDPALTAYVQGDYST
AAFWNGIRCDSATAIFTLGAAAAAAGTDLIAFVQQLIPRIVAAGGTRMWLQLNTPLYEVSSLPDLIDIDLRDRVYRFNGG
ERVEPYADPVPLQQAIAALLPAAALSWHTLSPTCDWLPYIIGVGSPLNLSDINTAISYSRLTPILHIDTTTPPLRVNPVP
TPLNQQCAIRITSLDPAAVLSVQHNGVEVIGGTPGNVISVAGAAALQYILANQEFLLQFTPTLPGIFDVFLTTLGQPPVP
RGSFTITPPPTTVVLNMPPPGQLDFTDVGNDARITCDPYYQLAVCIFKDGQYVRVNPEKASVVTNAPNRDLHFVLDLADN
HVLLYLCDVTPSGLGDRIAFPIVDIYRIAFPRNTPVRASLPYTGGGAHLTSGGNPFMSLTTPPAVLPAGVALAALSTSVA
TQYPTYTLPAGVYEYVI
;
Y,Z,c,f,i
11 'polyribonucleotide' UAUAUAUAUAUAUAUAUAUAUAUAUAUAUAUAUAUAUAUAUAUAUAUAUAUAUAUAUAUA a2,b2
#
loop_
_chem_comp.id
_chem_comp.type
_chem_comp.name
_chem_comp.formula
A RNA linking ADENOSINE-5'-MONOPHOSPHATE 'C10 H14 N5 O7 P'
U RNA linking URIDINE-5'-MONOPHOSPHATE 'C9 H13 N2 O9 P'
ZN non-polymer 'ZINC ION' 'Zn 2'
#
# COMPACT_ATOMS: atom_id res chain seq x y z
N GLU A 1 2.27 -27.46 75.62
CA GLU A 1 1.21 -28.40 75.33
C GLU A 1 1.68 -29.83 75.55
N GLU A 2 1.26 -30.41 76.67
CA GLU A 2 1.71 -31.75 77.02
C GLU A 2 1.31 -32.77 75.96
N LEU A 3 0.23 -32.50 75.21
CA LEU A 3 -0.15 -33.40 74.14
C LEU A 3 0.97 -33.55 73.13
N PHE A 4 1.59 -32.43 72.77
CA PHE A 4 2.74 -32.49 71.85
C PHE A 4 3.81 -33.41 72.41
N ASN A 5 4.01 -33.40 73.72
CA ASN A 5 4.96 -34.31 74.33
C ASN A 5 4.49 -35.75 74.23
N ALA A 6 3.17 -35.97 74.24
CA ALA A 6 2.66 -37.33 74.18
C ALA A 6 2.93 -37.98 72.83
N LEU A 7 3.04 -37.19 71.78
CA LEU A 7 3.24 -37.75 70.46
C LEU A 7 4.60 -38.45 70.38
N PRO A 8 4.69 -39.54 69.62
CA PRO A 8 5.99 -40.15 69.38
C PRO A 8 6.88 -39.22 68.56
N GLN A 9 8.18 -39.48 68.64
CA GLN A 9 9.16 -38.58 68.04
C GLN A 9 8.91 -38.29 66.57
N PRO A 10 8.70 -39.29 65.69
CA PRO A 10 8.44 -38.94 64.28
C PRO A 10 7.22 -38.06 64.10
N LEU A 11 6.16 -38.32 64.85
CA LEU A 11 4.96 -37.50 64.70
C LEU A 11 5.20 -36.09 65.22
N GLN A 12 5.98 -35.96 66.29
CA GLN A 12 6.36 -34.62 66.74
C GLN A 12 7.10 -33.87 65.65
N GLN A 13 8.01 -34.55 64.96
CA GLN A 13 8.70 -33.93 63.85
C GLN A 13 7.72 -33.50 62.77
N LEU A 14 6.79 -34.39 62.42
CA LEU A 14 5.82 -34.05 61.38
C LEU A 14 4.98 -32.85 61.79
N SER A 15 4.54 -32.83 63.05
CA SER A 15 3.75 -31.69 63.51
C SER A 15 4.55 -30.40 63.39
N LEU A 16 5.84 -30.45 63.72
CA LEU A 16 6.68 -29.27 63.55
C LEU A 16 6.74 -28.86 62.10
N ALA A 17 6.88 -29.83 61.18
CA ALA A 17 6.91 -29.50 59.76
C ALA A 17 5.59 -28.88 59.33
N LEU A 18 4.47 -29.46 59.75
CA LEU A 18 3.18 -28.90 59.37
C LEU A 18 2.97 -27.52 59.96
N ALA A 19 3.47 -27.28 61.16
CA ALA A 19 3.35 -25.96 61.75
C ALA A 19 4.20 -24.91 61.04
N GLY A 20 5.05 -25.34 60.11
CA GLY A 20 5.94 -24.42 59.43
C GLY A 20 7.27 -24.20 60.13
N GLU A 21 7.57 -24.98 61.16
CA GLU A 21 8.83 -24.81 61.86
C GLU A 21 10.02 -25.16 60.99
N ILE A 22 9.91 -26.23 60.21
CA ILE A 22 11.05 -26.75 59.46
C ILE A 22 10.60 -27.17 58.07
N PRO A 23 11.50 -27.11 57.10
CA PRO A 23 11.17 -27.63 55.77
C PRO A 23 10.97 -29.13 55.81
N LEU A 24 9.92 -29.58 55.14
CA LEU A 24 9.61 -31.00 55.13
C LEU A 24 10.63 -31.77 54.31
N THR A 25 10.88 -33.02 54.71
CA THR A 25 11.84 -33.86 54.01
C THR A 25 11.32 -35.27 53.92
N ASP A 26 11.82 -36.01 52.93
CA ASP A 26 11.40 -37.38 52.73
C ASP A 26 11.64 -38.23 53.97
N HIS A 27 12.73 -37.95 54.68
CA HIS A 27 13.08 -38.76 55.84
C HIS A 27 11.94 -38.77 56.84
N ILE A 28 11.64 -37.61 57.43
CA ILE A 28 10.56 -37.54 58.39
C ILE A 28 9.24 -37.91 57.75
N PHE A 29 9.11 -37.69 56.44
CA PHE A 29 7.89 -38.06 55.74
C PHE A 29 7.65 -39.56 55.84
N GLU A 30 8.71 -40.34 55.71
CA GLU A 30 8.55 -41.79 55.84
C GLU A 30 8.34 -42.19 57.29
N GLN A 31 9.13 -41.63 58.21
CA GLN A 31 9.04 -42.06 59.60
C GLN A 31 7.63 -41.92 60.14
N ALA A 32 6.99 -40.79 59.85
CA ALA A 32 5.62 -40.60 60.27
C ALA A 32 4.69 -41.60 59.60
N ALA A 33 4.82 -41.74 58.28
CA ALA A 33 3.93 -42.64 57.56
C ALA A 33 4.09 -44.07 58.04
N SER A 34 5.33 -44.51 58.24
CA SER A 34 5.58 -45.88 58.66
C SER A 34 4.97 -46.13 60.05
N THR A 35 5.23 -45.24 61.01
CA THR A 35 4.80 -45.50 62.37
C THR A 35 3.29 -45.50 62.49
N TRP A 36 2.59 -44.74 61.65
CA TRP A 36 1.14 -44.78 61.68
C TRP A 36 0.61 -46.15 61.27
N HIS A 37 1.30 -46.81 60.35
CA HIS A 37 0.83 -48.10 59.86
C HIS A 37 1.13 -49.24 60.81
N VAL A 38 1.87 -49.01 61.89
CA VAL A 38 2.26 -50.08 62.78
C VAL A 38 1.67 -49.96 64.17
N GLN A 39 1.24 -48.80 64.58
CA GLN A 39 0.74 -48.77 65.94
C GLN A 39 -0.78 -48.94 65.95
N PRO A 40 -1.33 -49.54 67.01
CA PRO A 40 -2.78 -49.77 67.05
C PRO A 40 -3.54 -48.46 67.08
N ARG A 41 -4.72 -48.48 66.45
CA ARG A 41 -5.49 -47.26 66.30
C ARG A 41 -6.02 -46.72 67.61
N SER A 42 -6.16 -47.58 68.63
CA SER A 42 -6.73 -47.12 69.90
C SER A 42 -5.88 -46.02 70.54
N LEU A 43 -4.58 -46.00 70.23
CA LEU A 43 -3.71 -45.00 70.85
C LEU A 43 -4.16 -43.59 70.51
N THR A 44 -4.79 -43.40 69.35
CA THR A 44 -5.30 -42.08 69.00
C THR A 44 -6.32 -41.61 70.04
N TYR A 45 -7.23 -42.50 70.43
CA TYR A 45 -8.13 -42.17 71.53
C TYR A 45 -7.36 -41.94 72.81
N LYS A 46 -6.31 -42.73 73.03
CA LYS A 46 -5.51 -42.56 74.24
C LYS A 46 -4.95 -41.15 74.34
N LEU A 47 -4.71 -40.50 73.21
CA LEU A 47 -4.17 -39.14 73.24
C LEU A 47 -5.12 -38.16 73.93
N LEU A 48 -6.42 -38.45 73.91
CA LEU A 48 -7.39 -37.50 74.43
C LEU A 48 -7.26 -37.28 75.92
N ASP A 49 -6.51 -38.12 76.63
CA ASP A 49 -6.39 -37.96 78.07
C ASP A 49 -5.75 -36.63 78.44
N HIS A 50 -4.94 -36.06 77.57
CA HIS A 50 -4.14 -34.90 77.89
C HIS A 50 -4.80 -33.59 77.45
N ILE A 51 -6.13 -33.53 77.48
CA ILE A 51 -6.83 -32.31 77.12
C ILE A 51 -7.72 -31.87 78.28
N PRO A 52 -7.36 -30.82 78.99
CA PRO A 52 -8.22 -30.34 80.08
C PRO A 52 -9.46 -29.64 79.56
N PHE A 53 -10.48 -30.41 79.20
CA PHE A 53 -11.70 -29.84 78.65
C PHE A 53 -12.39 -28.94 79.66
N SER A 54 -13.04 -27.89 79.15
CA SER A 54 -13.79 -26.96 79.98
C SER A 54 -15.10 -26.60 79.31
N THR A 55 -15.79 -27.59 78.75
CA THR A 55 -17.02 -27.29 78.04
C THR A 55 -18.23 -27.89 78.75
N PRO A 56 -19.37 -27.23 78.69
CA PRO A 56 -20.58 -27.71 79.39
C PRO A 56 -21.36 -28.73 78.56
N VAL A 57 -20.81 -29.93 78.47
CA VAL A 57 -21.45 -31.03 77.76
C VAL A 57 -21.48 -32.25 78.66
N VAL A 58 -22.63 -32.92 78.71
CA VAL A 58 -22.79 -34.15 79.46
C VAL A 58 -23.34 -35.22 78.53
N VAL A 59 -22.73 -36.39 78.54
CA VAL A 59 -23.19 -37.48 77.71
C VAL A 59 -24.13 -38.34 78.54
N PRO A 60 -25.44 -38.29 78.30
CA PRO A 60 -26.36 -39.08 79.10
C PRO A 60 -26.11 -40.55 78.90
N PRO A 61 -26.29 -41.36 79.95
CA PRO A 61 -26.19 -42.82 79.78
C PRO A 61 -27.32 -43.39 78.94
N SER A 62 -28.26 -42.55 78.48
CA SER A 62 -29.37 -43.04 77.68
C SER A 62 -28.89 -43.68 76.38
N ILE A 63 -27.66 -43.40 75.96
CA ILE A 63 -27.16 -43.97 74.72
C ILE A 63 -27.11 -45.48 74.80
N TYR A 64 -26.62 -46.02 75.91
CA TYR A 64 -26.42 -47.46 76.03
C TYR A 64 -27.70 -48.16 76.45
N HIS A 65 -28.70 -48.10 75.56
CA HIS A 65 -30.01 -48.71 75.79
C HIS A 65 -30.42 -49.53 74.57
N SER A 66 -29.53 -50.41 74.15
CA SER A 66 -29.74 -51.25 72.97
C SER A 66 -31.14 -51.83 72.94
N LEU A 67 -31.85 -51.55 71.86
CA LEU A 67 -33.14 -52.16 71.60
C LEU A 67 -32.90 -53.47 70.86
N ASP A 68 -33.62 -54.51 71.27
CA ASP A 68 -33.38 -55.84 70.71
C ASP A 68 -33.61 -55.84 69.20
N TRP A 69 -32.64 -56.40 68.47
CA TRP A 69 -32.74 -56.43 67.02
C TRP A 69 -33.78 -57.42 66.54
N SER A 70 -34.03 -58.47 67.32
CA SER A 70 -34.89 -59.56 66.86
C SER A 70 -36.28 -59.06 66.50
N LYS A 71 -36.76 -58.01 67.17
CA LYS A 71 -38.05 -57.45 66.87
C LYS A 71 -38.00 -56.40 65.76
N CYS A 72 -36.81 -56.10 65.24
CA CYS A 72 -36.67 -55.12 64.18
C CYS A 72 -36.53 -55.78 62.80
N PHE A 73 -36.77 -57.07 62.70
CA PHE A 73 -36.64 -57.74 61.42
C PHE A 73 -37.62 -58.91 61.37
N ALA A 74 -38.10 -59.20 60.15
CA ALA A 74 -38.98 -60.33 59.92
C ALA A 74 -38.94 -60.66 58.44
N VAL A 75 -39.38 -61.87 58.11
CA VAL A 75 -39.44 -62.33 56.73
C VAL A 75 -40.87 -62.73 56.42
N ASN A 76 -41.41 -62.21 55.32
CA ASN A 76 -42.71 -62.62 54.83
C ASN A 76 -42.66 -62.60 53.31
N GLN A 77 -43.38 -63.54 52.70
CA GLN A 77 -43.28 -63.76 51.27
C GLN A 77 -41.83 -64.01 50.86
N ASP A 78 -41.07 -64.62 51.76
CA ASP A 78 -39.66 -64.93 51.57
C ASP A 78 -38.87 -63.69 51.14
N ARG A 79 -38.94 -62.67 51.98
CA ARG A 79 -38.07 -61.52 51.86
C ARG A 79 -37.91 -60.89 53.24
N VAL A 80 -36.68 -60.51 53.57
CA VAL A 80 -36.38 -59.99 54.89
C VAL A 80 -36.70 -58.49 54.90
N GLU A 81 -37.75 -58.12 55.60
CA GLU A 81 -38.16 -56.73 55.69
C GLU A 81 -37.66 -56.11 56.99
N ARG A 82 -38.06 -54.87 57.25
CA ARG A 82 -37.54 -54.11 58.37
C ARG A 82 -38.56 -53.93 59.50
N VAL A 83 -39.85 -54.13 59.24
CA VAL A 83 -40.92 -54.08 60.24
C VAL A 83 -40.72 -52.90 61.19
N PRO A 84 -41.04 -51.69 60.76
CA PRO A 84 -40.70 -50.51 61.57
C PRO A 84 -41.32 -50.56 62.95
N THR A 85 -40.58 -50.02 63.92
CA THR A 85 -41.06 -50.00 65.30
C THR A 85 -42.23 -49.04 65.45
N ILE A 86 -42.01 -47.76 65.16
CA ILE A 86 -43.09 -46.80 65.23
C ILE A 86 -44.12 -47.07 64.13
N ASP A 87 -45.32 -46.53 64.31
CA ASP A 87 -46.37 -46.69 63.33
C ASP A 87 -46.03 -46.04 62.00
N ASP A 88 -45.03 -45.18 61.98
CA ASP A 88 -44.59 -44.58 60.72
C ASP A 88 -43.99 -45.64 59.81
N PRO A 89 -44.57 -45.80 58.60
CA PRO A 89 -44.04 -46.83 57.70
C PRO A 89 -42.68 -46.52 57.11
N ASP A 90 -42.09 -45.37 57.43
CA ASP A 90 -40.80 -45.00 56.88
C ASP A 90 -39.63 -45.33 57.80
N ASP A 91 -39.89 -45.83 59.00
CA ASP A 91 -38.81 -46.20 59.90
C ASP A 91 -38.17 -47.50 59.42
N VAL A 92 -37.48 -47.43 58.29
CA VAL A 92 -36.93 -48.63 57.68
C VAL A 92 -35.40 -48.62 57.74
N TYR A 93 -34.82 -47.86 58.65
CA TYR A 93 -33.39 -47.71 58.70
C TYR A 93 -32.80 -48.60 59.79
N VAL A 94 -31.48 -48.52 59.95
CA VAL A 94 -30.79 -49.37 60.92
C VAL A 94 -31.26 -49.05 62.32
N PRO A 95 -31.66 -50.03 63.12
CA PRO A 95 -32.11 -49.76 64.48
C PRO A 95 -30.92 -49.54 65.41
N ASN A 96 -31.23 -49.30 66.67
CA ASN A 96 -30.21 -49.16 67.71
C ASN A 96 -30.21 -50.44 68.54
N SER A 97 -29.27 -51.33 68.21
CA SER A 97 -29.21 -52.64 68.84
C SER A 97 -27.79 -52.97 69.25
N ASP A 98 -27.66 -53.89 70.18
CA ASP A 98 -26.36 -54.40 70.60
C ASP A 98 -25.97 -55.56 69.69
N ILE A 99 -24.91 -55.34 68.90
CA ILE A 99 -24.49 -56.36 67.95
C ILE A 99 -23.81 -57.53 68.62
N GLY A 100 -23.33 -57.35 69.85
CA GLY A 100 -22.50 -58.31 70.54
C GLY A 100 -22.82 -59.78 70.37
N PRO A 101 -24.05 -60.19 70.68
CA PRO A 101 -24.36 -61.64 70.70
C PRO A 101 -24.09 -62.36 69.40
N LEU A 102 -23.86 -61.65 68.30
CA LEU A 102 -23.68 -62.27 66.99
C LEU A 102 -22.21 -62.37 66.61
N LEU A 103 -21.31 -62.35 67.58
CA LEU A 103 -19.88 -62.22 67.31
C LEU A 103 -19.12 -63.46 67.74
N THR A 104 -18.14 -63.85 66.93
CA THR A 104 -17.11 -64.80 67.29
C THR A 104 -15.84 -64.00 67.60
N SER A 105 -14.71 -64.70 67.73
CA SER A 105 -13.43 -64.04 67.95
C SER A 105 -12.49 -64.35 66.80
N LEU A 106 -11.66 -63.38 66.44
CA LEU A 106 -10.68 -63.57 65.39
C LEU A 106 -9.41 -64.21 65.93
N HIS A 107 -8.76 -64.99 65.08
CA HIS A 107 -7.49 -65.58 65.46
C HIS A 107 -6.35 -64.57 65.40
N THR A 108 -6.42 -63.62 64.48
CA THR A 108 -5.37 -62.60 64.39
C THR A 108 -5.47 -61.62 65.55
N ILE A 109 -6.61 -60.95 65.68
CA ILE A 109 -6.83 -60.07 66.81
C ILE A 109 -7.95 -60.68 67.66
N PRO A 110 -7.59 -61.33 68.78
CA PRO A 110 -8.62 -62.04 69.56
C PRO A 110 -9.66 -61.13 70.17
N ASP A 111 -9.37 -59.84 70.32
CA ASP A 111 -10.30 -58.97 71.03
C ASP A 111 -11.53 -58.65 70.19
N TYR A 112 -11.34 -58.42 68.90
CA TYR A 112 -12.46 -58.08 68.04
C TYR A 112 -13.04 -59.33 67.40
N GLY A 113 -14.25 -59.18 66.85
CA GLY A 113 -14.99 -60.33 66.36
C GLY A 113 -15.69 -60.04 65.04
N PHE A 114 -16.23 -61.11 64.47
CA PHE A 114 -17.03 -61.04 63.26
C PHE A 114 -18.20 -62.01 63.43
N LEU A 115 -18.99 -62.14 62.37
CA LEU A 115 -20.21 -62.93 62.44
C LEU A 115 -19.90 -64.41 62.65
N HIS A 116 -20.82 -65.11 63.31
CA HIS A 116 -20.67 -66.54 63.50
C HIS A 116 -20.70 -67.25 62.15
N PRO A 117 -19.74 -68.13 61.88
CA PRO A 117 -19.85 -68.95 60.67
C PRO A 117 -21.09 -69.83 60.69
N ALA A 118 -21.54 -70.24 61.87
CA ALA A 118 -22.75 -71.04 61.96
C ALA A 118 -23.96 -70.27 61.44
N ILE A 119 -24.07 -68.99 61.81
CA ILE A 119 -25.25 -68.21 61.44
C ILE A 119 -25.32 -68.07 59.92
N GLU A 120 -24.23 -67.65 59.29
CA GLU A 120 -24.25 -67.44 57.85
C GLU A 120 -24.47 -68.75 57.11
N ASN A 121 -23.92 -69.85 57.63
CA ASN A 121 -24.14 -71.14 56.98
C ASN A 121 -25.61 -71.52 57.00
N ASP A 122 -26.25 -71.42 58.17
CA ASP A 122 -27.65 -71.79 58.28
C ASP A 122 -28.53 -70.89 57.42
N ALA A 123 -28.24 -69.58 57.42
CA ALA A 123 -28.99 -68.67 56.57
C ALA A 123 -28.78 -69.03 55.10
N THR A 124 -27.57 -69.43 54.74
CA THR A 124 -27.31 -69.82 53.36
C THR A 124 -27.95 -71.16 53.03
N THR A 125 -27.64 -72.18 53.83
CA THR A 125 -28.06 -73.53 53.49
C THR A 125 -29.51 -73.79 53.91
N LEU A 126 -29.80 -73.60 55.19
CA LEU A 126 -31.14 -73.91 55.69
C LEU A 126 -32.14 -72.80 55.40
N ARG A 127 -31.68 -71.61 55.01
CA ARG A 127 -32.55 -70.45 54.84
C ARG A 127 -33.34 -70.18 56.11
N ALA A 128 -32.72 -70.47 57.25
CA ALA A 128 -33.38 -70.27 58.54
C ALA A 128 -33.69 -68.79 58.74
N GLU A 129 -34.90 -68.51 59.23
CA GLU A 129 -35.36 -67.13 59.33
C GLU A 129 -34.45 -66.32 60.24
N ARG A 130 -34.34 -66.73 61.50
CA ARG A 130 -33.56 -65.94 62.45
C ARG A 130 -32.12 -65.82 61.99
N ALA A 131 -31.58 -66.87 61.38
CA ALA A 131 -30.24 -66.80 60.81
C ALA A 131 -30.17 -65.72 59.73
N ARG A 132 -31.16 -65.70 58.84
CA ARG A 132 -31.17 -64.70 57.78
C ARG A 132 -31.33 -63.31 58.35
N CYS A 133 -32.26 -63.14 59.30
CA CYS A 133 -32.48 -61.82 59.88
C CYS A 133 -31.22 -61.31 60.55
N ALA A 134 -30.55 -62.17 61.31
CA ALA A 134 -29.29 -61.76 61.93
C ALA A 134 -28.27 -61.38 60.89
N SER A 135 -28.14 -62.19 59.84
CA SER A 135 -27.18 -61.90 58.78
C SER A 135 -27.46 -60.56 58.14
N THR A 136 -28.71 -60.33 57.75
CA THR A 136 -29.07 -59.08 57.11
C THR A 136 -28.75 -57.90 58.02
N PHE A 137 -29.12 -58.02 59.29
CA PHE A 137 -28.83 -56.96 60.25
C PHE A 137 -27.33 -56.71 60.36
N TYR A 138 -26.56 -57.79 60.45
CA TYR A 138 -25.11 -57.63 60.57
C TYR A 138 -24.54 -56.96 59.32
N LYS A 139 -24.99 -57.39 58.15
CA LYS A 139 -24.43 -56.86 56.91
C LYS A 139 -24.67 -55.36 56.80
N ILE A 140 -25.91 -54.93 56.98
CA ILE A 140 -26.22 -53.51 56.80
C ILE A 140 -25.56 -52.68 57.89
N ALA A 141 -25.56 -53.17 59.13
CA ALA A 141 -24.92 -52.42 60.20
C ALA A 141 -23.45 -52.22 59.91
N SER A 142 -22.78 -53.26 59.43
CA SER A 142 -21.40 -53.10 59.02
C SER A 142 -21.27 -52.12 57.87
N SER A 143 -22.17 -52.21 56.89
CA SER A 143 -22.09 -51.33 55.73
C SER A 143 -22.22 -49.87 56.12
N GLN A 144 -23.15 -49.57 57.03
CA GLN A 144 -23.33 -48.18 57.45
C GLN A 144 -22.05 -47.63 58.05
N ALA A 145 -21.35 -48.44 58.83
CA ALA A 145 -20.08 -48.00 59.39
C ALA A 145 -19.03 -47.80 58.32
N ARG A 146 -19.16 -48.48 57.19
CA ARG A 146 -18.12 -48.45 56.17
C ARG A 146 -18.17 -47.20 55.30
N GLN A 147 -19.19 -46.36 55.46
CA GLN A 147 -19.40 -45.22 54.57
C GLN A 147 -18.44 -44.08 54.88
N VAL A 148 -17.15 -44.39 54.83
CA VAL A 148 -16.10 -43.42 55.10
C VAL A 148 -14.96 -43.65 54.14
N LYS A 149 -14.29 -42.55 53.75
CA LYS A 149 -13.17 -42.68 52.83
C LYS A 149 -12.02 -43.46 53.45
N LEU A 150 -11.84 -43.36 54.76
CA LEU A 150 -10.94 -44.24 55.49
C LEU A 150 -11.38 -44.24 56.95
N ASP A 151 -10.63 -44.94 57.78
CA ASP A 151 -11.04 -45.13 59.16
C ASP A 151 -11.13 -43.78 59.86
N PRO A 152 -12.22 -43.49 60.56
CA PRO A 152 -12.36 -42.17 61.20
C PRO A 152 -11.27 -41.87 62.20
N ILE A 153 -10.75 -42.89 62.88
CA ILE A 153 -9.71 -42.65 63.89
C ILE A 153 -8.51 -41.97 63.26
N ARG A 154 -8.14 -42.40 62.05
CA ARG A 154 -7.02 -41.78 61.35
C ARG A 154 -7.27 -40.29 61.15
N MET A 155 -8.48 -39.93 60.73
CA MET A 155 -8.82 -38.52 60.57
C MET A 155 -8.69 -37.78 61.89
N LEU A 156 -9.18 -38.39 62.97
CA LEU A 156 -9.03 -37.77 64.28
C LEU A 156 -7.56 -37.58 64.62
N GLY A 157 -6.74 -38.58 64.32
CA GLY A 157 -5.30 -38.43 64.52
C GLY A 157 -4.75 -37.26 63.73
N PHE A 158 -5.23 -37.07 62.50
CA PHE A 158 -4.78 -35.93 61.71
C PHE A 158 -5.13 -34.63 62.42
N LEU A 159 -6.38 -34.51 62.88
CA LEU A 159 -6.81 -33.27 63.51
C LEU A 159 -5.99 -32.95 64.74
N LEU A 160 -5.74 -33.95 65.58
CA LEU A 160 -4.93 -33.72 66.76
C LEU A 160 -3.53 -33.29 66.37
N LEU A 161 -2.95 -33.92 65.35
CA LEU A 161 -1.58 -33.63 64.97
C LEU A 161 -1.44 -32.17 64.53
N VAL A 162 -2.34 -31.70 63.67
CA VAL A 162 -2.24 -30.33 63.20
C VAL A 162 -2.56 -29.36 64.33
N GLN A 163 -3.53 -29.71 65.18
CA GLN A 163 -3.94 -28.82 66.25
C GLN A 163 -3.04 -28.90 67.46
N ALA A 164 -1.99 -29.72 67.41
CA ALA A 164 -1.09 -29.85 68.55
C ALA A 164 -0.18 -28.66 68.72
N ARG A 165 -0.01 -27.83 67.70
CA ARG A 165 0.94 -26.74 67.79
C ARG A 165 0.50 -25.58 66.90
N PRO A 166 0.51 -24.36 67.40
CA PRO A 166 0.09 -23.23 66.57
C PRO A 166 1.05 -23.01 65.41
N ARG A 167 0.48 -22.67 64.26
CA ARG A 167 1.30 -22.44 63.07
C ARG A 167 2.11 -21.16 63.23
N VAL A 168 3.30 -21.15 62.66
CA VAL A 168 4.13 -19.94 62.73
C VAL A 168 3.52 -18.86 61.85
N PRO A 169 3.54 -17.60 62.27
CA PRO A 169 3.01 -16.54 61.40
C PRO A 169 3.91 -16.32 60.20
N SER A 170 3.28 -16.00 59.08
CA SER A 170 4.03 -15.50 57.94
C SER A 170 4.27 -14.01 58.11
N GLY A 171 4.95 -13.40 57.15
CA GLY A 171 5.15 -11.98 57.22
C GLY A 171 3.99 -11.14 56.74
N LEU A 172 2.91 -11.77 56.30
CA LEU A 172 1.81 -11.05 55.69
C LEU A 172 1.01 -10.30 56.75
N VAL A 173 0.61 -9.07 56.41
CA VAL A 173 -0.13 -8.23 57.32
C VAL A 173 -1.55 -8.72 57.57
N THR A 174 -2.05 -9.65 56.76
CA THR A 174 -3.40 -10.17 56.90
C THR A 174 -3.42 -11.56 57.50
N ASP A 175 -2.28 -12.08 57.93
CA ASP A 175 -2.20 -13.45 58.43
C ASP A 175 -2.65 -13.48 59.89
N GLN A 176 -3.96 -13.50 60.08
CA GLN A 176 -4.51 -13.56 61.43
C GLN A 176 -4.30 -14.95 62.00
N PRO A 177 -3.74 -15.08 63.20
CA PRO A 177 -3.67 -16.38 63.85
C PRO A 177 -5.06 -16.87 64.23
N THR A 178 -5.17 -18.18 64.39
CA THR A 178 -6.45 -18.79 64.69
C THR A 178 -7.03 -18.23 65.99
N ARG A 179 -8.31 -17.87 65.94
CA ARG A 179 -9.00 -17.40 67.14
C ARG A 179 -9.49 -18.57 67.98
N ARG A 180 -9.93 -19.64 67.35
CA ARG A 180 -10.40 -20.80 68.08
C ARG A 180 -9.23 -21.58 68.65
N ASP A 181 -9.49 -22.28 69.74
CA ASP A 181 -8.47 -23.06 70.42
C ASP A 181 -9.08 -24.34 70.96
N PRO A 182 -8.27 -25.38 71.16
CA PRO A 182 -8.79 -26.59 71.81
C PRO A 182 -9.17 -26.33 73.25
N THR A 183 -9.61 -27.36 73.96
CA THR A 183 -10.15 -27.29 75.31
C THR A 183 -11.44 -26.51 75.37
N GLN A 184 -11.91 -25.98 74.23
CA GLN A 184 -13.16 -25.28 74.15
C GLN A 184 -14.13 -25.92 73.19
N SER A 185 -13.72 -26.96 72.48
CA SER A 185 -14.58 -27.61 71.49
C SER A 185 -15.47 -28.64 72.17
N PRO A 186 -16.78 -28.45 72.17
CA PRO A 186 -17.66 -29.46 72.76
C PRO A 186 -17.53 -30.81 72.11
N ALA A 187 -17.22 -30.87 70.81
CA ALA A 187 -17.15 -32.15 70.14
C ALA A 187 -16.10 -33.05 70.75
N LEU A 188 -14.88 -32.54 70.91
CA LEU A 188 -13.80 -33.36 71.45
C LEU A 188 -14.12 -33.81 72.87
N HIS A 189 -14.64 -32.91 73.69
CA HIS A 189 -15.03 -33.28 75.04
C HIS A 189 -16.11 -34.35 75.01
N ALA A 190 -17.07 -34.22 74.11
CA ALA A 190 -18.10 -35.23 73.97
C ALA A 190 -17.49 -36.58 73.61
N ILE A 191 -16.54 -36.57 72.67
CA ILE A 191 -15.87 -37.81 72.29
C ILE A 191 -15.17 -38.42 73.50
N TRP A 192 -14.52 -37.58 74.31
CA TRP A 192 -13.86 -38.08 75.51
C TRP A 192 -14.86 -38.77 76.42
N GLN A 193 -15.96 -38.11 76.73
CA GLN A 193 -16.91 -38.65 77.70
C GLN A 193 -17.49 -39.97 77.21
N VAL A 194 -17.92 -40.01 75.95
CA VAL A 194 -18.55 -41.22 75.44
C VAL A 194 -17.55 -42.37 75.38
N MET A 195 -16.30 -42.05 75.05
CA MET A 195 -15.30 -43.10 74.94
C MET A 195 -14.88 -43.65 76.29
N GLN A 196 -15.17 -42.92 77.37
CA GLN A 196 -14.85 -43.43 78.70
C GLN A 196 -15.53 -44.75 78.99
N TYR A 197 -16.65 -45.02 78.30
CA TYR A 197 -17.37 -46.27 78.51
C TYR A 197 -16.63 -47.47 77.91
N TYR A 198 -15.70 -47.24 76.99
CA TYR A 198 -15.09 -48.32 76.22
C TYR A 198 -13.67 -48.63 76.66
N LYS A 199 -13.37 -48.46 77.95
CA LYS A 199 -12.05 -48.78 78.48
C LYS A 199 -12.20 -49.76 79.62
N VAL A 200 -11.31 -50.75 79.66
CA VAL A 200 -11.32 -51.76 80.70
C VAL A 200 -10.10 -51.66 81.60
N ALA A 201 -8.93 -51.40 81.03
CA ALA A 201 -7.70 -51.21 81.79
C ALA A 201 -6.93 -50.04 81.20
N GLY A 202 -7.64 -48.96 80.91
CA GLY A 202 -7.02 -47.82 80.27
C GLY A 202 -6.51 -48.16 78.89
N VAL A 203 -7.34 -48.84 78.10
CA VAL A 203 -6.91 -49.35 76.81
C VAL A 203 -7.71 -48.70 75.68
N TYR A 204 -8.93 -48.25 75.98
CA TYR A 204 -9.76 -47.53 75.02
C TYR A 204 -10.01 -48.36 73.76
N TYR A 205 -10.72 -49.46 73.96
CA TYR A 205 -11.10 -50.31 72.83
C TYR A 205 -12.05 -49.57 71.90
N ALA A 206 -11.71 -49.51 70.63
CA ALA A 206 -12.58 -48.86 69.66
C ALA A 206 -13.87 -49.65 69.50
N PRO A 207 -15.02 -48.98 69.41
CA PRO A 207 -16.27 -49.71 69.23
C PRO A 207 -16.32 -50.52 67.95
N ALA A 208 -15.56 -50.14 66.93
CA ALA A 208 -15.55 -50.88 65.67
C ALA A 208 -14.29 -50.53 64.91
N LEU A 209 -13.99 -51.35 63.91
CA LEU A 209 -12.84 -51.13 63.03
C LEU A 209 -13.23 -51.44 61.61
N VAL A 210 -13.00 -50.50 60.70
CA VAL A 210 -13.34 -50.70 59.30
C VAL A 210 -12.23 -51.46 58.60
N VAL A 211 -12.62 -52.34 57.69
CA VAL A 211 -11.68 -53.17 56.94
C VAL A 211 -12.10 -53.14 55.47
N PRO A 212 -11.27 -53.62 54.55
CA PRO A 212 -11.71 -53.64 53.15
C PRO A 212 -13.01 -54.39 52.92
N SER A 213 -13.29 -55.41 53.73
CA SER A 213 -14.50 -56.20 53.57
C SER A 213 -15.64 -55.70 54.45
N GLY A 214 -15.52 -54.51 54.99
CA GLY A 214 -16.55 -53.96 55.85
C GLY A 214 -16.02 -53.48 57.17
N ALA A 215 -16.62 -53.93 58.27
CA ALA A 215 -16.19 -53.49 59.59
C ALA A 215 -16.32 -54.63 60.58
N ILE A 216 -15.41 -54.66 61.54
CA ILE A 216 -15.42 -55.64 62.60
C ILE A 216 -15.79 -54.94 63.90
N TRP A 217 -16.13 -55.74 64.90
CA TRP A 217 -16.59 -55.23 66.18
C TRP A 217 -15.87 -55.96 67.30
N TRP A 218 -15.87 -55.35 68.48
CA TRP A 218 -15.18 -55.89 69.64
C TRP A 218 -16.18 -56.59 70.55
N ILE A 219 -15.83 -57.79 71.00
CA ILE A 219 -16.71 -58.56 71.88
C ILE A 219 -16.77 -57.86 73.22
N PRO A 220 -17.96 -57.49 73.70
CA PRO A 220 -18.07 -56.85 75.00
C PRO A 220 -17.96 -57.87 76.12
N PRO A 221 -17.40 -57.48 77.25
CA PRO A 221 -17.41 -58.35 78.43
C PRO A 221 -18.83 -58.59 78.89
N PRO A 222 -19.03 -59.52 79.85
CA PRO A 222 -20.41 -59.79 80.28
C PRO A 222 -21.15 -58.58 80.79
N GLY A 223 -20.44 -57.64 81.42
CA GLY A 223 -21.13 -56.48 81.97
C GLY A 223 -21.65 -55.53 80.90
N LYS A 224 -20.84 -55.25 79.89
CA LYS A 224 -21.14 -54.20 78.94
C LYS A 224 -21.74 -54.78 77.65
N ARG A 225 -22.15 -53.86 76.77
CA ARG A 225 -22.71 -54.22 75.48
C ARG A 225 -22.57 -53.01 74.57
N ASN A 226 -22.25 -53.25 73.30
CA ASN A 226 -21.97 -52.17 72.36
C ASN A 226 -23.14 -51.99 71.41
N VAL A 227 -23.69 -50.79 71.38
CA VAL A 227 -24.76 -50.44 70.46
C VAL A 227 -24.12 -49.85 69.20
N VAL A 228 -24.58 -50.32 68.04
CA VAL A 228 -23.97 -49.91 66.78
C VAL A 228 -24.07 -48.41 66.57
N SER A 229 -25.11 -47.77 67.14
CA SER A 229 -25.27 -46.34 66.95
C SER A 229 -24.09 -45.56 67.48
N VAL A 230 -23.42 -46.08 68.50
CA VAL A 230 -22.30 -45.35 69.09
C VAL A 230 -21.23 -45.08 68.06
N GLN A 231 -20.91 -46.09 67.23
CA GLN A 231 -19.92 -45.89 66.19
C GLN A 231 -20.32 -44.76 65.26
N TYR A 232 -21.59 -44.74 64.86
CA TYR A 232 -22.06 -43.66 63.99
C TYR A 232 -21.92 -42.32 64.69
N LEU A 233 -22.27 -42.26 65.97
CA LEU A 233 -22.15 -41.02 66.71
C LEU A 233 -20.73 -40.52 66.72
N LEU A 234 -19.77 -41.43 66.90
CA LEU A 234 -18.37 -41.02 66.90
C LEU A 234 -17.98 -40.38 65.57
N THR A 235 -18.39 -41.00 64.46
CA THR A 235 -18.04 -40.47 63.16
C THR A 235 -18.60 -39.07 62.98
N ASP A 236 -19.87 -38.88 63.35
CA ASP A 236 -20.46 -37.55 63.24
C ASP A 236 -19.71 -36.55 64.11
N LEU A 237 -19.37 -36.94 65.33
CA LEU A 237 -18.63 -36.04 66.21
C LEU A 237 -17.28 -35.69 65.61
N ILE A 238 -16.55 -36.68 65.15
CA ILE A 238 -15.24 -36.42 64.55
C ILE A 238 -15.40 -35.50 63.35
N ASN A 239 -16.37 -35.81 62.49
CA ASN A 239 -16.57 -34.99 61.30
C ASN A 239 -16.93 -33.56 61.68
N LEU A 240 -17.80 -33.40 62.66
CA LEU A 240 -18.17 -32.06 63.11
C LEU A 240 -16.97 -31.33 63.69
N ALA A 241 -16.17 -32.02 64.49
CA ALA A 241 -15.00 -31.38 65.09
C ALA A 241 -14.05 -30.86 64.03
N ILE A 242 -13.77 -31.68 63.03
CA ILE A 242 -12.90 -31.24 61.94
C ILE A 242 -13.50 -30.04 61.23
N LEU A 243 -14.78 -30.14 60.87
CA LEU A 243 -15.41 -29.08 60.11
C LEU A 243 -15.45 -27.78 60.91
N ALA A 244 -15.78 -27.87 62.20
CA ALA A 244 -15.85 -26.67 63.01
C ALA A 244 -14.50 -25.97 63.06
N HIS A 245 -13.42 -26.73 63.20
CA HIS A 245 -12.11 -26.13 63.22
C HIS A 245 -11.80 -25.43 61.90
N MET A 246 -12.03 -26.13 60.79
CA MET A 246 -11.73 -25.55 59.48
C MET A 246 -12.60 -24.33 59.20
N THR A 247 -13.88 -24.41 59.54
CA THR A 247 -14.75 -23.25 59.32
C THR A 247 -14.55 -22.17 60.38
N ASP A 248 -13.88 -22.48 61.48
CA ASP A 248 -13.56 -21.51 62.53
C ASP A 248 -14.85 -20.88 63.07
N MET A 249 -15.67 -21.72 63.69
CA MET A 249 -16.94 -21.30 64.24
C MET A 249 -16.82 -21.13 65.75
N SER A 250 -17.79 -20.39 66.32
CA SER A 250 -17.83 -20.22 67.76
C SER A 250 -18.16 -21.54 68.44
N PRO A 251 -17.62 -21.77 69.64
CA PRO A 251 -17.92 -23.03 70.33
C PRO A 251 -19.39 -23.20 70.63
N THR A 252 -20.14 -22.11 70.75
CA THR A 252 -21.56 -22.20 71.05
C THR A 252 -22.30 -22.97 69.95
N LEU A 253 -22.01 -22.65 68.70
CA LEU A 253 -22.67 -23.36 67.61
C LEU A 253 -22.28 -24.84 67.62
N GLU A 254 -21.00 -25.12 67.83
CA GLU A 254 -20.58 -26.52 67.92
C GLU A 254 -21.30 -27.22 69.08
N LEU A 255 -21.49 -26.51 70.18
CA LEU A 255 -22.24 -27.07 71.31
C LEU A 255 -23.62 -27.51 70.87
N THR A 256 -24.30 -26.67 70.10
CA THR A 256 -25.64 -27.01 69.63
C THR A 256 -25.60 -28.27 68.77
N GLY A 257 -24.62 -28.37 67.87
CA GLY A 257 -24.52 -29.55 67.03
C GLY A 257 -24.29 -30.81 67.84
N VAL A 258 -23.47 -30.71 68.89
CA VAL A 258 -23.24 -31.87 69.75
C VAL A 258 -24.54 -32.31 70.40
N LEU A 259 -25.27 -31.36 70.99
CA LEU A 259 -26.57 -31.69 71.56
C LEU A 259 -27.49 -32.26 70.49
N MET A 260 -27.42 -31.71 69.28
CA MET A 260 -28.22 -32.23 68.17
C MET A 260 -27.93 -33.71 67.95
N TYR A 261 -26.66 -34.07 67.82
CA TYR A 261 -26.31 -35.46 67.57
C TYR A 261 -26.66 -36.35 68.76
N LEU A 262 -26.39 -35.88 69.97
CA LEU A 262 -26.64 -36.69 71.16
C LEU A 262 -28.12 -37.05 71.26
N ARG A 263 -28.99 -36.07 71.09
CA ARG A 263 -30.43 -36.35 71.16
C ARG A 263 -30.82 -37.37 70.11
N ALA A 264 -30.29 -37.24 68.90
CA ALA A 264 -30.59 -38.22 67.85
C ALA A 264 -30.08 -39.59 68.23
N ALA A 265 -28.87 -39.67 68.76
CA ALA A 265 -28.30 -40.97 69.09
C ALA A 265 -29.03 -41.63 70.25
N SER A 266 -29.57 -40.82 71.17
CA SER A 266 -30.23 -41.38 72.34
C SER A 266 -31.42 -42.25 71.95
N SER A 267 -32.23 -41.77 71.02
CA SER A 267 -33.40 -42.54 70.60
C SER A 267 -32.99 -43.64 69.64
N HIS A 268 -33.94 -44.55 69.40
CA HIS A 268 -33.74 -45.63 68.44
C HIS A 268 -33.61 -45.06 67.03
N SER A 269 -33.04 -45.88 66.15
CA SER A 269 -32.93 -45.56 64.72
C SER A 269 -32.27 -44.18 64.53
N HIS A 270 -30.99 -44.15 64.92
CA HIS A 270 -30.20 -42.92 64.86
C HIS A 270 -30.33 -42.26 63.49
N ALA A 271 -30.26 -43.06 62.43
CA ALA A 271 -30.41 -42.50 61.09
C ALA A 271 -31.78 -41.89 60.90
N TYR A 272 -32.84 -42.62 61.24
CA TYR A 272 -34.19 -42.12 61.03
C TYR A 272 -34.43 -40.84 61.82
N THR A 273 -33.96 -40.81 63.06
CA THR A 273 -34.16 -39.63 63.90
C THR A 273 -33.49 -38.41 63.28
N LEU A 274 -32.25 -38.58 62.81
CA LEU A 274 -31.57 -37.49 62.13
C LEU A 274 -32.32 -37.07 60.88
N LEU A 275 -32.80 -38.04 60.11
CA LEU A 275 -33.45 -37.73 58.84
C LEU A 275 -34.70 -36.91 59.06
N GLN A 276 -35.46 -37.22 60.11
CA GLN A 276 -36.71 -36.50 60.34
C GLN A 276 -36.46 -35.02 60.53
N MET A 277 -35.58 -34.66 61.44
CA MET A 277 -35.25 -33.26 61.69
C MET A 277 -33.97 -32.89 60.96
N LYS A 278 -34.06 -32.91 59.64
CA LYS A 278 -32.92 -32.60 58.79
C LYS A 278 -32.83 -31.10 58.50
N SER A 279 -33.90 -30.52 57.97
CA SER A 279 -33.88 -29.16 57.47
C SER A 279 -33.97 -28.11 58.56
N VAL A 280 -33.76 -28.49 59.82
CA VAL A 280 -33.95 -27.54 60.91
C VAL A 280 -32.94 -26.41 60.81
N PHE A 281 -31.67 -26.74 60.61
CA PHE A 281 -30.64 -25.71 60.59
C PHE A 281 -30.82 -24.72 59.45
N PRO A 282 -30.95 -25.13 58.18
CA PRO A 282 -31.12 -24.11 57.13
C PRO A 282 -32.36 -23.27 57.34
N ALA A 283 -33.44 -23.86 57.82
CA ALA A 283 -34.65 -23.09 58.06
C ALA A 283 -34.43 -22.06 59.15
N LEU A 284 -33.71 -22.42 60.21
CA LEU A 284 -33.49 -21.49 61.31
C LEU A 284 -32.61 -20.33 60.87
N SER A 285 -31.70 -20.55 59.93
CA SER A 285 -30.71 -19.54 59.59
C SER A 285 -30.90 -18.99 58.18
N LEU A 286 -30.83 -19.84 57.16
CA LEU A 286 -30.83 -19.34 55.80
C LEU A 286 -32.19 -18.77 55.41
N ARG A 287 -33.27 -19.46 55.77
CA ARG A 287 -34.59 -19.05 55.34
C ARG A 287 -35.08 -17.80 56.05
N SER A 288 -34.45 -17.40 57.15
CA SER A 288 -34.92 -16.25 57.92
C SER A 288 -33.71 -15.54 58.50
N MET A 289 -33.28 -14.46 57.84
CA MET A 289 -32.12 -13.70 58.29
C MET A 289 -32.43 -12.25 58.59
N TYR A 290 -33.10 -11.55 57.68
CA TYR A 290 -33.21 -10.11 57.75
C TYR A 290 -34.66 -9.68 57.94
N ARG A 291 -35.38 -10.37 58.81
CA ARG A 291 -36.77 -10.00 59.11
C ARG A 291 -36.84 -9.10 60.33
N ASN A 292 -36.20 -7.93 60.22
CA ASN A 292 -36.13 -7.02 61.34
C ASN A 292 -36.13 -5.59 60.81
N LYS A 293 -35.76 -4.65 61.66
CA LYS A 293 -35.82 -3.23 61.35
C LYS A 293 -34.47 -2.66 60.92
N GLY A 294 -33.41 -2.94 61.67
CA GLY A 294 -32.12 -2.39 61.36
C GLY A 294 -31.43 -3.07 60.19
N PHE A 295 -32.08 -3.08 59.03
CA PHE A 295 -31.54 -3.75 57.87
C PHE A 295 -30.77 -2.76 57.00
N GLY A 296 -29.72 -3.26 56.37
CA GLY A 296 -28.90 -2.43 55.50
C GLY A 296 -27.60 -3.10 55.15
N GLY A 297 -26.87 -2.46 54.25
CA GLY A 297 -25.61 -2.95 53.78
C GLY A 297 -25.49 -2.74 52.29
N LYS A 298 -24.51 -3.40 51.69
CA LYS A 298 -24.25 -3.31 50.27
C LYS A 298 -24.56 -4.65 49.60
N ALA A 299 -25.06 -4.58 48.37
CA ALA A 299 -25.44 -5.77 47.64
C ALA A 299 -25.00 -5.64 46.19
N PRO A 300 -24.73 -6.76 45.52
CA PRO A 300 -24.33 -6.70 44.11
C PRO A 300 -25.45 -6.15 43.25
N ALA A 301 -25.05 -5.49 42.16
CA ALA A 301 -25.96 -5.02 41.13
C ALA A 301 -25.65 -5.81 39.86
N ILE A 302 -26.48 -6.79 39.56
CA ILE A 302 -26.28 -7.69 38.45
C ILE A 302 -27.37 -7.45 37.42
N GLU A 303 -26.99 -7.43 36.15
CA GLU A 303 -27.93 -7.23 35.06
C GLU A 303 -27.89 -8.41 34.11
N TRP A 304 -29.07 -8.82 33.65
CA TRP A 304 -29.21 -9.91 32.71
C TRP A 304 -29.36 -9.34 31.31
N THR A 305 -28.43 -9.69 30.43
CA THR A 305 -28.40 -9.12 29.09
C THR A 305 -29.69 -9.44 28.34
N GLU A 306 -29.93 -8.68 27.27
CA GLU A 306 -31.18 -8.81 26.53
C GLU A 306 -31.41 -10.20 25.96
N PRO A 307 -30.46 -10.81 25.22
CA PRO A 307 -30.72 -12.16 24.72
C PRO A 307 -30.68 -13.17 25.85
N ARG A 308 -31.75 -13.18 26.65
CA ARG A 308 -31.74 -13.94 27.90
C ARG A 308 -31.49 -15.42 27.66
N SER A 309 -31.79 -15.91 26.47
CA SER A 309 -31.53 -17.31 26.16
C SER A 309 -30.06 -17.65 26.33
N LYS A 310 -29.18 -16.69 26.07
CA LYS A 310 -27.74 -16.95 26.19
C LYS A 310 -27.28 -17.06 27.63
N TYR A 311 -28.10 -16.66 28.60
CA TYR A 311 -27.74 -16.64 30.03
C TYR A 311 -26.48 -15.80 30.30
N LYS A 312 -26.39 -14.61 29.70
CA LYS A 312 -25.25 -13.71 29.87
C LYS A 312 -25.60 -12.64 30.89
N PHE A 313 -24.74 -12.43 31.86
CA PHE A 313 -24.98 -11.49 32.93
C PHE A 313 -23.81 -10.52 33.04
N ARG A 314 -24.12 -9.33 33.55
CA ARG A 314 -23.13 -8.27 33.70
C ARG A 314 -23.17 -7.73 35.11
N TRP A 315 -22.01 -7.70 35.76
CA TRP A 315 -21.89 -6.96 37.00
C TRP A 315 -21.84 -5.47 36.69
N THR A 316 -22.70 -4.70 37.33
CA THR A 316 -22.82 -3.28 37.02
C THR A 316 -22.95 -2.45 38.28
N GLY A 317 -22.09 -2.70 39.25
CA GLY A 317 -22.04 -1.87 40.45
C GLY A 317 -22.66 -2.54 41.67
N VAL A 318 -23.02 -1.69 42.63
CA VAL A 318 -23.57 -2.15 43.90
C VAL A 318 -24.82 -1.34 44.21
N THR A 319 -25.63 -1.88 45.12
CA THR A 319 -26.88 -1.25 45.52
C THR A 319 -26.92 -1.14 47.03
N GLN A 320 -27.29 0.04 47.53
CA GLN A 320 -27.45 0.23 48.96
C GLN A 320 -28.71 -0.49 49.44
N LEU A 321 -28.59 -1.17 50.58
CA LEU A 321 -29.71 -1.87 51.17
C LEU A 321 -30.44 -0.97 52.15
N HIS A 322 -31.76 -1.15 52.22
CA HIS A 322 -32.58 -0.41 53.16
C HIS A 322 -33.81 -1.23 53.49
N ASP A 323 -34.63 -0.70 54.40
CA ASP A 323 -35.73 -1.48 54.96
C ASP A 323 -36.74 -1.87 53.90
N GLY A 324 -37.01 -0.97 52.95
CA GLY A 324 -37.95 -1.29 51.89
C GLY A 324 -37.57 -2.51 51.09
N LEU A 325 -36.29 -2.89 51.12
CA LEU A 325 -35.81 -4.05 50.39
C LEU A 325 -35.74 -5.31 51.22
N ARG A 326 -36.08 -5.26 52.51
CA ARG A 326 -35.91 -6.42 53.35
C ARG A 326 -36.87 -7.53 52.93
N PRO A 327 -36.53 -8.78 53.19
CA PRO A 327 -37.34 -9.89 52.71
C PRO A 327 -38.78 -9.81 53.20
N ARG A 328 -39.69 -10.25 52.36
CA ARG A 328 -41.13 -10.15 52.63
C ARG A 328 -41.74 -11.43 53.18
N SER A 329 -41.17 -12.59 52.85
CA SER A 329 -41.79 -13.85 53.24
C SER A 329 -41.76 -14.00 54.75
N PRO A 330 -42.72 -14.75 55.30
CA PRO A 330 -42.70 -15.01 56.74
C PRO A 330 -41.46 -15.80 57.13
N SER A 331 -41.02 -15.61 58.36
CA SER A 331 -39.88 -16.36 58.87
C SER A 331 -40.24 -17.84 59.01
N MET A 332 -39.24 -18.64 59.39
CA MET A 332 -39.42 -20.07 59.57
C MET A 332 -39.29 -20.50 61.01
N ASP A 333 -39.28 -19.56 61.95
CA ASP A 333 -39.02 -19.91 63.34
C ASP A 333 -40.13 -20.76 63.93
N VAL A 334 -41.38 -20.38 63.69
CA VAL A 334 -42.50 -21.06 64.33
C VAL A 334 -42.55 -22.55 63.97
N PRO A 335 -42.54 -22.94 62.69
CA PRO A 335 -42.61 -24.38 62.40
C PRO A 335 -41.43 -25.16 62.95
N THR A 336 -40.23 -24.60 62.83
CA THR A 336 -39.04 -25.29 63.32
C THR A 336 -39.10 -25.49 64.82
N LEU A 337 -39.46 -24.43 65.55
CA LEU A 337 -39.56 -24.55 67.00
C LEU A 337 -40.62 -25.58 67.37
N GLU A 338 -41.75 -25.56 66.66
CA GLU A 338 -42.79 -26.55 66.91
C GLU A 338 -42.25 -27.97 66.71
N VAL A 339 -41.47 -28.18 65.65
CA VAL A 339 -40.87 -29.49 65.44
C VAL A 339 -39.89 -29.83 66.55
N LEU A 340 -39.05 -28.86 66.92
CA LEU A 340 -38.04 -29.13 67.94
C LEU A 340 -38.67 -29.47 69.28
N THR A 341 -39.84 -28.91 69.58
CA THR A 341 -40.53 -29.26 70.81
C THR A 341 -40.77 -30.75 70.91
N LYS A 342 -40.99 -31.41 69.76
CA LYS A 342 -41.21 -32.85 69.77
C LYS A 342 -40.02 -33.58 70.36
N TYR A 343 -38.81 -33.17 70.01
CA TYR A 343 -37.60 -33.79 70.53
C TYR A 343 -36.99 -32.97 71.66
N GLU A 344 -37.78 -32.13 72.31
CA GLU A 344 -37.38 -31.29 73.43
C GLU A 344 -35.97 -30.72 73.22
N LEU A 345 -35.81 -30.04 72.09
CA LEU A 345 -34.56 -29.38 71.75
C LEU A 345 -34.78 -27.89 71.52
N VAL A 346 -35.78 -27.32 72.19
CA VAL A 346 -36.12 -25.92 71.97
C VAL A 346 -34.97 -25.00 72.36
N ASP A 347 -34.09 -25.47 73.25
CA ASP A 347 -32.94 -24.67 73.63
C ASP A 347 -32.07 -24.37 72.42
N ILE A 348 -31.88 -25.36 71.55
CA ILE A 348 -31.07 -25.17 70.35
C ILE A 348 -31.64 -24.03 69.53
N GLY A 349 -32.96 -24.03 69.31
CA GLY A 349 -33.57 -22.95 68.56
C GLY A 349 -33.39 -21.61 69.22
N HIS A 350 -33.58 -21.56 70.54
CA HIS A 350 -33.40 -20.29 71.25
C HIS A 350 -31.97 -19.80 71.12
N ILE A 351 -30.99 -20.69 71.24
CA ILE A 351 -29.60 -20.29 71.11
C ILE A 351 -29.34 -19.76 69.70
N ILE A 352 -29.80 -20.50 68.69
CA ILE A 352 -29.55 -20.10 67.31
C ILE A 352 -30.22 -18.76 67.03
N ILE A 353 -31.48 -18.62 67.42
CA ILE A 353 -32.22 -17.39 67.13
C ILE A 353 -31.55 -16.21 67.79
N ARG A 354 -31.20 -16.35 69.07
CA ARG A 354 -30.57 -15.25 69.79
C ARG A 354 -29.27 -14.86 69.12
N GLU A 355 -28.45 -15.84 68.74
CA GLU A 355 -27.21 -15.54 68.06
C GLU A 355 -27.47 -14.89 66.72
N ARG A 356 -28.48 -15.36 66.00
CA ARG A 356 -28.79 -14.78 64.69
C ARG A 356 -29.18 -13.32 64.81
N ASN A 357 -29.93 -12.97 65.85
CA ASN A 357 -30.38 -11.59 66.02
C ASN A 357 -29.24 -10.60 66.16
N ALA A 358 -28.00 -11.08 66.29
CA ALA A 358 -26.85 -10.19 66.39
C ALA A 358 -26.33 -9.74 65.03
N HIS A 359 -26.99 -10.12 63.94
CA HIS A 359 -26.57 -9.76 62.59
C HIS A 359 -27.75 -9.12 61.86
N PRO A 360 -28.09 -7.87 62.20
CA PRO A 360 -29.20 -7.21 61.51
C PRO A 360 -28.86 -6.72 60.13
N ARG A 361 -27.59 -6.51 59.83
CA ARG A 361 -27.17 -5.94 58.55
C ARG A 361 -26.34 -6.95 57.77
N HIS A 362 -26.52 -6.93 56.45
CA HIS A 362 -25.88 -7.87 55.54
C HIS A 362 -24.43 -7.46 55.34
N ASN A 363 -23.49 -8.31 55.77
CA ASN A 363 -22.07 -8.07 55.56
C ASN A 363 -21.35 -9.42 55.61
N HIS A 364 -20.03 -9.38 55.70
CA HIS A 364 -19.25 -10.61 55.76
C HIS A 364 -19.60 -11.42 56.99
N ASP A 365 -19.76 -10.76 58.14
CA ASP A 365 -20.03 -11.49 59.37
C ASP A 365 -21.34 -12.25 59.27
N SER A 366 -22.37 -11.62 58.72
CA SER A 366 -23.67 -12.26 58.62
C SER A 366 -23.59 -13.54 57.80
N VAL A 367 -23.02 -13.44 56.60
CA VAL A 367 -22.96 -14.62 55.74
C VAL A 367 -22.04 -15.66 56.35
N ARG A 368 -20.95 -15.23 56.98
CA ARG A 368 -20.05 -16.18 57.62
C ARG A 368 -20.78 -16.94 58.71
N PHE A 369 -21.60 -16.24 59.49
CA PHE A 369 -22.43 -16.92 60.48
C PHE A 369 -23.35 -17.92 59.81
N VAL A 370 -23.99 -17.52 58.71
CA VAL A 370 -24.90 -18.42 58.01
C VAL A 370 -24.16 -19.64 57.51
N ARG A 371 -22.97 -19.44 56.94
CA ARG A 371 -22.18 -20.57 56.45
C ARG A 371 -21.89 -21.55 57.58
N ASP A 372 -21.49 -21.02 58.74
CA ASP A 372 -21.09 -21.89 59.84
C ASP A 372 -22.27 -22.68 60.38
N VAL A 373 -23.38 -22.00 60.65
CA VAL A 373 -24.53 -22.69 61.24
C VAL A 373 -25.06 -23.74 60.28
N MET A 374 -25.12 -23.42 58.99
CA MET A 374 -25.61 -24.39 58.02
C MET A 374 -24.67 -25.58 57.90
N ALA A 375 -23.43 -25.43 58.33
CA ALA A 375 -22.46 -26.52 58.31
C ALA A 375 -22.66 -27.49 59.47
N LEU A 376 -23.75 -27.38 60.21
CA LEU A 376 -23.96 -28.24 61.37
C LEU A 376 -24.75 -29.49 61.07
N THR A 377 -25.47 -29.53 59.95
CA THR A 377 -26.27 -30.70 59.64
C THR A 377 -25.37 -31.93 59.46
N SER A 378 -25.91 -33.09 59.81
CA SER A 378 -25.11 -34.31 59.78
C SER A 378 -24.62 -34.60 58.37
N GLY A 379 -23.36 -35.04 58.28
CA GLY A 379 -22.77 -35.34 57.00
C GLY A 379 -22.68 -36.81 56.69
N MET A 380 -23.45 -37.63 57.41
CA MET A 380 -23.36 -39.07 57.24
C MET A 380 -24.05 -39.51 55.96
N TYR A 381 -23.40 -40.39 55.21
CA TYR A 381 -24.04 -41.09 54.10
C TYR A 381 -24.97 -42.13 54.68
N LEU A 382 -26.26 -41.82 54.74
CA LEU A 382 -27.23 -42.78 55.25
C LEU A 382 -27.39 -43.94 54.29
N VAL A 383 -27.54 -45.14 54.83
CA VAL A 383 -27.78 -46.34 54.03
C VAL A 383 -28.82 -47.19 54.73
N ARG A 384 -29.73 -47.76 53.95
CA ARG A 384 -30.75 -48.67 54.45
C ARG A 384 -30.76 -49.91 53.55
N GLN A 385 -31.53 -50.89 53.97
CA GLN A 385 -31.62 -52.12 53.19
C GLN A 385 -32.20 -51.81 51.82
N PRO A 386 -31.53 -52.22 50.74
CA PRO A 386 -32.07 -51.91 49.41
C PRO A 386 -33.46 -52.44 49.19
N THR A 387 -33.77 -53.61 49.77
CA THR A 387 -35.10 -54.18 49.64
C THR A 387 -36.15 -53.23 50.17
N MET A 388 -35.93 -52.67 51.36
CA MET A 388 -36.87 -51.70 51.88
C MET A 388 -36.92 -50.46 51.00
N SER A 389 -35.76 -50.00 50.53
CA SER A 389 -35.72 -48.81 49.69
C SER A 389 -36.56 -49.00 48.45
N VAL A 390 -36.34 -50.09 47.71
CA VAL A 390 -37.09 -50.32 46.49
C VAL A 390 -38.56 -50.52 46.79
N LEU A 391 -38.87 -51.15 47.93
CA LEU A 391 -40.26 -51.38 48.28
C LEU A 391 -40.97 -50.10 48.70
N ARG A 392 -40.22 -49.15 49.25
CA ARG A 392 -40.85 -47.93 49.74
C ARG A 392 -40.97 -46.86 48.68
N GLU A 393 -40.05 -46.81 47.72
CA GLU A 393 -40.08 -45.74 46.74
C GLU A 393 -41.00 -46.05 45.56
N TYR A 394 -40.94 -47.26 45.03
CA TYR A 394 -41.69 -47.57 43.82
C TYR A 394 -43.11 -48.00 44.13
N SER A 395 -43.49 -48.06 45.39
CA SER A 395 -44.85 -48.40 45.78
C SER A 395 -45.80 -47.22 45.69
N GLN A 396 -45.38 -46.13 45.06
CA GLN A 396 -46.20 -44.93 44.97
C GLN A 396 -46.76 -44.79 43.57
N VAL A 397 -48.02 -44.40 43.48
CA VAL A 397 -48.64 -44.09 42.20
C VAL A 397 -49.27 -42.71 42.29
N PRO A 398 -49.15 -41.88 41.25
CA PRO A 398 -49.73 -40.53 41.33
C PRO A 398 -51.24 -40.59 41.42
N ASP A 399 -51.80 -39.57 42.06
CA ASP A 399 -53.24 -39.44 42.24
C ASP A 399 -53.72 -38.28 41.37
N ILE A 400 -54.49 -38.60 40.34
CA ILE A 400 -54.98 -37.59 39.39
C ILE A 400 -56.35 -37.13 39.85
N LYS A 401 -56.51 -35.81 39.97
CA LYS A 401 -57.76 -35.26 40.47
C LYS A 401 -58.82 -35.08 39.38
N ASP A 402 -58.45 -35.18 38.11
CA ASP A 402 -59.42 -35.12 37.02
C ASP A 402 -58.92 -35.97 35.86
N PRO A 403 -59.12 -37.27 35.92
CA PRO A 403 -58.60 -38.14 34.87
C PRO A 403 -59.27 -37.86 33.53
N ILE A 404 -58.53 -38.16 32.47
CA ILE A 404 -59.06 -38.03 31.12
C ILE A 404 -60.15 -39.08 30.94
N PRO A 405 -61.37 -38.68 30.60
CA PRO A 405 -62.44 -39.66 30.46
C PRO A 405 -62.17 -40.59 29.29
N PRO A 406 -62.61 -41.84 29.36
CA PRO A 406 -62.36 -42.77 28.26
C PRO A 406 -62.98 -42.31 26.95
N SER A 407 -64.09 -41.58 27.01
CA SER A 407 -64.73 -41.09 25.81
C SER A 407 -63.96 -39.99 25.12
N ALA A 408 -62.80 -39.59 25.64
CA ALA A 408 -62.01 -38.53 25.04
C ALA A 408 -61.04 -39.04 23.99
N TRP A 409 -61.05 -40.33 23.69
CA TRP A 409 -60.12 -40.90 22.74
C TRP A 409 -60.84 -41.37 21.49
N THR A 410 -60.09 -41.45 20.40
CA THR A 410 -60.61 -41.96 19.14
C THR A 410 -60.54 -43.47 19.15
N GLY A 411 -60.81 -44.09 18.00
CA GLY A 411 -60.61 -45.50 17.85
C GLY A 411 -59.13 -45.82 17.86
N PRO A 412 -58.80 -47.07 18.16
CA PRO A 412 -57.38 -47.45 18.23
C PRO A 412 -56.73 -47.49 16.85
N ILE A 413 -55.41 -47.35 16.87
CA ILE A 413 -54.58 -47.43 15.68
C ILE A 413 -53.66 -48.63 15.85
N GLY A 414 -54.19 -49.69 16.43
CA GLY A 414 -53.40 -50.86 16.74
C GLY A 414 -52.95 -50.86 18.19
N ASN A 415 -52.31 -49.80 18.63
CA ASN A 415 -52.06 -49.70 20.05
C ASN A 415 -52.43 -48.36 20.63
N VAL A 416 -52.24 -47.28 19.88
CA VAL A 416 -52.40 -45.94 20.39
C VAL A 416 -53.77 -45.41 20.04
N ARG A 417 -54.17 -44.34 20.73
CA ARG A 417 -55.41 -43.64 20.45
C ARG A 417 -55.10 -42.15 20.33
N TYR A 418 -55.65 -41.53 19.31
CA TYR A 418 -55.47 -40.10 19.16
C TYR A 418 -56.47 -39.34 20.04
N LEU A 419 -56.12 -38.10 20.37
CA LEU A 419 -56.93 -37.29 21.26
C LEU A 419 -57.97 -36.51 20.47
N LEU A 420 -59.20 -36.52 20.96
CA LEU A 420 -60.28 -35.83 20.25
C LEU A 420 -60.05 -34.33 20.28
N PRO A 421 -60.33 -33.64 19.16
CA PRO A 421 -60.12 -32.18 19.14
C PRO A 421 -60.93 -31.43 20.17
N SER A 422 -62.12 -31.93 20.50
CA SER A 422 -63.01 -31.22 21.40
C SER A 422 -62.47 -31.10 22.82
N VAL A 423 -61.44 -31.86 23.16
CA VAL A 423 -60.90 -31.86 24.50
C VAL A 423 -59.94 -30.70 24.67
N GLN A 424 -60.11 -29.94 25.74
CA GLN A 424 -59.26 -28.81 26.06
C GLN A 424 -58.60 -29.05 27.42
N GLY A 425 -57.92 -28.02 27.91
CA GLY A 425 -57.26 -28.11 29.19
C GLY A 425 -55.78 -28.38 29.05
N PRO A 426 -55.10 -28.57 30.18
CA PRO A 426 -53.65 -28.77 30.11
C PRO A 426 -53.26 -29.96 29.26
N ALA A 427 -54.06 -31.03 29.29
CA ALA A 427 -53.74 -32.20 28.47
C ALA A 427 -53.68 -31.82 26.99
N ARG A 428 -54.65 -31.02 26.54
CA ARG A 428 -54.62 -30.57 25.15
C ARG A 428 -53.33 -29.80 24.87
N HIS A 429 -52.94 -28.92 25.79
CA HIS A 429 -51.70 -28.18 25.62
C HIS A 429 -50.52 -29.14 25.50
N LEU A 430 -50.45 -30.12 26.38
CA LEU A 430 -49.36 -31.08 26.33
C LEU A 430 -49.38 -31.85 25.02
N TYR A 431 -50.57 -32.27 24.58
CA TYR A 431 -50.69 -33.05 23.36
C TYR A 431 -50.18 -32.24 22.17
N ASP A 432 -50.61 -30.99 22.04
CA ASP A 432 -50.20 -30.18 20.91
C ASP A 432 -48.70 -29.96 20.91
N THR A 433 -48.13 -29.67 22.07
CA THR A 433 -46.69 -29.38 22.15
C THR A 433 -45.88 -30.56 21.65
N TRP A 434 -46.14 -31.75 22.18
CA TRP A 434 -45.39 -32.91 21.74
C TRP A 434 -45.66 -33.21 20.26
N ARG A 435 -46.91 -33.06 19.83
CA ARG A 435 -47.22 -33.30 18.42
C ARG A 435 -46.44 -32.36 17.53
N ALA A 436 -46.39 -31.08 17.88
CA ALA A 436 -45.66 -30.12 17.06
C ALA A 436 -44.20 -30.50 16.99
N ALA A 437 -43.60 -30.86 18.11
CA ALA A 437 -42.20 -31.28 18.10
C ALA A 437 -42.01 -32.52 17.25
N ALA A 438 -42.94 -33.47 17.36
CA ALA A 438 -42.83 -34.68 16.55
C ALA A 438 -42.85 -34.34 15.08
N ARG A 439 -43.70 -33.40 14.67
CA ARG A 439 -43.73 -32.97 13.28
C ARG A 439 -42.37 -32.46 12.85
N GLN A 440 -41.75 -31.60 13.66
CA GLN A 440 -40.44 -31.06 13.29
C GLN A 440 -39.41 -32.17 13.18
N ILE A 441 -39.47 -33.15 14.09
CA ILE A 441 -38.56 -34.28 14.00
C ILE A 441 -38.83 -35.08 12.74
N ALA A 442 -40.10 -35.20 12.34
CA ALA A 442 -40.49 -36.11 11.28
C ALA A 442 -39.65 -35.90 10.03
N GLN A 443 -39.72 -34.70 9.44
CA GLN A 443 -38.89 -34.39 8.29
C GLN A 443 -37.62 -33.72 8.79
N ASP A 444 -36.51 -34.44 8.74
CA ASP A 444 -35.26 -33.89 9.20
C ASP A 444 -34.08 -34.68 8.65
N PRO A 445 -33.55 -34.30 7.51
CA PRO A 445 -32.44 -35.06 6.93
C PRO A 445 -31.17 -35.03 7.77
N GLN A 446 -31.21 -34.35 8.93
CA GLN A 446 -30.12 -34.46 9.87
C GLN A 446 -29.89 -35.91 10.25
N TRP A 447 -30.96 -36.64 10.49
CA TRP A 447 -30.86 -38.09 10.58
C TRP A 447 -30.85 -38.69 9.18
N HIS A 448 -30.58 -39.98 9.12
CA HIS A 448 -30.24 -40.71 7.91
C HIS A 448 -28.88 -40.29 7.39
N ASP A 449 -28.25 -39.31 8.00
CA ASP A 449 -26.83 -39.05 7.77
C ASP A 449 -26.04 -40.16 8.44
N PRO A 450 -25.24 -40.91 7.70
CA PRO A 450 -24.58 -42.09 8.31
C PRO A 450 -23.73 -41.73 9.52
N LEU A 451 -23.09 -40.57 9.50
CA LEU A 451 -22.29 -40.16 10.65
C LEU A 451 -23.16 -40.02 11.90
N ASN A 452 -24.29 -39.31 11.77
CA ASN A 452 -25.17 -39.13 12.91
C ASN A 452 -25.67 -40.48 13.44
N GLN A 453 -26.00 -41.39 12.53
CA GLN A 453 -26.41 -42.72 12.94
C GLN A 453 -25.32 -43.40 13.75
N ALA A 454 -24.07 -43.19 13.37
CA ALA A 454 -22.97 -43.74 14.15
C ALA A 454 -22.95 -43.15 15.56
N ILE A 455 -23.22 -41.85 15.68
CA ILE A 455 -23.18 -41.21 16.99
C ILE A 455 -24.20 -41.86 17.92
N MET A 456 -25.41 -42.08 17.43
CA MET A 456 -26.46 -42.63 18.28
C MET A 456 -26.11 -44.04 18.74
N ARG A 457 -25.69 -44.89 17.80
CA ARG A 457 -25.32 -46.25 18.18
C ARG A 457 -24.16 -46.25 19.15
N ALA A 458 -23.16 -45.42 18.90
CA ALA A 458 -22.02 -45.35 19.80
C ALA A 458 -22.40 -44.79 21.15
N GLN A 459 -23.38 -43.90 21.20
CA GLN A 459 -23.79 -43.33 22.47
C GLN A 459 -24.33 -44.39 23.42
N TYR A 460 -24.78 -45.52 22.90
CA TYR A 460 -25.43 -46.52 23.71
C TYR A 460 -24.45 -47.40 24.48
N VAL A 461 -23.17 -47.34 24.19
CA VAL A 461 -22.19 -48.27 24.77
C VAL A 461 -21.35 -47.52 25.79
N THR A 462 -21.22 -48.11 26.98
CA THR A 462 -20.34 -47.61 28.02
C THR A 462 -19.69 -48.81 28.71
N ALA A 463 -18.72 -48.52 29.57
CA ALA A 463 -18.05 -49.59 30.29
C ALA A 463 -19.01 -50.30 31.25
N ARG A 464 -19.91 -49.56 31.87
CA ARG A 464 -20.88 -50.14 32.78
C ARG A 464 -22.02 -50.75 31.97
N GLY A 465 -23.09 -51.13 32.65
CA GLY A 465 -24.24 -51.73 31.99
C GLY A 465 -25.00 -52.61 32.95
N GLY A 466 -25.92 -53.37 32.39
CA GLY A 466 -26.71 -54.28 33.19
C GLY A 466 -27.71 -55.03 32.34
N SER A 467 -28.47 -55.90 33.00
CA SER A 467 -29.55 -56.67 32.42
C SER A 467 -29.08 -57.65 31.36
N SER A 468 -27.78 -57.96 31.31
CA SER A 468 -27.27 -58.85 30.29
C SER A 468 -27.87 -60.25 30.41
N ALA A 469 -28.05 -60.72 31.64
CA ALA A 469 -28.64 -62.03 31.84
C ALA A 469 -30.05 -62.09 31.25
N SER A 470 -30.86 -61.07 31.52
CA SER A 470 -32.19 -61.01 30.93
C SER A 470 -32.11 -61.03 29.42
N LEU A 471 -31.14 -60.31 28.85
CA LEU A 471 -30.96 -60.30 27.41
C LEU A 471 -30.66 -61.69 26.88
N LYS A 472 -29.67 -62.37 27.48
CA LYS A 472 -29.30 -63.68 26.98
C LYS A 472 -30.46 -64.65 27.08
N PHE A 473 -31.22 -64.60 28.17
CA PHE A 473 -32.37 -65.48 28.31
C PHE A 473 -33.40 -65.21 27.23
N ALA A 474 -33.80 -63.95 27.07
CA ALA A 474 -34.90 -63.63 26.17
C ALA A 474 -34.59 -64.04 24.74
N LEU A 475 -33.36 -63.78 24.28
CA LEU A 475 -33.01 -64.13 22.92
C LEU A 475 -32.83 -65.63 22.76
N LYS A 476 -32.16 -66.28 23.71
CA LYS A 476 -32.09 -67.73 23.71
C LYS A 476 -33.49 -68.34 23.71
N VAL A 477 -34.42 -67.68 24.39
CA VAL A 477 -35.80 -68.15 24.42
C VAL A 477 -36.39 -68.15 23.01
N THR A 478 -36.13 -67.09 22.25
CA THR A 478 -36.65 -66.99 20.89
C THR A 478 -35.78 -67.73 19.87
N GLY A 479 -34.89 -68.61 20.32
CA GLY A 479 -34.09 -69.40 19.41
C GLY A 479 -32.89 -68.70 18.82
N ILE A 480 -32.52 -67.54 19.33
CA ILE A 480 -31.38 -66.79 18.81
C ILE A 480 -30.14 -67.21 19.57
N VAL A 481 -29.15 -67.76 18.85
CA VAL A 481 -27.92 -68.24 19.44
C VAL A 481 -26.90 -67.11 19.37
N LEU A 482 -26.72 -66.40 20.47
CA LEU A 482 -25.78 -65.30 20.51
C LEU A 482 -24.35 -65.81 20.61
N PRO A 483 -23.39 -65.03 20.12
CA PRO A 483 -21.99 -65.39 20.28
C PRO A 483 -21.53 -65.15 21.72
N GLU A 484 -20.36 -65.69 22.04
CA GLU A 484 -19.74 -65.48 23.34
C GLU A 484 -18.25 -65.25 23.17
N TYR A 485 -17.68 -64.46 24.07
CA TYR A 485 -16.28 -64.08 24.00
C TYR A 485 -15.67 -64.08 25.40
N ASP A 486 -15.97 -65.11 26.18
CA ASP A 486 -15.55 -65.12 27.59
C ASP A 486 -14.03 -65.10 27.71
N ASP A 487 -13.34 -65.84 26.85
CA ASP A 487 -11.88 -65.86 26.90
C ASP A 487 -11.31 -64.45 26.83
N SER A 488 -11.90 -63.60 25.99
CA SER A 488 -11.64 -62.18 26.12
C SER A 488 -12.20 -61.73 27.47
N LYS A 489 -11.32 -61.44 28.41
CA LYS A 489 -11.70 -61.28 29.81
C LYS A 489 -12.40 -59.95 29.99
N VAL A 490 -13.71 -59.94 29.73
CA VAL A 490 -14.53 -58.76 29.84
C VAL A 490 -15.88 -59.15 30.44
N LYS A 491 -16.40 -58.29 31.33
CA LYS A 491 -17.63 -58.60 32.05
C LYS A 491 -18.81 -58.75 31.09
N LYS A 492 -19.61 -59.79 31.30
CA LYS A 492 -20.77 -60.02 30.45
C LYS A 492 -21.81 -58.92 30.62
N SER A 493 -22.00 -58.45 31.85
CA SER A 493 -23.01 -57.44 32.12
C SER A 493 -22.65 -56.06 31.58
N SER A 494 -21.42 -55.87 31.13
CA SER A 494 -21.06 -54.61 30.50
C SER A 494 -21.92 -54.39 29.27
N LYS A 495 -22.38 -53.15 29.10
CA LYS A 495 -23.17 -52.83 27.92
C LYS A 495 -22.38 -53.07 26.64
N ILE A 496 -21.05 -53.00 26.72
CA ILE A 496 -20.22 -53.32 25.57
C ILE A 496 -20.42 -54.77 25.15
N TYR A 497 -20.39 -55.68 26.13
CA TYR A 497 -20.43 -57.10 25.81
C TYR A 497 -21.70 -57.45 25.05
N GLN A 498 -22.85 -57.04 25.57
CA GLN A 498 -24.11 -57.35 24.91
C GLN A 498 -24.18 -56.71 23.54
N ALA A 499 -23.63 -55.50 23.39
CA ALA A 499 -23.65 -54.83 22.11
C ALA A 499 -22.90 -55.65 21.05
N ALA A 500 -21.76 -56.22 21.43
CA ALA A 500 -21.01 -57.03 20.49
C ALA A 500 -21.81 -58.24 20.03
N GLN A 501 -22.55 -58.86 20.95
CA GLN A 501 -23.35 -60.02 20.57
C GLN A 501 -24.41 -59.66 19.54
N ILE A 502 -24.94 -58.44 19.59
CA ILE A 502 -26.05 -58.06 18.74
C ILE A 502 -25.64 -57.74 17.31
N ALA A 503 -24.35 -57.44 17.09
CA ALA A 503 -23.92 -56.73 15.89
C ALA A 503 -24.46 -57.36 14.60
N ARG A 504 -24.39 -58.69 14.50
CA ARG A 504 -24.74 -59.33 13.24
C ARG A 504 -26.24 -59.41 13.00
N ILE A 505 -27.04 -59.47 14.05
CA ILE A 505 -28.43 -59.90 13.92
C ILE A 505 -29.26 -58.83 13.23
N ALA A 506 -30.18 -59.27 12.37
CA ALA A 506 -31.19 -58.36 11.83
C ALA A 506 -32.05 -57.83 12.96
N PHE A 507 -32.29 -56.52 12.95
CA PHE A 507 -32.84 -55.86 14.13
C PHE A 507 -34.24 -56.34 14.46
N MET A 508 -35.09 -56.50 13.45
CA MET A 508 -36.49 -56.83 13.71
C MET A 508 -36.62 -58.16 14.46
N LEU A 509 -35.66 -59.06 14.28
CA LEU A 509 -35.70 -60.32 15.00
C LEU A 509 -35.63 -60.11 16.50
N LEU A 510 -35.03 -59.01 16.95
CA LEU A 510 -34.81 -58.74 18.36
C LEU A 510 -36.02 -58.11 19.04
N ILE A 511 -37.09 -57.84 18.31
CA ILE A 511 -38.16 -57.00 18.83
C ILE A 511 -38.80 -57.63 20.07
N ALA A 512 -38.89 -58.97 20.09
CA ALA A 512 -39.52 -59.63 21.22
C ALA A 512 -38.73 -59.46 22.51
N ALA A 513 -37.46 -59.11 22.41
CA ALA A 513 -36.60 -59.04 23.60
C ALA A 513 -36.76 -57.75 24.36
N ILE A 514 -37.40 -56.73 23.79
CA ILE A 514 -37.50 -55.45 24.49
C ILE A 514 -38.37 -55.59 25.74
N HIS A 515 -39.30 -56.54 25.74
CA HIS A 515 -40.16 -56.77 26.90
C HIS A 515 -39.49 -57.76 27.87
N ALA A 516 -38.33 -57.35 28.38
CA ALA A 516 -37.53 -58.19 29.24
C ALA A 516 -37.19 -57.46 30.53
N GLU A 517 -36.77 -58.23 31.52
CA GLU A 517 -36.46 -57.68 32.84
C GLU A 517 -35.25 -56.76 32.79
N VAL A 518 -35.23 -55.80 33.71
CA VAL A 518 -34.13 -54.85 33.84
C VAL A 518 -33.62 -54.91 35.26
N THR A 519 -32.31 -55.09 35.41
CA THR A 519 -31.70 -55.08 36.73
C THR A 519 -31.66 -53.65 37.27
N MET A 520 -31.23 -53.52 38.53
CA MET A 520 -31.26 -52.22 39.18
C MET A 520 -30.09 -52.10 40.15
N GLY A 521 -29.80 -50.85 40.52
CA GLY A 521 -28.76 -50.55 41.48
C GLY A 521 -29.16 -49.35 42.32
N ILE A 522 -28.42 -49.16 43.40
CA ILE A 522 -28.71 -48.12 44.38
C ILE A 522 -27.44 -47.36 44.71
N ARG A 523 -27.55 -46.03 44.80
CA ARG A 523 -26.44 -45.17 45.19
C ARG A 523 -26.90 -44.30 46.36
N ASN A 524 -26.19 -44.38 47.47
CA ASN A 524 -26.59 -43.69 48.70
C ASN A 524 -26.32 -42.19 48.58
N GLN A 525 -26.94 -41.44 49.49
CA GLN A 525 -26.87 -39.98 49.49
C GLN A 525 -26.56 -39.47 50.88
N VAL A 526 -26.29 -38.17 50.98
CA VAL A 526 -25.87 -37.57 52.23
C VAL A 526 -27.05 -37.01 53.02
N GLN A 527 -27.99 -36.36 52.34
CA GLN A 527 -29.07 -35.67 53.03
C GLN A 527 -30.45 -36.10 52.53
N ARG A 528 -30.57 -37.28 51.95
CA ARG A 528 -31.85 -37.73 51.41
C ARG A 528 -31.81 -39.24 51.21
N ARG A 529 -32.92 -39.78 50.71
CA ARG A 529 -32.96 -41.18 50.33
C ARG A 529 -31.95 -41.46 49.24
N ALA A 530 -31.52 -42.71 49.16
CA ALA A 530 -30.55 -43.12 48.16
C ALA A 530 -31.15 -43.01 46.76
N ARG A 531 -30.30 -42.71 45.79
CA ARG A 531 -30.74 -42.62 44.40
C ARG A 531 -30.83 -44.01 43.78
N SER A 532 -31.41 -44.06 42.59
CA SER A 532 -31.62 -45.31 41.86
C SER A 532 -30.95 -45.25 40.51
N ILE A 533 -30.37 -46.37 40.08
CA ILE A 533 -29.77 -46.52 38.76
C ILE A 533 -30.46 -47.69 38.08
N MET A 534 -31.10 -47.43 36.94
CA MET A 534 -31.90 -48.42 36.23
C MET A 534 -31.44 -48.48 34.78
N PRO A 535 -30.35 -49.21 34.51
CA PRO A 535 -29.80 -49.26 33.15
C PRO A 535 -30.60 -50.20 32.26
N LEU A 536 -31.17 -49.65 31.20
CA LEU A 536 -31.86 -50.46 30.20
C LEU A 536 -30.85 -51.28 29.40
N ASN A 537 -31.34 -52.31 28.73
CA ASN A 537 -30.46 -53.01 27.81
C ASN A 537 -30.29 -52.19 26.54
N VAL A 538 -29.31 -52.58 25.72
CA VAL A 538 -28.97 -51.78 24.55
C VAL A 538 -30.15 -51.72 23.59
N ILE A 539 -30.90 -52.81 23.45
CA ILE A 539 -32.03 -52.83 22.53
C ILE A 539 -33.11 -51.86 22.98
N GLN A 540 -33.48 -51.93 24.27
CA GLN A 540 -34.48 -51.02 24.78
C GLN A 540 -34.03 -49.58 24.63
N GLN A 541 -32.77 -49.31 24.94
CA GLN A 541 -32.25 -47.97 24.78
C GLN A 541 -32.34 -47.51 23.34
N ALA A 542 -32.18 -48.43 22.39
CA ALA A 542 -32.31 -48.07 20.99
C ALA A 542 -33.75 -47.75 20.62
N ILE A 543 -34.70 -48.54 21.13
CA ILE A 543 -36.09 -48.36 20.77
C ILE A 543 -36.60 -47.00 21.25
N SER A 544 -36.21 -46.61 22.45
CA SER A 544 -36.71 -45.36 23.02
C SER A 544 -36.13 -44.13 22.36
N ALA A 545 -35.39 -44.27 21.27
CA ALA A 545 -34.76 -43.12 20.63
C ALA A 545 -35.72 -42.00 20.29
N PRO A 546 -36.88 -42.23 19.67
CA PRO A 546 -37.75 -41.10 19.32
C PRO A 546 -38.14 -40.27 20.52
N HIS A 547 -38.38 -40.92 21.67
CA HIS A 547 -38.74 -40.19 22.87
C HIS A 547 -37.65 -39.20 23.24
N THR A 548 -36.39 -39.64 23.19
CA THR A 548 -35.29 -38.75 23.51
C THR A 548 -35.17 -37.64 22.48
N LEU A 549 -35.27 -37.97 21.20
CA LEU A 549 -35.06 -36.98 20.16
C LEU A 549 -36.07 -35.85 20.26
N VAL A 550 -37.34 -36.20 20.42
CA VAL A 550 -38.38 -35.18 20.53
C VAL A 550 -38.13 -34.33 21.76
N ALA A 551 -37.79 -34.97 22.88
CA ALA A 551 -37.52 -34.23 24.10
C ALA A 551 -36.38 -33.25 23.89
N ASN A 552 -35.32 -33.69 23.21
CA ASN A 552 -34.20 -32.80 22.95
C ASN A 552 -34.64 -31.59 22.15
N TYR A 553 -35.43 -31.81 21.11
CA TYR A 553 -35.88 -30.70 20.29
C TYR A 553 -36.73 -29.73 21.10
N ILE A 554 -37.59 -30.26 21.97
CA ILE A 554 -38.40 -29.41 22.83
C ILE A 554 -37.50 -28.54 23.69
N ASN A 555 -36.50 -29.14 24.31
CA ASN A 555 -35.57 -28.43 25.17
C ASN A 555 -34.77 -27.41 24.34
N LYS A 556 -33.99 -27.85 23.37
CA LYS A 556 -33.08 -26.96 22.62
C LYS A 556 -33.82 -25.88 21.84
N HIS A 557 -35.12 -26.03 21.56
CA HIS A 557 -35.86 -25.05 20.79
C HIS A 557 -37.02 -24.45 21.58
N MET A 558 -37.00 -24.60 22.91
CA MET A 558 -37.94 -23.91 23.77
C MET A 558 -37.30 -23.79 25.14
N ASN A 559 -37.03 -22.55 25.55
CA ASN A 559 -36.29 -22.22 26.76
C ASN A 559 -34.83 -22.71 26.77
N LEU A 560 -34.26 -23.02 25.58
CA LEU A 560 -32.89 -23.50 25.37
C LEU A 560 -32.46 -24.51 26.42
N SER A 561 -33.26 -25.55 26.59
CA SER A 561 -33.07 -26.65 27.53
C SER A 561 -32.93 -26.21 28.97
N THR A 562 -33.17 -24.94 29.31
CA THR A 562 -32.99 -24.42 30.66
C THR A 562 -31.68 -24.86 31.26
N THR A 563 -30.57 -24.58 30.57
CA THR A 563 -29.19 -24.95 30.95
C THR A 563 -28.83 -26.44 30.90
N SER A 564 -29.77 -27.34 30.58
CA SER A 564 -29.50 -28.78 30.40
C SER A 564 -28.50 -29.10 29.29
N GLY A 565 -28.02 -28.10 28.58
CA GLY A 565 -26.91 -28.34 27.67
C GLY A 565 -25.71 -28.64 28.57
N SER A 566 -25.70 -28.16 29.82
CA SER A 566 -24.62 -28.45 30.80
C SER A 566 -23.19 -28.20 30.30
N VAL A 567 -23.03 -27.22 29.43
CA VAL A 567 -21.72 -26.94 28.80
C VAL A 567 -20.57 -26.65 29.75
N VAL A 568 -20.79 -25.72 30.66
CA VAL A 568 -20.03 -25.61 31.90
C VAL A 568 -21.07 -25.39 33.00
N THR A 569 -20.99 -26.13 34.10
CA THR A 569 -22.02 -26.03 35.15
C THR A 569 -22.05 -24.64 35.79
N ASP A 570 -20.94 -23.91 35.77
CA ASP A 570 -20.83 -22.58 36.35
C ASP A 570 -21.82 -21.55 35.79
N LYS A 571 -22.46 -21.75 34.62
CA LYS A 571 -23.51 -20.82 34.12
C LYS A 571 -24.67 -20.65 35.07
N VAL A 572 -24.95 -21.62 35.95
CA VAL A 572 -25.98 -21.43 36.96
C VAL A 572 -25.53 -20.52 38.08
N ILE A 573 -24.23 -20.35 38.33
CA ILE A 573 -23.72 -19.50 39.39
C ILE A 573 -24.22 -18.07 39.21
N PRO A 574 -23.92 -17.35 38.12
CA PRO A 574 -24.44 -15.99 38.01
C PRO A 574 -25.95 -15.95 37.99
N LEU A 575 -26.61 -16.99 37.48
CA LEU A 575 -28.06 -17.01 37.40
C LEU A 575 -28.68 -16.91 38.78
N ILE A 576 -28.26 -17.76 39.71
CA ILE A 576 -28.86 -17.72 41.05
C ILE A 576 -28.44 -16.45 41.76
N LEU A 577 -27.22 -15.98 41.53
CA LEU A 577 -26.79 -14.71 42.12
C LEU A 577 -27.72 -13.59 41.69
N TYR A 578 -28.00 -13.50 40.39
CA TYR A 578 -28.94 -12.50 39.92
C TYR A 578 -30.32 -12.75 40.50
N ALA A 579 -30.74 -14.00 40.60
CA ALA A 579 -32.06 -14.31 41.10
C ALA A 579 -32.24 -13.95 42.57
N SER A 580 -31.15 -13.83 43.32
CA SER A 580 -31.23 -13.54 44.74
C SER A 580 -31.04 -12.07 45.08
N THR A 581 -30.82 -11.23 44.07
CA THR A 581 -30.62 -9.82 44.33
C THR A 581 -31.91 -9.19 44.86
N PRO A 582 -31.79 -8.11 45.62
CA PRO A 582 -32.97 -7.50 46.25
C PRO A 582 -34.05 -7.13 45.25
N PRO A 583 -33.74 -6.54 44.10
CA PRO A 583 -34.82 -6.10 43.20
C PRO A 583 -35.68 -7.23 42.69
N ASN A 584 -35.22 -8.47 42.76
CA ASN A 584 -35.93 -9.60 42.20
C ASN A 584 -36.53 -10.46 43.30
N THR A 585 -37.71 -11.02 43.02
CA THR A 585 -38.35 -12.01 43.89
C THR A 585 -38.31 -13.36 43.20
N VAL A 586 -37.86 -14.37 43.92
CA VAL A 586 -37.65 -15.69 43.36
C VAL A 586 -38.38 -16.72 44.19
N VAL A 587 -38.85 -17.77 43.53
CA VAL A 587 -39.56 -18.87 44.17
C VAL A 587 -38.93 -20.19 43.73
N ASN A 588 -38.63 -21.05 44.69
CA ASN A 588 -38.01 -22.33 44.43
C ASN A 588 -39.10 -23.40 44.32
N VAL A 589 -39.08 -24.15 43.22
CA VAL A 589 -40.05 -25.20 42.98
C VAL A 589 -39.33 -26.45 42.50
N ASP A 590 -39.96 -27.60 42.70
CA ASP A 590 -39.44 -28.86 42.20
C ASP A 590 -40.49 -29.94 42.36
N ILE A 591 -40.61 -30.80 41.35
CA ILE A 591 -41.57 -31.90 41.42
C ILE A 591 -41.20 -32.82 42.57
N LYS A 592 -42.21 -33.26 43.32
CA LYS A 592 -41.96 -34.08 44.50
C LYS A 592 -41.22 -35.36 44.13
N ALA A 593 -41.73 -36.09 43.15
CA ALA A 593 -40.99 -37.23 42.59
C ALA A 593 -41.40 -37.35 41.12
N CYS A 594 -40.64 -36.67 40.26
CA CYS A 594 -40.98 -36.67 38.84
C CYS A 594 -40.86 -38.07 38.26
N ASP A 595 -39.84 -38.81 38.69
CA ASP A 595 -39.66 -40.18 38.23
C ASP A 595 -40.86 -41.04 38.60
N ALA A 596 -41.41 -40.85 39.80
CA ALA A 596 -42.52 -41.66 40.25
C ALA A 596 -43.87 -41.14 39.78
N SER A 597 -43.95 -39.91 39.29
CA SER A 597 -45.22 -39.33 38.90
C SER A 597 -45.50 -39.41 37.41
N ILE A 598 -44.45 -39.39 36.57
CA ILE A 598 -44.64 -39.67 35.17
C ILE A 598 -45.11 -41.10 35.01
N THR A 599 -46.17 -41.30 34.24
CA THR A 599 -46.81 -42.60 34.16
C THR A 599 -47.57 -42.70 32.85
N TYR A 600 -48.05 -43.91 32.56
CA TYR A 600 -48.67 -44.13 31.26
C TYR A 600 -50.15 -43.75 31.25
N ASN A 601 -50.87 -44.03 32.33
CA ASN A 601 -52.31 -43.86 32.31
C ASN A 601 -52.69 -42.42 31.98
N TYR A 602 -51.96 -41.45 32.53
CA TYR A 602 -52.20 -40.04 32.20
C TYR A 602 -51.18 -39.49 31.21
N PHE A 603 -49.90 -39.53 31.56
CA PHE A 603 -48.91 -38.79 30.78
C PHE A 603 -48.50 -39.51 29.52
N LEU A 604 -47.90 -40.70 29.66
CA LEU A 604 -47.22 -41.32 28.53
C LEU A 604 -48.19 -41.64 27.40
N SER A 605 -49.42 -41.99 27.73
CA SER A 605 -50.40 -42.27 26.68
C SER A 605 -50.59 -41.05 25.80
N VAL A 606 -50.71 -39.87 26.41
CA VAL A 606 -50.87 -38.64 25.63
C VAL A 606 -49.65 -38.42 24.76
N ILE A 607 -48.46 -38.59 25.32
CA ILE A 607 -47.23 -38.36 24.56
C ILE A 607 -47.14 -39.35 23.41
N CYS A 608 -47.42 -40.62 23.68
CA CYS A 608 -47.33 -41.63 22.63
C CYS A 608 -48.28 -41.31 21.48
N GLY A 609 -49.52 -40.93 21.81
CA GLY A 609 -50.46 -40.58 20.77
C GLY A 609 -49.99 -39.37 19.98
N ALA A 610 -49.51 -38.34 20.67
CA ALA A 610 -49.06 -37.14 19.98
C ALA A 610 -47.88 -37.45 19.07
N MET A 611 -46.91 -38.22 19.57
CA MET A 611 -45.76 -38.58 18.74
C MET A 611 -46.18 -39.39 17.54
N HIS A 612 -47.06 -40.37 17.75
CA HIS A 612 -47.49 -41.21 16.64
C HIS A 612 -48.24 -40.39 15.60
N GLU A 613 -49.11 -39.49 16.05
CA GLU A 613 -49.78 -38.59 15.11
C GLU A 613 -48.80 -37.61 14.50
N GLY A 614 -47.88 -37.09 15.31
CA GLY A 614 -46.93 -36.11 14.78
C GLY A 614 -46.04 -36.67 13.71
N PHE A 615 -45.83 -37.99 13.71
CA PHE A 615 -45.01 -38.60 12.68
C PHE A 615 -45.79 -38.93 11.42
N GLU A 616 -47.10 -38.69 11.41
CA GLU A 616 -47.88 -38.99 10.21
C GLU A 616 -47.39 -38.21 9.01
N VAL A 617 -46.91 -36.98 9.23
CA VAL A 617 -46.36 -36.18 8.14
C VAL A 617 -44.99 -36.75 7.81
N GLY A 618 -44.92 -37.53 6.75
CA GLY A 618 -43.70 -38.19 6.38
C GLY A 618 -43.99 -39.44 5.57
N ASN A 619 -42.97 -39.89 4.86
CA ASN A 619 -43.13 -41.05 3.99
C ASN A 619 -43.52 -42.26 4.80
N ALA A 620 -44.70 -42.81 4.50
CA ALA A 620 -45.21 -43.95 5.28
C ALA A 620 -44.28 -45.15 5.17
N ASP A 621 -43.50 -45.23 4.09
CA ASP A 621 -42.56 -46.32 3.89
C ASP A 621 -41.15 -45.72 3.94
N ALA A 622 -40.61 -45.62 5.15
CA ALA A 622 -39.27 -45.09 5.34
C ALA A 622 -38.71 -45.72 6.61
N ALA A 623 -37.86 -46.72 6.46
CA ALA A 623 -37.28 -47.38 7.61
C ALA A 623 -36.39 -46.41 8.38
N PHE A 624 -36.37 -46.57 9.69
CA PHE A 624 -35.56 -45.73 10.57
C PHE A 624 -34.77 -46.62 11.50
N MET A 625 -33.44 -46.46 11.48
CA MET A 625 -32.54 -47.24 12.33
C MET A 625 -32.82 -48.73 12.18
N GLY A 626 -33.00 -49.16 10.95
CA GLY A 626 -33.22 -50.56 10.66
C GLY A 626 -34.61 -51.07 10.98
N VAL A 627 -35.52 -50.21 11.40
CA VAL A 627 -36.89 -50.61 11.72
C VAL A 627 -37.75 -50.31 10.49
N PRO A 628 -38.22 -51.31 9.77
CA PRO A 628 -38.98 -51.06 8.55
C PRO A 628 -40.41 -50.65 8.85
N SER A 629 -41.04 -50.07 7.83
CA SER A 629 -42.45 -49.74 7.92
C SER A 629 -43.28 -51.02 7.92
N THR A 630 -44.45 -50.95 8.54
CA THR A 630 -45.33 -52.11 8.65
C THR A 630 -46.77 -51.69 8.44
N ILE A 631 -47.64 -52.69 8.35
CA ILE A 631 -49.07 -52.49 8.14
C ILE A 631 -49.78 -52.60 9.48
N VAL A 632 -50.61 -51.61 9.79
CA VAL A 632 -51.37 -51.60 11.04
C VAL A 632 -52.84 -51.34 10.70
N SER A 633 -53.72 -51.87 11.53
CA SER A 633 -55.15 -51.70 11.34
C SER A 633 -55.62 -50.38 11.94
N ASP A 634 -56.32 -49.59 11.16
CA ASP A 634 -56.89 -48.33 11.61
C ASP A 634 -58.36 -48.52 11.90
N ARG A 635 -58.79 -48.17 13.11
CA ARG A 635 -60.16 -48.39 13.53
C ARG A 635 -60.81 -47.10 14.02
N ARG A 636 -60.32 -45.95 13.54
CA ARG A 636 -60.93 -44.69 13.92
C ARG A 636 -62.36 -44.61 13.43
N SER A 637 -62.64 -45.13 12.25
CA SER A 637 -63.98 -45.12 11.68
C SER A 637 -64.63 -46.47 11.94
N SER A 638 -65.72 -46.46 12.70
CA SER A 638 -66.46 -47.70 12.94
C SER A 638 -67.11 -48.21 11.67
N VAL A 639 -67.43 -47.31 10.74
CA VAL A 639 -68.09 -47.73 9.51
C VAL A 639 -67.07 -48.14 8.45
N ALA A 640 -65.88 -47.57 8.46
CA ALA A 640 -64.86 -47.85 7.44
C ALA A 640 -63.51 -48.12 8.10
N PRO A 641 -63.38 -49.24 8.78
CA PRO A 641 -62.06 -49.66 9.25
C PRO A 641 -61.23 -50.24 8.12
N TYR A 642 -59.93 -50.23 8.31
CA TYR A 642 -59.00 -50.68 7.28
C TYR A 642 -57.61 -50.76 7.88
N SER A 643 -56.62 -51.05 7.03
CA SER A 643 -55.23 -51.12 7.42
C SER A 643 -54.39 -50.32 6.44
N ARG A 644 -53.38 -49.65 6.95
CA ARG A 644 -52.51 -48.80 6.15
C ARG A 644 -51.09 -48.91 6.67
N PRO A 645 -50.10 -48.63 5.83
CA PRO A 645 -48.71 -48.67 6.28
C PRO A 645 -48.39 -47.51 7.21
N ILE A 646 -47.38 -47.73 8.05
CA ILE A 646 -46.88 -46.70 8.96
C ILE A 646 -45.37 -46.75 8.96
N SER A 647 -44.74 -45.59 9.07
CA SER A 647 -43.30 -45.49 9.00
C SER A 647 -42.64 -46.16 10.21
N GLY A 648 -41.34 -46.41 10.08
CA GLY A 648 -40.62 -47.08 11.15
C GLY A 648 -40.71 -46.34 12.47
N LEU A 649 -40.64 -45.01 12.42
CA LEU A 649 -40.80 -44.22 13.64
C LEU A 649 -42.08 -44.58 14.35
N GLN A 650 -43.18 -44.67 13.61
CA GLN A 650 -44.45 -45.01 14.23
C GLN A 650 -44.43 -46.43 14.78
N THR A 651 -43.78 -47.35 14.08
CA THR A 651 -43.66 -48.71 14.60
C THR A 651 -42.93 -48.70 15.93
N MET A 652 -41.86 -47.91 16.05
CA MET A 652 -41.19 -47.76 17.32
C MET A 652 -42.15 -47.30 18.39
N VAL A 653 -42.97 -46.30 18.08
CA VAL A 653 -43.94 -45.80 19.04
C VAL A 653 -44.92 -46.90 19.43
N GLN A 654 -45.38 -47.66 18.44
CA GLN A 654 -46.32 -48.75 18.71
C GLN A 654 -45.76 -49.69 19.79
N HIS A 655 -44.51 -50.11 19.62
CA HIS A 655 -43.91 -50.96 20.63
C HIS A 655 -43.63 -50.18 21.91
N LEU A 656 -43.15 -48.96 21.79
CA LEU A 656 -42.81 -48.19 22.97
C LEU A 656 -44.01 -47.98 23.87
N ALA A 657 -45.16 -47.64 23.27
CA ALA A 657 -46.38 -47.50 24.04
C ALA A 657 -46.76 -48.82 24.70
N ASP A 658 -46.62 -49.92 23.98
CA ASP A 658 -46.92 -51.23 24.54
C ASP A 658 -46.06 -51.48 25.79
N LEU A 659 -44.77 -51.17 25.69
CA LEU A 659 -43.88 -51.38 26.83
C LEU A 659 -44.30 -50.51 28.01
N TYR A 660 -44.56 -49.22 27.75
CA TYR A 660 -44.94 -48.32 28.83
C TYR A 660 -46.23 -48.77 29.49
N ALA A 661 -47.22 -49.15 28.68
CA ALA A 661 -48.47 -49.64 29.26
C ALA A 661 -48.25 -50.88 30.09
N ALA A 662 -47.37 -51.77 29.63
CA ALA A 662 -47.05 -52.96 30.42
C ALA A 662 -46.31 -52.62 31.70
N GLY A 663 -45.63 -51.48 31.74
CA GLY A 663 -44.88 -51.10 32.92
C GLY A 663 -43.53 -51.78 32.99
N PHE A 664 -42.55 -51.08 33.56
CA PHE A 664 -41.21 -51.64 33.67
C PHE A 664 -41.19 -52.80 34.65
N ARG A 665 -40.42 -53.84 34.32
CA ARG A 665 -40.30 -55.03 35.15
C ARG A 665 -38.87 -55.11 35.66
N TYR A 666 -38.67 -54.74 36.92
CA TYR A 666 -37.35 -54.75 37.52
C TYR A 666 -37.12 -56.06 38.27
N SER A 667 -35.85 -56.36 38.52
CA SER A 667 -35.45 -57.54 39.27
C SER A 667 -34.39 -57.12 40.28
N VAL A 668 -34.71 -57.25 41.55
CA VAL A 668 -33.81 -56.82 42.62
C VAL A 668 -32.99 -58.00 43.10
N SER A 669 -31.71 -57.76 43.33
CA SER A 669 -30.78 -58.80 43.77
C SER A 669 -29.82 -58.26 44.81
N ASP A 670 -30.36 -57.56 45.82
CA ASP A 670 -29.51 -56.90 46.80
C ASP A 670 -28.61 -57.90 47.50
N ALA A 671 -27.34 -57.49 47.68
CA ALA A 671 -26.36 -58.36 48.30
C ALA A 671 -26.31 -58.22 49.81
N PHE A 672 -26.62 -57.04 50.34
CA PHE A 672 -26.57 -56.86 51.78
C PHE A 672 -27.58 -57.76 52.48
N SER A 673 -28.79 -57.87 51.93
CA SER A 673 -29.72 -58.84 52.46
C SER A 673 -29.31 -60.24 52.02
N SER A 674 -29.99 -61.24 52.59
CA SER A 674 -29.59 -62.64 52.42
C SER A 674 -30.66 -63.39 51.63
N GLY A 675 -30.26 -63.95 50.50
CA GLY A 675 -31.09 -64.85 49.70
C GLY A 675 -32.52 -64.39 49.51
N ASN A 676 -32.70 -63.21 48.91
CA ASN A 676 -34.03 -62.63 48.82
C ASN A 676 -34.26 -61.93 47.48
N LYS A 677 -33.69 -62.43 46.40
CA LYS A 677 -33.89 -61.81 45.11
C LYS A 677 -35.31 -62.09 44.60
N PHE A 678 -35.87 -61.09 43.93
CA PHE A 678 -37.21 -61.22 43.35
C PHE A 678 -37.38 -60.14 42.30
N SER A 679 -38.53 -60.19 41.63
CA SER A 679 -38.85 -59.23 40.59
C SER A 679 -40.27 -58.73 40.77
N PHE A 680 -40.48 -57.45 40.51
CA PHE A 680 -41.82 -56.89 40.56
C PHE A 680 -41.87 -55.70 39.62
N PRO A 681 -42.99 -55.48 38.96
CA PRO A 681 -43.10 -54.37 38.01
C PRO A 681 -43.53 -53.09 38.69
N THR A 682 -43.31 -51.98 37.98
CA THR A 682 -43.74 -50.68 38.46
C THR A 682 -43.81 -49.73 37.28
N SER A 683 -44.60 -48.68 37.46
CA SER A 683 -44.70 -47.62 36.47
C SER A 683 -43.61 -46.56 36.63
N THR A 684 -42.77 -46.70 37.64
CA THR A 684 -41.72 -45.70 37.87
C THR A 684 -40.78 -45.64 36.68
N PHE A 685 -40.56 -44.43 36.18
CA PHE A 685 -39.65 -44.24 35.07
C PHE A 685 -38.23 -44.60 35.51
N PRO A 686 -37.40 -45.10 34.59
CA PRO A 686 -36.05 -45.54 34.98
C PRO A 686 -35.24 -44.44 35.63
N SER A 687 -35.02 -43.35 34.90
CA SER A 687 -34.37 -42.16 35.44
C SER A 687 -33.05 -42.49 36.14
N GLY A 688 -32.24 -43.31 35.49
CA GLY A 688 -30.97 -43.72 36.06
C GLY A 688 -29.80 -42.82 35.76
N SER A 689 -29.92 -41.94 34.76
CA SER A 689 -28.83 -41.04 34.39
C SER A 689 -29.42 -39.84 33.68
N THR A 690 -28.55 -38.96 33.17
CA THR A 690 -28.93 -37.70 32.50
C THR A 690 -29.87 -37.91 31.31
N ALA A 691 -29.95 -39.15 30.76
CA ALA A 691 -30.83 -39.39 29.63
C ALA A 691 -32.30 -39.17 29.97
N THR A 692 -32.65 -39.18 31.26
CA THR A 692 -34.02 -38.93 31.67
C THR A 692 -34.32 -37.45 31.89
N SER A 693 -33.29 -36.63 32.08
CA SER A 693 -33.49 -35.22 32.40
C SER A 693 -34.22 -34.54 31.26
N THR A 694 -34.00 -34.97 30.03
CA THR A 694 -34.61 -34.36 28.86
C THR A 694 -36.13 -34.45 28.90
N GLU A 695 -36.67 -35.64 29.14
CA GLU A 695 -38.12 -35.85 29.15
C GLU A 695 -38.76 -35.07 30.29
N HIS A 696 -38.23 -35.21 31.49
CA HIS A 696 -38.83 -34.54 32.63
C HIS A 696 -38.74 -33.03 32.49
N THR A 697 -37.62 -32.50 32.00
CA THR A 697 -37.46 -31.06 31.78
C THR A 697 -38.44 -30.56 30.75
N ALA A 698 -38.71 -31.35 29.71
CA ALA A 698 -39.67 -30.94 28.69
C ALA A 698 -41.07 -30.85 29.28
N ASN A 699 -41.51 -31.92 29.96
CA ASN A 699 -42.82 -31.89 30.57
C ASN A 699 -42.90 -30.82 31.64
N ASN A 700 -41.84 -30.66 32.43
CA ASN A 700 -41.79 -29.62 33.44
C ASN A 700 -42.07 -28.26 32.82
N SER A 701 -41.36 -27.94 31.74
CA SER A 701 -41.54 -26.65 31.10
C SER A 701 -42.95 -26.50 30.55
N THR A 702 -43.48 -27.56 29.94
CA THR A 702 -44.77 -27.47 29.30
C THR A 702 -45.87 -27.13 30.30
N MET A 703 -45.95 -27.89 31.38
CA MET A 703 -47.01 -27.67 32.36
C MET A 703 -46.89 -26.28 32.97
N MET A 704 -45.66 -25.84 33.26
CA MET A 704 -45.48 -24.51 33.83
C MET A 704 -45.98 -23.44 32.87
N GLU A 705 -45.68 -23.58 31.58
CA GLU A 705 -46.09 -22.57 30.62
C GLU A 705 -47.61 -22.48 30.56
N TYR A 706 -48.29 -23.62 30.50
CA TYR A 706 -49.74 -23.60 30.46
C TYR A 706 -50.31 -22.97 31.72
N PHE A 707 -49.71 -23.28 32.87
CA PHE A 707 -50.19 -22.70 34.12
C PHE A 707 -50.09 -21.19 34.10
N LEU A 708 -48.95 -20.66 33.64
CA LEU A 708 -48.75 -19.22 33.66
C LEU A 708 -49.71 -18.52 32.70
N ASN A 709 -49.85 -19.03 31.49
CA ASN A 709 -50.58 -18.30 30.46
C ASN A 709 -52.07 -18.54 30.47
N VAL A 710 -52.52 -19.69 30.98
CA VAL A 710 -53.93 -20.03 30.85
C VAL A 710 -54.58 -20.23 32.21
N HIS A 711 -54.09 -21.21 32.96
CA HIS A 711 -54.81 -21.62 34.17
C HIS A 711 -54.83 -20.50 35.20
N ALA A 712 -53.68 -19.94 35.51
CA ALA A 712 -53.61 -18.94 36.57
C ALA A 712 -54.47 -17.71 36.27
N PRO A 713 -54.38 -17.06 35.11
CA PRO A 713 -55.22 -15.88 34.89
C PRO A 713 -56.70 -16.17 34.99
N SER A 714 -57.13 -17.36 34.58
CA SER A 714 -58.53 -17.71 34.61
C SER A 714 -59.03 -17.99 36.02
N HIS A 715 -58.13 -18.12 36.99
CA HIS A 715 -58.52 -18.70 38.26
C HIS A 715 -58.16 -17.82 39.45
N VAL A 716 -57.09 -17.04 39.32
CA VAL A 716 -56.65 -16.18 40.40
C VAL A 716 -57.66 -15.05 40.62
N LYS A 717 -57.60 -14.44 41.79
CA LYS A 717 -58.55 -13.39 42.18
C LYS A 717 -57.96 -11.99 42.20
N SER A 718 -56.77 -11.81 42.77
CA SER A 718 -56.22 -10.47 42.94
C SER A 718 -56.00 -9.80 41.59
N ALA A 719 -56.63 -8.64 41.40
CA ALA A 719 -56.45 -7.90 40.16
C ALA A 719 -55.00 -7.48 39.99
N SER A 720 -54.36 -7.03 41.07
CA SER A 720 -52.94 -6.68 40.98
C SER A 720 -52.12 -7.90 40.56
N LEU A 721 -52.43 -9.06 41.11
CA LEU A 721 -51.71 -10.27 40.72
C LEU A 721 -51.91 -10.55 39.24
N LYS A 722 -53.14 -10.44 38.76
CA LYS A 722 -53.39 -10.62 37.33
C LYS A 722 -52.56 -9.65 36.51
N ARG A 723 -52.51 -8.39 36.96
CA ARG A 723 -51.77 -7.39 36.22
C ARG A 723 -50.30 -7.76 36.10
N ILE A 724 -49.72 -8.28 37.18
CA ILE A 724 -48.31 -8.64 37.15
C ILE A 724 -48.10 -10.05 36.62
N LEU A 725 -49.08 -10.94 36.82
CA LEU A 725 -48.93 -12.30 36.30
C LEU A 725 -48.90 -12.30 34.79
N THR A 726 -49.74 -11.48 34.16
CA THR A 726 -49.65 -11.29 32.72
C THR A 726 -48.31 -10.65 32.37
N ASP A 727 -48.03 -10.59 31.07
CA ASP A 727 -46.76 -10.08 30.56
C ASP A 727 -45.59 -10.86 31.15
N MET A 728 -45.76 -12.17 31.27
CA MET A 728 -44.74 -13.02 31.86
C MET A 728 -44.70 -14.33 31.09
N THR A 729 -43.50 -14.80 30.78
CA THR A 729 -43.36 -16.02 29.99
C THR A 729 -42.15 -16.81 30.45
N ILE A 730 -42.19 -18.11 30.17
CA ILE A 730 -41.19 -19.02 30.73
C ILE A 730 -39.81 -18.71 30.19
N GLN A 731 -39.71 -18.29 28.93
CA GLN A 731 -38.41 -18.10 28.31
C GLN A 731 -37.61 -17.01 28.99
N ARG A 732 -38.26 -16.14 29.76
CA ARG A 732 -37.55 -15.11 30.49
C ARG A 732 -38.00 -15.03 31.94
N ASN A 733 -38.69 -16.06 32.44
CA ASN A 733 -39.10 -16.07 33.83
C ASN A 733 -38.98 -17.42 34.53
N TYR A 734 -38.57 -18.47 33.82
CA TYR A 734 -38.57 -19.80 34.42
C TYR A 734 -37.46 -20.64 33.83
N VAL A 735 -36.76 -21.39 34.67
CA VAL A 735 -35.78 -22.40 34.26
C VAL A 735 -35.95 -23.67 35.06
N CYS A 736 -35.44 -24.79 34.58
CA CYS A 736 -35.59 -26.07 35.24
C CYS A 736 -34.57 -27.09 34.76
N GLN A 737 -34.41 -28.18 35.49
CA GLN A 737 -33.65 -29.31 35.02
C GLN A 737 -34.09 -30.55 35.78
N GLY A 738 -34.68 -31.49 35.06
CA GLY A 738 -35.42 -32.58 35.68
C GLY A 738 -36.54 -32.00 36.55
N ASP A 739 -36.61 -32.44 37.79
CA ASP A 739 -37.61 -31.96 38.73
C ASP A 739 -37.33 -30.54 39.20
N ASP A 740 -36.06 -30.18 39.34
CA ASP A 740 -35.70 -28.88 39.90
C ASP A 740 -36.12 -27.74 38.97
N GLY A 741 -36.50 -26.62 39.57
CA GLY A 741 -36.96 -25.48 38.80
C GLY A 741 -36.86 -24.19 39.60
N ILE A 742 -36.72 -23.09 38.87
CA ILE A 742 -36.64 -21.75 39.46
C ILE A 742 -37.64 -20.85 38.75
N LEU A 743 -38.43 -20.13 39.54
CA LEU A 743 -39.37 -19.15 39.00
C LEU A 743 -39.09 -17.80 39.63
N LEU A 744 -38.92 -16.79 38.80
CA LEU A 744 -38.60 -15.44 39.26
C LEU A 744 -39.61 -14.46 38.69
N LEU A 745 -40.02 -13.55 39.50
CA LEU A 745 -41.08 -12.62 39.13
C LEU A 745 -40.51 -11.39 38.46
N PRO A 746 -41.31 -10.74 37.61
CA PRO A 746 -40.88 -9.45 37.05
C PRO A 746 -40.71 -8.44 38.16
N HIS A 747 -39.75 -7.53 37.95
CA HIS A 747 -39.43 -6.57 38.99
C HIS A 747 -40.62 -5.70 39.32
N GLU A 748 -41.20 -5.90 40.51
CA GLU A 748 -42.25 -5.01 40.97
C GLU A 748 -41.65 -3.62 41.14
N ALA A 749 -42.39 -2.61 40.65
CA ALA A 749 -41.80 -1.29 40.49
C ALA A 749 -41.40 -0.70 41.83
N ALA A 750 -40.09 -0.69 42.10
CA ALA A 750 -39.52 -0.15 43.34
C ALA A 750 -40.20 -0.72 44.58
N SER A 751 -40.87 -1.87 44.45
CA SER A 751 -41.69 -2.40 45.52
C SER A 751 -41.64 -3.91 45.47
N LYS A 752 -42.40 -4.54 46.35
CA LYS A 752 -42.51 -5.99 46.41
C LYS A 752 -43.97 -6.39 46.46
N ILE A 753 -44.27 -7.57 45.91
CA ILE A 753 -45.63 -8.06 45.87
C ILE A 753 -46.08 -8.40 47.29
N SER A 754 -47.38 -8.17 47.55
CA SER A 754 -47.93 -8.53 48.85
C SER A 754 -47.79 -10.01 49.09
N ALA A 755 -47.37 -10.37 50.31
CA ALA A 755 -47.33 -11.77 50.68
C ALA A 755 -48.71 -12.41 50.53
N ASP A 756 -49.76 -11.62 50.71
CA ASP A 756 -51.11 -12.13 50.50
C ASP A 756 -51.28 -12.66 49.07
N ASP A 757 -50.88 -11.87 48.08
CA ASP A 757 -50.95 -12.34 46.70
C ASP A 757 -50.06 -13.54 46.48
N MET A 758 -48.86 -13.52 47.07
CA MET A 758 -47.98 -14.68 46.97
C MET A 758 -48.67 -15.94 47.47
N ASN A 759 -49.28 -15.86 48.65
CA ASN A 759 -49.99 -17.01 49.18
C ASN A 759 -51.08 -17.47 48.23
N GLU A 760 -51.83 -16.51 47.69
CA GLU A 760 -52.84 -16.86 46.70
C GLU A 760 -52.21 -17.54 45.49
N LEU A 761 -51.11 -16.96 45.01
CA LEU A 761 -50.45 -17.54 43.84
C LEU A 761 -49.93 -18.94 44.14
N LEU A 762 -49.19 -19.09 45.24
CA LEU A 762 -48.60 -20.38 45.55
C LEU A 762 -49.68 -21.43 45.78
N THR A 763 -50.78 -21.04 46.42
CA THR A 763 -51.86 -22.00 46.66
C THR A 763 -52.42 -22.52 45.34
N CYS A 764 -52.69 -21.62 44.39
CA CYS A 764 -53.28 -22.05 43.13
C CYS A 764 -52.34 -22.99 42.39
N LEU A 765 -51.04 -22.72 42.44
CA LEU A 765 -50.09 -23.59 41.79
C LEU A 765 -50.14 -25.00 42.37
N ARG A 766 -50.23 -25.11 43.70
CA ARG A 766 -50.34 -26.42 44.32
C ARG A 766 -51.54 -27.17 43.78
N ASP A 767 -52.70 -26.50 43.72
CA ASP A 767 -53.89 -27.14 43.20
C ASP A 767 -53.70 -27.53 41.74
N TYR A 768 -53.07 -26.66 40.95
CA TYR A 768 -52.84 -26.96 39.55
C TYR A 768 -52.03 -28.23 39.39
N GLY A 769 -50.97 -28.38 40.18
CA GLY A 769 -50.20 -29.61 40.14
C GLY A 769 -51.01 -30.80 40.63
N GLN A 770 -51.86 -30.57 41.63
CA GLN A 770 -52.69 -31.64 42.15
C GLN A 770 -53.62 -32.20 41.09
N LEU A 771 -53.99 -31.39 40.09
CA LEU A 771 -54.94 -31.81 39.09
C LEU A 771 -54.48 -33.09 38.40
N PHE A 772 -53.26 -33.08 37.87
CA PHE A 772 -52.71 -34.24 37.18
C PHE A 772 -51.71 -34.99 38.04
N GLY A 773 -51.78 -34.84 39.35
CA GLY A 773 -50.99 -35.67 40.24
C GLY A 773 -49.54 -35.30 40.36
N TRP A 774 -49.22 -34.02 40.35
CA TRP A 774 -47.87 -33.55 40.62
C TRP A 774 -47.88 -32.76 41.92
N ASN A 775 -47.16 -33.26 42.92
CA ASN A 775 -46.95 -32.50 44.14
C ASN A 775 -45.79 -31.54 43.92
N TYR A 776 -46.08 -30.24 43.96
CA TYR A 776 -45.12 -29.25 43.48
C TYR A 776 -44.09 -28.86 44.53
N ASP A 777 -44.36 -29.05 45.81
CA ASP A 777 -43.35 -28.90 46.86
C ASP A 777 -42.66 -27.54 46.78
N ILE A 778 -43.45 -26.49 46.57
CA ILE A 778 -42.89 -25.16 46.36
C ILE A 778 -42.56 -24.52 47.71
N ASP A 779 -41.76 -23.46 47.65
CA ASP A 779 -41.44 -22.67 48.84
C ASP A 779 -41.03 -21.28 48.40
N TRP A 780 -41.17 -20.33 49.32
CA TRP A 780 -40.84 -18.93 49.07
C TRP A 780 -40.10 -18.39 50.28
N SER A 781 -38.78 -18.24 50.17
CA SER A 781 -38.00 -17.71 51.28
C SER A 781 -36.97 -16.69 50.81
N ASP A 782 -37.12 -16.14 49.62
CA ASP A 782 -36.21 -15.11 49.10
C ASP A 782 -34.77 -15.61 49.07
N THR A 783 -34.59 -16.87 48.70
CA THR A 783 -33.28 -17.47 48.52
C THR A 783 -33.29 -18.28 47.23
N ALA A 784 -32.13 -18.78 46.83
CA ALA A 784 -31.98 -19.47 45.56
C ALA A 784 -31.42 -20.86 45.80
N GLU A 785 -32.26 -21.87 45.59
CA GLU A 785 -31.84 -23.26 45.57
C GLU A 785 -32.02 -23.80 44.17
N TYR A 786 -30.92 -24.12 43.51
CA TYR A 786 -30.96 -24.69 42.17
C TYR A 786 -29.75 -25.56 42.00
N LEU A 787 -29.93 -26.82 41.61
CA LEU A 787 -28.86 -27.79 41.46
C LEU A 787 -27.94 -27.83 42.69
N LYS A 788 -28.51 -27.77 43.91
CA LYS A 788 -27.76 -27.81 45.16
C LYS A 788 -26.77 -26.66 45.25
N LEU A 789 -27.15 -25.47 44.85
CA LEU A 789 -26.36 -24.26 45.09
C LEU A 789 -27.25 -23.27 45.80
N TYR A 790 -26.65 -22.52 46.72
CA TYR A 790 -27.36 -21.62 47.63
C TYR A 790 -26.80 -20.22 47.51
N ALA A 791 -27.68 -19.26 47.26
CA ALA A 791 -27.29 -17.86 47.15
C ALA A 791 -28.21 -17.02 48.03
N LEU A 792 -27.64 -16.03 48.69
CA LEU A 792 -28.38 -15.12 49.54
C LEU A 792 -27.96 -13.70 49.23
N MET A 793 -28.88 -12.91 48.70
CA MET A 793 -28.61 -11.52 48.35
C MET A 793 -27.39 -11.40 47.46
N GLY A 794 -27.32 -12.27 46.46
CA GLY A 794 -26.22 -12.21 45.52
C GLY A 794 -24.90 -12.73 46.04
N CYS A 795 -24.88 -13.41 47.18
CA CYS A 795 -23.67 -14.02 47.71
C CYS A 795 -23.86 -15.52 47.76
N ARG A 796 -22.90 -16.26 47.23
CA ARG A 796 -23.00 -17.70 47.20
C ARG A 796 -22.63 -18.28 48.55
N ILE A 797 -23.38 -19.28 48.99
CA ILE A 797 -23.18 -19.92 50.28
C ILE A 797 -22.80 -21.38 50.02
N PRO A 798 -21.55 -21.77 50.26
CA PRO A 798 -21.18 -23.19 50.09
C PRO A 798 -21.75 -24.03 51.22
N ASN A 799 -22.59 -24.99 50.86
CA ASN A 799 -23.19 -25.91 51.84
C ASN A 799 -22.17 -27.01 52.11
N THR A 800 -21.27 -26.74 53.04
CA THR A 800 -20.15 -27.64 53.27
C THR A 800 -20.61 -29.01 53.77
N SER A 801 -21.73 -29.08 54.46
CA SER A 801 -22.17 -30.34 55.03
C SER A 801 -22.38 -31.41 53.96
N ARG A 802 -22.67 -30.99 52.73
CA ARG A 802 -22.84 -31.93 51.65
C ARG A 802 -21.53 -32.54 51.18
N HIS A 803 -20.40 -32.09 51.72
CA HIS A 803 -19.09 -32.67 51.42
C HIS A 803 -18.38 -32.99 52.73
N PRO A 804 -18.86 -34.00 53.45
CA PRO A 804 -18.28 -34.31 54.76
C PRO A 804 -16.82 -34.70 54.62
N PRO A 805 -15.96 -34.21 55.51
CA PRO A 805 -14.54 -34.57 55.42
C PRO A 805 -14.27 -36.06 55.51
N VAL A 806 -15.08 -36.80 56.26
CA VAL A 806 -14.76 -38.20 56.51
C VAL A 806 -15.63 -39.12 55.67
N GLY A 807 -16.82 -38.65 55.30
CA GLY A 807 -17.78 -39.54 54.68
C GLY A 807 -17.45 -39.83 53.23
N LYS A 808 -17.79 -41.04 52.80
CA LYS A 808 -17.69 -41.42 51.40
C LYS A 808 -18.64 -42.57 51.13
N GLU A 809 -19.32 -42.51 49.99
CA GLU A 809 -20.27 -43.54 49.65
C GLU A 809 -19.56 -44.83 49.22
N TYR A 810 -20.12 -45.96 49.64
CA TYR A 810 -19.71 -47.27 49.14
C TYR A 810 -20.95 -48.11 48.97
N ALA A 811 -21.24 -48.51 47.74
CA ALA A 811 -22.51 -49.14 47.41
C ALA A 811 -22.47 -50.67 47.48
N ALA A 812 -21.35 -51.25 47.89
CA ALA A 812 -21.19 -52.70 47.90
C ALA A 812 -20.65 -53.11 49.26
N PRO A 813 -20.85 -54.38 49.65
CA PRO A 813 -20.32 -54.84 50.94
C PRO A 813 -18.81 -54.76 51.04
N GLN A 814 -18.10 -54.68 49.92
CA GLN A 814 -16.64 -54.63 49.91
C GLN A 814 -16.19 -53.33 49.25
N THR A 815 -15.10 -52.78 49.77
CA THR A 815 -14.56 -51.57 49.17
C THR A 815 -14.04 -51.83 47.76
N ASP A 816 -13.44 -53.00 47.55
CA ASP A 816 -12.98 -53.46 46.23
C ASP A 816 -12.12 -52.39 45.56
N GLU A 817 -10.98 -52.08 46.19
CA GLU A 817 -10.04 -51.15 45.60
C GLU A 817 -8.66 -51.42 46.16
N ILE A 818 -7.66 -50.87 45.47
CA ILE A 818 -6.26 -51.12 45.79
C ILE A 818 -5.65 -49.84 46.34
N TRP A 819 -4.56 -50.00 47.10
CA TRP A 819 -4.00 -48.92 47.90
C TRP A 819 -3.71 -47.65 47.11
N PRO A 820 -3.06 -47.67 45.95
CA PRO A 820 -2.70 -46.41 45.30
C PRO A 820 -3.88 -45.51 45.01
N SER A 821 -5.09 -46.08 44.89
CA SER A 821 -6.27 -45.27 44.63
C SER A 821 -6.50 -44.24 45.71
N LEU A 822 -6.03 -44.51 46.94
CA LEU A 822 -6.23 -43.57 48.03
C LEU A 822 -5.65 -42.21 47.72
N ILE A 823 -4.57 -42.16 46.94
CA ILE A 823 -3.96 -40.89 46.59
C ILE A 823 -4.96 -40.01 45.85
N ASP A 824 -5.59 -40.56 44.82
CA ASP A 824 -6.58 -39.80 44.07
C ASP A 824 -7.71 -39.34 44.97
N ILE A 825 -8.08 -40.18 45.95
CA ILE A 825 -9.08 -39.77 46.92
C ILE A 825 -8.62 -38.54 47.67
N VAL A 826 -7.35 -38.52 48.07
CA VAL A 826 -6.82 -37.37 48.79
C VAL A 826 -6.89 -36.12 47.91
N ILE A 827 -6.47 -36.25 46.66
CA ILE A 827 -6.46 -35.10 45.75
C ILE A 827 -7.86 -34.55 45.59
N GLY A 828 -8.82 -35.43 45.29
CA GLY A 828 -10.19 -34.98 45.18
C GLY A 828 -10.71 -34.40 46.48
N HIS A 829 -10.31 -34.99 47.61
CA HIS A 829 -10.73 -34.47 48.90
C HIS A 829 -10.23 -33.04 49.11
N HIS A 830 -8.98 -32.80 48.78
CA HIS A 830 -8.40 -31.47 49.01
C HIS A 830 -9.10 -30.41 48.18
N LEU A 831 -9.43 -30.73 46.94
CA LEU A 831 -10.01 -29.75 46.03
C LEU A 831 -11.33 -29.23 46.56
N ASN A 832 -12.16 -30.11 47.12
CA ASN A 832 -13.43 -29.67 47.69
C ASN A 832 -13.20 -28.60 48.74
N GLY A 833 -12.20 -28.78 49.58
CA GLY A 833 -11.87 -27.77 50.56
C GLY A 833 -11.38 -26.47 49.96
N VAL A 834 -11.05 -26.47 48.67
CA VAL A 834 -10.76 -25.23 47.97
C VAL A 834 -12.00 -24.67 47.29
N THR A 835 -12.75 -25.54 46.61
CA THR A 835 -14.01 -25.14 46.00
C THR A 835 -14.91 -24.49 47.04
N ASP A 836 -15.30 -25.26 48.04
CA ASP A 836 -15.82 -24.65 49.26
C ASP A 836 -14.69 -23.84 49.90
N VAL A 837 -15.00 -22.61 50.29
CA VAL A 837 -13.99 -21.71 50.83
C VAL A 837 -13.85 -22.01 52.32
N LEU A 838 -12.81 -22.73 52.67
CA LEU A 838 -12.46 -22.97 54.06
C LEU A 838 -11.26 -22.11 54.44
N ASN A 839 -10.87 -22.19 55.71
CA ASN A 839 -9.67 -21.49 56.12
C ASN A 839 -8.48 -22.08 55.37
N TRP A 840 -7.97 -21.35 54.39
CA TRP A 840 -7.05 -21.95 53.44
C TRP A 840 -5.75 -22.38 54.09
N ARG A 841 -5.30 -21.67 55.12
CA ARG A 841 -4.05 -22.07 55.77
C ARG A 841 -4.23 -23.36 56.54
N GLU A 842 -5.27 -23.45 57.37
CA GLU A 842 -5.45 -24.66 58.16
C GLU A 842 -5.84 -25.85 57.31
N TRP A 843 -6.67 -25.62 56.28
CA TRP A 843 -7.04 -26.70 55.40
C TRP A 843 -5.82 -27.32 54.74
N LEU A 844 -4.86 -26.48 54.34
CA LEU A 844 -3.65 -27.00 53.73
C LEU A 844 -2.89 -27.89 54.69
N ARG A 845 -2.79 -27.47 55.96
CA ARG A 845 -2.08 -28.28 56.94
C ARG A 845 -2.72 -29.65 57.09
N PHE A 846 -4.04 -29.68 57.24
CA PHE A 846 -4.72 -30.96 57.36
C PHE A 846 -4.51 -31.81 56.13
N SER A 847 -4.52 -31.17 54.95
CA SER A 847 -4.39 -31.93 53.71
C SER A 847 -3.07 -32.68 53.65
N TRP A 848 -1.98 -32.02 54.03
CA TRP A 848 -0.68 -32.68 53.98
C TRP A 848 -0.63 -33.88 54.91
N ALA A 849 -1.20 -33.75 56.10
CA ALA A 849 -1.24 -34.89 57.02
C ALA A 849 -1.95 -36.06 56.38
N PHE A 850 -3.11 -35.80 55.77
CA PHE A 850 -3.81 -36.83 55.03
C PHE A 850 -2.91 -37.43 53.95
N ALA A 851 -2.18 -36.59 53.23
CA ALA A 851 -1.30 -37.09 52.19
C ALA A 851 -0.22 -37.99 52.77
N CYS A 852 0.36 -37.59 53.90
CA CYS A 852 1.45 -38.36 54.47
C CYS A 852 1.02 -39.79 54.79
N TYR A 853 -0.14 -39.94 55.41
CA TYR A 853 -0.65 -41.27 55.69
C TYR A 853 -0.89 -42.05 54.40
N SER A 854 -1.45 -41.38 53.39
CA SER A 854 -1.74 -42.07 52.15
C SER A 854 -0.50 -42.42 51.36
N SER A 855 0.64 -41.79 51.66
CA SER A 855 1.82 -41.92 50.83
C SER A 855 2.39 -43.32 50.81
N ARG A 856 1.97 -44.19 51.72
CA ARG A 856 2.61 -45.47 51.93
C ARG A 856 1.56 -46.58 51.86
N GLY A 857 1.98 -47.73 51.34
CA GLY A 857 1.07 -48.85 51.25
C GLY A 857 1.78 -50.12 50.86
N GLY A 858 1.03 -51.21 50.88
CA GLY A 858 1.59 -52.51 50.57
C GLY A 858 0.52 -53.47 50.09
N TYR A 859 0.96 -54.68 49.76
CA TYR A 859 0.05 -55.71 49.26
C TYR A 859 0.68 -57.07 49.50
N THR A 860 -0.16 -58.08 49.58
CA THR A 860 0.28 -59.46 49.78
C THR A 860 -0.36 -60.36 48.74
N ASN A 861 0.44 -61.29 48.21
CA ASN A 861 -0.06 -62.28 47.28
C ASN A 861 -1.12 -63.13 47.96
N PRO A 862 -2.10 -63.65 47.21
CA PRO A 862 -3.12 -64.51 47.82
C PRO A 862 -2.54 -65.64 48.64
N LYS A 863 -1.38 -66.14 48.27
CA LYS A 863 -0.67 -67.13 49.06
C LYS A 863 0.77 -66.74 49.34
N GLY A 864 1.41 -66.06 48.40
CA GLY A 864 2.84 -65.88 48.47
C GLY A 864 3.31 -64.60 49.13
N GLN A 865 4.09 -63.82 48.39
CA GLN A 865 4.89 -62.76 48.96
C GLN A 865 4.05 -61.53 49.29
N SER A 866 4.68 -60.63 50.03
CA SER A 866 4.18 -59.28 50.28
C SER A 866 4.95 -58.28 49.42
N PHE A 867 4.37 -57.10 49.26
CA PHE A 867 4.99 -56.04 48.51
C PHE A 867 4.70 -54.72 49.18
N SER A 868 5.58 -53.73 48.97
CA SER A 868 5.44 -52.46 49.64
C SER A 868 6.11 -51.37 48.83
N ALA A 869 5.70 -50.13 49.09
CA ALA A 869 6.25 -48.95 48.42
C ALA A 869 5.67 -47.72 49.08
N GLN A 870 6.30 -46.58 48.79
CA GLN A 870 5.76 -45.29 49.21
C GLN A 870 6.41 -44.18 48.39
N TYR A 871 5.70 -43.10 48.26
CA TYR A 871 6.11 -42.02 47.37
C TYR A 871 6.91 -40.97 48.12
N PRO A 872 7.84 -40.31 47.45
CA PRO A 872 8.40 -39.07 47.99
C PRO A 872 7.35 -37.98 47.94
N TRP A 873 7.41 -37.09 48.93
CA TRP A 873 6.34 -36.11 49.12
C TRP A 873 6.19 -35.17 47.93
N TRP A 874 7.23 -35.02 47.12
CA TRP A 874 7.15 -34.10 45.99
C TRP A 874 6.09 -34.52 44.98
N THR A 875 5.68 -35.79 45.00
CA THR A 875 4.60 -36.23 44.12
C THR A 875 3.38 -35.37 44.30
N PHE A 876 2.97 -35.17 45.55
CA PHE A 876 1.73 -34.44 45.81
C PHE A 876 1.83 -33.00 45.35
N VAL A 877 3.02 -32.42 45.34
CA VAL A 877 3.20 -31.11 44.76
C VAL A 877 2.83 -31.14 43.29
N TYR A 878 3.37 -32.13 42.57
CA TYR A 878 3.02 -32.28 41.16
C TYR A 878 1.54 -32.55 40.98
N LEU A 879 0.94 -33.28 41.91
CA LEU A 879 -0.48 -33.58 41.82
C LEU A 879 -1.36 -32.38 42.13
N GLY A 880 -0.79 -31.32 42.71
CA GLY A 880 -1.54 -30.08 42.84
C GLY A 880 -1.73 -29.58 44.26
N ILE A 881 -0.87 -29.98 45.17
CA ILE A 881 -0.97 -29.52 46.56
C ILE A 881 0.20 -28.58 46.82
N PRO A 882 -0.05 -27.34 47.21
CA PRO A 882 1.04 -26.40 47.43
C PRO A 882 1.94 -26.87 48.55
N PRO A 883 3.25 -26.63 48.44
CA PRO A 883 4.14 -26.88 49.57
C PRO A 883 3.95 -25.84 50.65
N ILE A 884 4.18 -26.24 51.89
CA ILE A 884 4.03 -25.30 53.00
C ILE A 884 5.26 -24.44 53.15
N LEU A 885 6.45 -25.03 53.04
CA LEU A 885 7.68 -24.29 53.28
C LEU A 885 8.82 -24.95 52.53
N LEU A 886 9.46 -24.21 51.67
CA LEU A 886 10.65 -24.69 51.00
C LEU A 886 11.90 -24.23 51.74
N PRO A 887 13.00 -24.97 51.64
CA PRO A 887 14.24 -24.53 52.27
C PRO A 887 14.69 -23.20 51.71
N GLY A 888 14.95 -22.24 52.60
CA GLY A 888 15.35 -20.92 52.23
C GLY A 888 14.22 -19.93 52.07
N GLN A 889 12.98 -20.39 52.06
CA GLN A 889 11.83 -19.52 51.89
C GLN A 889 11.12 -19.33 53.24
N THR A 890 9.95 -18.70 53.18
CA THR A 890 9.09 -18.43 54.33
C THR A 890 7.78 -19.20 54.17
N PRO A 891 7.26 -19.81 55.23
CA PRO A 891 6.09 -20.67 55.08
C PRO A 891 4.85 -19.91 54.63
N PHE A 892 3.96 -20.63 53.96
CA PHE A 892 2.63 -20.14 53.58
C PHE A 892 2.71 -18.99 52.59
N ILE A 893 3.53 -19.12 51.54
CA ILE A 893 3.58 -18.12 50.50
C ILE A 893 2.98 -18.60 49.20
N HIS A 894 2.49 -19.83 49.14
CA HIS A 894 1.93 -20.39 47.93
C HIS A 894 0.43 -20.54 48.07
N SER A 895 -0.31 -19.99 47.12
CA SER A 895 -1.76 -20.02 47.19
C SER A 895 -2.31 -21.37 46.73
N CYS A 896 -3.50 -21.70 47.20
CA CYS A 896 -4.14 -22.94 46.79
C CYS A 896 -4.47 -22.96 45.32
N TYR A 897 -4.59 -21.79 44.70
CA TYR A 897 -4.91 -21.75 43.28
C TYR A 897 -3.75 -22.10 42.41
N MET A 898 -2.67 -22.61 42.99
CA MET A 898 -1.52 -23.03 42.21
C MET A 898 -1.92 -24.16 41.28
N PRO A 899 -1.61 -24.07 39.98
CA PRO A 899 -2.09 -25.07 39.04
C PRO A 899 -1.38 -26.40 39.23
N PRO A 900 -2.02 -27.50 38.91
CA PRO A 900 -1.33 -28.79 38.99
C PRO A 900 -0.37 -28.98 37.83
N GLY A 901 0.32 -30.12 37.82
CA GLY A 901 1.13 -30.47 36.67
C GLY A 901 2.34 -29.56 36.48
N ASP A 902 2.82 -29.54 35.23
CA ASP A 902 4.04 -28.82 34.90
C ASP A 902 3.93 -27.35 35.27
N GLN A 903 2.75 -26.76 35.11
CA GLN A 903 2.58 -25.35 35.40
C GLN A 903 2.93 -25.05 36.84
N GLY A 904 2.42 -25.86 37.77
CA GLY A 904 2.75 -25.65 39.17
C GLY A 904 4.24 -25.77 39.42
N MET A 905 4.87 -26.77 38.81
CA MET A 905 6.31 -26.94 38.95
C MET A 905 7.03 -25.70 38.45
N PHE A 906 6.69 -25.24 37.25
CA PHE A 906 7.39 -24.11 36.66
C PHE A 906 7.26 -22.88 37.54
N SER A 907 6.05 -22.58 37.99
CA SER A 907 5.85 -21.40 38.81
C SER A 907 6.66 -21.48 40.09
N ILE A 908 6.66 -22.65 40.74
CA ILE A 908 7.44 -22.82 41.96
C ILE A 908 8.91 -22.58 41.70
N LEU A 909 9.44 -23.22 40.66
CA LEU A 909 10.85 -23.06 40.35
C LEU A 909 11.17 -21.61 40.00
N ASN A 910 10.28 -20.96 39.27
CA ASN A 910 10.53 -19.59 38.84
C ASN A 910 10.71 -18.68 40.05
N GLY A 911 9.85 -18.80 41.06
CA GLY A 911 10.04 -18.05 42.27
C GLY A 911 11.27 -18.48 43.04
N TRP A 912 11.56 -19.78 43.01
CA TRP A 912 12.65 -20.36 43.78
C TRP A 912 13.99 -20.26 43.07
N ARG A 913 14.03 -19.64 41.89
CA ARG A 913 15.19 -19.74 41.01
C ARG A 913 16.46 -19.22 41.68
N ASP A 914 16.46 -17.94 42.05
CA ASP A 914 17.71 -17.29 42.45
C ASP A 914 18.33 -17.95 43.66
N TRP A 915 17.51 -18.28 44.67
CA TRP A 915 18.07 -18.91 45.86
C TRP A 915 18.74 -20.22 45.52
N LEU A 916 18.10 -21.03 44.66
CA LEU A 916 18.69 -22.30 44.28
C LEU A 916 20.03 -22.10 43.61
N ILE A 917 20.10 -21.18 42.65
CA ILE A 917 21.34 -21.00 41.90
C ILE A 917 22.47 -20.57 42.81
N SER A 918 22.23 -19.55 43.63
CA SER A 918 23.27 -19.06 44.52
C SER A 918 23.68 -20.13 45.53
N HIS A 919 22.69 -20.79 46.13
CA HIS A 919 23.00 -21.79 47.14
C HIS A 919 23.79 -22.95 46.55
N ALA A 920 23.41 -23.38 45.34
CA ALA A 920 24.14 -24.47 44.70
C ALA A 920 25.60 -24.11 44.47
N SER A 921 25.87 -22.85 44.12
CA SER A 921 27.24 -22.44 43.89
C SER A 921 28.08 -22.58 45.15
N THR A 922 27.54 -22.17 46.29
CA THR A 922 28.29 -22.28 47.54
C THR A 922 28.50 -23.74 47.94
N THR A 923 27.45 -24.54 47.83
CA THR A 923 27.47 -25.89 48.39
C THR A 923 28.22 -26.90 47.54
N LEU A 924 28.16 -26.78 46.22
CA LEU A 924 28.61 -27.82 45.33
C LEU A 924 29.62 -27.30 44.32
N PRO A 925 30.49 -28.17 43.81
CA PRO A 925 31.40 -27.76 42.75
C PRO A 925 30.63 -27.50 41.46
N PRO A 926 31.17 -26.66 40.58
CA PRO A 926 30.46 -26.37 39.33
C PRO A 926 30.41 -27.56 38.41
N LEU A 927 29.39 -27.60 37.57
CA LEU A 927 29.30 -28.64 36.56
C LEU A 927 30.28 -28.35 35.43
N ARG A 928 30.48 -29.35 34.56
CA ARG A 928 31.64 -29.37 33.69
C ARG A 928 31.49 -28.55 32.42
N HIS A 929 30.27 -28.22 32.00
CA HIS A 929 30.12 -27.38 30.82
C HIS A 929 28.79 -26.66 30.88
N ASN A 930 28.75 -25.47 30.26
CA ASN A 930 27.69 -24.51 30.50
C ASN A 930 26.31 -25.10 30.24
N HIS A 931 25.32 -24.56 30.96
CA HIS A 931 23.93 -24.98 30.92
C HIS A 931 23.06 -23.87 30.36
N PRO A 932 21.99 -24.21 29.63
CA PRO A 932 21.13 -23.17 29.06
C PRO A 932 20.50 -22.28 30.12
N VAL A 933 19.77 -22.85 31.07
CA VAL A 933 19.10 -22.03 32.07
C VAL A 933 19.99 -21.80 33.29
N TRP A 934 20.65 -22.84 33.77
CA TRP A 934 21.51 -22.65 34.92
C TRP A 934 22.87 -22.12 34.48
N GLY A 935 23.55 -21.47 35.42
CA GLY A 935 24.95 -21.19 35.24
C GLY A 935 25.74 -22.46 35.43
N LEU A 936 26.97 -22.35 35.89
CA LEU A 936 27.74 -23.55 36.20
C LEU A 936 27.44 -24.08 37.59
N SER A 937 26.51 -23.46 38.31
CA SER A 937 26.29 -23.75 39.73
C SER A 937 25.67 -25.12 40.00
N ASP A 938 25.11 -25.78 38.99
CA ASP A 938 24.63 -27.16 39.11
C ASP A 938 23.58 -27.29 40.22
N VAL A 939 22.44 -26.67 39.97
CA VAL A 939 21.27 -26.91 40.81
C VAL A 939 20.68 -28.31 40.62
N PRO A 940 20.75 -28.96 39.44
CA PRO A 940 20.07 -30.26 39.31
C PRO A 940 20.49 -31.26 40.36
N SER A 941 21.78 -31.30 40.70
CA SER A 941 22.22 -32.19 41.76
C SER A 941 21.52 -31.84 43.07
N LEU A 942 21.36 -30.55 43.35
CA LEU A 942 20.66 -30.13 44.55
C LEU A 942 19.21 -30.60 44.54
N LEU A 943 18.54 -30.49 43.39
CA LEU A 943 17.17 -30.96 43.28
C LEU A 943 17.10 -32.46 43.54
N SER A 944 18.02 -33.22 42.97
CA SER A 944 18.07 -34.65 43.25
C SER A 944 18.30 -34.90 44.73
N GLN A 945 19.16 -34.10 45.36
CA GLN A 945 19.33 -34.20 46.80
C GLN A 945 18.02 -33.95 47.53
N PHE A 946 17.16 -33.10 47.00
CA PHE A 946 15.83 -32.91 47.54
C PHE A 946 14.84 -33.95 47.05
N GLY A 947 15.27 -34.87 46.20
CA GLY A 947 14.36 -35.88 45.69
C GLY A 947 13.26 -35.35 44.82
N VAL A 948 13.46 -34.16 44.23
CA VAL A 948 12.42 -33.57 43.40
C VAL A 948 12.14 -34.44 42.19
N TYR A 949 13.19 -34.92 41.53
CA TYR A 949 12.99 -35.73 40.34
C TYR A 949 12.22 -37.00 40.67
N ALA A 950 12.54 -37.62 41.80
CA ALA A 950 11.83 -38.83 42.20
C ALA A 950 10.33 -38.58 42.27
N GLY A 951 9.93 -37.54 43.01
CA GLY A 951 8.52 -37.21 43.08
C GLY A 951 7.94 -36.85 41.74
N TYR A 952 8.69 -36.08 40.94
CA TYR A 952 8.20 -35.62 39.66
C TYR A 952 7.87 -36.79 38.74
N HIS A 953 8.73 -37.80 38.72
CA HIS A 953 8.48 -38.94 37.85
C HIS A 953 7.55 -39.95 38.49
N ALA A 954 7.55 -40.05 39.82
CA ALA A 954 6.67 -41.01 40.47
C ALA A 954 5.21 -40.67 40.21
N ALA A 955 4.86 -39.39 40.27
CA ALA A 955 3.49 -39.00 40.02
C ALA A 955 3.04 -39.36 38.61
N GLN A 956 3.99 -39.51 37.68
CA GLN A 956 3.62 -39.87 36.31
C GLN A 956 3.21 -41.33 36.20
N HIS A 957 3.58 -42.16 37.16
CA HIS A 957 3.34 -43.60 37.04
C HIS A 957 1.87 -43.92 37.25
N TYR A 958 1.38 -44.90 36.51
CA TYR A 958 -0.02 -45.30 36.62
C TYR A 958 -0.29 -45.95 37.96
N ARG A 959 -1.57 -45.97 38.34
CA ARG A 959 -1.96 -46.46 39.66
C ARG A 959 -3.03 -47.54 39.64
N ARG A 960 -3.44 -48.03 38.47
CA ARG A 960 -4.34 -49.17 38.46
C ARG A 960 -3.72 -50.30 37.63
N PRO A 961 -3.77 -51.54 38.11
CA PRO A 961 -3.10 -52.63 37.42
C PRO A 961 -3.68 -52.88 36.03
N LYS A 962 -2.91 -53.56 35.20
CA LYS A 962 -3.30 -53.84 33.83
C LYS A 962 -3.61 -55.30 33.65
N PRO A 963 -4.73 -55.66 33.02
CA PRO A 963 -5.00 -57.06 32.71
C PRO A 963 -4.19 -57.54 31.52
N ALA A 964 -3.97 -58.90 31.48
CA ALA A 964 -3.09 -59.53 30.49
C ALA A 964 -3.90 -60.14 29.34
N PRO A 965 -3.31 -60.21 28.14
CA PRO A 965 -4.03 -60.78 26.99
C PRO A 965 -3.79 -62.27 26.80
N GLU A 966 -4.41 -62.86 25.78
CA GLU A 966 -4.19 -64.25 25.41
C GLU A 966 -4.61 -64.44 23.96
N THR A 967 -4.03 -65.48 23.31
CA THR A 967 -4.13 -65.61 21.86
C THR A 967 -5.45 -66.23 21.41
N ALA A 968 -5.87 -67.33 22.03
CA ALA A 968 -7.22 -67.84 21.76
C ALA A 968 -8.26 -66.82 22.21
N SER A 969 -8.01 -66.17 23.34
CA SER A 969 -8.79 -65.00 23.72
C SER A 969 -8.65 -63.89 22.70
N SER A 970 -7.50 -63.82 22.01
CA SER A 970 -7.36 -62.82 20.95
C SER A 970 -8.26 -63.14 19.77
N ASP A 971 -8.49 -64.42 19.49
CA ASP A 971 -9.55 -64.77 18.55
C ASP A 971 -10.87 -64.20 19.01
N SER A 972 -11.12 -64.21 20.32
CA SER A 972 -12.28 -63.50 20.85
C SER A 972 -12.07 -62.00 20.83
N ILE A 973 -10.84 -61.54 21.07
CA ILE A 973 -10.54 -60.12 20.91
C ILE A 973 -10.90 -59.68 19.50
N ASN A 974 -10.43 -60.43 18.51
CA ASN A 974 -10.82 -60.17 17.13
C ASN A 974 -12.33 -60.29 16.97
N GLN A 975 -12.91 -61.36 17.52
CA GLN A 975 -14.36 -61.51 17.47
C GLN A 975 -15.05 -60.33 18.14
N ILE A 976 -14.56 -59.94 19.32
CA ILE A 976 -15.07 -58.73 19.96
C ILE A 976 -14.83 -57.52 19.06
N THR A 977 -13.62 -57.37 18.56
CA THR A 977 -13.32 -56.26 17.68
C THR A 977 -14.24 -56.27 16.48
N SER A 978 -14.15 -57.32 15.67
CA SER A 978 -14.97 -57.43 14.48
C SER A 978 -16.40 -57.00 14.73
N ASP A 979 -17.00 -57.52 15.79
CA ASP A 979 -18.40 -57.21 16.04
C ASP A 979 -18.58 -55.77 16.46
N LEU A 980 -17.67 -55.26 17.30
CA LEU A 980 -17.76 -53.85 17.66
C LEU A 980 -17.62 -52.96 16.44
N THR A 981 -16.65 -53.26 15.59
CA THR A 981 -16.54 -52.54 14.33
C THR A 981 -17.79 -52.72 13.50
N GLU A 982 -18.31 -53.94 13.45
CA GLU A 982 -19.53 -54.21 12.71
C GLU A 982 -20.69 -53.39 13.26
N TYR A 983 -20.83 -53.35 14.58
CA TYR A 983 -21.85 -52.52 15.18
C TYR A 983 -21.60 -51.05 14.89
N LEU A 984 -20.34 -50.63 14.96
CA LEU A 984 -20.01 -49.24 14.65
C LEU A 984 -20.26 -48.94 13.18
N PHE A 985 -19.71 -49.76 12.29
CA PHE A 985 -19.81 -49.52 10.85
C PHE A 985 -20.97 -50.32 10.27
N TYR A 986 -22.18 -49.85 10.58
CA TYR A 986 -23.37 -50.49 10.04
C TYR A 986 -23.40 -50.37 8.51
N ASP A 987 -23.05 -49.20 7.98
CA ASP A 987 -23.00 -48.99 6.55
C ASP A 987 -21.59 -49.29 6.04
N SER A 988 -21.32 -48.90 4.80
CA SER A 988 -20.01 -49.06 4.20
C SER A 988 -19.29 -47.75 3.93
N ALA A 989 -20.01 -46.65 3.74
CA ALA A 989 -19.38 -45.39 3.38
C ALA A 989 -18.41 -44.94 4.46
N LEU A 990 -18.82 -45.05 5.72
CA LEU A 990 -17.94 -44.66 6.82
C LEU A 990 -16.67 -45.48 6.81
N LYS A 991 -16.79 -46.79 6.64
CA LYS A 991 -15.62 -47.64 6.60
C LYS A 991 -14.69 -47.24 5.46
N ALA A 992 -15.25 -46.94 4.30
CA ALA A 992 -14.42 -46.48 3.18
C ALA A 992 -13.75 -45.17 3.52
N ARG A 993 -14.48 -44.24 4.15
CA ARG A 993 -13.88 -42.96 4.52
C ARG A 993 -12.71 -43.13 5.46
N VAL A 994 -12.92 -43.89 6.54
CA VAL A 994 -11.86 -44.05 7.54
C VAL A 994 -10.65 -44.74 6.93
N MET A 995 -10.89 -45.80 6.16
CA MET A 995 -9.77 -46.53 5.57
C MET A 995 -8.96 -45.64 4.65
N LYS A 996 -9.64 -44.85 3.81
CA LYS A 996 -8.93 -43.92 2.94
C LYS A 996 -8.14 -42.92 3.75
N GLY A 997 -8.77 -42.36 4.80
CA GLY A 997 -8.07 -41.39 5.61
C GLY A 997 -6.85 -41.96 6.28
N ARG A 998 -6.97 -43.15 6.86
CA ARG A 998 -5.84 -43.78 7.52
C ARG A 998 -4.73 -44.06 6.51
N TYR A 999 -5.08 -44.62 5.36
CA TYR A 999 -4.07 -44.95 4.36
C TYR A 999 -3.33 -43.69 3.92
N ASN A 1000 -4.07 -42.63 3.61
CA ASN A 1000 -3.43 -41.39 3.19
C ASN A 1000 -2.58 -40.82 4.31
N TRP A 1001 -3.07 -40.89 5.55
CA TRP A 1001 -2.37 -40.25 6.66
C TRP A 1001 -0.99 -40.83 6.85
N GLU A 1002 -0.90 -42.14 7.09
CA GLU A 1002 0.40 -42.75 7.31
C GLU A 1002 1.30 -42.54 6.10
N ARG A 1003 0.74 -42.57 4.90
CA ARG A 1003 1.53 -42.31 3.71
C ARG A 1003 2.12 -40.91 3.76
N LEU A 1004 1.31 -39.92 4.11
CA LEU A 1004 1.79 -38.55 4.19
C LEU A 1004 2.77 -38.38 5.34
N SER A 1005 2.41 -38.87 6.52
CA SER A 1005 3.24 -38.62 7.71
C SER A 1005 4.64 -39.17 7.52
N SER A 1006 4.76 -40.33 6.88
CA SER A 1006 6.07 -40.92 6.64
C SER A 1006 6.79 -40.23 5.47
N SER A 1007 6.11 -40.09 4.33
CA SER A 1007 6.74 -39.53 3.15
C SER A 1007 7.14 -38.08 3.37
N LEU A 1008 6.19 -37.25 3.83
CA LEU A 1008 6.53 -35.89 4.19
C LEU A 1008 7.49 -35.86 5.37
N SER A 1009 7.59 -36.96 6.11
CA SER A 1009 8.55 -37.10 7.20
C SER A 1009 8.28 -36.10 8.31
N LEU A 1010 7.00 -35.79 8.54
CA LEU A 1010 6.61 -35.10 9.76
C LEU A 1010 7.08 -35.91 10.97
N ASN A 1011 6.55 -37.10 11.13
CA ASN A 1011 7.08 -38.10 12.05
C ASN A 1011 6.40 -39.43 11.72
N VAL A 1012 6.74 -40.47 12.48
CA VAL A 1012 6.08 -41.75 12.39
C VAL A 1012 5.68 -42.18 13.80
N GLY A 1013 4.61 -42.97 13.88
CA GLY A 1013 4.09 -43.38 15.16
C GLY A 1013 3.14 -42.41 15.82
N SER A 1014 2.70 -41.37 15.11
CA SER A 1014 1.76 -40.40 15.67
C SER A 1014 0.42 -41.07 15.89
N ARG A 1015 0.05 -41.25 17.15
CA ARG A 1015 -1.26 -41.81 17.47
C ARG A 1015 -2.34 -40.77 17.23
N VAL A 1016 -2.85 -40.71 16.01
CA VAL A 1016 -3.87 -39.75 15.64
C VAL A 1016 -5.24 -40.34 15.96
N PRO A 1017 -6.15 -39.58 16.56
CA PRO A 1017 -7.50 -40.10 16.79
C PRO A 1017 -8.16 -40.50 15.47
N SER A 1018 -8.67 -41.73 15.44
CA SER A 1018 -9.36 -42.24 14.26
C SER A 1018 -10.37 -43.27 14.70
N LEU A 1019 -11.38 -43.47 13.86
CA LEU A 1019 -12.49 -44.35 14.23
C LEU A 1019 -12.04 -45.78 14.38
N PHE A 1020 -11.04 -46.21 13.61
CA PHE A 1020 -10.59 -47.59 13.69
C PHE A 1020 -10.09 -47.96 15.08
N ASP A 1021 -9.69 -46.97 15.88
CA ASP A 1021 -9.23 -47.24 17.23
C ASP A 1021 -10.32 -47.13 18.28
N VAL A 1022 -11.49 -46.62 17.92
CA VAL A 1022 -12.59 -46.54 18.88
C VAL A 1022 -12.97 -47.91 19.43
N PRO A 1023 -13.15 -48.95 18.61
CA PRO A 1023 -13.40 -50.27 19.20
C PRO A 1023 -12.28 -50.72 20.11
N GLY A 1024 -11.03 -50.41 19.75
CA GLY A 1024 -9.93 -50.75 20.62
C GLY A 1024 -10.03 -50.09 21.97
N LYS A 1025 -10.41 -48.81 21.98
CA LYS A 1025 -10.64 -48.13 23.25
C LYS A 1025 -11.75 -48.79 24.04
N TRP A 1026 -12.84 -49.17 23.38
CA TRP A 1026 -13.92 -49.86 24.05
C TRP A 1026 -13.44 -51.16 24.66
N VAL A 1027 -12.68 -51.95 23.90
CA VAL A 1027 -12.21 -53.23 24.39
C VAL A 1027 -11.35 -53.03 25.63
N ALA A 1028 -10.44 -52.07 25.57
CA ALA A 1028 -9.58 -51.81 26.72
C ALA A 1028 -10.41 -51.42 27.94
N ALA A 1029 -11.41 -50.56 27.73
CA ALA A 1029 -12.28 -50.17 28.84
C ALA A 1029 -13.02 -51.39 29.39
N GLY A 1030 -13.52 -52.24 28.51
CA GLY A 1030 -14.25 -53.42 28.98
C GLY A 1030 -13.37 -54.35 29.79
N ARG A 1031 -12.17 -54.64 29.29
CA ARG A 1031 -11.26 -55.49 30.03
C ARG A 1031 -10.81 -54.83 31.33
N ASP A 1032 -10.68 -53.51 31.33
CA ASP A 1032 -10.23 -52.80 32.53
C ASP A 1032 -11.26 -52.89 33.65
N ALA A 1033 -12.55 -52.99 33.32
CA ALA A 1033 -13.58 -53.00 34.33
C ALA A 1033 -13.52 -54.25 35.21
N GLU A 1034 -12.69 -55.23 34.86
CA GLU A 1034 -12.59 -56.47 35.59
C GLU A 1034 -11.60 -56.35 36.75
N LYS A 1035 -11.85 -57.13 37.80
CA LYS A 1035 -10.92 -57.22 38.92
C LYS A 1035 -9.59 -57.81 38.45
N PRO A 1036 -8.47 -57.11 38.64
CA PRO A 1036 -7.19 -57.58 38.08
C PRO A 1036 -6.67 -58.80 38.81
N PRO A 1037 -5.86 -59.60 38.15
CA PRO A 1037 -5.20 -60.72 38.82
C PRO A 1037 -4.02 -60.23 39.65
N PRO A 1038 -3.57 -61.03 40.62
CA PRO A 1038 -2.49 -60.54 41.51
C PRO A 1038 -1.20 -60.23 40.77
N SER A 1039 -0.88 -60.97 39.71
CA SER A 1039 0.36 -60.74 38.99
C SER A 1039 0.48 -59.30 38.52
N SER A 1040 -0.62 -58.73 38.03
CA SER A 1040 -0.62 -57.34 37.61
C SER A 1040 -0.26 -56.43 38.78
N VAL A 1041 -0.78 -56.73 39.97
CA VAL A 1041 -0.46 -55.93 41.15
C VAL A 1041 1.03 -55.98 41.41
N GLU A 1042 1.61 -57.18 41.35
CA GLU A 1042 3.04 -57.32 41.61
C GLU A 1042 3.86 -56.55 40.58
N ASP A 1043 3.41 -56.58 39.32
CA ASP A 1043 4.09 -55.79 38.31
C ASP A 1043 4.05 -54.30 38.64
N MET A 1044 2.91 -53.83 39.12
CA MET A 1044 2.78 -52.42 39.47
C MET A 1044 3.79 -52.02 40.53
N PHE A 1045 3.84 -52.77 41.63
CA PHE A 1045 4.74 -52.41 42.72
C PHE A 1045 6.19 -52.42 42.26
N THR A 1046 6.58 -53.46 41.54
CA THR A 1046 7.95 -53.55 41.05
C THR A 1046 8.27 -52.40 40.11
N SER A 1047 7.38 -52.15 39.16
CA SER A 1047 7.61 -51.06 38.22
C SER A 1047 7.68 -49.73 38.93
N LEU A 1048 6.78 -49.50 39.88
CA LEU A 1048 6.78 -48.24 40.61
C LEU A 1048 8.09 -48.05 41.37
N ASN A 1049 8.54 -49.08 42.08
CA ASN A 1049 9.78 -48.96 42.82
C ASN A 1049 10.94 -48.66 41.90
N ARG A 1050 11.03 -49.37 40.79
CA ARG A 1050 12.11 -49.12 39.84
C ARG A 1050 12.06 -47.69 39.32
N CYS A 1051 10.86 -47.20 39.00
CA CYS A 1051 10.72 -45.81 38.59
C CYS A 1051 11.17 -44.85 39.69
N ILE A 1052 10.94 -45.23 40.95
CA ILE A 1052 11.40 -44.40 42.05
C ILE A 1052 12.92 -44.47 42.17
N ARG A 1053 13.49 -45.66 42.08
CA ARG A 1053 14.91 -45.82 42.33
C ARG A 1053 15.77 -45.34 41.17
N ARG A 1054 15.24 -45.30 39.96
CA ARG A 1054 16.06 -44.95 38.81
C ARG A 1054 16.54 -43.51 38.93
N PRO A 1055 17.83 -43.26 38.91
CA PRO A 1055 18.35 -41.89 39.05
C PRO A 1055 18.23 -41.13 37.75
N THR A 1056 17.30 -40.18 37.72
CA THR A 1056 17.08 -39.31 36.58
C THR A 1056 17.17 -37.86 37.03
N HIS A 1057 17.69 -37.01 36.16
CA HIS A 1057 17.92 -35.61 36.50
C HIS A 1057 17.39 -34.70 35.39
N SER A 1058 16.18 -34.96 34.96
CA SER A 1058 15.58 -34.13 33.91
C SER A 1058 14.06 -34.24 33.99
N PHE A 1059 13.39 -33.13 33.76
CA PHE A 1059 11.95 -33.13 33.65
C PHE A 1059 11.55 -33.40 32.21
N SER A 1060 10.27 -33.26 31.89
CA SER A 1060 9.84 -33.38 30.52
C SER A 1060 10.42 -32.24 29.69
N ARG A 1061 10.52 -32.47 28.38
CA ARG A 1061 11.11 -31.48 27.49
C ARG A 1061 10.39 -30.15 27.61
N LEU A 1062 9.07 -30.18 27.73
CA LEU A 1062 8.31 -28.93 27.84
C LEU A 1062 8.73 -28.15 29.08
N LEU A 1063 8.76 -28.81 30.23
CA LEU A 1063 9.13 -28.12 31.46
C LEU A 1063 10.56 -27.59 31.37
N GLU A 1064 11.46 -28.37 30.77
CA GLU A 1064 12.82 -27.90 30.58
C GLU A 1064 12.84 -26.59 29.82
N LEU A 1065 12.09 -26.50 28.73
CA LEU A 1065 12.03 -25.28 27.96
C LEU A 1065 11.34 -24.18 28.74
N TYR A 1066 10.28 -24.52 29.48
CA TYR A 1066 9.53 -23.50 30.21
C TYR A 1066 10.41 -22.79 31.22
N LEU A 1067 11.39 -23.49 31.78
CA LEU A 1067 12.27 -22.85 32.76
C LEU A 1067 13.10 -21.75 32.15
N ARG A 1068 13.19 -21.68 30.82
CA ARG A 1068 14.00 -20.65 30.19
C ARG A 1068 13.38 -19.27 30.31
N VAL A 1069 12.16 -19.15 30.78
CA VAL A 1069 11.45 -17.89 30.83
C VAL A 1069 11.55 -17.31 32.23
N HIS A 1070 11.73 -16.00 32.32
CA HIS A 1070 11.75 -15.28 33.58
C HIS A 1070 10.53 -14.39 33.66
N VAL A 1071 9.78 -14.51 34.75
CA VAL A 1071 8.53 -13.79 34.94
C VAL A 1071 8.61 -13.03 36.26
N THR A 1072 8.12 -11.79 36.25
CA THR A 1072 8.06 -10.97 37.44
C THR A 1072 6.66 -10.40 37.62
N LEU A 1073 6.35 -10.02 38.85
CA LEU A 1073 5.03 -9.52 39.21
C LEU A 1073 5.12 -8.04 39.57
N GLY A 1074 4.24 -7.24 38.99
CA GLY A 1074 4.23 -5.81 39.25
C GLY A 1074 3.29 -5.44 40.38
N GLU A 1075 2.53 -4.37 40.20
CA GLU A 1075 1.58 -3.94 41.22
C GLU A 1075 0.29 -4.74 41.10
N SER A 1076 -0.63 -4.48 42.03
CA SER A 1076 -1.92 -5.12 41.97
C SER A 1076 -2.77 -4.53 40.84
N ILE A 1077 -3.60 -5.38 40.25
CA ILE A 1077 -4.50 -4.95 39.18
C ILE A 1077 -5.61 -4.10 39.80
N PRO A 1078 -6.29 -3.26 39.01
CA PRO A 1078 -7.45 -2.55 39.54
C PRO A 1078 -8.53 -3.53 39.96
N LEU A 1079 -9.24 -3.17 41.02
CA LEU A 1079 -10.20 -4.09 41.62
C LEU A 1079 -11.38 -4.33 40.70
N ALA A 1080 -11.98 -5.51 40.83
CA ALA A 1080 -13.17 -5.83 40.06
C ALA A 1080 -14.42 -5.22 40.70
N ILE A 1081 -14.59 -5.42 42.00
CA ILE A 1081 -15.78 -4.99 42.72
C ILE A 1081 -15.34 -4.32 44.02
N ASP A 1082 -16.32 -3.82 44.75
CA ASP A 1082 -16.04 -3.25 46.06
C ASP A 1082 -15.69 -4.36 47.03
N PRO A 1083 -14.56 -4.28 47.73
CA PRO A 1083 -14.22 -5.31 48.72
C PRO A 1083 -15.25 -5.44 49.82
N ASP A 1084 -16.02 -4.39 50.11
CA ASP A 1084 -17.02 -4.50 51.16
C ASP A 1084 -18.06 -5.56 50.81
N VAL A 1085 -18.51 -5.59 49.57
CA VAL A 1085 -19.59 -6.49 49.17
C VAL A 1085 -19.11 -7.93 49.27
N PRO A 1086 -19.78 -8.78 50.04
CA PRO A 1086 -19.43 -10.20 50.03
C PRO A 1086 -19.99 -10.88 48.80
N GLN A 1087 -19.19 -11.79 48.24
CA GLN A 1087 -19.61 -12.57 47.08
C GLN A 1087 -19.66 -14.06 47.37
N VAL A 1088 -18.70 -14.57 48.14
CA VAL A 1088 -18.73 -15.96 48.61
C VAL A 1088 -18.53 -15.95 50.11
N ALA A 1089 -19.43 -16.62 50.82
CA ALA A 1089 -19.29 -16.70 52.27
C ALA A 1089 -17.98 -17.35 52.64
N GLY A 1090 -17.29 -16.74 53.61
CA GLY A 1090 -16.01 -17.23 54.04
C GLY A 1090 -14.83 -16.66 53.29
N ALA A 1091 -15.05 -16.03 52.13
CA ALA A 1091 -13.98 -15.37 51.40
C ALA A 1091 -13.90 -13.91 51.84
N ASP A 1092 -13.48 -13.74 53.09
CA ASP A 1092 -13.50 -12.46 53.79
C ASP A 1092 -12.09 -12.12 54.22
N PRO A 1093 -11.87 -10.90 54.71
CA PRO A 1093 -10.53 -10.53 55.19
C PRO A 1093 -9.93 -11.52 56.18
N ALA A 1094 -10.75 -12.28 56.90
CA ALA A 1094 -10.20 -13.33 57.75
C ALA A 1094 -9.54 -14.41 56.90
N ASN A 1095 -10.24 -14.90 55.89
CA ASN A 1095 -9.67 -15.88 54.95
C ASN A 1095 -9.08 -15.13 53.76
N ASP A 1096 -7.91 -14.54 54.02
CA ASP A 1096 -7.42 -13.44 53.19
C ASP A 1096 -7.24 -13.84 51.73
N ASP A 1097 -6.57 -14.97 51.48
CA ASP A 1097 -6.14 -15.27 50.11
C ASP A 1097 -7.33 -15.44 49.19
N HIS A 1098 -8.34 -16.22 49.61
CA HIS A 1098 -9.57 -16.30 48.84
C HIS A 1098 -10.17 -14.93 48.68
N TRP A 1099 -10.21 -14.17 49.76
CA TRP A 1099 -10.77 -12.82 49.72
C TRP A 1099 -10.02 -11.95 48.72
N PHE A 1100 -8.69 -12.08 48.68
CA PHE A 1100 -7.92 -11.37 47.67
C PHE A 1100 -8.28 -11.83 46.27
N LYS A 1101 -8.20 -13.14 46.04
CA LYS A 1101 -8.32 -13.67 44.68
C LYS A 1101 -9.68 -13.31 44.09
N TYR A 1102 -10.74 -13.51 44.86
CA TYR A 1102 -12.08 -13.19 44.36
C TYR A 1102 -12.23 -11.70 44.11
N THR A 1103 -11.76 -10.88 45.05
CA THR A 1103 -11.97 -9.44 44.93
C THR A 1103 -11.27 -8.88 43.70
N CYS A 1104 -10.04 -9.31 43.46
CA CYS A 1104 -9.29 -8.77 42.33
C CYS A 1104 -9.92 -9.16 41.00
N LEU A 1105 -10.25 -10.43 40.84
CA LEU A 1105 -10.71 -10.93 39.55
C LEU A 1105 -12.21 -10.83 39.35
N GLY A 1106 -12.99 -10.92 40.41
CA GLY A 1106 -14.43 -10.97 40.25
C GLY A 1106 -14.88 -12.36 39.87
N ASP A 1107 -16.01 -12.80 40.42
CA ASP A 1107 -16.43 -14.18 40.26
C ASP A 1107 -17.14 -14.40 38.93
N ILE A 1108 -18.07 -13.51 38.58
CA ILE A 1108 -18.95 -13.67 37.43
C ILE A 1108 -18.13 -13.92 36.18
N PRO A 1109 -18.17 -15.12 35.60
CA PRO A 1109 -17.51 -15.33 34.31
C PRO A 1109 -18.16 -14.45 33.26
N SER A 1110 -17.35 -13.54 32.71
CA SER A 1110 -17.84 -12.48 31.85
C SER A 1110 -16.98 -12.38 30.59
N ALA A 1111 -16.75 -13.51 29.93
CA ALA A 1111 -15.93 -13.56 28.72
C ALA A 1111 -16.73 -12.95 27.57
N THR A 1112 -16.71 -11.61 27.52
CA THR A 1112 -17.43 -10.89 26.48
C THR A 1112 -16.77 -11.01 25.11
N ARG A 1113 -15.46 -11.29 25.06
CA ARG A 1113 -14.74 -11.43 23.81
C ARG A 1113 -13.96 -12.72 23.69
N ASN A 1114 -13.84 -13.50 24.76
CA ASN A 1114 -13.01 -14.70 24.77
C ASN A 1114 -13.80 -15.97 24.47
N TYR A 1115 -14.95 -16.14 25.11
CA TYR A 1115 -15.83 -17.31 24.97
C TYR A 1115 -15.17 -18.59 25.47
N PHE A 1116 -14.03 -18.49 26.16
CA PHE A 1116 -13.28 -19.60 26.77
C PHE A 1116 -13.08 -20.79 25.82
N GLY A 1117 -13.01 -20.55 24.50
CA GLY A 1117 -12.66 -21.58 23.54
C GLY A 1117 -13.70 -22.65 23.28
N GLU A 1118 -14.95 -22.43 23.69
CA GLU A 1118 -15.99 -23.44 23.51
C GLU A 1118 -16.37 -23.63 22.03
N SER A 1119 -15.89 -22.77 21.13
CA SER A 1119 -16.17 -22.91 19.71
C SER A 1119 -15.20 -23.88 19.05
N LEU A 1120 -15.27 -25.13 19.46
CA LEU A 1120 -14.47 -26.17 18.81
C LEU A 1120 -14.95 -26.38 17.39
N PHE A 1121 -14.01 -26.62 16.48
CA PHE A 1121 -14.36 -26.74 15.07
C PHE A 1121 -15.30 -27.92 14.83
N VAL A 1122 -15.00 -29.06 15.45
CA VAL A 1122 -15.78 -30.28 15.22
C VAL A 1122 -16.89 -30.31 16.26
N GLY A 1123 -18.04 -29.75 15.89
CA GLY A 1123 -19.18 -29.79 16.79
C GLY A 1123 -19.73 -31.19 16.97
N ARG A 1124 -19.78 -31.98 15.89
CA ARG A 1124 -20.33 -33.33 15.92
C ARG A 1124 -19.19 -34.33 15.88
N VAL A 1125 -19.11 -35.17 16.91
CA VAL A 1125 -18.08 -36.20 17.02
C VAL A 1125 -18.71 -37.46 17.60
N VAL A 1126 -17.99 -38.56 17.43
CA VAL A 1126 -18.41 -39.84 17.99
C VAL A 1126 -17.81 -39.98 19.38
N SER A 1127 -18.44 -40.83 20.20
CA SER A 1127 -17.92 -41.09 21.53
C SER A 1127 -16.60 -41.84 21.44
N GLY A 1128 -15.87 -41.84 22.53
CA GLY A 1128 -14.56 -42.49 22.59
C GLY A 1128 -13.40 -41.59 22.24
N LEU A 1129 -13.45 -40.95 21.08
CA LEU A 1129 -12.42 -40.00 20.71
C LEU A 1129 -12.58 -38.73 21.54
N ASP A 1130 -11.47 -37.99 21.65
CA ASP A 1130 -11.43 -36.77 22.44
C ASP A 1130 -11.36 -35.56 21.51
N VAL A 1131 -12.29 -34.63 21.66
CA VAL A 1131 -12.25 -33.41 20.89
C VAL A 1131 -10.99 -32.62 21.22
N GLU A 1132 -10.61 -32.60 22.50
CA GLU A 1132 -9.44 -31.84 22.91
C GLU A 1132 -8.17 -32.40 22.30
N ALA A 1133 -8.16 -33.68 21.96
CA ALA A 1133 -7.04 -34.22 21.21
C ALA A 1133 -7.10 -33.79 19.74
N VAL A 1134 -8.31 -33.76 19.18
CA VAL A 1134 -8.45 -33.50 17.76
C VAL A 1134 -8.01 -32.08 17.42
N ASP A 1135 -8.56 -31.09 18.13
CA ASP A 1135 -8.21 -29.71 17.81
C ASP A 1135 -6.75 -29.42 18.11
N ALA A 1136 -6.20 -30.06 19.14
CA ALA A 1136 -4.78 -29.88 19.43
C ALA A 1136 -3.93 -30.35 18.27
N THR A 1137 -4.26 -31.52 17.72
CA THR A 1137 -3.53 -32.01 16.55
C THR A 1137 -3.69 -31.08 15.37
N LEU A 1138 -4.92 -30.61 15.13
CA LEU A 1138 -5.16 -29.76 13.98
C LEU A 1138 -4.38 -28.45 14.08
N LEU A 1139 -4.44 -27.80 15.23
CA LEU A 1139 -3.67 -26.58 15.41
C LEU A 1139 -2.18 -26.86 15.29
N ARG A 1140 -1.72 -27.96 15.87
CA ARG A 1140 -0.31 -28.32 15.77
C ARG A 1140 0.10 -28.48 14.32
N LEU A 1141 -0.73 -29.15 13.53
CA LEU A 1141 -0.45 -29.26 12.10
C LEU A 1141 -0.41 -27.89 11.45
N LYS A 1142 -1.37 -27.04 11.79
CA LYS A 1142 -1.43 -25.72 11.18
C LYS A 1142 -0.18 -24.91 11.49
N ILE A 1143 0.27 -24.97 12.74
CA ILE A 1143 1.50 -24.28 13.10
C ILE A 1143 2.69 -24.86 12.35
N LEU A 1144 2.72 -26.19 12.21
CA LEU A 1144 3.79 -26.82 11.45
C LEU A 1144 3.71 -26.53 9.97
N GLY A 1145 2.62 -25.92 9.50
CA GLY A 1145 2.50 -25.60 8.09
C GLY A 1145 2.36 -26.83 7.20
N ALA A 1146 1.59 -27.82 7.65
CA ALA A 1146 1.38 -29.00 6.84
C ALA A 1146 0.56 -28.66 5.60
N PRO A 1147 0.74 -29.40 4.51
CA PRO A 1147 -0.07 -29.16 3.32
C PRO A 1147 -1.52 -29.52 3.58
N PRO A 1148 -2.45 -28.94 2.80
CA PRO A 1148 -3.88 -29.15 3.11
C PRO A 1148 -4.30 -30.60 3.14
N GLU A 1149 -3.74 -31.44 2.25
CA GLU A 1149 -4.17 -32.83 2.20
C GLU A 1149 -3.91 -33.54 3.52
N ALA A 1150 -2.91 -33.09 4.28
CA ALA A 1150 -2.70 -33.64 5.61
C ALA A 1150 -3.92 -33.42 6.48
N PHE A 1151 -4.46 -32.20 6.47
CA PHE A 1151 -5.70 -31.94 7.19
C PHE A 1151 -6.83 -32.79 6.66
N ILE A 1152 -6.90 -32.95 5.34
CA ILE A 1152 -7.97 -33.73 4.72
C ILE A 1152 -7.92 -35.16 5.23
N ALA A 1153 -6.72 -35.75 5.26
CA ALA A 1153 -6.59 -37.12 5.72
C ALA A 1153 -7.01 -37.24 7.18
N VAL A 1154 -6.58 -36.30 8.02
CA VAL A 1154 -6.92 -36.35 9.44
C VAL A 1154 -8.41 -36.24 9.64
N LEU A 1155 -9.03 -35.27 8.96
CA LEU A 1155 -10.48 -35.10 9.09
C LEU A 1155 -11.22 -36.30 8.55
N ASN A 1156 -10.80 -36.80 7.40
CA ASN A 1156 -11.43 -38.00 6.84
C ASN A 1156 -11.22 -39.20 7.76
N GLY A 1157 -10.19 -39.18 8.59
CA GLY A 1157 -9.96 -40.28 9.51
C GLY A 1157 -10.99 -40.38 10.61
N ILE A 1158 -11.85 -39.38 10.77
CA ILE A 1158 -12.87 -39.43 11.80
C ILE A 1158 -14.24 -39.30 11.14
N GLY A 1159 -14.34 -39.73 9.88
CA GLY A 1159 -15.61 -39.87 9.22
C GLY A 1159 -16.09 -38.67 8.43
N MET A 1160 -15.41 -37.53 8.55
CA MET A 1160 -15.83 -36.35 7.80
C MET A 1160 -15.66 -36.60 6.31
N SER A 1161 -16.71 -36.30 5.54
CA SER A 1161 -16.63 -36.44 4.10
C SER A 1161 -15.68 -35.40 3.53
N ASP A 1162 -15.22 -35.66 2.30
CA ASP A 1162 -14.20 -34.82 1.69
C ASP A 1162 -14.65 -33.37 1.60
N SER A 1163 -15.90 -33.16 1.17
CA SER A 1163 -16.41 -31.80 0.99
C SER A 1163 -16.40 -31.05 2.31
N GLU A 1164 -17.02 -31.64 3.34
CA GLU A 1164 -17.01 -30.98 4.65
C GLU A 1164 -15.61 -30.94 5.23
N ALA A 1165 -14.77 -31.93 4.91
CA ALA A 1165 -13.39 -31.91 5.37
C ALA A 1165 -12.68 -30.66 4.86
N HIS A 1166 -12.82 -30.38 3.57
CA HIS A 1166 -12.26 -29.15 3.03
C HIS A 1166 -12.88 -27.94 3.71
N GLN A 1167 -14.20 -27.97 3.92
CA GLN A 1167 -14.86 -26.86 4.57
C GLN A 1167 -14.32 -26.65 5.98
N ILE A 1168 -14.16 -27.73 6.73
CA ILE A 1168 -13.62 -27.61 8.08
C ILE A 1168 -12.17 -27.15 8.04
N ALA A 1169 -11.37 -27.76 7.16
CA ALA A 1169 -9.95 -27.46 7.11
C ALA A 1169 -9.71 -25.98 6.81
N GLY A 1170 -10.55 -25.38 5.98
CA GLY A 1170 -10.38 -23.98 5.67
C GLY A 1170 -10.57 -23.09 6.89
N ARG A 1171 -11.50 -23.46 7.78
CA ARG A 1171 -11.77 -22.65 8.96
C ARG A 1171 -10.57 -22.53 9.87
N ILE A 1172 -9.64 -23.48 9.80
CA ILE A 1172 -8.53 -23.51 10.73
C ILE A 1172 -7.62 -22.30 10.47
N SER A 1173 -7.44 -21.47 11.50
CA SER A 1173 -6.60 -20.30 11.37
C SER A 1173 -6.13 -19.88 12.74
N LEU A 1174 -4.94 -19.28 12.80
CA LEU A 1174 -4.40 -18.81 14.06
C LEU A 1174 -5.10 -17.57 14.57
N ALA A 1175 -5.90 -16.89 13.73
CA ALA A 1175 -6.49 -15.63 14.14
C ALA A 1175 -7.72 -15.85 15.02
N ASN A 1176 -8.72 -16.55 14.50
CA ASN A 1176 -9.96 -16.73 15.24
C ASN A 1176 -9.79 -17.59 16.48
N ALA A 1177 -8.69 -18.33 16.58
CA ALA A 1177 -8.48 -19.16 17.76
C ALA A 1177 -8.33 -18.31 19.00
N GLN A 1178 -8.80 -18.83 20.13
CA GLN A 1178 -8.73 -18.14 21.40
C GLN A 1178 -7.43 -18.48 22.11
N LEU A 1179 -7.12 -17.69 23.13
CA LEU A 1179 -5.86 -17.86 23.87
C LEU A 1179 -5.75 -19.28 24.41
N VAL A 1180 -6.79 -19.73 25.12
CA VAL A 1180 -6.74 -21.08 25.68
C VAL A 1180 -6.81 -22.12 24.58
N GLN A 1181 -7.56 -21.83 23.50
CA GLN A 1181 -7.70 -22.79 22.42
C GLN A 1181 -6.35 -23.13 21.81
N ILE A 1182 -5.50 -22.12 21.62
CA ILE A 1182 -4.21 -22.35 21.02
C ILE A 1182 -3.20 -22.83 22.07
N ALA A 1183 -3.32 -22.32 23.29
CA ALA A 1183 -2.37 -22.71 24.33
C ALA A 1183 -2.49 -24.17 24.72
N ARG A 1184 -3.66 -24.78 24.51
CA ARG A 1184 -3.82 -26.18 24.85
C ARG A 1184 -3.00 -27.09 23.95
N VAL A 1185 -2.49 -26.58 22.83
CA VAL A 1185 -1.72 -27.41 21.92
C VAL A 1185 -0.48 -27.97 22.59
N VAL A 1186 -0.06 -27.37 23.71
CA VAL A 1186 1.09 -27.89 24.45
C VAL A 1186 0.64 -28.25 25.86
N HIS A 1187 -0.62 -28.62 25.99
CA HIS A 1187 -1.20 -29.12 27.23
C HIS A 1187 -1.21 -28.08 28.33
N LEU A 1188 -1.13 -26.79 27.98
CA LEU A 1188 -1.30 -25.72 28.95
C LEU A 1188 -2.79 -25.44 29.07
N SER A 1189 -3.39 -25.87 30.18
CA SER A 1189 -4.82 -25.75 30.38
C SER A 1189 -5.12 -24.90 31.61
N ILE A 1190 -6.39 -24.61 31.79
CA ILE A 1190 -6.86 -23.84 32.93
C ILE A 1190 -7.21 -24.79 34.07
N PRO A 1191 -6.67 -24.59 35.26
CA PRO A 1191 -7.03 -25.45 36.39
C PRO A 1191 -8.51 -25.35 36.69
N SER A 1192 -9.08 -26.47 37.14
CA SER A 1192 -10.49 -26.48 37.50
C SER A 1192 -10.78 -25.47 38.60
N SER A 1193 -9.82 -25.25 39.49
CA SER A 1193 -10.01 -24.31 40.58
C SER A 1193 -10.29 -22.90 40.08
N TRP A 1194 -9.87 -22.58 38.86
CA TRP A 1194 -10.07 -21.24 38.32
C TRP A 1194 -11.44 -21.07 37.68
N MET A 1195 -12.20 -22.14 37.48
CA MET A 1195 -13.45 -22.09 36.72
C MET A 1195 -14.48 -21.17 37.34
N THR A 1196 -14.29 -20.75 38.59
CA THR A 1196 -15.22 -19.85 39.26
C THR A 1196 -14.76 -18.40 39.24
N LEU A 1197 -13.75 -18.07 38.44
CA LEU A 1197 -13.18 -16.73 38.42
C LEU A 1197 -13.18 -16.19 37.01
N ASN A 1198 -13.19 -14.86 36.91
CA ASN A 1198 -13.27 -14.17 35.62
C ASN A 1198 -11.85 -13.88 35.12
N THR A 1199 -11.16 -14.95 34.76
CA THR A 1199 -9.75 -14.85 34.37
C THR A 1199 -9.54 -14.35 32.96
N GLY A 1200 -10.59 -14.32 32.14
CA GLY A 1200 -10.47 -13.94 30.75
C GLY A 1200 -9.75 -12.62 30.55
N PRO A 1201 -10.36 -11.52 31.01
CA PRO A 1201 -9.74 -10.20 30.77
C PRO A 1201 -8.33 -10.08 31.31
N TYR A 1202 -8.04 -10.69 32.45
CA TYR A 1202 -6.68 -10.63 32.98
C TYR A 1202 -5.70 -11.24 32.00
N ILE A 1203 -5.97 -12.45 31.54
CA ILE A 1203 -5.10 -13.09 30.57
C ILE A 1203 -5.02 -12.27 29.31
N HIS A 1204 -6.09 -11.55 28.99
CA HIS A 1204 -6.12 -10.80 27.74
C HIS A 1204 -5.22 -9.57 27.82
N HIS A 1205 -5.39 -8.75 28.83
CA HIS A 1205 -4.73 -7.44 28.84
C HIS A 1205 -4.15 -7.13 30.21
N HIS A 1206 -3.64 -8.14 30.91
CA HIS A 1206 -2.89 -7.89 32.13
C HIS A 1206 -1.63 -8.72 32.26
N ALA A 1207 -1.42 -9.72 31.42
CA ALA A 1207 -0.20 -10.53 31.42
C ALA A 1207 0.65 -10.08 30.24
N TYR A 1208 1.50 -9.08 30.47
CA TYR A 1208 2.32 -8.54 29.39
C TYR A 1208 3.40 -9.54 29.02
N ASP A 1209 3.32 -10.08 27.82
CA ASP A 1209 4.40 -10.91 27.31
C ASP A 1209 5.57 -10.08 26.81
N PHE A 1210 5.34 -8.82 26.45
CA PHE A 1210 6.45 -7.95 26.04
C PHE A 1210 6.08 -6.52 26.42
N LYS A 1211 6.50 -6.10 27.59
CA LYS A 1211 6.44 -4.69 27.94
C LYS A 1211 7.67 -3.99 27.41
N PRO A 1212 7.52 -2.92 26.61
CA PRO A 1212 8.69 -2.32 25.97
C PRO A 1212 9.76 -1.86 26.94
N GLY A 1213 9.37 -1.25 28.06
CA GLY A 1213 10.35 -0.67 28.93
C GLY A 1213 11.02 -1.60 29.91
N ILE A 1214 10.61 -2.87 29.95
CA ILE A 1214 11.08 -3.82 30.94
C ILE A 1214 11.77 -5.02 30.29
N THR A 1215 11.11 -5.63 29.32
CA THR A 1215 11.62 -6.84 28.71
C THR A 1215 12.98 -6.60 28.06
N GLN A 1216 13.84 -7.59 28.16
CA GLN A 1216 15.05 -7.53 27.36
C GLN A 1216 14.70 -7.83 25.89
N PRO A 1217 15.34 -7.15 24.95
CA PRO A 1217 15.00 -7.37 23.53
C PRO A 1217 15.24 -8.79 23.08
N SER A 1218 16.10 -9.54 23.78
CA SER A 1218 16.35 -10.93 23.42
C SER A 1218 15.07 -11.75 23.48
N ALA A 1219 14.12 -11.34 24.30
CA ALA A 1219 12.89 -12.09 24.48
C ALA A 1219 11.80 -11.69 23.49
N LYS A 1220 12.11 -10.81 22.54
CA LYS A 1220 11.10 -10.35 21.59
C LYS A 1220 10.69 -11.49 20.67
N SER A 1221 9.42 -11.88 20.73
CA SER A 1221 8.97 -13.06 20.01
C SER A 1221 8.94 -12.86 18.51
N ARG A 1222 8.82 -11.61 18.06
CA ARG A 1222 8.82 -11.28 16.64
C ARG A 1222 7.59 -11.95 16.00
N ASP A 1223 7.71 -12.37 14.74
CA ASP A 1223 6.52 -12.76 13.97
C ASP A 1223 5.81 -13.96 14.56
N LYS A 1224 6.55 -14.87 15.18
CA LYS A 1224 5.90 -16.05 15.75
C LYS A 1224 5.00 -15.71 16.94
N SER A 1225 4.94 -14.43 17.33
CA SER A 1225 4.15 -14.04 18.48
C SER A 1225 2.70 -14.45 18.32
N ILE A 1226 2.23 -14.59 17.08
CA ILE A 1226 0.84 -14.95 16.84
C ILE A 1226 0.47 -16.21 17.60
N TRP A 1227 1.43 -17.14 17.73
CA TRP A 1227 1.21 -18.34 18.51
C TRP A 1227 2.15 -18.47 19.69
N MET A 1228 3.09 -17.55 19.86
CA MET A 1228 3.97 -17.59 21.02
C MET A 1228 3.37 -16.85 22.20
N SER A 1229 2.82 -15.67 21.96
CA SER A 1229 2.28 -14.86 23.05
C SER A 1229 1.27 -15.58 23.92
N PRO A 1230 0.30 -16.34 23.39
CA PRO A 1230 -0.62 -17.03 24.30
C PRO A 1230 0.10 -17.95 25.27
N ILE A 1231 1.13 -18.65 24.81
CA ILE A 1231 1.86 -19.55 25.69
C ILE A 1231 2.49 -18.79 26.83
N LEU A 1232 3.16 -17.68 26.51
CA LEU A 1232 3.81 -16.89 27.56
C LEU A 1232 2.78 -16.34 28.53
N LYS A 1233 1.65 -15.85 28.02
CA LYS A 1233 0.62 -15.33 28.90
C LYS A 1233 0.12 -16.41 29.85
N LEU A 1234 -0.10 -17.62 29.34
CA LEU A 1234 -0.55 -18.70 30.21
C LEU A 1234 0.47 -18.99 31.30
N LEU A 1235 1.75 -19.02 30.94
CA LEU A 1235 2.77 -19.24 31.94
C LEU A 1235 2.77 -18.10 32.95
N CYS A 1236 2.66 -16.86 32.48
CA CYS A 1236 2.69 -15.71 33.38
C CYS A 1236 1.54 -15.78 34.37
N THR A 1237 0.31 -15.95 33.88
CA THR A 1237 -0.83 -15.95 34.78
C THR A 1237 -0.77 -17.12 35.75
N SER A 1238 -0.21 -18.25 35.31
CA SER A 1238 -0.07 -19.38 36.22
C SER A 1238 0.84 -19.02 37.39
N TYR A 1239 1.96 -18.37 37.11
CA TYR A 1239 2.85 -17.95 38.19
C TYR A 1239 2.18 -16.93 39.09
N ALA A 1240 1.46 -15.98 38.51
CA ALA A 1240 0.78 -14.97 39.31
C ALA A 1240 -0.24 -15.59 40.24
N MET A 1241 -1.02 -16.55 39.72
CA MET A 1241 -1.99 -17.23 40.57
C MET A 1241 -1.34 -18.10 41.63
N THR A 1242 -0.06 -18.44 41.45
CA THR A 1242 0.59 -19.34 42.39
C THR A 1242 0.82 -18.67 43.74
N VAL A 1243 1.34 -17.45 43.73
CA VAL A 1243 1.69 -16.79 44.98
C VAL A 1243 0.44 -16.37 45.71
N ALA A 1244 0.56 -16.22 47.03
CA ALA A 1244 -0.55 -15.75 47.83
C ALA A 1244 -0.69 -14.24 47.69
N GLY A 1245 -1.75 -13.70 48.28
CA GLY A 1245 -1.98 -12.28 48.29
C GLY A 1245 -2.72 -11.80 47.06
N PRO A 1246 -2.80 -10.48 46.90
CA PRO A 1246 -3.57 -9.92 45.79
C PRO A 1246 -2.96 -10.26 44.44
N VAL A 1247 -3.81 -10.29 43.42
CA VAL A 1247 -3.35 -10.57 42.07
C VAL A 1247 -2.56 -9.39 41.54
N ARG A 1248 -1.39 -9.66 40.98
CA ARG A 1248 -0.52 -8.63 40.46
C ARG A 1248 -0.33 -8.83 38.96
N THR A 1249 0.08 -7.75 38.29
CA THR A 1249 0.37 -7.83 36.88
C THR A 1249 1.59 -8.70 36.64
N SER A 1250 1.51 -9.57 35.64
CA SER A 1250 2.58 -10.50 35.31
C SER A 1250 3.28 -10.06 34.04
N ILE A 1251 4.60 -10.07 34.07
CA ILE A 1251 5.41 -9.58 32.96
C ILE A 1251 6.54 -10.55 32.69
N VAL A 1252 6.67 -10.98 31.43
CA VAL A 1252 7.90 -11.65 31.01
C VAL A 1252 9.03 -10.64 31.02
N THR A 1253 10.12 -10.96 31.70
CA THR A 1253 11.25 -10.04 31.73
C THR A 1253 12.43 -10.52 30.90
N GLU A 1254 12.61 -11.83 30.75
CA GLU A 1254 13.79 -12.31 30.04
C GLU A 1254 13.64 -13.79 29.74
N ILE A 1255 14.18 -14.19 28.59
CA ILE A 1255 14.39 -15.60 28.25
C ILE A 1255 15.89 -15.79 28.10
N ASP A 1256 16.44 -16.77 28.83
CA ASP A 1256 17.89 -16.97 28.80
C ASP A 1256 18.37 -17.22 27.38
N GLY A 1257 17.76 -18.16 26.68
CA GLY A 1257 17.98 -18.25 25.26
C GLY A 1257 17.14 -17.24 24.52
N SER A 1258 17.47 -17.03 23.26
CA SER A 1258 16.66 -16.13 22.44
C SER A 1258 15.27 -16.71 22.27
N ALA A 1259 14.28 -15.82 22.15
CA ALA A 1259 12.92 -16.27 21.89
C ALA A 1259 12.86 -17.12 20.63
N ALA A 1260 13.69 -16.81 19.64
CA ALA A 1260 13.74 -17.62 18.44
C ALA A 1260 14.14 -19.05 18.75
N ALA A 1261 15.16 -19.22 19.59
CA ALA A 1261 15.59 -20.56 19.96
C ALA A 1261 14.47 -21.30 20.66
N LEU A 1262 13.75 -20.62 21.55
CA LEU A 1262 12.62 -21.25 22.23
C LEU A 1262 11.56 -21.69 21.24
N SER A 1263 11.21 -20.81 20.30
CA SER A 1263 10.20 -21.17 19.31
C SER A 1263 10.67 -22.35 18.47
N GLY A 1264 11.94 -22.36 18.07
CA GLY A 1264 12.44 -23.45 17.26
C GLY A 1264 12.34 -24.78 17.96
N ASN A 1265 12.77 -24.84 19.22
CA ASN A 1265 12.69 -26.09 19.98
C ASN A 1265 11.24 -26.53 20.13
N LEU A 1266 10.35 -25.57 20.39
CA LEU A 1266 8.94 -25.93 20.51
C LEU A 1266 8.42 -26.54 19.22
N ARG A 1267 8.77 -25.95 18.08
CA ARG A 1267 8.33 -26.50 16.81
C ARG A 1267 8.87 -27.91 16.63
N VAL A 1268 10.11 -28.15 17.05
CA VAL A 1268 10.68 -29.49 16.97
C VAL A 1268 9.84 -30.45 17.80
N TRP A 1269 9.58 -30.09 19.06
CA TRP A 1269 8.80 -30.98 19.92
C TRP A 1269 7.40 -31.20 19.35
N MET A 1270 6.79 -30.13 18.84
CA MET A 1270 5.48 -30.28 18.21
C MET A 1270 5.55 -31.26 17.05
N ARG A 1271 6.61 -31.18 16.24
CA ARG A 1271 6.76 -32.12 15.15
C ARG A 1271 7.02 -33.53 15.66
N ASP A 1272 7.71 -33.67 16.78
CA ASP A 1272 8.06 -34.99 17.28
C ASP A 1272 6.82 -35.76 17.71
N VAL A 1273 5.99 -35.14 18.53
CA VAL A 1273 4.83 -35.83 19.08
C VAL A 1273 3.78 -36.04 18.00
N MET B 1 -50.67 -73.94 -15.98
CA MET B 1 -50.27 -73.68 -14.60
C MET B 1 -50.63 -72.26 -14.20
N ILE B 2 -51.79 -72.10 -13.60
CA ILE B 2 -52.20 -70.81 -13.05
C ILE B 2 -51.50 -70.61 -11.72
N THR B 3 -51.02 -69.39 -11.49
CA THR B 3 -50.32 -69.05 -10.26
C THR B 3 -51.20 -68.18 -9.39
N ILE B 4 -51.16 -68.43 -8.08
CA ILE B 4 -51.86 -67.61 -7.10
C ILE B 4 -50.83 -67.07 -6.13
N VAL B 5 -50.70 -65.76 -6.09
CA VAL B 5 -49.79 -65.13 -5.15
C VAL B 5 -50.50 -65.02 -3.81
N VAL B 6 -49.78 -65.33 -2.74
CA VAL B 6 -50.34 -65.43 -1.40
C VAL B 6 -49.57 -64.54 -0.46
N ILE B 7 -50.30 -63.76 0.34
CA ILE B 7 -49.73 -62.95 1.42
C ILE B 7 -50.27 -63.52 2.73
N PRO B 8 -49.42 -63.93 3.65
CA PRO B 8 -49.91 -64.59 4.87
C PRO B 8 -50.72 -63.64 5.74
N THR B 9 -51.62 -64.23 6.51
CA THR B 9 -52.51 -63.47 7.38
C THR B 9 -51.90 -63.35 8.77
N ALA B 10 -52.70 -62.87 9.72
CA ALA B 10 -52.16 -62.32 10.96
C ALA B 10 -51.33 -63.34 11.74
N HIS B 11 -51.82 -64.56 11.87
CA HIS B 11 -51.10 -65.56 12.65
C HIS B 11 -50.84 -66.79 11.82
N PHE B 12 -50.40 -66.57 10.59
CA PHE B 12 -50.10 -67.64 9.65
C PHE B 12 -49.11 -68.61 10.25
N SER B 13 -49.47 -69.90 10.26
CA SER B 13 -48.59 -70.93 10.77
C SER B 13 -47.49 -71.20 9.75
N TRP B 14 -46.24 -71.08 10.17
CA TRP B 14 -45.11 -71.22 9.27
C TRP B 14 -44.38 -72.55 9.40
N THR B 15 -44.20 -73.03 10.61
CA THR B 15 -43.51 -74.31 10.81
C THR B 15 -44.36 -75.48 10.45
N ASP B 16 -45.53 -75.24 9.86
CA ASP B 16 -46.40 -76.33 9.47
C ASP B 16 -45.70 -77.24 8.47
N THR B 17 -46.09 -78.52 8.50
CA THR B 17 -45.54 -79.48 7.55
C THR B 17 -45.73 -78.99 6.12
N ASN B 18 -46.92 -78.47 5.82
CA ASN B 18 -47.20 -77.91 4.50
C ASN B 18 -47.75 -76.50 4.67
N PHE B 19 -47.08 -75.54 4.04
CA PHE B 19 -47.54 -74.18 3.90
C PHE B 19 -48.99 -74.16 3.42
N LEU B 20 -49.35 -75.16 2.62
CA LEU B 20 -50.68 -75.22 2.04
C LEU B 20 -51.77 -75.22 3.09
N ASN B 21 -51.54 -75.90 4.21
CA ASN B 21 -52.58 -76.04 5.22
C ASN B 21 -52.97 -74.69 5.80
N SER B 22 -51.98 -73.85 6.10
CA SER B 22 -52.28 -72.55 6.69
C SER B 22 -53.10 -71.68 5.76
N VAL B 23 -53.10 -71.97 4.47
CA VAL B 23 -53.93 -71.21 3.54
C VAL B 23 -55.40 -71.55 3.76
N ASP B 24 -55.76 -72.80 3.52
CA ASP B 24 -57.10 -73.29 3.84
C ASP B 24 -57.03 -74.80 3.91
N TYR B 25 -57.29 -75.37 5.08
CA TYR B 25 -57.05 -76.79 5.26
C TYR B 25 -58.03 -77.66 4.46
N ARG B 26 -59.11 -77.09 3.94
CA ARG B 26 -60.02 -77.88 3.12
C ARG B 26 -59.31 -78.44 1.90
N LEU B 27 -58.29 -77.74 1.40
CA LEU B 27 -57.57 -78.20 0.23
C LEU B 27 -56.87 -79.52 0.46
N THR B 28 -56.60 -79.88 1.71
CA THR B 28 -55.95 -81.13 2.03
C THR B 28 -56.94 -82.28 2.24
N SER B 29 -58.24 -82.00 2.27
CA SER B 29 -59.22 -83.02 2.60
C SER B 29 -59.21 -84.14 1.57
N GLN B 30 -59.19 -83.79 0.29
CA GLN B 30 -59.29 -84.82 -0.73
C GLN B 30 -57.97 -85.01 -1.44
N PRO B 31 -57.57 -86.26 -1.70
CA PRO B 31 -56.43 -86.47 -2.60
C PRO B 31 -56.68 -85.86 -3.96
N LYS B 32 -57.90 -86.00 -4.48
CA LYS B 32 -58.24 -85.45 -5.78
C LYS B 32 -58.03 -83.96 -5.84
N ILE B 33 -58.04 -83.28 -4.69
CA ILE B 33 -57.84 -81.84 -4.65
C ILE B 33 -56.38 -81.48 -4.43
N ARG B 34 -55.75 -82.06 -3.41
CA ARG B 34 -54.40 -81.66 -3.05
C ARG B 34 -53.40 -81.94 -4.15
N ASP B 35 -53.72 -82.81 -5.11
CA ASP B 35 -52.80 -83.13 -6.18
C ASP B 35 -52.73 -82.05 -7.24
N ARG B 36 -53.56 -81.02 -7.15
CA ARG B 36 -53.64 -80.01 -8.19
C ARG B 36 -52.78 -78.79 -7.91
N PHE B 37 -51.98 -78.81 -6.84
CA PHE B 37 -51.31 -77.60 -6.38
C PHE B 37 -49.82 -77.84 -6.17
N ALA B 38 -49.03 -76.84 -6.59
CA ALA B 38 -47.64 -76.71 -6.21
C ALA B 38 -47.49 -75.49 -5.31
N VAL B 39 -46.35 -75.39 -4.63
CA VAL B 39 -46.21 -74.43 -3.54
C VAL B 39 -45.05 -73.47 -3.75
N TYR B 40 -43.89 -74.03 -4.10
CA TYR B 40 -42.64 -73.27 -4.19
C TYR B 40 -42.41 -72.59 -2.85
N ALA B 41 -42.22 -71.27 -2.80
CA ALA B 41 -41.97 -70.54 -1.56
C ALA B 41 -40.79 -71.12 -0.78
N PRO B 42 -39.59 -71.08 -1.35
CA PRO B 42 -38.45 -71.75 -0.70
C PRO B 42 -37.94 -70.96 0.49
N GLY B 43 -37.25 -71.68 1.37
CA GLY B 43 -36.75 -71.07 2.60
C GLY B 43 -35.66 -70.06 2.36
N TRP B 44 -34.74 -70.35 1.42
CA TRP B 44 -33.63 -69.44 1.17
C TRP B 44 -34.15 -68.06 0.79
N LEU B 45 -35.18 -68.02 -0.04
CA LEU B 45 -35.78 -66.74 -0.40
C LEU B 45 -36.38 -66.07 0.83
N ARG B 46 -37.01 -66.87 1.69
CA ARG B 46 -37.60 -66.34 2.90
C ARG B 46 -36.55 -65.62 3.74
N ARG B 47 -35.38 -66.25 3.92
CA ARG B 47 -34.33 -65.63 4.71
C ARG B 47 -33.83 -64.34 4.08
N GLN B 48 -33.68 -64.32 2.76
CA GLN B 48 -33.21 -63.11 2.09
C GLN B 48 -34.18 -61.96 2.35
N LEU B 49 -35.48 -62.23 2.21
CA LEU B 49 -36.47 -61.20 2.46
C LEU B 49 -36.41 -60.70 3.89
N ASP B 50 -36.20 -61.61 4.85
CA ASP B 50 -36.09 -61.21 6.24
C ASP B 50 -34.99 -60.18 6.43
N GLU B 51 -33.90 -60.31 5.69
CA GLU B 51 -32.78 -59.39 5.86
C GLU B 51 -33.05 -58.06 5.16
N PHE B 52 -33.38 -58.10 3.88
CA PHE B 52 -33.52 -56.87 3.10
C PHE B 52 -34.71 -56.04 3.52
N SER B 53 -35.59 -56.58 4.36
CA SER B 53 -36.83 -55.88 4.73
C SER B 53 -36.55 -54.49 5.26
N ALA B 54 -35.45 -54.32 5.96
CA ALA B 54 -35.15 -53.05 6.61
C ALA B 54 -34.44 -52.06 5.71
N SER B 55 -34.35 -52.33 4.41
CA SER B 55 -33.49 -51.50 3.56
C SER B 55 -34.12 -51.12 2.23
N LEU B 56 -35.38 -51.44 1.98
CA LEU B 56 -36.02 -51.11 0.71
C LEU B 56 -37.45 -50.66 0.97
N THR B 57 -37.89 -49.67 0.20
CA THR B 57 -39.29 -49.27 0.27
C THR B 57 -40.16 -50.31 -0.41
N ALA B 58 -41.45 -50.27 -0.09
CA ALA B 58 -42.39 -51.22 -0.66
C ALA B 58 -42.38 -51.15 -2.19
N SER B 59 -42.45 -49.95 -2.73
CA SER B 59 -42.48 -49.79 -4.18
C SER B 59 -41.23 -50.36 -4.82
N GLU B 60 -40.06 -50.03 -4.26
CA GLU B 60 -38.82 -50.58 -4.79
C GLU B 60 -38.83 -52.10 -4.72
N LEU B 61 -39.20 -52.63 -3.55
CA LEU B 61 -39.16 -54.08 -3.36
C LEU B 61 -40.08 -54.79 -4.35
N LEU B 62 -41.30 -54.28 -4.50
CA LEU B 62 -42.22 -54.86 -5.48
C LEU B 62 -41.65 -54.74 -6.88
N GLN B 63 -41.13 -53.56 -7.22
CA GLN B 63 -40.55 -53.37 -8.54
C GLN B 63 -39.42 -54.34 -8.80
N ALA B 64 -38.61 -54.62 -7.77
CA ALA B 64 -37.48 -55.51 -7.94
C ALA B 64 -37.92 -56.95 -8.11
N LEU B 65 -38.85 -57.41 -7.27
CA LEU B 65 -39.17 -58.83 -7.23
C LEU B 65 -40.06 -59.27 -8.37
N GLN B 66 -40.87 -58.37 -8.92
CA GLN B 66 -42.01 -58.78 -9.73
C GLN B 66 -41.62 -59.55 -10.98
N THR B 67 -40.37 -59.41 -11.43
CA THR B 67 -39.96 -59.98 -12.70
C THR B 67 -39.42 -61.39 -12.60
N ILE B 68 -39.26 -61.93 -11.40
CA ILE B 68 -38.52 -63.19 -11.22
C ILE B 68 -39.38 -64.35 -11.69
N PRO B 69 -38.83 -65.28 -12.48
CA PRO B 69 -39.59 -66.47 -12.88
C PRO B 69 -39.80 -67.40 -11.71
N ILE B 70 -40.74 -68.34 -11.89
CA ILE B 70 -41.23 -69.15 -10.78
C ILE B 70 -40.11 -70.01 -10.20
N PRO B 71 -39.53 -70.97 -10.93
CA PRO B 71 -38.39 -71.69 -10.34
C PRO B 71 -37.11 -70.94 -10.62
N VAL B 72 -36.43 -70.51 -9.57
CA VAL B 72 -35.21 -69.73 -9.72
C VAL B 72 -34.07 -70.67 -10.06
N LYS B 73 -33.62 -70.65 -11.31
CA LYS B 73 -32.56 -71.54 -11.76
C LYS B 73 -31.16 -70.99 -11.52
N ALA B 74 -31.05 -69.71 -11.19
CA ALA B 74 -29.74 -69.08 -11.03
C ALA B 74 -29.23 -69.24 -9.62
N ARG B 75 -27.93 -68.98 -9.46
CA ARG B 75 -27.30 -68.93 -8.15
C ARG B 75 -26.40 -67.71 -8.06
N CYS B 76 -26.20 -67.24 -6.85
CA CYS B 76 -25.20 -66.23 -6.57
C CYS B 76 -23.94 -66.92 -6.07
N LEU B 77 -22.83 -66.69 -6.76
CA LEU B 77 -21.58 -67.38 -6.49
C LEU B 77 -20.61 -66.36 -5.88
N LEU B 78 -20.43 -66.45 -4.56
CA LEU B 78 -19.57 -65.51 -3.86
C LEU B 78 -18.11 -65.80 -4.15
N LEU B 79 -17.34 -64.74 -4.39
CA LEU B 79 -15.93 -64.91 -4.65
C LEU B 79 -15.12 -64.59 -3.40
N PRO B 80 -14.02 -65.35 -3.17
CA PRO B 80 -13.20 -64.97 -2.01
C PRO B 80 -12.32 -63.78 -2.31
N LYS B 81 -11.70 -63.22 -1.29
CA LYS B 81 -10.86 -62.03 -1.45
C LYS B 81 -9.73 -62.34 -2.44
N PRO B 82 -9.26 -61.33 -3.18
CA PRO B 82 -8.34 -61.61 -4.30
C PRO B 82 -7.13 -62.45 -3.94
N LYS B 83 -6.51 -62.20 -2.78
CA LYS B 83 -5.38 -63.02 -2.38
C LYS B 83 -5.77 -64.47 -2.22
N ARG B 84 -6.91 -64.73 -1.58
CA ARG B 84 -7.42 -66.09 -1.47
C ARG B 84 -7.90 -66.61 -2.81
N PHE B 85 -8.70 -65.80 -3.52
CA PHE B 85 -9.38 -66.26 -4.72
C PHE B 85 -8.38 -66.62 -5.81
N ALA B 86 -7.28 -65.87 -5.93
CA ALA B 86 -6.33 -66.09 -7.00
C ALA B 86 -5.73 -67.48 -6.95
N GLN B 87 -5.51 -68.02 -5.74
CA GLN B 87 -4.87 -69.32 -5.61
C GLN B 87 -5.72 -70.43 -6.24
N TRP B 88 -7.04 -70.23 -6.31
CA TRP B 88 -7.94 -71.26 -6.81
C TRP B 88 -7.64 -71.60 -8.27
N LEU B 89 -7.37 -70.58 -9.09
CA LEU B 89 -7.13 -70.80 -10.51
C LEU B 89 -5.84 -71.55 -10.79
N LEU B 90 -4.96 -71.68 -9.80
CA LEU B 90 -3.75 -72.49 -9.91
C LEU B 90 -3.85 -73.81 -9.17
N ASP B 91 -4.62 -73.86 -8.08
CA ASP B 91 -4.86 -75.13 -7.42
C ASP B 91 -5.53 -76.11 -8.38
N VAL B 92 -6.42 -75.61 -9.23
CA VAL B 92 -6.90 -76.35 -10.39
C VAL B 92 -6.73 -75.45 -11.61
N PRO B 93 -5.71 -75.70 -12.44
CA PRO B 93 -5.49 -74.80 -13.59
C PRO B 93 -6.68 -74.70 -14.53
N SER B 94 -7.40 -75.80 -14.74
CA SER B 94 -8.57 -75.77 -15.60
C SER B 94 -9.69 -74.91 -15.03
N ALA B 95 -9.66 -74.65 -13.72
CA ALA B 95 -10.65 -73.77 -13.11
C ALA B 95 -10.44 -72.31 -13.50
N ASN B 96 -9.29 -71.97 -14.09
CA ASN B 96 -9.05 -70.63 -14.60
C ASN B 96 -9.77 -70.45 -15.94
N ILE B 97 -11.10 -70.58 -15.86
CA ILE B 97 -11.92 -70.58 -17.06
C ILE B 97 -11.92 -69.24 -17.76
N TRP B 98 -11.57 -68.16 -17.05
CA TRP B 98 -11.31 -66.88 -17.69
C TRP B 98 -9.87 -66.74 -18.14
N HIS B 99 -8.99 -67.66 -17.71
CA HIS B 99 -7.61 -67.71 -18.16
C HIS B 99 -6.86 -66.42 -17.80
N ILE B 100 -7.00 -66.03 -16.54
CA ILE B 100 -6.24 -64.90 -15.99
C ILE B 100 -4.76 -65.27 -15.95
N PRO B 101 -3.85 -64.38 -16.37
CA PRO B 101 -2.44 -64.77 -16.51
C PRO B 101 -1.83 -65.29 -15.22
N VAL B 102 -0.97 -66.30 -15.36
CA VAL B 102 -0.27 -66.85 -14.21
C VAL B 102 0.60 -65.78 -13.55
N THR B 103 1.25 -64.95 -14.36
CA THR B 103 2.07 -63.87 -13.82
C THR B 103 1.24 -62.96 -12.94
N THR B 104 0.07 -62.55 -13.41
CA THR B 104 -0.81 -61.70 -12.60
C THR B 104 -1.22 -62.41 -11.33
N LEU B 105 -1.49 -63.72 -11.41
CA LEU B 105 -1.91 -64.48 -10.24
C LEU B 105 -0.83 -64.45 -9.16
N ARG B 106 0.41 -64.76 -9.53
CA ARG B 106 1.48 -64.77 -8.54
C ARG B 106 1.97 -63.37 -8.21
N ALA B 107 1.77 -62.39 -9.08
CA ALA B 107 1.98 -61.01 -8.70
C ALA B 107 1.02 -60.63 -7.58
N THR B 108 -0.23 -61.07 -7.68
CA THR B 108 -1.18 -60.87 -6.59
C THR B 108 -0.72 -61.56 -5.32
N VAL B 109 -0.19 -62.78 -5.45
CA VAL B 109 0.32 -63.52 -4.30
C VAL B 109 1.47 -62.76 -3.65
N ALA B 110 2.24 -62.02 -4.45
CA ALA B 110 3.38 -61.29 -3.91
C ALA B 110 2.99 -59.95 -3.31
N SER B 111 1.96 -59.30 -3.84
CA SER B 111 1.66 -57.94 -3.47
C SER B 111 1.16 -57.84 -2.04
N LYS B 112 1.58 -56.78 -1.35
CA LYS B 112 1.02 -56.47 -0.03
C LYS B 112 -0.44 -56.05 -0.12
N HIS B 113 -0.84 -55.47 -1.25
CA HIS B 113 -2.19 -54.96 -1.47
C HIS B 113 -2.73 -55.62 -2.74
N PRO B 114 -3.18 -56.87 -2.65
CA PRO B 114 -3.74 -57.54 -3.82
C PRO B 114 -4.95 -56.79 -4.36
N SER B 115 -4.88 -56.40 -5.62
CA SER B 115 -5.89 -55.54 -6.22
C SER B 115 -7.08 -56.35 -6.70
N SER B 116 -8.10 -55.64 -7.17
CA SER B 116 -9.28 -56.25 -7.76
C SER B 116 -9.02 -56.82 -9.14
N ASP B 117 -7.77 -56.81 -9.60
CA ASP B 117 -7.45 -57.25 -10.96
C ASP B 117 -7.97 -58.65 -11.23
N VAL B 118 -7.89 -59.53 -10.22
CA VAL B 118 -8.37 -60.90 -10.41
C VAL B 118 -9.87 -60.90 -10.70
N TYR B 119 -10.62 -59.96 -10.10
CA TYR B 119 -12.02 -59.80 -10.44
C TYR B 119 -12.20 -59.08 -11.77
N ASN B 120 -11.27 -58.19 -12.11
CA ASN B 120 -11.46 -57.30 -13.25
C ASN B 120 -11.68 -58.08 -14.54
N TYR B 121 -12.66 -57.64 -15.32
CA TYR B 121 -13.02 -58.17 -16.63
C TYR B 121 -13.65 -59.55 -16.57
N ILE B 122 -13.86 -60.11 -15.38
CA ILE B 122 -14.60 -61.36 -15.26
C ILE B 122 -16.06 -61.04 -15.59
N PRO B 123 -16.66 -61.70 -16.57
CA PRO B 123 -18.03 -61.38 -16.96
C PRO B 123 -19.00 -61.56 -15.80
N ASP B 124 -19.97 -60.64 -15.72
CA ASP B 124 -21.03 -60.70 -14.71
C ASP B 124 -20.47 -60.75 -13.29
N HIS B 125 -19.38 -60.02 -13.06
CA HIS B 125 -18.90 -59.83 -11.71
C HIS B 125 -19.63 -58.67 -11.06
N VAL B 126 -20.11 -58.89 -9.84
CA VAL B 126 -20.87 -57.89 -9.10
C VAL B 126 -19.98 -57.37 -7.97
N PRO B 127 -19.46 -56.15 -8.07
CA PRO B 127 -18.64 -55.61 -6.99
C PRO B 127 -19.51 -55.15 -5.84
N PRO B 128 -18.93 -54.88 -4.67
CA PRO B 128 -19.72 -54.30 -3.58
C PRO B 128 -20.36 -52.98 -3.95
N SER B 129 -19.79 -52.26 -4.91
CA SER B 129 -20.39 -51.03 -5.43
C SER B 129 -21.49 -51.35 -6.43
N ALA B 130 -22.49 -52.07 -5.95
CA ALA B 130 -23.62 -52.47 -6.79
C ALA B 130 -24.90 -52.37 -5.97
N GLU B 131 -26.02 -52.58 -6.64
CA GLU B 131 -27.33 -52.41 -6.03
C GLU B 131 -28.16 -53.67 -6.21
N PHE B 132 -29.24 -53.74 -5.44
CA PHE B 132 -30.09 -54.93 -5.41
C PHE B 132 -30.60 -55.29 -6.81
N ASP B 133 -31.09 -54.29 -7.55
CA ASP B 133 -31.72 -54.58 -8.84
C ASP B 133 -30.73 -55.19 -9.81
N THR B 134 -29.45 -54.82 -9.70
CA THR B 134 -28.44 -55.40 -10.58
C THR B 134 -28.46 -56.91 -10.52
N VAL B 135 -28.64 -57.47 -9.32
CA VAL B 135 -28.74 -58.92 -9.20
C VAL B 135 -30.02 -59.40 -9.85
N THR B 136 -31.15 -58.75 -9.55
CA THR B 136 -32.44 -59.24 -10.01
C THR B 136 -32.50 -59.28 -11.54
N ARG B 137 -31.93 -58.26 -12.18
CA ARG B 137 -31.93 -58.24 -13.64
C ARG B 137 -31.22 -59.45 -14.20
N ARG B 138 -30.09 -59.82 -13.61
CA ARG B 138 -29.39 -61.03 -14.06
C ARG B 138 -30.15 -62.29 -13.68
N VAL B 139 -30.95 -62.24 -12.61
CA VAL B 139 -31.70 -63.42 -12.19
C VAL B 139 -32.64 -63.87 -13.30
N ALA B 140 -33.23 -62.91 -14.01
CA ALA B 140 -34.14 -63.25 -15.10
C ALA B 140 -33.44 -64.04 -16.21
N ALA B 141 -32.11 -63.97 -16.28
CA ALA B 141 -31.38 -64.73 -17.29
C ALA B 141 -31.18 -66.19 -16.91
N GLY B 142 -31.41 -66.56 -15.66
CA GLY B 142 -31.28 -67.94 -15.23
C GLY B 142 -29.87 -68.42 -14.96
N ARG B 143 -28.86 -67.78 -15.54
CA ARG B 143 -27.49 -68.19 -15.32
C ARG B 143 -27.02 -67.75 -13.94
N ASP B 144 -26.01 -68.45 -13.42
CA ASP B 144 -25.44 -68.11 -12.14
C ASP B 144 -24.68 -66.78 -12.22
N ILE B 145 -24.51 -66.15 -11.06
CA ILE B 145 -23.91 -64.82 -10.98
C ILE B 145 -22.78 -64.87 -9.96
N TYR B 146 -21.74 -64.09 -10.22
CA TYR B 146 -20.59 -63.99 -9.32
C TYR B 146 -20.63 -62.64 -8.60
N VAL B 147 -20.52 -62.70 -7.28
CA VAL B 147 -20.75 -61.54 -6.43
C VAL B 147 -19.59 -61.41 -5.44
N ARG B 148 -19.49 -60.23 -4.85
CA ARG B 148 -18.45 -59.93 -3.87
C ARG B 148 -19.03 -59.52 -2.52
N SER B 149 -20.27 -59.91 -2.22
CA SER B 149 -20.88 -59.58 -0.94
C SER B 149 -21.97 -60.59 -0.65
N THR B 150 -22.29 -60.73 0.64
CA THR B 150 -23.34 -61.67 1.04
C THR B 150 -24.73 -61.04 0.94
N LYS B 151 -24.85 -59.74 1.17
CA LYS B 151 -26.15 -59.09 1.15
C LYS B 151 -26.65 -58.99 -0.29
N VAL B 152 -27.28 -60.06 -0.78
CA VAL B 152 -27.83 -60.11 -2.13
C VAL B 152 -29.25 -60.65 -2.06
N LEU B 153 -30.02 -60.37 -3.10
CA LEU B 153 -31.44 -60.66 -3.11
C LEU B 153 -31.86 -61.23 -4.44
N GLY B 154 -32.64 -62.30 -4.41
CA GLY B 154 -33.27 -62.85 -5.60
C GLY B 154 -32.89 -64.28 -5.93
N ALA B 155 -31.70 -64.72 -5.55
CA ALA B 155 -31.24 -66.06 -5.92
C ALA B 155 -30.52 -66.66 -4.73
N PRO B 156 -30.52 -67.99 -4.61
CA PRO B 156 -29.75 -68.62 -3.54
C PRO B 156 -28.28 -68.29 -3.67
N LEU B 157 -27.64 -68.00 -2.53
CA LEU B 157 -26.26 -67.55 -2.50
C LEU B 157 -25.36 -68.66 -1.95
N CYS B 158 -24.42 -69.09 -2.78
CA CYS B 158 -23.53 -70.18 -2.43
C CYS B 158 -22.10 -69.81 -2.79
N LEU B 159 -21.16 -70.49 -2.14
CA LEU B 159 -19.75 -70.26 -2.43
C LEU B 159 -19.41 -70.70 -3.84
N ALA B 160 -18.57 -69.91 -4.51
CA ALA B 160 -18.06 -70.33 -5.80
C ALA B 160 -17.00 -71.41 -5.65
N ALA B 161 -16.11 -71.26 -4.68
CA ALA B 161 -14.96 -72.11 -4.47
C ALA B 161 -15.11 -72.95 -3.21
N PRO B 162 -14.21 -73.91 -3.00
CA PRO B 162 -14.18 -74.61 -1.70
C PRO B 162 -14.01 -73.64 -0.54
N ALA B 163 -14.38 -74.11 0.65
CA ALA B 163 -14.46 -73.23 1.81
C ALA B 163 -13.10 -72.70 2.26
N LYS B 164 -12.00 -73.29 1.78
CA LYS B 164 -10.70 -72.94 2.31
C LYS B 164 -10.34 -71.49 2.02
N TYR B 165 -10.73 -70.98 0.85
CA TYR B 165 -10.43 -69.59 0.51
C TYR B 165 -11.29 -68.64 1.33
N TYR B 166 -12.56 -68.97 1.53
CA TYR B 166 -13.46 -68.08 2.26
C TYR B 166 -13.18 -68.10 3.75
N ALA B 167 -12.65 -69.21 4.27
CA ALA B 167 -12.24 -69.25 5.66
C ALA B 167 -11.18 -68.19 5.93
N GLY B 168 -11.29 -67.53 7.07
CA GLY B 168 -10.45 -66.39 7.40
C GLY B 168 -10.97 -65.12 6.77
N TYR B 169 -11.34 -65.18 5.48
CA TYR B 169 -12.07 -64.11 4.84
C TYR B 169 -13.48 -63.96 5.41
N LEU B 170 -14.03 -65.04 5.96
CA LEU B 170 -15.35 -65.03 6.59
C LEU B 170 -15.29 -65.90 7.83
N SER B 171 -16.33 -65.82 8.65
CA SER B 171 -16.39 -66.48 9.94
C SER B 171 -17.40 -67.61 9.93
N THR B 172 -17.41 -68.37 11.03
CA THR B 172 -18.09 -69.66 11.09
C THR B 172 -19.55 -69.57 10.66
N HIS B 173 -20.34 -68.76 11.37
CA HIS B 173 -21.75 -68.66 11.06
C HIS B 173 -21.97 -68.16 9.64
N GLN B 174 -21.14 -67.21 9.20
CA GLN B 174 -21.20 -66.77 7.81
C GLN B 174 -20.87 -67.92 6.86
N LEU B 175 -19.80 -68.66 7.16
CA LEU B 175 -19.45 -69.82 6.34
C LEU B 175 -20.53 -70.88 6.38
N ASP B 176 -21.30 -70.93 7.47
CA ASP B 176 -22.36 -71.93 7.59
C ASP B 176 -23.57 -71.57 6.75
N GLY B 177 -23.93 -70.28 6.70
CA GLY B 177 -25.22 -69.88 6.16
C GLY B 177 -25.45 -70.26 4.72
N VAL B 178 -24.37 -70.51 3.95
CA VAL B 178 -24.50 -70.77 2.53
C VAL B 178 -24.65 -72.25 2.21
N TYR B 179 -24.60 -73.13 3.21
CA TYR B 179 -24.53 -74.55 2.92
C TYR B 179 -25.72 -75.07 2.11
N PRO B 180 -26.99 -74.73 2.40
CA PRO B 180 -28.06 -75.28 1.55
C PRO B 180 -27.97 -74.80 0.12
N ASP B 181 -27.51 -73.56 -0.08
CA ASP B 181 -27.36 -73.04 -1.44
C ASP B 181 -26.23 -73.71 -2.18
N ASN B 182 -25.20 -74.18 -1.47
CA ASN B 182 -24.11 -74.89 -2.12
C ASN B 182 -24.60 -76.10 -2.88
N TRP B 183 -25.75 -76.65 -2.50
CA TRP B 183 -26.43 -77.72 -3.23
C TRP B 183 -27.91 -77.39 -3.31
N ALA B 184 -28.21 -76.16 -3.74
CA ALA B 184 -29.55 -75.60 -3.64
C ALA B 184 -30.64 -76.34 -4.41
N PRO B 185 -30.47 -76.69 -5.69
CA PRO B 185 -31.64 -76.83 -6.57
C PRO B 185 -32.60 -77.94 -6.15
N ASP B 186 -33.88 -77.72 -6.47
CA ASP B 186 -34.92 -78.74 -6.41
C ASP B 186 -35.93 -78.44 -7.51
N ASN B 187 -36.60 -79.48 -7.98
CA ASN B 187 -37.45 -79.35 -9.15
C ASN B 187 -38.79 -78.71 -8.81
N PHE B 188 -39.41 -78.13 -9.83
CA PHE B 188 -40.75 -77.54 -9.74
C PHE B 188 -41.61 -78.16 -10.83
N HIS B 189 -42.88 -78.41 -10.50
CA HIS B 189 -43.70 -79.33 -11.27
C HIS B 189 -44.94 -78.63 -11.83
N LYS B 190 -45.44 -79.18 -12.93
CA LYS B 190 -46.44 -78.51 -13.75
C LYS B 190 -47.83 -79.08 -13.47
N ARG B 191 -48.35 -78.71 -12.32
CA ARG B 191 -49.72 -79.04 -11.96
C ARG B 191 -50.66 -77.94 -12.43
N GLU B 192 -51.95 -78.10 -12.13
CA GLU B 192 -52.93 -77.09 -12.54
C GLU B 192 -52.64 -75.74 -11.90
N PHE B 193 -52.42 -75.74 -10.59
CA PHE B 193 -52.20 -74.50 -9.86
C PHE B 193 -50.87 -74.56 -9.14
N CYS B 194 -50.30 -73.40 -8.89
CA CYS B 194 -49.11 -73.28 -8.06
C CYS B 194 -49.23 -72.03 -7.21
N LEU B 195 -49.30 -72.21 -5.90
CA LEU B 195 -49.28 -71.08 -5.00
C LEU B 195 -47.86 -70.54 -4.91
N THR B 196 -47.74 -69.31 -4.45
CA THR B 196 -46.43 -68.70 -4.31
C THR B 196 -46.52 -67.50 -3.38
N ILE B 197 -45.48 -67.34 -2.55
CA ILE B 197 -45.33 -66.11 -1.79
C ILE B 197 -44.62 -65.05 -2.62
N LEU B 198 -43.97 -65.45 -3.70
CA LEU B 198 -43.30 -64.49 -4.56
C LEU B 198 -44.33 -63.71 -5.34
N PRO B 199 -44.31 -62.38 -5.31
CA PRO B 199 -45.22 -61.60 -6.14
C PRO B 199 -44.99 -61.85 -7.62
N SER B 200 -45.86 -61.30 -8.47
CA SER B 200 -45.69 -61.43 -9.91
C SER B 200 -46.62 -60.42 -10.58
N LEU B 201 -46.41 -60.24 -11.87
CA LEU B 201 -47.31 -59.40 -12.64
C LEU B 201 -48.69 -60.01 -12.66
N LEU B 202 -49.65 -59.32 -12.04
CA LEU B 202 -51.03 -59.76 -12.09
C LEU B 202 -51.54 -59.72 -13.52
N GLY B 203 -52.20 -60.79 -13.95
CA GLY B 203 -52.66 -60.90 -15.31
C GLY B 203 -53.67 -61.99 -15.48
N PRO B 204 -53.95 -62.35 -16.73
CA PRO B 204 -55.01 -63.33 -17.00
C PRO B 204 -54.75 -64.68 -16.37
N ARG B 205 -53.50 -65.04 -16.09
CA ARG B 205 -53.19 -66.33 -15.50
C ARG B 205 -52.56 -66.21 -14.12
N THR B 206 -52.62 -65.04 -13.49
CA THR B 206 -52.10 -64.84 -12.16
C THR B 206 -53.15 -64.14 -11.32
N PHE B 207 -53.35 -64.62 -10.09
CA PHE B 207 -54.42 -64.14 -9.24
C PHE B 207 -53.93 -63.84 -7.84
N LEU B 208 -54.62 -62.92 -7.18
CA LEU B 208 -54.33 -62.54 -5.81
C LEU B 208 -55.37 -63.17 -4.90
N LEU B 209 -54.92 -63.93 -3.91
CA LEU B 209 -55.82 -64.60 -3.00
C LEU B 209 -56.29 -63.64 -1.91
N ASP B 210 -57.60 -63.53 -1.75
CA ASP B 210 -58.18 -62.66 -0.73
C ASP B 210 -58.77 -63.54 0.37
N VAL B 211 -58.30 -63.34 1.60
CA VAL B 211 -58.75 -64.13 2.74
C VAL B 211 -59.65 -63.33 3.68
N ASP B 212 -59.72 -62.01 3.53
CA ASP B 212 -60.55 -61.15 4.37
C ASP B 212 -60.10 -61.26 5.83
N ALA B 213 -58.83 -60.94 6.04
CA ALA B 213 -58.25 -60.85 7.38
C ALA B 213 -57.00 -60.00 7.29
N ASP B 214 -56.58 -59.48 8.44
CA ASP B 214 -55.40 -58.64 8.48
C ASP B 214 -54.15 -59.46 8.19
N ARG B 215 -53.17 -58.82 7.57
CA ARG B 215 -51.94 -59.48 7.19
C ARG B 215 -51.12 -59.84 8.42
N ASP B 216 -50.10 -60.67 8.21
CA ASP B 216 -49.07 -60.88 9.21
C ASP B 216 -48.23 -59.62 9.32
N ALA B 217 -48.35 -58.92 10.45
CA ALA B 217 -47.60 -57.68 10.62
C ALA B 217 -46.11 -57.92 10.58
N SER B 218 -45.65 -59.07 11.07
CA SER B 218 -44.22 -59.38 11.08
C SER B 218 -43.70 -59.81 9.72
N TYR B 219 -44.56 -60.32 8.86
CA TYR B 219 -44.11 -60.79 7.55
C TYR B 219 -43.62 -59.62 6.72
N PRO B 220 -42.41 -59.69 6.17
CA PRO B 220 -41.78 -58.48 5.60
C PRO B 220 -42.50 -57.91 4.40
N LEU B 221 -43.28 -58.69 3.67
CA LEU B 221 -43.90 -58.20 2.44
C LEU B 221 -45.33 -57.74 2.63
N SER B 222 -45.83 -57.70 3.86
CA SER B 222 -47.20 -57.27 4.07
C SER B 222 -47.42 -55.84 3.59
N VAL B 223 -46.36 -55.03 3.54
CA VAL B 223 -46.50 -53.66 3.09
C VAL B 223 -46.94 -53.60 1.64
N LEU B 224 -46.71 -54.65 0.86
CA LEU B 224 -47.14 -54.64 -0.52
C LEU B 224 -48.64 -54.84 -0.67
N TRP B 225 -49.30 -55.31 0.39
CA TRP B 225 -50.72 -55.69 0.28
C TRP B 225 -51.61 -54.62 -0.32
N PRO B 226 -51.55 -53.35 0.11
CA PRO B 226 -52.46 -52.36 -0.50
C PRO B 226 -52.29 -52.21 -1.99
N GLN B 227 -51.06 -52.01 -2.46
CA GLN B 227 -50.84 -51.80 -3.88
C GLN B 227 -51.29 -53.01 -4.68
N LEU B 228 -50.95 -54.21 -4.21
CA LEU B 228 -51.39 -55.41 -4.89
C LEU B 228 -52.91 -55.51 -4.92
N ARG B 229 -53.54 -55.27 -3.78
CA ARG B 229 -54.98 -55.44 -3.68
C ARG B 229 -55.70 -54.49 -4.62
N VAL B 230 -55.29 -53.23 -4.65
CA VAL B 230 -56.00 -52.26 -5.47
C VAL B 230 -55.83 -52.58 -6.95
N LEU B 231 -54.64 -53.01 -7.35
CA LEU B 231 -54.44 -53.38 -8.74
C LEU B 231 -55.32 -54.56 -9.11
N ALA B 232 -55.40 -55.56 -8.23
CA ALA B 232 -56.31 -56.68 -8.48
C ALA B 232 -57.75 -56.22 -8.48
N LEU B 233 -58.09 -55.32 -7.55
CA LEU B 233 -59.48 -54.86 -7.44
C LEU B 233 -59.92 -54.18 -8.73
N LYS B 234 -59.07 -53.31 -9.27
CA LYS B 234 -59.44 -52.56 -10.46
C LYS B 234 -59.55 -53.44 -11.70
N SER B 235 -59.08 -54.68 -11.63
CA SER B 235 -59.18 -55.59 -12.77
C SER B 235 -59.95 -56.86 -12.42
N ARG B 236 -60.56 -56.93 -11.24
CA ARG B 236 -61.34 -58.09 -10.81
C ARG B 236 -60.50 -59.35 -10.86
N LEU B 237 -59.44 -59.36 -10.05
CA LEU B 237 -58.53 -60.48 -9.98
C LEU B 237 -58.47 -61.12 -8.61
N LEU B 238 -59.21 -60.61 -7.62
CA LEU B 238 -59.25 -61.25 -6.32
C LEU B 238 -59.92 -62.60 -6.42
N LEU B 239 -59.48 -63.53 -5.57
CA LEU B 239 -60.10 -64.84 -5.48
C LEU B 239 -60.46 -65.11 -4.03
N PRO B 240 -61.75 -65.27 -3.71
CA PRO B 240 -62.10 -65.79 -2.40
C PRO B 240 -61.61 -67.21 -2.26
N PRO B 241 -61.25 -67.63 -1.04
CA PRO B 241 -60.64 -68.96 -0.89
C PRO B 241 -61.53 -70.09 -1.37
N VAL B 242 -62.85 -69.92 -1.27
CA VAL B 242 -63.76 -71.00 -1.67
C VAL B 242 -63.62 -71.30 -3.15
N ALA B 243 -63.27 -70.31 -3.96
CA ALA B 243 -63.17 -70.52 -5.40
C ALA B 243 -62.15 -71.61 -5.73
N LEU B 244 -61.13 -71.77 -4.90
CA LEU B 244 -60.09 -72.74 -5.18
C LEU B 244 -60.64 -74.17 -5.21
N LEU B 245 -61.70 -74.45 -4.46
CA LEU B 245 -62.21 -75.80 -4.39
C LEU B 245 -62.96 -76.23 -5.64
N ARG B 246 -63.43 -75.28 -6.44
CA ARG B 246 -64.18 -75.62 -7.64
C ARG B 246 -63.26 -76.25 -8.67
N ARG B 247 -63.88 -76.97 -9.61
CA ARG B 247 -63.10 -77.61 -10.67
C ARG B 247 -62.46 -76.60 -11.60
N VAL B 248 -63.15 -75.49 -11.85
CA VAL B 248 -62.63 -74.41 -12.70
C VAL B 248 -62.73 -73.11 -11.92
N VAL B 249 -61.73 -72.26 -12.06
CA VAL B 249 -61.62 -71.07 -11.23
C VAL B 249 -62.52 -69.97 -11.77
N ASP B 250 -63.17 -69.23 -10.86
CA ASP B 250 -63.89 -68.02 -11.19
C ASP B 250 -64.00 -67.17 -9.93
N PRO B 251 -63.85 -65.87 -10.03
CA PRO B 251 -64.05 -65.01 -8.84
C PRO B 251 -65.54 -64.82 -8.60
N GLY B 252 -66.05 -65.45 -7.55
CA GLY B 252 -67.44 -65.24 -7.21
C GLY B 252 -68.01 -66.22 -6.22
N LEU B 253 -69.15 -65.84 -5.63
CA LEU B 253 -69.87 -66.68 -4.69
C LEU B 253 -71.24 -66.99 -5.27
N LYS B 254 -71.74 -68.17 -4.98
CA LYS B 254 -73.01 -68.64 -5.53
C LYS B 254 -72.99 -68.56 -7.06
N PRO B 255 -72.11 -69.30 -7.73
CA PRO B 255 -72.13 -69.30 -9.19
C PRO B 255 -73.31 -70.10 -9.71
N THR B 256 -73.69 -69.80 -10.95
CA THR B 256 -74.80 -70.51 -11.58
C THR B 256 -74.47 -71.98 -11.78
N TRP B 257 -73.34 -72.25 -12.42
CA TRP B 257 -73.00 -73.59 -12.86
C TRP B 257 -72.66 -74.54 -11.73
N SER B 258 -72.49 -74.05 -10.51
CA SER B 258 -72.17 -74.91 -9.39
C SER B 258 -73.04 -74.55 -8.19
N ALA B 259 -73.60 -75.57 -7.56
CA ALA B 259 -74.34 -75.35 -6.32
C ALA B 259 -73.43 -75.25 -5.11
N ASP B 260 -72.16 -75.60 -5.25
CA ASP B 260 -71.19 -75.56 -4.15
C ASP B 260 -71.67 -76.37 -2.96
N SER B 261 -72.40 -77.45 -3.22
CA SER B 261 -72.93 -78.32 -2.18
C SER B 261 -72.20 -79.65 -2.30
N ASP B 262 -71.09 -79.77 -1.58
CA ASP B 262 -70.31 -80.99 -1.60
C ASP B 262 -69.54 -81.10 -0.30
N ALA B 263 -69.15 -82.33 0.04
CA ALA B 263 -68.41 -82.57 1.26
C ALA B 263 -67.13 -81.76 1.33
N ALA B 264 -66.53 -81.46 0.17
CA ALA B 264 -65.31 -80.67 0.15
C ALA B 264 -65.56 -79.27 0.72
N PHE B 265 -66.72 -78.69 0.40
CA PHE B 265 -67.00 -77.34 0.86
C PHE B 265 -67.25 -77.30 2.36
N ARG B 266 -67.82 -78.36 2.93
CA ARG B 266 -68.21 -78.37 4.33
C ARG B 266 -66.97 -78.49 5.19
N ALA B 267 -66.52 -77.36 5.75
CA ALA B 267 -65.32 -77.36 6.56
C ALA B 267 -65.53 -78.04 7.90
N LEU B 268 -66.78 -78.18 8.35
CA LEU B 268 -67.03 -78.80 9.64
C LEU B 268 -66.59 -80.26 9.68
N ARG B 269 -66.51 -80.91 8.53
CA ARG B 269 -66.10 -82.31 8.48
C ARG B 269 -64.58 -82.40 8.42
N LEU B 270 -63.96 -82.09 9.56
CA LEU B 270 -62.52 -82.24 9.70
C LEU B 270 -62.19 -83.70 9.97
N SER B 271 -61.34 -84.29 9.13
CA SER B 271 -61.02 -85.70 9.21
C SER B 271 -59.52 -85.90 9.12
N ARG B 272 -59.02 -86.88 9.86
CA ARG B 272 -57.59 -87.19 9.94
C ARG B 272 -57.38 -88.69 9.93
N PRO B 273 -57.56 -89.33 8.77
CA PRO B 273 -57.39 -90.79 8.73
C PRO B 273 -55.94 -91.25 8.54
N SER B 274 -55.13 -90.43 7.88
CA SER B 274 -53.77 -90.84 7.55
C SER B 274 -52.84 -90.66 8.74
N SER B 275 -51.67 -91.30 8.66
CA SER B 275 -50.69 -91.25 9.73
C SER B 275 -49.31 -91.57 9.15
N ALA B 276 -48.27 -91.14 9.89
CA ALA B 276 -46.90 -91.40 9.47
C ALA B 276 -45.98 -91.75 10.63
N SER B 277 -46.52 -92.06 11.81
CA SER B 277 -45.74 -92.37 13.01
C SER B 277 -44.77 -91.23 13.36
N LYS B 278 -45.13 -90.02 12.98
CA LYS B 278 -44.25 -88.88 13.16
C LYS B 278 -44.23 -88.43 14.62
N PRO B 279 -43.16 -87.72 15.03
CA PRO B 279 -43.10 -87.26 16.43
C PRO B 279 -44.30 -86.43 16.83
N THR B 280 -44.83 -85.63 15.92
CA THR B 280 -46.05 -84.90 16.22
C THR B 280 -47.22 -85.85 16.21
N GLY B 281 -47.29 -86.74 17.21
CA GLY B 281 -48.54 -87.44 17.47
C GLY B 281 -49.67 -86.45 17.57
N PHE B 282 -49.38 -85.26 18.09
CA PHE B 282 -50.14 -84.08 17.75
C PHE B 282 -49.26 -82.86 17.97
N ASP B 283 -49.45 -81.86 17.13
CA ASP B 283 -48.82 -80.56 17.30
C ASP B 283 -49.86 -79.66 17.93
N PHE B 284 -49.85 -79.58 19.23
CA PHE B 284 -50.87 -78.82 19.93
C PHE B 284 -50.68 -77.33 19.81
N SER B 285 -49.74 -76.85 19.01
CA SER B 285 -49.63 -75.43 18.75
C SER B 285 -50.39 -75.00 17.50
N ALA B 286 -50.68 -75.93 16.60
CA ALA B 286 -51.43 -75.64 15.39
C ALA B 286 -52.91 -75.90 15.63
N LEU B 287 -53.74 -74.89 15.37
CA LEU B 287 -55.16 -74.97 15.68
C LEU B 287 -55.96 -74.62 14.43
N PRO B 288 -56.86 -75.48 13.98
CA PRO B 288 -57.73 -75.14 12.85
C PRO B 288 -58.93 -74.33 13.33
N VAL B 289 -59.22 -73.23 12.63
CA VAL B 289 -60.34 -72.37 12.95
C VAL B 289 -61.09 -72.08 11.66
N VAL B 290 -62.28 -71.50 11.80
CA VAL B 290 -63.14 -71.20 10.66
C VAL B 290 -63.80 -69.84 10.84
N ASP B 291 -64.07 -69.19 9.73
CA ASP B 291 -64.93 -68.02 9.66
C ASP B 291 -66.26 -68.45 9.06
N ILE B 292 -67.35 -68.19 9.76
CA ILE B 292 -68.65 -68.72 9.38
C ILE B 292 -69.66 -67.60 9.25
N ILE B 293 -70.67 -67.85 8.42
CA ILE B 293 -71.76 -66.92 8.20
C ILE B 293 -73.03 -67.57 8.72
N CYS B 294 -73.68 -66.89 9.67
CA CYS B 294 -74.81 -67.48 10.39
C CYS B 294 -76.03 -66.59 10.25
N LEU B 295 -77.19 -67.20 10.04
CA LEU B 295 -78.44 -66.50 9.85
C LEU B 295 -79.25 -66.54 11.13
N PHE B 296 -79.79 -65.40 11.53
CA PHE B 296 -80.55 -65.26 12.77
C PHE B 296 -81.98 -64.86 12.44
N GLU B 297 -82.93 -65.44 13.15
CA GLU B 297 -84.34 -65.24 12.86
C GLU B 297 -85.13 -65.12 14.15
N SER B 298 -86.24 -64.38 14.08
CA SER B 298 -87.12 -64.17 15.20
C SER B 298 -88.35 -65.07 15.06
N GLU B 299 -89.31 -64.90 15.96
CA GLU B 299 -90.49 -65.72 15.94
C GLU B 299 -91.30 -65.47 14.66
N PRO B 300 -91.97 -66.49 14.14
CA PRO B 300 -92.80 -66.29 12.95
C PRO B 300 -94.02 -65.46 13.28
N ASP B 301 -94.69 -65.00 12.22
CA ASP B 301 -95.88 -64.18 12.40
C ASP B 301 -97.08 -65.07 12.72
N ASP B 302 -98.25 -64.43 12.78
CA ASP B 302 -99.47 -65.14 13.16
C ASP B 302 -99.88 -66.19 12.14
N HIS B 303 -99.31 -66.18 10.94
CA HIS B 303 -99.69 -67.13 9.89
C HIS B 303 -98.53 -68.02 9.48
N GLY B 304 -97.53 -68.18 10.35
CA GLY B 304 -96.42 -69.07 10.09
C GLY B 304 -95.33 -68.48 9.21
N ARG B 305 -95.54 -67.32 8.62
CA ARG B 305 -94.51 -66.68 7.84
C ARG B 305 -93.46 -66.07 8.77
N VAL B 306 -92.28 -65.80 8.23
CA VAL B 306 -91.17 -65.31 9.02
C VAL B 306 -90.46 -64.19 8.27
N ALA B 307 -89.86 -63.28 9.03
CA ALA B 307 -89.16 -62.13 8.46
C ALA B 307 -87.91 -62.59 7.73
N PRO B 308 -87.37 -61.75 6.83
CA PRO B 308 -86.15 -62.12 6.11
C PRO B 308 -84.98 -62.43 7.02
N GLY B 309 -84.90 -61.81 8.19
CA GLY B 309 -83.81 -62.10 9.10
C GLY B 309 -82.51 -61.44 8.68
N THR B 310 -81.48 -61.67 9.48
CA THR B 310 -80.16 -61.08 9.26
C THR B 310 -79.09 -62.13 9.41
N ARG B 311 -78.04 -62.00 8.62
CA ARG B 311 -76.91 -62.91 8.66
C ARG B 311 -75.64 -62.16 9.05
N LEU B 312 -74.89 -62.74 9.99
CA LEU B 312 -73.67 -62.14 10.49
C LEU B 312 -72.50 -63.07 10.28
N THR B 313 -71.30 -62.50 10.31
CA THR B 313 -70.08 -63.25 10.13
C THR B 313 -69.35 -63.36 11.46
N ILE B 314 -69.06 -64.58 11.87
CA ILE B 314 -68.27 -64.84 13.07
C ILE B 314 -66.87 -65.25 12.63
N HIS B 315 -65.86 -64.68 13.26
CA HIS B 315 -64.49 -64.81 12.80
C HIS B 315 -63.71 -65.79 13.66
N SER B 316 -63.08 -66.77 13.01
CA SER B 316 -62.03 -67.59 13.60
C SER B 316 -62.50 -68.33 14.85
N VAL B 317 -63.70 -68.87 14.80
CA VAL B 317 -64.11 -69.79 15.87
C VAL B 317 -63.38 -71.11 15.68
N PRO B 318 -62.79 -71.69 16.72
CA PRO B 318 -62.11 -72.97 16.57
C PRO B 318 -63.08 -74.05 16.11
N THR B 319 -62.64 -74.83 15.12
CA THR B 319 -63.56 -75.76 14.48
C THR B 319 -63.89 -76.95 15.39
N ASP B 320 -62.90 -77.43 16.15
CA ASP B 320 -63.14 -78.59 17.00
C ASP B 320 -64.26 -78.33 17.99
N LEU B 321 -64.41 -77.09 18.43
CA LEU B 321 -65.52 -76.73 19.29
C LEU B 321 -66.84 -77.10 18.66
N LEU B 322 -67.01 -76.75 17.39
CA LEU B 322 -68.26 -77.07 16.71
C LEU B 322 -68.38 -78.57 16.44
N THR B 323 -67.31 -79.20 15.98
CA THR B 323 -67.36 -80.61 15.65
C THR B 323 -67.70 -81.44 16.88
N SER B 324 -67.00 -81.18 17.99
CA SER B 324 -67.23 -81.93 19.21
C SER B 324 -68.67 -81.78 19.70
N LEU B 325 -69.31 -80.65 19.36
CA LEU B 325 -70.69 -80.43 19.72
C LEU B 325 -71.66 -80.91 18.65
N SER B 326 -71.15 -81.58 17.62
CA SER B 326 -71.99 -82.17 16.56
C SER B 326 -72.78 -81.11 15.82
N ILE B 327 -72.25 -79.89 15.74
CA ILE B 327 -72.90 -78.84 14.96
C ILE B 327 -72.78 -79.17 13.49
N GLN B 328 -73.86 -78.94 12.74
CA GLN B 328 -73.88 -79.24 11.31
C GLN B 328 -74.49 -78.08 10.55
N GLU B 329 -74.05 -77.93 9.31
CA GLU B 329 -74.54 -76.85 8.48
C GLU B 329 -75.97 -77.12 8.03
N GLY B 330 -76.68 -76.05 7.68
CA GLY B 330 -78.02 -76.19 7.15
C GLY B 330 -79.04 -76.71 8.14
N VAL B 331 -78.79 -76.57 9.43
CA VAL B 331 -79.70 -77.02 10.47
C VAL B 331 -80.10 -75.82 11.31
N ARG B 332 -81.41 -75.61 11.47
CA ARG B 332 -81.90 -74.46 12.21
C ARG B 332 -82.05 -74.85 13.68
N TYR B 333 -81.01 -74.60 14.45
CA TYR B 333 -81.04 -74.91 15.87
C TYR B 333 -81.78 -73.84 16.65
N PRO B 334 -82.34 -74.20 17.81
CA PRO B 334 -82.93 -73.19 18.67
C PRO B 334 -81.84 -72.36 19.34
N LEU B 335 -82.07 -71.05 19.41
CA LEU B 335 -81.05 -70.14 19.90
C LEU B 335 -81.20 -69.83 21.39
N ARG B 336 -82.42 -69.76 21.87
CA ARG B 336 -82.70 -69.25 23.22
C ARG B 336 -82.97 -70.39 24.18
N GLN B 337 -82.51 -70.22 25.42
CA GLN B 337 -82.72 -71.21 26.45
C GLN B 337 -84.10 -71.03 27.07
N GLU B 338 -84.40 -71.86 28.07
CA GLU B 338 -85.70 -71.78 28.75
C GLU B 338 -85.88 -70.43 29.40
N SER B 339 -84.84 -69.90 30.04
CA SER B 339 -84.89 -68.61 30.71
C SER B 339 -84.61 -67.46 29.75
N GLY B 340 -84.54 -67.73 28.45
CA GLY B 340 -84.33 -66.69 27.48
C GLY B 340 -82.88 -66.38 27.18
N MET B 341 -81.94 -66.87 27.98
CA MET B 341 -80.54 -66.68 27.68
C MET B 341 -80.13 -67.54 26.49
N PHE B 342 -78.97 -67.22 25.93
CA PHE B 342 -78.45 -68.01 24.82
C PHE B 342 -78.13 -69.42 25.28
N VAL B 343 -78.27 -70.37 24.36
CA VAL B 343 -77.86 -71.74 24.61
C VAL B 343 -76.34 -71.72 24.79
N PRO B 344 -75.78 -72.59 25.63
CA PRO B 344 -74.36 -72.43 25.99
C PRO B 344 -73.40 -72.47 24.82
N TRP B 345 -73.64 -73.34 23.84
CA TRP B 345 -72.64 -73.53 22.79
C TRP B 345 -72.48 -72.27 21.95
N VAL B 346 -73.58 -71.55 21.71
CA VAL B 346 -73.48 -70.30 20.98
C VAL B 346 -72.61 -69.31 21.73
N LEU B 347 -72.80 -69.22 23.05
CA LEU B 347 -71.99 -68.33 23.85
C LEU B 347 -70.51 -68.68 23.73
N LEU B 348 -70.19 -69.97 23.76
CA LEU B 348 -68.81 -70.38 23.59
C LEU B 348 -68.27 -69.95 22.24
N ALA B 349 -69.07 -70.09 21.18
CA ALA B 349 -68.64 -69.67 19.87
C ALA B 349 -68.32 -68.19 19.85
N LEU B 350 -69.19 -67.37 20.45
CA LEU B 350 -68.94 -65.95 20.52
C LEU B 350 -67.68 -65.65 21.33
N LEU B 351 -67.54 -66.31 22.48
CA LEU B 351 -66.43 -65.99 23.36
C LEU B 351 -65.08 -66.30 22.72
N MET B 352 -64.99 -67.43 22.03
CA MET B 352 -63.71 -67.83 21.44
C MET B 352 -63.49 -67.23 20.06
N SER B 353 -64.46 -66.52 19.51
CA SER B 353 -64.27 -65.88 18.23
C SER B 353 -63.38 -64.65 18.38
N ASP B 354 -62.97 -64.09 17.24
CA ASP B 354 -62.20 -62.86 17.26
C ASP B 354 -63.07 -61.63 17.05
N ASP B 355 -64.05 -61.70 16.16
CA ASP B 355 -64.87 -60.54 15.87
C ASP B 355 -66.16 -60.99 15.20
N VAL B 356 -67.18 -60.14 15.31
CA VAL B 356 -68.48 -60.37 14.70
C VAL B 356 -68.84 -59.13 13.90
N THR B 357 -69.21 -59.33 12.64
CA THR B 357 -69.54 -58.23 11.75
C THR B 357 -70.79 -58.57 10.96
N ILE B 358 -71.40 -57.54 10.38
CA ILE B 358 -72.42 -57.77 9.36
C ILE B 358 -71.78 -58.53 8.22
N SER B 359 -72.54 -59.45 7.64
CA SER B 359 -71.97 -60.36 6.65
C SER B 359 -71.42 -59.60 5.45
N GLY B 360 -72.22 -58.71 4.88
CA GLY B 360 -71.80 -57.98 3.70
C GLY B 360 -70.71 -56.96 3.98
N THR B 361 -71.05 -55.94 4.75
CA THR B 361 -70.11 -54.86 5.00
C THR B 361 -69.04 -55.32 6.00
N ARG B 362 -68.23 -54.37 6.43
CA ARG B 362 -67.13 -54.63 7.34
C ARG B 362 -67.33 -53.86 8.64
N ARG B 363 -68.56 -53.79 9.12
CA ARG B 363 -68.88 -53.10 10.36
C ARG B 363 -69.00 -54.11 11.48
N SER B 364 -68.18 -53.95 12.52
CA SER B 364 -68.21 -54.85 13.66
C SER B 364 -69.30 -54.42 14.62
N VAL B 365 -70.00 -55.40 15.18
CA VAL B 365 -71.14 -55.16 16.06
C VAL B 365 -70.94 -55.94 17.36
N LYS B 366 -71.36 -55.33 18.47
CA LYS B 366 -71.40 -56.02 19.74
C LYS B 366 -72.81 -56.56 19.95
N LEU B 367 -72.92 -57.88 19.99
CA LEU B 367 -74.23 -58.53 20.03
C LEU B 367 -74.83 -58.46 21.41
N GLU B 368 -76.14 -58.19 21.47
CA GLU B 368 -76.87 -58.24 22.73
C GLU B 368 -77.37 -59.65 22.97
N THR B 369 -77.47 -60.01 24.24
CA THR B 369 -77.88 -61.36 24.63
C THR B 369 -78.85 -61.30 25.81
N ALA B 370 -79.79 -60.38 25.76
CA ALA B 370 -80.74 -60.23 26.85
C ALA B 370 -82.10 -59.88 26.25
N HIS B 371 -83.02 -59.43 27.10
CA HIS B 371 -84.38 -59.13 26.69
C HIS B 371 -84.53 -57.71 26.15
N ALA B 372 -83.43 -57.06 25.77
CA ALA B 372 -83.51 -55.66 25.35
C ALA B 372 -84.22 -55.52 24.02
N SER B 373 -83.69 -56.17 22.98
CA SER B 373 -84.20 -55.96 21.63
C SER B 373 -85.61 -56.53 21.48
N ALA B 374 -86.47 -55.78 20.80
CA ALA B 374 -87.74 -56.33 20.36
C ALA B 374 -87.52 -57.29 19.20
N ARG B 375 -88.56 -58.05 18.87
CA ARG B 375 -88.54 -59.16 17.93
C ARG B 375 -87.19 -59.89 18.01
N PRO B 376 -86.81 -60.37 19.18
CA PRO B 376 -85.48 -60.96 19.35
C PRO B 376 -85.35 -62.28 18.60
N PHE B 377 -84.10 -62.63 18.30
CA PHE B 377 -83.84 -63.85 17.56
C PHE B 377 -84.11 -65.08 18.41
N VAL B 378 -84.66 -66.11 17.78
CA VAL B 378 -84.89 -67.38 18.44
C VAL B 378 -84.29 -68.56 17.71
N HIS B 379 -83.93 -68.43 16.44
CA HIS B 379 -83.35 -69.51 15.68
C HIS B 379 -82.05 -69.04 15.05
N ILE B 380 -81.13 -69.99 14.85
CA ILE B 380 -79.84 -69.72 14.25
C ILE B 380 -79.52 -70.84 13.28
N THR B 381 -78.89 -70.48 12.17
CA THR B 381 -78.45 -71.46 11.18
C THR B 381 -77.10 -71.03 10.63
N VAL B 382 -76.15 -71.94 10.63
CA VAL B 382 -74.86 -71.71 9.99
C VAL B 382 -75.00 -72.06 8.51
N GLU B 383 -74.55 -71.17 7.65
CA GLU B 383 -74.81 -71.29 6.22
C GLU B 383 -73.61 -71.80 5.44
N ARG B 384 -72.43 -71.21 5.68
CA ARG B 384 -71.24 -71.64 4.96
C ARG B 384 -70.02 -71.13 5.70
N CYS B 385 -68.88 -71.74 5.39
CA CYS B 385 -67.61 -71.36 5.98
C CYS B 385 -66.87 -70.47 5.00
N ALA B 386 -66.79 -69.18 5.32
CA ALA B 386 -66.07 -68.25 4.45
C ALA B 386 -64.60 -68.63 4.34
N SER B 387 -64.01 -69.12 5.42
CA SER B 387 -62.62 -69.54 5.39
C SER B 387 -62.42 -70.60 6.46
N ALA B 388 -61.41 -71.43 6.26
CA ALA B 388 -61.13 -72.53 7.19
C ALA B 388 -59.64 -72.83 7.10
N ARG B 389 -58.89 -72.38 8.09
CA ARG B 389 -57.44 -72.49 8.06
C ARG B 389 -56.91 -72.85 9.43
N VAL B 390 -55.72 -73.39 9.45
CA VAL B 390 -55.02 -73.68 10.69
C VAL B 390 -54.20 -72.45 11.06
N VAL B 391 -54.05 -72.22 12.36
CA VAL B 391 -53.40 -71.02 12.85
C VAL B 391 -52.45 -71.40 13.99
N ASP B 392 -51.33 -70.69 14.08
CA ASP B 392 -50.35 -70.97 15.12
C ASP B 392 -50.77 -70.30 16.42
N VAL B 393 -50.66 -71.04 17.51
CA VAL B 393 -51.14 -70.59 18.81
C VAL B 393 -50.00 -70.37 19.80
N ARG B 394 -48.86 -71.00 19.61
CA ARG B 394 -47.79 -71.04 20.60
C ARG B 394 -47.41 -69.65 21.10
N GLY B 395 -47.65 -69.40 22.39
CA GLY B 395 -47.20 -68.20 23.04
C GLY B 395 -47.69 -66.91 22.43
N SER B 396 -48.82 -66.92 21.74
CA SER B 396 -49.21 -65.73 21.01
C SER B 396 -49.73 -64.63 21.94
N PRO B 397 -50.84 -64.84 22.67
CA PRO B 397 -51.32 -63.75 23.53
C PRO B 397 -50.58 -63.66 24.84
N ALA B 398 -50.17 -64.80 25.38
CA ALA B 398 -49.50 -64.87 26.68
C ALA B 398 -48.16 -65.55 26.52
N MET B 399 -47.24 -65.24 27.44
CA MET B 399 -45.84 -65.58 27.25
C MET B 399 -45.26 -66.53 28.29
N TYR B 400 -45.82 -66.59 29.49
CA TYR B 400 -45.19 -67.32 30.58
C TYR B 400 -46.10 -68.43 31.10
N ALA B 401 -45.49 -69.57 31.40
CA ALA B 401 -46.23 -70.69 31.95
C ALA B 401 -46.69 -70.42 33.38
N ASN B 402 -46.12 -69.40 34.03
CA ASN B 402 -46.44 -69.15 35.43
C ASN B 402 -47.92 -68.81 35.60
N ALA B 403 -48.34 -67.68 35.04
CA ALA B 403 -49.70 -67.21 35.19
C ALA B 403 -49.97 -66.12 34.17
N VAL B 404 -51.24 -65.74 34.06
CA VAL B 404 -51.66 -64.67 33.17
C VAL B 404 -52.98 -64.13 33.68
N CYS B 405 -53.15 -62.81 33.60
CA CYS B 405 -54.38 -62.16 34.04
C CYS B 405 -55.08 -61.53 32.85
N LEU B 406 -56.37 -61.79 32.73
CA LEU B 406 -57.19 -61.26 31.65
C LEU B 406 -58.15 -60.22 32.22
N THR B 407 -58.17 -59.03 31.63
CA THR B 407 -59.04 -57.97 32.06
C THR B 407 -60.26 -57.92 31.16
N LEU B 408 -61.44 -57.93 31.77
CA LEU B 408 -62.69 -57.83 31.03
C LEU B 408 -63.61 -56.87 31.75
N PRO B 409 -64.50 -56.20 31.03
CA PRO B 409 -65.49 -55.35 31.69
C PRO B 409 -66.44 -56.18 32.52
N LYS B 410 -66.99 -55.55 33.55
CA LYS B 410 -67.94 -56.22 34.41
C LYS B 410 -69.15 -56.68 33.61
N GLY B 411 -69.67 -57.85 33.96
CA GLY B 411 -70.81 -58.40 33.26
C GLY B 411 -70.47 -59.38 32.16
N SER B 412 -69.20 -59.71 31.98
CA SER B 412 -68.83 -60.71 31.00
C SER B 412 -69.27 -62.10 31.44
N TYR B 413 -69.24 -63.03 30.51
CA TYR B 413 -69.72 -64.39 30.74
C TYR B 413 -68.59 -65.35 31.10
N LYS B 414 -67.58 -64.86 31.82
CA LYS B 414 -66.44 -65.70 32.16
C LYS B 414 -66.86 -66.97 32.88
N SER B 415 -67.96 -66.91 33.63
CA SER B 415 -68.42 -68.08 34.38
C SER B 415 -68.72 -69.24 33.44
N THR B 416 -69.32 -68.94 32.30
CA THR B 416 -69.69 -70.01 31.36
C THR B 416 -68.47 -70.78 30.90
N ILE B 417 -67.44 -70.08 30.44
CA ILE B 417 -66.30 -70.76 29.85
C ILE B 417 -65.50 -71.50 30.91
N ILE B 418 -65.47 -71.00 32.14
CA ILE B 418 -64.66 -71.63 33.17
C ILE B 418 -65.38 -72.77 33.88
N ASP B 419 -66.71 -72.84 33.78
CA ASP B 419 -67.47 -73.89 34.44
C ASP B 419 -68.13 -74.84 33.44
N THR B 420 -68.95 -74.30 32.55
CA THR B 420 -69.73 -75.17 31.66
C THR B 420 -68.82 -75.96 30.73
N LEU B 421 -67.81 -75.31 30.16
CA LEU B 421 -66.94 -75.99 29.20
C LEU B 421 -66.22 -77.18 29.82
N PRO B 422 -65.48 -77.03 30.92
CA PRO B 422 -64.89 -78.23 31.54
C PRO B 422 -65.94 -79.20 32.04
N ALA B 423 -67.08 -78.69 32.51
CA ALA B 423 -68.15 -79.58 32.95
C ALA B 423 -68.73 -80.35 31.77
N MET B 424 -68.73 -79.75 30.58
CA MET B 424 -69.24 -80.45 29.41
C MET B 424 -68.41 -81.68 29.08
N PHE B 425 -67.20 -81.78 29.63
CA PHE B 425 -66.36 -82.96 29.48
C PHE B 425 -66.20 -83.70 30.80
N SER B 426 -65.66 -83.02 31.82
CA SER B 426 -65.60 -83.56 33.18
C SER B 426 -64.99 -84.96 33.24
N ASP B 427 -64.13 -85.28 32.28
CA ASP B 427 -63.53 -86.61 32.23
C ASP B 427 -62.03 -86.52 32.10
N LEU B 428 -61.55 -85.43 31.50
CA LEU B 428 -60.12 -85.19 31.34
C LEU B 428 -59.75 -83.94 32.14
N SER B 429 -58.65 -84.01 32.87
CA SER B 429 -58.23 -82.91 33.72
C SER B 429 -57.92 -81.67 32.89
N ILE B 430 -58.75 -80.64 33.01
CA ILE B 430 -58.52 -79.38 32.34
C ILE B 430 -57.91 -78.35 33.26
N LEU B 431 -58.46 -78.20 34.45
CA LEU B 431 -58.05 -77.15 35.37
C LEU B 431 -58.55 -77.49 36.76
N GLU B 432 -58.13 -76.70 37.73
CA GLU B 432 -58.61 -76.80 39.09
C GLU B 432 -59.25 -75.48 39.47
N GLN B 433 -60.52 -75.53 39.87
CA GLN B 433 -61.24 -74.29 40.18
C GLN B 433 -60.58 -73.54 41.32
N ALA B 434 -59.82 -74.23 42.16
CA ALA B 434 -59.08 -73.56 43.22
C ALA B 434 -57.96 -72.69 42.69
N ALA B 435 -57.60 -72.83 41.41
CA ALA B 435 -56.50 -72.06 40.84
C ALA B 435 -56.98 -70.84 40.07
N VAL B 436 -58.16 -70.87 39.48
CA VAL B 436 -58.68 -69.70 38.81
C VAL B 436 -59.07 -68.66 39.84
N ILE B 437 -58.79 -67.40 39.52
CA ILE B 437 -59.02 -66.30 40.46
C ILE B 437 -60.12 -65.43 39.88
N ASP B 438 -61.29 -65.47 40.51
CA ASP B 438 -62.37 -64.58 40.11
C ASP B 438 -61.98 -63.13 40.41
N SER B 439 -62.36 -62.24 39.49
CA SER B 439 -62.02 -60.84 39.65
C SER B 439 -62.66 -60.25 40.91
N ASP B 440 -63.75 -60.84 41.39
CA ASP B 440 -64.44 -60.32 42.55
C ASP B 440 -63.86 -60.81 43.86
N ALA B 441 -62.86 -61.69 43.82
CA ALA B 441 -62.41 -62.35 45.04
C ALA B 441 -61.97 -61.35 46.10
N LEU B 442 -61.09 -60.43 45.73
CA LEU B 442 -60.56 -59.50 46.73
C LEU B 442 -61.65 -58.59 47.26
N GLY B 443 -62.57 -58.16 46.39
CA GLY B 443 -63.69 -57.35 46.85
C GLY B 443 -64.55 -58.07 47.86
N ASP B 444 -64.65 -59.40 47.72
CA ASP B 444 -65.40 -60.19 48.69
C ASP B 444 -64.62 -60.46 49.96
N SER B 445 -63.31 -60.19 49.96
CA SER B 445 -62.48 -60.56 51.10
C SER B 445 -62.69 -59.63 52.28
N LEU B 446 -62.93 -58.34 52.04
CA LEU B 446 -63.08 -57.40 53.14
C LEU B 446 -64.31 -57.77 53.98
N ARG B 447 -64.20 -57.55 55.29
CA ARG B 447 -65.26 -57.97 56.20
C ARG B 447 -66.58 -57.30 55.85
N PRO B 448 -66.67 -55.98 55.71
CA PRO B 448 -67.74 -55.44 54.87
C PRO B 448 -67.25 -55.38 53.43
N SER B 449 -67.97 -56.02 52.51
CA SER B 449 -67.47 -56.15 51.15
C SER B 449 -67.22 -54.77 50.55
N PHE B 450 -66.26 -54.72 49.62
CA PHE B 450 -65.91 -53.46 48.99
C PHE B 450 -67.13 -52.77 48.40
N GLU B 451 -68.08 -53.56 47.88
CA GLU B 451 -69.31 -52.98 47.35
C GLU B 451 -70.14 -52.36 48.45
N THR B 452 -70.29 -53.07 49.57
CA THR B 452 -71.06 -52.54 50.69
C THR B 452 -70.45 -51.25 51.20
N GLN B 453 -69.13 -51.25 51.40
CA GLN B 453 -68.47 -50.06 51.88
C GLN B 453 -68.64 -48.90 50.91
N PHE B 454 -68.50 -49.17 49.62
CA PHE B 454 -68.71 -48.12 48.63
C PHE B 454 -70.14 -47.60 48.69
N LEU B 455 -71.10 -48.51 48.80
CA LEU B 455 -72.49 -48.10 48.93
C LEU B 455 -72.68 -47.24 50.18
N GLU B 456 -72.09 -47.68 51.29
CA GLU B 456 -72.30 -46.96 52.55
C GLU B 456 -71.72 -45.55 52.48
N ARG B 457 -70.54 -45.40 51.90
CA ARG B 457 -70.01 -44.05 51.70
C ARG B 457 -70.88 -43.27 50.73
N LEU B 458 -71.35 -43.93 49.68
CA LEU B 458 -72.00 -43.22 48.59
C LEU B 458 -73.31 -42.58 49.03
N GLU B 459 -74.08 -43.27 49.89
CA GLU B 459 -75.40 -42.78 50.25
C GLU B 459 -75.34 -41.45 51.00
N ASN B 460 -74.20 -41.09 51.56
CA ASN B 460 -74.09 -39.83 52.27
C ASN B 460 -74.35 -38.63 51.36
N LEU B 461 -74.17 -38.80 50.05
CA LEU B 461 -74.42 -37.73 49.12
C LEU B 461 -75.92 -37.51 48.92
N ASP B 462 -76.25 -36.36 48.36
CA ASP B 462 -77.64 -36.07 48.06
C ASP B 462 -78.16 -37.03 46.99
N PRO B 463 -79.37 -37.55 47.14
CA PRO B 463 -79.89 -38.49 46.13
C PRO B 463 -79.99 -37.90 44.74
N LYS B 464 -80.34 -36.62 44.62
CA LYS B 464 -80.49 -36.02 43.29
C LYS B 464 -79.17 -36.06 42.54
N LEU B 465 -78.07 -35.77 43.22
CA LEU B 465 -76.77 -35.82 42.58
C LEU B 465 -76.48 -37.22 42.05
N LEU B 466 -76.77 -38.24 42.85
CA LEU B 466 -76.59 -39.61 42.40
C LEU B 466 -77.49 -39.90 41.21
N ASP B 467 -78.74 -39.48 41.28
CA ASP B 467 -79.68 -39.70 40.19
C ASP B 467 -79.17 -39.05 38.91
N ARG B 468 -78.66 -37.81 39.03
CA ARG B 468 -78.13 -37.13 37.86
C ARG B 468 -76.94 -37.88 37.28
N ALA B 469 -76.09 -38.43 38.14
CA ALA B 469 -74.92 -39.16 37.65
C ALA B 469 -75.33 -40.40 36.88
N VAL B 470 -76.25 -41.19 37.44
CA VAL B 470 -76.64 -42.43 36.79
C VAL B 470 -77.23 -42.16 35.42
N ALA B 471 -78.13 -41.17 35.35
CA ALA B 471 -78.75 -40.84 34.08
C ALA B 471 -77.71 -40.41 33.06
N SER B 472 -76.73 -39.61 33.49
CA SER B 472 -75.70 -39.15 32.58
C SER B 472 -74.90 -40.32 32.01
N ILE B 473 -74.57 -41.30 32.86
CA ILE B 473 -73.79 -42.44 32.40
C ILE B 473 -74.57 -43.22 31.36
N LEU B 474 -75.86 -43.42 31.59
CA LEU B 474 -76.67 -44.15 30.62
C LEU B 474 -76.83 -43.36 29.33
N SER B 475 -77.19 -42.09 29.44
CA SER B 475 -77.41 -41.26 28.27
C SER B 475 -76.10 -41.00 27.55
N PRO B 476 -75.88 -41.58 26.37
CA PRO B 476 -74.57 -41.41 25.71
C PRO B 476 -74.24 -39.97 25.38
N ALA B 477 -75.24 -39.17 25.02
CA ALA B 477 -74.98 -37.79 24.60
C ALA B 477 -74.60 -36.88 25.77
N SER B 478 -74.79 -37.33 27.00
CA SER B 478 -74.49 -36.50 28.17
C SER B 478 -72.98 -36.44 28.34
N ASP B 479 -72.36 -35.50 27.63
CA ASP B 479 -70.92 -35.35 27.70
C ASP B 479 -70.51 -34.86 29.09
N THR B 480 -69.60 -35.62 29.72
CA THR B 480 -69.00 -35.25 31.01
C THR B 480 -70.04 -35.17 32.12
N SER B 481 -70.90 -34.15 32.09
CA SER B 481 -71.80 -33.85 33.19
C SER B 481 -71.03 -33.85 34.51
N ASP B 482 -69.95 -33.07 34.51
CA ASP B 482 -68.88 -33.18 35.51
C ASP B 482 -69.39 -33.38 36.92
N ASP B 483 -70.20 -32.43 37.40
CA ASP B 483 -70.61 -32.39 38.80
C ASP B 483 -70.99 -33.76 39.35
N ALA B 484 -72.00 -34.37 38.75
CA ALA B 484 -72.56 -35.59 39.32
C ALA B 484 -71.55 -36.74 39.29
N VAL B 485 -70.98 -37.01 38.11
CA VAL B 485 -70.13 -38.18 37.98
C VAL B 485 -68.81 -37.99 38.72
N THR B 486 -68.20 -36.81 38.61
CA THR B 486 -66.88 -36.61 39.19
C THR B 486 -66.91 -36.81 40.70
N THR B 487 -67.96 -36.32 41.35
CA THR B 487 -68.11 -36.52 42.78
C THR B 487 -68.08 -38.00 43.13
N VAL B 488 -68.84 -38.80 42.38
CA VAL B 488 -68.85 -40.24 42.62
C VAL B 488 -67.47 -40.83 42.39
N LEU B 489 -66.82 -40.40 41.31
CA LEU B 489 -65.50 -40.92 40.99
C LEU B 489 -64.51 -40.66 42.12
N ASP B 490 -64.57 -39.46 42.72
CA ASP B 490 -63.67 -39.15 43.82
C ASP B 490 -63.87 -40.11 44.98
N VAL B 491 -65.12 -40.39 45.34
CA VAL B 491 -65.40 -41.34 46.40
C VAL B 491 -64.85 -42.71 46.03
N PHE B 492 -65.10 -43.14 44.80
CA PHE B 492 -64.60 -44.43 44.35
C PHE B 492 -63.09 -44.49 44.42
N ASN B 493 -62.42 -43.49 43.84
CA ASN B 493 -60.96 -43.50 43.84
C ASN B 493 -60.41 -43.46 45.25
N ALA B 494 -60.98 -42.60 46.10
CA ALA B 494 -60.49 -42.49 47.46
C ALA B 494 -60.62 -43.81 48.20
N LEU B 495 -61.78 -44.45 48.08
CA LEU B 495 -61.99 -45.72 48.77
C LEU B 495 -61.05 -46.79 48.24
N TYR B 496 -61.01 -46.95 46.91
CA TYR B 496 -60.19 -48.01 46.33
C TYR B 496 -58.74 -47.88 46.72
N ARG B 497 -58.19 -46.68 46.55
CA ARG B 497 -56.80 -46.44 46.94
C ARG B 497 -56.60 -46.75 48.42
N GLU B 498 -57.61 -46.48 49.22
CA GLU B 498 -57.45 -46.59 50.67
C GLU B 498 -57.40 -48.05 51.13
N VAL B 499 -58.28 -48.90 50.61
CA VAL B 499 -58.50 -50.23 51.17
C VAL B 499 -58.07 -51.33 50.19
N MET B 500 -58.40 -51.19 48.92
CA MET B 500 -58.20 -52.28 47.99
C MET B 500 -56.72 -52.55 47.74
N THR B 501 -55.93 -51.50 47.60
CA THR B 501 -54.52 -51.69 47.26
C THR B 501 -53.77 -52.50 48.31
N PRO B 502 -53.80 -52.17 49.60
CA PRO B 502 -53.08 -53.01 50.57
C PRO B 502 -53.61 -54.43 50.60
N ALA B 503 -54.93 -54.59 50.51
CA ALA B 503 -55.49 -55.94 50.50
C ALA B 503 -55.01 -56.72 49.28
N GLN B 504 -54.97 -56.07 48.13
CA GLN B 504 -54.45 -56.73 46.93
C GLN B 504 -52.99 -57.09 47.11
N ARG B 505 -52.19 -56.15 47.59
CA ARG B 505 -50.76 -56.41 47.75
C ARG B 505 -50.49 -57.53 48.74
N SER B 506 -51.45 -57.84 49.61
CA SER B 506 -51.28 -58.89 50.60
C SER B 506 -51.55 -60.28 50.04
N ARG B 507 -51.92 -60.39 48.77
CA ARG B 507 -52.21 -61.69 48.17
C ARG B 507 -51.24 -62.05 47.06
N LEU B 508 -50.04 -61.48 47.09
CA LEU B 508 -49.09 -61.63 45.99
C LEU B 508 -48.82 -63.08 45.62
N PRO B 509 -48.45 -63.96 46.55
CA PRO B 509 -48.17 -65.35 46.14
C PRO B 509 -49.39 -66.05 45.60
N LEU B 510 -50.58 -65.72 46.11
CA LEU B 510 -51.79 -66.38 45.68
C LEU B 510 -52.05 -66.15 44.20
N LEU B 511 -51.63 -65.00 43.68
CA LEU B 511 -51.90 -64.68 42.28
C LEU B 511 -50.91 -65.34 41.34
N THR B 512 -49.65 -65.48 41.76
CA THR B 512 -48.61 -65.90 40.85
C THR B 512 -47.89 -67.17 41.27
N GLN B 513 -47.63 -67.35 42.56
CA GLN B 513 -46.71 -68.37 43.02
C GLN B 513 -47.38 -69.72 43.24
N GLN B 514 -48.51 -69.98 42.60
CA GLN B 514 -49.08 -71.31 42.62
C GLN B 514 -48.59 -72.07 41.38
N GLY B 515 -49.15 -73.26 41.15
CA GLY B 515 -48.75 -74.07 40.01
C GLY B 515 -48.89 -73.34 38.70
N ARG B 516 -50.12 -73.04 38.31
CA ARG B 516 -50.37 -72.18 37.16
C ARG B 516 -51.72 -71.50 37.37
N VAL B 517 -51.71 -70.17 37.34
CA VAL B 517 -52.86 -69.38 37.74
C VAL B 517 -53.45 -68.69 36.52
N LEU B 518 -54.77 -68.74 36.41
CA LEU B 518 -55.52 -67.91 35.48
C LEU B 518 -56.35 -66.95 36.30
N ALA B 519 -56.22 -65.66 36.03
CA ALA B 519 -56.81 -64.64 36.87
C ALA B 519 -57.58 -63.63 36.03
N PHE B 520 -58.61 -63.05 36.63
CA PHE B 520 -59.43 -62.03 36.02
C PHE B 520 -59.34 -60.74 36.84
N ALA B 521 -59.43 -59.62 36.15
CA ALA B 521 -59.41 -58.32 36.81
C ALA B 521 -60.28 -57.36 36.02
N HIS B 522 -60.76 -56.33 36.70
CA HIS B 522 -61.59 -55.34 36.05
C HIS B 522 -60.77 -54.25 35.35
N SER B 523 -59.49 -54.15 35.63
CA SER B 523 -58.63 -53.17 34.98
C SER B 523 -57.18 -53.53 35.27
N ASP B 524 -56.32 -53.22 34.30
CA ASP B 524 -54.89 -53.43 34.50
C ASP B 524 -54.38 -52.65 35.70
N TYR B 525 -54.97 -51.49 35.98
CA TYR B 525 -54.55 -50.69 37.11
C TYR B 525 -54.63 -51.47 38.41
N GLU B 526 -55.57 -52.40 38.51
CA GLU B 526 -55.69 -53.20 39.74
C GLU B 526 -54.41 -53.95 40.05
N LEU B 527 -53.63 -54.29 39.03
CA LEU B 527 -52.39 -55.02 39.23
C LEU B 527 -51.19 -54.07 39.29
N LEU B 528 -51.11 -53.12 38.36
CA LEU B 528 -49.95 -52.24 38.30
C LEU B 528 -49.81 -51.45 39.58
N SER B 529 -50.93 -50.97 40.13
CA SER B 529 -50.88 -50.22 41.37
C SER B 529 -50.42 -51.08 42.55
N ALA B 530 -50.38 -52.40 42.39
CA ALA B 530 -49.96 -53.29 43.45
C ALA B 530 -48.61 -53.96 43.19
N ASN B 531 -48.03 -53.76 42.01
CA ASN B 531 -46.72 -54.33 41.67
C ASN B 531 -46.76 -55.86 41.77
N ILE B 532 -47.58 -56.47 40.92
CA ILE B 532 -47.71 -57.92 40.89
C ILE B 532 -47.07 -58.41 39.59
N PRO B 533 -45.99 -59.15 39.64
CA PRO B 533 -45.31 -59.58 38.41
C PRO B 533 -46.08 -60.63 37.64
N ILE B 534 -47.16 -60.22 36.97
CA ILE B 534 -47.94 -61.12 36.15
C ILE B 534 -48.30 -60.41 34.85
N GLN B 535 -48.16 -61.11 33.73
CA GLN B 535 -48.57 -60.53 32.46
C GLN B 535 -50.06 -60.27 32.46
N VAL B 536 -50.45 -59.11 31.94
CA VAL B 536 -51.85 -58.69 31.87
C VAL B 536 -52.23 -58.54 30.41
N VAL B 537 -53.36 -59.13 30.04
CA VAL B 537 -53.86 -59.05 28.67
C VAL B 537 -55.18 -58.30 28.70
N ARG B 538 -55.25 -57.21 27.96
CA ARG B 538 -56.45 -56.37 27.91
C ARG B 538 -57.38 -56.93 26.86
N GLY B 539 -58.34 -57.74 27.30
CA GLY B 539 -59.25 -58.42 26.39
C GLY B 539 -60.55 -57.66 26.18
N SER B 540 -61.34 -58.19 25.25
CA SER B 540 -62.66 -57.64 24.96
C SER B 540 -63.50 -58.74 24.33
N ILE B 541 -64.80 -58.69 24.56
CA ILE B 541 -65.72 -59.68 24.04
C ILE B 541 -66.70 -59.01 23.09
N PRO B 542 -67.14 -59.67 22.05
CA PRO B 542 -68.04 -59.06 21.06
C PRO B 542 -69.52 -59.14 21.46
N ILE B 543 -69.80 -58.84 22.72
CA ILE B 543 -71.17 -58.79 23.21
C ILE B 543 -71.31 -57.59 24.13
N ASP B 544 -72.51 -57.00 24.12
CA ASP B 544 -72.77 -55.82 24.93
C ASP B 544 -72.93 -56.26 26.38
N HIS B 545 -71.99 -55.83 27.23
CA HIS B 545 -72.05 -56.20 28.64
C HIS B 545 -73.01 -55.32 29.42
N VAL B 546 -73.15 -54.05 29.03
CA VAL B 546 -73.98 -53.12 29.81
C VAL B 546 -75.40 -53.67 29.93
N VAL B 547 -75.99 -54.02 28.80
CA VAL B 547 -77.33 -54.59 28.82
C VAL B 547 -77.32 -55.89 29.58
N ASN B 548 -76.25 -56.67 29.47
CA ASN B 548 -76.19 -57.97 30.11
C ASN B 548 -76.30 -57.85 31.62
N LEU B 549 -75.48 -56.99 32.22
CA LEU B 549 -75.56 -56.82 33.66
C LEU B 549 -76.85 -56.14 34.09
N LEU B 550 -77.52 -55.44 33.18
CA LEU B 550 -78.81 -54.86 33.51
C LEU B 550 -79.88 -55.91 33.75
N ALA B 551 -79.63 -57.16 33.37
CA ALA B 551 -80.57 -58.23 33.63
C ALA B 551 -80.31 -58.97 34.93
N ARG B 552 -79.11 -58.84 35.49
CA ARG B 552 -78.79 -59.48 36.76
C ARG B 552 -79.34 -58.61 37.89
N ARG B 553 -80.44 -59.06 38.49
CA ARG B 553 -81.13 -58.26 39.49
C ARG B 553 -80.78 -58.66 40.93
N ASN B 554 -80.38 -59.91 41.15
CA ASN B 554 -80.10 -60.39 42.49
C ASN B 554 -78.66 -60.03 42.86
N ARG B 555 -78.48 -58.80 43.30
CA ARG B 555 -77.17 -58.31 43.71
C ARG B 555 -77.34 -57.41 44.93
N VAL B 556 -76.21 -56.99 45.49
CA VAL B 556 -76.24 -56.06 46.62
C VAL B 556 -76.87 -54.74 46.20
N GLY B 557 -76.49 -54.23 45.04
CA GLY B 557 -77.07 -53.01 44.50
C GLY B 557 -78.22 -53.34 43.55
N GLY B 558 -79.17 -52.42 43.48
CA GLY B 558 -80.33 -52.63 42.63
C GLY B 558 -80.06 -52.32 41.18
N THR B 559 -79.03 -52.96 40.62
CA THR B 559 -78.66 -52.84 39.21
C THR B 559 -78.15 -51.44 38.89
N ALA B 560 -78.22 -50.54 39.85
CA ALA B 560 -77.70 -49.20 39.67
C ALA B 560 -76.27 -49.08 40.19
N LEU B 561 -76.00 -49.72 41.33
CA LEU B 561 -74.62 -49.76 41.81
C LEU B 561 -73.72 -50.46 40.80
N GLN B 562 -74.26 -51.47 40.11
CA GLN B 562 -73.45 -52.21 39.16
C GLN B 562 -72.94 -51.32 38.04
N VAL B 563 -73.84 -50.56 37.43
CA VAL B 563 -73.43 -49.71 36.32
C VAL B 563 -72.47 -48.64 36.80
N LEU B 564 -72.68 -48.15 38.02
CA LEU B 564 -71.74 -47.19 38.60
C LEU B 564 -70.35 -47.80 38.71
N LEU B 565 -70.27 -48.99 39.31
CA LEU B 565 -68.98 -49.67 39.40
C LEU B 565 -68.38 -49.91 38.02
N ASP B 566 -69.22 -50.32 37.07
CA ASP B 566 -68.74 -50.57 35.72
C ASP B 566 -68.08 -49.32 35.15
N TYR B 567 -68.75 -48.18 35.29
CA TYR B 567 -68.17 -46.95 34.75
C TYR B 567 -66.89 -46.59 35.47
N CYS B 568 -66.86 -46.77 36.79
CA CYS B 568 -65.65 -46.43 37.54
C CYS B 568 -64.47 -47.26 37.08
N TYR B 569 -64.65 -48.57 36.95
CA TYR B 569 -63.57 -49.42 36.48
C TYR B 569 -63.12 -49.02 35.09
N ARG B 570 -64.07 -48.76 34.19
CA ARG B 570 -63.70 -48.37 32.84
C ARG B 570 -62.94 -47.05 32.86
N THR B 571 -63.37 -46.11 33.69
CA THR B 571 -62.62 -44.88 33.85
C THR B 571 -61.23 -45.17 34.42
N GLN B 572 -61.16 -46.09 35.37
CA GLN B 572 -59.88 -46.42 35.99
C GLN B 572 -58.94 -47.11 35.01
N ALA B 573 -59.48 -47.88 34.07
CA ALA B 573 -58.64 -48.63 33.15
C ALA B 573 -57.79 -47.71 32.29
N SER B 574 -56.59 -48.16 31.97
CA SER B 574 -55.68 -47.36 31.18
C SER B 574 -56.10 -47.33 29.72
N PRO B 575 -55.89 -46.22 29.02
CA PRO B 575 -56.26 -46.15 27.60
C PRO B 575 -55.24 -46.90 26.75
N LEU B 576 -55.73 -47.93 26.08
CA LEU B 576 -54.89 -48.71 25.17
C LEU B 576 -55.81 -49.54 24.29
N ALA B 577 -55.28 -49.99 23.18
CA ALA B 577 -56.05 -50.83 22.29
C ALA B 577 -56.22 -52.21 22.92
N PRO B 578 -57.44 -52.65 23.20
CA PRO B 578 -57.64 -53.99 23.75
C PRO B 578 -57.76 -55.04 22.65
N THR B 579 -57.39 -56.25 23.01
CA THR B 579 -57.38 -57.37 22.10
C THR B 579 -58.64 -58.20 22.28
N PRO B 580 -58.99 -59.03 21.29
CA PRO B 580 -60.11 -59.96 21.48
C PRO B 580 -59.74 -61.03 22.49
N ALA B 581 -60.58 -61.19 23.51
CA ALA B 581 -60.32 -62.20 24.53
C ALA B 581 -60.36 -63.61 23.96
N GLY B 582 -61.02 -63.80 22.81
CA GLY B 582 -61.08 -65.13 22.23
C GLY B 582 -59.73 -65.69 21.91
N ARG B 583 -58.78 -64.84 21.52
CA ARG B 583 -57.45 -65.33 21.21
C ARG B 583 -56.79 -65.96 22.42
N LEU B 584 -56.92 -65.32 23.59
CA LEU B 584 -56.38 -65.91 24.80
C LEU B 584 -57.08 -67.23 25.11
N TYR B 585 -58.41 -67.25 25.00
CA TYR B 585 -59.15 -68.49 25.22
C TYR B 585 -58.68 -69.56 24.26
N LYS B 586 -58.43 -69.18 23.00
CA LYS B 586 -57.92 -70.14 22.04
C LYS B 586 -56.57 -70.68 22.47
N GLN B 587 -55.71 -69.81 23.02
CA GLN B 587 -54.40 -70.28 23.45
C GLN B 587 -54.51 -71.26 24.61
N LEU B 588 -55.45 -71.03 25.52
CA LEU B 588 -55.56 -71.88 26.70
C LEU B 588 -56.34 -73.15 26.38
N PHE B 589 -57.59 -73.00 25.97
CA PHE B 589 -58.46 -74.16 25.84
C PHE B 589 -58.36 -74.82 24.47
N GLY B 590 -57.99 -74.06 23.45
CA GLY B 590 -57.91 -74.57 22.10
C GLY B 590 -57.29 -75.95 21.98
N PRO B 591 -56.06 -76.12 22.47
CA PRO B 591 -55.42 -77.43 22.35
C PRO B 591 -56.23 -78.56 22.98
N TRP B 592 -56.87 -78.28 24.12
CA TRP B 592 -57.66 -79.32 24.78
C TRP B 592 -58.83 -79.76 23.91
N LEU B 593 -59.44 -78.81 23.19
CA LEU B 593 -60.57 -79.16 22.35
C LEU B 593 -60.22 -80.18 21.29
N MET B 594 -58.94 -80.28 20.93
CA MET B 594 -58.54 -81.26 19.93
C MET B 594 -58.30 -82.64 20.51
N VAL B 595 -58.38 -82.79 21.83
CA VAL B 595 -58.12 -84.09 22.46
C VAL B 595 -59.05 -85.19 21.94
N PRO B 596 -60.37 -85.02 21.91
CA PRO B 596 -61.23 -86.14 21.49
C PRO B 596 -60.98 -86.59 20.07
N ARG B 597 -60.45 -85.71 19.21
CA ARG B 597 -60.14 -86.11 17.85
C ARG B 597 -58.96 -87.08 17.79
N LEU B 598 -58.17 -87.16 18.84
CA LEU B 598 -56.99 -88.02 18.82
C LEU B 598 -57.39 -89.49 18.73
N SER B 599 -56.45 -90.29 18.22
CA SER B 599 -56.67 -91.72 18.04
C SER B 599 -55.98 -92.58 19.08
N ASP B 600 -54.87 -92.12 19.64
CA ASP B 600 -54.10 -92.87 20.61
C ASP B 600 -54.13 -92.19 21.98
N PRO B 601 -53.92 -92.94 23.06
CA PRO B 601 -54.03 -92.36 24.40
C PRO B 601 -52.89 -91.38 24.69
N LEU B 602 -53.10 -90.59 25.72
CA LEU B 602 -52.13 -89.59 26.15
C LEU B 602 -51.09 -90.22 27.07
N ILE B 603 -50.02 -89.47 27.31
CA ILE B 603 -48.97 -89.86 28.24
C ILE B 603 -48.67 -88.66 29.13
N LYS B 604 -48.67 -88.87 30.44
CA LYS B 604 -48.49 -87.80 31.39
C LYS B 604 -47.00 -87.54 31.64
N LEU B 605 -46.70 -86.33 32.09
CA LEU B 605 -45.33 -85.91 32.38
C LEU B 605 -45.37 -84.90 33.52
N ARG B 606 -44.19 -84.50 33.96
CA ARG B 606 -44.03 -83.44 34.96
C ARG B 606 -42.55 -83.13 35.08
N LEU B 607 -42.27 -82.03 35.78
CA LEU B 607 -40.90 -81.54 35.91
C LEU B 607 -40.53 -81.37 37.38
N VAL B 608 -40.79 -82.41 38.16
CA VAL B 608 -40.65 -82.35 39.61
C VAL B 608 -39.31 -81.74 40.01
N ALA B 609 -39.31 -81.00 41.11
CA ALA B 609 -38.11 -80.38 41.66
C ALA B 609 -37.80 -81.02 43.01
N SER B 610 -36.53 -81.35 43.23
CA SER B 610 -36.13 -82.07 44.42
C SER B 610 -36.16 -81.16 45.66
N ALA B 611 -36.06 -81.80 46.81
CA ALA B 611 -36.06 -81.12 48.10
C ALA B 611 -35.24 -81.93 49.10
N PRO B 612 -34.08 -81.43 49.51
CA PRO B 612 -33.26 -82.19 50.46
C PRO B 612 -33.97 -82.37 51.80
N ALA B 613 -33.82 -83.56 52.37
CA ALA B 613 -34.49 -83.86 53.63
C ALA B 613 -33.88 -83.10 54.80
N LYS B 614 -32.66 -82.61 54.65
CA LYS B 614 -31.99 -81.94 55.76
C LYS B 614 -32.79 -80.71 56.22
N VAL B 615 -33.12 -79.84 55.27
CA VAL B 615 -33.82 -78.61 55.62
C VAL B 615 -35.20 -78.91 56.18
N LEU B 616 -35.85 -79.95 55.65
CA LEU B 616 -37.16 -80.32 56.16
C LEU B 616 -37.07 -80.75 57.61
N ARG B 617 -36.15 -81.66 57.92
CA ARG B 617 -35.97 -82.05 59.32
C ARG B 617 -35.52 -80.87 60.16
N ALA B 618 -34.60 -80.06 59.63
CA ALA B 618 -34.16 -78.87 60.36
C ALA B 618 -35.31 -77.94 60.67
N ALA B 619 -36.33 -77.92 59.81
CA ALA B 619 -37.51 -77.11 60.06
C ALA B 619 -38.53 -77.82 60.94
N GLY B 620 -38.16 -78.94 61.56
CA GLY B 620 -39.05 -79.65 62.44
C GLY B 620 -40.00 -80.61 61.77
N TRP B 621 -39.85 -80.85 60.47
CA TRP B 621 -40.70 -81.79 59.78
C TRP B 621 -40.27 -83.22 60.08
N THR B 622 -41.25 -84.11 60.22
CA THR B 622 -41.01 -85.53 60.44
C THR B 622 -41.19 -86.26 59.12
N ILE B 623 -40.10 -86.78 58.57
CA ILE B 623 -40.11 -87.39 57.25
C ILE B 623 -39.38 -88.72 57.31
N ASP B 624 -39.95 -89.72 56.65
CA ASP B 624 -39.32 -91.02 56.54
C ASP B 624 -38.39 -91.07 55.34
N GLY B 625 -37.35 -91.89 55.44
CA GLY B 625 -36.48 -92.13 54.32
C GLY B 625 -35.49 -91.02 54.07
N ASP B 626 -34.27 -91.38 53.67
CA ASP B 626 -33.25 -90.42 53.32
C ASP B 626 -33.42 -89.72 51.96
N PRO B 627 -33.99 -90.33 50.92
CA PRO B 627 -33.90 -89.73 49.58
C PRO B 627 -34.57 -88.37 49.56
N PRO B 628 -34.02 -87.41 48.84
CA PRO B 628 -34.60 -86.06 48.84
C PRO B 628 -36.02 -86.08 48.32
N LEU B 629 -36.88 -85.31 48.97
CA LEU B 629 -38.25 -85.20 48.52
C LEU B 629 -38.31 -84.41 47.22
N GLU B 630 -39.40 -84.62 46.48
CA GLU B 630 -39.60 -83.94 45.22
C GLU B 630 -41.07 -83.56 45.09
N VAL B 631 -41.31 -82.47 44.37
CA VAL B 631 -42.63 -81.89 44.28
C VAL B 631 -42.95 -81.60 42.82
N SER B 632 -44.16 -81.95 42.40
CA SER B 632 -44.58 -81.74 41.01
C SER B 632 -44.96 -80.28 40.82
N CYS B 633 -44.27 -79.59 39.92
CA CYS B 633 -44.54 -78.19 39.66
C CYS B 633 -45.60 -78.01 38.59
N LEU B 634 -45.58 -78.84 37.55
CA LEU B 634 -46.52 -78.70 36.45
C LEU B 634 -46.53 -79.97 35.60
N CYS B 635 -47.72 -80.49 35.32
CA CYS B 635 -47.85 -81.71 34.53
C CYS B 635 -48.10 -81.35 33.07
N ALA B 636 -47.62 -82.23 32.19
CA ALA B 636 -47.78 -82.05 30.75
C ALA B 636 -48.25 -83.35 30.13
N TYR B 637 -48.63 -83.27 28.85
CA TYR B 637 -49.13 -84.44 28.14
C TYR B 637 -48.50 -84.52 26.77
N VAL B 638 -48.19 -85.76 26.36
CA VAL B 638 -47.73 -86.07 25.01
C VAL B 638 -48.39 -87.38 24.60
N THR B 639 -48.06 -87.85 23.40
CA THR B 639 -48.52 -89.17 22.98
C THR B 639 -47.45 -90.03 22.33
N ASP B 640 -46.37 -89.47 21.77
CA ASP B 640 -45.28 -90.29 21.23
C ASP B 640 -44.21 -90.40 22.30
N ARG B 641 -44.16 -91.56 22.96
CA ARG B 641 -43.17 -91.77 24.00
C ARG B 641 -41.76 -91.64 23.47
N ALA B 642 -41.52 -92.07 22.22
CA ALA B 642 -40.19 -92.06 21.65
C ALA B 642 -39.60 -90.66 21.64
N MET B 643 -40.20 -89.75 20.86
CA MET B 643 -39.66 -88.41 20.78
C MET B 643 -39.76 -87.69 22.12
N ALA B 644 -40.81 -87.97 22.89
CA ALA B 644 -40.97 -87.32 24.19
C ALA B 644 -39.77 -87.60 25.07
N ALA B 645 -39.37 -88.87 25.15
CA ALA B 645 -38.14 -89.20 25.86
C ALA B 645 -36.95 -88.54 25.21
N ALA B 646 -36.94 -88.48 23.88
CA ALA B 646 -35.82 -87.87 23.18
C ALA B 646 -35.70 -86.38 23.50
N LEU B 647 -36.80 -85.74 23.87
CA LEU B 647 -36.78 -84.32 24.19
C LEU B 647 -36.65 -84.05 25.68
N ILE B 648 -36.56 -85.09 26.51
CA ILE B 648 -36.58 -84.91 27.95
C ILE B 648 -35.20 -84.65 28.54
N GLU B 649 -34.15 -84.70 27.72
CA GLU B 649 -32.79 -84.55 28.20
C GLU B 649 -32.34 -83.10 28.34
N ARG B 650 -33.18 -82.15 27.94
CA ARG B 650 -32.80 -80.75 28.09
C ARG B 650 -32.86 -80.34 29.56
N ARG B 651 -31.88 -79.55 29.97
CA ARG B 651 -31.82 -79.04 31.35
C ARG B 651 -32.29 -77.60 31.34
N LEU B 652 -33.50 -77.37 31.83
CA LEU B 652 -34.05 -76.03 31.86
C LEU B 652 -33.19 -75.11 32.72
N ASP B 653 -32.86 -73.95 32.19
CA ASP B 653 -32.06 -72.97 32.93
C ASP B 653 -32.96 -72.04 33.74
N SER B 654 -33.85 -72.64 34.53
CA SER B 654 -34.76 -71.89 35.38
C SER B 654 -34.85 -72.61 36.72
N ARG B 655 -34.32 -71.99 37.76
CA ARG B 655 -34.40 -72.55 39.09
C ARG B 655 -35.80 -72.34 39.67
N ALA B 656 -36.13 -73.14 40.69
CA ALA B 656 -37.39 -73.00 41.40
C ALA B 656 -37.12 -72.61 42.83
N LEU B 657 -37.86 -71.62 43.33
CA LEU B 657 -37.74 -71.16 44.70
C LEU B 657 -39.00 -71.63 45.44
N VAL B 658 -38.95 -72.85 45.93
CA VAL B 658 -40.11 -73.46 46.56
C VAL B 658 -40.27 -72.89 47.97
N ASN B 659 -41.50 -72.56 48.31
CA ASN B 659 -41.85 -72.10 49.65
C ASN B 659 -43.13 -72.77 50.08
N VAL B 660 -43.17 -73.22 51.34
CA VAL B 660 -44.34 -73.89 51.87
C VAL B 660 -44.45 -73.58 53.35
N GLY B 661 -45.67 -73.26 53.80
CA GLY B 661 -45.91 -73.01 55.19
C GLY B 661 -46.24 -74.27 55.96
N GLY B 662 -46.33 -74.13 57.28
CA GLY B 662 -46.70 -75.26 58.12
C GLY B 662 -48.08 -75.79 57.82
N ASP B 663 -48.98 -74.93 57.36
CA ASP B 663 -50.33 -75.29 56.95
C ASP B 663 -50.38 -75.98 55.61
N GLN B 664 -49.22 -76.37 55.08
CA GLN B 664 -49.07 -77.07 53.81
C GLN B 664 -49.48 -76.23 52.61
N LEU B 665 -49.67 -74.92 52.78
CA LEU B 665 -49.88 -74.04 51.65
C LEU B 665 -48.56 -73.91 50.90
N MET B 666 -48.50 -74.47 49.71
CA MET B 666 -47.26 -74.64 48.97
C MET B 666 -47.19 -73.65 47.83
N PHE B 667 -45.99 -73.10 47.58
CA PHE B 667 -45.82 -72.08 46.57
C PHE B 667 -44.52 -72.33 45.81
N VAL B 668 -44.49 -71.86 44.56
CA VAL B 668 -43.37 -72.06 43.66
C VAL B 668 -43.03 -70.73 42.99
N GLU B 669 -41.76 -70.56 42.66
CA GLU B 669 -41.31 -69.37 41.96
C GLU B 669 -40.10 -69.71 41.10
N TYR B 670 -40.12 -69.30 39.83
CA TYR B 670 -39.04 -69.57 38.90
C TYR B 670 -38.19 -68.31 38.77
N ALA B 671 -36.94 -68.39 39.26
CA ALA B 671 -36.09 -67.20 39.25
C ALA B 671 -35.86 -66.67 37.85
N PRO B 672 -35.47 -67.46 36.85
CA PRO B 672 -35.68 -67.04 35.48
C PRO B 672 -37.06 -67.43 35.03
N PRO B 673 -37.89 -66.47 34.62
CA PRO B 673 -39.27 -66.79 34.28
C PRO B 673 -39.34 -67.84 33.18
N LEU B 674 -40.30 -68.74 33.30
CA LEU B 674 -40.43 -69.85 32.37
C LEU B 674 -41.33 -69.42 31.23
N PRO B 675 -40.81 -69.28 30.01
CA PRO B 675 -41.63 -68.82 28.89
C PRO B 675 -42.30 -69.97 28.15
N LEU B 676 -43.52 -69.71 27.68
CA LEU B 676 -44.29 -70.76 27.05
C LEU B 676 -43.63 -71.25 25.76
N VAL B 677 -43.03 -70.35 25.00
CA VAL B 677 -42.43 -70.75 23.73
C VAL B 677 -41.30 -71.75 23.96
N SER B 678 -40.68 -71.72 25.13
CA SER B 678 -39.66 -72.70 25.45
C SER B 678 -40.23 -74.10 25.53
N ILE B 679 -41.52 -74.24 25.81
CA ILE B 679 -42.14 -75.57 25.82
C ILE B 679 -42.18 -76.12 24.40
N PRO B 680 -41.71 -77.34 24.15
CA PRO B 680 -41.82 -77.91 22.80
C PRO B 680 -43.29 -78.02 22.41
N ARG B 681 -43.57 -77.68 21.16
CA ARG B 681 -44.95 -77.54 20.72
C ARG B 681 -45.70 -78.86 20.65
N THR B 682 -45.01 -79.99 20.81
CA THR B 682 -45.71 -81.26 20.92
C THR B 682 -46.31 -81.50 22.29
N PHE B 683 -45.98 -80.67 23.28
CA PHE B 683 -46.49 -80.86 24.62
C PHE B 683 -47.94 -80.38 24.70
N LEU B 684 -48.49 -80.45 25.91
CA LEU B 684 -49.86 -79.97 26.15
C LEU B 684 -49.99 -79.69 27.64
N LEU B 685 -50.41 -78.48 27.98
CA LEU B 685 -50.47 -78.09 29.37
C LEU B 685 -51.92 -77.90 29.82
N PRO B 686 -52.22 -78.15 31.08
CA PRO B 686 -53.53 -77.79 31.61
C PRO B 686 -53.66 -76.29 31.73
N VAL B 687 -54.91 -75.82 31.71
CA VAL B 687 -55.16 -74.39 31.81
C VAL B 687 -54.63 -73.86 33.13
N THR B 688 -54.95 -74.52 34.22
CA THR B 688 -54.41 -74.18 35.53
C THR B 688 -53.89 -75.45 36.19
N TYR B 689 -53.03 -75.27 37.18
CA TYR B 689 -52.46 -76.40 37.88
C TYR B 689 -52.07 -75.95 39.29
N VAL B 690 -52.03 -76.91 40.20
CA VAL B 690 -51.69 -76.66 41.60
C VAL B 690 -50.50 -77.54 41.97
N VAL B 691 -49.46 -76.91 42.50
CA VAL B 691 -48.29 -77.64 42.93
C VAL B 691 -48.64 -78.52 44.14
N HIS B 692 -48.02 -79.68 44.22
CA HIS B 692 -48.31 -80.61 45.31
C HIS B 692 -47.19 -81.62 45.44
N TRP B 693 -47.08 -82.20 46.62
CA TRP B 693 -46.15 -83.30 46.83
C TRP B 693 -46.48 -84.45 45.90
N VAL B 694 -45.43 -85.07 45.35
CA VAL B 694 -45.65 -86.24 44.52
C VAL B 694 -46.05 -87.45 45.36
N SER B 695 -45.66 -87.48 46.63
CA SER B 695 -45.95 -88.60 47.53
C SER B 695 -46.19 -88.05 48.91
N PRO B 696 -47.43 -87.66 49.21
CA PRO B 696 -47.71 -87.05 50.52
C PRO B 696 -47.48 -87.97 51.69
N GLN B 697 -47.45 -89.29 51.47
CA GLN B 697 -47.25 -90.21 52.58
C GLN B 697 -45.82 -90.21 53.09
N ARG B 698 -44.87 -89.65 52.33
CA ARG B 698 -43.50 -89.58 52.82
C ARG B 698 -43.40 -88.75 54.09
N VAL B 699 -44.10 -87.62 54.14
CA VAL B 699 -44.04 -86.77 55.31
C VAL B 699 -44.93 -87.34 56.41
N LEU B 700 -44.49 -87.15 57.65
CA LEU B 700 -45.22 -87.62 58.81
C LEU B 700 -45.68 -86.51 59.74
N LEU B 701 -45.08 -85.33 59.64
CA LEU B 701 -45.51 -84.19 60.44
C LEU B 701 -44.97 -82.91 59.81
N ASN B 702 -45.85 -81.93 59.64
CA ASN B 702 -45.44 -80.64 59.11
C ASN B 702 -44.81 -79.82 60.23
N GLY B 703 -43.53 -79.52 60.08
CA GLY B 703 -42.88 -78.62 61.01
C GLY B 703 -43.24 -77.18 60.71
N GLY B 704 -42.29 -76.27 60.85
CA GLY B 704 -42.53 -74.89 60.50
C GLY B 704 -42.54 -74.69 59.01
N ASN B 705 -42.69 -73.43 58.60
CA ASN B 705 -42.64 -73.10 57.19
C ASN B 705 -41.25 -73.34 56.63
N VAL B 706 -41.18 -73.61 55.33
CA VAL B 706 -39.97 -74.08 54.69
C VAL B 706 -39.78 -73.36 53.36
N SER B 707 -38.52 -73.06 53.02
CA SER B 707 -38.17 -72.57 51.71
C SER B 707 -36.86 -73.19 51.28
N PHE B 708 -36.71 -73.40 49.98
CA PHE B 708 -35.50 -73.98 49.42
C PHE B 708 -35.50 -73.76 47.92
N THR B 709 -34.34 -74.01 47.30
CA THR B 709 -34.16 -73.85 45.88
C THR B 709 -33.69 -75.16 45.27
N SER B 710 -34.09 -75.41 44.02
CA SER B 710 -33.72 -76.63 43.34
C SER B 710 -33.85 -76.43 41.84
N GLY B 711 -33.23 -77.34 41.10
CA GLY B 711 -33.36 -77.34 39.66
C GLY B 711 -34.65 -78.00 39.21
N LEU B 712 -34.89 -77.92 37.90
CA LEU B 712 -36.11 -78.45 37.30
C LEU B 712 -35.73 -79.50 36.27
N GLU B 713 -36.54 -80.56 36.19
CA GLU B 713 -36.22 -81.69 35.33
C GLU B 713 -37.50 -82.38 34.91
N TRP B 714 -37.82 -82.31 33.62
CA TRP B 714 -38.95 -83.07 33.09
C TRP B 714 -38.73 -84.55 33.31
N THR B 715 -39.79 -85.24 33.73
CA THR B 715 -39.69 -86.67 33.98
C THR B 715 -41.02 -87.33 33.71
N PHE B 716 -40.96 -88.64 33.43
CA PHE B 716 -42.17 -89.41 33.25
C PHE B 716 -42.82 -89.67 34.60
N ASP B 717 -43.95 -90.36 34.56
CA ASP B 717 -44.66 -90.74 35.78
C ASP B 717 -45.54 -91.94 35.49
N ASP B 718 -45.87 -92.68 36.53
CA ASP B 718 -46.71 -93.86 36.40
C ASP B 718 -47.66 -93.98 37.59
N ASP C 63 34.28 -24.27 27.70
CA ASP C 63 33.11 -23.94 28.49
C ASP C 63 31.81 -24.29 27.76
N HIS C 64 31.67 -23.78 26.54
CA HIS C 64 30.55 -24.15 25.69
C HIS C 64 30.87 -25.43 24.93
N ARG C 65 29.84 -26.27 24.73
CA ARG C 65 30.01 -27.46 23.91
C ARG C 65 29.05 -27.48 22.73
N ASP C 66 27.75 -27.26 22.98
CA ASP C 66 26.76 -27.30 21.91
C ASP C 66 25.70 -26.21 22.06
N ASP C 67 26.01 -25.12 22.72
CA ASP C 67 25.00 -24.11 23.06
C ASP C 67 24.52 -23.32 21.86
N ALA C 68 25.18 -23.46 20.70
CA ALA C 68 24.77 -22.75 19.50
C ALA C 68 23.91 -23.60 18.56
N SER C 69 23.51 -24.78 18.99
CA SER C 69 22.87 -25.76 18.10
C SER C 69 21.36 -25.56 18.10
N THR C 70 20.81 -25.26 16.92
CA THR C 70 19.37 -25.28 16.67
C THR C 70 19.16 -25.80 15.25
N LEU C 71 17.92 -25.74 14.78
CA LEU C 71 17.68 -25.81 13.35
C LEU C 71 18.03 -24.46 12.74
N LEU C 72 18.77 -24.48 11.64
CA LEU C 72 19.36 -23.26 11.10
C LEU C 72 18.89 -22.95 9.69
N ALA C 73 17.78 -23.55 9.27
CA ALA C 73 17.19 -23.25 7.97
C ALA C 73 15.71 -23.55 8.01
N THR C 74 14.97 -22.98 7.08
CA THR C 74 13.52 -23.19 7.05
C THR C 74 13.22 -24.63 6.71
N PRO C 75 12.57 -25.38 7.60
CA PRO C 75 12.28 -26.79 7.29
C PRO C 75 11.35 -26.97 6.11
N MET C 76 10.40 -26.05 5.91
CA MET C 76 9.46 -26.20 4.82
C MET C 76 10.17 -26.24 3.48
N ILE C 77 11.11 -25.31 3.26
CA ILE C 77 11.84 -25.28 2.01
C ILE C 77 12.66 -26.56 1.85
N ASN C 78 13.38 -26.94 2.90
CA ASN C 78 14.20 -28.14 2.82
C ASN C 78 13.36 -29.38 2.60
N ASN C 79 12.23 -29.48 3.29
CA ASN C 79 11.33 -30.61 3.08
C ASN C 79 10.85 -30.65 1.64
N ALA C 80 10.42 -29.49 1.12
CA ALA C 80 9.98 -29.43 -0.27
C ALA C 80 11.12 -29.80 -1.20
N ILE C 81 12.31 -29.28 -0.94
CA ILE C 81 13.47 -29.62 -1.76
C ILE C 81 13.76 -31.10 -1.67
N ARG C 82 13.85 -31.62 -0.45
CA ARG C 82 14.24 -33.02 -0.28
C ARG C 82 13.25 -33.94 -0.97
N SER C 83 11.96 -33.70 -0.79
CA SER C 83 10.96 -34.52 -1.43
C SER C 83 11.08 -34.45 -2.95
N PHE C 84 11.29 -33.25 -3.48
CA PHE C 84 11.38 -33.09 -4.93
C PHE C 84 12.54 -33.90 -5.50
N LEU C 85 13.72 -33.78 -4.89
CA LEU C 85 14.86 -34.50 -5.40
C LEU C 85 14.65 -36.00 -5.35
N THR C 86 14.09 -36.49 -4.24
CA THR C 86 13.82 -37.92 -4.11
C THR C 86 12.83 -38.38 -5.17
N ALA C 87 11.79 -37.58 -5.43
CA ALA C 87 10.78 -37.99 -6.39
C ALA C 87 11.38 -38.15 -7.77
N TRP C 88 12.22 -37.21 -8.19
CA TRP C 88 12.87 -37.29 -9.48
C TRP C 88 14.19 -38.02 -9.43
N ASP C 89 14.43 -38.78 -8.36
CA ASP C 89 15.67 -39.54 -8.28
C ASP C 89 15.72 -40.67 -9.30
N GLY C 90 14.58 -41.15 -9.78
CA GLY C 90 14.60 -42.22 -10.75
C GLY C 90 15.11 -41.82 -12.11
N ILE C 91 15.17 -40.51 -12.39
CA ILE C 91 15.56 -40.03 -13.71
C ILE C 91 17.06 -40.03 -13.92
N ARG C 92 17.83 -40.45 -12.93
CA ARG C 92 19.27 -40.22 -12.94
C ARG C 92 19.96 -41.08 -14.00
N ILE C 93 21.23 -40.76 -14.23
CA ILE C 93 21.97 -41.29 -15.37
C ILE C 93 22.44 -42.72 -15.09
N LEU C 94 22.72 -43.43 -16.17
CA LEU C 94 23.30 -44.77 -16.11
C LEU C 94 24.81 -44.69 -15.99
N SER C 95 25.39 -45.76 -15.45
CA SER C 95 26.84 -45.87 -15.39
C SER C 95 27.40 -46.29 -16.74
N PRO C 96 28.66 -45.92 -17.03
CA PRO C 96 29.26 -46.37 -18.30
C PRO C 96 29.33 -47.88 -18.41
N ASP C 97 29.51 -48.58 -17.29
CA ASP C 97 29.49 -50.04 -17.31
C ASP C 97 28.12 -50.55 -17.76
N VAL C 98 27.05 -50.03 -17.17
CA VAL C 98 25.70 -50.43 -17.56
C VAL C 98 25.44 -50.02 -19.00
N SER C 99 25.84 -48.80 -19.38
CA SER C 99 25.56 -48.31 -20.72
C SER C 99 26.26 -49.16 -21.78
N SER C 100 27.57 -49.36 -21.63
CA SER C 100 28.30 -50.16 -22.60
C SER C 100 27.76 -51.57 -22.67
N LYS C 101 27.33 -52.11 -21.52
CA LYS C 101 26.71 -53.42 -21.52
C LYS C 101 25.42 -53.40 -22.32
N HIS C 102 24.52 -52.47 -22.00
CA HIS C 102 23.23 -52.38 -22.69
C HIS C 102 23.42 -52.33 -24.20
N LEU C 103 24.37 -51.51 -24.65
CA LEU C 103 24.63 -51.40 -26.06
C LEU C 103 25.12 -52.72 -26.63
N SER C 104 26.26 -53.21 -26.13
CA SER C 104 26.86 -54.41 -26.68
C SER C 104 25.94 -55.62 -26.54
N ALA C 105 25.26 -55.73 -25.40
CA ALA C 105 24.39 -56.88 -25.17
C ALA C 105 23.27 -56.93 -26.21
N TYR C 106 22.66 -55.78 -26.50
CA TYR C 106 21.61 -55.74 -27.51
C TYR C 106 22.15 -56.16 -28.86
N LEU C 107 23.28 -55.57 -29.27
CA LEU C 107 23.87 -55.93 -30.55
C LEU C 107 24.22 -57.41 -30.58
N ASP C 108 24.79 -57.92 -29.50
CA ASP C 108 25.13 -59.33 -29.44
C ASP C 108 23.88 -60.21 -29.51
N SER C 109 22.82 -59.82 -28.81
CA SER C 109 21.63 -60.64 -28.73
C SER C 109 20.74 -60.54 -29.95
N ALA C 110 20.97 -59.55 -30.81
CA ALA C 110 20.02 -59.27 -31.89
C ALA C 110 20.12 -60.26 -33.04
N VAL C 111 21.13 -61.13 -33.07
CA VAL C 111 21.41 -61.93 -34.26
C VAL C 111 20.50 -63.16 -34.24
N ALA C 112 19.46 -63.13 -35.07
CA ALA C 112 18.76 -64.35 -35.43
C ALA C 112 19.63 -65.17 -36.38
N ASN C 113 19.27 -66.44 -36.55
CA ASN C 113 20.16 -67.37 -37.24
C ASN C 113 20.43 -66.93 -38.68
N GLY C 114 19.39 -66.58 -39.42
CA GLY C 114 19.54 -66.25 -40.80
C GLY C 114 19.62 -67.50 -41.66
N PRO C 115 19.38 -67.36 -42.96
CA PRO C 115 19.25 -68.53 -43.82
C PRO C 115 20.58 -69.24 -44.01
N GLU C 116 20.46 -70.52 -44.33
CA GLU C 116 21.61 -71.36 -44.66
C GLU C 116 21.86 -71.23 -46.16
N LEU C 117 22.88 -70.48 -46.54
CA LEU C 117 23.16 -70.20 -47.94
C LEU C 117 24.27 -71.06 -48.51
N ILE C 118 25.44 -71.08 -47.87
CA ILE C 118 26.60 -71.78 -48.42
C ILE C 118 26.41 -73.27 -48.19
N VAL C 119 26.11 -74.00 -49.25
CA VAL C 119 26.00 -75.45 -49.21
C VAL C 119 26.79 -75.99 -50.39
N GLU C 120 27.93 -76.61 -50.11
CA GLU C 120 28.82 -77.09 -51.15
C GLU C 120 28.70 -78.60 -51.31
N ASP C 121 28.96 -79.08 -52.52
CA ASP C 121 28.93 -80.50 -52.82
C ASP C 121 30.10 -80.84 -53.71
N THR C 122 30.78 -81.93 -53.39
CA THR C 122 31.92 -82.40 -54.16
C THR C 122 31.60 -83.65 -54.96
N GLY C 123 30.38 -84.16 -54.88
CA GLY C 123 30.04 -85.38 -55.58
C GLY C 123 29.78 -85.16 -57.05
N LEU C 124 28.73 -85.79 -57.57
CA LEU C 124 28.39 -85.69 -58.98
C LEU C 124 27.10 -84.90 -59.13
N CYS C 125 27.12 -83.89 -59.99
CA CYS C 125 25.93 -83.10 -60.23
C CYS C 125 24.94 -83.89 -61.06
N THR C 126 24.33 -84.91 -60.45
CA THR C 126 23.34 -85.72 -61.12
C THR C 126 22.18 -86.00 -60.18
N SER C 127 21.00 -86.17 -60.75
CA SER C 127 19.80 -86.47 -59.98
C SER C 127 19.08 -87.72 -60.45
N PHE C 128 19.46 -88.29 -61.59
CA PHE C 128 18.85 -89.51 -62.08
C PHE C 128 19.88 -90.63 -61.99
N MET C 129 19.45 -91.77 -61.47
CA MET C 129 20.33 -92.89 -61.21
C MET C 129 19.95 -94.06 -62.12
N LEU C 130 20.95 -94.65 -62.76
CA LEU C 130 20.73 -95.85 -63.54
C LEU C 130 20.54 -97.04 -62.60
N LEU C 131 19.46 -97.78 -62.79
CA LEU C 131 19.08 -98.83 -61.86
C LEU C 131 19.06 -100.18 -62.55
N ASP C 132 19.29 -101.22 -61.76
CA ASP C 132 19.25 -102.60 -62.21
C ASP C 132 17.95 -103.21 -61.71
N ASN C 133 16.91 -103.13 -62.53
CA ASN C 133 15.58 -103.55 -62.08
C ASN C 133 15.48 -105.06 -61.97
N ILE C 134 15.66 -105.75 -63.08
CA ILE C 134 15.55 -107.20 -63.14
C ILE C 134 16.95 -107.78 -63.29
N PRO C 135 17.45 -108.53 -62.31
CA PRO C 135 18.82 -109.05 -62.41
C PRO C 135 18.96 -110.05 -63.54
N SER C 136 20.17 -110.12 -64.08
CA SER C 136 20.47 -111.11 -65.10
C SER C 136 20.55 -112.50 -64.49
N ALA C 137 20.37 -113.51 -65.35
CA ALA C 137 20.36 -114.89 -64.91
C ALA C 137 21.75 -115.48 -64.92
N HIS C 138 22.09 -116.21 -63.86
CA HIS C 138 23.35 -116.92 -63.78
C HIS C 138 23.16 -118.33 -64.34
N LEU C 139 23.88 -118.64 -65.42
CA LEU C 139 23.77 -119.93 -66.08
C LEU C 139 25.11 -120.65 -66.01
N THR C 140 25.07 -121.92 -65.62
CA THR C 140 26.29 -122.70 -65.51
C THR C 140 26.16 -124.13 -66.03
N LYS C 141 24.98 -124.54 -66.48
CA LYS C 141 24.77 -125.89 -67.00
C LYS C 141 24.53 -125.92 -68.49
N GLU C 142 23.70 -125.01 -68.99
CA GLU C 142 23.45 -124.86 -70.41
C GLU C 142 23.51 -123.38 -70.74
N LEU C 143 23.78 -123.08 -72.01
CA LEU C 143 23.88 -121.71 -72.51
C LEU C 143 25.06 -120.96 -71.88
N ILE C 144 26.13 -121.70 -71.59
CA ILE C 144 27.31 -121.07 -71.00
C ILE C 144 27.93 -120.12 -72.02
N GLY C 145 28.29 -118.94 -71.55
CA GLY C 145 28.96 -117.95 -72.37
C GLY C 145 28.07 -116.84 -72.89
N PHE C 146 26.75 -116.94 -72.69
CA PHE C 146 25.87 -115.89 -73.17
C PHE C 146 25.93 -114.65 -72.28
N THR C 147 26.27 -114.81 -71.01
CA THR C 147 26.30 -113.71 -70.06
C THR C 147 27.69 -113.57 -69.47
N TRP C 148 28.13 -112.33 -69.29
CA TRP C 148 29.48 -112.04 -68.80
C TRP C 148 29.39 -110.91 -67.78
N PHE C 149 29.57 -111.24 -66.52
CA PHE C 149 29.58 -110.25 -65.45
C PHE C 149 30.99 -109.71 -65.25
N MET C 150 31.08 -108.40 -65.01
CA MET C 150 32.37 -107.80 -64.70
C MET C 150 32.94 -108.28 -63.38
N GLN C 151 32.13 -108.93 -62.56
CA GLN C 151 32.61 -109.39 -61.26
C GLN C 151 33.76 -110.38 -61.41
N MET C 152 33.64 -111.30 -62.37
CA MET C 152 34.67 -112.33 -62.53
C MET C 152 36.03 -111.71 -62.80
N TYR C 153 36.06 -110.52 -63.40
CA TYR C 153 37.30 -109.79 -63.57
C TYR C 153 37.57 -108.81 -62.44
N GLN C 154 36.73 -108.80 -61.41
CA GLN C 154 36.91 -107.95 -60.23
C GLN C 154 36.89 -106.48 -60.62
N MET C 155 35.86 -106.08 -61.36
CA MET C 155 35.69 -104.70 -61.76
C MET C 155 34.25 -104.27 -61.48
N THR C 156 34.08 -102.98 -61.27
CA THR C 156 32.75 -102.43 -61.09
C THR C 156 32.29 -101.85 -62.42
N PRO C 157 31.24 -102.40 -63.03
CA PRO C 157 30.81 -101.91 -64.34
C PRO C 157 30.34 -100.47 -64.24
N PRO C 158 30.61 -99.66 -65.26
CA PRO C 158 30.13 -98.28 -65.25
C PRO C 158 28.65 -98.17 -65.53
N LEU C 159 28.06 -99.17 -66.18
CA LEU C 159 26.65 -99.18 -66.48
C LEU C 159 26.00 -100.38 -65.80
N PRO C 160 24.74 -100.25 -65.38
CA PRO C 160 24.07 -101.40 -64.75
C PRO C 160 23.95 -102.54 -65.74
N GLU C 161 24.06 -103.75 -65.21
CA GLU C 161 24.01 -104.97 -66.02
C GLU C 161 22.90 -105.86 -65.48
N GLY C 162 21.78 -105.89 -66.20
CA GLY C 162 20.66 -106.71 -65.80
C GLY C 162 19.77 -107.02 -66.98
N ALA C 163 18.78 -107.87 -66.73
CA ALA C 163 17.82 -108.18 -67.78
C ALA C 163 17.06 -106.94 -68.21
N VAL C 164 16.63 -106.12 -67.26
CA VAL C 164 15.94 -104.88 -67.55
C VAL C 164 16.53 -103.78 -66.67
N ASN C 165 16.95 -102.68 -67.29
CA ASN C 165 17.59 -101.58 -66.59
C ASN C 165 16.78 -100.31 -66.81
N ARG C 166 16.53 -99.59 -65.72
CA ARG C 166 15.65 -98.43 -65.73
C ARG C 166 16.39 -97.19 -65.28
N ILE C 167 15.84 -96.03 -65.63
CA ILE C 167 16.31 -94.74 -65.15
C ILE C 167 15.25 -94.20 -64.19
N VAL C 168 15.69 -93.85 -62.98
CA VAL C 168 14.80 -93.36 -61.95
C VAL C 168 15.37 -92.09 -61.37
N CYS C 169 14.51 -91.34 -60.68
CA CYS C 169 14.86 -90.06 -60.08
C CYS C 169 15.16 -90.26 -58.60
N MET C 170 16.41 -90.06 -58.22
CA MET C 170 16.84 -90.15 -56.82
C MET C 170 17.81 -89.00 -56.57
N THR C 171 17.30 -87.91 -56.01
CA THR C 171 18.10 -86.72 -55.83
C THR C 171 19.29 -86.99 -54.92
N ASN C 172 20.45 -86.49 -55.32
CA ASN C 172 21.67 -86.55 -54.51
C ASN C 172 22.06 -87.98 -54.18
N TRP C 173 21.74 -88.92 -55.06
CA TRP C 173 22.18 -90.29 -54.81
C TRP C 173 23.69 -90.38 -54.82
N ALA C 174 24.34 -89.71 -55.77
CA ALA C 174 25.80 -89.63 -55.81
C ALA C 174 26.29 -88.32 -55.22
N SER C 175 25.92 -88.08 -53.97
CA SER C 175 26.26 -86.84 -53.30
C SER C 175 27.40 -87.07 -52.31
N LEU C 176 28.32 -86.09 -52.26
CA LEU C 176 29.47 -86.19 -51.37
C LEU C 176 29.75 -84.86 -50.69
N GLY C 177 28.72 -84.07 -50.44
CA GLY C 177 28.90 -82.77 -49.83
C GLY C 177 28.83 -82.79 -48.33
N ASP C 178 27.83 -82.10 -47.76
CA ASP C 178 27.71 -82.02 -46.31
C ASP C 178 26.24 -81.84 -45.96
N GLU C 179 25.58 -82.94 -45.60
CA GLU C 179 24.26 -82.97 -44.97
C GLU C 179 23.14 -82.52 -45.89
N GLY C 180 23.43 -82.04 -47.10
CA GLY C 180 22.39 -81.61 -48.00
C GLY C 180 21.46 -80.57 -47.41
N ARG C 181 20.29 -80.39 -48.02
CA ARG C 181 19.34 -79.41 -47.51
C ARG C 181 18.50 -80.00 -46.37
N GLY C 182 17.93 -81.17 -46.60
CA GLY C 182 17.10 -81.79 -45.57
C GLY C 182 15.83 -82.39 -46.13
N LEU C 183 15.63 -82.27 -47.44
CA LEU C 183 14.47 -82.85 -48.09
C LEU C 183 14.89 -83.39 -49.46
N GLU C 184 14.37 -84.56 -49.82
CA GLU C 184 14.79 -85.23 -51.04
C GLU C 184 13.57 -85.80 -51.75
N VAL C 185 13.83 -86.32 -52.94
CA VAL C 185 12.80 -86.97 -53.76
C VAL C 185 13.41 -88.28 -54.24
N ARG C 186 13.07 -89.37 -53.57
CA ARG C 186 13.58 -90.70 -53.91
C ARG C 186 12.42 -91.52 -54.44
N LEU C 187 12.46 -91.85 -55.70
CA LEU C 187 11.40 -92.65 -56.29
C LEU C 187 11.83 -94.09 -56.41
N PRO C 188 10.99 -95.04 -56.02
CA PRO C 188 11.33 -96.45 -56.20
C PRO C 188 11.22 -96.82 -57.67
N PRO C 189 11.77 -97.96 -58.07
CA PRO C 189 11.65 -98.40 -59.46
C PRO C 189 10.20 -98.63 -59.83
N PRO C 190 9.87 -98.54 -61.12
CA PRO C 190 8.46 -98.64 -61.53
C PRO C 190 7.81 -99.95 -61.17
N THR C 191 8.55 -100.93 -60.66
CA THR C 191 7.95 -102.18 -60.22
C THR C 191 7.31 -102.07 -58.85
N ASP C 192 7.23 -100.87 -58.28
CA ASP C 192 6.61 -100.67 -56.97
C ASP C 192 5.52 -99.61 -57.10
N SER C 193 4.92 -99.28 -55.95
CA SER C 193 3.79 -98.35 -55.95
C SER C 193 4.24 -96.95 -56.33
N SER C 194 5.17 -96.38 -55.57
CA SER C 194 5.69 -95.03 -55.75
C SER C 194 4.62 -93.97 -55.54
N VAL C 195 3.39 -94.34 -55.17
CA VAL C 195 2.34 -93.35 -54.99
C VAL C 195 2.64 -92.43 -53.82
N HIS C 196 3.44 -92.87 -52.86
CA HIS C 196 3.69 -92.08 -51.66
C HIS C 196 4.38 -90.76 -51.98
N ALA C 197 4.96 -90.62 -53.16
CA ALA C 197 5.62 -89.38 -53.52
C ALA C 197 4.64 -88.33 -54.04
N TYR C 198 3.38 -88.68 -54.24
CA TYR C 198 2.39 -87.74 -54.75
C TYR C 198 1.24 -87.58 -53.78
N LYS C 199 1.54 -87.56 -52.48
CA LYS C 199 0.53 -87.43 -51.46
C LYS C 199 0.85 -86.27 -50.54
N THR C 200 1.32 -85.17 -51.11
CA THR C 200 1.69 -84.03 -50.28
C THR C 200 0.46 -83.34 -49.72
N VAL C 201 -0.56 -83.13 -50.53
CA VAL C 201 -1.75 -82.39 -50.12
C VAL C 201 -3.00 -83.11 -50.60
N LEU C 202 -4.12 -82.77 -49.96
CA LEU C 202 -5.43 -83.26 -50.36
C LEU C 202 -5.49 -84.78 -50.37
N SER C 203 -4.62 -85.42 -49.60
CA SER C 203 -4.56 -86.87 -49.59
C SER C 203 -4.37 -87.46 -48.21
N ARG C 204 -4.28 -86.65 -47.17
CA ARG C 204 -3.94 -87.14 -45.84
C ARG C 204 -4.93 -88.17 -45.34
N GLY C 205 -6.17 -87.76 -45.12
CA GLY C 205 -7.16 -88.67 -44.58
C GLY C 205 -8.34 -88.85 -45.51
N TYR C 206 -8.10 -88.71 -46.81
CA TYR C 206 -9.16 -88.77 -47.79
C TYR C 206 -9.09 -90.00 -48.69
N ILE C 207 -7.90 -90.45 -49.05
CA ILE C 207 -7.75 -91.60 -49.93
C ILE C 207 -7.05 -92.71 -49.16
N ASP C 208 -7.09 -93.90 -49.73
CA ASP C 208 -6.46 -95.05 -49.11
C ASP C 208 -4.94 -94.96 -49.23
N ASN C 209 -4.27 -95.76 -48.41
CA ASN C 209 -2.81 -95.82 -48.45
C ASN C 209 -2.28 -96.35 -49.77
N ALA C 210 -3.10 -97.08 -50.52
CA ALA C 210 -2.66 -97.70 -51.76
C ALA C 210 -3.18 -96.97 -53.00
N GLN C 211 -3.85 -95.85 -52.83
CA GLN C 211 -4.40 -95.10 -53.96
C GLN C 211 -3.72 -93.75 -54.07
N PHE C 212 -4.03 -93.06 -55.16
CA PHE C 212 -3.59 -91.68 -55.36
C PHE C 212 -4.76 -90.88 -55.87
N ASN C 213 -4.87 -89.64 -55.44
CA ASN C 213 -5.99 -88.80 -55.83
C ASN C 213 -5.82 -88.37 -57.27
N PRO C 214 -6.69 -88.79 -58.19
CA PRO C 214 -6.56 -88.35 -59.57
C PRO C 214 -7.06 -86.95 -59.82
N LEU C 215 -7.84 -86.39 -58.91
CA LEU C 215 -8.41 -85.07 -59.09
C LEU C 215 -7.52 -83.97 -58.53
N ALA C 216 -6.42 -84.32 -57.86
CA ALA C 216 -5.48 -83.34 -57.35
C ALA C 216 -4.09 -83.56 -57.90
N LEU C 217 -3.99 -84.21 -59.06
CA LEU C 217 -2.69 -84.63 -59.57
C LEU C 217 -1.77 -83.44 -59.83
N ARG C 218 -2.31 -82.38 -60.43
CA ARG C 218 -1.46 -81.26 -60.83
C ARG C 218 -0.77 -80.65 -59.63
N SER C 219 -1.52 -80.40 -58.56
CA SER C 219 -0.93 -79.78 -57.38
C SER C 219 0.18 -80.64 -56.80
N ASN C 220 -0.09 -81.95 -56.63
CA ASN C 220 0.91 -82.82 -56.05
C ASN C 220 2.16 -82.88 -56.90
N VAL C 221 1.99 -82.95 -58.22
CA VAL C 221 3.15 -82.96 -59.11
C VAL C 221 3.93 -81.67 -58.93
N LEU C 222 3.24 -80.54 -58.90
CA LEU C 222 3.92 -79.26 -58.76
C LEU C 222 4.73 -79.22 -57.48
N LEU C 223 4.12 -79.65 -56.38
CA LEU C 223 4.86 -79.65 -55.11
C LEU C 223 6.05 -80.58 -55.18
N MET C 224 5.89 -81.75 -55.78
CA MET C 224 7.00 -82.68 -55.88
C MET C 224 8.16 -82.06 -56.65
N LEU C 225 7.86 -81.40 -57.76
CA LEU C 225 8.92 -80.73 -58.51
C LEU C 225 9.58 -79.65 -57.68
N LEU C 226 8.78 -78.91 -56.92
CA LEU C 226 9.34 -77.85 -56.08
C LEU C 226 10.35 -78.42 -55.10
N GLN C 227 10.01 -79.54 -54.47
CA GLN C 227 10.97 -80.20 -53.59
C GLN C 227 12.19 -80.64 -54.36
N PHE C 228 11.99 -81.20 -55.55
CA PHE C 228 13.10 -81.58 -56.40
C PHE C 228 14.02 -80.40 -56.65
N THR C 229 13.44 -79.24 -56.95
CA THR C 229 14.24 -78.05 -57.21
C THR C 229 15.01 -77.62 -55.97
N LEU C 230 14.32 -77.49 -54.84
CA LEU C 230 14.96 -77.01 -53.64
C LEU C 230 16.08 -77.93 -53.19
N SER C 231 15.96 -79.23 -53.48
CA SER C 231 16.95 -80.17 -53.01
C SER C 231 18.29 -80.01 -53.71
N ASN C 232 18.32 -79.39 -54.88
CA ASN C 232 19.55 -79.28 -55.66
C ASN C 232 20.22 -77.93 -55.53
N LEU C 233 19.74 -77.06 -54.64
CA LEU C 233 20.36 -75.76 -54.48
C LEU C 233 21.71 -75.91 -53.77
N LYS C 234 22.77 -76.05 -54.55
CA LYS C 234 24.09 -76.31 -54.01
C LYS C 234 25.12 -75.59 -54.84
N ILE C 235 26.37 -75.67 -54.39
CA ILE C 235 27.52 -75.15 -55.13
C ILE C 235 28.37 -76.34 -55.54
N ASN C 236 28.60 -76.49 -56.84
CA ASN C 236 29.45 -77.56 -57.33
C ASN C 236 30.90 -77.21 -57.02
N LYS C 237 31.38 -77.69 -55.88
CA LYS C 237 32.73 -77.39 -55.46
C LYS C 237 33.73 -78.22 -56.24
N SER C 238 34.94 -77.67 -56.37
CA SER C 238 36.02 -78.40 -57.02
C SER C 238 36.55 -79.48 -56.09
N SER C 239 37.52 -80.24 -56.59
CA SER C 239 38.15 -81.31 -55.82
C SER C 239 39.59 -81.45 -56.28
N THR C 240 40.22 -82.55 -55.89
CA THR C 240 41.62 -82.79 -56.22
C THR C 240 41.71 -83.51 -57.55
N PHE C 241 42.14 -82.79 -58.58
CA PHE C 241 42.40 -83.41 -59.87
C PHE C 241 43.78 -84.05 -59.88
N THR C 242 43.89 -85.15 -60.63
CA THR C 242 45.16 -85.85 -60.74
C THR C 242 45.20 -86.59 -62.06
N SER C 243 46.41 -86.95 -62.48
CA SER C 243 46.62 -87.76 -63.66
C SER C 243 46.76 -89.23 -63.27
N ASP C 244 46.61 -90.09 -64.26
CA ASP C 244 46.73 -91.53 -64.06
C ASP C 244 47.93 -92.04 -64.83
N VAL C 245 48.73 -92.87 -64.19
CA VAL C 245 49.91 -93.45 -64.83
C VAL C 245 49.52 -94.74 -65.51
N THR C 246 48.23 -95.06 -65.48
CA THR C 246 47.74 -96.29 -66.07
C THR C 246 47.72 -96.18 -67.59
N THR C 247 47.85 -97.34 -68.25
CA THR C 247 47.88 -97.36 -69.71
C THR C 247 46.55 -96.95 -70.32
N ILE C 248 45.47 -96.91 -69.55
CA ILE C 248 44.17 -96.53 -70.07
C ILE C 248 44.03 -95.01 -70.04
N THR C 249 45.13 -94.32 -69.78
CA THR C 249 45.11 -92.87 -69.72
C THR C 249 44.73 -92.28 -71.07
N SER C 250 44.42 -90.98 -71.06
CA SER C 250 44.12 -90.26 -72.28
C SER C 250 44.77 -88.89 -72.33
N GLY C 251 45.74 -88.62 -71.45
CA GLY C 251 46.42 -87.36 -71.42
C GLY C 251 45.84 -86.35 -70.45
N ARG C 252 44.52 -86.35 -70.27
CA ARG C 252 43.91 -85.39 -69.37
C ARG C 252 43.95 -85.91 -67.94
N MET C 253 43.70 -85.02 -67.00
CA MET C 253 43.63 -85.37 -65.58
C MET C 253 42.18 -85.56 -65.17
N ILE C 254 41.98 -86.41 -64.17
CA ILE C 254 40.65 -86.74 -63.69
C ILE C 254 40.61 -86.59 -62.18
N ARG C 255 39.39 -86.49 -61.65
CA ARG C 255 39.20 -86.37 -60.21
C ARG C 255 39.43 -87.71 -59.53
N ALA C 256 40.17 -87.68 -58.42
CA ALA C 256 40.54 -88.91 -57.74
C ALA C 256 39.39 -89.52 -56.95
N PHE C 257 38.47 -88.70 -56.45
CA PHE C 257 37.41 -89.15 -55.57
C PHE C 257 37.98 -89.92 -54.38
N GLU C 258 38.73 -89.18 -53.56
CA GLU C 258 39.30 -89.77 -52.35
C GLU C 258 38.19 -90.34 -51.49
N GLY C 259 38.17 -91.67 -51.36
CA GLY C 259 37.02 -92.31 -50.76
C GLY C 259 35.91 -92.54 -51.76
N ARG C 260 35.16 -93.60 -51.53
CA ARG C 260 34.10 -94.02 -52.44
C ARG C 260 34.66 -94.22 -53.84
N PRO C 261 35.51 -95.21 -54.05
CA PRO C 261 36.03 -95.46 -55.41
C PRO C 261 34.95 -95.78 -56.40
N GLU C 262 33.82 -96.35 -55.96
CA GLU C 262 32.72 -96.63 -56.88
C GLU C 262 32.26 -95.36 -57.58
N LEU C 263 32.37 -94.21 -56.91
CA LEU C 263 32.08 -92.96 -57.58
C LEU C 263 33.03 -92.76 -58.76
N LEU C 264 34.31 -93.07 -58.57
CA LEU C 264 35.26 -92.97 -59.67
C LEU C 264 34.87 -93.91 -60.81
N ALA C 265 34.47 -95.14 -60.48
CA ALA C 265 34.08 -96.07 -61.52
C ALA C 265 32.88 -95.55 -62.29
N LEU C 266 31.91 -94.96 -61.59
CA LEU C 266 30.70 -94.48 -62.24
C LEU C 266 30.94 -93.18 -62.99
N ALA C 267 31.85 -92.33 -62.51
CA ALA C 267 31.98 -90.98 -63.06
C ALA C 267 32.42 -91.01 -64.52
N TYR C 268 33.37 -91.87 -64.86
CA TYR C 268 33.97 -91.89 -66.19
C TYR C 268 33.70 -93.24 -66.84
N PRO C 269 32.59 -93.40 -67.55
CA PRO C 269 32.36 -94.64 -68.27
C PRO C 269 33.44 -94.94 -69.29
N GLY C 270 34.07 -93.90 -69.85
CA GLY C 270 35.06 -94.11 -70.88
C GLY C 270 36.27 -94.89 -70.45
N ARG C 271 36.50 -95.01 -69.14
CA ARG C 271 37.66 -95.72 -68.62
C ARG C 271 37.40 -97.20 -68.41
N ALA C 272 36.34 -97.73 -69.01
CA ALA C 272 36.04 -99.14 -68.80
C ALA C 272 37.00 -100.03 -69.57
N VAL C 273 37.00 -101.31 -69.20
CA VAL C 273 37.71 -102.35 -69.93
C VAL C 273 36.68 -103.33 -70.45
N LEU C 274 36.84 -103.74 -71.71
CA LEU C 274 35.82 -104.51 -72.43
C LEU C 274 36.41 -105.84 -72.87
N PRO C 275 36.34 -106.87 -72.06
CA PRO C 275 36.84 -108.18 -72.47
C PRO C 275 36.00 -108.78 -73.59
N THR C 276 34.69 -108.77 -73.43
CA THR C 276 33.79 -109.45 -74.36
C THR C 276 32.77 -108.48 -74.92
N GLN C 277 32.29 -108.79 -76.12
CA GLN C 277 31.41 -107.88 -76.86
C GLN C 277 29.97 -108.08 -76.38
N THR C 278 29.67 -107.48 -75.23
CA THR C 278 28.31 -107.45 -74.73
C THR C 278 27.56 -106.28 -75.33
N LYS C 279 26.28 -106.17 -75.00
CA LYS C 279 25.51 -105.02 -75.45
C LYS C 279 26.09 -103.73 -74.89
N ASN C 280 26.51 -103.76 -73.62
CA ASN C 280 27.21 -102.60 -73.07
C ASN C 280 28.48 -102.30 -73.84
N ALA C 281 29.24 -103.34 -74.18
CA ALA C 281 30.49 -103.13 -74.91
C ALA C 281 30.23 -102.49 -76.26
N GLN C 282 29.19 -102.94 -76.96
CA GLN C 282 28.87 -102.37 -78.26
C GLN C 282 28.67 -100.87 -78.18
N PHE C 283 28.19 -100.38 -77.04
CA PHE C 283 28.03 -98.94 -76.86
C PHE C 283 29.32 -98.30 -76.38
N LEU C 284 29.85 -98.79 -75.26
CA LEU C 284 31.02 -98.15 -74.64
C LEU C 284 32.20 -98.09 -75.60
N SER C 285 32.32 -99.05 -76.50
CA SER C 285 33.42 -99.05 -77.44
C SER C 285 33.42 -97.83 -78.34
N THR C 286 32.28 -97.14 -78.43
CA THR C 286 32.16 -95.97 -79.29
C THR C 286 32.57 -94.68 -78.60
N ALA C 287 32.92 -94.73 -77.32
CA ALA C 287 33.21 -93.50 -76.59
C ALA C 287 34.46 -92.83 -77.12
N ILE C 288 34.40 -91.51 -77.24
CA ILE C 288 35.57 -90.74 -77.65
C ILE C 288 36.62 -90.74 -76.55
N ALA C 289 37.89 -90.86 -76.93
CA ALA C 289 38.92 -91.09 -75.94
C ALA C 289 39.18 -89.87 -75.06
N ASP C 290 39.19 -88.67 -75.64
CA ASP C 290 39.66 -87.48 -74.96
C ASP C 290 38.52 -86.61 -74.44
N ARG C 291 37.41 -87.20 -74.05
CA ARG C 291 36.27 -86.47 -73.51
C ARG C 291 36.16 -86.69 -72.00
N ILE C 292 37.29 -86.76 -71.32
CA ILE C 292 37.34 -87.15 -69.92
C ILE C 292 38.09 -86.12 -69.12
N GLY C 293 37.53 -85.76 -67.96
CA GLY C 293 38.30 -85.02 -66.98
C GLY C 293 38.36 -83.53 -67.24
N ARG C 294 39.37 -82.90 -66.64
CA ARG C 294 39.51 -81.46 -66.70
C ARG C 294 39.72 -80.98 -68.13
N LEU C 295 39.11 -79.85 -68.46
CA LEU C 295 39.32 -79.21 -69.74
C LEU C 295 40.15 -77.94 -69.62
N ASP C 296 39.83 -77.08 -68.66
CA ASP C 296 40.56 -75.84 -68.47
C ASP C 296 40.37 -75.39 -67.02
N ARG C 297 41.33 -74.61 -66.54
CA ARG C 297 41.30 -74.10 -65.18
C ARG C 297 41.76 -72.66 -65.17
N ALA C 298 41.31 -71.92 -64.17
CA ALA C 298 41.78 -70.56 -63.90
C ALA C 298 42.84 -70.66 -62.81
N ASN C 299 44.09 -70.40 -63.19
CA ASN C 299 45.23 -70.56 -62.29
C ASN C 299 45.83 -69.18 -62.06
N LEU C 300 45.48 -68.57 -60.93
CA LEU C 300 45.87 -67.19 -60.65
C LEU C 300 47.16 -67.12 -59.84
N ILE C 301 47.23 -67.84 -58.73
CA ILE C 301 48.34 -67.75 -57.80
C ILE C 301 49.14 -69.03 -57.91
N GLY C 302 50.45 -68.89 -58.12
CA GLY C 302 51.32 -70.05 -58.20
C GLY C 302 51.29 -70.87 -56.93
N GLY C 303 51.16 -72.18 -57.08
CA GLY C 303 51.17 -73.08 -55.94
C GLY C 303 49.86 -73.18 -55.19
N GLU C 304 48.81 -72.48 -55.64
CA GLU C 304 47.52 -72.52 -55.00
C GLU C 304 46.53 -73.32 -55.84
N VAL C 305 45.45 -73.74 -55.18
CA VAL C 305 44.40 -74.45 -55.90
C VAL C 305 43.74 -73.49 -56.88
N SER C 306 43.26 -74.04 -57.99
CA SER C 306 42.66 -73.21 -59.02
C SER C 306 41.42 -72.50 -58.50
N ALA C 307 41.25 -71.25 -58.91
CA ALA C 307 40.07 -70.50 -58.50
C ALA C 307 38.79 -71.14 -59.04
N MET C 308 38.81 -71.54 -60.29
CA MET C 308 37.63 -72.10 -60.94
C MET C 308 38.10 -73.00 -62.08
N VAL C 309 37.45 -74.14 -62.23
CA VAL C 309 37.94 -75.19 -63.13
C VAL C 309 36.81 -75.66 -64.03
N GLU C 310 37.20 -76.20 -65.19
CA GLU C 310 36.28 -76.76 -66.14
C GLU C 310 36.58 -78.23 -66.33
N CYS C 311 35.55 -79.07 -66.17
CA CYS C 311 35.70 -80.50 -66.38
C CYS C 311 34.39 -81.06 -66.91
N MET C 312 34.49 -82.21 -67.55
CA MET C 312 33.32 -82.92 -68.04
C MET C 312 33.29 -84.32 -67.44
N GLU C 313 32.11 -84.73 -67.00
CA GLU C 313 31.93 -86.01 -66.32
C GLU C 313 30.45 -86.36 -66.36
N LEU C 314 30.07 -87.37 -65.59
CA LEU C 314 28.67 -87.77 -65.54
C LEU C 314 27.86 -86.70 -64.82
N CYS C 315 26.89 -86.14 -65.52
CA CYS C 315 26.03 -85.11 -64.94
C CYS C 315 24.85 -84.86 -65.85
N ASP C 316 23.66 -84.76 -65.26
CA ASP C 316 22.47 -84.44 -66.03
C ASP C 316 22.37 -82.95 -66.24
N ALA C 317 21.83 -82.56 -67.39
CA ALA C 317 21.72 -81.15 -67.72
C ALA C 317 20.82 -80.42 -66.74
N LEU C 318 19.71 -81.03 -66.35
CA LEU C 318 18.71 -80.34 -65.55
C LEU C 318 19.31 -79.90 -64.21
N THR C 319 19.93 -80.82 -63.49
CA THR C 319 20.54 -80.45 -62.22
C THR C 319 21.62 -79.41 -62.43
N LEU C 320 22.40 -79.55 -63.50
CA LEU C 320 23.43 -78.57 -63.80
C LEU C 320 22.80 -77.19 -63.99
N HIS C 321 21.70 -77.12 -64.74
CA HIS C 321 21.06 -75.83 -64.95
C HIS C 321 20.62 -75.22 -63.64
N ILE C 322 20.09 -76.04 -62.74
CA ILE C 322 19.63 -75.53 -61.45
C ILE C 322 20.79 -74.92 -60.68
N ARG C 323 21.87 -75.68 -60.53
CA ARG C 323 22.96 -75.26 -59.66
C ARG C 323 23.63 -74.01 -60.18
N GLU C 324 23.82 -73.91 -61.50
CA GLU C 324 24.40 -72.70 -62.06
C GLU C 324 23.52 -71.50 -61.78
N THR C 325 22.20 -71.68 -61.86
CA THR C 325 21.30 -70.60 -61.50
C THR C 325 21.49 -70.20 -60.05
N TYR C 326 21.62 -71.18 -59.16
CA TYR C 326 21.80 -70.88 -57.75
C TYR C 326 23.07 -70.05 -57.53
N VAL C 327 24.14 -70.41 -58.22
CA VAL C 327 25.36 -69.61 -58.15
C VAL C 327 25.09 -68.20 -58.66
N MET C 328 24.40 -68.10 -59.79
CA MET C 328 24.07 -66.79 -60.34
C MET C 328 23.34 -65.95 -59.30
N LEU C 329 22.42 -66.57 -58.56
CA LEU C 329 21.72 -65.85 -57.51
C LEU C 329 22.68 -65.33 -56.45
N LEU C 330 23.62 -66.18 -56.02
CA LEU C 330 24.54 -65.76 -54.98
C LEU C 330 25.38 -64.57 -55.43
N ARG C 331 25.90 -64.63 -56.66
CA ARG C 331 26.67 -63.50 -57.17
C ARG C 331 25.85 -62.22 -57.16
N SER C 332 24.55 -62.34 -57.41
CA SER C 332 23.69 -61.17 -57.48
C SER C 332 23.67 -60.38 -56.19
N MET C 333 23.94 -61.02 -55.06
CA MET C 333 23.90 -60.33 -53.78
C MET C 333 25.28 -60.23 -53.13
N HIS C 334 26.33 -60.19 -53.95
CA HIS C 334 27.68 -59.97 -53.48
C HIS C 334 28.21 -58.64 -53.99
N GLN C 335 28.99 -57.97 -53.16
CA GLN C 335 29.62 -56.71 -53.56
C GLN C 335 31.07 -56.72 -53.10
N ASP C 336 31.92 -56.05 -53.86
CA ASP C 336 33.35 -56.04 -53.61
C ASP C 336 33.67 -55.20 -52.38
N PRO C 337 34.87 -55.38 -51.81
CA PRO C 337 35.19 -54.71 -50.54
C PRO C 337 35.02 -53.19 -50.57
N THR C 338 35.42 -52.53 -51.66
CA THR C 338 35.34 -51.08 -51.70
C THR C 338 33.92 -50.62 -51.43
N GLN C 339 32.94 -51.29 -52.04
CA GLN C 339 31.56 -50.98 -51.73
C GLN C 339 31.25 -51.27 -50.27
N ILE C 340 31.76 -52.40 -49.76
CA ILE C 340 31.40 -52.81 -48.41
C ILE C 340 31.88 -51.78 -47.40
N VAL C 341 33.15 -51.40 -47.48
CA VAL C 341 33.70 -50.45 -46.51
C VAL C 341 32.96 -49.12 -46.62
N GLN C 342 32.64 -48.70 -47.85
CA GLN C 342 31.88 -47.48 -48.02
C GLN C 342 30.52 -47.60 -47.37
N ILE C 343 29.86 -48.75 -47.53
CA ILE C 343 28.56 -48.94 -46.92
C ILE C 343 28.67 -48.84 -45.41
N VAL C 344 29.65 -49.53 -44.83
CA VAL C 344 29.80 -49.52 -43.38
C VAL C 344 30.07 -48.10 -42.88
N ASN C 345 30.95 -47.38 -43.58
CA ASN C 345 31.27 -46.01 -43.16
C ASN C 345 30.02 -45.14 -43.19
N GLU C 346 29.24 -45.23 -44.26
CA GLU C 346 28.06 -44.40 -44.37
C GLU C 346 27.05 -44.73 -43.28
N CYS C 347 26.83 -46.03 -43.03
CA CYS C 347 25.90 -46.41 -41.98
C CYS C 347 26.31 -45.84 -40.64
N ALA C 348 27.61 -45.73 -40.39
CA ALA C 348 28.12 -45.11 -39.19
C ALA C 348 28.14 -43.59 -39.28
N ASN C 349 27.41 -43.03 -40.25
CA ASN C 349 27.36 -41.59 -40.45
C ASN C 349 28.76 -41.02 -40.65
N ASN C 350 29.63 -41.79 -41.28
CA ASN C 350 31.00 -41.38 -41.60
C ASN C 350 31.80 -41.04 -40.36
N LEU C 351 31.43 -41.58 -39.21
CA LEU C 351 32.36 -41.71 -38.12
C LEU C 351 33.09 -43.03 -38.24
N LEU C 352 34.21 -43.17 -37.53
CA LEU C 352 34.92 -44.43 -37.46
C LEU C 352 35.28 -44.96 -38.84
N ASN C 353 35.69 -44.07 -39.73
CA ASN C 353 35.96 -44.47 -41.10
C ASN C 353 37.13 -45.43 -41.16
N SER C 354 36.91 -46.56 -41.80
CA SER C 354 37.96 -47.55 -42.03
C SER C 354 38.24 -47.67 -43.51
N THR C 355 39.24 -48.49 -43.84
CA THR C 355 39.59 -48.74 -45.23
C THR C 355 40.05 -50.18 -45.37
N ILE C 356 40.50 -50.53 -46.56
CA ILE C 356 40.83 -51.91 -46.89
C ILE C 356 42.26 -52.00 -47.37
N PRO C 357 42.93 -53.12 -47.18
CA PRO C 357 44.24 -53.31 -47.83
C PRO C 357 44.08 -53.48 -49.32
N ILE C 358 45.12 -53.13 -50.06
CA ILE C 358 45.11 -53.22 -51.51
C ILE C 358 46.00 -54.38 -51.90
N SER C 359 45.40 -55.48 -52.31
CA SER C 359 46.12 -56.68 -52.73
C SER C 359 45.15 -57.60 -53.44
N LEU C 360 45.66 -58.72 -53.92
CA LEU C 360 44.82 -59.68 -54.63
C LEU C 360 43.96 -60.46 -53.65
N ARG C 361 42.67 -60.53 -53.95
CA ARG C 361 41.71 -61.31 -53.18
C ARG C 361 41.02 -62.24 -54.16
N PRO C 362 41.59 -63.40 -54.40
CA PRO C 362 41.18 -64.21 -55.56
C PRO C 362 39.72 -64.65 -55.57
N THR C 363 39.28 -65.35 -54.52
CA THR C 363 38.02 -66.08 -54.60
C THR C 363 37.10 -65.74 -53.43
N ILE C 364 36.97 -64.47 -53.12
CA ILE C 364 36.08 -64.10 -52.02
C ILE C 364 34.64 -64.07 -52.52
N LEU C 365 33.71 -64.19 -51.58
CA LEU C 365 32.28 -64.12 -51.88
C LEU C 365 31.54 -63.74 -50.61
N CYS C 366 30.80 -62.64 -50.66
CA CYS C 366 30.10 -62.10 -49.49
C CYS C 366 28.64 -61.85 -49.86
N PRO C 367 27.83 -62.87 -49.87
CA PRO C 367 26.42 -62.68 -50.23
C PRO C 367 25.66 -61.99 -49.10
N TRP C 368 25.73 -60.67 -49.06
CA TRP C 368 25.24 -59.94 -47.89
C TRP C 368 24.23 -58.84 -48.20
N PHE C 369 23.95 -58.53 -49.47
CA PHE C 369 23.21 -57.33 -49.80
C PHE C 369 22.03 -57.62 -50.69
N ALA C 370 20.88 -57.06 -50.35
CA ALA C 370 19.66 -57.18 -51.14
C ALA C 370 19.26 -55.80 -51.66
N SER C 371 18.19 -55.78 -52.45
CA SER C 371 17.69 -54.53 -53.00
C SER C 371 16.67 -53.90 -52.06
N SER C 372 16.32 -52.65 -52.35
CA SER C 372 15.34 -51.95 -51.52
C SER C 372 14.00 -52.67 -51.55
N GLU C 373 13.61 -53.18 -52.70
CA GLU C 373 12.32 -53.88 -52.81
C GLU C 373 12.25 -55.04 -51.83
N ASP C 374 13.34 -55.80 -51.74
CA ASP C 374 13.39 -56.90 -50.78
C ASP C 374 13.18 -56.38 -49.37
N LEU C 375 13.88 -55.30 -49.01
CA LEU C 375 13.71 -54.71 -47.69
C LEU C 375 12.28 -54.24 -47.51
N ARG C 376 11.75 -53.55 -48.51
CA ARG C 376 10.36 -53.07 -48.42
C ARG C 376 9.42 -54.25 -48.26
N LEU C 377 9.62 -55.29 -49.06
CA LEU C 377 8.74 -56.46 -48.97
C LEU C 377 8.81 -57.09 -47.59
N GLN C 378 10.03 -57.27 -47.07
CA GLN C 378 10.16 -57.89 -45.76
C GLN C 378 9.52 -57.03 -44.68
N GLN C 379 9.74 -55.71 -44.75
CA GLN C 379 9.17 -54.82 -43.75
C GLN C 379 7.66 -54.95 -43.72
N VAL C 380 7.03 -54.93 -44.89
CA VAL C 380 5.59 -55.09 -44.96
C VAL C 380 5.20 -56.46 -44.39
N MET C 381 5.90 -57.50 -44.83
CA MET C 381 5.58 -58.84 -44.34
C MET C 381 5.73 -58.91 -42.84
N HIS C 382 6.78 -58.31 -42.30
CA HIS C 382 6.98 -58.31 -40.86
C HIS C 382 5.85 -57.58 -40.14
N LEU C 383 5.42 -56.44 -40.69
CA LEU C 383 4.32 -55.71 -40.08
C LEU C 383 3.05 -56.54 -40.07
N VAL C 384 2.78 -57.23 -41.17
CA VAL C 384 1.57 -58.06 -41.25
C VAL C 384 1.62 -59.16 -40.21
N ASN C 385 2.77 -59.78 -40.03
CA ASN C 385 2.87 -60.92 -39.11
C ASN C 385 2.54 -60.52 -37.69
N ILE C 386 3.03 -59.38 -37.23
CA ILE C 386 2.80 -58.97 -35.85
C ILE C 386 1.40 -58.38 -35.72
N SER C 387 0.91 -58.38 -34.48
CA SER C 387 -0.37 -57.76 -34.19
C SER C 387 -0.25 -56.24 -34.31
N SER C 388 -1.35 -55.61 -34.70
CA SER C 388 -1.40 -54.16 -34.84
C SER C 388 -1.78 -53.46 -33.54
N ASN C 389 -2.07 -54.21 -32.48
CA ASN C 389 -2.48 -53.59 -31.23
C ASN C 389 -1.30 -52.93 -30.55
N THR C 390 -1.63 -52.11 -29.53
CA THR C 390 -0.60 -51.35 -28.84
C THR C 390 0.43 -52.24 -28.16
N ALA C 391 0.03 -53.46 -27.78
CA ALA C 391 0.95 -54.35 -27.08
C ALA C 391 2.18 -54.65 -27.92
N ALA C 392 2.02 -54.76 -29.24
CA ALA C 392 3.17 -55.07 -30.09
C ALA C 392 4.10 -53.88 -30.24
N ALA C 393 3.55 -52.65 -30.24
CA ALA C 393 4.38 -51.49 -30.51
C ALA C 393 5.29 -51.16 -29.34
N LEU C 394 4.80 -51.33 -28.11
CA LEU C 394 5.53 -50.89 -26.93
C LEU C 394 6.96 -51.42 -26.86
N PRO C 395 7.25 -52.70 -27.08
CA PRO C 395 8.66 -53.13 -27.02
C PRO C 395 9.53 -52.44 -28.05
N LEU C 396 8.99 -52.11 -29.23
CA LEU C 396 9.80 -51.46 -30.25
C LEU C 396 10.34 -50.13 -29.76
N VAL C 397 9.45 -49.26 -29.29
CA VAL C 397 9.90 -47.96 -28.83
C VAL C 397 10.77 -48.10 -27.59
N GLU C 398 10.46 -49.07 -26.75
CA GLU C 398 11.24 -49.26 -25.53
C GLU C 398 12.69 -49.60 -25.85
N ALA C 399 12.89 -50.51 -26.79
CA ALA C 399 14.25 -50.90 -27.15
C ALA C 399 15.04 -49.70 -27.65
N LEU C 400 14.44 -48.92 -28.54
CA LEU C 400 15.14 -47.74 -29.07
C LEU C 400 15.42 -46.74 -27.97
N SER C 401 14.48 -46.56 -27.05
CA SER C 401 14.66 -45.57 -26.00
C SER C 401 15.87 -45.91 -25.15
N THR C 402 16.02 -47.17 -24.77
CA THR C 402 17.18 -47.56 -23.97
C THR C 402 18.47 -47.30 -24.72
N LEU C 403 18.51 -47.62 -26.01
CA LEU C 403 19.71 -47.41 -26.80
C LEU C 403 20.11 -45.94 -26.77
N LEU C 404 19.14 -45.04 -26.98
CA LEU C 404 19.44 -43.62 -26.93
C LEU C 404 20.06 -43.23 -25.60
N ARG C 405 19.39 -43.62 -24.51
CA ARG C 405 19.94 -43.32 -23.19
C ARG C 405 21.29 -43.99 -23.01
N SER C 406 21.46 -45.17 -23.57
CA SER C 406 22.71 -45.91 -23.40
C SER C 406 23.86 -45.29 -24.18
N VAL C 407 23.60 -44.32 -25.04
CA VAL C 407 24.65 -43.78 -25.89
C VAL C 407 24.76 -42.26 -25.86
N THR C 408 23.74 -41.53 -25.43
CA THR C 408 23.76 -40.08 -25.59
C THR C 408 24.73 -39.45 -24.59
N PRO C 409 25.34 -38.31 -24.96
CA PRO C 409 26.14 -37.57 -23.99
C PRO C 409 25.32 -36.65 -23.10
N LEU C 410 24.05 -36.43 -23.42
CA LEU C 410 23.24 -35.53 -22.62
C LEU C 410 23.00 -36.10 -21.23
N VAL C 411 22.96 -35.21 -20.23
CA VAL C 411 22.77 -35.59 -18.84
C VAL C 411 21.67 -34.74 -18.25
N LEU C 412 20.79 -35.37 -17.47
CA LEU C 412 19.68 -34.69 -16.83
C LEU C 412 19.96 -34.60 -15.34
N ASP C 413 19.97 -33.37 -14.82
CA ASP C 413 20.28 -33.12 -13.42
C ASP C 413 19.16 -32.29 -12.80
N PRO C 414 18.31 -32.90 -11.97
CA PRO C 414 17.20 -32.14 -11.37
C PRO C 414 17.67 -30.98 -10.50
N THR C 415 18.85 -31.08 -9.90
CA THR C 415 19.26 -30.09 -8.91
C THR C 415 19.35 -28.70 -9.52
N VAL C 416 19.67 -28.60 -10.80
CA VAL C 416 19.84 -27.29 -11.42
C VAL C 416 18.55 -26.49 -11.32
N LEU C 417 17.40 -27.17 -11.48
CA LEU C 417 16.13 -26.49 -11.39
C LEU C 417 15.91 -25.93 -9.99
N THR C 418 16.21 -26.74 -8.97
CA THR C 418 16.04 -26.28 -7.60
C THR C 418 16.94 -25.10 -7.31
N ASN C 419 18.20 -25.18 -7.73
CA ASN C 419 19.12 -24.07 -7.51
C ASN C 419 18.59 -22.79 -8.13
N ALA C 420 18.08 -22.88 -9.36
CA ALA C 420 17.55 -21.70 -10.02
C ALA C 420 16.33 -21.16 -9.29
N ILE C 421 15.48 -22.04 -8.78
CA ILE C 421 14.22 -21.61 -8.18
C ILE C 421 14.39 -21.25 -6.72
N THR C 422 15.01 -22.13 -5.94
CA THR C 422 15.03 -21.95 -4.49
C THR C 422 15.82 -20.73 -4.06
N THR C 423 16.59 -20.12 -4.96
CA THR C 423 17.33 -18.92 -4.61
C THR C 423 16.46 -17.68 -4.56
N ILE C 424 15.19 -17.77 -4.96
CA ILE C 424 14.31 -16.60 -4.96
C ILE C 424 13.78 -16.38 -3.55
N SER C 425 13.92 -15.15 -3.07
CA SER C 425 13.44 -14.78 -1.75
C SER C 425 11.96 -14.42 -1.81
N GLU C 426 11.27 -14.64 -0.70
CA GLU C 426 9.86 -14.31 -0.60
C GLU C 426 9.50 -14.08 0.86
N SER C 427 8.38 -13.41 1.07
CA SER C 427 7.89 -13.18 2.43
C SER C 427 7.39 -14.49 3.03
N THR C 428 7.63 -14.65 4.32
CA THR C 428 7.14 -15.80 5.06
C THR C 428 5.82 -15.53 5.75
N THR C 429 5.23 -14.34 5.57
CA THR C 429 3.99 -13.97 6.24
C THR C 429 2.78 -14.15 5.35
N GLN C 430 2.88 -15.02 4.35
CA GLN C 430 1.79 -15.32 3.45
C GLN C 430 1.27 -16.72 3.70
N THR C 431 0.08 -16.99 3.16
CA THR C 431 -0.53 -18.30 3.36
C THR C 431 -0.10 -19.32 2.33
N ILE C 432 0.16 -18.89 1.09
CA ILE C 432 0.54 -19.79 0.01
C ILE C 432 1.90 -19.36 -0.51
N SER C 433 2.80 -20.32 -0.66
CA SER C 433 4.11 -20.05 -1.24
C SER C 433 4.17 -20.64 -2.64
N PRO C 434 4.21 -19.83 -3.68
CA PRO C 434 4.26 -20.39 -5.03
C PRO C 434 5.44 -21.32 -5.23
N ILE C 435 6.56 -21.03 -4.58
CA ILE C 435 7.74 -21.89 -4.70
C ILE C 435 7.40 -23.30 -4.20
N SER C 436 6.76 -23.38 -3.03
CA SER C 436 6.36 -24.68 -2.53
C SER C 436 5.38 -25.36 -3.46
N GLU C 437 4.42 -24.60 -4.00
CA GLU C 437 3.41 -25.17 -4.88
C GLU C 437 4.04 -25.80 -6.11
N ILE C 438 4.90 -25.04 -6.80
CA ILE C 438 5.45 -25.54 -8.04
C ILE C 438 6.36 -26.73 -7.77
N LEU C 439 7.12 -26.70 -6.67
CA LEU C 439 7.93 -27.84 -6.31
C LEU C 439 7.07 -29.07 -6.04
N ARG C 440 5.86 -28.86 -5.53
CA ARG C 440 4.98 -29.97 -5.24
C ARG C 440 4.18 -30.42 -6.46
N LEU C 441 4.07 -29.59 -7.49
CA LEU C 441 3.31 -29.96 -8.67
C LEU C 441 4.15 -30.57 -9.76
N LEU C 442 5.47 -30.68 -9.56
CA LEU C 442 6.35 -31.28 -10.56
C LEU C 442 6.72 -32.71 -10.23
N GLN C 443 5.87 -33.40 -9.47
CA GLN C 443 6.15 -34.80 -9.17
C GLN C 443 5.93 -35.66 -10.41
N PRO C 444 6.59 -36.80 -10.50
CA PRO C 444 6.43 -37.65 -11.68
C PRO C 444 5.01 -38.10 -11.93
N MET C 445 4.21 -38.31 -10.89
CA MET C 445 2.85 -38.82 -11.02
C MET C 445 2.86 -40.14 -11.78
N GLY C 446 3.46 -41.14 -11.15
CA GLY C 446 3.65 -42.43 -11.77
C GLY C 446 5.09 -42.88 -11.69
N ASN C 447 5.57 -43.55 -12.74
CA ASN C 447 6.97 -43.97 -12.75
C ASN C 447 7.63 -43.82 -14.11
N ASP C 448 7.02 -43.11 -15.06
CA ASP C 448 7.58 -43.00 -16.40
C ASP C 448 8.61 -41.88 -16.45
N TYR C 449 9.69 -42.07 -15.70
CA TYR C 449 10.74 -41.06 -15.65
C TYR C 449 11.36 -40.81 -17.02
N ALA C 450 11.32 -41.80 -17.91
CA ALA C 450 11.96 -41.71 -19.21
C ALA C 450 11.01 -41.27 -20.30
N ALA C 451 9.95 -40.54 -19.96
CA ALA C 451 8.98 -40.11 -20.97
C ALA C 451 9.66 -39.31 -22.06
N PHE C 452 10.67 -38.52 -21.70
CA PHE C 452 11.38 -37.74 -22.70
C PHE C 452 11.98 -38.63 -23.77
N TRP C 453 12.73 -39.65 -23.35
CA TRP C 453 13.30 -40.57 -24.33
C TRP C 453 12.22 -41.32 -25.07
N LYS C 454 11.14 -41.68 -24.36
CA LYS C 454 10.05 -42.37 -25.02
C LYS C 454 9.47 -41.53 -26.15
N CYS C 455 9.35 -40.22 -25.93
CA CYS C 455 8.84 -39.35 -26.98
C CYS C 455 9.76 -39.35 -28.19
N ILE C 456 11.05 -39.20 -27.96
CA ILE C 456 12.00 -39.14 -29.07
C ILE C 456 11.96 -40.42 -29.88
N ALA C 457 12.03 -41.56 -29.18
CA ALA C 457 12.01 -42.84 -29.88
C ALA C 457 10.71 -43.03 -30.64
N SER C 458 9.62 -42.41 -30.18
CA SER C 458 8.36 -42.53 -30.88
C SER C 458 8.45 -41.98 -32.29
N TRP C 459 9.23 -40.91 -32.47
CA TRP C 459 9.30 -40.27 -33.77
C TRP C 459 9.76 -41.23 -34.86
N ALA C 460 10.63 -42.19 -34.51
CA ALA C 460 11.11 -43.14 -35.49
C ALA C 460 10.02 -44.06 -36.01
N TYR C 461 8.89 -44.13 -35.32
CA TYR C 461 7.80 -45.01 -35.72
C TYR C 461 6.46 -44.27 -35.68
N ASN C 462 6.47 -42.97 -35.97
CA ASN C 462 5.25 -42.20 -35.91
C ASN C 462 4.19 -42.74 -36.86
N GLY C 463 4.59 -43.44 -37.91
CA GLY C 463 3.64 -44.07 -38.77
C GLY C 463 3.04 -45.33 -38.21
N LEU C 464 3.38 -45.67 -36.97
CA LEU C 464 2.90 -46.89 -36.34
C LEU C 464 2.32 -46.69 -34.95
N VAL C 465 2.75 -45.67 -34.21
CA VAL C 465 2.31 -45.46 -32.84
C VAL C 465 2.39 -43.97 -32.55
N THR C 466 1.54 -43.50 -31.66
CA THR C 466 1.45 -42.09 -31.33
C THR C 466 1.69 -41.87 -29.85
N THR C 467 2.46 -40.85 -29.52
CA THR C 467 2.59 -40.39 -28.15
C THR C 467 1.55 -39.32 -27.87
N VAL C 468 0.84 -39.48 -26.76
CA VAL C 468 -0.28 -38.62 -26.43
C VAL C 468 -0.10 -38.09 -25.02
N LEU C 469 -0.45 -36.82 -24.82
CA LEU C 469 -0.48 -36.27 -23.47
C LEU C 469 -1.46 -37.05 -22.61
N SER C 470 -1.03 -37.41 -21.41
CA SER C 470 -1.87 -38.18 -20.53
C SER C 470 -3.09 -37.38 -20.11
N GLU C 471 -4.24 -38.04 -20.07
CA GLU C 471 -5.48 -37.35 -19.73
C GLU C 471 -5.44 -36.83 -18.29
N ASP C 472 -4.83 -37.60 -17.39
CA ASP C 472 -4.81 -37.22 -15.99
C ASP C 472 -4.11 -35.89 -15.78
N ALA C 473 -3.00 -35.67 -16.48
CA ALA C 473 -2.27 -34.43 -16.30
C ALA C 473 -2.93 -33.30 -17.08
N PHE C 474 -4.22 -33.07 -16.84
CA PHE C 474 -4.94 -31.98 -17.44
C PHE C 474 -5.61 -31.16 -16.34
N PRO C 475 -5.65 -29.84 -16.49
CA PRO C 475 -6.40 -29.03 -15.53
C PRO C 475 -7.88 -29.41 -15.58
N ASP C 476 -8.48 -29.51 -14.41
CA ASP C 476 -9.89 -29.88 -14.34
C ASP C 476 -10.73 -28.84 -15.04
N SER C 477 -11.66 -29.30 -15.89
CA SER C 477 -12.49 -28.38 -16.63
C SER C 477 -13.67 -27.92 -15.77
N SER C 478 -13.39 -27.52 -14.55
CA SER C 478 -14.38 -26.88 -13.70
C SER C 478 -13.79 -25.76 -12.87
N GLN C 479 -12.48 -25.53 -12.96
CA GLN C 479 -11.82 -24.50 -12.18
C GLN C 479 -11.64 -23.24 -13.01
N SER C 480 -11.45 -22.13 -12.32
CA SER C 480 -11.17 -20.87 -12.99
C SER C 480 -9.66 -20.68 -13.13
N ILE C 481 -9.29 -19.70 -13.95
CA ILE C 481 -7.88 -19.40 -14.14
C ILE C 481 -7.24 -18.97 -12.82
N THR C 482 -8.04 -18.43 -11.91
CA THR C 482 -7.52 -18.01 -10.62
C THR C 482 -6.97 -19.17 -9.80
N HIS C 483 -7.37 -20.39 -10.11
CA HIS C 483 -6.85 -21.55 -9.41
C HIS C 483 -5.41 -21.76 -9.82
N LEU C 484 -4.48 -21.29 -8.99
CA LEU C 484 -3.06 -21.32 -9.34
C LEU C 484 -2.54 -22.70 -9.75
N PRO C 485 -2.83 -23.78 -9.02
CA PRO C 485 -2.32 -25.09 -9.47
C PRO C 485 -2.76 -25.44 -10.88
N SER C 486 -4.00 -25.09 -11.24
CA SER C 486 -4.45 -25.30 -12.60
C SER C 486 -3.59 -24.53 -13.57
N MET C 487 -3.25 -23.29 -13.23
CA MET C 487 -2.43 -22.48 -14.11
C MET C 487 -1.08 -23.14 -14.35
N TRP C 488 -0.47 -23.65 -13.29
CA TRP C 488 0.82 -24.33 -13.46
C TRP C 488 0.68 -25.55 -14.35
N LYS C 489 -0.39 -26.34 -14.15
CA LYS C 489 -0.62 -27.48 -15.02
C LYS C 489 -0.77 -27.04 -16.47
N CYS C 490 -1.50 -25.95 -16.70
CA CYS C 490 -1.65 -25.45 -18.05
C CYS C 490 -0.31 -25.06 -18.65
N LEU C 491 0.55 -24.42 -17.85
CA LEU C 491 1.88 -24.06 -18.33
C LEU C 491 2.67 -25.31 -18.71
N PHE C 492 2.65 -26.32 -17.86
CA PHE C 492 3.40 -27.54 -18.13
C PHE C 492 2.91 -28.20 -19.40
N LEU C 493 1.59 -28.25 -19.58
CA LEU C 493 1.04 -28.79 -20.81
C LEU C 493 1.56 -28.04 -22.02
N THR C 494 1.55 -26.72 -21.95
CA THR C 494 1.99 -25.93 -23.09
C THR C 494 3.45 -26.18 -23.42
N LEU C 495 4.30 -26.24 -22.40
CA LEU C 495 5.72 -26.41 -22.66
C LEU C 495 6.01 -27.75 -23.31
N ALA C 496 5.33 -28.81 -22.87
CA ALA C 496 5.60 -30.15 -23.38
C ALA C 496 4.77 -30.49 -24.61
N GLY C 497 4.15 -29.50 -25.23
CA GLY C 497 3.29 -29.74 -26.36
C GLY C 497 4.00 -30.38 -27.54
N PRO C 498 4.92 -29.65 -28.17
CA PRO C 498 5.49 -30.10 -29.45
C PRO C 498 6.23 -31.42 -29.35
N MET C 499 6.65 -31.84 -28.16
CA MET C 499 7.43 -33.07 -28.07
C MET C 499 6.61 -34.30 -28.46
N THR C 500 5.30 -34.24 -28.31
CA THR C 500 4.47 -35.39 -28.64
C THR C 500 4.21 -35.46 -30.13
N SER C 501 3.86 -36.66 -30.59
CA SER C 501 3.57 -36.90 -31.99
C SER C 501 2.09 -36.76 -32.33
N ASP C 502 1.24 -36.54 -31.35
CA ASP C 502 -0.20 -36.45 -31.62
C ASP C 502 -0.47 -35.22 -32.48
N PRO C 503 -1.07 -35.40 -33.65
CA PRO C 503 -1.43 -34.22 -34.46
C PRO C 503 -2.37 -33.28 -33.75
N HIS C 504 -3.20 -33.80 -32.84
CA HIS C 504 -4.17 -32.98 -32.14
C HIS C 504 -3.58 -32.28 -30.93
N SER C 505 -2.29 -32.42 -30.68
CA SER C 505 -1.67 -31.73 -29.54
C SER C 505 -1.92 -30.23 -29.53
N PRO C 506 -1.73 -29.50 -30.63
CA PRO C 506 -1.93 -28.04 -30.55
C PRO C 506 -3.33 -27.66 -30.12
N VAL C 507 -4.36 -28.19 -30.77
CA VAL C 507 -5.72 -27.81 -30.41
C VAL C 507 -6.02 -28.20 -28.98
N LYS C 508 -5.52 -29.34 -28.54
CA LYS C 508 -5.72 -29.74 -27.15
C LYS C 508 -5.09 -28.73 -26.20
N VAL C 509 -3.86 -28.31 -26.50
CA VAL C 509 -3.21 -27.31 -25.67
C VAL C 509 -4.03 -26.03 -25.65
N PHE C 510 -4.50 -25.61 -26.83
CA PHE C 510 -5.30 -24.40 -26.92
C PHE C 510 -6.57 -24.52 -26.08
N MET C 511 -7.29 -25.62 -26.24
CA MET C 511 -8.54 -25.78 -25.50
C MET C 511 -8.29 -25.86 -24.01
N ALA C 512 -7.13 -26.39 -23.60
CA ALA C 512 -6.84 -26.53 -22.18
C ALA C 512 -6.95 -25.20 -21.47
N LEU C 513 -6.30 -24.17 -22.02
CA LEU C 513 -6.42 -22.85 -21.44
C LEU C 513 -7.83 -22.30 -21.62
N ALA C 514 -8.45 -22.59 -22.77
CA ALA C 514 -9.79 -22.08 -23.05
C ALA C 514 -10.78 -22.51 -21.98
N ASN C 515 -10.60 -23.69 -21.41
CA ASN C 515 -11.47 -24.14 -20.34
C ASN C 515 -11.39 -23.19 -19.15
N LEU C 516 -10.16 -22.78 -18.79
CA LEU C 516 -10.00 -21.96 -17.61
C LEU C 516 -10.55 -20.55 -17.81
N LEU C 517 -10.62 -20.09 -19.05
CA LEU C 517 -11.07 -18.74 -19.34
C LEU C 517 -12.49 -18.71 -19.89
N ALA C 518 -13.26 -19.78 -19.67
CA ALA C 518 -14.63 -19.81 -20.19
C ALA C 518 -15.48 -18.71 -19.59
N GLN C 519 -15.20 -18.31 -18.37
CA GLN C 519 -16.01 -17.29 -17.72
C GLN C 519 -15.74 -15.91 -18.30
N PRO C 520 -14.49 -15.41 -18.31
CA PRO C 520 -14.29 -14.02 -18.74
C PRO C 520 -14.18 -13.85 -20.25
N GLU C 521 -13.68 -14.85 -20.96
CA GLU C 521 -13.40 -14.72 -22.38
C GLU C 521 -14.04 -15.86 -23.16
N PRO C 522 -15.23 -15.65 -23.73
CA PRO C 522 -15.89 -16.70 -24.49
C PRO C 522 -15.49 -16.71 -25.95
N ILE C 523 -15.49 -17.91 -26.53
CA ILE C 523 -15.22 -18.12 -27.95
C ILE C 523 -16.23 -19.12 -28.48
N ALA C 524 -16.25 -19.24 -29.81
CA ALA C 524 -17.21 -20.11 -30.48
C ALA C 524 -16.62 -21.49 -30.72
N ILE C 525 -17.44 -22.52 -30.54
CA ILE C 525 -17.08 -23.90 -30.81
C ILE C 525 -17.95 -24.40 -31.95
N GLY C 526 -17.32 -24.89 -33.01
CA GLY C 526 -18.03 -25.20 -34.23
C GLY C 526 -19.12 -26.26 -34.10
N VAL C 527 -18.72 -27.51 -33.87
CA VAL C 527 -19.71 -28.60 -33.88
C VAL C 527 -20.66 -28.43 -32.71
N PRO C 528 -21.96 -28.62 -32.91
CA PRO C 528 -22.89 -28.56 -31.78
C PRO C 528 -22.64 -29.71 -30.82
N GLY C 529 -23.09 -29.51 -29.58
CA GLY C 529 -22.89 -30.48 -28.54
C GLY C 529 -21.56 -30.38 -27.83
N MET C 530 -20.72 -29.43 -28.19
CA MET C 530 -19.45 -29.21 -27.51
C MET C 530 -19.38 -27.77 -27.04
N HIS C 531 -18.88 -27.57 -25.84
CA HIS C 531 -18.85 -26.26 -25.22
C HIS C 531 -17.43 -25.95 -24.76
N GLN C 532 -17.20 -24.66 -24.47
CA GLN C 532 -15.87 -24.23 -24.06
C GLN C 532 -15.41 -24.90 -22.78
N THR C 533 -16.35 -25.45 -22.00
CA THR C 533 -15.99 -26.15 -20.77
C THR C 533 -15.85 -27.65 -20.98
N THR C 534 -15.97 -28.13 -22.20
CA THR C 534 -15.74 -29.53 -22.47
C THR C 534 -14.30 -29.88 -22.13
N PRO C 535 -14.04 -31.03 -21.51
CA PRO C 535 -12.66 -31.42 -21.22
C PRO C 535 -11.81 -31.39 -22.47
N ALA C 536 -10.67 -30.69 -22.37
CA ALA C 536 -9.86 -30.43 -23.56
C ALA C 536 -9.37 -31.72 -24.19
N SER C 537 -9.18 -32.76 -23.40
CA SER C 537 -8.67 -34.02 -23.93
C SER C 537 -9.61 -34.67 -24.93
N GLN C 538 -10.87 -34.25 -24.98
CA GLN C 538 -11.80 -34.86 -25.92
C GLN C 538 -11.63 -34.35 -27.34
N PHE C 539 -10.98 -33.21 -27.53
CA PHE C 539 -10.79 -32.65 -28.86
C PHE C 539 -9.74 -33.48 -29.60
N SER C 540 -10.18 -34.59 -30.15
CA SER C 540 -9.31 -35.55 -30.83
C SER C 540 -9.90 -35.93 -32.17
N HIS C 541 -10.31 -34.93 -32.94
CA HIS C 541 -10.87 -35.19 -34.24
C HIS C 541 -10.68 -33.94 -35.09
N PRO C 542 -10.17 -34.08 -36.31
CA PRO C 542 -9.90 -32.89 -37.13
C PRO C 542 -11.12 -32.04 -37.37
N GLY C 543 -12.30 -32.64 -37.35
CA GLY C 543 -13.51 -31.89 -37.63
C GLY C 543 -14.02 -31.04 -36.50
N VAL C 544 -13.39 -31.07 -35.34
CA VAL C 544 -13.88 -30.32 -34.19
C VAL C 544 -12.93 -29.20 -33.79
N TRP C 545 -11.98 -28.86 -34.63
CA TRP C 545 -11.09 -27.74 -34.32
C TRP C 545 -11.89 -26.46 -34.31
N PRO C 546 -11.78 -25.65 -33.26
CA PRO C 546 -12.58 -24.43 -33.17
C PRO C 546 -12.28 -23.49 -34.33
N PRO C 547 -13.29 -22.82 -34.87
CA PRO C 547 -13.05 -21.90 -35.98
C PRO C 547 -12.05 -20.81 -35.63
N GLY C 548 -12.11 -20.30 -34.40
CA GLY C 548 -11.16 -19.28 -34.00
C GLY C 548 -9.74 -19.78 -34.04
N PHE C 549 -9.52 -21.03 -33.64
CA PHE C 549 -8.19 -21.60 -33.69
C PHE C 549 -7.68 -21.70 -35.12
N LEU C 550 -8.58 -21.95 -36.07
CA LEU C 550 -8.16 -22.00 -37.47
C LEU C 550 -7.83 -20.62 -38.00
N ASN C 551 -8.56 -19.59 -37.55
CA ASN C 551 -8.36 -18.23 -38.03
C ASN C 551 -8.49 -17.29 -36.85
N PRO C 552 -7.38 -16.86 -36.26
CA PRO C 552 -7.46 -16.03 -35.05
C PRO C 552 -8.19 -14.72 -35.27
N GLN C 553 -8.31 -14.25 -36.50
CA GLN C 553 -8.96 -12.98 -36.74
C GLN C 553 -10.43 -13.00 -36.35
N LEU C 554 -11.04 -14.18 -36.28
CA LEU C 554 -12.43 -14.25 -35.86
C LEU C 554 -12.60 -13.80 -34.41
N ILE C 555 -11.60 -14.03 -33.58
CA ILE C 555 -11.68 -13.65 -32.17
C ILE C 555 -11.53 -12.15 -32.05
N ASN C 556 -12.56 -11.49 -31.54
CA ASN C 556 -12.49 -10.06 -31.36
C ASN C 556 -11.52 -9.73 -30.22
N PRO C 557 -10.56 -8.84 -30.44
CA PRO C 557 -9.59 -8.54 -29.38
C PRO C 557 -10.24 -8.02 -28.10
N GLN C 558 -11.28 -7.21 -28.22
CA GLN C 558 -11.90 -6.59 -27.06
C GLN C 558 -12.75 -7.55 -26.26
N GLN C 559 -13.03 -8.74 -26.78
CA GLN C 559 -13.80 -9.73 -26.05
C GLN C 559 -12.94 -10.80 -25.41
N ALA C 560 -11.93 -11.31 -26.12
CA ALA C 560 -11.05 -12.34 -25.60
C ALA C 560 -9.60 -11.99 -25.93
N PRO C 561 -9.05 -10.98 -25.26
CA PRO C 561 -7.68 -10.57 -25.60
C PRO C 561 -6.66 -11.70 -25.45
N LEU C 562 -6.73 -12.45 -24.35
CA LEU C 562 -5.73 -13.47 -24.09
C LEU C 562 -5.84 -14.60 -25.10
N LEU C 563 -7.05 -15.12 -25.31
CA LEU C 563 -7.22 -16.28 -26.16
C LEU C 563 -6.75 -15.98 -27.58
N ARG C 564 -7.07 -14.80 -28.10
CA ARG C 564 -6.57 -14.43 -29.42
C ARG C 564 -5.05 -14.41 -29.42
N ALA C 565 -4.46 -13.82 -28.37
CA ALA C 565 -3.01 -13.81 -28.27
C ALA C 565 -2.47 -15.23 -28.21
N PHE C 566 -3.11 -16.09 -27.43
CA PHE C 566 -2.65 -17.47 -27.30
C PHE C 566 -2.70 -18.18 -28.64
N ALA C 567 -3.81 -18.02 -29.37
CA ALA C 567 -3.92 -18.66 -30.66
C ALA C 567 -2.84 -18.17 -31.61
N GLU C 568 -2.59 -16.87 -31.63
CA GLU C 568 -1.55 -16.33 -32.48
C GLU C 568 -0.18 -16.87 -32.09
N HIS C 569 0.07 -16.97 -30.78
CA HIS C 569 1.36 -17.48 -30.33
C HIS C 569 1.57 -18.91 -30.80
N ILE C 570 0.54 -19.75 -30.70
CA ILE C 570 0.68 -21.15 -31.09
C ILE C 570 0.92 -21.27 -32.59
N ARG C 571 0.09 -20.59 -33.38
CA ARG C 571 0.21 -20.71 -34.83
C ARG C 571 1.54 -20.15 -35.33
N ALA C 572 2.17 -19.27 -34.56
CA ALA C 572 3.39 -18.63 -35.03
C ALA C 572 4.66 -19.32 -34.57
N ASN C 573 4.66 -19.94 -33.40
CA ASN C 573 5.88 -20.47 -32.81
C ASN C 573 5.92 -21.98 -32.74
N TRP C 574 4.91 -22.67 -33.23
CA TRP C 574 4.97 -24.12 -33.25
C TRP C 574 6.09 -24.56 -34.19
N PRO C 575 6.92 -25.51 -33.80
CA PRO C 575 8.13 -25.81 -34.57
C PRO C 575 7.80 -26.32 -35.96
N GLN C 576 8.82 -26.30 -36.81
CA GLN C 576 8.68 -26.66 -38.21
C GLN C 576 9.32 -28.01 -38.47
N PRO C 577 8.58 -28.97 -39.02
CA PRO C 577 9.20 -30.26 -39.35
C PRO C 577 10.32 -30.11 -40.35
N SER C 578 11.30 -31.00 -40.25
CA SER C 578 12.45 -30.98 -41.13
C SER C 578 12.79 -32.42 -41.49
N GLU C 579 13.99 -32.63 -42.04
CA GLU C 579 14.33 -33.91 -42.64
C GLU C 579 15.82 -34.13 -42.57
N PHE C 580 16.23 -35.39 -42.68
CA PHE C 580 17.64 -35.74 -42.82
C PHE C 580 17.74 -37.15 -43.40
N GLY C 581 18.95 -37.50 -43.81
CA GLY C 581 19.20 -38.80 -44.41
C GLY C 581 19.84 -39.78 -43.43
N TYR C 582 19.79 -41.06 -43.81
CA TYR C 582 20.33 -42.11 -42.97
C TYR C 582 20.66 -43.30 -43.85
N GLY C 583 21.45 -44.22 -43.30
CA GLY C 583 21.79 -45.41 -44.03
C GLY C 583 22.68 -45.12 -45.22
N SER C 584 22.71 -46.08 -46.14
CA SER C 584 23.53 -45.98 -47.34
C SER C 584 22.68 -46.31 -48.55
N THR C 585 22.75 -45.46 -49.57
CA THR C 585 22.01 -45.72 -50.80
C THR C 585 22.49 -47.01 -51.47
N LEU C 586 23.77 -47.33 -51.35
CA LEU C 586 24.27 -48.56 -51.95
C LEU C 586 23.59 -49.79 -51.36
N GLN C 587 23.16 -49.71 -50.11
CA GLN C 587 22.52 -50.84 -49.46
C GLN C 587 21.02 -50.86 -49.67
N GLY C 588 20.42 -49.73 -50.04
CA GLY C 588 18.98 -49.63 -50.11
C GLY C 588 18.36 -49.25 -48.79
N SER C 589 17.04 -49.15 -48.80
CA SER C 589 16.31 -48.73 -47.60
C SER C 589 14.95 -49.40 -47.58
N ALA C 590 14.37 -49.48 -46.38
CA ALA C 590 13.09 -50.11 -46.17
C ALA C 590 11.95 -49.11 -46.04
N ASN C 591 12.19 -47.84 -46.39
CA ASN C 591 11.14 -46.85 -46.30
C ASN C 591 9.98 -47.19 -47.23
N LEU C 592 8.77 -46.93 -46.77
CA LEU C 592 7.58 -47.13 -47.60
C LEU C 592 7.04 -45.82 -48.15
N PHE C 593 6.65 -44.91 -47.28
CA PHE C 593 6.08 -43.65 -47.75
C PHE C 593 7.14 -42.58 -47.93
N ILE C 594 8.05 -42.45 -46.97
CA ILE C 594 9.17 -41.52 -47.07
C ILE C 594 10.09 -42.01 -48.18
N PRO C 595 10.73 -41.12 -48.93
CA PRO C 595 11.73 -41.56 -49.89
C PRO C 595 12.84 -42.32 -49.19
N PRO C 596 13.44 -43.29 -49.86
CA PRO C 596 14.39 -44.17 -49.16
C PRO C 596 15.58 -43.41 -48.61
N ASN C 597 16.11 -43.94 -47.51
CA ASN C 597 17.31 -43.41 -46.85
C ASN C 597 17.11 -42.01 -46.32
N ARG C 598 15.86 -41.59 -46.13
CA ARG C 598 15.55 -40.30 -45.54
C ARG C 598 14.67 -40.50 -44.32
N MET C 599 14.70 -39.52 -43.42
CA MET C 599 13.87 -39.55 -42.23
C MET C 599 13.30 -38.16 -41.98
N VAL C 600 12.04 -38.12 -41.56
CA VAL C 600 11.40 -36.86 -41.21
C VAL C 600 11.62 -36.58 -39.73
N TYR C 601 11.48 -35.32 -39.36
CA TYR C 601 11.85 -34.90 -38.03
C TYR C 601 10.98 -33.73 -37.61
N PRO C 602 10.32 -33.80 -36.45
CA PRO C 602 9.37 -32.74 -36.09
C PRO C 602 10.00 -31.37 -35.94
N TRP C 603 11.23 -31.29 -35.50
CA TRP C 603 11.90 -30.02 -35.28
C TRP C 603 12.81 -29.70 -36.44
N PRO C 604 13.23 -28.44 -36.56
CA PRO C 604 14.34 -28.13 -37.47
C PRO C 604 15.61 -28.79 -36.99
N ASN C 605 16.49 -29.09 -37.94
CA ASN C 605 17.72 -29.81 -37.62
C ASN C 605 18.88 -29.19 -38.37
N GLN C 606 20.08 -29.53 -37.91
CA GLN C 606 21.31 -29.00 -38.47
C GLN C 606 22.34 -30.11 -38.52
N PRO C 607 23.36 -29.98 -39.37
CA PRO C 607 24.47 -30.93 -39.33
C PRO C 607 25.21 -30.83 -38.01
N LEU C 608 25.98 -31.88 -37.72
CA LEU C 608 26.70 -31.92 -36.47
C LEU C 608 27.72 -30.78 -36.41
N PRO C 609 27.82 -30.07 -35.30
CA PRO C 609 28.79 -28.97 -35.20
C PRO C 609 30.21 -29.47 -35.33
N ARG C 610 31.13 -28.52 -35.49
CA ARG C 610 32.52 -28.86 -35.74
C ARG C 610 33.34 -28.89 -34.46
N LEU C 611 33.42 -27.77 -33.76
CA LEU C 611 34.19 -27.66 -32.53
C LEU C 611 33.29 -27.91 -31.32
N THR C 612 33.78 -27.56 -30.13
CA THR C 612 33.05 -27.86 -28.89
C THR C 612 31.68 -27.20 -28.89
N VAL C 613 30.74 -27.86 -28.20
CA VAL C 613 29.37 -27.39 -28.08
C VAL C 613 29.27 -26.37 -26.96
N ALA C 614 28.13 -25.69 -26.90
CA ALA C 614 27.83 -24.75 -25.83
C ALA C 614 26.33 -24.45 -25.85
N PRO C 615 25.73 -24.09 -24.73
CA PRO C 615 24.32 -23.71 -24.74
C PRO C 615 24.09 -22.53 -25.67
N THR C 616 22.97 -22.57 -26.39
CA THR C 616 22.61 -21.52 -27.32
C THR C 616 21.18 -21.10 -27.05
N TYR C 617 20.76 -20.03 -27.73
CA TYR C 617 19.48 -19.41 -27.42
C TYR C 617 18.67 -19.06 -28.66
N ASP C 618 19.06 -19.56 -29.83
CA ASP C 618 18.33 -19.29 -31.06
C ASP C 618 17.70 -20.55 -31.64
N SER C 619 17.80 -21.69 -30.97
CA SER C 619 17.17 -22.88 -31.47
C SER C 619 15.65 -22.73 -31.42
N ALA C 620 14.96 -23.57 -32.18
CA ALA C 620 13.51 -23.50 -32.23
C ALA C 620 12.92 -23.73 -30.85
N MET C 621 13.42 -24.74 -30.14
CA MET C 621 12.85 -25.06 -28.83
C MET C 621 13.06 -23.92 -27.85
N SER C 622 14.26 -23.36 -27.80
CA SER C 622 14.52 -22.24 -26.90
C SER C 622 13.58 -21.09 -27.20
N ASN C 623 13.36 -20.82 -28.49
CA ASN C 623 12.41 -19.78 -28.86
C ASN C 623 11.02 -20.13 -28.36
N TRP C 624 10.60 -21.38 -28.55
CA TRP C 624 9.28 -21.78 -28.09
C TRP C 624 9.14 -21.60 -26.58
N ILE C 625 10.18 -21.95 -25.84
CA ILE C 625 10.14 -21.80 -24.39
C ILE C 625 9.98 -20.35 -24.00
N SER C 626 10.84 -19.49 -24.57
CA SER C 626 10.84 -18.09 -24.17
C SER C 626 9.49 -17.44 -24.42
N THR C 627 8.94 -17.64 -25.62
CA THR C 627 7.67 -17.03 -25.95
C THR C 627 6.57 -17.54 -25.04
N THR C 628 6.55 -18.85 -24.78
CA THR C 628 5.52 -19.41 -23.91
C THR C 628 5.57 -18.79 -22.53
N ILE C 629 6.77 -18.68 -21.96
CA ILE C 629 6.91 -18.06 -20.65
C ILE C 629 6.46 -16.62 -20.71
N ALA C 630 6.87 -15.90 -21.75
CA ALA C 630 6.47 -14.50 -21.87
C ALA C 630 4.96 -14.37 -21.91
N PHE C 631 4.29 -15.26 -22.64
CA PHE C 631 2.85 -15.19 -22.74
C PHE C 631 2.19 -15.41 -21.37
N PHE C 632 2.60 -16.47 -20.67
CA PHE C 632 1.98 -16.75 -19.38
C PHE C 632 2.22 -15.62 -18.39
N ILE C 633 3.40 -15.01 -18.46
CA ILE C 633 3.66 -13.84 -17.63
C ILE C 633 2.66 -12.74 -17.94
N ARG C 634 2.37 -12.53 -19.22
CA ARG C 634 1.31 -11.59 -19.58
C ARG C 634 -0.02 -12.02 -18.99
N VAL C 635 -0.28 -13.32 -18.98
CA VAL C 635 -1.56 -13.82 -18.46
C VAL C 635 -1.69 -13.51 -16.98
N VAL C 636 -0.66 -13.87 -16.20
CA VAL C 636 -0.76 -13.69 -14.75
C VAL C 636 -0.86 -12.22 -14.40
N ASN C 637 -0.29 -11.35 -15.23
CA ASN C 637 -0.40 -9.92 -14.99
C ASN C 637 -1.68 -9.31 -15.56
N SER C 638 -2.53 -10.12 -16.18
CA SER C 638 -3.76 -9.59 -16.73
C SER C 638 -4.70 -9.16 -15.61
N VAL C 639 -5.71 -8.38 -16.00
CA VAL C 639 -6.67 -7.85 -15.02
C VAL C 639 -7.42 -8.98 -14.35
N ASN C 640 -7.63 -10.10 -15.04
CA ASN C 640 -8.42 -11.19 -14.49
C ASN C 640 -7.83 -11.73 -13.21
N MET C 641 -6.52 -11.66 -13.05
CA MET C 641 -5.87 -12.17 -11.85
C MET C 641 -5.65 -11.10 -10.79
N THR C 642 -5.47 -9.84 -11.18
CA THR C 642 -5.20 -8.79 -10.21
C THR C 642 -6.34 -8.62 -9.24
N ALA C 643 -7.57 -8.93 -9.67
CA ALA C 643 -8.73 -8.71 -8.82
C ALA C 643 -8.66 -9.58 -7.56
N THR C 644 -8.22 -10.82 -7.70
CA THR C 644 -8.26 -11.77 -6.60
C THR C 644 -6.91 -12.23 -6.11
N VAL C 645 -5.86 -12.14 -6.91
CA VAL C 645 -4.55 -12.62 -6.52
C VAL C 645 -3.77 -11.49 -5.88
N ASN C 646 -3.18 -11.77 -4.71
CA ASN C 646 -2.37 -10.77 -4.02
C ASN C 646 -1.17 -10.38 -4.89
N ASP C 647 -0.81 -9.10 -4.79
CA ASP C 647 0.27 -8.59 -5.63
C ASP C 647 1.60 -9.27 -5.31
N LEU C 648 1.87 -9.50 -4.03
CA LEU C 648 3.13 -10.13 -3.65
C LEU C 648 3.25 -11.51 -4.28
N THR C 649 2.21 -12.32 -4.17
CA THR C 649 2.21 -13.61 -4.83
C THR C 649 2.34 -13.44 -6.33
N ARG C 650 1.62 -12.48 -6.90
CA ARG C 650 1.76 -12.20 -8.32
C ARG C 650 3.19 -11.83 -8.66
N ARG C 651 3.81 -11.01 -7.83
CA ARG C 651 5.21 -10.69 -8.03
C ARG C 651 6.09 -11.93 -7.92
N THR C 652 5.78 -12.79 -6.95
CA THR C 652 6.57 -13.99 -6.78
C THR C 652 6.42 -14.92 -7.98
N MET C 653 5.18 -15.12 -8.43
CA MET C 653 4.95 -16.09 -9.49
C MET C 653 5.60 -15.66 -10.79
N THR C 654 5.55 -14.37 -11.12
CA THR C 654 6.26 -13.93 -12.31
C THR C 654 7.75 -14.05 -12.12
N GLY C 655 8.23 -13.97 -10.88
CA GLY C 655 9.64 -14.14 -10.62
C GLY C 655 10.12 -15.53 -10.97
N VAL C 656 9.45 -16.55 -10.44
CA VAL C 656 9.89 -17.92 -10.68
C VAL C 656 9.80 -18.26 -12.16
N MET C 657 8.73 -17.81 -12.82
CA MET C 657 8.62 -18.04 -14.25
C MET C 657 9.78 -17.40 -14.98
N THR C 658 10.16 -16.19 -14.59
CA THR C 658 11.31 -15.55 -15.19
C THR C 658 12.57 -16.38 -14.98
N ALA C 659 12.73 -16.94 -13.78
CA ALA C 659 13.92 -17.72 -13.49
C ALA C 659 14.01 -18.92 -14.43
N MET C 660 12.89 -19.59 -14.67
CA MET C 660 12.92 -20.75 -15.54
C MET C 660 13.35 -20.37 -16.94
N ARG C 661 12.86 -19.25 -17.45
CA ARG C 661 13.21 -18.84 -18.80
C ARG C 661 14.68 -18.51 -18.94
N GLN C 662 15.38 -18.26 -17.85
CA GLN C 662 16.78 -17.88 -17.90
C GLN C 662 17.74 -19.03 -17.65
N VAL C 663 17.23 -20.24 -17.40
CA VAL C 663 18.11 -21.38 -17.18
C VAL C 663 18.82 -21.70 -18.48
N LYS C 664 20.15 -21.82 -18.41
CA LYS C 664 20.96 -22.11 -19.59
C LYS C 664 20.98 -23.63 -19.82
N THR C 665 19.81 -24.14 -20.20
CA THR C 665 19.70 -25.58 -20.46
C THR C 665 20.41 -25.94 -21.76
N MET C 666 20.89 -27.18 -21.81
CA MET C 666 21.57 -27.69 -22.99
C MET C 666 20.62 -28.36 -23.96
N THR C 667 19.48 -28.84 -23.49
CA THR C 667 18.58 -29.64 -24.31
C THR C 667 18.23 -29.02 -25.65
N PRO C 668 17.84 -27.75 -25.74
CA PRO C 668 17.44 -27.22 -27.05
C PRO C 668 18.52 -27.35 -28.10
N PHE C 669 19.78 -27.14 -27.71
CA PHE C 669 20.86 -27.34 -28.66
C PHE C 669 20.94 -28.80 -29.07
N TYR C 670 20.81 -29.71 -28.12
CA TYR C 670 20.95 -31.13 -28.40
C TYR C 670 19.90 -31.59 -29.40
N ILE C 671 18.67 -31.11 -29.25
CA ILE C 671 17.61 -31.51 -30.15
C ILE C 671 17.94 -31.11 -31.59
N GLN C 672 18.42 -29.88 -31.77
CA GLN C 672 18.59 -29.36 -33.12
C GLN C 672 19.83 -29.92 -33.80
N HIS C 673 20.87 -30.24 -33.05
CA HIS C 673 22.16 -30.52 -33.67
C HIS C 673 22.67 -31.94 -33.46
N MET C 674 22.36 -32.57 -32.34
CA MET C 674 22.98 -33.84 -32.01
C MET C 674 22.04 -35.02 -32.05
N CYS C 675 20.83 -34.86 -31.53
CA CYS C 675 19.85 -35.95 -31.58
C CYS C 675 19.64 -36.53 -32.97
N PRO C 676 19.53 -35.74 -34.04
CA PRO C 676 19.35 -36.36 -35.36
C PRO C 676 20.45 -37.35 -35.72
N THR C 677 21.69 -37.05 -35.35
CA THR C 677 22.77 -37.97 -35.65
C THR C 677 22.56 -39.30 -34.95
N GLU C 678 22.20 -39.25 -33.67
CA GLU C 678 22.00 -40.49 -32.92
C GLU C 678 20.91 -41.35 -33.56
N LEU C 679 19.80 -40.71 -33.95
CA LEU C 679 18.74 -41.44 -34.61
C LEU C 679 19.23 -42.03 -35.92
N SER C 680 19.94 -41.24 -36.72
CA SER C 680 20.37 -41.70 -38.03
C SER C 680 21.24 -42.94 -37.92
N VAL C 681 22.12 -42.97 -36.93
CA VAL C 681 22.97 -44.13 -36.75
C VAL C 681 22.17 -45.32 -36.24
N LEU C 682 21.38 -45.11 -35.18
CA LEU C 682 20.65 -46.23 -34.59
C LEU C 682 19.62 -46.80 -35.54
N ALA C 683 19.23 -46.04 -36.57
CA ALA C 683 18.27 -46.56 -37.54
C ALA C 683 18.81 -47.80 -38.23
N SER C 684 20.12 -47.94 -38.33
CA SER C 684 20.73 -49.09 -38.95
C SER C 684 20.98 -50.24 -37.99
N VAL C 685 20.60 -50.10 -36.73
CA VAL C 685 20.93 -51.07 -35.70
C VAL C 685 19.70 -51.82 -35.23
N THR C 686 18.61 -51.11 -34.95
CA THR C 686 17.42 -51.76 -34.41
C THR C 686 16.94 -52.85 -35.37
N VAL C 687 16.48 -53.95 -34.79
CA VAL C 687 16.06 -55.09 -35.60
C VAL C 687 14.93 -54.71 -36.53
N THR C 688 14.13 -53.72 -36.16
CA THR C 688 13.08 -53.22 -37.03
C THR C 688 13.46 -51.85 -37.55
N PRO C 689 13.56 -51.68 -38.86
CA PRO C 689 13.91 -50.37 -39.41
C PRO C 689 12.85 -49.35 -39.08
N PRO C 690 13.20 -48.06 -39.11
CA PRO C 690 12.21 -47.03 -38.82
C PRO C 690 11.08 -47.07 -39.82
N PHE C 691 9.89 -46.68 -39.37
CA PHE C 691 8.67 -46.75 -40.17
C PHE C 691 7.89 -45.46 -39.93
N GLN C 692 8.13 -44.46 -40.77
CA GLN C 692 7.63 -43.12 -40.55
C GLN C 692 6.52 -42.77 -41.52
N VAL C 693 5.91 -41.62 -41.26
CA VAL C 693 4.89 -41.02 -42.12
C VAL C 693 5.07 -39.52 -41.94
N PRO C 694 4.81 -38.69 -42.97
CA PRO C 694 5.19 -37.28 -42.88
C PRO C 694 4.57 -36.58 -41.69
N PHE C 695 5.36 -35.72 -41.05
CA PHE C 695 4.87 -34.85 -40.00
C PHE C 695 4.13 -33.68 -40.63
N THR C 696 2.83 -33.60 -40.40
CA THR C 696 2.09 -32.41 -40.77
C THR C 696 2.07 -31.44 -39.60
N ARG C 697 1.65 -30.20 -39.87
CA ARG C 697 1.73 -29.16 -38.85
C ARG C 697 0.58 -28.19 -39.06
N LEU C 698 -0.42 -28.27 -38.21
CA LEU C 698 -1.51 -27.29 -38.14
C LEU C 698 -2.33 -27.22 -39.42
N VAL C 699 -2.11 -28.12 -40.37
CA VAL C 699 -2.89 -28.13 -41.60
C VAL C 699 -4.06 -29.09 -41.40
N GLN C 700 -5.26 -28.55 -41.27
CA GLN C 700 -6.41 -29.36 -40.93
C GLN C 700 -6.67 -30.42 -42.00
N ASN C 701 -6.59 -30.04 -43.27
CA ASN C 701 -6.89 -30.99 -44.33
C ASN C 701 -5.83 -32.08 -44.46
N ASP C 702 -4.64 -31.88 -43.90
CA ASP C 702 -3.56 -32.82 -44.06
C ASP C 702 -3.36 -33.73 -42.86
N VAL C 703 -4.21 -33.62 -41.83
CA VAL C 703 -4.08 -34.50 -40.68
C VAL C 703 -4.27 -35.93 -41.12
N ILE C 704 -3.31 -36.79 -40.81
CA ILE C 704 -3.35 -38.18 -41.21
C ILE C 704 -4.20 -38.93 -40.19
N THR C 705 -5.42 -39.30 -40.59
CA THR C 705 -6.30 -40.00 -39.68
C THR C 705 -5.88 -41.45 -39.49
N ASN C 706 -5.51 -42.12 -40.57
CA ASN C 706 -5.24 -43.54 -40.51
C ASN C 706 -4.05 -43.88 -41.40
N VAL C 707 -3.28 -44.87 -40.97
CA VAL C 707 -2.25 -45.49 -41.80
C VAL C 707 -2.65 -46.95 -41.99
N LEU C 708 -2.64 -47.40 -43.23
CA LEU C 708 -3.34 -48.63 -43.59
C LEU C 708 -2.41 -49.60 -44.28
N VAL C 709 -2.82 -50.88 -44.26
CA VAL C 709 -2.11 -51.96 -44.92
C VAL C 709 -3.12 -53.04 -45.25
N ALA C 710 -2.91 -53.72 -46.38
CA ALA C 710 -3.84 -54.71 -46.87
C ALA C 710 -3.10 -56.00 -47.21
N ARG C 711 -3.61 -57.12 -46.73
CA ARG C 711 -3.10 -58.43 -47.11
C ARG C 711 -3.63 -58.90 -48.44
N VAL C 712 -4.70 -58.29 -48.93
CA VAL C 712 -5.47 -58.82 -50.04
C VAL C 712 -5.61 -57.75 -51.12
N ASP C 713 -5.61 -58.19 -52.37
CA ASP C 713 -5.83 -57.28 -53.48
C ASP C 713 -7.31 -56.90 -53.54
N PRO C 714 -7.66 -55.63 -53.38
CA PRO C 714 -9.07 -55.24 -53.47
C PRO C 714 -9.63 -55.35 -54.86
N ALA C 715 -8.79 -55.46 -55.89
CA ALA C 715 -9.30 -55.47 -57.25
C ALA C 715 -10.07 -56.76 -57.54
N GLN C 716 -9.56 -57.90 -57.10
CA GLN C 716 -10.17 -59.17 -57.46
C GLN C 716 -11.61 -59.25 -56.94
N ARG C 717 -11.78 -59.05 -55.64
CA ARG C 717 -13.13 -58.91 -55.13
C ARG C 717 -13.71 -57.57 -55.57
N GLY C 718 -15.02 -57.46 -55.50
CA GLY C 718 -15.68 -56.26 -55.98
C GLY C 718 -15.47 -55.05 -55.10
N ASP C 719 -14.22 -54.68 -54.88
CA ASP C 719 -13.87 -53.53 -54.05
C ASP C 719 -12.96 -52.57 -54.81
N ALA C 720 -13.32 -52.29 -56.06
CA ALA C 720 -12.48 -51.42 -56.87
C ALA C 720 -12.60 -49.96 -56.45
N ALA C 721 -13.81 -49.51 -56.12
CA ALA C 721 -14.08 -48.10 -55.91
C ALA C 721 -14.83 -47.88 -54.61
N VAL C 722 -14.32 -48.48 -53.53
CA VAL C 722 -14.94 -48.34 -52.21
C VAL C 722 -13.94 -47.63 -51.31
N ASP C 723 -14.41 -47.25 -50.12
CA ASP C 723 -13.57 -46.52 -49.18
C ASP C 723 -12.33 -47.30 -48.84
N ILE C 724 -11.20 -46.60 -48.76
CA ILE C 724 -9.94 -47.24 -48.44
C ILE C 724 -9.97 -47.83 -47.04
N ARG C 725 -10.66 -47.15 -46.11
CA ARG C 725 -10.73 -47.65 -44.74
C ARG C 725 -11.45 -48.99 -44.66
N ALA C 726 -12.25 -49.33 -45.66
CA ALA C 726 -13.00 -50.57 -45.66
C ALA C 726 -12.26 -51.70 -46.35
N THR C 727 -11.04 -51.47 -46.81
CA THR C 727 -10.28 -52.49 -47.52
C THR C 727 -8.95 -52.82 -46.87
N HIS C 728 -8.32 -51.87 -46.20
CA HIS C 728 -7.00 -52.06 -45.63
C HIS C 728 -7.10 -52.03 -44.11
N ALA C 729 -6.39 -52.94 -43.46
CA ALA C 729 -6.33 -52.93 -42.01
C ALA C 729 -5.59 -51.68 -41.53
N THR C 730 -6.01 -51.19 -40.37
CA THR C 730 -5.45 -49.99 -39.80
C THR C 730 -4.67 -50.32 -38.53
N PHE C 731 -3.69 -49.48 -38.23
CA PHE C 731 -2.95 -49.60 -36.99
C PHE C 731 -3.65 -48.78 -35.89
N ALA C 732 -3.45 -49.21 -34.65
CA ALA C 732 -4.07 -48.53 -33.51
C ALA C 732 -3.16 -48.76 -32.30
N ALA C 733 -2.37 -47.76 -31.96
CA ALA C 733 -1.45 -47.87 -30.84
C ALA C 733 -1.08 -46.48 -30.38
N ALA C 734 -1.24 -46.20 -29.09
CA ALA C 734 -0.91 -44.90 -28.54
C ALA C 734 -0.27 -45.07 -27.17
N LEU C 735 0.67 -44.18 -26.86
CA LEU C 735 1.38 -44.22 -25.60
C LEU C 735 1.13 -42.92 -24.85
N PRO C 736 0.45 -42.96 -23.70
CA PRO C 736 0.33 -41.76 -22.89
C PRO C 736 1.68 -41.37 -22.30
N VAL C 737 1.96 -40.07 -22.28
CA VAL C 737 3.21 -39.57 -21.73
C VAL C 737 2.89 -38.47 -20.74
N ASP C 738 3.76 -38.34 -19.73
CA ASP C 738 3.53 -37.39 -18.66
C ASP C 738 4.22 -36.08 -18.97
N PRO C 739 3.50 -34.96 -19.00
CA PRO C 739 4.15 -33.68 -19.33
C PRO C 739 5.26 -33.30 -18.37
N ALA C 740 5.09 -33.58 -17.08
CA ALA C 740 6.05 -33.09 -16.09
C ALA C 740 7.44 -33.65 -16.37
N ALA C 741 7.52 -34.94 -16.69
CA ALA C 741 8.81 -35.53 -17.03
C ALA C 741 9.41 -34.83 -18.24
N ILE C 742 8.59 -34.53 -19.24
CA ILE C 742 9.08 -33.83 -20.43
C ILE C 742 9.65 -32.48 -20.04
N VAL C 743 8.93 -31.74 -19.20
CA VAL C 743 9.37 -30.41 -18.81
C VAL C 743 10.69 -30.49 -18.05
N VAL C 744 10.78 -31.41 -17.11
CA VAL C 744 11.99 -31.54 -16.31
C VAL C 744 13.18 -31.83 -17.21
N ALA C 745 13.02 -32.80 -18.11
CA ALA C 745 14.09 -33.12 -19.04
C ALA C 745 14.43 -31.93 -19.93
N MET C 746 13.40 -31.19 -20.35
CA MET C 746 13.63 -30.06 -21.23
C MET C 746 14.48 -29.00 -20.57
N LEU C 747 14.25 -28.75 -19.28
CA LEU C 747 14.94 -27.66 -18.60
C LEU C 747 16.22 -28.10 -17.90
N CYS C 748 16.29 -29.33 -17.42
CA CYS C 748 17.42 -29.78 -16.62
C CYS C 748 18.44 -30.55 -17.44
N GLY C 749 18.59 -30.21 -18.72
CA GLY C 749 19.56 -30.87 -19.58
C GLY C 749 20.93 -30.24 -19.45
N GLN C 750 21.96 -31.10 -19.45
CA GLN C 750 23.30 -30.61 -19.17
C GLN C 750 24.31 -31.59 -19.74
N THR C 751 25.52 -31.09 -19.99
CA THR C 751 26.61 -31.88 -20.51
C THR C 751 27.91 -31.47 -19.82
N GLU C 752 28.97 -32.21 -20.11
CA GLU C 752 30.28 -31.82 -19.63
C GLU C 752 30.78 -30.59 -20.39
N THR C 753 31.91 -30.04 -19.94
CA THR C 753 32.28 -28.69 -20.31
C THR C 753 32.80 -28.59 -21.74
N ASN C 754 33.81 -29.37 -22.08
CA ASN C 754 34.47 -29.19 -23.37
C ASN C 754 34.21 -30.38 -24.29
N LEU C 755 32.97 -30.83 -24.32
CA LEU C 755 32.61 -31.98 -25.14
C LEU C 755 32.78 -31.67 -26.61
N ILE C 756 33.38 -32.62 -27.33
CA ILE C 756 33.45 -32.59 -28.79
C ILE C 756 32.61 -33.77 -29.29
N PRO C 757 31.46 -33.52 -29.92
CA PRO C 757 30.53 -34.64 -30.19
C PRO C 757 31.15 -35.74 -31.04
N SER C 758 31.92 -35.38 -32.06
CA SER C 758 32.41 -36.38 -33.00
C SER C 758 33.25 -37.42 -32.28
N HIS C 759 34.16 -36.97 -31.42
CA HIS C 759 34.98 -37.93 -30.68
C HIS C 759 34.11 -38.79 -29.77
N HIS C 760 33.16 -38.17 -29.07
CA HIS C 760 32.34 -38.92 -28.12
C HIS C 760 31.55 -40.01 -28.83
N TYR C 761 30.85 -39.65 -29.90
CA TYR C 761 30.05 -40.64 -30.61
C TYR C 761 30.92 -41.74 -31.21
N GLY C 762 32.04 -41.35 -31.82
CA GLY C 762 32.93 -42.35 -32.39
C GLY C 762 33.39 -43.36 -31.37
N LYS C 763 33.74 -42.90 -30.18
CA LYS C 763 34.08 -43.83 -29.10
C LYS C 763 32.86 -44.66 -28.72
N ALA C 764 31.68 -44.04 -28.72
CA ALA C 764 30.48 -44.76 -28.28
C ALA C 764 30.04 -45.79 -29.31
N PHE C 765 30.13 -45.45 -30.60
CA PHE C 765 29.57 -46.29 -31.65
C PHE C 765 30.49 -47.41 -32.09
N ALA C 766 31.71 -47.47 -31.55
CA ALA C 766 32.66 -48.49 -31.99
C ALA C 766 32.11 -49.92 -31.92
N PRO C 767 31.47 -50.36 -30.85
CA PRO C 767 31.07 -51.78 -30.79
C PRO C 767 30.11 -52.20 -31.89
N LEU C 768 29.28 -51.29 -32.39
CA LEU C 768 28.19 -51.68 -33.27
C LEU C 768 28.69 -52.32 -34.55
N PHE C 769 29.60 -51.63 -35.24
CA PHE C 769 29.94 -52.00 -36.62
C PHE C 769 31.15 -52.92 -36.65
N ALA C 770 30.96 -54.06 -35.97
CA ALA C 770 31.93 -55.16 -36.00
C ALA C 770 31.21 -56.49 -36.03
N SER C 771 30.04 -56.56 -36.67
CA SER C 771 29.25 -57.78 -36.67
C SER C 771 28.45 -57.86 -37.96
N ASN C 772 27.96 -59.07 -38.25
CA ASN C 772 27.20 -59.33 -39.46
C ASN C 772 25.70 -59.15 -39.27
N ALA C 773 25.27 -58.70 -38.09
CA ALA C 773 23.85 -58.64 -37.80
C ALA C 773 23.10 -57.80 -38.83
N MET C 774 23.74 -56.73 -39.31
CA MET C 774 23.10 -55.90 -40.33
C MET C 774 22.87 -56.65 -41.62
N PHE C 775 23.63 -57.70 -41.89
CA PHE C 775 23.55 -58.40 -43.16
C PHE C 775 22.59 -59.59 -43.13
N THR C 776 22.47 -60.27 -41.99
CA THR C 776 21.55 -61.39 -41.91
C THR C 776 20.14 -60.97 -42.26
N ARG C 777 19.77 -59.73 -41.92
CA ARG C 777 18.46 -59.22 -42.30
C ARG C 777 18.29 -59.22 -43.81
N ASN C 778 19.32 -58.76 -44.53
CA ASN C 778 19.26 -58.78 -45.98
C ASN C 778 19.10 -60.20 -46.49
N GLN C 779 19.84 -61.14 -45.91
CA GLN C 779 19.76 -62.53 -46.35
C GLN C 779 18.36 -63.09 -46.11
N ARG C 780 17.75 -62.76 -44.97
CA ARG C 780 16.38 -63.18 -44.74
C ARG C 780 15.45 -62.58 -45.78
N ALA C 781 15.66 -61.31 -46.13
CA ALA C 781 14.79 -60.66 -47.08
C ALA C 781 14.82 -61.36 -48.43
N VAL C 782 16.01 -61.75 -48.89
CA VAL C 782 16.12 -62.39 -50.20
C VAL C 782 15.32 -63.68 -50.22
N ILE C 783 15.49 -64.51 -49.19
CA ILE C 783 14.72 -65.74 -49.10
C ILE C 783 13.24 -65.43 -49.06
N THR C 784 12.87 -64.38 -48.33
CA THR C 784 11.46 -64.01 -48.22
C THR C 784 10.88 -63.73 -49.58
N ARG C 785 11.61 -62.99 -50.42
CA ARG C 785 11.11 -62.67 -51.75
C ARG C 785 10.89 -63.94 -52.55
N GLU C 786 11.90 -64.80 -52.63
CA GLU C 786 11.78 -66.00 -53.44
C GLU C 786 10.64 -66.88 -52.94
N ALA C 787 10.52 -67.02 -51.62
CA ALA C 787 9.41 -67.80 -51.08
C ALA C 787 8.07 -67.21 -51.48
N PHE C 788 7.95 -65.89 -51.38
CA PHE C 788 6.67 -65.26 -51.70
C PHE C 788 6.32 -65.44 -53.16
N VAL C 789 7.30 -65.25 -54.06
CA VAL C 789 7.02 -65.38 -55.48
C VAL C 789 6.63 -66.81 -55.82
N CYS C 790 7.40 -67.77 -55.33
CA CYS C 790 7.10 -69.16 -55.65
C CYS C 790 5.74 -69.56 -55.10
N ALA C 791 5.42 -69.14 -53.88
CA ALA C 791 4.13 -69.47 -53.29
C ALA C 791 3.00 -68.93 -54.14
N ARG C 792 3.11 -67.66 -54.54
CA ARG C 792 2.10 -67.08 -55.42
C ARG C 792 2.01 -67.86 -56.72
N SER C 793 3.16 -68.19 -57.30
CA SER C 793 3.16 -68.92 -58.57
C SER C 793 2.50 -70.27 -58.42
N ALA C 794 2.83 -70.98 -57.34
CA ALA C 794 2.28 -72.32 -57.14
C ALA C 794 0.76 -72.27 -57.01
N VAL C 795 0.26 -71.37 -56.16
CA VAL C 795 -1.18 -71.27 -55.95
C VAL C 795 -1.88 -70.89 -57.24
N ALA C 796 -1.32 -69.93 -57.97
CA ALA C 796 -1.97 -69.45 -59.18
C ALA C 796 -2.12 -70.58 -60.20
N GLN C 797 -1.09 -71.40 -60.35
CA GLN C 797 -1.15 -72.47 -61.34
C GLN C 797 -2.20 -73.51 -60.99
N CYS C 798 -2.54 -73.66 -59.72
CA CYS C 798 -3.62 -74.55 -59.34
C CYS C 798 -4.99 -73.91 -59.56
N GLN C 799 -5.06 -72.58 -59.58
CA GLN C 799 -6.26 -71.90 -60.01
C GLN C 799 -6.30 -71.94 -61.53
N ASP C 800 -7.19 -71.15 -62.12
CA ASP C 800 -7.36 -71.19 -63.57
C ASP C 800 -6.81 -69.97 -64.29
N ALA C 801 -6.76 -68.81 -63.65
CA ALA C 801 -6.40 -67.59 -64.39
C ALA C 801 -5.54 -66.59 -63.64
N GLY C 802 -4.94 -66.94 -62.51
CA GLY C 802 -4.44 -65.91 -61.61
C GLY C 802 -3.14 -65.29 -62.07
N PHE C 803 -3.06 -63.96 -61.89
CA PHE C 803 -1.81 -63.22 -61.76
C PHE C 803 -0.88 -63.31 -62.97
N LEU C 804 -1.39 -63.69 -64.14
CA LEU C 804 -0.58 -63.71 -65.36
C LEU C 804 0.68 -64.56 -65.19
N VAL C 805 0.51 -65.74 -64.60
CA VAL C 805 1.63 -66.65 -64.47
C VAL C 805 1.58 -67.64 -65.63
N PRO C 806 2.71 -68.11 -66.14
CA PRO C 806 2.69 -69.15 -67.15
C PRO C 806 2.17 -70.45 -66.57
N ARG C 807 1.56 -71.26 -67.42
CA ARG C 807 0.88 -72.47 -67.00
C ARG C 807 1.36 -73.65 -67.84
N PRO C 808 2.62 -74.06 -67.66
CA PRO C 808 3.12 -75.21 -68.42
C PRO C 808 2.45 -76.51 -68.06
N LEU C 809 1.98 -76.64 -66.82
CA LEU C 809 1.40 -77.89 -66.33
C LEU C 809 -0.11 -77.92 -66.45
N ASP C 810 -0.70 -77.01 -67.23
CA ASP C 810 -2.15 -76.93 -67.31
C ASP C 810 -2.76 -78.18 -67.91
N ALA C 811 -1.98 -78.99 -68.61
CA ALA C 811 -2.51 -80.20 -69.22
C ALA C 811 -2.96 -81.23 -68.18
N LEU C 812 -2.53 -81.09 -66.94
CA LEU C 812 -2.91 -82.04 -65.91
C LEU C 812 -4.31 -81.71 -65.38
N ARG C 813 -4.75 -82.46 -64.39
CA ARG C 813 -6.06 -82.29 -63.81
C ARG C 813 -5.96 -81.68 -62.41
N GLN C 814 -6.92 -80.81 -62.10
CA GLN C 814 -7.02 -80.23 -60.76
C GLN C 814 -8.46 -79.80 -60.58
N PHE C 815 -9.20 -80.55 -59.77
CA PHE C 815 -10.63 -80.27 -59.62
C PHE C 815 -10.88 -79.23 -58.54
N ASP C 816 -10.41 -79.47 -57.32
CA ASP C 816 -10.72 -78.60 -56.20
C ASP C 816 -9.93 -77.30 -56.32
N VAL C 817 -10.63 -76.18 -56.17
CA VAL C 817 -10.00 -74.86 -56.25
C VAL C 817 -10.46 -74.02 -55.08
N THR C 818 -11.01 -74.66 -54.05
CA THR C 818 -11.51 -73.93 -52.90
C THR C 818 -10.37 -73.24 -52.17
N SER C 819 -10.73 -72.27 -51.34
CA SER C 819 -9.74 -71.59 -50.52
C SER C 819 -8.99 -72.57 -49.65
N ALA C 820 -9.68 -73.59 -49.15
CA ALA C 820 -9.04 -74.58 -48.30
C ALA C 820 -7.88 -75.25 -49.03
N ALA C 821 -8.11 -75.62 -50.29
CA ALA C 821 -7.04 -76.23 -51.07
C ALA C 821 -5.87 -75.27 -51.22
N ALA C 822 -6.15 -74.01 -51.54
CA ALA C 822 -5.09 -73.05 -51.72
C ALA C 822 -4.31 -72.85 -50.42
N ALA C 823 -5.04 -72.77 -49.30
CA ALA C 823 -4.36 -72.59 -48.02
C ALA C 823 -3.42 -73.75 -47.74
N GLU C 824 -3.87 -74.97 -48.01
CA GLU C 824 -3.03 -76.12 -47.78
C GLU C 824 -1.80 -76.08 -48.66
N ILE C 825 -1.97 -75.68 -49.92
CA ILE C 825 -0.83 -75.58 -50.83
C ILE C 825 0.18 -74.57 -50.31
N MET C 826 -0.30 -73.41 -49.88
CA MET C 826 0.61 -72.38 -49.40
C MET C 826 1.39 -72.86 -48.19
N HIS C 827 0.71 -73.57 -47.28
CA HIS C 827 1.40 -74.10 -46.11
C HIS C 827 2.51 -75.05 -46.51
N ALA C 828 2.21 -75.95 -47.45
CA ALA C 828 3.23 -76.90 -47.89
C ALA C 828 4.42 -76.18 -48.48
N VAL C 829 4.18 -75.17 -49.30
CA VAL C 829 5.28 -74.39 -49.87
C VAL C 829 6.05 -73.69 -48.77
N ASN C 830 5.34 -73.10 -47.82
CA ASN C 830 6.02 -72.39 -46.73
C ASN C 830 6.90 -73.33 -45.94
N ASP C 831 6.38 -74.51 -45.62
CA ASP C 831 7.18 -75.49 -44.90
C ASP C 831 8.37 -75.95 -45.71
N ALA C 832 8.19 -76.09 -47.02
CA ALA C 832 9.29 -76.54 -47.87
C ALA C 832 10.49 -75.61 -47.76
N PHE C 833 10.25 -74.31 -47.91
CA PHE C 833 11.36 -73.36 -47.81
C PHE C 833 11.97 -73.36 -46.42
N LYS C 834 11.12 -73.40 -45.38
CA LYS C 834 11.62 -73.40 -44.01
C LYS C 834 12.59 -74.55 -43.80
N THR C 835 12.19 -75.76 -44.23
CA THR C 835 13.09 -76.90 -44.11
C THR C 835 14.32 -76.71 -44.98
N ALA C 836 14.15 -76.20 -46.19
CA ALA C 836 15.26 -76.13 -47.14
C ALA C 836 16.35 -75.20 -46.64
N PHE C 837 15.98 -74.03 -46.16
CA PHE C 837 16.95 -73.03 -45.76
C PHE C 837 17.16 -72.94 -44.26
N ASP C 838 16.61 -73.89 -43.51
CA ASP C 838 16.86 -74.00 -42.08
C ASP C 838 16.45 -72.74 -41.33
N LEU C 839 15.33 -72.15 -41.75
CA LEU C 839 14.79 -71.01 -41.04
C LEU C 839 13.90 -71.47 -39.90
N ASP C 840 13.60 -70.54 -38.99
CA ASP C 840 12.79 -70.88 -37.83
C ASP C 840 11.67 -69.88 -37.60
N GLY C 841 11.86 -68.64 -38.04
CA GLY C 841 10.90 -67.59 -37.77
C GLY C 841 9.60 -67.75 -38.52
N ALA C 842 8.76 -66.72 -38.50
CA ALA C 842 7.47 -66.76 -39.18
C ALA C 842 7.66 -66.28 -40.61
N LEU C 843 8.19 -67.18 -41.43
CA LEU C 843 8.36 -66.88 -42.85
C LEU C 843 7.04 -67.05 -43.58
N LEU C 844 6.66 -66.03 -44.34
CA LEU C 844 5.53 -66.07 -45.25
C LEU C 844 4.20 -66.36 -44.55
N ASP C 845 4.17 -66.35 -43.23
CA ASP C 845 2.95 -66.59 -42.51
C ASP C 845 2.10 -65.32 -42.48
N GLY C 846 0.94 -65.41 -41.85
CA GLY C 846 0.05 -64.28 -41.73
C GLY C 846 -0.64 -63.86 -43.01
N LEU C 847 -0.13 -64.27 -44.16
CA LEU C 847 -0.81 -63.95 -45.42
C LEU C 847 -2.18 -64.58 -45.45
N ALA C 848 -2.30 -65.82 -45.00
CA ALA C 848 -3.57 -66.53 -45.00
C ALA C 848 -4.39 -66.23 -43.76
N LEU C 849 -4.15 -65.10 -43.10
CA LEU C 849 -4.89 -64.77 -41.90
C LEU C 849 -6.39 -64.70 -42.18
N TYR C 850 -6.77 -64.05 -43.27
CA TYR C 850 -8.16 -64.05 -43.68
C TYR C 850 -8.58 -65.38 -44.29
N GLY C 851 -7.63 -66.19 -44.73
CA GLY C 851 -7.92 -67.54 -45.14
C GLY C 851 -8.15 -67.76 -46.61
N ASP C 852 -7.86 -66.77 -47.45
CA ASP C 852 -8.01 -66.94 -48.89
C ASP C 852 -6.75 -66.48 -49.64
N PRO C 853 -5.70 -67.31 -49.63
CA PRO C 853 -4.44 -66.90 -50.27
C PRO C 853 -4.58 -66.68 -51.77
N ARG C 854 -5.68 -67.09 -52.38
CA ARG C 854 -5.84 -66.90 -53.82
C ARG C 854 -5.77 -65.44 -54.22
N ILE C 855 -6.00 -64.54 -53.29
CA ILE C 855 -5.99 -63.10 -53.56
C ILE C 855 -4.91 -62.40 -52.75
N ALA C 856 -3.88 -63.13 -52.34
CA ALA C 856 -2.84 -62.53 -51.50
C ALA C 856 -2.07 -61.48 -52.28
N ASP C 857 -2.10 -60.26 -51.79
CA ASP C 857 -1.30 -59.18 -52.37
C ASP C 857 -1.09 -58.09 -51.33
N LEU C 858 0.13 -57.58 -51.26
CA LEU C 858 0.49 -56.61 -50.25
C LEU C 858 0.36 -55.20 -50.78
N SER C 859 -0.05 -54.29 -49.90
CA SER C 859 -0.14 -52.88 -50.23
C SER C 859 -0.27 -52.09 -48.94
N ALA C 860 0.07 -50.81 -49.02
CA ALA C 860 0.02 -49.92 -47.87
C ALA C 860 -0.43 -48.55 -48.32
N ALA C 861 -1.04 -47.81 -47.39
CA ALA C 861 -1.57 -46.49 -47.68
C ALA C 861 -1.85 -45.78 -46.37
N TYR C 862 -2.05 -44.47 -46.47
CA TYR C 862 -2.54 -43.69 -45.34
C TYR C 862 -3.52 -42.65 -45.84
N LEU C 863 -4.42 -42.24 -44.96
CA LEU C 863 -5.54 -41.39 -45.31
C LEU C 863 -5.42 -40.05 -44.61
N GLN C 864 -5.65 -38.97 -45.36
CA GLN C 864 -5.67 -37.63 -44.81
C GLN C 864 -7.09 -37.15 -44.64
N TYR C 865 -7.29 -36.28 -43.65
CA TYR C 865 -8.63 -35.78 -43.36
C TYR C 865 -9.23 -35.05 -44.54
N GLY C 866 -8.38 -34.46 -45.39
CA GLY C 866 -8.89 -33.80 -46.57
C GLY C 866 -9.49 -34.72 -47.59
N GLY C 867 -9.35 -36.03 -47.41
CA GLY C 867 -9.86 -37.00 -48.35
C GLY C 867 -8.83 -37.55 -49.32
N ASN C 868 -7.57 -37.14 -49.18
CA ASN C 868 -6.52 -37.60 -50.06
C ASN C 868 -5.89 -38.89 -49.51
N VAL C 869 -5.48 -39.76 -50.43
CA VAL C 869 -4.82 -41.01 -50.09
C VAL C 869 -3.53 -41.11 -50.89
N VAL C 870 -2.70 -42.09 -50.53
CA VAL C 870 -1.41 -42.30 -51.18
C VAL C 870 -1.37 -43.63 -51.92
N ARG C 871 -1.58 -44.74 -51.19
CA ARG C 871 -1.76 -46.05 -51.80
C ARG C 871 -0.53 -46.47 -52.63
N GLU C 872 0.56 -46.68 -51.92
CA GLU C 872 1.77 -47.22 -52.55
C GLU C 872 1.70 -48.74 -52.60
N HIS C 873 2.09 -49.29 -53.74
CA HIS C 873 2.11 -50.73 -53.94
C HIS C 873 3.47 -51.31 -53.56
N VAL C 874 3.46 -52.59 -53.23
CA VAL C 874 4.69 -53.31 -52.90
C VAL C 874 4.75 -54.61 -53.69
N PRO C 875 5.07 -54.56 -54.99
CA PRO C 875 5.17 -55.78 -55.76
C PRO C 875 6.50 -56.46 -55.52
N PRO C 876 6.59 -57.77 -55.74
CA PRO C 876 7.87 -58.46 -55.60
C PRO C 876 8.81 -58.10 -56.73
N GLY C 877 10.10 -58.33 -56.48
CA GLY C 877 11.11 -58.12 -57.48
C GLY C 877 11.34 -59.34 -58.33
N PRO C 878 12.30 -59.29 -59.24
CA PRO C 878 12.61 -60.45 -60.07
C PRO C 878 13.13 -61.60 -59.21
N SER C 879 12.85 -62.82 -59.64
CA SER C 879 13.22 -64.02 -58.90
C SER C 879 14.00 -64.96 -59.80
N HIS C 880 15.00 -65.60 -59.22
CA HIS C 880 15.75 -66.62 -59.94
C HIS C 880 15.09 -67.99 -59.82
N ILE C 881 14.65 -68.36 -58.62
CA ILE C 881 14.03 -69.67 -58.43
C ILE C 881 12.76 -69.79 -59.25
N HIS C 882 11.95 -68.73 -59.27
CA HIS C 882 10.72 -68.74 -60.04
C HIS C 882 10.98 -69.12 -61.50
N ARG C 883 12.01 -68.53 -62.10
CA ARG C 883 12.39 -68.90 -63.45
C ARG C 883 12.77 -70.37 -63.52
N THR C 884 13.59 -70.82 -62.58
CA THR C 884 14.05 -72.20 -62.60
C THR C 884 12.89 -73.17 -62.50
N LEU C 885 11.96 -72.90 -61.57
CA LEU C 885 10.82 -73.78 -61.40
C LEU C 885 10.01 -73.86 -62.68
N GLN C 886 9.89 -72.76 -63.40
CA GLN C 886 9.21 -72.80 -64.68
C GLN C 886 9.94 -73.72 -65.65
N GLN C 887 11.27 -73.64 -65.67
CA GLN C 887 12.04 -74.46 -66.59
C GLN C 887 11.85 -75.94 -66.32
N VAL C 888 11.95 -76.34 -65.05
CA VAL C 888 11.84 -77.76 -64.72
C VAL C 888 10.43 -78.26 -65.01
N GLU C 889 9.43 -77.42 -64.76
CA GLU C 889 8.07 -77.80 -65.10
C GLU C 889 7.94 -78.08 -66.59
N SER C 890 8.47 -77.18 -67.41
CA SER C 890 8.42 -77.39 -68.85
C SER C 890 9.15 -78.66 -69.23
N THR C 891 10.26 -78.95 -68.57
CA THR C 891 10.99 -80.17 -68.86
C THR C 891 10.21 -81.41 -68.45
N PHE C 892 9.45 -81.34 -67.37
CA PHE C 892 8.75 -82.51 -66.88
C PHE C 892 7.79 -83.06 -67.92
N MET C 893 7.08 -82.17 -68.62
CA MET C 893 6.10 -82.62 -69.61
C MET C 893 6.73 -83.44 -70.71
N ALA C 894 8.05 -83.33 -70.90
CA ALA C 894 8.72 -84.11 -71.92
C ALA C 894 9.32 -85.41 -71.40
N GLU C 895 9.56 -85.51 -70.08
CA GLU C 895 10.23 -86.68 -69.53
C GLU C 895 9.47 -87.24 -68.34
N MET C 896 8.14 -87.17 -68.37
CA MET C 896 7.37 -87.56 -67.21
C MET C 896 7.51 -89.05 -66.89
N ASN C 897 7.82 -89.87 -67.90
CA ASN C 897 7.98 -91.29 -67.65
C ASN C 897 9.08 -91.56 -66.64
N LEU C 898 10.08 -90.67 -66.57
CA LEU C 898 11.17 -90.84 -65.62
C LEU C 898 10.67 -90.77 -64.19
N PHE C 899 9.50 -90.21 -63.96
CA PHE C 899 8.94 -90.09 -62.62
C PHE C 899 7.76 -91.04 -62.41
N ASN C 900 7.77 -92.17 -63.13
CA ASN C 900 6.74 -93.19 -63.01
C ASN C 900 5.36 -92.65 -63.35
N VAL C 901 5.29 -91.65 -64.22
CA VAL C 901 4.04 -91.05 -64.63
C VAL C 901 3.89 -91.22 -66.13
N ALA C 902 2.69 -91.63 -66.56
CA ALA C 902 2.40 -91.89 -67.95
C ALA C 902 1.21 -91.04 -68.38
N ARG C 903 1.14 -90.80 -69.69
CA ARG C 903 0.08 -90.02 -70.30
C ARG C 903 -0.71 -90.89 -71.26
N GLY C 904 -1.75 -90.31 -71.85
CA GLY C 904 -2.56 -91.04 -72.81
C GLY C 904 -3.79 -91.66 -72.19
N ASN C 905 -4.23 -92.79 -72.73
CA ASN C 905 -5.41 -93.49 -72.23
C ASN C 905 -5.06 -94.95 -72.01
N LEU C 906 -6.06 -95.72 -71.62
CA LEU C 906 -5.89 -97.13 -71.32
C LEU C 906 -6.88 -97.96 -72.12
N TYR C 907 -6.39 -99.08 -72.66
CA TYR C 907 -7.20 -99.98 -73.47
C TYR C 907 -7.32 -101.32 -72.77
N LEU C 908 -8.53 -101.85 -72.71
CA LEU C 908 -8.80 -103.17 -72.16
C LEU C 908 -9.36 -104.04 -73.28
N VAL C 909 -8.51 -104.90 -73.84
CA VAL C 909 -8.92 -105.81 -74.90
C VAL C 909 -8.30 -107.17 -74.63
N GLN C 910 -9.10 -108.23 -74.71
CA GLN C 910 -8.57 -109.56 -74.56
C GLN C 910 -7.62 -109.88 -75.71
N THR C 911 -6.40 -110.23 -75.37
CA THR C 911 -5.38 -110.54 -76.36
C THR C 911 -4.67 -111.82 -75.96
N ALA C 912 -4.70 -112.81 -76.85
CA ALA C 912 -4.04 -114.08 -76.63
C ALA C 912 -2.83 -114.13 -77.57
N THR C 913 -1.71 -113.58 -77.11
CA THR C 913 -0.51 -113.53 -77.91
C THR C 913 0.45 -114.65 -77.53
N ASN C 914 1.38 -114.93 -78.43
CA ASN C 914 2.41 -115.92 -78.19
C ASN C 914 3.81 -115.39 -78.42
N GLY C 915 3.95 -114.25 -79.08
CA GLY C 915 5.23 -113.61 -79.31
C GLY C 915 5.51 -112.50 -78.32
N ASN C 916 6.22 -111.49 -78.78
CA ASN C 916 6.55 -110.36 -77.92
C ASN C 916 5.30 -109.58 -77.57
N TRP C 917 5.29 -109.01 -76.36
CA TRP C 917 4.16 -108.25 -75.86
C TRP C 917 4.70 -107.02 -75.14
N SER C 918 4.60 -105.86 -75.76
CA SER C 918 5.11 -104.61 -75.22
C SER C 918 3.95 -103.66 -75.02
N PRO C 919 3.34 -103.65 -73.83
CA PRO C 919 2.16 -102.79 -73.64
C PRO C 919 2.49 -101.31 -73.65
N MET C 920 3.58 -100.91 -73.02
CA MET C 920 3.88 -99.49 -72.87
C MET C 920 4.43 -98.86 -74.15
N ALA C 921 4.74 -99.65 -75.16
CA ALA C 921 5.19 -99.15 -76.45
C ALA C 921 4.49 -99.90 -77.57
N PRO C 922 3.19 -99.70 -77.72
CA PRO C 922 2.46 -100.41 -78.78
C PRO C 922 2.96 -99.98 -80.15
N VAL C 923 2.96 -100.93 -81.08
CA VAL C 923 3.42 -100.68 -82.44
C VAL C 923 2.25 -100.41 -83.38
N ALA C 924 1.14 -101.14 -83.21
CA ALA C 924 -0.01 -100.93 -84.06
C ALA C 924 -0.79 -99.69 -83.61
N ALA C 925 -1.59 -99.16 -84.53
CA ALA C 925 -2.40 -98.00 -84.22
C ALA C 925 -3.47 -98.37 -83.19
N PRO C 926 -3.83 -97.44 -82.31
CA PRO C 926 -4.88 -97.72 -81.33
C PRO C 926 -6.20 -98.00 -82.01
N PRO C 927 -6.98 -98.93 -81.49
CA PRO C 927 -8.30 -99.22 -82.09
C PRO C 927 -9.39 -98.31 -81.55
N PHE C 928 -10.39 -98.11 -82.40
CA PHE C 928 -11.63 -97.38 -82.09
C PHE C 928 -11.39 -96.15 -81.23
N VAL C 929 -10.65 -95.17 -81.77
CA VAL C 929 -10.51 -93.89 -81.07
C VAL C 929 -11.89 -93.31 -80.81
N ARG C 930 -11.97 -92.46 -79.78
CA ARG C 930 -13.23 -91.86 -79.40
C ARG C 930 -13.85 -91.11 -80.57
N GLY C 931 -15.16 -91.28 -80.74
CA GLY C 931 -15.86 -90.68 -81.85
C GLY C 931 -15.87 -91.52 -83.11
N GLY C 932 -15.25 -92.68 -83.10
CA GLY C 932 -15.21 -93.54 -84.26
C GLY C 932 -16.54 -94.21 -84.52
N PRO C 933 -16.58 -95.12 -85.49
CA PRO C 933 -17.84 -95.80 -85.79
C PRO C 933 -18.25 -96.74 -84.67
N ASN C 934 -19.53 -96.72 -84.35
CA ASN C 934 -20.17 -97.65 -83.43
C ASN C 934 -19.59 -97.60 -82.02
N VAL C 935 -18.83 -96.58 -81.69
CA VAL C 935 -18.30 -96.45 -80.34
C VAL C 935 -19.33 -95.70 -79.49
N ARG C 936 -19.53 -96.17 -78.27
CA ARG C 936 -20.52 -95.58 -77.37
C ARG C 936 -19.83 -95.02 -76.15
N VAL C 937 -20.31 -93.87 -75.69
CA VAL C 937 -19.78 -93.21 -74.50
C VAL C 937 -20.83 -93.30 -73.41
N VAL C 938 -20.43 -93.84 -72.26
CA VAL C 938 -21.38 -94.04 -71.17
C VAL C 938 -21.84 -92.70 -70.63
N GLY C 939 -23.01 -92.70 -70.02
CA GLY C 939 -23.55 -91.50 -69.41
C GLY C 939 -22.84 -91.16 -68.12
N ARG C 940 -23.15 -89.96 -67.62
CA ARG C 940 -22.49 -89.46 -66.41
C ARG C 940 -22.96 -90.17 -65.16
N PHE C 941 -23.92 -91.08 -65.25
CA PHE C 941 -24.32 -91.88 -64.10
C PHE C 941 -23.82 -93.31 -64.15
N GLY C 942 -23.44 -93.82 -65.31
CA GLY C 942 -23.00 -95.19 -65.41
C GLY C 942 -24.05 -96.20 -65.05
N THR C 943 -25.33 -95.80 -65.06
CA THR C 943 -26.39 -96.71 -64.67
C THR C 943 -26.64 -97.75 -65.74
N ILE C 944 -27.07 -98.92 -65.31
CA ILE C 944 -27.40 -100.05 -66.19
C ILE C 944 -28.84 -100.44 -65.93
N VAL C 945 -29.50 -100.94 -66.96
CA VAL C 945 -30.90 -101.31 -66.82
C VAL C 945 -31.09 -102.78 -67.20
N PRO C 946 -31.92 -103.52 -66.47
CA PRO C 946 -32.16 -104.92 -66.81
C PRO C 946 -33.26 -105.04 -67.85
N ARG C 947 -33.48 -106.27 -68.30
CA ARG C 947 -34.52 -106.60 -69.26
C ARG C 947 -35.10 -107.95 -68.88
N PRO C 948 -36.35 -108.21 -69.20
CA PRO C 948 -36.99 -109.46 -68.78
C PRO C 948 -36.81 -110.59 -69.79
N ASP C 949 -36.93 -111.81 -69.27
CA ASP C 949 -37.15 -113.01 -70.07
C ASP C 949 -36.13 -113.15 -71.20
N GLY C 950 -34.87 -113.30 -70.83
CA GLY C 950 -33.84 -113.66 -71.76
C GLY C 950 -33.18 -112.51 -72.47
N LEU C 951 -33.77 -111.32 -72.44
CA LEU C 951 -33.11 -110.15 -73.02
C LEU C 951 -31.98 -109.71 -72.08
N GLU C 952 -30.76 -109.82 -72.53
CA GLU C 952 -29.66 -109.45 -71.68
C GLU C 952 -29.61 -107.93 -71.51
N PRO C 953 -29.05 -107.43 -70.40
CA PRO C 953 -29.26 -106.02 -70.03
C PRO C 953 -28.69 -105.01 -71.01
N GLN C 954 -28.93 -103.73 -70.72
CA GLN C 954 -28.47 -102.64 -71.56
C GLN C 954 -27.89 -101.55 -70.68
N LEU C 955 -27.04 -100.72 -71.30
CA LEU C 955 -26.30 -99.68 -70.59
C LEU C 955 -26.70 -98.31 -71.15
N ILE C 956 -26.76 -97.32 -70.27
CA ILE C 956 -27.16 -95.98 -70.64
C ILE C 956 -25.93 -95.23 -71.14
N ASP C 957 -26.03 -94.69 -72.36
CA ASP C 957 -24.92 -93.93 -72.93
C ASP C 957 -25.04 -92.46 -72.53
N ASP C 958 -24.11 -91.65 -73.03
CA ASP C 958 -24.16 -90.22 -72.76
C ASP C 958 -25.38 -89.57 -73.41
N GLY C 959 -26.00 -90.23 -74.38
CA GLY C 959 -27.23 -89.72 -74.94
C GLY C 959 -28.46 -90.04 -74.15
N ASN C 960 -28.29 -90.54 -72.92
CA ASN C 960 -29.40 -90.98 -72.08
C ASN C 960 -30.26 -91.99 -72.82
N VAL C 961 -29.60 -92.94 -73.46
CA VAL C 961 -30.27 -93.99 -74.21
C VAL C 961 -29.66 -95.33 -73.85
N PRO C 962 -30.47 -96.33 -73.50
CA PRO C 962 -29.91 -97.67 -73.27
C PRO C 962 -29.28 -98.21 -74.55
N ARG C 963 -28.16 -98.90 -74.39
CA ARG C 963 -27.42 -99.46 -75.51
C ARG C 963 -27.01 -100.88 -75.16
N ASP C 964 -26.68 -101.65 -76.20
CA ASP C 964 -26.25 -103.02 -76.01
C ASP C 964 -24.79 -103.06 -75.59
N ILE C 965 -24.48 -103.97 -74.67
CA ILE C 965 -23.15 -104.00 -74.06
C ILE C 965 -22.11 -104.43 -75.09
N ALA C 966 -22.38 -105.50 -75.82
CA ALA C 966 -21.41 -106.03 -76.76
C ALA C 966 -21.03 -104.98 -77.78
N GLY C 967 -19.73 -104.78 -77.97
CA GLY C 967 -19.25 -103.75 -78.87
C GLY C 967 -18.09 -102.98 -78.30
N ASP C 968 -18.06 -101.67 -78.51
CA ASP C 968 -16.99 -100.82 -78.01
C ASP C 968 -17.58 -99.77 -77.09
N TRP C 969 -16.79 -99.36 -76.10
CA TRP C 969 -17.24 -98.38 -75.13
C TRP C 969 -16.08 -97.53 -74.67
N VAL C 970 -16.42 -96.34 -74.17
CA VAL C 970 -15.44 -95.39 -73.65
C VAL C 970 -15.90 -94.93 -72.29
N TYR C 971 -15.04 -95.09 -71.29
CA TYR C 971 -15.36 -94.73 -69.92
C TYR C 971 -14.52 -93.55 -69.48
N PRO C 972 -15.12 -92.41 -69.16
CA PRO C 972 -14.40 -91.41 -68.36
C PRO C 972 -14.09 -91.98 -66.99
N SER C 973 -12.86 -91.76 -66.52
CA SER C 973 -12.45 -92.35 -65.25
C SER C 973 -13.37 -91.91 -64.12
N ASP C 974 -13.92 -90.71 -64.20
CA ASP C 974 -14.83 -90.24 -63.17
C ASP C 974 -16.04 -91.15 -63.07
N VAL C 975 -16.60 -91.54 -64.22
CA VAL C 975 -17.74 -92.44 -64.21
C VAL C 975 -17.35 -93.77 -63.58
N LEU C 976 -16.18 -94.29 -63.93
CA LEU C 976 -15.76 -95.57 -63.39
C LEU C 976 -15.60 -95.50 -61.88
N GLN C 977 -15.16 -94.36 -61.35
CA GLN C 977 -14.95 -94.24 -59.92
C GLN C 977 -16.22 -94.35 -59.11
N VAL C 978 -17.39 -94.15 -59.75
CA VAL C 978 -18.64 -94.15 -59.02
C VAL C 978 -19.52 -95.35 -59.36
N SER C 979 -19.16 -96.14 -60.37
CA SER C 979 -19.99 -97.27 -60.76
C SER C 979 -19.14 -98.50 -61.04
N VAL C 980 -18.04 -98.67 -60.32
CA VAL C 980 -17.13 -99.77 -60.60
C VAL C 980 -17.84 -101.11 -60.39
N ALA C 981 -18.72 -101.18 -59.39
CA ALA C 981 -19.38 -102.42 -59.08
C ALA C 981 -20.20 -102.91 -60.27
N VAL C 982 -20.96 -102.01 -60.89
CA VAL C 982 -21.73 -102.38 -62.07
C VAL C 982 -20.80 -102.87 -63.17
N PHE C 983 -19.68 -102.17 -63.36
CA PHE C 983 -18.75 -102.54 -64.42
C PHE C 983 -18.22 -103.95 -64.22
N CYS C 984 -17.68 -104.23 -63.03
CA CYS C 984 -17.09 -105.53 -62.78
C CYS C 984 -18.15 -106.62 -62.72
N ASP C 985 -19.42 -106.26 -62.60
CA ASP C 985 -20.48 -107.27 -62.55
C ASP C 985 -21.02 -107.62 -63.91
N TYR C 986 -21.10 -106.67 -64.83
CA TYR C 986 -21.70 -106.93 -66.13
C TYR C 986 -20.74 -106.73 -67.27
N VAL C 987 -20.05 -105.59 -67.33
CA VAL C 987 -19.22 -105.30 -68.48
C VAL C 987 -17.97 -106.16 -68.48
N TRP C 988 -17.27 -106.22 -67.36
CA TRP C 988 -16.00 -106.93 -67.29
C TRP C 988 -16.08 -108.37 -67.78
N PRO C 989 -17.07 -109.17 -67.39
CA PRO C 989 -17.13 -110.53 -67.94
C PRO C 989 -17.20 -110.55 -69.45
N MET C 990 -17.98 -109.65 -70.05
CA MET C 990 -18.05 -109.61 -71.50
C MET C 990 -16.69 -109.28 -72.10
N VAL C 991 -15.91 -108.45 -71.41
CA VAL C 991 -14.55 -108.18 -71.84
C VAL C 991 -13.74 -109.46 -71.85
N LYS C 992 -13.82 -110.23 -70.76
CA LYS C 992 -13.07 -111.48 -70.69
C LYS C 992 -13.54 -112.47 -71.75
N ALA C 993 -14.78 -112.32 -72.22
CA ALA C 993 -15.27 -113.17 -73.29
C ALA C 993 -14.79 -112.71 -74.65
N GLY C 994 -14.14 -111.56 -74.74
CA GLY C 994 -13.68 -111.06 -76.02
C GLY C 994 -14.76 -110.50 -76.90
N ARG C 995 -15.97 -110.33 -76.38
CA ARG C 995 -17.07 -109.79 -77.17
C ARG C 995 -17.20 -108.28 -77.03
N THR C 996 -16.31 -107.62 -76.31
CA THR C 996 -16.38 -106.17 -76.19
C THR C 996 -14.99 -105.63 -75.86
N ARG C 997 -14.81 -104.36 -76.16
CA ARG C 997 -13.56 -103.65 -75.91
C ARG C 997 -13.87 -102.32 -75.23
N VAL C 998 -13.06 -101.99 -74.23
CA VAL C 998 -13.31 -100.83 -73.39
C VAL C 998 -12.12 -99.91 -73.44
N LEU C 999 -12.37 -98.62 -73.61
CA LEU C 999 -11.37 -97.58 -73.52
C LEU C 999 -11.60 -96.80 -72.24
N VAL C 1000 -10.56 -96.66 -71.43
CA VAL C 1000 -10.63 -95.89 -70.20
C VAL C 1000 -9.88 -94.59 -70.41
N GLU C 1001 -10.58 -93.47 -70.26
CA GLU C 1001 -9.99 -92.16 -70.50
C GLU C 1001 -9.52 -91.57 -69.17
N LEU C 1002 -8.24 -91.20 -69.13
CA LEU C 1002 -7.68 -90.49 -67.99
C LEU C 1002 -6.37 -89.88 -68.45
N GLY C 1003 -6.27 -88.55 -68.35
CA GLY C 1003 -5.15 -87.83 -68.93
C GLY C 1003 -3.80 -88.40 -68.58
N HIS C 1004 -3.45 -88.37 -67.31
CA HIS C 1004 -2.18 -88.89 -66.83
C HIS C 1004 -2.43 -89.73 -65.59
N TYR C 1005 -1.52 -90.66 -65.33
CA TYR C 1005 -1.73 -91.58 -64.23
C TYR C 1005 -0.40 -92.16 -63.79
N VAL C 1006 -0.39 -92.66 -62.57
CA VAL C 1006 0.77 -93.35 -62.02
C VAL C 1006 0.64 -94.82 -62.38
N TYR C 1007 1.69 -95.38 -62.99
CA TYR C 1007 1.67 -96.76 -63.43
C TYR C 1007 2.66 -97.59 -62.62
N THR C 1008 2.44 -98.89 -62.62
CA THR C 1008 3.37 -99.83 -62.01
C THR C 1008 3.52 -101.03 -62.93
N LEU C 1009 4.65 -101.70 -62.82
CA LEU C 1009 5.00 -102.79 -63.70
C LEU C 1009 5.08 -104.10 -62.95
N HIS C 1010 5.09 -105.20 -63.72
CA HIS C 1010 5.22 -106.53 -63.15
C HIS C 1010 5.82 -107.43 -64.21
N TYR C 1011 7.12 -107.68 -64.10
CA TYR C 1011 7.80 -108.53 -65.07
C TYR C 1011 7.56 -109.99 -64.76
N TYR C 1012 7.31 -110.77 -65.80
CA TYR C 1012 7.03 -112.19 -65.66
C TYR C 1012 7.97 -112.99 -66.55
N ASP C 1013 7.86 -114.31 -66.45
CA ASP C 1013 8.67 -115.21 -67.26
C ASP C 1013 7.86 -115.72 -68.43
N PRO C 1014 8.28 -115.49 -69.67
CA PRO C 1014 7.48 -115.88 -70.83
C PRO C 1014 7.48 -117.37 -71.15
N GLN C 1015 8.07 -118.21 -70.30
CA GLN C 1015 8.14 -119.64 -70.59
C GLN C 1015 7.03 -120.44 -69.92
N ILE C 1016 6.19 -119.80 -69.10
CA ILE C 1016 5.15 -120.50 -68.37
C ILE C 1016 3.82 -119.81 -68.61
N SER C 1017 2.74 -120.55 -68.41
CA SER C 1017 1.41 -120.02 -68.64
C SER C 1017 1.13 -118.88 -67.67
N LEU C 1018 0.37 -117.89 -68.16
CA LEU C 1018 0.04 -116.73 -67.35
C LEU C 1018 -1.27 -116.14 -67.82
N ASP C 1019 -2.09 -115.69 -66.87
CA ASP C 1019 -3.33 -114.99 -67.16
C ASP C 1019 -3.35 -113.70 -66.35
N GLU C 1020 -3.61 -112.59 -67.04
CA GLU C 1020 -3.54 -111.28 -66.41
C GLU C 1020 -4.84 -110.91 -65.69
N ALA C 1021 -5.89 -111.71 -65.83
CA ALA C 1021 -7.18 -111.35 -65.24
C ALA C 1021 -7.10 -111.10 -63.74
N PRO C 1022 -6.48 -111.95 -62.93
CA PRO C 1022 -6.49 -111.70 -61.47
C PRO C 1022 -5.94 -110.34 -61.09
N ILE C 1023 -4.87 -109.90 -61.75
CA ILE C 1023 -4.26 -108.63 -61.41
C ILE C 1023 -5.23 -107.49 -61.71
N LEU C 1024 -5.84 -107.53 -62.90
CA LEU C 1024 -6.80 -106.49 -63.26
C LEU C 1024 -7.99 -106.49 -62.32
N GLU C 1025 -8.50 -107.66 -61.99
CA GLU C 1025 -9.60 -107.75 -61.04
C GLU C 1025 -9.20 -107.15 -59.70
N GLU C 1026 -7.98 -107.40 -59.28
CA GLU C 1026 -7.48 -106.78 -58.06
C GLU C 1026 -7.49 -105.27 -58.19
N TRP C 1027 -7.01 -104.76 -59.32
CA TRP C 1027 -6.98 -103.32 -59.54
C TRP C 1027 -8.39 -102.75 -59.55
N LEU C 1028 -9.33 -103.46 -60.15
CA LEU C 1028 -10.72 -103.02 -60.14
C LEU C 1028 -11.26 -102.97 -58.72
N SER C 1029 -10.86 -103.92 -57.89
CA SER C 1029 -11.44 -104.08 -56.57
C SER C 1029 -10.93 -103.06 -55.57
N LYS C 1030 -10.23 -102.01 -56.01
CA LYS C 1030 -9.72 -101.02 -55.08
C LYS C 1030 -9.99 -99.61 -55.57
N ILE C 1031 -11.04 -99.42 -56.35
CA ILE C 1031 -11.37 -98.11 -56.90
C ILE C 1031 -12.55 -97.56 -56.12
N ASN C 1032 -12.35 -96.44 -55.46
CA ASN C 1032 -13.36 -95.72 -54.73
C ASN C 1032 -13.67 -94.40 -55.39
N PRO C 1033 -14.76 -93.75 -55.00
CA PRO C 1033 -14.96 -92.36 -55.46
C PRO C 1033 -13.82 -91.46 -55.06
N ALA C 1034 -13.13 -91.78 -53.96
CA ALA C 1034 -12.02 -90.94 -53.51
C ALA C 1034 -10.87 -90.98 -54.50
N GLY C 1035 -10.31 -92.17 -54.73
CA GLY C 1035 -9.15 -92.28 -55.59
C GLY C 1035 -8.99 -93.68 -56.11
N ILE C 1036 -7.94 -93.86 -56.92
CA ILE C 1036 -7.69 -95.15 -57.57
C ILE C 1036 -6.24 -95.54 -57.31
N PRO C 1037 -5.93 -96.84 -57.38
CA PRO C 1037 -4.56 -97.28 -57.26
C PRO C 1037 -3.83 -97.14 -58.59
N PRO C 1038 -2.51 -97.26 -58.60
CA PRO C 1038 -1.77 -97.10 -59.85
C PRO C 1038 -2.11 -98.20 -60.84
N VAL C 1039 -1.94 -97.89 -62.12
CA VAL C 1039 -2.28 -98.82 -63.19
C VAL C 1039 -1.18 -99.88 -63.29
N PRO C 1040 -1.54 -101.16 -63.32
CA PRO C 1040 -0.54 -102.21 -63.46
C PRO C 1040 -0.32 -102.59 -64.92
N PHE C 1041 0.79 -103.31 -65.14
CA PHE C 1041 1.11 -103.86 -66.45
C PHE C 1041 1.99 -105.08 -66.26
N CYS C 1042 1.90 -106.01 -67.21
CA CYS C 1042 2.71 -107.22 -67.21
C CYS C 1042 3.59 -107.24 -68.45
N ILE C 1043 4.88 -107.51 -68.25
CA ILE C 1043 5.84 -107.48 -69.35
C ILE C 1043 6.70 -108.74 -69.29
N PRO C 1044 6.93 -109.41 -70.41
CA PRO C 1044 7.84 -110.56 -70.40
C PRO C 1044 9.28 -110.14 -70.25
N ILE C 1045 10.02 -110.91 -69.47
CA ILE C 1045 11.45 -110.65 -69.29
C ILE C 1045 12.19 -111.05 -70.56
N PRO C 1046 12.98 -110.18 -71.17
CA PRO C 1046 13.68 -110.54 -72.40
C PRO C 1046 14.66 -111.68 -72.15
N GLN C 1047 14.75 -112.57 -73.13
CA GLN C 1047 15.61 -113.74 -73.02
C GLN C 1047 16.76 -113.64 -74.02
N VAL C 1048 17.78 -114.44 -73.77
CA VAL C 1048 19.01 -114.39 -74.55
C VAL C 1048 19.14 -115.53 -75.54
N TYR C 1049 18.14 -116.40 -75.62
CA TYR C 1049 18.17 -117.54 -76.52
C TYR C 1049 16.78 -117.75 -77.08
N PRO C 1050 16.67 -118.33 -78.27
CA PRO C 1050 15.33 -118.61 -78.81
C PRO C 1050 14.61 -119.63 -77.96
N CYS C 1051 13.58 -119.20 -77.25
CA CYS C 1051 12.86 -120.04 -76.32
C CYS C 1051 11.50 -120.40 -76.89
N ILE C 1052 10.78 -121.24 -76.16
CA ILE C 1052 9.43 -121.65 -76.51
C ILE C 1052 8.50 -121.02 -75.49
N THR C 1053 7.67 -120.09 -75.94
CA THR C 1053 6.81 -119.33 -75.05
C THR C 1053 5.40 -119.89 -75.06
N ALA C 1054 4.79 -119.95 -73.89
CA ALA C 1054 3.40 -120.35 -73.79
C ALA C 1054 2.49 -119.20 -74.20
N ARG C 1055 1.36 -119.54 -74.80
CA ARG C 1055 0.39 -118.52 -75.17
C ARG C 1055 -0.18 -117.88 -73.91
N ARG C 1056 -0.20 -116.56 -73.87
CA ARG C 1056 -0.60 -115.81 -72.70
C ARG C 1056 -1.80 -114.94 -73.00
N VAL C 1057 -2.50 -114.55 -71.94
CA VAL C 1057 -3.70 -113.72 -72.05
C VAL C 1057 -3.38 -112.37 -71.44
N HIS C 1058 -3.52 -111.32 -72.25
CA HIS C 1058 -3.27 -109.96 -71.81
C HIS C 1058 -4.51 -109.11 -72.08
N TYR C 1059 -4.69 -108.09 -71.26
CA TYR C 1059 -5.85 -107.23 -71.39
C TYR C 1059 -5.49 -105.75 -71.47
N ALA C 1060 -4.47 -105.32 -70.74
CA ALA C 1060 -4.16 -103.90 -70.59
C ALA C 1060 -2.98 -103.52 -71.47
N PHE C 1061 -3.07 -102.36 -72.09
CA PHE C 1061 -1.98 -101.77 -72.85
C PHE C 1061 -2.34 -100.33 -73.15
N THR C 1062 -1.34 -99.45 -73.05
CA THR C 1062 -1.60 -98.03 -73.16
C THR C 1062 -1.89 -97.64 -74.61
N SER C 1063 -2.05 -96.34 -74.83
CA SER C 1063 -2.35 -95.81 -76.15
C SER C 1063 -1.21 -95.01 -76.75
N GLU C 1064 -0.14 -94.75 -76.01
CA GLU C 1064 1.00 -94.02 -76.54
C GLU C 1064 2.30 -94.72 -76.20
N ASN C 1065 3.43 -94.09 -76.52
CA ASN C 1065 4.74 -94.68 -76.28
C ASN C 1065 5.31 -94.11 -74.98
N ASN C 1066 4.82 -94.63 -73.86
CA ASN C 1066 5.32 -94.23 -72.55
C ASN C 1066 6.38 -95.23 -72.09
N ASN C 1067 7.53 -95.20 -72.77
CA ASN C 1067 8.57 -96.18 -72.55
C ASN C 1067 9.94 -95.53 -72.38
N ASP C 1068 9.98 -94.23 -72.12
CA ASP C 1068 11.26 -93.52 -72.13
C ASP C 1068 12.15 -93.89 -70.96
N SER C 1069 11.58 -94.33 -69.84
CA SER C 1069 12.40 -94.66 -68.68
C SER C 1069 13.19 -95.94 -68.85
N LEU C 1070 12.92 -96.71 -69.89
CA LEU C 1070 13.68 -97.93 -70.12
C LEU C 1070 15.08 -97.58 -70.61
N PHE C 1071 16.09 -98.11 -69.95
CA PHE C 1071 17.46 -97.78 -70.31
C PHE C 1071 18.08 -98.83 -71.23
N SER C 1072 18.09 -100.09 -70.82
CA SER C 1072 18.70 -101.14 -71.62
C SER C 1072 18.17 -102.48 -71.16
N THR C 1073 18.36 -103.49 -72.02
CA THR C 1073 17.92 -104.85 -71.75
C THR C 1073 19.05 -105.82 -72.01
N ASN C 1074 19.19 -106.81 -71.12
CA ASN C 1074 20.21 -107.84 -71.24
C ASN C 1074 21.60 -107.23 -71.39
N ALA C 1075 21.87 -106.22 -70.54
CA ALA C 1075 23.11 -105.48 -70.67
C ALA C 1075 24.33 -106.37 -70.54
N ALA C 1076 24.27 -107.35 -69.63
CA ALA C 1076 25.42 -108.20 -69.36
C ALA C 1076 25.61 -109.29 -70.41
N SER C 1077 24.63 -109.53 -71.26
CA SER C 1077 24.72 -110.61 -72.23
C SER C 1077 25.23 -110.08 -73.57
N ILE C 1078 25.28 -110.96 -74.56
CA ILE C 1078 25.79 -110.57 -75.87
C ILE C 1078 24.68 -110.12 -76.82
N ASP C 1079 23.44 -110.55 -76.61
CA ASP C 1079 22.36 -110.23 -77.52
C ASP C 1079 21.05 -110.67 -76.91
N THR C 1080 19.97 -109.99 -77.29
CA THR C 1080 18.62 -110.32 -76.85
C THR C 1080 17.92 -111.09 -77.96
N ALA C 1081 17.51 -112.31 -77.66
CA ALA C 1081 16.99 -113.19 -78.69
C ALA C 1081 15.49 -113.04 -78.90
N PHE C 1082 14.72 -113.00 -77.81
CA PHE C 1082 13.27 -113.02 -77.91
C PHE C 1082 12.63 -111.69 -77.51
N GLY C 1083 12.93 -111.21 -76.31
CA GLY C 1083 12.21 -110.06 -75.78
C GLY C 1083 12.50 -108.75 -76.47
N GLU C 1084 12.18 -107.65 -75.79
CA GLU C 1084 12.40 -106.32 -76.35
C GLU C 1084 13.90 -106.05 -76.42
N ASN C 1085 14.42 -105.86 -77.63
CA ASN C 1085 15.86 -105.71 -77.83
C ASN C 1085 16.24 -104.22 -77.74
N ALA C 1086 16.11 -103.69 -76.54
CA ALA C 1086 16.50 -102.31 -76.29
C ALA C 1086 18.01 -102.21 -76.15
N ALA C 1087 18.56 -101.09 -76.63
CA ALA C 1087 19.98 -100.82 -76.54
C ALA C 1087 20.19 -99.37 -76.12
N VAL C 1088 21.40 -99.08 -75.65
CA VAL C 1088 21.70 -97.75 -75.16
C VAL C 1088 21.52 -96.74 -76.28
N SER C 1089 20.76 -95.68 -76.00
CA SER C 1089 20.46 -94.68 -77.02
C SER C 1089 21.53 -93.62 -77.05
N PRO C 1090 22.26 -93.45 -78.15
CA PRO C 1090 23.22 -92.34 -78.24
C PRO C 1090 22.55 -90.98 -78.26
N LEU C 1091 21.23 -90.90 -78.33
CA LEU C 1091 20.58 -89.60 -78.27
C LEU C 1091 20.84 -88.90 -76.95
N ARG C 1092 20.84 -89.65 -75.85
CA ARG C 1092 21.38 -89.10 -74.63
C ARG C 1092 22.89 -89.09 -74.72
N TRP C 1093 23.52 -88.33 -73.83
CA TRP C 1093 24.96 -88.11 -73.71
C TRP C 1093 25.70 -88.17 -75.04
N PRO C 1094 25.36 -87.30 -76.01
CA PRO C 1094 26.21 -87.22 -77.20
C PRO C 1094 27.60 -86.74 -76.89
N GLY C 1095 27.77 -86.01 -75.78
CA GLY C 1095 29.07 -85.52 -75.41
C GLY C 1095 30.08 -86.62 -75.14
N LEU C 1096 29.60 -87.84 -74.97
CA LEU C 1096 30.49 -88.98 -74.79
C LEU C 1096 30.81 -89.71 -76.09
N VAL C 1097 29.89 -89.68 -77.06
CA VAL C 1097 30.06 -90.49 -78.26
C VAL C 1097 29.93 -89.69 -79.56
N ASP C 1098 29.27 -88.55 -79.57
CA ASP C 1098 29.05 -87.84 -80.83
C ASP C 1098 30.33 -87.17 -81.29
N PRO C 1099 30.82 -87.47 -82.49
CA PRO C 1099 31.99 -86.74 -83.01
C PRO C 1099 31.74 -85.26 -83.16
N ASN C 1100 30.50 -84.86 -83.46
CA ASN C 1100 30.20 -83.46 -83.74
C ASN C 1100 29.81 -82.69 -82.48
N TYR C 1101 29.86 -83.31 -81.31
CA TYR C 1101 29.47 -82.61 -80.10
C TYR C 1101 30.38 -81.42 -79.84
N ARG C 1102 29.76 -80.25 -79.70
CA ARG C 1102 30.47 -79.04 -79.31
C ARG C 1102 30.22 -78.78 -77.84
N VAL C 1103 31.28 -78.39 -77.13
CA VAL C 1103 31.16 -78.10 -75.71
C VAL C 1103 30.21 -76.94 -75.51
N GLY C 1104 29.33 -77.05 -74.52
CA GLY C 1104 28.42 -75.98 -74.18
C GLY C 1104 27.04 -76.06 -74.80
N THR C 1105 26.63 -77.24 -75.28
CA THR C 1105 25.33 -77.43 -75.87
C THR C 1105 24.50 -78.38 -75.02
N ASN C 1106 23.20 -78.41 -75.28
CA ASN C 1106 22.29 -79.30 -74.57
C ASN C 1106 20.96 -79.32 -75.31
N ASP C 1107 20.12 -80.27 -74.91
CA ASP C 1107 18.75 -80.39 -75.41
C ASP C 1107 17.74 -80.16 -74.31
N LEU C 1108 18.07 -79.25 -73.39
CA LEU C 1108 17.41 -79.20 -72.08
C LEU C 1108 15.89 -79.19 -72.12
N PRO C 1109 15.22 -78.33 -72.90
CA PRO C 1109 13.76 -78.29 -72.81
C PRO C 1109 13.08 -79.52 -73.37
N ASN C 1110 13.79 -80.38 -74.08
CA ASN C 1110 13.18 -81.53 -74.74
C ASN C 1110 13.76 -82.86 -74.31
N ARG C 1111 15.06 -82.94 -74.08
CA ARG C 1111 15.69 -84.22 -73.77
C ARG C 1111 16.81 -83.97 -72.77
N ILE C 1112 16.98 -84.91 -71.85
CA ILE C 1112 17.98 -84.80 -70.80
C ILE C 1112 19.20 -85.61 -71.21
N THR C 1113 20.35 -84.96 -71.31
CA THR C 1113 21.61 -85.64 -71.48
C THR C 1113 22.24 -85.91 -70.11
N LEU C 1114 23.11 -86.90 -70.07
CA LEU C 1114 23.62 -87.40 -68.80
C LEU C 1114 25.12 -87.24 -68.63
N TYR C 1115 25.84 -86.82 -69.67
CA TYR C 1115 27.29 -86.69 -69.58
C TYR C 1115 27.68 -85.40 -70.29
N ASN C 1116 28.06 -84.39 -69.52
CA ASN C 1116 28.26 -83.05 -70.05
C ASN C 1116 29.48 -82.42 -69.37
N SER C 1117 29.73 -81.16 -69.71
CA SER C 1117 30.82 -80.39 -69.14
C SER C 1117 30.25 -79.31 -68.23
N LEU C 1118 30.93 -79.08 -67.11
CA LEU C 1118 30.42 -78.16 -66.11
C LEU C 1118 31.58 -77.49 -65.40
N TYR C 1119 31.28 -76.35 -64.78
CA TYR C 1119 32.26 -75.62 -64.00
C TYR C 1119 32.20 -76.05 -62.54
N ARG C 1120 33.32 -75.84 -61.84
CA ARG C 1120 33.38 -76.02 -60.40
C ARG C 1120 34.15 -74.87 -59.80
N TYR C 1121 33.87 -74.58 -58.53
CA TYR C 1121 34.35 -73.36 -57.91
C TYR C 1121 35.11 -73.66 -56.62
N ASN C 1122 35.85 -72.66 -56.17
CA ASN C 1122 36.61 -72.72 -54.93
C ASN C 1122 36.46 -71.42 -54.16
N PHE C 1123 35.22 -70.98 -53.97
CA PHE C 1123 34.99 -69.73 -53.27
C PHE C 1123 35.50 -69.80 -51.84
N THR C 1124 35.79 -68.61 -51.30
CA THR C 1124 36.14 -68.45 -49.90
C THR C 1124 35.22 -67.41 -49.29
N TYR C 1125 35.00 -67.51 -47.99
CA TYR C 1125 33.95 -66.76 -47.30
C TYR C 1125 34.57 -65.98 -46.16
N PRO C 1126 35.20 -64.85 -46.45
CA PRO C 1126 35.82 -64.06 -45.39
C PRO C 1126 34.78 -63.42 -44.49
N THR C 1127 35.19 -63.18 -43.25
CA THR C 1127 34.37 -62.43 -42.32
C THR C 1127 34.58 -60.94 -42.53
N LEU C 1128 33.64 -60.14 -42.01
CA LEU C 1128 33.72 -58.69 -42.16
C LEU C 1128 35.08 -58.16 -41.77
N ASP C 1129 35.57 -58.56 -40.60
CA ASP C 1129 36.88 -58.10 -40.17
C ASP C 1129 38.00 -58.68 -41.01
N GLY C 1130 37.75 -59.74 -41.78
CA GLY C 1130 38.73 -60.17 -42.75
C GLY C 1130 38.70 -59.31 -43.99
N ILE C 1131 37.55 -58.71 -44.31
CA ILE C 1131 37.46 -57.85 -45.48
C ILE C 1131 38.20 -56.54 -45.24
N MET C 1132 37.92 -55.90 -44.12
CA MET C 1132 38.40 -54.54 -43.87
C MET C 1132 39.18 -54.50 -42.57
N TYR C 1133 39.80 -53.36 -42.32
CA TYR C 1133 40.58 -53.15 -41.11
C TYR C 1133 39.66 -52.77 -39.97
N VAL C 1134 39.49 -53.69 -39.01
CA VAL C 1134 38.63 -53.43 -37.86
C VAL C 1134 39.35 -52.48 -36.92
N ARG C 1135 38.61 -51.94 -35.94
CA ARG C 1135 39.21 -51.06 -34.96
C ARG C 1135 40.30 -51.79 -34.18
N SER C 1136 41.35 -51.04 -33.83
CA SER C 1136 42.45 -51.59 -33.04
C SER C 1136 42.08 -51.67 -31.56
N ALA C 1137 41.03 -52.43 -31.30
CA ALA C 1137 40.52 -52.58 -29.94
C ALA C 1137 39.61 -53.80 -29.85
N ASP D 1 -34.20 -156.64 -65.48
CA ASP D 1 -33.07 -157.36 -64.91
C ASP D 1 -31.84 -157.27 -65.82
N ILE D 2 -30.65 -157.25 -65.21
CA ILE D 2 -29.39 -157.08 -65.94
C ILE D 2 -28.39 -158.14 -65.48
N ILE D 3 -27.37 -158.36 -66.32
CA ILE D 3 -26.26 -159.27 -66.03
C ILE D 3 -24.99 -158.65 -66.60
N THR D 4 -23.85 -159.28 -66.31
CA THR D 4 -22.56 -158.81 -66.83
C THR D 4 -21.63 -160.01 -66.95
N ARG D 5 -21.50 -160.54 -68.16
CA ARG D 5 -20.50 -161.57 -68.41
C ARG D 5 -19.13 -160.89 -68.51
N PRO D 6 -18.18 -161.22 -67.62
CA PRO D 6 -16.90 -160.51 -67.63
C PRO D 6 -16.12 -160.77 -68.92
N THR D 7 -15.36 -159.77 -69.33
CA THR D 7 -14.58 -159.87 -70.55
C THR D 7 -13.41 -160.84 -70.37
N SER D 8 -12.91 -161.34 -71.51
CA SER D 8 -11.81 -162.29 -71.47
C SER D 8 -10.56 -161.64 -70.91
N ASP D 9 -9.72 -162.47 -70.28
CA ASP D 9 -8.52 -161.95 -69.65
C ASP D 9 -7.60 -161.30 -70.65
N SER D 10 -7.45 -161.90 -71.84
CA SER D 10 -6.48 -161.40 -72.81
C SER D 10 -6.78 -159.97 -73.20
N ILE D 11 -8.01 -159.71 -73.65
CA ILE D 11 -8.34 -158.37 -74.14
C ILE D 11 -8.25 -157.36 -73.02
N ALA D 12 -8.57 -157.76 -71.80
CA ALA D 12 -8.45 -156.84 -70.67
C ALA D 12 -7.01 -156.42 -70.48
N ALA D 13 -6.07 -157.36 -70.62
CA ALA D 13 -4.66 -157.02 -70.46
C ALA D 13 -4.23 -156.00 -71.50
N VAL D 14 -4.63 -156.20 -72.75
CA VAL D 14 -4.26 -155.26 -73.81
C VAL D 14 -4.84 -153.89 -73.52
N ALA D 15 -6.12 -153.84 -73.16
CA ALA D 15 -6.79 -152.57 -72.96
C ALA D 15 -6.13 -151.79 -71.82
N ASN D 16 -5.86 -152.46 -70.72
CA ASN D 16 -5.24 -151.77 -69.59
C ASN D 16 -3.82 -151.34 -69.91
N ALA D 17 -3.17 -152.04 -70.83
CA ALA D 17 -1.80 -151.67 -71.19
C ALA D 17 -1.73 -150.28 -71.77
N THR D 18 -2.67 -149.94 -72.66
CA THR D 18 -2.68 -148.66 -73.34
C THR D 18 -3.68 -147.75 -72.63
N LYS D 19 -3.16 -146.88 -71.77
CA LYS D 19 -4.02 -145.93 -71.06
C LYS D 19 -3.23 -144.68 -70.70
N PRO D 20 -3.07 -143.75 -71.64
CA PRO D 20 -2.34 -142.51 -71.33
C PRO D 20 -3.10 -141.69 -70.30
N ALA D 21 -2.34 -140.94 -69.51
CA ALA D 21 -2.94 -140.09 -68.50
C ALA D 21 -3.73 -138.97 -69.16
N ALA D 22 -4.97 -138.79 -68.70
CA ALA D 22 -5.84 -137.77 -69.29
C ALA D 22 -5.55 -136.37 -68.76
N VAL D 23 -4.82 -136.25 -67.65
CA VAL D 23 -4.52 -134.97 -67.05
C VAL D 23 -3.03 -134.95 -66.75
N VAL D 24 -2.25 -134.35 -67.63
CA VAL D 24 -0.82 -134.23 -67.44
C VAL D 24 -0.51 -132.79 -67.05
N SER D 25 0.50 -132.62 -66.22
CA SER D 25 0.90 -131.30 -65.75
C SER D 25 2.13 -130.84 -66.50
N ASP D 26 2.03 -129.69 -67.15
CA ASP D 26 3.15 -129.06 -67.83
C ASP D 26 3.08 -127.55 -67.63
N PRO D 27 4.21 -126.85 -67.67
CA PRO D 27 4.20 -125.42 -67.37
C PRO D 27 3.56 -124.57 -68.46
N GLN D 28 3.51 -125.07 -69.69
CA GLN D 28 3.00 -124.29 -70.82
C GLN D 28 1.64 -124.86 -71.19
N SER D 29 0.59 -124.32 -70.55
CA SER D 29 -0.72 -124.94 -70.62
C SER D 29 -1.83 -124.01 -71.07
N MET D 30 -1.55 -122.74 -71.37
CA MET D 30 -2.56 -121.80 -71.85
C MET D 30 -3.69 -121.68 -70.83
N LYS D 31 -3.33 -121.13 -69.66
CA LYS D 31 -4.30 -120.98 -68.59
C LYS D 31 -5.31 -119.89 -68.92
N VAL D 32 -6.56 -120.14 -68.57
CA VAL D 32 -7.65 -119.18 -68.79
C VAL D 32 -8.56 -119.21 -67.57
N THR D 33 -8.71 -118.06 -66.91
CA THR D 33 -9.55 -117.97 -65.73
C THR D 33 -11.03 -118.01 -66.12
N PRO D 34 -11.91 -118.33 -65.18
CA PRO D 34 -13.34 -118.38 -65.50
C PRO D 34 -13.86 -117.04 -65.97
N ILE D 35 -14.81 -117.08 -66.90
CA ILE D 35 -15.40 -115.86 -67.43
C ILE D 35 -16.15 -115.11 -66.34
N VAL D 36 -16.94 -115.84 -65.55
CA VAL D 36 -17.72 -115.26 -64.47
C VAL D 36 -17.06 -115.65 -63.15
N ASN D 37 -16.97 -114.70 -62.24
CA ASN D 37 -16.30 -114.96 -60.98
C ASN D 37 -17.12 -115.97 -60.17
N PRO D 38 -16.55 -117.11 -59.80
CA PRO D 38 -17.30 -118.10 -59.02
C PRO D 38 -17.42 -117.76 -57.55
N SER D 39 -16.71 -116.74 -57.07
CA SER D 39 -16.71 -116.45 -55.64
C SER D 39 -18.06 -115.90 -55.20
N SER D 40 -18.46 -114.75 -55.75
CA SER D 40 -19.66 -114.07 -55.32
C SER D 40 -20.82 -114.38 -56.25
N TYR D 41 -22.02 -114.32 -55.70
CA TYR D 41 -23.25 -114.52 -56.46
C TYR D 41 -24.16 -113.33 -56.20
N VAL D 42 -24.59 -112.67 -57.27
CA VAL D 42 -25.32 -111.41 -57.19
C VAL D 42 -26.78 -111.65 -57.55
N CYS D 43 -27.68 -111.13 -56.73
CA CYS D 43 -29.11 -111.18 -57.03
C CYS D 43 -29.38 -110.25 -58.21
N ASN D 44 -29.76 -110.82 -59.35
CA ASN D 44 -29.88 -110.02 -60.56
C ASN D 44 -30.96 -108.96 -60.47
N VAL D 45 -31.87 -109.04 -59.51
CA VAL D 45 -32.95 -108.06 -59.39
C VAL D 45 -32.65 -107.00 -58.35
N CYS D 46 -32.20 -107.40 -57.17
CA CYS D 46 -31.91 -106.43 -56.11
C CYS D 46 -30.42 -106.24 -55.87
N ASN D 47 -29.57 -106.85 -56.70
CA ASN D 47 -28.12 -106.71 -56.63
C ASN D 47 -27.55 -107.08 -55.27
N ALA D 48 -28.29 -107.85 -54.47
CA ALA D 48 -27.74 -108.37 -53.22
C ALA D 48 -26.81 -109.53 -53.54
N ARG D 49 -25.62 -109.49 -52.97
CA ARG D 49 -24.61 -110.50 -53.25
C ARG D 49 -24.52 -111.51 -52.12
N PHE D 50 -24.04 -112.69 -52.46
CA PHE D 50 -23.94 -113.79 -51.50
C PHE D 50 -22.68 -114.58 -51.80
N SER D 51 -22.57 -115.73 -51.16
CA SER D 51 -21.40 -116.59 -51.28
C SER D 51 -21.69 -117.95 -51.88
N THR D 52 -22.89 -118.49 -51.68
CA THR D 52 -23.25 -119.81 -52.18
C THR D 52 -24.50 -119.71 -53.02
N MET D 53 -24.59 -120.57 -54.03
CA MET D 53 -25.76 -120.59 -54.89
C MET D 53 -27.02 -120.90 -54.10
N SER D 54 -26.89 -121.72 -53.06
CA SER D 54 -28.05 -122.03 -52.23
C SER D 54 -28.62 -120.78 -51.59
N ALA D 55 -27.75 -119.96 -51.00
CA ALA D 55 -28.20 -118.76 -50.31
C ALA D 55 -28.92 -117.82 -51.28
N LEU D 56 -28.35 -117.62 -52.46
CA LEU D 56 -29.00 -116.78 -53.45
C LEU D 56 -30.35 -117.34 -53.85
N SER D 57 -30.43 -118.67 -54.00
CA SER D 57 -31.69 -119.29 -54.39
C SER D 57 -32.78 -119.01 -53.38
N GLU D 58 -32.45 -119.09 -52.08
CA GLU D 58 -33.44 -118.83 -51.06
C GLU D 58 -33.85 -117.37 -51.06
N HIS D 59 -32.89 -116.47 -51.29
CA HIS D 59 -33.20 -115.05 -51.36
C HIS D 59 -34.27 -114.78 -52.41
N LEU D 60 -34.09 -115.35 -53.61
CA LEU D 60 -35.12 -115.25 -54.63
C LEU D 60 -36.40 -115.94 -54.19
N ARG D 61 -36.27 -117.10 -53.56
CA ARG D 61 -37.42 -117.87 -53.13
C ARG D 61 -38.21 -117.18 -52.03
N SER D 62 -37.67 -116.13 -51.43
CA SER D 62 -38.35 -115.41 -50.36
C SER D 62 -38.69 -113.98 -50.75
N ASP D 63 -37.72 -113.23 -51.26
CA ASP D 63 -37.92 -111.81 -51.51
C ASP D 63 -38.40 -111.49 -52.91
N HIS D 64 -38.32 -112.44 -53.85
CA HIS D 64 -38.59 -112.12 -55.24
C HIS D 64 -39.51 -113.14 -55.89
N ARG D 65 -40.42 -113.73 -55.12
CA ARG D 65 -41.54 -114.47 -55.69
C ARG D 65 -42.82 -113.70 -55.35
N ASP D 66 -43.58 -113.34 -56.38
CA ASP D 66 -44.62 -112.33 -56.25
C ASP D 66 -46.03 -112.90 -56.33
N ASP D 67 -46.30 -113.81 -57.27
CA ASP D 67 -47.62 -114.40 -57.35
C ASP D 67 -47.82 -115.54 -56.37
N ALA D 68 -46.78 -115.90 -55.62
CA ALA D 68 -46.87 -117.01 -54.68
C ALA D 68 -47.76 -116.67 -53.50
N SER D 69 -48.43 -117.69 -52.98
CA SER D 69 -49.29 -117.58 -51.79
C SER D 69 -50.35 -116.50 -51.98
N THR D 70 -51.02 -116.55 -53.14
CA THR D 70 -51.99 -115.51 -53.47
C THR D 70 -53.36 -115.79 -52.88
N LEU D 71 -53.84 -117.03 -52.98
CA LEU D 71 -55.24 -117.33 -52.67
C LEU D 71 -55.47 -117.51 -51.17
N LEU D 72 -55.14 -116.49 -50.38
CA LEU D 72 -55.40 -116.52 -48.95
C LEU D 72 -55.42 -115.09 -48.43
N ALA D 73 -56.06 -114.92 -47.27
CA ALA D 73 -56.08 -113.62 -46.62
C ALA D 73 -54.68 -113.20 -46.21
N THR D 74 -54.30 -111.97 -46.55
CA THR D 74 -52.93 -111.50 -46.42
C THR D 74 -52.92 -110.13 -45.76
N PRO D 75 -52.68 -110.07 -44.44
CA PRO D 75 -52.65 -108.76 -43.77
C PRO D 75 -51.29 -108.08 -43.79
N MET D 76 -50.22 -108.81 -44.10
CA MET D 76 -48.87 -108.25 -43.96
C MET D 76 -48.52 -107.34 -45.12
N ILE D 77 -49.34 -106.31 -45.37
CA ILE D 77 -49.02 -105.33 -46.40
C ILE D 77 -47.97 -104.38 -45.85
N ASN D 78 -46.87 -104.24 -46.55
CA ASN D 78 -45.78 -103.39 -46.13
C ASN D 78 -45.90 -102.04 -46.82
N ASN D 79 -44.90 -101.19 -46.66
CA ASN D 79 -44.90 -99.90 -47.32
C ASN D 79 -44.42 -100.05 -48.76
N ALA D 80 -44.44 -98.95 -49.51
CA ALA D 80 -44.05 -99.00 -50.91
C ALA D 80 -42.58 -99.38 -51.06
N ILE D 81 -41.70 -98.66 -50.36
CA ILE D 81 -40.27 -98.85 -50.52
C ILE D 81 -39.79 -99.85 -49.48
N ARG D 82 -39.16 -100.92 -49.93
CA ARG D 82 -38.56 -101.85 -48.98
C ARG D 82 -37.12 -101.49 -48.69
N SER D 83 -36.33 -101.23 -49.73
CA SER D 83 -34.92 -100.92 -49.52
C SER D 83 -34.35 -100.26 -50.77
N PHE D 84 -33.19 -99.63 -50.58
CA PHE D 84 -32.42 -99.07 -51.67
C PHE D 84 -30.97 -99.52 -51.54
N LEU D 85 -30.30 -99.63 -52.67
CA LEU D 85 -28.88 -99.97 -52.72
C LEU D 85 -28.11 -98.86 -53.41
N THR D 86 -27.07 -98.37 -52.76
CA THR D 86 -26.25 -97.33 -53.35
C THR D 86 -25.15 -98.01 -54.13
N ALA D 87 -25.05 -97.71 -55.42
CA ALA D 87 -24.09 -98.40 -56.28
C ALA D 87 -22.66 -98.01 -55.96
N TRP D 88 -22.42 -96.73 -55.67
CA TRP D 88 -21.05 -96.27 -55.56
C TRP D 88 -20.31 -96.91 -54.38
N ASP D 89 -21.04 -97.32 -53.36
CA ASP D 89 -20.43 -97.95 -52.20
C ASP D 89 -20.95 -99.35 -51.91
N GLY D 90 -22.11 -99.72 -52.43
CA GLY D 90 -22.64 -101.04 -52.19
C GLY D 90 -23.37 -101.22 -50.88
N ILE D 91 -23.65 -100.14 -50.17
CA ILE D 91 -24.38 -100.22 -48.91
C ILE D 91 -25.88 -100.20 -49.20
N ARG D 92 -26.62 -101.06 -48.51
CA ARG D 92 -28.06 -101.13 -48.65
C ARG D 92 -28.74 -100.38 -47.52
N ILE D 93 -29.76 -99.60 -47.87
CA ILE D 93 -30.54 -98.84 -46.89
C ILE D 93 -31.92 -99.46 -46.81
N LEU D 94 -32.34 -99.78 -45.59
CA LEU D 94 -33.68 -100.31 -45.36
C LEU D 94 -34.62 -99.19 -44.95
N SER D 95 -35.84 -99.25 -45.47
CA SER D 95 -36.83 -98.26 -45.11
C SER D 95 -37.16 -98.37 -43.62
N PRO D 96 -37.24 -97.26 -42.90
CA PRO D 96 -37.63 -97.33 -41.48
C PRO D 96 -39.06 -97.82 -41.37
N ASP D 97 -39.33 -98.54 -40.28
CA ASP D 97 -40.66 -99.03 -39.98
C ASP D 97 -41.20 -98.26 -38.77
N VAL D 98 -42.33 -97.59 -38.95
CA VAL D 98 -42.92 -96.80 -37.88
C VAL D 98 -43.79 -97.71 -37.03
N SER D 99 -43.40 -97.88 -35.77
CA SER D 99 -44.21 -98.59 -34.79
C SER D 99 -44.19 -97.82 -33.48
N SER D 100 -45.21 -98.04 -32.67
CA SER D 100 -45.52 -97.16 -31.56
C SER D 100 -44.59 -97.33 -30.36
N LYS D 101 -43.49 -98.07 -30.48
CA LYS D 101 -42.50 -98.05 -29.42
C LYS D 101 -41.95 -96.65 -29.22
N HIS D 102 -41.98 -95.84 -30.28
CA HIS D 102 -41.65 -94.43 -30.20
C HIS D 102 -42.72 -93.62 -30.90
N LEU D 103 -43.20 -92.58 -30.24
CA LEU D 103 -44.09 -91.59 -30.84
C LEU D 103 -43.64 -90.21 -30.39
N SER D 104 -42.32 -90.03 -30.28
CA SER D 104 -41.74 -88.90 -29.56
C SER D 104 -41.70 -87.66 -30.44
N ALA D 105 -42.89 -87.15 -30.74
CA ALA D 105 -42.99 -85.90 -31.47
C ALA D 105 -42.66 -84.72 -30.57
N TYR D 106 -41.97 -83.74 -31.12
CA TYR D 106 -41.59 -82.56 -30.34
C TYR D 106 -42.82 -81.67 -30.13
N LEU D 107 -43.04 -81.28 -28.87
CA LEU D 107 -44.12 -80.37 -28.50
C LEU D 107 -45.46 -80.97 -28.90
N ASP D 108 -46.44 -80.11 -29.21
CA ASP D 108 -47.81 -80.53 -29.50
C ASP D 108 -47.91 -80.97 -30.95
N SER D 109 -47.33 -82.12 -31.23
CA SER D 109 -47.37 -82.70 -32.56
C SER D 109 -47.47 -84.20 -32.44
N ALA D 110 -47.55 -84.87 -33.58
CA ALA D 110 -47.62 -86.33 -33.60
C ALA D 110 -46.94 -86.83 -34.87
N VAL D 111 -46.58 -88.11 -34.85
CA VAL D 111 -45.97 -88.76 -35.99
C VAL D 111 -47.07 -89.39 -36.82
N ALA D 112 -47.18 -88.98 -38.08
CA ALA D 112 -48.26 -89.45 -38.93
C ALA D 112 -48.06 -90.92 -39.29
N ASN D 113 -49.16 -91.64 -39.37
CA ASN D 113 -49.17 -93.03 -39.77
C ASN D 113 -50.14 -93.22 -40.93
N GLY D 114 -49.92 -94.28 -41.70
CA GLY D 114 -50.76 -94.58 -42.83
C GLY D 114 -52.10 -95.18 -42.40
N PRO D 115 -53.17 -94.79 -43.08
CA PRO D 115 -54.48 -95.36 -42.77
C PRO D 115 -54.55 -96.82 -43.16
N GLU D 116 -55.37 -97.56 -42.43
CA GLU D 116 -55.55 -98.99 -42.70
C GLU D 116 -56.48 -99.15 -43.89
N LEU D 117 -55.91 -99.34 -45.07
CA LEU D 117 -56.68 -99.39 -46.30
C LEU D 117 -57.05 -100.81 -46.69
N ILE D 118 -56.07 -101.72 -46.70
CA ILE D 118 -56.27 -103.06 -47.25
C ILE D 118 -56.97 -103.90 -46.19
N VAL D 119 -58.28 -104.06 -46.33
CA VAL D 119 -59.07 -104.95 -45.51
C VAL D 119 -59.93 -105.80 -46.43
N GLU D 120 -59.88 -107.12 -46.26
CA GLU D 120 -60.50 -108.02 -47.20
C GLU D 120 -61.35 -109.06 -46.47
N ASP D 121 -62.37 -109.54 -47.16
CA ASP D 121 -63.31 -110.50 -46.61
C ASP D 121 -63.49 -111.66 -47.58
N THR D 122 -63.65 -112.86 -47.02
CA THR D 122 -63.88 -114.05 -47.81
C THR D 122 -65.20 -114.72 -47.51
N GLY D 123 -66.00 -114.16 -46.61
CA GLY D 123 -67.29 -114.74 -46.30
C GLY D 123 -68.33 -114.38 -47.34
N LEU D 124 -69.52 -114.02 -46.89
CA LEU D 124 -70.60 -113.63 -47.78
C LEU D 124 -70.83 -112.12 -47.67
N CYS D 125 -70.89 -111.46 -48.82
CA CYS D 125 -71.06 -110.02 -48.87
C CYS D 125 -72.51 -109.69 -48.54
N THR D 126 -72.81 -109.70 -47.25
CA THR D 126 -74.15 -109.35 -46.80
C THR D 126 -74.09 -108.84 -45.37
N SER D 127 -75.13 -108.10 -45.00
CA SER D 127 -75.27 -107.59 -43.65
C SER D 127 -76.68 -107.75 -43.12
N PHE D 128 -77.58 -108.36 -43.88
CA PHE D 128 -78.92 -108.68 -43.41
C PHE D 128 -79.03 -110.18 -43.24
N MET D 129 -79.70 -110.60 -42.16
CA MET D 129 -79.79 -112.00 -41.83
C MET D 129 -81.23 -112.45 -41.80
N LEU D 130 -81.43 -113.71 -42.15
CA LEU D 130 -82.74 -114.36 -42.14
C LEU D 130 -82.81 -115.26 -40.92
N LEU D 131 -83.84 -115.06 -40.09
CA LEU D 131 -83.95 -115.87 -38.88
C LEU D 131 -85.41 -116.10 -38.55
N ASP D 132 -85.66 -117.16 -37.79
CA ASP D 132 -86.99 -117.49 -37.30
C ASP D 132 -87.19 -116.77 -35.97
N ASN D 133 -88.03 -115.74 -35.98
CA ASN D 133 -88.32 -115.04 -34.73
C ASN D 133 -89.02 -115.96 -33.74
N ILE D 134 -89.98 -116.75 -34.22
CA ILE D 134 -90.79 -117.62 -33.37
C ILE D 134 -90.51 -119.05 -33.78
N PRO D 135 -90.16 -119.94 -32.85
CA PRO D 135 -89.86 -121.32 -33.23
C PRO D 135 -91.07 -122.01 -33.83
N SER D 136 -90.79 -123.13 -34.51
CA SER D 136 -91.83 -123.92 -35.12
C SER D 136 -92.57 -124.74 -34.06
N ALA D 137 -93.59 -125.47 -34.48
CA ALA D 137 -94.36 -126.32 -33.60
C ALA D 137 -93.89 -127.76 -33.61
N HIS D 138 -92.77 -128.05 -34.28
CA HIS D 138 -92.19 -129.39 -34.32
C HIS D 138 -93.17 -130.40 -34.90
N LEU D 139 -93.47 -130.21 -36.18
CA LEU D 139 -94.35 -131.10 -36.90
C LEU D 139 -93.62 -132.37 -37.33
N THR D 140 -94.39 -133.37 -37.70
CA THR D 140 -93.82 -134.60 -38.27
C THR D 140 -93.17 -134.28 -39.61
N LYS D 141 -92.12 -135.04 -39.93
CA LYS D 141 -91.31 -134.70 -41.08
C LYS D 141 -91.92 -135.20 -42.39
N GLU D 142 -92.38 -136.44 -42.43
CA GLU D 142 -93.02 -137.10 -43.56
C GLU D 142 -92.06 -137.35 -44.72
N LEU D 143 -90.80 -136.90 -44.65
CA LEU D 143 -89.82 -137.16 -45.70
C LEU D 143 -88.42 -136.83 -45.18
N ILE D 144 -87.50 -137.79 -45.28
CA ILE D 144 -86.24 -137.70 -44.56
C ILE D 144 -85.15 -137.04 -45.39
N GLY D 145 -84.76 -137.68 -46.48
CA GLY D 145 -83.66 -137.16 -47.27
C GLY D 145 -83.31 -138.07 -48.42
N PHE D 146 -82.23 -137.71 -49.10
CA PHE D 146 -81.80 -138.44 -50.29
C PHE D 146 -81.18 -139.77 -49.92
N THR D 147 -81.25 -140.71 -50.84
CA THR D 147 -80.63 -142.02 -50.68
C THR D 147 -79.74 -142.30 -51.87
N TRP D 148 -78.57 -142.89 -51.59
CA TRP D 148 -77.54 -143.16 -52.59
C TRP D 148 -77.11 -144.60 -52.37
N PHE D 149 -77.59 -145.50 -53.25
CA PHE D 149 -77.51 -146.92 -53.00
C PHE D 149 -78.16 -147.22 -51.65
N MET D 150 -77.36 -147.71 -50.70
CA MET D 150 -77.87 -147.92 -49.35
C MET D 150 -77.57 -146.75 -48.42
N GLN D 151 -76.82 -145.76 -48.89
CA GLN D 151 -76.45 -144.63 -48.06
C GLN D 151 -77.50 -143.52 -48.17
N MET D 152 -77.58 -142.71 -47.12
CA MET D 152 -78.51 -141.60 -47.05
C MET D 152 -77.77 -140.31 -46.74
N TYR D 153 -78.20 -139.22 -47.39
CA TYR D 153 -77.67 -137.89 -47.11
C TYR D 153 -78.84 -136.95 -46.84
N GLN D 154 -78.52 -135.84 -46.16
CA GLN D 154 -79.54 -134.82 -45.89
C GLN D 154 -78.84 -133.47 -45.70
N MET D 155 -78.82 -132.66 -46.74
CA MET D 155 -78.25 -131.32 -46.64
C MET D 155 -79.18 -130.43 -45.82
N THR D 156 -78.59 -129.58 -44.99
CA THR D 156 -79.38 -128.73 -44.12
C THR D 156 -80.10 -127.65 -44.93
N PRO D 157 -81.32 -127.28 -44.53
CA PRO D 157 -82.09 -126.31 -45.32
C PRO D 157 -81.42 -124.96 -45.37
N PRO D 158 -81.53 -124.25 -46.50
CA PRO D 158 -80.89 -122.93 -46.61
C PRO D 158 -81.71 -121.80 -46.04
N LEU D 159 -82.98 -122.01 -45.74
CA LEU D 159 -83.83 -120.91 -45.31
C LEU D 159 -84.32 -121.12 -43.89
N PRO D 160 -84.58 -120.04 -43.15
CA PRO D 160 -85.05 -120.19 -41.77
C PRO D 160 -86.41 -120.87 -41.74
N GLU D 161 -86.66 -121.59 -40.65
CA GLU D 161 -87.92 -122.30 -40.49
C GLU D 161 -88.47 -122.03 -39.10
N GLY D 162 -89.75 -121.72 -39.03
CA GLY D 162 -90.39 -121.40 -37.77
C GLY D 162 -91.73 -120.78 -38.03
N ALA D 163 -92.40 -120.42 -36.94
CA ALA D 163 -93.70 -119.77 -37.07
C ALA D 163 -93.59 -118.45 -37.81
N VAL D 164 -92.60 -117.64 -37.43
CA VAL D 164 -92.42 -116.31 -38.02
C VAL D 164 -90.95 -116.15 -38.37
N ASN D 165 -90.69 -115.65 -39.57
CA ASN D 165 -89.33 -115.38 -40.03
C ASN D 165 -89.24 -113.94 -40.49
N ARG D 166 -88.20 -113.25 -40.06
CA ARG D 166 -88.07 -111.82 -40.31
C ARG D 166 -86.68 -111.49 -40.80
N ILE D 167 -86.55 -110.30 -41.38
CA ILE D 167 -85.27 -109.75 -41.81
C ILE D 167 -84.75 -108.84 -40.70
N VAL D 168 -83.47 -108.97 -40.38
CA VAL D 168 -82.84 -108.10 -39.41
C VAL D 168 -81.51 -107.61 -39.98
N CYS D 169 -81.07 -106.47 -39.49
CA CYS D 169 -79.79 -105.90 -39.89
C CYS D 169 -78.74 -106.20 -38.84
N MET D 170 -77.64 -106.82 -39.26
CA MET D 170 -76.52 -107.08 -38.38
C MET D 170 -75.27 -107.17 -39.22
N THR D 171 -74.36 -106.22 -39.04
CA THR D 171 -73.20 -106.09 -39.90
C THR D 171 -72.31 -107.32 -39.81
N ASN D 172 -71.94 -107.86 -40.96
CA ASN D 172 -70.92 -108.89 -41.08
C ASN D 172 -71.26 -110.14 -40.27
N TRP D 173 -72.54 -110.48 -40.18
CA TRP D 173 -72.90 -111.71 -39.47
C TRP D 173 -72.32 -112.92 -40.16
N ALA D 174 -72.30 -112.92 -41.49
CA ALA D 174 -71.75 -114.01 -42.27
C ALA D 174 -70.33 -113.72 -42.75
N SER D 175 -69.58 -112.94 -41.98
CA SER D 175 -68.22 -112.61 -42.38
C SER D 175 -67.27 -113.77 -42.11
N LEU D 176 -66.17 -113.79 -42.87
CA LEU D 176 -65.13 -114.79 -42.68
C LEU D 176 -63.86 -114.26 -43.33
N GLY D 177 -62.83 -114.03 -42.53
CA GLY D 177 -61.58 -113.54 -43.06
C GLY D 177 -60.85 -112.61 -42.12
N ASP D 178 -60.53 -111.41 -42.61
CA ASP D 178 -59.78 -110.46 -41.83
C ASP D 178 -60.61 -109.95 -40.65
N GLU D 179 -59.92 -109.28 -39.71
CA GLU D 179 -60.58 -108.84 -38.49
C GLU D 179 -61.65 -107.81 -38.77
N GLY D 180 -61.37 -106.84 -39.65
CA GLY D 180 -62.36 -105.87 -40.05
C GLY D 180 -62.36 -104.62 -39.18
N ARG D 181 -62.97 -103.58 -39.71
CA ARG D 181 -63.09 -102.32 -38.98
C ARG D 181 -63.88 -102.53 -37.70
N GLY D 182 -63.42 -101.90 -36.62
CA GLY D 182 -64.08 -102.07 -35.34
C GLY D 182 -65.34 -101.25 -35.18
N LEU D 183 -66.35 -101.56 -36.00
CA LEU D 183 -67.63 -100.86 -35.93
C LEU D 183 -68.73 -101.83 -36.33
N GLU D 184 -69.80 -101.88 -35.53
CA GLU D 184 -70.87 -102.82 -35.79
C GLU D 184 -72.23 -102.13 -35.65
N VAL D 185 -73.22 -102.68 -36.33
CA VAL D 185 -74.61 -102.26 -36.19
C VAL D 185 -75.42 -103.55 -36.07
N ARG D 186 -75.69 -103.97 -34.84
CA ARG D 186 -76.41 -105.21 -34.57
C ARG D 186 -77.77 -104.87 -33.98
N LEU D 187 -78.82 -105.11 -34.74
CA LEU D 187 -80.16 -104.83 -34.26
C LEU D 187 -80.84 -106.11 -33.81
N PRO D 188 -81.37 -106.15 -32.59
CA PRO D 188 -82.10 -107.33 -32.16
C PRO D 188 -83.40 -107.46 -32.93
N PRO D 189 -84.00 -108.64 -32.94
CA PRO D 189 -85.28 -108.82 -33.61
C PRO D 189 -86.35 -107.93 -32.99
N PRO D 190 -87.39 -107.61 -33.73
CA PRO D 190 -88.38 -106.63 -33.23
C PRO D 190 -89.04 -107.04 -31.93
N THR D 191 -88.93 -108.30 -31.53
CA THR D 191 -89.48 -108.72 -30.26
C THR D 191 -88.73 -108.12 -29.08
N ASP D 192 -87.59 -107.49 -29.30
CA ASP D 192 -86.84 -106.83 -28.25
C ASP D 192 -86.81 -105.33 -28.51
N SER D 193 -86.11 -104.62 -27.63
CA SER D 193 -86.01 -103.16 -27.70
C SER D 193 -84.69 -102.80 -28.36
N SER D 194 -84.76 -102.28 -29.58
CA SER D 194 -83.57 -101.84 -30.31
C SER D 194 -83.25 -100.38 -30.09
N VAL D 195 -83.69 -99.81 -28.96
CA VAL D 195 -83.54 -98.38 -28.74
C VAL D 195 -82.09 -97.99 -28.55
N HIS D 196 -81.23 -98.92 -28.14
CA HIS D 196 -79.84 -98.58 -27.86
C HIS D 196 -79.11 -98.05 -29.08
N ALA D 197 -79.60 -98.36 -30.27
CA ALA D 197 -78.92 -97.95 -31.49
C ALA D 197 -79.21 -96.51 -31.89
N TYR D 198 -80.07 -95.81 -31.13
CA TYR D 198 -80.48 -94.46 -31.50
C TYR D 198 -80.16 -93.46 -30.41
N LYS D 199 -79.17 -93.75 -29.57
CA LYS D 199 -78.71 -92.83 -28.53
C LYS D 199 -77.29 -92.34 -28.81
N THR D 200 -76.92 -92.29 -30.08
CA THR D 200 -75.54 -91.96 -30.43
C THR D 200 -75.16 -90.57 -29.97
N VAL D 201 -76.03 -89.59 -30.20
CA VAL D 201 -75.73 -88.20 -29.85
C VAL D 201 -76.96 -87.56 -29.20
N LEU D 202 -76.69 -86.48 -28.47
CA LEU D 202 -77.73 -85.64 -27.88
C LEU D 202 -78.66 -86.42 -26.98
N SER D 203 -78.21 -87.54 -26.43
CA SER D 203 -79.08 -88.37 -25.62
C SER D 203 -78.43 -88.76 -24.31
N ARG D 204 -77.11 -88.86 -24.29
CA ARG D 204 -76.41 -89.30 -23.10
C ARG D 204 -76.63 -88.32 -21.95
N GLY D 205 -77.02 -88.85 -20.80
CA GLY D 205 -77.14 -88.05 -19.60
C GLY D 205 -78.55 -87.92 -19.06
N TYR D 206 -79.52 -87.74 -19.94
CA TYR D 206 -80.88 -87.51 -19.52
C TYR D 206 -81.87 -88.58 -19.99
N ILE D 207 -81.63 -89.18 -21.16
CA ILE D 207 -82.59 -90.13 -21.69
C ILE D 207 -82.64 -91.35 -20.77
N ASP D 208 -83.81 -91.95 -20.68
CA ASP D 208 -83.94 -93.19 -19.94
C ASP D 208 -83.30 -94.33 -20.71
N ASN D 209 -82.95 -95.39 -19.98
CA ASN D 209 -82.36 -96.56 -20.61
C ASN D 209 -83.29 -97.23 -21.60
N ALA D 210 -84.59 -96.94 -21.55
CA ALA D 210 -85.55 -97.57 -22.44
C ALA D 210 -86.32 -96.57 -23.30
N GLN D 211 -85.84 -95.33 -23.40
CA GLN D 211 -86.51 -94.31 -24.20
C GLN D 211 -85.61 -93.86 -25.34
N PHE D 212 -86.23 -93.27 -26.35
CA PHE D 212 -85.52 -92.52 -27.38
C PHE D 212 -86.18 -91.16 -27.53
N ASN D 213 -85.39 -90.16 -27.88
CA ASN D 213 -85.90 -88.81 -28.05
C ASN D 213 -86.36 -88.65 -29.49
N PRO D 214 -87.65 -88.47 -29.75
CA PRO D 214 -88.09 -88.28 -31.14
C PRO D 214 -87.50 -87.04 -31.79
N LEU D 215 -87.19 -86.01 -31.00
CA LEU D 215 -86.72 -84.76 -31.60
C LEU D 215 -85.33 -84.88 -32.19
N ALA D 216 -84.56 -85.88 -31.78
CA ALA D 216 -83.22 -86.10 -32.31
C ALA D 216 -83.16 -87.29 -33.25
N LEU D 217 -84.30 -87.68 -33.81
CA LEU D 217 -84.36 -88.95 -34.54
C LEU D 217 -83.50 -88.90 -35.79
N ARG D 218 -83.62 -87.82 -36.58
CA ARG D 218 -82.94 -87.78 -37.86
C ARG D 218 -81.44 -87.91 -37.69
N SER D 219 -80.87 -87.12 -36.78
CA SER D 219 -79.42 -87.19 -36.57
C SER D 219 -79.00 -88.57 -36.10
N ASN D 220 -79.75 -89.15 -35.16
CA ASN D 220 -79.39 -90.48 -34.66
C ASN D 220 -79.45 -91.51 -35.77
N VAL D 221 -80.52 -91.47 -36.57
CA VAL D 221 -80.60 -92.37 -37.72
C VAL D 221 -79.43 -92.13 -38.66
N LEU D 222 -79.15 -90.86 -38.93
CA LEU D 222 -78.07 -90.50 -39.84
C LEU D 222 -76.75 -91.11 -39.40
N LEU D 223 -76.40 -90.94 -38.14
CA LEU D 223 -75.15 -91.50 -37.64
C LEU D 223 -75.19 -93.02 -37.67
N MET D 224 -76.35 -93.61 -37.35
CA MET D 224 -76.46 -95.06 -37.37
C MET D 224 -76.15 -95.60 -38.75
N LEU D 225 -76.71 -94.97 -39.79
CA LEU D 225 -76.41 -95.39 -41.15
C LEU D 225 -74.95 -95.20 -41.47
N LEU D 226 -74.36 -94.10 -41.01
CA LEU D 226 -72.95 -93.85 -41.27
C LEU D 226 -72.10 -94.97 -40.71
N GLN D 227 -72.35 -95.37 -39.47
CA GLN D 227 -71.62 -96.49 -38.90
C GLN D 227 -71.86 -97.75 -39.71
N PHE D 228 -73.11 -97.97 -40.11
CA PHE D 228 -73.40 -99.11 -40.98
C PHE D 228 -72.58 -99.06 -42.25
N THR D 229 -72.45 -97.87 -42.84
CA THR D 229 -71.67 -97.73 -44.05
C THR D 229 -70.20 -98.03 -43.80
N LEU D 230 -69.63 -97.41 -42.77
CA LEU D 230 -68.21 -97.58 -42.50
C LEU D 230 -67.88 -99.03 -42.21
N SER D 231 -68.79 -99.73 -41.52
CA SER D 231 -68.50 -101.09 -41.09
C SER D 231 -68.29 -102.04 -42.27
N ASN D 232 -68.78 -101.69 -43.46
CA ASN D 232 -68.71 -102.59 -44.59
C ASN D 232 -67.59 -102.25 -45.57
N LEU D 233 -66.77 -101.26 -45.26
CA LEU D 233 -65.72 -100.83 -46.20
C LEU D 233 -64.60 -101.86 -46.19
N LYS D 234 -64.73 -102.86 -47.05
CA LYS D 234 -63.73 -103.91 -47.14
C LYS D 234 -63.81 -104.54 -48.52
N ILE D 235 -62.76 -105.26 -48.87
CA ILE D 235 -62.60 -105.82 -50.21
C ILE D 235 -63.18 -107.21 -50.27
N ASN D 236 -63.81 -107.55 -51.40
CA ASN D 236 -64.37 -108.87 -51.61
C ASN D 236 -63.29 -109.78 -52.20
N LYS D 237 -62.61 -110.49 -51.32
CA LYS D 237 -61.56 -111.42 -51.71
C LYS D 237 -62.17 -112.63 -52.43
N SER D 238 -61.36 -113.26 -53.27
CA SER D 238 -61.73 -114.51 -53.93
C SER D 238 -61.19 -115.69 -53.15
N SER D 239 -61.99 -116.75 -53.06
CA SER D 239 -61.64 -117.95 -52.35
C SER D 239 -61.28 -119.07 -53.33
N THR D 240 -61.11 -120.28 -52.81
CA THR D 240 -60.95 -121.46 -53.64
C THR D 240 -62.30 -121.91 -54.18
N PHE D 241 -62.27 -122.91 -55.06
CA PHE D 241 -63.49 -123.40 -55.68
C PHE D 241 -63.46 -124.92 -55.76
N THR D 242 -64.65 -125.50 -55.86
CA THR D 242 -64.83 -126.92 -56.12
C THR D 242 -65.87 -127.08 -57.22
N SER D 243 -65.84 -128.24 -57.86
CA SER D 243 -66.78 -128.56 -58.91
C SER D 243 -67.94 -129.37 -58.32
N ASP D 244 -69.16 -128.96 -58.63
CA ASP D 244 -70.34 -129.63 -58.10
C ASP D 244 -70.79 -130.74 -59.04
N VAL D 245 -71.16 -131.87 -58.44
CA VAL D 245 -71.68 -133.01 -59.17
C VAL D 245 -73.05 -133.42 -58.65
N THR D 246 -73.70 -132.58 -57.86
CA THR D 246 -74.92 -132.95 -57.17
C THR D 246 -76.11 -132.61 -58.06
N THR D 247 -76.65 -133.63 -58.73
CA THR D 247 -77.90 -133.54 -59.49
C THR D 247 -77.94 -132.36 -60.44
N ILE D 248 -78.97 -131.51 -60.29
CA ILE D 248 -79.26 -130.50 -61.30
C ILE D 248 -78.12 -129.50 -61.42
N THR D 249 -77.43 -129.21 -60.33
CA THR D 249 -76.34 -128.24 -60.35
C THR D 249 -75.01 -128.87 -60.74
N SER D 250 -75.01 -130.15 -61.12
CA SER D 250 -73.77 -130.78 -61.55
C SER D 250 -73.16 -130.02 -62.72
N GLY D 251 -71.85 -129.83 -62.65
CA GLY D 251 -71.12 -129.10 -63.66
C GLY D 251 -70.82 -127.67 -63.30
N ARG D 252 -71.56 -127.08 -62.36
CA ARG D 252 -71.25 -125.74 -61.94
C ARG D 252 -70.07 -125.75 -60.98
N MET D 253 -69.53 -124.56 -60.71
CA MET D 253 -68.42 -124.39 -59.79
C MET D 253 -68.83 -123.47 -58.66
N ILE D 254 -68.50 -123.86 -57.43
CA ILE D 254 -68.92 -123.14 -56.25
C ILE D 254 -67.72 -122.94 -55.32
N ARG D 255 -67.85 -121.95 -54.44
CA ARG D 255 -66.77 -121.62 -53.53
C ARG D 255 -66.68 -122.65 -52.41
N ALA D 256 -65.64 -122.51 -51.58
CA ALA D 256 -65.31 -123.52 -50.60
C ALA D 256 -65.78 -123.16 -49.18
N PHE D 257 -65.50 -121.95 -48.72
CA PHE D 257 -65.78 -121.53 -47.35
C PHE D 257 -65.14 -122.49 -46.35
N GLU D 258 -63.81 -122.52 -46.39
CA GLU D 258 -63.07 -123.44 -45.55
C GLU D 258 -63.13 -123.05 -44.08
N GLY D 259 -63.22 -121.75 -43.79
CA GLY D 259 -63.17 -121.31 -42.40
C GLY D 259 -64.28 -121.91 -41.56
N ARG D 260 -65.52 -121.85 -42.05
CA ARG D 260 -66.62 -122.52 -41.39
C ARG D 260 -67.58 -123.05 -42.43
N PRO D 261 -67.66 -124.36 -42.60
CA PRO D 261 -68.34 -124.93 -43.78
C PRO D 261 -69.84 -124.72 -43.81
N GLU D 262 -70.47 -124.39 -42.68
CA GLU D 262 -71.92 -124.26 -42.68
C GLU D 262 -72.39 -123.17 -43.63
N LEU D 263 -71.51 -122.22 -43.96
CA LEU D 263 -71.86 -121.18 -44.92
C LEU D 263 -72.21 -121.77 -46.27
N LEU D 264 -71.66 -122.95 -46.59
CA LEU D 264 -71.86 -123.54 -47.90
C LEU D 264 -73.33 -123.74 -48.20
N ALA D 265 -74.09 -124.20 -47.22
CA ALA D 265 -75.53 -124.37 -47.42
C ALA D 265 -76.21 -123.03 -47.66
N LEU D 266 -75.79 -121.99 -46.95
CA LEU D 266 -76.42 -120.68 -47.11
C LEU D 266 -76.02 -120.01 -48.41
N ALA D 267 -74.79 -120.21 -48.86
CA ALA D 267 -74.28 -119.45 -50.00
C ALA D 267 -75.08 -119.71 -51.26
N TYR D 268 -75.56 -120.94 -51.45
CA TYR D 268 -76.23 -121.32 -52.69
C TYR D 268 -77.56 -121.98 -52.36
N PRO D 269 -78.57 -121.18 -52.04
CA PRO D 269 -79.91 -121.75 -51.85
C PRO D 269 -80.40 -122.37 -53.14
N GLY D 270 -81.13 -123.48 -53.02
CA GLY D 270 -81.69 -124.12 -54.19
C GLY D 270 -81.00 -125.40 -54.59
N ARG D 271 -79.68 -125.43 -54.52
CA ARG D 271 -78.97 -126.64 -54.90
C ARG D 271 -79.29 -127.76 -53.93
N ALA D 272 -79.54 -128.95 -54.49
CA ALA D 272 -79.82 -130.15 -53.69
C ALA D 272 -80.97 -129.92 -52.72
N VAL D 273 -82.05 -129.34 -53.21
CA VAL D 273 -83.23 -129.11 -52.39
C VAL D 273 -84.11 -130.35 -52.42
N LEU D 274 -84.63 -130.73 -51.26
CA LEU D 274 -85.51 -131.89 -51.18
C LEU D 274 -86.82 -131.62 -51.89
N PRO D 275 -87.41 -132.63 -52.50
CA PRO D 275 -88.67 -132.43 -53.24
C PRO D 275 -89.88 -132.34 -52.33
N THR D 276 -89.65 -132.15 -51.02
CA THR D 276 -90.78 -132.00 -50.10
C THR D 276 -91.64 -130.81 -50.50
N GLN D 277 -92.83 -130.75 -49.92
CA GLN D 277 -93.80 -129.71 -50.23
C GLN D 277 -93.94 -128.79 -49.04
N THR D 278 -93.06 -127.80 -48.97
CA THR D 278 -93.13 -126.76 -47.95
C THR D 278 -93.01 -125.41 -48.64
N LYS D 279 -93.41 -124.36 -47.93
CA LYS D 279 -93.43 -123.03 -48.52
C LYS D 279 -92.07 -122.66 -49.10
N ASN D 280 -91.02 -122.80 -48.29
CA ASN D 280 -89.69 -122.50 -48.79
C ASN D 280 -89.29 -123.46 -49.90
N ALA D 281 -89.61 -124.75 -49.74
CA ALA D 281 -89.27 -125.72 -50.77
C ALA D 281 -89.96 -125.38 -52.08
N GLN D 282 -91.24 -125.02 -52.02
CA GLN D 282 -91.95 -124.65 -53.24
C GLN D 282 -91.29 -123.47 -53.92
N PHE D 283 -90.88 -122.47 -53.13
CA PHE D 283 -90.19 -121.33 -53.72
C PHE D 283 -88.87 -121.75 -54.34
N LEU D 284 -88.04 -122.46 -53.57
CA LEU D 284 -86.72 -122.85 -54.07
C LEU D 284 -86.81 -123.72 -55.31
N SER D 285 -87.94 -124.39 -55.52
CA SER D 285 -88.09 -125.23 -56.70
C SER D 285 -88.04 -124.43 -57.99
N THR D 286 -88.20 -123.11 -57.91
CA THR D 286 -88.22 -122.25 -59.07
C THR D 286 -86.86 -121.68 -59.43
N ALA D 287 -85.83 -121.97 -58.65
CA ALA D 287 -84.51 -121.41 -58.93
C ALA D 287 -83.96 -121.94 -60.24
N ILE D 288 -83.15 -121.13 -60.91
CA ILE D 288 -82.55 -121.48 -62.18
C ILE D 288 -81.11 -121.90 -61.95
N ALA D 289 -80.76 -123.09 -62.46
CA ALA D 289 -79.47 -123.70 -62.12
C ALA D 289 -78.30 -122.88 -62.65
N ASP D 290 -78.48 -122.21 -63.78
CA ASP D 290 -77.36 -121.53 -64.41
C ASP D 290 -76.81 -120.39 -63.57
N ARG D 291 -77.56 -119.94 -62.58
CA ARG D 291 -77.15 -118.79 -61.77
C ARG D 291 -76.64 -119.21 -60.40
N ILE D 292 -76.03 -120.37 -60.31
CA ILE D 292 -75.34 -120.81 -59.11
C ILE D 292 -73.85 -120.70 -59.35
N GLY D 293 -73.12 -120.23 -58.34
CA GLY D 293 -71.67 -120.20 -58.45
C GLY D 293 -71.19 -119.12 -59.41
N ARG D 294 -70.05 -119.40 -60.04
CA ARG D 294 -69.45 -118.43 -60.93
C ARG D 294 -70.12 -118.44 -62.29
N LEU D 295 -69.91 -117.37 -63.05
CA LEU D 295 -70.60 -117.16 -64.30
C LEU D 295 -69.70 -117.22 -65.53
N ASP D 296 -68.40 -117.05 -65.36
CA ASP D 296 -67.50 -116.91 -66.49
C ASP D 296 -66.40 -117.97 -66.43
N ARG D 297 -65.81 -118.22 -67.59
CA ARG D 297 -64.62 -119.06 -67.63
C ARG D 297 -63.44 -118.30 -67.02
N ALA D 298 -62.44 -119.06 -66.59
CA ALA D 298 -61.30 -118.46 -65.91
C ALA D 298 -60.61 -117.45 -66.82
N ASN D 299 -60.20 -116.33 -66.24
CA ASN D 299 -59.57 -115.25 -66.98
C ASN D 299 -58.31 -114.81 -66.25
N LEU D 300 -57.34 -114.33 -67.03
CA LEU D 300 -56.15 -113.68 -66.49
C LEU D 300 -55.48 -114.56 -65.44
N ILE D 301 -55.20 -115.78 -65.83
CA ILE D 301 -54.74 -116.79 -64.88
C ILE D 301 -53.25 -116.61 -64.62
N GLY D 302 -52.88 -116.66 -63.35
CA GLY D 302 -51.49 -116.84 -62.98
C GLY D 302 -51.33 -118.17 -62.26
N GLY D 303 -50.68 -119.13 -62.90
CA GLY D 303 -50.60 -120.46 -62.34
C GLY D 303 -51.95 -121.11 -62.18
N GLU D 304 -52.39 -121.28 -60.94
CA GLU D 304 -53.70 -121.87 -60.68
C GLU D 304 -54.79 -120.83 -60.51
N VAL D 305 -54.44 -119.62 -60.10
CA VAL D 305 -55.43 -118.63 -59.68
C VAL D 305 -55.83 -117.74 -60.85
N SER D 306 -57.07 -117.27 -60.81
CA SER D 306 -57.55 -116.26 -61.72
C SER D 306 -57.45 -114.89 -61.07
N ALA D 307 -57.28 -113.86 -61.90
CA ALA D 307 -57.12 -112.51 -61.36
C ALA D 307 -58.40 -112.03 -60.67
N MET D 308 -59.52 -112.15 -61.36
CA MET D 308 -60.80 -111.78 -60.79
C MET D 308 -61.87 -112.70 -61.37
N VAL D 309 -62.94 -112.90 -60.61
CA VAL D 309 -64.00 -113.82 -61.00
C VAL D 309 -65.34 -113.13 -60.82
N GLU D 310 -66.35 -113.69 -61.47
CA GLU D 310 -67.70 -113.16 -61.44
C GLU D 310 -68.64 -114.28 -61.00
N CYS D 311 -69.41 -114.02 -59.93
CA CYS D 311 -70.18 -115.08 -59.30
C CYS D 311 -71.57 -114.60 -58.95
N MET D 312 -72.50 -115.56 -58.87
CA MET D 312 -73.79 -115.38 -58.24
C MET D 312 -73.77 -116.12 -56.92
N GLU D 313 -74.15 -115.42 -55.84
CA GLU D 313 -74.16 -116.05 -54.53
C GLU D 313 -75.06 -115.24 -53.62
N LEU D 314 -75.35 -115.82 -52.46
CA LEU D 314 -76.12 -115.11 -51.46
C LEU D 314 -75.41 -113.81 -51.11
N CYS D 315 -76.17 -112.71 -51.16
CA CYS D 315 -75.61 -111.38 -51.01
C CYS D 315 -76.77 -110.43 -50.77
N ASP D 316 -76.48 -109.14 -50.75
CA ASP D 316 -77.53 -108.15 -50.80
C ASP D 316 -77.00 -106.93 -51.53
N ALA D 317 -77.89 -106.29 -52.29
CA ALA D 317 -77.45 -105.20 -53.17
C ALA D 317 -76.79 -104.08 -52.37
N LEU D 318 -77.34 -103.77 -51.20
CA LEU D 318 -76.83 -102.63 -50.45
C LEU D 318 -75.39 -102.84 -50.03
N THR D 319 -75.10 -103.97 -49.38
CA THR D 319 -73.71 -104.23 -48.98
C THR D 319 -72.82 -104.27 -50.20
N LEU D 320 -73.29 -104.91 -51.26
CA LEU D 320 -72.51 -104.97 -52.50
C LEU D 320 -72.24 -103.57 -53.03
N HIS D 321 -73.26 -102.72 -53.04
CA HIS D 321 -73.08 -101.37 -53.56
C HIS D 321 -72.04 -100.62 -52.75
N ILE D 322 -72.02 -100.82 -51.44
CA ILE D 322 -71.04 -100.14 -50.61
C ILE D 322 -69.64 -100.59 -50.99
N ARG D 323 -69.40 -101.90 -51.04
CA ARG D 323 -68.05 -102.38 -51.25
C ARG D 323 -67.56 -102.07 -52.65
N GLU D 324 -68.46 -102.11 -53.63
CA GLU D 324 -68.08 -101.69 -54.97
C GLU D 324 -67.59 -100.25 -54.97
N THR D 325 -68.28 -99.38 -54.23
CA THR D 325 -67.80 -98.02 -54.08
C THR D 325 -66.42 -97.99 -53.45
N TYR D 326 -66.21 -98.81 -52.42
CA TYR D 326 -64.92 -98.83 -51.75
C TYR D 326 -63.81 -99.22 -52.72
N VAL D 327 -64.07 -100.23 -53.55
CA VAL D 327 -63.08 -100.62 -54.55
C VAL D 327 -62.79 -99.48 -55.49
N MET D 328 -63.83 -98.80 -55.97
CA MET D 328 -63.65 -97.67 -56.85
C MET D 328 -62.74 -96.64 -56.21
N LEU D 329 -62.93 -96.40 -54.91
CA LEU D 329 -62.07 -95.45 -54.21
C LEU D 329 -60.62 -95.91 -54.22
N LEU D 330 -60.38 -97.17 -53.86
CA LEU D 330 -59.01 -97.65 -53.82
C LEU D 330 -58.34 -97.53 -55.17
N ARG D 331 -59.04 -97.94 -56.22
CA ARG D 331 -58.49 -97.83 -57.56
C ARG D 331 -58.25 -96.37 -57.93
N SER D 332 -59.10 -95.48 -57.44
CA SER D 332 -58.88 -94.05 -57.70
C SER D 332 -57.56 -93.59 -57.13
N MET D 333 -57.11 -94.20 -56.03
CA MET D 333 -55.83 -93.84 -55.45
C MET D 333 -54.67 -94.58 -56.09
N HIS D 334 -54.94 -95.46 -57.06
CA HIS D 334 -53.87 -96.27 -57.61
C HIS D 334 -52.83 -95.41 -58.30
N GLN D 335 -51.59 -95.88 -58.27
CA GLN D 335 -50.46 -95.19 -58.88
C GLN D 335 -49.71 -96.16 -59.78
N ASP D 336 -49.31 -95.69 -60.95
CA ASP D 336 -48.51 -96.53 -61.82
C ASP D 336 -47.10 -96.64 -61.27
N PRO D 337 -46.64 -97.83 -60.89
CA PRO D 337 -45.32 -97.92 -60.26
C PRO D 337 -44.17 -97.55 -61.18
N THR D 338 -44.33 -97.73 -62.49
CA THR D 338 -43.22 -97.46 -63.40
C THR D 338 -42.75 -96.01 -63.31
N GLN D 339 -43.63 -95.12 -62.90
CA GLN D 339 -43.29 -93.70 -62.85
C GLN D 339 -42.50 -93.31 -61.62
N ILE D 340 -42.31 -94.24 -60.68
CA ILE D 340 -41.67 -93.88 -59.42
C ILE D 340 -40.26 -93.37 -59.66
N VAL D 341 -39.51 -94.04 -60.54
CA VAL D 341 -38.11 -93.67 -60.74
C VAL D 341 -38.01 -92.24 -61.24
N GLN D 342 -38.94 -91.82 -62.11
CA GLN D 342 -38.93 -90.44 -62.56
C GLN D 342 -39.26 -89.49 -61.42
N ILE D 343 -40.22 -89.86 -60.58
CA ILE D 343 -40.57 -89.04 -59.43
C ILE D 343 -39.34 -88.83 -58.55
N VAL D 344 -38.61 -89.90 -58.29
CA VAL D 344 -37.40 -89.79 -57.48
C VAL D 344 -36.37 -88.90 -58.16
N ASN D 345 -36.14 -89.13 -59.44
CA ASN D 345 -35.10 -88.38 -60.15
C ASN D 345 -35.40 -86.89 -60.14
N GLU D 346 -36.66 -86.53 -60.42
CA GLU D 346 -37.01 -85.11 -60.43
C GLU D 346 -36.92 -84.52 -59.03
N CYS D 347 -37.48 -85.22 -58.05
CA CYS D 347 -37.42 -84.73 -56.68
C CYS D 347 -35.99 -84.60 -56.18
N ALA D 348 -35.06 -85.33 -56.77
CA ALA D 348 -33.66 -85.22 -56.44
C ALA D 348 -32.93 -84.20 -57.30
N ASN D 349 -33.65 -83.47 -58.15
CA ASN D 349 -33.05 -82.51 -59.07
C ASN D 349 -32.00 -83.19 -59.93
N ASN D 350 -32.20 -84.47 -60.21
CA ASN D 350 -31.27 -85.29 -60.98
C ASN D 350 -29.89 -85.34 -60.36
N LEU D 351 -29.79 -85.07 -59.06
CA LEU D 351 -28.57 -85.41 -58.35
C LEU D 351 -28.43 -86.92 -58.17
N LEU D 352 -29.54 -87.64 -58.26
CA LEU D 352 -29.55 -89.09 -58.18
C LEU D 352 -30.24 -89.65 -59.40
N ASN D 353 -29.75 -90.79 -59.88
CA ASN D 353 -30.42 -91.56 -60.91
C ASN D 353 -30.65 -92.96 -60.37
N SER D 354 -31.84 -93.50 -60.60
CA SER D 354 -32.26 -94.71 -59.92
C SER D 354 -32.96 -95.64 -60.90
N THR D 355 -33.01 -96.91 -60.52
CA THR D 355 -33.75 -97.92 -61.28
C THR D 355 -34.50 -98.81 -60.31
N ILE D 356 -35.73 -99.16 -60.68
CA ILE D 356 -36.58 -99.99 -59.84
C ILE D 356 -37.34 -100.97 -60.73
N PRO D 357 -36.90 -102.22 -60.84
CA PRO D 357 -37.65 -103.19 -61.62
C PRO D 357 -38.93 -103.60 -60.91
N ILE D 358 -39.95 -103.90 -61.71
CA ILE D 358 -41.21 -104.40 -61.17
C ILE D 358 -41.91 -105.24 -62.22
N SER D 359 -42.54 -106.32 -61.77
CA SER D 359 -43.35 -107.15 -62.65
C SER D 359 -44.75 -106.56 -62.77
N LEU D 360 -45.34 -106.69 -63.95
CA LEU D 360 -46.64 -106.10 -64.24
C LEU D 360 -47.67 -107.22 -64.34
N ARG D 361 -48.33 -107.49 -63.24
CA ARG D 361 -49.44 -108.43 -63.24
C ARG D 361 -50.74 -107.69 -63.53
N PRO D 362 -51.74 -108.40 -64.07
CA PRO D 362 -53.01 -107.72 -64.37
C PRO D 362 -53.65 -107.09 -63.14
N THR D 363 -53.56 -107.75 -62.01
CA THR D 363 -54.25 -107.33 -60.79
C THR D 363 -53.21 -106.79 -59.83
N ILE D 364 -52.97 -105.49 -59.91
CA ILE D 364 -51.92 -104.85 -59.15
C ILE D 364 -52.47 -103.54 -58.57
N LEU D 365 -52.14 -103.27 -57.32
CA LEU D 365 -52.67 -102.10 -56.63
C LEU D 365 -51.56 -101.40 -55.87
N CYS D 366 -51.40 -100.11 -56.13
CA CYS D 366 -50.40 -99.28 -55.46
C CYS D 366 -51.02 -97.95 -55.09
N PRO D 367 -51.80 -97.92 -54.04
CA PRO D 367 -52.56 -96.70 -53.71
C PRO D 367 -51.68 -95.60 -53.15
N TRP D 368 -50.96 -94.89 -54.02
CA TRP D 368 -50.00 -93.89 -53.58
C TRP D 368 -50.22 -92.54 -54.24
N PHE D 369 -51.34 -92.33 -54.92
CA PHE D 369 -51.56 -91.10 -55.67
C PHE D 369 -52.68 -90.27 -55.04
N ALA D 370 -52.51 -88.95 -55.15
CA ALA D 370 -53.53 -88.01 -54.70
C ALA D 370 -53.51 -86.81 -55.63
N SER D 371 -54.69 -86.23 -55.86
CA SER D 371 -54.79 -85.08 -56.73
C SER D 371 -54.35 -83.82 -56.00
N SER D 372 -54.13 -82.76 -56.79
CA SER D 372 -53.75 -81.48 -56.20
C SER D 372 -54.85 -80.94 -55.29
N GLU D 373 -56.10 -81.12 -55.68
CA GLU D 373 -57.21 -80.62 -54.87
C GLU D 373 -57.18 -81.25 -53.48
N ASP D 374 -56.91 -82.56 -53.41
CA ASP D 374 -56.82 -83.21 -52.12
C ASP D 374 -55.72 -82.59 -51.27
N LEU D 375 -54.55 -82.39 -51.87
CA LEU D 375 -53.44 -81.80 -51.12
C LEU D 375 -53.79 -80.41 -50.64
N ARG D 376 -54.37 -79.59 -51.52
CA ARG D 376 -54.76 -78.24 -51.12
C ARG D 376 -55.78 -78.28 -50.00
N LEU D 377 -56.77 -79.16 -50.11
CA LEU D 377 -57.74 -79.29 -49.03
C LEU D 377 -57.06 -79.74 -47.74
N GLN D 378 -56.16 -80.71 -47.85
CA GLN D 378 -55.45 -81.16 -46.66
C GLN D 378 -54.66 -80.04 -46.03
N GLN D 379 -54.00 -79.23 -46.86
CA GLN D 379 -53.17 -78.15 -46.33
C GLN D 379 -54.00 -77.17 -45.52
N VAL D 380 -55.16 -76.78 -46.04
CA VAL D 380 -56.01 -75.86 -45.30
C VAL D 380 -56.45 -76.49 -43.99
N MET D 381 -56.79 -77.77 -44.02
CA MET D 381 -57.24 -78.44 -42.81
C MET D 381 -56.19 -78.33 -41.70
N HIS D 382 -54.91 -78.34 -42.07
CA HIS D 382 -53.87 -78.11 -41.09
C HIS D 382 -54.03 -76.74 -40.44
N LEU D 383 -54.33 -75.72 -41.26
CA LEU D 383 -54.52 -74.38 -40.70
C LEU D 383 -55.66 -74.37 -39.71
N VAL D 384 -56.72 -75.12 -39.98
CA VAL D 384 -57.82 -75.22 -39.03
C VAL D 384 -57.34 -75.86 -37.75
N ASN D 385 -56.60 -76.96 -37.86
CA ASN D 385 -56.19 -77.69 -36.67
C ASN D 385 -55.13 -76.92 -35.90
N ILE D 386 -54.21 -76.24 -36.59
CA ILE D 386 -53.22 -75.45 -35.88
C ILE D 386 -53.86 -74.25 -35.21
N SER D 387 -54.90 -73.68 -35.83
CA SER D 387 -55.48 -72.42 -35.37
C SER D 387 -54.38 -71.40 -35.16
N SER D 388 -54.42 -70.67 -34.06
CA SER D 388 -53.40 -69.70 -33.73
C SER D 388 -52.40 -70.23 -32.71
N ASN D 389 -52.44 -71.52 -32.40
CA ASN D 389 -51.57 -72.08 -31.36
C ASN D 389 -50.15 -72.13 -31.90
N THR D 390 -49.34 -71.16 -31.49
CA THR D 390 -47.95 -71.13 -31.92
C THR D 390 -47.21 -72.39 -31.52
N ALA D 391 -47.55 -72.95 -30.36
CA ALA D 391 -46.78 -74.08 -29.83
C ALA D 391 -46.79 -75.26 -30.79
N ALA D 392 -47.94 -75.54 -31.39
CA ALA D 392 -48.02 -76.67 -32.30
C ALA D 392 -47.50 -76.36 -33.69
N ALA D 393 -47.17 -75.10 -33.98
CA ALA D 393 -46.60 -74.76 -35.27
C ALA D 393 -45.08 -74.85 -35.27
N LEU D 394 -44.47 -74.56 -34.14
CA LEU D 394 -43.00 -74.60 -34.02
C LEU D 394 -42.38 -75.91 -34.50
N PRO D 395 -42.91 -77.09 -34.16
CA PRO D 395 -42.18 -78.32 -34.51
C PRO D 395 -41.86 -78.46 -35.98
N LEU D 396 -42.74 -77.97 -36.86
CA LEU D 396 -42.46 -78.08 -38.29
C LEU D 396 -41.15 -77.42 -38.65
N VAL D 397 -40.96 -76.17 -38.22
CA VAL D 397 -39.69 -75.49 -38.46
C VAL D 397 -38.56 -76.27 -37.79
N GLU D 398 -38.81 -76.79 -36.60
CA GLU D 398 -37.78 -77.53 -35.90
C GLU D 398 -37.32 -78.74 -36.71
N ALA D 399 -38.27 -79.51 -37.22
CA ALA D 399 -37.91 -80.71 -37.98
C ALA D 399 -37.15 -80.33 -39.24
N LEU D 400 -37.65 -79.34 -39.98
CA LEU D 400 -37.02 -78.97 -41.23
C LEU D 400 -35.59 -78.49 -41.00
N SER D 401 -35.39 -77.68 -39.96
CA SER D 401 -34.04 -77.24 -39.63
C SER D 401 -33.15 -78.41 -39.30
N THR D 402 -33.68 -79.39 -38.55
CA THR D 402 -32.91 -80.56 -38.20
C THR D 402 -32.44 -81.29 -39.45
N LEU D 403 -33.35 -81.48 -40.40
CA LEU D 403 -32.96 -82.13 -41.65
C LEU D 403 -31.89 -81.32 -42.37
N LEU D 404 -32.07 -80.00 -42.42
CA LEU D 404 -31.10 -79.15 -43.10
C LEU D 404 -29.70 -79.35 -42.54
N ARG D 405 -29.58 -79.32 -41.22
CA ARG D 405 -28.27 -79.51 -40.61
C ARG D 405 -27.71 -80.89 -40.92
N SER D 406 -28.55 -81.91 -40.88
CA SER D 406 -28.10 -83.25 -41.17
C SER D 406 -27.66 -83.43 -42.62
N VAL D 407 -27.97 -82.48 -43.49
CA VAL D 407 -27.77 -82.63 -44.92
C VAL D 407 -26.68 -81.70 -45.44
N THR D 408 -26.63 -80.47 -44.96
CA THR D 408 -25.79 -79.46 -45.58
C THR D 408 -24.32 -79.84 -45.50
N PRO D 409 -23.53 -79.46 -46.51
CA PRO D 409 -22.08 -79.59 -46.42
C PRO D 409 -21.39 -78.43 -45.74
N LEU D 410 -22.11 -77.34 -45.50
CA LEU D 410 -21.51 -76.16 -44.90
C LEU D 410 -21.06 -76.45 -43.49
N VAL D 411 -19.93 -75.88 -43.10
CA VAL D 411 -19.36 -76.05 -41.77
C VAL D 411 -19.15 -74.68 -41.15
N LEU D 412 -19.59 -74.53 -39.91
CA LEU D 412 -19.48 -73.27 -39.19
C LEU D 412 -18.34 -73.37 -38.18
N ASP D 413 -17.41 -72.43 -38.26
CA ASP D 413 -16.27 -72.44 -37.36
C ASP D 413 -15.71 -71.03 -37.19
N PRO D 414 -15.82 -70.44 -36.01
CA PRO D 414 -15.35 -69.06 -35.80
C PRO D 414 -13.88 -68.94 -35.51
N THR D 415 -13.08 -70.00 -35.71
CA THR D 415 -11.68 -69.95 -35.30
C THR D 415 -10.92 -68.88 -36.08
N VAL D 416 -11.15 -68.80 -37.39
CA VAL D 416 -10.45 -67.80 -38.19
C VAL D 416 -10.89 -66.41 -37.78
N LEU D 417 -12.20 -66.22 -37.62
CA LEU D 417 -12.72 -64.94 -37.16
C LEU D 417 -12.09 -64.57 -35.82
N THR D 418 -11.95 -65.54 -34.92
CA THR D 418 -11.34 -65.27 -33.63
C THR D 418 -9.92 -64.75 -33.80
N ASN D 419 -9.13 -65.42 -34.64
CA ASN D 419 -7.75 -65.00 -34.83
C ASN D 419 -7.67 -63.60 -35.40
N ALA D 420 -8.51 -63.31 -36.39
CA ALA D 420 -8.51 -61.97 -36.97
C ALA D 420 -8.87 -60.93 -35.92
N ILE D 421 -9.86 -61.22 -35.08
CA ILE D 421 -10.25 -60.28 -34.04
C ILE D 421 -9.15 -60.12 -33.02
N THR D 422 -8.60 -61.24 -32.54
CA THR D 422 -7.69 -61.20 -31.40
C THR D 422 -6.41 -60.43 -31.72
N THR D 423 -5.94 -60.51 -32.96
CA THR D 423 -4.70 -59.81 -33.29
C THR D 423 -4.93 -58.31 -33.45
N ILE D 424 -6.08 -57.90 -33.98
CA ILE D 424 -6.34 -56.47 -34.14
C ILE D 424 -6.79 -55.86 -32.82
N SER D 425 -7.66 -56.55 -32.11
CA SER D 425 -7.89 -56.20 -30.72
C SER D 425 -6.63 -56.49 -29.93
N GLU D 426 -6.56 -55.93 -28.72
CA GLU D 426 -5.41 -56.21 -27.88
C GLU D 426 -5.58 -57.46 -27.04
N SER D 427 -6.82 -57.96 -26.90
CA SER D 427 -7.10 -59.24 -26.24
C SER D 427 -6.43 -59.31 -24.86
N THR D 428 -6.63 -58.25 -24.08
CA THR D 428 -5.89 -58.04 -22.84
C THR D 428 -6.68 -58.36 -21.58
N THR D 429 -7.91 -58.87 -21.70
CA THR D 429 -8.87 -58.80 -20.60
C THR D 429 -9.00 -57.37 -20.10
N GLN D 430 -8.85 -56.44 -21.05
CA GLN D 430 -9.01 -55.01 -20.84
C GLN D 430 -9.74 -54.51 -22.09
N THR D 431 -9.73 -53.20 -22.32
CA THR D 431 -10.52 -52.59 -23.39
C THR D 431 -12.00 -52.92 -23.18
N ILE D 432 -12.53 -52.41 -22.07
CA ILE D 432 -13.92 -52.59 -21.71
C ILE D 432 -14.85 -51.99 -22.76
N SER D 433 -14.32 -51.14 -23.64
CA SER D 433 -15.01 -50.70 -24.84
C SER D 433 -15.35 -51.93 -25.68
N PRO D 434 -16.19 -51.79 -26.73
CA PRO D 434 -16.91 -52.98 -27.26
C PRO D 434 -16.09 -54.21 -27.59
N ILE D 435 -14.76 -54.14 -27.54
CA ILE D 435 -13.97 -55.37 -27.55
C ILE D 435 -14.53 -56.32 -26.49
N SER D 436 -14.92 -55.76 -25.35
CA SER D 436 -15.69 -56.53 -24.37
C SER D 436 -16.96 -57.09 -25.00
N GLU D 437 -17.72 -56.24 -25.67
CA GLU D 437 -19.02 -56.65 -26.19
C GLU D 437 -18.87 -57.73 -27.25
N ILE D 438 -18.06 -57.45 -28.28
CA ILE D 438 -17.99 -58.38 -29.41
C ILE D 438 -17.38 -59.71 -28.97
N LEU D 439 -16.43 -59.66 -28.03
CA LEU D 439 -15.92 -60.89 -27.46
C LEU D 439 -17.03 -61.67 -26.77
N ARG D 440 -17.89 -60.95 -26.05
CA ARG D 440 -19.02 -61.61 -25.37
C ARG D 440 -19.88 -62.39 -26.36
N LEU D 441 -19.98 -61.89 -27.59
CA LEU D 441 -20.72 -62.61 -28.62
C LEU D 441 -19.84 -63.54 -29.42
N LEU D 442 -18.54 -63.28 -29.48
CA LEU D 442 -17.65 -64.14 -30.27
C LEU D 442 -17.40 -65.49 -29.60
N GLN D 443 -17.38 -65.52 -28.27
CA GLN D 443 -16.99 -66.73 -27.56
C GLN D 443 -17.94 -67.88 -27.91
N PRO D 444 -17.45 -69.12 -27.90
CA PRO D 444 -18.19 -70.22 -28.52
C PRO D 444 -19.55 -70.47 -27.87
N MET D 445 -20.48 -70.94 -28.68
CA MET D 445 -21.83 -71.27 -28.26
C MET D 445 -22.10 -72.75 -28.51
N GLY D 446 -22.69 -73.41 -27.54
CA GLY D 446 -23.05 -74.80 -27.67
C GLY D 446 -24.38 -75.07 -28.33
N ASN D 447 -25.04 -74.03 -28.83
CA ASN D 447 -26.36 -74.15 -29.41
C ASN D 447 -26.34 -74.61 -30.86
N ASP D 448 -25.16 -74.86 -31.43
CA ASP D 448 -25.04 -75.26 -32.82
C ASP D 448 -25.62 -74.22 -33.77
N TYR D 449 -25.65 -72.97 -33.30
CA TYR D 449 -26.17 -71.86 -34.09
C TYR D 449 -27.58 -72.17 -34.60
N ALA D 450 -28.41 -72.72 -33.71
CA ALA D 450 -29.74 -73.14 -34.11
C ALA D 450 -30.54 -71.98 -34.67
N ALA D 451 -30.30 -70.77 -34.15
CA ALA D 451 -31.03 -69.61 -34.65
C ALA D 451 -30.85 -69.44 -36.15
N PHE D 452 -29.62 -69.62 -36.62
CA PHE D 452 -29.34 -69.47 -38.04
C PHE D 452 -30.18 -70.43 -38.86
N TRP D 453 -30.20 -71.70 -38.48
CA TRP D 453 -30.95 -72.68 -39.24
C TRP D 453 -32.45 -72.43 -39.15
N LYS D 454 -32.92 -71.96 -37.99
CA LYS D 454 -34.33 -71.69 -37.84
C LYS D 454 -34.81 -70.68 -38.87
N CYS D 455 -34.02 -69.64 -39.11
CA CYS D 455 -34.39 -68.64 -40.11
C CYS D 455 -34.59 -69.29 -41.47
N ILE D 456 -33.61 -70.10 -41.90
CA ILE D 456 -33.70 -70.72 -43.21
C ILE D 456 -34.92 -71.60 -43.30
N ALA D 457 -35.18 -72.39 -42.26
CA ALA D 457 -36.35 -73.24 -42.26
C ALA D 457 -37.63 -72.42 -42.34
N SER D 458 -37.69 -71.31 -41.60
CA SER D 458 -38.90 -70.50 -41.58
C SER D 458 -39.24 -69.96 -42.96
N TRP D 459 -38.23 -69.77 -43.82
CA TRP D 459 -38.51 -69.29 -45.17
C TRP D 459 -39.48 -70.21 -45.88
N ALA D 460 -39.28 -71.52 -45.75
CA ALA D 460 -40.15 -72.46 -46.42
C ALA D 460 -41.54 -72.51 -45.82
N TYR D 461 -41.76 -71.88 -44.67
CA TYR D 461 -43.06 -71.92 -44.03
C TYR D 461 -43.57 -70.53 -43.67
N ASN D 462 -43.05 -69.49 -44.30
CA ASN D 462 -43.56 -68.16 -44.03
C ASN D 462 -45.03 -68.08 -44.37
N GLY D 463 -45.74 -67.23 -43.66
CA GLY D 463 -47.19 -67.23 -43.70
C GLY D 463 -47.82 -68.16 -42.70
N LEU D 464 -47.06 -69.10 -42.17
CA LEU D 464 -47.47 -69.91 -41.03
C LEU D 464 -46.72 -69.56 -39.76
N VAL D 465 -45.47 -69.13 -39.90
CA VAL D 465 -44.67 -68.67 -38.77
C VAL D 465 -43.59 -67.77 -39.31
N THR D 466 -43.31 -66.69 -38.59
CA THR D 466 -42.34 -65.70 -39.02
C THR D 466 -41.27 -65.52 -37.95
N THR D 467 -40.01 -65.56 -38.37
CA THR D 467 -38.92 -65.24 -37.48
C THR D 467 -38.83 -63.72 -37.32
N VAL D 468 -38.60 -63.29 -36.09
CA VAL D 468 -38.46 -61.87 -35.80
C VAL D 468 -37.22 -61.66 -34.95
N LEU D 469 -36.63 -60.48 -35.09
CA LEU D 469 -35.53 -60.11 -34.22
C LEU D 469 -36.02 -60.05 -32.78
N SER D 470 -35.29 -60.72 -31.89
CA SER D 470 -35.73 -60.80 -30.50
C SER D 470 -35.81 -59.42 -29.89
N GLU D 471 -36.86 -59.20 -29.09
CA GLU D 471 -37.11 -57.87 -28.53
C GLU D 471 -35.91 -57.36 -27.75
N ASP D 472 -35.27 -58.21 -26.97
CA ASP D 472 -34.16 -57.79 -26.14
C ASP D 472 -32.94 -57.37 -26.95
N ALA D 473 -32.87 -57.75 -28.23
CA ALA D 473 -31.70 -57.43 -29.02
C ALA D 473 -31.59 -55.95 -29.34
N PHE D 474 -32.70 -55.24 -29.39
CA PHE D 474 -32.68 -53.83 -29.74
C PHE D 474 -32.03 -53.01 -28.63
N PRO D 475 -31.39 -51.90 -28.97
CA PRO D 475 -30.94 -50.97 -27.95
C PRO D 475 -32.11 -50.17 -27.39
N ASP D 476 -31.89 -49.63 -26.19
CA ASP D 476 -32.89 -48.76 -25.59
C ASP D 476 -33.07 -47.52 -26.45
N SER D 477 -34.33 -47.24 -26.80
CA SER D 477 -34.62 -46.11 -27.67
C SER D 477 -34.27 -44.78 -27.02
N SER D 478 -34.16 -44.74 -25.70
CA SER D 478 -33.73 -43.52 -25.04
C SER D 478 -32.21 -43.36 -25.04
N GLN D 479 -31.48 -44.40 -25.40
CA GLN D 479 -30.03 -44.35 -25.36
C GLN D 479 -29.50 -43.55 -26.54
N SER D 480 -28.32 -42.96 -26.35
CA SER D 480 -27.69 -42.18 -27.40
C SER D 480 -26.75 -43.05 -28.23
N ILE D 481 -26.44 -42.55 -29.43
CA ILE D 481 -25.53 -43.25 -30.32
C ILE D 481 -24.13 -43.35 -29.72
N THR D 482 -23.77 -42.43 -28.83
CA THR D 482 -22.44 -42.46 -28.24
C THR D 482 -22.21 -43.71 -27.40
N HIS D 483 -23.28 -44.27 -26.84
CA HIS D 483 -23.15 -45.45 -26.00
C HIS D 483 -22.76 -46.62 -26.88
N LEU D 484 -21.46 -46.93 -26.90
CA LEU D 484 -20.89 -47.85 -27.88
C LEU D 484 -21.59 -49.20 -27.96
N PRO D 485 -21.92 -49.88 -26.86
CA PRO D 485 -22.61 -51.16 -27.00
C PRO D 485 -23.90 -51.05 -27.79
N SER D 486 -24.63 -49.95 -27.64
CA SER D 486 -25.82 -49.76 -28.44
C SER D 486 -25.48 -49.71 -29.92
N MET D 487 -24.40 -49.01 -30.27
CA MET D 487 -24.00 -48.91 -31.66
C MET D 487 -23.73 -50.28 -32.25
N TRP D 488 -23.01 -51.12 -31.51
CA TRP D 488 -22.70 -52.45 -32.02
C TRP D 488 -23.96 -53.29 -32.16
N LYS D 489 -24.94 -53.09 -31.28
CA LYS D 489 -26.20 -53.79 -31.42
C LYS D 489 -26.86 -53.44 -32.74
N CYS D 490 -26.90 -52.15 -33.07
CA CYS D 490 -27.47 -51.75 -34.35
C CYS D 490 -26.71 -52.37 -35.52
N LEU D 491 -25.39 -52.47 -35.38
CA LEU D 491 -24.61 -53.11 -36.42
C LEU D 491 -25.06 -54.55 -36.63
N PHE D 492 -25.21 -55.29 -35.54
CA PHE D 492 -25.65 -56.68 -35.65
C PHE D 492 -27.04 -56.77 -36.26
N LEU D 493 -27.95 -55.91 -35.78
CA LEU D 493 -29.32 -55.94 -36.30
C LEU D 493 -29.33 -55.68 -37.80
N THR D 494 -28.57 -54.68 -38.24
CA THR D 494 -28.54 -54.36 -39.66
C THR D 494 -27.99 -55.52 -40.47
N LEU D 495 -26.95 -56.18 -39.96
CA LEU D 495 -26.41 -57.32 -40.68
C LEU D 495 -27.41 -58.46 -40.76
N ALA D 496 -28.09 -58.75 -39.66
CA ALA D 496 -28.94 -59.93 -39.61
C ALA D 496 -30.32 -59.70 -40.21
N GLY D 497 -30.68 -58.45 -40.48
CA GLY D 497 -32.00 -58.10 -40.94
C GLY D 497 -32.57 -58.99 -42.03
N PRO D 498 -31.88 -59.05 -43.17
CA PRO D 498 -32.45 -59.79 -44.30
C PRO D 498 -32.67 -61.27 -44.03
N MET D 499 -32.04 -61.84 -43.02
CA MET D 499 -32.23 -63.26 -42.75
C MET D 499 -33.64 -63.55 -42.24
N THR D 500 -34.23 -62.63 -41.49
CA THR D 500 -35.55 -62.89 -40.92
C THR D 500 -36.62 -62.87 -41.99
N SER D 501 -37.72 -63.56 -41.69
CA SER D 501 -38.87 -63.61 -42.59
C SER D 501 -39.87 -62.49 -42.34
N ASP D 502 -39.69 -61.72 -41.28
CA ASP D 502 -40.61 -60.63 -40.96
C ASP D 502 -40.56 -59.58 -42.06
N PRO D 503 -41.68 -59.28 -42.72
CA PRO D 503 -41.66 -58.25 -43.76
C PRO D 503 -41.31 -56.87 -43.22
N HIS D 504 -41.49 -56.62 -41.94
CA HIS D 504 -41.23 -55.31 -41.39
C HIS D 504 -39.80 -55.12 -40.93
N SER D 505 -38.95 -56.13 -41.10
CA SER D 505 -37.55 -55.99 -40.71
C SER D 505 -36.86 -54.78 -41.31
N PRO D 506 -37.04 -54.44 -42.59
CA PRO D 506 -36.40 -53.22 -43.11
C PRO D 506 -36.72 -51.99 -42.29
N VAL D 507 -37.99 -51.73 -42.00
CA VAL D 507 -38.35 -50.55 -41.24
C VAL D 507 -37.74 -50.62 -39.85
N LYS D 508 -37.88 -51.77 -39.19
CA LYS D 508 -37.36 -51.91 -37.84
C LYS D 508 -35.87 -51.64 -37.79
N VAL D 509 -35.14 -52.19 -38.75
CA VAL D 509 -33.71 -51.94 -38.82
C VAL D 509 -33.44 -50.45 -38.96
N PHE D 510 -34.19 -49.80 -39.84
CA PHE D 510 -33.97 -48.37 -40.06
C PHE D 510 -34.25 -47.59 -38.79
N MET D 511 -35.36 -47.89 -38.11
CA MET D 511 -35.75 -47.10 -36.95
C MET D 511 -34.74 -47.23 -35.82
N ALA D 512 -34.10 -48.39 -35.68
CA ALA D 512 -33.13 -48.58 -34.62
C ALA D 512 -32.05 -47.52 -34.68
N LEU D 513 -31.45 -47.33 -35.85
CA LEU D 513 -30.45 -46.29 -36.00
C LEU D 513 -31.07 -44.91 -35.79
N ALA D 514 -32.27 -44.70 -36.31
CA ALA D 514 -32.94 -43.42 -36.15
C ALA D 514 -33.12 -43.09 -34.68
N ASN D 515 -33.42 -44.10 -33.86
CA ASN D 515 -33.58 -43.87 -32.43
C ASN D 515 -32.29 -43.37 -31.81
N LEU D 516 -31.17 -44.04 -32.10
CA LEU D 516 -29.90 -43.62 -31.53
C LEU D 516 -29.47 -42.25 -32.03
N LEU D 517 -29.99 -41.83 -33.18
CA LEU D 517 -29.66 -40.54 -33.75
C LEU D 517 -30.76 -39.51 -33.50
N ALA D 518 -31.60 -39.73 -32.51
CA ALA D 518 -32.71 -38.82 -32.27
C ALA D 518 -32.22 -37.42 -31.97
N GLN D 519 -31.22 -37.30 -31.11
CA GLN D 519 -30.72 -35.98 -30.73
C GLN D 519 -29.88 -35.35 -31.85
N PRO D 520 -28.85 -36.03 -32.37
CA PRO D 520 -28.03 -35.37 -33.40
C PRO D 520 -28.72 -35.26 -34.74
N GLU D 521 -29.75 -36.05 -35.00
CA GLU D 521 -30.45 -36.03 -36.29
C GLU D 521 -31.95 -35.97 -36.06
N PRO D 522 -32.48 -34.80 -35.71
CA PRO D 522 -33.91 -34.67 -35.45
C PRO D 522 -34.76 -34.54 -36.71
N ILE D 523 -35.08 -35.67 -37.31
CA ILE D 523 -35.96 -35.68 -38.47
C ILE D 523 -37.40 -35.72 -38.00
N ALA D 524 -38.33 -35.45 -38.91
CA ALA D 524 -39.75 -35.47 -38.63
C ALA D 524 -40.37 -36.72 -39.24
N ILE D 525 -41.13 -37.47 -38.44
CA ILE D 525 -41.78 -38.68 -38.88
C ILE D 525 -43.24 -38.35 -39.16
N GLY D 526 -43.66 -38.50 -40.41
CA GLY D 526 -45.01 -38.13 -40.80
C GLY D 526 -46.05 -39.16 -40.44
N VAL D 527 -45.96 -39.73 -39.25
CA VAL D 527 -46.96 -40.69 -38.78
C VAL D 527 -47.54 -40.20 -37.47
N PRO D 528 -48.81 -39.81 -37.45
CA PRO D 528 -49.41 -39.36 -36.19
C PRO D 528 -49.38 -40.48 -35.16
N GLY D 529 -49.12 -40.11 -33.91
CA GLY D 529 -49.01 -41.07 -32.84
C GLY D 529 -47.67 -41.74 -32.71
N MET D 530 -46.66 -41.34 -33.49
CA MET D 530 -45.34 -41.92 -33.41
C MET D 530 -44.31 -40.81 -33.31
N HIS D 531 -43.11 -41.19 -32.86
CA HIS D 531 -42.03 -40.22 -32.71
C HIS D 531 -40.71 -40.91 -33.00
N GLN D 532 -39.70 -40.10 -33.28
CA GLN D 532 -38.37 -40.65 -33.57
C GLN D 532 -37.81 -41.42 -32.38
N THR D 533 -38.31 -41.16 -31.18
CA THR D 533 -37.86 -41.88 -29.99
C THR D 533 -38.66 -43.14 -29.72
N THR D 534 -39.65 -43.44 -30.54
CA THR D 534 -40.44 -44.64 -30.33
C THR D 534 -39.58 -45.88 -30.48
N PRO D 535 -39.75 -46.88 -29.62
CA PRO D 535 -38.97 -48.11 -29.77
C PRO D 535 -39.13 -48.71 -31.16
N ALA D 536 -37.99 -49.12 -31.74
CA ALA D 536 -37.99 -49.56 -33.12
C ALA D 536 -38.82 -50.83 -33.30
N SER D 537 -38.71 -51.76 -32.35
CA SER D 537 -39.39 -53.04 -32.48
C SER D 537 -40.90 -52.92 -32.50
N GLN D 538 -41.44 -51.74 -32.17
CA GLN D 538 -42.87 -51.55 -32.07
C GLN D 538 -43.56 -51.30 -33.40
N PHE D 539 -42.82 -50.99 -34.46
CA PHE D 539 -43.45 -50.40 -35.63
C PHE D 539 -44.35 -51.39 -36.36
N SER D 540 -43.79 -52.48 -36.86
CA SER D 540 -44.58 -53.56 -37.44
C SER D 540 -45.48 -53.09 -38.58
N HIS D 541 -46.78 -52.97 -38.31
CA HIS D 541 -47.85 -52.76 -39.29
C HIS D 541 -47.46 -51.78 -40.38
N PRO D 542 -47.77 -52.09 -41.65
CA PRO D 542 -47.29 -51.24 -42.74
C PRO D 542 -47.78 -49.82 -42.69
N GLY D 543 -48.94 -49.58 -42.08
CA GLY D 543 -49.50 -48.25 -42.07
C GLY D 543 -48.64 -47.21 -41.39
N VAL D 544 -47.69 -47.63 -40.56
CA VAL D 544 -46.86 -46.70 -39.82
C VAL D 544 -45.46 -46.61 -40.41
N TRP D 545 -45.27 -47.04 -41.65
CA TRP D 545 -43.98 -46.87 -42.28
C TRP D 545 -43.70 -45.39 -42.47
N PRO D 546 -42.60 -44.87 -41.94
CA PRO D 546 -42.33 -43.44 -42.06
C PRO D 546 -42.24 -43.03 -43.52
N PRO D 547 -42.88 -41.93 -43.89
CA PRO D 547 -42.82 -41.48 -45.29
C PRO D 547 -41.41 -41.24 -45.77
N GLY D 548 -40.54 -40.70 -44.91
CA GLY D 548 -39.16 -40.53 -45.29
C GLY D 548 -38.49 -41.83 -45.66
N PHE D 549 -38.81 -42.90 -44.92
CA PHE D 549 -38.31 -44.21 -45.30
C PHE D 549 -38.88 -44.64 -46.65
N LEU D 550 -40.16 -44.33 -46.90
CA LEU D 550 -40.75 -44.65 -48.19
C LEU D 550 -40.07 -43.87 -49.30
N ASN D 551 -39.74 -42.61 -49.05
CA ASN D 551 -39.09 -41.76 -50.04
C ASN D 551 -37.95 -41.01 -49.36
N PRO D 552 -36.71 -41.45 -49.57
CA PRO D 552 -35.57 -40.82 -48.87
C PRO D 552 -35.35 -39.37 -49.25
N GLN D 553 -35.93 -38.90 -50.34
CA GLN D 553 -35.73 -37.52 -50.75
C GLN D 553 -36.35 -36.52 -49.78
N LEU D 554 -37.18 -36.99 -48.85
CA LEU D 554 -37.76 -36.11 -47.85
C LEU D 554 -36.81 -35.76 -46.72
N ILE D 555 -35.57 -36.25 -46.78
CA ILE D 555 -34.59 -36.02 -45.72
C ILE D 555 -33.49 -35.14 -46.28
N ASN D 556 -33.31 -33.97 -45.69
CA ASN D 556 -32.31 -33.04 -46.21
C ASN D 556 -30.92 -33.60 -45.98
N PRO D 557 -30.10 -33.69 -47.03
CA PRO D 557 -28.75 -34.26 -46.85
C PRO D 557 -27.90 -33.46 -45.87
N GLN D 558 -27.88 -32.14 -46.00
CA GLN D 558 -27.05 -31.31 -45.15
C GLN D 558 -27.50 -31.35 -43.70
N GLN D 559 -28.77 -31.66 -43.45
CA GLN D 559 -29.27 -31.65 -42.09
C GLN D 559 -29.17 -33.01 -41.42
N ALA D 560 -29.48 -34.09 -42.14
CA ALA D 560 -29.42 -35.44 -41.61
C ALA D 560 -28.68 -36.32 -42.60
N PRO D 561 -27.36 -36.14 -42.72
CA PRO D 561 -26.61 -36.92 -43.72
C PRO D 561 -26.65 -38.41 -43.47
N LEU D 562 -26.36 -38.85 -42.25
CA LEU D 562 -26.27 -40.27 -41.98
C LEU D 562 -27.58 -40.97 -42.25
N LEU D 563 -28.69 -40.40 -41.78
CA LEU D 563 -29.98 -41.03 -41.98
C LEU D 563 -30.32 -41.15 -43.46
N ARG D 564 -30.08 -40.09 -44.22
CA ARG D 564 -30.38 -40.14 -45.65
C ARG D 564 -29.55 -41.22 -46.33
N ALA D 565 -28.26 -41.28 -46.00
CA ALA D 565 -27.42 -42.32 -46.60
C ALA D 565 -27.91 -43.70 -46.20
N PHE D 566 -28.27 -43.88 -44.93
CA PHE D 566 -28.70 -45.19 -44.47
C PHE D 566 -29.95 -45.65 -45.22
N ALA D 567 -30.91 -44.75 -45.38
CA ALA D 567 -32.13 -45.10 -46.11
C ALA D 567 -31.80 -45.49 -47.54
N GLU D 568 -30.99 -44.67 -48.22
CA GLU D 568 -30.63 -44.99 -49.59
C GLU D 568 -29.87 -46.30 -49.66
N HIS D 569 -28.99 -46.55 -48.69
CA HIS D 569 -28.28 -47.81 -48.65
C HIS D 569 -29.25 -48.98 -48.55
N ILE D 570 -30.24 -48.86 -47.67
CA ILE D 570 -31.21 -49.94 -47.50
C ILE D 570 -31.99 -50.14 -48.79
N ARG D 571 -32.52 -49.06 -49.36
CA ARG D 571 -33.35 -49.18 -50.54
C ARG D 571 -32.55 -49.69 -51.75
N ALA D 572 -31.23 -49.57 -51.71
CA ALA D 572 -30.42 -49.98 -52.84
C ALA D 572 -29.84 -51.38 -52.70
N ASN D 573 -29.60 -51.85 -51.49
CA ASN D 573 -28.87 -53.08 -51.28
C ASN D 573 -29.70 -54.20 -50.67
N TRP D 574 -30.90 -53.92 -50.18
CA TRP D 574 -31.71 -54.99 -49.63
C TRP D 574 -32.05 -55.99 -50.73
N PRO D 575 -31.86 -57.28 -50.50
CA PRO D 575 -31.90 -58.24 -51.60
C PRO D 575 -33.26 -58.35 -52.25
N GLN D 576 -33.24 -58.74 -53.51
CA GLN D 576 -34.44 -58.96 -54.32
C GLN D 576 -34.87 -60.42 -54.21
N PRO D 577 -36.12 -60.68 -53.83
CA PRO D 577 -36.59 -62.07 -53.76
C PRO D 577 -36.68 -62.70 -55.14
N SER D 578 -36.59 -64.02 -55.15
CA SER D 578 -36.68 -64.78 -56.39
C SER D 578 -37.50 -66.04 -56.11
N GLU D 579 -37.46 -66.98 -57.06
CA GLU D 579 -38.24 -68.20 -56.93
C GLU D 579 -37.57 -69.31 -57.72
N PHE D 580 -38.00 -70.54 -57.46
CA PHE D 580 -37.48 -71.69 -58.18
C PHE D 580 -38.45 -72.85 -58.01
N GLY D 581 -38.41 -73.76 -58.97
CA GLY D 581 -39.30 -74.91 -58.94
C GLY D 581 -38.81 -76.00 -58.02
N TYR D 582 -39.66 -77.01 -57.85
CA TYR D 582 -39.36 -78.13 -56.97
C TYR D 582 -40.32 -79.26 -57.31
N GLY D 583 -40.17 -80.37 -56.60
CA GLY D 583 -41.11 -81.46 -56.74
C GLY D 583 -41.06 -82.10 -58.11
N SER D 584 -42.15 -82.78 -58.44
CA SER D 584 -42.27 -83.47 -59.72
C SER D 584 -43.65 -83.18 -60.31
N THR D 585 -43.68 -82.98 -61.63
CA THR D 585 -44.94 -82.71 -62.29
C THR D 585 -45.89 -83.90 -62.25
N LEU D 586 -45.41 -85.08 -61.87
CA LEU D 586 -46.24 -86.26 -61.80
C LEU D 586 -47.07 -86.32 -60.53
N GLN D 587 -47.01 -85.29 -59.68
CA GLN D 587 -47.70 -85.30 -58.40
C GLN D 587 -48.46 -84.00 -58.22
N GLY D 588 -49.39 -84.02 -57.26
CA GLY D 588 -50.11 -82.82 -56.91
C GLY D 588 -49.20 -81.78 -56.30
N SER D 589 -49.64 -80.53 -56.40
CA SER D 589 -48.76 -79.42 -56.02
C SER D 589 -48.90 -79.03 -54.55
N ALA D 590 -50.11 -79.00 -54.02
CA ALA D 590 -50.43 -78.60 -52.65
C ALA D 590 -50.21 -77.13 -52.38
N ASN D 591 -49.79 -76.35 -53.37
CA ASN D 591 -49.61 -74.92 -53.15
C ASN D 591 -50.95 -74.20 -53.19
N LEU D 592 -51.06 -73.15 -52.39
CA LEU D 592 -52.29 -72.39 -52.27
C LEU D 592 -52.21 -71.05 -53.02
N PHE D 593 -51.21 -70.25 -52.70
CA PHE D 593 -51.09 -68.91 -53.25
C PHE D 593 -50.08 -68.84 -54.38
N ILE D 594 -48.86 -69.31 -54.15
CA ILE D 594 -47.81 -69.28 -55.15
C ILE D 594 -48.17 -70.27 -56.25
N PRO D 595 -47.65 -70.12 -57.47
CA PRO D 595 -47.98 -71.04 -58.56
C PRO D 595 -47.60 -72.46 -58.21
N PRO D 596 -48.25 -73.44 -58.82
CA PRO D 596 -47.98 -74.84 -58.48
C PRO D 596 -46.55 -75.23 -58.79
N ASN D 597 -46.00 -76.10 -57.94
CA ASN D 597 -44.65 -76.64 -58.10
C ASN D 597 -43.60 -75.54 -58.18
N ARG D 598 -43.81 -74.47 -57.40
CA ARG D 598 -42.88 -73.36 -57.36
C ARG D 598 -42.71 -72.93 -55.90
N MET D 599 -41.58 -72.29 -55.63
CA MET D 599 -41.29 -71.80 -54.29
C MET D 599 -40.60 -70.46 -54.37
N VAL D 600 -40.96 -69.56 -53.46
CA VAL D 600 -40.35 -68.24 -53.41
C VAL D 600 -39.10 -68.31 -52.54
N TYR D 601 -38.25 -67.29 -52.66
CA TYR D 601 -36.98 -67.31 -51.98
C TYR D 601 -36.53 -65.88 -51.70
N PRO D 602 -36.19 -65.56 -50.45
CA PRO D 602 -35.84 -64.17 -50.14
C PRO D 602 -34.66 -63.64 -50.92
N TRP D 603 -33.70 -64.49 -51.23
CA TRP D 603 -32.50 -64.08 -51.93
C TRP D 603 -32.55 -64.54 -53.38
N PRO D 604 -31.81 -63.87 -54.27
CA PRO D 604 -31.69 -64.37 -55.64
C PRO D 604 -30.98 -65.71 -55.66
N ASN D 605 -31.39 -66.57 -56.58
CA ASN D 605 -30.84 -67.90 -56.70
C ASN D 605 -30.32 -68.12 -58.11
N GLN D 606 -29.21 -68.83 -58.21
CA GLN D 606 -28.58 -69.15 -59.48
C GLN D 606 -28.09 -70.58 -59.44
N PRO D 607 -27.88 -71.20 -60.60
CA PRO D 607 -27.34 -72.56 -60.63
C PRO D 607 -25.99 -72.62 -59.94
N LEU D 608 -25.53 -73.85 -59.71
CA LEU D 608 -24.29 -74.07 -58.98
C LEU D 608 -23.11 -73.97 -59.95
N PRO D 609 -22.28 -72.96 -59.83
CA PRO D 609 -21.15 -72.83 -60.76
C PRO D 609 -19.91 -73.53 -60.24
N ARG D 610 -18.81 -73.42 -60.99
CA ARG D 610 -17.53 -73.87 -60.48
C ARG D 610 -17.13 -73.01 -59.29
N LEU D 611 -16.53 -73.64 -58.28
CA LEU D 611 -16.22 -72.92 -57.06
C LEU D 611 -14.92 -72.13 -57.17
N THR D 612 -14.79 -71.33 -58.22
CA THR D 612 -13.59 -70.51 -58.37
C THR D 612 -13.77 -69.24 -57.54
N VAL D 613 -12.86 -68.29 -57.72
CA VAL D 613 -12.82 -67.15 -56.81
C VAL D 613 -13.87 -66.10 -57.19
N ALA D 614 -14.15 -65.93 -58.48
CA ALA D 614 -15.09 -64.90 -58.88
C ALA D 614 -16.46 -65.08 -58.25
N PRO D 615 -17.09 -66.26 -58.26
CA PRO D 615 -18.39 -66.43 -57.60
C PRO D 615 -18.27 -66.62 -56.10
N THR D 616 -17.47 -65.77 -55.46
CA THR D 616 -17.27 -65.88 -54.03
C THR D 616 -17.50 -64.54 -53.35
N TYR D 617 -17.22 -63.46 -54.06
CA TYR D 617 -17.37 -62.12 -53.51
C TYR D 617 -18.38 -61.29 -54.30
N ASP D 618 -19.23 -61.94 -55.07
CA ASP D 618 -20.21 -61.26 -55.91
C ASP D 618 -21.64 -61.52 -55.50
N SER D 619 -21.88 -62.41 -54.55
CA SER D 619 -23.24 -62.71 -54.14
C SER D 619 -23.89 -61.46 -53.54
N ALA D 620 -25.20 -61.36 -53.73
CA ALA D 620 -25.95 -60.24 -53.17
C ALA D 620 -25.70 -60.12 -51.68
N MET D 621 -25.63 -61.26 -50.98
CA MET D 621 -25.40 -61.23 -49.55
C MET D 621 -24.04 -60.62 -49.23
N SER D 622 -23.01 -61.03 -49.97
CA SER D 622 -21.69 -60.44 -49.76
C SER D 622 -21.73 -58.95 -50.01
N ASN D 623 -22.44 -58.53 -51.06
CA ASN D 623 -22.61 -57.11 -51.31
C ASN D 623 -23.30 -56.43 -50.14
N TRP D 624 -24.34 -57.07 -49.60
CA TRP D 624 -25.03 -56.49 -48.46
C TRP D 624 -24.10 -56.32 -47.28
N ILE D 625 -23.29 -57.34 -47.00
CA ILE D 625 -22.38 -57.26 -45.86
C ILE D 625 -21.35 -56.16 -46.08
N SER D 626 -20.75 -56.13 -47.27
CA SER D 626 -19.68 -55.18 -47.53
C SER D 626 -20.18 -53.75 -47.41
N THR D 627 -21.31 -53.45 -48.04
CA THR D 627 -21.85 -52.10 -47.98
C THR D 627 -22.22 -51.72 -46.55
N THR D 628 -22.84 -52.64 -45.82
CA THR D 628 -23.25 -52.34 -44.45
C THR D 628 -22.04 -51.99 -43.59
N ILE D 629 -21.00 -52.82 -43.64
CA ILE D 629 -19.81 -52.56 -42.84
C ILE D 629 -19.20 -51.23 -43.24
N ALA D 630 -19.09 -50.99 -44.55
CA ALA D 630 -18.53 -49.74 -45.02
C ALA D 630 -19.30 -48.55 -44.47
N PHE D 631 -20.63 -48.64 -44.49
CA PHE D 631 -21.44 -47.54 -43.98
C PHE D 631 -21.17 -47.31 -42.50
N PHE D 632 -21.12 -48.38 -41.71
CA PHE D 632 -20.93 -48.22 -40.28
C PHE D 632 -19.55 -47.65 -39.97
N ILE D 633 -18.54 -48.04 -40.74
CA ILE D 633 -17.22 -47.48 -40.57
C ILE D 633 -17.27 -45.97 -40.76
N ARG D 634 -18.05 -45.52 -41.75
CA ARG D 634 -18.25 -44.09 -41.92
C ARG D 634 -18.93 -43.49 -40.71
N VAL D 635 -19.89 -44.20 -40.13
CA VAL D 635 -20.63 -43.68 -38.98
C VAL D 635 -19.70 -43.49 -37.79
N VAL D 636 -18.94 -44.53 -37.46
CA VAL D 636 -18.13 -44.49 -36.25
C VAL D 636 -17.08 -43.39 -36.33
N ASN D 637 -16.70 -42.97 -37.53
CA ASN D 637 -15.75 -41.89 -37.69
C ASN D 637 -16.42 -40.53 -37.73
N SER D 638 -17.70 -40.45 -37.41
CA SER D 638 -18.37 -39.16 -37.42
C SER D 638 -17.93 -38.32 -36.23
N VAL D 639 -18.10 -37.01 -36.38
CA VAL D 639 -17.73 -36.08 -35.32
C VAL D 639 -18.60 -36.25 -34.09
N ASN D 640 -19.78 -36.86 -34.24
CA ASN D 640 -20.68 -36.95 -33.10
C ASN D 640 -20.17 -37.90 -32.04
N MET D 641 -19.40 -38.91 -32.43
CA MET D 641 -18.93 -39.93 -31.51
C MET D 641 -17.79 -39.44 -30.62
N THR D 642 -17.29 -38.23 -30.84
CA THR D 642 -16.14 -37.75 -30.09
C THR D 642 -16.42 -37.63 -28.61
N ALA D 643 -17.69 -37.63 -28.21
CA ALA D 643 -18.02 -37.51 -26.80
C ALA D 643 -17.37 -38.61 -25.98
N THR D 644 -17.22 -39.81 -26.54
CA THR D 644 -16.65 -40.90 -25.79
C THR D 644 -15.71 -41.77 -26.63
N VAL D 645 -15.22 -41.28 -27.76
CA VAL D 645 -14.36 -42.06 -28.64
C VAL D 645 -13.14 -41.20 -28.97
N ASN D 646 -12.05 -41.40 -28.25
CA ASN D 646 -10.80 -40.76 -28.61
C ASN D 646 -10.23 -41.41 -29.87
N ASP D 647 -9.09 -40.90 -30.32
CA ASP D 647 -8.53 -41.38 -31.57
C ASP D 647 -8.18 -42.86 -31.49
N LEU D 648 -7.57 -43.27 -30.37
CA LEU D 648 -7.16 -44.67 -30.25
C LEU D 648 -8.35 -45.60 -30.35
N THR D 649 -9.44 -45.27 -29.64
CA THR D 649 -10.64 -46.07 -29.75
C THR D 649 -11.17 -46.05 -31.18
N ARG D 650 -11.16 -44.87 -31.80
CA ARG D 650 -11.72 -44.75 -33.14
C ARG D 650 -11.02 -45.69 -34.11
N ARG D 651 -9.68 -45.73 -34.06
CA ARG D 651 -8.96 -46.64 -34.93
C ARG D 651 -9.24 -48.08 -34.57
N THR D 652 -9.31 -48.38 -33.27
CA THR D 652 -9.56 -49.75 -32.84
C THR D 652 -10.89 -50.24 -33.39
N MET D 653 -11.94 -49.44 -33.26
CA MET D 653 -13.23 -49.82 -33.81
C MET D 653 -13.12 -50.02 -35.31
N THR D 654 -12.45 -49.10 -35.99
CA THR D 654 -12.29 -49.23 -37.43
C THR D 654 -11.57 -50.50 -37.80
N GLY D 655 -10.51 -50.83 -37.06
CA GLY D 655 -9.78 -52.05 -37.34
C GLY D 655 -10.64 -53.28 -37.16
N VAL D 656 -11.45 -53.31 -36.11
CA VAL D 656 -12.30 -54.46 -35.87
C VAL D 656 -13.32 -54.61 -37.00
N MET D 657 -13.96 -53.51 -37.37
CA MET D 657 -14.99 -53.58 -38.39
C MET D 657 -14.42 -54.07 -39.71
N THR D 658 -13.31 -53.48 -40.15
CA THR D 658 -12.73 -53.93 -41.41
C THR D 658 -12.26 -55.36 -41.31
N ALA D 659 -11.86 -55.80 -40.12
CA ALA D 659 -11.51 -57.20 -39.94
C ALA D 659 -12.71 -58.09 -40.20
N MET D 660 -13.87 -57.69 -39.69
CA MET D 660 -15.09 -58.47 -39.94
C MET D 660 -15.41 -58.48 -41.42
N ARG D 661 -15.22 -57.34 -42.09
CA ARG D 661 -15.54 -57.28 -43.51
C ARG D 661 -14.59 -58.12 -44.35
N GLN D 662 -13.34 -58.24 -43.94
CA GLN D 662 -12.34 -58.86 -44.80
C GLN D 662 -12.31 -60.37 -44.70
N VAL D 663 -12.70 -60.93 -43.56
CA VAL D 663 -12.55 -62.37 -43.37
C VAL D 663 -13.43 -63.11 -44.37
N LYS D 664 -12.86 -64.17 -44.97
CA LYS D 664 -13.57 -64.94 -45.98
C LYS D 664 -14.61 -65.83 -45.33
N THR D 665 -15.74 -65.99 -46.02
CA THR D 665 -16.80 -66.87 -45.55
C THR D 665 -17.53 -67.45 -46.75
N MET D 666 -17.85 -68.74 -46.67
CA MET D 666 -18.57 -69.40 -47.75
C MET D 666 -20.08 -69.24 -47.65
N THR D 667 -20.58 -68.73 -46.51
CA THR D 667 -22.02 -68.66 -46.29
C THR D 667 -22.77 -67.96 -47.42
N PRO D 668 -22.36 -66.78 -47.89
CA PRO D 668 -23.12 -66.18 -49.00
C PRO D 668 -23.16 -67.04 -50.24
N PHE D 669 -22.03 -67.68 -50.56
CA PHE D 669 -22.02 -68.55 -51.73
C PHE D 669 -22.97 -69.72 -51.56
N TYR D 670 -22.99 -70.31 -50.37
CA TYR D 670 -23.88 -71.43 -50.11
C TYR D 670 -25.34 -71.02 -50.29
N ILE D 671 -25.69 -69.83 -49.80
CA ILE D 671 -27.08 -69.40 -49.85
C ILE D 671 -27.51 -69.14 -51.29
N GLN D 672 -26.67 -68.49 -52.08
CA GLN D 672 -27.09 -68.13 -53.41
C GLN D 672 -27.07 -69.32 -54.37
N HIS D 673 -26.17 -70.29 -54.14
CA HIS D 673 -25.96 -71.32 -55.13
C HIS D 673 -26.26 -72.74 -54.67
N MET D 674 -26.27 -73.00 -53.36
CA MET D 674 -26.42 -74.36 -52.88
C MET D 674 -27.71 -74.56 -52.09
N CYS D 675 -27.99 -73.66 -51.14
CA CYS D 675 -29.15 -73.82 -50.27
C CYS D 675 -30.46 -74.05 -51.02
N PRO D 676 -30.79 -73.31 -52.10
CA PRO D 676 -32.06 -73.57 -52.78
C PRO D 676 -32.20 -75.00 -53.26
N THR D 677 -31.10 -75.62 -53.70
CA THR D 677 -31.17 -77.01 -54.12
C THR D 677 -31.63 -77.90 -52.98
N GLU D 678 -31.02 -77.73 -51.80
CA GLU D 678 -31.41 -78.54 -50.66
C GLU D 678 -32.85 -78.29 -50.26
N LEU D 679 -33.27 -77.03 -50.25
CA LEU D 679 -34.64 -76.72 -49.87
C LEU D 679 -35.62 -77.38 -50.83
N SER D 680 -35.36 -77.31 -52.13
CA SER D 680 -36.25 -77.91 -53.10
C SER D 680 -36.37 -79.41 -52.87
N VAL D 681 -35.25 -80.06 -52.58
CA VAL D 681 -35.29 -81.51 -52.35
C VAL D 681 -36.07 -81.81 -51.09
N LEU D 682 -35.77 -81.11 -49.99
CA LEU D 682 -36.44 -81.40 -48.73
C LEU D 682 -37.92 -81.09 -48.81
N ALA D 683 -38.32 -80.16 -49.67
CA ALA D 683 -39.72 -79.80 -49.75
C ALA D 683 -40.60 -80.92 -50.26
N SER D 684 -40.02 -81.97 -50.83
CA SER D 684 -40.79 -83.03 -51.44
C SER D 684 -40.84 -84.31 -50.60
N VAL D 685 -40.20 -84.33 -49.43
CA VAL D 685 -40.15 -85.53 -48.62
C VAL D 685 -40.96 -85.41 -47.34
N THR D 686 -41.14 -84.20 -46.81
CA THR D 686 -41.89 -84.04 -45.57
C THR D 686 -43.36 -84.34 -45.81
N VAL D 687 -44.02 -84.84 -44.76
CA VAL D 687 -45.46 -85.08 -44.83
C VAL D 687 -46.19 -83.77 -45.07
N THR D 688 -45.78 -82.71 -44.37
CA THR D 688 -46.42 -81.42 -44.51
C THR D 688 -45.70 -80.63 -45.59
N PRO D 689 -46.31 -80.35 -46.72
CA PRO D 689 -45.66 -79.57 -47.77
C PRO D 689 -45.49 -78.13 -47.34
N PRO D 690 -44.54 -77.41 -47.92
CA PRO D 690 -44.32 -76.02 -47.51
C PRO D 690 -45.55 -75.16 -47.76
N PHE D 691 -45.78 -74.23 -46.84
CA PHE D 691 -46.86 -73.25 -46.94
C PHE D 691 -46.23 -71.87 -46.98
N GLN D 692 -46.41 -71.16 -48.09
CA GLN D 692 -45.70 -69.92 -48.33
C GLN D 692 -46.63 -68.83 -48.81
N VAL D 693 -46.20 -67.60 -48.62
CA VAL D 693 -46.85 -66.41 -49.19
C VAL D 693 -45.76 -65.60 -49.87
N PRO D 694 -46.08 -64.84 -50.91
CA PRO D 694 -45.03 -64.16 -51.67
C PRO D 694 -44.32 -63.11 -50.84
N PHE D 695 -42.99 -63.13 -50.90
CA PHE D 695 -42.21 -62.06 -50.31
C PHE D 695 -42.42 -60.77 -51.08
N THR D 696 -42.35 -59.64 -50.37
CA THR D 696 -42.76 -58.37 -50.94
C THR D 696 -41.68 -57.30 -50.96
N ARG D 697 -40.53 -57.54 -50.32
CA ARG D 697 -39.47 -56.55 -50.21
C ARG D 697 -40.02 -55.23 -49.66
N LEU D 698 -39.99 -54.18 -50.46
CA LEU D 698 -40.27 -52.83 -49.96
C LEU D 698 -41.51 -52.20 -50.56
N VAL D 699 -42.30 -52.96 -51.32
CA VAL D 699 -43.51 -52.40 -51.93
C VAL D 699 -44.56 -52.30 -50.83
N GLN D 700 -44.81 -51.09 -50.35
CA GLN D 700 -45.72 -50.91 -49.22
C GLN D 700 -47.12 -51.38 -49.55
N ASN D 701 -47.61 -51.06 -50.74
CA ASN D 701 -48.97 -51.43 -51.10
C ASN D 701 -49.17 -52.93 -51.22
N ASP D 702 -48.10 -53.71 -51.28
CA ASP D 702 -48.20 -55.16 -51.41
C ASP D 702 -47.91 -55.89 -50.11
N VAL D 703 -47.73 -55.18 -49.01
CA VAL D 703 -47.45 -55.84 -47.74
C VAL D 703 -48.70 -56.55 -47.26
N ILE D 704 -48.52 -57.75 -46.74
CA ILE D 704 -49.61 -58.55 -46.21
C ILE D 704 -49.87 -58.14 -44.77
N THR D 705 -51.15 -57.97 -44.43
CA THR D 705 -51.53 -57.65 -43.07
C THR D 705 -52.15 -58.82 -42.31
N ASN D 706 -52.83 -59.73 -42.99
CA ASN D 706 -53.50 -60.81 -42.32
C ASN D 706 -53.56 -62.03 -43.23
N VAL D 707 -53.62 -63.21 -42.59
CA VAL D 707 -53.87 -64.47 -43.28
C VAL D 707 -54.96 -65.19 -42.52
N LEU D 708 -56.08 -65.45 -43.19
CA LEU D 708 -57.27 -65.93 -42.49
C LEU D 708 -57.89 -67.10 -43.24
N VAL D 709 -58.54 -67.97 -42.47
CA VAL D 709 -59.24 -69.13 -43.00
C VAL D 709 -60.73 -68.89 -42.85
N ALA D 710 -61.47 -69.08 -43.95
CA ALA D 710 -62.91 -68.85 -43.97
C ALA D 710 -63.62 -70.18 -44.07
N ARG D 711 -64.41 -70.50 -43.03
CA ARG D 711 -65.25 -71.69 -43.11
C ARG D 711 -66.44 -71.48 -44.03
N VAL D 712 -66.89 -70.24 -44.16
CA VAL D 712 -67.96 -69.87 -45.08
C VAL D 712 -67.56 -68.57 -45.76
N ASP D 713 -67.86 -68.47 -47.05
CA ASP D 713 -67.62 -67.22 -47.75
C ASP D 713 -68.36 -66.10 -47.03
N PRO D 714 -67.71 -64.97 -46.73
CA PRO D 714 -68.30 -64.01 -45.80
C PRO D 714 -69.67 -63.51 -46.22
N ALA D 715 -69.95 -63.44 -47.51
CA ALA D 715 -71.27 -62.99 -47.94
C ALA D 715 -72.37 -63.91 -47.43
N GLN D 716 -72.06 -65.19 -47.23
CA GLN D 716 -73.05 -66.15 -46.76
C GLN D 716 -73.03 -66.35 -45.26
N ARG D 717 -72.08 -65.75 -44.56
CA ARG D 717 -71.93 -66.03 -43.13
C ARG D 717 -73.10 -65.48 -42.34
N GLY D 718 -73.54 -66.25 -41.34
CA GLY D 718 -74.63 -65.80 -40.49
C GLY D 718 -74.25 -64.57 -39.68
N ASP D 719 -73.06 -64.58 -39.10
CA ASP D 719 -72.52 -63.42 -38.39
C ASP D 719 -71.04 -63.32 -38.72
N ALA D 720 -70.41 -62.24 -38.22
CA ALA D 720 -69.02 -61.96 -38.56
C ALA D 720 -68.14 -63.19 -38.31
N ALA D 721 -68.06 -63.62 -37.05
CA ALA D 721 -67.41 -64.88 -36.68
C ALA D 721 -66.06 -65.04 -37.38
N VAL D 722 -65.28 -63.97 -37.38
CA VAL D 722 -64.03 -63.94 -38.13
C VAL D 722 -62.99 -64.81 -37.45
N ASP D 723 -61.90 -65.12 -38.15
CA ASP D 723 -60.86 -65.96 -37.61
C ASP D 723 -60.24 -65.35 -36.37
N ILE D 724 -59.96 -66.21 -35.39
CA ILE D 724 -59.34 -65.78 -34.15
C ILE D 724 -57.98 -65.15 -34.39
N ARG D 725 -57.32 -65.54 -35.49
CA ARG D 725 -55.97 -65.03 -35.77
C ARG D 725 -55.94 -63.52 -35.87
N ALA D 726 -57.07 -62.90 -36.22
CA ALA D 726 -57.10 -61.46 -36.40
C ALA D 726 -56.73 -60.70 -35.14
N THR D 727 -56.82 -61.34 -33.98
CA THR D 727 -56.50 -60.69 -32.72
C THR D 727 -55.01 -60.55 -32.49
N HIS D 728 -54.17 -61.10 -33.38
CA HIS D 728 -52.74 -61.11 -33.17
C HIS D 728 -52.07 -59.96 -33.91
N ALA D 729 -50.97 -59.48 -33.34
CA ALA D 729 -50.27 -58.33 -33.91
C ALA D 729 -49.68 -58.67 -35.27
N THR D 730 -49.14 -59.87 -35.43
CA THR D 730 -48.55 -60.30 -36.69
C THR D 730 -49.44 -61.34 -37.34
N PHE D 731 -49.40 -61.39 -38.67
CA PHE D 731 -50.27 -62.29 -39.40
C PHE D 731 -49.94 -63.76 -39.18
N ALA D 732 -48.77 -64.07 -38.63
CA ALA D 732 -48.39 -65.45 -38.37
C ALA D 732 -47.72 -65.53 -37.02
N ALA D 733 -47.52 -66.75 -36.55
CA ALA D 733 -46.86 -66.97 -35.27
C ALA D 733 -45.45 -66.38 -35.30
N ALA D 734 -45.04 -65.80 -34.18
CA ALA D 734 -43.79 -65.08 -34.09
C ALA D 734 -42.74 -65.93 -33.39
N LEU D 735 -41.57 -66.03 -33.99
CA LEU D 735 -40.45 -66.77 -33.41
C LEU D 735 -39.26 -65.84 -33.23
N PRO D 736 -39.02 -65.36 -32.02
CA PRO D 736 -37.88 -64.46 -31.81
C PRO D 736 -36.57 -65.18 -31.97
N VAL D 737 -35.59 -64.49 -32.55
CA VAL D 737 -34.26 -65.04 -32.75
C VAL D 737 -33.23 -63.98 -32.40
N ASP D 738 -32.05 -64.44 -32.01
CA ASP D 738 -30.98 -63.53 -31.61
C ASP D 738 -30.10 -63.20 -32.81
N PRO D 739 -29.94 -61.92 -33.16
CA PRO D 739 -29.12 -61.60 -34.33
C PRO D 739 -27.67 -62.02 -34.19
N ALA D 740 -27.11 -61.95 -32.98
CA ALA D 740 -25.69 -62.20 -32.83
C ALA D 740 -25.32 -63.60 -33.28
N ALA D 741 -26.12 -64.59 -32.88
CA ALA D 741 -25.87 -65.96 -33.33
C ALA D 741 -25.94 -66.04 -34.85
N ILE D 742 -26.93 -65.37 -35.44
CA ILE D 742 -27.06 -65.36 -36.89
C ILE D 742 -25.84 -64.74 -37.53
N VAL D 743 -25.38 -63.63 -36.97
CA VAL D 743 -24.23 -62.94 -37.55
C VAL D 743 -23.01 -63.84 -37.55
N VAL D 744 -22.77 -64.52 -36.43
CA VAL D 744 -21.61 -65.40 -36.34
C VAL D 744 -21.64 -66.43 -37.45
N ALA D 745 -22.80 -67.09 -37.62
CA ALA D 745 -22.91 -68.09 -38.67
C ALA D 745 -22.64 -67.49 -40.04
N MET D 746 -23.10 -66.25 -40.27
CA MET D 746 -22.84 -65.60 -41.53
C MET D 746 -21.36 -65.41 -41.76
N LEU D 747 -20.63 -64.99 -40.73
CA LEU D 747 -19.25 -64.56 -40.92
C LEU D 747 -18.28 -65.72 -41.03
N CYS D 748 -18.60 -66.89 -40.50
CA CYS D 748 -17.69 -68.03 -40.54
C CYS D 748 -18.40 -69.21 -41.17
N GLY D 749 -18.27 -69.34 -42.49
CA GLY D 749 -18.78 -70.49 -43.21
C GLY D 749 -17.69 -71.13 -44.02
N GLN D 750 -17.43 -72.42 -43.78
CA GLN D 750 -16.29 -73.10 -44.37
C GLN D 750 -16.73 -74.41 -44.99
N THR D 751 -15.81 -75.00 -45.75
CA THR D 751 -16.06 -76.24 -46.47
C THR D 751 -14.91 -77.21 -46.25
N GLU D 752 -15.19 -78.49 -46.49
CA GLU D 752 -14.15 -79.48 -46.42
C GLU D 752 -13.22 -79.37 -47.63
N THR D 753 -12.10 -80.09 -47.55
CA THR D 753 -11.03 -79.90 -48.52
C THR D 753 -11.26 -80.62 -49.84
N ASN D 754 -12.20 -81.56 -49.91
CA ASN D 754 -12.42 -82.33 -51.12
C ASN D 754 -13.89 -82.38 -51.47
N LEU D 755 -14.58 -81.27 -51.27
CA LEU D 755 -16.03 -81.24 -51.46
C LEU D 755 -16.35 -81.37 -52.93
N ILE D 756 -16.80 -82.56 -53.33
CA ILE D 756 -17.40 -82.78 -54.65
C ILE D 756 -18.91 -82.70 -54.47
N PRO D 757 -19.57 -81.68 -55.01
CA PRO D 757 -21.00 -81.50 -54.73
C PRO D 757 -21.84 -82.71 -55.06
N SER D 758 -21.54 -83.38 -56.18
CA SER D 758 -22.32 -84.55 -56.56
C SER D 758 -22.19 -85.64 -55.51
N HIS D 759 -20.97 -85.96 -55.11
CA HIS D 759 -20.76 -87.04 -54.16
C HIS D 759 -21.43 -86.76 -52.83
N HIS D 760 -21.26 -85.53 -52.33
CA HIS D 760 -21.83 -85.20 -51.03
C HIS D 760 -23.35 -85.28 -51.05
N TYR D 761 -23.97 -84.66 -52.05
CA TYR D 761 -25.42 -84.60 -52.08
C TYR D 761 -26.02 -85.96 -52.36
N GLY D 762 -25.46 -86.71 -53.30
CA GLY D 762 -25.97 -88.03 -53.57
C GLY D 762 -25.94 -88.92 -52.35
N LYS D 763 -24.83 -88.88 -51.60
CA LYS D 763 -24.75 -89.64 -50.37
C LYS D 763 -25.73 -89.11 -49.33
N ALA D 764 -25.92 -87.80 -49.28
CA ALA D 764 -26.78 -87.22 -48.26
C ALA D 764 -28.25 -87.48 -48.53
N PHE D 765 -28.68 -87.39 -49.78
CA PHE D 765 -30.10 -87.45 -50.09
C PHE D 765 -30.65 -88.87 -50.12
N ALA D 766 -29.80 -89.87 -50.35
CA ALA D 766 -30.30 -91.23 -50.49
C ALA D 766 -31.12 -91.70 -49.31
N PRO D 767 -30.70 -91.54 -48.06
CA PRO D 767 -31.50 -92.07 -46.95
C PRO D 767 -32.90 -91.50 -46.89
N LEU D 768 -33.09 -90.24 -47.30
CA LEU D 768 -34.40 -89.64 -47.21
C LEU D 768 -35.41 -90.37 -48.07
N PHE D 769 -35.00 -90.76 -49.27
CA PHE D 769 -35.94 -91.43 -50.16
C PHE D 769 -36.23 -92.86 -49.74
N ALA D 770 -35.52 -93.39 -48.74
CA ALA D 770 -35.92 -94.65 -48.16
C ALA D 770 -37.18 -94.53 -47.30
N SER D 771 -37.65 -93.32 -47.05
CA SER D 771 -38.87 -93.14 -46.27
C SER D 771 -40.09 -93.44 -47.12
N ASN D 772 -41.25 -93.48 -46.45
CA ASN D 772 -42.52 -93.61 -47.12
C ASN D 772 -43.45 -92.43 -46.82
N ALA D 773 -42.92 -91.38 -46.20
CA ALA D 773 -43.75 -90.22 -45.88
C ALA D 773 -44.40 -89.65 -47.12
N MET D 774 -43.71 -89.73 -48.26
CA MET D 774 -44.24 -89.18 -49.50
C MET D 774 -45.60 -89.79 -49.85
N PHE D 775 -45.82 -91.04 -49.50
CA PHE D 775 -47.07 -91.70 -49.86
C PHE D 775 -48.12 -91.57 -48.76
N THR D 776 -47.71 -91.73 -47.50
CA THR D 776 -48.63 -91.54 -46.39
C THR D 776 -49.28 -90.16 -46.47
N ARG D 777 -48.51 -89.17 -46.94
CA ARG D 777 -49.09 -87.85 -47.16
C ARG D 777 -50.28 -87.93 -48.09
N ASN D 778 -50.12 -88.60 -49.22
CA ASN D 778 -51.22 -88.71 -50.17
C ASN D 778 -52.38 -89.48 -49.55
N GLN D 779 -52.09 -90.59 -48.88
CA GLN D 779 -53.17 -91.41 -48.33
C GLN D 779 -53.97 -90.65 -47.29
N ARG D 780 -53.29 -89.97 -46.37
CA ARG D 780 -54.00 -89.22 -45.36
C ARG D 780 -54.83 -88.12 -45.98
N ALA D 781 -54.30 -87.45 -47.00
CA ALA D 781 -55.04 -86.38 -47.65
C ALA D 781 -56.34 -86.92 -48.24
N VAL D 782 -56.29 -88.08 -48.89
CA VAL D 782 -57.49 -88.63 -49.49
C VAL D 782 -58.52 -88.94 -48.42
N ILE D 783 -58.10 -89.59 -47.34
CA ILE D 783 -59.02 -89.90 -46.26
C ILE D 783 -59.62 -88.62 -45.70
N THR D 784 -58.80 -87.59 -45.54
CA THR D 784 -59.29 -86.32 -45.03
C THR D 784 -60.41 -85.78 -45.90
N ARG D 785 -60.24 -85.85 -47.23
CA ARG D 785 -61.29 -85.38 -48.12
C ARG D 785 -62.58 -86.12 -47.87
N GLU D 786 -62.53 -87.45 -47.83
CA GLU D 786 -63.75 -88.23 -47.66
C GLU D 786 -64.43 -87.91 -46.34
N ALA D 787 -63.65 -87.82 -45.27
CA ALA D 787 -64.23 -87.48 -43.98
C ALA D 787 -64.84 -86.09 -44.01
N PHE D 788 -64.14 -85.13 -44.62
CA PHE D 788 -64.66 -83.77 -44.68
C PHE D 788 -65.98 -83.71 -45.39
N VAL D 789 -66.07 -84.33 -46.57
CA VAL D 789 -67.30 -84.27 -47.35
C VAL D 789 -68.44 -84.89 -46.57
N CYS D 790 -68.22 -86.06 -45.98
CA CYS D 790 -69.26 -86.72 -45.23
C CYS D 790 -69.69 -85.88 -44.03
N ALA D 791 -68.73 -85.36 -43.28
CA ALA D 791 -69.05 -84.58 -42.08
C ALA D 791 -69.85 -83.34 -42.46
N ARG D 792 -69.42 -82.63 -43.49
CA ARG D 792 -70.17 -81.45 -43.92
C ARG D 792 -71.58 -81.84 -44.35
N SER D 793 -71.71 -82.93 -45.09
CA SER D 793 -73.03 -83.36 -45.55
C SER D 793 -73.94 -83.65 -44.36
N ALA D 794 -73.40 -84.35 -43.35
CA ALA D 794 -74.23 -84.75 -42.22
C ALA D 794 -74.81 -83.53 -41.51
N VAL D 795 -73.96 -82.56 -41.19
CA VAL D 795 -74.43 -81.37 -40.49
C VAL D 795 -75.45 -80.62 -41.34
N ALA D 796 -75.18 -80.52 -42.64
CA ALA D 796 -76.09 -79.81 -43.51
C ALA D 796 -77.48 -80.45 -43.50
N GLN D 797 -77.53 -81.78 -43.48
CA GLN D 797 -78.82 -82.45 -43.47
C GLN D 797 -79.58 -82.22 -42.18
N CYS D 798 -78.88 -81.89 -41.09
CA CYS D 798 -79.56 -81.73 -39.81
C CYS D 798 -80.16 -80.33 -39.64
N GLN D 799 -79.42 -79.30 -40.00
CA GLN D 799 -79.97 -77.96 -39.87
C GLN D 799 -81.05 -77.73 -40.92
N ASP D 800 -82.02 -76.89 -40.57
CA ASP D 800 -83.20 -76.71 -41.41
C ASP D 800 -82.82 -76.17 -42.78
N ALA D 801 -81.79 -75.35 -42.86
CA ALA D 801 -81.30 -74.84 -44.13
C ALA D 801 -79.81 -74.59 -44.01
N GLY D 802 -79.11 -74.71 -45.12
CA GLY D 802 -77.67 -74.52 -45.12
C GLY D 802 -77.01 -74.88 -46.42
N PHE D 803 -75.83 -75.46 -46.35
CA PHE D 803 -75.10 -75.85 -47.55
C PHE D 803 -75.93 -76.81 -48.39
N LEU D 804 -75.91 -76.60 -49.70
CA LEU D 804 -76.82 -77.31 -50.58
C LEU D 804 -76.39 -78.76 -50.74
N VAL D 805 -77.18 -79.68 -50.20
CA VAL D 805 -76.92 -81.12 -50.26
C VAL D 805 -78.26 -81.83 -50.46
N PRO D 806 -78.31 -82.96 -51.15
CA PRO D 806 -79.55 -83.74 -51.19
C PRO D 806 -79.99 -84.13 -49.79
N ARG D 807 -81.31 -84.15 -49.57
CA ARG D 807 -81.89 -84.35 -48.25
C ARG D 807 -82.90 -85.47 -48.30
N PRO D 808 -82.45 -86.72 -48.45
CA PRO D 808 -83.39 -87.84 -48.48
C PRO D 808 -84.12 -88.06 -47.17
N LEU D 809 -83.51 -87.74 -46.04
CA LEU D 809 -84.10 -88.00 -44.74
C LEU D 809 -84.90 -86.81 -44.20
N ASP D 810 -85.19 -85.82 -45.05
CA ASP D 810 -85.79 -84.60 -44.55
C ASP D 810 -87.17 -84.85 -43.94
N ALA D 811 -87.81 -85.96 -44.27
CA ALA D 811 -89.13 -86.24 -43.71
C ALA D 811 -89.08 -86.52 -42.22
N LEU D 812 -87.92 -86.91 -41.70
CA LEU D 812 -87.80 -87.24 -40.28
C LEU D 812 -87.78 -85.98 -39.43
N ARG D 813 -88.27 -86.13 -38.20
CA ARG D 813 -88.36 -85.00 -37.29
C ARG D 813 -87.01 -84.71 -36.67
N GLN D 814 -86.67 -83.42 -36.63
CA GLN D 814 -85.36 -83.00 -36.12
C GLN D 814 -85.42 -81.52 -35.82
N PHE D 815 -85.19 -81.13 -34.57
CA PHE D 815 -85.13 -79.73 -34.26
C PHE D 815 -83.90 -79.11 -34.92
N ASP D 816 -84.04 -77.84 -35.31
CA ASP D 816 -82.95 -77.18 -36.00
C ASP D 816 -81.74 -77.06 -35.08
N VAL D 817 -80.59 -77.54 -35.56
CA VAL D 817 -79.41 -77.64 -34.72
C VAL D 817 -78.71 -76.29 -34.66
N THR D 818 -78.43 -75.84 -33.44
CA THR D 818 -77.58 -74.68 -33.27
C THR D 818 -76.12 -75.10 -33.43
N SER D 819 -75.21 -74.14 -33.26
CA SER D 819 -73.80 -74.43 -33.45
C SER D 819 -73.32 -75.47 -32.45
N ALA D 820 -73.75 -75.38 -31.19
CA ALA D 820 -73.30 -76.31 -30.17
C ALA D 820 -73.67 -77.74 -30.55
N ALA D 821 -74.91 -77.95 -31.00
CA ALA D 821 -75.33 -79.28 -31.41
C ALA D 821 -74.50 -79.78 -32.58
N ALA D 822 -74.23 -78.89 -33.55
CA ALA D 822 -73.43 -79.28 -34.70
C ALA D 822 -72.08 -79.83 -34.28
N ALA D 823 -71.48 -79.23 -33.26
CA ALA D 823 -70.20 -79.72 -32.76
C ALA D 823 -70.31 -81.17 -32.30
N GLU D 824 -71.40 -81.50 -31.62
CA GLU D 824 -71.60 -82.86 -31.18
C GLU D 824 -71.67 -83.82 -32.36
N ILE D 825 -72.42 -83.44 -33.40
CA ILE D 825 -72.56 -84.30 -34.56
C ILE D 825 -71.21 -84.50 -35.23
N MET D 826 -70.48 -83.40 -35.44
CA MET D 826 -69.19 -83.51 -36.10
C MET D 826 -68.23 -84.34 -35.28
N HIS D 827 -68.24 -84.17 -33.95
CA HIS D 827 -67.40 -84.98 -33.10
C HIS D 827 -67.69 -86.46 -33.28
N ALA D 828 -68.96 -86.80 -33.36
CA ALA D 828 -69.32 -88.21 -33.58
C ALA D 828 -68.77 -88.71 -34.90
N VAL D 829 -68.96 -87.93 -35.97
CA VAL D 829 -68.47 -88.34 -37.28
C VAL D 829 -66.95 -88.45 -37.26
N ASN D 830 -66.28 -87.45 -36.69
CA ASN D 830 -64.83 -87.45 -36.67
C ASN D 830 -64.30 -88.66 -35.91
N ASP D 831 -64.92 -88.98 -34.78
CA ASP D 831 -64.50 -90.16 -34.02
C ASP D 831 -64.74 -91.43 -34.81
N ALA D 832 -65.87 -91.50 -35.51
CA ALA D 832 -66.20 -92.70 -36.26
C ALA D 832 -65.14 -93.00 -37.31
N PHE D 833 -64.73 -91.98 -38.07
CA PHE D 833 -63.72 -92.19 -39.09
C PHE D 833 -62.40 -92.60 -38.48
N LYS D 834 -61.98 -91.91 -37.41
CA LYS D 834 -60.69 -92.22 -36.81
C LYS D 834 -60.66 -93.67 -36.33
N THR D 835 -61.75 -94.11 -35.69
CA THR D 835 -61.83 -95.51 -35.29
C THR D 835 -61.82 -96.43 -36.50
N ALA D 836 -62.55 -96.05 -37.54
CA ALA D 836 -62.68 -96.92 -38.71
C ALA D 836 -61.34 -97.13 -39.40
N PHE D 837 -60.65 -96.04 -39.70
CA PHE D 837 -59.39 -96.13 -40.42
C PHE D 837 -58.18 -96.17 -39.51
N ASP D 838 -58.40 -96.24 -38.19
CA ASP D 838 -57.32 -96.47 -37.23
C ASP D 838 -56.24 -95.41 -37.36
N LEU D 839 -56.65 -94.16 -37.49
CA LEU D 839 -55.70 -93.06 -37.62
C LEU D 839 -55.39 -92.45 -36.27
N ASP D 840 -54.28 -91.73 -36.23
CA ASP D 840 -53.95 -90.85 -35.12
C ASP D 840 -53.53 -89.51 -35.69
N GLY D 841 -53.65 -88.48 -34.87
CA GLY D 841 -53.47 -87.12 -35.31
C GLY D 841 -54.74 -86.31 -35.13
N ALA D 842 -54.85 -85.27 -35.95
CA ALA D 842 -55.94 -84.32 -35.78
C ALA D 842 -57.17 -84.68 -36.61
N LEU D 843 -57.00 -84.85 -37.92
CA LEU D 843 -58.11 -85.05 -38.87
C LEU D 843 -59.01 -83.83 -38.79
N LEU D 844 -60.27 -83.96 -38.41
CA LEU D 844 -61.21 -82.84 -38.43
C LEU D 844 -61.38 -82.17 -37.08
N ASP D 845 -60.44 -82.38 -36.16
CA ASP D 845 -60.60 -81.92 -34.78
C ASP D 845 -60.96 -80.44 -34.70
N GLY D 846 -60.22 -79.60 -35.41
CA GLY D 846 -60.38 -78.17 -35.25
C GLY D 846 -61.78 -77.67 -35.56
N LEU D 847 -62.43 -78.28 -36.55
CA LEU D 847 -63.74 -77.80 -36.97
C LEU D 847 -64.74 -77.86 -35.83
N ALA D 848 -64.70 -78.93 -35.04
CA ALA D 848 -65.66 -79.06 -33.95
C ALA D 848 -65.22 -78.33 -32.70
N LEU D 849 -63.92 -78.26 -32.44
CA LEU D 849 -63.46 -77.76 -31.14
C LEU D 849 -63.69 -76.27 -30.99
N TYR D 850 -63.68 -75.51 -32.08
CA TYR D 850 -63.88 -74.08 -31.97
C TYR D 850 -64.46 -73.57 -33.29
N GLY D 851 -65.04 -72.38 -33.23
CA GLY D 851 -65.69 -71.80 -34.38
C GLY D 851 -67.02 -72.50 -34.65
N ASP D 852 -67.68 -72.06 -35.70
CA ASP D 852 -68.96 -72.64 -36.08
C ASP D 852 -68.73 -73.90 -36.89
N PRO D 853 -69.22 -75.06 -36.43
CA PRO D 853 -69.06 -76.29 -37.22
C PRO D 853 -69.91 -76.32 -38.47
N ARG D 854 -70.92 -75.46 -38.60
CA ARG D 854 -71.83 -75.51 -39.74
C ARG D 854 -71.16 -74.91 -40.97
N ILE D 855 -70.12 -75.60 -41.42
CA ILE D 855 -69.27 -75.09 -42.50
C ILE D 855 -69.94 -75.33 -43.84
N ALA D 856 -69.50 -74.57 -44.85
CA ALA D 856 -70.01 -74.73 -46.20
C ALA D 856 -68.92 -75.10 -47.20
N ASP D 857 -67.87 -74.30 -47.32
CA ASP D 857 -66.84 -74.54 -48.32
C ASP D 857 -65.59 -73.77 -47.92
N LEU D 858 -64.54 -74.49 -47.54
CA LEU D 858 -63.37 -73.85 -46.99
C LEU D 858 -62.63 -73.02 -48.05
N SER D 859 -62.01 -71.94 -47.59
CA SER D 859 -61.18 -71.11 -48.45
C SER D 859 -60.23 -70.32 -47.58
N ALA D 860 -59.06 -70.00 -48.13
CA ALA D 860 -58.06 -69.22 -47.43
C ALA D 860 -57.81 -67.93 -48.20
N ALA D 861 -57.37 -66.90 -47.48
CA ALA D 861 -57.15 -65.61 -48.10
C ALA D 861 -56.13 -64.83 -47.30
N TYR D 862 -55.50 -63.87 -47.96
CA TYR D 862 -54.61 -62.92 -47.31
C TYR D 862 -54.91 -61.53 -47.84
N LEU D 863 -54.73 -60.54 -46.99
CA LEU D 863 -55.10 -59.17 -47.30
C LEU D 863 -53.85 -58.30 -47.42
N GLN D 864 -53.82 -57.47 -48.45
CA GLN D 864 -52.72 -56.55 -48.68
C GLN D 864 -53.07 -55.15 -48.21
N TYR D 865 -52.05 -54.40 -47.83
CA TYR D 865 -52.26 -53.05 -47.33
C TYR D 865 -52.93 -52.16 -48.36
N GLY D 866 -52.78 -52.46 -49.65
CA GLY D 866 -53.45 -51.70 -50.67
C GLY D 866 -54.93 -51.96 -50.76
N GLY D 867 -55.47 -52.76 -49.84
CA GLY D 867 -56.88 -53.07 -49.83
C GLY D 867 -57.25 -54.29 -50.65
N ASN D 868 -56.38 -54.73 -51.54
CA ASN D 868 -56.66 -55.91 -52.33
C ASN D 868 -56.61 -57.16 -51.46
N VAL D 869 -57.51 -58.09 -51.71
CA VAL D 869 -57.57 -59.35 -50.99
C VAL D 869 -57.51 -60.49 -52.00
N VAL D 870 -56.67 -61.48 -51.73
CA VAL D 870 -56.51 -62.65 -52.59
C VAL D 870 -57.09 -63.84 -51.86
N ARG D 871 -58.08 -64.49 -52.47
CA ARG D 871 -58.76 -65.62 -51.84
C ARG D 871 -58.63 -66.86 -52.72
N GLU D 872 -58.39 -67.99 -52.09
CA GLU D 872 -58.25 -69.27 -52.77
C GLU D 872 -59.24 -70.25 -52.17
N HIS D 873 -60.14 -70.77 -53.00
CA HIS D 873 -61.09 -71.77 -52.57
C HIS D 873 -60.50 -73.16 -52.73
N VAL D 874 -60.93 -74.07 -51.87
CA VAL D 874 -60.49 -75.46 -51.97
C VAL D 874 -61.70 -76.38 -51.95
N PRO D 875 -62.56 -76.33 -52.96
CA PRO D 875 -63.68 -77.24 -53.01
C PRO D 875 -63.21 -78.68 -53.12
N PRO D 876 -63.82 -79.60 -52.40
CA PRO D 876 -63.37 -81.00 -52.46
C PRO D 876 -63.62 -81.58 -53.83
N GLY D 877 -62.72 -82.49 -54.23
CA GLY D 877 -62.84 -83.14 -55.51
C GLY D 877 -63.92 -84.20 -55.51
N PRO D 878 -63.89 -85.08 -56.49
CA PRO D 878 -64.91 -86.13 -56.56
C PRO D 878 -64.83 -87.07 -55.37
N SER D 879 -65.84 -87.07 -54.51
CA SER D 879 -65.89 -87.99 -53.39
C SER D 879 -66.60 -89.27 -53.79
N HIS D 880 -66.35 -90.33 -53.03
CA HIS D 880 -66.97 -91.62 -53.29
C HIS D 880 -67.88 -92.06 -52.17
N ILE D 881 -67.40 -92.00 -50.93
CA ILE D 881 -68.19 -92.51 -49.80
C ILE D 881 -69.51 -91.76 -49.70
N HIS D 882 -69.47 -90.44 -49.90
CA HIS D 882 -70.69 -89.66 -49.79
C HIS D 882 -71.73 -90.13 -50.80
N ARG D 883 -71.31 -90.47 -52.01
CA ARG D 883 -72.26 -90.88 -53.04
C ARG D 883 -73.03 -92.11 -52.61
N THR D 884 -72.34 -93.12 -52.12
CA THR D 884 -73.05 -94.34 -51.71
C THR D 884 -73.84 -94.11 -50.43
N LEU D 885 -73.37 -93.21 -49.57
CA LEU D 885 -74.12 -92.93 -48.35
C LEU D 885 -75.47 -92.32 -48.69
N GLN D 886 -75.51 -91.43 -49.69
CA GLN D 886 -76.79 -90.91 -50.15
C GLN D 886 -77.71 -92.03 -50.58
N GLN D 887 -77.16 -93.03 -51.27
CA GLN D 887 -77.98 -94.17 -51.66
C GLN D 887 -78.50 -94.91 -50.44
N VAL D 888 -77.66 -95.08 -49.43
CA VAL D 888 -78.08 -95.78 -48.22
C VAL D 888 -79.26 -95.07 -47.57
N GLU D 889 -79.16 -93.76 -47.43
CA GLU D 889 -80.26 -93.01 -46.83
C GLU D 889 -81.52 -93.12 -47.67
N SER D 890 -81.37 -93.02 -48.99
CA SER D 890 -82.53 -93.09 -49.87
C SER D 890 -83.25 -94.42 -49.71
N THR D 891 -82.49 -95.52 -49.67
CA THR D 891 -83.13 -96.82 -49.55
C THR D 891 -83.64 -97.06 -48.14
N PHE D 892 -83.01 -96.49 -47.13
CA PHE D 892 -83.53 -96.62 -45.78
C PHE D 892 -84.92 -96.02 -45.69
N MET D 893 -85.14 -94.88 -46.33
CA MET D 893 -86.42 -94.22 -46.28
C MET D 893 -87.53 -95.10 -46.86
N ALA D 894 -87.16 -96.12 -47.64
CA ALA D 894 -88.12 -97.08 -48.15
C ALA D 894 -88.11 -98.41 -47.42
N GLU D 895 -87.07 -98.70 -46.64
CA GLU D 895 -86.95 -99.98 -45.94
C GLU D 895 -86.84 -99.80 -44.44
N MET D 896 -87.35 -98.70 -43.90
CA MET D 896 -87.19 -98.41 -42.48
C MET D 896 -87.79 -99.51 -41.61
N ASN D 897 -88.79 -100.22 -42.12
CA ASN D 897 -89.38 -101.30 -41.34
C ASN D 897 -88.34 -102.35 -40.98
N LEU D 898 -87.35 -102.56 -41.84
CA LEU D 898 -86.32 -103.55 -41.55
C LEU D 898 -85.42 -103.12 -40.40
N PHE D 899 -85.46 -101.85 -40.02
CA PHE D 899 -84.64 -101.35 -38.92
C PHE D 899 -85.46 -101.11 -37.66
N ASN D 900 -86.58 -101.81 -37.53
CA ASN D 900 -87.45 -101.68 -36.36
C ASN D 900 -87.95 -100.25 -36.19
N VAL D 901 -88.22 -99.58 -37.31
CA VAL D 901 -88.77 -98.24 -37.29
C VAL D 901 -89.99 -98.22 -38.20
N ALA D 902 -91.08 -97.64 -37.72
CA ALA D 902 -92.33 -97.59 -38.45
C ALA D 902 -92.74 -96.15 -38.70
N ARG D 903 -93.48 -95.95 -39.80
CA ARG D 903 -93.98 -94.65 -40.18
C ARG D 903 -95.49 -94.59 -39.96
N GLY D 904 -96.02 -93.37 -40.03
CA GLY D 904 -97.45 -93.18 -39.87
C GLY D 904 -97.85 -92.92 -38.44
N ASN D 905 -99.15 -92.71 -38.26
CA ASN D 905 -99.71 -92.35 -36.98
C ASN D 905 -100.09 -93.62 -36.20
N LEU D 906 -100.79 -93.44 -35.08
CA LEU D 906 -101.16 -94.55 -34.21
C LEU D 906 -102.59 -94.34 -33.74
N TYR D 907 -103.45 -95.31 -34.02
CA TYR D 907 -104.81 -95.29 -33.50
C TYR D 907 -104.86 -96.05 -32.18
N LEU D 908 -105.90 -95.77 -31.40
CA LEU D 908 -106.07 -96.39 -30.10
C LEU D 908 -107.52 -96.78 -29.86
N VAL D 909 -108.15 -97.38 -30.85
CA VAL D 909 -109.53 -97.82 -30.69
C VAL D 909 -109.56 -99.09 -29.86
N GLN D 910 -110.52 -99.18 -28.95
CA GLN D 910 -110.69 -100.38 -28.12
C GLN D 910 -111.42 -101.43 -28.96
N THR D 911 -110.67 -102.39 -29.47
CA THR D 911 -111.25 -103.47 -30.27
C THR D 911 -111.27 -104.74 -29.46
N ALA D 912 -112.43 -105.39 -29.42
CA ALA D 912 -112.61 -106.60 -28.63
C ALA D 912 -113.03 -107.75 -29.52
N THR D 913 -112.34 -107.91 -30.65
CA THR D 913 -112.72 -108.90 -31.65
C THR D 913 -112.36 -110.30 -31.18
N ASN D 914 -112.56 -111.27 -32.06
CA ASN D 914 -112.24 -112.66 -31.78
C ASN D 914 -111.57 -113.35 -32.95
N GLY D 915 -111.29 -112.65 -34.05
CA GLY D 915 -110.71 -113.27 -35.22
C GLY D 915 -109.27 -112.86 -35.48
N ASN D 916 -108.92 -112.67 -36.75
CA ASN D 916 -107.56 -112.32 -37.11
C ASN D 916 -107.22 -110.92 -36.65
N TRP D 917 -105.93 -110.62 -36.63
CA TRP D 917 -105.46 -109.31 -36.17
C TRP D 917 -104.06 -109.09 -36.71
N SER D 918 -103.91 -108.11 -37.59
CA SER D 918 -102.62 -107.76 -38.19
C SER D 918 -102.39 -106.28 -37.99
N PRO D 919 -102.03 -105.88 -36.78
CA PRO D 919 -101.91 -104.44 -36.49
C PRO D 919 -100.90 -103.73 -37.36
N MET D 920 -99.82 -104.41 -37.74
CA MET D 920 -98.81 -103.76 -38.57
C MET D 920 -99.27 -103.52 -39.99
N ALA D 921 -100.42 -104.07 -40.38
CA ALA D 921 -100.96 -103.84 -41.71
C ALA D 921 -102.47 -103.99 -41.68
N PRO D 922 -103.20 -103.07 -41.04
CA PRO D 922 -104.65 -103.20 -40.97
C PRO D 922 -105.28 -103.13 -42.35
N VAL D 923 -106.39 -103.84 -42.51
CA VAL D 923 -107.09 -103.89 -43.78
C VAL D 923 -108.34 -103.03 -43.70
N ALA D 924 -108.92 -102.92 -42.51
CA ALA D 924 -110.11 -102.12 -42.33
C ALA D 924 -109.80 -100.64 -42.50
N ALA D 925 -110.82 -99.88 -42.86
CA ALA D 925 -110.64 -98.45 -43.02
C ALA D 925 -110.33 -97.81 -41.67
N PRO D 926 -109.49 -96.78 -41.63
CA PRO D 926 -109.19 -96.14 -40.36
C PRO D 926 -110.44 -95.53 -39.78
N PRO D 927 -110.57 -95.54 -38.45
CA PRO D 927 -111.82 -95.04 -37.84
C PRO D 927 -112.11 -93.59 -38.16
N PHE D 928 -111.08 -92.75 -38.24
CA PHE D 928 -111.27 -91.34 -38.55
C PHE D 928 -109.91 -90.73 -38.88
N VAL D 929 -109.94 -89.50 -39.36
CA VAL D 929 -108.75 -88.76 -39.72
C VAL D 929 -108.84 -87.36 -39.13
N ARG D 930 -107.78 -86.58 -39.35
CA ARG D 930 -107.69 -85.27 -38.71
C ARG D 930 -108.82 -84.34 -39.16
N GLY D 931 -109.13 -84.33 -40.44
CA GLY D 931 -110.16 -83.46 -40.95
C GLY D 931 -111.56 -84.00 -40.87
N GLY D 932 -111.74 -85.20 -40.31
CA GLY D 932 -113.03 -85.85 -40.29
C GLY D 932 -114.06 -85.10 -39.46
N PRO D 933 -115.33 -85.36 -39.74
CA PRO D 933 -116.39 -84.69 -38.98
C PRO D 933 -116.35 -85.08 -37.51
N ASN D 934 -116.72 -84.13 -36.66
CA ASN D 934 -116.84 -84.34 -35.23
C ASN D 934 -115.54 -84.78 -34.58
N VAL D 935 -114.41 -84.48 -35.20
CA VAL D 935 -113.11 -84.85 -34.67
C VAL D 935 -112.49 -83.63 -34.01
N ARG D 936 -112.17 -83.75 -32.73
CA ARG D 936 -111.56 -82.67 -31.99
C ARG D 936 -110.06 -82.87 -31.89
N VAL D 937 -109.35 -81.77 -31.75
CA VAL D 937 -107.89 -81.77 -31.63
C VAL D 937 -107.53 -81.16 -30.29
N VAL D 938 -106.70 -81.86 -29.52
CA VAL D 938 -106.37 -81.42 -28.17
C VAL D 938 -105.58 -80.12 -28.21
N GLY D 939 -105.72 -79.31 -27.18
CA GLY D 939 -105.00 -78.07 -27.08
C GLY D 939 -103.52 -78.28 -26.81
N ARG D 940 -102.80 -77.16 -26.80
CA ARG D 940 -101.34 -77.23 -26.74
C ARG D 940 -100.86 -77.86 -25.43
N PHE D 941 -101.63 -77.74 -24.36
CA PHE D 941 -101.21 -78.24 -23.07
C PHE D 941 -101.92 -79.53 -22.64
N GLY D 942 -103.03 -79.88 -23.28
CA GLY D 942 -103.76 -81.05 -22.85
C GLY D 942 -104.39 -80.91 -21.49
N THR D 943 -104.66 -79.69 -21.05
CA THR D 943 -105.27 -79.47 -19.75
C THR D 943 -106.72 -79.92 -19.75
N ILE D 944 -107.17 -80.43 -18.60
CA ILE D 944 -108.56 -80.82 -18.43
C ILE D 944 -109.20 -79.89 -17.40
N VAL D 945 -110.52 -79.83 -17.45
CA VAL D 945 -111.31 -78.90 -16.66
C VAL D 945 -112.28 -79.69 -15.80
N PRO D 946 -112.01 -79.85 -14.52
CA PRO D 946 -113.03 -80.38 -13.61
C PRO D 946 -114.17 -79.40 -13.46
N ARG D 947 -115.36 -79.94 -13.20
CA ARG D 947 -116.53 -79.10 -13.00
C ARG D 947 -117.26 -79.52 -11.73
N PRO D 948 -117.74 -78.57 -10.94
CA PRO D 948 -118.09 -78.87 -9.54
C PRO D 948 -119.36 -79.69 -9.35
N ASP D 949 -120.44 -79.32 -10.02
CA ASP D 949 -121.76 -79.85 -9.66
C ASP D 949 -122.06 -81.16 -10.37
N GLY D 950 -121.17 -82.14 -10.24
CA GLY D 950 -121.40 -83.45 -10.78
C GLY D 950 -121.25 -83.56 -12.29
N LEU D 951 -120.97 -82.46 -12.98
CA LEU D 951 -120.73 -82.53 -14.41
C LEU D 951 -119.42 -83.25 -14.67
N GLU D 952 -119.39 -83.97 -15.79
CA GLU D 952 -118.17 -84.69 -16.14
C GLU D 952 -117.07 -83.70 -16.52
N PRO D 953 -115.81 -84.08 -16.33
CA PRO D 953 -114.71 -83.20 -16.71
C PRO D 953 -114.70 -82.97 -18.21
N GLN D 954 -113.95 -81.95 -18.63
CA GLN D 954 -113.88 -81.59 -20.02
C GLN D 954 -112.44 -81.31 -20.42
N LEU D 955 -112.16 -81.51 -21.71
CA LEU D 955 -110.83 -81.37 -22.27
C LEU D 955 -110.75 -80.12 -23.12
N ILE D 956 -109.59 -79.47 -23.09
CA ILE D 956 -109.42 -78.19 -23.77
C ILE D 956 -109.18 -78.44 -25.25
N ASP D 957 -110.11 -78.00 -26.08
CA ASP D 957 -109.93 -78.02 -27.52
C ASP D 957 -108.77 -77.12 -27.91
N ASP D 958 -108.26 -77.31 -29.12
CA ASP D 958 -107.20 -76.45 -29.59
C ASP D 958 -107.66 -75.02 -29.80
N GLY D 959 -108.96 -74.77 -29.74
CA GLY D 959 -109.48 -73.42 -29.79
C GLY D 959 -109.70 -72.86 -28.40
N ASN D 960 -109.06 -73.47 -27.41
CA ASN D 960 -109.16 -73.07 -26.00
C ASN D 960 -110.60 -73.16 -25.50
N VAL D 961 -111.37 -74.09 -26.05
CA VAL D 961 -112.75 -74.30 -25.66
C VAL D 961 -112.86 -75.68 -25.04
N PRO D 962 -113.28 -75.79 -23.77
CA PRO D 962 -113.42 -77.12 -23.17
C PRO D 962 -114.45 -77.95 -23.92
N ARG D 963 -114.17 -79.24 -24.05
CA ARG D 963 -115.04 -80.15 -24.78
C ARG D 963 -115.16 -81.44 -23.99
N ASP D 964 -116.21 -82.21 -24.30
CA ASP D 964 -116.44 -83.47 -23.63
C ASP D 964 -115.38 -84.50 -24.02
N ILE D 965 -115.08 -85.39 -23.08
CA ILE D 965 -114.06 -86.41 -23.33
C ILE D 965 -114.54 -87.40 -24.37
N ALA D 966 -115.79 -87.83 -24.28
CA ALA D 966 -116.29 -88.87 -25.17
C ALA D 966 -116.28 -88.39 -26.61
N GLY D 967 -115.90 -89.29 -27.52
CA GLY D 967 -115.85 -88.97 -28.92
C GLY D 967 -114.55 -89.37 -29.56
N ASP D 968 -114.07 -88.55 -30.50
CA ASP D 968 -112.82 -88.80 -31.20
C ASP D 968 -111.88 -87.62 -30.99
N TRP D 969 -110.59 -87.92 -30.87
CA TRP D 969 -109.60 -86.91 -30.55
C TRP D 969 -108.32 -87.19 -31.30
N VAL D 970 -107.56 -86.13 -31.56
CA VAL D 970 -106.27 -86.21 -32.22
C VAL D 970 -105.23 -85.65 -31.27
N TYR D 971 -104.20 -86.44 -31.00
CA TYR D 971 -103.14 -86.05 -30.08
C TYR D 971 -101.84 -85.87 -30.83
N PRO D 972 -101.35 -84.65 -31.02
CA PRO D 972 -99.94 -84.49 -31.39
C PRO D 972 -99.07 -85.11 -30.31
N SER D 973 -98.02 -85.82 -30.75
CA SER D 973 -97.19 -86.53 -29.80
C SER D 973 -96.60 -85.60 -28.76
N ASP D 974 -96.42 -84.33 -29.12
CA ASP D 974 -95.90 -83.36 -28.16
C ASP D 974 -96.83 -83.23 -26.97
N VAL D 975 -98.13 -83.09 -27.22
CA VAL D 975 -99.07 -82.92 -26.13
C VAL D 975 -99.06 -84.13 -25.22
N LEU D 976 -99.03 -85.33 -25.81
CA LEU D 976 -99.05 -86.55 -25.00
C LEU D 976 -97.83 -86.61 -24.09
N GLN D 977 -96.65 -86.28 -24.63
CA GLN D 977 -95.43 -86.35 -23.82
C GLN D 977 -95.47 -85.37 -22.67
N VAL D 978 -96.34 -84.38 -22.71
CA VAL D 978 -96.39 -83.37 -21.66
C VAL D 978 -97.42 -83.73 -20.60
N SER D 979 -98.58 -84.22 -21.01
CA SER D 979 -99.71 -84.41 -20.10
C SER D 979 -100.08 -85.88 -19.99
N VAL D 980 -99.08 -86.74 -19.85
CA VAL D 980 -99.36 -88.17 -19.84
C VAL D 980 -100.16 -88.57 -18.61
N ALA D 981 -99.77 -88.04 -17.44
CA ALA D 981 -100.39 -88.48 -16.19
C ALA D 981 -101.90 -88.23 -16.21
N VAL D 982 -102.29 -87.00 -16.52
CA VAL D 982 -103.72 -86.70 -16.60
C VAL D 982 -104.36 -87.52 -17.70
N PHE D 983 -103.66 -87.71 -18.81
CA PHE D 983 -104.17 -88.55 -19.88
C PHE D 983 -104.40 -89.97 -19.40
N CYS D 984 -103.44 -90.51 -18.64
CA CYS D 984 -103.59 -91.85 -18.12
C CYS D 984 -104.74 -91.96 -17.14
N ASP D 985 -105.15 -90.86 -16.52
CA ASP D 985 -106.12 -90.90 -15.45
C ASP D 985 -107.52 -90.44 -15.86
N TYR D 986 -107.66 -89.80 -17.02
CA TYR D 986 -108.97 -89.26 -17.37
C TYR D 986 -109.39 -89.66 -18.77
N VAL D 987 -108.43 -89.83 -19.67
CA VAL D 987 -108.73 -90.17 -21.05
C VAL D 987 -108.58 -91.65 -21.30
N TRP D 988 -107.44 -92.21 -20.92
CA TRP D 988 -107.19 -93.63 -21.16
C TRP D 988 -108.29 -94.53 -20.63
N PRO D 989 -108.82 -94.34 -19.41
CA PRO D 989 -109.94 -95.19 -18.99
C PRO D 989 -111.12 -95.10 -19.94
N MET D 990 -111.47 -93.89 -20.37
CA MET D 990 -112.57 -93.75 -21.33
C MET D 990 -112.26 -94.48 -22.62
N VAL D 991 -110.99 -94.61 -22.97
CA VAL D 991 -110.62 -95.39 -24.14
C VAL D 991 -110.86 -96.86 -23.88
N LYS D 992 -110.51 -97.34 -22.68
CA LYS D 992 -110.69 -98.74 -22.37
C LYS D 992 -112.16 -99.14 -22.49
N ALA D 993 -113.06 -98.31 -21.99
CA ALA D 993 -114.46 -98.48 -22.30
C ALA D 993 -114.72 -98.07 -23.74
N GLY D 994 -115.75 -98.66 -24.34
CA GLY D 994 -116.06 -98.35 -25.71
C GLY D 994 -116.71 -96.99 -25.87
N ARG D 995 -116.00 -95.92 -25.53
CA ARG D 995 -116.56 -94.58 -25.62
C ARG D 995 -115.65 -93.57 -26.27
N THR D 996 -114.35 -93.81 -26.32
CA THR D 996 -113.41 -92.82 -26.85
C THR D 996 -112.42 -93.49 -27.77
N ARG D 997 -112.08 -92.81 -28.87
CA ARG D 997 -111.11 -93.29 -29.83
C ARG D 997 -110.04 -92.22 -30.01
N VAL D 998 -108.78 -92.64 -29.97
CA VAL D 998 -107.65 -91.72 -29.95
C VAL D 998 -106.76 -91.97 -31.15
N LEU D 999 -106.35 -90.89 -31.80
CA LEU D 999 -105.37 -90.94 -32.88
C LEU D 999 -104.16 -90.12 -32.46
N VAL D 1000 -103.03 -90.78 -32.31
CA VAL D 1000 -101.79 -90.13 -31.90
C VAL D 1000 -100.93 -89.90 -33.13
N GLU D 1001 -100.50 -88.66 -33.32
CA GLU D 1001 -99.71 -88.29 -34.49
C GLU D 1001 -98.22 -88.48 -34.18
N LEU D 1002 -97.63 -89.52 -34.73
CA LEU D 1002 -96.20 -89.74 -34.70
C LEU D 1002 -95.68 -89.70 -36.13
N GLY D 1003 -94.64 -88.92 -36.36
CA GLY D 1003 -94.01 -88.93 -37.66
C GLY D 1003 -93.43 -90.30 -37.94
N HIS D 1004 -92.45 -90.69 -37.14
CA HIS D 1004 -91.87 -92.03 -37.20
C HIS D 1004 -91.48 -92.42 -35.80
N TYR D 1005 -91.36 -93.73 -35.57
CA TYR D 1005 -91.10 -94.20 -34.22
C TYR D 1005 -90.51 -95.60 -34.27
N VAL D 1006 -89.86 -95.96 -33.17
CA VAL D 1006 -89.34 -97.31 -32.98
C VAL D 1006 -90.46 -98.16 -32.41
N TYR D 1007 -90.67 -99.33 -33.01
CA TYR D 1007 -91.76 -100.21 -32.59
C TYR D 1007 -91.20 -101.55 -32.13
N THR D 1008 -91.90 -102.15 -31.19
CA THR D 1008 -91.65 -103.52 -30.78
C THR D 1008 -92.98 -104.25 -30.69
N LEU D 1009 -92.93 -105.58 -30.77
CA LEU D 1009 -94.15 -106.35 -30.84
C LEU D 1009 -94.02 -107.62 -30.02
N HIS D 1010 -95.17 -108.15 -29.62
CA HIS D 1010 -95.26 -109.39 -28.89
C HIS D 1010 -96.13 -110.37 -29.65
N TYR D 1011 -95.80 -111.66 -29.53
CA TYR D 1011 -96.59 -112.73 -30.13
C TYR D 1011 -97.31 -113.48 -29.01
N TYR D 1012 -98.59 -113.71 -29.21
CA TYR D 1012 -99.41 -114.39 -28.23
C TYR D 1012 -100.00 -115.66 -28.84
N ASP D 1013 -100.70 -116.40 -28.01
CA ASP D 1013 -101.29 -117.67 -28.41
C ASP D 1013 -102.76 -117.46 -28.73
N PRO D 1014 -103.22 -117.82 -29.93
CA PRO D 1014 -104.62 -117.57 -30.30
C PRO D 1014 -105.62 -118.26 -29.40
N GLN D 1015 -105.23 -119.30 -28.68
CA GLN D 1015 -106.17 -120.06 -27.87
C GLN D 1015 -106.26 -119.57 -26.43
N ILE D 1016 -105.66 -118.43 -26.11
CA ILE D 1016 -105.65 -117.92 -24.75
C ILE D 1016 -106.31 -116.55 -24.73
N SER D 1017 -107.38 -116.43 -23.97
CA SER D 1017 -108.03 -115.14 -23.81
C SER D 1017 -107.18 -114.24 -22.93
N LEU D 1018 -107.20 -112.94 -23.25
CA LEU D 1018 -106.40 -111.98 -22.50
C LEU D 1018 -106.92 -110.57 -22.79
N ASP D 1019 -106.54 -109.65 -21.92
CA ASP D 1019 -106.72 -108.22 -22.15
C ASP D 1019 -105.34 -107.59 -22.23
N GLU D 1020 -105.10 -106.84 -23.30
CA GLU D 1020 -103.79 -106.28 -23.56
C GLU D 1020 -103.60 -104.91 -22.92
N ALA D 1021 -104.57 -104.45 -22.15
CA ALA D 1021 -104.46 -103.16 -21.48
C ALA D 1021 -103.18 -103.00 -20.65
N PRO D 1022 -102.75 -103.97 -19.84
CA PRO D 1022 -101.54 -103.73 -19.02
C PRO D 1022 -100.32 -103.35 -19.84
N ILE D 1023 -100.16 -103.95 -21.02
CA ILE D 1023 -98.99 -103.63 -21.83
C ILE D 1023 -98.98 -102.15 -22.18
N LEU D 1024 -100.13 -101.64 -22.63
CA LEU D 1024 -100.21 -100.22 -22.97
C LEU D 1024 -100.00 -99.35 -21.75
N GLU D 1025 -100.67 -99.69 -20.65
CA GLU D 1025 -100.52 -98.91 -19.42
C GLU D 1025 -99.07 -98.88 -18.98
N GLU D 1026 -98.36 -99.99 -19.17
CA GLU D 1026 -96.92 -99.97 -18.96
C GLU D 1026 -96.24 -99.02 -19.92
N TRP D 1027 -96.64 -99.06 -21.19
CA TRP D 1027 -96.01 -98.17 -22.17
C TRP D 1027 -96.27 -96.72 -21.83
N LEU D 1028 -97.49 -96.41 -21.39
CA LEU D 1028 -97.80 -95.06 -20.96
C LEU D 1028 -96.91 -94.64 -19.81
N SER D 1029 -96.57 -95.58 -18.93
CA SER D 1029 -95.90 -95.25 -17.68
C SER D 1029 -94.48 -94.77 -17.88
N LYS D 1030 -93.93 -94.83 -19.08
CA LYS D 1030 -92.55 -94.43 -19.31
C LYS D 1030 -92.43 -93.32 -20.34
N ILE D 1031 -93.48 -92.58 -20.56
CA ILE D 1031 -93.45 -91.43 -21.46
C ILE D 1031 -93.20 -90.19 -20.64
N ASN D 1032 -92.33 -89.31 -21.14
CA ASN D 1032 -92.07 -88.04 -20.48
C ASN D 1032 -91.69 -87.03 -21.55
N PRO D 1033 -91.61 -85.74 -21.20
CA PRO D 1033 -91.26 -84.74 -22.22
C PRO D 1033 -89.93 -84.97 -22.89
N ALA D 1034 -89.09 -85.86 -22.36
CA ALA D 1034 -87.76 -86.07 -22.93
C ALA D 1034 -87.72 -87.18 -23.97
N GLY D 1035 -88.52 -88.22 -23.80
CA GLY D 1035 -88.48 -89.33 -24.74
C GLY D 1035 -89.57 -90.33 -24.43
N ILE D 1036 -89.69 -91.31 -25.32
CA ILE D 1036 -90.72 -92.33 -25.20
C ILE D 1036 -90.11 -93.70 -25.41
N PRO D 1037 -90.69 -94.76 -24.87
CA PRO D 1037 -90.24 -96.11 -25.16
C PRO D 1037 -90.82 -96.59 -26.46
N PRO D 1038 -90.31 -97.69 -27.02
CA PRO D 1038 -90.85 -98.19 -28.28
C PRO D 1038 -92.32 -98.55 -28.15
N VAL D 1039 -93.05 -98.36 -29.24
CA VAL D 1039 -94.48 -98.65 -29.25
C VAL D 1039 -94.68 -100.16 -29.28
N PRO D 1040 -95.51 -100.71 -28.40
CA PRO D 1040 -95.74 -102.15 -28.39
C PRO D 1040 -96.86 -102.57 -29.34
N PHE D 1041 -96.88 -103.87 -29.61
CA PHE D 1041 -97.93 -104.47 -30.42
C PHE D 1041 -98.08 -105.93 -30.04
N CYS D 1042 -99.23 -106.50 -30.39
CA CYS D 1042 -99.52 -107.91 -30.12
C CYS D 1042 -99.99 -108.57 -31.40
N ILE D 1043 -99.40 -109.72 -31.73
CA ILE D 1043 -99.73 -110.43 -32.96
C ILE D 1043 -99.96 -111.90 -32.63
N PRO D 1044 -101.02 -112.52 -33.15
CA PRO D 1044 -101.22 -113.94 -32.91
C PRO D 1044 -100.18 -114.78 -33.64
N ILE D 1045 -99.73 -115.83 -32.98
CA ILE D 1045 -98.82 -116.77 -33.63
C ILE D 1045 -99.59 -117.57 -34.67
N PRO D 1046 -99.14 -117.61 -35.91
CA PRO D 1046 -99.87 -118.37 -36.93
C PRO D 1046 -99.93 -119.86 -36.58
N GLN D 1047 -101.05 -120.47 -36.92
CA GLN D 1047 -101.30 -121.87 -36.61
C GLN D 1047 -101.36 -122.71 -37.88
N VAL D 1048 -101.02 -123.99 -37.74
CA VAL D 1048 -100.98 -124.89 -38.88
C VAL D 1048 -102.27 -125.68 -38.96
N TYR D 1049 -102.87 -125.95 -37.82
CA TYR D 1049 -104.13 -126.66 -37.81
C TYR D 1049 -105.26 -125.75 -37.37
N PRO D 1050 -106.48 -126.01 -37.82
CA PRO D 1050 -107.62 -125.19 -37.36
C PRO D 1050 -107.78 -125.32 -35.85
N CYS D 1051 -108.15 -124.20 -35.23
CA CYS D 1051 -108.30 -124.16 -33.79
C CYS D 1051 -109.44 -123.24 -33.43
N ILE D 1052 -109.81 -123.24 -32.16
CA ILE D 1052 -110.86 -122.39 -31.64
C ILE D 1052 -110.20 -121.21 -30.94
N THR D 1053 -110.42 -120.01 -31.48
CA THR D 1053 -109.79 -118.83 -30.93
C THR D 1053 -110.55 -118.32 -29.72
N ALA D 1054 -109.82 -117.72 -28.79
CA ALA D 1054 -110.40 -117.17 -27.57
C ALA D 1054 -110.62 -115.68 -27.74
N ARG D 1055 -111.57 -115.15 -26.97
CA ARG D 1055 -111.83 -113.71 -26.99
C ARG D 1055 -110.59 -112.95 -26.61
N ARG D 1056 -110.32 -111.87 -27.33
CA ARG D 1056 -109.11 -111.10 -27.11
C ARG D 1056 -109.43 -109.62 -27.30
N VAL D 1057 -108.67 -108.77 -26.61
CA VAL D 1057 -108.89 -107.33 -26.61
C VAL D 1057 -107.65 -106.65 -27.17
N HIS D 1058 -107.84 -105.81 -28.18
CA HIS D 1058 -106.76 -105.08 -28.80
C HIS D 1058 -107.00 -103.58 -28.67
N TYR D 1059 -105.91 -102.82 -28.64
CA TYR D 1059 -106.03 -101.37 -28.47
C TYR D 1059 -105.23 -100.59 -29.50
N ALA D 1060 -104.12 -101.14 -29.97
CA ALA D 1060 -103.17 -100.39 -30.77
C ALA D 1060 -103.01 -101.00 -32.15
N PHE D 1061 -102.97 -100.14 -33.17
CA PHE D 1061 -102.64 -100.56 -34.51
C PHE D 1061 -102.20 -99.33 -35.30
N THR D 1062 -101.37 -99.56 -36.32
CA THR D 1062 -100.80 -98.47 -37.07
C THR D 1062 -101.79 -97.96 -38.12
N SER D 1063 -101.44 -96.83 -38.71
CA SER D 1063 -102.30 -96.16 -39.69
C SER D 1063 -101.96 -96.52 -41.13
N GLU D 1064 -100.85 -97.21 -41.37
CA GLU D 1064 -100.50 -97.59 -42.73
C GLU D 1064 -99.52 -98.76 -42.68
N ASN D 1065 -99.35 -99.40 -43.82
CA ASN D 1065 -98.58 -100.64 -43.88
C ASN D 1065 -97.18 -100.44 -43.34
N ASN D 1066 -96.76 -101.34 -42.45
CA ASN D 1066 -95.42 -101.28 -41.88
C ASN D 1066 -94.79 -102.65 -41.65
N ASN D 1067 -95.33 -103.72 -42.25
CA ASN D 1067 -94.83 -105.07 -41.99
C ASN D 1067 -93.94 -105.58 -43.12
N ASP D 1068 -93.16 -104.71 -43.73
CA ASP D 1068 -92.32 -105.12 -44.84
C ASP D 1068 -91.28 -106.16 -44.42
N SER D 1069 -90.80 -106.07 -43.18
CA SER D 1069 -89.73 -106.94 -42.73
C SER D 1069 -90.16 -108.39 -42.58
N LEU D 1070 -91.45 -108.68 -42.66
CA LEU D 1070 -91.91 -110.06 -42.54
C LEU D 1070 -91.42 -110.86 -43.75
N PHE D 1071 -90.82 -112.02 -43.47
CA PHE D 1071 -90.29 -112.86 -44.53
C PHE D 1071 -91.23 -114.00 -44.90
N SER D 1072 -91.59 -114.84 -43.94
CA SER D 1072 -92.46 -115.97 -44.20
C SER D 1072 -93.03 -116.48 -42.90
N THR D 1073 -94.14 -117.21 -43.00
CA THR D 1073 -94.83 -117.78 -41.86
C THR D 1073 -95.06 -119.27 -42.09
N ASN D 1074 -94.78 -120.06 -41.06
CA ASN D 1074 -94.96 -121.51 -41.12
C ASN D 1074 -94.25 -122.09 -42.34
N ALA D 1075 -93.02 -121.64 -42.56
CA ALA D 1075 -92.29 -122.02 -43.77
C ALA D 1075 -92.11 -123.53 -43.86
N ALA D 1076 -91.89 -124.18 -42.71
CA ALA D 1076 -91.68 -125.62 -42.72
C ALA D 1076 -92.95 -126.39 -43.08
N SER D 1077 -94.12 -125.79 -42.92
CA SER D 1077 -95.35 -126.45 -43.28
C SER D 1077 -95.68 -126.19 -44.75
N ILE D 1078 -96.86 -126.62 -45.17
CA ILE D 1078 -97.29 -126.47 -46.55
C ILE D 1078 -98.21 -125.25 -46.67
N ASP D 1079 -98.92 -124.94 -45.59
CA ASP D 1079 -99.84 -123.81 -45.61
C ASP D 1079 -100.13 -123.39 -44.18
N THR D 1080 -100.91 -122.32 -44.04
CA THR D 1080 -101.31 -121.80 -42.74
C THR D 1080 -102.81 -121.98 -42.56
N ALA D 1081 -103.21 -122.30 -41.34
CA ALA D 1081 -104.63 -122.53 -41.05
C ALA D 1081 -105.33 -121.25 -40.63
N PHE D 1082 -104.83 -120.59 -39.59
CA PHE D 1082 -105.53 -119.45 -39.01
C PHE D 1082 -104.77 -118.14 -39.12
N GLY D 1083 -103.47 -118.14 -38.81
CA GLY D 1083 -102.72 -116.91 -38.75
C GLY D 1083 -102.54 -116.21 -40.07
N GLU D 1084 -101.61 -115.26 -40.12
CA GLU D 1084 -101.35 -114.51 -41.34
C GLU D 1084 -100.49 -115.34 -42.27
N ASN D 1085 -101.10 -115.87 -43.33
CA ASN D 1085 -100.33 -116.61 -44.31
C ASN D 1085 -99.45 -115.67 -45.11
N ALA D 1086 -98.20 -116.08 -45.33
CA ALA D 1086 -97.26 -115.25 -46.06
C ALA D 1086 -96.17 -116.14 -46.63
N ALA D 1087 -96.19 -116.34 -47.95
CA ALA D 1087 -95.17 -117.12 -48.62
C ALA D 1087 -93.94 -116.27 -48.87
N VAL D 1088 -92.95 -116.87 -49.51
CA VAL D 1088 -91.71 -116.17 -49.87
C VAL D 1088 -91.92 -115.49 -51.21
N SER D 1089 -91.60 -114.21 -51.27
CA SER D 1089 -91.91 -113.44 -52.47
C SER D 1089 -90.79 -113.55 -53.48
N PRO D 1090 -91.09 -113.91 -54.74
CA PRO D 1090 -90.12 -113.70 -55.81
C PRO D 1090 -89.88 -112.25 -56.13
N LEU D 1091 -90.61 -111.34 -55.48
CA LEU D 1091 -90.45 -109.91 -55.73
C LEU D 1091 -89.07 -109.44 -55.31
N ARG D 1092 -88.51 -110.01 -54.25
CA ARG D 1092 -87.10 -109.82 -53.96
C ARG D 1092 -86.29 -110.79 -54.81
N TRP D 1093 -84.97 -110.65 -54.75
CA TRP D 1093 -83.97 -111.48 -55.43
C TRP D 1093 -84.47 -112.08 -56.74
N PRO D 1094 -84.86 -111.25 -57.71
CA PRO D 1094 -85.24 -111.80 -59.02
C PRO D 1094 -84.08 -112.48 -59.70
N GLY D 1095 -82.85 -112.10 -59.37
CA GLY D 1095 -81.69 -112.69 -60.00
C GLY D 1095 -81.58 -114.18 -59.76
N LEU D 1096 -82.27 -114.70 -58.74
CA LEU D 1096 -82.29 -116.13 -58.51
C LEU D 1096 -83.39 -116.83 -59.29
N VAL D 1097 -84.39 -116.10 -59.76
CA VAL D 1097 -85.58 -116.72 -60.31
C VAL D 1097 -85.88 -116.22 -61.71
N ASP D 1098 -85.96 -114.90 -61.88
CA ASP D 1098 -86.48 -114.32 -63.11
C ASP D 1098 -85.63 -114.69 -64.31
N PRO D 1099 -86.19 -115.33 -65.33
CA PRO D 1099 -85.41 -115.55 -66.57
C PRO D 1099 -84.98 -114.26 -67.22
N ASN D 1100 -85.75 -113.19 -67.07
CA ASN D 1100 -85.43 -111.93 -67.72
C ASN D 1100 -84.44 -111.10 -66.92
N TYR D 1101 -83.91 -111.63 -65.83
CA TYR D 1101 -82.96 -110.89 -65.01
C TYR D 1101 -81.73 -110.53 -65.82
N ARG D 1102 -81.20 -109.35 -65.55
CA ARG D 1102 -80.00 -108.85 -66.21
C ARG D 1102 -78.87 -108.75 -65.20
N VAL D 1103 -77.69 -109.20 -65.59
CA VAL D 1103 -76.57 -109.28 -64.66
C VAL D 1103 -76.23 -107.88 -64.16
N GLY D 1104 -76.12 -107.75 -62.84
CA GLY D 1104 -75.67 -106.53 -62.23
C GLY D 1104 -76.75 -105.51 -61.93
N THR D 1105 -77.96 -105.70 -62.44
CA THR D 1105 -79.01 -104.74 -62.22
C THR D 1105 -79.66 -104.93 -60.85
N ASN D 1106 -80.35 -103.89 -60.39
CA ASN D 1106 -81.06 -103.92 -59.12
C ASN D 1106 -82.02 -102.75 -59.07
N ASP D 1107 -82.88 -102.76 -58.07
CA ASP D 1107 -83.82 -101.67 -57.82
C ASP D 1107 -83.50 -101.06 -56.47
N LEU D 1108 -82.21 -100.83 -56.22
CA LEU D 1108 -81.75 -100.49 -54.88
C LEU D 1108 -82.50 -99.34 -54.21
N PRO D 1109 -82.83 -98.23 -54.87
CA PRO D 1109 -83.53 -97.15 -54.15
C PRO D 1109 -84.87 -97.57 -53.57
N ASN D 1110 -85.48 -98.62 -54.10
CA ASN D 1110 -86.82 -99.02 -53.69
C ASN D 1110 -86.86 -100.31 -52.88
N ARG D 1111 -85.99 -101.26 -53.16
CA ARG D 1111 -86.13 -102.58 -52.55
C ARG D 1111 -84.78 -103.28 -52.54
N ILE D 1112 -84.49 -103.98 -51.45
CA ILE D 1112 -83.25 -104.73 -51.31
C ILE D 1112 -83.46 -106.13 -51.86
N THR D 1113 -82.60 -106.54 -52.78
CA THR D 1113 -82.57 -107.91 -53.24
C THR D 1113 -81.47 -108.67 -52.52
N LEU D 1114 -81.63 -110.00 -52.47
CA LEU D 1114 -80.81 -110.82 -51.59
C LEU D 1114 -80.02 -111.89 -52.33
N TYR D 1115 -79.87 -111.77 -53.64
CA TYR D 1115 -79.06 -112.72 -54.40
C TYR D 1115 -78.64 -112.03 -55.69
N ASN D 1116 -77.35 -111.75 -55.81
CA ASN D 1116 -76.88 -110.82 -56.83
C ASN D 1116 -75.61 -111.35 -57.48
N SER D 1117 -75.25 -110.71 -58.60
CA SER D 1117 -73.97 -110.94 -59.24
C SER D 1117 -72.94 -109.97 -58.67
N LEU D 1118 -71.69 -110.43 -58.61
CA LEU D 1118 -70.63 -109.59 -58.07
C LEU D 1118 -69.29 -110.13 -58.56
N TYR D 1119 -68.26 -109.32 -58.36
CA TYR D 1119 -66.89 -109.71 -58.67
C TYR D 1119 -66.10 -109.86 -57.38
N ARG D 1120 -65.26 -110.88 -57.34
CA ARG D 1120 -64.30 -111.07 -56.27
C ARG D 1120 -62.89 -110.95 -56.84
N TYR D 1121 -62.01 -110.30 -56.09
CA TYR D 1121 -60.73 -109.87 -56.62
C TYR D 1121 -59.59 -110.56 -55.90
N ASN D 1122 -58.44 -110.59 -56.56
CA ASN D 1122 -57.17 -111.00 -55.96
C ASN D 1122 -56.16 -109.93 -56.31
N PHE D 1123 -56.13 -108.87 -55.51
CA PHE D 1123 -55.21 -107.78 -55.79
C PHE D 1123 -53.83 -108.08 -55.25
N THR D 1124 -52.82 -107.55 -55.92
CA THR D 1124 -51.43 -107.78 -55.57
C THR D 1124 -50.80 -106.47 -55.13
N TYR D 1125 -49.95 -106.54 -54.11
CA TYR D 1125 -49.38 -105.37 -53.46
C TYR D 1125 -47.88 -105.44 -53.55
N PRO D 1126 -47.28 -104.82 -54.56
CA PRO D 1126 -45.83 -104.90 -54.73
C PRO D 1126 -45.09 -104.07 -53.69
N THR D 1127 -43.81 -104.39 -53.52
CA THR D 1127 -42.89 -103.56 -52.77
C THR D 1127 -41.65 -103.36 -53.62
N LEU D 1128 -41.00 -102.23 -53.43
CA LEU D 1128 -39.93 -101.79 -54.32
C LEU D 1128 -38.57 -101.91 -53.64
N ASP D 1129 -37.60 -102.45 -54.38
CA ASP D 1129 -36.20 -102.42 -54.01
C ASP D 1129 -35.43 -101.82 -55.17
N GLY D 1130 -34.77 -100.69 -54.93
CA GLY D 1130 -34.15 -99.92 -55.98
C GLY D 1130 -32.65 -99.80 -55.82
N ILE D 1131 -32.02 -99.30 -56.88
CA ILE D 1131 -30.58 -99.06 -56.92
C ILE D 1131 -30.37 -97.64 -57.39
N MET D 1132 -29.52 -96.90 -56.68
CA MET D 1132 -29.30 -95.49 -56.95
C MET D 1132 -27.89 -95.27 -57.47
N TYR D 1133 -27.76 -94.31 -58.38
CA TYR D 1133 -26.47 -93.92 -58.94
C TYR D 1133 -26.27 -92.43 -58.75
N VAL D 1134 -25.06 -92.04 -58.43
CA VAL D 1134 -24.70 -90.64 -58.25
C VAL D 1134 -24.04 -90.15 -59.52
N ARG D 1135 -24.27 -88.87 -59.84
CA ARG D 1135 -23.65 -88.29 -61.02
C ARG D 1135 -22.15 -88.17 -60.83
N SER D 1136 -21.41 -88.41 -61.91
CA SER D 1136 -19.96 -88.39 -61.85
C SER D 1136 -19.46 -87.01 -61.45
N ALA D 1137 -18.16 -86.95 -61.14
CA ALA D 1137 -17.56 -85.68 -60.73
C ALA D 1137 -17.64 -84.64 -61.84
N THR D 1138 -17.43 -85.06 -63.08
CA THR D 1138 -17.52 -84.15 -64.21
C THR D 1138 -18.34 -84.75 -65.33
N VAL E 32 -75.78 -82.23 26.25
CA VAL E 32 -75.96 -82.27 24.81
C VAL E 32 -76.67 -81.01 24.34
N THR E 33 -76.35 -80.57 23.13
CA THR E 33 -76.95 -79.36 22.60
C THR E 33 -78.43 -79.58 22.33
N PRO E 34 -79.28 -78.60 22.64
CA PRO E 34 -80.71 -78.73 22.35
C PRO E 34 -80.95 -78.68 20.85
N ILE E 35 -82.05 -79.30 20.44
CA ILE E 35 -82.46 -79.32 19.04
C ILE E 35 -83.91 -78.91 18.86
N VAL E 36 -84.64 -78.67 19.94
CA VAL E 36 -86.03 -78.24 19.86
C VAL E 36 -86.19 -76.98 20.68
N ASN E 37 -86.89 -75.99 20.14
CA ASN E 37 -87.08 -74.74 20.84
C ASN E 37 -87.95 -74.95 22.08
N PRO E 38 -87.79 -74.11 23.10
CA PRO E 38 -88.65 -74.22 24.28
C PRO E 38 -90.11 -74.03 23.92
N SER E 39 -90.98 -74.79 24.57
CA SER E 39 -92.41 -74.61 24.37
C SER E 39 -92.89 -73.29 24.97
N SER E 40 -92.25 -72.84 26.05
CA SER E 40 -92.59 -71.58 26.66
C SER E 40 -91.36 -71.04 27.37
N TYR E 41 -91.41 -69.76 27.72
CA TYR E 41 -90.29 -69.09 28.34
C TYR E 41 -90.69 -68.59 29.72
N VAL E 42 -89.72 -68.57 30.63
CA VAL E 42 -89.98 -68.41 32.05
C VAL E 42 -89.20 -67.23 32.58
N CYS E 43 -89.87 -66.39 33.37
CA CYS E 43 -89.16 -65.38 34.14
C CYS E 43 -88.80 -65.95 35.51
N ASN E 44 -87.77 -65.37 36.11
CA ASN E 44 -87.14 -66.02 37.27
C ASN E 44 -88.05 -66.00 38.50
N VAL E 45 -88.66 -64.86 38.80
CA VAL E 45 -89.36 -64.70 40.06
C VAL E 45 -90.87 -64.60 39.89
N CYS E 46 -91.36 -64.06 38.78
CA CYS E 46 -92.78 -63.81 38.65
C CYS E 46 -93.57 -65.06 38.32
N ASN E 47 -92.90 -66.16 38.00
CA ASN E 47 -93.53 -67.43 37.62
C ASN E 47 -94.44 -67.28 36.41
N ALA E 48 -94.35 -66.18 35.69
CA ALA E 48 -95.18 -65.97 34.51
C ALA E 48 -94.57 -66.69 33.33
N ARG E 49 -95.38 -67.49 32.64
CA ARG E 49 -94.94 -68.23 31.47
C ARG E 49 -95.46 -67.54 30.23
N PHE E 50 -94.63 -67.51 29.19
CA PHE E 50 -94.93 -66.76 27.98
C PHE E 50 -94.80 -67.67 26.77
N SER E 51 -95.74 -67.54 25.84
CA SER E 51 -95.68 -68.31 24.61
C SER E 51 -94.56 -67.84 23.70
N THR E 52 -94.18 -66.57 23.78
CA THR E 52 -93.12 -66.02 22.95
C THR E 52 -92.08 -65.35 23.84
N MET E 53 -90.82 -65.44 23.44
CA MET E 53 -89.77 -64.76 24.18
C MET E 53 -89.93 -63.26 24.08
N SER E 54 -90.52 -62.77 22.99
CA SER E 54 -90.76 -61.34 22.86
C SER E 54 -91.67 -60.84 23.96
N ALA E 55 -92.75 -61.56 24.22
CA ALA E 55 -93.66 -61.19 25.30
C ALA E 55 -92.94 -61.23 26.63
N LEU E 56 -92.16 -62.28 26.87
CA LEU E 56 -91.36 -62.33 28.09
C LEU E 56 -90.39 -61.17 28.14
N SER E 57 -89.78 -60.83 27.01
CA SER E 57 -88.84 -59.71 26.97
C SER E 57 -89.51 -58.42 27.39
N GLU E 58 -90.73 -58.17 26.91
CA GLU E 58 -91.44 -56.97 27.30
C GLU E 58 -91.74 -56.97 28.79
N HIS E 59 -92.15 -58.13 29.31
CA HIS E 59 -92.46 -58.22 30.75
C HIS E 59 -91.25 -57.88 31.58
N LEU E 60 -90.08 -58.44 31.23
CA LEU E 60 -88.85 -58.05 31.91
C LEU E 60 -88.53 -56.59 31.64
N ARG E 61 -88.80 -56.13 30.42
CA ARG E 61 -88.49 -54.75 30.06
C ARG E 61 -89.32 -53.75 30.86
N SER E 62 -90.53 -54.13 31.26
CA SER E 62 -91.44 -53.19 31.89
C SER E 62 -91.79 -53.55 33.34
N ASP E 63 -92.36 -54.74 33.57
CA ASP E 63 -92.99 -54.99 34.87
C ASP E 63 -91.97 -55.21 35.97
N HIS E 64 -90.84 -55.84 35.65
CA HIS E 64 -89.84 -56.15 36.66
C HIS E 64 -89.12 -54.93 37.18
N ARG E 65 -89.31 -53.76 36.58
CA ARG E 65 -88.36 -52.67 36.78
C ARG E 65 -88.97 -51.41 37.38
N ASP E 66 -89.72 -51.54 38.47
CA ASP E 66 -90.06 -50.39 39.29
C ASP E 66 -89.43 -50.50 40.68
N ASP E 67 -89.79 -51.53 41.44
CA ASP E 67 -89.02 -52.08 42.56
C ASP E 67 -88.25 -51.02 43.35
N ALA E 68 -89.00 -50.06 43.91
CA ALA E 68 -88.39 -49.02 44.74
C ALA E 68 -88.20 -49.58 46.15
N SER E 69 -87.04 -50.16 46.41
CA SER E 69 -86.79 -50.81 47.69
C SER E 69 -85.41 -50.56 48.29
N THR E 70 -84.52 -49.85 47.62
CA THR E 70 -83.15 -49.70 48.09
C THR E 70 -82.84 -48.23 48.36
N LEU E 71 -81.58 -47.97 48.69
CA LEU E 71 -81.16 -46.61 49.01
C LEU E 71 -81.13 -45.70 47.78
N LEU E 72 -81.11 -46.28 46.59
CA LEU E 72 -81.03 -45.47 45.38
C LEU E 72 -82.00 -45.92 44.29
N ALA E 73 -82.84 -46.91 44.53
CA ALA E 73 -83.77 -47.37 43.51
C ALA E 73 -84.90 -46.37 43.32
N THR E 74 -84.56 -45.18 42.83
CA THR E 74 -85.54 -44.13 42.63
C THR E 74 -86.33 -44.38 41.34
N PRO E 75 -87.56 -43.88 41.26
CA PRO E 75 -88.32 -44.04 40.01
C PRO E 75 -87.67 -43.39 38.82
N MET E 76 -86.99 -42.26 39.01
CA MET E 76 -86.45 -41.54 37.86
C MET E 76 -85.36 -42.35 37.17
N ILE E 77 -84.48 -43.00 37.93
CA ILE E 77 -83.45 -43.81 37.31
C ILE E 77 -84.08 -45.01 36.63
N ASN E 78 -85.16 -45.54 37.19
CA ASN E 78 -85.89 -46.61 36.51
C ASN E 78 -86.36 -46.15 35.15
N ASN E 79 -86.84 -44.91 35.04
CA ASN E 79 -87.19 -44.36 33.74
C ASN E 79 -85.97 -44.27 32.85
N ALA E 80 -84.83 -43.84 33.40
CA ALA E 80 -83.61 -43.76 32.60
C ALA E 80 -83.21 -45.12 32.07
N ILE E 81 -83.25 -46.13 32.95
CA ILE E 81 -82.94 -47.49 32.52
C ILE E 81 -83.93 -47.95 31.47
N ARG E 82 -85.21 -47.71 31.72
CA ARG E 82 -86.25 -48.14 30.79
C ARG E 82 -86.04 -47.51 29.42
N SER E 83 -85.74 -46.21 29.40
CA SER E 83 -85.50 -45.53 28.13
C SER E 83 -84.28 -46.13 27.44
N PHE E 84 -83.22 -46.36 28.19
CA PHE E 84 -82.01 -46.92 27.59
C PHE E 84 -82.29 -48.28 26.98
N LEU E 85 -83.06 -49.11 27.67
CA LEU E 85 -83.41 -50.41 27.14
C LEU E 85 -84.13 -50.29 25.81
N THR E 86 -85.15 -49.44 25.76
CA THR E 86 -85.93 -49.29 24.53
C THR E 86 -85.10 -48.69 23.42
N ALA E 87 -84.13 -47.84 23.74
CA ALA E 87 -83.38 -47.13 22.73
C ALA E 87 -82.22 -47.94 22.16
N TRP E 88 -82.01 -49.16 22.63
CA TRP E 88 -80.84 -49.92 22.19
C TRP E 88 -81.03 -50.43 20.77
N ASP E 89 -80.01 -50.26 19.94
CA ASP E 89 -79.93 -50.94 18.65
C ASP E 89 -78.47 -50.96 18.22
N GLY E 90 -77.85 -52.13 18.26
CA GLY E 90 -76.44 -52.22 17.95
C GLY E 90 -76.10 -52.97 16.69
N ILE E 91 -77.08 -53.19 15.82
CA ILE E 91 -76.84 -53.95 14.60
C ILE E 91 -77.32 -53.19 13.37
N ARG E 92 -77.33 -51.87 13.45
CA ARG E 92 -77.66 -51.06 12.29
C ARG E 92 -76.46 -50.95 11.36
N ILE E 93 -76.73 -51.01 10.06
CA ILE E 93 -75.69 -50.73 9.08
C ILE E 93 -75.32 -49.26 9.11
N LEU E 94 -76.31 -48.40 8.84
CA LEU E 94 -76.13 -46.97 8.98
C LEU E 94 -76.39 -46.55 10.42
N SER E 95 -75.63 -45.57 10.89
CA SER E 95 -75.80 -45.02 12.23
C SER E 95 -75.48 -43.54 12.20
N PRO E 96 -76.28 -42.74 11.50
CA PRO E 96 -75.97 -41.31 11.38
C PRO E 96 -75.99 -40.58 12.69
N ASP E 97 -76.69 -41.10 13.70
CA ASP E 97 -76.73 -40.44 15.00
C ASP E 97 -75.35 -40.41 15.65
N VAL E 98 -74.67 -41.55 15.68
CA VAL E 98 -73.36 -41.61 16.33
C VAL E 98 -72.24 -41.18 15.41
N SER E 99 -72.44 -41.23 14.10
CA SER E 99 -71.41 -40.79 13.16
C SER E 99 -71.19 -39.28 13.23
N SER E 100 -72.10 -38.54 13.87
CA SER E 100 -71.92 -37.11 14.00
C SER E 100 -70.67 -36.81 14.81
N LYS E 101 -70.01 -35.70 14.46
CA LYS E 101 -68.78 -35.24 15.09
C LYS E 101 -67.62 -36.20 14.89
N HIS E 102 -67.71 -37.09 13.91
CA HIS E 102 -66.59 -37.97 13.58
C HIS E 102 -65.64 -37.24 12.64
N LEU E 103 -64.99 -36.22 13.20
CA LEU E 103 -64.00 -35.46 12.45
C LEU E 103 -62.86 -36.37 12.04
N SER E 104 -62.67 -36.54 10.73
CA SER E 104 -61.68 -37.44 10.18
C SER E 104 -60.69 -36.65 9.33
N ALA E 105 -59.41 -36.84 9.60
CA ALA E 105 -58.37 -36.13 8.87
C ALA E 105 -58.09 -36.80 7.54
N TYR E 106 -57.80 -35.98 6.53
CA TYR E 106 -57.45 -36.48 5.22
C TYR E 106 -56.11 -37.21 5.29
N LEU E 107 -56.05 -38.41 4.73
CA LEU E 107 -54.84 -39.21 4.72
C LEU E 107 -54.48 -39.56 3.28
N ASP E 108 -53.19 -39.48 2.97
CA ASP E 108 -52.74 -39.74 1.61
C ASP E 108 -52.91 -41.21 1.23
N SER E 109 -52.55 -42.12 2.13
CA SER E 109 -52.66 -43.54 1.81
C SER E 109 -54.10 -44.00 1.79
N ALA E 110 -54.97 -43.36 2.56
CA ALA E 110 -56.35 -43.81 2.65
C ALA E 110 -57.05 -43.74 1.30
N VAL E 111 -56.82 -42.65 0.55
CA VAL E 111 -57.47 -42.48 -0.74
C VAL E 111 -56.85 -43.34 -1.82
N ALA E 112 -55.87 -44.17 -1.49
CA ALA E 112 -55.18 -45.00 -2.47
C ALA E 112 -55.81 -46.37 -2.64
N ASN E 113 -57.11 -46.49 -2.43
CA ASN E 113 -57.82 -47.76 -2.54
C ASN E 113 -58.63 -47.89 -3.82
N GLY E 114 -59.32 -46.84 -4.23
CA GLY E 114 -60.18 -46.91 -5.40
C GLY E 114 -61.50 -47.59 -5.09
N PRO E 115 -62.58 -47.06 -5.63
CA PRO E 115 -63.90 -47.66 -5.38
C PRO E 115 -64.03 -49.00 -6.07
N GLU E 116 -64.96 -49.80 -5.57
CA GLU E 116 -65.26 -51.11 -6.12
C GLU E 116 -66.31 -50.95 -7.20
N LEU E 117 -65.85 -50.69 -8.43
CA LEU E 117 -66.77 -50.41 -9.51
C LEU E 117 -67.32 -51.68 -10.13
N ILE E 118 -66.47 -52.67 -10.35
CA ILE E 118 -66.85 -53.85 -11.12
C ILE E 118 -67.61 -54.79 -10.20
N VAL E 119 -68.93 -54.80 -10.30
CA VAL E 119 -69.78 -55.78 -9.63
C VAL E 119 -70.74 -56.32 -10.67
N GLU E 120 -70.68 -57.62 -10.92
CA GLU E 120 -71.46 -58.23 -11.99
C GLU E 120 -72.31 -59.34 -11.44
N ASP E 121 -73.55 -59.41 -11.92
CA ASP E 121 -74.55 -60.36 -11.46
C ASP E 121 -74.99 -61.23 -12.63
N THR E 122 -75.08 -62.53 -12.38
CA THR E 122 -75.58 -63.47 -13.37
C THR E 122 -76.99 -63.95 -13.08
N GLY E 123 -77.56 -63.54 -11.95
CA GLY E 123 -78.90 -63.96 -11.59
C GLY E 123 -79.97 -63.25 -12.39
N LEU E 124 -81.19 -63.27 -11.89
CA LEU E 124 -82.29 -62.58 -12.57
C LEU E 124 -82.29 -61.10 -12.19
N CYS E 125 -82.37 -60.24 -13.20
CA CYS E 125 -82.41 -58.80 -12.97
C CYS E 125 -83.80 -58.44 -12.45
N THR E 126 -84.02 -58.68 -11.17
CA THR E 126 -85.29 -58.36 -10.56
C THR E 126 -85.08 -57.95 -9.12
N SER E 127 -86.06 -57.24 -8.58
CA SER E 127 -86.01 -56.80 -7.20
C SER E 127 -87.32 -57.01 -6.46
N PHE E 128 -88.32 -57.60 -7.08
CA PHE E 128 -89.59 -57.87 -6.44
C PHE E 128 -89.86 -59.36 -6.45
N MET E 129 -90.53 -59.84 -5.43
CA MET E 129 -90.80 -61.26 -5.26
C MET E 129 -92.29 -61.50 -5.09
N LEU E 130 -92.77 -62.58 -5.69
CA LEU E 130 -94.13 -63.04 -5.47
C LEU E 130 -94.15 -63.97 -4.27
N LEU E 131 -95.18 -63.85 -3.45
CA LEU E 131 -95.17 -64.51 -2.15
C LEU E 131 -96.40 -65.37 -1.97
N ASP E 132 -96.40 -66.12 -0.87
CA ASP E 132 -97.40 -67.12 -0.53
C ASP E 132 -98.16 -66.74 0.74
N ASN E 133 -98.56 -65.47 0.84
CA ASN E 133 -98.87 -64.89 2.14
C ASN E 133 -99.82 -65.74 2.95
N ILE E 134 -100.84 -66.31 2.31
CA ILE E 134 -101.77 -67.20 2.98
C ILE E 134 -101.76 -68.54 2.24
N PRO E 135 -101.30 -69.61 2.86
CA PRO E 135 -101.23 -70.90 2.17
C PRO E 135 -102.62 -71.45 1.87
N SER E 136 -102.69 -72.23 0.81
CA SER E 136 -103.92 -72.91 0.45
C SER E 136 -104.11 -74.14 1.34
N ALA E 137 -105.37 -74.47 1.63
CA ALA E 137 -105.68 -75.57 2.53
C ALA E 137 -105.60 -76.90 1.81
N HIS E 138 -105.25 -77.94 2.56
CA HIS E 138 -105.16 -79.30 2.04
C HIS E 138 -106.44 -80.04 2.41
N LEU E 139 -107.34 -80.16 1.45
CA LEU E 139 -108.60 -80.86 1.66
C LEU E 139 -108.45 -82.33 1.28
N THR E 140 -108.98 -83.20 2.14
CA THR E 140 -108.86 -84.63 1.90
C THR E 140 -110.15 -85.41 2.11
N LYS E 141 -111.18 -84.83 2.70
CA LYS E 141 -112.43 -85.55 2.96
C LYS E 141 -113.58 -85.00 2.13
N GLU E 142 -113.85 -83.71 2.23
CA GLU E 142 -114.83 -83.03 1.40
C GLU E 142 -114.12 -81.95 0.61
N LEU E 143 -114.71 -81.57 -0.52
CA LEU E 143 -114.14 -80.59 -1.44
C LEU E 143 -112.88 -81.12 -2.10
N ILE E 144 -112.84 -82.41 -2.37
CA ILE E 144 -111.68 -83.02 -3.01
C ILE E 144 -111.67 -82.64 -4.48
N GLY E 145 -110.51 -82.20 -4.95
CA GLY E 145 -110.33 -81.82 -6.34
C GLY E 145 -110.33 -80.34 -6.60
N PHE E 146 -110.81 -79.53 -5.65
CA PHE E 146 -110.83 -78.09 -5.84
C PHE E 146 -109.44 -77.48 -5.82
N THR E 147 -108.42 -78.22 -5.41
CA THR E 147 -107.07 -77.70 -5.32
C THR E 147 -106.10 -78.71 -5.93
N TRP E 148 -105.06 -78.20 -6.56
CA TRP E 148 -104.09 -79.03 -7.27
C TRP E 148 -102.70 -78.44 -7.05
N PHE E 149 -101.91 -79.08 -6.20
CA PHE E 149 -100.56 -78.63 -5.94
C PHE E 149 -99.60 -79.26 -6.94
N MET E 150 -98.75 -78.44 -7.56
CA MET E 150 -97.78 -78.96 -8.51
C MET E 150 -96.84 -79.96 -7.88
N GLN E 151 -96.67 -79.92 -6.56
CA GLN E 151 -95.85 -80.91 -5.89
C GLN E 151 -96.37 -82.32 -6.15
N MET E 152 -97.68 -82.46 -6.32
CA MET E 152 -98.25 -83.77 -6.62
C MET E 152 -97.64 -84.38 -7.86
N TYR E 153 -97.20 -83.55 -8.80
CA TYR E 153 -96.54 -84.02 -10.00
C TYR E 153 -95.04 -83.83 -9.95
N GLN E 154 -94.49 -83.51 -8.77
CA GLN E 154 -93.06 -83.32 -8.59
C GLN E 154 -92.54 -82.21 -9.51
N MET E 155 -93.20 -81.06 -9.41
CA MET E 155 -92.83 -79.90 -10.23
C MET E 155 -92.86 -78.66 -9.35
N THR E 156 -91.89 -77.78 -9.58
CA THR E 156 -91.86 -76.50 -8.89
C THR E 156 -92.72 -75.51 -9.66
N PRO E 157 -93.76 -74.96 -9.05
CA PRO E 157 -94.63 -74.05 -9.79
C PRO E 157 -93.89 -72.78 -10.17
N PRO E 158 -94.18 -72.20 -11.33
CA PRO E 158 -93.57 -70.93 -11.70
C PRO E 158 -94.15 -69.74 -10.98
N LEU E 159 -95.31 -69.90 -10.35
CA LEU E 159 -95.98 -68.82 -9.64
C LEU E 159 -96.39 -69.30 -8.26
N PRO E 160 -96.54 -68.39 -7.30
CA PRO E 160 -97.05 -68.80 -6.00
C PRO E 160 -98.45 -69.38 -6.14
N GLU E 161 -98.73 -70.40 -5.36
CA GLU E 161 -100.01 -71.08 -5.40
C GLU E 161 -100.66 -71.09 -4.02
N GLY E 162 -100.52 -69.99 -3.29
CA GLY E 162 -101.21 -69.84 -2.02
C GLY E 162 -102.60 -69.30 -2.19
N ALA E 163 -103.35 -69.29 -1.09
CA ALA E 163 -104.68 -68.73 -1.13
C ALA E 163 -104.66 -67.24 -1.43
N VAL E 164 -103.69 -66.53 -0.87
CA VAL E 164 -103.51 -65.10 -1.11
C VAL E 164 -102.05 -64.85 -1.41
N ASN E 165 -101.77 -64.18 -2.53
CA ASN E 165 -100.41 -63.95 -2.98
C ASN E 165 -100.14 -62.46 -3.13
N ARG E 166 -98.96 -62.04 -2.72
CA ARG E 166 -98.61 -60.63 -2.66
C ARG E 166 -97.32 -60.39 -3.44
N ILE E 167 -97.12 -59.12 -3.78
CA ILE E 167 -95.87 -58.65 -4.37
C ILE E 167 -95.17 -57.80 -3.34
N VAL E 168 -93.89 -58.10 -3.08
CA VAL E 168 -93.11 -57.37 -2.10
C VAL E 168 -91.74 -57.05 -2.68
N CYS E 169 -91.07 -56.09 -2.04
CA CYS E 169 -89.77 -55.61 -2.48
C CYS E 169 -88.68 -56.31 -1.67
N MET E 170 -87.90 -57.16 -2.35
CA MET E 170 -86.77 -57.84 -1.74
C MET E 170 -85.61 -57.77 -2.74
N THR E 171 -84.75 -56.78 -2.55
CA THR E 171 -83.67 -56.55 -3.50
C THR E 171 -82.72 -57.74 -3.55
N ASN E 172 -82.31 -58.08 -4.77
CA ASN E 172 -81.31 -59.13 -5.00
C ASN E 172 -81.77 -60.48 -4.46
N TRP E 173 -83.07 -60.70 -4.39
CA TRP E 173 -83.56 -61.99 -3.91
C TRP E 173 -83.18 -63.10 -4.88
N ALA E 174 -83.01 -62.78 -6.15
CA ALA E 174 -82.57 -63.75 -7.14
C ALA E 174 -81.15 -63.47 -7.63
N SER E 175 -80.36 -62.76 -6.84
CA SER E 175 -79.01 -62.41 -7.26
C SER E 175 -78.12 -63.65 -7.31
N LEU E 176 -77.04 -63.55 -8.06
CA LEU E 176 -76.18 -64.69 -8.28
C LEU E 176 -74.84 -64.23 -8.86
N GLY E 177 -73.77 -64.84 -8.39
CA GLY E 177 -72.47 -64.60 -8.98
C GLY E 177 -71.40 -64.02 -8.07
N ASP E 178 -71.74 -63.04 -7.26
CA ASP E 178 -70.79 -62.51 -6.28
C ASP E 178 -71.56 -61.75 -5.21
N GLU E 179 -70.82 -61.26 -4.22
CA GLU E 179 -71.41 -60.88 -2.94
C GLU E 179 -72.39 -59.72 -3.06
N GLY E 180 -72.05 -58.71 -3.85
CA GLY E 180 -72.92 -57.55 -3.95
C GLY E 180 -72.50 -56.41 -3.05
N ARG E 181 -73.28 -55.33 -3.12
CA ARG E 181 -72.88 -54.08 -2.48
C ARG E 181 -72.85 -54.18 -0.97
N GLY E 182 -73.70 -55.01 -0.38
CA GLY E 182 -73.69 -55.19 1.05
C GLY E 182 -74.74 -54.42 1.81
N LEU E 183 -75.59 -53.65 1.14
CA LEU E 183 -76.74 -53.05 1.79
C LEU E 183 -77.96 -53.33 0.93
N GLU E 184 -79.05 -53.77 1.56
CA GLU E 184 -80.20 -54.25 0.82
C GLU E 184 -81.48 -53.80 1.52
N VAL E 185 -82.59 -53.91 0.79
CA VAL E 185 -83.91 -53.58 1.29
C VAL E 185 -84.77 -54.81 1.20
N ARG E 186 -85.36 -55.22 2.32
CA ARG E 186 -86.17 -56.43 2.39
C ARG E 186 -87.42 -56.12 3.20
N LEU E 187 -88.58 -56.22 2.56
CA LEU E 187 -89.79 -55.96 3.32
C LEU E 187 -90.54 -57.26 3.59
N PRO E 188 -91.03 -57.46 4.80
CA PRO E 188 -91.86 -58.62 5.07
C PRO E 188 -93.22 -58.45 4.45
N PRO E 189 -94.00 -59.53 4.31
CA PRO E 189 -95.34 -59.40 3.79
C PRO E 189 -96.18 -58.51 4.69
N PRO E 190 -97.17 -57.81 4.13
CA PRO E 190 -97.93 -56.84 4.93
C PRO E 190 -98.66 -57.44 6.12
N THR E 191 -98.68 -58.76 6.25
CA THR E 191 -99.18 -59.37 7.46
C THR E 191 -98.29 -59.06 8.66
N ASP E 192 -97.08 -58.58 8.43
CA ASP E 192 -96.17 -58.15 9.49
C ASP E 192 -96.08 -56.63 9.49
N SER E 193 -95.49 -56.10 10.56
CA SER E 193 -95.42 -54.66 10.76
C SER E 193 -94.63 -53.97 9.65
N SER E 194 -93.41 -54.44 9.39
CA SER E 194 -92.50 -53.84 8.42
C SER E 194 -92.14 -52.40 8.74
N VAL E 195 -92.34 -51.99 10.00
CA VAL E 195 -92.07 -50.61 10.36
C VAL E 195 -90.57 -50.33 10.32
N HIS E 196 -89.76 -51.30 10.71
CA HIS E 196 -88.33 -51.07 10.90
C HIS E 196 -87.66 -50.54 9.64
N ALA E 197 -88.23 -50.78 8.47
CA ALA E 197 -87.63 -50.29 7.25
C ALA E 197 -87.63 -48.77 7.16
N TYR E 198 -88.44 -48.10 7.97
CA TYR E 198 -88.59 -46.66 7.87
C TYR E 198 -88.12 -45.94 9.13
N LYS E 199 -87.13 -46.48 9.80
CA LYS E 199 -86.57 -45.88 11.00
C LYS E 199 -85.11 -45.50 10.77
N THR E 200 -84.78 -45.09 9.54
CA THR E 200 -83.41 -44.74 9.24
C THR E 200 -82.96 -43.53 10.04
N VAL E 201 -83.81 -42.52 10.16
CA VAL E 201 -83.45 -41.27 10.81
C VAL E 201 -84.58 -40.77 11.69
N LEU E 202 -84.23 -39.87 12.60
CA LEU E 202 -85.21 -39.12 13.40
C LEU E 202 -86.14 -40.05 14.17
N SER E 203 -85.67 -41.24 14.50
CA SER E 203 -86.57 -42.22 15.10
C SER E 203 -86.00 -42.88 16.35
N ARG E 204 -84.67 -43.03 16.40
CA ARG E 204 -84.07 -44.00 17.31
C ARG E 204 -84.49 -43.76 18.76
N GLY E 205 -84.10 -42.63 19.33
CA GLY E 205 -84.36 -42.42 20.73
C GLY E 205 -85.66 -41.71 20.98
N TYR E 206 -86.54 -41.72 20.00
CA TYR E 206 -87.69 -40.83 20.09
C TYR E 206 -89.03 -41.55 20.02
N ILE E 207 -89.14 -42.61 19.23
CA ILE E 207 -90.40 -43.31 19.09
C ILE E 207 -90.24 -44.75 19.57
N ASP E 208 -91.36 -45.36 19.93
CA ASP E 208 -91.34 -46.73 20.39
C ASP E 208 -91.01 -47.68 19.25
N ASN E 209 -90.61 -48.90 19.63
CA ASN E 209 -90.27 -49.92 18.64
C ASN E 209 -91.45 -50.21 17.72
N ALA E 210 -92.66 -50.23 18.27
CA ALA E 210 -93.83 -50.60 17.48
C ALA E 210 -94.37 -49.46 16.63
N GLN E 211 -93.96 -48.23 16.88
CA GLN E 211 -94.51 -47.08 16.16
C GLN E 211 -93.63 -46.72 14.98
N PHE E 212 -94.17 -45.85 14.12
CA PHE E 212 -93.38 -45.16 13.11
C PHE E 212 -93.67 -43.67 13.23
N ASN E 213 -92.70 -42.86 12.84
CA ASN E 213 -92.83 -41.42 12.96
C ASN E 213 -93.58 -40.86 11.77
N PRO E 214 -94.85 -40.48 11.92
CA PRO E 214 -95.59 -39.95 10.79
C PRO E 214 -95.12 -38.58 10.33
N LEU E 215 -94.38 -37.86 11.18
CA LEU E 215 -93.97 -36.51 10.83
C LEU E 215 -92.63 -36.45 10.12
N ALA E 216 -91.90 -37.56 10.06
CA ALA E 216 -90.62 -37.62 9.36
C ALA E 216 -90.68 -38.63 8.22
N LEU E 217 -91.87 -38.80 7.64
CA LEU E 217 -92.06 -39.89 6.69
C LEU E 217 -91.28 -39.65 5.41
N ARG E 218 -91.34 -38.43 4.87
CA ARG E 218 -90.75 -38.17 3.56
C ARG E 218 -89.25 -38.46 3.57
N SER E 219 -88.56 -38.04 4.63
CA SER E 219 -87.13 -38.28 4.70
C SER E 219 -86.82 -39.76 4.77
N ASN E 220 -87.51 -40.49 5.65
CA ASN E 220 -87.23 -41.91 5.81
C ASN E 220 -87.53 -42.67 4.52
N VAL E 221 -88.63 -42.33 3.87
CA VAL E 221 -88.94 -42.97 2.59
C VAL E 221 -87.83 -42.72 1.59
N LEU E 222 -87.39 -41.47 1.50
CA LEU E 222 -86.37 -41.12 0.52
C LEU E 222 -85.09 -41.91 0.78
N LEU E 223 -84.67 -41.98 2.04
CA LEU E 223 -83.45 -42.71 2.34
C LEU E 223 -83.58 -44.19 2.00
N MET E 224 -84.75 -44.77 2.24
CA MET E 224 -84.96 -46.17 1.91
C MET E 224 -84.79 -46.38 0.41
N LEU E 225 -85.38 -45.50 -0.40
CA LEU E 225 -85.25 -45.64 -1.83
C LEU E 225 -83.81 -45.50 -2.27
N LEU E 226 -83.04 -44.64 -1.60
CA LEU E 226 -81.64 -44.48 -1.94
C LEU E 226 -80.90 -45.80 -1.81
N GLN E 227 -81.10 -46.50 -0.69
CA GLN E 227 -80.48 -47.81 -0.52
C GLN E 227 -80.93 -48.77 -1.59
N PHE E 228 -82.21 -48.74 -1.94
CA PHE E 228 -82.71 -49.55 -3.04
C PHE E 228 -81.91 -49.29 -4.30
N THR E 229 -81.67 -48.02 -4.60
CA THR E 229 -80.93 -47.67 -5.80
C THR E 229 -79.51 -48.21 -5.74
N LEU E 230 -78.81 -47.94 -4.64
CA LEU E 230 -77.41 -48.34 -4.54
C LEU E 230 -77.26 -49.86 -4.63
N SER E 231 -78.21 -50.59 -4.04
CA SER E 231 -78.10 -52.04 -3.99
C SER E 231 -78.18 -52.68 -5.35
N ASN E 232 -78.60 -51.95 -6.39
CA ASN E 232 -78.79 -52.53 -7.71
C ASN E 232 -77.75 -52.06 -8.72
N LEU E 233 -76.72 -51.33 -8.28
CA LEU E 233 -75.70 -50.86 -9.20
C LEU E 233 -74.78 -52.03 -9.52
N LYS E 234 -75.16 -52.80 -10.54
CA LYS E 234 -74.41 -53.99 -10.93
C LYS E 234 -74.37 -54.06 -12.45
N ILE E 235 -73.82 -55.15 -12.97
CA ILE E 235 -73.73 -55.39 -14.39
C ILE E 235 -74.39 -56.74 -14.68
N ASN E 236 -75.27 -56.76 -15.67
CA ASN E 236 -75.97 -57.99 -16.05
C ASN E 236 -75.08 -58.79 -16.99
N LYS E 237 -74.16 -59.53 -16.39
CA LYS E 237 -73.29 -60.38 -17.19
C LYS E 237 -74.08 -61.52 -17.81
N SER E 238 -73.59 -62.01 -18.95
CA SER E 238 -74.25 -63.09 -19.65
C SER E 238 -73.98 -64.41 -18.93
N SER E 239 -74.43 -65.50 -19.53
CA SER E 239 -74.22 -66.83 -18.97
C SER E 239 -74.40 -67.84 -20.10
N THR E 240 -74.33 -69.12 -19.74
CA THR E 240 -74.39 -70.18 -20.73
C THR E 240 -75.80 -70.36 -21.24
N PHE E 241 -75.96 -70.28 -22.56
CA PHE E 241 -77.22 -70.60 -23.22
C PHE E 241 -77.14 -71.99 -23.84
N THR E 242 -78.26 -72.70 -23.80
CA THR E 242 -78.36 -73.99 -24.48
C THR E 242 -79.70 -74.09 -25.17
N SER E 243 -79.75 -74.93 -26.19
CA SER E 243 -81.02 -75.27 -26.79
C SER E 243 -81.80 -76.20 -25.87
N ASP E 244 -83.11 -76.25 -26.07
CA ASP E 244 -84.00 -77.10 -25.31
C ASP E 244 -84.38 -78.30 -26.17
N VAL E 245 -83.92 -79.49 -25.76
CA VAL E 245 -84.19 -80.69 -26.53
C VAL E 245 -85.45 -81.41 -26.08
N THR E 246 -86.20 -80.83 -25.15
CA THR E 246 -87.40 -81.48 -24.66
C THR E 246 -88.61 -81.08 -25.48
N THR E 247 -89.73 -81.75 -25.21
CA THR E 247 -90.97 -81.48 -25.91
C THR E 247 -91.49 -80.07 -25.62
N ILE E 248 -91.14 -79.51 -24.47
CA ILE E 248 -91.73 -78.24 -24.04
C ILE E 248 -91.54 -77.17 -25.11
N THR E 249 -90.32 -77.06 -25.63
CA THR E 249 -90.10 -76.29 -26.85
C THR E 249 -88.77 -76.63 -27.47
N SER E 250 -88.76 -76.86 -28.78
CA SER E 250 -87.52 -77.01 -29.51
C SER E 250 -87.07 -75.70 -30.13
N GLY E 251 -87.97 -74.75 -30.30
CA GLY E 251 -87.75 -73.59 -31.13
C GLY E 251 -86.95 -72.46 -30.52
N ARG E 252 -86.47 -72.61 -29.29
CA ARG E 252 -85.74 -71.53 -28.65
C ARG E 252 -84.56 -72.08 -27.87
N MET E 253 -83.63 -71.19 -27.54
CA MET E 253 -82.45 -71.47 -26.76
C MET E 253 -82.47 -70.59 -25.52
N ILE E 254 -82.23 -71.18 -24.35
CA ILE E 254 -82.45 -70.51 -23.08
C ILE E 254 -81.21 -70.64 -22.21
N ARG E 255 -81.23 -69.93 -21.09
CA ARG E 255 -80.15 -69.98 -20.11
C ARG E 255 -80.36 -71.18 -19.20
N ALA E 256 -79.41 -72.10 -19.20
CA ALA E 256 -79.42 -73.23 -18.29
C ALA E 256 -78.69 -72.82 -17.02
N PHE E 257 -79.43 -72.53 -15.96
CA PHE E 257 -78.79 -72.10 -14.73
C PHE E 257 -77.97 -73.21 -14.09
N GLU E 258 -78.27 -74.47 -14.40
CA GLU E 258 -77.33 -75.56 -14.26
C GLU E 258 -76.75 -75.63 -12.85
N GLY E 259 -77.63 -75.88 -11.89
CA GLY E 259 -77.21 -75.91 -10.50
C GLY E 259 -78.23 -75.23 -9.61
N ARG E 260 -79.11 -74.46 -10.21
CA ARG E 260 -80.22 -73.81 -9.50
C ARG E 260 -81.52 -74.12 -10.22
N PRO E 261 -81.90 -75.40 -10.31
CA PRO E 261 -83.09 -75.74 -11.10
C PRO E 261 -84.34 -75.05 -10.60
N GLU E 262 -84.48 -74.91 -9.28
CA GLU E 262 -85.61 -74.16 -8.73
C GLU E 262 -85.64 -72.74 -9.27
N LEU E 263 -84.46 -72.14 -9.46
CA LEU E 263 -84.41 -70.80 -10.03
C LEU E 263 -84.86 -70.81 -11.47
N LEU E 264 -84.46 -71.83 -12.23
CA LEU E 264 -84.87 -71.93 -13.62
C LEU E 264 -86.38 -71.99 -13.73
N ALA E 265 -87.03 -72.72 -12.82
CA ALA E 265 -88.49 -72.80 -12.86
C ALA E 265 -89.12 -71.42 -12.80
N LEU E 266 -88.55 -70.52 -11.99
CA LEU E 266 -89.09 -69.18 -11.89
C LEU E 266 -88.73 -68.32 -13.09
N ALA E 267 -87.56 -68.53 -13.67
CA ALA E 267 -87.07 -67.61 -14.69
C ALA E 267 -87.92 -67.63 -15.94
N TYR E 268 -88.45 -68.77 -16.32
CA TYR E 268 -89.20 -68.92 -17.56
C TYR E 268 -90.56 -69.50 -17.26
N PRO E 269 -91.52 -68.66 -16.88
CA PRO E 269 -92.88 -69.16 -16.62
C PRO E 269 -93.51 -69.82 -17.83
N GLY E 270 -93.10 -69.44 -19.04
CA GLY E 270 -93.72 -69.99 -20.24
C GLY E 270 -93.53 -71.48 -20.39
N ARG E 271 -92.55 -72.07 -19.71
CA ARG E 271 -92.25 -73.49 -19.85
C ARG E 271 -93.06 -74.35 -18.90
N ALA E 272 -94.17 -73.85 -18.39
CA ALA E 272 -94.92 -74.60 -17.39
C ALA E 272 -95.65 -75.78 -18.03
N VAL E 273 -96.02 -76.74 -17.19
CA VAL E 273 -96.92 -77.82 -17.56
C VAL E 273 -98.23 -77.63 -16.79
N LEU E 274 -99.34 -77.81 -17.48
CA LEU E 274 -100.64 -77.40 -16.97
C LEU E 274 -101.61 -78.57 -16.99
N PRO E 275 -101.59 -79.40 -15.95
CA PRO E 275 -102.54 -80.53 -15.90
C PRO E 275 -103.99 -80.10 -15.82
N THR E 276 -104.33 -79.27 -14.85
CA THR E 276 -105.72 -78.92 -14.58
C THR E 276 -105.90 -77.41 -14.68
N GLN E 277 -107.13 -77.01 -15.02
CA GLN E 277 -107.44 -75.62 -15.32
C GLN E 277 -107.63 -74.85 -14.00
N THR E 278 -106.51 -74.52 -13.38
CA THR E 278 -106.55 -73.65 -12.22
C THR E 278 -106.38 -72.20 -12.64
N LYS E 279 -106.53 -71.29 -11.68
CA LYS E 279 -106.42 -69.87 -11.99
C LYS E 279 -105.03 -69.55 -12.54
N ASN E 280 -103.99 -70.16 -11.97
CA ASN E 280 -102.66 -70.01 -12.53
C ASN E 280 -102.62 -70.54 -13.96
N ALA E 281 -103.22 -71.70 -14.18
CA ALA E 281 -103.24 -72.28 -15.52
C ALA E 281 -104.00 -71.38 -16.49
N GLN E 282 -105.13 -70.84 -16.05
CA GLN E 282 -105.91 -69.97 -16.92
C GLN E 282 -105.08 -68.80 -17.42
N PHE E 283 -104.13 -68.33 -16.61
CA PHE E 283 -103.26 -67.25 -17.05
C PHE E 283 -102.12 -67.77 -17.90
N LEU E 284 -101.39 -68.76 -17.39
CA LEU E 284 -100.20 -69.24 -18.08
C LEU E 284 -100.53 -69.80 -19.46
N SER E 285 -101.72 -70.36 -19.62
CA SER E 285 -102.08 -70.97 -20.90
C SER E 285 -102.10 -69.95 -22.02
N THR E 286 -102.16 -68.66 -21.71
CA THR E 286 -102.20 -67.61 -22.71
C THR E 286 -100.82 -67.17 -23.18
N ALA E 287 -99.75 -67.72 -22.60
CA ALA E 287 -98.42 -67.23 -22.91
C ALA E 287 -98.06 -67.47 -24.37
N ILE E 288 -97.45 -66.46 -24.99
CA ILE E 288 -96.99 -66.60 -26.36
C ILE E 288 -95.83 -67.57 -26.42
N ALA E 289 -95.76 -68.33 -27.51
CA ALA E 289 -94.89 -69.50 -27.56
C ALA E 289 -93.41 -69.12 -27.51
N ASP E 290 -93.01 -68.09 -28.23
CA ASP E 290 -91.59 -67.85 -28.46
C ASP E 290 -91.04 -66.64 -27.70
N ARG E 291 -91.84 -66.00 -26.86
CA ARG E 291 -91.37 -64.86 -26.09
C ARG E 291 -90.48 -65.33 -24.94
N ILE E 292 -89.35 -65.95 -25.29
CA ILE E 292 -88.51 -66.60 -24.31
C ILE E 292 -87.13 -66.83 -24.89
N GLY E 293 -86.12 -66.72 -24.04
CA GLY E 293 -84.78 -67.13 -24.42
C GLY E 293 -84.02 -66.06 -25.18
N ARG E 294 -82.98 -66.52 -25.87
CA ARG E 294 -82.10 -65.61 -26.59
C ARG E 294 -82.79 -65.07 -27.82
N LEU E 295 -82.83 -63.75 -27.94
CA LEU E 295 -83.40 -63.12 -29.12
C LEU E 295 -82.35 -62.87 -30.19
N ASP E 296 -81.26 -62.20 -29.82
CA ASP E 296 -80.20 -61.92 -30.76
C ASP E 296 -78.87 -61.90 -30.02
N ARG E 297 -77.81 -62.23 -30.75
CA ARG E 297 -76.47 -62.34 -30.18
C ARG E 297 -75.48 -61.62 -31.08
N ALA E 298 -74.60 -60.82 -30.48
CA ALA E 298 -73.56 -60.14 -31.22
C ALA E 298 -72.32 -61.02 -31.20
N ASN E 299 -72.08 -61.73 -32.30
CA ASN E 299 -71.02 -62.71 -32.38
C ASN E 299 -69.96 -62.20 -33.36
N LEU E 300 -68.75 -61.96 -32.84
CA LEU E 300 -67.72 -61.27 -33.61
C LEU E 300 -66.67 -62.20 -34.16
N ILE E 301 -66.15 -63.11 -33.35
CA ILE E 301 -64.99 -63.92 -33.71
C ILE E 301 -65.31 -65.38 -33.38
N GLY E 302 -65.02 -66.27 -34.34
CA GLY E 302 -65.20 -67.68 -34.07
C GLY E 302 -64.31 -68.14 -32.94
N GLY E 303 -64.83 -69.05 -32.12
CA GLY E 303 -64.10 -69.51 -30.96
C GLY E 303 -63.81 -68.41 -29.96
N GLU E 304 -64.70 -67.44 -29.86
CA GLU E 304 -64.51 -66.29 -28.98
C GLU E 304 -65.86 -65.93 -28.37
N VAL E 305 -65.82 -65.36 -27.17
CA VAL E 305 -67.05 -65.00 -26.48
C VAL E 305 -67.80 -63.96 -27.29
N SER E 306 -69.13 -64.11 -27.36
CA SER E 306 -69.95 -63.06 -27.93
C SER E 306 -69.95 -61.86 -27.00
N ALA E 307 -69.72 -60.68 -27.56
CA ALA E 307 -69.54 -59.49 -26.74
C ALA E 307 -70.77 -59.20 -25.91
N MET E 308 -71.94 -59.30 -26.52
CA MET E 308 -73.18 -59.05 -25.79
C MET E 308 -74.28 -59.90 -26.43
N VAL E 309 -75.32 -60.14 -25.64
CA VAL E 309 -76.44 -60.97 -26.08
C VAL E 309 -77.73 -60.36 -25.55
N GLU E 310 -78.79 -60.44 -26.33
CA GLU E 310 -80.09 -59.94 -25.95
C GLU E 310 -81.05 -61.10 -25.77
N CYS E 311 -81.79 -61.09 -24.66
CA CYS E 311 -82.74 -62.14 -24.36
C CYS E 311 -83.88 -61.54 -23.57
N MET E 312 -84.92 -62.33 -23.35
CA MET E 312 -86.04 -61.92 -22.51
C MET E 312 -86.32 -63.02 -21.50
N GLU E 313 -86.64 -62.60 -20.28
CA GLU E 313 -86.81 -63.49 -19.15
C GLU E 313 -87.52 -62.70 -18.06
N LEU E 314 -87.60 -63.29 -16.87
CA LEU E 314 -88.20 -62.60 -15.73
C LEU E 314 -87.29 -61.44 -15.33
N CYS E 315 -87.77 -60.22 -15.51
CA CYS E 315 -86.97 -59.04 -15.19
C CYS E 315 -87.88 -57.84 -15.09
N ASP E 316 -87.88 -57.18 -13.94
CA ASP E 316 -88.68 -55.99 -13.79
C ASP E 316 -88.02 -54.81 -14.50
N ALA E 317 -88.85 -53.83 -14.89
CA ALA E 317 -88.34 -52.70 -15.64
C ALA E 317 -87.47 -51.80 -14.78
N LEU E 318 -87.88 -51.58 -13.53
CA LEU E 318 -87.19 -50.58 -12.71
C LEU E 318 -85.73 -50.96 -12.49
N THR E 319 -85.49 -52.19 -12.05
CA THR E 319 -84.11 -52.64 -11.90
C THR E 319 -83.38 -52.58 -13.23
N LEU E 320 -84.07 -52.91 -14.32
CA LEU E 320 -83.46 -52.84 -15.63
C LEU E 320 -83.02 -51.42 -15.94
N HIS E 321 -83.87 -50.44 -15.66
CA HIS E 321 -83.51 -49.05 -15.92
C HIS E 321 -82.29 -48.65 -15.12
N ILE E 322 -82.22 -49.09 -13.86
CA ILE E 322 -81.08 -48.72 -13.02
C ILE E 322 -79.80 -49.28 -13.60
N ARG E 323 -79.78 -50.60 -13.85
CA ARG E 323 -78.53 -51.24 -14.24
C ARG E 323 -78.06 -50.76 -15.60
N GLU E 324 -79.00 -50.52 -16.52
CA GLU E 324 -78.61 -49.95 -17.80
C GLU E 324 -77.97 -48.59 -17.61
N THR E 325 -78.52 -47.78 -16.72
CA THR E 325 -77.90 -46.50 -16.41
C THR E 325 -76.50 -46.70 -15.86
N TYR E 326 -76.34 -47.67 -14.96
CA TYR E 326 -75.04 -47.90 -14.34
C TYR E 326 -73.99 -48.24 -15.39
N VAL E 327 -74.34 -49.12 -16.32
CA VAL E 327 -73.42 -49.44 -17.41
C VAL E 327 -73.10 -48.19 -18.21
N MET E 328 -74.14 -47.42 -18.54
CA MET E 328 -73.94 -46.18 -19.28
C MET E 328 -72.93 -45.29 -18.56
N LEU E 329 -73.01 -45.24 -17.23
CA LEU E 329 -72.04 -44.46 -16.48
C LEU E 329 -70.64 -45.00 -16.69
N LEU E 330 -70.46 -46.31 -16.61
CA LEU E 330 -69.13 -46.90 -16.76
C LEU E 330 -68.55 -46.56 -18.13
N ARG E 331 -69.36 -46.69 -19.17
CA ARG E 331 -68.89 -46.33 -20.50
C ARG E 331 -68.42 -44.88 -20.54
N SER E 332 -69.10 -44.02 -19.79
CA SER E 332 -68.79 -42.59 -19.83
C SER E 332 -67.37 -42.29 -19.40
N MET E 333 -66.73 -43.19 -18.66
CA MET E 333 -65.36 -42.97 -18.22
C MET E 333 -64.39 -44.01 -18.78
N HIS E 334 -64.73 -44.62 -19.90
CA HIS E 334 -63.84 -45.51 -20.61
C HIS E 334 -63.29 -44.82 -21.86
N GLN E 335 -62.06 -45.15 -22.20
CA GLN E 335 -61.44 -44.64 -23.42
C GLN E 335 -60.62 -45.74 -24.07
N ASP E 336 -60.45 -45.63 -25.38
CA ASP E 336 -59.76 -46.65 -26.15
C ASP E 336 -58.25 -46.55 -25.93
N PRO E 337 -57.52 -47.60 -26.28
CA PRO E 337 -56.07 -47.60 -26.02
C PRO E 337 -55.33 -46.43 -26.65
N THR E 338 -55.68 -46.03 -27.86
CA THR E 338 -54.95 -44.95 -28.53
C THR E 338 -54.94 -43.71 -27.65
N GLN E 339 -56.10 -43.36 -27.10
CA GLN E 339 -56.15 -42.25 -26.16
C GLN E 339 -55.30 -42.54 -24.93
N ILE E 340 -55.40 -43.76 -24.41
CA ILE E 340 -54.71 -44.09 -23.17
C ILE E 340 -53.21 -43.94 -23.36
N VAL E 341 -52.66 -44.54 -24.42
CA VAL E 341 -51.22 -44.49 -24.61
C VAL E 341 -50.78 -43.05 -24.86
N GLN E 342 -51.59 -42.29 -25.58
CA GLN E 342 -51.23 -40.89 -25.80
C GLN E 342 -51.21 -40.11 -24.50
N ILE E 343 -52.17 -40.37 -23.62
CA ILE E 343 -52.21 -39.68 -22.34
C ILE E 343 -50.92 -39.94 -21.57
N VAL E 344 -50.50 -41.20 -21.52
CA VAL E 344 -49.30 -41.54 -20.78
C VAL E 344 -48.09 -40.83 -21.36
N ASN E 345 -47.97 -40.85 -22.69
CA ASN E 345 -46.83 -40.21 -23.33
C ASN E 345 -46.79 -38.73 -23.01
N GLU E 346 -47.93 -38.05 -23.10
CA GLU E 346 -47.97 -36.64 -22.78
C GLU E 346 -47.67 -36.38 -21.32
N CYS E 347 -48.19 -37.23 -20.44
CA CYS E 347 -47.91 -37.08 -19.01
C CYS E 347 -46.41 -37.06 -18.74
N ALA E 348 -45.65 -37.82 -19.51
CA ALA E 348 -44.19 -37.88 -19.35
C ALA E 348 -43.47 -36.89 -20.25
N ASN E 349 -44.14 -35.80 -20.65
CA ASN E 349 -43.55 -34.80 -21.53
C ASN E 349 -42.94 -35.45 -22.77
N ASN E 350 -43.68 -36.39 -23.34
CA ASN E 350 -43.30 -37.13 -24.53
C ASN E 350 -42.03 -37.95 -24.35
N LEU E 351 -41.53 -38.07 -23.13
CA LEU E 351 -40.52 -39.08 -22.88
C LEU E 351 -41.19 -40.44 -22.73
N LEU E 352 -40.40 -41.49 -22.85
CA LEU E 352 -40.91 -42.85 -22.75
C LEU E 352 -42.02 -43.10 -23.77
N ASN E 353 -41.79 -42.65 -25.00
CA ASN E 353 -42.79 -42.84 -26.04
C ASN E 353 -43.09 -44.33 -26.22
N SER E 354 -44.36 -44.65 -26.38
CA SER E 354 -44.79 -46.03 -26.53
C SER E 354 -46.02 -46.05 -27.41
N THR E 355 -46.37 -47.24 -27.88
CA THR E 355 -47.52 -47.39 -28.76
C THR E 355 -48.15 -48.75 -28.53
N ILE E 356 -49.27 -48.97 -29.21
CA ILE E 356 -50.07 -50.17 -29.03
C ILE E 356 -50.00 -51.03 -30.28
N PRO E 357 -50.26 -52.33 -30.19
CA PRO E 357 -50.40 -53.14 -31.40
C PRO E 357 -51.69 -52.80 -32.12
N ILE E 358 -51.82 -53.32 -33.33
CA ILE E 358 -52.99 -53.07 -34.17
C ILE E 358 -53.66 -54.41 -34.41
N SER E 359 -54.67 -54.72 -33.62
CA SER E 359 -55.45 -55.94 -33.79
C SER E 359 -56.76 -55.77 -33.05
N LEU E 360 -57.66 -56.72 -33.26
CA LEU E 360 -58.99 -56.64 -32.66
C LEU E 360 -58.91 -56.83 -31.16
N ARG E 361 -59.57 -55.93 -30.42
CA ARG E 361 -59.70 -56.04 -28.97
C ARG E 361 -61.19 -55.98 -28.67
N PRO E 362 -61.86 -57.13 -28.58
CA PRO E 362 -63.32 -57.13 -28.63
C PRO E 362 -64.01 -56.46 -27.45
N THR E 363 -63.74 -56.91 -26.22
CA THR E 363 -64.62 -56.61 -25.10
C THR E 363 -63.90 -55.91 -23.95
N ILE E 364 -62.99 -55.01 -24.26
CA ILE E 364 -62.23 -54.34 -23.21
C ILE E 364 -63.08 -53.23 -22.60
N LEU E 365 -62.75 -52.88 -21.35
CA LEU E 365 -63.42 -51.80 -20.65
C LEU E 365 -62.48 -51.29 -19.57
N CYS E 366 -62.15 -50.01 -19.62
CA CYS E 366 -61.16 -49.41 -18.71
C CYS E 366 -61.73 -48.13 -18.14
N PRO E 367 -62.61 -48.22 -17.16
CA PRO E 367 -63.21 -47.02 -16.58
C PRO E 367 -62.24 -46.27 -15.69
N TRP E 368 -61.36 -45.47 -16.29
CA TRP E 368 -60.22 -44.92 -15.55
C TRP E 368 -60.14 -43.39 -15.62
N PHE E 369 -61.21 -42.71 -15.99
CA PHE E 369 -61.07 -41.30 -16.32
C PHE E 369 -62.26 -40.49 -15.82
N ALA E 370 -62.07 -39.17 -15.80
CA ALA E 370 -63.09 -38.26 -15.30
C ALA E 370 -62.82 -36.88 -15.90
N SER E 371 -63.84 -36.02 -15.80
CA SER E 371 -63.70 -34.67 -16.31
C SER E 371 -62.91 -33.81 -15.33
N SER E 372 -62.49 -32.64 -15.83
CA SER E 372 -61.79 -31.70 -14.97
C SER E 372 -62.66 -31.26 -13.81
N GLU E 373 -63.95 -31.04 -14.08
CA GLU E 373 -64.86 -30.62 -13.02
C GLU E 373 -64.85 -31.62 -11.88
N ASP E 374 -64.84 -32.90 -12.19
CA ASP E 374 -64.68 -33.92 -11.15
C ASP E 374 -63.38 -33.70 -10.40
N LEU E 375 -62.27 -33.52 -11.13
CA LEU E 375 -60.99 -33.28 -10.48
C LEU E 375 -61.03 -31.98 -9.68
N ARG E 376 -61.57 -30.93 -10.27
CA ARG E 376 -61.68 -29.66 -9.55
C ARG E 376 -62.50 -29.85 -8.29
N LEU E 377 -63.63 -30.55 -8.39
CA LEU E 377 -64.46 -30.78 -7.22
C LEU E 377 -63.71 -31.56 -6.15
N GLN E 378 -63.02 -32.62 -6.56
CA GLN E 378 -62.30 -33.43 -5.59
C GLN E 378 -61.20 -32.64 -4.93
N GLN E 379 -60.48 -31.83 -5.71
CA GLN E 379 -59.42 -31.02 -5.14
C GLN E 379 -59.95 -30.08 -4.07
N VAL E 380 -61.07 -29.42 -4.35
CA VAL E 380 -61.68 -28.53 -3.38
C VAL E 380 -62.10 -29.31 -2.15
N MET E 381 -62.75 -30.45 -2.35
CA MET E 381 -63.16 -31.29 -1.23
C MET E 381 -61.96 -31.68 -0.39
N HIS E 382 -60.87 -32.06 -1.06
CA HIS E 382 -59.65 -32.41 -0.34
C HIS E 382 -59.18 -31.25 0.53
N LEU E 383 -59.27 -30.02 0.00
CA LEU E 383 -58.85 -28.87 0.78
C LEU E 383 -59.79 -28.58 1.95
N VAL E 384 -61.02 -29.11 1.91
CA VAL E 384 -61.95 -28.86 3.00
C VAL E 384 -61.69 -29.77 4.19
N ASN E 385 -61.12 -30.93 3.97
CA ASN E 385 -60.99 -31.95 5.01
C ASN E 385 -59.61 -31.93 5.66
N ILE E 386 -59.04 -30.74 5.85
CA ILE E 386 -57.73 -30.59 6.46
C ILE E 386 -57.75 -29.43 7.44
N SER E 387 -56.81 -29.45 8.37
CA SER E 387 -56.55 -28.29 9.21
C SER E 387 -55.67 -27.31 8.43
N SER E 388 -56.17 -26.10 8.23
CA SER E 388 -55.51 -25.18 7.30
C SER E 388 -54.20 -24.64 7.83
N ASN E 389 -53.70 -25.16 8.93
CA ASN E 389 -52.38 -24.75 9.42
C ASN E 389 -51.32 -25.51 8.66
N THR E 390 -50.07 -25.42 9.15
CA THR E 390 -48.95 -26.06 8.45
C THR E 390 -49.13 -27.56 8.36
N ALA E 391 -49.91 -28.15 9.26
CA ALA E 391 -50.08 -29.60 9.26
C ALA E 391 -50.58 -30.11 7.91
N ALA E 392 -51.37 -29.32 7.21
CA ALA E 392 -51.86 -29.75 5.91
C ALA E 392 -50.74 -29.71 4.87
N ALA E 393 -49.96 -28.63 4.85
CA ALA E 393 -49.01 -28.44 3.76
C ALA E 393 -47.83 -29.39 3.85
N LEU E 394 -47.32 -29.61 5.05
CA LEU E 394 -46.05 -30.31 5.22
C LEU E 394 -45.97 -31.65 4.50
N PRO E 395 -46.95 -32.56 4.61
CA PRO E 395 -46.81 -33.82 3.87
C PRO E 395 -46.69 -33.62 2.38
N LEU E 396 -47.40 -32.64 1.81
CA LEU E 396 -47.34 -32.40 0.38
C LEU E 396 -45.93 -31.99 -0.03
N VAL E 397 -45.38 -30.98 0.65
CA VAL E 397 -44.04 -30.52 0.32
C VAL E 397 -43.03 -31.63 0.55
N GLU E 398 -43.16 -32.34 1.66
CA GLU E 398 -42.20 -33.40 1.97
C GLU E 398 -42.21 -34.48 0.90
N ALA E 399 -43.41 -34.93 0.51
CA ALA E 399 -43.49 -35.97 -0.50
C ALA E 399 -42.87 -35.51 -1.81
N LEU E 400 -43.25 -34.31 -2.27
CA LEU E 400 -42.72 -33.82 -3.53
C LEU E 400 -41.21 -33.64 -3.46
N SER E 401 -40.70 -33.12 -2.36
CA SER E 401 -39.26 -32.94 -2.22
C SER E 401 -38.53 -34.26 -2.30
N THR E 402 -39.06 -35.28 -1.63
CA THR E 402 -38.43 -36.60 -1.70
C THR E 402 -38.40 -37.12 -3.12
N LEU E 403 -39.50 -36.97 -3.85
CA LEU E 403 -39.53 -37.38 -5.23
C LEU E 403 -38.50 -36.62 -6.05
N LEU E 404 -38.42 -35.31 -5.84
CA LEU E 404 -37.45 -34.50 -6.57
C LEU E 404 -36.04 -35.01 -6.33
N ARG E 405 -35.66 -35.15 -5.07
CA ARG E 405 -34.32 -35.63 -4.75
C ARG E 405 -34.11 -37.04 -5.27
N SER E 406 -35.18 -37.83 -5.35
CA SER E 406 -35.04 -39.20 -5.83
C SER E 406 -34.55 -39.24 -7.27
N VAL E 407 -35.11 -38.40 -8.13
CA VAL E 407 -34.75 -38.38 -9.54
C VAL E 407 -34.26 -36.98 -9.86
N THR E 408 -32.95 -36.86 -10.06
CA THR E 408 -32.34 -35.60 -10.45
C THR E 408 -30.90 -35.83 -10.86
N PRO E 409 -30.45 -35.18 -11.91
CA PRO E 409 -29.04 -35.34 -12.30
C PRO E 409 -28.13 -34.39 -11.54
N LEU E 410 -28.72 -33.34 -10.98
CA LEU E 410 -27.91 -32.35 -10.27
C LEU E 410 -27.34 -32.94 -8.99
N VAL E 411 -26.09 -32.61 -8.70
CA VAL E 411 -25.41 -33.05 -7.49
C VAL E 411 -24.80 -31.83 -6.82
N LEU E 412 -25.10 -31.65 -5.54
CA LEU E 412 -24.59 -30.52 -4.79
C LEU E 412 -23.26 -30.89 -4.16
N ASP E 413 -22.22 -30.14 -4.48
CA ASP E 413 -20.90 -30.42 -3.95
C ASP E 413 -20.12 -29.12 -3.77
N PRO E 414 -19.87 -28.70 -2.53
CA PRO E 414 -19.20 -27.44 -2.29
C PRO E 414 -17.68 -27.50 -2.35
N THR E 415 -17.10 -28.64 -2.75
CA THR E 415 -15.66 -28.78 -2.66
C THR E 415 -14.94 -27.77 -3.56
N VAL E 416 -15.47 -27.54 -4.75
CA VAL E 416 -14.80 -26.63 -5.68
C VAL E 416 -14.87 -25.20 -5.16
N LEU E 417 -15.99 -24.83 -4.55
CA LEU E 417 -16.12 -23.48 -4.02
C LEU E 417 -15.09 -23.23 -2.93
N THR E 418 -15.04 -24.12 -1.93
CA THR E 418 -14.06 -23.97 -0.87
C THR E 418 -12.64 -24.00 -1.43
N ASN E 419 -12.39 -24.92 -2.36
CA ASN E 419 -11.07 -24.99 -2.97
C ASN E 419 -10.72 -23.68 -3.64
N ALA E 420 -11.70 -23.05 -4.29
CA ALA E 420 -11.45 -21.76 -4.93
C ALA E 420 -11.34 -20.63 -3.92
N ILE E 421 -11.86 -20.81 -2.72
CA ILE E 421 -11.82 -19.75 -1.72
C ILE E 421 -10.53 -19.81 -0.90
N THR E 422 -10.18 -21.00 -0.43
CA THR E 422 -9.02 -21.14 0.44
C THR E 422 -7.71 -20.89 -0.29
N THR E 423 -7.71 -20.80 -1.61
CA THR E 423 -6.49 -20.53 -2.35
C THR E 423 -6.13 -19.06 -2.39
N ILE E 424 -6.95 -18.20 -1.80
CA ILE E 424 -6.66 -16.76 -1.79
C ILE E 424 -5.59 -16.48 -0.75
N SER E 425 -4.57 -15.74 -1.17
CA SER E 425 -3.47 -15.41 -0.27
C SER E 425 -3.79 -14.18 0.55
N GLU E 426 -3.37 -14.20 1.82
CA GLU E 426 -3.53 -13.05 2.69
C GLU E 426 -2.45 -13.09 3.76
N SER E 427 -2.18 -11.93 4.35
CA SER E 427 -1.19 -11.85 5.41
C SER E 427 -1.65 -12.65 6.63
N THR E 428 -0.68 -13.27 7.30
CA THR E 428 -0.96 -14.01 8.52
C THR E 428 -0.67 -13.18 9.76
N THR E 429 -0.29 -11.92 9.60
CA THR E 429 0.02 -11.06 10.74
C THR E 429 -1.16 -10.18 11.14
N GLN E 430 -2.31 -10.34 10.51
CA GLN E 430 -3.48 -9.57 10.86
C GLN E 430 -4.27 -10.27 11.96
N THR E 431 -5.14 -9.52 12.61
CA THR E 431 -5.93 -10.04 13.70
C THR E 431 -7.27 -10.62 13.25
N ILE E 432 -7.69 -10.34 12.02
CA ILE E 432 -8.96 -10.85 11.50
C ILE E 432 -8.72 -11.42 10.11
N SER E 433 -9.17 -12.65 9.90
CA SER E 433 -9.11 -13.27 8.58
C SER E 433 -10.53 -13.47 8.08
N PRO E 434 -11.01 -12.65 7.14
CA PRO E 434 -12.40 -12.81 6.69
C PRO E 434 -12.68 -14.16 6.07
N ILE E 435 -11.66 -14.86 5.60
CA ILE E 435 -11.87 -16.21 5.08
C ILE E 435 -12.48 -17.11 6.13
N SER E 436 -11.92 -17.06 7.35
CA SER E 436 -12.46 -17.85 8.44
C SER E 436 -13.89 -17.44 8.75
N GLU E 437 -14.16 -16.14 8.72
CA GLU E 437 -15.52 -15.66 8.98
C GLU E 437 -16.49 -16.24 7.96
N ILE E 438 -16.09 -16.24 6.69
CA ILE E 438 -16.94 -16.82 5.65
C ILE E 438 -17.15 -18.30 5.93
N LEU E 439 -16.06 -19.03 6.14
CA LEU E 439 -16.17 -20.47 6.25
C LEU E 439 -16.85 -20.89 7.55
N ARG E 440 -16.81 -20.02 8.55
CA ARG E 440 -17.63 -20.28 9.74
C ARG E 440 -19.10 -20.25 9.39
N LEU E 441 -19.50 -19.29 8.56
CA LEU E 441 -20.79 -19.38 7.91
C LEU E 441 -20.73 -20.44 6.82
N LEU E 442 -21.84 -20.58 6.08
CA LEU E 442 -21.95 -21.63 5.07
C LEU E 442 -21.72 -23.01 5.68
N GLN E 443 -22.00 -23.15 6.96
CA GLN E 443 -21.71 -24.39 7.65
C GLN E 443 -22.62 -25.49 7.10
N PRO E 444 -22.08 -26.56 6.54
CA PRO E 444 -22.92 -27.65 6.04
C PRO E 444 -23.52 -28.45 7.18
N MET E 445 -24.82 -28.28 7.40
CA MET E 445 -25.48 -28.95 8.53
C MET E 445 -25.62 -30.44 8.33
N GLY E 446 -25.09 -31.00 7.25
CA GLY E 446 -25.15 -32.43 7.01
C GLY E 446 -26.48 -32.92 6.50
N ASN E 447 -27.49 -32.06 6.40
CA ASN E 447 -28.80 -32.44 5.90
C ASN E 447 -28.84 -32.47 4.38
N ASP E 448 -27.70 -32.27 3.72
CA ASP E 448 -27.64 -32.22 2.25
C ASP E 448 -28.57 -31.14 1.71
N TYR E 449 -28.66 -30.04 2.44
CA TYR E 449 -29.33 -28.83 1.96
C TYR E 449 -30.79 -29.11 1.64
N ALA E 450 -31.52 -29.55 2.65
CA ALA E 450 -32.94 -29.80 2.49
C ALA E 450 -33.68 -28.52 2.12
N ALA E 451 -33.16 -27.37 2.55
CA ALA E 451 -33.86 -26.12 2.28
C ALA E 451 -34.03 -25.89 0.79
N PHE E 452 -33.00 -26.19 0.00
CA PHE E 452 -33.08 -25.95 -1.43
C PHE E 452 -34.21 -26.72 -2.06
N TRP E 453 -34.27 -28.03 -1.81
CA TRP E 453 -35.36 -28.82 -2.36
C TRP E 453 -36.68 -28.41 -1.74
N LYS E 454 -36.67 -28.01 -0.47
CA LYS E 454 -37.90 -27.55 0.16
C LYS E 454 -38.45 -26.32 -0.55
N CYS E 455 -37.57 -25.38 -0.89
CA CYS E 455 -38.03 -24.18 -1.61
C CYS E 455 -38.62 -24.54 -2.95
N ILE E 456 -37.98 -25.45 -3.68
CA ILE E 456 -38.49 -25.84 -5.00
C ILE E 456 -39.86 -26.47 -4.87
N ALA E 457 -40.02 -27.38 -3.91
CA ALA E 457 -41.30 -28.06 -3.76
C ALA E 457 -42.40 -27.08 -3.42
N SER E 458 -42.08 -26.06 -2.63
CA SER E 458 -43.10 -25.11 -2.19
C SER E 458 -43.75 -24.41 -3.37
N TRP E 459 -43.02 -24.26 -4.48
CA TRP E 459 -43.58 -23.56 -5.63
C TRP E 459 -44.82 -24.27 -6.14
N ALA E 460 -44.82 -25.59 -6.14
CA ALA E 460 -45.96 -26.33 -6.65
C ALA E 460 -47.23 -26.05 -5.87
N TYR E 461 -47.09 -25.68 -4.60
CA TYR E 461 -48.24 -25.40 -3.75
C TYR E 461 -48.17 -23.99 -3.18
N ASN E 462 -47.67 -23.04 -3.97
CA ASN E 462 -47.53 -21.68 -3.48
C ASN E 462 -48.88 -21.10 -3.08
N GLY E 463 -49.95 -21.57 -3.71
CA GLY E 463 -51.27 -21.08 -3.34
C GLY E 463 -51.76 -21.55 -2.00
N LEU E 464 -51.04 -22.49 -1.38
CA LEU E 464 -51.40 -23.01 -0.08
C LEU E 464 -50.41 -22.64 1.01
N VAL E 465 -49.11 -22.70 0.71
CA VAL E 465 -48.08 -22.44 1.70
C VAL E 465 -47.01 -21.58 1.05
N THR E 466 -46.38 -20.73 1.86
CA THR E 466 -45.32 -19.85 1.41
C THR E 466 -44.07 -20.07 2.25
N THR E 467 -42.91 -20.03 1.61
CA THR E 467 -41.65 -20.15 2.30
C THR E 467 -41.12 -18.77 2.63
N VAL E 468 -40.68 -18.58 3.86
CA VAL E 468 -40.17 -17.30 4.32
C VAL E 468 -38.76 -17.50 4.86
N LEU E 469 -37.99 -16.43 4.82
CA LEU E 469 -36.66 -16.47 5.41
C LEU E 469 -36.76 -16.43 6.93
N SER E 470 -35.97 -17.27 7.59
CA SER E 470 -36.04 -17.36 9.04
C SER E 470 -35.62 -16.06 9.69
N GLU E 471 -36.31 -15.68 10.75
CA GLU E 471 -36.02 -14.41 11.42
C GLU E 471 -34.61 -14.39 11.96
N ASP E 472 -34.16 -15.49 12.55
CA ASP E 472 -32.83 -15.54 13.14
C ASP E 472 -31.75 -15.23 12.10
N ALA E 473 -31.97 -15.63 10.85
CA ALA E 473 -31.01 -15.40 9.80
C ALA E 473 -31.14 -13.98 9.25
N PHE E 474 -30.96 -13.03 10.16
CA PHE E 474 -30.96 -11.61 9.82
C PHE E 474 -29.84 -10.93 10.57
N PRO E 475 -29.28 -9.86 10.02
CA PRO E 475 -28.34 -9.04 10.78
C PRO E 475 -29.11 -8.24 11.83
N ASP E 476 -28.55 -8.20 13.04
CA ASP E 476 -29.16 -7.42 14.09
C ASP E 476 -29.19 -5.95 13.70
N SER E 477 -30.33 -5.31 13.93
CA SER E 477 -30.50 -3.91 13.54
C SER E 477 -29.58 -2.98 14.31
N SER E 478 -28.98 -3.43 15.41
CA SER E 478 -28.09 -2.59 16.18
C SER E 478 -26.70 -2.48 15.59
N GLN E 479 -26.37 -3.26 14.58
CA GLN E 479 -25.01 -3.34 14.08
C GLN E 479 -24.75 -2.28 13.01
N SER E 480 -23.48 -2.10 12.70
CA SER E 480 -23.05 -1.21 11.63
C SER E 480 -22.57 -2.04 10.45
N ILE E 481 -22.46 -1.38 9.30
CA ILE E 481 -22.03 -2.08 8.09
C ILE E 481 -20.63 -2.64 8.25
N THR E 482 -19.80 -2.00 9.08
CA THR E 482 -18.44 -2.47 9.26
C THR E 482 -18.34 -3.74 10.07
N HIS E 483 -19.41 -4.16 10.74
CA HIS E 483 -19.40 -5.43 11.47
C HIS E 483 -19.49 -6.55 10.45
N LEU E 484 -18.36 -7.18 10.17
CA LEU E 484 -18.26 -8.11 9.05
C LEU E 484 -19.31 -9.20 9.05
N PRO E 485 -19.56 -9.92 10.16
CA PRO E 485 -20.58 -10.98 10.10
C PRO E 485 -21.94 -10.45 9.68
N SER E 486 -22.30 -9.25 10.12
CA SER E 486 -23.56 -8.66 9.68
C SER E 486 -23.56 -8.46 8.17
N MET E 487 -22.46 -7.96 7.63
CA MET E 487 -22.40 -7.71 6.19
C MET E 487 -22.55 -8.99 5.41
N TRP E 488 -21.88 -10.06 5.84
CA TRP E 488 -22.00 -11.33 5.14
C TRP E 488 -23.43 -11.85 5.20
N LYS E 489 -24.06 -11.74 6.36
CA LYS E 489 -25.45 -12.16 6.48
C LYS E 489 -26.32 -11.44 5.46
N CYS E 490 -26.19 -10.12 5.40
CA CYS E 490 -26.98 -9.35 4.45
C CYS E 490 -26.72 -9.82 3.03
N LEU E 491 -25.47 -10.13 2.72
CA LEU E 491 -25.15 -10.62 1.38
C LEU E 491 -25.91 -11.91 1.07
N PHE E 492 -25.92 -12.84 2.02
CA PHE E 492 -26.61 -14.10 1.79
C PHE E 492 -28.10 -13.89 1.61
N LEU E 493 -28.69 -13.00 2.40
CA LEU E 493 -30.12 -12.72 2.24
C LEU E 493 -30.40 -12.18 0.85
N THR E 494 -29.55 -11.28 0.37
CA THR E 494 -29.74 -10.74 -0.97
C THR E 494 -29.67 -11.85 -2.02
N LEU E 495 -28.69 -12.74 -1.89
CA LEU E 495 -28.55 -13.79 -2.88
C LEU E 495 -29.73 -14.74 -2.87
N ALA E 496 -30.19 -15.13 -1.69
CA ALA E 496 -31.21 -16.16 -1.57
C ALA E 496 -32.63 -15.63 -1.69
N GLY E 497 -32.80 -14.31 -1.79
CA GLY E 497 -34.10 -13.71 -1.84
C GLY E 497 -35.07 -14.33 -2.82
N PRO E 498 -34.72 -14.32 -4.11
CA PRO E 498 -35.67 -14.77 -5.13
C PRO E 498 -36.10 -16.21 -4.96
N MET E 499 -35.32 -17.05 -4.31
CA MET E 499 -35.66 -18.47 -4.23
C MET E 499 -36.90 -18.72 -3.39
N THR E 500 -37.33 -17.77 -2.58
CA THR E 500 -38.50 -17.95 -1.74
C THR E 500 -39.76 -17.45 -2.43
N SER E 501 -40.90 -17.94 -1.97
CA SER E 501 -42.19 -17.57 -2.52
C SER E 501 -42.85 -16.41 -1.79
N ASP E 502 -42.23 -15.90 -0.73
CA ASP E 502 -42.85 -14.85 0.05
C ASP E 502 -42.93 -13.58 -0.79
N PRO E 503 -44.11 -13.00 -0.98
CA PRO E 503 -44.19 -11.72 -1.70
C PRO E 503 -43.40 -10.61 -1.04
N HIS E 504 -43.28 -10.63 0.28
CA HIS E 504 -42.60 -9.54 0.97
C HIS E 504 -41.09 -9.67 0.98
N SER E 505 -40.55 -10.75 0.43
CA SER E 505 -39.10 -10.96 0.49
C SER E 505 -38.29 -9.79 -0.07
N PRO E 506 -38.63 -9.18 -1.22
CA PRO E 506 -37.79 -8.09 -1.69
C PRO E 506 -37.66 -6.95 -0.70
N VAL E 507 -38.78 -6.54 -0.10
CA VAL E 507 -38.73 -5.45 0.87
C VAL E 507 -37.87 -5.86 2.06
N LYS E 508 -38.06 -7.09 2.54
CA LYS E 508 -37.25 -7.58 3.64
C LYS E 508 -35.78 -7.54 3.29
N VAL E 509 -35.44 -7.91 2.07
CA VAL E 509 -34.04 -7.82 1.63
C VAL E 509 -33.59 -6.37 1.65
N PHE E 510 -34.41 -5.48 1.09
CA PHE E 510 -34.01 -4.08 1.00
C PHE E 510 -33.81 -3.48 2.39
N MET E 511 -34.75 -3.74 3.30
CA MET E 511 -34.63 -3.17 4.64
C MET E 511 -33.45 -3.76 5.39
N ALA E 512 -33.09 -5.01 5.10
CA ALA E 512 -31.98 -5.64 5.79
C ALA E 512 -30.71 -4.81 5.63
N LEU E 513 -30.45 -4.32 4.44
CA LEU E 513 -29.32 -3.43 4.24
C LEU E 513 -29.59 -2.05 4.83
N ALA E 514 -30.84 -1.58 4.72
CA ALA E 514 -31.17 -0.25 5.21
C ALA E 514 -30.93 -0.14 6.70
N ASN E 515 -31.13 -1.24 7.45
CA ASN E 515 -30.84 -1.21 8.87
C ASN E 515 -29.37 -0.90 9.13
N LEU E 516 -28.47 -1.49 8.35
CA LEU E 516 -27.06 -1.30 8.59
C LEU E 516 -26.60 0.10 8.21
N LEU E 517 -27.31 0.76 7.30
CA LEU E 517 -26.91 2.07 6.81
C LEU E 517 -27.76 3.19 7.39
N ALA E 518 -28.47 2.92 8.48
CA ALA E 518 -29.33 3.96 9.07
C ALA E 518 -28.52 5.15 9.52
N GLN E 519 -27.27 4.95 9.90
CA GLN E 519 -26.45 6.06 10.38
C GLN E 519 -26.02 6.97 9.23
N PRO E 520 -25.32 6.47 8.21
CA PRO E 520 -24.80 7.39 7.20
C PRO E 520 -25.81 7.78 6.13
N GLU E 521 -26.76 6.89 5.82
CA GLU E 521 -27.67 7.11 4.71
C GLU E 521 -29.12 6.93 5.17
N PRO E 522 -29.79 8.01 5.52
CA PRO E 522 -31.19 7.92 5.94
C PRO E 522 -32.16 7.94 4.76
N ILE E 523 -33.30 7.29 4.96
CA ILE E 523 -34.40 7.29 4.00
C ILE E 523 -35.71 7.44 4.76
N ALA E 524 -36.79 7.65 4.01
CA ALA E 524 -38.09 7.88 4.60
C ALA E 524 -38.87 6.57 4.70
N ILE E 525 -39.55 6.39 5.83
CA ILE E 525 -40.44 5.26 6.06
C ILE E 525 -41.86 5.79 6.15
N GLY E 526 -42.75 5.25 5.32
CA GLY E 526 -44.08 5.82 5.20
C GLY E 526 -44.92 5.79 6.46
N VAL E 527 -45.32 4.61 6.90
CA VAL E 527 -46.27 4.52 8.02
C VAL E 527 -45.60 5.01 9.30
N PRO E 528 -46.27 5.82 10.11
CA PRO E 528 -45.68 6.24 11.37
C PRO E 528 -45.52 5.06 12.33
N GLY E 529 -44.58 5.22 13.25
CA GLY E 529 -44.27 4.17 14.20
C GLY E 529 -43.24 3.17 13.74
N MET E 530 -42.74 3.30 12.52
CA MET E 530 -41.70 2.43 12.00
C MET E 530 -40.49 3.28 11.62
N HIS E 531 -39.30 2.79 11.97
CA HIS E 531 -38.08 3.52 11.74
C HIS E 531 -37.10 2.66 10.95
N GLN E 532 -36.08 3.33 10.41
CA GLN E 532 -35.11 2.63 9.57
C GLN E 532 -34.36 1.54 10.34
N THR E 533 -34.36 1.60 11.67
CA THR E 533 -33.72 0.57 12.49
C THR E 533 -34.70 -0.50 12.94
N THR E 534 -35.94 -0.45 12.49
CA THR E 534 -36.87 -1.51 12.80
C THR E 534 -36.37 -2.83 12.22
N PRO E 535 -36.50 -3.94 12.94
CA PRO E 535 -36.07 -5.23 12.39
C PRO E 535 -36.71 -5.47 11.04
N ALA E 536 -35.88 -5.81 10.05
CA ALA E 536 -36.35 -5.93 8.69
C ALA E 536 -37.43 -6.98 8.54
N SER E 537 -37.36 -8.03 9.35
CA SER E 537 -38.33 -9.12 9.23
C SER E 537 -39.74 -8.68 9.56
N GLN E 538 -39.93 -7.52 10.16
CA GLN E 538 -41.27 -7.06 10.49
C GLN E 538 -42.01 -6.50 9.30
N PHE E 539 -41.30 -6.11 8.24
CA PHE E 539 -41.95 -5.54 7.06
C PHE E 539 -42.65 -6.67 6.30
N SER E 540 -43.85 -7.01 6.77
CA SER E 540 -44.63 -8.10 6.20
C SER E 540 -46.06 -7.65 5.96
N HIS E 541 -46.20 -6.48 5.34
CA HIS E 541 -47.50 -5.97 5.04
C HIS E 541 -47.37 -5.09 3.81
N PRO E 542 -48.24 -5.24 2.81
CA PRO E 542 -48.10 -4.43 1.60
C PRO E 542 -48.17 -2.95 1.86
N GLY E 543 -48.84 -2.52 2.91
CA GLY E 543 -48.95 -1.12 3.19
C GLY E 543 -47.75 -0.48 3.85
N VAL E 544 -46.71 -1.26 4.17
CA VAL E 544 -45.56 -0.72 4.86
C VAL E 544 -44.35 -0.59 3.95
N TRP E 545 -44.51 -0.81 2.66
CA TRP E 545 -43.39 -0.71 1.75
C TRP E 545 -42.89 0.72 1.71
N PRO E 546 -41.60 0.96 1.92
CA PRO E 546 -41.08 2.33 1.95
C PRO E 546 -41.34 3.03 0.63
N PRO E 547 -41.69 4.32 0.68
CA PRO E 547 -41.96 5.03 -0.57
C PRO E 547 -40.77 5.03 -1.52
N GLY E 548 -39.56 5.16 -0.98
CA GLY E 548 -38.39 5.11 -1.84
C GLY E 548 -38.26 3.80 -2.58
N PHE E 549 -38.62 2.70 -1.91
CA PHE E 549 -38.56 1.40 -2.57
C PHE E 549 -39.55 1.32 -3.72
N LEU E 550 -40.69 1.99 -3.60
CA LEU E 550 -41.64 1.99 -4.70
C LEU E 550 -41.16 2.86 -5.85
N ASN E 551 -40.44 3.93 -5.55
CA ASN E 551 -39.96 4.86 -6.57
C ASN E 551 -38.57 5.32 -6.17
N PRO E 552 -37.52 4.73 -6.74
CA PRO E 552 -36.16 5.07 -6.32
C PRO E 552 -35.81 6.53 -6.54
N GLN E 553 -36.51 7.22 -7.43
CA GLN E 553 -36.18 8.61 -7.72
C GLN E 553 -36.34 9.51 -6.50
N LEU E 554 -37.15 9.10 -5.52
CA LEU E 554 -37.29 9.90 -4.32
C LEU E 554 -35.98 9.98 -3.55
N ILE E 555 -35.18 8.92 -3.60
CA ILE E 555 -33.93 8.88 -2.86
C ILE E 555 -32.92 9.77 -3.56
N ASN E 556 -32.49 10.84 -2.89
CA ASN E 556 -31.52 11.73 -3.47
C ASN E 556 -30.17 11.03 -3.55
N PRO E 557 -29.50 11.04 -4.71
CA PRO E 557 -28.21 10.34 -4.81
C PRO E 557 -27.17 10.87 -3.85
N GLN E 558 -27.15 12.18 -3.60
CA GLN E 558 -26.12 12.77 -2.77
C GLN E 558 -26.33 12.52 -1.29
N GLN E 559 -27.49 12.01 -0.89
CA GLN E 559 -27.75 11.69 0.50
C GLN E 559 -27.59 10.21 0.81
N ALA E 560 -28.12 9.34 -0.05
CA ALA E 560 -28.04 7.89 0.15
C ALA E 560 -27.64 7.23 -1.15
N PRO E 561 -26.38 7.38 -1.57
CA PRO E 561 -25.97 6.78 -2.85
C PRO E 561 -26.19 5.28 -2.90
N LEU E 562 -25.72 4.56 -1.89
CA LEU E 562 -25.80 3.10 -1.93
C LEU E 562 -27.24 2.62 -1.97
N LEU E 563 -28.08 3.17 -1.08
CA LEU E 563 -29.44 2.68 -0.99
C LEU E 563 -30.20 2.88 -2.29
N ARG E 564 -30.02 4.04 -2.92
CA ARG E 564 -30.66 4.27 -4.21
C ARG E 564 -30.18 3.25 -5.22
N ALA E 565 -28.87 2.99 -5.25
CA ALA E 565 -28.34 1.97 -6.15
C ALA E 565 -28.93 0.61 -5.82
N PHE E 566 -29.03 0.28 -4.54
CA PHE E 566 -29.57 -1.01 -4.14
C PHE E 566 -31.01 -1.17 -4.60
N ALA E 567 -31.82 -0.13 -4.41
CA ALA E 567 -33.20 -0.19 -4.83
C ALA E 567 -33.31 -0.40 -6.33
N GLU E 568 -32.51 0.34 -7.10
CA GLU E 568 -32.53 0.17 -8.55
C GLU E 568 -32.11 -1.23 -8.94
N HIS E 569 -31.05 -1.74 -8.30
CA HIS E 569 -30.59 -3.09 -8.60
C HIS E 569 -31.70 -4.11 -8.38
N ILE E 570 -32.42 -3.99 -7.25
CA ILE E 570 -33.47 -4.96 -6.96
C ILE E 570 -34.59 -4.84 -7.97
N ARG E 571 -35.08 -3.63 -8.22
CA ARG E 571 -36.19 -3.46 -9.13
C ARG E 571 -35.84 -3.87 -10.54
N ALA E 572 -34.57 -3.87 -10.91
CA ALA E 572 -34.19 -4.15 -12.28
C ALA E 572 -33.85 -5.62 -12.51
N ASN E 573 -33.32 -6.31 -11.51
CA ASN E 573 -32.77 -7.64 -11.72
C ASN E 573 -33.56 -8.73 -11.02
N TRP E 574 -34.66 -8.40 -10.37
CA TRP E 574 -35.46 -9.45 -9.76
C TRP E 574 -36.08 -10.30 -10.85
N PRO E 575 -36.04 -11.62 -10.73
CA PRO E 575 -36.42 -12.49 -11.85
C PRO E 575 -37.87 -12.29 -12.27
N GLN E 576 -38.17 -12.79 -13.46
CA GLN E 576 -39.48 -12.62 -14.08
C GLN E 576 -40.23 -13.95 -14.04
N PRO E 577 -41.41 -14.01 -13.42
CA PRO E 577 -42.18 -15.25 -13.45
C PRO E 577 -42.51 -15.67 -14.87
N SER E 578 -42.61 -16.98 -15.06
CA SER E 578 -42.91 -17.55 -16.37
C SER E 578 -43.89 -18.71 -16.16
N GLU E 579 -44.06 -19.53 -17.18
CA GLU E 579 -45.16 -20.48 -17.21
C GLU E 579 -44.79 -21.67 -18.09
N PHE E 580 -45.41 -22.81 -17.81
CA PHE E 580 -45.29 -23.99 -18.66
C PHE E 580 -46.48 -24.88 -18.43
N GLY E 581 -46.66 -25.84 -19.35
CA GLY E 581 -47.76 -26.78 -19.28
C GLY E 581 -47.37 -28.11 -18.68
N TYR E 582 -48.37 -28.90 -18.33
CA TYR E 582 -48.15 -30.21 -17.73
C TYR E 582 -49.37 -31.06 -17.95
N GLY E 583 -49.21 -32.36 -17.71
CA GLY E 583 -50.32 -33.28 -17.83
C GLY E 583 -50.78 -33.42 -19.26
N SER E 584 -52.01 -33.89 -19.42
CA SER E 584 -52.62 -34.06 -20.74
C SER E 584 -54.01 -33.46 -20.74
N THR E 585 -54.30 -32.67 -21.77
CA THR E 585 -55.64 -32.10 -21.89
C THR E 585 -56.69 -33.18 -22.06
N LEU E 586 -56.32 -34.33 -22.61
CA LEU E 586 -57.28 -35.42 -22.76
C LEU E 586 -57.81 -35.88 -21.40
N GLN E 587 -56.96 -35.86 -20.37
CA GLN E 587 -57.37 -36.31 -19.05
C GLN E 587 -57.96 -35.20 -18.20
N GLY E 588 -57.87 -33.95 -18.64
CA GLY E 588 -58.33 -32.85 -17.81
C GLY E 588 -57.31 -32.48 -16.77
N SER E 589 -57.67 -31.51 -15.93
CA SER E 589 -56.77 -30.99 -14.92
C SER E 589 -57.57 -30.50 -13.72
N ALA E 590 -56.90 -30.43 -12.58
CA ALA E 590 -57.53 -30.01 -11.34
C ALA E 590 -57.19 -28.57 -10.97
N ASN E 591 -56.61 -27.81 -11.89
CA ASN E 591 -56.28 -26.42 -11.60
C ASN E 591 -57.54 -25.63 -11.25
N LEU E 592 -57.44 -24.79 -10.23
CA LEU E 592 -58.55 -23.93 -9.83
C LEU E 592 -58.41 -22.52 -10.42
N PHE E 593 -57.33 -21.82 -10.07
CA PHE E 593 -57.16 -20.46 -10.55
C PHE E 593 -56.36 -20.40 -11.84
N ILE E 594 -55.28 -21.16 -11.92
CA ILE E 594 -54.48 -21.24 -13.14
C ILE E 594 -55.32 -21.93 -14.20
N PRO E 595 -55.19 -21.56 -15.47
CA PRO E 595 -55.85 -22.32 -16.53
C PRO E 595 -55.38 -23.75 -16.51
N PRO E 596 -56.26 -24.70 -16.85
CA PRO E 596 -55.94 -26.11 -16.65
C PRO E 596 -54.72 -26.55 -17.44
N ASN E 597 -54.02 -27.53 -16.89
CA ASN E 597 -52.83 -28.14 -17.49
C ASN E 597 -51.69 -27.15 -17.65
N ARG E 598 -51.71 -26.06 -16.90
CA ARG E 598 -50.64 -25.07 -16.93
C ARG E 598 -50.10 -24.87 -15.52
N MET E 599 -48.83 -24.49 -15.43
CA MET E 599 -48.20 -24.21 -14.16
C MET E 599 -47.40 -22.91 -14.27
N VAL E 600 -47.39 -22.16 -13.18
CA VAL E 600 -46.63 -20.93 -13.12
C VAL E 600 -45.28 -21.23 -12.46
N TYR E 601 -44.32 -20.33 -12.70
CA TYR E 601 -42.95 -20.60 -12.36
C TYR E 601 -42.26 -19.28 -12.03
N PRO E 602 -41.65 -19.16 -10.86
CA PRO E 602 -41.08 -17.87 -10.46
C PRO E 602 -39.98 -17.35 -11.38
N TRP E 603 -39.24 -18.23 -12.01
CA TRP E 603 -38.15 -17.85 -12.90
C TRP E 603 -38.57 -17.99 -14.35
N PRO E 604 -37.83 -17.38 -15.27
CA PRO E 604 -38.00 -17.70 -16.68
C PRO E 604 -37.60 -19.14 -16.94
N ASN E 605 -38.19 -19.72 -17.98
CA ASN E 605 -37.98 -21.13 -18.27
C ASN E 605 -37.82 -21.34 -19.76
N GLN E 606 -37.26 -22.49 -20.12
CA GLN E 606 -37.00 -22.86 -21.50
C GLN E 606 -37.35 -24.32 -21.68
N PRO E 607 -37.60 -24.74 -22.92
CA PRO E 607 -37.78 -26.17 -23.19
C PRO E 607 -36.48 -26.92 -22.92
N LEU E 608 -36.62 -28.24 -22.80
CA LEU E 608 -35.47 -29.08 -22.48
C LEU E 608 -34.43 -28.99 -23.58
N PRO E 609 -33.15 -28.87 -23.24
CA PRO E 609 -32.11 -28.77 -24.27
C PRO E 609 -32.02 -30.05 -25.09
N ARG E 610 -31.37 -29.94 -26.24
CA ARG E 610 -31.28 -31.07 -27.16
C ARG E 610 -30.04 -31.92 -26.91
N LEU E 611 -28.86 -31.33 -27.06
CA LEU E 611 -27.62 -32.06 -26.90
C LEU E 611 -27.12 -31.91 -25.44
N THR E 612 -25.87 -32.26 -25.19
CA THR E 612 -25.32 -32.25 -23.84
C THR E 612 -25.42 -30.87 -23.21
N VAL E 613 -25.54 -30.86 -21.89
CA VAL E 613 -25.62 -29.63 -21.11
C VAL E 613 -24.23 -29.10 -20.82
N ALA E 614 -24.15 -27.87 -20.33
CA ALA E 614 -22.90 -27.26 -19.90
C ALA E 614 -23.22 -26.03 -19.06
N PRO E 615 -22.34 -25.61 -18.16
CA PRO E 615 -22.59 -24.38 -17.40
C PRO E 615 -22.68 -23.19 -18.35
N THR E 616 -23.61 -22.29 -18.04
CA THR E 616 -23.81 -21.09 -18.84
C THR E 616 -23.81 -19.89 -17.93
N TYR E 617 -23.88 -18.70 -18.55
CA TYR E 617 -23.75 -17.47 -17.77
C TYR E 617 -24.76 -16.42 -18.18
N ASP E 618 -25.77 -16.76 -18.96
CA ASP E 618 -26.80 -15.81 -19.36
C ASP E 618 -28.15 -16.12 -18.76
N SER E 619 -28.24 -17.12 -17.88
CA SER E 619 -29.49 -17.40 -17.22
C SER E 619 -29.85 -16.26 -16.29
N ALA E 620 -31.14 -16.18 -15.94
CA ALA E 620 -31.59 -15.12 -15.05
C ALA E 620 -30.87 -15.19 -13.71
N MET E 621 -30.76 -16.40 -13.15
CA MET E 621 -30.15 -16.55 -11.84
C MET E 621 -28.68 -16.13 -11.88
N SER E 622 -27.95 -16.55 -12.91
CA SER E 622 -26.55 -16.16 -13.02
C SER E 622 -26.43 -14.65 -13.08
N ASN E 623 -27.29 -14.01 -13.86
CA ASN E 623 -27.28 -12.55 -13.93
C ASN E 623 -27.55 -11.95 -12.56
N TRP E 624 -28.53 -12.50 -11.85
CA TRP E 624 -28.84 -11.99 -10.51
C TRP E 624 -27.63 -12.12 -9.60
N ILE E 625 -26.92 -13.24 -9.70
CA ILE E 625 -25.75 -13.44 -8.85
C ILE E 625 -24.68 -12.41 -9.15
N SER E 626 -24.35 -12.25 -10.43
CA SER E 626 -23.25 -11.37 -10.80
C SER E 626 -23.52 -9.95 -10.36
N THR E 627 -24.71 -9.43 -10.65
CA THR E 627 -25.03 -8.06 -10.29
C THR E 627 -24.99 -7.88 -8.78
N THR E 628 -25.53 -8.85 -8.04
CA THR E 628 -25.53 -8.76 -6.59
C THR E 628 -24.10 -8.66 -6.06
N ILE E 629 -23.23 -9.55 -6.53
CA ILE E 629 -21.83 -9.50 -6.10
C ILE E 629 -21.22 -8.16 -6.47
N ALA E 630 -21.47 -7.70 -7.70
CA ALA E 630 -20.92 -6.43 -8.13
C ALA E 630 -21.33 -5.31 -7.21
N PHE E 631 -22.59 -5.31 -6.79
CA PHE E 631 -23.08 -4.26 -5.91
C PHE E 631 -22.33 -4.27 -4.58
N PHE E 632 -22.22 -5.44 -3.95
CA PHE E 632 -21.59 -5.50 -2.64
C PHE E 632 -20.12 -5.10 -2.72
N ILE E 633 -19.44 -5.48 -3.79
CA ILE E 633 -18.08 -5.04 -4.00
C ILE E 633 -18.03 -3.51 -3.98
N ARG E 634 -18.98 -2.88 -4.67
CA ARG E 634 -19.07 -1.44 -4.63
C ARG E 634 -19.30 -0.94 -3.20
N VAL E 635 -20.11 -1.67 -2.43
CA VAL E 635 -20.35 -1.28 -1.04
C VAL E 635 -19.05 -1.34 -0.25
N VAL E 636 -18.29 -2.41 -0.41
CA VAL E 636 -17.07 -2.58 0.38
C VAL E 636 -16.10 -1.46 0.12
N ASN E 637 -16.03 -0.98 -1.11
CA ASN E 637 -15.12 0.10 -1.46
C ASN E 637 -15.69 1.47 -1.14
N SER E 638 -16.90 1.55 -0.61
CA SER E 638 -17.48 2.83 -0.28
C SER E 638 -16.71 3.48 0.86
N VAL E 639 -16.85 4.81 0.97
CA VAL E 639 -16.09 5.57 1.95
C VAL E 639 -16.38 5.08 3.37
N ASN E 640 -17.59 4.60 3.62
CA ASN E 640 -17.96 4.20 4.97
C ASN E 640 -17.04 3.09 5.49
N MET E 641 -16.69 2.15 4.62
CA MET E 641 -15.80 1.07 5.05
C MET E 641 -14.37 1.54 5.17
N THR E 642 -13.92 2.41 4.27
CA THR E 642 -12.52 2.80 4.22
C THR E 642 -12.06 3.44 5.52
N ALA E 643 -12.94 4.19 6.18
CA ALA E 643 -12.55 4.89 7.38
C ALA E 643 -12.28 3.96 8.55
N THR E 644 -12.68 2.70 8.46
CA THR E 644 -12.66 1.84 9.62
C THR E 644 -11.99 0.50 9.35
N VAL E 645 -12.03 0.06 8.10
CA VAL E 645 -11.55 -1.26 7.72
C VAL E 645 -10.18 -1.13 7.09
N ASN E 646 -9.21 -1.85 7.64
CA ASN E 646 -7.88 -1.89 7.05
C ASN E 646 -7.97 -2.40 5.61
N ASP E 647 -7.27 -1.72 4.71
CA ASP E 647 -7.43 -1.99 3.29
C ASP E 647 -7.03 -3.43 2.95
N LEU E 648 -6.02 -3.96 3.64
CA LEU E 648 -5.60 -5.33 3.39
C LEU E 648 -6.78 -6.28 3.53
N THR E 649 -7.50 -6.17 4.63
CA THR E 649 -8.71 -6.97 4.79
C THR E 649 -9.73 -6.63 3.72
N ARG E 650 -9.90 -5.35 3.43
CA ARG E 650 -10.82 -4.95 2.37
C ARG E 650 -10.41 -5.58 1.05
N ARG E 651 -9.11 -5.56 0.75
CA ARG E 651 -8.62 -6.22 -0.45
C ARG E 651 -8.96 -7.70 -0.43
N THR E 652 -8.87 -8.33 0.73
CA THR E 652 -9.22 -9.74 0.82
C THR E 652 -10.70 -9.95 0.58
N MET E 653 -11.54 -9.13 1.21
CA MET E 653 -12.98 -9.34 1.14
C MET E 653 -13.48 -9.21 -0.30
N THR E 654 -13.00 -8.19 -1.02
CA THR E 654 -13.40 -8.08 -2.41
C THR E 654 -12.86 -9.25 -3.22
N GLY E 655 -11.73 -9.82 -2.80
CA GLY E 655 -11.20 -10.97 -3.49
C GLY E 655 -12.10 -12.17 -3.39
N VAL E 656 -12.51 -12.52 -2.17
CA VAL E 656 -13.32 -13.73 -1.99
C VAL E 656 -14.66 -13.57 -2.68
N MET E 657 -15.24 -12.37 -2.61
CA MET E 657 -16.48 -12.13 -3.34
C MET E 657 -16.27 -12.30 -4.83
N THR E 658 -15.14 -11.83 -5.34
CA THR E 658 -14.83 -12.04 -6.75
C THR E 658 -14.76 -13.53 -7.08
N ALA E 659 -14.13 -14.30 -6.21
CA ALA E 659 -14.01 -15.73 -6.47
C ALA E 659 -15.37 -16.39 -6.57
N MET E 660 -16.29 -16.02 -5.67
CA MET E 660 -17.63 -16.59 -5.71
C MET E 660 -18.31 -16.28 -7.03
N ARG E 661 -18.12 -15.06 -7.54
CA ARG E 661 -18.77 -14.68 -8.78
C ARG E 661 -18.25 -15.48 -9.97
N GLN E 662 -17.08 -16.09 -9.86
CA GLN E 662 -16.47 -16.77 -10.99
C GLN E 662 -16.64 -18.28 -10.96
N VAL E 663 -17.28 -18.83 -9.93
CA VAL E 663 -17.44 -20.28 -9.86
C VAL E 663 -18.40 -20.73 -10.96
N LYS E 664 -17.99 -21.75 -11.71
CA LYS E 664 -18.80 -22.26 -12.81
C LYS E 664 -19.81 -23.28 -12.28
N THR E 665 -20.80 -22.76 -11.56
CA THR E 665 -21.85 -23.60 -11.03
C THR E 665 -22.82 -24.02 -12.12
N MET E 666 -23.47 -25.16 -11.89
CA MET E 666 -24.44 -25.68 -12.83
C MET E 666 -25.88 -25.28 -12.50
N THR E 667 -26.14 -24.94 -11.25
CA THR E 667 -27.51 -24.69 -10.79
C THR E 667 -28.29 -23.70 -11.66
N PRO E 668 -27.76 -22.53 -12.02
CA PRO E 668 -28.59 -21.59 -12.77
C PRO E 668 -29.12 -22.17 -14.07
N PHE E 669 -28.30 -22.94 -14.78
CA PHE E 669 -28.79 -23.60 -15.98
C PHE E 669 -29.89 -24.60 -15.65
N TYR E 670 -29.68 -25.38 -14.59
CA TYR E 670 -30.66 -26.40 -14.23
C TYR E 670 -32.00 -25.78 -13.91
N ILE E 671 -32.00 -24.64 -13.21
CA ILE E 671 -33.25 -23.97 -12.86
C ILE E 671 -34.01 -23.58 -14.11
N GLN E 672 -33.31 -23.02 -15.09
CA GLN E 672 -33.98 -22.46 -16.25
C GLN E 672 -34.45 -23.52 -17.24
N HIS E 673 -33.76 -24.65 -17.33
CA HIS E 673 -33.99 -25.58 -18.42
C HIS E 673 -34.49 -26.95 -17.99
N MET E 674 -34.01 -27.48 -16.87
CA MET E 674 -34.29 -28.86 -16.53
C MET E 674 -35.29 -29.02 -15.40
N CYS E 675 -35.19 -28.20 -14.36
CA CYS E 675 -36.14 -28.29 -13.25
C CYS E 675 -37.60 -28.22 -13.68
N PRO E 676 -38.02 -27.33 -14.58
CA PRO E 676 -39.44 -27.30 -14.95
C PRO E 676 -39.94 -28.64 -15.48
N THR E 677 -39.11 -29.35 -16.23
CA THR E 677 -39.52 -30.66 -16.73
C THR E 677 -39.80 -31.61 -15.57
N GLU E 678 -38.91 -31.62 -14.57
CA GLU E 678 -39.10 -32.50 -13.44
C GLU E 678 -40.41 -32.19 -12.72
N LEU E 679 -40.70 -30.90 -12.53
CA LEU E 679 -41.97 -30.53 -11.91
C LEU E 679 -43.14 -30.97 -12.78
N SER E 680 -43.06 -30.74 -14.08
CA SER E 680 -44.18 -31.05 -14.97
C SER E 680 -44.51 -32.52 -14.92
N VAL E 681 -43.50 -33.37 -14.86
CA VAL E 681 -43.75 -34.80 -14.78
C VAL E 681 -44.32 -35.17 -13.42
N LEU E 682 -43.66 -34.75 -12.35
CA LEU E 682 -44.07 -35.17 -11.02
C LEU E 682 -45.45 -34.67 -10.66
N ALA E 683 -45.92 -33.61 -11.30
CA ALA E 683 -47.26 -33.11 -11.01
C ALA E 683 -48.33 -34.15 -11.29
N SER E 684 -48.04 -35.13 -12.12
CA SER E 684 -48.99 -36.20 -12.41
C SER E 684 -48.81 -37.40 -11.51
N VAL E 685 -47.90 -37.35 -10.54
CA VAL E 685 -47.55 -38.48 -9.72
C VAL E 685 -48.00 -38.30 -8.27
N THR E 686 -47.81 -37.12 -7.72
CA THR E 686 -48.14 -36.90 -6.33
C THR E 686 -49.64 -37.14 -6.09
N VAL E 687 -49.95 -37.68 -4.91
CA VAL E 687 -51.33 -37.96 -4.58
C VAL E 687 -52.17 -36.70 -4.57
N THR E 688 -51.55 -35.54 -4.39
CA THR E 688 -52.26 -34.27 -4.41
C THR E 688 -51.77 -33.44 -5.59
N PRO E 689 -52.63 -33.09 -6.53
CA PRO E 689 -52.20 -32.30 -7.68
C PRO E 689 -51.72 -30.93 -7.23
N PRO E 690 -50.91 -30.26 -8.04
CA PRO E 690 -50.42 -28.94 -7.66
C PRO E 690 -51.57 -27.95 -7.49
N PHE E 691 -51.35 -26.98 -6.61
CA PHE E 691 -52.37 -25.99 -6.25
C PHE E 691 -51.68 -24.65 -6.19
N GLN E 692 -51.80 -23.87 -7.26
CA GLN E 692 -51.00 -22.67 -7.44
C GLN E 692 -51.87 -21.43 -7.52
N VAL E 693 -51.20 -20.29 -7.39
CA VAL E 693 -51.82 -18.97 -7.49
C VAL E 693 -50.77 -18.07 -8.13
N PRO E 694 -51.15 -17.06 -8.92
CA PRO E 694 -50.16 -16.37 -9.76
C PRO E 694 -49.02 -15.75 -8.95
N PHE E 695 -47.82 -15.84 -9.51
CA PHE E 695 -46.63 -15.21 -8.94
C PHE E 695 -46.64 -13.74 -9.32
N THR E 696 -46.96 -12.89 -8.37
CA THR E 696 -46.80 -11.46 -8.59
C THR E 696 -45.38 -11.04 -8.27
N ARG E 697 -44.98 -9.90 -8.85
CA ARG E 697 -43.58 -9.46 -8.77
C ARG E 697 -43.57 -7.95 -8.60
N LEU E 698 -43.31 -7.51 -7.38
CA LEU E 698 -43.04 -6.10 -7.05
C LEU E 698 -44.21 -5.18 -7.34
N VAL E 699 -45.38 -5.72 -7.68
CA VAL E 699 -46.56 -4.90 -7.92
C VAL E 699 -47.32 -4.82 -6.61
N GLN E 700 -47.29 -3.65 -5.98
CA GLN E 700 -47.85 -3.51 -4.64
C GLN E 700 -49.33 -3.82 -4.62
N ASN E 701 -50.08 -3.32 -5.61
CA ASN E 701 -51.51 -3.53 -5.63
C ASN E 701 -51.90 -4.97 -5.94
N ASP E 702 -50.97 -5.78 -6.44
CA ASP E 702 -51.29 -7.14 -6.83
C ASP E 702 -50.82 -8.18 -5.82
N VAL E 703 -50.28 -7.75 -4.68
CA VAL E 703 -49.82 -8.71 -3.69
C VAL E 703 -51.02 -9.49 -3.18
N ILE E 704 -50.94 -10.82 -3.27
CA ILE E 704 -52.02 -11.69 -2.82
C ILE E 704 -51.90 -11.85 -1.33
N THR E 705 -52.87 -11.31 -0.59
CA THR E 705 -52.81 -11.38 0.86
C THR E 705 -53.45 -12.65 1.41
N ASN E 706 -54.47 -13.17 0.74
CA ASN E 706 -55.22 -14.29 1.30
C ASN E 706 -55.66 -15.23 0.18
N VAL E 707 -55.64 -16.51 0.48
CA VAL E 707 -56.27 -17.53 -0.36
C VAL E 707 -57.43 -18.10 0.43
N LEU E 708 -58.61 -18.11 -0.18
CA LEU E 708 -59.84 -18.34 0.57
C LEU E 708 -60.62 -19.50 -0.01
N VAL E 709 -61.46 -20.08 0.84
CA VAL E 709 -62.35 -21.18 0.47
C VAL E 709 -63.58 -21.10 1.35
N ALA E 710 -64.74 -21.41 0.79
CA ALA E 710 -66.01 -21.32 1.50
C ALA E 710 -66.74 -22.65 1.44
N ARG E 711 -67.30 -23.05 2.59
CA ARG E 711 -68.08 -24.27 2.66
C ARG E 711 -69.56 -24.05 2.40
N VAL E 712 -70.04 -22.81 2.44
CA VAL E 712 -71.45 -22.52 2.30
C VAL E 712 -71.64 -21.35 1.35
N ASP E 713 -72.85 -21.23 0.83
CA ASP E 713 -73.20 -20.14 -0.07
C ASP E 713 -73.53 -18.89 0.74
N PRO E 714 -72.74 -17.83 0.62
CA PRO E 714 -73.04 -16.61 1.39
C PRO E 714 -74.36 -15.97 1.01
N ALA E 715 -74.85 -16.18 -0.20
CA ALA E 715 -76.10 -15.58 -0.61
C ALA E 715 -77.24 -16.06 0.28
N GLN E 716 -77.21 -17.33 0.68
CA GLN E 716 -78.23 -17.82 1.59
C GLN E 716 -78.20 -17.08 2.92
N ARG E 717 -77.00 -16.87 3.46
CA ARG E 717 -76.86 -16.14 4.71
C ARG E 717 -77.13 -14.66 4.55
N GLY E 718 -77.29 -14.15 3.33
CA GLY E 718 -77.42 -12.73 3.13
C GLY E 718 -76.11 -11.98 3.21
N ASP E 719 -74.98 -12.67 3.16
CA ASP E 719 -73.67 -12.05 3.22
C ASP E 719 -73.19 -11.58 1.86
N ALA E 720 -74.11 -11.34 0.93
CA ALA E 720 -73.70 -11.10 -0.46
C ALA E 720 -72.81 -9.87 -0.61
N ALA E 721 -72.97 -8.88 0.26
CA ALA E 721 -72.27 -7.62 0.11
C ALA E 721 -71.09 -7.47 1.07
N VAL E 722 -70.68 -8.54 1.74
CA VAL E 722 -69.72 -8.45 2.82
C VAL E 722 -68.31 -8.65 2.28
N ASP E 723 -67.33 -8.20 3.05
CA ASP E 723 -65.93 -8.51 2.79
C ASP E 723 -65.76 -10.01 2.59
N ILE E 724 -64.98 -10.37 1.58
CA ILE E 724 -64.79 -11.78 1.27
C ILE E 724 -64.14 -12.50 2.43
N ARG E 725 -63.22 -11.83 3.13
CA ARG E 725 -62.54 -12.47 4.25
C ARG E 725 -63.52 -12.87 5.35
N ALA E 726 -64.63 -12.15 5.47
CA ALA E 726 -65.62 -12.47 6.49
C ALA E 726 -66.46 -13.69 6.12
N THR E 727 -66.38 -14.17 4.89
CA THR E 727 -67.25 -15.23 4.42
C THR E 727 -66.52 -16.51 4.04
N HIS E 728 -65.22 -16.47 3.82
CA HIS E 728 -64.46 -17.63 3.37
C HIS E 728 -63.34 -17.95 4.35
N ALA E 729 -63.06 -19.23 4.49
CA ALA E 729 -61.94 -19.64 5.33
C ALA E 729 -60.62 -19.26 4.68
N THR E 730 -59.57 -19.22 5.49
CA THR E 730 -58.26 -18.76 5.06
C THR E 730 -57.22 -19.84 5.32
N PHE E 731 -56.27 -19.98 4.41
CA PHE E 731 -55.12 -20.84 4.61
C PHE E 731 -54.00 -20.03 5.25
N ALA E 732 -53.25 -20.68 6.13
CA ALA E 732 -52.17 -20.01 6.85
C ALA E 732 -51.09 -21.05 7.15
N ALA E 733 -50.03 -21.06 6.34
CA ALA E 733 -48.91 -21.96 6.55
C ALA E 733 -47.66 -21.33 5.98
N ALA E 734 -46.56 -21.39 6.75
CA ALA E 734 -45.32 -20.77 6.34
C ALA E 734 -44.15 -21.63 6.80
N LEU E 735 -43.09 -21.63 6.00
CA LEU E 735 -41.93 -22.47 6.26
C LEU E 735 -40.68 -21.62 6.36
N PRO E 736 -39.99 -21.63 7.50
CA PRO E 736 -38.80 -20.78 7.67
C PRO E 736 -37.52 -21.40 7.13
N VAL E 737 -37.22 -21.19 5.84
CA VAL E 737 -36.01 -21.74 5.25
C VAL E 737 -34.79 -20.93 5.66
N ASP E 738 -33.60 -21.48 5.40
CA ASP E 738 -32.33 -20.87 5.80
C ASP E 738 -31.61 -20.36 4.56
N PRO E 739 -31.22 -19.08 4.54
CA PRO E 739 -30.49 -18.56 3.38
C PRO E 739 -29.18 -19.29 3.11
N ALA E 740 -28.45 -19.69 4.16
CA ALA E 740 -27.11 -20.23 3.96
C ALA E 740 -27.15 -21.47 3.09
N ALA E 741 -28.07 -22.39 3.37
CA ALA E 741 -28.18 -23.58 2.56
C ALA E 741 -28.54 -23.22 1.12
N ILE E 742 -29.43 -22.25 0.94
CA ILE E 742 -29.82 -21.84 -0.40
C ILE E 742 -28.61 -21.33 -1.17
N VAL E 743 -27.81 -20.49 -0.53
CA VAL E 743 -26.66 -19.91 -1.20
C VAL E 743 -25.69 -21.00 -1.63
N VAL E 744 -25.38 -21.92 -0.73
CA VAL E 744 -24.45 -22.99 -1.07
C VAL E 744 -24.97 -23.81 -2.22
N ALA E 745 -26.27 -24.13 -2.19
CA ALA E 745 -26.85 -24.95 -3.25
C ALA E 745 -26.71 -24.27 -4.60
N MET E 746 -27.08 -22.99 -4.67
CA MET E 746 -27.06 -22.31 -5.96
C MET E 746 -25.63 -22.01 -6.41
N LEU E 747 -24.65 -22.13 -5.54
CA LEU E 747 -23.27 -21.85 -5.92
C LEU E 747 -22.42 -23.10 -6.07
N CYS E 748 -22.98 -24.28 -5.82
CA CYS E 748 -22.17 -25.49 -5.85
C CYS E 748 -22.85 -26.60 -6.62
N GLY E 749 -23.68 -26.24 -7.61
CA GLY E 749 -24.35 -27.24 -8.40
C GLY E 749 -23.45 -27.75 -9.51
N GLN E 750 -23.39 -29.07 -9.66
CA GLN E 750 -22.59 -29.66 -10.72
C GLN E 750 -23.19 -31.00 -11.09
N THR E 751 -22.84 -31.48 -12.28
CA THR E 751 -23.35 -32.73 -12.81
C THR E 751 -22.21 -33.50 -13.45
N GLU E 752 -22.51 -34.71 -13.92
CA GLU E 752 -21.54 -35.47 -14.68
C GLU E 752 -21.23 -34.74 -15.98
N THR E 753 -20.02 -34.96 -16.49
CA THR E 753 -19.51 -34.17 -17.61
C THR E 753 -20.39 -34.32 -18.85
N ASN E 754 -20.45 -35.52 -19.42
CA ASN E 754 -21.15 -35.75 -20.68
C ASN E 754 -22.54 -36.30 -20.38
N LEU E 755 -23.44 -35.39 -20.03
CA LEU E 755 -24.79 -35.76 -19.62
C LEU E 755 -25.77 -35.41 -20.73
N ILE E 756 -26.62 -36.38 -21.07
CA ILE E 756 -27.75 -36.16 -21.96
C ILE E 756 -29.01 -36.18 -21.12
N PRO E 757 -29.70 -35.05 -20.95
CA PRO E 757 -30.86 -35.04 -20.05
C PRO E 757 -31.93 -36.03 -20.44
N SER E 758 -32.19 -36.19 -21.73
CA SER E 758 -33.30 -37.02 -22.16
C SER E 758 -33.11 -38.45 -21.71
N HIS E 759 -31.92 -39.01 -21.94
CA HIS E 759 -31.66 -40.39 -21.55
C HIS E 759 -31.79 -40.56 -20.05
N HIS E 760 -31.18 -39.66 -19.28
CA HIS E 760 -31.20 -39.80 -17.83
C HIS E 760 -32.62 -39.71 -17.30
N TYR E 761 -33.36 -38.69 -17.71
CA TYR E 761 -34.73 -38.52 -17.23
C TYR E 761 -35.60 -39.71 -17.63
N GLY E 762 -35.49 -40.13 -18.90
CA GLY E 762 -36.29 -41.25 -19.35
C GLY E 762 -36.01 -42.51 -18.56
N LYS E 763 -34.73 -42.81 -18.38
CA LYS E 763 -34.36 -43.99 -17.60
C LYS E 763 -34.84 -43.88 -16.16
N ALA E 764 -34.94 -42.66 -15.65
CA ALA E 764 -35.36 -42.49 -14.26
C ALA E 764 -36.89 -42.52 -14.13
N PHE E 765 -37.60 -41.96 -15.11
CA PHE E 765 -39.05 -41.88 -15.02
C PHE E 765 -39.74 -43.17 -15.38
N ALA E 766 -39.04 -44.13 -15.98
CA ALA E 766 -39.68 -45.36 -16.45
C ALA E 766 -40.48 -46.07 -15.38
N PRO E 767 -39.96 -46.34 -14.17
CA PRO E 767 -40.74 -47.12 -13.21
C PRO E 767 -42.00 -46.42 -12.72
N LEU E 768 -42.10 -45.10 -12.86
CA LEU E 768 -43.23 -44.40 -12.28
C LEU E 768 -44.53 -44.72 -13.01
N PHE E 769 -44.51 -44.66 -14.34
CA PHE E 769 -45.73 -44.85 -15.12
C PHE E 769 -45.90 -46.30 -15.56
N ALA E 770 -45.91 -47.21 -14.60
CA ALA E 770 -45.89 -48.63 -14.90
C ALA E 770 -47.18 -49.36 -14.57
N SER E 771 -48.17 -48.68 -13.99
CA SER E 771 -49.36 -49.38 -13.53
C SER E 771 -50.56 -48.45 -13.58
N ASN E 772 -51.73 -49.04 -13.34
CA ASN E 772 -52.98 -48.29 -13.30
C ASN E 772 -53.08 -47.38 -12.08
N ALA E 773 -52.15 -47.50 -11.13
CA ALA E 773 -52.26 -46.73 -9.89
C ALA E 773 -52.39 -45.25 -10.16
N MET E 774 -51.83 -44.77 -11.24
CA MET E 774 -51.92 -43.36 -11.59
C MET E 774 -53.32 -42.95 -11.99
N PHE E 775 -54.31 -43.83 -11.94
CA PHE E 775 -55.66 -43.47 -12.35
C PHE E 775 -56.68 -43.63 -11.24
N THR E 776 -56.25 -44.01 -10.04
CA THR E 776 -57.20 -44.22 -8.96
C THR E 776 -57.95 -42.94 -8.63
N ARG E 777 -57.24 -41.80 -8.61
CA ARG E 777 -57.88 -40.55 -8.23
C ARG E 777 -59.05 -40.22 -9.14
N ASN E 778 -58.97 -40.59 -10.41
CA ASN E 778 -60.07 -40.33 -11.32
C ASN E 778 -61.34 -41.02 -10.84
N GLN E 779 -61.23 -42.31 -10.52
CA GLN E 779 -62.40 -43.05 -10.09
C GLN E 779 -62.97 -42.48 -8.80
N ARG E 780 -62.10 -42.19 -7.84
CA ARG E 780 -62.58 -41.65 -6.57
C ARG E 780 -63.26 -40.31 -6.79
N ALA E 781 -62.74 -39.50 -7.70
CA ALA E 781 -63.38 -38.24 -8.00
C ALA E 781 -64.79 -38.45 -8.54
N VAL E 782 -64.95 -39.45 -9.40
CA VAL E 782 -66.27 -39.71 -9.97
C VAL E 782 -67.26 -40.04 -8.87
N ILE E 783 -66.89 -40.97 -7.98
CA ILE E 783 -67.76 -41.31 -6.87
C ILE E 783 -68.02 -40.08 -6.01
N THR E 784 -67.00 -39.26 -5.80
CA THR E 784 -67.16 -38.05 -5.02
C THR E 784 -68.27 -37.19 -5.60
N ARG E 785 -68.29 -37.04 -6.93
CA ARG E 785 -69.30 -36.21 -7.56
C ARG E 785 -70.69 -36.76 -7.30
N GLU E 786 -70.90 -38.04 -7.61
CA GLU E 786 -72.22 -38.63 -7.46
C GLU E 786 -72.68 -38.56 -6.01
N ALA E 787 -71.77 -38.86 -5.07
CA ALA E 787 -72.12 -38.75 -3.67
C ALA E 787 -72.52 -37.33 -3.31
N PHE E 788 -71.77 -36.35 -3.80
CA PHE E 788 -72.05 -34.96 -3.46
C PHE E 788 -73.42 -34.55 -3.96
N VAL E 789 -73.72 -34.82 -5.22
CA VAL E 789 -74.98 -34.37 -5.80
C VAL E 789 -76.14 -35.02 -5.07
N CYS E 790 -76.06 -36.33 -4.85
CA CYS E 790 -77.16 -37.03 -4.19
C CYS E 790 -77.39 -36.47 -2.80
N ALA E 791 -76.31 -36.21 -2.06
CA ALA E 791 -76.47 -35.64 -0.73
C ALA E 791 -77.18 -34.30 -0.79
N ARG E 792 -76.75 -33.43 -1.70
CA ARG E 792 -77.42 -32.14 -1.83
C ARG E 792 -78.88 -32.32 -2.19
N SER E 793 -79.16 -33.22 -3.12
CA SER E 793 -80.54 -33.46 -3.52
C SER E 793 -81.38 -33.93 -2.33
N ALA E 794 -80.86 -34.91 -1.58
CA ALA E 794 -81.63 -35.44 -0.47
C ALA E 794 -81.92 -34.37 0.57
N VAL E 795 -80.90 -33.61 0.94
CA VAL E 795 -81.10 -32.58 1.95
C VAL E 795 -82.10 -31.54 1.45
N ALA E 796 -82.00 -31.17 0.18
CA ALA E 796 -82.91 -30.17 -0.36
C ALA E 796 -84.35 -30.65 -0.34
N GLN E 797 -84.59 -31.90 -0.73
CA GLN E 797 -85.96 -32.38 -0.83
C GLN E 797 -86.65 -32.38 0.52
N CYS E 798 -85.92 -32.63 1.60
CA CYS E 798 -86.53 -32.58 2.92
C CYS E 798 -86.86 -31.15 3.32
N GLN E 799 -86.12 -30.18 2.80
CA GLN E 799 -86.45 -28.78 3.03
C GLN E 799 -87.66 -28.39 2.18
N ASP E 800 -88.06 -27.13 2.30
CA ASP E 800 -89.14 -26.58 1.49
C ASP E 800 -88.51 -25.73 0.38
N ALA E 801 -88.59 -26.23 -0.85
CA ALA E 801 -88.12 -25.51 -2.04
C ALA E 801 -86.65 -25.11 -1.93
N GLY E 802 -85.84 -25.96 -1.30
CA GLY E 802 -84.42 -25.68 -1.22
C GLY E 802 -83.73 -25.83 -2.56
N PHE E 803 -82.70 -25.01 -2.77
CA PHE E 803 -81.94 -24.98 -4.02
C PHE E 803 -82.87 -24.99 -5.23
N LEU E 804 -82.57 -25.84 -6.20
CA LEU E 804 -83.34 -25.87 -7.44
C LEU E 804 -83.57 -27.31 -7.90
N VAL E 805 -83.94 -28.18 -6.96
CA VAL E 805 -84.07 -29.60 -7.26
C VAL E 805 -85.54 -29.95 -7.51
N PRO E 806 -85.81 -30.98 -8.30
CA PRO E 806 -87.20 -31.45 -8.42
C PRO E 806 -87.66 -32.09 -7.13
N ARG E 807 -88.97 -32.05 -6.90
CA ARG E 807 -89.57 -32.50 -5.64
C ARG E 807 -90.74 -33.42 -5.93
N PRO E 808 -90.48 -34.64 -6.38
CA PRO E 808 -91.59 -35.56 -6.68
C PRO E 808 -92.31 -36.04 -5.43
N LEU E 809 -91.60 -36.18 -4.32
CA LEU E 809 -92.20 -36.74 -3.10
C LEU E 809 -92.84 -35.68 -2.23
N ASP E 810 -93.05 -34.47 -2.74
CA ASP E 810 -93.44 -33.36 -1.89
C ASP E 810 -94.78 -33.60 -1.21
N ALA E 811 -95.58 -34.53 -1.70
CA ALA E 811 -96.86 -34.82 -1.06
C ALA E 811 -96.67 -35.36 0.36
N LEU E 812 -95.57 -36.05 0.61
CA LEU E 812 -95.35 -36.66 1.91
C LEU E 812 -94.96 -35.60 2.94
N ARG E 813 -95.39 -35.83 4.18
CA ARG E 813 -95.14 -34.88 5.24
C ARG E 813 -93.70 -34.96 5.73
N GLN E 814 -93.17 -33.80 6.10
CA GLN E 814 -91.85 -33.71 6.71
C GLN E 814 -91.87 -32.47 7.59
N PHE E 815 -92.12 -32.67 8.89
CA PHE E 815 -92.33 -31.52 9.76
C PHE E 815 -91.02 -30.84 10.12
N ASP E 816 -90.05 -31.61 10.62
CA ASP E 816 -88.81 -31.02 11.11
C ASP E 816 -87.90 -30.69 9.94
N VAL E 817 -87.34 -29.49 9.96
CA VAL E 817 -86.44 -29.02 8.90
C VAL E 817 -85.19 -28.41 9.53
N THR E 818 -84.96 -28.69 10.80
CA THR E 818 -83.84 -28.08 11.50
C THR E 818 -82.52 -28.54 10.91
N SER E 819 -81.48 -27.75 11.18
CA SER E 819 -80.14 -28.12 10.70
C SER E 819 -79.71 -29.47 11.23
N ALA E 820 -80.15 -29.83 12.43
CA ALA E 820 -79.78 -31.12 12.99
C ALA E 820 -80.28 -32.26 12.10
N ALA E 821 -81.52 -32.15 11.62
CA ALA E 821 -82.06 -33.16 10.72
C ALA E 821 -81.23 -33.23 9.46
N ALA E 822 -80.86 -32.07 8.90
CA ALA E 822 -80.05 -32.07 7.68
C ALA E 822 -78.72 -32.77 7.90
N ALA E 823 -78.08 -32.50 9.03
CA ALA E 823 -76.81 -33.17 9.32
C ALA E 823 -76.99 -34.67 9.38
N GLU E 824 -78.05 -35.12 10.04
CA GLU E 824 -78.29 -36.56 10.15
C GLU E 824 -78.52 -37.17 8.78
N ILE E 825 -79.26 -36.48 7.92
CA ILE E 825 -79.48 -36.99 6.57
C ILE E 825 -78.17 -37.09 5.82
N MET E 826 -77.35 -36.04 5.90
CA MET E 826 -76.10 -36.04 5.15
C MET E 826 -75.18 -37.17 5.63
N HIS E 827 -75.13 -37.39 6.94
CA HIS E 827 -74.35 -38.50 7.46
C HIS E 827 -74.87 -39.82 6.93
N ALA E 828 -76.19 -39.97 6.88
CA ALA E 828 -76.77 -41.20 6.36
C ALA E 828 -76.32 -41.45 4.93
N VAL E 829 -76.41 -40.43 4.08
CA VAL E 829 -75.98 -40.58 2.70
C VAL E 829 -74.49 -40.88 2.65
N ASN E 830 -73.70 -40.15 3.44
CA ASN E 830 -72.25 -40.35 3.41
C ASN E 830 -71.90 -41.77 3.80
N ASP E 831 -72.54 -42.30 4.85
CA ASP E 831 -72.29 -43.68 5.22
C ASP E 831 -72.73 -44.64 4.13
N ALA E 832 -73.87 -44.36 3.51
CA ALA E 832 -74.39 -45.27 2.48
C ALA E 832 -73.40 -45.43 1.36
N PHE E 833 -72.89 -44.32 0.82
CA PHE E 833 -71.94 -44.40 -0.29
C PHE E 833 -70.67 -45.11 0.13
N LYS E 834 -70.14 -44.77 1.31
CA LYS E 834 -68.93 -45.42 1.79
C LYS E 834 -69.13 -46.93 1.87
N THR E 835 -70.31 -47.36 2.30
CA THR E 835 -70.60 -48.78 2.38
C THR E 835 -70.73 -49.39 0.99
N ALA E 836 -71.51 -48.74 0.12
CA ALA E 836 -71.84 -49.35 -1.17
C ALA E 836 -70.59 -49.55 -2.01
N PHE E 837 -69.72 -48.56 -2.06
CA PHE E 837 -68.53 -48.62 -2.90
C PHE E 837 -67.28 -48.93 -2.12
N ASP E 838 -67.40 -49.24 -0.83
CA ASP E 838 -66.27 -49.68 -0.01
C ASP E 838 -65.15 -48.63 -0.02
N LEU E 839 -65.51 -47.39 0.20
CA LEU E 839 -64.51 -46.34 0.27
C LEU E 839 -63.76 -46.42 1.60
N ASP E 840 -62.60 -45.78 1.63
CA ASP E 840 -61.73 -45.85 2.80
C ASP E 840 -61.53 -44.49 3.46
N GLY E 841 -61.05 -43.49 2.73
CA GLY E 841 -60.73 -42.22 3.32
C GLY E 841 -61.94 -41.36 3.59
N ALA E 842 -61.69 -40.17 4.10
CA ALA E 842 -62.76 -39.21 4.33
C ALA E 842 -63.43 -38.87 3.01
N LEU E 843 -64.75 -38.91 3.00
CA LEU E 843 -65.52 -38.58 1.80
C LEU E 843 -66.73 -37.77 2.22
N LEU E 844 -66.92 -36.62 1.59
CA LEU E 844 -68.04 -35.73 1.84
C LEU E 844 -68.08 -35.20 3.26
N ASP E 845 -67.03 -35.47 4.05
CA ASP E 845 -66.95 -34.95 5.39
C ASP E 845 -66.52 -33.49 5.36
N GLY E 846 -66.53 -32.86 6.53
CA GLY E 846 -66.06 -31.50 6.62
C GLY E 846 -67.06 -30.47 6.14
N LEU E 847 -68.02 -30.90 5.31
CA LEU E 847 -69.10 -29.99 4.93
C LEU E 847 -69.93 -29.61 6.14
N ALA E 848 -70.10 -30.52 7.07
CA ALA E 848 -70.81 -30.25 8.30
C ALA E 848 -69.93 -29.61 9.36
N LEU E 849 -68.77 -29.06 8.97
CA LEU E 849 -67.89 -28.47 9.95
C LEU E 849 -68.58 -27.35 10.72
N TYR E 850 -69.29 -26.49 10.00
CA TYR E 850 -70.07 -25.46 10.66
C TYR E 850 -71.44 -25.94 11.10
N GLY E 851 -71.84 -27.14 10.67
CA GLY E 851 -73.04 -27.75 11.21
C GLY E 851 -74.35 -27.30 10.61
N ASP E 852 -74.37 -26.94 9.32
CA ASP E 852 -75.61 -26.62 8.63
C ASP E 852 -75.47 -26.97 7.17
N PRO E 853 -75.69 -28.24 6.81
CA PRO E 853 -75.60 -28.64 5.40
C PRO E 853 -76.63 -27.99 4.51
N ARG E 854 -77.65 -27.35 5.08
CA ARG E 854 -78.74 -26.82 4.27
C ARG E 854 -78.27 -25.76 3.29
N ILE E 855 -77.10 -25.17 3.52
CA ILE E 855 -76.61 -24.12 2.63
C ILE E 855 -75.21 -24.49 2.13
N ALA E 856 -74.91 -25.77 2.12
CA ALA E 856 -73.56 -26.21 1.74
C ALA E 856 -73.32 -25.93 0.27
N ASP E 857 -72.20 -25.26 -0.02
CA ASP E 857 -71.79 -25.01 -1.39
C ASP E 857 -70.31 -24.66 -1.40
N LEU E 858 -69.63 -25.08 -2.46
CA LEU E 858 -68.19 -24.93 -2.54
C LEU E 858 -67.80 -23.74 -3.41
N SER E 859 -66.76 -23.04 -2.99
CA SER E 859 -66.23 -21.91 -3.73
C SER E 859 -64.86 -21.55 -3.18
N ALA E 860 -64.00 -21.01 -4.04
CA ALA E 860 -62.67 -20.61 -3.67
C ALA E 860 -62.35 -19.25 -4.27
N ALA E 861 -61.45 -18.52 -3.62
CA ALA E 861 -61.10 -17.19 -4.07
C ALA E 861 -59.80 -16.77 -3.40
N TYR E 862 -59.19 -15.72 -3.97
CA TYR E 862 -58.06 -15.08 -3.34
C TYR E 862 -58.17 -13.58 -3.53
N LEU E 863 -57.57 -12.83 -2.63
CA LEU E 863 -57.71 -11.39 -2.58
C LEU E 863 -56.35 -10.73 -2.74
N GLN E 864 -56.34 -9.59 -3.44
CA GLN E 864 -55.13 -8.81 -3.64
C GLN E 864 -55.22 -7.50 -2.86
N TYR E 865 -54.06 -6.97 -2.49
CA TYR E 865 -53.99 -5.75 -1.70
C TYR E 865 -54.65 -4.58 -2.42
N GLY E 866 -54.73 -4.61 -3.74
CA GLY E 866 -55.42 -3.58 -4.47
C GLY E 866 -56.92 -3.59 -4.33
N GLY E 867 -57.48 -4.60 -3.67
CA GLY E 867 -58.91 -4.71 -3.51
C GLY E 867 -59.58 -5.59 -4.54
N ASN E 868 -58.83 -6.21 -5.44
CA ASN E 868 -59.42 -7.05 -6.46
C ASN E 868 -59.65 -8.46 -5.94
N VAL E 869 -60.72 -9.09 -6.43
CA VAL E 869 -61.10 -10.43 -6.03
C VAL E 869 -61.30 -11.28 -7.27
N VAL E 870 -61.22 -12.60 -7.10
CA VAL E 870 -61.37 -13.55 -8.19
C VAL E 870 -62.67 -14.33 -8.06
N ARG E 871 -62.89 -14.99 -6.92
CA ARG E 871 -64.17 -15.64 -6.60
C ARG E 871 -64.53 -16.70 -7.64
N GLU E 872 -63.72 -17.76 -7.64
CA GLU E 872 -63.95 -18.88 -8.55
C GLU E 872 -64.99 -19.83 -7.96
N HIS E 873 -65.97 -20.20 -8.78
CA HIS E 873 -67.01 -21.14 -8.37
C HIS E 873 -66.66 -22.55 -8.81
N VAL E 874 -67.17 -23.52 -8.06
CA VAL E 874 -66.93 -24.94 -8.35
C VAL E 874 -68.25 -25.70 -8.34
N PRO E 875 -69.10 -25.54 -9.33
CA PRO E 875 -70.35 -26.30 -9.36
C PRO E 875 -70.10 -27.73 -9.78
N PRO E 876 -70.94 -28.66 -9.35
CA PRO E 876 -70.78 -30.06 -9.76
C PRO E 876 -71.18 -30.27 -11.20
N GLY E 877 -70.61 -31.29 -11.81
CA GLY E 877 -70.97 -31.67 -13.15
C GLY E 877 -72.23 -32.52 -13.17
N PRO E 878 -72.63 -32.92 -14.37
CA PRO E 878 -73.81 -33.77 -14.50
C PRO E 878 -73.58 -35.13 -13.86
N SER E 879 -74.65 -35.72 -13.37
CA SER E 879 -74.58 -36.97 -12.63
C SER E 879 -75.64 -37.93 -13.14
N HIS E 880 -75.32 -39.22 -13.10
CA HIS E 880 -76.26 -40.23 -13.55
C HIS E 880 -77.16 -40.72 -12.43
N ILE E 881 -76.56 -41.03 -11.28
CA ILE E 881 -77.34 -41.60 -10.18
C ILE E 881 -78.44 -40.65 -9.76
N HIS E 882 -78.12 -39.36 -9.66
CA HIS E 882 -79.10 -38.37 -9.28
C HIS E 882 -80.32 -38.43 -10.19
N ARG E 883 -80.09 -38.48 -11.50
CA ARG E 883 -81.20 -38.58 -12.43
C ARG E 883 -81.93 -39.90 -12.25
N THR E 884 -81.20 -40.98 -12.00
CA THR E 884 -81.84 -42.27 -11.76
C THR E 884 -82.75 -42.19 -10.56
N LEU E 885 -82.28 -41.57 -9.48
CA LEU E 885 -83.05 -41.52 -8.25
C LEU E 885 -84.39 -40.83 -8.48
N GLN E 886 -84.41 -39.82 -9.34
CA GLN E 886 -85.67 -39.14 -9.63
C GLN E 886 -86.69 -40.10 -10.22
N GLN E 887 -86.25 -40.95 -11.15
CA GLN E 887 -87.16 -41.92 -11.73
C GLN E 887 -87.69 -42.87 -10.67
N VAL E 888 -86.84 -43.31 -9.76
CA VAL E 888 -87.29 -44.18 -8.68
C VAL E 888 -88.34 -43.48 -7.85
N GLU E 889 -88.07 -42.23 -7.45
CA GLU E 889 -89.04 -41.51 -6.64
C GLU E 889 -90.35 -41.33 -7.37
N SER E 890 -90.28 -40.96 -8.65
CA SER E 890 -91.51 -40.79 -9.43
C SER E 890 -92.27 -42.09 -9.50
N THR E 891 -91.58 -43.20 -9.73
CA THR E 891 -92.24 -44.49 -9.80
C THR E 891 -92.86 -44.86 -8.46
N PHE E 892 -92.16 -44.56 -7.37
CA PHE E 892 -92.64 -44.95 -6.05
C PHE E 892 -94.02 -44.38 -5.77
N MET E 893 -94.24 -43.13 -6.15
CA MET E 893 -95.53 -42.50 -5.89
C MET E 893 -96.67 -43.22 -6.59
N ALA E 894 -96.37 -44.01 -7.62
CA ALA E 894 -97.41 -44.77 -8.31
C ALA E 894 -97.51 -46.21 -7.84
N GLU E 895 -96.50 -46.73 -7.15
CA GLU E 895 -96.48 -48.12 -6.75
C GLU E 895 -96.19 -48.28 -5.27
N MET E 896 -96.56 -47.27 -4.46
CA MET E 896 -96.20 -47.28 -3.05
C MET E 896 -96.80 -48.47 -2.32
N ASN E 897 -97.94 -48.98 -2.78
CA ASN E 897 -98.57 -50.11 -2.09
C ASN E 897 -97.62 -51.28 -1.98
N LEU E 898 -96.76 -51.48 -2.96
CA LEU E 898 -95.80 -52.57 -2.91
C LEU E 898 -94.79 -52.41 -1.80
N PHE E 899 -94.69 -51.22 -1.20
CA PHE E 899 -93.81 -50.98 -0.08
C PHE E 899 -94.59 -50.85 1.22
N ASN E 900 -95.76 -51.48 1.28
CA ASN E 900 -96.60 -51.49 2.47
C ASN E 900 -97.00 -50.09 2.91
N VAL E 901 -97.09 -49.14 1.98
CA VAL E 901 -97.50 -47.79 2.28
C VAL E 901 -98.78 -47.49 1.51
N ALA E 902 -99.75 -46.92 2.21
CA ALA E 902 -101.03 -46.54 1.61
C ALA E 902 -101.19 -45.03 1.67
N ARG E 903 -102.13 -44.54 0.86
CA ARG E 903 -102.42 -43.11 0.78
C ARG E 903 -103.90 -42.89 1.06
N GLY E 904 -104.23 -41.65 1.36
CA GLY E 904 -105.61 -41.30 1.66
C GLY E 904 -105.90 -41.40 3.15
N ASN E 905 -107.14 -41.06 3.49
CA ASN E 905 -107.55 -41.00 4.88
C ASN E 905 -108.08 -42.35 5.34
N LEU E 906 -108.47 -42.42 6.61
CA LEU E 906 -109.00 -43.62 7.23
C LEU E 906 -110.37 -43.33 7.81
N TYR E 907 -111.30 -44.25 7.61
CA TYR E 907 -112.65 -44.14 8.13
C TYR E 907 -112.86 -45.12 9.26
N LEU E 908 -113.85 -44.80 10.10
CA LEU E 908 -114.21 -45.64 11.24
C LEU E 908 -115.73 -45.61 11.36
N VAL E 909 -116.39 -46.62 10.84
CA VAL E 909 -117.85 -46.72 10.89
C VAL E 909 -118.21 -48.14 11.26
N GLN E 910 -119.11 -48.30 12.24
CA GLN E 910 -119.57 -49.63 12.61
C GLN E 910 -120.31 -50.26 11.44
N THR E 911 -119.74 -51.32 10.89
CA THR E 911 -120.36 -52.04 9.78
C THR E 911 -120.47 -53.51 10.15
N ALA E 912 -121.69 -54.03 10.11
CA ALA E 912 -121.97 -55.42 10.44
C ALA E 912 -122.39 -56.11 9.15
N THR E 913 -121.41 -56.64 8.42
CA THR E 913 -121.65 -57.28 7.15
C THR E 913 -121.76 -58.78 7.31
N ASN E 914 -122.52 -59.40 6.42
CA ASN E 914 -122.63 -60.84 6.36
C ASN E 914 -121.95 -61.44 5.14
N GLY E 915 -121.87 -60.68 4.05
CA GLY E 915 -121.22 -61.15 2.85
C GLY E 915 -119.77 -60.73 2.74
N ASN E 916 -119.36 -60.33 1.55
CA ASN E 916 -117.96 -60.00 1.30
C ASN E 916 -117.58 -58.69 1.97
N TRP E 917 -116.27 -58.51 2.17
CA TRP E 917 -115.73 -57.31 2.78
C TRP E 917 -114.34 -57.06 2.20
N SER E 918 -114.07 -55.81 1.85
CA SER E 918 -112.82 -55.45 1.17
C SER E 918 -112.41 -54.05 1.60
N PRO E 919 -111.79 -53.92 2.77
CA PRO E 919 -111.46 -52.58 3.27
C PRO E 919 -110.45 -51.85 2.42
N MET E 920 -109.52 -52.55 1.78
CA MET E 920 -108.46 -51.91 1.03
C MET E 920 -108.88 -51.48 -0.37
N ALA E 921 -110.10 -51.84 -0.78
CA ALA E 921 -110.60 -51.47 -2.10
C ALA E 921 -112.11 -51.25 -2.00
N PRO E 922 -112.53 -50.16 -1.38
CA PRO E 922 -113.96 -49.90 -1.25
C PRO E 922 -114.60 -49.69 -2.61
N VAL E 923 -115.86 -50.06 -2.71
CA VAL E 923 -116.62 -49.94 -3.95
C VAL E 923 -117.53 -48.73 -3.95
N ALA E 924 -118.14 -48.41 -2.81
CA ALA E 924 -119.02 -47.27 -2.71
C ALA E 924 -118.23 -46.02 -2.33
N ALA E 925 -118.76 -44.87 -2.72
CA ALA E 925 -118.09 -43.62 -2.40
C ALA E 925 -118.05 -43.42 -0.89
N PRO E 926 -116.95 -42.91 -0.33
CA PRO E 926 -116.88 -42.72 1.10
C PRO E 926 -117.88 -41.68 1.56
N PRO E 927 -118.47 -41.85 2.73
CA PRO E 927 -119.46 -40.88 3.22
C PRO E 927 -118.79 -39.67 3.84
N PHE E 928 -119.59 -38.63 4.00
CA PHE E 928 -119.24 -37.38 4.69
C PHE E 928 -117.80 -36.95 4.42
N VAL E 929 -117.51 -36.73 3.13
CA VAL E 929 -116.25 -36.11 2.78
C VAL E 929 -116.13 -34.77 3.51
N ARG E 930 -114.89 -34.36 3.78
CA ARG E 930 -114.67 -33.13 4.52
C ARG E 930 -115.35 -31.95 3.86
N GLY E 931 -115.96 -31.11 4.67
CA GLY E 931 -116.73 -29.99 4.15
C GLY E 931 -118.15 -30.32 3.79
N GLY E 932 -118.58 -31.57 3.95
CA GLY E 932 -119.94 -31.95 3.66
C GLY E 932 -120.90 -31.43 4.71
N PRO E 933 -122.19 -31.61 4.47
CA PRO E 933 -123.19 -31.12 5.42
C PRO E 933 -123.04 -31.80 6.77
N ASN E 934 -123.19 -31.01 7.83
CA ASN E 934 -123.19 -31.50 9.21
C ASN E 934 -121.90 -32.23 9.57
N VAL E 935 -120.82 -31.96 8.86
CA VAL E 935 -119.53 -32.58 9.14
C VAL E 935 -118.71 -31.59 9.96
N ARG E 936 -118.24 -32.04 11.12
CA ARG E 936 -117.50 -31.18 12.03
C ARG E 936 -116.06 -31.65 12.13
N VAL E 937 -115.14 -30.69 12.18
CA VAL E 937 -113.73 -30.96 12.37
C VAL E 937 -113.35 -30.55 13.78
N VAL E 938 -112.56 -31.41 14.45
CA VAL E 938 -112.23 -31.17 15.83
C VAL E 938 -111.40 -29.90 15.97
N GLY E 939 -111.42 -29.32 17.16
CA GLY E 939 -110.57 -28.20 17.46
C GLY E 939 -109.11 -28.62 17.54
N ARG E 940 -108.23 -27.63 17.50
CA ARG E 940 -106.81 -27.90 17.46
C ARG E 940 -106.29 -28.48 18.77
N PHE E 941 -107.04 -28.33 19.86
CA PHE E 941 -106.64 -28.91 21.13
C PHE E 941 -107.28 -30.25 21.41
N GLY E 942 -108.36 -30.59 20.70
CA GLY E 942 -109.04 -31.84 20.98
C GLY E 942 -109.58 -31.94 22.37
N THR E 943 -109.94 -30.81 22.97
CA THR E 943 -110.47 -30.83 24.33
C THR E 943 -111.96 -31.14 24.32
N ILE E 944 -112.46 -31.51 25.49
CA ILE E 944 -113.86 -31.86 25.68
C ILE E 944 -114.38 -31.17 26.93
N VAL E 945 -115.68 -30.96 27.00
CA VAL E 945 -116.26 -30.25 28.14
C VAL E 945 -117.43 -31.03 28.71
N PRO E 946 -117.50 -31.19 30.02
CA PRO E 946 -118.64 -31.88 30.64
C PRO E 946 -119.79 -30.93 30.87
N ARG E 947 -120.95 -31.51 31.10
CA ARG E 947 -122.18 -30.78 31.40
C ARG E 947 -122.87 -31.44 32.58
N PRO E 948 -123.65 -30.69 33.33
CA PRO E 948 -124.29 -31.24 34.53
C PRO E 948 -125.65 -31.87 34.25
N ASP E 949 -126.04 -32.76 35.16
CA ASP E 949 -127.41 -33.23 35.31
C ASP E 949 -128.02 -33.71 34.00
N GLY E 950 -127.43 -34.79 33.50
CA GLY E 950 -128.02 -35.49 32.36
C GLY E 950 -127.45 -35.07 31.02
N LEU E 951 -127.15 -33.77 30.87
CA LEU E 951 -126.59 -33.30 29.62
C LEU E 951 -125.26 -33.98 29.35
N GLU E 952 -125.14 -34.58 28.19
CA GLU E 952 -123.93 -35.30 27.87
C GLU E 952 -122.85 -34.35 27.37
N PRO E 953 -121.58 -34.74 27.48
CA PRO E 953 -120.48 -33.81 27.15
C PRO E 953 -120.54 -33.34 25.71
N GLN E 954 -119.71 -32.35 25.42
CA GLN E 954 -119.63 -31.77 24.09
C GLN E 954 -118.16 -31.60 23.69
N LEU E 955 -117.93 -31.59 22.39
CA LEU E 955 -116.59 -31.51 21.84
C LEU E 955 -116.37 -30.15 21.19
N ILE E 956 -115.15 -29.66 21.30
CA ILE E 956 -114.79 -28.34 20.78
C ILE E 956 -114.28 -28.48 19.35
N ASP E 957 -114.94 -27.81 18.41
CA ASP E 957 -114.54 -27.86 17.02
C ASP E 957 -113.48 -26.79 16.75
N ASP E 958 -113.06 -26.70 15.49
CA ASP E 958 -112.06 -25.70 15.12
C ASP E 958 -112.57 -24.30 15.36
N GLY E 959 -113.87 -24.08 15.24
CA GLY E 959 -114.45 -22.79 15.53
C GLY E 959 -114.49 -22.43 16.99
N ASN E 960 -113.84 -23.22 17.84
CA ASN E 960 -113.83 -23.01 19.28
C ASN E 960 -115.25 -22.98 19.83
N VAL E 961 -116.04 -23.95 19.40
CA VAL E 961 -117.43 -24.06 19.83
C VAL E 961 -117.71 -25.49 20.27
N PRO E 962 -118.27 -25.70 21.46
CA PRO E 962 -118.66 -27.05 21.85
C PRO E 962 -119.74 -27.58 20.93
N ARG E 963 -119.61 -28.85 20.56
CA ARG E 963 -120.54 -29.48 19.64
C ARG E 963 -120.95 -30.83 20.19
N ASP E 964 -122.13 -31.28 19.77
CA ASP E 964 -122.63 -32.57 20.20
C ASP E 964 -121.81 -33.69 19.57
N ILE E 965 -121.49 -34.70 20.38
CA ILE E 965 -120.58 -35.75 19.95
C ILE E 965 -121.19 -36.55 18.80
N ALA E 966 -122.47 -36.89 18.92
CA ALA E 966 -123.10 -37.73 17.91
C ALA E 966 -123.07 -37.03 16.55
N GLY E 967 -122.91 -37.83 15.50
CA GLY E 967 -122.87 -37.32 14.15
C GLY E 967 -121.58 -37.73 13.44
N ASP E 968 -121.10 -36.85 12.57
CA ASP E 968 -119.89 -37.09 11.82
C ASP E 968 -118.79 -36.14 12.29
N TRP E 969 -117.57 -36.66 12.35
CA TRP E 969 -116.45 -35.89 12.86
C TRP E 969 -115.19 -36.21 12.07
N VAL E 970 -114.26 -35.26 12.08
CA VAL E 970 -113.00 -35.40 11.36
C VAL E 970 -111.86 -35.13 12.33
N TYR E 971 -110.90 -36.04 12.39
CA TYR E 971 -109.77 -35.92 13.30
C TYR E 971 -108.47 -35.79 12.53
N PRO E 972 -107.84 -34.62 12.51
CA PRO E 972 -106.43 -34.56 12.08
C PRO E 972 -105.59 -35.45 12.99
N SER E 973 -104.63 -36.14 12.39
CA SER E 973 -103.86 -37.14 13.12
C SER E 973 -103.18 -36.53 14.33
N ASP E 974 -102.65 -35.32 14.20
CA ASP E 974 -101.92 -34.70 15.29
C ASP E 974 -102.82 -34.50 16.50
N VAL E 975 -104.05 -34.04 16.27
CA VAL E 975 -104.98 -33.87 17.38
C VAL E 975 -105.21 -35.21 18.06
N LEU E 976 -105.33 -36.28 17.29
CA LEU E 976 -105.48 -37.59 17.88
C LEU E 976 -104.25 -37.97 18.69
N GLN E 977 -103.05 -37.66 18.18
CA GLN E 977 -101.84 -38.05 18.87
C GLN E 977 -101.70 -37.42 20.24
N VAL E 978 -102.39 -36.30 20.48
CA VAL E 978 -102.31 -35.61 21.77
C VAL E 978 -103.59 -35.76 22.56
N SER E 979 -104.61 -36.41 22.02
CA SER E 979 -105.87 -36.55 22.73
C SER E 979 -106.45 -37.95 22.59
N VAL E 980 -105.61 -38.97 22.41
CA VAL E 980 -106.13 -40.31 22.23
C VAL E 980 -106.90 -40.76 23.47
N ALA E 981 -106.47 -40.33 24.65
CA ALA E 981 -107.10 -40.77 25.88
C ALA E 981 -108.57 -40.34 25.91
N VAL E 982 -108.83 -39.05 25.73
CA VAL E 982 -110.21 -38.58 25.79
C VAL E 982 -111.02 -39.19 24.66
N PHE E 983 -110.40 -39.34 23.49
CA PHE E 983 -111.06 -40.03 22.39
C PHE E 983 -111.45 -41.44 22.81
N CYS E 984 -110.50 -42.18 23.38
CA CYS E 984 -110.76 -43.55 23.79
C CYS E 984 -111.84 -43.61 24.87
N ASP E 985 -112.03 -42.53 25.61
CA ASP E 985 -112.96 -42.57 26.74
C ASP E 985 -114.35 -42.08 26.39
N TYR E 986 -114.48 -41.20 25.41
CA TYR E 986 -115.79 -40.62 25.11
C TYR E 986 -116.25 -40.91 23.69
N VAL E 987 -115.42 -40.64 22.69
CA VAL E 987 -115.86 -40.76 21.32
C VAL E 987 -115.97 -42.22 20.90
N TRP E 988 -114.92 -42.99 21.16
CA TRP E 988 -114.89 -44.38 20.70
C TRP E 988 -116.11 -45.19 21.12
N PRO E 989 -116.59 -45.13 22.36
CA PRO E 989 -117.82 -45.87 22.68
C PRO E 989 -118.99 -45.50 21.80
N MET E 990 -119.15 -44.21 21.49
CA MET E 990 -120.25 -43.81 20.62
C MET E 990 -120.09 -44.42 19.24
N VAL E 991 -118.86 -44.54 18.76
CA VAL E 991 -118.63 -45.19 17.48
C VAL E 991 -119.10 -46.63 17.54
N LYS E 992 -118.71 -47.34 18.59
CA LYS E 992 -119.14 -48.73 18.72
C LYS E 992 -120.66 -48.84 18.80
N ALA E 993 -121.31 -47.80 19.31
CA ALA E 993 -122.77 -47.78 19.31
C ALA E 993 -123.35 -47.45 17.94
N GLY E 994 -122.51 -47.09 16.98
CA GLY E 994 -123.02 -46.75 15.67
C GLY E 994 -123.76 -45.44 15.61
N ARG E 995 -123.59 -44.59 16.62
CA ARG E 995 -124.24 -43.30 16.66
C ARG E 995 -123.36 -42.18 16.11
N THR E 996 -122.16 -42.51 15.65
CA THR E 996 -121.27 -41.48 15.11
C THR E 996 -120.27 -42.11 14.16
N ARG E 997 -119.71 -41.28 13.30
CA ARG E 997 -118.73 -41.72 12.31
C ARG E 997 -117.55 -40.76 12.31
N VAL E 998 -116.35 -41.32 12.19
CA VAL E 998 -115.12 -40.55 12.33
C VAL E 998 -114.25 -40.76 11.09
N LEU E 999 -113.72 -39.67 10.58
CA LEU E 999 -112.73 -39.70 9.52
C LEU E 999 -111.40 -39.25 10.09
N VAL E 1000 -110.39 -40.11 9.98
CA VAL E 1000 -109.05 -39.78 10.45
C VAL E 1000 -108.24 -39.28 9.25
N GLU E 1001 -107.78 -38.04 9.32
CA GLU E 1001 -107.02 -37.45 8.24
C GLU E 1001 -105.54 -37.77 8.43
N LEU E 1002 -104.95 -38.42 7.43
CA LEU E 1002 -103.53 -38.71 7.44
C LEU E 1002 -103.13 -39.02 6.01
N GLY E 1003 -102.24 -38.20 5.44
CA GLY E 1003 -101.91 -38.31 4.04
C GLY E 1003 -101.46 -39.69 3.61
N HIS E 1004 -100.42 -40.20 4.24
CA HIS E 1004 -99.90 -41.52 3.93
C HIS E 1004 -99.51 -42.21 5.22
N TYR E 1005 -99.45 -43.53 5.18
CA TYR E 1005 -99.20 -44.28 6.39
C TYR E 1005 -98.79 -45.70 6.03
N VAL E 1006 -98.14 -46.35 6.98
CA VAL E 1006 -97.84 -47.77 6.87
C VAL E 1006 -99.04 -48.56 7.36
N TYR E 1007 -99.47 -49.53 6.57
CA TYR E 1007 -100.60 -50.37 6.92
C TYR E 1007 -100.11 -51.78 7.22
N THR E 1008 -100.99 -52.56 7.85
CA THR E 1008 -100.73 -53.97 8.07
C THR E 1008 -102.05 -54.71 8.02
N LEU E 1009 -101.98 -55.99 7.66
CA LEU E 1009 -103.16 -56.78 7.41
C LEU E 1009 -103.26 -57.92 8.43
N HIS E 1010 -104.49 -58.38 8.60
CA HIS E 1010 -104.77 -59.53 9.47
C HIS E 1010 -105.90 -60.32 8.83
N TYR E 1011 -105.61 -61.52 8.39
CA TYR E 1011 -106.61 -62.34 7.73
C TYR E 1011 -107.34 -63.21 8.75
N TYR E 1012 -108.57 -63.58 8.41
CA TYR E 1012 -109.40 -64.36 9.30
C TYR E 1012 -110.31 -65.27 8.49
N ASP E 1013 -110.79 -66.31 9.14
CA ASP E 1013 -111.74 -67.22 8.51
C ASP E 1013 -113.10 -66.57 8.46
N PRO E 1014 -113.70 -66.40 7.28
CA PRO E 1014 -115.01 -65.76 7.19
C PRO E 1014 -116.13 -66.60 7.79
N GLN E 1015 -115.86 -67.83 8.21
CA GLN E 1015 -116.94 -68.69 8.69
C GLN E 1015 -117.28 -68.41 10.15
N ILE E 1016 -116.28 -68.43 11.03
CA ILE E 1016 -116.52 -68.28 12.45
C ILE E 1016 -116.80 -66.81 12.77
N SER E 1017 -117.34 -66.55 13.96
CA SER E 1017 -117.66 -65.20 14.36
C SER E 1017 -116.39 -64.41 14.62
N LEU E 1018 -116.52 -63.08 14.60
CA LEU E 1018 -115.38 -62.20 14.80
C LEU E 1018 -115.88 -60.82 15.22
N ASP E 1019 -115.04 -60.11 15.96
CA ASP E 1019 -115.28 -58.72 16.31
C ASP E 1019 -113.98 -57.96 16.16
N GLU E 1020 -114.00 -56.91 15.34
CA GLU E 1020 -112.79 -56.17 15.03
C GLU E 1020 -112.42 -55.17 16.11
N ALA E 1021 -113.32 -54.88 17.04
CA ALA E 1021 -113.08 -53.82 18.01
C ALA E 1021 -111.79 -54.01 18.82
N PRO E 1022 -111.49 -55.18 19.37
CA PRO E 1022 -110.29 -55.28 20.22
C PRO E 1022 -109.02 -54.88 19.50
N ILE E 1023 -108.88 -55.24 18.23
CA ILE E 1023 -107.68 -54.89 17.47
C ILE E 1023 -107.52 -53.38 17.42
N LEU E 1024 -108.61 -52.68 17.10
CA LEU E 1024 -108.56 -51.23 17.06
C LEU E 1024 -108.25 -50.66 18.42
N GLU E 1025 -108.89 -51.19 19.46
CA GLU E 1025 -108.68 -50.68 20.81
C GLU E 1025 -107.23 -50.84 21.23
N GLU E 1026 -106.61 -51.95 20.83
CA GLU E 1026 -105.17 -52.09 21.05
C GLU E 1026 -104.40 -51.05 20.26
N TRP E 1027 -104.76 -50.86 18.99
CA TRP E 1027 -104.03 -49.91 18.15
C TRP E 1027 -104.12 -48.51 18.72
N LEU E 1028 -105.29 -48.14 19.25
CA LEU E 1028 -105.41 -46.83 19.90
C LEU E 1028 -104.50 -46.74 21.10
N SER E 1029 -104.40 -47.81 21.88
CA SER E 1029 -103.65 -47.78 23.12
C SER E 1029 -102.18 -47.47 22.91
N LYS E 1030 -101.66 -47.70 21.71
CA LYS E 1030 -100.24 -47.50 21.45
C LYS E 1030 -99.93 -46.19 20.75
N ILE E 1031 -100.91 -45.33 20.55
CA ILE E 1031 -100.68 -44.01 19.99
C ILE E 1031 -100.23 -43.07 21.09
N ASN E 1032 -99.24 -42.24 20.80
CA ASN E 1032 -98.80 -41.23 21.75
C ASN E 1032 -98.37 -39.99 20.96
N PRO E 1033 -98.00 -38.89 21.62
CA PRO E 1033 -97.55 -37.72 20.87
C PRO E 1033 -96.37 -37.98 19.97
N ALA E 1034 -95.56 -39.01 20.26
CA ALA E 1034 -94.38 -39.26 19.44
C ALA E 1034 -94.75 -39.88 18.10
N GLY E 1035 -95.38 -41.04 18.13
CA GLY E 1035 -95.65 -41.75 16.89
C GLY E 1035 -96.85 -42.67 17.03
N ILE E 1036 -97.13 -43.40 15.96
CA ILE E 1036 -98.29 -44.28 15.88
C ILE E 1036 -97.87 -45.62 15.30
N PRO E 1037 -98.62 -46.67 15.61
CA PRO E 1037 -98.36 -47.96 14.99
C PRO E 1037 -99.01 -48.02 13.62
N PRO E 1038 -98.59 -48.95 12.77
CA PRO E 1038 -99.20 -49.06 11.44
C PRO E 1038 -100.67 -49.41 11.55
N VAL E 1039 -101.43 -48.94 10.57
CA VAL E 1039 -102.89 -49.13 10.59
C VAL E 1039 -103.20 -50.60 10.32
N PRO E 1040 -104.03 -51.23 11.13
CA PRO E 1040 -104.40 -52.63 10.89
C PRO E 1040 -105.66 -52.73 10.03
N PHE E 1041 -105.87 -53.93 9.49
CA PHE E 1041 -107.08 -54.24 8.74
C PHE E 1041 -107.37 -55.72 8.85
N CYS E 1042 -108.65 -56.06 8.83
CA CYS E 1042 -109.10 -57.45 8.86
C CYS E 1042 -109.73 -57.79 7.52
N ILE E 1043 -109.27 -58.89 6.92
CA ILE E 1043 -109.74 -59.30 5.60
C ILE E 1043 -110.12 -60.78 5.64
N PRO E 1044 -111.31 -61.14 5.19
CA PRO E 1044 -111.68 -62.56 5.17
C PRO E 1044 -110.84 -63.32 4.15
N ILE E 1045 -110.54 -64.56 4.48
CA ILE E 1045 -109.78 -65.42 3.58
C ILE E 1045 -110.72 -65.95 2.50
N PRO E 1046 -110.44 -65.72 1.22
CA PRO E 1046 -111.34 -66.18 0.17
C PRO E 1046 -111.44 -67.70 0.17
N GLN E 1047 -112.65 -68.18 -0.13
CA GLN E 1047 -112.93 -69.61 -0.10
C GLN E 1047 -113.28 -70.12 -1.49
N VAL E 1048 -113.19 -71.44 -1.64
CA VAL E 1048 -113.40 -72.08 -2.94
C VAL E 1048 -114.78 -72.66 -3.10
N TYR E 1049 -115.63 -72.55 -2.08
CA TYR E 1049 -116.97 -73.13 -2.14
C TYR E 1049 -117.95 -72.18 -1.47
N PRO E 1050 -119.21 -72.21 -1.87
CA PRO E 1050 -120.19 -71.26 -1.31
C PRO E 1050 -120.49 -71.56 0.15
N CYS E 1051 -119.63 -71.12 1.04
CA CYS E 1051 -119.74 -71.44 2.45
C CYS E 1051 -120.83 -70.59 3.10
N ILE E 1052 -120.91 -70.66 4.42
CA ILE E 1052 -121.85 -69.89 5.22
C ILE E 1052 -121.05 -68.99 6.13
N THR E 1053 -121.26 -67.68 6.02
CA THR E 1053 -120.49 -66.71 6.79
C THR E 1053 -121.29 -66.27 8.01
N ALA E 1054 -120.58 -66.04 9.10
CA ALA E 1054 -121.17 -65.48 10.31
C ALA E 1054 -121.09 -63.96 10.23
N ARG E 1055 -122.20 -63.30 10.51
CA ARG E 1055 -122.22 -61.83 10.52
C ARG E 1055 -121.21 -61.31 11.53
N ARG E 1056 -120.31 -60.45 11.08
CA ARG E 1056 -119.30 -59.88 11.96
C ARG E 1056 -119.23 -58.38 11.72
N VAL E 1057 -118.64 -57.67 12.68
CA VAL E 1057 -118.64 -56.22 12.70
C VAL E 1057 -117.24 -55.71 12.35
N HIS E 1058 -117.20 -54.77 11.41
CA HIS E 1058 -115.94 -54.15 11.00
C HIS E 1058 -116.06 -52.64 11.16
N TYR E 1059 -114.92 -52.00 11.33
CA TYR E 1059 -114.90 -50.55 11.54
C TYR E 1059 -114.01 -49.81 10.57
N ALA E 1060 -112.86 -50.36 10.22
CA ALA E 1060 -111.87 -49.65 9.44
C ALA E 1060 -111.97 -49.97 7.97
N PHE E 1061 -111.73 -48.97 7.13
CA PHE E 1061 -111.62 -49.14 5.69
C PHE E 1061 -111.07 -47.86 5.10
N THR E 1062 -110.38 -47.99 3.96
CA THR E 1062 -109.68 -46.87 3.38
C THR E 1062 -110.61 -45.99 2.57
N SER E 1063 -110.09 -44.84 2.15
CA SER E 1063 -110.83 -43.93 1.28
C SER E 1063 -110.53 -44.18 -0.18
N GLU E 1064 -109.27 -44.44 -0.53
CA GLU E 1064 -108.88 -44.73 -1.89
C GLU E 1064 -108.72 -46.23 -2.07
N ASN E 1065 -108.22 -46.63 -3.24
CA ASN E 1065 -108.00 -48.03 -3.56
C ASN E 1065 -106.52 -48.34 -3.38
N ASN E 1066 -106.16 -48.70 -2.16
CA ASN E 1066 -104.78 -49.11 -1.86
C ASN E 1066 -104.71 -50.64 -1.84
N ASN E 1067 -104.74 -51.21 -3.05
CA ASN E 1067 -104.80 -52.66 -3.17
C ASN E 1067 -103.88 -53.20 -4.27
N ASP E 1068 -102.92 -52.41 -4.74
CA ASP E 1068 -102.16 -52.80 -5.92
C ASP E 1068 -101.22 -53.97 -5.64
N SER E 1069 -100.85 -54.21 -4.39
CA SER E 1069 -99.90 -55.28 -4.10
C SER E 1069 -100.51 -56.67 -4.15
N LEU E 1070 -101.83 -56.77 -4.24
CA LEU E 1070 -102.47 -58.08 -4.30
C LEU E 1070 -102.20 -58.71 -5.66
N PHE E 1071 -101.65 -59.92 -5.65
CA PHE E 1071 -101.31 -60.59 -6.89
C PHE E 1071 -102.44 -61.45 -7.41
N SER E 1072 -102.91 -62.40 -6.60
CA SER E 1072 -103.98 -63.31 -7.01
C SER E 1072 -104.52 -64.01 -5.78
N THR E 1073 -105.65 -64.68 -5.95
CA THR E 1073 -106.31 -65.40 -4.87
C THR E 1073 -106.67 -66.81 -5.33
N ASN E 1074 -106.51 -67.77 -4.42
CA ASN E 1074 -106.81 -69.17 -4.69
C ASN E 1074 -106.11 -69.65 -5.96
N ALA E 1075 -104.81 -69.36 -6.04
CA ALA E 1075 -104.07 -69.61 -7.27
C ALA E 1075 -104.11 -71.08 -7.65
N ALA E 1076 -104.06 -71.98 -6.67
CA ALA E 1076 -104.01 -73.41 -6.92
C ALA E 1076 -105.38 -74.06 -7.03
N SER E 1077 -106.42 -73.26 -7.24
CA SER E 1077 -107.78 -73.78 -7.27
C SER E 1077 -108.42 -73.50 -8.63
N ILE E 1078 -109.55 -74.16 -8.86
CA ILE E 1078 -110.26 -73.97 -10.12
C ILE E 1078 -111.12 -72.72 -10.12
N ASP E 1079 -111.43 -72.16 -8.95
CA ASP E 1079 -112.26 -70.98 -8.89
C ASP E 1079 -112.23 -70.41 -7.48
N THR E 1080 -112.61 -69.14 -7.37
CA THR E 1080 -112.86 -68.50 -6.09
C THR E 1080 -114.37 -68.34 -5.95
N ALA E 1081 -114.92 -68.91 -4.89
CA ALA E 1081 -116.37 -68.92 -4.76
C ALA E 1081 -116.90 -67.71 -3.98
N PHE E 1082 -116.33 -67.44 -2.81
CA PHE E 1082 -116.89 -66.42 -1.93
C PHE E 1082 -116.06 -65.14 -1.90
N GLY E 1083 -114.78 -65.24 -1.55
CA GLY E 1083 -113.99 -64.05 -1.30
C GLY E 1083 -113.67 -63.22 -2.51
N GLU E 1084 -112.70 -62.32 -2.39
CA GLU E 1084 -112.32 -61.48 -3.50
C GLU E 1084 -111.72 -62.33 -4.60
N ASN E 1085 -112.36 -62.33 -5.76
CA ASN E 1085 -111.92 -63.15 -6.90
C ASN E 1085 -110.92 -62.33 -7.71
N ALA E 1086 -109.66 -62.41 -7.29
CA ALA E 1086 -108.58 -61.71 -7.96
C ALA E 1086 -107.84 -62.67 -8.87
N ALA E 1087 -107.84 -62.38 -10.16
CA ALA E 1087 -107.07 -63.13 -11.14
C ALA E 1087 -105.80 -62.38 -11.49
N VAL E 1088 -104.86 -63.09 -12.11
CA VAL E 1088 -103.58 -62.48 -12.45
C VAL E 1088 -103.78 -61.44 -13.53
N SER E 1089 -103.21 -60.26 -13.32
CA SER E 1089 -103.37 -59.17 -14.27
C SER E 1089 -102.38 -59.32 -15.41
N PRO E 1090 -102.85 -59.36 -16.66
CA PRO E 1090 -101.91 -59.38 -17.79
C PRO E 1090 -101.05 -58.14 -17.89
N LEU E 1091 -101.53 -57.02 -17.33
CA LEU E 1091 -100.83 -55.75 -17.50
C LEU E 1091 -99.42 -55.82 -16.94
N ARG E 1092 -99.19 -56.67 -15.95
CA ARG E 1092 -97.83 -56.88 -15.48
C ARG E 1092 -96.98 -57.64 -16.49
N TRP E 1093 -97.59 -58.28 -17.48
CA TRP E 1093 -96.83 -59.16 -18.35
C TRP E 1093 -97.17 -59.01 -19.83
N PRO E 1094 -97.22 -57.81 -20.39
CA PRO E 1094 -97.49 -57.72 -21.83
C PRO E 1094 -96.45 -58.42 -22.67
N GLY E 1095 -95.19 -58.39 -22.25
CA GLY E 1095 -94.16 -59.07 -22.99
C GLY E 1095 -94.36 -60.57 -23.04
N LEU E 1096 -95.07 -61.12 -22.06
CA LEU E 1096 -95.28 -62.55 -22.02
C LEU E 1096 -96.57 -62.99 -22.69
N VAL E 1097 -97.61 -62.15 -22.68
CA VAL E 1097 -98.92 -62.59 -23.17
C VAL E 1097 -99.51 -61.68 -24.22
N ASP E 1098 -99.10 -60.41 -24.34
CA ASP E 1098 -99.73 -59.53 -25.30
C ASP E 1098 -99.29 -59.87 -26.71
N PRO E 1099 -100.22 -60.20 -27.62
CA PRO E 1099 -99.82 -60.40 -29.02
C PRO E 1099 -99.22 -59.16 -29.65
N ASN E 1100 -99.65 -57.97 -29.23
CA ASN E 1100 -99.20 -56.73 -29.83
C ASN E 1100 -97.96 -56.17 -29.17
N TYR E 1101 -97.39 -56.86 -28.20
CA TYR E 1101 -96.19 -56.37 -27.53
C TYR E 1101 -95.06 -56.21 -28.52
N ARG E 1102 -94.51 -55.01 -28.60
CA ARG E 1102 -93.33 -54.74 -29.40
C ARG E 1102 -92.12 -54.72 -28.47
N VAL E 1103 -91.04 -55.38 -28.89
CA VAL E 1103 -89.83 -55.38 -28.09
C VAL E 1103 -89.32 -53.96 -27.92
N GLY E 1104 -88.85 -53.65 -26.73
CA GLY E 1104 -88.31 -52.33 -26.46
C GLY E 1104 -89.29 -51.34 -25.90
N THR E 1105 -90.43 -51.80 -25.39
CA THR E 1105 -91.45 -50.92 -24.85
C THR E 1105 -91.65 -51.18 -23.37
N ASN E 1106 -92.19 -50.18 -22.68
CA ASN E 1106 -92.54 -50.31 -21.27
C ASN E 1106 -93.47 -49.15 -20.92
N ASP E 1107 -93.93 -49.16 -19.68
CA ASP E 1107 -94.73 -48.08 -19.12
C ASP E 1107 -94.17 -47.68 -17.76
N LEU E 1108 -92.86 -47.50 -17.71
CA LEU E 1108 -92.13 -47.41 -16.45
C LEU E 1108 -92.67 -46.35 -15.49
N PRO E 1109 -92.91 -45.10 -15.88
CA PRO E 1109 -93.32 -44.10 -14.89
C PRO E 1109 -94.65 -44.40 -14.23
N ASN E 1110 -95.47 -45.27 -14.80
CA ASN E 1110 -96.80 -45.51 -14.28
C ASN E 1110 -97.03 -46.93 -13.79
N ARG E 1111 -96.31 -47.92 -14.33
CA ARG E 1111 -96.53 -49.29 -13.93
C ARG E 1111 -95.26 -50.09 -14.16
N ILE E 1112 -95.03 -51.07 -13.31
CA ILE E 1112 -93.86 -51.93 -13.41
C ILE E 1112 -94.27 -53.26 -14.02
N THR E 1113 -93.67 -53.60 -15.15
CA THR E 1113 -93.81 -54.94 -15.69
C THR E 1113 -92.72 -55.84 -15.14
N LEU E 1114 -92.97 -57.14 -15.19
CA LEU E 1114 -92.10 -58.10 -14.53
C LEU E 1114 -91.31 -58.97 -15.50
N TYR E 1115 -91.68 -59.02 -16.76
CA TYR E 1115 -91.09 -59.93 -17.73
C TYR E 1115 -90.76 -59.13 -18.98
N ASN E 1116 -89.48 -58.93 -19.24
CA ASN E 1116 -89.06 -58.02 -20.29
C ASN E 1116 -87.82 -58.56 -20.98
N SER E 1117 -87.40 -57.86 -22.03
CA SER E 1117 -86.20 -58.20 -22.76
C SER E 1117 -85.06 -57.27 -22.37
N LEU E 1118 -83.83 -57.80 -22.42
CA LEU E 1118 -82.69 -57.05 -21.96
C LEU E 1118 -81.43 -57.60 -22.61
N TYR E 1119 -80.36 -56.82 -22.51
CA TYR E 1119 -79.04 -57.23 -22.98
C TYR E 1119 -78.20 -57.73 -21.81
N ARG E 1120 -77.22 -58.56 -22.13
CA ARG E 1120 -76.24 -59.01 -21.16
C ARG E 1120 -74.86 -58.89 -21.78
N TYR E 1121 -73.86 -58.57 -20.95
CA TYR E 1121 -72.55 -58.18 -21.44
C TYR E 1121 -71.49 -59.19 -21.02
N ASN E 1122 -70.35 -59.12 -21.71
CA ASN E 1122 -69.20 -59.98 -21.46
C ASN E 1122 -67.92 -59.17 -21.49
N PHE E 1123 -67.90 -58.07 -20.76
CA PHE E 1123 -66.72 -57.22 -20.76
C PHE E 1123 -65.51 -57.94 -20.17
N THR E 1124 -64.33 -57.42 -20.49
CA THR E 1124 -63.09 -57.86 -19.90
C THR E 1124 -62.32 -56.63 -19.43
N TYR E 1125 -61.55 -56.81 -18.36
CA TYR E 1125 -60.96 -55.68 -17.64
C TYR E 1125 -59.45 -55.85 -17.64
N PRO E 1126 -58.79 -55.56 -18.76
CA PRO E 1126 -57.36 -55.80 -18.85
C PRO E 1126 -56.57 -54.84 -17.99
N THR E 1127 -55.40 -55.28 -17.58
CA THR E 1127 -54.45 -54.42 -16.90
C THR E 1127 -53.75 -53.51 -17.90
N LEU E 1128 -52.96 -52.58 -17.37
CA LEU E 1128 -52.29 -51.60 -18.23
C LEU E 1128 -51.42 -52.28 -19.26
N ASP E 1129 -50.57 -53.21 -18.83
CA ASP E 1129 -49.70 -53.93 -19.76
C ASP E 1129 -50.52 -54.74 -20.75
N GLY E 1130 -51.70 -55.20 -20.35
CA GLY E 1130 -52.58 -55.84 -21.31
C GLY E 1130 -53.06 -54.90 -22.39
N ILE E 1131 -53.09 -53.61 -22.10
CA ILE E 1131 -53.53 -52.63 -23.10
C ILE E 1131 -52.39 -52.26 -24.02
N MET E 1132 -51.23 -51.94 -23.45
CA MET E 1132 -50.10 -51.43 -24.21
C MET E 1132 -48.83 -52.11 -23.73
N TYR E 1133 -47.83 -52.10 -24.59
CA TYR E 1133 -46.54 -52.69 -24.23
C TYR E 1133 -45.79 -51.70 -23.35
N VAL E 1134 -45.75 -51.99 -22.04
CA VAL E 1134 -45.03 -51.13 -21.13
C VAL E 1134 -43.53 -51.28 -21.35
N ARG E 1135 -42.79 -50.27 -20.90
CA ARG E 1135 -41.34 -50.26 -21.06
C ARG E 1135 -40.73 -51.06 -19.91
N SER E 1136 -40.60 -52.36 -20.12
CA SER E 1136 -40.14 -53.26 -19.07
C SER E 1136 -38.68 -52.97 -18.71
N ALA E 1137 -38.37 -53.13 -17.43
CA ALA E 1137 -37.01 -52.99 -16.89
C ALA E 1137 -36.39 -51.63 -17.18
N ASP F 1 -144.36 -69.42 56.62
CA ASP F 1 -144.34 -69.21 55.17
C ASP F 1 -145.65 -69.68 54.54
N ILE F 2 -145.66 -69.76 53.22
CA ILE F 2 -146.83 -70.19 52.46
C ILE F 2 -146.61 -71.63 52.01
N ILE F 3 -147.69 -72.42 51.97
CA ILE F 3 -147.59 -73.82 51.61
C ILE F 3 -147.14 -73.96 50.15
N THR F 4 -146.42 -75.05 49.87
CA THR F 4 -145.86 -75.32 48.56
C THR F 4 -146.13 -76.77 48.15
N ARG F 5 -147.41 -77.17 48.22
CA ARG F 5 -147.83 -78.51 47.81
C ARG F 5 -147.18 -78.88 46.48
N PRO F 6 -146.29 -79.86 46.44
CA PRO F 6 -145.66 -80.23 45.17
C PRO F 6 -146.67 -80.78 44.18
N THR F 7 -146.39 -80.57 42.90
CA THR F 7 -147.32 -80.96 41.86
C THR F 7 -147.22 -82.46 41.59
N SER F 8 -148.11 -82.94 40.72
CA SER F 8 -148.15 -84.35 40.37
C SER F 8 -146.89 -84.75 39.60
N ASP F 9 -146.51 -86.01 39.77
CA ASP F 9 -145.28 -86.49 39.14
C ASP F 9 -145.37 -86.45 37.63
N SER F 10 -146.50 -86.90 37.07
CA SER F 10 -146.61 -87.01 35.62
C SER F 10 -146.42 -85.65 34.97
N ILE F 11 -147.06 -84.62 35.52
CA ILE F 11 -146.87 -83.28 34.99
C ILE F 11 -145.42 -82.86 35.09
N ALA F 12 -144.79 -83.13 36.23
CA ALA F 12 -143.38 -82.80 36.39
C ALA F 12 -142.53 -83.54 35.37
N ALA F 13 -142.82 -84.82 35.15
CA ALA F 13 -142.06 -85.59 34.18
C ALA F 13 -142.21 -85.01 32.78
N VAL F 14 -143.44 -84.67 32.40
CA VAL F 14 -143.68 -84.09 31.08
C VAL F 14 -142.94 -82.78 30.95
N ALA F 15 -143.04 -81.93 31.96
CA ALA F 15 -142.37 -80.63 31.91
C ALA F 15 -140.86 -80.81 31.79
N ASN F 16 -140.29 -81.69 32.62
CA ASN F 16 -138.85 -81.89 32.58
C ASN F 16 -138.41 -82.52 31.28
N ALA F 17 -139.29 -83.26 30.61
CA ALA F 17 -138.93 -83.85 29.33
C ALA F 17 -138.60 -82.78 28.31
N THR F 18 -139.38 -81.71 28.28
CA THR F 18 -139.20 -80.63 27.30
C THR F 18 -138.45 -79.50 27.98
N LYS F 19 -137.12 -79.52 27.85
CA LYS F 19 -136.27 -78.48 28.43
C LYS F 19 -135.05 -78.30 27.56
N PRO F 20 -135.17 -77.52 26.49
CA PRO F 20 -134.01 -77.24 25.65
C PRO F 20 -133.01 -76.38 26.40
N ALA F 21 -131.75 -76.49 25.98
CA ALA F 21 -130.69 -75.70 26.60
C ALA F 21 -130.92 -74.22 26.33
N ALA F 22 -130.39 -73.38 27.24
CA ALA F 22 -130.52 -71.95 27.10
C ALA F 22 -129.41 -71.35 26.25
N VAL F 23 -128.18 -71.79 26.44
CA VAL F 23 -127.03 -71.30 25.69
C VAL F 23 -126.31 -72.49 25.08
N VAL F 24 -125.87 -72.33 23.83
CA VAL F 24 -125.16 -73.38 23.11
C VAL F 24 -123.86 -72.80 22.56
N SER F 25 -122.96 -73.72 22.19
CA SER F 25 -121.68 -73.32 21.63
C SER F 25 -121.76 -73.32 20.11
N ASP F 26 -122.14 -72.20 19.54
CA ASP F 26 -122.28 -72.06 18.09
C ASP F 26 -121.13 -71.23 17.56
N PRO F 27 -120.31 -71.78 16.65
CA PRO F 27 -119.27 -70.89 16.10
C PRO F 27 -119.84 -69.57 15.66
N GLN F 28 -120.75 -69.61 14.69
CA GLN F 28 -121.40 -68.38 14.26
C GLN F 28 -122.06 -67.79 15.48
N SER F 29 -121.71 -66.57 15.83
CA SER F 29 -122.25 -65.99 17.06
C SER F 29 -122.55 -64.51 16.94
N MET F 30 -122.16 -63.90 15.83
CA MET F 30 -122.36 -62.46 15.68
C MET F 30 -121.98 -61.79 16.99
N LYS F 31 -120.90 -62.27 17.61
CA LYS F 31 -120.47 -61.71 18.88
C LYS F 31 -120.32 -60.21 18.79
N VAL F 32 -120.51 -59.54 19.93
CA VAL F 32 -120.36 -58.09 20.03
C VAL F 32 -119.72 -57.77 21.37
N THR F 33 -118.63 -57.00 21.33
CA THR F 33 -117.96 -56.59 22.55
C THR F 33 -118.78 -55.53 23.28
N PRO F 34 -118.56 -55.36 24.58
CA PRO F 34 -119.28 -54.31 25.32
C PRO F 34 -118.99 -52.94 24.77
N ILE F 35 -120.01 -52.08 24.82
CA ILE F 35 -119.85 -50.72 24.31
C ILE F 35 -118.86 -49.94 25.15
N VAL F 36 -118.98 -50.03 26.47
CA VAL F 36 -118.11 -49.32 27.39
C VAL F 36 -117.08 -50.28 27.95
N ASN F 37 -115.84 -49.85 28.02
CA ASN F 37 -114.79 -50.70 28.54
C ASN F 37 -115.07 -51.04 29.98
N PRO F 38 -115.19 -52.31 30.34
CA PRO F 38 -115.44 -52.70 31.73
C PRO F 38 -114.18 -52.91 32.56
N SER F 39 -113.00 -52.72 31.97
CA SER F 39 -111.76 -53.04 32.65
C SER F 39 -111.22 -51.88 33.48
N SER F 40 -111.65 -50.65 33.22
CA SER F 40 -111.18 -49.51 33.98
C SER F 40 -112.34 -48.58 34.26
N TYR F 41 -112.23 -47.85 35.36
CA TYR F 41 -113.27 -46.92 35.79
C TYR F 41 -112.63 -45.57 36.07
N VAL F 42 -113.21 -44.51 35.52
CA VAL F 42 -112.65 -43.17 35.57
C VAL F 42 -113.57 -42.27 36.37
N CYS F 43 -112.99 -41.41 37.18
CA CYS F 43 -113.78 -40.41 37.89
C CYS F 43 -114.23 -39.35 36.92
N ASN F 44 -115.54 -39.15 36.80
CA ASN F 44 -116.06 -38.28 35.75
C ASN F 44 -115.71 -36.83 35.96
N VAL F 45 -115.20 -36.44 37.12
CA VAL F 45 -114.86 -35.05 37.37
C VAL F 45 -113.36 -34.81 37.46
N CYS F 46 -112.57 -35.81 37.86
CA CYS F 46 -111.13 -35.67 37.92
C CYS F 46 -110.39 -36.69 37.08
N ASN F 47 -111.10 -37.61 36.44
CA ASN F 47 -110.52 -38.57 35.49
C ASN F 47 -109.45 -39.44 36.13
N ALA F 48 -109.58 -39.72 37.41
CA ALA F 48 -108.71 -40.71 38.04
C ALA F 48 -109.17 -42.11 37.65
N ARG F 49 -108.24 -42.92 37.17
CA ARG F 49 -108.56 -44.29 36.79
C ARG F 49 -108.69 -45.17 38.03
N PHE F 50 -109.48 -46.23 37.90
CA PHE F 50 -109.66 -47.16 39.00
C PHE F 50 -109.90 -48.55 38.45
N SER F 51 -109.65 -49.55 39.30
CA SER F 51 -109.74 -50.94 38.89
C SER F 51 -111.11 -51.55 39.16
N THR F 52 -111.91 -50.96 40.04
CA THR F 52 -113.20 -51.54 40.39
C THR F 52 -114.19 -50.43 40.67
N MET F 53 -115.47 -50.76 40.55
CA MET F 53 -116.51 -49.79 40.81
C MET F 53 -116.49 -49.32 42.24
N SER F 54 -116.21 -50.23 43.18
CA SER F 54 -116.17 -49.87 44.59
C SER F 54 -115.12 -48.78 44.84
N ALA F 55 -113.92 -48.96 44.29
CA ALA F 55 -112.86 -47.98 44.51
C ALA F 55 -113.25 -46.63 43.95
N LEU F 56 -113.83 -46.61 42.75
CA LEU F 56 -114.27 -45.34 42.16
C LEU F 56 -115.36 -44.70 43.01
N SER F 57 -116.30 -45.50 43.51
CA SER F 57 -117.38 -44.95 44.31
C SER F 57 -116.85 -44.26 45.55
N GLU F 58 -115.85 -44.85 46.20
CA GLU F 58 -115.29 -44.23 47.40
C GLU F 58 -114.54 -42.95 47.07
N HIS F 59 -113.81 -42.94 45.96
CA HIS F 59 -113.02 -41.77 45.60
C HIS F 59 -113.91 -40.54 45.45
N LEU F 60 -115.00 -40.67 44.70
CA LEU F 60 -115.95 -39.56 44.62
C LEU F 60 -116.66 -39.34 45.94
N ARG F 61 -116.80 -40.38 46.75
CA ARG F 61 -117.36 -40.24 48.08
C ARG F 61 -116.40 -39.57 49.04
N SER F 62 -115.17 -39.32 48.62
CA SER F 62 -114.23 -38.55 49.43
C SER F 62 -113.76 -37.29 48.71
N ASP F 63 -113.20 -37.42 47.51
CA ASP F 63 -112.54 -36.30 46.87
C ASP F 63 -113.51 -35.30 46.25
N HIS F 64 -114.74 -35.71 45.98
CA HIS F 64 -115.69 -34.87 45.27
C HIS F 64 -116.98 -34.76 46.06
N ARG F 65 -116.85 -34.51 47.36
CA ARG F 65 -117.97 -34.33 48.26
C ARG F 65 -118.20 -32.82 48.44
N ASP F 66 -119.30 -32.32 47.87
CA ASP F 66 -119.66 -30.91 48.00
C ASP F 66 -120.53 -30.64 49.22
N ASP F 67 -120.40 -31.46 50.26
CA ASP F 67 -121.24 -31.33 51.44
C ASP F 67 -120.96 -30.03 52.17
N ALA F 68 -122.02 -29.38 52.63
CA ALA F 68 -121.92 -28.41 53.72
C ALA F 68 -121.82 -29.19 55.04
N SER F 69 -120.73 -29.95 55.14
CA SER F 69 -120.68 -31.13 56.00
C SER F 69 -120.84 -30.77 57.47
N THR F 70 -120.13 -29.76 57.94
CA THR F 70 -119.94 -29.54 59.38
C THR F 70 -120.56 -28.22 59.80
N LEU F 71 -121.43 -28.28 60.81
CA LEU F 71 -121.87 -27.07 61.49
C LEU F 71 -120.81 -26.53 62.42
N LEU F 72 -119.84 -27.35 62.82
CA LEU F 72 -118.68 -26.88 63.54
C LEU F 72 -117.67 -26.30 62.56
N ALA F 73 -116.73 -25.53 63.10
CA ALA F 73 -115.73 -24.88 62.27
C ALA F 73 -114.84 -25.91 61.59
N THR F 74 -114.50 -25.66 60.34
CA THR F 74 -113.62 -26.57 59.62
C THR F 74 -112.19 -26.44 60.15
N PRO F 75 -111.51 -27.55 60.42
CA PRO F 75 -110.14 -27.45 60.95
C PRO F 75 -109.14 -26.87 59.96
N MET F 76 -109.43 -26.91 58.66
CA MET F 76 -108.44 -26.51 57.67
C MET F 76 -109.11 -25.79 56.51
N ILE F 77 -108.31 -25.06 55.76
CA ILE F 77 -108.73 -24.45 54.49
C ILE F 77 -107.66 -24.76 53.46
N ASN F 78 -108.07 -25.28 52.31
CA ASN F 78 -107.13 -25.65 51.28
C ASN F 78 -106.89 -24.50 50.32
N ASN F 79 -105.80 -24.61 49.56
CA ASN F 79 -105.49 -23.63 48.54
C ASN F 79 -106.37 -23.86 47.32
N ALA F 80 -106.23 -22.99 46.33
CA ALA F 80 -107.10 -23.04 45.16
C ALA F 80 -106.92 -24.34 44.39
N ILE F 81 -105.69 -24.67 44.05
CA ILE F 81 -105.42 -25.79 43.16
C ILE F 81 -105.05 -27.01 44.00
N ARG F 82 -105.72 -28.13 43.74
CA ARG F 82 -105.34 -29.39 44.35
C ARG F 82 -104.51 -30.25 43.41
N SER F 83 -104.96 -30.43 42.16
CA SER F 83 -104.22 -31.29 41.25
C SER F 83 -104.60 -30.94 39.82
N PHE F 84 -103.74 -31.38 38.90
CA PHE F 84 -103.98 -31.27 37.47
C PHE F 84 -103.69 -32.60 36.80
N LEU F 85 -104.37 -32.84 35.69
CA LEU F 85 -104.14 -34.04 34.89
C LEU F 85 -103.74 -33.63 33.49
N THR F 86 -102.60 -34.12 33.03
CA THR F 86 -102.12 -33.87 31.68
C THR F 86 -102.77 -34.90 30.76
N ALA F 87 -103.61 -34.42 29.84
CA ALA F 87 -104.39 -35.34 29.02
C ALA F 87 -103.49 -36.16 28.10
N TRP F 88 -102.45 -35.54 27.53
CA TRP F 88 -101.70 -36.20 26.48
C TRP F 88 -100.97 -37.44 26.97
N ASP F 89 -100.76 -37.60 28.28
CA ASP F 89 -100.12 -38.81 28.77
C ASP F 89 -100.72 -39.32 30.06
N GLY F 90 -101.84 -38.75 30.53
CA GLY F 90 -102.51 -39.28 31.69
C GLY F 90 -101.69 -39.25 32.97
N ILE F 91 -100.90 -38.20 33.16
CA ILE F 91 -100.11 -38.03 34.37
C ILE F 91 -100.77 -36.95 35.22
N ARG F 92 -101.00 -37.26 36.49
CA ARG F 92 -101.60 -36.33 37.42
C ARG F 92 -100.50 -35.61 38.20
N ILE F 93 -100.62 -34.30 38.31
CA ILE F 93 -99.66 -33.48 39.04
C ILE F 93 -100.35 -32.96 40.28
N LEU F 94 -99.67 -33.05 41.42
CA LEU F 94 -100.19 -32.61 42.70
C LEU F 94 -99.58 -31.27 43.06
N SER F 95 -100.40 -30.38 43.61
CA SER F 95 -99.90 -29.10 44.06
C SER F 95 -98.83 -29.33 45.12
N PRO F 96 -97.68 -28.68 45.03
CA PRO F 96 -96.64 -28.86 46.06
C PRO F 96 -97.18 -28.60 47.45
N ASP F 97 -98.24 -27.79 47.53
CA ASP F 97 -98.89 -27.52 48.80
C ASP F 97 -100.33 -27.00 48.60
N VAL F 98 -101.34 -27.79 48.98
CA VAL F 98 -102.72 -27.36 48.88
C VAL F 98 -103.27 -26.92 50.22
N SER F 99 -102.53 -27.13 51.31
CA SER F 99 -103.02 -26.86 52.66
C SER F 99 -102.27 -25.74 53.35
N SER F 100 -100.95 -25.85 53.50
CA SER F 100 -100.19 -24.88 54.26
C SER F 100 -99.65 -23.78 53.37
N LYS F 101 -99.25 -22.68 53.99
CA LYS F 101 -98.86 -21.47 53.29
C LYS F 101 -97.35 -21.29 53.34
N HIS F 102 -96.78 -20.95 52.20
CA HIS F 102 -95.33 -20.75 52.10
C HIS F 102 -95.07 -19.87 50.88
N LEU F 103 -93.89 -19.26 50.86
CA LEU F 103 -93.52 -18.34 49.77
C LEU F 103 -92.09 -18.66 49.33
N SER F 104 -91.97 -19.45 48.26
CA SER F 104 -90.68 -19.74 47.67
C SER F 104 -90.20 -18.55 46.85
N ALA F 105 -88.89 -18.30 46.90
CA ALA F 105 -88.25 -17.22 46.17
C ALA F 105 -88.82 -15.85 46.53
N TYR F 106 -89.22 -15.68 47.79
CA TYR F 106 -89.74 -14.40 48.23
C TYR F 106 -88.61 -13.38 48.37
N LEU F 107 -89.00 -12.11 48.47
CA LEU F 107 -88.05 -11.00 48.40
C LEU F 107 -87.00 -11.06 49.49
N ASP F 108 -87.41 -10.89 50.75
CA ASP F 108 -86.44 -10.92 51.84
C ASP F 108 -85.80 -12.30 51.97
N SER F 109 -86.63 -13.33 52.06
CA SER F 109 -86.19 -14.71 52.13
C SER F 109 -87.42 -15.59 52.01
N ALA F 110 -87.21 -16.84 51.63
CA ALA F 110 -88.33 -17.76 51.43
C ALA F 110 -89.04 -18.14 52.73
N VAL F 111 -88.64 -17.57 53.87
CA VAL F 111 -89.31 -17.85 55.13
C VAL F 111 -90.74 -17.35 55.13
N ALA F 112 -91.07 -16.39 54.26
CA ALA F 112 -92.39 -15.79 54.27
C ALA F 112 -93.45 -16.81 53.83
N ASN F 113 -94.69 -16.53 54.22
CA ASN F 113 -95.80 -17.45 53.98
C ASN F 113 -97.08 -16.64 53.80
N GLY F 114 -98.19 -17.35 53.61
CA GLY F 114 -99.47 -16.72 53.44
C GLY F 114 -100.16 -16.45 54.77
N PRO F 115 -101.16 -15.59 54.75
CA PRO F 115 -101.83 -15.22 55.99
C PRO F 115 -102.86 -16.25 56.42
N GLU F 116 -103.26 -16.13 57.69
CA GLU F 116 -104.33 -16.95 58.26
C GLU F 116 -105.56 -16.07 58.36
N LEU F 117 -106.54 -16.32 57.49
CA LEU F 117 -107.63 -15.37 57.30
C LEU F 117 -109.01 -16.02 57.29
N ILE F 118 -109.12 -17.30 57.58
CA ILE F 118 -110.41 -17.96 57.73
C ILE F 118 -110.50 -18.42 59.18
N VAL F 119 -111.23 -17.65 59.99
CA VAL F 119 -111.45 -17.99 61.40
C VAL F 119 -112.95 -17.93 61.65
N GLU F 120 -113.49 -18.99 62.23
CA GLU F 120 -114.93 -19.11 62.42
C GLU F 120 -115.25 -19.23 63.91
N ASP F 121 -116.33 -18.56 64.31
CA ASP F 121 -116.78 -18.57 65.69
C ASP F 121 -118.24 -18.98 65.75
N THR F 122 -118.56 -19.83 66.72
CA THR F 122 -119.94 -20.24 66.96
C THR F 122 -120.47 -19.74 68.29
N GLY F 123 -119.63 -19.14 69.13
CA GLY F 123 -120.08 -18.60 70.39
C GLY F 123 -120.91 -17.35 70.20
N LEU F 124 -121.09 -16.63 71.30
CA LEU F 124 -121.85 -15.38 71.27
C LEU F 124 -120.94 -14.25 70.83
N CYS F 125 -121.41 -13.48 69.85
CA CYS F 125 -120.62 -12.38 69.29
C CYS F 125 -120.73 -11.20 70.25
N THR F 126 -119.87 -11.21 71.27
CA THR F 126 -119.82 -10.11 72.20
C THR F 126 -118.44 -10.04 72.84
N SER F 127 -118.15 -8.89 73.43
CA SER F 127 -116.88 -8.70 74.12
C SER F 127 -117.06 -7.93 75.43
N PHE F 128 -118.28 -7.84 75.94
CA PHE F 128 -118.57 -7.10 77.17
C PHE F 128 -119.34 -8.00 78.11
N MET F 129 -118.65 -8.51 79.13
CA MET F 129 -119.29 -9.33 80.14
C MET F 129 -119.97 -8.45 81.18
N LEU F 130 -121.05 -8.96 81.75
CA LEU F 130 -121.78 -8.29 82.81
C LEU F 130 -121.57 -9.10 84.08
N LEU F 131 -120.51 -8.77 84.82
CA LEU F 131 -120.19 -9.45 86.05
C LEU F 131 -120.62 -8.61 87.24
N ASP F 132 -120.44 -9.16 88.43
CA ASP F 132 -120.79 -8.48 89.68
C ASP F 132 -119.54 -8.32 90.51
N ASN F 133 -119.20 -7.07 90.86
CA ASN F 133 -118.05 -6.84 91.71
C ASN F 133 -118.34 -7.23 93.15
N ILE F 134 -119.51 -6.86 93.66
CA ILE F 134 -119.83 -7.03 95.07
C ILE F 134 -120.89 -8.11 95.18
N PRO F 135 -120.58 -9.28 95.74
CA PRO F 135 -121.60 -10.30 95.92
C PRO F 135 -122.70 -9.79 96.85
N SER F 136 -123.93 -10.18 96.55
CA SER F 136 -125.02 -9.84 97.44
C SER F 136 -124.86 -10.59 98.75
N ALA F 137 -125.51 -10.07 99.79
CA ALA F 137 -125.61 -10.82 101.03
C ALA F 137 -126.42 -12.09 100.80
N HIS F 138 -126.16 -13.10 101.62
CA HIS F 138 -127.02 -14.27 101.59
C HIS F 138 -128.46 -13.86 101.88
N LEU F 139 -129.39 -14.42 101.11
CA LEU F 139 -130.74 -13.90 101.14
C LEU F 139 -131.69 -15.01 100.72
N THR F 140 -132.64 -15.35 101.59
CA THR F 140 -133.64 -16.35 101.26
C THR F 140 -134.58 -15.81 100.19
N LYS F 141 -135.15 -16.74 99.41
CA LYS F 141 -136.10 -16.39 98.37
C LYS F 141 -137.45 -17.02 98.67
N GLU F 142 -138.50 -16.36 98.20
CA GLU F 142 -139.86 -16.66 98.64
C GLU F 142 -140.59 -17.64 97.75
N LEU F 143 -140.15 -17.84 96.51
CA LEU F 143 -140.52 -19.02 95.72
C LEU F 143 -139.41 -19.24 94.71
N ILE F 144 -139.23 -20.50 94.33
CA ILE F 144 -137.93 -20.93 93.81
C ILE F 144 -137.95 -21.49 92.40
N GLY F 145 -139.04 -22.06 91.89
CA GLY F 145 -138.92 -22.68 90.58
C GLY F 145 -140.25 -23.07 89.98
N PHE F 146 -140.18 -23.45 88.71
CA PHE F 146 -141.35 -23.92 87.98
C PHE F 146 -141.68 -25.36 88.37
N THR F 147 -142.95 -25.69 88.28
CA THR F 147 -143.43 -27.02 88.64
C THR F 147 -144.13 -27.66 87.45
N TRP F 148 -143.84 -28.93 87.23
CA TRP F 148 -144.33 -29.67 86.07
C TRP F 148 -144.82 -31.02 86.61
N PHE F 149 -146.13 -31.14 86.78
CA PHE F 149 -146.69 -32.23 87.57
C PHE F 149 -146.02 -32.25 88.93
N MET F 150 -145.41 -33.36 89.28
CA MET F 150 -144.60 -33.41 90.50
C MET F 150 -143.17 -32.95 90.28
N GLN F 151 -142.75 -32.83 89.03
CA GLN F 151 -141.38 -32.43 88.73
C GLN F 151 -141.20 -30.94 88.94
N MET F 152 -139.97 -30.55 89.25
CA MET F 152 -139.60 -29.15 89.43
C MET F 152 -138.43 -28.82 88.52
N TYR F 153 -138.45 -27.62 87.96
CA TYR F 153 -137.37 -27.13 87.12
C TYR F 153 -136.93 -25.77 87.62
N GLN F 154 -135.72 -25.39 87.24
CA GLN F 154 -135.21 -24.05 87.56
C GLN F 154 -134.10 -23.70 86.58
N MET F 155 -134.05 -22.43 86.18
CA MET F 155 -133.06 -21.94 85.24
C MET F 155 -132.22 -20.86 85.90
N THR F 156 -130.95 -20.81 85.52
CA THR F 156 -130.07 -19.79 86.05
C THR F 156 -130.42 -18.43 85.45
N PRO F 157 -130.38 -17.35 86.23
CA PRO F 157 -130.75 -16.04 85.71
C PRO F 157 -129.78 -15.58 84.64
N PRO F 158 -130.27 -14.89 83.62
CA PRO F 158 -129.38 -14.42 82.54
C PRO F 158 -128.53 -13.23 82.92
N LEU F 159 -128.73 -12.63 84.09
CA LEU F 159 -128.06 -11.40 84.44
C LEU F 159 -127.35 -11.54 85.77
N PRO F 160 -126.30 -10.77 86.00
CA PRO F 160 -125.61 -10.84 87.30
C PRO F 160 -126.53 -10.40 88.42
N GLU F 161 -126.31 -10.97 89.60
CA GLU F 161 -127.16 -10.73 90.75
C GLU F 161 -126.37 -10.25 91.96
N GLY F 162 -125.23 -9.62 91.72
CA GLY F 162 -124.46 -9.10 92.83
C GLY F 162 -125.07 -7.82 93.38
N ALA F 163 -124.52 -7.38 94.51
CA ALA F 163 -124.93 -6.11 95.07
C ALA F 163 -124.61 -4.97 94.12
N VAL F 164 -123.51 -5.07 93.39
CA VAL F 164 -123.13 -4.10 92.38
C VAL F 164 -122.71 -4.86 91.13
N ASN F 165 -123.21 -4.44 89.98
CA ASN F 165 -122.92 -5.11 88.72
C ASN F 165 -122.35 -4.11 87.73
N ARG F 166 -121.35 -4.54 86.98
CA ARG F 166 -120.57 -3.67 86.11
C ARG F 166 -120.54 -4.25 84.70
N ILE F 167 -120.04 -3.44 83.78
CA ILE F 167 -119.74 -3.85 82.42
C ILE F 167 -118.23 -3.71 82.22
N VAL F 168 -117.59 -4.77 81.72
CA VAL F 168 -116.16 -4.76 81.49
C VAL F 168 -115.87 -5.26 80.09
N CYS F 169 -114.65 -4.99 79.63
CA CYS F 169 -114.21 -5.37 78.30
C CYS F 169 -113.38 -6.64 78.40
N MET F 170 -113.91 -7.74 77.88
CA MET F 170 -113.22 -9.02 77.84
C MET F 170 -113.48 -9.64 76.48
N THR F 171 -112.50 -9.57 75.59
CA THR F 171 -112.68 -10.05 74.23
C THR F 171 -112.87 -11.57 74.22
N ASN F 172 -113.81 -12.02 73.39
CA ASN F 172 -114.02 -13.44 73.14
C ASN F 172 -114.32 -14.22 74.41
N TRP F 173 -114.89 -13.56 75.42
CA TRP F 173 -115.18 -14.25 76.66
C TRP F 173 -116.23 -15.33 76.47
N ALA F 174 -117.12 -15.16 75.51
CA ALA F 174 -118.15 -16.14 75.21
C ALA F 174 -117.94 -16.80 73.85
N SER F 175 -116.70 -16.83 73.37
CA SER F 175 -116.43 -17.40 72.08
C SER F 175 -116.46 -18.92 72.13
N LEU F 176 -116.56 -19.53 70.95
CA LEU F 176 -116.58 -20.98 70.85
C LEU F 176 -116.24 -21.39 69.43
N GLY F 177 -115.35 -22.37 69.29
CA GLY F 177 -114.94 -22.83 67.98
C GLY F 177 -113.43 -22.77 67.79
N ASP F 178 -112.99 -22.01 66.78
CA ASP F 178 -111.58 -21.92 66.48
C ASP F 178 -110.83 -21.25 67.64
N GLU F 179 -109.53 -21.52 67.70
CA GLU F 179 -108.70 -20.90 68.72
C GLU F 179 -108.53 -19.41 68.48
N GLY F 180 -108.49 -18.99 67.21
CA GLY F 180 -108.52 -17.59 66.90
C GLY F 180 -107.18 -16.90 67.10
N ARG F 181 -107.24 -15.57 67.02
CA ARG F 181 -106.05 -14.74 67.06
C ARG F 181 -105.38 -14.83 68.42
N GLY F 182 -104.09 -14.52 68.46
CA GLY F 182 -103.38 -14.43 69.72
C GLY F 182 -103.65 -13.19 70.51
N LEU F 183 -104.29 -12.19 69.90
CA LEU F 183 -104.60 -10.95 70.59
C LEU F 183 -105.85 -11.12 71.43
N GLU F 184 -105.84 -10.53 72.62
CA GLU F 184 -107.05 -10.42 73.42
C GLU F 184 -106.90 -9.27 74.39
N VAL F 185 -108.02 -8.67 74.75
CA VAL F 185 -108.06 -7.58 75.72
C VAL F 185 -108.97 -8.00 76.85
N ARG F 186 -108.42 -8.06 78.06
CA ARG F 186 -109.13 -8.54 79.24
C ARG F 186 -108.95 -7.51 80.34
N LEU F 187 -109.85 -6.53 80.40
CA LEU F 187 -109.66 -5.57 81.47
C LEU F 187 -110.29 -6.06 82.76
N PRO F 188 -109.62 -5.87 83.88
CA PRO F 188 -110.22 -6.22 85.17
C PRO F 188 -111.29 -5.22 85.55
N PRO F 189 -112.12 -5.54 86.54
CA PRO F 189 -113.13 -4.59 86.99
C PRO F 189 -112.47 -3.37 87.62
N PRO F 190 -113.20 -2.26 87.73
CA PRO F 190 -112.60 -1.03 88.27
C PRO F 190 -112.07 -1.17 89.68
N THR F 191 -112.32 -2.28 90.35
CA THR F 191 -111.79 -2.50 91.69
C THR F 191 -110.31 -2.83 91.69
N ASP F 192 -109.71 -3.03 90.52
CA ASP F 192 -108.30 -3.38 90.41
C ASP F 192 -107.62 -2.46 89.43
N SER F 193 -106.33 -2.21 89.67
CA SER F 193 -105.55 -1.36 88.78
C SER F 193 -105.42 -2.00 87.41
N SER F 194 -105.82 -1.27 86.38
CA SER F 194 -105.79 -1.77 85.01
C SER F 194 -104.78 -1.01 84.15
N VAL F 195 -103.77 -0.43 84.77
CA VAL F 195 -102.80 0.36 84.02
C VAL F 195 -102.01 -0.51 83.05
N HIS F 196 -101.89 -1.81 83.35
CA HIS F 196 -101.06 -2.67 82.53
C HIS F 196 -101.53 -2.71 81.08
N ALA F 197 -102.79 -2.36 80.82
CA ALA F 197 -103.26 -2.31 79.45
C ALA F 197 -102.85 -1.04 78.73
N TYR F 198 -102.38 -0.04 79.45
CA TYR F 198 -102.06 1.26 78.86
C TYR F 198 -100.56 1.54 78.87
N LYS F 199 -99.75 0.50 78.73
CA LYS F 199 -98.31 0.65 78.70
C LYS F 199 -97.74 -0.09 77.50
N THR F 200 -98.45 -0.04 76.38
CA THR F 200 -98.00 -0.76 75.19
C THR F 200 -96.70 -0.19 74.67
N VAL F 201 -96.59 1.13 74.58
CA VAL F 201 -95.43 1.78 73.99
C VAL F 201 -95.00 2.93 74.87
N LEU F 202 -93.76 3.37 74.64
CA LEU F 202 -93.21 4.58 75.27
C LEU F 202 -93.23 4.50 76.79
N SER F 203 -93.44 3.30 77.34
CA SER F 203 -93.58 3.15 78.78
C SER F 203 -92.54 2.20 79.37
N ARG F 204 -92.40 1.01 78.81
CA ARG F 204 -91.57 0.00 79.43
C ARG F 204 -90.10 0.42 79.43
N GLY F 205 -89.40 0.08 80.51
CA GLY F 205 -88.01 0.40 80.70
C GLY F 205 -87.77 1.47 81.73
N TYR F 206 -88.75 2.34 81.98
CA TYR F 206 -88.55 3.40 82.97
C TYR F 206 -89.72 3.53 83.93
N ILE F 207 -90.92 3.21 83.49
CA ILE F 207 -92.10 3.48 84.31
C ILE F 207 -92.32 2.34 85.29
N ASP F 208 -92.87 2.68 86.45
CA ASP F 208 -93.14 1.68 87.46
C ASP F 208 -94.39 0.88 87.10
N ASN F 209 -94.50 -0.30 87.71
CA ASN F 209 -95.61 -1.19 87.44
C ASN F 209 -96.95 -0.58 87.82
N ALA F 210 -96.97 0.38 88.72
CA ALA F 210 -98.21 0.93 89.25
C ALA F 210 -98.57 2.28 88.64
N GLN F 211 -97.89 2.71 87.60
CA GLN F 211 -98.12 4.03 87.03
C GLN F 211 -98.38 3.92 85.54
N PHE F 212 -99.04 4.95 85.01
CA PHE F 212 -99.23 5.12 83.58
C PHE F 212 -98.86 6.55 83.21
N ASN F 213 -98.17 6.71 82.09
CA ASN F 213 -97.71 8.03 81.69
C ASN F 213 -98.83 8.77 80.98
N PRO F 214 -99.30 9.88 81.53
CA PRO F 214 -100.36 10.64 80.86
C PRO F 214 -99.95 11.19 79.51
N LEU F 215 -98.67 11.53 79.33
CA LEU F 215 -98.26 12.18 78.09
C LEU F 215 -98.34 11.25 76.89
N ALA F 216 -98.38 9.94 77.11
CA ALA F 216 -98.52 8.98 76.03
C ALA F 216 -99.92 8.37 76.01
N LEU F 217 -100.89 9.05 76.62
CA LEU F 217 -102.21 8.47 76.78
C LEU F 217 -102.87 8.18 75.44
N ARG F 218 -102.85 9.17 74.54
CA ARG F 218 -103.54 9.00 73.27
C ARG F 218 -102.98 7.83 72.49
N SER F 219 -101.65 7.73 72.43
CA SER F 219 -101.03 6.63 71.69
C SER F 219 -101.40 5.29 72.28
N ASN F 220 -101.20 5.13 73.59
CA ASN F 220 -101.45 3.84 74.22
C ASN F 220 -102.92 3.45 74.09
N VAL F 221 -103.82 4.42 74.27
CA VAL F 221 -105.24 4.14 74.08
C VAL F 221 -105.49 3.66 72.66
N LEU F 222 -104.89 4.34 71.69
CA LEU F 222 -105.11 3.99 70.30
C LEU F 222 -104.66 2.55 70.04
N LEU F 223 -103.48 2.19 70.52
CA LEU F 223 -103.00 0.83 70.31
C LEU F 223 -103.88 -0.19 70.99
N MET F 224 -104.36 0.13 72.20
CA MET F 224 -105.25 -0.78 72.90
C MET F 224 -106.49 -1.05 72.07
N LEU F 225 -107.10 0.01 71.53
CA LEU F 225 -108.26 -0.18 70.68
C LEU F 225 -107.90 -0.96 69.43
N LEU F 226 -106.71 -0.73 68.89
CA LEU F 226 -106.28 -1.49 67.72
C LEU F 226 -106.25 -2.97 68.04
N GLN F 227 -105.57 -3.35 69.13
CA GLN F 227 -105.56 -4.75 69.52
C GLN F 227 -106.96 -5.28 69.74
N PHE F 228 -107.82 -4.45 70.34
CA PHE F 228 -109.21 -4.83 70.49
C PHE F 228 -109.84 -5.16 69.15
N THR F 229 -109.59 -4.33 68.15
CA THR F 229 -110.17 -4.57 66.83
C THR F 229 -109.67 -5.87 66.23
N LEU F 230 -108.36 -6.09 66.25
CA LEU F 230 -107.81 -7.31 65.68
C LEU F 230 -108.34 -8.53 66.40
N SER F 231 -108.40 -8.47 67.72
CA SER F 231 -108.81 -9.62 68.50
C SER F 231 -110.24 -10.05 68.21
N ASN F 232 -111.05 -9.17 67.62
CA ASN F 232 -112.47 -9.45 67.47
C ASN F 232 -112.88 -9.87 66.07
N LEU F 233 -112.03 -9.69 65.07
CA LEU F 233 -112.43 -9.95 63.70
C LEU F 233 -112.35 -11.44 63.42
N LYS F 234 -113.47 -12.01 62.99
CA LYS F 234 -113.60 -13.42 62.62
C LYS F 234 -114.99 -13.58 62.02
N ILE F 235 -115.32 -14.81 61.66
CA ILE F 235 -116.57 -15.10 60.96
C ILE F 235 -117.58 -15.67 61.93
N ASN F 236 -118.79 -15.13 61.92
CA ASN F 236 -119.89 -15.64 62.74
C ASN F 236 -120.56 -16.77 61.98
N LYS F 237 -120.09 -17.98 62.21
CA LYS F 237 -120.68 -19.13 61.55
C LYS F 237 -122.03 -19.47 62.18
N SER F 238 -122.89 -20.11 61.38
CA SER F 238 -124.15 -20.61 61.89
C SER F 238 -123.88 -21.85 62.75
N SER F 239 -124.96 -22.49 63.20
CA SER F 239 -124.83 -23.66 64.06
C SER F 239 -126.12 -24.47 63.98
N THR F 240 -126.23 -25.48 64.83
CA THR F 240 -127.44 -26.27 64.91
C THR F 240 -128.52 -25.51 65.66
N PHE F 241 -129.75 -25.98 65.52
CA PHE F 241 -130.89 -25.31 66.12
C PHE F 241 -131.83 -26.34 66.73
N THR F 242 -132.60 -25.87 67.71
CA THR F 242 -133.69 -26.66 68.29
C THR F 242 -134.91 -25.78 68.39
N SER F 243 -136.09 -26.41 68.26
CA SER F 243 -137.34 -25.68 68.39
C SER F 243 -137.71 -25.58 69.86
N ASP F 244 -137.95 -24.35 70.32
CA ASP F 244 -138.31 -24.14 71.70
C ASP F 244 -139.80 -24.38 71.90
N VAL F 245 -140.14 -24.97 73.04
CA VAL F 245 -141.51 -25.35 73.34
C VAL F 245 -141.85 -24.90 74.75
N THR F 246 -140.93 -24.19 75.40
CA THR F 246 -141.08 -23.85 76.81
C THR F 246 -141.88 -22.56 76.93
N THR F 247 -143.20 -22.70 77.04
CA THR F 247 -144.13 -21.63 77.42
C THR F 247 -144.07 -20.51 76.39
N ILE F 248 -143.68 -19.28 76.77
CA ILE F 248 -143.91 -18.12 75.92
C ILE F 248 -143.21 -18.28 74.59
N THR F 249 -141.97 -18.73 74.61
CA THR F 249 -141.17 -18.82 73.40
C THR F 249 -141.47 -20.07 72.58
N SER F 250 -142.59 -20.73 72.83
CA SER F 250 -142.93 -21.92 72.06
C SER F 250 -143.06 -21.55 70.59
N GLY F 251 -142.42 -22.35 69.73
CA GLY F 251 -142.41 -22.11 68.31
C GLY F 251 -141.19 -21.40 67.80
N ARG F 252 -140.47 -20.69 68.67
CA ARG F 252 -139.23 -20.04 68.25
C ARG F 252 -138.13 -21.07 68.08
N MET F 253 -137.16 -20.76 67.22
CA MET F 253 -136.01 -21.61 66.99
C MET F 253 -134.77 -20.95 67.58
N ILE F 254 -133.98 -21.71 68.33
CA ILE F 254 -132.80 -21.19 68.99
C ILE F 254 -131.63 -22.15 68.76
N ARG F 255 -130.43 -21.67 69.05
CA ARG F 255 -129.22 -22.42 68.78
C ARG F 255 -128.92 -23.38 69.93
N ALA F 256 -127.78 -24.08 69.82
CA ALA F 256 -127.53 -25.24 70.67
C ALA F 256 -126.38 -25.02 71.66
N PHE F 257 -125.21 -24.64 71.19
CA PHE F 257 -124.03 -24.44 72.04
C PHE F 257 -123.61 -25.73 72.74
N GLU F 258 -123.34 -26.76 71.94
CA GLU F 258 -122.77 -27.98 72.48
C GLU F 258 -121.33 -27.71 72.93
N GLY F 259 -120.98 -28.22 74.11
CA GLY F 259 -119.69 -27.98 74.69
C GLY F 259 -119.63 -26.76 75.59
N ARG F 260 -120.55 -25.83 75.44
CA ARG F 260 -120.72 -24.71 76.38
C ARG F 260 -122.20 -24.54 76.66
N PRO F 261 -122.83 -25.57 77.24
CA PRO F 261 -124.29 -25.54 77.36
C PRO F 261 -124.82 -24.37 78.17
N GLU F 262 -124.05 -23.90 79.16
CA GLU F 262 -124.52 -22.81 79.99
C GLU F 262 -124.74 -21.54 79.19
N LEU F 263 -124.09 -21.41 78.03
CA LEU F 263 -124.30 -20.23 77.20
C LEU F 263 -125.75 -20.07 76.81
N LEU F 264 -126.48 -21.18 76.71
CA LEU F 264 -127.88 -21.12 76.32
C LEU F 264 -128.66 -20.17 77.22
N ALA F 265 -128.37 -20.18 78.52
CA ALA F 265 -129.06 -19.27 79.42
C ALA F 265 -128.74 -17.82 79.09
N LEU F 266 -127.48 -17.53 78.77
CA LEU F 266 -127.10 -16.15 78.50
C LEU F 266 -127.57 -15.69 77.13
N ALA F 267 -127.66 -16.61 76.17
CA ALA F 267 -127.90 -16.22 74.79
C ALA F 267 -129.24 -15.52 74.61
N TYR F 268 -130.26 -15.93 75.36
CA TYR F 268 -131.60 -15.41 75.19
C TYR F 268 -132.16 -14.97 76.54
N PRO F 269 -131.80 -13.77 76.98
CA PRO F 269 -132.40 -13.23 78.21
C PRO F 269 -133.91 -13.12 78.05
N GLY F 270 -134.62 -13.36 79.14
CA GLY F 270 -136.06 -13.30 79.10
C GLY F 270 -136.72 -14.48 78.43
N ARG F 271 -135.97 -15.53 78.10
CA ARG F 271 -136.58 -16.70 77.50
C ARG F 271 -137.61 -17.33 78.43
N ALA F 272 -137.29 -17.43 79.71
CA ALA F 272 -138.22 -17.94 80.69
C ALA F 272 -137.78 -17.43 82.06
N VAL F 273 -138.67 -16.75 82.76
CA VAL F 273 -138.32 -16.08 84.00
C VAL F 273 -139.36 -16.39 85.06
N LEU F 274 -138.89 -16.61 86.28
CA LEU F 274 -139.80 -16.69 87.41
C LEU F 274 -140.41 -15.32 87.67
N PRO F 275 -141.71 -15.25 87.95
CA PRO F 275 -142.34 -13.94 88.14
C PRO F 275 -142.00 -13.28 89.46
N THR F 276 -141.05 -13.86 90.22
CA THR F 276 -140.60 -13.26 91.46
C THR F 276 -140.05 -11.87 91.19
N GLN F 277 -140.75 -10.84 91.67
CA GLN F 277 -140.50 -9.48 91.21
C GLN F 277 -139.24 -8.89 91.84
N THR F 278 -138.12 -9.54 91.57
CA THR F 278 -136.83 -8.89 91.80
C THR F 278 -136.52 -7.97 90.63
N LYS F 279 -135.49 -7.15 90.81
CA LYS F 279 -135.17 -6.11 89.82
C LYS F 279 -135.05 -6.68 88.42
N ASN F 280 -134.30 -7.78 88.28
CA ASN F 280 -134.14 -8.39 86.97
C ASN F 280 -135.47 -8.82 86.39
N ALA F 281 -136.30 -9.48 87.19
CA ALA F 281 -137.58 -9.97 86.69
C ALA F 281 -138.46 -8.81 86.26
N GLN F 282 -138.49 -7.73 87.03
CA GLN F 282 -139.25 -6.57 86.65
C GLN F 282 -138.89 -6.11 85.25
N PHE F 283 -137.59 -5.99 84.98
CA PHE F 283 -137.15 -5.58 83.66
C PHE F 283 -137.43 -6.65 82.62
N LEU F 284 -137.04 -7.89 82.90
CA LEU F 284 -137.14 -8.93 81.89
C LEU F 284 -138.57 -9.25 81.51
N SER F 285 -139.53 -8.90 82.36
CA SER F 285 -140.93 -9.14 82.03
C SER F 285 -141.37 -8.36 80.79
N THR F 286 -140.61 -7.35 80.40
CA THR F 286 -140.98 -6.48 79.31
C THR F 286 -140.47 -6.94 77.96
N ALA F 287 -139.79 -8.08 77.89
CA ALA F 287 -139.24 -8.53 76.63
C ALA F 287 -140.35 -8.93 75.66
N ILE F 288 -140.08 -8.77 74.38
CA ILE F 288 -141.00 -9.16 73.31
C ILE F 288 -140.61 -10.53 72.83
N ALA F 289 -141.58 -11.45 72.79
CA ALA F 289 -141.29 -12.83 72.44
C ALA F 289 -140.75 -12.95 71.03
N ASP F 290 -141.26 -12.15 70.11
CA ASP F 290 -140.86 -12.27 68.71
C ASP F 290 -139.46 -11.78 68.45
N ARG F 291 -138.70 -11.40 69.46
CA ARG F 291 -137.33 -10.94 69.29
C ARG F 291 -136.32 -11.99 69.72
N ILE F 292 -136.71 -13.26 69.66
CA ILE F 292 -135.87 -14.36 70.12
C ILE F 292 -135.60 -15.28 68.94
N GLY F 293 -134.35 -15.71 68.82
CA GLY F 293 -134.00 -16.69 67.81
C GLY F 293 -133.94 -16.10 66.41
N ARG F 294 -134.09 -16.97 65.42
CA ARG F 294 -134.01 -16.55 64.04
C ARG F 294 -135.30 -15.85 63.62
N LEU F 295 -135.16 -14.83 62.79
CA LEU F 295 -136.29 -14.05 62.31
C LEU F 295 -136.79 -14.52 60.96
N ASP F 296 -135.93 -15.15 60.17
CA ASP F 296 -136.26 -15.56 58.83
C ASP F 296 -136.83 -16.97 58.83
N ARG F 297 -137.42 -17.35 57.69
CA ARG F 297 -137.62 -18.75 57.40
C ARG F 297 -136.37 -19.31 56.73
N ALA F 298 -136.29 -20.63 56.66
CA ALA F 298 -135.13 -21.25 56.05
C ALA F 298 -134.99 -20.81 54.61
N ASN F 299 -133.77 -20.45 54.23
CA ASN F 299 -133.47 -19.96 52.89
C ASN F 299 -132.23 -20.66 52.35
N LEU F 300 -132.19 -20.81 51.03
CA LEU F 300 -131.01 -21.29 50.33
C LEU F 300 -130.51 -22.59 50.95
N ILE F 301 -131.43 -23.52 51.16
CA ILE F 301 -131.12 -24.75 51.85
C ILE F 301 -130.21 -25.60 50.99
N GLY F 302 -129.00 -25.86 51.49
CA GLY F 302 -128.12 -26.80 50.82
C GLY F 302 -128.50 -28.22 51.13
N GLY F 303 -129.71 -28.61 50.71
CA GLY F 303 -130.22 -29.93 51.01
C GLY F 303 -130.79 -30.05 52.40
N GLU F 304 -129.91 -29.98 53.41
CA GLU F 304 -130.31 -30.05 54.80
C GLU F 304 -130.22 -28.73 55.54
N VAL F 305 -129.26 -27.88 55.17
CA VAL F 305 -128.87 -26.74 55.99
C VAL F 305 -128.92 -25.47 55.15
N SER F 306 -129.31 -24.38 55.79
CA SER F 306 -129.39 -23.08 55.13
C SER F 306 -128.02 -22.49 54.90
N ALA F 307 -127.91 -21.65 53.87
CA ALA F 307 -126.64 -21.01 53.54
C ALA F 307 -126.33 -19.84 54.47
N MET F 308 -127.34 -19.10 54.90
CA MET F 308 -127.14 -18.04 55.88
C MET F 308 -128.47 -17.79 56.57
N VAL F 309 -128.39 -17.35 57.83
CA VAL F 309 -129.58 -17.14 58.64
C VAL F 309 -129.52 -15.76 59.26
N GLU F 310 -130.70 -15.27 59.63
CA GLU F 310 -130.86 -13.96 60.24
C GLU F 310 -131.53 -14.16 61.59
N CYS F 311 -130.78 -13.89 62.66
CA CYS F 311 -131.25 -14.19 64.00
C CYS F 311 -130.90 -13.03 64.93
N MET F 312 -131.55 -13.04 66.09
CA MET F 312 -131.33 -12.02 67.11
C MET F 312 -130.94 -12.71 68.41
N GLU F 313 -129.87 -12.24 69.03
CA GLU F 313 -129.36 -12.87 70.23
C GLU F 313 -128.49 -11.87 70.97
N LEU F 314 -128.01 -12.29 72.14
CA LEU F 314 -127.13 -11.44 72.93
C LEU F 314 -125.88 -11.10 72.12
N CYS F 315 -125.74 -9.83 71.76
CA CYS F 315 -124.65 -9.41 70.89
C CYS F 315 -124.50 -7.90 70.92
N ASP F 316 -123.30 -7.40 71.20
CA ASP F 316 -123.07 -5.98 71.26
C ASP F 316 -122.80 -5.44 69.86
N ALA F 317 -123.25 -4.20 69.62
CA ALA F 317 -123.16 -3.64 68.28
C ALA F 317 -121.71 -3.50 67.83
N LEU F 318 -120.84 -3.07 68.73
CA LEU F 318 -119.47 -2.77 68.35
C LEU F 318 -118.77 -4.00 67.78
N THR F 319 -118.82 -5.11 68.51
CA THR F 319 -118.21 -6.34 68.00
C THR F 319 -118.87 -6.74 66.68
N LEU F 320 -120.20 -6.62 66.61
CA LEU F 320 -120.88 -6.94 65.37
C LEU F 320 -120.37 -6.08 64.22
N HIS F 321 -120.17 -4.79 64.47
CA HIS F 321 -119.68 -3.91 63.43
C HIS F 321 -118.32 -4.39 62.92
N ILE F 322 -117.46 -4.81 63.83
CA ILE F 322 -116.15 -5.33 63.41
C ILE F 322 -116.33 -6.57 62.57
N ARG F 323 -117.15 -7.52 63.05
CA ARG F 323 -117.30 -8.79 62.35
C ARG F 323 -117.83 -8.57 60.94
N GLU F 324 -118.82 -7.68 60.78
CA GLU F 324 -119.39 -7.45 59.47
C GLU F 324 -118.35 -6.91 58.51
N THR F 325 -117.55 -5.94 58.95
CA THR F 325 -116.53 -5.38 58.09
C THR F 325 -115.53 -6.45 57.66
N TYR F 326 -115.14 -7.32 58.60
CA TYR F 326 -114.22 -8.39 58.24
C TYR F 326 -114.80 -9.26 57.13
N VAL F 327 -116.10 -9.55 57.21
CA VAL F 327 -116.76 -10.28 56.13
C VAL F 327 -116.67 -9.48 54.84
N MET F 328 -116.97 -8.19 54.92
CA MET F 328 -116.89 -7.35 53.73
C MET F 328 -115.50 -7.39 53.14
N LEU F 329 -114.47 -7.40 53.98
CA LEU F 329 -113.11 -7.49 53.50
C LEU F 329 -112.90 -8.79 52.73
N LEU F 330 -113.33 -9.91 53.30
CA LEU F 330 -113.13 -11.19 52.64
C LEU F 330 -113.85 -11.22 51.30
N ARG F 331 -115.12 -10.81 51.29
CA ARG F 331 -115.88 -10.81 50.04
C ARG F 331 -115.25 -9.89 49.01
N SER F 332 -114.61 -8.82 49.46
CA SER F 332 -113.89 -7.97 48.53
C SER F 332 -112.76 -8.71 47.84
N MET F 333 -112.20 -9.71 48.51
CA MET F 333 -111.16 -10.53 47.92
C MET F 333 -111.70 -11.67 47.08
N HIS F 334 -113.02 -11.83 47.01
CA HIS F 334 -113.58 -12.99 46.34
C HIS F 334 -113.29 -12.95 44.84
N GLN F 335 -113.02 -14.12 44.30
CA GLN F 335 -112.76 -14.30 42.87
C GLN F 335 -113.76 -15.30 42.33
N ASP F 336 -114.31 -15.01 41.15
CA ASP F 336 -115.19 -15.97 40.53
C ASP F 336 -114.36 -17.15 40.03
N PRO F 337 -114.62 -18.37 40.50
CA PRO F 337 -113.78 -19.50 40.09
C PRO F 337 -113.86 -19.80 38.60
N THR F 338 -114.99 -19.55 37.96
CA THR F 338 -115.14 -19.94 36.56
C THR F 338 -114.11 -19.26 35.69
N GLN F 339 -113.63 -18.09 36.08
CA GLN F 339 -112.67 -17.35 35.27
C GLN F 339 -111.28 -17.94 35.32
N ILE F 340 -111.04 -18.92 36.19
CA ILE F 340 -109.69 -19.44 36.35
C ILE F 340 -109.17 -20.00 35.03
N VAL F 341 -109.99 -20.76 34.32
CA VAL F 341 -109.52 -21.42 33.10
C VAL F 341 -109.04 -20.39 32.09
N GLN F 342 -109.76 -19.28 31.96
CA GLN F 342 -109.31 -18.23 31.05
C GLN F 342 -108.01 -17.63 31.54
N ILE F 343 -107.88 -17.44 32.85
CA ILE F 343 -106.64 -16.91 33.41
C ILE F 343 -105.48 -17.83 33.04
N VAL F 344 -105.69 -19.14 33.19
CA VAL F 344 -104.64 -20.09 32.86
C VAL F 344 -104.31 -20.02 31.37
N ASN F 345 -105.34 -20.05 30.53
CA ASN F 345 -105.10 -20.07 29.10
C ASN F 345 -104.36 -18.81 28.65
N GLU F 346 -104.75 -17.66 29.19
CA GLU F 346 -104.06 -16.42 28.83
C GLU F 346 -102.63 -16.43 29.34
N CYS F 347 -102.44 -16.80 30.60
CA CYS F 347 -101.09 -16.82 31.16
C CYS F 347 -100.20 -17.79 30.41
N ALA F 348 -100.76 -18.86 29.86
CA ALA F 348 -100.01 -19.81 29.07
C ALA F 348 -99.80 -19.33 27.64
N ASN F 349 -100.17 -18.09 27.33
CA ASN F 349 -100.07 -17.56 25.97
C ASN F 349 -100.79 -18.47 24.98
N ASN F 350 -101.89 -19.07 25.43
CA ASN F 350 -102.69 -19.98 24.62
C ASN F 350 -101.91 -21.22 24.20
N LEU F 351 -100.80 -21.52 24.86
CA LEU F 351 -100.11 -22.78 24.62
C LEU F 351 -100.80 -23.94 25.31
N LEU F 352 -101.65 -23.67 26.29
CA LEU F 352 -102.41 -24.69 26.99
C LEU F 352 -103.88 -24.35 26.96
N ASN F 353 -104.71 -25.38 26.89
CA ASN F 353 -106.14 -25.24 27.05
C ASN F 353 -106.59 -26.17 28.15
N SER F 354 -107.44 -25.67 29.04
CA SER F 354 -107.74 -26.37 30.27
C SER F 354 -109.23 -26.27 30.60
N THR F 355 -109.69 -27.23 31.40
CA THR F 355 -111.07 -27.25 31.89
C THR F 355 -111.05 -27.53 33.38
N ILE F 356 -111.82 -26.74 34.13
CA ILE F 356 -111.93 -26.92 35.57
C ILE F 356 -113.39 -26.88 35.98
N PRO F 357 -114.06 -28.02 36.09
CA PRO F 357 -115.46 -28.02 36.52
C PRO F 357 -115.58 -27.59 37.97
N ILE F 358 -116.70 -26.97 38.30
CA ILE F 358 -116.96 -26.54 39.66
C ILE F 358 -118.46 -26.39 39.87
N SER F 359 -118.92 -26.82 41.03
CA SER F 359 -120.31 -26.63 41.42
C SER F 359 -120.51 -25.22 41.94
N LEU F 360 -121.67 -24.63 41.65
CA LEU F 360 -121.98 -23.26 42.03
C LEU F 360 -123.02 -23.27 43.13
N ARG F 361 -122.56 -23.15 44.35
CA ARG F 361 -123.44 -23.05 45.51
C ARG F 361 -123.64 -21.59 45.87
N PRO F 362 -124.72 -21.27 46.57
CA PRO F 362 -124.96 -19.85 46.91
C PRO F 362 -123.83 -19.22 47.68
N THR F 363 -123.46 -19.78 48.83
CA THR F 363 -122.35 -19.26 49.63
C THR F 363 -121.09 -19.99 49.23
N ILE F 364 -120.17 -19.27 48.60
CA ILE F 364 -118.94 -19.85 48.09
C ILE F 364 -117.87 -18.77 48.09
N LEU F 365 -116.72 -19.07 48.65
CA LEU F 365 -115.70 -18.05 48.90
C LEU F 365 -114.37 -18.50 48.35
N CYS F 366 -113.77 -17.66 47.51
CA CYS F 366 -112.45 -17.92 46.93
C CYS F 366 -111.62 -16.66 47.04
N PRO F 367 -111.12 -16.36 48.22
CA PRO F 367 -110.41 -15.09 48.42
C PRO F 367 -109.06 -15.09 47.76
N TRP F 368 -109.03 -14.87 46.45
CA TRP F 368 -107.79 -14.93 45.69
C TRP F 368 -107.51 -13.69 44.88
N PHE F 369 -108.44 -12.75 44.77
CA PHE F 369 -108.27 -11.60 43.90
C PHE F 369 -107.56 -10.47 44.63
N ALA F 370 -106.86 -9.64 43.86
CA ALA F 370 -106.20 -8.46 44.39
C ALA F 370 -106.17 -7.40 43.30
N SER F 371 -106.52 -6.17 43.65
CA SER F 371 -106.52 -5.09 42.68
C SER F 371 -105.10 -4.71 42.29
N SER F 372 -104.98 -4.00 41.17
CA SER F 372 -103.67 -3.54 40.74
C SER F 372 -103.05 -2.61 41.76
N GLU F 373 -103.87 -1.83 42.47
CA GLU F 373 -103.35 -0.92 43.46
C GLU F 373 -102.61 -1.68 44.56
N ASP F 374 -103.19 -2.78 45.02
CA ASP F 374 -102.55 -3.57 46.06
C ASP F 374 -101.19 -4.06 45.62
N LEU F 375 -101.12 -4.62 44.40
CA LEU F 375 -99.85 -5.11 43.90
C LEU F 375 -98.85 -3.97 43.75
N ARG F 376 -99.29 -2.86 43.19
CA ARG F 376 -98.39 -1.72 43.01
C ARG F 376 -97.87 -1.25 44.36
N LEU F 377 -98.76 -1.13 45.35
CA LEU F 377 -98.31 -0.79 46.68
C LEU F 377 -97.35 -1.84 47.22
N GLN F 378 -97.65 -3.11 46.97
CA GLN F 378 -96.78 -4.18 47.44
C GLN F 378 -95.39 -4.05 46.84
N GLN F 379 -95.32 -3.74 45.55
CA GLN F 379 -94.02 -3.57 44.90
C GLN F 379 -93.22 -2.46 45.56
N VAL F 380 -93.86 -1.32 45.81
CA VAL F 380 -93.18 -0.22 46.47
C VAL F 380 -92.69 -0.66 47.84
N MET F 381 -93.51 -1.42 48.56
CA MET F 381 -93.10 -1.91 49.87
C MET F 381 -91.84 -2.74 49.76
N HIS F 382 -91.72 -3.52 48.69
CA HIS F 382 -90.51 -4.33 48.49
C HIS F 382 -89.28 -3.44 48.42
N LEU F 383 -89.36 -2.34 47.67
CA LEU F 383 -88.22 -1.45 47.57
C LEU F 383 -87.84 -0.91 48.93
N VAL F 384 -88.83 -0.55 49.74
CA VAL F 384 -88.55 0.03 51.04
C VAL F 384 -87.82 -0.97 51.93
N ASN F 385 -88.35 -2.18 52.03
CA ASN F 385 -87.71 -3.18 52.89
C ASN F 385 -86.31 -3.53 52.40
N ILE F 386 -86.07 -3.43 51.09
CA ILE F 386 -84.75 -3.71 50.55
C ILE F 386 -83.77 -2.58 50.82
N SER F 387 -84.26 -1.37 51.05
CA SER F 387 -83.44 -0.16 50.90
C SER F 387 -82.14 -0.22 51.69
N SER F 388 -82.15 -0.85 52.86
CA SER F 388 -80.92 -0.90 53.65
C SER F 388 -79.82 -1.71 52.99
N ASN F 389 -80.17 -2.72 52.20
CA ASN F 389 -79.17 -3.57 51.57
C ASN F 389 -79.70 -3.96 50.19
N THR F 390 -79.29 -3.20 49.17
CA THR F 390 -79.79 -3.45 47.83
C THR F 390 -79.34 -4.80 47.30
N ALA F 391 -78.21 -5.31 47.77
CA ALA F 391 -77.70 -6.58 47.27
C ALA F 391 -78.64 -7.74 47.55
N ALA F 392 -79.58 -7.56 48.49
CA ALA F 392 -80.50 -8.63 48.85
C ALA F 392 -81.45 -9.01 47.72
N ALA F 393 -81.51 -8.21 46.66
CA ALA F 393 -82.42 -8.51 45.56
C ALA F 393 -81.88 -9.57 44.61
N LEU F 394 -80.59 -9.88 44.70
CA LEU F 394 -80.00 -10.82 43.76
C LEU F 394 -80.70 -12.17 43.67
N PRO F 395 -81.14 -12.79 44.77
CA PRO F 395 -81.78 -14.11 44.64
C PRO F 395 -82.95 -14.13 43.68
N LEU F 396 -83.64 -13.01 43.51
CA LEU F 396 -84.69 -12.95 42.50
C LEU F 396 -84.16 -13.37 41.14
N VAL F 397 -83.00 -12.82 40.76
CA VAL F 397 -82.41 -13.17 39.48
C VAL F 397 -82.03 -14.64 39.45
N GLU F 398 -81.47 -15.15 40.56
CA GLU F 398 -81.06 -16.54 40.60
C GLU F 398 -82.25 -17.46 40.36
N ALA F 399 -83.35 -17.24 41.08
CA ALA F 399 -84.51 -18.11 40.93
C ALA F 399 -85.03 -18.07 39.51
N LEU F 400 -85.15 -16.87 38.94
CA LEU F 400 -85.65 -16.76 37.57
C LEU F 400 -84.72 -17.47 36.60
N SER F 401 -83.40 -17.28 36.77
CA SER F 401 -82.46 -17.93 35.87
C SER F 401 -82.56 -19.44 35.95
N THR F 402 -82.68 -19.98 37.16
CA THR F 402 -82.82 -21.42 37.31
C THR F 402 -84.08 -21.92 36.61
N LEU F 403 -85.19 -21.19 36.76
CA LEU F 403 -86.41 -21.59 36.09
C LEU F 403 -86.22 -21.59 34.59
N LEU F 404 -85.61 -20.53 34.06
CA LEU F 404 -85.41 -20.44 32.62
C LEU F 404 -84.59 -21.62 32.12
N ARG F 405 -83.49 -21.91 32.79
CA ARG F 405 -82.65 -23.02 32.38
C ARG F 405 -83.41 -24.34 32.46
N SER F 406 -84.28 -24.47 33.45
CA SER F 406 -85.04 -25.70 33.63
C SER F 406 -86.19 -25.84 32.64
N VAL F 407 -86.56 -24.78 31.94
CA VAL F 407 -87.76 -24.80 31.11
C VAL F 407 -87.46 -24.58 29.63
N THR F 408 -86.29 -24.08 29.28
CA THR F 408 -86.07 -23.78 27.88
C THR F 408 -85.70 -25.03 27.10
N PRO F 409 -86.01 -25.06 25.80
CA PRO F 409 -85.52 -26.15 24.95
C PRO F 409 -84.12 -25.93 24.41
N LEU F 410 -83.54 -24.76 24.63
CA LEU F 410 -82.21 -24.47 24.10
C LEU F 410 -81.18 -25.38 24.75
N VAL F 411 -80.15 -25.73 23.99
CA VAL F 411 -79.06 -26.56 24.47
C VAL F 411 -77.74 -25.87 24.15
N LEU F 412 -76.90 -25.71 25.17
CA LEU F 412 -75.60 -25.08 25.01
C LEU F 412 -74.52 -26.14 24.94
N ASP F 413 -73.83 -26.22 23.81
CA ASP F 413 -72.79 -27.21 23.62
C ASP F 413 -71.66 -26.63 22.78
N PRO F 414 -70.52 -26.36 23.39
CA PRO F 414 -69.38 -25.77 22.67
C PRO F 414 -68.52 -26.81 21.98
N THR F 415 -69.16 -27.70 21.23
CA THR F 415 -68.42 -28.76 20.55
C THR F 415 -68.04 -28.34 19.13
N VAL F 416 -69.02 -28.00 18.32
CA VAL F 416 -68.74 -27.61 16.94
C VAL F 416 -67.82 -26.40 16.92
N LEU F 417 -68.02 -25.47 17.85
CA LEU F 417 -67.17 -24.29 17.90
C LEU F 417 -65.73 -24.68 18.16
N THR F 418 -65.50 -25.60 19.10
CA THR F 418 -64.15 -26.05 19.38
C THR F 418 -63.53 -26.72 18.17
N ASN F 419 -64.30 -27.57 17.50
CA ASN F 419 -63.77 -28.27 16.33
C ASN F 419 -63.35 -27.29 15.26
N ALA F 420 -64.19 -26.29 14.99
CA ALA F 420 -63.85 -25.33 13.95
C ALA F 420 -62.58 -24.56 14.29
N ILE F 421 -62.49 -24.10 15.54
CA ILE F 421 -61.34 -23.29 15.93
C ILE F 421 -60.06 -24.13 15.88
N THR F 422 -60.12 -25.36 16.38
CA THR F 422 -58.93 -26.18 16.46
C THR F 422 -58.35 -26.51 15.09
N THR F 423 -59.15 -26.38 14.02
CA THR F 423 -58.60 -26.56 12.68
C THR F 423 -57.61 -25.46 12.33
N ILE F 424 -57.56 -24.38 13.09
CA ILE F 424 -56.70 -23.25 12.82
C ILE F 424 -55.58 -23.15 13.83
N SER F 425 -55.91 -23.16 15.11
CA SER F 425 -54.95 -22.88 16.17
C SER F 425 -54.21 -24.15 16.57
N GLU F 426 -53.12 -23.95 17.32
CA GLU F 426 -52.40 -25.04 17.95
C GLU F 426 -51.73 -24.52 19.21
N SER F 427 -51.84 -25.28 20.30
CA SER F 427 -51.31 -24.85 21.59
C SER F 427 -49.84 -25.27 21.69
N THR F 428 -48.99 -24.40 21.15
CA THR F 428 -47.57 -24.67 21.21
C THR F 428 -46.84 -23.47 21.78
N THR F 429 -45.61 -23.67 22.23
CA THR F 429 -44.84 -22.59 22.84
C THR F 429 -44.70 -21.41 21.89
N GLN F 430 -44.59 -21.68 20.61
CA GLN F 430 -44.73 -20.65 19.60
C GLN F 430 -46.19 -20.51 19.24
N THR F 431 -46.63 -19.27 19.03
CA THR F 431 -48.04 -18.97 18.78
C THR F 431 -48.89 -19.40 19.96
N ILE F 432 -48.59 -18.81 21.12
CA ILE F 432 -49.37 -19.03 22.34
C ILE F 432 -49.93 -17.71 22.87
N SER F 433 -49.08 -16.69 23.01
CA SER F 433 -49.58 -15.37 23.34
C SER F 433 -50.63 -14.87 22.35
N PRO F 434 -50.49 -15.06 21.03
CA PRO F 434 -51.58 -14.63 20.15
C PRO F 434 -52.91 -15.30 20.44
N ILE F 435 -52.88 -16.54 20.93
CA ILE F 435 -54.09 -17.34 21.08
C ILE F 435 -54.44 -17.60 22.52
N SER F 436 -53.71 -17.00 23.47
CA SER F 436 -53.94 -17.31 24.88
C SER F 436 -55.39 -17.04 25.26
N GLU F 437 -55.93 -15.90 24.83
CA GLU F 437 -57.31 -15.58 25.16
C GLU F 437 -58.27 -16.60 24.58
N ILE F 438 -57.99 -17.06 23.37
CA ILE F 438 -58.85 -18.07 22.76
C ILE F 438 -58.87 -19.32 23.62
N LEU F 439 -57.70 -19.75 24.09
CA LEU F 439 -57.65 -20.91 24.97
C LEU F 439 -58.46 -20.67 26.24
N ARG F 440 -58.35 -19.47 26.80
CA ARG F 440 -59.19 -19.13 27.94
C ARG F 440 -60.66 -19.25 27.59
N LEU F 441 -61.03 -18.78 26.40
CA LEU F 441 -62.42 -18.86 25.96
C LEU F 441 -62.88 -20.30 25.90
N LEU F 442 -62.12 -21.16 25.24
CA LEU F 442 -62.53 -22.53 25.04
C LEU F 442 -62.33 -23.40 26.27
N GLN F 443 -61.69 -22.89 27.31
CA GLN F 443 -61.49 -23.68 28.50
C GLN F 443 -62.84 -24.08 29.09
N PRO F 444 -63.01 -25.33 29.49
CA PRO F 444 -64.29 -25.76 30.04
C PRO F 444 -64.59 -25.08 31.36
N MET F 445 -65.60 -24.20 31.37
CA MET F 445 -65.97 -23.47 32.57
C MET F 445 -66.88 -24.27 33.50
N GLY F 446 -67.28 -25.47 33.09
CA GLY F 446 -68.14 -26.30 33.92
C GLY F 446 -69.53 -26.53 33.39
N ASN F 447 -69.79 -26.21 32.12
CA ASN F 447 -71.10 -26.43 31.49
C ASN F 447 -72.21 -25.76 32.30
N ASP F 448 -71.90 -24.60 32.86
CA ASP F 448 -72.82 -23.88 33.72
C ASP F 448 -73.53 -22.75 33.00
N TYR F 449 -72.77 -21.84 32.39
CA TYR F 449 -73.33 -20.71 31.63
C TYR F 449 -74.27 -19.89 32.49
N ALA F 450 -73.89 -19.67 33.74
CA ALA F 450 -74.72 -18.89 34.65
C ALA F 450 -74.87 -17.47 34.14
N ALA F 451 -73.80 -16.89 33.62
CA ALA F 451 -73.84 -15.49 33.21
C ALA F 451 -74.90 -15.26 32.16
N PHE F 452 -74.97 -16.15 31.16
CA PHE F 452 -75.94 -15.96 30.08
C PHE F 452 -77.35 -15.91 30.62
N TRP F 453 -77.72 -16.88 31.44
CA TRP F 453 -79.05 -16.88 32.01
C TRP F 453 -79.24 -15.70 32.97
N LYS F 454 -78.18 -15.31 33.67
CA LYS F 454 -78.29 -14.17 34.57
C LYS F 454 -78.68 -12.92 33.81
N CYS F 455 -78.05 -12.68 32.66
CA CYS F 455 -78.37 -11.50 31.87
C CYS F 455 -79.82 -11.52 31.45
N ILE F 456 -80.30 -12.65 30.94
CA ILE F 456 -81.68 -12.74 30.49
C ILE F 456 -82.62 -12.47 31.66
N ALA F 457 -82.33 -13.08 32.80
CA ALA F 457 -83.18 -12.86 33.97
C ALA F 457 -83.15 -11.40 34.39
N SER F 458 -81.98 -10.77 34.38
CA SER F 458 -81.87 -9.39 34.82
C SER F 458 -82.75 -8.46 33.98
N TRP F 459 -82.98 -8.81 32.72
CA TRP F 459 -83.80 -7.97 31.86
C TRP F 459 -85.16 -7.72 32.50
N ALA F 460 -85.75 -8.76 33.08
CA ALA F 460 -87.06 -8.61 33.70
C ALA F 460 -87.00 -7.82 35.01
N TYR F 461 -85.81 -7.53 35.52
CA TYR F 461 -85.69 -6.82 36.78
C TYR F 461 -84.76 -5.63 36.69
N ASN F 462 -84.57 -5.07 35.50
CA ASN F 462 -83.82 -3.82 35.41
C ASN F 462 -84.57 -2.74 36.16
N GLY F 463 -83.82 -1.82 36.74
CA GLY F 463 -84.36 -0.91 37.71
C GLY F 463 -84.37 -1.47 39.11
N LEU F 464 -84.03 -2.72 39.28
CA LEU F 464 -83.78 -3.32 40.58
C LEU F 464 -82.41 -3.97 40.63
N VAL F 465 -81.99 -4.62 39.56
CA VAL F 465 -80.64 -5.17 39.41
C VAL F 465 -80.20 -4.91 37.99
N THR F 466 -78.94 -4.51 37.82
CA THR F 466 -78.37 -4.27 36.50
C THR F 466 -77.11 -5.10 36.32
N THR F 467 -77.07 -5.88 35.26
CA THR F 467 -75.87 -6.62 34.91
C THR F 467 -74.86 -5.68 34.25
N VAL F 468 -73.61 -5.80 34.68
CA VAL F 468 -72.55 -4.97 34.13
C VAL F 468 -71.39 -5.86 33.72
N LEU F 469 -70.65 -5.41 32.71
CA LEU F 469 -69.45 -6.12 32.30
C LEU F 469 -68.42 -6.08 33.42
N SER F 470 -67.78 -7.20 33.67
CA SER F 470 -66.78 -7.26 34.73
C SER F 470 -65.71 -6.21 34.53
N GLU F 471 -65.38 -5.51 35.60
CA GLU F 471 -64.41 -4.42 35.48
C GLU F 471 -63.04 -4.95 35.05
N ASP F 472 -62.66 -6.11 35.57
CA ASP F 472 -61.35 -6.67 35.25
C ASP F 472 -61.33 -7.35 33.89
N ALA F 473 -62.47 -7.49 33.22
CA ALA F 473 -62.48 -8.04 31.87
C ALA F 473 -62.02 -7.03 30.84
N PHE F 474 -62.00 -5.76 31.19
CA PHE F 474 -61.53 -4.74 30.26
C PHE F 474 -60.02 -4.85 30.06
N PRO F 475 -59.53 -4.51 28.89
CA PRO F 475 -58.08 -4.39 28.72
C PRO F 475 -57.56 -3.22 29.55
N ASP F 476 -56.32 -3.35 30.02
CA ASP F 476 -55.72 -2.29 30.81
C ASP F 476 -55.60 -1.02 29.97
N SER F 477 -55.87 0.12 30.60
CA SER F 477 -55.89 1.38 29.87
C SER F 477 -54.53 1.71 29.29
N SER F 478 -53.47 1.46 30.04
CA SER F 478 -52.12 1.76 29.55
C SER F 478 -51.75 0.91 28.35
N GLN F 479 -52.40 -0.23 28.16
CA GLN F 479 -52.00 -1.16 27.13
C GLN F 479 -52.28 -0.58 25.74
N SER F 480 -51.63 -1.16 24.74
CA SER F 480 -51.76 -0.70 23.37
C SER F 480 -52.45 -1.77 22.52
N ILE F 481 -52.94 -1.33 21.36
CA ILE F 481 -53.68 -2.22 20.47
C ILE F 481 -52.81 -3.37 19.99
N THR F 482 -51.51 -3.14 19.87
CA THR F 482 -50.62 -4.18 19.37
C THR F 482 -50.50 -5.36 20.31
N HIS F 483 -50.96 -5.24 21.55
CA HIS F 483 -50.90 -6.35 22.49
C HIS F 483 -52.09 -7.24 22.24
N LEU F 484 -51.86 -8.34 21.52
CA LEU F 484 -52.95 -9.20 21.07
C LEU F 484 -53.89 -9.67 22.17
N PRO F 485 -53.42 -10.13 23.34
CA PRO F 485 -54.39 -10.56 24.36
C PRO F 485 -55.36 -9.47 24.72
N SER F 486 -54.90 -8.22 24.77
CA SER F 486 -55.82 -7.11 25.00
C SER F 486 -56.81 -6.99 23.86
N MET F 487 -56.36 -7.19 22.62
CA MET F 487 -57.25 -7.04 21.48
C MET F 487 -58.40 -8.03 21.56
N TRP F 488 -58.11 -9.27 21.93
CA TRP F 488 -59.16 -10.26 22.06
C TRP F 488 -60.17 -9.85 23.12
N LYS F 489 -59.68 -9.35 24.25
CA LYS F 489 -60.58 -8.87 25.30
C LYS F 489 -61.56 -7.86 24.74
N CYS F 490 -61.06 -6.92 23.94
CA CYS F 490 -61.94 -5.91 23.38
C CYS F 490 -62.97 -6.55 22.47
N LEU F 491 -62.57 -7.54 21.68
CA LEU F 491 -63.52 -8.21 20.80
C LEU F 491 -64.63 -8.88 21.60
N PHE F 492 -64.26 -9.69 22.59
CA PHE F 492 -65.26 -10.35 23.41
C PHE F 492 -66.11 -9.31 24.13
N LEU F 493 -65.48 -8.25 24.61
CA LEU F 493 -66.24 -7.19 25.27
C LEU F 493 -67.29 -6.62 24.34
N THR F 494 -66.93 -6.41 23.07
CA THR F 494 -67.89 -5.85 22.12
C THR F 494 -69.05 -6.80 21.89
N LEU F 495 -68.77 -8.09 21.71
CA LEU F 495 -69.82 -9.03 21.37
C LEU F 495 -70.86 -9.11 22.47
N ALA F 496 -70.42 -9.17 23.72
CA ALA F 496 -71.33 -9.34 24.85
C ALA F 496 -71.97 -8.04 25.30
N GLY F 497 -71.80 -6.97 24.53
CA GLY F 497 -72.33 -5.69 24.92
C GLY F 497 -73.83 -5.69 25.13
N PRO F 498 -74.59 -5.88 24.04
CA PRO F 498 -76.04 -5.73 24.13
C PRO F 498 -76.72 -6.69 25.09
N MET F 499 -76.04 -7.73 25.54
CA MET F 499 -76.68 -8.67 26.46
C MET F 499 -76.93 -8.04 27.83
N THR F 500 -76.03 -7.18 28.29
CA THR F 500 -76.20 -6.59 29.61
C THR F 500 -77.31 -5.56 29.61
N SER F 501 -77.71 -5.14 30.80
CA SER F 501 -78.80 -4.18 30.97
C SER F 501 -78.32 -2.78 31.32
N ASP F 502 -77.04 -2.58 31.54
CA ASP F 502 -76.52 -1.26 31.89
C ASP F 502 -76.75 -0.30 30.72
N PRO F 503 -77.45 0.81 30.93
CA PRO F 503 -77.62 1.77 29.85
C PRO F 503 -76.31 2.34 29.33
N HIS F 504 -75.28 2.41 30.17
CA HIS F 504 -74.01 2.95 29.74
C HIS F 504 -73.17 1.95 28.96
N SER F 505 -73.65 0.72 28.81
CA SER F 505 -72.88 -0.31 28.12
C SER F 505 -72.39 0.12 26.74
N PRO F 506 -73.19 0.73 25.87
CA PRO F 506 -72.66 1.13 24.56
C PRO F 506 -71.45 2.05 24.66
N VAL F 507 -71.52 3.07 25.52
CA VAL F 507 -70.40 3.99 25.65
C VAL F 507 -69.17 3.25 26.15
N LYS F 508 -69.35 2.39 27.16
CA LYS F 508 -68.22 1.65 27.68
C LYS F 508 -67.55 0.81 26.61
N VAL F 509 -68.36 0.15 25.78
CA VAL F 509 -67.81 -0.63 24.68
C VAL F 509 -66.99 0.27 23.77
N PHE F 510 -67.55 1.43 23.43
CA PHE F 510 -66.84 2.34 22.54
C PHE F 510 -65.51 2.77 23.13
N MET F 511 -65.51 3.21 24.38
CA MET F 511 -64.30 3.74 24.97
C MET F 511 -63.22 2.67 25.07
N ALA F 512 -63.63 1.43 25.32
CA ALA F 512 -62.65 0.35 25.47
C ALA F 512 -61.71 0.31 24.28
N LEU F 513 -62.26 0.34 23.07
CA LEU F 513 -61.40 0.41 21.89
C LEU F 513 -60.64 1.72 21.87
N ALA F 514 -61.29 2.82 22.25
CA ALA F 514 -60.62 4.12 22.21
C ALA F 514 -59.37 4.12 23.08
N ASN F 515 -59.43 3.43 24.21
CA ASN F 515 -58.24 3.34 25.06
C ASN F 515 -57.10 2.66 24.33
N LEU F 516 -57.39 1.57 23.63
CA LEU F 516 -56.33 0.84 22.94
C LEU F 516 -55.75 1.60 21.77
N LEU F 517 -56.48 2.56 21.23
CA LEU F 517 -56.03 3.30 20.05
C LEU F 517 -55.60 4.71 20.39
N ALA F 518 -55.21 4.96 21.64
CA ALA F 518 -54.81 6.30 22.03
C ALA F 518 -53.61 6.78 21.24
N GLN F 519 -52.64 5.92 21.03
CA GLN F 519 -51.44 6.33 20.31
C GLN F 519 -51.70 6.44 18.81
N PRO F 520 -52.19 5.40 18.14
CA PRO F 520 -52.30 5.50 16.67
C PRO F 520 -53.39 6.44 16.23
N GLU F 521 -54.51 6.51 16.94
CA GLU F 521 -55.64 7.36 16.55
C GLU F 521 -56.05 8.21 17.75
N PRO F 522 -55.29 9.26 18.06
CA PRO F 522 -55.70 10.17 19.11
C PRO F 522 -56.82 11.07 18.64
N ILE F 523 -57.81 11.28 19.52
CA ILE F 523 -58.92 12.18 19.26
C ILE F 523 -59.18 13.01 20.50
N ALA F 524 -59.96 14.08 20.31
CA ALA F 524 -60.30 14.99 21.40
C ALA F 524 -61.63 14.54 22.01
N ILE F 525 -61.58 14.06 23.24
CA ILE F 525 -62.80 13.73 23.98
C ILE F 525 -63.29 15.01 24.63
N GLY F 526 -64.36 15.58 24.09
CA GLY F 526 -64.83 16.87 24.55
C GLY F 526 -65.55 16.83 25.87
N VAL F 527 -64.93 16.20 26.87
CA VAL F 527 -65.51 16.18 28.21
C VAL F 527 -64.46 16.66 29.21
N PRO F 528 -64.66 17.80 29.85
CA PRO F 528 -63.67 18.29 30.81
C PRO F 528 -63.55 17.34 31.99
N GLY F 529 -62.33 16.90 32.25
CA GLY F 529 -62.05 15.95 33.31
C GLY F 529 -61.84 14.53 32.85
N MET F 530 -61.94 14.26 31.55
CA MET F 530 -61.74 12.92 31.02
C MET F 530 -60.69 12.96 29.93
N HIS F 531 -60.11 11.79 29.65
CA HIS F 531 -59.11 11.67 28.61
C HIS F 531 -59.30 10.34 27.89
N GLN F 532 -58.71 10.25 26.70
CA GLN F 532 -58.83 9.02 25.93
C GLN F 532 -58.22 7.83 26.66
N THR F 533 -57.37 8.08 27.64
CA THR F 533 -56.75 7.01 28.42
C THR F 533 -57.44 6.79 29.76
N THR F 534 -58.53 7.48 30.03
CA THR F 534 -59.30 7.17 31.22
C THR F 534 -59.84 5.75 31.10
N PRO F 535 -59.77 4.94 32.16
CA PRO F 535 -60.26 3.57 32.06
C PRO F 535 -61.72 3.53 31.60
N ALA F 536 -61.97 2.74 30.56
CA ALA F 536 -63.27 2.79 29.90
C ALA F 536 -64.40 2.42 30.86
N SER F 537 -64.15 1.48 31.75
CA SER F 537 -65.21 1.03 32.65
C SER F 537 -65.73 2.15 33.53
N GLN F 538 -64.98 3.23 33.69
CA GLN F 538 -65.40 4.31 34.56
C GLN F 538 -66.37 5.27 33.90
N PHE F 539 -66.53 5.22 32.59
CA PHE F 539 -67.51 6.06 31.90
C PHE F 539 -68.89 5.50 32.23
N SER F 540 -69.41 5.89 33.38
CA SER F 540 -70.59 5.27 33.95
C SER F 540 -71.64 6.31 34.32
N HIS F 541 -71.87 7.27 33.43
CA HIS F 541 -72.84 8.31 33.70
C HIS F 541 -73.21 9.02 32.42
N PRO F 542 -74.44 9.51 32.27
CA PRO F 542 -74.71 10.44 31.19
C PRO F 542 -73.96 11.73 31.44
N GLY F 543 -73.80 12.52 30.39
CA GLY F 543 -73.04 13.74 30.49
C GLY F 543 -71.55 13.56 30.40
N VAL F 544 -71.01 12.38 30.70
CA VAL F 544 -69.63 12.08 30.36
C VAL F 544 -69.55 11.29 29.06
N TRP F 545 -70.65 11.17 28.33
CA TRP F 545 -70.62 10.56 27.03
C TRP F 545 -69.87 11.47 26.06
N PRO F 546 -68.82 11.00 25.42
CA PRO F 546 -68.06 11.86 24.50
C PRO F 546 -68.95 12.39 23.40
N PRO F 547 -68.83 13.68 23.09
CA PRO F 547 -69.67 14.25 22.03
C PRO F 547 -69.47 13.57 20.69
N GLY F 548 -68.25 13.15 20.38
CA GLY F 548 -68.02 12.42 19.15
C GLY F 548 -68.83 11.15 19.07
N PHE F 549 -68.98 10.46 20.20
CA PHE F 549 -69.85 9.29 20.23
C PHE F 549 -71.29 9.67 19.96
N LEU F 550 -71.73 10.82 20.46
CA LEU F 550 -73.07 11.29 20.15
C LEU F 550 -73.20 11.65 18.68
N ASN F 551 -72.15 12.21 18.10
CA ASN F 551 -72.17 12.65 16.71
C ASN F 551 -70.86 12.24 16.05
N PRO F 552 -70.84 11.10 15.39
CA PRO F 552 -69.58 10.61 14.80
C PRO F 552 -69.01 11.52 13.73
N GLN F 553 -69.79 12.46 13.21
CA GLN F 553 -69.26 13.38 12.21
C GLN F 553 -68.14 14.23 12.75
N LEU F 554 -68.00 14.33 14.08
CA LEU F 554 -66.94 15.11 14.68
C LEU F 554 -65.60 14.41 14.63
N ILE F 555 -65.52 13.21 14.07
CA ILE F 555 -64.28 12.46 13.95
C ILE F 555 -63.86 12.50 12.49
N ASN F 556 -62.67 13.00 12.23
CA ASN F 556 -62.22 13.13 10.85
C ASN F 556 -61.90 11.75 10.30
N PRO F 557 -62.55 11.32 9.22
CA PRO F 557 -62.28 9.97 8.69
C PRO F 557 -60.83 9.76 8.32
N GLN F 558 -60.18 10.76 7.74
CA GLN F 558 -58.78 10.61 7.37
C GLN F 558 -57.91 10.45 8.60
N GLN F 559 -58.19 11.23 9.65
CA GLN F 559 -57.30 11.26 10.81
C GLN F 559 -57.43 10.01 11.66
N ALA F 560 -58.65 9.50 11.85
CA ALA F 560 -58.89 8.36 12.72
C ALA F 560 -59.97 7.47 12.09
N PRO F 561 -59.60 6.71 11.06
CA PRO F 561 -60.62 5.92 10.35
C PRO F 561 -61.29 4.89 11.22
N LEU F 562 -60.52 4.12 11.99
CA LEU F 562 -61.10 3.01 12.75
C LEU F 562 -62.14 3.51 13.74
N LEU F 563 -61.82 4.54 14.50
CA LEU F 563 -62.74 5.01 15.51
C LEU F 563 -64.04 5.51 14.90
N ARG F 564 -63.95 6.26 13.81
CA ARG F 564 -65.16 6.75 13.16
C ARG F 564 -66.01 5.58 12.67
N ALA F 565 -65.38 4.62 12.00
CA ALA F 565 -66.12 3.45 11.55
C ALA F 565 -66.75 2.72 12.72
N PHE F 566 -65.99 2.56 13.81
CA PHE F 566 -66.51 1.85 14.97
C PHE F 566 -67.74 2.55 15.53
N ALA F 567 -67.66 3.88 15.69
CA ALA F 567 -68.79 4.62 16.23
C ALA F 567 -70.01 4.48 15.34
N GLU F 568 -69.82 4.65 14.03
CA GLU F 568 -70.94 4.51 13.11
C GLU F 568 -71.50 3.10 13.17
N HIS F 569 -70.62 2.11 13.33
CA HIS F 569 -71.09 0.73 13.44
C HIS F 569 -72.01 0.57 14.64
N ILE F 570 -71.65 1.16 15.77
CA ILE F 570 -72.47 1.02 16.98
C ILE F 570 -73.83 1.65 16.75
N ARG F 571 -73.85 2.90 16.30
CA ARG F 571 -75.12 3.58 16.10
C ARG F 571 -75.98 2.88 15.07
N ALA F 572 -75.35 2.25 14.08
CA ALA F 572 -76.12 1.59 13.04
C ALA F 572 -76.69 0.26 13.49
N ASN F 573 -75.97 -0.48 14.33
CA ASN F 573 -76.29 -1.88 14.56
C ASN F 573 -76.72 -2.22 15.98
N TRP F 574 -76.60 -1.30 16.94
CA TRP F 574 -77.03 -1.62 18.28
C TRP F 574 -78.54 -1.88 18.28
N PRO F 575 -79.01 -2.97 18.88
CA PRO F 575 -80.38 -3.41 18.66
C PRO F 575 -81.41 -2.42 19.18
N GLN F 576 -82.57 -2.46 18.57
CA GLN F 576 -83.73 -1.66 18.96
C GLN F 576 -84.56 -2.41 19.98
N PRO F 577 -84.86 -1.80 21.12
CA PRO F 577 -85.71 -2.47 22.11
C PRO F 577 -87.16 -2.50 21.64
N SER F 578 -87.93 -3.37 22.27
CA SER F 578 -89.34 -3.51 21.96
C SER F 578 -90.08 -3.94 23.21
N GLU F 579 -91.33 -4.36 23.03
CA GLU F 579 -92.17 -4.71 24.16
C GLU F 579 -93.16 -5.80 23.74
N PHE F 580 -93.81 -6.40 24.73
CA PHE F 580 -94.82 -7.41 24.47
C PHE F 580 -95.67 -7.56 25.71
N GLY F 581 -96.90 -8.02 25.50
CA GLY F 581 -97.82 -8.21 26.61
C GLY F 581 -97.52 -9.49 27.36
N TYR F 582 -98.12 -9.58 28.55
CA TYR F 582 -97.96 -10.75 29.39
C TYR F 582 -99.10 -10.77 30.40
N GLY F 583 -99.26 -11.92 31.05
CA GLY F 583 -100.27 -12.06 32.08
C GLY F 583 -101.67 -12.05 31.50
N SER F 584 -102.64 -12.11 32.41
CA SER F 584 -104.04 -12.13 32.05
C SER F 584 -104.68 -10.78 32.33
N THR F 585 -105.57 -10.36 31.43
CA THR F 585 -106.29 -9.12 31.63
C THR F 585 -107.26 -9.18 32.80
N LEU F 586 -107.53 -10.36 33.33
CA LEU F 586 -108.44 -10.53 34.44
C LEU F 586 -107.78 -10.33 35.80
N GLN F 587 -106.48 -10.09 35.84
CA GLN F 587 -105.74 -10.00 37.09
C GLN F 587 -105.20 -8.58 37.28
N GLY F 588 -104.50 -8.40 38.40
CA GLY F 588 -103.90 -7.12 38.70
C GLY F 588 -102.69 -6.85 37.82
N SER F 589 -102.19 -5.62 37.93
CA SER F 589 -101.10 -5.17 37.06
C SER F 589 -99.73 -5.39 37.69
N ALA F 590 -99.51 -4.83 38.87
CA ALA F 590 -98.22 -4.83 39.56
C ALA F 590 -97.13 -4.12 38.76
N ASN F 591 -97.50 -3.32 37.78
CA ASN F 591 -96.54 -2.56 36.98
C ASN F 591 -96.51 -1.13 37.46
N LEU F 592 -95.31 -0.59 37.65
CA LEU F 592 -95.18 0.77 38.16
C LEU F 592 -95.07 1.78 37.03
N PHE F 593 -94.05 1.64 36.19
CA PHE F 593 -93.79 2.61 35.14
C PHE F 593 -94.26 2.13 33.78
N ILE F 594 -94.06 0.87 33.46
CA ILE F 594 -94.49 0.30 32.19
C ILE F 594 -96.00 0.13 32.26
N PRO F 595 -96.72 0.34 31.17
CA PRO F 595 -98.18 0.17 31.18
C PRO F 595 -98.57 -1.22 31.65
N PRO F 596 -99.79 -1.38 32.18
CA PRO F 596 -100.17 -2.67 32.75
C PRO F 596 -100.18 -3.78 31.71
N ASN F 597 -99.91 -5.00 32.19
CA ASN F 597 -99.90 -6.19 31.34
C ASN F 597 -98.98 -5.99 30.14
N ARG F 598 -97.80 -5.46 30.42
CA ARG F 598 -96.84 -5.15 29.36
C ARG F 598 -95.44 -5.36 29.91
N MET F 599 -94.50 -5.61 29.00
CA MET F 599 -93.12 -5.84 29.40
C MET F 599 -92.21 -5.37 28.28
N VAL F 600 -91.09 -4.77 28.66
CA VAL F 600 -90.15 -4.23 27.69
C VAL F 600 -89.01 -5.23 27.50
N TYR F 601 -88.30 -5.08 26.38
CA TYR F 601 -87.38 -6.10 25.94
C TYR F 601 -86.24 -5.48 25.14
N PRO F 602 -84.99 -5.80 25.47
CA PRO F 602 -83.87 -5.13 24.79
C PRO F 602 -83.82 -5.36 23.30
N TRP F 603 -84.30 -6.49 22.82
CA TRP F 603 -84.22 -6.84 21.42
C TRP F 603 -85.60 -6.78 20.77
N PRO F 604 -85.65 -6.66 19.45
CA PRO F 604 -86.94 -6.82 18.76
C PRO F 604 -87.42 -8.26 18.88
N ASN F 605 -88.74 -8.41 18.89
CA ASN F 605 -89.34 -9.72 19.05
C ASN F 605 -90.44 -9.90 18.01
N GLN F 606 -90.61 -11.15 17.59
CA GLN F 606 -91.58 -11.51 16.58
C GLN F 606 -92.18 -12.86 16.94
N PRO F 607 -93.35 -13.18 16.39
CA PRO F 607 -93.94 -14.50 16.64
C PRO F 607 -93.01 -15.62 16.20
N LEU F 608 -93.38 -16.83 16.57
CA LEU F 608 -92.54 -17.99 16.29
C LEU F 608 -92.84 -18.52 14.90
N PRO F 609 -91.91 -18.44 13.96
CA PRO F 609 -92.17 -18.93 12.61
C PRO F 609 -91.76 -20.38 12.45
N ARG F 610 -91.94 -20.91 11.24
CA ARG F 610 -91.35 -22.20 10.91
C ARG F 610 -89.83 -22.10 10.98
N LEU F 611 -89.20 -23.15 11.49
CA LEU F 611 -87.77 -23.10 11.74
C LEU F 611 -86.96 -23.36 10.48
N THR F 612 -87.19 -22.58 9.44
CA THR F 612 -86.47 -22.76 8.19
C THR F 612 -85.20 -21.91 8.18
N VAL F 613 -84.54 -21.84 7.02
CA VAL F 613 -83.20 -21.27 6.96
C VAL F 613 -83.23 -19.76 7.17
N ALA F 614 -84.19 -19.07 6.55
CA ALA F 614 -84.16 -17.61 6.59
C ALA F 614 -84.22 -17.05 7.99
N PRO F 615 -85.16 -17.44 8.86
CA PRO F 615 -85.13 -16.92 10.22
C PRO F 615 -83.90 -17.33 11.00
N THR F 616 -83.20 -18.38 10.56
CA THR F 616 -82.01 -18.81 11.28
C THR F 616 -80.90 -17.76 11.23
N TYR F 617 -80.84 -16.97 10.17
CA TYR F 617 -79.72 -16.07 9.97
C TYR F 617 -80.10 -14.60 9.84
N ASP F 618 -81.38 -14.26 9.86
CA ASP F 618 -81.81 -12.89 9.67
C ASP F 618 -81.99 -12.13 10.97
N SER F 619 -81.80 -12.77 12.11
CA SER F 619 -82.12 -12.15 13.38
C SER F 619 -81.20 -10.97 13.66
N ALA F 620 -81.70 -10.02 14.45
CA ALA F 620 -80.93 -8.84 14.77
C ALA F 620 -79.64 -9.19 15.48
N MET F 621 -79.70 -10.12 16.43
CA MET F 621 -78.49 -10.53 17.14
C MET F 621 -77.46 -11.10 16.18
N SER F 622 -77.91 -11.94 15.24
CA SER F 622 -76.99 -12.46 14.23
C SER F 622 -76.38 -11.33 13.43
N ASN F 623 -77.18 -10.32 13.08
CA ASN F 623 -76.63 -9.16 12.39
C ASN F 623 -75.56 -8.49 13.23
N TRP F 624 -75.82 -8.34 14.53
CA TRP F 624 -74.85 -7.71 15.40
C TRP F 624 -73.54 -8.48 15.41
N ILE F 625 -73.63 -9.81 15.49
CA ILE F 625 -72.42 -10.62 15.48
C ILE F 625 -71.69 -10.49 14.17
N SER F 626 -72.41 -10.61 13.05
CA SER F 626 -71.76 -10.62 11.74
C SER F 626 -71.03 -9.31 11.50
N THR F 627 -71.69 -8.18 11.73
CA THR F 627 -71.06 -6.89 11.51
C THR F 627 -69.86 -6.70 12.42
N THR F 628 -70.00 -7.08 13.69
CA THR F 628 -68.93 -6.86 14.65
C THR F 628 -67.66 -7.61 14.22
N ILE F 629 -67.80 -8.91 13.95
CA ILE F 629 -66.63 -9.69 13.55
C ILE F 629 -66.07 -9.15 12.24
N ALA F 630 -66.95 -8.76 11.32
CA ALA F 630 -66.49 -8.15 10.08
C ALA F 630 -65.63 -6.93 10.38
N PHE F 631 -66.03 -6.14 11.37
CA PHE F 631 -65.28 -4.94 11.71
C PHE F 631 -63.91 -5.28 12.26
N PHE F 632 -63.85 -6.19 13.23
CA PHE F 632 -62.57 -6.50 13.84
C PHE F 632 -61.61 -7.13 12.84
N ILE F 633 -62.14 -7.76 11.80
CA ILE F 633 -61.27 -8.38 10.80
C ILE F 633 -60.43 -7.32 10.11
N ARG F 634 -61.08 -6.25 9.64
CA ARG F 634 -60.30 -5.17 9.04
C ARG F 634 -59.46 -4.45 10.08
N VAL F 635 -59.79 -4.59 11.36
CA VAL F 635 -58.94 -4.02 12.40
C VAL F 635 -57.62 -4.75 12.47
N VAL F 636 -57.67 -6.08 12.63
CA VAL F 636 -56.44 -6.84 12.79
C VAL F 636 -55.60 -6.78 11.53
N ASN F 637 -56.21 -6.56 10.38
CA ASN F 637 -55.48 -6.43 9.13
C ASN F 637 -54.99 -5.02 8.89
N SER F 638 -55.24 -4.10 9.81
CA SER F 638 -54.77 -2.73 9.63
C SER F 638 -53.25 -2.70 9.65
N VAL F 639 -52.71 -1.65 9.03
CA VAL F 639 -51.26 -1.53 8.90
C VAL F 639 -50.58 -1.40 10.26
N ASN F 640 -51.30 -0.88 11.25
CA ASN F 640 -50.67 -0.58 12.53
C ASN F 640 -50.26 -1.83 13.30
N MET F 641 -50.88 -2.97 13.03
CA MET F 641 -50.59 -4.17 13.79
C MET F 641 -49.24 -4.80 13.43
N THR F 642 -48.49 -4.19 12.52
CA THR F 642 -47.29 -4.84 12.00
C THR F 642 -46.24 -5.05 13.07
N ALA F 643 -46.25 -4.24 14.14
CA ALA F 643 -45.22 -4.34 15.15
C ALA F 643 -45.22 -5.71 15.82
N THR F 644 -46.36 -6.37 15.86
CA THR F 644 -46.48 -7.67 16.48
C THR F 644 -46.93 -8.75 15.51
N VAL F 645 -47.75 -8.41 14.53
CA VAL F 645 -48.46 -9.41 13.72
C VAL F 645 -47.71 -9.54 12.40
N ASN F 646 -46.98 -10.63 12.24
CA ASN F 646 -46.44 -10.98 10.94
C ASN F 646 -47.55 -11.52 10.05
N ASP F 647 -47.20 -11.85 8.81
CA ASP F 647 -48.20 -12.34 7.88
C ASP F 647 -48.84 -13.63 8.38
N LEU F 648 -48.02 -14.56 8.85
CA LEU F 648 -48.56 -15.85 9.30
C LEU F 648 -49.55 -15.66 10.43
N THR F 649 -49.18 -14.86 11.42
CA THR F 649 -50.12 -14.57 12.50
C THR F 649 -51.34 -13.85 11.97
N ARG F 650 -51.14 -12.91 11.04
CA ARG F 650 -52.27 -12.14 10.52
C ARG F 650 -53.31 -13.05 9.90
N ARG F 651 -52.87 -14.00 9.07
CA ARG F 651 -53.81 -14.96 8.52
C ARG F 651 -54.39 -15.84 9.61
N THR F 652 -53.56 -16.24 10.58
CA THR F 652 -54.04 -17.11 11.64
C THR F 652 -55.16 -16.45 12.43
N MET F 653 -54.95 -15.19 12.84
CA MET F 653 -56.00 -14.47 13.54
C MET F 653 -57.23 -14.34 12.65
N THR F 654 -57.03 -14.03 11.38
CA THR F 654 -58.16 -13.88 10.46
C THR F 654 -58.96 -15.16 10.38
N GLY F 655 -58.27 -16.29 10.25
CA GLY F 655 -58.97 -17.56 10.17
C GLY F 655 -59.81 -17.84 11.39
N VAL F 656 -59.30 -17.47 12.57
CA VAL F 656 -60.05 -17.69 13.80
C VAL F 656 -61.33 -16.87 13.80
N MET F 657 -61.23 -15.59 13.46
CA MET F 657 -62.39 -14.72 13.51
C MET F 657 -63.46 -15.18 12.53
N THR F 658 -63.06 -15.47 11.29
CA THR F 658 -64.05 -15.88 10.30
C THR F 658 -64.68 -17.21 10.69
N ALA F 659 -63.90 -18.09 11.33
CA ALA F 659 -64.47 -19.34 11.81
C ALA F 659 -65.53 -19.06 12.86
N MET F 660 -65.25 -18.15 13.79
CA MET F 660 -66.24 -17.77 14.78
C MET F 660 -67.49 -17.20 14.12
N ARG F 661 -67.31 -16.48 13.02
CA ARG F 661 -68.45 -15.86 12.37
C ARG F 661 -69.29 -16.89 11.62
N GLN F 662 -68.67 -17.95 11.11
CA GLN F 662 -69.38 -18.83 10.21
C GLN F 662 -70.20 -19.90 10.93
N VAL F 663 -69.80 -20.30 12.13
CA VAL F 663 -70.43 -21.44 12.76
C VAL F 663 -71.89 -21.15 13.07
N LYS F 664 -72.74 -22.14 12.83
CA LYS F 664 -74.16 -21.99 13.10
C LYS F 664 -74.42 -21.93 14.59
N THR F 665 -75.40 -21.13 14.98
CA THR F 665 -75.87 -21.08 16.35
C THR F 665 -77.34 -20.70 16.34
N MET F 666 -78.14 -21.37 17.16
CA MET F 666 -79.55 -21.06 17.25
C MET F 666 -79.86 -20.00 18.30
N THR F 667 -78.86 -19.60 19.09
CA THR F 667 -79.09 -18.61 20.13
C THR F 667 -79.77 -17.36 19.64
N PRO F 668 -79.32 -16.71 18.55
CA PRO F 668 -80.04 -15.50 18.11
C PRO F 668 -81.48 -15.75 17.77
N PHE F 669 -81.77 -16.89 17.13
CA PHE F 669 -83.16 -17.21 16.84
C PHE F 669 -83.96 -17.38 18.11
N TYR F 670 -83.38 -18.06 19.11
CA TYR F 670 -84.08 -18.27 20.36
C TYR F 670 -84.40 -16.95 21.03
N ILE F 671 -83.46 -16.01 21.00
CA ILE F 671 -83.69 -14.71 21.62
C ILE F 671 -84.83 -13.99 20.94
N GLN F 672 -84.86 -14.00 19.61
CA GLN F 672 -85.79 -13.16 18.88
C GLN F 672 -87.18 -13.76 18.77
N HIS F 673 -87.33 -15.07 18.87
CA HIS F 673 -88.62 -15.70 18.60
C HIS F 673 -89.12 -16.63 19.68
N MET F 674 -88.30 -17.06 20.62
CA MET F 674 -88.75 -18.01 21.63
C MET F 674 -88.60 -17.51 23.05
N CYS F 675 -87.49 -16.86 23.36
CA CYS F 675 -87.27 -16.34 24.71
C CYS F 675 -88.40 -15.44 25.21
N PRO F 676 -88.93 -14.49 24.42
CA PRO F 676 -90.01 -13.65 24.96
C PRO F 676 -91.21 -14.46 25.42
N THR F 677 -91.53 -15.55 24.73
CA THR F 677 -92.63 -16.39 25.18
C THR F 677 -92.34 -16.95 26.57
N GLU F 678 -91.13 -17.45 26.78
CA GLU F 678 -90.79 -18.02 28.07
C GLU F 678 -90.84 -16.98 29.17
N LEU F 679 -90.31 -15.79 28.91
CA LEU F 679 -90.37 -14.73 29.90
C LEU F 679 -91.82 -14.37 30.23
N SER F 680 -92.66 -14.28 29.21
CA SER F 680 -94.04 -13.85 29.42
C SER F 680 -94.76 -14.81 30.36
N VAL F 681 -94.64 -16.11 30.13
CA VAL F 681 -95.36 -17.06 30.95
C VAL F 681 -94.77 -17.11 32.36
N LEU F 682 -93.44 -17.08 32.46
CA LEU F 682 -92.82 -17.17 33.78
C LEU F 682 -93.21 -15.99 34.66
N ALA F 683 -93.26 -14.80 34.08
CA ALA F 683 -93.63 -13.63 34.87
C ALA F 683 -95.02 -13.77 35.46
N SER F 684 -95.89 -14.55 34.83
CA SER F 684 -97.24 -14.70 35.32
C SER F 684 -97.36 -15.61 36.52
N VAL F 685 -96.30 -16.34 36.87
CA VAL F 685 -96.37 -17.30 37.95
C VAL F 685 -95.35 -17.06 39.05
N THR F 686 -94.27 -16.34 38.79
CA THR F 686 -93.31 -16.05 39.85
C THR F 686 -93.96 -15.22 40.93
N VAL F 687 -93.57 -15.47 42.18
CA VAL F 687 -94.23 -14.80 43.30
C VAL F 687 -93.92 -13.31 43.28
N THR F 688 -92.77 -12.91 42.74
CA THR F 688 -92.44 -11.50 42.67
C THR F 688 -92.59 -11.02 41.24
N PRO F 689 -93.55 -10.13 40.96
CA PRO F 689 -93.77 -9.70 39.58
C PRO F 689 -92.58 -8.92 39.06
N PRO F 690 -92.42 -8.82 37.74
CA PRO F 690 -91.26 -8.12 37.20
C PRO F 690 -91.25 -6.64 37.58
N PHE F 691 -90.05 -6.11 37.70
CA PHE F 691 -89.83 -4.70 38.04
C PHE F 691 -88.94 -4.12 36.96
N GLN F 692 -89.47 -3.19 36.16
CA GLN F 692 -88.77 -2.76 34.96
C GLN F 692 -88.79 -1.24 34.84
N VAL F 693 -87.79 -0.74 34.12
CA VAL F 693 -87.75 0.65 33.67
C VAL F 693 -87.39 0.62 32.20
N PRO F 694 -87.84 1.59 31.40
CA PRO F 694 -87.69 1.47 29.94
C PRO F 694 -86.24 1.50 29.50
N PHE F 695 -85.96 0.75 28.43
CA PHE F 695 -84.68 0.82 27.75
C PHE F 695 -84.65 2.05 26.84
N THR F 696 -83.45 2.51 26.52
CA THR F 696 -83.30 3.80 25.86
C THR F 696 -82.30 3.85 24.72
N ARG F 697 -81.57 2.78 24.42
CA ARG F 697 -80.49 2.81 23.45
C ARG F 697 -79.56 3.98 23.68
N LEU F 698 -79.57 4.95 22.75
CA LEU F 698 -78.57 6.02 22.76
C LEU F 698 -79.18 7.41 22.94
N VAL F 699 -80.44 7.51 23.33
CA VAL F 699 -81.06 8.81 23.55
C VAL F 699 -80.53 9.34 24.87
N GLN F 700 -79.55 10.24 24.81
CA GLN F 700 -78.85 10.65 26.03
C GLN F 700 -79.79 11.29 27.03
N ASN F 701 -80.68 12.17 26.56
CA ASN F 701 -81.55 12.88 27.49
C ASN F 701 -82.48 11.96 28.26
N ASP F 702 -82.76 10.78 27.72
CA ASP F 702 -83.68 9.87 28.37
C ASP F 702 -83.01 8.89 29.31
N VAL F 703 -81.67 8.91 29.41
CA VAL F 703 -80.99 7.99 30.28
C VAL F 703 -81.41 8.22 31.73
N ILE F 704 -81.72 7.14 32.42
CA ILE F 704 -82.12 7.22 33.82
C ILE F 704 -80.87 7.34 34.67
N THR F 705 -80.88 8.30 35.59
CA THR F 705 -79.78 8.49 36.52
C THR F 705 -80.05 7.97 37.91
N ASN F 706 -81.30 7.97 38.36
CA ASN F 706 -81.61 7.56 39.71
C ASN F 706 -83.00 6.95 39.77
N VAL F 707 -83.19 6.06 40.73
CA VAL F 707 -84.49 5.51 41.07
C VAL F 707 -84.69 5.70 42.56
N LEU F 708 -85.72 6.45 42.93
CA LEU F 708 -85.90 6.83 44.32
C LEU F 708 -87.34 6.58 44.74
N VAL F 709 -87.51 6.20 46.01
CA VAL F 709 -88.82 6.06 46.62
C VAL F 709 -88.97 7.15 47.67
N ALA F 710 -90.10 7.85 47.64
CA ALA F 710 -90.34 8.97 48.54
C ALA F 710 -91.50 8.63 49.45
N ARG F 711 -91.27 8.74 50.75
CA ARG F 711 -92.35 8.55 51.70
C ARG F 711 -93.28 9.74 51.72
N VAL F 712 -92.76 10.93 51.45
CA VAL F 712 -93.56 12.14 51.27
C VAL F 712 -93.02 12.87 50.06
N ASP F 713 -93.92 13.35 49.21
CA ASP F 713 -93.48 14.10 48.04
C ASP F 713 -92.68 15.32 48.49
N PRO F 714 -91.63 15.69 47.76
CA PRO F 714 -90.67 16.68 48.30
C PRO F 714 -91.30 18.01 48.63
N ALA F 715 -92.37 18.40 47.94
CA ALA F 715 -92.99 19.69 48.23
C ALA F 715 -93.49 19.76 49.67
N GLN F 716 -93.90 18.63 50.23
CA GLN F 716 -94.40 18.60 51.60
C GLN F 716 -93.36 18.10 52.60
N ARG F 717 -92.24 17.57 52.12
CA ARG F 717 -91.24 17.01 53.00
C ARG F 717 -90.69 18.10 53.92
N GLY F 718 -90.59 17.79 55.22
CA GLY F 718 -90.11 18.78 56.16
C GLY F 718 -88.71 19.24 55.86
N ASP F 719 -87.84 18.31 55.49
CA ASP F 719 -86.48 18.63 55.08
C ASP F 719 -86.14 17.76 53.88
N ALA F 720 -85.05 18.10 53.20
CA ALA F 720 -84.69 17.41 51.98
C ALA F 720 -83.99 16.09 52.28
N ALA F 721 -84.59 15.26 53.13
CA ALA F 721 -84.13 13.89 53.26
C ALA F 721 -84.54 13.10 52.04
N VAL F 722 -83.61 12.29 51.52
CA VAL F 722 -83.84 11.55 50.29
C VAL F 722 -83.46 10.10 50.51
N ASP F 723 -83.88 9.27 49.55
CA ASP F 723 -83.59 7.84 49.61
C ASP F 723 -82.08 7.61 49.64
N ILE F 724 -81.67 6.63 50.44
CA ILE F 724 -80.26 6.28 50.56
C ILE F 724 -79.69 5.83 49.23
N ARG F 725 -80.55 5.43 48.29
CA ARG F 725 -80.13 4.99 46.97
C ARG F 725 -79.19 6.00 46.33
N ALA F 726 -79.47 7.28 46.54
CA ALA F 726 -78.71 8.34 45.90
C ALA F 726 -77.24 8.32 46.30
N THR F 727 -76.89 7.64 47.39
CA THR F 727 -75.49 7.54 47.77
C THR F 727 -74.71 6.65 46.81
N HIS F 728 -75.36 5.66 46.21
CA HIS F 728 -74.65 4.67 45.42
C HIS F 728 -74.32 5.21 44.03
N ALA F 729 -73.33 4.58 43.40
CA ALA F 729 -72.87 5.03 42.10
C ALA F 729 -73.84 4.71 40.98
N THR F 730 -74.67 3.67 41.14
CA THR F 730 -75.60 3.25 40.11
C THR F 730 -76.99 3.13 40.70
N PHE F 731 -77.99 3.40 39.87
CA PHE F 731 -79.37 3.42 40.34
C PHE F 731 -79.88 2.04 40.75
N ALA F 732 -79.17 0.98 40.42
CA ALA F 732 -79.59 -0.36 40.79
C ALA F 732 -78.40 -1.15 41.30
N ALA F 733 -78.69 -2.26 41.96
CA ALA F 733 -77.63 -3.14 42.44
C ALA F 733 -76.84 -3.69 41.27
N ALA F 734 -75.52 -3.63 41.37
CA ALA F 734 -74.66 -4.09 40.29
C ALA F 734 -74.46 -5.60 40.37
N LEU F 735 -74.30 -6.21 39.21
CA LEU F 735 -74.08 -7.66 39.11
C LEU F 735 -73.09 -7.90 37.97
N PRO F 736 -71.81 -8.01 38.29
CA PRO F 736 -70.81 -8.20 37.24
C PRO F 736 -70.96 -9.55 36.58
N VAL F 737 -70.64 -9.60 35.29
CA VAL F 737 -70.64 -10.82 34.51
C VAL F 737 -69.39 -10.87 33.65
N ASP F 738 -69.04 -12.07 33.23
CA ASP F 738 -67.84 -12.27 32.42
C ASP F 738 -68.24 -12.37 30.96
N PRO F 739 -67.82 -11.43 30.11
CA PRO F 739 -68.16 -11.53 28.69
C PRO F 739 -67.66 -12.80 28.05
N ALA F 740 -66.49 -13.30 28.49
CA ALA F 740 -65.94 -14.51 27.89
C ALA F 740 -66.91 -15.67 28.00
N ALA F 741 -67.64 -15.76 29.12
CA ALA F 741 -68.62 -16.82 29.25
C ALA F 741 -69.85 -16.56 28.40
N ILE F 742 -70.30 -15.31 28.36
CA ILE F 742 -71.51 -14.98 27.62
C ILE F 742 -71.33 -15.27 26.14
N VAL F 743 -70.17 -14.91 25.59
CA VAL F 743 -69.94 -15.08 24.17
C VAL F 743 -70.09 -16.54 23.77
N VAL F 744 -69.58 -17.45 24.59
CA VAL F 744 -69.67 -18.87 24.28
C VAL F 744 -71.13 -19.27 24.09
N ALA F 745 -71.98 -18.91 25.06
CA ALA F 745 -73.40 -19.21 24.95
C ALA F 745 -73.99 -18.58 23.70
N MET F 746 -73.53 -17.38 23.36
CA MET F 746 -74.03 -16.73 22.15
C MET F 746 -73.68 -17.54 20.91
N LEU F 747 -72.57 -18.26 20.93
CA LEU F 747 -72.08 -18.89 19.72
C LEU F 747 -72.38 -20.38 19.65
N CYS F 748 -72.71 -21.04 20.75
CA CYS F 748 -73.06 -22.46 20.73
C CYS F 748 -74.50 -22.60 21.17
N GLY F 749 -75.39 -22.72 20.21
CA GLY F 749 -76.82 -22.73 20.47
C GLY F 749 -77.53 -23.97 19.97
N GLN F 750 -76.94 -25.14 20.15
CA GLN F 750 -77.51 -26.36 19.62
C GLN F 750 -78.96 -26.55 20.08
N THR F 751 -79.73 -27.24 19.27
CA THR F 751 -81.11 -27.55 19.59
C THR F 751 -81.34 -29.04 19.41
N GLU F 752 -82.46 -29.53 19.94
CA GLU F 752 -82.76 -30.93 19.90
C GLU F 752 -83.18 -31.36 18.50
N THR F 753 -83.28 -32.68 18.29
CA THR F 753 -83.57 -33.22 16.97
C THR F 753 -85.05 -33.07 16.63
N ASN F 754 -85.92 -33.74 17.38
CA ASN F 754 -87.36 -33.70 17.11
C ASN F 754 -87.99 -32.67 18.03
N LEU F 755 -87.81 -31.41 17.67
CA LEU F 755 -88.28 -30.30 18.49
C LEU F 755 -89.62 -29.82 17.94
N ILE F 756 -90.68 -30.05 18.71
CA ILE F 756 -92.00 -29.53 18.42
C ILE F 756 -92.32 -28.48 19.48
N PRO F 757 -92.29 -27.19 19.15
CA PRO F 757 -92.46 -26.18 20.19
C PRO F 757 -93.72 -26.32 21.00
N SER F 758 -94.83 -26.69 20.36
CA SER F 758 -96.08 -26.84 21.10
C SER F 758 -95.97 -27.93 22.14
N HIS F 759 -95.48 -29.11 21.75
CA HIS F 759 -95.35 -30.20 22.69
C HIS F 759 -94.42 -29.83 23.84
N HIS F 760 -93.23 -29.34 23.50
CA HIS F 760 -92.23 -29.08 24.53
C HIS F 760 -92.71 -28.03 25.52
N TYR F 761 -93.25 -26.93 25.01
CA TYR F 761 -93.69 -25.86 25.90
C TYR F 761 -94.81 -26.34 26.81
N GLY F 762 -95.83 -26.99 26.23
CA GLY F 762 -96.93 -27.46 27.04
C GLY F 762 -96.48 -28.43 28.11
N LYS F 763 -95.59 -29.35 27.73
CA LYS F 763 -95.06 -30.29 28.71
C LYS F 763 -94.32 -29.57 29.81
N ALA F 764 -93.50 -28.58 29.46
CA ALA F 764 -92.68 -27.90 30.46
C ALA F 764 -93.50 -26.93 31.30
N PHE F 765 -94.53 -26.31 30.73
CA PHE F 765 -95.27 -25.30 31.47
C PHE F 765 -96.34 -25.88 32.37
N ALA F 766 -96.83 -27.08 32.08
CA ALA F 766 -97.89 -27.67 32.87
C ALA F 766 -97.58 -27.73 34.36
N PRO F 767 -96.41 -28.19 34.81
CA PRO F 767 -96.15 -28.22 36.26
C PRO F 767 -96.20 -26.84 36.88
N LEU F 768 -95.85 -25.80 36.13
CA LEU F 768 -95.74 -24.47 36.71
C LEU F 768 -97.06 -23.98 37.26
N PHE F 769 -98.17 -24.45 36.70
CA PHE F 769 -99.47 -24.00 37.16
C PHE F 769 -100.04 -24.86 38.28
N ALA F 770 -99.29 -25.86 38.73
CA ALA F 770 -99.71 -26.64 39.89
C ALA F 770 -99.51 -25.88 41.19
N SER F 771 -98.82 -24.75 41.16
CA SER F 771 -98.54 -24.01 42.38
C SER F 771 -99.73 -23.15 42.79
N ASN F 772 -99.72 -22.74 44.06
CA ASN F 772 -100.69 -21.79 44.58
C ASN F 772 -100.04 -20.49 45.01
N ALA F 773 -98.73 -20.32 44.78
CA ALA F 773 -98.04 -19.12 45.22
C ALA F 773 -98.67 -17.87 44.61
N MET F 774 -99.19 -17.99 43.39
CA MET F 774 -99.80 -16.85 42.74
C MET F 774 -100.91 -16.26 43.59
N PHE F 775 -101.70 -17.11 44.22
CA PHE F 775 -102.81 -16.60 45.03
C PHE F 775 -102.34 -16.09 46.37
N THR F 776 -101.47 -16.84 47.05
CA THR F 776 -100.95 -16.39 48.32
C THR F 776 -100.31 -15.01 48.20
N ARG F 777 -99.66 -14.76 47.08
CA ARG F 777 -99.10 -13.44 46.82
C ARG F 777 -100.19 -12.38 46.92
N ASN F 778 -101.32 -12.62 46.28
CA ASN F 778 -102.41 -11.66 46.31
C ASN F 778 -102.89 -11.44 47.75
N GLN F 779 -103.06 -12.53 48.49
CA GLN F 779 -103.54 -12.41 49.86
C GLN F 779 -102.59 -11.59 50.71
N ARG F 780 -101.29 -11.87 50.60
CA ARG F 780 -100.33 -11.13 51.41
C ARG F 780 -100.33 -9.66 51.04
N ALA F 781 -100.48 -9.35 49.75
CA ALA F 781 -100.55 -7.97 49.33
C ALA F 781 -101.74 -7.26 49.96
N VAL F 782 -102.89 -7.93 50.00
CA VAL F 782 -104.07 -7.33 50.60
C VAL F 782 -103.82 -7.00 52.06
N ILE F 783 -103.24 -7.95 52.80
CA ILE F 783 -102.94 -7.70 54.20
C ILE F 783 -101.97 -6.54 54.33
N THR F 784 -100.98 -6.47 53.43
CA THR F 784 -100.05 -5.36 53.46
C THR F 784 -100.77 -4.03 53.37
N ARG F 785 -101.78 -3.95 52.49
CA ARG F 785 -102.52 -2.70 52.33
C ARG F 785 -103.19 -2.30 53.63
N GLU F 786 -103.96 -3.20 54.22
CA GLU F 786 -104.68 -2.87 55.44
C GLU F 786 -103.72 -2.49 56.55
N ALA F 787 -102.61 -3.22 56.67
CA ALA F 787 -101.61 -2.87 57.68
C ALA F 787 -101.06 -1.48 57.42
N PHE F 788 -100.75 -1.17 56.17
CA PHE F 788 -100.18 0.13 55.85
C PHE F 788 -101.14 1.25 56.21
N VAL F 789 -102.40 1.12 55.80
CA VAL F 789 -103.37 2.20 56.01
C VAL F 789 -103.54 2.47 57.50
N CYS F 790 -103.74 1.39 58.27
CA CYS F 790 -103.94 1.56 59.70
C CYS F 790 -102.69 2.15 60.36
N ALA F 791 -101.52 1.67 59.96
CA ALA F 791 -100.28 2.20 60.53
C ALA F 791 -100.14 3.69 60.22
N ARG F 792 -100.41 4.06 58.97
CA ARG F 792 -100.31 5.47 58.61
C ARG F 792 -101.28 6.31 59.43
N SER F 793 -102.50 5.83 59.60
CA SER F 793 -103.48 6.58 60.37
C SER F 793 -103.01 6.76 61.82
N ALA F 794 -102.46 5.71 62.41
CA ALA F 794 -102.07 5.78 63.81
C ALA F 794 -101.02 6.85 64.03
N VAL F 795 -99.96 6.84 63.22
CA VAL F 795 -98.90 7.83 63.37
C VAL F 795 -99.44 9.23 63.15
N ALA F 796 -100.29 9.39 62.13
CA ALA F 796 -100.83 10.71 61.83
C ALA F 796 -101.60 11.27 63.01
N GLN F 797 -102.28 10.42 63.77
CA GLN F 797 -103.10 10.89 64.87
C GLN F 797 -102.30 11.22 66.11
N CYS F 798 -101.00 10.92 66.13
CA CYS F 798 -100.18 11.24 67.28
C CYS F 798 -99.30 12.47 67.07
N GLN F 799 -98.96 12.79 65.82
CA GLN F 799 -98.31 14.06 65.50
C GLN F 799 -99.41 15.02 65.07
N ASP F 800 -99.63 16.06 65.87
CA ASP F 800 -100.75 16.94 65.56
C ASP F 800 -100.41 17.98 64.51
N ALA F 801 -99.73 17.56 63.44
CA ALA F 801 -99.63 18.38 62.24
C ALA F 801 -99.55 17.54 60.97
N GLY F 802 -99.80 16.24 61.06
CA GLY F 802 -99.38 15.30 60.03
C GLY F 802 -100.38 15.08 58.92
N PHE F 803 -100.27 13.91 58.30
CA PHE F 803 -101.13 13.54 57.19
C PHE F 803 -102.59 13.58 57.61
N LEU F 804 -103.45 14.02 56.70
CA LEU F 804 -104.82 14.37 57.04
C LEU F 804 -105.65 13.11 57.27
N VAL F 805 -106.12 12.93 58.50
CA VAL F 805 -106.98 11.81 58.89
C VAL F 805 -108.01 12.35 59.86
N PRO F 806 -109.23 11.80 59.90
CA PRO F 806 -110.16 12.15 60.98
C PRO F 806 -109.53 11.87 62.33
N ARG F 807 -109.81 12.77 63.28
CA ARG F 807 -109.10 12.80 64.56
C ARG F 807 -110.10 12.77 65.71
N PRO F 808 -110.68 11.60 66.01
CA PRO F 808 -111.63 11.52 67.10
C PRO F 808 -110.99 11.57 68.48
N LEU F 809 -109.70 11.27 68.59
CA LEU F 809 -109.05 11.16 69.89
C LEU F 809 -108.20 12.39 70.22
N ASP F 810 -108.39 13.50 69.52
CA ASP F 810 -107.59 14.68 69.80
C ASP F 810 -107.83 15.24 71.19
N ALA F 811 -108.95 14.89 71.82
CA ALA F 811 -109.19 15.33 73.18
C ALA F 811 -108.18 14.75 74.16
N LEU F 812 -107.49 13.68 73.79
CA LEU F 812 -106.53 13.06 74.68
C LEU F 812 -105.18 13.75 74.59
N ARG F 813 -104.51 13.81 75.74
CA ARG F 813 -103.19 14.44 75.81
C ARG F 813 -102.15 13.56 75.12
N GLN F 814 -101.25 14.21 74.39
CA GLN F 814 -100.18 13.50 73.70
C GLN F 814 -99.10 14.46 73.25
N PHE F 815 -97.85 14.21 73.64
CA PHE F 815 -96.76 15.02 73.12
C PHE F 815 -96.51 14.64 71.68
N ASP F 816 -96.20 15.65 70.85
CA ASP F 816 -96.01 15.40 69.43
C ASP F 816 -94.83 14.47 69.21
N VAL F 817 -95.04 13.46 68.38
CA VAL F 817 -94.06 12.39 68.21
C VAL F 817 -92.97 12.85 67.27
N THR F 818 -91.72 12.62 67.65
CA THR F 818 -90.60 12.87 66.77
C THR F 818 -90.44 11.69 65.81
N SER F 819 -89.36 11.70 65.02
CA SER F 819 -89.11 10.58 64.13
C SER F 819 -88.90 9.29 64.90
N ALA F 820 -88.11 9.35 65.97
CA ALA F 820 -87.84 8.15 66.76
C ALA F 820 -89.10 7.63 67.43
N ALA F 821 -89.92 8.54 67.97
CA ALA F 821 -91.13 8.12 68.66
C ALA F 821 -92.07 7.37 67.73
N ALA F 822 -92.27 7.90 66.53
CA ALA F 822 -93.19 7.26 65.60
C ALA F 822 -92.73 5.86 65.25
N ALA F 823 -91.43 5.61 65.26
CA ALA F 823 -90.93 4.29 64.92
C ALA F 823 -91.48 3.24 65.87
N GLU F 824 -91.54 3.55 67.15
CA GLU F 824 -92.09 2.60 68.11
C GLU F 824 -93.56 2.32 67.81
N ILE F 825 -94.32 3.36 67.45
CA ILE F 825 -95.70 3.16 67.06
C ILE F 825 -95.77 2.25 65.85
N MET F 826 -94.92 2.51 64.85
CA MET F 826 -94.92 1.70 63.64
C MET F 826 -94.63 0.26 63.97
N HIS F 827 -93.65 0.02 64.84
CA HIS F 827 -93.29 -1.34 65.21
C HIS F 827 -94.47 -2.06 65.85
N ALA F 828 -95.12 -1.41 66.82
CA ALA F 828 -96.19 -2.07 67.55
C ALA F 828 -97.31 -2.48 66.63
N VAL F 829 -97.72 -1.57 65.74
CA VAL F 829 -98.75 -1.92 64.76
C VAL F 829 -98.28 -3.07 63.89
N ASN F 830 -97.03 -3.01 63.46
CA ASN F 830 -96.49 -4.09 62.64
C ASN F 830 -96.60 -5.42 63.38
N ASP F 831 -96.13 -5.45 64.62
CA ASP F 831 -96.15 -6.70 65.38
C ASP F 831 -97.57 -7.18 65.60
N ALA F 832 -98.48 -6.27 65.90
CA ALA F 832 -99.86 -6.66 66.15
C ALA F 832 -100.45 -7.36 64.94
N PHE F 833 -100.21 -6.81 63.76
CA PHE F 833 -100.73 -7.43 62.54
C PHE F 833 -100.13 -8.80 62.31
N LYS F 834 -98.80 -8.89 62.38
CA LYS F 834 -98.15 -10.17 62.13
C LYS F 834 -98.60 -11.21 63.12
N THR F 835 -98.83 -10.81 64.36
CA THR F 835 -99.38 -11.75 65.34
C THR F 835 -100.80 -12.15 64.96
N ALA F 836 -101.63 -11.17 64.59
CA ALA F 836 -103.03 -11.45 64.33
C ALA F 836 -103.20 -12.38 63.14
N PHE F 837 -102.44 -12.16 62.07
CA PHE F 837 -102.57 -12.95 60.86
C PHE F 837 -101.51 -14.02 60.73
N ASP F 838 -100.64 -14.18 61.72
CA ASP F 838 -99.65 -15.25 61.74
C ASP F 838 -98.80 -15.22 60.47
N LEU F 839 -98.02 -14.15 60.35
CA LEU F 839 -97.20 -13.91 59.18
C LEU F 839 -95.73 -13.97 59.55
N ASP F 840 -94.96 -14.69 58.76
CA ASP F 840 -93.51 -14.68 58.86
C ASP F 840 -92.92 -13.80 57.76
N GLY F 841 -91.71 -13.34 57.99
CA GLY F 841 -91.05 -12.45 57.07
C GLY F 841 -91.47 -11.00 57.27
N ALA F 842 -90.74 -10.11 56.62
CA ALA F 842 -91.00 -8.68 56.77
C ALA F 842 -92.36 -8.32 56.18
N LEU F 843 -93.08 -7.44 56.87
CA LEU F 843 -94.36 -6.97 56.40
C LEU F 843 -94.37 -5.46 56.25
N LEU F 844 -93.89 -4.76 57.27
CA LEU F 844 -93.89 -3.30 57.25
C LEU F 844 -92.61 -2.73 57.87
N ASP F 845 -91.60 -3.56 58.09
CA ASP F 845 -90.48 -3.18 58.96
C ASP F 845 -89.69 -2.01 58.39
N GLY F 846 -89.49 -1.98 57.07
CA GLY F 846 -88.66 -0.95 56.49
C GLY F 846 -89.11 0.46 56.84
N LEU F 847 -90.42 0.64 57.03
CA LEU F 847 -90.93 1.95 57.41
C LEU F 847 -90.44 2.36 58.79
N ALA F 848 -90.25 1.40 59.69
CA ALA F 848 -89.79 1.72 61.03
C ALA F 848 -88.27 1.73 61.12
N LEU F 849 -87.61 0.77 60.48
CA LEU F 849 -86.17 0.63 60.65
C LEU F 849 -85.38 1.73 59.97
N TYR F 850 -85.83 2.20 58.81
CA TYR F 850 -85.09 3.20 58.05
C TYR F 850 -86.01 4.36 57.73
N GLY F 851 -85.42 5.52 57.55
CA GLY F 851 -86.16 6.70 57.14
C GLY F 851 -87.11 7.19 58.21
N ASP F 852 -87.87 8.20 57.84
CA ASP F 852 -88.84 8.79 58.75
C ASP F 852 -90.14 7.99 58.69
N PRO F 853 -90.63 7.48 59.82
CA PRO F 853 -91.93 6.78 59.79
C PRO F 853 -93.10 7.69 59.50
N ARG F 854 -92.97 9.00 59.65
CA ARG F 854 -94.11 9.88 59.44
C ARG F 854 -94.47 9.94 57.97
N ILE F 855 -95.07 8.88 57.46
CA ILE F 855 -95.38 8.78 56.03
C ILE F 855 -96.70 9.51 55.74
N ALA F 856 -96.84 9.93 54.49
CA ALA F 856 -98.09 10.53 54.03
C ALA F 856 -98.70 9.73 52.88
N ASP F 857 -97.95 9.50 51.81
CA ASP F 857 -98.47 8.77 50.66
C ASP F 857 -97.27 8.33 49.84
N LEU F 858 -97.06 7.02 49.73
CA LEU F 858 -95.85 6.51 49.11
C LEU F 858 -95.81 6.84 47.63
N SER F 859 -94.58 6.99 47.12
CA SER F 859 -94.38 7.33 45.73
C SER F 859 -92.98 6.92 45.32
N ALA F 860 -92.85 6.48 44.07
CA ALA F 860 -91.57 6.12 43.50
C ALA F 860 -91.38 6.88 42.20
N ALA F 861 -90.12 7.17 41.88
CA ALA F 861 -89.83 7.99 40.72
C ALA F 861 -88.44 7.68 40.21
N TYR F 862 -88.20 8.02 38.94
CA TYR F 862 -86.88 7.95 38.37
C TYR F 862 -86.57 9.25 37.66
N LEU F 863 -85.28 9.61 37.63
CA LEU F 863 -84.83 10.88 37.09
C LEU F 863 -84.08 10.65 35.80
N GLN F 864 -84.48 11.36 34.75
CA GLN F 864 -83.82 11.28 33.46
C GLN F 864 -82.80 12.40 33.34
N TYR F 865 -81.74 12.12 32.57
CA TYR F 865 -80.67 13.10 32.41
C TYR F 865 -81.17 14.39 31.80
N GLY F 866 -82.23 14.31 30.99
CA GLY F 866 -82.81 15.51 30.42
C GLY F 866 -83.53 16.39 31.39
N GLY F 867 -83.47 16.09 32.67
CA GLY F 867 -84.15 16.87 33.68
C GLY F 867 -85.59 16.50 33.90
N ASN F 868 -86.14 15.60 33.11
CA ASN F 868 -87.51 15.17 33.28
C ASN F 868 -87.63 14.20 34.43
N VAL F 869 -88.70 14.33 35.20
CA VAL F 869 -88.96 13.48 36.36
C VAL F 869 -90.24 12.71 36.11
N VAL F 870 -90.17 11.39 36.27
CA VAL F 870 -91.33 10.51 36.13
C VAL F 870 -91.65 9.98 37.51
N ARG F 871 -92.80 10.37 38.04
CA ARG F 871 -93.20 9.98 39.39
C ARG F 871 -94.51 9.22 39.33
N GLU F 872 -94.59 8.12 40.06
CA GLU F 872 -95.76 7.26 40.09
C GLU F 872 -96.25 7.15 41.54
N HIS F 873 -97.41 7.72 41.82
CA HIS F 873 -98.00 7.59 43.14
C HIS F 873 -98.69 6.24 43.29
N VAL F 874 -98.80 5.79 44.53
CA VAL F 874 -99.51 4.55 44.82
C VAL F 874 -100.49 4.78 45.96
N PRO F 875 -101.53 5.58 45.79
CA PRO F 875 -102.53 5.72 46.83
C PRO F 875 -103.21 4.39 47.08
N PRO F 876 -103.42 4.01 48.33
CA PRO F 876 -104.02 2.71 48.62
C PRO F 876 -105.48 2.67 48.19
N GLY F 877 -105.95 1.46 47.91
CA GLY F 877 -107.34 1.24 47.62
C GLY F 877 -108.19 1.34 48.86
N PRO F 878 -109.48 1.15 48.71
CA PRO F 878 -110.39 1.26 49.85
C PRO F 878 -110.07 0.26 50.93
N SER F 879 -109.62 0.73 52.09
CA SER F 879 -109.44 -0.14 53.23
C SER F 879 -110.78 -0.38 53.92
N HIS F 880 -110.84 -1.47 54.66
CA HIS F 880 -112.01 -1.78 55.47
C HIS F 880 -111.73 -1.69 56.96
N ILE F 881 -110.58 -2.18 57.41
CA ILE F 881 -110.26 -2.15 58.83
C ILE F 881 -110.17 -0.70 59.30
N HIS F 882 -109.62 0.18 58.48
CA HIS F 882 -109.47 1.56 58.88
C HIS F 882 -110.82 2.18 59.22
N ARG F 883 -111.85 1.88 58.43
CA ARG F 883 -113.17 2.46 58.68
C ARG F 883 -113.68 2.05 60.06
N THR F 884 -113.72 0.75 60.32
CA THR F 884 -114.28 0.29 61.59
C THR F 884 -113.41 0.74 62.75
N LEU F 885 -112.10 0.85 62.54
CA LEU F 885 -111.23 1.34 63.60
C LEU F 885 -111.60 2.77 63.97
N GLN F 886 -111.76 3.64 62.97
CA GLN F 886 -112.18 5.00 63.24
C GLN F 886 -113.52 5.02 63.97
N GLN F 887 -114.41 4.11 63.60
CA GLN F 887 -115.68 4.01 64.31
C GLN F 887 -115.45 3.66 65.78
N VAL F 888 -114.55 2.71 66.03
CA VAL F 888 -114.28 2.30 67.40
C VAL F 888 -113.73 3.47 68.20
N GLU F 889 -112.82 4.24 67.61
CA GLU F 889 -112.29 5.41 68.29
C GLU F 889 -113.42 6.38 68.64
N SER F 890 -114.31 6.64 67.68
CA SER F 890 -115.36 7.61 67.91
C SER F 890 -116.25 7.20 69.07
N THR F 891 -116.66 5.93 69.09
CA THR F 891 -117.54 5.50 70.16
C THR F 891 -116.82 5.41 71.50
N PHE F 892 -115.50 5.24 71.48
CA PHE F 892 -114.76 5.18 72.74
C PHE F 892 -114.91 6.48 73.52
N MET F 893 -114.90 7.61 72.82
CA MET F 893 -115.02 8.89 73.48
C MET F 893 -116.33 9.03 74.26
N ALA F 894 -117.35 8.25 73.89
CA ALA F 894 -118.62 8.30 74.60
C ALA F 894 -118.77 7.23 75.66
N GLU F 895 -117.94 6.19 75.63
CA GLU F 895 -118.04 5.09 76.59
C GLU F 895 -116.69 4.80 77.23
N MET F 896 -115.89 5.83 77.46
CA MET F 896 -114.55 5.62 77.99
C MET F 896 -114.58 4.97 79.37
N ASN F 897 -115.64 5.21 80.15
CA ASN F 897 -115.69 4.67 81.49
C ASN F 897 -115.65 3.15 81.50
N LEU F 898 -116.21 2.53 80.46
CA LEU F 898 -116.21 1.07 80.40
C LEU F 898 -114.81 0.51 80.37
N PHE F 899 -113.83 1.32 79.98
CA PHE F 899 -112.43 0.89 79.97
C PHE F 899 -111.66 1.48 81.15
N ASN F 900 -112.35 1.76 82.25
CA ASN F 900 -111.71 2.26 83.48
C ASN F 900 -110.98 3.57 83.22
N VAL F 901 -111.57 4.43 82.40
CA VAL F 901 -111.02 5.75 82.12
C VAL F 901 -112.09 6.79 82.36
N ALA F 902 -111.78 7.79 83.17
CA ALA F 902 -112.69 8.88 83.46
C ALA F 902 -112.24 10.14 82.72
N ARG F 903 -113.03 11.20 82.87
CA ARG F 903 -112.74 12.46 82.22
C ARG F 903 -112.97 13.60 83.21
N GLY F 904 -112.33 14.72 82.96
CA GLY F 904 -112.51 15.91 83.75
C GLY F 904 -111.54 16.01 84.90
N ASN F 905 -111.59 17.16 85.58
CA ASN F 905 -110.66 17.47 86.65
C ASN F 905 -111.06 16.71 87.90
N LEU F 906 -110.36 16.98 89.00
CA LEU F 906 -110.56 16.27 90.24
C LEU F 906 -110.46 17.23 91.41
N TYR F 907 -111.48 17.24 92.27
CA TYR F 907 -111.46 18.06 93.47
C TYR F 907 -110.95 17.25 94.64
N LEU F 908 -110.51 17.97 95.67
CA LEU F 908 -109.93 17.35 96.86
C LEU F 908 -110.43 18.04 98.12
N VAL F 909 -111.72 18.30 98.19
CA VAL F 909 -112.30 18.92 99.37
C VAL F 909 -112.41 17.88 100.48
N GLN F 910 -112.10 18.30 101.70
CA GLN F 910 -112.21 17.43 102.87
C GLN F 910 -113.67 17.40 103.31
N THR F 911 -114.37 16.33 102.96
CA THR F 911 -115.78 16.18 103.28
C THR F 911 -115.95 15.16 104.39
N ALA F 912 -116.68 15.56 105.43
CA ALA F 912 -116.88 14.69 106.59
C ALA F 912 -118.35 14.39 106.80
N THR F 913 -119.05 14.04 105.73
CA THR F 913 -120.48 13.83 105.80
C THR F 913 -120.80 12.51 106.50
N ASN F 914 -122.08 12.19 106.53
CA ASN F 914 -122.54 10.94 107.12
C ASN F 914 -123.63 10.27 106.31
N GLY F 915 -124.09 10.87 105.22
CA GLY F 915 -125.14 10.33 104.38
C GLY F 915 -124.60 9.62 103.16
N ASN F 916 -125.37 9.67 102.07
CA ASN F 916 -124.96 9.04 100.83
C ASN F 916 -123.74 9.74 100.25
N TRP F 917 -123.05 9.03 99.36
CA TRP F 917 -121.81 9.55 98.78
C TRP F 917 -121.56 8.82 97.47
N SER F 918 -121.67 9.55 96.37
CA SER F 918 -121.50 8.98 95.02
C SER F 918 -120.50 9.85 94.27
N PRO F 919 -119.21 9.72 94.57
CA PRO F 919 -118.22 10.63 93.99
C PRO F 919 -118.15 10.56 92.48
N MET F 920 -118.50 9.43 91.88
CA MET F 920 -118.44 9.32 90.43
C MET F 920 -119.56 10.08 89.73
N ALA F 921 -120.54 10.58 90.48
CA ALA F 921 -121.61 11.36 89.89
C ALA F 921 -122.18 12.31 90.93
N PRO F 922 -121.40 13.30 91.36
CA PRO F 922 -121.87 14.21 92.39
C PRO F 922 -123.04 15.05 91.89
N VAL F 923 -123.91 15.41 92.82
CA VAL F 923 -125.03 16.29 92.50
C VAL F 923 -124.87 17.66 93.11
N ALA F 924 -124.06 17.81 94.16
CA ALA F 924 -123.83 19.12 94.74
C ALA F 924 -123.03 19.99 93.79
N ALA F 925 -123.18 21.29 93.93
CA ALA F 925 -122.47 22.21 93.07
C ALA F 925 -120.97 22.09 93.31
N PRO F 926 -120.15 22.23 92.27
CA PRO F 926 -118.70 22.19 92.48
C PRO F 926 -118.26 23.30 93.40
N PRO F 927 -117.26 23.05 94.23
CA PRO F 927 -116.85 24.09 95.20
C PRO F 927 -116.38 25.37 94.54
N PHE F 928 -115.68 25.29 93.41
CA PHE F 928 -115.18 26.48 92.75
C PHE F 928 -114.71 26.08 91.36
N VAL F 929 -114.48 27.10 90.52
CA VAL F 929 -114.00 26.93 89.16
C VAL F 929 -112.74 27.75 89.00
N ARG F 930 -112.03 27.50 87.89
CA ARG F 930 -110.74 28.14 87.67
C ARG F 930 -110.85 29.66 87.71
N GLY F 931 -111.90 30.21 87.12
CA GLY F 931 -112.09 31.64 87.10
C GLY F 931 -112.81 32.21 88.30
N GLY F 932 -113.10 31.40 89.30
CA GLY F 932 -113.88 31.83 90.43
C GLY F 932 -113.15 32.84 91.30
N PRO F 933 -113.90 33.56 92.14
CA PRO F 933 -113.28 34.54 93.02
C PRO F 933 -112.33 33.89 94.01
N ASN F 934 -111.24 34.60 94.31
CA ASN F 934 -110.27 34.18 95.32
C ASN F 934 -109.67 32.81 95.01
N VAL F 935 -109.61 32.46 93.74
CA VAL F 935 -109.05 31.19 93.32
C VAL F 935 -107.66 31.45 92.75
N ARG F 936 -106.64 30.85 93.36
CA ARG F 936 -105.27 31.04 92.93
C ARG F 936 -104.79 29.83 92.14
N VAL F 937 -103.87 30.08 91.22
CA VAL F 937 -103.27 29.04 90.41
C VAL F 937 -101.78 29.00 90.71
N VAL F 938 -101.27 27.82 91.01
CA VAL F 938 -99.87 27.70 91.39
C VAL F 938 -98.98 27.89 90.16
N GLY F 939 -97.73 28.29 90.41
CA GLY F 939 -96.78 28.54 89.34
C GLY F 939 -96.23 27.27 88.73
N ARG F 940 -95.35 27.47 87.75
CA ARG F 940 -94.79 26.33 87.01
C ARG F 940 -94.07 25.37 87.94
N PHE F 941 -93.33 25.90 88.91
CA PHE F 941 -92.72 25.08 89.94
C PHE F 941 -93.53 25.19 91.23
N GLY F 942 -93.71 24.07 91.91
CA GLY F 942 -94.48 24.08 93.14
C GLY F 942 -93.67 24.54 94.33
N THR F 943 -92.89 25.60 94.17
CA THR F 943 -92.06 26.10 95.24
C THR F 943 -92.91 26.68 96.37
N ILE F 944 -92.55 26.35 97.60
CA ILE F 944 -93.06 27.04 98.76
C ILE F 944 -91.99 27.98 99.27
N VAL F 945 -92.39 28.94 100.10
CA VAL F 945 -91.45 29.91 100.64
C VAL F 945 -91.51 29.91 102.15
N PRO F 946 -90.64 29.16 102.82
CA PRO F 946 -90.56 29.29 104.28
C PRO F 946 -90.10 30.68 104.66
N ARG F 947 -90.59 31.15 105.80
CA ARG F 947 -90.23 32.48 106.27
C ARG F 947 -89.81 32.42 107.72
N PRO F 948 -88.88 33.27 108.12
CA PRO F 948 -88.40 33.27 109.51
C PRO F 948 -89.37 33.99 110.42
N ASP F 949 -89.02 34.00 111.70
CA ASP F 949 -89.69 34.79 112.71
C ASP F 949 -91.16 34.39 112.89
N GLY F 950 -91.47 33.11 112.72
CA GLY F 950 -92.78 32.61 113.07
C GLY F 950 -93.87 32.87 112.05
N LEU F 951 -93.57 33.51 110.93
CA LEU F 951 -94.55 33.67 109.88
C LEU F 951 -94.76 32.33 109.19
N GLU F 952 -96.02 31.93 109.04
CA GLU F 952 -96.28 30.62 108.47
C GLU F 952 -96.06 30.65 106.96
N PRO F 953 -95.69 29.50 106.36
CA PRO F 953 -95.15 29.53 104.99
C PRO F 953 -96.13 29.99 103.93
N GLN F 954 -95.64 30.11 102.70
CA GLN F 954 -96.43 30.61 101.59
C GLN F 954 -96.10 29.83 100.33
N LEU F 955 -96.96 30.00 99.32
CA LEU F 955 -96.86 29.27 98.07
C LEU F 955 -96.81 30.27 96.92
N ILE F 956 -96.12 29.86 95.85
CA ILE F 956 -95.84 30.76 94.73
C ILE F 956 -97.03 30.75 93.77
N ASP F 957 -97.72 31.88 93.69
CA ASP F 957 -98.75 32.07 92.69
C ASP F 957 -98.12 32.11 91.31
N ASP F 958 -98.90 31.70 90.30
CA ASP F 958 -98.37 31.68 88.94
C ASP F 958 -98.03 33.07 88.43
N GLY F 959 -98.51 34.11 89.09
CA GLY F 959 -98.05 35.45 88.81
C GLY F 959 -96.73 35.79 89.48
N ASN F 960 -96.03 34.79 90.01
CA ASN F 960 -94.75 34.96 90.67
C ASN F 960 -94.89 35.92 91.86
N VAL F 961 -95.79 35.55 92.76
CA VAL F 961 -95.97 36.28 94.02
C VAL F 961 -96.42 35.29 95.08
N PRO F 962 -95.71 35.17 96.18
CA PRO F 962 -96.12 34.21 97.21
C PRO F 962 -97.50 34.55 97.75
N ARG F 963 -98.28 33.51 98.01
CA ARG F 963 -99.62 33.65 98.55
C ARG F 963 -99.77 32.72 99.74
N ASP F 964 -100.78 33.00 100.56
CA ASP F 964 -101.04 32.16 101.72
C ASP F 964 -101.59 30.81 101.28
N ILE F 965 -101.23 29.77 102.04
CA ILE F 965 -101.67 28.42 101.70
C ILE F 965 -103.18 28.31 101.81
N ALA F 966 -103.75 28.85 102.88
CA ALA F 966 -105.18 28.70 103.12
C ALA F 966 -105.99 29.33 101.99
N GLY F 967 -107.10 28.69 101.65
CA GLY F 967 -107.97 29.21 100.60
C GLY F 967 -108.31 28.18 99.55
N ASP F 968 -108.35 28.60 98.29
CA ASP F 968 -108.63 27.73 97.18
C ASP F 968 -107.48 27.75 96.19
N TRP F 969 -107.27 26.63 95.51
CA TRP F 969 -106.12 26.51 94.63
C TRP F 969 -106.46 25.62 93.45
N VAL F 970 -105.76 25.83 92.35
CA VAL F 970 -105.90 25.03 91.14
C VAL F 970 -104.54 24.51 90.75
N TYR F 971 -104.41 23.20 90.66
CA TYR F 971 -103.12 22.59 90.33
C TYR F 971 -103.19 21.95 88.96
N PRO F 972 -102.46 22.43 87.97
CA PRO F 972 -102.25 21.64 86.76
C PRO F 972 -101.54 20.34 87.11
N SER F 973 -101.83 19.29 86.35
CA SER F 973 -101.25 17.98 86.63
C SER F 973 -99.74 18.06 86.69
N ASP F 974 -99.14 18.90 85.84
CA ASP F 974 -97.70 18.91 85.71
C ASP F 974 -97.03 19.35 87.00
N VAL F 975 -97.47 20.47 87.58
CA VAL F 975 -96.82 20.99 88.77
C VAL F 975 -96.92 19.99 89.91
N LEU F 976 -98.04 19.28 89.98
CA LEU F 976 -98.18 18.26 91.02
C LEU F 976 -97.17 17.14 90.82
N GLN F 977 -96.99 16.70 89.57
CA GLN F 977 -96.08 15.60 89.32
C GLN F 977 -94.64 15.94 89.66
N VAL F 978 -94.30 17.23 89.65
CA VAL F 978 -92.93 17.64 89.91
C VAL F 978 -92.73 18.15 91.33
N SER F 979 -93.80 18.41 92.06
CA SER F 979 -93.68 18.98 93.40
C SER F 979 -94.45 18.17 94.44
N VAL F 980 -94.73 16.90 94.16
CA VAL F 980 -95.51 16.09 95.08
C VAL F 980 -94.83 16.01 96.43
N ALA F 981 -93.50 15.98 96.45
CA ALA F 981 -92.79 15.84 97.72
C ALA F 981 -93.13 16.96 98.68
N VAL F 982 -93.18 18.19 98.19
CA VAL F 982 -93.57 19.30 99.06
C VAL F 982 -95.06 19.28 99.32
N PHE F 983 -95.85 19.04 98.28
CA PHE F 983 -97.31 19.03 98.43
C PHE F 983 -97.73 18.07 99.53
N CYS F 984 -97.05 16.93 99.64
CA CYS F 984 -97.39 15.95 100.65
C CYS F 984 -97.13 16.46 102.06
N ASP F 985 -96.35 17.51 102.21
CA ASP F 985 -95.93 17.97 103.53
C ASP F 985 -96.48 19.32 103.94
N TYR F 986 -96.85 20.17 102.99
CA TYR F 986 -97.29 21.51 103.32
C TYR F 986 -98.67 21.86 102.83
N VAL F 987 -99.15 21.20 101.78
CA VAL F 987 -100.48 21.52 101.25
C VAL F 987 -101.47 20.46 101.70
N TRP F 988 -101.15 19.20 101.42
CA TRP F 988 -102.04 18.11 101.79
C TRP F 988 -102.46 18.14 103.25
N PRO F 989 -101.56 18.36 104.22
CA PRO F 989 -102.05 18.49 105.60
C PRO F 989 -103.06 19.59 105.77
N MET F 990 -102.85 20.75 105.13
CA MET F 990 -103.83 21.81 105.20
C MET F 990 -105.15 21.37 104.60
N VAL F 991 -105.11 20.48 103.62
CA VAL F 991 -106.33 19.95 103.04
C VAL F 991 -107.04 19.05 104.03
N LYS F 992 -106.29 18.25 104.78
CA LYS F 992 -106.90 17.37 105.76
C LYS F 992 -107.70 18.18 106.78
N ALA F 993 -107.13 19.28 107.25
CA ALA F 993 -107.92 20.22 108.02
C ALA F 993 -108.85 20.98 107.10
N GLY F 994 -109.97 21.44 107.65
CA GLY F 994 -110.91 22.18 106.84
C GLY F 994 -110.44 23.59 106.56
N ARG F 995 -109.34 23.74 105.83
CA ARG F 995 -108.78 25.05 105.57
C ARG F 995 -108.39 25.28 104.11
N THR F 996 -108.29 24.25 103.29
CA THR F 996 -107.94 24.42 101.89
C THR F 996 -108.76 23.47 101.03
N ARG F 997 -108.97 23.88 99.77
CA ARG F 997 -109.65 23.06 98.80
C ARG F 997 -108.86 23.12 97.51
N VAL F 998 -108.58 21.95 96.92
CA VAL F 998 -107.67 21.83 95.80
C VAL F 998 -108.41 21.26 94.60
N LEU F 999 -108.21 21.87 93.44
CA LEU F 999 -108.70 21.34 92.18
C LEU F 999 -107.51 20.94 91.32
N VAL F 1000 -107.52 19.70 90.84
CA VAL F 1000 -106.44 19.16 90.04
C VAL F 1000 -106.92 19.02 88.62
N GLU F 1001 -106.25 19.70 87.70
CA GLU F 1001 -106.64 19.67 86.29
C GLU F 1001 -106.10 18.41 85.64
N LEU F 1002 -106.99 17.52 85.24
CA LEU F 1002 -106.63 16.31 84.53
C LEU F 1002 -107.60 16.14 83.37
N GLY F 1003 -107.06 16.01 82.16
CA GLY F 1003 -107.91 15.79 81.00
C GLY F 1003 -108.65 14.48 81.11
N HIS F 1004 -107.89 13.38 81.09
CA HIS F 1004 -108.45 12.05 81.26
C HIS F 1004 -107.46 11.24 82.08
N TYR F 1005 -107.98 10.22 82.75
CA TYR F 1005 -107.12 9.43 83.64
C TYR F 1005 -107.76 8.09 83.91
N VAL F 1006 -106.94 7.16 84.37
CA VAL F 1006 -107.39 5.85 84.79
C VAL F 1006 -107.81 5.93 86.26
N TYR F 1007 -108.97 5.37 86.56
CA TYR F 1007 -109.52 5.43 87.91
C TYR F 1007 -109.73 4.02 88.45
N THR F 1008 -109.56 3.90 89.75
CA THR F 1008 -109.96 2.70 90.47
C THR F 1008 -110.80 3.11 91.66
N LEU F 1009 -111.64 2.19 92.13
CA LEU F 1009 -112.57 2.52 93.19
C LEU F 1009 -112.63 1.40 94.21
N HIS F 1010 -112.99 1.76 95.44
CA HIS F 1010 -113.12 0.82 96.54
C HIS F 1010 -114.52 0.88 97.11
N TYR F 1011 -114.96 -0.24 97.65
CA TYR F 1011 -116.28 -0.34 98.27
C TYR F 1011 -116.13 -0.60 99.75
N TYR F 1012 -116.97 0.06 100.54
CA TYR F 1012 -116.91 -0.07 101.99
C TYR F 1012 -118.31 -0.26 102.54
N ASP F 1013 -118.38 -0.69 103.78
CA ASP F 1013 -119.63 -0.85 104.50
C ASP F 1013 -120.04 0.47 105.13
N PRO F 1014 -121.26 0.94 104.89
CA PRO F 1014 -121.67 2.22 105.48
C PRO F 1014 -121.70 2.23 107.00
N GLN F 1015 -121.74 1.07 107.64
CA GLN F 1015 -121.86 1.01 109.09
C GLN F 1015 -120.53 1.01 109.80
N ILE F 1016 -119.43 1.20 109.09
CA ILE F 1016 -118.10 1.20 109.68
C ILE F 1016 -117.49 2.58 109.49
N SER F 1017 -117.21 3.26 110.60
CA SER F 1017 -116.54 4.54 110.53
C SER F 1017 -115.08 4.35 110.13
N LEU F 1018 -114.58 5.26 109.30
CA LEU F 1018 -113.20 5.15 108.83
C LEU F 1018 -112.71 6.51 108.37
N ASP F 1019 -111.40 6.65 108.29
CA ASP F 1019 -110.76 7.82 107.72
C ASP F 1019 -110.01 7.38 106.47
N GLU F 1020 -110.35 8.00 105.34
CA GLU F 1020 -109.83 7.57 104.05
C GLU F 1020 -108.53 8.26 103.67
N ALA F 1021 -107.99 9.11 104.54
CA ALA F 1021 -106.73 9.77 104.25
C ALA F 1021 -105.60 8.83 103.85
N PRO F 1022 -105.38 7.68 104.51
CA PRO F 1022 -104.25 6.84 104.11
C PRO F 1022 -104.29 6.44 102.64
N ILE F 1023 -105.47 6.21 102.09
CA ILE F 1023 -105.58 5.82 100.69
C ILE F 1023 -104.98 6.90 99.80
N LEU F 1024 -105.39 8.15 100.02
CA LEU F 1024 -104.88 9.23 99.19
C LEU F 1024 -103.38 9.41 99.40
N GLU F 1025 -102.91 9.33 100.64
CA GLU F 1025 -101.49 9.42 100.91
C GLU F 1025 -100.73 8.34 100.16
N GLU F 1026 -101.28 7.14 100.13
CA GLU F 1026 -100.68 6.08 99.32
C GLU F 1026 -100.65 6.48 97.86
N TRP F 1027 -101.75 7.04 97.36
CA TRP F 1027 -101.79 7.48 95.98
C TRP F 1027 -100.75 8.56 95.72
N LEU F 1028 -100.60 9.50 96.66
CA LEU F 1028 -99.59 10.53 96.49
C LEU F 1028 -98.19 9.97 96.50
N SER F 1029 -97.96 8.92 97.28
CA SER F 1029 -96.61 8.41 97.49
C SER F 1029 -95.99 7.78 96.27
N LYS F 1030 -96.68 7.75 95.14
CA LYS F 1030 -96.17 7.09 93.93
C LYS F 1030 -96.41 7.97 92.72
N ILE F 1031 -96.07 9.24 92.84
CA ILE F 1031 -96.21 10.20 91.76
C ILE F 1031 -94.85 10.80 91.45
N ASN F 1032 -94.55 10.96 90.17
CA ASN F 1032 -93.28 11.50 89.73
C ASN F 1032 -93.46 12.00 88.30
N PRO F 1033 -92.53 12.81 87.80
CA PRO F 1033 -92.66 13.33 86.42
C PRO F 1033 -92.85 12.25 85.37
N ALA F 1034 -92.66 10.99 85.76
CA ALA F 1034 -92.86 9.90 84.82
C ALA F 1034 -94.33 9.54 84.67
N GLY F 1035 -94.98 9.13 85.75
CA GLY F 1035 -96.35 8.71 85.66
C GLY F 1035 -97.01 8.71 87.02
N ILE F 1036 -98.30 8.38 87.01
CA ILE F 1036 -99.11 8.41 88.23
C ILE F 1036 -99.92 7.12 88.29
N PRO F 1037 -100.32 6.71 89.49
CA PRO F 1037 -101.16 5.54 89.63
C PRO F 1037 -102.62 5.90 89.41
N PRO F 1038 -103.51 4.92 89.29
CA PRO F 1038 -104.93 5.25 89.10
C PRO F 1038 -105.48 6.03 90.27
N VAL F 1039 -106.42 6.91 89.97
CA VAL F 1039 -107.05 7.72 91.01
C VAL F 1039 -108.01 6.84 91.81
N PRO F 1040 -107.88 6.78 93.13
CA PRO F 1040 -108.77 5.94 93.93
C PRO F 1040 -110.07 6.64 94.29
N PHE F 1041 -111.06 5.83 94.62
CA PHE F 1041 -112.34 6.33 95.11
C PHE F 1041 -112.93 5.34 96.08
N CYS F 1042 -113.77 5.84 96.98
CA CYS F 1042 -114.45 5.02 97.98
C CYS F 1042 -115.95 5.18 97.81
N ILE F 1043 -116.67 4.06 97.78
CA ILE F 1043 -118.11 4.08 97.56
C ILE F 1043 -118.77 3.13 98.55
N PRO F 1044 -119.84 3.55 99.22
CA PRO F 1044 -120.53 2.64 100.13
C PRO F 1044 -121.26 1.54 99.36
N ILE F 1045 -121.33 0.38 99.98
CA ILE F 1045 -122.05 -0.75 99.39
C ILE F 1045 -123.54 -0.56 99.62
N PRO F 1046 -124.36 -0.58 98.57
CA PRO F 1046 -125.80 -0.32 98.75
C PRO F 1046 -126.46 -1.41 99.58
N GLN F 1047 -127.16 -0.99 100.62
CA GLN F 1047 -127.80 -1.93 101.54
C GLN F 1047 -129.23 -2.20 101.14
N VAL F 1048 -129.71 -3.38 101.52
CA VAL F 1048 -131.09 -3.76 101.19
C VAL F 1048 -132.06 -3.41 102.31
N TYR F 1049 -131.63 -3.48 103.55
CA TYR F 1049 -132.45 -3.10 104.68
C TYR F 1049 -131.99 -1.77 105.25
N PRO F 1050 -132.88 -1.02 105.88
CA PRO F 1050 -132.45 0.25 106.49
C PRO F 1050 -131.40 -0.01 107.56
N CYS F 1051 -130.46 0.92 107.66
CA CYS F 1051 -129.32 0.77 108.55
C CYS F 1051 -128.95 2.11 109.17
N ILE F 1052 -128.01 2.06 110.11
CA ILE F 1052 -127.50 3.24 110.78
C ILE F 1052 -126.11 3.50 110.25
N THR F 1053 -125.94 4.62 109.54
CA THR F 1053 -124.66 4.93 108.92
C THR F 1053 -123.68 5.45 109.97
N ALA F 1054 -122.41 5.13 109.77
CA ALA F 1054 -121.32 5.60 110.61
C ALA F 1054 -120.69 6.85 110.01
N ARG F 1055 -120.01 7.61 110.86
CA ARG F 1055 -119.30 8.79 110.39
C ARG F 1055 -118.20 8.39 109.43
N ARG F 1056 -118.09 9.12 108.33
CA ARG F 1056 -117.10 8.81 107.31
C ARG F 1056 -116.59 10.11 106.71
N VAL F 1057 -115.32 10.14 106.35
CA VAL F 1057 -114.70 11.31 105.75
C VAL F 1057 -114.20 10.95 104.36
N HIS F 1058 -114.52 11.79 103.38
CA HIS F 1058 -114.09 11.58 102.01
C HIS F 1058 -113.24 12.76 101.56
N TYR F 1059 -112.49 12.54 100.50
CA TYR F 1059 -111.65 13.61 99.97
C TYR F 1059 -111.81 13.82 98.48
N ALA F 1060 -112.03 12.76 97.71
CA ALA F 1060 -112.00 12.82 96.27
C ALA F 1060 -113.40 12.66 95.68
N PHE F 1061 -113.63 13.37 94.57
CA PHE F 1061 -114.86 13.22 93.79
C PHE F 1061 -114.67 13.93 92.46
N THR F 1062 -115.27 13.37 91.42
CA THR F 1062 -115.05 13.85 90.06
C THR F 1062 -115.75 15.18 89.83
N SER F 1063 -115.39 15.82 88.72
CA SER F 1063 -115.98 17.09 88.34
C SER F 1063 -117.21 16.94 87.45
N GLU F 1064 -117.49 15.74 86.95
CA GLU F 1064 -118.68 15.52 86.14
C GLU F 1064 -119.00 14.03 86.13
N ASN F 1065 -120.10 13.69 85.48
CA ASN F 1065 -120.60 12.32 85.49
C ASN F 1065 -119.58 11.37 84.85
N ASN F 1066 -119.30 10.27 85.53
CA ASN F 1066 -118.39 9.27 85.00
C ASN F 1066 -118.78 7.83 85.32
N ASN F 1067 -119.96 7.60 85.89
CA ASN F 1067 -120.25 6.30 86.51
C ASN F 1067 -121.10 5.39 85.63
N ASP F 1068 -121.22 5.69 84.34
CA ASP F 1068 -122.16 4.94 83.51
C ASP F 1068 -121.76 3.50 83.28
N SER F 1069 -120.54 3.08 83.64
CA SER F 1069 -120.21 1.67 83.56
C SER F 1069 -120.99 0.83 84.57
N LEU F 1070 -121.62 1.47 85.55
CA LEU F 1070 -122.46 0.74 86.49
C LEU F 1070 -123.67 0.17 85.78
N PHE F 1071 -123.96 -1.10 86.04
CA PHE F 1071 -125.10 -1.75 85.39
C PHE F 1071 -126.35 -1.77 86.27
N SER F 1072 -126.23 -2.28 87.49
CA SER F 1072 -127.38 -2.34 88.40
C SER F 1072 -126.86 -2.58 89.81
N THR F 1073 -127.73 -2.32 90.78
CA THR F 1073 -127.41 -2.51 92.18
C THR F 1073 -128.48 -3.37 92.84
N ASN F 1074 -128.05 -4.31 93.67
CA ASN F 1074 -128.95 -5.21 94.39
C ASN F 1074 -129.92 -5.87 93.42
N ALA F 1075 -129.35 -6.49 92.38
CA ALA F 1075 -130.17 -7.06 91.33
C ALA F 1075 -131.14 -8.10 91.88
N ALA F 1076 -130.71 -8.89 92.85
CA ALA F 1076 -131.52 -9.98 93.37
C ALA F 1076 -132.62 -9.51 94.32
N SER F 1077 -132.67 -8.22 94.64
CA SER F 1077 -133.63 -7.72 95.60
C SER F 1077 -134.84 -7.11 94.88
N ILE F 1078 -135.79 -6.62 95.66
CA ILE F 1078 -136.91 -5.88 95.12
C ILE F 1078 -136.52 -4.42 94.89
N ASP F 1079 -135.79 -3.84 95.83
CA ASP F 1079 -135.41 -2.43 95.74
C ASP F 1079 -134.09 -2.25 96.48
N THR F 1080 -133.76 -1.01 96.81
CA THR F 1080 -132.55 -0.70 97.56
C THR F 1080 -132.92 0.26 98.69
N ALA F 1081 -132.36 0.02 99.87
CA ALA F 1081 -132.71 0.81 101.04
C ALA F 1081 -131.87 2.07 101.19
N PHE F 1082 -130.55 1.96 101.11
CA PHE F 1082 -129.69 3.09 101.46
C PHE F 1082 -128.89 3.62 100.30
N GLY F 1083 -128.06 2.81 99.65
CA GLY F 1083 -127.06 3.30 98.73
C GLY F 1083 -127.62 3.68 97.38
N GLU F 1084 -126.79 3.52 96.35
CA GLU F 1084 -127.24 3.77 94.99
C GLU F 1084 -128.32 2.76 94.61
N ASN F 1085 -129.27 3.22 93.80
CA ASN F 1085 -130.45 2.44 93.46
C ASN F 1085 -130.62 2.36 91.95
N ALA F 1086 -129.55 1.99 91.24
CA ALA F 1086 -129.62 1.86 89.80
C ALA F 1086 -130.43 0.63 89.41
N ALA F 1087 -131.37 0.82 88.49
CA ALA F 1087 -132.12 -0.28 87.90
C ALA F 1087 -131.57 -0.59 86.52
N VAL F 1088 -132.09 -1.66 85.92
CA VAL F 1088 -131.64 -2.05 84.59
C VAL F 1088 -132.18 -1.05 83.58
N SER F 1089 -131.29 -0.40 82.86
CA SER F 1089 -131.69 0.65 81.94
C SER F 1089 -132.12 0.06 80.60
N PRO F 1090 -133.32 0.35 80.11
CA PRO F 1090 -133.72 -0.14 78.79
C PRO F 1090 -132.90 0.43 77.65
N LEU F 1091 -132.18 1.52 77.88
CA LEU F 1091 -131.47 2.20 76.79
C LEU F 1091 -130.49 1.27 76.09
N ARG F 1092 -129.92 0.32 76.82
CA ARG F 1092 -128.96 -0.60 76.23
C ARG F 1092 -129.62 -1.82 75.61
N TRP F 1093 -130.96 -1.90 75.65
CA TRP F 1093 -131.67 -3.06 75.10
C TRP F 1093 -132.81 -2.67 74.18
N PRO F 1094 -132.59 -1.73 73.25
CA PRO F 1094 -133.69 -1.35 72.36
C PRO F 1094 -134.18 -2.50 71.50
N GLY F 1095 -133.27 -3.35 71.03
CA GLY F 1095 -133.68 -4.45 70.19
C GLY F 1095 -134.49 -5.50 70.90
N LEU F 1096 -134.62 -5.40 72.21
CA LEU F 1096 -135.34 -6.39 72.99
C LEU F 1096 -136.64 -5.87 73.59
N VAL F 1097 -136.72 -4.59 73.91
CA VAL F 1097 -137.88 -4.08 74.62
C VAL F 1097 -138.47 -2.85 73.95
N ASP F 1098 -138.23 -2.69 72.66
CA ASP F 1098 -138.78 -1.54 71.93
C ASP F 1098 -139.72 -2.00 70.84
N PRO F 1099 -140.99 -1.59 70.87
CA PRO F 1099 -141.89 -1.93 69.76
C PRO F 1099 -141.57 -1.20 68.47
N ASN F 1100 -140.76 -0.15 68.51
CA ASN F 1100 -140.44 0.64 67.33
C ASN F 1100 -139.00 0.42 66.90
N TYR F 1101 -138.52 -0.82 67.00
CA TYR F 1101 -137.14 -1.15 66.72
C TYR F 1101 -137.05 -1.71 65.31
N ARG F 1102 -136.34 -0.99 64.44
CA ARG F 1102 -136.06 -1.53 63.12
C ARG F 1102 -134.97 -2.58 63.22
N VAL F 1103 -134.92 -3.46 62.23
CA VAL F 1103 -133.96 -4.55 62.24
C VAL F 1103 -132.58 -4.02 61.86
N GLY F 1104 -131.58 -4.34 62.67
CA GLY F 1104 -130.21 -4.02 62.35
C GLY F 1104 -129.79 -2.61 62.67
N THR F 1105 -130.70 -1.73 63.06
CA THR F 1105 -130.34 -0.37 63.37
C THR F 1105 -129.71 -0.27 64.74
N ASN F 1106 -128.94 0.79 64.95
CA ASN F 1106 -128.27 1.03 66.23
C ASN F 1106 -127.64 2.42 66.21
N ASP F 1107 -127.55 3.01 67.40
CA ASP F 1107 -126.87 4.29 67.57
C ASP F 1107 -125.45 4.05 68.10
N LEU F 1108 -124.63 3.49 67.22
CA LEU F 1108 -123.28 3.11 67.63
C LEU F 1108 -122.44 4.26 68.18
N PRO F 1109 -122.38 5.43 67.53
CA PRO F 1109 -121.44 6.46 68.01
C PRO F 1109 -121.75 6.97 69.40
N ASN F 1110 -122.98 6.83 69.88
CA ASN F 1110 -123.36 7.42 71.16
C ASN F 1110 -123.36 6.44 72.32
N ARG F 1111 -123.80 5.20 72.09
CA ARG F 1111 -123.79 4.21 73.16
C ARG F 1111 -123.80 2.83 72.53
N ILE F 1112 -123.65 1.82 73.38
CA ILE F 1112 -123.51 0.43 72.95
C ILE F 1112 -124.74 -0.32 73.41
N THR F 1113 -125.42 -0.97 72.46
CA THR F 1113 -126.51 -1.87 72.79
C THR F 1113 -126.00 -3.29 72.89
N LEU F 1114 -126.66 -4.09 73.69
CA LEU F 1114 -126.18 -5.43 74.02
C LEU F 1114 -126.92 -6.55 73.32
N TYR F 1115 -128.10 -6.29 72.77
CA TYR F 1115 -128.91 -7.30 72.14
C TYR F 1115 -129.29 -6.81 70.75
N ASN F 1116 -128.89 -7.55 69.72
CA ASN F 1116 -129.02 -7.07 68.35
C ASN F 1116 -129.29 -8.23 67.41
N SER F 1117 -129.66 -7.88 66.19
CA SER F 1117 -129.90 -8.85 65.13
C SER F 1117 -128.70 -8.88 64.20
N LEU F 1118 -128.38 -10.08 63.70
CA LEU F 1118 -127.19 -10.25 62.89
C LEU F 1118 -127.38 -11.43 61.96
N TYR F 1119 -126.44 -11.57 61.02
CA TYR F 1119 -126.41 -12.70 60.09
C TYR F 1119 -125.28 -13.63 60.46
N ARG F 1120 -125.57 -14.92 60.51
CA ARG F 1120 -124.55 -15.95 60.64
C ARG F 1120 -124.43 -16.70 59.32
N TYR F 1121 -123.20 -16.85 58.86
CA TYR F 1121 -122.94 -17.35 57.52
C TYR F 1121 -122.46 -18.79 57.54
N ASN F 1122 -122.49 -19.41 56.36
CA ASN F 1122 -122.15 -20.81 56.20
C ASN F 1122 -121.34 -21.03 54.93
N PHE F 1123 -120.31 -20.20 54.73
CA PHE F 1123 -119.57 -20.21 53.47
C PHE F 1123 -118.98 -21.58 53.16
N THR F 1124 -118.67 -21.77 51.88
CA THR F 1124 -118.06 -22.99 51.38
C THR F 1124 -116.76 -22.63 50.68
N TYR F 1125 -115.76 -23.51 50.80
CA TYR F 1125 -114.40 -23.24 50.33
C TYR F 1125 -114.01 -24.31 49.33
N PRO F 1126 -114.20 -24.07 48.04
CA PRO F 1126 -113.96 -25.11 47.05
C PRO F 1126 -112.46 -25.34 46.83
N THR F 1127 -112.17 -26.48 46.21
CA THR F 1127 -110.85 -26.79 45.71
C THR F 1127 -110.98 -27.23 44.26
N LEU F 1128 -109.93 -27.02 43.48
CA LEU F 1128 -110.00 -27.19 42.04
C LEU F 1128 -109.11 -28.32 41.59
N ASP F 1129 -109.67 -29.20 40.76
CA ASP F 1129 -108.93 -30.21 40.02
C ASP F 1129 -109.27 -30.04 38.56
N GLY F 1130 -108.24 -29.96 37.71
CA GLY F 1130 -108.46 -29.62 36.32
C GLY F 1130 -107.67 -30.52 35.39
N ILE F 1131 -108.02 -30.42 34.11
CA ILE F 1131 -107.34 -31.13 33.04
C ILE F 1131 -106.89 -30.11 32.01
N MET F 1132 -105.64 -30.23 31.57
CA MET F 1132 -105.09 -29.31 30.58
C MET F 1132 -104.69 -30.08 29.33
N TYR F 1133 -104.96 -29.50 28.18
CA TYR F 1133 -104.69 -30.11 26.89
C TYR F 1133 -103.67 -29.27 26.14
N VAL F 1134 -102.74 -29.93 25.47
CA VAL F 1134 -101.69 -29.26 24.73
C VAL F 1134 -102.13 -29.13 23.28
N ARG F 1135 -101.67 -28.06 22.63
CA ARG F 1135 -102.02 -27.82 21.24
C ARG F 1135 -101.33 -28.83 20.32
N SER F 1136 -102.04 -29.20 19.27
CA SER F 1136 -101.50 -30.16 18.30
C SER F 1136 -100.28 -29.56 17.59
N ALA F 1137 -99.51 -30.44 16.97
CA ALA F 1137 -98.31 -30.00 16.26
C ALA F 1137 -98.66 -29.04 15.14
N THR F 1138 -99.41 -29.50 14.15
CA THR F 1138 -99.85 -28.64 13.07
C THR F 1138 -101.03 -27.80 13.50
N SER G 40 18.95 -23.48 63.11
CA SER G 40 18.97 -22.02 63.04
C SER G 40 18.73 -21.54 61.62
N TYR G 41 18.34 -20.27 61.48
CA TYR G 41 17.96 -19.71 60.20
C TYR G 41 18.69 -18.39 59.98
N VAL G 42 19.01 -18.10 58.73
CA VAL G 42 19.74 -16.91 58.35
C VAL G 42 18.85 -16.03 57.48
N CYS G 43 18.88 -14.72 57.75
CA CYS G 43 18.28 -13.75 56.84
C CYS G 43 19.23 -13.57 55.67
N ASN G 44 18.90 -14.12 54.53
CA ASN G 44 19.84 -14.18 53.41
C ASN G 44 20.16 -12.83 52.82
N VAL G 45 19.70 -11.73 53.41
CA VAL G 45 20.06 -10.38 52.98
C VAL G 45 21.04 -9.73 53.96
N CYS G 46 20.61 -9.53 55.20
CA CYS G 46 21.49 -8.93 56.20
C CYS G 46 22.36 -9.96 56.90
N ASN G 47 22.19 -11.24 56.58
CA ASN G 47 23.01 -12.33 57.09
C ASN G 47 22.90 -12.52 58.60
N ALA G 48 21.88 -11.95 59.22
CA ALA G 48 21.66 -12.22 60.64
C ALA G 48 21.10 -13.62 60.82
N ARG G 49 21.32 -14.17 62.01
CA ARG G 49 20.85 -15.50 62.35
C ARG G 49 19.73 -15.44 63.37
N PHE G 50 18.83 -16.41 63.31
CA PHE G 50 17.66 -16.43 64.16
C PHE G 50 17.39 -17.84 64.62
N SER G 51 16.76 -17.96 65.80
CA SER G 51 16.48 -19.26 66.38
C SER G 51 15.19 -19.86 65.84
N THR G 52 14.23 -19.03 65.43
CA THR G 52 12.93 -19.52 64.99
C THR G 52 12.54 -18.85 63.68
N MET G 53 11.73 -19.56 62.90
CA MET G 53 11.17 -18.95 61.71
C MET G 53 10.32 -17.74 62.05
N SER G 54 9.64 -17.77 63.21
CA SER G 54 8.86 -16.62 63.62
C SER G 54 9.74 -15.38 63.76
N ALA G 55 10.83 -15.50 64.49
CA ALA G 55 11.72 -14.36 64.68
C ALA G 55 12.27 -13.87 63.35
N LEU G 56 12.64 -14.81 62.47
CA LEU G 56 13.13 -14.42 61.16
C LEU G 56 12.05 -13.69 60.37
N SER G 57 10.82 -14.21 60.39
CA SER G 57 9.74 -13.58 59.64
C SER G 57 9.46 -12.18 60.15
N GLU G 58 9.41 -12.01 61.46
CA GLU G 58 9.19 -10.68 62.04
C GLU G 58 10.30 -9.72 61.61
N HIS G 59 11.55 -10.19 61.63
CA HIS G 59 12.65 -9.37 61.18
C HIS G 59 12.49 -8.97 59.72
N LEU G 60 12.09 -9.93 58.88
CA LEU G 60 11.90 -9.62 57.46
C LEU G 60 10.81 -8.57 57.26
N ARG G 61 9.67 -8.73 57.94
CA ARG G 61 8.60 -7.76 57.81
C ARG G 61 9.01 -6.40 58.33
N SER G 62 9.73 -6.37 59.45
CA SER G 62 10.07 -5.10 60.09
C SER G 62 11.26 -4.44 59.42
N ASP G 63 12.40 -5.13 59.40
CA ASP G 63 13.64 -4.49 58.95
C ASP G 63 13.61 -4.26 57.45
N HIS G 64 13.52 -5.33 56.66
CA HIS G 64 13.60 -5.21 55.22
C HIS G 64 12.23 -4.86 54.63
N ARG G 65 11.60 -3.81 55.16
CA ARG G 65 10.23 -3.49 54.78
C ARG G 65 10.12 -2.97 53.36
N ASP G 66 11.21 -2.42 52.80
CA ASP G 66 11.16 -1.80 51.49
C ASP G 66 12.22 -2.34 50.53
N ASP G 67 12.89 -3.43 50.88
CA ASP G 67 13.91 -3.97 50.01
C ASP G 67 13.29 -4.67 48.80
N ALA G 68 14.11 -4.89 47.77
CA ALA G 68 13.64 -5.47 46.53
C ALA G 68 14.47 -6.68 46.10
N SER G 69 15.23 -7.27 47.02
CA SER G 69 16.04 -8.43 46.68
C SER G 69 15.14 -9.60 46.31
N THR G 70 15.49 -10.28 45.21
CA THR G 70 14.67 -11.40 44.74
C THR G 70 14.63 -12.54 45.74
N LEU G 71 15.67 -12.66 46.57
CA LEU G 71 15.68 -13.74 47.55
C LEU G 71 14.58 -13.59 48.60
N LEU G 72 13.99 -12.42 48.72
CA LEU G 72 12.91 -12.18 49.66
C LEU G 72 11.61 -11.99 48.90
N ALA G 73 10.53 -12.60 49.41
CA ALA G 73 9.22 -12.46 48.81
C ALA G 73 8.28 -11.61 49.65
N THR G 74 8.19 -11.90 50.95
CA THR G 74 7.14 -11.30 51.77
C THR G 74 7.10 -9.77 51.74
N PRO G 75 8.22 -9.03 51.74
CA PRO G 75 8.07 -7.56 51.70
C PRO G 75 7.35 -7.09 50.44
N MET G 76 7.59 -7.76 49.32
CA MET G 76 6.92 -7.37 48.08
C MET G 76 5.42 -7.57 48.18
N ILE G 77 4.99 -8.72 48.71
CA ILE G 77 3.57 -8.98 48.82
C ILE G 77 2.91 -7.95 49.73
N ASN G 78 3.54 -7.68 50.88
CA ASN G 78 3.02 -6.65 51.76
C ASN G 78 2.94 -5.32 51.03
N ASN G 79 3.95 -5.02 50.22
CA ASN G 79 3.90 -3.80 49.42
C ASN G 79 2.73 -3.81 48.47
N ALA G 80 2.49 -4.95 47.81
CA ALA G 80 1.34 -5.06 46.92
C ALA G 80 0.04 -4.84 47.67
N ILE G 81 -0.06 -5.39 48.89
CA ILE G 81 -1.25 -5.20 49.69
C ILE G 81 -1.47 -3.72 49.96
N ARG G 82 -0.39 -3.00 50.25
CA ARG G 82 -0.52 -1.56 50.47
C ARG G 82 -1.09 -0.87 49.23
N SER G 83 -0.60 -1.25 48.05
CA SER G 83 -1.19 -0.75 46.82
C SER G 83 -2.66 -1.12 46.72
N PHE G 84 -2.98 -2.35 47.10
CA PHE G 84 -4.37 -2.80 47.08
C PHE G 84 -5.25 -1.87 47.90
N LEU G 85 -4.79 -1.50 49.10
CA LEU G 85 -5.58 -0.62 49.95
C LEU G 85 -5.77 0.75 49.30
N THR G 86 -4.71 1.28 48.70
CA THR G 86 -4.82 2.60 48.08
C THR G 86 -5.88 2.60 46.99
N ALA G 87 -5.93 1.54 46.19
CA ALA G 87 -7.01 1.41 45.22
C ALA G 87 -8.36 1.37 45.93
N TRP G 88 -8.44 0.68 47.06
CA TRP G 88 -9.69 0.60 47.79
C TRP G 88 -10.16 1.99 48.21
N ASP G 89 -9.24 2.86 48.58
CA ASP G 89 -9.61 4.24 48.88
C ASP G 89 -10.20 4.91 47.65
N GLY G 90 -9.61 4.67 46.48
CA GLY G 90 -10.13 5.28 45.27
C GLY G 90 -11.55 4.88 44.98
N ILE G 91 -11.99 3.73 45.50
CA ILE G 91 -13.35 3.28 45.23
C ILE G 91 -14.35 4.16 45.98
N ARG G 92 -14.29 4.14 47.31
CA ARG G 92 -15.31 4.81 48.08
C ARG G 92 -15.15 6.33 48.08
N ILE G 93 -13.98 6.82 47.70
CA ILE G 93 -13.78 8.27 47.69
C ILE G 93 -14.73 8.93 46.70
N LEU G 94 -15.11 8.21 45.66
CA LEU G 94 -16.14 8.67 44.73
C LEU G 94 -17.42 7.86 44.85
N SER G 95 -17.58 7.14 45.95
CA SER G 95 -18.80 6.39 46.21
C SER G 95 -18.91 6.12 47.70
N PRO G 96 -19.24 7.12 48.50
CA PRO G 96 -19.29 6.92 49.95
C PRO G 96 -20.48 6.09 50.37
N ASP G 97 -20.65 5.94 51.68
CA ASP G 97 -21.73 5.14 52.25
C ASP G 97 -22.69 6.06 52.99
N VAL G 98 -23.97 5.91 52.72
CA VAL G 98 -24.99 6.69 53.40
C VAL G 98 -25.54 5.87 54.56
N SER G 99 -26.08 6.57 55.55
CA SER G 99 -26.77 5.88 56.63
C SER G 99 -28.02 5.21 56.10
N SER G 100 -28.16 3.92 56.37
CA SER G 100 -29.37 3.22 55.97
C SER G 100 -30.61 3.89 56.54
N LYS G 101 -30.49 4.46 57.73
CA LYS G 101 -31.60 5.20 58.32
C LYS G 101 -32.03 6.34 57.42
N HIS G 102 -31.08 7.20 57.03
CA HIS G 102 -31.41 8.33 56.18
C HIS G 102 -31.96 7.87 54.85
N LEU G 103 -31.30 6.88 54.24
CA LEU G 103 -31.75 6.40 52.93
C LEU G 103 -33.15 5.82 53.02
N SER G 104 -33.40 4.99 54.04
CA SER G 104 -34.73 4.45 54.22
C SER G 104 -35.74 5.55 54.48
N ALA G 105 -35.35 6.55 55.27
CA ALA G 105 -36.24 7.68 55.52
C ALA G 105 -36.58 8.42 54.24
N TYR G 106 -35.56 8.75 53.45
CA TYR G 106 -35.78 9.54 52.24
C TYR G 106 -36.54 8.76 51.18
N LEU G 107 -36.53 7.44 51.22
CA LEU G 107 -37.13 6.66 50.15
C LEU G 107 -38.59 6.36 50.37
N ASP G 108 -39.02 6.19 51.61
CA ASP G 108 -40.41 5.86 51.91
C ASP G 108 -41.02 7.00 52.70
N SER G 109 -42.06 7.61 52.15
CA SER G 109 -42.81 8.66 52.84
C SER G 109 -43.94 8.11 53.69
N ALA G 110 -44.26 6.82 53.57
CA ALA G 110 -45.35 6.24 54.34
C ALA G 110 -44.89 5.87 55.74
N VAL G 111 -44.31 6.84 56.44
CA VAL G 111 -43.81 6.63 57.79
C VAL G 111 -44.73 7.28 58.82
N ALA G 112 -45.98 7.55 58.45
CA ALA G 112 -46.92 8.25 59.31
C ALA G 112 -46.32 9.54 59.83
N ASN G 113 -46.25 9.69 61.15
CA ASN G 113 -45.67 10.89 61.78
C ASN G 113 -46.34 12.16 61.29
N GLY G 114 -47.64 12.08 60.99
CA GLY G 114 -48.39 13.24 60.58
C GLY G 114 -49.00 13.92 61.78
N PRO G 115 -49.18 15.22 61.71
CA PRO G 115 -49.79 15.95 62.83
C PRO G 115 -51.19 15.43 63.11
N GLU G 116 -51.52 15.38 64.40
CA GLU G 116 -52.79 14.82 64.85
C GLU G 116 -53.86 15.91 64.71
N LEU G 117 -54.55 15.91 63.58
CA LEU G 117 -55.50 16.98 63.29
C LEU G 117 -56.89 16.69 63.84
N ILE G 118 -57.38 15.46 63.67
CA ILE G 118 -58.76 15.14 64.00
C ILE G 118 -58.84 14.76 65.47
N VAL G 119 -59.41 15.65 66.28
CA VAL G 119 -59.73 15.37 67.67
C VAL G 119 -61.16 15.84 67.90
N GLU G 120 -61.98 14.98 68.50
CA GLU G 120 -63.40 15.24 68.60
C GLU G 120 -63.86 15.16 70.05
N ASP G 121 -64.76 16.06 70.43
CA ASP G 121 -65.30 16.12 71.76
C ASP G 121 -66.81 15.94 71.70
N THR G 122 -67.34 15.08 72.56
CA THR G 122 -68.77 14.90 72.70
C THR G 122 -69.30 15.45 74.01
N GLY G 123 -68.44 16.00 74.86
CA GLY G 123 -68.88 16.54 76.13
C GLY G 123 -69.46 17.92 75.99
N LEU G 124 -69.03 18.84 76.84
CA LEU G 124 -69.54 20.20 76.84
C LEU G 124 -68.43 21.15 76.44
N CYS G 125 -68.75 22.08 75.54
CA CYS G 125 -67.78 23.06 75.06
C CYS G 125 -67.66 24.18 76.08
N THR G 126 -67.01 23.86 77.19
CA THR G 126 -66.76 24.84 78.24
C THR G 126 -65.39 24.61 78.84
N SER G 127 -64.81 25.68 79.38
CA SER G 127 -63.51 25.60 80.01
C SER G 127 -63.50 26.16 81.43
N PHE G 128 -64.64 26.63 81.92
CA PHE G 128 -64.75 27.16 83.27
C PHE G 128 -65.74 26.33 84.06
N MET G 129 -65.37 25.96 85.28
CA MET G 129 -66.19 25.11 86.12
C MET G 129 -66.70 25.92 87.30
N LEU G 130 -68.00 25.86 87.54
CA LEU G 130 -68.54 26.40 88.78
C LEU G 130 -68.13 25.50 89.93
N LEU G 131 -67.64 26.12 91.00
CA LEU G 131 -66.97 25.36 92.06
C LEU G 131 -67.50 25.77 93.41
N ASP G 132 -67.92 24.78 94.20
CA ASP G 132 -68.22 25.00 95.60
C ASP G 132 -66.91 25.09 96.36
N ASN G 133 -66.58 26.29 96.83
CA ASN G 133 -65.34 26.47 97.56
C ASN G 133 -65.51 26.21 99.05
N ILE G 134 -66.44 26.90 99.68
CA ILE G 134 -66.69 26.77 101.12
C ILE G 134 -68.00 26.02 101.29
N PRO G 135 -68.00 24.82 101.87
CA PRO G 135 -69.24 24.07 102.00
C PRO G 135 -70.21 24.76 102.95
N SER G 136 -71.50 24.53 102.68
CA SER G 136 -72.54 25.02 103.58
C SER G 136 -72.69 24.08 104.77
N ALA G 137 -72.97 24.67 105.93
CA ALA G 137 -73.05 23.88 107.15
C ALA G 137 -74.40 23.17 107.25
N HIS G 138 -74.37 22.00 107.89
CA HIS G 138 -75.59 21.24 108.14
C HIS G 138 -76.10 21.57 109.53
N LEU G 139 -77.33 22.07 109.61
CA LEU G 139 -77.96 22.46 110.85
C LEU G 139 -79.04 21.46 111.19
N THR G 140 -79.02 20.96 112.43
CA THR G 140 -79.97 19.94 112.85
C THR G 140 -80.61 20.20 114.21
N LYS G 141 -80.11 21.17 114.98
CA LYS G 141 -80.70 21.50 116.28
C LYS G 141 -81.37 22.87 116.25
N GLU G 142 -80.64 23.91 115.86
CA GLU G 142 -81.17 25.25 115.76
C GLU G 142 -81.01 25.74 114.33
N LEU G 143 -81.86 26.71 113.95
CA LEU G 143 -81.88 27.27 112.61
C LEU G 143 -82.30 26.24 111.57
N ILE G 144 -83.14 25.29 111.99
CA ILE G 144 -83.61 24.26 111.08
C ILE G 144 -84.44 24.87 109.97
N GLY G 145 -84.19 24.44 108.74
CA GLY G 145 -84.94 24.89 107.60
C GLY G 145 -84.35 26.07 106.85
N PHE G 146 -83.29 26.69 107.39
CA PHE G 146 -82.70 27.82 106.69
C PHE G 146 -81.97 27.41 105.43
N THR G 147 -81.51 26.18 105.34
CA THR G 147 -80.83 25.69 104.15
C THR G 147 -81.49 24.40 103.68
N TRP G 148 -81.37 24.13 102.39
CA TRP G 148 -81.98 22.95 101.80
C TRP G 148 -81.03 22.38 100.77
N PHE G 149 -80.78 21.07 100.87
CA PHE G 149 -79.91 20.38 99.93
C PHE G 149 -80.74 19.57 98.95
N MET G 150 -80.32 19.56 97.69
CA MET G 150 -80.96 18.68 96.71
C MET G 150 -80.70 17.21 97.04
N GLN G 151 -79.73 16.93 97.90
CA GLN G 151 -79.42 15.55 98.24
C GLN G 151 -80.62 14.86 98.87
N MET G 152 -81.32 15.53 99.78
CA MET G 152 -82.46 14.91 100.42
C MET G 152 -83.59 14.62 99.45
N TYR G 153 -83.55 15.19 98.24
CA TYR G 153 -84.51 14.88 97.20
C TYR G 153 -83.93 13.95 96.13
N GLN G 154 -82.75 13.37 96.39
CA GLN G 154 -82.10 12.47 95.44
C GLN G 154 -81.93 13.13 94.08
N MET G 155 -81.48 14.38 94.10
CA MET G 155 -81.28 15.13 92.86
C MET G 155 -79.93 15.81 92.90
N THR G 156 -79.28 15.85 91.74
CA THR G 156 -78.01 16.53 91.62
C THR G 156 -78.25 17.98 91.22
N PRO G 157 -77.89 18.95 92.06
CA PRO G 157 -78.18 20.35 91.75
C PRO G 157 -77.45 20.79 90.50
N PRO G 158 -78.11 21.55 89.63
CA PRO G 158 -77.43 22.07 88.44
C PRO G 158 -76.37 23.10 88.76
N LEU G 159 -76.39 23.68 89.95
CA LEU G 159 -75.46 24.71 90.34
C LEU G 159 -74.81 24.35 91.66
N PRO G 160 -73.59 24.83 91.91
CA PRO G 160 -72.97 24.60 93.22
C PRO G 160 -73.80 25.23 94.32
N GLU G 161 -73.79 24.60 95.49
CA GLU G 161 -74.65 25.04 96.58
C GLU G 161 -73.88 25.24 97.88
N GLY G 162 -72.58 25.50 97.79
CA GLY G 162 -71.81 25.77 98.98
C GLY G 162 -72.06 27.16 99.50
N ALA G 163 -71.44 27.46 100.65
CA ALA G 163 -71.59 28.79 101.24
C ALA G 163 -71.01 29.85 100.32
N VAL G 164 -69.88 29.56 99.69
CA VAL G 164 -69.24 30.48 98.76
C VAL G 164 -68.88 29.70 97.50
N ASN G 165 -69.25 30.25 96.35
CA ASN G 165 -69.06 29.58 95.06
C ASN G 165 -68.20 30.43 94.15
N ARG G 166 -67.38 29.77 93.35
CA ARG G 166 -66.38 30.45 92.53
C ARG G 166 -66.40 29.92 91.11
N ILE G 167 -65.99 30.76 90.18
CA ILE G 167 -65.72 30.37 88.80
C ILE G 167 -64.22 30.25 88.63
N VAL G 168 -63.75 29.09 88.17
CA VAL G 168 -62.34 28.86 87.97
C VAL G 168 -62.10 28.24 86.61
N CYS G 169 -60.90 28.42 86.08
CA CYS G 169 -60.55 27.92 84.76
C CYS G 169 -60.03 26.49 84.88
N MET G 170 -60.70 25.56 84.21
CA MET G 170 -60.25 24.18 84.15
C MET G 170 -60.56 23.65 82.76
N THR G 171 -59.52 23.49 81.94
CA THR G 171 -59.71 23.06 80.57
C THR G 171 -60.22 21.63 80.50
N ASN G 172 -61.20 21.40 79.65
CA ASN G 172 -61.68 20.07 79.32
C ASN G 172 -62.20 19.32 80.54
N TRP G 173 -62.68 20.04 81.54
CA TRP G 173 -63.18 19.37 82.73
C TRP G 173 -64.43 18.54 82.44
N ALA G 174 -65.14 18.85 81.37
CA ALA G 174 -66.32 18.08 80.99
C ALA G 174 -66.15 17.41 79.63
N SER G 175 -64.91 17.16 79.21
CA SER G 175 -64.63 16.67 77.86
C SER G 175 -64.83 15.17 77.82
N LEU G 176 -66.09 14.77 77.64
CA LEU G 176 -66.39 13.38 77.33
C LEU G 176 -66.04 13.09 75.88
N GLY G 177 -65.50 11.91 75.64
CA GLY G 177 -65.21 11.49 74.28
C GLY G 177 -63.76 11.11 74.04
N ASP G 178 -63.18 11.64 72.98
CA ASP G 178 -61.84 11.26 72.57
C ASP G 178 -60.81 11.73 73.59
N GLU G 179 -59.62 11.14 73.50
CA GLU G 179 -58.53 11.53 74.38
C GLU G 179 -58.04 12.94 74.03
N GLY G 180 -57.59 13.67 75.05
CA GLY G 180 -57.24 15.06 74.90
C GLY G 180 -55.92 15.27 74.19
N ARG G 181 -55.60 16.54 73.98
CA ARG G 181 -54.35 16.91 73.32
C ARG G 181 -53.14 16.47 74.13
N GLY G 182 -53.28 16.41 75.45
CA GLY G 182 -52.19 16.02 76.31
C GLY G 182 -51.57 17.14 77.13
N LEU G 183 -52.12 18.34 77.06
CA LEU G 183 -51.67 19.44 77.91
C LEU G 183 -52.89 20.21 78.38
N GLU G 184 -52.89 20.58 79.66
CA GLU G 184 -54.09 21.12 80.29
C GLU G 184 -53.73 22.33 81.14
N VAL G 185 -54.75 23.06 81.53
CA VAL G 185 -54.64 24.18 82.47
C VAL G 185 -55.69 23.99 83.54
N ARG G 186 -55.26 23.85 84.79
CA ARG G 186 -56.18 23.51 85.89
C ARG G 186 -55.81 24.39 87.09
N LEU G 187 -56.46 25.53 87.20
CA LEU G 187 -56.22 26.37 88.36
C LEU G 187 -56.95 25.82 89.57
N PRO G 188 -56.32 25.81 90.73
CA PRO G 188 -57.02 25.47 91.96
C PRO G 188 -57.87 26.63 92.42
N PRO G 189 -58.81 26.40 93.33
CA PRO G 189 -59.62 27.51 93.83
C PRO G 189 -58.75 28.51 94.55
N PRO G 190 -59.17 29.77 94.59
CA PRO G 190 -58.28 30.84 95.08
C PRO G 190 -57.91 30.72 96.55
N THR G 191 -58.41 29.69 97.23
CA THR G 191 -57.98 29.41 98.58
C THR G 191 -56.64 28.69 98.64
N ASP G 192 -56.00 28.49 97.50
CA ASP G 192 -54.73 27.79 97.43
C ASP G 192 -53.70 28.66 96.72
N SER G 193 -52.53 28.08 96.45
CA SER G 193 -51.42 28.84 95.89
C SER G 193 -51.71 29.25 94.46
N SER G 194 -51.89 28.28 93.57
CA SER G 194 -52.10 28.53 92.14
C SER G 194 -50.93 29.32 91.55
N VAL G 195 -49.72 29.01 91.99
CA VAL G 195 -48.54 29.71 91.50
C VAL G 195 -47.83 28.83 90.49
N HIS G 196 -47.99 27.51 90.64
CA HIS G 196 -47.32 26.59 89.73
C HIS G 196 -47.77 26.79 88.29
N ALA G 197 -48.94 27.37 88.08
CA ALA G 197 -49.41 27.64 86.73
C ALA G 197 -48.70 28.81 86.07
N TYR G 198 -47.74 29.42 86.75
CA TYR G 198 -47.07 30.61 86.21
C TYR G 198 -45.55 30.49 86.32
N LYS G 199 -45.04 29.27 86.34
CA LYS G 199 -43.62 29.04 86.44
C LYS G 199 -43.09 28.35 85.20
N THR G 200 -43.67 28.67 84.05
CA THR G 200 -43.23 28.04 82.81
C THR G 200 -41.80 28.42 82.46
N VAL G 201 -41.45 29.70 82.66
CA VAL G 201 -40.12 30.19 82.29
C VAL G 201 -39.57 31.07 83.39
N LEU G 202 -38.25 31.22 83.37
CA LEU G 202 -37.56 32.22 84.19
C LEU G 202 -37.86 32.01 85.67
N SER G 203 -38.13 30.77 86.07
CA SER G 203 -38.53 30.52 87.44
C SER G 203 -37.78 29.35 88.06
N ARG G 204 -37.34 28.42 87.22
CA ARG G 204 -36.95 27.09 87.69
C ARG G 204 -35.88 27.13 88.78
N GLY G 205 -34.69 27.59 88.45
CA GLY G 205 -33.64 27.63 89.44
C GLY G 205 -33.54 28.92 90.19
N TYR G 206 -34.53 29.81 90.05
CA TYR G 206 -34.37 31.18 90.51
C TYR G 206 -35.25 31.50 91.71
N ILE G 207 -36.57 31.34 91.58
CA ILE G 207 -37.47 31.70 92.68
C ILE G 207 -37.74 30.47 93.53
N ASP G 208 -38.26 30.69 94.72
CA ASP G 208 -38.60 29.61 95.63
C ASP G 208 -39.87 28.90 95.17
N ASN G 209 -40.06 27.69 95.68
CA ASN G 209 -41.23 26.89 95.34
C ASN G 209 -42.54 27.60 95.65
N ALA G 210 -42.56 28.46 96.67
CA ALA G 210 -43.79 29.09 97.12
C ALA G 210 -43.85 30.57 96.74
N GLN G 211 -43.27 30.95 95.62
CA GLN G 211 -43.27 32.33 95.17
C GLN G 211 -43.70 32.39 93.71
N PHE G 212 -43.74 33.59 93.18
CA PHE G 212 -43.86 33.79 91.73
C PHE G 212 -42.99 34.97 91.35
N ASN G 213 -42.51 34.96 90.12
CA ASN G 213 -41.59 35.99 89.64
C ASN G 213 -42.38 37.20 89.16
N PRO G 214 -42.45 38.27 89.96
CA PRO G 214 -43.25 39.43 89.55
C PRO G 214 -42.66 40.16 88.36
N LEU G 215 -41.37 40.00 88.08
CA LEU G 215 -40.75 40.72 86.98
C LEU G 215 -40.87 39.99 85.65
N ALA G 216 -41.37 38.76 85.64
CA ALA G 216 -41.54 38.00 84.41
C ALA G 216 -43.00 37.58 84.23
N LEU G 217 -43.91 38.36 84.79
CA LEU G 217 -45.31 37.96 84.81
C LEU G 217 -45.88 37.87 83.39
N ARG G 218 -45.56 38.85 82.54
CA ARG G 218 -46.21 38.91 81.23
C ARG G 218 -45.93 37.67 80.42
N SER G 219 -44.68 37.22 80.40
CA SER G 219 -44.33 36.06 79.59
C SER G 219 -45.05 34.82 80.07
N ASN G 220 -45.02 34.56 81.38
CA ASN G 220 -45.66 33.36 81.90
C ASN G 220 -47.16 33.37 81.63
N VAL G 221 -47.80 34.53 81.81
CA VAL G 221 -49.23 34.62 81.52
C VAL G 221 -49.49 34.29 80.06
N LEU G 222 -48.67 34.84 79.17
CA LEU G 222 -48.87 34.60 77.75
C LEU G 222 -48.77 33.13 77.43
N LEU G 223 -47.74 32.46 77.94
CA LEU G 223 -47.57 31.05 77.66
C LEU G 223 -48.74 30.23 78.19
N MET G 224 -49.19 30.54 79.39
CA MET G 224 -50.33 29.83 79.95
C MET G 224 -51.56 29.96 79.07
N LEU G 225 -51.81 31.18 78.58
CA LEU G 225 -52.90 31.38 77.65
C LEU G 225 -52.69 30.57 76.38
N LEU G 226 -51.44 30.49 75.91
CA LEU G 226 -51.15 29.67 74.74
C LEU G 226 -51.52 28.22 74.99
N GLN G 227 -51.12 27.69 76.14
CA GLN G 227 -51.49 26.32 76.47
C GLN G 227 -53.00 26.17 76.54
N PHE G 228 -53.67 27.17 77.14
CA PHE G 228 -55.12 27.17 77.17
C PHE G 228 -55.68 27.06 75.76
N THR G 229 -55.15 27.85 74.84
CA THR G 229 -55.65 27.83 73.48
C THR G 229 -55.46 26.48 72.83
N LEU G 230 -54.24 25.94 72.92
CA LEU G 230 -53.95 24.68 72.24
C LEU G 230 -54.81 23.55 72.79
N SER G 231 -54.99 23.51 74.10
CA SER G 231 -55.79 22.46 74.71
C SER G 231 -57.22 22.47 74.23
N ASN G 232 -57.73 23.61 73.79
CA ASN G 232 -59.12 23.72 73.38
C ASN G 232 -59.35 23.45 71.91
N LEU G 233 -58.32 23.03 71.19
CA LEU G 233 -58.43 22.82 69.74
C LEU G 233 -59.03 21.45 69.50
N LYS G 234 -60.36 21.39 69.51
CA LYS G 234 -61.09 20.16 69.25
C LYS G 234 -62.25 20.45 68.31
N ILE G 235 -62.94 19.40 67.91
CA ILE G 235 -64.11 19.49 67.06
C ILE G 235 -65.34 19.19 67.89
N ASN G 236 -66.32 20.08 67.85
CA ASN G 236 -67.56 19.88 68.60
C ASN G 236 -68.40 18.85 67.84
N LYS G 237 -68.20 17.59 68.20
CA LYS G 237 -68.91 16.52 67.53
C LYS G 237 -70.35 16.46 68.00
N SER G 238 -71.23 16.07 67.08
CA SER G 238 -72.62 15.87 67.43
C SER G 238 -72.78 14.58 68.25
N SER G 239 -73.99 14.40 68.76
CA SER G 239 -74.34 13.18 69.48
C SER G 239 -75.83 12.97 69.35
N THR G 240 -76.26 11.75 69.67
CA THR G 240 -77.67 11.40 69.49
C THR G 240 -78.56 12.27 70.37
N PHE G 241 -79.59 12.83 69.78
CA PHE G 241 -80.60 13.58 70.50
C PHE G 241 -81.82 12.73 70.73
N THR G 242 -82.66 13.18 71.67
CA THR G 242 -83.90 12.49 71.95
C THR G 242 -84.82 13.42 72.70
N SER G 243 -86.11 13.13 72.63
CA SER G 243 -87.11 13.84 73.40
C SER G 243 -87.25 13.18 74.77
N ASP G 244 -87.74 13.96 75.73
CA ASP G 244 -88.01 13.47 77.07
C ASP G 244 -89.50 13.33 77.26
N VAL G 245 -89.93 12.18 77.76
CA VAL G 245 -91.35 11.89 77.91
C VAL G 245 -91.78 12.26 79.33
N THR G 246 -90.91 12.98 80.04
CA THR G 246 -91.21 13.37 81.40
C THR G 246 -92.08 14.64 81.40
N THR G 247 -92.47 15.05 82.59
CA THR G 247 -93.35 16.19 82.75
C THR G 247 -92.65 17.52 82.49
N ILE G 248 -91.34 17.58 82.64
CA ILE G 248 -90.63 18.84 82.56
C ILE G 248 -90.16 19.07 81.13
N THR G 249 -90.77 18.37 80.19
CA THR G 249 -90.40 18.52 78.80
C THR G 249 -90.77 19.92 78.30
N SER G 250 -89.98 20.39 77.33
CA SER G 250 -90.22 21.68 76.69
C SER G 250 -90.67 21.54 75.25
N GLY G 251 -90.87 20.31 74.78
CA GLY G 251 -91.21 20.07 73.39
C GLY G 251 -90.03 19.90 72.47
N ARG G 252 -88.83 20.23 72.92
CA ARG G 252 -87.62 20.07 72.13
C ARG G 252 -86.87 18.82 72.58
N MET G 253 -86.07 18.28 71.66
CA MET G 253 -85.23 17.15 71.99
C MET G 253 -83.92 17.63 72.59
N ILE G 254 -83.34 16.81 73.47
CA ILE G 254 -82.14 17.16 74.18
C ILE G 254 -81.10 16.08 73.96
N ARG G 255 -79.88 16.39 74.36
CA ARG G 255 -78.72 15.52 74.13
C ARG G 255 -78.51 14.68 75.38
N ALA G 256 -78.92 13.41 75.32
CA ALA G 256 -78.82 12.52 76.46
C ALA G 256 -77.39 12.00 76.58
N PHE G 257 -76.72 12.33 77.67
CA PHE G 257 -75.35 11.89 77.90
C PHE G 257 -75.40 10.52 78.57
N GLU G 258 -75.64 9.50 77.77
CA GLU G 258 -75.69 8.15 78.29
C GLU G 258 -74.37 7.79 78.96
N GLY G 259 -74.45 7.20 80.15
CA GLY G 259 -73.29 6.85 80.91
C GLY G 259 -72.68 7.97 81.72
N ARG G 260 -73.10 9.21 81.50
CA ARG G 260 -72.61 10.35 82.26
C ARG G 260 -73.80 11.19 82.73
N PRO G 261 -74.64 10.65 83.60
CA PRO G 261 -75.87 11.37 83.98
C PRO G 261 -75.59 12.73 84.60
N GLU G 262 -74.51 12.86 85.36
CA GLU G 262 -74.18 14.15 85.97
C GLU G 262 -73.99 15.21 84.91
N LEU G 263 -73.46 14.82 83.75
CA LEU G 263 -73.37 15.76 82.64
C LEU G 263 -74.76 16.23 82.23
N LEU G 264 -75.70 15.30 82.16
CA LEU G 264 -77.07 15.67 81.79
C LEU G 264 -77.65 16.67 82.78
N ALA G 265 -77.43 16.44 84.07
CA ALA G 265 -77.93 17.39 85.06
C ALA G 265 -77.28 18.75 84.89
N LEU G 266 -75.97 18.77 84.64
CA LEU G 266 -75.27 20.04 84.52
C LEU G 266 -75.61 20.76 83.23
N ALA G 267 -75.85 20.01 82.15
CA ALA G 267 -75.95 20.63 80.84
C ALA G 267 -77.13 21.56 80.73
N TYR G 268 -78.26 21.21 81.33
CA TYR G 268 -79.51 21.96 81.16
C TYR G 268 -80.03 22.39 82.52
N PRO G 269 -79.57 23.53 83.02
CA PRO G 269 -80.13 24.05 84.28
C PRO G 269 -81.61 24.32 84.21
N GLY G 270 -82.16 24.53 83.01
CA GLY G 270 -83.59 24.76 82.89
C GLY G 270 -84.43 23.59 83.34
N ARG G 271 -83.89 22.38 83.32
CA ARG G 271 -84.63 21.20 83.71
C ARG G 271 -84.61 20.96 85.21
N ALA G 272 -84.27 21.97 86.00
CA ALA G 272 -84.19 21.78 87.44
C ALA G 272 -85.57 21.58 88.03
N VAL G 273 -85.63 20.88 89.16
CA VAL G 273 -86.83 20.74 89.97
C VAL G 273 -86.60 21.54 91.24
N LEU G 274 -87.48 22.50 91.49
CA LEU G 274 -87.23 23.49 92.52
C LEU G 274 -88.24 23.37 93.65
N PRO G 275 -87.87 22.83 94.79
CA PRO G 275 -88.64 23.11 96.01
C PRO G 275 -88.01 24.21 96.85
N THR G 276 -88.82 24.91 97.65
CA THR G 276 -88.39 25.65 98.82
C THR G 276 -87.56 26.89 98.52
N GLN G 277 -87.59 27.42 97.30
CA GLN G 277 -87.22 28.81 97.02
C GLN G 277 -85.91 29.22 97.69
N THR G 278 -84.83 28.55 97.31
CA THR G 278 -83.52 28.99 97.78
C THR G 278 -82.95 30.04 96.84
N LYS G 279 -81.79 30.58 97.19
CA LYS G 279 -81.17 31.59 96.35
C LYS G 279 -80.93 31.05 94.95
N ASN G 280 -80.57 29.77 94.83
CA ASN G 280 -80.49 29.14 93.52
C ASN G 280 -81.84 29.15 92.84
N ALA G 281 -82.90 28.78 93.57
CA ALA G 281 -84.22 28.73 92.99
C ALA G 281 -84.68 30.11 92.53
N GLN G 282 -84.37 31.14 93.32
CA GLN G 282 -84.77 32.49 92.95
C GLN G 282 -84.18 32.92 91.63
N PHE G 283 -83.09 32.30 91.21
CA PHE G 283 -82.51 32.58 89.91
C PHE G 283 -83.05 31.64 88.84
N LEU G 284 -83.00 30.34 89.09
CA LEU G 284 -83.42 29.37 88.10
C LEU G 284 -84.89 29.51 87.73
N SER G 285 -85.70 30.00 88.67
CA SER G 285 -87.13 30.12 88.41
C SER G 285 -87.43 31.10 87.29
N THR G 286 -86.47 31.92 86.90
CA THR G 286 -86.65 32.86 85.81
C THR G 286 -86.26 32.29 84.45
N ALA G 287 -85.85 31.04 84.39
CA ALA G 287 -85.35 30.48 83.13
C ALA G 287 -86.48 30.41 82.10
N ILE G 288 -86.16 30.82 80.87
CA ILE G 288 -87.12 30.70 79.79
C ILE G 288 -87.30 29.23 79.45
N ALA G 289 -88.52 28.86 79.08
CA ALA G 289 -88.90 27.45 79.03
C ALA G 289 -88.13 26.70 77.95
N ASP G 290 -88.13 27.19 76.72
CA ASP G 290 -87.71 26.40 75.58
C ASP G 290 -86.28 26.68 75.15
N ARG G 291 -85.50 27.42 75.94
CA ARG G 291 -84.12 27.72 75.59
C ARG G 291 -83.24 26.53 75.93
N ILE G 292 -83.43 25.45 75.17
CA ILE G 292 -82.79 24.19 75.53
C ILE G 292 -82.84 23.26 74.33
N GLY G 293 -81.78 22.45 74.19
CA GLY G 293 -81.81 21.34 73.26
C GLY G 293 -81.62 21.75 71.82
N ARG G 294 -81.96 20.81 70.94
CA ARG G 294 -81.79 21.01 69.50
C ARG G 294 -82.61 22.20 69.02
N LEU G 295 -82.00 23.02 68.18
CA LEU G 295 -82.67 24.13 67.54
C LEU G 295 -82.92 23.91 66.06
N ASP G 296 -81.94 23.38 65.34
CA ASP G 296 -82.12 23.08 63.93
C ASP G 296 -81.06 22.06 63.52
N ARG G 297 -81.28 21.45 62.36
CA ARG G 297 -80.41 20.41 61.88
C ARG G 297 -80.45 20.36 60.36
N ALA G 298 -79.44 19.75 59.77
CA ALA G 298 -79.36 19.52 58.33
C ALA G 298 -79.59 18.03 58.09
N ASN G 299 -80.82 17.68 57.72
CA ASN G 299 -81.20 16.29 57.51
C ASN G 299 -81.18 16.02 56.01
N LEU G 300 -80.09 15.40 55.55
CA LEU G 300 -79.87 15.22 54.12
C LEU G 300 -80.37 13.89 53.60
N ILE G 301 -80.13 12.81 54.33
CA ILE G 301 -80.46 11.47 53.88
C ILE G 301 -81.47 10.85 54.83
N GLY G 302 -82.50 10.22 54.27
CA GLY G 302 -83.52 9.61 55.08
C GLY G 302 -82.99 8.56 56.02
N GLY G 303 -83.33 8.68 57.30
CA GLY G 303 -82.89 7.73 58.30
C GLY G 303 -81.44 7.84 58.69
N GLU G 304 -80.70 8.77 58.12
CA GLU G 304 -79.30 8.96 58.46
C GLU G 304 -79.15 9.94 59.61
N VAL G 305 -77.97 9.94 60.22
CA VAL G 305 -77.67 10.91 61.25
C VAL G 305 -77.51 12.29 60.60
N SER G 306 -78.04 13.31 61.27
CA SER G 306 -77.94 14.66 60.75
C SER G 306 -76.48 15.04 60.53
N ALA G 307 -76.18 15.57 59.35
CA ALA G 307 -74.82 15.96 59.05
C ALA G 307 -74.34 17.06 59.99
N MET G 308 -75.19 18.04 60.26
CA MET G 308 -74.84 19.14 61.15
C MET G 308 -76.08 19.55 61.91
N VAL G 309 -75.87 19.93 63.17
CA VAL G 309 -76.97 20.26 64.07
C VAL G 309 -76.61 21.52 64.86
N GLU G 310 -77.61 22.33 65.15
CA GLU G 310 -77.46 23.50 65.99
C GLU G 310 -78.34 23.36 67.21
N CYS G 311 -77.76 23.59 68.39
CA CYS G 311 -78.47 23.46 69.64
C CYS G 311 -77.91 24.51 70.61
N MET G 312 -78.56 24.62 71.75
CA MET G 312 -78.05 25.47 72.82
C MET G 312 -78.01 24.68 74.12
N GLU G 313 -76.95 24.89 74.87
CA GLU G 313 -76.70 24.15 76.11
C GLU G 313 -75.67 24.95 76.91
N LEU G 314 -75.18 24.35 77.98
CA LEU G 314 -74.14 24.99 78.77
C LEU G 314 -72.86 25.07 77.96
N CYS G 315 -72.44 26.29 77.62
CA CYS G 315 -71.26 26.48 76.79
C CYS G 315 -70.80 27.92 76.90
N ASP G 316 -69.54 28.11 77.24
CA ASP G 316 -69.01 29.47 77.31
C ASP G 316 -68.65 29.97 75.92
N ALA G 317 -68.57 31.30 75.80
CA ALA G 317 -68.32 31.90 74.49
C ALA G 317 -66.90 31.67 74.03
N LEU G 318 -65.93 31.86 74.94
CA LEU G 318 -64.53 31.88 74.52
C LEU G 318 -64.12 30.56 73.90
N THR G 319 -64.37 29.45 74.60
CA THR G 319 -64.03 28.15 74.04
C THR G 319 -64.78 27.91 72.74
N LEU G 320 -66.04 28.34 72.68
CA LEU G 320 -66.81 28.21 71.45
C LEU G 320 -66.12 28.94 70.31
N HIS G 321 -65.64 30.16 70.57
CA HIS G 321 -64.96 30.90 69.52
C HIS G 321 -63.71 30.17 69.06
N ILE G 322 -62.96 29.58 70.00
CA ILE G 322 -61.74 28.89 69.64
C ILE G 322 -62.06 27.73 68.71
N ARG G 323 -62.98 26.86 69.12
CA ARG G 323 -63.22 25.64 68.37
C ARG G 323 -63.80 25.94 67.00
N GLU G 324 -64.67 26.95 66.92
CA GLU G 324 -65.22 27.31 65.62
C GLU G 324 -64.13 27.81 64.68
N THR G 325 -63.13 28.50 65.22
CA THR G 325 -62.00 28.87 64.37
C THR G 325 -61.24 27.63 63.94
N TYR G 326 -61.10 26.65 64.83
CA TYR G 326 -60.31 25.47 64.51
C TYR G 326 -60.89 24.73 63.32
N VAL G 327 -62.22 24.54 63.31
CA VAL G 327 -62.84 23.88 62.17
C VAL G 327 -62.73 24.76 60.94
N MET G 328 -62.82 26.08 61.12
CA MET G 328 -62.64 26.99 60.00
C MET G 328 -61.28 26.78 59.36
N LEU G 329 -60.24 26.58 60.18
CA LEU G 329 -58.94 26.27 59.64
C LEU G 329 -58.95 24.97 58.87
N LEU G 330 -59.60 23.94 59.41
CA LEU G 330 -59.62 22.64 58.75
C LEU G 330 -60.30 22.74 57.40
N ARG G 331 -61.42 23.46 57.32
CA ARG G 331 -62.07 23.65 56.05
C ARG G 331 -61.14 24.30 55.04
N SER G 332 -60.26 25.17 55.52
CA SER G 332 -59.39 25.93 54.62
C SER G 332 -58.43 25.03 53.86
N MET G 333 -58.14 23.84 54.36
CA MET G 333 -57.20 22.94 53.71
C MET G 333 -57.90 21.74 53.09
N HIS G 334 -59.11 21.96 52.56
CA HIS G 334 -59.91 20.90 51.99
C HIS G 334 -60.38 21.30 50.60
N GLN G 335 -60.45 20.33 49.69
CA GLN G 335 -60.87 20.58 48.33
C GLN G 335 -61.81 19.46 47.88
N ASP G 336 -62.58 19.77 46.84
CA ASP G 336 -63.54 18.81 46.32
C ASP G 336 -62.82 17.61 45.69
N PRO G 337 -63.48 16.46 45.64
CA PRO G 337 -62.86 15.29 45.00
C PRO G 337 -62.43 15.54 43.57
N THR G 338 -63.21 16.32 42.82
CA THR G 338 -62.81 16.67 41.46
C THR G 338 -61.44 17.32 41.45
N GLN G 339 -61.19 18.22 42.40
CA GLN G 339 -59.86 18.80 42.52
C GLN G 339 -58.83 17.74 42.82
N ILE G 340 -59.14 16.84 43.76
CA ILE G 340 -58.18 15.85 44.19
C ILE G 340 -57.75 14.99 43.02
N VAL G 341 -58.73 14.46 42.28
CA VAL G 341 -58.39 13.57 41.18
C VAL G 341 -57.62 14.32 40.11
N GLN G 342 -57.99 15.58 39.86
CA GLN G 342 -57.23 16.37 38.89
C GLN G 342 -55.80 16.58 39.35
N ILE G 343 -55.61 16.85 40.63
CA ILE G 343 -54.26 17.04 41.17
C ILE G 343 -53.44 15.78 40.97
N VAL G 344 -54.02 14.63 41.33
CA VAL G 344 -53.28 13.37 41.21
C VAL G 344 -52.93 13.09 39.77
N ASN G 345 -53.89 13.31 38.87
CA ASN G 345 -53.63 13.07 37.45
C ASN G 345 -52.50 13.96 36.96
N GLU G 346 -52.50 15.24 37.37
CA GLU G 346 -51.45 16.14 36.92
C GLU G 346 -50.09 15.70 37.45
N CYS G 347 -50.04 15.26 38.70
CA CYS G 347 -48.76 14.85 39.29
C CYS G 347 -48.14 13.72 38.47
N ALA G 348 -48.96 12.84 37.93
CA ALA G 348 -48.47 11.75 37.10
C ALA G 348 -48.33 12.14 35.64
N ASN G 349 -48.19 13.44 35.35
CA ASN G 349 -48.05 13.93 33.99
C ASN G 349 -49.16 13.39 33.09
N ASN G 350 -50.37 13.37 33.63
CA ASN G 350 -51.56 12.94 32.92
C ASN G 350 -51.48 11.49 32.49
N LEU G 351 -50.48 10.76 32.97
CA LEU G 351 -50.57 9.32 32.92
C LEU G 351 -51.47 8.84 34.05
N LEU G 352 -51.95 7.61 33.93
CA LEU G 352 -52.75 6.98 34.98
C LEU G 352 -53.99 7.82 35.29
N ASN G 353 -54.71 8.21 34.24
CA ASN G 353 -55.84 9.11 34.41
C ASN G 353 -57.03 8.42 35.05
N SER G 354 -57.15 8.51 36.37
CA SER G 354 -58.29 7.95 37.06
C SER G 354 -59.41 8.98 37.13
N THR G 355 -60.53 8.60 37.73
CA THR G 355 -61.66 9.50 37.88
C THR G 355 -62.43 9.13 39.15
N ILE G 356 -63.61 9.71 39.31
CA ILE G 356 -64.35 9.58 40.55
C ILE G 356 -65.79 9.16 40.27
N PRO G 357 -66.46 8.48 41.18
CA PRO G 357 -67.88 8.23 41.04
C PRO G 357 -68.68 9.51 41.28
N ILE G 358 -69.91 9.51 40.79
CA ILE G 358 -70.79 10.66 40.88
C ILE G 358 -71.98 10.26 41.72
N SER G 359 -72.01 10.72 42.97
CA SER G 359 -73.14 10.48 43.86
C SER G 359 -72.99 11.41 45.05
N LEU G 360 -73.99 11.39 45.92
CA LEU G 360 -73.97 12.24 47.09
C LEU G 360 -72.89 11.79 48.05
N ARG G 361 -72.04 12.72 48.47
CA ARG G 361 -71.01 12.49 49.48
C ARG G 361 -71.30 13.50 50.58
N PRO G 362 -72.15 13.15 51.54
CA PRO G 362 -72.70 14.17 52.44
C PRO G 362 -71.69 14.97 53.24
N THR G 363 -70.85 14.30 54.01
CA THR G 363 -70.08 14.99 55.04
C THR G 363 -68.63 14.55 55.04
N ILE G 364 -67.99 14.56 53.87
CA ILE G 364 -66.59 14.21 53.80
C ILE G 364 -65.73 15.42 54.17
N LEU G 365 -64.47 15.15 54.51
CA LEU G 365 -63.52 16.20 54.85
C LEU G 365 -62.12 15.64 54.66
N CYS G 366 -61.33 16.28 53.80
CA CYS G 366 -59.99 15.80 53.44
C CYS G 366 -58.98 16.90 53.64
N PRO G 367 -58.56 17.13 54.87
CA PRO G 367 -57.57 18.18 55.13
C PRO G 367 -56.18 17.76 54.66
N TRP G 368 -55.93 17.87 53.36
CA TRP G 368 -54.72 17.32 52.77
C TRP G 368 -53.90 18.33 52.00
N PHE G 369 -54.21 19.62 52.09
CA PHE G 369 -53.60 20.58 51.19
C PHE G 369 -53.17 21.82 51.95
N ALA G 370 -52.40 22.66 51.26
CA ALA G 370 -51.87 23.90 51.82
C ALA G 370 -51.56 24.84 50.68
N SER G 371 -50.87 25.93 50.97
CA SER G 371 -50.48 26.91 49.97
C SER G 371 -49.00 26.77 49.66
N SER G 372 -48.59 27.38 48.54
CA SER G 372 -47.19 27.35 48.16
C SER G 372 -46.32 28.04 49.22
N GLU G 373 -46.81 29.16 49.74
CA GLU G 373 -46.04 29.89 50.76
C GLU G 373 -45.70 28.98 51.92
N ASP G 374 -46.67 28.20 52.38
CA ASP G 374 -46.39 27.23 53.42
C ASP G 374 -45.36 26.21 52.96
N LEU G 375 -45.49 25.74 51.71
CA LEU G 375 -44.52 24.81 51.18
C LEU G 375 -43.13 25.43 51.12
N ARG G 376 -43.06 26.67 50.63
CA ARG G 376 -41.77 27.36 50.60
C ARG G 376 -41.22 27.52 52.01
N LEU G 377 -42.08 27.91 52.95
CA LEU G 377 -41.63 28.11 54.32
C LEU G 377 -41.08 26.81 54.90
N GLN G 378 -41.82 25.71 54.72
CA GLN G 378 -41.35 24.44 55.23
C GLN G 378 -40.05 24.03 54.56
N GLN G 379 -39.96 24.23 53.25
CA GLN G 379 -38.74 23.87 52.53
C GLN G 379 -37.53 24.59 53.10
N VAL G 380 -37.66 25.91 53.28
CA VAL G 380 -36.55 26.68 53.83
C VAL G 380 -36.23 26.22 55.25
N MET G 381 -37.28 26.03 56.06
CA MET G 381 -37.07 25.62 57.44
C MET G 381 -36.36 24.27 57.48
N HIS G 382 -36.76 23.35 56.61
CA HIS G 382 -36.11 22.04 56.58
C HIS G 382 -34.63 22.17 56.24
N LEU G 383 -34.30 23.04 55.29
CA LEU G 383 -32.90 23.25 54.94
C LEU G 383 -32.13 23.79 56.13
N VAL G 384 -32.72 24.73 56.86
CA VAL G 384 -32.06 25.30 58.03
C VAL G 384 -31.77 24.23 59.07
N ASN G 385 -32.69 23.28 59.23
CA ASN G 385 -32.52 22.26 60.26
C ASN G 385 -31.32 21.37 59.98
N ILE G 386 -31.11 20.99 58.73
CA ILE G 386 -30.05 20.04 58.41
C ILE G 386 -28.72 20.78 58.29
N SER G 387 -27.63 20.01 58.38
CA SER G 387 -26.31 20.56 58.15
C SER G 387 -26.13 20.88 56.66
N SER G 388 -25.21 21.80 56.39
CA SER G 388 -25.00 22.32 55.04
C SER G 388 -23.67 21.86 54.45
N ASN G 389 -23.26 20.63 54.75
CA ASN G 389 -22.03 20.08 54.24
C ASN G 389 -22.34 18.96 53.24
N THR G 390 -21.29 18.51 52.56
CA THR G 390 -21.45 17.47 51.54
C THR G 390 -21.96 16.17 52.13
N ALA G 391 -21.76 15.95 53.43
CA ALA G 391 -22.22 14.72 54.05
C ALA G 391 -23.73 14.71 54.29
N ALA G 392 -24.40 15.84 54.10
CA ALA G 392 -25.84 15.91 54.30
C ALA G 392 -26.62 15.74 53.01
N ALA G 393 -26.15 16.32 51.91
CA ALA G 393 -26.85 16.20 50.64
C ALA G 393 -26.65 14.84 50.00
N LEU G 394 -25.63 14.10 50.40
CA LEU G 394 -25.36 12.83 49.74
C LEU G 394 -26.53 11.86 49.82
N PRO G 395 -27.14 11.60 50.97
CA PRO G 395 -28.33 10.75 50.96
C PRO G 395 -29.45 11.31 50.13
N LEU G 396 -29.57 12.65 50.10
CA LEU G 396 -30.64 13.26 49.32
C LEU G 396 -30.53 12.89 47.86
N VAL G 397 -29.33 13.03 47.29
CA VAL G 397 -29.13 12.62 45.91
C VAL G 397 -29.27 11.11 45.78
N GLU G 398 -28.75 10.36 46.74
CA GLU G 398 -28.77 8.91 46.64
C GLU G 398 -30.18 8.38 46.55
N ALA G 399 -31.10 8.94 47.35
CA ALA G 399 -32.48 8.47 47.33
C ALA G 399 -33.07 8.60 45.94
N LEU G 400 -32.94 9.78 45.32
CA LEU G 400 -33.51 9.97 44.00
C LEU G 400 -32.86 9.04 42.99
N SER G 401 -31.54 8.91 43.04
CA SER G 401 -30.85 8.09 42.05
C SER G 401 -31.35 6.65 42.09
N THR G 402 -31.36 6.05 43.28
CA THR G 402 -31.84 4.67 43.39
C THR G 402 -33.28 4.57 42.95
N LEU G 403 -34.12 5.50 43.39
CA LEU G 403 -35.51 5.49 42.98
C LEU G 403 -35.63 5.64 41.47
N LEU G 404 -34.84 6.56 40.90
CA LEU G 404 -34.87 6.76 39.46
C LEU G 404 -34.46 5.50 38.72
N ARG G 405 -33.39 4.86 39.18
CA ARG G 405 -32.88 3.70 38.45
C ARG G 405 -33.88 2.55 38.46
N SER G 406 -34.83 2.55 39.38
CA SER G 406 -35.80 1.47 39.43
C SER G 406 -36.78 1.54 38.27
N VAL G 407 -37.23 2.76 37.93
CA VAL G 407 -38.35 2.89 36.99
C VAL G 407 -37.91 3.04 35.54
N THR G 408 -36.65 3.27 35.28
CA THR G 408 -36.28 3.63 33.92
C THR G 408 -36.32 2.43 32.99
N PRO G 409 -36.66 2.63 31.73
CA PRO G 409 -36.57 1.56 30.73
C PRO G 409 -35.19 1.43 30.11
N LEU G 410 -34.26 2.32 30.42
CA LEU G 410 -32.94 2.27 29.83
C LEU G 410 -32.08 1.24 30.55
N VAL G 411 -31.30 0.49 29.78
CA VAL G 411 -30.39 -0.50 30.31
C VAL G 411 -29.02 -0.29 29.69
N LEU G 412 -27.98 -0.45 30.50
CA LEU G 412 -26.61 -0.26 30.08
C LEU G 412 -25.95 -1.61 29.84
N ASP G 413 -25.09 -1.67 28.82
CA ASP G 413 -24.43 -2.93 28.46
C ASP G 413 -23.10 -2.60 27.80
N PRO G 414 -21.99 -2.74 28.54
CA PRO G 414 -20.68 -2.43 27.95
C PRO G 414 -20.31 -3.33 26.80
N THR G 415 -20.93 -4.51 26.69
CA THR G 415 -20.50 -5.50 25.72
C THR G 415 -20.55 -4.95 24.30
N VAL G 416 -21.62 -4.23 23.96
CA VAL G 416 -21.80 -3.76 22.60
C VAL G 416 -20.62 -2.89 22.17
N LEU G 417 -20.14 -2.05 23.09
CA LEU G 417 -18.99 -1.21 22.77
C LEU G 417 -17.75 -2.05 22.53
N THR G 418 -17.50 -3.02 23.41
CA THR G 418 -16.30 -3.83 23.29
C THR G 418 -16.26 -4.56 21.95
N ASN G 419 -17.39 -5.10 21.53
CA ASN G 419 -17.44 -5.77 20.24
C ASN G 419 -17.06 -4.82 19.13
N ALA G 420 -17.61 -3.60 19.15
CA ALA G 420 -17.25 -2.62 18.15
C ALA G 420 -15.76 -2.33 18.19
N ILE G 421 -15.17 -2.32 19.38
CA ILE G 421 -13.74 -2.09 19.50
C ILE G 421 -12.97 -3.26 18.94
N THR G 422 -13.17 -4.45 19.51
CA THR G 422 -12.35 -5.60 19.19
C THR G 422 -12.45 -6.02 17.73
N THR G 423 -13.56 -5.70 17.06
CA THR G 423 -13.69 -6.06 15.66
C THR G 423 -12.72 -5.31 14.76
N ILE G 424 -12.04 -4.28 15.27
CA ILE G 424 -11.07 -3.57 14.47
C ILE G 424 -9.89 -4.48 14.17
N SER G 425 -9.54 -4.57 12.89
CA SER G 425 -8.36 -5.32 12.49
C SER G 425 -7.10 -4.52 12.75
N GLU G 426 -6.02 -5.21 13.07
CA GLU G 426 -4.75 -4.55 13.29
C GLU G 426 -3.62 -5.55 13.03
N SER G 427 -2.41 -5.00 12.90
CA SER G 427 -1.22 -5.81 12.73
C SER G 427 -0.69 -6.27 14.08
N THR G 428 -0.06 -7.44 14.08
CA THR G 428 0.52 -8.02 15.28
C THR G 428 2.00 -7.75 15.42
N THR G 429 2.58 -6.95 14.52
CA THR G 429 4.01 -6.68 14.52
C THR G 429 4.35 -5.35 15.17
N GLN G 430 3.40 -4.74 15.86
CA GLN G 430 3.63 -3.45 16.51
C GLN G 430 3.93 -3.65 17.99
N THR G 431 4.78 -2.78 18.52
CA THR G 431 5.17 -2.88 19.91
C THR G 431 4.08 -2.43 20.87
N ILE G 432 3.14 -1.59 20.43
CA ILE G 432 2.08 -1.09 21.28
C ILE G 432 0.74 -1.31 20.57
N SER G 433 -0.26 -1.73 21.34
CA SER G 433 -1.59 -1.93 20.79
C SER G 433 -2.54 -0.91 21.39
N PRO G 434 -3.00 0.07 20.62
CA PRO G 434 -3.98 1.02 21.16
C PRO G 434 -5.24 0.34 21.65
N ILE G 435 -5.62 -0.78 21.02
CA ILE G 435 -6.83 -1.48 21.43
C ILE G 435 -6.75 -1.88 22.90
N SER G 436 -5.64 -2.52 23.28
CA SER G 436 -5.51 -2.97 24.66
C SER G 436 -5.54 -1.79 25.61
N GLU G 437 -4.90 -0.68 25.24
CA GLU G 437 -4.84 0.47 26.12
C GLU G 437 -6.23 1.02 26.41
N ILE G 438 -7.00 1.29 25.36
CA ILE G 438 -8.29 1.94 25.55
C ILE G 438 -9.23 1.00 26.29
N LEU G 439 -9.16 -0.29 26.00
CA LEU G 439 -9.96 -1.25 26.74
C LEU G 439 -9.60 -1.22 28.22
N ARG G 440 -8.32 -1.20 28.52
CA ARG G 440 -7.89 -1.12 29.91
C ARG G 440 -8.36 0.17 30.56
N LEU G 441 -8.25 1.28 29.85
CA LEU G 441 -8.71 2.55 30.40
C LEU G 441 -10.23 2.59 30.50
N LEU G 442 -10.92 1.89 29.61
CA LEU G 442 -12.36 2.06 29.53
C LEU G 442 -13.07 1.50 30.75
N GLN G 443 -12.53 0.46 31.36
CA GLN G 443 -13.17 -0.14 32.52
C GLN G 443 -13.12 0.84 33.69
N PRO G 444 -14.24 1.11 34.35
CA PRO G 444 -14.25 2.10 35.43
C PRO G 444 -13.47 1.65 36.65
N MET G 445 -13.48 2.47 37.71
CA MET G 445 -12.68 2.20 38.90
C MET G 445 -12.99 0.82 39.44
N GLY G 446 -14.23 0.63 39.90
CA GLY G 446 -14.83 -0.69 39.96
C GLY G 446 -15.70 -0.89 38.74
N ASN G 447 -16.30 -2.07 38.65
CA ASN G 447 -17.32 -2.29 37.62
C ASN G 447 -18.62 -1.65 38.10
N ASP G 448 -18.58 -0.33 38.20
CA ASP G 448 -19.61 0.43 38.92
C ASP G 448 -20.71 0.91 38.00
N TYR G 449 -20.37 1.78 37.05
CA TYR G 449 -21.33 2.33 36.08
C TYR G 449 -22.53 3.00 36.77
N ALA G 450 -22.33 3.50 37.98
CA ALA G 450 -23.43 4.14 38.71
C ALA G 450 -23.38 5.66 38.67
N ALA G 451 -22.24 6.24 38.28
CA ALA G 451 -22.10 7.69 38.32
C ALA G 451 -23.10 8.37 37.39
N PHE G 452 -23.50 7.69 36.31
CA PHE G 452 -24.40 8.31 35.36
C PHE G 452 -25.70 8.74 36.03
N TRP G 453 -26.33 7.83 36.77
CA TRP G 453 -27.55 8.18 37.48
C TRP G 453 -27.29 9.23 38.53
N LYS G 454 -26.10 9.20 39.14
CA LYS G 454 -25.76 10.21 40.12
C LYS G 454 -25.78 11.60 39.49
N CYS G 455 -25.27 11.72 38.27
CA CYS G 455 -25.30 13.01 37.59
C CYS G 455 -26.73 13.45 37.32
N ILE G 456 -27.59 12.54 36.89
CA ILE G 456 -28.97 12.90 36.61
C ILE G 456 -29.65 13.43 37.87
N ALA G 457 -29.48 12.71 38.98
CA ALA G 457 -30.13 13.10 40.22
C ALA G 457 -29.67 14.46 40.68
N SER G 458 -28.39 14.77 40.49
CA SER G 458 -27.84 16.02 41.00
C SER G 458 -28.54 17.22 40.40
N TRP G 459 -29.01 17.11 39.16
CA TRP G 459 -29.64 18.26 38.50
C TRP G 459 -30.85 18.76 39.28
N ALA G 460 -31.59 17.85 39.91
CA ALA G 460 -32.75 18.27 40.69
C ALA G 460 -32.37 19.02 41.94
N TYR G 461 -31.11 19.03 42.32
CA TYR G 461 -30.69 19.72 43.54
C TYR G 461 -29.40 20.49 43.32
N ASN G 462 -29.22 21.07 42.13
CA ASN G 462 -27.99 21.79 41.85
C ASN G 462 -27.79 22.96 42.80
N GLY G 463 -28.87 23.47 43.40
CA GLY G 463 -28.72 24.49 44.40
C GLY G 463 -27.99 24.00 45.63
N LEU G 464 -28.14 22.73 45.98
CA LEU G 464 -27.48 22.19 47.15
C LEU G 464 -26.08 21.68 46.86
N VAL G 465 -25.93 20.91 45.78
CA VAL G 465 -24.69 20.20 45.52
C VAL G 465 -24.41 20.26 44.03
N THR G 466 -23.13 20.24 43.68
CA THR G 466 -22.70 20.24 42.29
C THR G 466 -21.80 19.05 42.04
N THR G 467 -22.11 18.27 41.01
CA THR G 467 -21.18 17.27 40.54
C THR G 467 -19.95 17.92 39.94
N VAL G 468 -18.81 17.27 40.10
CA VAL G 468 -17.56 17.75 39.54
C VAL G 468 -16.77 16.56 39.02
N LEU G 469 -16.07 16.77 37.91
CA LEU G 469 -15.22 15.72 37.37
C LEU G 469 -14.18 15.32 38.40
N SER G 470 -14.01 14.02 38.58
CA SER G 470 -13.02 13.52 39.54
C SER G 470 -11.64 14.03 39.17
N GLU G 471 -10.93 14.57 40.16
CA GLU G 471 -9.65 15.19 39.89
C GLU G 471 -8.64 14.19 39.36
N ASP G 472 -8.70 12.94 39.82
CA ASP G 472 -7.72 11.94 39.42
C ASP G 472 -7.85 11.54 37.96
N ALA G 473 -8.97 11.86 37.30
CA ALA G 473 -9.14 11.47 35.92
C ALA G 473 -8.40 12.37 34.95
N PHE G 474 -7.94 13.53 35.39
CA PHE G 474 -7.28 14.45 34.49
C PHE G 474 -5.94 13.88 34.04
N PRO G 475 -5.55 14.09 32.79
CA PRO G 475 -4.23 13.68 32.35
C PRO G 475 -3.16 14.51 33.04
N ASP G 476 -2.01 13.89 33.27
CA ASP G 476 -0.92 14.58 33.94
C ASP G 476 -0.43 15.73 33.09
N SER G 477 -0.28 16.89 33.71
CA SER G 477 0.11 18.09 32.96
C SER G 477 1.50 17.97 32.38
N SER G 478 2.37 17.15 32.95
CA SER G 478 3.73 17.04 32.44
C SER G 478 3.79 16.28 31.13
N GLN G 479 2.75 15.55 30.77
CA GLN G 479 2.78 14.72 29.57
C GLN G 479 2.63 15.58 28.32
N SER G 480 2.75 14.94 27.17
CA SER G 480 2.54 15.59 25.88
C SER G 480 1.51 14.80 25.09
N ILE G 481 0.99 15.44 24.04
CA ILE G 481 -0.15 14.89 23.31
C ILE G 481 0.18 13.53 22.72
N THR G 482 1.44 13.27 22.41
CA THR G 482 1.82 12.00 21.83
C THR G 482 1.71 10.84 22.80
N HIS G 483 1.60 11.11 24.09
CA HIS G 483 1.48 10.04 25.08
C HIS G 483 0.04 9.53 25.04
N LEU G 484 -0.16 8.40 24.37
CA LEU G 484 -1.51 7.91 24.07
C LEU G 484 -2.43 7.82 25.28
N PRO G 485 -2.04 7.21 26.40
CA PRO G 485 -2.98 7.13 27.53
C PRO G 485 -3.45 8.49 27.98
N SER G 486 -2.56 9.48 27.98
CA SER G 486 -2.98 10.83 28.29
C SER G 486 -3.99 11.36 27.27
N MET G 487 -3.75 11.06 26.00
CA MET G 487 -4.65 11.52 24.95
C MET G 487 -6.04 10.96 25.16
N TRP G 488 -6.14 9.66 25.45
CA TRP G 488 -7.44 9.05 25.64
C TRP G 488 -8.19 9.70 26.80
N LYS G 489 -7.50 9.93 27.91
CA LYS G 489 -8.12 10.58 29.05
C LYS G 489 -8.72 11.91 28.66
N CYS G 490 -7.99 12.68 27.84
CA CYS G 490 -8.51 13.96 27.41
C CYS G 490 -9.79 13.78 26.62
N LEU G 491 -9.85 12.76 25.79
CA LEU G 491 -11.06 12.50 25.02
C LEU G 491 -12.25 12.19 25.92
N PHE G 492 -12.02 11.37 26.94
CA PHE G 492 -13.12 11.01 27.83
C PHE G 492 -13.61 12.23 28.61
N LEU G 493 -12.68 13.10 29.00
CA LEU G 493 -13.08 14.30 29.73
C LEU G 493 -14.05 15.14 28.91
N THR G 494 -13.67 15.47 27.67
CA THR G 494 -14.51 16.35 26.88
C THR G 494 -15.84 15.70 26.54
N LEU G 495 -15.88 14.38 26.44
CA LEU G 495 -17.16 13.71 26.19
C LEU G 495 -18.08 13.84 27.39
N ALA G 496 -17.57 13.57 28.59
CA ALA G 496 -18.42 13.55 29.77
C ALA G 496 -18.70 14.94 30.32
N GLY G 497 -17.98 15.95 29.85
CA GLY G 497 -18.08 17.29 30.39
C GLY G 497 -19.49 17.78 30.64
N PRO G 498 -20.31 17.84 29.59
CA PRO G 498 -21.65 18.45 29.75
C PRO G 498 -22.52 17.77 30.78
N MET G 499 -22.26 16.51 31.12
CA MET G 499 -23.11 15.84 32.10
C MET G 499 -22.98 16.46 33.48
N THR G 500 -21.80 16.95 33.84
CA THR G 500 -21.62 17.53 35.17
C THR G 500 -22.34 18.87 35.29
N SER G 501 -22.63 19.26 36.52
CA SER G 501 -23.30 20.51 36.82
C SER G 501 -22.34 21.61 37.25
N ASP G 502 -21.05 21.33 37.35
CA ASP G 502 -20.08 22.35 37.73
C ASP G 502 -20.05 23.44 36.67
N PRO G 503 -20.25 24.70 37.03
CA PRO G 503 -20.15 25.77 36.04
C PRO G 503 -18.79 25.83 35.37
N HIS G 504 -17.74 25.44 36.08
CA HIS G 504 -16.39 25.56 35.54
C HIS G 504 -16.01 24.40 34.62
N SER G 505 -16.90 23.42 34.45
CA SER G 505 -16.56 22.25 33.63
C SER G 505 -16.07 22.62 32.24
N PRO G 506 -16.70 23.51 31.48
CA PRO G 506 -16.17 23.80 30.14
C PRO G 506 -14.73 24.28 30.15
N VAL G 507 -14.39 25.18 31.07
CA VAL G 507 -13.03 25.70 31.12
C VAL G 507 -12.05 24.59 31.42
N LYS G 508 -12.39 23.75 32.41
CA LYS G 508 -11.50 22.65 32.77
C LYS G 508 -11.26 21.74 31.58
N VAL G 509 -12.32 21.42 30.85
CA VAL G 509 -12.18 20.62 29.65
C VAL G 509 -11.22 21.30 28.67
N PHE G 510 -11.41 22.60 28.47
CA PHE G 510 -10.56 23.33 27.55
C PHE G 510 -9.12 23.31 28.01
N MET G 511 -8.89 23.59 29.30
CA MET G 511 -7.51 23.64 29.80
C MET G 511 -6.87 22.27 29.76
N ALA G 512 -7.65 21.21 29.90
CA ALA G 512 -7.09 19.86 29.88
C ALA G 512 -6.29 19.63 28.61
N LEU G 513 -6.88 19.94 27.46
CA LEU G 513 -6.15 19.83 26.21
C LEU G 513 -5.02 20.84 26.16
N ALA G 514 -5.26 22.06 26.66
CA ALA G 514 -4.25 23.09 26.60
C ALA G 514 -2.97 22.66 27.31
N ASN G 515 -3.09 21.88 28.38
CA ASN G 515 -1.91 21.38 29.06
C ASN G 515 -1.06 20.54 28.14
N LEU G 516 -1.68 19.67 27.34
CA LEU G 516 -0.93 18.76 26.50
C LEU G 516 -0.28 19.47 25.33
N LEU G 517 -0.79 20.63 24.93
CA LEU G 517 -0.26 21.35 23.79
C LEU G 517 0.54 22.58 24.19
N ALA G 518 0.97 22.65 25.44
CA ALA G 518 1.72 23.82 25.89
C ALA G 518 3.01 24.00 25.10
N GLN G 519 3.60 22.90 24.63
CA GLN G 519 4.84 23.00 23.88
C GLN G 519 4.62 23.59 22.49
N PRO G 520 3.80 22.99 21.63
CA PRO G 520 3.72 23.51 20.26
C PRO G 520 2.81 24.71 20.10
N GLU G 521 1.75 24.79 20.89
CA GLU G 521 0.71 25.80 20.71
C GLU G 521 0.50 26.58 22.00
N PRO G 522 1.17 27.71 22.16
CA PRO G 522 1.00 28.52 23.37
C PRO G 522 -0.17 29.48 23.26
N ILE G 523 -0.75 29.77 24.43
CA ILE G 523 -1.84 30.74 24.55
C ILE G 523 -1.61 31.58 25.80
N ALA G 524 -2.36 32.66 25.92
CA ALA G 524 -2.21 33.58 27.02
C ALA G 524 -3.13 33.21 28.17
N ILE G 525 -2.62 33.33 29.39
CA ILE G 525 -3.38 33.10 30.61
C ILE G 525 -3.48 34.42 31.35
N GLY G 526 -4.71 34.81 31.69
CA GLY G 526 -4.94 36.13 32.23
C GLY G 526 -4.26 36.43 33.54
N VAL G 527 -4.71 35.79 34.62
CA VAL G 527 -4.20 36.15 35.94
C VAL G 527 -2.73 35.76 36.04
N PRO G 528 -1.87 36.61 36.60
CA PRO G 528 -0.48 36.21 36.80
C PRO G 528 -0.36 35.09 37.81
N GLY G 529 0.73 34.35 37.70
CA GLY G 529 0.97 33.22 38.57
C GLY G 529 0.39 31.91 38.08
N MET G 530 -0.32 31.91 36.96
CA MET G 530 -0.85 30.70 36.38
C MET G 530 -0.30 30.53 34.97
N HIS G 531 0.05 29.30 34.62
CA HIS G 531 0.68 29.01 33.35
C HIS G 531 -0.09 27.92 32.63
N GLN G 532 0.20 27.78 31.33
CA GLN G 532 -0.51 26.82 30.51
C GLN G 532 -0.31 25.40 31.00
N THR G 533 0.72 25.14 31.79
CA THR G 533 0.97 23.82 32.34
C THR G 533 0.37 23.65 33.74
N THR G 534 -0.33 24.65 34.26
CA THR G 534 -0.99 24.49 35.53
C THR G 534 -2.01 23.35 35.42
N PRO G 535 -2.13 22.49 36.44
CA PRO G 535 -3.14 21.43 36.38
C PRO G 535 -4.52 22.00 36.12
N ALA G 536 -5.19 21.42 35.12
CA ALA G 536 -6.45 22.00 34.65
C ALA G 536 -7.50 22.04 35.75
N SER G 537 -7.44 21.10 36.69
CA SER G 537 -8.45 21.04 37.73
C SER G 537 -8.42 22.26 38.64
N GLN G 538 -7.35 23.05 38.62
CA GLN G 538 -7.29 24.22 39.48
C GLN G 538 -8.14 25.38 38.96
N PHE G 539 -8.49 25.38 37.68
CA PHE G 539 -9.27 26.47 37.11
C PHE G 539 -10.70 26.33 37.61
N SER G 540 -10.95 26.87 38.80
CA SER G 540 -12.25 26.80 39.45
C SER G 540 -12.63 28.15 40.01
N HIS G 541 -12.50 29.19 39.18
CA HIS G 541 -12.85 30.52 39.62
C HIS G 541 -13.22 31.31 38.38
N PRO G 542 -14.35 32.02 38.39
CA PRO G 542 -14.76 32.74 37.18
C PRO G 542 -13.74 33.75 36.71
N GLY G 543 -12.94 34.29 37.61
CA GLY G 543 -11.97 35.29 37.24
C GLY G 543 -10.71 34.77 36.61
N VAL G 544 -10.57 33.46 36.43
CA VAL G 544 -9.35 32.90 35.87
C VAL G 544 -9.60 32.27 34.51
N TRP G 545 -10.73 32.53 33.90
CA TRP G 545 -10.98 32.01 32.56
C TRP G 545 -10.04 32.67 31.57
N PRO G 546 -9.31 31.91 30.77
CA PRO G 546 -8.35 32.50 29.84
C PRO G 546 -9.04 33.42 28.86
N PRO G 547 -8.42 34.55 28.51
CA PRO G 547 -9.07 35.47 27.58
C PRO G 547 -9.38 34.84 26.24
N GLY G 548 -8.50 33.97 25.75
CA GLY G 548 -8.77 33.32 24.49
C GLY G 548 -10.03 32.48 24.54
N PHE G 549 -10.26 31.81 25.67
CA PHE G 549 -11.47 31.03 25.82
C PHE G 549 -12.72 31.91 25.78
N LEU G 550 -12.60 33.13 26.30
CA LEU G 550 -13.74 34.05 26.23
C LEU G 550 -13.98 34.55 24.81
N ASN G 551 -12.91 34.75 24.04
CA ASN G 551 -13.01 35.27 22.68
C ASN G 551 -12.01 34.53 21.81
N PRO G 552 -12.45 33.53 21.06
CA PRO G 552 -11.51 32.73 20.27
C PRO G 552 -10.75 33.54 19.24
N GLN G 553 -11.26 34.70 18.85
CA GLN G 553 -10.57 35.49 17.84
C GLN G 553 -9.21 35.97 18.31
N LEU G 554 -8.97 35.99 19.62
CA LEU G 554 -7.65 36.38 20.11
C LEU G 554 -6.60 35.37 19.71
N ILE G 555 -6.97 34.10 19.61
CA ILE G 555 -6.01 33.05 19.27
C ILE G 555 -5.69 33.13 17.78
N ASN G 556 -4.45 33.40 17.46
CA ASN G 556 -4.05 33.47 16.06
C ASN G 556 -4.07 32.07 15.46
N PRO G 557 -4.73 31.87 14.32
CA PRO G 557 -4.79 30.52 13.73
C PRO G 557 -3.42 29.95 13.41
N GLN G 558 -2.49 30.79 12.94
CA GLN G 558 -1.20 30.28 12.51
C GLN G 558 -0.28 29.93 13.68
N GLN G 559 -0.64 30.29 14.90
CA GLN G 559 0.17 29.95 16.06
C GLN G 559 -0.37 28.76 16.82
N ALA G 560 -1.69 28.68 17.00
CA ALA G 560 -2.32 27.59 17.74
C ALA G 560 -3.58 27.14 17.01
N PRO G 561 -3.42 26.48 15.86
CA PRO G 561 -4.62 26.11 15.08
C PRO G 561 -5.59 25.24 15.85
N LEU G 562 -5.10 24.26 16.59
CA LEU G 562 -6.01 23.32 17.24
C LEU G 562 -6.78 23.97 18.37
N LEU G 563 -6.08 24.71 19.24
CA LEU G 563 -6.75 25.27 20.40
C LEU G 563 -7.84 26.24 20.00
N ARG G 564 -7.60 27.04 18.96
CA ARG G 564 -8.64 27.92 18.46
C ARG G 564 -9.84 27.11 17.98
N ALA G 565 -9.57 26.05 17.22
CA ALA G 565 -10.65 25.18 16.78
C ALA G 565 -11.37 24.55 17.95
N PHE G 566 -10.61 24.10 18.94
CA PHE G 566 -11.22 23.49 20.12
C PHE G 566 -12.12 24.47 20.84
N ALA G 567 -11.64 25.69 21.06
CA ALA G 567 -12.44 26.70 21.74
C ALA G 567 -13.71 26.99 20.95
N GLU G 568 -13.58 27.13 19.63
CA GLU G 568 -14.76 27.36 18.81
C GLU G 568 -15.72 26.20 18.92
N HIS G 569 -15.21 24.97 18.91
CA HIS G 569 -16.07 23.80 19.04
C HIS G 569 -16.85 23.85 20.34
N ILE G 570 -16.17 24.18 21.44
CA ILE G 570 -16.83 24.19 22.74
C ILE G 570 -17.91 25.25 22.78
N ARG G 571 -17.57 26.48 22.38
CA ARG G 571 -18.53 27.57 22.46
C ARG G 571 -19.71 27.33 21.53
N ALA G 572 -19.55 26.51 20.51
CA ALA G 572 -20.60 26.33 19.53
C ALA G 572 -21.50 25.14 19.83
N ASN G 573 -20.95 24.08 20.43
CA ASN G 573 -21.69 22.84 20.57
C ASN G 573 -22.04 22.48 21.99
N TRP G 574 -21.69 23.30 22.97
CA TRP G 574 -22.07 23.00 24.34
C TRP G 574 -23.59 23.11 24.45
N PRO G 575 -24.24 22.15 25.09
CA PRO G 575 -25.71 22.09 25.05
C PRO G 575 -26.37 23.33 25.64
N GLN G 576 -27.66 23.47 25.35
CA GLN G 576 -28.44 24.62 25.76
C GLN G 576 -29.41 24.23 26.85
N PRO G 577 -29.41 24.92 27.99
CA PRO G 577 -30.40 24.63 29.03
C PRO G 577 -31.81 24.86 28.54
N SER G 578 -32.74 24.09 29.09
CA SER G 578 -34.15 24.20 28.75
C SER G 578 -34.96 24.03 30.03
N GLU G 579 -36.26 23.80 29.88
CA GLU G 579 -37.17 23.88 31.02
C GLU G 579 -38.37 22.99 30.76
N PHE G 580 -39.05 22.62 31.85
CA PHE G 580 -40.31 21.90 31.76
C PHE G 580 -41.06 22.08 33.07
N GLY G 581 -42.34 21.71 33.05
CA GLY G 581 -43.19 21.83 34.21
C GLY G 581 -43.33 20.52 34.96
N TYR G 582 -43.85 20.62 36.19
CA TYR G 582 -44.04 19.45 37.03
C TYR G 582 -45.09 19.78 38.09
N GLY G 583 -45.60 18.73 38.72
CA GLY G 583 -46.54 18.92 39.79
C GLY G 583 -47.87 19.45 39.29
N SER G 584 -48.63 20.01 40.22
CA SER G 584 -49.94 20.57 39.92
C SER G 584 -50.05 21.97 40.50
N THR G 585 -50.50 22.91 39.69
CA THR G 585 -50.70 24.27 40.17
C THR G 585 -51.75 24.34 41.25
N LEU G 586 -52.77 23.48 41.18
CA LEU G 586 -53.79 23.47 42.20
C LEU G 586 -53.21 23.16 43.58
N GLN G 587 -52.14 22.38 43.62
CA GLN G 587 -51.52 22.02 44.89
C GLN G 587 -50.46 23.02 45.31
N GLY G 588 -49.95 23.83 44.40
CA GLY G 588 -48.84 24.71 44.71
C GLY G 588 -47.51 24.02 44.53
N SER G 589 -46.45 24.76 44.84
CA SER G 589 -45.10 24.26 44.67
C SER G 589 -44.19 24.90 45.70
N ALA G 590 -43.09 24.22 45.99
CA ALA G 590 -42.11 24.68 46.97
C ALA G 590 -40.92 25.35 46.31
N ASN G 591 -40.98 25.64 45.01
CA ASN G 591 -39.88 26.29 44.33
C ASN G 591 -39.57 27.63 44.98
N LEU G 592 -38.28 27.91 45.17
CA LEU G 592 -37.86 29.20 45.69
C LEU G 592 -37.48 30.16 44.58
N PHE G 593 -36.43 29.84 43.83
CA PHE G 593 -35.94 30.78 42.82
C PHE G 593 -36.62 30.56 41.48
N ILE G 594 -36.79 29.31 41.08
CA ILE G 594 -37.50 28.97 39.84
C ILE G 594 -38.97 29.31 40.06
N PRO G 595 -39.68 29.76 39.03
CA PRO G 595 -41.13 29.92 39.17
C PRO G 595 -41.77 28.60 39.54
N PRO G 596 -42.84 28.63 40.32
CA PRO G 596 -43.39 27.39 40.88
C PRO G 596 -43.85 26.42 39.80
N ASN G 597 -43.74 25.14 40.12
CA ASN G 597 -44.18 24.04 39.26
C ASN G 597 -43.38 23.96 37.97
N ARG G 598 -42.19 24.56 37.94
CA ARG G 598 -41.30 24.47 36.80
C ARG G 598 -39.95 23.95 37.23
N MET G 599 -39.25 23.33 36.30
CA MET G 599 -37.91 22.82 36.55
C MET G 599 -37.00 23.15 35.38
N VAL G 600 -35.75 23.47 35.68
CA VAL G 600 -34.77 23.75 34.65
C VAL G 600 -34.04 22.46 34.31
N TYR G 601 -33.41 22.45 33.14
CA TYR G 601 -32.85 21.24 32.60
C TYR G 601 -31.65 21.58 31.75
N PRO G 602 -30.49 20.98 32.01
CA PRO G 602 -29.27 21.39 31.30
C PRO G 602 -29.33 21.20 29.80
N TRP G 603 -30.04 20.20 29.33
CA TRP G 603 -30.15 19.90 27.91
C TRP G 603 -31.46 20.42 27.35
N PRO G 604 -31.58 20.50 26.03
CA PRO G 604 -32.90 20.72 25.44
C PRO G 604 -33.78 19.50 25.70
N ASN G 605 -35.09 19.74 25.71
CA ASN G 605 -36.04 18.69 26.02
C ASN G 605 -37.24 18.77 25.09
N GLN G 606 -37.98 17.68 25.03
CA GLN G 606 -39.14 17.55 24.18
C GLN G 606 -40.24 16.84 24.96
N PRO G 607 -41.49 17.00 24.54
CA PRO G 607 -42.56 16.21 25.13
C PRO G 607 -42.37 14.73 24.83
N LEU G 608 -43.07 13.90 25.58
CA LEU G 608 -42.94 12.46 25.42
C LEU G 608 -43.39 12.06 24.02
N PRO G 609 -42.66 11.17 23.35
CA PRO G 609 -43.05 10.75 22.01
C PRO G 609 -44.36 9.97 22.03
N ARG G 610 -44.96 9.82 20.85
CA ARG G 610 -46.27 9.19 20.74
C ARG G 610 -46.16 7.68 20.51
N LEU G 611 -45.56 7.29 19.40
CA LEU G 611 -45.43 5.89 19.03
C LEU G 611 -44.09 5.34 19.51
N THR G 612 -43.71 4.17 19.01
CA THR G 612 -42.49 3.50 19.46
C THR G 612 -41.26 4.38 19.28
N VAL G 613 -40.29 4.20 20.16
CA VAL G 613 -39.03 4.92 20.13
C VAL G 613 -38.08 4.25 19.16
N ALA G 614 -36.98 4.93 18.86
CA ALA G 614 -35.89 4.39 18.06
C ALA G 614 -34.67 5.28 18.23
N PRO G 615 -33.46 4.75 18.07
CA PRO G 615 -32.28 5.61 18.15
C PRO G 615 -32.34 6.69 17.08
N THR G 616 -31.92 7.89 17.45
CA THR G 616 -31.91 9.02 16.54
C THR G 616 -30.55 9.66 16.54
N TYR G 617 -30.37 10.65 15.67
CA TYR G 617 -29.03 11.21 15.45
C TYR G 617 -29.04 12.73 15.33
N ASP G 618 -30.12 13.39 15.75
CA ASP G 618 -30.19 14.83 15.71
C ASP G 618 -30.33 15.44 17.09
N SER G 619 -30.25 14.63 18.14
CA SER G 619 -30.32 15.16 19.49
C SER G 619 -29.08 15.99 19.79
N ALA G 620 -29.19 16.83 20.80
CA ALA G 620 -28.06 17.67 21.18
C ALA G 620 -26.87 16.83 21.59
N MET G 621 -27.11 15.79 22.39
CA MET G 621 -25.99 14.96 22.86
C MET G 621 -25.32 14.24 21.69
N SER G 622 -26.12 13.66 20.80
CA SER G 622 -25.55 12.98 19.64
C SER G 622 -24.71 13.94 18.83
N ASN G 623 -25.21 15.15 18.61
CA ASN G 623 -24.43 16.16 17.91
C ASN G 623 -23.15 16.47 18.67
N TRP G 624 -23.23 16.60 19.99
CA TRP G 624 -22.03 16.86 20.78
C TRP G 624 -21.02 15.74 20.61
N ILE G 625 -21.49 14.50 20.62
CA ILE G 625 -20.59 13.35 20.50
C ILE G 625 -19.89 13.38 19.16
N SER G 626 -20.67 13.47 18.09
CA SER G 626 -20.10 13.33 16.74
C SER G 626 -19.09 14.44 16.47
N THR G 627 -19.44 15.68 16.80
CA THR G 627 -18.53 16.78 16.58
C THR G 627 -17.25 16.61 17.39
N THR G 628 -17.38 16.18 18.64
CA THR G 628 -16.21 15.99 19.48
C THR G 628 -15.26 14.96 18.87
N ILE G 629 -15.80 13.83 18.44
CA ILE G 629 -14.98 12.82 17.80
C ILE G 629 -14.33 13.38 16.55
N ALA G 630 -15.11 14.11 15.75
CA ALA G 630 -14.58 14.71 14.53
C ALA G 630 -13.37 15.59 14.85
N PHE G 631 -13.46 16.37 15.91
CA PHE G 631 -12.34 17.22 16.29
C PHE G 631 -11.12 16.40 16.63
N PHE G 632 -11.30 15.37 17.45
CA PHE G 632 -10.14 14.58 17.88
C PHE G 632 -9.50 13.85 16.70
N ILE G 633 -10.32 13.40 15.75
CA ILE G 633 -9.76 12.81 14.54
C ILE G 633 -8.85 13.81 13.85
N ARG G 634 -9.30 15.06 13.75
CA ARG G 634 -8.46 16.10 13.20
C ARG G 634 -7.19 16.26 13.99
N VAL G 635 -7.28 16.12 15.32
CA VAL G 635 -6.08 16.24 16.15
C VAL G 635 -5.09 15.14 15.82
N VAL G 636 -5.57 13.90 15.74
CA VAL G 636 -4.67 12.78 15.53
C VAL G 636 -3.95 12.90 14.20
N ASN G 637 -4.59 13.50 13.21
CA ASN G 637 -3.95 13.70 11.92
C ASN G 637 -3.16 14.99 11.84
N SER G 638 -3.08 15.75 12.93
CA SER G 638 -2.29 16.97 12.90
C SER G 638 -0.81 16.65 12.78
N VAL G 639 -0.04 17.67 12.40
CA VAL G 639 1.39 17.47 12.15
C VAL G 639 2.09 16.97 13.40
N ASN G 640 1.64 17.40 14.57
CA ASN G 640 2.32 17.04 15.81
C ASN G 640 2.36 15.54 16.00
N MET G 641 1.25 14.85 15.73
CA MET G 641 1.24 13.40 15.86
C MET G 641 2.04 12.73 14.75
N THR G 642 1.95 13.26 13.53
CA THR G 642 2.61 12.61 12.40
C THR G 642 4.11 12.55 12.60
N ALA G 643 4.68 13.51 13.33
CA ALA G 643 6.11 13.52 13.55
C ALA G 643 6.59 12.33 14.36
N THR G 644 5.73 11.74 15.17
CA THR G 644 6.18 10.71 16.09
C THR G 644 5.37 9.42 15.98
N VAL G 645 4.07 9.52 15.79
CA VAL G 645 3.20 8.35 15.83
C VAL G 645 3.24 7.67 14.48
N ASN G 646 3.64 6.40 14.47
CA ASN G 646 3.64 5.63 13.25
C ASN G 646 2.24 5.56 12.65
N ASP G 647 2.16 5.74 11.34
CA ASP G 647 0.86 5.91 10.68
C ASP G 647 -0.02 4.69 10.85
N LEU G 648 0.56 3.49 10.89
CA LEU G 648 -0.24 2.30 11.10
C LEU G 648 -1.04 2.41 12.39
N THR G 649 -0.36 2.74 13.48
CA THR G 649 -1.08 3.02 14.72
C THR G 649 -2.00 4.21 14.53
N ARG G 650 -1.51 5.26 13.87
CA ARG G 650 -2.33 6.44 13.65
C ARG G 650 -3.58 6.07 12.87
N ARG G 651 -3.45 5.20 11.87
CA ARG G 651 -4.62 4.71 11.16
C ARG G 651 -5.54 3.94 12.09
N THR G 652 -4.96 3.14 13.00
CA THR G 652 -5.79 2.40 13.93
C THR G 652 -6.56 3.33 14.85
N MET G 653 -5.91 4.38 15.35
CA MET G 653 -6.55 5.25 16.32
C MET G 653 -7.76 5.95 15.71
N THR G 654 -7.60 6.50 14.52
CA THR G 654 -8.75 7.14 13.90
C THR G 654 -9.83 6.12 13.57
N GLY G 655 -9.45 4.87 13.32
CA GLY G 655 -10.42 3.84 13.07
C GLY G 655 -11.28 3.58 14.29
N VAL G 656 -10.65 3.35 15.44
CA VAL G 656 -11.41 3.02 16.63
C VAL G 656 -12.27 4.20 17.05
N MET G 657 -11.74 5.42 16.91
CA MET G 657 -12.56 6.59 17.20
C MET G 657 -13.76 6.66 16.29
N THR G 658 -13.58 6.35 15.01
CA THR G 658 -14.71 6.33 14.08
C THR G 658 -15.75 5.32 14.53
N ALA G 659 -15.31 4.16 15.00
CA ALA G 659 -16.25 3.12 15.43
C ALA G 659 -17.14 3.64 16.54
N MET G 660 -16.56 4.36 17.51
CA MET G 660 -17.36 4.88 18.61
C MET G 660 -18.42 5.84 18.11
N ARG G 661 -18.06 6.70 17.16
CA ARG G 661 -19.04 7.64 16.63
C ARG G 661 -20.18 6.97 15.89
N GLN G 662 -20.01 5.70 15.49
CA GLN G 662 -21.03 5.02 14.71
C GLN G 662 -21.95 4.13 15.53
N VAL G 663 -21.70 3.98 16.83
CA VAL G 663 -22.53 3.11 17.64
C VAL G 663 -23.92 3.72 17.78
N LYS G 664 -24.95 2.92 17.50
CA LYS G 664 -26.33 3.39 17.57
C LYS G 664 -26.85 3.27 19.00
N THR G 665 -26.32 4.12 19.85
CA THR G 665 -26.75 4.14 21.25
C THR G 665 -28.12 4.78 21.38
N MET G 666 -28.82 4.43 22.46
CA MET G 666 -30.13 4.96 22.73
C MET G 666 -30.10 6.16 23.67
N THR G 667 -29.04 6.31 24.45
CA THR G 667 -28.98 7.32 25.49
C THR G 667 -29.33 8.74 25.02
N PRO G 668 -28.77 9.25 23.92
CA PRO G 668 -29.07 10.64 23.55
C PRO G 668 -30.56 10.88 23.37
N PHE G 669 -31.27 9.93 22.78
CA PHE G 669 -32.71 10.09 22.64
C PHE G 669 -33.38 10.11 24.02
N TYR G 670 -32.96 9.21 24.90
CA TYR G 670 -33.59 9.12 26.21
C TYR G 670 -33.42 10.42 26.98
N ILE G 671 -32.25 11.03 26.89
CA ILE G 671 -32.01 12.29 27.59
C ILE G 671 -32.97 13.36 27.13
N GLN G 672 -33.19 13.45 25.82
CA GLN G 672 -33.96 14.55 25.27
C GLN G 672 -35.46 14.37 25.46
N HIS G 673 -35.95 13.14 25.47
CA HIS G 673 -37.39 12.92 25.39
C HIS G 673 -38.00 12.23 26.60
N MET G 674 -37.28 11.32 27.24
CA MET G 674 -37.89 10.47 28.27
C MET G 674 -37.44 10.81 29.67
N CYS G 675 -36.15 11.09 29.87
CA CYS G 675 -35.66 11.45 31.19
C CYS G 675 -36.43 12.61 31.82
N PRO G 676 -36.76 13.70 31.13
CA PRO G 676 -37.51 14.77 31.79
C PRO G 676 -38.81 14.31 32.41
N THR G 677 -39.52 13.40 31.75
CA THR G 677 -40.77 12.91 32.31
C THR G 677 -40.52 12.20 33.63
N GLU G 678 -39.49 11.35 33.69
CA GLU G 678 -39.21 10.62 34.91
C GLU G 678 -38.91 11.58 36.05
N LEU G 679 -38.13 12.61 35.77
CA LEU G 679 -37.85 13.62 36.80
C LEU G 679 -39.14 14.31 37.23
N SER G 680 -39.95 14.71 36.25
CA SER G 680 -41.15 15.48 36.58
C SER G 680 -42.07 14.69 37.50
N VAL G 681 -42.19 13.39 37.26
CA VAL G 681 -43.03 12.57 38.12
C VAL G 681 -42.38 12.40 39.50
N LEU G 682 -41.12 11.98 39.52
CA LEU G 682 -40.48 11.69 40.80
C LEU G 682 -40.38 12.92 41.68
N ALA G 683 -40.43 14.11 41.09
CA ALA G 683 -40.36 15.32 41.88
C ALA G 683 -41.47 15.39 42.92
N SER G 684 -42.58 14.72 42.65
CA SER G 684 -43.70 14.70 43.59
C SER G 684 -43.62 13.58 44.59
N VAL G 685 -42.57 12.76 44.56
CA VAL G 685 -42.48 11.56 45.36
C VAL G 685 -41.43 11.69 46.46
N THR G 686 -40.27 12.24 46.15
CA THR G 686 -39.21 12.33 47.13
C THR G 686 -39.66 13.13 48.34
N VAL G 687 -39.18 12.72 49.52
CA VAL G 687 -39.53 13.41 50.75
C VAL G 687 -39.10 14.86 50.72
N THR G 688 -38.12 15.19 49.88
CA THR G 688 -37.64 16.56 49.75
C THR G 688 -37.91 17.06 48.35
N PRO G 689 -38.66 18.12 48.17
CA PRO G 689 -38.95 18.63 46.84
C PRO G 689 -37.68 19.10 46.16
N PRO G 690 -37.69 19.21 44.82
CA PRO G 690 -36.48 19.67 44.13
C PRO G 690 -36.12 21.09 44.53
N PHE G 691 -34.82 21.39 44.45
CA PHE G 691 -34.29 22.68 44.87
C PHE G 691 -33.27 23.09 43.82
N GLN G 692 -33.66 23.98 42.92
CA GLN G 692 -32.87 24.29 41.74
C GLN G 692 -32.51 25.77 41.69
N VAL G 693 -31.57 26.07 40.81
CA VAL G 693 -31.09 27.43 40.57
C VAL G 693 -30.71 27.48 39.10
N PRO G 694 -30.90 28.59 38.40
CA PRO G 694 -30.80 28.57 36.93
C PRO G 694 -29.48 28.04 36.41
N PHE G 695 -29.55 27.24 35.35
CA PHE G 695 -28.37 26.73 34.67
C PHE G 695 -27.81 27.82 33.77
N THR G 696 -26.71 28.41 34.17
CA THR G 696 -26.00 29.33 33.27
C THR G 696 -25.06 28.54 32.38
N ARG G 697 -24.73 29.12 31.24
CA ARG G 697 -23.95 28.43 30.22
C ARG G 697 -22.94 29.41 29.63
N LEU G 698 -21.69 29.27 30.02
CA LEU G 698 -20.56 29.98 29.42
C LEU G 698 -20.62 31.48 29.60
N VAL G 699 -21.59 32.00 30.34
CA VAL G 699 -21.69 33.43 30.59
C VAL G 699 -20.88 33.74 31.85
N GLN G 700 -19.74 34.39 31.68
CA GLN G 700 -18.82 34.58 32.79
C GLN G 700 -19.47 35.41 33.90
N ASN G 701 -20.16 36.49 33.53
CA ASN G 701 -20.75 37.34 34.55
C ASN G 701 -21.92 36.69 35.26
N ASP G 702 -22.51 35.65 34.67
CA ASP G 702 -23.68 35.02 35.25
C ASP G 702 -23.35 33.77 36.05
N VAL G 703 -22.09 33.40 36.15
CA VAL G 703 -21.73 32.23 36.94
C VAL G 703 -22.11 32.46 38.39
N ILE G 704 -22.86 31.52 38.95
CA ILE G 704 -23.30 31.61 40.34
C ILE G 704 -22.21 31.07 41.23
N THR G 705 -21.76 31.89 42.17
CA THR G 705 -20.69 31.48 43.07
C THR G 705 -21.18 30.95 44.40
N ASN G 706 -22.34 31.42 44.86
CA ASN G 706 -22.82 31.03 46.18
C ASN G 706 -24.33 30.97 46.19
N VAL G 707 -24.86 30.00 46.93
CA VAL G 707 -26.28 29.92 47.26
C VAL G 707 -26.40 30.02 48.77
N LEU G 708 -27.21 30.96 49.25
CA LEU G 708 -27.13 31.37 50.63
C LEU G 708 -28.51 31.47 51.25
N VAL G 709 -28.55 31.29 52.57
CA VAL G 709 -29.76 31.36 53.35
C VAL G 709 -29.46 32.10 54.65
N ALA G 710 -30.45 32.80 55.17
CA ALA G 710 -30.29 33.59 56.39
C ALA G 710 -31.31 33.17 57.43
N ARG G 711 -30.85 33.00 58.67
CA ARG G 711 -31.73 32.74 59.79
C ARG G 711 -32.16 34.01 60.51
N VAL G 712 -31.63 35.16 60.13
CA VAL G 712 -31.83 36.38 60.88
C VAL G 712 -31.97 37.55 59.92
N ASP G 713 -32.88 38.46 60.21
CA ASP G 713 -33.03 39.66 59.40
C ASP G 713 -31.80 40.54 59.55
N PRO G 714 -31.09 40.84 58.47
CA PRO G 714 -29.93 41.73 58.57
C PRO G 714 -30.30 43.18 58.79
N ALA G 715 -31.59 43.53 58.71
CA ALA G 715 -31.98 44.92 58.93
C ALA G 715 -31.91 45.29 60.40
N GLN G 716 -32.27 44.36 61.28
CA GLN G 716 -32.25 44.65 62.71
C GLN G 716 -30.85 45.04 63.16
N ARG G 717 -29.90 44.13 63.04
CA ARG G 717 -28.52 44.51 63.24
C ARG G 717 -28.08 45.44 62.11
N GLY G 718 -26.97 46.14 62.33
CA GLY G 718 -26.54 47.14 61.39
C GLY G 718 -25.89 46.58 60.14
N ASP G 719 -26.59 45.68 59.44
CA ASP G 719 -26.03 45.05 58.26
C ASP G 719 -26.90 45.31 57.03
N ALA G 720 -27.32 46.56 56.84
CA ALA G 720 -28.21 46.86 55.73
C ALA G 720 -27.48 46.83 54.40
N ALA G 721 -26.23 47.27 54.37
CA ALA G 721 -25.52 47.44 53.10
C ALA G 721 -24.21 46.67 53.10
N VAL G 722 -24.25 45.40 53.48
CA VAL G 722 -23.05 44.58 53.63
C VAL G 722 -23.06 43.52 52.55
N ASP G 723 -21.88 42.97 52.26
CA ASP G 723 -21.75 41.85 51.34
C ASP G 723 -22.71 40.75 51.74
N ILE G 724 -23.39 40.19 50.74
CA ILE G 724 -24.39 39.16 51.00
C ILE G 724 -23.74 37.97 51.68
N ARG G 725 -22.50 37.65 51.32
CA ARG G 725 -21.82 36.52 51.92
C ARG G 725 -21.59 36.74 53.42
N ALA G 726 -21.48 37.98 53.84
CA ALA G 726 -21.27 38.26 55.25
C ALA G 726 -22.56 38.21 56.06
N THR G 727 -23.70 38.04 55.40
CA THR G 727 -24.99 38.07 56.08
C THR G 727 -25.78 36.78 55.96
N HIS G 728 -25.53 35.97 54.94
CA HIS G 728 -26.24 34.71 54.76
C HIS G 728 -25.24 33.56 54.77
N ALA G 729 -25.67 32.43 55.33
CA ALA G 729 -24.84 31.24 55.32
C ALA G 729 -24.94 30.55 53.96
N THR G 730 -23.81 30.04 53.48
CA THR G 730 -23.73 29.45 52.15
C THR G 730 -23.59 27.94 52.25
N PHE G 731 -24.08 27.26 51.22
CA PHE G 731 -23.96 25.82 51.13
C PHE G 731 -22.59 25.44 50.58
N ALA G 732 -22.23 24.17 50.78
CA ALA G 732 -20.95 23.65 50.28
C ALA G 732 -21.06 22.15 50.16
N ALA G 733 -21.11 21.65 48.93
CA ALA G 733 -21.18 20.21 48.69
C ALA G 733 -20.75 19.93 47.26
N ALA G 734 -20.12 18.77 47.08
CA ALA G 734 -19.63 18.38 45.76
C ALA G 734 -19.50 16.88 45.70
N LEU G 735 -19.74 16.33 44.51
CA LEU G 735 -19.67 14.89 44.28
C LEU G 735 -18.70 14.60 43.14
N PRO G 736 -17.59 13.93 43.40
CA PRO G 736 -16.62 13.63 42.34
C PRO G 736 -17.06 12.44 41.52
N VAL G 737 -17.37 12.68 40.25
CA VAL G 737 -17.84 11.63 39.35
C VAL G 737 -16.70 11.22 38.44
N ASP G 738 -16.74 9.95 38.01
CA ASP G 738 -15.70 9.39 37.17
C ASP G 738 -16.11 9.53 35.70
N PRO G 739 -15.31 10.20 34.87
CA PRO G 739 -15.67 10.34 33.45
C PRO G 739 -15.86 9.00 32.76
N ALA G 740 -15.07 7.99 33.10
CA ALA G 740 -15.12 6.72 32.37
C ALA G 740 -16.51 6.11 32.46
N ALA G 741 -17.10 6.09 33.65
CA ALA G 741 -18.43 5.55 33.80
C ALA G 741 -19.44 6.31 32.96
N ILE G 742 -19.32 7.63 32.93
CA ILE G 742 -20.25 8.45 32.15
C ILE G 742 -20.18 8.08 30.68
N VAL G 743 -18.95 7.98 30.15
CA VAL G 743 -18.79 7.72 28.72
C VAL G 743 -19.43 6.40 28.33
N VAL G 744 -19.19 5.36 29.13
CA VAL G 744 -19.76 4.06 28.83
C VAL G 744 -21.28 4.15 28.80
N ALA G 745 -21.85 4.83 29.80
CA ALA G 745 -23.30 4.96 29.85
C ALA G 745 -23.81 5.68 28.61
N MET G 746 -23.11 6.71 28.17
CA MET G 746 -23.55 7.44 26.99
C MET G 746 -23.55 6.55 25.76
N LEU G 747 -22.51 5.75 25.61
CA LEU G 747 -22.34 4.96 24.39
C LEU G 747 -22.97 3.58 24.46
N CYS G 748 -23.34 3.11 25.64
CA CYS G 748 -23.89 1.76 25.80
C CYS G 748 -25.33 1.80 26.28
N GLY G 749 -26.12 2.72 25.71
CA GLY G 749 -27.53 2.83 26.06
C GLY G 749 -28.38 2.12 25.01
N GLN G 750 -29.26 1.25 25.49
CA GLN G 750 -30.16 0.52 24.61
C GLN G 750 -31.42 0.16 25.40
N THR G 751 -32.48 -0.15 24.66
CA THR G 751 -33.77 -0.46 25.25
C THR G 751 -34.41 -1.63 24.51
N GLU G 752 -35.64 -1.93 24.88
CA GLU G 752 -36.39 -2.99 24.22
C GLU G 752 -36.70 -2.60 22.78
N THR G 753 -36.90 -3.61 21.94
CA THR G 753 -37.00 -3.39 20.50
C THR G 753 -38.17 -2.49 20.14
N ASN G 754 -39.34 -2.71 20.74
CA ASN G 754 -40.56 -2.03 20.34
C ASN G 754 -41.21 -1.38 21.54
N LEU G 755 -40.43 -0.63 22.30
CA LEU G 755 -40.93 -0.01 23.51
C LEU G 755 -41.95 1.08 23.20
N ILE G 756 -43.03 1.10 23.97
CA ILE G 756 -43.99 2.20 24.00
C ILE G 756 -43.80 2.91 25.34
N PRO G 757 -43.22 4.11 25.35
CA PRO G 757 -42.90 4.75 26.64
C PRO G 757 -44.11 4.96 27.51
N SER G 758 -45.21 5.41 26.92
CA SER G 758 -46.40 5.71 27.71
C SER G 758 -46.88 4.46 28.44
N HIS G 759 -46.87 3.32 27.76
CA HIS G 759 -47.26 2.09 28.42
C HIS G 759 -46.30 1.72 29.53
N HIS G 760 -44.99 1.77 29.24
CA HIS G 760 -44.01 1.34 30.24
C HIS G 760 -44.11 2.17 31.50
N TYR G 761 -44.12 3.49 31.35
CA TYR G 761 -44.26 4.35 32.51
C TYR G 761 -45.60 4.16 33.19
N GLY G 762 -46.63 3.79 32.42
CA GLY G 762 -47.91 3.52 33.03
C GLY G 762 -47.83 2.41 34.07
N LYS G 763 -47.17 1.31 33.72
CA LYS G 763 -46.96 0.25 34.69
C LYS G 763 -46.04 0.70 35.81
N ALA G 764 -44.97 1.42 35.46
CA ALA G 764 -43.93 1.72 36.44
C ALA G 764 -44.46 2.57 37.57
N PHE G 765 -45.23 3.61 37.24
CA PHE G 765 -45.65 4.57 38.24
C PHE G 765 -46.89 4.16 39.01
N ALA G 766 -47.53 3.05 38.63
CA ALA G 766 -48.79 2.66 39.25
C ALA G 766 -48.74 2.58 40.76
N PRO G 767 -47.76 1.90 41.39
CA PRO G 767 -47.82 1.76 42.85
C PRO G 767 -47.48 3.03 43.61
N LEU G 768 -46.97 4.06 42.95
CA LEU G 768 -46.44 5.21 43.66
C LEU G 768 -47.50 6.22 44.07
N PHE G 769 -48.75 6.06 43.63
CA PHE G 769 -49.80 7.02 43.93
C PHE G 769 -51.00 6.33 44.53
N ALA G 770 -50.76 5.50 45.53
CA ALA G 770 -51.80 4.70 46.15
C ALA G 770 -52.15 5.14 47.55
N SER G 771 -51.46 6.13 48.11
CA SER G 771 -51.64 6.46 49.52
C SER G 771 -51.55 7.97 49.72
N ASN G 772 -51.83 8.39 50.95
CA ASN G 772 -51.82 9.79 51.36
C ASN G 772 -50.43 10.30 51.65
N ALA G 773 -49.40 9.62 51.15
CA ALA G 773 -48.03 9.96 51.51
C ALA G 773 -47.72 11.42 51.18
N MET G 774 -48.12 11.87 49.99
CA MET G 774 -47.80 13.22 49.57
C MET G 774 -48.49 14.27 50.43
N PHE G 775 -49.55 13.90 51.14
CA PHE G 775 -50.35 14.89 51.83
C PHE G 775 -49.86 15.17 53.24
N THR G 776 -49.14 14.23 53.84
CA THR G 776 -48.62 14.46 55.18
C THR G 776 -47.70 15.67 55.21
N ARG G 777 -46.85 15.82 54.19
CA ARG G 777 -45.97 16.97 54.14
C ARG G 777 -46.76 18.26 54.07
N ASN G 778 -47.90 18.24 53.38
CA ASN G 778 -48.75 19.43 53.36
C ASN G 778 -49.23 19.76 54.76
N GLN G 779 -49.68 18.74 55.49
CA GLN G 779 -50.18 18.97 56.84
C GLN G 779 -49.07 19.48 57.74
N ARG G 780 -47.87 18.90 57.64
CA ARG G 780 -46.75 19.37 58.44
C ARG G 780 -46.43 20.81 58.11
N ALA G 781 -46.50 21.18 56.83
CA ALA G 781 -46.20 22.56 56.46
C ALA G 781 -47.16 23.53 57.14
N VAL G 782 -48.44 23.17 57.20
CA VAL G 782 -49.41 24.06 57.84
C VAL G 782 -49.09 24.24 59.30
N ILE G 783 -48.85 23.13 60.01
CA ILE G 783 -48.52 23.21 61.42
C ILE G 783 -47.26 24.04 61.61
N THR G 784 -46.27 23.85 60.74
CA THR G 784 -45.06 24.64 60.82
C THR G 784 -45.38 26.12 60.69
N ARG G 785 -46.27 26.47 59.76
CA ARG G 785 -46.64 27.87 59.59
C ARG G 785 -47.24 28.43 60.87
N GLU G 786 -48.20 27.74 61.44
CA GLU G 786 -48.84 28.22 62.66
C GLU G 786 -47.82 28.34 63.78
N ALA G 787 -46.98 27.32 63.95
CA ALA G 787 -46.00 27.35 65.02
C ALA G 787 -45.05 28.53 64.85
N PHE G 788 -44.59 28.77 63.63
CA PHE G 788 -43.64 29.86 63.41
C PHE G 788 -44.26 31.20 63.76
N VAL G 789 -45.47 31.46 63.30
CA VAL G 789 -46.10 32.75 63.55
C VAL G 789 -46.29 32.96 65.05
N CYS G 790 -46.83 31.96 65.73
CA CYS G 790 -47.09 32.09 67.16
C CYS G 790 -45.80 32.36 67.92
N ALA G 791 -44.74 31.63 67.57
CA ALA G 791 -43.46 31.82 68.26
C ALA G 791 -42.96 33.25 68.07
N ARG G 792 -43.03 33.75 66.84
CA ARG G 792 -42.62 35.12 66.59
C ARG G 792 -43.50 36.09 67.38
N SER G 793 -44.80 35.84 67.39
CA SER G 793 -45.71 36.71 68.12
C SER G 793 -45.38 36.70 69.61
N ALA G 794 -45.10 35.53 70.16
CA ALA G 794 -44.81 35.43 71.59
C ALA G 794 -43.56 36.22 71.95
N VAL G 795 -42.47 36.01 71.22
CA VAL G 795 -41.22 36.67 71.55
C VAL G 795 -41.38 38.18 71.44
N ALA G 796 -42.03 38.64 70.37
CA ALA G 796 -42.15 40.07 70.16
C ALA G 796 -42.89 40.74 71.30
N GLN G 797 -43.96 40.11 71.79
CA GLN G 797 -44.73 40.72 72.86
C GLN G 797 -43.96 40.79 74.16
N CYS G 798 -42.88 40.04 74.30
CA CYS G 798 -42.06 40.15 75.50
C CYS G 798 -41.02 41.24 75.38
N GLN G 799 -40.56 41.54 74.17
CA GLN G 799 -39.72 42.71 73.99
C GLN G 799 -40.56 43.98 74.14
N ASP G 800 -39.86 45.11 74.29
CA ASP G 800 -40.57 46.39 74.34
C ASP G 800 -41.29 46.65 73.04
N ALA G 801 -40.67 46.30 71.91
CA ALA G 801 -41.30 46.41 70.60
C ALA G 801 -40.59 45.43 69.67
N GLY G 802 -41.20 45.19 68.53
CA GLY G 802 -40.62 44.27 67.57
C GLY G 802 -41.34 44.29 66.25
N PHE G 803 -41.30 43.14 65.57
CA PHE G 803 -42.09 42.95 64.37
C PHE G 803 -43.51 43.40 64.69
N LEU G 804 -43.98 44.44 64.01
CA LEU G 804 -45.14 45.17 64.50
C LEU G 804 -46.32 44.22 64.67
N VAL G 805 -46.69 44.01 65.92
CA VAL G 805 -47.68 43.00 66.31
C VAL G 805 -48.48 43.59 67.46
N PRO G 806 -49.79 43.33 67.54
CA PRO G 806 -50.57 43.89 68.66
C PRO G 806 -50.03 43.42 70.00
N ARG G 807 -50.17 44.30 71.00
CA ARG G 807 -49.61 44.07 72.32
C ARG G 807 -50.69 44.30 73.38
N PRO G 808 -51.72 43.46 73.41
CA PRO G 808 -52.79 43.66 74.40
C PRO G 808 -52.31 43.52 75.84
N LEU G 809 -51.34 42.66 76.10
CA LEU G 809 -50.89 42.40 77.46
C LEU G 809 -49.83 43.39 77.93
N ASP G 810 -49.61 44.47 77.19
CA ASP G 810 -48.45 45.32 77.46
C ASP G 810 -48.49 45.93 78.84
N ALA G 811 -49.66 45.99 79.48
CA ALA G 811 -49.74 46.55 80.83
C ALA G 811 -48.99 45.72 81.85
N LEU G 812 -48.81 44.43 81.61
CA LEU G 812 -48.10 43.59 82.55
C LEU G 812 -46.61 43.90 82.52
N ARG G 813 -45.91 43.43 83.56
CA ARG G 813 -44.48 43.68 83.69
C ARG G 813 -43.68 42.57 83.02
N GLN G 814 -42.57 42.97 82.38
CA GLN G 814 -41.64 42.02 81.79
C GLN G 814 -40.28 42.71 81.78
N PHE G 815 -39.45 42.40 82.77
CA PHE G 815 -38.18 43.10 82.90
C PHE G 815 -37.09 42.50 82.03
N ASP G 816 -36.86 41.20 82.16
CA ASP G 816 -35.77 40.57 81.43
C ASP G 816 -36.13 40.45 79.96
N VAL G 817 -35.29 41.01 79.10
CA VAL G 817 -35.53 40.99 77.66
C VAL G 817 -34.29 40.48 76.96
N THR G 818 -33.38 39.89 77.73
CA THR G 818 -32.15 39.38 77.13
C THR G 818 -32.47 38.22 76.18
N SER G 819 -31.53 37.97 75.27
CA SER G 819 -31.75 36.92 74.29
C SER G 819 -31.93 35.57 74.96
N ALA G 820 -31.32 35.37 76.13
CA ALA G 820 -31.51 34.11 76.85
C ALA G 820 -32.97 33.88 77.16
N ALA G 821 -33.67 34.92 77.61
CA ALA G 821 -35.10 34.80 77.88
C ALA G 821 -35.85 34.43 76.61
N ALA G 822 -35.51 35.08 75.50
CA ALA G 822 -36.19 34.79 74.25
C ALA G 822 -36.00 33.34 73.85
N ALA G 823 -34.78 32.83 73.98
CA ALA G 823 -34.52 31.44 73.62
C ALA G 823 -35.36 30.50 74.47
N GLU G 824 -35.45 30.79 75.78
CA GLU G 824 -36.27 29.97 76.65
C GLU G 824 -37.73 30.03 76.24
N ILE G 825 -38.23 31.22 75.91
CA ILE G 825 -39.61 31.34 75.48
C ILE G 825 -39.84 30.55 74.21
N MET G 826 -38.94 30.69 73.24
CA MET G 826 -39.14 30.02 71.96
C MET G 826 -39.18 28.52 72.14
N HIS G 827 -38.27 27.98 72.97
CA HIS G 827 -38.29 26.55 73.23
C HIS G 827 -39.61 26.13 73.86
N ALA G 828 -40.10 26.92 74.81
CA ALA G 828 -41.38 26.60 75.44
C ALA G 828 -42.48 26.50 74.41
N VAL G 829 -42.56 27.49 73.51
CA VAL G 829 -43.58 27.47 72.48
C VAL G 829 -43.39 26.26 71.57
N ASN G 830 -42.16 26.01 71.15
CA ASN G 830 -41.90 24.91 70.24
C ASN G 830 -42.30 23.58 70.87
N ASP G 831 -41.93 23.38 72.13
CA ASP G 831 -42.29 22.15 72.82
C ASP G 831 -43.80 22.03 72.97
N ALA G 832 -44.47 23.16 73.26
CA ALA G 832 -45.91 23.12 73.43
C ALA G 832 -46.60 22.65 72.17
N PHE G 833 -46.19 23.18 71.01
CA PHE G 833 -46.78 22.74 69.76
C PHE G 833 -46.50 21.27 69.50
N LYS G 834 -45.27 20.84 69.75
CA LYS G 834 -44.91 19.44 69.56
C LYS G 834 -45.83 18.54 70.36
N THR G 835 -46.09 18.89 71.61
CA THR G 835 -46.98 18.09 72.44
C THR G 835 -48.40 18.11 71.89
N ALA G 836 -48.90 19.30 71.55
CA ALA G 836 -50.30 19.43 71.19
C ALA G 836 -50.62 18.64 69.93
N PHE G 837 -49.78 18.75 68.90
CA PHE G 837 -50.03 18.08 67.65
C PHE G 837 -49.28 16.77 67.49
N ASP G 838 -48.57 16.34 68.53
CA ASP G 838 -47.92 15.03 68.55
C ASP G 838 -46.96 14.88 67.37
N LEU G 839 -45.95 15.73 67.37
CA LEU G 839 -44.88 15.66 66.38
C LEU G 839 -43.62 15.15 67.07
N ASP G 840 -42.73 14.62 66.26
CA ASP G 840 -41.51 14.04 66.79
C ASP G 840 -40.25 14.61 66.17
N GLY G 841 -40.29 14.96 64.89
CA GLY G 841 -39.12 15.49 64.22
C GLY G 841 -38.75 16.87 64.73
N ALA G 842 -37.83 17.50 64.01
CA ALA G 842 -37.35 18.82 64.36
C ALA G 842 -38.32 19.86 63.81
N LEU G 843 -39.06 20.51 64.70
CA LEU G 843 -39.97 21.57 64.32
C LEU G 843 -39.47 22.88 64.89
N LEU G 844 -39.35 23.90 64.03
CA LEU G 844 -39.02 25.25 64.43
C LEU G 844 -37.63 25.34 65.06
N ASP G 845 -36.90 24.23 65.06
CA ASP G 845 -35.55 24.23 65.59
C ASP G 845 -34.60 24.86 64.58
N GLY G 846 -33.35 25.03 64.99
CA GLY G 846 -32.36 25.58 64.09
C GLY G 846 -32.45 27.10 63.97
N LEU G 847 -33.65 27.65 64.20
CA LEU G 847 -33.77 29.10 64.24
C LEU G 847 -32.90 29.68 65.35
N ALA G 848 -32.83 29.00 66.48
CA ALA G 848 -32.01 29.43 67.60
C ALA G 848 -30.56 29.04 67.45
N LEU G 849 -30.12 28.69 66.23
CA LEU G 849 -28.74 28.25 66.05
C LEU G 849 -27.76 29.35 66.45
N TYR G 850 -28.03 30.58 66.07
CA TYR G 850 -27.17 31.68 66.44
C TYR G 850 -27.48 32.21 67.83
N GLY G 851 -28.50 31.69 68.49
CA GLY G 851 -28.74 32.00 69.88
C GLY G 851 -29.45 33.29 70.16
N ASP G 852 -30.09 33.90 69.16
CA ASP G 852 -30.84 35.13 69.36
C ASP G 852 -32.12 35.09 68.54
N PRO G 853 -33.18 34.49 69.08
CA PRO G 853 -34.45 34.46 68.35
C PRO G 853 -35.10 35.82 68.19
N ARG G 854 -34.64 36.85 68.90
CA ARG G 854 -35.31 38.14 68.86
C ARG G 854 -35.35 38.74 67.48
N ILE G 855 -34.48 38.30 66.58
CA ILE G 855 -34.40 38.89 65.25
C ILE G 855 -34.44 37.78 64.20
N ALA G 856 -35.05 36.66 64.55
CA ALA G 856 -35.12 35.53 63.64
C ALA G 856 -35.99 35.88 62.44
N ASP G 857 -35.45 35.64 61.24
CA ASP G 857 -36.21 35.83 60.02
C ASP G 857 -35.54 35.05 58.90
N LEU G 858 -36.36 34.55 57.97
CA LEU G 858 -35.88 33.68 56.93
C LEU G 858 -35.77 34.42 55.61
N SER G 859 -34.72 34.10 54.85
CA SER G 859 -34.52 34.64 53.52
C SER G 859 -33.48 33.78 52.80
N ALA G 860 -33.51 33.82 51.48
CA ALA G 860 -32.58 33.07 50.66
C ALA G 860 -32.14 33.94 49.48
N ALA G 861 -30.97 33.61 48.94
CA ALA G 861 -30.40 34.36 47.84
C ALA G 861 -29.25 33.58 47.25
N TYR G 862 -28.91 33.92 46.01
CA TYR G 862 -27.70 33.41 45.38
C TYR G 862 -26.96 34.55 44.70
N LEU G 863 -25.65 34.41 44.62
CA LEU G 863 -24.76 35.47 44.19
C LEU G 863 -24.10 35.10 42.88
N GLN G 864 -24.13 36.01 41.91
CA GLN G 864 -23.49 35.81 40.62
C GLN G 864 -22.16 36.56 40.57
N TYR G 865 -21.25 36.05 39.75
CA TYR G 865 -19.92 36.62 39.67
C TYR G 865 -19.97 38.06 39.18
N GLY G 866 -20.99 38.43 38.42
CA GLY G 866 -21.11 39.78 37.93
C GLY G 866 -21.59 40.74 39.00
N GLY G 867 -21.73 40.25 40.22
CA GLY G 867 -22.21 41.06 41.32
C GLY G 867 -23.72 41.16 41.42
N ASN G 868 -24.45 40.38 40.64
CA ASN G 868 -25.90 40.41 40.71
C ASN G 868 -26.40 39.53 41.85
N VAL G 869 -27.48 39.97 42.48
CA VAL G 869 -28.08 39.27 43.61
C VAL G 869 -29.58 39.17 43.38
N VAL G 870 -30.19 38.12 43.94
CA VAL G 870 -31.63 37.90 43.83
C VAL G 870 -32.36 38.28 45.13
N ARG G 871 -31.99 37.65 46.24
CA ARG G 871 -32.47 38.04 47.57
C ARG G 871 -34.00 37.94 47.66
N GLU G 872 -34.49 36.71 47.59
CA GLU G 872 -35.90 36.46 47.79
C GLU G 872 -36.25 36.38 49.27
N HIS G 873 -37.46 36.81 49.59
CA HIS G 873 -37.98 36.82 50.95
C HIS G 873 -39.01 35.71 51.13
N VAL G 874 -39.12 35.22 52.35
CA VAL G 874 -40.06 34.14 52.67
C VAL G 874 -40.89 34.54 53.87
N PRO G 875 -41.83 35.48 53.73
CA PRO G 875 -42.68 35.82 54.88
C PRO G 875 -43.73 34.74 55.09
N PRO G 876 -44.20 34.57 56.32
CA PRO G 876 -45.24 33.59 56.58
C PRO G 876 -46.59 34.04 56.04
N GLY G 877 -47.45 33.06 55.80
CA GLY G 877 -48.79 33.34 55.35
C GLY G 877 -49.72 33.66 56.50
N PRO G 878 -50.96 33.98 56.16
CA PRO G 878 -51.93 34.35 57.20
C PRO G 878 -52.36 33.16 58.04
N SER G 879 -51.93 33.14 59.29
CA SER G 879 -52.29 32.06 60.20
C SER G 879 -53.69 32.28 60.77
N HIS G 880 -54.21 31.24 61.42
CA HIS G 880 -55.48 31.33 62.13
C HIS G 880 -55.29 31.41 63.64
N ILE G 881 -54.45 30.54 64.18
CA ILE G 881 -54.27 30.47 65.63
C ILE G 881 -53.81 31.82 66.17
N HIS G 882 -52.90 32.47 65.46
CA HIS G 882 -52.36 33.74 65.91
C HIS G 882 -53.46 34.74 66.21
N ARG G 883 -54.48 34.80 65.36
CA ARG G 883 -55.58 35.72 65.59
C ARG G 883 -56.37 35.33 66.82
N THR G 884 -56.65 34.04 66.99
CA THR G 884 -57.39 33.59 68.17
C THR G 884 -56.64 33.95 69.44
N LEU G 885 -55.34 33.70 69.45
CA LEU G 885 -54.54 34.01 70.64
C LEU G 885 -54.65 35.48 70.99
N GLN G 886 -54.63 36.35 69.99
CA GLN G 886 -54.87 37.76 70.24
C GLN G 886 -56.21 37.98 70.90
N GLN G 887 -57.24 37.29 70.41
CA GLN G 887 -58.57 37.45 71.00
C GLN G 887 -58.58 36.96 72.43
N VAL G 888 -57.88 35.86 72.71
CA VAL G 888 -57.83 35.34 74.06
C VAL G 888 -57.21 36.36 75.00
N GLU G 889 -56.06 36.90 74.61
CA GLU G 889 -55.39 37.87 75.46
C GLU G 889 -56.26 39.08 75.71
N SER G 890 -56.95 39.55 74.67
CA SER G 890 -57.87 40.66 74.86
C SER G 890 -58.93 40.32 75.90
N THR G 891 -59.48 39.12 75.81
CA THR G 891 -60.48 38.69 76.78
C THR G 891 -59.86 38.59 78.18
N PHE G 892 -58.64 38.06 78.27
CA PHE G 892 -58.02 37.88 79.57
C PHE G 892 -57.86 39.20 80.30
N MET G 893 -57.44 40.24 79.57
CA MET G 893 -57.23 41.55 80.19
C MET G 893 -58.48 42.08 80.86
N ALA G 894 -59.63 41.48 80.62
CA ALA G 894 -60.86 41.85 81.29
C ALA G 894 -61.30 40.84 82.35
N GLU G 895 -61.08 39.55 82.10
CA GLU G 895 -61.53 38.50 83.01
C GLU G 895 -60.38 37.87 83.78
N MET G 896 -59.37 38.66 84.11
CA MET G 896 -58.18 38.10 84.76
C MET G 896 -58.52 37.53 86.14
N ASN G 897 -59.55 38.07 86.79
CA ASN G 897 -59.91 37.57 88.11
C ASN G 897 -60.24 36.08 88.09
N LEU G 898 -60.68 35.56 86.95
CA LEU G 898 -60.99 34.14 86.87
C LEU G 898 -59.75 33.28 86.89
N PHE G 899 -58.56 33.86 86.78
CA PHE G 899 -57.32 33.12 86.84
C PHE G 899 -56.55 33.39 88.11
N ASN G 900 -57.24 33.79 89.17
CA ASN G 900 -56.63 34.10 90.46
C ASN G 900 -55.59 35.22 90.32
N VAL G 901 -55.81 36.13 89.38
CA VAL G 901 -54.91 37.25 89.15
C VAL G 901 -55.71 38.54 89.29
N ALA G 902 -55.18 39.47 90.08
CA ALA G 902 -55.83 40.74 90.34
C ALA G 902 -55.01 41.87 89.71
N ARG G 903 -55.53 43.09 89.85
CA ARG G 903 -54.88 44.26 89.32
C ARG G 903 -55.05 45.41 90.31
N GLY G 904 -54.18 46.39 90.20
CA GLY G 904 -54.20 47.54 91.09
C GLY G 904 -53.25 47.36 92.26
N ASN G 905 -53.23 48.39 93.10
CA ASN G 905 -52.31 48.44 94.21
C ASN G 905 -52.88 47.71 95.42
N LEU G 906 -52.10 47.70 96.50
CA LEU G 906 -52.49 47.05 97.74
C LEU G 906 -52.29 48.01 98.89
N TYR G 907 -53.29 48.13 99.74
CA TYR G 907 -53.24 49.01 100.89
C TYR G 907 -53.03 48.22 102.17
N LEU G 908 -52.49 48.91 103.19
CA LEU G 908 -52.26 48.32 104.50
C LEU G 908 -52.64 49.37 105.54
N VAL G 909 -53.82 49.25 106.11
CA VAL G 909 -54.30 50.16 107.13
C VAL G 909 -54.93 49.36 108.25
N GLN G 910 -54.54 49.67 109.49
CA GLN G 910 -55.19 49.04 110.63
C GLN G 910 -56.66 49.44 110.67
N THR G 911 -57.52 48.44 110.79
CA THR G 911 -58.97 48.68 110.80
C THR G 911 -59.62 47.67 111.72
N ALA G 912 -60.20 48.16 112.82
CA ALA G 912 -60.86 47.29 113.79
C ALA G 912 -62.36 47.27 113.51
N THR G 913 -62.71 46.63 112.40
CA THR G 913 -64.11 46.54 112.01
C THR G 913 -64.84 45.51 112.86
N ASN G 914 -66.15 45.70 112.98
CA ASN G 914 -67.00 44.77 113.69
C ASN G 914 -68.10 44.19 112.82
N GLY G 915 -68.37 44.78 111.66
CA GLY G 915 -69.41 44.29 110.78
C GLY G 915 -68.87 43.65 109.52
N ASN G 916 -69.56 43.85 108.41
CA ASN G 916 -69.14 43.26 107.16
C ASN G 916 -67.82 43.85 106.70
N TRP G 917 -67.01 43.02 106.05
CA TRP G 917 -65.67 43.43 105.60
C TRP G 917 -65.37 42.73 104.29
N SER G 918 -65.27 43.50 103.21
CA SER G 918 -64.99 42.96 101.89
C SER G 918 -63.72 43.59 101.34
N PRO G 919 -62.57 42.91 101.44
CA PRO G 919 -61.34 43.52 100.96
C PRO G 919 -61.26 43.57 99.44
N MET G 920 -61.85 42.60 98.74
CA MET G 920 -61.74 42.55 97.29
C MET G 920 -62.64 43.55 96.60
N ALA G 921 -63.65 44.08 97.29
CA ALA G 921 -64.59 45.04 96.70
C ALA G 921 -64.82 46.18 97.66
N PRO G 922 -63.82 47.04 97.84
CA PRO G 922 -63.98 48.19 98.73
C PRO G 922 -65.08 49.11 98.23
N VAL G 923 -65.85 49.67 99.15
CA VAL G 923 -66.92 50.57 98.78
C VAL G 923 -66.49 52.03 98.84
N ALA G 924 -65.54 52.36 99.72
CA ALA G 924 -65.06 53.73 99.85
C ALA G 924 -63.91 53.99 98.89
N ALA G 925 -63.68 55.26 98.61
CA ALA G 925 -62.57 55.65 97.76
C ALA G 925 -61.26 55.32 98.47
N PRO G 926 -60.23 54.93 97.72
CA PRO G 926 -58.95 54.62 98.33
C PRO G 926 -58.37 55.85 99.00
N PRO G 927 -57.74 55.69 100.16
CA PRO G 927 -57.13 56.85 100.82
C PRO G 927 -55.76 57.15 100.26
N PHE G 928 -55.41 58.44 100.34
CA PHE G 928 -54.09 58.97 99.97
C PHE G 928 -53.54 58.32 98.71
N VAL G 929 -54.26 58.54 97.60
CA VAL G 929 -53.72 58.15 96.32
C VAL G 929 -52.37 58.83 96.10
N ARG G 930 -51.50 58.20 95.31
CA ARG G 930 -50.17 58.72 95.08
C ARG G 930 -50.24 60.14 94.54
N GLY G 931 -49.37 61.01 95.06
CA GLY G 931 -49.40 62.41 94.71
C GLY G 931 -50.31 63.26 95.54
N GLY G 932 -51.01 62.67 96.51
CA GLY G 932 -51.89 63.43 97.37
C GLY G 932 -51.10 64.27 98.36
N PRO G 933 -51.83 64.93 99.26
CA PRO G 933 -51.17 65.76 100.26
C PRO G 933 -50.44 64.92 101.28
N ASN G 934 -49.23 65.35 101.62
CA ASN G 934 -48.42 64.78 102.70
C ASN G 934 -48.05 63.33 102.48
N VAL G 935 -48.28 62.78 101.29
CA VAL G 935 -47.91 61.41 101.00
C VAL G 935 -46.47 61.38 100.52
N ARG G 936 -45.69 60.46 101.05
CA ARG G 936 -44.27 60.37 100.74
C ARG G 936 -43.99 59.08 99.97
N VAL G 937 -43.03 59.16 99.06
CA VAL G 937 -42.61 58.01 98.26
C VAL G 937 -41.21 57.62 98.74
N VAL G 938 -41.07 56.35 99.13
CA VAL G 938 -39.80 55.90 99.67
C VAL G 938 -38.69 56.05 98.64
N GLY G 939 -37.47 56.19 99.13
CA GLY G 939 -36.32 56.22 98.25
C GLY G 939 -36.12 54.91 97.52
N ARG G 940 -35.31 54.97 96.47
CA ARG G 940 -35.08 53.80 95.64
C ARG G 940 -34.12 52.81 96.26
N PHE G 941 -33.49 53.15 97.38
CA PHE G 941 -32.66 52.22 98.12
C PHE G 941 -33.37 51.63 99.33
N GLY G 942 -34.45 52.25 99.79
CA GLY G 942 -35.11 51.77 100.98
C GLY G 942 -34.29 51.91 102.24
N THR G 943 -33.29 52.78 102.23
CA THR G 943 -32.42 52.94 103.37
C THR G 943 -33.07 53.77 104.47
N ILE G 944 -32.68 53.47 105.71
CA ILE G 944 -33.18 54.17 106.89
C ILE G 944 -31.98 54.71 107.65
N VAL G 945 -32.21 55.75 108.42
CA VAL G 945 -31.13 56.36 109.20
C VAL G 945 -31.56 56.53 110.65
N PRO G 946 -30.70 56.23 111.60
CA PRO G 946 -31.04 56.40 113.01
C PRO G 946 -30.79 57.85 113.44
N ARG G 947 -31.13 58.12 114.70
CA ARG G 947 -30.92 59.42 115.31
C ARG G 947 -30.54 59.21 116.76
N PRO G 948 -29.79 60.12 117.36
CA PRO G 948 -29.33 59.92 118.74
C PRO G 948 -30.31 60.44 119.78
N ASP G 949 -30.21 59.85 120.96
CA ASP G 949 -30.76 60.39 122.19
C ASP G 949 -32.25 60.75 122.06
N GLY G 950 -33.04 59.69 121.85
CA GLY G 950 -34.47 59.80 121.93
C GLY G 950 -35.16 60.18 120.64
N LEU G 951 -34.43 60.71 119.66
CA LEU G 951 -35.04 61.01 118.38
C LEU G 951 -35.28 59.71 117.63
N GLU G 952 -36.53 59.41 117.36
CA GLU G 952 -36.81 58.16 116.66
C GLU G 952 -36.44 58.30 115.20
N PRO G 953 -36.08 57.19 114.53
CA PRO G 953 -35.38 57.27 113.24
C PRO G 953 -36.17 57.92 112.12
N GLN G 954 -35.52 58.05 110.96
CA GLN G 954 -36.12 58.67 109.79
C GLN G 954 -35.81 57.84 108.56
N LEU G 955 -36.66 57.97 107.56
CA LEU G 955 -36.59 57.18 106.33
C LEU G 955 -36.28 58.08 105.15
N ILE G 956 -35.43 57.60 104.25
CA ILE G 956 -35.04 58.35 103.08
C ILE G 956 -36.14 58.23 102.03
N ASP G 957 -36.58 59.37 101.49
CA ASP G 957 -37.60 59.38 100.46
C ASP G 957 -36.96 59.35 99.08
N ASP G 958 -37.80 59.38 98.04
CA ASP G 958 -37.30 59.40 96.68
C ASP G 958 -36.48 60.65 96.40
N GLY G 959 -36.73 61.74 97.11
CA GLY G 959 -35.96 62.94 96.95
C GLY G 959 -34.64 62.92 97.68
N ASN G 960 -34.23 61.75 98.16
CA ASN G 960 -32.99 61.59 98.91
C ASN G 960 -32.98 62.51 100.13
N VAL G 961 -34.09 62.49 100.86
CA VAL G 961 -34.25 63.29 102.05
C VAL G 961 -34.83 62.42 103.17
N PRO G 962 -34.23 62.41 104.35
CA PRO G 962 -34.85 61.69 105.46
C PRO G 962 -36.20 62.30 105.82
N ARG G 963 -37.16 61.44 106.13
CA ARG G 963 -38.49 61.85 106.48
C ARG G 963 -38.95 61.10 107.72
N ASP G 964 -40.01 61.60 108.34
CA ASP G 964 -40.56 60.99 109.52
C ASP G 964 -41.47 59.83 109.13
N ILE G 965 -41.35 58.72 109.87
CA ILE G 965 -42.07 57.51 109.52
C ILE G 965 -43.57 57.72 109.63
N ALA G 966 -44.01 58.30 110.75
CA ALA G 966 -45.44 58.45 110.99
C ALA G 966 -46.10 59.24 109.87
N GLY G 967 -47.16 58.68 109.31
CA GLY G 967 -47.85 59.31 108.21
C GLY G 967 -48.24 58.34 107.12
N ASP G 968 -48.15 58.77 105.88
CA ASP G 968 -48.51 57.94 104.73
C ASP G 968 -47.30 57.73 103.85
N TRP G 969 -47.17 56.52 103.30
CA TRP G 969 -46.01 56.16 102.51
C TRP G 969 -46.44 55.30 101.34
N VAL G 970 -45.63 55.32 100.28
CA VAL G 970 -45.86 54.54 99.09
C VAL G 970 -44.61 53.72 98.79
N TYR G 971 -44.78 52.42 98.64
CA TYR G 971 -43.67 51.52 98.37
C TYR G 971 -43.83 50.86 97.00
N PRO G 972 -42.96 51.13 96.05
CA PRO G 972 -42.87 50.25 94.89
C PRO G 972 -42.48 48.85 95.34
N SER G 973 -43.02 47.85 94.65
CA SER G 973 -42.75 46.47 95.05
C SER G 973 -41.26 46.17 95.00
N ASP G 974 -40.53 46.82 94.09
CA ASP G 974 -39.11 46.52 93.94
C ASP G 974 -38.34 46.83 95.22
N VAL G 975 -38.48 48.06 95.73
CA VAL G 975 -37.71 48.44 96.91
C VAL G 975 -38.11 47.59 98.10
N LEU G 976 -39.37 47.16 98.16
CA LEU G 976 -39.78 46.26 99.22
C LEU G 976 -39.04 44.93 99.11
N GLN G 977 -38.84 44.44 97.89
CA GLN G 977 -38.15 43.17 97.71
C GLN G 977 -36.72 43.26 98.22
N VAL G 978 -36.05 44.38 97.99
CA VAL G 978 -34.65 44.49 98.35
C VAL G 978 -34.44 44.96 99.78
N SER G 979 -35.46 45.49 100.43
CA SER G 979 -35.32 46.02 101.78
C SER G 979 -36.49 45.60 102.65
N VAL G 980 -36.90 44.34 102.54
CA VAL G 980 -38.04 43.88 103.33
C VAL G 980 -37.69 43.89 104.81
N ALA G 981 -36.45 43.58 105.14
CA ALA G 981 -36.06 43.43 106.54
C ALA G 981 -36.26 44.73 107.31
N VAL G 982 -35.71 45.83 106.79
CA VAL G 982 -35.83 47.11 107.48
C VAL G 982 -37.29 47.49 107.65
N PHE G 983 -38.11 47.16 106.65
CA PHE G 983 -39.53 47.47 106.74
C PHE G 983 -40.19 46.74 107.90
N CYS G 984 -40.02 45.42 107.95
CA CYS G 984 -40.68 44.65 108.99
C CYS G 984 -40.12 44.96 110.37
N ASP G 985 -38.96 45.60 110.44
CA ASP G 985 -38.36 45.92 111.72
C ASP G 985 -38.74 47.31 112.20
N TYR G 986 -39.02 48.23 111.30
CA TYR G 986 -39.28 49.60 111.69
C TYR G 986 -40.65 50.11 111.28
N VAL G 987 -41.04 49.90 110.03
CA VAL G 987 -42.29 50.49 109.55
C VAL G 987 -43.48 49.67 110.01
N TRP G 988 -43.41 48.35 109.83
CA TRP G 988 -44.53 47.49 110.18
C TRP G 988 -45.03 47.69 111.60
N PRO G 989 -44.18 47.82 112.63
CA PRO G 989 -44.73 48.09 113.97
C PRO G 989 -45.57 49.36 114.02
N MET G 990 -45.14 50.41 113.34
CA MET G 990 -45.93 51.64 113.35
C MET G 990 -47.28 51.41 112.68
N VAL G 991 -47.30 50.59 111.63
CA VAL G 991 -48.57 50.25 110.99
C VAL G 991 -49.49 49.56 111.98
N LYS G 992 -48.96 48.58 112.70
CA LYS G 992 -49.77 47.89 113.70
C LYS G 992 -50.20 48.84 114.81
N ALA G 993 -49.47 49.93 115.00
CA ALA G 993 -49.83 50.91 115.99
C ALA G 993 -50.85 51.91 115.49
N GLY G 994 -51.26 51.83 114.23
CA GLY G 994 -52.22 52.76 113.71
C GLY G 994 -51.69 54.17 113.51
N ARG G 995 -50.39 54.30 113.29
CA ARG G 995 -49.79 55.61 113.06
C ARG G 995 -49.32 55.80 111.63
N THR G 996 -49.31 54.75 110.82
CA THR G 996 -48.81 54.82 109.46
C THR G 996 -49.75 54.07 108.53
N ARG G 997 -49.77 54.51 107.27
CA ARG G 997 -50.55 53.87 106.23
C ARG G 997 -49.68 53.68 105.01
N VAL G 998 -49.65 52.47 104.47
CA VAL G 998 -48.71 52.09 103.44
C VAL G 998 -49.47 51.72 102.17
N LEU G 999 -48.98 52.18 101.04
CA LEU G 999 -49.51 51.82 99.73
C LEU G 999 -48.40 51.07 98.98
N VAL G 1000 -48.55 49.76 98.86
CA VAL G 1000 -47.61 48.96 98.10
C VAL G 1000 -48.02 48.99 96.63
N GLU G 1001 -47.15 49.50 95.78
CA GLU G 1001 -47.44 49.61 94.36
C GLU G 1001 -47.02 48.33 93.65
N LEU G 1002 -47.95 47.71 92.95
CA LEU G 1002 -47.67 46.55 92.11
C LEU G 1002 -48.82 46.41 91.14
N GLY G 1003 -48.52 46.42 89.85
CA GLY G 1003 -49.58 46.49 88.85
C GLY G 1003 -50.51 45.29 88.89
N HIS G 1004 -49.93 44.09 88.94
CA HIS G 1004 -50.72 42.87 88.97
C HIS G 1004 -50.01 41.86 89.83
N TYR G 1005 -50.76 40.87 90.29
CA TYR G 1005 -50.22 39.89 91.22
C TYR G 1005 -51.19 38.73 91.31
N VAL G 1006 -50.74 37.68 91.99
CA VAL G 1006 -51.57 36.51 92.28
C VAL G 1006 -51.99 36.61 93.74
N TYR G 1007 -53.28 36.45 93.99
CA TYR G 1007 -53.82 36.59 95.33
C TYR G 1007 -54.21 35.23 95.89
N THR G 1008 -54.43 35.21 97.20
CA THR G 1008 -54.87 34.01 97.89
C THR G 1008 -55.84 34.40 99.00
N LEU G 1009 -56.88 33.61 99.15
CA LEU G 1009 -57.93 33.90 100.11
C LEU G 1009 -57.84 32.97 101.30
N HIS G 1010 -58.41 33.42 102.42
CA HIS G 1010 -58.46 32.59 103.62
C HIS G 1010 -59.70 33.00 104.41
N TYR G 1011 -60.76 32.21 104.28
CA TYR G 1011 -62.01 32.53 104.93
C TYR G 1011 -61.95 32.25 106.43
N TYR G 1012 -62.79 32.95 107.18
CA TYR G 1012 -62.78 32.82 108.63
C TYR G 1012 -64.18 33.04 109.17
N ASP G 1013 -64.43 32.47 110.35
CA ASP G 1013 -65.71 32.62 111.00
C ASP G 1013 -65.80 33.99 111.66
N PRO G 1014 -66.81 34.80 111.33
CA PRO G 1014 -66.96 36.11 111.96
C PRO G 1014 -67.48 36.08 113.39
N GLN G 1015 -67.60 34.90 114.01
CA GLN G 1015 -68.12 34.81 115.36
C GLN G 1015 -67.05 34.68 116.42
N ILE G 1016 -65.77 34.67 116.04
CA ILE G 1016 -64.69 34.49 116.99
C ILE G 1016 -63.62 35.54 116.76
N SER G 1017 -62.79 35.74 117.77
CA SER G 1017 -61.72 36.73 117.68
C SER G 1017 -60.72 36.35 116.60
N LEU G 1018 -60.12 37.36 115.99
CA LEU G 1018 -59.16 37.12 114.93
C LEU G 1018 -58.27 38.35 114.78
N ASP G 1019 -57.02 38.11 114.40
CA ASP G 1019 -56.10 39.17 114.02
C ASP G 1019 -55.38 38.74 112.75
N GLU G 1020 -55.34 39.63 111.77
CA GLU G 1020 -54.72 39.32 110.50
C GLU G 1020 -53.21 39.50 110.51
N ALA G 1021 -52.66 40.07 111.59
CA ALA G 1021 -51.23 40.36 111.62
C ALA G 1021 -50.36 39.13 111.39
N PRO G 1022 -50.58 37.99 112.04
CA PRO G 1022 -49.67 36.86 111.82
C PRO G 1022 -49.58 36.44 110.37
N ILE G 1023 -50.70 36.46 109.66
CA ILE G 1023 -50.68 36.06 108.26
C ILE G 1023 -49.80 36.99 107.45
N LEU G 1024 -49.97 38.31 107.65
CA LEU G 1024 -49.16 39.27 106.93
C LEU G 1024 -47.70 39.13 107.28
N GLU G 1025 -47.40 38.97 108.56
CA GLU G 1025 -46.01 38.81 108.98
C GLU G 1025 -45.40 37.58 108.33
N GLU G 1026 -46.15 36.49 108.28
CA GLU G 1026 -45.67 35.31 107.56
C GLU G 1026 -45.44 35.65 106.09
N TRP G 1027 -46.36 36.41 105.49
CA TRP G 1027 -46.21 36.77 104.09
C TRP G 1027 -44.95 37.59 103.87
N LEU G 1028 -44.67 38.54 104.76
CA LEU G 1028 -43.45 39.31 104.64
C LEU G 1028 -42.22 38.44 104.80
N SER G 1029 -42.32 37.39 105.61
CA SER G 1029 -41.16 36.55 105.89
C SER G 1029 -40.72 35.74 104.69
N LYS G 1030 -41.35 35.89 103.53
CA LYS G 1030 -41.01 35.10 102.36
C LYS G 1030 -40.74 35.96 101.14
N ILE G 1031 -40.42 37.24 101.32
CA ILE G 1031 -40.15 38.13 100.22
C ILE G 1031 -38.64 38.21 100.02
N ASN G 1032 -38.19 37.87 98.82
CA ASN G 1032 -36.77 37.90 98.50
C ASN G 1032 -36.54 38.87 97.36
N PRO G 1033 -35.29 39.24 97.09
CA PRO G 1033 -35.02 39.91 95.81
C PRO G 1033 -35.43 39.08 94.62
N ALA G 1034 -35.45 37.75 94.77
CA ALA G 1034 -35.82 36.89 93.65
C ALA G 1034 -37.30 37.00 93.33
N GLY G 1035 -38.16 36.92 94.34
CA GLY G 1035 -39.58 36.89 94.07
C GLY G 1035 -40.38 37.01 95.35
N ILE G 1036 -41.70 36.94 95.20
CA ILE G 1036 -42.62 37.11 96.32
C ILE G 1036 -43.69 36.04 96.28
N PRO G 1037 -44.29 35.73 97.42
CA PRO G 1037 -45.43 34.82 97.44
C PRO G 1037 -46.72 35.55 97.12
N PRO G 1038 -47.80 34.82 96.85
CA PRO G 1038 -49.06 35.49 96.50
C PRO G 1038 -49.60 36.31 97.66
N VAL G 1039 -50.38 37.33 97.32
CA VAL G 1039 -50.95 38.20 98.34
C VAL G 1039 -52.08 37.47 99.05
N PRO G 1040 -52.10 37.46 100.38
CA PRO G 1040 -53.21 36.82 101.10
C PRO G 1040 -54.31 37.80 101.44
N PHE G 1041 -55.51 37.24 101.67
CA PHE G 1041 -56.66 38.01 102.09
C PHE G 1041 -57.51 37.16 103.02
N CYS G 1042 -58.30 37.84 103.85
CA CYS G 1042 -59.20 37.18 104.78
C CYS G 1042 -60.61 37.70 104.58
N ILE G 1043 -61.57 36.79 104.46
CA ILE G 1043 -62.96 37.14 104.21
C ILE G 1043 -63.85 36.35 105.15
N PRO G 1044 -64.80 36.97 105.83
CA PRO G 1044 -65.70 36.23 106.70
C PRO G 1044 -66.70 35.41 105.90
N ILE G 1045 -67.00 34.21 106.40
CA ILE G 1045 -68.01 33.37 105.75
C ILE G 1045 -69.38 34.01 105.95
N PRO G 1046 -70.14 34.25 104.89
CA PRO G 1046 -71.49 34.80 105.06
C PRO G 1046 -72.37 33.85 105.86
N GLN G 1047 -73.24 34.43 106.68
CA GLN G 1047 -74.11 33.67 107.56
C GLN G 1047 -75.56 33.88 107.18
N VAL G 1048 -76.39 32.91 107.56
CA VAL G 1048 -77.80 32.91 107.19
C VAL G 1048 -78.69 33.44 108.29
N TYR G 1049 -78.12 33.92 109.39
CA TYR G 1049 -78.91 34.44 110.50
C TYR G 1049 -78.19 35.64 111.08
N PRO G 1050 -78.91 36.57 111.69
CA PRO G 1050 -78.24 37.70 112.34
C PRO G 1050 -77.42 37.23 113.52
N CYS G 1051 -76.09 37.31 113.40
CA CYS G 1051 -75.19 36.79 114.40
C CYS G 1051 -74.49 37.94 115.13
N ILE G 1052 -73.84 37.58 116.23
CA ILE G 1052 -73.03 38.51 117.00
C ILE G 1052 -71.59 38.35 116.56
N THR G 1053 -71.01 39.42 116.02
CA THR G 1053 -69.68 39.36 115.43
C THR G 1053 -68.66 39.94 116.40
N ALA G 1054 -67.55 39.23 116.56
CA ALA G 1054 -66.45 39.74 117.37
C ALA G 1054 -65.67 40.79 116.58
N ARG G 1055 -65.44 41.94 117.20
CA ARG G 1055 -64.66 42.98 116.54
C ARG G 1055 -63.25 42.49 116.29
N ARG G 1056 -62.89 42.33 115.03
CA ARG G 1056 -61.56 41.85 114.66
C ARG G 1056 -60.89 42.86 113.73
N VAL G 1057 -59.56 42.74 113.63
CA VAL G 1057 -58.74 43.73 112.97
C VAL G 1057 -58.26 43.19 111.63
N HIS G 1058 -58.32 44.03 110.61
CA HIS G 1058 -57.82 43.69 109.28
C HIS G 1058 -56.86 44.77 108.82
N TYR G 1059 -55.98 44.38 107.91
CA TYR G 1059 -54.98 45.31 107.38
C TYR G 1059 -55.01 45.45 105.87
N ALA G 1060 -55.19 44.37 105.13
CA ALA G 1060 -54.99 44.37 103.69
C ALA G 1060 -56.32 44.52 102.96
N PHE G 1061 -56.31 45.28 101.87
CA PHE G 1061 -57.45 45.40 100.98
C PHE G 1061 -56.97 46.02 99.68
N THR G 1062 -57.72 45.78 98.62
CA THR G 1062 -57.33 46.20 97.28
C THR G 1062 -57.80 47.63 97.02
N SER G 1063 -57.33 48.18 95.89
CA SER G 1063 -57.72 49.50 95.45
C SER G 1063 -58.82 49.48 94.41
N GLU G 1064 -59.11 48.32 93.82
CA GLU G 1064 -60.14 48.22 92.81
C GLU G 1064 -61.13 47.12 93.16
N ASN G 1065 -62.03 46.80 92.25
CA ASN G 1065 -63.01 45.73 92.44
C ASN G 1065 -62.50 44.52 91.66
N ASN G 1066 -61.72 43.68 92.33
CA ASN G 1066 -61.18 42.46 91.73
C ASN G 1066 -62.00 41.25 92.11
N ASN G 1067 -63.31 41.39 92.21
CA ASN G 1067 -64.18 40.37 92.79
C ASN G 1067 -65.03 39.66 91.73
N ASP G 1068 -64.53 39.56 90.50
CA ASP G 1068 -65.35 39.01 89.43
C ASP G 1068 -65.51 37.50 89.54
N SER G 1069 -64.52 36.80 90.10
CA SER G 1069 -64.59 35.35 90.15
C SER G 1069 -65.64 34.84 91.11
N LEU G 1070 -66.21 35.70 91.95
CA LEU G 1070 -67.23 35.28 92.88
C LEU G 1070 -68.52 34.96 92.14
N PHE G 1071 -69.11 33.80 92.44
CA PHE G 1071 -70.32 33.37 91.75
C PHE G 1071 -71.58 33.64 92.57
N SER G 1072 -71.65 33.09 93.79
CA SER G 1072 -72.82 33.23 94.62
C SER G 1072 -72.46 32.87 96.05
N THR G 1073 -73.33 33.23 96.98
CA THR G 1073 -73.13 32.97 98.39
C THR G 1073 -74.39 32.39 99.00
N ASN G 1074 -74.20 31.41 99.90
CA ASN G 1074 -75.31 30.76 100.58
C ASN G 1074 -76.35 30.26 99.59
N ALA G 1075 -75.86 29.62 98.52
CA ALA G 1075 -76.75 29.25 97.42
C ALA G 1075 -77.89 28.37 97.87
N ALA G 1076 -77.62 27.44 98.79
CA ALA G 1076 -78.62 26.49 99.24
C ALA G 1076 -79.46 27.04 100.39
N SER G 1077 -79.52 28.35 100.56
CA SER G 1077 -80.21 28.95 101.68
C SER G 1077 -81.30 29.89 101.18
N ILE G 1078 -82.22 30.21 102.09
CA ILE G 1078 -83.31 31.11 101.73
C ILE G 1078 -82.80 32.53 101.53
N ASP G 1079 -81.82 32.96 102.31
CA ASP G 1079 -81.33 34.34 102.21
C ASP G 1079 -80.07 34.47 103.04
N THR G 1080 -79.20 35.39 102.62
CA THR G 1080 -77.96 35.68 103.33
C THR G 1080 -78.19 36.83 104.31
N ALA G 1081 -78.05 36.55 105.59
CA ALA G 1081 -78.41 37.54 106.60
C ALA G 1081 -77.28 38.54 106.84
N PHE G 1082 -76.13 38.06 107.32
CA PHE G 1082 -75.08 38.97 107.76
C PHE G 1082 -74.05 39.25 106.67
N GLY G 1083 -73.38 38.21 106.19
CA GLY G 1083 -72.26 38.40 105.28
C GLY G 1083 -72.65 39.05 103.98
N GLU G 1084 -71.65 39.32 103.13
CA GLU G 1084 -71.93 39.91 101.83
C GLU G 1084 -72.84 38.99 101.04
N ASN G 1085 -73.83 39.60 100.37
CA ASN G 1085 -74.93 38.86 99.77
C ASN G 1085 -74.82 38.91 98.25
N ALA G 1086 -74.21 37.89 97.67
CA ALA G 1086 -74.04 37.80 96.23
C ALA G 1086 -75.06 36.81 95.66
N ALA G 1087 -75.88 37.29 94.73
CA ALA G 1087 -76.80 36.45 94.00
C ALA G 1087 -76.28 36.20 92.58
N VAL G 1088 -76.83 35.19 91.92
CA VAL G 1088 -76.39 34.84 90.59
C VAL G 1088 -76.74 35.99 89.64
N SER G 1089 -75.71 36.61 89.09
CA SER G 1089 -75.92 37.77 88.23
C SER G 1089 -76.44 37.31 86.86
N PRO G 1090 -77.57 37.85 86.41
CA PRO G 1090 -78.12 37.41 85.11
C PRO G 1090 -77.22 37.72 83.93
N LEU G 1091 -76.30 38.68 84.07
CA LEU G 1091 -75.54 39.15 82.93
C LEU G 1091 -74.74 38.02 82.28
N ARG G 1092 -74.31 37.04 83.05
CA ARG G 1092 -73.56 35.94 82.48
C ARG G 1092 -74.45 34.87 81.86
N TRP G 1093 -75.77 35.02 81.93
CA TRP G 1093 -76.70 34.04 81.38
C TRP G 1093 -77.77 34.70 80.52
N PRO G 1094 -77.38 35.52 79.56
CA PRO G 1094 -78.40 36.20 78.74
C PRO G 1094 -79.25 35.24 77.96
N GLY G 1095 -78.68 34.13 77.51
CA GLY G 1095 -79.40 33.21 76.67
C GLY G 1095 -80.25 32.25 77.46
N LEU G 1096 -80.44 32.54 78.74
CA LEU G 1096 -81.22 31.64 79.59
C LEU G 1096 -82.35 32.37 80.29
N VAL G 1097 -82.15 33.66 80.56
CA VAL G 1097 -83.14 34.43 81.30
C VAL G 1097 -83.58 35.70 80.59
N ASP G 1098 -82.84 36.18 79.61
CA ASP G 1098 -83.20 37.44 78.97
C ASP G 1098 -84.35 37.23 77.99
N PRO G 1099 -85.47 37.92 78.16
CA PRO G 1099 -86.54 37.82 77.15
C PRO G 1099 -86.14 38.34 75.79
N ASN G 1100 -85.20 39.29 75.72
CA ASN G 1100 -84.80 39.91 74.48
C ASN G 1100 -83.54 39.29 73.91
N TYR G 1101 -83.19 38.09 74.33
CA TYR G 1101 -82.01 37.41 73.80
C TYR G 1101 -82.26 36.95 72.38
N ARG G 1102 -81.29 37.18 71.51
CA ARG G 1102 -81.33 36.71 70.14
C ARG G 1102 -80.23 35.68 69.92
N VAL G 1103 -80.58 34.61 69.21
CA VAL G 1103 -79.59 33.58 68.91
C VAL G 1103 -78.47 34.18 68.07
N GLY G 1104 -77.24 33.85 68.43
CA GLY G 1104 -76.09 34.32 67.67
C GLY G 1104 -75.46 35.60 68.16
N THR G 1105 -75.69 35.98 69.41
CA THR G 1105 -75.12 37.19 69.98
C THR G 1105 -74.24 36.84 71.17
N ASN G 1106 -73.37 37.78 71.53
CA ASN G 1106 -72.51 37.63 72.69
C ASN G 1106 -71.86 38.98 72.98
N ASP G 1107 -71.03 39.00 74.01
CA ASP G 1107 -70.19 40.14 74.36
C ASP G 1107 -68.78 39.69 74.65
N LEU G 1108 -68.26 38.84 73.77
CA LEU G 1108 -67.04 38.09 74.03
C LEU G 1108 -65.85 38.94 74.47
N PRO G 1109 -65.49 40.02 73.80
CA PRO G 1109 -64.27 40.74 74.21
C PRO G 1109 -64.35 41.35 75.59
N ASN G 1110 -65.55 41.56 76.12
CA ASN G 1110 -65.72 42.23 77.41
C ASN G 1110 -66.17 41.30 78.51
N ARG G 1111 -67.10 40.40 78.24
CA ARG G 1111 -67.65 39.52 79.26
C ARG G 1111 -67.83 38.14 78.66
N ILE G 1112 -67.88 37.14 79.53
CA ILE G 1112 -68.02 35.75 79.12
C ILE G 1112 -69.41 35.27 79.56
N THR G 1113 -70.18 34.75 78.62
CA THR G 1113 -71.47 34.18 78.89
C THR G 1113 -71.37 32.66 78.88
N LEU G 1114 -72.01 32.01 79.85
CA LEU G 1114 -71.84 30.59 80.06
C LEU G 1114 -72.87 29.73 79.35
N TYR G 1115 -73.96 30.32 78.88
CA TYR G 1115 -75.03 29.56 78.24
C TYR G 1115 -75.28 30.17 76.86
N ASN G 1116 -74.97 29.42 75.81
CA ASN G 1116 -75.04 29.94 74.45
C ASN G 1116 -75.61 28.87 73.54
N SER G 1117 -75.58 29.15 72.25
CA SER G 1117 -75.99 28.21 71.22
C SER G 1117 -74.81 27.94 70.30
N LEU G 1118 -74.70 26.71 69.83
CA LEU G 1118 -73.52 26.29 69.09
C LEU G 1118 -73.91 25.24 68.06
N TYR G 1119 -72.98 24.97 67.16
CA TYR G 1119 -73.13 23.94 66.15
C TYR G 1119 -72.32 22.70 66.51
N ARG G 1120 -72.75 21.57 65.98
CA ARG G 1120 -72.00 20.33 66.10
C ARG G 1120 -72.02 19.61 64.76
N TYR G 1121 -71.01 18.79 64.53
CA TYR G 1121 -70.78 18.22 63.21
C TYR G 1121 -70.62 16.72 63.28
N ASN G 1122 -70.69 16.10 62.10
CA ASN G 1122 -70.53 14.65 61.95
C ASN G 1122 -69.65 14.35 60.74
N PHE G 1123 -68.50 15.00 60.68
CA PHE G 1123 -67.61 14.79 59.55
C PHE G 1123 -67.14 13.34 59.49
N THR G 1124 -67.00 12.83 58.27
CA THR G 1124 -66.35 11.57 58.01
C THR G 1124 -65.05 11.86 57.27
N TYR G 1125 -64.10 10.93 57.39
CA TYR G 1125 -62.74 11.13 56.91
C TYR G 1125 -62.37 10.01 55.95
N PRO G 1126 -62.90 10.05 54.73
CA PRO G 1126 -62.63 8.99 53.77
C PRO G 1126 -61.16 8.94 53.43
N THR G 1127 -60.65 7.74 53.22
CA THR G 1127 -59.29 7.57 52.74
C THR G 1127 -59.23 7.93 51.26
N LEU G 1128 -58.00 8.05 50.75
CA LEU G 1128 -57.81 8.43 49.36
C LEU G 1128 -58.53 7.47 48.42
N ASP G 1129 -58.32 6.16 48.62
CA ASP G 1129 -59.00 5.18 47.79
C ASP G 1129 -60.51 5.25 47.95
N GLY G 1130 -60.99 5.77 49.07
CA GLY G 1130 -62.41 5.98 49.19
C GLY G 1130 -62.95 7.12 48.36
N ILE G 1131 -62.06 7.93 47.78
CA ILE G 1131 -62.49 9.05 46.96
C ILE G 1131 -62.64 8.66 45.51
N MET G 1132 -61.71 7.83 45.00
CA MET G 1132 -61.60 7.59 43.57
C MET G 1132 -61.40 6.10 43.33
N TYR G 1133 -61.47 5.73 42.05
CA TYR G 1133 -61.09 4.39 41.64
C TYR G 1133 -59.57 4.28 41.69
N VAL G 1134 -59.06 3.58 42.70
CA VAL G 1134 -57.64 3.63 43.02
C VAL G 1134 -56.77 2.84 42.06
N ARG G 1135 -57.35 1.90 41.31
CA ARG G 1135 -56.56 0.93 40.58
C ARG G 1135 -55.86 1.59 39.39
N SER G 1136 -55.20 0.74 38.59
CA SER G 1136 -54.42 1.21 37.46
C SER G 1136 -55.29 1.99 36.48
N ALA G 1137 -54.71 3.02 35.89
CA ALA G 1137 -55.43 3.88 34.96
C ALA G 1137 -54.55 4.27 33.78
N ASP H 9 -64.40 38.24 163.35
CA ASP H 9 -63.74 38.49 162.08
C ASP H 9 -64.34 37.61 160.99
N SER H 10 -65.64 37.70 160.81
CA SER H 10 -66.35 36.98 159.77
C SER H 10 -66.46 37.77 158.48
N ILE H 11 -65.86 38.96 158.44
CA ILE H 11 -65.89 39.77 157.22
C ILE H 11 -65.27 39.00 156.07
N ALA H 12 -64.26 38.18 156.36
CA ALA H 12 -63.64 37.37 155.32
C ALA H 12 -64.65 36.45 154.66
N ALA H 13 -65.66 36.00 155.41
CA ALA H 13 -66.66 35.11 154.83
C ALA H 13 -67.42 35.80 153.71
N VAL H 14 -67.97 36.98 153.99
CA VAL H 14 -68.72 37.68 152.96
C VAL H 14 -67.78 38.16 151.86
N ALA H 15 -66.57 38.58 152.22
CA ALA H 15 -65.61 39.00 151.21
C ALA H 15 -65.31 37.87 150.23
N ASN H 16 -65.00 36.69 150.76
CA ASN H 16 -64.73 35.56 149.88
C ASN H 16 -65.97 35.16 149.10
N ALA H 17 -67.16 35.45 149.63
CA ALA H 17 -68.38 35.11 148.93
C ALA H 17 -68.52 35.85 147.61
N THR H 18 -67.79 36.95 147.44
CA THR H 18 -67.88 37.78 146.25
C THR H 18 -66.48 37.94 145.68
N LYS H 19 -66.12 37.05 144.75
CA LYS H 19 -64.82 37.12 144.07
C LYS H 19 -64.98 36.57 142.67
N PRO H 20 -65.52 37.38 141.75
CA PRO H 20 -65.66 36.92 140.37
C PRO H 20 -64.31 36.65 139.74
N ALA H 21 -64.28 35.69 138.83
CA ALA H 21 -63.04 35.35 138.15
C ALA H 21 -62.52 36.56 137.38
N ALA H 22 -61.23 36.83 137.52
CA ALA H 22 -60.65 37.99 136.86
C ALA H 22 -60.41 37.76 135.38
N VAL H 23 -60.26 36.52 134.95
CA VAL H 23 -59.98 36.19 133.55
C VAL H 23 -60.93 35.10 133.11
N VAL H 24 -61.87 35.43 132.24
CA VAL H 24 -62.76 34.46 131.65
C VAL H 24 -62.26 34.12 130.26
N SER H 25 -62.81 33.07 129.66
CA SER H 25 -62.42 32.63 128.33
C SER H 25 -63.67 32.58 127.45
N ASP H 26 -63.83 33.58 126.60
CA ASP H 26 -64.93 33.61 125.66
C ASP H 26 -64.40 33.74 124.23
N PRO H 27 -65.11 33.18 123.25
CA PRO H 27 -64.60 33.21 121.87
C PRO H 27 -64.53 34.61 121.27
N GLN H 28 -65.23 35.58 121.84
CA GLN H 28 -65.27 36.93 121.30
C GLN H 28 -64.56 37.83 122.29
N SER H 29 -63.30 38.18 121.99
CA SER H 29 -62.50 38.91 122.96
C SER H 29 -61.62 40.00 122.37
N MET H 30 -61.70 40.29 121.08
CA MET H 30 -60.90 41.35 120.47
C MET H 30 -59.41 41.12 120.72
N LYS H 31 -58.93 40.03 120.14
CA LYS H 31 -57.54 39.63 120.32
C LYS H 31 -56.63 40.50 119.46
N VAL H 32 -55.63 41.11 120.08
CA VAL H 32 -54.69 41.99 119.39
C VAL H 32 -53.28 41.51 119.67
N THR H 33 -52.50 41.33 118.61
CA THR H 33 -51.14 40.88 118.74
C THR H 33 -50.25 41.99 119.30
N PRO H 34 -49.10 41.64 119.86
CA PRO H 34 -48.20 42.68 120.35
C PRO H 34 -47.71 43.57 119.22
N ILE H 35 -47.45 44.83 119.56
CA ILE H 35 -46.96 45.78 118.57
C ILE H 35 -45.57 45.39 118.10
N VAL H 36 -44.65 45.29 119.03
CA VAL H 36 -43.27 44.93 118.71
C VAL H 36 -43.13 43.42 118.84
N ASN H 37 -42.37 42.84 117.92
CA ASN H 37 -42.22 41.39 117.92
C ASN H 37 -41.39 40.96 119.11
N PRO H 38 -41.92 40.11 120.00
CA PRO H 38 -41.15 39.65 121.15
C PRO H 38 -40.29 38.43 120.89
N SER H 39 -40.42 37.80 119.71
CA SER H 39 -39.69 36.57 119.44
C SER H 39 -38.20 36.82 119.29
N SER H 40 -37.83 37.91 118.63
CA SER H 40 -36.43 38.20 118.34
C SER H 40 -36.10 39.61 118.81
N TYR H 41 -34.85 39.80 119.21
CA TYR H 41 -34.32 41.10 119.61
C TYR H 41 -33.16 41.46 118.71
N VAL H 42 -33.16 42.69 118.21
CA VAL H 42 -32.20 43.15 117.22
C VAL H 42 -31.43 44.32 117.81
N CYS H 43 -30.11 44.28 117.67
CA CYS H 43 -29.29 45.41 118.09
C CYS H 43 -29.61 46.63 117.25
N ASN H 44 -29.60 47.81 117.88
CA ASN H 44 -30.00 49.02 117.19
C ASN H 44 -28.85 49.72 116.47
N VAL H 45 -27.61 49.36 116.78
CA VAL H 45 -26.47 50.02 116.17
C VAL H 45 -25.79 49.15 115.12
N CYS H 46 -25.76 47.83 115.30
CA CYS H 46 -25.19 46.94 114.30
C CYS H 46 -26.23 46.03 113.67
N ASN H 47 -27.50 46.16 114.04
CA ASN H 47 -28.59 45.35 113.49
C ASN H 47 -28.31 43.87 113.64
N ALA H 48 -27.61 43.48 114.69
CA ALA H 48 -27.42 42.06 114.98
C ALA H 48 -28.65 41.55 115.72
N ARG H 49 -29.23 40.47 115.21
CA ARG H 49 -30.43 39.90 115.80
C ARG H 49 -30.07 38.85 116.82
N PHE H 50 -30.80 38.84 117.93
CA PHE H 50 -30.56 37.91 119.02
C PHE H 50 -31.88 37.29 119.46
N SER H 51 -31.78 36.08 120.03
CA SER H 51 -32.96 35.33 120.42
C SER H 51 -33.50 35.82 121.76
N THR H 52 -32.71 35.71 122.81
CA THR H 52 -33.14 36.09 124.15
C THR H 52 -32.70 37.50 124.49
N MET H 53 -33.48 38.17 125.33
CA MET H 53 -33.21 39.55 125.67
C MET H 53 -31.87 39.70 126.38
N SER H 54 -31.56 38.78 127.29
CA SER H 54 -30.32 38.88 128.05
C SER H 54 -29.11 38.86 127.12
N ALA H 55 -29.15 38.03 126.08
CA ALA H 55 -28.04 37.95 125.15
C ALA H 55 -27.81 39.29 124.47
N LEU H 56 -28.88 39.95 124.03
CA LEU H 56 -28.74 41.25 123.41
C LEU H 56 -28.15 42.26 124.38
N SER H 57 -28.64 42.25 125.62
CA SER H 57 -28.15 43.20 126.62
C SER H 57 -26.65 43.02 126.85
N GLU H 58 -26.20 41.77 126.93
CA GLU H 58 -24.77 41.54 127.12
C GLU H 58 -23.97 41.92 125.89
N HIS H 59 -24.48 41.61 124.70
CA HIS H 59 -23.78 41.97 123.48
C HIS H 59 -23.56 43.47 123.39
N LEU H 60 -24.64 44.24 123.56
CA LEU H 60 -24.50 45.69 123.53
C LEU H 60 -23.70 46.22 124.70
N ARG H 61 -23.48 45.41 125.73
CA ARG H 61 -22.62 45.77 126.86
C ARG H 61 -21.18 45.32 126.63
N SER H 62 -20.88 44.72 125.49
CA SER H 62 -19.51 44.33 125.21
C SER H 62 -19.06 44.74 123.81
N ASP H 63 -20.02 44.83 122.89
CA ASP H 63 -19.66 45.01 121.49
C ASP H 63 -19.44 46.48 121.12
N HIS H 64 -20.33 47.36 121.54
CA HIS H 64 -20.27 48.78 121.20
C HIS H 64 -20.01 49.57 122.47
N ARG H 65 -18.74 49.69 122.84
CA ARG H 65 -18.35 50.26 124.12
C ARG H 65 -17.71 51.63 123.94
N ASP H 66 -18.15 52.58 124.77
CA ASP H 66 -17.49 53.86 124.90
C ASP H 66 -17.61 54.28 126.36
N ASP H 67 -16.96 55.40 126.68
CA ASP H 67 -16.90 55.94 128.03
C ASP H 67 -16.08 55.05 128.95
N ALA H 68 -15.63 53.89 128.45
CA ALA H 68 -14.81 53.00 129.27
C ALA H 68 -13.35 53.44 129.24
N SER H 69 -12.71 53.34 128.08
CA SER H 69 -11.42 53.94 127.79
C SER H 69 -10.42 53.78 128.93
N THR H 70 -10.01 52.55 129.23
CA THR H 70 -9.07 52.30 130.30
C THR H 70 -7.82 53.14 130.12
N LEU H 71 -7.42 53.85 131.18
CA LEU H 71 -6.35 54.82 131.07
C LEU H 71 -5.01 54.18 130.75
N LEU H 72 -4.84 52.91 131.11
CA LEU H 72 -3.59 52.23 130.83
C LEU H 72 -3.37 52.10 129.34
N ALA H 73 -2.10 52.06 128.93
CA ALA H 73 -1.76 51.96 127.52
C ALA H 73 -2.41 50.73 126.90
N THR H 74 -3.08 50.93 125.76
CA THR H 74 -3.89 49.87 125.16
C THR H 74 -3.20 49.32 123.93
N PRO H 75 -2.80 48.05 123.94
CA PRO H 75 -2.37 47.38 122.70
C PRO H 75 -3.50 46.76 121.89
N MET H 76 -4.76 46.98 122.27
CA MET H 76 -5.91 46.40 121.60
C MET H 76 -6.33 47.16 120.36
N ILE H 77 -5.44 47.97 119.78
CA ILE H 77 -5.79 48.72 118.59
C ILE H 77 -6.10 47.75 117.44
N ASN H 78 -7.04 48.17 116.59
CA ASN H 78 -7.43 47.38 115.43
C ASN H 78 -7.75 48.31 114.28
N ASN H 79 -8.04 47.72 113.13
CA ASN H 79 -8.28 48.50 111.92
C ASN H 79 -9.63 49.20 111.99
N ALA H 80 -9.95 49.92 110.91
CA ALA H 80 -11.14 50.76 110.90
C ALA H 80 -12.41 49.93 110.86
N ILE H 81 -12.60 49.18 109.79
CA ILE H 81 -13.86 48.48 109.57
C ILE H 81 -13.85 47.16 110.33
N ARG H 82 -14.89 46.92 111.10
CA ARG H 82 -15.04 45.65 111.78
C ARG H 82 -15.95 44.68 111.02
N SER H 83 -17.09 45.15 110.54
CA SER H 83 -18.02 44.26 109.85
C SER H 83 -19.03 45.10 109.07
N PHE H 84 -19.73 44.42 108.16
CA PHE H 84 -20.82 45.02 107.41
C PHE H 84 -21.99 44.05 107.38
N LEU H 85 -23.18 44.59 107.20
CA LEU H 85 -24.40 43.81 107.12
C LEU H 85 -25.16 44.18 105.86
N THR H 86 -25.32 43.21 104.96
CA THR H 86 -26.07 43.43 103.73
C THR H 86 -27.56 43.42 104.06
N ALA H 87 -28.20 44.57 103.90
CA ALA H 87 -29.60 44.68 104.32
C ALA H 87 -30.55 44.16 103.26
N TRP H 88 -30.28 42.97 102.73
CA TRP H 88 -31.25 42.28 101.91
C TRP H 88 -31.33 40.80 102.20
N ASP H 89 -30.39 40.24 102.95
CA ASP H 89 -30.45 38.84 103.33
C ASP H 89 -30.02 38.60 104.77
N GLY H 90 -29.68 39.63 105.51
CA GLY H 90 -29.26 39.46 106.89
C GLY H 90 -27.89 38.86 107.07
N ILE H 91 -27.10 38.76 106.00
CA ILE H 91 -25.78 38.15 106.10
C ILE H 91 -24.80 39.16 106.68
N ARG H 92 -24.16 38.77 107.77
CA ARG H 92 -23.13 39.60 108.39
C ARG H 92 -21.78 39.24 107.81
N ILE H 93 -21.03 40.25 107.37
CA ILE H 93 -19.73 40.06 106.76
C ILE H 93 -18.67 40.60 107.71
N LEU H 94 -17.73 39.76 108.09
CA LEU H 94 -16.64 40.15 108.97
C LEU H 94 -15.43 40.55 108.16
N SER H 95 -14.78 41.62 108.59
CA SER H 95 -13.57 42.06 107.93
C SER H 95 -12.50 40.97 108.08
N PRO H 96 -11.86 40.55 106.98
CA PRO H 96 -10.87 39.47 107.09
C PRO H 96 -9.74 39.80 108.05
N ASP H 97 -9.29 41.04 108.09
CA ASP H 97 -8.19 41.47 108.96
C ASP H 97 -8.64 42.73 109.71
N VAL H 98 -9.29 42.54 110.84
CA VAL H 98 -9.68 43.68 111.66
C VAL H 98 -8.51 44.17 112.50
N SER H 99 -7.64 43.26 112.91
CA SER H 99 -6.46 43.62 113.69
C SER H 99 -5.15 43.35 112.97
N SER H 100 -5.13 42.39 112.04
CA SER H 100 -3.93 42.13 111.26
C SER H 100 -3.66 43.29 110.30
N LYS H 101 -2.37 43.60 110.11
CA LYS H 101 -1.95 44.69 109.25
C LYS H 101 -1.22 44.20 108.01
N HIS H 102 -1.57 43.02 107.52
CA HIS H 102 -0.90 42.47 106.36
C HIS H 102 -1.37 43.17 105.09
N LEU H 103 -0.55 43.06 104.04
CA LEU H 103 -0.85 43.66 102.74
C LEU H 103 -0.84 42.58 101.67
N SER H 104 -1.77 42.69 100.73
CA SER H 104 -1.93 41.71 99.66
C SER H 104 -1.54 42.32 98.33
N ALA H 105 -0.85 41.53 97.50
CA ALA H 105 -0.47 41.94 96.15
C ALA H 105 0.31 43.25 96.16
N TYR H 106 1.29 43.34 97.06
CA TYR H 106 2.12 44.53 97.18
C TYR H 106 3.43 44.29 96.46
N LEU H 107 3.39 44.47 95.14
CA LEU H 107 4.57 44.32 94.29
C LEU H 107 5.25 42.99 94.53
N ASP H 108 6.58 43.00 94.63
CA ASP H 108 7.34 41.78 94.83
C ASP H 108 7.29 41.24 96.25
N SER H 109 7.10 42.12 97.23
CA SER H 109 7.24 41.77 98.64
C SER H 109 5.86 41.53 99.24
N ALA H 110 5.42 40.27 99.23
CA ALA H 110 4.15 39.91 99.85
C ALA H 110 4.18 40.04 101.36
N VAL H 111 5.36 40.23 101.95
CA VAL H 111 5.51 40.34 103.41
C VAL H 111 5.08 41.72 103.87
N ALA H 112 4.67 42.57 102.93
CA ALA H 112 4.35 43.95 103.25
C ALA H 112 3.25 44.03 104.31
N ASN H 113 3.42 44.95 105.25
CA ASN H 113 2.50 45.08 106.37
C ASN H 113 2.26 46.56 106.64
N GLY H 114 1.27 46.83 107.51
CA GLY H 114 0.98 48.17 107.92
C GLY H 114 1.89 48.63 109.04
N PRO H 115 2.12 49.93 109.13
CA PRO H 115 3.00 50.46 110.18
C PRO H 115 2.37 50.37 111.55
N GLU H 116 3.23 50.33 112.56
CA GLU H 116 2.80 50.38 113.95
C GLU H 116 3.12 51.77 114.47
N LEU H 117 2.07 52.56 114.71
CA LEU H 117 2.26 53.96 115.03
C LEU H 117 1.61 54.42 116.32
N ILE H 118 0.64 53.67 116.86
CA ILE H 118 -0.01 54.06 118.10
C ILE H 118 0.85 53.52 119.24
N VAL H 119 1.65 54.39 119.84
CA VAL H 119 2.47 54.04 120.99
C VAL H 119 2.18 55.04 122.09
N GLU H 120 1.75 54.54 123.24
CA GLU H 120 1.35 55.38 124.36
C GLU H 120 2.30 55.16 125.51
N ASP H 121 2.72 56.26 126.13
CA ASP H 121 3.60 56.22 127.30
C ASP H 121 2.95 56.95 128.46
N THR H 122 3.08 56.37 129.65
CA THR H 122 2.60 56.99 130.87
C THR H 122 3.72 57.40 131.80
N GLY H 123 4.96 57.10 131.46
CA GLY H 123 6.08 57.47 132.30
C GLY H 123 6.42 58.95 132.19
N LEU H 124 7.69 59.29 132.39
CA LEU H 124 8.15 60.66 132.33
C LEU H 124 8.75 60.93 130.96
N CYS H 125 8.33 62.03 130.34
CA CYS H 125 8.83 62.41 129.02
C CYS H 125 10.19 63.07 129.18
N THR H 126 11.22 62.24 129.28
CA THR H 126 12.57 62.75 129.34
C THR H 126 13.54 61.72 128.78
N SER H 127 14.67 62.21 128.30
CA SER H 127 15.72 61.35 127.77
C SER H 127 17.06 61.57 128.44
N PHE H 128 17.13 62.48 129.42
CA PHE H 128 18.36 62.74 130.14
C PHE H 128 18.18 62.34 131.59
N MET H 129 19.22 61.74 132.16
CA MET H 129 19.18 61.18 133.50
C MET H 129 20.26 61.82 134.34
N LEU H 130 19.88 62.30 135.52
CA LEU H 130 20.83 62.88 136.46
C LEU H 130 21.35 61.77 137.35
N LEU H 131 22.66 61.52 137.27
CA LEU H 131 23.28 60.47 138.05
C LEU H 131 24.61 60.97 138.59
N ASP H 132 25.11 60.28 139.61
CA ASP H 132 26.42 60.57 140.15
C ASP H 132 27.45 59.60 139.59
N ASN H 133 28.60 60.13 139.19
CA ASN H 133 29.69 59.29 138.73
C ASN H 133 30.66 58.95 139.84
N ILE H 134 30.80 59.81 140.83
CA ILE H 134 31.68 59.55 141.97
C ILE H 134 30.84 59.58 143.24
N PRO H 135 30.62 58.45 143.89
CA PRO H 135 29.84 58.46 145.13
C PRO H 135 30.54 59.30 146.19
N SER H 136 29.74 59.95 147.02
CA SER H 136 30.29 60.72 148.11
C SER H 136 30.83 59.79 149.19
N ALA H 137 31.72 60.34 150.01
CA ALA H 137 32.07 59.66 151.24
C ALA H 137 30.87 59.65 152.18
N HIS H 138 30.88 58.70 153.12
CA HIS H 138 29.80 58.66 154.09
C HIS H 138 29.83 59.89 154.99
N LEU H 139 28.65 60.42 155.28
CA LEU H 139 28.52 61.57 156.16
C LEU H 139 27.33 61.37 157.08
N THR H 140 27.53 61.70 158.35
CA THR H 140 26.44 61.58 159.31
C THR H 140 25.45 62.71 159.09
N LYS H 141 24.18 62.35 158.89
CA LYS H 141 23.14 63.35 158.69
C LYS H 141 22.81 64.03 160.01
N GLU H 142 22.76 65.36 159.99
CA GLU H 142 22.40 66.13 161.17
C GLU H 142 20.89 66.35 161.28
N LEU H 143 20.13 65.89 160.30
CA LEU H 143 18.67 65.91 160.32
C LEU H 143 18.19 64.77 159.44
N ILE H 144 17.19 64.03 159.89
CA ILE H 144 16.88 62.74 159.31
C ILE H 144 15.49 62.62 158.71
N GLY H 145 14.51 63.43 159.11
CA GLY H 145 13.22 63.32 158.47
C GLY H 145 12.12 64.01 159.25
N PHE H 146 10.94 63.99 158.66
CA PHE H 146 9.76 64.60 159.25
C PHE H 146 9.19 63.69 160.34
N THR H 147 8.39 64.29 161.21
CA THR H 147 7.71 63.56 162.27
C THR H 147 6.23 63.94 162.27
N TRP H 148 5.40 62.95 162.59
CA TRP H 148 3.95 63.09 162.53
C TRP H 148 3.41 62.43 163.80
N PHE H 149 3.06 63.25 164.78
CA PHE H 149 2.78 62.76 166.13
C PHE H 149 3.98 61.96 166.63
N MET H 150 3.85 60.64 166.69
CA MET H 150 4.95 59.79 167.09
C MET H 150 5.70 59.20 165.90
N GLN H 151 5.08 59.15 164.74
CA GLN H 151 5.72 58.52 163.59
C GLN H 151 6.79 59.41 162.99
N MET H 152 7.64 58.81 162.18
CA MET H 152 8.65 59.51 161.41
C MET H 152 8.49 59.17 159.94
N TYR H 153 8.62 60.18 159.09
CA TYR H 153 8.56 60.01 157.66
C TYR H 153 9.83 60.55 157.02
N GLN H 154 10.22 59.94 155.91
CA GLN H 154 11.37 60.40 155.16
C GLN H 154 11.22 59.95 153.71
N MET H 155 11.70 60.78 152.79
CA MET H 155 11.58 60.51 151.36
C MET H 155 12.94 60.58 150.71
N THR H 156 13.10 59.81 149.64
CA THR H 156 14.34 59.83 148.89
C THR H 156 14.49 61.16 148.17
N PRO H 157 15.69 61.73 148.13
CA PRO H 157 15.86 63.03 147.50
C PRO H 157 15.60 62.95 146.02
N PRO H 158 15.07 64.01 145.41
CA PRO H 158 14.85 63.98 143.95
C PRO H 158 16.14 64.08 143.18
N LEU H 159 17.01 64.94 143.58
CA LEU H 159 18.25 65.15 142.86
C LEU H 159 19.30 64.12 143.24
N PRO H 160 20.22 63.79 142.35
CA PRO H 160 21.27 62.85 142.70
C PRO H 160 22.20 63.43 143.74
N GLU H 161 22.81 62.54 144.53
CA GLU H 161 23.74 62.93 145.56
C GLU H 161 25.04 62.17 145.38
N GLY H 162 26.15 62.86 145.56
CA GLY H 162 27.45 62.27 145.40
C GLY H 162 28.49 63.34 145.20
N ALA H 163 29.75 62.88 145.08
CA ALA H 163 30.84 63.82 144.87
C ALA H 163 30.70 64.54 143.54
N VAL H 164 30.32 63.81 142.49
CA VAL H 164 30.22 64.36 141.15
C VAL H 164 28.91 63.89 140.54
N ASN H 165 28.17 64.82 139.94
CA ASN H 165 26.89 64.52 139.30
C ASN H 165 26.90 65.09 137.90
N ARG H 166 26.46 64.30 136.93
CA ARG H 166 26.52 64.70 135.53
C ARG H 166 25.21 64.36 134.83
N ILE H 167 25.05 64.91 133.63
CA ILE H 167 23.89 64.67 132.79
C ILE H 167 24.30 63.74 131.66
N VAL H 168 23.51 62.71 131.42
CA VAL H 168 23.77 61.75 130.36
C VAL H 168 22.51 61.52 129.55
N CYS H 169 22.70 60.98 128.35
CA CYS H 169 21.61 60.69 127.44
C CYS H 169 21.23 59.22 127.58
N MET H 170 20.04 58.96 128.10
CA MET H 170 19.52 57.60 128.23
C MET H 170 18.05 57.64 127.80
N THR H 171 17.80 57.28 126.55
CA THR H 171 16.46 57.36 126.00
C THR H 171 15.52 56.43 126.75
N ASN H 172 14.32 56.93 127.05
CA ASN H 172 13.27 56.15 127.67
C ASN H 172 13.71 55.53 128.98
N TRP H 173 14.57 56.23 129.72
CA TRP H 173 14.99 55.70 131.00
C TRP H 173 13.90 55.77 132.05
N ALA H 174 12.81 56.48 131.77
CA ALA H 174 11.70 56.60 132.72
C ALA H 174 10.38 56.27 132.05
N SER H 175 10.40 55.43 131.02
CA SER H 175 9.17 55.05 130.36
C SER H 175 8.36 54.10 131.25
N LEU H 176 7.04 54.13 131.06
CA LEU H 176 6.15 53.25 131.81
C LEU H 176 5.10 52.55 130.97
N GLY H 177 4.77 53.05 129.79
CA GLY H 177 3.71 52.45 129.00
C GLY H 177 4.16 51.23 128.23
N ASP H 178 3.81 51.16 126.95
CA ASP H 178 4.14 50.03 126.12
C ASP H 178 5.66 49.92 125.96
N GLU H 179 6.08 48.80 125.36
CA GLU H 179 7.50 48.56 125.14
C GLU H 179 8.11 49.56 124.16
N GLY H 180 7.30 50.17 123.32
CA GLY H 180 7.78 51.21 122.44
C GLY H 180 8.63 50.67 121.31
N ARG H 181 9.20 51.60 120.56
CA ARG H 181 10.05 51.24 119.44
C ARG H 181 11.25 50.45 119.93
N GLY H 182 11.58 49.38 119.20
CA GLY H 182 12.73 48.58 119.54
C GLY H 182 14.02 49.29 119.18
N LEU H 183 14.32 50.39 119.87
CA LEU H 183 15.45 51.23 119.53
C LEU H 183 15.70 52.19 120.67
N GLU H 184 16.96 52.49 120.92
CA GLU H 184 17.33 53.36 122.04
C GLU H 184 18.75 53.86 121.84
N VAL H 185 19.10 54.89 122.60
CA VAL H 185 20.45 55.45 122.59
C VAL H 185 20.84 55.65 124.04
N ARG H 186 21.62 54.73 124.59
CA ARG H 186 22.10 54.81 125.95
C ARG H 186 23.61 55.04 125.94
N LEU H 187 24.07 56.05 126.66
CA LEU H 187 25.47 56.37 126.67
C LEU H 187 26.05 56.25 128.07
N PRO H 188 27.24 55.68 128.21
CA PRO H 188 27.88 55.63 129.52
C PRO H 188 28.35 57.02 129.93
N PRO H 189 28.57 57.24 131.22
CA PRO H 189 29.08 58.52 131.67
C PRO H 189 30.48 58.77 131.15
N PRO H 190 30.99 60.00 131.26
CA PRO H 190 32.32 60.30 130.69
C PRO H 190 33.43 59.47 131.28
N THR H 191 33.23 58.86 132.45
CA THR H 191 34.25 58.02 133.03
C THR H 191 34.50 56.76 132.23
N ASP H 192 33.64 56.45 131.26
CA ASP H 192 33.79 55.26 130.45
C ASP H 192 33.81 55.65 128.97
N SER H 193 34.35 54.76 128.15
CA SER H 193 34.50 55.01 126.72
C SER H 193 33.16 54.81 126.03
N SER H 194 32.57 55.90 125.53
CA SER H 194 31.33 55.84 124.77
C SER H 194 31.57 55.77 123.28
N VAL H 195 32.73 55.30 122.85
CA VAL H 195 33.10 55.32 121.44
C VAL H 195 32.19 54.43 120.60
N HIS H 196 31.59 53.41 121.21
CA HIS H 196 30.82 52.44 120.44
C HIS H 196 29.60 53.07 119.77
N ALA H 197 29.17 54.24 120.22
CA ALA H 197 27.98 54.85 119.67
C ALA H 197 28.21 55.59 118.37
N TYR H 198 29.46 55.70 117.91
CA TYR H 198 29.78 56.49 116.74
C TYR H 198 30.42 55.63 115.65
N LYS H 199 30.04 54.37 115.56
CA LYS H 199 30.54 53.47 114.54
C LYS H 199 29.41 52.98 113.64
N THR H 200 28.36 53.79 113.49
CA THR H 200 27.18 53.33 112.80
C THR H 200 27.48 52.97 111.34
N VAL H 201 28.26 53.82 110.66
CA VAL H 201 28.56 53.60 109.25
C VAL H 201 30.05 53.83 109.00
N LEU H 202 30.51 53.27 107.88
CA LEU H 202 31.85 53.52 107.37
C LEU H 202 32.94 53.17 108.36
N SER H 203 32.61 52.44 109.42
CA SER H 203 33.57 52.13 110.46
C SER H 203 33.79 50.65 110.65
N ARG H 204 32.73 49.88 110.87
CA ARG H 204 32.90 48.48 111.24
C ARG H 204 33.45 47.69 110.07
N GLY H 205 34.49 46.90 110.35
CA GLY H 205 35.16 46.14 109.32
C GLY H 205 36.66 46.38 109.34
N TYR H 206 37.07 47.61 109.67
CA TYR H 206 38.48 47.93 109.74
C TYR H 206 38.82 48.65 111.04
N ILE H 207 37.87 49.42 111.57
CA ILE H 207 38.16 50.23 112.75
C ILE H 207 38.41 49.31 113.94
N ASP H 208 39.29 49.75 114.83
CA ASP H 208 39.56 48.98 116.02
C ASP H 208 38.38 49.10 116.98
N ASN H 209 38.33 48.18 117.94
CA ASN H 209 37.23 48.13 118.89
C ASN H 209 37.20 49.33 119.83
N ALA H 210 38.26 50.12 119.88
CA ALA H 210 38.32 51.26 120.79
C ALA H 210 38.80 52.50 120.08
N GLN H 211 38.29 52.75 118.88
CA GLN H 211 38.66 53.93 118.11
C GLN H 211 37.43 54.49 117.43
N PHE H 212 37.59 55.65 116.82
CA PHE H 212 36.54 56.22 115.98
C PHE H 212 37.21 57.04 114.88
N ASN H 213 36.67 56.96 113.68
CA ASN H 213 37.27 57.66 112.56
C ASN H 213 36.83 59.13 112.58
N PRO H 214 37.77 60.05 112.78
CA PRO H 214 37.40 61.47 112.79
C PRO H 214 36.86 61.95 111.45
N LEU H 215 37.20 61.28 110.35
CA LEU H 215 36.77 61.76 109.04
C LEU H 215 35.30 61.52 108.79
N ALA H 216 34.68 60.58 109.51
CA ALA H 216 33.27 60.28 109.35
C ALA H 216 32.44 60.78 110.52
N LEU H 217 32.96 61.75 111.27
CA LEU H 217 32.31 62.13 112.51
C LEU H 217 30.92 62.69 112.27
N ARG H 218 30.78 63.56 111.28
CA ARG H 218 29.49 64.22 111.06
C ARG H 218 28.41 63.20 110.74
N SER H 219 28.70 62.26 109.85
CA SER H 219 27.70 61.27 109.46
C SER H 219 27.30 60.42 110.65
N ASN H 220 28.27 59.92 111.42
CA ASN H 220 27.95 59.08 112.56
C ASN H 220 27.13 59.85 113.60
N VAL H 221 27.52 61.09 113.86
CA VAL H 221 26.74 61.92 114.77
C VAL H 221 25.32 62.08 114.25
N LEU H 222 25.20 62.36 112.95
CA LEU H 222 23.89 62.55 112.36
C LEU H 222 23.02 61.32 112.54
N LEU H 223 23.56 60.15 112.23
CA LEU H 223 22.78 58.93 112.37
C LEU H 223 22.44 58.67 113.83
N MET H 224 23.38 58.91 114.73
CA MET H 224 23.11 58.68 116.14
C MET H 224 21.95 59.54 116.62
N LEU H 225 21.94 60.81 116.23
CA LEU H 225 20.81 61.67 116.58
C LEU H 225 19.53 61.15 115.96
N LEU H 226 19.60 60.67 114.72
CA LEU H 226 18.42 60.13 114.08
C LEU H 226 17.83 59.00 114.89
N GLN H 227 18.67 58.06 115.31
CA GLN H 227 18.18 56.98 116.16
C GLN H 227 17.60 57.53 117.45
N PHE H 228 18.28 58.52 118.03
CA PHE H 228 17.74 59.17 119.22
C PHE H 228 16.34 59.70 118.96
N THR H 229 16.16 60.39 117.84
CA THR H 229 14.86 60.95 117.53
C THR H 229 13.82 59.87 117.35
N LEU H 230 14.15 58.81 116.61
CA LEU H 230 13.18 57.77 116.33
C LEU H 230 12.72 57.08 117.60
N SER H 231 13.63 56.86 118.53
CA SER H 231 13.28 56.14 119.75
C SER H 231 12.38 56.93 120.65
N ASN H 232 11.90 58.11 120.30
CA ASN H 232 11.04 58.89 121.17
C ASN H 232 9.66 59.16 120.59
N LEU H 233 9.39 58.68 119.38
CA LEU H 233 8.11 58.97 118.73
C LEU H 233 7.01 58.16 119.41
N LYS H 234 6.33 58.80 120.37
CA LYS H 234 5.24 58.15 121.07
C LYS H 234 4.37 59.23 121.70
N ILE H 235 3.21 58.80 122.18
CA ILE H 235 2.18 59.70 122.68
C ILE H 235 2.25 59.77 124.20
N ASN H 236 2.03 60.97 124.74
CA ASN H 236 2.04 61.18 126.18
C ASN H 236 0.64 60.90 126.72
N LYS H 237 0.40 59.65 127.07
CA LYS H 237 -0.88 59.25 127.63
C LYS H 237 -1.08 59.87 129.01
N SER H 238 -2.33 60.11 129.36
CA SER H 238 -2.67 60.62 130.68
C SER H 238 -2.91 59.47 131.64
N SER H 239 -2.43 59.63 132.86
CA SER H 239 -2.56 58.62 133.91
C SER H 239 -3.63 59.05 134.90
N THR H 240 -3.73 58.32 136.01
CA THR H 240 -4.59 58.72 137.10
C THR H 240 -3.91 59.79 137.94
N PHE H 241 -4.68 60.40 138.84
CA PHE H 241 -4.21 61.48 139.68
C PHE H 241 -4.63 61.26 141.12
N THR H 242 -3.88 61.87 142.03
CA THR H 242 -4.23 61.90 143.44
C THR H 242 -4.07 63.33 143.94
N SER H 243 -4.88 63.69 144.93
CA SER H 243 -4.78 65.00 145.55
C SER H 243 -3.70 64.97 146.62
N ASP H 244 -2.81 65.95 146.58
CA ASP H 244 -1.73 66.03 147.55
C ASP H 244 -2.16 66.88 148.73
N VAL H 245 -1.71 66.48 149.92
CA VAL H 245 -2.05 67.18 151.15
C VAL H 245 -0.78 67.42 151.96
N THR H 246 0.36 67.23 151.33
CA THR H 246 1.64 67.24 152.04
C THR H 246 2.21 68.65 152.07
N THR H 247 1.99 69.34 153.19
CA THR H 247 2.66 70.60 153.52
C THR H 247 2.36 71.63 152.43
N ILE H 248 3.37 72.28 151.84
CA ILE H 248 3.14 73.45 151.01
C ILE H 248 2.34 73.07 149.76
N THR H 249 2.61 71.90 149.21
CA THR H 249 1.93 71.46 148.00
C THR H 249 0.51 70.98 148.26
N SER H 250 -0.01 71.17 149.46
CA SER H 250 -1.37 70.74 149.75
C SER H 250 -2.35 71.41 148.82
N GLY H 251 -3.27 70.61 148.27
CA GLY H 251 -4.25 71.09 147.34
C GLY H 251 -3.89 70.89 145.88
N ARG H 252 -2.61 70.69 145.58
CA ARG H 252 -2.22 70.40 144.21
C ARG H 252 -2.61 68.99 143.85
N MET H 253 -2.69 68.72 142.55
CA MET H 253 -3.03 67.41 142.02
C MET H 253 -1.85 66.87 141.24
N ILE H 254 -1.47 65.62 141.52
CA ILE H 254 -0.30 65.01 140.92
C ILE H 254 -0.65 63.64 140.37
N ARG H 255 0.20 63.15 139.49
CA ARG H 255 -0.04 61.88 138.81
C ARG H 255 0.32 60.71 139.72
N ALA H 256 0.02 59.51 139.25
CA ALA H 256 0.07 58.31 140.09
C ALA H 256 1.37 57.52 139.93
N PHE H 257 1.70 57.12 138.71
CA PHE H 257 2.84 56.22 138.45
C PHE H 257 2.69 54.91 139.23
N GLU H 258 1.53 54.29 139.08
CA GLU H 258 1.28 53.03 139.77
C GLU H 258 2.23 51.93 139.31
N GLY H 259 2.79 52.05 138.11
CA GLY H 259 3.68 51.04 137.58
C GLY H 259 4.86 50.77 138.50
N ARG H 260 5.76 51.74 138.61
CA ARG H 260 6.83 51.69 139.62
C ARG H 260 6.76 52.96 140.45
N PRO H 261 6.38 52.87 141.72
CA PRO H 261 6.06 54.09 142.47
C PRO H 261 7.23 55.02 142.71
N GLU H 262 8.47 54.53 142.63
CA GLU H 262 9.60 55.40 142.94
C GLU H 262 9.70 56.59 142.00
N LEU H 263 9.07 56.51 140.83
CA LEU H 263 9.07 57.65 139.92
C LEU H 263 8.45 58.87 140.58
N LEU H 264 7.51 58.67 141.50
CA LEU H 264 6.84 59.78 142.14
C LEU H 264 7.83 60.73 142.78
N ALA H 265 8.89 60.20 143.37
CA ALA H 265 9.91 61.05 143.96
C ALA H 265 10.58 61.91 142.90
N LEU H 266 10.90 61.32 141.75
CA LEU H 266 11.61 62.06 140.72
C LEU H 266 10.70 63.04 139.98
N ALA H 267 9.41 62.72 139.89
CA ALA H 267 8.54 63.48 139.01
C ALA H 267 8.42 64.93 139.45
N TYR H 268 8.32 65.18 140.75
CA TYR H 268 8.04 66.51 141.28
C TYR H 268 9.09 66.90 142.29
N PRO H 269 10.29 67.25 141.82
CA PRO H 269 11.29 67.80 142.74
C PRO H 269 10.80 69.10 143.34
N GLY H 270 10.92 69.22 144.66
CA GLY H 270 10.50 70.40 145.38
C GLY H 270 9.41 70.13 146.41
N ARG H 271 8.55 69.16 146.14
CA ARG H 271 7.48 68.85 147.08
C ARG H 271 8.05 68.08 148.26
N ALA H 272 7.68 68.51 149.46
CA ALA H 272 8.04 67.82 150.69
C ALA H 272 9.55 67.58 150.77
N VAL H 273 10.29 68.69 150.79
CA VAL H 273 11.75 68.64 150.87
C VAL H 273 12.18 68.97 152.29
N LEU H 274 13.07 68.17 152.84
CA LEU H 274 13.58 68.42 154.17
C LEU H 274 14.38 69.73 154.18
N PRO H 275 14.25 70.54 155.21
CA PRO H 275 15.00 71.79 155.25
C PRO H 275 16.42 71.59 155.75
N THR H 276 17.09 70.55 155.27
CA THR H 276 18.52 70.43 155.52
C THR H 276 19.26 71.43 154.65
N GLN H 277 20.54 71.63 154.95
CA GLN H 277 21.31 72.68 154.29
C GLN H 277 22.28 72.12 153.25
N THR H 278 21.95 70.97 152.67
CA THR H 278 22.74 70.47 151.55
C THR H 278 22.48 71.34 150.33
N LYS H 279 23.45 71.32 149.41
CA LYS H 279 23.40 72.21 148.24
C LYS H 279 22.09 72.06 147.49
N ASN H 280 21.73 70.82 147.16
CA ASN H 280 20.48 70.60 146.44
C ASN H 280 19.29 71.08 147.24
N ALA H 281 19.33 70.87 148.56
CA ALA H 281 18.25 71.36 149.41
C ALA H 281 18.16 72.88 149.35
N GLN H 282 19.30 73.56 149.37
CA GLN H 282 19.30 75.01 149.23
C GLN H 282 18.61 75.43 147.96
N PHE H 283 18.95 74.78 146.84
CA PHE H 283 18.33 75.12 145.57
C PHE H 283 16.85 74.78 145.57
N LEU H 284 16.50 73.56 145.98
CA LEU H 284 15.12 73.14 145.93
C LEU H 284 14.22 74.00 146.81
N SER H 285 14.79 74.71 147.77
CA SER H 285 13.99 75.59 148.61
C SER H 285 13.33 76.70 147.82
N THR H 286 13.80 76.97 146.61
CA THR H 286 13.31 78.07 145.80
C THR H 286 12.18 77.68 144.88
N ALA H 287 11.69 76.45 144.95
CA ALA H 287 10.67 76.00 144.01
C ALA H 287 9.38 76.78 144.20
N ILE H 288 8.69 77.03 143.09
CA ILE H 288 7.40 77.71 143.11
C ILE H 288 6.32 76.65 143.25
N ALA H 289 5.58 76.69 144.37
CA ALA H 289 4.73 75.57 144.74
C ALA H 289 3.63 75.32 143.71
N ASP H 290 3.00 76.38 143.22
CA ASP H 290 1.84 76.21 142.37
C ASP H 290 2.17 75.62 141.00
N ARG H 291 3.46 75.48 140.67
CA ARG H 291 3.85 74.87 139.41
C ARG H 291 4.11 73.38 139.56
N ILE H 292 3.52 72.74 140.56
CA ILE H 292 3.59 71.30 140.75
C ILE H 292 2.27 70.69 140.30
N GLY H 293 2.35 69.65 139.50
CA GLY H 293 1.14 68.95 139.09
C GLY H 293 0.47 69.61 137.89
N ARG H 294 -0.85 69.48 137.82
CA ARG H 294 -1.61 69.99 136.69
C ARG H 294 -1.95 71.46 136.90
N LEU H 295 -2.13 72.15 135.78
CA LEU H 295 -2.30 73.60 135.79
C LEU H 295 -3.72 74.04 135.51
N ASP H 296 -4.62 73.13 135.17
CA ASP H 296 -5.95 73.49 134.70
C ASP H 296 -7.00 72.90 135.62
N ARG H 297 -8.25 73.22 135.31
CA ARG H 297 -9.39 72.47 135.82
C ARG H 297 -9.79 71.43 134.79
N ALA H 298 -10.49 70.41 135.24
CA ALA H 298 -10.86 69.32 134.36
C ALA H 298 -11.68 69.85 133.19
N ASN H 299 -11.36 69.34 131.99
CA ASN H 299 -12.00 69.79 130.77
C ASN H 299 -12.44 68.60 129.94
N LEU H 300 -13.52 68.78 129.20
CA LEU H 300 -13.98 67.80 128.22
C LEU H 300 -14.12 66.42 128.86
N ILE H 301 -14.75 66.40 130.03
CA ILE H 301 -14.83 65.17 130.81
C ILE H 301 -15.81 64.21 130.17
N GLY H 302 -15.40 62.95 130.09
CA GLY H 302 -16.34 61.88 129.84
C GLY H 302 -16.39 60.97 131.05
N GLY H 303 -17.50 61.00 131.78
CA GLY H 303 -17.59 60.24 133.00
C GLY H 303 -16.59 60.70 134.05
N GLU H 304 -15.63 59.84 134.37
CA GLU H 304 -14.64 60.14 135.40
C GLU H 304 -13.39 60.81 134.86
N VAL H 305 -13.20 60.86 133.54
CA VAL H 305 -11.91 61.18 132.95
C VAL H 305 -12.05 62.35 132.00
N SER H 306 -11.10 63.27 132.07
CA SER H 306 -11.01 64.39 131.14
C SER H 306 -10.31 63.96 129.86
N ALA H 307 -10.60 64.67 128.78
CA ALA H 307 -10.07 64.30 127.48
C ALA H 307 -8.57 64.55 127.40
N MET H 308 -8.12 65.73 127.80
CA MET H 308 -6.71 66.06 127.76
C MET H 308 -6.37 66.95 128.95
N VAL H 309 -5.11 66.89 129.36
CA VAL H 309 -4.65 67.57 130.56
C VAL H 309 -3.38 68.35 130.25
N GLU H 310 -3.19 69.44 130.98
CA GLU H 310 -2.00 70.27 130.89
C GLU H 310 -1.37 70.38 132.27
N CYS H 311 -0.08 70.09 132.36
CA CYS H 311 0.54 69.91 133.67
C CYS H 311 2.03 70.21 133.58
N MET H 312 2.64 70.37 134.76
CA MET H 312 4.07 70.52 134.91
C MET H 312 4.63 69.26 135.54
N GLU H 313 5.81 68.84 135.08
CA GLU H 313 6.52 67.72 135.68
C GLU H 313 7.93 67.69 135.10
N LEU H 314 8.76 66.83 135.67
CA LEU H 314 10.11 66.64 135.17
C LEU H 314 10.08 66.19 133.72
N CYS H 315 10.53 67.06 132.82
CA CYS H 315 10.47 66.75 131.39
C CYS H 315 11.41 67.70 130.65
N ASP H 316 12.35 67.14 129.91
CA ASP H 316 13.28 67.98 129.16
C ASP H 316 12.61 68.48 127.90
N ALA H 317 12.92 69.71 127.53
CA ALA H 317 12.25 70.35 126.41
C ALA H 317 12.49 69.58 125.11
N LEU H 318 13.71 69.08 124.92
CA LEU H 318 14.04 68.44 123.65
C LEU H 318 13.18 67.22 123.40
N THR H 319 13.09 66.32 124.38
CA THR H 319 12.22 65.15 124.22
C THR H 319 10.79 65.58 124.00
N LEU H 320 10.34 66.60 124.73
CA LEU H 320 8.98 67.09 124.56
C LEU H 320 8.75 67.59 123.14
N HIS H 321 9.71 68.34 122.61
CA HIS H 321 9.55 68.88 121.27
C HIS H 321 9.35 67.77 120.25
N ILE H 322 10.07 66.67 120.41
CA ILE H 322 9.93 65.55 119.48
C ILE H 322 8.51 65.01 119.52
N ARG H 323 8.05 64.64 120.72
CA ARG H 323 6.76 63.98 120.84
C ARG H 323 5.62 64.89 120.38
N GLU H 324 5.76 66.20 120.61
CA GLU H 324 4.73 67.12 120.15
C GLU H 324 4.59 67.06 118.64
N THR H 325 5.71 67.07 117.92
CA THR H 325 5.64 66.96 116.48
C THR H 325 5.03 65.63 116.07
N TYR H 326 5.35 64.57 116.80
CA TYR H 326 4.78 63.27 116.50
C TYR H 326 3.26 63.31 116.57
N VAL H 327 2.72 63.97 117.59
CA VAL H 327 1.28 64.14 117.69
C VAL H 327 0.76 64.92 116.49
N MET H 328 1.44 66.02 116.16
CA MET H 328 1.03 66.81 115.00
C MET H 328 1.00 65.95 113.74
N LEU H 329 1.99 65.07 113.59
CA LEU H 329 1.99 64.17 112.45
C LEU H 329 0.74 63.31 112.43
N LEU H 330 0.41 62.68 113.56
CA LEU H 330 -0.75 61.81 113.60
C LEU H 330 -2.01 62.59 113.31
N ARG H 331 -2.16 63.77 113.92
CA ARG H 331 -3.35 64.58 113.67
C ARG H 331 -3.44 64.98 112.22
N SER H 332 -2.30 65.27 111.59
CA SER H 332 -2.30 65.56 110.16
C SER H 332 -2.81 64.36 109.36
N MET H 333 -2.64 63.16 109.88
CA MET H 333 -3.11 61.96 109.22
C MET H 333 -4.56 61.65 109.54
N HIS H 334 -5.19 62.43 110.40
CA HIS H 334 -6.56 62.13 110.83
C HIS H 334 -7.54 62.31 109.69
N GLN H 335 -8.52 61.42 109.63
CA GLN H 335 -9.61 61.49 108.69
C GLN H 335 -10.92 61.61 109.45
N ASP H 336 -11.80 62.49 108.98
CA ASP H 336 -13.10 62.63 109.63
C ASP H 336 -13.92 61.38 109.39
N PRO H 337 -14.40 60.71 110.43
CA PRO H 337 -15.11 59.45 110.23
C PRO H 337 -16.42 59.59 109.49
N THR H 338 -17.12 60.71 109.66
CA THR H 338 -18.45 60.84 109.08
C THR H 338 -18.43 60.76 107.57
N GLN H 339 -17.27 60.99 106.94
CA GLN H 339 -17.19 60.99 105.49
C GLN H 339 -17.04 59.60 104.90
N ILE H 340 -16.88 58.57 105.73
CA ILE H 340 -16.64 57.23 105.20
C ILE H 340 -17.80 56.79 104.32
N VAL H 341 -19.04 57.06 104.76
CA VAL H 341 -20.20 56.58 104.01
C VAL H 341 -20.20 57.16 102.60
N GLN H 342 -19.88 58.45 102.48
CA GLN H 342 -19.84 59.06 101.16
C GLN H 342 -18.71 58.46 100.32
N ILE H 343 -17.57 58.20 100.95
CA ILE H 343 -16.46 57.57 100.24
C ILE H 343 -16.90 56.24 99.66
N VAL H 344 -17.58 55.44 100.48
CA VAL H 344 -18.07 54.14 100.00
C VAL H 344 -19.07 54.34 98.87
N ASN H 345 -20.00 55.28 99.05
CA ASN H 345 -21.03 55.49 98.04
C ASN H 345 -20.42 55.90 96.71
N GLU H 346 -19.47 56.84 96.75
CA GLU H 346 -18.86 57.30 95.51
C GLU H 346 -18.00 56.22 94.87
N CYS H 347 -17.15 55.58 95.67
CA CYS H 347 -16.27 54.56 95.12
C CYS H 347 -17.05 53.40 94.53
N ALA H 348 -18.28 53.19 94.99
CA ALA H 348 -19.13 52.14 94.46
C ALA H 348 -19.97 52.61 93.28
N ASN H 349 -19.73 53.83 92.80
CA ASN H 349 -20.50 54.38 91.68
C ASN H 349 -21.99 54.36 91.97
N ASN H 350 -22.34 54.56 93.23
CA ASN H 350 -23.73 54.62 93.71
C ASN H 350 -24.47 53.31 93.50
N LEU H 351 -23.78 52.24 93.12
CA LEU H 351 -24.42 50.94 93.08
C LEU H 351 -24.78 50.45 94.47
N LEU H 352 -24.17 51.01 95.50
CA LEU H 352 -24.48 50.69 96.88
C LEU H 352 -24.81 51.98 97.63
N ASN H 353 -25.39 51.81 98.81
CA ASN H 353 -25.64 52.93 99.69
C ASN H 353 -25.66 52.38 101.11
N SER H 354 -24.86 52.99 101.99
CA SER H 354 -24.64 52.44 103.31
C SER H 354 -24.81 53.52 104.36
N THR H 355 -24.94 53.07 105.62
CA THR H 355 -25.01 53.98 106.75
C THR H 355 -24.12 53.45 107.85
N ILE H 356 -23.37 54.35 108.49
CA ILE H 356 -22.41 53.97 109.52
C ILE H 356 -22.49 54.95 110.68
N PRO H 357 -23.23 54.62 111.74
CA PRO H 357 -23.30 55.53 112.88
C PRO H 357 -21.98 55.58 113.63
N ILE H 358 -21.71 56.73 114.24
CA ILE H 358 -20.50 56.87 115.05
C ILE H 358 -20.74 57.96 116.09
N SER H 359 -20.27 57.72 117.30
CA SER H 359 -20.30 58.73 118.35
C SER H 359 -19.14 59.70 118.17
N LEU H 360 -19.40 60.97 118.43
CA LEU H 360 -18.41 62.02 118.23
C LEU H 360 -17.90 62.46 119.60
N ARG H 361 -16.71 62.03 119.94
CA ARG H 361 -16.07 62.43 121.17
C ARG H 361 -14.96 63.44 120.88
N PRO H 362 -14.58 64.25 121.86
CA PRO H 362 -13.60 65.31 121.58
C PRO H 362 -12.26 64.80 121.07
N THR H 363 -11.79 63.65 121.54
CA THR H 363 -10.47 63.15 121.20
C THR H 363 -10.54 61.92 120.32
N ILE H 364 -11.45 61.93 119.35
CA ILE H 364 -11.50 60.87 118.36
C ILE H 364 -10.28 60.97 117.46
N LEU H 365 -9.82 59.83 116.96
CA LEU H 365 -8.62 59.80 116.13
C LEU H 365 -8.71 58.64 115.16
N CYS H 366 -8.67 58.94 113.87
CA CYS H 366 -8.77 57.93 112.81
C CYS H 366 -7.73 58.23 111.74
N PRO H 367 -6.50 57.79 111.96
CA PRO H 367 -5.39 58.10 111.04
C PRO H 367 -5.44 57.28 109.75
N TRP H 368 -6.31 57.70 108.83
CA TRP H 368 -6.51 56.98 107.59
C TRP H 368 -6.33 57.84 106.34
N PHE H 369 -6.15 59.14 106.50
CA PHE H 369 -6.07 60.03 105.35
C PHE H 369 -4.66 60.07 104.78
N ALA H 370 -4.57 60.38 103.49
CA ALA H 370 -3.29 60.62 102.84
C ALA H 370 -3.53 61.53 101.65
N SER H 371 -2.74 62.61 101.57
CA SER H 371 -2.91 63.57 100.49
C SER H 371 -2.44 62.96 99.17
N SER H 372 -2.81 63.63 98.07
CA SER H 372 -2.44 63.14 96.75
C SER H 372 -0.92 63.11 96.57
N GLU H 373 -0.22 64.09 97.13
CA GLU H 373 1.23 64.12 97.00
C GLU H 373 1.85 62.87 97.59
N ASP H 374 1.36 62.45 98.76
CA ASP H 374 1.88 61.23 99.37
C ASP H 374 1.70 60.04 98.45
N LEU H 375 0.50 59.86 97.92
CA LEU H 375 0.25 58.74 97.02
C LEU H 375 1.10 58.86 95.77
N ARG H 376 1.19 60.05 95.20
CA ARG H 376 2.00 60.24 94.00
C ARG H 376 3.45 59.87 94.26
N LEU H 377 4.00 60.37 95.37
CA LEU H 377 5.37 60.01 95.73
C LEU H 377 5.49 58.51 95.95
N GLN H 378 4.51 57.94 96.64
CA GLN H 378 4.51 56.49 96.86
C GLN H 378 4.51 55.76 95.52
N GLN H 379 3.72 56.25 94.57
CA GLN H 379 3.62 55.57 93.28
C GLN H 379 4.97 55.55 92.58
N VAL H 380 5.66 56.69 92.56
CA VAL H 380 6.96 56.74 91.91
C VAL H 380 7.93 55.80 92.61
N MET H 381 7.91 55.79 93.93
CA MET H 381 8.83 54.94 94.68
C MET H 381 8.69 53.48 94.27
N HIS H 382 7.50 53.06 93.87
CA HIS H 382 7.31 51.69 93.43
C HIS H 382 8.22 51.35 92.25
N LEU H 383 8.03 52.05 91.14
CA LEU H 383 8.81 51.71 89.95
C LEU H 383 10.29 51.94 90.16
N VAL H 384 10.66 52.71 91.19
CA VAL H 384 12.07 52.76 91.57
C VAL H 384 12.52 51.40 92.10
N ASN H 385 11.72 50.82 93.01
CA ASN H 385 12.14 49.58 93.66
C ASN H 385 12.20 48.42 92.69
N ILE H 386 11.30 48.37 91.71
CA ILE H 386 11.29 47.27 90.75
C ILE H 386 12.24 47.47 89.59
N SER H 387 12.97 48.59 89.57
CA SER H 387 13.73 48.94 88.37
C SER H 387 14.76 47.88 88.02
N SER H 388 15.27 47.14 89.01
CA SER H 388 16.25 46.11 88.71
C SER H 388 15.66 44.90 88.02
N ASN H 389 14.38 44.63 88.23
CA ASN H 389 13.74 43.47 87.60
C ASN H 389 12.31 43.88 87.27
N THR H 390 12.11 44.34 86.02
CA THR H 390 10.83 44.91 85.64
C THR H 390 9.74 43.85 85.62
N ALA H 391 10.10 42.59 85.43
CA ALA H 391 9.09 41.53 85.36
C ALA H 391 8.34 41.36 86.67
N ALA H 392 8.83 41.94 87.76
CA ALA H 392 8.18 41.79 89.06
C ALA H 392 6.80 42.41 89.10
N ALA H 393 6.44 43.25 88.12
CA ALA H 393 5.13 43.87 88.12
C ALA H 393 4.02 42.91 87.72
N LEU H 394 4.36 41.80 87.07
CA LEU H 394 3.33 40.92 86.52
C LEU H 394 2.30 40.45 87.55
N PRO H 395 2.67 40.07 88.78
CA PRO H 395 1.63 39.60 89.72
C PRO H 395 0.48 40.58 89.90
N LEU H 396 0.72 41.87 89.67
CA LEU H 396 -0.37 42.83 89.80
C LEU H 396 -1.53 42.49 88.88
N VAL H 397 -1.24 42.30 87.59
CA VAL H 397 -2.32 41.98 86.67
C VAL H 397 -2.92 40.62 86.99
N GLU H 398 -2.12 39.73 87.57
CA GLU H 398 -2.65 38.43 87.97
C GLU H 398 -3.75 38.61 89.01
N ALA H 399 -3.46 39.35 90.07
CA ALA H 399 -4.47 39.57 91.11
C ALA H 399 -5.67 40.30 90.55
N LEU H 400 -5.44 41.34 89.76
CA LEU H 400 -6.54 42.12 89.22
C LEU H 400 -7.42 41.24 88.33
N SER H 401 -6.80 40.43 87.47
CA SER H 401 -7.58 39.54 86.62
C SER H 401 -8.37 38.55 87.46
N THR H 402 -7.75 38.01 88.50
CA THR H 402 -8.46 37.08 89.37
C THR H 402 -9.66 37.75 90.01
N LEU H 403 -9.50 38.98 90.47
CA LEU H 403 -10.63 39.73 91.00
C LEU H 403 -11.69 39.94 89.93
N LEU H 404 -11.26 40.26 88.71
CA LEU H 404 -12.22 40.56 87.66
C LEU H 404 -13.10 39.36 87.36
N ARG H 405 -12.52 38.17 87.30
CA ARG H 405 -13.29 36.99 86.96
C ARG H 405 -14.00 36.44 88.19
N SER H 406 -14.19 37.28 89.20
CA SER H 406 -14.92 36.90 90.39
C SER H 406 -16.15 37.75 90.64
N VAL H 407 -16.33 38.84 89.91
CA VAL H 407 -17.49 39.71 90.10
C VAL H 407 -18.28 39.94 88.81
N THR H 408 -17.70 39.65 87.66
CA THR H 408 -18.39 39.96 86.41
C THR H 408 -19.62 39.08 86.24
N PRO H 409 -20.70 39.63 85.70
CA PRO H 409 -21.83 38.77 85.32
C PRO H 409 -21.57 38.00 84.04
N LEU H 410 -20.56 38.39 83.28
CA LEU H 410 -20.29 37.73 82.01
C LEU H 410 -19.85 36.28 82.23
N VAL H 411 -20.28 35.41 81.32
CA VAL H 411 -19.90 34.00 81.36
C VAL H 411 -19.48 33.58 79.96
N LEU H 412 -18.37 32.86 79.88
CA LEU H 412 -17.81 32.43 78.61
C LEU H 412 -18.14 30.97 78.37
N ASP H 413 -18.76 30.69 77.23
CA ASP H 413 -19.16 29.33 76.90
C ASP H 413 -19.15 29.16 75.38
N PRO H 414 -18.32 28.27 74.86
CA PRO H 414 -18.22 28.09 73.40
C PRO H 414 -19.21 27.09 72.81
N THR H 415 -20.23 26.66 73.56
CA THR H 415 -21.10 25.61 73.06
C THR H 415 -21.85 26.06 71.81
N VAL H 416 -22.34 27.30 71.79
CA VAL H 416 -23.09 27.77 70.64
C VAL H 416 -22.19 27.82 69.42
N LEU H 417 -21.01 28.42 69.57
CA LEU H 417 -20.07 28.50 68.45
C LEU H 417 -19.72 27.11 67.95
N THR H 418 -19.60 26.15 68.87
CA THR H 418 -19.29 24.78 68.46
C THR H 418 -20.37 24.23 67.55
N ASN H 419 -21.63 24.45 67.89
CA ASN H 419 -22.72 23.95 67.06
C ASN H 419 -22.67 24.59 65.68
N ALA H 420 -22.47 25.90 65.63
CA ALA H 420 -22.46 26.59 64.34
C ALA H 420 -21.34 26.07 63.45
N ILE H 421 -20.15 25.88 64.02
CA ILE H 421 -19.03 25.39 63.23
C ILE H 421 -19.30 23.98 62.75
N THR H 422 -19.80 23.11 63.63
CA THR H 422 -19.99 21.72 63.26
C THR H 422 -21.00 21.58 62.12
N THR H 423 -22.07 22.37 62.17
CA THR H 423 -23.13 22.26 61.17
C THR H 423 -22.64 22.53 59.77
N ILE H 424 -21.52 23.23 59.61
CA ILE H 424 -20.95 23.50 58.31
C ILE H 424 -19.68 22.70 58.08
N SER H 425 -18.87 22.50 59.11
CA SER H 425 -17.63 21.76 58.97
C SER H 425 -17.93 20.31 58.64
N GLU H 426 -16.85 19.55 58.38
CA GLU H 426 -16.99 18.12 58.20
C GLU H 426 -17.49 17.44 59.46
N SER H 427 -17.36 18.11 60.61
CA SER H 427 -17.82 17.62 61.92
C SER H 427 -17.17 16.30 62.30
N THR H 428 -16.11 15.90 61.61
CA THR H 428 -15.36 14.69 61.95
C THR H 428 -13.96 14.97 62.44
N THR H 429 -13.34 16.07 61.99
CA THR H 429 -11.99 16.44 62.38
C THR H 429 -11.00 15.31 62.16
N GLN H 430 -11.27 14.46 61.15
CA GLN H 430 -10.41 13.33 60.86
C GLN H 430 -9.18 13.71 60.05
N THR H 431 -9.14 14.92 59.50
CA THR H 431 -7.92 15.46 58.91
C THR H 431 -7.92 16.96 59.15
N ILE H 432 -6.70 17.52 59.25
CA ILE H 432 -6.58 18.89 59.74
C ILE H 432 -6.81 19.91 58.65
N SER H 433 -6.38 19.62 57.41
CA SER H 433 -6.24 20.66 56.39
C SER H 433 -7.50 21.47 56.13
N PRO H 434 -8.69 20.88 55.93
CA PRO H 434 -9.81 21.70 55.45
C PRO H 434 -10.19 22.84 56.39
N ILE H 435 -10.12 22.62 57.70
CA ILE H 435 -10.47 23.67 58.66
C ILE H 435 -9.31 24.08 59.54
N SER H 436 -8.30 23.23 59.71
CA SER H 436 -6.99 23.63 60.26
C SER H 436 -7.19 24.22 61.65
N GLU H 437 -6.77 25.46 61.91
CA GLU H 437 -6.73 25.99 63.27
C GLU H 437 -8.12 26.07 63.89
N ILE H 438 -9.16 26.11 63.07
CA ILE H 438 -10.51 26.31 63.61
C ILE H 438 -10.85 25.22 64.60
N LEU H 439 -10.66 23.96 64.20
CA LEU H 439 -10.86 22.87 65.13
C LEU H 439 -9.88 22.98 66.29
N ARG H 440 -8.64 23.37 66.00
CA ARG H 440 -7.64 23.53 67.04
C ARG H 440 -8.06 24.62 68.02
N LEU H 441 -8.50 25.76 67.48
CA LEU H 441 -8.98 26.83 68.34
C LEU H 441 -10.23 26.42 69.09
N LEU H 442 -11.16 25.74 68.41
CA LEU H 442 -12.43 25.37 69.00
C LEU H 442 -12.30 24.33 70.09
N GLN H 443 -11.09 23.82 70.35
CA GLN H 443 -10.91 22.79 71.34
C GLN H 443 -11.46 23.24 72.69
N PRO H 444 -12.25 22.42 73.37
CA PRO H 444 -12.90 22.88 74.62
C PRO H 444 -11.93 23.19 75.73
N MET H 445 -10.70 22.69 75.65
CA MET H 445 -9.72 22.94 76.70
C MET H 445 -9.41 24.43 76.78
N GLY H 446 -9.21 24.91 78.00
CA GLY H 446 -8.90 26.30 78.22
C GLY H 446 -8.71 26.64 79.69
N ASN H 447 -7.73 27.48 79.98
CA ASN H 447 -7.43 27.85 81.36
C ASN H 447 -8.35 28.96 81.84
N ASP H 448 -9.66 28.76 81.71
CA ASP H 448 -10.65 29.78 82.04
C ASP H 448 -10.44 31.05 81.22
N TYR H 449 -9.79 30.93 80.07
CA TYR H 449 -9.52 32.06 79.19
C TYR H 449 -8.77 33.17 79.94
N ALA H 450 -7.63 32.77 80.50
CA ALA H 450 -6.85 33.70 81.32
C ALA H 450 -6.37 34.89 80.49
N ALA H 451 -5.97 34.64 79.24
CA ALA H 451 -5.42 35.70 78.42
C ALA H 451 -6.41 36.85 78.27
N PHE H 452 -7.69 36.53 78.08
CA PHE H 452 -8.68 37.57 77.90
C PHE H 452 -8.73 38.51 79.10
N TRP H 453 -8.83 37.94 80.30
CA TRP H 453 -8.89 38.78 81.49
C TRP H 453 -7.58 39.53 81.70
N LYS H 454 -6.46 38.89 81.39
CA LYS H 454 -5.18 39.57 81.53
C LYS H 454 -5.12 40.79 80.63
N CYS H 455 -5.61 40.67 79.40
CA CYS H 455 -5.62 41.82 78.49
C CYS H 455 -6.43 42.96 79.07
N ILE H 456 -7.60 42.65 79.62
CA ILE H 456 -8.43 43.69 80.24
C ILE H 456 -7.70 44.32 81.41
N ALA H 457 -7.11 43.48 82.27
CA ALA H 457 -6.43 44.00 83.45
C ALA H 457 -5.25 44.87 83.05
N SER H 458 -4.52 44.48 82.01
CA SER H 458 -3.35 45.24 81.60
C SER H 458 -3.70 46.69 81.27
N TRP H 459 -4.95 46.94 80.87
CA TRP H 459 -5.33 48.30 80.51
C TRP H 459 -5.14 49.25 81.68
N ALA H 460 -5.52 48.82 82.88
CA ALA H 460 -5.36 49.67 84.04
C ALA H 460 -3.91 49.87 84.44
N TYR H 461 -2.98 49.08 83.90
CA TYR H 461 -1.58 49.19 84.29
C TYR H 461 -0.67 49.36 83.09
N ASN H 462 -1.17 49.92 82.00
CA ASN H 462 -0.29 50.25 80.89
C ASN H 462 0.69 51.33 81.33
N GLY H 463 1.85 51.36 80.69
CA GLY H 463 2.95 52.14 81.19
C GLY H 463 3.73 51.46 82.28
N LEU H 464 3.22 50.36 82.81
CA LEU H 464 3.97 49.48 83.70
C LEU H 464 4.10 48.08 83.14
N VAL H 465 3.05 47.59 82.50
CA VAL H 465 3.07 46.32 81.78
C VAL H 465 2.33 46.53 80.46
N THR H 466 2.88 46.00 79.38
CA THR H 466 2.23 46.03 78.07
C THR H 466 2.03 44.61 77.59
N THR H 467 0.79 44.22 77.38
CA THR H 467 0.49 42.91 76.82
C THR H 467 0.69 42.94 75.32
N VAL H 468 1.36 41.91 74.80
CA VAL H 468 1.71 41.86 73.39
C VAL H 468 1.32 40.51 72.82
N LEU H 469 1.14 40.48 71.51
CA LEU H 469 0.84 39.24 70.82
C LEU H 469 2.09 38.35 70.79
N SER H 470 1.91 37.07 71.05
CA SER H 470 3.05 36.15 71.05
C SER H 470 3.69 36.11 69.68
N GLU H 471 5.02 36.05 69.66
CA GLU H 471 5.74 36.02 68.39
C GLU H 471 5.36 34.80 67.58
N ASP H 472 5.23 33.65 68.23
CA ASP H 472 4.87 32.43 67.51
C ASP H 472 3.47 32.49 66.92
N ALA H 473 2.61 33.39 67.41
CA ALA H 473 1.29 33.51 66.83
C ALA H 473 1.36 34.04 65.39
N PHE H 474 2.41 34.78 65.06
CA PHE H 474 2.53 35.32 63.72
C PHE H 474 2.83 34.20 62.72
N PRO H 475 2.37 34.34 61.49
CA PRO H 475 2.75 33.39 60.45
C PRO H 475 4.20 33.57 60.06
N ASP H 476 4.77 32.53 59.45
CA ASP H 476 6.12 32.60 58.95
C ASP H 476 6.22 33.69 57.90
N SER H 477 7.28 34.48 57.98
CA SER H 477 7.47 35.57 57.01
C SER H 477 7.64 35.03 55.60
N SER H 478 8.44 33.96 55.46
CA SER H 478 8.66 33.39 54.13
C SER H 478 7.41 32.75 53.56
N GLN H 479 6.41 32.48 54.39
CA GLN H 479 5.21 31.81 53.93
C GLN H 479 4.42 32.70 52.99
N SER H 480 3.50 32.09 52.25
CA SER H 480 2.66 32.80 51.30
C SER H 480 1.20 32.78 51.76
N ILE H 481 0.43 33.70 51.20
CA ILE H 481 -0.98 33.82 51.58
C ILE H 481 -1.75 32.55 51.27
N THR H 482 -1.32 31.80 50.25
CA THR H 482 -2.02 30.59 49.87
C THR H 482 -1.97 29.52 50.95
N HIS H 483 -0.96 29.57 51.83
CA HIS H 483 -0.83 28.57 52.87
C HIS H 483 -1.93 28.77 53.90
N LEU H 484 -2.98 27.97 53.80
CA LEU H 484 -4.20 28.19 54.58
C LEU H 484 -3.96 28.32 56.08
N PRO H 485 -3.19 27.45 56.74
CA PRO H 485 -2.98 27.64 58.18
C PRO H 485 -2.44 29.01 58.51
N SER H 486 -1.49 29.51 57.73
CA SER H 486 -0.99 30.86 57.95
C SER H 486 -2.09 31.88 57.74
N MET H 487 -2.93 31.66 56.74
CA MET H 487 -3.99 32.61 56.45
C MET H 487 -4.93 32.74 57.64
N TRP H 488 -5.27 31.62 58.28
CA TRP H 488 -6.13 31.68 59.45
C TRP H 488 -5.49 32.49 60.55
N LYS H 489 -4.17 32.36 60.73
CA LYS H 489 -3.50 33.04 61.83
C LYS H 489 -3.74 34.54 61.76
N CYS H 490 -3.63 35.12 60.56
CA CYS H 490 -3.82 36.55 60.43
C CYS H 490 -5.23 36.96 60.84
N LEU H 491 -6.22 36.13 60.53
CA LEU H 491 -7.58 36.43 60.95
C LEU H 491 -7.68 36.57 62.45
N PHE H 492 -7.18 35.57 63.18
CA PHE H 492 -7.16 35.66 64.63
C PHE H 492 -6.27 36.81 65.07
N LEU H 493 -5.11 36.97 64.44
CA LEU H 493 -4.21 38.05 64.79
C LEU H 493 -4.89 39.40 64.63
N THR H 494 -5.70 39.54 63.59
CA THR H 494 -6.41 40.80 63.37
C THR H 494 -7.52 40.99 64.39
N LEU H 495 -8.30 39.94 64.64
CA LEU H 495 -9.44 40.08 65.53
C LEU H 495 -9.00 40.50 66.92
N ALA H 496 -7.97 39.88 67.45
CA ALA H 496 -7.52 40.16 68.80
C ALA H 496 -6.64 41.40 68.89
N GLY H 497 -6.35 42.04 67.75
CA GLY H 497 -5.49 43.20 67.72
C GLY H 497 -5.81 44.24 68.77
N PRO H 498 -7.00 44.84 68.70
CA PRO H 498 -7.30 45.98 69.58
C PRO H 498 -7.27 45.64 71.05
N MET H 499 -7.38 44.36 71.41
CA MET H 499 -7.41 44.00 72.83
C MET H 499 -6.11 44.34 73.53
N THR H 500 -4.98 44.10 72.87
CA THR H 500 -3.69 44.33 73.50
C THR H 500 -3.46 45.82 73.75
N SER H 501 -2.64 46.11 74.75
CA SER H 501 -2.30 47.48 75.10
C SER H 501 -1.08 47.98 74.35
N ASP H 502 -0.44 47.15 73.55
CA ASP H 502 0.74 47.56 72.81
C ASP H 502 0.38 48.68 71.84
N PRO H 503 1.02 49.83 71.93
CA PRO H 503 0.73 50.91 70.96
C PRO H 503 1.08 50.55 69.54
N HIS H 504 2.00 49.62 69.33
CA HIS H 504 2.40 49.24 67.99
C HIS H 504 1.52 48.18 67.36
N SER H 505 0.50 47.71 68.09
CA SER H 505 -0.35 46.64 67.58
C SER H 505 -0.94 46.92 66.19
N PRO H 506 -1.48 48.10 65.90
CA PRO H 506 -2.02 48.32 64.55
C PRO H 506 -1.00 48.08 63.45
N VAL H 507 0.22 48.59 63.62
CA VAL H 507 1.24 48.41 62.59
C VAL H 507 1.57 46.93 62.45
N LYS H 508 1.76 46.24 63.58
CA LYS H 508 2.06 44.81 63.52
C LYS H 508 0.96 44.07 62.80
N VAL H 509 -0.30 44.39 63.10
CA VAL H 509 -1.40 43.74 62.42
C VAL H 509 -1.34 44.00 60.92
N PHE H 510 -1.12 45.25 60.54
CA PHE H 510 -1.05 45.58 59.12
C PHE H 510 0.08 44.84 58.45
N MET H 511 1.27 44.85 59.07
CA MET H 511 2.42 44.24 58.43
C MET H 511 2.29 42.72 58.35
N ALA H 512 1.59 42.11 59.31
CA ALA H 512 1.43 40.67 59.30
C ALA H 512 0.80 40.22 57.99
N LEU H 513 -0.28 40.87 57.59
CA LEU H 513 -0.88 40.57 56.30
C LEU H 513 0.08 40.93 55.18
N ALA H 514 0.78 42.06 55.31
CA ALA H 514 1.69 42.49 54.26
C ALA H 514 2.77 41.44 53.98
N ASN H 515 3.20 40.71 55.02
CA ASN H 515 4.20 39.68 54.80
C ASN H 515 3.68 38.60 53.85
N LEU H 516 2.43 38.18 54.02
CA LEU H 516 1.91 37.10 53.20
C LEU H 516 1.65 37.52 51.77
N LEU H 517 1.52 38.82 51.51
CA LEU H 517 1.22 39.32 50.17
C LEU H 517 2.45 39.85 49.47
N ALA H 518 3.63 39.45 49.90
CA ALA H 518 4.85 39.98 49.31
C ALA H 518 4.92 39.65 47.82
N GLN H 519 4.62 38.42 47.47
CA GLN H 519 4.68 38.03 46.06
C GLN H 519 3.52 38.63 45.28
N PRO H 520 2.26 38.32 45.62
CA PRO H 520 1.16 38.78 44.77
C PRO H 520 1.00 40.29 44.75
N GLU H 521 1.31 40.98 45.84
CA GLU H 521 1.14 42.43 45.94
C GLU H 521 2.42 43.05 46.47
N PRO H 522 3.40 43.26 45.62
CA PRO H 522 4.68 43.80 46.09
C PRO H 522 4.64 45.29 46.37
N ILE H 523 4.21 45.66 47.57
CA ILE H 523 4.22 47.07 47.96
C ILE H 523 5.65 47.49 48.32
N ALA H 524 5.91 48.78 48.19
CA ALA H 524 7.21 49.35 48.56
C ALA H 524 7.09 50.03 49.91
N ILE H 525 8.03 49.74 50.80
CA ILE H 525 8.04 50.27 52.15
C ILE H 525 9.08 51.39 52.21
N GLY H 526 8.66 52.58 52.60
CA GLY H 526 9.54 53.72 52.59
C GLY H 526 10.40 53.86 53.84
N VAL H 527 10.70 52.74 54.48
CA VAL H 527 11.53 52.75 55.68
C VAL H 527 12.88 52.13 55.32
N PRO H 528 13.96 52.89 55.32
CA PRO H 528 15.27 52.29 55.03
C PRO H 528 15.64 51.26 56.07
N GLY H 529 16.36 50.24 55.63
CA GLY H 529 16.75 49.16 56.51
C GLY H 529 15.69 48.12 56.75
N MET H 530 14.50 48.27 56.15
CA MET H 530 13.42 47.32 56.32
C MET H 530 12.92 46.90 54.95
N HIS H 531 12.31 45.72 54.90
CA HIS H 531 11.73 45.22 53.67
C HIS H 531 10.37 44.60 53.99
N GLN H 532 9.56 44.44 52.94
CA GLN H 532 8.23 43.89 53.13
C GLN H 532 8.29 42.51 53.76
N THR H 533 9.37 41.77 53.53
CA THR H 533 9.48 40.44 54.08
C THR H 533 10.00 40.41 55.51
N THR H 534 10.31 41.57 56.08
CA THR H 534 10.74 41.60 57.47
C THR H 534 9.62 41.05 58.35
N PRO H 535 9.93 40.21 59.33
CA PRO H 535 8.89 39.67 60.20
C PRO H 535 8.07 40.78 60.83
N ALA H 536 6.76 40.60 60.81
CA ALA H 536 5.88 41.65 61.30
C ALA H 536 5.98 41.85 62.80
N SER H 537 6.46 40.85 63.53
CA SER H 537 6.56 40.95 64.97
C SER H 537 7.74 41.80 65.41
N GLN H 538 8.35 42.55 64.50
CA GLN H 538 9.50 43.36 64.83
C GLN H 538 9.24 44.86 64.77
N PHE H 539 8.23 45.29 64.03
CA PHE H 539 7.92 46.70 63.91
C PHE H 539 7.39 47.18 65.24
N SER H 540 8.28 47.71 66.08
CA SER H 540 7.90 48.07 67.44
C SER H 540 8.46 49.42 67.85
N HIS H 541 8.74 50.29 66.88
CA HIS H 541 9.21 51.62 67.18
C HIS H 541 8.50 52.58 66.24
N PRO H 542 8.11 53.75 66.72
CA PRO H 542 7.35 54.67 65.86
C PRO H 542 8.07 55.05 64.59
N GLY H 543 9.40 55.12 64.63
CA GLY H 543 10.15 55.53 63.46
C GLY H 543 10.05 54.58 62.30
N VAL H 544 9.73 53.32 62.54
CA VAL H 544 9.68 52.33 61.48
C VAL H 544 8.25 52.07 61.01
N TRP H 545 7.34 53.00 61.26
CA TRP H 545 6.00 52.87 60.70
C TRP H 545 6.04 53.16 59.22
N PRO H 546 5.57 52.27 58.36
CA PRO H 546 5.63 52.50 56.92
C PRO H 546 4.84 53.73 56.54
N PRO H 547 5.39 54.57 55.67
CA PRO H 547 4.64 55.76 55.23
C PRO H 547 3.31 55.43 54.59
N GLY H 548 3.26 54.34 53.83
CA GLY H 548 1.99 53.94 53.24
C GLY H 548 0.93 53.66 54.29
N PHE H 549 1.34 53.08 55.41
CA PHE H 549 0.40 52.87 56.51
C PHE H 549 -0.05 54.19 57.09
N LEU H 550 0.86 55.15 57.22
CA LEU H 550 0.48 56.47 57.72
C LEU H 550 -0.51 57.14 56.78
N ASN H 551 -0.23 57.10 55.48
CA ASN H 551 -1.11 57.68 54.47
C ASN H 551 -1.43 56.60 53.44
N PRO H 552 -2.60 55.99 53.51
CA PRO H 552 -2.92 54.89 52.59
C PRO H 552 -2.99 55.31 51.14
N GLN H 553 -3.06 56.61 50.85
CA GLN H 553 -3.13 57.04 49.46
C GLN H 553 -1.87 56.74 48.69
N LEU H 554 -0.78 56.38 49.36
CA LEU H 554 0.45 56.03 48.66
C LEU H 554 0.41 54.64 48.06
N ILE H 555 -0.67 53.91 48.23
CA ILE H 555 -0.82 52.56 47.71
C ILE H 555 -1.76 52.62 46.51
N ASN H 556 -1.27 52.20 45.35
CA ASN H 556 -2.10 52.23 44.15
C ASN H 556 -3.21 51.20 44.27
N PRO H 557 -4.48 51.59 44.12
CA PRO H 557 -5.56 50.61 44.23
C PRO H 557 -5.45 49.48 43.23
N GLN H 558 -5.01 49.77 42.01
CA GLN H 558 -4.92 48.70 41.02
C GLN H 558 -3.73 47.79 41.29
N GLN H 559 -2.60 48.37 41.66
CA GLN H 559 -1.40 47.56 41.85
C GLN H 559 -1.51 46.66 43.07
N ALA H 560 -2.27 47.07 44.07
CA ALA H 560 -2.38 46.27 45.28
C ALA H 560 -3.69 46.58 46.01
N PRO H 561 -4.82 46.14 45.47
CA PRO H 561 -6.10 46.53 46.07
C PRO H 561 -6.28 46.08 47.51
N LEU H 562 -5.85 44.87 47.84
CA LEU H 562 -6.12 44.34 49.18
C LEU H 562 -5.43 45.17 50.25
N LEU H 563 -4.14 45.43 50.07
CA LEU H 563 -3.40 46.14 51.09
C LEU H 563 -3.98 47.53 51.33
N ARG H 564 -4.30 48.25 50.26
CA ARG H 564 -4.90 49.57 50.42
C ARG H 564 -6.24 49.47 51.13
N ALA H 565 -7.06 48.50 50.73
CA ALA H 565 -8.34 48.32 51.41
C ALA H 565 -8.13 47.95 52.87
N PHE H 566 -7.18 47.07 53.14
CA PHE H 566 -6.92 46.66 54.52
C PHE H 566 -6.45 47.84 55.36
N ALA H 567 -5.56 48.66 54.81
CA ALA H 567 -5.08 49.82 55.55
C ALA H 567 -6.22 50.77 55.85
N GLU H 568 -7.06 51.06 54.85
CA GLU H 568 -8.19 51.94 55.09
C GLU H 568 -9.12 51.37 56.13
N HIS H 569 -9.32 50.05 56.08
CA HIS H 569 -10.17 49.40 57.07
C HIS H 569 -9.65 49.65 58.48
N ILE H 570 -8.34 49.58 58.67
CA ILE H 570 -7.77 49.79 59.99
C ILE H 570 -8.00 51.22 60.46
N ARG H 571 -7.64 52.19 59.63
CA ARG H 571 -7.78 53.58 60.04
C ARG H 571 -9.24 53.95 60.29
N ALA H 572 -10.15 53.31 59.57
CA ALA H 572 -11.56 53.65 59.68
C ALA H 572 -12.28 52.94 60.81
N ASN H 573 -11.75 51.82 61.31
CA ASN H 573 -12.48 51.01 62.25
C ASN H 573 -11.76 50.74 63.56
N TRP H 574 -10.46 51.00 63.65
CA TRP H 574 -9.78 50.79 64.92
C TRP H 574 -10.39 51.71 65.97
N PRO H 575 -10.70 51.20 67.15
CA PRO H 575 -11.55 51.95 68.09
C PRO H 575 -10.88 53.25 68.55
N GLN H 576 -11.71 54.08 69.15
CA GLN H 576 -11.31 55.37 69.70
C GLN H 576 -11.21 55.28 71.22
N PRO H 577 -10.08 55.65 71.81
CA PRO H 577 -9.98 55.63 73.26
C PRO H 577 -10.85 56.69 73.91
N SER H 578 -11.18 56.45 75.17
CA SER H 578 -11.97 57.39 75.94
C SER H 578 -11.51 57.33 77.39
N GLU H 579 -12.26 57.97 78.28
CA GLU H 579 -11.89 58.00 79.69
C GLU H 579 -13.15 58.02 80.54
N PHE H 580 -12.97 57.76 81.82
CA PHE H 580 -14.07 57.80 82.77
C PHE H 580 -13.52 58.04 84.17
N GLY H 581 -14.40 58.49 85.06
CA GLY H 581 -14.01 58.76 86.42
C GLY H 581 -14.04 57.51 87.29
N TYR H 582 -13.57 57.68 88.52
CA TYR H 582 -13.55 56.60 89.50
C TYR H 582 -13.19 57.21 90.85
N GLY H 583 -13.21 56.36 91.88
CA GLY H 583 -12.81 56.79 93.20
C GLY H 583 -13.76 57.83 93.77
N SER H 584 -13.30 58.43 94.85
CA SER H 584 -14.03 59.50 95.52
C SER H 584 -13.17 60.76 95.57
N THR H 585 -13.81 61.90 95.35
CA THR H 585 -13.08 63.16 95.36
C THR H 585 -12.63 63.57 96.76
N LEU H 586 -12.96 62.79 97.78
CA LEU H 586 -12.56 63.08 99.15
C LEU H 586 -11.29 62.34 99.55
N GLN H 587 -10.53 61.84 98.58
CA GLN H 587 -9.32 61.09 98.86
C GLN H 587 -8.22 61.56 97.94
N GLY H 588 -7.03 60.99 98.13
CA GLY H 588 -5.92 61.32 97.26
C GLY H 588 -6.11 60.74 95.87
N SER H 589 -5.33 61.26 94.93
CA SER H 589 -5.48 60.88 93.53
C SER H 589 -4.62 59.68 93.16
N ALA H 590 -3.32 59.76 93.45
CA ALA H 590 -2.31 58.78 93.10
C ALA H 590 -2.04 58.72 91.60
N ASN H 591 -2.76 59.49 90.79
CA ASN H 591 -2.49 59.53 89.36
C ASN H 591 -1.23 60.34 89.10
N LEU H 592 -0.52 59.97 88.03
CA LEU H 592 0.71 60.64 87.67
C LEU H 592 0.61 61.39 86.35
N PHE H 593 0.26 60.70 85.27
CA PHE H 593 0.25 61.31 83.95
C PHE H 593 -1.14 61.61 83.44
N ILE H 594 -2.17 61.36 84.24
CA ILE H 594 -3.54 61.65 83.83
C ILE H 594 -4.21 62.46 84.93
N PRO H 595 -5.26 63.20 84.60
CA PRO H 595 -5.90 64.04 85.61
C PRO H 595 -6.38 63.20 86.77
N PRO H 596 -6.46 63.78 87.96
CA PRO H 596 -6.85 63.00 89.15
C PRO H 596 -8.24 62.41 89.00
N ASN H 597 -8.41 61.23 89.60
CA ASN H 597 -9.70 60.53 89.61
C ASN H 597 -10.21 60.31 88.18
N ARG H 598 -9.32 59.84 87.32
CA ARG H 598 -9.66 59.56 85.94
C ARG H 598 -8.92 58.31 85.49
N MET H 599 -9.46 57.67 84.46
CA MET H 599 -8.84 56.49 83.87
C MET H 599 -9.09 56.50 82.38
N VAL H 600 -8.04 56.21 81.60
CA VAL H 600 -8.18 56.09 80.16
C VAL H 600 -8.78 54.73 79.84
N TYR H 601 -9.21 54.55 78.60
CA TYR H 601 -9.85 53.31 78.21
C TYR H 601 -9.72 53.11 76.70
N PRO H 602 -9.22 51.97 76.25
CA PRO H 602 -8.99 51.79 74.81
C PRO H 602 -10.24 51.92 73.97
N TRP H 603 -11.40 51.58 74.52
CA TRP H 603 -12.64 51.61 73.77
C TRP H 603 -13.52 52.76 74.25
N PRO H 604 -14.46 53.21 73.42
CA PRO H 604 -15.47 54.14 73.91
C PRO H 604 -16.36 53.46 74.93
N ASN H 605 -16.82 54.25 75.89
CA ASN H 605 -17.65 53.73 76.98
C ASN H 605 -18.88 54.60 77.15
N GLN H 606 -19.99 53.97 77.48
CA GLN H 606 -21.27 54.65 77.62
C GLN H 606 -22.01 54.06 78.81
N PRO H 607 -22.94 54.80 79.39
CA PRO H 607 -23.69 54.29 80.54
C PRO H 607 -24.49 53.05 80.17
N LEU H 608 -24.74 52.21 81.17
CA LEU H 608 -25.42 50.95 80.94
C LEU H 608 -26.87 51.17 80.57
N PRO H 609 -27.30 50.77 79.37
CA PRO H 609 -28.70 50.95 79.00
C PRO H 609 -29.54 49.73 79.32
N ARG H 610 -30.82 49.78 78.96
CA ARG H 610 -31.65 48.58 78.96
C ARG H 610 -31.12 47.60 77.93
N LEU H 611 -31.14 46.32 78.27
CA LEU H 611 -30.51 45.31 77.42
C LEU H 611 -31.40 44.91 76.26
N THR H 612 -31.83 45.87 75.45
CA THR H 612 -32.63 45.55 74.28
C THR H 612 -31.73 45.08 73.14
N VAL H 613 -32.34 44.82 71.98
CA VAL H 613 -31.61 44.24 70.87
C VAL H 613 -30.62 45.24 70.28
N ALA H 614 -31.04 46.51 70.15
CA ALA H 614 -30.22 47.48 69.45
C ALA H 614 -28.83 47.65 70.06
N PRO H 615 -28.68 47.89 71.37
CA PRO H 615 -27.33 48.02 71.93
C PRO H 615 -26.53 46.73 71.84
N THR H 616 -27.18 45.60 71.63
CA THR H 616 -26.46 44.34 71.55
C THR H 616 -25.51 44.30 70.36
N TYR H 617 -25.82 45.07 69.32
CA TYR H 617 -25.08 44.95 68.06
C TYR H 617 -24.39 46.22 67.61
N ASP H 618 -24.63 47.35 68.25
CA ASP H 618 -24.02 48.61 67.81
C ASP H 618 -22.72 48.91 68.53
N SER H 619 -22.16 47.96 69.27
CA SER H 619 -20.96 48.22 70.04
C SER H 619 -19.77 48.44 69.11
N ALA H 620 -18.79 49.18 69.62
CA ALA H 620 -17.59 49.45 68.84
C ALA H 620 -16.88 48.14 68.47
N MET H 621 -16.75 47.23 69.44
CA MET H 621 -16.11 45.97 69.16
C MET H 621 -16.89 45.18 68.11
N SER H 622 -18.21 45.15 68.25
CA SER H 622 -19.02 44.42 67.28
C SER H 622 -18.80 44.95 65.87
N ASN H 623 -18.72 46.27 65.73
CA ASN H 623 -18.38 46.84 64.43
C ASN H 623 -17.02 46.37 63.97
N TRP H 624 -16.05 46.34 64.88
CA TRP H 624 -14.72 45.87 64.50
C TRP H 624 -14.75 44.44 64.02
N ILE H 625 -15.51 43.58 64.69
CA ILE H 625 -15.60 42.19 64.29
C ILE H 625 -16.25 42.08 62.92
N SER H 626 -17.37 42.77 62.73
CA SER H 626 -18.14 42.64 61.50
C SER H 626 -17.30 43.05 60.30
N THR H 627 -16.68 44.22 60.37
CA THR H 627 -15.88 44.70 59.25
C THR H 627 -14.71 43.77 58.98
N THR H 628 -14.03 43.32 60.03
CA THR H 628 -12.85 42.49 59.86
C THR H 628 -13.18 41.20 59.11
N ILE H 629 -14.18 40.46 59.61
CA ILE H 629 -14.55 39.22 58.95
C ILE H 629 -15.02 39.49 57.53
N ALA H 630 -15.80 40.55 57.35
CA ALA H 630 -16.27 40.91 56.03
C ALA H 630 -15.09 41.08 55.08
N PHE H 631 -14.03 41.75 55.55
CA PHE H 631 -12.86 41.94 54.70
C PHE H 631 -12.20 40.61 54.35
N PHE H 632 -11.99 39.76 55.35
CA PHE H 632 -11.30 38.51 55.09
C PHE H 632 -12.09 37.63 54.14
N ILE H 633 -13.42 37.68 54.22
CA ILE H 633 -14.24 36.96 53.25
C ILE H 633 -13.92 37.42 51.85
N ARG H 634 -13.77 38.73 51.66
CA ARG H 634 -13.34 39.23 50.36
C ARG H 634 -11.99 38.66 49.99
N VAL H 635 -11.11 38.50 50.97
CA VAL H 635 -9.75 38.02 50.68
C VAL H 635 -9.80 36.61 50.14
N VAL H 636 -10.46 35.70 50.87
CA VAL H 636 -10.39 34.29 50.54
C VAL H 636 -10.98 34.00 49.17
N ASN H 637 -11.86 34.86 48.68
CA ASN H 637 -12.45 34.66 47.37
C ASN H 637 -11.65 35.29 46.25
N SER H 638 -10.52 35.92 46.56
CA SER H 638 -9.69 36.48 45.51
C SER H 638 -9.11 35.38 44.63
N VAL H 639 -8.77 35.76 43.39
CA VAL H 639 -8.25 34.79 42.44
C VAL H 639 -6.91 34.24 42.87
N ASN H 640 -6.17 34.96 43.71
CA ASN H 640 -4.83 34.53 44.08
C ASN H 640 -4.84 33.18 44.77
N MET H 641 -5.89 32.87 45.53
CA MET H 641 -5.94 31.65 46.31
C MET H 641 -6.17 30.42 45.45
N THR H 642 -6.38 30.58 44.15
CA THR H 642 -6.79 29.45 43.31
C THR H 642 -5.75 28.34 43.28
N ALA H 643 -4.51 28.63 43.65
CA ALA H 643 -3.48 27.60 43.61
C ALA H 643 -3.77 26.46 44.58
N THR H 644 -4.51 26.72 45.66
CA THR H 644 -4.76 25.68 46.64
C THR H 644 -6.16 25.69 47.20
N VAL H 645 -7.10 26.44 46.61
CA VAL H 645 -8.45 26.56 47.13
C VAL H 645 -9.41 26.28 45.97
N ASN H 646 -9.88 25.03 45.88
CA ASN H 646 -10.92 24.73 44.91
C ASN H 646 -12.24 25.32 45.39
N ASP H 647 -13.26 25.20 44.54
CA ASP H 647 -14.54 25.82 44.84
C ASP H 647 -15.11 25.30 46.15
N LEU H 648 -15.11 23.98 46.33
CA LEU H 648 -15.67 23.40 47.54
C LEU H 648 -14.98 23.94 48.77
N THR H 649 -13.65 23.99 48.73
CA THR H 649 -12.91 24.57 49.84
C THR H 649 -13.31 26.03 50.03
N ARG H 650 -13.42 26.77 48.93
CA ARG H 650 -13.73 28.19 49.03
C ARG H 650 -15.04 28.43 49.76
N ARG H 651 -16.08 27.69 49.38
CA ARG H 651 -17.37 27.86 50.04
C ARG H 651 -17.30 27.42 51.49
N THR H 652 -16.62 26.30 51.75
CA THR H 652 -16.53 25.79 53.11
C THR H 652 -15.94 26.83 54.05
N MET H 653 -14.80 27.39 53.68
CA MET H 653 -14.18 28.41 54.52
C MET H 653 -15.07 29.64 54.62
N THR H 654 -15.74 30.00 53.52
CA THR H 654 -16.65 31.13 53.55
C THR H 654 -17.75 30.90 54.57
N GLY H 655 -18.34 29.70 54.56
CA GLY H 655 -19.37 29.40 55.54
C GLY H 655 -18.85 29.47 56.95
N VAL H 656 -17.62 28.99 57.17
CA VAL H 656 -17.04 29.04 58.50
C VAL H 656 -16.92 30.48 58.98
N MET H 657 -16.40 31.34 58.12
CA MET H 657 -16.20 32.73 58.51
C MET H 657 -17.53 33.40 58.83
N THR H 658 -18.49 33.31 57.91
CA THR H 658 -19.77 33.97 58.14
C THR H 658 -20.46 33.38 59.36
N ALA H 659 -20.21 32.10 59.67
CA ALA H 659 -20.75 31.54 60.88
C ALA H 659 -20.20 32.26 62.10
N MET H 660 -18.89 32.50 62.13
CA MET H 660 -18.30 33.22 63.24
C MET H 660 -18.87 34.63 63.35
N ARG H 661 -19.08 35.27 62.21
CA ARG H 661 -19.60 36.64 62.22
C ARG H 661 -21.02 36.69 62.75
N GLN H 662 -21.81 35.65 62.53
CA GLN H 662 -23.23 35.72 62.82
C GLN H 662 -23.56 35.43 64.27
N VAL H 663 -22.79 34.57 64.94
CA VAL H 663 -23.16 34.11 66.26
C VAL H 663 -23.24 35.29 67.23
N LYS H 664 -24.24 35.26 68.10
CA LYS H 664 -24.43 36.33 69.07
C LYS H 664 -23.49 36.15 70.24
N THR H 665 -22.92 37.27 70.71
CA THR H 665 -22.06 37.24 71.88
C THR H 665 -22.22 38.56 72.62
N MET H 666 -22.25 38.48 73.95
CA MET H 666 -22.43 39.67 74.76
C MET H 666 -21.13 40.43 75.01
N THR H 667 -20.00 39.85 74.65
CA THR H 667 -18.71 40.47 74.96
C THR H 667 -18.62 41.92 74.50
N PRO H 668 -18.95 42.27 73.25
CA PRO H 668 -18.86 43.69 72.89
C PRO H 668 -19.73 44.59 73.75
N PHE H 669 -20.92 44.13 74.08
CA PHE H 669 -21.78 44.92 74.96
C PHE H 669 -21.15 45.08 76.33
N TYR H 670 -20.60 44.00 76.86
CA TYR H 670 -20.00 44.05 78.19
C TYR H 670 -18.85 45.03 78.23
N ILE H 671 -18.01 45.01 77.20
CA ILE H 671 -16.85 45.89 77.17
C ILE H 671 -17.29 47.34 77.17
N GLN H 672 -18.29 47.67 76.34
CA GLN H 672 -18.64 49.07 76.15
C GLN H 672 -19.42 49.64 77.32
N HIS H 673 -20.19 48.81 78.04
CA HIS H 673 -21.09 49.34 79.05
C HIS H 673 -20.77 48.87 80.46
N MET H 674 -20.62 47.57 80.66
CA MET H 674 -20.48 47.07 82.03
C MET H 674 -19.05 47.07 82.52
N CYS H 675 -18.10 46.66 81.67
CA CYS H 675 -16.71 46.53 82.10
C CYS H 675 -16.15 47.79 82.74
N PRO H 676 -16.29 48.99 82.17
CA PRO H 676 -15.70 50.17 82.82
C PRO H 676 -16.21 50.40 84.23
N THR H 677 -17.47 50.07 84.48
CA THR H 677 -18.00 50.22 85.84
C THR H 677 -17.22 49.35 86.82
N GLU H 678 -16.98 48.09 86.44
CA GLU H 678 -16.26 47.19 87.33
C GLU H 678 -14.83 47.67 87.55
N LEU H 679 -14.17 48.12 86.50
CA LEU H 679 -12.81 48.61 86.64
C LEU H 679 -12.75 49.80 87.59
N SER H 680 -13.68 50.75 87.42
CA SER H 680 -13.67 51.93 88.27
C SER H 680 -13.85 51.56 89.73
N VAL H 681 -14.77 50.64 90.01
CA VAL H 681 -14.97 50.20 91.39
C VAL H 681 -13.72 49.48 91.89
N LEU H 682 -13.19 48.56 91.09
CA LEU H 682 -12.06 47.76 91.55
C LEU H 682 -10.83 48.63 91.79
N ALA H 683 -10.62 49.62 90.92
CA ALA H 683 -9.43 50.45 91.06
C ALA H 683 -9.39 51.20 92.38
N SER H 684 -10.53 51.35 93.04
CA SER H 684 -10.59 52.12 94.28
C SER H 684 -10.26 51.31 95.52
N VAL H 685 -9.97 50.02 95.39
CA VAL H 685 -9.77 49.19 96.57
C VAL H 685 -8.48 48.39 96.46
N THR H 686 -7.88 48.34 95.28
CA THR H 686 -6.64 47.60 95.13
C THR H 686 -5.54 48.25 95.96
N VAL H 687 -4.66 47.42 96.49
CA VAL H 687 -3.55 47.92 97.30
C VAL H 687 -2.65 48.81 96.46
N THR H 688 -2.48 48.47 95.19
CA THR H 688 -1.71 49.31 94.28
C THR H 688 -2.65 50.07 93.37
N PRO H 689 -2.72 51.38 93.46
CA PRO H 689 -3.60 52.15 92.57
C PRO H 689 -3.14 52.03 91.13
N PRO H 690 -4.04 52.23 90.17
CA PRO H 690 -3.66 52.02 88.77
C PRO H 690 -2.58 52.98 88.33
N PHE H 691 -1.73 52.51 87.43
CA PHE H 691 -0.65 53.28 86.84
C PHE H 691 -0.85 53.27 85.34
N GLN H 692 -1.09 54.44 84.75
CA GLN H 692 -1.52 54.49 83.37
C GLN H 692 -0.78 55.57 82.61
N VAL H 693 -0.70 55.39 81.29
CA VAL H 693 -0.22 56.41 80.36
C VAL H 693 -1.27 56.53 79.27
N PRO H 694 -1.42 57.68 78.62
CA PRO H 694 -2.53 57.85 77.68
C PRO H 694 -2.40 56.96 76.46
N PHE H 695 -3.52 56.41 76.03
CA PHE H 695 -3.58 55.71 74.75
C PHE H 695 -3.55 56.73 73.63
N THR H 696 -2.99 56.33 72.48
CA THR H 696 -2.72 57.26 71.40
C THR H 696 -3.27 56.85 70.03
N ARG H 697 -3.81 55.64 69.89
CA ARG H 697 -4.31 55.16 68.61
C ARG H 697 -3.26 55.25 67.52
N LEU H 698 -3.45 56.15 66.55
CA LEU H 698 -2.64 56.15 65.34
C LEU H 698 -1.84 57.43 65.15
N VAL H 699 -1.88 58.37 66.09
CA VAL H 699 -1.13 59.61 65.95
C VAL H 699 0.34 59.30 66.19
N GLN H 700 1.13 59.29 65.11
CA GLN H 700 2.51 58.82 65.22
C GLN H 700 3.33 59.70 66.14
N ASN H 701 3.15 61.02 66.06
CA ASN H 701 3.99 61.92 66.83
C ASN H 701 3.79 61.75 68.33
N ASP H 702 2.67 61.16 68.76
CA ASP H 702 2.38 61.03 70.17
C ASP H 702 2.76 59.68 70.75
N VAL H 703 3.27 58.75 69.94
CA VAL H 703 3.57 57.43 70.46
C VAL H 703 4.69 57.53 71.48
N ILE H 704 4.51 56.88 72.62
CA ILE H 704 5.49 56.92 73.69
C ILE H 704 6.63 55.96 73.36
N THR H 705 7.86 56.43 73.50
CA THR H 705 9.02 55.59 73.27
C THR H 705 9.67 55.09 74.53
N ASN H 706 9.65 55.88 75.61
CA ASN H 706 10.30 55.47 76.85
C ASN H 706 9.56 56.07 78.03
N VAL H 707 9.67 55.38 79.16
CA VAL H 707 9.16 55.88 80.44
C VAL H 707 10.29 55.75 81.44
N LEU H 708 10.73 56.89 81.99
CA LEU H 708 11.92 56.91 82.82
C LEU H 708 11.66 57.70 84.09
N VAL H 709 12.37 57.33 85.14
CA VAL H 709 12.33 58.02 86.42
C VAL H 709 13.67 58.70 86.64
N ALA H 710 13.64 59.95 87.09
CA ALA H 710 14.83 60.75 87.27
C ALA H 710 14.98 61.12 88.73
N ARG H 711 16.14 60.81 89.31
CA ARG H 711 16.44 61.24 90.66
C ARG H 711 16.87 62.70 90.70
N VAL H 712 17.54 63.16 89.65
CA VAL H 712 17.91 64.56 89.52
C VAL H 712 17.58 64.98 88.09
N ASP H 713 17.03 66.17 87.94
CA ASP H 713 16.71 66.67 86.62
C ASP H 713 17.99 66.74 85.78
N PRO H 714 17.92 66.45 84.49
CA PRO H 714 19.14 66.33 83.69
C PRO H 714 19.99 67.58 83.71
N ALA H 715 19.39 68.76 83.80
CA ALA H 715 20.18 69.99 83.85
C ALA H 715 21.08 70.00 85.07
N GLN H 716 20.55 69.59 86.23
CA GLN H 716 21.36 69.56 87.44
C GLN H 716 22.17 68.28 87.56
N ARG H 717 21.82 67.25 86.81
CA ARG H 717 22.57 66.01 86.86
C ARG H 717 23.98 66.23 86.34
N GLY H 718 24.94 65.56 86.96
CA GLY H 718 26.32 65.70 86.53
C GLY H 718 26.55 65.07 85.17
N ASP H 719 26.49 63.74 85.12
CA ASP H 719 26.66 63.01 83.87
C ASP H 719 25.30 62.52 83.39
N ALA H 720 25.31 61.73 82.32
CA ALA H 720 24.06 61.22 81.75
C ALA H 720 23.31 60.36 82.76
N ALA H 721 23.89 59.22 83.12
CA ALA H 721 23.41 58.38 84.22
C ALA H 721 21.91 58.13 84.12
N VAL H 722 21.44 57.83 82.92
CA VAL H 722 20.01 57.70 82.68
C VAL H 722 19.51 56.40 83.28
N ASP H 723 18.19 56.27 83.35
CA ASP H 723 17.56 55.09 83.93
C ASP H 723 17.97 53.83 83.17
N ILE H 724 18.25 52.77 83.92
CA ILE H 724 18.56 51.47 83.31
C ILE H 724 17.40 51.00 82.45
N ARG H 725 16.18 51.42 82.78
CA ARG H 725 15.01 50.98 82.05
C ARG H 725 15.12 51.32 80.56
N ALA H 726 15.89 52.35 80.23
CA ALA H 726 16.05 52.74 78.84
C ALA H 726 16.81 51.71 78.02
N THR H 727 17.45 50.73 78.66
CA THR H 727 18.21 49.74 77.91
C THR H 727 17.29 48.79 77.15
N HIS H 728 16.09 48.55 77.65
CA HIS H 728 15.22 47.55 77.07
C HIS H 728 14.62 48.02 75.77
N ALA H 729 14.27 47.06 74.91
CA ALA H 729 13.69 47.39 73.62
C ALA H 729 12.34 48.08 73.77
N THR H 730 11.51 47.58 74.69
CA THR H 730 10.21 48.16 74.94
C THR H 730 10.23 48.96 76.23
N PHE H 731 9.34 49.94 76.32
CA PHE H 731 9.32 50.84 77.47
C PHE H 731 8.64 50.23 78.69
N ALA H 732 8.03 49.07 78.56
CA ALA H 732 7.35 48.46 79.69
C ALA H 732 7.47 46.95 79.58
N ALA H 733 7.25 46.27 80.70
CA ALA H 733 7.39 44.82 80.75
C ALA H 733 6.46 44.16 79.74
N ALA H 734 7.01 43.22 78.98
CA ALA H 734 6.24 42.53 77.96
C ALA H 734 5.48 41.36 78.57
N LEU H 735 4.22 41.20 78.16
CA LEU H 735 3.37 40.12 78.64
C LEU H 735 2.74 39.45 77.43
N PRO H 736 3.40 38.46 76.85
CA PRO H 736 2.86 37.80 75.66
C PRO H 736 1.54 37.11 75.97
N VAL H 737 0.65 37.12 75.00
CA VAL H 737 -0.65 36.48 75.11
C VAL H 737 -0.96 35.74 73.81
N ASP H 738 -1.90 34.80 73.90
CA ASP H 738 -2.26 33.99 72.75
C ASP H 738 -3.53 34.55 72.12
N PRO H 739 -3.49 34.97 70.86
CA PRO H 739 -4.70 35.51 70.24
C PRO H 739 -5.85 34.52 70.19
N ALA H 740 -5.55 33.22 70.08
CA ALA H 740 -6.62 32.24 69.96
C ALA H 740 -7.57 32.31 71.14
N ALA H 741 -7.03 32.33 72.35
CA ALA H 741 -7.88 32.41 73.53
C ALA H 741 -8.69 33.69 73.53
N ILE H 742 -8.06 34.81 73.16
CA ILE H 742 -8.77 36.08 73.13
C ILE H 742 -9.93 36.01 72.15
N VAL H 743 -9.70 35.42 70.98
CA VAL H 743 -10.76 35.31 69.98
C VAL H 743 -11.91 34.49 70.54
N VAL H 744 -11.61 33.36 71.17
CA VAL H 744 -12.65 32.51 71.73
C VAL H 744 -13.49 33.29 72.73
N ALA H 745 -12.82 34.01 73.63
CA ALA H 745 -13.55 34.79 74.62
C ALA H 745 -14.41 35.84 73.94
N MET H 746 -13.88 36.49 72.91
CA MET H 746 -14.65 37.54 72.24
C MET H 746 -15.92 36.99 71.63
N LEU H 747 -15.86 35.78 71.09
CA LEU H 747 -16.97 35.21 70.35
C LEU H 747 -17.91 34.38 71.21
N CYS H 748 -17.69 34.32 72.52
CA CYS H 748 -18.50 33.43 73.35
C CYS H 748 -18.96 34.14 74.61
N GLY H 749 -19.47 35.36 74.46
CA GLY H 749 -19.95 36.10 75.61
C GLY H 749 -21.39 35.77 75.94
N GLN H 750 -21.60 34.87 76.88
CA GLN H 750 -22.94 34.52 77.32
C GLN H 750 -23.30 35.30 78.59
N THR H 751 -24.58 35.27 78.92
CA THR H 751 -25.05 35.94 80.11
C THR H 751 -26.19 35.13 80.72
N GLU H 752 -26.47 35.40 81.99
CA GLU H 752 -27.40 34.60 82.76
C GLU H 752 -28.84 35.09 82.57
N THR H 753 -29.77 34.18 82.83
CA THR H 753 -31.17 34.55 82.94
C THR H 753 -31.41 35.32 84.23
N ASN H 754 -32.40 36.20 84.21
CA ASN H 754 -32.76 37.01 85.37
C ASN H 754 -31.61 37.90 85.82
N LEU H 755 -30.74 38.28 84.89
CA LEU H 755 -29.63 39.16 85.24
C LEU H 755 -30.18 40.55 85.56
N ILE H 756 -30.09 40.94 86.83
CA ILE H 756 -30.45 42.27 87.27
C ILE H 756 -29.16 42.97 87.67
N PRO H 757 -28.66 43.93 86.89
CA PRO H 757 -27.36 44.53 87.18
C PRO H 757 -27.27 45.13 88.58
N SER H 758 -28.33 45.78 89.04
CA SER H 758 -28.31 46.36 90.37
C SER H 758 -28.09 45.29 91.43
N HIS H 759 -28.88 44.22 91.37
CA HIS H 759 -28.73 43.14 92.34
C HIS H 759 -27.37 42.49 92.23
N HIS H 760 -26.93 42.21 91.01
CA HIS H 760 -25.70 41.44 90.82
C HIS H 760 -24.50 42.17 91.39
N TYR H 761 -24.34 43.44 91.00
CA TYR H 761 -23.17 44.18 91.45
C TYR H 761 -23.18 44.41 92.94
N GLY H 762 -24.36 44.67 93.52
CA GLY H 762 -24.44 44.90 94.95
C GLY H 762 -23.91 43.72 95.74
N LYS H 763 -24.34 42.51 95.37
CA LYS H 763 -23.81 41.32 96.02
C LYS H 763 -22.32 41.16 95.73
N ALA H 764 -21.92 41.41 94.49
CA ALA H 764 -20.51 41.23 94.13
C ALA H 764 -19.61 42.21 94.87
N PHE H 765 -20.02 43.47 94.97
CA PHE H 765 -19.15 44.49 95.53
C PHE H 765 -19.25 44.60 97.05
N ALA H 766 -20.29 44.05 97.65
CA ALA H 766 -20.43 44.15 99.10
C ALA H 766 -19.22 43.60 99.85
N PRO H 767 -18.71 42.40 99.57
CA PRO H 767 -17.58 41.91 100.36
C PRO H 767 -16.33 42.75 100.22
N LEU H 768 -16.14 43.40 99.07
CA LEU H 768 -14.89 44.08 98.81
C LEU H 768 -14.63 45.19 99.82
N PHE H 769 -15.66 45.94 100.18
CA PHE H 769 -15.47 47.06 101.09
C PHE H 769 -15.26 46.61 102.53
N ALA H 770 -15.42 45.32 102.83
CA ALA H 770 -15.15 44.84 104.18
C ALA H 770 -13.67 44.84 104.50
N SER H 771 -12.79 45.07 103.53
CA SER H 771 -11.37 45.04 103.77
C SER H 771 -10.90 46.34 104.42
N ASN H 772 -9.66 46.31 104.92
CA ASN H 772 -9.03 47.48 105.49
C ASN H 772 -7.72 47.84 104.81
N ALA H 773 -7.34 47.12 103.75
CA ALA H 773 -6.05 47.36 103.11
C ALA H 773 -5.95 48.77 102.57
N MET H 774 -7.08 49.36 102.15
CA MET H 774 -7.05 50.69 101.58
C MET H 774 -6.41 51.70 102.54
N PHE H 775 -6.73 51.58 103.82
CA PHE H 775 -6.19 52.53 104.79
C PHE H 775 -4.73 52.26 105.09
N THR H 776 -4.36 50.99 105.28
CA THR H 776 -2.97 50.65 105.52
C THR H 776 -2.11 51.14 104.37
N ARG H 777 -2.64 51.12 103.15
CA ARG H 777 -1.92 51.70 102.03
C ARG H 777 -1.58 53.16 102.30
N ASN H 778 -2.56 53.93 102.76
CA ASN H 778 -2.32 55.33 103.04
C ASN H 778 -1.29 55.49 104.15
N GLN H 779 -1.40 54.71 105.21
CA GLN H 779 -0.46 54.83 106.32
C GLN H 779 0.95 54.52 105.87
N ARG H 780 1.11 53.44 105.11
CA ARG H 780 2.44 53.08 104.61
C ARG H 780 3.01 54.18 103.72
N ALA H 781 2.14 54.78 102.89
CA ALA H 781 2.61 55.85 102.02
C ALA H 781 3.12 57.03 102.83
N VAL H 782 2.41 57.41 103.89
CA VAL H 782 2.82 58.55 104.68
C VAL H 782 4.18 58.31 105.30
N ILE H 783 4.35 57.13 105.91
CA ILE H 783 5.64 56.79 106.50
C ILE H 783 6.72 56.80 105.43
N THR H 784 6.38 56.31 104.23
CA THR H 784 7.34 56.33 103.13
C THR H 784 7.82 57.75 102.87
N ARG H 785 6.90 58.73 102.91
CA ARG H 785 7.28 60.11 102.67
C ARG H 785 8.30 60.58 103.69
N GLU H 786 7.97 60.41 104.98
CA GLU H 786 8.85 60.90 106.03
C GLU H 786 10.22 60.25 105.93
N ALA H 787 10.25 58.94 105.71
CA ALA H 787 11.52 58.25 105.55
C ALA H 787 12.31 58.83 104.39
N PHE H 788 11.62 59.08 103.27
CA PHE H 788 12.30 59.67 102.12
C PHE H 788 12.90 61.03 102.45
N VAL H 789 12.10 61.90 103.08
CA VAL H 789 12.56 63.25 103.35
C VAL H 789 13.79 63.22 104.25
N CYS H 790 13.73 62.41 105.31
CA CYS H 790 14.86 62.31 106.21
C CYS H 790 16.09 61.78 105.49
N ALA H 791 15.92 60.75 104.67
CA ALA H 791 17.05 60.16 103.98
C ALA H 791 17.70 61.18 103.04
N ARG H 792 16.88 61.89 102.27
CA ARG H 792 17.44 62.88 101.35
C ARG H 792 18.21 63.95 102.10
N SER H 793 17.64 64.43 103.20
CA SER H 793 18.31 65.47 103.97
C SER H 793 19.65 64.98 104.51
N ALA H 794 19.69 63.76 105.02
CA ALA H 794 20.92 63.25 105.63
C ALA H 794 22.04 63.19 104.61
N VAL H 795 21.78 62.59 103.45
CA VAL H 795 22.81 62.47 102.44
C VAL H 795 23.30 63.83 102.00
N ALA H 796 22.38 64.78 101.84
CA ALA H 796 22.76 66.11 101.38
C ALA H 796 23.74 66.75 102.34
N GLN H 797 23.49 66.61 103.65
CA GLN H 797 24.35 67.25 104.63
C GLN H 797 25.74 66.63 104.69
N CYS H 798 25.95 65.47 104.06
CA CYS H 798 27.24 64.81 104.09
C CYS H 798 28.08 65.11 102.86
N GLN H 799 27.68 66.08 102.04
CA GLN H 799 28.48 66.47 100.90
C GLN H 799 28.47 67.99 100.81
N ASP H 800 29.51 68.53 100.16
CA ASP H 800 29.68 69.97 100.11
C ASP H 800 28.56 70.64 99.31
N ALA H 801 28.47 70.30 98.03
CA ALA H 801 27.33 70.72 97.23
C ALA H 801 26.24 69.65 97.31
N GLY H 802 25.13 69.91 96.67
CA GLY H 802 24.05 68.94 96.63
C GLY H 802 22.71 69.63 96.79
N PHE H 803 21.71 68.82 97.11
CA PHE H 803 20.37 69.36 97.31
C PHE H 803 20.37 70.35 98.47
N LEU H 804 19.59 71.41 98.32
CA LEU H 804 19.64 72.53 99.24
C LEU H 804 18.87 72.22 100.52
N VAL H 805 19.57 72.26 101.65
CA VAL H 805 18.99 72.02 102.97
C VAL H 805 19.76 72.83 104.00
N PRO H 806 19.20 73.06 105.20
CA PRO H 806 20.00 73.68 106.26
C PRO H 806 21.13 72.75 106.69
N ARG H 807 22.21 73.35 107.17
CA ARG H 807 23.43 72.63 107.55
C ARG H 807 23.88 73.04 108.94
N PRO H 808 23.13 72.65 109.97
CA PRO H 808 23.57 72.96 111.34
C PRO H 808 24.89 72.30 111.69
N LEU H 809 25.16 71.11 111.17
CA LEU H 809 26.35 70.36 111.52
C LEU H 809 27.50 70.59 110.55
N ASP H 810 27.49 71.71 109.83
CA ASP H 810 28.53 71.93 108.84
C ASP H 810 29.90 72.08 109.47
N ALA H 811 29.96 72.45 110.75
CA ALA H 811 31.26 72.64 111.40
C ALA H 811 31.95 71.31 111.67
N LEU H 812 31.22 70.20 111.71
CA LEU H 812 31.82 68.91 111.98
C LEU H 812 32.56 68.39 110.75
N ARG H 813 33.73 67.82 110.98
CA ARG H 813 34.55 67.33 109.88
C ARG H 813 33.89 66.13 109.21
N GLN H 814 33.96 66.10 107.88
CA GLN H 814 33.34 65.02 107.13
C GLN H 814 33.92 65.03 105.72
N PHE H 815 34.56 63.94 105.32
CA PHE H 815 35.02 63.85 103.94
C PHE H 815 33.80 63.75 103.03
N ASP H 816 33.88 64.41 101.88
CA ASP H 816 32.76 64.43 100.96
C ASP H 816 32.46 63.02 100.47
N VAL H 817 31.18 62.67 100.44
CA VAL H 817 30.76 61.31 100.19
C VAL H 817 30.63 61.08 98.69
N THR H 818 31.23 59.98 98.22
CA THR H 818 30.97 59.54 96.87
C THR H 818 29.64 58.79 96.81
N SER H 819 29.27 58.37 95.60
CA SER H 819 28.01 57.66 95.43
C SER H 819 27.98 56.38 96.24
N ALA H 820 29.08 55.64 96.25
CA ALA H 820 29.13 54.39 96.99
C ALA H 820 28.94 54.63 98.49
N ALA H 821 29.60 55.66 99.02
CA ALA H 821 29.46 55.95 100.44
C ALA H 821 28.02 56.30 100.79
N ALA H 822 27.37 57.09 99.93
CA ALA H 822 26.01 57.52 100.21
C ALA H 822 25.09 56.32 100.40
N ALA H 823 25.36 55.23 99.70
CA ALA H 823 24.50 54.05 99.81
C ALA H 823 24.43 53.57 101.25
N GLU H 824 25.56 53.60 101.97
CA GLU H 824 25.56 53.18 103.36
C GLU H 824 24.63 54.06 104.18
N ILE H 825 24.75 55.38 104.03
CA ILE H 825 23.88 56.29 104.75
C ILE H 825 22.43 56.00 104.42
N MET H 826 22.14 55.76 103.14
CA MET H 826 20.77 55.43 102.75
C MET H 826 20.31 54.16 103.45
N HIS H 827 21.15 53.13 103.46
CA HIS H 827 20.77 51.88 104.11
C HIS H 827 20.49 52.09 105.60
N ALA H 828 21.39 52.81 106.27
CA ALA H 828 21.25 52.99 107.71
C ALA H 828 19.94 53.67 108.05
N VAL H 829 19.61 54.74 107.32
CA VAL H 829 18.33 55.41 107.54
C VAL H 829 17.19 54.44 107.23
N ASN H 830 17.30 53.72 106.12
CA ASN H 830 16.22 52.83 105.72
C ASN H 830 15.99 51.75 106.78
N ASP H 831 17.07 51.17 107.29
CA ASP H 831 16.93 50.17 108.34
C ASP H 831 16.33 50.78 109.59
N ALA H 832 16.77 51.98 109.96
CA ALA H 832 16.29 52.59 111.19
C ALA H 832 14.78 52.76 111.16
N PHE H 833 14.25 53.27 110.04
CA PHE H 833 12.81 53.44 109.94
C PHE H 833 12.08 52.10 109.99
N LYS H 834 12.59 51.12 109.27
CA LYS H 834 11.93 49.81 109.25
C LYS H 834 11.86 49.23 110.65
N THR H 835 12.97 49.29 111.39
CA THR H 835 12.97 48.80 112.76
C THR H 835 12.03 49.63 113.63
N ALA H 836 12.05 50.95 113.47
CA ALA H 836 11.25 51.82 114.33
C ALA H 836 9.77 51.51 114.19
N PHE H 837 9.28 51.48 112.97
CA PHE H 837 7.86 51.28 112.73
C PHE H 837 7.51 49.83 112.47
N ASP H 838 8.48 48.93 112.55
CA ASP H 838 8.23 47.50 112.33
C ASP H 838 7.59 47.26 110.97
N LEU H 839 8.25 47.75 109.93
CA LEU H 839 7.74 47.68 108.57
C LEU H 839 8.51 46.64 107.78
N ASP H 840 7.80 45.77 107.09
CA ASP H 840 8.40 44.83 106.17
C ASP H 840 8.31 45.36 104.75
N GLY H 841 9.04 44.73 103.85
CA GLY H 841 8.99 45.11 102.45
C GLY H 841 10.11 46.03 102.04
N ALA H 842 9.87 46.73 100.92
CA ALA H 842 10.93 47.47 100.26
C ALA H 842 11.20 48.81 100.94
N LEU H 843 10.18 49.66 101.05
CA LEU H 843 10.36 51.03 101.52
C LEU H 843 11.32 51.78 100.62
N LEU H 844 12.55 52.05 101.09
CA LEU H 844 13.49 52.87 100.35
C LEU H 844 14.60 52.08 99.68
N ASP H 845 14.45 50.77 99.56
CA ASP H 845 15.58 49.93 99.16
C ASP H 845 16.13 50.33 97.79
N GLY H 846 15.25 50.61 96.84
CA GLY H 846 15.71 50.85 95.48
C GLY H 846 16.68 52.01 95.38
N LEU H 847 16.45 53.06 96.16
CA LEU H 847 17.31 54.23 96.09
C LEU H 847 18.74 53.89 96.47
N ALA H 848 18.93 52.90 97.34
CA ALA H 848 20.28 52.54 97.75
C ALA H 848 20.91 51.52 96.81
N LEU H 849 20.15 50.53 96.37
CA LEU H 849 20.73 49.43 95.62
C LEU H 849 21.04 49.81 94.18
N TYR H 850 20.26 50.68 93.56
CA TYR H 850 20.44 51.02 92.16
C TYR H 850 20.54 52.53 92.01
N GLY H 851 21.26 52.96 91.00
CA GLY H 851 21.40 54.38 90.73
C GLY H 851 22.15 55.12 91.80
N ASP H 852 22.32 56.42 91.61
CA ASP H 852 23.06 57.23 92.57
C ASP H 852 22.17 57.55 93.77
N PRO H 853 22.56 57.18 94.98
CA PRO H 853 21.74 57.54 96.15
C PRO H 853 21.59 59.03 96.34
N ARG H 854 22.57 59.83 95.92
CA ARG H 854 22.40 61.28 95.97
C ARG H 854 21.23 61.68 95.09
N ILE H 855 20.17 62.20 95.71
CA ILE H 855 18.96 62.56 94.99
C ILE H 855 18.54 63.96 95.41
N ALA H 856 17.83 64.64 94.51
CA ALA H 856 17.37 66.00 94.77
C ALA H 856 15.85 66.10 94.83
N ASP H 857 15.16 65.71 93.77
CA ASP H 857 13.70 65.84 93.74
C ASP H 857 13.19 64.91 92.66
N LEU H 858 12.47 63.87 93.07
CA LEU H 858 12.11 62.81 92.14
C LEU H 858 11.12 63.31 91.08
N SER H 859 11.24 62.73 89.89
CA SER H 859 10.31 63.03 88.81
C SER H 859 10.33 61.87 87.83
N ALA H 860 9.23 61.68 87.13
CA ALA H 860 9.12 60.69 86.08
C ALA H 860 8.62 61.36 84.82
N ALA H 861 9.06 60.85 83.67
CA ALA H 861 8.66 61.43 82.40
C ALA H 861 8.58 60.33 81.36
N TYR H 862 7.74 60.56 80.35
CA TYR H 862 7.66 59.68 79.20
C TYR H 862 7.93 60.49 77.94
N LEU H 863 8.64 59.87 77.00
CA LEU H 863 9.10 60.55 75.80
C LEU H 863 8.23 60.14 74.62
N GLN H 864 7.79 61.12 73.84
CA GLN H 864 7.00 60.88 72.66
C GLN H 864 7.88 60.99 71.41
N TYR H 865 7.50 60.23 70.38
CA TYR H 865 8.29 60.21 69.16
C TYR H 865 8.38 61.59 68.53
N GLY H 866 7.39 62.44 68.76
CA GLY H 866 7.40 63.77 68.19
C GLY H 866 8.38 64.70 68.87
N GLY H 867 9.29 64.14 69.67
CA GLY H 867 10.27 64.94 70.37
C GLY H 867 9.62 65.80 71.44
N ASN H 868 9.03 65.16 72.45
CA ASN H 868 8.35 65.88 73.52
C ASN H 868 8.44 65.05 74.78
N VAL H 869 8.70 65.72 75.90
CA VAL H 869 8.85 65.07 77.19
C VAL H 869 7.79 65.61 78.14
N VAL H 870 7.10 64.70 78.82
CA VAL H 870 6.10 65.08 79.81
C VAL H 870 6.62 64.70 81.18
N ARG H 871 7.23 65.66 81.87
CA ARG H 871 7.84 65.38 83.16
C ARG H 871 6.87 65.73 84.29
N GLU H 872 6.74 64.81 85.23
CA GLU H 872 5.88 64.98 86.40
C GLU H 872 6.75 64.95 87.64
N HIS H 873 6.90 66.09 88.30
CA HIS H 873 7.65 66.14 89.54
C HIS H 873 6.77 65.71 90.71
N VAL H 874 7.40 65.15 91.73
CA VAL H 874 6.69 64.75 92.93
C VAL H 874 7.40 65.31 94.15
N PRO H 875 7.41 66.62 94.34
CA PRO H 875 7.99 67.18 95.55
C PRO H 875 7.21 66.71 96.76
N PRO H 876 7.89 66.28 97.82
CA PRO H 876 7.17 65.77 98.99
C PRO H 876 6.38 66.87 99.68
N GLY H 877 5.32 66.45 100.35
CA GLY H 877 4.47 67.38 101.06
C GLY H 877 5.12 67.85 102.34
N PRO H 878 4.36 68.50 103.21
CA PRO H 878 4.91 69.00 104.47
C PRO H 878 5.31 67.85 105.37
N SER H 879 6.61 67.76 105.66
CA SER H 879 7.10 66.76 106.59
C SER H 879 7.09 67.31 108.01
N HIS H 880 7.10 66.40 108.97
CA HIS H 880 7.18 66.77 110.37
C HIS H 880 8.43 66.25 111.05
N ILE H 881 8.78 64.99 110.83
CA ILE H 881 9.94 64.40 111.47
C ILE H 881 11.20 65.18 111.10
N HIS H 882 11.34 65.52 109.81
CA HIS H 882 12.46 66.31 109.38
C HIS H 882 12.54 67.62 110.15
N ARG H 883 11.38 68.27 110.33
CA ARG H 883 11.37 69.58 110.94
C ARG H 883 11.95 69.56 112.35
N THR H 884 11.55 68.57 113.16
CA THR H 884 12.11 68.48 114.50
C THR H 884 13.53 67.94 114.49
N LEU H 885 13.87 67.10 113.52
CA LEU H 885 15.23 66.59 113.44
C LEU H 885 16.21 67.74 113.27
N GLN H 886 15.85 68.73 112.45
CA GLN H 886 16.68 69.91 112.33
C GLN H 886 16.86 70.59 113.67
N GLN H 887 15.79 70.67 114.46
CA GLN H 887 15.91 71.25 115.78
C GLN H 887 16.91 70.48 116.63
N VAL H 888 16.88 69.15 116.55
CA VAL H 888 17.78 68.32 117.33
C VAL H 888 19.23 68.63 116.95
N GLU H 889 19.50 68.71 115.64
CA GLU H 889 20.87 69.00 115.21
C GLU H 889 21.29 70.38 115.69
N SER H 890 20.41 71.36 115.56
CA SER H 890 20.75 72.72 115.94
C SER H 890 21.13 72.80 117.42
N THR H 891 20.35 72.15 118.28
CA THR H 891 20.65 72.20 119.70
C THR H 891 21.85 71.35 120.06
N PHE H 892 22.19 70.35 119.25
CA PHE H 892 23.34 69.51 119.58
C PHE H 892 24.62 70.33 119.63
N MET H 893 24.81 71.22 118.66
CA MET H 893 26.04 71.99 118.59
C MET H 893 26.27 72.82 119.84
N ALA H 894 25.22 73.11 120.60
CA ALA H 894 25.35 73.84 121.84
C ALA H 894 25.48 72.93 123.06
N GLU H 895 25.07 71.66 122.94
CA GLU H 895 25.08 70.77 124.08
C GLU H 895 25.86 69.49 123.81
N MET H 896 26.85 69.55 122.92
CA MET H 896 27.58 68.34 122.54
C MET H 896 28.29 67.70 123.73
N ASN H 897 28.67 68.50 124.72
CA ASN H 897 29.34 67.93 125.89
C ASN H 897 28.48 66.90 126.57
N LEU H 898 27.16 67.06 126.52
CA LEU H 898 26.27 66.07 127.12
C LEU H 898 26.37 64.73 126.42
N PHE H 899 26.91 64.69 125.21
CA PHE H 899 27.09 63.45 124.47
C PHE H 899 28.55 63.01 124.45
N ASN H 900 29.33 63.41 125.46
CA ASN H 900 30.73 63.03 125.57
C ASN H 900 31.52 63.47 124.34
N VAL H 901 31.23 64.67 123.85
CA VAL H 901 31.93 65.25 122.71
C VAL H 901 32.44 66.63 123.10
N ALA H 902 33.69 66.90 122.79
CA ALA H 902 34.32 68.17 123.12
C ALA H 902 34.76 68.90 121.85
N ARG H 903 34.82 70.21 121.93
CA ARG H 903 35.21 71.05 120.82
C ARG H 903 36.56 71.72 121.12
N GLY H 904 37.22 72.16 120.06
CA GLY H 904 38.48 72.87 120.20
C GLY H 904 39.68 71.97 120.12
N ASN H 905 40.85 72.60 120.16
CA ASN H 905 42.12 71.90 120.01
C ASN H 905 42.51 71.26 121.33
N LEU H 906 43.73 70.75 121.40
CA LEU H 906 44.24 70.09 122.60
C LEU H 906 45.71 70.47 122.79
N TYR H 907 46.07 70.72 124.05
CA TYR H 907 47.44 71.03 124.42
C TYR H 907 48.07 69.84 125.10
N LEU H 908 49.40 69.81 125.08
CA LEU H 908 50.19 68.75 125.70
C LEU H 908 51.34 69.36 126.50
N VAL H 909 51.05 70.36 127.29
CA VAL H 909 52.07 71.00 128.10
C VAL H 909 52.30 70.17 129.35
N GLN H 910 53.56 69.93 129.68
CA GLN H 910 53.91 69.21 130.89
C GLN H 910 53.73 70.15 132.08
N THR H 911 52.81 69.80 132.96
CA THR H 911 52.51 70.60 134.14
C THR H 911 52.61 69.74 135.39
N ALA H 912 53.38 70.21 136.36
CA ALA H 912 53.59 69.47 137.59
C ALA H 912 53.12 70.28 138.79
N THR H 913 51.93 70.85 138.69
CA THR H 913 51.41 71.72 139.74
C THR H 913 51.08 70.91 140.99
N ASN H 914 50.52 71.60 141.97
CA ASN H 914 50.15 70.98 143.23
C ASN H 914 48.79 71.41 143.74
N GLY H 915 48.08 72.30 143.04
CA GLY H 915 46.80 72.79 143.50
C GLY H 915 45.64 72.38 142.64
N ASN H 916 44.69 73.29 142.42
CA ASN H 916 43.52 72.99 141.62
C ASN H 916 43.92 72.63 140.19
N TRP H 917 43.03 71.92 139.51
CA TRP H 917 43.28 71.51 138.14
C TRP H 917 41.93 71.24 137.48
N SER H 918 41.60 72.02 136.46
CA SER H 918 40.31 71.93 135.78
C SER H 918 40.54 71.88 134.28
N PRO H 919 40.98 70.73 133.77
CA PRO H 919 41.36 70.66 132.36
C PRO H 919 40.24 70.98 131.41
N MET H 920 39.00 70.65 131.76
CA MET H 920 37.87 70.88 130.87
C MET H 920 37.47 72.34 130.78
N ALA H 921 38.05 73.20 131.60
CA ALA H 921 37.77 74.63 131.52
C ALA H 921 38.94 75.40 132.10
N PRO H 922 40.09 75.40 131.42
CA PRO H 922 41.25 76.11 131.97
C PRO H 922 40.97 77.59 132.11
N VAL H 923 41.51 78.17 133.19
CA VAL H 923 41.29 79.58 133.47
C VAL H 923 42.49 80.38 133.03
N ALA H 924 43.68 79.78 133.10
CA ALA H 924 44.89 80.47 132.71
C ALA H 924 44.94 80.67 131.21
N ALA H 925 45.75 81.63 130.78
CA ALA H 925 45.86 81.97 129.37
C ALA H 925 46.46 80.79 128.60
N PRO H 926 46.14 80.70 127.31
CA PRO H 926 46.70 79.60 126.51
C PRO H 926 48.20 79.75 126.39
N PRO H 927 48.93 78.65 126.25
CA PRO H 927 50.39 78.77 126.10
C PRO H 927 50.80 79.52 124.85
N PHE H 928 50.13 79.27 123.74
CA PHE H 928 50.46 79.93 122.47
C PHE H 928 49.33 79.67 121.49
N VAL H 929 49.43 80.33 120.33
CA VAL H 929 48.44 80.22 119.27
C VAL H 929 49.17 79.91 117.97
N ARG H 930 48.41 79.46 116.97
CA ARG H 930 49.00 79.07 115.71
C ARG H 930 49.76 80.21 115.06
N GLY H 931 49.33 81.45 115.28
CA GLY H 931 50.00 82.60 114.72
C GLY H 931 51.02 83.25 115.63
N GLY H 932 51.28 82.69 116.80
CA GLY H 932 52.16 83.32 117.76
C GLY H 932 53.61 83.29 117.34
N PRO H 933 54.43 84.13 117.95
CA PRO H 933 55.86 84.14 117.63
C PRO H 933 56.53 82.83 118.01
N ASN H 934 57.52 82.44 117.22
CA ASN H 934 58.34 81.26 117.48
C ASN H 934 57.49 80.01 117.60
N VAL H 935 56.47 79.90 116.76
CA VAL H 935 55.57 78.75 116.76
C VAL H 935 55.72 78.05 115.43
N ARG H 936 56.39 76.90 115.43
CA ARG H 936 56.56 76.14 114.20
C ARG H 936 55.35 75.26 113.95
N VAL H 937 55.19 74.86 112.69
CA VAL H 937 54.13 73.96 112.27
C VAL H 937 54.76 72.81 111.51
N VAL H 938 54.42 71.58 111.91
CA VAL H 938 55.03 70.41 111.30
C VAL H 938 54.50 70.23 109.87
N GLY H 939 55.33 69.62 109.01
CA GLY H 939 54.98 69.44 107.63
C GLY H 939 53.96 68.33 107.42
N ARG H 940 53.66 68.11 106.14
CA ARG H 940 52.63 67.13 105.78
C ARG H 940 52.95 65.76 106.34
N PHE H 941 54.20 65.35 106.29
CA PHE H 941 54.66 64.12 106.89
C PHE H 941 55.42 64.45 108.17
N GLY H 942 55.26 63.61 109.18
CA GLY H 942 55.95 63.84 110.43
C GLY H 942 57.38 63.36 110.40
N THR H 943 58.06 63.58 109.28
CA THR H 943 59.40 63.05 109.11
C THR H 943 60.39 63.82 109.97
N ILE H 944 61.30 63.08 110.60
CA ILE H 944 62.39 63.67 111.36
C ILE H 944 63.69 63.44 110.61
N VAL H 945 64.71 64.19 110.97
CA VAL H 945 66.00 64.17 110.30
C VAL H 945 67.07 63.88 111.34
N PRO H 946 67.47 62.62 111.48
CA PRO H 946 68.67 62.32 112.29
C PRO H 946 69.90 62.90 111.62
N ARG H 947 70.88 63.27 112.44
CA ARG H 947 72.08 63.87 111.92
C ARG H 947 73.31 63.22 112.53
N PRO H 948 74.40 63.12 111.77
CA PRO H 948 75.55 62.34 112.23
C PRO H 948 76.31 63.04 113.35
N ASP H 949 77.03 62.22 114.12
CA ASP H 949 77.89 62.63 115.23
C ASP H 949 77.11 63.57 116.16
N GLY H 950 77.68 64.71 116.56
CA GLY H 950 77.23 65.36 117.79
C GLY H 950 75.81 65.87 117.75
N LEU H 951 75.44 66.59 116.69
CA LEU H 951 74.21 67.36 116.73
C LEU H 951 72.98 66.46 116.72
N GLU H 952 71.90 66.98 117.28
CA GLU H 952 70.69 66.21 117.58
C GLU H 952 69.74 66.23 116.40
N PRO H 953 68.75 65.33 116.39
CA PRO H 953 67.82 65.26 115.26
C PRO H 953 67.00 66.53 115.13
N GLN H 954 66.26 66.60 114.02
CA GLN H 954 65.45 67.76 113.70
C GLN H 954 64.13 67.32 113.07
N LEU H 955 63.15 68.20 113.13
CA LEU H 955 61.82 67.95 112.59
C LEU H 955 61.57 68.86 111.40
N ILE H 956 60.82 68.34 110.43
CA ILE H 956 60.58 69.04 109.18
C ILE H 956 59.49 70.08 109.39
N ASP H 957 59.85 71.35 109.31
CA ASP H 957 58.85 72.41 109.31
C ASP H 957 58.00 72.31 108.04
N ASP H 958 56.78 72.83 108.11
CA ASP H 958 55.89 72.76 106.96
C ASP H 958 56.43 73.49 105.74
N GLY H 959 57.49 74.28 105.90
CA GLY H 959 58.15 74.87 104.75
C GLY H 959 59.29 73.98 104.28
N ASN H 960 59.25 72.72 104.68
CA ASN H 960 60.27 71.74 104.32
C ASN H 960 61.65 72.17 104.80
N VAL H 961 61.71 72.74 105.99
CA VAL H 961 62.95 73.20 106.60
C VAL H 961 63.12 72.46 107.92
N PRO H 962 64.14 71.63 108.07
CA PRO H 962 64.35 70.95 109.35
C PRO H 962 64.58 71.96 110.46
N ARG H 963 63.99 71.70 111.62
CA ARG H 963 64.08 72.60 112.75
C ARG H 963 64.26 71.79 114.03
N ASP H 964 64.73 72.46 115.06
CA ASP H 964 64.98 71.80 116.33
C ASP H 964 63.67 71.45 117.03
N ILE H 965 63.72 70.36 117.80
CA ILE H 965 62.51 69.87 118.46
C ILE H 965 62.05 70.82 119.54
N ALA H 966 62.98 71.39 120.28
CA ALA H 966 62.62 72.22 121.42
C ALA H 966 61.81 73.43 120.97
N GLY H 967 60.90 73.87 121.84
CA GLY H 967 60.07 75.01 121.54
C GLY H 967 58.60 74.65 121.43
N ASP H 968 57.86 75.40 120.63
CA ASP H 968 56.43 75.18 120.44
C ASP H 968 56.17 74.62 119.05
N TRP H 969 55.09 73.85 118.94
CA TRP H 969 54.78 73.19 117.68
C TRP H 969 53.27 73.03 117.57
N VAL H 970 52.81 72.87 116.32
CA VAL H 970 51.39 72.69 116.03
C VAL H 970 51.24 71.43 115.20
N TYR H 971 50.47 70.48 115.72
CA TYR H 971 50.25 69.22 115.03
C TYR H 971 48.83 69.16 114.51
N PRO H 972 48.60 69.28 113.21
CA PRO H 972 47.30 68.92 112.66
C PRO H 972 47.02 67.46 112.95
N SER H 973 45.73 67.14 113.12
CA SER H 973 45.36 65.78 113.49
C SER H 973 45.90 64.77 112.48
N ASP H 974 45.80 65.09 111.19
CA ASP H 974 46.14 64.13 110.16
C ASP H 974 47.59 63.71 110.24
N VAL H 975 48.51 64.67 110.33
CA VAL H 975 49.92 64.34 110.36
C VAL H 975 50.25 63.54 111.61
N LEU H 976 49.56 63.80 112.71
CA LEU H 976 49.78 63.00 113.90
C LEU H 976 49.42 61.54 113.68
N GLN H 977 48.28 61.29 113.03
CA GLN H 977 47.81 59.92 112.87
C GLN H 977 48.73 59.08 112.00
N VAL H 978 49.61 59.71 111.21
CA VAL H 978 50.49 58.98 110.31
C VAL H 978 51.92 58.95 110.80
N SER H 979 52.20 59.54 111.96
CA SER H 979 53.57 59.59 112.46
C SER H 979 53.63 59.37 113.95
N VAL H 980 52.67 58.62 114.51
CA VAL H 980 52.61 58.46 115.94
C VAL H 980 53.87 57.79 116.47
N ALA H 981 54.38 56.79 115.74
CA ALA H 981 55.52 56.04 116.22
C ALA H 981 56.73 56.93 116.42
N VAL H 982 57.11 57.67 115.39
CA VAL H 982 58.27 58.54 115.51
C VAL H 982 58.00 59.64 116.51
N PHE H 983 56.76 60.13 116.56
CA PHE H 983 56.41 61.16 117.53
C PHE H 983 56.62 60.65 118.95
N CYS H 984 56.10 59.46 119.24
CA CYS H 984 56.26 58.90 120.58
C CYS H 984 57.72 58.66 120.93
N ASP H 985 58.57 58.48 119.93
CA ASP H 985 59.96 58.13 120.19
C ASP H 985 60.89 59.33 120.29
N TYR H 986 60.52 60.45 119.68
CA TYR H 986 61.45 61.56 119.62
C TYR H 986 60.86 62.86 120.13
N VAL H 987 59.56 63.04 119.97
CA VAL H 987 58.93 64.31 120.35
C VAL H 987 58.34 64.20 121.74
N TRP H 988 57.50 63.19 121.95
CA TRP H 988 56.86 63.00 123.24
C TRP H 988 57.84 63.01 124.40
N PRO H 989 58.99 62.34 124.35
CA PRO H 989 59.94 62.47 125.46
C PRO H 989 60.34 63.91 125.74
N MET H 990 60.68 64.67 124.70
CA MET H 990 61.03 66.07 124.89
C MET H 990 59.87 66.84 125.50
N VAL H 991 58.64 66.38 125.27
CA VAL H 991 57.49 66.99 125.92
C VAL H 991 57.45 66.63 127.39
N LYS H 992 57.75 65.37 127.72
CA LYS H 992 57.69 64.96 129.11
C LYS H 992 58.66 65.77 129.96
N ALA H 993 59.86 66.01 129.44
CA ALA H 993 60.72 67.00 130.06
C ALA H 993 60.20 68.39 129.72
N GLY H 994 60.47 69.34 130.61
CA GLY H 994 59.97 70.68 130.41
C GLY H 994 60.71 71.42 129.32
N ARG H 995 60.61 70.92 128.09
CA ARG H 995 61.32 71.54 126.98
C ARG H 995 60.51 71.71 125.71
N THR H 996 59.33 71.12 125.61
CA THR H 996 58.55 71.20 124.38
C THR H 996 57.06 71.26 124.71
N ARG H 997 56.33 72.09 123.97
CA ARG H 997 54.90 72.22 124.12
C ARG H 997 54.24 71.97 122.77
N VAL H 998 53.15 71.21 122.79
CA VAL H 998 52.52 70.73 121.57
C VAL H 998 51.05 71.13 121.57
N LEU H 999 50.60 71.65 120.43
CA LEU H 999 49.19 71.95 120.21
C LEU H 999 48.67 71.01 119.14
N VAL H 1000 47.65 70.21 119.48
CA VAL H 1000 47.06 69.26 118.56
C VAL H 1000 45.74 69.84 118.06
N GLU H 1001 45.61 69.98 116.75
CA GLU H 1001 44.43 70.58 116.16
C GLU H 1001 43.38 69.50 115.93
N LEU H 1002 42.30 69.57 116.68
CA LEU H 1002 41.16 68.68 116.52
C LEU H 1002 39.90 69.52 116.46
N GLY H 1003 39.07 69.27 115.46
CA GLY H 1003 37.81 69.97 115.38
C GLY H 1003 36.92 69.60 116.54
N HIS H 1004 36.51 68.33 116.59
CA HIS H 1004 35.74 67.80 117.70
C HIS H 1004 36.16 66.37 117.93
N TYR H 1005 35.94 65.88 119.14
CA TYR H 1005 36.43 64.55 119.47
C TYR H 1005 35.67 64.01 120.67
N VAL H 1006 35.80 62.70 120.86
CA VAL H 1006 35.21 62.01 122.00
C VAL H 1006 36.22 62.03 123.13
N TYR H 1007 35.77 62.41 124.32
CA TYR H 1007 36.66 62.53 125.47
C TYR H 1007 36.18 61.62 126.58
N THR H 1008 37.13 61.01 127.28
CA THR H 1008 36.87 60.35 128.54
C THR H 1008 37.78 60.94 129.60
N LEU H 1009 37.41 60.76 130.85
CA LEU H 1009 38.16 61.36 131.95
C LEU H 1009 38.20 60.40 133.13
N HIS H 1010 39.25 60.55 133.93
CA HIS H 1010 39.45 59.74 135.13
C HIS H 1010 39.50 60.64 136.34
N TYR H 1011 38.76 60.28 137.38
CA TYR H 1011 38.79 61.00 138.63
C TYR H 1011 39.78 60.34 139.58
N TYR H 1012 40.64 61.16 140.19
CA TYR H 1012 41.66 60.65 141.08
C TYR H 1012 41.54 61.32 142.44
N ASP H 1013 42.20 60.72 143.40
CA ASP H 1013 42.26 61.24 144.75
C ASP H 1013 43.34 62.31 144.85
N PRO H 1014 43.00 63.50 145.35
CA PRO H 1014 44.02 64.56 145.43
C PRO H 1014 45.18 64.26 146.36
N GLN H 1015 45.04 63.32 147.28
CA GLN H 1015 46.09 63.07 148.27
C GLN H 1015 47.03 61.95 147.85
N ILE H 1016 47.26 61.77 146.57
CA ILE H 1016 48.13 60.70 146.08
C ILE H 1016 49.02 61.25 144.98
N SER H 1017 50.32 61.31 145.23
CA SER H 1017 51.26 61.74 144.21
C SER H 1017 51.32 60.71 143.09
N LEU H 1018 51.35 61.19 141.85
CA LEU H 1018 51.30 60.31 140.71
C LEU H 1018 51.73 61.07 139.47
N ASP H 1019 52.28 60.34 138.51
CA ASP H 1019 52.59 60.87 137.19
C ASP H 1019 51.62 60.25 136.19
N GLU H 1020 51.00 61.09 135.37
CA GLU H 1020 49.94 60.65 134.47
C GLU H 1020 50.47 60.29 133.08
N ALA H 1021 51.79 60.30 132.90
CA ALA H 1021 52.36 59.96 131.61
C ALA H 1021 51.89 58.62 131.05
N PRO H 1022 51.80 57.54 131.82
CA PRO H 1022 51.38 56.26 131.21
C PRO H 1022 50.02 56.34 130.53
N ILE H 1023 49.10 57.12 131.08
CA ILE H 1023 47.78 57.23 130.46
C ILE H 1023 47.90 57.77 129.04
N LEU H 1024 48.66 58.86 128.88
CA LEU H 1024 48.83 59.42 127.54
C LEU H 1024 49.55 58.45 126.63
N GLU H 1025 50.58 57.78 127.14
CA GLU H 1025 51.33 56.85 126.31
C GLU H 1025 50.43 55.74 125.81
N GLU H 1026 49.56 55.21 126.67
CA GLU H 1026 48.60 54.23 126.21
C GLU H 1026 47.68 54.82 125.16
N TRP H 1027 47.24 56.06 125.37
CA TRP H 1027 46.39 56.70 124.38
C TRP H 1027 47.10 56.83 123.04
N LEU H 1028 48.38 57.21 123.08
CA LEU H 1028 49.14 57.27 121.84
C LEU H 1028 49.32 55.89 121.22
N SER H 1029 49.33 54.85 122.05
CA SER H 1029 49.63 53.52 121.56
C SER H 1029 48.58 52.96 120.63
N LYS H 1030 47.42 53.60 120.51
CA LYS H 1030 46.32 53.09 119.71
C LYS H 1030 45.87 54.11 118.69
N ILE H 1031 46.82 54.74 118.00
CA ILE H 1031 46.52 55.76 117.01
C ILE H 1031 47.10 55.33 115.67
N ASN H 1032 46.30 55.45 114.62
CA ASN H 1032 46.74 55.09 113.28
C ASN H 1032 45.91 55.91 112.28
N PRO H 1033 46.30 55.93 111.01
CA PRO H 1033 45.53 56.73 110.04
C PRO H 1033 44.07 56.37 109.95
N ALA H 1034 43.65 55.24 110.53
CA ALA H 1034 42.24 54.88 110.46
C ALA H 1034 41.42 55.65 111.49
N GLY H 1035 41.84 55.62 112.75
CA GLY H 1035 41.07 56.28 113.78
C GLY H 1035 41.87 56.42 115.05
N ILE H 1036 41.27 57.09 116.02
CA ILE H 1036 41.94 57.37 117.30
C ILE H 1036 40.99 57.02 118.43
N PRO H 1037 41.53 56.74 119.61
CA PRO H 1037 40.69 56.47 120.77
C PRO H 1037 40.30 57.76 121.46
N PRO H 1038 39.35 57.71 122.39
CA PRO H 1038 38.93 58.94 123.07
C PRO H 1038 40.06 59.59 123.83
N VAL H 1039 40.03 60.91 123.89
CA VAL H 1039 41.07 61.66 124.59
C VAL H 1039 40.86 61.52 126.09
N PRO H 1040 41.86 61.12 126.84
CA PRO H 1040 41.71 61.00 128.30
C PRO H 1040 42.01 62.30 129.02
N PHE H 1041 41.44 62.41 130.22
CA PHE H 1041 41.71 63.53 131.11
C PHE H 1041 41.71 63.02 132.54
N CYS H 1042 42.37 63.78 133.41
CA CYS H 1042 42.47 63.44 134.83
C CYS H 1042 41.94 64.60 135.65
N ILE H 1043 41.04 64.30 136.57
CA ILE H 1043 40.40 65.35 137.37
C ILE H 1043 40.43 64.96 138.84
N PRO H 1044 40.83 65.85 139.73
CA PRO H 1044 40.79 65.53 141.16
C PRO H 1044 39.37 65.43 141.66
N ILE H 1045 39.16 64.50 142.58
CA ILE H 1045 37.84 64.38 143.22
C ILE H 1045 37.67 65.50 144.25
N PRO H 1046 36.61 66.29 144.18
CA PRO H 1046 36.45 67.39 145.12
C PRO H 1046 36.30 66.89 146.55
N GLN H 1047 36.68 67.74 147.50
CA GLN H 1047 36.79 67.35 148.89
C GLN H 1047 35.92 68.22 149.77
N VAL H 1048 35.30 67.61 150.77
CA VAL H 1048 34.48 68.35 151.72
C VAL H 1048 35.33 69.02 152.78
N TYR H 1049 36.26 68.33 153.31
CA TYR H 1049 37.10 68.91 154.33
C TYR H 1049 38.44 69.35 153.74
N PRO H 1050 39.08 70.35 154.34
CA PRO H 1050 40.41 70.74 153.87
C PRO H 1050 41.38 69.61 154.05
N CYS H 1051 42.38 69.54 153.17
CA CYS H 1051 43.33 68.44 153.17
C CYS H 1051 44.63 68.92 152.58
N ILE H 1052 45.61 68.02 152.56
CA ILE H 1052 46.94 68.31 152.01
C ILE H 1052 47.03 67.61 150.66
N THR H 1053 47.23 68.39 149.61
CA THR H 1053 47.34 67.81 148.28
C THR H 1053 48.69 67.13 148.12
N ALA H 1054 48.86 66.45 146.99
CA ALA H 1054 50.08 65.74 146.67
C ALA H 1054 50.57 66.20 145.29
N ARG H 1055 51.88 66.16 145.10
CA ARG H 1055 52.44 66.57 143.83
C ARG H 1055 51.86 65.72 142.71
N ARG H 1056 51.38 66.38 141.66
CA ARG H 1056 50.71 65.69 140.57
C ARG H 1056 51.18 66.31 139.26
N VAL H 1057 51.36 65.47 138.24
CA VAL H 1057 51.84 65.89 136.94
C VAL H 1057 50.74 65.70 135.93
N HIS H 1058 50.32 66.80 135.30
CA HIS H 1058 49.31 66.76 134.25
C HIS H 1058 49.95 67.09 132.92
N TYR H 1059 49.33 66.59 131.86
CA TYR H 1059 49.86 66.82 130.52
C TYR H 1059 48.83 67.38 129.56
N ALA H 1060 47.58 66.97 129.65
CA ALA H 1060 46.58 67.29 128.65
C ALA H 1060 45.48 68.16 129.24
N PHE H 1061 45.01 69.11 128.44
CA PHE H 1061 43.89 69.96 128.80
C PHE H 1061 43.42 70.67 127.55
N THR H 1062 42.11 70.94 127.49
CA THR H 1062 41.50 71.49 126.29
C THR H 1062 41.83 72.98 126.18
N SER H 1063 41.17 73.66 125.23
CA SER H 1063 41.46 75.05 124.94
C SER H 1063 40.28 75.97 125.20
N GLU H 1064 39.12 75.45 125.60
CA GLU H 1064 37.98 76.29 125.95
C GLU H 1064 37.02 75.47 126.79
N ASN H 1065 35.94 76.13 127.23
CA ASN H 1065 34.99 75.49 128.13
C ASN H 1065 34.39 74.25 127.48
N ASN H 1066 34.45 73.14 128.20
CA ASN H 1066 33.87 71.91 127.69
C ASN H 1066 33.21 71.05 128.77
N ASN H 1067 32.80 71.64 129.88
CA ASN H 1067 32.22 70.86 130.98
C ASN H 1067 30.78 71.29 131.25
N ASP H 1068 30.01 71.49 130.20
CA ASP H 1068 28.59 71.80 130.38
C ASP H 1068 27.82 70.63 130.97
N SER H 1069 28.32 69.41 130.83
CA SER H 1069 27.62 68.25 131.34
C SER H 1069 27.73 68.09 132.85
N LEU H 1070 28.56 68.88 133.50
CA LEU H 1070 28.65 68.83 134.95
C LEU H 1070 27.40 69.43 135.57
N PHE H 1071 26.78 68.70 136.49
CA PHE H 1071 25.54 69.15 137.11
C PHE H 1071 25.76 69.77 138.47
N SER H 1072 26.35 69.02 139.40
CA SER H 1072 26.61 69.52 140.74
C SER H 1072 27.65 68.64 141.39
N THR H 1073 28.24 69.14 142.47
CA THR H 1073 29.30 68.43 143.16
C THR H 1073 29.11 68.57 144.67
N ASN H 1074 29.42 67.49 145.39
CA ASN H 1074 29.23 67.44 146.84
C ASN H 1074 27.83 67.88 147.23
N ALA H 1075 26.84 67.37 146.49
CA ALA H 1075 25.47 67.81 146.67
C ALA H 1075 24.99 67.58 148.10
N ALA H 1076 25.41 66.47 148.70
CA ALA H 1076 24.99 66.15 150.06
C ALA H 1076 25.65 67.05 151.10
N SER H 1077 26.60 67.88 150.72
CA SER H 1077 27.27 68.76 151.65
C SER H 1077 26.68 70.16 151.60
N ILE H 1078 27.02 70.95 152.62
CA ILE H 1078 26.69 72.37 152.59
C ILE H 1078 27.56 73.10 151.56
N ASP H 1079 28.84 72.76 151.50
CA ASP H 1079 29.78 73.46 150.63
C ASP H 1079 30.87 72.47 150.22
N THR H 1080 31.99 72.99 149.74
CA THR H 1080 33.15 72.15 149.45
C THR H 1080 34.41 72.93 149.82
N ALA H 1081 35.47 72.18 150.12
CA ALA H 1081 36.72 72.78 150.56
C ALA H 1081 37.78 72.82 149.46
N PHE H 1082 37.95 71.74 148.72
CA PHE H 1082 38.96 71.68 147.68
C PHE H 1082 38.37 71.02 146.45
N GLY H 1083 38.91 71.38 145.30
CA GLY H 1083 38.39 70.88 144.04
C GLY H 1083 37.41 71.85 143.42
N GLU H 1084 36.73 71.37 142.38
CA GLU H 1084 35.79 72.20 141.67
C GLU H 1084 34.48 72.30 142.42
N ASN H 1085 33.94 73.51 142.49
CA ASN H 1085 32.69 73.78 143.16
C ASN H 1085 31.63 74.17 142.14
N ALA H 1086 30.43 73.62 142.27
CA ALA H 1086 29.38 73.87 141.30
C ALA H 1086 28.04 73.61 141.97
N ALA H 1087 27.27 74.67 142.20
CA ALA H 1087 25.91 74.53 142.71
C ALA H 1087 24.96 74.25 141.56
N VAL H 1088 23.70 74.05 141.88
CA VAL H 1088 22.69 73.77 140.87
C VAL H 1088 22.31 75.07 140.17
N SER H 1089 22.39 75.07 138.85
CA SER H 1089 22.09 76.27 138.09
C SER H 1089 20.59 76.42 137.87
N PRO H 1090 20.02 77.58 138.15
CA PRO H 1090 18.60 77.80 137.83
C PRO H 1090 18.31 77.78 136.35
N LEU H 1091 19.32 77.98 135.50
CA LEU H 1091 19.07 78.19 134.08
C LEU H 1091 18.34 77.01 133.46
N ARG H 1092 18.62 75.80 133.91
CA ARG H 1092 17.93 74.63 133.38
C ARG H 1092 16.60 74.38 134.08
N TRP H 1093 16.23 75.24 135.03
CA TRP H 1093 14.95 75.06 135.71
C TRP H 1093 14.14 76.34 135.82
N PRO H 1094 14.02 77.16 134.75
CA PRO H 1094 13.23 78.37 134.90
C PRO H 1094 11.76 78.07 135.11
N GLY H 1095 11.24 77.02 134.49
CA GLY H 1095 9.85 76.67 134.67
C GLY H 1095 9.50 76.26 136.08
N LEU H 1096 10.51 75.97 136.90
CA LEU H 1096 10.27 75.57 138.27
C LEU H 1096 10.55 76.69 139.27
N VAL H 1097 11.42 77.64 138.94
CA VAL H 1097 11.81 78.66 139.90
C VAL H 1097 11.65 80.07 139.40
N ASP H 1098 11.56 80.31 138.10
CA ASP H 1098 11.49 81.69 137.61
C ASP H 1098 10.08 82.23 137.75
N PRO H 1099 9.87 83.32 138.49
CA PRO H 1099 8.54 83.92 138.54
C PRO H 1099 8.02 84.39 137.20
N ASN H 1100 8.92 84.72 136.26
CA ASN H 1100 8.52 85.26 134.98
C ASN H 1100 8.32 84.19 133.91
N TYR H 1101 8.41 82.92 134.29
CA TYR H 1101 8.27 81.85 133.31
C TYR H 1101 6.92 81.92 132.61
N ARG H 1102 6.94 81.68 131.30
CA ARG H 1102 5.73 81.61 130.50
C ARG H 1102 5.49 80.16 130.10
N VAL H 1103 4.23 79.74 130.17
CA VAL H 1103 3.90 78.35 129.90
C VAL H 1103 4.26 78.00 128.47
N GLY H 1104 5.01 76.90 128.30
CA GLY H 1104 5.33 76.38 127.00
C GLY H 1104 6.60 76.94 126.38
N THR H 1105 7.15 78.01 126.92
CA THR H 1105 8.33 78.62 126.34
C THR H 1105 9.59 77.85 126.71
N ASN H 1106 10.63 78.04 125.91
CA ASN H 1106 11.93 77.44 126.18
C ASN H 1106 12.96 78.15 125.32
N ASP H 1107 14.24 77.90 125.64
CA ASP H 1107 15.37 78.41 124.88
C ASP H 1107 16.04 77.25 124.13
N LEU H 1108 15.20 76.38 123.57
CA LEU H 1108 15.66 75.10 123.05
C LEU H 1108 16.86 75.17 122.11
N PRO H 1109 16.96 76.11 121.17
CA PRO H 1109 18.14 76.09 120.28
C PRO H 1109 19.44 76.22 121.02
N ASN H 1110 19.46 76.84 122.20
CA ASN H 1110 20.70 77.08 122.93
C ASN H 1110 20.88 76.14 124.11
N ARG H 1111 19.86 75.99 124.95
CA ARG H 1111 19.99 75.24 126.19
C ARG H 1111 18.75 74.40 126.41
N ILE H 1112 18.94 73.28 127.11
CA ILE H 1112 17.86 72.35 127.41
C ILE H 1112 17.40 72.60 128.83
N THR H 1113 16.12 72.90 129.00
CA THR H 1113 15.52 72.92 130.32
C THR H 1113 15.01 71.53 130.66
N LEU H 1114 14.87 71.26 131.96
CA LEU H 1114 14.53 69.94 132.43
C LEU H 1114 13.14 69.84 133.04
N TYR H 1115 12.50 70.96 133.32
CA TYR H 1115 11.18 70.97 133.95
C TYR H 1115 10.30 71.92 133.18
N ASN H 1116 9.24 71.39 132.56
CA ASN H 1116 8.46 72.18 131.62
C ASN H 1116 7.00 71.78 131.70
N SER H 1117 6.16 72.57 131.04
CA SER H 1117 4.75 72.24 130.86
C SER H 1117 4.57 71.37 129.62
N LEU H 1118 3.52 70.56 129.64
CA LEU H 1118 3.22 69.70 128.50
C LEU H 1118 1.76 69.31 128.56
N TYR H 1119 1.32 68.56 127.56
CA TYR H 1119 -0.06 68.11 127.46
C TYR H 1119 -0.12 66.59 127.43
N ARG H 1120 -1.07 66.05 128.18
CA ARG H 1120 -1.39 64.63 128.16
C ARG H 1120 -2.69 64.43 127.40
N TYR H 1121 -2.74 63.37 126.60
CA TYR H 1121 -3.88 63.11 125.75
C TYR H 1121 -4.46 61.73 126.03
N ASN H 1122 -5.77 61.60 125.85
CA ASN H 1122 -6.47 60.33 125.91
C ASN H 1122 -7.32 60.22 124.66
N PHE H 1123 -6.71 59.74 123.58
CA PHE H 1123 -7.44 59.61 122.33
C PHE H 1123 -8.26 58.33 122.33
N THR H 1124 -9.23 58.29 121.42
CA THR H 1124 -10.06 57.12 121.22
C THR H 1124 -9.93 56.68 119.76
N TYR H 1125 -10.09 55.37 119.55
CA TYR H 1125 -9.86 54.76 118.25
C TYR H 1125 -11.08 53.95 117.88
N PRO H 1126 -12.09 54.59 117.29
CA PRO H 1126 -13.36 53.91 117.06
C PRO H 1126 -13.24 52.80 116.03
N THR H 1127 -14.13 51.83 116.14
CA THR H 1127 -14.31 50.80 115.14
C THR H 1127 -15.67 50.98 114.48
N LEU H 1128 -15.76 50.66 113.20
CA LEU H 1128 -16.92 50.97 112.40
C LEU H 1128 -17.70 49.69 112.07
N ASP H 1129 -18.99 49.72 112.34
CA ASP H 1129 -19.92 48.69 111.91
C ASP H 1129 -20.97 49.36 111.03
N GLY H 1130 -21.12 48.86 109.80
CA GLY H 1130 -21.95 49.52 108.83
C GLY H 1130 -22.98 48.59 108.23
N ILE H 1131 -24.01 49.19 107.66
CA ILE H 1131 -25.07 48.48 106.96
C ILE H 1131 -25.21 49.09 105.58
N MET H 1132 -25.16 48.25 104.55
CA MET H 1132 -25.21 48.72 103.18
C MET H 1132 -26.47 48.21 102.49
N TYR H 1133 -27.05 49.04 101.65
CA TYR H 1133 -28.25 48.72 100.90
C TYR H 1133 -27.93 48.64 99.41
N VAL H 1134 -28.75 47.90 98.69
CA VAL H 1134 -28.55 47.66 97.27
C VAL H 1134 -29.60 48.43 96.48
N ARG H 1135 -29.19 48.95 95.34
CA ARG H 1135 -30.11 49.69 94.48
C ARG H 1135 -31.21 48.77 93.96
N SER H 1136 -32.40 49.33 93.81
CA SER H 1136 -33.53 48.54 93.36
C SER H 1136 -33.32 48.10 91.90
N ALA H 1137 -34.08 47.07 91.52
CA ALA H 1137 -33.96 46.54 90.16
C ALA H 1137 -34.34 47.59 89.12
N THR H 1138 -35.45 48.29 89.35
CA THR H 1138 -35.86 49.36 88.46
C THR H 1138 -35.04 50.60 88.73
N SER I 40 -10.19 -11.61 70.20
CA SER I 40 -10.90 -11.74 68.94
C SER I 40 -9.98 -11.44 67.77
N TYR I 41 -10.50 -10.73 66.76
CA TYR I 41 -9.68 -10.34 65.63
C TYR I 41 -8.61 -9.33 66.06
N VAL I 42 -7.48 -9.35 65.35
CA VAL I 42 -6.34 -8.53 65.73
C VAL I 42 -5.55 -8.15 64.48
N CYS I 43 -4.85 -7.03 64.56
CA CYS I 43 -3.97 -6.57 63.48
C CYS I 43 -2.53 -6.87 63.83
N ASN I 44 -1.80 -7.47 62.88
CA ASN I 44 -0.44 -7.92 63.16
C ASN I 44 0.54 -6.76 63.32
N VAL I 45 0.18 -5.57 62.86
CA VAL I 45 1.12 -4.46 62.89
C VAL I 45 1.08 -3.71 64.22
N CYS I 46 -0.10 -3.53 64.80
CA CYS I 46 -0.22 -2.75 66.02
C CYS I 46 -0.93 -3.47 67.15
N ASN I 47 -1.32 -4.73 66.95
CA ASN I 47 -1.97 -5.54 67.98
C ASN I 47 -3.31 -4.98 68.42
N ALA I 48 -3.89 -4.08 67.63
CA ALA I 48 -5.23 -3.62 67.91
C ALA I 48 -6.22 -4.75 67.72
N ARG I 49 -7.16 -4.86 68.65
CA ARG I 49 -8.11 -5.98 68.68
C ARG I 49 -9.52 -5.48 68.46
N PHE I 50 -10.32 -6.26 67.73
CA PHE I 50 -11.61 -5.80 67.25
C PHE I 50 -12.67 -6.87 67.48
N SER I 51 -13.85 -6.43 67.91
CA SER I 51 -14.97 -7.34 68.14
C SER I 51 -15.59 -7.80 66.83
N THR I 52 -15.72 -6.91 65.85
CA THR I 52 -16.37 -7.21 64.58
C THR I 52 -15.36 -7.09 63.45
N MET I 53 -15.57 -7.87 62.39
CA MET I 53 -14.63 -7.87 61.28
C MET I 53 -14.69 -6.57 60.49
N SER I 54 -15.86 -5.95 60.41
CA SER I 54 -15.96 -4.69 59.67
C SER I 54 -15.06 -3.63 60.28
N ALA I 55 -15.02 -3.55 61.61
CA ALA I 55 -14.10 -2.63 62.26
C ALA I 55 -12.65 -2.97 61.94
N LEU I 56 -12.32 -4.26 61.90
CA LEU I 56 -10.98 -4.67 61.54
C LEU I 56 -10.63 -4.20 60.13
N SER I 57 -11.55 -4.36 59.19
CA SER I 57 -11.28 -3.99 57.81
C SER I 57 -11.01 -2.50 57.67
N GLU I 58 -11.91 -1.67 58.22
CA GLU I 58 -11.75 -0.23 58.08
C GLU I 58 -10.47 0.26 58.76
N HIS I 59 -10.15 -0.32 59.92
CA HIS I 59 -8.90 0.05 60.57
C HIS I 59 -7.71 -0.39 59.75
N LEU I 60 -7.73 -1.64 59.29
CA LEU I 60 -6.59 -2.19 58.57
C LEU I 60 -6.30 -1.39 57.31
N ARG I 61 -7.34 -0.96 56.60
CA ARG I 61 -7.14 -0.24 55.35
C ARG I 61 -6.68 1.19 55.58
N SER I 62 -7.03 1.80 56.71
CA SER I 62 -6.81 3.22 56.90
C SER I 62 -5.71 3.55 57.89
N ASP I 63 -5.39 2.65 58.83
CA ASP I 63 -4.46 2.95 59.91
C ASP I 63 -3.06 2.42 59.68
N HIS I 64 -2.82 1.69 58.60
CA HIS I 64 -1.50 1.12 58.33
C HIS I 64 -1.13 1.38 56.89
N ARG I 65 -0.09 2.18 56.69
CA ARG I 65 0.38 2.55 55.35
C ARG I 65 1.90 2.55 55.30
N SER I 99 20.12 15.42 52.56
CA SER I 99 19.87 15.71 53.96
C SER I 99 19.83 17.22 54.21
N SER I 100 18.68 17.72 54.66
CA SER I 100 18.55 19.13 54.97
C SER I 100 19.51 19.55 56.08
N LYS I 101 19.59 18.74 57.14
CA LYS I 101 20.46 19.06 58.26
C LYS I 101 21.93 18.89 57.92
N HIS I 102 22.26 18.27 56.79
CA HIS I 102 23.65 18.11 56.42
C HIS I 102 24.36 19.45 56.34
N LEU I 103 23.66 20.48 55.86
CA LEU I 103 24.26 21.80 55.78
C LEU I 103 24.68 22.30 57.15
N SER I 104 23.77 22.23 58.11
CA SER I 104 24.12 22.63 59.47
C SER I 104 25.28 21.79 59.99
N ALA I 105 25.26 20.49 59.70
CA ALA I 105 26.39 19.64 60.05
C ALA I 105 27.67 20.12 59.39
N TYR I 106 27.57 20.71 58.20
CA TYR I 106 28.76 21.28 57.57
C TYR I 106 29.16 22.58 58.25
N LEU I 107 28.20 23.44 58.56
CA LEU I 107 28.52 24.75 59.10
C LEU I 107 29.23 24.63 60.44
N ASP I 108 28.62 23.89 61.38
CA ASP I 108 29.22 23.76 62.71
C ASP I 108 30.51 22.96 62.70
N SER I 109 30.79 22.23 61.63
CA SER I 109 32.01 21.44 61.55
C SER I 109 33.16 22.16 60.87
N ALA I 110 32.87 23.05 59.93
CA ALA I 110 33.92 23.72 59.17
C ALA I 110 34.54 24.89 59.92
N VAL I 111 33.94 25.32 61.04
CA VAL I 111 34.47 26.46 61.76
C VAL I 111 35.85 26.14 62.31
N ALA I 112 36.79 27.06 62.12
CA ALA I 112 38.15 26.88 62.59
C ALA I 112 38.30 27.46 63.99
N ASN I 113 39.53 27.40 64.51
CA ASN I 113 39.78 27.90 65.86
C ASN I 113 39.56 29.42 65.94
N GLY I 114 40.08 30.16 64.97
CA GLY I 114 40.01 31.60 65.00
C GLY I 114 41.02 32.18 65.97
N PRO I 115 41.61 33.31 65.62
CA PRO I 115 42.61 33.93 66.48
C PRO I 115 42.00 34.42 67.77
N GLU I 116 42.83 34.47 68.81
CA GLU I 116 42.41 34.93 70.13
C GLU I 116 42.70 36.43 70.23
N LEU I 117 41.68 37.25 70.05
CA LEU I 117 41.86 38.69 70.06
C LEU I 117 41.69 39.28 71.45
N ILE I 118 40.57 38.99 72.10
CA ILE I 118 40.25 39.64 73.37
C ILE I 118 41.16 39.09 74.46
N VAL I 119 42.03 39.94 74.99
CA VAL I 119 42.88 39.61 76.12
C VAL I 119 42.84 40.81 77.06
N GLU I 120 42.23 40.65 78.22
CA GLU I 120 42.00 41.75 79.15
C GLU I 120 42.90 41.59 80.36
N ASP I 121 43.59 42.66 80.72
CA ASP I 121 44.48 42.68 81.87
C ASP I 121 44.02 43.77 82.83
N THR I 122 43.73 43.37 84.07
CA THR I 122 43.32 44.30 85.10
C THR I 122 44.46 44.70 86.02
N GLY I 123 45.67 44.24 85.75
CA GLY I 123 46.80 44.58 86.60
C GLY I 123 47.32 45.98 86.34
N LEU I 124 48.63 46.14 86.37
CA LEU I 124 49.27 47.42 86.10
C LEU I 124 49.90 47.42 84.73
N CYS I 125 49.66 48.48 83.97
CA CYS I 125 50.18 48.61 82.61
C CYS I 125 51.63 49.07 82.71
N THR I 126 52.52 48.11 82.95
CA THR I 126 53.94 48.41 83.02
C THR I 126 54.72 47.19 82.54
N SER I 127 55.97 47.44 82.15
CA SER I 127 56.85 46.39 81.68
C SER I 127 58.23 46.44 82.30
N PHE I 128 58.61 47.52 82.97
CA PHE I 128 59.89 47.65 83.62
C PHE I 128 59.71 47.60 85.12
N MET I 129 60.59 46.87 85.80
CA MET I 129 60.47 46.63 87.22
C MET I 129 61.65 47.26 87.94
N LEU I 130 61.36 47.98 89.02
CA LEU I 130 62.41 48.51 89.90
C LEU I 130 62.89 47.37 90.77
N LEU I 131 64.15 46.98 90.61
CA LEU I 131 64.69 45.80 91.25
C LEU I 131 65.78 46.18 92.23
N ASP I 132 65.72 45.59 93.43
CA ASP I 132 66.77 45.78 94.42
C ASP I 132 67.88 44.77 94.12
N ASN I 133 68.99 45.26 93.57
CA ASN I 133 70.05 44.36 93.14
C ASN I 133 70.93 43.96 94.32
N ILE I 134 71.56 44.93 94.97
CA ILE I 134 72.44 44.68 96.09
C ILE I 134 71.74 45.17 97.36
N PRO I 135 71.37 44.28 98.28
CA PRO I 135 70.67 44.71 99.48
C PRO I 135 71.58 45.48 100.40
N SER I 136 70.97 46.31 101.24
CA SER I 136 71.71 47.05 102.25
C SER I 136 72.07 46.12 103.40
N ALA I 137 72.81 46.65 104.37
CA ALA I 137 73.31 45.87 105.49
C ALA I 137 72.56 46.23 106.77
N HIS I 138 72.19 45.20 107.53
CA HIS I 138 71.48 45.39 108.80
C HIS I 138 72.51 45.55 109.90
N LEU I 139 72.92 46.80 110.13
CA LEU I 139 73.88 47.08 111.18
C LEU I 139 73.18 47.17 112.52
N THR I 140 73.79 46.58 113.54
CA THR I 140 73.21 46.56 114.87
C THR I 140 74.18 46.86 115.99
N LYS I 141 75.47 47.05 115.71
CA LYS I 141 76.44 47.39 116.73
C LYS I 141 77.01 48.79 116.57
N GLU I 142 77.54 49.11 115.39
CA GLU I 142 78.04 50.44 115.09
C GLU I 142 77.27 50.98 113.90
N LEU I 143 77.24 52.31 113.80
CA LEU I 143 76.54 53.01 112.71
C LEU I 143 75.04 52.79 112.81
N ILE I 144 74.53 52.75 114.04
CA ILE I 144 73.10 52.55 114.25
C ILE I 144 72.37 53.84 113.89
N GLY I 145 71.32 53.70 113.08
CA GLY I 145 70.53 54.83 112.65
C GLY I 145 70.80 55.30 111.24
N PHE I 146 71.89 54.85 110.63
CA PHE I 146 72.17 55.26 109.26
C PHE I 146 71.20 54.63 108.26
N THR I 147 70.55 53.55 108.62
CA THR I 147 69.68 52.81 107.71
C THR I 147 68.34 52.55 108.38
N TRP I 148 67.27 52.66 107.60
CA TRP I 148 65.93 52.44 108.11
C TRP I 148 65.13 51.64 107.09
N PHE I 149 64.40 50.65 107.57
CA PHE I 149 63.55 49.82 106.73
C PHE I 149 62.09 50.06 107.08
N MET I 150 61.25 50.14 106.04
CA MET I 150 59.82 50.23 106.28
C MET I 150 59.28 48.99 106.98
N GLN I 151 60.03 47.89 106.94
CA GLN I 151 59.55 46.66 107.56
C GLN I 151 59.37 46.83 109.06
N MET I 152 60.27 47.56 109.70
CA MET I 152 60.13 47.77 111.15
C MET I 152 58.82 48.46 111.49
N TYR I 153 58.26 49.20 110.55
CA TYR I 153 56.94 49.76 110.68
C TYR I 153 55.86 48.90 110.05
N GLN I 154 56.24 47.72 109.54
CA GLN I 154 55.31 46.80 108.88
C GLN I 154 54.63 47.48 107.69
N MET I 155 55.46 47.84 106.73
CA MET I 155 54.99 48.48 105.50
C MET I 155 55.78 47.94 104.32
N THR I 156 55.12 47.90 103.17
CA THR I 156 55.79 47.54 101.93
C THR I 156 56.26 48.82 101.26
N PRO I 157 57.57 49.04 101.13
CA PRO I 157 58.05 50.29 100.55
C PRO I 157 57.59 50.43 99.11
N PRO I 158 57.20 51.63 98.69
CA PRO I 158 56.80 51.81 97.29
C PRO I 158 57.97 51.76 96.33
N LEU I 159 59.19 51.94 96.82
CA LEU I 159 60.39 51.91 95.99
C LEU I 159 61.37 50.92 96.58
N PRO I 160 62.22 50.32 95.74
CA PRO I 160 63.22 49.39 96.28
C PRO I 160 64.17 50.10 97.22
N GLU I 161 64.61 49.37 98.23
CA GLU I 161 65.51 49.91 99.25
C GLU I 161 66.71 48.98 99.34
N GLY I 162 67.83 49.39 98.77
CA GLY I 162 69.03 48.58 98.79
C GLY I 162 70.23 49.45 98.49
N ALA I 163 71.40 48.81 98.50
CA ALA I 163 72.62 49.54 98.20
C ALA I 163 72.57 50.14 96.81
N VAL I 164 72.15 49.35 95.83
CA VAL I 164 71.97 49.81 94.47
C VAL I 164 70.66 49.25 93.94
N ASN I 165 70.00 50.01 93.08
CA ASN I 165 68.74 49.59 92.49
C ASN I 165 68.77 49.87 91.00
N ARG I 166 68.22 48.95 90.21
CA ARG I 166 68.29 49.03 88.77
C ARG I 166 66.89 48.95 88.18
N ILE I 167 66.78 49.33 86.91
CA ILE I 167 65.57 49.17 86.12
C ILE I 167 65.82 48.06 85.12
N VAL I 168 64.94 47.06 85.11
CA VAL I 168 65.07 45.93 84.20
C VAL I 168 63.74 45.70 83.52
N CYS I 169 63.80 45.01 82.38
CA CYS I 169 62.64 44.72 81.57
C CYS I 169 62.08 43.36 81.95
N MET I 170 60.85 43.33 82.45
CA MET I 170 60.16 42.10 82.80
C MET I 170 58.70 42.27 82.38
N THR I 171 58.37 41.79 81.19
CA THR I 171 57.05 41.99 80.63
C THR I 171 55.99 41.36 81.53
N ASN I 172 54.92 42.11 81.76
CA ASN I 172 53.75 41.62 82.48
C ASN I 172 54.10 41.11 83.87
N TRP I 173 55.06 41.77 84.52
CA TRP I 173 55.42 41.38 85.87
C TRP I 173 54.29 41.72 86.85
N ALA I 174 53.74 42.91 86.73
CA ALA I 174 52.60 43.32 87.57
C ALA I 174 51.29 43.12 86.80
N SER I 175 51.04 41.89 86.38
CA SER I 175 49.86 41.56 85.62
C SER I 175 48.84 40.84 86.49
N LEU I 176 47.56 41.13 86.25
CA LEU I 176 46.48 40.49 86.98
C LEU I 176 45.33 40.10 86.07
N GLY I 177 45.63 39.78 84.81
CA GLY I 177 44.59 39.43 83.86
C GLY I 177 44.29 37.95 83.84
N ASP I 178 44.52 37.31 82.70
CA ASP I 178 44.23 35.89 82.55
C ASP I 178 45.15 35.29 81.49
N GLU I 179 46.11 34.49 81.93
CA GLU I 179 46.85 33.57 81.06
C GLU I 179 47.83 34.29 80.13
N GLY I 180 47.75 35.62 80.07
CA GLY I 180 48.62 36.37 79.18
C GLY I 180 48.58 35.87 77.75
N ARG I 181 49.66 36.10 77.01
CA ARG I 181 49.75 35.63 75.62
C ARG I 181 50.42 34.28 75.53
N GLY I 182 51.59 34.13 76.14
CA GLY I 182 52.31 32.87 76.10
C GLY I 182 53.78 33.03 75.83
N LEU I 183 54.23 34.26 75.62
CA LEU I 183 55.63 34.55 75.39
C LEU I 183 56.00 35.82 76.12
N GLU I 184 57.10 35.78 76.88
CA GLU I 184 57.49 36.89 77.72
C GLU I 184 58.94 37.25 77.45
N VAL I 185 59.37 38.37 78.02
CA VAL I 185 60.74 38.84 77.93
C VAL I 185 61.15 39.24 79.33
N ARG I 186 61.84 38.34 80.03
CA ARG I 186 62.31 38.59 81.38
C ARG I 186 63.82 38.64 81.36
N LEU I 187 64.40 39.72 81.84
CA LEU I 187 65.84 39.87 81.87
C LEU I 187 66.34 39.82 83.29
N PRO I 188 67.40 39.08 83.56
CA PRO I 188 67.98 39.08 84.89
C PRO I 188 68.68 40.40 85.15
N PRO I 189 68.96 40.73 86.40
CA PRO I 189 69.69 41.96 86.70
C PRO I 189 71.06 41.96 86.05
N PRO I 190 71.68 43.11 85.88
CA PRO I 190 72.93 43.18 85.13
C PRO I 190 74.08 42.45 85.79
N THR I 191 73.82 41.77 86.90
CA THR I 191 74.84 40.98 87.58
C THR I 191 74.84 39.52 87.13
N ASP I 192 74.15 39.20 86.04
CA ASP I 192 74.04 37.83 85.57
C ASP I 192 74.38 37.78 84.09
N SER I 193 74.24 36.58 83.52
CA SER I 193 74.59 36.36 82.12
C SER I 193 73.75 37.22 81.20
N SER I 194 72.43 37.01 81.22
CA SER I 194 71.46 37.74 80.40
C SER I 194 71.68 37.52 78.91
N VAL I 195 72.46 36.52 78.53
CA VAL I 195 72.70 36.28 77.11
C VAL I 195 71.68 35.33 76.50
N HIS I 196 70.97 34.57 77.32
CA HIS I 196 69.99 33.63 76.79
C HIS I 196 68.88 34.35 76.04
N ALA I 197 68.66 35.64 76.32
CA ALA I 197 67.59 36.37 75.66
C ALA I 197 67.97 36.85 74.27
N TYR I 198 69.23 36.69 73.85
CA TYR I 198 69.66 37.13 72.54
C TYR I 198 70.14 35.98 71.68
N LYS I 199 69.71 34.76 71.99
CA LYS I 199 70.03 33.59 71.19
C LYS I 199 68.81 33.08 70.42
N THR I 200 67.96 34.00 69.99
CA THR I 200 66.74 33.62 69.30
C THR I 200 67.04 32.94 67.97
N VAL I 201 68.17 33.27 67.35
CA VAL I 201 68.47 32.79 66.01
C VAL I 201 69.97 32.84 65.80
N LEU I 202 70.46 32.03 64.85
CA LEU I 202 71.84 32.04 64.40
C LEU I 202 72.82 31.68 65.51
N SER I 203 72.34 31.08 66.60
CA SER I 203 73.23 30.77 67.71
C SER I 203 72.92 29.43 68.36
N ARG I 204 72.09 28.59 67.74
CA ARG I 204 71.68 27.35 68.38
C ARG I 204 72.86 26.43 68.65
N GLY I 205 73.53 25.98 67.60
CA GLY I 205 74.65 25.08 67.77
C GLY I 205 75.94 25.67 67.25
N TYR I 206 76.01 26.99 67.19
CA TYR I 206 77.17 27.66 66.63
C TYR I 206 78.07 28.32 67.67
N ILE I 207 77.55 28.68 68.83
CA ILE I 207 78.33 29.32 69.87
C ILE I 207 78.09 28.61 71.19
N ASP I 208 79.00 28.86 72.13
CA ASP I 208 78.90 28.26 73.44
C ASP I 208 77.73 28.86 74.23
N ASN I 209 77.28 28.11 75.24
CA ASN I 209 76.18 28.56 76.06
C ASN I 209 76.48 29.86 76.80
N ALA I 210 77.76 30.19 76.97
CA ALA I 210 78.12 31.40 77.69
C ALA I 210 78.42 32.59 76.79
N GLN I 211 78.49 32.39 75.48
CA GLN I 211 78.81 33.46 74.57
C GLN I 211 77.55 34.09 73.99
N PHE I 212 77.74 35.14 73.19
CA PHE I 212 76.69 35.65 72.33
C PHE I 212 77.32 36.00 71.00
N ASN I 213 76.52 35.96 69.95
CA ASN I 213 77.02 36.20 68.60
C ASN I 213 77.05 37.69 68.32
N PRO I 214 78.23 38.31 68.33
CA PRO I 214 78.29 39.76 68.04
C PRO I 214 77.97 40.09 66.60
N LEU I 215 78.07 39.13 65.69
CA LEU I 215 77.85 39.41 64.28
C LEU I 215 76.40 39.27 63.86
N ALA I 216 75.54 38.76 64.74
CA ALA I 216 74.12 38.62 64.45
C ALA I 216 73.28 39.39 65.46
N LEU I 217 73.87 40.42 66.06
CA LEU I 217 73.22 41.10 67.16
C LEU I 217 71.94 41.77 66.72
N ARG I 218 71.95 42.40 65.54
CA ARG I 218 70.80 43.17 65.10
C ARG I 218 69.57 42.29 64.98
N SER I 219 69.74 41.11 64.38
CA SER I 219 68.61 40.21 64.20
C SER I 219 68.04 39.78 65.55
N ASN I 220 68.89 39.35 66.46
CA ASN I 220 68.42 38.86 67.75
C ASN I 220 67.71 39.96 68.52
N VAL I 221 68.29 41.17 68.53
CA VAL I 221 67.64 42.29 69.20
C VAL I 221 66.28 42.54 68.58
N LEU I 222 66.22 42.54 67.25
CA LEU I 222 64.96 42.81 66.57
C LEU I 222 63.90 41.79 66.97
N LEU I 223 64.27 40.51 66.98
CA LEU I 223 63.30 39.50 67.37
C LEU I 223 62.87 39.67 68.81
N MET I 224 63.81 40.01 69.69
CA MET I 224 63.47 40.19 71.10
C MET I 224 62.44 41.30 71.26
N LEU I 225 62.64 42.42 70.58
CA LEU I 225 61.67 43.50 70.65
C LEU I 225 60.33 43.06 70.09
N LEU I 226 60.34 42.29 69.01
CA LEU I 226 59.09 41.81 68.44
C LEU I 226 58.32 40.97 69.45
N GLN I 227 59.02 40.09 70.16
CA GLN I 227 58.38 39.34 71.22
C GLN I 227 57.86 40.28 72.30
N PHE I 228 58.64 41.31 72.62
CA PHE I 228 58.19 42.30 73.58
C PHE I 228 56.87 42.91 73.15
N THR I 229 56.78 43.31 71.88
CA THR I 229 55.58 43.96 71.40
C THR I 229 54.38 43.02 71.45
N LEU I 230 54.56 41.80 70.96
CA LEU I 230 53.47 40.84 70.96
C LEU I 230 53.01 40.55 72.39
N SER I 231 53.95 40.48 73.33
CA SER I 231 53.59 40.17 74.70
C SER I 231 52.69 41.24 75.31
N ASN I 232 52.86 42.49 74.90
CA ASN I 232 52.12 43.60 75.50
C ASN I 232 50.85 43.95 74.75
N LEU I 233 50.29 43.01 73.99
CA LEU I 233 49.05 43.26 73.25
C LEU I 233 47.86 42.84 74.10
N LYS I 234 47.39 43.77 74.94
CA LYS I 234 46.28 43.49 75.83
C LYS I 234 45.38 44.71 75.90
N ILE I 235 44.27 44.55 76.59
CA ILE I 235 43.29 45.62 76.81
C ILE I 235 43.36 46.04 78.27
N ASN I 236 43.54 47.33 78.50
CA ASN I 236 43.60 47.87 79.86
C ASN I 236 42.19 47.92 80.42
N LYS I 237 41.72 46.78 80.91
CA LYS I 237 40.41 46.72 81.51
C LYS I 237 40.40 47.51 82.82
N SER I 238 39.26 48.13 83.09
CA SER I 238 39.10 48.85 84.35
C SER I 238 38.88 47.87 85.49
N SER I 239 38.63 48.41 86.67
CA SER I 239 38.34 47.60 87.85
C SER I 239 37.39 48.40 88.73
N THR I 240 37.28 47.97 89.98
CA THR I 240 36.46 48.69 90.95
C THR I 240 37.28 49.78 91.61
N PHE I 241 36.75 51.00 91.60
CA PHE I 241 37.36 52.11 92.30
C PHE I 241 36.65 52.31 93.64
N THR I 242 37.35 52.97 94.55
CA THR I 242 36.77 53.27 95.84
C THR I 242 37.45 54.49 96.43
N SER I 243 36.74 55.18 97.30
CA SER I 243 37.36 56.18 98.15
C SER I 243 38.11 55.49 99.28
N ASP I 244 39.00 56.24 99.91
CA ASP I 244 39.70 55.76 101.10
C ASP I 244 39.41 56.72 102.25
N VAL I 245 39.28 56.17 103.44
CA VAL I 245 38.79 56.94 104.57
C VAL I 245 39.89 57.06 105.62
N THR I 246 41.14 57.07 105.18
CA THR I 246 42.28 57.28 106.06
C THR I 246 42.85 58.67 105.82
N THR I 247 43.60 59.17 106.80
CA THR I 247 44.05 60.55 106.76
C THR I 247 44.98 60.83 105.59
N ILE I 248 45.54 59.79 104.97
CA ILE I 248 46.44 60.00 103.84
C ILE I 248 45.65 60.15 102.56
N THR I 249 44.33 60.26 102.68
CA THR I 249 43.49 60.40 101.50
C THR I 249 43.76 61.72 100.79
N SER I 250 43.55 61.71 99.48
CA SER I 250 43.65 62.91 98.67
C SER I 250 42.31 63.32 98.08
N GLY I 251 41.23 62.73 98.55
CA GLY I 251 39.89 63.00 98.05
C GLY I 251 39.50 62.16 96.87
N ARG I 252 40.43 61.94 95.94
CA ARG I 252 40.13 61.17 94.75
C ARG I 252 40.01 59.69 95.08
N MET I 253 39.16 59.01 94.31
CA MET I 253 38.99 57.57 94.47
C MET I 253 40.12 56.82 93.79
N ILE I 254 40.50 55.68 94.36
CA ILE I 254 41.63 54.91 93.88
C ILE I 254 41.17 53.49 93.55
N ARG I 255 42.02 52.77 92.84
CA ARG I 255 41.73 51.42 92.39
C ARG I 255 42.27 50.44 93.41
N ALA I 256 41.36 49.76 94.11
CA ALA I 256 41.75 48.86 95.20
C ALA I 256 41.95 47.47 94.65
N PHE I 257 43.22 47.09 94.48
CA PHE I 257 43.52 45.75 94.01
C PHE I 257 43.22 44.72 95.08
N GLU I 258 42.64 43.60 94.67
CA GLU I 258 42.33 42.54 95.64
C GLU I 258 42.82 41.18 95.15
N GLY I 259 42.89 41.00 93.82
CA GLY I 259 43.47 39.78 93.29
C GLY I 259 44.93 39.64 93.60
N ARG I 260 45.61 40.74 93.90
CA ARG I 260 47.01 40.72 94.32
C ARG I 260 47.22 41.91 95.23
N PRO I 261 46.79 41.80 96.49
CA PRO I 261 46.67 42.99 97.34
C PRO I 261 47.99 43.69 97.67
N GLU I 262 49.12 43.08 97.31
CA GLU I 262 50.39 43.77 97.53
C GLU I 262 50.68 44.80 96.46
N LEU I 263 49.97 44.75 95.33
CA LEU I 263 50.17 45.75 94.28
C LEU I 263 49.76 47.13 94.74
N LEU I 264 48.93 47.24 95.78
CA LEU I 264 48.41 48.53 96.19
C LEU I 264 49.53 49.48 96.58
N ALA I 265 50.51 48.99 97.33
CA ALA I 265 51.63 49.85 97.71
C ALA I 265 52.41 50.29 96.48
N LEU I 266 52.62 49.39 95.53
CA LEU I 266 53.42 49.73 94.36
C LEU I 266 52.68 50.70 93.45
N ALA I 267 51.36 50.57 93.34
CA ALA I 267 50.62 51.34 92.36
C ALA I 267 50.72 52.84 92.61
N TYR I 268 50.62 53.25 93.87
CA TYR I 268 50.53 54.67 94.22
C TYR I 268 51.64 55.02 95.20
N PRO I 269 52.82 55.41 94.71
CA PRO I 269 53.89 55.83 95.63
C PRO I 269 53.51 57.03 96.47
N GLY I 270 52.56 57.84 96.04
CA GLY I 270 52.22 59.03 96.78
C GLY I 270 51.60 58.77 98.13
N ARG I 271 51.12 57.56 98.37
CA ARG I 271 50.45 57.23 99.62
C ARG I 271 51.41 56.70 100.68
N ALA I 272 52.71 56.88 100.49
CA ALA I 272 53.67 56.33 101.43
C ALA I 272 53.66 57.10 102.74
N VAL I 273 54.23 56.47 103.76
CA VAL I 273 54.47 57.10 105.06
C VAL I 273 55.98 57.21 105.25
N LEU I 274 56.42 58.38 105.72
CA LEU I 274 57.84 58.73 105.72
C LEU I 274 58.28 59.09 107.13
N PRO I 275 58.66 58.11 107.94
CA PRO I 275 59.15 58.42 109.28
C PRO I 275 60.46 59.19 109.29
N THR I 276 61.45 58.73 108.54
CA THR I 276 62.78 59.31 108.57
C THR I 276 63.20 59.77 107.18
N GLN I 277 64.01 60.83 107.15
CA GLN I 277 64.38 61.49 105.90
C GLN I 277 65.49 60.69 105.20
N THR I 278 65.09 59.58 104.62
CA THR I 278 65.99 58.81 103.78
C THR I 278 66.00 59.39 102.37
N LYS I 279 66.87 58.86 101.52
CA LYS I 279 66.91 59.31 100.14
C LYS I 279 65.57 59.06 99.45
N ASN I 280 64.99 57.88 99.68
CA ASN I 280 63.65 57.62 99.17
C ASN I 280 62.66 58.63 99.72
N ALA I 281 62.76 58.91 101.02
CA ALA I 281 61.87 59.91 101.61
C ALA I 281 62.10 61.28 100.99
N GLN I 282 63.36 61.64 100.77
CA GLN I 282 63.66 62.95 100.19
C GLN I 282 62.97 63.12 98.85
N PHE I 283 62.89 62.06 98.06
CA PHE I 283 62.23 62.15 96.77
C PHE I 283 60.72 62.12 96.91
N LEU I 284 60.20 61.14 97.65
CA LEU I 284 58.75 60.98 97.75
C LEU I 284 58.10 62.16 98.44
N SER I 285 58.83 62.85 99.31
CA SER I 285 58.26 64.01 100.00
C SER I 285 57.88 65.12 99.04
N THR I 286 58.35 65.07 97.80
CA THR I 286 58.06 66.09 96.82
C THR I 286 56.84 65.76 95.96
N ALA I 287 56.17 64.64 96.22
CA ALA I 287 55.05 64.23 95.38
C ALA I 287 53.87 65.17 95.55
N ILE I 288 53.22 65.49 94.43
CA ILE I 288 52.02 66.31 94.45
C ILE I 288 50.85 65.49 94.95
N ALA I 289 50.04 66.08 95.82
CA ALA I 289 49.03 65.31 96.54
C ALA I 289 47.95 64.77 95.61
N ASP I 290 47.38 65.62 94.76
CA ASP I 290 46.17 65.27 94.02
C ASP I 290 46.47 64.67 92.65
N ARG I 291 47.61 64.01 92.49
CA ARG I 291 47.98 63.39 91.22
C ARG I 291 47.77 61.88 91.26
N ILE I 292 46.67 61.42 91.84
CA ILE I 292 46.47 60.01 92.10
C ILE I 292 45.01 59.64 91.85
N GLY I 293 44.80 58.42 91.39
CA GLY I 293 43.46 57.87 91.32
C GLY I 293 42.67 58.30 90.11
N ARG I 294 41.37 58.06 90.20
CA ARG I 294 40.47 58.37 89.09
C ARG I 294 40.46 59.86 88.82
N LEU I 295 40.50 60.22 87.54
CA LEU I 295 40.39 61.60 87.10
C LEU I 295 39.02 61.91 86.53
N ASP I 296 38.53 61.08 85.61
CA ASP I 296 37.23 61.29 85.01
C ASP I 296 36.70 59.95 84.51
N ARG I 297 35.38 59.85 84.42
CA ARG I 297 34.72 58.62 84.02
C ARG I 297 33.57 58.93 83.09
N ALA I 298 33.21 57.95 82.26
CA ALA I 298 32.05 58.03 81.40
C ALA I 298 30.95 57.21 82.05
N ASN I 299 29.99 57.88 82.67
CA ASN I 299 28.92 57.23 83.41
C ASN I 299 27.62 57.40 82.62
N LEU I 300 27.33 56.43 81.77
CA LEU I 300 26.19 56.54 80.87
C LEU I 300 24.90 56.13 81.56
N ILE I 301 24.87 54.96 82.15
CA ILE I 301 23.66 54.37 82.71
C ILE I 301 23.74 54.43 84.22
N GLY I 302 22.72 55.00 84.85
CA GLY I 302 22.69 55.09 86.29
C GLY I 302 22.78 53.74 86.97
N GLY I 303 23.68 53.61 87.93
CA GLY I 303 23.88 52.38 88.64
C GLY I 303 24.83 51.40 87.98
N GLU I 304 25.24 51.66 86.75
CA GLU I 304 26.17 50.78 86.06
C GLU I 304 27.60 51.28 86.21
N VAL I 305 28.55 50.37 85.97
CA VAL I 305 29.94 50.76 86.00
C VAL I 305 30.24 51.67 84.83
N SER I 306 31.24 52.53 85.01
CA SER I 306 31.59 53.47 83.95
C SER I 306 32.07 52.72 82.72
N ALA I 307 31.62 53.18 81.55
CA ALA I 307 32.02 52.53 80.31
C ALA I 307 33.52 52.68 80.07
N MET I 308 34.06 53.87 80.34
CA MET I 308 35.47 54.13 80.13
C MET I 308 35.93 55.19 81.11
N VAL I 309 36.95 54.86 81.90
CA VAL I 309 37.41 55.73 82.97
C VAL I 309 38.86 56.11 82.68
N GLU I 310 39.26 57.25 83.24
CA GLU I 310 40.61 57.76 83.07
C GLU I 310 41.23 58.01 84.43
N CYS I 311 42.43 57.48 84.64
CA CYS I 311 43.12 57.62 85.90
C CYS I 311 44.62 57.62 85.65
N MET I 312 45.38 58.08 86.63
CA MET I 312 46.82 58.07 86.57
C MET I 312 47.36 57.21 87.70
N GLU I 313 48.34 56.36 87.38
CA GLU I 313 48.93 55.46 88.34
C GLU I 313 50.29 55.03 87.81
N LEU I 314 50.91 54.06 88.47
CA LEU I 314 52.19 53.55 87.99
C LEU I 314 52.02 52.92 86.63
N CYS I 315 52.60 53.54 85.60
CA CYS I 315 52.44 53.06 84.24
C CYS I 315 53.49 53.71 83.35
N ASP I 316 54.23 52.89 82.62
CA ASP I 316 55.20 53.43 81.68
C ASP I 316 54.52 53.85 80.38
N ALA I 317 55.17 54.76 79.67
CA ALA I 317 54.60 55.27 78.44
C ALA I 317 54.64 54.22 77.33
N LEU I 318 55.74 53.48 77.24
CA LEU I 318 55.93 52.59 76.10
C LEU I 318 54.85 51.52 76.03
N THR I 319 54.63 50.82 77.15
CA THR I 319 53.58 49.81 77.17
C THR I 319 52.22 50.46 76.93
N LEU I 320 52.00 51.64 77.50
CA LEU I 320 50.75 52.35 77.29
C LEU I 320 50.54 52.63 75.80
N HIS I 321 51.58 53.12 75.12
CA HIS I 321 51.44 53.41 73.71
C HIS I 321 51.09 52.16 72.92
N ILE I 322 51.70 51.04 73.28
CA ILE I 322 51.43 49.80 72.57
C ILE I 322 49.96 49.42 72.70
N ARG I 323 49.46 49.40 73.93
CA ARG I 323 48.11 48.88 74.15
C ARG I 323 47.06 49.78 73.52
N GLU I 324 47.26 51.09 73.59
CA GLU I 324 46.31 51.99 72.95
C GLU I 324 46.25 51.74 71.45
N THR I 325 47.40 51.51 70.83
CA THR I 325 47.40 51.14 69.42
C THR I 325 46.63 49.85 69.20
N TYR I 326 46.80 48.88 70.09
CA TYR I 326 46.09 47.62 69.95
C TYR I 326 44.59 47.84 69.99
N VAL I 327 44.13 48.66 70.93
CA VAL I 327 42.71 48.98 71.00
C VAL I 327 42.28 49.68 69.72
N MET I 328 43.07 50.65 69.27
CA MET I 328 42.77 51.36 68.04
C MET I 328 42.59 50.38 66.89
N LEU I 329 43.44 49.35 66.85
CA LEU I 329 43.28 48.32 65.82
C LEU I 329 41.94 47.62 65.95
N LEU I 330 41.56 47.25 67.17
CA LEU I 330 40.32 46.51 67.36
C LEU I 330 39.12 47.33 66.91
N ARG I 331 39.11 48.63 67.24
CA ARG I 331 38.02 49.48 66.80
C ARG I 331 37.93 49.48 65.28
N SER I 332 39.08 49.41 64.60
CA SER I 332 39.10 49.52 63.15
C SER I 332 38.31 48.40 62.48
N MET I 333 38.22 47.24 63.15
CA MET I 333 37.56 46.09 62.57
C MET I 333 36.20 45.82 63.21
N HIS I 334 35.53 46.88 63.66
CA HIS I 334 34.25 46.77 64.32
C HIS I 334 33.22 47.64 63.60
N GLN I 335 31.98 47.20 63.59
CA GLN I 335 30.89 47.95 62.99
C GLN I 335 29.65 47.87 63.86
N ASP I 336 28.80 48.89 63.75
CA ASP I 336 27.59 48.95 64.54
C ASP I 336 26.56 47.94 64.03
N PRO I 337 25.55 47.64 64.85
CA PRO I 337 24.57 46.61 64.44
C PRO I 337 23.90 46.87 63.11
N THR I 338 23.54 48.13 62.82
CA THR I 338 22.81 48.40 61.57
C THR I 338 23.59 47.92 60.37
N GLN I 339 24.90 48.14 60.37
CA GLN I 339 25.74 47.59 59.32
C GLN I 339 25.71 46.06 59.36
N ILE I 340 25.80 45.49 60.56
CA ILE I 340 25.90 44.04 60.68
C ILE I 340 24.66 43.38 60.11
N VAL I 341 23.48 43.85 60.53
CA VAL I 341 22.24 43.24 60.05
C VAL I 341 22.12 43.40 58.55
N GLN I 342 22.53 44.54 58.03
CA GLN I 342 22.49 44.74 56.58
C GLN I 342 23.39 43.75 55.87
N ILE I 343 24.59 43.51 56.42
CA ILE I 343 25.51 42.58 55.79
C ILE I 343 24.91 41.18 55.76
N VAL I 344 24.36 40.74 56.88
CA VAL I 344 23.80 39.39 56.95
C VAL I 344 22.65 39.25 55.96
N ASN I 345 21.78 40.24 55.91
CA ASN I 345 20.66 40.18 54.98
C ASN I 345 21.15 40.12 53.53
N GLU I 346 22.15 40.93 53.19
CA GLU I 346 22.67 40.92 51.83
C GLU I 346 23.27 39.56 51.50
N CYS I 347 24.02 38.98 52.44
CA CYS I 347 24.66 37.71 52.18
C CYS I 347 23.65 36.62 51.85
N ALA I 348 22.39 36.79 52.26
CA ALA I 348 21.33 35.85 51.94
C ALA I 348 20.48 36.33 50.77
N ASN I 349 21.00 37.24 49.96
CA ASN I 349 20.25 37.79 48.82
C ASN I 349 18.89 38.32 49.29
N ASN I 350 18.91 39.00 50.43
CA ASN I 350 17.72 39.59 51.04
C ASN I 350 16.64 38.59 51.37
N LEU I 351 16.94 37.31 51.33
CA LEU I 351 16.04 36.33 51.91
C LEU I 351 16.22 36.35 53.42
N LEU I 352 15.10 36.22 54.15
CA LEU I 352 15.11 36.28 55.61
C LEU I 352 15.64 37.63 56.09
N ASN I 353 14.95 38.69 55.66
CA ASN I 353 15.31 40.03 56.09
C ASN I 353 15.04 40.17 57.58
N SER I 354 16.10 40.24 58.38
CA SER I 354 15.95 40.42 59.81
C SER I 354 16.19 41.88 60.18
N THR I 355 16.04 42.19 61.46
CA THR I 355 16.22 43.56 61.94
C THR I 355 16.83 43.52 63.33
N ILE I 356 16.90 44.69 63.95
CA ILE I 356 17.60 44.85 65.23
C ILE I 356 16.68 45.61 66.18
N PRO I 357 16.93 45.50 67.48
CA PRO I 357 16.20 46.34 68.43
C PRO I 357 16.68 47.78 68.34
N ILE I 358 15.94 48.67 68.99
CA ILE I 358 16.27 50.08 69.04
C ILE I 358 16.34 50.48 70.50
N SER I 359 17.54 50.45 71.08
CA SER I 359 17.74 50.84 72.46
C SER I 359 19.23 51.07 72.68
N LEU I 360 19.55 51.58 73.86
CA LEU I 360 20.94 51.88 74.17
C LEU I 360 21.76 50.60 74.29
N ARG I 361 22.88 50.55 73.59
CA ARG I 361 23.84 49.45 73.68
C ARG I 361 25.16 50.10 74.08
N PRO I 362 25.42 50.23 75.38
CA PRO I 362 26.47 51.16 75.82
C PRO I 362 27.87 50.80 75.34
N THR I 363 28.33 49.57 75.58
CA THR I 363 29.75 49.27 75.47
C THR I 363 29.99 47.97 74.70
N ILE I 364 29.36 47.85 73.55
CA ILE I 364 29.52 46.66 72.73
C ILE I 364 30.76 46.81 71.87
N LEU I 365 31.24 45.68 71.36
CA LEU I 365 32.41 45.66 70.49
C LEU I 365 32.43 44.32 69.75
N CYS I 366 32.42 44.37 68.42
CA CYS I 366 32.35 43.17 67.59
C CYS I 366 33.42 43.24 66.52
N PRO I 367 34.65 42.87 66.84
CA PRO I 367 35.74 42.90 65.86
C PRO I 367 35.64 41.73 64.87
N TRP I 368 34.82 41.91 63.85
CA TRP I 368 34.48 40.81 62.96
C TRP I 368 34.73 41.08 61.48
N PHE I 369 35.22 42.25 61.11
CA PHE I 369 35.23 42.64 59.71
C PHE I 369 36.60 43.16 59.30
N ALA I 370 37.08 42.68 58.16
CA ALA I 370 38.32 43.13 57.54
C ALA I 370 38.01 43.88 56.26
N SER I 371 39.05 44.28 55.56
CA SER I 371 38.91 44.96 54.28
C SER I 371 39.10 43.98 53.13
N SER I 372 38.76 44.45 51.94
CA SER I 372 38.90 43.60 50.75
C SER I 372 40.34 43.19 50.54
N GLU I 373 41.28 44.11 50.79
CA GLU I 373 42.69 43.79 50.62
C GLU I 373 43.09 42.61 51.48
N ASP I 374 42.63 42.61 52.74
CA ASP I 374 42.94 41.49 53.63
C ASP I 374 42.37 40.19 53.08
N LEU I 375 41.12 40.23 52.61
CA LEU I 375 40.52 39.03 52.05
C LEU I 375 41.30 38.55 50.84
N ARG I 376 41.68 39.48 49.97
CA ARG I 376 42.48 39.11 48.81
C ARG I 376 43.81 38.51 49.26
N LEU I 377 44.44 39.12 50.26
CA LEU I 377 45.73 38.62 50.71
C LEU I 377 45.62 37.22 51.28
N GLN I 378 44.59 36.96 52.10
CA GLN I 378 44.43 35.62 52.63
C GLN I 378 44.13 34.63 51.52
N GLN I 379 43.28 35.02 50.57
CA GLN I 379 42.90 34.10 49.50
C GLN I 379 44.12 33.62 48.73
N VAL I 380 44.96 34.55 48.28
CA VAL I 380 46.15 34.15 47.53
C VAL I 380 47.09 33.37 48.43
N MET I 381 47.21 33.77 49.70
CA MET I 381 48.08 33.04 50.61
C MET I 381 47.60 31.62 50.79
N HIS I 382 46.28 31.43 50.90
CA HIS I 382 45.75 30.08 50.99
C HIS I 382 46.00 29.31 49.70
N LEU I 383 45.81 29.97 48.56
CA LEU I 383 46.02 29.30 47.28
C LEU I 383 47.46 28.83 47.14
N VAL I 384 48.40 29.69 47.47
CA VAL I 384 49.80 29.34 47.28
C VAL I 384 50.22 28.25 48.26
N ASN I 385 49.62 28.23 49.45
CA ASN I 385 49.99 27.23 50.45
C ASN I 385 49.66 25.82 49.99
N ILE I 386 48.46 25.64 49.42
CA ILE I 386 48.01 24.31 49.03
C ILE I 386 48.73 23.89 47.76
N SER I 387 48.63 22.61 47.42
CA SER I 387 49.17 22.12 46.17
C SER I 387 48.40 22.72 45.01
N SER I 388 49.02 22.64 43.82
CA SER I 388 48.44 23.19 42.61
C SER I 388 48.11 22.09 41.61
N ASN I 389 47.67 20.94 42.12
CA ASN I 389 47.31 19.81 41.29
C ASN I 389 45.84 19.45 41.53
N THR I 390 45.38 18.44 40.81
CA THR I 390 43.98 18.03 40.92
C THR I 390 43.65 17.52 42.32
N ALA I 391 44.66 17.03 43.04
CA ALA I 391 44.40 16.50 44.38
C ALA I 391 43.86 17.57 45.30
N ALA I 392 44.44 18.77 45.26
CA ALA I 392 44.01 19.83 46.15
C ALA I 392 42.69 20.46 45.74
N ALA I 393 42.25 20.26 44.51
CA ALA I 393 41.02 20.88 44.03
C ALA I 393 39.84 19.95 44.00
N LEU I 394 40.07 18.65 43.86
CA LEU I 394 38.95 17.71 43.76
C LEU I 394 38.03 17.78 44.97
N PRO I 395 38.50 17.68 46.21
CA PRO I 395 37.57 17.84 47.33
C PRO I 395 36.94 19.20 47.37
N LEU I 396 37.66 20.23 46.95
CA LEU I 396 37.10 21.58 46.96
C LEU I 396 35.86 21.66 46.09
N VAL I 397 35.80 20.86 45.03
CA VAL I 397 34.61 20.84 44.19
C VAL I 397 33.52 19.98 44.83
N GLU I 398 33.92 18.85 45.41
CA GLU I 398 32.93 17.98 46.05
C GLU I 398 32.14 18.72 47.10
N ALA I 399 32.82 19.53 47.90
CA ALA I 399 32.14 20.26 48.96
C ALA I 399 31.01 21.10 48.41
N LEU I 400 31.29 21.92 47.41
CA LEU I 400 30.26 22.78 46.84
C LEU I 400 29.15 21.94 46.22
N SER I 401 29.51 20.85 45.55
CA SER I 401 28.50 20.01 44.91
C SER I 401 27.51 19.47 45.93
N THR I 402 28.02 18.95 47.04
CA THR I 402 27.14 18.43 48.08
C THR I 402 26.26 19.54 48.65
N LEU I 403 26.85 20.71 48.88
CA LEU I 403 26.06 21.83 49.38
C LEU I 403 24.94 22.16 48.41
N LEU I 404 25.25 22.20 47.11
CA LEU I 404 24.22 22.46 46.12
C LEU I 404 23.13 21.41 46.18
N ARG I 405 23.51 20.13 46.17
CA ARG I 405 22.52 19.07 46.22
C ARG I 405 21.72 19.13 47.50
N SER I 406 22.33 19.62 48.58
CA SER I 406 21.62 19.67 49.86
C SER I 406 20.38 20.54 49.77
N VAL I 407 20.54 21.76 49.27
CA VAL I 407 19.45 22.72 49.20
C VAL I 407 19.18 22.99 47.73
N THR I 408 18.15 22.35 47.20
CA THR I 408 17.72 22.61 45.84
C THR I 408 16.33 22.06 45.62
N PRO I 409 15.41 22.86 45.08
CA PRO I 409 14.08 22.34 44.78
C PRO I 409 14.07 21.43 43.58
N LEU I 410 15.13 21.43 42.78
CA LEU I 410 15.14 20.63 41.57
C LEU I 410 15.28 19.15 41.90
N VAL I 411 14.54 18.32 41.16
CA VAL I 411 14.57 16.87 41.32
C VAL I 411 14.80 16.24 39.96
N LEU I 412 15.72 15.28 39.90
CA LEU I 412 16.03 14.57 38.67
C LEU I 412 15.37 13.20 38.70
N ASP I 413 14.45 12.96 37.76
CA ASP I 413 13.75 11.69 37.68
C ASP I 413 14.05 11.03 36.34
N PRO I 414 14.86 9.98 36.31
CA PRO I 414 15.18 9.34 35.03
C PRO I 414 13.98 8.71 34.35
N THR I 415 12.93 8.36 35.10
CA THR I 415 11.82 7.61 34.52
C THR I 415 11.13 8.40 33.41
N VAL I 416 11.08 9.72 33.55
CA VAL I 416 10.31 10.53 32.61
C VAL I 416 10.85 10.36 31.19
N LEU I 417 12.17 10.26 31.06
CA LEU I 417 12.76 10.11 29.73
C LEU I 417 12.44 8.76 29.14
N THR I 418 12.58 7.70 29.94
CA THR I 418 12.31 6.36 29.45
C THR I 418 10.86 6.23 29.02
N ASN I 419 9.94 6.75 29.83
CA ASN I 419 8.53 6.71 29.49
C ASN I 419 8.28 7.41 28.16
N ALA I 420 8.88 8.59 27.99
CA ALA I 420 8.69 9.32 26.74
C ALA I 420 9.24 8.55 25.55
N ILE I 421 10.24 7.71 25.77
CA ILE I 421 10.90 7.02 24.67
C ILE I 421 10.22 5.69 24.38
N THR I 422 10.11 4.85 25.41
CA THR I 422 9.67 3.47 25.20
C THR I 422 8.31 3.39 24.54
N THR I 423 7.46 4.39 24.77
CA THR I 423 6.09 4.31 24.27
C THR I 423 5.98 4.51 22.77
N ILE I 424 7.09 4.72 22.07
CA ILE I 424 7.03 4.91 20.63
C ILE I 424 6.82 3.57 19.94
N SER I 425 5.81 3.49 19.08
CA SER I 425 5.53 2.28 18.34
C SER I 425 6.63 2.01 17.31
N GLU I 426 6.89 0.74 17.06
CA GLU I 426 7.79 0.35 15.98
C GLU I 426 7.46 -1.05 15.53
N SER I 427 7.88 -1.38 14.32
CA SER I 427 7.72 -2.72 13.81
C SER I 427 8.71 -3.66 14.50
N THR I 428 8.25 -4.85 14.83
CA THR I 428 9.07 -5.84 15.52
C THR I 428 9.87 -6.71 14.55
N THR I 429 9.72 -6.51 13.25
CA THR I 429 10.36 -7.36 12.27
C THR I 429 11.70 -6.82 11.78
N GLN I 430 12.08 -5.63 12.21
CA GLN I 430 13.38 -5.09 11.83
C GLN I 430 14.47 -5.71 12.68
N THR I 431 15.65 -5.85 12.08
CA THR I 431 16.77 -6.46 12.77
C THR I 431 17.46 -5.54 13.75
N ILE I 432 17.27 -4.23 13.63
CA ILE I 432 17.86 -3.27 14.56
C ILE I 432 16.76 -2.31 15.02
N SER I 433 16.62 -2.17 16.33
CA SER I 433 15.67 -1.23 16.90
C SER I 433 16.44 -0.09 17.54
N PRO I 434 16.35 1.14 17.01
CA PRO I 434 17.09 2.24 17.62
C PRO I 434 16.73 2.48 19.07
N ILE I 435 15.49 2.17 19.47
CA ILE I 435 15.07 2.39 20.84
C ILE I 435 15.94 1.62 21.80
N SER I 436 16.17 0.34 21.51
CA SER I 436 16.98 -0.48 22.40
C SER I 436 18.39 0.07 22.51
N GLU I 437 18.95 0.52 21.38
CA GLU I 437 20.32 1.02 21.39
C GLU I 437 20.44 2.26 22.26
N ILE I 438 19.56 3.24 22.04
CA ILE I 438 19.68 4.49 22.78
C ILE I 438 19.45 4.26 24.26
N LEU I 439 18.55 3.33 24.60
CA LEU I 439 18.41 2.93 26.00
C LEU I 439 19.71 2.34 26.51
N ARG I 440 20.32 1.45 25.74
CA ARG I 440 21.57 0.82 26.15
C ARG I 440 22.69 1.83 26.30
N LEU I 441 22.58 2.98 25.65
CA LEU I 441 23.66 3.97 25.72
C LEU I 441 23.63 4.75 27.01
N LEU I 442 22.45 5.20 27.44
CA LEU I 442 22.34 6.05 28.61
C LEU I 442 21.94 5.29 29.87
N GLN I 443 21.56 4.03 29.75
CA GLN I 443 21.23 3.22 30.91
C GLN I 443 22.41 3.01 31.87
N PRO I 444 23.63 2.72 31.38
CA PRO I 444 24.71 2.40 32.31
C PRO I 444 24.95 3.51 33.32
N MET I 445 25.21 3.10 34.56
CA MET I 445 25.34 4.00 35.70
C MET I 445 24.12 4.94 35.77
N GLY I 446 22.95 4.33 35.93
CA GLY I 446 21.72 5.10 35.95
C GLY I 446 21.24 5.59 37.30
N ASN I 447 22.13 5.68 38.27
CA ASN I 447 21.78 6.28 39.55
C ASN I 447 22.95 7.06 40.13
N ASP I 448 23.63 7.85 39.30
CA ASP I 448 24.74 8.67 39.78
C ASP I 448 24.41 10.15 39.76
N TYR I 449 24.11 10.72 38.59
CA TYR I 449 23.64 12.09 38.46
C TYR I 449 24.51 13.08 39.22
N ALA I 450 25.79 12.76 39.37
CA ALA I 450 26.70 13.61 40.11
C ALA I 450 27.50 14.53 39.21
N ALA I 451 27.75 14.11 37.97
CA ALA I 451 28.51 14.96 37.05
C ALA I 451 27.82 16.30 36.86
N PHE I 452 26.49 16.31 36.88
CA PHE I 452 25.75 17.54 36.71
C PHE I 452 26.13 18.56 37.75
N TRP I 453 26.13 18.15 39.01
CA TRP I 453 26.49 19.07 40.09
C TRP I 453 27.96 19.44 40.02
N LYS I 454 28.81 18.49 39.63
CA LYS I 454 30.22 18.80 39.51
C LYS I 454 30.45 19.91 38.48
N CYS I 455 29.77 19.81 37.34
CA CYS I 455 29.91 20.84 36.31
C CYS I 455 29.47 22.19 36.83
N ILE I 456 28.35 22.24 37.55
CA ILE I 456 27.87 23.50 38.09
C ILE I 456 28.87 24.07 39.09
N ALA I 457 29.34 23.22 40.00
CA ALA I 457 30.25 23.70 41.03
C ALA I 457 31.55 24.20 40.43
N SER I 458 32.05 23.51 39.40
CA SER I 458 33.32 23.90 38.80
C SER I 458 33.30 25.34 38.31
N TRP I 459 32.13 25.83 37.89
CA TRP I 459 32.04 27.20 37.42
C TRP I 459 32.49 28.19 38.49
N ALA I 460 32.28 27.85 39.75
CA ALA I 460 32.73 28.72 40.84
C ALA I 460 34.23 28.67 41.05
N TYR I 461 34.94 27.76 40.39
CA TYR I 461 36.37 27.66 40.57
C TYR I 461 37.09 27.42 39.25
N ASN I 462 36.55 27.95 38.15
CA ASN I 462 37.17 27.73 36.86
C ASN I 462 38.60 28.24 36.82
N GLY I 463 38.96 29.17 37.72
CA GLY I 463 40.34 29.59 37.81
C GLY I 463 41.28 28.53 38.32
N LEU I 464 40.75 27.52 39.01
CA LEU I 464 41.56 26.42 39.53
C LEU I 464 41.48 25.18 38.64
N VAL I 465 40.27 24.68 38.42
CA VAL I 465 40.07 23.41 37.73
C VAL I 465 39.07 23.63 36.62
N THR I 466 39.18 22.81 35.58
CA THR I 466 38.27 22.84 34.45
C THR I 466 37.68 21.46 34.23
N THR I 467 36.41 21.42 33.88
CA THR I 467 35.74 20.17 33.54
C THR I 467 35.91 19.87 32.06
N VAL I 468 36.20 18.61 31.75
CA VAL I 468 36.42 18.18 30.39
C VAL I 468 35.56 16.97 30.10
N LEU I 469 35.16 16.83 28.84
CA LEU I 469 34.42 15.65 28.42
C LEU I 469 35.34 14.44 28.45
N SER I 470 34.91 13.39 29.14
CA SER I 470 35.73 12.19 29.23
C SER I 470 35.94 11.60 27.84
N GLU I 471 37.21 11.33 27.52
CA GLU I 471 37.54 10.83 26.19
C GLU I 471 36.91 9.48 25.91
N ASP I 472 36.50 8.75 26.96
CA ASP I 472 35.82 7.48 26.74
C ASP I 472 34.51 7.68 25.99
N ALA I 473 33.77 8.72 26.33
CA ALA I 473 32.48 8.98 25.70
C ALA I 473 32.66 9.76 24.39
N PHE I 474 33.50 9.24 23.51
CA PHE I 474 33.69 9.82 22.20
C PHE I 474 33.50 8.74 21.15
N PRO I 475 32.85 9.06 20.03
CA PRO I 475 32.75 8.09 18.95
C PRO I 475 34.12 7.73 18.41
N ASP I 476 34.31 6.45 18.09
CA ASP I 476 35.56 6.02 17.49
C ASP I 476 35.71 6.65 16.11
N SER I 477 36.83 7.36 15.92
CA SER I 477 37.06 8.05 14.65
C SER I 477 37.14 7.08 13.48
N SER I 478 37.39 5.79 13.75
CA SER I 478 37.42 4.81 12.68
C SER I 478 36.03 4.52 12.12
N GLN I 479 34.98 4.94 12.79
CA GLN I 479 33.62 4.57 12.42
C GLN I 479 33.05 5.52 11.38
N SER I 480 31.99 5.07 10.73
CA SER I 480 31.24 5.89 9.80
C SER I 480 30.07 6.56 10.52
N ILE I 481 29.42 7.48 9.81
CA ILE I 481 28.25 8.13 10.38
C ILE I 481 27.11 7.15 10.56
N THR I 482 27.04 6.14 9.70
CA THR I 482 25.91 5.22 9.71
C THR I 482 25.91 4.30 10.92
N HIS I 483 27.05 4.14 11.58
CA HIS I 483 27.11 3.28 12.76
C HIS I 483 26.34 3.94 13.88
N LEU I 484 25.11 3.51 14.09
CA LEU I 484 24.17 4.20 14.98
C LEU I 484 24.72 4.46 16.38
N PRO I 485 25.34 3.51 17.07
CA PRO I 485 25.86 3.82 18.42
C PRO I 485 26.82 4.99 18.41
N SER I 486 27.65 5.10 17.37
CA SER I 486 28.50 6.28 17.25
C SER I 486 27.67 7.53 17.08
N MET I 487 26.61 7.44 16.26
CA MET I 487 25.79 8.62 15.99
C MET I 487 25.16 9.15 17.26
N TRP I 488 24.61 8.26 18.08
CA TRP I 488 23.98 8.70 19.32
C TRP I 488 24.97 9.41 20.22
N LYS I 489 26.17 8.83 20.38
CA LYS I 489 27.16 9.44 21.24
C LYS I 489 27.54 10.82 20.73
N CYS I 490 27.62 10.98 19.42
CA CYS I 490 27.89 12.30 18.85
C CYS I 490 26.82 13.29 19.26
N LEU I 491 25.56 12.84 19.26
CA LEU I 491 24.47 13.71 19.68
C LEU I 491 24.63 14.11 21.14
N PHE I 492 24.92 13.15 22.02
CA PHE I 492 25.03 13.46 23.43
C PHE I 492 26.17 14.43 23.69
N LEU I 493 27.30 14.23 23.01
CA LEU I 493 28.40 15.19 23.14
C LEU I 493 27.93 16.59 22.80
N THR I 494 27.16 16.72 21.73
CA THR I 494 26.66 18.03 21.33
C THR I 494 25.76 18.62 22.40
N LEU I 495 24.85 17.81 22.95
CA LEU I 495 23.91 18.33 23.93
C LEU I 495 24.63 18.77 25.19
N ALA I 496 25.58 17.98 25.66
CA ALA I 496 26.24 18.25 26.94
C ALA I 496 27.43 19.19 26.80
N GLY I 497 27.73 19.65 25.60
CA GLY I 497 28.87 20.50 25.35
C GLY I 497 28.94 21.72 26.25
N PRO I 498 27.95 22.61 26.16
CA PRO I 498 28.04 23.88 26.88
C PRO I 498 28.15 23.74 28.39
N MET I 499 27.70 22.64 28.95
CA MET I 499 27.74 22.50 30.39
C MET I 499 29.12 22.34 30.95
N THR I 500 30.20 22.41 30.18
CA THR I 500 31.54 22.27 30.70
C THR I 500 32.28 23.59 30.63
N SER I 501 33.33 23.70 31.44
CA SER I 501 34.14 24.91 31.50
C SER I 501 35.31 24.89 30.54
N ASP I 502 35.50 23.81 29.80
CA ASP I 502 36.65 23.70 28.92
C ASP I 502 36.49 24.64 27.73
N PRO I 503 37.42 25.57 27.53
CA PRO I 503 37.31 26.44 26.34
C PRO I 503 37.34 25.68 25.04
N HIS I 504 37.96 24.50 25.01
CA HIS I 504 38.06 23.71 23.80
C HIS I 504 36.83 22.85 23.57
N SER I 505 35.80 22.98 24.40
CA SER I 505 34.60 22.19 24.20
C SER I 505 33.98 22.38 22.82
N PRO I 506 33.79 23.58 22.30
CA PRO I 506 33.12 23.70 21.00
C PRO I 506 33.87 22.99 19.89
N VAL I 507 35.17 23.28 19.73
CA VAL I 507 35.92 22.67 18.63
C VAL I 507 35.93 21.17 18.75
N LYS I 508 36.01 20.66 19.99
CA LYS I 508 35.96 19.21 20.19
C LYS I 508 34.63 18.64 19.70
N VAL I 509 33.54 19.32 20.04
CA VAL I 509 32.24 18.86 19.56
C VAL I 509 32.20 18.88 18.04
N PHE I 510 32.73 19.94 17.43
CA PHE I 510 32.71 20.02 15.98
C PHE I 510 33.49 18.89 15.35
N MET I 511 34.70 18.62 15.84
CA MET I 511 35.51 17.57 15.24
C MET I 511 34.90 16.20 15.44
N ALA I 512 34.15 16.01 16.53
CA ALA I 512 33.53 14.71 16.78
C ALA I 512 32.67 14.30 15.61
N LEU I 513 31.83 15.21 15.13
CA LEU I 513 31.03 14.92 13.95
C LEU I 513 31.92 14.84 12.71
N ALA I 514 32.90 15.73 12.61
CA ALA I 514 33.75 15.76 11.42
C ALA I 514 34.47 14.44 11.22
N ASN I 515 34.81 13.75 12.30
CA ASN I 515 35.44 12.44 12.16
C ASN I 515 34.52 11.47 11.44
N LEU I 516 33.23 11.51 11.76
CA LEU I 516 32.29 10.58 11.15
C LEU I 516 32.01 10.89 9.70
N LEU I 517 32.20 12.15 9.28
CA LEU I 517 31.91 12.57 7.93
C LEU I 517 33.17 12.76 7.09
N ALA I 518 34.30 12.23 7.54
CA ALA I 518 35.55 12.40 6.80
C ALA I 518 35.45 11.81 5.41
N GLN I 519 34.62 10.77 5.24
CA GLN I 519 34.50 10.16 3.91
C GLN I 519 33.74 11.05 2.94
N PRO I 520 32.47 11.42 3.20
CA PRO I 520 31.72 12.15 2.18
C PRO I 520 32.01 13.64 2.15
N GLU I 521 32.30 14.24 3.30
CA GLU I 521 32.43 15.69 3.41
C GLU I 521 33.78 16.05 4.01
N PRO I 522 34.77 16.30 3.17
CA PRO I 522 36.10 16.70 3.65
C PRO I 522 36.19 18.19 3.92
N ILE I 523 37.04 18.53 4.90
CA ILE I 523 37.34 19.92 5.24
C ILE I 523 38.84 20.04 5.48
N ALA I 524 39.30 21.28 5.54
CA ALA I 524 40.72 21.56 5.71
C ALA I 524 41.09 21.64 7.18
N ILE I 525 42.25 21.09 7.52
CA ILE I 525 42.80 21.17 8.86
C ILE I 525 44.10 21.94 8.78
N GLY I 526 44.21 23.00 9.59
CA GLY I 526 45.31 23.93 9.45
C GLY I 526 46.68 23.35 9.70
N VAL I 527 46.98 22.99 10.94
CA VAL I 527 48.35 22.57 11.28
C VAL I 527 48.67 21.26 10.58
N PRO I 528 49.85 21.10 10.00
CA PRO I 528 50.20 19.83 9.39
C PRO I 528 50.33 18.73 10.44
N GLY I 529 50.20 17.50 9.97
CA GLY I 529 50.26 16.35 10.85
C GLY I 529 48.96 16.00 11.52
N MET I 530 47.88 16.72 11.25
CA MET I 530 46.57 16.42 11.79
C MET I 530 45.59 16.25 10.65
N HIS I 531 44.73 15.24 10.76
CA HIS I 531 43.80 14.90 9.69
C HIS I 531 42.39 14.86 10.24
N GLN I 532 41.43 14.87 9.33
CA GLN I 532 40.02 14.89 9.73
C GLN I 532 39.64 13.67 10.54
N THR I 533 40.42 12.59 10.46
CA THR I 533 40.15 11.39 11.22
C THR I 533 40.92 11.33 12.52
N THR I 534 41.67 12.38 12.86
CA THR I 534 42.36 12.42 14.13
C THR I 534 41.33 12.36 15.26
N PRO I 535 41.61 11.63 16.34
CA PRO I 535 40.67 11.62 17.47
C PRO I 535 40.32 13.02 17.95
N ALA I 536 39.02 13.33 17.98
CA ALA I 536 38.59 14.68 18.24
C ALA I 536 39.09 15.19 19.58
N SER I 537 39.28 14.28 20.54
CA SER I 537 39.71 14.69 21.87
C SER I 537 41.11 15.28 21.88
N GLN I 538 41.87 15.13 20.80
CA GLN I 538 43.22 15.68 20.77
C GLN I 538 43.25 17.17 20.48
N PHE I 539 42.17 17.74 19.95
CA PHE I 539 42.14 19.17 19.62
C PHE I 539 41.99 19.94 20.92
N SER I 540 43.13 20.14 21.59
CA SER I 540 43.17 20.82 22.88
C SER I 540 44.23 21.91 22.88
N HIS I 541 44.23 22.73 21.84
CA HIS I 541 45.19 23.79 21.72
C HIS I 541 44.58 24.87 20.84
N PRO I 542 44.63 26.14 21.26
CA PRO I 542 43.99 27.19 20.45
C PRO I 542 44.56 27.27 19.05
N GLY I 543 45.80 26.87 18.85
CA GLY I 543 46.41 26.95 17.55
C GLY I 543 46.02 25.88 16.57
N VAL I 544 45.19 24.92 16.97
CA VAL I 544 44.80 23.83 16.09
C VAL I 544 43.36 23.95 15.63
N TRP I 545 42.70 25.06 15.94
CA TRP I 545 41.32 25.21 15.55
C TRP I 545 41.21 25.26 14.02
N PRO I 546 40.39 24.43 13.41
CA PRO I 546 40.32 24.39 11.95
C PRO I 546 39.89 25.73 11.39
N PRO I 547 40.48 26.14 10.27
CA PRO I 547 40.12 27.44 9.69
C PRO I 547 38.64 27.55 9.38
N GLY I 548 38.05 26.46 8.88
CA GLY I 548 36.62 26.50 8.60
C GLY I 548 35.79 26.77 9.84
N PHE I 549 36.20 26.19 10.96
CA PHE I 549 35.49 26.43 12.21
C PHE I 549 35.58 27.89 12.62
N LEU I 550 36.70 28.55 12.30
CA LEU I 550 36.81 29.97 12.60
C LEU I 550 35.95 30.81 11.66
N ASN I 551 35.82 30.39 10.42
CA ASN I 551 35.07 31.14 9.42
C ASN I 551 34.30 30.15 8.56
N PRO I 552 33.01 29.93 8.84
CA PRO I 552 32.26 28.91 8.11
C PRO I 552 32.16 29.19 6.62
N GLN I 553 32.36 30.43 6.18
CA GLN I 553 32.24 30.74 4.77
C GLN I 553 33.28 30.02 3.93
N LEU I 554 34.38 29.58 4.54
CA LEU I 554 35.39 28.84 3.77
C LEU I 554 34.85 27.49 3.31
N ILE I 555 33.95 26.88 4.08
CA ILE I 555 33.42 25.58 3.70
C ILE I 555 32.42 25.78 2.57
N ASN I 556 32.72 25.20 1.43
CA ASN I 556 31.81 25.30 0.29
C ASN I 556 30.53 24.52 0.56
N PRO I 557 29.36 25.11 0.38
CA PRO I 557 28.12 24.37 0.66
C PRO I 557 27.98 23.11 -0.14
N GLN I 558 28.38 23.13 -1.41
CA GLN I 558 28.16 21.99 -2.29
C GLN I 558 29.11 20.83 -2.02
N GLN I 559 30.15 21.04 -1.22
CA GLN I 559 31.06 19.97 -0.87
C GLN I 559 30.76 19.37 0.50
N ALA I 560 30.49 20.20 1.49
CA ALA I 560 30.22 19.72 2.85
C ALA I 560 29.00 20.46 3.40
N PRO I 561 27.81 20.14 2.89
CA PRO I 561 26.61 20.86 3.37
C PRO I 561 26.40 20.74 4.86
N LEU I 562 26.53 19.53 5.41
CA LEU I 562 26.23 19.33 6.82
C LEU I 562 27.23 20.04 7.70
N LEU I 563 28.53 19.87 7.42
CA LEU I 563 29.54 20.44 8.29
C LEU I 563 29.44 21.95 8.34
N ARG I 564 29.19 22.58 7.20
CA ARG I 564 28.98 24.02 7.20
C ARG I 564 27.77 24.37 8.06
N ALA I 565 26.68 23.62 7.92
CA ALA I 565 25.51 23.87 8.75
C ALA I 565 25.84 23.67 10.23
N PHE I 566 26.59 22.62 10.54
CA PHE I 566 26.95 22.35 11.92
C PHE I 566 27.77 23.51 12.50
N ALA I 567 28.75 23.97 11.75
CA ALA I 567 29.59 25.06 12.23
C ALA I 567 28.78 26.32 12.48
N GLU I 568 27.88 26.64 11.53
CA GLU I 568 27.02 27.81 11.73
C GLU I 568 26.15 27.63 12.95
N HIS I 569 25.60 26.44 13.14
CA HIS I 569 24.73 26.20 14.29
C HIS I 569 25.48 26.43 15.59
N ILE I 570 26.71 25.93 15.68
CA ILE I 570 27.48 26.08 16.90
C ILE I 570 27.81 27.54 17.16
N ARG I 571 28.34 28.23 16.15
CA ARG I 571 28.72 29.61 16.34
C ARG I 571 27.53 30.51 16.66
N ALA I 572 26.33 30.10 16.26
CA ALA I 572 25.17 30.94 16.46
C ALA I 572 24.44 30.66 17.77
N ASN I 573 24.44 29.42 18.22
CA ASN I 573 23.59 29.03 19.35
C ASN I 573 24.36 28.71 20.62
N TRP I 574 25.68 28.84 20.62
CA TRP I 574 26.40 28.60 21.86
C TRP I 574 26.04 29.68 22.87
N PRO I 575 25.78 29.31 24.12
CA PRO I 575 25.23 30.29 25.08
C PRO I 575 26.17 31.46 25.31
N GLN I 576 25.61 32.51 25.89
CA GLN I 576 26.34 33.74 26.13
C GLN I 576 26.65 33.89 27.61
N PRO I 577 27.91 34.06 27.99
CA PRO I 577 28.24 34.25 29.40
C PRO I 577 27.58 35.51 29.96
N SER I 578 27.28 35.46 31.25
CA SER I 578 26.63 36.57 31.93
C SER I 578 27.26 36.72 33.31
N GLU I 579 26.60 37.49 34.18
CA GLU I 579 27.24 37.91 35.42
C GLU I 579 26.15 38.18 36.46
N PHE I 580 26.55 38.16 37.73
CA PHE I 580 25.68 38.54 38.82
C PHE I 580 26.53 38.86 40.04
N GLY I 581 25.90 39.50 41.02
CA GLY I 581 26.57 39.88 42.25
C GLY I 581 26.34 38.90 43.38
N TYR I 582 27.15 39.04 44.42
CA TYR I 582 27.07 38.16 45.58
C TYR I 582 27.73 38.86 46.76
N GLY I 583 27.47 38.32 47.95
CA GLY I 583 28.10 38.86 49.13
C GLY I 583 27.60 40.26 49.45
N SER I 584 28.39 40.97 50.24
CA SER I 584 28.06 42.32 50.65
C SER I 584 29.27 43.22 50.44
N THR I 585 29.05 44.37 49.81
CA THR I 585 30.13 45.33 49.62
C THR I 585 30.65 45.84 50.96
N LEU I 586 29.77 45.97 51.95
CA LEU I 586 30.21 46.44 53.26
C LEU I 586 31.24 45.50 53.86
N GLN I 587 31.17 44.21 53.53
CA GLN I 587 32.12 43.25 54.06
C GLN I 587 33.36 43.10 53.19
N GLY I 588 33.30 43.51 51.93
CA GLY I 588 34.40 43.27 51.02
C GLY I 588 34.29 41.92 50.35
N SER I 589 35.27 41.64 49.50
CA SER I 589 35.28 40.39 48.76
C SER I 589 36.72 39.97 48.50
N ALA I 590 36.89 38.67 48.24
CA ALA I 590 38.20 38.09 47.99
C ALA I 590 38.45 37.87 46.50
N ASN I 591 37.62 38.46 45.63
CA ASN I 591 37.82 38.30 44.20
C ASN I 591 39.18 38.86 43.79
N LEU I 592 39.89 38.12 42.95
CA LEU I 592 41.16 38.58 42.41
C LEU I 592 40.99 39.25 41.05
N PHE I 593 40.57 38.49 40.04
CA PHE I 593 40.48 39.05 38.71
C PHE I 593 39.12 39.67 38.44
N ILE I 594 38.05 39.01 38.87
CA ILE I 594 36.70 39.55 38.73
C ILE I 594 36.57 40.73 39.68
N PRO I 595 35.82 41.77 39.32
CA PRO I 595 35.57 42.85 40.26
C PRO I 595 34.89 42.32 41.51
N PRO I 596 35.13 42.94 42.66
CA PRO I 596 34.67 42.36 43.93
C PRO I 596 33.16 42.23 43.98
N ASN I 597 32.73 41.21 44.73
CA ASN I 597 31.31 40.93 44.98
C ASN I 597 30.54 40.61 43.70
N ARG I 598 31.24 40.22 42.65
CA ARG I 598 30.61 39.83 41.40
C ARG I 598 31.04 38.42 41.03
N MET I 599 30.21 37.74 40.26
CA MET I 599 30.53 36.41 39.76
C MET I 599 30.11 36.30 38.30
N VAL I 600 30.91 35.57 37.54
CA VAL I 600 30.64 35.35 36.14
C VAL I 600 29.90 34.03 35.99
N TYR I 601 29.22 33.86 34.86
CA TYR I 601 28.30 32.77 34.69
C TYR I 601 28.24 32.37 33.22
N PRO I 602 28.45 31.09 32.90
CA PRO I 602 28.52 30.70 31.48
C PRO I 602 27.24 30.95 30.71
N TRP I 603 26.09 30.87 31.36
CA TRP I 603 24.80 31.07 30.71
C TRP I 603 24.26 32.45 31.00
N PRO I 604 23.29 32.91 30.22
CA PRO I 604 22.54 34.10 30.63
C PRO I 604 21.75 33.81 31.90
N ASN I 605 21.50 34.88 32.66
CA ASN I 605 20.84 34.73 33.95
C ASN I 605 19.80 35.82 34.13
N GLN I 606 18.91 35.60 35.07
CA GLN I 606 17.81 36.50 35.36
C GLN I 606 17.63 36.59 36.87
N PRO I 607 17.00 37.65 37.35
CA PRO I 607 16.65 37.70 38.78
C PRO I 607 15.63 36.64 39.12
N LEU I 608 15.54 36.34 40.41
CA LEU I 608 14.64 35.30 40.86
C LEU I 608 13.20 35.67 40.50
N PRO I 609 12.42 34.73 39.98
CA PRO I 609 11.04 35.04 39.60
C PRO I 609 10.20 35.37 40.82
N ARG I 610 9.03 35.94 40.56
CA ARG I 610 8.18 36.42 41.63
C ARG I 610 7.17 35.38 42.10
N LEU I 611 6.29 34.94 41.22
CA LEU I 611 5.25 33.99 41.58
C LEU I 611 5.72 32.58 41.25
N THR I 612 4.79 31.62 41.22
CA THR I 612 5.13 30.22 41.00
C THR I 612 5.90 30.03 39.70
N VAL I 613 6.76 29.02 39.69
CA VAL I 613 7.53 28.66 38.50
C VAL I 613 6.72 27.75 37.60
N ALA I 614 7.20 27.55 36.38
CA ALA I 614 6.63 26.62 35.43
C ALA I 614 7.65 26.38 34.32
N PRO I 615 7.61 25.23 33.67
CA PRO I 615 8.53 25.00 32.55
C PRO I 615 8.32 26.04 31.46
N THR I 616 9.42 26.48 30.86
CA THR I 616 9.37 27.47 29.80
C THR I 616 10.20 26.96 28.63
N TYR I 617 10.18 27.72 27.53
CA TYR I 617 10.77 27.25 26.29
C TYR I 617 11.56 28.33 25.57
N ASP I 618 11.85 29.46 26.20
CA ASP I 618 12.63 30.51 25.58
C ASP I 618 13.99 30.69 26.22
N SER I 619 14.33 29.85 27.20
CA SER I 619 15.64 29.95 27.82
C SER I 619 16.72 29.58 26.82
N ALA I 620 17.95 30.00 27.13
CA ALA I 620 19.07 29.71 26.25
C ALA I 620 19.25 28.22 26.08
N MET I 621 19.21 27.46 27.18
CA MET I 621 19.44 26.03 27.09
C MET I 621 18.38 25.35 26.26
N SER I 622 17.11 25.70 26.49
CA SER I 622 16.03 25.09 25.71
C SER I 622 16.22 25.38 24.23
N ASN I 623 16.60 26.61 23.89
CA ASN I 623 16.89 26.94 22.51
C ASN I 623 18.03 26.08 21.98
N TRP I 624 19.09 25.93 22.77
CA TRP I 624 20.22 25.12 22.35
C TRP I 624 19.78 23.68 22.10
N ILE I 625 18.92 23.15 22.96
CA ILE I 625 18.45 21.78 22.79
C ILE I 625 17.67 21.66 21.50
N SER I 626 16.71 22.54 21.28
CA SER I 626 15.82 22.42 20.13
C SER I 626 16.61 22.47 18.82
N THR I 627 17.50 23.45 18.68
CA THR I 627 18.24 23.59 17.44
C THR I 627 19.14 22.38 17.20
N THR I 628 19.80 21.91 18.25
CA THR I 628 20.66 20.74 18.10
C THR I 628 19.86 19.54 17.59
N ILE I 629 18.71 19.28 18.21
CA ILE I 629 17.88 18.17 17.76
C ILE I 629 17.46 18.38 16.32
N ALA I 630 17.02 19.60 16.00
CA ALA I 630 16.58 19.89 14.64
C ALA I 630 17.70 19.61 13.65
N PHE I 631 18.93 20.00 13.99
CA PHE I 631 20.05 19.76 13.11
C PHE I 631 20.28 18.27 12.90
N PHE I 632 20.32 17.50 13.98
CA PHE I 632 20.58 16.07 13.85
C PHE I 632 19.48 15.40 13.06
N ILE I 633 18.24 15.85 13.21
CA ILE I 633 17.16 15.34 12.39
C ILE I 633 17.44 15.58 10.92
N ARG I 634 17.93 16.78 10.60
CA ARG I 634 18.34 17.05 9.22
C ARG I 634 19.43 16.09 8.79
N VAL I 635 20.33 15.72 9.70
CA VAL I 635 21.40 14.80 9.36
C VAL I 635 20.83 13.42 9.02
N VAL I 636 19.96 12.91 9.88
CA VAL I 636 19.44 11.56 9.66
C VAL I 636 18.61 11.50 8.39
N ASN I 637 18.08 12.62 7.93
CA ASN I 637 17.37 12.67 6.66
C ASN I 637 18.30 12.98 5.49
N SER I 638 19.58 13.22 5.74
CA SER I 638 20.49 13.52 4.66
C SER I 638 20.66 12.32 3.75
N VAL I 639 21.10 12.60 2.52
CA VAL I 639 21.21 11.55 1.51
C VAL I 639 22.18 10.46 1.95
N ASN I 640 23.16 10.81 2.78
CA ASN I 640 24.16 9.83 3.17
C ASN I 640 23.53 8.66 3.93
N MET I 641 22.57 8.95 4.82
CA MET I 641 21.92 7.89 5.55
C MET I 641 20.94 7.12 4.68
N THR I 642 20.25 7.81 3.77
CA THR I 642 19.19 7.20 2.99
C THR I 642 19.69 5.99 2.21
N ALA I 643 20.94 6.03 1.75
CA ALA I 643 21.44 4.97 0.90
C ALA I 643 21.44 3.62 1.62
N THR I 644 21.82 3.61 2.89
CA THR I 644 22.07 2.35 3.59
C THR I 644 21.23 2.17 4.84
N VAL I 645 20.22 3.01 5.06
CA VAL I 645 19.36 2.89 6.23
C VAL I 645 17.94 2.70 5.77
N ASN I 646 17.32 1.61 6.21
CA ASN I 646 15.91 1.38 5.92
C ASN I 646 15.08 2.50 6.51
N ASP I 647 14.18 3.05 5.69
CA ASP I 647 13.47 4.26 6.09
C ASP I 647 12.63 4.05 7.34
N LEU I 648 12.12 2.84 7.54
CA LEU I 648 11.35 2.57 8.76
C LEU I 648 12.17 2.92 9.98
N THR I 649 13.39 2.39 10.06
CA THR I 649 14.28 2.76 11.16
C THR I 649 14.55 4.25 11.14
N ARG I 650 14.82 4.80 9.95
CA ARG I 650 15.01 6.25 9.84
C ARG I 650 13.81 6.99 10.40
N ARG I 651 12.60 6.52 10.05
CA ARG I 651 11.41 7.12 10.61
C ARG I 651 11.39 6.99 12.13
N THR I 652 11.88 5.87 12.64
CA THR I 652 11.92 5.69 14.08
C THR I 652 12.91 6.65 14.73
N MET I 653 14.11 6.76 14.14
CA MET I 653 15.14 7.59 14.75
C MET I 653 14.68 9.04 14.85
N THR I 654 14.14 9.59 13.76
CA THR I 654 13.65 10.94 13.82
C THR I 654 12.49 11.06 14.80
N GLY I 655 11.74 9.98 15.00
CA GLY I 655 10.68 10.00 15.97
C GLY I 655 11.20 10.18 17.38
N VAL I 656 12.16 9.35 17.78
CA VAL I 656 12.64 9.39 19.15
C VAL I 656 13.35 10.72 19.43
N MET I 657 14.08 11.23 18.44
CA MET I 657 14.69 12.54 18.61
C MET I 657 13.63 13.61 18.78
N THR I 658 12.53 13.51 18.03
CA THR I 658 11.44 14.45 18.21
C THR I 658 10.87 14.36 19.62
N ALA I 659 10.74 13.14 20.14
CA ALA I 659 10.16 12.96 21.45
C ALA I 659 10.99 13.68 22.51
N MET I 660 12.31 13.57 22.43
CA MET I 660 13.16 14.23 23.40
C MET I 660 12.97 15.74 23.35
N ARG I 661 12.87 16.31 22.15
CA ARG I 661 12.71 17.74 22.02
C ARG I 661 11.41 18.24 22.64
N GLN I 662 10.44 17.36 22.85
CA GLN I 662 9.13 17.76 23.35
C GLN I 662 8.95 17.53 24.83
N VAL I 663 9.95 16.96 25.51
CA VAL I 663 9.82 16.73 26.95
C VAL I 663 9.82 18.07 27.67
N LYS I 664 8.84 18.26 28.55
CA LYS I 664 8.72 19.52 29.29
C LYS I 664 9.57 19.47 30.55
N THR I 665 10.88 19.52 30.32
CA THR I 665 11.83 19.50 31.43
C THR I 665 11.87 20.84 32.14
N MET I 666 12.27 20.81 33.40
CA MET I 666 12.38 22.02 34.21
C MET I 666 13.79 22.59 34.25
N THR I 667 14.79 21.77 33.95
CA THR I 667 16.19 22.18 34.09
C THR I 667 16.52 23.50 33.41
N PRO I 668 16.16 23.73 32.14
CA PRO I 668 16.59 24.99 31.51
C PRO I 668 16.11 26.22 32.25
N PHE I 669 14.88 26.19 32.78
CA PHE I 669 14.40 27.31 33.58
C PHE I 669 15.24 27.46 34.83
N TYR I 670 15.53 26.35 35.50
CA TYR I 670 16.29 26.40 36.74
C TYR I 670 17.66 27.00 36.53
N ILE I 671 18.30 26.65 35.41
CA ILE I 671 19.64 27.19 35.13
C ILE I 671 19.58 28.70 35.01
N GLN I 672 18.59 29.22 34.30
CA GLN I 672 18.57 30.64 34.00
C GLN I 672 18.12 31.48 35.19
N HIS I 673 17.24 30.97 36.03
CA HIS I 673 16.59 31.80 37.04
C HIS I 673 16.96 31.48 38.47
N MET I 674 17.15 30.22 38.80
CA MET I 674 17.26 29.81 40.20
C MET I 674 18.65 29.41 40.61
N CYS I 675 19.37 28.68 39.77
CA CYS I 675 20.74 28.29 40.09
C CYS I 675 21.63 29.46 40.47
N PRO I 676 21.61 30.61 39.78
CA PRO I 676 22.50 31.70 40.20
C PRO I 676 22.31 32.12 41.64
N THR I 677 21.05 32.14 42.12
CA THR I 677 20.82 32.51 43.51
C THR I 677 21.49 31.52 44.45
N GLU I 678 21.35 30.23 44.16
CA GLU I 678 21.96 29.22 45.02
C GLU I 678 23.47 29.41 45.09
N LEU I 679 24.10 29.65 43.94
CA LEU I 679 25.53 29.92 43.94
C LEU I 679 25.86 31.17 44.73
N SER I 680 25.09 32.23 44.52
CA SER I 680 25.39 33.50 45.16
C SER I 680 25.36 33.37 46.67
N VAL I 681 24.40 32.65 47.20
CA VAL I 681 24.32 32.46 48.65
C VAL I 681 25.46 31.58 49.13
N LEU I 682 25.65 30.43 48.48
CA LEU I 682 26.64 29.48 48.97
C LEU I 682 28.05 30.02 48.90
N ALA I 683 28.31 31.00 48.04
CA ALA I 683 29.64 31.57 47.95
C ALA I 683 30.11 32.14 49.28
N SER I 684 29.17 32.58 50.12
CA SER I 684 29.52 33.12 51.42
C SER I 684 29.69 32.03 52.47
N VAL I 685 29.49 30.77 52.11
CA VAL I 685 29.44 29.69 53.08
C VAL I 685 30.67 28.80 53.01
N THR I 686 31.13 28.48 51.80
CA THR I 686 32.24 27.56 51.66
C THR I 686 33.49 28.11 52.33
N VAL I 687 34.29 27.20 52.88
CA VAL I 687 35.51 27.61 53.56
C VAL I 687 36.46 28.33 52.63
N THR I 688 36.35 28.09 51.33
CA THR I 688 37.19 28.74 50.34
C THR I 688 36.31 29.60 49.45
N PRO I 689 36.52 30.91 49.40
CA PRO I 689 35.70 31.76 48.54
C PRO I 689 35.88 31.39 47.09
N PRO I 690 34.90 31.73 46.24
CA PRO I 690 35.00 31.39 44.83
C PRO I 690 36.21 32.06 44.19
N PHE I 691 36.74 31.40 43.16
CA PHE I 691 37.96 31.85 42.50
C PHE I 691 37.73 31.70 41.00
N GLN I 692 37.39 32.80 40.33
CA GLN I 692 36.91 32.75 38.96
C GLN I 692 37.83 33.54 38.03
N VAL I 693 37.68 33.25 36.75
CA VAL I 693 38.41 33.92 35.68
C VAL I 693 37.42 34.04 34.52
N PRO I 694 37.47 35.10 33.72
CA PRO I 694 36.37 35.37 32.78
C PRO I 694 36.08 34.21 31.84
N PHE I 695 34.80 33.98 31.60
CA PHE I 695 34.36 32.99 30.62
C PHE I 695 34.48 33.58 29.23
N THR I 696 35.45 33.13 28.47
CA THR I 696 35.52 33.50 27.06
C THR I 696 34.66 32.54 26.25
N ARG I 697 34.31 32.98 25.05
CA ARG I 697 33.37 32.23 24.21
C ARG I 697 33.80 32.37 22.76
N LEU I 698 34.40 31.32 22.21
CA LEU I 698 34.68 31.18 20.78
C LEU I 698 35.64 32.23 20.25
N VAL I 699 36.24 33.04 21.12
CA VAL I 699 37.22 34.03 20.69
C VAL I 699 38.59 33.39 20.80
N GLN I 700 39.19 33.07 19.64
CA GLN I 700 40.44 32.32 19.65
C GLN I 700 41.54 33.07 20.37
N ASN I 701 41.66 34.37 20.13
CA ASN I 701 42.73 35.13 20.76
C ASN I 701 42.52 35.32 22.25
N ASP I 702 41.32 35.08 22.77
CA ASP I 702 41.03 35.31 24.17
C ASP I 702 41.02 34.04 25.00
N VAL I 703 41.30 32.89 24.40
CA VAL I 703 41.34 31.65 25.17
C VAL I 703 42.42 31.77 26.22
N ILE I 704 42.04 31.59 27.48
CA ILE I 704 42.97 31.71 28.59
C ILE I 704 43.74 30.41 28.70
N THR I 705 45.03 30.45 28.37
CA THR I 705 45.83 29.24 28.43
C THR I 705 46.24 28.90 29.85
N ASN I 706 46.69 29.89 30.62
CA ASN I 706 47.27 29.63 31.92
C ASN I 706 46.79 30.65 32.94
N VAL I 707 46.55 30.17 34.16
CA VAL I 707 46.32 31.02 35.32
C VAL I 707 47.54 30.91 36.22
N LEU I 708 48.10 32.04 36.62
CA LEU I 708 49.45 32.07 37.17
C LEU I 708 49.49 32.81 38.49
N VAL I 709 50.42 32.39 39.35
CA VAL I 709 50.67 33.03 40.63
C VAL I 709 52.16 32.90 40.92
N ALA I 710 52.71 33.90 41.60
CA ALA I 710 54.13 33.94 41.90
C ALA I 710 54.36 34.28 43.36
N ARG I 711 55.38 33.66 43.96
CA ARG I 711 55.81 33.98 45.31
C ARG I 711 56.91 35.01 45.35
N VAL I 712 57.56 35.27 44.21
CA VAL I 712 58.80 36.04 44.16
C VAL I 712 58.59 37.23 43.25
N ASP I 713 58.97 38.41 43.73
CA ASP I 713 58.98 39.59 42.88
C ASP I 713 59.94 39.36 41.73
N PRO I 714 59.45 39.25 40.50
CA PRO I 714 60.34 38.99 39.36
C PRO I 714 61.27 40.14 39.05
N ALA I 715 61.04 41.32 39.62
CA ALA I 715 61.87 42.46 39.29
C ALA I 715 63.25 42.36 39.95
N GLN I 716 63.30 41.88 41.18
CA GLN I 716 64.57 41.86 41.91
C GLN I 716 65.60 41.01 41.18
N ARG I 717 65.31 39.72 41.01
CA ARG I 717 66.10 38.93 40.08
C ARG I 717 65.88 39.46 38.67
N GLY I 718 66.85 39.23 37.80
CA GLY I 718 66.78 39.81 36.48
C GLY I 718 65.74 39.15 35.59
N ASP I 719 64.47 39.28 35.97
CA ASP I 719 63.36 38.65 35.27
C ASP I 719 62.31 39.68 34.89
N ALA I 720 62.75 40.79 34.31
CA ALA I 720 61.81 41.83 33.91
C ALA I 720 61.07 41.46 32.64
N ALA I 721 61.81 41.24 31.55
CA ALA I 721 61.22 40.96 30.25
C ALA I 721 60.99 39.48 30.00
N VAL I 722 61.25 38.63 31.00
CA VAL I 722 61.06 37.20 30.81
C VAL I 722 59.59 36.89 30.58
N ASP I 723 59.32 35.81 29.86
CA ASP I 723 57.95 35.36 29.66
C ASP I 723 57.28 35.12 31.00
N ILE I 724 55.98 35.44 31.05
CA ILE I 724 55.25 35.33 32.30
C ILE I 724 55.25 33.89 32.80
N ARG I 725 55.16 32.94 31.88
CA ARG I 725 55.08 31.54 32.28
C ARG I 725 56.35 31.09 33.01
N ALA I 726 57.48 31.69 32.70
CA ALA I 726 58.72 31.33 33.38
C ALA I 726 58.86 32.02 34.73
N THR I 727 57.99 32.98 35.05
CA THR I 727 58.11 33.74 36.27
C THR I 727 57.01 33.45 37.29
N HIS I 728 56.00 32.68 36.93
CA HIS I 728 54.90 32.39 37.82
C HIS I 728 54.59 30.90 37.79
N ALA I 729 53.95 30.42 38.85
CA ALA I 729 53.50 29.05 38.92
C ALA I 729 52.14 28.90 38.25
N THR I 730 51.90 27.72 37.69
CA THR I 730 50.68 27.45 36.94
C THR I 730 49.83 26.41 37.66
N PHE I 731 48.52 26.57 37.54
CA PHE I 731 47.58 25.58 38.06
C PHE I 731 47.35 24.49 37.02
N ALA I 732 47.03 23.30 37.51
CA ALA I 732 46.79 22.16 36.63
C ALA I 732 45.82 21.22 37.32
N ALA I 733 44.58 21.19 36.85
CA ALA I 733 43.57 20.32 37.42
C ALA I 733 42.42 20.20 36.44
N ALA I 734 41.93 18.98 36.25
CA ALA I 734 40.84 18.71 35.33
C ALA I 734 39.97 17.61 35.88
N LEU I 735 38.70 17.60 35.46
CA LEU I 735 37.73 16.62 35.90
C LEU I 735 37.01 16.02 34.70
N PRO I 736 37.19 14.74 34.43
CA PRO I 736 36.56 14.12 33.26
C PRO I 736 35.11 13.73 33.49
N VAL I 737 34.18 14.65 33.30
CA VAL I 737 32.76 14.36 33.47
C VAL I 737 32.27 13.44 32.36
N ASP I 738 31.09 12.86 32.55
CA ASP I 738 30.49 11.93 31.60
C ASP I 738 29.32 12.59 30.90
N PRO I 739 29.34 12.70 29.58
CA PRO I 739 28.22 13.33 28.88
C PRO I 739 26.87 12.69 29.15
N ALA I 740 26.83 11.36 29.24
CA ALA I 740 25.55 10.67 29.33
C ALA I 740 24.78 11.11 30.56
N ALA I 741 25.46 11.18 31.71
CA ALA I 741 24.78 11.63 32.91
C ALA I 741 24.31 13.06 32.77
N ILE I 742 25.13 13.91 32.15
CA ILE I 742 24.76 15.31 31.96
C ILE I 742 23.46 15.42 31.17
N VAL I 743 23.37 14.65 30.09
CA VAL I 743 22.19 14.73 29.23
C VAL I 743 20.93 14.37 30.01
N VAL I 744 21.00 13.30 30.82
CA VAL I 744 19.84 12.88 31.60
C VAL I 744 19.38 14.00 32.51
N ALA I 745 20.32 14.66 33.18
CA ALA I 745 19.96 15.72 34.10
C ALA I 745 19.25 16.85 33.37
N MET I 746 19.72 17.19 32.17
CA MET I 746 19.08 18.27 31.44
C MET I 746 17.63 17.94 31.11
N LEU I 747 17.37 16.69 30.77
CA LEU I 747 16.05 16.32 30.27
C LEU I 747 15.10 15.84 31.35
N CYS I 748 15.58 15.62 32.57
CA CYS I 748 14.75 15.03 33.61
C CYS I 748 14.48 15.99 34.77
N GLY I 749 14.82 17.26 34.62
CA GLY I 749 14.56 18.21 35.70
C GLY I 749 13.07 18.44 35.88
N GLN I 750 12.62 18.34 37.13
CA GLN I 750 11.24 18.63 37.45
C GLN I 750 11.14 18.97 38.92
N THR I 751 10.05 19.63 39.29
CA THR I 751 9.88 20.16 40.64
C THR I 751 8.46 19.89 41.11
N GLU I 752 8.14 20.43 42.28
CA GLU I 752 6.75 20.44 42.73
C GLU I 752 5.93 21.37 41.85
N THR I 753 4.62 21.17 41.87
CA THR I 753 3.75 21.86 40.93
C THR I 753 3.60 23.34 41.22
N ASN I 754 3.59 23.74 42.48
CA ASN I 754 3.31 25.12 42.86
C ASN I 754 4.42 25.64 43.75
N LEU I 755 5.66 25.45 43.31
CA LEU I 755 6.81 25.86 44.08
C LEU I 755 6.93 27.38 44.09
N ILE I 756 7.03 27.95 45.29
CA ILE I 756 7.37 29.37 45.43
C ILE I 756 8.85 29.43 45.75
N PRO I 757 9.70 29.83 44.81
CA PRO I 757 11.15 29.70 45.04
C PRO I 757 11.62 30.46 46.26
N SER I 758 11.11 31.67 46.48
CA SER I 758 11.53 32.47 47.61
C SER I 758 11.25 31.73 48.92
N HIS I 759 10.06 31.16 49.04
CA HIS I 759 9.72 30.45 50.26
C HIS I 759 10.62 29.24 50.47
N HIS I 760 10.80 28.43 49.43
CA HIS I 760 11.60 27.22 49.57
C HIS I 760 13.02 27.56 49.97
N TYR I 761 13.64 28.50 49.26
CA TYR I 761 14.99 28.91 49.62
C TYR I 761 15.01 29.53 51.01
N GLY I 762 13.98 30.32 51.33
CA GLY I 762 13.93 30.92 52.66
C GLY I 762 13.93 29.89 53.75
N LYS I 763 13.09 28.86 53.62
CA LYS I 763 13.11 27.78 54.59
C LYS I 763 14.42 27.01 54.51
N ALA I 764 14.98 26.87 53.32
CA ALA I 764 16.23 26.12 53.17
C ALA I 764 17.38 26.85 53.83
N PHE I 765 17.49 28.15 53.60
CA PHE I 765 18.63 28.91 54.09
C PHE I 765 18.47 29.37 55.53
N ALA I 766 17.44 28.89 56.23
CA ALA I 766 17.23 29.34 57.60
C ALA I 766 18.42 29.07 58.52
N PRO I 767 19.00 27.87 58.57
CA PRO I 767 20.12 27.65 59.48
C PRO I 767 21.43 28.24 58.99
N LEU I 768 21.43 28.85 57.81
CA LEU I 768 22.67 29.32 57.21
C LEU I 768 23.31 30.40 58.06
N PHE I 769 22.52 31.36 58.51
CA PHE I 769 23.06 32.52 59.21
C PHE I 769 22.47 32.56 60.61
N ALA I 770 23.08 31.76 61.47
CA ALA I 770 22.86 31.82 62.91
C ALA I 770 24.14 31.73 63.72
N SER I 771 25.24 31.30 63.11
CA SER I 771 26.55 31.25 63.74
C SER I 771 27.44 32.34 63.16
N ASN I 772 28.69 32.38 63.58
CA ASN I 772 29.64 33.40 63.18
C ASN I 772 30.80 32.79 62.43
N ALA I 773 30.54 31.75 61.65
CA ALA I 773 31.60 31.13 60.87
C ALA I 773 32.22 32.10 59.88
N MET I 774 31.40 33.00 59.34
CA MET I 774 31.89 33.92 58.32
C MET I 774 32.86 34.95 58.90
N PHE I 775 32.87 35.13 60.21
CA PHE I 775 33.67 36.20 60.80
C PHE I 775 35.05 35.75 61.25
N THR I 776 35.18 34.49 61.67
CA THR I 776 36.49 33.99 62.08
C THR I 776 37.50 34.13 60.97
N ARG I 777 37.09 33.82 59.73
CA ARG I 777 38.01 33.95 58.62
C ARG I 777 38.43 35.40 58.42
N ASN I 778 37.51 36.34 58.64
CA ASN I 778 37.89 37.75 58.57
C ASN I 778 38.96 38.07 59.58
N GLN I 779 38.78 37.61 60.82
CA GLN I 779 39.79 37.84 61.84
C GLN I 779 41.10 37.17 61.46
N ARG I 780 41.02 35.95 60.93
CA ARG I 780 42.23 35.27 60.48
C ARG I 780 42.95 36.07 59.40
N ALA I 781 42.18 36.74 58.54
CA ALA I 781 42.79 37.56 57.51
C ALA I 781 43.59 38.69 58.12
N VAL I 782 43.02 39.37 59.11
CA VAL I 782 43.69 40.52 59.70
C VAL I 782 45.02 40.11 60.30
N ILE I 783 45.01 39.01 61.06
CA ILE I 783 46.25 38.51 61.64
C ILE I 783 47.23 38.16 60.54
N THR I 784 46.73 37.56 59.45
CA THR I 784 47.62 37.20 58.35
C THR I 784 48.31 38.42 57.79
N ARG I 785 47.58 39.51 57.62
CA ARG I 785 48.19 40.73 57.10
C ARG I 785 49.29 41.22 58.02
N GLU I 786 48.99 41.35 59.31
CA GLU I 786 49.97 41.89 60.24
C GLU I 786 51.21 41.01 60.29
N ALA I 787 51.02 39.70 60.32
CA ALA I 787 52.16 38.79 60.32
C ALA I 787 52.99 38.98 59.06
N PHE I 788 52.32 39.09 57.91
CA PHE I 788 53.04 39.26 56.65
C PHE I 788 53.87 40.54 56.67
N VAL I 789 53.25 41.65 57.05
CA VAL I 789 53.95 42.93 57.00
C VAL I 789 55.14 42.91 57.95
N CYS I 790 54.94 42.44 59.17
CA CYS I 790 56.02 42.41 60.14
C CYS I 790 57.16 41.53 59.64
N ALA I 791 56.83 40.38 59.09
CA ALA I 791 57.85 39.47 58.60
C ALA I 791 58.69 40.14 57.52
N ARG I 792 58.03 40.78 56.56
CA ARG I 792 58.76 41.49 55.51
C ARG I 792 59.62 42.58 56.12
N SER I 793 59.07 43.33 57.07
CA SER I 793 59.82 44.40 57.70
C SER I 793 61.07 43.86 58.38
N ALA I 794 60.92 42.75 59.11
CA ALA I 794 62.06 42.19 59.82
C ALA I 794 63.14 41.75 58.86
N VAL I 795 62.76 40.99 57.84
CA VAL I 795 63.75 40.45 56.91
C VAL I 795 64.48 41.59 56.20
N ALA I 796 63.74 42.62 55.79
CA ALA I 796 64.35 43.73 55.08
C ALA I 796 65.39 44.43 55.93
N GLN I 797 65.07 44.67 57.20
CA GLN I 797 65.99 45.40 58.06
C GLN I 797 67.28 44.65 58.30
N CYS I 798 67.24 43.32 58.25
CA CYS I 798 68.48 42.56 58.38
C CYS I 798 69.31 42.64 57.11
N GLN I 799 68.67 42.86 55.96
CA GLN I 799 69.42 43.13 54.74
C GLN I 799 69.99 44.54 54.78
N ASP I 800 70.90 44.80 53.85
CA ASP I 800 71.50 46.13 53.78
C ASP I 800 70.51 47.18 53.29
N ALA I 801 69.55 46.78 52.46
CA ALA I 801 68.53 47.69 51.97
C ALA I 801 67.43 46.87 51.32
N GLY I 802 66.30 47.52 51.08
CA GLY I 802 65.22 46.89 50.33
C GLY I 802 63.85 47.31 50.82
N PHE I 803 62.89 47.28 49.89
CA PHE I 803 61.47 47.45 50.15
C PHE I 803 61.12 48.78 50.80
N LEU I 804 62.06 49.72 50.87
CA LEU I 804 61.79 51.04 51.41
C LEU I 804 61.23 50.99 52.83
N VAL I 805 61.83 50.17 53.67
CA VAL I 805 61.44 50.13 55.08
C VAL I 805 62.39 51.04 55.86
N PRO I 806 61.92 51.72 56.89
CA PRO I 806 62.83 52.50 57.73
C PRO I 806 63.78 51.58 58.48
N ARG I 807 64.96 52.11 58.79
CA ARG I 807 66.05 51.33 59.36
C ARG I 807 66.60 52.04 60.59
N PRO I 808 65.85 52.02 61.70
CA PRO I 808 66.38 52.67 62.91
C PRO I 808 67.50 51.89 63.57
N LEU I 809 67.45 50.56 63.53
CA LEU I 809 68.47 49.75 64.17
C LEU I 809 69.69 49.54 63.31
N ASP I 810 69.87 50.35 62.26
CA ASP I 810 70.94 50.10 61.31
C ASP I 810 72.32 50.17 61.96
N ALA I 811 72.44 50.80 63.12
CA ALA I 811 73.73 50.91 63.77
C ALA I 811 74.29 49.55 64.16
N LEU I 812 73.43 48.64 64.59
CA LEU I 812 73.88 47.34 65.04
C LEU I 812 74.49 46.55 63.89
N ARG I 813 75.41 45.65 64.24
CA ARG I 813 76.07 44.83 63.24
C ARG I 813 75.20 43.64 62.85
N GLN I 814 75.25 43.28 61.57
CA GLN I 814 74.56 42.10 61.08
C GLN I 814 75.35 41.62 59.87
N PHE I 815 76.23 40.64 60.09
CA PHE I 815 77.14 40.25 59.02
C PHE I 815 76.46 39.35 57.99
N ASP I 816 75.79 38.30 58.45
CA ASP I 816 75.21 37.33 57.53
C ASP I 816 73.95 37.90 56.89
N VAL I 817 73.87 37.77 55.57
CA VAL I 817 72.69 38.23 54.82
C VAL I 817 72.25 37.13 53.88
N THR I 818 72.72 35.92 54.10
CA THR I 818 72.40 34.81 53.21
C THR I 818 70.91 34.48 53.30
N SER I 819 70.44 33.75 52.29
CA SER I 819 69.04 33.35 52.27
C SER I 819 68.69 32.48 53.46
N ALA I 820 69.63 31.65 53.92
CA ALA I 820 69.37 30.79 55.06
C ALA I 820 69.03 31.61 56.29
N ALA I 821 69.76 32.71 56.51
CA ALA I 821 69.46 33.58 57.63
C ALA I 821 68.06 34.15 57.51
N ALA I 822 67.67 34.57 56.30
CA ALA I 822 66.33 35.09 56.10
C ALA I 822 65.29 34.03 56.43
N ALA I 823 65.52 32.79 56.00
CA ALA I 823 64.57 31.72 56.27
C ALA I 823 64.39 31.53 57.77
N GLU I 824 65.49 31.51 58.51
CA GLU I 824 65.39 31.33 59.97
C GLU I 824 64.62 32.48 60.59
N ILE I 825 64.91 33.71 60.17
CA ILE I 825 64.22 34.86 60.74
C ILE I 825 62.73 34.77 60.45
N MET I 826 62.37 34.42 59.22
CA MET I 826 60.96 34.33 58.87
C MET I 826 60.26 33.28 59.70
N HIS I 827 60.89 32.12 59.89
CA HIS I 827 60.30 31.09 60.72
C HIS I 827 60.10 31.58 62.14
N ALA I 828 61.10 32.30 62.67
CA ALA I 828 60.98 32.83 64.02
C ALA I 828 59.79 33.77 64.13
N VAL I 829 59.62 34.65 63.15
CA VAL I 829 58.49 35.57 63.16
C VAL I 829 57.19 34.80 63.09
N ASN I 830 57.11 33.85 62.15
CA ASN I 830 55.88 33.08 62.00
C ASN I 830 55.56 32.31 63.27
N ASP I 831 56.58 31.70 63.87
CA ASP I 831 56.38 30.99 65.12
C ASP I 831 55.86 31.94 66.19
N ALA I 832 56.48 33.11 66.30
CA ALA I 832 56.09 34.06 67.34
C ALA I 832 54.62 34.45 67.19
N PHE I 833 54.21 34.75 65.96
CA PHE I 833 52.82 35.13 65.73
C PHE I 833 51.88 33.98 66.06
N LYS I 834 52.23 32.76 65.64
CA LYS I 834 51.38 31.62 65.92
C LYS I 834 51.15 31.45 67.42
N THR I 835 52.24 31.51 68.19
CA THR I 835 52.12 31.39 69.64
C THR I 835 51.31 32.54 70.23
N ALA I 836 51.57 33.76 69.75
CA ALA I 836 50.95 34.93 70.37
C ALA I 836 49.44 34.92 70.20
N PHE I 837 48.96 34.53 69.04
CA PHE I 837 47.53 34.60 68.75
C PHE I 837 46.85 33.25 68.77
N ASP I 838 47.54 32.21 69.21
CA ASP I 838 46.95 30.89 69.38
C ASP I 838 46.35 30.40 68.06
N LEU I 839 47.23 30.20 67.08
CA LEU I 839 46.85 29.66 65.79
C LEU I 839 47.48 28.30 65.59
N ASP I 840 46.83 27.48 64.79
CA ASP I 840 47.28 26.12 64.55
C ASP I 840 47.51 25.82 63.07
N GLY I 841 46.67 26.36 62.20
CA GLY I 841 46.79 26.09 60.78
C GLY I 841 48.00 26.79 60.19
N ALA I 842 48.07 26.73 58.87
CA ALA I 842 49.17 27.38 58.15
C ALA I 842 49.08 28.89 58.31
N LEU I 843 50.25 29.52 58.35
CA LEU I 843 50.33 30.97 58.46
C LEU I 843 51.69 31.39 57.94
N LEU I 844 51.71 32.18 56.86
CA LEU I 844 52.92 32.63 56.20
C LEU I 844 53.79 31.49 55.71
N ASP I 845 53.27 30.26 55.72
CA ASP I 845 54.02 29.15 55.17
C ASP I 845 53.99 29.22 53.64
N GLY I 846 54.81 28.39 53.01
CA GLY I 846 54.89 28.35 51.58
C GLY I 846 55.61 29.52 50.95
N LEU I 847 55.74 30.64 51.65
CA LEU I 847 56.55 31.73 51.13
C LEU I 847 57.99 31.29 50.94
N ALA I 848 58.52 30.55 51.92
CA ALA I 848 59.87 30.03 51.83
C ALA I 848 59.97 28.74 51.05
N LEU I 849 58.95 28.41 50.25
CA LEU I 849 58.99 27.17 49.48
C LEU I 849 60.18 27.16 48.54
N TYR I 850 60.41 28.28 47.85
CA TYR I 850 61.58 28.38 47.00
C TYR I 850 62.85 28.65 47.78
N GLY I 851 62.74 28.97 49.07
CA GLY I 851 63.91 29.09 49.91
C GLY I 851 64.65 30.40 49.80
N ASP I 852 63.95 31.50 49.56
CA ASP I 852 64.57 32.84 49.57
C ASP I 852 63.52 33.86 49.93
N PRO I 853 63.24 34.04 51.22
CA PRO I 853 62.24 35.04 51.63
C PRO I 853 62.64 36.46 51.28
N ARG I 854 63.90 36.70 50.99
CA ARG I 854 64.34 38.07 50.71
C ARG I 854 63.62 38.68 49.53
N ILE I 855 63.04 37.86 48.65
CA ILE I 855 62.33 38.34 47.47
C ILE I 855 60.85 37.99 47.54
N ALA I 856 60.30 37.85 48.73
CA ALA I 856 58.93 37.42 48.88
C ALA I 856 57.97 38.53 48.46
N ASP I 857 57.17 38.27 47.44
CA ASP I 857 56.12 39.19 47.03
C ASP I 857 55.08 38.41 46.22
N LEU I 858 53.82 38.77 46.41
CA LEU I 858 52.72 38.04 45.80
C LEU I 858 52.21 38.75 44.55
N SER I 859 51.82 37.95 43.57
CA SER I 859 51.22 38.47 42.34
C SER I 859 50.52 37.34 41.63
N ALA I 860 49.43 37.66 40.96
CA ALA I 860 48.67 36.70 40.19
C ALA I 860 48.39 37.26 38.80
N ALA I 861 48.29 36.37 37.83
CA ALA I 861 48.04 36.78 36.45
C ALA I 861 47.51 35.60 35.66
N TYR I 862 46.91 35.92 34.51
CA TYR I 862 46.53 34.90 33.55
C TYR I 862 46.92 35.37 32.16
N LEU I 863 47.11 34.39 31.28
CA LEU I 863 47.65 34.63 29.95
C LEU I 863 46.64 34.19 28.90
N GLN I 864 46.35 35.06 27.95
CA GLN I 864 45.47 34.74 26.85
C GLN I 864 46.27 34.34 25.64
N TYR I 865 45.66 33.51 24.78
CA TYR I 865 46.37 33.01 23.61
C TYR I 865 46.83 34.14 22.71
N GLY I 866 46.13 35.26 22.72
CA GLY I 866 46.56 36.40 21.95
C GLY I 866 47.77 37.12 22.49
N GLY I 867 48.39 36.59 23.55
CA GLY I 867 49.54 37.21 24.14
C GLY I 867 49.23 38.28 25.17
N ASN I 868 47.95 38.50 25.47
CA ASN I 868 47.59 39.51 26.45
C ASN I 868 47.75 38.97 27.87
N VAL I 869 48.13 39.85 28.79
CA VAL I 869 48.39 39.50 30.17
C VAL I 869 47.74 40.55 31.06
N VAL I 870 47.37 40.16 32.27
CA VAL I 870 46.72 41.05 33.23
C VAL I 870 47.69 41.51 34.31
N ARG I 871 48.36 40.57 35.00
CA ARG I 871 49.42 40.89 35.95
C ARG I 871 48.91 41.79 37.08
N GLU I 872 48.04 41.22 37.90
CA GLU I 872 47.49 41.92 39.04
C GLU I 872 48.38 41.75 40.26
N HIS I 873 48.64 42.85 40.96
CA HIS I 873 49.47 42.86 42.15
C HIS I 873 48.61 42.77 43.41
N VAL I 874 49.21 42.26 44.49
CA VAL I 874 48.52 42.12 45.76
C VAL I 874 49.39 42.70 46.88
N PRO I 875 49.45 44.02 47.02
CA PRO I 875 50.23 44.60 48.10
C PRO I 875 49.48 44.52 49.41
N PRO I 876 50.19 44.53 50.54
CA PRO I 876 49.52 44.49 51.83
C PRO I 876 48.82 45.80 52.13
N GLY I 877 47.90 45.74 53.10
CA GLY I 877 47.19 46.92 53.53
C GLY I 877 47.94 47.67 54.61
N PRO I 878 47.38 48.78 55.08
CA PRO I 878 48.05 49.55 56.12
C PRO I 878 47.95 48.88 57.48
N SER I 879 49.05 48.32 57.95
CA SER I 879 49.05 47.60 59.21
C SER I 879 49.13 48.57 60.39
N HIS I 880 48.99 48.01 61.59
CA HIS I 880 49.11 48.77 62.82
C HIS I 880 50.35 48.41 63.62
N ILE I 881 50.62 47.10 63.75
CA ILE I 881 51.75 46.67 64.57
C ILE I 881 53.05 47.19 63.99
N HIS I 882 53.17 47.17 62.66
CA HIS I 882 54.36 47.67 62.00
C HIS I 882 54.71 49.07 62.47
N ARG I 883 53.70 49.93 62.59
CA ARG I 883 53.91 51.25 63.17
C ARG I 883 54.48 51.13 64.57
N THR I 884 53.84 50.31 65.41
CA THR I 884 54.27 50.19 66.79
C THR I 884 55.68 49.65 66.88
N LEU I 885 55.98 48.60 66.13
CA LEU I 885 57.30 48.00 66.20
C LEU I 885 58.37 49.01 65.81
N GLN I 886 58.09 49.83 64.80
CA GLN I 886 59.01 50.89 64.44
C GLN I 886 59.24 51.84 65.60
N GLN I 887 58.17 52.19 66.31
CA GLN I 887 58.32 53.06 67.46
C GLN I 887 59.17 52.40 68.53
N VAL I 888 58.96 51.11 68.78
CA VAL I 888 59.73 50.42 69.79
C VAL I 888 61.20 50.40 69.42
N GLU I 889 61.50 50.09 68.16
CA GLU I 889 62.89 50.07 67.73
C GLU I 889 63.55 51.41 67.95
N SER I 890 62.90 52.49 67.51
CA SER I 890 63.48 53.82 67.67
C SER I 890 63.72 54.13 69.14
N THR I 891 62.79 53.73 70.00
CA THR I 891 62.95 53.98 71.42
C THR I 891 64.12 53.18 71.98
N PHE I 892 64.29 51.94 71.55
CA PHE I 892 65.33 51.09 72.11
C PHE I 892 66.71 51.69 71.92
N MET I 893 66.93 52.42 70.81
CA MET I 893 68.22 53.02 70.57
C MET I 893 68.58 54.05 71.62
N ALA I 894 67.59 54.54 72.37
CA ALA I 894 67.87 55.49 73.44
C ALA I 894 68.02 54.84 74.80
N GLU I 895 67.34 53.73 75.04
CA GLU I 895 67.31 53.10 76.36
C GLU I 895 67.87 51.68 76.33
N MET I 896 68.86 51.44 75.48
CA MET I 896 69.42 50.10 75.37
C MET I 896 70.06 49.64 76.67
N ASN I 897 70.45 50.56 77.55
CA ASN I 897 71.03 50.16 78.83
C ASN I 897 70.04 49.33 79.64
N LEU I 898 68.75 49.62 79.51
CA LEU I 898 67.75 48.88 80.26
C LEU I 898 67.66 47.42 79.84
N PHE I 899 68.26 47.06 78.72
CA PHE I 899 68.25 45.68 78.24
C PHE I 899 69.62 45.04 78.36
N ASN I 900 70.43 45.52 79.31
CA ASN I 900 71.78 45.01 79.52
C ASN I 900 72.61 45.11 78.25
N VAL I 901 72.43 46.19 77.52
CA VAL I 901 73.16 46.43 76.27
C VAL I 901 73.79 47.80 76.36
N ALA I 902 75.08 47.88 76.03
CA ALA I 902 75.82 49.12 76.05
C ALA I 902 76.31 49.45 74.65
N ARG I 903 76.73 50.70 74.47
CA ARG I 903 77.23 51.18 73.20
C ARG I 903 78.57 51.86 73.42
N GLY I 904 79.42 51.80 72.41
CA GLY I 904 80.74 52.40 72.48
C GLY I 904 81.83 51.35 72.62
N ASN I 905 83.06 51.83 72.57
CA ASN I 905 84.22 50.95 72.60
C ASN I 905 84.59 50.62 74.05
N LEU I 906 85.64 49.83 74.20
CA LEU I 906 86.12 49.38 75.49
C LEU I 906 87.60 49.70 75.63
N TYR I 907 87.99 50.16 76.81
CA TYR I 907 89.38 50.46 77.12
C TYR I 907 89.95 49.44 78.08
N LEU I 908 91.27 49.32 78.07
CA LEU I 908 92.00 48.43 78.97
C LEU I 908 93.25 49.19 79.43
N VAL I 909 93.15 49.86 80.57
CA VAL I 909 94.26 50.65 81.09
C VAL I 909 94.43 50.32 82.57
N GLN I 910 95.66 50.03 82.97
CA GLN I 910 95.94 49.86 84.39
C GLN I 910 95.65 51.15 85.13
N THR I 911 94.91 51.03 86.23
CA THR I 911 94.48 52.20 87.00
C THR I 911 94.53 51.83 88.48
N ALA I 912 95.61 52.20 89.15
CA ALA I 912 95.78 51.91 90.57
C ALA I 912 95.08 52.97 91.41
N THR I 913 93.76 53.04 91.25
CA THR I 913 92.99 54.04 91.96
C THR I 913 92.80 53.66 93.42
N ASN I 914 92.37 54.63 94.21
CA ASN I 914 92.07 54.42 95.61
C ASN I 914 90.73 54.97 96.05
N GLY I 915 90.17 55.93 95.33
CA GLY I 915 88.89 56.52 95.67
C GLY I 915 87.74 55.92 94.89
N ASN I 916 86.78 56.77 94.52
CA ASN I 916 85.63 56.31 93.76
C ASN I 916 86.06 55.87 92.36
N TRP I 917 85.30 54.94 91.79
CA TRP I 917 85.63 54.36 90.49
C TRP I 917 84.35 53.95 89.80
N SER I 918 83.96 54.66 88.75
CA SER I 918 82.72 54.41 88.02
C SER I 918 83.06 54.08 86.57
N PRO I 919 83.24 52.80 86.25
CA PRO I 919 83.62 52.46 84.87
C PRO I 919 82.53 52.69 83.86
N MET I 920 81.27 52.59 84.26
CA MET I 920 80.16 52.71 83.32
C MET I 920 79.78 54.15 83.04
N ALA I 921 80.44 55.12 83.69
CA ALA I 921 80.14 56.53 83.50
C ALA I 921 81.40 57.33 83.73
N PRO I 922 82.30 57.36 82.75
CA PRO I 922 83.56 58.06 82.93
C PRO I 922 83.34 59.55 83.14
N VAL I 923 84.22 60.13 83.95
CA VAL I 923 84.15 61.57 84.23
C VAL I 923 85.09 62.37 83.35
N ALA I 924 86.12 61.76 82.79
CA ALA I 924 87.08 62.44 81.95
C ALA I 924 87.00 61.91 80.52
N ALA I 925 87.53 62.69 79.60
CA ALA I 925 87.52 62.29 78.21
C ALA I 925 88.37 61.04 78.01
N PRO I 926 87.97 60.12 77.13
CA PRO I 926 88.77 58.93 76.92
C PRO I 926 90.10 59.29 76.27
N PRO I 927 91.15 58.54 76.57
CA PRO I 927 92.45 58.82 75.96
C PRO I 927 92.60 58.17 74.60
N PHE I 928 93.50 58.75 73.82
CA PHE I 928 93.93 58.23 72.51
C PHE I 928 92.77 57.67 71.69
N VAL I 929 91.84 58.56 71.35
CA VAL I 929 90.78 58.14 70.43
C VAL I 929 91.41 57.70 69.11
N ARG I 930 90.67 56.89 68.36
CA ARG I 930 91.21 56.31 67.13
C ARG I 930 91.61 57.41 66.16
N GLY I 931 92.74 57.21 65.50
CA GLY I 931 93.29 58.18 64.59
C GLY I 931 94.08 59.29 65.24
N GLY I 932 94.27 59.24 66.56
CA GLY I 932 95.04 60.25 67.24
C GLY I 932 96.53 60.03 67.07
N PRO I 933 97.31 60.93 67.65
CA PRO I 933 98.76 60.83 67.52
C PRO I 933 99.29 59.54 68.11
N ASN I 934 100.25 58.94 67.41
CA ASN I 934 100.97 57.74 67.86
C ASN I 934 100.06 56.55 68.07
N VAL I 935 98.82 56.62 67.64
CA VAL I 935 97.88 55.52 67.84
C VAL I 935 98.03 54.52 66.70
N ARG I 936 98.38 53.29 67.04
CA ARG I 936 98.55 52.23 66.06
C ARG I 936 97.30 51.38 65.99
N VAL I 937 97.04 50.81 64.81
CA VAL I 937 95.90 49.93 64.58
C VAL I 937 96.42 48.60 64.06
N VAL I 938 95.99 47.52 64.70
CA VAL I 938 96.47 46.19 64.34
C VAL I 938 95.89 45.77 62.98
N GLY I 939 96.67 44.99 62.23
CA GLY I 939 96.23 44.52 60.94
C GLY I 939 95.17 43.43 61.02
N ARG I 940 94.57 43.14 59.87
CA ARG I 940 93.45 42.21 59.81
C ARG I 940 93.84 40.78 60.16
N PHE I 941 95.12 40.45 60.21
CA PHE I 941 95.54 39.13 60.63
C PHE I 941 95.95 39.06 62.09
N GLY I 942 96.36 40.18 62.68
CA GLY I 942 96.82 40.16 64.05
C GLY I 942 98.11 39.43 64.27
N THR I 943 98.87 39.18 63.21
CA THR I 943 100.10 38.42 63.35
C THR I 943 101.17 39.23 64.08
N ILE I 944 102.08 38.51 64.73
CA ILE I 944 103.17 39.09 65.48
C ILE I 944 104.47 38.44 65.03
N VAL I 945 105.55 39.22 64.97
CA VAL I 945 106.81 38.77 64.43
C VAL I 945 107.85 38.78 65.54
N PRO I 946 108.62 37.71 65.71
CA PRO I 946 109.70 37.71 66.70
C PRO I 946 110.97 38.31 66.12
N ARG I 947 111.89 38.65 67.01
CA ARG I 947 113.18 39.21 66.66
C ARG I 947 114.26 38.52 67.48
N PRO I 948 115.49 38.47 66.99
CA PRO I 948 116.54 37.74 67.68
C PRO I 948 117.30 38.58 68.70
N ASP I 949 117.92 37.88 69.64
CA ASP I 949 118.96 38.41 70.52
C ASP I 949 118.53 39.73 71.19
N GLY I 950 117.51 39.59 72.03
CA GLY I 950 117.11 40.67 72.90
C GLY I 950 116.11 41.64 72.31
N LEU I 951 115.97 41.66 70.99
CA LEU I 951 114.96 42.52 70.37
C LEU I 951 113.59 41.92 70.62
N GLU I 952 112.78 42.59 71.43
CA GLU I 952 111.46 42.07 71.73
C GLU I 952 110.57 42.15 70.49
N PRO I 953 109.57 41.28 70.39
CA PRO I 953 108.81 41.15 69.15
C PRO I 953 108.11 42.45 68.75
N GLN I 954 107.58 42.44 67.53
CA GLN I 954 106.84 43.56 66.98
C GLN I 954 105.50 43.07 66.43
N LEU I 955 104.56 43.99 66.34
CA LEU I 955 103.21 43.69 65.91
C LEU I 955 102.93 44.35 64.57
N ILE I 956 102.27 43.60 63.68
CA ILE I 956 101.97 44.11 62.35
C ILE I 956 100.75 45.01 62.42
N ASP I 957 100.89 46.24 61.94
CA ASP I 957 99.78 47.17 61.95
C ASP I 957 98.88 46.95 60.74
N ASP I 958 97.83 47.77 60.62
CA ASP I 958 96.98 47.71 59.46
C ASP I 958 97.71 48.11 58.18
N GLY I 959 98.82 48.84 58.31
CA GLY I 959 99.63 49.19 57.17
C GLY I 959 100.60 48.12 56.75
N ASN I 960 100.46 46.91 57.30
CA ASN I 960 101.37 45.80 57.03
C ASN I 960 102.80 46.18 57.36
N VAL I 961 102.97 46.79 58.53
CA VAL I 961 104.28 47.18 59.02
C VAL I 961 104.42 46.72 60.47
N PRO I 962 105.50 46.05 60.84
CA PRO I 962 105.70 45.71 62.25
C PRO I 962 105.95 46.95 63.09
N ARG I 963 105.33 47.00 64.25
CA ARG I 963 105.43 48.15 65.14
C ARG I 963 105.79 47.69 66.54
N ASP I 964 106.33 48.61 67.32
CA ASP I 964 106.68 48.32 68.69
C ASP I 964 105.43 48.20 69.54
N ILE I 965 105.45 47.23 70.47
CA ILE I 965 104.25 46.93 71.24
C ILE I 965 103.92 48.06 72.20
N ALA I 966 104.93 48.66 72.81
CA ALA I 966 104.70 49.70 73.80
C ALA I 966 103.93 50.86 73.19
N GLY I 967 103.09 51.48 74.00
CA GLY I 967 102.32 52.62 73.55
C GLY I 967 100.83 52.36 73.49
N ASP I 968 100.15 53.01 72.55
CA ASP I 968 98.71 52.91 72.42
C ASP I 968 98.35 52.10 71.19
N TRP I 969 97.24 51.38 71.27
CA TRP I 969 96.83 50.50 70.19
C TRP I 969 95.31 50.44 70.11
N VAL I 970 94.82 50.15 68.91
CA VAL I 970 93.39 49.99 68.65
C VAL I 970 93.15 48.59 68.14
N TYR I 971 92.19 47.89 68.74
CA TYR I 971 91.93 46.49 68.45
C TYR I 971 90.51 46.32 67.94
N PRO I 972 90.30 46.14 66.64
CA PRO I 972 88.97 45.74 66.17
C PRO I 972 88.62 44.37 66.71
N SER I 973 87.44 44.28 67.33
CA SER I 973 87.05 43.03 67.99
C SER I 973 87.06 41.86 67.03
N ASP I 974 86.81 42.12 65.74
CA ASP I 974 86.88 41.07 64.74
C ASP I 974 88.25 40.41 64.75
N VAL I 975 89.30 41.22 64.80
CA VAL I 975 90.66 40.69 64.86
C VAL I 975 90.85 39.91 66.15
N LEU I 976 90.35 40.44 67.26
CA LEU I 976 90.62 39.83 68.55
C LEU I 976 90.09 38.41 68.62
N GLN I 977 88.91 38.16 68.03
CA GLN I 977 88.33 36.83 68.08
C GLN I 977 89.20 35.81 67.36
N VAL I 978 90.14 36.25 66.55
CA VAL I 978 90.98 35.34 65.78
C VAL I 978 92.33 35.18 66.44
N SER I 979 92.79 36.23 67.12
CA SER I 979 94.17 36.31 67.61
C SER I 979 94.26 36.40 69.12
N VAL I 980 93.25 35.93 69.84
CA VAL I 980 93.22 36.13 71.28
C VAL I 980 94.43 35.50 71.95
N ALA I 981 94.85 34.33 71.45
CA ALA I 981 95.99 33.65 72.04
C ALA I 981 97.23 34.53 72.01
N VAL I 982 97.52 35.14 70.86
CA VAL I 982 98.66 36.04 70.77
C VAL I 982 98.48 37.21 71.72
N PHE I 983 97.26 37.76 71.76
CA PHE I 983 97.02 38.94 72.58
C PHE I 983 97.35 38.68 74.04
N CYS I 984 96.80 37.61 74.60
CA CYS I 984 97.04 37.32 76.00
C CYS I 984 98.47 36.87 76.26
N ASP I 985 99.19 36.47 75.23
CA ASP I 985 100.56 36.01 75.43
C ASP I 985 101.59 37.11 75.30
N TYR I 986 101.31 38.14 74.51
CA TYR I 986 102.28 39.20 74.31
C TYR I 986 101.75 40.57 74.72
N VAL I 987 100.58 40.94 74.23
CA VAL I 987 100.08 42.29 74.50
C VAL I 987 99.63 42.42 75.95
N TRP I 988 98.84 41.47 76.41
CA TRP I 988 98.24 41.57 77.74
C TRP I 988 99.26 41.79 78.85
N PRO I 989 100.40 41.10 78.90
CA PRO I 989 101.36 41.39 79.97
C PRO I 989 101.82 42.84 79.99
N MET I 990 102.10 43.41 78.82
CA MET I 990 102.52 44.81 78.79
C MET I 990 101.42 45.72 79.31
N VAL I 991 100.17 45.36 79.07
CA VAL I 991 99.06 46.10 79.66
C VAL I 991 99.13 46.03 81.17
N LYS I 992 99.26 44.81 81.71
CA LYS I 992 99.39 44.66 83.14
C LYS I 992 100.65 45.33 83.67
N ALA I 993 101.62 45.59 82.82
CA ALA I 993 102.82 46.31 83.21
C ALA I 993 102.63 47.82 83.16
N GLY I 994 101.47 48.30 82.71
CA GLY I 994 101.26 49.73 82.63
C GLY I 994 102.08 50.41 81.56
N ARG I 995 102.51 49.67 80.54
CA ARG I 995 103.28 50.25 79.45
C ARG I 995 102.54 50.27 78.13
N THR I 996 101.32 49.73 78.09
CA THR I 996 100.51 49.76 76.89
C THR I 996 99.06 50.07 77.27
N ARG I 997 98.35 50.68 76.34
CA ARG I 997 96.93 50.99 76.51
C ARG I 997 96.20 50.54 75.25
N VAL I 998 95.12 49.78 75.44
CA VAL I 998 94.45 49.12 74.34
C VAL I 998 93.01 49.61 74.27
N LEU I 999 92.58 49.98 73.06
CA LEU I 999 91.21 50.34 72.79
C LEU I 999 90.60 49.22 71.95
N VAL I 1000 89.53 48.62 72.45
CA VAL I 1000 88.84 47.54 71.75
C VAL I 1000 87.61 48.11 71.09
N GLU I 1001 87.57 48.07 69.77
CA GLU I 1001 86.47 48.64 69.01
C GLU I 1001 85.38 47.60 68.82
N LEU I 1002 84.21 47.88 69.37
CA LEU I 1002 83.03 47.05 69.16
C LEU I 1002 81.82 47.93 69.44
N GLY I 1003 80.93 48.05 68.46
CA GLY I 1003 79.84 49.00 68.54
C GLY I 1003 78.95 48.84 69.74
N HIS I 1004 78.26 47.70 69.82
CA HIS I 1004 77.35 47.41 70.91
C HIS I 1004 77.61 46.00 71.42
N TYR I 1005 77.28 45.77 72.68
CA TYR I 1005 77.59 44.49 73.30
C TYR I 1005 76.78 44.33 74.57
N VAL I 1006 76.76 43.11 75.07
CA VAL I 1006 76.12 42.79 76.34
C VAL I 1006 77.15 42.91 77.45
N TYR I 1007 76.77 43.55 78.55
CA TYR I 1007 77.67 43.77 79.67
C TYR I 1007 77.13 43.10 80.91
N THR I 1008 78.03 42.75 81.81
CA THR I 1008 77.67 42.20 83.11
C THR I 1008 78.46 42.91 84.19
N LEU I 1009 77.87 43.01 85.37
CA LEU I 1009 78.46 43.74 86.47
C LEU I 1009 78.83 42.81 87.60
N HIS I 1010 79.74 43.28 88.46
CA HIS I 1010 80.17 42.51 89.62
C HIS I 1010 80.60 43.49 90.69
N TYR I 1011 79.78 43.66 91.72
CA TYR I 1011 80.11 44.60 92.77
C TYR I 1011 81.09 43.96 93.76
N TYR I 1012 81.67 44.82 94.59
CA TYR I 1012 82.66 44.37 95.56
C TYR I 1012 82.70 45.34 96.73
N ASP I 1013 83.23 44.87 97.84
CA ASP I 1013 83.42 45.72 99.01
C ASP I 1013 84.69 46.55 98.84
N PRO I 1014 84.61 47.87 98.82
CA PRO I 1014 85.81 48.69 98.66
C PRO I 1014 86.69 48.77 99.89
N GLN I 1015 86.42 48.01 100.94
CA GLN I 1015 87.26 48.04 102.13
C GLN I 1015 88.39 47.02 102.09
N ILE I 1016 88.41 46.14 101.10
CA ILE I 1016 89.39 45.06 101.07
C ILE I 1016 90.12 45.07 99.74
N SER I 1017 91.30 44.46 99.73
CA SER I 1017 92.13 44.45 98.54
C SER I 1017 91.44 43.66 97.43
N LEU I 1018 91.70 44.08 96.19
CA LEU I 1018 91.10 43.44 95.04
C LEU I 1018 91.97 43.73 93.81
N ASP I 1019 92.05 42.76 92.92
CA ASP I 1019 92.72 42.93 91.63
C ASP I 1019 91.80 42.40 90.55
N GLU I 1020 91.61 43.19 89.50
CA GLU I 1020 90.67 42.84 88.44
C GLU I 1020 91.26 41.93 87.40
N ALA I 1021 92.56 41.63 87.47
CA ALA I 1021 93.20 40.83 86.43
C ALA I 1021 92.55 39.47 86.21
N PRO I 1022 92.27 38.66 87.25
CA PRO I 1022 91.75 37.32 86.98
C PRO I 1022 90.45 37.33 86.21
N ILE I 1023 89.55 38.27 86.51
CA ILE I 1023 88.27 38.31 85.82
C ILE I 1023 88.47 38.55 84.33
N LEU I 1024 89.29 39.54 84.00
CA LEU I 1024 89.55 39.84 82.60
C LEU I 1024 90.20 38.66 81.90
N GLU I 1025 91.19 38.04 82.55
CA GLU I 1025 91.89 36.94 81.93
C GLU I 1025 90.94 35.79 81.64
N GLU I 1026 90.01 35.52 82.55
CA GLU I 1026 88.97 34.53 82.25
C GLU I 1026 88.12 34.98 81.07
N TRP I 1027 87.72 36.25 81.06
CA TRP I 1027 86.92 36.75 79.96
C TRP I 1027 87.65 36.58 78.64
N LEU I 1028 88.96 36.81 78.64
CA LEU I 1028 89.74 36.58 77.44
C LEU I 1028 89.70 35.11 77.03
N SER I 1029 89.80 34.21 78.00
CA SER I 1029 89.95 32.80 77.70
C SER I 1029 88.75 32.23 76.95
N LYS I 1030 87.58 32.83 77.09
CA LYS I 1030 86.39 32.28 76.46
C LYS I 1030 86.07 32.92 75.12
N ILE I 1031 86.88 33.87 74.67
CA ILE I 1031 86.70 34.43 73.33
C ILE I 1031 87.23 33.45 72.30
N ASN I 1032 86.46 33.23 71.25
CA ASN I 1032 86.88 32.37 70.15
C ASN I 1032 86.37 32.98 68.86
N PRO I 1033 86.76 32.42 67.71
CA PRO I 1033 86.25 32.98 66.45
C PRO I 1033 84.74 32.98 66.35
N ALA I 1034 84.04 32.13 67.11
CA ALA I 1034 82.60 32.04 66.98
C ALA I 1034 81.87 33.18 67.70
N GLY I 1035 82.28 33.51 68.92
CA GLY I 1035 81.55 34.51 69.67
C GLY I 1035 82.31 34.86 70.93
N ILE I 1036 81.71 35.75 71.72
CA ILE I 1036 82.35 36.26 72.93
C ILE I 1036 81.34 36.27 74.07
N PRO I 1037 81.84 36.21 75.30
CA PRO I 1037 80.96 36.37 76.45
C PRO I 1037 80.75 37.83 76.75
N PRO I 1038 79.74 38.16 77.57
CA PRO I 1038 79.49 39.58 77.87
C PRO I 1038 80.67 40.21 78.61
N VAL I 1039 80.85 41.50 78.38
CA VAL I 1039 81.97 42.23 78.99
C VAL I 1039 81.71 42.38 80.48
N PRO I 1040 82.68 42.09 81.34
CA PRO I 1040 82.50 42.29 82.78
C PRO I 1040 82.97 43.66 83.23
N PHE I 1041 82.48 44.05 84.41
CA PHE I 1041 82.93 45.27 85.07
C PHE I 1041 82.87 45.06 86.57
N CYS I 1042 83.74 45.77 87.29
CA CYS I 1042 83.77 45.73 88.74
C CYS I 1042 83.43 47.11 89.27
N ILE I 1043 82.50 47.17 90.21
CA ILE I 1043 82.01 48.45 90.74
C ILE I 1043 81.98 48.38 92.26
N PRO I 1044 82.60 49.33 92.95
CA PRO I 1044 82.51 49.32 94.41
C PRO I 1044 81.10 49.60 94.88
N ILE I 1045 80.77 49.03 96.02
CA ILE I 1045 79.45 49.19 96.64
C ILE I 1045 79.47 50.49 97.44
N PRO I 1046 78.56 51.42 97.19
CA PRO I 1046 78.57 52.68 97.93
C PRO I 1046 78.37 52.45 99.43
N GLN I 1047 79.06 53.24 100.23
CA GLN I 1047 79.05 53.10 101.67
C GLN I 1047 78.38 54.28 102.33
N VAL I 1048 77.71 54.01 103.46
CA VAL I 1048 76.96 55.05 104.17
C VAL I 1048 77.82 55.85 105.12
N TYR I 1049 79.07 55.46 105.33
CA TYR I 1049 79.96 56.15 106.26
C TYR I 1049 81.31 56.33 105.62
N PRO I 1050 82.04 57.38 105.98
CA PRO I 1050 83.36 57.59 105.38
C PRO I 1050 84.33 56.51 105.83
N CYS I 1051 84.66 55.61 104.92
CA CYS I 1051 85.47 54.44 105.24
C CYS I 1051 86.88 54.60 104.67
N ILE I 1052 87.74 53.68 105.05
CA ILE I 1052 89.09 53.60 104.53
C ILE I 1052 89.10 52.56 103.42
N THR I 1053 89.47 52.99 102.22
CA THR I 1053 89.41 52.14 101.04
C THR I 1053 90.79 51.63 100.69
N ALA I 1054 90.91 50.33 100.49
CA ALA I 1054 92.17 49.76 100.02
C ALA I 1054 92.40 50.19 98.58
N ARG I 1055 93.66 50.49 98.26
CA ARG I 1055 94.00 50.85 96.89
C ARG I 1055 93.78 49.66 95.98
N ARG I 1056 93.07 49.88 94.88
CA ARG I 1056 92.67 48.80 93.99
C ARG I 1056 93.29 49.00 92.61
N VAL I 1057 93.27 47.93 91.83
CA VAL I 1057 93.82 47.92 90.49
C VAL I 1057 92.70 47.57 89.53
N HIS I 1058 92.32 48.52 88.68
CA HIS I 1058 91.28 48.31 87.69
C HIS I 1058 91.84 48.40 86.29
N TYR I 1059 91.17 47.76 85.36
CA TYR I 1059 91.64 47.75 83.98
C TYR I 1059 90.57 48.16 82.97
N ALA I 1060 89.32 47.78 83.20
CA ALA I 1060 88.29 47.91 82.19
C ALA I 1060 87.34 49.06 82.51
N PHE I 1061 87.00 49.84 81.50
CA PHE I 1061 86.01 50.90 81.61
C PHE I 1061 85.62 51.32 80.20
N THR I 1062 84.39 51.82 80.08
CA THR I 1062 83.85 52.15 78.77
C THR I 1062 84.23 53.57 78.37
N SER I 1063 83.73 54.00 77.22
CA SER I 1063 84.00 55.32 76.67
C SER I 1063 82.80 56.25 76.72
N GLU I 1064 81.59 55.72 76.66
CA GLU I 1064 80.38 56.52 76.75
C GLU I 1064 79.77 56.38 78.14
N ASN I 1065 78.62 57.03 78.34
CA ASN I 1065 77.93 56.99 79.62
C ASN I 1065 76.78 56.00 79.51
N ASN I 1066 77.10 54.72 79.69
CA ASN I 1066 76.11 53.66 79.67
C ASN I 1066 75.70 53.33 81.10
N ASN I 1067 75.04 54.29 81.73
CA ASN I 1067 74.69 54.18 83.14
C ASN I 1067 73.21 54.41 83.41
N ASP I 1068 72.38 54.48 82.36
CA ASP I 1068 71.00 54.91 82.54
C ASP I 1068 70.16 53.93 83.33
N SER I 1069 70.49 52.64 83.31
CA SER I 1069 69.67 51.66 84.01
C SER I 1069 69.82 51.75 85.53
N LEU I 1070 70.76 52.54 86.03
CA LEU I 1070 70.89 52.72 87.47
C LEU I 1070 69.75 53.57 87.99
N PHE I 1071 69.07 53.10 89.02
CA PHE I 1071 67.93 53.83 89.56
C PHE I 1071 68.33 54.75 90.71
N SER I 1072 68.90 54.17 91.76
CA SER I 1072 69.29 54.94 92.93
C SER I 1072 70.25 54.10 93.76
N THR I 1073 70.90 54.75 94.73
CA THR I 1073 71.87 54.12 95.59
C THR I 1073 71.58 54.43 97.04
N ASN I 1074 71.82 53.45 97.92
CA ASN I 1074 71.65 53.61 99.36
C ASN I 1074 70.26 54.14 99.68
N ALA I 1075 69.26 53.60 99.00
CA ALA I 1075 67.91 54.17 99.10
C ALA I 1075 67.39 54.12 100.53
N ALA I 1076 67.63 53.01 101.23
CA ALA I 1076 67.11 52.86 102.58
C ALA I 1076 67.87 53.68 103.61
N SER I 1077 69.01 54.25 103.23
CA SER I 1077 69.85 54.98 104.19
C SER I 1077 69.55 56.47 104.11
N ILE I 1078 70.26 57.23 104.94
CA ILE I 1078 70.04 58.66 104.99
C ILE I 1078 70.88 59.41 103.96
N ASP I 1079 72.06 58.89 103.62
CA ASP I 1079 72.93 59.58 102.66
C ASP I 1079 74.03 58.63 102.22
N THR I 1080 74.61 58.92 101.07
CA THR I 1080 75.73 58.15 100.52
C THR I 1080 77.04 58.87 100.86
N ALA I 1081 77.90 58.19 101.60
CA ALA I 1081 79.10 58.85 102.10
C ALA I 1081 80.24 58.81 101.09
N PHE I 1082 80.65 57.61 100.68
CA PHE I 1082 81.84 57.46 99.84
C PHE I 1082 81.50 57.12 98.41
N GLY I 1083 80.76 56.04 98.18
CA GLY I 1083 80.61 55.51 96.84
C GLY I 1083 79.79 56.36 95.89
N GLU I 1084 79.33 55.74 94.82
CA GLU I 1084 78.51 56.46 93.84
C GLU I 1084 77.23 56.96 94.48
N ASN I 1085 77.00 58.26 94.41
CA ASN I 1085 75.82 58.88 94.99
C ASN I 1085 74.84 59.20 93.88
N ALA I 1086 73.64 58.66 93.97
CA ALA I 1086 72.64 58.84 92.92
C ALA I 1086 71.26 58.86 93.57
N ALA I 1087 70.69 60.05 93.67
CA ALA I 1087 69.31 60.18 94.09
C ALA I 1087 68.37 59.87 92.92
N VAL I 1088 67.09 59.69 93.24
CA VAL I 1088 66.12 59.41 92.21
C VAL I 1088 65.98 60.61 91.29
N SER I 1089 66.09 60.37 89.99
CA SER I 1089 66.02 61.46 89.03
C SER I 1089 64.55 61.81 88.77
N PRO I 1090 64.14 63.05 89.01
CA PRO I 1090 62.74 63.41 88.76
C PRO I 1090 62.35 63.31 87.29
N LEU I 1091 63.31 63.27 86.38
CA LEU I 1091 63.00 63.29 84.96
C LEU I 1091 62.06 62.15 84.57
N ARG I 1092 62.20 61.00 85.22
CA ARG I 1092 61.34 59.87 84.90
C ARG I 1092 60.00 59.93 85.60
N TRP I 1093 59.77 60.93 86.45
CA TRP I 1093 58.50 61.05 87.17
C TRP I 1093 57.89 62.44 87.02
N PRO I 1094 57.79 62.95 85.80
CA PRO I 1094 57.22 64.30 85.64
C PRO I 1094 55.79 64.39 86.10
N GLY I 1095 55.01 63.33 85.94
CA GLY I 1095 53.63 63.33 86.31
C GLY I 1095 53.37 63.10 87.78
N LEU I 1096 54.41 63.06 88.59
CA LEU I 1096 54.27 62.86 90.02
C LEU I 1096 54.88 63.97 90.85
N VAL I 1097 55.89 64.66 90.34
CA VAL I 1097 56.54 65.73 91.12
C VAL I 1097 56.57 67.06 90.40
N ASP I 1098 56.45 67.11 89.09
CA ASP I 1098 56.55 68.38 88.39
C ASP I 1098 55.24 69.14 88.52
N PRO I 1099 55.25 70.35 89.10
CA PRO I 1099 54.02 71.14 89.13
C PRO I 1099 53.49 71.49 87.77
N ASN I 1100 54.37 71.68 86.79
CA ASN I 1100 53.96 72.14 85.47
C ASN I 1100 53.51 71.00 84.57
N TYR I 1101 53.56 69.76 85.05
CA TYR I 1101 53.13 68.63 84.25
C TYR I 1101 51.68 68.80 83.83
N ARG I 1102 51.42 68.73 82.53
CA ARG I 1102 50.08 68.75 82.01
C ARG I 1102 49.67 67.34 81.59
N VAL I 1103 48.41 67.00 81.85
CA VAL I 1103 47.91 65.68 81.48
C VAL I 1103 47.98 65.53 79.96
N GLY I 1104 48.39 64.35 79.52
CA GLY I 1104 48.43 64.05 78.09
C GLY I 1104 49.76 64.28 77.42
N THR I 1105 50.83 64.47 78.19
CA THR I 1105 52.16 64.70 77.64
C THR I 1105 53.06 63.52 77.93
N ASN I 1106 54.15 63.42 77.18
CA ASN I 1106 55.15 62.38 77.40
C ASN I 1106 56.42 62.77 76.64
N ASP I 1107 57.48 62.02 76.90
CA ASP I 1107 58.75 62.18 76.19
C ASP I 1107 59.10 60.85 75.54
N LEU I 1108 58.11 60.23 74.89
CA LEU I 1108 58.24 58.83 74.51
C LEU I 1108 59.44 58.53 73.63
N PRO I 1109 59.68 59.23 72.52
CA PRO I 1109 60.78 58.81 71.63
C PRO I 1109 62.16 58.95 72.26
N ASN I 1110 62.29 59.71 73.34
CA ASN I 1110 63.59 59.97 73.93
C ASN I 1110 63.76 59.44 75.35
N ARG I 1111 62.67 59.28 76.09
CA ARG I 1111 62.76 58.82 77.47
C ARG I 1111 61.48 58.08 77.81
N ILE I 1112 61.57 57.21 78.81
CA ILE I 1112 60.44 56.41 79.26
C ILE I 1112 60.08 56.89 80.65
N THR I 1113 58.94 57.56 80.79
CA THR I 1113 58.43 57.89 82.10
C THR I 1113 57.81 56.65 82.74
N LEU I 1114 57.50 56.76 84.02
CA LEU I 1114 56.99 55.63 84.77
C LEU I 1114 55.65 55.89 85.45
N TYR I 1115 55.15 57.12 85.43
CA TYR I 1115 53.93 57.47 86.16
C TYR I 1115 53.14 58.43 85.30
N ASN I 1116 52.15 57.90 84.58
CA ASN I 1116 51.37 58.72 83.67
C ASN I 1116 49.89 58.51 83.87
N SER I 1117 49.07 59.09 83.00
CA SER I 1117 47.63 58.93 83.04
C SER I 1117 47.18 58.15 81.82
N LEU I 1118 46.21 57.26 82.02
CA LEU I 1118 45.76 56.38 80.94
C LEU I 1118 44.26 56.18 81.06
N TYR I 1119 43.71 55.45 80.09
CA TYR I 1119 42.30 55.09 80.08
C TYR I 1119 42.13 53.62 80.35
N ARG I 1120 40.92 53.26 80.77
CA ARG I 1120 40.55 51.87 80.98
C ARG I 1120 39.12 51.66 80.49
N TYR I 1121 38.83 50.45 80.03
CA TYR I 1121 37.59 50.16 79.32
C TYR I 1121 36.85 49.00 79.96
N ASN I 1122 35.58 48.87 79.57
CA ASN I 1122 34.70 47.80 80.02
C ASN I 1122 33.89 47.25 78.86
N PHE I 1123 34.58 46.91 77.77
CA PHE I 1123 33.89 46.43 76.59
C PHE I 1123 33.14 45.13 76.88
N THR I 1124 32.04 44.93 76.15
CA THR I 1124 31.27 43.71 76.20
C THR I 1124 31.19 43.14 74.79
N TYR I 1125 30.99 41.82 74.71
CA TYR I 1125 31.15 41.09 73.46
C TYR I 1125 29.90 40.27 73.18
N PRO I 1126 28.85 40.93 72.72
CA PRO I 1126 27.62 40.21 72.39
C PRO I 1126 27.85 39.24 71.25
N THR I 1127 27.14 38.13 71.28
CA THR I 1127 27.23 37.19 70.19
C THR I 1127 26.32 37.66 69.09
N LEU I 1128 26.32 36.96 67.96
CA LEU I 1128 25.52 37.38 66.83
C LEU I 1128 24.04 37.40 67.18
N ASP I 1129 23.56 36.36 67.84
CA ASP I 1129 22.15 36.32 68.22
C ASP I 1129 21.81 37.43 69.19
N GLY I 1130 22.76 37.82 70.05
CA GLY I 1130 22.51 38.93 70.94
C GLY I 1130 22.43 40.26 70.24
N ILE I 1131 22.92 40.34 69.00
CA ILE I 1131 22.90 41.58 68.24
C ILE I 1131 21.57 41.80 67.55
N MET I 1132 21.08 40.78 66.85
CA MET I 1132 19.95 40.95 65.95
C MET I 1132 18.79 40.07 66.37
N TYR I 1133 17.63 40.34 65.77
CA TYR I 1133 16.41 39.59 66.02
C TYR I 1133 16.46 38.31 65.21
N VAL I 1134 16.95 37.24 65.80
CA VAL I 1134 17.02 35.95 65.13
C VAL I 1134 16.31 34.92 66.00
N ARG I 1135 15.33 34.24 65.41
CA ARG I 1135 14.66 33.13 66.06
C ARG I 1135 14.38 32.06 65.01
N SER I 1136 13.85 30.93 65.48
CA SER I 1136 13.47 29.86 64.58
C SER I 1136 12.32 30.32 63.68
N ALA I 1137 12.10 29.56 62.61
CA ALA I 1137 11.04 29.87 61.67
C ALA I 1137 9.72 29.24 62.11
N ASP J 9 124.20 35.22 125.18
CA ASP J 9 124.13 35.61 126.59
C ASP J 9 123.00 36.61 126.81
N SER J 10 123.30 37.68 127.55
CA SER J 10 122.29 38.69 127.79
C SER J 10 121.93 39.44 126.51
N ILE J 11 122.89 39.57 125.59
CA ILE J 11 122.65 40.33 124.37
C ILE J 11 121.51 39.68 123.57
N ALA J 12 121.53 38.35 123.46
CA ALA J 12 120.48 37.67 122.72
C ALA J 12 119.11 37.96 123.32
N ALA J 13 119.05 38.12 124.64
CA ALA J 13 117.78 38.43 125.29
C ALA J 13 117.22 39.74 124.75
N VAL J 14 118.06 40.77 124.66
CA VAL J 14 117.63 42.03 124.08
C VAL J 14 117.26 41.86 122.62
N ALA J 15 118.07 41.11 121.88
CA ALA J 15 117.83 40.94 120.46
C ALA J 15 116.48 40.30 120.20
N ASN J 16 116.22 39.17 120.84
CA ASN J 16 114.97 38.45 120.60
C ASN J 16 113.76 39.26 121.05
N ALA J 17 113.94 40.14 122.03
CA ALA J 17 112.82 40.93 122.52
C ALA J 17 112.31 41.91 121.47
N THR J 18 113.09 42.16 120.42
CA THR J 18 112.72 43.11 119.37
C THR J 18 112.77 42.38 118.03
N LYS J 19 111.68 41.72 117.67
CA LYS J 19 111.60 40.99 116.40
C LYS J 19 110.19 41.10 115.86
N PRO J 20 109.85 42.22 115.23
CA PRO J 20 108.52 42.35 114.63
C PRO J 20 108.32 41.33 113.52
N ALA J 21 107.08 40.88 113.38
CA ALA J 21 106.76 39.90 112.35
C ALA J 21 106.99 40.48 110.97
N ALA J 22 107.66 39.72 110.12
CA ALA J 22 107.98 40.20 108.77
C ALA J 22 106.80 40.11 107.82
N VAL J 23 105.79 39.29 108.14
CA VAL J 23 104.63 39.12 107.28
C VAL J 23 103.39 39.10 108.15
N VAL J 24 102.50 40.07 107.96
CA VAL J 24 101.24 40.12 108.68
C VAL J 24 100.11 39.92 107.68
N SER J 25 98.87 39.91 108.17
CA SER J 25 97.71 39.66 107.34
C SER J 25 96.67 40.74 107.63
N ASP J 26 96.56 41.71 106.72
CA ASP J 26 95.53 42.73 106.83
C ASP J 26 94.76 42.80 105.52
N PRO J 27 93.45 43.04 105.59
CA PRO J 27 92.63 43.00 104.37
C PRO J 27 92.99 44.07 103.36
N GLN J 28 93.63 45.14 103.77
CA GLN J 28 93.96 46.25 102.88
C GLN J 28 95.45 46.15 102.58
N SER J 29 95.78 45.44 101.50
CA SER J 29 97.15 45.07 101.24
C SER J 29 97.63 45.34 99.82
N MET J 30 96.78 45.89 98.94
CA MET J 30 97.18 46.22 97.58
C MET J 30 97.67 44.97 96.83
N LYS J 31 96.74 44.05 96.63
CA LYS J 31 97.06 42.83 95.93
C LYS J 31 97.36 43.11 94.47
N VAL J 32 98.43 42.49 93.96
CA VAL J 32 98.84 42.66 92.57
C VAL J 32 99.25 41.29 92.02
N THR J 33 98.54 40.83 91.00
CA THR J 33 98.83 39.53 90.42
C THR J 33 100.14 39.58 89.65
N PRO J 34 100.77 38.43 89.41
CA PRO J 34 102.01 38.41 88.62
C PRO J 34 101.77 38.93 87.21
N ILE J 35 102.81 39.55 86.65
CA ILE J 35 102.71 40.10 85.31
C ILE J 35 102.56 38.99 84.28
N VAL J 36 103.43 37.99 84.36
CA VAL J 36 103.39 36.86 83.45
C VAL J 36 102.73 35.69 84.16
N ASN J 37 101.89 34.96 83.44
CA ASN J 37 101.21 33.83 84.06
C ASN J 37 102.23 32.80 84.48
N PRO J 38 102.30 32.45 85.77
CA PRO J 38 103.35 31.53 86.24
C PRO J 38 103.02 30.07 86.03
N SER J 39 101.81 29.75 85.56
CA SER J 39 101.40 28.35 85.43
C SER J 39 101.80 27.77 84.08
N SER J 40 101.33 28.38 82.99
CA SER J 40 101.60 27.86 81.66
C SER J 40 102.93 28.41 81.16
N TYR J 41 103.78 27.51 80.68
CA TYR J 41 105.06 27.87 80.08
C TYR J 41 104.98 27.64 78.59
N VAL J 42 105.35 28.64 77.80
CA VAL J 42 105.13 28.65 76.36
C VAL J 42 106.46 28.76 75.64
N CYS J 43 106.69 27.88 74.68
CA CYS J 43 107.86 27.99 73.83
C CYS J 43 107.74 29.20 72.92
N ASN J 44 108.89 29.66 72.41
CA ASN J 44 108.90 30.84 71.56
C ASN J 44 109.17 30.55 70.10
N VAL J 45 109.70 29.38 69.77
CA VAL J 45 109.95 29.07 68.36
C VAL J 45 108.82 28.20 67.83
N CYS J 46 108.68 27.00 68.37
CA CYS J 46 107.56 26.14 67.99
C CYS J 46 106.26 26.58 68.65
N ASN J 47 106.36 27.41 69.67
CA ASN J 47 105.21 27.95 70.40
C ASN J 47 104.37 26.86 71.03
N ALA J 48 104.95 25.69 71.28
CA ALA J 48 104.30 24.73 72.13
C ALA J 48 104.31 25.23 73.57
N ARG J 49 103.49 24.62 74.41
CA ARG J 49 103.43 25.04 75.80
C ARG J 49 103.36 23.81 76.69
N PHE J 50 103.77 24.00 77.95
CA PHE J 50 103.91 22.90 78.88
C PHE J 50 103.54 23.37 80.28
N SER J 51 103.22 22.39 81.13
CA SER J 51 102.80 22.70 82.49
C SER J 51 103.97 23.13 83.38
N THR J 52 105.09 22.43 83.30
CA THR J 52 106.22 22.67 84.17
C THR J 52 107.39 23.28 83.40
N MET J 53 108.17 24.11 84.10
CA MET J 53 109.27 24.80 83.46
C MET J 53 110.31 23.83 82.93
N SER J 54 110.60 22.77 83.69
CA SER J 54 111.62 21.81 83.27
C SER J 54 111.26 21.17 81.94
N ALA J 55 110.00 20.80 81.75
CA ALA J 55 109.59 20.19 80.50
C ALA J 55 109.81 21.12 79.32
N LEU J 56 109.45 22.39 79.48
CA LEU J 56 109.69 23.36 78.42
C LEU J 56 111.18 23.50 78.16
N SER J 57 111.98 23.58 79.23
CA SER J 57 113.42 23.72 79.08
C SER J 57 113.99 22.57 78.26
N GLU J 58 113.64 21.34 78.63
CA GLU J 58 114.14 20.18 77.91
C GLU J 58 113.66 20.17 76.48
N HIS J 59 112.39 20.54 76.26
CA HIS J 59 111.84 20.49 74.91
C HIS J 59 112.62 21.40 73.97
N LEU J 60 112.79 22.66 74.34
CA LEU J 60 113.57 23.56 73.51
C LEU J 60 115.04 23.19 73.47
N ARG J 61 115.55 22.55 74.52
CA ARG J 61 116.94 22.13 74.54
C ARG J 61 117.16 20.84 73.78
N SER J 62 116.11 20.19 73.32
CA SER J 62 116.23 18.98 72.52
C SER J 62 115.59 19.11 71.15
N ASP J 63 114.39 19.70 71.06
CA ASP J 63 113.71 19.80 69.77
C ASP J 63 114.41 20.79 68.85
N HIS J 64 114.72 21.98 69.35
CA HIS J 64 115.33 23.04 68.55
C HIS J 64 116.81 23.08 68.89
N ARG J 65 117.63 22.50 68.03
CA ARG J 65 119.06 22.37 68.28
C ARG J 65 119.83 22.68 67.01
N ASP J 66 120.63 23.74 67.04
CA ASP J 66 121.59 24.03 65.98
C ASP J 66 123.02 24.03 66.48
N ASP J 67 123.32 24.83 67.51
CA ASP J 67 124.66 24.83 68.10
C ASP J 67 124.84 23.57 68.94
N ALA J 68 125.94 22.87 68.71
CA ALA J 68 126.29 21.67 69.46
C ALA J 68 127.72 21.30 69.15
N SER J 69 128.30 20.42 69.98
CA SER J 69 129.59 19.86 69.67
C SER J 69 129.50 19.08 68.35
N THR J 70 130.68 18.70 67.83
CA THR J 70 130.77 18.24 66.45
C THR J 70 129.77 17.13 66.14
N LEU J 71 129.04 17.30 65.04
CA LEU J 71 128.08 16.32 64.57
C LEU J 71 128.67 15.63 63.34
N LEU J 72 128.66 14.30 63.35
CA LEU J 72 129.39 13.53 62.34
C LEU J 72 128.51 12.42 61.78
N ALA J 73 128.34 12.42 60.46
CA ALA J 73 127.77 11.30 59.72
C ALA J 73 126.39 10.90 60.22
N THR J 74 125.60 11.87 60.67
CA THR J 74 124.26 11.55 61.17
C THR J 74 123.35 11.21 60.00
N PRO J 75 122.65 10.06 60.05
CA PRO J 75 121.73 9.72 58.96
C PRO J 75 120.39 10.41 59.06
N MET J 76 120.13 11.15 60.13
CA MET J 76 118.85 11.83 60.29
C MET J 76 118.72 12.94 59.25
N ILE J 77 117.73 12.82 58.38
CA ILE J 77 117.43 13.84 57.39
C ILE J 77 115.92 13.99 57.30
N ASN J 78 115.45 15.22 57.15
CA ASN J 78 114.04 15.52 57.20
C ASN J 78 113.66 16.44 56.07
N ASN J 79 112.38 16.43 55.72
CA ASN J 79 111.87 17.35 54.71
C ASN J 79 111.64 18.72 55.35
N ALA J 80 111.20 19.67 54.52
CA ALA J 80 111.17 21.07 54.93
C ALA J 80 110.26 21.27 56.14
N ILE J 81 108.98 21.01 55.98
CA ILE J 81 107.99 21.34 56.99
C ILE J 81 107.91 20.21 57.99
N ARG J 82 108.04 20.55 59.28
CA ARG J 82 107.83 19.58 60.34
C ARG J 82 106.43 19.68 60.95
N SER J 83 106.00 20.88 61.30
CA SER J 83 104.70 21.04 61.93
C SER J 83 104.23 22.47 61.76
N PHE J 84 102.96 22.69 62.08
CA PHE J 84 102.36 24.01 62.03
C PHE J 84 101.45 24.20 63.24
N LEU J 85 101.20 25.46 63.56
CA LEU J 85 100.32 25.83 64.68
C LEU J 85 99.28 26.81 64.17
N THR J 86 98.01 26.46 64.32
CA THR J 86 96.92 27.35 63.95
C THR J 86 96.67 28.30 65.10
N ALA J 87 96.93 29.59 64.87
CA ALA J 87 96.88 30.55 65.97
C ALA J 87 95.48 30.73 66.52
N TRP J 88 94.45 30.57 65.69
CA TRP J 88 93.10 30.84 66.14
C TRP J 88 92.57 29.80 67.10
N ASP J 89 93.19 28.63 67.18
CA ASP J 89 92.75 27.62 68.13
C ASP J 89 93.89 26.90 68.83
N GLY J 90 95.14 27.18 68.48
CA GLY J 90 96.25 26.52 69.14
C GLY J 90 96.38 25.05 68.83
N ILE J 91 95.83 24.59 67.72
CA ILE J 91 95.93 23.19 67.35
C ILE J 91 97.26 22.94 66.65
N ARG J 92 98.01 21.97 67.13
CA ARG J 92 99.25 21.57 66.48
C ARG J 92 98.94 20.63 65.33
N ILE J 93 99.51 20.91 64.16
CA ILE J 93 99.38 20.05 63.00
C ILE J 93 100.77 19.55 62.63
N LEU J 94 100.95 18.23 62.69
CA LEU J 94 102.19 17.63 62.27
C LEU J 94 102.13 17.29 60.79
N SER J 95 103.27 17.42 60.13
CA SER J 95 103.35 16.98 58.74
C SER J 95 102.99 15.49 58.69
N PRO J 96 102.26 15.06 57.66
CA PRO J 96 101.87 13.64 57.60
C PRO J 96 103.05 12.71 57.77
N ASP J 97 104.21 13.08 57.21
CA ASP J 97 105.46 12.45 57.58
C ASP J 97 106.60 13.36 57.11
N VAL J 98 107.44 13.78 58.05
CA VAL J 98 108.60 14.60 57.69
C VAL J 98 109.59 13.78 56.87
N SER J 99 109.55 12.46 57.03
CA SER J 99 110.42 11.55 56.30
C SER J 99 109.51 10.53 55.62
N SER J 100 110.09 9.41 55.19
CA SER J 100 109.36 8.35 54.50
C SER J 100 108.80 8.88 53.17
N LYS J 101 109.74 9.24 52.29
CA LYS J 101 109.41 9.87 51.02
C LYS J 101 108.39 9.05 50.25
N HIS J 102 107.28 9.70 49.90
CA HIS J 102 106.13 9.04 49.29
C HIS J 102 105.37 10.10 48.51
N LEU J 103 104.61 9.66 47.50
CA LEU J 103 103.96 10.59 46.58
C LEU J 103 102.52 10.16 46.34
N SER J 104 101.60 10.80 47.05
CA SER J 104 100.18 10.57 46.82
C SER J 104 99.76 11.15 45.48
N ALA J 105 98.91 10.40 44.76
CA ALA J 105 98.30 10.84 43.50
C ALA J 105 99.34 11.07 42.40
N TYR J 106 100.46 10.35 42.46
CA TYR J 106 101.41 10.43 41.37
C TYR J 106 100.82 9.77 40.12
N LEU J 107 101.32 10.20 38.96
CA LEU J 107 100.69 9.86 37.70
C LEU J 107 100.67 8.35 37.44
N ASP J 108 101.84 7.74 37.28
CA ASP J 108 101.90 6.31 37.01
C ASP J 108 101.23 5.53 38.14
N SER J 109 101.76 5.65 39.35
CA SER J 109 101.12 5.15 40.54
C SER J 109 101.63 5.94 41.73
N ALA J 110 100.84 5.96 42.81
CA ALA J 110 101.24 6.69 44.01
C ALA J 110 102.44 6.08 44.69
N VAL J 111 103.02 5.02 44.13
CA VAL J 111 104.19 4.36 44.70
C VAL J 111 105.42 5.25 44.66
N ALA J 112 105.40 6.33 43.87
CA ALA J 112 106.58 7.14 43.67
C ALA J 112 107.03 7.81 44.97
N ASN J 113 108.29 8.24 44.97
CA ASN J 113 108.92 8.76 46.18
C ASN J 113 109.97 9.79 45.80
N GLY J 114 110.48 10.49 46.80
CA GLY J 114 111.56 11.42 46.61
C GLY J 114 112.90 10.71 46.56
N PRO J 115 113.86 11.30 45.87
CA PRO J 115 115.17 10.66 45.74
C PRO J 115 116.00 10.78 47.00
N GLU J 116 116.94 9.85 47.14
CA GLU J 116 117.94 9.90 48.20
C GLU J 116 119.14 10.67 47.67
N LEU J 117 119.29 11.91 48.10
CA LEU J 117 120.29 12.80 47.52
C LEU J 117 121.17 13.46 48.57
N ILE J 118 121.17 12.96 49.80
CA ILE J 118 122.07 13.44 50.84
C ILE J 118 122.86 12.24 51.31
N VAL J 119 124.02 12.02 50.68
CA VAL J 119 124.94 10.96 51.06
C VAL J 119 126.32 11.56 51.19
N GLU J 120 126.95 11.32 52.33
CA GLU J 120 128.25 11.91 52.61
C GLU J 120 129.16 10.86 53.22
N ASP J 121 130.46 10.99 52.95
CA ASP J 121 131.45 10.09 53.50
C ASP J 121 132.57 10.91 54.13
N THR J 122 133.28 10.28 55.05
CA THR J 122 134.45 10.87 55.66
C THR J 122 135.74 10.18 55.23
N GLY J 123 135.65 9.20 54.35
CA GLY J 123 136.83 8.48 53.90
C GLY J 123 137.64 9.28 52.91
N LEU J 124 138.54 8.62 52.20
CA LEU J 124 139.37 9.28 51.21
C LEU J 124 138.63 9.42 49.90
N CYS J 125 138.77 10.58 49.27
CA CYS J 125 138.08 10.87 48.01
C CYS J 125 138.90 10.32 46.83
N THR J 126 139.14 9.02 46.88
CA THR J 126 139.90 8.34 45.84
C THR J 126 139.18 7.07 45.43
N SER J 127 139.47 6.63 44.21
CA SER J 127 138.87 5.41 43.69
C SER J 127 139.88 4.54 42.95
N PHE J 128 141.17 4.84 43.04
CA PHE J 128 142.21 4.04 42.41
C PHE J 128 143.13 3.50 43.48
N MET J 129 143.24 2.18 43.55
CA MET J 129 144.00 1.52 44.58
C MET J 129 145.38 1.14 44.05
N LEU J 130 146.38 1.28 44.90
CA LEU J 130 147.76 0.94 44.55
C LEU J 130 148.11 -0.34 45.29
N LEU J 131 147.96 -1.46 44.60
CA LEU J 131 148.24 -2.76 45.18
C LEU J 131 149.38 -3.43 44.44
N ASP J 132 150.06 -4.34 45.13
CA ASP J 132 151.15 -5.11 44.55
C ASP J 132 150.57 -6.34 43.89
N ASN J 133 150.76 -6.45 42.58
CA ASN J 133 150.24 -7.63 41.88
C ASN J 133 151.05 -8.87 42.18
N ILE J 134 152.36 -8.73 42.36
CA ILE J 134 153.26 -9.84 42.61
C ILE J 134 153.92 -9.62 43.96
N PRO J 135 153.89 -10.59 44.85
CA PRO J 135 154.50 -10.39 46.18
C PRO J 135 156.00 -10.20 46.07
N SER J 136 156.59 -9.82 47.20
CA SER J 136 158.02 -9.60 47.27
C SER J 136 158.74 -10.93 47.42
N ALA J 137 160.04 -10.89 47.74
CA ALA J 137 160.85 -12.09 47.87
C ALA J 137 161.42 -12.25 49.27
N HIS J 138 160.82 -11.60 50.26
CA HIS J 138 161.21 -11.75 51.67
C HIS J 138 162.70 -11.39 51.86
N LEU J 139 162.98 -10.11 51.66
CA LEU J 139 164.34 -9.61 51.81
C LEU J 139 164.57 -9.12 53.23
N THR J 140 165.84 -9.14 53.64
CA THR J 140 166.21 -8.66 54.96
C THR J 140 165.98 -7.16 55.06
N LYS J 141 165.72 -6.68 56.28
CA LYS J 141 165.30 -5.30 56.47
C LYS J 141 166.48 -4.33 56.46
N GLU J 142 167.47 -4.56 57.31
CA GLU J 142 168.67 -3.75 57.50
C GLU J 142 168.34 -2.46 58.26
N LEU J 143 167.08 -2.16 58.52
CA LEU J 143 166.66 -1.02 59.33
C LEU J 143 165.20 -1.19 59.70
N ILE J 144 164.87 -1.09 60.99
CA ILE J 144 163.60 -1.62 61.48
C ILE J 144 162.66 -0.57 62.04
N GLY J 145 163.12 0.61 62.40
CA GLY J 145 162.18 1.63 62.85
C GLY J 145 162.85 2.68 63.72
N PHE J 146 162.00 3.60 64.18
CA PHE J 146 162.44 4.72 64.98
C PHE J 146 162.61 4.31 66.44
N THR J 147 163.39 5.08 67.17
CA THR J 147 163.69 4.81 68.56
C THR J 147 163.43 6.04 69.41
N TRP J 148 162.91 5.80 70.62
CA TRP J 148 162.48 6.90 71.48
C TRP J 148 162.58 6.41 72.93
N PHE J 149 163.66 6.78 73.60
CA PHE J 149 163.90 6.37 74.99
C PHE J 149 163.78 4.86 75.16
N MET J 150 164.49 4.13 74.30
CA MET J 150 164.51 2.67 74.26
C MET J 150 163.17 2.08 73.84
N GLN J 151 162.15 2.89 73.59
CA GLN J 151 160.98 2.39 72.90
C GLN J 151 161.22 2.43 71.40
N MET J 152 160.49 1.60 70.68
CA MET J 152 160.62 1.54 69.23
C MET J 152 159.25 1.70 68.58
N TYR J 153 159.21 2.50 67.53
CA TYR J 153 158.01 2.66 66.73
C TYR J 153 158.31 2.27 65.29
N GLN J 154 157.26 1.88 64.56
CA GLN J 154 157.41 1.54 63.16
C GLN J 154 156.08 1.75 62.46
N MET J 155 156.01 2.75 61.60
CA MET J 155 154.82 3.02 60.82
C MET J 155 154.70 2.03 59.67
N THR J 156 153.47 1.68 59.34
CA THR J 156 153.24 0.89 58.14
C THR J 156 153.46 1.76 56.91
N PRO J 157 154.12 1.23 55.88
CA PRO J 157 154.51 2.08 54.75
C PRO J 157 153.29 2.56 53.98
N PRO J 158 153.37 3.74 53.38
CA PRO J 158 152.21 4.27 52.65
C PRO J 158 152.06 3.64 51.28
N LEU J 159 153.15 3.34 50.64
CA LEU J 159 153.05 2.84 49.28
C LEU J 159 153.21 1.33 49.25
N PRO J 160 152.60 0.66 48.28
CA PRO J 160 152.72 -0.79 48.22
C PRO J 160 154.16 -1.23 48.02
N GLU J 161 154.48 -2.40 48.56
CA GLU J 161 155.83 -2.96 48.50
C GLU J 161 155.72 -4.37 47.93
N GLY J 162 155.92 -4.49 46.62
CA GLY J 162 155.87 -5.78 45.99
C GLY J 162 156.78 -5.79 44.78
N ALA J 163 156.92 -6.98 44.18
CA ALA J 163 157.73 -7.10 42.99
C ALA J 163 157.17 -6.24 41.87
N VAL J 164 155.86 -6.27 41.67
CA VAL J 164 155.19 -5.46 40.66
C VAL J 164 154.00 -4.79 41.31
N ASN J 165 153.88 -3.49 41.13
CA ASN J 165 152.79 -2.71 41.70
C ASN J 165 152.05 -1.99 40.58
N ARG J 166 150.73 -2.08 40.58
CA ARG J 166 149.91 -1.49 39.55
C ARG J 166 148.81 -0.63 40.17
N ILE J 167 148.01 -0.03 39.30
CA ILE J 167 146.89 0.80 39.69
C ILE J 167 145.63 0.18 39.13
N VAL J 168 144.63 -0.02 39.99
CA VAL J 168 143.37 -0.62 39.56
C VAL J 168 142.22 0.28 39.99
N CYS J 169 141.09 0.12 39.30
CA CYS J 169 139.91 0.92 39.55
C CYS J 169 138.99 0.17 40.50
N MET J 170 138.93 0.64 41.75
CA MET J 170 138.05 0.05 42.76
C MET J 170 137.39 1.20 43.50
N THR J 171 136.16 1.53 43.10
CA THR J 171 135.47 2.67 43.68
C THR J 171 135.22 2.45 45.16
N ASN J 172 135.23 3.55 45.92
CA ASN J 172 134.88 3.55 47.33
C ASN J 172 135.73 2.59 48.14
N TRP J 173 136.90 2.19 47.63
CA TRP J 173 137.74 1.25 48.35
C TRP J 173 138.23 1.82 49.67
N ALA J 174 138.21 3.14 49.81
CA ALA J 174 138.58 3.80 51.07
C ALA J 174 137.40 4.57 51.65
N SER J 175 136.19 4.10 51.40
CA SER J 175 135.01 4.76 51.93
C SER J 175 134.88 4.52 53.43
N LEU J 176 134.31 5.50 54.13
CA LEU J 176 134.17 5.40 55.58
C LEU J 176 132.80 5.79 56.11
N GLY J 177 132.00 6.57 55.40
CA GLY J 177 130.74 7.04 55.94
C GLY J 177 129.58 6.09 55.70
N ASP J 178 128.50 6.61 55.10
CA ASP J 178 127.31 5.81 54.87
C ASP J 178 127.60 4.69 53.88
N GLU J 179 126.61 3.80 53.74
CA GLU J 179 126.77 2.68 52.81
C GLU J 179 126.88 3.15 51.37
N GLY J 180 126.30 4.30 51.05
CA GLY J 180 126.41 4.84 49.71
C GLY J 180 125.46 4.16 48.74
N ARG J 181 125.54 4.62 47.49
CA ARG J 181 124.68 4.09 46.45
C ARG J 181 124.96 2.60 46.24
N GLY J 182 123.91 1.84 45.97
CA GLY J 182 124.06 0.43 45.70
C GLY J 182 124.59 0.17 44.30
N LEU J 183 125.70 0.81 43.94
CA LEU J 183 126.29 0.66 42.64
C LEU J 183 127.81 0.66 42.79
N GLU J 184 128.48 -0.26 42.11
CA GLU J 184 129.88 -0.49 42.36
C GLU J 184 130.61 -0.86 41.09
N VAL J 185 131.87 -0.44 40.99
CA VAL J 185 132.75 -0.80 39.88
C VAL J 185 134.11 -1.16 40.46
N ARG J 186 134.50 -2.42 40.34
CA ARG J 186 135.79 -2.88 40.88
C ARG J 186 136.38 -3.91 39.92
N LEU J 187 137.32 -3.47 39.12
CA LEU J 187 137.99 -4.39 38.22
C LEU J 187 139.07 -5.17 38.96
N PRO J 188 139.35 -6.40 38.52
CA PRO J 188 140.45 -7.15 39.09
C PRO J 188 141.77 -6.67 38.52
N PRO J 189 142.89 -7.06 39.11
CA PRO J 189 144.19 -6.72 38.53
C PRO J 189 144.36 -7.39 37.17
N PRO J 190 145.28 -6.89 36.35
CA PRO J 190 145.38 -7.39 34.97
C PRO J 190 145.69 -8.87 34.88
N THR J 191 146.18 -9.49 35.96
CA THR J 191 146.45 -10.91 35.93
C THR J 191 145.19 -11.76 35.81
N ASP J 192 144.01 -11.15 35.97
CA ASP J 192 142.75 -11.86 35.85
C ASP J 192 141.98 -11.33 34.64
N SER J 193 140.82 -11.93 34.39
CA SER J 193 139.99 -11.58 33.25
C SER J 193 138.89 -10.64 33.70
N SER J 194 138.92 -9.40 33.22
CA SER J 194 137.93 -8.40 33.57
C SER J 194 136.80 -8.32 32.57
N VAL J 195 136.50 -9.42 31.86
CA VAL J 195 135.46 -9.40 30.85
C VAL J 195 134.12 -9.07 31.47
N HIS J 196 133.82 -9.65 32.63
CA HIS J 196 132.52 -9.52 33.25
C HIS J 196 132.10 -8.06 33.43
N ALA J 197 133.03 -7.13 33.36
CA ALA J 197 132.71 -5.72 33.51
C ALA J 197 132.30 -5.05 32.21
N TYR J 198 132.44 -5.73 31.07
CA TYR J 198 132.16 -5.12 29.78
C TYR J 198 131.03 -5.85 29.05
N LYS J 199 130.11 -6.44 29.77
CA LYS J 199 128.99 -7.16 29.18
C LYS J 199 127.68 -6.63 29.72
N THR J 200 127.57 -5.31 29.79
CA THR J 200 126.38 -4.71 30.38
C THR J 200 125.17 -4.85 29.45
N VAL J 201 125.36 -4.56 28.16
CA VAL J 201 124.27 -4.60 27.21
C VAL J 201 124.72 -5.33 25.95
N LEU J 202 123.74 -5.80 25.20
CA LEU J 202 123.93 -6.43 23.89
C LEU J 202 124.86 -7.62 23.94
N SER J 203 125.16 -8.14 25.12
CA SER J 203 126.08 -9.26 25.27
C SER J 203 125.42 -10.45 25.95
N ARG J 204 124.78 -10.24 27.09
CA ARG J 204 124.28 -11.35 27.88
C ARG J 204 123.13 -12.05 27.16
N GLY J 205 123.17 -13.38 27.16
CA GLY J 205 122.20 -14.20 26.47
C GLY J 205 122.80 -15.08 25.40
N TYR J 206 123.88 -14.62 24.77
CA TYR J 206 124.58 -15.38 23.76
C TYR J 206 126.09 -15.39 23.94
N ILE J 207 126.66 -14.40 24.61
CA ILE J 207 128.11 -14.33 24.72
C ILE J 207 128.60 -15.41 25.67
N ASP J 208 129.80 -15.89 25.42
CA ASP J 208 130.40 -16.87 26.31
C ASP J 208 130.84 -16.21 27.60
N ASN J 209 130.97 -17.02 28.65
CA ASN J 209 131.38 -16.54 29.96
C ASN J 209 132.80 -16.02 29.99
N ALA J 210 133.54 -16.09 28.88
CA ALA J 210 134.92 -15.62 28.86
C ALA J 210 135.22 -14.78 27.63
N GLN J 211 134.21 -14.18 27.00
CA GLN J 211 134.42 -13.39 25.81
C GLN J 211 133.71 -12.05 25.95
N PHE J 212 134.24 -11.06 25.26
CA PHE J 212 133.60 -9.76 25.14
C PHE J 212 133.36 -9.46 23.67
N ASN J 213 132.20 -8.88 23.37
CA ASN J 213 131.88 -8.61 21.98
C ASN J 213 132.62 -7.37 21.53
N PRO J 214 133.55 -7.48 20.57
CA PRO J 214 134.30 -6.31 20.13
C PRO J 214 133.44 -5.28 19.41
N LEU J 215 132.31 -5.68 18.85
CA LEU J 215 131.49 -4.73 18.09
C LEU J 215 130.71 -3.77 18.99
N ALA J 216 130.42 -4.17 20.22
CA ALA J 216 129.67 -3.34 21.15
C ALA J 216 130.57 -2.63 22.14
N LEU J 217 131.83 -2.41 21.78
CA LEU J 217 132.80 -1.92 22.75
C LEU J 217 132.46 -0.52 23.22
N ARG J 218 132.11 0.38 22.29
CA ARG J 218 131.90 1.77 22.67
C ARG J 218 130.78 1.90 23.68
N SER J 219 129.67 1.19 23.47
CA SER J 219 128.53 1.31 24.37
C SER J 219 128.83 0.71 25.73
N ASN J 220 129.37 -0.51 25.77
CA ASN J 220 129.64 -1.15 27.05
C ASN J 220 130.62 -0.34 27.88
N VAL J 221 131.65 0.20 27.24
CA VAL J 221 132.57 1.09 27.95
C VAL J 221 131.80 2.28 28.53
N LEU J 222 130.90 2.85 27.73
CA LEU J 222 130.19 4.04 28.16
C LEU J 222 129.38 3.76 29.43
N LEU J 223 128.66 2.65 29.44
CA LEU J 223 127.85 2.32 30.60
C LEU J 223 128.72 2.08 31.83
N MET J 224 129.85 1.41 31.64
CA MET J 224 130.74 1.17 32.78
C MET J 224 131.20 2.49 33.38
N LEU J 225 131.56 3.46 32.53
CA LEU J 225 131.91 4.78 33.03
C LEU J 225 130.73 5.39 33.79
N LEU J 226 129.52 5.25 33.23
CA LEU J 226 128.36 5.83 33.87
C LEU J 226 128.16 5.24 35.27
N GLN J 227 128.28 3.92 35.39
CA GLN J 227 128.23 3.31 36.70
C GLN J 227 129.34 3.84 37.58
N PHE J 228 130.54 3.97 37.02
CA PHE J 228 131.65 4.52 37.78
C PHE J 228 131.32 5.92 38.29
N THR J 229 130.69 6.73 37.43
CA THR J 229 130.35 8.09 37.82
C THR J 229 129.33 8.11 38.95
N LEU J 230 128.23 7.37 38.77
CA LEU J 230 127.15 7.41 39.76
C LEU J 230 127.63 6.90 41.10
N SER J 231 128.52 5.90 41.10
CA SER J 231 129.00 5.33 42.35
C SER J 231 129.84 6.30 43.16
N ASN J 232 130.01 7.54 42.72
CA ASN J 232 130.81 8.50 43.45
C ASN J 232 130.07 9.77 43.81
N LEU J 233 128.78 9.87 43.48
CA LEU J 233 128.01 11.08 43.76
C LEU J 233 127.72 11.13 45.26
N LYS J 234 128.58 11.83 46.00
CA LYS J 234 128.42 11.94 47.44
C LYS J 234 129.20 13.16 47.92
N ILE J 235 128.89 13.58 49.13
CA ILE J 235 129.48 14.78 49.71
C ILE J 235 130.75 14.40 50.47
N ASN J 236 131.72 15.31 50.47
CA ASN J 236 132.95 15.12 51.22
C ASN J 236 132.79 15.80 52.58
N LYS J 237 132.14 15.09 53.49
CA LYS J 237 131.97 15.61 54.83
C LYS J 237 133.32 15.82 55.50
N SER J 238 133.43 16.89 56.27
CA SER J 238 134.63 17.09 57.07
C SER J 238 134.61 16.12 58.25
N SER J 239 135.62 16.22 59.10
CA SER J 239 135.72 15.29 60.23
C SER J 239 136.57 15.94 61.32
N THR J 240 136.82 15.17 62.37
CA THR J 240 137.68 15.64 63.44
C THR J 240 139.12 15.72 62.97
N PHE J 241 139.91 16.48 63.72
CA PHE J 241 141.32 16.68 63.41
C PHE J 241 142.15 16.47 64.66
N THR J 242 143.46 16.36 64.46
CA THR J 242 144.40 16.37 65.56
C THR J 242 145.67 17.04 65.10
N SER J 243 146.38 17.64 66.05
CA SER J 243 147.64 18.31 65.74
C SER J 243 148.77 17.31 65.74
N ASP J 244 149.58 17.35 64.68
CA ASP J 244 150.70 16.44 64.57
C ASP J 244 151.92 17.03 65.25
N VAL J 245 152.63 16.18 65.99
CA VAL J 245 153.86 16.55 66.66
C VAL J 245 155.03 15.67 66.23
N THR J 246 154.87 14.91 65.16
CA THR J 246 155.91 14.01 64.71
C THR J 246 157.10 14.81 64.18
N THR J 247 158.12 14.10 63.74
CA THR J 247 159.47 14.68 63.62
C THR J 247 159.48 15.89 62.71
N ILE J 248 158.88 15.79 61.53
CA ILE J 248 159.02 16.82 60.52
C ILE J 248 157.72 17.57 60.26
N THR J 249 156.57 16.92 60.42
CA THR J 249 155.30 17.55 60.18
C THR J 249 154.72 18.20 61.42
N SER J 250 155.53 18.38 62.46
CA SER J 250 155.05 18.98 63.69
C SER J 250 154.45 20.35 63.41
N GLY J 251 153.26 20.58 63.94
CA GLY J 251 152.54 21.81 63.74
C GLY J 251 151.42 21.73 62.72
N ARG J 252 151.48 20.77 61.80
CA ARG J 252 150.39 20.62 60.85
C ARG J 252 149.21 19.92 61.54
N MET J 253 148.04 20.07 60.93
CA MET J 253 146.82 19.45 61.42
C MET J 253 146.33 18.42 60.42
N ILE J 254 145.97 17.23 60.92
CA ILE J 254 145.56 16.13 60.07
C ILE J 254 144.27 15.53 60.61
N ARG J 255 143.62 14.74 59.77
CA ARG J 255 142.31 14.19 60.08
C ARG J 255 142.45 12.92 60.92
N ALA J 256 141.32 12.35 61.30
CA ALA J 256 141.28 11.31 62.34
C ALA J 256 141.16 9.90 61.77
N PHE J 257 140.10 9.63 61.01
CA PHE J 257 139.83 8.30 60.47
C PHE J 257 139.73 7.25 61.56
N GLU J 258 139.06 7.61 62.66
CA GLU J 258 138.90 6.66 63.76
C GLU J 258 138.01 5.49 63.38
N GLY J 259 137.25 5.59 62.29
CA GLY J 259 136.44 4.46 61.84
C GLY J 259 137.30 3.25 61.55
N ARG J 260 138.38 3.45 60.79
CA ARG J 260 139.41 2.43 60.65
C ARG J 260 140.76 3.12 60.52
N PRO J 261 141.59 3.05 61.55
CA PRO J 261 142.74 3.96 61.65
C PRO J 261 143.80 3.74 60.59
N GLU J 262 143.85 2.57 59.95
CA GLU J 262 144.91 2.32 58.99
C GLU J 262 144.87 3.31 57.83
N LEU J 263 143.72 3.93 57.59
CA LEU J 263 143.64 4.96 56.57
C LEU J 263 144.62 6.09 56.86
N LEU J 264 144.87 6.36 58.14
CA LEU J 264 145.75 7.45 58.51
C LEU J 264 147.12 7.31 57.86
N ALA J 265 147.64 6.09 57.84
CA ALA J 265 148.92 5.87 57.16
C ALA J 265 148.81 6.16 55.68
N LEU J 266 147.70 5.75 55.05
CA LEU J 266 147.56 5.95 53.62
C LEU J 266 147.26 7.40 53.27
N ALA J 267 146.59 8.12 54.18
CA ALA J 267 146.07 9.43 53.83
C ALA J 267 147.17 10.42 53.50
N TYR J 268 148.26 10.40 54.26
CA TYR J 268 149.32 11.39 54.14
C TYR J 268 150.65 10.70 53.89
N PRO J 269 150.86 10.21 52.67
CA PRO J 269 152.17 9.62 52.34
C PRO J 269 153.24 10.68 52.36
N GLY J 270 154.24 10.48 53.22
CA GLY J 270 155.32 11.44 53.31
C GLY J 270 155.67 11.79 54.73
N ARG J 271 154.69 11.76 55.64
CA ARG J 271 154.96 12.06 57.02
C ARG J 271 155.63 10.87 57.69
N ALA J 272 156.72 11.13 58.42
CA ALA J 272 157.41 10.12 59.20
C ALA J 272 157.82 8.93 58.33
N VAL J 273 158.71 9.22 57.38
CA VAL J 273 159.22 8.22 56.46
C VAL J 273 160.55 7.71 56.97
N LEU J 274 160.76 6.41 56.86
CA LEU J 274 162.03 5.84 57.28
C LEU J 274 163.15 6.35 56.38
N PRO J 275 164.31 6.64 56.93
CA PRO J 275 165.43 7.08 56.10
C PRO J 275 166.05 5.93 55.30
N THR J 276 165.40 4.77 55.32
CA THR J 276 165.88 3.62 54.56
C THR J 276 166.03 3.96 53.09
N GLN J 277 166.78 3.15 52.36
CA GLN J 277 167.08 3.42 50.96
C GLN J 277 166.35 2.40 50.10
N THR J 278 165.11 2.72 49.77
CA THR J 278 164.34 1.94 48.81
C THR J 278 163.69 2.91 47.82
N LYS J 279 163.16 2.35 46.74
CA LYS J 279 162.61 3.18 45.67
C LYS J 279 161.55 4.13 46.20
N ASN J 280 160.55 3.58 46.90
CA ASN J 280 159.50 4.44 47.43
C ASN J 280 160.06 5.37 48.49
N ALA J 281 160.97 4.88 49.31
CA ALA J 281 161.56 5.73 50.36
C ALA J 281 162.26 6.93 49.74
N GLN J 282 163.04 6.69 48.68
CA GLN J 282 163.71 7.80 48.01
C GLN J 282 162.71 8.80 47.47
N PHE J 283 161.63 8.30 46.86
CA PHE J 283 160.61 9.20 46.33
C PHE J 283 159.97 10.02 47.44
N LEU J 284 159.59 9.36 48.53
CA LEU J 284 158.91 10.06 49.62
C LEU J 284 159.83 11.06 50.29
N SER J 285 161.13 10.84 50.22
CA SER J 285 162.07 11.75 50.86
C SER J 285 161.98 13.16 50.29
N THR J 286 161.40 13.32 49.11
CA THR J 286 161.28 14.60 48.46
C THR J 286 159.96 15.30 48.75
N ALA J 287 159.12 14.73 49.60
CA ALA J 287 157.81 15.32 49.86
C ALA J 287 157.94 16.68 50.51
N ILE J 288 157.00 17.57 50.19
CA ILE J 288 156.97 18.91 50.74
C ILE J 288 156.17 18.90 52.03
N ALA J 289 156.76 19.41 53.11
CA ALA J 289 156.11 19.36 54.40
C ALA J 289 154.85 20.22 54.43
N ASP J 290 154.89 21.37 53.74
CA ASP J 290 153.80 22.34 53.85
C ASP J 290 152.52 21.89 53.19
N ARG J 291 152.46 20.68 52.64
CA ARG J 291 151.27 20.24 51.91
C ARG J 291 150.65 19.01 52.55
N ILE J 292 150.78 18.89 53.87
CA ILE J 292 150.14 17.82 54.63
C ILE J 292 149.03 18.44 55.44
N GLY J 293 147.84 17.85 55.35
CA GLY J 293 146.73 18.32 56.16
C GLY J 293 146.05 19.55 55.58
N ARG J 294 145.44 20.33 56.46
CA ARG J 294 144.69 21.49 56.04
C ARG J 294 145.60 22.66 55.76
N LEU J 295 145.16 23.53 54.86
CA LEU J 295 145.94 24.68 54.43
C LEU J 295 145.46 25.97 55.07
N ASP J 296 144.16 26.12 55.24
CA ASP J 296 143.58 27.34 55.77
C ASP J 296 143.71 27.40 57.29
N ARG J 297 143.39 28.57 57.83
CA ARG J 297 143.07 28.67 59.24
C ARG J 297 141.58 28.43 59.43
N ALA J 298 141.16 28.25 60.67
CA ALA J 298 139.76 27.99 60.95
C ALA J 298 138.91 29.17 60.48
N ASN J 299 137.80 28.86 59.83
CA ASN J 299 136.90 29.86 59.28
C ASN J 299 135.46 29.55 59.66
N LEU J 300 134.68 30.61 59.85
CA LEU J 300 133.23 30.51 60.02
C LEU J 300 132.89 29.47 61.08
N ILE J 301 133.49 29.64 62.26
CA ILE J 301 133.41 28.62 63.29
C ILE J 301 132.02 28.61 63.91
N GLY J 302 131.39 27.45 63.92
CA GLY J 302 130.14 27.25 64.62
C GLY J 302 130.33 26.71 66.02
N GLY J 303 130.98 27.49 66.88
CA GLY J 303 131.25 27.03 68.23
C GLY J 303 132.48 26.18 68.35
N GLU J 304 132.39 24.92 67.91
CA GLU J 304 133.54 24.02 67.87
C GLU J 304 134.02 23.75 66.46
N VAL J 305 133.12 23.50 65.54
CA VAL J 305 133.47 23.09 64.19
C VAL J 305 133.60 24.31 63.28
N SER J 306 134.26 24.11 62.15
CA SER J 306 134.34 25.10 61.10
C SER J 306 133.34 24.77 60.00
N ALA J 307 132.94 25.80 59.27
CA ALA J 307 131.93 25.62 58.22
C ALA J 307 132.44 24.71 57.11
N MET J 308 133.61 25.04 56.55
CA MET J 308 134.21 24.24 55.50
C MET J 308 135.72 24.33 55.64
N VAL J 309 136.41 23.27 55.25
CA VAL J 309 137.84 23.15 55.43
C VAL J 309 138.50 22.96 54.08
N GLU J 310 139.56 23.74 53.84
CA GLU J 310 140.40 23.58 52.66
C GLU J 310 141.62 22.78 53.07
N CYS J 311 141.66 21.52 52.65
CA CYS J 311 142.72 20.62 53.06
C CYS J 311 143.27 19.89 51.84
N MET J 312 144.45 19.29 52.03
CA MET J 312 145.12 18.56 50.97
C MET J 312 145.47 17.19 51.48
N GLU J 313 145.12 16.16 50.71
CA GLU J 313 145.32 14.78 51.13
C GLU J 313 145.28 13.90 49.90
N LEU J 314 145.50 12.60 50.11
CA LEU J 314 145.48 11.65 49.02
C LEU J 314 144.10 11.58 48.38
N CYS J 315 143.98 12.01 47.13
CA CYS J 315 142.72 11.90 46.41
C CYS J 315 143.01 12.08 44.92
N ASP J 316 142.42 11.22 44.11
CA ASP J 316 142.58 11.34 42.67
C ASP J 316 141.78 12.52 42.14
N ALA J 317 142.27 13.11 41.06
CA ALA J 317 141.58 14.26 40.48
C ALA J 317 140.20 13.89 39.99
N LEU J 318 140.07 12.72 39.36
CA LEU J 318 138.81 12.36 38.72
C LEU J 318 137.67 12.28 39.72
N THR J 319 137.87 11.53 40.81
CA THR J 319 136.83 11.44 41.82
C THR J 319 136.51 12.81 42.40
N LEU J 320 137.54 13.61 42.67
CA LEU J 320 137.32 14.94 43.18
C LEU J 320 136.47 15.76 42.22
N HIS J 321 136.81 15.70 40.93
CA HIS J 321 136.05 16.47 39.95
C HIS J 321 134.58 16.06 39.96
N ILE J 322 134.31 14.77 40.08
CA ILE J 322 132.92 14.31 40.10
C ILE J 322 132.18 14.90 41.28
N ARG J 323 132.73 14.73 42.47
CA ARG J 323 132.02 15.19 43.67
C ARG J 323 131.93 16.70 43.69
N GLU J 324 132.89 17.39 43.08
CA GLU J 324 132.75 18.83 42.91
C GLU J 324 131.52 19.15 42.08
N THR J 325 131.30 18.38 41.01
CA THR J 325 130.09 18.60 40.22
C THR J 325 128.85 18.30 41.05
N TYR J 326 128.88 17.22 41.83
CA TYR J 326 127.69 16.81 42.56
C TYR J 326 127.27 17.89 43.55
N VAL J 327 128.22 18.42 44.32
CA VAL J 327 127.88 19.45 45.28
C VAL J 327 127.38 20.69 44.57
N MET J 328 127.94 20.99 43.40
CA MET J 328 127.42 22.11 42.61
C MET J 328 125.97 21.87 42.25
N LEU J 329 125.64 20.64 41.85
CA LEU J 329 124.25 20.33 41.54
C LEU J 329 123.34 20.57 42.73
N LEU J 330 123.74 20.08 43.90
CA LEU J 330 122.92 20.27 45.09
C LEU J 330 122.74 21.75 45.39
N ARG J 331 123.82 22.52 45.30
CA ARG J 331 123.71 23.95 45.55
C ARG J 331 122.78 24.61 44.55
N SER J 332 122.77 24.13 43.31
CA SER J 332 121.84 24.67 42.34
C SER J 332 120.40 24.41 42.76
N MET J 333 120.14 23.29 43.43
CA MET J 333 118.80 23.01 43.91
C MET J 333 118.44 23.81 45.15
N HIS J 334 119.32 24.67 45.62
CA HIS J 334 119.09 25.34 46.90
C HIS J 334 117.88 26.26 46.82
N GLN J 335 117.23 26.44 47.96
CA GLN J 335 116.09 27.32 48.08
C GLN J 335 116.26 28.15 49.33
N ASP J 336 116.26 29.46 49.19
CA ASP J 336 116.41 30.31 50.36
C ASP J 336 115.20 30.15 51.27
N PRO J 337 115.39 29.74 52.52
CA PRO J 337 114.23 29.47 53.38
C PRO J 337 113.39 30.70 53.68
N THR J 338 114.02 31.88 53.74
CA THR J 338 113.28 33.07 54.14
C THR J 338 112.11 33.38 53.21
N GLN J 339 112.14 32.88 51.99
CA GLN J 339 111.08 33.15 51.04
C GLN J 339 109.87 32.25 51.22
N ILE J 340 109.95 31.24 52.09
CA ILE J 340 108.87 30.27 52.20
C ILE J 340 107.58 30.95 52.64
N VAL J 341 107.67 31.84 53.62
CA VAL J 341 106.47 32.46 54.16
C VAL J 341 105.71 33.20 53.07
N GLN J 342 106.43 33.89 52.20
CA GLN J 342 105.78 34.55 51.08
C GLN J 342 105.16 33.55 50.13
N ILE J 343 105.85 32.42 49.91
CA ILE J 343 105.30 31.38 49.05
C ILE J 343 103.96 30.91 49.58
N VAL J 344 103.90 30.63 50.87
CA VAL J 344 102.66 30.17 51.48
C VAL J 344 101.58 31.24 51.35
N ASN J 345 101.94 32.48 51.65
CA ASN J 345 100.96 33.56 51.55
C ASN J 345 100.43 33.69 50.14
N GLU J 346 101.30 33.60 49.14
CA GLU J 346 100.86 33.72 47.76
C GLU J 346 99.98 32.56 47.35
N CYS J 347 100.43 31.33 47.65
CA CYS J 347 99.65 30.17 47.24
C CYS J 347 98.27 30.17 47.87
N ALA J 348 98.17 30.64 49.11
CA ALA J 348 96.90 30.67 49.81
C ALA J 348 96.06 31.88 49.44
N ASN J 349 96.44 32.63 48.40
CA ASN J 349 95.69 33.81 47.98
C ASN J 349 95.49 34.79 49.13
N ASN J 350 96.46 34.84 50.03
CA ASN J 350 96.45 35.70 51.21
C ASN J 350 95.30 35.39 52.14
N LEU J 351 94.61 34.25 51.95
CA LEU J 351 93.67 33.81 52.96
C LEU J 351 94.36 33.41 54.25
N LEU J 352 95.65 33.11 54.19
CA LEU J 352 96.44 32.78 55.36
C LEU J 352 97.68 33.64 55.40
N ASN J 353 98.08 34.04 56.59
CA ASN J 353 99.33 34.74 56.81
C ASN J 353 100.11 33.98 57.87
N SER J 354 101.42 33.84 57.65
CA SER J 354 102.21 32.92 58.45
C SER J 354 103.58 33.51 58.76
N THR J 355 104.20 32.95 59.80
CA THR J 355 105.56 33.30 60.18
C THR J 355 106.35 32.02 60.42
N ILE J 356 107.57 31.99 59.90
CA ILE J 356 108.44 30.82 60.07
C ILE J 356 109.84 31.31 60.42
N PRO J 357 110.18 31.43 61.70
CA PRO J 357 111.52 31.87 62.06
C PRO J 357 112.55 30.81 61.70
N ILE J 358 113.75 31.27 61.36
CA ILE J 358 114.84 30.36 61.03
C ILE J 358 116.17 31.06 61.29
N SER J 359 117.12 30.31 61.82
CA SER J 359 118.46 30.81 62.03
C SER J 359 119.27 30.71 60.73
N LEU J 360 120.10 31.71 60.48
CA LEU J 360 120.89 31.78 59.26
C LEU J 360 122.33 31.44 59.59
N ARG J 361 122.74 30.25 59.21
CA ARG J 361 124.11 29.81 59.37
C ARG J 361 124.82 29.81 58.02
N PRO J 362 126.15 29.85 58.01
CA PRO J 362 126.87 29.90 56.73
C PRO J 362 126.54 28.73 55.81
N THR J 363 126.78 27.51 56.28
CA THR J 363 126.55 26.32 55.46
C THR J 363 125.14 25.81 55.75
N ILE J 364 124.18 26.33 55.02
CA ILE J 364 122.79 25.93 55.15
C ILE J 364 122.32 25.41 53.80
N LEU J 365 121.64 24.27 53.81
CA LEU J 365 121.25 23.60 52.58
C LEU J 365 119.77 23.25 52.63
N CYS J 366 119.05 23.61 51.57
CA CYS J 366 117.61 23.33 51.48
C CYS J 366 117.27 23.02 50.04
N PRO J 367 117.55 21.81 49.59
CA PRO J 367 117.34 21.48 48.18
C PRO J 367 115.86 21.32 47.84
N TRP J 368 115.16 22.44 47.68
CA TRP J 368 113.73 22.39 47.42
C TRP J 368 113.33 23.14 46.16
N PHE J 369 114.25 23.75 45.45
CA PHE J 369 113.92 24.61 44.33
C PHE J 369 114.11 23.89 43.01
N ALA J 370 113.24 24.18 42.05
CA ALA J 370 113.34 23.62 40.71
C ALA J 370 112.83 24.65 39.72
N SER J 371 113.62 24.92 38.69
CA SER J 371 113.26 25.95 37.73
C SER J 371 112.10 25.49 36.86
N SER J 372 111.52 26.45 36.13
CA SER J 372 110.37 26.15 35.29
C SER J 372 110.72 25.13 34.22
N GLU J 373 111.94 25.21 33.67
CA GLU J 373 112.35 24.29 32.63
C GLU J 373 112.23 22.85 33.10
N ASP J 374 112.69 22.59 34.33
CA ASP J 374 112.61 21.25 34.88
C ASP J 374 111.16 20.79 34.99
N LEU J 375 110.30 21.65 35.51
CA LEU J 375 108.89 21.28 35.64
C LEU J 375 108.27 21.01 34.29
N ARG J 376 108.54 21.89 33.31
CA ARG J 376 107.99 21.70 31.98
C ARG J 376 108.48 20.38 31.39
N LEU J 377 109.77 20.10 31.52
CA LEU J 377 110.29 18.82 31.06
C LEU J 377 109.62 17.68 31.80
N GLN J 378 109.43 17.82 33.11
CA GLN J 378 108.77 16.79 33.88
C GLN J 378 107.35 16.55 33.36
N GLN J 379 106.64 17.62 33.02
CA GLN J 379 105.28 17.47 32.53
C GLN J 379 105.23 16.65 31.25
N VAL J 380 106.14 16.93 30.32
CA VAL J 380 106.15 16.19 29.07
C VAL J 380 106.42 14.71 29.33
N MET J 381 107.37 14.41 30.21
CA MET J 381 107.66 13.03 30.54
C MET J 381 106.43 12.34 31.09
N HIS J 382 105.68 13.02 31.95
CA HIS J 382 104.39 12.49 32.38
C HIS J 382 103.52 12.15 31.20
N LEU J 383 103.44 13.06 30.24
CA LEU J 383 102.63 12.83 29.06
C LEU J 383 103.14 11.63 28.28
N VAL J 384 104.46 11.44 28.24
CA VAL J 384 105.03 10.35 27.47
C VAL J 384 104.71 9.01 28.12
N ASN J 385 104.88 8.91 29.43
CA ASN J 385 104.81 7.61 30.09
C ASN J 385 103.43 6.97 29.99
N ILE J 386 102.40 7.75 29.71
CA ILE J 386 101.05 7.22 29.58
C ILE J 386 100.63 7.14 28.12
N SER J 387 101.59 7.13 27.19
CA SER J 387 101.26 7.17 25.78
C SER J 387 100.45 5.96 25.35
N SER J 388 100.66 4.82 25.98
CA SER J 388 99.96 3.60 25.58
C SER J 388 98.61 3.49 26.29
N ASN J 389 98.62 3.47 27.62
CA ASN J 389 97.38 3.28 28.36
C ASN J 389 96.42 4.43 28.12
N THR J 390 96.92 5.67 28.13
CA THR J 390 96.15 6.90 27.92
C THR J 390 94.86 6.91 28.72
N ALA J 391 94.81 6.15 29.81
CA ALA J 391 93.68 6.14 30.71
C ALA J 391 94.10 6.21 32.16
N ALA J 392 95.40 6.13 32.46
CA ALA J 392 95.89 6.26 33.81
C ALA J 392 95.78 7.68 34.34
N ALA J 393 95.24 8.61 33.56
CA ALA J 393 95.06 9.97 34.04
C ALA J 393 93.83 10.12 34.91
N LEU J 394 92.90 9.16 34.86
CA LEU J 394 91.69 9.27 35.67
C LEU J 394 91.97 9.44 37.15
N PRO J 395 92.91 8.72 37.78
CA PRO J 395 93.15 8.94 39.21
C PRO J 395 93.45 10.39 39.55
N LEU J 396 94.12 11.12 38.66
CA LEU J 396 94.32 12.54 38.88
C LEU J 396 93.00 13.24 39.13
N VAL J 397 92.01 12.98 38.27
CA VAL J 397 90.70 13.58 38.46
C VAL J 397 90.09 13.11 39.77
N GLU J 398 90.21 11.81 40.07
CA GLU J 398 89.63 11.29 41.29
C GLU J 398 90.21 11.98 42.52
N ALA J 399 91.54 12.07 42.58
CA ALA J 399 92.17 12.73 43.73
C ALA J 399 91.74 14.18 43.81
N LEU J 400 91.78 14.89 42.69
CA LEU J 400 91.42 16.30 42.71
C LEU J 400 89.98 16.49 43.14
N SER J 401 89.08 15.64 42.63
CA SER J 401 87.69 15.74 43.04
C SER J 401 87.56 15.50 44.55
N THR J 402 88.26 14.50 45.06
CA THR J 402 88.16 14.19 46.48
C THR J 402 88.60 15.37 47.33
N LEU J 403 89.77 15.93 47.03
CA LEU J 403 90.25 17.08 47.79
C LEU J 403 89.27 18.24 47.67
N LEU J 404 88.80 18.50 46.46
CA LEU J 404 87.90 19.63 46.24
C LEU J 404 86.61 19.45 47.04
N ARG J 405 86.06 18.24 47.04
CA ARG J 405 84.84 17.99 47.78
C ARG J 405 85.08 18.11 49.28
N SER J 406 86.27 17.71 49.73
CA SER J 406 86.60 17.85 51.13
C SER J 406 87.00 19.28 51.49
N VAL J 407 87.00 20.17 50.51
CA VAL J 407 87.45 21.53 50.78
C VAL J 407 86.38 22.58 50.47
N THR J 408 85.38 22.19 49.72
CA THR J 408 84.34 23.15 49.31
C THR J 408 83.31 23.39 50.41
N PRO J 409 82.96 24.66 50.63
CA PRO J 409 81.90 24.93 51.61
C PRO J 409 80.54 24.67 50.99
N LEU J 410 80.50 24.58 49.66
CA LEU J 410 79.24 24.34 48.98
C LEU J 410 78.60 23.03 49.42
N VAL J 411 77.32 23.08 49.76
CA VAL J 411 76.60 21.88 50.17
C VAL J 411 75.54 21.49 49.15
N LEU J 412 75.36 20.19 48.94
CA LEU J 412 74.35 19.72 47.99
C LEU J 412 73.22 19.02 48.71
N ASP J 413 71.98 19.44 48.45
CA ASP J 413 70.82 18.87 49.11
C ASP J 413 69.57 19.07 48.27
N PRO J 414 68.98 17.99 47.78
CA PRO J 414 67.80 18.11 46.91
C PRO J 414 66.48 18.31 47.64
N THR J 415 66.52 18.66 48.93
CA THR J 415 65.30 18.72 49.72
C THR J 415 64.32 19.74 49.15
N VAL J 416 64.74 21.01 49.06
CA VAL J 416 63.83 22.06 48.64
C VAL J 416 63.31 21.78 47.24
N LEU J 417 64.18 21.27 46.37
CA LEU J 417 63.75 20.93 45.02
C LEU J 417 62.68 19.86 45.06
N THR J 418 62.84 18.87 45.93
CA THR J 418 61.85 17.79 46.02
C THR J 418 60.48 18.35 46.39
N ASN J 419 60.44 19.25 47.37
CA ASN J 419 59.17 19.83 47.78
C ASN J 419 58.54 20.60 46.64
N ALA J 420 59.35 21.39 45.93
CA ALA J 420 58.82 22.19 44.83
C ALA J 420 58.27 21.32 43.71
N ILE J 421 58.72 20.08 43.61
CA ILE J 421 58.22 19.20 42.55
C ILE J 421 56.94 18.51 43.00
N THR J 422 56.94 17.94 44.20
CA THR J 422 55.80 17.15 44.65
C THR J 422 54.54 17.99 44.75
N THR J 423 54.67 19.28 45.04
CA THR J 423 53.49 20.15 45.10
C THR J 423 52.82 20.32 43.75
N ILE J 424 53.48 19.91 42.67
CA ILE J 424 52.90 19.96 41.34
C ILE J 424 52.29 18.64 40.94
N SER J 425 53.00 17.54 41.19
CA SER J 425 52.51 16.22 40.85
C SER J 425 53.16 15.20 41.76
N GLU J 426 52.56 14.01 41.80
CA GLU J 426 53.04 12.94 42.67
C GLU J 426 53.24 11.63 41.93
N SER J 427 53.19 11.63 40.60
CA SER J 427 53.35 10.42 39.79
C SER J 427 52.40 9.32 40.27
N THR J 428 51.11 9.64 40.22
CA THR J 428 50.10 8.72 40.74
C THR J 428 50.05 7.42 39.92
N THR J 429 50.27 7.50 38.61
CA THR J 429 50.23 6.32 37.75
C THR J 429 51.60 5.68 37.57
N GLN J 430 52.67 6.33 38.03
CA GLN J 430 54.05 5.90 37.81
C GLN J 430 54.38 5.77 36.32
N THR J 431 53.56 6.35 35.46
CA THR J 431 53.81 6.37 34.03
C THR J 431 53.62 7.73 33.38
N ILE J 432 52.93 8.67 34.04
CA ILE J 432 52.74 9.98 33.45
C ILE J 432 54.09 10.68 33.29
N SER J 433 54.08 11.75 32.51
CA SER J 433 55.32 12.40 32.08
C SER J 433 56.33 12.69 33.20
N PRO J 434 55.93 13.17 34.40
CA PRO J 434 56.95 13.52 35.40
C PRO J 434 57.79 12.34 35.89
N ILE J 435 57.59 11.16 35.31
CA ILE J 435 58.37 9.99 35.71
C ILE J 435 59.85 10.28 35.59
N SER J 436 60.26 10.96 34.51
CA SER J 436 61.67 11.24 34.30
C SER J 436 62.26 11.98 35.49
N GLU J 437 61.59 13.04 35.93
CA GLU J 437 62.07 13.78 37.10
C GLU J 437 62.10 12.87 38.32
N ILE J 438 61.01 12.15 38.56
CA ILE J 438 60.95 11.24 39.69
C ILE J 438 62.02 10.17 39.57
N LEU J 439 62.12 9.56 38.39
CA LEU J 439 63.05 8.45 38.22
C LEU J 439 64.49 8.93 38.27
N ARG J 440 64.78 10.06 37.65
CA ARG J 440 66.17 10.47 37.53
C ARG J 440 66.59 11.43 38.64
N LEU J 441 65.79 12.46 38.88
CA LEU J 441 66.23 13.54 39.76
C LEU J 441 65.88 13.26 41.22
N LEU J 442 64.58 13.15 41.50
CA LEU J 442 64.15 13.02 42.89
C LEU J 442 64.68 11.74 43.51
N GLN J 443 64.71 10.66 42.73
CA GLN J 443 65.30 9.40 43.14
C GLN J 443 66.70 9.65 43.68
N PRO J 444 66.90 9.51 44.99
CA PRO J 444 68.16 9.96 45.60
C PRO J 444 69.29 8.96 45.36
N MET J 445 70.31 9.40 44.63
CA MET J 445 71.50 8.57 44.50
C MET J 445 72.31 8.57 45.78
N GLY J 446 72.31 9.68 46.52
CA GLY J 446 73.20 9.81 47.66
C GLY J 446 74.65 9.67 47.28
N ASN J 447 74.98 9.90 46.01
CA ASN J 447 76.29 9.59 45.45
C ASN J 447 77.38 10.56 45.91
N ASP J 448 77.01 11.64 46.58
CA ASP J 448 77.84 12.84 46.73
C ASP J 448 78.10 13.48 45.38
N TYR J 449 77.33 13.07 44.37
CA TYR J 449 77.33 13.71 43.06
C TYR J 449 78.74 13.75 42.48
N ALA J 450 79.37 12.57 42.44
CA ALA J 450 80.73 12.47 41.92
C ALA J 450 80.82 13.02 40.51
N ALA J 451 79.74 12.91 39.73
CA ALA J 451 79.75 13.45 38.38
C ALA J 451 80.04 14.94 38.39
N PHE J 452 79.39 15.68 39.29
CA PHE J 452 79.61 17.12 39.34
C PHE J 452 81.05 17.44 39.66
N TRP J 453 81.59 16.84 40.72
CA TRP J 453 82.96 17.15 41.11
C TRP J 453 83.95 16.69 40.07
N LYS J 454 83.68 15.55 39.43
CA LYS J 454 84.56 15.09 38.37
C LYS J 454 84.64 16.10 37.24
N CYS J 455 83.48 16.65 36.86
CA CYS J 455 83.48 17.65 35.80
C CYS J 455 84.29 18.87 36.21
N ILE J 456 84.14 19.31 37.45
CA ILE J 456 84.90 20.46 37.93
C ILE J 456 86.39 20.16 37.88
N ALA J 457 86.78 18.99 38.39
CA ALA J 457 88.19 18.65 38.44
C ALA J 457 88.77 18.54 37.03
N SER J 458 87.99 18.06 36.08
CA SER J 458 88.48 17.87 34.73
C SER J 458 88.94 19.19 34.11
N TRP J 459 88.42 20.31 34.60
CA TRP J 459 88.81 21.59 34.03
C TRP J 459 90.29 21.85 34.21
N ALA J 460 90.84 21.47 35.35
CA ALA J 460 92.27 21.65 35.59
C ALA J 460 93.13 20.68 34.80
N TYR J 461 92.53 19.70 34.13
CA TYR J 461 93.30 18.69 33.41
C TYR J 461 92.80 18.50 31.99
N ASN J 462 92.07 19.47 31.44
CA ASN J 462 91.66 19.36 30.06
C ASN J 462 92.89 19.32 29.16
N GLY J 463 92.76 18.60 28.05
CA GLY J 463 93.90 18.28 27.24
C GLY J 463 94.66 17.07 27.71
N LEU J 464 94.43 16.62 28.93
CA LEU J 464 94.93 15.35 29.41
C LEU J 464 93.84 14.30 29.50
N VAL J 465 92.66 14.71 29.98
CA VAL J 465 91.49 13.86 30.01
C VAL J 465 90.26 14.73 29.81
N THR J 466 89.45 14.40 28.83
CA THR J 466 88.25 15.18 28.56
C THR J 466 87.02 14.45 29.11
N THR J 467 86.06 15.23 29.54
CA THR J 467 84.81 14.69 30.07
C THR J 467 83.70 14.98 29.06
N VAL J 468 83.05 13.91 28.60
CA VAL J 468 81.99 14.03 27.63
C VAL J 468 80.69 13.55 28.26
N LEU J 469 79.59 13.97 27.67
CA LEU J 469 78.29 13.50 28.10
C LEU J 469 78.15 12.01 27.81
N SER J 470 77.47 11.30 28.71
CA SER J 470 77.25 9.88 28.52
C SER J 470 76.51 9.63 27.21
N GLU J 471 77.03 8.70 26.42
CA GLU J 471 76.42 8.45 25.11
C GLU J 471 74.99 7.95 25.26
N ASP J 472 74.75 7.09 26.25
CA ASP J 472 73.40 6.58 26.46
C ASP J 472 72.43 7.67 26.89
N ALA J 473 72.93 8.79 27.41
CA ALA J 473 72.04 9.86 27.84
C ALA J 473 71.32 10.51 26.68
N PHE J 474 71.88 10.44 25.48
CA PHE J 474 71.23 11.05 24.33
C PHE J 474 69.93 10.33 24.01
N PRO J 475 68.93 11.05 23.54
CA PRO J 475 67.70 10.41 23.08
C PRO J 475 67.95 9.63 21.82
N ASP J 476 67.10 8.63 21.58
CA ASP J 476 67.20 7.85 20.35
C ASP J 476 67.02 8.77 19.14
N SER J 477 67.93 8.64 18.18
CA SER J 477 67.93 9.55 17.04
C SER J 477 66.69 9.39 16.17
N SER J 478 66.03 8.25 16.21
CA SER J 478 64.82 8.04 15.42
C SER J 478 63.56 8.45 16.15
N GLN J 479 63.64 8.77 17.44
CA GLN J 479 62.45 9.09 18.20
C GLN J 479 61.93 10.48 17.82
N SER J 480 60.63 10.66 17.95
CA SER J 480 60.00 11.94 17.68
C SER J 480 60.03 12.82 18.93
N ILE J 481 59.88 14.12 18.70
CA ILE J 481 59.86 15.08 19.80
C ILE J 481 58.69 14.81 20.74
N THR J 482 57.60 14.28 20.21
CA THR J 482 56.41 14.06 21.03
C THR J 482 56.62 13.00 22.09
N HIS J 483 57.68 12.21 22.01
CA HIS J 483 57.96 11.19 23.01
C HIS J 483 58.57 11.87 24.22
N LEU J 484 57.75 12.09 25.24
CA LEU J 484 58.15 12.95 26.36
C LEU J 484 59.44 12.52 27.03
N PRO J 485 59.66 11.24 27.38
CA PRO J 485 60.92 10.89 28.04
C PRO J 485 62.14 11.29 27.23
N SER J 486 62.07 11.15 25.91
CA SER J 486 63.15 11.63 25.07
C SER J 486 63.28 13.15 25.19
N MET J 487 62.15 13.85 25.24
CA MET J 487 62.20 15.30 25.34
C MET J 487 62.86 15.74 26.64
N TRP J 488 62.55 15.06 27.74
CA TRP J 488 63.17 15.40 29.01
C TRP J 488 64.68 15.23 28.94
N LYS J 489 65.14 14.14 28.33
CA LYS J 489 66.57 13.92 28.18
C LYS J 489 67.23 15.11 27.52
N CYS J 490 66.61 15.63 26.45
CA CYS J 490 67.18 16.76 25.75
C CYS J 490 67.33 17.96 26.66
N LEU J 491 66.33 18.22 27.49
CA LEU J 491 66.42 19.34 28.43
C LEU J 491 67.59 19.15 29.38
N PHE J 492 67.66 17.99 30.02
CA PHE J 492 68.76 17.73 30.95
C PHE J 492 70.09 17.80 30.22
N LEU J 493 70.15 17.27 29.00
CA LEU J 493 71.38 17.34 28.23
C LEU J 493 71.77 18.78 27.99
N THR J 494 70.81 19.63 27.63
CA THR J 494 71.12 21.03 27.36
C THR J 494 71.61 21.73 28.62
N LEU J 495 70.97 21.46 29.76
CA LEU J 495 71.33 22.17 30.98
C LEU J 495 72.78 21.90 31.38
N ALA J 496 73.21 20.65 31.27
CA ALA J 496 74.53 20.25 31.72
C ALA J 496 75.61 20.48 30.67
N GLY J 497 75.23 20.97 29.49
CA GLY J 497 76.16 21.14 28.40
C GLY J 497 77.43 21.87 28.77
N PRO J 498 77.31 23.13 29.19
CA PRO J 498 78.52 23.92 29.45
C PRO J 498 79.40 23.34 30.55
N MET J 499 78.84 22.49 31.41
CA MET J 499 79.64 21.95 32.50
C MET J 499 80.79 21.10 31.98
N THR J 500 80.55 20.34 30.92
CA THR J 500 81.57 19.45 30.39
C THR J 500 82.70 20.25 29.75
N SER J 501 83.87 19.60 29.65
CA SER J 501 85.04 20.21 29.04
C SER J 501 85.19 19.88 27.57
N ASP J 502 84.33 19.04 27.02
CA ASP J 502 84.42 18.69 25.61
C ASP J 502 84.14 19.92 24.76
N PRO J 503 85.05 20.31 23.88
CA PRO J 503 84.78 21.45 22.99
C PRO J 503 83.59 21.22 22.07
N HIS J 504 83.22 19.97 21.80
CA HIS J 504 82.16 19.68 20.87
C HIS J 504 80.79 19.61 21.51
N SER J 505 80.70 19.89 22.81
CA SER J 505 79.40 19.83 23.49
C SER J 505 78.35 20.70 22.81
N PRO J 506 78.60 21.97 22.47
CA PRO J 506 77.53 22.78 21.89
C PRO J 506 76.93 22.16 20.63
N VAL J 507 77.77 21.63 19.75
CA VAL J 507 77.24 21.02 18.53
C VAL J 507 76.39 19.81 18.88
N LYS J 508 76.89 18.97 19.78
CA LYS J 508 76.14 17.79 20.17
C LYS J 508 74.81 18.17 20.77
N VAL J 509 74.80 19.20 21.62
CA VAL J 509 73.55 19.65 22.22
C VAL J 509 72.58 20.10 21.15
N PHE J 510 73.05 20.92 20.21
CA PHE J 510 72.18 21.42 19.16
C PHE J 510 71.63 20.28 18.32
N MET J 511 72.50 19.34 17.95
CA MET J 511 72.05 18.24 17.11
C MET J 511 71.03 17.37 17.82
N ALA J 512 71.17 17.24 19.14
CA ALA J 512 70.23 16.41 19.89
C ALA J 512 68.80 16.89 19.68
N LEU J 513 68.57 18.19 19.84
CA LEU J 513 67.25 18.73 19.54
C LEU J 513 66.92 18.59 18.06
N ALA J 514 67.92 18.80 17.20
CA ALA J 514 67.68 18.69 15.77
C ALA J 514 67.16 17.32 15.40
N ASN J 515 67.67 16.29 16.06
CA ASN J 515 67.19 14.93 15.79
C ASN J 515 65.72 14.79 16.15
N LEU J 516 65.34 15.27 17.33
CA LEU J 516 63.95 15.12 17.75
C LEU J 516 63.00 15.92 16.86
N LEU J 517 63.48 16.99 16.25
CA LEU J 517 62.66 17.82 15.40
C LEU J 517 62.82 17.51 13.93
N ALA J 518 63.41 16.35 13.61
CA ALA J 518 63.69 16.04 12.21
C ALA J 518 62.41 16.06 11.36
N GLN J 519 61.30 15.60 11.91
CA GLN J 519 60.08 15.59 11.14
C GLN J 519 59.43 16.96 11.06
N PRO J 520 59.12 17.63 12.17
CA PRO J 520 58.39 18.89 12.07
C PRO J 520 59.20 20.02 11.46
N GLU J 521 60.50 20.05 11.66
CA GLU J 521 61.35 21.14 11.16
C GLU J 521 62.56 20.55 10.44
N PRO J 522 62.38 20.05 9.22
CA PRO J 522 63.54 19.60 8.45
C PRO J 522 64.45 20.77 8.12
N ILE J 523 65.74 20.49 8.06
CA ILE J 523 66.74 21.49 7.73
C ILE J 523 67.87 20.82 6.96
N ALA J 524 68.41 21.53 5.98
CA ALA J 524 69.48 20.99 5.15
C ALA J 524 70.80 21.15 5.89
N ILE J 525 71.32 20.03 6.39
CA ILE J 525 72.63 20.04 7.04
C ILE J 525 73.69 20.10 5.94
N GLY J 526 74.35 21.24 5.81
CA GLY J 526 75.29 21.44 4.73
C GLY J 526 76.62 20.73 4.93
N VAL J 527 76.57 19.47 5.32
CA VAL J 527 77.78 18.65 5.51
C VAL J 527 77.60 17.38 4.70
N PRO J 528 78.48 17.08 3.76
CA PRO J 528 78.34 15.84 2.99
C PRO J 528 78.45 14.62 3.89
N GLY J 529 77.63 13.62 3.60
CA GLY J 529 77.67 12.39 4.37
C GLY J 529 77.08 12.48 5.75
N MET J 530 76.23 13.48 6.01
CA MET J 530 75.58 13.62 7.30
C MET J 530 74.11 13.92 7.09
N HIS J 531 73.30 13.58 8.10
CA HIS J 531 71.87 13.77 8.01
C HIS J 531 71.33 14.21 9.36
N GLN J 532 70.15 14.83 9.31
CA GLN J 532 69.52 15.32 10.54
C GLN J 532 69.18 14.20 11.52
N THR J 533 69.16 12.95 11.06
CA THR J 533 68.90 11.83 11.94
C THR J 533 70.17 11.11 12.39
N THR J 534 71.34 11.61 11.99
CA THR J 534 72.57 11.02 12.46
C THR J 534 72.67 11.17 13.98
N PRO J 535 73.09 10.14 14.70
CA PRO J 535 73.19 10.26 16.17
C PRO J 535 74.05 11.42 16.60
N ALA J 536 73.49 12.29 17.43
CA ALA J 536 74.17 13.53 17.79
C ALA J 536 75.49 13.25 18.49
N SER J 537 75.56 12.18 19.28
CA SER J 537 76.76 11.89 20.03
C SER J 537 77.97 11.73 19.12
N GLN J 538 77.75 11.34 17.87
CA GLN J 538 78.86 11.07 16.97
C GLN J 538 79.39 12.31 16.28
N PHE J 539 78.78 13.48 16.50
CA PHE J 539 79.36 14.72 16.00
C PHE J 539 80.56 15.09 16.83
N SER J 540 81.74 14.64 16.44
CA SER J 540 82.95 14.81 17.24
C SER J 540 84.11 15.28 16.40
N HIS J 541 83.89 16.29 15.55
CA HIS J 541 84.97 16.86 14.76
C HIS J 541 84.56 18.26 14.35
N PRO J 542 85.46 19.24 14.39
CA PRO J 542 85.11 20.56 13.85
C PRO J 542 84.63 20.50 12.42
N GLY J 543 85.19 19.59 11.62
CA GLY J 543 84.87 19.57 10.20
C GLY J 543 83.43 19.23 9.90
N VAL J 544 82.69 18.72 10.88
CA VAL J 544 81.31 18.32 10.65
C VAL J 544 80.33 19.26 11.36
N TRP J 545 80.79 20.42 11.78
CA TRP J 545 79.86 21.38 12.36
C TRP J 545 78.95 21.92 11.27
N PRO J 546 77.64 21.79 11.41
CA PRO J 546 76.73 22.24 10.35
C PRO J 546 76.89 23.72 10.09
N PRO J 547 76.88 24.12 8.82
CA PRO J 547 77.01 25.56 8.53
C PRO J 547 75.91 26.39 9.14
N GLY J 548 74.69 25.86 9.18
CA GLY J 548 73.60 26.60 9.80
C GLY J 548 73.87 26.89 11.26
N PHE J 549 74.46 25.94 11.97
CA PHE J 549 74.80 26.18 13.37
C PHE J 549 75.83 27.29 13.50
N LEU J 550 76.83 27.29 12.62
CA LEU J 550 77.83 28.36 12.64
C LEU J 550 77.18 29.71 12.34
N ASN J 551 76.33 29.75 11.31
CA ASN J 551 75.64 30.97 10.93
C ASN J 551 74.13 30.74 11.02
N PRO J 552 73.50 31.15 12.12
CA PRO J 552 72.06 30.89 12.27
C PRO J 552 71.19 31.66 11.30
N GLN J 553 71.76 32.58 10.51
CA GLN J 553 70.98 33.29 9.52
C GLN J 553 70.47 32.38 8.41
N LEU J 554 71.06 31.21 8.25
CA LEU J 554 70.68 30.32 7.15
C LEU J 554 69.43 29.52 7.45
N ILE J 555 68.92 29.58 8.67
CA ILE J 555 67.72 28.85 9.05
C ILE J 555 66.54 29.80 8.91
N ASN J 556 65.62 29.48 8.02
CA ASN J 556 64.47 30.34 7.80
C ASN J 556 63.61 30.35 9.05
N PRO J 557 63.27 31.51 9.59
CA PRO J 557 62.46 31.54 10.81
C PRO J 557 61.10 30.86 10.64
N GLN J 558 60.36 31.21 9.58
CA GLN J 558 59.04 30.63 9.42
C GLN J 558 59.12 29.12 9.19
N GLN J 559 60.09 28.68 8.39
CA GLN J 559 60.17 27.25 8.06
C GLN J 559 60.56 26.43 9.27
N ALA J 560 61.46 26.93 10.11
CA ALA J 560 61.95 26.19 11.27
C ALA J 560 62.21 27.16 12.40
N PRO J 561 61.15 27.65 13.06
CA PRO J 561 61.36 28.66 14.10
C PRO J 561 62.11 28.14 15.32
N LEU J 562 61.73 26.97 15.81
CA LEU J 562 62.32 26.47 17.05
C LEU J 562 63.83 26.30 16.89
N LEU J 563 64.26 25.68 15.79
CA LEU J 563 65.68 25.44 15.61
C LEU J 563 66.45 26.75 15.55
N ARG J 564 65.93 27.73 14.80
CA ARG J 564 66.61 29.01 14.73
C ARG J 564 66.70 29.67 16.09
N ALA J 565 65.61 29.63 16.85
CA ALA J 565 65.65 30.18 18.21
C ALA J 565 66.66 29.44 19.05
N PHE J 566 66.69 28.11 18.96
CA PHE J 566 67.64 27.34 19.73
C PHE J 566 69.08 27.71 19.37
N ALA J 567 69.35 27.86 18.07
CA ALA J 567 70.69 28.24 17.65
C ALA J 567 71.05 29.62 18.19
N GLU J 568 70.12 30.56 18.12
CA GLU J 568 70.37 31.88 18.67
C GLU J 568 70.61 31.80 20.17
N HIS J 569 69.83 30.97 20.86
CA HIS J 569 70.01 30.81 22.29
C HIS J 569 71.42 30.34 22.62
N ILE J 570 71.90 29.34 21.89
CA ILE J 570 73.22 28.79 22.17
C ILE J 570 74.30 29.82 21.89
N ARG J 571 74.23 30.48 20.74
CA ARG J 571 75.25 31.45 20.39
C ARG J 571 75.28 32.62 21.36
N ALA J 572 74.12 32.98 21.92
CA ALA J 572 74.05 34.18 22.74
C ALA J 572 74.36 33.92 24.20
N ASN J 573 74.10 32.71 24.70
CA ASN J 573 74.13 32.47 26.13
C ASN J 573 75.18 31.46 26.58
N TRP J 574 75.97 30.93 25.66
CA TRP J 574 77.03 30.03 26.08
C TRP J 574 78.08 30.82 26.86
N PRO J 575 78.55 30.31 28.00
CA PRO J 575 79.45 31.10 28.83
C PRO J 575 80.76 31.41 28.14
N GLN J 576 81.32 32.55 28.49
CA GLN J 576 82.61 32.98 27.95
C GLN J 576 83.74 32.47 28.83
N PRO J 577 84.78 31.90 28.25
CA PRO J 577 85.91 31.43 29.05
C PRO J 577 86.66 32.58 29.69
N SER J 578 87.33 32.27 30.80
CA SER J 578 88.07 33.26 31.56
C SER J 578 89.38 32.66 32.03
N GLU J 579 90.15 33.46 32.78
CA GLU J 579 91.43 33.01 33.28
C GLU J 579 91.72 33.70 34.60
N PHE J 580 92.67 33.15 35.35
CA PHE J 580 93.08 33.73 36.61
C PHE J 580 94.44 33.16 37.01
N GLY J 581 95.20 33.96 37.76
CA GLY J 581 96.50 33.53 38.20
C GLY J 581 96.43 32.56 39.37
N TYR J 582 97.55 31.90 39.63
CA TYR J 582 97.62 30.94 40.72
C TYR J 582 99.08 30.72 41.07
N GLY J 583 99.30 30.15 42.25
CA GLY J 583 100.63 29.86 42.71
C GLY J 583 101.41 31.12 43.03
N SER J 584 102.69 30.92 43.33
CA SER J 584 103.59 32.01 43.65
C SER J 584 104.46 32.36 42.45
N THR J 585 105.09 33.52 42.53
CA THR J 585 106.00 33.97 41.48
C THR J 585 107.43 33.51 41.71
N LEU J 586 107.73 32.92 42.87
CA LEU J 586 109.07 32.46 43.18
C LEU J 586 109.24 30.96 42.94
N GLN J 587 108.45 30.40 42.02
CA GLN J 587 108.50 28.98 41.75
C GLN J 587 108.34 28.74 40.25
N GLY J 588 108.56 27.49 39.86
CA GLY J 588 108.41 27.12 38.48
C GLY J 588 106.98 27.20 38.02
N SER J 589 106.80 27.18 36.70
CA SER J 589 105.49 27.34 36.08
C SER J 589 104.81 26.02 35.78
N ALA J 590 105.55 25.07 35.19
CA ALA J 590 105.03 23.78 34.78
C ALA J 590 103.89 23.90 33.78
N ASN J 591 103.78 25.04 33.11
CA ASN J 591 102.76 25.26 32.11
C ASN J 591 103.36 25.12 30.72
N LEU J 592 102.68 24.37 29.86
CA LEU J 592 103.18 24.13 28.52
C LEU J 592 102.68 25.18 27.53
N PHE J 593 101.37 25.35 27.44
CA PHE J 593 100.77 26.22 26.46
C PHE J 593 100.28 27.54 27.02
N ILE J 594 99.50 27.50 28.10
CA ILE J 594 98.99 28.71 28.72
C ILE J 594 100.15 29.47 29.35
N PRO J 595 100.03 30.78 29.54
CA PRO J 595 101.13 31.54 30.11
C PRO J 595 101.47 31.08 31.50
N PRO J 596 102.70 31.29 31.96
CA PRO J 596 103.10 30.79 33.28
C PRO J 596 102.31 31.45 34.38
N ASN J 597 102.10 30.69 35.46
CA ASN J 597 101.35 31.14 36.63
C ASN J 597 99.97 31.64 36.23
N ARG J 598 99.24 30.77 35.54
CA ARG J 598 97.94 31.14 35.00
C ARG J 598 97.13 29.88 34.79
N MET J 599 95.81 30.04 34.80
CA MET J 599 94.89 28.96 34.51
C MET J 599 93.71 29.51 33.72
N VAL J 600 93.09 28.64 32.94
CA VAL J 600 91.93 29.02 32.14
C VAL J 600 90.69 28.44 32.80
N TYR J 601 89.55 29.09 32.56
CA TYR J 601 88.33 28.75 33.26
C TYR J 601 87.16 28.85 32.30
N PRO J 602 86.33 27.81 32.20
CA PRO J 602 85.21 27.86 31.25
C PRO J 602 84.26 29.00 31.51
N TRP J 603 84.02 29.34 32.74
CA TRP J 603 83.08 30.39 33.07
C TRP J 603 83.81 31.66 33.45
N PRO J 604 83.15 32.81 33.38
CA PRO J 604 83.75 34.04 33.89
C PRO J 604 83.90 33.97 35.40
N ASN J 605 84.95 34.63 35.90
CA ASN J 605 85.25 34.62 37.32
C ASN J 605 85.37 36.06 37.81
N GLN J 606 85.00 36.27 39.07
CA GLN J 606 85.03 37.60 39.67
C GLN J 606 85.43 37.46 41.13
N PRO J 607 85.95 38.52 41.73
CA PRO J 607 86.24 38.48 43.17
C PRO J 607 85.00 38.18 43.98
N LEU J 608 85.22 37.79 45.22
CA LEU J 608 84.13 37.39 46.10
C LEU J 608 83.46 38.62 46.72
N PRO J 609 82.19 38.87 46.41
CA PRO J 609 81.52 40.02 46.99
C PRO J 609 80.79 39.70 48.27
N ARG J 610 80.20 40.70 48.89
CA ARG J 610 79.29 40.47 50.01
C ARG J 610 78.03 39.80 49.49
N LEU J 611 77.57 38.77 50.19
CA LEU J 611 76.58 37.86 49.63
C LEU J 611 75.16 38.42 49.69
N THR J 612 74.95 39.61 49.13
CA THR J 612 73.61 40.16 49.08
C THR J 612 72.83 39.49 47.94
N VAL J 613 71.60 39.97 47.73
CA VAL J 613 70.69 39.28 46.83
C VAL J 613 71.13 39.42 45.38
N ALA J 614 71.62 40.59 45.00
CA ALA J 614 71.90 40.85 43.58
C ALA J 614 72.91 39.87 42.99
N PRO J 615 74.09 39.65 43.58
CA PRO J 615 75.01 38.68 42.99
C PRO J 615 74.49 37.27 43.00
N THR J 616 73.50 36.98 43.86
CA THR J 616 72.95 35.63 43.92
C THR J 616 72.35 35.21 42.59
N TYR J 617 71.84 36.17 41.82
CA TYR J 617 71.09 35.85 40.62
C TYR J 617 71.69 36.36 39.32
N ASP J 618 72.66 37.27 39.39
CA ASP J 618 73.21 37.85 38.17
C ASP J 618 74.29 36.98 37.54
N SER J 619 74.59 35.83 38.12
CA SER J 619 75.68 35.01 37.62
C SER J 619 75.36 34.50 36.22
N ALA J 620 76.42 34.29 35.43
CA ALA J 620 76.24 33.82 34.07
C ALA J 620 75.55 32.46 34.04
N MET J 621 75.95 31.56 34.94
CA MET J 621 75.35 30.24 34.97
C MET J 621 73.86 30.33 35.25
N SER J 622 73.47 31.17 36.20
CA SER J 622 72.05 31.38 36.46
C SER J 622 71.34 31.89 35.22
N ASN J 623 71.97 32.83 34.52
CA ASN J 623 71.40 33.32 33.26
C ASN J 623 71.20 32.17 32.29
N TRP J 624 72.20 31.30 32.17
CA TRP J 624 72.09 30.17 31.27
C TRP J 624 70.90 29.30 31.64
N ILE J 625 70.75 29.00 32.93
CA ILE J 625 69.67 28.14 33.37
C ILE J 625 68.33 28.79 33.09
N SER J 626 68.20 30.07 33.43
CA SER J 626 66.91 30.74 33.28
C SER J 626 66.48 30.77 31.82
N THR J 627 67.38 31.20 30.94
CA THR J 627 67.04 31.30 29.53
C THR J 627 66.72 29.93 28.95
N THR J 628 67.52 28.92 29.31
CA THR J 628 67.30 27.58 28.76
C THR J 628 65.93 27.05 29.12
N ILE J 629 65.57 27.12 30.41
CA ILE J 629 64.26 26.62 30.82
C ILE J 629 63.16 27.41 30.14
N ALA J 630 63.36 28.72 30.00
CA ALA J 630 62.38 29.53 29.30
C ALA J 630 62.17 29.02 27.88
N PHE J 631 63.26 28.69 27.20
CA PHE J 631 63.15 28.20 25.83
C PHE J 631 62.35 26.89 25.78
N PHE J 632 62.67 25.96 26.67
CA PHE J 632 61.98 24.68 26.65
C PHE J 632 60.50 24.84 26.99
N ILE J 633 60.19 25.77 27.90
CA ILE J 633 58.79 26.06 28.18
C ILE J 633 58.09 26.48 26.90
N ARG J 634 58.74 27.33 26.11
CA ARG J 634 58.19 27.69 24.81
C ARG J 634 58.06 26.46 23.93
N VAL J 635 59.01 25.53 24.03
CA VAL J 635 58.97 24.33 23.20
C VAL J 635 57.77 23.48 23.56
N VAL J 636 57.59 23.17 24.85
CA VAL J 636 56.54 22.25 25.24
C VAL J 636 55.16 22.82 24.97
N ASN J 637 55.04 24.13 24.88
CA ASN J 637 53.76 24.74 24.53
C ASN J 637 53.54 24.80 23.03
N SER J 638 54.47 24.31 22.23
CA SER J 638 54.33 24.39 20.79
C SER J 638 53.12 23.60 20.32
N VAL J 639 52.60 24.00 19.16
CA VAL J 639 51.44 23.35 18.58
C VAL J 639 51.74 21.91 18.20
N ASN J 640 53.00 21.56 18.01
CA ASN J 640 53.35 20.23 17.52
C ASN J 640 53.01 19.15 18.55
N MET J 641 53.10 19.46 19.83
CA MET J 641 53.01 18.45 20.87
C MET J 641 51.60 17.90 21.05
N THR J 642 50.62 18.40 20.31
CA THR J 642 49.24 18.04 20.59
C THR J 642 48.95 16.55 20.41
N ALA J 643 49.84 15.83 19.72
CA ALA J 643 49.60 14.41 19.50
C ALA J 643 49.63 13.64 20.81
N THR J 644 50.39 14.12 21.80
CA THR J 644 50.53 13.39 23.06
C THR J 644 50.40 14.27 24.29
N VAL J 645 50.13 15.56 24.14
CA VAL J 645 50.14 16.49 25.26
C VAL J 645 48.79 17.22 25.24
N ASN J 646 47.83 16.71 26.00
CA ASN J 646 46.59 17.45 26.16
C ASN J 646 46.82 18.67 27.04
N ASP J 647 45.76 19.45 27.22
CA ASP J 647 45.90 20.69 27.98
C ASP J 647 46.39 20.43 29.38
N LEU J 648 45.77 19.47 30.08
CA LEU J 648 46.15 19.19 31.45
C LEU J 648 47.63 18.84 31.56
N THR J 649 48.09 17.97 30.67
CA THR J 649 49.51 17.62 30.66
C THR J 649 50.36 18.85 30.36
N ARG J 650 49.94 19.66 29.39
CA ARG J 650 50.73 20.81 28.99
C ARG J 650 50.98 21.73 30.16
N ARG J 651 49.94 21.99 30.96
CA ARG J 651 50.13 22.82 32.14
C ARG J 651 51.03 22.14 33.15
N THR J 652 50.86 20.83 33.34
CA THR J 652 51.67 20.12 34.31
C THR J 652 53.14 20.23 33.98
N MET J 653 53.49 20.00 32.72
CA MET J 653 54.89 20.13 32.31
C MET J 653 55.39 21.54 32.59
N THR J 654 54.59 22.54 32.24
CA THR J 654 55.00 23.92 32.46
C THR J 654 55.24 24.17 33.94
N GLY J 655 54.32 23.72 34.78
CA GLY J 655 54.49 23.92 36.21
C GLY J 655 55.77 23.29 36.74
N VAL J 656 56.09 22.09 36.25
CA VAL J 656 57.32 21.44 36.67
C VAL J 656 58.52 22.25 36.23
N MET J 657 58.52 22.69 34.97
CA MET J 657 59.66 23.43 34.46
C MET J 657 59.87 24.72 35.24
N THR J 658 58.80 25.51 35.42
CA THR J 658 58.96 26.77 36.13
C THR J 658 59.37 26.53 37.58
N ALA J 659 58.90 25.44 38.19
CA ALA J 659 59.33 25.11 39.53
C ALA J 659 60.83 24.87 39.57
N MET J 660 61.35 24.13 38.59
CA MET J 660 62.79 23.92 38.52
C MET J 660 63.52 25.23 38.30
N ARG J 661 62.90 26.17 37.60
CA ARG J 661 63.58 27.42 37.33
C ARG J 661 63.59 28.34 38.54
N GLN J 662 62.51 28.33 39.33
CA GLN J 662 62.37 29.31 40.39
C GLN J 662 63.14 28.94 41.65
N VAL J 663 63.44 27.65 41.85
CA VAL J 663 64.09 27.24 43.08
C VAL J 663 65.43 27.93 43.21
N LYS J 664 65.77 28.32 44.43
CA LYS J 664 67.00 29.05 44.70
C LYS J 664 68.12 28.07 45.03
N THR J 665 69.23 28.17 44.29
CA THR J 665 70.39 27.35 44.54
C THR J 665 71.64 28.22 44.43
N MET J 666 72.61 27.94 45.30
CA MET J 666 73.83 28.74 45.33
C MET J 666 74.90 28.24 44.38
N THR J 667 74.68 27.10 43.73
CA THR J 667 75.68 26.55 42.83
C THR J 667 76.17 27.55 41.80
N PRO J 668 75.32 28.31 41.10
CA PRO J 668 75.86 29.28 40.14
C PRO J 668 76.78 30.29 40.78
N PHE J 669 76.39 30.83 41.94
CA PHE J 669 77.24 31.80 42.61
C PHE J 669 78.57 31.17 43.01
N TYR J 670 78.53 29.95 43.50
CA TYR J 670 79.75 29.28 43.93
C TYR J 670 80.71 29.12 42.76
N ILE J 671 80.18 28.74 41.60
CA ILE J 671 81.04 28.54 40.43
C ILE J 671 81.67 29.85 40.02
N GLN J 672 80.90 30.93 40.00
CA GLN J 672 81.41 32.18 39.47
C GLN J 672 82.36 32.89 40.40
N HIS J 673 82.17 32.78 41.71
CA HIS J 673 82.92 33.59 42.64
C HIS J 673 83.84 32.82 43.58
N MET J 674 83.47 31.63 44.00
CA MET J 674 84.22 30.93 45.04
C MET J 674 85.07 29.79 44.52
N CYS J 675 84.53 29.00 43.59
CA CYS J 675 85.27 27.86 43.05
C CYS J 675 86.65 28.21 42.53
N PRO J 676 86.86 29.26 41.74
CA PRO J 676 88.21 29.52 41.21
C PRO J 676 89.24 29.71 42.31
N THR J 677 88.85 30.31 43.43
CA THR J 677 89.79 30.45 44.53
C THR J 677 90.29 29.09 44.99
N GLU J 678 89.36 28.15 45.20
CA GLU J 678 89.77 26.83 45.66
C GLU J 678 90.64 26.13 44.63
N LEU J 679 90.30 26.25 43.35
CA LEU J 679 91.09 25.62 42.31
C LEU J 679 92.52 26.15 42.32
N SER J 680 92.66 27.48 42.42
CA SER J 680 93.99 28.07 42.43
C SER J 680 94.80 27.56 43.61
N VAL J 681 94.17 27.47 44.79
CA VAL J 681 94.86 26.99 45.97
C VAL J 681 95.29 25.54 45.78
N LEU J 682 94.37 24.70 45.30
CA LEU J 682 94.68 23.29 45.16
C LEU J 682 95.75 23.07 44.09
N ALA J 683 95.74 23.88 43.03
CA ALA J 683 96.70 23.67 41.95
C ALA J 683 98.13 23.85 42.41
N SER J 684 98.35 24.51 43.54
CA SER J 684 99.70 24.79 44.01
C SER J 684 100.26 23.70 44.90
N VAL J 685 99.49 22.64 45.18
CA VAL J 685 99.96 21.62 46.12
C VAL J 685 99.89 20.21 45.55
N THR J 686 99.12 19.95 44.49
CA THR J 686 99.07 18.61 43.94
C THR J 686 100.43 18.21 43.39
N VAL J 687 100.74 16.91 43.51
CA VAL J 687 102.01 16.43 43.00
C VAL J 687 102.10 16.61 41.49
N THR J 688 100.96 16.59 40.81
CA THR J 688 100.94 16.83 39.37
C THR J 688 100.28 18.16 39.11
N PRO J 689 101.02 19.19 38.73
CA PRO J 689 100.42 20.49 38.48
C PRO J 689 99.46 20.42 37.32
N PRO J 690 98.49 21.32 37.25
CA PRO J 690 97.47 21.23 36.21
C PRO J 690 98.07 21.30 34.82
N PHE J 691 97.47 20.54 33.91
CA PHE J 691 97.89 20.47 32.51
C PHE J 691 96.68 20.87 31.66
N GLN J 692 96.76 22.01 30.99
CA GLN J 692 95.60 22.58 30.33
C GLN J 692 95.92 23.00 28.92
N VAL J 693 94.87 23.14 28.12
CA VAL J 693 94.94 23.70 26.78
C VAL J 693 93.89 24.81 26.70
N PRO J 694 94.06 25.80 25.85
CA PRO J 694 93.13 26.94 25.86
C PRO J 694 91.71 26.50 25.56
N PHE J 695 90.75 27.13 26.23
CA PHE J 695 89.33 26.88 26.00
C PHE J 695 88.85 27.71 24.83
N THR J 696 88.19 27.07 23.89
CA THR J 696 87.57 27.75 22.75
C THR J 696 86.05 27.69 22.88
N ARG J 697 85.39 28.63 22.21
CA ARG J 697 83.95 28.79 22.34
C ARG J 697 83.37 29.12 20.97
N LEU J 698 82.89 28.10 20.27
CA LEU J 698 82.19 28.24 19.00
C LEU J 698 83.06 28.84 17.91
N VAL J 699 84.36 28.95 18.12
CA VAL J 699 85.28 29.44 17.10
C VAL J 699 85.84 28.22 16.38
N GLN J 700 85.32 27.93 15.19
CA GLN J 700 85.63 26.68 14.53
C GLN J 700 87.12 26.56 14.22
N ASN J 701 87.73 27.64 13.73
CA ASN J 701 89.12 27.56 13.32
C ASN J 701 90.05 27.31 14.49
N ASP J 702 89.65 27.64 15.70
CA ASP J 702 90.53 27.48 16.85
C ASP J 702 90.34 26.16 17.57
N VAL J 703 89.38 25.34 17.19
CA VAL J 703 89.13 24.09 17.89
C VAL J 703 90.34 23.17 17.73
N ILE J 704 90.71 22.52 18.81
CA ILE J 704 91.86 21.62 18.83
C ILE J 704 91.44 20.27 18.30
N THR J 705 92.28 19.70 17.44
CA THR J 705 92.04 18.37 16.89
C THR J 705 92.89 17.30 17.54
N ASN J 706 94.18 17.56 17.73
CA ASN J 706 95.09 16.55 18.27
C ASN J 706 96.05 17.21 19.24
N VAL J 707 96.53 16.40 20.18
CA VAL J 707 97.60 16.81 21.08
C VAL J 707 98.68 15.74 20.95
N LEU J 708 99.83 16.13 20.40
CA LEU J 708 100.88 15.19 20.06
C LEU J 708 102.19 15.60 20.71
N VAL J 709 102.96 14.61 21.14
CA VAL J 709 104.28 14.81 21.68
C VAL J 709 105.29 14.27 20.67
N ALA J 710 106.29 15.08 20.36
CA ALA J 710 107.26 14.76 19.33
C ALA J 710 108.64 14.56 19.95
N ARG J 711 109.28 13.45 19.66
CA ARG J 711 110.64 13.25 20.15
C ARG J 711 111.59 13.99 19.23
N VAL J 712 111.22 14.10 17.96
CA VAL J 712 112.06 14.81 16.99
C VAL J 712 111.19 15.62 16.05
N ASP J 713 111.60 16.86 15.75
CA ASP J 713 110.82 17.71 14.87
C ASP J 713 110.53 16.97 13.57
N PRO J 714 109.35 17.15 12.99
CA PRO J 714 109.02 16.43 11.75
C PRO J 714 110.00 16.73 10.64
N ALA J 715 110.59 17.92 10.62
CA ALA J 715 111.58 18.24 9.60
C ALA J 715 112.78 17.29 9.68
N GLN J 716 113.26 17.03 10.88
CA GLN J 716 114.43 16.17 11.07
C GLN J 716 114.06 14.71 11.27
N ARG J 717 112.79 14.40 11.40
CA ARG J 717 112.39 13.04 11.67
C ARG J 717 112.68 12.15 10.47
N GLY J 718 113.13 10.92 10.76
CA GLY J 718 113.45 9.99 9.68
C GLY J 718 112.23 9.58 8.87
N ASP J 719 111.11 9.35 9.54
CA ASP J 719 109.87 9.01 8.87
C ASP J 719 108.72 9.69 9.60
N ALA J 720 107.49 9.35 9.25
CA ALA J 720 106.34 9.93 9.92
C ALA J 720 106.38 9.56 11.40
N ALA J 721 106.30 8.27 11.69
CA ALA J 721 106.35 7.81 13.07
C ALA J 721 105.67 8.79 14.02
N VAL J 722 104.43 9.14 13.71
CA VAL J 722 103.70 10.11 14.53
C VAL J 722 103.25 9.48 15.84
N ASP J 723 102.85 10.32 16.80
CA ASP J 723 102.43 9.79 18.10
C ASP J 723 101.22 8.90 17.96
N ILE J 724 101.15 7.89 18.82
CA ILE J 724 100.09 6.89 18.74
C ILE J 724 98.72 7.52 18.99
N ARG J 725 98.67 8.63 19.73
CA ARG J 725 97.39 9.23 20.06
C ARG J 725 96.58 9.59 18.82
N ALA J 726 97.24 9.81 17.69
CA ALA J 726 96.53 10.15 16.47
C ALA J 726 95.54 9.08 16.05
N THR J 727 95.72 7.84 16.51
CA THR J 727 94.81 6.76 16.19
C THR J 727 93.60 6.71 17.11
N HIS J 728 93.28 7.81 17.78
CA HIS J 728 92.14 7.87 18.67
C HIS J 728 91.14 8.89 18.17
N ALA J 729 89.85 8.59 18.34
CA ALA J 729 88.81 9.49 17.88
C ALA J 729 88.91 10.84 18.59
N THR J 730 88.96 10.83 19.91
CA THR J 730 89.14 12.05 20.68
C THR J 730 90.63 12.36 20.82
N PHE J 731 90.93 13.56 21.30
CA PHE J 731 92.30 13.97 21.54
C PHE J 731 92.73 13.81 22.98
N ALA J 732 91.86 13.28 23.84
CA ALA J 732 92.20 13.06 25.24
C ALA J 732 91.32 11.94 25.77
N ALA J 733 91.70 11.43 26.94
CA ALA J 733 90.94 10.36 27.56
C ALA J 733 89.50 10.81 27.80
N ALA J 734 88.55 9.98 27.39
CA ALA J 734 87.14 10.30 27.51
C ALA J 734 86.60 9.79 28.83
N LEU J 735 85.93 10.67 29.58
CA LEU J 735 85.33 10.33 30.86
C LEU J 735 83.85 10.66 30.79
N PRO J 736 82.99 9.69 30.47
CA PRO J 736 81.56 9.97 30.36
C PRO J 736 80.96 10.32 31.71
N VAL J 737 79.96 11.20 31.68
CA VAL J 737 79.27 11.64 32.88
C VAL J 737 77.77 11.67 32.59
N ASP J 738 76.99 11.55 33.66
CA ASP J 738 75.55 11.54 33.54
C ASP J 738 75.01 12.96 33.68
N PRO J 739 74.30 13.49 32.69
CA PRO J 739 73.75 14.84 32.84
C PRO J 739 72.80 14.98 34.01
N ALA J 740 72.04 13.94 34.32
CA ALA J 740 71.04 14.04 35.38
C ALA J 740 71.69 14.38 36.70
N ALA J 741 72.79 13.69 37.03
CA ALA J 741 73.49 13.99 38.27
C ALA J 741 74.00 15.42 38.29
N ILE J 742 74.55 15.86 37.17
CA ILE J 742 75.05 17.23 37.09
C ILE J 742 73.91 18.23 37.32
N VAL J 743 72.78 18.00 36.66
CA VAL J 743 71.65 18.91 36.79
C VAL J 743 71.22 19.01 38.24
N VAL J 744 71.11 17.85 38.91
CA VAL J 744 70.70 17.85 40.31
C VAL J 744 71.66 18.70 41.13
N ALA J 745 72.96 18.49 40.95
CA ALA J 745 73.94 19.28 41.68
C ALA J 745 73.79 20.76 41.38
N MET J 746 73.49 21.09 40.13
CA MET J 746 73.31 22.49 39.76
C MET J 746 72.13 23.11 40.48
N LEU J 747 71.02 22.38 40.58
CA LEU J 747 69.76 22.95 41.02
C LEU J 747 69.53 22.84 42.52
N CYS J 748 70.57 22.55 43.30
CA CYS J 748 70.44 22.60 44.75
C CYS J 748 71.82 22.86 45.35
N GLY J 749 72.06 24.11 45.73
CA GLY J 749 73.35 24.51 46.25
C GLY J 749 73.29 25.12 47.63
N GLN J 750 72.47 24.55 48.50
CA GLN J 750 72.32 25.10 49.85
C GLN J 750 73.67 25.31 50.51
N THR J 751 73.75 26.33 51.36
CA THR J 751 74.98 26.65 52.06
C THR J 751 74.70 26.73 53.55
N GLU J 752 75.75 26.51 54.35
CA GLU J 752 75.59 26.50 55.79
C GLU J 752 75.18 27.88 56.29
N THR J 753 74.45 27.90 57.40
CA THR J 753 73.90 29.12 57.94
C THR J 753 74.97 30.15 58.34
N ASN J 754 75.76 29.84 59.37
CA ASN J 754 76.72 30.80 59.92
C ASN J 754 78.04 30.64 59.17
N LEU J 755 78.08 31.20 57.96
CA LEU J 755 79.23 31.05 57.08
C LEU J 755 80.04 32.34 57.03
N ILE J 756 81.34 32.21 57.27
CA ILE J 756 82.28 33.30 57.04
C ILE J 756 83.35 32.79 56.10
N PRO J 757 83.44 33.30 54.87
CA PRO J 757 84.36 32.71 53.91
C PRO J 757 85.80 32.67 54.38
N SER J 758 86.27 33.73 55.03
CA SER J 758 87.65 33.76 55.49
C SER J 758 87.90 32.65 56.50
N HIS J 759 87.02 32.54 57.51
CA HIS J 759 87.21 31.53 58.53
C HIS J 759 87.20 30.13 57.93
N HIS J 760 86.21 29.85 57.09
CA HIS J 760 86.06 28.50 56.55
C HIS J 760 87.27 28.13 55.71
N TYR J 761 87.70 29.02 54.83
CA TYR J 761 88.80 28.68 53.93
C TYR J 761 90.11 28.49 54.68
N GLY J 762 90.46 29.46 55.54
CA GLY J 762 91.70 29.35 56.28
C GLY J 762 91.75 28.09 57.12
N LYS J 763 90.64 27.78 57.79
CA LYS J 763 90.59 26.56 58.58
C LYS J 763 90.75 25.34 57.70
N ALA J 764 90.12 25.34 56.53
CA ALA J 764 90.18 24.19 55.65
C ALA J 764 91.54 24.05 54.97
N PHE J 765 92.14 25.17 54.57
CA PHE J 765 93.38 25.11 53.82
C PHE J 765 94.60 24.83 54.70
N ALA J 766 94.52 25.15 55.98
CA ALA J 766 95.69 25.03 56.85
C ALA J 766 96.32 23.65 56.83
N PRO J 767 95.58 22.55 56.97
CA PRO J 767 96.25 21.24 56.98
C PRO J 767 97.01 20.94 55.71
N LEU J 768 96.59 21.48 54.56
CA LEU J 768 97.21 21.12 53.30
C LEU J 768 98.68 21.49 53.28
N PHE J 769 99.02 22.68 53.75
CA PHE J 769 100.40 23.13 53.65
C PHE J 769 101.34 22.38 54.58
N ALA J 770 100.81 21.55 55.48
CA ALA J 770 101.69 20.73 56.30
C ALA J 770 102.40 19.64 55.51
N SER J 771 102.00 19.39 54.27
CA SER J 771 102.64 18.36 53.47
C SER J 771 103.94 18.87 52.86
N ASN J 772 104.86 17.95 52.62
CA ASN J 772 106.11 18.24 51.95
C ASN J 772 106.11 17.74 50.51
N ALA J 773 104.96 17.36 49.97
CA ALA J 773 104.91 16.69 48.68
C ALA J 773 105.51 17.54 47.59
N MET J 774 105.22 18.84 47.58
CA MET J 774 105.68 19.69 46.50
C MET J 774 107.20 19.68 46.39
N PHE J 775 107.90 19.71 47.51
CA PHE J 775 109.35 19.71 47.46
C PHE J 775 109.88 18.40 46.89
N THR J 776 109.31 17.28 47.32
CA THR J 776 109.69 16.00 46.73
C THR J 776 109.40 16.01 45.23
N ARG J 777 108.30 16.64 44.83
CA ARG J 777 107.99 16.74 43.41
C ARG J 777 109.09 17.48 42.68
N ASN J 778 109.59 18.58 43.25
CA ASN J 778 110.69 19.31 42.63
C ASN J 778 111.92 18.43 42.51
N GLN J 779 112.24 17.68 43.57
CA GLN J 779 113.45 16.87 43.55
C GLN J 779 113.38 15.81 42.46
N ARG J 780 112.23 15.17 42.30
CA ARG J 780 112.09 14.20 41.22
C ARG J 780 112.30 14.86 39.87
N ALA J 781 111.73 16.05 39.68
CA ALA J 781 111.87 16.73 38.41
C ALA J 781 113.33 16.99 38.08
N VAL J 782 114.10 17.46 39.07
CA VAL J 782 115.51 17.73 38.83
C VAL J 782 116.24 16.46 38.45
N ILE J 783 116.01 15.39 39.20
CA ILE J 783 116.63 14.11 38.89
C ILE J 783 116.21 13.66 37.50
N THR J 784 114.93 13.83 37.18
CA THR J 784 114.45 13.47 35.86
C THR J 784 115.25 14.18 34.78
N ARG J 785 115.54 15.47 34.98
CA ARG J 785 116.28 16.22 33.98
C ARG J 785 117.66 15.64 33.77
N GLU J 786 118.41 15.45 34.85
CA GLU J 786 119.77 14.95 34.71
C GLU J 786 119.78 13.56 34.08
N ALA J 787 118.86 12.70 34.49
CA ALA J 787 118.79 11.39 33.86
C ALA J 787 118.49 11.51 32.38
N PHE J 788 117.59 12.42 32.00
CA PHE J 788 117.25 12.58 30.60
C PHE J 788 118.47 12.99 29.78
N VAL J 789 119.18 14.02 30.24
CA VAL J 789 120.27 14.57 29.44
C VAL J 789 121.34 13.51 29.21
N CYS J 790 121.71 12.79 30.27
CA CYS J 790 122.72 11.75 30.13
C CYS J 790 122.24 10.66 29.17
N ALA J 791 120.99 10.25 29.32
CA ALA J 791 120.47 9.19 28.46
C ALA J 791 120.47 9.63 27.00
N ARG J 792 120.07 10.87 26.74
CA ARG J 792 120.04 11.36 25.36
C ARG J 792 121.44 11.35 24.77
N SER J 793 122.40 11.91 25.49
CA SER J 793 123.77 11.95 24.98
C SER J 793 124.33 10.55 24.79
N ALA J 794 124.04 9.66 25.74
CA ALA J 794 124.56 8.29 25.64
C ALA J 794 124.10 7.63 24.35
N VAL J 795 122.80 7.66 24.08
CA VAL J 795 122.29 7.06 22.86
C VAL J 795 122.87 7.77 21.65
N ALA J 796 122.91 9.09 21.70
CA ALA J 796 123.41 9.85 20.56
C ALA J 796 124.84 9.48 20.24
N GLN J 797 125.66 9.24 21.26
CA GLN J 797 127.05 8.89 21.01
C GLN J 797 127.19 7.54 20.31
N CYS J 798 126.26 6.61 20.53
CA CYS J 798 126.38 5.30 19.93
C CYS J 798 126.03 5.31 18.45
N GLN J 799 125.03 6.08 18.04
CA GLN J 799 124.77 6.24 16.62
C GLN J 799 125.72 7.29 16.04
N ASP J 800 126.06 7.11 14.76
CA ASP J 800 127.00 7.99 14.10
C ASP J 800 126.31 9.14 13.38
N ALA J 801 125.04 9.37 13.69
CA ALA J 801 124.32 10.56 13.26
C ALA J 801 123.44 10.98 14.43
N GLY J 802 122.47 11.84 14.17
CA GLY J 802 121.52 12.20 15.20
C GLY J 802 121.90 13.43 15.99
N PHE J 803 121.50 13.46 17.26
CA PHE J 803 121.67 14.67 18.06
C PHE J 803 123.14 15.02 18.21
N LEU J 804 123.42 16.31 18.24
CA LEU J 804 124.79 16.82 18.21
C LEU J 804 125.32 16.97 19.62
N VAL J 805 126.33 16.17 19.96
CA VAL J 805 127.00 16.24 21.25
C VAL J 805 128.48 15.99 21.04
N PRO J 806 129.36 16.36 21.96
CA PRO J 806 130.76 15.96 21.86
C PRO J 806 130.87 14.45 21.87
N ARG J 807 131.79 13.92 21.06
CA ARG J 807 131.93 12.48 20.85
C ARG J 807 133.38 12.08 21.07
N PRO J 808 133.84 12.09 22.32
CA PRO J 808 135.25 11.73 22.58
C PRO J 808 135.56 10.26 22.36
N LEU J 809 134.56 9.40 22.31
CA LEU J 809 134.80 7.96 22.28
C LEU J 809 134.60 7.32 20.93
N ASP J 810 134.12 8.07 19.92
CA ASP J 810 133.80 7.37 18.68
C ASP J 810 135.01 6.84 17.96
N ALA J 811 136.22 7.00 18.51
CA ALA J 811 137.36 6.25 18.00
C ALA J 811 137.22 4.77 18.31
N LEU J 812 136.36 4.40 19.25
CA LEU J 812 136.11 3.00 19.58
C LEU J 812 135.10 2.41 18.61
N ARG J 813 135.27 1.13 18.33
CA ARG J 813 134.40 0.47 17.37
C ARG J 813 133.00 0.32 17.93
N GLN J 814 132.00 0.48 17.06
CA GLN J 814 130.61 0.38 17.43
C GLN J 814 129.78 0.33 16.16
N PHE J 815 128.82 -0.58 16.11
CA PHE J 815 127.89 -0.62 15.00
C PHE J 815 126.78 0.37 15.26
N ASP J 816 126.36 1.08 14.21
CA ASP J 816 125.32 2.09 14.37
C ASP J 816 124.08 1.47 14.96
N VAL J 817 123.57 2.09 16.02
CA VAL J 817 122.58 1.47 16.89
C VAL J 817 121.19 1.69 16.31
N THR J 818 120.45 0.60 16.12
CA THR J 818 119.07 0.70 15.68
C THR J 818 118.16 0.88 16.89
N SER J 819 116.86 1.00 16.63
CA SER J 819 115.92 1.37 17.68
C SER J 819 115.92 0.36 18.80
N ALA J 820 115.88 -0.93 18.46
CA ALA J 820 115.81 -1.96 19.50
C ALA J 820 117.01 -1.89 20.42
N ALA J 821 118.21 -1.81 19.85
CA ALA J 821 119.41 -1.73 20.68
C ALA J 821 119.40 -0.46 21.50
N ALA J 822 118.95 0.65 20.93
CA ALA J 822 118.89 1.90 21.66
C ALA J 822 118.01 1.76 22.89
N ALA J 823 116.88 1.07 22.75
CA ALA J 823 115.99 0.86 23.89
C ALA J 823 116.71 0.11 25.00
N GLU J 824 117.47 -0.93 24.65
CA GLU J 824 118.22 -1.66 25.66
C GLU J 824 119.22 -0.74 26.36
N ILE J 825 119.90 0.11 25.60
CA ILE J 825 120.85 1.03 26.20
C ILE J 825 120.15 1.94 27.18
N MET J 826 119.03 2.52 26.77
CA MET J 826 118.32 3.43 27.66
C MET J 826 117.82 2.71 28.90
N HIS J 827 117.34 1.47 28.74
CA HIS J 827 116.93 0.68 29.88
C HIS J 827 118.04 0.58 30.90
N ALA J 828 119.25 0.26 30.44
CA ALA J 828 120.38 0.16 31.35
C ALA J 828 120.63 1.48 32.05
N VAL J 829 120.58 2.59 31.30
CA VAL J 829 120.77 3.90 31.91
C VAL J 829 119.67 4.16 32.92
N ASN J 830 118.42 3.90 32.54
CA ASN J 830 117.30 4.18 33.43
C ASN J 830 117.41 3.35 34.70
N ASP J 831 117.75 2.08 34.56
CA ASP J 831 117.90 1.23 35.75
C ASP J 831 119.04 1.73 36.62
N ALA J 832 120.15 2.14 36.02
CA ALA J 832 121.28 2.60 36.81
C ALA J 832 120.90 3.80 37.65
N PHE J 833 120.17 4.75 37.07
CA PHE J 833 119.78 5.93 37.81
C PHE J 833 118.86 5.57 38.96
N LYS J 834 117.82 4.77 38.69
CA LYS J 834 116.86 4.47 39.74
C LYS J 834 117.53 3.73 40.89
N THR J 835 118.42 2.80 40.57
CA THR J 835 119.19 2.14 41.63
C THR J 835 120.04 3.15 42.39
N ALA J 836 120.64 4.09 41.66
CA ALA J 836 121.52 5.05 42.31
C ALA J 836 120.77 5.97 43.25
N PHE J 837 119.51 6.27 42.96
CA PHE J 837 118.74 7.19 43.79
C PHE J 837 117.55 6.56 44.48
N ASP J 838 117.37 5.24 44.36
CA ASP J 838 116.27 4.53 45.01
C ASP J 838 114.92 5.12 44.62
N LEU J 839 114.77 5.45 43.35
CA LEU J 839 113.51 5.99 42.86
C LEU J 839 112.48 4.89 42.66
N ASP J 840 111.24 5.19 42.99
CA ASP J 840 110.10 4.39 42.60
C ASP J 840 109.39 5.07 41.43
N GLY J 841 108.72 4.26 40.62
CA GLY J 841 107.96 4.82 39.52
C GLY J 841 108.61 4.66 38.17
N ALA J 842 108.31 5.59 37.27
CA ALA J 842 108.65 5.42 35.86
C ALA J 842 109.99 6.05 35.49
N LEU J 843 110.21 7.30 35.89
CA LEU J 843 111.37 8.07 35.45
C LEU J 843 111.38 8.18 33.93
N LEU J 844 112.22 7.41 33.24
CA LEU J 844 112.39 7.55 31.80
C LEU J 844 111.80 6.40 31.01
N ASP J 845 110.96 5.56 31.62
CA ASP J 845 110.57 4.30 31.00
C ASP J 845 109.93 4.51 29.64
N GLY J 846 108.96 5.43 29.55
CA GLY J 846 108.17 5.55 28.34
C GLY J 846 109.02 5.76 27.10
N LEU J 847 110.14 6.46 27.24
CA LEU J 847 111.04 6.65 26.11
C LEU J 847 111.56 5.32 25.59
N ALA J 848 111.82 4.38 26.47
CA ALA J 848 112.34 3.08 26.06
C ALA J 848 111.25 2.11 25.64
N LEU J 849 110.08 2.17 26.28
CA LEU J 849 109.04 1.20 25.96
C LEU J 849 108.41 1.49 24.60
N TYR J 850 108.10 2.75 24.33
CA TYR J 850 107.36 3.11 23.14
C TYR J 850 108.18 4.03 22.25
N GLY J 851 107.76 4.10 20.99
CA GLY J 851 108.39 5.01 20.06
C GLY J 851 109.85 4.67 19.77
N ASP J 852 110.52 5.64 19.17
CA ASP J 852 111.93 5.50 18.83
C ASP J 852 112.77 6.15 19.91
N PRO J 853 113.67 5.40 20.56
CA PRO J 853 114.52 6.00 21.59
C PRO J 853 115.50 7.04 21.08
N ARG J 854 115.76 7.11 19.78
CA ARG J 854 116.73 8.08 19.28
C ARG J 854 116.18 9.49 19.35
N ILE J 855 115.98 10.00 20.55
CA ILE J 855 115.36 11.30 20.74
C ILE J 855 116.39 12.40 20.51
N ALA J 856 115.90 13.58 20.13
CA ALA J 856 116.76 14.74 19.95
C ALA J 856 116.43 15.88 20.89
N ASP J 857 115.20 16.39 20.85
CA ASP J 857 114.83 17.56 21.65
C ASP J 857 113.32 17.53 21.81
N LEU J 858 112.85 17.15 22.99
CA LEU J 858 111.43 16.90 23.19
C LEU J 858 110.60 18.16 22.98
N SER J 859 109.42 17.97 22.43
CA SER J 859 108.47 19.06 22.26
C SER J 859 107.08 18.49 22.16
N ALA J 860 106.12 19.24 22.67
CA ALA J 860 104.71 18.88 22.59
C ALA J 860 103.97 19.93 21.78
N ALA J 861 102.94 19.50 21.08
CA ALA J 861 102.21 20.41 20.20
C ALA J 861 100.77 19.95 20.08
N TYR J 862 99.88 20.91 19.83
CA TYR J 862 98.48 20.62 19.56
C TYR J 862 98.09 21.31 18.25
N LEU J 863 97.25 20.64 17.48
CA LEU J 863 96.82 21.13 16.19
C LEU J 863 95.45 21.80 16.31
N GLN J 864 95.13 22.60 15.29
CA GLN J 864 93.86 23.30 15.24
C GLN J 864 93.22 23.11 13.88
N TYR J 865 91.89 23.06 13.87
CA TYR J 865 91.17 22.86 12.62
C TYR J 865 91.49 23.93 11.60
N GLY J 866 91.84 25.12 12.07
CA GLY J 866 92.24 26.17 11.15
C GLY J 866 93.57 25.93 10.48
N GLY J 867 94.28 24.87 10.86
CA GLY J 867 95.56 24.55 10.29
C GLY J 867 96.74 25.10 11.05
N ASN J 868 96.52 25.99 12.01
CA ASN J 868 97.61 26.48 12.82
C ASN J 868 98.12 25.39 13.76
N VAL J 869 99.42 25.40 14.01
CA VAL J 869 100.06 24.44 14.89
C VAL J 869 100.83 25.20 15.95
N VAL J 870 100.55 24.88 17.21
CA VAL J 870 101.24 25.49 18.35
C VAL J 870 102.19 24.45 18.90
N ARG J 871 103.49 24.70 18.77
CA ARG J 871 104.51 23.76 19.21
C ARG J 871 105.29 24.37 20.37
N GLU J 872 105.54 23.54 21.38
CA GLU J 872 106.22 23.96 22.60
C GLU J 872 107.44 23.08 22.81
N HIS J 873 108.63 23.69 22.72
CA HIS J 873 109.85 22.95 22.99
C HIS J 873 110.17 23.01 24.47
N VAL J 874 110.82 21.95 24.94
CA VAL J 874 111.26 21.90 26.33
C VAL J 874 112.74 21.51 26.37
N PRO J 875 113.63 22.35 25.83
CA PRO J 875 115.03 22.03 25.90
C PRO J 875 115.49 22.01 27.34
N PRO J 876 116.26 21.00 27.74
CA PRO J 876 116.66 20.90 29.15
C PRO J 876 117.54 22.05 29.56
N GLY J 877 117.45 22.41 30.83
CA GLY J 877 118.26 23.48 31.38
C GLY J 877 119.71 23.05 31.48
N PRO J 878 120.51 23.85 32.17
CA PRO J 878 121.93 23.48 32.32
C PRO J 878 122.11 22.26 33.20
N SER J 879 122.48 21.15 32.60
CA SER J 879 122.77 19.94 33.36
C SER J 879 124.18 19.98 33.91
N HIS J 880 124.39 19.27 35.01
CA HIS J 880 125.70 19.18 35.63
C HIS J 880 126.36 17.83 35.42
N ILE J 881 125.61 16.73 35.60
CA ILE J 881 126.21 15.41 35.48
C ILE J 881 126.76 15.19 34.10
N HIS J 882 126.04 15.68 33.08
CA HIS J 882 126.52 15.51 31.71
C HIS J 882 127.90 16.13 31.53
N ARG J 883 128.12 17.30 32.14
CA ARG J 883 129.41 17.97 32.00
C ARG J 883 130.53 17.07 32.50
N THR J 884 130.43 16.59 33.73
CA THR J 884 131.51 15.79 34.29
C THR J 884 131.64 14.46 33.57
N LEU J 885 130.53 13.92 33.05
CA LEU J 885 130.62 12.68 32.31
C LEU J 885 131.48 12.85 31.07
N GLN J 886 131.32 13.96 30.36
CA GLN J 886 132.21 14.27 29.24
C GLN J 886 133.66 14.26 29.70
N GLN J 887 133.91 14.86 30.86
CA GLN J 887 135.26 14.89 31.38
C GLN J 887 135.81 13.49 31.61
N VAL J 888 134.96 12.60 32.13
CA VAL J 888 135.39 11.23 32.37
C VAL J 888 135.73 10.54 31.06
N GLU J 889 134.86 10.66 30.06
CA GLU J 889 135.10 9.99 28.79
C GLU J 889 136.39 10.50 28.16
N SER J 890 136.56 11.81 28.12
CA SER J 890 137.73 12.38 27.46
C SER J 890 139.02 11.89 28.11
N THR J 891 139.02 11.77 29.43
CA THR J 891 140.23 11.31 30.09
C THR J 891 140.39 9.80 30.03
N PHE J 892 139.31 9.07 29.80
CA PHE J 892 139.44 7.62 29.67
C PHE J 892 140.32 7.26 28.48
N MET J 893 140.21 8.03 27.40
CA MET J 893 141.01 7.76 26.21
C MET J 893 142.49 7.93 26.46
N ALA J 894 142.87 8.55 27.57
CA ALA J 894 144.27 8.69 27.92
C ALA J 894 144.74 7.70 28.97
N GLU J 895 143.83 7.05 29.68
CA GLU J 895 144.20 6.15 30.77
C GLU J 895 143.48 4.82 30.65
N MET J 896 143.19 4.39 29.42
CA MET J 896 142.44 3.15 29.24
C MET J 896 143.18 1.94 29.79
N ASN J 897 144.50 2.03 29.93
CA ASN J 897 145.26 0.91 30.47
C ASN J 897 144.82 0.59 31.89
N LEU J 898 144.55 1.62 32.70
CA LEU J 898 144.11 1.39 34.07
C LEU J 898 142.82 0.59 34.13
N PHE J 899 142.05 0.57 33.06
CA PHE J 899 140.83 -0.22 33.00
C PHE J 899 141.04 -1.52 32.23
N ASN J 900 142.27 -2.00 32.16
CA ASN J 900 142.60 -3.25 31.48
C ASN J 900 142.19 -3.21 30.01
N VAL J 901 142.43 -2.07 29.36
CA VAL J 901 142.12 -1.91 27.94
C VAL J 901 143.37 -1.38 27.25
N ALA J 902 143.69 -1.97 26.11
CA ALA J 902 144.87 -1.59 25.34
C ALA J 902 144.47 -1.13 23.95
N ARG J 903 145.31 -0.28 23.37
CA ARG J 903 145.09 0.27 22.05
C ARG J 903 146.13 -0.26 21.08
N GLY J 904 145.79 -0.22 19.80
CA GLY J 904 146.73 -0.62 18.75
C GLY J 904 146.60 -2.08 18.36
N ASN J 905 147.37 -2.44 17.35
CA ASN J 905 147.30 -3.76 16.77
C ASN J 905 148.22 -4.72 17.52
N LEU J 906 148.19 -5.99 17.11
CA LEU J 906 148.93 -7.05 17.77
C LEU J 906 149.75 -7.83 16.76
N TYR J 907 150.97 -8.16 17.14
CA TYR J 907 151.87 -8.97 16.32
C TYR J 907 151.96 -10.38 16.87
N LEU J 908 152.34 -11.30 15.99
CA LEU J 908 152.44 -12.72 16.33
C LEU J 908 153.74 -13.30 15.79
N VAL J 909 154.84 -12.61 16.01
CA VAL J 909 156.14 -13.12 15.59
C VAL J 909 156.65 -14.13 16.59
N GLN J 910 157.20 -15.23 16.10
CA GLN J 910 157.74 -16.28 16.95
C GLN J 910 159.15 -15.88 17.36
N THR J 911 159.30 -15.40 18.58
CA THR J 911 160.58 -14.96 19.11
C THR J 911 161.05 -15.94 20.17
N ALA J 912 162.31 -16.37 20.06
CA ALA J 912 162.88 -17.32 20.99
C ALA J 912 164.10 -16.74 21.69
N THR J 913 163.98 -15.50 22.17
CA THR J 913 165.11 -14.80 22.76
C THR J 913 165.44 -15.39 24.14
N ASN J 914 166.38 -14.74 24.82
CA ASN J 914 166.79 -15.17 26.14
C ASN J 914 166.97 -14.00 27.10
N GLY J 915 166.77 -12.77 26.66
CA GLY J 915 166.97 -11.62 27.52
C GLY J 915 165.69 -10.97 27.98
N ASN J 916 165.72 -9.65 28.16
CA ASN J 916 164.54 -8.93 28.62
C ASN J 916 163.43 -9.00 27.59
N TRP J 917 162.20 -8.84 28.06
CA TRP J 917 161.03 -8.98 27.21
C TRP J 917 159.91 -8.16 27.82
N SER J 918 159.53 -7.07 27.17
CA SER J 918 158.51 -6.15 27.67
C SER J 918 157.46 -5.96 26.58
N PRO J 919 156.59 -6.95 26.38
CA PRO J 919 155.63 -6.86 25.28
C PRO J 919 154.71 -5.66 25.38
N MET J 920 154.35 -5.24 26.58
CA MET J 920 153.47 -4.09 26.73
C MET J 920 154.09 -2.79 26.24
N ALA J 921 155.40 -2.76 26.02
CA ALA J 921 156.08 -1.56 25.52
C ALA J 921 157.34 -1.99 24.79
N PRO J 922 157.19 -2.53 23.58
CA PRO J 922 158.37 -2.98 22.82
C PRO J 922 159.25 -1.82 22.42
N VAL J 923 160.54 -2.09 22.34
CA VAL J 923 161.51 -1.11 21.90
C VAL J 923 161.93 -1.34 20.45
N ALA J 924 162.11 -2.59 20.05
CA ALA J 924 162.52 -2.90 18.70
C ALA J 924 161.46 -2.42 17.71
N ALA J 925 161.93 -2.02 16.53
CA ALA J 925 161.01 -1.55 15.50
C ALA J 925 160.06 -2.65 15.10
N PRO J 926 158.81 -2.32 14.77
CA PRO J 926 157.84 -3.34 14.39
C PRO J 926 158.31 -4.08 13.15
N PRO J 927 158.05 -5.38 13.08
CA PRO J 927 158.58 -6.16 11.95
C PRO J 927 158.11 -5.66 10.60
N PHE J 928 156.86 -5.21 10.50
CA PHE J 928 156.33 -4.74 9.24
C PHE J 928 155.05 -3.97 9.51
N VAL J 929 154.59 -3.25 8.49
CA VAL J 929 153.37 -2.46 8.56
C VAL J 929 152.47 -2.84 7.39
N ARG J 930 151.26 -2.28 7.39
CA ARG J 930 150.27 -2.68 6.40
C ARG J 930 150.72 -2.35 4.98
N GLY J 931 151.29 -1.16 4.78
CA GLY J 931 151.72 -0.76 3.47
C GLY J 931 153.11 -1.22 3.08
N GLY J 932 153.75 -2.04 3.91
CA GLY J 932 155.11 -2.44 3.66
C GLY J 932 155.25 -3.37 2.47
N PRO J 933 156.47 -3.50 1.96
CA PRO J 933 156.70 -4.40 0.82
C PRO J 933 156.41 -5.84 1.20
N ASN J 934 155.90 -6.58 0.21
CA ASN J 934 155.65 -8.02 0.33
C ASN J 934 154.67 -8.35 1.45
N VAL J 935 153.91 -7.37 1.91
CA VAL J 935 152.96 -7.57 2.99
C VAL J 935 151.62 -7.92 2.37
N ARG J 936 151.23 -9.19 2.47
CA ARG J 936 149.96 -9.63 1.92
C ARG J 936 148.84 -9.33 2.92
N VAL J 937 147.62 -9.19 2.38
CA VAL J 937 146.44 -8.92 3.18
C VAL J 937 145.40 -9.98 2.85
N VAL J 938 144.83 -10.59 3.88
CA VAL J 938 143.88 -11.68 3.68
C VAL J 938 142.57 -11.12 3.17
N GLY J 939 141.82 -11.95 2.44
CA GLY J 939 140.56 -11.55 1.85
C GLY J 939 139.44 -11.51 2.86
N ARG J 940 138.24 -11.20 2.34
CA ARG J 940 137.07 -11.04 3.20
C ARG J 940 136.80 -12.30 4.00
N PHE J 941 136.92 -13.46 3.37
CA PHE J 941 136.83 -14.74 4.04
C PHE J 941 138.22 -15.33 4.17
N GLY J 942 138.49 -15.99 5.28
CA GLY J 942 139.79 -16.59 5.49
C GLY J 942 139.95 -17.91 4.78
N THR J 943 139.52 -17.97 3.53
CA THR J 943 139.48 -19.23 2.79
C THR J 943 140.88 -19.61 2.30
N ILE J 944 141.16 -20.91 2.31
CA ILE J 944 142.41 -21.45 1.80
C ILE J 944 142.12 -22.40 0.66
N VAL J 945 143.12 -22.61 -0.18
CA VAL J 945 143.00 -23.50 -1.32
C VAL J 945 143.99 -24.64 -1.19
N PRO J 946 143.54 -25.86 -0.94
CA PRO J 946 144.42 -27.02 -1.06
C PRO J 946 144.64 -27.36 -2.53
N ARG J 947 145.77 -28.01 -2.80
CA ARG J 947 146.11 -28.36 -4.17
C ARG J 947 146.57 -29.81 -4.22
N PRO J 948 146.24 -30.51 -5.30
CA PRO J 948 146.31 -31.98 -5.28
C PRO J 948 147.71 -32.55 -5.36
N ASP J 949 148.53 -32.03 -6.26
CA ASP J 949 149.76 -32.71 -6.63
C ASP J 949 150.94 -32.32 -5.75
N GLY J 950 150.78 -32.47 -4.45
CA GLY J 950 151.88 -32.19 -3.53
C GLY J 950 152.35 -30.76 -3.53
N LEU J 951 151.43 -29.81 -3.55
CA LEU J 951 151.75 -28.39 -3.47
C LEU J 951 151.14 -27.82 -2.20
N GLU J 952 151.85 -26.87 -1.60
CA GLU J 952 151.40 -26.32 -0.33
C GLU J 952 150.08 -25.58 -0.54
N PRO J 953 149.22 -25.56 0.46
CA PRO J 953 147.97 -24.79 0.36
C PRO J 953 148.27 -23.32 0.19
N GLN J 954 147.25 -22.57 -0.23
CA GLN J 954 147.43 -21.16 -0.47
C GLN J 954 146.28 -20.37 0.14
N LEU J 955 146.58 -19.14 0.54
CA LEU J 955 145.61 -18.24 1.12
C LEU J 955 145.05 -17.30 0.07
N ILE J 956 143.79 -16.93 0.24
CA ILE J 956 143.12 -16.04 -0.70
C ILE J 956 143.47 -14.61 -0.34
N ASP J 957 144.29 -13.97 -1.17
CA ASP J 957 144.57 -12.56 -1.00
C ASP J 957 143.29 -11.75 -1.18
N ASP J 958 143.28 -10.54 -0.61
CA ASP J 958 142.13 -9.66 -0.76
C ASP J 958 141.86 -9.31 -2.22
N GLY J 959 142.76 -9.63 -3.13
CA GLY J 959 142.51 -9.45 -4.54
C GLY J 959 141.98 -10.71 -5.18
N ASN J 960 141.46 -11.62 -4.35
CA ASN J 960 140.91 -12.90 -4.81
C ASN J 960 141.96 -13.73 -5.53
N VAL J 961 143.23 -13.51 -5.20
CA VAL J 961 144.34 -14.22 -5.81
C VAL J 961 144.96 -15.12 -4.74
N PRO J 962 144.95 -16.44 -4.92
CA PRO J 962 145.59 -17.31 -3.94
C PRO J 962 147.08 -16.98 -3.83
N ARG J 963 147.59 -17.06 -2.61
CA ARG J 963 148.97 -16.70 -2.34
C ARG J 963 149.57 -17.69 -1.35
N ASP J 964 150.90 -17.75 -1.35
CA ASP J 964 151.59 -18.63 -0.43
C ASP J 964 151.41 -18.17 1.01
N ILE J 965 151.42 -19.14 1.93
CA ILE J 965 151.25 -18.83 3.34
C ILE J 965 152.47 -18.11 3.89
N ALA J 966 153.67 -18.51 3.46
CA ALA J 966 154.89 -17.97 4.03
C ALA J 966 154.98 -16.47 3.80
N GLY J 967 155.71 -15.80 4.70
CA GLY J 967 155.89 -14.37 4.60
C GLY J 967 155.15 -13.61 5.67
N ASP J 968 154.75 -12.39 5.36
CA ASP J 968 154.00 -11.54 6.28
C ASP J 968 152.56 -11.41 5.81
N TRP J 969 151.66 -11.25 6.77
CA TRP J 969 150.24 -11.17 6.47
C TRP J 969 149.56 -10.22 7.45
N VAL J 970 148.47 -9.63 7.00
CA VAL J 970 147.67 -8.71 7.81
C VAL J 970 146.28 -9.28 7.95
N TYR J 971 145.82 -9.43 9.18
CA TYR J 971 144.51 -9.99 9.46
C TYR J 971 143.60 -8.93 10.05
N PRO J 972 142.57 -8.48 9.35
CA PRO J 972 141.48 -7.79 10.03
C PRO J 972 140.86 -8.73 11.04
N SER J 973 140.58 -8.19 12.23
CA SER J 973 140.10 -9.03 13.32
C SER J 973 138.84 -9.79 12.93
N ASP J 974 138.02 -9.21 12.06
CA ASP J 974 136.80 -9.88 11.63
C ASP J 974 137.12 -11.17 10.90
N VAL J 975 138.12 -11.13 10.00
CA VAL J 975 138.48 -12.33 9.26
C VAL J 975 138.91 -13.43 10.22
N LEU J 976 139.70 -13.08 11.22
CA LEU J 976 140.16 -14.07 12.18
C LEU J 976 138.99 -14.69 12.93
N GLN J 977 138.01 -13.86 13.33
CA GLN J 977 136.86 -14.40 14.04
C GLN J 977 136.07 -15.37 13.17
N VAL J 978 136.08 -15.17 11.87
CA VAL J 978 135.29 -16.01 10.99
C VAL J 978 135.99 -17.31 10.63
N SER J 979 137.31 -17.30 10.52
CA SER J 979 138.05 -18.44 10.01
C SER J 979 139.10 -18.91 11.01
N VAL J 980 138.73 -18.96 12.29
CA VAL J 980 139.71 -19.31 13.31
C VAL J 980 140.19 -20.73 13.13
N ALA J 981 139.28 -21.65 12.80
CA ALA J 981 139.66 -23.05 12.70
C ALA J 981 140.69 -23.27 11.61
N VAL J 982 140.44 -22.73 10.43
CA VAL J 982 141.42 -22.86 9.35
C VAL J 982 142.74 -22.22 9.76
N PHE J 983 142.66 -21.04 10.39
CA PHE J 983 143.88 -20.36 10.80
C PHE J 983 144.68 -21.20 11.76
N CYS J 984 144.02 -21.80 12.75
CA CYS J 984 144.72 -22.61 13.73
C CYS J 984 145.36 -23.84 13.11
N ASP J 985 144.79 -24.33 12.00
CA ASP J 985 145.26 -25.57 11.42
C ASP J 985 146.25 -25.38 10.28
N TYR J 986 146.30 -24.20 9.67
CA TYR J 986 147.14 -24.01 8.50
C TYR J 986 148.05 -22.80 8.58
N VAL J 987 147.74 -21.80 9.38
CA VAL J 987 148.58 -20.62 9.51
C VAL J 987 149.36 -20.65 10.80
N TRP J 988 148.68 -20.87 11.92
CA TRP J 988 149.34 -20.90 13.21
C TRP J 988 150.53 -21.84 13.27
N PRO J 989 150.48 -23.07 12.75
CA PRO J 989 151.69 -23.89 12.75
C PRO J 989 152.84 -23.23 12.01
N MET J 990 152.57 -22.62 10.86
CA MET J 990 153.62 -21.90 10.15
C MET J 990 154.15 -20.76 10.98
N VAL J 991 153.31 -20.19 11.85
CA VAL J 991 153.76 -19.13 12.73
C VAL J 991 154.67 -19.70 13.81
N LYS J 992 154.30 -20.84 14.38
CA LYS J 992 155.13 -21.43 15.42
C LYS J 992 156.51 -21.77 14.87
N ALA J 993 156.58 -22.23 13.64
CA ALA J 993 157.85 -22.31 12.95
C ALA J 993 158.29 -20.91 12.53
N GLY J 994 159.59 -20.70 12.46
CA GLY J 994 160.09 -19.40 12.08
C GLY J 994 159.94 -19.12 10.59
N ARG J 995 158.70 -19.13 10.11
CA ARG J 995 158.48 -18.95 8.68
C ARG J 995 157.36 -17.99 8.33
N THR J 996 156.57 -17.53 9.30
CA THR J 996 155.46 -16.64 8.98
C THR J 996 155.25 -15.67 10.13
N ARG J 997 154.95 -14.43 9.80
CA ARG J 997 154.68 -13.39 10.78
C ARG J 997 153.31 -12.77 10.49
N VAL J 998 152.56 -12.51 11.54
CA VAL J 998 151.16 -12.12 11.42
C VAL J 998 150.92 -10.83 12.18
N LEU J 999 150.19 -9.91 11.57
CA LEU J 999 149.72 -8.69 12.20
C LEU J 999 148.21 -8.73 12.28
N VAL J 1000 147.66 -8.54 13.48
CA VAL J 1000 146.22 -8.59 13.70
C VAL J 1000 145.74 -7.18 14.00
N GLU J 1001 144.78 -6.72 13.20
CA GLU J 1001 144.26 -5.36 13.33
C GLU J 1001 143.13 -5.35 14.35
N LEU J 1002 143.45 -4.93 15.58
CA LEU J 1002 142.47 -4.74 16.62
C LEU J 1002 142.52 -3.29 17.06
N GLY J 1003 141.36 -2.64 17.07
CA GLY J 1003 141.30 -1.27 17.52
C GLY J 1003 141.65 -1.15 18.98
N HIS J 1004 140.86 -1.81 19.82
CA HIS J 1004 141.12 -1.86 21.25
C HIS J 1004 140.62 -3.20 21.75
N TYR J 1005 141.09 -3.59 22.94
CA TYR J 1005 140.74 -4.90 23.46
C TYR J 1005 141.08 -4.96 24.94
N VAL J 1006 140.49 -5.94 25.61
CA VAL J 1006 140.82 -6.26 26.99
C VAL J 1006 142.00 -7.21 26.97
N TYR J 1007 143.02 -6.90 27.76
CA TYR J 1007 144.25 -7.66 27.77
C TYR J 1007 144.51 -8.21 29.16
N THR J 1008 144.94 -9.45 29.22
CA THR J 1008 145.41 -10.06 30.45
C THR J 1008 146.87 -10.48 30.25
N LEU J 1009 147.55 -10.74 31.36
CA LEU J 1009 148.96 -11.06 31.28
C LEU J 1009 149.35 -11.99 32.42
N HIS J 1010 150.43 -12.72 32.21
CA HIS J 1010 150.96 -13.66 33.18
C HIS J 1010 152.42 -13.34 33.46
N TYR J 1011 152.83 -13.58 34.69
CA TYR J 1011 154.20 -13.37 35.10
C TYR J 1011 154.89 -14.72 35.26
N TYR J 1012 156.07 -14.84 34.67
CA TYR J 1012 156.82 -16.09 34.71
C TYR J 1012 158.18 -15.87 35.35
N ASP J 1013 158.66 -16.89 36.01
CA ASP J 1013 160.00 -16.82 36.60
C ASP J 1013 161.04 -16.81 35.48
N PRO J 1014 161.99 -15.90 35.51
CA PRO J 1014 162.99 -15.83 34.43
C PRO J 1014 163.86 -17.07 34.30
N GLN J 1015 164.00 -17.86 35.36
CA GLN J 1015 164.91 -19.00 35.35
C GLN J 1015 164.20 -20.31 35.04
N ILE J 1016 163.15 -20.27 34.23
CA ILE J 1016 162.41 -21.47 33.88
C ILE J 1016 162.14 -21.44 32.38
N SER J 1017 162.82 -22.30 31.63
CA SER J 1017 162.60 -22.37 30.19
C SER J 1017 161.20 -22.89 29.91
N LEU J 1018 160.56 -22.31 28.89
CA LEU J 1018 159.18 -22.67 28.58
C LEU J 1018 158.87 -22.26 27.15
N ASP J 1019 157.83 -22.87 26.60
CA ASP J 1019 157.24 -22.46 25.34
C ASP J 1019 155.82 -22.00 25.62
N GLU J 1020 155.51 -20.78 25.21
CA GLU J 1020 154.23 -20.16 25.53
C GLU J 1020 153.17 -20.46 24.48
N ALA J 1021 153.46 -21.36 23.55
CA ALA J 1021 152.47 -21.70 22.52
C ALA J 1021 151.13 -22.13 23.08
N PRO J 1022 151.05 -22.99 24.11
CA PRO J 1022 149.72 -23.43 24.57
C PRO J 1022 148.81 -22.29 24.97
N ILE J 1023 149.36 -21.22 25.54
CA ILE J 1023 148.53 -20.09 25.95
C ILE J 1023 147.81 -19.50 24.75
N LEU J 1024 148.55 -19.24 23.68
CA LEU J 1024 147.92 -18.71 22.49
C LEU J 1024 146.96 -19.73 21.89
N GLU J 1025 147.35 -21.01 21.89
CA GLU J 1025 146.50 -22.03 21.31
C GLU J 1025 145.14 -22.06 21.99
N GLU J 1026 145.14 -22.14 23.32
CA GLU J 1026 143.87 -22.13 24.03
C GLU J 1026 143.13 -20.82 23.84
N TRP J 1027 143.88 -19.72 23.67
CA TRP J 1027 143.22 -18.46 23.37
C TRP J 1027 142.48 -18.54 22.05
N LEU J 1028 143.11 -19.13 21.04
CA LEU J 1028 142.42 -19.34 19.78
C LEU J 1028 141.25 -20.28 19.95
N SER J 1029 141.31 -21.19 20.91
CA SER J 1029 140.25 -22.17 21.09
C SER J 1029 138.97 -21.56 21.63
N LYS J 1030 138.91 -20.25 21.82
CA LYS J 1030 137.72 -19.61 22.36
C LYS J 1030 137.25 -18.44 21.51
N ILE J 1031 137.70 -18.36 20.27
CA ILE J 1031 137.34 -17.27 19.38
C ILE J 1031 136.26 -17.73 18.43
N ASN J 1032 135.16 -17.01 18.38
CA ASN J 1032 134.05 -17.30 17.50
C ASN J 1032 133.51 -15.98 16.99
N PRO J 1033 132.74 -15.99 15.91
CA PRO J 1033 132.24 -14.72 15.35
C PRO J 1033 131.46 -13.89 16.35
N ALA J 1034 131.00 -14.50 17.44
CA ALA J 1034 130.27 -13.74 18.46
C ALA J 1034 131.19 -12.83 19.23
N GLY J 1035 132.35 -13.32 19.66
CA GLY J 1035 133.24 -12.52 20.48
C GLY J 1035 134.52 -13.25 20.75
N ILE J 1036 135.44 -12.57 21.42
CA ILE J 1036 136.77 -13.11 21.65
C ILE J 1036 137.13 -12.94 23.13
N PRO J 1037 138.02 -13.78 23.64
CA PRO J 1037 138.49 -13.63 25.01
C PRO J 1037 139.61 -12.61 25.08
N PRO J 1038 140.03 -12.21 26.28
CA PRO J 1038 141.11 -11.23 26.38
C PRO J 1038 142.41 -11.77 25.82
N VAL J 1039 143.24 -10.86 25.34
CA VAL J 1039 144.54 -11.25 24.82
C VAL J 1039 145.48 -11.55 25.98
N PRO J 1040 146.21 -12.66 25.95
CA PRO J 1040 147.18 -12.96 27.01
C PRO J 1040 148.56 -12.41 26.68
N PHE J 1041 149.36 -12.28 27.75
CA PHE J 1041 150.75 -11.89 27.60
C PHE J 1041 151.56 -12.54 28.71
N CYS J 1042 152.87 -12.63 28.49
CA CYS J 1042 153.80 -13.18 29.46
C CYS J 1042 154.88 -12.16 29.74
N ILE J 1043 155.18 -11.95 31.02
CA ILE J 1043 156.15 -10.94 31.42
C ILE J 1043 157.07 -11.51 32.48
N PRO J 1044 158.39 -11.38 32.32
CA PRO J 1044 159.30 -11.85 33.36
C PRO J 1044 159.14 -11.04 34.63
N ILE J 1045 159.38 -11.70 35.76
CA ILE J 1045 159.29 -11.07 37.07
C ILE J 1045 160.62 -10.40 37.37
N PRO J 1046 160.63 -9.10 37.67
CA PRO J 1046 161.91 -8.42 37.93
C PRO J 1046 162.62 -9.04 39.13
N GLN J 1047 163.93 -9.09 39.05
CA GLN J 1047 164.75 -9.74 40.07
C GLN J 1047 165.62 -8.71 40.77
N VAL J 1048 165.88 -8.96 42.06
CA VAL J 1048 166.73 -8.07 42.83
C VAL J 1048 168.20 -8.48 42.76
N TYR J 1049 168.50 -9.74 42.48
CA TYR J 1049 169.86 -10.18 42.35
C TYR J 1049 170.12 -10.72 40.96
N PRO J 1050 171.35 -10.62 40.46
CA PRO J 1050 171.64 -11.16 39.13
C PRO J 1050 171.37 -12.66 39.08
N CYS J 1051 170.89 -13.12 37.93
CA CYS J 1051 170.53 -14.50 37.75
C CYS J 1051 170.86 -14.93 36.32
N ILE J 1052 170.67 -16.20 36.05
CA ILE J 1052 170.90 -16.78 34.73
C ILE J 1052 169.54 -17.06 34.12
N THR J 1053 169.20 -16.35 33.06
CA THR J 1053 167.93 -16.54 32.40
C THR J 1053 167.91 -17.85 31.62
N ALA J 1054 166.72 -18.29 31.29
CA ALA J 1054 166.52 -19.52 30.53
C ALA J 1054 165.91 -19.19 29.18
N ARG J 1055 166.24 -20.00 28.19
CA ARG J 1055 165.69 -19.80 26.85
C ARG J 1055 164.17 -19.84 26.91
N ARG J 1056 163.55 -18.79 26.37
CA ARG J 1056 162.10 -18.64 26.44
C ARG J 1056 161.58 -18.23 25.08
N VAL J 1057 160.36 -18.67 24.77
CA VAL J 1057 159.74 -18.43 23.48
C VAL J 1057 158.49 -17.58 23.71
N HIS J 1058 158.41 -16.45 23.03
CA HIS J 1058 157.25 -15.58 23.09
C HIS J 1058 156.64 -15.44 21.70
N TYR J 1059 155.39 -15.06 21.66
CA TYR J 1059 154.72 -14.90 20.38
C TYR J 1059 154.01 -13.57 20.23
N ALA J 1060 153.43 -13.02 21.30
CA ALA J 1060 152.56 -11.88 21.22
C ALA J 1060 153.18 -10.65 21.88
N PHE J 1061 152.91 -9.49 21.29
CA PHE J 1061 153.33 -8.21 21.87
C PHE J 1061 152.61 -7.09 21.12
N THR J 1062 152.25 -6.04 21.85
CA THR J 1062 151.46 -4.97 21.26
C THR J 1062 152.30 -4.12 20.33
N SER J 1063 151.60 -3.35 19.50
CA SER J 1063 152.24 -2.51 18.49
C SER J 1063 152.59 -1.12 18.99
N GLU J 1064 152.19 -0.77 20.21
CA GLU J 1064 152.47 0.56 20.73
C GLU J 1064 152.41 0.51 22.25
N ASN J 1065 152.93 1.57 22.87
CA ASN J 1065 153.05 1.60 24.32
C ASN J 1065 151.68 1.47 24.98
N ASN J 1066 151.60 0.55 25.94
CA ASN J 1066 150.35 0.37 26.69
C ASN J 1066 150.58 0.06 28.16
N ASN J 1067 151.79 0.23 28.69
CA ASN J 1067 152.09 -0.17 30.06
C ASN J 1067 151.97 1.00 31.03
N ASP J 1068 151.09 1.95 30.75
CA ASP J 1068 150.95 3.12 31.62
C ASP J 1068 150.34 2.79 32.97
N SER J 1069 149.80 1.61 33.15
CA SER J 1069 149.21 1.23 34.43
C SER J 1069 150.24 0.73 35.43
N LEU J 1070 151.49 0.62 35.03
CA LEU J 1070 152.54 0.15 35.92
C LEU J 1070 152.97 1.25 36.87
N PHE J 1071 153.01 0.95 38.16
CA PHE J 1071 153.39 1.93 39.16
C PHE J 1071 154.87 1.86 39.51
N SER J 1072 155.32 0.71 40.02
CA SER J 1072 156.72 0.56 40.41
C SER J 1072 157.05 -0.91 40.49
N THR J 1073 158.35 -1.20 40.46
CA THR J 1073 158.84 -2.57 40.51
C THR J 1073 159.89 -2.68 41.62
N ASN J 1074 159.75 -3.71 42.46
CA ASN J 1074 160.66 -3.94 43.58
C ASN J 1074 160.76 -2.69 44.45
N ALA J 1075 159.61 -2.26 44.96
CA ALA J 1075 159.58 -1.05 45.77
C ALA J 1075 160.29 -1.23 47.10
N ALA J 1076 160.55 -2.47 47.51
CA ALA J 1076 161.16 -2.75 48.81
C ALA J 1076 162.66 -2.97 48.72
N SER J 1077 163.27 -2.70 47.57
CA SER J 1077 164.70 -2.88 47.40
C SER J 1077 165.30 -1.56 46.94
N ILE J 1078 166.62 -1.57 46.75
CA ILE J 1078 167.28 -0.35 46.31
C ILE J 1078 167.20 -0.20 44.80
N ASP J 1079 167.23 -1.30 44.07
CA ASP J 1079 167.14 -1.26 42.60
C ASP J 1079 166.88 -2.67 42.10
N THR J 1080 166.47 -2.75 40.84
CA THR J 1080 166.29 -4.04 40.18
C THR J 1080 167.60 -4.51 39.57
N ALA J 1081 167.71 -5.82 39.39
CA ALA J 1081 168.91 -6.43 38.84
C ALA J 1081 168.77 -6.73 37.36
N PHE J 1082 167.76 -7.51 36.98
CA PHE J 1082 167.62 -7.97 35.61
C PHE J 1082 166.35 -7.45 34.93
N GLY J 1083 165.20 -7.63 35.55
CA GLY J 1083 163.94 -7.40 34.89
C GLY J 1083 163.63 -5.95 34.58
N GLU J 1084 162.35 -5.65 34.42
CA GLU J 1084 161.93 -4.31 34.06
C GLU J 1084 162.00 -3.39 35.27
N ASN J 1085 162.66 -2.26 35.11
CA ASN J 1085 162.81 -1.28 36.18
C ASN J 1085 161.84 -0.13 35.96
N ALA J 1086 161.21 0.30 37.05
CA ALA J 1086 160.25 1.41 36.97
C ALA J 1086 160.19 2.08 38.34
N ALA J 1087 160.83 3.24 38.44
CA ALA J 1087 160.77 4.02 39.67
C ALA J 1087 159.46 4.77 39.75
N VAL J 1088 159.19 5.34 40.92
CA VAL J 1088 157.96 6.11 41.12
C VAL J 1088 158.07 7.44 40.40
N SER J 1089 157.14 7.70 39.49
CA SER J 1089 157.21 8.90 38.67
C SER J 1089 156.58 10.07 39.40
N PRO J 1090 157.29 11.19 39.58
CA PRO J 1090 156.67 12.37 40.20
C PRO J 1090 155.52 12.93 39.38
N LEU J 1091 155.42 12.57 38.11
CA LEU J 1091 154.40 13.16 37.24
C LEU J 1091 153.00 12.98 37.81
N ARG J 1092 152.76 11.90 38.53
CA ARG J 1092 151.46 11.67 39.14
C ARG J 1092 151.33 12.32 40.51
N TRP J 1093 152.36 13.01 40.99
CA TRP J 1093 152.29 13.61 42.30
C TRP J 1093 152.71 15.08 42.30
N PRO J 1094 152.21 15.89 41.36
CA PRO J 1094 152.63 17.30 41.36
C PRO J 1094 152.22 18.03 42.61
N GLY J 1095 151.07 17.69 43.18
CA GLY J 1095 150.59 18.38 44.36
C GLY J 1095 151.32 18.02 45.63
N LEU J 1096 152.30 17.15 45.56
CA LEU J 1096 153.02 16.70 46.73
C LEU J 1096 154.51 16.98 46.70
N VAL J 1097 155.12 17.07 45.51
CA VAL J 1097 156.55 17.26 45.40
C VAL J 1097 156.94 18.41 44.49
N ASP J 1098 155.99 19.10 43.87
CA ASP J 1098 156.32 20.17 42.95
C ASP J 1098 156.29 21.50 43.67
N PRO J 1099 157.39 22.24 43.73
CA PRO J 1099 157.38 23.55 44.39
C PRO J 1099 156.48 24.56 43.69
N ASN J 1100 156.06 24.30 42.46
CA ASN J 1100 155.26 25.24 41.70
C ASN J 1100 153.82 24.80 41.54
N TYR J 1101 153.36 23.85 42.33
CA TYR J 1101 151.98 23.39 42.23
C TYR J 1101 151.03 24.47 42.75
N ARG J 1102 150.11 24.90 41.89
CA ARG J 1102 149.08 25.84 42.31
C ARG J 1102 147.88 25.08 42.84
N VAL J 1103 147.26 25.62 43.89
CA VAL J 1103 146.19 24.92 44.57
C VAL J 1103 145.04 24.70 43.61
N GLY J 1104 144.55 23.46 43.55
CA GLY J 1104 143.38 23.14 42.77
C GLY J 1104 143.62 22.85 41.31
N THR J 1105 144.86 22.95 40.83
CA THR J 1105 145.15 22.73 39.44
C THR J 1105 145.48 21.26 39.18
N ASN J 1106 145.25 20.83 37.94
CA ASN J 1106 145.55 19.47 37.52
C ASN J 1106 145.39 19.37 36.01
N ASP J 1107 146.06 18.39 35.43
CA ASP J 1107 145.93 18.08 34.01
C ASP J 1107 144.99 16.90 33.83
N LEU J 1108 143.71 17.15 34.13
CA LEU J 1108 142.73 16.07 34.13
C LEU J 1108 142.59 15.38 32.77
N PRO J 1109 142.46 16.08 31.64
CA PRO J 1109 142.24 15.36 30.37
C PRO J 1109 143.42 14.50 29.95
N ASN J 1110 144.59 14.67 30.55
CA ASN J 1110 145.79 13.95 30.11
C ASN J 1110 146.27 12.92 31.12
N ARG J 1111 146.24 13.23 32.41
CA ARG J 1111 146.77 12.31 33.41
C ARG J 1111 145.96 12.48 34.69
N ILE J 1112 146.08 11.49 35.56
CA ILE J 1112 145.35 11.47 36.82
C ILE J 1112 146.36 11.62 37.93
N THR J 1113 146.42 12.81 38.54
CA THR J 1113 147.24 12.99 39.72
C THR J 1113 146.54 12.37 40.92
N LEU J 1114 147.34 11.95 41.89
CA LEU J 1114 146.81 11.20 43.02
C LEU J 1114 146.74 12.00 44.30
N TYR J 1115 147.40 13.15 44.38
CA TYR J 1115 147.45 13.95 45.59
C TYR J 1115 147.02 15.36 45.23
N ASN J 1116 145.89 15.81 45.77
CA ASN J 1116 145.31 17.08 45.40
C ASN J 1116 144.73 17.76 46.63
N SER J 1117 144.32 19.01 46.44
CA SER J 1117 143.68 19.80 47.47
C SER J 1117 142.18 19.85 47.21
N LEU J 1118 141.39 19.77 48.29
CA LEU J 1118 139.95 19.71 48.15
C LEU J 1118 139.29 20.42 49.32
N TYR J 1119 137.98 20.57 49.22
CA TYR J 1119 137.17 21.19 50.25
C TYR J 1119 136.22 20.18 50.86
N ARG J 1120 136.10 20.21 52.18
CA ARG J 1120 135.14 19.39 52.90
C ARG J 1120 134.15 20.31 53.59
N TYR J 1121 132.89 19.91 53.62
CA TYR J 1121 131.81 20.79 54.03
C TYR J 1121 131.06 20.20 55.22
N ASN J 1122 130.41 21.07 55.98
CA ASN J 1122 129.55 20.70 57.08
C ASN J 1122 128.21 21.41 56.87
N PHE J 1123 127.33 20.78 56.11
CA PHE J 1123 126.05 21.38 55.78
C PHE J 1123 125.02 21.06 56.86
N THR J 1124 124.12 22.01 57.07
CA THR J 1124 123.00 21.85 57.99
C THR J 1124 121.72 21.72 57.19
N TYR J 1125 120.74 21.03 57.78
CA TYR J 1125 119.49 20.70 57.10
C TYR J 1125 118.34 21.13 57.98
N PRO J 1126 117.94 22.40 57.88
CA PRO J 1126 116.92 22.92 58.79
C PRO J 1126 115.57 22.26 58.57
N THR J 1127 114.79 22.22 59.64
CA THR J 1127 113.38 21.86 59.58
C THR J 1127 112.55 23.03 60.07
N LEU J 1128 111.39 23.22 59.47
CA LEU J 1128 110.59 24.42 59.69
C LEU J 1128 109.37 24.06 60.53
N ASP J 1129 109.14 24.85 61.58
CA ASP J 1129 107.92 24.79 62.37
C ASP J 1129 107.31 26.18 62.38
N GLY J 1130 106.07 26.28 61.91
CA GLY J 1130 105.50 27.59 61.66
C GLY J 1130 104.17 27.85 62.34
N ILE J 1131 103.81 29.13 62.37
CA ILE J 1131 102.53 29.59 62.89
C ILE J 1131 101.82 30.35 61.79
N MET J 1132 100.52 30.16 61.67
CA MET J 1132 99.76 30.82 60.62
C MET J 1132 98.50 31.43 61.22
N TYR J 1133 98.01 32.47 60.54
CA TYR J 1133 96.86 33.23 60.99
C TYR J 1133 95.86 33.36 59.85
N VAL J 1134 94.60 33.38 60.18
CA VAL J 1134 93.54 33.53 59.20
C VAL J 1134 93.01 34.96 59.26
N ARG J 1135 92.64 35.49 58.10
CA ARG J 1135 92.13 36.85 58.03
C ARG J 1135 90.83 36.99 58.80
N SER J 1136 90.66 38.12 59.47
CA SER J 1136 89.44 38.38 60.22
C SER J 1136 88.26 38.50 59.27
N ALA J 1137 87.06 38.40 59.84
CA ALA J 1137 85.84 38.47 59.03
C ALA J 1137 85.78 39.79 58.28
N THR J 1138 85.73 40.90 59.00
CA THR J 1138 85.84 42.20 58.38
C THR J 1138 87.31 42.62 58.36
N SER K 40 31.58 -17.60 55.03
CA SER K 40 31.14 -16.62 54.05
C SER K 40 30.78 -17.29 52.73
N TYR K 41 29.96 -16.61 51.94
CA TYR K 41 29.47 -17.15 50.68
C TYR K 41 30.46 -16.86 49.56
N VAL K 42 30.59 -17.82 48.63
CA VAL K 42 31.65 -17.80 47.64
C VAL K 42 31.07 -18.03 46.24
N CYS K 43 31.83 -17.61 45.24
CA CYS K 43 31.52 -17.89 43.85
C CYS K 43 32.15 -19.22 43.43
N ASN K 44 31.81 -19.65 42.21
CA ASN K 44 32.38 -20.85 41.64
C ASN K 44 33.20 -20.58 40.38
N VAL K 45 33.23 -19.35 39.88
CA VAL K 45 33.91 -19.05 38.63
C VAL K 45 35.16 -18.24 38.92
N CYS K 46 34.97 -17.01 39.39
CA CYS K 46 36.08 -16.24 39.92
C CYS K 46 36.34 -16.57 41.38
N ASN K 47 35.41 -17.26 42.03
CA ASN K 47 35.59 -17.77 43.39
C ASN K 47 35.86 -16.66 44.39
N ALA K 48 35.31 -15.47 44.12
CA ALA K 48 35.32 -14.42 45.12
C ALA K 48 34.38 -14.78 46.26
N ARG K 49 34.52 -14.08 47.38
CA ARG K 49 33.74 -14.36 48.57
C ARG K 49 32.89 -13.16 48.95
N PHE K 50 31.73 -13.44 49.53
CA PHE K 50 30.75 -12.41 49.83
C PHE K 50 30.21 -12.62 51.25
N SER K 51 29.88 -11.50 51.90
CA SER K 51 29.43 -11.56 53.28
C SER K 51 27.97 -11.98 53.41
N THR K 52 27.18 -11.87 52.36
CA THR K 52 25.78 -12.27 52.40
C THR K 52 25.41 -12.96 51.11
N MET K 53 24.45 -13.88 51.20
CA MET K 53 24.04 -14.65 50.02
C MET K 53 23.47 -13.74 48.94
N SER K 54 22.76 -12.68 49.35
CA SER K 54 22.19 -11.77 48.37
C SER K 54 23.27 -11.12 47.52
N ALA K 55 24.37 -10.71 48.13
CA ALA K 55 25.46 -10.11 47.38
C ALA K 55 26.03 -11.11 46.37
N LEU K 56 26.14 -12.37 46.77
CA LEU K 56 26.62 -13.38 45.84
C LEU K 56 25.67 -13.52 44.65
N SER K 57 24.36 -13.51 44.90
CA SER K 57 23.40 -13.74 43.84
C SER K 57 23.52 -12.69 42.75
N GLU K 58 23.59 -11.41 43.13
CA GLU K 58 23.70 -10.36 42.14
C GLU K 58 25.02 -10.44 41.38
N HIS K 59 26.10 -10.83 42.06
CA HIS K 59 27.36 -11.04 41.37
C HIS K 59 27.24 -12.12 40.31
N LEU K 60 26.60 -13.23 40.68
CA LEU K 60 26.39 -14.30 39.71
C LEU K 60 25.53 -13.83 38.55
N ARG K 61 24.64 -12.88 38.80
CA ARG K 61 23.80 -12.32 37.75
C ARG K 61 24.47 -11.21 36.96
N SER K 62 25.69 -10.86 37.29
CA SER K 62 26.30 -9.71 36.62
C SER K 62 27.68 -9.99 36.03
N ASP K 63 28.53 -10.75 36.74
CA ASP K 63 29.91 -10.90 36.29
C ASP K 63 30.03 -11.99 35.24
N HIS K 64 29.73 -13.23 35.61
CA HIS K 64 29.94 -14.38 34.76
C HIS K 64 28.76 -14.66 33.84
N ARG K 65 27.89 -13.67 33.64
CA ARG K 65 26.76 -13.80 32.72
C ARG K 65 27.25 -13.59 31.29
N ASP K 66 26.29 -13.54 30.35
CA ASP K 66 26.63 -13.25 28.98
C ASP K 66 27.01 -11.79 28.80
N ASP K 67 27.78 -11.52 27.75
CA ASP K 67 28.23 -10.18 27.46
C ASP K 67 27.09 -9.34 26.87
N ALA K 68 27.27 -8.02 26.94
CA ALA K 68 26.25 -7.11 26.42
C ALA K 68 26.27 -7.07 24.90
N SER K 69 27.42 -7.32 24.28
CA SER K 69 27.54 -7.24 22.83
C SER K 69 26.67 -8.28 22.12
N THR K 70 26.28 -9.35 22.81
CA THR K 70 25.41 -10.35 22.22
C THR K 70 24.06 -9.76 21.82
N LEU K 71 23.61 -8.73 22.54
CA LEU K 71 22.31 -8.13 22.31
C LEU K 71 22.29 -7.19 21.11
N LEU K 72 23.42 -7.05 20.41
CA LEU K 72 23.47 -6.10 19.29
C LEU K 72 22.62 -6.55 18.12
N ALA K 73 22.40 -7.86 17.96
CA ALA K 73 21.73 -8.36 16.77
C ALA K 73 20.98 -9.64 17.09
N THR K 74 20.25 -10.14 16.10
CA THR K 74 19.46 -11.35 16.25
C THR K 74 20.38 -12.57 16.29
N PRO K 75 19.95 -13.65 16.96
CA PRO K 75 20.77 -14.87 16.95
C PRO K 75 21.03 -15.41 15.56
N MET K 76 20.05 -15.30 14.66
CA MET K 76 20.25 -15.79 13.30
C MET K 76 21.42 -15.12 12.61
N ILE K 77 21.82 -13.94 13.09
CA ILE K 77 23.01 -13.29 12.58
C ILE K 77 24.22 -13.56 13.46
N ASN K 78 24.02 -13.56 14.78
CA ASN K 78 25.15 -13.71 15.70
C ASN K 78 25.90 -15.01 15.45
N ASN K 79 25.16 -16.10 15.22
CA ASN K 79 25.81 -17.36 14.90
C ASN K 79 26.65 -17.23 13.63
N ALA K 80 26.11 -16.56 12.61
CA ALA K 80 26.87 -16.35 11.39
C ALA K 80 28.11 -15.51 11.67
N ILE K 81 27.97 -14.48 12.50
CA ILE K 81 29.12 -13.66 12.87
C ILE K 81 30.18 -14.51 13.54
N ARG K 82 29.77 -15.33 14.51
CA ARG K 82 30.73 -16.17 15.22
C ARG K 82 31.44 -17.11 14.25
N SER K 83 30.69 -17.71 13.33
CA SER K 83 31.32 -18.59 12.36
C SER K 83 32.36 -17.85 11.54
N PHE K 84 32.02 -16.63 11.11
CA PHE K 84 32.95 -15.86 10.29
C PHE K 84 34.25 -15.59 11.04
N LEU K 85 34.15 -15.11 12.28
CA LEU K 85 35.35 -14.77 13.03
C LEU K 85 36.20 -16.02 13.26
N THR K 86 35.57 -17.14 13.60
CA THR K 86 36.31 -18.37 13.79
C THR K 86 37.00 -18.79 12.50
N ALA K 87 36.30 -18.64 11.37
CA ALA K 87 36.87 -19.08 10.10
C ALA K 87 38.14 -18.29 9.78
N TRP K 88 38.15 -17.00 10.08
CA TRP K 88 39.26 -16.14 9.71
C TRP K 88 40.29 -16.00 10.81
N ASP K 89 40.26 -16.87 11.82
CA ASP K 89 41.22 -16.73 12.89
C ASP K 89 42.65 -17.00 12.43
N GLY K 90 42.83 -17.71 11.32
CA GLY K 90 44.17 -17.97 10.82
C GLY K 90 44.92 -16.72 10.42
N ILE K 91 44.21 -15.62 10.23
CA ILE K 91 44.82 -14.36 9.79
C ILE K 91 45.29 -13.60 11.03
N ARG K 92 45.26 -14.25 12.19
CA ARG K 92 45.57 -13.59 13.44
C ARG K 92 46.95 -12.96 13.39
N ILE K 93 47.04 -11.71 13.84
CA ILE K 93 48.31 -10.99 13.83
C ILE K 93 49.22 -11.57 14.89
N LEU K 94 50.47 -11.85 14.50
CA LEU K 94 51.43 -12.40 15.43
C LEU K 94 51.86 -11.36 16.45
N SER K 95 52.26 -11.84 17.63
CA SER K 95 52.74 -10.96 18.67
C SER K 95 54.09 -10.34 18.27
N PRO K 96 54.39 -9.12 18.73
CA PRO K 96 55.66 -8.50 18.37
C PRO K 96 56.84 -9.04 19.17
N ASP K 97 56.88 -10.35 19.34
CA ASP K 97 58.00 -11.04 19.96
C ASP K 97 58.59 -12.10 19.05
N VAL K 98 57.75 -12.90 18.41
CA VAL K 98 58.24 -13.88 17.44
C VAL K 98 58.85 -13.18 16.25
N SER K 99 58.23 -12.08 15.81
CA SER K 99 58.77 -11.34 14.68
C SER K 99 60.15 -10.77 15.00
N SER K 100 60.30 -10.18 16.19
CA SER K 100 61.56 -9.54 16.55
C SER K 100 62.71 -10.54 16.53
N LYS K 101 62.50 -11.72 17.12
CA LYS K 101 63.54 -12.74 17.08
C LYS K 101 63.68 -13.32 15.67
N HIS K 102 62.56 -13.43 14.95
CA HIS K 102 62.59 -14.08 13.64
C HIS K 102 63.48 -13.31 12.67
N LEU K 103 63.43 -11.98 12.72
CA LEU K 103 64.26 -11.18 11.82
C LEU K 103 65.73 -11.52 11.98
N SER K 104 66.24 -11.46 13.20
CA SER K 104 67.62 -11.83 13.45
C SER K 104 67.85 -13.30 13.15
N ALA K 105 66.87 -14.14 13.46
CA ALA K 105 67.00 -15.56 13.21
C ALA K 105 67.23 -15.82 11.73
N TYR K 106 66.51 -15.12 10.86
CA TYR K 106 66.73 -15.28 9.44
C TYR K 106 68.15 -14.91 9.06
N LEU K 107 68.65 -13.79 9.60
CA LEU K 107 70.01 -13.36 9.28
C LEU K 107 71.03 -14.37 9.77
N ASP K 108 70.84 -14.87 10.99
CA ASP K 108 71.81 -15.80 11.55
C ASP K 108 71.88 -17.08 10.73
N SER K 109 70.72 -17.59 10.31
CA SER K 109 70.69 -18.82 9.53
C SER K 109 71.05 -18.59 8.07
N ALA K 110 71.05 -17.35 7.60
CA ALA K 110 71.26 -17.10 6.17
C ALA K 110 72.74 -17.11 5.79
N VAL K 111 73.61 -16.63 6.69
CA VAL K 111 75.01 -16.43 6.32
C VAL K 111 75.64 -17.78 6.00
N ALA K 112 76.33 -17.83 4.86
CA ALA K 112 76.95 -19.05 4.38
C ALA K 112 78.36 -19.18 4.95
N ASN K 113 79.13 -20.14 4.43
CA ASN K 113 80.49 -20.34 4.90
C ASN K 113 81.39 -19.16 4.54
N GLY K 114 81.28 -18.68 3.30
CA GLY K 114 82.14 -17.61 2.83
C GLY K 114 83.50 -18.15 2.42
N PRO K 115 83.98 -17.71 1.26
CA PRO K 115 85.27 -18.20 0.77
C PRO K 115 86.40 -17.75 1.68
N GLU K 116 87.44 -18.58 1.74
CA GLU K 116 88.61 -18.31 2.57
C GLU K 116 89.58 -17.47 1.76
N LEU K 117 89.60 -16.16 2.03
CA LEU K 117 90.42 -15.25 1.26
C LEU K 117 91.76 -14.97 1.90
N ILE K 118 91.77 -14.68 3.20
CA ILE K 118 92.99 -14.27 3.88
C ILE K 118 93.79 -15.51 4.22
N VAL K 119 94.94 -15.65 3.58
CA VAL K 119 95.89 -16.71 3.90
C VAL K 119 97.26 -16.05 3.99
N GLU K 120 97.79 -15.94 5.21
CA GLU K 120 99.04 -15.23 5.45
C GLU K 120 100.18 -16.21 5.55
N ASP K 121 101.32 -15.84 4.95
CA ASP K 121 102.51 -16.66 4.99
C ASP K 121 103.67 -15.84 5.54
N THR K 122 104.39 -16.41 6.50
CA THR K 122 105.56 -15.79 7.09
C THR K 122 106.85 -16.54 6.76
N GLY K 123 106.77 -17.52 5.86
CA GLY K 123 107.95 -18.28 5.51
C GLY K 123 108.76 -17.59 4.41
N LEU K 124 109.05 -18.32 3.35
CA LEU K 124 109.80 -17.79 2.22
C LEU K 124 108.97 -17.90 0.95
N CYS K 125 108.95 -16.83 0.17
CA CYS K 125 108.19 -16.81 -1.08
C CYS K 125 108.98 -17.54 -2.14
N THR K 126 108.91 -18.87 -2.08
CA THR K 126 109.57 -19.70 -3.07
C THR K 126 108.82 -21.00 -3.21
N SER K 127 109.04 -21.66 -4.35
CA SER K 127 108.41 -22.95 -4.60
C SER K 127 109.35 -23.95 -5.23
N PHE K 128 110.60 -23.60 -5.47
CA PHE K 128 111.59 -24.51 -6.02
C PHE K 128 112.69 -24.71 -4.99
N MET K 129 112.95 -25.97 -4.65
CA MET K 129 113.92 -26.30 -3.62
C MET K 129 115.16 -26.89 -4.29
N LEU K 130 116.33 -26.40 -3.89
CA LEU K 130 117.59 -26.96 -4.35
C LEU K 130 117.78 -28.29 -3.65
N LEU K 131 117.55 -29.38 -4.38
CA LEU K 131 117.58 -30.71 -3.82
C LEU K 131 118.87 -31.41 -4.17
N ASP K 132 119.47 -32.05 -3.18
CA ASP K 132 120.61 -32.93 -3.40
C ASP K 132 120.08 -34.30 -3.82
N ASN K 133 120.55 -34.79 -4.96
CA ASN K 133 120.07 -36.06 -5.49
C ASN K 133 121.02 -37.20 -5.18
N ILE K 134 122.27 -37.09 -5.61
CA ILE K 134 123.26 -38.13 -5.37
C ILE K 134 124.26 -37.60 -4.34
N PRO K 135 124.27 -38.14 -3.13
CA PRO K 135 125.19 -37.63 -2.12
C PRO K 135 126.64 -37.90 -2.48
N SER K 136 127.51 -36.97 -2.07
CA SER K 136 128.93 -37.15 -2.28
C SER K 136 129.48 -38.21 -1.33
N ALA K 137 130.57 -38.84 -1.75
CA ALA K 137 131.15 -39.93 -0.98
C ALA K 137 131.90 -39.42 0.24
N HIS K 138 132.10 -40.31 1.20
CA HIS K 138 132.83 -40.02 2.43
C HIS K 138 134.17 -40.75 2.36
N LEU K 139 135.18 -40.06 1.85
CA LEU K 139 136.51 -40.63 1.74
C LEU K 139 137.28 -40.36 3.03
N THR K 140 137.86 -41.43 3.60
CA THR K 140 138.58 -41.28 4.86
C THR K 140 139.95 -41.95 4.80
N LYS K 141 140.09 -42.98 3.99
CA LYS K 141 141.35 -43.71 3.92
C LYS K 141 142.26 -43.20 2.83
N GLU K 142 141.72 -42.94 1.65
CA GLU K 142 142.49 -42.42 0.53
C GLU K 142 141.75 -41.24 -0.07
N LEU K 143 142.52 -40.34 -0.69
CA LEU K 143 141.99 -39.10 -1.26
C LEU K 143 141.36 -38.24 -0.17
N ILE K 144 142.17 -37.88 0.80
CA ILE K 144 141.74 -37.04 1.90
C ILE K 144 141.98 -35.58 1.54
N GLY K 145 140.97 -34.75 1.73
CA GLY K 145 141.06 -33.33 1.45
C GLY K 145 140.34 -32.90 0.20
N PHE K 146 139.84 -33.83 -0.61
CA PHE K 146 139.11 -33.44 -1.79
C PHE K 146 137.69 -33.00 -1.51
N THR K 147 137.16 -33.30 -0.33
CA THR K 147 135.78 -32.97 -0.01
C THR K 147 135.74 -32.38 1.39
N TRP K 148 134.84 -31.41 1.59
CA TRP K 148 134.79 -30.64 2.83
C TRP K 148 133.32 -30.40 3.19
N PHE K 149 132.78 -31.28 4.03
CA PHE K 149 131.41 -31.11 4.49
C PHE K 149 131.36 -30.06 5.60
N MET K 150 130.33 -29.21 5.53
CA MET K 150 130.14 -28.21 6.58
C MET K 150 129.80 -28.83 7.92
N GLN K 151 129.45 -30.12 7.94
CA GLN K 151 129.12 -30.77 9.20
C GLN K 151 130.28 -30.71 10.18
N MET K 152 131.50 -30.92 9.68
CA MET K 152 132.66 -30.93 10.55
C MET K 152 132.84 -29.61 11.29
N TYR K 153 132.29 -28.53 10.77
CA TYR K 153 132.31 -27.25 11.46
C TYR K 153 131.01 -26.98 12.20
N GLN K 154 130.10 -27.94 12.25
CA GLN K 154 128.82 -27.79 12.93
C GLN K 154 128.04 -26.59 12.38
N MET K 155 128.12 -26.41 11.07
CA MET K 155 127.42 -25.32 10.40
C MET K 155 126.56 -25.89 9.29
N THR K 156 125.34 -25.37 9.18
CA THR K 156 124.43 -25.83 8.14
C THR K 156 124.81 -25.20 6.81
N PRO K 157 125.06 -25.97 5.76
CA PRO K 157 125.42 -25.39 4.47
C PRO K 157 124.24 -24.65 3.87
N PRO K 158 124.49 -23.55 3.17
CA PRO K 158 123.39 -22.82 2.53
C PRO K 158 122.95 -23.44 1.22
N LEU K 159 123.78 -24.27 0.59
CA LEU K 159 123.45 -24.88 -0.68
C LEU K 159 123.63 -26.39 -0.61
N PRO K 160 122.91 -27.14 -1.43
CA PRO K 160 123.12 -28.59 -1.47
C PRO K 160 124.55 -28.90 -1.89
N GLU K 161 125.10 -29.96 -1.32
CA GLU K 161 126.50 -30.29 -1.52
C GLU K 161 126.68 -31.75 -1.86
N GLY K 162 125.82 -32.28 -2.72
CA GLY K 162 125.94 -33.66 -3.17
C GLY K 162 126.75 -33.76 -4.44
N ALA K 163 126.89 -35.00 -4.92
CA ALA K 163 127.59 -35.23 -6.17
C ALA K 163 126.89 -34.53 -7.32
N VAL K 164 125.56 -34.62 -7.37
CA VAL K 164 124.76 -33.86 -8.33
C VAL K 164 123.61 -33.22 -7.56
N ASN K 165 123.26 -32.01 -7.96
CA ASN K 165 122.21 -31.26 -7.30
C ASN K 165 121.28 -30.68 -8.36
N ARG K 166 119.99 -30.67 -8.07
CA ARG K 166 119.00 -30.29 -9.07
C ARG K 166 117.93 -29.42 -8.44
N ILE K 167 117.20 -28.73 -9.30
CA ILE K 167 116.07 -27.89 -8.91
C ILE K 167 114.80 -28.66 -9.21
N VAL K 168 113.88 -28.69 -8.24
CA VAL K 168 112.60 -29.36 -8.41
C VAL K 168 111.49 -28.44 -7.93
N CYS K 169 110.27 -28.76 -8.36
CA CYS K 169 109.09 -27.98 -8.02
C CYS K 169 108.40 -28.61 -6.82
N MET K 170 108.44 -27.93 -5.68
CA MET K 170 107.74 -28.38 -4.47
C MET K 170 107.15 -27.15 -3.82
N THR K 171 105.86 -26.93 -4.04
CA THR K 171 105.21 -25.71 -3.59
C THR K 171 105.17 -25.64 -2.07
N ASN K 172 105.39 -24.44 -1.54
CA ASN K 172 105.29 -24.17 -0.11
C ASN K 172 106.22 -25.05 0.70
N TRP K 173 107.32 -25.47 0.10
CA TRP K 173 108.27 -26.31 0.82
C TRP K 173 108.93 -25.57 1.97
N ALA K 174 108.81 -24.25 2.02
CA ALA K 174 109.36 -23.45 3.11
C ALA K 174 108.30 -22.55 3.71
N SER K 175 107.04 -22.95 3.61
CA SER K 175 105.96 -22.14 4.16
C SER K 175 105.98 -22.15 5.68
N LEU K 176 105.54 -21.05 6.28
CA LEU K 176 105.50 -20.95 7.73
C LEU K 176 104.26 -20.24 8.25
N GLY K 177 103.30 -19.91 7.41
CA GLY K 177 102.16 -19.14 7.86
C GLY K 177 101.00 -20.00 8.35
N ASP K 178 99.82 -19.79 7.78
CA ASP K 178 98.66 -20.57 8.13
C ASP K 178 98.77 -21.98 7.54
N GLU K 179 97.70 -22.76 7.71
CA GLU K 179 97.70 -24.16 7.29
C GLU K 179 97.80 -24.33 5.78
N GLY K 180 97.60 -23.29 4.99
CA GLY K 180 97.70 -23.39 3.56
C GLY K 180 96.39 -23.76 2.88
N ARG K 181 96.42 -23.68 1.56
CA ARG K 181 95.20 -23.89 0.78
C ARG K 181 94.68 -25.32 0.92
N GLY K 182 95.54 -26.31 0.69
CA GLY K 182 95.13 -27.68 0.82
C GLY K 182 95.55 -28.57 -0.34
N LEU K 183 95.95 -27.97 -1.45
CA LEU K 183 96.40 -28.72 -2.61
C LEU K 183 97.79 -28.22 -2.99
N GLU K 184 98.71 -29.16 -3.20
CA GLU K 184 100.12 -28.83 -3.45
C GLU K 184 100.60 -29.58 -4.68
N VAL K 185 101.84 -29.30 -5.06
CA VAL K 185 102.50 -29.96 -6.18
C VAL K 185 103.92 -30.28 -5.76
N ARG K 186 104.21 -31.56 -5.52
CA ARG K 186 105.51 -31.99 -5.06
C ARG K 186 106.09 -32.96 -6.09
N LEU K 187 107.04 -32.49 -6.85
CA LEU K 187 107.67 -33.34 -7.84
C LEU K 187 108.87 -34.07 -7.24
N PRO K 188 108.93 -35.39 -7.34
CA PRO K 188 110.11 -36.10 -6.88
C PRO K 188 111.29 -35.85 -7.79
N PRO K 189 112.51 -36.12 -7.34
CA PRO K 189 113.66 -35.91 -8.20
C PRO K 189 113.58 -36.80 -9.42
N PRO K 190 114.21 -36.41 -10.52
CA PRO K 190 114.04 -37.15 -11.77
C PRO K 190 114.60 -38.56 -11.75
N THR K 191 115.12 -38.98 -10.61
CA THR K 191 115.55 -40.36 -10.45
C THR K 191 114.39 -41.29 -10.14
N ASP K 192 113.18 -40.78 -10.03
CA ASP K 192 112.00 -41.56 -9.72
C ASP K 192 110.99 -41.46 -10.87
N SER K 193 109.81 -42.02 -10.65
CA SER K 193 108.79 -42.06 -11.69
C SER K 193 108.29 -40.65 -12.02
N SER K 194 107.74 -39.96 -11.04
CA SER K 194 107.19 -38.62 -11.17
C SER K 194 106.02 -38.56 -12.16
N VAL K 195 105.45 -39.70 -12.53
CA VAL K 195 104.31 -39.69 -13.44
C VAL K 195 102.99 -39.54 -12.71
N HIS K 196 102.95 -39.84 -11.41
CA HIS K 196 101.71 -39.72 -10.66
C HIS K 196 101.19 -38.29 -10.63
N ALA K 197 102.04 -37.31 -10.93
CA ALA K 197 101.64 -35.92 -10.94
C ALA K 197 100.99 -35.50 -12.25
N TYR K 198 100.88 -36.40 -13.21
CA TYR K 198 100.26 -36.08 -14.49
C TYR K 198 99.09 -37.00 -14.82
N LYS K 199 98.47 -37.59 -13.81
CA LYS K 199 97.30 -38.44 -14.00
C LYS K 199 96.04 -37.75 -13.49
N THR K 200 95.98 -36.44 -13.66
CA THR K 200 94.83 -35.69 -13.14
C THR K 200 93.55 -36.05 -13.87
N VAL K 201 93.64 -36.39 -15.16
CA VAL K 201 92.45 -36.57 -15.98
C VAL K 201 92.79 -37.50 -17.13
N LEU K 202 91.79 -38.21 -17.62
CA LEU K 202 91.86 -39.08 -18.79
C LEU K 202 92.79 -40.26 -18.61
N SER K 203 93.27 -40.50 -17.40
CA SER K 203 94.17 -41.62 -17.17
C SER K 203 93.84 -42.37 -15.90
N ARG K 204 92.62 -42.25 -15.40
CA ARG K 204 92.24 -42.90 -14.15
C ARG K 204 92.35 -44.41 -14.26
N GLY K 205 91.52 -45.01 -15.12
CA GLY K 205 91.53 -46.45 -15.25
C GLY K 205 91.76 -46.89 -16.67
N TYR K 206 92.46 -46.08 -17.45
CA TYR K 206 92.72 -46.36 -18.84
C TYR K 206 94.15 -46.78 -19.12
N ILE K 207 95.11 -46.34 -18.32
CA ILE K 207 96.51 -46.66 -18.52
C ILE K 207 97.02 -47.45 -17.34
N ASP K 208 98.21 -48.00 -17.50
CA ASP K 208 98.84 -48.74 -16.41
C ASP K 208 99.27 -47.77 -15.32
N ASN K 209 99.52 -48.33 -14.13
CA ASN K 209 99.92 -47.53 -12.99
C ASN K 209 101.27 -46.86 -13.19
N ALA K 210 102.14 -47.41 -14.04
CA ALA K 210 103.50 -46.91 -14.18
C ALA K 210 103.72 -46.19 -15.51
N GLN K 211 102.65 -45.75 -16.16
CA GLN K 211 102.75 -45.07 -17.44
C GLN K 211 102.17 -43.67 -17.33
N PHE K 212 102.14 -42.97 -18.46
CA PHE K 212 101.48 -41.68 -18.56
C PHE K 212 100.88 -41.56 -19.94
N ASN K 213 99.68 -41.04 -20.02
CA ASN K 213 98.99 -40.94 -21.29
C ASN K 213 99.71 -39.94 -22.19
N PRO K 214 100.35 -40.39 -23.27
CA PRO K 214 101.06 -39.45 -24.14
C PRO K 214 100.15 -38.66 -25.06
N LEU K 215 98.88 -39.05 -25.19
CA LEU K 215 97.97 -38.37 -26.09
C LEU K 215 97.12 -37.32 -25.38
N ALA K 216 97.26 -37.17 -24.08
CA ALA K 216 96.51 -36.18 -23.33
C ALA K 216 97.44 -35.38 -22.44
N LEU K 217 98.66 -35.14 -22.93
CA LEU K 217 99.65 -34.46 -22.13
C LEU K 217 99.26 -33.02 -21.84
N ARG K 218 98.70 -32.33 -22.84
CA ARG K 218 98.42 -30.91 -22.69
C ARG K 218 97.45 -30.65 -21.55
N SER K 219 96.39 -31.44 -21.48
CA SER K 219 95.40 -31.25 -20.42
C SER K 219 96.02 -31.48 -19.05
N ASN K 220 96.76 -32.58 -18.90
CA ASN K 220 97.34 -32.90 -17.61
C ASN K 220 98.32 -31.83 -17.16
N VAL K 221 99.17 -31.38 -18.08
CA VAL K 221 100.10 -30.30 -17.74
C VAL K 221 99.32 -29.06 -17.33
N LEU K 222 98.28 -28.74 -18.07
CA LEU K 222 97.50 -27.55 -17.78
C LEU K 222 96.91 -27.60 -16.38
N LEU K 223 96.32 -28.73 -16.02
CA LEU K 223 95.73 -28.86 -14.69
C LEU K 223 96.80 -28.78 -13.62
N MET K 224 97.96 -29.40 -13.86
CA MET K 224 99.03 -29.36 -12.88
C MET K 224 99.46 -27.93 -12.63
N LEU K 225 99.63 -27.15 -13.70
CA LEU K 225 99.97 -25.75 -13.53
C LEU K 225 98.89 -24.99 -12.79
N LEU K 226 97.62 -25.31 -13.08
CA LEU K 226 96.53 -24.64 -12.39
C LEU K 226 96.61 -24.89 -10.90
N GLN K 227 96.85 -26.14 -10.49
CA GLN K 227 97.03 -26.43 -9.08
C GLN K 227 98.22 -25.68 -8.54
N PHE K 228 99.31 -25.64 -9.28
CA PHE K 228 100.49 -24.88 -8.87
C PHE K 228 100.12 -23.44 -8.58
N THR K 229 99.32 -22.85 -9.46
CA THR K 229 98.89 -21.47 -9.25
C THR K 229 98.04 -21.33 -8.00
N LEU K 230 97.02 -22.18 -7.88
CA LEU K 230 96.09 -22.06 -6.76
C LEU K 230 96.80 -22.27 -5.43
N SER K 231 97.88 -23.03 -5.43
CA SER K 231 98.60 -23.33 -4.19
C SER K 231 99.44 -22.17 -3.71
N ASN K 232 99.50 -21.06 -4.45
CA ASN K 232 100.35 -19.94 -4.06
C ASN K 232 99.58 -18.65 -3.82
N LEU K 233 98.26 -18.70 -3.83
CA LEU K 233 97.46 -17.49 -3.60
C LEU K 233 97.51 -17.17 -2.11
N LYS K 234 98.56 -16.48 -1.70
CA LYS K 234 98.78 -16.13 -0.30
C LYS K 234 99.30 -14.71 -0.21
N ILE K 235 99.33 -14.20 1.01
CA ILE K 235 99.84 -12.86 1.30
C ILE K 235 101.18 -13.00 2.00
N ASN K 236 102.20 -12.33 1.45
CA ASN K 236 103.54 -12.37 2.03
C ASN K 236 103.58 -11.48 3.25
N LYS K 237 103.15 -12.03 4.38
CA LYS K 237 103.18 -11.27 5.62
C LYS K 237 104.61 -11.13 6.11
N SER K 238 104.89 -9.98 6.72
CA SER K 238 106.21 -9.71 7.26
C SER K 238 106.35 -10.28 8.66
N SER K 239 107.59 -10.37 9.12
CA SER K 239 107.91 -10.84 10.45
C SER K 239 108.84 -9.83 11.13
N THR K 240 109.24 -10.15 12.34
CA THR K 240 110.12 -9.27 13.08
C THR K 240 111.51 -9.24 12.45
N PHE K 241 112.11 -8.06 12.40
CA PHE K 241 113.43 -7.88 11.85
C PHE K 241 114.44 -7.61 12.96
N THR K 242 115.69 -7.95 12.69
CA THR K 242 116.72 -7.86 13.70
C THR K 242 118.05 -7.51 13.04
N SER K 243 118.85 -6.74 13.75
CA SER K 243 120.21 -6.41 13.34
C SER K 243 121.17 -7.33 14.06
N ASP K 244 121.80 -8.25 13.33
CA ASP K 244 122.73 -9.17 13.94
C ASP K 244 123.99 -8.43 14.40
N VAL K 245 124.51 -8.83 15.55
CA VAL K 245 125.73 -8.23 16.08
C VAL K 245 126.94 -9.14 15.84
N THR K 246 126.78 -10.18 15.03
CA THR K 246 127.89 -11.03 14.68
C THR K 246 128.80 -10.32 13.69
N THR K 247 130.08 -10.69 13.70
CA THR K 247 131.07 -10.00 12.88
C THR K 247 130.79 -10.12 11.39
N ILE K 248 129.92 -11.05 10.99
CA ILE K 248 129.63 -11.23 9.57
C ILE K 248 128.52 -10.28 9.13
N THR K 249 128.15 -9.35 10.01
CA THR K 249 127.07 -8.44 9.70
C THR K 249 127.45 -7.52 8.55
N SER K 250 126.42 -7.03 7.85
CA SER K 250 126.61 -6.11 6.75
C SER K 250 126.02 -4.73 7.03
N GLY K 251 125.52 -4.51 8.24
CA GLY K 251 124.92 -3.23 8.58
C GLY K 251 123.45 -3.12 8.24
N ARG K 252 122.83 -4.18 7.74
CA ARG K 252 121.41 -4.16 7.41
C ARG K 252 120.67 -5.15 8.31
N MET K 253 119.52 -4.72 8.82
CA MET K 253 118.70 -5.61 9.62
C MET K 253 118.20 -6.77 8.80
N ILE K 254 118.21 -7.96 9.40
CA ILE K 254 117.75 -9.16 8.71
C ILE K 254 116.56 -9.74 9.46
N ARG K 255 116.03 -10.84 8.95
CA ARG K 255 114.82 -11.46 9.48
C ARG K 255 115.22 -12.71 10.26
N ALA K 256 115.01 -12.69 11.58
CA ALA K 256 115.38 -13.80 12.44
C ALA K 256 114.19 -14.75 12.54
N PHE K 257 114.24 -15.82 11.76
CA PHE K 257 113.15 -16.79 11.77
C PHE K 257 113.09 -17.50 13.11
N GLU K 258 111.89 -17.80 13.55
CA GLU K 258 111.67 -18.47 14.83
C GLU K 258 110.95 -19.80 14.69
N GLY K 259 109.92 -19.86 13.85
CA GLY K 259 109.20 -21.11 13.67
C GLY K 259 110.06 -22.23 13.16
N ARG K 260 111.05 -21.91 12.34
CA ARG K 260 112.02 -22.89 11.84
C ARG K 260 113.37 -22.21 11.72
N PRO K 261 114.19 -22.29 12.76
CA PRO K 261 115.48 -21.58 12.73
C PRO K 261 116.39 -22.01 11.59
N GLU K 262 116.31 -23.27 11.17
CA GLU K 262 117.16 -23.73 10.07
C GLU K 262 116.91 -22.95 8.80
N LEU K 263 115.71 -22.38 8.65
CA LEU K 263 115.43 -21.56 7.47
C LEU K 263 116.37 -20.38 7.38
N LEU K 264 116.91 -19.93 8.50
CA LEU K 264 117.82 -18.80 8.48
C LEU K 264 119.05 -19.10 7.64
N ALA K 265 119.60 -20.30 7.77
CA ALA K 265 120.76 -20.67 6.99
C ALA K 265 120.46 -20.71 5.49
N LEU K 266 119.20 -20.85 5.11
CA LEU K 266 118.82 -20.93 3.71
C LEU K 266 118.41 -19.60 3.11
N ALA K 267 117.70 -18.76 3.87
CA ALA K 267 117.19 -17.52 3.32
C ALA K 267 118.29 -16.54 2.96
N TYR K 268 119.45 -16.65 3.60
CA TYR K 268 120.53 -15.67 3.44
C TYR K 268 121.82 -16.40 3.10
N PRO K 269 121.98 -16.81 1.84
CA PRO K 269 123.24 -17.45 1.45
C PRO K 269 124.44 -16.55 1.66
N GLY K 270 124.26 -15.23 1.59
CA GLY K 270 125.38 -14.32 1.70
C GLY K 270 126.11 -14.40 3.03
N ARG K 271 125.44 -14.86 4.08
CA ARG K 271 126.03 -14.93 5.41
C ARG K 271 126.84 -16.20 5.63
N ALA K 272 127.22 -16.89 4.56
CA ALA K 272 127.87 -18.18 4.73
C ALA K 272 129.30 -18.02 5.23
N VAL K 273 129.82 -19.09 5.80
CA VAL K 273 131.21 -19.19 6.25
C VAL K 273 131.93 -20.12 5.30
N LEU K 274 133.09 -19.68 4.80
CA LEU K 274 133.78 -20.33 3.69
C LEU K 274 135.19 -20.72 4.11
N PRO K 275 135.34 -21.84 4.82
CA PRO K 275 136.70 -22.27 5.19
C PRO K 275 137.55 -22.66 4.00
N THR K 276 137.04 -23.53 3.14
CA THR K 276 137.83 -24.09 2.06
C THR K 276 137.19 -23.77 0.71
N GLN K 277 138.03 -23.54 -0.28
CA GLN K 277 137.58 -23.13 -1.61
C GLN K 277 137.01 -24.33 -2.36
N THR K 278 135.80 -24.73 -1.96
CA THR K 278 135.07 -25.72 -2.73
C THR K 278 134.40 -25.04 -3.92
N LYS K 279 133.74 -25.84 -4.75
CA LYS K 279 132.99 -25.25 -5.85
C LYS K 279 131.87 -24.37 -5.34
N ASN K 280 131.24 -24.76 -4.24
CA ASN K 280 130.27 -23.87 -3.60
C ASN K 280 130.93 -22.58 -3.17
N ALA K 281 132.10 -22.67 -2.55
CA ALA K 281 132.80 -21.48 -2.10
C ALA K 281 133.15 -20.57 -3.27
N GLN K 282 133.60 -21.17 -4.39
CA GLN K 282 133.96 -20.38 -5.55
C GLN K 282 132.81 -19.50 -6.00
N PHE K 283 131.57 -19.95 -5.81
CA PHE K 283 130.43 -19.14 -6.18
C PHE K 283 130.07 -18.17 -5.06
N LEU K 284 129.89 -18.68 -3.85
CA LEU K 284 129.41 -17.85 -2.75
C LEU K 284 130.36 -16.70 -2.46
N SER K 285 131.66 -16.89 -2.71
CA SER K 285 132.63 -15.85 -2.43
C SER K 285 132.41 -14.60 -3.27
N THR K 286 131.60 -14.69 -4.34
CA THR K 286 131.34 -13.56 -5.20
C THR K 286 130.14 -12.74 -4.76
N ALA K 287 129.43 -13.16 -3.72
CA ALA K 287 128.21 -12.49 -3.33
C ALA K 287 128.49 -11.08 -2.85
N ILE K 288 127.66 -10.13 -3.29
CA ILE K 288 127.81 -8.75 -2.86
C ILE K 288 127.34 -8.62 -1.42
N ALA K 289 128.12 -7.89 -0.61
CA ALA K 289 127.91 -7.90 0.83
C ALA K 289 126.56 -7.31 1.23
N ASP K 290 126.16 -6.20 0.61
CA ASP K 290 125.01 -5.43 1.07
C ASP K 290 123.75 -5.75 0.29
N ARG K 291 123.55 -7.01 -0.08
CA ARG K 291 122.37 -7.40 -0.85
C ARG K 291 121.47 -8.28 0.00
N ILE K 292 121.25 -7.88 1.25
CA ILE K 292 120.56 -8.75 2.19
C ILE K 292 119.72 -7.90 3.13
N GLY K 293 118.63 -8.49 3.62
CA GLY K 293 117.88 -7.89 4.70
C GLY K 293 116.92 -6.80 4.24
N ARG K 294 116.39 -6.09 5.24
CA ARG K 294 115.45 -5.01 4.98
C ARG K 294 116.11 -3.92 4.14
N LEU K 295 115.39 -3.45 3.13
CA LEU K 295 115.83 -2.34 2.32
C LEU K 295 115.17 -1.02 2.73
N ASP K 296 113.85 -1.01 2.83
CA ASP K 296 113.13 0.18 3.24
C ASP K 296 111.81 -0.24 3.85
N ARG K 297 111.29 0.61 4.75
CA ARG K 297 110.04 0.34 5.42
C ARG K 297 109.19 1.60 5.44
N ALA K 298 107.88 1.41 5.45
CA ALA K 298 106.93 2.49 5.65
C ALA K 298 106.60 2.55 7.14
N ASN K 299 107.09 3.59 7.81
CA ASN K 299 106.98 3.72 9.26
C ASN K 299 106.02 4.87 9.56
N LEU K 300 104.77 4.53 9.85
CA LEU K 300 103.73 5.54 10.03
C LEU K 300 103.60 6.00 11.47
N ILE K 301 103.38 5.05 12.39
CA ILE K 301 103.09 5.35 13.77
C ILE K 301 104.31 4.96 14.60
N GLY K 302 104.82 5.90 15.38
CA GLY K 302 105.95 5.63 16.24
C GLY K 302 105.67 4.51 17.22
N GLY K 303 106.57 3.53 17.28
CA GLY K 303 106.42 2.41 18.17
C GLY K 303 105.65 1.24 17.60
N GLU K 304 104.90 1.45 16.53
CA GLU K 304 104.16 0.36 15.90
C GLU K 304 105.05 -0.40 14.92
N VAL K 305 104.63 -1.62 14.60
CA VAL K 305 105.31 -2.36 13.56
C VAL K 305 105.12 -1.64 12.23
N SER K 306 106.05 -1.87 11.31
CA SER K 306 105.99 -1.19 10.02
C SER K 306 104.74 -1.59 9.27
N ALA K 307 104.12 -0.61 8.60
CA ALA K 307 102.93 -0.90 7.82
C ALA K 307 103.25 -1.84 6.67
N MET K 308 104.37 -1.62 6.01
CA MET K 308 104.74 -2.41 4.83
C MET K 308 106.22 -2.25 4.60
N VAL K 309 106.94 -3.36 4.51
CA VAL K 309 108.39 -3.35 4.43
C VAL K 309 108.82 -4.00 3.13
N GLU K 310 110.01 -3.63 2.67
CA GLU K 310 110.60 -4.19 1.47
C GLU K 310 111.98 -4.73 1.79
N CYS K 311 112.21 -6.00 1.47
CA CYS K 311 113.48 -6.65 1.72
C CYS K 311 113.81 -7.55 0.55
N MET K 312 115.05 -8.04 0.52
CA MET K 312 115.46 -9.01 -0.47
C MET K 312 116.01 -10.24 0.23
N GLU K 313 115.62 -11.40 -0.27
CA GLU K 313 116.02 -12.67 0.32
C GLU K 313 115.79 -13.76 -0.72
N LEU K 314 115.89 -15.01 -0.29
CA LEU K 314 115.65 -16.12 -1.19
C LEU K 314 114.21 -16.12 -1.65
N CYS K 315 114.01 -15.99 -2.96
CA CYS K 315 112.66 -15.93 -3.51
C CYS K 315 112.75 -16.05 -5.02
N ASP K 316 111.81 -16.78 -5.62
CA ASP K 316 111.76 -16.91 -7.06
C ASP K 316 110.77 -15.92 -7.63
N ALA K 317 111.06 -15.43 -8.83
CA ALA K 317 110.24 -14.39 -9.44
C ALA K 317 108.82 -14.89 -9.70
N LEU K 318 108.69 -16.14 -10.13
CA LEU K 318 107.38 -16.64 -10.54
C LEU K 318 106.38 -16.60 -9.39
N THR K 319 106.75 -17.18 -8.25
CA THR K 319 105.87 -17.13 -7.09
C THR K 319 105.61 -15.69 -6.69
N LEU K 320 106.64 -14.85 -6.74
CA LEU K 320 106.47 -13.45 -6.40
C LEU K 320 105.42 -12.80 -7.28
N HIS K 321 105.48 -13.06 -8.60
CA HIS K 321 104.51 -12.48 -9.50
C HIS K 321 103.11 -12.94 -9.17
N ILE K 322 102.96 -14.22 -8.80
CA ILE K 322 101.66 -14.74 -8.44
C ILE K 322 101.08 -13.99 -7.26
N ARG K 323 101.88 -13.89 -6.19
CA ARG K 323 101.34 -13.37 -4.94
C ARG K 323 101.05 -11.88 -5.03
N GLU K 324 101.91 -11.12 -5.70
CA GLU K 324 101.64 -9.70 -5.89
C GLU K 324 100.36 -9.50 -6.67
N THR K 325 100.13 -10.34 -7.69
CA THR K 325 98.86 -10.29 -8.40
C THR K 325 97.71 -10.59 -7.45
N TYR K 326 97.89 -11.57 -6.57
CA TYR K 326 96.82 -11.91 -5.64
C TYR K 326 96.47 -10.73 -4.75
N VAL K 327 97.48 -10.04 -4.23
CA VAL K 327 97.24 -8.85 -3.44
C VAL K 327 96.52 -7.80 -4.26
N MET K 328 96.98 -7.60 -5.49
CA MET K 328 96.34 -6.64 -6.39
C MET K 328 94.87 -6.93 -6.51
N LEU K 329 94.50 -8.20 -6.58
CA LEU K 329 93.09 -8.56 -6.64
C LEU K 329 92.35 -8.12 -5.39
N LEU K 330 92.94 -8.37 -4.23
CA LEU K 330 92.26 -8.05 -2.98
C LEU K 330 92.01 -6.56 -2.86
N ARG K 331 93.01 -5.75 -3.21
CA ARG K 331 92.82 -4.30 -3.18
C ARG K 331 91.65 -3.89 -4.06
N SER K 332 91.46 -4.59 -5.18
CA SER K 332 90.43 -4.21 -6.12
C SER K 332 89.03 -4.33 -5.52
N MET K 333 88.86 -5.12 -4.47
CA MET K 333 87.56 -5.33 -3.87
C MET K 333 87.45 -4.70 -2.49
N HIS K 334 88.24 -3.66 -2.25
CA HIS K 334 88.25 -2.96 -0.97
C HIS K 334 87.86 -1.51 -1.17
N GLN K 335 87.20 -0.94 -0.18
CA GLN K 335 86.83 0.46 -0.20
C GLN K 335 87.01 1.07 1.18
N ASP K 336 87.24 2.38 1.21
CA ASP K 336 87.48 3.07 2.45
C ASP K 336 86.19 3.19 3.26
N PRO K 337 86.29 3.46 4.57
CA PRO K 337 85.08 3.49 5.40
C PRO K 337 84.02 4.45 4.92
N THR K 338 84.40 5.63 4.44
CA THR K 338 83.41 6.62 4.04
C THR K 338 82.47 6.03 3.00
N GLN K 339 83.02 5.30 2.04
CA GLN K 339 82.17 4.59 1.08
C GLN K 339 81.33 3.54 1.80
N ILE K 340 81.94 2.81 2.72
CA ILE K 340 81.23 1.69 3.36
C ILE K 340 80.02 2.21 4.12
N VAL K 341 80.22 3.22 4.96
CA VAL K 341 79.13 3.71 5.79
C VAL K 341 78.04 4.30 4.92
N GLN K 342 78.42 4.95 3.82
CA GLN K 342 77.42 5.47 2.91
C GLN K 342 76.62 4.33 2.28
N ILE K 343 77.30 3.23 1.93
CA ILE K 343 76.60 2.11 1.34
C ILE K 343 75.55 1.56 2.30
N VAL K 344 75.93 1.37 3.55
CA VAL K 344 75.01 0.80 4.52
C VAL K 344 73.81 1.73 4.72
N ASN K 345 74.08 3.02 4.88
CA ASN K 345 72.99 3.98 5.03
C ASN K 345 72.05 3.93 3.84
N GLU K 346 72.63 3.81 2.63
CA GLU K 346 71.80 3.75 1.43
C GLU K 346 70.92 2.51 1.44
N CYS K 347 71.49 1.36 1.80
CA CYS K 347 70.70 0.14 1.81
C CYS K 347 69.51 0.24 2.75
N ALA K 348 69.62 1.05 3.79
CA ALA K 348 68.53 1.29 4.72
C ALA K 348 67.68 2.47 4.33
N ASN K 349 67.78 2.93 3.08
CA ASN K 349 67.02 4.09 2.60
C ASN K 349 67.25 5.29 3.49
N ASN K 350 68.46 5.40 4.03
CA ASN K 350 68.88 6.48 4.92
C ASN K 350 68.05 6.56 6.19
N LEU K 351 67.22 5.56 6.45
CA LEU K 351 66.84 5.30 7.83
C LEU K 351 68.07 4.76 8.56
N LEU K 352 68.14 5.04 9.86
CA LEU K 352 69.26 4.57 10.68
C LEU K 352 70.59 5.06 10.13
N ASN K 353 70.65 6.36 9.83
CA ASN K 353 71.91 6.94 9.38
C ASN K 353 72.96 6.85 10.47
N SER K 354 74.18 6.47 10.08
CA SER K 354 75.29 6.40 11.01
C SER K 354 76.53 6.95 10.31
N THR K 355 77.56 7.24 11.11
CA THR K 355 78.81 7.74 10.55
C THR K 355 80.01 7.07 11.19
N ILE K 356 81.19 7.62 10.95
CA ILE K 356 82.44 6.96 11.33
C ILE K 356 83.30 7.96 12.09
N PRO K 357 84.22 7.45 12.92
CA PRO K 357 85.20 8.34 13.54
C PRO K 357 86.20 8.85 12.51
N ILE K 358 86.92 9.89 12.90
CA ILE K 358 87.90 10.51 12.02
C ILE K 358 89.25 10.43 12.72
N SER K 359 90.09 9.52 12.25
CA SER K 359 91.42 9.32 12.81
C SER K 359 92.21 8.44 11.84
N LEU K 360 93.48 8.25 12.15
CA LEU K 360 94.32 7.43 11.29
C LEU K 360 93.95 5.96 11.42
N ARG K 361 93.79 5.30 10.27
CA ARG K 361 93.53 3.87 10.20
C ARG K 361 94.61 3.28 9.31
N PRO K 362 95.74 2.93 9.88
CA PRO K 362 96.93 2.66 9.06
C PRO K 362 96.78 1.57 8.01
N THR K 363 96.45 0.35 8.42
CA THR K 363 96.60 -0.82 7.56
C THR K 363 95.33 -1.64 7.52
N ILE K 364 94.19 -1.00 7.30
CA ILE K 364 92.94 -1.74 7.22
C ILE K 364 92.77 -2.32 5.82
N LEU K 365 91.96 -3.36 5.73
CA LEU K 365 91.67 -4.00 4.45
C LEU K 365 90.36 -4.76 4.59
N CYS K 366 89.38 -4.41 3.75
CA CYS K 366 88.04 -4.99 3.84
C CYS K 366 87.61 -5.45 2.45
N PRO K 367 88.06 -6.63 2.04
CA PRO K 367 87.69 -7.13 0.71
C PRO K 367 86.25 -7.59 0.67
N TRP K 368 85.31 -6.67 0.47
CA TRP K 368 83.90 -6.97 0.65
C TRP K 368 83.01 -6.66 -0.54
N PHE K 369 83.55 -6.25 -1.67
CA PHE K 369 82.72 -5.70 -2.72
C PHE K 369 83.08 -6.25 -4.08
N ALA K 370 82.10 -6.24 -4.99
CA ALA K 370 82.26 -6.73 -6.34
C ALA K 370 81.50 -5.82 -7.29
N SER K 371 81.82 -5.91 -8.56
CA SER K 371 81.11 -5.13 -9.56
C SER K 371 79.73 -5.71 -9.80
N SER K 372 78.90 -4.94 -10.51
CA SER K 372 77.58 -5.43 -10.85
C SER K 372 77.68 -6.71 -11.69
N GLU K 373 78.62 -6.73 -12.64
CA GLU K 373 78.75 -7.87 -13.53
C GLU K 373 78.91 -9.17 -12.74
N ASP K 374 79.72 -9.14 -11.69
CA ASP K 374 79.88 -10.29 -10.84
C ASP K 374 78.54 -10.71 -10.25
N LEU K 375 77.78 -9.73 -9.75
CA LEU K 375 76.47 -10.04 -9.20
C LEU K 375 75.56 -10.64 -10.27
N ARG K 376 75.54 -10.03 -11.45
CA ARG K 376 74.71 -10.55 -12.53
C ARG K 376 75.13 -11.97 -12.88
N LEU K 377 76.44 -12.20 -13.00
CA LEU K 377 76.92 -13.54 -13.32
C LEU K 377 76.50 -14.52 -12.24
N GLN K 378 76.71 -14.16 -10.97
CA GLN K 378 76.35 -15.06 -9.88
C GLN K 378 74.86 -15.33 -9.87
N GLN K 379 74.05 -14.29 -10.11
CA GLN K 379 72.61 -14.48 -10.12
C GLN K 379 72.20 -15.50 -11.16
N VAL K 380 72.74 -15.38 -12.37
CA VAL K 380 72.39 -16.31 -13.44
C VAL K 380 72.83 -17.71 -13.06
N MET K 381 74.07 -17.86 -12.59
CA MET K 381 74.57 -19.18 -12.21
C MET K 381 73.68 -19.82 -11.16
N HIS K 382 73.22 -19.02 -10.20
CA HIS K 382 72.32 -19.55 -9.19
C HIS K 382 71.02 -20.02 -9.83
N LEU K 383 70.50 -19.25 -10.78
CA LEU K 383 69.22 -19.61 -11.40
C LEU K 383 69.33 -20.93 -12.14
N VAL K 384 70.40 -21.12 -12.92
CA VAL K 384 70.52 -22.35 -13.68
C VAL K 384 70.79 -23.53 -12.75
N ASN K 385 71.46 -23.29 -11.62
CA ASN K 385 71.78 -24.38 -10.72
C ASN K 385 70.52 -25.00 -10.13
N ILE K 386 69.56 -24.17 -9.72
CA ILE K 386 68.36 -24.66 -9.05
C ILE K 386 67.39 -25.20 -10.09
N SER K 387 66.37 -25.92 -9.62
CA SER K 387 65.30 -26.35 -10.49
C SER K 387 64.51 -25.14 -10.98
N SER K 388 63.80 -25.34 -12.09
CA SER K 388 63.02 -24.27 -12.70
C SER K 388 61.53 -24.40 -12.44
N ASN K 389 61.10 -25.45 -11.74
CA ASN K 389 59.67 -25.68 -11.56
C ASN K 389 59.15 -24.89 -10.38
N THR K 390 57.85 -25.06 -10.09
CA THR K 390 57.22 -24.30 -9.02
C THR K 390 57.78 -24.70 -7.65
N ALA K 391 58.20 -25.95 -7.49
CA ALA K 391 58.67 -26.41 -6.19
C ALA K 391 59.90 -25.63 -5.74
N ALA K 392 60.79 -25.28 -6.66
CA ALA K 392 61.97 -24.50 -6.31
C ALA K 392 61.67 -23.04 -6.05
N ALA K 393 60.50 -22.56 -6.44
CA ALA K 393 60.16 -21.16 -6.28
C ALA K 393 59.31 -20.87 -5.05
N LEU K 394 58.48 -21.82 -4.64
CA LEU K 394 57.60 -21.58 -3.51
C LEU K 394 58.35 -21.18 -2.25
N PRO K 395 59.38 -21.90 -1.80
CA PRO K 395 60.11 -21.43 -0.61
C PRO K 395 60.75 -20.08 -0.80
N LEU K 396 61.13 -19.75 -2.04
CA LEU K 396 61.73 -18.44 -2.29
C LEU K 396 60.76 -17.32 -1.93
N VAL K 397 59.50 -17.46 -2.35
CA VAL K 397 58.50 -16.45 -2.02
C VAL K 397 58.15 -16.51 -0.54
N GLU K 398 58.09 -17.71 0.03
CA GLU K 398 57.64 -17.85 1.41
C GLU K 398 58.52 -17.03 2.36
N ALA K 399 59.84 -17.10 2.18
CA ALA K 399 60.73 -16.39 3.08
C ALA K 399 60.45 -14.90 3.08
N LEU K 400 60.31 -14.32 1.88
CA LEU K 400 60.03 -12.89 1.80
C LEU K 400 58.69 -12.57 2.43
N SER K 401 57.68 -13.41 2.19
CA SER K 401 56.37 -13.16 2.76
C SER K 401 56.42 -13.14 4.28
N THR K 402 57.14 -14.10 4.88
CA THR K 402 57.28 -14.11 6.32
C THR K 402 57.99 -12.86 6.81
N LEU K 403 59.04 -12.44 6.10
CA LEU K 403 59.76 -11.25 6.50
C LEU K 403 58.84 -10.03 6.49
N LEU K 404 58.05 -9.88 5.43
CA LEU K 404 57.13 -8.76 5.36
C LEU K 404 56.16 -8.78 6.52
N ARG K 405 55.59 -9.95 6.80
CA ARG K 405 54.68 -10.06 7.94
C ARG K 405 55.39 -9.72 9.23
N SER K 406 56.64 -10.16 9.38
CA SER K 406 57.36 -9.93 10.62
C SER K 406 57.53 -8.46 10.89
N VAL K 407 57.89 -7.67 9.87
CA VAL K 407 58.12 -6.26 10.03
C VAL K 407 57.12 -5.51 9.15
N THR K 408 56.08 -4.98 9.76
CA THR K 408 55.16 -4.05 9.10
C THR K 408 54.22 -3.48 10.14
N PRO K 409 53.83 -2.21 10.02
CA PRO K 409 52.88 -1.64 10.96
C PRO K 409 51.43 -1.94 10.63
N LEU K 410 51.16 -2.48 9.46
CA LEU K 410 49.78 -2.76 9.07
C LEU K 410 49.23 -3.92 9.87
N VAL K 411 47.95 -3.82 10.24
CA VAL K 411 47.27 -4.84 11.02
C VAL K 411 45.91 -5.11 10.39
N LEU K 412 45.54 -6.38 10.31
CA LEU K 412 44.27 -6.80 9.71
C LEU K 412 43.33 -7.26 10.81
N ASP K 413 42.13 -6.69 10.83
CA ASP K 413 41.12 -7.02 11.84
C ASP K 413 39.81 -7.37 11.16
N PRO K 414 39.46 -8.66 11.12
CA PRO K 414 38.18 -9.03 10.49
C PRO K 414 36.98 -8.41 11.17
N THR K 415 37.10 -8.05 12.45
CA THR K 415 35.96 -7.51 13.17
C THR K 415 35.43 -6.24 12.52
N VAL K 416 36.33 -5.42 11.98
CA VAL K 416 35.92 -4.14 11.43
C VAL K 416 34.90 -4.35 10.31
N LEU K 417 35.08 -5.41 9.52
CA LEU K 417 34.15 -5.67 8.43
C LEU K 417 32.80 -6.12 8.97
N THR K 418 32.80 -7.00 9.97
CA THR K 418 31.54 -7.46 10.55
C THR K 418 30.78 -6.31 11.16
N ASN K 419 31.47 -5.42 11.87
CA ASN K 419 30.80 -4.28 12.48
C ASN K 419 30.11 -3.43 11.43
N ALA K 420 30.81 -3.14 10.33
CA ALA K 420 30.23 -2.31 9.30
C ALA K 420 28.99 -2.97 8.70
N ILE K 421 29.08 -4.25 8.38
CA ILE K 421 27.99 -4.93 7.71
C ILE K 421 26.76 -4.99 8.59
N THR K 422 26.96 -5.36 9.85
CA THR K 422 25.82 -5.60 10.74
C THR K 422 25.08 -4.33 11.11
N THR K 423 25.51 -3.17 10.65
CA THR K 423 24.76 -1.95 10.93
C THR K 423 23.46 -1.87 10.15
N ILE K 424 23.29 -2.71 9.14
CA ILE K 424 22.16 -2.59 8.23
C ILE K 424 20.98 -3.37 8.76
N SER K 425 19.80 -2.76 8.69
CA SER K 425 18.56 -3.40 9.10
C SER K 425 17.84 -3.98 7.90
N GLU K 426 17.14 -5.09 8.12
CA GLU K 426 16.28 -5.66 7.10
C GLU K 426 15.21 -6.49 7.77
N SER K 427 14.15 -6.77 7.01
CA SER K 427 13.05 -7.55 7.54
C SER K 427 13.48 -8.98 7.85
N THR K 428 12.99 -9.51 8.96
CA THR K 428 13.24 -10.89 9.31
C THR K 428 12.28 -11.85 8.64
N THR K 429 11.37 -11.34 7.80
CA THR K 429 10.36 -12.17 7.16
C THR K 429 10.80 -12.71 5.81
N GLN K 430 11.93 -12.26 5.27
CA GLN K 430 12.40 -12.76 3.99
C GLN K 430 13.04 -14.13 4.16
N THR K 431 12.85 -14.97 3.15
CA THR K 431 13.43 -16.31 3.20
C THR K 431 14.94 -16.26 3.06
N ILE K 432 15.48 -15.25 2.39
CA ILE K 432 16.90 -15.17 2.08
C ILE K 432 17.45 -13.87 2.65
N SER K 433 18.51 -13.97 3.44
CA SER K 433 19.16 -12.80 4.00
C SER K 433 20.52 -12.61 3.37
N PRO K 434 20.74 -11.53 2.62
CA PRO K 434 22.07 -11.33 2.00
C PRO K 434 23.19 -11.27 3.01
N ILE K 435 22.94 -10.68 4.18
CA ILE K 435 24.00 -10.51 5.17
C ILE K 435 24.57 -11.86 5.58
N SER K 436 23.69 -12.81 5.90
CA SER K 436 24.16 -14.15 6.19
C SER K 436 24.85 -14.76 4.99
N GLU K 437 24.34 -14.47 3.79
CA GLU K 437 24.91 -15.07 2.60
C GLU K 437 26.36 -14.65 2.40
N ILE K 438 26.62 -13.35 2.43
CA ILE K 438 27.98 -12.87 2.16
C ILE K 438 28.94 -13.36 3.23
N LEU K 439 28.52 -13.33 4.50
CA LEU K 439 29.39 -13.83 5.55
C LEU K 439 29.74 -15.29 5.35
N ARG K 440 28.82 -16.07 4.78
CA ARG K 440 29.14 -17.46 4.50
C ARG K 440 30.10 -17.57 3.34
N LEU K 441 29.94 -16.72 2.35
CA LEU K 441 30.83 -16.73 1.18
C LEU K 441 32.24 -16.24 1.51
N LEU K 442 32.34 -15.14 2.25
CA LEU K 442 33.65 -14.55 2.56
C LEU K 442 34.70 -15.53 3.07
N GLN K 443 34.27 -16.55 3.81
CA GLN K 443 35.23 -17.49 4.39
C GLN K 443 36.21 -18.07 3.38
N PRO K 444 37.44 -18.38 3.82
CA PRO K 444 38.47 -18.91 2.92
C PRO K 444 38.30 -20.40 2.67
N MET K 445 38.47 -20.79 1.42
CA MET K 445 38.54 -22.20 1.08
C MET K 445 39.95 -22.70 1.37
N GLY K 446 40.04 -23.85 2.02
CA GLY K 446 41.34 -24.33 2.42
C GLY K 446 41.94 -23.45 3.51
N ASN K 447 43.24 -23.61 3.71
CA ASN K 447 43.99 -22.86 4.71
C ASN K 447 44.99 -21.97 3.99
N ASP K 448 44.54 -20.78 3.60
CA ASP K 448 45.39 -19.82 2.91
C ASP K 448 45.01 -18.44 3.43
N TYR K 449 45.74 -17.96 4.44
CA TYR K 449 45.46 -16.68 5.03
C TYR K 449 46.45 -15.59 4.64
N ALA K 450 47.68 -15.98 4.32
CA ALA K 450 48.70 -15.01 3.95
C ALA K 450 48.71 -14.72 2.45
N ALA K 451 47.60 -14.99 1.77
CA ALA K 451 47.55 -14.77 0.33
C ALA K 451 47.90 -13.33 -0.01
N PHE K 452 47.41 -12.38 0.79
CA PHE K 452 47.73 -10.98 0.57
C PHE K 452 49.24 -10.76 0.56
N TRP K 453 49.92 -11.32 1.55
CA TRP K 453 51.37 -11.16 1.61
C TRP K 453 52.06 -11.90 0.48
N LYS K 454 51.54 -13.06 0.11
CA LYS K 454 52.14 -13.80 -1.00
C LYS K 454 52.05 -12.99 -2.29
N CYS K 455 50.92 -12.34 -2.53
CA CYS K 455 50.78 -11.53 -3.72
C CYS K 455 51.82 -10.42 -3.75
N ILE K 456 52.04 -9.76 -2.62
CA ILE K 456 53.05 -8.71 -2.55
C ILE K 456 54.43 -9.28 -2.85
N ALA K 457 54.78 -10.36 -2.14
CA ALA K 457 56.13 -10.90 -2.27
C ALA K 457 56.40 -11.39 -3.68
N SER K 458 55.36 -11.85 -4.38
CA SER K 458 55.55 -12.35 -5.74
C SER K 458 56.06 -11.25 -6.66
N TRP K 459 55.69 -10.00 -6.39
CA TRP K 459 56.10 -8.91 -7.28
C TRP K 459 57.62 -8.83 -7.37
N ALA K 460 58.32 -9.12 -6.28
CA ALA K 460 59.77 -9.09 -6.30
C ALA K 460 60.36 -10.21 -7.14
N TYR K 461 59.57 -11.20 -7.52
CA TYR K 461 60.09 -12.31 -8.28
C TYR K 461 59.16 -12.67 -9.43
N ASN K 462 58.48 -11.69 -10.01
CA ASN K 462 57.55 -11.98 -11.09
C ASN K 462 58.23 -12.64 -12.27
N GLY K 463 59.54 -12.45 -12.41
CA GLY K 463 60.26 -13.13 -13.47
C GLY K 463 60.18 -14.64 -13.35
N LEU K 464 60.32 -15.16 -12.14
CA LEU K 464 60.28 -16.59 -11.93
C LEU K 464 58.86 -17.11 -11.84
N VAL K 465 58.12 -16.65 -10.84
CA VAL K 465 56.80 -17.18 -10.54
C VAL K 465 55.77 -16.07 -10.78
N THR K 466 54.53 -16.48 -10.99
CA THR K 466 53.41 -15.57 -11.13
C THR K 466 52.27 -16.05 -10.26
N THR K 467 51.48 -15.11 -9.76
CA THR K 467 50.31 -15.42 -8.97
C THR K 467 49.07 -15.41 -9.86
N VAL K 468 48.27 -16.46 -9.76
CA VAL K 468 47.06 -16.58 -10.55
C VAL K 468 45.88 -16.81 -9.61
N LEU K 469 44.72 -16.29 -10.01
CA LEU K 469 43.52 -16.48 -9.21
C LEU K 469 43.15 -17.96 -9.18
N SER K 470 42.81 -18.45 -8.00
CA SER K 470 42.45 -19.85 -7.85
C SER K 470 41.25 -20.19 -8.72
N GLU K 471 41.35 -21.28 -9.46
CA GLU K 471 40.28 -21.66 -10.37
C GLU K 471 38.99 -21.95 -9.62
N ASP K 472 39.10 -22.46 -8.40
CA ASP K 472 37.90 -22.78 -7.62
C ASP K 472 37.09 -21.53 -7.28
N ALA K 473 37.72 -20.37 -7.27
CA ALA K 473 37.02 -19.16 -6.86
C ALA K 473 36.10 -18.60 -7.93
N PHE K 474 36.26 -19.01 -9.17
CA PHE K 474 35.43 -18.48 -10.24
C PHE K 474 33.99 -18.96 -10.08
N PRO K 475 33.02 -18.13 -10.42
CA PRO K 475 31.62 -18.57 -10.39
C PRO K 475 31.38 -19.62 -11.46
N ASP K 476 30.43 -20.49 -11.20
CA ASP K 476 30.09 -21.53 -12.16
C ASP K 476 29.52 -20.91 -13.42
N SER K 477 30.09 -21.28 -14.57
CA SER K 477 29.60 -20.77 -15.84
C SER K 477 28.16 -21.19 -16.11
N SER K 478 27.71 -22.28 -15.50
CA SER K 478 26.34 -22.72 -15.70
C SER K 478 25.33 -21.78 -15.04
N GLN K 479 25.78 -20.92 -14.14
CA GLN K 479 24.86 -20.10 -13.36
C GLN K 479 24.44 -18.86 -14.14
N SER K 480 23.43 -18.18 -13.62
CA SER K 480 22.93 -16.94 -14.18
C SER K 480 23.17 -15.79 -13.21
N ILE K 481 23.10 -14.57 -13.74
CA ILE K 481 23.38 -13.40 -12.93
C ILE K 481 22.42 -13.30 -11.76
N THR K 482 21.20 -13.83 -11.91
CA THR K 482 20.23 -13.77 -10.83
C THR K 482 20.66 -14.59 -9.62
N HIS K 483 21.49 -15.61 -9.83
CA HIS K 483 21.95 -16.43 -8.72
C HIS K 483 22.93 -15.61 -7.89
N LEU K 484 22.44 -15.06 -6.79
CA LEU K 484 23.20 -14.09 -5.99
C LEU K 484 24.58 -14.59 -5.57
N PRO K 485 24.75 -15.82 -5.08
CA PRO K 485 26.10 -16.24 -4.67
C PRO K 485 27.12 -16.11 -5.79
N SER K 486 26.72 -16.42 -7.02
CA SER K 486 27.62 -16.24 -8.15
C SER K 486 28.00 -14.77 -8.30
N MET K 487 27.03 -13.87 -8.16
CA MET K 487 27.32 -12.45 -8.31
C MET K 487 28.33 -12.00 -7.26
N TRP K 488 28.16 -12.47 -6.02
CA TRP K 488 29.12 -12.11 -4.97
C TRP K 488 30.51 -12.59 -5.33
N LYS K 489 30.61 -13.83 -5.82
CA LYS K 489 31.92 -14.35 -6.24
C LYS K 489 32.53 -13.46 -7.30
N CYS K 490 31.71 -13.06 -8.28
CA CYS K 490 32.21 -12.18 -9.32
C CYS K 490 32.70 -10.86 -8.74
N LEU K 491 31.97 -10.32 -7.78
CA LEU K 491 32.39 -9.08 -7.14
C LEU K 491 33.74 -9.25 -6.46
N PHE K 492 33.89 -10.30 -5.65
CA PHE K 492 35.16 -10.52 -4.97
C PHE K 492 36.28 -10.73 -5.96
N LEU K 493 36.01 -11.50 -7.02
CA LEU K 493 37.02 -11.75 -8.03
C LEU K 493 37.50 -10.44 -8.64
N THR K 494 36.57 -9.55 -8.97
CA THR K 494 36.94 -8.28 -9.56
C THR K 494 37.77 -7.44 -8.61
N LEU K 495 37.40 -7.41 -7.34
CA LEU K 495 38.15 -6.59 -6.39
C LEU K 495 39.59 -7.08 -6.25
N ALA K 496 39.78 -8.40 -6.17
CA ALA K 496 41.10 -8.94 -5.93
C ALA K 496 41.95 -9.01 -7.19
N GLY K 497 41.38 -8.76 -8.36
CA GLY K 497 42.07 -8.87 -9.61
C GLY K 497 43.42 -8.18 -9.67
N PRO K 498 43.45 -6.87 -9.45
CA PRO K 498 44.70 -6.12 -9.65
C PRO K 498 45.85 -6.59 -8.77
N MET K 499 45.57 -7.24 -7.64
CA MET K 499 46.65 -7.63 -6.75
C MET K 499 47.49 -8.78 -7.29
N THR K 500 47.11 -9.39 -8.40
CA THR K 500 47.84 -10.53 -8.94
C THR K 500 48.78 -10.09 -10.05
N SER K 501 49.86 -10.83 -10.20
CA SER K 501 50.87 -10.54 -11.21
C SER K 501 50.57 -11.16 -12.56
N ASP K 502 49.51 -11.94 -12.67
CA ASP K 502 49.19 -12.61 -13.92
C ASP K 502 48.78 -11.59 -14.97
N PRO K 503 49.45 -11.53 -16.13
CA PRO K 503 49.01 -10.60 -17.17
C PRO K 503 47.60 -10.86 -17.66
N HIS K 504 47.14 -12.10 -17.59
CA HIS K 504 45.80 -12.42 -18.06
C HIS K 504 44.73 -12.15 -17.03
N SER K 505 45.08 -11.58 -15.90
CA SER K 505 44.06 -11.30 -14.87
C SER K 505 42.93 -10.43 -15.39
N PRO K 506 43.17 -9.32 -16.08
CA PRO K 506 42.02 -8.48 -16.49
C PRO K 506 41.01 -9.21 -17.34
N VAL K 507 41.45 -9.86 -18.42
CA VAL K 507 40.51 -10.52 -19.31
C VAL K 507 39.75 -11.61 -18.57
N LYS K 508 40.41 -12.30 -17.66
CA LYS K 508 39.72 -13.29 -16.84
C LYS K 508 38.62 -12.63 -16.03
N VAL K 509 38.94 -11.49 -15.40
CA VAL K 509 37.93 -10.77 -14.63
C VAL K 509 36.78 -10.37 -15.54
N PHE K 510 37.09 -9.86 -16.72
CA PHE K 510 36.05 -9.45 -17.65
C PHE K 510 35.17 -10.62 -18.05
N MET K 511 35.78 -11.75 -18.38
CA MET K 511 35.00 -12.89 -18.82
C MET K 511 34.16 -13.48 -17.69
N ALA K 512 34.62 -13.32 -16.45
CA ALA K 512 33.86 -13.86 -15.32
C ALA K 512 32.46 -13.31 -15.30
N LEU K 513 32.32 -12.00 -15.49
CA LEU K 513 30.99 -11.42 -15.58
C LEU K 513 30.31 -11.83 -16.87
N ALA K 514 31.07 -11.91 -17.96
CA ALA K 514 30.48 -12.22 -19.27
C ALA K 514 29.77 -13.57 -19.25
N ASN K 515 30.29 -14.53 -18.49
CA ASN K 515 29.62 -15.81 -18.39
C ASN K 515 28.21 -15.67 -17.83
N LEU K 516 28.07 -14.86 -16.79
CA LEU K 516 26.77 -14.73 -16.15
C LEU K 516 25.77 -13.97 -17.01
N LEU K 517 26.24 -13.13 -17.93
CA LEU K 517 25.36 -12.33 -18.77
C LEU K 517 25.25 -12.88 -20.18
N ALA K 518 25.62 -14.14 -20.39
CA ALA K 518 25.55 -14.71 -21.73
C ALA K 518 24.13 -14.73 -22.25
N GLN K 519 23.15 -14.85 -21.36
CA GLN K 519 21.77 -14.91 -21.81
C GLN K 519 21.27 -13.55 -22.28
N PRO K 520 21.31 -12.50 -21.45
CA PRO K 520 20.70 -11.23 -21.88
C PRO K 520 21.61 -10.37 -22.75
N GLU K 521 22.93 -10.45 -22.55
CA GLU K 521 23.85 -9.56 -23.25
C GLU K 521 24.94 -10.37 -23.95
N PRO K 522 24.78 -10.64 -25.24
CA PRO K 522 25.79 -11.38 -25.99
C PRO K 522 26.87 -10.48 -26.56
N ILE K 523 28.08 -11.06 -26.66
CA ILE K 523 29.22 -10.40 -27.27
C ILE K 523 29.95 -11.41 -28.14
N ALA K 524 30.87 -10.90 -28.96
CA ALA K 524 31.60 -11.73 -29.91
C ALA K 524 32.90 -12.24 -29.29
N ILE K 525 33.20 -13.51 -29.57
CA ILE K 525 34.46 -14.13 -29.14
C ILE K 525 35.26 -14.45 -30.38
N GLY K 526 36.51 -13.99 -30.41
CA GLY K 526 37.31 -14.07 -31.62
C GLY K 526 37.62 -15.46 -32.13
N VAL K 527 38.44 -16.19 -31.39
CA VAL K 527 38.91 -17.50 -31.89
C VAL K 527 37.73 -18.47 -31.96
N PRO K 528 37.60 -19.25 -33.02
CA PRO K 528 36.54 -20.25 -33.06
C PRO K 528 36.75 -21.33 -32.02
N GLY K 529 35.65 -21.94 -31.61
CA GLY K 529 35.68 -22.98 -30.60
C GLY K 529 35.54 -22.49 -29.18
N MET K 530 35.42 -21.19 -28.97
CA MET K 530 35.22 -20.63 -27.64
C MET K 530 33.95 -19.81 -27.62
N HIS K 531 33.17 -19.97 -26.56
CA HIS K 531 31.88 -19.32 -26.45
C HIS K 531 31.82 -18.48 -25.19
N GLN K 532 30.83 -17.61 -25.12
CA GLN K 532 30.69 -16.72 -23.98
C GLN K 532 30.46 -17.48 -22.69
N THR K 533 30.06 -18.75 -22.76
CA THR K 533 29.87 -19.57 -21.59
C THR K 533 31.07 -20.43 -21.26
N THR K 534 32.17 -20.27 -21.99
CA THR K 534 33.38 -20.99 -21.66
C THR K 534 33.86 -20.56 -20.28
N PRO K 535 34.37 -21.49 -19.47
CA PRO K 535 34.90 -21.10 -18.16
C PRO K 535 35.95 -20.01 -18.30
N ALA K 536 35.74 -18.92 -17.56
CA ALA K 536 36.59 -17.74 -17.73
C ALA K 536 38.05 -18.06 -17.46
N SER K 537 38.32 -19.01 -16.58
CA SER K 537 39.69 -19.33 -16.24
C SER K 537 40.48 -19.90 -17.41
N GLN K 538 39.82 -20.30 -18.49
CA GLN K 538 40.54 -20.84 -19.63
C GLN K 538 41.17 -19.75 -20.50
N PHE K 539 40.72 -18.51 -20.37
CA PHE K 539 41.26 -17.42 -21.19
C PHE K 539 42.65 -17.06 -20.66
N SER K 540 43.63 -17.85 -21.08
CA SER K 540 45.00 -17.70 -20.62
C SER K 540 45.96 -17.69 -21.80
N HIS K 541 45.64 -16.89 -22.81
CA HIS K 541 46.47 -16.79 -23.98
C HIS K 541 46.23 -15.45 -24.64
N PRO K 542 47.28 -14.68 -24.95
CA PRO K 542 47.06 -13.34 -25.50
C PRO K 542 46.26 -13.34 -26.78
N GLY K 543 46.29 -14.42 -27.53
CA GLY K 543 45.56 -14.47 -28.77
C GLY K 543 44.08 -14.72 -28.66
N VAL K 544 43.56 -14.91 -27.46
CA VAL K 544 42.14 -15.22 -27.28
C VAL K 544 41.40 -14.09 -26.59
N TRP K 545 42.01 -12.92 -26.47
CA TRP K 545 41.30 -11.80 -25.87
C TRP K 545 40.14 -11.37 -26.77
N PRO K 546 38.95 -11.22 -26.22
CA PRO K 546 37.80 -10.87 -27.05
C PRO K 546 38.00 -9.52 -27.72
N PRO K 547 37.58 -9.38 -28.98
CA PRO K 547 37.77 -8.10 -29.66
C PRO K 547 37.09 -6.94 -28.94
N GLY K 548 35.91 -7.18 -28.38
CA GLY K 548 35.23 -6.12 -27.65
C GLY K 548 36.05 -5.64 -26.46
N PHE K 549 36.73 -6.56 -25.79
CA PHE K 549 37.59 -6.17 -24.67
C PHE K 549 38.76 -5.32 -25.15
N LEU K 550 39.24 -5.57 -26.37
CA LEU K 550 40.31 -4.75 -26.89
C LEU K 550 39.81 -3.37 -27.30
N ASN K 551 38.58 -3.28 -27.79
CA ASN K 551 38.00 -2.02 -28.24
C ASN K 551 36.54 -1.99 -27.81
N PRO K 552 36.22 -1.32 -26.73
CA PRO K 552 34.83 -1.33 -26.23
C PRO K 552 33.83 -0.77 -27.21
N GLN K 553 34.27 0.04 -28.17
CA GLN K 553 33.34 0.65 -29.10
C GLN K 553 32.64 -0.38 -29.98
N LEU K 554 33.20 -1.58 -30.10
CA LEU K 554 32.53 -2.61 -30.87
C LEU K 554 31.23 -3.05 -30.23
N ILE K 555 31.16 -3.01 -28.90
CA ILE K 555 29.97 -3.46 -28.19
C ILE K 555 28.90 -2.39 -28.31
N ASN K 556 27.80 -2.73 -28.95
CA ASN K 556 26.71 -1.78 -29.09
C ASN K 556 26.06 -1.51 -27.74
N PRO K 557 25.89 -0.25 -27.34
CA PRO K 557 25.28 0.03 -26.03
C PRO K 557 23.90 -0.56 -25.88
N GLN K 558 23.10 -0.54 -26.93
CA GLN K 558 21.72 -0.99 -26.83
C GLN K 558 21.59 -2.50 -26.80
N GLN K 559 22.68 -3.23 -27.04
CA GLN K 559 22.63 -4.69 -26.96
C GLN K 559 23.23 -5.23 -25.67
N ALA K 560 24.35 -4.69 -25.23
CA ALA K 560 25.01 -5.14 -24.00
C ALA K 560 25.44 -3.92 -23.19
N PRO K 561 24.49 -3.21 -22.58
CA PRO K 561 24.86 -2.00 -21.84
C PRO K 561 25.87 -2.26 -20.74
N LEU K 562 25.63 -3.28 -19.90
CA LEU K 562 26.50 -3.51 -18.76
C LEU K 562 27.89 -3.91 -19.21
N LEU K 563 27.99 -4.87 -20.14
CA LEU K 563 29.29 -5.37 -20.54
C LEU K 563 30.14 -4.27 -21.13
N ARG K 564 29.56 -3.41 -21.96
CA ARG K 564 30.31 -2.27 -22.47
C ARG K 564 30.77 -1.38 -21.33
N ALA K 565 29.88 -1.12 -20.36
CA ALA K 565 30.27 -0.32 -19.21
C ALA K 565 31.39 -1.00 -18.43
N PHE K 566 31.28 -2.32 -18.25
CA PHE K 566 32.29 -3.04 -17.49
C PHE K 566 33.65 -2.93 -18.16
N ALA K 567 33.68 -3.15 -19.48
CA ALA K 567 34.94 -3.08 -20.20
C ALA K 567 35.56 -1.70 -20.09
N GLU K 568 34.75 -0.66 -20.24
CA GLU K 568 35.26 0.70 -20.10
C GLU K 568 35.80 0.93 -18.70
N HIS K 569 35.09 0.41 -17.69
CA HIS K 569 35.57 0.58 -16.33
C HIS K 569 36.93 -0.05 -16.13
N ILE K 570 37.11 -1.26 -16.67
CA ILE K 570 38.38 -1.96 -16.48
C ILE K 570 39.51 -1.24 -17.20
N ARG K 571 39.29 -0.88 -18.47
CA ARG K 571 40.35 -0.23 -19.22
C ARG K 571 40.70 1.14 -18.67
N ALA K 572 39.81 1.74 -17.90
CA ALA K 572 40.03 3.08 -17.39
C ALA K 572 40.62 3.12 -15.99
N ASN K 573 40.28 2.16 -15.15
CA ASN K 573 40.66 2.24 -13.74
C ASN K 573 41.66 1.19 -13.32
N TRP K 574 42.14 0.36 -14.23
CA TRP K 574 43.17 -0.60 -13.86
C TRP K 574 44.44 0.14 -13.50
N PRO K 575 45.12 -0.22 -12.41
CA PRO K 575 46.22 0.61 -11.91
C PRO K 575 47.36 0.72 -12.91
N GLN K 576 48.23 1.69 -12.65
CA GLN K 576 49.33 2.02 -13.52
C GLN K 576 50.64 1.57 -12.89
N PRO K 577 51.43 0.74 -13.56
CA PRO K 577 52.73 0.35 -13.00
C PRO K 577 53.64 1.55 -12.80
N SER K 578 54.48 1.45 -11.78
CA SER K 578 55.42 2.52 -11.45
C SER K 578 56.75 1.89 -11.07
N GLU K 579 57.63 2.68 -10.45
CA GLU K 579 59.01 2.27 -10.28
C GLU K 579 59.59 2.96 -9.06
N PHE K 580 60.66 2.38 -8.53
CA PHE K 580 61.43 3.03 -7.47
C PHE K 580 62.82 2.39 -7.43
N GLY K 581 63.72 3.02 -6.69
CA GLY K 581 65.08 2.55 -6.54
C GLY K 581 65.29 1.78 -5.26
N TYR K 582 66.44 1.09 -5.21
CA TYR K 582 66.80 0.31 -4.04
C TYR K 582 68.30 0.06 -4.07
N GLY K 583 68.82 -0.35 -2.92
CA GLY K 583 70.23 -0.67 -2.84
C GLY K 583 71.09 0.59 -2.96
N SER K 584 72.35 0.37 -3.28
CA SER K 584 73.31 1.45 -3.45
C SER K 584 74.07 1.26 -4.76
N THR K 585 74.18 2.33 -5.53
CA THR K 585 74.94 2.26 -6.78
C THR K 585 76.40 1.98 -6.52
N LEU K 586 76.93 2.43 -5.39
CA LEU K 586 78.33 2.15 -5.08
C LEU K 586 78.60 0.66 -4.96
N GLN K 587 77.59 -0.10 -4.56
CA GLN K 587 77.75 -1.54 -4.42
C GLN K 587 77.42 -2.30 -5.69
N GLY K 588 76.68 -1.69 -6.60
CA GLY K 588 76.21 -2.40 -7.78
C GLY K 588 74.90 -3.10 -7.52
N SER K 589 74.43 -3.82 -8.54
CA SER K 589 73.16 -4.50 -8.45
C SER K 589 73.18 -5.73 -9.34
N ALA K 590 72.29 -6.67 -9.04
CA ALA K 590 72.17 -7.90 -9.78
C ALA K 590 71.00 -7.90 -10.76
N ASN K 591 70.41 -6.75 -11.02
CA ASN K 591 69.30 -6.67 -11.96
C ASN K 591 69.74 -7.14 -13.35
N LEU K 592 68.91 -7.95 -13.98
CA LEU K 592 69.19 -8.42 -15.33
C LEU K 592 68.50 -7.58 -16.39
N PHE K 593 67.16 -7.55 -16.38
CA PHE K 593 66.44 -6.79 -17.39
C PHE K 593 66.15 -5.37 -16.95
N ILE K 594 65.76 -5.19 -15.69
CA ILE K 594 65.53 -3.86 -15.13
C ILE K 594 66.87 -3.16 -15.01
N PRO K 595 66.94 -1.84 -15.20
CA PRO K 595 68.20 -1.15 -14.93
C PRO K 595 68.63 -1.36 -13.50
N PRO K 596 69.93 -1.38 -13.24
CA PRO K 596 70.41 -1.75 -11.90
C PRO K 596 69.91 -0.81 -10.82
N ASN K 597 69.72 -1.37 -9.63
CA ASN K 597 69.29 -0.65 -8.44
C ASN K 597 67.90 -0.03 -8.59
N ARG K 598 67.10 -0.55 -9.51
CA ARG K 598 65.73 -0.08 -9.67
C ARG K 598 64.79 -1.28 -9.56
N MET K 599 63.55 -0.99 -9.17
CA MET K 599 62.52 -2.02 -9.09
C MET K 599 61.22 -1.49 -9.67
N VAL K 600 60.49 -2.36 -10.35
CA VAL K 600 59.20 -2.01 -10.92
C VAL K 600 58.12 -2.36 -9.92
N TYR K 601 56.96 -1.73 -10.08
CA TYR K 601 55.92 -1.82 -9.10
C TYR K 601 54.56 -1.75 -9.79
N PRO K 602 53.65 -2.68 -9.53
CA PRO K 602 52.39 -2.70 -10.28
C PRO K 602 51.52 -1.48 -10.03
N TRP K 603 51.59 -0.88 -8.87
CA TRP K 603 50.78 0.28 -8.52
C TRP K 603 51.60 1.54 -8.60
N PRO K 604 50.96 2.70 -8.65
CA PRO K 604 51.69 3.96 -8.45
C PRO K 604 52.22 4.02 -7.02
N ASN K 605 53.33 4.74 -6.87
CA ASN K 605 54.01 4.80 -5.58
C ASN K 605 54.44 6.23 -5.30
N GLN K 606 54.75 6.48 -4.03
CA GLN K 606 55.15 7.79 -3.55
C GLN K 606 56.29 7.62 -2.56
N PRO K 607 57.08 8.66 -2.33
CA PRO K 607 58.07 8.61 -1.26
C PRO K 607 57.38 8.51 0.09
N LEU K 608 58.16 8.12 1.09
CA LEU K 608 57.62 7.92 2.41
C LEU K 608 57.09 9.23 2.97
N PRO K 609 55.92 9.23 3.60
CA PRO K 609 55.36 10.48 4.14
C PRO K 609 56.18 11.00 5.30
N ARG K 610 55.98 12.29 5.59
CA ARG K 610 56.80 12.96 6.59
C ARG K 610 56.21 12.84 8.00
N LEU K 611 55.02 13.36 8.20
CA LEU K 611 54.39 13.35 9.52
C LEU K 611 53.50 12.11 9.65
N THR K 612 52.63 12.11 10.66
CA THR K 612 51.78 10.94 10.93
C THR K 612 50.91 10.60 9.74
N VAL K 613 50.64 9.30 9.60
CA VAL K 613 49.81 8.78 8.51
C VAL K 613 48.34 8.91 8.88
N ALA K 614 47.47 8.70 7.90
CA ALA K 614 46.03 8.68 8.10
C ALA K 614 45.37 8.03 6.90
N PRO K 615 44.19 7.44 7.06
CA PRO K 615 43.48 6.90 5.90
C PRO K 615 43.21 7.99 4.88
N THR K 616 43.33 7.64 3.61
CA THR K 616 43.11 8.58 2.52
C THR K 616 42.16 7.95 1.52
N TYR K 617 41.75 8.77 0.54
CA TYR K 617 40.71 8.33 -0.38
C TYR K 617 41.01 8.70 -1.81
N ASP K 618 42.24 9.04 -2.13
CA ASP K 618 42.62 9.38 -3.49
C ASP K 618 43.68 8.43 -4.06
N SER K 619 44.07 7.41 -3.31
CA SER K 619 45.01 6.44 -3.84
C SER K 619 44.39 5.66 -4.99
N ALA K 620 45.25 5.03 -5.77
CA ALA K 620 44.76 4.26 -6.91
C ALA K 620 43.84 3.15 -6.45
N MET K 621 44.24 2.41 -5.42
CA MET K 621 43.44 1.27 -4.99
C MET K 621 42.08 1.72 -4.49
N SER K 622 42.05 2.76 -3.66
CA SER K 622 40.77 3.26 -3.17
C SER K 622 39.88 3.67 -4.33
N ASN K 623 40.46 4.34 -5.33
CA ASN K 623 39.69 4.68 -6.51
C ASN K 623 39.17 3.43 -7.20
N TRP K 624 40.02 2.42 -7.33
CA TRP K 624 39.59 1.18 -7.98
C TRP K 624 38.44 0.55 -7.22
N ILE K 625 38.53 0.56 -5.89
CA ILE K 625 37.48 -0.05 -5.08
C ILE K 625 36.15 0.67 -5.29
N SER K 626 36.17 1.99 -5.20
CA SER K 626 34.93 2.77 -5.26
C SER K 626 34.23 2.55 -6.59
N THR K 627 34.97 2.66 -7.69
CA THR K 627 34.37 2.51 -9.01
C THR K 627 33.78 1.12 -9.18
N THR K 628 34.53 0.09 -8.76
CA THR K 628 34.03 -1.27 -8.89
C THR K 628 32.73 -1.44 -8.11
N ILE K 629 32.69 -0.95 -6.88
CA ILE K 629 31.47 -1.02 -6.10
C ILE K 629 30.35 -0.26 -6.79
N ALA K 630 30.65 0.93 -7.28
CA ALA K 630 29.63 1.72 -7.96
C ALA K 630 29.08 0.98 -9.16
N PHE K 631 29.95 0.33 -9.92
CA PHE K 631 29.49 -0.40 -11.09
C PHE K 631 28.55 -1.54 -10.70
N PHE K 632 28.96 -2.36 -9.75
CA PHE K 632 28.13 -3.49 -9.36
C PHE K 632 26.78 -3.02 -8.82
N ILE K 633 26.77 -1.89 -8.11
CA ILE K 633 25.51 -1.31 -7.66
C ILE K 633 24.63 -1.00 -8.86
N ARG K 634 25.22 -0.46 -9.92
CA ARG K 634 24.46 -0.25 -11.15
C ARG K 634 23.95 -1.56 -11.70
N VAL K 635 24.73 -2.62 -11.58
CA VAL K 635 24.32 -3.92 -12.12
C VAL K 635 23.12 -4.46 -11.37
N VAL K 636 23.18 -4.47 -10.05
CA VAL K 636 22.11 -5.07 -9.27
C VAL K 636 20.82 -4.29 -9.46
N ASN K 637 20.91 -3.00 -9.71
CA ASN K 637 19.73 -2.19 -9.99
C ASN K 637 19.31 -2.23 -11.44
N SER K 638 20.02 -2.98 -12.28
CA SER K 638 19.64 -3.07 -13.68
C SER K 638 18.34 -3.84 -13.83
N VAL K 639 17.72 -3.69 -14.99
CA VAL K 639 16.42 -4.31 -15.25
C VAL K 639 16.52 -5.83 -15.15
N ASN K 640 17.69 -6.39 -15.48
CA ASN K 640 17.82 -7.84 -15.51
C ASN K 640 17.57 -8.45 -14.14
N MET K 641 17.81 -7.70 -13.06
CA MET K 641 17.59 -8.21 -11.72
C MET K 641 16.25 -7.82 -11.14
N THR K 642 15.69 -6.67 -11.56
CA THR K 642 14.42 -6.23 -11.00
C THR K 642 13.30 -7.21 -11.29
N ALA K 643 13.41 -7.94 -12.41
CA ALA K 643 12.33 -8.83 -12.80
C ALA K 643 12.15 -9.96 -11.79
N THR K 644 13.24 -10.51 -11.27
CA THR K 644 13.17 -11.70 -10.44
C THR K 644 13.60 -11.48 -9.00
N VAL K 645 14.39 -10.47 -8.71
CA VAL K 645 14.89 -10.24 -7.36
C VAL K 645 13.94 -9.29 -6.64
N ASN K 646 13.56 -9.67 -5.42
CA ASN K 646 12.67 -8.84 -4.63
C ASN K 646 13.32 -7.49 -4.33
N ASP K 647 12.50 -6.46 -4.29
CA ASP K 647 13.02 -5.11 -4.10
C ASP K 647 13.71 -4.97 -2.74
N LEU K 648 13.12 -5.57 -1.69
CA LEU K 648 13.71 -5.46 -0.37
C LEU K 648 15.11 -6.05 -0.35
N THR K 649 15.27 -7.25 -0.90
CA THR K 649 16.59 -7.83 -1.03
C THR K 649 17.49 -6.95 -1.87
N ARG K 650 16.95 -6.44 -2.98
CA ARG K 650 17.72 -5.52 -3.81
C ARG K 650 18.13 -4.29 -3.01
N ARG K 651 17.21 -3.77 -2.20
CA ARG K 651 17.56 -2.66 -1.31
C ARG K 651 18.62 -3.07 -0.32
N THR K 652 18.53 -4.27 0.22
CA THR K 652 19.51 -4.71 1.21
C THR K 652 20.87 -4.88 0.57
N MET K 653 20.94 -5.52 -0.59
CA MET K 653 22.23 -5.83 -1.19
C MET K 653 22.96 -4.56 -1.59
N THR K 654 22.26 -3.58 -2.14
CA THR K 654 22.94 -2.32 -2.44
C THR K 654 23.40 -1.64 -1.17
N GLY K 655 22.72 -1.89 -0.05
CA GLY K 655 23.15 -1.31 1.20
C GLY K 655 24.50 -1.85 1.64
N VAL K 656 24.65 -3.17 1.67
CA VAL K 656 25.88 -3.75 2.18
C VAL K 656 27.05 -3.38 1.30
N MET K 657 26.83 -3.33 -0.02
CA MET K 657 27.89 -2.87 -0.91
C MET K 657 28.26 -1.43 -0.59
N THR K 658 27.26 -0.59 -0.33
CA THR K 658 27.55 0.78 0.07
C THR K 658 28.36 0.82 1.35
N ALA K 659 28.00 -0.05 2.31
CA ALA K 659 28.72 -0.08 3.58
C ALA K 659 30.19 -0.39 3.35
N MET K 660 30.48 -1.38 2.50
CA MET K 660 31.86 -1.72 2.23
C MET K 660 32.60 -0.56 1.59
N ARG K 661 31.94 0.16 0.69
CA ARG K 661 32.60 1.26 0.01
C ARG K 661 32.92 2.42 0.94
N GLN K 662 32.38 2.43 2.16
CA GLN K 662 32.60 3.51 3.10
C GLN K 662 33.55 3.15 4.23
N VAL K 663 34.06 1.92 4.27
CA VAL K 663 34.98 1.53 5.33
C VAL K 663 36.28 2.31 5.18
N LYS K 664 36.73 2.93 6.25
CA LYS K 664 37.95 3.71 6.24
C LYS K 664 39.16 2.80 6.48
N THR K 665 39.44 1.98 5.47
CA THR K 665 40.55 1.05 5.55
C THR K 665 41.87 1.79 5.35
N MET K 666 42.93 1.23 5.94
CA MET K 666 44.26 1.81 5.82
C MET K 666 45.05 1.26 4.65
N THR K 667 44.70 0.06 4.18
CA THR K 667 45.51 -0.64 3.18
C THR K 667 45.85 0.19 1.95
N PRO K 668 44.90 0.87 1.30
CA PRO K 668 45.27 1.59 0.07
C PRO K 668 46.38 2.59 0.29
N PHE K 669 46.36 3.29 1.43
CA PHE K 669 47.45 4.21 1.73
C PHE K 669 48.76 3.46 1.88
N TYR K 670 48.72 2.32 2.59
CA TYR K 670 49.93 1.57 2.83
C TYR K 670 50.55 1.10 1.53
N ILE K 671 49.73 0.67 0.58
CA ILE K 671 50.23 0.19 -0.69
C ILE K 671 50.99 1.30 -1.41
N GLN K 672 50.42 2.49 -1.43
CA GLN K 672 51.00 3.55 -2.25
C GLN K 672 52.24 4.18 -1.63
N HIS K 673 52.32 4.22 -0.31
CA HIS K 673 53.35 5.02 0.34
C HIS K 673 54.36 4.21 1.14
N MET K 674 53.94 3.16 1.82
CA MET K 674 54.79 2.49 2.79
C MET K 674 55.33 1.16 2.30
N CYS K 675 54.50 0.36 1.64
CA CYS K 675 54.96 -0.94 1.14
C CYS K 675 56.21 -0.84 0.27
N PRO K 676 56.34 0.11 -0.66
CA PRO K 676 57.57 0.14 -1.46
C PRO K 676 58.84 0.26 -0.64
N THR K 677 58.79 1.03 0.45
CA THR K 677 59.97 1.16 1.29
C THR K 677 60.36 -0.19 1.87
N GLU K 678 59.38 -0.94 2.37
CA GLU K 678 59.67 -2.24 2.95
C GLU K 678 60.31 -3.15 1.93
N LEU K 679 59.79 -3.16 0.70
CA LEU K 679 60.40 -3.96 -0.35
C LEU K 679 61.82 -3.49 -0.64
N SER K 680 62.01 -2.18 -0.76
CA SER K 680 63.31 -1.65 -1.13
C SER K 680 64.38 -2.07 -0.13
N VAL K 681 64.03 -2.06 1.15
CA VAL K 681 64.99 -2.45 2.18
C VAL K 681 65.23 -3.95 2.15
N LEU K 682 64.16 -4.74 2.14
CA LEU K 682 64.32 -6.19 2.23
C LEU K 682 65.05 -6.77 1.03
N ALA K 683 65.03 -6.07 -0.11
CA ALA K 683 65.72 -6.58 -1.29
C ALA K 683 67.20 -6.79 -1.02
N SER K 684 67.78 -6.01 -0.12
CA SER K 684 69.19 -6.16 0.21
C SER K 684 69.43 -7.24 1.26
N VAL K 685 68.38 -7.89 1.73
CA VAL K 685 68.50 -8.83 2.84
C VAL K 685 68.32 -10.27 2.40
N THR K 686 67.36 -10.53 1.51
CA THR K 686 67.07 -11.90 1.12
C THR K 686 68.29 -12.54 0.46
N VAL K 687 68.44 -13.85 0.68
CA VAL K 687 69.57 -14.57 0.13
C VAL K 687 69.57 -14.54 -1.39
N THR K 688 68.41 -14.32 -2.00
CA THR K 688 68.31 -14.24 -3.45
C THR K 688 67.84 -12.84 -3.83
N PRO K 689 68.60 -12.08 -4.58
CA PRO K 689 68.19 -10.73 -4.93
C PRO K 689 66.94 -10.75 -5.78
N PRO K 690 66.20 -9.64 -5.82
CA PRO K 690 64.98 -9.61 -6.62
C PRO K 690 65.27 -9.85 -8.09
N PHE K 691 64.30 -10.43 -8.79
CA PHE K 691 64.45 -10.82 -10.18
C PHE K 691 63.16 -10.47 -10.89
N GLN K 692 63.15 -9.32 -11.55
CA GLN K 692 61.92 -8.74 -12.09
C GLN K 692 61.95 -8.65 -13.60
N VAL K 693 60.78 -8.37 -14.16
CA VAL K 693 60.60 -8.20 -15.59
C VAL K 693 59.44 -7.21 -15.73
N PRO K 694 59.44 -6.32 -16.73
CA PRO K 694 58.51 -5.18 -16.70
C PRO K 694 57.06 -5.58 -16.56
N PHE K 695 56.32 -4.81 -15.77
CA PHE K 695 54.89 -4.97 -15.61
C PHE K 695 54.18 -4.35 -16.80
N THR K 696 53.68 -5.17 -17.71
CA THR K 696 52.86 -4.66 -18.79
C THR K 696 51.41 -4.56 -18.32
N ARG K 697 50.65 -3.71 -18.99
CA ARG K 697 49.29 -3.39 -18.57
C ARG K 697 48.40 -3.27 -19.81
N LEU K 698 47.59 -4.29 -20.05
CA LEU K 698 46.51 -4.25 -21.05
C LEU K 698 47.03 -4.07 -22.47
N VAL K 699 48.34 -4.11 -22.69
CA VAL K 699 48.89 -4.01 -24.03
C VAL K 699 49.05 -5.42 -24.57
N GLN K 700 48.22 -5.78 -25.55
CA GLN K 700 48.21 -7.16 -26.02
C GLN K 700 49.54 -7.56 -26.62
N ASN K 701 50.14 -6.68 -27.43
CA ASN K 701 51.39 -7.04 -28.08
C ASN K 701 52.56 -7.11 -27.12
N ASP K 702 52.43 -6.55 -25.91
CA ASP K 702 53.53 -6.51 -24.97
C ASP K 702 53.42 -7.57 -23.88
N VAL K 703 52.39 -8.40 -23.91
CA VAL K 703 52.28 -9.46 -22.91
C VAL K 703 53.48 -10.37 -23.02
N ILE K 704 54.13 -10.62 -21.88
CA ILE K 704 55.32 -11.45 -21.85
C ILE K 704 54.90 -12.91 -21.70
N THR K 705 55.18 -13.70 -22.72
CA THR K 705 54.81 -15.11 -22.69
C THR K 705 55.85 -15.98 -22.01
N ASN K 706 57.12 -15.62 -22.10
CA ASN K 706 58.17 -16.50 -21.61
C ASN K 706 59.34 -15.68 -21.10
N VAL K 707 60.00 -16.20 -20.06
CA VAL K 707 61.27 -15.70 -19.59
C VAL K 707 62.28 -16.81 -19.77
N LEU K 708 63.40 -16.50 -20.40
CA LEU K 708 64.26 -17.53 -20.96
C LEU K 708 65.70 -17.38 -20.48
N VAL K 709 66.35 -18.52 -20.31
CA VAL K 709 67.76 -18.61 -19.98
C VAL K 709 68.40 -19.65 -20.88
N ALA K 710 69.66 -19.43 -21.25
CA ALA K 710 70.41 -20.36 -22.07
C ALA K 710 71.74 -20.67 -21.42
N ARG K 711 72.05 -21.96 -21.28
CA ARG K 711 73.35 -22.40 -20.82
C ARG K 711 74.36 -22.53 -21.95
N VAL K 712 73.92 -22.38 -23.21
CA VAL K 712 74.73 -22.69 -24.36
C VAL K 712 74.66 -21.54 -25.35
N ASP K 713 75.79 -21.18 -25.91
CA ASP K 713 75.82 -20.20 -27.00
C ASP K 713 75.11 -20.79 -28.21
N PRO K 714 73.96 -20.26 -28.61
CA PRO K 714 73.26 -20.83 -29.77
C PRO K 714 74.01 -20.68 -31.07
N ALA K 715 74.99 -19.79 -31.14
CA ALA K 715 75.71 -19.58 -32.39
C ALA K 715 76.64 -20.74 -32.71
N GLN K 716 77.24 -21.35 -31.69
CA GLN K 716 78.19 -22.43 -31.93
C GLN K 716 77.52 -23.55 -32.71
N ARG K 717 76.50 -24.17 -32.14
CA ARG K 717 75.68 -25.08 -32.91
C ARG K 717 74.87 -24.30 -33.94
N GLY K 718 74.37 -25.01 -34.94
CA GLY K 718 73.70 -24.34 -36.03
C GLY K 718 72.33 -23.80 -35.66
N ASP K 719 72.29 -22.85 -34.73
CA ASP K 719 71.05 -22.27 -34.25
C ASP K 719 71.14 -20.75 -34.27
N ALA K 720 71.62 -20.20 -35.38
CA ALA K 720 71.84 -18.77 -35.47
C ALA K 720 70.52 -18.00 -35.41
N ALA K 721 69.50 -18.45 -36.13
CA ALA K 721 68.29 -17.68 -36.35
C ALA K 721 67.05 -18.53 -36.12
N VAL K 722 67.02 -19.24 -35.00
CA VAL K 722 65.90 -20.09 -34.65
C VAL K 722 65.01 -19.33 -33.67
N ASP K 723 63.78 -19.82 -33.52
CA ASP K 723 62.88 -19.31 -32.49
C ASP K 723 63.58 -19.33 -31.14
N ILE K 724 63.43 -18.24 -30.40
CA ILE K 724 64.14 -18.12 -29.13
C ILE K 724 63.70 -19.20 -28.16
N ARG K 725 62.41 -19.56 -28.21
CA ARG K 725 61.92 -20.60 -27.31
C ARG K 725 62.60 -21.94 -27.57
N ALA K 726 63.04 -22.18 -28.79
CA ALA K 726 63.72 -23.43 -29.11
C ALA K 726 65.17 -23.44 -28.65
N THR K 727 65.72 -22.30 -28.25
CA THR K 727 67.13 -22.21 -27.93
C THR K 727 67.39 -21.88 -26.46
N HIS K 728 66.38 -21.53 -25.70
CA HIS K 728 66.55 -21.16 -24.30
C HIS K 728 65.56 -21.94 -23.44
N ALA K 729 66.00 -22.28 -22.24
CA ALA K 729 65.09 -22.87 -21.26
C ALA K 729 64.14 -21.80 -20.74
N THR K 730 62.95 -22.24 -20.35
CA THR K 730 61.92 -21.34 -19.86
C THR K 730 61.57 -21.68 -18.41
N PHE K 731 61.16 -20.66 -17.67
CA PHE K 731 60.68 -20.89 -16.32
C PHE K 731 59.20 -21.25 -16.34
N ALA K 732 58.76 -21.92 -15.29
CA ALA K 732 57.37 -22.35 -15.18
C ALA K 732 57.03 -22.49 -13.71
N ALA K 733 56.18 -21.60 -13.19
CA ALA K 733 55.80 -21.63 -11.79
C ALA K 733 54.58 -20.73 -11.62
N ALA K 734 53.70 -21.13 -10.71
CA ALA K 734 52.48 -20.37 -10.46
C ALA K 734 51.98 -20.65 -9.06
N LEU K 735 51.32 -19.67 -8.48
CA LEU K 735 50.75 -19.79 -7.14
C LEU K 735 49.27 -19.46 -7.22
N PRO K 736 48.38 -20.40 -6.96
CA PRO K 736 46.96 -20.08 -6.94
C PRO K 736 46.55 -19.39 -5.65
N VAL K 737 46.24 -18.11 -5.73
CA VAL K 737 45.84 -17.34 -4.56
C VAL K 737 44.33 -17.31 -4.47
N ASP K 738 43.84 -17.06 -3.26
CA ASP K 738 42.41 -17.07 -2.98
C ASP K 738 41.90 -15.64 -2.91
N PRO K 739 40.95 -15.26 -3.76
CA PRO K 739 40.43 -13.88 -3.71
C PRO K 739 39.87 -13.50 -2.35
N ALA K 740 39.22 -14.44 -1.66
CA ALA K 740 38.56 -14.12 -0.41
C ALA K 740 39.54 -13.52 0.58
N ALA K 741 40.70 -14.16 0.74
CA ALA K 741 41.72 -13.61 1.62
C ALA K 741 42.18 -12.24 1.16
N ILE K 742 42.33 -12.07 -0.15
CA ILE K 742 42.78 -10.79 -0.68
C ILE K 742 41.78 -9.70 -0.33
N VAL K 743 40.49 -9.97 -0.52
CA VAL K 743 39.48 -8.95 -0.30
C VAL K 743 39.48 -8.53 1.17
N VAL K 744 39.52 -9.51 2.08
CA VAL K 744 39.48 -9.20 3.51
C VAL K 744 40.65 -8.30 3.88
N ALA K 745 41.84 -8.61 3.39
CA ALA K 745 43.00 -7.79 3.71
C ALA K 745 42.82 -6.37 3.18
N MET K 746 42.22 -6.23 2.00
CA MET K 746 42.06 -4.91 1.42
C MET K 746 41.17 -4.03 2.30
N LEU K 747 40.12 -4.62 2.86
CA LEU K 747 39.14 -3.83 3.60
C LEU K 747 39.43 -3.73 5.08
N CYS K 748 40.13 -4.70 5.66
CA CYS K 748 40.32 -4.76 7.10
C CYS K 748 41.68 -4.22 7.53
N GLY K 749 42.31 -3.39 6.70
CA GLY K 749 43.62 -2.85 7.05
C GLY K 749 43.50 -1.65 7.95
N GLN K 750 44.21 -1.67 9.07
CA GLN K 750 44.23 -0.55 10.00
C GLN K 750 45.51 -0.63 10.81
N THR K 751 45.80 0.45 11.53
CA THR K 751 47.04 0.53 12.30
C THR K 751 46.86 1.53 13.42
N GLU K 752 47.94 1.77 14.16
CA GLU K 752 47.91 2.67 15.30
C GLU K 752 47.59 4.09 14.84
N THR K 753 46.90 4.83 15.71
CA THR K 753 46.32 6.11 15.32
C THR K 753 47.34 7.18 15.03
N ASN K 754 48.52 7.13 15.65
CA ASN K 754 49.51 8.20 15.51
C ASN K 754 50.86 7.64 15.12
N LEU K 755 50.84 6.78 14.10
CA LEU K 755 52.07 6.12 13.68
C LEU K 755 52.97 7.09 12.93
N ILE K 756 54.23 7.15 13.33
CA ILE K 756 55.28 7.82 12.56
C ILE K 756 56.06 6.75 11.83
N PRO K 757 55.95 6.65 10.50
CA PRO K 757 56.59 5.53 9.80
C PRO K 757 58.08 5.45 10.03
N SER K 758 58.76 6.59 10.07
CA SER K 758 60.20 6.59 10.20
C SER K 758 60.63 5.90 11.49
N HIS K 759 60.01 6.28 12.61
CA HIS K 759 60.39 5.68 13.87
C HIS K 759 60.09 4.20 13.89
N HIS K 760 58.91 3.80 13.39
CA HIS K 760 58.55 2.40 13.42
C HIS K 760 59.54 1.56 12.64
N TYR K 761 59.85 1.97 11.42
CA TYR K 761 60.82 1.22 10.63
C TYR K 761 62.20 1.29 11.23
N GLY K 762 62.58 2.45 11.76
CA GLY K 762 63.89 2.58 12.38
C GLY K 762 64.07 1.56 13.50
N LYS K 763 63.07 1.43 14.35
CA LYS K 763 63.11 0.39 15.37
C LYS K 763 63.18 -1.00 14.73
N ALA K 764 62.39 -1.22 13.68
CA ALA K 764 62.24 -2.55 13.14
C ALA K 764 63.50 -3.02 12.42
N PHE K 765 64.12 -2.13 11.64
CA PHE K 765 65.24 -2.54 10.80
C PHE K 765 66.57 -2.54 11.52
N ALA K 766 66.62 -2.09 12.77
CA ALA K 766 67.90 -1.99 13.48
C ALA K 766 68.70 -3.29 13.48
N PRO K 767 68.13 -4.45 13.82
CA PRO K 767 68.97 -5.66 13.87
C PRO K 767 69.49 -6.09 12.52
N LEU K 768 68.97 -5.54 11.43
CA LEU K 768 69.26 -6.07 10.11
C LEU K 768 70.61 -5.64 9.56
N PHE K 769 71.31 -4.73 10.22
CA PHE K 769 72.48 -4.12 9.60
C PHE K 769 73.64 -4.02 10.59
N ALA K 770 73.95 -5.13 11.24
CA ALA K 770 75.15 -5.24 12.05
C ALA K 770 75.81 -6.58 11.77
N SER K 771 75.89 -6.97 10.50
CA SER K 771 76.41 -8.28 10.14
C SER K 771 77.10 -8.19 8.79
N ASN K 772 78.02 -9.13 8.56
CA ASN K 772 78.73 -9.23 7.29
C ASN K 772 77.97 -10.03 6.25
N ALA K 773 76.76 -10.48 6.58
CA ALA K 773 76.05 -11.44 5.72
C ALA K 773 75.95 -10.93 4.30
N MET K 774 75.63 -9.65 4.13
CA MET K 774 75.50 -9.10 2.79
C MET K 774 76.81 -9.19 2.02
N PHE K 775 77.92 -8.85 2.68
CA PHE K 775 79.20 -8.80 1.98
C PHE K 775 79.67 -10.18 1.58
N THR K 776 79.31 -11.21 2.34
CA THR K 776 79.81 -12.55 2.05
C THR K 776 79.42 -12.97 0.64
N ARG K 777 78.17 -12.74 0.26
CA ARG K 777 77.73 -13.17 -1.06
C ARG K 777 78.49 -12.42 -2.16
N ASN K 778 78.95 -11.20 -1.87
CA ASN K 778 79.82 -10.52 -2.82
C ASN K 778 81.08 -11.33 -3.08
N GLN K 779 81.73 -11.77 -2.00
CA GLN K 779 82.97 -12.52 -2.14
C GLN K 779 82.75 -13.80 -2.92
N ARG K 780 81.66 -14.50 -2.62
CA ARG K 780 81.36 -15.72 -3.37
C ARG K 780 81.18 -15.41 -4.85
N ALA K 781 80.57 -14.28 -5.16
CA ALA K 781 80.41 -13.90 -6.56
C ALA K 781 81.75 -13.73 -7.24
N VAL K 782 82.71 -13.09 -6.56
CA VAL K 782 84.02 -12.86 -7.16
C VAL K 782 84.68 -14.18 -7.49
N ILE K 783 84.71 -15.10 -6.53
CA ILE K 783 85.28 -16.42 -6.78
C ILE K 783 84.57 -17.08 -7.93
N THR K 784 83.25 -16.92 -7.99
CA THR K 784 82.48 -17.52 -9.09
C THR K 784 82.98 -17.00 -10.42
N ARG K 785 83.26 -15.69 -10.51
CA ARG K 785 83.77 -15.14 -11.76
C ARG K 785 85.11 -15.76 -12.12
N GLU K 786 86.04 -15.78 -11.16
CA GLU K 786 87.37 -16.30 -11.44
C GLU K 786 87.31 -17.76 -11.85
N ALA K 787 86.53 -18.55 -11.12
CA ALA K 787 86.42 -19.96 -11.46
C ALA K 787 85.85 -20.15 -12.85
N PHE K 788 84.81 -19.38 -13.18
CA PHE K 788 84.19 -19.52 -14.50
C PHE K 788 85.18 -19.19 -15.61
N VAL K 789 85.90 -18.08 -15.47
CA VAL K 789 86.81 -17.67 -16.52
C VAL K 789 87.90 -18.71 -16.72
N CYS K 790 88.50 -19.17 -15.63
CA CYS K 790 89.54 -20.18 -15.74
C CYS K 790 89.02 -21.44 -16.39
N ALA K 791 87.82 -21.87 -15.98
CA ALA K 791 87.25 -23.08 -16.54
C ALA K 791 87.08 -22.96 -18.05
N ARG K 792 86.49 -21.86 -18.50
CA ARG K 792 86.36 -21.65 -19.94
C ARG K 792 87.72 -21.60 -20.59
N SER K 793 88.68 -20.91 -19.96
CA SER K 793 90.01 -20.81 -20.53
C SER K 793 90.63 -22.18 -20.73
N ALA K 794 90.57 -23.02 -19.70
CA ALA K 794 91.19 -24.34 -19.80
C ALA K 794 90.52 -25.18 -20.86
N VAL K 795 89.19 -25.23 -20.84
CA VAL K 795 88.47 -26.07 -21.79
C VAL K 795 88.77 -25.64 -23.21
N ALA K 796 88.78 -24.34 -23.46
CA ALA K 796 89.07 -23.85 -24.80
C ALA K 796 90.46 -24.24 -25.25
N GLN K 797 91.44 -24.11 -24.35
CA GLN K 797 92.81 -24.42 -24.73
C GLN K 797 92.98 -25.90 -25.07
N CYS K 798 92.16 -26.76 -24.51
CA CYS K 798 92.26 -28.18 -24.83
C CYS K 798 91.61 -28.54 -26.15
N GLN K 799 90.85 -27.63 -26.75
CA GLN K 799 90.30 -27.87 -28.07
C GLN K 799 91.29 -27.42 -29.14
N ASP K 800 90.98 -27.71 -30.40
CA ASP K 800 91.80 -27.22 -31.49
C ASP K 800 91.76 -25.70 -31.54
N ALA K 801 90.58 -25.12 -31.38
CA ALA K 801 90.41 -23.67 -31.31
C ALA K 801 89.05 -23.40 -30.70
N GLY K 802 88.91 -22.22 -30.12
CA GLY K 802 87.66 -21.87 -29.47
C GLY K 802 87.70 -20.53 -28.77
N PHE K 803 86.59 -19.80 -28.84
CA PHE K 803 86.52 -18.44 -28.31
C PHE K 803 87.73 -17.65 -28.78
N LEU K 804 88.31 -16.85 -27.89
CA LEU K 804 89.47 -16.04 -28.26
C LEU K 804 90.52 -16.10 -27.16
N VAL K 805 90.85 -17.31 -26.72
CA VAL K 805 91.83 -17.49 -25.67
C VAL K 805 93.22 -17.66 -26.29
N PRO K 806 94.27 -17.15 -25.66
CA PRO K 806 95.62 -17.45 -26.13
C PRO K 806 95.97 -18.90 -25.89
N ARG K 807 96.87 -19.41 -26.72
CA ARG K 807 97.22 -20.84 -26.73
C ARG K 807 98.73 -20.99 -26.68
N PRO K 808 99.34 -20.81 -25.52
CA PRO K 808 100.80 -20.93 -25.44
C PRO K 808 101.27 -22.37 -25.43
N LEU K 809 100.49 -23.27 -24.87
CA LEU K 809 100.84 -24.68 -24.79
C LEU K 809 100.46 -25.44 -26.05
N ASP K 810 100.25 -24.74 -27.16
CA ASP K 810 99.71 -25.39 -28.34
C ASP K 810 100.61 -26.50 -28.85
N ALA K 811 101.91 -26.43 -28.55
CA ALA K 811 102.83 -27.45 -29.02
C ALA K 811 102.55 -28.81 -28.40
N LEU K 812 102.01 -28.83 -27.19
CA LEU K 812 101.73 -30.09 -26.52
C LEU K 812 100.60 -30.84 -27.21
N ARG K 813 100.72 -32.15 -27.23
CA ARG K 813 99.72 -32.99 -27.87
C ARG K 813 98.46 -33.10 -27.02
N GLN K 814 97.32 -33.04 -27.68
CA GLN K 814 96.03 -33.34 -27.03
C GLN K 814 95.15 -33.93 -28.12
N PHE K 815 95.18 -35.27 -28.24
CA PHE K 815 94.47 -35.91 -29.33
C PHE K 815 92.97 -35.86 -29.13
N ASP K 816 92.51 -36.21 -27.93
CA ASP K 816 91.09 -36.37 -27.68
C ASP K 816 90.47 -35.02 -27.35
N VAL K 817 89.47 -34.64 -28.13
CA VAL K 817 88.76 -33.38 -27.95
C VAL K 817 87.26 -33.61 -27.75
N THR K 818 86.88 -34.82 -27.35
CA THR K 818 85.47 -35.13 -27.23
C THR K 818 84.84 -34.36 -26.07
N SER K 819 83.51 -34.30 -26.09
CA SER K 819 82.78 -33.60 -25.05
C SER K 819 83.03 -34.24 -23.69
N ALA K 820 83.17 -35.56 -23.65
CA ALA K 820 83.40 -36.23 -22.38
C ALA K 820 84.69 -35.74 -21.74
N ALA K 821 85.75 -35.57 -22.53
CA ALA K 821 86.99 -35.04 -21.99
C ALA K 821 86.76 -33.65 -21.42
N ALA K 822 86.03 -32.81 -22.14
CA ALA K 822 85.77 -31.46 -21.66
C ALA K 822 85.03 -31.48 -20.34
N ALA K 823 84.02 -32.34 -20.23
CA ALA K 823 83.26 -32.42 -18.99
C ALA K 823 84.16 -32.83 -17.83
N GLU K 824 85.02 -33.82 -18.07
CA GLU K 824 85.93 -34.25 -17.01
C GLU K 824 86.89 -33.13 -16.62
N ILE K 825 87.39 -32.40 -17.62
CA ILE K 825 88.29 -31.28 -17.32
C ILE K 825 87.58 -30.24 -16.48
N MET K 826 86.35 -29.88 -16.87
CA MET K 826 85.63 -28.86 -16.12
C MET K 826 85.39 -29.30 -14.68
N HIS K 827 85.05 -30.57 -14.50
CA HIS K 827 84.86 -31.08 -13.14
C HIS K 827 86.13 -30.94 -12.33
N ALA K 828 87.27 -31.27 -12.92
CA ALA K 828 88.53 -31.15 -12.20
C ALA K 828 88.79 -29.72 -11.78
N VAL K 829 88.54 -28.78 -12.68
CA VAL K 829 88.74 -27.37 -12.35
C VAL K 829 87.82 -26.96 -11.22
N ASN K 830 86.55 -27.36 -11.33
CA ASN K 830 85.58 -26.99 -10.30
C ASN K 830 86.00 -27.53 -8.94
N ASP K 831 86.43 -28.80 -8.91
CA ASP K 831 86.87 -29.38 -7.65
C ASP K 831 88.10 -28.66 -7.12
N ALA K 832 89.01 -28.27 -8.00
CA ALA K 832 90.21 -27.57 -7.57
C ALA K 832 89.86 -26.28 -6.85
N PHE K 833 88.98 -25.48 -7.44
CA PHE K 833 88.61 -24.21 -6.81
C PHE K 833 87.89 -24.44 -5.49
N LYS K 834 86.96 -25.40 -5.45
CA LYS K 834 86.23 -25.64 -4.22
C LYS K 834 87.18 -26.04 -3.11
N THR K 835 88.14 -26.91 -3.41
CA THR K 835 89.15 -27.25 -2.42
C THR K 835 89.99 -26.05 -2.05
N ALA K 836 90.37 -25.24 -3.05
CA ALA K 836 91.30 -24.15 -2.81
C ALA K 836 90.71 -23.13 -1.84
N PHE K 837 89.50 -22.66 -2.11
CA PHE K 837 88.89 -21.61 -1.31
C PHE K 837 87.95 -22.15 -0.26
N ASP K 838 87.88 -23.47 -0.11
CA ASP K 838 87.09 -24.10 0.94
C ASP K 838 85.61 -23.70 0.82
N LEU K 839 85.00 -24.12 -0.28
CA LEU K 839 83.59 -23.91 -0.51
C LEU K 839 82.87 -25.25 -0.44
N ASP K 840 81.59 -25.19 -0.09
CA ASP K 840 80.78 -26.39 0.03
C ASP K 840 79.55 -26.37 -0.87
N GLY K 841 79.03 -25.20 -1.21
CA GLY K 841 77.85 -25.13 -2.04
C GLY K 841 78.15 -25.53 -3.46
N ALA K 842 77.14 -25.39 -4.31
CA ALA K 842 77.25 -25.72 -5.72
C ALA K 842 77.93 -24.56 -6.43
N LEU K 843 79.15 -24.79 -6.90
CA LEU K 843 79.91 -23.79 -7.65
C LEU K 843 80.15 -24.29 -9.05
N LEU K 844 79.83 -23.46 -10.05
CA LEU K 844 80.13 -23.75 -11.44
C LEU K 844 79.36 -24.96 -11.95
N ASP K 845 78.53 -25.55 -11.11
CA ASP K 845 77.76 -26.71 -11.52
C ASP K 845 76.60 -26.29 -12.40
N GLY K 846 75.91 -27.28 -12.95
CA GLY K 846 74.77 -27.00 -13.79
C GLY K 846 75.13 -26.62 -15.20
N LEU K 847 76.33 -26.06 -15.39
CA LEU K 847 76.77 -25.76 -16.75
C LEU K 847 76.89 -27.02 -17.58
N ALA K 848 77.32 -28.11 -16.96
CA ALA K 848 77.41 -29.39 -17.63
C ALA K 848 76.11 -30.15 -17.65
N LEU K 849 74.98 -29.46 -17.44
CA LEU K 849 73.69 -30.14 -17.45
C LEU K 849 73.43 -30.81 -18.79
N TYR K 850 73.65 -30.10 -19.88
CA TYR K 850 73.49 -30.69 -21.20
C TYR K 850 74.68 -31.55 -21.60
N GLY K 851 75.78 -31.48 -20.86
CA GLY K 851 76.90 -32.37 -21.09
C GLY K 851 77.90 -31.92 -22.14
N ASP K 852 77.84 -30.67 -22.59
CA ASP K 852 78.80 -30.15 -23.56
C ASP K 852 79.32 -28.81 -23.09
N PRO K 853 80.31 -28.81 -22.19
CA PRO K 853 80.91 -27.54 -21.74
C PRO K 853 81.62 -26.80 -22.85
N ARG K 854 81.93 -27.44 -23.97
CA ARG K 854 82.72 -26.81 -25.01
C ARG K 854 82.06 -25.57 -25.57
N ILE K 855 80.75 -25.41 -25.37
CA ILE K 855 80.04 -24.26 -25.92
C ILE K 855 79.28 -23.56 -24.82
N ALA K 856 79.77 -23.68 -23.59
CA ALA K 856 79.08 -23.10 -22.46
C ALA K 856 79.09 -21.58 -22.53
N ASP K 857 77.91 -20.98 -22.46
CA ASP K 857 77.79 -19.53 -22.40
C ASP K 857 76.43 -19.18 -21.81
N LEU K 858 76.37 -18.04 -21.12
CA LEU K 858 75.19 -17.64 -20.38
C LEU K 858 74.49 -16.48 -21.05
N SER K 859 73.18 -16.59 -21.17
CA SER K 859 72.37 -15.52 -21.76
C SER K 859 70.95 -15.62 -21.22
N ALA K 860 70.29 -14.48 -21.14
CA ALA K 860 68.92 -14.39 -20.65
C ALA K 860 68.08 -13.56 -21.60
N ALA K 861 66.79 -13.86 -21.65
CA ALA K 861 65.90 -13.18 -22.56
C ALA K 861 64.47 -13.39 -22.13
N TYR K 862 63.58 -12.55 -22.67
CA TYR K 862 62.15 -12.77 -22.51
C TYR K 862 61.44 -12.38 -23.80
N LEU K 863 60.30 -13.01 -24.03
CA LEU K 863 59.58 -12.92 -25.29
C LEU K 863 58.24 -12.26 -25.08
N GLN K 864 57.92 -11.27 -25.91
CA GLN K 864 56.63 -10.61 -25.87
C GLN K 864 55.74 -11.15 -26.99
N TYR K 865 54.43 -11.12 -26.73
CA TYR K 865 53.48 -11.71 -27.67
C TYR K 865 53.57 -11.07 -29.04
N GLY K 866 53.94 -9.80 -29.11
CA GLY K 866 54.04 -9.12 -30.38
C GLY K 866 55.26 -9.54 -31.17
N GLY K 867 55.86 -10.68 -30.81
CA GLY K 867 57.03 -11.18 -31.49
C GLY K 867 58.33 -10.50 -31.11
N ASN K 868 58.27 -9.33 -30.51
CA ASN K 868 59.49 -8.66 -30.08
C ASN K 868 60.15 -9.45 -28.95
N VAL K 869 61.48 -9.52 -28.99
CA VAL K 869 62.25 -10.28 -28.03
C VAL K 869 63.34 -9.39 -27.45
N VAL K 870 63.49 -9.42 -26.13
CA VAL K 870 64.55 -8.73 -25.44
C VAL K 870 65.54 -9.76 -24.94
N ARG K 871 66.80 -9.61 -25.30
CA ARG K 871 67.83 -10.55 -24.90
C ARG K 871 69.08 -9.79 -24.50
N GLU K 872 69.93 -10.45 -23.72
CA GLU K 872 71.19 -9.84 -23.34
C GLU K 872 72.16 -10.93 -22.91
N HIS K 873 73.43 -10.70 -23.20
CA HIS K 873 74.48 -11.62 -22.77
C HIS K 873 74.95 -11.27 -21.38
N VAL K 874 75.61 -12.22 -20.74
CA VAL K 874 76.19 -11.99 -19.42
C VAL K 874 77.67 -12.38 -19.50
N PRO K 875 78.49 -11.60 -20.20
CA PRO K 875 79.90 -11.96 -20.31
C PRO K 875 80.59 -11.80 -18.97
N PRO K 876 81.65 -12.54 -18.72
CA PRO K 876 82.39 -12.39 -17.46
C PRO K 876 83.16 -11.09 -17.42
N GLY K 877 83.57 -10.72 -16.21
CA GLY K 877 84.35 -9.53 -16.00
C GLY K 877 85.82 -9.75 -16.22
N PRO K 878 86.62 -8.72 -16.00
CA PRO K 878 88.07 -8.84 -16.20
C PRO K 878 88.76 -9.55 -15.05
N SER K 879 88.80 -10.89 -15.09
CA SER K 879 89.42 -11.65 -14.02
C SER K 879 90.91 -11.38 -13.94
N HIS K 880 91.48 -11.70 -12.79
CA HIS K 880 92.92 -11.57 -12.55
C HIS K 880 93.67 -12.88 -12.74
N ILE K 881 93.18 -13.95 -12.11
CA ILE K 881 93.89 -15.22 -12.10
C ILE K 881 94.15 -15.70 -13.53
N HIS K 882 93.21 -15.41 -14.44
CA HIS K 882 93.38 -15.79 -15.84
C HIS K 882 94.68 -15.25 -16.39
N ARG K 883 95.00 -13.99 -16.09
CA ARG K 883 96.28 -13.44 -16.51
C ARG K 883 97.43 -14.24 -15.94
N THR K 884 97.38 -14.49 -14.63
CA THR K 884 98.48 -15.16 -13.97
C THR K 884 98.71 -16.54 -14.57
N LEU K 885 97.62 -17.28 -14.77
CA LEU K 885 97.76 -18.61 -15.36
C LEU K 885 98.43 -18.54 -16.72
N GLN K 886 98.10 -17.51 -17.50
CA GLN K 886 98.75 -17.35 -18.80
C GLN K 886 100.25 -17.18 -18.64
N GLN K 887 100.67 -16.35 -17.70
CA GLN K 887 102.10 -16.16 -17.48
C GLN K 887 102.77 -17.45 -17.05
N VAL K 888 102.12 -18.21 -16.17
CA VAL K 888 102.68 -19.48 -15.75
C VAL K 888 102.86 -20.40 -16.94
N GLU K 889 101.86 -20.46 -17.81
CA GLU K 889 101.96 -21.31 -19.00
C GLU K 889 103.14 -20.88 -19.86
N SER K 890 103.26 -19.57 -20.11
CA SER K 890 104.36 -19.09 -20.93
C SER K 890 105.70 -19.44 -20.29
N THR K 891 105.78 -19.33 -18.97
CA THR K 891 107.01 -19.68 -18.28
C THR K 891 107.32 -21.17 -18.42
N PHE K 892 106.28 -22.01 -18.34
CA PHE K 892 106.52 -23.45 -18.36
C PHE K 892 107.20 -23.89 -19.63
N MET K 893 106.82 -23.31 -20.77
CA MET K 893 107.44 -23.69 -22.02
C MET K 893 108.91 -23.33 -22.07
N ALA K 894 109.39 -22.51 -21.14
CA ALA K 894 110.80 -22.18 -21.07
C ALA K 894 111.55 -23.01 -20.03
N GLU K 895 110.89 -23.43 -18.96
CA GLU K 895 111.55 -24.12 -17.86
C GLU K 895 110.97 -25.51 -17.62
N MET K 896 110.52 -26.17 -18.70
CA MET K 896 109.82 -27.44 -18.53
C MET K 896 110.70 -28.50 -17.90
N ASN K 897 112.02 -28.38 -18.05
CA ASN K 897 112.90 -29.39 -17.46
C ASN K 897 112.75 -29.45 -15.95
N LEU K 898 112.43 -28.33 -15.32
CA LEU K 898 112.27 -28.32 -13.87
C LEU K 898 111.09 -29.15 -13.40
N PHE K 899 110.21 -29.55 -14.32
CA PHE K 899 109.08 -30.40 -14.00
C PHE K 899 109.26 -31.82 -14.51
N ASN K 900 110.51 -32.24 -14.70
CA ASN K 900 110.81 -33.58 -15.19
C ASN K 900 110.17 -33.84 -16.54
N VAL K 901 110.04 -32.81 -17.36
CA VAL K 901 109.48 -32.91 -18.70
C VAL K 901 110.51 -32.39 -19.69
N ALA K 902 110.74 -33.16 -20.74
CA ALA K 902 111.73 -32.83 -21.76
C ALA K 902 111.03 -32.54 -23.08
N ARG K 903 111.81 -32.04 -24.03
CA ARG K 903 111.32 -31.76 -25.37
C ARG K 903 112.32 -32.30 -26.39
N GLY K 904 111.81 -32.73 -27.53
CA GLY K 904 112.62 -33.26 -28.60
C GLY K 904 112.42 -34.75 -28.78
N ASN K 905 113.10 -35.27 -29.80
CA ASN K 905 112.95 -36.67 -30.16
C ASN K 905 113.99 -37.52 -29.42
N LEU K 906 113.94 -38.82 -29.67
CA LEU K 906 114.79 -39.79 -29.01
C LEU K 906 115.64 -40.51 -30.04
N TYR K 907 116.90 -40.73 -29.70
CA TYR K 907 117.84 -41.45 -30.56
C TYR K 907 118.25 -42.76 -29.92
N LEU K 908 118.29 -43.81 -30.73
CA LEU K 908 118.74 -45.13 -30.29
C LEU K 908 119.89 -45.56 -31.19
N VAL K 909 121.12 -45.36 -30.73
CA VAL K 909 122.30 -45.77 -31.48
C VAL K 909 123.25 -46.47 -30.53
N GLN K 910 123.74 -47.64 -30.94
CA GLN K 910 124.70 -48.37 -30.12
C GLN K 910 126.01 -47.59 -30.07
N THR K 911 126.28 -46.96 -28.94
CA THR K 911 127.49 -46.20 -28.75
C THR K 911 128.31 -46.85 -27.63
N ALA K 912 129.54 -47.21 -27.93
CA ALA K 912 130.44 -47.84 -26.98
C ALA K 912 131.51 -46.82 -26.61
N THR K 913 131.23 -46.03 -25.59
CA THR K 913 132.13 -44.97 -25.17
C THR K 913 132.97 -45.41 -23.98
N ASN K 914 134.04 -44.66 -23.75
CA ASN K 914 134.93 -44.91 -22.63
C ASN K 914 135.20 -43.67 -21.80
N GLY K 915 134.82 -42.49 -22.26
CA GLY K 915 135.01 -41.27 -21.51
C GLY K 915 133.71 -40.70 -20.98
N ASN K 916 133.57 -39.38 -20.99
CA ASN K 916 132.35 -38.76 -20.51
C ASN K 916 131.19 -39.05 -21.45
N TRP K 917 129.98 -38.97 -20.90
CA TRP K 917 128.78 -39.30 -21.66
C TRP K 917 127.61 -38.54 -21.04
N SER K 918 127.04 -37.61 -21.80
CA SER K 918 125.95 -36.76 -21.33
C SER K 918 124.77 -36.89 -22.29
N PRO K 919 123.90 -37.86 -22.10
CA PRO K 919 122.77 -38.02 -23.02
C PRO K 919 121.84 -36.83 -23.05
N MET K 920 121.67 -36.13 -21.92
CA MET K 920 120.75 -35.01 -21.86
C MET K 920 121.33 -33.73 -22.43
N ALA K 921 122.64 -33.67 -22.64
CA ALA K 921 123.29 -32.50 -23.20
C ALA K 921 124.22 -32.94 -24.33
N PRO K 922 123.67 -33.35 -25.46
CA PRO K 922 124.51 -33.77 -26.57
C PRO K 922 125.41 -32.63 -27.03
N VAL K 923 126.63 -32.97 -27.42
CA VAL K 923 127.60 -31.99 -27.87
C VAL K 923 127.63 -31.88 -29.39
N ALA K 924 127.56 -33.01 -30.08
CA ALA K 924 127.62 -33.02 -31.54
C ALA K 924 126.21 -32.88 -32.12
N ALA K 925 126.17 -32.54 -33.40
CA ALA K 925 124.89 -32.43 -34.08
C ALA K 925 124.23 -33.80 -34.18
N PRO K 926 122.90 -33.85 -34.09
CA PRO K 926 122.22 -35.14 -34.18
C PRO K 926 122.40 -35.75 -35.55
N PRO K 927 122.49 -37.06 -35.65
CA PRO K 927 122.59 -37.71 -36.96
C PRO K 927 121.23 -37.90 -37.60
N PHE K 928 121.26 -38.01 -38.93
CA PHE K 928 120.14 -38.34 -39.79
C PHE K 928 118.82 -37.69 -39.34
N VAL K 929 118.78 -36.36 -39.35
CA VAL K 929 117.51 -35.67 -39.11
C VAL K 929 116.46 -36.17 -40.10
N ARG K 930 115.20 -36.09 -39.70
CA ARG K 930 114.12 -36.61 -40.54
C ARG K 930 114.14 -35.93 -41.90
N GLY K 931 113.92 -36.73 -42.94
CA GLY K 931 113.98 -36.24 -44.30
C GLY K 931 115.37 -36.19 -44.89
N GLY K 932 116.39 -36.59 -44.14
CA GLY K 932 117.74 -36.58 -44.65
C GLY K 932 117.96 -37.70 -45.65
N PRO K 933 119.15 -37.74 -46.21
CA PRO K 933 119.45 -38.77 -47.22
C PRO K 933 119.36 -40.16 -46.63
N ASN K 934 118.79 -41.07 -47.41
CA ASN K 934 118.72 -42.49 -47.04
C ASN K 934 118.06 -42.69 -45.68
N VAL K 935 117.03 -41.92 -45.40
CA VAL K 935 116.28 -42.04 -44.15
C VAL K 935 114.87 -42.48 -44.51
N ARG K 936 114.44 -43.60 -43.95
CA ARG K 936 113.14 -44.17 -44.24
C ARG K 936 112.22 -43.96 -43.05
N VAL K 937 110.98 -43.59 -43.33
CA VAL K 937 109.96 -43.40 -42.30
C VAL K 937 109.08 -44.63 -42.27
N VAL K 938 108.90 -45.19 -41.07
CA VAL K 938 108.11 -46.41 -40.96
C VAL K 938 106.68 -46.16 -41.39
N GLY K 939 106.01 -47.21 -41.85
CA GLY K 939 104.66 -47.08 -42.33
C GLY K 939 103.68 -46.75 -41.23
N ARG K 940 102.46 -46.43 -41.65
CA ARG K 940 101.41 -46.07 -40.70
C ARG K 940 101.00 -47.26 -39.84
N PHE K 941 101.04 -48.46 -40.40
CA PHE K 941 100.65 -49.66 -39.65
C PHE K 941 101.79 -50.26 -38.87
N GLY K 942 103.04 -50.07 -39.31
CA GLY K 942 104.15 -50.74 -38.68
C GLY K 942 104.28 -52.20 -39.04
N THR K 943 103.59 -52.66 -40.07
CA THR K 943 103.62 -54.06 -40.44
C THR K 943 104.98 -54.44 -41.02
N ILE K 944 105.28 -55.73 -40.97
CA ILE K 944 106.53 -56.29 -41.48
C ILE K 944 106.20 -57.49 -42.34
N VAL K 945 107.10 -57.81 -43.26
CA VAL K 945 106.88 -58.92 -44.18
C VAL K 945 108.13 -59.79 -44.27
N PRO K 946 107.99 -61.11 -44.19
CA PRO K 946 109.15 -61.99 -44.31
C PRO K 946 109.37 -62.45 -45.74
N ARG K 947 110.59 -62.92 -45.99
CA ARG K 947 110.97 -63.44 -47.29
C ARG K 947 111.54 -64.84 -47.14
N PRO K 948 111.41 -65.67 -48.16
CA PRO K 948 111.83 -67.08 -48.04
C PRO K 948 113.29 -67.30 -48.44
N ASP K 949 113.84 -68.38 -47.89
CA ASP K 949 115.11 -68.94 -48.33
C ASP K 949 116.24 -67.92 -48.27
N GLY K 950 116.55 -67.50 -47.05
CA GLY K 950 117.70 -66.66 -46.79
C GLY K 950 117.45 -65.17 -46.81
N LEU K 951 116.59 -64.70 -47.70
CA LEU K 951 116.30 -63.28 -47.76
C LEU K 951 115.67 -62.83 -46.45
N GLU K 952 116.24 -61.78 -45.87
CA GLU K 952 115.78 -61.35 -44.56
C GLU K 952 114.58 -60.42 -44.70
N PRO K 953 113.76 -60.31 -43.66
CA PRO K 953 112.50 -59.57 -43.78
C PRO K 953 112.70 -58.12 -44.14
N GLN K 954 111.60 -57.47 -44.50
CA GLN K 954 111.59 -56.08 -44.88
C GLN K 954 110.45 -55.36 -44.17
N LEU K 955 110.58 -54.04 -44.06
CA LEU K 955 109.66 -53.21 -43.31
C LEU K 955 108.92 -52.27 -44.24
N ILE K 956 107.62 -52.13 -44.02
CA ILE K 956 106.79 -51.27 -44.85
C ILE K 956 106.98 -49.82 -44.42
N ASP K 957 107.34 -48.96 -45.36
CA ASP K 957 107.54 -47.56 -45.06
C ASP K 957 106.23 -46.80 -45.23
N ASP K 958 106.30 -45.47 -45.05
CA ASP K 958 105.13 -44.64 -45.28
C ASP K 958 104.66 -44.71 -46.72
N GLY K 959 105.56 -45.02 -47.65
CA GLY K 959 105.19 -45.17 -49.03
C GLY K 959 104.51 -46.48 -49.36
N ASN K 960 104.24 -47.30 -48.36
CA ASN K 960 103.58 -48.58 -48.53
C ASN K 960 104.40 -49.50 -49.45
N VAL K 961 105.71 -49.41 -49.33
CA VAL K 961 106.60 -50.31 -50.07
C VAL K 961 107.64 -50.85 -49.10
N PRO K 962 107.82 -52.16 -49.01
CA PRO K 962 108.77 -52.72 -48.06
C PRO K 962 110.18 -52.25 -48.34
N ARG K 963 110.93 -52.00 -47.27
CA ARG K 963 112.31 -51.56 -47.36
C ARG K 963 113.16 -52.37 -46.40
N ASP K 964 114.47 -52.30 -46.61
CA ASP K 964 115.40 -53.05 -45.78
C ASP K 964 115.49 -52.45 -44.39
N ILE K 965 115.92 -53.29 -43.44
CA ILE K 965 116.01 -52.86 -42.06
C ILE K 965 117.30 -52.09 -41.81
N ALA K 966 118.42 -52.63 -42.28
CA ALA K 966 119.71 -52.00 -42.03
C ALA K 966 119.72 -50.58 -42.57
N GLY K 967 120.16 -49.64 -41.74
CA GLY K 967 120.16 -48.26 -42.12
C GLY K 967 119.58 -47.35 -41.06
N ASP K 968 118.86 -46.32 -41.48
CA ASP K 968 118.25 -45.37 -40.57
C ASP K 968 116.73 -45.40 -40.71
N TRP K 969 116.05 -45.09 -39.63
CA TRP K 969 114.60 -45.18 -39.59
C TRP K 969 114.04 -44.14 -38.65
N VAL K 970 112.76 -43.82 -38.84
CA VAL K 970 112.05 -42.86 -38.02
C VAL K 970 110.76 -43.51 -37.53
N TYR K 971 110.58 -43.56 -36.22
CA TYR K 971 109.41 -44.18 -35.63
C TYR K 971 108.55 -43.13 -34.95
N PRO K 972 107.39 -42.78 -35.50
CA PRO K 972 106.42 -42.04 -34.70
C PRO K 972 106.01 -42.85 -33.49
N SER K 973 105.86 -42.17 -32.36
CA SER K 973 105.57 -42.87 -31.11
C SER K 973 104.26 -43.65 -31.22
N ASP K 974 103.28 -43.09 -31.92
CA ASP K 974 101.99 -43.76 -32.07
C ASP K 974 102.16 -45.10 -32.78
N VAL K 975 102.94 -45.12 -33.86
CA VAL K 975 103.20 -46.38 -34.55
C VAL K 975 103.86 -47.37 -33.61
N LEU K 976 104.79 -46.89 -32.79
CA LEU K 976 105.47 -47.78 -31.87
C LEU K 976 104.49 -48.38 -30.87
N GLN K 977 103.54 -47.59 -30.38
CA GLN K 977 102.62 -48.08 -29.37
C GLN K 977 101.75 -49.24 -29.86
N VAL K 978 101.56 -49.36 -31.17
CA VAL K 978 100.72 -50.42 -31.71
C VAL K 978 101.53 -51.52 -32.36
N SER K 979 102.86 -51.41 -32.34
CA SER K 979 103.68 -52.42 -32.99
C SER K 979 104.95 -52.74 -32.22
N VAL K 980 105.01 -52.46 -30.92
CA VAL K 980 106.26 -52.64 -30.19
C VAL K 980 106.72 -54.09 -30.26
N ALA K 981 105.78 -55.03 -30.37
CA ALA K 981 106.14 -56.43 -30.36
C ALA K 981 107.06 -56.76 -31.52
N VAL K 982 106.68 -56.39 -32.74
CA VAL K 982 107.53 -56.69 -33.88
C VAL K 982 108.82 -55.88 -33.80
N PHE K 983 108.74 -54.66 -33.28
CA PHE K 983 109.94 -53.83 -33.18
C PHE K 983 111.00 -54.51 -32.34
N CYS K 984 110.63 -54.96 -31.15
CA CYS K 984 111.62 -55.55 -30.26
C CYS K 984 112.03 -56.91 -30.69
N ASP K 985 111.54 -57.40 -31.83
CA ASP K 985 111.94 -58.70 -32.33
C ASP K 985 112.69 -58.66 -33.65
N TYR K 986 112.57 -57.61 -34.40
CA TYR K 986 113.31 -57.52 -35.64
C TYR K 986 114.19 -56.29 -35.73
N VAL K 987 113.68 -55.14 -35.33
CA VAL K 987 114.46 -53.91 -35.42
C VAL K 987 115.45 -53.84 -34.27
N TRP K 988 114.95 -54.00 -33.04
CA TRP K 988 115.79 -53.84 -31.86
C TRP K 988 117.04 -54.71 -31.89
N PRO K 989 116.97 -56.00 -32.20
CA PRO K 989 118.22 -56.77 -32.25
C PRO K 989 119.22 -56.22 -33.26
N MET K 990 118.73 -55.78 -34.41
CA MET K 990 119.64 -55.23 -35.41
C MET K 990 120.29 -53.96 -34.90
N VAL K 991 119.60 -53.21 -34.06
CA VAL K 991 120.21 -52.04 -33.43
C VAL K 991 121.36 -52.48 -32.53
N LYS K 992 121.11 -53.48 -31.68
CA LYS K 992 122.15 -53.96 -30.78
C LYS K 992 123.34 -54.49 -31.55
N ALA K 993 123.13 -54.91 -32.79
CA ALA K 993 124.24 -55.28 -33.65
C ALA K 993 125.01 -54.07 -34.17
N GLY K 994 124.52 -52.86 -33.93
CA GLY K 994 125.15 -51.69 -34.47
C GLY K 994 125.11 -51.62 -35.97
N ARG K 995 124.03 -52.09 -36.58
CA ARG K 995 123.87 -52.03 -38.01
C ARG K 995 122.68 -51.21 -38.44
N THR K 996 121.95 -50.61 -37.50
CA THR K 996 120.85 -49.72 -37.83
C THR K 996 120.64 -48.74 -36.69
N ARG K 997 120.19 -47.55 -37.05
CA ARG K 997 119.97 -46.47 -36.09
C ARG K 997 118.53 -46.00 -36.19
N VAL K 998 117.91 -45.81 -35.03
CA VAL K 998 116.47 -45.53 -34.95
C VAL K 998 116.26 -44.18 -34.29
N LEU K 999 115.30 -43.43 -34.81
CA LEU K 999 114.87 -42.17 -34.23
C LEU K 999 113.40 -42.30 -33.85
N VAL K 1000 113.09 -42.01 -32.60
CA VAL K 1000 111.72 -42.07 -32.11
C VAL K 1000 111.21 -40.65 -31.96
N GLU K 1001 110.10 -40.36 -32.63
CA GLU K 1001 109.54 -39.01 -32.66
C GLU K 1001 108.46 -38.87 -31.61
N LEU K 1002 108.64 -37.92 -30.70
CA LEU K 1002 107.62 -37.55 -29.73
C LEU K 1002 108.00 -36.17 -29.19
N GLY K 1003 107.11 -35.21 -29.34
CA GLY K 1003 107.46 -33.83 -29.06
C GLY K 1003 107.94 -33.58 -27.65
N HIS K 1004 107.16 -34.03 -26.67
CA HIS K 1004 107.50 -33.87 -25.27
C HIS K 1004 107.14 -35.13 -24.53
N TYR K 1005 107.79 -35.34 -23.40
CA TYR K 1005 107.62 -36.58 -22.65
C TYR K 1005 108.21 -36.38 -21.25
N VAL K 1006 108.12 -37.44 -20.45
CA VAL K 1006 108.62 -37.44 -19.09
C VAL K 1006 109.84 -38.34 -19.03
N TYR K 1007 110.94 -37.81 -18.50
CA TYR K 1007 112.20 -38.53 -18.48
C TYR K 1007 112.52 -39.00 -17.08
N THR K 1008 113.42 -39.98 -17.01
CA THR K 1008 113.89 -40.52 -15.76
C THR K 1008 115.38 -40.82 -15.90
N LEU K 1009 116.11 -40.63 -14.81
CA LEU K 1009 117.56 -40.77 -14.80
C LEU K 1009 117.96 -41.91 -13.88
N HIS K 1010 119.05 -42.58 -14.23
CA HIS K 1010 119.61 -43.65 -13.42
C HIS K 1010 121.12 -43.50 -13.42
N TYR K 1011 121.66 -42.94 -12.34
CA TYR K 1011 123.10 -42.74 -12.26
C TYR K 1011 123.81 -44.05 -11.97
N TYR K 1012 125.11 -44.06 -12.23
CA TYR K 1012 125.90 -45.27 -12.08
C TYR K 1012 127.35 -44.91 -11.85
N ASP K 1013 128.10 -45.88 -11.35
CA ASP K 1013 129.54 -45.70 -11.15
C ASP K 1013 130.25 -45.84 -12.48
N PRO K 1014 131.04 -44.85 -12.91
CA PRO K 1014 131.76 -44.95 -14.17
C PRO K 1014 133.02 -45.81 -14.12
N GLN K 1015 133.22 -46.57 -13.05
CA GLN K 1015 134.45 -47.39 -12.91
C GLN K 1015 134.23 -48.86 -13.20
N ILE K 1016 132.98 -49.30 -13.30
CA ILE K 1016 132.68 -50.71 -13.46
C ILE K 1016 131.93 -50.90 -14.76
N SER K 1017 131.95 -52.15 -15.24
CA SER K 1017 131.29 -52.45 -16.51
C SER K 1017 129.78 -52.23 -16.39
N LEU K 1018 129.17 -51.83 -17.50
CA LEU K 1018 127.75 -51.55 -17.50
C LEU K 1018 127.22 -51.65 -18.92
N ASP K 1019 126.05 -52.25 -19.06
CA ASP K 1019 125.34 -52.31 -20.33
C ASP K 1019 123.95 -51.74 -20.14
N GLU K 1020 123.56 -50.79 -20.98
CA GLU K 1020 122.27 -50.14 -20.85
C GLU K 1020 121.14 -50.94 -21.48
N ALA K 1021 121.47 -51.93 -22.31
CA ALA K 1021 120.44 -52.67 -23.04
C ALA K 1021 119.33 -53.23 -22.16
N PRO K 1022 119.61 -53.89 -21.03
CA PRO K 1022 118.49 -54.44 -20.25
C PRO K 1022 117.48 -53.40 -19.84
N ILE K 1023 117.94 -52.20 -19.50
CA ILE K 1023 117.02 -51.15 -19.07
C ILE K 1023 116.08 -50.78 -20.20
N LEU K 1024 116.62 -50.59 -21.40
CA LEU K 1024 115.79 -50.22 -22.54
C LEU K 1024 114.80 -51.31 -22.86
N GLU K 1025 115.25 -52.57 -22.87
CA GLU K 1025 114.35 -53.67 -23.15
C GLU K 1025 113.24 -53.73 -22.13
N GLU K 1026 113.57 -53.54 -20.86
CA GLU K 1026 112.55 -53.47 -19.82
C GLU K 1026 111.61 -52.31 -20.09
N TRP K 1027 112.14 -51.18 -20.56
CA TRP K 1027 111.28 -50.06 -20.90
C TRP K 1027 110.34 -50.40 -22.04
N LEU K 1028 110.87 -51.09 -23.06
CA LEU K 1028 110.04 -51.45 -24.20
C LEU K 1028 108.91 -52.37 -23.79
N SER K 1029 109.18 -53.28 -22.85
CA SER K 1029 108.21 -54.30 -22.50
C SER K 1029 106.94 -53.74 -21.89
N LYS K 1030 106.94 -52.48 -21.47
CA LYS K 1030 105.79 -51.88 -20.82
C LYS K 1030 105.11 -50.81 -21.66
N ILE K 1031 105.16 -50.96 -22.99
CA ILE K 1031 104.52 -50.01 -23.89
C ILE K 1031 103.21 -50.61 -24.38
N ASN K 1032 102.12 -49.91 -24.14
CA ASN K 1032 100.79 -50.31 -24.54
C ASN K 1032 100.33 -49.50 -25.73
N PRO K 1033 99.23 -49.92 -26.37
CA PRO K 1033 98.51 -48.99 -27.24
C PRO K 1033 97.95 -47.81 -26.48
N ALA K 1034 97.84 -47.91 -25.15
CA ALA K 1034 97.26 -46.86 -24.34
C ALA K 1034 98.31 -45.82 -23.93
N GLY K 1035 99.34 -46.24 -23.21
CA GLY K 1035 100.31 -45.30 -22.69
C GLY K 1035 101.69 -45.92 -22.60
N ILE K 1036 102.65 -45.10 -22.21
CA ILE K 1036 104.05 -45.52 -22.15
C ILE K 1036 104.64 -45.06 -20.83
N PRO K 1037 105.67 -45.74 -20.34
CA PRO K 1037 106.36 -45.29 -19.13
C PRO K 1037 107.34 -44.19 -19.46
N PRO K 1038 107.84 -43.48 -18.45
CA PRO K 1038 108.78 -42.39 -18.72
C PRO K 1038 110.06 -42.91 -19.33
N VAL K 1039 110.72 -42.04 -20.09
CA VAL K 1039 111.93 -42.42 -20.80
C VAL K 1039 113.09 -42.48 -19.81
N PRO K 1040 113.88 -43.55 -19.80
CA PRO K 1040 115.02 -43.63 -18.90
C PRO K 1040 116.30 -43.13 -19.52
N PHE K 1041 117.28 -42.84 -18.66
CA PHE K 1041 118.62 -42.48 -19.09
C PHE K 1041 119.62 -42.92 -18.02
N CYS K 1042 120.84 -43.22 -18.47
CA CYS K 1042 121.92 -43.57 -17.58
C CYS K 1042 123.01 -42.51 -17.65
N ILE K 1043 123.45 -42.03 -16.49
CA ILE K 1043 124.42 -40.96 -16.43
C ILE K 1043 125.54 -41.34 -15.46
N PRO K 1044 126.80 -41.29 -15.87
CA PRO K 1044 127.88 -41.58 -14.94
C PRO K 1044 127.99 -40.50 -13.86
N ILE K 1045 128.32 -40.93 -12.66
CA ILE K 1045 128.44 -40.00 -11.53
C ILE K 1045 129.80 -39.31 -11.62
N PRO K 1046 129.86 -37.99 -11.60
CA PRO K 1046 131.14 -37.30 -11.72
C PRO K 1046 132.06 -37.62 -10.56
N GLN K 1047 133.36 -37.60 -10.84
CA GLN K 1047 134.37 -38.01 -9.88
C GLN K 1047 135.36 -36.88 -9.62
N VAL K 1048 135.89 -36.84 -8.41
CA VAL K 1048 136.84 -35.79 -8.02
C VAL K 1048 138.26 -36.11 -8.41
N TYR K 1049 138.55 -37.35 -8.79
CA TYR K 1049 139.91 -37.75 -9.09
C TYR K 1049 139.96 -38.42 -10.45
N PRO K 1050 141.08 -38.33 -11.15
CA PRO K 1050 141.17 -38.98 -12.46
C PRO K 1050 141.15 -40.48 -12.32
N CYS K 1051 140.04 -41.09 -12.72
CA CYS K 1051 139.85 -42.52 -12.57
C CYS K 1051 140.16 -43.23 -13.88
N ILE K 1052 140.07 -44.56 -13.84
CA ILE K 1052 140.23 -45.38 -15.03
C ILE K 1052 138.87 -46.00 -15.35
N THR K 1053 138.12 -45.35 -16.22
CA THR K 1053 136.76 -45.79 -16.50
C THR K 1053 136.76 -47.09 -17.28
N ALA K 1054 135.66 -47.81 -17.17
CA ALA K 1054 135.43 -49.02 -17.95
C ALA K 1054 134.65 -48.69 -19.21
N ARG K 1055 134.92 -49.45 -20.26
CA ARG K 1055 134.20 -49.24 -21.52
C ARG K 1055 132.74 -49.63 -21.35
N ARG K 1056 131.85 -48.75 -21.77
CA ARG K 1056 130.41 -48.94 -21.57
C ARG K 1056 129.69 -48.77 -22.90
N VAL K 1057 128.50 -49.33 -22.98
CA VAL K 1057 127.66 -49.25 -24.16
C VAL K 1057 126.38 -48.51 -23.79
N HIS K 1058 126.06 -47.47 -24.57
CA HIS K 1058 124.86 -46.68 -24.35
C HIS K 1058 124.04 -46.62 -25.64
N TYR K 1059 122.77 -46.36 -25.47
CA TYR K 1059 121.88 -46.31 -26.62
C TYR K 1059 121.04 -45.05 -26.69
N ALA K 1060 120.62 -44.51 -25.55
CA ALA K 1060 119.62 -43.44 -25.52
C ALA K 1060 120.28 -42.09 -25.28
N PHE K 1061 119.89 -41.11 -26.08
CA PHE K 1061 120.30 -39.73 -25.85
C PHE K 1061 119.35 -38.82 -26.61
N THR K 1062 119.11 -37.64 -26.04
CA THR K 1062 118.12 -36.73 -26.59
C THR K 1062 118.64 -36.03 -27.83
N SER K 1063 117.77 -35.21 -28.43
CA SER K 1063 118.15 -34.41 -29.59
C SER K 1063 118.42 -32.96 -29.24
N GLU K 1064 117.86 -32.46 -28.16
CA GLU K 1064 118.07 -31.09 -27.71
C GLU K 1064 118.81 -31.09 -26.38
N ASN K 1065 118.96 -29.90 -25.80
CA ASN K 1065 119.65 -29.75 -24.51
C ASN K 1065 118.60 -29.64 -23.41
N ASN K 1066 118.14 -30.79 -22.94
CA ASN K 1066 117.17 -30.84 -21.84
C ASN K 1066 117.92 -31.04 -20.53
N ASN K 1067 118.70 -30.02 -20.17
CA ASN K 1067 119.58 -30.12 -19.01
C ASN K 1067 119.42 -28.92 -18.07
N ASP K 1068 118.29 -28.23 -18.12
CA ASP K 1068 118.16 -26.98 -17.37
C ASP K 1068 117.95 -27.20 -15.89
N SER K 1069 117.51 -28.39 -15.47
CA SER K 1069 117.25 -28.63 -14.06
C SER K 1069 118.51 -28.98 -13.28
N LEU K 1070 119.65 -29.08 -13.94
CA LEU K 1070 120.89 -29.39 -13.25
C LEU K 1070 121.42 -28.15 -12.55
N PHE K 1071 121.71 -28.28 -11.25
CA PHE K 1071 122.16 -27.13 -10.48
C PHE K 1071 123.69 -27.07 -10.39
N SER K 1072 124.31 -28.13 -9.89
CA SER K 1072 125.76 -28.16 -9.75
C SER K 1072 126.19 -29.60 -9.52
N THR K 1073 127.48 -29.85 -9.68
CA THR K 1073 128.04 -31.19 -9.53
C THR K 1073 129.17 -31.17 -8.50
N ASN K 1074 129.14 -32.16 -7.61
CA ASN K 1074 130.11 -32.33 -6.53
C ASN K 1074 130.50 -30.99 -5.93
N ALA K 1075 129.48 -30.28 -5.45
CA ALA K 1075 129.68 -28.93 -4.96
C ALA K 1075 130.58 -28.89 -3.73
N ALA K 1076 130.57 -29.95 -2.93
CA ALA K 1076 131.37 -29.98 -1.71
C ALA K 1076 132.84 -30.28 -1.95
N SER K 1077 133.23 -30.46 -3.20
CA SER K 1077 134.60 -30.81 -3.53
C SER K 1077 135.34 -29.60 -4.08
N ILE K 1078 136.65 -29.79 -4.29
CA ILE K 1078 137.48 -28.70 -4.81
C ILE K 1078 137.48 -28.64 -6.33
N ASP K 1079 137.09 -29.72 -7.00
CA ASP K 1079 137.11 -29.75 -8.45
C ASP K 1079 136.40 -31.01 -8.93
N THR K 1080 136.17 -31.07 -10.24
CA THR K 1080 135.68 -32.28 -10.90
C THR K 1080 136.74 -32.73 -11.88
N ALA K 1081 137.20 -33.96 -11.73
CA ALA K 1081 138.30 -34.45 -12.55
C ALA K 1081 137.81 -35.04 -13.87
N PHE K 1082 136.98 -36.07 -13.80
CA PHE K 1082 136.57 -36.79 -14.99
C PHE K 1082 135.15 -36.49 -15.44
N GLY K 1083 134.18 -36.58 -14.52
CA GLY K 1083 132.79 -36.52 -14.89
C GLY K 1083 132.38 -35.17 -15.44
N GLU K 1084 131.08 -35.04 -15.64
CA GLU K 1084 130.49 -33.80 -16.14
C GLU K 1084 130.71 -32.70 -15.12
N ASN K 1085 131.45 -31.67 -15.50
CA ASN K 1085 131.79 -30.58 -14.59
C ASN K 1085 130.86 -29.40 -14.85
N ALA K 1086 130.07 -29.05 -13.84
CA ALA K 1086 129.18 -27.91 -13.91
C ALA K 1086 129.31 -27.09 -12.64
N ALA K 1087 129.24 -25.77 -12.79
CA ALA K 1087 129.31 -24.85 -11.66
C ALA K 1087 128.05 -24.01 -11.62
N VAL K 1088 127.77 -23.46 -10.43
CA VAL K 1088 126.57 -22.67 -10.25
C VAL K 1088 126.59 -21.49 -11.20
N SER K 1089 125.51 -21.31 -11.94
CA SER K 1089 125.47 -20.28 -12.96
C SER K 1089 125.16 -18.92 -12.34
N PRO K 1090 125.92 -17.89 -12.71
CA PRO K 1090 125.54 -16.53 -12.32
C PRO K 1090 124.31 -16.03 -13.05
N LEU K 1091 123.84 -16.75 -14.07
CA LEU K 1091 122.69 -16.28 -14.84
C LEU K 1091 121.45 -16.19 -13.98
N ARG K 1092 121.20 -17.21 -13.15
CA ARG K 1092 120.19 -17.05 -12.14
C ARG K 1092 120.72 -16.13 -11.05
N TRP K 1093 119.82 -15.68 -10.17
CA TRP K 1093 120.06 -14.75 -9.06
C TRP K 1093 121.19 -13.77 -9.34
N PRO K 1094 121.08 -12.92 -10.35
CA PRO K 1094 122.04 -11.81 -10.47
C PRO K 1094 121.96 -10.85 -9.31
N GLY K 1095 120.78 -10.74 -8.69
CA GLY K 1095 120.63 -9.83 -7.57
C GLY K 1095 121.51 -10.17 -6.40
N LEU K 1096 122.07 -11.38 -6.38
CA LEU K 1096 123.02 -11.76 -5.34
C LEU K 1096 124.46 -11.50 -5.74
N VAL K 1097 124.77 -11.52 -7.03
CA VAL K 1097 126.17 -11.46 -7.46
C VAL K 1097 126.43 -10.39 -8.51
N ASP K 1098 125.45 -9.88 -9.23
CA ASP K 1098 125.73 -8.97 -10.33
C ASP K 1098 126.01 -7.58 -9.81
N PRO K 1099 127.16 -6.99 -10.12
CA PRO K 1099 127.38 -5.58 -9.77
C PRO K 1099 126.39 -4.63 -10.43
N ASN K 1100 125.92 -4.96 -11.63
CA ASN K 1100 125.07 -4.08 -12.38
C ASN K 1100 123.58 -4.30 -12.12
N TYR K 1101 123.25 -5.18 -11.18
CA TYR K 1101 121.86 -5.46 -10.88
C TYR K 1101 121.18 -4.22 -10.34
N ARG K 1102 119.98 -3.94 -10.83
CA ARG K 1102 119.14 -2.87 -10.31
C ARG K 1102 117.91 -3.47 -9.65
N VAL K 1103 117.56 -2.94 -8.48
CA VAL K 1103 116.38 -3.42 -7.78
C VAL K 1103 115.15 -3.18 -8.64
N GLY K 1104 114.29 -4.18 -8.73
CA GLY K 1104 113.07 -4.08 -9.49
C GLY K 1104 113.11 -4.68 -10.87
N THR K 1105 114.06 -5.56 -11.16
CA THR K 1105 114.20 -6.17 -12.47
C THR K 1105 114.09 -7.68 -12.35
N ASN K 1106 113.73 -8.32 -13.47
CA ASN K 1106 113.64 -9.77 -13.50
C ASN K 1106 113.66 -10.22 -14.96
N ASP K 1107 113.82 -11.53 -15.15
CA ASP K 1107 113.81 -12.16 -16.46
C ASP K 1107 112.62 -13.11 -16.59
N LEU K 1108 111.48 -12.73 -16.00
CA LEU K 1108 110.42 -13.67 -15.71
C LEU K 1108 109.95 -14.49 -16.90
N PRO K 1109 109.60 -13.91 -18.05
CA PRO K 1109 109.05 -14.75 -19.13
C PRO K 1109 110.05 -15.73 -19.69
N ASN K 1110 111.34 -15.55 -19.45
CA ASN K 1110 112.36 -16.38 -20.06
C ASN K 1110 113.19 -17.18 -19.08
N ARG K 1111 113.41 -16.67 -17.88
CA ARG K 1111 114.27 -17.36 -16.91
C ARG K 1111 113.83 -17.02 -15.51
N ILE K 1112 113.84 -18.02 -14.64
CA ILE K 1112 113.50 -17.83 -13.24
C ILE K 1112 114.78 -17.54 -12.46
N THR K 1113 114.78 -16.43 -11.74
CA THR K 1113 115.84 -16.14 -10.78
C THR K 1113 115.38 -16.54 -9.39
N LEU K 1114 116.33 -16.70 -8.49
CA LEU K 1114 116.07 -17.31 -7.19
C LEU K 1114 116.41 -16.41 -6.01
N TYR K 1115 116.70 -15.15 -6.23
CA TYR K 1115 117.05 -14.26 -5.12
C TYR K 1115 116.69 -12.84 -5.54
N ASN K 1116 115.53 -12.37 -5.08
CA ASN K 1116 114.98 -11.10 -5.54
C ASN K 1116 114.62 -10.24 -4.33
N SER K 1117 114.11 -9.06 -4.62
CA SER K 1117 113.61 -8.14 -3.60
C SER K 1117 112.09 -8.10 -3.71
N LEU K 1118 111.42 -8.15 -2.56
CA LEU K 1118 109.97 -8.24 -2.54
C LEU K 1118 109.43 -7.41 -1.38
N TYR K 1119 108.16 -7.09 -1.46
CA TYR K 1119 107.46 -6.40 -0.40
C TYR K 1119 106.75 -7.40 0.51
N ARG K 1120 106.61 -7.03 1.77
CA ARG K 1120 105.87 -7.82 2.74
C ARG K 1120 104.89 -6.90 3.46
N TYR K 1121 103.66 -7.38 3.64
CA TYR K 1121 102.57 -6.55 4.12
C TYR K 1121 102.21 -6.90 5.55
N ASN K 1122 101.46 -6.00 6.17
CA ASN K 1122 101.09 -6.11 7.58
C ASN K 1122 99.66 -5.67 7.79
N PHE K 1123 98.74 -6.16 6.96
CA PHE K 1123 97.38 -5.69 6.99
C PHE K 1123 96.68 -6.07 8.29
N THR K 1124 95.57 -5.40 8.54
CA THR K 1124 94.64 -5.74 9.60
C THR K 1124 93.23 -5.75 9.02
N TYR K 1125 92.36 -6.55 9.62
CA TYR K 1125 91.04 -6.85 9.05
C TYR K 1125 89.97 -6.50 10.06
N PRO K 1126 89.63 -5.22 10.19
CA PRO K 1126 88.57 -4.83 11.11
C PRO K 1126 87.23 -5.39 10.66
N THR K 1127 86.38 -5.68 11.63
CA THR K 1127 85.02 -6.09 11.33
C THR K 1127 84.14 -4.87 11.17
N LEU K 1128 82.92 -5.09 10.68
CA LEU K 1128 82.01 -3.99 10.40
C LEU K 1128 81.77 -3.15 11.65
N ASP K 1129 81.67 -3.81 12.81
CA ASP K 1129 81.45 -3.08 14.05
C ASP K 1129 82.60 -2.12 14.32
N GLY K 1130 83.83 -2.57 14.14
CA GLY K 1130 84.97 -1.73 14.40
C GLY K 1130 85.14 -0.58 13.43
N ILE K 1131 84.21 -0.39 12.52
CA ILE K 1131 84.34 0.60 11.47
C ILE K 1131 83.49 1.83 11.74
N MET K 1132 82.21 1.63 12.05
CA MET K 1132 81.23 2.66 11.75
C MET K 1132 80.24 2.90 12.89
N TYR K 1133 80.73 2.95 14.13
CA TYR K 1133 79.92 3.44 15.25
C TYR K 1133 78.59 2.69 15.40
N VAL K 1134 78.46 1.50 14.82
CA VAL K 1134 77.16 0.85 14.85
C VAL K 1134 76.93 0.28 16.25
N ARG K 1135 75.98 0.85 16.98
CA ARG K 1135 75.67 0.40 18.32
C ARG K 1135 74.18 0.57 18.58
N SER K 1136 73.71 -0.08 19.63
CA SER K 1136 72.50 0.37 20.27
C SER K 1136 72.67 1.84 20.62
N ALA K 1137 71.78 2.67 20.07
CA ALA K 1137 72.01 4.11 19.99
C ALA K 1137 73.28 4.36 19.18
N ASP L 1 143.27 -100.45 -31.21
CA ASP L 1 144.50 -100.37 -30.43
C ASP L 1 145.02 -98.94 -30.34
N ILE L 2 145.00 -98.38 -29.13
CA ILE L 2 145.39 -97.00 -28.87
C ILE L 2 146.47 -96.99 -27.79
N ILE L 3 147.38 -96.03 -27.89
CA ILE L 3 148.55 -95.94 -27.02
C ILE L 3 148.66 -94.53 -26.47
N THR L 4 149.03 -94.42 -25.19
CA THR L 4 149.42 -93.14 -24.60
C THR L 4 150.63 -93.39 -23.68
N ARG L 5 151.82 -93.29 -24.24
CA ARG L 5 153.02 -93.29 -23.42
C ARG L 5 153.06 -91.96 -22.67
N PRO L 6 152.80 -91.92 -21.37
CA PRO L 6 152.76 -90.64 -20.67
C PRO L 6 154.12 -89.97 -20.68
N THR L 7 154.11 -88.64 -20.75
CA THR L 7 155.34 -87.89 -20.87
C THR L 7 156.13 -87.94 -19.56
N SER L 8 157.41 -87.57 -19.65
CA SER L 8 158.26 -87.56 -18.47
C SER L 8 157.75 -86.56 -17.46
N ASP L 9 157.85 -86.92 -16.18
CA ASP L 9 157.37 -86.04 -15.12
C ASP L 9 158.10 -84.70 -15.14
N SER L 10 159.34 -84.68 -15.63
CA SER L 10 160.05 -83.41 -15.77
C SER L 10 159.27 -82.45 -16.65
N ILE L 11 158.88 -82.91 -17.84
CA ILE L 11 158.13 -82.05 -18.75
C ILE L 11 156.80 -81.68 -18.16
N ALA L 12 156.14 -82.62 -17.49
CA ALA L 12 154.85 -82.33 -16.87
C ALA L 12 155.00 -81.25 -15.81
N ALA L 13 156.07 -81.31 -15.02
CA ALA L 13 156.27 -80.32 -13.97
C ALA L 13 156.40 -78.92 -14.56
N VAL L 14 157.20 -78.79 -15.62
CA VAL L 14 157.39 -77.49 -16.24
C VAL L 14 156.07 -76.97 -16.81
N ALA L 15 155.34 -77.84 -17.49
CA ALA L 15 154.10 -77.43 -18.12
C ALA L 15 153.10 -76.94 -17.08
N ASN L 16 152.89 -77.74 -16.03
CA ASN L 16 151.91 -77.37 -15.02
C ASN L 16 152.30 -76.12 -14.26
N ALA L 17 153.59 -75.78 -14.23
CA ALA L 17 154.01 -74.57 -13.55
C ALA L 17 153.58 -73.31 -14.29
N THR L 18 153.26 -73.43 -15.58
CA THR L 18 152.87 -72.28 -16.40
C THR L 18 151.46 -72.53 -16.91
N LYS L 19 150.47 -72.14 -16.11
CA LYS L 19 149.06 -72.28 -16.47
C LYS L 19 148.26 -71.16 -15.87
N PRO L 20 148.31 -69.97 -16.47
CA PRO L 20 147.52 -68.86 -15.96
C PRO L 20 146.04 -69.13 -16.09
N ALA L 21 145.25 -68.52 -15.22
CA ALA L 21 143.82 -68.70 -15.26
C ALA L 21 143.25 -68.18 -16.56
N ALA L 22 142.32 -68.94 -17.14
CA ALA L 22 141.71 -68.55 -18.40
C ALA L 22 140.52 -67.63 -18.22
N VAL L 23 139.91 -67.61 -17.04
CA VAL L 23 138.77 -66.74 -16.77
C VAL L 23 138.95 -66.08 -15.41
N VAL L 24 139.27 -64.78 -15.42
CA VAL L 24 139.44 -64.03 -14.19
C VAL L 24 138.28 -63.06 -14.06
N SER L 25 138.09 -62.57 -12.85
CA SER L 25 136.99 -61.67 -12.52
C SER L 25 137.57 -60.29 -12.24
N ASP L 26 137.27 -59.32 -13.10
CA ASP L 26 137.64 -57.94 -12.87
C ASP L 26 136.45 -57.05 -13.17
N PRO L 27 136.28 -55.95 -12.43
CA PRO L 27 135.10 -55.10 -12.62
C PRO L 27 135.05 -54.43 -13.97
N GLN L 28 136.18 -54.28 -14.65
CA GLN L 28 136.25 -53.53 -15.90
C GLN L 28 136.54 -54.52 -17.02
N SER L 29 135.48 -55.07 -17.60
CA SER L 29 135.65 -56.13 -18.58
C SER L 29 134.80 -55.93 -19.83
N MET L 30 134.17 -54.77 -20.02
CA MET L 30 133.41 -54.46 -21.22
C MET L 30 132.32 -55.50 -21.46
N LYS L 31 131.37 -55.54 -20.53
CA LYS L 31 130.29 -56.51 -20.62
C LYS L 31 129.33 -56.12 -21.74
N VAL L 32 128.87 -57.11 -22.49
CA VAL L 32 127.94 -56.91 -23.59
C VAL L 32 126.86 -57.98 -23.52
N THR L 33 125.61 -57.54 -23.56
CA THR L 33 124.49 -58.45 -23.53
C THR L 33 124.32 -59.15 -24.88
N PRO L 34 123.64 -60.30 -24.90
CA PRO L 34 123.46 -61.00 -26.17
C PRO L 34 122.67 -60.19 -27.17
N ILE L 35 122.96 -60.40 -28.46
CA ILE L 35 122.27 -59.67 -29.51
C ILE L 35 120.81 -60.09 -29.59
N VAL L 36 120.56 -61.40 -29.62
CA VAL L 36 119.21 -61.94 -29.73
C VAL L 36 118.78 -62.43 -28.37
N ASN L 37 117.53 -62.16 -28.02
CA ASN L 37 117.04 -62.54 -26.70
C ASN L 37 117.02 -64.05 -26.59
N PRO L 38 117.75 -64.63 -25.64
CA PRO L 38 117.78 -66.09 -25.49
C PRO L 38 116.67 -66.64 -24.62
N SER L 39 115.89 -65.78 -23.97
CA SER L 39 114.90 -66.24 -23.00
C SER L 39 113.61 -66.70 -23.64
N SER L 40 113.38 -66.39 -24.91
CA SER L 40 112.12 -66.75 -25.56
C SER L 40 112.35 -66.96 -27.04
N TYR L 41 111.89 -68.09 -27.56
CA TYR L 41 112.00 -68.43 -28.97
C TYR L 41 110.63 -68.37 -29.61
N VAL L 42 110.56 -67.74 -30.78
CA VAL L 42 109.30 -67.45 -31.45
C VAL L 42 109.31 -68.09 -32.84
N CYS L 43 108.23 -68.81 -33.15
CA CYS L 43 108.07 -69.36 -34.50
C CYS L 43 107.98 -68.22 -35.51
N ASN L 44 108.62 -68.40 -36.65
CA ASN L 44 108.71 -67.31 -37.62
C ASN L 44 107.59 -67.32 -38.65
N VAL L 45 106.72 -68.33 -38.64
CA VAL L 45 105.61 -68.36 -39.58
C VAL L 45 104.26 -68.16 -38.89
N CYS L 46 104.14 -68.48 -37.60
CA CYS L 46 102.93 -68.20 -36.86
C CYS L 46 103.14 -67.27 -35.69
N ASN L 47 104.38 -66.90 -35.40
CA ASN L 47 104.75 -65.97 -34.33
C ASN L 47 104.38 -66.46 -32.94
N ALA L 48 104.00 -67.72 -32.79
CA ALA L 48 103.87 -68.29 -31.47
C ALA L 48 105.24 -68.47 -30.86
N ARG L 49 105.39 -68.08 -29.59
CA ARG L 49 106.68 -68.12 -28.93
C ARG L 49 106.69 -69.20 -27.86
N PHE L 50 107.90 -69.62 -27.49
CA PHE L 50 108.09 -70.75 -26.60
C PHE L 50 109.27 -70.48 -25.67
N SER L 51 109.28 -71.19 -24.55
CA SER L 51 110.33 -71.02 -23.56
C SER L 51 111.60 -71.79 -23.90
N THR L 52 111.50 -72.87 -24.68
CA THR L 52 112.63 -73.71 -24.98
C THR L 52 112.72 -73.96 -26.48
N MET L 53 113.93 -74.19 -26.96
CA MET L 53 114.13 -74.49 -28.37
C MET L 53 113.42 -75.78 -28.77
N SER L 54 113.49 -76.80 -27.91
CA SER L 54 112.90 -78.09 -28.24
C SER L 54 111.40 -77.94 -28.51
N ALA L 55 110.71 -77.20 -27.65
CA ALA L 55 109.28 -76.99 -27.85
C ALA L 55 109.01 -76.30 -29.17
N LEU L 56 109.78 -75.26 -29.49
CA LEU L 56 109.61 -74.57 -30.75
C LEU L 56 109.88 -75.49 -31.93
N SER L 57 110.97 -76.26 -31.84
CA SER L 57 111.33 -77.15 -32.93
C SER L 57 110.22 -78.17 -33.18
N GLU L 58 109.66 -78.74 -32.11
CA GLU L 58 108.57 -79.68 -32.27
C GLU L 58 107.34 -78.99 -32.88
N HIS L 59 107.05 -77.77 -32.44
CA HIS L 59 105.88 -77.07 -32.94
C HIS L 59 105.98 -76.85 -34.44
N LEU L 60 107.09 -76.26 -34.90
CA LEU L 60 107.23 -76.01 -36.33
C LEU L 60 107.28 -77.31 -37.11
N ARG L 61 107.84 -78.36 -36.51
CA ARG L 61 107.90 -79.65 -37.19
C ARG L 61 106.52 -80.25 -37.38
N SER L 62 105.64 -80.05 -36.40
CA SER L 62 104.30 -80.62 -36.44
C SER L 62 103.24 -79.61 -36.87
N ASP L 63 103.19 -78.44 -36.19
CA ASP L 63 102.18 -77.44 -36.52
C ASP L 63 102.38 -76.90 -37.93
N HIS L 64 103.59 -76.89 -38.43
CA HIS L 64 103.89 -76.37 -39.75
C HIS L 64 104.59 -77.42 -40.60
N ARG L 65 104.15 -78.67 -40.51
CA ARG L 65 104.71 -79.74 -41.32
C ARG L 65 104.15 -79.63 -42.72
N ASP L 66 104.89 -78.95 -43.60
CA ASP L 66 104.45 -78.84 -44.99
C ASP L 66 104.62 -80.16 -45.72
N ASP L 67 103.63 -80.48 -46.55
CA ASP L 67 103.72 -81.60 -47.50
C ASP L 67 103.84 -82.94 -46.77
N ALA L 68 102.93 -83.18 -45.83
CA ALA L 68 102.82 -84.52 -45.24
C ALA L 68 102.41 -85.52 -46.31
N SER L 69 101.32 -85.23 -47.01
CA SER L 69 100.93 -85.91 -48.25
C SER L 69 101.12 -87.42 -48.18
N THR L 70 100.51 -88.04 -47.17
CA THR L 70 100.47 -89.48 -47.13
C THR L 70 99.78 -90.01 -48.38
N LEU L 71 100.39 -91.00 -49.02
CA LEU L 71 99.84 -91.51 -50.27
C LEU L 71 98.42 -92.03 -50.08
N LEU L 72 98.16 -92.68 -48.95
CA LEU L 72 96.81 -93.07 -48.62
C LEU L 72 95.93 -91.84 -48.43
N ALA L 73 94.66 -91.96 -48.79
CA ALA L 73 93.75 -90.82 -48.74
C ALA L 73 93.68 -90.27 -47.32
N THR L 74 93.86 -88.96 -47.21
CA THR L 74 93.83 -88.33 -45.90
C THR L 74 92.39 -88.16 -45.43
N PRO L 75 92.05 -88.60 -44.21
CA PRO L 75 90.69 -88.41 -43.72
C PRO L 75 90.41 -87.02 -43.20
N MET L 76 91.44 -86.23 -42.92
CA MET L 76 91.28 -84.92 -42.31
C MET L 76 91.38 -83.83 -43.35
N ILE L 77 90.43 -82.89 -43.33
CA ILE L 77 90.47 -81.70 -44.15
C ILE L 77 90.04 -80.53 -43.28
N ASN L 78 90.78 -79.43 -43.35
CA ASN L 78 90.49 -78.27 -42.54
C ASN L 78 90.09 -77.09 -43.42
N ASN L 79 89.47 -76.10 -42.79
CA ASN L 79 89.02 -74.91 -43.50
C ASN L 79 90.20 -74.01 -43.83
N ALA L 80 89.91 -72.88 -44.46
CA ALA L 80 90.96 -72.00 -44.95
C ALA L 80 91.75 -71.38 -43.80
N ILE L 81 91.07 -70.80 -42.83
CA ILE L 81 91.71 -70.05 -41.76
C ILE L 81 91.80 -70.92 -40.53
N ARG L 82 92.99 -71.00 -39.95
CA ARG L 82 93.18 -71.72 -38.70
C ARG L 82 93.25 -70.78 -37.51
N SER L 83 94.09 -69.77 -37.56
CA SER L 83 94.22 -68.85 -36.43
C SER L 83 94.77 -67.52 -36.90
N PHE L 84 94.58 -66.51 -36.06
CA PHE L 84 95.11 -65.18 -36.29
C PHE L 84 95.78 -64.68 -35.03
N LEU L 85 96.81 -63.85 -35.21
CA LEU L 85 97.52 -63.24 -34.10
C LEU L 85 97.44 -61.73 -34.24
N THR L 86 96.97 -61.08 -33.17
CA THR L 86 96.90 -59.64 -33.15
C THR L 86 98.25 -59.15 -32.70
N ALA L 87 98.86 -58.25 -33.45
CA ALA L 87 100.22 -57.83 -33.14
C ALA L 87 100.28 -56.96 -31.91
N TRP L 88 99.23 -56.19 -31.63
CA TRP L 88 99.31 -55.19 -30.57
C TRP L 88 99.14 -55.76 -29.18
N ASP L 89 98.75 -57.02 -29.04
CA ASP L 89 98.61 -57.60 -27.71
C ASP L 89 99.09 -59.04 -27.62
N GLY L 90 99.63 -59.61 -28.69
CA GLY L 90 100.14 -60.97 -28.63
C GLY L 90 99.10 -62.02 -28.33
N ILE L 91 97.83 -61.72 -28.57
CA ILE L 91 96.75 -62.67 -28.30
C ILE L 91 96.45 -63.41 -29.59
N ARG L 92 96.55 -64.73 -29.55
CA ARG L 92 96.25 -65.56 -30.70
C ARG L 92 94.77 -65.93 -30.70
N ILE L 93 94.11 -65.71 -31.82
CA ILE L 93 92.69 -65.99 -31.97
C ILE L 93 92.56 -67.26 -32.79
N LEU L 94 91.90 -68.27 -32.22
CA LEU L 94 91.65 -69.51 -32.91
C LEU L 94 90.32 -69.45 -33.63
N SER L 95 90.29 -70.01 -34.84
CA SER L 95 89.06 -70.02 -35.60
C SER L 95 87.98 -70.78 -34.81
N PRO L 96 86.76 -70.24 -34.74
CA PRO L 96 85.71 -70.95 -34.00
C PRO L 96 85.46 -72.35 -34.50
N ASP L 97 85.64 -72.58 -35.80
CA ASP L 97 85.48 -73.89 -36.38
C ASP L 97 86.43 -74.03 -37.55
N VAL L 98 87.38 -74.96 -37.44
CA VAL L 98 88.35 -75.20 -38.49
C VAL L 98 88.11 -76.52 -39.21
N SER L 99 87.37 -77.45 -38.61
CA SER L 99 87.13 -78.77 -39.19
C SER L 99 85.69 -78.95 -39.64
N SER L 100 84.72 -78.77 -38.74
CA SER L 100 83.33 -78.90 -39.11
C SER L 100 82.85 -77.64 -39.82
N LYS L 101 81.64 -77.70 -40.38
CA LYS L 101 81.15 -76.65 -41.26
C LYS L 101 79.70 -76.29 -40.94
N HIS L 102 79.40 -76.09 -39.66
CA HIS L 102 78.10 -75.55 -39.31
C HIS L 102 77.97 -74.11 -39.83
N LEU L 103 76.74 -73.67 -40.06
CA LEU L 103 76.48 -72.32 -40.52
C LEU L 103 75.73 -71.55 -39.44
N SER L 104 76.31 -70.43 -39.02
CA SER L 104 75.62 -69.47 -38.18
C SER L 104 74.89 -68.46 -39.04
N ALA L 105 73.74 -68.00 -38.56
CA ALA L 105 72.99 -66.93 -39.20
C ALA L 105 72.55 -67.30 -40.62
N TYR L 106 72.35 -68.58 -40.88
CA TYR L 106 71.80 -68.98 -42.17
C TYR L 106 70.33 -68.57 -42.24
N LEU L 107 69.76 -68.66 -43.44
CA LEU L 107 68.37 -68.27 -43.66
C LEU L 107 67.50 -69.33 -42.99
N ASP L 108 67.30 -69.15 -41.68
CA ASP L 108 66.64 -70.14 -40.84
C ASP L 108 67.27 -71.49 -41.07
N SER L 109 66.47 -72.55 -41.08
CA SER L 109 66.88 -73.88 -41.54
C SER L 109 68.04 -74.45 -40.73
N ALA L 110 68.32 -73.89 -39.55
CA ALA L 110 69.21 -74.48 -38.55
C ALA L 110 70.63 -74.58 -39.12
N VAL L 111 71.19 -75.77 -39.30
CA VAL L 111 72.63 -75.91 -39.50
C VAL L 111 73.03 -75.57 -40.92
N ALA L 112 72.46 -76.27 -41.90
CA ALA L 112 72.74 -76.02 -43.32
C ALA L 112 74.24 -76.09 -43.61
N ASN L 113 74.87 -77.15 -43.13
CA ASN L 113 76.32 -77.29 -43.17
C ASN L 113 76.92 -77.13 -44.56
N GLY L 114 78.23 -76.89 -44.62
CA GLY L 114 78.93 -76.81 -45.88
C GLY L 114 79.06 -78.17 -46.52
N PRO L 115 79.27 -78.20 -47.84
CA PRO L 115 79.30 -79.47 -48.55
C PRO L 115 80.60 -80.20 -48.35
N GLU L 116 80.53 -81.52 -48.54
CA GLU L 116 81.71 -82.37 -48.56
C GLU L 116 82.09 -82.63 -50.00
N LEU L 117 83.32 -82.27 -50.36
CA LEU L 117 83.74 -82.37 -51.74
C LEU L 117 85.12 -82.97 -51.95
N ILE L 118 85.93 -83.08 -50.91
CA ILE L 118 87.27 -83.67 -51.03
C ILE L 118 87.10 -85.15 -50.80
N VAL L 119 86.83 -85.89 -51.87
CA VAL L 119 86.72 -87.34 -51.84
C VAL L 119 87.69 -87.89 -52.86
N GLU L 120 88.60 -88.73 -52.42
CA GLU L 120 89.67 -89.25 -53.26
C GLU L 120 89.78 -90.75 -53.08
N ASP L 121 90.03 -91.45 -54.19
CA ASP L 121 90.16 -92.90 -54.17
C ASP L 121 91.45 -93.30 -54.86
N THR L 122 92.08 -94.35 -54.34
CA THR L 122 93.28 -94.92 -54.92
C THR L 122 92.99 -96.20 -55.70
N GLY L 123 91.79 -96.74 -55.59
CA GLY L 123 91.44 -97.95 -56.30
C GLY L 123 91.28 -97.69 -57.78
N LEU L 124 90.87 -98.75 -58.49
CA LEU L 124 90.67 -98.65 -59.92
C LEU L 124 89.50 -97.74 -60.23
N CYS L 125 89.65 -96.96 -61.30
CA CYS L 125 88.58 -96.06 -61.75
C CYS L 125 87.74 -96.79 -62.79
N THR L 126 86.78 -97.56 -62.29
CA THR L 126 85.86 -98.28 -63.17
C THR L 126 84.57 -98.53 -62.43
N SER L 127 83.49 -98.64 -63.20
CA SER L 127 82.17 -98.94 -62.65
C SER L 127 81.51 -100.11 -63.37
N PHE L 128 82.25 -100.83 -64.21
CA PHE L 128 81.75 -102.01 -64.88
C PHE L 128 82.61 -103.20 -64.52
N MET L 129 81.98 -104.36 -64.37
CA MET L 129 82.65 -105.56 -63.91
C MET L 129 82.34 -106.71 -64.85
N LEU L 130 83.32 -107.60 -64.99
CA LEU L 130 83.18 -108.81 -65.80
C LEU L 130 83.02 -109.98 -64.85
N LEU L 131 81.91 -110.70 -64.99
CA LEU L 131 81.65 -111.86 -64.15
C LEU L 131 81.22 -113.03 -65.03
N ASP L 132 81.48 -114.23 -64.53
CA ASP L 132 81.07 -115.45 -65.21
C ASP L 132 79.63 -115.74 -64.79
N ASN L 133 78.68 -115.35 -65.65
CA ASN L 133 77.28 -115.56 -65.32
C ASN L 133 76.99 -117.04 -65.13
N ILE L 134 77.56 -117.89 -65.97
CA ILE L 134 77.40 -119.33 -65.88
C ILE L 134 78.76 -119.94 -65.57
N PRO L 135 78.89 -120.79 -64.57
CA PRO L 135 80.20 -121.35 -64.23
C PRO L 135 80.76 -122.21 -65.35
N SER L 136 82.00 -122.67 -65.16
CA SER L 136 82.65 -123.52 -66.15
C SER L 136 82.19 -124.97 -65.95
N ALA L 137 82.87 -125.89 -66.64
CA ALA L 137 82.54 -127.30 -66.56
C ALA L 137 83.67 -128.14 -65.99
N HIS L 138 84.62 -127.50 -65.30
CA HIS L 138 85.71 -128.19 -64.61
C HIS L 138 86.53 -129.04 -65.57
N LEU L 139 87.22 -128.35 -66.46
CA LEU L 139 88.07 -128.99 -67.45
C LEU L 139 89.50 -129.11 -66.93
N THR L 140 90.21 -130.11 -67.43
CA THR L 140 91.61 -130.29 -67.08
C THR L 140 92.45 -129.15 -67.63
N LYS L 141 93.57 -128.88 -66.96
CA LYS L 141 94.33 -127.66 -67.23
C LYS L 141 95.26 -127.81 -68.43
N GLU L 142 96.01 -128.92 -68.48
CA GLU L 142 97.02 -129.22 -69.50
C GLU L 142 98.23 -128.30 -69.41
N LEU L 143 98.22 -127.31 -68.51
CA LEU L 143 99.38 -126.44 -68.28
C LEU L 143 99.17 -125.67 -66.98
N ILE L 144 100.18 -125.65 -66.12
CA ILE L 144 99.95 -125.23 -64.74
C ILE L 144 100.42 -123.81 -64.50
N GLY L 145 101.71 -123.55 -64.67
CA GLY L 145 102.22 -122.22 -64.37
C GLY L 145 103.68 -122.10 -64.72
N PHE L 146 104.25 -120.98 -64.28
CA PHE L 146 105.65 -120.68 -64.54
C PHE L 146 106.55 -121.38 -63.54
N THR L 147 107.77 -121.67 -63.98
CA THR L 147 108.78 -122.32 -63.14
C THR L 147 110.03 -121.47 -63.11
N TRP L 148 110.52 -121.16 -61.92
CA TRP L 148 111.64 -120.23 -61.76
C TRP L 148 112.97 -120.96 -61.70
N PHE L 149 113.20 -121.73 -60.65
CA PHE L 149 114.21 -122.77 -60.64
C PHE L 149 113.60 -124.12 -60.31
N MET L 150 112.92 -124.21 -59.17
CA MET L 150 112.18 -125.39 -58.75
C MET L 150 110.82 -124.93 -58.26
N GLN L 151 110.76 -123.68 -57.81
CA GLN L 151 109.49 -123.11 -57.41
C GLN L 151 108.57 -122.99 -58.62
N MET L 152 107.27 -123.00 -58.36
CA MET L 152 106.28 -122.77 -59.38
C MET L 152 105.47 -121.53 -59.02
N TYR L 153 105.32 -120.62 -59.97
CA TYR L 153 104.50 -119.45 -59.80
C TYR L 153 103.27 -119.56 -60.68
N GLN L 154 102.17 -118.99 -60.21
CA GLN L 154 100.94 -118.97 -60.99
C GLN L 154 100.11 -117.77 -60.60
N MET L 155 99.55 -117.11 -61.60
CA MET L 155 98.76 -115.90 -61.42
C MET L 155 97.28 -116.22 -61.62
N THR L 156 96.44 -115.61 -60.81
CA THR L 156 95.02 -115.68 -61.08
C THR L 156 94.73 -114.93 -62.37
N PRO L 157 93.99 -115.52 -63.31
CA PRO L 157 93.81 -114.89 -64.61
C PRO L 157 93.07 -113.58 -64.47
N PRO L 158 93.39 -112.59 -65.31
CA PRO L 158 92.72 -111.29 -65.17
C PRO L 158 91.29 -111.32 -65.66
N LEU L 159 91.02 -112.03 -66.70
CA LEU L 159 89.69 -112.07 -67.28
C LEU L 159 88.89 -113.23 -66.71
N PRO L 160 87.56 -113.13 -66.70
CA PRO L 160 86.75 -114.20 -66.12
C PRO L 160 86.76 -115.46 -66.97
N GLU L 161 86.46 -116.57 -66.32
CA GLU L 161 86.33 -117.86 -66.98
C GLU L 161 84.98 -118.46 -66.66
N GLY L 162 84.35 -119.05 -67.65
CA GLY L 162 83.06 -119.66 -67.46
C GLY L 162 82.37 -119.86 -68.79
N ALA L 163 81.24 -120.55 -68.71
CA ALA L 163 80.46 -120.79 -69.93
C ALA L 163 80.01 -119.48 -70.55
N VAL L 164 79.52 -118.56 -69.75
CA VAL L 164 79.04 -117.26 -70.22
C VAL L 164 79.60 -116.18 -69.33
N ASN L 165 80.08 -115.10 -69.93
CA ASN L 165 80.61 -113.96 -69.21
C ASN L 165 79.95 -112.69 -69.75
N ARG L 166 79.51 -111.83 -68.85
CA ARG L 166 78.78 -110.63 -69.22
C ARG L 166 79.34 -109.42 -68.52
N ILE L 167 78.99 -108.26 -69.04
CA ILE L 167 79.33 -106.97 -68.44
C ILE L 167 78.14 -106.50 -67.63
N VAL L 168 78.39 -106.06 -66.40
CA VAL L 168 77.35 -105.56 -65.51
C VAL L 168 77.76 -104.18 -65.02
N CYS L 169 76.82 -103.53 -64.33
CA CYS L 169 77.03 -102.19 -63.79
C CYS L 169 77.04 -102.29 -62.27
N MET L 170 78.24 -102.24 -61.68
CA MET L 170 78.40 -102.19 -60.24
C MET L 170 79.34 -101.03 -59.92
N THR L 171 78.76 -99.91 -59.49
CA THR L 171 79.56 -98.73 -59.20
C THR L 171 80.48 -99.00 -58.03
N ASN L 172 81.71 -98.52 -58.14
CA ASN L 172 82.71 -98.62 -57.07
C ASN L 172 82.97 -100.06 -56.68
N TRP L 173 82.83 -101.00 -57.62
CA TRP L 173 83.09 -102.39 -57.31
C TRP L 173 84.57 -102.64 -57.04
N ALA L 174 85.44 -101.70 -57.38
CA ALA L 174 86.87 -101.86 -57.12
C ALA L 174 87.44 -100.66 -56.36
N SER L 175 86.58 -99.86 -55.72
CA SER L 175 87.07 -98.73 -54.95
C SER L 175 87.89 -99.20 -53.76
N LEU L 176 88.91 -98.42 -53.43
CA LEU L 176 89.80 -98.77 -52.33
C LEU L 176 90.08 -97.63 -51.37
N GLY L 177 89.91 -96.38 -51.77
CA GLY L 177 90.27 -95.26 -50.92
C GLY L 177 89.21 -94.92 -49.91
N ASP L 178 88.80 -93.65 -49.87
CA ASP L 178 87.83 -93.19 -48.91
C ASP L 178 86.50 -93.91 -49.07
N GLU L 179 85.61 -93.72 -48.09
CA GLU L 179 84.33 -94.40 -48.09
C GLU L 179 83.48 -93.97 -49.28
N GLY L 180 83.49 -92.68 -49.60
CA GLY L 180 82.77 -92.20 -50.75
C GLY L 180 81.32 -91.86 -50.45
N ARG L 181 80.65 -91.35 -51.48
CA ARG L 181 79.28 -90.90 -51.34
C ARG L 181 78.39 -92.08 -50.97
N GLY L 182 77.49 -91.86 -50.02
CA GLY L 182 76.58 -92.89 -49.61
C GLY L 182 75.50 -93.14 -50.63
N LEU L 183 75.89 -93.58 -51.82
CA LEU L 183 74.96 -93.75 -52.92
C LEU L 183 75.59 -94.70 -53.93
N GLU L 184 74.87 -95.76 -54.29
CA GLU L 184 75.43 -96.79 -55.15
C GLU L 184 74.39 -97.28 -56.13
N VAL L 185 74.88 -97.91 -57.20
CA VAL L 185 74.04 -98.53 -58.22
C VAL L 185 74.67 -99.89 -58.55
N ARG L 186 74.01 -100.97 -58.15
CA ARG L 186 74.52 -102.32 -58.34
C ARG L 186 73.45 -103.15 -59.04
N LEU L 187 73.53 -103.24 -60.34
CA LEU L 187 72.56 -104.07 -61.04
C LEU L 187 72.96 -105.53 -60.95
N PRO L 188 72.01 -106.44 -60.76
CA PRO L 188 72.32 -107.85 -60.76
C PRO L 188 72.55 -108.35 -62.17
N PRO L 189 73.15 -109.52 -62.36
CA PRO L 189 73.34 -110.05 -63.69
C PRO L 189 71.99 -110.31 -64.34
N PRO L 190 71.92 -110.27 -65.67
CA PRO L 190 70.62 -110.37 -66.35
C PRO L 190 69.85 -111.64 -66.05
N THR L 191 70.48 -112.62 -65.41
CA THR L 191 69.76 -113.83 -65.04
C THR L 191 68.75 -113.59 -63.92
N ASP L 192 68.76 -112.42 -63.31
CA ASP L 192 67.80 -112.08 -62.26
C ASP L 192 66.93 -110.92 -62.73
N SER L 193 66.04 -110.48 -61.85
CA SER L 193 65.07 -109.44 -62.16
C SER L 193 65.64 -108.10 -61.70
N SER L 194 66.36 -107.44 -62.60
CA SER L 194 66.91 -106.11 -62.31
C SER L 194 65.84 -105.05 -62.52
N VAL L 195 64.71 -105.25 -61.85
CA VAL L 195 63.57 -104.35 -61.99
C VAL L 195 63.46 -103.39 -60.80
N HIS L 196 64.10 -103.68 -59.68
CA HIS L 196 64.04 -102.80 -58.53
C HIS L 196 64.77 -101.48 -58.77
N ALA L 197 65.58 -101.38 -59.82
CA ALA L 197 66.37 -100.19 -60.08
C ALA L 197 65.64 -99.16 -60.92
N TYR L 198 64.38 -99.41 -61.27
CA TYR L 198 63.65 -98.48 -62.12
C TYR L 198 62.33 -98.03 -61.50
N LYS L 199 62.22 -98.10 -60.18
CA LYS L 199 61.03 -97.67 -59.47
C LYS L 199 61.35 -96.46 -58.59
N THR L 200 62.21 -95.58 -59.09
CA THR L 200 62.64 -94.43 -58.28
C THR L 200 61.48 -93.50 -57.98
N VAL L 201 60.65 -93.20 -58.98
CA VAL L 201 59.54 -92.27 -58.79
C VAL L 201 58.31 -92.81 -59.50
N LEU L 202 57.15 -92.28 -59.08
CA LEU L 202 55.87 -92.55 -59.71
C LEU L 202 55.57 -94.04 -59.79
N SER L 203 56.18 -94.84 -58.95
CA SER L 203 55.94 -96.27 -58.99
C SER L 203 55.53 -96.83 -57.64
N ARG L 204 56.16 -96.38 -56.56
CA ARG L 204 55.87 -96.93 -55.24
C ARG L 204 54.43 -96.66 -54.86
N GLY L 205 53.84 -97.63 -54.14
CA GLY L 205 52.50 -97.51 -53.62
C GLY L 205 51.47 -98.25 -54.43
N TYR L 206 51.71 -98.50 -55.71
CA TYR L 206 50.75 -99.23 -56.51
C TYR L 206 51.42 -100.35 -57.31
N ILE L 207 52.67 -100.14 -57.70
CA ILE L 207 53.34 -101.13 -58.52
C ILE L 207 53.69 -102.34 -57.68
N ASP L 208 53.82 -103.49 -58.35
CA ASP L 208 54.25 -104.71 -57.69
C ASP L 208 55.77 -104.81 -57.74
N ASN L 209 56.32 -105.60 -56.81
CA ASN L 209 57.76 -105.79 -56.75
C ASN L 209 58.32 -106.26 -58.08
N ALA L 210 57.60 -107.16 -58.75
CA ALA L 210 58.10 -107.75 -59.98
C ALA L 210 57.86 -106.90 -61.22
N GLN L 211 57.16 -105.79 -61.10
CA GLN L 211 56.74 -105.01 -62.25
C GLN L 211 57.54 -103.72 -62.37
N PHE L 212 57.43 -103.11 -63.54
CA PHE L 212 57.85 -101.74 -63.77
C PHE L 212 56.83 -101.09 -64.69
N ASN L 213 56.73 -99.77 -64.62
CA ASN L 213 55.73 -99.07 -65.40
C ASN L 213 56.37 -98.51 -66.66
N PRO L 214 56.03 -99.02 -67.84
CA PRO L 214 56.60 -98.45 -69.07
C PRO L 214 56.22 -96.99 -69.28
N LEU L 215 55.06 -96.57 -68.79
CA LEU L 215 54.62 -95.20 -69.08
C LEU L 215 55.55 -94.17 -68.47
N ALA L 216 56.21 -94.49 -67.36
CA ALA L 216 57.13 -93.59 -66.70
C ALA L 216 58.58 -94.03 -66.87
N LEU L 217 58.88 -94.70 -67.97
CA LEU L 217 60.19 -95.32 -68.12
C LEU L 217 61.30 -94.27 -68.20
N ARG L 218 61.13 -93.27 -69.06
CA ARG L 218 62.22 -92.35 -69.33
C ARG L 218 62.66 -91.63 -68.06
N SER L 219 61.70 -91.17 -67.27
CA SER L 219 62.04 -90.46 -66.04
C SER L 219 62.85 -91.34 -65.10
N ASN L 220 62.37 -92.56 -64.86
CA ASN L 220 63.08 -93.45 -63.94
C ASN L 220 64.47 -93.78 -64.46
N VAL L 221 64.59 -94.01 -65.77
CA VAL L 221 65.92 -94.25 -66.35
C VAL L 221 66.81 -93.05 -66.12
N LEU L 222 66.26 -91.85 -66.32
CA LEU L 222 67.06 -90.65 -66.12
C LEU L 222 67.59 -90.58 -64.70
N LEU L 223 66.72 -90.82 -63.71
CA LEU L 223 67.15 -90.74 -62.33
C LEU L 223 68.20 -91.79 -62.02
N MET L 224 68.04 -93.00 -62.55
CA MET L 224 69.03 -94.03 -62.33
C MET L 224 70.40 -93.60 -62.86
N LEU L 225 70.41 -93.00 -64.05
CA LEU L 225 71.66 -92.49 -64.59
C LEU L 225 72.22 -91.38 -63.70
N LEU L 226 71.34 -90.52 -63.19
CA LEU L 226 71.80 -89.45 -62.32
C LEU L 226 72.47 -90.02 -61.08
N GLN L 227 71.87 -91.04 -60.47
CA GLN L 227 72.50 -91.68 -59.33
C GLN L 227 73.83 -92.31 -59.72
N PHE L 228 73.87 -92.94 -60.89
CA PHE L 228 75.13 -93.49 -61.37
C PHE L 228 76.19 -92.40 -61.46
N THR L 229 75.83 -91.24 -61.98
CA THR L 229 76.79 -90.15 -62.09
C THR L 229 77.24 -89.67 -60.72
N LEU L 230 76.27 -89.41 -59.83
CA LEU L 230 76.62 -88.86 -58.52
C LEU L 230 77.48 -89.83 -57.74
N SER L 231 77.34 -91.11 -57.97
CA SER L 231 78.09 -92.12 -57.22
C SER L 231 79.52 -92.26 -57.70
N ASN L 232 80.03 -91.30 -58.47
CA ASN L 232 81.40 -91.38 -58.98
C ASN L 232 82.16 -90.08 -58.84
N LEU L 233 81.57 -89.04 -58.26
CA LEU L 233 82.25 -87.76 -58.13
C LEU L 233 83.34 -87.84 -57.07
N LYS L 234 84.57 -88.15 -57.49
CA LYS L 234 85.68 -88.27 -56.56
C LYS L 234 86.97 -88.11 -57.33
N ILE L 235 88.03 -87.84 -56.61
CA ILE L 235 89.34 -87.55 -57.20
C ILE L 235 90.12 -88.85 -57.34
N ASN L 236 90.89 -88.94 -58.42
CA ASN L 236 91.75 -90.11 -58.66
C ASN L 236 93.09 -89.86 -57.99
N LYS L 237 93.18 -90.27 -56.72
CA LYS L 237 94.42 -90.15 -55.99
C LYS L 237 95.48 -91.07 -56.59
N SER L 238 96.73 -90.64 -56.50
CA SER L 238 97.85 -91.48 -56.90
C SER L 238 98.35 -92.26 -55.69
N SER L 239 98.93 -93.43 -55.95
CA SER L 239 99.40 -94.31 -54.90
C SER L 239 100.90 -94.56 -55.09
N THR L 240 101.43 -95.47 -54.29
CA THR L 240 102.83 -95.85 -54.43
C THR L 240 103.03 -96.71 -55.66
N PHE L 241 104.28 -96.88 -56.05
CA PHE L 241 104.63 -97.64 -57.24
C PHE L 241 105.73 -98.62 -56.93
N THR L 242 105.82 -99.65 -57.78
CA THR L 242 106.91 -100.60 -57.73
C THR L 242 107.41 -100.84 -59.15
N SER L 243 108.72 -100.90 -59.31
CA SER L 243 109.28 -101.28 -60.59
C SER L 243 109.07 -102.76 -60.83
N ASP L 244 108.75 -103.12 -62.07
CA ASP L 244 108.49 -104.50 -62.42
C ASP L 244 109.72 -105.12 -63.06
N VAL L 245 109.93 -106.41 -62.77
CA VAL L 245 111.01 -107.19 -63.34
C VAL L 245 110.50 -108.45 -64.01
N THR L 246 109.19 -108.53 -64.27
CA THR L 246 108.58 -109.77 -64.73
C THR L 246 108.50 -109.77 -66.25
N THR L 247 109.41 -110.52 -66.88
CA THR L 247 109.36 -110.89 -68.30
C THR L 247 109.19 -109.65 -69.15
N ILE L 248 108.25 -109.63 -70.11
CA ILE L 248 108.19 -108.57 -71.11
C ILE L 248 107.89 -107.22 -70.48
N THR L 249 107.20 -107.21 -69.36
CA THR L 249 106.86 -105.96 -68.70
C THR L 249 107.95 -105.46 -67.77
N SER L 250 109.08 -106.16 -67.71
CA SER L 250 110.20 -105.69 -66.89
C SER L 250 110.62 -104.30 -67.34
N GLY L 251 110.90 -103.44 -66.37
CA GLY L 251 111.26 -102.07 -66.62
C GLY L 251 110.11 -101.10 -66.50
N ARG L 252 108.87 -101.57 -66.60
CA ARG L 252 107.72 -100.70 -66.40
C ARG L 252 107.52 -100.46 -64.92
N MET L 253 106.71 -99.45 -64.61
CA MET L 253 106.35 -99.12 -63.24
C MET L 253 104.84 -99.22 -63.07
N ILE L 254 104.42 -99.85 -61.97
CA ILE L 254 103.02 -100.15 -61.74
C ILE L 254 102.64 -99.72 -60.33
N ARG L 255 101.33 -99.55 -60.12
CA ARG L 255 100.85 -99.11 -58.82
C ARG L 255 100.80 -100.30 -57.86
N ALA L 256 100.57 -100.00 -56.59
CA ALA L 256 100.76 -100.96 -55.51
C ALA L 256 99.49 -101.72 -55.14
N PHE L 257 98.43 -101.00 -54.77
CA PHE L 257 97.19 -101.62 -54.28
C PHE L 257 97.46 -102.46 -53.03
N GLU L 258 98.07 -101.83 -52.04
CA GLU L 258 98.36 -102.55 -50.80
C GLU L 258 97.09 -102.93 -50.06
N GLY L 259 96.04 -102.11 -50.16
CA GLY L 259 94.84 -102.38 -49.39
C GLY L 259 94.15 -103.66 -49.80
N ARG L 260 93.97 -103.86 -51.11
CA ARG L 260 93.34 -105.06 -51.65
C ARG L 260 94.31 -105.68 -52.64
N PRO L 261 95.12 -106.64 -52.20
CA PRO L 261 96.20 -107.13 -53.07
C PRO L 261 95.75 -107.72 -54.39
N GLU L 262 94.59 -108.38 -54.42
CA GLU L 262 94.18 -109.06 -55.64
C GLU L 262 93.88 -108.08 -56.78
N LEU L 263 93.70 -106.80 -56.48
CA LEU L 263 93.45 -105.83 -57.54
C LEU L 263 94.61 -105.78 -58.53
N LEU L 264 95.83 -106.06 -58.06
CA LEU L 264 96.99 -106.02 -58.93
C LEU L 264 96.80 -106.92 -60.15
N ALA L 265 96.19 -108.09 -59.93
CA ALA L 265 95.94 -108.98 -61.06
C ALA L 265 94.98 -108.36 -62.05
N LEU L 266 93.96 -107.66 -61.56
CA LEU L 266 92.98 -107.06 -62.45
C LEU L 266 93.49 -105.81 -63.12
N ALA L 267 94.37 -105.06 -62.45
CA ALA L 267 94.71 -103.72 -62.93
C ALA L 267 95.42 -103.75 -64.26
N TYR L 268 96.28 -104.73 -64.50
CA TYR L 268 97.12 -104.76 -65.70
C TYR L 268 96.96 -106.11 -66.40
N PRO L 269 95.86 -106.32 -67.10
CA PRO L 269 95.76 -107.49 -67.96
C PRO L 269 96.86 -107.45 -69.01
N GLY L 270 97.39 -108.62 -69.33
CA GLY L 270 98.53 -108.74 -70.20
C GLY L 270 99.85 -108.89 -69.48
N ARG L 271 99.90 -108.52 -68.21
CA ARG L 271 101.08 -108.80 -67.41
C ARG L 271 101.23 -110.31 -67.23
N ALA L 272 102.44 -110.79 -67.52
CA ALA L 272 102.86 -112.16 -67.22
C ALA L 272 101.75 -113.17 -67.52
N VAL L 273 101.29 -113.16 -68.75
CA VAL L 273 100.21 -114.04 -69.15
C VAL L 273 100.76 -115.42 -69.47
N LEU L 274 100.05 -116.45 -69.02
CA LEU L 274 100.45 -117.81 -69.36
C LEU L 274 100.28 -118.04 -70.85
N PRO L 275 101.24 -118.68 -71.50
CA PRO L 275 101.11 -118.92 -72.93
C PRO L 275 100.26 -120.14 -73.23
N THR L 276 99.13 -120.26 -72.52
CA THR L 276 98.22 -121.37 -72.76
C THR L 276 97.32 -121.07 -73.95
N GLN L 277 96.60 -122.09 -74.40
CA GLN L 277 95.73 -121.97 -75.56
C GLN L 277 94.27 -121.88 -75.08
N THR L 278 93.89 -120.68 -74.69
CA THR L 278 92.50 -120.38 -74.37
C THR L 278 92.11 -119.08 -75.05
N LYS L 279 90.80 -118.87 -75.18
CA LYS L 279 90.31 -117.72 -75.91
C LYS L 279 90.90 -116.43 -75.37
N ASN L 280 90.78 -116.21 -74.06
CA ASN L 280 91.32 -114.98 -73.49
C ASN L 280 92.84 -114.96 -73.54
N ALA L 281 93.48 -116.12 -73.39
CA ALA L 281 94.93 -116.17 -73.52
C ALA L 281 95.36 -115.74 -74.91
N GLN L 282 94.66 -116.22 -75.94
CA GLN L 282 94.97 -115.79 -77.29
C GLN L 282 94.81 -114.29 -77.44
N PHE L 283 93.73 -113.74 -76.88
CA PHE L 283 93.52 -112.30 -76.94
C PHE L 283 94.63 -111.56 -76.20
N LEU L 284 94.93 -112.00 -74.98
CA LEU L 284 95.90 -111.28 -74.17
C LEU L 284 97.29 -111.31 -74.78
N SER L 285 97.61 -112.34 -75.56
CA SER L 285 98.94 -112.44 -76.13
C SER L 285 99.23 -111.32 -77.11
N THR L 286 98.22 -110.56 -77.51
CA THR L 286 98.40 -109.44 -78.43
C THR L 286 98.57 -108.11 -77.72
N ALA L 287 98.64 -108.11 -76.39
CA ALA L 287 98.76 -106.86 -75.66
C ALA L 287 100.09 -106.18 -75.94
N ILE L 288 100.09 -104.86 -75.90
CA ILE L 288 101.29 -104.06 -76.11
C ILE L 288 101.98 -103.85 -74.78
N ALA L 289 103.24 -104.27 -74.68
CA ALA L 289 103.94 -104.19 -73.40
C ALA L 289 104.13 -102.75 -72.96
N ASP L 290 104.40 -101.85 -73.89
CA ASP L 290 104.75 -100.48 -73.56
C ASP L 290 103.57 -99.64 -73.13
N ARG L 291 102.42 -100.25 -72.86
CA ARG L 291 101.25 -99.52 -72.39
C ARG L 291 100.78 -100.04 -71.04
N ILE L 292 101.72 -100.47 -70.21
CA ILE L 292 101.43 -100.93 -68.86
C ILE L 292 102.02 -99.93 -67.88
N GLY L 293 101.20 -99.50 -66.92
CA GLY L 293 101.68 -98.61 -65.89
C GLY L 293 101.81 -97.17 -66.35
N ARG L 294 102.70 -96.44 -65.68
CA ARG L 294 102.85 -95.02 -65.97
C ARG L 294 103.54 -94.82 -67.31
N LEU L 295 103.18 -93.72 -67.98
CA LEU L 295 103.73 -93.40 -69.28
C LEU L 295 104.79 -92.32 -69.23
N ASP L 296 104.68 -91.40 -68.28
CA ASP L 296 105.55 -90.24 -68.22
C ASP L 296 106.83 -90.56 -67.46
N ARG L 297 107.76 -89.61 -67.49
CA ARG L 297 108.81 -89.54 -66.49
C ARG L 297 108.32 -88.68 -65.33
N ALA L 298 108.98 -88.83 -64.19
CA ALA L 298 108.56 -88.11 -63.00
C ALA L 298 108.63 -86.60 -63.25
N ASN L 299 107.58 -85.90 -62.81
CA ASN L 299 107.48 -84.46 -63.00
C ASN L 299 107.11 -83.79 -61.69
N LEU L 300 107.57 -82.55 -61.53
CA LEU L 300 107.15 -81.69 -60.41
C LEU L 300 107.27 -82.44 -59.09
N ILE L 301 108.46 -82.86 -58.81
CA ILE L 301 108.71 -83.79 -57.71
C ILE L 301 108.91 -83.02 -56.41
N GLY L 302 108.38 -83.59 -55.33
CA GLY L 302 108.78 -83.21 -53.99
C GLY L 302 109.14 -84.43 -53.19
N GLY L 303 110.39 -84.56 -52.80
CA GLY L 303 110.82 -85.73 -52.05
C GLY L 303 110.56 -87.00 -52.83
N GLU L 304 109.85 -87.94 -52.19
CA GLU L 304 109.50 -89.19 -52.86
C GLU L 304 108.60 -88.93 -54.07
N VAL L 305 107.65 -88.02 -53.93
CA VAL L 305 106.43 -88.05 -54.72
C VAL L 305 106.45 -86.99 -55.81
N SER L 306 105.67 -87.28 -56.86
CA SER L 306 105.40 -86.34 -57.93
C SER L 306 104.05 -85.69 -57.71
N ALA L 307 103.89 -84.48 -58.23
CA ALA L 307 102.63 -83.77 -58.06
C ALA L 307 101.48 -84.49 -58.75
N MET L 308 101.68 -84.94 -59.98
CA MET L 308 100.69 -85.70 -60.70
C MET L 308 101.39 -86.63 -61.67
N VAL L 309 100.71 -87.72 -62.02
CA VAL L 309 101.30 -88.77 -62.83
C VAL L 309 100.31 -89.20 -63.91
N GLU L 310 100.82 -89.46 -65.09
CA GLU L 310 100.04 -89.95 -66.21
C GLU L 310 100.31 -91.45 -66.37
N CYS L 311 99.27 -92.26 -66.34
CA CYS L 311 99.45 -93.70 -66.35
C CYS L 311 98.35 -94.35 -67.18
N MET L 312 98.59 -95.59 -67.56
CA MET L 312 97.66 -96.38 -68.35
C MET L 312 97.29 -97.63 -67.55
N GLU L 313 96.01 -97.81 -67.29
CA GLU L 313 95.55 -98.94 -66.49
C GLU L 313 94.08 -99.18 -66.80
N LEU L 314 93.56 -100.27 -66.25
CA LEU L 314 92.16 -100.61 -66.46
C LEU L 314 91.26 -99.48 -65.99
N CYS L 315 90.50 -98.92 -66.93
CA CYS L 315 89.63 -97.80 -66.62
C CYS L 315 88.64 -97.62 -67.75
N ASP L 316 87.35 -97.61 -67.40
CA ASP L 316 86.32 -97.37 -68.40
C ASP L 316 86.26 -95.88 -68.74
N ALA L 317 85.90 -95.60 -69.99
CA ALA L 317 85.88 -94.21 -70.45
C ALA L 317 84.86 -93.39 -69.67
N LEU L 318 83.68 -93.96 -69.43
CA LEU L 318 82.58 -93.17 -68.88
C LEU L 318 82.93 -92.64 -67.49
N THR L 319 83.38 -93.52 -66.60
CA THR L 319 83.73 -93.09 -65.26
C THR L 319 84.87 -92.09 -65.31
N LEU L 320 85.86 -92.33 -66.16
CA LEU L 320 86.96 -91.40 -66.30
C LEU L 320 86.46 -90.03 -66.72
N HIS L 321 85.53 -90.01 -67.68
CA HIS L 321 84.98 -88.73 -68.12
C HIS L 321 84.28 -88.02 -66.96
N ILE L 322 83.52 -88.77 -66.16
CA ILE L 322 82.83 -88.18 -65.03
C ILE L 322 83.83 -87.57 -64.06
N ARG L 323 84.83 -88.35 -63.66
CA ARG L 323 85.76 -87.89 -62.64
C ARG L 323 86.62 -86.74 -63.15
N GLU L 324 86.93 -86.72 -64.44
CA GLU L 324 87.65 -85.59 -65.00
C GLU L 324 86.84 -84.32 -64.90
N THR L 325 85.54 -84.40 -65.22
CA THR L 325 84.69 -83.23 -65.08
C THR L 325 84.65 -82.75 -63.65
N TYR L 326 84.58 -83.69 -62.70
CA TYR L 326 84.54 -83.32 -61.29
C TYR L 326 85.79 -82.53 -60.91
N VAL L 327 86.95 -82.97 -61.38
CA VAL L 327 88.18 -82.24 -61.14
C VAL L 327 88.09 -80.85 -61.76
N MET L 328 87.61 -80.78 -63.00
CA MET L 328 87.44 -79.48 -63.65
C MET L 328 86.55 -78.58 -62.81
N LEU L 329 85.47 -79.14 -62.26
CA LEU L 329 84.61 -78.36 -61.40
C LEU L 329 85.37 -77.82 -60.20
N LEU L 330 86.13 -78.68 -59.54
CA LEU L 330 86.86 -78.25 -58.34
C LEU L 330 87.84 -77.14 -58.69
N ARG L 331 88.56 -77.29 -59.80
CA ARG L 331 89.53 -76.27 -60.18
C ARG L 331 88.83 -74.95 -60.47
N SER L 332 87.61 -75.01 -60.97
CA SER L 332 86.86 -73.78 -61.19
C SER L 332 86.59 -73.06 -59.88
N MET L 333 86.34 -73.81 -58.82
CA MET L 333 86.14 -73.20 -57.51
C MET L 333 87.44 -72.69 -56.90
N HIS L 334 88.58 -72.96 -57.52
CA HIS L 334 89.85 -72.66 -56.91
C HIS L 334 89.99 -71.16 -56.65
N GLN L 335 90.77 -70.83 -55.63
CA GLN L 335 91.03 -69.46 -55.25
C GLN L 335 92.51 -69.31 -54.96
N ASP L 336 93.15 -68.32 -55.56
CA ASP L 336 94.57 -68.08 -55.30
C ASP L 336 94.76 -67.54 -53.90
N PRO L 337 95.53 -68.26 -53.06
CA PRO L 337 95.63 -67.82 -51.66
C PRO L 337 96.30 -66.47 -51.49
N THR L 338 97.18 -66.06 -52.41
CA THR L 338 97.91 -64.82 -52.22
C THR L 338 96.99 -63.62 -52.15
N GLN L 339 95.79 -63.71 -52.73
CA GLN L 339 94.88 -62.58 -52.75
C GLN L 339 94.11 -62.42 -51.45
N ILE L 340 94.23 -63.36 -50.52
CA ILE L 340 93.43 -63.31 -49.30
C ILE L 340 93.72 -62.04 -48.52
N VAL L 341 95.00 -61.67 -48.42
CA VAL L 341 95.36 -60.51 -47.61
C VAL L 341 94.70 -59.25 -48.15
N GLN L 342 94.70 -59.07 -49.47
CA GLN L 342 94.01 -57.92 -50.04
C GLN L 342 92.52 -58.02 -49.80
N ILE L 343 91.97 -59.24 -49.90
CA ILE L 343 90.56 -59.44 -49.59
C ILE L 343 90.27 -58.99 -48.17
N VAL L 344 91.08 -59.43 -47.23
CA VAL L 344 90.89 -59.04 -45.83
C VAL L 344 91.07 -57.53 -45.67
N ASN L 345 92.12 -56.99 -46.28
CA ASN L 345 92.39 -55.56 -46.14
C ASN L 345 91.25 -54.73 -46.72
N GLU L 346 90.76 -55.12 -47.89
CA GLU L 346 89.67 -54.36 -48.48
C GLU L 346 88.38 -54.51 -47.69
N CYS L 347 88.04 -55.75 -47.30
CA CYS L 347 86.80 -55.97 -46.58
C CYS L 347 86.76 -55.19 -45.28
N ALA L 348 87.91 -55.00 -44.64
CA ALA L 348 87.99 -54.27 -43.39
C ALA L 348 88.09 -52.77 -43.59
N ASN L 349 87.85 -52.29 -44.81
CA ASN L 349 87.94 -50.86 -45.10
C ASN L 349 89.32 -50.31 -44.72
N ASN L 350 90.34 -51.14 -44.92
CA ASN L 350 91.72 -50.77 -44.65
C ASN L 350 91.96 -50.39 -43.20
N LEU L 351 91.05 -50.80 -42.31
CA LEU L 351 91.29 -50.61 -40.88
C LEU L 351 92.20 -51.68 -40.31
N LEU L 352 92.47 -52.73 -41.06
CA LEU L 352 93.38 -53.79 -40.63
C LEU L 352 94.31 -54.13 -41.78
N ASN L 353 95.60 -54.24 -41.47
CA ASN L 353 96.60 -54.68 -42.42
C ASN L 353 97.14 -56.02 -41.95
N SER L 354 97.14 -57.01 -42.83
CA SER L 354 97.45 -58.38 -42.45
C SER L 354 98.49 -58.97 -43.38
N THR L 355 99.14 -60.04 -42.89
CA THR L 355 100.12 -60.78 -43.66
C THR L 355 99.89 -62.27 -43.45
N ILE L 356 99.76 -63.00 -44.55
CA ILE L 356 99.54 -64.44 -44.47
C ILE L 356 100.54 -65.14 -45.39
N PRO L 357 101.71 -65.50 -44.89
CA PRO L 357 102.68 -66.19 -45.74
C PRO L 357 102.15 -67.55 -46.16
N ILE L 358 102.52 -67.96 -47.37
CA ILE L 358 102.10 -69.26 -47.88
C ILE L 358 103.12 -69.75 -48.90
N SER L 359 103.40 -71.05 -48.87
CA SER L 359 104.26 -71.67 -49.86
C SER L 359 103.49 -71.99 -51.12
N LEU L 360 104.13 -71.80 -52.27
CA LEU L 360 103.50 -72.01 -53.56
C LEU L 360 104.01 -73.33 -54.14
N ARG L 361 103.17 -74.35 -54.07
CA ARG L 361 103.48 -75.64 -54.64
C ARG L 361 102.67 -75.87 -55.90
N PRO L 362 103.08 -76.80 -56.76
CA PRO L 362 102.36 -77.00 -58.02
C PRO L 362 100.90 -77.40 -57.82
N THR L 363 100.64 -78.46 -57.07
CA THR L 363 99.27 -78.94 -56.89
C THR L 363 98.75 -78.44 -55.55
N ILE L 364 98.26 -77.21 -55.56
CA ILE L 364 97.67 -76.57 -54.39
C ILE L 364 96.22 -76.27 -54.71
N LEU L 365 95.32 -76.66 -53.80
CA LEU L 365 93.89 -76.55 -54.02
C LEU L 365 93.26 -75.76 -52.89
N CYS L 366 92.55 -74.69 -53.24
CA CYS L 366 91.87 -73.85 -52.25
C CYS L 366 90.50 -73.45 -52.80
N PRO L 367 89.55 -74.36 -52.80
CA PRO L 367 88.23 -74.12 -53.42
C PRO L 367 87.35 -73.21 -52.57
N TRP L 368 87.63 -71.91 -52.63
CA TRP L 368 86.90 -70.95 -51.81
C TRP L 368 86.35 -69.79 -52.63
N PHE L 369 86.12 -69.99 -53.92
CA PHE L 369 85.73 -68.91 -54.80
C PHE L 369 84.41 -69.21 -55.49
N ALA L 370 83.61 -68.18 -55.69
CA ALA L 370 82.35 -68.29 -56.41
C ALA L 370 82.12 -67.01 -57.18
N SER L 371 81.58 -67.15 -58.39
CA SER L 371 81.33 -65.98 -59.22
C SER L 371 80.06 -65.26 -58.77
N SER L 372 79.88 -64.05 -59.29
CA SER L 372 78.69 -63.27 -58.95
C SER L 372 77.42 -63.98 -59.37
N GLU L 373 77.46 -64.63 -60.53
CA GLU L 373 76.27 -65.32 -61.04
C GLU L 373 75.79 -66.37 -60.05
N ASP L 374 76.72 -67.16 -59.51
CA ASP L 374 76.35 -68.19 -58.55
C ASP L 374 75.73 -67.57 -57.31
N LEU L 375 76.34 -66.49 -56.81
CA LEU L 375 75.78 -65.83 -55.64
C LEU L 375 74.40 -65.28 -55.94
N ARG L 376 74.25 -64.62 -57.08
CA ARG L 376 72.94 -64.08 -57.45
C ARG L 376 71.91 -65.19 -57.52
N LEU L 377 72.27 -66.31 -58.14
CA LEU L 377 71.37 -67.45 -58.16
C LEU L 377 71.09 -67.94 -56.75
N GLN L 378 72.12 -68.02 -55.91
CA GLN L 378 71.92 -68.43 -54.53
C GLN L 378 70.98 -67.46 -53.82
N GLN L 379 71.14 -66.16 -54.08
CA GLN L 379 70.31 -65.17 -53.41
C GLN L 379 68.84 -65.37 -53.74
N VAL L 380 68.53 -65.63 -55.00
CA VAL L 380 67.14 -65.86 -55.40
C VAL L 380 66.62 -67.12 -54.74
N MET L 381 67.44 -68.17 -54.70
CA MET L 381 67.01 -69.42 -54.09
C MET L 381 66.63 -69.20 -52.63
N HIS L 382 67.39 -68.39 -51.91
CA HIS L 382 66.98 -67.98 -50.58
C HIS L 382 65.58 -67.39 -50.62
N LEU L 383 65.37 -66.47 -51.57
CA LEU L 383 64.10 -65.75 -51.61
C LEU L 383 62.94 -66.70 -51.88
N VAL L 384 63.12 -67.64 -52.79
CA VAL L 384 62.02 -68.54 -53.12
C VAL L 384 61.77 -69.54 -52.00
N ASN L 385 62.81 -69.95 -51.27
CA ASN L 385 62.65 -70.98 -50.26
C ASN L 385 61.80 -70.53 -49.08
N ILE L 386 61.50 -69.24 -48.97
CA ILE L 386 60.71 -68.73 -47.86
C ILE L 386 59.39 -68.15 -48.34
N SER L 387 59.00 -68.46 -49.58
CA SER L 387 57.80 -67.87 -50.15
C SER L 387 56.54 -68.25 -49.38
N SER L 388 56.56 -69.34 -48.63
CA SER L 388 55.38 -69.74 -47.88
C SER L 388 55.22 -68.91 -46.61
N ASN L 389 56.21 -69.01 -45.71
CA ASN L 389 56.09 -68.32 -44.42
C ASN L 389 56.40 -66.83 -44.58
N THR L 390 57.55 -66.51 -45.17
CA THR L 390 58.00 -65.14 -45.42
C THR L 390 58.31 -64.41 -44.12
N ALA L 391 58.05 -65.05 -42.98
CA ALA L 391 58.41 -64.50 -41.69
C ALA L 391 59.71 -65.09 -41.17
N ALA L 392 60.35 -65.96 -41.95
CA ALA L 392 61.60 -66.58 -41.55
C ALA L 392 62.79 -65.65 -41.73
N ALA L 393 62.60 -64.46 -42.28
CA ALA L 393 63.70 -63.54 -42.48
C ALA L 393 64.09 -62.81 -41.20
N LEU L 394 63.19 -62.76 -40.22
CA LEU L 394 63.48 -62.02 -38.99
C LEU L 394 64.77 -62.43 -38.31
N PRO L 395 65.13 -63.72 -38.21
CA PRO L 395 66.42 -64.06 -37.60
C PRO L 395 67.60 -63.34 -38.21
N LEU L 396 67.57 -63.10 -39.53
CA LEU L 396 68.65 -62.34 -40.16
C LEU L 396 68.82 -60.99 -39.48
N VAL L 397 67.72 -60.26 -39.31
CA VAL L 397 67.79 -58.97 -38.64
C VAL L 397 68.27 -59.15 -37.21
N GLU L 398 67.77 -60.18 -36.52
CA GLU L 398 68.18 -60.42 -35.15
C GLU L 398 69.68 -60.63 -35.06
N ALA L 399 70.22 -61.50 -35.92
CA ALA L 399 71.65 -61.77 -35.87
C ALA L 399 72.45 -60.52 -36.14
N LEU L 400 72.08 -59.78 -37.19
CA LEU L 400 72.84 -58.58 -37.55
C LEU L 400 72.78 -57.55 -36.44
N SER L 401 71.62 -57.39 -35.81
CA SER L 401 71.48 -56.41 -34.75
C SER L 401 72.44 -56.69 -33.61
N THR L 402 72.56 -57.96 -33.20
CA THR L 402 73.46 -58.30 -32.12
C THR L 402 74.91 -58.00 -32.50
N LEU L 403 75.28 -58.29 -33.75
CA LEU L 403 76.64 -58.00 -34.18
C LEU L 403 76.93 -56.51 -34.06
N LEU L 404 76.02 -55.69 -34.56
CA LEU L 404 76.17 -54.25 -34.37
C LEU L 404 76.28 -53.90 -32.90
N ARG L 405 75.49 -54.58 -32.06
CA ARG L 405 75.49 -54.27 -30.64
C ARG L 405 76.88 -54.45 -30.04
N SER L 406 77.55 -55.55 -30.38
CA SER L 406 78.84 -55.85 -29.78
C SER L 406 79.95 -54.98 -30.35
N VAL L 407 79.85 -54.59 -31.62
CA VAL L 407 80.97 -53.96 -32.29
C VAL L 407 81.01 -52.46 -32.02
N THR L 408 79.85 -51.82 -31.97
CA THR L 408 79.81 -50.37 -32.00
C THR L 408 80.48 -49.76 -30.77
N PRO L 409 81.12 -48.60 -30.93
CA PRO L 409 81.62 -47.86 -29.77
C PRO L 409 80.55 -47.00 -29.12
N LEU L 410 79.39 -46.85 -29.74
CA LEU L 410 78.35 -46.00 -29.18
C LEU L 410 77.82 -46.59 -27.89
N VAL L 411 77.51 -45.73 -26.94
CA VAL L 411 76.95 -46.13 -25.66
C VAL L 411 75.62 -45.41 -25.46
N LEU L 412 74.59 -46.16 -25.11
CA LEU L 412 73.28 -45.61 -24.87
C LEU L 412 73.03 -45.50 -23.37
N ASP L 413 72.69 -44.29 -22.91
CA ASP L 413 72.47 -44.04 -21.50
C ASP L 413 71.54 -42.84 -21.32
N PRO L 414 70.37 -43.03 -20.73
CA PRO L 414 69.42 -41.94 -20.57
C PRO L 414 69.68 -41.04 -19.37
N THR L 415 70.84 -41.13 -18.75
CA THR L 415 71.07 -40.42 -17.49
C THR L 415 70.95 -38.92 -17.66
N VAL L 416 71.72 -38.36 -18.61
CA VAL L 416 71.73 -36.91 -18.77
C VAL L 416 70.35 -36.41 -19.16
N LEU L 417 69.67 -37.14 -20.03
CA LEU L 417 68.32 -36.76 -20.41
C LEU L 417 67.40 -36.75 -19.21
N THR L 418 67.55 -37.75 -18.32
CA THR L 418 66.70 -37.84 -17.16
C THR L 418 66.84 -36.59 -16.28
N ASN L 419 68.07 -36.18 -16.03
CA ASN L 419 68.29 -34.99 -15.20
C ASN L 419 67.68 -33.77 -15.85
N ALA L 420 67.87 -33.61 -17.16
CA ALA L 420 67.32 -32.45 -17.85
C ALA L 420 65.80 -32.41 -17.79
N ILE L 421 65.15 -33.55 -17.58
CA ILE L 421 63.70 -33.55 -17.51
C ILE L 421 63.24 -33.24 -16.10
N THR L 422 63.82 -33.92 -15.11
CA THR L 422 63.36 -33.78 -13.73
C THR L 422 63.49 -32.34 -13.24
N THR L 423 64.49 -31.62 -13.73
CA THR L 423 64.64 -30.22 -13.33
C THR L 423 63.50 -29.34 -13.85
N ILE L 424 62.68 -29.85 -14.76
CA ILE L 424 61.52 -29.12 -15.25
C ILE L 424 60.25 -29.51 -14.51
N SER L 425 60.07 -30.80 -14.27
CA SER L 425 58.88 -31.27 -13.57
C SER L 425 59.20 -32.62 -12.94
N GLU L 426 58.34 -33.03 -12.02
CA GLU L 426 58.53 -34.30 -11.31
C GLU L 426 57.27 -35.15 -11.29
N SER L 427 56.25 -34.82 -12.08
CA SER L 427 55.00 -35.56 -12.14
C SER L 427 54.42 -35.79 -10.75
N THR L 428 54.18 -34.67 -10.05
CA THR L 428 53.71 -34.74 -8.67
C THR L 428 52.36 -35.40 -8.56
N THR L 429 51.47 -35.19 -9.54
CA THR L 429 50.15 -35.79 -9.52
C THR L 429 50.09 -37.15 -10.21
N GLN L 430 51.16 -37.55 -10.89
CA GLN L 430 51.19 -38.76 -11.73
C GLN L 430 50.10 -38.72 -12.81
N THR L 431 49.54 -37.55 -13.08
CA THR L 431 48.53 -37.39 -14.12
C THR L 431 48.76 -36.19 -15.03
N ILE L 432 49.57 -35.23 -14.63
CA ILE L 432 49.80 -34.04 -15.45
C ILE L 432 50.49 -34.45 -16.74
N SER L 433 50.53 -33.55 -17.71
CA SER L 433 50.96 -33.89 -19.05
C SER L 433 52.29 -34.64 -19.15
N PRO L 434 53.34 -34.32 -18.37
CA PRO L 434 54.63 -35.01 -18.57
C PRO L 434 54.58 -36.51 -18.28
N ILE L 435 53.39 -37.04 -18.01
CA ILE L 435 53.25 -38.47 -17.72
C ILE L 435 53.88 -39.29 -18.84
N SER L 436 53.61 -38.91 -20.08
CA SER L 436 54.09 -39.69 -21.23
C SER L 436 55.61 -39.81 -21.21
N GLU L 437 56.30 -38.70 -20.99
CA GLU L 437 57.76 -38.76 -20.89
C GLU L 437 58.18 -39.65 -19.74
N ILE L 438 57.57 -39.45 -18.58
CA ILE L 438 57.87 -40.28 -17.42
C ILE L 438 57.51 -41.72 -17.72
N LEU L 439 56.32 -41.95 -18.24
CA LEU L 439 55.85 -43.31 -18.45
C LEU L 439 56.62 -44.00 -19.57
N ARG L 440 56.89 -43.29 -20.66
CA ARG L 440 57.48 -43.95 -21.81
C ARG L 440 58.99 -43.82 -21.83
N LEU L 441 59.52 -42.62 -21.65
CA LEU L 441 60.93 -42.38 -21.88
C LEU L 441 61.77 -42.64 -20.64
N LEU L 442 61.50 -41.89 -19.57
CA LEU L 442 62.33 -41.99 -18.38
C LEU L 442 62.24 -43.38 -17.78
N GLN L 443 61.06 -43.96 -17.78
CA GLN L 443 60.83 -45.32 -17.32
C GLN L 443 61.83 -46.24 -18.01
N PRO L 444 62.81 -46.77 -17.27
CA PRO L 444 63.93 -47.47 -17.92
C PRO L 444 63.53 -48.87 -18.36
N MET L 445 63.55 -49.10 -19.66
CA MET L 445 63.37 -50.47 -20.15
C MET L 445 64.60 -51.32 -19.87
N GLY L 446 65.79 -50.72 -19.93
CA GLY L 446 67.00 -51.51 -19.86
C GLY L 446 67.11 -52.53 -20.98
N ASN L 447 66.34 -52.33 -22.04
CA ASN L 447 66.14 -53.33 -23.08
C ASN L 447 67.37 -53.55 -23.94
N ASP L 448 68.40 -52.71 -23.81
CA ASP L 448 69.47 -52.56 -24.79
C ASP L 448 68.94 -51.99 -26.09
N TYR L 449 67.69 -51.52 -26.09
CA TYR L 449 67.11 -50.76 -27.18
C TYR L 449 67.17 -51.54 -28.49
N ALA L 450 66.67 -52.78 -28.44
CA ALA L 450 66.69 -53.64 -29.61
C ALA L 450 65.95 -53.00 -30.77
N ALA L 451 64.87 -52.29 -30.48
CA ALA L 451 64.10 -51.64 -31.54
C ALA L 451 64.98 -50.71 -32.35
N PHE L 452 65.83 -49.94 -31.67
CA PHE L 452 66.74 -49.04 -32.37
C PHE L 452 67.65 -49.82 -33.31
N TRP L 453 68.31 -50.85 -32.78
CA TRP L 453 69.26 -51.60 -33.60
C TRP L 453 68.56 -52.34 -34.71
N LYS L 454 67.35 -52.81 -34.48
CA LYS L 454 66.63 -53.52 -35.52
C LYS L 454 66.33 -52.61 -36.70
N CYS L 455 66.08 -51.33 -36.44
CA CYS L 455 65.88 -50.40 -37.55
C CYS L 455 67.11 -50.33 -38.43
N ILE L 456 68.28 -50.16 -37.80
CA ILE L 456 69.52 -50.09 -38.57
C ILE L 456 69.76 -51.40 -39.31
N ALA L 457 69.54 -52.52 -38.62
CA ALA L 457 69.76 -53.82 -39.25
C ALA L 457 68.86 -54.00 -40.47
N SER L 458 67.61 -53.54 -40.37
CA SER L 458 66.69 -53.71 -41.49
C SER L 458 67.18 -53.02 -42.74
N TRP L 459 67.93 -51.94 -42.59
CA TRP L 459 68.40 -51.20 -43.76
C TRP L 459 69.20 -52.10 -44.70
N ALA L 460 69.94 -53.05 -44.16
CA ALA L 460 70.67 -53.98 -44.99
C ALA L 460 69.78 -55.03 -45.63
N TYR L 461 68.52 -55.13 -45.21
CA TYR L 461 67.63 -56.16 -45.73
C TYR L 461 66.28 -55.60 -46.13
N ASN L 462 66.19 -54.31 -46.46
CA ASN L 462 64.95 -53.81 -47.01
C ASN L 462 64.67 -54.47 -48.34
N GLY L 463 63.40 -54.54 -48.70
CA GLY L 463 62.98 -55.40 -49.78
C GLY L 463 62.87 -56.85 -49.38
N LEU L 464 63.30 -57.20 -48.18
CA LEU L 464 63.06 -58.50 -47.59
C LEU L 464 62.35 -58.40 -46.26
N VAL L 465 62.67 -57.37 -45.47
CA VAL L 465 61.96 -57.02 -44.25
C VAL L 465 61.83 -55.52 -44.21
N THR L 466 60.67 -55.02 -43.78
CA THR L 466 60.47 -53.59 -43.61
C THR L 466 60.02 -53.32 -42.18
N THR L 467 60.74 -52.43 -41.50
CA THR L 467 60.32 -51.98 -40.18
C THR L 467 59.22 -50.94 -40.34
N VAL L 468 58.10 -51.16 -39.65
CA VAL L 468 57.01 -50.21 -39.64
C VAL L 468 56.78 -49.76 -38.21
N LEU L 469 56.38 -48.51 -38.05
CA LEU L 469 56.03 -48.01 -36.73
C LEU L 469 54.93 -48.87 -36.14
N SER L 470 55.08 -49.24 -34.87
CA SER L 470 54.09 -50.06 -34.21
C SER L 470 52.72 -49.39 -34.30
N GLU L 471 51.74 -50.14 -34.79
CA GLU L 471 50.44 -49.54 -35.09
C GLU L 471 49.79 -48.97 -33.85
N ASP L 472 49.91 -49.68 -32.72
CA ASP L 472 49.31 -49.19 -31.49
C ASP L 472 49.90 -47.88 -31.02
N ALA L 473 51.08 -47.51 -31.52
CA ALA L 473 51.69 -46.26 -31.09
C ALA L 473 50.98 -45.04 -31.67
N PHE L 474 50.17 -45.22 -32.71
CA PHE L 474 49.46 -44.10 -33.29
C PHE L 474 48.41 -43.58 -32.32
N PRO L 475 48.14 -42.28 -32.33
CA PRO L 475 47.02 -41.75 -31.56
C PRO L 475 45.70 -42.22 -32.16
N ASP L 476 44.68 -42.25 -31.31
CA ASP L 476 43.36 -42.65 -31.77
C ASP L 476 42.83 -41.66 -32.79
N SER L 477 42.31 -42.18 -33.91
CA SER L 477 41.81 -41.31 -34.95
C SER L 477 40.61 -40.50 -34.49
N SER L 478 39.82 -41.05 -33.56
CA SER L 478 38.68 -40.32 -33.04
C SER L 478 39.11 -39.18 -32.12
N GLN L 479 40.35 -39.19 -31.66
CA GLN L 479 40.80 -38.24 -30.65
C GLN L 479 40.90 -36.85 -31.23
N SER L 480 41.07 -35.87 -30.35
CA SER L 480 41.29 -34.49 -30.71
C SER L 480 42.70 -34.07 -30.33
N ILE L 481 43.16 -32.97 -30.94
CA ILE L 481 44.52 -32.50 -30.68
C ILE L 481 44.69 -32.09 -29.23
N THR L 482 43.61 -31.67 -28.58
CA THR L 482 43.71 -31.21 -27.19
C THR L 482 44.12 -32.32 -26.24
N HIS L 483 43.87 -33.57 -26.60
CA HIS L 483 44.22 -34.69 -25.72
C HIS L 483 45.74 -34.84 -25.70
N LEU L 484 46.36 -34.27 -24.67
CA LEU L 484 47.82 -34.18 -24.63
C LEU L 484 48.54 -35.49 -24.81
N PRO L 485 48.14 -36.61 -24.20
CA PRO L 485 48.87 -37.86 -24.43
C PRO L 485 48.96 -38.22 -25.90
N SER L 486 47.89 -37.98 -26.66
CA SER L 486 47.97 -38.19 -28.11
C SER L 486 48.98 -37.26 -28.74
N MET L 487 49.04 -36.02 -28.26
CA MET L 487 49.98 -35.07 -28.83
C MET L 487 51.42 -35.56 -28.66
N TRP L 488 51.73 -36.11 -27.49
CA TRP L 488 53.07 -36.67 -27.30
C TRP L 488 53.31 -37.83 -28.24
N LYS L 489 52.32 -38.69 -28.43
CA LYS L 489 52.47 -39.80 -29.36
C LYS L 489 52.83 -39.29 -30.75
N CYS L 490 52.18 -38.21 -31.18
CA CYS L 490 52.48 -37.65 -32.49
C CYS L 490 53.92 -37.17 -32.56
N LEU L 491 54.40 -36.53 -31.50
CA LEU L 491 55.78 -36.05 -31.49
C LEU L 491 56.76 -37.19 -31.62
N PHE L 492 56.62 -38.22 -30.78
CA PHE L 492 57.53 -39.35 -30.85
C PHE L 492 57.43 -40.02 -32.22
N LEU L 493 56.21 -40.15 -32.74
CA LEU L 493 56.05 -40.75 -34.05
C LEU L 493 56.80 -39.96 -35.11
N THR L 494 56.68 -38.64 -35.06
CA THR L 494 57.38 -37.81 -36.03
C THR L 494 58.88 -37.93 -35.87
N LEU L 495 59.38 -37.92 -34.64
CA LEU L 495 60.82 -37.95 -34.41
C LEU L 495 61.43 -39.21 -34.98
N ALA L 496 60.89 -40.36 -34.61
CA ALA L 496 61.44 -41.63 -35.09
C ALA L 496 60.76 -42.08 -36.37
N GLY L 497 60.68 -41.17 -37.34
CA GLY L 497 60.10 -41.49 -38.61
C GLY L 497 61.12 -42.02 -39.59
N PRO L 498 62.15 -41.21 -39.90
CA PRO L 498 63.12 -41.62 -40.92
C PRO L 498 63.96 -42.82 -40.52
N MET L 499 63.86 -43.30 -39.29
CA MET L 499 64.62 -44.47 -38.90
C MET L 499 64.05 -45.75 -39.49
N THR L 500 62.76 -45.79 -39.80
CA THR L 500 62.15 -47.00 -40.32
C THR L 500 62.42 -47.15 -41.81
N SER L 501 62.29 -48.38 -42.29
CA SER L 501 62.50 -48.70 -43.69
C SER L 501 61.23 -48.65 -44.52
N ASP L 502 60.10 -48.37 -43.91
CA ASP L 502 58.84 -48.32 -44.64
C ASP L 502 58.85 -47.14 -45.60
N PRO L 503 58.66 -47.36 -46.90
CA PRO L 503 58.57 -46.23 -47.82
C PRO L 503 57.41 -45.31 -47.55
N HIS L 504 56.37 -45.78 -46.87
CA HIS L 504 55.19 -44.97 -46.62
C HIS L 504 55.27 -44.17 -45.32
N SER L 505 56.41 -44.24 -44.63
CA SER L 505 56.54 -43.55 -43.35
C SER L 505 56.19 -42.07 -43.42
N PRO L 506 56.68 -41.28 -44.38
CA PRO L 506 56.34 -39.84 -44.36
C PRO L 506 54.85 -39.59 -44.41
N VAL L 507 54.13 -40.30 -45.27
CA VAL L 507 52.69 -40.09 -45.36
C VAL L 507 52.01 -40.47 -44.05
N LYS L 508 52.42 -41.60 -43.49
CA LYS L 508 51.83 -42.02 -42.22
C LYS L 508 52.08 -40.97 -41.14
N VAL L 509 53.29 -40.43 -41.09
CA VAL L 509 53.58 -39.37 -40.13
C VAL L 509 52.69 -38.17 -40.39
N PHE L 510 52.56 -37.78 -41.65
CA PHE L 510 51.77 -36.60 -41.99
C PHE L 510 50.31 -36.80 -41.57
N MET L 511 49.72 -37.92 -41.96
CA MET L 511 48.31 -38.14 -41.64
C MET L 511 48.08 -38.23 -40.14
N ALA L 512 49.07 -38.72 -39.39
CA ALA L 512 48.93 -38.83 -37.95
C ALA L 512 48.57 -37.48 -37.35
N LEU L 513 49.28 -36.43 -37.76
CA LEU L 513 48.91 -35.09 -37.31
C LEU L 513 47.60 -34.65 -37.94
N ALA L 514 47.38 -35.00 -39.21
CA ALA L 514 46.18 -34.56 -39.89
C ALA L 514 44.93 -35.04 -39.18
N ASN L 515 44.96 -36.26 -38.65
CA ASN L 515 43.80 -36.78 -37.94
C ASN L 515 43.49 -35.92 -36.73
N LEU L 516 44.51 -35.53 -35.97
CA LEU L 516 44.26 -34.75 -34.77
C LEU L 516 43.68 -33.39 -35.10
N LEU L 517 44.15 -32.78 -36.18
CA LEU L 517 43.70 -31.45 -36.56
C LEU L 517 42.45 -31.47 -37.42
N ALA L 518 41.73 -32.59 -37.45
CA ALA L 518 40.55 -32.67 -38.31
C ALA L 518 39.51 -31.65 -37.92
N GLN L 519 39.25 -31.49 -36.61
CA GLN L 519 38.26 -30.50 -36.18
C GLN L 519 38.75 -29.08 -36.40
N PRO L 520 39.89 -28.65 -35.84
CA PRO L 520 40.24 -27.24 -35.96
C PRO L 520 40.63 -26.82 -37.35
N GLU L 521 41.28 -27.70 -38.12
CA GLU L 521 41.79 -27.37 -39.44
C GLU L 521 41.34 -28.41 -40.45
N PRO L 522 40.11 -28.32 -40.94
CA PRO L 522 39.67 -29.21 -42.02
C PRO L 522 40.48 -28.94 -43.28
N ILE L 523 40.70 -30.00 -44.05
CA ILE L 523 41.42 -29.90 -45.31
C ILE L 523 40.90 -30.96 -46.26
N ALA L 524 40.81 -30.61 -47.53
CA ALA L 524 40.31 -31.53 -48.54
C ALA L 524 41.36 -32.56 -48.88
N ILE L 525 40.95 -33.83 -48.91
CA ILE L 525 41.81 -34.94 -49.31
C ILE L 525 41.26 -35.48 -50.62
N GLY L 526 42.04 -35.36 -51.69
CA GLY L 526 41.52 -35.67 -53.02
C GLY L 526 41.32 -37.14 -53.29
N VAL L 527 41.87 -38.02 -52.46
CA VAL L 527 41.75 -39.44 -52.71
C VAL L 527 40.32 -39.88 -52.46
N PRO L 528 39.63 -40.45 -53.45
CA PRO L 528 38.28 -40.94 -53.22
C PRO L 528 38.28 -42.09 -52.24
N GLY L 529 37.22 -42.16 -51.45
CA GLY L 529 37.13 -43.21 -50.46
C GLY L 529 38.04 -43.05 -49.27
N MET L 530 38.53 -41.83 -49.03
CA MET L 530 39.40 -41.57 -47.90
C MET L 530 38.94 -40.29 -47.21
N HIS L 531 39.30 -40.15 -45.95
CA HIS L 531 38.90 -38.99 -45.18
C HIS L 531 39.98 -38.64 -44.18
N GLN L 532 39.96 -37.38 -43.73
CA GLN L 532 40.92 -36.93 -42.75
C GLN L 532 40.80 -37.70 -41.45
N THR L 533 39.68 -38.37 -41.20
CA THR L 533 39.49 -39.17 -40.01
C THR L 533 39.99 -40.60 -40.18
N THR L 534 40.44 -40.98 -41.36
CA THR L 534 40.89 -42.34 -41.58
C THR L 534 42.14 -42.61 -40.74
N PRO L 535 42.23 -43.77 -40.10
CA PRO L 535 43.43 -44.08 -39.32
C PRO L 535 44.70 -43.97 -40.15
N ALA L 536 45.65 -43.20 -39.62
CA ALA L 536 46.84 -42.88 -40.40
C ALA L 536 47.64 -44.12 -40.76
N SER L 537 47.71 -45.08 -39.84
CA SER L 537 48.52 -46.27 -40.08
C SER L 537 48.06 -47.02 -41.31
N GLN L 538 46.78 -46.88 -41.68
CA GLN L 538 46.26 -47.63 -42.81
C GLN L 538 46.70 -47.06 -44.15
N PHE L 539 47.25 -45.85 -44.19
CA PHE L 539 47.79 -45.31 -45.42
C PHE L 539 49.03 -46.10 -45.77
N SER L 540 48.90 -47.04 -46.70
CA SER L 540 49.99 -47.98 -46.95
C SER L 540 50.18 -48.27 -48.43
N HIS L 541 49.85 -47.31 -49.30
CA HIS L 541 49.97 -47.57 -50.72
C HIS L 541 50.20 -46.25 -51.44
N PRO L 542 51.02 -46.24 -52.48
CA PRO L 542 51.29 -44.98 -53.18
C PRO L 542 50.03 -44.32 -53.72
N GLY L 543 49.05 -45.11 -54.12
CA GLY L 543 47.85 -44.56 -54.73
C GLY L 543 47.02 -43.69 -53.82
N VAL L 544 47.19 -43.84 -52.50
CA VAL L 544 46.35 -43.11 -51.55
C VAL L 544 47.10 -41.93 -50.94
N TRP L 545 48.20 -41.52 -51.53
CA TRP L 545 48.90 -40.35 -51.02
C TRP L 545 48.09 -39.10 -51.35
N PRO L 546 47.76 -38.28 -50.36
CA PRO L 546 46.95 -37.08 -50.61
C PRO L 546 47.67 -36.15 -51.58
N PRO L 547 46.94 -35.56 -52.53
CA PRO L 547 47.58 -34.61 -53.45
C PRO L 547 48.21 -33.43 -52.74
N GLY L 548 47.56 -32.92 -51.70
CA GLY L 548 48.12 -31.79 -50.98
C GLY L 548 49.45 -32.11 -50.35
N PHE L 549 49.61 -33.35 -49.88
CA PHE L 549 50.91 -33.76 -49.35
C PHE L 549 51.96 -33.73 -50.45
N LEU L 550 51.60 -34.16 -51.66
CA LEU L 550 52.55 -34.12 -52.76
C LEU L 550 52.86 -32.69 -53.18
N ASN L 551 51.88 -31.78 -53.06
CA ASN L 551 52.07 -30.38 -53.44
C ASN L 551 51.45 -29.50 -52.36
N PRO L 552 52.27 -28.96 -51.46
CA PRO L 552 51.71 -28.16 -50.36
C PRO L 552 51.00 -26.90 -50.80
N GLN L 553 51.22 -26.44 -52.03
CA GLN L 553 50.53 -25.24 -52.50
C GLN L 553 49.02 -25.40 -52.44
N LEU L 554 48.53 -26.64 -52.50
CA LEU L 554 47.10 -26.87 -52.46
C LEU L 554 46.48 -26.58 -51.11
N ILE L 555 47.29 -26.33 -50.08
CA ILE L 555 46.80 -26.05 -48.74
C ILE L 555 46.87 -24.55 -48.52
N ASN L 556 45.73 -23.94 -48.22
CA ASN L 556 45.70 -22.50 -48.00
C ASN L 556 46.40 -22.17 -46.69
N PRO L 557 47.39 -21.27 -46.70
CA PRO L 557 48.11 -20.96 -45.46
C PRO L 557 47.19 -20.44 -44.35
N GLN L 558 46.31 -19.50 -44.67
CA GLN L 558 45.43 -18.97 -43.64
C GLN L 558 44.47 -20.04 -43.13
N GLN L 559 43.97 -20.87 -44.05
CA GLN L 559 42.97 -21.87 -43.66
C GLN L 559 43.56 -22.87 -42.66
N ALA L 560 44.70 -23.47 -43.02
CA ALA L 560 45.30 -24.52 -42.20
C ALA L 560 46.80 -24.28 -42.10
N PRO L 561 47.20 -23.25 -41.35
CA PRO L 561 48.64 -22.92 -41.29
C PRO L 561 49.50 -24.05 -40.77
N LEU L 562 49.05 -24.77 -39.74
CA LEU L 562 49.88 -25.80 -39.14
C LEU L 562 50.17 -26.91 -40.15
N LEU L 563 49.13 -27.40 -40.82
CA LEU L 563 49.34 -28.44 -41.81
C LEU L 563 50.22 -27.95 -42.95
N ARG L 564 49.99 -26.72 -43.39
CA ARG L 564 50.82 -26.16 -44.46
C ARG L 564 52.28 -26.17 -44.04
N ALA L 565 52.56 -25.71 -42.82
CA ALA L 565 53.95 -25.73 -42.35
C ALA L 565 54.45 -27.16 -42.20
N PHE L 566 53.62 -28.05 -41.64
CA PHE L 566 54.07 -29.41 -41.37
C PHE L 566 54.48 -30.11 -42.67
N ALA L 567 53.67 -29.96 -43.72
CA ALA L 567 54.02 -30.57 -44.98
C ALA L 567 55.32 -30.03 -45.52
N GLU L 568 55.48 -28.70 -45.50
CA GLU L 568 56.70 -28.09 -46.01
C GLU L 568 57.90 -28.55 -45.20
N HIS L 569 57.74 -28.62 -43.88
CA HIS L 569 58.82 -29.12 -43.03
C HIS L 569 59.24 -30.52 -43.45
N ILE L 570 58.26 -31.40 -43.67
CA ILE L 570 58.58 -32.77 -44.05
C ILE L 570 59.27 -32.81 -45.40
N ARG L 571 58.73 -32.06 -46.37
CA ARG L 571 59.32 -32.08 -47.70
C ARG L 571 60.73 -31.52 -47.70
N ALA L 572 61.02 -30.60 -46.79
CA ALA L 572 62.31 -29.92 -46.82
C ALA L 572 63.36 -30.58 -45.95
N ASN L 573 62.96 -31.29 -44.90
CA ASN L 573 63.91 -31.79 -43.93
C ASN L 573 64.01 -33.31 -43.85
N TRP L 574 63.25 -34.04 -44.65
CA TRP L 574 63.40 -35.48 -44.66
C TRP L 574 64.76 -35.83 -45.23
N PRO L 575 65.51 -36.73 -44.59
CA PRO L 575 66.89 -36.97 -45.01
C PRO L 575 66.99 -37.51 -46.43
N GLN L 576 68.09 -37.18 -47.08
CA GLN L 576 68.38 -37.66 -48.42
C GLN L 576 69.10 -38.99 -48.36
N PRO L 577 68.68 -39.98 -49.14
CA PRO L 577 69.39 -41.26 -49.16
C PRO L 577 70.75 -41.12 -49.85
N SER L 578 71.65 -42.02 -49.49
CA SER L 578 72.97 -42.04 -50.08
C SER L 578 73.41 -43.50 -50.23
N GLU L 579 74.68 -43.69 -50.52
CA GLU L 579 75.22 -45.04 -50.70
C GLU L 579 76.69 -45.05 -50.31
N PHE L 580 77.25 -46.26 -50.30
CA PHE L 580 78.68 -46.44 -50.05
C PHE L 580 79.10 -47.80 -50.56
N GLY L 581 80.38 -47.94 -50.86
CA GLY L 581 80.90 -49.22 -51.28
C GLY L 581 81.17 -50.14 -50.11
N TYR L 582 81.25 -51.43 -50.41
CA TYR L 582 81.51 -52.43 -49.39
C TYR L 582 82.11 -53.66 -50.05
N GLY L 583 82.74 -54.49 -49.23
CA GLY L 583 83.32 -55.74 -49.70
C GLY L 583 84.49 -55.52 -50.64
N SER L 584 85.11 -56.61 -51.07
CA SER L 584 86.25 -56.52 -51.96
C SER L 584 85.80 -56.62 -53.42
N THR L 585 86.70 -56.28 -54.32
CA THR L 585 86.45 -56.37 -55.74
C THR L 585 86.90 -57.69 -56.34
N LEU L 586 87.45 -58.59 -55.53
CA LEU L 586 87.90 -59.89 -55.99
C LEU L 586 86.94 -61.00 -55.58
N GLN L 587 85.67 -60.65 -55.40
CA GLN L 587 84.66 -61.62 -54.99
C GLN L 587 83.39 -61.37 -55.76
N GLY L 588 82.58 -62.42 -55.90
CA GLY L 588 81.26 -62.25 -56.46
C GLY L 588 80.43 -61.31 -55.61
N SER L 589 79.61 -60.50 -56.26
CA SER L 589 78.73 -59.57 -55.58
C SER L 589 77.30 -60.06 -55.71
N ALA L 590 76.67 -60.34 -54.58
CA ALA L 590 75.33 -60.89 -54.56
C ALA L 590 74.26 -59.84 -54.81
N ASN L 591 74.64 -58.62 -55.17
CA ASN L 591 73.65 -57.58 -55.42
C ASN L 591 72.75 -57.99 -56.58
N LEU L 592 71.44 -57.83 -56.39
CA LEU L 592 70.48 -58.09 -57.45
C LEU L 592 70.10 -56.81 -58.19
N PHE L 593 69.56 -55.84 -57.47
CA PHE L 593 69.03 -54.64 -58.10
C PHE L 593 70.00 -53.46 -58.09
N ILE L 594 70.73 -53.28 -57.00
CA ILE L 594 71.69 -52.19 -56.92
C ILE L 594 73.00 -52.65 -57.54
N PRO L 595 73.88 -51.73 -57.93
CA PRO L 595 75.15 -52.13 -58.56
C PRO L 595 75.98 -53.00 -57.63
N PRO L 596 76.94 -53.75 -58.17
CA PRO L 596 77.76 -54.62 -57.33
C PRO L 596 78.66 -53.84 -56.40
N ASN L 597 79.00 -54.49 -55.28
CA ASN L 597 79.89 -53.91 -54.27
C ASN L 597 79.41 -52.52 -53.86
N ARG L 598 78.15 -52.48 -53.45
CA ARG L 598 77.47 -51.21 -53.28
C ARG L 598 76.31 -51.42 -52.33
N MET L 599 76.00 -50.38 -51.54
CA MET L 599 74.89 -50.45 -50.61
C MET L 599 74.22 -49.09 -50.51
N VAL L 600 72.90 -49.08 -50.54
CA VAL L 600 72.14 -47.85 -50.35
C VAL L 600 71.97 -47.60 -48.86
N TYR L 601 71.65 -46.34 -48.52
CA TYR L 601 71.65 -45.94 -47.14
C TYR L 601 70.64 -44.82 -46.96
N PRO L 602 69.74 -44.92 -45.97
CA PRO L 602 68.68 -43.92 -45.85
C PRO L 602 69.20 -42.51 -45.61
N TRP L 603 70.30 -42.36 -44.93
CA TRP L 603 70.84 -41.05 -44.61
C TRP L 603 72.06 -40.76 -45.46
N PRO L 604 72.50 -39.51 -45.52
CA PRO L 604 73.80 -39.23 -46.13
C PRO L 604 74.93 -39.75 -45.26
N ASN L 605 76.09 -39.94 -45.87
CA ASN L 605 77.24 -40.46 -45.16
C ASN L 605 78.50 -39.72 -45.58
N GLN L 606 79.46 -39.65 -44.67
CA GLN L 606 80.72 -39.00 -44.88
C GLN L 606 81.83 -39.81 -44.23
N PRO L 607 83.08 -39.56 -44.59
CA PRO L 607 84.20 -40.15 -43.84
C PRO L 607 84.19 -39.67 -42.39
N LEU L 608 85.09 -40.23 -41.60
CA LEU L 608 85.10 -39.98 -40.16
C LEU L 608 85.97 -38.76 -39.85
N PRO L 609 85.41 -37.68 -39.34
CA PRO L 609 86.21 -36.49 -39.04
C PRO L 609 86.89 -36.55 -37.68
N ARG L 610 87.48 -35.41 -37.29
CA ARG L 610 88.30 -35.26 -36.10
C ARG L 610 87.52 -35.31 -34.78
N LEU L 611 86.19 -35.27 -34.83
CA LEU L 611 85.33 -35.22 -33.64
C LEU L 611 85.35 -33.85 -32.99
N THR L 612 85.59 -32.79 -33.76
CA THR L 612 85.47 -31.45 -33.24
C THR L 612 83.99 -31.13 -33.00
N VAL L 613 83.74 -29.95 -32.43
CA VAL L 613 82.39 -29.63 -31.99
C VAL L 613 81.44 -29.51 -33.17
N ALA L 614 81.86 -28.83 -34.23
CA ALA L 614 80.95 -28.55 -35.35
C ALA L 614 80.36 -29.81 -35.96
N PRO L 615 81.14 -30.85 -36.27
CA PRO L 615 80.51 -32.06 -36.83
C PRO L 615 79.49 -32.67 -35.90
N THR L 616 79.61 -32.47 -34.60
CA THR L 616 78.67 -33.08 -33.67
C THR L 616 77.30 -32.44 -33.72
N TYR L 617 77.13 -31.32 -34.42
CA TYR L 617 75.85 -30.64 -34.46
C TYR L 617 75.30 -30.42 -35.86
N ASP L 618 76.11 -30.57 -36.90
CA ASP L 618 75.67 -30.33 -38.26
C ASP L 618 75.14 -31.57 -38.95
N SER L 619 74.97 -32.66 -38.22
CA SER L 619 74.51 -33.90 -38.82
C SER L 619 73.09 -33.77 -39.33
N ALA L 620 72.76 -34.56 -40.34
CA ALA L 620 71.42 -34.52 -40.93
C ALA L 620 70.37 -34.86 -39.89
N MET L 621 70.59 -35.92 -39.12
CA MET L 621 69.63 -36.29 -38.09
C MET L 621 69.48 -35.17 -37.07
N SER L 622 70.59 -34.56 -36.67
CA SER L 622 70.52 -33.45 -35.74
C SER L 622 69.63 -32.34 -36.29
N ASN L 623 69.80 -32.01 -37.57
CA ASN L 623 68.95 -31.02 -38.19
C ASN L 623 67.49 -31.45 -38.18
N TRP L 624 67.24 -32.72 -38.46
CA TRP L 624 65.87 -33.22 -38.45
C TRP L 624 65.24 -33.07 -37.07
N ILE L 625 66.00 -33.41 -36.04
CA ILE L 625 65.46 -33.31 -34.68
C ILE L 625 65.17 -31.87 -34.33
N SER L 626 66.11 -30.98 -34.60
CA SER L 626 65.95 -29.58 -34.21
C SER L 626 64.72 -28.98 -34.88
N THR L 627 64.59 -29.18 -36.19
CA THR L 627 63.45 -28.63 -36.90
C THR L 627 62.15 -29.23 -36.39
N THR L 628 62.13 -30.53 -36.15
CA THR L 628 60.90 -31.18 -35.71
C THR L 628 60.42 -30.61 -34.39
N ILE L 629 61.30 -30.54 -33.40
CA ILE L 629 60.91 -30.02 -32.09
C ILE L 629 60.49 -28.57 -32.22
N ALA L 630 61.24 -27.79 -33.00
CA ALA L 630 60.88 -26.39 -33.22
C ALA L 630 59.46 -26.28 -33.71
N PHE L 631 59.10 -27.11 -34.69
CA PHE L 631 57.74 -27.07 -35.22
C PHE L 631 56.73 -27.42 -34.15
N PHE L 632 56.96 -28.52 -33.44
CA PHE L 632 56.01 -28.95 -32.43
C PHE L 632 55.87 -27.93 -31.32
N ILE L 633 56.94 -27.20 -31.01
CA ILE L 633 56.86 -26.12 -30.04
C ILE L 633 55.87 -25.08 -30.51
N ARG L 634 55.95 -24.73 -31.80
CA ARG L 634 54.98 -23.78 -32.34
C ARG L 634 53.57 -24.34 -32.23
N VAL L 635 53.42 -25.66 -32.36
CA VAL L 635 52.11 -26.28 -32.28
C VAL L 635 51.53 -26.13 -30.88
N VAL L 636 52.31 -26.49 -29.86
CA VAL L 636 51.78 -26.50 -28.50
C VAL L 636 51.43 -25.10 -28.05
N ASN L 637 52.13 -24.09 -28.57
CA ASN L 637 51.84 -22.73 -28.18
C ASN L 637 50.71 -22.11 -28.98
N SER L 638 50.10 -22.85 -29.89
CA SER L 638 49.00 -22.30 -30.68
C SER L 638 47.80 -22.00 -29.78
N VAL L 639 46.83 -21.30 -30.36
CA VAL L 639 45.65 -20.93 -29.59
C VAL L 639 44.65 -22.06 -29.44
N ASN L 640 44.77 -23.11 -30.25
CA ASN L 640 43.80 -24.19 -30.18
C ASN L 640 43.91 -24.95 -28.87
N MET L 641 45.11 -25.08 -28.33
CA MET L 641 45.32 -25.90 -27.14
C MET L 641 44.77 -25.28 -25.87
N THR L 642 44.29 -24.04 -25.93
CA THR L 642 43.86 -23.35 -24.72
C THR L 642 42.72 -24.06 -24.01
N ALA L 643 41.99 -24.93 -24.71
CA ALA L 643 40.87 -25.61 -24.08
C ALA L 643 41.31 -26.48 -22.92
N THR L 644 42.56 -26.94 -22.92
CA THR L 644 43.04 -27.78 -21.83
C THR L 644 44.47 -27.46 -21.42
N VAL L 645 45.07 -26.40 -21.93
CA VAL L 645 46.46 -26.07 -21.64
C VAL L 645 46.47 -24.65 -21.09
N ASN L 646 46.45 -24.51 -19.78
CA ASN L 646 46.61 -23.21 -19.17
C ASN L 646 48.05 -22.75 -19.31
N ASP L 647 48.32 -21.53 -18.85
CA ASP L 647 49.63 -20.93 -19.06
C ASP L 647 50.74 -21.76 -18.40
N LEU L 648 50.50 -22.19 -17.16
CA LEU L 648 51.52 -22.97 -16.46
C LEU L 648 51.83 -24.25 -17.21
N THR L 649 50.80 -24.93 -17.69
CA THR L 649 51.03 -26.11 -18.51
C THR L 649 51.81 -25.76 -19.76
N ARG L 650 51.43 -24.67 -20.41
CA ARG L 650 52.05 -24.32 -21.69
C ARG L 650 53.55 -24.11 -21.52
N ARG L 651 53.94 -23.38 -20.48
CA ARG L 651 55.37 -23.21 -20.21
C ARG L 651 56.03 -24.54 -19.90
N THR L 652 55.36 -25.37 -19.09
CA THR L 652 55.93 -26.65 -18.70
C THR L 652 56.22 -27.51 -19.93
N MET L 653 55.24 -27.61 -20.82
CA MET L 653 55.44 -28.36 -22.05
C MET L 653 56.62 -27.81 -22.83
N THR L 654 56.67 -26.49 -22.97
CA THR L 654 57.76 -25.87 -23.72
C THR L 654 59.10 -26.22 -23.09
N GLY L 655 59.20 -26.12 -21.77
CA GLY L 655 60.45 -26.43 -21.12
C GLY L 655 60.89 -27.87 -21.35
N VAL L 656 59.93 -28.79 -21.25
CA VAL L 656 60.26 -30.20 -21.49
C VAL L 656 60.77 -30.38 -22.91
N MET L 657 60.07 -29.81 -23.87
CA MET L 657 60.42 -30.03 -25.27
C MET L 657 61.78 -29.43 -25.59
N THR L 658 62.01 -28.19 -25.18
CA THR L 658 63.31 -27.58 -25.47
C THR L 658 64.44 -28.32 -24.77
N ALA L 659 64.15 -28.92 -23.61
CA ALA L 659 65.17 -29.71 -22.94
C ALA L 659 65.57 -30.90 -23.81
N MET L 660 64.58 -31.59 -24.38
CA MET L 660 64.89 -32.68 -25.30
C MET L 660 65.69 -32.16 -26.49
N ARG L 661 65.45 -30.92 -26.91
CA ARG L 661 66.17 -30.38 -28.06
C ARG L 661 67.60 -30.01 -27.71
N GLN L 662 67.85 -29.60 -26.47
CA GLN L 662 69.15 -29.03 -26.13
C GLN L 662 70.19 -30.09 -25.79
N VAL L 663 69.77 -31.22 -25.22
CA VAL L 663 70.74 -32.17 -24.68
C VAL L 663 71.62 -32.72 -25.80
N LYS L 664 72.90 -32.89 -25.48
CA LYS L 664 73.85 -33.45 -26.44
C LYS L 664 73.65 -34.94 -26.60
N THR L 665 73.78 -35.42 -27.82
CA THR L 665 73.75 -36.85 -28.08
C THR L 665 74.67 -37.17 -29.26
N MET L 666 75.44 -38.24 -29.11
CA MET L 666 76.36 -38.64 -30.18
C MET L 666 75.67 -39.44 -31.27
N THR L 667 74.43 -39.87 -31.06
CA THR L 667 73.76 -40.73 -32.02
C THR L 667 73.74 -40.16 -33.43
N PRO L 668 73.36 -38.91 -33.69
CA PRO L 668 73.38 -38.43 -35.07
C PRO L 668 74.75 -38.50 -35.71
N PHE L 669 75.79 -38.13 -34.96
CA PHE L 669 77.13 -38.20 -35.52
C PHE L 669 77.49 -39.63 -35.87
N TYR L 670 77.15 -40.58 -34.98
CA TYR L 670 77.48 -41.97 -35.22
C TYR L 670 76.82 -42.47 -36.50
N ILE L 671 75.56 -42.14 -36.70
CA ILE L 671 74.84 -42.60 -37.88
C ILE L 671 75.47 -42.04 -39.15
N GLN L 672 75.84 -40.77 -39.12
CA GLN L 672 76.33 -40.13 -40.33
C GLN L 672 77.75 -40.55 -40.69
N HIS L 673 78.56 -40.88 -39.69
CA HIS L 673 79.98 -41.14 -39.96
C HIS L 673 80.43 -42.53 -39.59
N MET L 674 80.11 -43.00 -38.38
CA MET L 674 80.66 -44.27 -37.94
C MET L 674 79.86 -45.46 -38.47
N CYS L 675 78.54 -45.41 -38.33
CA CYS L 675 77.70 -46.55 -38.65
C CYS L 675 77.92 -47.13 -40.03
N PRO L 676 77.99 -46.35 -41.12
CA PRO L 676 78.15 -46.96 -42.43
C PRO L 676 79.40 -47.81 -42.54
N THR L 677 80.48 -47.40 -41.88
CA THR L 677 81.69 -48.22 -41.88
C THR L 677 81.42 -49.59 -41.29
N GLU L 678 80.73 -49.63 -40.15
CA GLU L 678 80.44 -50.90 -39.51
C GLU L 678 79.58 -51.79 -40.41
N LEU L 679 78.56 -51.20 -41.02
CA LEU L 679 77.70 -51.98 -41.91
C LEU L 679 78.51 -52.55 -43.08
N SER L 680 79.38 -51.73 -43.67
CA SER L 680 80.17 -52.20 -44.79
C SER L 680 81.03 -53.39 -44.40
N VAL L 681 81.65 -53.33 -43.23
CA VAL L 681 82.49 -54.43 -42.79
C VAL L 681 81.64 -55.66 -42.51
N LEU L 682 80.55 -55.49 -41.75
CA LEU L 682 79.76 -56.64 -41.35
C LEU L 682 79.13 -57.32 -42.55
N ALA L 683 78.63 -56.55 -43.51
CA ALA L 683 77.97 -57.12 -44.66
C ALA L 683 78.89 -58.04 -45.46
N SER L 684 80.20 -57.81 -45.38
CA SER L 684 81.14 -58.61 -46.16
C SER L 684 81.45 -59.96 -45.52
N VAL L 685 81.04 -60.18 -44.27
CA VAL L 685 81.37 -61.41 -43.58
C VAL L 685 80.15 -62.23 -43.17
N THR L 686 78.96 -61.66 -43.19
CA THR L 686 77.77 -62.43 -42.86
C THR L 686 77.55 -63.51 -43.91
N VAL L 687 77.08 -64.67 -43.46
CA VAL L 687 76.83 -65.77 -44.38
C VAL L 687 75.70 -65.45 -45.34
N THR L 688 74.83 -64.53 -45.00
CA THR L 688 73.75 -64.11 -45.90
C THR L 688 74.03 -62.68 -46.34
N PRO L 689 74.47 -62.48 -47.58
CA PRO L 689 74.82 -61.14 -48.03
C PRO L 689 73.60 -60.24 -48.02
N PRO L 690 73.80 -58.93 -47.94
CA PRO L 690 72.67 -58.02 -47.81
C PRO L 690 71.77 -58.07 -49.03
N PHE L 691 70.52 -57.68 -48.81
CA PHE L 691 69.48 -57.71 -49.84
C PHE L 691 68.75 -56.38 -49.79
N GLN L 692 68.90 -55.57 -50.83
CA GLN L 692 68.40 -54.21 -50.79
C GLN L 692 67.63 -53.86 -52.05
N VAL L 693 66.72 -52.91 -51.89
CA VAL L 693 66.05 -52.25 -53.01
C VAL L 693 66.23 -50.75 -52.79
N PRO L 694 66.26 -49.93 -53.83
CA PRO L 694 66.62 -48.53 -53.66
C PRO L 694 65.63 -47.79 -52.76
N PHE L 695 66.16 -46.94 -51.89
CA PHE L 695 65.33 -46.03 -51.12
C PHE L 695 64.86 -44.89 -51.99
N THR L 696 63.58 -44.56 -51.90
CA THR L 696 62.98 -43.49 -52.67
C THR L 696 62.37 -42.48 -51.71
N ARG L 697 62.84 -41.24 -51.80
CA ARG L 697 62.42 -40.18 -50.89
C ARG L 697 61.34 -39.34 -51.56
N LEU L 698 60.09 -39.63 -51.24
CA LEU L 698 58.94 -38.83 -51.62
C LEU L 698 58.70 -38.78 -53.13
N VAL L 699 59.40 -39.61 -53.91
CA VAL L 699 59.15 -39.69 -55.34
C VAL L 699 58.04 -40.71 -55.54
N GLN L 700 56.82 -40.23 -55.76
CA GLN L 700 55.66 -41.11 -55.75
C GLN L 700 55.74 -42.16 -56.86
N ASN L 701 56.16 -41.75 -58.05
CA ASN L 701 56.16 -42.68 -59.17
C ASN L 701 57.18 -43.81 -59.00
N ASP L 702 58.18 -43.62 -58.15
CA ASP L 702 59.23 -44.61 -57.97
C ASP L 702 58.99 -45.52 -56.77
N VAL L 703 57.91 -45.31 -56.02
CA VAL L 703 57.65 -46.17 -54.88
C VAL L 703 57.41 -47.59 -55.35
N ILE L 704 57.90 -48.54 -54.57
CA ILE L 704 57.79 -49.95 -54.90
C ILE L 704 56.51 -50.50 -54.33
N THR L 705 55.75 -51.22 -55.15
CA THR L 705 54.51 -51.83 -54.73
C THR L 705 54.65 -53.31 -54.38
N ASN L 706 55.39 -54.07 -55.18
CA ASN L 706 55.54 -55.49 -54.94
C ASN L 706 56.94 -55.92 -55.34
N VAL L 707 57.41 -56.99 -54.69
CA VAL L 707 58.65 -57.67 -55.06
C VAL L 707 58.29 -59.11 -55.35
N LEU L 708 58.51 -59.54 -56.59
CA LEU L 708 58.01 -60.83 -57.04
C LEU L 708 59.12 -61.61 -57.71
N VAL L 709 59.13 -62.92 -57.49
CA VAL L 709 60.05 -63.83 -58.15
C VAL L 709 59.27 -64.60 -59.20
N ALA L 710 59.86 -64.72 -60.39
CA ALA L 710 59.21 -65.36 -61.52
C ALA L 710 60.02 -66.59 -61.93
N ARG L 711 59.37 -67.75 -61.95
CA ARG L 711 60.02 -68.95 -62.46
C ARG L 711 60.05 -68.95 -63.97
N VAL L 712 59.08 -68.31 -64.61
CA VAL L 712 59.02 -68.17 -66.06
C VAL L 712 58.58 -66.74 -66.37
N ASP L 713 59.13 -66.19 -67.44
CA ASP L 713 58.70 -64.87 -67.86
C ASP L 713 57.21 -64.88 -68.14
N PRO L 714 56.49 -63.81 -67.81
CA PRO L 714 55.04 -63.80 -68.04
C PRO L 714 54.67 -64.02 -69.49
N ALA L 715 55.53 -63.62 -70.42
CA ALA L 715 55.25 -63.85 -71.83
C ALA L 715 55.16 -65.33 -72.13
N GLN L 716 56.08 -66.13 -71.59
CA GLN L 716 56.09 -67.55 -71.84
C GLN L 716 55.30 -68.35 -70.81
N ARG L 717 54.81 -67.72 -69.77
CA ARG L 717 54.11 -68.44 -68.73
C ARG L 717 52.79 -68.98 -69.25
N GLY L 718 52.44 -70.19 -68.80
CA GLY L 718 51.20 -70.81 -69.26
C GLY L 718 49.97 -70.06 -68.79
N ASP L 719 49.98 -69.59 -67.55
CA ASP L 719 48.88 -68.82 -67.00
C ASP L 719 49.47 -67.73 -66.12
N ALA L 720 48.60 -67.01 -65.41
CA ALA L 720 49.04 -65.94 -64.54
C ALA L 720 50.00 -66.47 -63.49
N ALA L 721 49.50 -67.30 -62.58
CA ALA L 721 50.32 -68.04 -61.62
C ALA L 721 51.37 -67.15 -60.98
N VAL L 722 50.93 -66.00 -60.47
CA VAL L 722 51.86 -65.02 -59.94
C VAL L 722 52.35 -65.44 -58.57
N ASP L 723 53.39 -64.76 -58.08
CA ASP L 723 53.92 -65.06 -56.76
C ASP L 723 52.88 -64.82 -55.69
N ILE L 724 52.92 -65.66 -54.66
CA ILE L 724 51.98 -65.55 -53.54
C ILE L 724 52.16 -64.22 -52.83
N ARG L 725 53.33 -63.60 -52.96
CA ARG L 725 53.62 -62.32 -52.31
C ARG L 725 52.52 -61.31 -52.60
N ALA L 726 51.97 -61.34 -53.81
CA ALA L 726 51.00 -60.35 -54.23
C ALA L 726 49.77 -60.31 -53.34
N THR L 727 49.50 -61.39 -52.60
CA THR L 727 48.33 -61.40 -51.73
C THR L 727 48.55 -60.55 -50.48
N HIS L 728 49.80 -60.40 -50.05
CA HIS L 728 50.06 -59.68 -48.82
C HIS L 728 49.86 -58.18 -49.02
N ALA L 729 49.60 -57.50 -47.90
CA ALA L 729 49.38 -56.06 -47.96
C ALA L 729 50.62 -55.32 -48.44
N THR L 730 51.76 -55.60 -47.81
CA THR L 730 53.03 -54.99 -48.19
C THR L 730 53.90 -56.01 -48.90
N PHE L 731 55.01 -55.52 -49.44
CA PHE L 731 55.90 -56.35 -50.23
C PHE L 731 57.00 -57.01 -49.40
N ALA L 732 56.95 -56.89 -48.08
CA ALA L 732 57.96 -57.51 -47.24
C ALA L 732 57.36 -57.78 -45.87
N ALA L 733 58.02 -58.66 -45.12
CA ALA L 733 57.56 -58.98 -43.79
C ALA L 733 57.59 -57.74 -42.91
N ALA L 734 56.47 -57.46 -42.26
CA ALA L 734 56.37 -56.29 -41.40
C ALA L 734 57.01 -56.57 -40.05
N LEU L 735 57.81 -55.62 -39.57
CA LEU L 735 58.47 -55.71 -38.27
C LEU L 735 58.07 -54.49 -37.47
N PRO L 736 57.01 -54.56 -36.68
CA PRO L 736 56.59 -53.41 -35.89
C PRO L 736 57.64 -53.04 -34.86
N VAL L 737 57.79 -51.74 -34.62
CA VAL L 737 58.74 -51.22 -33.65
C VAL L 737 58.12 -50.05 -32.92
N ASP L 738 58.43 -49.93 -31.63
CA ASP L 738 57.91 -48.85 -30.82
C ASP L 738 58.74 -47.60 -31.02
N PRO L 739 58.17 -46.50 -31.50
CA PRO L 739 58.96 -45.27 -31.64
C PRO L 739 59.54 -44.78 -30.33
N ALA L 740 58.86 -45.02 -29.22
CA ALA L 740 59.33 -44.50 -27.94
C ALA L 740 60.73 -45.00 -27.64
N ALA L 741 60.98 -46.28 -27.88
CA ALA L 741 62.33 -46.81 -27.69
C ALA L 741 63.32 -46.13 -28.62
N ILE L 742 62.93 -45.96 -29.88
CA ILE L 742 63.83 -45.36 -30.86
C ILE L 742 64.17 -43.94 -30.47
N VAL L 743 63.17 -43.18 -30.01
CA VAL L 743 63.40 -41.78 -29.64
C VAL L 743 64.46 -41.69 -28.57
N VAL L 744 64.35 -42.54 -27.55
CA VAL L 744 65.33 -42.53 -26.46
C VAL L 744 66.72 -42.76 -27.01
N ALA L 745 66.89 -43.79 -27.83
CA ALA L 745 68.20 -44.10 -28.37
C ALA L 745 68.76 -42.93 -29.16
N MET L 746 67.90 -42.22 -29.88
CA MET L 746 68.36 -41.07 -30.65
C MET L 746 68.92 -39.99 -29.73
N LEU L 747 68.27 -39.76 -28.60
CA LEU L 747 68.54 -38.56 -27.82
C LEU L 747 69.62 -38.71 -26.77
N CYS L 748 70.10 -39.92 -26.49
CA CYS L 748 71.05 -40.08 -25.39
C CYS L 748 72.19 -41.02 -25.75
N GLY L 749 72.82 -40.77 -26.91
CA GLY L 749 73.98 -41.55 -27.31
C GLY L 749 75.26 -40.95 -26.79
N GLN L 750 76.04 -41.76 -26.06
CA GLN L 750 77.31 -41.34 -25.48
C GLN L 750 78.44 -42.18 -26.04
N THR L 751 79.67 -41.77 -25.70
CA THR L 751 80.87 -42.51 -26.05
C THR L 751 81.76 -42.62 -24.82
N GLU L 752 82.73 -43.52 -24.91
CA GLU L 752 83.72 -43.63 -23.85
C GLU L 752 84.61 -42.39 -23.85
N THR L 753 85.43 -42.29 -22.81
CA THR L 753 86.29 -41.12 -22.69
C THR L 753 87.50 -41.21 -23.61
N ASN L 754 88.25 -42.31 -23.55
CA ASN L 754 89.43 -42.48 -24.38
C ASN L 754 89.09 -43.34 -25.60
N LEU L 755 88.34 -42.72 -26.51
CA LEU L 755 87.89 -43.40 -27.72
C LEU L 755 88.82 -43.04 -28.87
N ILE L 756 89.56 -44.03 -29.35
CA ILE L 756 90.36 -43.90 -30.57
C ILE L 756 89.73 -44.81 -31.62
N PRO L 757 89.12 -44.26 -32.67
CA PRO L 757 88.36 -45.10 -33.60
C PRO L 757 89.17 -46.22 -34.21
N SER L 758 90.42 -45.95 -34.58
CA SER L 758 91.24 -46.99 -35.19
C SER L 758 91.45 -48.15 -34.23
N HIS L 759 91.87 -47.84 -33.01
CA HIS L 759 92.11 -48.89 -32.03
C HIS L 759 90.83 -49.67 -31.75
N HIS L 760 89.72 -48.96 -31.56
CA HIS L 760 88.48 -49.62 -31.20
C HIS L 760 88.03 -50.57 -32.28
N TYR L 761 87.94 -50.09 -33.52
CA TYR L 761 87.43 -50.93 -34.60
C TYR L 761 88.38 -52.08 -34.89
N GLY L 762 89.69 -51.84 -34.84
CA GLY L 762 90.64 -52.90 -35.08
C GLY L 762 90.45 -54.06 -34.12
N LYS L 763 90.35 -53.75 -32.83
CA LYS L 763 90.13 -54.80 -31.85
C LYS L 763 88.74 -55.40 -31.99
N ALA L 764 87.77 -54.63 -32.47
CA ALA L 764 86.43 -55.15 -32.64
C ALA L 764 86.34 -56.10 -33.83
N PHE L 765 86.98 -55.74 -34.94
CA PHE L 765 86.83 -56.52 -36.17
C PHE L 765 87.73 -57.74 -36.22
N ALA L 766 88.82 -57.75 -35.47
CA ALA L 766 89.77 -58.86 -35.54
C ALA L 766 89.12 -60.22 -35.36
N PRO L 767 88.29 -60.45 -34.34
CA PRO L 767 87.71 -61.80 -34.20
C PRO L 767 86.87 -62.23 -35.37
N LEU L 768 86.21 -61.29 -36.05
CA LEU L 768 85.24 -61.66 -37.07
C LEU L 768 85.87 -62.45 -38.20
N PHE L 769 87.06 -62.04 -38.63
CA PHE L 769 87.68 -62.67 -39.79
C PHE L 769 88.27 -64.04 -39.47
N ALA L 770 88.25 -64.47 -38.21
CA ALA L 770 88.78 -65.78 -37.87
C ALA L 770 87.88 -66.91 -38.33
N SER L 771 86.61 -66.64 -38.61
CA SER L 771 85.70 -67.70 -39.03
C SER L 771 85.91 -68.04 -40.49
N ASN L 772 85.36 -69.18 -40.90
CA ASN L 772 85.44 -69.64 -42.28
C ASN L 772 84.08 -69.68 -42.95
N ALA L 773 83.06 -69.06 -42.35
CA ALA L 773 81.73 -69.11 -42.93
C ALA L 773 81.69 -68.49 -44.32
N MET L 774 82.51 -67.47 -44.56
CA MET L 774 82.49 -66.80 -45.86
C MET L 774 82.80 -67.77 -46.99
N PHE L 775 83.61 -68.79 -46.73
CA PHE L 775 83.98 -69.74 -47.78
C PHE L 775 82.97 -70.85 -47.94
N THR L 776 82.47 -71.39 -46.83
CA THR L 776 81.40 -72.38 -46.91
C THR L 776 80.22 -71.81 -47.67
N ARG L 777 79.96 -70.52 -47.49
CA ARG L 777 78.90 -69.86 -48.25
C ARG L 777 79.12 -70.02 -49.74
N ASN L 778 80.34 -69.72 -50.20
CA ASN L 778 80.64 -69.88 -51.62
C ASN L 778 80.47 -71.33 -52.04
N GLN L 779 81.00 -72.25 -51.25
CA GLN L 779 80.92 -73.66 -51.62
C GLN L 779 79.47 -74.12 -51.72
N ARG L 780 78.66 -73.75 -50.73
CA ARG L 780 77.26 -74.12 -50.77
C ARG L 780 76.57 -73.51 -51.99
N ALA L 781 76.94 -72.28 -52.34
CA ALA L 781 76.34 -71.65 -53.51
C ALA L 781 76.67 -72.42 -54.78
N VAL L 782 77.92 -72.85 -54.93
CA VAL L 782 78.32 -73.55 -56.15
C VAL L 782 77.52 -74.83 -56.30
N ILE L 783 77.40 -75.59 -55.22
CA ILE L 783 76.62 -76.83 -55.27
C ILE L 783 75.18 -76.52 -55.63
N THR L 784 74.63 -75.45 -55.07
CA THR L 784 73.28 -75.05 -55.40
C THR L 784 73.13 -74.86 -56.91
N ARG L 785 74.11 -74.19 -57.53
CA ARG L 785 74.05 -73.99 -58.97
C ARG L 785 74.01 -75.32 -59.71
N GLU L 786 74.92 -76.22 -59.37
CA GLU L 786 74.97 -77.50 -60.07
C GLU L 786 73.67 -78.28 -59.87
N ALA L 787 73.15 -78.29 -58.65
CA ALA L 787 71.88 -78.96 -58.42
C ALA L 787 70.77 -78.33 -59.23
N PHE L 788 70.73 -77.01 -59.28
CA PHE L 788 69.68 -76.32 -60.03
C PHE L 788 69.70 -76.72 -61.49
N VAL L 789 70.87 -76.67 -62.11
CA VAL L 789 70.97 -76.94 -63.54
C VAL L 789 70.53 -78.36 -63.84
N CYS L 790 71.02 -79.32 -63.05
CA CYS L 790 70.63 -80.70 -63.25
C CYS L 790 69.14 -80.89 -63.06
N ALA L 791 68.58 -80.29 -62.03
CA ALA L 791 67.15 -80.43 -61.77
C ALA L 791 66.33 -79.87 -62.92
N ARG L 792 66.70 -78.66 -63.38
CA ARG L 792 65.95 -78.04 -64.47
C ARG L 792 65.99 -78.90 -65.72
N SER L 793 67.17 -79.44 -66.04
CA SER L 793 67.29 -80.25 -67.24
C SER L 793 66.42 -81.49 -67.16
N ALA L 794 66.38 -82.13 -66.00
CA ALA L 794 65.61 -83.36 -65.87
C ALA L 794 64.13 -83.13 -66.16
N VAL L 795 63.55 -82.12 -65.52
CA VAL L 795 62.12 -81.85 -65.72
C VAL L 795 61.85 -81.51 -67.17
N ALA L 796 62.71 -80.68 -67.77
CA ALA L 796 62.49 -80.27 -69.15
C ALA L 796 62.46 -81.48 -70.08
N GLN L 797 63.29 -82.47 -69.82
CA GLN L 797 63.36 -83.63 -70.69
C GLN L 797 62.17 -84.57 -70.52
N CYS L 798 61.31 -84.34 -69.54
CA CYS L 798 60.18 -85.22 -69.29
C CYS L 798 58.87 -84.67 -69.85
N GLN L 799 58.92 -83.62 -70.65
CA GLN L 799 57.72 -83.06 -71.24
C GLN L 799 57.95 -82.81 -72.72
N ASP L 800 56.85 -82.81 -73.48
CA ASP L 800 56.95 -82.67 -74.93
C ASP L 800 57.58 -81.35 -75.33
N ALA L 801 57.32 -80.29 -74.57
CA ALA L 801 57.93 -78.99 -74.80
C ALA L 801 58.25 -78.36 -73.47
N GLY L 802 59.11 -77.35 -73.51
CA GLY L 802 59.51 -76.65 -72.30
C GLY L 802 60.83 -75.94 -72.52
N PHE L 803 61.56 -75.76 -71.43
CA PHE L 803 62.85 -75.11 -71.51
C PHE L 803 63.77 -75.88 -72.45
N LEU L 804 64.46 -75.15 -73.31
CA LEU L 804 65.19 -75.77 -74.41
C LEU L 804 66.47 -76.41 -73.91
N VAL L 805 66.59 -77.72 -74.09
CA VAL L 805 67.77 -78.49 -73.70
C VAL L 805 67.96 -79.62 -74.71
N PRO L 806 69.15 -80.21 -74.79
CA PRO L 806 69.30 -81.43 -75.60
C PRO L 806 68.46 -82.55 -75.00
N ARG L 807 67.95 -83.42 -75.88
CA ARG L 807 67.02 -84.47 -75.50
C ARG L 807 67.49 -85.82 -76.06
N PRO L 808 68.59 -86.35 -75.52
CA PRO L 808 69.08 -87.64 -76.04
C PRO L 808 68.13 -88.79 -75.78
N LEU L 809 67.43 -88.80 -74.66
CA LEU L 809 66.54 -89.90 -74.30
C LEU L 809 65.14 -89.72 -74.84
N ASP L 810 64.96 -88.91 -75.88
CA ASP L 810 63.63 -88.64 -76.39
C ASP L 810 62.95 -89.89 -76.92
N ALA L 811 63.72 -90.91 -77.29
CA ALA L 811 63.12 -92.12 -77.84
C ALA L 811 62.35 -92.89 -76.77
N LEU L 812 62.76 -92.81 -75.52
CA LEU L 812 62.11 -93.56 -74.47
C LEU L 812 60.69 -93.06 -74.24
N ARG L 813 59.81 -94.00 -73.91
CA ARG L 813 58.42 -93.65 -73.64
C ARG L 813 58.31 -92.87 -72.34
N GLN L 814 57.47 -91.82 -72.36
CA GLN L 814 57.21 -91.04 -71.17
C GLN L 814 55.95 -90.21 -71.35
N PHE L 815 54.95 -90.41 -70.51
CA PHE L 815 53.78 -89.55 -70.57
C PHE L 815 54.19 -88.15 -70.14
N ASP L 816 53.63 -87.15 -70.81
CA ASP L 816 54.01 -85.77 -70.52
C ASP L 816 53.73 -85.44 -69.07
N VAL L 817 54.70 -84.82 -68.41
CA VAL L 817 54.65 -84.65 -66.97
C VAL L 817 53.81 -83.43 -66.64
N THR L 818 52.78 -83.62 -65.84
CA THR L 818 52.02 -82.50 -65.32
C THR L 818 52.79 -81.85 -64.17
N SER L 819 52.35 -80.65 -63.79
CA SER L 819 53.02 -79.93 -62.70
C SER L 819 53.03 -80.76 -61.44
N ALA L 820 51.89 -81.39 -61.12
CA ALA L 820 51.82 -82.20 -59.90
C ALA L 820 52.79 -83.37 -59.94
N ALA L 821 53.14 -83.84 -61.13
CA ALA L 821 54.08 -84.95 -61.24
C ALA L 821 55.53 -84.50 -61.31
N ALA L 822 55.77 -83.28 -61.78
CA ALA L 822 57.14 -82.81 -61.89
C ALA L 822 57.78 -82.66 -60.51
N ALA L 823 56.98 -82.39 -59.49
CA ALA L 823 57.54 -82.15 -58.17
C ALA L 823 58.33 -83.35 -57.69
N GLU L 824 57.78 -84.55 -57.87
CA GLU L 824 58.46 -85.75 -57.39
C GLU L 824 59.81 -85.91 -58.06
N ILE L 825 59.88 -85.66 -59.37
CA ILE L 825 61.15 -85.70 -60.06
C ILE L 825 62.12 -84.74 -59.42
N MET L 826 61.68 -83.51 -59.16
CA MET L 826 62.55 -82.55 -58.50
C MET L 826 62.90 -83.00 -57.10
N HIS L 827 61.92 -83.56 -56.37
CA HIS L 827 62.20 -84.07 -55.03
C HIS L 827 63.32 -85.11 -55.07
N ALA L 828 63.22 -86.06 -55.99
CA ALA L 828 64.23 -87.11 -56.08
C ALA L 828 65.60 -86.51 -56.35
N VAL L 829 65.68 -85.58 -57.29
CA VAL L 829 66.96 -84.93 -57.58
C VAL L 829 67.48 -84.22 -56.35
N ASN L 830 66.61 -83.47 -55.68
CA ASN L 830 67.03 -82.73 -54.50
C ASN L 830 67.54 -83.67 -53.43
N ASP L 831 66.83 -84.77 -53.21
CA ASP L 831 67.28 -85.75 -52.22
C ASP L 831 68.61 -86.37 -52.62
N ALA L 832 68.76 -86.70 -53.90
CA ALA L 832 69.99 -87.34 -54.35
C ALA L 832 71.20 -86.44 -54.10
N PHE L 833 71.07 -85.16 -54.43
CA PHE L 833 72.18 -84.23 -54.24
C PHE L 833 72.54 -84.11 -52.77
N LYS L 834 71.54 -83.92 -51.91
CA LYS L 834 71.82 -83.75 -50.49
C LYS L 834 72.48 -84.99 -49.92
N THR L 835 72.05 -86.17 -50.34
CA THR L 835 72.71 -87.39 -49.92
C THR L 835 74.16 -87.42 -50.42
N ALA L 836 74.38 -87.03 -51.67
CA ALA L 836 75.71 -87.11 -52.25
C ALA L 836 76.68 -86.18 -51.53
N PHE L 837 76.31 -84.92 -51.39
CA PHE L 837 77.19 -83.93 -50.80
C PHE L 837 76.96 -83.74 -49.32
N ASP L 838 76.07 -84.52 -48.71
CA ASP L 838 75.89 -84.54 -47.27
C ASP L 838 75.53 -83.14 -46.76
N LEU L 839 74.48 -82.58 -47.33
CA LEU L 839 74.06 -81.22 -47.04
C LEU L 839 72.79 -81.21 -46.21
N ASP L 840 72.80 -80.36 -45.18
CA ASP L 840 71.56 -80.00 -44.50
C ASP L 840 71.04 -78.69 -45.07
N GLY L 841 69.77 -78.43 -44.85
CA GLY L 841 69.16 -77.20 -45.31
C GLY L 841 68.25 -77.40 -46.50
N ALA L 842 67.72 -76.28 -46.99
CA ALA L 842 66.67 -76.32 -47.99
C ALA L 842 67.19 -76.80 -49.34
N LEU L 843 68.30 -76.23 -49.80
CA LEU L 843 68.77 -76.44 -51.17
C LEU L 843 67.69 -76.06 -52.17
N LEU L 844 66.98 -77.04 -52.73
CA LEU L 844 66.00 -76.79 -53.78
C LEU L 844 64.56 -77.05 -53.33
N ASP L 845 64.31 -77.06 -52.03
CA ASP L 845 63.01 -77.49 -51.53
C ASP L 845 61.88 -76.61 -52.04
N GLY L 846 62.07 -75.30 -52.00
CA GLY L 846 60.98 -74.38 -52.32
C GLY L 846 60.44 -74.58 -53.72
N LEU L 847 61.32 -74.89 -54.66
CA LEU L 847 60.89 -75.07 -56.04
C LEU L 847 59.88 -76.22 -56.15
N ALA L 848 60.06 -77.26 -55.36
CA ALA L 848 59.15 -78.39 -55.44
C ALA L 848 57.92 -78.19 -54.55
N LEU L 849 58.09 -77.54 -53.41
CA LEU L 849 56.99 -77.42 -52.47
C LEU L 849 55.97 -76.39 -52.91
N TYR L 850 56.40 -75.32 -53.56
CA TYR L 850 55.51 -74.24 -53.94
C TYR L 850 55.62 -73.99 -55.44
N GLY L 851 54.54 -73.48 -56.01
CA GLY L 851 54.55 -73.09 -57.40
C GLY L 851 54.73 -74.22 -58.37
N ASP L 852 54.87 -73.90 -59.64
CA ASP L 852 55.06 -74.91 -60.67
C ASP L 852 56.53 -75.32 -60.74
N PRO L 853 56.83 -76.61 -60.64
CA PRO L 853 58.24 -77.03 -60.80
C PRO L 853 58.77 -76.86 -62.20
N ARG L 854 57.92 -76.69 -63.21
CA ARG L 854 58.43 -76.57 -64.58
C ARG L 854 59.09 -75.22 -64.80
N ILE L 855 60.22 -74.99 -64.12
CA ILE L 855 60.91 -73.72 -64.23
C ILE L 855 61.65 -73.62 -65.56
N ALA L 856 61.87 -72.39 -66.00
CA ALA L 856 62.66 -72.16 -67.21
C ALA L 856 63.94 -71.37 -66.93
N ASP L 857 63.83 -70.16 -66.40
CA ASP L 857 64.99 -69.31 -66.16
C ASP L 857 64.58 -68.25 -65.16
N LEU L 858 65.13 -68.34 -63.95
CA LEU L 858 64.63 -67.53 -62.85
C LEU L 858 64.92 -66.06 -63.04
N SER L 859 64.04 -65.23 -62.51
CA SER L 859 64.24 -63.79 -62.48
C SER L 859 63.42 -63.21 -61.35
N ALA L 860 63.94 -62.15 -60.74
CA ALA L 860 63.25 -61.43 -59.69
C ALA L 860 62.97 -60.01 -60.17
N ALA L 861 61.84 -59.47 -59.75
CA ALA L 861 61.43 -58.16 -60.22
C ALA L 861 60.67 -57.43 -59.13
N TYR L 862 60.75 -56.11 -59.15
CA TYR L 862 59.94 -55.27 -58.30
C TYR L 862 59.19 -54.26 -59.16
N LEU L 863 57.98 -53.94 -58.75
CA LEU L 863 57.10 -53.07 -59.52
C LEU L 863 57.01 -51.70 -58.85
N GLN L 864 56.96 -50.67 -59.68
CA GLN L 864 56.87 -49.30 -59.19
C GLN L 864 55.50 -48.72 -59.53
N TYR L 865 54.98 -47.89 -58.63
CA TYR L 865 53.68 -47.28 -58.83
C TYR L 865 53.64 -46.43 -60.10
N GLY L 866 54.78 -45.98 -60.58
CA GLY L 866 54.82 -45.22 -61.81
C GLY L 866 54.76 -46.11 -63.04
N GLY L 867 54.13 -47.27 -62.91
CA GLY L 867 53.94 -48.15 -64.04
C GLY L 867 55.24 -48.62 -64.66
N ASN L 868 56.18 -49.06 -63.82
CA ASN L 868 57.47 -49.53 -64.32
C ASN L 868 57.84 -50.82 -63.59
N VAL L 869 58.55 -51.69 -64.30
CA VAL L 869 59.00 -52.96 -63.76
C VAL L 869 60.50 -53.07 -63.98
N VAL L 870 61.20 -53.49 -62.93
CA VAL L 870 62.64 -53.74 -62.99
C VAL L 870 62.85 -55.23 -62.77
N ARG L 871 63.36 -55.91 -63.80
CA ARG L 871 63.51 -57.36 -63.77
C ARG L 871 64.98 -57.74 -63.82
N GLU L 872 65.37 -58.67 -62.96
CA GLU L 872 66.75 -59.15 -62.90
C GLU L 872 66.76 -60.64 -63.19
N HIS L 873 67.23 -61.00 -64.38
CA HIS L 873 67.40 -62.40 -64.71
C HIS L 873 68.66 -62.94 -64.07
N VAL L 874 68.64 -64.22 -63.70
CA VAL L 874 69.81 -64.85 -63.11
C VAL L 874 70.10 -66.16 -63.84
N PRO L 875 70.49 -66.11 -65.11
CA PRO L 875 70.86 -67.34 -65.80
C PRO L 875 72.06 -67.97 -65.12
N PRO L 876 72.05 -69.28 -64.95
CA PRO L 876 73.16 -69.95 -64.27
C PRO L 876 74.43 -69.88 -65.10
N GLY L 877 75.56 -69.97 -64.41
CA GLY L 877 76.85 -69.90 -65.04
C GLY L 877 77.19 -71.21 -65.73
N PRO L 878 78.46 -71.37 -66.09
CA PRO L 878 78.87 -72.61 -66.77
C PRO L 878 78.88 -73.80 -65.81
N SER L 879 77.91 -74.68 -65.95
CA SER L 879 77.88 -75.87 -65.11
C SER L 879 78.79 -76.95 -65.67
N HIS L 880 79.08 -77.93 -64.84
CA HIS L 880 79.89 -79.08 -65.26
C HIS L 880 79.16 -80.40 -65.14
N ILE L 881 78.43 -80.61 -64.05
CA ILE L 881 77.72 -81.88 -63.86
C ILE L 881 76.73 -82.08 -64.99
N HIS L 882 76.14 -81.00 -65.49
CA HIS L 882 75.17 -81.14 -66.57
C HIS L 882 75.81 -81.77 -67.81
N ARG L 883 76.99 -81.29 -68.20
CA ARG L 883 77.59 -81.74 -69.44
C ARG L 883 77.88 -83.23 -69.39
N THR L 884 78.51 -83.68 -68.30
CA THR L 884 78.82 -85.10 -68.21
C THR L 884 77.56 -85.94 -68.15
N LEU L 885 76.49 -85.41 -67.56
CA LEU L 885 75.23 -86.13 -67.55
C LEU L 885 74.70 -86.29 -68.97
N GLN L 886 74.77 -85.23 -69.77
CA GLN L 886 74.36 -85.32 -71.16
C GLN L 886 75.17 -86.39 -71.88
N GLN L 887 76.46 -86.45 -71.60
CA GLN L 887 77.29 -87.48 -72.21
C GLN L 887 76.84 -88.87 -71.77
N VAL L 888 76.52 -89.02 -70.49
CA VAL L 888 76.07 -90.32 -69.99
C VAL L 888 74.79 -90.74 -70.68
N GLU L 889 73.84 -89.80 -70.79
CA GLU L 889 72.58 -90.13 -71.45
C GLU L 889 72.81 -90.52 -72.90
N SER L 890 73.66 -89.77 -73.59
CA SER L 890 73.91 -90.05 -75.00
C SER L 890 74.46 -91.45 -75.19
N THR L 891 75.43 -91.83 -74.36
CA THR L 891 76.03 -93.15 -74.53
C THR L 891 75.11 -94.26 -74.04
N PHE L 892 74.16 -93.96 -73.16
CA PHE L 892 73.26 -95.01 -72.69
C PHE L 892 72.45 -95.59 -73.84
N MET L 893 71.93 -94.73 -74.71
CA MET L 893 71.13 -95.21 -75.82
C MET L 893 71.91 -96.15 -76.72
N ALA L 894 73.24 -96.06 -76.71
CA ALA L 894 74.05 -96.96 -77.50
C ALA L 894 74.41 -98.25 -76.79
N GLU L 895 74.30 -98.28 -75.46
CA GLU L 895 74.71 -99.45 -74.69
C GLU L 895 73.69 -99.77 -73.62
N MET L 896 72.40 -99.67 -73.96
CA MET L 896 71.37 -99.96 -72.98
C MET L 896 71.41 -101.40 -72.51
N ASN L 897 71.91 -102.31 -73.36
CA ASN L 897 71.92 -103.72 -73.00
C ASN L 897 72.70 -103.97 -71.72
N LEU L 898 73.75 -103.18 -71.48
CA LEU L 898 74.53 -103.38 -70.27
C LEU L 898 73.73 -103.09 -69.02
N PHE L 899 72.58 -102.43 -69.15
CA PHE L 899 71.70 -102.16 -68.02
C PHE L 899 70.44 -103.02 -68.06
N ASN L 900 70.51 -104.16 -68.74
CA ASN L 900 69.38 -105.09 -68.82
C ASN L 900 68.16 -104.43 -69.46
N VAL L 901 68.40 -103.62 -70.48
CA VAL L 901 67.33 -102.96 -71.22
C VAL L 901 67.54 -103.25 -72.70
N ALA L 902 66.47 -103.66 -73.37
CA ALA L 902 66.51 -104.02 -74.78
C ALA L 902 65.52 -103.19 -75.56
N ARG L 903 65.86 -102.91 -76.82
CA ARG L 903 65.02 -102.15 -77.73
C ARG L 903 64.35 -103.09 -78.71
N GLY L 904 63.39 -102.54 -79.46
CA GLY L 904 62.68 -103.31 -80.46
C GLY L 904 61.47 -104.03 -79.90
N ASN L 905 60.75 -104.69 -80.81
CA ASN L 905 59.52 -105.37 -80.46
C ASN L 905 59.79 -106.81 -80.05
N LEU L 906 58.72 -107.52 -79.71
CA LEU L 906 58.80 -108.91 -79.28
C LEU L 906 57.91 -109.77 -80.14
N TYR L 907 58.43 -110.93 -80.55
CA TYR L 907 57.67 -111.90 -81.32
C TYR L 907 57.27 -113.07 -80.44
N LEU L 908 56.22 -113.78 -80.86
CA LEU L 908 55.69 -114.90 -80.12
C LEU L 908 55.38 -116.06 -81.06
N VAL L 909 56.33 -116.39 -81.92
CA VAL L 909 56.15 -117.52 -82.82
C VAL L 909 56.49 -118.81 -82.09
N GLN L 910 55.63 -119.80 -82.24
CA GLN L 910 55.84 -121.10 -81.61
C GLN L 910 56.83 -121.90 -82.46
N THR L 911 58.04 -122.08 -81.94
CA THR L 911 59.10 -122.78 -82.64
C THR L 911 59.55 -123.98 -81.82
N ALA L 912 59.68 -125.12 -82.48
CA ALA L 912 60.08 -126.36 -81.82
C ALA L 912 61.36 -126.91 -82.43
N THR L 913 62.35 -126.04 -82.62
CA THR L 913 63.58 -126.44 -83.28
C THR L 913 64.36 -127.45 -82.43
N ASN L 914 65.49 -127.89 -82.96
CA ASN L 914 66.38 -128.79 -82.26
C ASN L 914 67.82 -128.30 -82.23
N GLY L 915 68.18 -127.30 -83.01
CA GLY L 915 69.54 -126.81 -83.11
C GLY L 915 69.78 -125.57 -82.27
N ASN L 916 70.65 -124.70 -82.76
CA ASN L 916 71.00 -123.49 -82.03
C ASN L 916 69.79 -122.58 -81.91
N TRP L 917 69.87 -121.66 -80.95
CA TRP L 917 68.77 -120.74 -80.69
C TRP L 917 69.34 -119.53 -79.96
N SER L 918 69.31 -118.37 -80.59
CA SER L 918 69.85 -117.13 -80.04
C SER L 918 68.79 -116.04 -80.13
N PRO L 919 67.83 -116.03 -79.21
CA PRO L 919 66.75 -115.03 -79.30
C PRO L 919 67.25 -113.60 -79.24
N MET L 920 68.35 -113.34 -78.53
CA MET L 920 68.85 -111.98 -78.40
C MET L 920 69.44 -111.44 -79.69
N ALA L 921 69.70 -112.30 -80.68
CA ALA L 921 70.24 -111.86 -81.97
C ALA L 921 69.79 -112.84 -83.04
N PRO L 922 68.52 -112.83 -83.38
CA PRO L 922 68.03 -113.78 -84.39
C PRO L 922 68.62 -113.45 -85.76
N VAL L 923 69.06 -114.50 -86.44
CA VAL L 923 69.61 -114.33 -87.78
C VAL L 923 68.55 -114.52 -88.85
N ALA L 924 67.56 -115.37 -88.61
CA ALA L 924 66.51 -115.60 -89.58
C ALA L 924 65.66 -114.35 -89.76
N ALA L 925 65.06 -114.23 -90.93
CA ALA L 925 64.25 -113.07 -91.23
C ALA L 925 63.04 -113.03 -90.30
N PRO L 926 62.60 -111.84 -89.88
CA PRO L 926 61.43 -111.77 -89.03
C PRO L 926 60.21 -112.31 -89.75
N PRO L 927 59.29 -112.96 -89.03
CA PRO L 927 58.16 -113.60 -89.71
C PRO L 927 57.29 -112.63 -90.49
N PHE L 928 57.09 -111.42 -89.98
CA PHE L 928 56.24 -110.45 -90.65
C PHE L 928 56.45 -109.10 -89.97
N VAL L 929 55.87 -108.06 -90.56
CA VAL L 929 55.95 -106.70 -90.07
C VAL L 929 54.57 -106.09 -90.07
N ARG L 930 54.47 -104.86 -89.55
CA ARG L 930 53.18 -104.22 -89.41
C ARG L 930 52.51 -103.98 -90.76
N GLY L 931 53.28 -103.53 -91.74
CA GLY L 931 52.71 -103.26 -93.04
C GLY L 931 52.56 -104.45 -93.95
N GLY L 932 52.92 -105.65 -93.49
CA GLY L 932 52.90 -106.82 -94.33
C GLY L 932 51.51 -107.25 -94.70
N PRO L 933 51.39 -108.07 -95.74
CA PRO L 933 50.08 -108.57 -96.15
C PRO L 933 49.48 -109.46 -95.09
N ASN L 934 48.15 -109.45 -95.02
CA ASN L 934 47.37 -110.30 -94.13
C ASN L 934 47.67 -110.06 -92.66
N VAL L 935 48.33 -108.96 -92.33
CA VAL L 935 48.72 -108.68 -90.96
C VAL L 935 47.62 -107.83 -90.33
N ARG L 936 46.84 -108.44 -89.44
CA ARG L 936 45.78 -107.74 -88.75
C ARG L 936 46.33 -107.01 -87.53
N VAL L 937 45.66 -105.92 -87.16
CA VAL L 937 46.05 -105.11 -86.01
C VAL L 937 44.86 -105.03 -85.07
N VAL L 938 45.11 -105.31 -83.79
CA VAL L 938 44.05 -105.39 -82.80
C VAL L 938 43.52 -104.00 -82.50
N GLY L 939 42.26 -103.93 -82.04
CA GLY L 939 41.63 -102.67 -81.73
C GLY L 939 42.06 -102.11 -80.39
N ARG L 940 41.50 -100.94 -80.07
CA ARG L 940 41.89 -100.24 -78.84
C ARG L 940 41.64 -101.10 -77.62
N PHE L 941 40.50 -101.76 -77.55
CA PHE L 941 40.23 -102.75 -76.54
C PHE L 941 40.48 -104.13 -77.13
N GLY L 942 41.01 -105.02 -76.31
CA GLY L 942 41.28 -106.37 -76.78
C GLY L 942 40.04 -107.23 -76.76
N THR L 943 38.89 -106.63 -77.07
CA THR L 943 37.63 -107.33 -76.95
C THR L 943 37.52 -108.45 -77.98
N ILE L 944 37.00 -109.59 -77.54
CA ILE L 944 36.68 -110.69 -78.44
C ILE L 944 35.17 -110.86 -78.44
N VAL L 945 34.67 -111.44 -79.52
CA VAL L 945 33.23 -111.68 -79.65
C VAL L 945 32.99 -113.17 -79.84
N PRO L 946 32.37 -113.85 -78.88
CA PRO L 946 31.92 -115.23 -79.11
C PRO L 946 30.69 -115.25 -80.00
N ARG L 947 30.47 -116.40 -80.62
CA ARG L 947 29.34 -116.54 -81.52
C ARG L 947 28.58 -117.82 -81.20
N PRO L 948 27.26 -117.81 -81.39
CA PRO L 948 26.43 -118.83 -80.74
C PRO L 948 26.51 -120.22 -81.35
N ASP L 949 26.45 -120.30 -82.67
CA ASP L 949 26.15 -121.57 -83.33
C ASP L 949 27.41 -122.25 -83.84
N GLY L 950 28.24 -122.69 -82.90
CA GLY L 950 29.43 -123.45 -83.25
C GLY L 950 30.52 -122.67 -83.95
N LEU L 951 30.25 -121.45 -84.40
CA LEU L 951 31.30 -120.61 -84.95
C LEU L 951 32.31 -120.27 -83.86
N GLU L 952 33.58 -120.23 -84.23
CA GLU L 952 34.61 -119.87 -83.27
C GLU L 952 34.63 -118.38 -83.04
N PRO L 953 35.13 -117.93 -81.89
CA PRO L 953 35.13 -116.51 -81.58
C PRO L 953 35.98 -115.72 -82.56
N GLN L 954 35.89 -114.40 -82.45
CA GLN L 954 36.61 -113.50 -83.33
C GLN L 954 37.12 -112.32 -82.55
N LEU L 955 38.16 -111.68 -83.09
CA LEU L 955 38.82 -110.55 -82.46
C LEU L 955 38.47 -109.28 -83.21
N ILE L 956 38.35 -108.18 -82.45
CA ILE L 956 37.96 -106.90 -83.03
C ILE L 956 39.18 -106.27 -83.67
N ASP L 957 39.20 -106.24 -85.00
CA ASP L 957 40.24 -105.51 -85.71
C ASP L 957 40.15 -104.03 -85.38
N ASP L 958 41.27 -103.33 -85.47
CA ASP L 958 41.28 -101.91 -85.20
C ASP L 958 40.33 -101.11 -86.09
N GLY L 959 39.78 -101.73 -87.13
CA GLY L 959 38.74 -101.11 -87.93
C GLY L 959 37.37 -101.49 -87.45
N ASN L 960 37.28 -101.99 -86.21
CA ASN L 960 36.02 -102.40 -85.61
C ASN L 960 35.35 -103.50 -86.42
N VAL L 961 36.15 -104.40 -86.96
CA VAL L 961 35.66 -105.52 -87.76
C VAL L 961 36.12 -106.81 -87.08
N PRO L 962 35.21 -107.67 -86.65
CA PRO L 962 35.64 -108.96 -86.09
C PRO L 962 36.42 -109.76 -87.11
N ARG L 963 37.47 -110.42 -86.64
CA ARG L 963 38.35 -111.20 -87.50
C ARG L 963 38.68 -112.51 -86.83
N ASP L 964 39.07 -113.49 -87.64
CA ASP L 964 39.43 -114.79 -87.11
C ASP L 964 40.77 -114.72 -86.38
N ILE L 965 40.89 -115.55 -85.35
CA ILE L 965 42.10 -115.55 -84.53
C ILE L 965 43.29 -116.04 -85.34
N ALA L 966 43.11 -117.09 -86.13
CA ALA L 966 44.21 -117.68 -86.88
C ALA L 966 44.83 -116.67 -87.82
N GLY L 967 46.15 -116.64 -87.86
CA GLY L 967 46.86 -115.72 -88.71
C GLY L 967 47.96 -114.97 -87.99
N ASP L 968 48.21 -113.74 -88.41
CA ASP L 968 49.23 -112.88 -87.80
C ASP L 968 48.57 -111.63 -87.26
N TRP L 969 49.04 -111.20 -86.10
CA TRP L 969 48.43 -110.07 -85.41
C TRP L 969 49.50 -109.19 -84.81
N VAL L 970 49.14 -107.92 -84.61
CA VAL L 970 50.03 -106.94 -84.02
C VAL L 970 49.37 -106.39 -82.77
N TYR L 971 50.08 -106.46 -81.66
CA TYR L 971 49.54 -106.02 -80.37
C TYR L 971 50.33 -104.82 -79.87
N PRO L 972 49.74 -103.62 -79.86
CA PRO L 972 50.36 -102.53 -79.10
C PRO L 972 50.42 -102.92 -77.63
N SER L 973 51.53 -102.53 -76.99
CA SER L 973 51.75 -102.96 -75.61
C SER L 973 50.63 -102.49 -74.69
N ASP L 974 50.00 -101.36 -75.01
CA ASP L 974 48.88 -100.89 -74.22
C ASP L 974 47.73 -101.89 -74.24
N VAL L 975 47.40 -102.39 -75.43
CA VAL L 975 46.24 -103.26 -75.56
C VAL L 975 46.44 -104.52 -74.74
N LEU L 976 47.64 -105.07 -74.76
CA LEU L 976 47.90 -106.29 -74.01
C LEU L 976 47.68 -106.08 -72.52
N GLN L 977 48.14 -104.94 -72.00
CA GLN L 977 48.05 -104.70 -70.56
C GLN L 977 46.61 -104.60 -70.09
N VAL L 978 45.66 -104.32 -70.97
CA VAL L 978 44.27 -104.16 -70.58
C VAL L 978 43.41 -105.33 -70.98
N SER L 979 43.99 -106.35 -71.61
CA SER L 979 43.21 -107.52 -72.03
C SER L 979 43.99 -108.80 -71.81
N VAL L 980 44.84 -108.84 -70.79
CA VAL L 980 45.72 -109.99 -70.61
C VAL L 980 44.92 -111.26 -70.39
N ALA L 981 43.87 -111.19 -69.57
CA ALA L 981 43.14 -112.39 -69.20
C ALA L 981 42.51 -113.05 -70.42
N VAL L 982 41.76 -112.27 -71.20
CA VAL L 982 41.11 -112.83 -72.38
C VAL L 982 42.16 -113.30 -73.37
N PHE L 983 43.26 -112.56 -73.48
CA PHE L 983 44.33 -112.97 -74.37
C PHE L 983 44.89 -114.33 -73.96
N CYS L 984 45.13 -114.52 -72.66
CA CYS L 984 45.68 -115.78 -72.19
C CYS L 984 44.70 -116.93 -72.42
N ASP L 985 43.41 -116.63 -72.45
CA ASP L 985 42.40 -117.67 -72.55
C ASP L 985 41.97 -117.96 -73.98
N TYR L 986 42.24 -117.06 -74.90
CA TYR L 986 41.75 -117.30 -76.25
C TYR L 986 42.82 -117.20 -77.32
N VAL L 987 43.76 -116.29 -77.17
CA VAL L 987 44.79 -116.10 -78.18
C VAL L 987 46.01 -116.95 -77.90
N TRP L 988 46.49 -116.89 -76.65
CA TRP L 988 47.68 -117.64 -76.26
C TRP L 988 47.60 -119.13 -76.62
N PRO L 989 46.49 -119.83 -76.38
CA PRO L 989 46.43 -121.22 -76.84
C PRO L 989 46.63 -121.35 -78.33
N MET L 990 45.94 -120.53 -79.13
CA MET L 990 46.11 -120.59 -80.57
C MET L 990 47.55 -120.31 -80.96
N VAL L 991 48.27 -119.57 -80.13
CA VAL L 991 49.70 -119.38 -80.37
C VAL L 991 50.47 -120.64 -80.02
N LYS L 992 50.13 -121.27 -78.90
CA LYS L 992 50.83 -122.48 -78.51
C LYS L 992 50.69 -123.56 -79.58
N ALA L 993 49.50 -123.71 -80.13
CA ALA L 993 49.36 -124.49 -81.35
C ALA L 993 49.95 -123.71 -82.51
N GLY L 994 50.46 -124.44 -83.50
CA GLY L 994 51.08 -123.79 -84.63
C GLY L 994 50.07 -123.15 -85.56
N ARG L 995 49.31 -122.18 -85.07
CA ARG L 995 48.28 -121.55 -85.87
C ARG L 995 48.25 -120.04 -85.78
N THR L 996 49.10 -119.42 -84.96
CA THR L 996 49.04 -117.98 -84.78
C THR L 996 50.44 -117.45 -84.47
N ARG L 997 50.72 -116.26 -84.98
CA ARG L 997 51.97 -115.57 -84.70
C ARG L 997 51.64 -114.14 -84.28
N VAL L 998 52.21 -113.72 -83.16
CA VAL L 998 51.84 -112.45 -82.54
C VAL L 998 53.08 -111.57 -82.42
N LEU L 999 52.92 -110.29 -82.73
CA LEU L 999 53.98 -109.30 -82.60
C LEU L 999 53.55 -108.28 -81.55
N VAL L 1000 54.33 -108.19 -80.48
CA VAL L 1000 54.05 -107.25 -79.41
C VAL L 1000 54.96 -106.04 -79.59
N GLU L 1001 54.37 -104.86 -79.72
CA GLU L 1001 55.12 -103.64 -79.99
C GLU L 1001 55.55 -103.02 -78.67
N LEU L 1002 56.81 -103.21 -78.31
CA LEU L 1002 57.41 -102.57 -77.17
C LEU L 1002 58.51 -101.63 -77.64
N GLY L 1003 58.57 -100.45 -77.04
CA GLY L 1003 59.66 -99.56 -77.35
C GLY L 1003 60.95 -100.06 -76.73
N HIS L 1004 60.98 -100.08 -75.41
CA HIS L 1004 62.12 -100.61 -74.67
C HIS L 1004 61.58 -101.30 -73.43
N TYR L 1005 62.36 -102.23 -72.89
CA TYR L 1005 61.86 -103.02 -71.78
C TYR L 1005 63.02 -103.68 -71.05
N VAL L 1006 62.76 -104.01 -69.79
CA VAL L 1006 63.68 -104.81 -69.00
C VAL L 1006 63.54 -106.27 -69.43
N TYR L 1007 64.67 -106.93 -69.65
CA TYR L 1007 64.66 -108.31 -70.08
C TYR L 1007 65.45 -109.16 -69.11
N THR L 1008 64.97 -110.36 -68.85
CA THR L 1008 65.70 -111.37 -68.10
C THR L 1008 65.75 -112.63 -68.93
N LEU L 1009 66.71 -113.51 -68.59
CA LEU L 1009 66.94 -114.68 -69.42
C LEU L 1009 67.37 -115.85 -68.54
N HIS L 1010 67.07 -117.04 -69.01
CA HIS L 1010 67.41 -118.28 -68.33
C HIS L 1010 68.28 -119.14 -69.24
N TYR L 1011 69.28 -119.78 -68.65
CA TYR L 1011 70.16 -120.67 -69.38
C TYR L 1011 69.78 -122.12 -69.08
N TYR L 1012 69.58 -122.89 -70.14
CA TYR L 1012 69.20 -124.28 -70.00
C TYR L 1012 70.30 -125.17 -70.59
N ASP L 1013 70.11 -126.45 -70.42
CA ASP L 1013 71.01 -127.48 -70.96
C ASP L 1013 70.47 -127.96 -72.29
N PRO L 1014 71.29 -127.98 -73.33
CA PRO L 1014 70.82 -128.46 -74.63
C PRO L 1014 70.41 -129.93 -74.64
N GLN L 1015 70.86 -130.72 -73.67
CA GLN L 1015 70.55 -132.14 -73.67
C GLN L 1015 69.22 -132.46 -73.00
N ILE L 1016 68.48 -131.47 -72.54
CA ILE L 1016 67.24 -131.70 -71.81
C ILE L 1016 66.09 -131.14 -72.63
N SER L 1017 65.22 -132.02 -73.10
CA SER L 1017 64.02 -131.59 -73.81
C SER L 1017 63.06 -130.93 -72.83
N LEU L 1018 62.35 -129.91 -73.32
CA LEU L 1018 61.44 -129.17 -72.45
C LEU L 1018 60.51 -128.35 -73.32
N ASP L 1019 59.37 -127.97 -72.74
CA ASP L 1019 58.46 -126.99 -73.32
C ASP L 1019 58.47 -125.76 -72.44
N GLU L 1020 58.69 -124.60 -73.05
CA GLU L 1020 58.89 -123.36 -72.30
C GLU L 1020 57.60 -122.57 -72.13
N ALA L 1021 56.45 -123.14 -72.45
CA ALA L 1021 55.18 -122.47 -72.23
C ALA L 1021 54.98 -121.98 -70.80
N PRO L 1022 55.28 -122.76 -69.75
CA PRO L 1022 55.01 -122.26 -68.39
C PRO L 1022 55.68 -120.94 -68.08
N ILE L 1023 56.89 -120.72 -68.59
CA ILE L 1023 57.59 -119.47 -68.31
C ILE L 1023 56.78 -118.29 -68.83
N LEU L 1024 56.31 -118.40 -70.07
CA LEU L 1024 55.52 -117.31 -70.64
C LEU L 1024 54.22 -117.13 -69.88
N GLU L 1025 53.55 -118.22 -69.53
CA GLU L 1025 52.29 -118.12 -68.81
C GLU L 1025 52.49 -117.42 -67.48
N GLU L 1026 53.57 -117.76 -66.77
CA GLU L 1026 53.88 -117.03 -65.55
C GLU L 1026 54.10 -115.57 -65.84
N TRP L 1027 54.83 -115.25 -66.91
CA TRP L 1027 55.06 -113.87 -67.27
C TRP L 1027 53.75 -113.16 -67.56
N LEU L 1028 52.85 -113.83 -68.28
CA LEU L 1028 51.54 -113.23 -68.54
C LEU L 1028 50.74 -113.05 -67.27
N SER L 1029 50.95 -113.92 -66.28
CA SER L 1029 50.13 -113.90 -65.08
C SER L 1029 50.34 -112.65 -64.24
N LYS L 1030 51.37 -111.85 -64.53
CA LYS L 1030 51.67 -110.68 -63.71
C LYS L 1030 51.62 -109.39 -64.50
N ILE L 1031 51.00 -109.39 -65.67
CA ILE L 1031 50.82 -108.19 -66.46
C ILE L 1031 49.50 -107.55 -66.08
N ASN L 1032 49.49 -106.23 -65.91
CA ASN L 1032 48.27 -105.51 -65.60
C ASN L 1032 48.40 -104.11 -66.20
N PRO L 1033 47.30 -103.35 -66.24
CA PRO L 1033 47.38 -102.00 -66.79
C PRO L 1033 48.35 -101.08 -66.08
N ALA L 1034 48.87 -101.49 -64.92
CA ALA L 1034 49.81 -100.64 -64.19
C ALA L 1034 51.25 -100.86 -64.62
N GLY L 1035 51.62 -102.09 -64.94
CA GLY L 1035 53.00 -102.36 -65.31
C GLY L 1035 53.17 -103.82 -65.68
N ILE L 1036 54.40 -104.16 -66.07
CA ILE L 1036 54.71 -105.52 -66.52
C ILE L 1036 55.99 -106.00 -65.87
N PRO L 1037 56.13 -107.30 -65.72
CA PRO L 1037 57.40 -107.87 -65.29
C PRO L 1037 58.37 -107.95 -66.44
N PRO L 1038 59.65 -108.19 -66.18
CA PRO L 1038 60.62 -108.28 -67.27
C PRO L 1038 60.32 -109.42 -68.21
N VAL L 1039 60.68 -109.24 -69.46
CA VAL L 1039 60.47 -110.29 -70.46
C VAL L 1039 61.48 -111.42 -70.22
N PRO L 1040 61.04 -112.67 -70.19
CA PRO L 1040 61.97 -113.78 -70.03
C PRO L 1040 62.46 -114.33 -71.36
N PHE L 1041 63.60 -115.01 -71.30
CA PHE L 1041 64.17 -115.66 -72.47
C PHE L 1041 64.90 -116.92 -72.04
N CYS L 1042 65.09 -117.82 -72.99
CA CYS L 1042 65.79 -119.07 -72.75
C CYS L 1042 66.92 -119.21 -73.74
N ILE L 1043 68.12 -119.50 -73.24
CA ILE L 1043 69.30 -119.60 -74.08
C ILE L 1043 70.07 -120.87 -73.72
N PRO L 1044 70.44 -121.69 -74.68
CA PRO L 1044 71.23 -122.89 -74.36
C PRO L 1044 72.60 -122.52 -73.86
N ILE L 1045 73.10 -123.32 -72.94
CA ILE L 1045 74.47 -123.14 -72.43
C ILE L 1045 75.44 -123.70 -73.47
N PRO L 1046 76.42 -122.91 -73.91
CA PRO L 1046 77.36 -123.41 -74.91
C PRO L 1046 78.14 -124.61 -74.38
N GLN L 1047 78.50 -125.50 -75.30
CA GLN L 1047 79.17 -126.74 -74.97
C GLN L 1047 80.57 -126.77 -75.56
N VAL L 1048 81.45 -127.53 -74.92
CA VAL L 1048 82.85 -127.61 -75.33
C VAL L 1048 83.05 -128.83 -76.22
N TYR L 1049 82.33 -129.89 -75.94
CA TYR L 1049 82.45 -131.08 -76.75
C TYR L 1049 81.20 -131.29 -77.58
N PRO L 1050 81.30 -131.96 -78.72
CA PRO L 1050 80.10 -132.27 -79.51
C PRO L 1050 79.13 -133.11 -78.68
N CYS L 1051 77.84 -132.83 -78.85
CA CYS L 1051 76.83 -133.46 -78.03
C CYS L 1051 75.56 -133.63 -78.84
N ILE L 1052 74.64 -134.42 -78.31
CA ILE L 1052 73.36 -134.69 -78.94
C ILE L 1052 72.32 -133.79 -78.31
N THR L 1053 71.76 -132.89 -79.10
CA THR L 1053 70.74 -131.98 -78.59
C THR L 1053 69.41 -132.71 -78.43
N ALA L 1054 68.50 -132.07 -77.71
CA ALA L 1054 67.17 -132.61 -77.48
C ALA L 1054 66.13 -131.66 -78.06
N ARG L 1055 64.97 -132.21 -78.41
CA ARG L 1055 63.89 -131.40 -78.93
C ARG L 1055 63.50 -130.34 -77.92
N ARG L 1056 63.44 -129.09 -78.37
CA ARG L 1056 63.11 -127.99 -77.49
C ARG L 1056 62.11 -127.08 -78.18
N VAL L 1057 61.25 -126.46 -77.38
CA VAL L 1057 60.19 -125.59 -77.89
C VAL L 1057 60.45 -124.17 -77.39
N HIS L 1058 60.51 -123.23 -78.32
CA HIS L 1058 60.76 -121.83 -78.01
C HIS L 1058 59.60 -120.98 -78.51
N TYR L 1059 59.40 -119.85 -77.85
CA TYR L 1059 58.29 -118.98 -78.21
C TYR L 1059 58.70 -117.54 -78.45
N ALA L 1060 59.67 -117.01 -77.70
CA ALA L 1060 59.95 -115.59 -77.69
C ALA L 1060 61.32 -115.29 -78.29
N PHE L 1061 61.40 -114.21 -79.05
CA PHE L 1061 62.66 -113.70 -79.55
C PHE L 1061 62.47 -112.25 -79.97
N THR L 1062 63.54 -111.47 -79.87
CA THR L 1062 63.47 -110.05 -80.14
C THR L 1062 63.55 -109.79 -81.65
N SER L 1063 63.26 -108.54 -82.01
CA SER L 1063 63.23 -108.14 -83.40
C SER L 1063 64.55 -107.60 -83.92
N GLU L 1064 65.55 -107.44 -83.05
CA GLU L 1064 66.85 -106.92 -83.49
C GLU L 1064 67.89 -107.22 -82.43
N ASN L 1065 69.14 -106.96 -82.78
CA ASN L 1065 70.25 -107.32 -81.90
C ASN L 1065 70.14 -106.61 -80.56
N ASN L 1066 70.29 -107.37 -79.49
CA ASN L 1066 70.32 -106.79 -78.15
C ASN L 1066 71.31 -107.48 -77.22
N ASN L 1067 72.22 -108.29 -77.73
CA ASN L 1067 73.13 -109.06 -76.88
C ASN L 1067 74.48 -108.38 -76.70
N ASP L 1068 74.50 -107.05 -76.75
CA ASP L 1068 75.76 -106.33 -76.65
C ASP L 1068 76.47 -106.57 -75.33
N SER L 1069 75.74 -106.93 -74.28
CA SER L 1069 76.36 -107.16 -72.98
C SER L 1069 77.19 -108.42 -72.94
N LEU L 1070 77.03 -109.32 -73.91
CA LEU L 1070 77.80 -110.56 -73.91
C LEU L 1070 79.28 -110.26 -74.08
N PHE L 1071 80.10 -110.93 -73.27
CA PHE L 1071 81.53 -110.70 -73.28
C PHE L 1071 82.30 -111.84 -73.93
N SER L 1072 82.15 -113.06 -73.44
CA SER L 1072 82.87 -114.20 -73.98
C SER L 1072 82.17 -115.48 -73.56
N THR L 1073 82.47 -116.56 -74.29
CA THR L 1073 81.87 -117.86 -74.04
C THR L 1073 82.96 -118.90 -73.96
N ASN L 1074 82.93 -119.72 -72.90
CA ASN L 1074 83.91 -120.79 -72.71
C ASN L 1074 85.32 -120.25 -72.80
N ALA L 1075 85.57 -119.15 -72.08
CA ALA L 1075 86.89 -118.53 -72.12
C ALA L 1075 87.97 -119.49 -71.67
N ALA L 1076 87.64 -120.39 -70.74
CA ALA L 1076 88.63 -121.34 -70.25
C ALA L 1076 89.01 -122.38 -71.27
N SER L 1077 88.26 -122.51 -72.36
CA SER L 1077 88.54 -123.51 -73.37
C SER L 1077 89.22 -122.86 -74.57
N ILE L 1078 89.43 -123.65 -75.62
CA ILE L 1078 90.03 -123.15 -76.85
C ILE L 1078 88.98 -122.80 -77.90
N ASP L 1079 87.80 -123.42 -77.85
CA ASP L 1079 86.73 -123.12 -78.78
C ASP L 1079 85.46 -123.79 -78.28
N THR L 1080 84.33 -123.32 -78.80
CA THR L 1080 83.06 -123.95 -78.49
C THR L 1080 82.78 -125.07 -79.47
N ALA L 1081 81.76 -125.87 -79.15
CA ALA L 1081 81.36 -126.99 -79.98
C ALA L 1081 79.98 -126.80 -80.60
N PHE L 1082 78.97 -126.54 -79.79
CA PHE L 1082 77.60 -126.44 -80.29
C PHE L 1082 76.98 -125.07 -80.09
N GLY L 1083 77.06 -124.52 -78.89
CA GLY L 1083 76.31 -123.32 -78.57
C GLY L 1083 76.82 -122.06 -79.24
N GLU L 1084 76.53 -120.92 -78.62
CA GLU L 1084 76.93 -119.63 -79.17
C GLU L 1084 78.42 -119.41 -78.92
N ASN L 1085 79.13 -119.02 -79.96
CA ASN L 1085 80.56 -118.72 -79.87
C ASN L 1085 80.76 -117.21 -79.88
N ALA L 1086 81.60 -116.73 -78.96
CA ALA L 1086 81.86 -115.29 -78.88
C ALA L 1086 83.24 -115.10 -78.28
N ALA L 1087 84.20 -114.70 -79.11
CA ALA L 1087 85.55 -114.44 -78.64
C ALA L 1087 85.63 -113.02 -78.07
N VAL L 1088 86.82 -112.66 -77.59
CA VAL L 1088 87.03 -111.34 -77.00
C VAL L 1088 87.23 -110.34 -78.12
N SER L 1089 86.31 -109.39 -78.22
CA SER L 1089 86.38 -108.40 -79.29
C SER L 1089 87.40 -107.32 -78.94
N PRO L 1090 88.39 -107.06 -79.79
CA PRO L 1090 89.34 -105.98 -79.50
C PRO L 1090 88.72 -104.60 -79.53
N LEU L 1091 87.50 -104.46 -80.03
CA LEU L 1091 86.88 -103.14 -80.16
C LEU L 1091 86.82 -102.40 -78.85
N ARG L 1092 86.65 -103.13 -77.74
CA ARG L 1092 86.59 -102.51 -76.44
C ARG L 1092 87.96 -102.31 -75.81
N TRP L 1093 89.02 -102.69 -76.49
CA TRP L 1093 90.34 -102.57 -75.90
C TRP L 1093 91.33 -101.88 -76.84
N PRO L 1094 90.98 -100.75 -77.44
CA PRO L 1094 91.91 -100.12 -78.38
C PRO L 1094 93.19 -99.67 -77.70
N GLY L 1095 93.09 -99.20 -76.47
CA GLY L 1095 94.28 -98.70 -75.80
C GLY L 1095 95.25 -99.77 -75.37
N LEU L 1096 94.85 -101.05 -75.47
CA LEU L 1096 95.70 -102.14 -75.04
C LEU L 1096 96.30 -102.92 -76.21
N VAL L 1097 95.65 -102.92 -77.37
CA VAL L 1097 96.14 -103.72 -78.49
C VAL L 1097 96.32 -102.92 -79.77
N ASP L 1098 95.70 -101.77 -79.92
CA ASP L 1098 95.78 -101.04 -81.18
C ASP L 1098 97.11 -100.29 -81.26
N PRO L 1099 97.96 -100.60 -82.24
CA PRO L 1099 99.22 -99.85 -82.37
C PRO L 1099 99.00 -98.37 -82.61
N ASN L 1100 97.92 -97.99 -83.29
CA ASN L 1100 97.67 -96.61 -83.64
C ASN L 1100 96.86 -95.88 -82.58
N TYR L 1101 96.74 -96.44 -81.39
CA TYR L 1101 95.97 -95.79 -80.34
C TYR L 1101 96.59 -94.46 -79.96
N ARG L 1102 95.75 -93.46 -79.73
CA ARG L 1102 96.19 -92.13 -79.34
C ARG L 1102 95.80 -91.87 -77.90
N VAL L 1103 96.71 -91.24 -77.15
CA VAL L 1103 96.49 -91.03 -75.73
C VAL L 1103 95.28 -90.13 -75.52
N GLY L 1104 94.34 -90.59 -74.70
CA GLY L 1104 93.18 -89.81 -74.35
C GLY L 1104 91.99 -89.95 -75.28
N THR L 1105 92.18 -90.55 -76.45
CA THR L 1105 91.07 -90.70 -77.38
C THR L 1105 90.13 -91.81 -76.94
N ASN L 1106 88.87 -91.67 -77.30
CA ASN L 1106 87.86 -92.66 -76.96
C ASN L 1106 86.59 -92.39 -77.76
N ASP L 1107 85.98 -93.45 -78.27
CA ASP L 1107 84.71 -93.34 -78.98
C ASP L 1107 83.54 -93.42 -78.02
N LEU L 1108 83.59 -92.58 -76.99
CA LEU L 1108 82.61 -92.67 -75.91
C LEU L 1108 81.16 -92.57 -76.37
N PRO L 1109 80.77 -91.67 -77.28
CA PRO L 1109 79.34 -91.59 -77.63
C PRO L 1109 78.77 -92.88 -78.19
N ASN L 1110 79.60 -93.72 -78.80
CA ASN L 1110 79.12 -94.95 -79.42
C ASN L 1110 79.42 -96.19 -78.59
N ARG L 1111 80.66 -96.37 -78.16
CA ARG L 1111 81.08 -97.58 -77.48
C ARG L 1111 81.86 -97.19 -76.23
N ILE L 1112 82.09 -98.20 -75.38
CA ILE L 1112 82.78 -98.01 -74.11
C ILE L 1112 84.05 -98.84 -74.14
N THR L 1113 85.19 -98.19 -73.91
CA THR L 1113 86.48 -98.85 -73.84
C THR L 1113 86.84 -99.05 -72.38
N LEU L 1114 87.43 -100.22 -72.08
CA LEU L 1114 87.66 -100.63 -70.71
C LEU L 1114 89.08 -100.37 -70.23
N TYR L 1115 89.94 -99.80 -71.06
CA TYR L 1115 91.35 -99.68 -70.70
C TYR L 1115 91.90 -98.42 -71.36
N ASN L 1116 91.95 -97.33 -70.61
CA ASN L 1116 92.33 -96.03 -71.14
C ASN L 1116 93.52 -95.49 -70.36
N SER L 1117 93.90 -94.26 -70.70
CA SER L 1117 94.95 -93.53 -70.01
C SER L 1117 94.34 -92.39 -69.22
N LEU L 1118 94.96 -92.07 -68.08
CA LEU L 1118 94.40 -91.07 -67.20
C LEU L 1118 95.51 -90.44 -66.36
N TYR L 1119 95.14 -89.40 -65.64
CA TYR L 1119 96.02 -88.74 -64.69
C TYR L 1119 95.56 -89.00 -63.27
N ARG L 1120 96.51 -89.08 -62.36
CA ARG L 1120 96.23 -89.14 -60.93
C ARG L 1120 96.96 -87.99 -60.27
N TYR L 1121 96.32 -87.38 -59.28
CA TYR L 1121 96.82 -86.15 -58.69
C TYR L 1121 97.10 -86.34 -57.21
N ASN L 1122 97.92 -85.43 -56.68
CA ASN L 1122 98.20 -85.33 -55.26
C ASN L 1122 98.04 -83.86 -54.89
N PHE L 1123 96.82 -83.47 -54.55
CA PHE L 1123 96.58 -82.09 -54.19
C PHE L 1123 96.85 -81.86 -52.71
N THR L 1124 97.31 -80.65 -52.40
CA THR L 1124 97.56 -80.24 -51.04
C THR L 1124 96.52 -79.21 -50.63
N TYR L 1125 96.23 -79.16 -49.33
CA TYR L 1125 95.16 -78.32 -48.78
C TYR L 1125 95.74 -77.42 -47.70
N PRO L 1126 96.21 -76.23 -48.07
CA PRO L 1126 96.85 -75.37 -47.09
C PRO L 1126 95.89 -74.90 -46.02
N THR L 1127 96.43 -74.65 -44.83
CA THR L 1127 95.73 -73.99 -43.75
C THR L 1127 96.51 -72.74 -43.38
N LEU L 1128 95.79 -71.65 -43.15
CA LEU L 1128 96.39 -70.33 -43.07
C LEU L 1128 96.44 -69.85 -41.62
N ASP L 1129 97.61 -69.36 -41.21
CA ASP L 1129 97.80 -68.69 -39.94
C ASP L 1129 98.39 -67.32 -40.25
N GLY L 1130 97.73 -66.25 -39.79
CA GLY L 1130 98.08 -64.92 -40.18
C GLY L 1130 98.24 -63.99 -38.99
N ILE L 1131 98.83 -62.83 -39.28
CA ILE L 1131 99.01 -61.75 -38.32
C ILE L 1131 98.42 -60.49 -38.92
N MET L 1132 97.71 -59.73 -38.10
CA MET L 1132 97.08 -58.50 -38.56
C MET L 1132 97.51 -57.34 -37.70
N TYR L 1133 97.57 -56.17 -38.31
CA TYR L 1133 98.01 -54.95 -37.64
C TYR L 1133 96.91 -53.90 -37.72
N VAL L 1134 96.92 -53.00 -36.74
CA VAL L 1134 95.92 -51.95 -36.63
C VAL L 1134 96.60 -50.60 -36.86
N ARG L 1135 95.92 -49.72 -37.59
CA ARG L 1135 96.49 -48.41 -37.88
C ARG L 1135 96.69 -47.61 -36.60
N SER L 1136 97.80 -46.90 -36.54
CA SER L 1136 98.12 -46.09 -35.37
C SER L 1136 97.11 -44.96 -35.22
N ALA L 1137 97.13 -44.34 -34.04
CA ALA L 1137 96.18 -43.25 -33.77
C ALA L 1137 96.37 -42.11 -34.75
N THR L 1138 97.61 -41.74 -35.02
CA THR L 1138 97.92 -40.70 -36.00
C THR L 1138 99.15 -41.08 -36.79
N THR M 1 -30.33 -92.13 -39.32
CA THR M 1 -30.24 -91.20 -40.44
C THR M 1 -31.62 -90.67 -40.81
N ALA M 2 -32.40 -91.48 -41.52
CA ALA M 2 -33.73 -91.08 -41.96
C ALA M 2 -34.72 -91.28 -40.81
N SER M 3 -34.63 -90.39 -39.84
CA SER M 3 -35.48 -90.49 -38.67
C SER M 3 -36.91 -90.11 -39.02
N PRO M 4 -37.88 -91.01 -38.84
CA PRO M 4 -39.27 -90.65 -39.14
C PRO M 4 -39.78 -89.51 -38.29
N ALA M 5 -39.30 -89.39 -37.05
CA ALA M 5 -39.77 -88.34 -36.16
C ALA M 5 -39.50 -86.97 -36.72
N ASP M 6 -38.54 -86.83 -37.63
CA ASP M 6 -38.23 -85.56 -38.26
C ASP M 6 -38.85 -85.44 -39.64
N THR M 7 -39.72 -86.36 -40.03
CA THR M 7 -40.27 -86.35 -41.37
C THR M 7 -41.79 -86.43 -41.33
N ASN M 8 -42.35 -87.09 -40.31
CA ASN M 8 -43.79 -87.30 -40.20
C ASN M 8 -44.43 -86.37 -39.18
N VAL M 9 -43.92 -85.16 -39.03
CA VAL M 9 -44.46 -84.23 -38.05
C VAL M 9 -45.78 -83.68 -38.54
N VAL M 10 -46.83 -83.89 -37.75
CA VAL M 10 -48.16 -83.34 -38.04
C VAL M 10 -48.78 -82.86 -36.74
N PRO M 11 -49.74 -81.95 -36.82
CA PRO M 11 -50.40 -81.47 -35.60
C PRO M 11 -51.03 -82.62 -34.82
N ALA M 12 -50.87 -82.57 -33.51
CA ALA M 12 -51.45 -83.60 -32.66
C ALA M 12 -52.95 -83.40 -32.53
N LYS M 13 -53.63 -84.41 -31.98
CA LYS M 13 -55.05 -84.30 -31.74
C LYS M 13 -55.34 -83.22 -30.70
N ASP M 14 -56.47 -82.55 -30.86
CA ASP M 14 -56.88 -81.45 -29.99
C ASP M 14 -55.85 -80.33 -29.95
N ALA M 15 -55.08 -80.19 -31.03
CA ALA M 15 -54.03 -79.18 -31.07
C ALA M 15 -54.52 -77.77 -30.81
N PRO M 16 -55.59 -77.28 -31.45
CA PRO M 16 -55.86 -75.84 -31.39
C PRO M 16 -56.17 -75.33 -29.99
N THR M 17 -56.52 -76.19 -29.05
CA THR M 17 -56.96 -75.71 -27.75
C THR M 17 -56.40 -76.51 -26.58
N THR M 18 -55.38 -77.34 -26.80
CA THR M 18 -54.96 -78.28 -25.77
C THR M 18 -54.40 -77.56 -24.55
N ASN M 19 -53.68 -76.46 -24.75
CA ASN M 19 -52.98 -75.82 -23.64
C ASN M 19 -53.87 -74.91 -22.82
N SER M 20 -55.14 -74.76 -23.18
CA SER M 20 -55.97 -73.77 -22.53
C SER M 20 -56.17 -74.11 -21.05
N PRO M 21 -55.84 -73.21 -20.14
CA PRO M 21 -56.07 -73.49 -18.72
C PRO M 21 -57.54 -73.40 -18.40
N PRO M 22 -58.00 -74.09 -17.37
CA PRO M 22 -59.42 -73.99 -16.97
C PRO M 22 -59.71 -72.72 -16.20
N SER M 23 -60.37 -71.76 -16.84
CA SER M 23 -60.72 -70.50 -16.19
C SER M 23 -61.92 -69.91 -16.87
N THR M 24 -62.53 -68.92 -16.22
CA THR M 24 -63.67 -68.22 -16.77
C THR M 24 -63.43 -66.75 -17.01
N THR M 25 -62.32 -66.19 -16.54
CA THR M 25 -62.12 -64.75 -16.58
C THR M 25 -61.88 -64.25 -18.00
N SER M 26 -60.77 -64.64 -18.60
CA SER M 26 -60.40 -64.23 -19.95
C SER M 26 -59.81 -65.43 -20.66
N PRO M 27 -60.63 -66.43 -20.98
CA PRO M 27 -60.08 -67.70 -21.46
C PRO M 27 -59.21 -67.56 -22.69
N ASN M 28 -59.58 -66.69 -23.61
CA ASN M 28 -58.84 -66.61 -24.87
C ASN M 28 -57.46 -66.01 -24.65
N GLN M 29 -57.36 -64.95 -23.86
CA GLN M 29 -56.05 -64.39 -23.56
C GLN M 29 -55.21 -65.38 -22.77
N ALA M 30 -55.83 -66.03 -21.77
CA ALA M 30 -55.11 -67.00 -20.97
C ALA M 30 -54.58 -68.14 -21.84
N ALA M 31 -55.44 -68.65 -22.72
CA ALA M 31 -55.00 -69.72 -23.62
C ALA M 31 -53.86 -69.25 -24.49
N ALA M 32 -53.95 -68.02 -25.01
CA ALA M 32 -52.88 -67.49 -25.84
C ALA M 32 -51.57 -67.43 -25.07
N ASP M 33 -51.62 -66.96 -23.83
CA ASP M 33 -50.41 -66.90 -23.03
C ASP M 33 -49.85 -68.29 -22.79
N ALA M 34 -50.73 -69.26 -22.51
CA ALA M 34 -50.26 -70.62 -22.26
C ALA M 34 -49.54 -71.18 -23.49
N ASN M 35 -50.10 -70.96 -24.67
CA ASN M 35 -49.43 -71.39 -25.89
C ASN M 35 -48.05 -70.76 -26.00
N GLN M 36 -47.98 -69.45 -25.76
CA GLN M 36 -46.72 -68.75 -25.89
C GLN M 36 -45.69 -69.31 -24.92
N GLN M 37 -46.09 -69.48 -23.65
CA GLN M 37 -45.16 -70.03 -22.67
C GLN M 37 -44.83 -71.48 -22.96
N GLN M 38 -45.82 -72.24 -23.43
CA GLN M 38 -45.57 -73.64 -23.76
C GLN M 38 -44.54 -73.77 -24.87
N ALA M 39 -44.62 -72.89 -25.87
CA ALA M 39 -43.71 -72.97 -27.01
C ALA M 39 -42.27 -72.64 -26.66
N GLY M 40 -41.99 -72.25 -25.41
CA GLY M 40 -40.64 -71.91 -25.02
C GLY M 40 -40.28 -70.45 -25.18
N ILE M 41 -41.15 -69.65 -25.79
CA ILE M 41 -40.90 -68.22 -25.90
C ILE M 41 -41.10 -67.56 -24.55
N VAL M 42 -40.21 -66.64 -24.21
CA VAL M 42 -40.34 -65.85 -22.98
C VAL M 42 -40.82 -64.46 -23.35
N SER M 43 -41.63 -63.87 -22.46
CA SER M 43 -42.26 -62.59 -22.74
C SER M 43 -41.21 -61.51 -23.02
N SER M 44 -40.08 -61.55 -22.31
CA SER M 44 -39.06 -60.53 -22.49
C SER M 44 -38.48 -60.53 -23.90
N GLN M 45 -38.65 -61.62 -24.65
CA GLN M 45 -38.15 -61.67 -26.01
C GLN M 45 -39.23 -61.49 -27.06
N SER M 46 -40.50 -61.77 -26.72
CA SER M 46 -41.58 -61.52 -27.66
C SER M 46 -41.94 -60.05 -27.73
N GLY M 47 -41.69 -59.30 -26.67
CA GLY M 47 -41.95 -57.88 -26.65
C GLY M 47 -43.43 -57.55 -26.82
N PRO M 48 -43.72 -56.53 -27.64
CA PRO M 48 -45.10 -56.07 -27.78
C PRO M 48 -46.05 -57.11 -28.35
N ASN M 49 -45.53 -58.16 -28.99
CA ASN M 49 -46.38 -59.13 -29.64
C ASN M 49 -47.26 -59.91 -28.67
N ALA M 50 -46.99 -59.85 -27.37
CA ALA M 50 -47.68 -60.68 -26.40
C ALA M 50 -48.93 -60.04 -25.80
N VAL M 51 -49.19 -58.77 -26.08
CA VAL M 51 -50.17 -58.04 -25.28
C VAL M 51 -51.60 -58.25 -25.77
N GLY M 52 -51.84 -58.21 -27.07
CA GLY M 52 -53.22 -58.20 -27.54
C GLY M 52 -53.74 -59.53 -28.05
N ASP M 53 -52.87 -60.52 -28.20
CA ASP M 53 -53.24 -61.75 -28.86
C ASP M 53 -54.24 -62.55 -28.03
N SER M 54 -54.97 -63.43 -28.70
CA SER M 54 -55.90 -64.34 -28.05
C SER M 54 -56.01 -65.61 -28.88
N ALA M 55 -56.35 -66.71 -28.22
CA ALA M 55 -56.34 -68.03 -28.82
C ALA M 55 -57.59 -68.78 -28.38
N PRO M 56 -58.02 -69.78 -29.15
CA PRO M 56 -59.21 -70.55 -28.75
C PRO M 56 -58.97 -71.33 -27.46
N SER M 57 -60.05 -71.50 -26.71
CA SER M 57 -59.97 -72.19 -25.42
C SER M 57 -61.17 -73.12 -25.26
N THR M 58 -60.98 -74.15 -24.44
CA THR M 58 -62.07 -75.09 -24.18
C THR M 58 -63.19 -74.45 -23.37
N SER M 59 -62.85 -73.44 -22.55
CA SER M 59 -63.86 -72.81 -21.71
C SER M 59 -64.87 -72.01 -22.52
N VAL M 60 -64.63 -71.82 -23.82
CA VAL M 60 -65.49 -71.02 -24.67
C VAL M 60 -66.34 -71.96 -25.53
N ASN M 61 -67.64 -71.74 -25.51
CA ASN M 61 -68.56 -72.52 -26.31
C ASN M 61 -68.44 -72.14 -27.79
N ASN M 62 -68.86 -73.06 -28.66
CA ASN M 62 -68.92 -72.74 -30.08
C ASN M 62 -69.85 -71.58 -30.35
N ASP M 63 -70.92 -71.45 -29.57
CA ASP M 63 -71.80 -70.30 -29.71
C ASP M 63 -71.15 -69.02 -29.20
N GLY M 64 -70.07 -69.13 -28.44
CA GLY M 64 -69.41 -67.95 -27.92
C GLY M 64 -69.81 -67.63 -26.50
N ASP M 65 -69.92 -68.65 -25.67
CA ASP M 65 -70.29 -68.49 -24.28
C ASP M 65 -69.26 -69.15 -23.37
N ILE M 66 -69.24 -68.71 -22.12
CA ILE M 66 -68.34 -69.26 -21.13
C ILE M 66 -68.98 -70.52 -20.56
N ILE M 67 -68.33 -71.65 -20.78
CA ILE M 67 -68.86 -72.94 -20.34
C ILE M 67 -67.92 -73.53 -19.30
N THR M 68 -68.49 -74.24 -18.34
CA THR M 68 -67.73 -74.87 -17.27
C THR M 68 -67.84 -76.39 -17.30
N ARG M 69 -68.63 -76.95 -18.20
CA ARG M 69 -68.78 -78.39 -18.32
C ARG M 69 -69.11 -78.71 -19.76
N PRO M 70 -68.93 -79.97 -20.19
CA PRO M 70 -69.24 -80.31 -21.58
C PRO M 70 -70.70 -80.00 -21.91
N THR M 71 -70.91 -79.53 -23.15
CA THR M 71 -72.22 -79.00 -23.51
C THR M 71 -73.33 -80.03 -23.38
N SER M 72 -73.01 -81.31 -23.59
CA SER M 72 -74.02 -82.35 -23.43
C SER M 72 -74.58 -82.33 -22.02
N ASP M 73 -73.71 -82.16 -21.02
CA ASP M 73 -74.18 -82.10 -19.65
C ASP M 73 -75.10 -80.91 -19.43
N SER M 74 -74.78 -79.77 -20.04
CA SER M 74 -75.68 -78.63 -19.97
C SER M 74 -77.04 -78.98 -20.54
N ILE M 75 -77.06 -79.68 -21.68
CA ILE M 75 -78.32 -80.16 -22.22
C ILE M 75 -78.98 -81.11 -21.25
N ALA M 76 -78.19 -82.02 -20.67
CA ALA M 76 -78.75 -82.97 -19.70
C ALA M 76 -79.32 -82.24 -18.50
N ALA M 77 -78.62 -81.21 -18.02
CA ALA M 77 -79.07 -80.50 -16.84
C ALA M 77 -80.45 -79.90 -17.04
N VAL M 78 -80.64 -79.18 -18.15
CA VAL M 78 -81.93 -78.55 -18.37
C VAL M 78 -83.01 -79.59 -18.60
N ALA M 79 -82.66 -80.70 -19.26
CA ALA M 79 -83.64 -81.75 -19.49
C ALA M 79 -84.10 -82.36 -18.18
N ASN M 80 -83.16 -82.64 -17.27
CA ASN M 80 -83.52 -83.24 -16.01
C ASN M 80 -84.32 -82.31 -15.12
N ALA M 81 -84.23 -81.00 -15.34
CA ALA M 81 -84.96 -80.06 -14.52
C ALA M 81 -86.47 -80.09 -14.77
N THR M 82 -86.91 -80.81 -15.80
CA THR M 82 -88.33 -80.87 -16.16
C THR M 82 -88.69 -82.31 -16.49
N LYS M 83 -89.15 -83.04 -15.48
CA LYS M 83 -89.60 -84.43 -15.66
C LYS M 83 -90.80 -84.67 -14.78
N PRO M 84 -91.99 -84.33 -15.25
CA PRO M 84 -93.20 -84.59 -14.47
C PRO M 84 -93.40 -86.08 -14.25
N ALA M 85 -94.00 -86.41 -13.11
CA ALA M 85 -94.25 -87.80 -12.79
C ALA M 85 -95.18 -88.43 -13.82
N ALA M 86 -94.83 -89.64 -14.26
CA ALA M 86 -95.63 -90.29 -15.30
C ALA M 86 -96.96 -90.78 -14.74
N VAL M 87 -96.95 -91.44 -13.59
CA VAL M 87 -98.16 -91.96 -12.97
C VAL M 87 -98.31 -91.29 -11.62
N VAL M 88 -99.45 -90.64 -11.42
CA VAL M 88 -99.74 -89.95 -10.18
C VAL M 88 -100.92 -90.64 -9.52
N SER M 89 -101.09 -90.39 -8.22
CA SER M 89 -102.14 -91.01 -7.43
C SER M 89 -103.10 -89.93 -6.97
N ASP M 90 -104.30 -89.92 -7.55
CA ASP M 90 -105.35 -89.03 -7.09
C ASP M 90 -106.64 -89.83 -6.91
N PRO M 91 -107.48 -89.42 -5.97
CA PRO M 91 -108.68 -90.22 -5.67
C PRO M 91 -109.63 -90.36 -6.84
N GLN M 92 -109.72 -89.34 -7.70
CA GLN M 92 -110.70 -89.33 -8.79
C GLN M 92 -109.97 -89.72 -10.06
N SER M 93 -109.97 -91.01 -10.36
CA SER M 93 -109.20 -91.50 -11.50
C SER M 93 -109.94 -92.45 -12.41
N MET M 94 -111.11 -92.95 -12.04
CA MET M 94 -111.91 -93.86 -12.87
C MET M 94 -111.23 -95.21 -13.10
N ASP N 65 -101.40 -12.89 75.31
CA ASP N 65 -101.04 -11.80 76.20
C ASP N 65 -101.04 -10.47 75.45
N ILE N 66 -100.95 -9.37 76.18
CA ILE N 66 -100.95 -8.04 75.58
C ILE N 66 -99.52 -7.69 75.17
N ILE N 67 -99.38 -6.93 74.10
CA ILE N 67 -98.08 -6.64 73.51
C ILE N 67 -97.46 -5.44 74.21
N THR N 68 -96.19 -5.58 74.57
CA THR N 68 -95.37 -4.46 75.02
C THR N 68 -93.98 -4.61 74.43
N ARG N 69 -93.27 -3.50 74.32
CA ARG N 69 -91.87 -3.54 73.94
C ARG N 69 -91.12 -2.46 74.71
N PRO N 70 -89.86 -2.70 75.05
CA PRO N 70 -89.08 -1.69 75.76
C PRO N 70 -88.87 -0.46 74.90
N THR N 71 -88.81 0.70 75.55
CA THR N 71 -88.41 1.90 74.86
C THR N 71 -86.93 1.87 74.55
N SER N 72 -86.50 2.77 73.67
CA SER N 72 -85.08 2.90 73.39
C SER N 72 -84.33 3.35 74.64
N ASP N 73 -83.09 2.92 74.77
CA ASP N 73 -82.32 3.18 75.98
C ASP N 73 -82.23 4.67 76.28
N SER N 74 -82.07 5.48 75.24
CA SER N 74 -81.93 6.92 75.44
C SER N 74 -83.17 7.50 76.12
N ILE N 75 -84.35 7.06 75.69
CA ILE N 75 -85.58 7.50 76.33
C ILE N 75 -85.55 7.14 77.81
N ALA N 76 -85.22 5.87 78.10
CA ALA N 76 -85.21 5.42 79.48
C ALA N 76 -84.19 6.17 80.31
N ALA N 77 -83.02 6.43 79.73
CA ALA N 77 -81.95 7.09 80.49
C ALA N 77 -82.41 8.46 80.96
N VAL N 78 -83.04 9.23 80.08
CA VAL N 78 -83.50 10.56 80.46
C VAL N 78 -84.59 10.45 81.52
N ALA N 79 -85.54 9.54 81.32
CA ALA N 79 -86.64 9.39 82.25
C ALA N 79 -86.12 9.01 83.63
N ASN N 80 -85.24 8.02 83.70
CA ASN N 80 -84.70 7.59 84.98
C ASN N 80 -83.85 8.67 85.62
N ALA N 81 -83.24 9.54 84.82
CA ALA N 81 -82.39 10.58 85.36
C ALA N 81 -83.18 11.61 86.16
N THR N 82 -84.49 11.67 85.98
CA THR N 82 -85.33 12.67 86.64
C THR N 82 -86.46 11.95 87.36
N LYS N 83 -86.23 11.60 88.63
CA LYS N 83 -87.24 10.96 89.48
C LYS N 83 -87.03 11.41 90.90
N PRO N 84 -87.57 12.57 91.27
CA PRO N 84 -87.46 13.02 92.66
C PRO N 84 -88.21 12.09 93.59
N ALA N 85 -87.75 12.03 94.84
CA ALA N 85 -88.38 11.18 95.83
C ALA N 85 -89.79 11.64 96.13
N ALA N 86 -90.71 10.69 96.25
CA ALA N 86 -92.10 11.03 96.51
C ALA N 86 -92.30 11.47 97.96
N VAL N 87 -91.64 10.81 98.90
CA VAL N 87 -91.76 11.13 100.32
C VAL N 87 -90.37 11.50 100.83
N VAL N 88 -90.27 12.66 101.47
CA VAL N 88 -89.03 13.14 102.03
C VAL N 88 -89.27 13.50 103.49
N SER N 89 -88.35 13.09 104.36
CA SER N 89 -88.50 13.30 105.80
C SER N 89 -87.87 14.63 106.17
N ASP N 90 -88.71 15.57 106.58
CA ASP N 90 -88.24 16.83 107.13
C ASP N 90 -88.98 17.12 108.43
N PRO N 91 -88.34 17.81 109.37
CA PRO N 91 -88.94 17.98 110.70
C PRO N 91 -90.16 18.88 110.72
N GLN N 92 -90.35 19.72 109.70
CA GLN N 92 -91.44 20.70 109.68
C GLN N 92 -92.45 20.25 108.63
N SER N 93 -93.40 19.43 109.06
CA SER N 93 -94.40 18.87 108.15
C SER N 93 -95.77 18.88 108.79
N MET N 94 -96.11 19.96 109.49
CA MET N 94 -97.40 20.11 110.17
C MET N 94 -97.66 18.95 111.13
N ALA V 1 -147.41 -15.20 54.15
CA ALA V 1 -146.91 -15.35 52.78
C ALA V 1 -148.04 -15.24 51.78
N GLN V 2 -147.69 -14.97 50.53
CA GLN V 2 -148.70 -14.82 49.48
C GLN V 2 -149.40 -16.14 49.24
N ARG V 3 -150.73 -16.11 49.15
CA ARG V 3 -151.53 -17.32 49.07
C ARG V 3 -152.29 -17.48 47.77
N GLN V 4 -152.18 -16.54 46.84
CA GLN V 4 -152.87 -16.64 45.57
C GLN V 4 -152.01 -16.02 44.47
N PHE V 5 -152.11 -16.59 43.27
CA PHE V 5 -151.41 -16.04 42.12
C PHE V 5 -152.29 -16.16 40.88
N PHE V 6 -151.92 -15.40 39.86
CA PHE V 6 -152.62 -15.42 38.57
C PHE V 6 -151.59 -15.61 37.47
N GLY V 7 -152.07 -16.02 36.30
CA GLY V 7 -151.14 -16.29 35.22
C GLY V 7 -151.84 -16.41 33.89
N LEU V 8 -151.02 -16.63 32.86
CA LEU V 8 -151.49 -16.74 31.48
C LEU V 8 -150.57 -17.65 30.70
N THR V 9 -151.15 -18.48 29.85
CA THR V 9 -150.37 -19.41 29.04
C THR V 9 -149.83 -18.74 27.79
N TYR V 10 -148.95 -19.44 27.10
CA TYR V 10 -148.33 -18.92 25.90
C TYR V 10 -149.35 -18.80 24.78
N ASN V 11 -148.92 -18.20 23.67
CA ASN V 11 -149.75 -18.00 22.50
C ASN V 11 -149.14 -18.76 21.32
N PHE V 12 -149.95 -19.61 20.68
CA PHE V 12 -149.49 -20.27 19.48
C PHE V 12 -149.28 -19.23 18.39
N TYR V 13 -148.15 -19.31 17.70
CA TYR V 13 -147.88 -18.39 16.59
C TYR V 13 -148.50 -18.96 15.32
N GLY V 14 -149.83 -18.98 15.32
CA GLY V 14 -150.59 -19.51 14.22
C GLY V 14 -150.64 -21.02 14.15
N GLN V 15 -149.74 -21.72 14.83
CA GLN V 15 -149.76 -23.17 14.83
C GLN V 15 -150.95 -23.67 15.65
N PRO V 16 -151.41 -24.89 15.39
CA PRO V 16 -152.62 -25.39 16.04
C PRO V 16 -152.42 -26.04 17.41
N ALA V 17 -151.18 -26.23 17.85
CA ALA V 17 -150.93 -26.98 19.07
C ALA V 17 -149.70 -26.40 19.76
N PRO V 18 -149.55 -26.64 21.06
CA PRO V 18 -148.34 -26.16 21.75
C PRO V 18 -147.09 -26.75 21.13
N LEU V 19 -146.03 -25.95 21.11
CA LEU V 19 -144.86 -26.24 20.29
C LEU V 19 -143.79 -26.91 21.14
N PHE V 20 -143.97 -28.21 21.37
CA PHE V 20 -142.96 -29.04 21.99
C PHE V 20 -143.26 -30.48 21.64
N ASP V 21 -142.27 -31.35 21.85
CA ASP V 21 -142.44 -32.77 21.61
C ASP V 21 -142.08 -33.55 22.86
N LEU V 22 -142.33 -34.86 22.80
CA LEU V 22 -142.12 -35.70 23.96
C LEU V 22 -140.66 -35.77 24.36
N ASN V 23 -139.74 -35.77 23.39
CA ASN V 23 -138.33 -35.83 23.74
C ASN V 23 -137.93 -34.64 24.59
N ASP V 24 -138.41 -33.45 24.22
CA ASP V 24 -138.22 -32.29 25.09
C ASP V 24 -138.70 -32.60 26.49
N LEU V 25 -139.88 -33.20 26.59
CA LEU V 25 -140.42 -33.59 27.88
C LEU V 25 -139.56 -34.66 28.56
N GLN V 26 -138.71 -35.34 27.80
CA GLN V 26 -137.89 -36.39 28.36
C GLN V 26 -136.47 -35.93 28.71
N GLU V 27 -136.05 -34.77 28.23
CA GLU V 27 -134.66 -34.35 28.34
C GLU V 27 -134.50 -33.09 29.17
N LEU V 28 -135.40 -32.83 30.12
CA LEU V 28 -135.21 -31.70 31.01
C LEU V 28 -133.98 -31.92 31.88
N ALA V 29 -133.34 -30.82 32.24
CA ALA V 29 -132.07 -30.89 32.96
C ALA V 29 -132.22 -31.25 34.43
N GLY V 30 -133.40 -31.05 35.01
CA GLY V 30 -133.61 -31.30 36.42
C GLY V 30 -133.92 -32.74 36.72
N CYS V 31 -134.78 -32.94 37.73
CA CYS V 31 -135.27 -34.27 38.01
C CYS V 31 -136.11 -34.77 36.85
N TYR V 32 -136.26 -36.08 36.75
CA TYR V 32 -136.88 -36.69 35.59
C TYR V 32 -138.29 -36.16 35.38
N ALA V 33 -138.50 -35.51 34.24
CA ALA V 33 -139.83 -35.16 33.75
C ALA V 33 -140.58 -34.22 34.68
N ARG V 34 -139.87 -33.37 35.41
CA ARG V 34 -140.55 -32.34 36.18
C ARG V 34 -140.05 -30.97 35.73
N PRO V 35 -140.93 -30.03 35.46
CA PRO V 35 -140.49 -28.72 34.99
C PRO V 35 -140.15 -27.76 36.12
N TRP V 36 -140.63 -28.02 37.32
CA TRP V 36 -140.43 -27.10 38.42
C TRP V 36 -138.96 -26.99 38.78
N THR V 37 -138.57 -25.82 39.28
CA THR V 37 -137.22 -25.50 39.77
C THR V 37 -136.15 -26.17 38.93
N SER V 38 -136.21 -25.92 37.62
CA SER V 38 -135.28 -26.53 36.69
C SER V 38 -134.65 -25.54 35.73
N ARG V 39 -134.97 -24.26 35.83
CA ARG V 39 -134.54 -23.29 34.84
C ARG V 39 -133.04 -23.02 34.87
N PHE V 40 -132.33 -23.52 35.88
CA PHE V 40 -130.89 -23.37 35.94
C PHE V 40 -130.15 -24.69 36.04
N SER V 41 -130.87 -25.81 36.07
CA SER V 41 -130.22 -27.10 36.29
C SER V 41 -129.19 -27.40 35.22
N HIS V 42 -129.35 -26.84 34.03
CA HIS V 42 -128.41 -27.12 32.96
C HIS V 42 -127.07 -26.43 33.16
N LEU V 43 -126.91 -25.59 34.18
CA LEU V 43 -125.61 -24.97 34.41
C LEU V 43 -125.26 -24.90 35.88
N ALA V 44 -125.80 -25.81 36.70
CA ALA V 44 -125.47 -25.81 38.11
C ALA V 44 -123.97 -26.04 38.32
N ILE V 45 -123.40 -26.97 37.58
CA ILE V 45 -121.96 -27.16 37.52
C ILE V 45 -121.47 -26.55 36.23
N SER V 46 -120.39 -25.77 36.30
CA SER V 46 -119.93 -25.04 35.14
C SER V 46 -118.41 -25.10 35.07
N THR V 47 -117.90 -24.88 33.86
CA THR V 47 -116.48 -24.67 33.65
C THR V 47 -116.34 -23.67 32.50
N GLY V 48 -115.42 -22.74 32.64
CA GLY V 48 -115.26 -21.74 31.62
C GLY V 48 -116.40 -20.75 31.59
N SER V 49 -116.41 -19.94 30.53
CA SER V 49 -117.41 -18.91 30.34
C SER V 49 -118.24 -19.10 29.08
N LEU V 50 -117.99 -20.14 28.31
CA LEU V 50 -118.71 -20.33 27.07
C LEU V 50 -120.19 -20.59 27.35
N PRO V 51 -121.09 -19.98 26.60
CA PRO V 51 -122.51 -20.28 26.76
C PRO V 51 -122.79 -21.73 26.41
N VAL V 52 -123.81 -22.29 27.06
CA VAL V 52 -124.17 -23.69 26.89
C VAL V 52 -125.40 -23.78 26.00
N TRP V 53 -125.25 -24.46 24.87
CA TRP V 53 -126.37 -24.67 23.97
C TRP V 53 -126.07 -25.88 23.10
N SER V 54 -127.11 -26.43 22.48
CA SER V 54 -127.00 -27.69 21.76
C SER V 54 -127.83 -27.61 20.49
N ALA V 55 -127.82 -28.72 19.74
CA ALA V 55 -128.45 -28.72 18.43
C ALA V 55 -129.94 -28.42 18.53
N ARG V 56 -130.64 -29.09 19.44
CA ARG V 56 -132.07 -28.86 19.62
C ARG V 56 -132.36 -27.90 20.77
N TYR V 57 -131.32 -27.34 21.37
CA TYR V 57 -131.46 -26.22 22.31
C TYR V 57 -130.40 -25.20 21.95
N PRO V 58 -130.58 -24.49 20.84
CA PRO V 58 -129.49 -23.72 20.25
C PRO V 58 -129.33 -22.29 20.74
N SER V 59 -130.07 -21.87 21.75
CA SER V 59 -129.92 -20.54 22.30
C SER V 59 -130.05 -20.61 23.81
N VAL V 60 -129.46 -19.62 24.48
CA VAL V 60 -129.46 -19.64 25.94
C VAL V 60 -130.88 -19.60 26.48
N ALA V 61 -131.78 -18.92 25.78
CA ALA V 61 -133.16 -18.86 26.21
C ALA V 61 -133.97 -20.06 25.78
N SER V 62 -133.41 -20.92 24.92
CA SER V 62 -134.21 -21.96 24.29
C SER V 62 -134.84 -22.88 25.32
N ARG V 63 -134.06 -23.32 26.30
CA ARG V 63 -134.58 -24.27 27.27
C ARG V 63 -135.75 -23.69 28.05
N ASN V 64 -135.62 -22.44 28.50
CA ASN V 64 -136.72 -21.83 29.24
C ASN V 64 -137.95 -21.67 28.35
N ILE V 65 -137.76 -21.31 27.09
CA ILE V 65 -138.88 -21.17 26.17
C ILE V 65 -139.62 -22.49 26.06
N ILE V 66 -138.87 -23.59 25.86
CA ILE V 66 -139.49 -24.89 25.74
C ILE V 66 -140.27 -25.23 27.01
N VAL V 67 -139.66 -24.97 28.16
CA VAL V 67 -140.33 -25.24 29.43
C VAL V 67 -141.64 -24.45 29.50
N ASN V 68 -141.60 -23.19 29.10
CA ASN V 68 -142.81 -22.38 29.12
C ASN V 68 -143.89 -22.98 28.24
N THR V 69 -143.52 -23.35 27.01
CA THR V 69 -144.49 -23.97 26.11
C THR V 69 -145.00 -25.28 26.69
N LEU V 70 -144.11 -26.05 27.29
CA LEU V 70 -144.51 -27.32 27.88
C LEU V 70 -145.58 -27.11 28.95
N LEU V 71 -145.37 -26.14 29.83
CA LEU V 71 -146.32 -25.90 30.90
C LEU V 71 -147.68 -25.51 30.36
N GLY V 72 -147.71 -24.86 29.20
CA GLY V 72 -148.98 -24.38 28.66
C GLY V 72 -149.99 -25.48 28.44
N ALA V 73 -149.54 -26.72 28.27
CA ALA V 73 -150.45 -27.81 27.97
C ALA V 73 -150.97 -28.53 29.20
N HIS V 74 -150.42 -28.26 30.38
CA HIS V 74 -150.74 -29.06 31.55
C HIS V 74 -151.22 -28.24 32.74
N LEU V 75 -151.39 -26.93 32.59
CA LEU V 75 -151.82 -26.09 33.69
C LEU V 75 -153.33 -25.97 33.78
N ASN V 76 -154.07 -26.95 33.25
CA ASN V 76 -155.52 -26.90 33.31
C ASN V 76 -156.08 -26.76 34.73
N PRO V 77 -155.55 -27.40 35.77
CA PRO V 77 -156.17 -27.28 37.09
C PRO V 77 -156.37 -25.85 37.55
N PHE V 78 -155.47 -24.95 37.18
CA PHE V 78 -155.63 -23.55 37.56
C PHE V 78 -156.57 -22.80 36.63
N ALA V 79 -157.13 -23.48 35.63
CA ALA V 79 -158.16 -22.91 34.79
C ALA V 79 -159.48 -23.66 34.90
N GLY V 80 -159.45 -24.98 34.70
CA GLY V 80 -160.64 -25.79 34.78
C GLY V 80 -160.84 -26.49 36.11
N GLY V 81 -159.93 -26.31 37.06
CA GLY V 81 -160.11 -26.93 38.36
C GLY V 81 -159.88 -28.41 38.39
N GLN V 82 -159.40 -29.00 37.30
CA GLN V 82 -159.19 -30.44 37.24
C GLN V 82 -157.89 -30.74 36.51
N VAL V 83 -157.26 -31.84 36.94
CA VAL V 83 -156.10 -32.34 36.20
C VAL V 83 -156.58 -33.04 34.94
N THR V 84 -155.85 -32.85 33.85
CA THR V 84 -156.17 -33.46 32.57
C THR V 84 -154.92 -34.15 32.03
N SER V 85 -155.07 -34.78 30.87
CA SER V 85 -153.97 -35.45 30.22
C SER V 85 -153.87 -34.97 28.78
N HIS V 86 -152.65 -34.99 28.26
CA HIS V 86 -152.40 -34.59 26.87
C HIS V 86 -151.47 -35.61 26.25
N GLN V 87 -151.93 -36.25 25.18
CA GLN V 87 -151.16 -37.27 24.48
C GLN V 87 -150.71 -38.35 25.45
N GLY V 88 -151.61 -38.74 26.35
CA GLY V 88 -151.36 -39.85 27.25
C GLY V 88 -150.38 -39.57 28.37
N ILE V 89 -150.14 -38.30 28.69
CA ILE V 89 -149.21 -37.93 29.75
C ILE V 89 -149.90 -36.96 30.68
N THR V 90 -149.71 -37.15 31.98
CA THR V 90 -150.31 -36.30 33.00
C THR V 90 -149.43 -36.33 34.23
N TRP V 91 -149.92 -35.73 35.31
CA TRP V 91 -149.17 -35.65 36.55
C TRP V 91 -149.27 -36.94 37.34
N ARG V 92 -148.25 -37.21 38.14
CA ARG V 92 -148.27 -38.39 38.99
C ARG V 92 -149.32 -38.28 40.09
N ASP V 93 -149.52 -37.08 40.61
CA ASP V 93 -150.30 -36.88 41.83
C ASP V 93 -150.90 -35.49 41.81
N PRO V 94 -151.94 -35.25 42.61
CA PRO V 94 -152.51 -33.89 42.66
C PRO V 94 -151.52 -32.84 43.09
N VAL V 95 -150.47 -33.22 43.84
CA VAL V 95 -149.42 -32.28 44.19
C VAL V 95 -148.60 -31.86 42.98
N LEU V 96 -148.75 -32.56 41.85
CA LEU V 96 -148.05 -32.22 40.62
C LEU V 96 -146.54 -32.35 40.78
N SER V 97 -146.10 -33.46 41.38
CA SER V 97 -144.68 -33.69 41.57
C SER V 97 -143.95 -33.75 40.23
N SER V 98 -144.48 -34.54 39.31
CA SER V 98 -143.84 -34.71 38.01
C SER V 98 -144.86 -35.28 37.04
N LEU V 99 -144.47 -35.35 35.78
CA LEU V 99 -145.30 -35.88 34.72
C LEU V 99 -144.97 -37.35 34.47
N ALA V 100 -145.97 -38.09 34.01
CA ALA V 100 -145.83 -39.53 33.79
C ALA V 100 -146.91 -39.96 32.82
N PRO V 101 -146.71 -41.10 32.15
CA PRO V 101 -147.77 -41.62 31.28
C PRO V 101 -149.02 -41.94 32.08
N VAL V 102 -150.17 -41.77 31.43
CA VAL V 102 -151.45 -41.95 32.14
C VAL V 102 -151.59 -43.40 32.57
N PRO V 103 -152.01 -43.67 33.81
CA PRO V 103 -152.28 -45.05 34.21
C PRO V 103 -153.60 -45.54 33.65
N ALA V 104 -153.68 -46.84 33.46
CA ALA V 104 -154.90 -47.46 32.92
C ALA V 104 -155.83 -47.92 34.03
N ILE V 105 -156.12 -47.03 34.97
CA ILE V 105 -157.05 -47.34 36.05
C ILE V 105 -158.17 -46.31 36.06
N GLN V 106 -157.81 -45.06 36.31
CA GLN V 106 -158.76 -43.95 36.31
C GLN V 106 -158.20 -42.84 35.43
N PRO V 107 -158.24 -43.02 34.13
CA PRO V 107 -157.65 -42.02 33.22
C PRO V 107 -158.36 -40.69 33.35
N PRO V 108 -157.62 -39.61 33.56
CA PRO V 108 -158.24 -38.29 33.63
C PRO V 108 -158.75 -37.86 32.27
N PRO V 109 -159.67 -36.91 32.22
CA PRO V 109 -160.20 -36.47 30.93
C PRO V 109 -159.12 -35.84 30.07
N VAL V 110 -159.28 -35.99 28.75
CA VAL V 110 -158.32 -35.44 27.81
C VAL V 110 -158.42 -33.92 27.79
N TRP V 111 -157.27 -33.26 27.82
CA TRP V 111 -157.26 -31.81 27.80
C TRP V 111 -157.71 -31.28 26.45
N ALA V 112 -158.51 -30.22 26.49
CA ALA V 112 -158.93 -29.52 25.28
C ALA V 112 -157.91 -28.44 24.95
N VAL V 113 -157.40 -28.47 23.72
CA VAL V 113 -156.31 -27.58 23.35
C VAL V 113 -156.83 -26.15 23.23
N ALA V 114 -156.12 -25.22 23.86
CA ALA V 114 -156.42 -23.80 23.77
C ALA V 114 -155.15 -23.04 24.11
N GLU V 115 -155.19 -21.73 23.88
CA GLU V 115 -154.04 -20.87 24.11
C GLU V 115 -154.45 -19.63 24.90
N ASN V 116 -153.47 -19.07 25.61
CA ASN V 116 -153.67 -17.81 26.34
C ASN V 116 -154.83 -17.90 27.31
N VAL V 117 -154.93 -19.02 28.01
CA VAL V 117 -156.00 -19.19 29.01
C VAL V 117 -155.57 -18.50 30.30
N PRO V 118 -156.38 -17.61 30.86
CA PRO V 118 -156.02 -16.99 32.13
C PRO V 118 -156.03 -18.01 33.26
N LEU V 119 -155.18 -17.77 34.26
CA LEU V 119 -154.99 -18.72 35.34
C LEU V 119 -155.30 -18.07 36.68
N ASP V 120 -155.85 -18.87 37.59
CA ASP V 120 -156.14 -18.41 38.95
C ASP V 120 -155.94 -19.59 39.88
N SER V 121 -155.07 -19.42 40.87
CA SER V 121 -154.77 -20.50 41.80
C SER V 121 -156.00 -20.91 42.60
N ASN V 122 -156.95 -20.01 42.78
CA ASN V 122 -158.13 -20.34 43.57
C ASN V 122 -159.02 -21.35 42.88
N ASN V 123 -158.79 -21.65 41.61
CA ASN V 123 -159.57 -22.68 40.94
C ASN V 123 -159.20 -24.09 41.40
N TYR V 124 -158.11 -24.24 42.13
CA TYR V 124 -157.57 -25.55 42.50
C TYR V 124 -157.31 -25.56 44.00
N PRO V 125 -158.33 -25.87 44.80
CA PRO V 125 -158.21 -25.68 46.25
C PRO V 125 -157.08 -26.45 46.89
N THR V 126 -156.73 -27.62 46.35
CA THR V 126 -155.69 -28.43 46.98
C THR V 126 -154.35 -27.71 47.05
N TYR V 127 -154.12 -26.74 46.18
CA TYR V 127 -152.88 -25.98 46.23
C TYR V 127 -152.74 -25.25 47.56
N VAL V 128 -153.83 -24.64 48.03
CA VAL V 128 -153.78 -23.92 49.29
C VAL V 128 -153.43 -24.87 50.42
N LEU V 129 -154.04 -26.06 50.42
CA LEU V 129 -153.78 -27.02 51.48
C LEU V 129 -152.33 -27.50 51.47
N ASN V 130 -151.79 -27.75 50.29
CA ASN V 130 -150.43 -28.25 50.15
C ASN V 130 -149.44 -27.15 49.79
N LEU V 131 -149.67 -25.94 50.30
CA LEU V 131 -148.84 -24.80 49.92
C LEU V 131 -147.37 -25.05 50.26
N SER V 132 -147.11 -25.67 51.41
CA SER V 132 -145.74 -25.85 51.86
C SER V 132 -144.93 -26.70 50.89
N SER V 133 -145.57 -27.55 50.10
CA SER V 133 -144.85 -28.39 49.16
C SER V 133 -145.08 -28.00 47.71
N MET V 134 -146.12 -27.22 47.40
CA MET V 134 -146.38 -26.78 46.05
C MET V 134 -145.88 -25.36 45.80
N TRP V 135 -145.12 -24.80 46.74
CA TRP V 135 -144.65 -23.42 46.60
C TRP V 135 -143.90 -23.14 45.31
N PRO V 136 -142.97 -23.97 44.85
CA PRO V 136 -142.23 -23.61 43.63
C PRO V 136 -143.10 -23.41 42.42
N ILE V 137 -144.29 -23.99 42.38
CA ILE V 137 -145.20 -23.75 41.27
C ILE V 137 -145.49 -22.27 41.13
N ASN V 138 -145.64 -21.58 42.27
CA ASN V 138 -145.91 -20.15 42.25
C ASN V 138 -144.86 -19.40 41.45
N GLN V 139 -143.59 -19.66 41.74
CA GLN V 139 -142.53 -18.94 41.04
C GLN V 139 -142.53 -19.23 39.55
N ASP V 140 -142.57 -20.52 39.19
CA ASP V 140 -142.44 -20.88 37.78
C ASP V 140 -143.62 -20.35 36.97
N VAL V 141 -144.84 -20.47 37.50
CA VAL V 141 -146.00 -19.98 36.77
C VAL V 141 -145.89 -18.49 36.54
N HIS V 142 -145.47 -17.75 37.56
CA HIS V 142 -145.29 -16.31 37.40
C HIS V 142 -144.27 -16.01 36.31
N ILE V 143 -143.16 -16.76 36.32
CA ILE V 143 -142.13 -16.55 35.30
C ILE V 143 -142.69 -16.79 33.92
N MET V 144 -143.43 -17.89 33.75
CA MET V 144 -144.01 -18.19 32.45
C MET V 144 -144.93 -17.05 32.01
N THR V 145 -145.74 -16.55 32.93
CA THR V 145 -146.65 -15.46 32.59
C THR V 145 -145.88 -14.24 32.14
N MET V 146 -144.81 -13.89 32.85
CA MET V 146 -144.05 -12.70 32.53
C MET V 146 -143.42 -12.78 31.16
N TRP V 147 -143.15 -13.99 30.65
CA TRP V 147 -142.63 -14.11 29.30
C TRP V 147 -143.75 -14.19 28.27
N ALA V 148 -144.86 -14.86 28.61
CA ALA V 148 -145.93 -15.04 27.64
C ALA V 148 -146.53 -13.71 27.23
N LEU V 149 -146.51 -12.71 28.11
CA LEU V 149 -147.17 -11.45 27.81
C LEU V 149 -146.46 -10.65 26.74
N SER V 150 -145.26 -11.03 26.34
CA SER V 150 -144.47 -10.25 25.40
C SER V 150 -144.17 -11.06 24.16
N ASP V 151 -144.21 -10.39 23.02
CA ASP V 151 -143.86 -11.00 21.74
C ASP V 151 -142.39 -10.83 21.41
N GLN V 152 -141.64 -10.07 22.20
CA GLN V 152 -140.29 -9.71 21.83
C GLN V 152 -139.25 -9.93 22.91
N GLY V 153 -139.61 -9.91 24.18
CA GLY V 153 -138.66 -10.11 25.25
C GLY V 153 -139.34 -10.06 26.59
N PRO V 154 -138.81 -10.81 27.56
CA PRO V 154 -139.50 -10.93 28.85
C PRO V 154 -139.69 -9.59 29.53
N ILE V 155 -140.80 -9.46 30.24
CA ILE V 155 -141.14 -8.23 30.95
C ILE V 155 -140.74 -8.39 32.41
N TYR V 156 -140.21 -7.32 32.99
CA TYR V 156 -139.86 -7.32 34.41
C TYR V 156 -139.99 -5.91 34.95
N HIS V 157 -139.88 -5.79 36.27
CA HIS V 157 -140.28 -4.62 37.02
C HIS V 157 -139.09 -4.03 37.77
N LEU V 158 -139.04 -2.71 37.83
CA LEU V 158 -138.05 -1.96 38.59
C LEU V 158 -138.74 -1.00 39.52
N GLU V 159 -138.11 -0.73 40.67
CA GLU V 159 -138.61 0.30 41.57
C GLU V 159 -137.51 0.73 42.51
N VAL V 160 -137.60 1.97 42.98
CA VAL V 160 -136.69 2.50 43.98
C VAL V 160 -137.48 3.39 44.94
N PRO V 161 -137.40 3.17 46.24
CA PRO V 161 -138.14 4.01 47.19
C PRO V 161 -137.41 5.32 47.47
N VAL V 162 -138.11 6.21 48.17
CA VAL V 162 -137.53 7.50 48.51
C VAL V 162 -136.53 7.38 49.64
N ASP V 163 -136.69 6.41 50.52
CA ASP V 163 -135.77 6.24 51.63
C ASP V 163 -134.46 5.66 51.14
N PRO V 164 -133.37 5.91 51.86
CA PRO V 164 -132.12 5.24 51.55
C PRO V 164 -132.22 3.75 51.85
N MET V 165 -131.26 3.01 51.32
CA MET V 165 -131.24 1.57 51.48
C MET V 165 -131.20 1.20 52.95
N PRO V 166 -132.15 0.42 53.45
CA PRO V 166 -132.17 0.10 54.88
C PRO V 166 -130.95 -0.70 55.30
N ALA V 167 -130.57 -0.50 56.56
CA ALA V 167 -129.33 -1.09 57.06
C ALA V 167 -129.35 -2.60 56.97
N ALA V 168 -130.48 -3.22 57.31
CA ALA V 168 -130.56 -4.67 57.30
C ALA V 168 -130.21 -5.23 55.95
N THR V 169 -130.72 -4.62 54.87
CA THR V 169 -130.39 -5.07 53.53
C THR V 169 -128.89 -4.95 53.27
N THR V 170 -128.28 -3.85 53.69
CA THR V 170 -126.85 -3.67 53.49
C THR V 170 -126.07 -4.82 54.11
N ALA V 171 -126.51 -5.28 55.28
CA ALA V 171 -125.86 -6.42 55.91
C ALA V 171 -125.95 -7.66 55.03
N ALA V 172 -127.12 -7.88 54.42
CA ALA V 172 -127.28 -9.04 53.56
C ALA V 172 -126.52 -8.87 52.24
N LEU V 173 -126.47 -7.64 51.74
CA LEU V 173 -125.89 -7.41 50.42
C LEU V 173 -124.41 -7.78 50.38
N MET V 174 -123.68 -7.45 51.44
CA MET V 174 -122.24 -7.62 51.41
C MET V 174 -121.82 -9.06 51.20
N ALA V 175 -122.73 -10.01 51.41
CA ALA V 175 -122.41 -11.40 51.13
C ALA V 175 -122.14 -11.64 49.66
N TYR V 176 -122.53 -10.72 48.79
CA TYR V 176 -122.48 -10.93 47.36
C TYR V 176 -121.53 -9.97 46.66
N ILE V 177 -120.42 -9.63 47.31
CA ILE V 177 -119.39 -8.86 46.64
C ILE V 177 -118.66 -9.75 45.66
N GLY V 178 -118.36 -9.23 44.48
CA GLY V 178 -117.51 -9.93 43.54
C GLY V 178 -118.09 -11.20 42.97
N VAL V 179 -119.39 -11.23 42.73
CA VAL V 179 -120.02 -12.39 42.11
C VAL V 179 -120.70 -11.92 40.83
N PRO V 180 -120.54 -12.64 39.72
CA PRO V 180 -121.13 -12.18 38.46
C PRO V 180 -122.65 -12.25 38.50
N ILE V 181 -123.25 -11.51 37.56
CA ILE V 181 -124.70 -11.35 37.56
C ILE V 181 -125.39 -12.69 37.35
N ALA V 182 -124.85 -13.53 36.47
CA ALA V 182 -125.50 -14.79 36.17
C ALA V 182 -125.63 -15.66 37.41
N HIS V 183 -124.56 -15.74 38.20
CA HIS V 183 -124.62 -16.48 39.45
C HIS V 183 -125.68 -15.92 40.37
N LEU V 184 -125.75 -14.59 40.47
CA LEU V 184 -126.74 -13.95 41.32
C LEU V 184 -128.13 -14.35 40.90
N ALA V 185 -128.42 -14.32 39.60
CA ALA V 185 -129.73 -14.72 39.13
C ALA V 185 -130.03 -16.15 39.54
N GLN V 186 -129.04 -17.04 39.41
CA GLN V 186 -129.25 -18.41 39.84
C GLN V 186 -129.58 -18.49 41.31
N THR V 187 -128.87 -17.71 42.14
CA THR V 187 -129.17 -17.69 43.56
C THR V 187 -130.57 -17.15 43.80
N ALA V 188 -130.92 -16.06 43.12
CA ALA V 188 -132.25 -15.48 43.33
C ALA V 188 -133.33 -16.46 42.96
N TYR V 189 -133.13 -17.22 41.89
CA TYR V 189 -134.12 -18.22 41.50
C TYR V 189 -134.28 -19.27 42.58
N ARG V 190 -133.17 -19.74 43.15
CA ARG V 190 -133.25 -20.76 44.18
C ARG V 190 -133.98 -20.24 45.42
N PHE V 191 -133.70 -18.99 45.80
CA PHE V 191 -134.29 -18.45 47.02
C PHE V 191 -135.81 -18.52 46.96
N ALA V 192 -136.41 -17.84 45.99
CA ALA V 192 -137.85 -17.84 45.88
C ALA V 192 -138.42 -19.17 45.44
N GLY V 193 -137.58 -20.19 45.24
CA GLY V 193 -138.04 -21.43 44.67
C GLY V 193 -138.52 -22.47 45.66
N GLN V 194 -137.76 -22.69 46.74
CA GLN V 194 -137.98 -23.88 47.55
C GLN V 194 -139.13 -23.72 48.55
N LEU V 195 -139.02 -22.77 49.47
CA LEU V 195 -140.02 -22.69 50.53
C LEU V 195 -140.81 -21.38 50.43
N PRO V 196 -142.04 -21.35 50.93
CA PRO V 196 -142.81 -20.11 50.91
C PRO V 196 -142.15 -19.04 51.76
N GLN V 197 -142.25 -17.80 51.30
CA GLN V 197 -141.62 -16.66 51.96
C GLN V 197 -142.64 -15.54 52.12
N SER V 198 -142.46 -14.78 53.18
CA SER V 198 -143.31 -13.61 53.38
C SER V 198 -142.90 -12.51 52.40
N PRO V 199 -143.86 -11.75 51.87
CA PRO V 199 -143.48 -10.65 50.97
C PRO V 199 -142.56 -9.65 51.64
N ASP V 200 -142.79 -9.39 52.92
CA ASP V 200 -141.86 -8.61 53.71
C ASP V 200 -140.74 -9.53 54.19
N SER V 201 -139.51 -9.22 53.79
CA SER V 201 -138.35 -10.00 54.20
C SER V 201 -137.10 -9.24 53.83
N THR V 202 -136.07 -9.39 54.67
CA THR V 202 -134.79 -8.78 54.36
C THR V 202 -134.27 -9.28 53.01
N MET V 203 -134.37 -10.59 52.80
CA MET V 203 -133.90 -11.16 51.55
C MET V 203 -134.66 -10.61 50.36
N VAL V 204 -135.98 -10.51 50.48
CA VAL V 204 -136.79 -10.01 49.38
C VAL V 204 -136.39 -8.59 49.03
N SER V 205 -136.34 -7.72 50.04
CA SER V 205 -135.94 -6.34 49.80
C SER V 205 -134.53 -6.27 49.25
N THR V 206 -133.66 -7.18 49.71
CA THR V 206 -132.29 -7.20 49.22
C THR V 206 -132.24 -7.43 47.72
N ILE V 207 -132.95 -8.45 47.24
CA ILE V 207 -132.91 -8.76 45.81
C ILE V 207 -133.52 -7.63 45.01
N ARG V 208 -134.58 -7.00 45.54
CA ARG V 208 -135.21 -5.90 44.84
C ARG V 208 -134.20 -4.79 44.56
N TRP V 209 -133.41 -4.44 45.58
CA TRP V 209 -132.38 -3.44 45.37
C TRP V 209 -131.37 -3.89 44.33
N LEU V 210 -130.97 -5.16 44.39
CA LEU V 210 -130.02 -5.69 43.42
C LEU V 210 -130.52 -5.44 42.00
N SER V 211 -131.79 -5.74 41.75
CA SER V 211 -132.36 -5.52 40.43
C SER V 211 -132.23 -4.07 40.02
N ALA V 212 -132.56 -3.15 40.93
CA ALA V 212 -132.46 -1.75 40.63
C ALA V 212 -131.02 -1.34 40.36
N ILE V 213 -130.10 -1.83 41.19
CA ILE V 213 -128.70 -1.43 41.06
C ILE V 213 -128.15 -1.86 39.72
N TRP V 214 -128.43 -3.09 39.31
CA TRP V 214 -127.88 -3.59 38.06
C TRP V 214 -128.36 -2.76 36.88
N PHE V 215 -129.64 -2.40 36.87
CA PHE V 215 -130.14 -1.54 35.81
C PHE V 215 -129.44 -0.20 35.81
N GLY V 216 -129.24 0.38 37.00
CA GLY V 216 -128.53 1.64 37.09
C GLY V 216 -127.13 1.54 36.51
N SER V 217 -126.45 0.43 36.79
CA SER V 217 -125.15 0.21 36.18
C SER V 217 -125.27 -0.10 34.70
N LEU V 218 -126.37 -0.76 34.30
CA LEU V 218 -126.53 -1.11 32.90
C LEU V 218 -126.54 0.12 32.02
N THR V 219 -127.25 1.16 32.45
CA THR V 219 -127.25 2.41 31.72
C THR V 219 -125.95 3.18 31.88
N GLY V 220 -125.06 2.72 32.76
CA GLY V 220 -123.86 3.47 33.07
C GLY V 220 -124.07 4.61 34.03
N ARG V 221 -125.32 4.87 34.42
CA ARG V 221 -125.58 5.93 35.40
C ARG V 221 -124.87 5.62 36.72
N LEU V 222 -124.90 4.37 37.14
CA LEU V 222 -124.15 3.92 38.31
C LEU V 222 -122.81 3.37 37.84
N ASN V 223 -121.74 3.86 38.45
CA ASN V 223 -120.39 3.39 38.13
C ASN V 223 -119.51 3.67 39.34
N ARG V 224 -118.23 3.34 39.22
CA ARG V 224 -117.36 3.45 40.38
C ARG V 224 -117.15 4.89 40.83
N SER V 225 -117.53 5.87 40.02
CA SER V 225 -117.53 7.25 40.46
C SER V 225 -118.82 7.67 41.12
N ARG V 226 -119.88 6.86 40.99
CA ARG V 226 -121.18 7.21 41.57
C ARG V 226 -121.87 5.90 41.93
N THR V 227 -121.79 5.51 43.19
CA THR V 227 -122.36 4.27 43.66
C THR V 227 -123.75 4.49 44.23
N CYS V 228 -124.51 3.40 44.33
CA CYS V 228 -125.82 3.47 44.99
C CYS V 228 -125.66 3.66 46.48
N ASN V 229 -125.03 2.71 47.14
CA ASN V 229 -124.71 2.82 48.56
C ASN V 229 -123.31 2.27 48.80
N GLY V 230 -122.38 2.63 47.92
CA GLY V 230 -121.11 1.96 47.83
C GLY V 230 -121.09 0.84 46.83
N PHE V 231 -122.26 0.35 46.43
CA PHE V 231 -122.36 -0.76 45.50
C PHE V 231 -122.48 -0.26 44.07
N TYR V 232 -122.01 -1.07 43.14
CA TYR V 232 -122.17 -0.84 41.71
C TYR V 232 -121.68 -2.10 41.00
N PHE V 233 -121.94 -2.17 39.71
CA PHE V 233 -121.54 -3.31 38.90
C PHE V 233 -120.37 -2.94 38.01
N GLU V 234 -119.33 -3.76 38.04
CA GLU V 234 -118.17 -3.58 37.19
C GLU V 234 -118.40 -4.26 35.84
N PHE V 235 -117.70 -3.77 34.82
CA PHE V 235 -117.85 -4.28 33.47
C PHE V 235 -116.49 -4.58 32.86
N ALA V 236 -116.43 -5.68 32.10
CA ALA V 236 -115.25 -6.01 31.33
C ALA V 236 -115.37 -5.45 29.92
N LYS V 237 -114.25 -5.45 29.20
CA LYS V 237 -114.25 -4.96 27.84
C LYS V 237 -115.16 -5.83 26.99
N PRO V 238 -116.05 -5.25 26.18
CA PRO V 238 -116.99 -6.08 25.41
C PRO V 238 -116.31 -6.98 24.40
N ALA V 239 -115.08 -6.67 23.99
CA ALA V 239 -114.39 -7.50 23.02
C ALA V 239 -114.07 -8.89 23.54
N LEU V 240 -114.17 -9.09 24.85
CA LEU V 240 -113.85 -10.39 25.45
C LEU V 240 -114.44 -10.41 26.86
N ASN V 241 -115.12 -11.50 27.19
CA ASN V 241 -115.94 -11.59 28.39
C ASN V 241 -116.94 -10.43 28.43
N PRO V 242 -117.78 -10.28 27.40
CA PRO V 242 -118.70 -9.13 27.37
C PRO V 242 -119.80 -9.23 28.41
N ASP V 243 -119.88 -10.34 29.13
CA ASP V 243 -120.99 -10.60 30.03
C ASP V 243 -120.57 -10.80 31.48
N GLN V 244 -119.27 -10.78 31.78
CA GLN V 244 -118.82 -11.05 33.14
C GLN V 244 -118.83 -9.78 33.98
N ALA V 245 -120.00 -9.17 34.05
CA ALA V 245 -120.22 -8.05 34.96
C ALA V 245 -120.43 -8.57 36.37
N VAL V 246 -119.70 -8.01 37.33
CA VAL V 246 -119.76 -8.47 38.70
C VAL V 246 -120.10 -7.29 39.60
N LEU V 247 -120.51 -7.60 40.82
CA LEU V 247 -120.88 -6.60 41.79
C LEU V 247 -119.66 -6.17 42.59
N LYS V 248 -119.54 -4.87 42.82
CA LYS V 248 -118.43 -4.30 43.57
C LYS V 248 -118.95 -3.31 44.59
N TRP V 249 -118.26 -3.24 45.72
CA TRP V 249 -118.51 -2.22 46.73
C TRP V 249 -117.33 -1.26 46.77
N ASN V 250 -117.62 0.02 47.00
CA ASN V 250 -116.59 1.03 46.91
C ASN V 250 -116.89 2.13 47.93
N ASP V 251 -115.84 2.84 48.32
CA ASP V 251 -115.95 3.89 49.31
C ASP V 251 -116.12 5.27 48.69
N GLY V 252 -116.48 5.34 47.42
CA GLY V 252 -116.61 6.61 46.73
C GLY V 252 -117.95 7.28 46.97
N ALA V 253 -118.26 8.23 46.10
CA ALA V 253 -119.46 9.04 46.25
C ALA V 253 -120.71 8.19 46.05
N ARG V 254 -121.81 8.65 46.62
CA ARG V 254 -123.10 7.97 46.54
C ARG V 254 -124.11 8.87 45.86
N ALA V 255 -124.95 8.30 45.01
CA ALA V 255 -126.03 9.05 44.41
C ALA V 255 -127.09 9.37 45.44
N ALA V 256 -127.64 10.57 45.37
CA ALA V 256 -128.68 10.95 46.30
C ALA V 256 -130.01 10.28 45.92
N PRO V 257 -130.88 10.07 46.89
CA PRO V 257 -132.14 9.37 46.61
C PRO V 257 -133.04 10.21 45.70
N PRO V 258 -133.97 9.58 45.00
CA PRO V 258 -134.83 10.33 44.08
C PRO V 258 -135.80 11.21 44.83
N ALA V 259 -136.33 12.21 44.10
CA ALA V 259 -137.31 13.10 44.69
C ALA V 259 -138.58 12.35 45.10
N ALA V 260 -139.05 11.44 44.25
CA ALA V 260 -140.24 10.67 44.53
C ALA V 260 -139.97 9.21 44.19
N ALA V 261 -140.88 8.35 44.63
CA ALA V 261 -140.74 6.92 44.36
C ALA V 261 -140.80 6.67 42.86
N GLN V 262 -139.88 5.83 42.37
CA GLN V 262 -139.79 5.48 40.97
C GLN V 262 -140.08 4.01 40.79
N SER V 263 -140.78 3.68 39.71
CA SER V 263 -141.10 2.30 39.40
C SER V 263 -141.60 2.22 37.97
N SER V 264 -141.23 1.13 37.29
CA SER V 264 -141.68 0.93 35.92
C SER V 264 -141.44 -0.53 35.54
N TYR V 265 -142.10 -0.93 34.46
CA TYR V 265 -141.87 -2.23 33.87
C TYR V 265 -140.91 -2.11 32.69
N MET V 266 -140.09 -3.13 32.50
CA MET V 266 -139.02 -3.11 31.52
C MET V 266 -139.12 -4.30 30.59
N ARG V 267 -138.55 -4.15 29.41
CA ARG V 267 -138.59 -5.17 28.39
C ARG V 267 -137.47 -4.91 27.40
N CYS V 268 -136.93 -5.99 26.83
CA CYS V 268 -136.00 -5.89 25.72
C CYS V 268 -136.76 -5.92 24.42
N ILE V 269 -136.51 -4.94 23.55
CA ILE V 269 -137.30 -4.76 22.34
C ILE V 269 -136.65 -5.38 21.12
N SER V 270 -135.53 -6.07 21.29
CA SER V 270 -134.83 -6.64 20.14
C SER V 270 -134.54 -8.11 20.40
N PRO V 271 -134.48 -8.93 19.35
CA PRO V 271 -134.29 -10.37 19.55
C PRO V 271 -132.97 -10.75 20.18
N HIS V 272 -132.05 -9.80 20.39
CA HIS V 272 -130.74 -10.15 20.91
C HIS V 272 -130.81 -10.92 22.21
N TRP V 273 -131.84 -10.68 23.01
CA TRP V 273 -131.92 -11.28 24.33
C TRP V 273 -131.90 -12.80 24.27
N GLN V 274 -132.41 -13.37 23.18
CA GLN V 274 -132.55 -14.82 23.11
C GLN V 274 -131.22 -15.55 23.20
N HIS V 275 -130.11 -14.86 22.95
CA HIS V 275 -128.81 -15.50 23.03
C HIS V 275 -127.81 -14.66 23.83
N GLN V 276 -128.30 -13.75 24.67
CA GLN V 276 -127.44 -12.93 25.51
C GLN V 276 -127.80 -13.19 26.96
N ILE V 277 -126.83 -13.71 27.73
CA ILE V 277 -127.14 -14.26 29.04
C ILE V 277 -127.63 -13.18 29.99
N VAL V 278 -127.04 -11.99 29.93
CA VAL V 278 -127.30 -10.99 30.95
C VAL V 278 -128.75 -10.55 30.93
N GLU V 279 -129.37 -10.49 29.75
CA GLU V 279 -130.78 -10.16 29.68
C GLU V 279 -131.62 -11.20 30.41
N VAL V 280 -131.33 -12.47 30.17
CA VAL V 280 -132.07 -13.54 30.85
C VAL V 280 -131.86 -13.43 32.36
N ALA V 281 -130.61 -13.22 32.78
CA ALA V 281 -130.32 -13.14 34.20
C ALA V 281 -131.07 -11.98 34.85
N GLY V 282 -130.98 -10.79 34.24
CA GLY V 282 -131.65 -9.64 34.82
C GLY V 282 -133.15 -9.83 34.88
N ALA V 283 -133.73 -10.36 33.81
CA ALA V 283 -135.17 -10.56 33.78
C ALA V 283 -135.60 -11.55 34.85
N LEU V 284 -134.93 -12.69 34.91
CA LEU V 284 -135.30 -13.71 35.89
C LEU V 284 -135.16 -13.17 37.31
N MET V 285 -134.07 -12.45 37.58
CA MET V 285 -133.85 -11.91 38.91
C MET V 285 -134.99 -11.01 39.33
N SER V 286 -135.35 -10.05 38.47
CA SER V 286 -136.46 -9.15 38.78
C SER V 286 -137.77 -9.93 38.92
N GLN V 287 -138.01 -10.87 38.00
CA GLN V 287 -139.23 -11.64 38.05
C GLN V 287 -139.33 -12.44 39.33
N SER V 288 -138.20 -12.89 39.86
CA SER V 288 -138.22 -13.66 41.11
C SER V 288 -138.81 -12.83 42.25
N VAL V 289 -138.42 -11.55 42.33
CA VAL V 289 -138.97 -10.69 43.37
C VAL V 289 -140.48 -10.55 43.20
N THR V 290 -140.92 -10.25 41.98
CA THR V 290 -142.35 -10.10 41.74
C THR V 290 -143.10 -11.39 42.01
N ALA V 291 -142.43 -12.53 41.85
CA ALA V 291 -143.09 -13.81 42.09
C ALA V 291 -143.53 -13.94 43.54
N VAL V 292 -142.66 -13.59 44.48
CA VAL V 292 -143.01 -13.75 45.88
C VAL V 292 -143.91 -12.62 46.35
N THR V 293 -143.72 -11.41 45.83
CA THR V 293 -144.50 -10.27 46.29
C THR V 293 -145.72 -10.00 45.42
N GLY V 294 -145.90 -10.72 44.34
CA GLY V 294 -146.99 -10.44 43.43
C GLY V 294 -146.70 -9.20 42.60
N LEU V 295 -147.62 -8.91 41.70
CA LEU V 295 -147.46 -7.72 40.87
C LEU V 295 -147.88 -6.48 41.65
N PRO V 296 -147.02 -5.47 41.75
CA PRO V 296 -147.43 -4.23 42.44
C PRO V 296 -148.62 -3.56 41.80
N ALA V 297 -148.71 -3.58 40.48
CA ALA V 297 -149.82 -2.93 39.78
C ALA V 297 -149.92 -3.49 38.38
N LEU V 298 -151.05 -3.19 37.74
CA LEU V 298 -151.28 -3.67 36.38
C LEU V 298 -150.34 -3.00 35.40
N ILE V 299 -150.09 -3.69 34.30
CA ILE V 299 -149.18 -3.22 33.27
C ILE V 299 -149.97 -2.50 32.20
N ASP V 300 -149.33 -1.51 31.57
CA ASP V 300 -149.97 -0.76 30.50
C ASP V 300 -150.06 -1.59 29.24
N GLU V 301 -151.26 -1.70 28.69
CA GLU V 301 -151.47 -2.52 27.48
C GLU V 301 -150.93 -1.84 26.24
N ALA V 302 -150.64 -0.55 26.30
CA ALA V 302 -150.53 0.26 25.08
C ALA V 302 -149.50 -0.30 24.11
N THR V 303 -148.35 -0.74 24.61
CA THR V 303 -147.25 -1.16 23.76
C THR V 303 -147.14 -2.67 23.61
N LEU V 304 -148.08 -3.41 24.14
CA LEU V 304 -147.99 -4.87 24.15
C LEU V 304 -148.65 -5.47 22.92
N PRO V 305 -148.33 -6.73 22.59
CA PRO V 305 -148.99 -7.38 21.45
C PRO V 305 -150.48 -7.59 21.64
N ALA V 306 -151.13 -8.12 20.63
CA ALA V 306 -152.60 -8.14 20.59
C ALA V 306 -153.17 -9.03 21.69
N TRP V 307 -152.65 -10.25 21.83
CA TRP V 307 -153.25 -11.19 22.77
C TRP V 307 -153.11 -10.71 24.21
N SER V 308 -152.22 -9.77 24.47
CA SER V 308 -151.99 -9.26 25.81
C SER V 308 -152.87 -8.08 26.16
N GLN V 309 -153.79 -7.70 25.28
CA GLN V 309 -154.61 -6.51 25.50
C GLN V 309 -155.73 -6.86 26.47
N GLY V 310 -155.61 -6.35 27.70
CA GLY V 310 -156.71 -6.45 28.65
C GLY V 310 -156.80 -7.76 29.41
N VAL V 311 -155.65 -8.34 29.79
CA VAL V 311 -155.68 -9.55 30.59
C VAL V 311 -156.18 -9.24 31.98
N ALA V 312 -157.01 -10.13 32.53
CA ALA V 312 -157.82 -9.83 33.71
C ALA V 312 -156.98 -9.26 34.85
N ASN V 313 -156.04 -10.06 35.36
CA ASN V 313 -155.26 -9.65 36.51
C ASN V 313 -153.87 -9.18 36.14
N LEU V 314 -153.61 -8.92 34.86
CA LEU V 314 -152.26 -8.62 34.42
C LEU V 314 -152.13 -7.25 33.78
N THR V 315 -152.99 -6.91 32.82
CA THR V 315 -152.84 -5.71 32.04
C THR V 315 -154.09 -4.84 32.13
N GLY V 316 -153.89 -3.55 31.94
CA GLY V 316 -155.00 -2.61 32.01
C GLY V 316 -154.62 -1.28 31.40
N ASN V 317 -155.59 -0.37 31.41
CA ASN V 317 -155.38 0.97 30.88
C ASN V 317 -155.97 2.04 31.78
N GLY V 318 -156.30 1.69 33.03
CA GLY V 318 -156.93 2.63 33.94
C GLY V 318 -155.94 3.59 34.56
N GLN V 319 -156.26 4.01 35.79
CA GLN V 319 -155.43 5.00 36.46
C GLN V 319 -154.17 4.38 37.05
N GLY V 320 -154.33 3.48 38.01
CA GLY V 320 -153.20 2.87 38.65
C GLY V 320 -152.53 1.82 37.77
N VAL V 321 -151.97 2.25 36.65
CA VAL V 321 -151.37 1.36 35.68
C VAL V 321 -149.94 1.82 35.44
N VAL V 322 -148.99 1.00 35.85
CA VAL V 322 -147.58 1.36 35.65
C VAL V 322 -147.22 1.21 34.18
N PRO V 323 -146.58 2.20 33.56
CA PRO V 323 -146.16 2.06 32.18
C PRO V 323 -145.00 1.08 32.06
N CYS V 324 -144.78 0.62 30.84
CA CYS V 324 -143.70 -0.31 30.53
C CYS V 324 -142.78 0.30 29.48
N LEU V 325 -141.50 0.34 29.77
CA LEU V 325 -140.51 0.82 28.82
C LEU V 325 -139.78 -0.36 28.19
N ASP V 326 -139.22 -0.11 27.01
CA ASP V 326 -138.44 -1.11 26.30
C ASP V 326 -137.22 -0.43 25.68
N TYR V 327 -136.19 -1.22 25.42
CA TYR V 327 -134.93 -0.67 24.97
C TYR V 327 -134.23 -1.68 24.07
N ASN V 328 -133.21 -1.20 23.37
CA ASN V 328 -132.35 -2.01 22.54
C ASN V 328 -130.95 -2.00 23.12
N PRO V 329 -130.29 -3.16 23.23
CA PRO V 329 -128.97 -3.18 23.88
C PRO V 329 -127.94 -2.28 23.23
N VAL V 330 -127.92 -2.21 21.90
CA VAL V 330 -126.85 -1.48 21.22
C VAL V 330 -126.91 0.01 21.57
N PRO V 331 -128.03 0.71 21.38
CA PRO V 331 -128.07 2.11 21.83
C PRO V 331 -127.83 2.23 23.32
N MET V 332 -128.29 1.25 24.09
CA MET V 332 -128.04 1.27 25.53
C MET V 332 -126.54 1.28 25.81
N ALA V 333 -125.80 0.44 25.11
CA ALA V 333 -124.35 0.41 25.28
C ALA V 333 -123.75 1.77 24.91
N ALA V 334 -124.24 2.38 23.84
CA ALA V 334 -123.76 3.69 23.45
C ALA V 334 -123.98 4.69 24.58
N ALA V 335 -125.18 4.68 25.17
CA ALA V 335 -125.45 5.58 26.27
C ALA V 335 -124.53 5.29 27.45
N ARG V 336 -124.32 4.02 27.75
CA ARG V 336 -123.47 3.65 28.88
C ARG V 336 -122.05 4.17 28.67
N HIS V 337 -121.52 4.00 27.46
CA HIS V 337 -120.19 4.51 27.16
C HIS V 337 -120.16 6.03 27.30
N LEU V 338 -121.20 6.70 26.82
CA LEU V 338 -121.24 8.16 26.91
C LEU V 338 -121.20 8.61 28.35
N GLN V 339 -121.94 7.94 29.23
CA GLN V 339 -121.89 8.28 30.64
C GLN V 339 -120.48 8.14 31.19
N TRP V 340 -119.77 7.09 30.77
CA TRP V 340 -118.43 6.85 31.30
C TRP V 340 -117.48 7.98 30.93
N ARG V 341 -117.52 8.44 29.69
CA ARG V 341 -116.63 9.54 29.32
C ARG V 341 -117.07 10.85 29.94
N GLN V 342 -118.38 11.06 30.08
CA GLN V 342 -118.84 12.26 30.77
C GLN V 342 -118.39 12.26 32.23
N ASP V 343 -118.50 11.12 32.89
CA ASP V 343 -117.98 11.01 34.24
C ASP V 343 -116.46 10.93 34.26
N GLY V 344 -115.82 10.83 33.11
CA GLY V 344 -114.38 10.88 33.03
C GLY V 344 -113.67 9.57 33.24
N LEU V 345 -114.38 8.45 33.27
CA LEU V 345 -113.71 7.17 33.38
C LEU V 345 -112.90 6.82 32.14
N ILE V 346 -113.28 7.36 30.98
CA ILE V 346 -112.63 7.04 29.71
C ILE V 346 -112.49 8.30 28.88
N THR V 347 -111.62 8.23 27.89
CA THR V 347 -111.49 9.30 26.91
C THR V 347 -112.38 9.01 25.71
N ALA V 348 -112.67 10.07 24.96
CA ALA V 348 -113.58 9.95 23.82
C ALA V 348 -113.05 8.95 22.80
N ALA V 349 -111.73 8.86 22.65
CA ALA V 349 -111.16 7.91 21.72
C ALA V 349 -111.55 6.49 22.09
N GLN V 350 -111.46 6.17 23.38
CA GLN V 350 -111.90 4.86 23.84
C GLN V 350 -113.39 4.65 23.58
N GLU V 351 -114.19 5.69 23.83
CA GLU V 351 -115.63 5.55 23.68
C GLU V 351 -115.99 5.17 22.25
N ALA V 352 -115.31 5.78 21.28
CA ALA V 352 -115.53 5.39 19.89
C ALA V 352 -115.19 3.93 19.67
N GLN V 353 -114.06 3.49 20.24
CA GLN V 353 -113.65 2.10 20.07
C GLN V 353 -114.65 1.16 20.69
N LEU V 354 -115.12 1.47 21.90
CA LEU V 354 -116.05 0.58 22.59
C LEU V 354 -117.32 0.38 21.79
N ASN V 355 -117.84 1.46 21.20
CA ASN V 355 -119.05 1.33 20.39
C ASN V 355 -118.80 0.42 19.19
N ASN V 356 -117.64 0.57 18.54
CA ASN V 356 -117.33 -0.30 17.41
C ASN V 356 -117.26 -1.75 17.85
N ASP V 357 -116.60 -2.00 18.98
CA ASP V 357 -116.47 -3.38 19.46
C ASP V 357 -117.85 -3.97 19.76
N TYR V 358 -118.66 -3.24 20.51
CA TYR V 358 -119.95 -3.77 20.91
C TYR V 358 -120.85 -4.02 19.70
N THR V 359 -120.86 -3.07 18.76
CA THR V 359 -121.67 -3.25 17.56
C THR V 359 -121.25 -4.49 16.81
N ALA V 360 -119.94 -4.71 16.67
CA ALA V 360 -119.46 -5.92 16.03
C ALA V 360 -119.91 -7.14 16.80
N TYR V 361 -119.80 -7.10 18.13
CA TYR V 361 -120.22 -8.22 18.95
C TYR V 361 -121.71 -8.49 18.78
N ALA V 362 -122.53 -7.43 18.81
CA ALA V 362 -123.97 -7.61 18.67
C ALA V 362 -124.31 -8.19 17.31
N LEU V 363 -123.56 -7.83 16.28
CA LEU V 363 -123.85 -8.32 14.94
C LEU V 363 -123.76 -9.83 14.89
N THR V 364 -122.77 -10.41 15.56
CA THR V 364 -122.65 -11.86 15.60
C THR V 364 -123.88 -12.49 16.23
N ILE V 365 -124.40 -11.89 17.30
CA ILE V 365 -125.60 -12.41 17.92
C ILE V 365 -126.74 -12.46 16.93
N GLU V 366 -126.94 -11.36 16.20
CA GLU V 366 -127.98 -11.34 15.18
C GLU V 366 -127.71 -12.40 14.12
N ARG V 367 -126.47 -12.47 13.66
CA ARG V 367 -126.13 -13.41 12.60
C ARG V 367 -126.35 -14.85 13.06
N HIS V 368 -125.98 -15.14 14.31
CA HIS V 368 -126.20 -16.49 14.84
C HIS V 368 -127.68 -16.81 14.90
N LEU V 369 -128.48 -15.90 15.47
CA LEU V 369 -129.89 -16.20 15.67
C LEU V 369 -130.62 -16.35 14.35
N THR V 370 -130.38 -15.44 13.41
CA THR V 370 -131.11 -15.50 12.15
C THR V 370 -130.81 -16.79 11.41
N ALA V 371 -129.56 -17.23 11.43
CA ALA V 371 -129.24 -18.51 10.84
C ALA V 371 -129.86 -19.66 11.61
N MET V 372 -130.00 -19.51 12.92
CA MET V 372 -130.57 -20.58 13.71
C MET V 372 -132.07 -20.71 13.50
N LEU V 373 -132.73 -19.60 13.19
CA LEU V 373 -134.19 -19.65 13.01
C LEU V 373 -134.57 -20.54 11.84
N VAL V 374 -133.89 -20.37 10.71
CA VAL V 374 -134.22 -21.16 9.54
C VAL V 374 -133.90 -22.62 9.77
N ALA V 375 -132.95 -22.91 10.65
CA ALA V 375 -132.65 -24.29 10.97
C ALA V 375 -133.74 -24.94 11.81
N ASN V 376 -134.58 -24.15 12.47
CA ASN V 376 -135.65 -24.66 13.31
C ASN V 376 -136.93 -23.92 12.99
N PRO V 377 -137.51 -24.18 11.82
CA PRO V 377 -138.78 -23.52 11.47
C PRO V 377 -139.86 -23.87 12.48
N ILE V 378 -140.69 -22.87 12.78
CA ILE V 378 -141.70 -23.05 13.81
C ILE V 378 -142.72 -24.09 13.38
N ALA V 379 -142.93 -24.25 12.07
CA ALA V 379 -143.89 -25.23 11.59
C ALA V 379 -143.43 -26.66 11.82
N ALA V 380 -142.19 -26.87 12.24
CA ALA V 380 -141.71 -28.22 12.49
C ALA V 380 -142.50 -28.90 13.59
N GLY V 381 -142.85 -28.15 14.64
CA GLY V 381 -143.64 -28.71 15.72
C GLY V 381 -143.21 -28.24 17.09
N ARG V 382 -141.98 -27.74 17.20
CA ARG V 382 -141.45 -27.22 18.44
C ARG V 382 -140.82 -25.87 18.16
N MET V 383 -140.75 -25.03 19.18
CA MET V 383 -140.26 -23.66 19.06
C MET V 383 -139.08 -23.48 20.00
N PRO V 384 -137.90 -23.96 19.61
CA PRO V 384 -136.71 -23.71 20.45
C PRO V 384 -136.37 -22.24 20.57
N ILE V 385 -136.62 -21.44 19.53
CA ILE V 385 -136.37 -20.01 19.59
C ILE V 385 -137.59 -19.27 19.07
N GLN V 386 -137.81 -18.08 19.62
CA GLN V 386 -138.98 -17.28 19.30
C GLN V 386 -138.82 -16.62 17.93
N PRO V 387 -139.85 -16.64 17.10
CA PRO V 387 -139.73 -16.06 15.76
C PRO V 387 -139.58 -14.56 15.81
N PHE V 388 -139.01 -14.02 14.73
CA PHE V 388 -138.78 -12.58 14.63
C PHE V 388 -138.59 -12.22 13.15
N ASN V 389 -138.45 -10.93 12.91
CA ASN V 389 -138.17 -10.40 11.59
C ASN V 389 -136.84 -9.64 11.63
N ALA V 390 -136.21 -9.52 10.46
CA ALA V 390 -134.89 -8.92 10.39
C ALA V 390 -134.91 -7.48 10.90
N ALA V 391 -135.99 -6.75 10.63
CA ALA V 391 -136.07 -5.37 11.07
C ALA V 391 -136.06 -5.24 12.59
N ASP V 392 -136.41 -6.31 13.30
CA ASP V 392 -136.48 -6.25 14.76
C ASP V 392 -135.13 -5.99 15.40
N PHE V 393 -134.03 -6.24 14.68
CA PHE V 393 -132.71 -5.97 15.23
C PHE V 393 -132.35 -4.50 15.20
N GLY V 394 -133.07 -3.68 14.44
CA GLY V 394 -132.77 -2.27 14.33
C GLY V 394 -133.66 -1.34 15.12
N GLN V 395 -134.68 -1.86 15.81
CA GLN V 395 -135.61 -0.99 16.51
C GLN V 395 -134.94 -0.36 17.72
N ALA V 396 -135.09 0.95 17.85
CA ALA V 396 -134.57 1.65 19.01
C ALA V 396 -135.50 1.61 20.21
N GLY V 397 -136.80 1.45 19.97
CA GLY V 397 -137.74 1.38 21.06
C GLY V 397 -137.76 2.66 21.87
N GLN V 398 -138.03 2.51 23.16
CA GLN V 398 -138.07 3.63 24.10
C GLN V 398 -136.75 3.80 24.84
N THR V 399 -135.64 3.47 24.18
CA THR V 399 -134.35 3.46 24.87
C THR V 399 -134.03 4.83 25.47
N ALA V 400 -134.36 5.90 24.76
CA ALA V 400 -134.11 7.23 25.28
C ALA V 400 -134.86 7.47 26.59
N ALA V 401 -136.12 7.03 26.65
CA ALA V 401 -136.86 7.16 27.90
C ALA V 401 -136.24 6.32 28.99
N ALA V 402 -135.69 5.15 28.64
CA ALA V 402 -135.14 4.25 29.64
C ALA V 402 -133.99 4.91 30.39
N VAL V 403 -133.02 5.45 29.66
CA VAL V 403 -131.89 6.09 30.34
C VAL V 403 -132.37 7.31 31.12
N ALA V 404 -133.39 8.00 30.61
CA ALA V 404 -133.96 9.11 31.36
C ALA V 404 -134.48 8.65 32.70
N LEU V 405 -135.13 7.49 32.74
CA LEU V 405 -135.64 6.96 33.99
C LEU V 405 -134.49 6.70 34.97
N ALA V 406 -133.42 6.07 34.49
CA ALA V 406 -132.31 5.77 35.37
C ALA V 406 -131.71 7.05 35.94
N GLN V 407 -131.56 8.07 35.11
CA GLN V 407 -131.06 9.34 35.59
C GLN V 407 -132.00 9.94 36.64
N ALA V 408 -133.31 9.82 36.41
CA ALA V 408 -134.27 10.23 37.43
C ALA V 408 -134.29 9.28 38.61
N MET V 409 -133.87 8.03 38.42
CA MET V 409 -133.93 7.05 39.50
C MET V 409 -132.76 7.21 40.46
N PHE V 410 -131.55 7.31 39.93
CA PHE V 410 -130.36 7.53 40.75
C PHE V 410 -129.89 8.96 40.48
N VAL V 411 -129.93 9.78 41.52
CA VAL V 411 -129.63 11.19 41.34
C VAL V 411 -128.93 11.72 42.59
N ALA W 1 -56.94 -24.99 -31.30
CA ALA W 1 -58.36 -25.12 -30.98
C ALA W 1 -59.20 -24.38 -32.00
N GLN W 2 -60.27 -23.74 -31.53
CA GLN W 2 -61.20 -23.05 -32.41
C GLN W 2 -61.84 -21.92 -31.60
N ARG W 3 -61.44 -20.68 -31.88
CA ARG W 3 -61.73 -19.56 -31.00
C ARG W 3 -63.05 -18.86 -31.33
N GLN W 4 -63.92 -19.46 -32.14
CA GLN W 4 -65.12 -18.73 -32.54
C GLN W 4 -66.20 -19.71 -32.96
N PHE W 5 -67.45 -19.32 -32.72
CA PHE W 5 -68.58 -20.09 -33.21
C PHE W 5 -69.73 -19.15 -33.54
N PHE W 6 -70.68 -19.67 -34.31
CA PHE W 6 -71.90 -18.96 -34.64
C PHE W 6 -73.09 -19.86 -34.37
N GLY W 7 -74.22 -19.25 -34.03
CA GLY W 7 -75.38 -20.02 -33.64
C GLY W 7 -76.69 -19.33 -33.96
N LEU W 8 -77.78 -20.07 -33.75
CA LEU W 8 -79.11 -19.57 -34.03
C LEU W 8 -80.09 -20.20 -33.05
N THR W 9 -80.90 -19.36 -32.40
CA THR W 9 -81.85 -19.87 -31.44
C THR W 9 -83.03 -20.52 -32.14
N TYR W 10 -83.91 -21.14 -31.35
CA TYR W 10 -85.01 -21.90 -31.91
C TYR W 10 -86.07 -20.97 -32.48
N ASN W 11 -87.07 -21.58 -33.11
CA ASN W 11 -88.22 -20.88 -33.65
C ASN W 11 -89.45 -21.21 -32.81
N PHE W 12 -90.28 -20.20 -32.57
CA PHE W 12 -91.56 -20.42 -31.93
C PHE W 12 -92.57 -20.78 -33.00
N TYR W 13 -93.27 -21.90 -32.81
CA TYR W 13 -94.28 -22.33 -33.77
C TYR W 13 -95.57 -21.54 -33.50
N GLY W 14 -95.51 -20.25 -33.83
CA GLY W 14 -96.60 -19.35 -33.60
C GLY W 14 -96.88 -19.03 -32.16
N GLN W 15 -96.23 -19.70 -31.21
CA GLN W 15 -96.44 -19.42 -29.81
C GLN W 15 -95.69 -18.17 -29.39
N PRO W 16 -96.17 -17.48 -28.36
CA PRO W 16 -95.57 -16.19 -28.00
C PRO W 16 -94.30 -16.29 -27.17
N ALA W 17 -94.02 -17.43 -26.57
CA ALA W 17 -92.94 -17.54 -25.59
C ALA W 17 -92.18 -18.83 -25.83
N PRO W 18 -90.93 -18.91 -25.35
CA PRO W 18 -90.21 -20.18 -25.42
C PRO W 18 -90.97 -21.28 -24.70
N LEU W 19 -90.94 -22.47 -25.28
CA LEU W 19 -91.85 -23.55 -24.89
C LEU W 19 -91.12 -24.51 -23.95
N PHE W 20 -91.07 -24.14 -22.67
CA PHE W 20 -90.59 -25.06 -21.65
C PHE W 20 -91.17 -24.65 -20.31
N ASP W 21 -91.31 -25.64 -19.44
CA ASP W 21 -91.85 -25.43 -18.10
C ASP W 21 -90.73 -25.16 -17.12
N LEU W 22 -91.07 -24.42 -16.06
CA LEU W 22 -90.12 -24.25 -14.96
C LEU W 22 -89.69 -25.59 -14.40
N ASN W 23 -90.64 -26.52 -14.28
CA ASN W 23 -90.30 -27.85 -13.80
C ASN W 23 -89.29 -28.51 -14.74
N ASP W 24 -89.47 -28.33 -16.04
CA ASP W 24 -88.50 -28.87 -17.00
C ASP W 24 -87.11 -28.34 -16.71
N LEU W 25 -86.99 -27.03 -16.50
CA LEU W 25 -85.70 -26.45 -16.13
C LEU W 25 -85.22 -27.05 -14.82
N GLN W 26 -86.06 -27.00 -13.80
CA GLN W 26 -85.68 -27.54 -12.50
C GLN W 26 -85.35 -29.03 -12.61
N GLU W 27 -86.02 -29.73 -13.51
CA GLU W 27 -85.73 -31.14 -13.69
C GLU W 27 -84.46 -31.35 -14.49
N LEU W 28 -84.38 -30.74 -15.67
CA LEU W 28 -83.34 -31.10 -16.63
C LEU W 28 -82.07 -30.30 -16.46
N ALA W 29 -82.09 -29.18 -15.74
CA ALA W 29 -80.87 -28.39 -15.58
C ALA W 29 -80.73 -27.79 -14.20
N GLY W 30 -81.47 -28.27 -13.21
CA GLY W 30 -81.47 -27.67 -11.88
C GLY W 30 -80.29 -28.10 -11.04
N CYS W 31 -80.50 -28.11 -9.73
CA CYS W 31 -79.54 -28.57 -8.73
C CYS W 31 -78.28 -27.72 -8.69
N TYR W 32 -78.30 -26.53 -9.29
CA TYR W 32 -77.14 -25.66 -9.40
C TYR W 32 -75.97 -26.35 -10.09
N ALA W 33 -76.23 -27.44 -10.82
CA ALA W 33 -75.17 -28.18 -11.46
C ALA W 33 -74.88 -27.59 -12.84
N ARG W 34 -73.77 -28.03 -13.41
CA ARG W 34 -73.41 -27.58 -14.75
C ARG W 34 -74.25 -28.33 -15.77
N PRO W 35 -74.97 -27.63 -16.64
CA PRO W 35 -75.83 -28.29 -17.62
C PRO W 35 -75.15 -28.61 -18.94
N TRP W 36 -73.84 -28.41 -19.05
CA TRP W 36 -73.20 -28.30 -20.35
C TRP W 36 -72.79 -29.64 -20.95
N THR W 37 -73.04 -30.77 -20.29
CA THR W 37 -72.73 -32.04 -20.92
C THR W 37 -73.76 -33.10 -20.57
N SER W 38 -75.00 -32.69 -20.35
CA SER W 38 -76.02 -33.59 -19.82
C SER W 38 -76.81 -34.31 -20.91
N ARG W 39 -76.49 -34.09 -22.19
CA ARG W 39 -77.34 -34.60 -23.25
C ARG W 39 -77.42 -36.11 -23.25
N PHE W 40 -76.40 -36.79 -22.74
CA PHE W 40 -76.40 -38.24 -22.73
C PHE W 40 -76.74 -38.84 -21.37
N SER W 41 -76.84 -38.02 -20.32
CA SER W 41 -77.09 -38.56 -19.00
C SER W 41 -78.46 -39.24 -18.90
N HIS W 42 -79.34 -39.01 -19.86
CA HIS W 42 -80.68 -39.58 -19.85
C HIS W 42 -80.94 -40.42 -21.09
N LEU W 43 -79.87 -41.00 -21.64
CA LEU W 43 -79.98 -41.93 -22.75
C LEU W 43 -79.34 -43.25 -22.36
N ALA W 44 -79.76 -44.31 -23.03
CA ALA W 44 -79.24 -45.63 -22.72
C ALA W 44 -79.14 -46.43 -24.02
N ILE W 45 -78.92 -47.73 -23.89
CA ILE W 45 -78.65 -48.55 -25.06
C ILE W 45 -79.89 -48.69 -25.95
N SER W 46 -81.08 -48.76 -25.35
CA SER W 46 -82.28 -48.99 -26.15
C SER W 46 -83.48 -48.39 -25.46
N THR W 47 -84.55 -48.23 -26.25
CA THR W 47 -85.78 -47.66 -25.72
C THR W 47 -86.40 -48.53 -24.65
N GLY W 48 -86.13 -49.83 -24.67
CA GLY W 48 -86.74 -50.73 -23.71
C GLY W 48 -86.41 -50.38 -22.28
N SER W 49 -85.27 -49.73 -22.06
CA SER W 49 -84.81 -49.40 -20.72
C SER W 49 -85.08 -47.97 -20.33
N LEU W 50 -85.84 -47.23 -21.14
CA LEU W 50 -85.96 -45.80 -20.89
C LEU W 50 -87.42 -45.40 -20.71
N PRO W 51 -87.68 -44.37 -19.91
CA PRO W 51 -89.06 -43.96 -19.67
C PRO W 51 -89.58 -43.02 -20.75
N VAL W 52 -89.36 -43.38 -22.02
CA VAL W 52 -89.78 -42.51 -23.12
C VAL W 52 -91.19 -42.81 -23.60
N TRP W 53 -91.90 -43.72 -22.95
CA TRP W 53 -93.17 -44.19 -23.49
C TRP W 53 -94.39 -43.51 -22.89
N SER W 54 -94.24 -42.66 -21.88
CA SER W 54 -95.40 -42.08 -21.24
C SER W 54 -95.01 -40.85 -20.46
N ALA W 55 -96.03 -40.14 -19.98
CA ALA W 55 -95.87 -38.98 -19.11
C ALA W 55 -95.04 -37.90 -19.78
N ARG W 56 -94.41 -37.05 -18.97
CA ARG W 56 -93.55 -36.02 -19.51
C ARG W 56 -92.38 -36.66 -20.25
N TYR W 57 -91.84 -35.93 -21.21
CA TYR W 57 -90.78 -36.41 -22.08
C TYR W 57 -91.12 -37.77 -22.70
N PRO W 58 -92.26 -37.90 -23.37
CA PRO W 58 -92.68 -39.19 -23.92
C PRO W 58 -92.15 -39.44 -25.33
N SER W 59 -90.86 -39.22 -25.52
CA SER W 59 -90.23 -39.49 -26.80
C SER W 59 -88.73 -39.50 -26.60
N VAL W 60 -88.03 -40.15 -27.53
CA VAL W 60 -86.58 -40.25 -27.42
C VAL W 60 -85.94 -38.86 -27.49
N ALA W 61 -86.38 -38.06 -28.44
CA ALA W 61 -85.77 -36.74 -28.64
C ALA W 61 -86.30 -35.69 -27.68
N SER W 62 -87.34 -36.01 -26.90
CA SER W 62 -88.06 -34.99 -26.16
C SER W 62 -87.13 -34.18 -25.26
N ARG W 63 -86.29 -34.86 -24.49
CA ARG W 63 -85.45 -34.16 -23.52
C ARG W 63 -84.51 -33.20 -24.22
N ASN W 64 -83.82 -33.66 -25.26
CA ASN W 64 -82.88 -32.79 -25.95
C ASN W 64 -83.58 -31.61 -26.60
N ILE W 65 -84.78 -31.84 -27.15
CA ILE W 65 -85.54 -30.73 -27.72
C ILE W 65 -85.80 -29.67 -26.67
N ILE W 66 -86.27 -30.10 -25.50
CA ILE W 66 -86.57 -29.16 -24.44
C ILE W 66 -85.31 -28.41 -24.03
N VAL W 67 -84.18 -29.12 -23.97
CA VAL W 67 -82.92 -28.49 -23.64
C VAL W 67 -82.63 -27.35 -24.61
N ASN W 68 -82.79 -27.61 -25.90
CA ASN W 68 -82.51 -26.59 -26.89
C ASN W 68 -83.40 -25.37 -26.68
N THR W 69 -84.69 -25.61 -26.45
CA THR W 69 -85.59 -24.49 -26.20
C THR W 69 -85.18 -23.73 -24.96
N LEU W 70 -84.75 -24.45 -23.92
CA LEU W 70 -84.34 -23.80 -22.69
C LEU W 70 -83.17 -22.85 -22.93
N LEU W 71 -82.16 -23.31 -23.66
CA LEU W 71 -81.00 -22.46 -23.90
C LEU W 71 -81.37 -21.21 -24.67
N GLY W 72 -82.36 -21.30 -25.54
CA GLY W 72 -82.74 -20.15 -26.35
C GLY W 72 -83.15 -18.95 -25.53
N ALA W 73 -83.52 -19.16 -24.27
CA ALA W 73 -83.93 -18.05 -23.41
C ALA W 73 -82.78 -17.47 -22.63
N HIS W 74 -81.58 -18.04 -22.69
CA HIS W 74 -80.50 -17.60 -21.82
C HIS W 74 -79.18 -17.38 -22.55
N LEU W 75 -79.16 -17.45 -23.88
CA LEU W 75 -77.94 -17.23 -24.63
C LEU W 75 -77.78 -15.79 -25.07
N ASN W 76 -78.44 -14.86 -24.40
CA ASN W 76 -78.37 -13.46 -24.79
C ASN W 76 -76.95 -12.90 -24.89
N PRO W 77 -76.01 -13.23 -24.00
CA PRO W 77 -74.67 -12.64 -24.12
C PRO W 77 -74.03 -12.80 -25.49
N PHE W 78 -74.31 -13.91 -26.17
CA PHE W 78 -73.79 -14.06 -27.53
C PHE W 78 -74.63 -13.35 -28.56
N ALA W 79 -75.69 -12.68 -28.13
CA ALA W 79 -76.51 -11.87 -29.02
C ALA W 79 -76.46 -10.39 -28.70
N GLY W 80 -76.40 -10.04 -27.42
CA GLY W 80 -76.38 -8.65 -27.03
C GLY W 80 -75.25 -8.32 -26.08
N GLY W 81 -74.38 -9.29 -25.82
CA GLY W 81 -73.23 -9.02 -24.98
C GLY W 81 -73.52 -8.85 -23.51
N GLN W 82 -74.72 -9.20 -23.06
CA GLN W 82 -75.07 -9.02 -21.66
C GLN W 82 -75.83 -10.23 -21.15
N VAL W 83 -75.55 -10.59 -19.90
CA VAL W 83 -76.33 -11.62 -19.22
C VAL W 83 -77.67 -11.01 -18.80
N THR W 84 -78.73 -11.78 -18.96
CA THR W 84 -80.07 -11.31 -18.62
C THR W 84 -80.78 -12.37 -17.79
N SER W 85 -81.98 -12.02 -17.35
CA SER W 85 -82.82 -12.93 -16.59
C SER W 85 -84.11 -13.18 -17.33
N HIS W 86 -84.68 -14.35 -17.10
CA HIS W 86 -85.96 -14.71 -17.71
C HIS W 86 -86.77 -15.48 -16.68
N GLN W 87 -87.95 -14.96 -16.36
CA GLN W 87 -88.82 -15.56 -15.36
C GLN W 87 -88.08 -15.78 -14.05
N GLY W 88 -87.25 -14.80 -13.67
CA GLY W 88 -86.61 -14.81 -12.37
C GLY W 88 -85.39 -15.69 -12.25
N ILE W 89 -84.86 -16.21 -13.35
CA ILE W 89 -83.71 -17.10 -13.30
C ILE W 89 -82.64 -16.58 -14.25
N THR W 90 -81.39 -16.72 -13.84
CA THR W 90 -80.26 -16.23 -14.62
C THR W 90 -79.02 -17.04 -14.26
N TRP W 91 -77.92 -16.72 -14.94
CA TRP W 91 -76.65 -17.36 -14.65
C TRP W 91 -76.09 -16.87 -13.32
N ARG W 92 -75.31 -17.74 -12.68
CA ARG W 92 -74.70 -17.38 -11.41
C ARG W 92 -73.50 -16.45 -11.56
N ASP W 93 -72.84 -16.45 -12.71
CA ASP W 93 -71.55 -15.77 -12.85
C ASP W 93 -71.33 -15.46 -14.32
N PRO W 94 -70.40 -14.54 -14.62
CA PRO W 94 -70.13 -14.23 -16.03
C PRO W 94 -69.61 -15.43 -16.81
N VAL W 95 -69.09 -16.46 -16.14
CA VAL W 95 -68.62 -17.65 -16.82
C VAL W 95 -69.76 -18.56 -17.26
N LEU W 96 -70.99 -18.25 -16.85
CA LEU W 96 -72.17 -19.04 -17.22
C LEU W 96 -72.02 -20.48 -16.73
N SER W 97 -71.52 -20.64 -15.51
CA SER W 97 -71.31 -21.98 -14.98
C SER W 97 -72.63 -22.70 -14.73
N SER W 98 -73.62 -22.00 -14.18
CA SER W 98 -74.86 -22.64 -13.78
C SER W 98 -75.94 -21.58 -13.62
N LEU W 99 -77.18 -22.06 -13.44
CA LEU W 99 -78.35 -21.21 -13.31
C LEU W 99 -78.80 -21.14 -11.87
N ALA W 100 -79.50 -20.06 -11.55
CA ALA W 100 -80.01 -19.82 -10.20
C ALA W 100 -81.05 -18.72 -10.27
N PRO W 101 -81.91 -18.61 -9.26
CA PRO W 101 -82.84 -17.48 -9.21
C PRO W 101 -82.09 -16.18 -9.00
N VAL W 102 -82.70 -15.09 -9.47
CA VAL W 102 -82.06 -13.78 -9.49
C VAL W 102 -81.85 -13.28 -8.06
N PRO W 103 -80.77 -12.55 -7.82
CA PRO W 103 -80.60 -11.92 -6.50
C PRO W 103 -81.58 -10.78 -6.31
N ALA W 104 -81.83 -10.45 -5.04
CA ALA W 104 -82.81 -9.43 -4.70
C ALA W 104 -82.24 -8.03 -4.69
N ILE W 105 -80.93 -7.87 -4.68
CA ILE W 105 -80.33 -6.55 -4.50
C ILE W 105 -80.03 -5.88 -5.83
N GLN W 106 -79.38 -6.58 -6.75
CA GLN W 106 -79.02 -6.02 -8.05
C GLN W 106 -79.37 -7.01 -9.14
N PRO W 107 -80.66 -7.10 -9.50
CA PRO W 107 -81.06 -8.02 -10.55
C PRO W 107 -80.49 -7.60 -11.89
N PRO W 108 -80.15 -8.53 -12.76
CA PRO W 108 -79.76 -8.19 -14.11
C PRO W 108 -80.97 -7.79 -14.93
N PRO W 109 -80.77 -7.15 -16.08
CA PRO W 109 -81.92 -6.74 -16.89
C PRO W 109 -82.72 -7.94 -17.37
N VAL W 110 -84.02 -7.74 -17.52
CA VAL W 110 -84.92 -8.80 -17.96
C VAL W 110 -84.79 -8.98 -19.47
N TRP W 111 -84.71 -10.23 -19.89
CA TRP W 111 -84.56 -10.53 -21.31
C TRP W 111 -85.83 -10.21 -22.07
N ALA W 112 -85.68 -9.51 -23.19
CA ALA W 112 -86.80 -9.28 -24.10
C ALA W 112 -86.90 -10.48 -25.04
N VAL W 113 -88.07 -11.11 -25.07
CA VAL W 113 -88.20 -12.39 -25.76
C VAL W 113 -88.13 -12.19 -27.26
N ALA W 114 -87.52 -13.16 -27.94
CA ALA W 114 -87.43 -13.17 -29.40
C ALA W 114 -87.11 -14.59 -29.83
N GLU W 115 -87.17 -14.83 -31.13
CA GLU W 115 -86.94 -16.15 -31.68
C GLU W 115 -85.97 -16.07 -32.84
N ASN W 116 -85.29 -17.19 -33.10
CA ASN W 116 -84.36 -17.31 -34.22
C ASN W 116 -83.30 -16.21 -34.16
N VAL W 117 -82.71 -16.05 -32.98
CA VAL W 117 -81.72 -15.00 -32.77
C VAL W 117 -80.37 -15.49 -33.25
N PRO W 118 -79.72 -14.78 -34.18
CA PRO W 118 -78.36 -15.15 -34.56
C PRO W 118 -77.38 -14.87 -33.43
N LEU W 119 -76.35 -15.70 -33.36
CA LEU W 119 -75.40 -15.67 -32.25
C LEU W 119 -73.97 -15.65 -32.75
N ASP W 120 -73.15 -14.79 -32.15
CA ASP W 120 -71.73 -14.72 -32.43
C ASP W 120 -70.95 -14.83 -31.14
N SER W 121 -69.82 -15.53 -31.19
CA SER W 121 -68.94 -15.60 -30.02
C SER W 121 -68.33 -14.24 -29.72
N ASN W 122 -68.02 -13.46 -30.76
CA ASN W 122 -67.30 -12.21 -30.59
C ASN W 122 -68.09 -11.18 -29.80
N ASN W 123 -69.41 -11.34 -29.70
CA ASN W 123 -70.21 -10.39 -28.94
C ASN W 123 -69.94 -10.45 -27.44
N TYR W 124 -69.25 -11.48 -26.96
CA TYR W 124 -69.04 -11.68 -25.53
C TYR W 124 -67.57 -11.97 -25.30
N PRO W 125 -66.75 -10.93 -25.19
CA PRO W 125 -65.29 -11.13 -25.16
C PRO W 125 -64.82 -12.04 -24.05
N THR W 126 -65.48 -12.03 -22.90
CA THR W 126 -64.99 -12.82 -21.77
C THR W 126 -64.94 -14.30 -22.12
N TYR W 127 -65.75 -14.74 -23.09
CA TYR W 127 -65.72 -16.14 -23.47
C TYR W 127 -64.35 -16.56 -23.96
N VAL W 128 -63.81 -15.82 -24.93
CA VAL W 128 -62.51 -16.17 -25.48
C VAL W 128 -61.44 -16.06 -24.41
N LEU W 129 -61.52 -15.02 -23.58
CA LEU W 129 -60.55 -14.84 -22.51
C LEU W 129 -60.60 -15.98 -21.51
N ASN W 130 -61.71 -16.71 -21.44
CA ASN W 130 -61.82 -17.88 -20.57
C ASN W 130 -62.15 -19.11 -21.39
N LEU W 131 -61.58 -19.21 -22.59
CA LEU W 131 -61.91 -20.28 -23.50
C LEU W 131 -61.64 -21.64 -22.86
N SER W 132 -60.56 -21.75 -22.10
CA SER W 132 -60.18 -23.05 -21.55
C SER W 132 -61.26 -23.62 -20.65
N SER W 133 -62.02 -22.78 -19.96
CA SER W 133 -63.07 -23.25 -19.07
C SER W 133 -64.46 -23.20 -19.69
N MET W 134 -64.70 -22.26 -20.60
CA MET W 134 -66.01 -22.12 -21.22
C MET W 134 -66.14 -22.95 -22.50
N TRP W 135 -65.17 -23.79 -22.79
CA TRP W 135 -65.21 -24.61 -24.00
C TRP W 135 -66.48 -25.42 -24.18
N PRO W 136 -67.04 -26.08 -23.17
CA PRO W 136 -68.21 -26.93 -23.42
C PRO W 136 -69.38 -26.21 -24.04
N ILE W 137 -69.51 -24.91 -23.80
CA ILE W 137 -70.63 -24.16 -24.39
C ILE W 137 -70.59 -24.28 -25.90
N ASN W 138 -69.39 -24.28 -26.48
CA ASN W 138 -69.24 -24.34 -27.93
C ASN W 138 -70.01 -25.53 -28.50
N GLN W 139 -69.82 -26.71 -27.93
CA GLN W 139 -70.46 -27.90 -28.48
C GLN W 139 -71.98 -27.78 -28.42
N ASP W 140 -72.52 -27.47 -27.25
CA ASP W 140 -73.96 -27.45 -27.08
C ASP W 140 -74.62 -26.42 -27.96
N VAL W 141 -74.04 -25.22 -28.02
CA VAL W 141 -74.61 -24.17 -28.87
C VAL W 141 -74.65 -24.65 -30.30
N HIS W 142 -73.57 -25.28 -30.77
CA HIS W 142 -73.55 -25.81 -32.11
C HIS W 142 -74.67 -26.83 -32.30
N ILE W 143 -74.80 -27.74 -31.36
CA ILE W 143 -75.83 -28.78 -31.46
C ILE W 143 -77.21 -28.14 -31.53
N MET W 144 -77.46 -27.18 -30.64
CA MET W 144 -78.75 -26.49 -30.64
C MET W 144 -79.01 -25.85 -31.99
N THR W 145 -77.99 -25.19 -32.55
CA THR W 145 -78.14 -24.56 -33.85
C THR W 145 -78.43 -25.59 -34.92
N MET W 146 -77.69 -26.69 -34.92
CA MET W 146 -77.89 -27.71 -35.95
C MET W 146 -79.30 -28.26 -35.91
N TRP W 147 -79.93 -28.27 -34.75
CA TRP W 147 -81.30 -28.73 -34.67
C TRP W 147 -82.27 -27.62 -35.03
N ALA W 148 -82.03 -26.41 -34.52
CA ALA W 148 -82.96 -25.31 -34.76
C ALA W 148 -83.12 -25.01 -36.23
N LEU W 149 -82.09 -25.26 -37.03
CA LEU W 149 -82.12 -24.90 -38.43
C LEU W 149 -83.14 -25.66 -39.24
N SER W 150 -83.67 -26.77 -38.73
CA SER W 150 -84.49 -27.63 -39.55
C SER W 150 -85.75 -28.06 -38.82
N ASP W 151 -86.85 -28.13 -39.55
CA ASP W 151 -87.98 -28.91 -39.10
C ASP W 151 -87.69 -30.39 -39.35
N GLN W 152 -88.50 -31.24 -38.71
CA GLN W 152 -88.29 -32.70 -38.73
C GLN W 152 -86.88 -32.95 -38.20
N GLY W 153 -86.08 -33.80 -38.84
CA GLY W 153 -84.81 -34.22 -38.28
C GLY W 153 -83.77 -33.13 -38.27
N PRO W 154 -82.85 -33.21 -37.32
CA PRO W 154 -81.73 -32.26 -37.28
C PRO W 154 -80.80 -32.47 -38.45
N ILE W 155 -79.93 -31.50 -38.65
CA ILE W 155 -78.99 -31.49 -39.75
C ILE W 155 -77.62 -31.91 -39.25
N TYR W 156 -76.89 -32.67 -40.07
CA TYR W 156 -75.52 -33.03 -39.77
C TYR W 156 -74.77 -33.21 -41.08
N HIS W 157 -73.45 -33.31 -40.97
CA HIS W 157 -72.57 -33.22 -42.12
C HIS W 157 -71.78 -34.51 -42.31
N LEU W 158 -71.52 -34.84 -43.57
CA LEU W 158 -70.77 -36.02 -43.94
C LEU W 158 -69.62 -35.64 -44.85
N GLU W 159 -68.55 -36.43 -44.81
CA GLU W 159 -67.43 -36.23 -45.72
C GLU W 159 -66.56 -37.48 -45.72
N VAL W 160 -65.91 -37.72 -46.86
CA VAL W 160 -64.95 -38.82 -47.00
C VAL W 160 -63.75 -38.33 -47.79
N PRO W 161 -62.55 -38.48 -47.28
CA PRO W 161 -61.36 -38.04 -48.01
C PRO W 161 -60.98 -39.05 -49.09
N VAL W 162 -60.01 -38.65 -49.91
CA VAL W 162 -59.48 -39.54 -50.94
C VAL W 162 -58.43 -40.49 -50.41
N ASP W 163 -57.90 -40.23 -49.23
CA ASP W 163 -56.85 -41.03 -48.64
C ASP W 163 -57.42 -42.22 -47.88
N PRO W 164 -56.61 -43.23 -47.62
CA PRO W 164 -57.03 -44.31 -46.72
C PRO W 164 -57.02 -43.85 -45.27
N MET W 165 -57.64 -44.65 -44.42
CA MET W 165 -57.67 -44.32 -43.01
C MET W 165 -56.25 -44.38 -42.44
N PRO W 166 -55.89 -43.47 -41.55
CA PRO W 166 -54.62 -43.58 -40.86
C PRO W 166 -54.65 -44.72 -39.87
N ALA W 167 -53.45 -45.19 -39.51
CA ALA W 167 -53.35 -46.35 -38.63
C ALA W 167 -54.01 -46.08 -37.28
N ALA W 168 -53.85 -44.86 -36.77
CA ALA W 168 -54.40 -44.54 -35.46
C ALA W 168 -55.90 -44.82 -35.42
N THR W 169 -56.63 -44.32 -36.41
CA THR W 169 -58.06 -44.60 -36.47
C THR W 169 -58.32 -46.08 -36.58
N THR W 170 -57.52 -46.78 -37.39
CA THR W 170 -57.69 -48.21 -37.53
C THR W 170 -57.56 -48.91 -36.19
N ALA W 171 -56.52 -48.58 -35.44
CA ALA W 171 -56.35 -49.17 -34.12
C ALA W 171 -57.51 -48.79 -33.21
N ALA W 172 -57.94 -47.54 -33.24
CA ALA W 172 -59.03 -47.10 -32.38
C ALA W 172 -60.31 -47.86 -32.69
N LEU W 173 -60.63 -47.99 -33.98
CA LEU W 173 -61.86 -48.69 -34.34
C LEU W 173 -61.79 -50.16 -33.97
N MET W 174 -60.61 -50.77 -34.08
CA MET W 174 -60.48 -52.17 -33.72
C MET W 174 -60.75 -52.41 -32.24
N ALA W 175 -60.76 -51.37 -31.42
CA ALA W 175 -61.13 -51.51 -30.03
C ALA W 175 -62.61 -51.28 -29.77
N TYR W 176 -63.33 -50.70 -30.73
CA TYR W 176 -64.75 -50.41 -30.56
C TYR W 176 -65.63 -51.39 -31.33
N ILE W 177 -65.15 -52.61 -31.55
CA ILE W 177 -65.83 -53.51 -32.48
C ILE W 177 -67.26 -53.80 -32.02
N GLY W 178 -67.40 -54.41 -30.86
CA GLY W 178 -68.71 -54.88 -30.46
C GLY W 178 -69.62 -53.85 -29.85
N VAL W 179 -69.28 -52.57 -29.92
CA VAL W 179 -70.01 -51.53 -29.20
C VAL W 179 -71.27 -51.14 -29.97
N PRO W 180 -72.40 -50.96 -29.31
CA PRO W 180 -73.57 -50.40 -29.98
C PRO W 180 -73.39 -48.92 -30.26
N ILE W 181 -74.22 -48.43 -31.17
CA ILE W 181 -74.06 -47.07 -31.66
C ILE W 181 -74.25 -46.06 -30.53
N ALA W 182 -75.19 -46.34 -29.62
CA ALA W 182 -75.51 -45.38 -28.58
C ALA W 182 -74.29 -45.10 -27.70
N HIS W 183 -73.59 -46.15 -27.30
CA HIS W 183 -72.39 -45.95 -26.50
C HIS W 183 -71.35 -45.17 -27.27
N LEU W 184 -71.19 -45.47 -28.56
CA LEU W 184 -70.22 -44.74 -29.37
C LEU W 184 -70.54 -43.26 -29.40
N ALA W 185 -71.83 -42.94 -29.56
CA ALA W 185 -72.22 -41.53 -29.63
C ALA W 185 -71.85 -40.80 -28.35
N GLN W 186 -71.98 -41.48 -27.20
CA GLN W 186 -71.63 -40.84 -25.94
C GLN W 186 -70.17 -40.44 -25.93
N THR W 187 -69.28 -41.35 -26.33
CA THR W 187 -67.86 -41.06 -26.29
C THR W 187 -67.52 -39.86 -27.17
N ALA W 188 -68.09 -39.81 -28.37
CA ALA W 188 -67.84 -38.67 -29.25
C ALA W 188 -68.32 -37.39 -28.59
N TYR W 189 -69.52 -37.40 -28.02
CA TYR W 189 -70.02 -36.24 -27.31
C TYR W 189 -69.14 -35.92 -26.12
N ARG W 190 -68.74 -36.96 -25.37
CA ARG W 190 -67.87 -36.74 -24.22
C ARG W 190 -66.54 -36.17 -24.64
N PHE W 191 -65.99 -36.66 -25.76
CA PHE W 191 -64.67 -36.23 -26.19
C PHE W 191 -64.64 -34.73 -26.47
N ALA W 192 -65.43 -34.28 -27.44
CA ALA W 192 -65.37 -32.89 -27.86
C ALA W 192 -65.92 -31.94 -26.82
N GLY W 193 -66.58 -32.44 -25.79
CA GLY W 193 -67.31 -31.56 -24.91
C GLY W 193 -66.52 -30.87 -23.81
N GLN W 194 -65.51 -31.53 -23.25
CA GLN W 194 -65.03 -31.12 -21.95
C GLN W 194 -63.74 -30.31 -21.98
N LEU W 195 -63.04 -30.22 -23.10
CA LEU W 195 -61.82 -29.41 -23.13
C LEU W 195 -61.48 -29.12 -24.58
N PRO W 196 -60.86 -27.98 -24.87
CA PRO W 196 -60.57 -27.62 -26.26
C PRO W 196 -59.66 -28.63 -26.93
N GLN W 197 -59.88 -28.85 -28.21
CA GLN W 197 -59.08 -29.77 -29.00
C GLN W 197 -58.81 -29.18 -30.38
N SER W 198 -57.74 -29.58 -30.95
CA SER W 198 -57.48 -29.11 -32.30
C SER W 198 -58.13 -30.03 -33.32
N PRO W 199 -58.54 -29.50 -34.47
CA PRO W 199 -59.12 -30.37 -35.50
C PRO W 199 -58.16 -31.40 -36.03
N ASP W 200 -56.86 -31.16 -35.89
CA ASP W 200 -55.85 -32.12 -36.32
C ASP W 200 -55.52 -33.09 -35.18
N SER W 201 -56.57 -33.74 -34.68
CA SER W 201 -56.44 -34.73 -33.61
C SER W 201 -57.01 -36.04 -34.09
N THR W 202 -56.43 -37.13 -33.59
CA THR W 202 -56.77 -38.46 -34.08
C THR W 202 -58.24 -38.77 -33.88
N MET W 203 -58.79 -38.43 -32.70
CA MET W 203 -60.19 -38.72 -32.44
C MET W 203 -61.09 -38.02 -33.44
N VAL W 204 -60.76 -36.79 -33.80
CA VAL W 204 -61.59 -36.04 -34.74
C VAL W 204 -61.71 -36.80 -36.04
N SER W 205 -60.58 -37.23 -36.59
CA SER W 205 -60.61 -38.04 -37.80
C SER W 205 -61.36 -39.34 -37.56
N THR W 206 -61.17 -39.95 -36.40
CA THR W 206 -61.83 -41.21 -36.10
C THR W 206 -63.34 -41.05 -36.16
N ILE W 207 -63.89 -40.06 -35.45
CA ILE W 207 -65.33 -39.88 -35.44
C ILE W 207 -65.82 -39.52 -36.84
N ARG W 208 -65.03 -38.74 -37.58
CA ARG W 208 -65.41 -38.39 -38.93
C ARG W 208 -65.64 -39.64 -39.77
N TRP W 209 -64.74 -40.61 -39.66
CA TRP W 209 -64.92 -41.86 -40.39
C TRP W 209 -66.17 -42.60 -39.93
N LEU W 210 -66.42 -42.61 -38.62
CA LEU W 210 -67.57 -43.34 -38.09
C LEU W 210 -68.86 -42.86 -38.73
N SER W 211 -69.06 -41.54 -38.76
CA SER W 211 -70.26 -41.00 -39.37
C SER W 211 -70.38 -41.45 -40.81
N ALA W 212 -69.27 -41.44 -41.54
CA ALA W 212 -69.30 -41.90 -42.92
C ALA W 212 -69.71 -43.36 -43.00
N ILE W 213 -69.08 -44.22 -42.20
CA ILE W 213 -69.37 -45.64 -42.25
C ILE W 213 -70.82 -45.89 -41.86
N TRP W 214 -71.29 -45.21 -40.83
CA TRP W 214 -72.67 -45.40 -40.40
C TRP W 214 -73.64 -45.11 -41.54
N PHE W 215 -73.46 -43.97 -42.21
CA PHE W 215 -74.34 -43.64 -43.31
C PHE W 215 -74.22 -44.65 -44.44
N GLY W 216 -72.99 -45.04 -44.78
CA GLY W 216 -72.80 -45.99 -45.86
C GLY W 216 -73.50 -47.30 -45.60
N SER W 217 -73.41 -47.79 -44.37
CA SER W 217 -74.13 -49.00 -43.99
C SER W 217 -75.63 -48.73 -43.92
N LEU W 218 -76.01 -47.54 -43.46
CA LEU W 218 -77.43 -47.21 -43.39
C LEU W 218 -78.09 -47.32 -44.76
N THR W 219 -77.41 -46.80 -45.78
CA THR W 219 -77.89 -46.94 -47.14
C THR W 219 -77.74 -48.36 -47.67
N GLY W 220 -77.07 -49.23 -46.94
CA GLY W 220 -76.88 -50.59 -47.36
C GLY W 220 -75.76 -50.81 -48.35
N ARG W 221 -75.06 -49.76 -48.75
CA ARG W 221 -73.92 -49.94 -49.63
C ARG W 221 -72.80 -50.70 -48.92
N LEU W 222 -72.58 -50.43 -47.65
CA LEU W 222 -71.57 -51.14 -46.86
C LEU W 222 -72.22 -52.33 -46.18
N ASN W 223 -71.71 -53.52 -46.44
CA ASN W 223 -72.32 -54.75 -45.94
C ASN W 223 -71.24 -55.74 -45.58
N ARG W 224 -71.67 -56.94 -45.19
CA ARG W 224 -70.73 -58.04 -45.02
C ARG W 224 -69.98 -58.30 -46.32
N SER W 225 -70.64 -58.10 -47.46
CA SER W 225 -69.99 -58.32 -48.74
C SER W 225 -68.98 -57.23 -49.05
N ARG W 226 -69.33 -55.98 -48.77
CA ARG W 226 -68.53 -54.85 -49.16
C ARG W 226 -68.38 -53.90 -47.98
N THR W 227 -67.14 -53.53 -47.68
CA THR W 227 -66.85 -52.80 -46.45
C THR W 227 -65.85 -51.68 -46.72
N CYS W 228 -65.77 -50.78 -45.76
CA CYS W 228 -64.75 -49.74 -45.75
C CYS W 228 -63.59 -50.20 -44.87
N ASN W 229 -62.49 -50.60 -45.51
CA ASN W 229 -61.29 -51.03 -44.81
C ASN W 229 -61.57 -52.15 -43.82
N GLY W 230 -62.63 -52.92 -44.04
CA GLY W 230 -62.98 -54.02 -43.17
C GLY W 230 -64.09 -53.72 -42.19
N PHE W 231 -64.46 -52.46 -42.02
CA PHE W 231 -65.47 -52.07 -41.05
C PHE W 231 -66.82 -51.85 -41.72
N TYR W 232 -67.88 -52.05 -40.94
CA TYR W 232 -69.25 -51.81 -41.37
C TYR W 232 -70.15 -52.02 -40.16
N PHE W 233 -71.36 -51.48 -40.25
CA PHE W 233 -72.34 -51.60 -39.18
C PHE W 233 -73.32 -52.71 -39.48
N GLU W 234 -73.89 -53.28 -38.43
CA GLU W 234 -74.91 -54.30 -38.55
C GLU W 234 -76.17 -53.85 -37.85
N PHE W 235 -77.31 -54.00 -38.52
CA PHE W 235 -78.59 -53.55 -38.01
C PHE W 235 -79.41 -54.73 -37.51
N ALA W 236 -80.18 -54.48 -36.45
CA ALA W 236 -80.99 -55.52 -35.85
C ALA W 236 -82.15 -55.90 -36.76
N LYS W 237 -82.79 -57.01 -36.43
CA LYS W 237 -83.88 -57.51 -37.26
C LYS W 237 -85.09 -56.60 -37.15
N PRO W 238 -85.74 -56.25 -38.26
CA PRO W 238 -86.99 -55.49 -38.17
C PRO W 238 -88.09 -56.28 -37.50
N ALA W 239 -87.99 -57.61 -37.49
CA ALA W 239 -89.03 -58.42 -36.88
C ALA W 239 -89.11 -58.21 -35.37
N LEU W 240 -88.04 -57.77 -34.74
CA LEU W 240 -88.06 -57.52 -33.30
C LEU W 240 -87.90 -56.05 -32.97
N ASN W 241 -86.78 -55.45 -33.32
CA ASN W 241 -86.55 -54.03 -33.07
C ASN W 241 -85.40 -53.53 -33.93
N PRO W 242 -85.67 -52.99 -35.12
CA PRO W 242 -84.58 -52.54 -35.98
C PRO W 242 -83.86 -51.31 -35.47
N ASP W 243 -84.35 -50.65 -34.42
CA ASP W 243 -83.74 -49.41 -33.93
C ASP W 243 -82.51 -49.70 -33.09
N GLN W 244 -81.52 -50.34 -33.72
CA GLN W 244 -80.29 -50.70 -33.04
C GLN W 244 -79.26 -51.11 -34.08
N ALA W 245 -78.00 -50.74 -33.85
CA ALA W 245 -76.92 -51.12 -34.74
C ALA W 245 -75.62 -51.16 -33.96
N VAL W 246 -74.72 -52.05 -34.38
CA VAL W 246 -73.42 -52.21 -33.76
C VAL W 246 -72.35 -52.26 -34.84
N LEU W 247 -71.11 -52.02 -34.43
CA LEU W 247 -69.99 -52.03 -35.34
C LEU W 247 -69.52 -53.46 -35.59
N LYS W 248 -68.93 -53.67 -36.77
CA LYS W 248 -68.40 -54.99 -37.13
C LYS W 248 -67.17 -54.81 -38.00
N TRP W 249 -66.32 -55.83 -37.99
CA TRP W 249 -65.15 -55.87 -38.85
C TRP W 249 -65.07 -57.25 -39.49
N ASN W 250 -64.64 -57.31 -40.75
CA ASN W 250 -64.94 -58.49 -41.54
C ASN W 250 -63.91 -58.68 -42.64
N ASP W 251 -63.91 -59.89 -43.21
CA ASP W 251 -63.06 -60.26 -44.34
C ASP W 251 -63.52 -59.65 -45.66
N GLY W 252 -64.67 -59.02 -45.69
CA GLY W 252 -65.28 -58.67 -46.97
C GLY W 252 -64.40 -57.79 -47.83
N ALA W 253 -64.69 -57.81 -49.12
CA ALA W 253 -63.95 -56.98 -50.06
C ALA W 253 -64.02 -55.52 -49.65
N ARG W 254 -62.89 -54.83 -49.72
CA ARG W 254 -62.80 -53.45 -49.27
C ARG W 254 -63.18 -52.53 -50.41
N ALA W 255 -64.04 -51.55 -50.11
CA ALA W 255 -64.45 -50.58 -51.12
C ALA W 255 -63.30 -49.66 -51.48
N ALA W 256 -63.27 -49.26 -52.74
CA ALA W 256 -62.23 -48.36 -53.22
C ALA W 256 -62.53 -46.92 -52.82
N PRO W 257 -61.50 -46.09 -52.67
CA PRO W 257 -61.73 -44.69 -52.31
C PRO W 257 -62.39 -43.95 -53.46
N PRO W 258 -63.13 -42.89 -53.16
CA PRO W 258 -63.81 -42.15 -54.22
C PRO W 258 -62.83 -41.42 -55.12
N ALA W 259 -63.28 -41.14 -56.35
CA ALA W 259 -62.45 -40.43 -57.29
C ALA W 259 -62.08 -39.04 -56.79
N ALA W 260 -63.00 -38.38 -56.10
CA ALA W 260 -62.73 -37.08 -55.50
C ALA W 260 -63.43 -37.02 -54.15
N ALA W 261 -62.93 -36.14 -53.29
CA ALA W 261 -63.48 -36.02 -51.94
C ALA W 261 -64.97 -35.71 -51.99
N GLN W 262 -65.74 -36.42 -51.20
CA GLN W 262 -67.18 -36.28 -51.15
C GLN W 262 -67.61 -35.72 -49.81
N SER W 263 -68.65 -34.88 -49.84
CA SER W 263 -69.17 -34.29 -48.62
C SER W 263 -70.56 -33.73 -48.90
N SER W 264 -71.39 -33.71 -47.86
CA SER W 264 -72.73 -33.15 -47.97
C SER W 264 -73.32 -33.02 -46.57
N TYR W 265 -74.44 -32.32 -46.50
CA TYR W 265 -75.24 -32.23 -45.28
C TYR W 265 -76.44 -33.14 -45.38
N MET W 266 -76.93 -33.60 -44.23
CA MET W 266 -77.98 -34.59 -44.17
C MET W 266 -79.00 -34.23 -43.11
N ARG W 267 -80.20 -34.76 -43.27
CA ARG W 267 -81.24 -34.68 -42.24
C ARG W 267 -82.33 -35.68 -42.58
N CYS W 268 -83.08 -36.08 -41.56
CA CYS W 268 -84.23 -36.95 -41.78
C CYS W 268 -85.45 -36.10 -42.11
N ILE W 269 -86.13 -36.45 -43.20
CA ILE W 269 -87.24 -35.63 -43.68
C ILE W 269 -88.56 -35.98 -43.04
N SER W 270 -88.62 -37.03 -42.22
CA SER W 270 -89.88 -37.52 -41.70
C SER W 270 -89.87 -37.52 -40.17
N PRO W 271 -91.04 -37.39 -39.53
CA PRO W 271 -91.06 -37.25 -38.07
C PRO W 271 -90.58 -38.48 -37.31
N HIS W 272 -90.30 -39.59 -37.98
CA HIS W 272 -89.91 -40.80 -37.27
C HIS W 272 -88.68 -40.58 -36.39
N TRP W 273 -87.83 -39.63 -36.76
CA TRP W 273 -86.59 -39.44 -36.04
C TRP W 273 -86.82 -39.11 -34.57
N GLN W 274 -87.94 -38.47 -34.24
CA GLN W 274 -88.17 -38.01 -32.88
C GLN W 274 -88.19 -39.17 -31.88
N HIS W 275 -88.43 -40.39 -32.34
CA HIS W 275 -88.56 -41.54 -31.45
C HIS W 275 -87.76 -42.70 -31.99
N GLN W 276 -86.55 -42.44 -32.46
CA GLN W 276 -85.74 -43.47 -33.10
C GLN W 276 -84.28 -43.22 -32.73
N ILE W 277 -83.73 -44.12 -31.91
CA ILE W 277 -82.47 -43.81 -31.23
C ILE W 277 -81.31 -43.74 -32.22
N VAL W 278 -81.33 -44.58 -33.26
CA VAL W 278 -80.20 -44.59 -34.19
C VAL W 278 -80.07 -43.25 -34.90
N GLU W 279 -81.21 -42.62 -35.20
CA GLU W 279 -81.16 -41.30 -35.81
C GLU W 279 -80.57 -40.28 -34.86
N VAL W 280 -81.06 -40.27 -33.62
CA VAL W 280 -80.58 -39.29 -32.65
C VAL W 280 -79.10 -39.48 -32.40
N ALA W 281 -78.68 -40.72 -32.16
CA ALA W 281 -77.28 -40.98 -31.90
C ALA W 281 -76.42 -40.62 -33.10
N GLY W 282 -76.85 -41.02 -34.30
CA GLY W 282 -76.08 -40.71 -35.49
C GLY W 282 -75.91 -39.23 -35.69
N ALA W 283 -76.99 -38.47 -35.51
CA ALA W 283 -76.91 -37.02 -35.68
C ALA W 283 -75.97 -36.42 -34.66
N LEU W 284 -76.15 -36.77 -33.38
CA LEU W 284 -75.30 -36.19 -32.34
C LEU W 284 -73.84 -36.54 -32.57
N MET W 285 -73.56 -37.79 -32.94
CA MET W 285 -72.20 -38.18 -33.23
C MET W 285 -71.61 -37.33 -34.35
N SER W 286 -72.34 -37.21 -35.46
CA SER W 286 -71.84 -36.44 -36.59
C SER W 286 -71.71 -34.97 -36.23
N GLN W 287 -72.70 -34.42 -35.52
CA GLN W 287 -72.65 -33.01 -35.16
C GLN W 287 -71.45 -32.72 -34.27
N SER W 288 -70.97 -33.72 -33.53
CA SER W 288 -69.83 -33.50 -32.65
C SER W 288 -68.61 -33.11 -33.46
N VAL W 289 -68.40 -33.73 -34.62
CA VAL W 289 -67.25 -33.40 -35.45
C VAL W 289 -67.29 -31.93 -35.85
N THR W 290 -68.43 -31.49 -36.39
CA THR W 290 -68.54 -30.10 -36.81
C THR W 290 -68.37 -29.15 -35.65
N ALA W 291 -68.72 -29.58 -34.43
CA ALA W 291 -68.57 -28.72 -33.27
C ALA W 291 -67.11 -28.35 -33.05
N VAL W 292 -66.20 -29.33 -33.20
CA VAL W 292 -64.81 -29.05 -32.91
C VAL W 292 -64.11 -28.43 -34.11
N THR W 293 -64.55 -28.74 -35.32
CA THR W 293 -63.88 -28.25 -36.52
C THR W 293 -64.61 -27.10 -37.18
N GLY W 294 -65.81 -26.76 -36.73
CA GLY W 294 -66.58 -25.72 -37.37
C GLY W 294 -67.23 -26.20 -38.66
N LEU W 295 -68.08 -25.35 -39.21
CA LEU W 295 -68.78 -25.70 -40.44
C LEU W 295 -67.84 -25.59 -41.62
N PRO W 296 -67.64 -26.65 -42.40
CA PRO W 296 -66.78 -26.53 -43.58
C PRO W 296 -67.28 -25.53 -44.60
N ALA W 297 -68.59 -25.40 -44.77
CA ALA W 297 -69.13 -24.49 -45.76
C ALA W 297 -70.57 -24.18 -45.44
N LEU W 298 -71.09 -23.13 -46.05
CA LEU W 298 -72.46 -22.72 -45.85
C LEU W 298 -73.42 -23.79 -46.37
N ILE W 299 -74.53 -23.94 -45.68
CA ILE W 299 -75.55 -24.91 -46.03
C ILE W 299 -76.48 -24.30 -47.08
N ASP W 300 -76.93 -25.14 -48.01
CA ASP W 300 -77.83 -24.68 -49.05
C ASP W 300 -79.19 -24.34 -48.46
N GLU W 301 -79.69 -23.14 -48.79
CA GLU W 301 -80.98 -22.71 -48.28
C GLU W 301 -82.15 -23.35 -49.01
N ALA W 302 -81.89 -24.06 -50.11
CA ALA W 302 -82.94 -24.37 -51.07
C ALA W 302 -84.07 -25.19 -50.49
N THR W 303 -83.82 -26.00 -49.47
CA THR W 303 -84.81 -26.95 -48.97
C THR W 303 -84.95 -26.84 -47.45
N LEU W 304 -85.07 -25.63 -46.95
CA LEU W 304 -85.11 -25.38 -45.52
C LEU W 304 -86.33 -24.55 -45.18
N PRO W 305 -86.80 -24.60 -43.93
CA PRO W 305 -87.93 -23.78 -43.52
C PRO W 305 -87.64 -22.29 -43.73
N ALA W 306 -88.71 -21.50 -43.63
CA ALA W 306 -88.63 -20.10 -43.99
C ALA W 306 -87.62 -19.35 -43.14
N TRP W 307 -87.61 -19.62 -41.83
CA TRP W 307 -86.73 -18.87 -40.96
C TRP W 307 -85.26 -19.17 -41.20
N SER W 308 -84.95 -20.27 -41.87
CA SER W 308 -83.56 -20.63 -42.14
C SER W 308 -83.00 -19.99 -43.40
N GLN W 309 -83.80 -19.20 -44.10
CA GLN W 309 -83.36 -18.64 -45.37
C GLN W 309 -82.36 -17.53 -45.13
N GLY W 310 -81.13 -17.73 -45.58
CA GLY W 310 -80.12 -16.70 -45.53
C GLY W 310 -79.66 -16.30 -44.14
N VAL W 311 -79.45 -17.27 -43.26
CA VAL W 311 -78.91 -16.97 -41.94
C VAL W 311 -77.42 -16.72 -42.06
N ALA W 312 -76.97 -15.59 -41.49
CA ALA W 312 -75.58 -15.21 -41.60
C ALA W 312 -74.67 -16.28 -41.00
N ASN W 313 -73.57 -16.55 -41.70
CA ASN W 313 -72.53 -17.51 -41.30
C ASN W 313 -73.04 -18.94 -41.28
N LEU W 314 -74.30 -19.20 -41.60
CA LEU W 314 -74.82 -20.55 -41.54
C LEU W 314 -75.37 -21.04 -42.87
N THR W 315 -76.22 -20.25 -43.52
CA THR W 315 -76.88 -20.69 -44.74
C THR W 315 -76.56 -19.71 -45.86
N GLY W 316 -76.59 -20.23 -47.10
CA GLY W 316 -76.29 -19.41 -48.25
C GLY W 316 -76.82 -20.05 -49.50
N ASN W 317 -76.74 -19.29 -50.60
CA ASN W 317 -77.13 -19.79 -51.91
C ASN W 317 -76.09 -19.49 -52.98
N GLY W 318 -74.89 -19.06 -52.58
CA GLY W 318 -73.86 -18.69 -53.52
C GLY W 318 -73.08 -19.89 -54.03
N GLN W 319 -71.89 -19.60 -54.53
CA GLN W 319 -71.06 -20.64 -55.13
C GLN W 319 -70.50 -21.58 -54.06
N GLY W 320 -69.96 -21.03 -52.98
CA GLY W 320 -69.36 -21.84 -51.95
C GLY W 320 -70.37 -22.44 -51.01
N VAL W 321 -71.30 -23.23 -51.55
CA VAL W 321 -72.43 -23.76 -50.80
C VAL W 321 -72.50 -25.26 -51.01
N VAL W 322 -72.63 -26.00 -49.92
CA VAL W 322 -72.74 -27.46 -49.96
C VAL W 322 -74.21 -27.83 -49.91
N PRO W 323 -74.70 -28.68 -50.81
CA PRO W 323 -76.10 -29.08 -50.76
C PRO W 323 -76.38 -29.97 -49.56
N CYS W 324 -77.65 -29.96 -49.14
CA CYS W 324 -78.11 -30.79 -48.05
C CYS W 324 -79.15 -31.77 -48.58
N LEU W 325 -78.95 -33.05 -48.30
CA LEU W 325 -79.89 -34.08 -48.71
C LEU W 325 -80.73 -34.53 -47.53
N ASP W 326 -81.78 -35.27 -47.83
CA ASP W 326 -82.70 -35.76 -46.82
C ASP W 326 -83.34 -37.04 -47.30
N TYR W 327 -83.91 -37.79 -46.35
CA TYR W 327 -84.43 -39.10 -46.66
C TYR W 327 -85.54 -39.46 -45.69
N ASN W 328 -86.33 -40.45 -46.07
CA ASN W 328 -87.33 -41.05 -45.21
C ASN W 328 -86.88 -42.46 -44.88
N PRO W 329 -86.97 -42.86 -43.60
CA PRO W 329 -86.43 -44.18 -43.24
C PRO W 329 -87.06 -45.33 -44.00
N VAL W 330 -88.35 -45.29 -44.27
CA VAL W 330 -89.01 -46.43 -44.90
C VAL W 330 -88.47 -46.64 -46.32
N PRO W 331 -88.50 -45.65 -47.21
CA PRO W 331 -87.86 -45.87 -48.51
C PRO W 331 -86.39 -46.20 -48.38
N MET W 332 -85.72 -45.59 -47.41
CA MET W 332 -84.31 -45.92 -47.18
C MET W 332 -84.15 -47.39 -46.84
N ALA W 333 -85.03 -47.92 -45.99
CA ALA W 333 -84.96 -49.33 -45.64
C ALA W 333 -85.16 -50.20 -46.87
N ALA W 334 -86.12 -49.84 -47.71
CA ALA W 334 -86.35 -50.61 -48.94
C ALA W 334 -85.11 -50.62 -49.80
N ALA W 335 -84.46 -49.46 -49.95
CA ALA W 335 -83.24 -49.40 -50.73
C ALA W 335 -82.16 -50.28 -50.12
N ARG W 336 -82.02 -50.23 -48.79
CA ARG W 336 -81.00 -51.03 -48.14
C ARG W 336 -81.24 -52.52 -48.38
N HIS W 337 -82.50 -52.94 -48.26
CA HIS W 337 -82.82 -54.33 -48.52
C HIS W 337 -82.54 -54.70 -49.97
N LEU W 338 -82.88 -53.82 -50.89
CA LEU W 338 -82.63 -54.10 -52.30
C LEU W 338 -81.15 -54.29 -52.56
N GLN W 339 -80.32 -53.43 -51.99
CA GLN W 339 -78.88 -53.58 -52.16
C GLN W 339 -78.40 -54.92 -51.61
N TRP W 340 -78.98 -55.36 -50.50
CA TRP W 340 -78.59 -56.64 -49.94
C TRP W 340 -78.88 -57.77 -50.91
N ARG W 341 -80.05 -57.76 -51.55
CA ARG W 341 -80.36 -58.81 -52.50
C ARG W 341 -79.41 -58.78 -53.68
N GLN W 342 -79.13 -57.58 -54.20
CA GLN W 342 -78.21 -57.48 -55.33
C GLN W 342 -76.82 -57.94 -54.95
N ASP W 343 -76.39 -57.63 -53.72
CA ASP W 343 -75.13 -58.19 -53.23
C ASP W 343 -75.22 -59.68 -52.98
N GLY W 344 -76.42 -60.26 -53.01
CA GLY W 344 -76.56 -61.68 -52.80
C GLY W 344 -76.63 -62.10 -51.36
N LEU W 345 -76.75 -61.16 -50.42
CA LEU W 345 -76.85 -61.54 -49.01
C LEU W 345 -78.17 -62.23 -48.71
N ILE W 346 -79.23 -61.88 -49.44
CA ILE W 346 -80.58 -62.39 -49.17
C ILE W 346 -81.25 -62.76 -50.48
N THR W 347 -82.36 -63.48 -50.35
CA THR W 347 -83.18 -63.85 -51.49
C THR W 347 -84.30 -62.83 -51.69
N ALA W 348 -84.94 -62.90 -52.86
CA ALA W 348 -86.04 -61.99 -53.15
C ALA W 348 -87.18 -62.19 -52.17
N ALA W 349 -87.45 -63.44 -51.80
CA ALA W 349 -88.54 -63.70 -50.84
C ALA W 349 -88.28 -63.00 -49.52
N GLN W 350 -87.04 -63.05 -49.04
CA GLN W 350 -86.70 -62.39 -47.79
C GLN W 350 -86.85 -60.88 -47.92
N GLU W 351 -86.42 -60.31 -49.04
CA GLU W 351 -86.50 -58.87 -49.21
C GLU W 351 -87.93 -58.39 -49.09
N ALA W 352 -88.88 -59.10 -49.69
CA ALA W 352 -90.27 -58.75 -49.54
C ALA W 352 -90.70 -58.84 -48.08
N GLN W 353 -90.26 -59.89 -47.38
CA GLN W 353 -90.61 -60.03 -45.98
C GLN W 353 -90.04 -58.88 -45.16
N LEU W 354 -88.78 -58.51 -45.41
CA LEU W 354 -88.17 -57.44 -44.64
C LEU W 354 -88.92 -56.13 -44.82
N ASN W 355 -89.33 -55.83 -46.05
CA ASN W 355 -90.09 -54.61 -46.28
C ASN W 355 -91.38 -54.61 -45.47
N ASN W 356 -92.07 -55.76 -45.44
CA ASN W 356 -93.31 -55.83 -44.69
C ASN W 356 -93.07 -55.59 -43.21
N ASP W 357 -92.02 -56.18 -42.65
CA ASP W 357 -91.74 -56.03 -41.23
C ASP W 357 -91.40 -54.58 -40.90
N TYR W 358 -90.48 -53.99 -41.67
CA TYR W 358 -90.06 -52.63 -41.35
C TYR W 358 -91.22 -51.66 -41.46
N THR W 359 -92.03 -51.79 -42.51
CA THR W 359 -93.19 -50.94 -42.65
C THR W 359 -94.11 -51.08 -41.46
N ALA W 360 -94.36 -52.31 -41.02
CA ALA W 360 -95.18 -52.52 -39.84
C ALA W 360 -94.55 -51.86 -38.63
N TYR W 361 -93.24 -52.02 -38.47
CA TYR W 361 -92.56 -51.40 -37.34
C TYR W 361 -92.70 -49.89 -37.37
N ALA W 362 -92.44 -49.29 -38.53
CA ALA W 362 -92.53 -47.83 -38.64
C ALA W 362 -93.94 -47.35 -38.34
N LEU W 363 -94.94 -48.13 -38.71
CA LEU W 363 -96.32 -47.72 -38.48
C LEU W 363 -96.58 -47.50 -37.00
N THR W 364 -96.04 -48.37 -36.15
CA THR W 364 -96.22 -48.20 -34.72
C THR W 364 -95.61 -46.88 -34.26
N ILE W 365 -94.41 -46.56 -34.74
CA ILE W 365 -93.77 -45.31 -34.37
C ILE W 365 -94.66 -44.13 -34.75
N GLU W 366 -95.14 -44.12 -36.00
CA GLU W 366 -96.04 -43.06 -36.41
C GLU W 366 -97.28 -43.04 -35.54
N ARG W 367 -97.87 -44.21 -35.29
CA ARG W 367 -99.08 -44.27 -34.49
C ARG W 367 -98.83 -43.75 -33.08
N HIS W 368 -97.70 -44.11 -32.50
CA HIS W 368 -97.38 -43.63 -31.15
C HIS W 368 -97.21 -42.12 -31.13
N LEU W 369 -96.42 -41.59 -32.07
CA LEU W 369 -96.13 -40.16 -32.06
C LEU W 369 -97.38 -39.34 -32.29
N THR W 370 -98.17 -39.70 -33.31
CA THR W 370 -99.34 -38.89 -33.63
C THR W 370 -100.31 -38.85 -32.47
N ALA W 371 -100.46 -39.96 -31.75
CA ALA W 371 -101.28 -39.95 -30.54
C ALA W 371 -100.62 -39.12 -29.45
N MET W 372 -99.30 -39.09 -29.42
CA MET W 372 -98.62 -38.34 -28.38
C MET W 372 -98.78 -36.83 -28.57
N LEU W 373 -98.83 -36.37 -29.82
CA LEU W 373 -98.93 -34.94 -30.07
C LEU W 373 -100.22 -34.37 -29.52
N VAL W 374 -101.35 -35.01 -29.82
CA VAL W 374 -102.62 -34.53 -29.31
C VAL W 374 -102.65 -34.60 -27.79
N ALA W 375 -101.86 -35.49 -27.21
CA ALA W 375 -101.75 -35.53 -25.76
C ALA W 375 -100.94 -34.36 -25.22
N ASN W 376 -100.13 -33.72 -26.05
CA ASN W 376 -99.30 -32.60 -25.62
C ASN W 376 -99.39 -31.49 -26.66
N PRO W 377 -100.54 -30.84 -26.76
CA PRO W 377 -100.68 -29.75 -27.73
C PRO W 377 -99.69 -28.64 -27.41
N ILE W 378 -99.13 -28.06 -28.48
CA ILE W 378 -98.09 -27.05 -28.30
C ILE W 378 -98.64 -25.79 -27.65
N ALA W 379 -99.95 -25.58 -27.71
CA ALA W 379 -100.54 -24.43 -27.05
C ALA W 379 -100.45 -24.52 -25.53
N ALA W 380 -100.09 -25.68 -24.99
CA ALA W 380 -99.97 -25.84 -23.56
C ALA W 380 -98.77 -25.09 -22.98
N GLY W 381 -97.89 -24.56 -23.81
CA GLY W 381 -96.79 -23.76 -23.36
C GLY W 381 -95.44 -24.48 -23.31
N ARG W 382 -95.43 -25.79 -23.50
CA ARG W 382 -94.18 -26.53 -23.56
C ARG W 382 -94.25 -27.48 -24.75
N MET W 383 -93.11 -27.70 -25.39
CA MET W 383 -93.04 -28.53 -26.59
C MET W 383 -92.21 -29.77 -26.30
N PRO W 384 -92.83 -30.87 -25.85
CA PRO W 384 -92.05 -32.10 -25.67
C PRO W 384 -91.73 -32.77 -26.99
N ILE W 385 -92.55 -32.59 -28.02
CA ILE W 385 -92.28 -33.17 -29.34
C ILE W 385 -92.55 -32.11 -30.40
N GLN W 386 -91.73 -32.11 -31.43
CA GLN W 386 -91.88 -31.14 -32.50
C GLN W 386 -93.18 -31.38 -33.26
N PRO W 387 -93.93 -30.32 -33.57
CA PRO W 387 -95.20 -30.51 -34.27
C PRO W 387 -94.99 -31.00 -35.69
N PHE W 388 -96.03 -31.62 -36.23
CA PHE W 388 -96.00 -32.15 -37.59
C PHE W 388 -97.42 -32.38 -38.06
N ASN W 389 -97.53 -32.70 -39.35
CA ASN W 389 -98.81 -33.06 -39.94
C ASN W 389 -98.78 -34.52 -40.38
N ALA W 390 -99.96 -35.10 -40.55
CA ALA W 390 -100.05 -36.52 -40.84
C ALA W 390 -99.34 -36.88 -42.13
N ALA W 391 -99.43 -36.00 -43.14
CA ALA W 391 -98.79 -36.29 -44.42
C ALA W 391 -97.28 -36.34 -44.32
N ASP W 392 -96.68 -35.78 -43.26
CA ASP W 392 -95.24 -35.74 -43.15
C ASP W 392 -94.62 -37.13 -43.09
N PHE W 393 -95.39 -38.14 -42.69
CA PHE W 393 -94.85 -39.49 -42.64
C PHE W 393 -94.71 -40.12 -44.02
N GLY W 394 -95.35 -39.55 -45.03
CA GLY W 394 -95.33 -40.12 -46.37
C GLY W 394 -94.34 -39.52 -47.33
N GLN W 395 -93.61 -38.49 -46.94
CA GLN W 395 -92.69 -37.84 -47.86
C GLN W 395 -91.52 -38.75 -48.18
N ALA W 396 -91.22 -38.88 -49.47
CA ALA W 396 -90.03 -39.62 -49.88
C ALA W 396 -88.77 -38.76 -49.82
N GLY W 397 -88.92 -37.44 -49.88
CA GLY W 397 -87.77 -36.56 -49.80
C GLY W 397 -86.80 -36.81 -50.93
N GLN W 398 -85.52 -36.57 -50.64
CA GLN W 398 -84.45 -36.77 -51.60
C GLN W 398 -83.78 -38.13 -51.45
N THR W 399 -84.54 -39.14 -51.05
CA THR W 399 -83.93 -40.43 -50.71
C THR W 399 -83.13 -41.00 -51.87
N ALA W 400 -83.67 -40.88 -53.09
CA ALA W 400 -82.96 -41.40 -54.25
C ALA W 400 -81.59 -40.75 -54.39
N ALA W 401 -81.51 -39.44 -54.21
CA ALA W 401 -80.23 -38.76 -54.26
C ALA W 401 -79.31 -39.26 -53.16
N ALA W 402 -79.87 -39.52 -51.98
CA ALA W 402 -79.04 -39.94 -50.84
C ALA W 402 -78.29 -41.22 -51.15
N VAL W 403 -79.01 -42.24 -51.61
CA VAL W 403 -78.34 -43.51 -51.91
C VAL W 403 -77.36 -43.33 -53.06
N ALA W 404 -77.66 -42.42 -53.99
CA ALA W 404 -76.71 -42.12 -55.05
C ALA W 404 -75.41 -41.56 -54.48
N LEU W 405 -75.51 -40.73 -53.46
CA LEU W 405 -74.31 -40.19 -52.84
C LEU W 405 -73.47 -41.30 -52.25
N ALA W 406 -74.10 -42.22 -51.50
CA ALA W 406 -73.37 -43.36 -50.96
C ALA W 406 -72.77 -44.20 -52.09
N GLN W 407 -73.50 -44.30 -53.20
CA GLN W 407 -72.96 -44.99 -54.37
C GLN W 407 -71.64 -44.37 -54.79
N ALA W 408 -71.61 -43.04 -54.88
CA ALA W 408 -70.38 -42.34 -55.23
C ALA W 408 -69.40 -42.25 -54.08
N MET W 409 -69.89 -42.36 -52.85
CA MET W 409 -69.00 -42.22 -51.70
C MET W 409 -68.16 -43.45 -51.44
N PHE W 410 -68.70 -44.64 -51.68
CA PHE W 410 -67.98 -45.90 -51.47
C PHE W 410 -68.03 -46.66 -52.78
N VAL W 411 -67.07 -46.38 -53.65
CA VAL W 411 -67.01 -47.05 -54.94
C VAL W 411 -66.28 -48.38 -54.79
N ALA X 1 -68.02 -120.48 -77.84
CA ALA X 1 -66.82 -119.79 -78.29
C ALA X 1 -66.69 -119.87 -79.80
N GLN X 2 -66.00 -118.89 -80.38
CA GLN X 2 -65.82 -118.85 -81.83
C GLN X 2 -64.92 -119.99 -82.26
N ARG X 3 -65.38 -120.80 -83.22
CA ARG X 3 -64.71 -122.03 -83.57
C ARG X 3 -64.00 -121.99 -84.91
N GLN X 4 -64.03 -120.87 -85.61
CA GLN X 4 -63.36 -120.77 -86.90
C GLN X 4 -62.82 -119.36 -87.09
N PHE X 5 -61.67 -119.26 -87.74
CA PHE X 5 -61.09 -117.97 -88.06
C PHE X 5 -60.47 -118.02 -89.45
N PHE X 6 -60.19 -116.82 -89.98
CA PHE X 6 -59.56 -116.66 -91.28
C PHE X 6 -58.36 -115.74 -91.12
N GLY X 7 -57.50 -115.72 -92.13
CA GLY X 7 -56.32 -114.89 -92.01
C GLY X 7 -55.63 -114.72 -93.35
N LEU X 8 -54.55 -113.93 -93.32
CA LEU X 8 -53.77 -113.64 -94.51
C LEU X 8 -52.32 -113.39 -94.09
N THR X 9 -51.39 -113.89 -94.89
CA THR X 9 -49.99 -113.74 -94.56
C THR X 9 -49.44 -112.42 -95.09
N TYR X 10 -48.21 -112.12 -94.69
CA TYR X 10 -47.58 -110.86 -95.06
C TYR X 10 -47.26 -110.83 -96.55
N ASN X 11 -46.90 -109.64 -97.02
CA ASN X 11 -46.54 -109.42 -98.41
C ASN X 11 -45.06 -109.08 -98.49
N PHE X 12 -44.33 -109.82 -99.33
CA PHE X 12 -42.94 -109.48 -99.58
C PHE X 12 -42.88 -108.17 -100.35
N TYR X 13 -42.07 -107.24 -99.86
CA TYR X 13 -41.91 -105.95 -100.53
C TYR X 13 -40.90 -106.11 -101.66
N GLY X 14 -41.28 -106.91 -102.65
CA GLY X 14 -40.44 -107.20 -103.78
C GLY X 14 -39.35 -108.22 -103.53
N GLN X 15 -39.03 -108.50 -102.28
CA GLN X 15 -38.03 -109.50 -101.96
C GLN X 15 -38.58 -110.90 -102.25
N PRO X 16 -37.70 -111.87 -102.48
CA PRO X 16 -38.15 -113.21 -102.88
C PRO X 16 -38.50 -114.16 -101.74
N ALA X 17 -38.25 -113.80 -100.49
CA ALA X 17 -38.45 -114.73 -99.38
C ALA X 17 -38.90 -113.95 -98.17
N PRO X 18 -39.55 -114.60 -97.20
CA PRO X 18 -39.93 -113.90 -95.98
C PRO X 18 -38.72 -113.34 -95.27
N LEU X 19 -38.89 -112.17 -94.66
CA LEU X 19 -37.77 -111.35 -94.20
C LEU X 19 -37.53 -111.59 -92.72
N PHE X 20 -36.84 -112.68 -92.41
CA PHE X 20 -36.36 -112.95 -91.07
C PHE X 20 -35.19 -113.91 -91.17
N ASP X 21 -34.43 -114.02 -90.08
CA ASP X 21 -33.31 -114.95 -90.05
C ASP X 21 -33.49 -115.90 -88.87
N LEU X 22 -32.63 -116.91 -88.83
CA LEU X 22 -32.74 -117.92 -87.77
C LEU X 22 -32.47 -117.32 -86.41
N ASN X 23 -31.60 -116.32 -86.32
CA ASN X 23 -31.33 -115.70 -85.03
C ASN X 23 -32.58 -115.06 -84.46
N ASP X 24 -33.33 -114.33 -85.29
CA ASP X 24 -34.62 -113.82 -84.86
C ASP X 24 -35.48 -114.95 -84.32
N LEU X 25 -35.49 -116.08 -85.04
CA LEU X 25 -36.21 -117.26 -84.58
C LEU X 25 -35.62 -117.81 -83.28
N GLN X 26 -34.39 -117.44 -82.94
CA GLN X 26 -33.75 -117.97 -81.76
C GLN X 26 -33.87 -117.05 -80.55
N GLU X 27 -34.17 -115.78 -80.75
CA GLU X 27 -34.10 -114.80 -79.67
C GLU X 27 -35.48 -114.20 -79.35
N LEU X 28 -36.55 -114.97 -79.53
CA LEU X 28 -37.85 -114.50 -79.11
C LEU X 28 -37.88 -114.32 -77.60
N ALA X 29 -38.65 -113.34 -77.14
CA ALA X 29 -38.65 -112.99 -75.72
C ALA X 29 -39.42 -113.97 -74.86
N GLY X 30 -40.28 -114.80 -75.42
CA GLY X 30 -41.11 -115.70 -74.67
C GLY X 30 -40.42 -117.01 -74.37
N CYS X 31 -41.21 -118.07 -74.32
CA CYS X 31 -40.63 -119.40 -74.22
C CYS X 31 -39.85 -119.72 -75.49
N TYR X 32 -38.91 -120.64 -75.37
CA TYR X 32 -37.94 -120.88 -76.43
C TYR X 32 -38.63 -121.24 -77.74
N ALA X 33 -38.41 -120.41 -78.76
CA ALA X 33 -38.76 -120.72 -80.13
C ALA X 33 -40.26 -120.94 -80.33
N ARG X 34 -41.09 -120.27 -79.53
CA ARG X 34 -42.51 -120.29 -79.79
C ARG X 34 -43.01 -118.88 -80.00
N PRO X 35 -43.75 -118.62 -81.07
CA PRO X 35 -44.21 -117.25 -81.33
C PRO X 35 -45.46 -116.89 -80.54
N TRP X 36 -46.24 -117.87 -80.11
CA TRP X 36 -47.53 -117.58 -79.51
C TRP X 36 -47.36 -116.85 -78.19
N THR X 37 -48.37 -116.04 -77.86
CA THR X 37 -48.46 -115.28 -76.60
C THR X 37 -47.11 -114.75 -76.17
N SER X 38 -46.44 -114.05 -77.08
CA SER X 38 -45.12 -113.52 -76.83
C SER X 38 -45.00 -112.04 -77.14
N ARG X 39 -46.07 -111.39 -77.59
CA ARG X 39 -45.99 -110.03 -78.11
C ARG X 39 -45.71 -109.01 -77.03
N PHE X 40 -45.79 -109.38 -75.75
CA PHE X 40 -45.47 -108.47 -74.66
C PHE X 40 -44.38 -109.02 -73.76
N SER X 41 -43.83 -110.20 -74.06
CA SER X 41 -42.87 -110.81 -73.14
C SER X 41 -41.67 -109.92 -72.90
N HIS X 42 -41.28 -109.14 -73.89
CA HIS X 42 -40.09 -108.32 -73.74
C HIS X 42 -40.27 -107.17 -72.76
N LEU X 43 -41.46 -106.96 -72.23
CA LEU X 43 -41.64 -105.89 -71.25
C LEU X 43 -42.57 -106.30 -70.12
N ALA X 44 -42.66 -107.60 -69.82
CA ALA X 44 -43.49 -108.03 -68.70
C ALA X 44 -42.98 -107.44 -67.38
N ILE X 45 -41.67 -107.43 -67.20
CA ILE X 45 -41.03 -106.71 -66.11
C ILE X 45 -40.42 -105.45 -66.68
N SER X 46 -40.64 -104.33 -66.01
CA SER X 46 -40.21 -103.05 -66.53
C SER X 46 -39.66 -102.19 -65.41
N THR X 47 -38.85 -101.22 -65.81
CA THR X 47 -38.39 -100.17 -64.90
C THR X 47 -38.33 -98.88 -65.71
N GLY X 48 -38.78 -97.79 -65.11
CA GLY X 48 -38.78 -96.54 -65.83
C GLY X 48 -39.82 -96.51 -66.94
N SER X 49 -39.66 -95.50 -67.79
CA SER X 49 -40.59 -95.27 -68.88
C SER X 49 -39.93 -95.26 -70.25
N LEU X 50 -38.63 -95.44 -70.32
CA LEU X 50 -37.94 -95.39 -71.60
C LEU X 50 -38.39 -96.54 -72.48
N PRO X 51 -38.61 -96.30 -73.77
CA PRO X 51 -38.99 -97.39 -74.67
C PRO X 51 -37.86 -98.39 -74.80
N VAL X 52 -38.24 -99.64 -75.01
CA VAL X 52 -37.29 -100.75 -75.07
C VAL X 52 -37.05 -101.09 -76.54
N TRP X 53 -35.79 -101.01 -76.96
CA TRP X 53 -35.40 -101.38 -78.31
C TRP X 53 -33.91 -101.62 -78.32
N SER X 54 -33.43 -102.31 -79.36
CA SER X 54 -32.05 -102.73 -79.41
C SER X 54 -31.54 -102.63 -80.84
N ALA X 55 -30.31 -103.10 -81.05
CA ALA X 55 -29.66 -102.91 -82.33
C ALA X 55 -30.44 -103.59 -83.46
N ARG X 56 -30.74 -104.87 -83.30
CA ARG X 56 -31.47 -105.60 -84.32
C ARG X 56 -32.96 -105.61 -84.07
N TYR X 57 -33.42 -104.88 -83.05
CA TYR X 57 -34.84 -104.60 -82.86
C TYR X 57 -34.97 -103.13 -82.50
N PRO X 58 -34.79 -102.25 -83.48
CA PRO X 58 -34.57 -100.82 -83.19
C PRO X 58 -35.82 -99.98 -83.02
N SER X 59 -37.01 -100.56 -83.07
CA SER X 59 -38.23 -99.80 -82.90
C SER X 59 -39.19 -100.57 -82.01
N VAL X 60 -40.09 -99.84 -81.36
CA VAL X 60 -41.04 -100.48 -80.45
C VAL X 60 -41.89 -101.50 -81.20
N ALA X 61 -42.13 -101.27 -82.48
CA ALA X 61 -42.91 -102.20 -83.27
C ALA X 61 -42.07 -103.29 -83.90
N SER X 62 -40.75 -103.19 -83.83
CA SER X 62 -39.90 -104.07 -84.62
C SER X 62 -40.13 -105.53 -84.27
N ARG X 63 -40.20 -105.86 -82.98
CA ARG X 63 -40.34 -107.25 -82.59
C ARG X 63 -41.63 -107.85 -83.14
N ASN X 64 -42.75 -107.14 -83.00
CA ASN X 64 -44.01 -107.67 -83.49
C ASN X 64 -43.99 -107.82 -85.00
N ILE X 65 -43.38 -106.86 -85.70
CA ILE X 65 -43.29 -106.97 -87.15
C ILE X 65 -42.54 -108.23 -87.54
N ILE X 66 -41.40 -108.48 -86.88
CA ILE X 66 -40.62 -109.66 -87.18
C ILE X 66 -41.44 -110.92 -86.96
N VAL X 67 -42.17 -110.96 -85.85
CA VAL X 67 -42.99 -112.13 -85.53
C VAL X 67 -43.99 -112.38 -86.65
N ASN X 68 -44.62 -111.33 -87.14
CA ASN X 68 -45.60 -111.49 -88.22
C ASN X 68 -44.94 -112.09 -89.45
N THR X 69 -43.78 -111.56 -89.84
CA THR X 69 -43.07 -112.12 -90.98
C THR X 69 -42.70 -113.57 -90.72
N LEU X 70 -42.25 -113.87 -89.50
CA LEU X 70 -41.86 -115.22 -89.16
C LEU X 70 -43.02 -116.18 -89.34
N LEU X 71 -44.18 -115.84 -88.81
CA LEU X 71 -45.33 -116.73 -88.90
C LEU X 71 -45.73 -116.99 -90.34
N GLY X 72 -45.46 -116.03 -91.22
CA GLY X 72 -45.88 -116.18 -92.61
C GLY X 72 -45.30 -117.38 -93.31
N ALA X 73 -44.20 -117.93 -92.79
CA ALA X 73 -43.55 -119.05 -93.44
C ALA X 73 -44.03 -120.40 -92.94
N HIS X 74 -44.70 -120.45 -91.80
CA HIS X 74 -45.02 -121.72 -91.18
C HIS X 74 -46.50 -121.98 -90.98
N LEU X 75 -47.38 -121.09 -91.46
CA LEU X 75 -48.80 -121.27 -91.27
C LEU X 75 -49.44 -122.08 -92.39
N ASN X 76 -48.66 -122.92 -93.06
CA ASN X 76 -49.20 -123.74 -94.13
C ASN X 76 -50.39 -124.61 -93.72
N PRO X 77 -50.44 -125.22 -92.53
CA PRO X 77 -51.58 -126.09 -92.20
C PRO X 77 -52.93 -125.43 -92.39
N PHE X 78 -53.03 -124.13 -92.14
CA PHE X 78 -54.31 -123.45 -92.34
C PHE X 78 -54.52 -123.06 -93.80
N ALA X 79 -53.56 -123.35 -94.67
CA ALA X 79 -53.73 -123.15 -96.10
C ALA X 79 -53.68 -124.45 -96.87
N GLY X 80 -52.62 -125.24 -96.69
CA GLY X 80 -52.49 -126.51 -97.36
C GLY X 80 -52.99 -127.70 -96.59
N GLY X 81 -53.41 -127.50 -95.34
CA GLY X 81 -53.90 -128.62 -94.55
C GLY X 81 -52.82 -129.52 -94.00
N GLN X 82 -51.54 -129.17 -94.18
CA GLN X 82 -50.45 -130.01 -93.72
C GLN X 82 -49.36 -129.16 -93.11
N VAL X 83 -48.66 -129.75 -92.16
CA VAL X 83 -47.46 -129.12 -91.60
C VAL X 83 -46.32 -129.31 -92.58
N THR X 84 -45.49 -128.28 -92.72
CA THR X 84 -44.34 -128.32 -93.61
C THR X 84 -43.12 -127.83 -92.84
N SER X 85 -41.99 -127.78 -93.54
CA SER X 85 -40.74 -127.31 -92.96
C SER X 85 -40.11 -126.30 -93.90
N HIS X 86 -39.37 -125.36 -93.31
CA HIS X 86 -38.68 -124.33 -94.07
C HIS X 86 -37.28 -124.19 -93.52
N GLN X 87 -36.29 -124.41 -94.39
CA GLN X 87 -34.89 -124.35 -93.99
C GLN X 87 -34.62 -125.29 -92.81
N GLY X 88 -35.23 -126.46 -92.85
CA GLY X 88 -34.96 -127.48 -91.86
C GLY X 88 -35.54 -127.25 -90.49
N ILE X 89 -36.57 -126.42 -90.37
CA ILE X 89 -37.21 -126.14 -89.09
C ILE X 89 -38.71 -126.29 -89.25
N THR X 90 -39.35 -126.88 -88.25
CA THR X 90 -40.79 -127.08 -88.29
C THR X 90 -41.30 -127.17 -86.85
N TRP X 91 -42.58 -127.50 -86.71
CA TRP X 91 -43.20 -127.60 -85.41
C TRP X 91 -42.84 -128.90 -84.71
N ARG X 92 -42.86 -128.88 -83.38
CA ARG X 92 -42.61 -130.09 -82.62
C ARG X 92 -43.74 -131.09 -82.78
N ASP X 93 -44.98 -130.62 -82.81
CA ASP X 93 -46.13 -131.49 -82.70
C ASP X 93 -47.28 -130.88 -83.49
N PRO X 94 -48.31 -131.67 -83.83
CA PRO X 94 -49.46 -131.09 -84.53
C PRO X 94 -50.14 -129.99 -83.74
N VAL X 95 -49.99 -129.98 -82.42
CA VAL X 95 -50.51 -128.88 -81.61
C VAL X 95 -49.74 -127.59 -81.84
N LEU X 96 -48.59 -127.66 -82.51
CA LEU X 96 -47.78 -126.48 -82.83
C LEU X 96 -47.33 -125.78 -81.55
N SER X 97 -46.82 -126.58 -80.60
CA SER X 97 -46.36 -126.02 -79.34
C SER X 97 -45.20 -125.05 -79.56
N SER X 98 -44.22 -125.45 -80.37
CA SER X 98 -43.06 -124.61 -80.63
C SER X 98 -42.36 -125.13 -81.88
N LEU X 99 -41.41 -124.35 -82.36
CA LEU X 99 -40.63 -124.72 -83.52
C LEU X 99 -39.35 -125.43 -83.10
N ALA X 100 -38.85 -126.30 -83.98
CA ALA X 100 -37.68 -127.10 -83.68
C ALA X 100 -37.07 -127.57 -84.98
N PRO X 101 -35.79 -127.95 -84.98
CA PRO X 101 -35.21 -128.52 -86.19
C PRO X 101 -35.91 -129.80 -86.60
N VAL X 102 -35.97 -130.03 -87.90
CA VAL X 102 -36.71 -131.19 -88.42
C VAL X 102 -36.04 -132.47 -87.95
N PRO X 103 -36.78 -133.43 -87.42
CA PRO X 103 -36.18 -134.73 -87.07
C PRO X 103 -35.91 -135.56 -88.32
N ALA X 104 -34.89 -136.41 -88.21
CA ALA X 104 -34.51 -137.27 -89.32
C ALA X 104 -35.20 -138.62 -89.26
N ILE X 105 -36.52 -138.61 -89.11
CA ILE X 105 -37.30 -139.84 -89.09
C ILE X 105 -38.38 -139.77 -90.16
N GLN X 106 -39.29 -138.81 -90.01
CA GLN X 106 -40.36 -138.57 -90.97
C GLN X 106 -40.36 -137.09 -91.34
N PRO X 107 -39.40 -136.65 -92.13
CA PRO X 107 -39.31 -135.24 -92.47
C PRO X 107 -40.54 -134.80 -93.24
N PRO X 108 -41.23 -133.76 -92.77
CA PRO X 108 -42.38 -133.25 -93.50
C PRO X 108 -41.95 -132.63 -94.81
N PRO X 109 -42.86 -132.48 -95.77
CA PRO X 109 -42.50 -131.89 -97.06
C PRO X 109 -42.06 -130.44 -96.89
N VAL X 110 -41.18 -130.01 -97.79
CA VAL X 110 -40.63 -128.67 -97.75
C VAL X 110 -41.70 -127.67 -98.19
N TRP X 111 -41.84 -126.58 -97.44
CA TRP X 111 -42.81 -125.57 -97.77
C TRP X 111 -42.43 -124.85 -99.06
N ALA X 112 -43.42 -124.60 -99.90
CA ALA X 112 -43.24 -123.81 -101.10
C ALA X 112 -43.46 -122.34 -100.75
N VAL X 113 -42.49 -121.50 -101.12
CA VAL X 113 -42.53 -120.10 -100.71
C VAL X 113 -43.61 -119.37 -101.48
N ALA X 114 -44.44 -118.61 -100.77
CA ALA X 114 -45.45 -117.76 -101.37
C ALA X 114 -45.81 -116.67 -100.36
N GLU X 115 -46.59 -115.70 -100.82
CA GLU X 115 -46.96 -114.56 -100.00
C GLU X 115 -48.45 -114.30 -100.10
N ASN X 116 -49.00 -113.67 -99.06
CA ASN X 116 -50.40 -113.27 -99.04
C ASN X 116 -51.33 -114.44 -99.30
N VAL X 117 -51.03 -115.58 -98.71
CA VAL X 117 -51.88 -116.76 -98.88
C VAL X 117 -53.07 -116.64 -97.91
N PRO X 118 -54.30 -116.77 -98.39
CA PRO X 118 -55.44 -116.74 -97.48
C PRO X 118 -55.44 -117.95 -96.56
N LEU X 119 -55.97 -117.75 -95.36
CA LEU X 119 -55.96 -118.77 -94.32
C LEU X 119 -57.36 -119.09 -93.87
N ASP X 120 -57.59 -120.37 -93.54
CA ASP X 120 -58.87 -120.82 -93.02
C ASP X 120 -58.60 -121.95 -92.04
N SER X 121 -59.07 -121.78 -90.80
CA SER X 121 -58.83 -122.78 -89.77
C SER X 121 -59.47 -124.12 -90.12
N ASN X 122 -60.52 -124.10 -90.93
CA ASN X 122 -61.19 -125.36 -91.27
C ASN X 122 -60.36 -126.25 -92.16
N ASN X 123 -59.26 -125.76 -92.72
CA ASN X 123 -58.37 -126.62 -93.49
C ASN X 123 -57.60 -127.59 -92.62
N TYR X 124 -57.58 -127.39 -91.31
CA TYR X 124 -56.72 -128.15 -90.40
C TYR X 124 -57.60 -128.69 -89.28
N PRO X 125 -58.21 -129.86 -89.48
CA PRO X 125 -59.25 -130.32 -88.55
C PRO X 125 -58.77 -130.46 -87.12
N THR X 126 -57.52 -130.83 -86.90
CA THR X 126 -57.05 -131.08 -85.54
C THR X 126 -57.17 -129.86 -84.64
N TYR X 127 -57.20 -128.66 -85.22
CA TYR X 127 -57.35 -127.46 -84.41
C TYR X 127 -58.66 -127.48 -83.65
N VAL X 128 -59.75 -127.87 -84.33
CA VAL X 128 -61.05 -127.93 -83.68
C VAL X 128 -61.01 -128.91 -82.52
N LEU X 129 -60.37 -130.06 -82.73
CA LEU X 129 -60.30 -131.06 -81.67
C LEU X 129 -59.52 -130.55 -80.48
N ASN X 130 -58.39 -129.88 -80.71
CA ASN X 130 -57.54 -129.39 -79.65
C ASN X 130 -57.74 -127.91 -79.39
N LEU X 131 -58.97 -127.43 -79.54
CA LEU X 131 -59.24 -126.00 -79.38
C LEU X 131 -58.83 -125.50 -78.01
N SER X 132 -59.04 -126.31 -76.98
CA SER X 132 -58.77 -125.87 -75.62
C SER X 132 -57.31 -125.54 -75.39
N SER X 133 -56.39 -126.10 -76.17
CA SER X 133 -54.98 -125.82 -76.02
C SER X 133 -54.39 -125.01 -77.16
N MET X 134 -55.06 -124.95 -78.31
CA MET X 134 -54.58 -124.19 -79.45
C MET X 134 -55.25 -122.83 -79.55
N TRP X 135 -56.01 -122.44 -78.54
CA TRP X 135 -56.72 -121.16 -78.57
C TRP X 135 -55.84 -119.96 -78.86
N PRO X 136 -54.66 -119.80 -78.25
CA PRO X 136 -53.88 -118.59 -78.52
C PRO X 136 -53.50 -118.40 -79.97
N ILE X 137 -53.47 -119.48 -80.77
CA ILE X 137 -53.21 -119.31 -82.19
C ILE X 137 -54.27 -118.41 -82.81
N ASN X 138 -55.51 -118.55 -82.37
CA ASN X 138 -56.58 -117.71 -82.90
C ASN X 138 -56.26 -116.23 -82.75
N GLN X 139 -55.85 -115.83 -81.54
CA GLN X 139 -55.58 -114.41 -81.30
C GLN X 139 -54.41 -113.94 -82.14
N ASP X 140 -53.30 -114.67 -82.12
CA ASP X 140 -52.10 -114.21 -82.81
C ASP X 140 -52.31 -114.14 -84.31
N VAL X 141 -52.95 -115.15 -84.90
CA VAL X 141 -53.17 -115.14 -86.34
C VAL X 141 -54.01 -113.94 -86.73
N HIS X 142 -55.07 -113.66 -85.97
CA HIS X 142 -55.90 -112.50 -86.26
C HIS X 142 -55.08 -111.22 -86.19
N ILE X 143 -54.19 -111.12 -85.19
CA ILE X 143 -53.34 -109.94 -85.08
C ILE X 143 -52.48 -109.79 -86.32
N MET X 144 -51.87 -110.89 -86.76
CA MET X 144 -51.00 -110.84 -87.93
C MET X 144 -51.79 -110.38 -89.15
N THR X 145 -53.00 -110.91 -89.31
CA THR X 145 -53.82 -110.51 -90.46
C THR X 145 -54.13 -109.04 -90.41
N MET X 146 -54.51 -108.54 -89.24
CA MET X 146 -54.87 -107.13 -89.11
C MET X 146 -53.70 -106.21 -89.43
N TRP X 147 -52.47 -106.69 -89.32
CA TRP X 147 -51.33 -105.88 -89.73
C TRP X 147 -50.98 -106.09 -91.19
N ALA X 148 -51.12 -107.33 -91.67
CA ALA X 148 -50.71 -107.62 -93.04
C ALA X 148 -51.53 -106.84 -94.06
N LEU X 149 -52.77 -106.52 -93.73
CA LEU X 149 -53.66 -105.89 -94.70
C LEU X 149 -53.28 -104.46 -95.02
N SER X 150 -52.37 -103.85 -94.25
CA SER X 150 -52.06 -102.44 -94.39
C SER X 150 -50.60 -102.25 -94.73
N ASP X 151 -50.34 -101.29 -95.60
CA ASP X 151 -48.98 -100.91 -95.97
C ASP X 151 -48.39 -99.83 -95.07
N GLN X 152 -49.18 -99.26 -94.17
CA GLN X 152 -48.73 -98.10 -93.41
C GLN X 152 -49.02 -98.16 -91.92
N GLY X 153 -49.90 -99.02 -91.45
CA GLY X 153 -50.23 -99.07 -90.04
C GLY X 153 -51.36 -100.02 -89.76
N PRO X 154 -51.31 -100.69 -88.62
CA PRO X 154 -52.28 -101.75 -88.33
C PRO X 154 -53.71 -101.22 -88.34
N ILE X 155 -54.62 -102.09 -88.76
CA ILE X 155 -56.04 -101.77 -88.85
C ILE X 155 -56.74 -102.31 -87.61
N TYR X 156 -57.67 -101.53 -87.06
CA TYR X 156 -58.45 -101.98 -85.93
C TYR X 156 -59.84 -101.35 -86.00
N HIS X 157 -60.72 -101.83 -85.14
CA HIS X 157 -62.15 -101.57 -85.25
C HIS X 157 -62.65 -100.75 -84.07
N LEU X 158 -63.63 -99.88 -84.34
CA LEU X 158 -64.30 -99.10 -83.33
C LEU X 158 -65.81 -99.29 -83.47
N GLU X 159 -66.52 -99.21 -82.36
CA GLU X 159 -67.98 -99.23 -82.40
C GLU X 159 -68.54 -98.76 -81.07
N VAL X 160 -69.73 -98.15 -81.13
CA VAL X 160 -70.47 -97.74 -79.94
C VAL X 160 -71.95 -98.00 -80.17
N PRO X 161 -72.62 -98.70 -79.26
CA PRO X 161 -74.04 -98.97 -79.43
C PRO X 161 -74.88 -97.77 -79.01
N VAL X 162 -76.19 -97.89 -79.23
CA VAL X 162 -77.11 -96.81 -78.87
C VAL X 162 -77.47 -96.84 -77.39
N ASP X 163 -77.39 -98.00 -76.75
CA ASP X 163 -77.72 -98.09 -75.34
C ASP X 163 -76.58 -97.56 -74.49
N PRO X 164 -76.88 -97.09 -73.29
CA PRO X 164 -75.81 -96.67 -72.38
C PRO X 164 -75.00 -97.88 -71.93
N MET X 165 -73.85 -97.59 -71.35
CA MET X 165 -72.94 -98.63 -70.91
C MET X 165 -73.64 -99.53 -69.90
N PRO X 166 -73.76 -100.84 -70.17
CA PRO X 166 -74.49 -101.71 -69.25
C PRO X 166 -73.79 -101.80 -67.90
N ALA X 167 -74.61 -101.99 -66.86
CA ALA X 167 -74.09 -101.90 -65.49
C ALA X 167 -73.00 -102.92 -65.24
N ALA X 168 -73.15 -104.13 -65.80
CA ALA X 168 -72.18 -105.18 -65.54
C ALA X 168 -70.78 -104.76 -65.96
N THR X 169 -70.66 -104.14 -67.13
CA THR X 169 -69.35 -103.68 -67.58
C THR X 169 -68.78 -102.63 -66.63
N THR X 170 -69.63 -101.71 -66.17
CA THR X 170 -69.16 -100.67 -65.26
C THR X 170 -68.54 -101.30 -64.02
N ALA X 171 -69.13 -102.38 -63.53
CA ALA X 171 -68.56 -103.07 -62.38
C ALA X 171 -67.15 -103.56 -62.68
N ALA X 172 -66.91 -103.99 -63.92
CA ALA X 172 -65.56 -104.43 -64.28
C ALA X 172 -64.63 -103.26 -64.49
N LEU X 173 -65.13 -102.15 -65.03
CA LEU X 173 -64.26 -101.06 -65.41
C LEU X 173 -63.59 -100.44 -64.19
N MET X 174 -64.30 -100.36 -63.07
CA MET X 174 -63.72 -99.71 -61.90
C MET X 174 -62.45 -100.43 -61.44
N ALA X 175 -62.24 -101.66 -61.89
CA ALA X 175 -60.99 -102.35 -61.58
C ALA X 175 -59.80 -101.78 -62.33
N TYR X 176 -60.02 -100.88 -63.28
CA TYR X 176 -58.95 -100.39 -64.14
C TYR X 176 -58.83 -98.88 -64.06
N ILE X 177 -58.98 -98.33 -62.88
CA ILE X 177 -58.78 -96.90 -62.68
C ILE X 177 -57.29 -96.64 -62.56
N GLY X 178 -56.83 -95.55 -63.18
CA GLY X 178 -55.47 -95.09 -62.99
C GLY X 178 -54.40 -96.04 -63.49
N VAL X 179 -54.66 -96.77 -64.54
CA VAL X 179 -53.68 -97.66 -65.16
C VAL X 179 -53.40 -97.16 -66.57
N PRO X 180 -52.14 -97.05 -66.98
CA PRO X 180 -51.85 -96.48 -68.29
C PRO X 180 -52.31 -97.39 -69.42
N ILE X 181 -52.38 -96.80 -70.61
CA ILE X 181 -52.92 -97.50 -71.76
C ILE X 181 -52.07 -98.72 -72.10
N ALA X 182 -50.75 -98.57 -72.03
CA ALA X 182 -49.86 -99.66 -72.40
C ALA X 182 -50.10 -100.88 -71.52
N HIS X 183 -50.21 -100.67 -70.22
CA HIS X 183 -50.53 -101.77 -69.32
C HIS X 183 -51.87 -102.39 -69.69
N LEU X 184 -52.85 -101.55 -69.99
CA LEU X 184 -54.16 -102.05 -70.36
C LEU X 184 -54.07 -102.95 -71.59
N ALA X 185 -53.30 -102.51 -72.59
CA ALA X 185 -53.14 -103.33 -73.78
C ALA X 185 -52.54 -104.68 -73.43
N GLN X 186 -51.53 -104.68 -72.56
CA GLN X 186 -50.92 -105.94 -72.15
C GLN X 186 -51.94 -106.83 -71.47
N THR X 187 -52.77 -106.26 -70.59
CA THR X 187 -53.81 -107.04 -69.95
C THR X 187 -54.79 -107.57 -70.97
N ALA X 188 -55.22 -106.72 -71.90
CA ALA X 188 -56.16 -107.15 -72.92
C ALA X 188 -55.60 -108.29 -73.74
N TYR X 189 -54.31 -108.21 -74.08
CA TYR X 189 -53.70 -109.27 -74.86
C TYR X 189 -53.72 -110.59 -74.11
N ARG X 190 -53.40 -110.56 -72.82
CA ARG X 190 -53.37 -111.79 -72.04
C ARG X 190 -54.76 -112.40 -71.94
N PHE X 191 -55.79 -111.57 -71.74
CA PHE X 191 -57.13 -112.10 -71.53
C PHE X 191 -57.56 -112.97 -72.70
N ALA X 192 -57.58 -112.41 -73.90
CA ALA X 192 -57.99 -113.18 -75.06
C ALA X 192 -56.95 -114.20 -75.47
N GLY X 193 -55.85 -114.32 -74.75
CA GLY X 193 -54.77 -115.18 -75.19
C GLY X 193 -54.82 -116.60 -74.69
N GLN X 194 -55.15 -116.79 -73.42
CA GLN X 194 -54.90 -118.09 -72.79
C GLN X 194 -55.99 -119.12 -73.11
N LEU X 195 -57.22 -118.85 -72.71
CA LEU X 195 -58.29 -119.81 -72.83
C LEU X 195 -59.38 -119.31 -73.78
N PRO X 196 -60.13 -120.22 -74.40
CA PRO X 196 -61.24 -119.79 -75.24
C PRO X 196 -62.31 -119.06 -74.45
N GLN X 197 -62.92 -118.06 -75.07
CA GLN X 197 -63.93 -117.23 -74.43
C GLN X 197 -65.13 -117.09 -75.35
N SER X 198 -66.29 -116.85 -74.73
CA SER X 198 -67.47 -116.65 -75.55
C SER X 198 -67.51 -115.21 -76.05
N PRO X 199 -68.01 -114.99 -77.27
CA PRO X 199 -68.15 -113.60 -77.75
C PRO X 199 -69.04 -112.77 -76.85
N ASP X 200 -70.09 -113.36 -76.31
CA ASP X 200 -70.93 -112.70 -75.33
C ASP X 200 -70.28 -112.90 -73.97
N SER X 201 -69.62 -111.86 -73.46
CA SER X 201 -68.99 -111.95 -72.16
C SER X 201 -68.80 -110.54 -71.61
N THR X 202 -68.92 -110.42 -70.30
CA THR X 202 -68.75 -109.11 -69.67
C THR X 202 -67.37 -108.55 -69.94
N MET X 203 -66.35 -109.40 -69.84
CA MET X 203 -64.98 -108.93 -70.07
C MET X 203 -64.81 -108.44 -71.49
N VAL X 204 -65.39 -109.14 -72.45
CA VAL X 204 -65.23 -108.76 -73.85
C VAL X 204 -65.81 -107.38 -74.09
N SER X 205 -67.08 -107.19 -73.72
CA SER X 205 -67.71 -105.90 -73.91
C SER X 205 -66.97 -104.81 -73.14
N THR X 206 -66.40 -105.16 -72.00
CA THR X 206 -65.61 -104.19 -71.23
C THR X 206 -64.47 -103.64 -72.07
N ILE X 207 -63.69 -104.53 -72.68
CA ILE X 207 -62.57 -104.08 -73.48
C ILE X 207 -63.05 -103.30 -74.69
N ARG X 208 -64.18 -103.72 -75.26
CA ARG X 208 -64.72 -103.00 -76.41
C ARG X 208 -64.97 -101.55 -76.06
N TRP X 209 -65.61 -101.30 -74.93
CA TRP X 209 -65.83 -99.93 -74.48
C TRP X 209 -64.52 -99.22 -74.22
N LEU X 210 -63.55 -99.91 -73.62
CA LEU X 210 -62.25 -99.32 -73.37
C LEU X 210 -61.65 -98.78 -74.66
N SER X 211 -61.73 -99.57 -75.73
CA SER X 211 -61.21 -99.12 -77.01
C SER X 211 -61.92 -97.86 -77.46
N ALA X 212 -63.24 -97.84 -77.36
CA ALA X 212 -64.00 -96.67 -77.79
C ALA X 212 -63.64 -95.46 -76.94
N ILE X 213 -63.57 -95.63 -75.63
CA ILE X 213 -63.32 -94.50 -74.74
C ILE X 213 -61.97 -93.89 -75.03
N TRP X 214 -60.94 -94.73 -75.21
CA TRP X 214 -59.61 -94.19 -75.47
C TRP X 214 -59.58 -93.37 -76.74
N PHE X 215 -60.24 -93.84 -77.79
CA PHE X 215 -60.30 -93.07 -79.02
C PHE X 215 -60.99 -91.74 -78.80
N GLY X 216 -62.10 -91.76 -78.07
CA GLY X 216 -62.79 -90.50 -77.78
C GLY X 216 -61.91 -89.52 -77.05
N SER X 217 -61.11 -90.01 -76.10
CA SER X 217 -60.14 -89.14 -75.45
C SER X 217 -59.01 -88.77 -76.40
N LEU X 218 -58.68 -89.65 -77.35
CA LEU X 218 -57.59 -89.36 -78.26
C LEU X 218 -57.86 -88.10 -79.07
N THR X 219 -59.09 -87.96 -79.57
CA THR X 219 -59.48 -86.75 -80.28
C THR X 219 -59.69 -85.58 -79.35
N GLY X 220 -59.67 -85.80 -78.04
CA GLY X 220 -60.00 -84.78 -77.09
C GLY X 220 -61.48 -84.57 -76.91
N ARG X 221 -62.32 -85.29 -77.67
CA ARG X 221 -63.76 -85.17 -77.50
C ARG X 221 -64.18 -85.56 -76.10
N LEU X 222 -63.58 -86.60 -75.56
CA LEU X 222 -63.78 -86.99 -74.17
C LEU X 222 -62.66 -86.41 -73.32
N ASN X 223 -63.04 -85.74 -72.24
CA ASN X 223 -62.08 -85.16 -71.33
C ASN X 223 -62.75 -85.01 -69.97
N ARG X 224 -62.02 -84.44 -69.01
CA ARG X 224 -62.54 -84.38 -67.66
C ARG X 224 -63.76 -83.49 -67.54
N SER X 225 -64.07 -82.68 -68.56
CA SER X 225 -65.32 -81.94 -68.57
C SER X 225 -66.45 -82.70 -69.24
N ARG X 226 -66.14 -83.73 -70.03
CA ARG X 226 -67.16 -84.51 -70.74
C ARG X 226 -66.72 -85.96 -70.74
N THR X 227 -67.27 -86.75 -69.82
CA THR X 227 -66.91 -88.14 -69.68
C THR X 227 -67.89 -89.03 -70.44
N CYS X 228 -67.46 -90.27 -70.67
CA CYS X 228 -68.36 -91.25 -71.27
C CYS X 228 -69.39 -91.73 -70.26
N ASN X 229 -68.92 -92.32 -69.17
CA ASN X 229 -69.79 -92.72 -68.07
C ASN X 229 -69.09 -92.41 -66.75
N GLY X 230 -68.51 -91.22 -66.69
CA GLY X 230 -67.56 -90.90 -65.66
C GLY X 230 -66.12 -91.24 -66.03
N PHE X 231 -65.94 -92.07 -67.05
CA PHE X 231 -64.62 -92.49 -67.48
C PHE X 231 -64.09 -91.58 -68.57
N TYR X 232 -62.76 -91.46 -68.61
CA TYR X 232 -62.04 -90.71 -69.63
C TYR X 232 -60.57 -90.98 -69.41
N PHE X 233 -59.75 -90.53 -70.35
CA PHE X 233 -58.30 -90.70 -70.26
C PHE X 233 -57.63 -89.37 -69.99
N GLU X 234 -56.70 -89.38 -69.05
CA GLU X 234 -55.95 -88.19 -68.68
C GLU X 234 -54.60 -88.20 -69.38
N PHE X 235 -54.15 -87.01 -69.80
CA PHE X 235 -52.92 -86.89 -70.55
C PHE X 235 -51.90 -86.04 -69.80
N ALA X 236 -50.63 -86.35 -70.02
CA ALA X 236 -49.53 -85.55 -69.52
C ALA X 236 -49.04 -84.62 -70.62
N LYS X 237 -48.25 -83.64 -70.21
CA LYS X 237 -47.70 -82.69 -71.17
C LYS X 237 -46.82 -83.42 -72.18
N PRO X 238 -46.98 -83.17 -73.47
CA PRO X 238 -46.19 -83.93 -74.45
C PRO X 238 -44.70 -83.68 -74.35
N ALA X 239 -44.28 -82.58 -73.73
CA ALA X 239 -42.85 -82.31 -73.61
C ALA X 239 -42.13 -83.33 -72.76
N LEU X 240 -42.85 -84.10 -71.96
CA LEU X 240 -42.24 -85.09 -71.08
C LEU X 240 -43.32 -86.08 -70.67
N ASN X 241 -42.99 -87.36 -70.73
CA ASN X 241 -43.97 -88.43 -70.60
C ASN X 241 -45.11 -88.24 -71.60
N PRO X 242 -44.80 -88.16 -72.90
CA PRO X 242 -45.86 -87.88 -73.89
C PRO X 242 -46.81 -89.03 -74.09
N ASP X 243 -46.58 -90.17 -73.45
CA ASP X 243 -47.36 -91.37 -73.68
C ASP X 243 -48.05 -91.90 -72.43
N GLN X 244 -47.83 -91.28 -71.27
CA GLN X 244 -48.38 -91.81 -70.02
C GLN X 244 -49.83 -91.35 -69.82
N ALA X 245 -50.67 -91.73 -70.78
CA ALA X 245 -52.09 -91.50 -70.65
C ALA X 245 -52.71 -92.62 -69.82
N VAL X 246 -53.50 -92.24 -68.81
CA VAL X 246 -54.10 -93.20 -67.90
C VAL X 246 -55.60 -92.99 -67.86
N LEU X 247 -56.29 -93.97 -67.32
CA LEU X 247 -57.75 -93.93 -67.22
C LEU X 247 -58.15 -93.31 -65.90
N LYS X 248 -59.18 -92.45 -65.95
CA LYS X 248 -59.68 -91.77 -64.77
C LYS X 248 -61.20 -91.84 -64.75
N TRP X 249 -61.76 -91.88 -63.54
CA TRP X 249 -63.19 -91.78 -63.35
C TRP X 249 -63.53 -90.45 -62.68
N ASN X 250 -64.65 -89.87 -63.08
CA ASN X 250 -65.00 -88.54 -62.64
C ASN X 250 -66.49 -88.44 -62.44
N ASP X 251 -66.89 -87.48 -61.61
CA ASP X 251 -68.29 -87.27 -61.26
C ASP X 251 -68.97 -86.24 -62.14
N GLY X 252 -68.26 -85.68 -63.13
CA GLY X 252 -68.80 -84.59 -63.91
C GLY X 252 -69.85 -85.01 -64.93
N ALA X 253 -70.05 -84.18 -65.94
CA ALA X 253 -71.07 -84.43 -66.94
C ALA X 253 -70.70 -85.64 -67.79
N ARG X 254 -71.73 -86.23 -68.40
CA ARG X 254 -71.56 -87.40 -69.25
C ARG X 254 -72.09 -87.08 -70.64
N ALA X 255 -71.36 -87.54 -71.65
CA ALA X 255 -71.81 -87.38 -73.03
C ALA X 255 -73.05 -88.22 -73.27
N ALA X 256 -74.01 -87.67 -74.00
CA ALA X 256 -75.23 -88.40 -74.29
C ALA X 256 -74.96 -89.44 -75.37
N PRO X 257 -75.75 -90.52 -75.39
CA PRO X 257 -75.52 -91.59 -76.36
C PRO X 257 -75.78 -91.13 -77.77
N PRO X 258 -75.18 -91.78 -78.76
CA PRO X 258 -75.37 -91.35 -80.15
C PRO X 258 -76.77 -91.61 -80.64
N ALA X 259 -77.14 -90.91 -81.71
CA ALA X 259 -78.46 -91.11 -82.30
C ALA X 259 -78.61 -92.52 -82.84
N ALA X 260 -77.60 -93.02 -83.53
CA ALA X 260 -77.61 -94.36 -84.10
C ALA X 260 -76.31 -95.05 -83.79
N ALA X 261 -76.28 -96.36 -84.00
CA ALA X 261 -75.08 -97.13 -83.75
C ALA X 261 -73.95 -96.68 -84.66
N GLN X 262 -72.77 -96.52 -84.08
CA GLN X 262 -71.59 -96.07 -84.81
C GLN X 262 -70.55 -97.19 -84.81
N SER X 263 -69.84 -97.32 -85.94
CA SER X 263 -68.77 -98.30 -86.06
C SER X 263 -67.96 -97.99 -87.30
N SER X 264 -66.66 -98.23 -87.20
CA SER X 264 -65.76 -98.01 -88.33
C SER X 264 -64.44 -98.69 -88.04
N TYR X 265 -63.62 -98.80 -89.09
CA TYR X 265 -62.26 -99.29 -88.97
C TYR X 265 -61.28 -98.12 -88.97
N MET X 266 -60.19 -98.28 -88.24
CA MET X 266 -59.23 -97.21 -88.04
C MET X 266 -57.84 -97.68 -88.41
N ARG X 267 -56.99 -96.70 -88.73
CA ARG X 267 -55.63 -96.98 -89.17
C ARG X 267 -54.79 -95.72 -89.00
N CYS X 268 -53.52 -95.90 -88.72
CA CYS X 268 -52.56 -94.81 -88.73
C CYS X 268 -51.92 -94.74 -90.12
N ILE X 269 -51.96 -93.56 -90.73
CA ILE X 269 -51.54 -93.39 -92.11
C ILE X 269 -50.14 -92.83 -92.21
N SER X 270 -49.44 -92.67 -91.10
CA SER X 270 -48.10 -92.12 -91.11
C SER X 270 -47.15 -93.06 -90.41
N PRO X 271 -45.88 -93.11 -90.81
CA PRO X 271 -44.95 -94.07 -90.22
C PRO X 271 -44.68 -93.85 -88.74
N HIS X 272 -45.20 -92.78 -88.14
CA HIS X 272 -44.89 -92.47 -86.76
C HIS X 272 -45.15 -93.66 -85.84
N TRP X 273 -46.15 -94.47 -86.16
CA TRP X 273 -46.60 -95.50 -85.23
C TRP X 273 -45.51 -96.50 -84.93
N GLN X 274 -44.59 -96.74 -85.86
CA GLN X 274 -43.61 -97.80 -85.67
C GLN X 274 -42.72 -97.56 -84.47
N HIS X 275 -42.64 -96.32 -83.98
CA HIS X 275 -41.85 -96.02 -82.80
C HIS X 275 -42.67 -95.24 -81.77
N GLN X 276 -43.98 -95.43 -81.77
CA GLN X 276 -44.87 -94.74 -80.83
C GLN X 276 -45.74 -95.79 -80.15
N ILE X 277 -45.56 -95.94 -78.84
CA ILE X 277 -46.14 -97.07 -78.13
C ILE X 277 -47.66 -97.00 -78.14
N VAL X 278 -48.22 -95.80 -77.98
CA VAL X 278 -49.66 -95.69 -77.77
C VAL X 278 -50.43 -96.18 -78.99
N GLU X 279 -49.90 -95.95 -80.19
CA GLU X 279 -50.54 -96.49 -81.39
C GLU X 279 -50.56 -98.01 -81.34
N VAL X 280 -49.43 -98.61 -80.98
CA VAL X 280 -49.37 -100.07 -80.88
C VAL X 280 -50.36 -100.56 -79.84
N ALA X 281 -50.37 -99.91 -78.68
CA ALA X 281 -51.25 -100.34 -77.60
C ALA X 281 -52.71 -100.26 -78.02
N GLY X 282 -53.12 -99.13 -78.59
CA GLY X 282 -54.50 -98.98 -79.00
C GLY X 282 -54.89 -99.99 -80.06
N ALA X 283 -54.02 -100.20 -81.04
CA ALA X 283 -54.33 -101.14 -82.11
C ALA X 283 -54.49 -102.55 -81.55
N LEU X 284 -53.53 -102.99 -80.73
CA LEU X 284 -53.60 -104.34 -80.20
C LEU X 284 -54.86 -104.54 -79.36
N MET X 285 -55.18 -103.57 -78.51
CA MET X 285 -56.34 -103.71 -77.65
C MET X 285 -57.60 -103.91 -78.47
N SER X 286 -57.84 -103.05 -79.46
CA SER X 286 -59.00 -103.22 -80.31
C SER X 286 -58.93 -104.55 -81.06
N GLN X 287 -57.76 -104.89 -81.59
CA GLN X 287 -57.63 -106.13 -82.33
C GLN X 287 -57.94 -107.33 -81.45
N SER X 288 -57.60 -107.24 -80.17
CA SER X 288 -57.88 -108.35 -79.26
C SER X 288 -59.37 -108.62 -79.19
N VAL X 289 -60.18 -107.57 -79.12
CA VAL X 289 -61.63 -107.76 -79.10
C VAL X 289 -62.11 -108.43 -80.37
N THR X 290 -61.64 -107.94 -81.52
CA THR X 290 -62.06 -108.52 -82.79
C THR X 290 -61.62 -109.97 -82.89
N ALA X 291 -60.50 -110.33 -82.23
CA ALA X 291 -60.02 -111.70 -82.31
C ALA X 291 -61.03 -112.68 -81.72
N VAL X 292 -61.52 -112.38 -80.52
CA VAL X 292 -62.42 -113.32 -79.86
C VAL X 292 -63.78 -113.33 -80.55
N THR X 293 -64.26 -112.16 -80.99
CA THR X 293 -65.60 -112.07 -81.55
C THR X 293 -65.62 -112.19 -83.07
N GLY X 294 -64.47 -112.22 -83.72
CA GLY X 294 -64.44 -112.23 -85.17
C GLY X 294 -64.71 -110.85 -85.73
N LEU X 295 -64.60 -110.75 -87.05
CA LEU X 295 -64.83 -109.47 -87.70
C LEU X 295 -66.32 -109.19 -87.79
N PRO X 296 -66.78 -108.04 -87.31
CA PRO X 296 -68.20 -107.70 -87.48
C PRO X 296 -68.64 -107.66 -88.93
N ALA X 297 -67.79 -107.16 -89.82
CA ALA X 297 -68.13 -107.05 -91.22
C ALA X 297 -66.87 -106.84 -92.03
N LEU X 298 -67.02 -106.94 -93.35
CA LEU X 298 -65.87 -106.78 -94.25
C LEU X 298 -65.40 -105.33 -94.27
N ILE X 299 -64.14 -105.16 -94.61
CA ILE X 299 -63.51 -103.86 -94.66
C ILE X 299 -63.58 -103.32 -96.08
N ASP X 300 -63.70 -102.00 -96.21
CA ASP X 300 -63.76 -101.36 -97.51
C ASP X 300 -62.39 -101.40 -98.18
N GLU X 301 -62.34 -101.88 -99.41
CA GLU X 301 -61.08 -102.00 -100.12
C GLU X 301 -60.53 -100.67 -100.62
N ALA X 302 -61.38 -99.65 -100.68
CA ALA X 302 -61.08 -98.48 -101.51
C ALA X 302 -59.74 -97.85 -101.17
N THR X 303 -59.41 -97.77 -99.89
CA THR X 303 -58.21 -97.06 -99.46
C THR X 303 -57.06 -97.98 -99.10
N LEU X 304 -57.18 -99.26 -99.37
CA LEU X 304 -56.18 -100.22 -98.97
C LEU X 304 -55.16 -100.46 -100.08
N PRO X 305 -53.98 -101.02 -99.74
CA PRO X 305 -53.00 -101.30 -100.79
C PRO X 305 -53.45 -102.36 -101.78
N ALA X 306 -52.61 -102.64 -102.77
CA ALA X 306 -53.02 -103.46 -103.90
C ALA X 306 -53.30 -104.90 -103.49
N TRP X 307 -52.36 -105.51 -102.77
CA TRP X 307 -52.52 -106.93 -102.43
C TRP X 307 -53.73 -107.17 -101.54
N SER X 308 -54.24 -106.13 -100.89
CA SER X 308 -55.39 -106.25 -100.01
C SER X 308 -56.72 -106.08 -100.73
N GLN X 309 -56.70 -105.92 -102.05
CA GLN X 309 -57.92 -105.67 -102.80
C GLN X 309 -58.68 -106.98 -103.00
N GLY X 310 -59.78 -107.15 -102.28
CA GLY X 310 -60.65 -108.27 -102.51
C GLY X 310 -60.24 -109.56 -101.84
N VAL X 311 -59.82 -109.49 -100.59
CA VAL X 311 -59.49 -110.70 -99.84
C VAL X 311 -60.78 -111.39 -99.44
N ALA X 312 -60.78 -112.72 -99.51
CA ALA X 312 -62.00 -113.51 -99.46
C ALA X 312 -62.87 -113.17 -98.25
N ASN X 313 -62.36 -113.41 -97.06
CA ASN X 313 -63.14 -113.21 -95.84
C ASN X 313 -62.78 -111.92 -95.11
N LEU X 314 -62.04 -111.02 -95.75
CA LEU X 314 -61.55 -109.83 -95.08
C LEU X 314 -62.04 -108.55 -95.69
N THR X 315 -61.92 -108.37 -97.01
CA THR X 315 -62.20 -107.11 -97.65
C THR X 315 -63.26 -107.29 -98.72
N GLY X 316 -63.96 -106.21 -99.02
CA GLY X 316 -65.00 -106.24 -100.03
C GLY X 316 -65.41 -104.83 -100.41
N ASN X 317 -66.35 -104.77 -101.35
CA ASN X 317 -66.90 -103.49 -101.78
C ASN X 317 -68.41 -103.52 -101.93
N GLY X 318 -69.07 -104.48 -101.31
CA GLY X 318 -70.52 -104.62 -101.43
C GLY X 318 -71.27 -103.69 -100.53
N GLN X 319 -72.46 -104.14 -100.09
CA GLN X 319 -73.32 -103.29 -99.28
C GLN X 319 -72.85 -103.26 -97.82
N GLY X 320 -72.88 -104.40 -97.16
CA GLY X 320 -72.50 -104.47 -95.76
C GLY X 320 -71.00 -104.40 -95.58
N VAL X 321 -70.40 -103.28 -95.93
CA VAL X 321 -68.96 -103.11 -95.87
C VAL X 321 -68.67 -101.87 -95.05
N VAL X 322 -68.08 -102.05 -93.89
CA VAL X 322 -67.76 -100.91 -93.02
C VAL X 322 -66.58 -100.15 -93.62
N PRO X 323 -66.67 -98.82 -93.74
CA PRO X 323 -65.52 -98.06 -94.24
C PRO X 323 -64.41 -98.01 -93.23
N CYS X 324 -63.22 -97.65 -93.70
CA CYS X 324 -62.03 -97.54 -92.87
C CYS X 324 -61.50 -96.13 -92.95
N LEU X 325 -61.29 -95.50 -91.79
CA LEU X 325 -60.69 -94.19 -91.71
C LEU X 325 -59.23 -94.31 -91.27
N ASP X 326 -58.45 -93.31 -91.63
CA ASP X 326 -57.05 -93.24 -91.22
C ASP X 326 -56.70 -91.80 -90.91
N TYR X 327 -55.67 -91.62 -90.09
CA TYR X 327 -55.35 -90.30 -89.55
C TYR X 327 -53.86 -90.17 -89.36
N ASN X 328 -53.44 -88.95 -89.09
CA ASN X 328 -52.06 -88.63 -88.76
C ASN X 328 -52.00 -88.08 -87.34
N PRO X 329 -51.05 -88.53 -86.52
CA PRO X 329 -51.03 -88.08 -85.13
C PRO X 329 -50.90 -86.57 -84.97
N VAL X 330 -50.13 -85.91 -85.82
CA VAL X 330 -49.85 -84.50 -85.63
C VAL X 330 -51.13 -83.67 -85.75
N PRO X 331 -51.88 -83.75 -86.86
CA PRO X 331 -53.14 -83.02 -86.90
C PRO X 331 -54.10 -83.47 -85.82
N MET X 332 -54.07 -84.76 -85.48
CA MET X 332 -54.92 -85.26 -84.42
C MET X 332 -54.65 -84.53 -83.11
N ALA X 333 -53.38 -84.36 -82.77
CA ALA X 333 -53.04 -83.64 -81.55
C ALA X 333 -53.54 -82.21 -81.61
N ALA X 334 -53.42 -81.57 -82.77
CA ALA X 334 -53.93 -80.21 -82.91
C ALA X 334 -55.42 -80.17 -82.62
N ALA X 335 -56.18 -81.10 -83.19
CA ALA X 335 -57.61 -81.14 -82.93
C ALA X 335 -57.87 -81.38 -81.46
N ARG X 336 -57.12 -82.29 -80.84
CA ARG X 336 -57.30 -82.54 -79.41
C ARG X 336 -57.04 -81.28 -78.60
N HIS X 337 -55.96 -80.55 -78.94
CA HIS X 337 -55.70 -79.30 -78.27
C HIS X 337 -56.83 -78.31 -78.49
N LEU X 338 -57.34 -78.24 -79.73
CA LEU X 338 -58.41 -77.32 -80.03
C LEU X 338 -59.64 -77.62 -79.19
N GLN X 339 -59.97 -78.90 -79.04
CA GLN X 339 -61.10 -79.26 -78.18
C GLN X 339 -60.89 -78.78 -76.77
N TRP X 340 -59.66 -78.91 -76.25
CA TRP X 340 -59.40 -78.56 -74.87
C TRP X 340 -59.65 -77.09 -74.60
N ARG X 341 -59.21 -76.21 -75.50
CA ARG X 341 -59.45 -74.79 -75.29
C ARG X 341 -60.90 -74.43 -75.52
N GLN X 342 -61.57 -75.10 -76.47
CA GLN X 342 -62.98 -74.86 -76.68
C GLN X 342 -63.79 -75.27 -75.46
N ASP X 343 -63.45 -76.40 -74.86
CA ASP X 343 -64.08 -76.78 -73.61
C ASP X 343 -63.54 -75.98 -72.44
N GLY X 344 -62.54 -75.14 -72.65
CA GLY X 344 -62.06 -74.26 -71.62
C GLY X 344 -61.04 -74.85 -70.67
N LEU X 345 -60.53 -76.05 -70.96
CA LEU X 345 -59.50 -76.62 -70.09
C LEU X 345 -58.21 -75.81 -70.16
N ILE X 346 -57.94 -75.18 -71.31
CA ILE X 346 -56.70 -74.45 -71.51
C ILE X 346 -56.99 -73.14 -72.22
N THR X 347 -56.04 -72.22 -72.15
CA THR X 347 -56.11 -70.97 -72.88
C THR X 347 -55.39 -71.11 -74.21
N ALA X 348 -55.70 -70.18 -75.13
CA ALA X 348 -55.15 -70.26 -76.48
C ALA X 348 -53.63 -70.20 -76.47
N ALA X 349 -53.06 -69.42 -75.56
CA ALA X 349 -51.61 -69.35 -75.46
C ALA X 349 -51.01 -70.71 -75.18
N GLN X 350 -51.62 -71.46 -74.25
CA GLN X 350 -51.16 -72.81 -73.99
C GLN X 350 -51.34 -73.70 -75.22
N GLU X 351 -52.46 -73.55 -75.92
CA GLU X 351 -52.73 -74.41 -77.06
C GLU X 351 -51.65 -74.24 -78.13
N ALA X 352 -51.24 -72.99 -78.37
CA ALA X 352 -50.16 -72.75 -79.32
C ALA X 352 -48.89 -73.45 -78.87
N GLN X 353 -48.57 -73.35 -77.58
CA GLN X 353 -47.36 -74.00 -77.07
C GLN X 353 -47.44 -75.51 -77.21
N LEU X 354 -48.61 -76.09 -76.92
CA LEU X 354 -48.74 -77.54 -76.99
C LEU X 354 -48.48 -78.05 -78.39
N ASN X 355 -49.00 -77.36 -79.40
CA ASN X 355 -48.77 -77.78 -80.78
C ASN X 355 -47.28 -77.73 -81.11
N ASN X 356 -46.60 -76.67 -80.69
CA ASN X 356 -45.16 -76.58 -80.93
C ASN X 356 -44.43 -77.73 -80.27
N ASP X 357 -44.77 -78.02 -79.01
CA ASP X 357 -44.10 -79.10 -78.31
C ASP X 357 -44.31 -80.43 -79.02
N TYR X 358 -45.55 -80.71 -79.40
CA TYR X 358 -45.85 -82.00 -80.00
C TYR X 358 -45.18 -82.14 -81.36
N THR X 359 -45.24 -81.09 -82.17
CA THR X 359 -44.62 -81.15 -83.49
C THR X 359 -43.12 -81.42 -83.37
N ALA X 360 -42.46 -80.75 -82.43
CA ALA X 360 -41.05 -81.02 -82.20
C ALA X 360 -40.85 -82.47 -81.78
N TYR X 361 -41.70 -82.95 -80.88
CA TYR X 361 -41.61 -84.34 -80.44
C TYR X 361 -41.78 -85.30 -81.61
N ALA X 362 -42.79 -85.06 -82.43
CA ALA X 362 -43.03 -85.92 -83.58
C ALA X 362 -41.85 -85.89 -84.53
N LEU X 363 -41.21 -84.73 -84.66
CA LEU X 363 -40.09 -84.62 -85.59
C LEU X 363 -38.97 -85.58 -85.21
N THR X 364 -38.70 -85.73 -83.92
CA THR X 364 -37.69 -86.68 -83.49
C THR X 364 -38.06 -88.10 -83.90
N ILE X 365 -39.33 -88.46 -83.77
CA ILE X 365 -39.78 -89.78 -84.16
C ILE X 365 -39.46 -90.03 -85.63
N GLU X 366 -39.82 -89.07 -86.49
CA GLU X 366 -39.50 -89.20 -87.90
C GLU X 366 -37.99 -89.28 -88.10
N ARG X 367 -37.25 -88.40 -87.44
CA ARG X 367 -35.81 -88.36 -87.62
C ARG X 367 -35.17 -89.67 -87.17
N HIS X 368 -35.65 -90.24 -86.08
CA HIS X 368 -35.12 -91.52 -85.62
C HIS X 368 -35.39 -92.61 -86.64
N LEU X 369 -36.64 -92.72 -87.09
CA LEU X 369 -37.01 -93.82 -87.96
C LEU X 369 -36.27 -93.74 -89.30
N THR X 370 -36.23 -92.55 -89.89
CA THR X 370 -35.60 -92.43 -91.20
C THR X 370 -34.12 -92.79 -91.12
N ALA X 371 -33.46 -92.38 -90.05
CA ALA X 371 -32.07 -92.78 -89.86
C ALA X 371 -31.97 -94.28 -89.63
N MET X 372 -32.96 -94.85 -88.95
CA MET X 372 -32.91 -96.27 -88.65
C MET X 372 -33.18 -97.12 -89.88
N LEU X 373 -33.94 -96.59 -90.83
CA LEU X 373 -34.29 -97.37 -92.02
C LEU X 373 -33.05 -97.69 -92.85
N VAL X 374 -32.21 -96.68 -93.09
CA VAL X 374 -31.02 -96.91 -93.90
C VAL X 374 -30.06 -97.85 -93.20
N ALA X 375 -30.08 -97.86 -91.87
CA ALA X 375 -29.23 -98.78 -91.13
C ALA X 375 -29.68 -100.23 -91.30
N ASN X 376 -30.93 -100.46 -91.66
CA ASN X 376 -31.46 -101.81 -91.84
C ASN X 376 -32.18 -101.88 -93.18
N PRO X 377 -31.44 -101.86 -94.28
CA PRO X 377 -32.06 -101.97 -95.59
C PRO X 377 -32.82 -103.27 -95.72
N ILE X 378 -33.97 -103.21 -96.39
CA ILE X 378 -34.84 -104.38 -96.48
C ILE X 378 -34.17 -105.48 -97.30
N ALA X 379 -33.27 -105.11 -98.20
CA ALA X 379 -32.59 -106.10 -99.02
C ALA X 379 -31.60 -106.94 -98.22
N ALA X 380 -31.33 -106.56 -96.96
CA ALA X 380 -30.37 -107.32 -96.17
C ALA X 380 -30.86 -108.73 -95.92
N GLY X 381 -32.17 -108.89 -95.70
CA GLY X 381 -32.71 -110.23 -95.50
C GLY X 381 -33.80 -110.30 -94.46
N ARG X 382 -33.82 -109.33 -93.55
CA ARG X 382 -34.85 -109.26 -92.52
C ARG X 382 -35.43 -107.86 -92.48
N MET X 383 -36.69 -107.77 -92.09
CA MET X 383 -37.37 -106.48 -92.07
C MET X 383 -37.72 -106.08 -90.65
N PRO X 384 -36.77 -105.54 -89.89
CA PRO X 384 -37.10 -105.06 -88.55
C PRO X 384 -38.08 -103.92 -88.55
N ILE X 385 -38.06 -103.06 -89.57
CA ILE X 385 -38.99 -101.95 -89.66
C ILE X 385 -39.57 -101.91 -91.07
N GLN X 386 -40.81 -101.46 -91.16
CA GLN X 386 -41.53 -101.42 -92.42
C GLN X 386 -41.06 -100.25 -93.26
N PRO X 387 -40.83 -100.45 -94.55
CA PRO X 387 -40.33 -99.36 -95.40
C PRO X 387 -41.37 -98.27 -95.60
N PHE X 388 -40.87 -97.09 -95.96
CA PHE X 388 -41.72 -95.92 -96.16
C PHE X 388 -40.97 -94.90 -97.00
N ASN X 389 -41.65 -93.80 -97.30
CA ASN X 389 -41.06 -92.68 -97.99
C ASN X 389 -41.19 -91.43 -97.13
N ALA X 390 -40.29 -90.47 -97.37
CA ALA X 390 -40.25 -89.27 -96.54
C ALA X 390 -41.58 -88.52 -96.57
N ALA X 391 -42.25 -88.52 -97.73
CA ALA X 391 -43.52 -87.81 -97.85
C ALA X 391 -44.58 -88.40 -96.94
N ASP X 392 -44.44 -89.66 -96.54
CA ASP X 392 -45.48 -90.30 -95.73
C ASP X 392 -45.61 -89.65 -94.37
N PHE X 393 -44.61 -88.93 -93.91
CA PHE X 393 -44.71 -88.24 -92.63
C PHE X 393 -45.59 -86.99 -92.71
N GLY X 394 -45.87 -86.51 -93.91
CA GLY X 394 -46.67 -85.31 -94.09
C GLY X 394 -48.12 -85.53 -94.50
N GLN X 395 -48.55 -86.77 -94.68
CA GLN X 395 -49.90 -87.03 -95.16
C GLN X 395 -50.91 -86.76 -94.05
N ALA X 396 -51.94 -85.97 -94.38
CA ALA X 396 -53.01 -85.72 -93.42
C ALA X 396 -54.05 -86.83 -93.41
N GLY X 397 -54.20 -87.56 -94.50
CA GLY X 397 -55.15 -88.64 -94.55
C GLY X 397 -56.56 -88.14 -94.35
N GLN X 398 -57.37 -88.97 -93.69
CA GLN X 398 -58.77 -88.66 -93.42
C GLN X 398 -58.97 -88.13 -92.00
N THR X 399 -57.97 -87.44 -91.45
CA THR X 399 -58.02 -87.04 -90.05
C THR X 399 -59.25 -86.19 -89.77
N ALA X 400 -59.65 -85.35 -90.72
CA ALA X 400 -60.83 -84.53 -90.51
C ALA X 400 -62.07 -85.39 -90.31
N ALA X 401 -62.21 -86.44 -91.12
CA ALA X 401 -63.35 -87.34 -90.93
C ALA X 401 -63.26 -88.06 -89.61
N ALA X 402 -62.04 -88.36 -89.16
CA ALA X 402 -61.87 -89.09 -87.91
C ALA X 402 -62.45 -88.33 -86.73
N VAL X 403 -62.06 -87.06 -86.58
CA VAL X 403 -62.59 -86.28 -85.47
C VAL X 403 -64.08 -86.06 -85.64
N ALA X 404 -64.54 -85.99 -86.88
CA ALA X 404 -65.98 -85.89 -87.11
C ALA X 404 -66.71 -87.10 -86.57
N LEU X 405 -66.14 -88.29 -86.78
CA LEU X 405 -66.77 -89.50 -86.28
C LEU X 405 -66.86 -89.48 -84.76
N ALA X 406 -65.77 -89.11 -84.09
CA ALA X 406 -65.78 -89.08 -82.63
C ALA X 406 -66.83 -88.12 -82.11
N GLN X 407 -66.95 -86.95 -82.73
CA GLN X 407 -67.97 -86.00 -82.33
C GLN X 407 -69.36 -86.60 -82.55
N ALA X 408 -69.55 -87.33 -83.65
CA ALA X 408 -70.80 -88.04 -83.86
C ALA X 408 -70.93 -89.24 -82.94
N MET X 409 -69.81 -89.76 -82.44
CA MET X 409 -69.87 -90.96 -81.62
C MET X 409 -70.22 -90.64 -80.17
N PHE X 410 -69.57 -89.63 -79.60
CA PHE X 410 -69.85 -89.17 -78.25
C PHE X 410 -70.53 -87.82 -78.35
N VAL X 411 -71.79 -87.75 -77.95
CA VAL X 411 -72.57 -86.54 -78.13
C VAL X 411 -73.55 -86.38 -76.99
N ALA Y 1 -31.15 64.63 20.10
CA ALA Y 1 -31.66 63.48 19.36
C ALA Y 1 -30.59 62.41 19.20
N ALA Y 2 -30.13 61.87 20.32
CA ALA Y 2 -29.12 60.84 20.31
C ALA Y 2 -29.40 59.85 21.44
N VAL Y 3 -29.17 58.57 21.16
CA VAL Y 3 -29.38 57.51 22.13
C VAL Y 3 -28.08 56.73 22.23
N PHE Y 4 -27.47 56.75 23.41
CA PHE Y 4 -26.15 56.18 23.61
C PHE Y 4 -25.21 56.68 22.50
N GLY Y 5 -24.77 55.78 21.63
CA GLY Y 5 -23.93 56.14 20.52
C GLY Y 5 -24.63 56.29 19.20
N ILE Y 6 -25.96 56.29 19.17
CA ILE Y 6 -26.72 56.35 17.94
C ILE Y 6 -27.20 57.78 17.71
N GLN Y 7 -27.05 58.25 16.48
CA GLN Y 7 -27.41 59.61 16.11
C GLN Y 7 -28.67 59.60 15.26
N LEU Y 8 -29.60 60.50 15.58
CA LEU Y 8 -30.91 60.52 14.93
C LEU Y 8 -31.21 61.92 14.41
N VAL Y 9 -31.82 61.99 13.23
CA VAL Y 9 -32.24 63.24 12.63
C VAL Y 9 -33.57 63.65 13.24
N PRO Y 10 -33.94 64.93 13.21
CA PRO Y 10 -35.15 65.37 13.90
C PRO Y 10 -36.45 65.17 13.13
N LYS Y 11 -36.44 64.44 12.01
CA LYS Y 11 -37.62 64.25 11.19
C LYS Y 11 -38.11 62.82 11.25
N LEU Y 12 -39.42 62.65 11.34
CA LEU Y 12 -40.05 61.34 11.42
C LEU Y 12 -40.65 60.97 10.07
N ASN Y 13 -40.53 59.69 9.71
CA ASN Y 13 -41.10 59.21 8.48
C ASN Y 13 -41.43 57.73 8.59
N THR Y 14 -42.59 57.35 8.07
CA THR Y 14 -42.96 55.95 7.96
C THR Y 14 -44.13 55.82 7.00
N SER Y 15 -44.32 54.61 6.50
CA SER Y 15 -45.41 54.35 5.56
C SER Y 15 -46.76 54.45 6.28
N THR Y 16 -47.84 54.38 5.49
CA THR Y 16 -49.15 54.72 5.99
C THR Y 16 -50.23 53.66 5.80
N THR Y 17 -49.92 52.54 5.14
CA THR Y 17 -50.95 51.53 4.93
C THR Y 17 -50.31 50.14 4.88
N ARG Y 18 -51.05 49.17 5.39
CA ARG Y 18 -50.56 47.80 5.53
C ARG Y 18 -51.10 46.94 4.41
N ARG Y 19 -50.22 46.13 3.81
CA ARG Y 19 -50.64 45.19 2.79
C ARG Y 19 -51.25 43.96 3.46
N THR Y 20 -52.44 43.58 3.00
CA THR Y 20 -53.11 42.42 3.57
C THR Y 20 -52.47 41.13 3.08
N PHE Y 21 -52.51 40.12 3.93
CA PHE Y 21 -51.97 38.81 3.57
C PHE Y 21 -52.94 38.06 2.68
N LEU Y 22 -52.39 37.27 1.75
CA LEU Y 22 -53.18 36.40 0.91
C LEU Y 22 -52.45 35.09 0.80
N PRO Y 23 -53.13 33.96 1.00
CA PRO Y 23 -52.47 32.66 0.91
C PRO Y 23 -52.16 32.30 -0.53
N LEU Y 24 -51.30 31.31 -0.67
CA LEU Y 24 -50.81 30.88 -1.98
C LEU Y 24 -51.76 29.86 -2.58
N ARG Y 25 -52.17 30.10 -3.82
CA ARG Y 25 -52.98 29.14 -4.55
C ARG Y 25 -52.16 27.90 -4.89
N PHE Y 26 -52.86 26.77 -5.02
CA PHE Y 26 -52.16 25.52 -5.27
C PHE Y 26 -51.40 25.54 -6.59
N ASP Y 27 -52.03 26.07 -7.64
CA ASP Y 27 -51.37 26.13 -8.94
C ASP Y 27 -50.13 27.00 -8.88
N LEU Y 28 -50.24 28.16 -8.23
CA LEU Y 28 -49.12 29.08 -8.16
C LEU Y 28 -47.94 28.44 -7.45
N LEU Y 29 -48.20 27.64 -6.41
CA LEU Y 29 -47.13 26.95 -5.72
C LEU Y 29 -46.35 26.06 -6.67
N LEU Y 30 -47.07 25.29 -7.49
CA LEU Y 30 -46.39 24.41 -8.43
C LEU Y 30 -45.53 25.20 -9.40
N ASP Y 31 -46.02 26.36 -9.82
CA ASP Y 31 -45.26 27.18 -10.75
C ASP Y 31 -43.92 27.59 -10.16
N ARG Y 32 -43.92 28.06 -8.92
CA ARG Y 32 -42.68 28.47 -8.28
C ARG Y 32 -41.71 27.31 -8.19
N LEU Y 33 -42.21 26.14 -7.79
CA LEU Y 33 -41.33 24.98 -7.66
C LEU Y 33 -40.86 24.49 -9.02
N GLN Y 34 -41.68 24.64 -10.06
CA GLN Y 34 -41.31 24.19 -11.39
C GLN Y 34 -40.52 25.22 -12.16
N SER Y 35 -40.17 26.34 -11.55
CA SER Y 35 -39.42 27.37 -12.24
C SER Y 35 -38.13 26.79 -12.81
N THR Y 36 -37.83 27.14 -14.06
CA THR Y 36 -36.66 26.56 -14.72
C THR Y 36 -35.37 26.89 -13.98
N ASN Y 37 -35.33 28.05 -13.31
CA ASN Y 37 -34.23 28.39 -12.42
C ASN Y 37 -34.81 28.87 -11.12
N LEU Y 38 -34.32 28.32 -10.01
CA LEU Y 38 -34.86 28.65 -8.70
C LEU Y 38 -34.11 29.77 -8.01
N HIS Y 39 -32.90 30.09 -8.46
CA HIS Y 39 -32.20 31.24 -7.92
C HIS Y 39 -33.00 32.51 -8.20
N GLY Y 40 -33.13 33.34 -7.18
CA GLY Y 40 -33.96 34.52 -7.31
C GLY Y 40 -35.44 34.27 -7.22
N VAL Y 41 -35.85 33.00 -7.13
CA VAL Y 41 -37.24 32.63 -6.97
C VAL Y 41 -37.48 31.92 -5.64
N LEU Y 42 -36.63 30.95 -5.32
CA LEU Y 42 -36.72 30.24 -4.05
C LEU Y 42 -35.58 30.56 -3.11
N TYR Y 43 -34.45 31.02 -3.63
CA TYR Y 43 -33.32 31.41 -2.81
C TYR Y 43 -32.50 32.42 -3.59
N ARG Y 44 -31.64 33.12 -2.87
CA ARG Y 44 -30.78 34.11 -3.49
C ARG Y 44 -29.41 34.07 -2.84
N ALA Y 45 -28.37 34.18 -3.65
CA ALA Y 45 -27.00 34.19 -3.15
C ALA Y 45 -26.60 35.62 -2.86
N LEU Y 46 -26.16 35.88 -1.63
CA LEU Y 46 -25.70 37.19 -1.24
C LEU Y 46 -24.21 37.38 -1.49
N ASP Y 47 -23.54 36.38 -2.06
CA ASP Y 47 -22.08 36.33 -1.99
C ASP Y 47 -21.45 35.83 -3.29
N PHE Y 48 -22.18 35.84 -4.39
CA PHE Y 48 -21.69 35.18 -5.59
C PHE Y 48 -20.44 35.86 -6.14
N ASN Y 49 -19.43 35.05 -6.45
CA ASN Y 49 -18.23 35.54 -7.10
C ASN Y 49 -18.26 35.11 -8.55
N PRO Y 50 -18.54 36.01 -9.49
CA PRO Y 50 -18.65 35.60 -10.89
C PRO Y 50 -17.34 35.14 -11.50
N VAL Y 51 -16.20 35.54 -10.92
CA VAL Y 51 -14.92 35.03 -11.41
C VAL Y 51 -14.88 33.52 -11.29
N ASP Y 52 -15.31 33.00 -10.14
CA ASP Y 52 -15.54 31.58 -9.98
C ASP Y 52 -17.02 31.31 -10.28
N ARG Y 53 -17.47 30.11 -9.91
CA ARG Y 53 -18.89 29.80 -10.01
C ARG Y 53 -19.41 29.49 -8.61
N SER Y 54 -19.05 30.32 -7.64
CA SER Y 54 -19.26 29.97 -6.25
C SER Y 54 -19.83 31.15 -5.47
N ALA Y 55 -20.58 30.81 -4.42
CA ALA Y 55 -20.98 31.73 -3.38
C ALA Y 55 -20.82 31.01 -2.06
N THR Y 56 -21.11 31.69 -0.95
CA THR Y 56 -20.94 31.08 0.36
C THR Y 56 -22.11 31.27 1.30
N VAL Y 57 -22.94 32.29 1.12
CA VAL Y 57 -24.08 32.52 1.98
C VAL Y 57 -25.32 32.64 1.11
N ILE Y 58 -26.38 31.94 1.49
CA ILE Y 58 -27.62 31.91 0.73
C ILE Y 58 -28.75 32.41 1.62
N GLN Y 59 -29.64 33.19 1.04
CA GLN Y 59 -30.86 33.62 1.71
C GLN Y 59 -32.04 32.88 1.10
N THR Y 60 -32.92 32.38 1.96
CA THR Y 60 -34.03 31.53 1.55
C THR Y 60 -35.33 32.33 1.53
N TYR Y 61 -36.35 31.72 0.94
CA TYR Y 61 -37.63 32.35 0.65
C TYR Y 61 -38.76 31.44 1.11
N PRO Y 62 -39.97 31.98 1.24
CA PRO Y 62 -41.00 31.36 2.11
C PRO Y 62 -41.10 29.85 1.96
N PRO Y 63 -41.25 29.31 0.75
CA PRO Y 63 -41.45 27.85 0.65
C PRO Y 63 -40.28 27.07 1.22
N LEU Y 64 -39.09 27.65 1.23
CA LEU Y 64 -37.89 26.97 1.69
C LEU Y 64 -37.43 27.41 3.07
N ASN Y 65 -37.64 28.68 3.43
CA ASN Y 65 -37.04 29.20 4.65
C ASN Y 65 -37.59 28.56 5.92
N ALA Y 66 -38.59 27.69 5.82
CA ALA Y 66 -39.04 26.94 6.98
C ALA Y 66 -38.15 25.75 7.29
N TRP Y 67 -37.20 25.44 6.41
CA TRP Y 67 -36.40 24.23 6.58
C TRP Y 67 -35.43 24.37 7.74
N SER Y 68 -35.28 23.28 8.49
CA SER Y 68 -34.23 23.15 9.49
C SER Y 68 -33.38 21.94 9.13
N PRO Y 69 -32.19 22.14 8.56
CA PRO Y 69 -31.40 21.00 8.09
C PRO Y 69 -31.00 20.08 9.22
N HIS Y 70 -30.94 18.79 8.92
CA HIS Y 70 -30.42 17.82 9.86
C HIS Y 70 -28.92 18.03 10.04
N PRO Y 71 -28.38 17.70 11.23
CA PRO Y 71 -26.99 18.10 11.54
C PRO Y 71 -25.96 17.55 10.58
N ALA Y 72 -26.20 16.38 9.98
CA ALA Y 72 -25.23 15.82 9.05
C ALA Y 72 -24.94 16.81 7.93
N PHE Y 73 -25.96 17.55 7.50
CA PHE Y 73 -25.74 18.58 6.50
C PHE Y 73 -24.90 19.72 7.06
N ILE Y 74 -25.21 20.15 8.27
CA ILE Y 74 -24.55 21.33 8.84
C ILE Y 74 -23.07 21.06 9.04
N GLU Y 75 -22.73 19.92 9.64
CA GLU Y 75 -21.34 19.63 9.98
C GLU Y 75 -20.48 19.37 8.75
N ASN Y 76 -21.06 19.23 7.57
CA ASN Y 76 -20.30 18.93 6.36
C ASN Y 76 -20.99 19.61 5.18
N PRO Y 77 -20.87 20.92 5.08
CA PRO Y 77 -21.58 21.65 4.01
C PRO Y 77 -21.03 21.31 2.64
N LEU Y 78 -21.88 21.45 1.64
CA LEU Y 78 -21.48 21.29 0.26
C LEU Y 78 -21.25 22.65 -0.38
N ASP Y 79 -20.74 22.64 -1.61
CA ASP Y 79 -20.41 23.87 -2.30
C ASP Y 79 -21.61 24.38 -3.10
N TYR Y 80 -21.43 25.54 -3.72
CA TYR Y 80 -22.53 26.17 -4.43
C TYR Y 80 -23.00 25.31 -5.60
N ARG Y 81 -22.06 24.75 -6.37
CA ARG Y 81 -22.45 23.97 -7.54
C ARG Y 81 -23.25 22.75 -7.15
N ASP Y 82 -22.86 22.10 -6.04
CA ASP Y 82 -23.68 21.00 -5.55
C ASP Y 82 -25.03 21.51 -5.06
N TRP Y 83 -25.04 22.67 -4.42
CA TRP Y 83 -26.29 23.20 -3.87
C TRP Y 83 -27.33 23.39 -4.95
N THR Y 84 -26.97 24.07 -6.04
CA THR Y 84 -27.95 24.33 -7.09
C THR Y 84 -28.44 23.03 -7.69
N GLU Y 85 -27.56 22.04 -7.82
CA GLU Y 85 -27.99 20.73 -8.29
C GLU Y 85 -28.92 20.07 -7.28
N PHE Y 86 -28.56 20.12 -6.01
CA PHE Y 86 -29.35 19.43 -4.99
C PHE Y 86 -30.76 19.98 -4.93
N ILE Y 87 -30.90 21.31 -4.96
CA ILE Y 87 -32.23 21.91 -4.83
C ILE Y 87 -33.10 21.55 -6.02
N HIS Y 88 -32.56 21.70 -7.23
CA HIS Y 88 -33.37 21.44 -8.42
C HIS Y 88 -33.88 20.00 -8.43
N ASP Y 89 -33.09 19.06 -7.92
CA ASP Y 89 -33.56 17.69 -7.80
C ASP Y 89 -34.71 17.59 -6.81
N ARG Y 90 -34.52 18.11 -5.60
CA ARG Y 90 -35.53 17.95 -4.57
C ARG Y 90 -36.82 18.65 -4.93
N ALA Y 91 -36.71 19.85 -5.52
CA ALA Y 91 -37.91 20.59 -5.88
C ALA Y 91 -38.77 19.79 -6.83
N LEU Y 92 -38.17 19.22 -7.87
CA LEU Y 92 -38.93 18.44 -8.83
C LEU Y 92 -39.54 17.21 -8.17
N ALA Y 93 -38.76 16.52 -7.34
CA ALA Y 93 -39.29 15.34 -6.66
C ALA Y 93 -40.45 15.72 -5.76
N PHE Y 94 -40.32 16.83 -5.03
CA PHE Y 94 -41.41 17.27 -4.16
C PHE Y 94 -42.67 17.57 -4.96
N VAL Y 95 -42.51 18.14 -6.15
CA VAL Y 95 -43.66 18.41 -6.99
C VAL Y 95 -44.37 17.11 -7.36
N GLY Y 96 -43.61 16.10 -7.75
CA GLY Y 96 -44.22 14.84 -8.15
C GLY Y 96 -45.06 14.25 -7.06
N VAL Y 97 -44.58 14.30 -5.82
CA VAL Y 97 -45.37 13.83 -4.69
C VAL Y 97 -46.65 14.64 -4.57
N LEU Y 98 -46.52 15.96 -4.63
CA LEU Y 98 -47.67 16.82 -4.46
C LEU Y 98 -48.70 16.62 -5.56
N THR Y 99 -48.27 16.16 -6.73
CA THR Y 99 -49.18 15.96 -7.84
C THR Y 99 -49.65 14.52 -7.99
N GLN Y 100 -48.90 13.56 -7.45
CA GLN Y 100 -49.41 12.20 -7.43
C GLN Y 100 -50.71 12.12 -6.65
N ARG Y 101 -50.76 12.78 -5.50
CA ARG Y 101 -52.02 13.11 -4.85
C ARG Y 101 -52.50 14.45 -5.40
N TYR Y 102 -53.78 14.74 -5.17
CA TYR Y 102 -54.35 16.03 -5.54
C TYR Y 102 -54.06 16.39 -6.98
N PRO Y 103 -54.70 15.74 -7.94
CA PRO Y 103 -54.48 16.13 -9.35
C PRO Y 103 -54.84 17.58 -9.56
N LEU Y 104 -54.08 18.23 -10.44
CA LEU Y 104 -54.11 19.69 -10.54
C LEU Y 104 -55.49 20.20 -10.94
N THR Y 105 -56.08 19.57 -11.96
CA THR Y 105 -57.32 20.12 -12.52
C THR Y 105 -58.45 20.17 -11.51
N GLN Y 106 -58.38 19.40 -10.44
CA GLN Y 106 -59.41 19.42 -9.41
C GLN Y 106 -59.02 20.24 -8.20
N ASN Y 107 -57.82 20.81 -8.17
CA ASN Y 107 -57.34 21.43 -6.96
C ASN Y 107 -56.63 22.77 -7.17
N ALA Y 108 -56.60 23.30 -8.40
CA ALA Y 108 -55.81 24.50 -8.65
C ALA Y 108 -56.31 25.68 -7.84
N GLN Y 109 -57.60 25.72 -7.53
CA GLN Y 109 -58.17 26.87 -6.85
C GLN Y 109 -57.95 26.86 -5.35
N ARG Y 110 -57.56 25.73 -4.78
CA ARG Y 110 -57.46 25.63 -3.33
C ARG Y 110 -56.24 26.37 -2.82
N TYR Y 111 -56.34 26.85 -1.59
CA TYR Y 111 -55.28 27.61 -0.94
C TYR Y 111 -54.50 26.70 -0.01
N THR Y 112 -53.17 26.78 -0.09
CA THR Y 112 -52.32 25.98 0.76
C THR Y 112 -52.12 26.64 2.10
N ASN Y 113 -52.11 25.84 3.16
CA ASN Y 113 -51.75 26.36 4.46
C ASN Y 113 -50.25 26.57 4.51
N PRO Y 114 -49.78 27.80 4.67
CA PRO Y 114 -48.32 28.03 4.64
C PRO Y 114 -47.59 27.29 5.73
N LEU Y 115 -48.17 27.19 6.92
CA LEU Y 115 -47.49 26.49 8.01
C LEU Y 115 -47.31 25.02 7.66
N VAL Y 116 -48.38 24.36 7.22
CA VAL Y 116 -48.27 22.96 6.85
C VAL Y 116 -47.31 22.79 5.69
N LEU Y 117 -47.40 23.68 4.71
CA LEU Y 117 -46.53 23.57 3.53
C LEU Y 117 -45.07 23.68 3.93
N GLY Y 118 -44.74 24.63 4.81
CA GLY Y 118 -43.37 24.79 5.23
C GLY Y 118 -42.86 23.55 5.97
N ALA Y 119 -43.67 23.04 6.89
CA ALA Y 119 -43.24 21.87 7.67
C ALA Y 119 -43.07 20.66 6.76
N ALA Y 120 -44.03 20.41 5.88
CA ALA Y 120 -43.97 19.24 5.02
C ALA Y 120 -42.75 19.29 4.12
N PHE Y 121 -42.54 20.43 3.48
CA PHE Y 121 -41.39 20.56 2.59
C PHE Y 121 -40.09 20.39 3.35
N GLY Y 122 -40.00 20.99 4.54
CA GLY Y 122 -38.78 20.89 5.32
C GLY Y 122 -38.43 19.46 5.68
N ASP Y 123 -39.44 18.67 6.07
CA ASP Y 123 -39.18 17.28 6.37
C ASP Y 123 -38.77 16.52 5.11
N PHE Y 124 -39.32 16.91 3.96
CA PHE Y 124 -39.09 16.14 2.75
C PHE Y 124 -37.61 16.11 2.39
N LEU Y 125 -36.98 17.27 2.33
CA LEU Y 125 -35.56 17.29 2.00
C LEU Y 125 -34.69 16.93 3.18
N ASN Y 126 -35.28 16.74 4.36
CA ASN Y 126 -34.58 16.08 5.46
C ASN Y 126 -34.74 14.57 5.38
N ALA Y 127 -35.22 14.04 4.27
CA ALA Y 127 -35.37 12.60 4.05
C ALA Y 127 -36.25 11.97 5.13
N ARG Y 128 -37.35 12.64 5.46
CA ARG Y 128 -38.29 12.15 6.45
C ARG Y 128 -39.68 12.16 5.85
N SER Y 129 -40.47 11.13 6.16
CA SER Y 129 -41.77 10.95 5.53
C SER Y 129 -42.70 12.10 5.89
N ILE Y 130 -43.63 12.39 4.98
CA ILE Y 130 -44.45 13.59 5.08
C ILE Y 130 -45.92 13.27 4.90
N ASP Y 131 -46.27 11.98 4.93
CA ASP Y 131 -47.63 11.57 4.60
C ASP Y 131 -48.65 12.25 5.51
N ILE Y 132 -48.32 12.38 6.80
CA ILE Y 132 -49.26 12.96 7.75
C ILE Y 132 -49.67 14.36 7.33
N PHE Y 133 -48.77 15.10 6.71
CA PHE Y 133 -49.07 16.49 6.37
C PHE Y 133 -49.99 16.59 5.17
N LEU Y 134 -49.84 15.69 4.20
CA LEU Y 134 -50.53 15.85 2.93
C LEU Y 134 -52.04 15.88 3.10
N ASP Y 135 -52.56 15.22 4.13
CA ASP Y 135 -53.99 15.22 4.36
C ASP Y 135 -54.53 16.60 4.67
N ARG Y 136 -53.69 17.51 5.15
CA ARG Y 136 -54.16 18.80 5.62
C ARG Y 136 -53.38 19.94 4.98
N LEU Y 137 -53.14 19.82 3.68
CA LEU Y 137 -52.38 20.84 2.98
C LEU Y 137 -53.19 22.09 2.70
N PHE Y 138 -54.51 21.99 2.62
CA PHE Y 138 -55.34 23.11 2.22
C PHE Y 138 -56.19 23.60 3.39
N TYR Y 139 -56.74 24.80 3.21
CA TYR Y 139 -57.66 25.37 4.18
C TYR Y 139 -58.49 26.44 3.50
N GLY Y 140 -59.68 26.69 4.06
CA GLY Y 140 -60.56 27.69 3.53
C GLY Y 140 -60.41 29.02 4.25
N PRO Y 141 -59.68 29.94 3.64
CA PRO Y 141 -59.34 31.18 4.34
C PRO Y 141 -60.54 31.99 4.76
N THR Y 142 -61.67 31.87 4.05
CA THR Y 142 -62.86 32.61 4.43
C THR Y 142 -63.50 32.06 5.68
N GLN Y 143 -63.13 30.84 6.10
CA GLN Y 143 -63.77 30.21 7.24
C GLN Y 143 -62.91 30.13 8.48
N GLU Y 144 -61.58 30.18 8.34
CA GLU Y 144 -60.69 30.13 9.49
C GLU Y 144 -59.30 30.59 9.06
N SER Y 145 -58.42 30.69 10.03
CA SER Y 145 -57.04 31.06 9.88
C SER Y 145 -56.18 29.84 9.60
N PRO Y 146 -54.98 30.02 9.06
CA PRO Y 146 -54.07 28.88 8.93
C PRO Y 146 -53.74 28.24 10.26
N ILE Y 147 -53.83 28.97 11.35
CA ILE Y 147 -53.63 28.37 12.67
C ILE Y 147 -54.81 27.50 13.06
N THR Y 148 -55.99 28.11 13.13
CA THR Y 148 -57.16 27.39 13.61
C THR Y 148 -57.49 26.19 12.75
N SER Y 149 -57.15 26.25 11.47
CA SER Y 149 -57.34 25.09 10.61
C SER Y 149 -56.55 23.90 11.11
N ILE Y 150 -55.43 24.14 11.79
CA ILE Y 150 -54.59 23.05 12.27
C ILE Y 150 -55.05 22.56 13.64
N THR Y 151 -55.50 23.47 14.50
CA THR Y 151 -55.86 23.11 15.87
C THR Y 151 -57.05 22.18 15.91
N LYS Y 152 -57.62 21.85 14.76
CA LYS Y 152 -58.64 20.82 14.70
C LYS Y 152 -58.11 19.44 15.08
N PHE Y 153 -56.79 19.27 15.13
CA PHE Y 153 -56.17 17.97 15.38
C PHE Y 153 -55.13 18.14 16.48
N PRO Y 154 -55.58 18.37 17.70
CA PRO Y 154 -54.66 18.72 18.81
C PRO Y 154 -53.91 17.52 19.38
N TYR Y 155 -52.82 17.16 18.71
CA TYR Y 155 -51.96 16.10 19.20
C TYR Y 155 -50.61 16.21 18.52
N GLN Y 156 -49.64 15.47 19.03
CA GLN Y 156 -48.29 15.50 18.49
C GLN Y 156 -48.31 14.85 17.11
N TRP Y 157 -48.37 15.66 16.07
CA TRP Y 157 -48.33 15.13 14.71
C TRP Y 157 -47.02 14.40 14.46
N THR Y 158 -45.91 15.07 14.72
CA THR Y 158 -44.61 14.45 14.59
C THR Y 158 -43.67 15.08 15.61
N ILE Y 159 -42.48 14.50 15.72
CA ILE Y 159 -41.58 14.84 16.80
C ILE Y 159 -41.17 16.30 16.75
N ASP Y 160 -41.30 16.96 15.60
CA ASP Y 160 -40.94 18.36 15.46
C ASP Y 160 -42.14 19.24 15.14
N PHE Y 161 -43.35 18.71 15.24
CA PHE Y 161 -44.55 19.49 14.94
C PHE Y 161 -45.62 19.06 15.93
N ASN Y 162 -45.77 19.83 17.00
CA ASN Y 162 -46.67 19.51 18.09
C ASN Y 162 -47.73 20.59 18.20
N VAL Y 163 -48.99 20.18 18.22
CA VAL Y 163 -50.12 21.12 18.22
C VAL Y 163 -51.08 20.75 19.34
N THR Y 164 -51.49 21.75 20.11
CA THR Y 164 -52.47 21.60 21.16
C THR Y 164 -53.82 22.11 20.67
N ALA Y 165 -54.79 22.20 21.58
CA ALA Y 165 -56.10 22.72 21.23
C ALA Y 165 -56.07 24.20 20.90
N ASP Y 166 -54.98 24.90 21.21
CA ASP Y 166 -54.95 26.34 21.01
C ASP Y 166 -53.65 26.85 20.41
N SER Y 167 -52.65 26.00 20.18
CA SER Y 167 -51.34 26.50 19.83
C SER Y 167 -50.57 25.42 19.08
N VAL Y 168 -49.53 25.86 18.38
CA VAL Y 168 -48.66 24.99 17.61
C VAL Y 168 -47.21 25.32 17.93
N ARG Y 169 -46.40 24.29 18.12
CA ARG Y 169 -44.98 24.44 18.41
C ARG Y 169 -44.17 23.77 17.32
N THR Y 170 -43.14 24.47 16.84
CA THR Y 170 -42.26 23.93 15.81
C THR Y 170 -40.95 24.72 15.81
N PRO Y 171 -39.83 24.10 15.45
CA PRO Y 171 -38.57 24.86 15.36
C PRO Y 171 -38.64 25.90 14.26
N ALA Y 172 -38.00 27.03 14.51
CA ALA Y 172 -37.94 28.09 13.51
C ALA Y 172 -37.02 27.68 12.36
N GLY Y 173 -37.46 27.96 11.15
CA GLY Y 173 -36.65 27.64 9.99
C GLY Y 173 -35.44 28.54 9.87
N CYS Y 174 -34.48 28.08 9.08
CA CYS Y 174 -33.24 28.81 8.87
C CYS Y 174 -33.41 29.79 7.72
N LYS Y 175 -33.27 31.08 8.02
CA LYS Y 175 -33.40 32.10 7.00
C LYS Y 175 -32.15 32.23 6.13
N TYR Y 176 -31.02 31.72 6.59
CA TYR Y 176 -29.79 31.75 5.83
C TYR Y 176 -29.16 30.37 5.84
N ILE Y 177 -28.43 30.06 4.77
CA ILE Y 177 -27.70 28.81 4.65
C ILE Y 177 -26.27 29.13 4.27
N THR Y 178 -25.32 28.58 5.01
CA THR Y 178 -23.91 28.79 4.76
C THR Y 178 -23.35 27.59 4.01
N LEU Y 179 -22.73 27.85 2.87
CA LEU Y 179 -22.17 26.78 2.06
C LEU Y 179 -20.73 26.51 2.48
N TYR Y 180 -20.07 25.63 1.74
CA TYR Y 180 -18.69 25.29 2.03
C TYR Y 180 -17.81 26.53 1.92
N GLY Y 181 -16.84 26.63 2.81
CA GLY Y 181 -15.93 27.76 2.82
C GLY Y 181 -16.40 28.97 3.59
N TYR Y 182 -17.44 28.83 4.40
CA TYR Y 182 -17.95 29.97 5.17
C TYR Y 182 -16.97 30.36 6.26
N ASP Y 183 -16.86 31.66 6.50
CA ASP Y 183 -15.90 32.20 7.47
C ASP Y 183 -16.44 33.50 8.05
N PRO Y 184 -16.98 33.47 9.27
CA PRO Y 184 -17.42 34.71 9.92
C PRO Y 184 -16.30 35.69 10.17
N SER Y 185 -15.06 35.22 10.36
CA SER Y 185 -13.98 36.13 10.69
C SER Y 185 -13.72 37.13 9.58
N ARG Y 186 -13.96 36.74 8.33
CA ARG Y 186 -13.82 37.66 7.22
C ARG Y 186 -14.81 38.80 7.38
N PRO Y 187 -14.35 40.02 7.64
CA PRO Y 187 -15.28 41.11 7.97
C PRO Y 187 -16.22 41.47 6.86
N SER Y 188 -15.89 41.13 5.62
CA SER Y 188 -16.72 41.48 4.48
C SER Y 188 -17.83 40.48 4.20
N THR Y 189 -17.87 39.37 4.92
CA THR Y 189 -18.93 38.39 4.69
C THR Y 189 -20.27 38.95 5.15
N PRO Y 190 -21.35 38.58 4.47
CA PRO Y 190 -22.67 39.04 4.90
C PRO Y 190 -23.01 38.51 6.28
N ALA Y 191 -23.75 39.31 7.03
CA ALA Y 191 -24.18 38.91 8.36
C ALA Y 191 -25.40 38.00 8.28
N THR Y 192 -25.47 37.03 9.19
CA THR Y 192 -26.60 36.14 9.27
C THR Y 192 -27.26 36.10 10.64
N TYR Y 193 -26.67 36.75 11.64
CA TYR Y 193 -27.23 36.81 13.00
C TYR Y 193 -27.45 35.43 13.58
N GLY Y 194 -26.72 34.42 13.09
CA GLY Y 194 -26.82 33.09 13.62
C GLY Y 194 -28.01 32.29 13.13
N LYS Y 195 -28.84 32.86 12.26
CA LYS Y 195 -30.02 32.14 11.79
C LYS Y 195 -29.66 30.94 10.93
N HIS Y 196 -28.40 30.80 10.53
CA HIS Y 196 -27.99 29.63 9.77
C HIS Y 196 -27.98 28.37 10.60
N ARG Y 197 -27.76 28.48 11.91
CA ARG Y 197 -27.78 27.31 12.76
C ARG Y 197 -29.16 26.67 12.75
N PRO Y 198 -29.24 25.34 12.80
CA PRO Y 198 -30.54 24.68 12.60
C PRO Y 198 -31.54 24.94 13.71
N THR Y 199 -31.09 25.26 14.93
CA THR Y 199 -31.98 25.33 16.08
C THR Y 199 -31.73 26.61 16.87
N TYR Y 200 -31.67 27.73 16.18
CA TYR Y 200 -31.38 28.98 16.86
C TYR Y 200 -32.55 29.49 17.69
N ALA Y 201 -33.75 28.97 17.47
CA ALA Y 201 -34.92 29.47 18.20
C ALA Y 201 -36.06 28.46 18.03
N THR Y 202 -37.24 28.83 18.52
CA THR Y 202 -38.43 28.01 18.42
C THR Y 202 -39.64 28.93 18.48
N VAL Y 203 -40.65 28.66 17.66
CA VAL Y 203 -41.81 29.51 17.54
C VAL Y 203 -43.02 28.80 18.12
N PHE Y 204 -43.92 29.57 18.72
CA PHE Y 204 -45.18 29.07 19.27
C PHE Y 204 -46.30 29.91 18.70
N TYR Y 205 -47.04 29.38 17.74
CA TYR Y 205 -48.21 30.06 17.23
C TYR Y 205 -49.39 29.83 18.16
N TYR Y 206 -50.19 30.87 18.37
CA TYR Y 206 -51.34 30.78 19.25
C TYR Y 206 -52.54 31.44 18.60
N SER Y 207 -53.72 30.92 18.91
CA SER Y 207 -54.94 31.37 18.29
C SER Y 207 -55.63 32.51 19.04
N THR Y 208 -55.46 32.59 20.34
CA THR Y 208 -56.19 33.57 21.12
C THR Y 208 -55.36 34.01 22.32
N LEU Y 209 -55.73 35.16 22.87
CA LEU Y 209 -54.96 35.75 23.96
C LEU Y 209 -54.83 34.82 25.17
N PRO Y 210 -55.89 34.19 25.67
CA PRO Y 210 -55.70 33.28 26.81
C PRO Y 210 -54.67 32.20 26.53
N ALA Y 211 -54.62 31.70 25.30
CA ALA Y 211 -53.56 30.76 24.94
C ALA Y 211 -52.20 31.42 25.08
N ARG Y 212 -52.07 32.67 24.65
CA ARG Y 212 -50.81 33.38 24.80
C ARG Y 212 -50.41 33.47 26.26
N SER Y 213 -51.37 33.76 27.13
CA SER Y 213 -51.08 33.80 28.56
C SER Y 213 -50.60 32.44 29.05
N ARG Y 214 -51.26 31.38 28.60
CA ARG Y 214 -50.87 30.04 29.04
C ARG Y 214 -49.44 29.72 28.63
N LEU Y 215 -49.07 30.06 27.40
CA LEU Y 215 -47.72 29.75 26.93
C LEU Y 215 -46.67 30.50 27.74
N LEU Y 216 -46.90 31.78 27.99
CA LEU Y 216 -45.90 32.58 28.69
C LEU Y 216 -45.63 32.03 30.08
N ALA Y 217 -46.67 31.50 30.74
CA ALA Y 217 -46.48 30.94 32.06
C ALA Y 217 -45.47 29.80 32.04
N ASN Y 218 -45.43 29.02 30.96
CA ASN Y 218 -44.46 27.94 30.88
C ASN Y 218 -43.06 28.45 30.62
N LEU Y 219 -42.93 29.48 29.79
CA LEU Y 219 -41.62 29.94 29.34
C LEU Y 219 -40.96 30.92 30.29
N ALA Y 220 -41.63 31.28 31.39
CA ALA Y 220 -41.14 32.37 32.22
C ALA Y 220 -39.76 32.10 32.81
N ALA Y 221 -39.36 30.84 32.95
CA ALA Y 221 -38.13 30.50 33.63
C ALA Y 221 -36.91 30.50 32.72
N GLY Y 222 -37.09 30.50 31.41
CA GLY Y 222 -35.98 30.36 30.49
C GLY Y 222 -35.45 31.70 30.01
N PRO Y 223 -34.89 31.71 28.80
CA PRO Y 223 -34.39 32.96 28.22
C PRO Y 223 -35.52 33.93 27.90
N THR Y 224 -35.17 35.08 27.33
CA THR Y 224 -36.16 36.12 27.08
C THR Y 224 -36.98 35.79 25.83
N VAL Y 225 -38.30 35.85 25.97
CA VAL Y 225 -39.20 35.59 24.85
C VAL Y 225 -39.42 36.88 24.08
N LEU Y 226 -39.52 36.78 22.76
CA LEU Y 226 -39.72 37.92 21.88
C LEU Y 226 -40.98 37.74 21.05
N GLU Y 227 -41.55 38.86 20.63
CA GLU Y 227 -42.77 38.81 19.84
C GLU Y 227 -42.90 40.09 19.02
N HIS Y 228 -43.52 39.96 17.84
CA HIS Y 228 -43.96 41.09 17.06
C HIS Y 228 -45.43 41.36 17.38
N PHE Y 229 -45.76 42.63 17.59
CA PHE Y 229 -47.15 43.00 17.82
C PHE Y 229 -47.86 43.49 16.58
N ASP Y 230 -47.14 44.00 15.59
CA ASP Y 230 -47.79 44.69 14.48
C ASP Y 230 -48.46 43.71 13.53
N SER Y 231 -47.68 42.85 12.90
CA SER Y 231 -48.19 41.93 11.90
C SER Y 231 -47.37 40.65 11.95
N PRO Y 232 -47.87 39.62 12.62
CA PRO Y 232 -47.06 38.43 12.90
C PRO Y 232 -47.04 37.41 11.77
N THR Y 233 -46.82 37.89 10.54
CA THR Y 233 -46.76 37.03 9.36
C THR Y 233 -47.98 36.11 9.30
N TYR Y 234 -47.75 34.80 9.40
CA TYR Y 234 -48.83 33.84 9.26
C TYR Y 234 -49.83 33.90 10.40
N GLY Y 235 -49.43 34.43 11.56
CA GLY Y 235 -50.33 34.54 12.67
C GLY Y 235 -49.62 34.85 13.97
N PRO Y 236 -50.39 35.23 14.99
CA PRO Y 236 -49.79 35.60 16.27
C PRO Y 236 -48.95 34.45 16.84
N HIS Y 237 -47.72 34.76 17.21
CA HIS Y 237 -46.81 33.73 17.66
C HIS Y 237 -45.70 34.34 18.49
N LEU Y 238 -45.30 33.64 19.53
CA LEU Y 238 -44.09 33.95 20.25
C LEU Y 238 -42.91 33.22 19.61
N LEU Y 239 -41.70 33.61 19.99
CA LEU Y 239 -40.53 32.85 19.62
C LEU Y 239 -39.54 32.85 20.76
N LEU Y 240 -38.94 31.68 21.01
CA LEU Y 240 -37.99 31.51 22.09
C LEU Y 240 -36.60 31.32 21.52
N PRO Y 241 -35.71 32.29 21.66
CA PRO Y 241 -34.36 32.13 21.10
C PRO Y 241 -33.55 31.11 21.88
N GLN Y 242 -32.58 30.53 21.20
CA GLN Y 242 -31.62 29.66 21.86
C GLN Y 242 -30.84 30.44 22.90
N THR Y 243 -30.56 29.81 24.03
CA THR Y 243 -29.99 30.50 25.18
C THR Y 243 -28.51 30.81 25.04
N GLY Y 244 -27.85 30.34 23.99
CA GLY Y 244 -26.43 30.55 23.81
C GLY Y 244 -26.14 31.88 23.14
N ASP Y 245 -24.89 32.02 22.70
CA ASP Y 245 -24.40 33.21 22.02
C ASP Y 245 -23.90 32.84 20.63
N VAL Y 246 -23.46 33.85 19.89
CA VAL Y 246 -22.94 33.66 18.54
C VAL Y 246 -21.58 34.35 18.45
N LEU Y 247 -20.66 33.72 17.74
CA LEU Y 247 -19.28 34.18 17.67
C LEU Y 247 -19.09 35.20 16.57
N GLY Y 248 -18.11 36.08 16.77
CA GLY Y 248 -17.60 36.93 15.72
C GLY Y 248 -18.28 38.28 15.57
N TYR Y 249 -19.42 38.49 16.23
CA TYR Y 249 -20.15 39.72 16.00
C TYR Y 249 -19.70 40.88 16.87
N SER Y 250 -18.98 40.62 17.96
CA SER Y 250 -18.52 41.67 18.85
C SER Y 250 -17.50 41.05 19.80
N SER Y 251 -17.09 41.82 20.81
CA SER Y 251 -16.21 41.33 21.85
C SER Y 251 -17.00 40.58 22.91
N SER Y 252 -17.69 39.53 22.45
CA SER Y 252 -18.47 38.63 23.32
C SER Y 252 -19.53 39.37 24.12
N LEU Y 253 -20.05 40.46 23.56
CA LEU Y 253 -21.06 41.27 24.22
C LEU Y 253 -22.47 40.80 23.91
N ILE Y 254 -22.64 39.56 23.46
CA ILE Y 254 -23.85 39.17 22.74
C ILE Y 254 -24.36 37.83 23.24
N SER Y 255 -25.69 37.74 23.36
CA SER Y 255 -26.41 36.48 23.41
C SER Y 255 -27.35 36.44 22.22
N GLN Y 256 -27.92 35.25 21.98
CA GLN Y 256 -28.74 35.06 20.79
C GLN Y 256 -29.93 36.02 20.77
N ALA Y 257 -30.57 36.20 21.93
CA ALA Y 257 -31.73 37.08 21.99
C ALA Y 257 -31.36 38.50 21.58
N ALA Y 258 -30.21 38.99 22.05
CA ALA Y 258 -29.79 40.34 21.69
C ALA Y 258 -29.62 40.48 20.19
N LEU Y 259 -29.06 39.46 19.54
CA LEU Y 259 -28.84 39.53 18.10
C LEU Y 259 -30.15 39.70 17.36
N LEU Y 260 -31.18 38.94 17.75
CA LEU Y 260 -32.47 39.07 17.09
C LEU Y 260 -33.01 40.48 17.24
N MET Y 261 -32.89 41.06 18.43
CA MET Y 261 -33.37 42.41 18.65
C MET Y 261 -32.62 43.40 17.78
N VAL Y 262 -31.29 43.37 17.83
CA VAL Y 262 -30.51 44.43 17.19
C VAL Y 262 -30.73 44.42 15.70
N GLU Y 263 -30.76 43.24 15.09
CA GLU Y 263 -31.00 43.19 13.65
C GLU Y 263 -32.42 43.61 13.32
N SER Y 264 -33.38 43.28 14.19
CA SER Y 264 -34.74 43.75 13.99
C SER Y 264 -34.79 45.27 14.03
N VAL Y 265 -34.06 45.86 14.98
CA VAL Y 265 -34.03 47.31 15.09
C VAL Y 265 -33.47 47.93 13.81
N MET Y 266 -32.40 47.33 13.28
CA MET Y 266 -31.81 47.87 12.06
C MET Y 266 -32.82 47.85 10.92
N ASP Y 267 -33.58 46.78 10.78
CA ASP Y 267 -34.59 46.73 9.73
C ASP Y 267 -35.62 47.83 9.93
N ALA Y 268 -36.02 48.07 11.17
CA ALA Y 268 -36.97 49.14 11.44
C ALA Y 268 -36.41 50.49 10.99
N LEU Y 269 -35.14 50.74 11.30
CA LEU Y 269 -34.52 51.98 10.89
C LEU Y 269 -34.44 52.08 9.38
N ARG Y 270 -34.06 50.99 8.71
CA ARG Y 270 -33.94 51.03 7.27
C ARG Y 270 -35.28 51.33 6.62
N ASP Y 271 -36.35 50.71 7.10
CA ASP Y 271 -37.66 50.94 6.53
C ASP Y 271 -38.10 52.39 6.72
N ASN Y 272 -37.91 52.93 7.92
CA ASN Y 272 -38.20 54.33 8.15
C ASN Y 272 -37.43 55.21 7.19
N ALA Y 273 -36.20 54.80 6.86
CA ALA Y 273 -35.35 55.62 6.01
C ALA Y 273 -35.85 55.70 4.58
N ASN Y 274 -36.70 54.76 4.16
CA ASN Y 274 -37.12 54.78 2.76
C ASN Y 274 -38.61 54.49 2.60
N ALA Y 275 -39.41 54.63 3.65
CA ALA Y 275 -40.84 54.48 3.50
C ALA Y 275 -41.40 55.65 2.70
N SER Y 276 -42.54 55.40 2.05
CA SER Y 276 -43.18 56.41 1.23
C SER Y 276 -44.69 56.29 1.36
N ALA Y 277 -45.38 57.39 1.07
CA ALA Y 277 -46.82 57.41 1.20
C ALA Y 277 -47.50 56.56 0.14
N SER Y 278 -46.91 56.44 -1.03
CA SER Y 278 -47.56 55.78 -2.16
C SER Y 278 -47.47 54.26 -2.11
N THR Y 279 -46.76 53.70 -1.13
CA THR Y 279 -46.46 52.28 -1.13
C THR Y 279 -46.94 51.65 0.16
N ALA Y 280 -47.76 50.61 0.05
CA ALA Y 280 -48.14 49.83 1.21
C ALA Y 280 -47.01 48.88 1.60
N VAL Y 281 -47.04 48.45 2.86
CA VAL Y 281 -46.02 47.55 3.39
C VAL Y 281 -46.70 46.50 4.25
N THR Y 282 -46.02 45.37 4.43
CA THR Y 282 -46.59 44.30 5.24
C THR Y 282 -46.67 44.64 6.71
N ARG Y 283 -45.85 45.58 7.19
CA ARG Y 283 -45.74 45.82 8.62
C ARG Y 283 -45.08 47.16 8.85
N LEU Y 284 -45.69 47.98 9.72
CA LEU Y 284 -45.10 49.28 10.01
C LEU Y 284 -43.98 49.17 11.02
N ASP Y 285 -44.15 48.34 12.04
CA ASP Y 285 -43.21 48.23 13.16
C ASP Y 285 -42.44 46.93 13.02
N GLN Y 286 -41.18 47.01 12.61
CA GLN Y 286 -40.36 45.82 12.44
C GLN Y 286 -39.72 45.36 13.74
N SER Y 287 -39.91 46.08 14.83
CA SER Y 287 -39.20 45.77 16.06
C SER Y 287 -39.77 44.54 16.74
N TYR Y 288 -38.88 43.78 17.39
CA TYR Y 288 -39.32 42.79 18.34
C TYR Y 288 -39.62 43.45 19.68
N HIS Y 289 -40.19 42.67 20.60
CA HIS Y 289 -40.47 43.21 21.90
C HIS Y 289 -40.32 42.11 22.92
N PRO Y 290 -39.49 42.30 23.94
CA PRO Y 290 -39.33 41.27 24.97
C PRO Y 290 -40.52 41.24 25.90
N VAL Y 291 -40.89 40.03 26.32
CA VAL Y 291 -42.08 39.83 27.15
C VAL Y 291 -41.81 38.99 28.39
N THR Y 292 -40.58 38.48 28.57
CA THR Y 292 -40.25 37.70 29.75
C THR Y 292 -38.85 38.04 30.21
N SER Y 293 -38.62 37.85 31.51
CA SER Y 293 -37.29 37.89 32.11
C SER Y 293 -36.49 39.10 31.63
N PHE Y 294 -36.99 40.28 31.99
CA PHE Y 294 -36.44 41.50 31.47
C PHE Y 294 -36.43 42.57 32.56
N ASP Y 295 -35.43 43.44 32.50
CA ASP Y 295 -35.31 44.52 33.47
C ASP Y 295 -35.60 45.85 32.80
N PRO Y 296 -36.70 46.53 33.16
CA PRO Y 296 -36.92 47.89 32.66
C PRO Y 296 -36.11 48.95 33.38
N SER Y 297 -35.39 48.58 34.44
CA SER Y 297 -34.74 49.56 35.30
C SER Y 297 -33.28 49.81 34.95
N THR Y 298 -32.69 49.04 34.05
CA THR Y 298 -31.25 49.08 33.84
C THR Y 298 -30.94 49.11 32.35
N PHE Y 299 -29.78 49.65 32.02
CA PHE Y 299 -29.36 49.79 30.63
C PHE Y 299 -27.89 49.46 30.47
N ASN Y 300 -27.42 48.43 31.15
CA ASN Y 300 -26.02 48.06 31.08
C ASN Y 300 -25.79 46.72 30.37
N THR Y 301 -26.75 46.29 29.55
CA THR Y 301 -26.54 45.16 28.67
C THR Y 301 -27.20 45.45 27.33
N LEU Y 302 -26.71 44.79 26.29
CA LEU Y 302 -27.14 45.08 24.93
C LEU Y 302 -28.65 44.96 24.81
N LEU Y 303 -29.20 43.86 25.33
CA LEU Y 303 -30.62 43.62 25.17
C LEU Y 303 -31.45 44.77 25.73
N GLN Y 304 -31.06 45.29 26.89
CA GLN Y 304 -31.77 46.44 27.45
C GLN Y 304 -31.69 47.63 26.53
N ARG Y 305 -30.49 47.95 26.05
CA ARG Y 305 -30.32 49.14 25.23
C ARG Y 305 -31.09 49.02 23.93
N ALA Y 306 -31.01 47.86 23.29
CA ALA Y 306 -31.74 47.67 22.03
C ALA Y 306 -33.23 47.87 22.23
N THR Y 307 -33.76 47.33 23.33
CA THR Y 307 -35.17 47.54 23.64
C THR Y 307 -35.46 49.02 23.82
N ASN Y 308 -34.58 49.72 24.54
CA ASN Y 308 -34.78 51.13 24.79
C ASN Y 308 -34.82 51.92 23.48
N LEU Y 309 -34.01 51.52 22.51
CA LEU Y 309 -34.04 52.17 21.21
C LEU Y 309 -35.28 51.77 20.41
N ALA Y 310 -35.65 50.49 20.49
CA ALA Y 310 -36.79 50.02 19.71
C ALA Y 310 -38.07 50.75 20.10
N LEU Y 311 -38.27 50.98 21.40
CA LEU Y 311 -39.44 51.70 21.85
C LEU Y 311 -39.52 53.07 21.21
N LEU Y 312 -38.37 53.66 20.88
CA LEU Y 312 -38.36 54.95 20.22
C LEU Y 312 -38.45 54.83 18.71
N ALA Y 313 -37.87 53.77 18.13
CA ALA Y 313 -37.84 53.64 16.68
C ALA Y 313 -39.23 53.51 16.10
N VAL Y 314 -40.16 52.90 16.84
CA VAL Y 314 -41.51 52.67 16.33
C VAL Y 314 -42.19 54.00 16.00
N GLN Y 315 -41.79 55.08 16.64
CA GLN Y 315 -42.39 56.38 16.36
C GLN Y 315 -42.08 56.86 14.95
N GLY Y 316 -41.15 56.23 14.25
CA GLY Y 316 -40.79 56.63 12.91
C GLY Y 316 -39.48 57.38 12.81
N VAL Y 317 -38.52 57.08 13.67
CA VAL Y 317 -37.26 57.82 13.67
C VAL Y 317 -36.33 57.27 12.62
N GLN Y 318 -35.35 58.09 12.22
CA GLN Y 318 -34.37 57.72 11.22
C GLN Y 318 -32.97 57.98 11.73
N SER Y 319 -32.03 57.17 11.28
CA SER Y 319 -30.63 57.36 11.63
C SER Y 319 -29.99 58.40 10.72
N GLU Y 320 -28.95 59.05 11.24
CA GLU Y 320 -28.30 60.09 10.46
C GLU Y 320 -27.55 59.52 9.27
N SER Y 321 -27.15 58.26 9.33
CA SER Y 321 -26.39 57.62 8.26
C SER Y 321 -27.14 56.40 7.77
N ALA Y 322 -27.08 56.16 6.47
CA ALA Y 322 -27.78 55.04 5.87
C ALA Y 322 -27.16 53.72 6.31
N ILE Y 323 -27.99 52.70 6.39
CA ILE Y 323 -27.54 51.37 6.77
C ILE Y 323 -27.67 50.44 5.56
N PRO Y 324 -26.73 49.52 5.36
CA PRO Y 324 -26.72 48.75 4.11
C PRO Y 324 -27.95 47.86 3.96
N ALA Y 325 -28.32 47.62 2.71
CA ALA Y 325 -29.41 46.68 2.44
C ALA Y 325 -29.00 45.26 2.78
N ILE Y 326 -27.73 44.92 2.58
CA ILE Y 326 -27.23 43.59 2.93
C ILE Y 326 -26.02 43.79 3.83
N PRO Y 327 -26.23 43.99 5.12
CA PRO Y 327 -25.11 44.31 6.01
C PRO Y 327 -24.09 43.20 6.07
N THR Y 328 -22.83 43.58 6.18
CA THR Y 328 -21.74 42.64 6.42
C THR Y 328 -21.40 42.64 7.90
N MET Y 329 -20.51 41.70 8.28
CA MET Y 329 -20.12 41.58 9.67
C MET Y 329 -19.58 42.90 10.21
N SER Y 330 -18.78 43.60 9.41
CA SER Y 330 -18.24 44.88 9.83
C SER Y 330 -19.36 45.88 10.13
N ASP Y 331 -20.37 45.91 9.28
CA ASP Y 331 -21.47 46.85 9.46
C ASP Y 331 -22.17 46.63 10.79
N VAL Y 332 -22.49 45.37 11.10
CA VAL Y 332 -23.16 45.06 12.35
C VAL Y 332 -22.29 45.45 13.53
N ARG Y 333 -20.99 45.14 13.45
CA ARG Y 333 -20.08 45.45 14.53
C ARG Y 333 -20.10 46.94 14.84
N SER Y 334 -20.06 47.77 13.81
CA SER Y 334 -20.13 49.21 14.02
C SER Y 334 -21.41 49.61 14.72
N PHE Y 335 -22.52 48.98 14.33
CA PHE Y 335 -23.79 49.30 14.95
C PHE Y 335 -23.79 48.93 16.43
N VAL Y 336 -23.34 47.73 16.75
CA VAL Y 336 -23.31 47.28 18.14
C VAL Y 336 -22.39 48.18 18.95
N ALA Y 337 -21.21 48.49 18.40
CA ALA Y 337 -20.24 49.30 19.13
C ALA Y 337 -20.85 50.64 19.52
N ARG Y 338 -21.54 51.29 18.59
CA ARG Y 338 -22.21 52.54 18.92
C ARG Y 338 -23.29 52.32 19.97
N LEU Y 339 -24.05 51.25 19.84
CA LEU Y 339 -25.14 51.00 20.78
C LEU Y 339 -24.61 50.79 22.19
N MET Y 340 -23.41 50.24 22.32
CA MET Y 340 -22.82 49.99 23.62
C MET Y 340 -21.98 51.14 24.13
N ALA Y 341 -21.91 52.24 23.38
CA ALA Y 341 -21.12 53.38 23.83
C ALA Y 341 -21.77 54.03 25.04
N GLU Y 342 -20.95 54.79 25.78
CA GLU Y 342 -21.46 55.53 26.93
C GLU Y 342 -22.40 56.64 26.47
N GLY Y 343 -23.49 56.82 27.19
CA GLY Y 343 -24.44 57.85 26.84
C GLY Y 343 -25.74 57.64 27.58
N ASP Y 344 -26.63 58.58 27.40
CA ASP Y 344 -27.92 58.50 28.06
C ASP Y 344 -28.89 57.61 27.31
N PRO Y 345 -29.72 56.87 28.01
CA PRO Y 345 -30.86 56.22 27.37
C PRO Y 345 -32.01 57.21 27.24
N GLN Y 346 -32.74 57.13 26.14
CA GLN Y 346 -33.92 57.96 25.99
C GLN Y 346 -34.96 57.53 27.01
N GLN Y 347 -35.73 58.50 27.49
CA GLN Y 347 -36.79 58.21 28.44
C GLN Y 347 -38.04 59.00 28.10
N TRP Y 348 -38.29 59.18 26.80
CA TRP Y 348 -39.55 59.79 26.40
C TRP Y 348 -40.71 58.82 26.62
N PHE Y 349 -40.52 57.56 26.22
CA PHE Y 349 -41.57 56.55 26.31
C PHE Y 349 -41.11 55.44 27.24
N PRO Y 350 -41.84 55.13 28.30
CA PRO Y 350 -41.42 54.05 29.19
C PRO Y 350 -41.78 52.69 28.62
N TYR Y 351 -40.96 51.70 28.99
CA TYR Y 351 -41.24 50.32 28.60
C TYR Y 351 -42.44 49.80 29.38
N ARG Y 352 -43.31 49.07 28.68
CA ARG Y 352 -44.42 48.38 29.32
C ARG Y 352 -44.50 46.97 28.76
N VAL Y 353 -44.87 46.03 29.63
CA VAL Y 353 -44.50 44.63 29.41
C VAL Y 353 -45.10 44.10 28.12
N ASP Y 354 -46.39 44.34 27.88
CA ASP Y 354 -47.02 43.86 26.66
C ASP Y 354 -47.98 44.91 26.12
N GLN Y 355 -47.55 46.16 26.11
CA GLN Y 355 -48.27 47.21 25.40
C GLN Y 355 -47.28 48.30 25.01
N ILE Y 356 -47.46 48.84 23.81
CA ILE Y 356 -46.52 49.79 23.24
C ILE Y 356 -47.20 51.14 23.06
N LEU Y 357 -46.51 52.20 23.46
CA LEU Y 357 -47.04 53.55 23.43
C LEU Y 357 -46.55 54.28 22.18
N TYR Y 358 -47.46 55.01 21.54
CA TYR Y 358 -47.13 55.74 20.33
C TYR Y 358 -47.55 57.20 20.46
N TRP Y 359 -46.80 58.07 19.82
CA TRP Y 359 -47.09 59.50 19.84
C TRP Y 359 -48.19 59.80 18.83
N PRO Y 360 -49.29 60.44 19.24
CA PRO Y 360 -50.37 60.70 18.29
C PRO Y 360 -49.93 61.54 17.10
N GLU Y 361 -48.95 62.41 17.27
CA GLU Y 361 -48.47 63.22 16.15
C GLU Y 361 -47.58 62.43 15.20
N SER Y 362 -47.16 61.23 15.58
CA SER Y 362 -46.31 60.45 14.70
C SER Y 362 -47.08 60.02 13.46
N PRO Y 363 -46.38 59.81 12.33
CA PRO Y 363 -47.05 59.26 11.15
C PRO Y 363 -47.53 57.84 11.34
N PHE Y 364 -47.12 57.17 12.41
CA PHE Y 364 -47.50 55.79 12.65
C PHE Y 364 -49.01 55.67 12.81
N VAL Y 365 -49.56 54.57 12.31
CA VAL Y 365 -50.99 54.27 12.44
C VAL Y 365 -51.12 52.94 13.17
N PRO Y 366 -51.81 52.90 14.31
CA PRO Y 366 -51.88 51.66 15.06
C PRO Y 366 -52.76 50.63 14.36
N PRO Y 367 -52.51 49.36 14.56
CA PRO Y 367 -53.45 48.33 14.08
C PRO Y 367 -54.65 48.22 15.01
N ILE Y 368 -55.51 47.22 14.77
CA ILE Y 368 -56.74 47.10 15.54
C ILE Y 368 -56.52 46.49 16.91
N GLY Y 369 -55.45 45.73 17.11
CA GLY Y 369 -55.25 45.01 18.35
C GLY Y 369 -55.07 45.93 19.55
N PRO Y 370 -55.13 45.35 20.75
CA PRO Y 370 -54.99 46.14 21.97
C PRO Y 370 -53.56 46.40 22.40
N PHE Y 371 -52.57 46.04 21.59
CA PHE Y 371 -51.18 46.15 22.02
C PHE Y 371 -50.60 47.54 21.90
N TYR Y 372 -51.34 48.49 21.33
CA TYR Y 372 -50.84 49.83 21.12
C TYR Y 372 -51.76 50.85 21.78
N ALA Y 373 -51.18 51.96 22.21
CA ALA Y 373 -51.94 52.99 22.89
C ALA Y 373 -51.24 54.33 22.72
N PRO Y 374 -51.99 55.41 22.50
CA PRO Y 374 -51.37 56.73 22.33
C PRO Y 374 -50.78 57.23 23.64
N PHE Y 375 -49.78 58.08 23.53
CA PHE Y 375 -49.11 58.63 24.70
C PHE Y 375 -48.54 60.00 24.38
N ARG Y 376 -48.41 60.83 25.41
CA ARG Y 376 -47.98 62.23 25.27
C ARG Y 376 -46.71 62.48 26.07
N PRO Y 377 -45.54 62.40 25.43
CA PRO Y 377 -44.33 62.88 26.09
C PRO Y 377 -44.38 64.38 26.29
N VAL Y 378 -43.62 64.85 27.28
CA VAL Y 378 -43.74 66.25 27.67
C VAL Y 378 -42.92 67.16 26.75
N ASN Y 379 -41.77 66.71 26.28
CA ASN Y 379 -40.85 67.60 25.59
C ASN Y 379 -40.25 66.92 24.36
N PHE Y 380 -41.09 66.28 23.58
CA PHE Y 380 -40.59 65.56 22.40
C PHE Y 380 -40.12 66.54 21.34
N PRO Y 381 -38.90 66.42 20.84
CA PRO Y 381 -38.35 67.42 19.92
C PRO Y 381 -38.54 67.14 18.44
N PHE Y 382 -39.07 65.99 18.05
CA PHE Y 382 -39.10 65.61 16.65
C PHE Y 382 -40.32 66.18 15.94
N THR Y 383 -40.28 66.12 14.61
CA THR Y 383 -41.38 66.53 13.77
C THR Y 383 -41.50 65.57 12.60
N THR Y 384 -42.70 65.49 12.03
CA THR Y 384 -42.90 64.67 10.85
C THR Y 384 -42.19 65.30 9.65
N GLY Y 385 -41.68 64.46 8.76
CA GLY Y 385 -41.02 64.95 7.57
C GLY Y 385 -40.04 63.96 6.99
N SER Y 386 -39.84 64.03 5.68
CA SER Y 386 -38.89 63.15 5.02
C SER Y 386 -37.49 63.72 5.06
N TYR Y 387 -36.50 62.84 4.88
CA TYR Y 387 -35.11 63.25 4.90
C TYR Y 387 -34.33 62.35 3.97
N THR Y 388 -33.62 62.93 3.01
CA THR Y 388 -32.80 62.18 2.08
C THR Y 388 -31.35 62.17 2.56
N VAL Y 389 -30.58 61.25 1.99
CA VAL Y 389 -29.19 61.04 2.38
C VAL Y 389 -28.29 61.41 1.21
N VAL Y 390 -27.21 62.11 1.50
CA VAL Y 390 -26.28 62.60 0.49
C VAL Y 390 -25.07 61.68 0.41
N PRO Y 391 -24.57 61.37 -0.78
CA PRO Y 391 -23.36 60.55 -0.88
C PRO Y 391 -22.15 61.25 -0.27
N ASP Y 392 -21.17 60.45 0.12
CA ASP Y 392 -19.99 60.96 0.77
C ASP Y 392 -19.14 61.77 -0.19
N ALA Y 393 -18.27 62.60 0.38
CA ALA Y 393 -17.44 63.52 -0.38
C ALA Y 393 -16.00 63.04 -0.41
N SER Y 394 -15.38 63.15 -1.58
CA SER Y 394 -13.98 62.76 -1.76
C SER Y 394 -13.01 63.85 -1.35
N ARG Y 395 -13.50 65.02 -0.93
CA ARG Y 395 -12.66 66.16 -0.62
C ARG Y 395 -13.03 66.71 0.74
N PRO Y 396 -12.06 67.21 1.51
CA PRO Y 396 -12.40 67.98 2.71
C PRO Y 396 -13.22 69.20 2.33
N LEU Y 397 -14.25 69.48 3.12
CA LEU Y 397 -15.19 70.53 2.81
C LEU Y 397 -14.72 71.87 3.35
N ARG Y 398 -15.22 72.95 2.75
CA ARG Y 398 -14.96 74.30 3.19
C ARG Y 398 -16.27 74.99 3.54
N LEU Y 399 -16.26 75.79 4.59
CA LEU Y 399 -17.45 76.51 5.01
C LEU Y 399 -17.14 77.99 5.12
N LEU Y 400 -18.18 78.80 5.08
CA LEU Y 400 -18.08 80.25 5.21
C LEU Y 400 -18.81 80.69 6.47
N PRO Y 401 -18.14 81.39 7.38
CA PRO Y 401 -18.77 81.69 8.67
C PRO Y 401 -20.02 82.54 8.53
N GLN Y 402 -21.01 82.23 9.37
CA GLN Y 402 -22.22 83.02 9.53
C GLN Y 402 -22.58 83.00 10.99
N TYR Y 403 -22.89 84.16 11.55
CA TYR Y 403 -22.91 84.34 13.00
C TYR Y 403 -24.33 84.52 13.53
N ARG Y 404 -24.54 84.06 14.76
CA ARG Y 404 -25.72 84.37 15.52
C ARG Y 404 -25.50 85.68 16.29
N ASN Y 405 -26.51 86.08 17.06
CA ASN Y 405 -26.37 87.26 17.89
C ASN Y 405 -25.60 86.99 19.18
N ALA Y 406 -25.37 85.74 19.52
CA ALA Y 406 -24.66 85.40 20.75
C ALA Y 406 -23.16 85.60 20.58
N THR Y 407 -22.51 85.96 21.68
CA THR Y 407 -21.07 86.16 21.69
C THR Y 407 -20.50 85.66 23.01
N ILE Y 408 -19.20 85.44 23.02
CA ILE Y 408 -18.52 84.78 24.14
C ILE Y 408 -17.24 85.54 24.47
N THR Y 409 -16.94 85.61 25.76
CA THR Y 409 -15.72 86.26 26.22
C THR Y 409 -14.48 85.51 25.74
N VAL Y 410 -13.36 86.22 25.70
CA VAL Y 410 -12.12 85.67 25.16
C VAL Y 410 -11.66 84.47 25.97
N GLN Y 411 -11.70 84.59 27.31
CA GLN Y 411 -11.17 83.53 28.15
C GLN Y 411 -11.93 82.23 27.91
N GLN Y 412 -13.25 82.30 27.86
CA GLN Y 412 -14.03 81.11 27.55
C GLN Y 412 -13.64 80.55 26.19
N ALA Y 413 -13.44 81.42 25.20
CA ALA Y 413 -13.03 80.95 23.89
C ALA Y 413 -11.70 80.22 23.97
N ASP Y 414 -10.75 80.78 24.72
CA ASP Y 414 -9.43 80.16 24.79
C ASP Y 414 -9.48 78.82 25.50
N ASP Y 415 -10.09 78.77 26.69
CA ASP Y 415 -10.11 77.52 27.44
C ASP Y 415 -10.93 76.46 26.71
N ALA Y 416 -11.97 76.87 25.99
CA ALA Y 416 -12.68 75.92 25.15
C ALA Y 416 -11.81 75.42 24.02
N TYR Y 417 -10.84 76.23 23.58
CA TYR Y 417 -9.97 75.81 22.50
C TYR Y 417 -8.86 74.89 23.00
N GLU Y 418 -8.24 75.24 24.13
CA GLU Y 418 -7.03 74.57 24.58
C GLU Y 418 -7.25 73.12 24.96
N ASP Y 419 -8.49 72.69 25.19
CA ASP Y 419 -8.78 71.31 25.53
C ASP Y 419 -9.46 70.56 24.41
N THR Y 420 -9.60 71.18 23.24
CA THR Y 420 -10.14 70.50 22.07
C THR Y 420 -9.22 70.58 20.87
N ALA Y 421 -8.10 71.28 20.99
CA ALA Y 421 -7.21 71.51 19.87
C ALA Y 421 -6.12 70.44 19.82
N LEU Y 422 -5.64 70.18 18.60
CA LEU Y 422 -4.45 69.35 18.40
C LEU Y 422 -3.23 70.27 18.48
N SER Y 423 -2.93 70.70 19.71
CA SER Y 423 -2.03 71.82 19.91
C SER Y 423 -0.64 71.60 19.29
N PRO Y 424 0.06 70.50 19.57
CA PRO Y 424 1.22 70.18 18.74
C PRO Y 424 0.80 69.33 17.55
N LEU Y 425 1.27 69.71 16.37
CA LEU Y 425 0.75 69.13 15.15
C LEU Y 425 1.87 68.88 14.16
N ILE Y 426 1.66 67.89 13.30
CA ILE Y 426 2.58 67.55 12.22
C ILE Y 426 2.00 68.05 10.92
N THR Y 427 2.79 68.82 10.16
CA THR Y 427 2.30 69.45 8.95
C THR Y 427 3.29 69.23 7.82
N THR Y 428 2.87 69.58 6.61
CA THR Y 428 3.71 69.55 5.43
C THR Y 428 3.71 70.93 4.79
N HIS Y 429 4.86 71.30 4.22
CA HIS Y 429 4.99 72.62 3.64
C HIS Y 429 4.39 72.69 2.24
N GLY Y 430 4.63 71.68 1.41
CA GLY Y 430 4.36 71.82 0.00
C GLY Y 430 5.44 72.67 -0.64
N PHE Y 431 5.09 73.27 -1.78
CA PHE Y 431 6.02 74.12 -2.51
C PHE Y 431 5.45 75.53 -2.60
N CYS Y 432 6.27 76.52 -2.22
CA CYS Y 432 5.83 77.89 -2.27
C CYS Y 432 5.97 78.49 -3.66
N VAL Y 433 7.07 78.21 -4.34
CA VAL Y 433 7.33 78.71 -5.68
C VAL Y 433 7.13 77.58 -6.67
N THR Y 434 6.16 77.73 -7.57
CA THR Y 434 5.85 76.68 -8.53
C THR Y 434 6.77 76.69 -9.74
N GLY Y 435 7.34 77.83 -10.09
CA GLY Y 435 8.22 77.90 -11.23
C GLY Y 435 8.29 79.32 -11.78
N GLY Y 436 8.92 79.43 -12.94
CA GLY Y 436 9.10 80.71 -13.58
C GLY Y 436 10.25 81.49 -12.99
N VAL Y 437 10.53 82.64 -13.59
CA VAL Y 437 11.60 83.51 -13.15
C VAL Y 437 11.15 84.96 -13.27
N SER Y 438 11.67 85.79 -12.37
CA SER Y 438 11.65 87.25 -12.54
C SER Y 438 13.06 87.66 -12.92
N THR Y 439 13.24 88.07 -14.16
CA THR Y 439 14.56 88.38 -14.68
C THR Y 439 14.64 89.85 -15.06
N SER Y 440 15.80 90.46 -14.82
CA SER Y 440 16.02 91.86 -15.13
C SER Y 440 17.41 92.02 -15.74
N ILE Y 441 17.52 92.98 -16.65
CA ILE Y 441 18.75 93.21 -17.40
C ILE Y 441 19.12 94.67 -17.29
N TYR Y 442 20.41 94.95 -17.12
CA TYR Y 442 20.90 96.31 -16.97
C TYR Y 442 22.07 96.52 -17.92
N ASP Y 443 21.89 97.38 -18.91
CA ASP Y 443 23.02 97.80 -19.72
C ASP Y 443 23.85 98.79 -18.92
N ILE Y 444 25.15 98.54 -18.84
CA ILE Y 444 26.06 99.38 -18.08
C ILE Y 444 26.81 100.36 -18.97
N SER Y 445 27.32 99.88 -20.11
CA SER Y 445 28.07 100.77 -20.99
C SER Y 445 27.19 101.87 -21.56
N GLY Y 446 25.87 101.62 -21.66
CA GLY Y 446 24.99 102.63 -22.22
C GLY Y 446 24.93 103.90 -21.40
N ASP Y 447 25.08 103.79 -20.08
CA ASP Y 447 25.01 104.94 -19.20
C ASP Y 447 26.32 105.71 -19.29
N PRO Y 448 26.32 106.98 -19.70
CA PRO Y 448 27.56 107.76 -19.73
C PRO Y 448 27.95 108.37 -18.40
N THR Y 449 27.08 108.32 -17.40
CA THR Y 449 27.32 109.01 -16.14
C THR Y 449 28.39 108.28 -15.34
N ALA Y 450 29.63 108.73 -15.46
CA ALA Y 450 30.72 108.11 -14.73
C ALA Y 450 30.49 108.18 -13.23
N TYR Y 451 30.74 107.08 -12.55
CA TYR Y 451 30.48 106.97 -11.12
C TYR Y 451 31.66 106.27 -10.45
N PRO Y 452 32.29 106.87 -9.45
CA PRO Y 452 33.48 106.28 -8.85
C PRO Y 452 33.16 104.96 -8.17
N PRO Y 453 33.98 103.93 -8.40
CA PRO Y 453 33.66 102.61 -7.83
C PRO Y 453 33.66 102.58 -6.31
N ALA Y 454 34.49 103.41 -5.67
CA ALA Y 454 34.57 103.39 -4.21
C ALA Y 454 33.25 103.76 -3.57
N GLN Y 455 32.38 104.47 -4.27
CA GLN Y 455 31.10 104.90 -3.73
C GLN Y 455 29.98 103.91 -4.01
N LEU Y 456 30.30 102.75 -4.55
CA LEU Y 456 29.27 101.75 -4.80
C LEU Y 456 28.74 101.19 -3.48
N VAL Y 457 27.45 100.85 -3.48
CA VAL Y 457 26.87 100.16 -2.33
C VAL Y 457 27.52 98.80 -2.21
N ASP Y 458 27.61 98.29 -0.98
CA ASP Y 458 28.27 97.02 -0.72
C ASP Y 458 27.28 96.06 -0.07
N THR Y 459 27.77 94.84 0.18
CA THR Y 459 26.92 93.81 0.74
C THR Y 459 26.44 94.21 2.12
N PRO Y 460 25.19 93.91 2.47
CA PRO Y 460 24.69 94.24 3.80
C PRO Y 460 25.49 93.54 4.88
N ASN Y 461 25.61 94.20 6.03
CA ASN Y 461 26.47 93.71 7.09
C ASN Y 461 25.99 92.36 7.61
N ASP Y 462 24.68 92.18 7.71
CA ASP Y 462 24.13 90.94 8.25
C ASP Y 462 23.99 89.85 7.22
N TYR Y 463 24.49 90.07 6.00
CA TYR Y 463 24.16 89.17 4.90
C TYR Y 463 24.57 87.73 5.19
N PHE Y 464 25.63 87.55 5.98
CA PHE Y 464 26.11 86.21 6.29
C PHE Y 464 25.80 85.80 7.73
N ASP Y 465 24.83 86.46 8.36
CA ASP Y 465 24.34 85.99 9.64
C ASP Y 465 23.64 84.65 9.46
N ARG Y 466 23.70 83.83 10.51
CA ARG Y 466 23.12 82.49 10.46
C ARG Y 466 21.66 82.54 10.04
N GLU Y 467 20.89 83.44 10.65
CA GLU Y 467 19.45 83.46 10.42
C GLU Y 467 19.13 83.75 8.96
N ARG Y 468 19.74 84.78 8.40
CA ARG Y 468 19.49 85.08 6.99
C ARG Y 468 19.96 83.93 6.11
N MET Y 469 21.10 83.34 6.43
CA MET Y 469 21.56 82.17 5.69
C MET Y 469 20.56 81.03 5.81
N ALA Y 470 20.05 80.79 7.00
CA ALA Y 470 19.09 79.71 7.19
C ALA Y 470 17.85 79.93 6.35
N ARG Y 471 17.28 81.14 6.40
CA ARG Y 471 16.10 81.43 5.60
C ARG Y 471 16.43 81.31 4.13
N ARG Y 472 17.62 81.74 3.74
CA ARG Y 472 18.04 81.62 2.35
C ARG Y 472 18.01 80.17 1.90
N ASP Y 473 18.54 79.27 2.72
CA ASP Y 473 18.46 77.85 2.39
C ASP Y 473 17.02 77.35 2.43
N LEU Y 474 16.26 77.80 3.43
CA LEU Y 474 14.87 77.35 3.54
C LEU Y 474 14.10 77.70 2.27
N PHE Y 475 14.33 78.88 1.72
CA PHE Y 475 13.69 79.26 0.48
C PHE Y 475 14.10 78.32 -0.65
N ARG Y 476 15.37 77.92 -0.67
CA ARG Y 476 15.86 77.04 -1.72
C ARG Y 476 15.06 75.74 -1.77
N ARG Y 477 14.71 75.20 -0.60
CA ARG Y 477 13.93 73.98 -0.56
C ARG Y 477 12.52 74.20 -1.08
N LEU Y 478 11.94 75.35 -0.79
CA LEU Y 478 10.51 75.55 -1.01
C LEU Y 478 10.16 75.67 -2.49
N ARG Y 479 11.12 75.95 -3.35
CA ARG Y 479 10.83 76.00 -4.77
C ARG Y 479 10.51 74.60 -5.27
N ALA Y 480 9.57 74.52 -6.22
CA ALA Y 480 9.21 73.24 -6.79
C ALA Y 480 10.43 72.62 -7.46
N PRO Y 481 10.57 71.30 -7.40
CA PRO Y 481 11.79 70.65 -7.89
C PRO Y 481 11.88 70.73 -9.41
N ALA Y 482 13.04 71.12 -9.90
CA ALA Y 482 13.34 71.20 -11.32
C ALA Y 482 14.84 71.40 -11.47
N ASP Y 483 15.30 71.55 -12.71
CA ASP Y 483 16.70 71.83 -12.98
C ASP Y 483 16.92 73.33 -12.90
N ARG Y 484 17.57 73.78 -11.83
CA ARG Y 484 17.81 75.21 -11.63
C ARG Y 484 18.69 75.77 -12.75
N SER Y 485 19.77 75.06 -13.07
CA SER Y 485 20.71 75.56 -14.06
C SER Y 485 20.08 75.65 -15.44
N ALA Y 486 19.24 74.68 -15.79
CA ALA Y 486 18.62 74.68 -17.10
C ALA Y 486 17.84 75.96 -17.34
N ILE Y 487 16.98 76.32 -16.39
CA ILE Y 487 16.22 77.56 -16.52
C ILE Y 487 17.15 78.75 -16.51
N LYS Y 488 18.14 78.75 -15.61
CA LYS Y 488 19.06 79.88 -15.49
C LYS Y 488 19.82 80.09 -16.80
N ASP Y 489 20.37 79.01 -17.35
CA ASP Y 489 21.11 79.13 -18.61
C ASP Y 489 20.21 79.59 -19.74
N ARG Y 490 19.00 79.02 -19.82
CA ARG Y 490 18.10 79.36 -20.90
C ARG Y 490 17.81 80.86 -20.91
N ALA Y 491 17.64 81.46 -19.73
CA ALA Y 491 17.39 82.88 -19.67
C ALA Y 491 18.55 83.68 -20.25
N VAL Y 492 19.78 83.28 -19.92
CA VAL Y 492 20.94 84.02 -20.39
C VAL Y 492 21.07 83.92 -21.90
N PHE Y 493 20.96 82.69 -22.43
CA PHE Y 493 21.13 82.51 -23.87
C PHE Y 493 20.03 83.19 -24.65
N ASP Y 494 18.85 83.34 -24.06
CA ASP Y 494 17.81 84.13 -24.71
C ASP Y 494 18.29 85.56 -24.94
N PHE Y 495 18.99 86.12 -23.95
CA PHE Y 495 19.55 87.45 -24.12
C PHE Y 495 20.64 87.45 -25.18
N LEU Y 496 21.51 86.44 -25.15
CA LEU Y 496 22.65 86.42 -26.07
C LEU Y 496 22.18 86.36 -27.52
N ALA Y 497 21.12 85.60 -27.78
CA ALA Y 497 20.62 85.48 -29.14
C ALA Y 497 20.19 86.84 -29.69
N SER Y 498 19.81 87.76 -28.80
CA SER Y 498 19.41 89.10 -29.22
C SER Y 498 20.56 90.09 -29.21
N LEU Y 499 21.74 89.70 -28.73
CA LEU Y 499 22.83 90.65 -28.62
C LEU Y 499 23.34 91.04 -30.00
N VAL Y 500 23.45 92.35 -30.22
CA VAL Y 500 23.83 92.89 -31.52
C VAL Y 500 24.86 93.99 -31.30
N ASN Y 501 25.88 94.02 -32.14
CA ASN Y 501 26.94 95.00 -31.98
C ASN Y 501 26.40 96.41 -32.23
N PRO Y 502 26.85 97.40 -31.48
CA PRO Y 502 26.27 98.74 -31.60
C PRO Y 502 26.76 99.49 -32.83
N THR Y 503 27.99 99.21 -33.26
CA THR Y 503 28.60 100.00 -34.32
C THR Y 503 28.00 99.69 -35.68
N THR Y 504 27.73 98.41 -35.97
CA THR Y 504 27.27 98.01 -37.29
C THR Y 504 25.93 97.28 -37.25
N ALA Y 505 25.30 97.17 -36.08
CA ALA Y 505 23.94 96.66 -35.96
C ALA Y 505 23.79 95.28 -36.59
N ASN Y 506 24.76 94.41 -36.34
CA ASN Y 506 24.64 93.02 -36.73
C ASN Y 506 24.86 92.13 -35.52
N PRO Y 507 24.23 90.95 -35.48
CA PRO Y 507 24.33 90.12 -34.28
C PRO Y 507 25.76 89.74 -33.97
N VAL Y 508 26.09 89.75 -32.68
CA VAL Y 508 27.45 89.44 -32.25
C VAL Y 508 27.78 87.99 -32.57
N LEU Y 509 26.85 87.07 -32.30
CA LEU Y 509 27.07 85.68 -32.62
C LEU Y 509 26.79 85.40 -34.09
N ASP Y 510 27.21 84.23 -34.54
CA ASP Y 510 27.05 83.84 -35.93
C ASP Y 510 26.99 82.32 -36.00
N THR Y 511 26.42 81.82 -37.09
CA THR Y 511 26.42 80.38 -37.32
C THR Y 511 27.85 79.85 -37.33
N SER Y 512 28.00 78.61 -36.89
CA SER Y 512 29.27 77.91 -36.81
C SER Y 512 30.24 78.55 -35.82
N PHE Y 513 29.77 79.38 -34.91
CA PHE Y 513 30.67 80.00 -33.96
C PHE Y 513 31.24 78.96 -33.01
N SER Y 514 32.45 79.22 -32.54
CA SER Y 514 33.14 78.30 -31.64
C SER Y 514 32.82 78.66 -30.21
N MET Y 515 32.44 77.66 -29.42
CA MET Y 515 31.99 77.87 -28.05
C MET Y 515 32.73 76.95 -27.11
N ALA Y 516 33.06 77.48 -25.93
CA ALA Y 516 33.60 76.68 -24.83
C ALA Y 516 32.70 76.88 -23.62
N TYR Y 517 32.01 75.82 -23.21
CA TYR Y 517 31.25 75.89 -21.97
C TYR Y 517 32.24 75.85 -20.82
N LEU Y 518 32.94 76.96 -20.61
CA LEU Y 518 33.98 77.00 -19.60
C LEU Y 518 33.42 76.71 -18.21
N GLY Y 519 32.15 77.02 -17.99
CA GLY Y 519 31.49 76.66 -16.76
C GLY Y 519 31.60 75.16 -16.52
N ALA Y 520 31.49 74.77 -15.27
CA ALA Y 520 31.71 73.37 -14.90
C ALA Y 520 30.56 72.53 -15.41
N SER Y 521 30.76 71.90 -16.57
CA SER Y 521 29.89 70.79 -16.96
C SER Y 521 29.97 69.73 -15.88
N SER Y 522 28.82 69.38 -15.29
CA SER Y 522 28.86 68.68 -14.02
C SER Y 522 27.93 67.49 -13.97
N ALA Y 523 27.61 66.89 -15.11
CA ALA Y 523 26.71 65.75 -15.17
C ALA Y 523 25.44 66.02 -14.37
N HIS Y 524 24.79 67.12 -14.71
CA HIS Y 524 23.65 67.60 -13.94
C HIS Y 524 22.52 66.59 -13.97
N ALA Y 525 21.98 66.27 -12.79
CA ALA Y 525 20.82 65.40 -12.65
C ALA Y 525 21.01 64.08 -13.39
N ASN Y 526 20.12 63.80 -14.34
CA ASN Y 526 20.12 62.54 -15.07
C ASN Y 526 21.10 62.52 -16.23
N ALA Y 527 21.60 63.67 -16.66
CA ALA Y 527 22.48 63.75 -17.82
C ALA Y 527 23.94 63.80 -17.40
N ASP Y 528 24.82 63.60 -18.39
CA ASP Y 528 26.25 63.69 -18.18
C ASP Y 528 26.81 65.06 -18.52
N GLU Y 529 26.00 65.95 -19.07
CA GLU Y 529 26.43 67.30 -19.44
C GLU Y 529 25.25 68.23 -19.19
N PRO Y 530 25.50 69.53 -19.04
CA PRO Y 530 24.40 70.46 -18.85
C PRO Y 530 23.39 70.34 -19.98
N VAL Y 531 22.11 70.26 -19.60
CA VAL Y 531 21.07 69.91 -20.55
C VAL Y 531 20.92 70.97 -21.63
N ILE Y 532 21.30 72.22 -21.33
CA ILE Y 532 21.13 73.30 -22.28
C ILE Y 532 21.86 73.02 -23.59
N LEU Y 533 22.90 72.18 -23.54
CA LEU Y 533 23.67 71.89 -24.75
C LEU Y 533 22.80 71.22 -25.80
N ALA Y 534 21.88 70.35 -25.37
CA ALA Y 534 21.00 69.68 -26.31
C ALA Y 534 20.18 70.69 -27.10
N ASP Y 535 19.62 71.68 -26.40
CA ASP Y 535 18.89 72.74 -27.09
C ASP Y 535 19.80 73.51 -28.03
N ILE Y 536 21.03 73.78 -27.60
CA ILE Y 536 21.95 74.57 -28.42
C ILE Y 536 22.32 73.81 -29.67
N ARG Y 537 22.68 72.53 -29.54
CA ARG Y 537 23.07 71.76 -30.71
C ARG Y 537 21.90 71.61 -31.68
N SER Y 538 20.68 71.58 -31.17
CA SER Y 538 19.50 71.36 -31.99
C SER Y 538 18.89 72.64 -32.52
N GLY Y 539 19.42 73.80 -32.14
CA GLY Y 539 18.79 75.04 -32.52
C GLY Y 539 17.46 75.28 -31.89
N SER Y 540 17.20 74.65 -30.74
CA SER Y 540 15.90 74.79 -30.09
C SER Y 540 15.64 76.22 -29.67
N ILE Y 541 16.67 76.95 -29.27
CA ILE Y 541 16.51 78.33 -28.81
C ILE Y 541 16.25 79.23 -30.00
N PRO Y 542 15.13 79.94 -30.03
CA PRO Y 542 14.83 80.80 -31.18
C PRO Y 542 15.84 81.93 -31.31
N GLY Y 543 16.21 82.22 -32.55
CA GLY Y 543 17.13 83.31 -32.83
C GLY Y 543 18.57 83.02 -32.54
N LEU Y 544 18.88 81.86 -32.00
CA LEU Y 544 20.27 81.54 -31.66
C LEU Y 544 20.89 80.70 -32.76
N PRO Y 545 22.01 81.12 -33.33
CA PRO Y 545 22.65 80.34 -34.40
C PRO Y 545 23.26 79.06 -33.84
N ILE Y 546 23.56 78.16 -34.75
CA ILE Y 546 24.13 76.86 -34.39
C ILE Y 546 25.65 77.01 -34.25
N PRO Y 547 26.24 76.61 -33.13
CA PRO Y 547 27.70 76.61 -33.03
C PRO Y 547 28.30 75.47 -33.84
N ARG Y 548 29.54 75.68 -34.26
CA ARG Y 548 30.26 74.64 -34.99
C ARG Y 548 30.67 73.51 -34.06
N ARG Y 549 31.15 73.85 -32.86
CA ARG Y 549 31.57 72.84 -31.89
C ARG Y 549 31.53 73.46 -30.50
N ILE Y 550 31.40 72.59 -29.50
CA ILE Y 550 31.32 73.00 -28.11
C ILE Y 550 32.34 72.20 -27.31
N VAL Y 551 33.08 72.88 -26.45
CA VAL Y 551 34.09 72.25 -25.61
C VAL Y 551 33.76 72.56 -24.16
N GLN Y 552 34.11 71.64 -23.27
CA GLN Y 552 33.72 71.72 -21.88
C GLN Y 552 34.95 71.66 -20.99
N PHE Y 553 34.86 72.35 -19.85
CA PHE Y 553 35.97 72.44 -18.91
C PHE Y 553 35.43 72.60 -17.50
N GLY Y 554 36.30 72.34 -16.53
CA GLY Y 554 35.96 72.48 -15.13
C GLY Y 554 36.50 71.33 -14.33
N TYR Y 555 35.92 71.15 -13.14
CA TYR Y 555 36.32 70.06 -12.25
C TYR Y 555 35.49 68.80 -12.45
N ASP Y 556 34.21 68.95 -12.80
CA ASP Y 556 33.29 67.83 -12.84
C ASP Y 556 32.98 67.37 -14.26
N VAL Y 557 33.87 67.64 -15.20
CA VAL Y 557 33.61 67.32 -16.59
C VAL Y 557 33.70 65.80 -16.80
N VAL Y 558 33.07 65.34 -17.87
CA VAL Y 558 33.29 63.99 -18.36
C VAL Y 558 33.68 64.07 -19.84
N HIS Y 559 32.89 64.79 -20.62
CA HIS Y 559 33.17 64.95 -22.05
C HIS Y 559 34.01 66.20 -22.30
N GLY Y 560 35.18 66.27 -21.67
CA GLY Y 560 36.05 67.40 -21.82
C GLY Y 560 37.37 67.21 -21.13
N SER Y 561 37.86 68.23 -20.44
CA SER Y 561 39.15 68.17 -19.77
C SER Y 561 39.06 68.85 -18.42
N LEU Y 562 39.90 68.39 -17.50
CA LEU Y 562 39.95 68.95 -16.15
C LEU Y 562 41.07 69.96 -16.04
N LEU Y 563 40.78 71.07 -15.36
CA LEU Y 563 41.80 72.08 -15.10
C LEU Y 563 41.23 73.09 -14.11
N ASP Y 564 42.15 73.86 -13.51
CA ASP Y 564 41.78 74.93 -12.61
C ASP Y 564 41.77 76.23 -13.39
N LEU Y 565 40.67 76.97 -13.28
CA LEU Y 565 40.53 78.23 -14.01
C LEU Y 565 41.22 79.39 -13.32
N SER Y 566 41.83 79.17 -12.16
CA SER Y 566 42.50 80.23 -11.44
C SER Y 566 43.89 80.53 -11.99
N ARG Y 567 44.46 79.65 -12.80
CA ARG Y 567 45.80 79.82 -13.33
C ARG Y 567 45.77 79.98 -14.83
N ALA Y 568 46.96 80.10 -15.41
CA ALA Y 568 47.09 80.08 -16.86
C ALA Y 568 46.68 78.71 -17.39
N VAL Y 569 46.15 78.69 -18.60
CA VAL Y 569 45.62 77.45 -19.16
C VAL Y 569 46.20 77.20 -20.54
N PRO Y 570 46.55 75.96 -20.85
CA PRO Y 570 47.04 75.60 -22.20
C PRO Y 570 45.89 75.26 -23.15
N THR Y 571 45.23 76.30 -23.66
CA THR Y 571 44.05 76.11 -24.49
C THR Y 571 44.15 76.98 -25.73
N GLY Y 572 43.25 76.71 -26.67
CA GLY Y 572 43.06 77.61 -27.80
C GLY Y 572 42.21 78.79 -27.40
N THR Y 573 41.29 79.19 -28.27
CA THR Y 573 40.39 80.29 -27.96
C THR Y 573 39.11 80.13 -28.75
N PHE Y 574 38.07 80.83 -28.32
CA PHE Y 574 36.73 80.58 -28.81
C PHE Y 574 35.99 81.89 -29.01
N GLY Y 575 34.97 81.84 -29.87
CA GLY Y 575 34.12 83.00 -30.06
C GLY Y 575 33.29 83.31 -28.84
N LEU Y 576 32.76 82.27 -28.19
CA LEU Y 576 31.96 82.43 -26.99
C LEU Y 576 32.57 81.62 -25.86
N VAL Y 577 32.73 82.26 -24.71
CA VAL Y 577 33.17 81.59 -23.49
C VAL Y 577 32.06 81.77 -22.46
N TYR Y 578 31.43 80.67 -22.09
CA TYR Y 578 30.34 80.68 -21.12
C TYR Y 578 30.90 80.16 -19.80
N ALA Y 579 31.23 81.08 -18.91
CA ALA Y 579 31.92 80.74 -17.66
C ALA Y 579 30.91 80.70 -16.51
N ASP Y 580 30.22 79.56 -16.41
CA ASP Y 580 29.32 79.31 -15.29
C ASP Y 580 30.13 78.60 -14.19
N LEU Y 581 30.90 79.40 -13.46
CA LEU Y 581 31.71 78.89 -12.37
C LEU Y 581 31.21 79.44 -11.05
N ASP Y 582 31.13 78.55 -10.06
CA ASP Y 582 30.88 78.99 -8.70
C ASP Y 582 32.18 79.48 -8.08
N GLN Y 583 32.05 80.37 -7.11
CA GLN Y 583 33.17 80.77 -6.27
C GLN Y 583 33.06 80.27 -4.84
N VAL Y 584 31.85 79.91 -4.40
CA VAL Y 584 31.61 79.60 -2.99
C VAL Y 584 32.23 78.27 -2.59
N GLU Y 585 32.52 77.39 -3.54
CA GLU Y 585 32.91 76.02 -3.21
C GLU Y 585 34.21 75.97 -2.42
N ASP Y 586 35.00 77.04 -2.37
CA ASP Y 586 36.17 77.08 -1.52
C ASP Y 586 36.23 78.35 -0.68
N ALA Y 587 35.13 79.09 -0.60
CA ALA Y 587 35.06 80.28 0.24
C ALA Y 587 33.62 80.44 0.70
N GLY Y 588 33.33 79.97 1.90
CA GLY Y 588 31.96 80.06 2.41
C GLY Y 588 31.55 81.50 2.66
N THR Y 589 32.34 82.24 3.43
CA THR Y 589 32.05 83.64 3.69
C THR Y 589 33.30 84.51 3.62
N ASP Y 590 34.45 83.94 3.24
CA ASP Y 590 35.70 84.68 3.20
C ASP Y 590 35.71 85.55 1.94
N MET Y 591 35.18 86.76 2.08
CA MET Y 591 35.01 87.64 0.93
C MET Y 591 36.30 87.92 0.18
N PRO Y 592 37.40 88.31 0.81
CA PRO Y 592 38.62 88.58 0.02
C PRO Y 592 39.08 87.37 -0.76
N ALA Y 593 38.95 86.17 -0.20
CA ALA Y 593 39.27 84.97 -0.95
C ALA Y 593 38.35 84.81 -2.15
N ALA Y 594 37.05 85.04 -1.94
CA ALA Y 594 36.10 84.97 -3.04
C ALA Y 594 36.41 86.01 -4.11
N ASN Y 595 36.80 87.21 -3.67
CA ASN Y 595 37.12 88.27 -4.64
C ASN Y 595 38.30 87.86 -5.52
N ARG Y 596 39.34 87.30 -4.92
CA ARG Y 596 40.49 86.88 -5.71
C ARG Y 596 40.10 85.82 -6.73
N ALA Y 597 39.30 84.85 -6.30
CA ALA Y 597 38.86 83.81 -7.22
C ALA Y 597 38.07 84.39 -8.38
N ALA Y 598 37.14 85.29 -8.06
CA ALA Y 598 36.32 85.89 -9.11
C ALA Y 598 37.17 86.67 -10.09
N ILE Y 599 38.09 87.49 -9.57
CA ILE Y 599 38.94 88.29 -10.45
C ILE Y 599 39.79 87.38 -11.32
N ALA Y 600 40.37 86.34 -10.73
CA ALA Y 600 41.22 85.44 -11.49
C ALA Y 600 40.45 84.78 -12.62
N MET Y 601 39.27 84.23 -12.31
CA MET Y 601 38.49 83.54 -13.32
C MET Y 601 38.08 84.49 -14.43
N LEU Y 602 37.71 85.72 -14.06
CA LEU Y 602 37.33 86.71 -15.06
C LEU Y 602 38.47 86.94 -16.04
N GLY Y 603 39.69 87.08 -15.52
CA GLY Y 603 40.82 87.34 -16.40
C GLY Y 603 41.05 86.20 -17.38
N THR Y 604 41.04 84.96 -16.89
CA THR Y 604 41.23 83.82 -17.77
C THR Y 604 40.11 83.72 -18.79
N ALA Y 605 38.88 83.98 -18.37
CA ALA Y 605 37.75 83.91 -19.29
C ALA Y 605 37.93 84.88 -20.44
N LEU Y 606 38.36 86.10 -20.14
CA LEU Y 606 38.65 87.06 -21.20
C LEU Y 606 39.78 86.56 -22.09
N GLN Y 607 40.80 85.97 -21.48
CA GLN Y 607 41.97 85.52 -22.23
C GLN Y 607 41.65 84.42 -23.21
N MET Y 608 40.56 83.69 -23.01
CA MET Y 608 40.22 82.58 -23.87
C MET Y 608 39.30 82.97 -25.02
N THR Y 609 38.96 84.24 -25.14
CA THR Y 609 38.07 84.70 -26.20
C THR Y 609 38.88 85.30 -27.34
N THR Y 610 38.44 85.04 -28.57
CA THR Y 610 39.03 85.66 -29.73
C THR Y 610 38.64 87.13 -29.80
N ALA Y 611 39.33 87.87 -30.66
CA ALA Y 611 38.98 89.26 -30.90
C ALA Y 611 37.56 89.34 -31.44
N GLY Y 612 36.81 90.33 -30.98
CA GLY Y 612 35.41 90.43 -31.34
C GLY Y 612 34.53 89.38 -30.72
N GLY Y 613 35.06 88.55 -29.83
CA GLY Y 613 34.28 87.51 -29.19
C GLY Y 613 33.45 88.07 -28.05
N VAL Y 614 32.78 87.15 -27.36
CA VAL Y 614 31.90 87.49 -26.25
C VAL Y 614 32.12 86.49 -25.14
N SER Y 615 32.15 86.98 -23.90
CA SER Y 615 32.34 86.14 -22.73
C SER Y 615 31.39 86.56 -21.62
N VAL Y 616 30.85 85.58 -20.91
CA VAL Y 616 29.98 85.83 -19.78
C VAL Y 616 30.55 85.12 -18.57
N LEU Y 617 30.24 85.64 -17.40
CA LEU Y 617 30.73 85.08 -16.15
C LEU Y 617 29.68 85.25 -15.06
N LYS Y 618 29.48 84.18 -14.29
CA LYS Y 618 28.61 84.23 -13.13
C LYS Y 618 29.44 84.63 -11.91
N VAL Y 619 28.96 85.63 -11.18
CA VAL Y 619 29.62 86.12 -9.98
C VAL Y 619 28.67 85.93 -8.80
N ASN Y 620 29.17 85.29 -7.74
CA ASN Y 620 28.33 85.04 -6.58
C ASN Y 620 28.08 86.31 -5.79
N PHE Y 621 29.09 87.16 -5.63
CA PHE Y 621 29.01 88.31 -4.75
C PHE Y 621 29.55 89.55 -5.44
N PRO Y 622 28.68 90.36 -6.02
CA PRO Y 622 29.14 91.61 -6.62
C PRO Y 622 29.56 92.62 -5.56
N THR Y 623 30.75 92.44 -5.02
CA THR Y 623 31.27 93.26 -3.95
C THR Y 623 31.99 94.49 -4.51
N ARG Y 624 31.87 95.61 -3.80
CA ARG Y 624 32.49 96.84 -4.27
C ARG Y 624 34.00 96.67 -4.41
N ALA Y 625 34.61 95.85 -3.57
CA ALA Y 625 36.01 95.51 -3.78
C ALA Y 625 36.21 94.80 -5.10
N PHE Y 626 35.32 93.84 -5.40
CA PHE Y 626 35.41 93.13 -6.67
C PHE Y 626 35.27 94.09 -7.84
N TRP Y 627 34.29 94.99 -7.76
CA TRP Y 627 34.09 95.96 -8.83
C TRP Y 627 35.30 96.85 -9.00
N THR Y 628 35.93 97.21 -7.88
CA THR Y 628 37.12 98.06 -7.94
C THR Y 628 38.19 97.44 -8.82
N GLN Y 629 38.49 96.16 -8.60
CA GLN Y 629 39.54 95.51 -9.37
C GLN Y 629 39.13 95.34 -10.83
N VAL Y 630 37.84 95.14 -11.08
CA VAL Y 630 37.37 94.92 -12.45
C VAL Y 630 37.78 96.09 -13.33
N PHE Y 631 37.47 97.30 -12.89
CA PHE Y 631 37.83 98.46 -13.68
C PHE Y 631 39.29 98.85 -13.53
N ASN Y 632 39.99 98.27 -12.55
CA ASN Y 632 41.41 98.51 -12.44
C ASN Y 632 42.19 97.71 -13.49
N LEU Y 633 41.67 96.57 -13.91
CA LEU Y 633 42.44 95.65 -14.75
C LEU Y 633 41.87 95.50 -16.15
N TYR Y 634 40.61 95.08 -16.28
CA TYR Y 634 40.08 94.65 -17.57
C TYR Y 634 39.32 95.75 -18.28
N ALA Y 635 39.56 97.01 -17.93
CA ALA Y 635 38.73 98.10 -18.43
C ALA Y 635 38.83 98.27 -19.94
N THR Y 636 39.84 97.69 -20.58
CA THR Y 636 40.06 97.89 -22.01
C THR Y 636 39.84 96.64 -22.84
N HIS Y 637 39.40 95.55 -22.24
CA HIS Y 637 39.38 94.28 -22.94
C HIS Y 637 38.09 94.02 -23.73
N ALA Y 638 37.09 94.89 -23.62
CA ALA Y 638 35.85 94.68 -24.33
C ALA Y 638 35.19 96.02 -24.62
N THR Y 639 34.22 95.99 -25.53
CA THR Y 639 33.54 97.19 -25.94
C THR Y 639 32.35 97.54 -25.05
N THR Y 640 31.57 96.54 -24.65
CA THR Y 640 30.33 96.79 -23.94
C THR Y 640 30.15 95.78 -22.81
N LEU Y 641 29.28 96.12 -21.88
CA LEU Y 641 29.04 95.29 -20.71
C LEU Y 641 27.62 95.47 -20.23
N HIS Y 642 26.97 94.36 -19.86
CA HIS Y 642 25.64 94.38 -19.29
C HIS Y 642 25.62 93.50 -18.05
N LEU Y 643 24.49 93.53 -17.34
CA LEU Y 643 24.25 92.66 -16.20
C LEU Y 643 22.95 91.92 -16.42
N VAL Y 644 23.00 90.60 -16.42
CA VAL Y 644 21.82 89.75 -16.54
C VAL Y 644 21.58 89.10 -15.19
N LYS Y 645 20.37 89.28 -14.67
CA LYS Y 645 20.02 88.81 -13.32
C LYS Y 645 18.73 88.01 -13.38
N PRO Y 646 18.81 86.71 -13.57
CA PRO Y 646 17.65 85.85 -13.33
C PRO Y 646 17.48 85.63 -11.85
N THR Y 647 16.22 85.52 -11.43
CA THR Y 647 15.88 85.18 -10.06
C THR Y 647 15.16 83.85 -10.06
N ILE Y 648 15.80 82.84 -9.49
CA ILE Y 648 15.19 81.53 -9.30
C ILE Y 648 14.98 81.24 -7.82
N VAL Y 649 15.98 81.51 -6.99
CA VAL Y 649 15.84 81.53 -5.54
C VAL Y 649 16.57 82.77 -5.04
N ASN Y 650 16.33 83.09 -3.77
CA ASN Y 650 16.89 84.32 -3.20
C ASN Y 650 18.40 84.21 -3.13
N SER Y 651 19.08 84.90 -4.03
CA SER Y 651 20.54 84.87 -4.08
C SER Y 651 21.05 86.19 -4.65
N SER Y 652 22.28 86.51 -4.31
CA SER Y 652 22.90 87.76 -4.74
C SER Y 652 23.75 87.60 -5.98
N GLU Y 653 23.76 86.42 -6.59
CA GLU Y 653 24.60 86.18 -7.75
C GLU Y 653 24.09 86.94 -8.97
N VAL Y 654 25.01 87.26 -9.88
CA VAL Y 654 24.71 87.98 -11.10
C VAL Y 654 25.53 87.38 -12.24
N PHE Y 655 25.16 87.75 -13.46
CA PHE Y 655 25.88 87.34 -14.66
C PHE Y 655 26.46 88.57 -15.34
N LEU Y 656 27.77 88.60 -15.47
CA LEU Y 656 28.42 89.60 -16.31
C LEU Y 656 28.45 89.14 -17.75
N VAL Y 657 28.48 90.10 -18.66
CA VAL Y 657 28.58 89.77 -20.09
C VAL Y 657 29.40 90.83 -20.79
N PHE Y 658 30.56 90.45 -21.30
CA PHE Y 658 31.46 91.36 -21.99
C PHE Y 658 31.33 91.16 -23.49
N GLY Y 659 30.90 92.19 -24.20
CA GLY Y 659 30.74 92.13 -25.63
C GLY Y 659 31.87 92.84 -26.35
N GLY Y 660 32.20 92.33 -27.53
CA GLY Y 660 33.24 92.91 -28.34
C GLY Y 660 34.62 92.79 -27.72
N ARG Y 661 35.11 91.56 -27.60
CA ARG Y 661 36.45 91.34 -27.07
C ARG Y 661 37.47 92.05 -27.95
N GLN Y 662 38.17 93.02 -27.37
CA GLN Y 662 39.16 93.77 -28.12
C GLN Y 662 40.21 94.27 -27.12
N SER Y 663 41.15 95.07 -27.63
CA SER Y 663 42.28 95.49 -26.83
C SER Y 663 42.10 96.87 -26.22
N ASN Y 664 41.32 97.74 -26.84
CA ASN Y 664 41.32 99.15 -26.46
C ASN Y 664 39.93 99.63 -26.02
N GLY Y 665 39.26 98.86 -25.16
CA GLY Y 665 38.00 99.29 -24.61
C GLY Y 665 38.19 100.39 -23.57
N ALA Y 666 37.06 100.96 -23.15
CA ALA Y 666 37.07 102.07 -22.21
C ALA Y 666 35.95 101.94 -21.19
N LEU Y 667 35.80 100.75 -20.61
CA LEU Y 667 34.73 100.51 -19.65
C LEU Y 667 34.99 101.27 -18.35
N ARG Y 668 33.91 101.78 -17.76
CA ARG Y 668 33.97 102.56 -16.53
C ARG Y 668 32.84 102.15 -15.61
N SER Y 669 33.03 102.43 -14.32
CA SER Y 669 31.93 102.32 -13.37
C SER Y 669 30.99 103.51 -13.54
N THR Y 670 29.70 103.22 -13.70
CA THR Y 670 28.73 104.25 -14.00
C THR Y 670 27.48 104.05 -13.16
N THR Y 671 26.65 105.09 -13.11
CA THR Y 671 25.50 105.09 -12.21
C THR Y 671 24.55 103.93 -12.48
N ALA Y 672 24.55 103.41 -13.72
CA ALA Y 672 23.71 102.25 -14.01
C ALA Y 672 24.06 101.10 -13.08
N LEU Y 673 25.35 100.89 -12.85
CA LEU Y 673 25.77 99.83 -11.93
C LEU Y 673 25.22 100.07 -10.53
N GLN Y 674 25.29 101.31 -10.07
CA GLN Y 674 24.79 101.61 -8.73
C GLN Y 674 23.29 101.36 -8.65
N ARG Y 675 22.55 101.74 -9.68
CA ARG Y 675 21.11 101.50 -9.68
C ARG Y 675 20.80 100.01 -9.60
N ALA Y 676 21.52 99.20 -10.38
CA ALA Y 676 21.23 97.77 -10.40
C ALA Y 676 21.47 97.14 -9.03
N LEU Y 677 22.60 97.47 -8.40
CA LEU Y 677 22.91 96.88 -7.11
C LEU Y 677 21.84 97.23 -6.08
N LEU Y 678 21.44 98.50 -6.04
CA LEU Y 678 20.43 98.92 -5.08
C LEU Y 678 19.14 98.15 -5.28
N SER Y 679 18.70 98.01 -6.53
CA SER Y 679 17.51 97.22 -6.81
C SER Y 679 17.71 95.77 -6.38
N LEU Y 680 18.91 95.24 -6.61
CA LEU Y 680 19.19 93.85 -6.26
C LEU Y 680 18.98 93.62 -4.77
N TYR Y 681 19.73 94.34 -3.93
CA TYR Y 681 19.63 94.11 -2.50
C TYR Y 681 18.23 94.42 -1.99
N ALA Y 682 17.52 95.35 -2.64
CA ALA Y 682 16.16 95.64 -2.24
C ALA Y 682 15.28 94.39 -2.36
N ARG Y 683 15.38 93.71 -3.51
CA ARG Y 683 14.62 92.47 -3.68
C ARG Y 683 15.03 91.45 -2.65
N ASN Y 684 16.34 91.29 -2.43
CA ASN Y 684 16.82 90.28 -1.48
C ASN Y 684 16.26 90.54 -0.09
N ALA Y 685 16.32 91.80 0.35
CA ALA Y 685 15.76 92.13 1.65
C ALA Y 685 14.27 91.85 1.69
N ALA Y 686 13.56 92.21 0.62
CA ALA Y 686 12.11 91.99 0.59
C ALA Y 686 11.78 90.52 0.72
N ILE Y 687 12.50 89.67 -0.01
CA ILE Y 687 12.24 88.24 0.06
C ILE Y 687 12.51 87.73 1.47
N ASP Y 688 13.60 88.18 2.07
CA ASP Y 688 13.94 87.70 3.41
C ASP Y 688 12.84 88.03 4.40
N ARG Y 689 12.28 89.24 4.31
CA ARG Y 689 11.20 89.61 5.22
C ARG Y 689 10.02 88.66 5.09
N ALA Y 690 9.66 88.29 3.85
CA ALA Y 690 8.54 87.40 3.65
C ALA Y 690 8.80 86.03 4.27
N VAL Y 691 10.03 85.52 4.14
CA VAL Y 691 10.33 84.17 4.59
C VAL Y 691 10.19 84.06 6.10
N THR Y 692 10.38 85.17 6.83
CA THR Y 692 10.42 85.10 8.29
C THR Y 692 9.17 84.47 8.87
N HIS Y 693 8.03 84.60 8.21
CA HIS Y 693 6.80 84.05 8.73
C HIS Y 693 6.75 82.53 8.64
N ILE Y 694 7.66 81.91 7.91
CA ILE Y 694 7.57 80.49 7.60
C ILE Y 694 8.32 79.67 8.64
N PRO Y 695 7.75 78.58 9.14
CA PRO Y 695 8.48 77.70 10.04
C PRO Y 695 9.41 76.77 9.28
N PHE Y 696 10.39 76.24 10.01
CA PHE Y 696 11.33 75.31 9.41
C PHE Y 696 10.69 73.94 9.24
N PHE Y 697 11.48 72.98 8.77
CA PHE Y 697 10.92 71.73 8.28
C PHE Y 697 10.53 70.78 9.41
N GLY Y 698 11.50 70.34 10.21
CA GLY Y 698 11.25 69.24 11.12
C GLY Y 698 10.39 69.58 12.33
N VAL Y 699 10.20 70.86 12.61
CA VAL Y 699 9.56 71.26 13.87
C VAL Y 699 8.06 70.99 13.78
N PRO Y 700 7.47 70.31 14.75
CA PRO Y 700 6.00 70.25 14.83
C PRO Y 700 5.42 71.60 15.19
N ASP Y 701 4.19 71.83 14.74
CA ASP Y 701 3.59 73.16 14.82
C ASP Y 701 2.99 73.38 16.21
N ASP Y 702 3.87 73.63 17.17
CA ASP Y 702 3.46 74.31 18.38
C ASP Y 702 3.24 75.78 18.04
N GLY Y 703 2.17 76.36 18.56
CA GLY Y 703 1.68 77.61 18.00
C GLY Y 703 2.54 78.83 18.23
N THR Y 704 3.78 78.79 17.75
CA THR Y 704 4.65 79.96 17.81
C THR Y 704 4.91 80.58 16.44
N SER Y 705 4.72 79.82 15.36
CA SER Y 705 4.97 80.35 14.03
C SER Y 705 3.81 81.22 13.57
N ASP Y 706 4.11 82.13 12.65
CA ASP Y 706 3.09 83.01 12.11
C ASP Y 706 2.18 82.29 11.12
N LEU Y 707 2.76 81.38 10.32
CA LEU Y 707 2.04 80.73 9.23
C LEU Y 707 1.58 79.33 9.59
N GLY Y 708 1.34 79.07 10.87
CA GLY Y 708 0.97 77.74 11.31
C GLY Y 708 -0.47 77.39 11.00
N ILE Y 709 -0.85 76.19 11.44
CA ILE Y 709 -2.20 75.67 11.27
C ILE Y 709 -2.80 75.43 12.64
N ASP Y 710 -4.07 75.79 12.80
CA ASP Y 710 -4.82 75.49 14.01
C ASP Y 710 -5.94 74.53 13.69
N ALA Y 711 -6.14 73.54 14.56
CA ALA Y 711 -7.12 72.50 14.32
C ALA Y 711 -7.81 72.14 15.62
N VAL Y 712 -9.06 71.71 15.50
CA VAL Y 712 -9.85 71.24 16.64
C VAL Y 712 -10.57 69.96 16.24
N ARG Y 713 -10.54 68.97 17.12
CA ARG Y 713 -11.16 67.69 16.87
C ARG Y 713 -12.25 67.42 17.89
N LEU Y 714 -13.40 66.95 17.40
CA LEU Y 714 -14.53 66.62 18.26
C LEU Y 714 -15.10 65.28 17.82
N PHE Y 715 -15.63 64.54 18.78
CA PHE Y 715 -16.23 63.24 18.53
C PHE Y 715 -17.73 63.32 18.76
N ASP Y 716 -18.49 62.93 17.73
CA ASP Y 716 -19.95 62.99 17.76
C ASP Y 716 -20.47 64.30 18.35
N PRO Y 717 -20.03 65.45 17.84
CA PRO Y 717 -20.44 66.72 18.43
C PRO Y 717 -21.93 66.96 18.21
N MET Y 718 -22.52 67.67 19.17
CA MET Y 718 -23.92 68.07 19.10
C MET Y 718 -23.96 69.58 19.22
N PHE Y 719 -23.81 70.26 18.08
CA PHE Y 719 -23.87 71.72 18.08
C PHE Y 719 -25.29 72.19 18.34
N SER Y 720 -25.41 73.27 19.11
CA SER Y 720 -26.71 73.85 19.39
C SER Y 720 -26.49 75.28 19.88
N ASP Y 721 -27.57 76.05 19.85
CA ASP Y 721 -27.53 77.41 20.37
C ASP Y 721 -27.62 77.44 21.89
N ALA Y 722 -27.60 76.28 22.54
CA ALA Y 722 -27.62 76.24 23.99
C ALA Y 722 -26.34 76.85 24.56
N VAL Y 723 -26.49 77.53 25.70
CA VAL Y 723 -25.36 78.19 26.33
C VAL Y 723 -24.35 77.14 26.80
N ALA Y 724 -23.07 77.52 26.76
CA ALA Y 724 -21.97 76.70 27.24
C ALA Y 724 -21.85 75.38 26.49
N ASN Y 725 -22.48 75.26 25.33
CA ASN Y 725 -22.31 74.06 24.51
C ASN Y 725 -20.88 74.01 24.03
N LEU Y 726 -20.09 73.12 24.61
CA LEU Y 726 -18.65 73.06 24.33
C LEU Y 726 -18.33 72.96 22.84
N PRO Y 727 -18.96 72.09 22.05
CA PRO Y 727 -18.65 72.09 20.61
C PRO Y 727 -18.87 73.43 19.96
N SER Y 728 -19.93 74.14 20.32
CA SER Y 728 -20.15 75.47 19.77
C SER Y 728 -19.05 76.42 20.22
N ASN Y 729 -18.67 76.36 21.49
CA ASN Y 729 -17.64 77.26 22.00
C ASN Y 729 -16.32 77.03 21.28
N ALA Y 730 -15.89 75.77 21.19
CA ALA Y 730 -14.65 75.47 20.50
C ALA Y 730 -14.72 75.92 19.05
N LEU Y 731 -15.86 75.66 18.40
CA LEU Y 731 -16.03 76.07 17.01
C LEU Y 731 -15.81 77.56 16.84
N ALA Y 732 -16.50 78.36 17.66
CA ALA Y 732 -16.36 79.81 17.53
C ALA Y 732 -14.93 80.25 17.79
N SER Y 733 -14.28 79.63 18.77
CA SER Y 733 -12.93 80.03 19.13
C SER Y 733 -11.97 79.81 17.97
N LEU Y 734 -12.00 78.61 17.38
CA LEU Y 734 -11.08 78.31 16.29
C LEU Y 734 -11.32 79.23 15.11
N VAL Y 735 -12.60 79.47 14.78
CA VAL Y 735 -12.92 80.34 13.65
C VAL Y 735 -12.30 81.71 13.86
N SER Y 736 -12.40 82.25 15.08
CA SER Y 736 -11.86 83.57 15.35
C SER Y 736 -10.37 83.66 15.10
N ARG Y 737 -9.68 82.54 15.09
CA ARG Y 737 -8.24 82.52 14.88
C ARG Y 737 -7.86 82.34 13.41
N VAL Y 738 -8.83 82.22 12.51
CA VAL Y 738 -8.54 81.88 11.12
C VAL Y 738 -9.23 82.79 10.11
N VAL Y 739 -10.24 83.54 10.51
CA VAL Y 739 -11.26 84.11 9.63
C VAL Y 739 -10.76 84.57 8.26
N PRO Y 740 -9.69 85.36 8.15
CA PRO Y 740 -9.27 85.81 6.81
C PRO Y 740 -8.94 84.67 5.87
N SER Y 741 -8.56 83.51 6.38
CA SER Y 741 -8.24 82.36 5.54
C SER Y 741 -9.44 81.42 5.45
N SER Y 742 -9.30 80.38 4.63
CA SER Y 742 -10.36 79.41 4.46
C SER Y 742 -10.45 78.51 5.70
N ILE Y 743 -11.63 77.91 5.87
CA ILE Y 743 -11.91 77.03 6.99
C ILE Y 743 -12.31 75.67 6.43
N MET Y 744 -11.62 74.62 6.83
CA MET Y 744 -11.84 73.28 6.33
C MET Y 744 -12.60 72.44 7.34
N PHE Y 745 -13.23 71.37 6.85
CA PHE Y 745 -14.12 70.56 7.67
C PHE Y 745 -14.12 69.13 7.15
N THR Y 746 -14.03 68.17 8.08
CA THR Y 746 -14.00 66.76 7.72
C THR Y 746 -14.77 65.95 8.74
N ARG Y 747 -15.40 64.87 8.27
CA ARG Y 747 -16.04 63.88 9.12
C ARG Y 747 -15.53 62.51 8.71
N VAL Y 748 -14.80 61.85 9.60
CA VAL Y 748 -14.22 60.54 9.33
C VAL Y 748 -14.88 59.53 10.26
N PRO Y 749 -15.51 58.48 9.75
CA PRO Y 749 -16.14 57.49 10.62
C PRO Y 749 -15.14 56.46 11.09
N SER Y 750 -15.00 56.32 12.41
CA SER Y 750 -14.21 55.24 12.98
C SER Y 750 -15.08 53.99 13.06
N ASN Y 751 -14.56 52.94 13.70
CA ASN Y 751 -15.39 51.76 13.91
C ASN Y 751 -16.53 52.05 14.88
N GLY Y 752 -16.35 53.02 15.77
CA GLY Y 752 -17.38 53.43 16.69
C GLY Y 752 -17.90 54.81 16.35
N PRO Y 753 -17.44 55.81 17.09
CA PRO Y 753 -17.88 57.17 16.84
C PRO Y 753 -17.30 57.72 15.55
N VAL Y 754 -17.81 58.87 15.14
CA VAL Y 754 -17.28 59.61 13.99
C VAL Y 754 -16.49 60.79 14.52
N SER Y 755 -15.27 60.93 14.04
CA SER Y 755 -14.38 62.01 14.45
C SER Y 755 -14.51 63.17 13.46
N THR Y 756 -14.76 64.36 13.99
CA THR Y 756 -14.88 65.56 13.18
C THR Y 756 -13.70 66.47 13.48
N THR Y 757 -13.17 67.10 12.44
CA THR Y 757 -12.02 67.96 12.58
C THR Y 757 -12.23 69.24 11.78
N ILE Y 758 -11.96 70.37 12.41
CA ILE Y 758 -12.08 71.68 11.78
C ILE Y 758 -10.75 72.39 11.91
N TYR Y 759 -10.26 72.95 10.80
CA TYR Y 759 -8.92 73.51 10.83
C TYR Y 759 -8.77 74.55 9.74
N GLY Y 760 -7.71 75.35 9.87
CA GLY Y 760 -7.37 76.37 8.91
C GLY Y 760 -6.03 76.96 9.24
N LYS Y 761 -5.51 77.75 8.31
CA LYS Y 761 -4.21 78.37 8.48
C LYS Y 761 -4.34 79.65 9.28
N ARG Y 762 -3.42 79.86 10.22
CA ARG Y 762 -3.35 81.13 10.94
C ARG Y 762 -2.31 82.01 10.27
N THR Y 763 -2.61 83.30 10.20
CA THR Y 763 -1.71 84.26 9.57
C THR Y 763 -1.65 85.51 10.44
N PHE Y 764 -0.65 86.35 10.16
CA PHE Y 764 -0.58 87.63 10.86
C PHE Y 764 -1.81 88.47 10.60
N LEU Y 765 -2.43 88.31 9.43
CA LEU Y 765 -3.68 88.99 9.16
C LEU Y 765 -4.74 88.56 10.16
N SER Y 766 -4.85 87.26 10.40
CA SER Y 766 -5.83 86.77 11.37
C SER Y 766 -5.55 87.35 12.75
N ASN Y 767 -4.27 87.52 13.09
CA ASN Y 767 -3.94 88.13 14.37
C ASN Y 767 -4.47 89.54 14.46
N ARG Y 768 -4.31 90.33 13.41
CA ARG Y 768 -4.82 91.69 13.42
C ARG Y 768 -6.33 91.70 13.60
N ARG Y 769 -7.03 90.83 12.88
CA ARG Y 769 -8.48 90.76 13.04
C ARG Y 769 -8.86 90.35 14.45
N ARG Y 770 -8.17 89.35 14.98
CA ARG Y 770 -8.47 88.90 16.34
C ARG Y 770 -8.21 90.01 17.34
N ALA Y 771 -7.20 90.85 17.08
CA ALA Y 771 -6.95 91.97 17.97
C ALA Y 771 -8.09 92.98 17.96
N ARG Y 772 -8.78 93.11 16.82
CA ARG Y 772 -9.89 94.04 16.72
C ARG Y 772 -11.09 93.60 17.54
N LEU Y 773 -11.24 92.31 17.78
CA LEU Y 773 -12.40 91.80 18.51
C LEU Y 773 -12.36 92.23 19.97
N ARG Y 774 -13.55 92.44 20.53
CA ARG Y 774 -13.72 92.54 21.97
C ARG Y 774 -14.40 91.32 22.55
N ASP Y 775 -15.14 90.56 21.74
CA ASP Y 775 -15.74 89.31 22.15
C ASP Y 775 -15.82 88.41 20.93
N VAL Y 776 -15.95 87.11 21.17
CA VAL Y 776 -15.94 86.11 20.11
C VAL Y 776 -17.39 85.82 19.71
N PRO Y 777 -17.78 86.07 18.48
CA PRO Y 777 -19.16 85.79 18.06
C PRO Y 777 -19.41 84.31 17.90
N MET Y 778 -20.67 83.93 18.11
CA MET Y 778 -21.11 82.56 17.92
C MET Y 778 -21.59 82.35 16.49
N LEU Y 779 -21.42 81.14 15.99
CA LEU Y 779 -21.74 80.82 14.61
C LEU Y 779 -23.15 80.26 14.49
N ILE Y 780 -23.67 80.32 13.28
CA ILE Y 780 -24.92 79.65 12.94
C ILE Y 780 -24.64 78.19 12.65
N THR Y 781 -25.31 77.30 13.37
CA THR Y 781 -24.97 75.89 13.36
C THR Y 781 -25.67 75.08 12.28
N THR Y 782 -26.63 75.69 11.57
CA THR Y 782 -27.44 74.91 10.64
C THR Y 782 -26.58 74.28 9.56
N THR Y 783 -25.63 75.04 9.02
CA THR Y 783 -24.79 74.52 7.95
C THR Y 783 -24.03 73.28 8.41
N LEU Y 784 -23.49 73.31 9.62
CA LEU Y 784 -22.70 72.19 10.11
C LEU Y 784 -23.58 71.02 10.52
N VAL Y 785 -24.58 71.27 11.37
CA VAL Y 785 -25.42 70.19 11.85
C VAL Y 785 -26.13 69.50 10.71
N HIS Y 786 -26.28 70.18 9.58
CA HIS Y 786 -26.88 69.55 8.41
C HIS Y 786 -25.93 68.57 7.74
N GLN Y 787 -24.63 68.69 7.98
CA GLN Y 787 -23.65 67.83 7.33
C GLN Y 787 -23.64 66.46 7.99
N ARG Y 788 -24.12 65.46 7.26
CA ARG Y 788 -24.12 64.09 7.75
C ARG Y 788 -23.41 63.14 6.79
N ARG Y 789 -22.65 63.67 5.84
CA ARG Y 789 -21.85 62.84 4.97
C ARG Y 789 -20.59 62.38 5.70
N PHE Y 790 -19.76 61.64 4.98
CA PHE Y 790 -18.40 61.33 5.41
C PHE Y 790 -17.43 61.87 4.38
N THR Y 791 -16.23 62.19 4.83
CA THR Y 791 -15.24 62.86 4.00
C THR Y 791 -13.91 62.14 4.08
N THR Y 792 -13.00 62.53 3.20
CA THR Y 792 -11.63 62.11 3.29
C THR Y 792 -10.97 62.79 4.48
N PRO Y 793 -9.92 62.17 5.04
CA PRO Y 793 -9.28 62.74 6.23
C PRO Y 793 -8.56 64.03 5.91
N PRO Y 794 -8.24 64.84 6.92
CA PRO Y 794 -7.58 66.12 6.68
C PRO Y 794 -6.21 65.93 6.05
N THR Y 795 -5.62 67.05 5.65
CA THR Y 795 -4.34 67.05 4.94
C THR Y 795 -3.25 67.80 5.68
N PHE Y 796 -3.53 69.00 6.20
CA PHE Y 796 -2.57 69.78 6.97
C PHE Y 796 -1.32 70.09 6.16
N THR Y 797 -1.52 70.83 5.07
CA THR Y 797 -0.41 71.33 4.27
C THR Y 797 -0.47 72.84 4.21
N LEU Y 798 0.69 73.47 4.18
CA LEU Y 798 0.75 74.93 4.28
C LEU Y 798 0.40 75.59 2.96
N PHE Y 799 1.02 75.16 1.88
CA PHE Y 799 0.87 75.82 0.59
C PHE Y 799 0.01 74.97 -0.35
N SER Y 800 -0.88 75.64 -1.07
CA SER Y 800 -1.78 74.96 -1.98
C SER Y 800 -0.99 74.39 -3.14
N SER Y 801 -1.71 73.68 -4.02
CA SER Y 801 -1.08 72.99 -5.14
C SER Y 801 -0.96 73.85 -6.39
N GLU Y 802 -1.66 74.97 -6.46
CA GLU Y 802 -1.75 75.74 -7.70
C GLU Y 802 -1.45 77.20 -7.43
N ALA Y 803 -0.62 77.79 -8.29
CA ALA Y 803 -0.24 79.19 -8.15
C ALA Y 803 -1.45 80.09 -8.34
N VAL Y 804 -1.44 81.21 -7.61
CA VAL Y 804 -2.55 82.15 -7.63
C VAL Y 804 -2.58 82.90 -8.96
N PRO Y 805 -3.74 83.38 -9.40
CA PRO Y 805 -3.79 84.17 -10.62
C PRO Y 805 -3.27 85.58 -10.41
N VAL Y 806 -3.03 86.26 -11.53
CA VAL Y 806 -2.36 87.56 -11.50
C VAL Y 806 -3.16 88.56 -10.66
N THR Y 807 -4.48 88.56 -10.82
CA THR Y 807 -5.31 89.54 -10.14
C THR Y 807 -5.07 89.55 -8.64
N THR Y 808 -4.90 88.37 -8.06
CA THR Y 808 -4.68 88.27 -6.62
C THR Y 808 -3.40 88.99 -6.22
N LEU Y 809 -2.36 88.89 -7.06
CA LEU Y 809 -1.10 89.57 -6.76
C LEU Y 809 -1.32 91.07 -6.63
N VAL Y 810 -2.05 91.65 -7.56
CA VAL Y 810 -2.32 93.08 -7.51
C VAL Y 810 -3.09 93.42 -6.24
N ALA Y 811 -4.07 92.59 -5.90
CA ALA Y 811 -4.85 92.84 -4.69
C ALA Y 811 -3.95 92.83 -3.46
N ALA Y 812 -3.06 91.86 -3.38
CA ALA Y 812 -2.16 91.78 -2.23
C ALA Y 812 -1.26 93.01 -2.17
N GLY Y 813 -0.71 93.42 -3.32
CA GLY Y 813 0.16 94.59 -3.31
C GLY Y 813 -0.53 95.82 -2.79
N TYR Y 814 -1.76 96.06 -3.24
CA TYR Y 814 -2.51 97.21 -2.75
C TYR Y 814 -2.85 97.04 -1.27
N ASN Y 815 -3.14 95.80 -0.85
CA ASN Y 815 -3.33 95.54 0.57
C ASN Y 815 -2.08 95.93 1.35
N SER Y 816 -0.91 95.55 0.83
CA SER Y 816 0.33 95.95 1.49
C SER Y 816 0.46 97.46 1.54
N PHE Y 817 0.12 98.14 0.46
CA PHE Y 817 0.20 99.59 0.44
C PHE Y 817 -0.72 100.21 1.47
N ILE Y 818 -1.98 99.77 1.48
CA ILE Y 818 -2.95 100.31 2.42
C ILE Y 818 -2.51 100.02 3.85
N SER Y 819 -2.06 98.80 4.09
CA SER Y 819 -1.63 98.42 5.43
C SER Y 819 -0.53 99.36 5.93
N GLU Y 820 0.41 99.71 5.05
CA GLU Y 820 1.46 100.63 5.44
C GLU Y 820 0.91 102.04 5.65
N GLN Y 821 0.08 102.51 4.71
CA GLN Y 821 -0.39 103.89 4.76
C GLN Y 821 -1.16 104.16 6.05
N THR Y 822 -1.99 103.21 6.47
CA THR Y 822 -2.84 103.40 7.62
C THR Y 822 -2.08 103.48 8.93
N ARG Y 823 -0.76 103.40 8.90
CA ARG Y 823 0.04 103.51 10.13
C ARG Y 823 0.38 104.95 10.49
N ASN Y 824 -0.06 105.92 9.69
CA ASN Y 824 0.24 107.31 10.01
C ASN Y 824 -0.39 107.69 11.34
N PRO Y 825 0.39 108.20 12.29
CA PRO Y 825 -0.18 108.51 13.61
C PRO Y 825 -1.18 109.64 13.60
N ASN Y 826 -1.19 110.45 12.54
CA ASN Y 826 -2.04 111.64 12.48
C ASN Y 826 -3.40 111.35 11.86
N LEU Y 827 -3.88 110.13 11.96
CA LEU Y 827 -5.20 109.75 11.45
C LEU Y 827 -6.09 109.39 12.63
N ALA Y 828 -7.25 110.02 12.71
CA ALA Y 828 -8.19 109.78 13.79
C ALA Y 828 -9.41 108.98 13.37
N HIS Y 829 -9.71 108.92 12.08
CA HIS Y 829 -10.92 108.24 11.61
C HIS Y 829 -10.66 107.80 10.18
N LEU Y 830 -11.56 106.97 9.67
CA LEU Y 830 -11.43 106.52 8.29
C LEU Y 830 -12.78 106.04 7.78
N LEU Y 831 -13.08 106.40 6.53
CA LEU Y 831 -14.27 105.94 5.85
C LEU Y 831 -13.87 105.10 4.66
N ASP Y 832 -14.45 103.90 4.55
CA ASP Y 832 -14.23 103.02 3.41
C ASP Y 832 -15.50 102.94 2.58
N LEU Y 833 -15.34 102.99 1.27
CA LEU Y 833 -16.45 102.94 0.33
C LEU Y 833 -16.43 101.60 -0.39
N GLY Y 834 -17.58 100.95 -0.46
CA GLY Y 834 -17.68 99.68 -1.13
C GLY Y 834 -16.84 98.60 -0.48
N THR Y 835 -16.91 98.52 0.84
CA THR Y 835 -16.07 97.58 1.59
C THR Y 835 -16.38 96.14 1.27
N GLY Y 836 -17.59 95.83 0.82
CA GLY Y 836 -18.02 94.45 0.70
C GLY Y 836 -18.58 93.99 2.02
N PRO Y 837 -19.53 93.04 1.97
CA PRO Y 837 -20.14 92.58 3.23
C PRO Y 837 -19.12 92.00 4.19
N GLU Y 838 -18.12 91.31 3.66
CA GLU Y 838 -16.99 90.85 4.44
C GLU Y 838 -16.05 92.02 4.67
N CYS Y 839 -15.95 92.47 5.92
CA CYS Y 839 -15.18 93.66 6.24
C CYS Y 839 -13.68 93.31 6.33
N ARG Y 840 -13.11 92.96 5.18
CA ARG Y 840 -11.73 92.51 5.13
C ARG Y 840 -10.77 93.60 5.56
N ILE Y 841 -11.15 94.87 5.40
CA ILE Y 841 -10.26 95.96 5.74
C ILE Y 841 -9.84 95.89 7.20
N LEU Y 842 -10.69 95.33 8.05
CA LEU Y 842 -10.37 95.23 9.46
C LEU Y 842 -9.06 94.48 9.69
N SER Y 843 -8.75 93.52 8.82
CA SER Y 843 -7.53 92.73 8.99
C SER Y 843 -6.28 93.50 8.63
N LEU Y 844 -6.40 94.66 7.98
CA LEU Y 844 -5.23 95.40 7.53
C LEU Y 844 -4.88 96.57 8.43
N ILE Y 845 -5.84 97.08 9.19
CA ILE Y 845 -5.69 98.35 9.88
C ILE Y 845 -5.32 98.13 11.33
N PRO Y 846 -4.43 98.92 11.91
CA PRO Y 846 -4.13 98.81 13.33
C PRO Y 846 -5.40 98.97 14.16
N PRO Y 847 -5.53 98.21 15.24
CA PRO Y 847 -6.80 98.15 15.95
C PRO Y 847 -7.20 99.45 16.62
N THR Y 848 -6.30 100.42 16.71
CA THR Y 848 -6.58 101.66 17.43
C THR Y 848 -7.28 102.71 16.57
N LEU Y 849 -7.46 102.47 15.28
CA LEU Y 849 -8.01 103.47 14.39
C LEU Y 849 -9.52 103.30 14.25
N GLN Y 850 -10.26 104.40 14.38
CA GLN Y 850 -11.69 104.37 14.13
C GLN Y 850 -11.94 104.15 12.65
N VAL Y 851 -12.90 103.26 12.35
CA VAL Y 851 -13.19 102.86 10.98
C VAL Y 851 -14.69 102.88 10.75
N THR Y 852 -15.10 103.37 9.59
CA THR Y 852 -16.48 103.26 9.14
C THR Y 852 -16.47 102.69 7.73
N MET Y 853 -17.29 101.67 7.50
CA MET Y 853 -17.31 100.96 6.24
C MET Y 853 -18.74 100.87 5.72
N SER Y 854 -18.86 100.73 4.40
CA SER Y 854 -20.15 100.90 3.76
C SER Y 854 -20.33 99.91 2.62
N ASP Y 855 -21.58 99.60 2.33
CA ASP Y 855 -21.98 98.79 1.19
C ASP Y 855 -23.49 98.81 1.10
N ALA Y 856 -24.00 98.52 -0.10
CA ALA Y 856 -25.44 98.37 -0.28
C ALA Y 856 -25.96 97.13 0.41
N ARG Y 857 -25.13 96.14 0.64
CA ARG Y 857 -25.52 94.90 1.28
C ARG Y 857 -25.26 94.95 2.76
N PRO Y 858 -25.96 94.14 3.54
CA PRO Y 858 -25.69 94.09 4.98
C PRO Y 858 -24.32 93.50 5.25
N CYS Y 859 -23.74 93.89 6.39
CA CYS Y 859 -22.46 93.34 6.79
C CYS Y 859 -22.59 91.85 7.07
N ALA Y 860 -21.52 91.12 6.83
CA ALA Y 860 -21.49 89.70 7.03
C ALA Y 860 -21.01 89.29 8.42
N GLU Y 861 -20.74 90.24 9.30
CA GLU Y 861 -20.13 89.96 10.58
C GLU Y 861 -20.91 90.60 11.70
N LEU Y 862 -20.92 89.94 12.85
CA LEU Y 862 -21.66 90.39 14.03
C LEU Y 862 -21.00 91.64 14.58
N MET Y 863 -21.61 92.81 14.31
CA MET Y 863 -21.04 94.07 14.77
C MET Y 863 -21.01 94.19 16.28
N ALA Y 864 -21.82 93.40 16.99
CA ALA Y 864 -21.80 93.43 18.44
C ALA Y 864 -20.49 92.93 19.02
N SER Y 865 -19.65 92.28 18.22
CA SER Y 865 -18.38 91.75 18.69
C SER Y 865 -17.29 92.80 18.78
N PHE Y 866 -17.53 94.01 18.29
CA PHE Y 866 -16.51 95.05 18.29
C PHE Y 866 -16.94 96.21 19.19
N ASP Y 867 -15.97 97.06 19.50
CA ASP Y 867 -16.27 98.30 20.19
C ASP Y 867 -16.98 99.22 19.21
N PRO Y 868 -18.21 99.66 19.49
CA PRO Y 868 -18.92 100.53 18.56
C PRO Y 868 -18.21 101.84 18.31
N ALA Y 869 -17.42 102.34 19.26
CA ALA Y 869 -16.69 103.58 19.04
C ALA Y 869 -15.58 103.42 18.02
N LEU Y 870 -15.08 102.20 17.84
CA LEU Y 870 -13.96 101.98 16.94
C LEU Y 870 -14.38 101.50 15.56
N THR Y 871 -15.51 100.82 15.44
CA THR Y 871 -15.96 100.28 14.17
C THR Y 871 -17.42 100.66 13.94
N ALA Y 872 -17.75 100.93 12.69
CA ALA Y 872 -19.12 101.24 12.31
C ALA Y 872 -19.35 100.77 10.88
N TYR Y 873 -20.55 100.25 10.62
CA TYR Y 873 -20.92 99.76 9.31
C TYR Y 873 -22.20 100.46 8.89
N VAL Y 874 -22.17 101.14 7.75
CA VAL Y 874 -23.31 101.88 7.24
C VAL Y 874 -23.74 101.22 5.94
N GLN Y 875 -24.98 100.74 5.90
CA GLN Y 875 -25.53 100.13 4.71
C GLN Y 875 -26.14 101.22 3.82
N GLY Y 876 -25.66 101.31 2.59
CA GLY Y 876 -26.17 102.33 1.69
C GLY Y 876 -25.35 102.36 0.42
N ASP Y 877 -25.75 103.25 -0.47
CA ASP Y 877 -25.10 103.44 -1.76
C ASP Y 877 -24.46 104.82 -1.77
N TYR Y 878 -23.12 104.85 -1.79
CA TYR Y 878 -22.41 106.12 -1.82
C TYR Y 878 -22.40 106.75 -3.20
N SER Y 879 -23.10 106.19 -4.18
CA SER Y 879 -23.28 106.90 -5.43
C SER Y 879 -24.30 108.03 -5.26
N THR Y 880 -25.23 107.86 -4.33
CA THR Y 880 -26.31 108.82 -4.14
C THR Y 880 -25.89 109.95 -3.23
N ALA Y 881 -26.46 111.13 -3.48
CA ALA Y 881 -26.21 112.26 -2.59
C ALA Y 881 -26.81 112.04 -1.22
N ALA Y 882 -27.93 111.31 -1.15
CA ALA Y 882 -28.55 111.04 0.14
C ALA Y 882 -27.65 110.25 1.06
N PHE Y 883 -26.63 109.61 0.52
CA PHE Y 883 -25.71 108.83 1.33
C PHE Y 883 -25.01 109.70 2.37
N TRP Y 884 -24.71 110.95 2.02
CA TRP Y 884 -23.97 111.83 2.92
C TRP Y 884 -24.96 112.62 3.77
N ASN Y 885 -25.32 112.03 4.89
CA ASN Y 885 -26.10 112.71 5.91
C ASN Y 885 -25.55 112.29 7.27
N GLY Y 886 -24.88 113.22 7.95
CA GLY Y 886 -24.22 112.89 9.19
C GLY Y 886 -22.90 112.17 9.04
N ILE Y 887 -22.39 112.03 7.83
CA ILE Y 887 -21.15 111.31 7.59
C ILE Y 887 -19.98 112.24 7.91
N ARG Y 888 -19.20 111.88 8.92
CA ARG Y 888 -18.04 112.67 9.33
C ARG Y 888 -16.81 111.78 9.36
N CYS Y 889 -15.69 112.31 8.86
CA CYS Y 889 -14.42 111.61 8.87
C CYS Y 889 -13.33 112.62 8.53
N ASP Y 890 -12.08 112.17 8.63
CA ASP Y 890 -10.94 112.99 8.22
C ASP Y 890 -10.22 112.40 7.01
N SER Y 891 -10.52 111.17 6.63
CA SER Y 891 -9.86 110.52 5.52
C SER Y 891 -10.78 109.42 4.99
N ALA Y 892 -10.52 108.99 3.76
CA ALA Y 892 -11.36 108.01 3.11
C ALA Y 892 -10.54 107.24 2.08
N THR Y 893 -11.14 106.16 1.58
CA THR Y 893 -10.50 105.38 0.53
C THR Y 893 -11.57 104.61 -0.24
N ALA Y 894 -11.20 104.22 -1.45
CA ALA Y 894 -12.09 103.46 -2.32
C ALA Y 894 -11.23 102.64 -3.27
N ILE Y 895 -11.21 101.33 -3.06
CA ILE Y 895 -10.32 100.43 -3.80
C ILE Y 895 -11.16 99.37 -4.49
N PHE Y 896 -10.94 99.19 -5.79
CA PHE Y 896 -11.64 98.19 -6.59
C PHE Y 896 -13.15 98.41 -6.58
N THR Y 897 -13.59 99.65 -6.38
CA THR Y 897 -15.00 99.97 -6.30
C THR Y 897 -15.43 101.08 -7.25
N LEU Y 898 -14.54 102.02 -7.56
CA LEU Y 898 -14.93 103.22 -8.30
C LEU Y 898 -15.45 102.85 -9.68
N GLY Y 899 -14.66 102.09 -10.44
CA GLY Y 899 -15.07 101.78 -11.80
C GLY Y 899 -16.37 101.02 -11.86
N ALA Y 900 -16.54 100.05 -10.97
CA ALA Y 900 -17.79 99.30 -10.92
C ALA Y 900 -18.97 100.23 -10.61
N ALA Y 901 -18.80 101.09 -9.61
CA ALA Y 901 -19.86 102.02 -9.26
C ALA Y 901 -20.18 102.95 -10.42
N ALA Y 902 -19.15 103.45 -11.09
CA ALA Y 902 -19.37 104.30 -12.25
C ALA Y 902 -20.11 103.55 -13.35
N ALA Y 903 -19.74 102.28 -13.57
CA ALA Y 903 -20.45 101.48 -14.55
C ALA Y 903 -21.90 101.28 -14.15
N ALA Y 904 -22.14 101.00 -12.86
CA ALA Y 904 -23.52 100.86 -12.39
C ALA Y 904 -24.29 102.15 -12.55
N ALA Y 905 -23.64 103.29 -12.30
CA ALA Y 905 -24.26 104.58 -12.51
C ALA Y 905 -24.37 104.95 -13.98
N GLY Y 906 -23.81 104.14 -14.88
CA GLY Y 906 -23.91 104.42 -16.29
C GLY Y 906 -23.23 105.72 -16.67
N THR Y 907 -22.01 105.92 -16.17
CA THR Y 907 -21.32 107.18 -16.39
C THR Y 907 -19.82 106.92 -16.52
N ASP Y 908 -19.13 107.91 -17.07
CA ASP Y 908 -17.68 107.88 -17.14
C ASP Y 908 -17.08 108.15 -15.77
N LEU Y 909 -15.76 107.96 -15.67
CA LEU Y 909 -15.06 108.21 -14.42
C LEU Y 909 -15.07 109.69 -14.07
N ILE Y 910 -14.76 110.54 -15.06
CA ILE Y 910 -14.55 111.96 -14.78
C ILE Y 910 -15.81 112.56 -14.16
N ALA Y 911 -16.96 112.32 -14.78
CA ALA Y 911 -18.21 112.82 -14.20
C ALA Y 911 -18.45 112.20 -12.84
N PHE Y 912 -18.14 110.91 -12.68
CA PHE Y 912 -18.41 110.22 -11.43
C PHE Y 912 -17.64 110.83 -10.28
N VAL Y 913 -16.33 111.06 -10.49
CA VAL Y 913 -15.52 111.59 -9.40
C VAL Y 913 -15.86 113.04 -9.12
N GLN Y 914 -16.25 113.80 -10.14
CA GLN Y 914 -16.48 115.23 -9.96
C GLN Y 914 -17.60 115.50 -8.97
N GLN Y 915 -18.60 114.62 -8.91
CA GLN Y 915 -19.68 114.77 -7.94
C GLN Y 915 -19.43 113.97 -6.67
N LEU Y 916 -18.31 113.25 -6.59
CA LEU Y 916 -17.99 112.44 -5.42
C LEU Y 916 -17.04 113.16 -4.47
N ILE Y 917 -15.89 113.60 -4.99
CA ILE Y 917 -14.88 114.23 -4.14
C ILE Y 917 -15.44 115.39 -3.33
N PRO Y 918 -16.24 116.30 -3.90
CA PRO Y 918 -16.77 117.39 -3.06
C PRO Y 918 -17.53 116.90 -1.85
N ARG Y 919 -18.27 115.80 -1.99
CA ARG Y 919 -18.97 115.24 -0.84
C ARG Y 919 -17.99 114.80 0.23
N ILE Y 920 -16.88 114.18 -0.18
CA ILE Y 920 -15.86 113.77 0.79
C ILE Y 920 -15.28 115.00 1.49
N VAL Y 921 -15.00 116.04 0.73
CA VAL Y 921 -14.52 117.27 1.32
C VAL Y 921 -15.55 117.83 2.27
N ALA Y 922 -16.82 117.81 1.87
CA ALA Y 922 -17.88 118.28 2.75
C ALA Y 922 -17.96 117.44 4.02
N ALA Y 923 -17.62 116.17 3.94
CA ALA Y 923 -17.66 115.30 5.11
C ALA Y 923 -16.52 115.55 6.06
N GLY Y 924 -15.71 116.57 5.82
CA GLY Y 924 -14.57 116.85 6.67
C GLY Y 924 -13.33 116.04 6.33
N GLY Y 925 -13.38 115.19 5.32
CA GLY Y 925 -12.21 114.42 4.94
C GLY Y 925 -11.13 115.31 4.37
N THR Y 926 -9.88 114.87 4.56
CA THR Y 926 -8.72 115.65 4.14
C THR Y 926 -7.89 114.95 3.07
N ARG Y 927 -7.69 113.64 3.20
CA ARG Y 927 -6.87 112.90 2.25
C ARG Y 927 -7.56 111.60 1.92
N MET Y 928 -7.31 111.10 0.71
CA MET Y 928 -7.94 109.86 0.28
C MET Y 928 -7.04 109.13 -0.70
N TRP Y 929 -7.21 107.82 -0.76
CA TRP Y 929 -6.54 106.97 -1.74
C TRP Y 929 -7.61 106.35 -2.63
N LEU Y 930 -7.49 106.57 -3.93
CA LEU Y 930 -8.51 106.15 -4.87
C LEU Y 930 -7.89 105.28 -5.94
N GLN Y 931 -8.53 104.16 -6.24
CA GLN Y 931 -8.02 103.18 -7.20
C GLN Y 931 -8.69 103.44 -8.54
N LEU Y 932 -8.12 104.37 -9.31
CA LEU Y 932 -8.60 104.65 -10.64
C LEU Y 932 -7.92 103.73 -11.65
N ASN Y 933 -8.72 103.21 -12.57
CA ASN Y 933 -8.18 102.40 -13.67
C ASN Y 933 -7.86 103.31 -14.84
N THR Y 934 -6.57 103.41 -15.18
CA THR Y 934 -6.14 104.32 -16.23
C THR Y 934 -4.75 103.91 -16.69
N PRO Y 935 -4.43 104.02 -17.97
CA PRO Y 935 -3.08 103.69 -18.43
C PRO Y 935 -2.12 104.81 -18.12
N LEU Y 936 -1.28 104.60 -17.10
CA LEU Y 936 -0.29 105.62 -16.75
C LEU Y 936 0.88 105.62 -17.72
N TYR Y 937 1.37 104.45 -18.11
CA TYR Y 937 2.60 104.37 -18.88
C TYR Y 937 2.33 104.34 -20.38
N GLU Y 938 1.41 103.50 -20.83
CA GLU Y 938 0.99 103.52 -22.22
C GLU Y 938 -0.30 102.73 -22.36
N VAL Y 939 -0.97 102.95 -23.49
CA VAL Y 939 -2.17 102.19 -23.82
C VAL Y 939 -1.72 100.88 -24.45
N SER Y 940 -1.97 99.78 -23.76
CA SER Y 940 -1.62 98.46 -24.27
C SER Y 940 -2.43 97.42 -23.52
N SER Y 941 -3.23 96.64 -24.24
CA SER Y 941 -4.07 95.64 -23.60
C SER Y 941 -3.27 94.42 -23.20
N LEU Y 942 -3.56 93.89 -22.01
CA LEU Y 942 -3.01 92.61 -21.60
C LEU Y 942 -3.83 91.50 -22.24
N PRO Y 943 -3.20 90.53 -22.90
CA PRO Y 943 -3.92 89.70 -23.88
C PRO Y 943 -5.23 89.12 -23.40
N ASP Y 944 -5.34 88.75 -22.12
CA ASP Y 944 -6.62 88.22 -21.66
C ASP Y 944 -7.10 88.94 -20.40
N LEU Y 945 -6.17 89.40 -19.58
CA LEU Y 945 -6.55 89.98 -18.30
C LEU Y 945 -7.35 91.26 -18.49
N ILE Y 946 -6.83 92.19 -19.27
CA ILE Y 946 -7.48 93.48 -19.49
C ILE Y 946 -7.39 93.83 -20.97
N ASP Y 947 -8.54 94.13 -21.56
CA ASP Y 947 -8.61 94.61 -22.94
C ASP Y 947 -9.13 96.04 -22.93
N ILE Y 948 -8.40 96.94 -23.57
CA ILE Y 948 -8.72 98.35 -23.56
C ILE Y 948 -9.57 98.66 -24.78
N ASP Y 949 -10.75 99.21 -24.56
CA ASP Y 949 -11.60 99.68 -25.63
C ASP Y 949 -11.32 101.15 -25.92
N LEU Y 950 -11.38 101.52 -27.19
CA LEU Y 950 -11.09 102.89 -27.61
C LEU Y 950 -12.27 103.56 -28.28
N ARG Y 951 -13.06 102.83 -29.07
CA ARG Y 951 -14.28 103.40 -29.62
C ARG Y 951 -15.22 103.85 -28.51
N ASP Y 952 -15.06 103.29 -27.32
CA ASP Y 952 -15.54 103.91 -26.10
C ASP Y 952 -14.57 103.55 -25.00
N ARG Y 953 -14.49 104.40 -23.98
CA ARG Y 953 -13.44 104.29 -22.97
C ARG Y 953 -13.88 103.28 -21.92
N VAL Y 954 -13.51 102.03 -22.13
CA VAL Y 954 -13.91 100.96 -21.23
C VAL Y 954 -12.83 99.89 -21.20
N TYR Y 955 -12.66 99.27 -20.04
CA TYR Y 955 -11.83 98.07 -19.91
C TYR Y 955 -12.69 96.82 -20.00
N ARG Y 956 -12.11 95.76 -20.54
CA ARG Y 956 -12.69 94.42 -20.49
C ARG Y 956 -11.82 93.56 -19.59
N PHE Y 957 -12.46 92.86 -18.66
CA PHE Y 957 -11.74 92.05 -17.69
C PHE Y 957 -12.01 90.57 -17.92
N ASN Y 958 -10.93 89.78 -17.90
CA ASN Y 958 -11.02 88.33 -18.01
C ASN Y 958 -11.81 87.91 -19.24
N GLY Y 959 -11.52 88.56 -20.36
CA GLY Y 959 -12.26 88.27 -21.56
C GLY Y 959 -13.66 88.80 -21.57
N GLY Y 960 -13.99 89.70 -20.64
CA GLY Y 960 -15.29 90.33 -20.62
C GLY Y 960 -16.21 89.94 -19.49
N GLU Y 961 -15.72 89.20 -18.49
CA GLU Y 961 -16.58 88.92 -17.34
C GLU Y 961 -16.89 90.17 -16.55
N ARG Y 962 -16.06 91.20 -16.67
CA ARG Y 962 -16.30 92.48 -16.02
C ARG Y 962 -15.92 93.59 -16.98
N VAL Y 963 -16.73 94.64 -17.00
CA VAL Y 963 -16.56 95.75 -17.94
C VAL Y 963 -16.71 97.05 -17.16
N GLU Y 964 -15.72 97.93 -17.25
CA GLU Y 964 -15.73 99.18 -16.52
C GLU Y 964 -15.13 100.29 -17.37
N PRO Y 965 -15.54 101.53 -17.15
CA PRO Y 965 -14.95 102.65 -17.88
C PRO Y 965 -13.57 103.00 -17.34
N TYR Y 966 -12.84 103.77 -18.14
CA TYR Y 966 -11.54 104.30 -17.72
C TYR Y 966 -11.41 105.71 -18.23
N ALA Y 967 -10.35 106.38 -17.81
CA ALA Y 967 -10.07 107.75 -18.20
C ALA Y 967 -8.59 107.89 -18.52
N ASP Y 968 -8.28 108.88 -19.35
CA ASP Y 968 -6.88 109.15 -19.63
C ASP Y 968 -6.25 109.92 -18.47
N PRO Y 969 -4.98 109.67 -18.16
CA PRO Y 969 -4.39 110.27 -16.95
C PRO Y 969 -4.32 111.79 -16.99
N VAL Y 970 -3.78 112.36 -18.05
CA VAL Y 970 -3.60 113.81 -18.11
C VAL Y 970 -4.93 114.55 -17.98
N PRO Y 971 -5.96 114.26 -18.77
CA PRO Y 971 -7.24 114.96 -18.58
C PRO Y 971 -7.79 114.78 -17.17
N LEU Y 972 -7.60 113.59 -16.60
CA LEU Y 972 -8.10 113.33 -15.26
C LEU Y 972 -7.40 114.21 -14.23
N GLN Y 973 -6.08 114.29 -14.30
CA GLN Y 973 -5.34 115.12 -13.36
C GLN Y 973 -5.74 116.58 -13.50
N GLN Y 974 -5.91 117.05 -14.73
CA GLN Y 974 -6.38 118.42 -14.93
C GLN Y 974 -7.76 118.62 -14.32
N ALA Y 975 -8.64 117.64 -14.49
CA ALA Y 975 -9.95 117.73 -13.86
C ALA Y 975 -9.83 117.77 -12.35
N ILE Y 976 -8.96 116.92 -11.78
CA ILE Y 976 -8.79 116.89 -10.33
C ILE Y 976 -8.26 118.24 -9.84
N ALA Y 977 -7.26 118.77 -10.55
CA ALA Y 977 -6.71 120.06 -10.16
C ALA Y 977 -7.78 121.14 -10.17
N ALA Y 978 -8.72 121.06 -11.13
CA ALA Y 978 -9.80 122.03 -11.18
C ALA Y 978 -10.66 121.95 -9.93
N LEU Y 979 -11.00 120.73 -9.50
CA LEU Y 979 -11.80 120.58 -8.28
C LEU Y 979 -11.03 121.09 -7.08
N LEU Y 980 -9.81 120.62 -6.89
CA LEU Y 980 -8.97 121.03 -5.76
C LEU Y 980 -7.69 121.64 -6.28
N PRO Y 981 -7.52 122.96 -6.20
CA PRO Y 981 -6.30 123.57 -6.73
C PRO Y 981 -5.12 123.51 -5.78
N ALA Y 982 -5.35 123.34 -4.48
CA ALA Y 982 -4.29 123.46 -3.49
C ALA Y 982 -3.94 122.12 -2.84
N ALA Y 983 -4.23 121.00 -3.50
CA ALA Y 983 -3.98 119.68 -2.96
C ALA Y 983 -2.88 118.98 -3.74
N ALA Y 984 -2.12 118.14 -3.04
CA ALA Y 984 -1.04 117.38 -3.65
C ALA Y 984 -1.56 116.07 -4.21
N LEU Y 985 -0.95 115.64 -5.32
CA LEU Y 985 -1.34 114.41 -5.99
C LEU Y 985 -0.12 113.51 -6.17
N SER Y 986 -0.35 112.20 -6.07
CA SER Y 986 0.70 111.23 -6.30
C SER Y 986 0.09 109.92 -6.76
N TRP Y 987 0.91 109.12 -7.44
CA TRP Y 987 0.49 107.84 -7.99
C TRP Y 987 1.28 106.71 -7.34
N HIS Y 988 0.67 105.53 -7.30
CA HIS Y 988 1.32 104.37 -6.70
C HIS Y 988 0.93 103.12 -7.49
N THR Y 989 1.92 102.27 -7.74
CA THR Y 989 1.72 101.00 -8.42
C THR Y 989 2.55 99.94 -7.72
N LEU Y 990 2.38 98.69 -8.18
CA LEU Y 990 3.15 97.60 -7.61
C LEU Y 990 4.64 97.83 -7.82
N SER Y 991 5.40 97.63 -6.76
CA SER Y 991 6.84 97.89 -6.84
C SER Y 991 7.54 96.73 -7.54
N PRO Y 992 8.54 97.01 -8.37
CA PRO Y 992 9.40 95.95 -8.89
C PRO Y 992 10.36 95.40 -7.86
N THR Y 993 10.35 95.95 -6.65
CA THR Y 993 11.19 95.48 -5.56
C THR Y 993 10.53 94.38 -4.75
N CYS Y 994 9.27 94.06 -5.02
CA CYS Y 994 8.60 92.89 -4.45
C CYS Y 994 8.47 92.99 -2.93
N ASP Y 995 8.41 94.20 -2.39
CA ASP Y 995 8.25 94.37 -0.96
C ASP Y 995 6.90 93.86 -0.46
N TRP Y 996 5.94 93.66 -1.35
CA TRP Y 996 4.60 93.22 -1.01
C TRP Y 996 4.49 91.70 -0.89
N LEU Y 997 5.59 90.99 -1.09
CA LEU Y 997 5.57 89.53 -1.05
C LEU Y 997 4.97 88.94 0.23
N PRO Y 998 5.28 89.43 1.44
CA PRO Y 998 4.74 88.79 2.64
C PRO Y 998 3.22 88.68 2.64
N TYR Y 999 2.55 89.50 1.85
CA TYR Y 999 1.11 89.39 1.73
C TYR Y 999 0.68 88.31 0.76
N ILE Y 1000 1.62 87.66 0.09
CA ILE Y 1000 1.36 86.50 -0.75
C ILE Y 1000 1.90 85.22 -0.12
N ILE Y 1001 3.18 85.22 0.21
CA ILE Y 1001 3.78 84.05 0.83
C ILE Y 1001 3.35 83.93 2.29
N GLY Y 1002 3.42 85.03 3.03
CA GLY Y 1002 3.07 85.00 4.44
C GLY Y 1002 1.62 84.65 4.70
N VAL Y 1003 0.79 84.63 3.67
CA VAL Y 1003 -0.58 84.17 3.79
C VAL Y 1003 -0.75 82.74 3.30
N GLY Y 1004 0.33 82.10 2.86
CA GLY Y 1004 0.28 80.69 2.52
C GLY Y 1004 -0.20 80.37 1.12
N SER Y 1005 -0.04 81.28 0.17
CA SER Y 1005 -0.47 81.04 -1.19
C SER Y 1005 0.74 80.89 -2.10
N PRO Y 1006 0.75 79.87 -2.96
CA PRO Y 1006 1.92 79.66 -3.83
C PRO Y 1006 1.95 80.65 -4.97
N LEU Y 1007 3.07 80.63 -5.70
CA LEU Y 1007 3.38 81.68 -6.66
C LEU Y 1007 4.19 81.13 -7.82
N ASN Y 1008 4.06 81.78 -8.97
CA ASN Y 1008 4.91 81.56 -10.13
C ASN Y 1008 5.60 82.87 -10.47
N LEU Y 1009 6.93 82.82 -10.58
CA LEU Y 1009 7.71 84.06 -10.70
C LEU Y 1009 7.45 84.77 -12.02
N SER Y 1010 7.24 84.01 -13.11
CA SER Y 1010 7.13 84.64 -14.42
C SER Y 1010 5.93 85.56 -14.52
N ASP Y 1011 4.97 85.46 -13.61
CA ASP Y 1011 3.78 86.29 -13.68
C ASP Y 1011 4.02 87.71 -13.20
N ILE Y 1012 5.14 87.97 -12.52
CA ILE Y 1012 5.31 89.24 -11.82
C ILE Y 1012 5.29 90.40 -12.79
N ASN Y 1013 5.97 90.25 -13.93
CA ASN Y 1013 6.00 91.34 -14.90
C ASN Y 1013 4.61 91.70 -15.36
N THR Y 1014 3.77 90.69 -15.61
CA THR Y 1014 2.38 90.97 -15.96
C THR Y 1014 1.66 91.69 -14.83
N ALA Y 1015 1.90 91.25 -13.59
CA ALA Y 1015 1.25 91.88 -12.46
C ALA Y 1015 1.59 93.35 -12.37
N ILE Y 1016 2.87 93.68 -12.56
CA ILE Y 1016 3.28 95.08 -12.59
C ILE Y 1016 2.53 95.82 -13.69
N SER Y 1017 2.52 95.25 -14.90
CA SER Y 1017 1.80 95.87 -15.99
C SER Y 1017 0.33 96.01 -15.66
N TYR Y 1018 -0.25 95.00 -15.02
CA TYR Y 1018 -1.63 95.10 -14.58
C TYR Y 1018 -1.83 96.29 -13.66
N SER Y 1019 -0.91 96.47 -12.71
CA SER Y 1019 -1.00 97.63 -11.81
C SER Y 1019 -0.85 98.93 -12.58
N ARG Y 1020 0.05 98.97 -13.55
CA ARG Y 1020 0.25 100.17 -14.35
C ARG Y 1020 -1.05 100.63 -15.00
N LEU Y 1021 -1.92 99.68 -15.34
CA LEU Y 1021 -3.21 100.03 -15.91
C LEU Y 1021 -4.24 100.39 -14.85
N THR Y 1022 -3.99 100.05 -13.58
CA THR Y 1022 -4.95 100.29 -12.50
C THR Y 1022 -4.22 100.91 -11.31
N PRO Y 1023 -3.71 102.12 -11.46
CA PRO Y 1023 -2.94 102.74 -10.37
C PRO Y 1023 -3.85 103.17 -9.24
N ILE Y 1024 -3.21 103.62 -8.16
CA ILE Y 1024 -3.89 104.23 -7.02
C ILE Y 1024 -3.48 105.69 -6.97
N LEU Y 1025 -4.48 106.57 -6.96
CA LEU Y 1025 -4.24 108.00 -6.85
C LEU Y 1025 -4.36 108.41 -5.40
N HIS Y 1026 -3.30 109.04 -4.89
CA HIS Y 1026 -3.27 109.54 -3.52
C HIS Y 1026 -3.46 111.05 -3.55
N ILE Y 1027 -4.54 111.52 -2.95
CA ILE Y 1027 -4.87 112.93 -2.88
C ILE Y 1027 -4.68 113.40 -1.46
N ASP Y 1028 -4.02 114.54 -1.29
CA ASP Y 1028 -3.76 115.09 0.04
C ASP Y 1028 -3.98 116.59 -0.01
N THR Y 1029 -4.92 117.09 0.78
CA THR Y 1029 -5.25 118.51 0.77
C THR Y 1029 -4.52 119.30 1.84
N THR Y 1030 -3.87 118.64 2.81
CA THR Y 1030 -3.22 119.34 3.90
C THR Y 1030 -1.79 119.71 3.58
N THR Y 1031 -1.43 119.84 2.30
CA THR Y 1031 -0.09 120.25 1.95
C THR Y 1031 -0.12 120.86 0.56
N PRO Y 1032 0.70 121.89 0.30
CA PRO Y 1032 0.68 122.51 -1.03
C PRO Y 1032 1.25 121.57 -2.08
N PRO Y 1033 0.83 121.70 -3.32
CA PRO Y 1033 1.24 120.75 -4.35
C PRO Y 1033 2.61 121.07 -4.94
N LEU Y 1034 3.09 120.13 -5.75
CA LEU Y 1034 4.35 120.23 -6.45
C LEU Y 1034 4.18 121.03 -7.74
N ARG Y 1035 5.31 121.51 -8.28
CA ARG Y 1035 5.26 122.25 -9.53
C ARG Y 1035 6.61 122.16 -10.24
N VAL Y 1036 6.55 122.27 -11.57
CA VAL Y 1036 7.74 122.15 -12.42
C VAL Y 1036 7.55 123.08 -13.62
N ASN Y 1037 8.64 123.67 -14.10
CA ASN Y 1037 8.53 124.67 -15.16
C ASN Y 1037 8.17 124.05 -16.51
N PRO Y 1038 8.98 123.14 -17.10
CA PRO Y 1038 8.58 122.56 -18.38
C PRO Y 1038 7.58 121.42 -18.20
N VAL Y 1039 6.29 121.76 -18.13
CA VAL Y 1039 5.22 120.81 -17.83
C VAL Y 1039 5.30 119.57 -18.72
N PRO Y 1040 5.59 119.67 -20.03
CA PRO Y 1040 5.79 118.45 -20.82
C PRO Y 1040 6.91 117.57 -20.30
N THR Y 1041 7.85 118.11 -19.53
CA THR Y 1041 8.95 117.37 -18.90
C THR Y 1041 9.66 116.45 -19.88
N PRO Y 1042 10.32 116.98 -20.90
CA PRO Y 1042 11.05 116.14 -21.84
C PRO Y 1042 12.32 115.57 -21.20
N LEU Y 1043 12.77 114.46 -21.78
CA LEU Y 1043 13.92 113.74 -21.24
C LEU Y 1043 15.22 114.48 -21.55
N ASN Y 1044 16.23 114.22 -20.71
CA ASN Y 1044 17.61 114.67 -20.93
C ASN Y 1044 17.76 116.17 -20.96
N GLN Y 1045 16.83 116.91 -20.36
CA GLN Y 1045 16.85 118.36 -20.44
C GLN Y 1045 16.65 118.96 -19.05
N GLN Y 1046 17.28 120.11 -18.84
CA GLN Y 1046 17.23 120.77 -17.54
C GLN Y 1046 15.80 121.20 -17.21
N CYS Y 1047 15.40 120.99 -15.95
CA CYS Y 1047 14.08 121.37 -15.49
C CYS Y 1047 14.17 121.84 -14.05
N ALA Y 1048 13.38 122.85 -13.72
CA ALA Y 1048 13.34 123.41 -12.38
C ALA Y 1048 12.09 122.94 -11.66
N ILE Y 1049 12.26 122.50 -10.42
CA ILE Y 1049 11.17 121.97 -9.61
C ILE Y 1049 11.14 122.71 -8.28
N ARG Y 1050 9.96 123.17 -7.89
CA ARG Y 1050 9.78 123.93 -6.66
C ARG Y 1050 9.03 123.08 -5.65
N ILE Y 1051 9.54 123.05 -4.42
CA ILE Y 1051 8.88 122.39 -3.30
C ILE Y 1051 8.80 123.42 -2.18
N THR Y 1052 7.69 124.13 -2.09
CA THR Y 1052 7.52 125.12 -1.04
C THR Y 1052 7.57 124.44 0.32
N SER Y 1053 8.32 125.04 1.24
CA SER Y 1053 8.62 124.41 2.52
C SER Y 1053 9.19 125.45 3.46
N LEU Y 1054 9.06 125.20 4.76
CA LEU Y 1054 9.40 126.19 5.76
C LEU Y 1054 10.75 125.97 6.41
N ASP Y 1055 11.31 124.76 6.32
CA ASP Y 1055 12.53 124.44 7.05
C ASP Y 1055 13.67 124.16 6.09
N PRO Y 1056 14.72 124.99 6.07
CA PRO Y 1056 15.93 124.61 5.34
C PRO Y 1056 16.67 123.43 5.96
N ALA Y 1057 16.31 123.04 7.18
CA ALA Y 1057 16.96 121.91 7.85
C ALA Y 1057 16.41 120.57 7.40
N ALA Y 1058 15.36 120.54 6.60
CA ALA Y 1058 14.77 119.28 6.18
C ALA Y 1058 15.68 118.57 5.18
N VAL Y 1059 15.37 117.30 4.93
CA VAL Y 1059 16.14 116.46 4.02
C VAL Y 1059 15.20 115.89 2.98
N LEU Y 1060 15.73 115.67 1.77
CA LEU Y 1060 14.95 115.32 0.61
C LEU Y 1060 15.36 113.96 0.05
N SER Y 1061 14.42 113.29 -0.60
CA SER Y 1061 14.70 112.06 -1.31
C SER Y 1061 13.71 111.91 -2.45
N VAL Y 1062 14.18 111.36 -3.57
CA VAL Y 1062 13.36 111.07 -4.73
C VAL Y 1062 13.54 109.61 -5.10
N GLN Y 1063 12.45 108.94 -5.43
CA GLN Y 1063 12.47 107.52 -5.72
C GLN Y 1063 11.98 107.24 -7.13
N HIS Y 1064 12.44 106.13 -7.68
CA HIS Y 1064 12.06 105.70 -9.02
C HIS Y 1064 12.15 104.19 -9.07
N ASN Y 1065 11.11 103.55 -9.62
CA ASN Y 1065 11.01 102.10 -9.64
C ASN Y 1065 11.13 101.53 -8.23
N GLY Y 1066 10.56 102.24 -7.27
CA GLY Y 1066 10.56 101.75 -5.90
C GLY Y 1066 11.90 101.78 -5.22
N VAL Y 1067 12.82 102.64 -5.65
CA VAL Y 1067 14.10 102.80 -5.00
C VAL Y 1067 14.54 104.26 -5.10
N GLU Y 1068 15.19 104.75 -4.05
CA GLU Y 1068 15.65 106.12 -4.02
C GLU Y 1068 16.69 106.36 -5.10
N VAL Y 1069 16.59 107.49 -5.78
CA VAL Y 1069 17.48 107.79 -6.89
C VAL Y 1069 18.18 109.13 -6.65
N ILE Y 1070 17.53 110.03 -5.92
CA ILE Y 1070 18.11 111.30 -5.54
C ILE Y 1070 17.83 111.53 -4.07
N GLY Y 1071 18.82 112.03 -3.35
CA GLY Y 1071 18.65 112.36 -1.95
C GLY Y 1071 19.79 113.21 -1.43
N GLY Y 1072 19.52 114.00 -0.40
CA GLY Y 1072 20.56 114.81 0.20
C GLY Y 1072 19.99 116.09 0.78
N THR Y 1073 20.83 117.11 0.80
CA THR Y 1073 20.56 118.40 1.42
C THR Y 1073 20.88 119.51 0.43
N PRO Y 1074 20.39 120.72 0.66
CA PRO Y 1074 20.80 121.83 -0.22
C PRO Y 1074 22.29 122.04 -0.24
N GLY Y 1075 22.98 121.74 0.86
CA GLY Y 1075 24.43 121.82 0.85
C GLY Y 1075 25.06 120.80 -0.10
N ASN Y 1076 24.60 119.56 -0.04
CA ASN Y 1076 25.15 118.52 -0.90
C ASN Y 1076 24.06 117.49 -1.19
N VAL Y 1077 24.06 116.97 -2.42
CA VAL Y 1077 23.05 116.04 -2.86
C VAL Y 1077 23.71 115.02 -3.78
N ILE Y 1078 23.16 113.81 -3.79
CA ILE Y 1078 23.68 112.73 -4.61
C ILE Y 1078 22.56 112.23 -5.52
N SER Y 1079 22.91 111.91 -6.76
CA SER Y 1079 21.96 111.45 -7.75
C SER Y 1079 22.57 110.34 -8.59
N VAL Y 1080 21.70 109.46 -9.09
CA VAL Y 1080 22.11 108.44 -10.04
C VAL Y 1080 21.19 108.50 -11.25
N ALA Y 1081 20.67 109.71 -11.54
CA ALA Y 1081 19.79 109.88 -12.69
C ALA Y 1081 20.11 111.17 -13.46
N GLY Y 1082 21.28 111.75 -13.26
CA GLY Y 1082 21.67 112.96 -13.94
C GLY Y 1082 22.05 114.06 -12.95
N ALA Y 1083 22.44 115.19 -13.52
CA ALA Y 1083 22.88 116.32 -12.71
C ALA Y 1083 21.72 116.86 -11.88
N ALA Y 1084 21.98 117.12 -10.61
CA ALA Y 1084 20.98 117.64 -9.70
C ALA Y 1084 21.61 118.71 -8.81
N ALA Y 1085 20.92 119.85 -8.68
CA ALA Y 1085 21.37 120.93 -7.82
C ALA Y 1085 20.24 121.28 -6.88
N LEU Y 1086 20.51 121.24 -5.58
CA LEU Y 1086 19.52 121.51 -4.56
C LEU Y 1086 19.84 122.82 -3.87
N GLN Y 1087 18.85 123.69 -3.77
CA GLN Y 1087 19.01 124.97 -3.11
C GLN Y 1087 17.71 125.31 -2.39
N TYR Y 1088 17.82 126.03 -1.28
CA TYR Y 1088 16.66 126.51 -0.54
C TYR Y 1088 16.59 128.03 -0.69
N ILE Y 1089 15.47 128.52 -1.22
CA ILE Y 1089 15.25 129.94 -1.38
C ILE Y 1089 14.34 130.37 -0.23
N LEU Y 1090 14.95 130.97 0.80
CA LEU Y 1090 14.18 131.37 1.97
C LEU Y 1090 13.16 132.44 1.64
N ALA Y 1091 13.51 133.35 0.73
CA ALA Y 1091 12.60 134.43 0.37
C ALA Y 1091 11.28 133.89 -0.17
N ASN Y 1092 11.30 132.74 -0.82
CA ASN Y 1092 10.09 132.10 -1.30
C ASN Y 1092 9.68 130.92 -0.43
N GLN Y 1093 10.48 130.56 0.57
CA GLN Y 1093 10.23 129.38 1.40
C GLN Y 1093 10.03 128.15 0.53
N GLU Y 1094 11.01 127.90 -0.34
CA GLU Y 1094 10.96 126.77 -1.25
C GLU Y 1094 12.32 126.08 -1.30
N PHE Y 1095 12.29 124.80 -1.58
CA PHE Y 1095 13.48 124.10 -2.06
C PHE Y 1095 13.47 124.13 -3.58
N LEU Y 1096 14.58 124.59 -4.16
CA LEU Y 1096 14.73 124.60 -5.60
C LEU Y 1096 15.57 123.41 -6.03
N LEU Y 1097 15.04 122.61 -6.94
CA LEU Y 1097 15.77 121.50 -7.52
C LEU Y 1097 15.91 121.72 -9.02
N GLN Y 1098 17.14 121.74 -9.49
CA GLN Y 1098 17.45 121.78 -10.92
C GLN Y 1098 18.01 120.44 -11.32
N PHE Y 1099 17.44 119.86 -12.37
CA PHE Y 1099 17.62 118.44 -12.63
C PHE Y 1099 17.59 118.18 -14.12
N THR Y 1100 18.39 117.20 -14.55
CA THR Y 1100 18.46 116.77 -15.94
C THR Y 1100 18.26 115.27 -15.98
N PRO Y 1101 17.00 114.81 -16.01
CA PRO Y 1101 16.74 113.38 -15.95
C PRO Y 1101 17.38 112.62 -17.10
N THR Y 1102 17.92 111.45 -16.79
CA THR Y 1102 18.54 110.58 -17.78
C THR Y 1102 17.72 109.34 -18.07
N LEU Y 1103 16.50 109.26 -17.53
CA LEU Y 1103 15.63 108.11 -17.79
C LEU Y 1103 14.19 108.56 -17.54
N PRO Y 1104 13.23 107.99 -18.26
CA PRO Y 1104 11.84 108.44 -18.11
C PRO Y 1104 11.13 107.72 -16.97
N GLY Y 1105 9.85 107.99 -16.83
CA GLY Y 1105 9.01 107.29 -15.89
C GLY Y 1105 8.54 108.18 -14.76
N ILE Y 1106 7.89 107.54 -13.79
CA ILE Y 1106 7.35 108.24 -12.64
C ILE Y 1106 8.46 108.49 -11.62
N PHE Y 1107 8.49 109.70 -11.08
CA PHE Y 1107 9.37 110.02 -9.95
C PHE Y 1107 8.53 110.67 -8.88
N ASP Y 1108 8.68 110.20 -7.64
CA ASP Y 1108 7.99 110.77 -6.50
C ASP Y 1108 9.02 111.27 -5.49
N VAL Y 1109 8.65 112.31 -4.76
CA VAL Y 1109 9.58 113.08 -3.96
C VAL Y 1109 9.07 113.18 -2.53
N PHE Y 1110 10.01 113.16 -1.59
CA PHE Y 1110 9.67 113.21 -0.17
C PHE Y 1110 10.54 114.24 0.54
N LEU Y 1111 10.01 114.77 1.63
CA LEU Y 1111 10.76 115.62 2.54
C LEU Y 1111 10.67 115.04 3.93
N THR Y 1112 11.74 115.25 4.71
CA THR Y 1112 11.81 114.69 6.05
C THR Y 1112 12.61 115.63 6.93
N THR Y 1113 12.26 115.65 8.21
CA THR Y 1113 13.04 116.32 9.24
C THR Y 1113 13.30 115.34 10.36
N LEU Y 1114 14.27 115.67 11.20
CA LEU Y 1114 14.89 114.69 12.09
C LEU Y 1114 13.88 114.03 13.01
N GLY Y 1115 12.86 114.76 13.46
CA GLY Y 1115 11.95 114.21 14.44
C GLY Y 1115 10.64 113.71 13.86
N GLN Y 1116 10.60 113.42 12.57
CA GLN Y 1116 9.35 113.10 11.90
C GLN Y 1116 9.57 111.98 10.90
N PRO Y 1117 8.49 111.29 10.52
CA PRO Y 1117 8.55 110.37 9.38
C PRO Y 1117 8.65 111.15 8.09
N PRO Y 1118 9.09 110.51 7.01
CA PRO Y 1118 9.12 111.21 5.71
C PRO Y 1118 7.73 111.59 5.25
N VAL Y 1119 7.65 112.70 4.54
CA VAL Y 1119 6.39 113.27 4.08
C VAL Y 1119 6.38 113.23 2.56
N PRO Y 1120 5.41 112.57 1.94
CA PRO Y 1120 5.30 112.63 0.48
C PRO Y 1120 4.90 114.03 0.03
N ARG Y 1121 5.50 114.48 -1.06
CA ARG Y 1121 5.24 115.81 -1.60
C ARG Y 1121 4.93 115.73 -3.08
N GLY Y 1122 4.14 114.73 -3.47
CA GLY Y 1122 3.73 114.61 -4.85
C GLY Y 1122 4.70 113.81 -5.68
N SER Y 1123 4.46 113.84 -6.99
CA SER Y 1123 5.24 113.06 -7.94
C SER Y 1123 5.19 113.75 -9.29
N PHE Y 1124 6.11 113.36 -10.17
CA PHE Y 1124 6.16 113.91 -11.51
C PHE Y 1124 6.61 112.85 -12.50
N THR Y 1125 6.31 113.09 -13.76
CA THR Y 1125 6.61 112.17 -14.84
C THR Y 1125 7.62 112.79 -15.80
N ILE Y 1126 8.52 111.97 -16.34
CA ILE Y 1126 9.47 112.38 -17.35
C ILE Y 1126 9.11 111.68 -18.65
N THR Y 1127 8.98 112.43 -19.72
CA THR Y 1127 8.52 111.85 -20.97
C THR Y 1127 9.70 111.50 -21.87
N PRO Y 1128 9.56 110.44 -22.66
CA PRO Y 1128 10.61 110.08 -23.61
C PRO Y 1128 10.63 111.04 -24.80
N PRO Y 1129 11.73 111.07 -25.55
CA PRO Y 1129 11.79 111.92 -26.74
C PRO Y 1129 10.84 111.41 -27.81
N PRO Y 1130 10.45 112.28 -28.75
CA PRO Y 1130 9.45 111.89 -29.76
C PRO Y 1130 9.98 110.83 -30.70
N THR Y 1131 9.04 110.11 -31.31
CA THR Y 1131 9.32 108.99 -32.20
C THR Y 1131 9.29 109.38 -33.67
N THR Y 1132 9.25 110.68 -33.98
CA THR Y 1132 9.00 111.13 -35.34
C THR Y 1132 10.29 111.17 -36.14
N VAL Y 1133 10.52 110.11 -36.90
CA VAL Y 1133 11.56 110.09 -37.93
C VAL Y 1133 10.92 110.43 -39.26
N VAL Y 1134 11.64 111.22 -40.07
CA VAL Y 1134 11.12 111.66 -41.35
C VAL Y 1134 12.22 111.52 -42.40
N LEU Y 1135 11.83 111.08 -43.60
CA LEU Y 1135 12.74 110.90 -44.72
C LEU Y 1135 12.35 111.84 -45.85
N ASN Y 1136 13.36 112.27 -46.63
CA ASN Y 1136 13.17 113.21 -47.71
C ASN Y 1136 13.75 112.62 -48.99
N MET Y 1137 12.98 112.67 -50.06
CA MET Y 1137 13.20 111.84 -51.24
C MET Y 1137 13.56 112.65 -52.47
N PRO Y 1138 14.23 112.05 -53.44
CA PRO Y 1138 14.53 112.73 -54.70
C PRO Y 1138 13.36 112.65 -55.66
N PRO Y 1139 13.35 113.46 -56.73
CA PRO Y 1139 12.28 113.37 -57.72
C PRO Y 1139 12.39 112.10 -58.54
N PRO Y 1140 11.37 111.76 -59.33
CA PRO Y 1140 11.46 110.55 -60.16
C PRO Y 1140 12.62 110.56 -61.13
N GLY Y 1141 13.03 111.75 -61.62
CA GLY Y 1141 14.21 111.83 -62.45
C GLY Y 1141 15.47 111.41 -61.70
N GLN Y 1142 15.46 111.53 -60.38
CA GLN Y 1142 16.57 111.10 -59.55
C GLN Y 1142 16.29 109.77 -58.86
N LEU Y 1143 15.18 109.11 -59.20
CA LEU Y 1143 15.00 107.71 -58.84
C LEU Y 1143 16.01 106.90 -59.64
N ASP Y 1144 17.06 106.42 -58.99
CA ASP Y 1144 18.23 105.87 -59.67
C ASP Y 1144 18.07 104.35 -59.79
N PHE Y 1145 17.51 103.94 -60.92
CA PHE Y 1145 17.45 102.52 -61.28
C PHE Y 1145 18.78 102.03 -61.81
N THR Y 1146 19.73 102.94 -62.04
CA THR Y 1146 21.08 102.56 -62.40
C THR Y 1146 21.75 101.81 -61.24
N ASP Y 1147 22.96 101.33 -61.50
CA ASP Y 1147 23.69 100.59 -60.48
C ASP Y 1147 23.95 101.47 -59.26
N VAL Y 1148 24.31 102.73 -59.48
CA VAL Y 1148 24.52 103.66 -58.38
C VAL Y 1148 23.17 104.24 -57.96
N GLY Y 1149 22.58 103.66 -56.91
CA GLY Y 1149 21.41 104.24 -56.29
C GLY Y 1149 21.80 105.53 -55.58
N ASN Y 1150 20.86 106.22 -54.93
CA ASN Y 1150 21.21 107.55 -54.45
C ASN Y 1150 20.60 107.85 -53.10
N ASP Y 1151 20.74 109.12 -52.72
CA ASP Y 1151 20.58 109.58 -51.35
C ASP Y 1151 19.16 110.05 -51.08
N ALA Y 1152 18.68 109.74 -49.89
CA ALA Y 1152 17.49 110.36 -49.32
C ALA Y 1152 17.85 110.85 -47.92
N ARG Y 1153 17.49 112.10 -47.62
CA ARG Y 1153 17.91 112.72 -46.38
C ARG Y 1153 16.97 112.35 -45.24
N ILE Y 1154 17.56 111.94 -44.12
CA ILE Y 1154 16.80 111.55 -42.93
C ILE Y 1154 16.78 112.73 -41.96
N THR Y 1155 15.61 113.00 -41.41
CA THR Y 1155 15.44 114.04 -40.39
C THR Y 1155 14.91 113.36 -39.13
N CYS Y 1156 15.75 113.29 -38.10
CA CYS Y 1156 15.40 112.57 -36.88
C CYS Y 1156 16.31 113.04 -35.75
N ASP Y 1157 15.91 112.72 -34.53
CA ASP Y 1157 16.73 113.03 -33.37
C ASP Y 1157 17.98 112.15 -33.36
N PRO Y 1158 19.09 112.66 -32.82
CA PRO Y 1158 20.28 111.81 -32.68
C PRO Y 1158 20.12 110.72 -31.63
N TYR Y 1159 19.12 110.83 -30.76
CA TYR Y 1159 18.93 109.84 -29.70
C TYR Y 1159 18.64 108.45 -30.26
N TYR Y 1160 18.03 108.37 -31.44
CA TYR Y 1160 17.74 107.10 -32.08
C TYR Y 1160 18.74 106.87 -33.21
N GLN Y 1161 19.65 105.92 -33.00
CA GLN Y 1161 20.48 105.42 -34.09
C GLN Y 1161 19.66 104.47 -34.94
N LEU Y 1162 19.89 104.51 -36.25
CA LEU Y 1162 19.01 103.83 -37.20
C LEU Y 1162 19.79 102.91 -38.12
N ALA Y 1163 19.08 101.93 -38.66
CA ALA Y 1163 19.59 101.04 -39.69
C ALA Y 1163 18.40 100.47 -40.45
N VAL Y 1164 18.67 100.00 -41.66
CA VAL Y 1164 17.63 99.49 -42.55
C VAL Y 1164 17.48 98.00 -42.33
N CYS Y 1165 16.25 97.55 -42.08
CA CYS Y 1165 15.99 96.17 -41.68
C CYS Y 1165 14.71 95.67 -42.34
N ILE Y 1166 14.51 94.35 -42.26
CA ILE Y 1166 13.37 93.68 -42.87
C ILE Y 1166 12.62 92.92 -41.77
N PHE Y 1167 11.32 93.17 -41.68
CA PHE Y 1167 10.45 92.51 -40.70
C PHE Y 1167 10.12 91.11 -41.21
N LYS Y 1168 11.13 90.24 -41.17
CA LYS Y 1168 11.05 88.97 -41.86
C LYS Y 1168 10.07 88.02 -41.20
N ASP Y 1169 10.16 87.86 -39.88
CA ASP Y 1169 9.47 86.77 -39.20
C ASP Y 1169 8.84 87.23 -37.89
N GLY Y 1170 8.42 88.49 -37.82
CA GLY Y 1170 8.09 89.10 -36.55
C GLY Y 1170 9.26 89.80 -35.90
N GLN Y 1171 10.45 89.70 -36.47
CA GLN Y 1171 11.62 90.44 -36.01
C GLN Y 1171 12.33 91.05 -37.21
N TYR Y 1172 12.80 92.28 -37.04
CA TYR Y 1172 13.54 92.96 -38.08
C TYR Y 1172 14.95 92.38 -38.20
N VAL Y 1173 15.38 92.12 -39.43
CA VAL Y 1173 16.72 91.64 -39.72
C VAL Y 1173 17.42 92.69 -40.58
N ARG Y 1174 18.65 93.03 -40.22
CA ARG Y 1174 19.36 94.11 -40.88
C ARG Y 1174 19.72 93.73 -42.32
N VAL Y 1175 19.42 94.63 -43.25
CA VAL Y 1175 19.68 94.39 -44.66
C VAL Y 1175 21.15 94.65 -44.95
N ASN Y 1176 21.67 93.99 -45.98
CA ASN Y 1176 23.03 94.26 -46.42
C ASN Y 1176 23.13 95.69 -46.93
N PRO Y 1177 24.29 96.32 -46.79
CA PRO Y 1177 24.39 97.75 -47.11
C PRO Y 1177 24.22 98.06 -48.58
N GLU Y 1178 24.48 97.12 -49.48
CA GLU Y 1178 24.57 97.42 -50.89
C GLU Y 1178 23.21 97.56 -51.57
N LYS Y 1179 22.11 97.40 -50.83
CA LYS Y 1179 20.80 97.78 -51.33
C LYS Y 1179 20.21 98.98 -50.62
N ALA Y 1180 20.57 99.20 -49.36
CA ALA Y 1180 20.12 100.36 -48.61
C ALA Y 1180 21.07 100.56 -47.42
N SER Y 1181 21.27 101.83 -47.06
CA SER Y 1181 22.16 102.17 -45.96
C SER Y 1181 21.82 103.55 -45.43
N VAL Y 1182 21.81 103.67 -44.10
CA VAL Y 1182 21.77 104.99 -43.48
C VAL Y 1182 23.13 105.64 -43.59
N VAL Y 1183 23.15 106.87 -44.08
CA VAL Y 1183 24.40 107.57 -44.40
C VAL Y 1183 24.76 108.47 -43.24
N THR Y 1184 26.00 108.35 -42.76
CA THR Y 1184 26.49 109.16 -41.65
C THR Y 1184 27.07 110.48 -42.16
N ASN Y 1185 26.21 111.25 -42.82
CA ASN Y 1185 26.60 112.59 -43.26
C ASN Y 1185 26.80 113.48 -42.03
N ALA Y 1186 27.75 114.42 -42.16
CA ALA Y 1186 28.18 115.20 -41.01
C ALA Y 1186 27.04 115.99 -40.35
N PRO Y 1187 26.22 116.75 -41.08
CA PRO Y 1187 25.15 117.49 -40.38
C PRO Y 1187 24.02 116.61 -39.90
N ASN Y 1188 23.69 115.55 -40.62
CA ASN Y 1188 22.55 114.72 -40.28
C ASN Y 1188 22.70 113.37 -40.96
N ARG Y 1189 21.85 112.44 -40.56
CA ARG Y 1189 21.81 111.14 -41.21
C ARG Y 1189 21.06 111.24 -42.53
N ASP Y 1190 21.56 110.53 -43.54
CA ASP Y 1190 20.91 110.40 -44.82
C ASP Y 1190 20.73 108.91 -45.13
N LEU Y 1191 20.15 108.61 -46.29
CA LEU Y 1191 19.79 107.25 -46.63
C LEU Y 1191 20.09 107.01 -48.10
N HIS Y 1192 21.08 106.16 -48.37
CA HIS Y 1192 21.36 105.70 -49.72
C HIS Y 1192 20.70 104.34 -49.93
N PHE Y 1193 20.21 104.14 -51.16
CA PHE Y 1193 19.57 102.88 -51.50
C PHE Y 1193 19.57 102.72 -53.02
N VAL Y 1194 19.41 101.46 -53.45
CA VAL Y 1194 19.42 101.11 -54.87
C VAL Y 1194 18.13 100.38 -55.18
N LEU Y 1195 17.65 100.56 -56.41
CA LEU Y 1195 16.34 100.07 -56.80
C LEU Y 1195 16.43 98.68 -57.43
N ASP Y 1196 15.37 97.91 -57.24
CA ASP Y 1196 15.29 96.54 -57.75
C ASP Y 1196 13.83 96.17 -57.96
N LEU Y 1197 13.59 95.27 -58.90
CA LEU Y 1197 12.23 94.93 -59.27
C LEU Y 1197 11.48 94.15 -58.19
N ALA Y 1198 12.12 93.81 -57.07
CA ALA Y 1198 11.42 93.21 -55.95
C ALA Y 1198 10.84 94.23 -54.99
N ASP Y 1199 11.18 95.51 -55.16
CA ASP Y 1199 10.92 96.52 -54.14
C ASP Y 1199 9.45 96.91 -54.03
N ASN Y 1200 8.60 96.54 -54.99
CA ASN Y 1200 7.18 96.81 -54.88
C ASN Y 1200 6.42 95.68 -54.20
N HIS Y 1201 7.12 94.65 -53.75
CA HIS Y 1201 6.49 93.52 -53.08
C HIS Y 1201 6.97 93.33 -51.64
N VAL Y 1202 8.22 93.69 -51.35
CA VAL Y 1202 8.81 93.50 -50.03
C VAL Y 1202 9.01 94.86 -49.37
N LEU Y 1203 8.66 94.94 -48.10
CA LEU Y 1203 8.80 96.17 -47.34
C LEU Y 1203 10.12 96.18 -46.57
N LEU Y 1204 10.43 97.33 -45.97
CA LEU Y 1204 11.65 97.49 -45.18
C LEU Y 1204 11.44 98.66 -44.23
N TYR Y 1205 12.20 98.68 -43.16
CA TYR Y 1205 11.97 99.60 -42.05
C TYR Y 1205 13.26 100.26 -41.61
N LEU Y 1206 13.16 101.55 -41.28
CA LEU Y 1206 14.20 102.23 -40.52
C LEU Y 1206 14.00 101.88 -39.05
N CYS Y 1207 14.95 101.15 -38.48
CA CYS Y 1207 14.77 100.54 -37.18
C CYS Y 1207 15.68 101.16 -36.14
N ASP Y 1208 15.16 101.30 -34.92
CA ASP Y 1208 15.98 101.76 -33.80
C ASP Y 1208 17.11 100.78 -33.52
N VAL Y 1209 18.27 101.31 -33.20
CA VAL Y 1209 19.48 100.51 -32.99
C VAL Y 1209 19.86 100.60 -31.51
N THR Y 1210 19.78 99.48 -30.82
CA THR Y 1210 20.31 99.31 -29.48
C THR Y 1210 21.02 97.97 -29.41
N PRO Y 1211 22.06 97.86 -28.59
CA PRO Y 1211 22.70 96.54 -28.42
C PRO Y 1211 21.77 95.49 -27.85
N SER Y 1212 20.73 95.91 -27.14
CA SER Y 1212 19.75 94.96 -26.61
C SER Y 1212 18.85 94.41 -27.71
N GLY Y 1213 18.46 95.25 -28.67
CA GLY Y 1213 17.57 94.81 -29.71
C GLY Y 1213 17.52 95.80 -30.85
N LEU Y 1214 17.00 95.33 -31.98
CA LEU Y 1214 16.97 96.08 -33.23
C LEU Y 1214 15.52 96.46 -33.53
N GLY Y 1215 15.28 97.76 -33.70
CA GLY Y 1215 13.94 98.23 -33.98
C GLY Y 1215 12.99 98.15 -32.81
N ASP Y 1216 13.50 98.07 -31.58
CA ASP Y 1216 12.63 97.92 -30.42
C ASP Y 1216 11.78 99.17 -30.22
N ARG Y 1217 12.42 100.32 -30.02
CA ARG Y 1217 11.71 101.53 -29.65
C ARG Y 1217 10.90 102.08 -30.82
N ILE Y 1218 11.49 102.14 -32.01
CA ILE Y 1218 10.80 102.64 -33.20
C ILE Y 1218 11.16 101.76 -34.40
N ALA Y 1219 10.24 101.72 -35.36
CA ALA Y 1219 10.46 101.01 -36.62
C ALA Y 1219 9.59 101.66 -37.68
N PHE Y 1220 10.22 102.27 -38.67
CA PHE Y 1220 9.55 103.15 -39.62
C PHE Y 1220 9.51 102.52 -41.00
N PRO Y 1221 8.37 102.04 -41.48
CA PRO Y 1221 8.32 101.48 -42.84
C PRO Y 1221 8.60 102.56 -43.87
N ILE Y 1222 9.49 102.24 -44.81
CA ILE Y 1222 9.89 103.19 -45.85
C ILE Y 1222 8.97 102.95 -47.03
N VAL Y 1223 7.79 103.58 -46.96
CA VAL Y 1223 6.78 103.37 -47.99
C VAL Y 1223 7.17 104.05 -49.30
N ASP Y 1224 7.90 105.17 -49.22
CA ASP Y 1224 8.29 105.88 -50.43
C ASP Y 1224 9.03 104.97 -51.39
N ILE Y 1225 10.02 104.24 -50.89
CA ILE Y 1225 10.74 103.28 -51.71
C ILE Y 1225 9.82 102.15 -52.13
N TYR Y 1226 8.96 101.70 -51.21
CA TYR Y 1226 8.10 100.55 -51.49
C TYR Y 1226 7.15 100.79 -52.64
N ARG Y 1227 6.86 102.05 -52.97
CA ARG Y 1227 5.91 102.39 -54.02
C ARG Y 1227 6.58 103.02 -55.24
N ILE Y 1228 7.86 102.73 -55.45
CA ILE Y 1228 8.59 103.30 -56.59
C ILE Y 1228 8.20 102.55 -57.85
N ALA Y 1229 7.82 103.30 -58.89
CA ALA Y 1229 7.56 102.73 -60.20
C ALA Y 1229 8.85 102.65 -61.01
N PHE Y 1230 8.89 101.71 -61.95
CA PHE Y 1230 10.09 101.45 -62.73
C PHE Y 1230 9.86 101.78 -64.19
N PRO Y 1231 10.77 102.54 -64.82
CA PRO Y 1231 10.57 102.96 -66.22
C PRO Y 1231 10.92 101.82 -67.17
N ARG Y 1232 9.96 101.46 -68.03
CA ARG Y 1232 10.13 100.35 -68.95
C ARG Y 1232 11.23 100.61 -69.98
N ASN Y 1233 11.54 101.87 -70.26
CA ASN Y 1233 12.45 102.24 -71.34
C ASN Y 1233 13.92 102.23 -70.93
N THR Y 1234 14.25 101.71 -69.76
CA THR Y 1234 15.61 101.78 -69.23
C THR Y 1234 16.05 100.41 -68.74
N PRO Y 1235 17.35 100.17 -68.67
CA PRO Y 1235 17.84 98.96 -68.01
C PRO Y 1235 17.42 98.93 -66.55
N VAL Y 1236 17.06 97.75 -66.07
CA VAL Y 1236 16.51 97.58 -64.72
C VAL Y 1236 17.26 96.44 -64.03
N ARG Y 1237 16.88 96.18 -62.78
CA ARG Y 1237 17.61 95.29 -61.91
C ARG Y 1237 16.65 94.35 -61.19
N ALA Y 1238 17.12 93.11 -60.97
CA ALA Y 1238 16.29 92.10 -60.33
C ALA Y 1238 17.18 91.15 -59.53
N SER Y 1239 16.64 90.61 -58.44
CA SER Y 1239 17.33 89.63 -57.61
C SER Y 1239 16.31 88.97 -56.71
N LEU Y 1240 16.77 87.96 -55.96
CA LEU Y 1240 15.88 87.24 -55.06
C LEU Y 1240 15.56 88.08 -53.82
N PRO Y 1241 14.34 88.00 -53.30
CA PRO Y 1241 13.94 88.90 -52.21
C PRO Y 1241 14.31 88.44 -50.81
N TYR Y 1242 14.56 87.16 -50.58
CA TYR Y 1242 14.83 86.67 -49.24
C TYR Y 1242 16.13 85.86 -49.23
N THR Y 1243 16.52 85.42 -48.03
CA THR Y 1243 17.71 84.58 -47.89
C THR Y 1243 17.53 83.26 -48.63
N GLY Y 1244 16.33 82.71 -48.61
CA GLY Y 1244 16.00 81.55 -49.42
C GLY Y 1244 14.80 81.84 -50.30
N GLY Y 1245 14.72 83.09 -50.76
CA GLY Y 1245 13.56 83.58 -51.48
C GLY Y 1245 13.54 83.25 -52.96
N GLY Y 1246 13.17 82.01 -53.29
CA GLY Y 1246 13.05 81.65 -54.70
C GLY Y 1246 12.03 82.54 -55.41
N ALA Y 1247 12.36 82.90 -56.65
CA ALA Y 1247 11.50 83.79 -57.42
C ALA Y 1247 11.65 83.50 -58.90
N HIS Y 1248 10.65 83.92 -59.66
CA HIS Y 1248 10.62 83.75 -61.11
C HIS Y 1248 10.01 85.00 -61.73
N LEU Y 1249 10.41 85.30 -62.96
CA LEU Y 1249 10.02 86.53 -63.62
C LEU Y 1249 9.13 86.26 -64.84
N THR Y 1250 8.19 87.16 -65.07
CA THR Y 1250 7.25 87.07 -66.19
C THR Y 1250 7.25 88.41 -66.91
N SER Y 1251 7.87 88.45 -68.09
CA SER Y 1251 8.04 89.69 -68.85
C SER Y 1251 6.76 90.01 -69.60
N GLY Y 1252 6.00 90.98 -69.09
CA GLY Y 1252 4.81 91.42 -69.80
C GLY Y 1252 3.81 90.31 -70.04
N GLY Y 1253 3.63 89.42 -69.07
CA GLY Y 1253 2.78 88.27 -69.21
C GLY Y 1253 3.46 87.05 -69.81
N ASN Y 1254 4.61 87.24 -70.43
CA ASN Y 1254 5.38 86.12 -70.98
C ASN Y 1254 6.36 85.62 -69.92
N PRO Y 1255 6.37 84.33 -69.62
CA PRO Y 1255 7.34 83.80 -68.65
C PRO Y 1255 8.75 84.15 -69.08
N PHE Y 1256 9.55 84.62 -68.13
CA PHE Y 1256 10.84 85.21 -68.47
C PHE Y 1256 12.01 84.40 -67.91
N MET Y 1257 12.09 84.20 -66.60
CA MET Y 1257 13.27 83.57 -66.02
C MET Y 1257 12.96 83.07 -64.62
N SER Y 1258 13.50 81.90 -64.30
CA SER Y 1258 13.61 81.45 -62.91
C SER Y 1258 14.86 82.11 -62.33
N LEU Y 1259 14.66 83.23 -61.62
CA LEU Y 1259 15.81 84.00 -61.13
C LEU Y 1259 16.65 83.20 -60.15
N THR Y 1260 16.07 82.19 -59.50
CA THR Y 1260 16.86 81.30 -58.66
C THR Y 1260 17.88 80.54 -59.49
N THR Y 1261 17.45 79.99 -60.62
CA THR Y 1261 18.29 79.18 -61.49
C THR Y 1261 18.20 79.76 -62.89
N PRO Y 1262 18.94 80.81 -63.18
CA PRO Y 1262 18.91 81.38 -64.52
C PRO Y 1262 19.36 80.36 -65.53
N PRO Y 1263 18.81 80.39 -66.74
CA PRO Y 1263 19.20 79.40 -67.75
C PRO Y 1263 20.69 79.48 -68.02
N ALA Y 1264 21.29 78.32 -68.32
CA ALA Y 1264 22.73 78.25 -68.54
C ALA Y 1264 23.16 79.22 -69.63
N VAL Y 1265 22.28 79.50 -70.58
CA VAL Y 1265 22.45 80.62 -71.51
C VAL Y 1265 21.39 81.66 -71.15
N LEU Y 1266 21.84 82.84 -70.75
CA LEU Y 1266 20.92 83.87 -70.32
C LEU Y 1266 20.05 84.33 -71.48
N PRO Y 1267 18.83 84.79 -71.21
CA PRO Y 1267 18.03 85.40 -72.27
C PRO Y 1267 18.74 86.62 -72.82
N ALA Y 1268 18.52 86.88 -74.10
CA ALA Y 1268 19.25 87.93 -74.81
C ALA Y 1268 19.05 89.28 -74.14
N GLY Y 1269 20.14 90.00 -73.93
CA GLY Y 1269 20.11 91.33 -73.39
C GLY Y 1269 20.35 91.43 -71.89
N VAL Y 1270 20.03 90.39 -71.13
CA VAL Y 1270 20.24 90.42 -69.70
C VAL Y 1270 21.67 90.01 -69.38
N ALA Y 1271 22.11 90.38 -68.18
CA ALA Y 1271 23.46 90.06 -67.75
C ALA Y 1271 23.50 90.01 -66.24
N LEU Y 1272 24.55 89.37 -65.72
CA LEU Y 1272 24.77 89.31 -64.28
C LEU Y 1272 25.41 90.62 -63.83
N ALA Y 1273 24.74 91.32 -62.91
CA ALA Y 1273 25.22 92.61 -62.47
C ALA Y 1273 26.49 92.46 -61.62
N ALA Y 1274 27.22 93.56 -61.49
CA ALA Y 1274 28.47 93.54 -60.74
C ALA Y 1274 28.22 93.55 -59.23
N LEU Y 1275 27.59 94.60 -58.74
CA LEU Y 1275 27.31 94.71 -57.31
C LEU Y 1275 26.17 93.78 -56.92
N SER Y 1276 26.26 93.22 -55.71
CA SER Y 1276 25.25 92.29 -55.23
C SER Y 1276 23.86 92.92 -55.21
N THR Y 1277 23.67 93.93 -54.36
CA THR Y 1277 22.44 94.72 -54.28
C THR Y 1277 21.20 93.87 -53.99
N SER Y 1278 21.38 92.60 -53.65
CA SER Y 1278 20.26 91.74 -53.30
C SER Y 1278 19.83 92.04 -51.86
N VAL Y 1279 18.89 91.25 -51.35
CA VAL Y 1279 18.54 91.35 -49.94
C VAL Y 1279 19.74 91.00 -49.08
N ALA Y 1280 20.45 89.94 -49.45
CA ALA Y 1280 21.67 89.51 -48.79
C ALA Y 1280 22.77 89.39 -49.84
N THR Y 1281 23.99 89.73 -49.44
CA THR Y 1281 25.08 89.89 -50.41
C THR Y 1281 25.36 88.61 -51.19
N GLN Y 1282 25.00 87.44 -50.66
CA GLN Y 1282 25.29 86.19 -51.36
C GLN Y 1282 24.60 86.13 -52.71
N TYR Y 1283 23.35 86.57 -52.79
CA TYR Y 1283 22.68 86.58 -54.08
C TYR Y 1283 23.21 87.73 -54.94
N PRO Y 1284 23.37 87.50 -56.24
CA PRO Y 1284 23.69 88.60 -57.16
C PRO Y 1284 22.42 89.20 -57.74
N THR Y 1285 22.59 90.35 -58.38
CA THR Y 1285 21.53 90.95 -59.17
C THR Y 1285 21.74 90.64 -60.65
N TYR Y 1286 20.63 90.59 -61.38
CA TYR Y 1286 20.64 90.41 -62.82
C TYR Y 1286 20.02 91.64 -63.45
N THR Y 1287 20.73 92.26 -64.39
CA THR Y 1287 20.25 93.48 -65.02
C THR Y 1287 19.49 93.13 -66.30
N LEU Y 1288 18.31 93.71 -66.45
CA LEU Y 1288 17.48 93.48 -67.62
C LEU Y 1288 17.50 94.71 -68.51
N PRO Y 1289 17.63 94.53 -69.83
CA PRO Y 1289 17.83 95.69 -70.70
C PRO Y 1289 16.66 96.66 -70.71
N ALA Y 1290 15.43 96.18 -70.62
CA ALA Y 1290 14.24 97.03 -70.67
C ALA Y 1290 13.06 96.17 -70.26
N GLY Y 1291 11.85 96.69 -70.44
CA GLY Y 1291 10.65 95.91 -70.26
C GLY Y 1291 10.03 96.03 -68.89
N VAL Y 1292 8.91 95.32 -68.73
CA VAL Y 1292 8.15 95.28 -67.50
C VAL Y 1292 7.92 93.82 -67.14
N TYR Y 1293 8.09 93.49 -65.86
CA TYR Y 1293 8.16 92.09 -65.43
C TYR Y 1293 7.33 91.89 -64.18
N GLU Y 1294 6.95 90.64 -63.94
CA GLU Y 1294 6.28 90.21 -62.73
C GLU Y 1294 7.27 89.55 -61.78
N TYR Y 1295 6.80 89.34 -60.54
CA TYR Y 1295 7.57 88.65 -59.51
C TYR Y 1295 6.69 87.58 -58.89
N VAL Y 1296 6.92 86.32 -59.25
CA VAL Y 1296 6.34 85.19 -58.54
C VAL Y 1296 7.41 84.63 -57.62
N ILE Y 1297 7.07 84.54 -56.34
CA ILE Y 1297 8.07 84.25 -55.30
C ILE Y 1297 7.73 82.93 -54.62
N ALA Z 1 -64.35 15.84 -28.25
CA ALA Z 1 -63.25 15.11 -28.86
C ALA Z 1 -62.05 15.05 -27.92
N ALA Z 2 -62.22 14.39 -26.79
CA ALA Z 2 -61.14 14.24 -25.82
C ALA Z 2 -61.28 12.90 -25.12
N VAL Z 3 -60.15 12.27 -24.84
CA VAL Z 3 -60.10 10.98 -24.17
C VAL Z 3 -59.22 11.14 -22.94
N PHE Z 4 -59.81 10.95 -21.77
CA PHE Z 4 -59.13 11.22 -20.51
C PHE Z 4 -58.47 12.60 -20.58
N GLY Z 5 -57.15 12.63 -20.60
CA GLY Z 5 -56.41 13.87 -20.71
C GLY Z 5 -55.85 14.17 -22.08
N ILE Z 6 -56.26 13.44 -23.10
CA ILE Z 6 -55.74 13.62 -24.45
C ILE Z 6 -56.73 14.42 -25.27
N GLN Z 7 -56.23 15.41 -25.99
CA GLN Z 7 -57.04 16.31 -26.80
C GLN Z 7 -56.87 15.96 -28.27
N LEU Z 8 -57.99 15.90 -29.00
CA LEU Z 8 -57.99 15.47 -30.39
C LEU Z 8 -58.71 16.48 -31.26
N VAL Z 9 -58.19 16.68 -32.47
CA VAL Z 9 -58.81 17.58 -33.44
C VAL Z 9 -59.92 16.84 -34.15
N PRO Z 10 -60.92 17.53 -34.72
CA PRO Z 10 -62.06 16.84 -35.31
C PRO Z 10 -61.84 16.30 -36.72
N LYS Z 11 -60.62 16.32 -37.24
CA LYS Z 11 -60.35 15.89 -38.60
C LYS Z 11 -59.56 14.59 -38.63
N LEU Z 12 -59.94 13.71 -39.54
CA LEU Z 12 -59.29 12.41 -39.69
C LEU Z 12 -58.34 12.43 -40.88
N ASN Z 13 -57.22 11.73 -40.74
CA ASN Z 13 -56.24 11.67 -41.82
C ASN Z 13 -55.38 10.44 -41.65
N THR Z 14 -55.14 9.74 -42.75
CA THR Z 14 -54.22 8.61 -42.78
C THR Z 14 -53.88 8.28 -44.22
N SER Z 15 -52.78 7.55 -44.39
CA SER Z 15 -52.34 7.16 -45.72
C SER Z 15 -53.28 6.12 -46.32
N THR Z 16 -53.10 5.84 -47.61
CA THR Z 16 -54.08 5.09 -48.36
C THR Z 16 -53.52 3.92 -49.16
N THR Z 17 -52.24 3.59 -49.01
CA THR Z 17 -51.71 2.45 -49.74
C THR Z 17 -50.53 1.86 -48.99
N ARG Z 18 -50.44 0.53 -49.01
CA ARG Z 18 -49.44 -0.20 -48.25
C ARG Z 18 -48.28 -0.60 -49.15
N ARG Z 19 -47.06 -0.35 -48.69
CA ARG Z 19 -45.89 -0.80 -49.42
C ARG Z 19 -45.68 -2.29 -49.19
N THR Z 20 -45.47 -3.03 -50.28
CA THR Z 20 -45.25 -4.46 -50.16
C THR Z 20 -43.84 -4.75 -49.67
N PHE Z 21 -43.69 -5.87 -48.99
CA PHE Z 21 -42.38 -6.29 -48.52
C PHE Z 21 -41.58 -6.93 -49.64
N LEU Z 22 -40.27 -6.76 -49.60
CA LEU Z 22 -39.38 -7.40 -50.53
C LEU Z 22 -38.14 -7.85 -49.76
N PRO Z 23 -37.70 -9.09 -49.92
CA PRO Z 23 -36.54 -9.57 -49.17
C PRO Z 23 -35.26 -8.97 -49.73
N LEU Z 24 -34.21 -9.05 -48.91
CA LEU Z 24 -32.92 -8.48 -49.25
C LEU Z 24 -32.11 -9.45 -50.10
N ARG Z 25 -31.61 -8.98 -51.23
CA ARG Z 25 -30.75 -9.79 -52.07
C ARG Z 25 -29.41 -10.02 -51.38
N PHE Z 26 -28.76 -11.11 -51.76
CA PHE Z 26 -27.50 -11.48 -51.11
C PHE Z 26 -26.43 -10.43 -51.34
N ASP Z 27 -26.30 -9.94 -52.57
CA ASP Z 27 -25.28 -8.94 -52.87
C ASP Z 27 -25.54 -7.66 -52.10
N LEU Z 28 -26.80 -7.22 -52.06
CA LEU Z 28 -27.12 -5.98 -51.35
C LEU Z 28 -26.75 -6.08 -49.89
N LEU Z 29 -26.96 -7.25 -49.29
CA LEU Z 29 -26.58 -7.44 -47.90
C LEU Z 29 -25.10 -7.18 -47.70
N LEU Z 30 -24.26 -7.74 -48.57
CA LEU Z 30 -22.83 -7.54 -48.44
C LEU Z 30 -22.48 -6.06 -48.58
N ASP Z 31 -23.20 -5.35 -49.44
CA ASP Z 31 -22.91 -3.92 -49.63
C ASP Z 31 -23.17 -3.15 -48.35
N ARG Z 32 -24.30 -3.41 -47.69
CA ARG Z 32 -24.59 -2.71 -46.44
C ARG Z 32 -23.52 -2.99 -45.40
N LEU Z 33 -23.12 -4.25 -45.27
CA LEU Z 33 -22.13 -4.60 -44.26
C LEU Z 33 -20.75 -4.05 -44.62
N GLN Z 34 -20.45 -3.94 -45.91
CA GLN Z 34 -19.15 -3.44 -46.35
C GLN Z 34 -19.11 -1.92 -46.44
N SER Z 35 -20.17 -1.24 -46.04
CA SER Z 35 -20.20 0.22 -46.12
C SER Z 35 -19.02 0.81 -45.35
N THR Z 36 -18.34 1.78 -45.96
CA THR Z 36 -17.15 2.34 -45.35
C THR Z 36 -17.45 2.96 -44.00
N ASN Z 37 -18.66 3.47 -43.81
CA ASN Z 37 -19.13 3.91 -42.51
C ASN Z 37 -20.50 3.32 -42.26
N LEU Z 38 -20.68 2.74 -41.08
CA LEU Z 38 -21.93 2.08 -40.76
C LEU Z 38 -22.91 2.96 -40.01
N HIS Z 39 -22.45 4.08 -39.45
CA HIS Z 39 -23.37 5.02 -38.85
C HIS Z 39 -24.34 5.55 -39.91
N GLY Z 40 -25.62 5.55 -39.58
CA GLY Z 40 -26.63 5.92 -40.53
C GLY Z 40 -26.99 4.86 -41.53
N VAL Z 41 -26.27 3.74 -41.55
CA VAL Z 41 -26.55 2.62 -42.42
C VAL Z 41 -27.01 1.41 -41.63
N LEU Z 42 -26.28 1.09 -40.56
CA LEU Z 42 -26.63 -0.02 -39.69
C LEU Z 42 -27.10 0.42 -38.32
N TYR Z 43 -26.71 1.61 -37.88
CA TYR Z 43 -27.15 2.15 -36.61
C TYR Z 43 -27.09 3.67 -36.68
N ARG Z 44 -27.75 4.31 -35.75
CA ARG Z 44 -27.75 5.76 -35.68
C ARG Z 44 -27.70 6.21 -34.23
N ALA Z 45 -26.92 7.25 -33.98
CA ALA Z 45 -26.79 7.81 -32.64
C ALA Z 45 -27.84 8.90 -32.45
N LEU Z 46 -28.70 8.72 -31.47
CA LEU Z 46 -29.73 9.70 -31.17
C LEU Z 46 -29.23 10.81 -30.25
N ASP Z 47 -27.97 10.75 -29.84
CA ASP Z 47 -27.52 11.52 -28.69
C ASP Z 47 -26.13 12.12 -28.88
N PHE Z 48 -25.66 12.26 -30.11
CA PHE Z 48 -24.27 12.61 -30.32
C PHE Z 48 -23.99 14.04 -29.87
N ASN Z 49 -22.92 14.21 -29.09
CA ASN Z 49 -22.46 15.53 -28.70
C ASN Z 49 -21.22 15.86 -29.51
N PRO Z 50 -21.32 16.74 -30.51
CA PRO Z 50 -20.15 17.03 -31.35
C PRO Z 50 -19.02 17.73 -30.62
N VAL Z 51 -19.29 18.37 -29.49
CA VAL Z 51 -18.22 18.98 -28.72
C VAL Z 51 -17.23 17.91 -28.29
N ASP Z 52 -17.75 16.79 -27.78
CA ASP Z 52 -16.95 15.60 -27.56
C ASP Z 52 -17.04 14.73 -28.81
N ARG Z 53 -16.61 13.49 -28.69
CA ARG Z 53 -16.84 12.51 -29.75
C ARG Z 53 -17.70 11.39 -29.21
N SER Z 54 -18.76 11.74 -28.50
CA SER Z 54 -19.48 10.77 -27.68
C SER Z 54 -20.98 10.87 -27.91
N ALA Z 55 -21.63 9.72 -27.82
CA ALA Z 55 -23.07 9.61 -27.72
C ALA Z 55 -23.38 8.55 -26.67
N THR Z 56 -24.65 8.42 -26.30
CA THR Z 56 -25.02 7.52 -25.24
C THR Z 56 -26.17 6.57 -25.57
N VAL Z 57 -27.01 6.89 -26.54
CA VAL Z 57 -28.10 6.01 -26.94
C VAL Z 57 -28.01 5.79 -28.44
N ILE Z 58 -28.10 4.54 -28.86
CA ILE Z 58 -27.96 4.15 -30.25
C ILE Z 58 -29.24 3.45 -30.68
N GLN Z 59 -29.70 3.75 -31.89
CA GLN Z 59 -30.81 3.04 -32.51
C GLN Z 59 -30.28 2.13 -33.60
N THR Z 60 -30.78 0.90 -33.63
CA THR Z 60 -30.28 -0.13 -34.53
C THR Z 60 -31.23 -0.31 -35.70
N TYR Z 61 -30.76 -1.05 -36.70
CA TYR Z 61 -31.42 -1.21 -37.98
C TYR Z 61 -31.46 -2.69 -38.35
N PRO Z 62 -32.31 -3.07 -39.30
CA PRO Z 62 -32.77 -4.47 -39.41
C PRO Z 62 -31.67 -5.50 -39.27
N PRO Z 63 -30.56 -5.40 -40.01
CA PRO Z 63 -29.55 -6.46 -39.88
C PRO Z 63 -29.00 -6.61 -38.47
N LEU Z 64 -29.00 -5.52 -37.70
CA LEU Z 64 -28.44 -5.54 -36.36
C LEU Z 64 -29.49 -5.58 -35.26
N ASN Z 65 -30.66 -5.00 -35.48
CA ASN Z 65 -31.62 -4.87 -34.38
C ASN Z 65 -32.16 -6.20 -33.89
N ALA Z 66 -31.81 -7.31 -34.52
CA ALA Z 66 -32.19 -8.62 -34.02
C ALA Z 66 -31.28 -9.10 -32.90
N TRP Z 67 -30.21 -8.36 -32.60
CA TRP Z 67 -29.24 -8.82 -31.63
C TRP Z 67 -29.79 -8.71 -30.21
N SER Z 68 -29.46 -9.70 -29.39
CA SER Z 68 -29.69 -9.64 -27.94
C SER Z 68 -28.36 -9.83 -27.24
N PRO Z 69 -27.75 -8.75 -26.75
CA PRO Z 69 -26.41 -8.86 -26.17
C PRO Z 69 -26.38 -9.78 -24.96
N HIS Z 70 -25.28 -10.51 -24.83
CA HIS Z 70 -25.05 -11.29 -23.63
C HIS Z 70 -24.85 -10.36 -22.45
N PRO Z 71 -25.23 -10.80 -21.24
CA PRO Z 71 -25.27 -9.87 -20.11
C PRO Z 71 -23.93 -9.24 -19.78
N ALA Z 72 -22.83 -9.93 -20.02
CA ALA Z 72 -21.52 -9.35 -19.74
C ALA Z 72 -21.34 -8.03 -20.45
N PHE Z 73 -21.91 -7.89 -21.64
CA PHE Z 73 -21.90 -6.60 -22.32
C PHE Z 73 -22.77 -5.60 -21.58
N ILE Z 74 -23.96 -6.02 -21.13
CA ILE Z 74 -24.91 -5.09 -20.56
C ILE Z 74 -24.38 -4.50 -19.27
N GLU Z 75 -23.89 -5.34 -18.37
CA GLU Z 75 -23.48 -4.87 -17.06
C GLU Z 75 -22.22 -4.02 -17.11
N ASN Z 76 -21.53 -3.98 -18.24
CA ASN Z 76 -20.29 -3.20 -18.36
C ASN Z 76 -20.23 -2.58 -19.74
N PRO Z 77 -21.05 -1.55 -19.99
CA PRO Z 77 -21.09 -0.95 -21.31
C PRO Z 77 -19.80 -0.25 -21.67
N LEU Z 78 -19.52 -0.19 -22.97
CA LEU Z 78 -18.39 0.55 -23.48
C LEU Z 78 -18.84 1.91 -24.01
N ASP Z 79 -17.87 2.74 -24.38
CA ASP Z 79 -18.16 4.08 -24.84
C ASP Z 79 -18.39 4.09 -26.35
N TYR Z 80 -18.70 5.28 -26.87
CA TYR Z 80 -19.02 5.41 -28.28
C TYR Z 80 -17.81 5.09 -29.16
N ARG Z 81 -16.64 5.58 -28.78
CA ARG Z 81 -15.46 5.35 -29.62
C ARG Z 81 -15.12 3.87 -29.70
N ASP Z 82 -15.27 3.15 -28.59
CA ASP Z 82 -15.09 1.71 -28.65
C ASP Z 82 -16.18 1.06 -29.48
N TRP Z 83 -17.41 1.56 -29.37
CA TRP Z 83 -18.52 0.96 -30.11
C TRP Z 83 -18.28 0.99 -31.60
N THR Z 84 -17.94 2.17 -32.13
CA THR Z 84 -17.74 2.28 -33.57
C THR Z 84 -16.60 1.40 -34.03
N GLU Z 85 -15.56 1.27 -33.21
CA GLU Z 85 -14.48 0.35 -33.54
C GLU Z 85 -14.95 -1.09 -33.48
N PHE Z 86 -15.71 -1.44 -32.44
CA PHE Z 86 -16.13 -2.82 -32.26
C PHE Z 86 -17.00 -3.29 -33.41
N ILE Z 87 -17.95 -2.44 -33.84
CA ILE Z 87 -18.87 -2.85 -34.89
C ILE Z 87 -18.14 -3.06 -36.20
N HIS Z 88 -17.30 -2.10 -36.59
CA HIS Z 88 -16.62 -2.20 -37.87
C HIS Z 88 -15.79 -3.47 -37.94
N ASP Z 89 -15.19 -3.88 -36.83
CA ASP Z 89 -14.47 -5.14 -36.80
C ASP Z 89 -15.42 -6.31 -37.04
N ARG Z 90 -16.49 -6.39 -36.26
CA ARG Z 90 -17.37 -7.54 -36.35
C ARG Z 90 -18.05 -7.61 -37.71
N ALA Z 91 -18.44 -6.46 -38.26
CA ALA Z 91 -19.11 -6.46 -39.55
C ALA Z 91 -18.23 -7.09 -40.62
N LEU Z 92 -16.97 -6.66 -40.69
CA LEU Z 92 -16.07 -7.20 -41.70
C LEU Z 92 -15.85 -8.69 -41.49
N ALA Z 93 -15.65 -9.12 -40.24
CA ALA Z 93 -15.44 -10.53 -39.97
C ALA Z 93 -16.65 -11.34 -40.38
N PHE Z 94 -17.84 -10.85 -40.08
CA PHE Z 94 -19.06 -11.56 -40.45
C PHE Z 94 -19.17 -11.70 -41.95
N VAL Z 95 -18.74 -10.67 -42.68
CA VAL Z 95 -18.74 -10.75 -44.15
C VAL Z 95 -17.82 -11.86 -44.61
N GLY Z 96 -16.64 -11.96 -44.01
CA GLY Z 96 -15.70 -13.00 -44.42
C GLY Z 96 -16.29 -14.39 -44.29
N VAL Z 97 -16.98 -14.64 -43.17
CA VAL Z 97 -17.62 -15.95 -42.98
C VAL Z 97 -18.67 -16.16 -44.06
N LEU Z 98 -19.52 -15.16 -44.27
CA LEU Z 98 -20.60 -15.31 -45.24
C LEU Z 98 -20.07 -15.56 -46.64
N THR Z 99 -18.88 -15.07 -46.93
CA THR Z 99 -18.31 -15.21 -48.27
C THR Z 99 -17.36 -16.39 -48.39
N GLN Z 100 -16.80 -16.87 -47.28
CA GLN Z 100 -16.02 -18.10 -47.34
C GLN Z 100 -16.89 -19.25 -47.85
N ARG Z 101 -18.09 -19.34 -47.33
CA ARG Z 101 -19.14 -20.13 -47.96
C ARG Z 101 -19.88 -19.26 -48.96
N TYR Z 102 -20.63 -19.90 -49.86
CA TYR Z 102 -21.46 -19.17 -50.81
C TYR Z 102 -20.68 -18.10 -51.55
N PRO Z 103 -19.82 -18.47 -52.49
CA PRO Z 103 -19.11 -17.46 -53.28
C PRO Z 103 -20.10 -16.55 -53.99
N LEU Z 104 -19.74 -15.27 -54.07
CA LEU Z 104 -20.69 -14.25 -54.47
C LEU Z 104 -21.21 -14.48 -55.88
N THR Z 105 -20.31 -14.80 -56.81
CA THR Z 105 -20.69 -14.86 -58.22
C THR Z 105 -21.75 -15.93 -58.48
N GLN Z 106 -21.91 -16.89 -57.58
CA GLN Z 106 -22.91 -17.93 -57.75
C GLN Z 106 -24.15 -17.70 -56.89
N ASN Z 107 -24.18 -16.64 -56.09
CA ASN Z 107 -25.25 -16.49 -55.13
C ASN Z 107 -25.80 -15.07 -55.01
N ALA Z 108 -25.38 -14.14 -55.86
CA ALA Z 108 -25.80 -12.75 -55.68
C ALA Z 108 -27.30 -12.58 -55.83
N GLN Z 109 -27.94 -13.43 -56.62
CA GLN Z 109 -29.36 -13.28 -56.90
C GLN Z 109 -30.26 -13.84 -55.82
N ARG Z 110 -29.74 -14.65 -54.92
CA ARG Z 110 -30.58 -15.34 -53.95
C ARG Z 110 -31.04 -14.38 -52.87
N TYR Z 111 -32.20 -14.66 -52.30
CA TYR Z 111 -32.80 -13.84 -51.27
C TYR Z 111 -32.53 -14.44 -49.91
N THR Z 112 -32.05 -13.63 -48.99
CA THR Z 112 -31.78 -14.08 -47.64
C THR Z 112 -33.05 -14.10 -46.80
N ASN Z 113 -33.18 -15.10 -45.96
CA ASN Z 113 -34.28 -15.12 -45.02
C ASN Z 113 -33.98 -14.13 -43.90
N PRO Z 114 -34.80 -13.10 -43.73
CA PRO Z 114 -34.48 -12.10 -42.70
C PRO Z 114 -34.42 -12.69 -41.30
N LEU Z 115 -35.29 -13.64 -41.00
CA LEU Z 115 -35.28 -14.24 -39.66
C LEU Z 115 -33.98 -14.98 -39.41
N VAL Z 116 -33.58 -15.82 -40.35
CA VAL Z 116 -32.33 -16.57 -40.19
C VAL Z 116 -31.15 -15.61 -40.12
N LEU Z 117 -31.14 -14.61 -40.99
CA LEU Z 117 -30.04 -13.67 -41.01
C LEU Z 117 -29.92 -12.95 -39.67
N GLY Z 118 -31.04 -12.49 -39.13
CA GLY Z 118 -31.01 -11.79 -37.87
C GLY Z 118 -30.48 -12.66 -36.75
N ALA Z 119 -30.99 -13.88 -36.65
CA ALA Z 119 -30.53 -14.78 -35.61
C ALA Z 119 -29.05 -15.10 -35.77
N ALA Z 120 -28.63 -15.41 -37.00
CA ALA Z 120 -27.25 -15.78 -37.23
C ALA Z 120 -26.31 -14.65 -36.86
N PHE Z 121 -26.62 -13.44 -37.31
CA PHE Z 121 -25.77 -12.30 -37.00
C PHE Z 121 -25.72 -12.05 -35.51
N GLY Z 122 -26.87 -12.15 -34.84
CA GLY Z 122 -26.91 -11.89 -33.41
C GLY Z 122 -26.03 -12.85 -32.63
N ASP Z 123 -26.05 -14.12 -32.99
CA ASP Z 123 -25.18 -15.08 -32.31
C ASP Z 123 -23.71 -14.77 -32.58
N PHE Z 124 -23.41 -14.30 -33.78
CA PHE Z 124 -22.01 -14.13 -34.17
C PHE Z 124 -21.30 -13.15 -33.26
N LEU Z 125 -21.85 -11.95 -33.10
CA LEU Z 125 -21.21 -10.99 -32.23
C LEU Z 125 -21.45 -11.29 -30.77
N ASN Z 126 -22.29 -12.26 -30.45
CA ASN Z 126 -22.32 -12.84 -29.12
C ASN Z 126 -21.27 -13.91 -28.93
N ALA Z 127 -20.34 -14.04 -29.89
CA ALA Z 127 -19.25 -15.01 -29.81
C ALA Z 127 -19.78 -16.44 -29.67
N ARG Z 128 -20.82 -16.74 -30.42
CA ARG Z 128 -21.43 -18.06 -30.42
C ARG Z 128 -21.46 -18.59 -31.85
N SER Z 129 -21.21 -19.89 -32.01
CA SER Z 129 -21.09 -20.47 -33.34
C SER Z 129 -22.40 -20.38 -34.10
N ILE Z 130 -22.31 -20.31 -35.42
CA ILE Z 130 -23.46 -20.00 -36.25
C ILE Z 130 -23.60 -20.98 -37.40
N ASP Z 131 -22.84 -22.07 -37.36
CA ASP Z 131 -22.79 -22.97 -38.51
C ASP Z 131 -24.16 -23.51 -38.87
N ILE Z 132 -24.99 -23.79 -37.86
CA ILE Z 132 -26.31 -24.38 -38.12
C ILE Z 132 -27.14 -23.47 -39.00
N PHE Z 133 -26.99 -22.16 -38.86
CA PHE Z 133 -27.83 -21.23 -39.61
C PHE Z 133 -27.40 -21.13 -41.07
N LEU Z 134 -26.10 -21.21 -41.34
CA LEU Z 134 -25.60 -20.94 -42.68
C LEU Z 134 -26.22 -21.85 -43.72
N ASP Z 135 -26.59 -23.07 -43.32
CA ASP Z 135 -27.19 -23.99 -44.27
C ASP Z 135 -28.52 -23.50 -44.80
N ARG Z 136 -29.18 -22.58 -44.10
CA ARG Z 136 -30.53 -22.17 -44.44
C ARG Z 136 -30.64 -20.66 -44.53
N LEU Z 137 -29.63 -20.02 -45.11
CA LEU Z 137 -29.64 -18.57 -45.21
C LEU Z 137 -30.59 -18.05 -46.28
N PHE Z 138 -30.93 -18.87 -47.26
CA PHE Z 138 -31.70 -18.39 -48.40
C PHE Z 138 -33.06 -19.08 -48.48
N TYR Z 139 -33.96 -18.46 -49.22
CA TYR Z 139 -35.28 -19.04 -49.45
C TYR Z 139 -35.84 -18.46 -50.74
N GLY Z 140 -36.74 -19.21 -51.37
CA GLY Z 140 -37.38 -18.78 -52.58
C GLY Z 140 -38.71 -18.12 -52.31
N PRO Z 141 -38.72 -16.78 -52.35
CA PRO Z 141 -39.92 -16.06 -51.92
C PRO Z 141 -41.15 -16.36 -52.75
N THR Z 142 -40.98 -16.78 -54.00
CA THR Z 142 -42.13 -17.13 -54.82
C THR Z 142 -42.75 -18.45 -54.42
N GLN Z 143 -42.08 -19.26 -53.61
CA GLN Z 143 -42.59 -20.57 -53.26
C GLN Z 143 -43.02 -20.71 -51.80
N GLU Z 144 -42.53 -19.85 -50.92
CA GLU Z 144 -42.91 -19.92 -49.52
C GLU Z 144 -42.53 -18.62 -48.84
N SER Z 145 -42.96 -18.48 -47.60
CA SER Z 145 -42.69 -17.35 -46.73
C SER Z 145 -41.40 -17.58 -45.97
N PRO Z 146 -40.79 -16.52 -45.43
CA PRO Z 146 -39.63 -16.71 -44.57
C PRO Z 146 -39.94 -17.57 -43.36
N ILE Z 147 -41.19 -17.63 -42.91
CA ILE Z 147 -41.55 -18.52 -41.82
C ILE Z 147 -41.59 -19.97 -42.31
N THR Z 148 -42.44 -20.24 -43.30
CA THR Z 148 -42.65 -21.62 -43.74
C THR Z 148 -41.37 -22.24 -44.24
N SER Z 149 -40.46 -21.44 -44.79
CA SER Z 149 -39.16 -21.96 -45.19
C SER Z 149 -38.42 -22.54 -44.00
N ILE Z 150 -38.65 -22.02 -42.80
CA ILE Z 150 -37.97 -22.50 -41.62
C ILE Z 150 -38.65 -23.72 -41.03
N THR Z 151 -39.98 -23.74 -41.03
CA THR Z 151 -40.72 -24.83 -40.42
C THR Z 151 -40.48 -26.16 -41.11
N LYS Z 152 -39.66 -26.21 -42.15
CA LYS Z 152 -39.26 -27.48 -42.72
C LYS Z 152 -38.39 -28.30 -41.77
N PHE Z 153 -37.87 -27.69 -40.70
CA PHE Z 153 -36.94 -28.34 -39.79
C PHE Z 153 -37.44 -28.16 -38.37
N PRO Z 154 -38.52 -28.82 -38.02
CA PRO Z 154 -39.19 -28.57 -36.72
C PRO Z 154 -38.48 -29.21 -35.53
N TYR Z 155 -37.47 -28.51 -35.03
CA TYR Z 155 -36.78 -28.95 -33.83
C TYR Z 155 -36.01 -27.78 -33.26
N GLN Z 156 -35.52 -27.96 -32.04
CA GLN Z 156 -34.75 -26.93 -31.36
C GLN Z 156 -33.41 -26.79 -32.06
N TRP Z 157 -33.30 -25.79 -32.94
CA TRP Z 157 -32.03 -25.55 -33.62
C TRP Z 157 -30.94 -25.21 -32.61
N THR Z 158 -31.22 -24.23 -31.77
CA THR Z 158 -30.28 -23.86 -30.71
C THR Z 158 -31.08 -23.35 -29.53
N ILE Z 159 -30.37 -23.09 -28.43
CA ILE Z 159 -31.02 -22.81 -27.16
C ILE Z 159 -31.88 -21.55 -27.22
N ASP Z 160 -31.59 -20.65 -28.15
CA ASP Z 160 -32.36 -19.42 -28.28
C ASP Z 160 -33.17 -19.37 -29.58
N PHE Z 161 -33.26 -20.48 -30.29
CA PHE Z 161 -33.98 -20.49 -31.56
C PHE Z 161 -34.66 -21.85 -31.69
N ASN Z 162 -35.94 -21.90 -31.32
CA ASN Z 162 -36.70 -23.13 -31.28
C ASN Z 162 -37.86 -23.03 -32.27
N VAL Z 163 -37.99 -24.01 -33.16
CA VAL Z 163 -38.98 -23.99 -34.22
C VAL Z 163 -39.75 -25.29 -34.20
N THR Z 164 -41.08 -25.19 -34.18
CA THR Z 164 -41.98 -26.33 -34.25
C THR Z 164 -42.46 -26.53 -35.67
N ALA Z 165 -43.42 -27.43 -35.85
CA ALA Z 165 -43.99 -27.68 -37.16
C ALA Z 165 -44.78 -26.49 -37.68
N ASP Z 166 -45.12 -25.53 -36.83
CA ASP Z 166 -45.96 -24.42 -37.25
C ASP Z 166 -45.50 -23.07 -36.74
N SER Z 167 -44.45 -23.01 -35.93
CA SER Z 167 -44.14 -21.76 -35.24
C SER Z 167 -42.65 -21.72 -34.90
N VAL Z 168 -42.18 -20.51 -34.65
CA VAL Z 168 -40.79 -20.26 -34.27
C VAL Z 168 -40.77 -19.36 -33.06
N ARG Z 169 -39.94 -19.69 -32.09
CA ARG Z 169 -39.78 -18.90 -30.87
C ARG Z 169 -38.35 -18.40 -30.76
N THR Z 170 -38.21 -17.13 -30.44
CA THR Z 170 -36.90 -16.51 -30.28
C THR Z 170 -37.02 -15.21 -29.50
N PRO Z 171 -36.00 -14.82 -28.74
CA PRO Z 171 -36.07 -13.54 -28.04
C PRO Z 171 -36.11 -12.38 -29.02
N ALA Z 172 -36.84 -11.33 -28.64
CA ALA Z 172 -36.91 -10.13 -29.44
C ALA Z 172 -35.59 -9.37 -29.35
N GLY Z 173 -35.14 -8.85 -30.48
CA GLY Z 173 -33.91 -8.10 -30.49
C GLY Z 173 -34.04 -6.75 -29.81
N CYS Z 174 -32.88 -6.17 -29.49
CA CYS Z 174 -32.84 -4.87 -28.83
C CYS Z 174 -32.83 -3.76 -29.86
N LYS Z 175 -33.88 -2.95 -29.87
CA LYS Z 175 -33.96 -1.86 -30.83
C LYS Z 175 -33.09 -0.68 -30.45
N TYR Z 176 -32.69 -0.58 -29.20
CA TYR Z 176 -31.81 0.49 -28.75
C TYR Z 176 -30.67 -0.10 -27.95
N ILE Z 177 -29.54 0.61 -27.98
CA ILE Z 177 -28.37 0.23 -27.20
C ILE Z 177 -27.88 1.44 -26.43
N THR Z 178 -27.68 1.28 -25.14
CA THR Z 178 -27.21 2.36 -24.28
C THR Z 178 -25.72 2.16 -24.03
N LEU Z 179 -24.94 3.20 -24.30
CA LEU Z 179 -23.50 3.12 -24.14
C LEU Z 179 -23.12 3.56 -22.73
N TYR Z 180 -21.82 3.67 -22.48
CA TYR Z 180 -21.35 4.10 -21.18
C TYR Z 180 -21.83 5.52 -20.89
N GLY Z 181 -22.27 5.73 -19.65
CA GLY Z 181 -22.76 7.03 -19.24
C GLY Z 181 -24.25 7.23 -19.38
N TYR Z 182 -25.01 6.17 -19.64
CA TYR Z 182 -26.45 6.30 -19.79
C TYR Z 182 -27.11 6.64 -18.47
N ASP Z 183 -28.13 7.49 -18.52
CA ASP Z 183 -28.81 7.95 -17.32
C ASP Z 183 -30.26 8.28 -17.65
N PRO Z 184 -31.19 7.39 -17.30
CA PRO Z 184 -32.61 7.71 -17.49
C PRO Z 184 -33.10 8.91 -16.71
N SER Z 185 -32.50 9.17 -15.54
CA SER Z 185 -32.99 10.27 -14.70
C SER Z 185 -32.88 11.61 -15.42
N ARG Z 186 -31.89 11.77 -16.28
CA ARG Z 186 -31.76 12.99 -17.06
C ARG Z 186 -32.97 13.12 -17.97
N PRO Z 187 -33.83 14.12 -17.74
CA PRO Z 187 -35.10 14.18 -18.49
C PRO Z 187 -34.91 14.39 -19.98
N SER Z 188 -33.77 14.91 -20.42
CA SER Z 188 -33.56 15.20 -21.82
C SER Z 188 -33.03 14.01 -22.61
N THR Z 189 -32.76 12.89 -21.97
CA THR Z 189 -32.27 11.73 -22.68
C THR Z 189 -33.37 11.13 -23.56
N PRO Z 190 -33.01 10.57 -24.70
CA PRO Z 190 -34.02 9.94 -25.55
C PRO Z 190 -34.66 8.75 -24.86
N ALA Z 191 -35.94 8.56 -25.10
CA ALA Z 191 -36.66 7.43 -24.53
C ALA Z 191 -36.35 6.16 -25.30
N THR Z 192 -36.33 5.04 -24.58
CA THR Z 192 -36.12 3.74 -25.19
C THR Z 192 -37.20 2.73 -24.87
N TYR Z 193 -38.11 3.04 -23.94
CA TYR Z 193 -39.20 2.14 -23.59
C TYR Z 193 -38.68 0.80 -23.10
N GLY Z 194 -37.48 0.79 -22.55
CA GLY Z 194 -36.91 -0.42 -22.00
C GLY Z 194 -36.40 -1.41 -23.01
N LYS Z 195 -36.47 -1.10 -24.29
CA LYS Z 195 -36.04 -2.05 -25.31
C LYS Z 195 -34.54 -2.28 -25.32
N HIS Z 196 -33.78 -1.50 -24.53
CA HIS Z 196 -32.36 -1.74 -24.44
C HIS Z 196 -32.01 -2.97 -23.61
N ARG Z 197 -32.89 -3.40 -22.72
CA ARG Z 197 -32.62 -4.61 -21.97
C ARG Z 197 -32.62 -5.81 -22.90
N PRO Z 198 -31.73 -6.78 -22.67
CA PRO Z 198 -31.59 -7.89 -23.63
C PRO Z 198 -32.84 -8.73 -23.78
N THR Z 199 -33.66 -8.85 -22.75
CA THR Z 199 -34.75 -9.82 -22.72
C THR Z 199 -36.04 -9.16 -22.31
N TYR Z 200 -36.37 -8.03 -22.94
CA TYR Z 200 -37.59 -7.33 -22.58
C TYR Z 200 -38.85 -8.02 -23.08
N ALA Z 201 -38.73 -8.95 -24.01
CA ALA Z 201 -39.91 -9.61 -24.57
C ALA Z 201 -39.47 -10.87 -25.30
N THR Z 202 -40.45 -11.52 -25.93
CA THR Z 202 -40.21 -12.74 -26.70
C THR Z 202 -41.27 -12.82 -27.79
N VAL Z 203 -40.86 -13.19 -28.99
CA VAL Z 203 -41.75 -13.21 -30.15
C VAL Z 203 -42.01 -14.66 -30.54
N PHE Z 204 -43.21 -14.91 -31.05
CA PHE Z 204 -43.62 -16.21 -31.55
C PHE Z 204 -44.21 -16.04 -32.94
N TYR Z 205 -43.44 -16.40 -33.97
CA TYR Z 205 -43.96 -16.38 -35.32
C TYR Z 205 -44.78 -17.62 -35.59
N TYR Z 206 -45.89 -17.45 -36.31
CA TYR Z 206 -46.77 -18.56 -36.63
C TYR Z 206 -47.18 -18.48 -38.08
N SER Z 207 -47.41 -19.66 -38.67
CA SER Z 207 -47.70 -19.75 -40.10
C SER Z 207 -49.19 -19.71 -40.41
N THR Z 208 -50.04 -20.15 -39.48
CA THR Z 208 -51.46 -20.24 -39.79
C THR Z 208 -52.26 -20.01 -38.52
N LEU Z 209 -53.55 -19.69 -38.72
CA LEU Z 209 -54.42 -19.35 -37.60
C LEU Z 209 -54.51 -20.45 -36.54
N PRO Z 210 -54.70 -21.73 -36.89
CA PRO Z 210 -54.75 -22.75 -35.83
C PRO Z 210 -53.51 -22.76 -34.97
N ALA Z 211 -52.34 -22.52 -35.57
CA ALA Z 211 -51.13 -22.38 -34.77
C ALA Z 211 -51.25 -21.21 -33.81
N ARG Z 212 -51.81 -20.10 -34.28
CA ARG Z 212 -52.01 -18.94 -33.41
C ARG Z 212 -52.87 -19.32 -32.22
N SER Z 213 -53.94 -20.06 -32.47
CA SER Z 213 -54.78 -20.52 -31.38
C SER Z 213 -53.99 -21.40 -30.42
N ARG Z 214 -53.17 -22.30 -30.96
CA ARG Z 214 -52.41 -23.19 -30.10
C ARG Z 214 -51.45 -22.40 -29.21
N LEU Z 215 -50.79 -21.40 -29.76
CA LEU Z 215 -49.86 -20.61 -28.97
C LEU Z 215 -50.57 -19.89 -27.83
N LEU Z 216 -51.72 -19.29 -28.13
CA LEU Z 216 -52.42 -18.50 -27.13
C LEU Z 216 -52.84 -19.35 -25.95
N ALA Z 217 -53.24 -20.60 -26.21
CA ALA Z 217 -53.63 -21.48 -25.13
C ALA Z 217 -52.52 -21.67 -24.11
N ASN Z 218 -51.26 -21.70 -24.58
CA ASN Z 218 -50.16 -21.87 -23.66
C ASN Z 218 -49.89 -20.60 -22.86
N LEU Z 219 -50.04 -19.44 -23.51
CA LEU Z 219 -49.65 -18.18 -22.90
C LEU Z 219 -50.73 -17.58 -22.02
N ALA Z 220 -51.90 -18.22 -21.91
CA ALA Z 220 -53.04 -17.60 -21.26
C ALA Z 220 -52.77 -17.26 -19.80
N ALA Z 221 -51.87 -17.97 -19.14
CA ALA Z 221 -51.67 -17.77 -17.71
C ALA Z 221 -50.68 -16.66 -17.38
N GLY Z 222 -49.89 -16.20 -18.34
CA GLY Z 222 -48.86 -15.24 -18.07
C GLY Z 222 -49.30 -13.81 -18.25
N PRO Z 223 -48.34 -12.93 -18.53
CA PRO Z 223 -48.69 -11.52 -18.77
C PRO Z 223 -49.50 -11.35 -20.04
N THR Z 224 -49.88 -10.11 -20.34
CA THR Z 224 -50.72 -9.84 -21.49
C THR Z 224 -49.92 -9.94 -22.79
N VAL Z 225 -50.45 -10.66 -23.75
CA VAL Z 225 -49.81 -10.84 -25.05
C VAL Z 225 -50.28 -9.74 -25.98
N LEU Z 226 -49.38 -9.27 -26.83
CA LEU Z 226 -49.67 -8.20 -27.77
C LEU Z 226 -49.41 -8.67 -29.20
N GLU Z 227 -50.07 -8.02 -30.15
CA GLU Z 227 -49.93 -8.39 -31.55
C GLU Z 227 -50.29 -7.22 -32.43
N HIS Z 228 -49.66 -7.17 -33.62
CA HIS Z 228 -50.08 -6.29 -34.70
C HIS Z 228 -50.95 -7.08 -35.66
N PHE Z 229 -52.07 -6.49 -36.07
CA PHE Z 229 -52.92 -7.15 -37.05
C PHE Z 229 -52.67 -6.67 -38.46
N ASP Z 230 -52.20 -5.43 -38.64
CA ASP Z 230 -52.18 -4.84 -39.97
C ASP Z 230 -51.10 -5.45 -40.84
N SER Z 231 -49.85 -5.32 -40.45
CA SER Z 231 -48.73 -5.78 -41.27
C SER Z 231 -47.61 -6.20 -40.34
N PRO Z 232 -47.49 -7.48 -40.07
CA PRO Z 232 -46.61 -7.97 -38.99
C PRO Z 232 -45.15 -8.15 -39.44
N THR Z 233 -44.61 -7.14 -40.12
CA THR Z 233 -43.23 -7.17 -40.60
C THR Z 233 -42.94 -8.45 -41.35
N TYR Z 234 -42.00 -9.25 -40.85
CA TYR Z 234 -41.59 -10.47 -41.56
C TYR Z 234 -42.69 -11.52 -41.61
N GLY Z 235 -43.68 -11.44 -40.72
CA GLY Z 235 -44.76 -12.40 -40.73
C GLY Z 235 -45.58 -12.36 -39.46
N PRO Z 236 -46.75 -12.99 -39.51
CA PRO Z 236 -47.64 -12.98 -38.33
C PRO Z 236 -46.94 -13.55 -37.12
N HIS Z 237 -47.03 -12.83 -36.01
CA HIS Z 237 -46.29 -13.22 -34.82
C HIS Z 237 -46.88 -12.54 -33.61
N LEU Z 238 -46.98 -13.29 -32.52
CA LEU Z 238 -47.27 -12.71 -31.23
C LEU Z 238 -45.97 -12.23 -30.58
N LEU Z 239 -46.10 -11.47 -29.50
CA LEU Z 239 -44.96 -11.15 -28.68
C LEU Z 239 -45.37 -11.10 -27.23
N LEU Z 240 -44.53 -11.67 -26.37
CA LEU Z 240 -44.80 -11.75 -24.94
C LEU Z 240 -43.85 -10.82 -24.19
N PRO Z 241 -44.33 -9.72 -23.64
CA PRO Z 241 -43.44 -8.81 -22.93
C PRO Z 241 -42.96 -9.40 -21.60
N GLN Z 242 -41.83 -8.88 -21.15
CA GLN Z 242 -41.35 -9.22 -19.82
C GLN Z 242 -42.34 -8.73 -18.77
N THR Z 243 -42.54 -9.53 -17.72
CA THR Z 243 -43.59 -9.26 -16.76
C THR Z 243 -43.25 -8.15 -15.77
N GLY Z 244 -42.03 -7.63 -15.80
CA GLY Z 244 -41.62 -6.59 -14.88
C GLY Z 244 -41.97 -5.20 -15.38
N ASP Z 245 -41.38 -4.21 -14.74
CA ASP Z 245 -41.59 -2.80 -15.06
C ASP Z 245 -40.27 -2.15 -15.44
N VAL Z 246 -40.34 -0.88 -15.80
CA VAL Z 246 -39.17 -0.10 -16.19
C VAL Z 246 -39.15 1.19 -15.39
N LEU Z 247 -37.97 1.59 -14.96
CA LEU Z 247 -37.82 2.73 -14.06
C LEU Z 247 -37.76 4.05 -14.83
N GLY Z 248 -38.18 5.12 -14.15
CA GLY Z 248 -37.95 6.47 -14.59
C GLY Z 248 -39.02 7.06 -15.48
N TYR Z 249 -39.94 6.26 -15.99
CA TYR Z 249 -40.90 6.77 -16.96
C TYR Z 249 -42.12 7.44 -16.32
N SER Z 250 -42.40 7.17 -15.06
CA SER Z 250 -43.56 7.75 -14.39
C SER Z 250 -43.42 7.49 -12.90
N SER Z 251 -44.46 7.82 -12.15
CA SER Z 251 -44.53 7.50 -10.73
C SER Z 251 -44.94 6.05 -10.54
N SER Z 252 -44.14 5.16 -11.12
CA SER Z 252 -44.33 3.71 -11.01
C SER Z 252 -45.71 3.27 -11.48
N LEU Z 253 -46.27 3.98 -12.47
CA LEU Z 253 -47.58 3.67 -12.99
C LEU Z 253 -47.53 2.66 -14.13
N ILE Z 254 -46.46 1.89 -14.23
CA ILE Z 254 -46.10 1.25 -15.50
C ILE Z 254 -45.68 -0.20 -15.27
N SER Z 255 -46.11 -1.06 -16.18
CA SER Z 255 -45.50 -2.37 -16.41
C SER Z 255 -45.00 -2.41 -17.85
N GLN Z 256 -44.18 -3.41 -18.15
CA GLN Z 256 -43.53 -3.44 -19.46
C GLN Z 256 -44.54 -3.46 -20.59
N ALA Z 257 -45.62 -4.22 -20.43
CA ALA Z 257 -46.62 -4.30 -21.48
C ALA Z 257 -47.24 -2.93 -21.78
N ALA Z 258 -47.52 -2.16 -20.73
CA ALA Z 258 -48.09 -0.83 -20.93
C ALA Z 258 -47.16 0.04 -21.75
N LEU Z 259 -45.86 -0.05 -21.48
CA LEU Z 259 -44.89 0.76 -22.21
C LEU Z 259 -44.95 0.46 -23.70
N LEU Z 260 -45.02 -0.82 -24.06
CA LEU Z 260 -45.10 -1.17 -25.46
C LEU Z 260 -46.34 -0.57 -26.11
N MET Z 261 -47.46 -0.64 -25.41
CA MET Z 261 -48.69 -0.07 -25.94
C MET Z 261 -48.55 1.43 -26.13
N VAL Z 262 -48.13 2.14 -25.09
CA VAL Z 262 -48.20 3.59 -25.11
C VAL Z 262 -47.30 4.16 -26.20
N GLU Z 263 -46.09 3.61 -26.35
CA GLU Z 263 -45.22 4.10 -27.38
C GLU Z 263 -45.76 3.73 -28.77
N SER Z 264 -46.38 2.56 -28.88
CA SER Z 264 -47.01 2.19 -30.14
C SER Z 264 -48.12 3.18 -30.49
N VAL Z 265 -48.91 3.57 -29.49
CA VAL Z 265 -49.98 4.54 -29.74
C VAL Z 265 -49.40 5.85 -30.22
N MET Z 266 -48.30 6.29 -29.60
CA MET Z 266 -47.70 7.56 -30.01
C MET Z 266 -47.28 7.51 -31.47
N ASP Z 267 -46.67 6.41 -31.89
CA ASP Z 267 -46.29 6.27 -33.30
C ASP Z 267 -47.51 6.35 -34.20
N ALA Z 268 -48.60 5.70 -33.80
CA ALA Z 268 -49.82 5.76 -34.59
C ALA Z 268 -50.29 7.20 -34.74
N LEU Z 269 -50.25 7.96 -33.64
CA LEU Z 269 -50.65 9.35 -33.71
C LEU Z 269 -49.72 10.15 -34.61
N ARG Z 270 -48.41 9.91 -34.50
CA ARG Z 270 -47.47 10.66 -35.29
C ARG Z 270 -47.70 10.43 -36.78
N ASP Z 271 -47.94 9.18 -37.16
CA ASP Z 271 -48.16 8.88 -38.58
C ASP Z 271 -49.41 9.54 -39.10
N ASN Z 272 -50.52 9.45 -38.35
CA ASN Z 272 -51.74 10.11 -38.76
C ASN Z 272 -51.50 11.60 -38.95
N ALA Z 273 -50.64 12.18 -38.12
CA ALA Z 273 -50.41 13.61 -38.18
C ALA Z 273 -49.66 14.04 -39.42
N ASN Z 274 -49.00 13.12 -40.12
CA ASN Z 274 -48.21 13.53 -41.27
C ASN Z 274 -48.34 12.57 -42.44
N ALA Z 275 -49.33 11.68 -42.43
CA ALA Z 275 -49.56 10.83 -43.59
C ALA Z 275 -50.05 11.66 -44.77
N SER Z 276 -49.74 11.19 -45.97
CA SER Z 276 -50.13 11.89 -47.19
C SER Z 276 -50.61 10.88 -48.22
N ALA Z 277 -51.48 11.36 -49.12
CA ALA Z 277 -52.06 10.47 -50.12
C ALA Z 277 -51.02 9.96 -51.11
N SER Z 278 -49.99 10.75 -51.37
CA SER Z 278 -49.02 10.42 -52.41
C SER Z 278 -47.97 9.42 -51.94
N THR Z 279 -47.99 9.00 -50.69
CA THR Z 279 -46.90 8.21 -50.13
C THR Z 279 -47.44 6.90 -49.57
N ALA Z 280 -46.92 5.79 -50.09
CA ALA Z 280 -47.23 4.49 -49.52
C ALA Z 280 -46.44 4.29 -48.23
N VAL Z 281 -46.93 3.37 -47.40
CA VAL Z 281 -46.32 3.11 -46.10
C VAL Z 281 -46.44 1.61 -45.82
N THR Z 282 -45.56 1.12 -44.94
CA THR Z 282 -45.55 -0.29 -44.62
C THR Z 282 -46.78 -0.72 -43.83
N ARG Z 283 -47.44 0.19 -43.13
CA ARG Z 283 -48.51 -0.21 -42.22
C ARG Z 283 -49.38 1.00 -41.92
N LEU Z 284 -50.70 0.79 -41.96
CA LEU Z 284 -51.61 1.89 -41.63
C LEU Z 284 -51.83 2.00 -40.14
N ASP Z 285 -51.96 0.87 -39.46
CA ASP Z 285 -52.32 0.82 -38.04
C ASP Z 285 -51.09 0.41 -37.25
N GLN Z 286 -50.44 1.36 -36.60
CA GLN Z 286 -49.24 1.08 -35.83
C GLN Z 286 -49.54 0.57 -34.43
N SER Z 287 -50.80 0.50 -34.04
CA SER Z 287 -51.15 0.15 -32.66
C SER Z 287 -51.00 -1.35 -32.43
N TYR Z 288 -50.55 -1.70 -31.23
CA TYR Z 288 -50.65 -3.08 -30.78
C TYR Z 288 -52.08 -3.38 -30.35
N HIS Z 289 -52.31 -4.63 -29.96
CA HIS Z 289 -53.62 -5.00 -29.50
C HIS Z 289 -53.49 -6.14 -28.53
N PRO Z 290 -54.01 -6.01 -27.32
CA PRO Z 290 -53.92 -7.10 -26.35
C PRO Z 290 -54.86 -8.24 -26.69
N VAL Z 291 -54.39 -9.46 -26.43
CA VAL Z 291 -55.15 -10.66 -26.78
C VAL Z 291 -55.30 -11.64 -25.62
N THR Z 292 -54.69 -11.36 -24.47
CA THR Z 292 -54.81 -12.22 -23.31
C THR Z 292 -54.92 -11.38 -22.06
N SER Z 293 -55.53 -11.97 -21.03
CA SER Z 293 -55.50 -11.45 -19.66
C SER Z 293 -55.78 -9.95 -19.63
N PHE Z 294 -57.00 -9.61 -20.02
CA PHE Z 294 -57.34 -8.21 -20.21
C PHE Z 294 -58.79 -7.97 -19.78
N ASP Z 295 -59.04 -6.77 -19.25
CA ASP Z 295 -60.36 -6.39 -18.80
C ASP Z 295 -60.96 -5.36 -19.74
N PRO Z 296 -62.00 -5.70 -20.50
CA PRO Z 296 -62.69 -4.68 -21.29
C PRO Z 296 -63.64 -3.81 -20.47
N SER Z 297 -63.82 -4.11 -19.20
CA SER Z 297 -64.85 -3.46 -18.39
C SER Z 297 -64.35 -2.30 -17.57
N THR Z 298 -63.04 -2.10 -17.47
CA THR Z 298 -62.49 -1.16 -16.51
C THR Z 298 -61.43 -0.31 -17.18
N PHE Z 299 -61.21 0.88 -16.62
CA PHE Z 299 -60.27 1.84 -17.19
C PHE Z 299 -59.46 2.52 -16.10
N ASN Z 300 -59.04 1.76 -15.10
CA ASN Z 300 -58.27 2.32 -14.00
C ASN Z 300 -56.84 1.82 -13.98
N THR Z 301 -56.30 1.43 -15.13
CA THR Z 301 -54.88 1.16 -15.25
C THR Z 301 -54.43 1.60 -16.63
N LEU Z 302 -53.13 1.88 -16.74
CA LEU Z 302 -52.60 2.46 -17.96
C LEU Z 302 -52.90 1.58 -19.16
N LEU Z 303 -52.68 0.28 -19.02
CA LEU Z 303 -52.86 -0.64 -20.15
C LEU Z 303 -54.28 -0.56 -20.67
N GLN Z 304 -55.27 -0.52 -19.78
CA GLN Z 304 -56.65 -0.38 -20.22
C GLN Z 304 -56.85 0.92 -20.99
N ARG Z 305 -56.36 2.02 -20.43
CA ARG Z 305 -56.60 3.32 -21.04
C ARG Z 305 -55.93 3.40 -22.40
N ALA Z 306 -54.68 2.93 -22.50
CA ALA Z 306 -53.98 2.97 -23.77
C ALA Z 306 -54.74 2.18 -24.83
N THR Z 307 -55.24 1.00 -24.47
CA THR Z 307 -56.01 0.21 -25.41
C THR Z 307 -57.26 0.96 -25.85
N ASN Z 308 -57.97 1.56 -24.89
CA ASN Z 308 -59.18 2.29 -25.23
C ASN Z 308 -58.91 3.41 -26.21
N LEU Z 309 -57.75 4.06 -26.09
CA LEU Z 309 -57.38 5.08 -27.05
C LEU Z 309 -56.98 4.47 -28.38
N ALA Z 310 -56.25 3.35 -28.35
CA ALA Z 310 -55.76 2.75 -29.58
C ALA Z 310 -56.93 2.35 -30.48
N LEU Z 311 -57.98 1.78 -29.89
CA LEU Z 311 -59.15 1.41 -30.67
C LEU Z 311 -59.71 2.60 -31.43
N LEU Z 312 -59.56 3.80 -30.89
CA LEU Z 312 -60.01 4.99 -31.59
C LEU Z 312 -58.96 5.53 -32.54
N ALA Z 313 -57.67 5.38 -32.20
CA ALA Z 313 -56.63 5.97 -33.03
C ALA Z 313 -56.59 5.35 -34.42
N VAL Z 314 -56.94 4.08 -34.54
CA VAL Z 314 -56.90 3.40 -35.83
C VAL Z 314 -57.82 4.07 -36.83
N GLN Z 315 -58.85 4.77 -36.37
CA GLN Z 315 -59.75 5.44 -37.29
C GLN Z 315 -59.09 6.61 -38.02
N GLY Z 316 -57.90 7.01 -37.61
CA GLY Z 316 -57.20 8.10 -38.25
C GLY Z 316 -57.24 9.41 -37.49
N VAL Z 317 -57.30 9.37 -36.17
CA VAL Z 317 -57.41 10.59 -35.39
C VAL Z 317 -56.03 11.21 -35.20
N GLN Z 318 -56.02 12.50 -34.87
CA GLN Z 318 -54.79 13.24 -34.63
C GLN Z 318 -54.87 14.00 -33.32
N SER Z 319 -53.72 14.18 -32.70
CA SER Z 319 -53.64 14.95 -31.46
C SER Z 319 -53.57 16.44 -31.78
N GLU Z 320 -54.05 17.26 -30.83
CA GLU Z 320 -54.05 18.68 -31.06
C GLU Z 320 -52.65 19.27 -31.06
N SER Z 321 -51.67 18.59 -30.46
CA SER Z 321 -50.30 19.06 -30.40
C SER Z 321 -49.38 18.01 -31.01
N ALA Z 322 -48.35 18.47 -31.71
CA ALA Z 322 -47.42 17.57 -32.36
C ALA Z 322 -46.59 16.82 -31.32
N ILE Z 323 -46.17 15.62 -31.70
CA ILE Z 323 -45.34 14.80 -30.82
C ILE Z 323 -43.97 14.65 -31.46
N PRO Z 324 -42.89 14.64 -30.66
CA PRO Z 324 -41.54 14.69 -31.25
C PRO Z 324 -41.23 13.46 -32.06
N ALA Z 325 -40.37 13.64 -33.06
CA ALA Z 325 -39.88 12.50 -33.83
C ALA Z 325 -39.01 11.59 -32.98
N ILE Z 326 -38.23 12.16 -32.07
CA ILE Z 326 -37.38 11.39 -31.17
C ILE Z 326 -37.72 11.80 -29.75
N PRO Z 327 -38.76 11.24 -29.15
CA PRO Z 327 -39.20 11.69 -27.83
C PRO Z 327 -38.14 11.46 -26.77
N THR Z 328 -38.07 12.38 -25.81
CA THR Z 328 -37.23 12.23 -24.65
C THR Z 328 -38.09 11.74 -23.48
N MET Z 329 -37.41 11.44 -22.37
CA MET Z 329 -38.10 10.94 -21.19
C MET Z 329 -39.19 11.90 -20.75
N SER Z 330 -38.88 13.20 -20.78
CA SER Z 330 -39.88 14.20 -20.38
C SER Z 330 -41.10 14.13 -21.29
N ASP Z 331 -40.89 13.98 -22.59
CA ASP Z 331 -42.01 13.91 -23.53
C ASP Z 331 -42.93 12.75 -23.19
N VAL Z 332 -42.35 11.58 -22.95
CA VAL Z 332 -43.16 10.41 -22.63
C VAL Z 332 -43.91 10.64 -21.32
N ARG Z 333 -43.23 11.22 -20.34
CA ARG Z 333 -43.87 11.47 -19.05
C ARG Z 333 -45.11 12.34 -19.20
N SER Z 334 -45.00 13.39 -20.02
CA SER Z 334 -46.16 14.24 -20.25
C SER Z 334 -47.29 13.45 -20.88
N PHE Z 335 -46.97 12.57 -21.83
CA PHE Z 335 -47.99 11.79 -22.50
C PHE Z 335 -48.69 10.87 -21.50
N VAL Z 336 -47.91 10.14 -20.70
CA VAL Z 336 -48.49 9.24 -19.73
C VAL Z 336 -49.34 10.01 -18.72
N ALA Z 337 -48.83 11.14 -18.25
CA ALA Z 337 -49.54 11.91 -17.25
C ALA Z 337 -50.92 12.31 -17.76
N ARG Z 338 -50.98 12.80 -19.01
CA ARG Z 338 -52.27 13.12 -19.59
C ARG Z 338 -53.14 11.89 -19.72
N LEU Z 339 -52.57 10.77 -20.12
CA LEU Z 339 -53.36 9.56 -20.32
C LEU Z 339 -53.96 9.07 -19.01
N MET Z 340 -53.30 9.33 -17.89
CA MET Z 340 -53.79 8.89 -16.59
C MET Z 340 -54.65 9.93 -15.90
N ALA Z 341 -54.91 11.06 -16.54
CA ALA Z 341 -55.73 12.08 -15.92
C ALA Z 341 -57.18 11.62 -15.81
N GLU Z 342 -57.92 12.26 -14.91
CA GLU Z 342 -59.34 11.95 -14.76
C GLU Z 342 -60.10 12.40 -16.00
N GLY Z 343 -61.04 11.58 -16.42
CA GLY Z 343 -61.84 11.90 -17.58
C GLY Z 343 -62.57 10.69 -18.08
N ASP Z 344 -63.44 10.92 -19.05
CA ASP Z 344 -64.22 9.83 -19.59
C ASP Z 344 -63.42 9.02 -20.59
N PRO Z 345 -63.63 7.72 -20.63
CA PRO Z 345 -63.10 6.92 -21.74
C PRO Z 345 -64.06 6.98 -22.92
N GLN Z 346 -63.50 7.01 -24.12
CA GLN Z 346 -64.35 6.97 -25.30
C GLN Z 346 -65.04 5.63 -25.38
N GLN Z 347 -66.27 5.63 -25.88
CA GLN Z 347 -67.01 4.39 -26.04
C GLN Z 347 -67.74 4.39 -27.37
N TRP Z 348 -67.13 4.98 -28.39
CA TRP Z 348 -67.69 4.86 -29.74
C TRP Z 348 -67.52 3.45 -30.28
N PHE Z 349 -66.36 2.85 -30.07
CA PHE Z 349 -66.06 1.52 -30.58
C PHE Z 349 -65.75 0.59 -29.42
N PRO Z 350 -66.46 -0.52 -29.27
CA PRO Z 350 -66.16 -1.44 -28.18
C PRO Z 350 -64.94 -2.30 -28.49
N TYR Z 351 -64.25 -2.68 -27.42
CA TYR Z 351 -63.15 -3.61 -27.56
C TYR Z 351 -63.67 -4.99 -27.91
N ARG Z 352 -62.97 -5.67 -28.81
CA ARG Z 352 -63.26 -7.06 -29.11
C ARG Z 352 -61.94 -7.81 -29.18
N VAL Z 353 -61.98 -9.08 -28.76
CA VAL Z 353 -60.77 -9.75 -28.30
C VAL Z 353 -59.75 -9.87 -29.42
N ASP Z 354 -60.18 -10.34 -30.59
CA ASP Z 354 -59.26 -10.48 -31.72
C ASP Z 354 -59.94 -10.07 -33.02
N GLN Z 355 -60.64 -8.94 -32.98
CA GLN Z 355 -61.14 -8.32 -34.20
C GLN Z 355 -61.31 -6.83 -33.93
N ILE Z 356 -60.97 -6.02 -34.92
CA ILE Z 356 -60.95 -4.57 -34.78
C ILE Z 356 -62.02 -3.96 -35.69
N LEU Z 357 -62.77 -3.02 -35.16
CA LEU Z 357 -63.85 -2.36 -35.88
C LEU Z 357 -63.37 -1.04 -36.43
N TYR Z 358 -63.78 -0.73 -37.66
CA TYR Z 358 -63.40 0.52 -38.32
C TYR Z 358 -64.63 1.21 -38.87
N TRP Z 359 -64.58 2.53 -38.89
CA TRP Z 359 -65.67 3.33 -39.43
C TRP Z 359 -65.58 3.36 -40.95
N PRO Z 360 -66.64 2.99 -41.66
CA PRO Z 360 -66.55 2.99 -43.14
C PRO Z 360 -66.21 4.35 -43.71
N GLU Z 361 -66.64 5.45 -43.07
CA GLU Z 361 -66.29 6.76 -43.57
C GLU Z 361 -64.84 7.14 -43.31
N SER Z 362 -64.13 6.38 -42.49
CA SER Z 362 -62.75 6.71 -42.20
C SER Z 362 -61.89 6.54 -43.46
N PRO Z 363 -60.82 7.32 -43.59
CA PRO Z 363 -59.88 7.11 -44.70
C PRO Z 363 -59.17 5.77 -44.63
N PHE Z 364 -59.25 5.07 -43.50
CA PHE Z 364 -58.57 3.80 -43.36
C PHE Z 364 -59.08 2.79 -44.37
N VAL Z 365 -58.19 1.94 -44.86
CA VAL Z 365 -58.51 0.88 -45.79
C VAL Z 365 -58.10 -0.44 -45.16
N PRO Z 366 -59.03 -1.38 -44.97
CA PRO Z 366 -58.68 -2.62 -44.27
C PRO Z 366 -57.80 -3.50 -45.15
N PRO Z 367 -56.97 -4.33 -44.56
CA PRO Z 367 -56.25 -5.35 -45.34
C PRO Z 367 -57.15 -6.53 -45.64
N ILE Z 368 -56.59 -7.60 -46.20
CA ILE Z 368 -57.39 -8.74 -46.63
C ILE Z 368 -57.76 -9.66 -45.47
N GLY Z 369 -57.02 -9.63 -44.37
CA GLY Z 369 -57.25 -10.55 -43.28
C GLY Z 369 -58.61 -10.37 -42.63
N PRO Z 370 -59.03 -11.36 -41.86
CA PRO Z 370 -60.34 -11.28 -41.20
C PRO Z 370 -60.36 -10.45 -39.93
N PHE Z 371 -59.24 -9.84 -39.55
CA PHE Z 371 -59.14 -9.18 -38.26
C PHE Z 371 -59.87 -7.85 -38.21
N TYR Z 372 -60.36 -7.33 -39.33
CA TYR Z 372 -61.00 -6.04 -39.36
C TYR Z 372 -62.43 -6.16 -39.89
N ALA Z 373 -63.30 -5.27 -39.40
CA ALA Z 373 -64.70 -5.29 -39.79
C ALA Z 373 -65.28 -3.90 -39.65
N PRO Z 374 -66.14 -3.49 -40.59
CA PRO Z 374 -66.74 -2.15 -40.49
C PRO Z 374 -67.75 -2.06 -39.36
N PHE Z 375 -67.96 -0.85 -38.87
CA PHE Z 375 -68.89 -0.63 -37.77
C PHE Z 375 -69.43 0.79 -37.83
N ARG Z 376 -70.63 0.97 -37.26
CA ARG Z 376 -71.34 2.25 -37.32
C ARG Z 376 -71.61 2.80 -35.93
N PRO Z 377 -70.78 3.69 -35.42
CA PRO Z 377 -71.16 4.42 -34.21
C PRO Z 377 -72.34 5.33 -34.48
N VAL Z 378 -73.10 5.62 -33.43
CA VAL Z 378 -74.35 6.35 -33.62
C VAL Z 378 -74.13 7.85 -33.77
N ASN Z 379 -73.15 8.42 -33.08
CA ASN Z 379 -73.02 9.87 -33.00
C ASN Z 379 -71.56 10.29 -33.14
N PHE Z 380 -70.88 9.73 -34.12
CA PHE Z 380 -69.47 10.03 -34.32
C PHE Z 380 -69.31 11.45 -34.83
N PRO Z 381 -68.48 12.28 -34.18
CA PRO Z 381 -68.40 13.70 -34.55
C PRO Z 381 -67.30 14.05 -35.54
N PHE Z 382 -66.44 13.12 -35.92
CA PHE Z 382 -65.28 13.46 -36.70
C PHE Z 382 -65.59 13.49 -38.20
N THR Z 383 -64.67 14.08 -38.96
CA THR Z 383 -64.76 14.15 -40.41
C THR Z 383 -63.37 13.97 -41.00
N THR Z 384 -63.34 13.55 -42.26
CA THR Z 384 -62.07 13.41 -42.95
C THR Z 384 -61.50 14.78 -43.30
N GLY Z 385 -60.19 14.87 -43.27
CA GLY Z 385 -59.53 16.12 -43.63
C GLY Z 385 -58.19 16.24 -42.96
N SER Z 386 -57.30 16.99 -43.62
CA SER Z 386 -55.97 17.22 -43.09
C SER Z 386 -55.96 18.39 -42.13
N TYR Z 387 -54.93 18.45 -41.30
CA TYR Z 387 -54.78 19.52 -40.32
C TYR Z 387 -53.30 19.75 -40.09
N THR Z 388 -52.86 20.98 -40.27
CA THR Z 388 -51.47 21.35 -40.05
C THR Z 388 -51.31 21.98 -38.66
N VAL Z 389 -50.06 22.02 -38.21
CA VAL Z 389 -49.72 22.51 -36.87
C VAL Z 389 -48.94 23.81 -37.01
N VAL Z 390 -49.25 24.76 -36.15
CA VAL Z 390 -48.64 26.09 -36.19
C VAL Z 390 -47.59 26.20 -35.10
N PRO Z 391 -46.43 26.79 -35.39
CA PRO Z 391 -45.40 26.95 -34.36
C PRO Z 391 -45.87 27.85 -33.24
N ASP Z 392 -45.26 27.68 -32.07
CA ASP Z 392 -45.66 28.42 -30.89
C ASP Z 392 -45.32 29.89 -31.02
N ALA Z 393 -45.97 30.71 -30.20
CA ALA Z 393 -45.86 32.15 -30.25
C ALA Z 393 -45.05 32.66 -29.06
N SER Z 394 -44.17 33.62 -29.33
CA SER Z 394 -43.35 34.23 -28.30
C SER Z 394 -44.07 35.34 -27.54
N ARG Z 395 -45.29 35.67 -27.93
CA ARG Z 395 -46.02 36.80 -27.35
C ARG Z 395 -47.40 36.34 -26.94
N PRO Z 396 -47.93 36.88 -25.84
CA PRO Z 396 -49.35 36.67 -25.54
C PRO Z 396 -50.22 37.20 -26.67
N LEU Z 397 -51.28 36.47 -26.98
CA LEU Z 397 -52.10 36.79 -28.13
C LEU Z 397 -53.22 37.75 -27.76
N ARG Z 398 -53.73 38.46 -28.77
CA ARG Z 398 -54.87 39.35 -28.62
C ARG Z 398 -55.97 38.90 -29.58
N LEU Z 399 -57.22 38.96 -29.10
CA LEU Z 399 -58.36 38.58 -29.90
C LEU Z 399 -59.36 39.73 -29.94
N LEU Z 400 -60.23 39.69 -30.94
CA LEU Z 400 -61.28 40.68 -31.11
C LEU Z 400 -62.63 40.00 -30.97
N PRO Z 401 -63.50 40.49 -30.09
CA PRO Z 401 -64.75 39.76 -29.82
C PRO Z 401 -65.65 39.68 -31.04
N GLN Z 402 -66.31 38.53 -31.17
CA GLN Z 402 -67.36 38.31 -32.16
C GLN Z 402 -68.39 37.39 -31.53
N TYR Z 403 -69.67 37.70 -31.72
CA TYR Z 403 -70.72 37.13 -30.88
C TYR Z 403 -71.66 36.25 -31.67
N ARG Z 404 -72.21 35.25 -30.97
CA ARG Z 404 -73.31 34.46 -31.47
C ARG Z 404 -74.62 35.15 -31.09
N ASN Z 405 -75.75 34.54 -31.47
CA ASN Z 405 -77.04 35.09 -31.11
C ASN Z 405 -77.44 34.77 -29.69
N ALA Z 406 -76.74 33.86 -29.02
CA ALA Z 406 -77.07 33.50 -27.66
C ALA Z 406 -76.65 34.57 -26.68
N THR Z 407 -77.35 34.64 -25.56
CA THR Z 407 -77.02 35.61 -24.51
C THR Z 407 -77.36 35.00 -23.16
N ILE Z 408 -76.77 35.57 -22.12
CA ILE Z 408 -76.83 35.01 -20.78
C ILE Z 408 -77.12 36.12 -19.78
N THR Z 409 -77.93 35.85 -18.77
CA THR Z 409 -78.25 36.86 -17.78
C THR Z 409 -77.05 37.16 -16.91
N VAL Z 410 -77.04 38.34 -16.32
CA VAL Z 410 -75.90 38.76 -15.51
C VAL Z 410 -75.56 37.79 -14.39
N GLN Z 411 -76.55 37.32 -13.64
CA GLN Z 411 -76.21 36.50 -12.49
C GLN Z 411 -75.41 35.27 -12.92
N GLN Z 412 -75.84 34.60 -13.99
CA GLN Z 412 -75.07 33.48 -14.49
C GLN Z 412 -73.68 33.92 -14.91
N ALA Z 413 -73.57 35.09 -15.53
CA ALA Z 413 -72.27 35.60 -15.91
C ALA Z 413 -71.38 35.80 -14.69
N ASP Z 414 -71.94 36.39 -13.64
CA ASP Z 414 -71.13 36.69 -12.45
C ASP Z 414 -70.67 35.42 -11.75
N ASP Z 415 -71.61 34.51 -11.46
CA ASP Z 415 -71.22 33.31 -10.75
C ASP Z 415 -70.27 32.45 -11.57
N ALA Z 416 -70.43 32.46 -12.90
CA ALA Z 416 -69.45 31.79 -13.74
C ALA Z 416 -68.09 32.45 -13.65
N TYR Z 417 -68.07 33.76 -13.45
CA TYR Z 417 -66.80 34.47 -13.33
C TYR Z 417 -66.15 34.23 -11.97
N GLU Z 418 -66.94 34.29 -10.90
CA GLU Z 418 -66.38 34.34 -9.56
C GLU Z 418 -65.69 33.05 -9.15
N ASP Z 419 -65.93 31.95 -9.84
CA ASP Z 419 -65.28 30.68 -9.53
C ASP Z 419 -64.22 30.30 -10.56
N THR Z 420 -63.97 31.15 -11.54
CA THR Z 420 -62.92 30.91 -12.52
C THR Z 420 -61.90 32.05 -12.57
N ALA Z 421 -62.12 33.11 -11.82
CA ALA Z 421 -61.27 34.28 -11.86
C ALA Z 421 -60.14 34.18 -10.86
N LEU Z 422 -59.03 34.85 -11.18
CA LEU Z 422 -57.95 35.06 -10.21
C LEU Z 422 -58.24 36.33 -9.43
N SER Z 423 -59.23 36.23 -8.53
CA SER Z 423 -59.85 37.42 -7.97
C SER Z 423 -58.86 38.32 -7.26
N PRO Z 424 -58.05 37.86 -6.31
CA PRO Z 424 -56.92 38.67 -5.87
C PRO Z 424 -55.72 38.39 -6.75
N LEU Z 425 -55.05 39.45 -7.19
CA LEU Z 425 -54.04 39.30 -8.21
C LEU Z 425 -52.86 40.21 -7.93
N ILE Z 426 -51.68 39.78 -8.37
CA ILE Z 426 -50.45 40.55 -8.26
C ILE Z 426 -50.13 41.16 -9.62
N THR Z 427 -49.89 42.46 -9.65
CA THR Z 427 -49.68 43.16 -10.91
C THR Z 427 -48.49 44.09 -10.77
N THR Z 428 -48.10 44.68 -11.90
CA THR Z 428 -47.06 45.69 -11.96
C THR Z 428 -47.61 46.93 -12.66
N HIS Z 429 -47.13 48.09 -12.24
CA HIS Z 429 -47.63 49.33 -12.82
C HIS Z 429 -46.95 49.67 -14.14
N GLY Z 430 -45.64 49.46 -14.23
CA GLY Z 430 -44.95 50.02 -15.36
C GLY Z 430 -44.78 51.52 -15.14
N PHE Z 431 -44.52 52.23 -16.22
CA PHE Z 431 -44.32 53.67 -16.17
C PHE Z 431 -45.39 54.36 -17.00
N CYS Z 432 -46.04 55.35 -16.39
CA CYS Z 432 -47.08 56.09 -17.09
C CYS Z 432 -46.49 57.20 -17.96
N VAL Z 433 -45.73 58.10 -17.35
CA VAL Z 433 -45.07 59.17 -18.09
C VAL Z 433 -43.73 58.65 -18.59
N THR Z 434 -43.54 58.66 -19.90
CA THR Z 434 -42.31 58.17 -20.50
C THR Z 434 -41.21 59.22 -20.56
N GLY Z 435 -41.57 60.49 -20.63
CA GLY Z 435 -40.57 61.54 -20.70
C GLY Z 435 -41.17 62.81 -21.27
N GLY Z 436 -40.30 63.78 -21.51
CA GLY Z 436 -40.71 65.05 -22.06
C GLY Z 436 -41.28 65.95 -20.99
N VAL Z 437 -41.59 67.18 -21.40
CA VAL Z 437 -42.14 68.19 -20.52
C VAL Z 437 -43.21 68.99 -21.26
N SER Z 438 -44.14 69.54 -20.47
CA SER Z 438 -45.15 70.45 -21.00
C SER Z 438 -44.79 71.74 -20.26
N THR Z 439 -44.17 72.69 -20.93
CA THR Z 439 -43.62 73.88 -20.31
C THR Z 439 -44.37 75.11 -20.82
N SER Z 440 -44.56 76.08 -19.93
CA SER Z 440 -45.24 77.32 -20.28
C SER Z 440 -44.48 78.48 -19.66
N ILE Z 441 -44.55 79.62 -20.33
CA ILE Z 441 -43.82 80.82 -19.93
C ILE Z 441 -44.79 81.99 -19.90
N TYR Z 442 -44.68 82.83 -18.87
CA TYR Z 442 -45.55 83.99 -18.72
C TYR Z 442 -44.69 85.22 -18.45
N ASP Z 443 -44.69 86.15 -19.39
CA ASP Z 443 -44.09 87.45 -19.14
C ASP Z 443 -45.02 88.25 -18.24
N ILE Z 444 -44.50 88.70 -17.10
CA ILE Z 444 -45.31 89.44 -16.16
C ILE Z 444 -45.17 90.94 -16.37
N SER Z 445 -43.94 91.42 -16.57
CA SER Z 445 -43.72 92.85 -16.73
C SER Z 445 -44.43 93.38 -17.96
N GLY Z 446 -44.64 92.54 -18.97
CA GLY Z 446 -45.32 92.98 -20.17
C GLY Z 446 -46.69 93.55 -19.85
N ASP Z 447 -47.48 92.80 -19.09
CA ASP Z 447 -48.84 93.24 -18.77
C ASP Z 447 -48.88 94.60 -18.07
N PRO Z 448 -49.52 95.59 -18.72
CA PRO Z 448 -49.67 96.88 -18.01
C PRO Z 448 -50.81 96.91 -17.02
N THR Z 449 -51.64 95.88 -16.97
CA THR Z 449 -52.86 95.90 -16.16
C THR Z 449 -52.50 95.64 -14.71
N ALA Z 450 -52.32 96.71 -13.95
CA ALA Z 450 -52.01 96.57 -12.53
C ALA Z 450 -53.11 95.80 -11.82
N TYR Z 451 -52.71 94.92 -10.92
CA TYR Z 451 -53.65 94.06 -10.21
C TYR Z 451 -53.18 93.90 -8.77
N PRO Z 452 -53.99 94.30 -7.79
CA PRO Z 452 -53.53 94.28 -6.40
C PRO Z 452 -53.22 92.87 -5.94
N PRO Z 453 -52.12 92.69 -5.22
CA PRO Z 453 -51.73 91.34 -4.80
C PRO Z 453 -52.73 90.67 -3.88
N ALA Z 454 -53.44 91.45 -3.06
CA ALA Z 454 -54.38 90.86 -2.13
C ALA Z 454 -55.48 90.06 -2.82
N GLN Z 455 -55.77 90.38 -4.08
CA GLN Z 455 -56.82 89.72 -4.83
C GLN Z 455 -56.32 88.50 -5.60
N LEU Z 456 -55.07 88.11 -5.41
CA LEU Z 456 -54.54 86.95 -6.10
C LEU Z 456 -55.17 85.67 -5.58
N VAL Z 457 -55.33 84.71 -6.48
CA VAL Z 457 -55.78 83.38 -6.07
C VAL Z 457 -54.70 82.76 -5.18
N ASP Z 458 -55.14 81.89 -4.28
CA ASP Z 458 -54.23 81.27 -3.32
C ASP Z 458 -54.31 79.75 -3.45
N THR Z 459 -53.49 79.08 -2.66
CA THR Z 459 -53.40 77.63 -2.72
C THR Z 459 -54.74 77.01 -2.35
N PRO Z 460 -55.14 75.93 -3.02
CA PRO Z 460 -56.41 75.28 -2.67
C PRO Z 460 -56.38 74.77 -1.25
N ASN Z 461 -57.56 74.78 -0.61
CA ASN Z 461 -57.64 74.46 0.81
C ASN Z 461 -57.19 73.03 1.08
N ASP Z 462 -57.46 72.12 0.17
CA ASP Z 462 -57.14 70.71 0.37
C ASP Z 462 -55.77 70.35 -0.15
N TYR Z 463 -54.97 71.32 -0.56
CA TYR Z 463 -53.74 71.01 -1.29
C TYR Z 463 -52.79 70.15 -0.46
N PHE Z 464 -52.86 70.25 0.87
CA PHE Z 464 -52.02 69.44 1.74
C PHE Z 464 -52.80 68.32 2.41
N ASP Z 465 -53.97 67.99 1.89
CA ASP Z 465 -54.65 66.78 2.33
C ASP Z 465 -53.78 65.58 2.02
N ARG Z 466 -53.81 64.59 2.92
CA ARG Z 466 -53.01 63.39 2.74
C ARG Z 466 -53.31 62.73 1.40
N GLU Z 467 -54.59 62.65 1.04
CA GLU Z 467 -54.97 61.94 -0.17
C GLU Z 467 -54.34 62.57 -1.40
N ARG Z 468 -54.48 63.89 -1.55
CA ARG Z 468 -53.86 64.56 -2.69
C ARG Z 468 -52.35 64.41 -2.63
N MET Z 469 -51.76 64.56 -1.45
CA MET Z 469 -50.33 64.34 -1.32
C MET Z 469 -49.96 62.92 -1.71
N ALA Z 470 -50.76 61.94 -1.29
CA ALA Z 470 -50.48 60.57 -1.65
C ALA Z 470 -50.50 60.38 -3.16
N ARG Z 471 -51.52 60.91 -3.83
CA ARG Z 471 -51.55 60.85 -5.28
C ARG Z 471 -50.38 61.61 -5.87
N ARG Z 472 -50.03 62.75 -5.28
CA ARG Z 472 -48.90 63.52 -5.75
C ARG Z 472 -47.62 62.68 -5.73
N ASP Z 473 -47.39 61.99 -4.62
CA ASP Z 473 -46.21 61.12 -4.54
C ASP Z 473 -46.33 59.95 -5.51
N LEU Z 474 -47.53 59.36 -5.62
CA LEU Z 474 -47.70 58.23 -6.52
C LEU Z 474 -47.36 58.61 -7.95
N PHE Z 475 -47.80 59.79 -8.38
CA PHE Z 475 -47.46 60.25 -9.72
C PHE Z 475 -45.96 60.43 -9.86
N ARG Z 476 -45.28 60.87 -8.79
CA ARG Z 476 -43.84 61.05 -8.84
C ARG Z 476 -43.14 59.74 -9.15
N ARG Z 477 -43.61 58.64 -8.56
CA ARG Z 477 -43.02 57.34 -8.86
C ARG Z 477 -43.29 56.93 -10.30
N LEU Z 478 -44.49 57.22 -10.81
CA LEU Z 478 -44.92 56.64 -12.07
C LEU Z 478 -44.13 57.16 -13.27
N ARG Z 479 -43.44 58.27 -13.15
CA ARG Z 479 -42.66 58.77 -14.27
C ARG Z 479 -41.47 57.86 -14.51
N ALA Z 480 -41.11 57.69 -15.78
CA ALA Z 480 -39.96 56.89 -16.14
C ALA Z 480 -38.71 57.45 -15.50
N PRO Z 481 -37.79 56.59 -15.06
CA PRO Z 481 -36.64 57.07 -14.28
C PRO Z 481 -35.67 57.83 -15.17
N ALA Z 482 -35.25 59.00 -14.68
CA ALA Z 482 -34.26 59.84 -15.34
C ALA Z 482 -33.86 60.92 -14.34
N ASP Z 483 -33.01 61.84 -14.77
CA ASP Z 483 -32.59 62.97 -13.92
C ASP Z 483 -33.62 64.08 -14.08
N ARG Z 484 -34.44 64.27 -13.04
CA ARG Z 484 -35.46 65.31 -13.10
C ARG Z 484 -34.82 66.70 -13.22
N SER Z 485 -33.79 66.96 -12.41
CA SER Z 485 -33.19 68.29 -12.40
C SER Z 485 -32.53 68.61 -13.73
N ALA Z 486 -31.92 67.62 -14.37
CA ALA Z 486 -31.27 67.84 -15.66
C ALA Z 486 -32.25 68.41 -16.67
N ILE Z 487 -33.39 67.74 -16.83
CA ILE Z 487 -34.40 68.23 -17.75
C ILE Z 487 -34.93 69.59 -17.29
N LYS Z 488 -35.19 69.71 -16.00
CA LYS Z 488 -35.75 70.95 -15.47
C LYS Z 488 -34.82 72.13 -15.72
N ASP Z 489 -33.54 71.97 -15.39
CA ASP Z 489 -32.58 73.04 -15.61
C ASP Z 489 -32.44 73.36 -17.09
N ARG Z 490 -32.39 72.32 -17.92
CA ARG Z 490 -32.19 72.54 -19.35
C ARG Z 490 -33.30 73.41 -19.93
N ALA Z 491 -34.54 73.18 -19.48
CA ALA Z 491 -35.65 73.99 -19.97
C ALA Z 491 -35.45 75.46 -19.62
N VAL Z 492 -35.02 75.74 -18.39
CA VAL Z 492 -34.85 77.13 -17.97
C VAL Z 492 -33.75 77.80 -18.77
N PHE Z 493 -32.61 77.13 -18.90
CA PHE Z 493 -31.49 77.73 -19.61
C PHE Z 493 -31.80 77.94 -21.08
N ASP Z 494 -32.66 77.09 -21.65
CA ASP Z 494 -33.12 77.36 -23.01
C ASP Z 494 -33.80 78.70 -23.10
N PHE Z 495 -34.64 79.03 -22.12
CA PHE Z 495 -35.26 80.34 -22.09
C PHE Z 495 -34.22 81.44 -21.89
N LEU Z 496 -33.29 81.23 -20.97
CA LEU Z 496 -32.31 82.26 -20.66
C LEU Z 496 -31.46 82.59 -21.88
N ALA Z 497 -31.11 81.58 -22.68
CA ALA Z 497 -30.32 81.82 -23.87
C ALA Z 497 -31.02 82.76 -24.83
N SER Z 498 -32.35 82.82 -24.77
CA SER Z 498 -33.12 83.71 -25.63
C SER Z 498 -33.42 85.05 -25.00
N LEU Z 499 -33.09 85.24 -23.73
CA LEU Z 499 -33.47 86.47 -23.03
C LEU Z 499 -32.70 87.66 -23.58
N VAL Z 500 -33.42 88.71 -23.93
CA VAL Z 500 -32.86 89.89 -24.56
C VAL Z 500 -33.44 91.13 -23.89
N ASN Z 501 -32.58 92.11 -23.63
CA ASN Z 501 -33.06 93.31 -22.95
C ASN Z 501 -34.04 94.08 -23.83
N PRO Z 502 -35.08 94.65 -23.24
CA PRO Z 502 -36.09 95.31 -24.09
C PRO Z 502 -35.65 96.66 -24.60
N THR Z 503 -34.80 97.37 -23.86
CA THR Z 503 -34.47 98.74 -24.23
C THR Z 503 -33.55 98.80 -25.44
N THR Z 504 -32.57 97.90 -25.54
CA THR Z 504 -31.58 97.96 -26.60
C THR Z 504 -31.51 96.69 -27.43
N ALA Z 505 -32.39 95.72 -27.17
CA ALA Z 505 -32.55 94.55 -28.03
C ALA Z 505 -31.23 93.81 -28.23
N ASN Z 506 -30.50 93.62 -27.15
CA ASN Z 506 -29.32 92.78 -27.16
C ASN Z 506 -29.43 91.74 -26.05
N PRO Z 507 -28.85 90.57 -26.23
CA PRO Z 507 -29.00 89.51 -25.24
C PRO Z 507 -28.49 89.94 -23.88
N VAL Z 508 -29.22 89.54 -22.84
CA VAL Z 508 -28.83 89.90 -21.48
C VAL Z 508 -27.52 89.22 -21.11
N LEU Z 509 -27.37 87.95 -21.45
CA LEU Z 509 -26.13 87.25 -21.17
C LEU Z 509 -25.09 87.56 -22.25
N ASP Z 510 -23.85 87.20 -21.96
CA ASP Z 510 -22.74 87.49 -22.86
C ASP Z 510 -21.67 86.44 -22.65
N THR Z 511 -20.79 86.30 -23.64
CA THR Z 511 -19.64 85.43 -23.50
C THR Z 511 -18.82 85.84 -22.29
N SER Z 512 -18.22 84.84 -21.65
CA SER Z 512 -17.38 85.03 -20.47
C SER Z 512 -18.15 85.57 -19.28
N PHE Z 513 -19.47 85.45 -19.27
CA PHE Z 513 -20.24 85.96 -18.15
C PHE Z 513 -19.93 85.16 -16.89
N SER Z 514 -20.05 85.82 -15.74
CA SER Z 514 -19.76 85.19 -14.46
C SER Z 514 -21.04 84.61 -13.89
N MET Z 515 -20.99 83.34 -13.50
CA MET Z 515 -22.17 82.61 -13.05
C MET Z 515 -21.90 81.95 -11.72
N ALA Z 516 -22.91 81.99 -10.85
CA ALA Z 516 -22.88 81.26 -9.59
C ALA Z 516 -24.09 80.33 -9.55
N TYR Z 517 -23.84 79.03 -9.50
CA TYR Z 517 -24.91 78.06 -9.31
C TYR Z 517 -25.29 78.06 -7.83
N LEU Z 518 -25.97 79.14 -7.44
CA LEU Z 518 -26.33 79.32 -6.03
C LEU Z 518 -27.22 78.19 -5.56
N GLY Z 519 -27.96 77.57 -6.46
CA GLY Z 519 -28.74 76.41 -6.11
C GLY Z 519 -27.86 75.32 -5.56
N ALA Z 520 -28.43 74.41 -4.80
CA ALA Z 520 -27.65 73.41 -4.08
C ALA Z 520 -27.07 72.43 -5.09
N SER Z 521 -25.81 72.63 -5.46
CA SER Z 521 -25.05 71.57 -6.11
C SER Z 521 -24.98 70.39 -5.17
N SER Z 522 -25.50 69.25 -5.59
CA SER Z 522 -25.83 68.21 -4.62
C SER Z 522 -25.34 66.83 -5.03
N ALA Z 523 -24.30 66.76 -5.86
CA ALA Z 523 -23.73 65.49 -6.31
C ALA Z 523 -24.83 64.58 -6.85
N HIS Z 524 -25.58 65.12 -7.80
CA HIS Z 524 -26.79 64.45 -8.28
C HIS Z 524 -26.45 63.13 -8.96
N ALA Z 525 -27.15 62.08 -8.54
CA ALA Z 525 -27.02 60.76 -9.12
C ALA Z 525 -25.56 60.30 -9.16
N ASN Z 526 -25.06 60.01 -10.36
CA ASN Z 526 -23.72 59.47 -10.52
C ASN Z 526 -22.64 60.54 -10.46
N ALA Z 527 -22.99 61.80 -10.64
CA ALA Z 527 -22.01 62.87 -10.70
C ALA Z 527 -21.84 63.53 -9.35
N ASP Z 528 -20.78 64.35 -9.25
CA ASP Z 528 -20.52 65.14 -8.05
C ASP Z 528 -21.06 66.56 -8.15
N GLU Z 529 -21.57 66.96 -9.30
CA GLU Z 529 -22.12 68.29 -9.51
C GLU Z 529 -23.31 68.16 -10.45
N PRO Z 530 -24.21 69.14 -10.45
CA PRO Z 530 -25.35 69.07 -11.38
C PRO Z 530 -24.87 68.91 -12.81
N VAL Z 531 -25.48 67.95 -13.51
CA VAL Z 531 -24.97 67.53 -14.82
C VAL Z 531 -25.07 68.67 -15.82
N ILE Z 532 -26.01 69.59 -15.62
CA ILE Z 532 -26.19 70.69 -16.56
C ILE Z 532 -24.92 71.52 -16.71
N LEU Z 533 -24.04 71.50 -15.71
CA LEU Z 533 -22.81 72.27 -15.78
C LEU Z 533 -21.93 71.80 -16.94
N ALA Z 534 -21.90 70.49 -17.19
CA ALA Z 534 -21.09 69.98 -18.28
C ALA Z 534 -21.53 70.57 -19.62
N ASP Z 535 -22.84 70.62 -19.86
CA ASP Z 535 -23.34 71.23 -21.08
C ASP Z 535 -22.98 72.71 -21.15
N ILE Z 536 -23.10 73.41 -20.02
CA ILE Z 536 -22.84 74.84 -20.01
C ILE Z 536 -21.37 75.11 -20.31
N ARG Z 537 -20.46 74.37 -19.66
CA ARG Z 537 -19.05 74.58 -19.91
C ARG Z 537 -18.68 74.26 -21.35
N SER Z 538 -19.38 73.32 -21.96
CA SER Z 538 -19.06 72.85 -23.30
C SER Z 538 -19.82 73.60 -24.38
N GLY Z 539 -20.68 74.55 -24.03
CA GLY Z 539 -21.46 75.21 -25.05
C GLY Z 539 -22.46 74.31 -25.74
N SER Z 540 -22.86 73.22 -25.09
CA SER Z 540 -23.80 72.29 -25.70
C SER Z 540 -25.14 72.96 -25.96
N ILE Z 541 -25.57 73.84 -25.05
CA ILE Z 541 -26.87 74.50 -25.19
C ILE Z 541 -26.79 75.50 -26.34
N PRO Z 542 -27.63 75.36 -27.36
CA PRO Z 542 -27.57 76.29 -28.48
C PRO Z 542 -27.96 77.69 -28.06
N GLY Z 543 -27.24 78.68 -28.58
CA GLY Z 543 -27.53 80.07 -28.30
C GLY Z 543 -27.05 80.57 -26.96
N LEU Z 544 -26.51 79.70 -26.13
CA LEU Z 544 -26.06 80.14 -24.80
C LEU Z 544 -24.58 80.42 -24.84
N PRO Z 545 -24.13 81.60 -24.40
CA PRO Z 545 -22.70 81.90 -24.41
C PRO Z 545 -21.96 81.14 -23.31
N ILE Z 546 -20.65 81.07 -23.47
CA ILE Z 546 -19.81 80.35 -22.53
C ILE Z 546 -19.53 81.24 -21.33
N PRO Z 547 -19.78 80.78 -20.10
CA PRO Z 547 -19.38 81.55 -18.93
C PRO Z 547 -17.88 81.50 -18.70
N ARG Z 548 -17.36 82.57 -18.11
CA ARG Z 548 -15.95 82.60 -17.77
C ARG Z 548 -15.64 81.63 -16.64
N ARG Z 549 -16.51 81.56 -15.63
CA ARG Z 549 -16.30 80.68 -14.50
C ARG Z 549 -17.63 80.44 -13.81
N ILE Z 550 -17.70 79.32 -13.08
CA ILE Z 550 -18.91 78.91 -12.38
C ILE Z 550 -18.55 78.61 -10.93
N VAL Z 551 -19.35 79.12 -10.01
CA VAL Z 551 -19.14 78.89 -8.58
C VAL Z 551 -20.40 78.24 -8.01
N GLN Z 552 -20.21 77.42 -6.99
CA GLN Z 552 -21.28 76.59 -6.44
C GLN Z 552 -21.43 76.86 -4.95
N PHE Z 553 -22.67 76.77 -4.47
CA PHE Z 553 -22.98 77.03 -3.08
C PHE Z 553 -24.18 76.19 -2.67
N GLY Z 554 -24.37 76.06 -1.35
CA GLY Z 554 -25.48 75.35 -0.79
C GLY Z 554 -25.04 74.50 0.38
N TYR Z 555 -25.87 73.51 0.70
CA TYR Z 555 -25.58 72.59 1.79
C TYR Z 555 -24.84 71.35 1.32
N ASP Z 556 -25.12 70.86 0.12
CA ASP Z 556 -24.61 69.58 -0.35
C ASP Z 556 -23.50 69.72 -1.36
N VAL Z 557 -22.78 70.85 -1.34
CA VAL Z 557 -21.75 71.09 -2.33
C VAL Z 557 -20.53 70.23 -2.04
N VAL Z 558 -19.71 70.03 -3.06
CA VAL Z 558 -18.37 69.47 -2.88
C VAL Z 558 -17.35 70.42 -3.49
N HIS Z 559 -17.57 70.81 -4.75
CA HIS Z 559 -16.67 71.73 -5.43
C HIS Z 559 -17.10 73.18 -5.24
N GLY Z 560 -17.22 73.60 -3.99
CA GLY Z 560 -17.63 74.95 -3.69
C GLY Z 560 -17.54 75.26 -2.21
N SER Z 561 -18.55 75.95 -1.67
CA SER Z 561 -18.53 76.34 -0.27
C SER Z 561 -19.90 76.13 0.34
N LEU Z 562 -19.91 75.83 1.63
CA LEU Z 562 -21.14 75.61 2.37
C LEU Z 562 -21.57 76.89 3.06
N LEU Z 563 -22.86 77.18 3.01
CA LEU Z 563 -23.41 78.32 3.71
C LEU Z 563 -24.92 78.28 3.64
N ASP Z 564 -25.57 79.00 4.55
CA ASP Z 564 -27.01 79.14 4.56
C ASP Z 564 -27.38 80.40 3.80
N LEU Z 565 -28.24 80.26 2.80
CA LEU Z 565 -28.65 81.39 1.99
C LEU Z 565 -29.68 82.26 2.68
N SER Z 566 -30.14 81.87 3.87
CA SER Z 566 -31.13 82.67 4.58
C SER Z 566 -30.53 83.93 5.20
N ARG Z 567 -29.23 83.95 5.45
CA ARG Z 567 -28.59 85.08 6.07
C ARG Z 567 -27.72 85.84 5.06
N ALA Z 568 -27.10 86.91 5.54
CA ALA Z 568 -26.13 87.61 4.72
C ALA Z 568 -24.94 86.70 4.44
N VAL Z 569 -24.26 86.97 3.33
CA VAL Z 569 -23.18 86.09 2.88
C VAL Z 569 -21.92 86.89 2.60
N PRO Z 570 -20.75 86.35 2.90
CA PRO Z 570 -19.48 87.02 2.59
C PRO Z 570 -18.94 86.62 1.20
N THR Z 571 -19.57 87.16 0.17
CA THR Z 571 -19.26 86.75 -1.20
C THR Z 571 -19.08 87.98 -2.07
N GLY Z 572 -18.59 87.74 -3.28
CA GLY Z 572 -18.54 88.77 -4.30
C GLY Z 572 -19.89 88.90 -4.98
N THR Z 573 -19.89 88.99 -6.30
CA THR Z 573 -21.13 89.11 -7.05
C THR Z 573 -20.93 88.60 -8.47
N PHE Z 574 -22.03 88.33 -9.15
CA PHE Z 574 -21.99 87.62 -10.42
C PHE Z 574 -22.97 88.22 -11.40
N GLY Z 575 -22.83 87.82 -12.66
CA GLY Z 575 -23.76 88.24 -13.70
C GLY Z 575 -25.02 87.42 -13.68
N LEU Z 576 -24.87 86.10 -13.57
CA LEU Z 576 -26.01 85.20 -13.49
C LEU Z 576 -25.97 84.47 -12.15
N VAL Z 577 -27.08 84.52 -11.43
CA VAL Z 577 -27.26 83.77 -10.20
C VAL Z 577 -28.40 82.79 -10.41
N TYR Z 578 -28.11 81.51 -10.32
CA TYR Z 578 -29.09 80.46 -10.55
C TYR Z 578 -29.41 79.82 -9.21
N ALA Z 579 -30.52 80.22 -8.61
CA ALA Z 579 -30.87 79.82 -7.25
C ALA Z 579 -31.89 78.70 -7.30
N ASP Z 580 -31.39 77.48 -7.51
CA ASP Z 580 -32.23 76.28 -7.43
C ASP Z 580 -32.20 75.78 -5.98
N LEU Z 581 -33.00 76.44 -5.15
CA LEU Z 581 -33.11 76.09 -3.74
C LEU Z 581 -34.50 75.56 -3.44
N ASP Z 582 -34.56 74.47 -2.68
CA ASP Z 582 -35.82 74.01 -2.14
C ASP Z 582 -36.14 74.80 -0.87
N GLN Z 583 -37.43 74.89 -0.57
CA GLN Z 583 -37.89 75.42 0.71
C GLN Z 583 -38.51 74.36 1.61
N VAL Z 584 -38.93 73.23 1.04
CA VAL Z 584 -39.69 72.23 1.79
C VAL Z 584 -38.82 71.50 2.81
N GLU Z 585 -37.51 71.51 2.63
CA GLU Z 585 -36.65 70.65 3.45
C GLU Z 585 -36.70 71.01 4.93
N ASP Z 586 -37.22 72.18 5.29
CA ASP Z 586 -37.42 72.52 6.70
C ASP Z 586 -38.83 73.01 6.96
N ALA Z 587 -39.74 72.84 6.01
CA ALA Z 587 -41.14 73.23 6.21
C ALA Z 587 -41.99 72.29 5.35
N GLY Z 588 -42.53 71.24 5.98
CA GLY Z 588 -43.35 70.30 5.24
C GLY Z 588 -44.65 70.92 4.76
N THR Z 589 -45.40 71.54 5.67
CA THR Z 589 -46.64 72.21 5.31
C THR Z 589 -46.79 73.56 6.01
N ASP Z 590 -45.78 74.02 6.74
CA ASP Z 590 -45.87 75.26 7.51
C ASP Z 590 -45.68 76.43 6.55
N MET Z 591 -46.78 76.91 5.99
CA MET Z 591 -46.70 77.93 4.95
C MET Z 591 -46.01 79.20 5.40
N PRO Z 592 -46.35 79.82 6.53
CA PRO Z 592 -45.63 81.05 6.91
C PRO Z 592 -44.13 80.84 7.04
N ALA Z 593 -43.71 79.69 7.57
CA ALA Z 593 -42.29 79.37 7.61
C ALA Z 593 -41.72 79.27 6.20
N ALA Z 594 -42.45 78.61 5.29
CA ALA Z 594 -42.00 78.52 3.92
C ALA Z 594 -41.90 79.89 3.28
N ASN Z 595 -42.86 80.76 3.57
CA ASN Z 595 -42.85 82.10 2.98
C ASN Z 595 -41.61 82.87 3.42
N ARG Z 596 -41.28 82.81 4.71
CA ARG Z 596 -40.11 83.52 5.20
C ARG Z 596 -38.85 83.02 4.52
N ALA Z 597 -38.72 81.70 4.39
CA ALA Z 597 -37.55 81.14 3.73
C ALA Z 597 -37.45 81.63 2.28
N ALA Z 598 -38.56 81.59 1.56
CA ALA Z 598 -38.55 82.00 0.16
C ALA Z 598 -38.16 83.47 0.03
N ILE Z 599 -38.76 84.32 0.85
CA ILE Z 599 -38.48 85.76 0.77
C ILE Z 599 -37.01 86.01 1.08
N ALA Z 600 -36.50 85.39 2.13
CA ALA Z 600 -35.12 85.61 2.53
C ALA Z 600 -34.16 85.19 1.43
N MET Z 601 -34.38 84.00 0.87
CA MET Z 601 -33.51 83.54 -0.20
C MET Z 601 -33.60 84.46 -1.41
N LEU Z 602 -34.80 84.94 -1.72
CA LEU Z 602 -34.96 85.86 -2.84
C LEU Z 602 -34.10 87.10 -2.64
N GLY Z 603 -34.13 87.67 -1.44
CA GLY Z 603 -33.35 88.87 -1.20
C GLY Z 603 -31.87 88.65 -1.37
N THR Z 604 -31.35 87.57 -0.79
CA THR Z 604 -29.92 87.29 -0.91
C THR Z 604 -29.54 87.03 -2.36
N ALA Z 605 -30.38 86.30 -3.09
CA ALA Z 605 -30.08 86.03 -4.49
C ALA Z 605 -29.97 87.33 -5.28
N LEU Z 606 -30.88 88.28 -5.04
CA LEU Z 606 -30.78 89.57 -5.69
C LEU Z 606 -29.49 90.28 -5.31
N GLN Z 607 -29.12 90.20 -4.04
CA GLN Z 607 -27.93 90.90 -3.56
C GLN Z 607 -26.66 90.40 -4.21
N MET Z 608 -26.64 89.16 -4.70
CA MET Z 608 -25.43 88.61 -5.27
C MET Z 608 -25.26 88.93 -6.76
N THR Z 609 -26.24 89.57 -7.39
CA THR Z 609 -26.14 89.92 -8.78
C THR Z 609 -25.53 91.29 -8.96
N THR Z 610 -24.69 91.45 -9.98
CA THR Z 610 -24.18 92.75 -10.34
C THR Z 610 -25.28 93.57 -11.00
N ALA Z 611 -24.99 94.85 -11.21
CA ALA Z 611 -25.91 95.70 -11.95
C ALA Z 611 -26.08 95.17 -13.37
N GLY Z 612 -27.31 95.17 -13.85
CA GLY Z 612 -27.60 94.66 -15.17
C GLY Z 612 -27.58 93.15 -15.27
N GLY Z 613 -27.36 92.44 -14.16
CA GLY Z 613 -27.34 90.99 -14.19
C GLY Z 613 -28.74 90.42 -14.17
N VAL Z 614 -28.80 89.10 -14.05
CA VAL Z 614 -30.06 88.36 -14.05
C VAL Z 614 -29.99 87.28 -12.98
N SER Z 615 -31.08 87.10 -12.26
CA SER Z 615 -31.17 86.07 -11.23
C SER Z 615 -32.47 85.32 -11.39
N VAL Z 616 -32.44 84.02 -11.12
CA VAL Z 616 -33.62 83.17 -11.16
C VAL Z 616 -33.74 82.47 -9.83
N LEU Z 617 -34.97 82.14 -9.46
CA LEU Z 617 -35.24 81.49 -8.19
C LEU Z 617 -36.37 80.50 -8.36
N LYS Z 618 -36.21 79.31 -7.78
CA LYS Z 618 -37.27 78.32 -7.75
C LYS Z 618 -38.08 78.49 -6.48
N VAL Z 619 -39.40 78.58 -6.63
CA VAL Z 619 -40.30 78.75 -5.50
C VAL Z 619 -41.23 77.55 -5.44
N ASN Z 620 -41.29 76.91 -4.27
CA ASN Z 620 -42.13 75.73 -4.12
C ASN Z 620 -43.60 76.10 -4.11
N PHE Z 621 -43.97 77.19 -3.43
CA PHE Z 621 -45.37 77.54 -3.22
C PHE Z 621 -45.60 79.01 -3.51
N PRO Z 622 -46.07 79.33 -4.71
CA PRO Z 622 -46.42 80.72 -5.01
C PRO Z 622 -47.68 81.14 -4.28
N THR Z 623 -47.53 81.50 -3.01
CA THR Z 623 -48.64 81.87 -2.15
C THR Z 623 -48.87 83.38 -2.21
N ARG Z 624 -50.15 83.78 -2.15
CA ARG Z 624 -50.47 85.20 -2.24
C ARG Z 624 -49.78 85.99 -1.14
N ALA Z 625 -49.58 85.39 0.04
CA ALA Z 625 -48.79 86.04 1.07
C ALA Z 625 -47.37 86.26 0.58
N PHE Z 626 -46.78 85.25 -0.06
CA PHE Z 626 -45.45 85.39 -0.62
C PHE Z 626 -45.41 86.51 -1.66
N TRP Z 627 -46.38 86.52 -2.57
CA TRP Z 627 -46.41 87.56 -3.59
C TRP Z 627 -46.55 88.93 -2.97
N THR Z 628 -47.31 89.03 -1.88
CA THR Z 628 -47.49 90.32 -1.23
C THR Z 628 -46.16 90.92 -0.80
N GLN Z 629 -45.31 90.09 -0.18
CA GLN Z 629 -44.03 90.59 0.28
C GLN Z 629 -43.07 90.86 -0.86
N VAL Z 630 -43.20 90.11 -1.96
CA VAL Z 630 -42.29 90.29 -3.08
C VAL Z 630 -42.35 91.72 -3.59
N PHE Z 631 -43.55 92.21 -3.84
CA PHE Z 631 -43.70 93.57 -4.31
C PHE Z 631 -43.60 94.58 -3.19
N ASN Z 632 -43.70 94.14 -1.94
CA ASN Z 632 -43.50 95.06 -0.84
C ASN Z 632 -42.03 95.43 -0.68
N LEU Z 633 -41.12 94.55 -1.08
CA LEU Z 633 -39.71 94.73 -0.81
C LEU Z 633 -38.87 94.93 -2.05
N TYR Z 634 -38.89 93.98 -2.99
CA TYR Z 634 -37.94 93.96 -4.08
C TYR Z 634 -38.45 94.62 -5.35
N ALA Z 635 -39.49 95.45 -5.23
CA ALA Z 635 -40.18 95.94 -6.42
C ALA Z 635 -39.29 96.80 -7.30
N THR Z 636 -38.17 97.30 -6.79
CA THR Z 636 -37.33 98.22 -7.54
C THR Z 636 -35.98 97.62 -7.93
N HIS Z 637 -35.76 96.34 -7.65
CA HIS Z 637 -34.42 95.78 -7.80
C HIS Z 637 -34.14 95.25 -9.19
N ALA Z 638 -35.11 95.25 -10.10
CA ALA Z 638 -34.88 94.72 -11.43
C ALA Z 638 -35.84 95.37 -12.41
N THR Z 639 -35.55 95.21 -13.69
CA THR Z 639 -36.35 95.83 -14.74
C THR Z 639 -37.54 94.98 -15.15
N THR Z 640 -37.36 93.67 -15.28
CA THR Z 640 -38.39 92.82 -15.84
C THR Z 640 -38.49 91.53 -15.06
N LEU Z 641 -39.62 90.83 -15.27
CA LEU Z 641 -39.90 89.60 -14.54
C LEU Z 641 -40.76 88.69 -15.39
N HIS Z 642 -40.45 87.39 -15.37
CA HIS Z 642 -41.22 86.38 -16.05
C HIS Z 642 -41.44 85.20 -15.13
N LEU Z 643 -42.28 84.28 -15.56
CA LEU Z 643 -42.50 83.02 -14.87
C LEU Z 643 -42.27 81.88 -15.84
N VAL Z 644 -41.34 80.99 -15.49
CA VAL Z 644 -41.05 79.80 -16.27
C VAL Z 644 -41.54 78.59 -15.50
N LYS Z 645 -42.40 77.79 -16.13
CA LYS Z 645 -43.04 76.66 -15.46
C LYS Z 645 -42.86 75.40 -16.29
N PRO Z 646 -41.80 74.64 -16.06
CA PRO Z 646 -41.74 73.29 -16.60
C PRO Z 646 -42.59 72.35 -15.77
N THR Z 647 -43.16 71.36 -16.44
CA THR Z 647 -43.95 70.32 -15.78
C THR Z 647 -43.28 68.98 -16.05
N ILE Z 648 -42.69 68.40 -15.02
CA ILE Z 648 -42.11 67.06 -15.10
C ILE Z 648 -42.95 66.06 -14.32
N VAL Z 649 -43.35 66.42 -13.10
CA VAL Z 649 -44.36 65.70 -12.35
C VAL Z 649 -45.30 66.74 -11.75
N ASN Z 650 -46.44 66.28 -11.25
CA ASN Z 650 -47.45 67.20 -10.75
C ASN Z 650 -46.94 67.95 -9.54
N SER Z 651 -46.63 69.23 -9.71
CA SER Z 651 -46.15 70.05 -8.62
C SER Z 651 -46.52 71.51 -8.89
N SER Z 652 -46.61 72.28 -7.82
CA SER Z 652 -46.99 73.68 -7.89
C SER Z 652 -45.80 74.62 -7.92
N GLU Z 653 -44.58 74.09 -8.00
CA GLU Z 653 -43.40 74.94 -7.98
C GLU Z 653 -43.26 75.70 -9.29
N VAL Z 654 -42.59 76.85 -9.22
CA VAL Z 654 -42.38 77.72 -10.37
C VAL Z 654 -40.98 78.30 -10.30
N PHE Z 655 -40.56 78.91 -11.40
CA PHE Z 655 -39.28 79.60 -11.49
C PHE Z 655 -39.52 81.08 -11.76
N LEU Z 656 -39.05 81.92 -10.84
CA LEU Z 656 -39.00 83.35 -11.09
C LEU Z 656 -37.73 83.69 -11.84
N VAL Z 657 -37.77 84.78 -12.60
CA VAL Z 657 -36.58 85.26 -13.29
C VAL Z 657 -36.59 86.77 -13.33
N PHE Z 658 -35.63 87.40 -12.66
CA PHE Z 658 -35.53 88.85 -12.61
C PHE Z 658 -34.45 89.30 -13.57
N GLY Z 659 -34.84 90.07 -14.57
CA GLY Z 659 -33.91 90.59 -15.56
C GLY Z 659 -33.58 92.05 -15.31
N GLY Z 660 -32.35 92.42 -15.64
CA GLY Z 660 -31.92 93.78 -15.49
C GLY Z 660 -31.81 94.21 -14.05
N ARG Z 661 -30.87 93.63 -13.32
CA ARG Z 661 -30.64 94.01 -11.93
C ARG Z 661 -30.25 95.48 -11.87
N GLN Z 662 -31.05 96.27 -11.16
CA GLN Z 662 -30.79 97.70 -11.03
C GLN Z 662 -31.44 98.18 -9.75
N SER Z 663 -31.35 99.48 -9.51
CA SER Z 663 -31.83 100.03 -8.25
C SER Z 663 -33.23 100.61 -8.34
N ASN Z 664 -33.67 101.03 -9.52
CA ASN Z 664 -34.88 101.83 -9.63
C ASN Z 664 -35.93 101.17 -10.50
N GLY Z 665 -36.18 99.87 -10.29
CA GLY Z 665 -37.23 99.19 -11.00
C GLY Z 665 -38.61 99.58 -10.49
N ALA Z 666 -39.63 99.15 -11.23
CA ALA Z 666 -41.01 99.49 -10.91
C ALA Z 666 -41.93 98.29 -11.13
N LEU Z 667 -41.51 97.12 -10.64
CA LEU Z 667 -42.30 95.92 -10.82
C LEU Z 667 -43.59 95.97 -9.99
N ARG Z 668 -44.67 95.47 -10.57
CA ARG Z 668 -45.97 95.45 -9.92
C ARG Z 668 -46.67 94.14 -10.20
N SER Z 669 -47.59 93.78 -9.31
CA SER Z 669 -48.47 92.64 -9.55
C SER Z 669 -49.49 93.01 -10.63
N THR Z 670 -49.62 92.17 -11.64
CA THR Z 670 -50.47 92.47 -12.77
C THR Z 670 -51.26 91.24 -13.19
N THR Z 671 -52.28 91.45 -14.03
CA THR Z 671 -53.22 90.39 -14.35
C THR Z 671 -52.55 89.19 -14.97
N ALA Z 672 -51.39 89.37 -15.62
CA ALA Z 672 -50.66 88.23 -16.14
C ALA Z 672 -50.35 87.24 -15.04
N LEU Z 673 -49.98 87.73 -13.86
CA LEU Z 673 -49.72 86.85 -12.74
C LEU Z 673 -50.98 86.07 -12.36
N GLN Z 674 -52.12 86.75 -12.29
CA GLN Z 674 -53.35 86.07 -11.93
C GLN Z 674 -53.71 85.01 -12.95
N ARG Z 675 -53.51 85.31 -14.23
CA ARG Z 675 -53.77 84.33 -15.25
C ARG Z 675 -52.88 83.11 -15.06
N ALA Z 676 -51.60 83.34 -14.83
CA ALA Z 676 -50.66 82.23 -14.72
C ALA Z 676 -51.04 81.31 -13.57
N LEU Z 677 -51.34 81.87 -12.41
CA LEU Z 677 -51.68 81.05 -11.26
C LEU Z 677 -52.93 80.23 -11.52
N LEU Z 678 -53.95 80.84 -12.11
CA LEU Z 678 -55.18 80.13 -12.41
C LEU Z 678 -54.91 78.94 -13.30
N SER Z 679 -54.13 79.15 -14.36
CA SER Z 679 -53.78 78.05 -15.26
C SER Z 679 -53.01 76.98 -14.52
N LEU Z 680 -52.09 77.37 -13.64
CA LEU Z 680 -51.28 76.40 -12.93
C LEU Z 680 -52.14 75.47 -12.09
N TYR Z 681 -52.98 76.05 -11.23
CA TYR Z 681 -53.79 75.22 -10.35
C TYR Z 681 -54.75 74.36 -11.16
N ALA Z 682 -55.23 74.88 -12.29
CA ALA Z 682 -56.15 74.12 -13.12
C ALA Z 682 -55.49 72.83 -13.58
N ARG Z 683 -54.26 72.90 -14.07
CA ARG Z 683 -53.55 71.69 -14.45
C ARG Z 683 -53.38 70.75 -13.27
N ASN Z 684 -52.99 71.29 -12.12
CA ASN Z 684 -52.74 70.45 -10.96
C ASN Z 684 -54.00 69.69 -10.56
N ALA Z 685 -55.15 70.39 -10.54
CA ALA Z 685 -56.40 69.72 -10.26
C ALA Z 685 -56.70 68.66 -11.30
N ALA Z 686 -56.47 68.99 -12.58
CA ALA Z 686 -56.76 68.03 -13.65
C ALA Z 686 -55.92 66.78 -13.49
N ILE Z 687 -54.63 66.94 -13.21
CA ILE Z 687 -53.77 65.78 -13.04
C ILE Z 687 -54.24 64.94 -11.87
N ASP Z 688 -54.60 65.59 -10.77
CA ASP Z 688 -55.04 64.85 -9.59
C ASP Z 688 -56.26 64.00 -9.90
N ARG Z 689 -57.21 64.53 -10.66
CA ARG Z 689 -58.40 63.76 -11.02
C ARG Z 689 -58.02 62.51 -11.79
N ALA Z 690 -57.06 62.63 -12.71
CA ALA Z 690 -56.67 61.47 -13.50
C ALA Z 690 -56.05 60.39 -12.62
N VAL Z 691 -55.19 60.78 -11.68
CA VAL Z 691 -54.49 59.81 -10.86
C VAL Z 691 -55.45 59.00 -9.99
N THR Z 692 -56.62 59.55 -9.67
CA THR Z 692 -57.53 58.90 -8.73
C THR Z 692 -57.87 57.48 -9.17
N HIS Z 693 -57.87 57.21 -10.46
CA HIS Z 693 -58.22 55.88 -10.94
C HIS Z 693 -57.12 54.85 -10.70
N ILE Z 694 -55.91 55.28 -10.35
CA ILE Z 694 -54.77 54.38 -10.27
C ILE Z 694 -54.62 53.81 -8.87
N PRO Z 695 -54.43 52.51 -8.72
CA PRO Z 695 -54.16 51.94 -7.40
C PRO Z 695 -52.71 52.17 -6.98
N PHE Z 696 -52.50 52.06 -5.67
CA PHE Z 696 -51.16 52.20 -5.12
C PHE Z 696 -50.33 50.94 -5.40
N PHE Z 697 -49.10 50.92 -4.90
CA PHE Z 697 -48.15 49.93 -5.35
C PHE Z 697 -48.37 48.56 -4.71
N GLY Z 698 -48.23 48.46 -3.39
CA GLY Z 698 -48.15 47.16 -2.76
C GLY Z 698 -49.43 46.36 -2.76
N VAL Z 699 -50.57 47.02 -2.99
CA VAL Z 699 -51.86 46.36 -2.82
C VAL Z 699 -52.09 45.36 -3.94
N PRO Z 700 -52.44 44.11 -3.63
CA PRO Z 700 -52.90 43.19 -4.67
C PRO Z 700 -54.26 43.63 -5.20
N ASP Z 701 -54.54 43.28 -6.45
CA ASP Z 701 -55.70 43.81 -7.14
C ASP Z 701 -56.96 43.02 -6.80
N ASP Z 702 -57.45 43.24 -5.58
CA ASP Z 702 -58.85 42.94 -5.31
C ASP Z 702 -59.70 43.98 -6.03
N GLY Z 703 -60.78 43.53 -6.66
CA GLY Z 703 -61.43 44.34 -7.66
C GLY Z 703 -62.14 45.57 -7.14
N THR Z 704 -61.42 46.46 -6.46
CA THR Z 704 -61.98 47.73 -6.02
C THR Z 704 -61.46 48.91 -6.83
N SER Z 705 -60.30 48.81 -7.43
CA SER Z 705 -59.74 49.91 -8.19
C SER Z 705 -60.43 50.04 -9.55
N ASP Z 706 -60.36 51.25 -10.11
CA ASP Z 706 -60.95 51.49 -11.42
C ASP Z 706 -60.10 50.91 -12.53
N LEU Z 707 -58.78 50.98 -12.39
CA LEU Z 707 -57.84 50.63 -13.45
C LEU Z 707 -57.25 49.24 -13.27
N GLY Z 708 -57.93 48.36 -12.55
CA GLY Z 708 -57.38 47.05 -12.28
C GLY Z 708 -57.42 46.13 -13.49
N ILE Z 709 -57.03 44.89 -13.25
CA ILE Z 709 -56.99 43.84 -14.26
C ILE Z 709 -57.89 42.70 -13.82
N ASP Z 710 -58.66 42.17 -14.76
CA ASP Z 710 -59.49 40.99 -14.52
C ASP Z 710 -58.98 39.85 -15.38
N ALA Z 711 -58.92 38.65 -14.79
CA ALA Z 711 -58.37 37.50 -15.47
C ALA Z 711 -59.17 36.26 -15.12
N VAL Z 712 -59.19 35.31 -16.03
CA VAL Z 712 -59.84 34.02 -15.84
C VAL Z 712 -58.92 32.93 -16.33
N ARG Z 713 -58.79 31.86 -15.56
CA ARG Z 713 -57.92 30.75 -15.90
C ARG Z 713 -58.74 29.47 -16.04
N LEU Z 714 -58.46 28.71 -17.09
CA LEU Z 714 -59.15 27.46 -17.35
C LEU Z 714 -58.13 26.41 -17.75
N PHE Z 715 -58.39 25.16 -17.36
CA PHE Z 715 -57.49 24.04 -17.66
C PHE Z 715 -58.19 23.14 -18.68
N ASP Z 716 -57.52 22.93 -19.81
CA ASP Z 716 -58.04 22.13 -20.91
C ASP Z 716 -59.49 22.49 -21.24
N PRO Z 717 -59.80 23.75 -21.48
CA PRO Z 717 -61.19 24.13 -21.73
C PRO Z 717 -61.70 23.55 -23.04
N MET Z 718 -63.00 23.28 -23.07
CA MET Z 718 -63.68 22.77 -24.24
C MET Z 718 -64.83 23.73 -24.57
N PHE Z 719 -64.51 24.78 -25.31
CA PHE Z 719 -65.54 25.74 -25.67
C PHE Z 719 -66.48 25.14 -26.70
N SER Z 720 -67.76 25.48 -26.59
CA SER Z 720 -68.77 25.00 -27.51
C SER Z 720 -70.00 25.88 -27.37
N ASP Z 721 -70.89 25.78 -28.35
CA ASP Z 721 -72.16 26.49 -28.30
C ASP Z 721 -73.19 25.79 -27.44
N ALA Z 722 -72.81 24.73 -26.75
CA ALA Z 722 -73.73 24.03 -25.86
C ALA Z 722 -74.11 24.93 -24.69
N VAL Z 723 -75.35 24.78 -24.23
CA VAL Z 723 -75.85 25.60 -23.14
C VAL Z 723 -75.11 25.25 -21.86
N ALA Z 724 -74.93 26.25 -21.00
CA ALA Z 724 -74.32 26.10 -19.68
C ALA Z 724 -72.89 25.59 -19.75
N ASN Z 725 -72.25 25.70 -20.91
CA ASN Z 725 -70.84 25.34 -21.02
C ASN Z 725 -70.03 26.33 -20.20
N LEU Z 726 -69.52 25.89 -19.05
CA LEU Z 726 -68.85 26.79 -18.13
C LEU Z 726 -67.72 27.59 -18.76
N PRO Z 727 -66.80 27.00 -19.56
CA PRO Z 727 -65.78 27.84 -20.19
C PRO Z 727 -66.38 28.94 -21.05
N SER Z 728 -67.44 28.65 -21.79
CA SER Z 728 -68.08 29.67 -22.59
C SER Z 728 -68.69 30.76 -21.72
N ASN Z 729 -69.36 30.36 -20.64
CA ASN Z 729 -69.98 31.34 -19.76
C ASN Z 729 -68.93 32.25 -19.13
N ALA Z 730 -67.86 31.67 -18.61
CA ALA Z 730 -66.82 32.48 -18.00
C ALA Z 730 -66.19 33.41 -19.04
N LEU Z 731 -65.95 32.88 -20.24
CA LEU Z 731 -65.37 33.70 -21.29
C LEU Z 731 -66.24 34.92 -21.58
N ALA Z 732 -67.53 34.71 -21.79
CA ALA Z 732 -68.41 35.83 -22.09
C ALA Z 732 -68.45 36.82 -20.94
N SER Z 733 -68.45 36.31 -19.71
CA SER Z 733 -68.52 37.19 -18.54
C SER Z 733 -67.30 38.10 -18.48
N LEU Z 734 -66.10 37.53 -18.62
CA LEU Z 734 -64.90 38.33 -18.52
C LEU Z 734 -64.84 39.37 -19.63
N VAL Z 735 -65.20 38.97 -20.85
CA VAL Z 735 -65.19 39.91 -21.96
C VAL Z 735 -66.06 41.10 -21.66
N SER Z 736 -67.25 40.85 -21.11
CA SER Z 736 -68.18 41.94 -20.83
C SER Z 736 -67.60 42.97 -19.88
N ARG Z 737 -66.60 42.60 -19.09
CA ARG Z 737 -65.98 43.50 -18.15
C ARG Z 737 -64.80 44.27 -18.74
N VAL Z 738 -64.43 44.01 -19.98
CA VAL Z 738 -63.20 44.57 -20.54
C VAL Z 738 -63.40 45.23 -21.90
N VAL Z 739 -64.51 44.98 -22.58
CA VAL Z 739 -64.68 45.17 -24.03
C VAL Z 739 -63.93 46.38 -24.61
N PRO Z 740 -64.08 47.60 -24.08
CA PRO Z 740 -63.39 48.74 -24.72
C PRO Z 740 -61.89 48.56 -24.80
N SER Z 741 -61.29 47.81 -23.88
CA SER Z 741 -59.85 47.59 -23.90
C SER Z 741 -59.52 46.33 -24.69
N SER Z 742 -58.22 46.06 -24.84
CA SER Z 742 -57.78 44.86 -25.53
C SER Z 742 -57.96 43.63 -24.67
N ILE Z 743 -58.06 42.48 -25.31
CA ILE Z 743 -58.27 41.20 -24.63
C ILE Z 743 -57.08 40.31 -24.95
N MET Z 744 -56.41 39.82 -23.92
CA MET Z 744 -55.22 39.01 -24.07
C MET Z 744 -55.54 37.54 -23.82
N PHE Z 745 -54.70 36.68 -24.39
CA PHE Z 745 -54.95 35.25 -24.36
C PHE Z 745 -53.64 34.49 -24.37
N THR Z 746 -53.55 33.46 -23.53
CA THR Z 746 -52.33 32.67 -23.41
C THR Z 746 -52.67 31.20 -23.19
N ARG Z 747 -51.80 30.32 -23.68
CA ARG Z 747 -51.87 28.89 -23.40
C ARG Z 747 -50.49 28.43 -22.97
N VAL Z 748 -50.38 27.94 -21.75
CA VAL Z 748 -49.11 27.50 -21.19
C VAL Z 748 -49.22 26.01 -20.88
N PRO Z 749 -48.36 25.17 -21.44
CA PRO Z 749 -48.43 23.72 -21.18
C PRO Z 749 -47.72 23.37 -19.88
N SER Z 750 -48.44 22.77 -18.94
CA SER Z 750 -47.83 22.21 -17.76
C SER Z 750 -47.30 20.82 -18.10
N ASN Z 751 -46.79 20.10 -17.10
CA ASN Z 751 -46.37 18.73 -17.35
C ASN Z 751 -47.56 17.84 -17.67
N GLY Z 752 -48.75 18.20 -17.21
CA GLY Z 752 -49.95 17.47 -17.53
C GLY Z 752 -50.86 18.26 -18.44
N PRO Z 753 -51.89 18.86 -17.86
CA PRO Z 753 -52.82 19.66 -18.67
C PRO Z 753 -52.18 20.96 -19.13
N VAL Z 754 -52.91 21.68 -19.96
CA VAL Z 754 -52.50 23.00 -20.43
C VAL Z 754 -53.39 24.03 -19.76
N SER Z 755 -52.77 25.06 -19.19
CA SER Z 755 -53.48 26.12 -18.51
C SER Z 755 -53.68 27.29 -19.45
N THR Z 756 -54.92 27.71 -19.61
CA THR Z 756 -55.28 28.84 -20.45
C THR Z 756 -55.70 30.01 -19.59
N THR Z 757 -55.29 31.21 -19.96
CA THR Z 757 -55.63 32.41 -19.21
C THR Z 757 -56.07 33.50 -20.16
N ILE Z 758 -57.16 34.16 -19.82
CA ILE Z 758 -57.72 35.26 -20.59
C ILE Z 758 -57.87 36.45 -19.66
N TYR Z 759 -57.39 37.61 -20.10
CA TYR Z 759 -57.37 38.76 -19.20
C TYR Z 759 -57.32 40.05 -19.99
N GLY Z 760 -57.66 41.13 -19.30
CA GLY Z 760 -57.63 42.47 -19.87
C GLY Z 760 -57.83 43.49 -18.77
N LYS Z 761 -57.58 44.75 -19.13
CA LYS Z 761 -57.69 45.84 -18.17
C LYS Z 761 -59.14 46.28 -18.04
N ARG Z 762 -59.60 46.51 -16.82
CA ARG Z 762 -60.90 47.11 -16.59
C ARG Z 762 -60.76 48.60 -16.41
N THR Z 763 -61.70 49.35 -16.97
CA THR Z 763 -61.68 50.80 -16.93
C THR Z 763 -63.09 51.30 -16.63
N PHE Z 764 -63.17 52.58 -16.24
CA PHE Z 764 -64.48 53.17 -16.02
C PHE Z 764 -65.30 53.18 -17.30
N LEU Z 765 -64.63 53.25 -18.46
CA LEU Z 765 -65.34 53.12 -19.72
C LEU Z 765 -66.03 51.76 -19.81
N SER Z 766 -65.30 50.70 -19.46
CA SER Z 766 -65.90 49.38 -19.48
C SER Z 766 -67.09 49.30 -18.54
N ASN Z 767 -67.00 49.98 -17.39
CA ASN Z 767 -68.13 50.02 -16.47
C ASN Z 767 -69.35 50.66 -17.12
N ARG Z 768 -69.14 51.76 -17.82
CA ARG Z 768 -70.26 52.41 -18.51
C ARG Z 768 -70.87 51.49 -19.54
N ARG Z 769 -70.03 50.82 -20.33
CA ARG Z 769 -70.54 49.89 -21.33
C ARG Z 769 -71.31 48.76 -20.66
N ARG Z 770 -70.73 48.19 -19.60
CA ARG Z 770 -71.41 47.10 -18.91
C ARG Z 770 -72.74 47.54 -18.33
N ALA Z 771 -72.83 48.81 -17.90
CA ALA Z 771 -74.10 49.32 -17.41
C ALA Z 771 -75.14 49.37 -18.51
N ARG Z 772 -74.72 49.59 -19.75
CA ARG Z 772 -75.67 49.64 -20.86
C ARG Z 772 -76.28 48.28 -21.17
N LEU Z 773 -75.58 47.20 -20.86
CA LEU Z 773 -76.07 45.87 -21.18
C LEU Z 773 -77.30 45.52 -20.36
N ARG Z 774 -78.18 44.73 -20.97
CA ARG Z 774 -79.24 44.05 -20.23
C ARG Z 774 -78.98 42.56 -20.10
N ASP Z 775 -78.20 41.97 -21.02
CA ASP Z 775 -77.79 40.58 -20.96
C ASP Z 775 -76.41 40.48 -21.58
N VAL Z 776 -75.69 39.43 -21.19
CA VAL Z 776 -74.31 39.23 -21.62
C VAL Z 776 -74.32 38.40 -22.90
N PRO Z 777 -73.77 38.90 -24.00
CA PRO Z 777 -73.75 38.12 -25.23
C PRO Z 777 -72.69 37.03 -25.21
N MET Z 778 -72.99 35.94 -25.90
CA MET Z 778 -72.06 34.84 -26.05
C MET Z 778 -71.15 35.08 -27.25
N LEU Z 779 -69.93 34.59 -27.15
CA LEU Z 779 -68.93 34.81 -28.19
C LEU Z 779 -68.94 33.68 -29.21
N ILE Z 780 -68.33 33.96 -30.36
CA ILE Z 780 -68.08 32.93 -31.35
C ILE Z 780 -66.79 32.21 -30.99
N THR Z 781 -66.86 30.89 -30.86
CA THR Z 781 -65.76 30.13 -30.29
C THR Z 781 -64.74 29.66 -31.31
N THR Z 782 -64.99 29.85 -32.61
CA THR Z 782 -64.11 29.28 -33.61
C THR Z 782 -62.70 29.81 -33.48
N THR Z 783 -62.55 31.11 -33.27
CA THR Z 783 -61.23 31.71 -33.18
C THR Z 783 -60.43 31.10 -32.04
N LEU Z 784 -61.07 30.88 -30.89
CA LEU Z 784 -60.35 30.35 -29.74
C LEU Z 784 -60.09 28.86 -29.89
N VAL Z 785 -61.14 28.08 -30.18
CA VAL Z 785 -60.99 26.63 -30.28
C VAL Z 785 -59.98 26.26 -31.35
N HIS Z 786 -59.75 27.15 -32.32
CA HIS Z 786 -58.76 26.90 -33.34
C HIS Z 786 -57.34 27.07 -32.83
N GLN Z 787 -57.15 27.78 -31.72
CA GLN Z 787 -55.82 28.06 -31.20
C GLN Z 787 -55.29 26.83 -30.49
N ARG Z 788 -54.28 26.19 -31.07
CA ARG Z 788 -53.64 25.04 -30.47
C ARG Z 788 -52.15 25.22 -30.32
N ARG Z 789 -51.65 26.45 -30.45
CA ARG Z 789 -50.25 26.73 -30.18
C ARG Z 789 -50.01 26.79 -28.68
N PHE Z 790 -48.78 27.13 -28.32
CA PHE Z 790 -48.43 27.49 -26.95
C PHE Z 790 -47.83 28.88 -26.96
N THR Z 791 -47.95 29.57 -25.83
CA THR Z 791 -47.58 30.96 -25.73
C THR Z 791 -46.71 31.18 -24.50
N THR Z 792 -46.09 32.36 -24.45
CA THR Z 792 -45.42 32.81 -23.26
C THR Z 792 -46.46 33.11 -22.17
N PRO Z 793 -46.07 33.04 -20.90
CA PRO Z 793 -47.02 33.26 -19.82
C PRO Z 793 -47.49 34.69 -19.77
N PRO Z 794 -48.61 34.96 -19.11
CA PRO Z 794 -49.14 36.33 -19.04
C PRO Z 794 -48.16 37.27 -18.35
N THR Z 795 -48.48 38.56 -18.41
CA THR Z 795 -47.62 39.61 -17.89
C THR Z 795 -48.26 40.41 -16.75
N PHE Z 796 -49.51 40.83 -16.91
CA PHE Z 796 -50.25 41.55 -15.87
C PHE Z 796 -49.55 42.85 -15.49
N THR Z 797 -49.42 43.73 -16.47
CA THR Z 797 -48.88 45.06 -16.24
C THR Z 797 -49.89 46.10 -16.67
N LEU Z 798 -49.95 47.21 -15.93
CA LEU Z 798 -51.00 48.19 -16.15
C LEU Z 798 -50.72 49.06 -17.38
N PHE Z 799 -49.52 49.63 -17.45
CA PHE Z 799 -49.19 50.56 -18.51
C PHE Z 799 -48.30 49.90 -19.54
N SER Z 800 -48.58 50.20 -20.81
CA SER Z 800 -47.81 49.64 -21.90
C SER Z 800 -46.39 50.19 -21.89
N SER Z 801 -45.58 49.71 -22.82
CA SER Z 801 -44.17 50.07 -22.88
C SER Z 801 -43.88 51.27 -23.77
N GLU Z 802 -44.86 51.73 -24.55
CA GLU Z 802 -44.61 52.77 -25.54
C GLU Z 802 -45.69 53.83 -25.48
N ALA Z 803 -45.27 55.09 -25.49
CA ALA Z 803 -46.21 56.21 -25.43
C ALA Z 803 -47.09 56.24 -26.67
N VAL Z 804 -48.32 56.67 -26.48
CA VAL Z 804 -49.33 56.69 -27.53
C VAL Z 804 -49.02 57.78 -28.54
N PRO Z 805 -49.45 57.66 -29.79
CA PRO Z 805 -49.24 58.73 -30.77
C PRO Z 805 -50.17 59.90 -30.54
N VAL Z 806 -49.86 61.00 -31.21
CA VAL Z 806 -50.56 62.26 -30.99
C VAL Z 806 -52.04 62.11 -31.30
N THR Z 807 -52.36 61.45 -32.41
CA THR Z 807 -53.75 61.33 -32.84
C THR Z 807 -54.62 60.77 -31.74
N THR Z 808 -54.12 59.79 -31.00
CA THR Z 808 -54.89 59.21 -29.92
C THR Z 808 -55.23 60.24 -28.87
N LEU Z 809 -54.29 61.14 -28.57
CA LEU Z 809 -54.55 62.19 -27.59
C LEU Z 809 -55.74 63.03 -28.02
N VAL Z 810 -55.78 63.42 -29.29
CA VAL Z 810 -56.89 64.22 -29.79
C VAL Z 810 -58.20 63.45 -29.66
N ALA Z 811 -58.18 62.17 -30.02
CA ALA Z 811 -59.39 61.37 -29.91
C ALA Z 811 -59.88 61.32 -28.48
N ALA Z 812 -58.97 61.10 -27.53
CA ALA Z 812 -59.36 61.04 -26.13
C ALA Z 812 -59.95 62.37 -25.67
N GLY Z 813 -59.32 63.48 -26.06
CA GLY Z 813 -59.83 64.78 -25.66
C GLY Z 813 -61.26 64.99 -26.12
N TYR Z 814 -61.54 64.65 -27.38
CA TYR Z 814 -62.89 64.80 -27.89
C TYR Z 814 -63.84 63.84 -27.21
N ASN Z 815 -63.37 62.63 -26.89
CA ASN Z 815 -64.19 61.71 -26.10
C ASN Z 815 -64.55 62.33 -24.77
N SER Z 816 -63.58 62.96 -24.11
CA SER Z 816 -63.85 63.65 -22.86
C SER Z 816 -64.89 64.74 -23.07
N PHE Z 817 -64.76 65.50 -24.15
CA PHE Z 817 -65.71 66.57 -24.43
C PHE Z 817 -67.11 66.01 -24.61
N ILE Z 818 -67.23 64.98 -25.46
CA ILE Z 818 -68.55 64.40 -25.74
C ILE Z 818 -69.12 63.79 -24.47
N SER Z 819 -68.30 63.05 -23.72
CA SER Z 819 -68.77 62.42 -22.50
C SER Z 819 -69.37 63.45 -21.56
N GLU Z 820 -68.74 64.62 -21.46
CA GLU Z 820 -69.29 65.67 -20.63
C GLU Z 820 -70.57 66.25 -21.24
N GLN Z 821 -70.55 66.51 -22.55
CA GLN Z 821 -71.68 67.17 -23.19
C GLN Z 821 -72.95 66.36 -23.06
N THR Z 822 -72.84 65.04 -23.22
CA THR Z 822 -74.01 64.18 -23.20
C THR Z 822 -74.65 64.06 -21.82
N ARG Z 823 -74.15 64.78 -20.83
CA ARG Z 823 -74.76 64.77 -19.51
C ARG Z 823 -75.87 65.79 -19.34
N ASN Z 824 -76.18 66.55 -20.38
CA ASN Z 824 -77.24 67.53 -20.28
C ASN Z 824 -78.57 66.84 -20.02
N PRO Z 825 -79.29 67.18 -18.96
CA PRO Z 825 -80.53 66.47 -18.64
C PRO Z 825 -81.65 66.72 -19.64
N ASN Z 826 -81.53 67.74 -20.49
CA ASN Z 826 -82.58 68.10 -21.43
C ASN Z 826 -82.43 67.42 -22.77
N LEU Z 827 -81.78 66.26 -22.81
CA LEU Z 827 -81.64 65.50 -24.04
C LEU Z 827 -82.42 64.20 -23.92
N ALA Z 828 -83.29 63.94 -24.90
CA ALA Z 828 -84.12 62.75 -24.88
C ALA Z 828 -83.69 61.70 -25.88
N HIS Z 829 -82.91 62.07 -26.89
CA HIS Z 829 -82.53 61.13 -27.94
C HIS Z 829 -81.21 61.61 -28.53
N LEU Z 830 -80.61 60.77 -29.36
CA LEU Z 830 -79.38 61.15 -30.02
C LEU Z 830 -79.18 60.31 -31.27
N LEU Z 831 -78.75 60.96 -32.34
CA LEU Z 831 -78.38 60.30 -33.58
C LEU Z 831 -76.88 60.45 -33.81
N ASP Z 832 -76.20 59.35 -34.04
CA ASP Z 832 -74.78 59.36 -34.32
C ASP Z 832 -74.53 58.90 -35.74
N LEU Z 833 -73.70 59.65 -36.46
CA LEU Z 833 -73.41 59.37 -37.86
C LEU Z 833 -71.99 58.87 -37.99
N GLY Z 834 -71.80 57.84 -38.82
CA GLY Z 834 -70.48 57.27 -39.02
C GLY Z 834 -69.94 56.65 -37.75
N THR Z 835 -70.78 55.86 -37.07
CA THR Z 835 -70.39 55.29 -35.79
C THR Z 835 -69.18 54.39 -35.91
N GLY Z 836 -69.09 53.62 -36.99
CA GLY Z 836 -68.16 52.54 -37.06
C GLY Z 836 -68.82 51.29 -36.52
N PRO Z 837 -68.44 50.12 -37.03
CA PRO Z 837 -69.12 48.89 -36.59
C PRO Z 837 -69.02 48.67 -35.10
N GLU Z 838 -67.88 49.03 -34.51
CA GLU Z 838 -67.73 49.02 -33.06
C GLU Z 838 -68.37 50.27 -32.50
N CYS Z 839 -69.45 50.09 -31.74
CA CYS Z 839 -70.24 51.23 -31.25
C CYS Z 839 -69.59 51.77 -29.98
N ARG Z 840 -68.43 52.39 -30.18
CA ARG Z 840 -67.64 52.90 -29.05
C ARG Z 840 -68.38 53.98 -28.28
N ILE Z 841 -69.29 54.71 -28.95
CA ILE Z 841 -70.00 55.79 -28.31
C ILE Z 841 -70.77 55.28 -27.09
N LEU Z 842 -71.17 54.01 -27.13
CA LEU Z 842 -71.90 53.43 -26.00
C LEU Z 842 -71.11 53.52 -24.71
N SER Z 843 -69.78 53.58 -24.80
CA SER Z 843 -68.96 53.67 -23.61
C SER Z 843 -68.90 55.08 -23.03
N LEU Z 844 -69.34 56.09 -23.77
CA LEU Z 844 -69.21 57.47 -23.33
C LEU Z 844 -70.50 58.05 -22.77
N ILE Z 845 -71.64 57.48 -23.11
CA ILE Z 845 -72.93 58.12 -22.87
C ILE Z 845 -73.56 57.50 -21.62
N PRO Z 846 -74.22 58.30 -20.79
CA PRO Z 846 -74.96 57.74 -19.66
C PRO Z 846 -75.99 56.74 -20.15
N PRO Z 847 -76.20 55.64 -19.42
CA PRO Z 847 -77.02 54.54 -19.94
C PRO Z 847 -78.48 54.91 -20.11
N THR Z 848 -78.94 56.02 -19.55
CA THR Z 848 -80.35 56.37 -19.60
C THR Z 848 -80.74 57.07 -20.90
N LEU Z 849 -79.78 57.40 -21.76
CA LEU Z 849 -80.07 58.19 -22.95
C LEU Z 849 -80.34 57.27 -24.14
N GLN Z 850 -81.42 57.54 -24.86
CA GLN Z 850 -81.69 56.83 -26.10
C GLN Z 850 -80.68 57.22 -27.16
N VAL Z 851 -80.17 56.23 -27.88
CA VAL Z 851 -79.12 56.44 -28.87
C VAL Z 851 -79.49 55.69 -30.14
N THR Z 852 -79.28 56.35 -31.28
CA THR Z 852 -79.33 55.71 -32.59
C THR Z 852 -77.98 55.91 -33.26
N MET Z 853 -77.41 54.82 -33.76
CA MET Z 853 -76.09 54.85 -34.37
C MET Z 853 -76.18 54.26 -35.76
N SER Z 854 -75.25 54.67 -36.63
CA SER Z 854 -75.38 54.35 -38.04
C SER Z 854 -74.01 54.18 -38.68
N ASP Z 855 -73.99 53.37 -39.74
CA ASP Z 855 -72.83 53.20 -40.60
C ASP Z 855 -73.25 52.34 -41.78
N ALA Z 856 -72.43 52.38 -42.83
CA ALA Z 856 -72.70 51.53 -44.00
C ALA Z 856 -72.44 50.06 -43.71
N ARG Z 857 -71.63 49.76 -42.72
CA ARG Z 857 -71.26 48.40 -42.37
C ARG Z 857 -72.14 47.87 -41.25
N PRO Z 858 -72.30 46.55 -41.16
CA PRO Z 858 -73.06 45.99 -40.05
C PRO Z 858 -72.36 46.26 -38.72
N CYS Z 859 -73.16 46.37 -37.67
CA CYS Z 859 -72.59 46.53 -36.34
C CYS Z 859 -71.82 45.28 -35.94
N ALA Z 860 -70.85 45.47 -35.07
CA ALA Z 860 -70.03 44.37 -34.58
C ALA Z 860 -70.56 43.76 -33.29
N GLU Z 861 -71.71 44.22 -32.80
CA GLU Z 861 -72.19 43.82 -31.48
C GLU Z 861 -73.60 43.27 -31.58
N LEU Z 862 -73.88 42.28 -30.75
CA LEU Z 862 -75.19 41.63 -30.70
C LEU Z 862 -76.20 42.62 -30.13
N MET Z 863 -77.05 43.17 -31.01
CA MET Z 863 -78.02 44.15 -30.57
C MET Z 863 -79.04 43.58 -29.62
N ALA Z 864 -79.23 42.26 -29.60
CA ALA Z 864 -80.18 41.66 -28.68
C ALA Z 864 -79.77 41.81 -27.23
N SER Z 865 -78.52 42.19 -26.95
CA SER Z 865 -78.04 42.34 -25.59
C SER Z 865 -78.48 43.64 -24.93
N PHE Z 866 -79.04 44.57 -25.68
CA PHE Z 866 -79.46 45.84 -25.14
C PHE Z 866 -80.98 45.97 -25.14
N ASP Z 867 -81.45 46.99 -24.45
CA ASP Z 867 -82.85 47.36 -24.54
C ASP Z 867 -83.09 48.04 -25.87
N PRO Z 868 -83.96 47.50 -26.73
CA PRO Z 868 -84.18 48.14 -28.04
C PRO Z 868 -84.73 49.54 -27.94
N ALA Z 869 -85.45 49.87 -26.86
CA ALA Z 869 -85.96 51.23 -26.72
C ALA Z 869 -84.83 52.22 -26.48
N LEU Z 870 -83.72 51.76 -25.89
CA LEU Z 870 -82.63 52.65 -25.54
C LEU Z 870 -81.54 52.73 -26.60
N THR Z 871 -81.36 51.69 -27.40
CA THR Z 871 -80.31 51.65 -28.40
C THR Z 871 -80.89 51.18 -29.72
N ALA Z 872 -80.33 51.71 -30.81
CA ALA Z 872 -80.74 51.31 -32.15
C ALA Z 872 -79.59 51.52 -33.10
N TYR Z 873 -79.43 50.61 -34.05
CA TYR Z 873 -78.38 50.67 -35.05
C TYR Z 873 -79.01 50.63 -36.43
N VAL Z 874 -78.70 51.61 -37.26
CA VAL Z 874 -79.26 51.71 -38.60
C VAL Z 874 -78.12 51.61 -39.60
N GLN Z 875 -78.15 50.58 -40.42
CA GLN Z 875 -77.13 50.39 -41.44
C GLN Z 875 -77.51 51.19 -42.68
N GLY Z 876 -76.64 52.07 -43.11
CA GLY Z 876 -76.91 52.90 -44.27
C GLY Z 876 -75.84 53.93 -44.46
N ASP Z 877 -76.03 54.75 -45.49
CA ASP Z 877 -75.10 55.82 -45.83
C ASP Z 877 -75.81 57.15 -45.64
N TYR Z 878 -75.39 57.90 -44.62
CA TYR Z 878 -76.00 59.20 -44.36
C TYR Z 878 -75.56 60.26 -45.36
N SER Z 879 -74.77 59.91 -46.36
CA SER Z 879 -74.52 60.86 -47.44
C SER Z 879 -75.72 60.97 -48.36
N THR Z 880 -76.52 59.92 -48.45
CA THR Z 880 -77.64 59.88 -49.37
C THR Z 880 -78.89 60.48 -48.74
N ALA Z 881 -79.74 61.06 -49.58
CA ALA Z 881 -81.02 61.57 -49.11
C ALA Z 881 -81.95 60.44 -48.70
N ALA Z 882 -81.86 59.29 -49.36
CA ALA Z 882 -82.69 58.15 -49.00
C ALA Z 882 -82.44 57.68 -47.58
N PHE Z 883 -81.30 58.04 -47.01
CA PHE Z 883 -81.01 57.67 -45.63
C PHE Z 883 -82.05 58.21 -44.67
N TRP Z 884 -82.57 59.41 -44.95
CA TRP Z 884 -83.53 60.05 -44.07
C TRP Z 884 -84.94 59.63 -44.45
N ASN Z 885 -85.40 58.56 -43.81
CA ASN Z 885 -86.79 58.14 -43.92
C ASN Z 885 -87.18 57.55 -42.57
N GLY Z 886 -88.05 58.24 -41.85
CA GLY Z 886 -88.40 57.83 -40.51
C GLY Z 886 -87.38 58.18 -39.46
N ILE Z 887 -86.34 58.93 -39.81
CA ILE Z 887 -85.29 59.27 -38.86
C ILE Z 887 -85.77 60.42 -37.98
N ARG Z 888 -85.92 60.16 -36.69
CA ARG Z 888 -86.36 61.16 -35.73
C ARG Z 888 -85.36 61.23 -34.59
N CYS Z 889 -85.04 62.46 -34.17
CA CYS Z 889 -84.18 62.69 -33.02
C CYS Z 889 -84.30 64.15 -32.63
N ASP Z 890 -83.69 64.51 -31.50
CA ASP Z 890 -83.61 65.89 -31.07
C ASP Z 890 -82.20 66.45 -31.14
N SER Z 891 -81.20 65.60 -31.37
CA SER Z 891 -79.81 66.03 -31.39
C SER Z 891 -79.01 65.01 -32.18
N ALA Z 892 -77.84 65.43 -32.65
CA ALA Z 892 -77.02 64.58 -33.50
C ALA Z 892 -75.56 64.97 -33.34
N THR Z 893 -74.69 64.11 -33.85
CA THR Z 893 -73.26 64.39 -33.83
C THR Z 893 -72.57 63.58 -34.92
N ALA Z 894 -71.39 64.05 -35.31
CA ALA Z 894 -70.58 63.39 -36.33
C ALA Z 894 -69.13 63.78 -36.08
N ILE Z 895 -68.32 62.82 -35.63
CA ILE Z 895 -66.95 63.08 -35.22
C ILE Z 895 -66.03 62.20 -36.03
N PHE Z 896 -64.97 62.80 -36.60
CA PHE Z 896 -63.98 62.09 -37.39
C PHE Z 896 -64.61 61.37 -38.57
N THR Z 897 -65.72 61.90 -39.09
CA THR Z 897 -66.42 61.23 -40.17
C THR Z 897 -66.69 62.18 -41.33
N LEU Z 898 -66.90 63.46 -41.01
CA LEU Z 898 -67.38 64.41 -42.02
C LEU Z 898 -66.41 64.52 -43.18
N GLY Z 899 -65.13 64.77 -42.89
CA GLY Z 899 -64.15 64.93 -43.95
C GLY Z 899 -64.02 63.69 -44.81
N ALA Z 900 -64.01 62.52 -44.17
CA ALA Z 900 -63.93 61.27 -44.93
C ALA Z 900 -65.14 61.11 -45.84
N ALA Z 901 -66.33 61.34 -45.30
CA ALA Z 901 -67.54 61.19 -46.10
C ALA Z 901 -67.54 62.17 -47.26
N ALA Z 902 -67.13 63.41 -47.02
CA ALA Z 902 -67.05 64.39 -48.09
C ALA Z 902 -66.06 63.95 -49.16
N ALA Z 903 -64.89 63.43 -48.73
CA ALA Z 903 -63.92 62.94 -49.70
C ALA Z 903 -64.50 61.78 -50.50
N ALA Z 904 -65.20 60.87 -49.84
CA ALA Z 904 -65.85 59.78 -50.55
C ALA Z 904 -66.90 60.32 -51.52
N ALA Z 905 -67.64 61.34 -51.10
CA ALA Z 905 -68.60 61.99 -51.98
C ALA Z 905 -67.93 62.83 -53.06
N GLY Z 906 -66.62 63.02 -52.98
CA GLY Z 906 -65.92 63.79 -53.99
C GLY Z 906 -66.37 65.23 -54.03
N THR Z 907 -66.45 65.87 -52.86
CA THR Z 907 -66.94 67.23 -52.77
C THR Z 907 -66.20 67.96 -51.67
N ASP Z 908 -66.30 69.29 -51.71
CA ASP Z 908 -65.76 70.12 -50.64
C ASP Z 908 -66.64 70.03 -49.41
N LEU Z 909 -66.13 70.59 -48.31
CA LEU Z 909 -66.90 70.59 -47.07
C LEU Z 909 -68.17 71.41 -47.18
N ILE Z 910 -68.06 72.62 -47.76
CA ILE Z 910 -69.17 73.57 -47.71
C ILE Z 910 -70.39 72.98 -48.40
N ALA Z 911 -70.21 72.43 -49.61
CA ALA Z 911 -71.32 71.81 -50.30
C ALA Z 911 -71.87 70.63 -49.51
N PHE Z 912 -70.98 69.85 -48.92
CA PHE Z 912 -71.41 68.64 -48.21
C PHE Z 912 -72.31 68.99 -47.04
N VAL Z 913 -71.91 69.95 -46.21
CA VAL Z 913 -72.71 70.31 -45.05
C VAL Z 913 -74.01 70.98 -45.46
N GLN Z 914 -73.98 71.74 -46.55
CA GLN Z 914 -75.15 72.52 -46.92
C GLN Z 914 -76.35 71.63 -47.24
N GLN Z 915 -76.11 70.44 -47.78
CA GLN Z 915 -77.18 69.50 -48.03
C GLN Z 915 -77.38 68.52 -46.88
N LEU Z 916 -76.58 68.63 -45.82
CA LEU Z 916 -76.67 67.71 -44.70
C LEU Z 916 -77.50 68.29 -43.56
N ILE Z 917 -77.10 69.46 -43.07
CA ILE Z 917 -77.73 70.11 -41.93
C ILE Z 917 -79.24 70.23 -42.10
N PRO Z 918 -79.75 70.65 -43.26
CA PRO Z 918 -81.22 70.72 -43.40
C PRO Z 918 -81.91 69.39 -43.11
N ARG Z 919 -81.31 68.28 -43.50
CA ARG Z 919 -81.91 66.98 -43.21
C ARG Z 919 -81.98 66.75 -41.70
N ILE Z 920 -80.92 67.11 -40.98
CA ILE Z 920 -80.94 66.98 -39.52
C ILE Z 920 -82.06 67.83 -38.93
N VAL Z 921 -82.19 69.06 -39.41
CA VAL Z 921 -83.27 69.91 -38.97
C VAL Z 921 -84.61 69.27 -39.31
N ALA Z 922 -84.71 68.71 -40.52
CA ALA Z 922 -85.93 68.02 -40.90
C ALA Z 922 -86.24 66.84 -40.00
N ALA Z 923 -85.20 66.20 -39.47
CA ALA Z 923 -85.38 65.06 -38.58
C ALA Z 923 -85.80 65.46 -37.17
N GLY Z 924 -86.08 66.74 -36.94
CA GLY Z 924 -86.45 67.21 -35.64
C GLY Z 924 -85.28 67.53 -34.72
N GLY Z 925 -84.04 67.36 -35.18
CA GLY Z 925 -82.90 67.68 -34.35
C GLY Z 925 -82.80 69.17 -34.09
N THR Z 926 -82.21 69.50 -32.95
CA THR Z 926 -82.08 70.89 -32.52
C THR Z 926 -80.64 71.35 -32.39
N ARG Z 927 -79.77 70.54 -31.81
CA ARG Z 927 -78.38 70.91 -31.61
C ARG Z 927 -77.49 69.77 -32.06
N MET Z 928 -76.28 70.12 -32.48
CA MET Z 928 -75.34 69.10 -32.94
C MET Z 928 -73.92 69.56 -32.71
N TRP Z 929 -73.03 68.59 -32.57
CA TRP Z 929 -71.59 68.83 -32.51
C TRP Z 929 -70.96 68.17 -33.72
N LEU Z 930 -70.21 68.95 -34.49
CA LEU Z 930 -69.65 68.49 -35.74
C LEU Z 930 -68.16 68.74 -35.78
N GLN Z 931 -67.40 67.72 -36.16
CA GLN Z 931 -65.93 67.80 -36.16
C GLN Z 931 -65.48 68.20 -37.57
N LEU Z 932 -65.44 69.51 -37.79
CA LEU Z 932 -64.92 70.05 -39.03
C LEU Z 932 -63.42 70.25 -38.93
N ASN Z 933 -62.71 69.92 -40.01
CA ASN Z 933 -61.28 70.15 -40.07
C ASN Z 933 -61.04 71.48 -40.78
N THR Z 934 -60.43 72.42 -40.06
CA THR Z 934 -60.21 73.75 -40.57
C THR Z 934 -59.22 74.49 -39.69
N PRO Z 935 -58.37 75.34 -40.26
CA PRO Z 935 -57.42 76.12 -39.44
C PRO Z 935 -58.11 77.29 -38.77
N LEU Z 936 -58.33 77.16 -37.45
CA LEU Z 936 -58.94 78.24 -36.71
C LEU Z 936 -57.95 79.35 -36.39
N TYR Z 937 -56.74 78.98 -35.97
CA TYR Z 937 -55.79 79.97 -35.48
C TYR Z 937 -54.88 80.48 -36.59
N GLU Z 938 -54.29 79.58 -37.37
CA GLU Z 938 -53.53 79.97 -38.54
C GLU Z 938 -53.32 78.76 -39.43
N VAL Z 939 -52.94 79.03 -40.67
CA VAL Z 939 -52.59 77.98 -41.61
C VAL Z 939 -51.12 77.63 -41.39
N SER Z 940 -50.86 76.41 -40.91
CA SER Z 940 -49.50 75.96 -40.66
C SER Z 940 -49.51 74.45 -40.57
N SER Z 941 -48.77 73.78 -41.43
CA SER Z 941 -48.76 72.33 -41.46
C SER Z 941 -47.93 71.76 -40.32
N LEU Z 942 -48.43 70.69 -39.72
CA LEU Z 942 -47.65 69.92 -38.76
C LEU Z 942 -46.74 68.98 -39.53
N PRO Z 943 -45.43 68.99 -39.26
CA PRO Z 943 -44.46 68.46 -40.24
C PRO Z 943 -44.80 67.11 -40.86
N ASP Z 944 -45.39 66.19 -40.09
CA ASP Z 944 -45.75 64.91 -40.69
C ASP Z 944 -47.20 64.55 -40.42
N LEU Z 945 -47.74 65.00 -39.29
CA LEU Z 945 -49.09 64.61 -38.92
C LEU Z 945 -50.10 65.13 -39.92
N ILE Z 946 -50.06 66.42 -40.23
CA ILE Z 946 -51.02 67.02 -41.14
C ILE Z 946 -50.26 67.93 -42.09
N ASP Z 947 -50.47 67.72 -43.39
CA ASP Z 947 -49.97 68.61 -44.42
C ASP Z 947 -51.15 69.30 -45.09
N ILE Z 948 -51.10 70.62 -45.14
CA ILE Z 948 -52.18 71.41 -45.71
C ILE Z 948 -51.88 71.70 -47.16
N ASP Z 949 -52.80 71.35 -48.05
CA ASP Z 949 -52.70 71.69 -49.45
C ASP Z 949 -53.48 72.96 -49.73
N LEU Z 950 -52.94 73.79 -50.61
CA LEU Z 950 -53.55 75.06 -50.96
C LEU Z 950 -53.94 75.17 -52.41
N ARG Z 951 -53.22 74.52 -53.32
CA ARG Z 951 -53.68 74.44 -54.70
C ARG Z 951 -55.00 73.72 -54.79
N ASP Z 952 -55.32 72.89 -53.80
CA ASP Z 952 -56.67 72.43 -53.55
C ASP Z 952 -56.82 72.25 -52.05
N ARG Z 953 -58.00 72.57 -51.54
CA ARG Z 953 -58.20 72.67 -50.10
C ARG Z 953 -58.30 71.26 -49.52
N VAL Z 954 -57.15 70.70 -49.17
CA VAL Z 954 -57.08 69.30 -48.75
C VAL Z 954 -56.02 69.14 -47.67
N TYR Z 955 -56.31 68.29 -46.69
CA TYR Z 955 -55.32 67.86 -45.72
C TYR Z 955 -54.68 66.53 -46.15
N ARG Z 956 -53.43 66.35 -45.77
CA ARG Z 956 -52.75 65.06 -45.89
C ARG Z 956 -52.43 64.56 -44.49
N PHE Z 957 -52.80 63.31 -44.21
CA PHE Z 957 -52.62 62.74 -42.89
C PHE Z 957 -51.54 61.68 -42.92
N ASN Z 958 -50.67 61.72 -41.90
CA ASN Z 958 -49.58 60.76 -41.74
C ASN Z 958 -48.75 60.67 -43.01
N GLY Z 959 -48.41 61.83 -43.55
CA GLY Z 959 -47.66 61.87 -44.79
C GLY Z 959 -48.41 61.29 -45.97
N GLY Z 960 -49.72 61.49 -46.02
CA GLY Z 960 -50.50 61.03 -47.14
C GLY Z 960 -51.21 59.70 -46.96
N GLU Z 961 -51.23 59.15 -45.76
CA GLU Z 961 -51.99 57.92 -45.53
C GLU Z 961 -53.47 58.17 -45.77
N ARG Z 962 -53.97 59.33 -45.34
CA ARG Z 962 -55.36 59.68 -45.54
C ARG Z 962 -55.43 61.11 -46.02
N VAL Z 963 -56.41 61.38 -46.89
CA VAL Z 963 -56.52 62.64 -47.60
C VAL Z 963 -57.96 63.11 -47.57
N GLU Z 964 -58.19 64.33 -47.07
CA GLU Z 964 -59.53 64.86 -46.90
C GLU Z 964 -59.55 66.34 -47.22
N PRO Z 965 -60.69 66.87 -47.66
CA PRO Z 965 -60.79 68.31 -47.93
C PRO Z 965 -60.96 69.10 -46.63
N TYR Z 966 -60.78 70.42 -46.77
CA TYR Z 966 -61.01 71.33 -45.65
C TYR Z 966 -61.54 72.63 -46.19
N ALA Z 967 -61.99 73.49 -45.27
CA ALA Z 967 -62.54 74.79 -45.63
C ALA Z 967 -62.01 75.84 -44.66
N ASP Z 968 -62.10 77.09 -45.07
CA ASP Z 968 -61.66 78.18 -44.21
C ASP Z 968 -62.76 78.52 -43.20
N PRO Z 969 -62.38 78.93 -41.98
CA PRO Z 969 -63.41 79.11 -40.93
C PRO Z 969 -64.40 80.22 -41.23
N VAL Z 970 -63.91 81.41 -41.58
CA VAL Z 970 -64.82 82.54 -41.79
C VAL Z 970 -65.83 82.27 -42.90
N PRO Z 971 -65.43 81.84 -44.10
CA PRO Z 971 -66.45 81.52 -45.10
C PRO Z 971 -67.40 80.44 -44.63
N LEU Z 972 -66.88 79.45 -43.90
CA LEU Z 972 -67.74 78.38 -43.41
C LEU Z 972 -68.79 78.92 -42.45
N GLN Z 973 -68.37 79.74 -41.50
CA GLN Z 973 -69.33 80.30 -40.54
C GLN Z 973 -70.37 81.15 -41.24
N GLN Z 974 -69.94 81.94 -42.24
CA GLN Z 974 -70.90 82.70 -43.03
C GLN Z 974 -71.88 81.78 -43.74
N ALA Z 975 -71.38 80.67 -44.31
CA ALA Z 975 -72.27 79.71 -44.95
C ALA Z 975 -73.24 79.12 -43.95
N ILE Z 976 -72.75 78.77 -42.75
CA ILE Z 976 -73.62 78.20 -41.73
C ILE Z 976 -74.68 79.21 -41.32
N ALA Z 977 -74.26 80.47 -41.10
CA ALA Z 977 -75.21 81.50 -40.74
C ALA Z 977 -76.28 81.65 -41.81
N ALA Z 978 -75.91 81.51 -43.08
CA ALA Z 978 -76.89 81.57 -44.14
C ALA Z 978 -77.93 80.46 -44.01
N LEU Z 979 -77.48 79.24 -43.70
CA LEU Z 979 -78.40 78.13 -43.51
C LEU Z 979 -79.31 78.36 -42.31
N LEU Z 980 -78.72 78.64 -41.16
CA LEU Z 980 -79.47 78.87 -39.93
C LEU Z 980 -79.16 80.27 -39.42
N PRO Z 981 -80.06 81.23 -39.56
CA PRO Z 981 -79.76 82.59 -39.08
C PRO Z 981 -79.96 82.78 -37.59
N ALA Z 982 -80.75 81.93 -36.93
CA ALA Z 982 -81.12 82.17 -35.54
C ALA Z 982 -80.53 81.14 -34.58
N ALA Z 983 -79.42 80.51 -34.96
CA ALA Z 983 -78.79 79.49 -34.13
C ALA Z 983 -77.43 79.97 -33.64
N ALA Z 984 -77.06 79.51 -32.45
CA ALA Z 984 -75.80 79.89 -31.84
C ALA Z 984 -74.68 78.96 -32.30
N LEU Z 985 -73.48 79.51 -32.44
CA LEU Z 985 -72.31 78.78 -32.87
C LEU Z 985 -71.19 78.93 -31.86
N SER Z 986 -70.41 77.86 -31.69
CA SER Z 986 -69.26 77.89 -30.80
C SER Z 986 -68.24 76.87 -31.27
N TRP Z 987 -67.00 77.07 -30.83
CA TRP Z 987 -65.90 76.21 -31.20
C TRP Z 987 -65.30 75.58 -29.95
N HIS Z 988 -64.69 74.41 -30.12
CA HIS Z 988 -64.06 73.70 -29.02
C HIS Z 988 -62.81 73.00 -29.51
N THR Z 989 -61.75 73.09 -28.73
CA THR Z 989 -60.49 72.42 -29.02
C THR Z 989 -59.94 71.85 -27.73
N LEU Z 990 -58.83 71.11 -27.84
CA LEU Z 990 -58.20 70.55 -26.66
C LEU Z 990 -57.74 71.65 -25.71
N SER Z 991 -58.06 71.48 -24.45
CA SER Z 991 -57.71 72.51 -23.48
C SER Z 991 -56.24 72.41 -23.10
N PRO Z 992 -55.56 73.55 -22.94
CA PRO Z 992 -54.22 73.52 -22.36
C PRO Z 992 -54.20 73.22 -20.87
N THR Z 993 -55.36 73.08 -20.25
CA THR Z 993 -55.46 72.71 -18.85
C THR Z 993 -55.44 71.22 -18.63
N CYS Z 994 -55.50 70.42 -19.71
CA CYS Z 994 -55.28 68.98 -19.65
C CYS Z 994 -56.33 68.28 -18.80
N ASP Z 995 -57.55 68.82 -18.75
CA ASP Z 995 -58.62 68.17 -18.01
C ASP Z 995 -59.03 66.83 -18.62
N TRP Z 996 -58.62 66.56 -19.85
CA TRP Z 996 -58.97 65.33 -20.55
C TRP Z 996 -58.03 64.18 -20.25
N LEU Z 997 -57.05 64.40 -19.37
CA LEU Z 997 -56.09 63.35 -19.05
C LEU Z 997 -56.70 62.03 -18.59
N PRO Z 998 -57.74 62.00 -17.72
CA PRO Z 998 -58.25 60.71 -17.26
C PRO Z 998 -58.66 59.78 -18.38
N TYR Z 999 -58.92 60.32 -19.56
CA TYR Z 999 -59.23 59.48 -20.71
C TYR Z 999 -57.98 58.96 -21.39
N ILE Z 1000 -56.80 59.31 -20.91
CA ILE Z 1000 -55.54 58.75 -21.38
C ILE Z 1000 -54.90 57.89 -20.31
N ILE Z 1001 -54.66 58.46 -19.13
CA ILE Z 1001 -54.05 57.71 -18.05
C ILE Z 1001 -55.05 56.74 -17.46
N GLY Z 1002 -56.27 57.21 -17.17
CA GLY Z 1002 -57.27 56.36 -16.56
C GLY Z 1002 -57.68 55.18 -17.40
N VAL Z 1003 -57.30 55.17 -18.68
CA VAL Z 1003 -57.51 54.02 -19.53
C VAL Z 1003 -56.26 53.16 -19.67
N GLY Z 1004 -55.18 53.52 -18.98
CA GLY Z 1004 -54.01 52.68 -18.94
C GLY Z 1004 -53.05 52.84 -20.09
N SER Z 1005 -53.02 54.01 -20.73
CA SER Z 1005 -52.13 54.24 -21.86
C SER Z 1005 -51.04 55.22 -21.46
N PRO Z 1006 -49.77 54.89 -21.71
CA PRO Z 1006 -48.68 55.79 -21.30
C PRO Z 1006 -48.61 57.01 -22.21
N LEU Z 1007 -47.74 57.95 -21.82
CA LEU Z 1007 -47.74 59.28 -22.40
C LEU Z 1007 -46.33 59.86 -22.38
N ASN Z 1008 -46.07 60.76 -23.33
CA ASN Z 1008 -44.90 61.63 -23.30
C ASN Z 1008 -45.37 63.07 -23.26
N LEU Z 1009 -44.83 63.83 -22.31
CA LEU Z 1009 -45.35 65.18 -22.07
C LEU Z 1009 -45.08 66.12 -23.23
N SER Z 1010 -43.93 65.98 -23.89
CA SER Z 1010 -43.55 66.94 -24.93
C SER Z 1010 -44.53 66.97 -26.09
N ASP Z 1011 -45.32 65.91 -26.27
CA ASP Z 1011 -46.23 65.85 -27.41
C ASP Z 1011 -47.46 66.72 -27.23
N ILE Z 1012 -47.71 67.21 -26.02
CA ILE Z 1012 -48.98 67.87 -25.73
C ILE Z 1012 -49.17 69.11 -26.58
N ASN Z 1013 -48.12 69.91 -26.73
CA ASN Z 1013 -48.22 71.13 -27.54
C ASN Z 1013 -48.65 70.80 -28.96
N THR Z 1014 -48.05 69.75 -29.55
CA THR Z 1014 -48.45 69.33 -30.87
C THR Z 1014 -49.91 68.90 -30.90
N ALA Z 1015 -50.34 68.16 -29.88
CA ALA Z 1015 -51.72 67.70 -29.84
C ALA Z 1015 -52.69 68.87 -29.84
N ILE Z 1016 -52.39 69.90 -29.06
CA ILE Z 1016 -53.21 71.10 -29.07
C ILE Z 1016 -53.23 71.70 -30.46
N SER Z 1017 -52.06 71.84 -31.07
CA SER Z 1017 -51.99 72.39 -32.42
C SER Z 1017 -52.80 71.53 -33.38
N TYR Z 1018 -52.69 70.21 -33.24
CA TYR Z 1018 -53.50 69.31 -34.05
C TYR Z 1018 -54.98 69.61 -33.89
N SER Z 1019 -55.43 69.77 -32.65
CA SER Z 1019 -56.83 70.09 -32.41
C SER Z 1019 -57.19 71.43 -33.02
N ARG Z 1020 -56.28 72.40 -32.93
CA ARG Z 1020 -56.52 73.70 -33.53
C ARG Z 1020 -56.83 73.57 -35.02
N LEU Z 1021 -56.25 72.57 -35.68
CA LEU Z 1021 -56.53 72.35 -37.09
C LEU Z 1021 -57.80 71.54 -37.31
N THR Z 1022 -58.32 70.88 -36.28
CA THR Z 1022 -59.48 70.00 -36.41
C THR Z 1022 -60.46 70.29 -35.29
N PRO Z 1023 -61.07 71.47 -35.29
CA PRO Z 1023 -61.95 71.84 -34.18
C PRO Z 1023 -63.28 71.12 -34.26
N ILE Z 1024 -64.07 71.27 -33.20
CA ILE Z 1024 -65.43 70.80 -33.15
C ILE Z 1024 -66.35 72.02 -33.16
N LEU Z 1025 -67.30 72.05 -34.09
CA LEU Z 1025 -68.27 73.13 -34.16
C LEU Z 1025 -69.54 72.69 -33.46
N HIS Z 1026 -69.97 73.49 -32.50
CA HIS Z 1026 -71.19 73.22 -31.73
C HIS Z 1026 -72.28 74.17 -32.21
N ILE Z 1027 -73.33 73.60 -32.79
CA ILE Z 1027 -74.46 74.36 -33.30
C ILE Z 1027 -75.64 74.13 -32.37
N ASP Z 1028 -76.33 75.22 -32.03
CA ASP Z 1028 -77.48 75.15 -31.13
C ASP Z 1028 -78.55 76.08 -31.65
N THR Z 1029 -79.72 75.52 -31.97
CA THR Z 1029 -80.80 76.30 -32.55
C THR Z 1029 -81.82 76.77 -31.51
N THR Z 1030 -81.77 76.25 -30.29
CA THR Z 1030 -82.75 76.60 -29.28
C THR Z 1030 -82.34 77.82 -28.46
N THR Z 1031 -81.47 78.68 -29.01
CA THR Z 1031 -81.07 79.89 -28.31
C THR Z 1031 -80.62 80.92 -29.32
N PRO Z 1032 -80.91 82.20 -29.10
CA PRO Z 1032 -80.50 83.23 -30.04
C PRO Z 1032 -78.99 83.37 -30.07
N PRO Z 1033 -78.42 83.81 -31.19
CA PRO Z 1033 -76.96 83.86 -31.33
C PRO Z 1033 -76.37 85.12 -30.72
N LEU Z 1034 -75.04 85.10 -30.62
CA LEU Z 1034 -74.25 86.21 -30.12
C LEU Z 1034 -74.04 87.25 -31.22
N ARG Z 1035 -73.66 88.46 -30.80
CA ARG Z 1035 -73.37 89.51 -31.77
C ARG Z 1035 -72.41 90.52 -31.15
N VAL Z 1036 -71.64 91.17 -32.03
CA VAL Z 1036 -70.64 92.15 -31.61
C VAL Z 1036 -70.56 93.22 -32.69
N ASN Z 1037 -70.31 94.47 -32.27
CA ASN Z 1037 -70.36 95.58 -33.23
C ASN Z 1037 -69.17 95.57 -34.18
N PRO Z 1038 -67.91 95.68 -33.73
CA PRO Z 1038 -66.80 95.66 -34.68
C PRO Z 1038 -66.43 94.23 -35.08
N VAL Z 1039 -67.12 93.70 -36.09
CA VAL Z 1039 -66.98 92.30 -36.51
C VAL Z 1039 -65.52 91.90 -36.72
N PRO Z 1040 -64.67 92.73 -37.33
CA PRO Z 1040 -63.24 92.36 -37.40
C PRO Z 1040 -62.59 92.17 -36.05
N THR Z 1041 -63.17 92.73 -34.98
CA THR Z 1041 -62.70 92.57 -33.61
C THR Z 1041 -61.20 92.79 -33.49
N PRO Z 1042 -60.72 94.01 -33.71
CA PRO Z 1042 -59.29 94.28 -33.55
C PRO Z 1042 -58.88 94.31 -32.09
N LEU Z 1043 -57.60 94.06 -31.86
CA LEU Z 1043 -57.07 93.96 -30.51
C LEU Z 1043 -56.95 95.34 -29.85
N ASN Z 1044 -57.04 95.34 -28.52
CA ASN Z 1044 -56.77 96.51 -27.69
C ASN Z 1044 -57.75 97.66 -27.96
N GLN Z 1045 -58.96 97.34 -28.40
CA GLN Z 1045 -59.92 98.37 -28.75
C GLN Z 1045 -61.30 98.04 -28.18
N GLN Z 1046 -62.03 99.09 -27.82
CA GLN Z 1046 -63.34 98.93 -27.23
C GLN Z 1046 -64.29 98.24 -28.20
N CYS Z 1047 -65.06 97.29 -27.69
CA CYS Z 1047 -66.04 96.57 -28.48
C CYS Z 1047 -67.27 96.29 -27.65
N ALA Z 1048 -68.44 96.41 -28.26
CA ALA Z 1048 -69.71 96.16 -27.59
C ALA Z 1048 -70.25 94.81 -28.02
N ILE Z 1049 -70.71 94.03 -27.04
CA ILE Z 1049 -71.22 92.69 -27.27
C ILE Z 1049 -72.60 92.59 -26.65
N ARG Z 1050 -73.55 92.05 -27.40
CA ARG Z 1050 -74.93 91.92 -26.96
C ARG Z 1050 -75.24 90.45 -26.71
N ILE Z 1051 -75.86 90.18 -25.56
CA ILE Z 1051 -76.34 88.84 -25.21
C ILE Z 1051 -77.79 89.01 -24.80
N THR Z 1052 -78.71 88.80 -25.74
CA THR Z 1052 -80.12 88.92 -25.42
C THR Z 1052 -80.51 87.86 -24.41
N SER Z 1053 -81.27 88.28 -23.40
CA SER Z 1053 -81.58 87.43 -22.26
C SER Z 1053 -82.74 88.03 -21.50
N LEU Z 1054 -83.41 87.19 -20.72
CA LEU Z 1054 -84.64 87.59 -20.06
C LEU Z 1054 -84.47 87.91 -18.57
N ASP Z 1055 -83.40 87.44 -17.95
CA ASP Z 1055 -83.25 87.58 -16.51
C ASP Z 1055 -82.07 88.48 -16.16
N PRO Z 1056 -82.32 89.67 -15.60
CA PRO Z 1056 -81.20 90.45 -15.06
C PRO Z 1056 -80.53 89.78 -13.87
N ALA Z 1057 -81.19 88.80 -13.26
CA ALA Z 1057 -80.64 88.09 -12.11
C ALA Z 1057 -79.58 87.06 -12.51
N ALA Z 1058 -79.41 86.80 -13.81
CA ALA Z 1058 -78.45 85.80 -14.24
C ALA Z 1058 -77.02 86.27 -14.00
N VAL Z 1059 -76.09 85.33 -14.09
CA VAL Z 1059 -74.67 85.60 -13.88
C VAL Z 1059 -73.90 85.16 -15.13
N LEU Z 1060 -72.79 85.83 -15.39
CA LEU Z 1060 -72.05 85.68 -16.63
C LEU Z 1060 -70.62 85.24 -16.36
N SER Z 1061 -70.04 84.53 -17.33
CA SER Z 1061 -68.63 84.18 -17.28
C SER Z 1061 -68.10 84.05 -18.70
N VAL Z 1062 -66.83 84.40 -18.87
CA VAL Z 1062 -66.14 84.29 -20.15
C VAL Z 1062 -64.83 83.53 -19.91
N GLN Z 1063 -64.52 82.61 -20.81
CA GLN Z 1063 -63.35 81.76 -20.67
C GLN Z 1063 -62.41 81.94 -21.86
N HIS Z 1064 -61.14 81.67 -21.61
CA HIS Z 1064 -60.10 81.75 -22.63
C HIS Z 1064 -59.00 80.79 -22.24
N ASN Z 1065 -58.51 80.02 -23.21
CA ASN Z 1065 -57.53 78.96 -22.96
C ASN Z 1065 -58.04 78.00 -21.89
N GLY Z 1066 -59.34 77.77 -21.89
CA GLY Z 1066 -59.92 76.84 -20.94
C GLY Z 1066 -59.97 77.31 -19.51
N VAL Z 1067 -59.91 78.62 -19.27
CA VAL Z 1067 -60.01 79.17 -17.92
C VAL Z 1067 -60.82 80.46 -17.98
N GLU Z 1068 -61.61 80.69 -16.94
CA GLU Z 1068 -62.43 81.88 -16.89
C GLU Z 1068 -61.57 83.13 -16.82
N VAL Z 1069 -61.97 84.16 -17.58
CA VAL Z 1069 -61.18 85.37 -17.69
C VAL Z 1069 -62.02 86.58 -17.31
N ILE Z 1070 -63.33 86.49 -17.52
CA ILE Z 1070 -64.27 87.52 -17.12
C ILE Z 1070 -65.48 86.84 -16.48
N GLY Z 1071 -65.96 87.43 -15.39
CA GLY Z 1071 -67.16 86.92 -14.75
C GLY Z 1071 -67.74 87.91 -13.78
N GLY Z 1072 -69.02 87.84 -13.53
CA GLY Z 1072 -69.64 88.72 -12.57
C GLY Z 1072 -71.08 89.01 -12.94
N THR Z 1073 -71.55 90.16 -12.50
CA THR Z 1073 -72.92 90.61 -12.60
C THR Z 1073 -72.95 92.00 -13.19
N PRO Z 1074 -74.10 92.46 -13.70
CA PRO Z 1074 -74.17 93.85 -14.17
C PRO Z 1074 -73.81 94.85 -13.09
N GLY Z 1075 -74.07 94.54 -11.82
CA GLY Z 1075 -73.65 95.42 -10.76
C GLY Z 1075 -72.14 95.52 -10.65
N ASN Z 1076 -71.47 94.37 -10.68
CA ASN Z 1076 -70.01 94.33 -10.55
C ASN Z 1076 -69.48 93.14 -11.33
N VAL Z 1077 -68.31 93.34 -11.94
CA VAL Z 1077 -67.71 92.33 -12.79
C VAL Z 1077 -66.20 92.42 -12.63
N ILE Z 1078 -65.53 91.27 -12.76
CA ILE Z 1078 -64.08 91.20 -12.64
C ILE Z 1078 -63.51 90.61 -13.92
N SER Z 1079 -62.40 91.17 -14.38
CA SER Z 1079 -61.76 90.75 -15.61
C SER Z 1079 -60.25 90.72 -15.42
N VAL Z 1080 -59.60 89.85 -16.20
CA VAL Z 1080 -58.14 89.80 -16.21
C VAL Z 1080 -57.66 89.91 -17.65
N ALA Z 1081 -58.46 90.56 -18.50
CA ALA Z 1081 -58.09 90.74 -19.90
C ALA Z 1081 -58.39 92.13 -20.42
N GLY Z 1082 -58.51 93.12 -19.55
CA GLY Z 1082 -58.82 94.47 -19.95
C GLY Z 1082 -60.11 94.97 -19.31
N ALA Z 1083 -60.42 96.23 -19.60
CA ALA Z 1083 -61.59 96.86 -19.03
C ALA Z 1083 -62.86 96.18 -19.52
N ALA Z 1084 -63.79 95.96 -18.60
CA ALA Z 1084 -65.05 95.32 -18.90
C ALA Z 1084 -66.16 96.00 -18.11
N ALA Z 1085 -67.24 96.36 -18.80
CA ALA Z 1085 -68.41 96.96 -18.17
C ALA Z 1085 -69.62 96.13 -18.52
N LEU Z 1086 -70.34 95.66 -17.51
CA LEU Z 1086 -71.51 94.81 -17.69
C LEU Z 1086 -72.76 95.59 -17.32
N GLN Z 1087 -73.74 95.59 -18.21
CA GLN Z 1087 -75.01 96.27 -17.97
C GLN Z 1087 -76.12 95.45 -18.61
N TYR Z 1088 -77.29 95.47 -17.99
CA TYR Z 1088 -78.47 94.82 -18.53
C TYR Z 1088 -79.43 95.90 -19.01
N ILE Z 1089 -79.79 95.84 -20.29
CA ILE Z 1089 -80.75 96.75 -20.87
C ILE Z 1089 -82.08 96.01 -20.95
N LEU Z 1090 -82.97 96.31 -19.99
CA LEU Z 1090 -84.25 95.61 -19.94
C LEU Z 1090 -85.10 95.91 -21.17
N ALA Z 1091 -85.03 97.15 -21.66
CA ALA Z 1091 -85.84 97.52 -22.81
C ALA Z 1091 -85.56 96.64 -24.01
N ASN Z 1092 -84.31 96.19 -24.18
CA ASN Z 1092 -83.96 95.26 -25.23
C ASN Z 1092 -83.84 93.83 -24.75
N GLN Z 1093 -84.00 93.59 -23.45
CA GLN Z 1093 -83.81 92.28 -22.85
C GLN Z 1093 -82.46 91.70 -23.25
N GLU Z 1094 -81.41 92.47 -22.97
CA GLU Z 1094 -80.05 92.08 -23.30
C GLU Z 1094 -79.12 92.43 -22.15
N PHE Z 1095 -78.04 91.68 -22.06
CA PHE Z 1095 -76.87 92.12 -21.31
C PHE Z 1095 -75.92 92.81 -22.27
N LEU Z 1096 -75.49 94.01 -21.91
CA LEU Z 1096 -74.52 94.75 -22.70
C LEU Z 1096 -73.15 94.63 -22.05
N LEU Z 1097 -72.17 94.17 -22.82
CA LEU Z 1097 -70.79 94.09 -22.37
C LEU Z 1097 -69.94 95.00 -23.23
N GLN Z 1098 -69.23 95.92 -22.59
CA GLN Z 1098 -68.25 96.76 -23.26
C GLN Z 1098 -66.87 96.34 -22.79
N PHE Z 1099 -65.99 96.05 -23.73
CA PHE Z 1099 -64.78 95.30 -23.42
C PHE Z 1099 -63.63 95.79 -24.28
N THR Z 1100 -62.43 95.76 -23.70
CA THR Z 1100 -61.20 96.16 -24.38
C THR Z 1100 -60.21 95.02 -24.22
N PRO Z 1101 -60.26 94.02 -25.10
CA PRO Z 1101 -59.39 92.86 -24.95
C PRO Z 1101 -57.92 93.23 -25.00
N THR Z 1102 -57.13 92.58 -24.15
CA THR Z 1102 -55.70 92.79 -24.09
C THR Z 1102 -54.89 91.62 -24.64
N LEU Z 1103 -55.57 90.64 -25.22
CA LEU Z 1103 -54.88 89.48 -25.78
C LEU Z 1103 -55.79 88.84 -26.81
N PRO Z 1104 -55.24 88.20 -27.83
CA PRO Z 1104 -56.09 87.64 -28.90
C PRO Z 1104 -56.55 86.23 -28.59
N GLY Z 1105 -57.26 85.62 -29.54
CA GLY Z 1105 -57.65 84.24 -29.44
C GLY Z 1105 -59.16 84.08 -29.32
N ILE Z 1106 -59.55 82.84 -29.06
CA ILE Z 1106 -60.97 82.49 -28.93
C ILE Z 1106 -61.44 82.84 -27.52
N PHE Z 1107 -62.63 83.42 -27.43
CA PHE Z 1107 -63.31 83.64 -26.16
C PHE Z 1107 -64.72 83.11 -26.28
N ASP Z 1108 -65.14 82.32 -25.30
CA ASP Z 1108 -66.50 81.80 -25.26
C ASP Z 1108 -67.17 82.27 -23.98
N VAL Z 1109 -68.50 82.42 -24.05
CA VAL Z 1109 -69.26 83.11 -23.03
C VAL Z 1109 -70.40 82.22 -22.56
N PHE Z 1110 -70.74 82.34 -21.28
CA PHE Z 1110 -71.77 81.54 -20.66
C PHE Z 1110 -72.67 82.42 -19.80
N LEU Z 1111 -73.91 81.97 -19.63
CA LEU Z 1111 -74.85 82.58 -18.71
C LEU Z 1111 -75.37 81.52 -17.77
N THR Z 1112 -75.66 81.91 -16.53
CA THR Z 1112 -76.11 80.98 -15.53
C THR Z 1112 -77.09 81.67 -14.59
N THR Z 1113 -78.02 80.89 -14.05
CA THR Z 1113 -78.88 81.33 -12.97
C THR Z 1113 -78.83 80.30 -11.86
N LEU Z 1114 -79.33 80.71 -10.69
CA LEU Z 1114 -79.03 79.98 -9.45
C LEU Z 1114 -79.52 78.54 -9.51
N GLY Z 1115 -80.62 78.26 -10.18
CA GLY Z 1115 -81.17 76.92 -10.17
C GLY Z 1115 -80.86 76.10 -11.40
N GLN Z 1116 -79.85 76.49 -12.15
CA GLN Z 1116 -79.58 75.88 -13.45
C GLN Z 1116 -78.09 75.70 -13.66
N PRO Z 1117 -77.70 74.78 -14.54
CA PRO Z 1117 -76.31 74.70 -14.97
C PRO Z 1117 -75.96 75.90 -15.85
N PRO Z 1118 -74.68 76.17 -16.06
CA PRO Z 1118 -74.31 77.25 -16.98
C PRO Z 1118 -74.71 76.92 -18.40
N VAL Z 1119 -75.09 77.96 -19.14
CA VAL Z 1119 -75.59 77.82 -20.50
C VAL Z 1119 -74.60 78.49 -21.44
N PRO Z 1120 -74.01 77.77 -22.38
CA PRO Z 1120 -73.17 78.42 -23.39
C PRO Z 1120 -73.99 79.34 -24.27
N ARG Z 1121 -73.39 80.47 -24.64
CA ARG Z 1121 -74.07 81.46 -25.46
C ARG Z 1121 -73.17 81.91 -26.59
N GLY Z 1122 -72.47 80.97 -27.21
CA GLY Z 1122 -71.63 81.30 -28.34
C GLY Z 1122 -70.23 81.69 -27.94
N SER Z 1123 -69.46 82.10 -28.96
CA SER Z 1123 -68.07 82.45 -28.77
C SER Z 1123 -67.67 83.50 -29.80
N PHE Z 1124 -66.56 84.19 -29.52
CA PHE Z 1124 -66.06 85.20 -30.42
C PHE Z 1124 -64.54 85.16 -30.43
N THR Z 1125 -63.97 85.77 -31.47
CA THR Z 1125 -62.54 85.78 -31.69
C THR Z 1125 -62.03 87.21 -31.66
N ILE Z 1126 -60.81 87.39 -31.15
CA ILE Z 1126 -60.12 88.67 -31.15
C ILE Z 1126 -58.90 88.55 -32.06
N THR Z 1127 -58.77 89.49 -32.97
CA THR Z 1127 -57.73 89.41 -33.99
C THR Z 1127 -56.52 90.25 -33.58
N PRO Z 1128 -55.33 89.81 -33.97
CA PRO Z 1128 -54.11 90.57 -33.66
C PRO Z 1128 -54.00 91.79 -34.54
N PRO Z 1129 -53.18 92.77 -34.16
CA PRO Z 1129 -52.96 93.94 -35.01
C PRO Z 1129 -52.23 93.55 -36.29
N PRO Z 1130 -52.33 94.37 -37.33
CA PRO Z 1130 -51.73 94.00 -38.62
C PRO Z 1130 -50.21 93.98 -38.56
N THR Z 1131 -49.63 93.21 -39.48
CA THR Z 1131 -48.19 93.00 -39.56
C THR Z 1131 -47.52 93.90 -40.58
N THR Z 1132 -48.21 94.92 -41.08
CA THR Z 1132 -47.73 95.71 -42.21
C THR Z 1132 -46.82 96.82 -41.70
N VAL Z 1133 -45.53 96.57 -41.74
CA VAL Z 1133 -44.52 97.60 -41.51
C VAL Z 1133 -44.00 98.05 -42.87
N VAL Z 1134 -43.86 99.36 -43.05
CA VAL Z 1134 -43.50 99.94 -44.33
C VAL Z 1134 -42.39 100.97 -44.13
N LEU Z 1135 -41.44 100.99 -45.06
CA LEU Z 1135 -40.30 101.89 -45.03
C LEU Z 1135 -40.35 102.84 -46.23
N ASN Z 1136 -39.85 104.06 -46.02
CA ASN Z 1136 -39.89 105.11 -47.03
C ASN Z 1136 -38.47 105.61 -47.27
N MET Z 1137 -38.08 105.71 -48.53
CA MET Z 1137 -36.68 105.79 -48.93
C MET Z 1137 -36.33 107.13 -49.57
N PRO Z 1138 -35.05 107.49 -49.56
CA PRO Z 1138 -34.60 108.70 -50.25
C PRO Z 1138 -34.31 108.42 -51.71
N PRO Z 1139 -34.15 109.46 -52.53
CA PRO Z 1139 -33.78 109.25 -53.94
C PRO Z 1139 -32.33 108.82 -54.06
N PRO Z 1140 -31.90 108.37 -55.25
CA PRO Z 1140 -30.49 107.99 -55.41
C PRO Z 1140 -29.51 109.11 -55.12
N GLY Z 1141 -29.89 110.36 -55.37
CA GLY Z 1141 -29.04 111.46 -54.99
C GLY Z 1141 -28.82 111.55 -53.50
N GLN Z 1142 -29.76 111.01 -52.71
CA GLN Z 1142 -29.63 110.97 -51.26
C GLN Z 1142 -29.25 109.58 -50.77
N LEU Z 1143 -28.92 108.67 -51.67
CA LEU Z 1143 -28.23 107.45 -51.27
C LEU Z 1143 -26.84 107.83 -50.79
N ASP Z 1144 -26.63 107.79 -49.47
CA ASP Z 1144 -25.44 108.37 -48.86
C ASP Z 1144 -24.36 107.30 -48.73
N PHE Z 1145 -23.54 107.20 -49.77
CA PHE Z 1145 -22.34 106.37 -49.72
C PHE Z 1145 -21.23 107.03 -48.92
N THR Z 1146 -21.41 108.29 -48.55
CA THR Z 1146 -20.49 108.97 -47.66
C THR Z 1146 -20.51 108.32 -46.28
N ASP Z 1147 -19.61 108.80 -45.42
CA ASP Z 1147 -19.53 108.25 -44.07
C ASP Z 1147 -20.84 108.44 -43.32
N VAL Z 1148 -21.45 109.62 -43.45
CA VAL Z 1148 -22.75 109.87 -42.86
C VAL Z 1148 -23.81 109.23 -43.74
N GLY Z 1149 -24.20 108.01 -43.42
CA GLY Z 1149 -25.24 107.33 -44.18
C GLY Z 1149 -26.57 108.04 -44.05
N ASN Z 1150 -27.51 107.67 -44.91
CA ASN Z 1150 -28.75 108.41 -44.97
C ASN Z 1150 -29.80 107.81 -44.03
N ASP Z 1151 -31.03 108.29 -44.17
CA ASP Z 1151 -32.10 108.03 -43.23
C ASP Z 1151 -33.38 107.72 -44.01
N ALA Z 1152 -34.19 106.82 -43.46
CA ALA Z 1152 -35.43 106.40 -44.10
C ALA Z 1152 -36.54 106.37 -43.06
N ARG Z 1153 -37.74 106.76 -43.46
CA ARG Z 1153 -38.87 106.87 -42.55
C ARG Z 1153 -39.62 105.55 -42.49
N ILE Z 1154 -39.90 105.09 -41.27
CA ILE Z 1154 -40.66 103.87 -41.05
C ILE Z 1154 -42.09 104.23 -40.74
N THR Z 1155 -43.02 103.50 -41.34
CA THR Z 1155 -44.45 103.63 -41.05
C THR Z 1155 -44.95 102.29 -40.51
N CYS Z 1156 -45.32 102.27 -39.24
CA CYS Z 1156 -45.70 101.03 -38.58
C CYS Z 1156 -46.48 101.37 -37.32
N ASP Z 1157 -47.17 100.35 -36.80
CA ASP Z 1157 -47.87 100.50 -35.54
C ASP Z 1157 -46.87 100.64 -34.39
N PRO Z 1158 -47.25 101.35 -33.32
CA PRO Z 1158 -46.38 101.40 -32.14
C PRO Z 1158 -46.36 100.10 -31.36
N TYR Z 1159 -47.30 99.18 -31.63
CA TYR Z 1159 -47.36 97.92 -30.91
C TYR Z 1159 -46.12 97.06 -31.16
N TYR Z 1160 -45.51 97.20 -32.34
CA TYR Z 1160 -44.29 96.46 -32.66
C TYR Z 1160 -43.10 97.39 -32.53
N GLN Z 1161 -42.26 97.14 -31.52
CA GLN Z 1161 -40.96 97.78 -31.44
C GLN Z 1161 -39.99 97.05 -32.37
N LEU Z 1162 -39.10 97.81 -33.01
CA LEU Z 1162 -38.30 97.29 -34.11
C LEU Z 1162 -36.82 97.51 -33.88
N ALA Z 1163 -36.02 96.64 -34.50
CA ALA Z 1163 -34.57 96.78 -34.54
C ALA Z 1163 -34.07 96.07 -35.78
N VAL Z 1164 -32.85 96.43 -36.20
CA VAL Z 1164 -32.25 95.90 -37.42
C VAL Z 1164 -31.44 94.66 -37.07
N CYS Z 1165 -31.68 93.57 -37.78
CA CYS Z 1165 -31.10 92.28 -37.44
C CYS Z 1165 -30.70 91.53 -38.70
N ILE Z 1166 -29.92 90.46 -38.51
CA ILE Z 1166 -29.44 89.62 -39.59
C ILE Z 1166 -29.84 88.18 -39.32
N PHE Z 1167 -30.49 87.56 -40.32
CA PHE Z 1167 -30.94 86.17 -40.22
C PHE Z 1167 -29.74 85.24 -40.47
N LYS Z 1168 -28.86 85.21 -39.47
CA LYS Z 1168 -27.54 84.60 -39.66
C LYS Z 1168 -27.63 83.09 -39.79
N ASP Z 1169 -28.35 82.43 -38.88
CA ASP Z 1169 -28.25 80.98 -38.73
C ASP Z 1169 -29.61 80.34 -38.50
N GLY Z 1170 -30.66 80.92 -39.07
CA GLY Z 1170 -32.00 80.57 -38.66
C GLY Z 1170 -32.54 81.43 -37.54
N GLN Z 1171 -31.72 82.31 -36.98
CA GLN Z 1171 -32.16 83.28 -35.99
C GLN Z 1171 -31.57 84.64 -36.33
N TYR Z 1172 -32.37 85.68 -36.11
CA TYR Z 1172 -31.96 87.05 -36.36
C TYR Z 1172 -31.05 87.54 -35.24
N VAL Z 1173 -29.93 88.15 -35.61
CA VAL Z 1173 -28.99 88.72 -34.67
C VAL Z 1173 -28.94 90.23 -34.90
N ARG Z 1174 -29.03 90.99 -33.82
CA ARG Z 1174 -29.12 92.44 -33.92
C ARG Z 1174 -27.81 93.02 -34.45
N VAL Z 1175 -27.93 93.89 -35.46
CA VAL Z 1175 -26.76 94.51 -36.07
C VAL Z 1175 -26.28 95.65 -35.19
N ASN Z 1176 -24.99 95.96 -35.29
CA ASN Z 1176 -24.45 97.12 -34.60
C ASN Z 1176 -25.08 98.39 -35.16
N PRO Z 1177 -25.24 99.42 -34.31
CA PRO Z 1177 -25.99 100.60 -34.76
C PRO Z 1177 -25.30 101.40 -35.86
N GLU Z 1178 -23.98 101.31 -35.97
CA GLU Z 1178 -23.25 102.24 -36.83
C GLU Z 1178 -23.33 101.88 -38.31
N LYS Z 1179 -24.04 100.82 -38.67
CA LYS Z 1179 -24.40 100.59 -40.06
C LYS Z 1179 -25.88 100.77 -40.34
N ALA Z 1180 -26.74 100.49 -39.36
CA ALA Z 1180 -28.16 100.71 -39.50
C ALA Z 1180 -28.76 100.85 -38.10
N SER Z 1181 -29.85 101.63 -38.03
CA SER Z 1181 -30.50 101.86 -36.75
C SER Z 1181 -31.92 102.36 -36.96
N VAL Z 1182 -32.86 101.84 -36.17
CA VAL Z 1182 -34.18 102.43 -36.10
C VAL Z 1182 -34.10 103.70 -35.26
N VAL Z 1183 -34.62 104.79 -35.80
CA VAL Z 1183 -34.48 106.11 -35.20
C VAL Z 1183 -35.74 106.45 -34.41
N THR Z 1184 -35.56 106.86 -33.16
CA THR Z 1184 -36.68 107.18 -32.28
C THR Z 1184 -37.08 108.65 -32.45
N ASN Z 1185 -37.48 109.00 -33.67
CA ASN Z 1185 -38.00 110.33 -33.93
C ASN Z 1185 -39.34 110.50 -33.23
N ALA Z 1186 -39.62 111.74 -32.82
CA ALA Z 1186 -40.78 112.01 -31.97
C ALA Z 1186 -42.10 111.59 -32.61
N PRO Z 1187 -42.43 111.96 -33.85
CA PRO Z 1187 -43.73 111.55 -34.40
C PRO Z 1187 -43.79 110.08 -34.77
N ASN Z 1188 -42.69 109.50 -35.23
CA ASN Z 1188 -42.69 108.13 -35.72
C ASN Z 1188 -41.27 107.60 -35.70
N ARG Z 1189 -41.15 106.29 -35.90
CA ARG Z 1189 -39.84 105.67 -36.04
C ARG Z 1189 -39.30 105.91 -37.44
N ASP Z 1190 -38.00 106.19 -37.52
CA ASP Z 1190 -37.30 106.29 -38.79
C ASP Z 1190 -36.16 105.27 -38.80
N LEU Z 1191 -35.38 105.27 -39.87
CA LEU Z 1191 -34.34 104.27 -40.05
C LEU Z 1191 -33.12 104.92 -40.67
N HIS Z 1192 -32.06 105.10 -39.87
CA HIS Z 1192 -30.78 105.54 -40.39
C HIS Z 1192 -29.92 104.34 -40.74
N PHE Z 1193 -29.15 104.47 -41.81
CA PHE Z 1193 -28.29 103.37 -42.26
C PHE Z 1193 -27.22 103.94 -43.16
N VAL Z 1194 -26.14 103.16 -43.32
CA VAL Z 1194 -24.99 103.55 -44.11
C VAL Z 1194 -24.73 102.47 -45.16
N LEU Z 1195 -24.11 102.87 -46.26
CA LEU Z 1195 -23.95 102.00 -47.43
C LEU Z 1195 -22.53 101.45 -47.49
N ASP Z 1196 -22.44 100.16 -47.85
CA ASP Z 1196 -21.16 99.46 -47.93
C ASP Z 1196 -21.24 98.43 -49.04
N LEU Z 1197 -20.08 98.11 -49.62
CA LEU Z 1197 -20.04 97.25 -50.80
C LEU Z 1197 -20.45 95.82 -50.52
N ALA Z 1198 -20.74 95.45 -49.28
CA ALA Z 1198 -21.26 94.12 -48.97
C ALA Z 1198 -22.79 94.06 -49.03
N ASP Z 1199 -23.45 95.20 -49.19
CA ASP Z 1199 -24.88 95.28 -48.90
C ASP Z 1199 -25.73 94.48 -49.89
N ASN Z 1200 -25.28 94.36 -51.14
CA ASN Z 1200 -26.11 93.65 -52.12
C ASN Z 1200 -26.18 92.16 -51.83
N HIS Z 1201 -25.11 91.58 -51.29
CA HIS Z 1201 -25.08 90.15 -51.02
C HIS Z 1201 -25.61 89.79 -49.65
N VAL Z 1202 -25.44 90.67 -48.65
CA VAL Z 1202 -25.85 90.36 -47.29
C VAL Z 1202 -27.35 90.49 -47.16
N LEU Z 1203 -27.90 90.00 -46.05
CA LEU Z 1203 -29.34 89.99 -45.83
C LEU Z 1203 -29.63 90.56 -44.44
N LEU Z 1204 -30.65 91.42 -44.37
CA LEU Z 1204 -30.96 92.12 -43.14
C LEU Z 1204 -32.46 92.38 -43.08
N TYR Z 1205 -32.98 92.45 -41.85
CA TYR Z 1205 -34.41 92.48 -41.62
C TYR Z 1205 -34.75 93.48 -40.52
N LEU Z 1206 -35.93 94.08 -40.62
CA LEU Z 1206 -36.53 94.75 -39.49
C LEU Z 1206 -37.30 93.73 -38.68
N CYS Z 1207 -37.01 93.67 -37.38
CA CYS Z 1207 -37.46 92.56 -36.55
C CYS Z 1207 -38.29 93.06 -35.37
N ASP Z 1208 -39.32 92.30 -35.04
CA ASP Z 1208 -40.10 92.58 -33.85
C ASP Z 1208 -39.25 92.38 -32.60
N VAL Z 1209 -39.38 93.30 -31.65
CA VAL Z 1209 -38.58 93.30 -30.44
C VAL Z 1209 -39.46 92.91 -29.28
N THR Z 1210 -39.15 91.78 -28.65
CA THR Z 1210 -39.74 91.36 -27.39
C THR Z 1210 -38.63 90.81 -26.51
N PRO Z 1211 -38.75 90.96 -25.18
CA PRO Z 1211 -37.74 90.35 -24.30
C PRO Z 1211 -37.69 88.85 -24.42
N SER Z 1212 -38.79 88.22 -24.84
CA SER Z 1212 -38.79 86.77 -25.04
C SER Z 1212 -37.99 86.38 -26.28
N GLY Z 1213 -38.06 87.18 -27.33
CA GLY Z 1213 -37.34 86.84 -28.55
C GLY Z 1213 -37.32 88.01 -29.51
N LEU Z 1214 -36.43 87.91 -30.49
CA LEU Z 1214 -36.17 88.97 -31.45
C LEU Z 1214 -36.68 88.55 -32.83
N GLY Z 1215 -37.51 89.39 -33.42
CA GLY Z 1215 -38.09 89.07 -34.71
C GLY Z 1215 -39.13 87.98 -34.67
N ASP Z 1216 -39.73 87.74 -33.50
CA ASP Z 1216 -40.69 86.65 -33.36
C ASP Z 1216 -41.91 86.87 -34.24
N ARG Z 1217 -42.67 87.93 -33.95
CA ARG Z 1217 -43.95 88.13 -34.61
C ARG Z 1217 -43.80 88.60 -36.04
N ILE Z 1218 -42.86 89.51 -36.30
CA ILE Z 1218 -42.59 89.98 -37.66
C ILE Z 1218 -41.09 90.08 -37.86
N ALA Z 1219 -40.64 89.74 -39.06
CA ALA Z 1219 -39.24 89.86 -39.44
C ALA Z 1219 -39.21 90.19 -40.93
N PHE Z 1220 -39.07 91.47 -41.24
CA PHE Z 1220 -39.30 91.98 -42.59
C PHE Z 1220 -38.00 92.37 -43.26
N PRO Z 1221 -37.63 91.72 -44.36
CA PRO Z 1221 -36.41 92.13 -45.07
C PRO Z 1221 -36.60 93.46 -45.76
N ILE Z 1222 -35.61 94.35 -45.61
CA ILE Z 1222 -35.64 95.66 -46.25
C ILE Z 1222 -34.91 95.50 -47.58
N VAL Z 1223 -35.66 95.11 -48.61
CA VAL Z 1223 -35.08 94.62 -49.86
C VAL Z 1223 -34.25 95.68 -50.57
N ASP Z 1224 -34.59 96.96 -50.39
CA ASP Z 1224 -33.96 98.02 -51.18
C ASP Z 1224 -32.45 97.98 -51.09
N ILE Z 1225 -31.91 97.89 -49.88
CA ILE Z 1225 -30.47 97.90 -49.70
C ILE Z 1225 -29.83 96.62 -50.25
N TYR Z 1226 -30.60 95.54 -50.42
CA TYR Z 1226 -30.08 94.37 -51.11
C TYR Z 1226 -29.77 94.67 -52.57
N ARG Z 1227 -30.33 95.75 -53.12
CA ARG Z 1227 -30.22 96.05 -54.54
C ARG Z 1227 -29.54 97.38 -54.84
N ILE Z 1228 -29.10 98.12 -53.82
CA ILE Z 1228 -28.57 99.45 -54.04
C ILE Z 1228 -27.29 99.38 -54.86
N ALA Z 1229 -27.23 100.16 -55.94
CA ALA Z 1229 -26.04 100.28 -56.74
C ALA Z 1229 -25.11 101.33 -56.15
N PHE Z 1230 -23.83 101.22 -56.49
CA PHE Z 1230 -22.80 102.08 -55.93
C PHE Z 1230 -22.13 102.88 -57.03
N PRO Z 1231 -22.07 104.21 -56.91
CA PRO Z 1231 -21.53 105.04 -58.00
C PRO Z 1231 -20.02 104.90 -58.08
N ARG Z 1232 -19.55 104.49 -59.26
CA ARG Z 1232 -18.12 104.23 -59.46
C ARG Z 1232 -17.30 105.50 -59.31
N ASN Z 1233 -17.89 106.66 -59.59
CA ASN Z 1233 -17.16 107.92 -59.63
C ASN Z 1233 -16.97 108.57 -58.26
N THR Z 1234 -17.24 107.87 -57.17
CA THR Z 1234 -17.21 108.45 -55.83
C THR Z 1234 -16.43 107.53 -54.91
N PRO Z 1235 -15.90 108.06 -53.81
CA PRO Z 1235 -15.34 107.19 -52.77
C PRO Z 1235 -16.41 106.27 -52.19
N VAL Z 1236 -16.02 105.04 -51.89
CA VAL Z 1236 -16.93 104.01 -51.43
C VAL Z 1236 -16.34 103.33 -50.20
N ARG Z 1237 -17.07 102.35 -49.67
CA ARG Z 1237 -16.77 101.74 -48.39
C ARG Z 1237 -16.88 100.22 -48.48
N ALA Z 1238 -16.03 99.54 -47.70
CA ALA Z 1238 -16.00 98.09 -47.70
C ALA Z 1238 -15.59 97.58 -46.34
N SER Z 1239 -16.15 96.42 -45.96
CA SER Z 1239 -15.79 95.75 -44.72
C SER Z 1239 -16.24 94.32 -44.79
N LEU Z 1240 -15.89 93.55 -43.75
CA LEU Z 1240 -16.25 92.13 -43.70
C LEU Z 1240 -17.73 91.97 -43.37
N PRO Z 1241 -18.39 90.96 -43.95
CA PRO Z 1241 -19.86 90.86 -43.80
C PRO Z 1241 -20.34 90.14 -42.55
N TYR Z 1242 -19.52 89.28 -41.96
CA TYR Z 1242 -19.95 88.50 -40.81
C TYR Z 1242 -18.99 88.67 -39.65
N THR Z 1243 -19.35 88.10 -38.51
CA THR Z 1243 -18.49 88.13 -37.34
C THR Z 1243 -17.15 87.46 -37.62
N GLY Z 1244 -17.17 86.38 -38.40
CA GLY Z 1244 -15.95 85.77 -38.89
C GLY Z 1244 -15.96 85.71 -40.40
N GLY Z 1245 -16.54 86.74 -41.01
CA GLY Z 1245 -16.78 86.77 -42.45
C GLY Z 1245 -15.60 87.19 -43.28
N GLY Z 1246 -14.65 86.27 -43.50
CA GLY Z 1246 -13.54 86.59 -44.38
C GLY Z 1246 -14.01 86.95 -45.78
N ALA Z 1247 -13.37 87.96 -46.36
CA ALA Z 1247 -13.76 88.45 -47.67
C ALA Z 1247 -12.54 88.99 -48.41
N HIS Z 1248 -12.67 89.03 -49.73
CA HIS Z 1248 -11.62 89.55 -50.61
C HIS Z 1248 -12.27 90.33 -51.74
N LEU Z 1249 -11.55 91.33 -52.26
CA LEU Z 1249 -12.10 92.25 -53.24
C LEU Z 1249 -11.40 92.11 -54.58
N THR Z 1250 -12.17 92.30 -55.64
CA THR Z 1250 -11.67 92.21 -57.01
C THR Z 1250 -12.14 93.45 -57.77
N SER Z 1251 -11.22 94.35 -58.05
CA SER Z 1251 -11.55 95.64 -58.67
C SER Z 1251 -11.69 95.47 -60.17
N GLY Z 1252 -12.93 95.47 -60.65
CA GLY Z 1252 -13.16 95.41 -62.09
C GLY Z 1252 -12.53 94.21 -62.76
N GLY Z 1253 -12.61 93.05 -62.11
CA GLY Z 1253 -11.98 91.85 -62.60
C GLY Z 1253 -10.54 91.66 -62.17
N ASN Z 1254 -9.89 92.72 -61.74
CA ASN Z 1254 -8.53 92.66 -61.23
C ASN Z 1254 -8.55 92.39 -59.73
N PRO Z 1255 -7.86 91.37 -59.23
CA PRO Z 1255 -7.82 91.15 -57.78
C PRO Z 1255 -7.33 92.39 -57.07
N PHE Z 1256 -8.02 92.75 -55.98
CA PHE Z 1256 -7.79 94.04 -55.34
C PHE Z 1256 -7.19 93.90 -53.95
N MET Z 1257 -7.84 93.19 -53.04
CA MET Z 1257 -7.33 93.13 -51.68
C MET Z 1257 -8.04 92.05 -50.90
N SER Z 1258 -7.29 91.36 -50.04
CA SER Z 1258 -7.89 90.52 -49.00
C SER Z 1258 -8.30 91.43 -47.85
N LEU Z 1259 -9.60 91.71 -47.77
CA LEU Z 1259 -10.08 92.64 -46.75
C LEU Z 1259 -9.86 92.11 -45.34
N THR Z 1260 -9.75 90.80 -45.18
CA THR Z 1260 -9.40 90.24 -43.87
C THR Z 1260 -7.98 90.63 -43.47
N THR Z 1261 -7.04 90.48 -44.39
CA THR Z 1261 -5.62 90.74 -44.14
C THR Z 1261 -5.12 91.68 -45.23
N PRO Z 1262 -5.33 92.98 -45.06
CA PRO Z 1262 -4.84 93.92 -46.05
C PRO Z 1262 -3.33 93.88 -46.14
N PRO Z 1263 -2.77 94.21 -47.29
CA PRO Z 1263 -1.30 94.22 -47.42
C PRO Z 1263 -0.70 95.20 -46.41
N ALA Z 1264 0.54 94.88 -45.99
CA ALA Z 1264 1.21 95.68 -44.98
C ALA Z 1264 1.15 97.17 -45.28
N VAL Z 1265 1.17 97.53 -46.56
CA VAL Z 1265 0.82 98.87 -47.03
C VAL Z 1265 -0.43 98.74 -47.87
N LEU Z 1266 -1.45 99.53 -47.55
CA LEU Z 1266 -2.71 99.44 -48.24
C LEU Z 1266 -2.52 99.73 -49.73
N PRO Z 1267 -3.35 99.14 -50.59
CA PRO Z 1267 -3.27 99.47 -52.02
C PRO Z 1267 -3.48 100.96 -52.23
N ALA Z 1268 -2.84 101.48 -53.27
CA ALA Z 1268 -2.75 102.92 -53.46
C ALA Z 1268 -4.12 103.58 -53.46
N GLY Z 1269 -4.24 104.65 -52.67
CA GLY Z 1269 -5.44 105.45 -52.62
C GLY Z 1269 -6.40 105.08 -51.51
N VAL Z 1270 -6.53 103.78 -51.19
CA VAL Z 1270 -7.49 103.37 -50.17
C VAL Z 1270 -6.93 103.68 -48.79
N ALA Z 1271 -7.83 103.75 -47.81
CA ALA Z 1271 -7.46 104.04 -46.44
C ALA Z 1271 -8.48 103.39 -45.51
N LEU Z 1272 -8.09 103.28 -44.24
CA LEU Z 1272 -8.97 102.73 -43.23
C LEU Z 1272 -9.92 103.81 -42.73
N ALA Z 1273 -11.22 103.51 -42.75
CA ALA Z 1273 -12.23 104.49 -42.37
C ALA Z 1273 -12.25 104.69 -40.86
N ALA Z 1274 -12.87 105.80 -40.44
CA ALA Z 1274 -12.94 106.12 -39.02
C ALA Z 1274 -14.05 105.33 -38.34
N LEU Z 1275 -15.30 105.54 -38.75
CA LEU Z 1275 -16.42 104.82 -38.15
C LEU Z 1275 -16.37 103.35 -38.55
N SER Z 1276 -16.71 102.48 -37.60
CA SER Z 1276 -16.68 101.03 -37.86
C SER Z 1276 -17.56 100.67 -39.03
N THR Z 1277 -18.88 100.87 -38.90
CA THR Z 1277 -19.86 100.66 -39.96
C THR Z 1277 -19.82 99.25 -40.54
N SER Z 1278 -19.15 98.32 -39.88
CA SER Z 1278 -19.16 96.95 -40.37
C SER Z 1278 -20.39 96.24 -39.84
N VAL Z 1279 -20.47 94.92 -40.06
CA VAL Z 1279 -21.58 94.16 -39.47
C VAL Z 1279 -21.50 94.20 -37.95
N ALA Z 1280 -20.30 94.05 -37.41
CA ALA Z 1280 -20.04 94.14 -35.98
C ALA Z 1280 -18.92 95.16 -35.77
N THR Z 1281 -19.01 95.89 -34.66
CA THR Z 1281 -18.15 97.05 -34.45
C THR Z 1281 -16.67 96.69 -34.46
N GLN Z 1282 -16.32 95.43 -34.18
CA GLN Z 1282 -14.91 95.05 -34.12
C GLN Z 1282 -14.22 95.24 -35.47
N TYR Z 1283 -14.90 94.87 -36.56
CA TYR Z 1283 -14.27 95.07 -37.86
C TYR Z 1283 -14.32 96.55 -38.25
N PRO Z 1284 -13.26 97.07 -38.86
CA PRO Z 1284 -13.29 98.41 -39.43
C PRO Z 1284 -13.76 98.38 -40.88
N THR Z 1285 -14.10 99.56 -41.38
CA THR Z 1285 -14.37 99.74 -42.80
C THR Z 1285 -13.15 100.31 -43.50
N TYR Z 1286 -12.99 99.96 -44.77
CA TYR Z 1286 -11.95 100.49 -45.62
C TYR Z 1286 -12.61 101.34 -46.70
N THR Z 1287 -12.12 102.55 -46.91
CA THR Z 1287 -12.68 103.43 -47.92
C THR Z 1287 -11.86 103.34 -49.19
N LEU Z 1288 -12.53 103.18 -50.32
CA LEU Z 1288 -11.84 103.10 -51.60
C LEU Z 1288 -12.13 104.35 -52.42
N PRO Z 1289 -11.07 105.01 -52.94
CA PRO Z 1289 -11.31 106.28 -53.63
C PRO Z 1289 -12.44 106.23 -54.67
N ALA Z 1290 -12.52 105.15 -55.43
CA ALA Z 1290 -13.55 105.03 -56.47
C ALA Z 1290 -13.36 103.73 -57.24
N GLY Z 1291 -14.30 103.42 -58.11
CA GLY Z 1291 -14.18 102.22 -58.92
C GLY Z 1291 -15.22 101.17 -58.59
N VAL Z 1292 -15.16 100.04 -59.27
CA VAL Z 1292 -16.12 98.96 -59.02
C VAL Z 1292 -15.38 97.75 -58.48
N TYR Z 1293 -16.04 96.93 -57.67
CA TYR Z 1293 -15.35 95.82 -57.04
C TYR Z 1293 -16.30 94.64 -56.87
N GLU Z 1294 -15.72 93.46 -56.71
CA GLU Z 1294 -16.45 92.26 -56.38
C GLU Z 1294 -16.30 91.92 -54.89
N TYR Z 1295 -17.07 90.94 -54.46
CA TYR Z 1295 -17.05 90.46 -53.07
C TYR Z 1295 -17.00 88.93 -53.10
N VAL Z 1296 -15.82 88.37 -52.90
CA VAL Z 1296 -15.67 86.94 -52.64
C VAL Z 1296 -15.54 86.76 -51.15
N ILE Z 1297 -16.37 85.90 -50.58
CA ILE Z 1297 -16.52 85.80 -49.13
C ILE Z 1297 -16.14 84.39 -48.68
N ALA AA 1 22.74 -37.05 -59.34
CA ALA AA 1 22.15 -38.09 -60.18
C ALA AA 1 22.04 -37.62 -61.62
N GLN AA 2 20.95 -38.00 -62.28
CA GLN AA 2 20.76 -37.66 -63.69
C GLN AA 2 19.25 -37.63 -63.94
N ARG AA 3 18.69 -36.43 -64.05
CA ARG AA 3 17.24 -36.25 -64.00
C ARG AA 3 16.57 -36.35 -65.36
N GLN AA 4 17.23 -36.89 -66.37
CA GLN AA 4 16.63 -36.87 -67.69
C GLN AA 4 17.24 -37.97 -68.56
N PHE AA 5 16.43 -38.52 -69.46
CA PHE AA 5 16.91 -39.46 -70.44
C PHE AA 5 16.11 -39.32 -71.73
N PHE AA 6 16.67 -39.87 -72.80
CA PHE AA 6 16.00 -39.91 -74.09
C PHE AA 6 16.06 -41.34 -74.62
N GLY AA 7 15.06 -41.70 -75.42
CA GLY AA 7 14.97 -43.07 -75.89
C GLY AA 7 14.27 -43.19 -77.22
N LEU AA 8 14.32 -44.41 -77.77
CA LEU AA 8 13.72 -44.70 -79.06
C LEU AA 8 13.22 -46.14 -79.06
N THR AA 9 11.98 -46.32 -79.49
CA THR AA 9 11.39 -47.66 -79.51
C THR AA 9 11.91 -48.45 -80.70
N TYR AA 10 11.51 -49.71 -80.76
CA TYR AA 10 12.02 -50.61 -81.79
C TYR AA 10 11.42 -50.30 -83.14
N ASN AA 11 11.94 -51.00 -84.15
CA ASN AA 11 11.42 -50.92 -85.51
C ASN AA 11 10.71 -52.22 -85.86
N PHE AA 12 9.56 -52.09 -86.51
CA PHE AA 12 8.88 -53.25 -87.05
C PHE AA 12 9.50 -53.59 -88.39
N TYR AA 13 9.95 -54.83 -88.54
CA TYR AA 13 10.56 -55.27 -89.79
C TYR AA 13 9.45 -55.58 -90.80
N GLY AA 14 8.81 -54.52 -91.28
CA GLY AA 14 7.71 -54.65 -92.21
C GLY AA 14 6.42 -55.17 -91.62
N GLN AA 15 6.45 -55.71 -90.41
CA GLN AA 15 5.26 -56.22 -89.79
C GLN AA 15 4.41 -55.07 -89.26
N PRO AA 16 3.10 -55.28 -89.10
CA PRO AA 16 2.22 -54.19 -88.67
C PRO AA 16 2.11 -53.96 -87.18
N ALA AA 17 2.62 -54.86 -86.35
CA ALA AA 17 2.41 -54.76 -84.91
C ALA AA 17 3.67 -55.19 -84.19
N PRO AA 18 3.87 -54.77 -82.94
CA PRO AA 18 5.03 -55.24 -82.19
C PRO AA 18 5.01 -56.76 -82.02
N LEU AA 19 6.20 -57.34 -81.97
CA LEU AA 19 6.38 -58.77 -82.17
C LEU AA 19 6.59 -59.47 -80.83
N PHE AA 20 5.49 -59.86 -80.20
CA PHE AA 20 5.50 -60.72 -79.03
C PHE AA 20 4.08 -61.18 -78.78
N ASP AA 21 3.93 -62.40 -78.29
CA ASP AA 21 2.62 -62.93 -77.97
C ASP AA 21 2.34 -62.78 -76.50
N LEU AA 22 1.16 -63.21 -76.08
CA LEU AA 22 0.77 -63.11 -74.68
C LEU AA 22 1.70 -63.93 -73.80
N ASN AA 23 2.06 -65.13 -74.24
CA ASN AA 23 2.90 -66.00 -73.43
C ASN AA 23 4.25 -65.36 -73.16
N ASP AA 24 4.81 -64.68 -74.17
CA ASP AA 24 6.06 -63.96 -73.95
C ASP AA 24 5.95 -63.01 -72.79
N LEU AA 25 4.91 -62.16 -72.81
CA LEU AA 25 4.69 -61.25 -71.69
C LEU AA 25 4.42 -62.04 -70.41
N GLN AA 26 3.56 -63.05 -70.50
CA GLN AA 26 3.15 -63.78 -69.30
C GLN AA 26 4.32 -64.47 -68.65
N GLU AA 27 5.30 -64.90 -69.42
CA GLU AA 27 6.47 -65.56 -68.86
C GLU AA 27 7.55 -64.55 -68.47
N LEU AA 28 7.88 -63.63 -69.36
CA LEU AA 28 9.02 -62.76 -69.16
C LEU AA 28 8.74 -61.58 -68.26
N ALA AA 29 7.47 -61.21 -68.08
CA ALA AA 29 7.16 -60.08 -67.20
C ALA AA 29 5.90 -60.31 -66.37
N GLY AA 30 5.49 -61.55 -66.19
CA GLY AA 30 4.23 -61.85 -65.52
C GLY AA 30 4.34 -61.83 -64.01
N CYS AA 31 3.42 -62.54 -63.37
CA CYS AA 31 3.40 -62.72 -61.92
C CYS AA 31 3.20 -61.41 -61.17
N TYR AA 32 2.72 -60.37 -61.85
CA TYR AA 32 2.54 -59.05 -61.26
C TYR AA 32 3.83 -58.50 -60.67
N ALA AA 33 4.97 -59.03 -61.07
CA ALA AA 33 6.23 -58.64 -60.48
C ALA AA 33 6.84 -57.45 -61.23
N ARG AA 34 7.84 -56.84 -60.61
CA ARG AA 34 8.54 -55.75 -61.26
C ARG AA 34 9.43 -56.30 -62.36
N PRO AA 35 9.31 -55.82 -63.60
CA PRO AA 35 10.16 -56.30 -64.69
C PRO AA 35 11.44 -55.53 -64.89
N TRP AA 36 11.79 -54.62 -64.00
CA TRP AA 36 12.75 -53.57 -64.30
C TRP AA 36 14.21 -53.96 -64.04
N THR AA 37 14.48 -55.15 -63.53
CA THR AA 37 15.87 -55.56 -63.39
C THR AA 37 16.04 -57.04 -63.68
N SER AA 38 15.23 -57.58 -64.59
CA SER AA 38 15.16 -59.00 -64.81
C SER AA 38 16.15 -59.51 -65.86
N ARG AA 39 16.90 -58.62 -66.49
CA ARG AA 39 17.64 -59.01 -67.68
C ARG AA 39 18.63 -60.14 -67.41
N PHE AA 40 19.22 -60.18 -66.22
CA PHE AA 40 20.17 -61.22 -65.89
C PHE AA 40 19.55 -62.41 -65.17
N SER AA 41 18.26 -62.35 -64.85
CA SER AA 41 17.63 -63.45 -64.14
C SER AA 41 17.61 -64.73 -64.95
N HIS AA 42 17.82 -64.64 -66.26
CA HIS AA 42 17.82 -65.79 -67.16
C HIS AA 42 19.12 -65.85 -67.94
N LEU AA 43 20.23 -65.62 -67.25
CA LEU AA 43 21.55 -65.75 -67.83
C LEU AA 43 22.44 -66.49 -66.84
N ALA AA 44 23.50 -67.09 -67.36
CA ALA AA 44 24.38 -67.90 -66.52
C ALA AA 44 25.80 -67.81 -67.08
N ILE AA 45 26.68 -68.64 -66.53
CA ILE AA 45 28.11 -68.53 -66.82
C ILE AA 45 28.41 -68.93 -68.26
N SER AA 46 27.64 -69.84 -68.83
CA SER AA 46 27.94 -70.32 -70.18
C SER AA 46 26.67 -70.88 -70.80
N THR AA 47 26.74 -71.06 -72.13
CA THR AA 47 25.60 -71.59 -72.86
C THR AA 47 25.25 -73.01 -72.44
N GLY AA 48 26.25 -73.77 -71.96
CA GLY AA 48 26.01 -75.16 -71.63
C GLY AA 48 24.95 -75.36 -70.57
N SER AA 49 24.77 -74.37 -69.71
CA SER AA 49 23.82 -74.46 -68.62
C SER AA 49 22.48 -73.78 -68.94
N LEU AA 50 22.28 -73.36 -70.18
CA LEU AA 50 21.10 -72.56 -70.47
C LEU AA 50 20.26 -73.22 -71.55
N PRO AA 51 18.94 -73.02 -71.51
CA PRO AA 51 18.07 -73.63 -72.51
C PRO AA 51 17.95 -72.80 -73.76
N VAL AA 52 19.10 -72.33 -74.29
CA VAL AA 52 19.08 -71.47 -75.47
C VAL AA 52 19.16 -72.23 -76.77
N TRP AA 53 19.15 -73.56 -76.72
CA TRP AA 53 19.45 -74.35 -77.91
C TRP AA 53 18.21 -74.86 -78.64
N SER AA 54 17.01 -74.60 -78.14
CA SER AA 54 15.82 -75.14 -78.77
C SER AA 54 14.58 -74.42 -78.27
N ALA AA 55 13.44 -74.78 -78.85
CA ALA AA 55 12.13 -74.28 -78.44
C ALA AA 55 12.07 -72.76 -78.49
N ARG AA 56 11.12 -72.18 -77.76
CA ARG AA 56 11.04 -70.73 -77.69
C ARG AA 56 12.30 -70.17 -77.06
N TYR AA 57 12.60 -68.92 -77.40
CA TYR AA 57 13.83 -68.26 -76.99
C TYR AA 57 15.08 -69.10 -77.29
N PRO AA 58 15.25 -69.53 -78.55
CA PRO AA 58 16.38 -70.40 -78.90
C PRO AA 58 17.64 -69.63 -79.29
N SER AA 59 18.01 -68.66 -78.46
CA SER AA 59 19.24 -67.92 -78.69
C SER AA 59 19.58 -67.16 -77.42
N VAL AA 60 20.86 -66.80 -77.30
CA VAL AA 60 21.31 -66.11 -76.09
C VAL AA 60 20.61 -64.76 -75.97
N ALA AA 61 20.54 -64.02 -77.06
CA ALA AA 61 19.95 -62.69 -77.01
C ALA AA 61 18.44 -62.70 -77.07
N SER AA 62 17.83 -63.87 -77.34
CA SER AA 62 16.41 -63.91 -77.67
C SER AA 62 15.55 -63.24 -76.61
N ARG AA 63 15.77 -63.59 -75.34
CA ARG AA 63 14.91 -63.05 -74.28
C ARG AA 63 15.00 -61.54 -74.22
N ASN AA 64 16.22 -61.00 -74.17
CA ASN AA 64 16.37 -59.56 -74.07
C ASN AA 64 15.81 -58.84 -75.28
N ILE AA 65 15.90 -59.46 -76.46
CA ILE AA 65 15.28 -58.88 -77.64
C ILE AA 65 13.78 -58.75 -77.43
N ILE AA 66 13.15 -59.83 -76.99
CA ILE AA 66 11.70 -59.82 -76.80
C ILE AA 66 11.33 -58.80 -75.74
N VAL AA 67 12.13 -58.69 -74.70
CA VAL AA 67 11.88 -57.69 -73.66
C VAL AA 67 11.82 -56.30 -74.30
N ASN AA 68 12.79 -55.99 -75.16
CA ASN AA 68 12.83 -54.68 -75.79
C ASN AA 68 11.57 -54.43 -76.60
N THR AA 69 11.17 -55.42 -77.40
CA THR AA 69 9.95 -55.27 -78.17
C THR AA 69 8.74 -55.08 -77.26
N LEU AA 70 8.72 -55.83 -76.15
CA LEU AA 70 7.63 -55.71 -75.21
C LEU AA 70 7.51 -54.30 -74.67
N LEU AA 71 8.64 -53.71 -74.27
CA LEU AA 71 8.60 -52.36 -73.73
C LEU AA 71 8.11 -51.36 -74.77
N GLY AA 72 8.37 -51.63 -76.05
CA GLY AA 72 7.95 -50.72 -77.10
C GLY AA 72 6.46 -50.47 -77.12
N ALA AA 73 5.68 -51.37 -76.54
CA ALA AA 73 4.23 -51.24 -76.55
C ALA AA 73 3.69 -50.55 -75.30
N HIS AA 74 4.54 -50.18 -74.35
CA HIS AA 74 4.03 -49.67 -73.09
C HIS AA 74 4.77 -48.43 -72.60
N LEU AA 75 5.68 -47.86 -73.39
CA LEU AA 75 6.42 -46.69 -72.98
C LEU AA 75 5.75 -45.40 -73.44
N ASN AA 76 4.46 -45.43 -73.74
CA ASN AA 76 3.77 -44.25 -74.22
C ASN AA 76 3.90 -43.02 -73.32
N PRO AA 77 3.86 -43.14 -71.99
CA PRO AA 77 3.95 -41.91 -71.16
C PRO AA 77 5.15 -41.05 -71.50
N PHE AA 78 6.28 -41.64 -71.85
CA PHE AA 78 7.42 -40.84 -72.26
C PHE AA 78 7.32 -40.37 -73.70
N ALA AA 79 6.23 -40.69 -74.38
CA ALA AA 79 5.98 -40.21 -75.73
C ALA AA 79 4.78 -39.28 -75.81
N GLY AA 80 3.69 -39.60 -75.12
CA GLY AA 80 2.49 -38.79 -75.18
C GLY AA 80 2.03 -38.34 -73.82
N GLY AA 81 2.78 -38.68 -72.78
CA GLY AA 81 2.45 -38.23 -71.45
C GLY AA 81 1.30 -38.95 -70.80
N GLN AA 82 0.83 -40.06 -71.36
CA GLN AA 82 -0.31 -40.77 -70.80
C GLN AA 82 -0.05 -42.25 -70.80
N VAL AA 83 -0.50 -42.91 -69.73
CA VAL AA 83 -0.51 -44.37 -69.69
C VAL AA 83 -1.62 -44.88 -70.61
N THR AA 84 -1.34 -45.97 -71.31
CA THR AA 84 -2.30 -46.56 -72.24
C THR AA 84 -2.36 -48.06 -72.01
N SER AA 85 -3.24 -48.71 -72.74
CA SER AA 85 -3.37 -50.15 -72.71
C SER AA 85 -3.11 -50.71 -74.11
N HIS AA 86 -2.61 -51.93 -74.15
CA HIS AA 86 -2.37 -52.62 -75.42
C HIS AA 86 -2.79 -54.06 -75.25
N GLN AA 87 -3.77 -54.49 -76.05
CA GLN AA 87 -4.30 -55.84 -75.98
C GLN AA 87 -4.71 -56.20 -74.56
N GLY AA 88 -5.37 -55.25 -73.89
CA GLY AA 88 -5.98 -55.52 -72.61
C GLY AA 88 -5.06 -55.50 -71.42
N ILE AA 89 -3.84 -55.02 -71.56
CA ILE AA 89 -2.87 -55.01 -70.47
C ILE AA 89 -2.26 -53.63 -70.35
N THR AA 90 -2.03 -53.21 -69.11
CA THR AA 90 -1.52 -51.87 -68.84
C THR AA 90 -0.83 -51.87 -67.49
N TRP AA 91 -0.18 -50.74 -67.19
CA TRP AA 91 0.46 -50.58 -65.90
C TRP AA 91 -0.57 -50.48 -64.79
N ARG AA 92 -0.19 -50.91 -63.60
CA ARG AA 92 -1.10 -50.89 -62.47
C ARG AA 92 -1.24 -49.52 -61.82
N ASP AA 93 -0.29 -48.63 -62.03
CA ASP AA 93 -0.22 -47.40 -61.26
C ASP AA 93 0.57 -46.37 -62.04
N PRO AA 94 0.43 -45.08 -61.70
CA PRO AA 94 1.25 -44.06 -62.40
C PRO AA 94 2.73 -44.26 -62.22
N VAL AA 95 3.16 -44.97 -61.17
CA VAL AA 95 4.57 -45.24 -60.97
C VAL AA 95 5.11 -46.31 -61.91
N LEU AA 96 4.24 -46.96 -62.67
CA LEU AA 96 4.66 -47.99 -63.62
C LEU AA 96 5.37 -49.13 -62.92
N SER AA 97 4.83 -49.55 -61.78
CA SER AA 97 5.49 -50.60 -61.00
C SER AA 97 5.41 -51.95 -61.70
N SER AA 98 4.27 -52.28 -62.27
CA SER AA 98 4.07 -53.61 -62.85
C SER AA 98 2.87 -53.55 -63.79
N LEU AA 99 2.69 -54.64 -64.53
CA LEU AA 99 1.62 -54.76 -65.51
C LEU AA 99 0.47 -55.59 -64.95
N ALA AA 100 -0.68 -55.45 -65.59
CA ALA AA 100 -1.88 -56.17 -65.20
C ALA AA 100 -2.92 -56.00 -66.29
N PRO AA 101 -3.92 -56.88 -66.35
CA PRO AA 101 -5.04 -56.64 -67.25
C PRO AA 101 -5.83 -55.41 -66.83
N VAL AA 102 -6.45 -54.78 -67.82
CA VAL AA 102 -7.13 -53.50 -67.61
C VAL AA 102 -8.33 -53.69 -66.69
N PRO AA 103 -8.66 -52.71 -65.86
CA PRO AA 103 -9.89 -52.79 -65.07
C PRO AA 103 -11.11 -52.62 -65.96
N ALA AA 104 -12.24 -53.13 -65.46
CA ALA AA 104 -13.47 -53.13 -66.22
C ALA AA 104 -14.25 -51.83 -66.11
N ILE AA 105 -13.96 -51.00 -65.11
CA ILE AA 105 -14.80 -49.84 -64.84
C ILE AA 105 -14.31 -48.61 -65.59
N GLN AA 106 -13.02 -48.30 -65.50
CA GLN AA 106 -12.45 -47.12 -66.15
C GLN AA 106 -11.18 -47.50 -66.87
N PRO AA 107 -11.30 -48.14 -68.04
CA PRO AA 107 -10.10 -48.54 -68.78
C PRO AA 107 -9.34 -47.33 -69.26
N PRO AA 108 -8.01 -47.40 -69.34
CA PRO AA 108 -7.24 -46.34 -69.94
C PRO AA 108 -7.39 -46.34 -71.44
N PRO AA 109 -7.03 -45.25 -72.12
CA PRO AA 109 -7.14 -45.24 -73.58
C PRO AA 109 -6.25 -46.29 -74.22
N VAL AA 110 -6.72 -46.84 -75.32
CA VAL AA 110 -5.99 -47.86 -76.06
C VAL AA 110 -4.85 -47.22 -76.82
N TRP AA 111 -3.66 -47.83 -76.74
CA TRP AA 111 -2.50 -47.29 -77.41
C TRP AA 111 -2.62 -47.44 -78.92
N ALA AA 112 -2.33 -46.38 -79.64
CA ALA AA 112 -2.25 -46.44 -81.10
C ALA AA 112 -0.85 -46.91 -81.48
N VAL AA 113 -0.79 -47.99 -82.27
CA VAL AA 113 0.49 -48.63 -82.53
C VAL AA 113 1.35 -47.76 -83.44
N ALA AA 114 2.65 -47.77 -83.19
CA ALA AA 114 3.63 -47.06 -83.99
C ALA AA 114 5.00 -47.66 -83.69
N GLU AA 115 5.99 -47.26 -84.49
CA GLU AA 115 7.33 -47.79 -84.35
C GLU AA 115 8.35 -46.66 -84.35
N ASN AA 116 9.50 -46.94 -83.75
CA ASN AA 116 10.61 -46.00 -83.68
C ASN AA 116 10.16 -44.67 -83.09
N VAL AA 117 9.47 -44.76 -81.97
CA VAL AA 117 8.94 -43.57 -81.30
C VAL AA 117 10.02 -42.94 -80.44
N PRO AA 118 10.36 -41.68 -80.68
CA PRO AA 118 11.31 -41.00 -79.78
C PRO AA 118 10.68 -40.76 -78.42
N LEU AA 119 11.52 -40.78 -77.39
CA LEU AA 119 11.05 -40.72 -76.01
C LEU AA 119 11.81 -39.65 -75.24
N ASP AA 120 11.06 -38.87 -74.44
CA ASP AA 120 11.62 -37.86 -73.57
C ASP AA 120 11.12 -38.09 -72.16
N SER AA 121 12.02 -37.93 -71.18
CA SER AA 121 11.60 -38.00 -69.78
C SER AA 121 10.69 -36.85 -69.42
N ASN AA 122 10.91 -35.68 -70.02
CA ASN AA 122 10.16 -34.49 -69.64
C ASN AA 122 8.67 -34.60 -69.99
N ASN AA 123 8.31 -35.53 -70.87
CA ASN AA 123 6.91 -35.69 -71.23
C ASN AA 123 6.06 -36.26 -70.11
N TYR AA 124 6.68 -36.77 -69.05
CA TYR AA 124 5.96 -37.44 -67.97
C TYR AA 124 6.47 -36.90 -66.64
N PRO AA 125 5.93 -35.77 -66.19
CA PRO AA 125 6.52 -35.09 -65.03
C PRO AA 125 6.57 -35.94 -63.78
N THR AA 126 5.62 -36.84 -63.59
CA THR AA 126 5.59 -37.63 -62.36
C THR AA 126 6.86 -38.46 -62.20
N TYR AA 127 7.54 -38.77 -63.30
CA TYR AA 127 8.75 -39.56 -63.21
C TYR AA 127 9.80 -38.85 -62.37
N VAL AA 128 10.11 -37.60 -62.73
CA VAL AA 128 11.12 -36.86 -61.98
C VAL AA 128 10.69 -36.67 -60.55
N LEU AA 129 9.41 -36.36 -60.34
CA LEU AA 129 8.90 -36.18 -58.99
C LEU AA 129 9.01 -37.45 -58.16
N ASN AA 130 9.12 -38.60 -58.80
CA ASN AA 130 9.31 -39.87 -58.10
C ASN AA 130 10.58 -40.55 -58.55
N LEU AA 131 11.60 -39.75 -58.87
CA LEU AA 131 12.84 -40.29 -59.41
C LEU AA 131 13.43 -41.35 -58.50
N SER AA 132 13.32 -41.16 -57.19
CA SER AA 132 13.96 -42.06 -56.25
C SER AA 132 13.47 -43.48 -56.39
N SER AA 133 12.22 -43.68 -56.81
CA SER AA 133 11.66 -45.01 -56.94
C SER AA 133 11.56 -45.49 -58.37
N MET AA 134 11.41 -44.58 -59.33
CA MET AA 134 11.31 -44.95 -60.73
C MET AA 134 12.66 -44.98 -61.42
N TRP AA 135 13.75 -44.83 -60.66
CA TRP AA 135 15.08 -44.84 -61.24
C TRP AA 135 15.38 -46.06 -62.12
N PRO AA 136 14.98 -47.29 -61.77
CA PRO AA 136 15.35 -48.42 -62.61
C PRO AA 136 14.87 -48.30 -64.05
N ILE AA 137 13.79 -47.56 -64.29
CA ILE AA 137 13.30 -47.40 -65.65
C ILE AA 137 14.40 -46.79 -66.52
N ASN AA 138 15.16 -45.86 -65.96
CA ASN AA 138 16.19 -45.16 -66.71
C ASN AA 138 17.14 -46.14 -67.40
N GLN AA 139 17.63 -47.12 -66.65
CA GLN AA 139 18.62 -48.04 -67.20
C GLN AA 139 18.03 -48.84 -68.36
N ASP AA 140 16.88 -49.47 -68.13
CA ASP AA 140 16.34 -50.37 -69.16
C ASP AA 140 15.97 -49.62 -70.42
N VAL AA 141 15.34 -48.45 -70.28
CA VAL AA 141 15.00 -47.66 -71.46
C VAL AA 141 16.26 -47.34 -72.25
N HIS AA 142 17.32 -46.96 -71.56
CA HIS AA 142 18.58 -46.70 -72.23
C HIS AA 142 19.05 -47.95 -72.98
N ILE AA 143 19.00 -49.10 -72.31
CA ILE AA 143 19.44 -50.34 -72.94
C ILE AA 143 18.60 -50.63 -74.17
N MET AA 144 17.28 -50.50 -74.03
CA MET AA 144 16.41 -50.77 -75.17
C MET AA 144 16.77 -49.88 -76.34
N THR AA 145 17.01 -48.60 -76.06
CA THR AA 145 17.37 -47.67 -77.13
C THR AA 145 18.69 -48.07 -77.77
N MET AA 146 19.69 -48.40 -76.96
CA MET AA 146 21.00 -48.72 -77.50
C MET AA 146 20.93 -49.93 -78.44
N TRP AA 147 19.99 -50.84 -78.21
CA TRP AA 147 19.83 -51.95 -79.13
C TRP AA 147 18.97 -51.55 -80.33
N ALA AA 148 17.90 -50.81 -80.08
CA ALA AA 148 16.98 -50.46 -81.16
C ALA AA 148 17.67 -49.66 -82.25
N LEU AA 149 18.70 -48.91 -81.90
CA LEU AA 149 19.34 -48.02 -82.85
C LEU AA 149 20.08 -48.75 -83.96
N SER AA 150 20.32 -50.05 -83.82
CA SER AA 150 21.19 -50.74 -84.75
C SER AA 150 20.61 -52.08 -85.15
N ASP AA 151 20.75 -52.43 -86.42
CA ASP AA 151 20.64 -53.80 -86.83
C ASP AA 151 21.93 -54.53 -86.45
N GLN AA 152 21.87 -55.86 -86.49
CA GLN AA 152 22.97 -56.73 -86.03
C GLN AA 152 23.23 -56.36 -84.57
N GLY AA 153 24.49 -56.21 -84.15
CA GLY AA 153 24.81 -56.06 -82.76
C GLY AA 153 24.39 -54.72 -82.18
N PRO AA 154 24.14 -54.69 -80.88
CA PRO AA 154 23.81 -53.43 -80.21
C PRO AA 154 25.00 -52.51 -80.15
N ILE AA 155 24.71 -51.24 -79.90
CA ILE AA 155 25.73 -50.19 -79.85
C ILE AA 155 26.12 -49.95 -78.41
N TYR AA 156 27.40 -49.67 -78.18
CA TYR AA 156 27.89 -49.30 -76.87
C TYR AA 156 29.09 -48.39 -77.03
N HIS AA 157 29.51 -47.78 -75.94
CA HIS AA 157 30.48 -46.71 -75.96
C HIS AA 157 31.73 -47.07 -75.18
N LEU AA 158 32.87 -46.60 -75.67
CA LEU AA 158 34.17 -46.84 -75.06
C LEU AA 158 34.88 -45.51 -74.85
N GLU AA 159 35.74 -45.47 -73.84
CA GLU AA 159 36.56 -44.29 -73.61
C GLU AA 159 37.70 -44.63 -72.65
N VAL AA 160 38.81 -43.92 -72.81
CA VAL AA 160 39.95 -44.07 -71.92
C VAL AA 160 40.50 -42.69 -71.59
N PRO AA 161 40.68 -42.35 -70.33
CA PRO AA 161 41.22 -41.04 -69.98
C PRO AA 161 42.74 -41.03 -70.09
N VAL AA 162 43.30 -39.82 -70.02
CA VAL AA 162 44.75 -39.66 -70.05
C VAL AA 162 45.39 -39.96 -68.70
N ASP AA 163 44.60 -40.02 -67.64
CA ASP AA 163 45.10 -40.25 -66.30
C ASP AA 163 45.27 -41.73 -66.02
N PRO AA 164 46.06 -42.09 -65.03
CA PRO AA 164 46.12 -43.48 -64.57
C PRO AA 164 44.88 -43.83 -63.76
N MET AA 165 44.75 -45.12 -63.49
CA MET AA 165 43.61 -45.57 -62.71
C MET AA 165 43.67 -45.03 -61.29
N PRO AA 166 42.55 -44.67 -60.70
CA PRO AA 166 42.54 -44.33 -59.28
C PRO AA 166 42.70 -45.57 -58.42
N ALA AA 167 43.17 -45.35 -57.20
CA ALA AA 167 43.46 -46.46 -56.31
C ALA AA 167 42.21 -47.27 -56.01
N ALA AA 168 41.08 -46.60 -55.83
CA ALA AA 168 39.85 -47.30 -55.46
C ALA AA 168 39.49 -48.35 -56.50
N THR AA 169 39.52 -47.98 -57.77
CA THR AA 169 39.24 -48.94 -58.83
C THR AA 169 40.24 -50.08 -58.80
N THR AA 170 41.51 -49.77 -58.54
CA THR AA 170 42.53 -50.81 -58.49
C THR AA 170 42.19 -51.85 -57.45
N ALA AA 171 41.85 -51.40 -56.24
CA ALA AA 171 41.51 -52.34 -55.18
C ALA AA 171 40.28 -53.15 -55.56
N ALA AA 172 39.28 -52.50 -56.14
CA ALA AA 172 38.06 -53.21 -56.53
C ALA AA 172 38.37 -54.28 -57.56
N LEU AA 173 39.14 -53.94 -58.59
CA LEU AA 173 39.45 -54.91 -59.63
C LEU AA 173 40.27 -56.06 -59.07
N MET AA 174 41.13 -55.78 -58.09
CA MET AA 174 41.93 -56.83 -57.49
C MET AA 174 41.07 -57.86 -56.76
N ALA AA 175 39.80 -57.57 -56.53
CA ALA AA 175 38.89 -58.54 -55.92
C ALA AA 175 38.04 -59.28 -56.93
N TYR AA 176 38.03 -58.87 -58.19
CA TYR AA 176 37.26 -59.53 -59.23
C TYR AA 176 38.13 -60.36 -60.15
N ILE AA 177 39.24 -60.89 -59.66
CA ILE AA 177 40.25 -61.47 -60.54
C ILE AA 177 39.69 -62.66 -61.29
N GLY AA 178 39.34 -63.71 -60.57
CA GLY AA 178 38.99 -64.95 -61.23
C GLY AA 178 37.59 -65.02 -61.77
N VAL AA 179 36.85 -63.91 -61.76
CA VAL AA 179 35.44 -63.90 -62.11
C VAL AA 179 35.27 -63.95 -63.63
N PRO AA 180 34.35 -64.75 -64.15
CA PRO AA 180 34.05 -64.69 -65.58
C PRO AA 180 33.27 -63.44 -65.94
N ILE AA 181 33.28 -63.14 -67.24
CA ILE AA 181 32.70 -61.89 -67.72
C ILE AA 181 31.22 -61.81 -67.36
N ALA AA 182 30.51 -62.93 -67.44
CA ALA AA 182 29.07 -62.92 -67.22
C ALA AA 182 28.73 -62.38 -65.84
N HIS AA 183 29.40 -62.90 -64.81
CA HIS AA 183 29.13 -62.43 -63.45
C HIS AA 183 29.45 -60.95 -63.31
N LEU AA 184 30.55 -60.51 -63.90
CA LEU AA 184 30.90 -59.10 -63.82
C LEU AA 184 29.81 -58.24 -64.43
N ALA AA 185 29.33 -58.63 -65.61
CA ALA AA 185 28.29 -57.85 -66.27
C ALA AA 185 27.06 -57.74 -65.39
N GLN AA 186 26.75 -58.79 -64.65
CA GLN AA 186 25.60 -58.73 -63.75
C GLN AA 186 25.76 -57.61 -62.74
N THR AA 187 26.90 -57.57 -62.06
CA THR AA 187 27.10 -56.57 -61.02
C THR AA 187 26.96 -55.16 -61.58
N ALA AA 188 27.55 -54.92 -62.74
CA ALA AA 188 27.41 -53.61 -63.37
C ALA AA 188 25.93 -53.30 -63.62
N TYR AA 189 25.20 -54.27 -64.16
CA TYR AA 189 23.77 -54.08 -64.35
C TYR AA 189 23.06 -53.88 -63.02
N ARG AA 190 23.42 -54.69 -62.03
CA ARG AA 190 22.81 -54.57 -60.72
C ARG AA 190 23.08 -53.21 -60.10
N PHE AA 191 24.32 -52.74 -60.23
CA PHE AA 191 24.70 -51.49 -59.57
C PHE AA 191 23.86 -50.33 -60.08
N ALA AA 192 23.95 -50.03 -61.36
CA ALA AA 192 23.28 -48.87 -61.90
C ALA AA 192 21.77 -49.00 -61.90
N GLY AA 193 21.24 -50.19 -61.65
CA GLY AA 193 19.83 -50.41 -61.84
C GLY AA 193 18.91 -49.96 -60.72
N GLN AA 194 19.32 -50.14 -59.47
CA GLN AA 194 18.35 -50.15 -58.38
C GLN AA 194 18.22 -48.85 -57.60
N LEU AA 195 19.12 -47.89 -57.79
CA LEU AA 195 18.98 -46.63 -57.06
C LEU AA 195 19.82 -45.57 -57.74
N PRO AA 196 19.40 -44.31 -57.71
CA PRO AA 196 20.15 -43.26 -58.42
C PRO AA 196 21.58 -43.13 -57.90
N GLN AA 197 22.48 -42.82 -58.82
CA GLN AA 197 23.90 -42.64 -58.48
C GLN AA 197 24.46 -41.46 -59.25
N SER AA 198 25.46 -40.88 -58.69
CA SER AA 198 26.10 -39.80 -59.44
C SER AA 198 27.17 -40.37 -60.36
N PRO AA 199 27.41 -39.73 -61.51
CA PRO AA 199 28.50 -40.19 -62.37
C PRO AA 199 29.86 -40.10 -61.71
N ASP AA 200 30.03 -39.21 -60.75
CA ASP AA 200 31.29 -39.10 -60.02
C ASP AA 200 31.35 -40.09 -58.87
N SER AA 201 31.13 -41.36 -59.18
CA SER AA 201 31.16 -42.41 -58.17
C SER AA 201 32.19 -43.46 -58.57
N THR AA 202 32.76 -44.12 -57.57
CA THR AA 202 33.88 -45.01 -57.80
C THR AA 202 33.51 -46.14 -58.74
N MET AA 203 32.33 -46.73 -58.56
CA MET AA 203 31.92 -47.84 -59.42
C MET AA 203 31.83 -47.40 -60.87
N VAL AA 204 31.31 -46.21 -61.12
CA VAL AA 204 31.16 -45.74 -62.49
C VAL AA 204 32.49 -45.74 -63.21
N SER AA 205 33.51 -45.18 -62.56
CA SER AA 205 34.85 -45.21 -63.14
C SER AA 205 35.34 -46.63 -63.29
N THR AA 206 35.03 -47.48 -62.30
CA THR AA 206 35.49 -48.86 -62.36
C THR AA 206 34.98 -49.56 -63.60
N ILE AA 207 33.67 -49.52 -63.82
CA ILE AA 207 33.09 -50.22 -64.97
C ILE AA 207 33.61 -49.62 -66.27
N ARG AA 208 33.79 -48.30 -66.29
CA ARG AA 208 34.35 -47.65 -67.47
C ARG AA 208 35.68 -48.28 -67.85
N TRP AA 209 36.53 -48.53 -66.85
CA TRP AA 209 37.81 -49.18 -67.13
C TRP AA 209 37.60 -50.58 -67.67
N LEU AA 210 36.68 -51.34 -67.08
CA LEU AA 210 36.47 -52.72 -67.50
C LEU AA 210 36.12 -52.79 -68.98
N SER AA 211 35.17 -51.98 -69.42
CA SER AA 211 34.81 -51.97 -70.82
C SER AA 211 36.02 -51.69 -71.68
N ALA AA 212 36.86 -50.74 -71.26
CA ALA AA 212 38.07 -50.45 -72.01
C ALA AA 212 38.98 -51.66 -72.05
N ILE AA 213 39.24 -52.27 -70.89
CA ILE AA 213 40.15 -53.40 -70.85
C ILE AA 213 39.61 -54.56 -71.67
N TRP AA 214 38.31 -54.81 -71.57
CA TRP AA 214 37.71 -55.90 -72.33
C TRP AA 214 37.96 -55.73 -73.82
N PHE AA 215 37.70 -54.54 -74.34
CA PHE AA 215 37.93 -54.31 -75.76
C PHE AA 215 39.41 -54.44 -76.11
N GLY AA 216 40.27 -53.86 -75.27
CA GLY AA 216 41.70 -53.92 -75.57
C GLY AA 216 42.21 -55.34 -75.64
N SER AA 217 41.77 -56.19 -74.73
CA SER AA 217 42.13 -57.60 -74.80
C SER AA 217 41.42 -58.29 -75.95
N LEU AA 218 40.18 -57.89 -76.24
CA LEU AA 218 39.45 -58.50 -77.34
C LEU AA 218 40.21 -58.31 -78.65
N THR AA 219 40.73 -57.11 -78.88
CA THR AA 219 41.55 -56.86 -80.06
C THR AA 219 42.93 -57.51 -79.95
N GLY AA 220 43.28 -58.05 -78.79
CA GLY AA 220 44.57 -58.67 -78.62
C GLY AA 220 45.70 -57.74 -78.32
N ARG AA 221 45.45 -56.43 -78.25
CA ARG AA 221 46.51 -55.51 -77.86
C ARG AA 221 46.91 -55.73 -76.40
N LEU AA 222 45.96 -56.04 -75.53
CA LEU AA 222 46.23 -56.31 -74.13
C LEU AA 222 46.40 -57.81 -73.94
N ASN AA 223 47.58 -58.22 -73.49
CA ASN AA 223 47.91 -59.64 -73.36
C ASN AA 223 48.75 -59.83 -72.11
N ARG AA 224 49.20 -61.07 -71.91
CA ARG AA 224 50.15 -61.34 -70.85
C ARG AA 224 51.43 -60.54 -71.03
N SER AA 225 51.79 -60.25 -72.28
CA SER AA 225 52.97 -59.45 -72.54
C SER AA 225 52.75 -57.98 -72.21
N ARG AA 226 51.55 -57.47 -72.49
CA ARG AA 226 51.28 -56.05 -72.39
C ARG AA 226 49.92 -55.86 -71.73
N THR AA 227 49.89 -55.16 -70.61
CA THR AA 227 48.69 -55.11 -69.80
C THR AA 227 48.39 -53.70 -69.34
N CYS AA 228 47.13 -53.44 -69.03
CA CYS AA 228 46.68 -52.15 -68.53
C CYS AA 228 46.80 -52.17 -67.02
N ASN AA 229 47.83 -51.52 -66.49
CA ASN AA 229 48.08 -51.42 -65.05
C ASN AA 229 48.15 -52.79 -64.39
N GLY AA 230 48.45 -53.83 -65.17
CA GLY AA 230 48.54 -55.17 -64.65
C GLY AA 230 47.34 -56.06 -64.95
N PHE AA 231 46.24 -55.50 -65.45
CA PHE AA 231 45.05 -56.28 -65.73
C PHE AA 231 44.93 -56.58 -67.22
N TYR AA 232 44.18 -57.63 -67.51
CA TYR AA 232 43.83 -58.02 -68.88
C TYR AA 232 42.88 -59.19 -68.80
N PHE AA 233 42.17 -59.43 -69.90
CA PHE AA 233 41.23 -60.53 -69.99
C PHE AA 233 41.86 -61.72 -70.68
N GLU AA 234 41.42 -62.91 -70.30
CA GLU AA 234 41.89 -64.15 -70.89
C GLU AA 234 40.72 -64.86 -71.54
N PHE AA 235 40.90 -65.29 -72.79
CA PHE AA 235 39.86 -65.95 -73.54
C PHE AA 235 40.09 -67.46 -73.59
N ALA AA 236 39.00 -68.21 -73.61
CA ALA AA 236 39.09 -69.66 -73.63
C ALA AA 236 39.61 -70.15 -74.97
N LYS AA 237 39.98 -71.42 -74.99
CA LYS AA 237 40.52 -72.02 -76.21
C LYS AA 237 39.44 -72.11 -77.28
N PRO AA 238 39.72 -71.71 -78.51
CA PRO AA 238 38.74 -71.93 -79.58
C PRO AA 238 38.48 -73.39 -79.86
N ALA AA 239 39.42 -74.27 -79.51
CA ALA AA 239 39.24 -75.68 -79.77
C ALA AA 239 38.08 -76.28 -79.00
N LEU AA 240 37.69 -75.66 -77.88
CA LEU AA 240 36.59 -76.18 -77.08
C LEU AA 240 35.38 -75.25 -77.06
N ASN AA 241 35.55 -74.03 -76.58
CA ASN AA 241 34.47 -73.05 -76.54
C ASN AA 241 35.02 -71.66 -76.29
N PRO AA 242 35.39 -70.92 -77.34
CA PRO AA 242 35.98 -69.60 -77.12
C PRO AA 242 35.04 -68.59 -76.49
N ASP AA 243 33.75 -68.89 -76.38
CA ASP AA 243 32.77 -67.94 -75.86
C ASP AA 243 32.86 -67.85 -74.34
N GLN AA 244 34.02 -67.43 -73.85
CA GLN AA 244 34.25 -67.29 -72.43
C GLN AA 244 35.49 -66.46 -72.19
N ALA AA 245 35.41 -65.56 -71.20
CA ALA AA 245 36.54 -64.72 -70.85
C ALA AA 245 36.53 -64.44 -69.36
N VAL AA 246 37.72 -64.36 -68.77
CA VAL AA 246 37.87 -64.07 -67.35
C VAL AA 246 38.94 -63.01 -67.18
N LEU AA 247 38.90 -62.36 -66.02
CA LEU AA 247 39.84 -61.30 -65.68
C LEU AA 247 41.14 -61.89 -65.16
N LYS AA 248 42.24 -61.17 -65.38
CA LYS AA 248 43.55 -61.64 -64.93
C LYS AA 248 44.39 -60.45 -64.52
N TRP AA 249 45.37 -60.72 -63.65
CA TRP AA 249 46.35 -59.72 -63.24
C TRP AA 249 47.73 -60.36 -63.27
N ASN AA 250 48.74 -59.58 -63.67
CA ASN AA 250 49.98 -60.18 -64.13
C ASN AA 250 51.12 -59.20 -63.97
N ASP AA 251 52.35 -59.73 -64.10
CA ASP AA 251 53.58 -58.96 -64.01
C ASP AA 251 53.98 -58.31 -65.33
N GLY AA 252 53.19 -58.46 -66.39
CA GLY AA 252 53.61 -58.00 -67.69
C GLY AA 252 53.82 -56.50 -67.75
N ALA AA 253 54.50 -56.08 -68.81
CA ALA AA 253 54.75 -54.66 -69.01
C ALA AA 253 53.44 -53.90 -69.09
N ARG AA 254 53.42 -52.70 -68.51
CA ARG AA 254 52.22 -51.90 -68.46
C ARG AA 254 52.21 -50.90 -69.60
N ALA AA 255 51.08 -50.84 -70.31
CA ALA AA 255 50.97 -49.93 -71.43
C ALA AA 255 50.93 -48.48 -70.96
N ALA AA 256 51.51 -47.60 -71.76
CA ALA AA 256 51.47 -46.18 -71.44
C ALA AA 256 50.11 -45.59 -71.78
N PRO AA 257 49.71 -44.54 -71.06
CA PRO AA 257 48.43 -43.88 -71.37
C PRO AA 257 48.50 -43.20 -72.72
N PRO AA 258 47.36 -43.00 -73.38
CA PRO AA 258 47.37 -42.40 -74.71
C PRO AA 258 47.77 -40.94 -74.65
N ALA AA 259 48.22 -40.43 -75.80
CA ALA AA 259 48.60 -39.02 -75.88
C ALA AA 259 47.43 -38.11 -75.58
N ALA AA 260 46.22 -38.51 -75.96
CA ALA AA 260 45.03 -37.74 -75.66
C ALA AA 260 43.88 -38.71 -75.41
N ALA AA 261 42.85 -38.21 -74.73
CA ALA AA 261 41.71 -39.05 -74.37
C ALA AA 261 41.09 -39.66 -75.63
N GLN AA 262 40.79 -40.94 -75.56
CA GLN AA 262 40.21 -41.68 -76.66
C GLN AA 262 38.81 -42.15 -76.30
N SER AA 263 37.93 -42.18 -77.29
CA SER AA 263 36.56 -42.62 -77.09
C SER AA 263 35.93 -42.90 -78.44
N SER AA 264 34.94 -43.80 -78.43
CA SER AA 264 34.19 -44.12 -79.64
C SER AA 264 33.00 -44.98 -79.27
N TYR AA 265 32.11 -45.15 -80.23
CA TYR AA 265 31.00 -46.09 -80.13
C TYR AA 265 31.32 -47.35 -80.92
N MET AA 266 30.72 -48.46 -80.49
CA MET AA 266 31.05 -49.77 -81.03
C MET AA 266 29.79 -50.58 -81.22
N ARG AA 267 29.87 -51.55 -82.13
CA ARG AA 267 28.83 -52.56 -82.30
C ARG AA 267 29.41 -53.70 -83.13
N CYS AA 268 28.77 -54.86 -83.03
CA CYS AA 268 29.15 -56.01 -83.82
C CYS AA 268 28.39 -55.99 -85.14
N ILE AA 269 29.13 -56.08 -86.24
CA ILE AA 269 28.53 -55.93 -87.56
C ILE AA 269 27.90 -57.21 -88.09
N SER AA 270 28.13 -58.34 -87.43
CA SER AA 270 27.71 -59.61 -87.97
C SER AA 270 26.71 -60.29 -87.04
N PRO AA 271 25.83 -61.14 -87.57
CA PRO AA 271 24.78 -61.73 -86.73
C PRO AA 271 25.28 -62.63 -85.61
N HIS AA 272 26.57 -62.97 -85.56
CA HIS AA 272 27.04 -63.91 -84.56
C HIS AA 272 26.73 -63.46 -83.15
N TRP AA 273 26.61 -62.15 -82.95
CA TRP AA 273 26.40 -61.62 -81.61
C TRP AA 273 25.17 -62.20 -80.95
N GLN AA 274 24.16 -62.57 -81.75
CA GLN AA 274 22.90 -63.02 -81.17
C GLN AA 274 23.04 -64.27 -80.33
N HIS AA 275 24.12 -65.03 -80.52
CA HIS AA 275 24.30 -66.29 -79.83
C HIS AA 275 25.72 -66.43 -79.31
N GLN AA 276 26.23 -65.35 -78.72
CA GLN AA 276 27.61 -65.33 -78.24
C GLN AA 276 27.66 -64.50 -76.97
N ILE AA 277 27.85 -65.16 -75.83
CA ILE AA 277 27.57 -64.52 -74.55
C ILE AA 277 28.55 -63.38 -74.29
N VAL AA 278 29.79 -63.50 -74.73
CA VAL AA 278 30.77 -62.45 -74.46
C VAL AA 278 30.33 -61.15 -75.11
N GLU AA 279 29.72 -61.23 -76.29
CA GLU AA 279 29.22 -60.03 -76.93
C GLU AA 279 28.10 -59.42 -76.11
N VAL AA 280 27.15 -60.25 -75.67
CA VAL AA 280 26.01 -59.73 -74.93
C VAL AA 280 26.47 -59.10 -73.62
N ALA AA 281 27.31 -59.82 -72.88
CA ALA AA 281 27.76 -59.30 -71.59
C ALA AA 281 28.55 -58.02 -71.77
N GLY AA 282 29.46 -57.99 -72.74
CA GLY AA 282 30.26 -56.80 -72.96
C GLY AA 282 29.41 -55.59 -73.29
N ALA AA 283 28.42 -55.78 -74.17
CA ALA AA 283 27.54 -54.67 -74.53
C ALA AA 283 26.76 -54.19 -73.34
N LEU AA 284 26.14 -55.12 -72.60
CA LEU AA 284 25.34 -54.72 -71.45
C LEU AA 284 26.18 -53.99 -70.42
N MET AA 285 27.36 -54.53 -70.11
CA MET AA 285 28.24 -53.88 -69.15
C MET AA 285 28.57 -52.46 -69.59
N SER AA 286 28.98 -52.31 -70.85
CA SER AA 286 29.32 -50.98 -71.35
C SER AA 286 28.11 -50.06 -71.34
N GLN AA 287 26.96 -50.58 -71.76
CA GLN AA 287 25.76 -49.75 -71.80
C GLN AA 287 25.37 -49.27 -70.41
N SER AA 288 25.74 -50.03 -69.38
CA SER AA 288 25.39 -49.63 -68.02
C SER AA 288 26.03 -48.29 -67.67
N VAL AA 289 27.28 -48.08 -68.08
CA VAL AA 289 27.97 -46.83 -67.77
C VAL AA 289 27.23 -45.66 -68.38
N THR AA 290 26.92 -45.74 -69.68
CA THR AA 290 26.22 -44.64 -70.33
C THR AA 290 24.85 -44.44 -69.72
N ALA AA 291 24.26 -45.50 -69.17
CA ALA AA 291 22.94 -45.37 -68.56
C ALA AA 291 22.97 -44.40 -67.39
N VAL AA 292 24.01 -44.48 -66.55
CA VAL AA 292 24.06 -43.62 -65.39
C VAL AA 292 24.65 -42.25 -65.74
N THR AA 293 25.51 -42.18 -66.75
CA THR AA 293 26.16 -40.92 -67.07
C THR AA 293 25.59 -40.24 -68.30
N GLY AA 294 24.67 -40.88 -69.03
CA GLY AA 294 24.13 -40.30 -70.23
C GLY AA 294 25.09 -40.41 -71.39
N LEU AA 295 24.59 -40.06 -72.57
CA LEU AA 295 25.41 -40.13 -73.78
C LEU AA 295 26.40 -38.98 -73.80
N PRO AA 296 27.70 -39.25 -73.90
CA PRO AA 296 28.66 -38.14 -73.99
C PRO AA 296 28.46 -37.27 -75.21
N ALA AA 297 28.02 -37.83 -76.34
CA ALA AA 297 27.86 -37.04 -77.54
C ALA AA 297 26.94 -37.79 -78.49
N LEU AA 298 26.48 -37.08 -79.51
CA LEU AA 298 25.64 -37.69 -80.54
C LEU AA 298 26.42 -38.72 -81.33
N ILE AA 299 25.74 -39.77 -81.72
CA ILE AA 299 26.36 -40.85 -82.48
C ILE AA 299 26.32 -40.51 -83.96
N ASP AA 300 27.37 -40.91 -84.68
CA ASP AA 300 27.44 -40.64 -86.11
C ASP AA 300 26.39 -41.44 -86.86
N GLU AA 301 25.59 -40.77 -87.69
CA GLU AA 301 24.57 -41.44 -88.46
C GLU AA 301 25.13 -42.22 -89.65
N ALA AA 302 26.42 -42.03 -89.96
CA ALA AA 302 26.92 -42.39 -91.28
C ALA AA 302 26.77 -43.88 -91.60
N THR AA 303 26.72 -44.75 -90.59
CA THR AA 303 26.72 -46.19 -90.83
C THR AA 303 25.62 -46.87 -90.03
N LEU AA 304 24.41 -46.32 -90.10
CA LEU AA 304 23.29 -46.81 -89.32
C LEU AA 304 22.10 -47.07 -90.22
N PRO AA 305 21.17 -47.93 -89.79
CA PRO AA 305 19.97 -48.19 -90.59
C PRO AA 305 19.18 -46.92 -90.85
N ALA AA 306 18.23 -47.04 -91.76
CA ALA AA 306 17.50 -45.87 -92.24
C ALA AA 306 16.76 -45.18 -91.10
N TRP AA 307 16.11 -45.95 -90.24
CA TRP AA 307 15.32 -45.33 -89.19
C TRP AA 307 16.17 -44.61 -88.17
N SER AA 308 17.48 -44.86 -88.15
CA SER AA 308 18.37 -44.23 -87.18
C SER AA 308 18.94 -42.91 -87.69
N GLN AA 309 18.54 -42.45 -88.88
CA GLN AA 309 19.11 -41.25 -89.45
C GLN AA 309 18.52 -40.02 -88.77
N GLY AA 310 19.36 -39.28 -88.05
CA GLY AA 310 18.95 -38.02 -87.46
C GLY AA 310 17.93 -38.10 -86.35
N VAL AA 311 18.06 -39.07 -85.47
CA VAL AA 311 17.16 -39.17 -84.32
C VAL AA 311 17.54 -38.11 -83.30
N ALA AA 312 16.54 -37.36 -82.86
CA ALA AA 312 16.80 -36.25 -81.94
C ALA AA 312 17.43 -36.75 -80.66
N ASN AA 313 18.42 -36.00 -80.17
CA ASN AA 313 19.14 -36.25 -78.93
C ASN AA 313 19.95 -37.53 -78.97
N LEU AA 314 19.94 -38.27 -80.07
CA LEU AA 314 20.67 -39.53 -80.14
C LEU AA 314 21.71 -39.55 -81.25
N THR AA 315 21.33 -39.20 -82.47
CA THR AA 315 22.22 -39.28 -83.61
C THR AA 315 22.36 -37.93 -84.28
N GLY AA 316 23.48 -37.74 -84.97
CA GLY AA 316 23.74 -36.50 -85.65
C GLY AA 316 24.85 -36.67 -86.66
N ASN AA 317 25.03 -35.64 -87.48
CA ASN AA 317 26.10 -35.60 -88.46
C ASN AA 317 26.91 -34.31 -88.37
N GLY AA 318 26.74 -33.53 -87.30
CA GLY AA 318 27.40 -32.26 -87.17
C GLY AA 318 28.81 -32.40 -86.62
N GLN AA 319 29.32 -31.28 -86.11
CA GLN AA 319 30.69 -31.27 -85.61
C GLN AA 319 30.84 -32.07 -84.32
N GLY AA 320 29.94 -31.86 -83.37
CA GLY AA 320 30.03 -32.54 -82.08
C GLY AA 320 29.52 -33.96 -82.14
N VAL AA 321 30.13 -34.78 -82.99
CA VAL AA 321 29.64 -36.13 -83.25
C VAL AA 321 30.80 -37.10 -83.08
N VAL AA 322 30.53 -38.21 -82.39
CA VAL AA 322 31.53 -39.26 -82.16
C VAL AA 322 31.29 -40.37 -83.16
N PRO AA 323 32.31 -40.83 -83.88
CA PRO AA 323 32.11 -41.93 -84.83
C PRO AA 323 31.82 -43.24 -84.10
N CYS AA 324 31.13 -44.12 -84.81
CA CYS AA 324 30.85 -45.46 -84.32
C CYS AA 324 31.54 -46.48 -85.22
N LEU AA 325 32.32 -47.37 -84.61
CA LEU AA 325 33.01 -48.41 -85.34
C LEU AA 325 32.31 -49.75 -85.15
N ASP AA 326 32.67 -50.70 -85.99
CA ASP AA 326 32.07 -52.02 -85.96
C ASP AA 326 33.08 -53.03 -86.45
N TYR AA 327 32.79 -54.30 -86.18
CA TYR AA 327 33.75 -55.36 -86.47
C TYR AA 327 33.00 -56.67 -86.65
N ASN AA 328 33.69 -57.62 -87.25
CA ASN AA 328 33.23 -59.00 -87.37
C ASN AA 328 34.12 -59.88 -86.52
N PRO AA 329 33.55 -60.78 -85.73
CA PRO AA 329 34.37 -61.58 -84.82
C PRO AA 329 35.48 -62.36 -85.50
N VAL AA 330 35.21 -62.94 -86.67
CA VAL AA 330 36.19 -63.80 -87.32
C VAL AA 330 37.42 -62.99 -87.71
N PRO AA 331 37.30 -61.91 -88.49
CA PRO AA 331 38.50 -61.11 -88.76
C PRO AA 331 39.10 -60.55 -87.49
N MET AA 332 38.26 -60.19 -86.52
CA MET AA 332 38.76 -59.69 -85.25
C MET AA 332 39.64 -60.74 -84.57
N ALA AA 333 39.19 -61.99 -84.57
CA ALA AA 333 40.00 -63.06 -84.01
C ALA AA 333 41.34 -63.12 -84.71
N ALA AA 334 41.32 -63.23 -86.04
CA ALA AA 334 42.55 -63.34 -86.81
C ALA AA 334 43.52 -62.23 -86.43
N ALA AA 335 43.01 -61.02 -86.27
CA ALA AA 335 43.85 -59.93 -85.83
C ALA AA 335 44.41 -60.19 -84.44
N ARG AA 336 43.57 -60.67 -83.52
CA ARG AA 336 44.03 -60.90 -82.16
C ARG AA 336 45.15 -61.92 -82.13
N HIS AA 337 44.98 -63.02 -82.88
CA HIS AA 337 46.01 -64.05 -82.90
C HIS AA 337 47.29 -63.52 -83.53
N LEU AA 338 47.17 -62.73 -84.59
CA LEU AA 338 48.36 -62.15 -85.21
C LEU AA 338 49.13 -61.31 -84.21
N GLN AA 339 48.43 -60.49 -83.43
CA GLN AA 339 49.09 -59.70 -82.41
C GLN AA 339 49.80 -60.60 -81.40
N TRP AA 340 49.20 -61.74 -81.07
CA TRP AA 340 49.84 -62.65 -80.14
C TRP AA 340 51.17 -63.16 -80.69
N ARG AA 341 51.20 -63.52 -81.98
CA ARG AA 341 52.45 -63.98 -82.56
C ARG AA 341 53.48 -62.87 -82.57
N GLN AA 342 53.08 -61.66 -82.94
CA GLN AA 342 54.02 -60.55 -82.95
C GLN AA 342 54.53 -60.26 -81.56
N ASP AA 343 53.68 -60.41 -80.55
CA ASP AA 343 54.13 -60.28 -79.17
C ASP AA 343 54.97 -61.47 -78.73
N GLY AA 344 55.03 -62.53 -79.54
CA GLY AA 344 55.83 -63.68 -79.20
C GLY AA 344 55.19 -64.66 -78.26
N LEU AA 345 53.89 -64.55 -78.01
CA LEU AA 345 53.23 -65.51 -77.14
C LEU AA 345 53.06 -66.87 -77.82
N ILE AA 346 52.92 -66.89 -79.14
CA ILE AA 346 52.67 -68.11 -79.89
C ILE AA 346 53.56 -68.14 -81.12
N THR AA 347 53.63 -69.32 -81.74
CA THR AA 347 54.35 -69.49 -82.98
C THR AA 347 53.43 -69.31 -84.18
N ALA AA 348 54.05 -69.22 -85.36
CA ALA AA 348 53.25 -69.09 -86.58
C ALA AA 348 52.38 -70.31 -86.80
N ALA AA 349 52.90 -71.50 -86.50
CA ALA AA 349 52.12 -72.71 -86.68
C ALA AA 349 50.85 -72.68 -85.83
N GLN AA 350 50.98 -72.24 -84.57
CA GLN AA 350 49.82 -72.15 -83.71
C GLN AA 350 48.83 -71.13 -84.25
N GLU AA 351 49.32 -70.00 -84.75
CA GLU AA 351 48.42 -68.96 -85.25
C GLU AA 351 47.55 -69.51 -86.37
N ALA AA 352 48.14 -70.27 -87.29
CA ALA AA 352 47.35 -70.88 -88.35
C ALA AA 352 46.32 -71.85 -87.78
N GLN AA 353 46.73 -72.65 -86.81
CA GLN AA 353 45.82 -73.62 -86.22
C GLN AA 353 44.66 -72.93 -85.53
N LEU AA 354 44.96 -71.88 -84.77
CA LEU AA 354 43.91 -71.18 -84.03
C LEU AA 354 42.89 -70.57 -84.98
N ASN AA 355 43.36 -70.00 -86.09
CA ASN AA 355 42.44 -69.45 -87.06
C ASN AA 355 41.49 -70.51 -87.59
N ASN AA 356 42.01 -71.70 -87.88
CA ASN AA 356 41.16 -72.77 -88.37
C ASN AA 356 40.10 -73.13 -87.33
N ASP AA 357 40.50 -73.24 -86.06
CA ASP AA 357 39.55 -73.61 -85.03
C ASP AA 357 38.45 -72.58 -84.88
N TYR AA 358 38.84 -71.31 -84.77
CA TYR AA 358 37.84 -70.27 -84.54
C TYR AA 358 36.87 -70.18 -85.72
N THR AA 359 37.39 -70.28 -86.93
CA THR AA 359 36.50 -70.28 -88.10
C THR AA 359 35.53 -71.45 -88.04
N ALA AA 360 36.03 -72.63 -87.67
CA ALA AA 360 35.14 -73.78 -87.54
C ALA AA 360 34.09 -73.53 -86.47
N TYR AA 361 34.51 -72.96 -85.33
CA TYR AA 361 33.56 -72.64 -84.28
C TYR AA 361 32.51 -71.65 -84.78
N ALA AA 362 32.95 -70.58 -85.42
CA ALA AA 362 32.02 -69.56 -85.90
C ALA AA 362 31.03 -70.15 -86.89
N LEU AA 363 31.49 -71.12 -87.70
CA LEU AA 363 30.61 -71.71 -88.68
C LEU AA 363 29.41 -72.38 -88.01
N THR AA 364 29.65 -73.06 -86.89
CA THR AA 364 28.54 -73.70 -86.19
C THR AA 364 27.52 -72.68 -85.72
N ILE AA 365 27.97 -71.56 -85.18
CA ILE AA 365 27.05 -70.53 -84.71
C ILE AA 365 26.20 -70.04 -85.86
N GLU AA 366 26.83 -69.74 -86.99
CA GLU AA 366 26.08 -69.32 -88.17
C GLU AA 366 25.09 -70.39 -88.59
N ARG AA 367 25.56 -71.63 -88.66
CA ARG AA 367 24.70 -72.72 -89.10
C ARG AA 367 23.50 -72.88 -88.18
N HIS AA 368 23.74 -72.76 -86.87
CA HIS AA 368 22.64 -72.86 -85.92
C HIS AA 368 21.65 -71.73 -86.11
N LEU AA 369 22.15 -70.50 -86.17
CA LEU AA 369 21.27 -69.34 -86.24
C LEU AA 369 20.45 -69.35 -87.52
N THR AA 370 21.10 -69.58 -88.67
CA THR AA 370 20.37 -69.53 -89.92
C THR AA 370 19.28 -70.59 -89.97
N ALA AA 371 19.55 -71.77 -89.40
CA ALA AA 371 18.51 -72.77 -89.30
C ALA AA 371 17.42 -72.34 -88.32
N MET AA 372 17.81 -71.59 -87.28
CA MET AA 372 16.81 -71.18 -86.31
C MET AA 372 15.86 -70.14 -86.87
N LEU AA 373 16.33 -69.30 -87.79
CA LEU AA 373 15.48 -68.25 -88.33
C LEU AA 373 14.30 -68.84 -89.09
N VAL AA 374 14.57 -69.78 -90.00
CA VAL AA 374 13.49 -70.39 -90.75
C VAL AA 374 12.55 -71.14 -89.83
N ALA AA 375 13.04 -71.59 -88.68
CA ALA AA 375 12.16 -72.21 -87.70
C ALA AA 375 11.25 -71.21 -87.03
N ASN AA 376 11.61 -69.93 -87.03
CA ASN AA 376 10.80 -68.88 -86.39
C ASN AA 376 10.69 -67.71 -87.34
N PRO AA 377 9.95 -67.88 -88.44
CA PRO AA 377 9.78 -66.76 -89.38
C PRO AA 377 9.11 -65.58 -88.69
N ILE AA 378 9.57 -64.39 -89.03
CA ILE AA 378 9.09 -63.19 -88.35
C ILE AA 378 7.62 -62.94 -88.65
N ALA AA 379 7.09 -63.51 -89.73
CA ALA AA 379 5.68 -63.36 -90.03
C ALA AA 379 4.81 -64.05 -88.99
N ALA AA 380 5.38 -64.89 -88.13
CA ALA AA 380 4.59 -65.58 -87.11
C ALA AA 380 4.07 -64.64 -86.04
N GLY AA 381 4.52 -63.39 -86.00
CA GLY AA 381 4.02 -62.43 -85.06
C GLY AA 381 4.90 -62.19 -83.85
N ARG AA 382 5.95 -62.98 -83.68
CA ARG AA 382 6.90 -62.76 -82.60
C ARG AA 382 8.31 -62.94 -83.15
N MET AA 383 9.25 -62.14 -82.65
CA MET AA 383 10.61 -62.14 -83.15
C MET AA 383 11.55 -62.63 -82.06
N PRO AA 384 11.84 -63.93 -81.99
CA PRO AA 384 12.83 -64.40 -81.03
C PRO AA 384 14.25 -64.06 -81.44
N ILE AA 385 14.53 -63.97 -82.74
CA ILE AA 385 15.86 -63.62 -83.22
C ILE AA 385 15.74 -62.56 -84.31
N GLN AA 386 16.68 -61.62 -84.31
CA GLN AA 386 16.65 -60.55 -85.29
C GLN AA 386 16.88 -61.10 -86.69
N PRO AA 387 16.11 -60.66 -87.67
CA PRO AA 387 16.29 -61.16 -89.04
C PRO AA 387 17.61 -60.71 -89.63
N PHE AA 388 18.08 -61.48 -90.60
CA PHE AA 388 19.35 -61.21 -91.26
C PHE AA 388 19.37 -61.94 -92.58
N ASN AA 389 20.39 -61.65 -93.39
CA ASN AA 389 20.61 -62.35 -94.64
C ASN AA 389 21.89 -63.16 -94.55
N ALA AA 390 22.01 -64.14 -95.44
CA ALA AA 390 23.15 -65.06 -95.39
C ALA AA 390 24.47 -64.31 -95.56
N ALA AA 391 24.49 -63.30 -96.42
CA ALA AA 391 25.72 -62.57 -96.67
C ALA AA 391 26.19 -61.80 -95.44
N ASP AA 392 25.30 -61.55 -94.48
CA ASP AA 392 25.66 -60.75 -93.32
C ASP AA 392 26.77 -61.38 -92.49
N PHE AA 393 26.97 -62.69 -92.62
CA PHE AA 393 28.04 -63.33 -91.86
C PHE AA 393 29.41 -63.05 -92.44
N GLY AA 394 29.49 -62.59 -93.68
CA GLY AA 394 30.76 -62.37 -94.34
C GLY AA 394 31.28 -60.96 -94.32
N GLN AA 395 30.55 -60.02 -93.76
CA GLN AA 395 30.98 -58.63 -93.77
C GLN AA 395 32.18 -58.44 -92.86
N ALA AA 396 33.21 -57.77 -93.38
CA ALA AA 396 34.36 -57.42 -92.56
C ALA AA 396 34.13 -56.15 -91.74
N GLY AA 397 33.23 -55.29 -92.19
CA GLY AA 397 32.94 -54.08 -91.46
C GLY AA 397 34.15 -53.18 -91.37
N GLN AA 398 34.22 -52.43 -90.27
CA GLN AA 398 35.32 -51.52 -90.01
C GLN AA 398 36.39 -52.15 -89.11
N THR AA 399 36.60 -53.46 -89.23
CA THR AA 399 37.46 -54.15 -88.28
C THR AA 399 38.86 -53.57 -88.25
N ALA AA 400 39.40 -53.22 -89.42
CA ALA AA 400 40.75 -52.66 -89.47
C ALA AA 400 40.83 -51.39 -88.64
N ALA AA 401 39.84 -50.51 -88.76
CA ALA AA 401 39.84 -49.30 -87.96
C ALA AA 401 39.72 -49.63 -86.48
N ALA AA 402 38.96 -50.68 -86.16
CA ALA AA 402 38.74 -51.02 -84.76
C ALA AA 402 40.05 -51.35 -84.06
N VAL AA 403 40.85 -52.24 -84.64
CA VAL AA 403 42.12 -52.58 -84.02
C VAL AA 403 43.05 -51.37 -84.03
N ALA AA 404 42.94 -50.52 -85.03
CA ALA AA 404 43.72 -49.30 -85.04
C ALA AA 404 43.38 -48.43 -83.83
N LEU AA 405 42.10 -48.37 -83.46
CA LEU AA 405 41.70 -47.60 -82.29
C LEU AA 405 42.36 -48.15 -81.04
N ALA AA 406 42.31 -49.47 -80.86
CA ALA AA 406 42.97 -50.07 -79.71
C ALA AA 406 44.47 -49.81 -79.75
N GLN AA 407 45.05 -49.81 -80.95
CA GLN AA 407 46.45 -49.48 -81.11
C GLN AA 407 46.75 -48.12 -80.50
N ALA AA 408 45.94 -47.11 -80.84
CA ALA AA 408 46.12 -45.80 -80.26
C ALA AA 408 45.63 -45.72 -78.82
N MET AA 409 44.70 -46.60 -78.43
CA MET AA 409 44.12 -46.50 -77.10
C MET AA 409 45.09 -46.97 -76.03
N PHE AA 410 45.83 -48.04 -76.30
CA PHE AA 410 46.81 -48.57 -75.35
C PHE AA 410 48.17 -48.52 -76.03
N VAL AA 411 48.84 -47.38 -75.92
CA VAL AA 411 50.14 -47.21 -76.52
C VAL AA 411 51.20 -47.75 -75.59
N ALA BA 1 115.55 -87.83 -74.96
CA ALA BA 1 115.74 -86.47 -74.47
C ALA BA 1 116.78 -85.74 -75.30
N GLN BA 2 116.69 -84.42 -75.33
CA GLN BA 2 117.64 -83.61 -76.09
C GLN BA 2 119.00 -83.67 -75.41
N ARG BA 3 120.03 -84.10 -76.15
CA ARG BA 3 121.32 -84.38 -75.57
C ARG BA 3 122.39 -83.34 -75.87
N GLN BA 4 122.07 -82.30 -76.63
CA GLN BA 4 123.03 -81.25 -76.92
C GLN BA 4 122.33 -79.90 -76.90
N PHE BA 5 123.07 -78.87 -76.50
CA PHE BA 5 122.55 -77.52 -76.52
C PHE BA 5 123.67 -76.56 -76.91
N PHE BA 6 123.27 -75.33 -77.21
CA PHE BA 6 124.19 -74.27 -77.58
C PHE BA 6 123.85 -73.03 -76.78
N GLY BA 7 124.81 -72.10 -76.70
CA GLY BA 7 124.57 -70.92 -75.90
C GLY BA 7 125.51 -69.79 -76.25
N LEU BA 8 125.28 -68.65 -75.59
CA LEU BA 8 126.08 -67.46 -75.80
C LEU BA 8 126.09 -66.66 -74.51
N THR BA 9 127.25 -66.10 -74.17
CA THR BA 9 127.39 -65.33 -72.94
C THR BA 9 126.99 -63.88 -73.17
N TYR BA 10 126.85 -63.16 -72.05
CA TYR BA 10 126.43 -61.77 -72.10
C TYR BA 10 127.48 -60.90 -72.77
N ASN BA 11 127.09 -59.66 -73.04
CA ASN BA 11 127.95 -58.67 -73.68
C ASN BA 11 128.25 -57.56 -72.69
N PHE BA 12 129.53 -57.27 -72.49
CA PHE BA 12 129.91 -56.15 -71.65
C PHE BA 12 129.52 -54.86 -72.35
N TYR BA 13 128.81 -53.99 -71.63
CA TYR BA 13 128.39 -52.72 -72.20
C TYR BA 13 129.55 -51.73 -72.10
N GLY BA 14 130.61 -52.03 -72.84
CA GLY BA 14 131.82 -51.25 -72.82
C GLY BA 14 132.70 -51.47 -71.62
N GLN BA 15 132.18 -52.04 -70.54
CA GLN BA 15 132.98 -52.32 -69.37
C GLN BA 15 133.97 -53.44 -69.66
N PRO BA 16 135.08 -53.51 -68.91
CA PRO BA 16 136.11 -54.50 -69.22
C PRO BA 16 135.93 -55.87 -68.59
N ALA BA 17 134.98 -56.05 -67.69
CA ALA BA 17 134.85 -57.30 -66.96
C ALA BA 17 133.37 -57.58 -66.72
N PRO BA 18 133.00 -58.84 -66.48
CA PRO BA 18 131.60 -59.14 -66.20
C PRO BA 18 131.10 -58.39 -64.98
N LEU BA 19 129.85 -57.95 -65.04
CA LEU BA 19 129.32 -56.94 -64.13
C LEU BA 19 128.60 -57.60 -62.97
N PHE BA 20 129.38 -58.11 -62.03
CA PHE BA 20 128.86 -58.62 -60.78
C PHE BA 20 130.00 -58.64 -59.77
N ASP BA 21 129.64 -58.76 -58.49
CA ASP BA 21 130.63 -58.82 -57.43
C ASP BA 21 130.41 -60.06 -56.58
N LEU BA 22 131.33 -60.29 -55.67
CA LEU BA 22 131.31 -61.52 -54.90
C LEU BA 22 130.11 -61.60 -53.97
N ASN BA 23 129.67 -60.47 -53.43
CA ASN BA 23 128.50 -60.51 -52.56
C ASN BA 23 127.28 -61.01 -53.33
N ASP BA 24 127.10 -60.54 -54.56
CA ASP BA 24 126.06 -61.11 -55.42
C ASP BA 24 126.21 -62.62 -55.48
N LEU BA 25 127.44 -63.09 -55.66
CA LEU BA 25 127.72 -64.51 -55.68
C LEU BA 25 127.44 -65.16 -54.34
N GLN BA 26 127.34 -64.38 -53.28
CA GLN BA 26 127.12 -64.92 -51.94
C GLN BA 26 125.67 -64.87 -51.51
N GLU BA 27 124.84 -64.04 -52.14
CA GLU BA 27 123.51 -63.76 -51.65
C GLU BA 27 122.43 -64.32 -52.56
N LEU BA 28 122.73 -65.39 -53.30
CA LEU BA 28 121.72 -66.01 -54.13
C LEU BA 28 120.62 -66.61 -53.26
N ALA BA 29 119.39 -66.58 -53.78
CA ALA BA 29 118.23 -67.00 -53.00
C ALA BA 29 118.10 -68.51 -52.87
N GLY BA 30 118.79 -69.30 -53.70
CA GLY BA 30 118.63 -70.73 -53.65
C GLY BA 30 119.57 -71.39 -52.67
N CYS BA 31 120.08 -72.58 -53.03
CA CYS BA 31 121.10 -73.21 -52.22
C CYS BA 31 122.40 -72.43 -52.31
N TYR BA 32 123.25 -72.60 -51.31
CA TYR BA 32 124.43 -71.76 -51.16
C TYR BA 32 125.29 -71.79 -52.40
N ALA BA 33 125.44 -70.64 -53.04
CA ALA BA 33 126.42 -70.42 -54.10
C ALA BA 33 126.23 -71.35 -55.28
N ARG BA 34 124.99 -71.68 -55.60
CA ARG BA 34 124.73 -72.39 -56.85
C ARG BA 34 123.71 -71.62 -57.66
N PRO BA 35 123.98 -71.35 -58.94
CA PRO BA 35 123.03 -70.57 -59.74
C PRO BA 35 121.89 -71.41 -60.28
N TRP BA 36 122.06 -72.71 -60.37
CA TRP BA 36 121.07 -73.55 -61.03
C TRP BA 36 119.76 -73.55 -60.25
N THR BA 37 118.67 -73.74 -60.98
CA THR BA 37 117.30 -73.81 -60.44
C THR BA 37 117.09 -72.86 -59.28
N SER BA 38 117.34 -71.58 -59.54
CA SER BA 38 117.24 -70.56 -58.52
C SER BA 38 116.45 -69.34 -58.96
N ARG BA 39 116.01 -69.27 -60.21
CA ARG BA 39 115.40 -68.07 -60.74
C ARG BA 39 114.05 -67.74 -60.13
N PHE BA 40 113.49 -68.64 -59.32
CA PHE BA 40 112.26 -68.36 -58.61
C PHE BA 40 112.38 -68.54 -57.11
N SER BA 41 113.55 -68.89 -56.60
CA SER BA 41 113.69 -69.15 -55.17
C SER BA 41 113.33 -67.94 -54.34
N HIS BA 42 113.54 -66.74 -54.87
CA HIS BA 42 113.30 -65.56 -54.06
C HIS BA 42 111.82 -65.28 -53.83
N LEU BA 43 110.93 -66.03 -54.45
CA LEU BA 43 109.50 -65.84 -54.20
C LEU BA 43 108.76 -67.16 -54.06
N ALA BA 44 109.45 -68.21 -53.62
CA ALA BA 44 108.80 -69.50 -53.45
C ALA BA 44 107.67 -69.42 -52.42
N ILE BA 45 107.91 -68.70 -51.32
CA ILE BA 45 106.87 -68.38 -50.35
C ILE BA 45 106.55 -66.91 -50.49
N SER BA 46 105.26 -66.60 -50.57
CA SER BA 46 104.85 -65.23 -50.86
C SER BA 46 103.70 -64.84 -49.95
N THR BA 47 103.53 -63.53 -49.80
CA THR BA 47 102.36 -62.96 -49.15
C THR BA 47 102.06 -61.64 -49.83
N GLY BA 48 100.79 -61.40 -50.14
CA GLY BA 48 100.41 -60.18 -50.80
C GLY BA 48 100.82 -60.18 -52.27
N SER BA 49 100.52 -59.06 -52.93
CA SER BA 49 100.82 -58.90 -54.35
C SER BA 49 102.00 -58.00 -54.62
N LEU BA 50 102.61 -57.42 -53.58
CA LEU BA 50 103.66 -56.45 -53.79
C LEU BA 50 104.86 -57.11 -54.45
N PRO BA 51 105.46 -56.49 -55.47
CA PRO BA 51 106.67 -57.05 -56.06
C PRO BA 51 107.81 -57.03 -55.06
N VAL BA 52 108.74 -57.96 -55.25
CA VAL BA 52 109.85 -58.16 -54.31
C VAL BA 52 111.11 -57.60 -54.93
N TRP BA 53 111.69 -56.59 -54.28
CA TRP BA 53 112.94 -56.01 -54.74
C TRP BA 53 113.62 -55.36 -53.55
N SER BA 54 114.92 -55.08 -53.71
CA SER BA 54 115.72 -54.60 -52.59
C SER BA 54 116.71 -53.55 -53.10
N ALA BA 55 117.51 -53.04 -52.17
CA ALA BA 55 118.40 -51.93 -52.49
C ALA BA 55 119.39 -52.29 -53.59
N ARG BA 56 120.00 -53.46 -53.49
CA ARG BA 56 120.93 -53.92 -54.52
C ARG BA 56 120.28 -54.90 -55.48
N TYR BA 57 118.97 -55.12 -55.37
CA TYR BA 57 118.19 -55.84 -56.37
C TYR BA 57 116.90 -55.06 -56.60
N PRO BA 58 116.99 -53.90 -57.24
CA PRO BA 58 115.88 -52.95 -57.23
C PRO BA 58 114.83 -53.17 -58.31
N SER BA 59 114.88 -54.25 -59.06
CA SER BA 59 113.85 -54.53 -60.07
C SER BA 59 113.56 -56.01 -60.07
N VAL BA 60 112.35 -56.35 -60.54
CA VAL BA 60 111.95 -57.75 -60.56
C VAL BA 60 112.87 -58.57 -61.44
N ALA BA 61 113.43 -57.95 -62.48
CA ALA BA 61 114.35 -58.66 -63.35
C ALA BA 61 115.78 -58.63 -62.83
N SER BA 62 116.06 -57.85 -61.79
CA SER BA 62 117.44 -57.60 -61.40
C SER BA 62 118.17 -58.89 -61.05
N ARG BA 63 117.53 -59.76 -60.26
CA ARG BA 63 118.21 -60.98 -59.82
C ARG BA 63 118.59 -61.85 -60.99
N ASN BA 64 117.67 -62.04 -61.93
CA ASN BA 64 117.99 -62.88 -63.08
C ASN BA 64 119.11 -62.28 -63.91
N ILE BA 65 119.09 -60.96 -64.09
CA ILE BA 65 120.16 -60.32 -64.84
C ILE BA 65 121.50 -60.60 -64.19
N ILE BA 66 121.57 -60.44 -62.87
CA ILE BA 66 122.81 -60.70 -62.15
C ILE BA 66 123.24 -62.14 -62.34
N VAL BA 67 122.29 -63.07 -62.22
CA VAL BA 67 122.61 -64.48 -62.40
C VAL BA 67 123.17 -64.71 -63.79
N ASN BA 68 122.54 -64.11 -64.80
CA ASN BA 68 123.02 -64.28 -66.17
C ASN BA 68 124.46 -63.77 -66.30
N THR BA 69 124.71 -62.58 -65.79
CA THR BA 69 126.07 -62.05 -65.84
C THR BA 69 127.03 -62.93 -65.08
N LEU BA 70 126.59 -63.46 -63.94
CA LEU BA 70 127.44 -64.32 -63.14
C LEU BA 70 127.86 -65.56 -63.92
N LEU BA 71 126.90 -66.20 -64.59
CA LEU BA 71 127.22 -67.40 -65.34
C LEU BA 71 128.21 -67.12 -66.45
N GLY BA 72 128.20 -65.91 -67.00
CA GLY BA 72 129.06 -65.59 -68.12
C GLY BA 72 130.53 -65.79 -67.83
N ALA BA 73 130.92 -65.78 -66.56
CA ALA BA 73 132.32 -65.89 -66.21
C ALA BA 73 132.78 -67.31 -65.95
N HIS BA 74 131.87 -68.26 -65.78
CA HIS BA 74 132.23 -69.59 -65.34
C HIS BA 74 131.83 -70.71 -66.30
N LEU BA 75 131.24 -70.39 -67.45
CA LEU BA 75 130.80 -71.41 -68.39
C LEU BA 75 131.89 -71.83 -69.36
N ASN BA 76 133.16 -71.64 -68.98
CA ASN BA 76 134.25 -72.01 -69.87
C ASN BA 76 134.23 -73.45 -70.35
N PRO BA 77 133.86 -74.45 -69.54
CA PRO BA 77 133.89 -75.84 -70.05
C PRO BA 77 133.13 -76.05 -71.34
N PHE BA 78 132.03 -75.33 -71.54
CA PHE BA 78 131.28 -75.50 -72.78
C PHE BA 78 131.85 -74.70 -73.93
N ALA BA 79 132.94 -73.98 -73.71
CA ALA BA 79 133.66 -73.30 -74.78
C ALA BA 79 135.08 -73.82 -74.92
N GLY BA 80 135.83 -73.87 -73.84
CA GLY BA 80 137.18 -74.36 -73.85
C GLY BA 80 137.34 -75.81 -73.45
N GLY BA 81 136.25 -76.47 -73.07
CA GLY BA 81 136.36 -77.86 -72.69
C GLY BA 81 136.95 -78.11 -71.33
N GLN BA 82 137.22 -77.06 -70.56
CA GLN BA 82 137.86 -77.21 -69.26
C GLN BA 82 137.24 -76.28 -68.24
N VAL BA 83 137.33 -76.69 -66.98
CA VAL BA 83 136.89 -75.85 -65.87
C VAL BA 83 138.01 -74.88 -65.51
N THR BA 84 137.65 -73.63 -65.25
CA THR BA 84 138.60 -72.59 -64.89
C THR BA 84 138.17 -71.94 -63.59
N SER BA 85 138.94 -70.95 -63.17
CA SER BA 85 138.63 -70.18 -61.97
C SER BA 85 138.74 -68.70 -62.30
N HIS BA 86 137.94 -67.90 -61.59
CA HIS BA 86 137.93 -66.46 -61.77
C HIS BA 86 137.94 -65.81 -60.40
N GLN BA 87 138.95 -64.99 -60.14
CA GLN BA 87 139.11 -64.32 -58.86
C GLN BA 87 139.09 -65.32 -57.72
N GLY BA 88 139.74 -66.46 -57.93
CA GLY BA 88 139.91 -67.43 -56.87
C GLY BA 88 138.68 -68.23 -56.52
N ILE BA 89 137.70 -68.32 -57.41
CA ILE BA 89 136.49 -69.09 -57.17
C ILE BA 89 136.23 -69.98 -58.38
N THR BA 90 135.79 -71.21 -58.13
CA THR BA 90 135.50 -72.15 -59.20
C THR BA 90 134.47 -73.16 -58.70
N TRP BA 91 134.18 -74.14 -59.54
CA TRP BA 91 133.21 -75.16 -59.21
C TRP BA 91 133.78 -76.18 -58.23
N ARG BA 92 132.88 -76.76 -57.43
CA ARG BA 92 133.32 -77.80 -56.49
C ARG BA 92 133.75 -79.06 -57.21
N ASP BA 93 133.04 -79.43 -58.26
CA ASP BA 93 133.20 -80.75 -58.87
C ASP BA 93 132.93 -80.62 -60.37
N PRO BA 94 133.38 -81.60 -61.17
CA PRO BA 94 133.08 -81.54 -62.60
C PRO BA 94 131.60 -81.52 -62.89
N VAL BA 95 130.77 -82.02 -61.97
CA VAL BA 95 129.33 -81.92 -62.12
C VAL BA 95 128.82 -80.50 -61.94
N LEU BA 96 129.69 -79.59 -61.49
CA LEU BA 96 129.32 -78.18 -61.33
C LEU BA 96 128.18 -78.01 -60.35
N SER BA 97 128.26 -78.73 -59.23
CA SER BA 97 127.19 -78.67 -58.22
C SER BA 97 127.05 -77.26 -57.68
N SER BA 98 128.16 -76.62 -57.33
CA SER BA 98 128.14 -75.28 -56.79
C SER BA 98 129.52 -74.67 -56.90
N LEU BA 99 129.59 -73.37 -56.71
CA LEU BA 99 130.85 -72.64 -56.73
C LEU BA 99 131.45 -72.59 -55.33
N ALA BA 100 132.77 -72.53 -55.28
CA ALA BA 100 133.49 -72.55 -54.02
C ALA BA 100 134.86 -71.94 -54.23
N PRO BA 101 135.52 -71.47 -53.16
CA PRO BA 101 136.89 -70.98 -53.32
C PRO BA 101 137.82 -72.06 -53.82
N VAL BA 102 138.78 -71.64 -54.63
CA VAL BA 102 139.68 -72.62 -55.25
C VAL BA 102 140.49 -73.34 -54.18
N PRO BA 103 140.57 -74.65 -54.20
CA PRO BA 103 141.42 -75.36 -53.25
C PRO BA 103 142.89 -75.21 -53.63
N ALA BA 104 143.74 -75.26 -52.61
CA ALA BA 104 145.18 -75.11 -52.82
C ALA BA 104 145.87 -76.45 -53.03
N ILE BA 105 145.31 -77.26 -53.93
CA ILE BA 105 145.91 -78.56 -54.23
C ILE BA 105 146.19 -78.64 -55.73
N GLN BA 106 145.14 -78.56 -56.54
CA GLN BA 106 145.26 -78.59 -58.00
C GLN BA 106 144.47 -77.41 -58.54
N PRO BA 107 145.02 -76.21 -58.45
CA PRO BA 107 144.30 -75.02 -58.91
C PRO BA 107 144.09 -75.08 -60.42
N PRO BA 108 142.85 -74.96 -60.87
CA PRO BA 108 142.59 -74.92 -62.30
C PRO BA 108 143.14 -73.65 -62.91
N PRO BA 109 143.38 -73.63 -64.22
CA PRO BA 109 143.91 -72.42 -64.85
C PRO BA 109 142.96 -71.25 -64.72
N VAL BA 110 143.52 -70.05 -64.70
CA VAL BA 110 142.73 -68.84 -64.55
C VAL BA 110 141.99 -68.55 -65.84
N TRP BA 111 140.71 -68.22 -65.72
CA TRP BA 111 139.89 -67.93 -66.88
C TRP BA 111 140.33 -66.64 -67.56
N ALA BA 112 140.39 -66.67 -68.88
CA ALA BA 112 140.68 -65.48 -69.66
C ALA BA 112 139.38 -64.75 -69.95
N VAL BA 113 139.35 -63.45 -69.62
CA VAL BA 113 138.11 -62.69 -69.71
C VAL BA 113 137.75 -62.48 -71.17
N ALA BA 114 136.49 -62.76 -71.51
CA ALA BA 114 135.97 -62.52 -72.84
C ALA BA 114 134.46 -62.40 -72.74
N GLU BA 115 133.83 -61.94 -73.82
CA GLU BA 115 132.39 -61.73 -73.84
C GLU BA 115 131.80 -62.35 -75.10
N ASN BA 116 130.52 -62.72 -75.01
CA ASN BA 116 129.78 -63.25 -76.15
C ASN BA 116 130.47 -64.46 -76.75
N VAL BA 117 130.96 -65.34 -75.90
CA VAL BA 117 131.61 -66.56 -76.40
C VAL BA 117 130.54 -67.59 -76.74
N PRO BA 118 130.57 -68.16 -77.94
CA PRO BA 118 129.59 -69.21 -78.27
C PRO BA 118 129.85 -70.45 -77.44
N LEU BA 119 128.76 -71.17 -77.13
CA LEU BA 119 128.82 -72.32 -76.25
C LEU BA 119 128.30 -73.56 -76.97
N ASP BA 120 128.91 -74.70 -76.66
CA ASP BA 120 128.49 -75.98 -77.22
C ASP BA 120 128.70 -77.05 -76.16
N SER BA 121 127.62 -77.77 -75.83
CA SER BA 121 127.69 -78.77 -74.79
C SER BA 121 128.63 -79.91 -75.16
N ASN BA 122 128.82 -80.17 -76.45
CA ASN BA 122 129.69 -81.25 -76.87
C ASN BA 122 131.16 -80.98 -76.58
N ASN BA 123 131.53 -79.74 -76.26
CA ASN BA 123 132.90 -79.46 -75.87
C ASN BA 123 133.27 -80.08 -74.53
N TYR BA 124 132.30 -80.53 -73.76
CA TYR BA 124 132.52 -80.98 -72.38
C TYR BA 124 131.88 -82.36 -72.23
N PRO BA 125 132.63 -83.42 -72.54
CA PRO BA 125 132.01 -84.75 -72.66
C PRO BA 125 131.32 -85.22 -71.39
N THR BA 126 131.82 -84.86 -70.22
CA THR BA 126 131.27 -85.39 -68.98
C THR BA 126 129.81 -85.04 -68.79
N TYR BA 127 129.34 -83.96 -69.42
CA TYR BA 127 127.92 -83.59 -69.29
C TYR BA 127 127.03 -84.70 -69.83
N VAL BA 128 127.40 -85.27 -70.97
CA VAL BA 128 126.60 -86.33 -71.55
C VAL BA 128 126.53 -87.52 -70.62
N LEU BA 129 127.67 -87.86 -70.00
CA LEU BA 129 127.70 -89.02 -69.11
C LEU BA 129 126.82 -88.80 -67.89
N ASN BA 130 126.85 -87.60 -67.31
CA ASN BA 130 126.09 -87.29 -66.11
C ASN BA 130 124.82 -86.51 -66.43
N LEU BA 131 124.22 -86.77 -67.59
CA LEU BA 131 123.07 -86.01 -68.01
C LEU BA 131 121.95 -86.06 -66.99
N SER BA 132 121.79 -87.20 -66.32
CA SER BA 132 120.70 -87.36 -65.37
C SER BA 132 120.77 -86.38 -64.21
N SER BA 133 121.96 -85.89 -63.87
CA SER BA 133 122.10 -84.97 -62.76
C SER BA 133 122.47 -83.56 -63.17
N MET BA 134 122.97 -83.36 -64.40
CA MET BA 134 123.31 -82.04 -64.89
C MET BA 134 122.20 -81.43 -65.72
N TRP BA 135 121.05 -82.08 -65.78
CA TRP BA 135 119.94 -81.61 -66.61
C TRP BA 135 119.57 -80.15 -66.40
N PRO BA 136 119.47 -79.63 -65.16
CA PRO BA 136 119.06 -78.22 -65.01
C PRO BA 136 119.99 -77.24 -65.71
N ILE BA 137 121.25 -77.61 -65.93
CA ILE BA 137 122.15 -76.72 -66.64
C ILE BA 137 121.60 -76.40 -68.01
N ASN BA 138 121.00 -77.40 -68.66
CA ASN BA 138 120.41 -77.18 -69.98
C ASN BA 138 119.41 -76.04 -69.96
N GLN BA 139 118.50 -76.06 -69.00
CA GLN BA 139 117.46 -75.02 -68.95
C GLN BA 139 118.09 -73.65 -68.72
N ASP BA 140 118.95 -73.54 -67.70
CA ASP BA 140 119.49 -72.24 -67.32
C ASP BA 140 120.33 -71.63 -68.44
N VAL BA 141 121.18 -72.44 -69.06
CA VAL BA 141 122.01 -71.93 -70.13
C VAL BA 141 121.15 -71.41 -71.26
N HIS BA 142 120.10 -72.15 -71.62
CA HIS BA 142 119.19 -71.69 -72.66
C HIS BA 142 118.55 -70.37 -72.28
N ILE BA 143 118.12 -70.26 -71.02
CA ILE BA 143 117.50 -69.02 -70.56
C ILE BA 143 118.48 -67.86 -70.69
N MET BA 144 119.71 -68.07 -70.25
CA MET BA 144 120.71 -67.01 -70.32
C MET BA 144 120.92 -66.58 -71.77
N THR BA 145 121.01 -67.56 -72.68
CA THR BA 145 121.21 -67.23 -74.08
C THR BA 145 120.05 -66.41 -74.62
N MET BA 146 118.82 -66.81 -74.30
CA MET BA 146 117.66 -66.10 -74.80
C MET BA 146 117.60 -64.67 -74.30
N TRP BA 147 118.28 -64.35 -73.22
CA TRP BA 147 118.34 -62.97 -72.76
C TRP BA 147 119.55 -62.24 -73.33
N ALA BA 148 120.68 -62.93 -73.47
CA ALA BA 148 121.88 -62.28 -73.95
C ALA BA 148 121.73 -61.77 -75.37
N LEU BA 149 120.83 -62.37 -76.15
CA LEU BA 149 120.72 -62.02 -77.55
C LEU BA 149 120.03 -60.69 -77.79
N SER BA 150 119.47 -60.06 -76.77
CA SER BA 150 118.71 -58.83 -76.94
C SER BA 150 119.27 -57.71 -76.08
N ASP BA 151 119.34 -56.53 -76.67
CA ASP BA 151 119.76 -55.34 -75.95
C ASP BA 151 118.61 -54.65 -75.23
N GLN BA 152 117.38 -55.13 -75.43
CA GLN BA 152 116.22 -54.40 -74.94
C GLN BA 152 115.21 -55.25 -74.19
N GLY BA 153 115.17 -56.57 -74.39
CA GLY BA 153 114.21 -57.41 -73.71
C GLY BA 153 114.29 -58.84 -74.19
N PRO BA 154 113.99 -59.79 -73.30
CA PRO BA 154 114.23 -61.19 -73.62
C PRO BA 154 113.43 -61.66 -74.82
N ILE BA 155 114.02 -62.60 -75.56
CA ILE BA 155 113.41 -63.18 -76.75
C ILE BA 155 112.79 -64.50 -76.38
N TYR BA 156 111.60 -64.77 -76.91
CA TYR BA 156 110.94 -66.05 -76.71
C TYR BA 156 110.15 -66.40 -77.96
N HIS BA 157 109.54 -67.58 -77.95
CA HIS BA 157 108.99 -68.18 -79.15
C HIS BA 157 107.52 -68.50 -78.99
N LEU BA 158 106.76 -68.27 -80.06
CA LEU BA 158 105.34 -68.60 -80.14
C LEU BA 158 105.09 -69.50 -81.33
N GLU BA 159 104.10 -70.37 -81.21
CA GLU BA 159 103.67 -71.16 -82.36
C GLU BA 159 102.30 -71.77 -82.08
N VAL BA 160 101.56 -72.00 -83.15
CA VAL BA 160 100.26 -72.67 -83.08
C VAL BA 160 100.12 -73.60 -84.29
N PRO BA 161 99.77 -74.85 -84.10
CA PRO BA 161 99.62 -75.78 -85.22
C PRO BA 161 98.24 -75.64 -85.88
N VAL BA 162 98.09 -76.34 -87.00
CA VAL BA 162 96.84 -76.29 -87.73
C VAL BA 162 95.78 -77.16 -87.08
N ASP BA 163 96.16 -78.22 -86.41
CA ASP BA 163 95.21 -79.09 -85.77
C ASP BA 163 94.64 -78.45 -84.51
N PRO BA 164 93.44 -78.85 -84.10
CA PRO BA 164 92.92 -78.37 -82.82
C PRO BA 164 93.73 -78.94 -81.67
N MET BA 165 93.50 -78.36 -80.50
CA MET BA 165 94.24 -78.76 -79.30
C MET BA 165 94.01 -80.24 -79.02
N PRO BA 166 95.06 -81.05 -78.95
CA PRO BA 166 94.86 -82.48 -78.74
C PRO BA 166 94.25 -82.78 -77.38
N ALA BA 167 93.50 -83.88 -77.34
CA ALA BA 167 92.69 -84.19 -76.16
C ALA BA 167 93.56 -84.37 -74.92
N ALA BA 168 94.68 -85.05 -75.07
CA ALA BA 168 95.53 -85.33 -73.91
C ALA BA 168 95.96 -84.04 -73.24
N THR BA 169 96.35 -83.03 -74.03
CA THR BA 169 96.73 -81.76 -73.45
C THR BA 169 95.57 -81.14 -72.67
N THR BA 170 94.37 -81.21 -73.23
CA THR BA 170 93.20 -80.66 -72.54
C THR BA 170 93.03 -81.29 -71.18
N ALA BA 171 93.34 -82.58 -71.06
CA ALA BA 171 93.26 -83.25 -69.76
C ALA BA 171 94.22 -82.62 -68.77
N ALA BA 172 95.41 -82.22 -69.23
CA ALA BA 172 96.37 -81.60 -68.34
C ALA BA 172 95.96 -80.18 -67.99
N LEU BA 173 95.40 -79.45 -68.96
CA LEU BA 173 95.16 -78.03 -68.77
C LEU BA 173 94.18 -77.78 -67.64
N MET BA 174 93.18 -78.63 -67.50
CA MET BA 174 92.16 -78.40 -66.48
C MET BA 174 92.76 -78.39 -65.08
N ALA BA 175 93.97 -78.92 -64.92
CA ALA BA 175 94.64 -78.85 -63.63
C ALA BA 175 95.09 -77.44 -63.28
N TYR BA 176 95.02 -76.49 -64.21
CA TYR BA 176 95.56 -75.16 -64.00
C TYR BA 176 94.51 -74.09 -64.20
N ILE BA 177 93.29 -74.36 -63.75
CA ILE BA 177 92.25 -73.34 -63.79
C ILE BA 177 92.47 -72.36 -62.65
N GLY BA 178 92.25 -71.09 -62.92
CA GLY BA 178 92.24 -70.09 -61.87
C GLY BA 178 93.55 -69.92 -61.13
N VAL BA 179 94.66 -69.92 -61.86
CA VAL BA 179 95.97 -69.68 -61.25
C VAL BA 179 96.65 -68.57 -62.03
N PRO BA 180 97.27 -67.60 -61.36
CA PRO BA 180 97.84 -66.46 -62.08
C PRO BA 180 99.03 -66.86 -62.93
N ILE BA 181 99.34 -65.98 -63.89
CA ILE BA 181 100.39 -66.26 -64.85
C ILE BA 181 101.72 -66.45 -64.16
N ALA BA 182 101.99 -65.65 -63.12
CA ALA BA 182 103.27 -65.73 -62.43
C ALA BA 182 103.46 -67.10 -61.82
N HIS BA 183 102.44 -67.64 -61.15
CA HIS BA 183 102.55 -68.97 -60.59
C HIS BA 183 102.77 -70.00 -61.69
N LEU BA 184 102.06 -69.85 -62.80
CA LEU BA 184 102.23 -70.77 -63.91
C LEU BA 184 103.67 -70.77 -64.38
N ALA BA 185 104.25 -69.58 -64.53
CA ALA BA 185 105.64 -69.50 -64.98
C ALA BA 185 106.55 -70.23 -64.01
N GLN BA 186 106.32 -70.06 -62.71
CA GLN BA 186 107.12 -70.75 -61.73
C GLN BA 186 107.01 -72.26 -61.89
N THR BA 187 105.79 -72.75 -62.12
CA THR BA 187 105.61 -74.18 -62.33
C THR BA 187 106.33 -74.64 -63.58
N ALA BA 188 106.20 -73.88 -64.67
CA ALA BA 188 106.85 -74.27 -65.92
C ALA BA 188 108.36 -74.34 -65.74
N TYR BA 189 108.93 -73.39 -65.00
CA TYR BA 189 110.35 -73.42 -64.75
C TYR BA 189 110.75 -74.67 -63.98
N ARG BA 190 109.95 -75.04 -62.98
CA ARG BA 190 110.27 -76.23 -62.19
C ARG BA 190 110.21 -77.49 -63.04
N PHE BA 191 109.19 -77.60 -63.89
CA PHE BA 191 109.00 -78.83 -64.65
C PHE BA 191 110.21 -79.15 -65.51
N ALA BA 192 110.63 -78.18 -66.33
CA ALA BA 192 111.77 -78.42 -67.18
C ALA BA 192 113.08 -78.35 -66.43
N GLY BA 193 113.04 -78.12 -65.13
CA GLY BA 193 114.26 -77.86 -64.38
C GLY BA 193 114.97 -79.08 -63.84
N GLN BA 194 114.22 -80.02 -63.26
CA GLN BA 194 114.88 -81.04 -62.46
C GLN BA 194 115.38 -82.24 -63.26
N LEU BA 195 114.52 -82.87 -64.04
CA LEU BA 195 114.87 -84.13 -64.69
C LEU BA 195 114.76 -84.02 -66.20
N PRO BA 196 115.53 -84.82 -66.93
CA PRO BA 196 115.44 -84.78 -68.39
C PRO BA 196 114.09 -85.27 -68.87
N GLN BA 197 113.61 -84.66 -69.96
CA GLN BA 197 112.31 -84.95 -70.52
C GLN BA 197 112.43 -85.13 -72.02
N SER BA 198 111.48 -85.85 -72.59
CA SER BA 198 111.48 -86.00 -74.04
C SER BA 198 110.83 -84.78 -74.69
N PRO BA 199 111.30 -84.36 -75.87
CA PRO BA 199 110.62 -83.26 -76.55
C PRO BA 199 109.18 -83.59 -76.85
N ASP BA 200 108.89 -84.85 -77.18
CA ASP BA 200 107.53 -85.31 -77.34
C ASP BA 200 107.00 -85.72 -75.98
N SER BA 201 106.14 -84.89 -75.40
CA SER BA 201 105.55 -85.19 -74.10
C SER BA 201 104.30 -84.35 -73.93
N THR BA 202 103.32 -84.91 -73.21
CA THR BA 202 102.07 -84.20 -73.00
C THR BA 202 102.31 -82.89 -72.27
N MET BA 203 103.14 -82.93 -71.24
CA MET BA 203 103.40 -81.72 -70.46
C MET BA 203 104.02 -80.64 -71.32
N VAL BA 204 104.94 -81.02 -72.21
CA VAL BA 204 105.63 -80.04 -73.04
C VAL BA 204 104.65 -79.29 -73.93
N SER BA 205 103.83 -80.05 -74.66
CA SER BA 205 102.87 -79.41 -75.55
C SER BA 205 101.86 -78.60 -74.76
N THR BA 206 101.52 -79.04 -73.55
CA THR BA 206 100.61 -78.29 -72.70
C THR BA 206 101.13 -76.89 -72.47
N ILE BA 207 102.38 -76.77 -72.03
CA ILE BA 207 102.95 -75.46 -71.76
C ILE BA 207 103.04 -74.65 -73.04
N ARG BA 208 103.33 -75.31 -74.16
CA ARG BA 208 103.40 -74.61 -75.43
C ARG BA 208 102.07 -73.94 -75.74
N TRP BA 209 100.97 -74.65 -75.55
CA TRP BA 209 99.67 -74.05 -75.75
C TRP BA 209 99.44 -72.90 -74.77
N LEU BA 210 99.85 -73.08 -73.51
CA LEU BA 210 99.70 -72.02 -72.53
C LEU BA 210 100.36 -70.74 -73.00
N SER BA 211 101.60 -70.85 -73.49
CA SER BA 211 102.29 -69.68 -73.99
C SER BA 211 101.51 -69.02 -75.10
N ALA BA 212 101.00 -69.82 -76.04
CA ALA BA 212 100.20 -69.27 -77.13
C ALA BA 212 98.94 -68.61 -76.61
N ILE BA 213 98.25 -69.28 -75.69
CA ILE BA 213 96.99 -68.76 -75.19
C ILE BA 213 97.20 -67.42 -74.50
N TRP BA 214 98.23 -67.33 -73.66
CA TRP BA 214 98.46 -66.10 -72.93
C TRP BA 214 98.71 -64.93 -73.88
N PHE BA 215 99.49 -65.16 -74.93
CA PHE BA 215 99.72 -64.10 -75.90
C PHE BA 215 98.43 -63.69 -76.58
N GLY BA 216 97.59 -64.67 -76.94
CA GLY BA 216 96.32 -64.34 -77.56
C GLY BA 216 95.46 -63.47 -76.66
N SER BA 217 95.44 -63.78 -75.37
CA SER BA 217 94.74 -62.93 -74.42
C SER BA 217 95.44 -61.60 -74.25
N LEU BA 218 96.77 -61.57 -74.35
CA LEU BA 218 97.50 -60.33 -74.14
C LEU BA 218 97.08 -59.28 -75.14
N THR BA 219 96.93 -59.67 -76.41
CA THR BA 219 96.40 -58.77 -77.42
C THR BA 219 94.91 -58.53 -77.25
N GLY BA 220 94.25 -59.29 -76.39
CA GLY BA 220 92.80 -59.22 -76.28
C GLY BA 220 92.08 -59.98 -77.36
N ARG BA 221 92.79 -60.57 -78.32
CA ARG BA 221 92.15 -61.36 -79.35
C ARG BA 221 91.38 -62.52 -78.73
N LEU BA 222 91.94 -63.13 -77.71
CA LEU BA 222 91.24 -64.14 -76.92
C LEU BA 222 90.65 -63.49 -75.69
N ASN BA 223 89.37 -63.74 -75.46
CA ASN BA 223 88.67 -63.20 -74.30
C ASN BA 223 87.49 -64.11 -74.00
N ARG BA 224 86.71 -63.74 -72.99
CA ARG BA 224 85.63 -64.62 -72.56
C ARG BA 224 84.55 -64.79 -73.62
N SER BA 225 84.54 -63.94 -74.66
CA SER BA 225 83.63 -64.14 -75.77
C SER BA 225 84.23 -65.01 -76.87
N ARG BA 226 85.56 -65.13 -76.90
CA ARG BA 226 86.24 -65.90 -77.95
C ARG BA 226 87.38 -66.64 -77.29
N THR BA 227 87.13 -67.89 -76.91
CA THR BA 227 88.13 -68.70 -76.22
C THR BA 227 88.92 -69.53 -77.21
N CYS BA 228 90.07 -70.02 -76.75
CA CYS BA 228 90.88 -70.93 -77.56
C CYS BA 228 90.22 -72.30 -77.64
N ASN BA 229 90.08 -72.96 -76.50
CA ASN BA 229 89.36 -74.23 -76.41
C ASN BA 229 88.51 -74.21 -75.16
N GLY BA 230 87.82 -73.10 -74.95
CA GLY BA 230 87.20 -72.81 -73.68
C GLY BA 230 88.11 -72.08 -72.71
N PHE BA 231 89.41 -72.09 -72.96
CA PHE BA 231 90.37 -71.43 -72.11
C PHE BA 231 90.62 -70.01 -72.57
N TYR BA 232 91.01 -69.16 -71.61
CA TYR BA 232 91.39 -67.78 -71.86
C TYR BA 232 91.89 -67.22 -70.54
N PHE BA 233 92.48 -66.03 -70.61
CA PHE BA 233 93.02 -65.37 -69.44
C PHE BA 233 92.15 -64.17 -69.08
N GLU BA 234 91.82 -64.07 -67.80
CA GLU BA 234 91.00 -62.98 -67.28
C GLU BA 234 91.90 -61.92 -66.66
N PHE BA 235 91.53 -60.66 -66.86
CA PHE BA 235 92.34 -59.54 -66.40
C PHE BA 235 91.58 -58.71 -65.37
N ALA BA 236 92.34 -58.10 -64.46
CA ALA BA 236 91.81 -57.15 -63.51
C ALA BA 236 92.02 -55.73 -64.03
N LYS BA 237 91.35 -54.79 -63.38
CA LYS BA 237 91.48 -53.40 -63.79
C LYS BA 237 92.91 -52.94 -63.59
N PRO BA 238 93.53 -52.28 -64.56
CA PRO BA 238 94.93 -51.90 -64.42
C PRO BA 238 95.20 -50.95 -63.28
N ALA BA 239 94.18 -50.19 -62.85
CA ALA BA 239 94.39 -49.24 -61.77
C ALA BA 239 94.76 -49.91 -60.46
N LEU BA 240 94.49 -51.20 -60.33
CA LEU BA 240 94.78 -51.93 -59.09
C LEU BA 240 94.89 -53.40 -59.43
N ASN BA 241 95.95 -54.04 -58.95
CA ASN BA 241 96.30 -55.40 -59.36
C ASN BA 241 96.43 -55.46 -60.88
N PRO BA 242 97.33 -54.67 -61.48
CA PRO BA 242 97.41 -54.65 -62.94
C PRO BA 242 98.01 -55.90 -63.53
N ASP BA 243 98.46 -56.84 -62.69
CA ASP BA 243 99.19 -58.00 -63.16
C ASP BA 243 98.55 -59.33 -62.79
N GLN BA 244 97.45 -59.31 -62.05
CA GLN BA 244 96.84 -60.55 -61.58
C GLN BA 244 95.92 -61.14 -62.65
N ALA BA 245 96.52 -61.50 -63.77
CA ALA BA 245 95.81 -62.21 -64.82
C ALA BA 245 95.88 -63.70 -64.55
N VAL BA 246 94.73 -64.37 -64.56
CA VAL BA 246 94.64 -65.78 -64.26
C VAL BA 246 93.98 -66.49 -65.42
N LEU BA 247 94.06 -67.82 -65.39
CA LEU BA 247 93.50 -68.65 -66.45
C LEU BA 247 92.07 -69.03 -66.10
N LYS BA 248 91.20 -69.03 -67.11
CA LYS BA 248 89.79 -69.37 -66.93
C LYS BA 248 89.35 -70.30 -68.04
N TRP BA 249 88.34 -71.11 -67.73
CA TRP BA 249 87.68 -71.96 -68.71
C TRP BA 249 86.23 -71.56 -68.84
N ASN BA 250 85.71 -71.63 -70.06
CA ASN BA 250 84.38 -71.11 -70.34
C ASN BA 250 83.72 -71.96 -71.41
N ASP BA 251 82.41 -71.91 -71.45
CA ASP BA 251 81.62 -72.70 -72.38
C ASP BA 251 81.25 -71.96 -73.66
N GLY BA 252 81.75 -70.75 -73.84
CA GLY BA 252 81.36 -69.92 -74.97
C GLY BA 252 81.98 -70.38 -76.28
N ALA BA 253 82.00 -69.46 -77.24
CA ALA BA 253 82.48 -69.76 -78.57
C ALA BA 253 83.99 -70.00 -78.56
N ARG BA 254 84.47 -70.68 -79.59
CA ARG BA 254 85.87 -71.02 -79.74
C ARG BA 254 86.39 -70.46 -81.06
N ALA BA 255 87.60 -69.92 -81.02
CA ALA BA 255 88.23 -69.45 -82.25
C ALA BA 255 88.59 -70.63 -83.13
N ALA BA 256 88.37 -70.48 -84.43
CA ALA BA 256 88.69 -71.54 -85.36
C ALA BA 256 90.21 -71.63 -85.54
N PRO BA 257 90.72 -72.81 -85.89
CA PRO BA 257 92.16 -72.97 -86.08
C PRO BA 257 92.64 -72.17 -87.28
N PRO BA 258 93.92 -71.80 -87.30
CA PRO BA 258 94.44 -70.98 -88.40
C PRO BA 258 94.48 -71.76 -89.70
N ALA BA 259 94.54 -71.01 -90.80
CA ALA BA 259 94.63 -71.64 -92.11
C ALA BA 259 95.92 -72.45 -92.24
N ALA BA 260 97.03 -71.90 -91.77
CA ALA BA 260 98.32 -72.58 -91.82
C ALA BA 260 99.00 -72.44 -90.47
N ALA BA 261 100.05 -73.23 -90.28
CA ALA BA 261 100.80 -73.18 -89.02
C ALA BA 261 101.44 -71.82 -88.83
N GLN BA 262 101.32 -71.29 -87.62
CA GLN BA 262 101.86 -69.99 -87.28
C GLN BA 262 102.96 -70.14 -86.24
N SER BA 263 104.00 -69.31 -86.36
CA SER BA 263 105.10 -69.32 -85.41
C SER BA 263 105.94 -68.07 -85.62
N SER BA 264 106.48 -67.54 -84.53
CA SER BA 264 107.34 -66.38 -84.59
C SER BA 264 108.05 -66.21 -83.26
N TYR BA 265 109.05 -65.34 -83.26
CA TYR BA 265 109.76 -64.96 -82.04
C TYR BA 265 109.28 -63.60 -81.57
N MET BA 266 109.24 -63.44 -80.25
CA MET BA 266 108.69 -62.24 -79.64
C MET BA 266 109.72 -61.60 -78.71
N ARG BA 267 109.55 -60.30 -78.49
CA ARG BA 267 110.48 -59.54 -77.68
C ARG BA 267 109.78 -58.27 -77.22
N CYS BA 268 110.12 -57.81 -76.02
CA CYS BA 268 109.66 -56.52 -75.53
C CYS BA 268 110.66 -55.45 -75.95
N ILE BA 269 110.17 -54.43 -76.65
CA ILE BA 269 111.04 -53.43 -77.26
C ILE BA 269 111.20 -52.20 -76.37
N SER BA 270 110.67 -52.22 -75.16
CA SER BA 270 110.75 -51.08 -74.26
C SER BA 270 111.29 -51.52 -72.92
N PRO BA 271 111.98 -50.63 -72.21
CA PRO BA 271 112.55 -51.02 -70.91
C PRO BA 271 111.51 -51.37 -69.86
N HIS BA 272 110.22 -51.23 -70.16
CA HIS BA 272 109.18 -51.47 -69.17
C HIS BA 272 109.31 -52.85 -68.53
N TRP BA 273 109.79 -53.83 -69.29
CA TRP BA 273 109.75 -55.20 -68.83
C TRP BA 273 110.58 -55.43 -67.57
N GLN BA 274 111.65 -54.64 -67.38
CA GLN BA 274 112.58 -54.93 -66.30
C GLN BA 274 111.92 -54.85 -64.93
N HIS BA 275 110.77 -54.19 -64.82
CA HIS BA 275 110.08 -54.10 -63.54
C HIS BA 275 108.61 -54.50 -63.67
N GLN BA 276 108.23 -55.16 -64.76
CA GLN BA 276 106.86 -55.63 -64.94
C GLN BA 276 106.88 -57.15 -64.95
N ILE BA 277 106.18 -57.74 -63.99
CA ILE BA 277 106.35 -59.16 -63.72
C ILE BA 277 105.84 -60.00 -64.88
N VAL BA 278 104.74 -59.60 -65.50
CA VAL BA 278 104.08 -60.47 -66.47
C VAL BA 278 104.98 -60.69 -67.69
N GLU BA 279 105.75 -59.67 -68.07
CA GLU BA 279 106.68 -59.87 -69.17
C GLU BA 279 107.70 -60.94 -68.84
N VAL BA 280 108.26 -60.88 -67.63
CA VAL BA 280 109.23 -61.88 -67.21
C VAL BA 280 108.59 -63.26 -67.18
N ALA BA 281 107.39 -63.36 -66.63
CA ALA BA 281 106.71 -64.64 -66.55
C ALA BA 281 106.48 -65.22 -67.94
N GLY BA 282 105.92 -64.41 -68.84
CA GLY BA 282 105.64 -64.90 -70.17
C GLY BA 282 106.90 -65.33 -70.91
N ALA BA 283 107.96 -64.54 -70.80
CA ALA BA 283 109.21 -64.89 -71.47
C ALA BA 283 109.77 -66.20 -70.93
N LEU BA 284 109.84 -66.33 -69.60
CA LEU BA 284 110.41 -67.53 -69.01
C LEU BA 284 109.61 -68.76 -69.40
N MET BA 285 108.29 -68.67 -69.33
CA MET BA 285 107.45 -69.82 -69.65
C MET BA 285 107.72 -70.31 -71.07
N SER BA 286 107.68 -69.40 -72.05
CA SER BA 286 107.98 -69.79 -73.42
C SER BA 286 109.41 -70.30 -73.54
N GLN BA 287 110.36 -69.61 -72.89
CA GLN BA 287 111.74 -70.04 -72.95
C GLN BA 287 111.91 -71.43 -72.37
N SER BA 288 111.09 -71.79 -71.37
CA SER BA 288 111.18 -73.12 -70.79
C SER BA 288 110.87 -74.19 -71.83
N VAL BA 289 109.83 -73.96 -72.64
CA VAL BA 289 109.48 -74.93 -73.67
C VAL BA 289 110.61 -75.08 -74.67
N THR BA 290 111.14 -73.95 -75.15
CA THR BA 290 112.22 -74.01 -76.11
C THR BA 290 113.45 -74.70 -75.52
N ALA BA 291 113.65 -74.58 -74.21
CA ALA BA 291 114.81 -75.18 -73.58
C ALA BA 291 114.80 -76.70 -73.73
N VAL BA 292 113.67 -77.33 -73.46
CA VAL BA 292 113.62 -78.78 -73.54
C VAL BA 292 113.61 -79.25 -74.99
N THR BA 293 112.92 -78.55 -75.88
CA THR BA 293 112.81 -78.99 -77.26
C THR BA 293 113.87 -78.40 -78.18
N GLY BA 294 114.67 -77.46 -77.70
CA GLY BA 294 115.62 -76.78 -78.56
C GLY BA 294 114.94 -75.74 -79.43
N LEU BA 295 115.76 -75.00 -80.16
CA LEU BA 295 115.22 -73.98 -81.04
C LEU BA 295 114.63 -74.62 -82.28
N PRO BA 296 113.37 -74.33 -82.61
CA PRO BA 296 112.82 -74.86 -83.87
C PRO BA 296 113.58 -74.38 -85.09
N ALA BA 297 114.05 -73.15 -85.08
CA ALA BA 297 114.76 -72.60 -86.23
C ALA BA 297 115.56 -71.39 -85.80
N LEU BA 298 116.43 -70.92 -86.69
CA LEU BA 298 117.26 -69.76 -86.41
C LEU BA 298 116.41 -68.49 -86.40
N ILE BA 299 116.94 -67.48 -85.74
CA ILE BA 299 116.26 -66.20 -85.57
C ILE BA 299 116.78 -65.22 -86.60
N ASP BA 300 115.90 -64.32 -87.04
CA ASP BA 300 116.27 -63.30 -88.01
C ASP BA 300 117.16 -62.25 -87.35
N GLU BA 301 118.34 -62.03 -87.93
CA GLU BA 301 119.28 -61.08 -87.35
C GLU BA 301 118.85 -59.63 -87.55
N ALA BA 302 117.95 -59.37 -88.51
CA ALA BA 302 117.79 -58.03 -89.05
C ALA BA 302 117.51 -57.00 -87.97
N THR BA 303 116.74 -57.35 -86.95
CA THR BA 303 116.32 -56.41 -85.94
C THR BA 303 117.08 -56.54 -84.63
N LEU BA 304 118.14 -57.33 -84.61
CA LEU BA 304 118.87 -57.60 -83.38
C LEU BA 304 120.07 -56.69 -83.24
N PRO BA 305 120.62 -56.55 -82.02
CA PRO BA 305 121.81 -55.71 -81.84
C PRO BA 305 123.03 -56.25 -82.57
N ALA BA 306 124.14 -55.51 -82.50
CA ALA BA 306 125.29 -55.80 -83.33
C ALA BA 306 125.94 -57.13 -82.95
N TRP BA 307 126.16 -57.36 -81.66
CA TRP BA 307 126.87 -58.57 -81.26
C TRP BA 307 126.07 -59.82 -81.56
N SER BA 308 124.78 -59.70 -81.79
CA SER BA 308 123.92 -60.84 -82.10
C SER BA 308 123.86 -61.15 -83.58
N GLN BA 309 124.59 -60.42 -84.41
CA GLN BA 309 124.50 -60.61 -85.85
C GLN BA 309 125.30 -61.84 -86.25
N GLY BA 310 124.59 -62.88 -86.70
CA GLY BA 310 125.25 -64.04 -87.26
C GLY BA 310 125.84 -65.01 -86.26
N VAL BA 311 125.17 -65.21 -85.13
CA VAL BA 311 125.64 -66.20 -84.17
C VAL BA 311 125.45 -67.59 -84.75
N ALA BA 312 126.38 -68.49 -84.44
CA ALA BA 312 126.51 -69.76 -85.15
C ALA BA 312 125.22 -70.56 -85.15
N ASN BA 313 124.75 -70.97 -83.98
CA ASN BA 313 123.59 -71.84 -83.87
C ASN BA 313 122.34 -71.09 -83.44
N LEU BA 314 122.36 -69.76 -83.49
CA LEU BA 314 121.25 -68.98 -82.96
C LEU BA 314 120.60 -68.09 -84.01
N THR BA 315 121.39 -67.31 -84.75
CA THR BA 315 120.85 -66.31 -85.65
C THR BA 315 121.34 -66.56 -87.06
N GLY BA 316 120.54 -66.13 -88.03
CA GLY BA 316 120.89 -66.29 -89.42
C GLY BA 316 120.03 -65.40 -90.29
N ASN BA 317 120.33 -65.42 -91.58
CA ASN BA 317 119.55 -64.65 -92.54
C ASN BA 317 119.16 -65.47 -93.76
N GLY BA 318 119.24 -66.79 -93.67
CA GLY BA 318 118.95 -67.67 -94.78
C GLY BA 318 117.46 -67.85 -95.02
N GLN BA 319 117.12 -69.00 -95.58
CA GLN BA 319 115.73 -69.25 -95.94
C GLN BA 319 114.91 -69.64 -94.71
N GLY BA 320 115.26 -70.76 -94.07
CA GLY BA 320 114.51 -71.24 -92.92
C GLY BA 320 114.82 -70.45 -91.67
N VAL BA 321 114.47 -69.17 -91.67
CA VAL BA 321 114.75 -68.28 -90.55
C VAL BA 321 113.44 -67.63 -90.12
N VAL BA 322 113.02 -67.92 -88.90
CA VAL BA 322 111.77 -67.36 -88.38
C VAL BA 322 111.99 -65.89 -88.02
N PRO BA 323 111.14 -64.98 -88.46
CA PRO BA 323 111.28 -63.58 -88.06
C PRO BA 323 110.95 -63.40 -86.59
N CYS BA 324 111.39 -62.26 -86.07
CA CYS BA 324 111.14 -61.89 -84.68
C CYS BA 324 110.37 -60.57 -84.63
N LEU BA 325 109.27 -60.57 -83.90
CA LEU BA 325 108.50 -59.36 -83.68
C LEU BA 325 108.76 -58.80 -82.30
N ASP BA 326 108.55 -57.50 -82.15
CA ASP BA 326 108.71 -56.82 -80.88
C ASP BA 326 107.60 -55.80 -80.72
N TYR BA 327 107.33 -55.42 -79.47
CA TYR BA 327 106.17 -54.60 -79.19
C TYR BA 327 106.41 -53.78 -77.94
N ASN BA 328 105.56 -52.77 -77.76
CA ASN BA 328 105.55 -51.92 -76.60
C ASN BA 328 104.27 -52.15 -75.81
N PRO BA 329 104.34 -52.32 -74.49
CA PRO BA 329 103.13 -52.64 -73.74
C PRO BA 329 102.02 -51.61 -73.86
N VAL BA 330 102.36 -50.32 -73.89
CA VAL BA 330 101.33 -49.30 -73.88
C VAL BA 330 100.45 -49.39 -75.13
N PRO BA 331 101.02 -49.38 -76.35
CA PRO BA 331 100.15 -49.60 -77.52
C PRO BA 331 99.45 -50.93 -77.47
N MET BA 332 100.11 -51.95 -76.91
CA MET BA 332 99.50 -53.26 -76.81
C MET BA 332 98.22 -53.20 -75.99
N ALA BA 333 98.27 -52.52 -74.85
CA ALA BA 333 97.08 -52.38 -74.02
C ALA BA 333 95.97 -51.65 -74.77
N ALA BA 334 96.35 -50.62 -75.53
CA ALA BA 334 95.36 -49.88 -76.31
C ALA BA 334 94.67 -50.81 -77.29
N ALA BA 335 95.45 -51.65 -77.98
CA ALA BA 335 94.86 -52.62 -78.89
C ALA BA 335 93.96 -53.60 -78.14
N ARG BA 336 94.42 -54.06 -76.97
CA ARG BA 336 93.61 -55.00 -76.19
C ARG BA 336 92.28 -54.38 -75.82
N HIS BA 337 92.30 -53.15 -75.30
CA HIS BA 337 91.06 -52.48 -74.96
C HIS BA 337 90.18 -52.31 -76.20
N LEU BA 338 90.77 -51.94 -77.32
CA LEU BA 338 90.00 -51.78 -78.54
C LEU BA 338 89.31 -53.06 -78.93
N GLN BA 339 89.99 -54.20 -78.78
CA GLN BA 339 89.36 -55.48 -79.05
C GLN BA 339 88.15 -55.69 -78.15
N TRP BA 340 88.28 -55.34 -76.86
CA TRP BA 340 87.19 -55.58 -75.93
C TRP BA 340 85.95 -54.78 -76.32
N ARG BA 341 86.10 -53.51 -76.66
CA ARG BA 341 84.94 -52.74 -77.05
C ARG BA 341 84.39 -53.19 -78.39
N GLN BA 342 85.25 -53.64 -79.30
CA GLN BA 342 84.76 -54.20 -80.55
C GLN BA 342 83.99 -55.48 -80.31
N ASP BA 343 84.47 -56.32 -79.41
CA ASP BA 343 83.73 -57.52 -79.04
C ASP BA 343 82.59 -57.22 -78.07
N GLY BA 344 82.43 -55.97 -77.66
CA GLY BA 344 81.29 -55.59 -76.85
C GLY BA 344 81.41 -55.86 -75.38
N LEU BA 345 82.60 -56.19 -74.88
CA LEU BA 345 82.74 -56.38 -73.45
C LEU BA 345 82.67 -55.08 -72.67
N ILE BA 346 83.02 -53.95 -73.31
CA ILE BA 346 83.04 -52.65 -72.65
C ILE BA 346 82.47 -51.61 -73.59
N THR BA 347 82.16 -50.45 -73.03
CA THR BA 347 81.74 -49.30 -73.81
C THR BA 347 82.94 -48.40 -74.08
N ALA BA 348 82.81 -47.59 -75.13
CA ALA BA 348 83.90 -46.71 -75.53
C ALA BA 348 84.31 -45.79 -74.39
N ALA BA 349 83.35 -45.39 -73.55
CA ALA BA 349 83.68 -44.56 -72.40
C ALA BA 349 84.64 -45.28 -71.47
N GLN BA 350 84.41 -46.57 -71.24
CA GLN BA 350 85.33 -47.35 -70.43
C GLN BA 350 86.69 -47.49 -71.10
N GLU BA 351 86.70 -47.69 -72.41
CA GLU BA 351 87.96 -47.89 -73.12
C GLU BA 351 88.86 -46.67 -72.96
N ALA BA 352 88.30 -45.47 -73.07
CA ALA BA 352 89.09 -44.27 -72.87
C ALA BA 352 89.66 -44.23 -71.47
N GLN BA 353 88.85 -44.59 -70.47
CA GLN BA 353 89.35 -44.59 -69.10
C GLN BA 353 90.47 -45.58 -68.92
N LEU BA 354 90.34 -46.78 -69.49
CA LEU BA 354 91.35 -47.80 -69.30
C LEU BA 354 92.70 -47.36 -69.85
N ASN BA 355 92.70 -46.76 -71.04
CA ASN BA 355 93.95 -46.27 -71.59
C ASN BA 355 94.58 -45.22 -70.70
N ASN BA 356 93.76 -44.31 -70.17
CA ASN BA 356 94.29 -43.31 -69.25
C ASN BA 356 94.88 -43.97 -68.02
N ASP BA 357 94.18 -44.95 -67.46
CA ASP BA 357 94.69 -45.63 -66.27
C ASP BA 357 96.00 -46.34 -66.57
N TYR BA 358 96.05 -47.09 -67.66
CA TYR BA 358 97.25 -47.86 -67.95
C TYR BA 358 98.43 -46.95 -68.25
N THR BA 359 98.20 -45.90 -69.04
CA THR BA 359 99.29 -45.00 -69.37
C THR BA 359 99.87 -44.37 -68.11
N ALA BA 360 99.01 -43.96 -67.19
CA ALA BA 360 99.49 -43.44 -65.93
C ALA BA 360 100.30 -44.48 -65.18
N TYR BA 361 99.80 -45.72 -65.15
CA TYR BA 361 100.51 -46.79 -64.47
C TYR BA 361 101.87 -47.03 -65.11
N ALA BA 362 101.92 -47.08 -66.44
CA ALA BA 362 103.18 -47.31 -67.12
C ALA BA 362 104.16 -46.18 -66.84
N LEU BA 363 103.66 -44.95 -66.72
CA LEU BA 363 104.53 -43.82 -66.46
C LEU BA 363 105.31 -44.02 -65.17
N THR BA 364 104.66 -44.58 -64.15
CA THR BA 364 105.35 -44.84 -62.89
C THR BA 364 106.50 -45.81 -63.11
N ILE BA 365 106.27 -46.85 -63.92
CA ILE BA 365 107.32 -47.82 -64.19
C ILE BA 365 108.53 -47.12 -64.78
N GLU BA 366 108.32 -46.31 -65.81
CA GLU BA 366 109.41 -45.57 -66.41
C GLU BA 366 110.08 -44.66 -65.39
N ARG BA 367 109.27 -43.94 -64.62
CA ARG BA 367 109.82 -43.02 -63.64
C ARG BA 367 110.64 -43.75 -62.59
N HIS BA 368 110.18 -44.93 -62.19
CA HIS BA 368 110.91 -45.72 -61.21
C HIS BA 368 112.26 -46.17 -61.77
N LEU BA 369 112.24 -46.77 -62.96
CA LEU BA 369 113.46 -47.34 -63.51
C LEU BA 369 114.49 -46.26 -63.80
N THR BA 370 114.06 -45.15 -64.41
CA THR BA 370 115.02 -44.11 -64.77
C THR BA 370 115.70 -43.55 -63.54
N ALA BA 371 114.95 -43.38 -62.45
CA ALA BA 371 115.56 -42.96 -61.20
C ALA BA 371 116.46 -44.03 -60.64
N MET BA 372 116.12 -45.30 -60.87
CA MET BA 372 116.93 -46.37 -60.31
C MET BA 372 118.24 -46.53 -61.07
N LEU BA 373 118.25 -46.22 -62.37
CA LEU BA 373 119.45 -46.41 -63.16
C LEU BA 373 120.59 -45.53 -62.66
N VAL BA 374 120.31 -44.25 -62.42
CA VAL BA 374 121.35 -43.35 -61.95
C VAL BA 374 121.83 -43.77 -60.57
N ALA BA 375 120.97 -44.43 -59.80
CA ALA BA 375 121.37 -44.92 -58.50
C ALA BA 375 122.36 -46.08 -58.61
N ASN BA 376 122.37 -46.78 -59.74
CA ASN BA 376 123.24 -47.93 -59.95
C ASN BA 376 123.96 -47.77 -61.28
N PRO BA 377 124.91 -46.85 -61.37
CA PRO BA 377 125.65 -46.69 -62.63
C PRO BA 377 126.37 -47.97 -62.99
N ILE BA 378 126.37 -48.28 -64.28
CA ILE BA 378 126.96 -49.55 -64.73
C ILE BA 378 128.46 -49.56 -64.50
N ALA BA 379 129.09 -48.39 -64.50
CA ALA BA 379 130.53 -48.31 -64.26
C ALA BA 379 130.91 -48.67 -62.83
N ALA BA 380 129.92 -48.79 -61.93
CA ALA BA 380 130.23 -49.12 -60.54
C ALA BA 380 130.89 -50.49 -60.43
N GLY BA 381 130.43 -51.45 -61.23
CA GLY BA 381 131.04 -52.77 -61.22
C GLY BA 381 130.05 -53.90 -61.40
N ARG BA 382 128.78 -53.64 -61.12
CA ARG BA 382 127.73 -54.63 -61.29
C ARG BA 382 126.57 -53.99 -62.04
N MET BA 383 125.75 -54.84 -62.68
CA MET BA 383 124.66 -54.38 -63.52
C MET BA 383 123.36 -54.96 -62.98
N PRO BA 384 122.82 -54.38 -61.91
CA PRO BA 384 121.50 -54.84 -61.44
C PRO BA 384 120.40 -54.60 -62.45
N ILE BA 385 120.48 -53.54 -63.24
CA ILE BA 385 119.47 -53.29 -64.26
C ILE BA 385 120.18 -52.93 -65.57
N GLN BA 386 119.53 -53.29 -66.67
CA GLN BA 386 120.10 -53.10 -68.00
C GLN BA 386 119.98 -51.63 -68.42
N PRO BA 387 121.04 -51.06 -68.98
CA PRO BA 387 121.00 -49.65 -69.36
C PRO BA 387 120.04 -49.40 -70.52
N PHE BA 388 119.62 -48.15 -70.65
CA PHE BA 388 118.69 -47.74 -71.69
C PHE BA 388 118.77 -46.23 -71.85
N ASN BA 389 117.97 -45.71 -72.78
CA ASN BA 389 117.83 -44.28 -72.99
C ASN BA 389 116.38 -43.88 -72.85
N ALA BA 390 116.14 -42.62 -72.52
CA ALA BA 390 114.78 -42.15 -72.27
C ALA BA 390 113.88 -42.39 -73.47
N ALA BA 391 114.41 -42.22 -74.68
CA ALA BA 391 113.60 -42.41 -75.87
C ALA BA 391 113.07 -43.83 -76.01
N ASP BA 392 113.73 -44.80 -75.36
CA ASP BA 392 113.33 -46.18 -75.50
C ASP BA 392 111.93 -46.44 -74.94
N PHE BA 393 111.46 -45.62 -74.01
CA PHE BA 393 110.13 -45.83 -73.48
C PHE BA 393 109.04 -45.47 -74.47
N GLY BA 394 109.37 -44.71 -75.52
CA GLY BA 394 108.40 -44.28 -76.48
C GLY BA 394 108.36 -45.05 -77.78
N GLN BA 395 109.23 -46.03 -77.96
CA GLN BA 395 109.28 -46.77 -79.22
C GLN BA 395 108.06 -47.66 -79.35
N ALA BA 396 107.37 -47.55 -80.49
CA ALA BA 396 106.24 -48.41 -80.77
C ALA BA 396 106.66 -49.77 -81.28
N GLY BA 397 107.83 -49.88 -81.89
CA GLY BA 397 108.30 -51.15 -82.39
C GLY BA 397 107.39 -51.69 -83.47
N GLN BA 398 107.28 -53.03 -83.52
CA GLN BA 398 106.43 -53.71 -84.47
C GLN BA 398 105.10 -54.12 -83.85
N THR BA 399 104.57 -53.31 -82.92
CA THR BA 399 103.37 -53.70 -82.21
C THR BA 399 102.21 -53.95 -83.17
N ALA BA 400 102.08 -53.12 -84.19
CA ALA BA 400 101.02 -53.31 -85.16
C ALA BA 400 101.11 -54.69 -85.80
N ALA BA 401 102.32 -55.11 -86.17
CA ALA BA 401 102.50 -56.44 -86.71
C ALA BA 401 102.18 -57.50 -85.67
N ALA BA 402 102.45 -57.23 -84.41
CA ALA BA 402 102.22 -58.21 -83.36
C ALA BA 402 100.75 -58.57 -83.26
N VAL BA 403 99.88 -57.57 -83.14
CA VAL BA 403 98.45 -57.85 -83.02
C VAL BA 403 97.93 -58.48 -84.30
N ALA BA 404 98.48 -58.09 -85.44
CA ALA BA 404 98.08 -58.71 -86.69
C ALA BA 404 98.36 -60.21 -86.67
N LEU BA 405 99.51 -60.60 -86.11
CA LEU BA 405 99.83 -62.02 -86.00
C LEU BA 405 98.81 -62.75 -85.14
N ALA BA 406 98.46 -62.16 -84.00
CA ALA BA 406 97.49 -62.80 -83.12
C ALA BA 406 96.15 -62.99 -83.82
N GLN BA 407 95.72 -61.97 -84.56
CA GLN BA 407 94.48 -62.08 -85.32
C GLN BA 407 94.60 -63.19 -86.35
N ALA BA 408 95.75 -63.31 -87.00
CA ALA BA 408 95.98 -64.41 -87.92
C ALA BA 408 96.19 -65.73 -87.20
N MET BA 409 96.57 -65.69 -85.93
CA MET BA 409 96.86 -66.92 -85.20
C MET BA 409 95.59 -67.55 -84.65
N PHE BA 410 94.70 -66.75 -84.07
CA PHE BA 410 93.41 -67.21 -83.58
C PHE BA 410 92.34 -66.59 -84.45
N VAL BA 411 91.62 -67.42 -85.20
CA VAL BA 411 90.65 -66.91 -86.15
C VAL BA 411 89.45 -67.84 -86.20
N ALA CA 1 -9.75 -14.65 -72.24
CA ALA CA 1 -8.51 -14.27 -71.60
C ALA CA 1 -8.69 -14.06 -70.11
N ALA CA 2 -9.05 -15.12 -69.40
CA ALA CA 2 -9.25 -15.04 -67.96
C ALA CA 2 -8.82 -16.36 -67.34
N VAL CA 3 -8.21 -16.28 -66.16
CA VAL CA 3 -7.75 -17.45 -65.42
C VAL CA 3 -8.37 -17.38 -64.04
N PHE CA 4 -9.20 -18.37 -63.71
CA PHE CA 4 -9.97 -18.35 -62.48
C PHE CA 4 -10.66 -17.00 -62.33
N GLY CA 5 -10.25 -16.23 -61.33
CA GLY CA 5 -10.80 -14.91 -61.11
C GLY CA 5 -9.93 -13.76 -61.60
N ILE CA 6 -8.92 -14.03 -62.42
CA ILE CA 6 -7.99 -13.01 -62.88
C ILE CA 6 -8.35 -12.65 -64.32
N GLN CA 7 -8.41 -11.36 -64.60
CA GLN CA 7 -8.76 -10.84 -65.91
C GLN CA 7 -7.51 -10.32 -66.62
N LEU CA 8 -7.36 -10.67 -67.89
CA LEU CA 8 -6.16 -10.34 -68.64
C LEU CA 8 -6.52 -9.67 -69.95
N VAL CA 9 -5.73 -8.67 -70.33
CA VAL CA 9 -5.91 -7.96 -71.59
C VAL CA 9 -5.27 -8.79 -72.70
N PRO CA 10 -5.71 -8.65 -73.95
CA PRO CA 10 -5.20 -9.50 -75.03
C PRO CA 10 -3.87 -9.10 -75.61
N LYS CA 11 -3.14 -8.16 -75.00
CA LYS CA 11 -1.89 -7.68 -75.55
C LYS CA 11 -0.72 -8.12 -74.68
N LEU CA 12 0.39 -8.46 -75.33
CA LEU CA 12 1.58 -8.93 -74.64
C LEU CA 12 2.67 -7.85 -74.67
N ASN CA 13 3.42 -7.76 -73.57
CA ASN CA 13 4.51 -6.79 -73.50
C ASN CA 13 5.51 -7.24 -72.44
N THR CA 14 6.79 -7.09 -72.75
CA THR CA 14 7.86 -7.34 -71.80
C THR CA 14 9.13 -6.72 -72.33
N SER CA 15 10.10 -6.52 -71.42
CA SER CA 15 11.36 -5.91 -71.79
C SER CA 15 12.16 -6.86 -72.68
N THR CA 16 13.25 -6.34 -73.25
CA THR CA 16 13.93 -7.04 -74.32
C THR CA 16 15.43 -7.24 -74.12
N THR CA 17 16.01 -6.82 -72.99
CA THR CA 17 17.42 -7.04 -72.80
C THR CA 17 17.72 -7.11 -71.30
N ARG CA 18 18.67 -7.98 -70.95
CA ARG CA 18 19.00 -8.25 -69.56
C ARG CA 18 20.23 -7.45 -69.16
N ARG CA 19 20.14 -6.75 -68.03
CA ARG CA 19 21.29 -6.05 -67.49
C ARG CA 19 22.25 -7.04 -66.84
N THR CA 20 23.52 -6.94 -67.20
CA THR CA 20 24.52 -7.84 -66.64
C THR CA 20 24.84 -7.45 -65.20
N PHE CA 21 25.28 -8.44 -64.44
CA PHE CA 21 25.66 -8.20 -63.05
C PHE CA 21 27.10 -7.69 -62.97
N LEU CA 22 27.34 -6.82 -62.00
CA LEU CA 22 28.69 -6.34 -61.72
C LEU CA 22 28.85 -6.30 -60.21
N PRO CA 23 29.95 -6.85 -59.69
CA PRO CA 23 30.15 -6.85 -58.24
C PRO CA 23 30.53 -5.47 -57.74
N LEU CA 24 30.44 -5.31 -56.42
CA LEU CA 24 30.68 -4.02 -55.78
C LEU CA 24 32.15 -3.85 -55.48
N ARG CA 25 32.71 -2.72 -55.92
CA ARG CA 25 34.10 -2.40 -55.59
C ARG CA 25 34.23 -2.10 -54.11
N PHE CA 26 35.46 -2.32 -53.60
CA PHE CA 26 35.68 -2.15 -52.17
C PHE CA 26 35.43 -0.71 -51.74
N ASP CA 27 35.93 0.26 -52.50
CA ASP CA 27 35.76 1.65 -52.14
C ASP CA 27 34.28 2.04 -52.14
N LEU CA 28 33.55 1.63 -53.18
CA LEU CA 28 32.14 1.98 -53.27
C LEU CA 28 31.38 1.45 -52.07
N LEU CA 29 31.73 0.25 -51.60
CA LEU CA 29 31.08 -0.29 -50.43
C LEU CA 29 31.24 0.64 -49.24
N LEU CA 30 32.46 1.14 -49.01
CA LEU CA 30 32.70 2.03 -47.90
C LEU CA 30 31.87 3.31 -48.02
N ASP CA 31 31.75 3.82 -49.24
CA ASP CA 31 30.96 5.03 -49.45
C ASP CA 31 29.51 4.81 -49.05
N ARG CA 32 28.94 3.68 -49.44
CA ARG CA 32 27.55 3.40 -49.08
C ARG CA 32 27.39 3.34 -47.57
N LEU CA 33 28.31 2.67 -46.88
CA LEU CA 33 28.19 2.55 -45.44
C LEU CA 33 28.49 3.86 -44.73
N GLN CA 34 29.31 4.70 -45.33
CA GLN CA 34 29.66 5.98 -44.71
C GLN CA 34 28.70 7.09 -45.07
N SER CA 35 27.62 6.79 -45.80
CA SER CA 35 26.67 7.81 -46.19
C SER CA 35 26.13 8.53 -44.95
N THR CA 36 26.09 9.85 -45.02
CA THR CA 36 25.67 10.64 -43.87
C THR CA 36 24.27 10.28 -43.42
N ASN CA 37 23.41 9.87 -44.34
CA ASN CA 37 22.10 9.32 -44.02
C ASN CA 37 21.93 8.02 -44.78
N LEU CA 38 21.52 6.98 -44.07
CA LEU CA 38 21.37 5.67 -44.67
C LEU CA 38 19.96 5.39 -45.17
N HIS CA 39 18.97 6.15 -44.69
CA HIS CA 39 17.63 6.00 -45.22
C HIS CA 39 17.63 6.31 -46.71
N GLY CA 40 16.98 5.45 -47.48
CA GLY CA 40 17.01 5.59 -48.91
C GLY CA 40 18.29 5.12 -49.56
N VAL CA 41 19.28 4.73 -48.77
CA VAL CA 41 20.54 4.19 -49.28
C VAL CA 41 20.72 2.74 -48.87
N LEU CA 42 20.48 2.43 -47.60
CA LEU CA 42 20.59 1.08 -47.09
C LEU CA 42 19.26 0.48 -46.70
N TYR CA 43 18.27 1.32 -46.39
CA TYR CA 43 16.93 0.86 -46.06
C TYR CA 43 15.96 1.97 -46.40
N ARG CA 44 14.68 1.59 -46.49
CA ARG CA 44 13.64 2.57 -46.79
C ARG CA 44 12.41 2.25 -45.96
N ALA CA 45 11.77 3.30 -45.45
CA ALA CA 45 10.56 3.16 -44.66
C ALA CA 45 9.36 3.24 -45.58
N LEU CA 46 8.55 2.19 -45.58
CA LEU CA 46 7.34 2.15 -46.39
C LEU CA 46 6.15 2.75 -45.68
N ASP CA 47 6.34 3.26 -44.47
CA ASP CA 47 5.20 3.52 -43.59
C ASP CA 47 5.35 4.81 -42.79
N PHE CA 48 6.23 5.72 -43.21
CA PHE CA 48 6.57 6.85 -42.36
C PHE CA 48 5.39 7.79 -42.19
N ASN CA 49 5.12 8.15 -40.93
CA ASN CA 49 4.10 9.14 -40.62
C ASN CA 49 4.80 10.44 -40.28
N PRO CA 50 4.78 11.45 -41.14
CA PRO CA 50 5.50 12.69 -40.85
C PRO CA 50 4.90 13.47 -39.70
N VAL CA 51 3.63 13.27 -39.36
CA VAL CA 51 3.06 13.95 -38.21
C VAL CA 51 3.80 13.57 -36.95
N ASP CA 52 4.08 12.28 -36.79
CA ASP CA 52 5.01 11.81 -35.78
C ASP CA 52 6.40 11.73 -36.42
N ARG CA 53 7.33 11.06 -35.74
CA ARG CA 53 8.62 10.77 -36.32
C ARG CA 53 8.80 9.26 -36.40
N SER CA 54 7.76 8.56 -36.84
CA SER CA 54 7.72 7.12 -36.69
C SER CA 54 7.33 6.43 -37.99
N ALA CA 55 7.85 5.23 -38.16
CA ALA CA 55 7.40 4.29 -39.18
C ALA CA 55 7.35 2.91 -38.52
N THR CA 56 6.77 1.95 -39.22
CA THR CA 56 6.58 0.62 -38.65
C THR CA 56 7.08 -0.52 -39.51
N VAL CA 57 7.22 -0.35 -40.81
CA VAL CA 57 7.72 -1.40 -41.69
C VAL CA 57 8.88 -0.83 -42.50
N ILE CA 58 9.99 -1.55 -42.52
CA ILE CA 58 11.20 -1.12 -43.19
C ILE CA 58 11.57 -2.13 -44.27
N GLN CA 59 11.96 -1.63 -45.43
CA GLN CA 59 12.48 -2.46 -46.50
C GLN CA 59 13.99 -2.29 -46.57
N THR CA 60 14.70 -3.41 -46.72
CA THR CA 60 16.15 -3.43 -46.67
C THR CA 60 16.74 -3.58 -48.06
N TYR CA 61 18.04 -3.34 -48.14
CA TYR CA 61 18.77 -3.25 -49.40
C TYR CA 61 20.02 -4.11 -49.33
N PRO CA 62 20.62 -4.43 -50.48
CA PRO CA 62 21.50 -5.62 -50.57
C PRO CA 62 22.47 -5.77 -49.42
N PRO CA 63 23.26 -4.75 -49.06
CA PRO CA 63 24.25 -4.98 -48.00
C PRO CA 63 23.63 -5.41 -46.70
N LEU CA 64 22.40 -5.00 -46.43
CA LEU CA 64 21.72 -5.32 -45.19
C LEU CA 64 20.72 -6.45 -45.30
N ASN CA 65 20.06 -6.59 -46.45
CA ASN CA 65 18.94 -7.53 -46.55
C ASN CA 65 19.36 -8.98 -46.39
N ALA CA 66 20.65 -9.27 -46.23
CA ALA CA 66 21.07 -10.62 -45.92
C ALA CA 66 20.98 -10.93 -44.43
N TRP CA 67 20.67 -9.93 -43.61
CA TRP CA 67 20.66 -10.12 -42.16
C TRP CA 67 19.50 -11.01 -41.73
N SER CA 68 19.76 -11.85 -40.75
CA SER CA 68 18.71 -12.60 -40.05
C SER CA 68 18.81 -12.28 -38.57
N PRO CA 69 17.92 -11.43 -38.04
CA PRO CA 69 18.06 -11.00 -36.64
C PRO CA 69 17.92 -12.16 -35.68
N HIS CA 70 18.65 -12.08 -34.58
CA HIS CA 70 18.49 -13.03 -33.49
C HIS CA 70 17.15 -12.83 -32.80
N PRO CA 71 16.57 -13.89 -32.23
CA PRO CA 71 15.18 -13.79 -31.74
C PRO CA 71 14.97 -12.72 -30.69
N ALA CA 72 15.98 -12.42 -29.88
CA ALA CA 72 15.82 -11.39 -28.87
C ALA CA 72 15.39 -10.07 -29.48
N PHE CA 73 15.87 -9.77 -30.68
CA PHE CA 73 15.40 -8.58 -31.38
C PHE CA 73 13.96 -8.75 -31.82
N ILE CA 74 13.62 -9.92 -32.35
CA ILE CA 74 12.30 -10.12 -32.94
C ILE CA 74 11.21 -10.02 -31.88
N GLU CA 75 11.41 -10.70 -30.76
CA GLU CA 75 10.37 -10.74 -29.74
C GLU CA 75 10.19 -9.42 -29.01
N ASN CA 76 11.11 -8.46 -29.21
CA ASN CA 76 11.04 -7.17 -28.52
C ASN CA 76 11.54 -6.09 -29.47
N PRO CA 77 10.75 -5.73 -30.47
CA PRO CA 77 11.20 -4.75 -31.45
C PRO CA 77 11.36 -3.38 -30.82
N LEU CA 78 12.24 -2.58 -31.43
CA LEU CA 78 12.42 -1.20 -31.05
C LEU CA 78 11.67 -0.29 -32.03
N ASP CA 79 11.64 1.00 -31.69
CA ASP CA 79 10.91 1.96 -32.49
C ASP CA 79 11.80 2.54 -33.58
N TYR CA 80 11.21 3.38 -34.42
CA TYR CA 80 11.93 3.94 -35.56
C TYR CA 80 13.09 4.80 -35.10
N ARG CA 81 12.88 5.64 -34.08
CA ARG CA 81 13.93 6.53 -33.63
C ARG CA 81 15.13 5.74 -33.10
N ASP CA 82 14.87 4.65 -32.39
CA ASP CA 82 15.97 3.79 -31.96
C ASP CA 82 16.60 3.09 -33.14
N TRP CA 83 15.79 2.71 -34.13
CA TRP CA 83 16.32 2.01 -35.29
C TRP CA 83 17.35 2.84 -36.01
N THR CA 84 17.00 4.08 -36.36
CA THR CA 84 17.93 4.92 -37.11
C THR CA 84 19.19 5.17 -36.32
N GLU CA 85 19.08 5.30 -35.01
CA GLU CA 85 20.28 5.43 -34.18
C GLU CA 85 21.08 4.15 -34.19
N PHE CA 86 20.42 3.00 -34.07
CA PHE CA 86 21.13 1.73 -33.98
C PHE CA 86 21.92 1.45 -35.26
N ILE CA 87 21.29 1.68 -36.41
CA ILE CA 87 21.94 1.34 -37.68
C ILE CA 87 23.17 2.22 -37.89
N HIS CA 88 23.01 3.53 -37.72
CA HIS CA 88 24.12 4.43 -37.94
C HIS CA 88 25.31 4.08 -37.07
N ASP CA 89 25.06 3.62 -35.85
CA ASP CA 89 26.14 3.15 -35.01
C ASP CA 89 26.82 1.93 -35.61
N ARG CA 90 26.02 0.90 -35.93
CA ARG CA 90 26.61 -0.36 -36.38
C ARG CA 90 27.35 -0.18 -37.70
N ALA CA 91 26.79 0.60 -38.62
CA ALA CA 91 27.43 0.79 -39.91
C ALA CA 91 28.82 1.37 -39.75
N LEU CA 92 28.95 2.42 -38.95
CA LEU CA 92 30.26 3.02 -38.74
C LEU CA 92 31.22 2.05 -38.09
N ALA CA 93 30.75 1.31 -37.09
CA ALA CA 93 31.60 0.33 -36.43
C ALA CA 93 32.04 -0.73 -37.42
N PHE CA 94 31.13 -1.21 -38.27
CA PHE CA 94 31.49 -2.22 -39.24
C PHE CA 94 32.53 -1.70 -40.21
N VAL CA 95 32.42 -0.42 -40.59
CA VAL CA 95 33.42 0.17 -41.47
C VAL CA 95 34.79 0.13 -40.82
N GLY CA 96 34.86 0.49 -39.53
CA GLY CA 96 36.15 0.50 -38.86
C GLY CA 96 36.83 -0.85 -38.90
N VAL CA 97 36.06 -1.92 -38.67
CA VAL CA 97 36.64 -3.26 -38.73
C VAL CA 97 37.15 -3.54 -40.12
N LEU CA 98 36.33 -3.25 -41.14
CA LEU CA 98 36.74 -3.53 -42.51
C LEU CA 98 37.97 -2.75 -42.90
N THR CA 99 38.19 -1.59 -42.29
CA THR CA 99 39.33 -0.76 -42.63
C THR CA 99 40.51 -0.95 -41.69
N GLN CA 100 40.29 -1.50 -40.50
CA GLN CA 100 41.42 -1.86 -39.66
C GLN CA 100 42.29 -2.89 -40.35
N ARG CA 101 41.65 -3.87 -40.98
CA ARG CA 101 42.32 -4.70 -41.96
C ARG CA 101 42.12 -4.08 -43.34
N TYR CA 102 42.89 -4.54 -44.31
CA TYR CA 102 42.73 -4.11 -45.69
C TYR CA 102 42.72 -2.59 -45.81
N PRO CA 103 43.87 -1.93 -45.65
CA PRO CA 103 43.89 -0.47 -45.82
C PRO CA 103 43.39 -0.10 -47.21
N LEU CA 104 42.66 1.02 -47.27
CA LEU CA 104 41.90 1.35 -48.48
C LEU CA 104 42.81 1.55 -49.67
N THR CA 105 43.93 2.26 -49.48
CA THR CA 105 44.77 2.64 -50.61
C THR CA 105 45.35 1.44 -51.34
N GLN CA 106 45.37 0.27 -50.71
CA GLN CA 106 45.88 -0.94 -51.34
C GLN CA 106 44.78 -1.87 -51.83
N ASN CA 107 43.51 -1.53 -51.60
CA ASN CA 107 42.46 -2.49 -51.86
C ASN CA 107 41.21 -1.89 -52.50
N ALA CA 108 41.23 -0.61 -52.89
CA ALA CA 108 40.01 0.02 -53.38
C ALA CA 108 39.52 -0.65 -54.66
N GLN CA 109 40.43 -1.20 -55.46
CA GLN CA 109 40.06 -1.76 -56.75
C GLN CA 109 39.47 -3.16 -56.66
N ARG CA 110 39.63 -3.83 -55.53
CA ARG CA 110 39.21 -5.22 -55.43
C ARG CA 110 37.70 -5.32 -55.32
N TYR CA 111 37.17 -6.45 -55.77
CA TYR CA 111 35.73 -6.70 -55.78
C TYR CA 111 35.35 -7.57 -54.60
N THR CA 112 34.32 -7.16 -53.87
CA THR CA 112 33.85 -7.93 -52.73
C THR CA 112 32.91 -9.04 -53.19
N ASN CA 113 33.02 -10.18 -52.55
CA ASN CA 113 32.08 -11.26 -52.80
C ASN CA 113 30.76 -10.92 -52.11
N PRO CA 114 29.66 -10.77 -52.85
CA PRO CA 114 28.41 -10.37 -52.20
C PRO CA 114 27.94 -11.34 -51.14
N LEU CA 115 28.11 -12.64 -51.38
CA LEU CA 115 27.67 -13.63 -50.41
C LEU CA 115 28.43 -13.50 -49.11
N VAL CA 116 29.76 -13.42 -49.19
CA VAL CA 116 30.57 -13.28 -47.99
C VAL CA 116 30.23 -11.99 -47.27
N LEU CA 117 30.09 -10.90 -48.03
CA LEU CA 117 29.79 -9.62 -47.42
C LEU CA 117 28.47 -9.68 -46.66
N GLY CA 118 27.45 -10.26 -47.27
CA GLY CA 118 26.17 -10.33 -46.61
C GLY CA 118 26.23 -11.14 -45.32
N ALA CA 119 26.86 -12.31 -45.39
CA ALA CA 119 26.95 -13.14 -44.19
C ALA CA 119 27.76 -12.45 -43.11
N ALA CA 120 28.90 -11.88 -43.47
CA ALA CA 120 29.74 -11.23 -42.48
C ALA CA 120 29.01 -10.08 -41.81
N PHE CA 121 28.37 -9.23 -42.60
CA PHE CA 121 27.65 -8.10 -42.02
C PHE CA 121 26.52 -8.58 -41.14
N GLY CA 122 25.79 -9.61 -41.58
CA GLY CA 122 24.67 -10.11 -40.79
C GLY CA 122 25.09 -10.61 -39.43
N ASP CA 123 26.21 -11.33 -39.36
CA ASP CA 123 26.69 -11.79 -38.06
C ASP CA 123 27.12 -10.62 -37.20
N PHE CA 124 27.73 -9.60 -37.81
CA PHE CA 124 28.30 -8.52 -37.02
C PHE CA 124 27.24 -7.84 -36.17
N LEU CA 125 26.14 -7.41 -36.77
CA LEU CA 125 25.10 -6.78 -35.99
C LEU CA 125 24.27 -7.79 -35.22
N ASN CA 126 24.49 -9.09 -35.45
CA ASN CA 126 24.00 -10.11 -34.53
C ASN CA 126 24.95 -10.32 -33.37
N ALA CA 127 25.96 -9.45 -33.23
CA ALA CA 127 26.91 -9.52 -32.12
C ALA CA 127 27.64 -10.85 -32.09
N ARG CA 128 28.02 -11.34 -33.26
CA ARG CA 128 28.74 -12.59 -33.40
C ARG CA 128 30.00 -12.35 -34.21
N SER CA 129 31.09 -13.04 -33.84
CA SER CA 129 32.38 -12.76 -34.42
C SER CA 129 32.39 -13.11 -35.91
N ILE CA 130 33.22 -12.37 -36.67
CA ILE CA 130 33.18 -12.44 -38.12
C ILE CA 130 34.57 -12.67 -38.71
N ASP CA 131 35.53 -13.01 -37.85
CA ASP CA 131 36.92 -13.05 -38.29
C ASP CA 131 37.10 -14.01 -39.46
N ILE CA 132 36.39 -15.14 -39.44
CA ILE CA 132 36.57 -16.15 -40.49
C ILE CA 132 36.27 -15.56 -41.86
N PHE CA 133 35.25 -14.71 -41.95
CA PHE CA 133 34.84 -14.22 -43.25
C PHE CA 133 35.85 -13.23 -43.82
N LEU CA 134 36.50 -12.45 -42.96
CA LEU CA 134 37.33 -11.35 -43.45
C LEU CA 134 38.45 -11.84 -44.36
N ASP CA 135 38.89 -13.08 -44.18
CA ASP CA 135 39.96 -13.60 -45.01
C ASP CA 135 39.53 -13.74 -46.46
N ARG CA 136 38.24 -13.89 -46.71
CA ARG CA 136 37.75 -14.22 -48.04
C ARG CA 136 36.71 -13.22 -48.50
N LEU CA 137 36.95 -11.94 -48.23
CA LEU CA 137 36.01 -10.91 -48.63
C LEU CA 137 36.06 -10.60 -50.12
N PHE CA 138 37.18 -10.89 -50.79
CA PHE CA 138 37.36 -10.50 -52.18
C PHE CA 138 37.44 -11.71 -53.08
N TYR CA 139 37.21 -11.48 -54.36
CA TYR CA 139 37.34 -12.52 -55.38
C TYR CA 139 37.59 -11.85 -56.73
N GLY CA 140 38.21 -12.61 -57.63
CA GLY CA 140 38.50 -12.12 -58.95
C GLY CA 140 37.44 -12.54 -59.94
N PRO CA 141 36.52 -11.63 -60.26
CA PRO CA 141 35.36 -12.00 -61.08
C PRO CA 141 35.72 -12.52 -62.44
N THR CA 142 36.85 -12.09 -63.01
CA THR CA 142 37.26 -12.59 -64.30
C THR CA 142 37.72 -14.04 -64.22
N GLN CA 143 38.01 -14.55 -63.03
CA GLN CA 143 38.53 -15.89 -62.88
C GLN CA 143 37.56 -16.88 -62.27
N GLU CA 144 36.58 -16.41 -61.49
CA GLU CA 144 35.62 -17.32 -60.89
C GLU CA 144 34.38 -16.55 -60.51
N SER CA 145 33.30 -17.31 -60.29
CA SER CA 145 32.05 -16.76 -59.81
C SER CA 145 32.13 -16.52 -58.30
N PRO CA 146 31.23 -15.69 -57.76
CA PRO CA 146 31.20 -15.53 -56.31
C PRO CA 146 30.91 -16.82 -55.58
N ILE CA 147 30.35 -17.83 -56.25
CA ILE CA 147 30.10 -19.12 -55.63
C ILE CA 147 31.38 -19.94 -55.64
N THR CA 148 31.93 -20.16 -56.83
CA THR CA 148 33.10 -21.02 -56.95
C THR CA 148 34.28 -20.51 -56.15
N SER CA 149 34.39 -19.19 -55.99
CA SER CA 149 35.42 -18.63 -55.12
C SER CA 149 35.31 -19.17 -53.71
N ILE CA 150 34.10 -19.47 -53.27
CA ILE CA 150 33.89 -19.94 -51.91
C ILE CA 150 34.12 -21.44 -51.80
N THR CA 151 33.74 -22.20 -52.82
CA THR CA 151 33.83 -23.66 -52.75
C THR CA 151 35.26 -24.14 -52.62
N LYS CA 152 36.22 -23.22 -52.68
CA LYS CA 152 37.61 -23.60 -52.45
C LYS CA 152 37.86 -24.05 -51.03
N PHE CA 153 36.92 -23.82 -50.12
CA PHE CA 153 37.10 -24.13 -48.70
C PHE CA 153 35.89 -24.94 -48.23
N PRO CA 154 35.79 -26.19 -48.68
CA PRO CA 154 34.55 -26.96 -48.45
C PRO CA 154 34.45 -27.54 -47.05
N TYR CA 155 33.95 -26.76 -46.10
CA TYR CA 155 33.71 -27.26 -44.76
C TYR CA 155 32.75 -26.31 -44.07
N GLN CA 156 32.30 -26.72 -42.89
CA GLN CA 156 31.37 -25.90 -42.12
C GLN CA 156 32.09 -24.69 -41.57
N TRP CA 157 32.03 -23.57 -42.28
CA TRP CA 157 32.67 -22.34 -41.80
C TRP CA 157 32.10 -21.95 -40.45
N THR CA 158 30.78 -21.87 -40.35
CA THR CA 158 30.13 -21.57 -39.09
C THR CA 158 28.74 -22.19 -39.11
N ILE CA 159 28.07 -22.10 -37.96
CA ILE CA 159 26.85 -22.85 -37.74
C ILE CA 159 25.75 -22.44 -38.71
N ASP CA 160 25.79 -21.20 -39.21
CA ASP CA 160 24.79 -20.71 -40.14
C ASP CA 160 25.32 -20.53 -41.55
N PHE CA 161 26.53 -21.01 -41.82
CA PHE CA 161 27.14 -20.83 -43.13
C PHE CA 161 27.97 -22.08 -43.41
N ASN CA 162 27.39 -23.02 -44.13
CA ASN CA 162 28.00 -24.32 -44.40
C ASN CA 162 28.19 -24.48 -45.90
N VAL CA 163 29.39 -24.88 -46.30
CA VAL CA 163 29.74 -24.98 -47.71
C VAL CA 163 30.35 -26.35 -47.98
N THR CA 164 29.85 -27.01 -49.02
CA THR CA 164 30.37 -28.28 -49.49
C THR CA 164 31.37 -28.03 -50.62
N ALA CA 165 31.78 -29.11 -51.29
CA ALA CA 165 32.64 -28.96 -52.47
C ALA CA 165 31.91 -28.34 -53.65
N ASP CA 166 30.59 -28.25 -53.60
CA ASP CA 166 29.82 -27.78 -54.75
C ASP CA 166 28.71 -26.81 -54.41
N SER CA 167 28.40 -26.57 -53.13
CA SER CA 167 27.20 -25.82 -52.80
C SER CA 167 27.38 -25.14 -51.45
N VAL CA 168 26.56 -24.13 -51.22
CA VAL CA 168 26.57 -23.37 -49.98
C VAL CA 168 25.15 -23.31 -49.43
N ARG CA 169 25.03 -23.45 -48.12
CA ARG CA 169 23.74 -23.38 -47.44
C ARG CA 169 23.78 -22.26 -46.39
N THR CA 170 22.73 -21.45 -46.37
CA THR CA 170 22.64 -20.36 -45.42
C THR CA 170 21.19 -19.92 -45.33
N PRO CA 171 20.74 -19.41 -44.19
CA PRO CA 171 19.37 -18.88 -44.10
C PRO CA 171 19.19 -17.66 -44.98
N ALA CA 172 17.98 -17.53 -45.51
CA ALA CA 172 17.65 -16.38 -46.33
C ALA CA 172 17.49 -15.14 -45.45
N GLY CA 173 18.04 -14.02 -45.92
CA GLY CA 173 17.93 -12.79 -45.18
C GLY CA 173 16.53 -12.23 -45.20
N CYS CA 174 16.25 -11.34 -44.25
CA CYS CA 174 14.95 -10.72 -44.11
C CYS CA 174 14.89 -9.47 -44.98
N LYS CA 175 13.99 -9.48 -45.96
CA LYS CA 175 13.83 -8.33 -46.84
C LYS CA 175 13.05 -7.20 -46.18
N TYR CA 176 12.29 -7.50 -45.13
CA TYR CA 176 11.52 -6.50 -44.43
C TYR CA 176 11.78 -6.61 -42.93
N ILE CA 177 11.66 -5.48 -42.24
CA ILE CA 177 11.81 -5.44 -40.80
C ILE CA 177 10.63 -4.67 -40.22
N THR CA 178 9.97 -5.26 -39.24
CA THR CA 178 8.83 -4.64 -38.58
C THR CA 178 9.28 -4.04 -37.27
N LEU CA 179 9.02 -2.76 -37.08
CA LEU CA 179 9.42 -2.06 -35.88
C LEU CA 179 8.33 -2.20 -34.82
N TYR CA 180 8.47 -1.45 -33.74
CA TYR CA 180 7.47 -1.47 -32.67
C TYR CA 180 6.14 -0.95 -33.19
N GLY CA 181 5.06 -1.59 -32.74
CA GLY CA 181 3.73 -1.19 -33.15
C GLY CA 181 3.21 -1.82 -34.42
N TYR CA 182 3.86 -2.85 -34.92
CA TYR CA 182 3.42 -3.50 -36.14
C TYR CA 182 2.12 -4.26 -35.92
N ASP CA 183 1.25 -4.24 -36.92
CA ASP CA 183 -0.07 -4.85 -36.82
C ASP CA 183 -0.55 -5.29 -38.19
N PRO CA 184 -0.45 -6.58 -38.50
CA PRO CA 184 -1.01 -7.07 -39.77
C PRO CA 184 -2.50 -6.89 -39.90
N SER CA 185 -3.24 -6.87 -38.78
CA SER CA 185 -4.69 -6.77 -38.87
C SER CA 185 -5.12 -5.47 -39.53
N ARG CA 186 -4.34 -4.42 -39.37
CA ARG CA 186 -4.64 -3.15 -40.03
C ARG CA 186 -4.54 -3.35 -41.54
N PRO CA 187 -5.66 -3.27 -42.26
CA PRO CA 187 -5.63 -3.61 -43.70
C PRO CA 187 -4.75 -2.69 -44.52
N SER CA 188 -4.48 -1.49 -44.03
CA SER CA 188 -3.71 -0.51 -44.79
C SER CA 188 -2.20 -0.67 -44.62
N THR CA 189 -1.76 -1.56 -43.75
CA THR CA 189 -0.34 -1.74 -43.55
C THR CA 189 0.29 -2.38 -44.79
N PRO CA 190 1.53 -2.04 -45.11
CA PRO CA 190 2.20 -2.67 -46.25
C PRO CA 190 2.36 -4.16 -46.03
N ALA CA 191 2.25 -4.91 -47.11
CA ALA CA 191 2.42 -6.35 -47.05
C ALA CA 191 3.90 -6.71 -47.01
N THR CA 192 4.22 -7.80 -46.32
CA THR CA 192 5.58 -8.29 -46.25
C THR CA 192 5.74 -9.74 -46.63
N TYR CA 193 4.64 -10.46 -46.84
CA TYR CA 193 4.67 -11.87 -47.24
C TYR CA 193 5.42 -12.74 -46.25
N GLY CA 194 5.53 -12.28 -45.00
CA GLY CA 194 6.17 -13.06 -43.96
C GLY CA 194 7.68 -13.01 -43.97
N LYS CA 195 8.29 -12.28 -44.89
CA LYS CA 195 9.75 -12.25 -44.96
C LYS CA 195 10.37 -11.56 -43.75
N HIS CA 196 9.57 -10.90 -42.92
CA HIS CA 196 10.13 -10.28 -41.72
C HIS CA 196 10.56 -11.31 -40.69
N ARG CA 197 9.95 -12.49 -40.70
CA ARG CA 197 10.34 -13.52 -39.75
C ARG CA 197 11.79 -13.93 -40.03
N PRO CA 198 12.57 -14.22 -39.00
CA PRO CA 198 14.02 -14.43 -39.20
C PRO CA 198 14.35 -15.66 -40.02
N THR CA 199 13.49 -16.67 -40.04
CA THR CA 199 13.82 -17.96 -40.63
C THR CA 199 12.70 -18.44 -41.53
N TYR CA 200 12.22 -17.56 -42.40
CA TYR CA 200 11.11 -17.93 -43.27
C TYR CA 200 11.52 -18.91 -44.36
N ALA CA 201 12.80 -19.04 -44.65
CA ALA CA 201 13.23 -19.93 -45.73
C ALA CA 201 14.72 -20.22 -45.57
N THR CA 202 15.28 -20.93 -46.54
CA THR CA 202 16.69 -21.27 -46.56
C THR CA 202 17.12 -21.46 -48.00
N VAL CA 203 18.28 -20.91 -48.36
CA VAL CA 203 18.75 -20.91 -49.74
C VAL CA 203 19.93 -21.86 -49.87
N PHE CA 204 20.01 -22.52 -51.02
CA PHE CA 204 21.11 -23.41 -51.36
C PHE CA 204 21.69 -22.98 -52.69
N TYR CA 205 22.83 -22.31 -52.67
CA TYR CA 205 23.53 -21.98 -53.90
C TYR CA 205 24.30 -23.20 -54.38
N TYR CA 206 24.31 -23.40 -55.69
CA TYR CA 206 25.00 -24.54 -56.29
C TYR CA 206 25.80 -24.08 -57.49
N SER CA 207 26.89 -24.78 -57.76
CA SER CA 207 27.82 -24.39 -58.80
C SER CA 207 27.55 -25.03 -60.14
N THR CA 208 26.89 -26.19 -60.17
CA THR CA 208 26.71 -26.90 -61.42
C THR CA 208 25.47 -27.76 -61.33
N LEU CA 209 24.98 -28.19 -62.50
CA LEU CA 209 23.73 -28.95 -62.56
C LEU CA 209 23.78 -30.23 -61.75
N PRO CA 210 24.83 -31.07 -61.82
CA PRO CA 210 24.84 -32.27 -60.98
C PRO CA 210 24.68 -31.96 -59.51
N ALA CA 211 25.28 -30.87 -59.04
CA ALA CA 211 25.07 -30.46 -57.67
C ALA CA 211 23.60 -30.15 -57.41
N ARG CA 212 22.95 -29.49 -58.37
CA ARG CA 212 21.54 -29.20 -58.22
C ARG CA 212 20.74 -30.50 -58.07
N SER CA 213 21.07 -31.50 -58.87
CA SER CA 213 20.40 -32.79 -58.74
C SER CA 213 20.64 -33.38 -57.36
N ARG CA 214 21.88 -33.31 -56.87
CA ARG CA 214 22.19 -33.87 -55.57
C ARG CA 214 21.38 -33.21 -54.46
N LEU CA 215 21.26 -31.89 -54.51
CA LEU CA 215 20.50 -31.19 -53.49
C LEU CA 215 19.03 -31.60 -53.51
N LEU CA 216 18.45 -31.67 -54.71
CA LEU CA 216 17.03 -31.99 -54.81
C LEU CA 216 16.73 -33.36 -54.23
N ALA CA 217 17.67 -34.29 -54.38
CA ALA CA 217 17.45 -35.63 -53.83
C ALA CA 217 17.24 -35.58 -52.33
N ASN CA 218 17.94 -34.69 -51.64
CA ASN CA 218 17.79 -34.60 -50.19
C ASN CA 218 16.48 -33.93 -49.81
N LEU CA 219 16.09 -32.90 -50.55
CA LEU CA 219 14.94 -32.08 -50.16
C LEU CA 219 13.61 -32.68 -50.58
N ALA CA 220 13.62 -33.82 -51.27
CA ALA CA 220 12.40 -34.35 -51.87
C ALA CA 220 11.30 -34.63 -50.84
N ALA CA 221 11.67 -34.89 -49.59
CA ALA CA 221 10.70 -35.28 -48.59
C ALA CA 221 10.03 -34.11 -47.88
N GLY CA 222 10.56 -32.90 -48.03
CA GLY CA 222 10.05 -31.77 -47.27
C GLY CA 222 9.04 -30.96 -48.03
N PRO CA 223 8.94 -29.67 -47.70
CA PRO CA 223 8.02 -28.78 -48.42
C PRO CA 223 8.44 -28.58 -49.86
N THR CA 224 7.67 -27.80 -50.60
CA THR CA 224 7.94 -27.58 -52.01
C THR CA 224 9.12 -26.63 -52.18
N VAL CA 225 10.06 -27.00 -53.02
CA VAL CA 225 11.23 -26.18 -53.31
C VAL CA 225 10.92 -25.27 -54.48
N LEU CA 226 11.41 -24.03 -54.42
CA LEU CA 226 11.19 -23.04 -55.45
C LEU CA 226 12.52 -22.57 -56.01
N GLU CA 227 12.48 -22.08 -57.25
CA GLU CA 227 13.69 -21.63 -57.91
C GLU CA 227 13.34 -20.62 -59.00
N HIS CA 228 14.26 -19.69 -59.23
CA HIS CA 228 14.24 -18.82 -60.39
C HIS CA 228 15.13 -19.41 -61.47
N PHE CA 229 14.63 -19.46 -62.70
CA PHE CA 229 15.44 -19.94 -63.81
C PHE CA 229 16.10 -18.81 -64.60
N ASP CA 230 15.49 -17.64 -64.65
CA ASP CA 230 15.95 -16.59 -65.56
C ASP CA 230 17.29 -16.02 -65.12
N SER CA 231 17.34 -15.42 -63.95
CA SER CA 231 18.54 -14.74 -63.48
C SER CA 231 18.57 -14.84 -61.96
N PRO CA 232 19.32 -15.76 -61.41
CA PRO CA 232 19.26 -16.07 -59.98
C PRO CA 232 20.13 -15.17 -59.12
N THR CA 233 20.03 -13.86 -59.35
CA THR CA 233 20.80 -12.87 -58.58
C THR CA 233 22.28 -13.23 -58.52
N TYR CA 234 22.79 -13.51 -57.33
CA TYR CA 234 24.21 -13.77 -57.17
C TYR CA 234 24.65 -15.08 -57.82
N GLY CA 235 23.72 -16.01 -58.05
CA GLY CA 235 24.07 -17.26 -58.67
C GLY CA 235 22.96 -18.28 -58.54
N PRO CA 236 23.07 -19.37 -59.30
CA PRO CA 236 22.03 -20.40 -59.26
C PRO CA 236 21.84 -20.94 -57.84
N HIS CA 237 20.59 -20.99 -57.41
CA HIS CA 237 20.32 -21.39 -56.04
C HIS CA 237 18.87 -21.82 -55.90
N LEU CA 238 18.65 -22.86 -55.11
CA LEU CA 238 17.32 -23.22 -54.66
C LEU CA 238 17.00 -22.46 -53.38
N LEU CA 239 15.72 -22.46 -53.02
CA LEU CA 239 15.32 -21.96 -51.71
C LEU CA 239 14.21 -22.83 -51.16
N LEU CA 240 14.30 -23.14 -49.88
CA LEU CA 240 13.33 -23.99 -49.20
C LEU CA 240 12.50 -23.16 -48.24
N PRO CA 241 11.23 -22.94 -48.51
CA PRO CA 241 10.41 -22.14 -47.59
C PRO CA 241 10.16 -22.89 -46.29
N GLN CA 242 9.92 -22.12 -45.24
CA GLN CA 242 9.46 -22.70 -43.98
C GLN CA 242 8.10 -23.35 -44.19
N THR CA 243 7.89 -24.49 -43.54
CA THR CA 243 6.73 -25.32 -43.82
C THR CA 243 5.44 -24.81 -43.19
N GLY CA 244 5.47 -23.68 -42.49
CA GLY CA 244 4.30 -23.15 -41.84
C GLY CA 244 3.48 -22.22 -42.72
N ASP CA 245 2.63 -21.45 -42.07
CA ASP CA 245 1.78 -20.46 -42.72
C ASP CA 245 1.99 -19.09 -42.07
N VAL CA 246 1.35 -18.08 -42.65
CA VAL CA 246 1.44 -16.71 -42.17
C VAL CA 246 0.03 -16.18 -41.94
N LEU CA 247 -0.15 -15.44 -40.86
CA LEU CA 247 -1.46 -14.99 -40.44
C LEU CA 247 -1.87 -13.71 -41.16
N GLY CA 248 -3.19 -13.54 -41.32
CA GLY CA 248 -3.77 -12.29 -41.74
C GLY CA 248 -3.92 -12.10 -43.23
N TYR CA 249 -3.31 -12.95 -44.04
CA TYR CA 249 -3.33 -12.71 -45.48
C TYR CA 249 -4.56 -13.24 -46.19
N SER CA 250 -5.30 -14.15 -45.57
CA SER CA 250 -6.51 -14.69 -46.18
C SER CA 250 -7.26 -15.48 -45.10
N SER CA 251 -8.33 -16.15 -45.50
CA SER CA 251 -9.06 -17.05 -44.61
C SER CA 251 -8.31 -18.37 -44.50
N SER CA 252 -7.06 -18.27 -44.04
CA SER CA 252 -6.20 -19.43 -43.79
C SER CA 252 -6.04 -20.30 -45.03
N LEU CA 253 -6.05 -19.67 -46.20
CA LEU CA 253 -5.90 -20.38 -47.46
C LEU CA 253 -4.45 -20.51 -47.90
N ILE CA 254 -3.51 -20.39 -46.98
CA ILE CA 254 -2.14 -20.06 -47.33
C ILE CA 254 -1.16 -20.90 -46.54
N SER CA 255 -0.10 -21.33 -47.22
CA SER CA 255 1.14 -21.78 -46.59
C SER CA 255 2.26 -20.89 -47.11
N GLN CA 256 3.42 -20.99 -46.44
CA GLN CA 256 4.50 -20.06 -46.74
C GLN CA 256 4.92 -20.13 -48.20
N ALA CA 257 4.99 -21.34 -48.76
CA ALA CA 257 5.41 -21.49 -50.15
C ALA CA 257 4.46 -20.75 -51.07
N ALA CA 258 3.15 -20.85 -50.82
CA ALA CA 258 2.18 -20.17 -51.66
C ALA CA 258 2.41 -18.67 -51.65
N LEU CA 259 2.73 -18.11 -50.49
CA LEU CA 259 2.94 -16.67 -50.39
C LEU CA 259 4.08 -16.24 -51.29
N LEU CA 260 5.18 -16.98 -51.28
CA LEU CA 260 6.31 -16.62 -52.14
C LEU CA 260 5.91 -16.63 -53.60
N MET CA 261 5.15 -17.64 -54.01
CA MET CA 261 4.71 -17.71 -55.40
C MET CA 261 3.83 -16.53 -55.75
N VAL CA 262 2.80 -16.28 -54.95
CA VAL CA 262 1.77 -15.32 -55.35
C VAL CA 262 2.38 -13.91 -55.43
N GLU CA 263 3.24 -13.57 -54.49
CA GLU CA 263 3.87 -12.26 -54.56
C GLU CA 263 4.84 -12.19 -55.73
N SER CA 264 5.52 -13.30 -56.02
CA SER CA 264 6.37 -13.34 -57.20
C SER CA 264 5.57 -13.13 -58.46
N VAL CA 265 4.41 -13.76 -58.55
CA VAL CA 265 3.55 -13.59 -59.72
C VAL CA 265 3.14 -12.13 -59.86
N MET CA 266 2.79 -11.49 -58.74
CA MET CA 266 2.38 -10.09 -58.80
C MET CA 266 3.50 -9.24 -59.37
N ASP CA 267 4.74 -9.48 -58.93
CA ASP CA 267 5.86 -8.72 -59.48
C ASP CA 267 6.00 -8.94 -60.98
N ALA CA 268 5.83 -10.18 -61.42
CA ALA CA 268 5.91 -10.45 -62.85
C ALA CA 268 4.86 -9.67 -63.62
N LEU CA 269 3.65 -9.63 -63.09
CA LEU CA 269 2.60 -8.87 -63.75
C LEU CA 269 2.92 -7.38 -63.76
N ARG CA 270 3.45 -6.86 -62.65
CA ARG CA 270 3.75 -5.44 -62.60
C ARG CA 270 4.81 -5.06 -63.63
N ASP CA 271 5.84 -5.89 -63.77
CA ASP CA 271 6.89 -5.60 -64.74
C ASP CA 271 6.36 -5.62 -66.16
N ASN CA 272 5.58 -6.65 -66.49
CA ASN CA 272 4.97 -6.72 -67.81
C ASN CA 272 4.14 -5.47 -68.09
N ALA CA 273 3.52 -4.93 -67.06
CA ALA CA 273 2.65 -3.77 -67.24
C ALA CA 273 3.42 -2.50 -67.54
N ASN CA 274 4.72 -2.47 -67.28
CA ASN CA 274 5.46 -1.23 -67.45
C ASN CA 274 6.83 -1.41 -68.09
N ALA CA 275 7.14 -2.59 -68.63
CA ALA CA 275 8.41 -2.77 -69.31
C ALA CA 275 8.44 -1.95 -70.59
N SER CA 276 9.63 -1.48 -70.94
CA SER CA 276 9.84 -0.68 -72.14
C SER CA 276 11.02 -1.22 -72.92
N ALA CA 277 10.98 -1.00 -74.23
CA ALA CA 277 12.06 -1.49 -75.09
C ALA CA 277 13.38 -0.80 -74.80
N SER CA 278 13.33 0.44 -74.34
CA SER CA 278 14.54 1.24 -74.16
C SER CA 278 15.26 0.96 -72.86
N THR CA 279 14.75 0.06 -72.03
CA THR CA 279 15.28 -0.13 -70.68
C THR CA 279 15.70 -1.58 -70.50
N ALA CA 280 16.93 -1.78 -70.07
CA ALA CA 280 17.38 -3.11 -69.67
C ALA CA 280 16.88 -3.41 -68.26
N VAL CA 281 16.80 -4.71 -67.95
CA VAL CA 281 16.31 -5.15 -66.65
C VAL CA 281 17.15 -6.35 -66.21
N THR CA 282 17.14 -6.60 -64.90
CA THR CA 282 17.93 -7.71 -64.37
C THR CA 282 17.35 -9.06 -64.70
N ARG CA 283 16.05 -9.15 -64.99
CA ARG CA 283 15.41 -10.44 -65.13
C ARG CA 283 14.09 -10.28 -65.87
N LEU CA 284 13.90 -11.03 -66.95
CA LEU CA 284 12.65 -10.96 -67.69
C LEU CA 284 11.52 -11.66 -66.95
N ASP CA 285 11.81 -12.81 -66.35
CA ASP CA 285 10.79 -13.65 -65.74
C ASP CA 285 10.96 -13.61 -64.22
N GLN CA 286 10.09 -12.87 -63.55
CA GLN CA 286 10.16 -12.74 -62.10
C GLN CA 286 9.55 -13.94 -61.37
N SER CA 287 8.94 -14.87 -62.09
CA SER CA 287 8.20 -15.93 -61.43
C SER CA 287 9.12 -16.94 -60.76
N TYR CA 288 8.65 -17.50 -59.66
CA TYR CA 288 9.27 -18.71 -59.12
C TYR CA 288 8.75 -19.93 -59.87
N HIS CA 289 9.34 -21.08 -59.58
CA HIS CA 289 8.89 -22.28 -60.21
C HIS CA 289 9.07 -23.44 -59.24
N PRO CA 290 8.03 -24.20 -58.94
CA PRO CA 290 8.16 -25.33 -58.02
C PRO CA 290 8.85 -26.51 -58.69
N VAL CA 291 9.68 -27.21 -57.91
CA VAL CA 291 10.48 -28.31 -58.44
C VAL CA 291 10.37 -29.58 -57.61
N THR CA 292 9.64 -29.56 -56.51
CA THR CA 292 9.45 -30.77 -55.70
C THR CA 292 8.03 -30.81 -55.18
N SER CA 293 7.57 -32.03 -54.90
CA SER CA 293 6.34 -32.28 -54.15
C SER CA 293 5.20 -31.42 -54.68
N PHE CA 294 4.83 -31.69 -55.93
CA PHE CA 294 3.86 -30.85 -56.61
C PHE CA 294 2.94 -31.70 -57.47
N ASP CA 295 1.70 -31.27 -57.60
CA ASP CA 295 0.72 -31.97 -58.41
C ASP CA 295 0.40 -31.17 -59.66
N PRO CA 296 0.81 -31.62 -60.85
CA PRO CA 296 0.39 -30.95 -62.08
C PRO CA 296 -1.04 -31.25 -62.47
N SER CA 297 -1.70 -32.18 -61.79
CA SER CA 297 -3.00 -32.68 -62.21
C SER CA 297 -4.17 -31.96 -61.58
N THR CA 298 -3.93 -31.10 -60.60
CA THR CA 298 -5.02 -30.57 -59.80
C THR CA 298 -4.85 -29.07 -59.63
N PHE CA 299 -5.97 -28.39 -59.37
CA PHE CA 299 -5.97 -26.94 -59.24
C PHE CA 299 -6.88 -26.50 -58.11
N ASN CA 300 -6.88 -27.24 -57.00
CA ASN CA 300 -7.76 -26.92 -55.88
C ASN CA 300 -6.97 -26.45 -54.66
N THR CA 301 -5.75 -25.96 -54.86
CA THR CA 301 -5.03 -25.29 -53.79
C THR CA 301 -4.30 -24.10 -54.38
N LEU CA 302 -4.03 -23.11 -53.53
CA LEU CA 302 -3.48 -21.85 -53.99
C LEU CA 302 -2.18 -22.07 -54.76
N LEU CA 303 -1.31 -22.92 -54.24
CA LEU CA 303 -0.01 -23.12 -54.87
C LEU CA 303 -0.15 -23.62 -56.29
N GLN CA 304 -1.07 -24.57 -56.52
CA GLN CA 304 -1.30 -25.05 -57.87
C GLN CA 304 -1.78 -23.94 -58.78
N ARG CA 305 -2.78 -23.17 -58.33
CA ARG CA 305 -3.35 -22.13 -59.17
C ARG CA 305 -2.31 -21.08 -59.50
N ALA CA 306 -1.55 -20.64 -58.51
CA ALA CA 306 -0.52 -19.64 -58.75
C ALA CA 306 0.47 -20.13 -59.78
N THR CA 307 0.86 -21.41 -59.68
CA THR CA 307 1.77 -21.98 -60.67
C THR CA 307 1.15 -21.93 -62.05
N ASN CA 308 -0.10 -22.34 -62.17
CA ASN CA 308 -0.74 -22.35 -63.49
C ASN CA 308 -0.79 -20.96 -64.08
N LEU CA 309 -0.94 -19.94 -63.24
CA LEU CA 309 -0.90 -18.57 -63.75
C LEU CA 309 0.51 -18.16 -64.11
N ALA CA 310 1.48 -18.55 -63.30
CA ALA CA 310 2.87 -18.16 -63.55
C ALA CA 310 3.34 -18.67 -64.90
N LEU CA 311 3.01 -19.92 -65.22
CA LEU CA 311 3.40 -20.48 -66.51
C LEU CA 311 2.88 -19.66 -67.66
N LEU CA 312 1.75 -18.97 -67.47
CA LEU CA 312 1.23 -18.10 -68.50
C LEU CA 312 1.82 -16.70 -68.44
N ALA CA 313 2.14 -16.23 -67.23
CA ALA CA 313 2.62 -14.86 -67.08
C ALA CA 313 3.95 -14.64 -67.78
N VAL CA 314 4.79 -15.68 -67.84
CA VAL CA 314 6.10 -15.54 -68.45
C VAL CA 314 6.00 -15.13 -69.91
N GLN CA 315 4.89 -15.44 -70.56
CA GLN CA 315 4.71 -15.05 -71.95
C GLN CA 315 4.59 -13.55 -72.14
N GLY CA 316 4.42 -12.79 -71.05
CA GLY CA 316 4.30 -11.36 -71.14
C GLY CA 316 2.88 -10.84 -71.04
N VAL CA 317 2.03 -11.46 -70.24
CA VAL CA 317 0.64 -11.06 -70.14
C VAL CA 317 0.51 -9.94 -69.13
N GLN CA 318 -0.59 -9.19 -69.24
CA GLN CA 318 -0.86 -8.07 -68.35
C GLN CA 318 -2.27 -8.18 -67.79
N SER CA 319 -2.44 -7.70 -66.56
CA SER CA 319 -3.74 -7.69 -65.93
C SER CA 319 -4.54 -6.47 -66.38
N GLU CA 320 -5.86 -6.60 -66.34
CA GLU CA 320 -6.71 -5.51 -66.77
C GLU CA 320 -6.65 -4.32 -65.83
N SER CA 321 -6.26 -4.53 -64.57
CA SER CA 321 -6.17 -3.46 -63.59
C SER CA 321 -4.76 -3.40 -63.03
N ALA CA 322 -4.26 -2.19 -62.82
CA ALA CA 322 -2.91 -2.01 -62.31
C ALA CA 322 -2.82 -2.51 -60.87
N ILE CA 323 -1.63 -2.93 -60.49
CA ILE CA 323 -1.38 -3.41 -59.12
C ILE CA 323 -0.42 -2.45 -58.44
N PRO CA 324 -0.58 -2.20 -57.15
CA PRO CA 324 0.20 -1.13 -56.50
C PRO CA 324 1.69 -1.43 -56.48
N ALA CA 325 2.48 -0.36 -56.49
CA ALA CA 325 3.92 -0.52 -56.34
C ALA CA 325 4.29 -1.01 -54.96
N ILE CA 326 3.54 -0.62 -53.94
CA ILE CA 326 3.77 -1.08 -52.57
C ILE CA 326 2.47 -1.65 -52.05
N PRO CA 327 2.16 -2.91 -52.34
CA PRO CA 327 0.86 -3.46 -51.98
C PRO CA 327 0.65 -3.48 -50.48
N THR CA 328 -0.58 -3.24 -50.07
CA THR CA 328 -0.99 -3.39 -48.68
C THR CA 328 -1.70 -4.71 -48.50
N MET CA 329 -1.96 -5.05 -47.23
CA MET CA 329 -2.61 -6.31 -46.91
C MET CA 329 -3.92 -6.45 -47.66
N SER CA 330 -4.69 -5.37 -47.73
CA SER CA 330 -5.96 -5.41 -48.46
C SER CA 330 -5.73 -5.76 -49.92
N ASP CA 331 -4.70 -5.16 -50.54
CA ASP CA 331 -4.43 -5.42 -51.95
C ASP CA 331 -4.14 -6.89 -52.18
N VAL CA 332 -3.29 -7.47 -51.35
CA VAL CA 332 -2.94 -8.87 -51.51
C VAL CA 332 -4.17 -9.75 -51.34
N ARG CA 333 -4.99 -9.46 -50.33
CA ARG CA 333 -6.19 -10.24 -50.09
C ARG CA 333 -7.08 -10.28 -51.32
N SER CA 334 -7.27 -9.11 -51.93
CA SER CA 334 -8.09 -9.06 -53.14
C SER CA 334 -7.49 -9.94 -54.23
N PHE CA 335 -6.18 -9.93 -54.37
CA PHE CA 335 -5.54 -10.74 -55.39
C PHE CA 335 -5.76 -12.22 -55.13
N VAL CA 336 -5.53 -12.66 -53.89
CA VAL CA 336 -5.71 -14.06 -53.55
C VAL CA 336 -7.17 -14.45 -53.74
N ALA CA 337 -8.09 -13.59 -53.28
CA ALA CA 337 -9.50 -13.90 -53.39
C ALA CA 337 -9.89 -14.18 -54.84
N ARG CA 338 -9.44 -13.32 -55.76
CA ARG CA 338 -9.70 -13.57 -57.16
C ARG CA 338 -9.04 -14.86 -57.62
N LEU CA 339 -7.81 -15.11 -57.17
CA LEU CA 339 -7.10 -16.31 -57.61
C LEU CA 339 -7.81 -17.57 -57.16
N MET CA 340 -8.50 -17.53 -56.03
CA MET CA 340 -9.19 -18.71 -55.52
C MET CA 340 -10.63 -18.80 -55.99
N ALA CA 341 -11.08 -17.88 -56.83
CA ALA CA 341 -12.45 -17.92 -57.29
C ALA CA 341 -12.67 -19.11 -58.22
N GLU CA 342 -13.93 -19.50 -58.36
CA GLU CA 342 -14.27 -20.58 -59.28
C GLU CA 342 -14.02 -20.14 -60.71
N GLY CA 343 -13.47 -21.03 -61.51
CA GLY CA 343 -13.17 -20.72 -62.89
C GLY CA 343 -12.28 -21.78 -63.49
N ASP CA 344 -12.07 -21.65 -64.77
CA ASP CA 344 -11.26 -22.63 -65.45
C ASP CA 344 -9.78 -22.33 -65.28
N PRO CA 345 -8.94 -23.36 -65.18
CA PRO CA 345 -7.50 -23.16 -65.25
C PRO CA 345 -7.06 -23.08 -66.70
N GLN CA 346 -6.10 -22.20 -66.97
CA GLN CA 346 -5.54 -22.13 -68.31
C GLN CA 346 -4.82 -23.43 -68.62
N GLN CA 347 -4.86 -23.83 -69.89
CA GLN CA 347 -4.15 -25.03 -70.31
C GLN CA 347 -3.52 -24.84 -71.67
N TRP CA 348 -3.11 -23.62 -71.99
CA TRP CA 348 -2.34 -23.41 -73.21
C TRP CA 348 -0.97 -24.03 -73.11
N PHE CA 349 -0.30 -23.85 -71.98
CA PHE CA 349 1.03 -24.39 -71.75
C PHE CA 349 1.01 -25.37 -70.60
N PRO CA 350 1.46 -26.60 -70.80
CA PRO CA 350 1.47 -27.57 -69.70
C PRO CA 350 2.66 -27.35 -68.78
N TYR CA 351 2.46 -27.70 -67.52
CA TYR CA 351 3.55 -27.66 -66.55
C TYR CA 351 4.56 -28.75 -66.84
N ARG CA 352 5.84 -28.41 -66.72
CA ARG CA 352 6.90 -29.41 -66.79
C ARG CA 352 7.88 -29.13 -65.66
N VAL CA 353 8.46 -30.21 -65.14
CA VAL CA 353 9.02 -30.18 -63.78
C VAL CA 353 10.17 -29.17 -63.69
N ASP CA 354 11.11 -29.21 -64.64
CA ASP CA 354 12.22 -28.28 -64.62
C ASP CA 354 12.56 -27.81 -66.03
N GLN CA 355 11.53 -27.45 -66.80
CA GLN CA 355 11.73 -26.74 -68.05
C GLN CA 355 10.48 -25.93 -68.35
N ILE CA 356 10.67 -24.73 -68.87
CA ILE CA 356 9.59 -23.79 -69.10
C ILE CA 356 9.43 -23.56 -70.59
N LEU CA 357 8.19 -23.56 -71.06
CA LEU CA 357 7.87 -23.40 -72.46
C LEU CA 357 7.47 -21.97 -72.75
N TYR CA 358 7.95 -21.42 -73.86
CA TYR CA 358 7.64 -20.06 -74.26
C TYR CA 358 7.13 -20.03 -75.68
N TRP CA 359 6.21 -19.10 -75.94
CA TRP CA 359 5.66 -18.92 -77.26
C TRP CA 359 6.64 -18.16 -78.14
N PRO CA 360 7.03 -18.68 -79.30
CA PRO CA 360 8.00 -17.96 -80.13
C PRO CA 360 7.54 -16.57 -80.53
N GLU CA 361 6.24 -16.36 -80.68
CA GLU CA 361 5.76 -15.03 -81.03
C GLU CA 361 5.77 -14.06 -79.85
N SER CA 362 5.98 -14.56 -78.64
CA SER CA 362 6.00 -13.66 -77.50
C SER CA 362 7.21 -12.73 -77.59
N PRO CA 363 7.10 -11.53 -77.01
CA PRO CA 363 8.27 -10.65 -76.94
C PRO CA 363 9.37 -11.20 -76.05
N PHE CA 364 9.11 -12.27 -75.31
CA PHE CA 364 10.11 -12.83 -74.42
C PHE CA 364 11.30 -13.35 -75.21
N VAL CA 365 12.49 -13.19 -74.62
CA VAL CA 365 13.73 -13.67 -75.19
C VAL CA 365 14.36 -14.64 -74.20
N PRO CA 366 14.63 -15.89 -74.58
CA PRO CA 366 15.14 -16.84 -73.62
C PRO CA 366 16.60 -16.56 -73.28
N PRO CA 367 17.04 -16.92 -72.10
CA PRO CA 367 18.47 -16.86 -71.78
C PRO CA 367 19.20 -18.04 -72.40
N ILE CA 368 20.49 -18.20 -72.05
CA ILE CA 368 21.29 -19.24 -72.69
C ILE CA 368 21.08 -20.61 -72.06
N GLY CA 369 20.57 -20.69 -70.84
CA GLY CA 369 20.43 -21.94 -70.14
C GLY CA 369 19.45 -22.90 -70.82
N PRO CA 370 19.48 -24.16 -70.42
CA PRO CA 370 18.60 -25.16 -71.03
C PRO CA 370 17.21 -25.21 -70.43
N PHE CA 371 16.87 -24.31 -69.51
CA PHE CA 371 15.61 -24.41 -68.80
C PHE CA 371 14.43 -23.91 -69.61
N TYR CA 372 14.65 -23.34 -70.79
CA TYR CA 372 13.57 -22.78 -71.58
C TYR CA 372 13.54 -23.43 -72.96
N ALA CA 373 12.34 -23.53 -73.53
CA ALA CA 373 12.16 -24.16 -74.82
C ALA CA 373 10.93 -23.59 -75.51
N PRO CA 374 10.98 -23.38 -76.82
CA PRO CA 374 9.81 -22.84 -77.52
C PRO CA 374 8.70 -23.88 -77.62
N PHE CA 375 7.47 -23.38 -77.77
CA PHE CA 375 6.30 -24.24 -77.83
C PHE CA 375 5.19 -23.55 -78.60
N ARG CA 376 4.30 -24.36 -79.18
CA ARG CA 376 3.24 -23.87 -80.06
C ARG CA 376 1.88 -24.28 -79.54
N PRO CA 377 1.20 -23.43 -78.79
CA PRO CA 377 -0.22 -23.68 -78.49
C PRO CA 377 -1.05 -23.59 -79.75
N VAL CA 378 -2.18 -24.29 -79.74
CA VAL CA 378 -2.97 -24.41 -80.96
C VAL CA 378 -3.85 -23.19 -81.20
N ASN CA 379 -4.37 -22.57 -80.16
CA ASN CA 379 -5.37 -21.52 -80.31
C ASN CA 379 -5.11 -20.35 -79.37
N PHE CA 380 -3.86 -19.91 -79.33
CA PHE CA 380 -3.50 -18.81 -78.44
C PHE CA 380 -4.09 -17.51 -78.97
N PRO CA 381 -4.85 -16.77 -78.15
CA PRO CA 381 -5.54 -15.59 -78.66
C PRO CA 381 -4.81 -14.26 -78.52
N PHE CA 382 -3.65 -14.23 -77.88
CA PHE CA 382 -3.00 -12.97 -77.56
C PHE CA 382 -2.14 -12.46 -78.72
N THR CA 383 -1.75 -11.20 -78.60
CA THR CA 383 -0.87 -10.55 -79.57
C THR CA 383 0.08 -9.63 -78.83
N THR CA 384 1.19 -9.32 -79.48
CA THR CA 384 2.14 -8.37 -78.92
C THR CA 384 1.57 -6.96 -78.99
N GLY CA 385 1.95 -6.14 -78.01
CA GLY CA 385 1.51 -4.75 -78.00
C GLY CA 385 1.43 -4.16 -76.61
N SER CA 386 1.61 -2.86 -76.51
CA SER CA 386 1.55 -2.18 -75.23
C SER CA 386 0.11 -1.84 -74.87
N TYR CA 387 -0.13 -1.65 -73.58
CA TYR CA 387 -1.45 -1.27 -73.09
C TYR CA 387 -1.29 -0.34 -71.91
N THR CA 388 -1.90 0.83 -71.98
CA THR CA 388 -1.88 1.79 -70.90
C THR CA 388 -3.15 1.68 -70.06
N VAL CA 389 -3.08 2.22 -68.85
CA VAL CA 389 -4.18 2.15 -67.89
C VAL CA 389 -4.73 3.54 -67.68
N VAL CA 390 -6.05 3.63 -67.61
CA VAL CA 390 -6.74 4.92 -67.46
C VAL CA 390 -7.18 5.09 -66.01
N PRO CA 391 -7.04 6.28 -65.44
CA PRO CA 391 -7.51 6.50 -64.07
C PRO CA 391 -9.01 6.32 -63.95
N ASP CA 392 -9.46 6.03 -62.74
CA ASP CA 392 -10.87 5.77 -62.50
C ASP CA 392 -11.70 7.04 -62.66
N ALA CA 393 -13.01 6.86 -62.81
CA ALA CA 393 -13.93 7.93 -63.08
C ALA CA 393 -14.79 8.21 -61.85
N SER CA 394 -14.98 9.50 -61.57
CA SER CA 394 -15.82 9.92 -60.45
C SER CA 394 -17.30 9.91 -60.78
N ARG CA 395 -17.67 9.65 -62.03
CA ARG CA 395 -19.05 9.74 -62.48
C ARG CA 395 -19.44 8.45 -63.17
N PRO CA 396 -20.69 8.02 -63.02
CA PRO CA 396 -21.18 6.92 -63.86
C PRO CA 396 -21.10 7.32 -65.33
N LEU CA 397 -20.73 6.36 -66.16
CA LEU CA 397 -20.46 6.63 -67.57
C LEU CA 397 -21.73 6.48 -68.41
N ARG CA 398 -21.72 7.14 -69.56
CA ARG CA 398 -22.79 7.04 -70.54
C ARG CA 398 -22.22 6.53 -71.85
N LEU CA 399 -22.97 5.66 -72.52
CA LEU CA 399 -22.56 5.11 -73.80
C LEU CA 399 -23.64 5.34 -74.83
N LEU CA 400 -23.23 5.30 -76.10
CA LEU CA 400 -24.14 5.47 -77.23
C LEU CA 400 -24.18 4.17 -78.02
N PRO CA 401 -25.35 3.56 -78.21
CA PRO CA 401 -25.41 2.24 -78.83
C PRO CA 401 -24.86 2.23 -80.26
N GLN CA 402 -24.16 1.15 -80.59
CA GLN CA 402 -23.73 0.85 -81.94
C GLN CA 402 -23.85 -0.65 -82.15
N TYR CA 403 -24.38 -1.04 -83.30
CA TYR CA 403 -24.88 -2.40 -83.48
C TYR CA 403 -24.03 -3.20 -84.45
N ARG CA 404 -23.96 -4.51 -84.18
CA ARG CA 404 -23.45 -5.47 -85.13
C ARG CA 404 -24.59 -5.93 -86.04
N ASN CA 405 -24.27 -6.81 -86.98
CA ASN CA 405 -25.30 -7.34 -87.87
C ASN CA 405 -26.12 -8.45 -87.24
N ALA CA 406 -25.73 -8.93 -86.07
CA ALA CA 406 -26.46 -10.00 -85.42
C ALA CA 406 -27.70 -9.46 -84.72
N THR CA 407 -28.71 -10.32 -84.62
CA THR CA 407 -29.94 -9.96 -83.94
C THR CA 407 -30.50 -11.19 -83.23
N ILE CA 408 -31.41 -10.95 -82.31
CA ILE CA 408 -31.90 -11.99 -81.41
C ILE CA 408 -33.42 -11.87 -81.28
N THR CA 409 -34.07 -13.03 -81.19
CA THR CA 409 -35.51 -13.08 -81.02
C THR CA 409 -35.92 -12.48 -79.69
N VAL CA 410 -37.17 -12.02 -79.63
CA VAL CA 410 -37.66 -11.32 -78.44
C VAL CA 410 -37.61 -12.21 -77.22
N GLN CA 411 -38.02 -13.47 -77.37
CA GLN CA 411 -38.10 -14.37 -76.22
C GLN CA 411 -36.73 -14.53 -75.58
N GLN CA 412 -35.70 -14.73 -76.39
CA GLN CA 412 -34.35 -14.83 -75.84
C GLN CA 412 -33.97 -13.54 -75.12
N ALA CA 413 -34.33 -12.40 -75.69
CA ALA CA 413 -34.03 -11.13 -75.05
C ALA CA 413 -34.69 -11.03 -73.68
N ASP CA 414 -35.96 -11.44 -73.60
CA ASP CA 414 -36.68 -11.32 -72.34
C ASP CA 414 -36.09 -12.25 -71.28
N ASP CA 415 -35.93 -13.53 -71.62
CA ASP CA 415 -35.43 -14.47 -70.62
C ASP CA 415 -34.01 -14.14 -70.21
N ALA CA 416 -33.19 -13.66 -71.15
CA ALA CA 416 -31.86 -13.18 -70.78
C ALA CA 416 -31.95 -11.99 -69.85
N TYR CA 417 -32.99 -11.18 -69.98
CA TYR CA 417 -33.16 -10.02 -69.11
C TYR CA 417 -33.68 -10.42 -67.74
N GLU CA 418 -34.67 -11.31 -67.70
CA GLU CA 418 -35.39 -11.57 -66.47
C GLU CA 418 -34.53 -12.22 -65.40
N ASP CA 419 -33.42 -12.84 -65.78
CA ASP CA 419 -32.54 -13.49 -64.81
C ASP CA 419 -31.27 -12.68 -64.55
N THR CA 420 -31.16 -11.49 -65.13
CA THR CA 420 -30.03 -10.63 -64.89
C THR CA 420 -30.44 -9.25 -64.41
N ALA CA 421 -31.75 -8.97 -64.35
CA ALA CA 421 -32.23 -7.65 -63.99
C ALA CA 421 -32.45 -7.53 -62.49
N LEU CA 422 -32.35 -6.31 -61.99
CA LEU CA 422 -32.75 -5.99 -60.62
C LEU CA 422 -34.23 -5.63 -60.63
N SER CA 423 -35.06 -6.67 -60.81
CA SER CA 423 -36.45 -6.47 -61.20
C SER CA 423 -37.22 -5.60 -60.20
N PRO CA 424 -37.25 -5.91 -58.91
CA PRO CA 424 -37.75 -4.90 -57.96
C PRO CA 424 -36.60 -4.02 -57.51
N LEU CA 425 -36.83 -2.71 -57.56
CA LEU CA 425 -35.73 -1.77 -57.37
C LEU CA 425 -36.17 -0.61 -56.49
N ILE CA 426 -35.21 -0.04 -55.79
CA ILE CA 426 -35.42 1.14 -54.96
C ILE CA 426 -34.86 2.34 -55.70
N THR CA 427 -35.67 3.38 -55.85
CA THR CA 427 -35.28 4.55 -56.62
C THR CA 427 -35.65 5.81 -55.85
N THR CA 428 -35.16 6.94 -56.34
CA THR CA 428 -35.50 8.25 -55.82
C THR CA 428 -36.07 9.12 -56.94
N HIS CA 429 -37.00 9.99 -56.57
CA HIS CA 429 -37.65 10.81 -57.59
C HIS CA 429 -36.81 12.02 -57.96
N GLY CA 430 -36.22 12.68 -56.97
CA GLY CA 430 -35.66 13.99 -57.23
C GLY CA 430 -36.77 15.02 -57.28
N PHE CA 431 -36.48 16.13 -57.95
CA PHE CA 431 -37.45 17.20 -58.10
C PHE CA 431 -37.76 17.43 -59.58
N CYS CA 432 -39.05 17.46 -59.91
CA CYS CA 432 -39.46 17.64 -61.29
C CYS CA 432 -39.47 19.12 -61.68
N VAL CA 433 -40.12 19.95 -60.87
CA VAL CA 433 -40.17 21.38 -61.10
C VAL CA 433 -39.10 22.03 -60.26
N THR CA 434 -38.20 22.77 -60.90
CA THR CA 434 -37.10 23.41 -60.21
C THR CA 434 -37.45 24.77 -59.65
N GLY CA 435 -38.40 25.47 -60.25
CA GLY CA 435 -38.78 26.79 -59.78
C GLY CA 435 -39.47 27.58 -60.87
N GLY CA 436 -39.71 28.83 -60.57
CA GLY CA 436 -40.37 29.72 -61.52
C GLY CA 436 -41.87 29.54 -61.51
N VAL CA 437 -42.54 30.40 -62.27
CA VAL CA 437 -44.00 30.38 -62.38
C VAL CA 437 -44.39 30.66 -63.81
N SER CA 438 -45.49 30.03 -64.24
CA SER CA 438 -46.21 30.45 -65.43
C SER CA 438 -47.44 31.21 -64.95
N THR CA 439 -47.45 32.52 -65.15
CA THR CA 439 -48.50 33.38 -64.63
C THR CA 439 -49.24 34.05 -65.77
N SER CA 440 -50.55 34.19 -65.61
CA SER CA 440 -51.40 34.81 -66.60
C SER CA 440 -52.37 35.75 -65.92
N ILE CA 441 -52.74 36.81 -66.64
CA ILE CA 441 -53.61 37.85 -66.10
C ILE CA 441 -54.74 38.09 -67.09
N TYR CA 442 -55.95 38.28 -66.57
CA TYR CA 442 -57.12 38.51 -67.40
C TYR CA 442 -57.88 39.71 -66.85
N ASP CA 443 -57.91 40.79 -67.62
CA ASP CA 443 -58.82 41.89 -67.30
C ASP CA 443 -60.24 41.47 -67.65
N ILE CA 444 -61.14 41.64 -66.69
CA ILE CA 444 -62.53 41.25 -66.88
C ILE CA 444 -63.40 42.46 -67.21
N SER CA 445 -63.22 43.56 -66.48
CA SER CA 445 -64.02 44.75 -66.74
C SER CA 445 -63.80 45.29 -68.14
N GLY CA 446 -62.64 45.03 -68.73
CA GLY CA 446 -62.34 45.54 -70.06
C GLY CA 446 -63.26 44.98 -71.13
N ASP CA 447 -63.69 43.74 -70.99
CA ASP CA 447 -64.52 43.10 -72.00
C ASP CA 447 -65.94 43.63 -71.91
N PRO CA 448 -66.48 44.23 -72.98
CA PRO CA 448 -67.86 44.71 -72.93
C PRO CA 448 -68.90 43.63 -73.19
N THR CA 449 -68.48 42.44 -73.64
CA THR CA 449 -69.41 41.42 -74.08
C THR CA 449 -70.05 40.75 -72.87
N ALA CA 450 -71.29 41.11 -72.57
CA ALA CA 450 -71.99 40.52 -71.46
C ALA CA 450 -72.18 39.02 -71.67
N TYR CA 451 -72.06 38.26 -70.59
CA TYR CA 451 -72.18 36.82 -70.64
C TYR CA 451 -72.85 36.33 -69.36
N PRO CA 452 -74.02 35.72 -69.46
CA PRO CA 452 -74.78 35.36 -68.25
C PRO CA 452 -73.99 34.40 -67.38
N PRO CA 453 -73.99 34.61 -66.07
CA PRO CA 453 -73.20 33.73 -65.19
C PRO CA 453 -73.65 32.29 -65.22
N ALA CA 454 -74.94 32.03 -65.43
CA ALA CA 454 -75.43 30.67 -65.41
C ALA CA 454 -74.81 29.80 -66.49
N GLN CA 455 -74.28 30.41 -67.55
CA GLN CA 455 -73.69 29.68 -68.66
C GLN CA 455 -72.18 29.49 -68.51
N LEU CA 456 -71.62 29.89 -67.39
CA LEU CA 456 -70.19 29.70 -67.16
C LEU CA 456 -69.85 28.22 -67.04
N VAL CA 457 -68.66 27.87 -67.49
CA VAL CA 457 -68.15 26.52 -67.27
C VAL CA 457 -67.92 26.30 -65.78
N ASP CA 458 -68.08 25.06 -65.34
CA ASP CA 458 -67.97 24.73 -63.93
C ASP CA 458 -66.88 23.69 -63.72
N THR CA 459 -66.66 23.37 -62.45
CA THR CA 459 -65.60 22.43 -62.10
C THR CA 459 -65.87 21.07 -62.75
N PRO CA 460 -64.84 20.41 -63.26
CA PRO CA 460 -65.05 19.08 -63.85
C PRO CA 460 -65.56 18.10 -62.81
N ASN CA 461 -66.37 17.15 -63.28
CA ASN CA 461 -67.07 16.24 -62.37
C ASN CA 461 -66.08 15.39 -61.57
N ASP CA 462 -64.94 15.06 -62.15
CA ASP CA 462 -63.98 14.19 -61.51
C ASP CA 462 -62.94 14.95 -60.69
N TYR CA 463 -63.09 16.27 -60.57
CA TYR CA 463 -62.03 17.08 -59.99
C TYR CA 463 -61.68 16.66 -58.57
N PHE CA 464 -62.59 16.01 -57.86
CA PHE CA 464 -62.32 15.50 -56.53
C PHE CA 464 -62.28 13.99 -56.49
N ASP CA 465 -62.02 13.35 -57.62
CA ASP CA 465 -61.71 11.92 -57.60
C ASP CA 465 -60.41 11.69 -56.85
N ARG CA 466 -60.34 10.56 -56.14
CA ARG CA 466 -59.16 10.27 -55.33
C ARG CA 466 -57.90 10.28 -56.19
N GLU CA 467 -57.95 9.64 -57.35
CA GLU CA 467 -56.75 9.51 -58.17
C GLU CA 467 -56.24 10.87 -58.60
N ARG CA 468 -57.11 11.71 -59.15
CA ARG CA 468 -56.68 13.04 -59.54
C ARG CA 468 -56.19 13.82 -58.34
N MET CA 469 -56.90 13.71 -57.21
CA MET CA 469 -56.43 14.36 -55.99
C MET CA 469 -55.07 13.80 -55.58
N ALA CA 470 -54.89 12.49 -55.69
CA ALA CA 470 -53.61 11.90 -55.34
C ALA CA 470 -52.49 12.46 -56.22
N ARG CA 471 -52.73 12.51 -57.54
CA ARG CA 471 -51.73 13.07 -58.42
C ARG CA 471 -51.49 14.53 -58.11
N ARG CA 472 -52.55 15.26 -57.79
CA ARG CA 472 -52.41 16.66 -57.39
C ARG CA 472 -51.47 16.79 -56.21
N ASP CA 473 -51.63 15.93 -55.21
CA ASP CA 473 -50.72 15.95 -54.07
C ASP CA 473 -49.32 15.51 -54.49
N LEU CA 474 -49.22 14.48 -55.32
CA LEU CA 474 -47.90 14.01 -55.74
C LEU CA 474 -47.13 15.12 -56.45
N PHE CA 475 -47.81 15.88 -57.31
CA PHE CA 475 -47.15 16.99 -57.98
C PHE CA 475 -46.68 18.03 -56.98
N ARG CA 476 -47.46 18.25 -55.93
CA ARG CA 476 -47.08 19.22 -54.91
C ARG CA 476 -45.74 18.86 -54.30
N ARG CA 477 -45.52 17.57 -54.02
CA ARG CA 477 -44.24 17.16 -53.48
C ARG CA 477 -43.11 17.39 -54.47
N LEU CA 478 -43.36 17.14 -55.75
CA LEU CA 478 -42.28 17.08 -56.72
C LEU CA 478 -41.65 18.43 -57.01
N ARG CA 479 -42.29 19.53 -56.64
CA ARG CA 479 -41.65 20.83 -56.82
C ARG CA 479 -40.48 20.97 -55.87
N ALA CA 480 -39.42 21.65 -56.33
CA ALA CA 480 -38.28 21.90 -55.49
C ALA CA 480 -38.70 22.71 -54.26
N PRO CA 481 -38.09 22.45 -53.11
CA PRO CA 481 -38.55 23.10 -51.88
C PRO CA 481 -38.21 24.59 -51.86
N ALA CA 482 -39.20 25.39 -51.49
CA ALA CA 482 -39.06 26.83 -51.35
C ALA CA 482 -40.32 27.35 -50.66
N ASP CA 483 -40.40 28.66 -50.49
CA ASP CA 483 -41.57 29.28 -49.89
C ASP CA 483 -42.59 29.53 -51.01
N ARG CA 484 -43.64 28.72 -51.03
CA ARG CA 484 -44.66 28.86 -52.05
C ARG CA 484 -45.35 30.22 -51.95
N SER CA 485 -45.70 30.62 -50.72
CA SER CA 485 -46.43 31.87 -50.54
C SER CA 485 -45.60 33.07 -50.96
N ALA CA 486 -44.30 33.03 -50.67
CA ALA CA 486 -43.42 34.15 -51.02
C ALA CA 486 -43.48 34.44 -52.51
N ILE CA 487 -43.27 33.42 -53.33
CA ILE CA 487 -43.32 33.60 -54.78
C ILE CA 487 -44.72 34.02 -55.20
N LYS CA 488 -45.74 33.36 -54.64
CA LYS CA 488 -47.11 33.65 -55.02
C LYS CA 488 -47.47 35.10 -54.73
N ASP CA 489 -47.16 35.56 -53.52
CA ASP CA 489 -47.43 36.95 -53.17
C ASP CA 489 -46.64 37.91 -54.05
N ARG CA 490 -45.37 37.59 -54.31
CA ARG CA 490 -44.53 38.48 -55.10
C ARG CA 490 -45.13 38.72 -56.47
N ALA CA 491 -45.66 37.68 -57.10
CA ALA CA 491 -46.27 37.83 -58.41
C ALA CA 491 -47.44 38.80 -58.37
N VAL CA 492 -48.30 38.67 -57.36
CA VAL CA 492 -49.47 39.53 -57.28
C VAL CA 492 -49.07 40.97 -57.06
N PHE CA 493 -48.17 41.21 -56.11
CA PHE CA 493 -47.75 42.58 -55.83
C PHE CA 493 -47.03 43.20 -57.01
N ASP CA 494 -46.38 42.38 -57.85
CA ASP CA 494 -45.82 42.91 -59.07
C ASP CA 494 -46.90 43.50 -59.96
N PHE CA 495 -48.04 42.82 -60.05
CA PHE CA 495 -49.16 43.36 -60.81
C PHE CA 495 -49.71 44.62 -60.14
N LEU CA 496 -49.86 44.60 -58.82
CA LEU CA 496 -50.46 45.72 -58.12
C LEU CA 496 -49.65 46.99 -58.30
N ALA CA 497 -48.32 46.86 -58.31
CA ALA CA 497 -47.47 48.03 -58.49
C ALA CA 497 -47.72 48.71 -59.83
N SER CA 498 -48.23 47.99 -60.82
CA SER CA 498 -48.53 48.55 -62.13
C SER CA 498 -49.97 48.99 -62.29
N LEU CA 499 -50.83 48.69 -61.31
CA LEU CA 499 -52.24 49.00 -61.47
C LEU CA 499 -52.47 50.51 -61.46
N VAL CA 500 -53.17 50.99 -62.47
CA VAL CA 500 -53.39 52.42 -62.67
C VAL CA 500 -54.87 52.64 -62.98
N ASN CA 501 -55.44 53.68 -62.38
CA ASN CA 501 -56.87 53.93 -62.58
C ASN CA 501 -57.14 54.31 -64.03
N PRO CA 502 -58.25 53.86 -64.60
CA PRO CA 502 -58.51 54.09 -66.03
C PRO CA 502 -58.96 55.52 -66.32
N THR CA 503 -59.65 56.13 -65.36
CA THR CA 503 -60.26 57.43 -65.63
C THR CA 503 -59.23 58.55 -65.69
N THR CA 504 -58.25 58.54 -64.80
CA THR CA 504 -57.28 59.63 -64.71
C THR CA 504 -55.84 59.17 -64.86
N ALA CA 505 -55.61 57.89 -65.17
CA ALA CA 505 -54.30 57.39 -65.56
C ALA CA 505 -53.24 57.70 -64.50
N ASN CA 506 -53.57 57.48 -63.24
CA ASN CA 506 -52.59 57.58 -62.17
C ASN CA 506 -52.63 56.29 -61.35
N PRO CA 507 -51.50 55.91 -60.75
CA PRO CA 507 -51.46 54.63 -60.02
C PRO CA 507 -52.47 54.61 -58.89
N VAL CA 508 -53.12 53.45 -58.72
CA VAL CA 508 -54.11 53.32 -57.67
C VAL CA 508 -53.45 53.43 -56.29
N LEU CA 509 -52.31 52.79 -56.12
CA LEU CA 509 -51.58 52.90 -54.87
C LEU CA 509 -50.77 54.18 -54.83
N ASP CA 510 -50.32 54.53 -53.62
CA ASP CA 510 -49.54 55.74 -53.42
C ASP CA 510 -48.67 55.54 -52.19
N THR CA 511 -47.63 56.37 -52.09
CA THR CA 511 -46.77 56.36 -50.92
C THR CA 511 -47.59 56.60 -49.66
N SER CA 512 -47.17 55.97 -48.58
CA SER CA 512 -47.81 56.04 -47.26
C SER CA 512 -49.20 55.43 -47.25
N PHE CA 513 -49.54 54.60 -48.22
CA PHE CA 513 -50.87 54.01 -48.23
C PHE CA 513 -51.03 53.06 -47.06
N SER CA 514 -52.27 52.90 -46.62
CA SER CA 514 -52.58 52.05 -45.48
C SER CA 514 -52.94 50.65 -45.97
N MET CA 515 -52.31 49.64 -45.41
CA MET CA 515 -52.45 48.28 -45.87
C MET CA 515 -52.78 47.36 -44.70
N ALA CA 516 -53.68 46.40 -44.95
CA ALA CA 516 -53.99 45.36 -43.99
C ALA CA 516 -53.77 44.01 -44.67
N TYR CA 517 -52.79 43.25 -44.18
CA TYR CA 517 -52.58 41.88 -44.67
C TYR CA 517 -53.66 41.00 -44.04
N LEU CA 518 -54.88 41.17 -44.57
CA LEU CA 518 -56.02 40.46 -44.02
C LEU CA 518 -55.85 38.95 -44.13
N GLY CA 519 -55.05 38.51 -45.09
CA GLY CA 519 -54.73 37.10 -45.18
C GLY CA 519 -54.06 36.62 -43.93
N ALA CA 520 -54.13 35.32 -43.67
CA ALA CA 520 -53.63 34.77 -42.41
C ALA CA 520 -52.11 34.86 -42.38
N SER CA 521 -51.60 35.89 -41.74
CA SER CA 521 -50.20 35.88 -41.33
C SER CA 521 -49.97 34.67 -40.43
N SER CA 522 -49.06 33.79 -40.84
CA SER CA 522 -49.08 32.44 -40.27
C SER CA 522 -47.69 31.98 -39.84
N ALA CA 523 -46.79 32.91 -39.52
CA ALA CA 523 -45.44 32.57 -39.09
C ALA CA 523 -44.80 31.57 -40.05
N HIS CA 524 -44.82 31.95 -41.32
CA HIS CA 524 -44.42 31.04 -42.38
C HIS CA 524 -42.97 30.62 -42.24
N ALA CA 525 -42.73 29.31 -42.31
CA ALA CA 525 -41.39 28.74 -42.27
C ALA CA 525 -40.59 29.25 -41.08
N ASN CA 526 -39.46 29.90 -41.35
CA ASN CA 526 -38.57 30.37 -40.31
C ASN CA 526 -38.97 31.69 -39.70
N ALA CA 527 -39.88 32.43 -40.32
CA ALA CA 527 -40.26 33.76 -39.86
C ALA CA 527 -41.54 33.69 -39.04
N ASP CA 528 -41.84 34.81 -38.37
CA ASP CA 528 -43.07 34.97 -37.60
C ASP CA 528 -44.16 35.67 -38.38
N GLU CA 529 -43.85 36.18 -39.57
CA GLU CA 529 -44.83 36.85 -40.42
C GLU CA 529 -44.49 36.53 -41.86
N PRO CA 530 -45.45 36.68 -42.77
CA PRO CA 530 -45.15 36.39 -44.18
C PRO CA 530 -43.97 37.21 -44.66
N VAL CA 531 -43.05 36.54 -45.34
CA VAL CA 531 -41.75 37.14 -45.67
C VAL CA 531 -41.92 38.32 -46.61
N ILE CA 532 -42.98 38.34 -47.41
CA ILE CA 532 -43.17 39.41 -48.39
C ILE CA 532 -43.21 40.76 -47.70
N LEU CA 533 -43.60 40.80 -46.42
CA LEU CA 533 -43.70 42.06 -45.72
C LEU CA 533 -42.34 42.74 -45.63
N ALA CA 534 -41.27 41.97 -45.48
CA ALA CA 534 -39.94 42.55 -45.42
C ALA CA 534 -39.61 43.31 -46.70
N ASP CA 535 -39.93 42.73 -47.85
CA ASP CA 535 -39.71 43.42 -49.11
C ASP CA 535 -40.58 44.67 -49.20
N ILE CA 536 -41.83 44.57 -48.78
CA ILE CA 536 -42.74 45.70 -48.88
C ILE CA 536 -42.27 46.85 -48.01
N ARG CA 537 -41.91 46.57 -46.76
CA ARG CA 537 -41.45 47.63 -45.88
C ARG CA 537 -40.18 48.27 -46.39
N SER CA 538 -39.35 47.50 -47.09
CA SER CA 538 -38.06 47.98 -47.56
C SER CA 538 -38.11 48.57 -48.97
N GLY CA 539 -39.27 48.55 -49.61
CA GLY CA 539 -39.34 49.01 -50.98
C GLY CA 539 -38.57 48.15 -51.96
N SER CA 540 -38.35 46.87 -51.61
CA SER CA 540 -37.61 46.00 -52.50
C SER CA 540 -38.32 45.79 -53.83
N ILE CA 541 -39.65 45.78 -53.81
CA ILE CA 541 -40.43 45.55 -55.03
C ILE CA 541 -40.37 46.80 -55.89
N PRO CA 542 -39.88 46.70 -57.13
CA PRO CA 542 -39.78 47.88 -57.98
C PRO CA 542 -41.16 48.43 -58.34
N GLY CA 543 -41.27 49.75 -58.32
CA GLY CA 543 -42.51 50.42 -58.67
C GLY CA 543 -43.57 50.40 -57.60
N LEU CA 544 -43.34 49.73 -56.49
CA LEU CA 544 -44.33 49.68 -55.44
C LEU CA 544 -44.03 50.74 -54.37
N PRO CA 545 -44.98 51.63 -54.07
CA PRO CA 545 -44.72 52.65 -53.05
C PRO CA 545 -44.67 52.03 -51.66
N ILE CA 546 -44.13 52.80 -50.73
CA ILE CA 546 -43.99 52.37 -49.35
C ILE CA 546 -45.29 52.61 -48.59
N PRO CA 547 -45.84 51.60 -47.93
CA PRO CA 547 -47.02 51.84 -47.08
C PRO CA 547 -46.65 52.54 -45.78
N ARG CA 548 -47.61 53.29 -45.27
CA ARG CA 548 -47.40 53.96 -43.99
C ARG CA 548 -47.37 52.97 -42.84
N ARG CA 549 -48.23 51.96 -42.88
CA ARG CA 549 -48.27 50.95 -41.83
C ARG CA 549 -48.95 49.71 -42.38
N ILE CA 550 -48.70 48.59 -41.73
CA ILE CA 550 -49.24 47.29 -42.13
C ILE CA 550 -49.86 46.64 -40.91
N VAL CA 551 -51.07 46.11 -41.07
CA VAL CA 551 -51.77 45.41 -39.99
C VAL CA 551 -52.09 44.00 -40.48
N GLN CA 552 -52.09 43.06 -39.54
CA GLN CA 552 -52.22 41.65 -39.86
C GLN CA 552 -53.41 41.05 -39.11
N PHE CA 553 -54.06 40.07 -39.75
CA PHE CA 553 -55.24 39.45 -39.19
C PHE CA 553 -55.30 37.99 -39.64
N GLY CA 554 -56.14 37.22 -38.95
CA GLY CA 554 -56.36 35.84 -39.29
C GLY CA 554 -56.36 34.97 -38.06
N TYR CA 555 -56.16 33.68 -38.27
CA TYR CA 555 -56.14 32.71 -37.17
C TYR CA 555 -54.74 32.49 -36.61
N ASP CA 556 -53.71 32.57 -37.44
CA ASP CA 556 -52.36 32.17 -37.05
C ASP CA 556 -51.44 33.36 -36.85
N VAL CA 557 -52.00 34.55 -36.61
CA VAL CA 557 -51.17 35.73 -36.48
C VAL CA 557 -50.40 35.70 -35.16
N VAL CA 558 -49.33 36.49 -35.11
CA VAL CA 558 -48.66 36.78 -33.85
C VAL CA 558 -48.60 38.30 -33.66
N HIS CA 559 -48.17 39.01 -34.69
CA HIS CA 559 -48.06 40.47 -34.64
C HIS CA 559 -49.32 41.13 -35.17
N GLY CA 560 -50.46 40.77 -34.60
CA GLY CA 560 -51.72 41.32 -35.04
C GLY CA 560 -52.86 40.97 -34.12
N SER CA 561 -54.01 40.61 -34.68
CA SER CA 561 -55.18 40.27 -33.89
C SER CA 561 -55.89 39.07 -34.50
N LEU CA 562 -56.47 38.26 -33.64
CA LEU CA 562 -57.20 37.08 -34.08
C LEU CA 562 -58.68 37.43 -34.28
N LEU CA 563 -59.25 36.90 -35.36
CA LEU CA 563 -60.68 37.07 -35.61
C LEU CA 563 -61.08 36.19 -36.78
N ASP CA 564 -62.38 35.92 -36.85
CA ASP CA 564 -62.96 35.16 -37.95
C ASP CA 564 -63.42 36.15 -39.01
N LEU CA 565 -62.97 35.96 -40.24
CA LEU CA 565 -63.31 36.85 -41.34
C LEU CA 565 -64.67 36.56 -41.93
N SER CA 566 -65.35 35.52 -41.47
CA SER CA 566 -66.67 35.19 -41.97
C SER CA 566 -67.77 36.07 -41.38
N ARG CA 567 -67.48 36.81 -40.33
CA ARG CA 567 -68.48 37.62 -39.64
C ARG CA 567 -68.13 39.10 -39.77
N ALA CA 568 -69.00 39.93 -39.20
CA ALA CA 568 -68.69 41.35 -39.08
C ALA CA 568 -67.46 41.53 -38.20
N VAL CA 569 -66.70 42.59 -38.46
CA VAL CA 569 -65.44 42.78 -37.78
C VAL CA 569 -65.35 44.19 -37.18
N PRO CA 570 -64.85 44.32 -35.96
CA PRO CA 570 -64.65 45.64 -35.35
C PRO CA 570 -63.30 46.24 -35.72
N THR CA 571 -63.21 46.80 -36.93
CA THR CA 571 -61.95 47.29 -37.45
C THR CA 571 -62.15 48.66 -38.08
N GLY CA 572 -61.03 49.32 -38.36
CA GLY CA 572 -61.04 50.53 -39.15
C GLY CA 572 -61.13 50.18 -40.62
N THR CA 573 -60.40 50.91 -41.46
CA THR CA 573 -60.42 50.63 -42.90
C THR CA 573 -59.09 51.06 -43.50
N PHE CA 574 -58.79 50.49 -44.67
CA PHE CA 574 -57.45 50.59 -45.24
C PHE CA 574 -57.53 50.88 -46.73
N GLY CA 575 -56.41 51.37 -47.26
CA GLY CA 575 -56.28 51.58 -48.68
C GLY CA 575 -56.17 50.29 -49.47
N LEU CA 576 -55.35 49.37 -48.97
CA LEU CA 576 -55.16 48.06 -49.59
C LEU CA 576 -55.52 46.98 -48.60
N VAL CA 577 -56.39 46.07 -49.00
CA VAL CA 577 -56.73 44.90 -48.20
C VAL CA 577 -56.30 43.67 -48.98
N TYR CA 578 -55.32 42.96 -48.44
CA TYR CA 578 -54.76 41.77 -49.08
C TYR CA 578 -55.30 40.54 -48.34
N ALA CA 579 -56.30 39.90 -48.94
CA ALA CA 579 -57.01 38.80 -48.28
C ALA CA 579 -56.53 37.48 -48.86
N ASP CA 580 -55.41 36.98 -48.31
CA ASP CA 580 -54.91 35.65 -48.63
C ASP CA 580 -55.46 34.67 -47.61
N LEU CA 581 -56.71 34.28 -47.82
CA LEU CA 581 -57.39 33.34 -46.95
C LEU CA 581 -57.67 32.05 -47.69
N ASP CA 582 -57.39 30.92 -47.03
CA ASP CA 582 -57.83 29.65 -47.54
C ASP CA 582 -59.31 29.45 -47.22
N GLN CA 583 -59.98 28.63 -48.04
CA GLN CA 583 -61.32 28.18 -47.74
C GLN CA 583 -61.41 26.70 -47.41
N VAL CA 584 -60.40 25.92 -47.80
CA VAL CA 584 -60.48 24.47 -47.70
C VAL CA 584 -60.31 23.98 -46.27
N GLU CA 585 -59.76 24.80 -45.37
CA GLU CA 585 -59.41 24.33 -44.05
C GLU CA 585 -60.62 23.86 -43.25
N ASP CA 586 -61.83 24.22 -43.66
CA ASP CA 586 -63.04 23.69 -43.04
C ASP CA 586 -64.02 23.12 -44.06
N ALA CA 587 -63.60 22.92 -45.30
CA ALA CA 587 -64.45 22.32 -46.32
C ALA CA 587 -63.55 21.57 -47.29
N GLY CA 588 -63.41 20.26 -47.08
CA GLY CA 588 -62.54 19.49 -47.95
C GLY CA 588 -63.06 19.41 -49.37
N THR CA 589 -64.31 18.96 -49.53
CA THR CA 589 -64.93 18.89 -50.85
C THR CA 589 -66.37 19.39 -50.83
N ASP CA 590 -66.83 19.98 -49.72
CA ASP CA 590 -68.20 20.44 -49.60
C ASP CA 590 -68.32 21.80 -50.29
N MET CA 591 -68.65 21.76 -51.58
CA MET CA 591 -68.65 22.99 -52.37
C MET CA 591 -69.60 24.06 -51.84
N PRO CA 592 -70.87 23.77 -51.55
CA PRO CA 592 -71.73 24.85 -51.04
C PRO CA 592 -71.21 25.47 -49.77
N ALA CA 593 -70.62 24.68 -48.88
CA ALA CA 593 -69.96 25.25 -47.71
C ALA CA 593 -68.80 26.15 -48.12
N ALA CA 594 -68.00 25.69 -49.08
CA ALA CA 594 -66.89 26.52 -49.56
C ALA CA 594 -67.39 27.80 -50.19
N ASN CA 595 -68.49 27.71 -50.95
CA ASN CA 595 -69.03 28.91 -51.60
C ASN CA 595 -69.47 29.93 -50.57
N ARG CA 596 -70.18 29.50 -49.53
CA ARG CA 596 -70.61 30.43 -48.50
C ARG CA 596 -69.41 31.11 -47.84
N ALA CA 597 -68.37 30.32 -47.54
CA ALA CA 597 -67.17 30.88 -46.93
C ALA CA 597 -66.54 31.92 -47.85
N ALA CA 598 -66.42 31.60 -49.14
CA ALA CA 598 -65.81 32.54 -50.06
C ALA CA 598 -66.61 33.83 -50.14
N ILE CA 599 -67.93 33.72 -50.30
CA ILE CA 599 -68.76 34.90 -50.44
C ILE CA 599 -68.67 35.78 -49.20
N ALA CA 600 -68.76 35.16 -48.02
CA ALA CA 600 -68.71 35.94 -46.79
C ALA CA 600 -67.39 36.69 -46.65
N MET CA 601 -66.28 35.99 -46.89
CA MET CA 601 -64.98 36.64 -46.78
C MET CA 601 -64.85 37.76 -47.80
N LEU CA 602 -65.37 37.55 -49.00
CA LEU CA 602 -65.34 38.60 -50.01
C LEU CA 602 -66.06 39.85 -49.52
N GLY CA 603 -67.25 39.66 -48.94
CA GLY CA 603 -68.02 40.81 -48.47
C GLY CA 603 -67.28 41.58 -47.40
N THR CA 604 -66.73 40.87 -46.41
CA THR CA 604 -66.00 41.54 -45.34
C THR CA 604 -64.77 42.25 -45.90
N ALA CA 605 -64.07 41.61 -46.83
CA ALA CA 605 -62.87 42.22 -47.40
C ALA CA 605 -63.19 43.54 -48.07
N LEU CA 606 -64.29 43.59 -48.83
CA LEU CA 606 -64.71 44.84 -49.44
C LEU CA 606 -65.02 45.88 -48.38
N GLN CA 607 -65.68 45.46 -47.30
CA GLN CA 607 -66.11 46.40 -46.27
C GLN CA 607 -64.94 47.05 -45.55
N MET CA 608 -63.75 46.47 -45.63
CA MET CA 608 -62.60 47.04 -44.94
C MET CA 608 -61.78 48.00 -45.80
N THR CA 609 -62.11 48.14 -47.08
CA THR CA 609 -61.40 49.07 -47.94
C THR CA 609 -62.05 50.45 -47.89
N THR CA 610 -61.22 51.48 -47.87
CA THR CA 610 -61.73 52.83 -47.98
C THR CA 610 -62.25 53.08 -49.38
N ALA CA 611 -62.96 54.20 -49.53
CA ALA CA 611 -63.39 54.62 -50.85
C ALA CA 611 -62.19 54.80 -51.76
N GLY CA 612 -62.30 54.34 -53.00
CA GLY CA 612 -61.19 54.41 -53.92
C GLY CA 612 -60.06 53.46 -53.62
N GLY CA 613 -60.22 52.57 -52.65
CA GLY CA 613 -59.20 51.61 -52.32
C GLY CA 613 -59.21 50.42 -53.26
N VAL CA 614 -58.37 49.45 -52.95
CA VAL CA 614 -58.24 48.24 -53.75
C VAL CA 614 -58.14 47.04 -52.81
N SER CA 615 -58.85 45.97 -53.16
CA SER CA 615 -58.84 44.75 -52.37
C SER CA 615 -58.62 43.56 -53.29
N VAL CA 616 -57.91 42.55 -52.80
CA VAL CA 616 -57.69 41.32 -53.53
C VAL CA 616 -58.10 40.15 -52.64
N LEU CA 617 -58.48 39.05 -53.27
CA LEU CA 617 -58.92 37.87 -52.54
C LEU CA 617 -58.51 36.63 -53.29
N LYS CA 618 -57.99 35.65 -52.57
CA LYS CA 618 -57.66 34.35 -53.14
C LYS CA 618 -58.87 33.44 -53.02
N VAL CA 619 -59.25 32.82 -54.14
CA VAL CA 619 -60.39 31.92 -54.18
C VAL CA 619 -59.89 30.53 -54.57
N ASN CA 620 -60.22 29.54 -53.74
CA ASN CA 620 -59.77 28.18 -54.02
C ASN CA 620 -60.50 27.58 -55.21
N PHE CA 621 -61.81 27.78 -55.29
CA PHE CA 621 -62.64 27.11 -56.28
C PHE CA 621 -63.55 28.11 -56.98
N PRO CA 622 -63.14 28.58 -58.14
CA PRO CA 622 -64.01 29.47 -58.92
C PRO CA 622 -65.20 28.73 -59.51
N THR CA 623 -66.22 28.52 -58.70
CA THR CA 623 -67.41 27.77 -59.09
C THR CA 623 -68.47 28.71 -59.66
N ARG CA 624 -69.21 28.22 -60.65
CA ARG CA 624 -70.23 29.05 -61.27
C ARG CA 624 -71.27 29.49 -60.24
N ALA CA 625 -71.53 28.66 -59.22
CA ALA CA 625 -72.38 29.10 -58.13
C ALA CA 625 -71.74 30.28 -57.41
N PHE CA 626 -70.44 30.20 -57.16
CA PHE CA 626 -69.74 31.32 -56.54
C PHE CA 626 -69.86 32.58 -57.39
N TRP CA 627 -69.62 32.44 -58.69
CA TRP CA 627 -69.68 33.60 -59.57
C TRP CA 627 -71.09 34.20 -59.58
N THR CA 628 -72.11 33.34 -59.56
CA THR CA 628 -73.48 33.83 -59.58
C THR CA 628 -73.72 34.78 -58.41
N GLN CA 629 -73.29 34.39 -57.22
CA GLN CA 629 -73.53 35.23 -56.04
C GLN CA 629 -72.69 36.50 -56.09
N VAL CA 630 -71.50 36.43 -56.68
CA VAL CA 630 -70.63 37.60 -56.73
C VAL CA 630 -71.33 38.76 -57.42
N PHE CA 631 -71.88 38.50 -58.59
CA PHE CA 631 -72.59 39.55 -59.31
C PHE CA 631 -73.98 39.79 -58.75
N ASN CA 632 -74.50 38.87 -57.94
CA ASN CA 632 -75.78 39.12 -57.29
C ASN CA 632 -75.64 40.17 -56.18
N LEU CA 633 -74.48 40.24 -55.53
CA LEU CA 633 -74.32 41.04 -54.33
C LEU CA 633 -73.38 42.22 -54.52
N TYR CA 634 -72.14 41.97 -54.90
CA TYR CA 634 -71.10 42.99 -54.84
C TYR CA 634 -70.91 43.71 -56.17
N ALA CA 635 -71.91 43.66 -57.05
CA ALA CA 635 -71.73 44.16 -58.40
C ALA CA 635 -71.40 45.65 -58.46
N THR CA 636 -71.77 46.41 -57.43
CA THR CA 636 -71.62 47.86 -57.48
C THR CA 636 -70.51 48.38 -56.56
N HIS CA 637 -69.75 47.50 -55.92
CA HIS CA 637 -68.85 47.93 -54.87
C HIS CA 637 -67.48 48.37 -55.38
N ALA CA 638 -67.21 48.25 -56.67
CA ALA CA 638 -65.90 48.62 -57.20
C ALA CA 638 -66.04 48.99 -58.67
N THR CA 639 -64.99 49.59 -59.19
CA THR CA 639 -64.98 50.07 -60.57
C THR CA 639 -64.50 49.02 -61.56
N THR CA 640 -63.48 48.25 -61.21
CA THR CA 640 -62.85 47.34 -62.14
C THR CA 640 -62.48 46.04 -61.46
N LEU CA 641 -62.18 45.03 -62.27
CA LEU CA 641 -61.90 43.69 -61.78
C LEU CA 641 -60.97 42.97 -62.74
N HIS CA 642 -60.02 42.23 -62.19
CA HIS CA 642 -59.12 41.40 -62.98
C HIS CA 642 -58.98 40.04 -62.30
N LEU CA 643 -58.34 39.12 -63.02
CA LEU CA 643 -57.99 37.82 -62.48
C LEU CA 643 -56.50 37.60 -62.65
N VAL CA 644 -55.81 37.36 -61.54
CA VAL CA 644 -54.39 37.06 -61.54
C VAL CA 644 -54.24 35.59 -61.15
N LYS CA 645 -53.55 34.83 -61.99
CA LYS CA 645 -53.41 33.39 -61.81
C LYS CA 645 -51.95 33.00 -61.94
N PRO CA 646 -51.21 33.00 -60.83
CA PRO CA 646 -49.91 32.36 -60.81
C PRO CA 646 -50.07 30.85 -60.74
N THR CA 647 -49.13 30.14 -61.35
CA THR CA 647 -49.09 28.69 -61.28
C THR CA 647 -47.77 28.28 -60.66
N ILE CA 648 -47.83 27.78 -59.44
CA ILE CA 648 -46.67 27.23 -58.75
C ILE CA 648 -46.73 25.71 -58.71
N VAL CA 649 -47.88 25.15 -58.36
CA VAL CA 649 -48.19 23.74 -58.54
C VAL CA 649 -49.59 23.66 -59.13
N ASN CA 650 -49.97 22.45 -59.54
CA ASN CA 650 -51.24 22.27 -60.23
C ASN CA 650 -52.39 22.54 -59.28
N SER CA 651 -53.03 23.70 -59.43
CA SER CA 651 -54.16 24.06 -58.59
C SER CA 651 -55.08 24.99 -59.35
N SER CA 652 -56.36 24.97 -58.97
CA SER CA 652 -57.38 25.76 -59.63
C SER CA 652 -57.69 27.06 -58.91
N GLU CA 653 -56.92 27.41 -57.89
CA GLU CA 653 -57.16 28.64 -57.16
C GLU CA 653 -56.78 29.85 -58.00
N VAL CA 654 -57.40 30.99 -57.69
CA VAL CA 654 -57.20 32.23 -58.43
C VAL CA 654 -57.20 33.40 -57.46
N PHE CA 655 -56.80 34.56 -57.97
CA PHE CA 655 -56.77 35.79 -57.21
C PHE CA 655 -57.70 36.81 -57.86
N LEU CA 656 -58.75 37.18 -57.16
CA LEU CA 656 -59.56 38.32 -57.57
C LEU CA 656 -58.89 39.61 -57.11
N VAL CA 657 -59.15 40.68 -57.85
CA VAL CA 657 -58.62 42.00 -57.50
C VAL CA 657 -59.66 43.04 -57.90
N PHE CA 658 -60.21 43.73 -56.92
CA PHE CA 658 -61.21 44.76 -57.14
C PHE CA 658 -60.56 46.13 -57.00
N GLY CA 659 -60.61 46.91 -58.07
CA GLY CA 659 -60.05 48.24 -58.08
C GLY CA 659 -61.12 49.32 -58.00
N GLY CA 660 -60.76 50.42 -57.34
CA GLY CA 660 -61.68 51.53 -57.22
C GLY CA 660 -62.88 51.24 -56.35
N ARG CA 661 -62.63 51.03 -55.06
CA ARG CA 661 -63.71 50.79 -54.12
C ARG CA 661 -64.65 51.98 -54.12
N GLN CA 662 -65.91 51.75 -54.48
CA GLN CA 662 -66.89 52.81 -54.53
C GLN CA 662 -68.28 52.18 -54.38
N SER CA 663 -69.30 53.04 -54.36
CA SER CA 663 -70.65 52.57 -54.08
C SER CA 663 -71.43 52.19 -55.34
N ASN CA 664 -71.10 52.78 -56.48
CA ASN CA 664 -71.98 52.66 -57.63
C ASN CA 664 -71.29 52.03 -58.83
N GLY CA 665 -70.60 50.91 -58.61
CA GLY CA 665 -70.00 50.17 -59.70
C GLY CA 665 -71.03 49.44 -60.52
N ALA CA 666 -70.59 48.91 -61.66
CA ALA CA 666 -71.48 48.23 -62.60
C ALA CA 666 -70.81 46.99 -63.17
N LEU CA 667 -70.18 46.19 -62.33
CA LEU CA 667 -69.49 45.00 -62.79
C LEU CA 667 -70.47 43.97 -63.34
N ARG CA 668 -70.04 43.26 -64.37
CA ARG CA 668 -70.86 42.25 -65.03
C ARG CA 668 -70.04 41.00 -65.31
N SER CA 669 -70.73 39.86 -65.40
CA SER CA 669 -70.11 38.67 -65.93
C SER CA 669 -69.96 38.80 -67.45
N THR CA 670 -68.75 38.60 -67.95
CA THR CA 670 -68.48 38.85 -69.35
C THR CA 670 -67.62 37.73 -69.92
N THR CA 671 -67.54 37.69 -71.25
CA THR CA 671 -66.90 36.57 -71.93
C THR CA 671 -65.43 36.44 -71.55
N ALA CA 672 -64.81 37.51 -71.09
CA ALA CA 672 -63.43 37.41 -70.62
C ALA CA 672 -63.32 36.38 -69.51
N LEU CA 673 -64.31 36.36 -68.60
CA LEU CA 673 -64.31 35.38 -67.55
C LEU CA 673 -64.38 33.96 -68.11
N GLN CA 674 -65.25 33.75 -69.09
CA GLN CA 674 -65.41 32.42 -69.66
C GLN CA 674 -64.11 31.97 -70.33
N ARG CA 675 -63.44 32.87 -71.05
CA ARG CA 675 -62.19 32.51 -71.69
C ARG CA 675 -61.15 32.09 -70.64
N ALA CA 676 -61.03 32.86 -69.57
CA ALA CA 676 -60.04 32.55 -68.56
C ALA CA 676 -60.29 31.18 -67.92
N LEU CA 677 -61.54 30.91 -67.56
CA LEU CA 677 -61.86 29.64 -66.91
C LEU CA 677 -61.55 28.47 -67.81
N LEU CA 678 -61.92 28.57 -69.09
CA LEU CA 678 -61.66 27.49 -70.03
C LEU CA 678 -60.17 27.22 -70.14
N SER CA 679 -59.38 28.29 -70.25
CA SER CA 679 -57.94 28.13 -70.28
C SER CA 679 -57.43 27.51 -68.99
N LEU CA 680 -57.98 27.95 -67.86
CA LEU CA 680 -57.50 27.46 -66.57
C LEU CA 680 -57.69 25.95 -66.45
N TYR CA 681 -58.91 25.47 -66.68
CA TYR CA 681 -59.17 24.05 -66.56
C TYR CA 681 -58.38 23.25 -67.58
N ALA CA 682 -58.12 23.84 -68.75
CA ALA CA 682 -57.33 23.14 -69.77
C ALA CA 682 -55.95 22.82 -69.24
N ARG CA 683 -55.31 23.77 -68.58
CA ARG CA 683 -53.98 23.52 -68.04
C ARG CA 683 -54.01 22.42 -66.99
N ASN CA 684 -54.98 22.47 -66.08
CA ASN CA 684 -55.04 21.48 -65.01
C ASN CA 684 -55.21 20.08 -65.58
N ALA CA 685 -56.09 19.93 -66.56
CA ALA CA 685 -56.24 18.63 -67.20
C ALA CA 685 -54.94 18.21 -67.87
N ALA CA 686 -54.28 19.15 -68.54
CA ALA CA 686 -53.02 18.83 -69.21
C ALA CA 686 -51.97 18.36 -68.21
N ILE CA 687 -51.84 19.08 -67.08
CA ILE CA 687 -50.86 18.71 -66.08
C ILE CA 687 -51.18 17.33 -65.52
N ASP CA 688 -52.46 17.09 -65.23
CA ASP CA 688 -52.85 15.80 -64.67
C ASP CA 688 -52.47 14.65 -65.60
N ARG CA 689 -52.68 14.84 -66.90
CA ARG CA 689 -52.30 13.79 -67.85
C ARG CA 689 -50.80 13.51 -67.77
N ALA CA 690 -49.98 14.54 -67.63
CA ALA CA 690 -48.55 14.34 -67.53
C ALA CA 690 -48.17 13.53 -66.30
N VAL CA 691 -48.79 13.85 -65.17
CA VAL CA 691 -48.42 13.21 -63.91
C VAL CA 691 -48.74 11.72 -63.91
N THR CA 692 -49.69 11.29 -64.74
CA THR CA 692 -50.14 9.90 -64.70
C THR CA 692 -48.98 8.93 -64.93
N HIS CA 693 -47.94 9.35 -65.63
CA HIS CA 693 -46.82 8.45 -65.91
C HIS CA 693 -45.91 8.25 -64.70
N ILE CA 694 -46.00 9.10 -63.69
CA ILE CA 694 -45.04 9.08 -62.59
C ILE CA 694 -45.49 8.12 -61.50
N PRO CA 695 -44.60 7.27 -61.00
CA PRO CA 695 -44.96 6.42 -59.86
C PRO CA 695 -44.97 7.19 -58.56
N PHE CA 696 -45.71 6.64 -57.60
CA PHE CA 696 -45.77 7.26 -56.28
C PHE CA 696 -44.48 6.99 -55.52
N PHE CA 697 -44.42 7.45 -54.28
CA PHE CA 697 -43.13 7.55 -53.58
C PHE CA 697 -42.66 6.20 -53.06
N GLY CA 698 -43.38 5.61 -52.12
CA GLY CA 698 -42.83 4.48 -51.38
C GLY CA 698 -42.72 3.19 -52.17
N VAL CA 699 -43.35 3.11 -53.34
CA VAL CA 699 -43.45 1.85 -54.06
C VAL CA 699 -42.11 1.53 -54.69
N PRO CA 700 -41.55 0.34 -54.46
CA PRO CA 700 -40.39 -0.09 -55.23
C PRO CA 700 -40.79 -0.33 -56.68
N ASP CA 701 -39.81 -0.16 -57.57
CA ASP CA 701 -40.10 -0.14 -59.01
C ASP CA 701 -40.17 -1.56 -59.56
N ASP CA 702 -41.28 -2.23 -59.26
CA ASP CA 702 -41.68 -3.36 -60.08
C ASP CA 702 -42.22 -2.82 -61.39
N GLY CA 703 -41.85 -3.45 -62.50
CA GLY CA 703 -41.97 -2.81 -63.79
C GLY CA 703 -43.39 -2.60 -64.29
N THR CA 704 -44.20 -1.88 -63.52
CA THR CA 704 -45.53 -1.52 -63.97
C THR CA 704 -45.67 -0.04 -64.32
N SER CA 705 -44.82 0.82 -63.76
CA SER CA 705 -44.90 2.24 -64.03
C SER CA 705 -44.36 2.57 -65.42
N ASP CA 706 -44.83 3.68 -65.97
CA ASP CA 706 -44.35 4.10 -67.28
C ASP CA 706 -42.95 4.68 -67.20
N LEU CA 707 -42.66 5.44 -66.14
CA LEU CA 707 -41.43 6.20 -66.04
C LEU CA 707 -40.37 5.50 -65.20
N GLY CA 708 -40.45 4.17 -65.09
CA GLY CA 708 -39.55 3.45 -64.23
C GLY CA 708 -38.14 3.36 -64.79
N ILE CA 709 -37.30 2.66 -64.03
CA ILE CA 709 -35.90 2.43 -64.38
C ILE CA 709 -35.68 0.94 -64.54
N ASP CA 710 -34.94 0.57 -65.57
CA ASP CA 710 -34.54 -0.82 -65.79
C ASP CA 710 -33.03 -0.94 -65.68
N ALA CA 711 -32.58 -1.99 -65.00
CA ALA CA 711 -31.16 -2.17 -64.72
C ALA CA 711 -30.81 -3.64 -64.83
N VAL CA 712 -29.56 -3.90 -65.20
CA VAL CA 712 -29.02 -5.25 -65.28
C VAL CA 712 -27.64 -5.25 -64.65
N ARG CA 713 -27.38 -6.24 -63.80
CA ARG CA 713 -26.10 -6.37 -63.10
C ARG CA 713 -25.40 -7.64 -63.54
N LEU CA 714 -24.11 -7.53 -63.81
CA LEU CA 714 -23.29 -8.67 -64.20
C LEU CA 714 -21.99 -8.62 -63.43
N PHE CA 715 -21.44 -9.80 -63.12
CA PHE CA 715 -20.20 -9.93 -62.38
C PHE CA 715 -19.12 -10.47 -63.32
N ASP CA 716 -18.02 -9.73 -63.44
CA ASP CA 716 -16.93 -10.08 -64.33
C ASP CA 716 -17.40 -10.54 -65.71
N PRO CA 717 -18.22 -9.74 -66.38
CA PRO CA 717 -18.78 -10.18 -67.66
C PRO CA 717 -17.71 -10.28 -68.73
N MET CA 718 -17.91 -11.20 -69.67
CA MET CA 718 -17.02 -11.39 -70.80
C MET CA 718 -17.85 -11.24 -72.07
N PHE CA 719 -18.00 -9.99 -72.52
CA PHE CA 719 -18.75 -9.75 -73.74
C PHE CA 719 -17.97 -10.23 -74.95
N SER CA 720 -18.70 -10.78 -75.92
CA SER CA 720 -18.10 -11.23 -77.16
C SER CA 720 -19.19 -11.38 -78.20
N ASP CA 721 -18.78 -11.48 -79.46
CA ASP CA 721 -19.72 -11.72 -80.55
C ASP CA 721 -20.09 -13.19 -80.67
N ALA CA 722 -19.65 -14.02 -79.73
CA ALA CA 722 -20.02 -15.43 -79.75
C ALA CA 722 -21.52 -15.58 -79.48
N VAL CA 723 -22.12 -16.56 -80.13
CA VAL CA 723 -23.56 -16.78 -80.01
C VAL CA 723 -23.90 -17.19 -78.59
N ALA CA 724 -25.09 -16.78 -78.14
CA ALA CA 724 -25.64 -17.14 -76.84
C ALA CA 724 -24.78 -16.65 -75.68
N ASN CA 725 -23.88 -15.71 -75.93
CA ASN CA 725 -23.11 -15.11 -74.85
C ASN CA 725 -24.07 -14.32 -73.96
N LEU CA 726 -24.36 -14.86 -72.79
CA LEU CA 726 -25.37 -14.28 -71.91
C LEU CA 726 -25.15 -12.80 -71.63
N PRO CA 727 -23.94 -12.34 -71.27
CA PRO CA 727 -23.77 -10.89 -71.06
C PRO CA 727 -24.17 -10.07 -72.27
N SER CA 728 -23.83 -10.53 -73.47
CA SER CA 728 -24.23 -9.80 -74.67
C SER CA 728 -25.74 -9.80 -74.82
N ASN CA 729 -26.38 -10.96 -74.60
CA ASN CA 729 -27.83 -11.03 -74.76
C ASN CA 729 -28.53 -10.10 -73.79
N ALA CA 730 -28.14 -10.14 -72.52
CA ALA CA 730 -28.76 -9.26 -71.54
C ALA CA 730 -28.53 -7.80 -71.91
N LEU CA 731 -27.32 -7.48 -72.35
CA LEU CA 731 -27.01 -6.12 -72.74
C LEU CA 731 -27.94 -5.64 -73.84
N ALA CA 732 -28.07 -6.43 -74.91
CA ALA CA 732 -28.93 -6.01 -76.01
C ALA CA 732 -30.38 -5.88 -75.56
N SER CA 733 -30.83 -6.79 -74.71
CA SER CA 733 -32.22 -6.75 -74.25
C SER CA 733 -32.49 -5.46 -73.49
N LEU CA 734 -31.62 -5.13 -72.53
CA LEU CA 734 -31.85 -3.93 -71.73
C LEU CA 734 -31.83 -2.69 -72.59
N VAL CA 735 -30.87 -2.61 -73.51
CA VAL CA 735 -30.79 -1.45 -74.39
C VAL CA 735 -32.09 -1.27 -75.15
N SER CA 736 -32.64 -2.36 -75.65
CA SER CA 736 -33.88 -2.28 -76.44
C SER CA 736 -35.02 -1.67 -75.64
N ARG CA 737 -34.94 -1.71 -74.32
CA ARG CA 737 -35.99 -1.18 -73.47
C ARG CA 737 -35.77 0.29 -73.10
N VAL CA 738 -34.68 0.90 -73.54
CA VAL CA 738 -34.32 2.23 -73.08
C VAL CA 738 -34.01 3.20 -74.20
N VAL CA 739 -33.75 2.72 -75.42
CA VAL CA 739 -33.02 3.43 -76.47
C VAL CA 739 -33.24 4.94 -76.51
N PRO CA 740 -34.47 5.45 -76.55
CA PRO CA 740 -34.63 6.91 -76.65
C PRO CA 740 -33.99 7.67 -75.50
N SER CA 741 -33.84 7.04 -74.34
CA SER CA 741 -33.22 7.70 -73.20
C SER CA 741 -31.72 7.39 -73.17
N SER CA 742 -31.02 8.02 -72.23
CA SER CA 742 -29.59 7.77 -72.08
C SER CA 742 -29.35 6.43 -71.39
N ILE CA 743 -28.16 5.88 -71.61
CA ILE CA 743 -27.77 4.58 -71.08
C ILE CA 743 -26.57 4.78 -70.17
N MET CA 744 -26.70 4.38 -68.92
CA MET CA 744 -25.65 4.56 -67.94
C MET CA 744 -24.89 3.26 -67.70
N PHE CA 745 -23.67 3.38 -67.18
CA PHE CA 745 -22.78 2.24 -67.05
C PHE CA 745 -21.84 2.48 -65.88
N THR CA 746 -21.63 1.44 -65.07
CA THR CA 746 -20.77 1.53 -63.90
C THR CA 746 -20.00 0.24 -63.71
N ARG CA 747 -18.80 0.35 -63.13
CA ARG CA 747 -18.00 -0.79 -62.71
C ARG CA 747 -17.51 -0.53 -61.30
N VAL CA 748 -17.94 -1.37 -60.36
CA VAL CA 748 -17.60 -1.22 -58.95
C VAL CA 748 -16.79 -2.44 -58.52
N PRO CA 749 -15.57 -2.27 -58.03
CA PRO CA 749 -14.76 -3.42 -57.61
C PRO CA 749 -15.12 -3.83 -56.18
N SER CA 750 -15.55 -5.08 -56.02
CA SER CA 750 -15.74 -5.64 -54.70
C SER CA 750 -14.39 -6.15 -54.20
N ASN CA 751 -14.39 -6.82 -53.05
CA ASN CA 751 -13.16 -7.43 -52.57
C ASN CA 751 -12.70 -8.56 -53.47
N GLY CA 752 -13.63 -9.19 -54.19
CA GLY CA 752 -13.28 -10.24 -55.13
C GLY CA 752 -13.54 -9.80 -56.56
N PRO CA 753 -14.65 -10.25 -57.12
CA PRO CA 753 -15.01 -9.86 -58.50
C PRO CA 753 -15.41 -8.40 -58.57
N VAL CA 754 -15.58 -7.92 -59.79
CA VAL CA 754 -16.05 -6.57 -60.05
C VAL CA 754 -17.48 -6.66 -60.56
N SER CA 755 -18.37 -5.87 -59.97
CA SER CA 755 -19.78 -5.85 -60.35
C SER CA 755 -20.01 -4.73 -61.35
N THR CA 756 -20.62 -5.07 -62.48
CA THR CA 756 -20.95 -4.12 -63.52
C THR CA 756 -22.47 -3.97 -63.60
N THR CA 757 -22.94 -2.73 -63.74
CA THR CA 757 -24.36 -2.44 -63.81
C THR CA 757 -24.64 -1.51 -64.96
N ILE CA 758 -25.69 -1.82 -65.73
CA ILE CA 758 -26.10 -1.02 -66.86
C ILE CA 758 -27.58 -0.71 -66.69
N TYR CA 759 -27.94 0.57 -66.83
CA TYR CA 759 -29.30 0.96 -66.50
C TYR CA 759 -29.67 2.23 -67.25
N GLY CA 760 -30.98 2.50 -67.28
CA GLY CA 760 -31.53 3.67 -67.92
C GLY CA 760 -32.99 3.78 -67.61
N LYS CA 761 -33.59 4.89 -68.03
CA LYS CA 761 -34.99 5.16 -67.77
C LYS CA 761 -35.85 4.61 -68.90
N ARG CA 762 -36.91 3.88 -68.53
CA ARG CA 762 -37.89 3.45 -69.51
C ARG CA 762 -39.01 4.48 -69.59
N THR CA 763 -39.44 4.76 -70.82
CA THR CA 763 -40.48 5.74 -71.07
C THR CA 763 -41.48 5.17 -72.07
N PHE CA 764 -42.62 5.82 -72.18
CA PHE CA 764 -43.60 5.39 -73.17
C PHE CA 764 -43.06 5.53 -74.57
N LEU CA 765 -42.13 6.46 -74.79
CA LEU CA 765 -41.45 6.52 -76.08
C LEU CA 765 -40.68 5.25 -76.36
N SER CA 766 -39.96 4.74 -75.36
CA SER CA 766 -39.23 3.50 -75.53
C SER CA 766 -40.18 2.36 -75.84
N ASN CA 767 -41.36 2.35 -75.21
CA ASN CA 767 -42.34 1.33 -75.51
C ASN CA 767 -42.75 1.37 -76.97
N ARG CA 768 -42.97 2.57 -77.51
CA ARG CA 768 -43.34 2.69 -78.91
C ARG CA 768 -42.23 2.15 -79.80
N ARG CA 769 -40.99 2.52 -79.51
CA ARG CA 769 -39.87 2.04 -80.31
C ARG CA 769 -39.76 0.52 -80.21
N ARG CA 770 -39.86 -0.02 -79.00
CA ARG CA 770 -39.76 -1.46 -78.85
C ARG CA 770 -40.87 -2.17 -79.58
N ALA CA 771 -42.05 -1.56 -79.67
CA ALA CA 771 -43.13 -2.15 -80.44
C ALA CA 771 -42.80 -2.19 -81.92
N ARG CA 772 -42.01 -1.24 -82.41
CA ARG CA 772 -41.64 -1.23 -83.81
C ARG CA 772 -40.69 -2.35 -84.17
N LEU CA 773 -39.90 -2.84 -83.20
CA LEU CA 773 -38.93 -3.88 -83.47
C LEU CA 773 -39.61 -5.20 -83.83
N ARG CA 774 -38.96 -5.97 -84.70
CA ARG CA 774 -39.30 -7.36 -84.90
C ARG CA 774 -38.25 -8.29 -84.31
N ASP CA 775 -37.02 -7.83 -84.14
CA ASP CA 775 -35.96 -8.58 -83.48
C ASP CA 775 -35.05 -7.58 -82.80
N VAL CA 776 -34.33 -8.07 -81.78
CA VAL CA 776 -33.48 -7.22 -80.95
C VAL CA 776 -32.08 -7.23 -81.55
N PRO CA 777 -31.54 -6.09 -81.97
CA PRO CA 777 -30.19 -6.07 -82.53
C PRO CA 777 -29.13 -6.23 -81.46
N MET CA 778 -28.00 -6.80 -81.87
CA MET CA 778 -26.86 -6.96 -80.98
C MET CA 778 -25.96 -5.74 -81.07
N LEU CA 779 -25.26 -5.46 -79.98
CA LEU CA 779 -24.42 -4.28 -79.90
C LEU CA 779 -22.98 -4.60 -80.26
N ILE CA 780 -22.24 -3.56 -80.61
CA ILE CA 780 -20.80 -3.66 -80.79
C ILE CA 780 -20.14 -3.58 -79.42
N THR CA 781 -19.32 -4.58 -79.10
CA THR CA 781 -18.82 -4.74 -77.75
C THR CA 781 -17.51 -4.01 -77.48
N THR CA 782 -16.87 -3.45 -78.51
CA THR CA 782 -15.54 -2.90 -78.32
C THR CA 782 -15.54 -1.77 -77.29
N THR CA 783 -16.53 -0.89 -77.37
CA THR CA 783 -16.59 0.23 -76.44
C THR CA 783 -16.66 -0.26 -75.00
N LEU CA 784 -17.47 -1.28 -74.75
CA LEU CA 784 -17.64 -1.77 -73.38
C LEU CA 784 -16.43 -2.59 -72.93
N VAL CA 785 -16.03 -3.57 -73.74
CA VAL CA 785 -14.92 -4.44 -73.36
C VAL CA 785 -13.66 -3.63 -73.16
N HIS CA 786 -13.57 -2.46 -73.78
CA HIS CA 786 -12.41 -1.60 -73.59
C HIS CA 786 -12.40 -0.91 -72.24
N GLN CA 787 -13.55 -0.81 -71.58
CA GLN CA 787 -13.65 -0.10 -70.31
C GLN CA 787 -13.11 -0.98 -69.20
N ARG CA 788 -11.99 -0.56 -68.61
CA ARG CA 788 -11.39 -1.27 -67.50
C ARG CA 788 -11.14 -0.36 -66.30
N ARG CA 789 -11.71 0.84 -66.30
CA ARG CA 789 -11.64 1.71 -65.15
C ARG CA 789 -12.58 1.22 -64.06
N PHE CA 790 -12.65 1.97 -62.98
CA PHE CA 790 -13.67 1.80 -61.95
C PHE CA 790 -14.44 3.10 -61.83
N THR CA 791 -15.69 2.98 -61.39
CA THR CA 791 -16.59 4.12 -61.35
C THR CA 791 -17.27 4.20 -60.00
N THR CA 792 -17.91 5.33 -59.75
CA THR CA 792 -18.79 5.47 -58.61
C THR CA 792 -20.03 4.59 -58.80
N PRO CA 793 -20.67 4.19 -57.71
CA PRO CA 793 -21.83 3.31 -57.81
C PRO CA 793 -23.00 4.03 -58.47
N PRO CA 794 -23.98 3.28 -58.98
CA PRO CA 794 -25.13 3.91 -59.64
C PRO CA 794 -25.91 4.80 -58.69
N THR CA 795 -26.87 5.52 -59.27
CA THR CA 795 -27.67 6.49 -58.54
C THR CA 795 -29.16 6.16 -58.52
N PHE CA 796 -29.73 5.81 -59.67
CA PHE CA 796 -31.13 5.40 -59.76
C PHE CA 796 -32.07 6.52 -59.30
N THR CA 797 -32.00 7.65 -59.98
CA THR CA 797 -32.90 8.76 -59.72
C THR CA 797 -33.67 9.10 -60.98
N LEU CA 798 -34.95 9.46 -60.81
CA LEU CA 798 -35.83 9.63 -61.96
C LEU CA 798 -35.54 10.94 -62.68
N PHE CA 799 -35.47 12.05 -61.94
CA PHE CA 799 -35.32 13.36 -62.54
C PHE CA 799 -33.91 13.89 -62.34
N SER CA 800 -33.39 14.53 -63.38
CA SER CA 800 -32.05 15.09 -63.33
C SER CA 800 -32.01 16.26 -62.36
N SER CA 801 -30.81 16.82 -62.18
CA SER CA 801 -30.59 17.89 -61.23
C SER CA 801 -30.76 19.27 -61.82
N GLU CA 802 -30.84 19.40 -63.15
CA GLU CA 802 -30.83 20.71 -63.79
C GLU CA 802 -31.93 20.79 -64.84
N ALA CA 803 -32.65 21.91 -64.82
CA ALA CA 803 -33.76 22.11 -65.74
C ALA CA 803 -33.24 22.18 -67.18
N VAL CA 804 -34.07 21.70 -68.11
CA VAL CA 804 -33.72 21.63 -69.52
C VAL CA 804 -33.73 23.01 -70.13
N PRO CA 805 -32.98 23.25 -71.20
CA PRO CA 805 -33.01 24.57 -71.85
C PRO CA 805 -34.28 24.74 -72.70
N VAL CA 806 -34.50 25.99 -73.10
CA VAL CA 806 -35.74 26.35 -73.78
C VAL CA 806 -35.90 25.55 -75.07
N THR CA 807 -34.81 25.37 -75.82
CA THR CA 807 -34.89 24.70 -77.10
C THR CA 807 -35.54 23.33 -76.97
N THR CA 808 -35.19 22.58 -75.92
CA THR CA 808 -35.74 21.25 -75.75
C THR CA 808 -37.26 21.30 -75.60
N LEU CA 809 -37.76 22.32 -74.89
CA LEU CA 809 -39.20 22.46 -74.73
C LEU CA 809 -39.90 22.55 -76.08
N VAL CA 810 -39.36 23.36 -76.98
CA VAL CA 810 -39.94 23.50 -78.30
C VAL CA 810 -39.90 22.16 -79.03
N ALA CA 811 -38.78 21.46 -78.94
CA ALA CA 811 -38.67 20.17 -79.61
C ALA CA 811 -39.72 19.21 -79.11
N ALA CA 812 -39.90 19.15 -77.79
CA ALA CA 812 -40.91 18.26 -77.22
C ALA CA 812 -42.30 18.63 -77.70
N GLY CA 813 -42.61 19.92 -77.72
CA GLY CA 813 -43.92 20.35 -78.16
C GLY CA 813 -44.21 19.90 -79.58
N TYR CA 814 -43.25 20.06 -80.48
CA TYR CA 814 -43.46 19.63 -81.85
C TYR CA 814 -43.53 18.11 -81.95
N ASN CA 815 -42.76 17.40 -81.13
CA ASN CA 815 -42.91 15.95 -81.07
C ASN CA 815 -44.31 15.58 -80.65
N SER CA 816 -44.84 16.29 -79.64
CA SER CA 816 -46.23 16.05 -79.23
C SER CA 816 -47.19 16.29 -80.38
N PHE CA 817 -46.97 17.37 -81.13
CA PHE CA 817 -47.85 17.68 -82.26
C PHE CA 817 -47.79 16.57 -83.30
N ILE CA 818 -46.57 16.19 -83.70
CA ILE CA 818 -46.42 15.17 -84.73
C ILE CA 818 -47.01 13.86 -84.26
N SER CA 819 -46.71 13.48 -83.02
CA SER CA 819 -47.23 12.23 -82.48
C SER CA 819 -48.74 12.17 -82.59
N GLU CA 820 -49.42 13.28 -82.33
CA GLU CA 820 -50.86 13.32 -82.47
C GLU CA 820 -51.26 13.26 -83.93
N GLN CA 821 -50.58 14.04 -84.78
CA GLN CA 821 -50.98 14.16 -86.18
C GLN CA 821 -50.89 12.81 -86.89
N THR CA 822 -49.85 12.05 -86.61
CA THR CA 822 -49.63 10.76 -87.28
C THR CA 822 -50.65 9.71 -86.90
N ARG CA 823 -51.62 10.03 -86.04
CA ARG CA 823 -52.65 9.07 -85.68
C ARG CA 823 -53.81 9.06 -86.66
N ASN CA 824 -53.78 9.90 -87.69
CA ASN CA 824 -54.87 9.92 -88.66
C ASN CA 824 -54.98 8.56 -89.35
N PRO CA 825 -56.14 7.93 -89.34
CA PRO CA 825 -56.26 6.59 -89.92
C PRO CA 825 -56.13 6.59 -91.43
N ASN CA 826 -56.26 7.73 -92.09
CA ASN CA 826 -56.24 7.80 -93.54
C ASN CA 826 -54.85 8.05 -94.11
N LEU CA 827 -53.81 7.63 -93.40
CA LEU CA 827 -52.43 7.74 -93.88
C LEU CA 827 -51.89 6.34 -94.11
N ALA CA 828 -51.32 6.11 -95.29
CA ALA CA 828 -50.79 4.80 -95.64
C ALA CA 828 -49.27 4.76 -95.71
N HIS CA 829 -48.61 5.92 -95.81
CA HIS CA 829 -47.17 5.95 -95.94
C HIS CA 829 -46.68 7.30 -95.41
N LEU CA 830 -45.37 7.42 -95.28
CA LEU CA 830 -44.80 8.69 -94.86
C LEU CA 830 -43.35 8.77 -95.31
N LEU CA 831 -42.96 9.94 -95.79
CA LEU CA 831 -41.57 10.24 -96.10
C LEU CA 831 -41.08 11.32 -95.15
N ASP CA 832 -40.00 11.00 -94.45
CA ASP CA 832 -39.38 11.97 -93.56
C ASP CA 832 -38.13 12.50 -94.20
N LEU CA 833 -37.94 13.81 -94.14
CA LEU CA 833 -36.79 14.45 -94.74
C LEU CA 833 -35.85 14.94 -93.65
N GLY CA 834 -34.55 14.73 -93.87
CA GLY CA 834 -33.56 15.20 -92.92
C GLY CA 834 -33.61 14.54 -91.57
N THR CA 835 -33.91 13.24 -91.54
CA THR CA 835 -33.84 12.51 -90.29
C THR CA 835 -32.41 12.49 -89.78
N GLY CA 836 -32.25 12.48 -88.47
CA GLY CA 836 -30.96 12.20 -87.89
C GLY CA 836 -30.60 10.77 -88.18
N PRO CA 837 -29.31 10.45 -88.19
CA PRO CA 837 -28.92 9.05 -88.37
C PRO CA 837 -29.58 8.16 -87.33
N GLU CA 838 -29.75 8.69 -86.12
CA GLU CA 838 -30.69 8.11 -85.17
C GLU CA 838 -32.11 8.42 -85.63
N CYS CA 839 -32.87 7.38 -85.96
CA CYS CA 839 -34.21 7.56 -86.53
C CYS CA 839 -35.22 7.75 -85.40
N ARG CA 840 -35.16 8.94 -84.79
CA ARG CA 840 -35.99 9.22 -83.62
C ARG CA 840 -37.47 9.21 -83.96
N ILE CA 841 -37.82 9.46 -85.22
CA ILE CA 841 -39.22 9.52 -85.62
C ILE CA 841 -39.93 8.21 -85.30
N LEU CA 842 -39.17 7.10 -85.32
CA LEU CA 842 -39.77 5.80 -85.02
C LEU CA 842 -40.42 5.77 -83.65
N SER CA 843 -39.91 6.57 -82.72
CA SER CA 843 -40.49 6.59 -81.37
C SER CA 843 -41.83 7.30 -81.31
N LEU CA 844 -42.15 8.12 -82.29
CA LEU CA 844 -43.36 8.94 -82.23
C LEU CA 844 -44.53 8.33 -82.98
N ILE CA 845 -44.27 7.46 -83.95
CA ILE CA 845 -45.29 7.03 -84.89
C ILE CA 845 -45.88 5.69 -84.46
N PRO CA 846 -47.19 5.49 -84.61
CA PRO CA 846 -47.75 4.18 -84.36
C PRO CA 846 -47.08 3.12 -85.21
N PRO CA 847 -46.87 1.92 -84.68
CA PRO CA 847 -46.05 0.93 -85.38
C PRO CA 847 -46.65 0.46 -86.69
N THR CA 848 -47.93 0.69 -86.93
CA THR CA 848 -48.58 0.16 -88.13
C THR CA 848 -48.36 1.01 -89.36
N LEU CA 849 -47.74 2.17 -89.25
CA LEU CA 849 -47.62 3.08 -90.37
C LEU CA 849 -46.29 2.88 -91.09
N GLN CA 850 -46.36 2.74 -92.42
CA GLN CA 850 -45.15 2.66 -93.22
C GLN CA 850 -44.39 3.98 -93.17
N VAL CA 851 -43.08 3.89 -93.02
CA VAL CA 851 -42.23 5.08 -92.88
C VAL CA 851 -41.01 4.92 -93.77
N THR CA 852 -40.65 5.99 -94.45
CA THR CA 852 -39.37 6.09 -95.13
C THR CA 852 -38.66 7.34 -94.63
N MET CA 853 -37.43 7.19 -94.17
CA MET CA 853 -36.66 8.27 -93.60
C MET CA 853 -35.35 8.42 -94.37
N SER CA 854 -34.79 9.62 -94.31
CA SER CA 854 -33.67 9.95 -95.17
C SER CA 854 -32.68 10.86 -94.46
N ASP CA 855 -31.43 10.80 -94.91
CA ASP CA 855 -30.37 11.70 -94.48
C ASP CA 855 -29.17 11.48 -95.38
N ALA CA 856 -28.31 12.50 -95.43
CA ALA CA 856 -27.04 12.33 -96.13
C ALA CA 856 -26.14 11.33 -95.43
N ARG CA 857 -26.18 11.29 -94.10
CA ARG CA 857 -25.37 10.37 -93.34
C ARG CA 857 -26.00 8.97 -93.31
N PRO CA 858 -25.20 7.95 -93.09
CA PRO CA 858 -25.76 6.60 -92.93
C PRO CA 858 -26.57 6.50 -91.65
N CYS CA 859 -27.54 5.60 -91.66
CA CYS CA 859 -28.35 5.39 -90.47
C CYS CA 859 -27.51 4.81 -89.34
N ALA CA 860 -27.94 5.08 -88.12
CA ALA CA 860 -27.23 4.60 -86.94
C ALA CA 860 -27.80 3.30 -86.40
N GLU CA 861 -28.82 2.74 -87.03
CA GLU CA 861 -29.53 1.60 -86.46
C GLU CA 861 -29.56 0.45 -87.45
N LEU CA 862 -29.50 -0.76 -86.91
CA LEU CA 862 -29.50 -1.98 -87.74
C LEU CA 862 -30.87 -2.13 -88.38
N MET CA 863 -30.95 -1.84 -89.68
CA MET CA 863 -32.22 -1.91 -90.37
C MET CA 863 -32.78 -3.33 -90.43
N ALA CA 864 -31.92 -4.35 -90.26
CA ALA CA 864 -32.40 -5.72 -90.28
C ALA CA 864 -33.34 -6.04 -89.12
N SER CA 865 -33.37 -5.20 -88.09
CA SER CA 865 -34.22 -5.46 -86.94
C SER CA 865 -35.68 -5.12 -87.18
N PHE CA 866 -36.01 -4.46 -88.27
CA PHE CA 866 -37.37 -4.04 -88.56
C PHE CA 866 -37.94 -4.80 -89.74
N ASP CA 867 -39.25 -4.76 -89.85
CA ASP CA 867 -39.90 -5.26 -91.05
C ASP CA 867 -39.60 -4.31 -92.19
N PRO CA 868 -38.96 -4.77 -93.27
CA PRO CA 868 -38.64 -3.86 -94.37
C PRO CA 868 -39.86 -3.24 -95.03
N ALA CA 869 -41.01 -3.91 -94.97
CA ALA CA 869 -42.20 -3.34 -95.55
C ALA CA 869 -42.68 -2.11 -94.80
N LEU CA 870 -42.40 -2.05 -93.50
CA LEU CA 870 -42.91 -0.96 -92.68
C LEU CA 870 -41.92 0.18 -92.51
N THR CA 871 -40.62 -0.09 -92.64
CA THR CA 871 -39.61 0.93 -92.46
C THR CA 871 -38.61 0.88 -93.60
N ALA CA 872 -38.10 2.04 -93.97
CA ALA CA 872 -37.09 2.13 -95.03
C ALA CA 872 -36.24 3.37 -94.77
N TYR CA 873 -34.95 3.24 -95.05
CA TYR CA 873 -33.99 4.32 -94.89
C TYR CA 873 -33.29 4.55 -96.20
N VAL CA 874 -33.29 5.80 -96.67
CA VAL CA 874 -32.67 6.16 -97.93
C VAL CA 874 -31.59 7.20 -97.63
N GLN CA 875 -30.36 6.88 -97.99
CA GLN CA 875 -29.24 7.80 -97.76
C GLN CA 875 -29.09 8.69 -98.98
N GLY CA 876 -29.15 10.00 -98.77
CA GLY CA 876 -29.04 10.94 -99.85
C GLY CA 876 -29.35 12.34 -99.39
N ASP CA 877 -29.29 13.26 -100.34
CA ASP CA 877 -29.55 14.68 -100.08
C ASP CA 877 -30.83 15.07 -100.81
N TYR CA 878 -31.88 15.36 -100.05
CA TYR CA 878 -33.12 15.81 -100.66
C TYR CA 878 -33.06 17.24 -101.14
N SER CA 879 -31.91 17.90 -101.08
CA SER CA 879 -31.77 19.18 -101.75
C SER CA 879 -31.64 19.00 -103.25
N THR CA 880 -31.08 17.88 -103.68
CA THR CA 880 -30.83 17.63 -105.09
C THR CA 880 -32.07 17.04 -105.78
N ALA CA 881 -32.20 17.34 -107.06
CA ALA CA 881 -33.28 16.75 -107.84
C ALA CA 881 -33.07 15.26 -108.04
N ALA CA 882 -31.82 14.82 -108.11
CA ALA CA 882 -31.53 13.40 -108.29
C ALA CA 882 -32.05 12.57 -107.13
N PHE CA 883 -32.30 13.20 -105.98
CA PHE CA 883 -32.82 12.47 -104.84
C PHE CA 883 -34.16 11.82 -105.15
N TRP CA 884 -34.98 12.48 -105.96
CA TRP CA 884 -36.31 11.96 -106.28
C TRP CA 884 -36.22 11.05 -107.50
N ASN CA 885 -36.02 9.77 -107.24
CA ASN CA 885 -36.10 8.75 -108.28
C ASN CA 885 -36.69 7.50 -107.63
N GLY CA 886 -37.92 7.18 -108.00
CA GLY CA 886 -38.63 6.09 -107.37
C GLY CA 886 -39.23 6.41 -106.02
N ILE CA 887 -39.18 7.68 -105.60
CA ILE CA 887 -39.70 8.07 -104.30
C ILE CA 887 -41.21 8.20 -104.39
N ARG CA 888 -41.92 7.35 -103.63
CA ARG CA 888 -43.37 7.35 -103.60
C ARG CA 888 -43.85 7.44 -102.17
N CYS CA 889 -44.87 8.28 -101.95
CA CYS CA 889 -45.50 8.43 -100.64
C CYS CA 889 -46.80 9.19 -100.83
N ASP CA 890 -47.56 9.28 -99.75
CA ASP CA 890 -48.79 10.07 -99.73
C ASP CA 890 -48.67 11.31 -98.86
N SER CA 891 -47.61 11.40 -98.06
CA SER CA 891 -47.43 12.53 -97.14
C SER CA 891 -45.95 12.62 -96.79
N ALA CA 892 -45.55 13.78 -96.31
CA ALA CA 892 -44.15 14.02 -96.00
C ALA CA 892 -44.04 15.03 -94.87
N THR CA 893 -42.83 15.18 -94.34
CA THR CA 893 -42.59 16.15 -93.30
C THR CA 893 -41.11 16.52 -93.26
N ALA CA 894 -40.83 17.67 -92.68
CA ALA CA 894 -39.46 18.14 -92.53
C ALA CA 894 -39.44 19.11 -91.35
N ILE CA 895 -38.80 18.71 -90.27
CA ILE CA 895 -38.82 19.46 -89.01
C ILE CA 895 -37.39 19.74 -88.59
N PHE CA 896 -37.10 21.01 -88.28
CA PHE CA 896 -35.77 21.45 -87.87
C PHE CA 896 -34.71 21.12 -88.91
N THR CA 897 -35.10 21.05 -90.17
CA THR CA 897 -34.18 20.71 -91.25
C THR CA 897 -34.19 21.72 -92.39
N LEU CA 898 -35.33 22.35 -92.67
CA LEU CA 898 -35.47 23.18 -93.86
C LEU CA 898 -34.48 24.34 -93.83
N GLY CA 899 -34.48 25.10 -92.74
CA GLY CA 899 -33.60 26.26 -92.67
C GLY CA 899 -32.14 25.88 -92.79
N ALA CA 900 -31.74 24.80 -92.12
CA ALA CA 900 -30.37 24.32 -92.25
C ALA CA 900 -30.05 23.92 -93.68
N ALA CA 901 -30.96 23.17 -94.31
CA ALA CA 901 -30.73 22.76 -95.69
C ALA CA 901 -30.65 23.97 -96.61
N ALA CA 902 -31.52 24.96 -96.40
CA ALA CA 902 -31.45 26.17 -97.20
C ALA CA 902 -30.13 26.89 -96.99
N ALA CA 903 -29.67 26.96 -95.75
CA ALA CA 903 -28.38 27.60 -95.47
C ALA CA 903 -27.25 26.87 -96.18
N ALA CA 904 -27.26 25.54 -96.13
CA ALA CA 904 -26.25 24.77 -96.84
C ALA CA 904 -26.33 25.01 -98.33
N ALA CA 905 -27.55 25.10 -98.87
CA ALA CA 905 -27.73 25.39 -100.28
C ALA CA 905 -27.40 26.82 -100.64
N GLY CA 906 -27.16 27.69 -99.65
CA GLY CA 906 -26.85 29.07 -99.93
C GLY CA 906 -27.96 29.82 -100.62
N THR CA 907 -29.19 29.67 -100.11
CA THR CA 907 -30.34 30.30 -100.73
C THR CA 907 -31.32 30.71 -99.65
N ASP CA 908 -32.28 31.55 -100.05
CA ASP CA 908 -33.37 31.94 -99.17
C ASP CA 908 -34.41 30.81 -99.07
N LEU CA 909 -35.31 30.96 -98.11
CA LEU CA 909 -36.36 29.97 -97.93
C LEU CA 909 -37.28 29.90 -99.15
N ILE CA 910 -37.70 31.07 -99.65
CA ILE CA 910 -38.72 31.11 -100.69
C ILE CA 910 -38.26 30.33 -101.92
N ALA CA 911 -37.03 30.61 -102.38
CA ALA CA 911 -36.50 29.87 -103.51
C ALA CA 911 -36.37 28.39 -103.18
N PHE CA 912 -35.93 28.09 -101.96
CA PHE CA 912 -35.68 26.69 -101.58
C PHE CA 912 -36.96 25.88 -101.64
N VAL CA 913 -38.04 26.38 -101.03
CA VAL CA 913 -39.28 25.62 -100.99
C VAL CA 913 -39.92 25.54 -102.38
N GLN CA 914 -39.73 26.58 -103.19
CA GLN CA 914 -40.40 26.62 -104.48
C GLN CA 914 -39.98 25.47 -105.39
N GLN CA 915 -38.73 25.04 -105.29
CA GLN CA 915 -38.26 23.91 -106.06
C GLN CA 915 -38.40 22.59 -105.33
N LEU CA 916 -38.86 22.62 -104.07
CA LEU CA 916 -38.97 21.41 -103.27
C LEU CA 916 -40.38 20.83 -103.31
N ILE CA 917 -41.37 21.64 -102.95
CA ILE CA 917 -42.76 21.21 -102.85
C ILE CA 917 -43.23 20.52 -104.12
N PRO CA 918 -42.93 21.05 -105.32
CA PRO CA 918 -43.37 20.32 -106.53
C PRO CA 918 -42.88 18.89 -106.59
N ARG CA 919 -41.65 18.64 -106.13
CA ARG CA 919 -41.14 17.28 -106.12
C ARG CA 919 -41.98 16.38 -105.21
N ILE CA 920 -42.35 16.89 -104.04
CA ILE CA 920 -43.21 16.13 -103.14
C ILE CA 920 -44.54 15.82 -103.80
N VAL CA 921 -45.12 16.82 -104.46
CA VAL CA 921 -46.34 16.59 -105.21
C VAL CA 921 -46.12 15.55 -106.28
N ALA CA 922 -44.98 15.66 -106.98
CA ALA CA 922 -44.65 14.67 -108.00
C ALA CA 922 -44.51 13.28 -107.39
N ALA CA 923 -44.07 13.19 -106.15
CA ALA CA 923 -43.93 11.90 -105.49
C ALA CA 923 -45.24 11.32 -105.04
N GLY CA 924 -46.37 11.92 -105.41
CA GLY CA 924 -47.66 11.45 -104.97
C GLY CA 924 -48.08 11.92 -103.61
N GLY CA 925 -47.27 12.73 -102.93
CA GLY CA 925 -47.64 13.23 -101.63
C GLY CA 925 -48.83 14.17 -101.71
N THR CA 926 -49.61 14.20 -100.63
CA THR CA 926 -50.82 15.02 -100.57
C THR CA 926 -50.75 16.09 -99.50
N ARG CA 927 -50.27 15.77 -98.31
CA ARG CA 927 -50.21 16.72 -97.23
C ARG CA 927 -48.85 16.64 -96.57
N MET CA 928 -48.42 17.76 -95.98
CA MET CA 928 -47.12 17.81 -95.34
C MET CA 928 -47.13 18.83 -94.21
N TRP CA 929 -46.28 18.59 -93.22
CA TRP CA 929 -46.03 19.51 -92.14
C TRP CA 929 -44.59 20.00 -92.26
N LEU CA 930 -44.41 21.31 -92.34
CA LEU CA 930 -43.11 21.90 -92.60
C LEU CA 930 -42.79 22.92 -91.52
N GLN CA 931 -41.59 22.84 -90.97
CA GLN CA 931 -41.16 23.72 -89.88
C GLN CA 931 -40.38 24.87 -90.49
N LEU CA 932 -41.10 25.89 -90.92
CA LEU CA 932 -40.48 27.11 -91.42
C LEU CA 932 -40.21 28.07 -90.25
N ASN CA 933 -39.08 28.75 -90.32
CA ASN CA 933 -38.74 29.76 -89.32
C ASN CA 933 -39.14 31.12 -89.86
N THR CA 934 -40.07 31.77 -89.17
CA THR CA 934 -40.60 33.06 -89.59
C THR CA 934 -41.35 33.71 -88.45
N PRO CA 935 -41.30 35.03 -88.32
CA PRO CA 935 -42.05 35.71 -87.26
C PRO CA 935 -43.52 35.84 -87.62
N LEU CA 936 -44.36 35.03 -86.98
CA LEU CA 936 -45.78 35.11 -87.24
C LEU CA 936 -46.41 36.29 -86.54
N TYR CA 937 -46.08 36.51 -85.28
CA TYR CA 937 -46.78 37.50 -84.48
C TYR CA 937 -46.12 38.87 -84.58
N GLU CA 938 -44.80 38.94 -84.40
CA GLU CA 938 -44.09 40.18 -84.63
C GLU CA 938 -42.61 39.87 -84.75
N VAL CA 939 -41.86 40.83 -85.29
CA VAL CA 939 -40.41 40.73 -85.37
C VAL CA 939 -39.83 41.22 -84.06
N SER CA 940 -39.25 40.30 -83.28
CA SER CA 940 -38.68 40.65 -81.99
C SER CA 940 -37.69 39.57 -81.60
N SER CA 941 -36.42 39.94 -81.44
CA SER CA 941 -35.39 38.96 -81.14
C SER CA 941 -35.44 38.53 -79.69
N LEU CA 942 -35.29 37.25 -79.45
CA LEU CA 942 -35.11 36.74 -78.09
C LEU CA 942 -33.67 36.96 -77.66
N PRO CA 943 -33.44 37.57 -76.50
CA PRO CA 943 -32.14 38.22 -76.23
C PRO CA 943 -30.93 37.37 -76.55
N ASP CA 944 -30.98 36.06 -76.33
CA ASP CA 944 -29.80 35.25 -76.64
C ASP CA 944 -30.15 34.05 -77.51
N LEU CA 945 -31.38 33.53 -77.37
CA LEU CA 945 -31.75 32.33 -78.11
C LEU CA 945 -31.74 32.59 -79.61
N ILE CA 946 -32.42 33.64 -80.05
CA ILE CA 946 -32.54 33.94 -81.48
C ILE CA 946 -32.33 35.42 -81.69
N ASP CA 947 -31.40 35.75 -82.58
CA ASP CA 947 -31.19 37.12 -83.02
C ASP CA 947 -31.64 37.24 -84.47
N ILE CA 948 -32.52 38.19 -84.74
CA ILE CA 948 -33.07 38.38 -86.07
C ILE CA 948 -32.19 39.37 -86.82
N ASP CA 949 -31.67 38.95 -87.97
CA ASP CA 949 -30.93 39.83 -88.83
C ASP CA 949 -31.86 40.46 -89.87
N LEU CA 950 -31.58 41.71 -90.20
CA LEU CA 950 -32.45 42.46 -91.09
C LEU CA 950 -31.78 42.86 -92.39
N ARG CA 951 -30.53 43.30 -92.34
CA ARG CA 951 -29.82 43.61 -93.58
C ARG CA 951 -29.71 42.39 -94.48
N ASP CA 952 -29.77 41.20 -93.90
CA ASP CA 952 -30.08 39.98 -94.62
C ASP CA 952 -31.03 39.15 -93.77
N ARG CA 953 -31.94 38.46 -94.42
CA ARG CA 953 -33.01 37.75 -93.71
C ARG CA 953 -32.45 36.47 -93.12
N VAL CA 954 -31.93 36.58 -91.90
CA VAL CA 954 -31.21 35.48 -91.27
C VAL CA 954 -31.49 35.47 -89.78
N TYR CA 955 -31.60 34.28 -89.20
CA TYR CA 955 -31.63 34.09 -87.76
C TYR CA 955 -30.24 33.75 -87.24
N ARG CA 956 -29.96 34.18 -86.01
CA ARG CA 956 -28.78 33.77 -85.28
C ARG CA 956 -29.21 32.97 -84.06
N PHE CA 957 -28.69 31.76 -83.92
CA PHE CA 957 -29.06 30.88 -82.82
C PHE CA 957 -27.96 30.81 -81.79
N ASN CA 958 -28.34 30.92 -80.52
CA ASN CA 958 -27.44 30.79 -79.39
C ASN CA 958 -26.25 31.74 -79.53
N GLY CA 959 -26.56 33.00 -79.80
CA GLY CA 959 -25.51 33.97 -80.03
C GLY CA 959 -24.65 33.66 -81.23
N GLY CA 960 -25.23 33.08 -82.27
CA GLY CA 960 -24.51 32.81 -83.49
C GLY CA 960 -23.89 31.45 -83.60
N GLU CA 961 -24.26 30.50 -82.74
CA GLU CA 961 -23.77 29.13 -82.90
C GLU CA 961 -24.23 28.56 -84.24
N ARG CA 962 -25.46 28.86 -84.63
CA ARG CA 962 -26.02 28.38 -85.89
C ARG CA 962 -26.71 29.55 -86.57
N VAL CA 963 -26.66 29.54 -87.90
CA VAL CA 963 -27.10 30.67 -88.70
C VAL CA 963 -27.94 30.15 -89.86
N GLU CA 964 -29.16 30.67 -90.00
CA GLU CA 964 -30.09 30.18 -91.01
C GLU CA 964 -30.88 31.35 -91.57
N PRO CA 965 -31.34 31.25 -92.82
CA PRO CA 965 -32.19 32.31 -93.38
C PRO CA 965 -33.62 32.20 -92.88
N TYR CA 966 -34.40 33.24 -93.16
CA TYR CA 966 -35.82 33.22 -92.85
C TYR CA 966 -36.56 34.06 -93.88
N ALA CA 967 -37.89 33.99 -93.83
CA ALA CA 967 -38.75 34.75 -94.73
C ALA CA 967 -39.90 35.34 -93.93
N ASP CA 968 -40.61 36.25 -94.56
CA ASP CA 968 -41.76 36.83 -93.87
C ASP CA 968 -43.03 36.06 -94.19
N PRO CA 969 -43.96 35.99 -93.23
CA PRO CA 969 -45.10 35.08 -93.40
C PRO CA 969 -45.99 35.42 -94.58
N VAL CA 970 -46.39 36.68 -94.71
CA VAL CA 970 -47.32 37.08 -95.77
C VAL CA 970 -46.73 36.81 -97.15
N PRO CA 971 -45.50 37.26 -97.45
CA PRO CA 971 -44.95 36.92 -98.78
C PRO CA 971 -44.84 35.42 -98.98
N LEU CA 972 -44.49 34.69 -97.93
CA LEU CA 972 -44.35 33.24 -98.05
C LEU CA 972 -45.68 32.59 -98.39
N GLN CA 973 -46.74 32.96 -97.66
CA GLN CA 973 -48.05 32.37 -97.92
C GLN CA 973 -48.51 32.66 -99.34
N GLN CA 974 -48.28 33.89 -99.81
CA GLN CA 974 -48.61 34.22 -101.19
C GLN CA 974 -47.81 33.37 -102.15
N ALA CA 975 -46.53 33.15 -101.86
CA ALA CA 975 -45.72 32.29 -102.71
C ALA CA 975 -46.26 30.86 -102.72
N ILE CA 976 -46.62 30.35 -101.54
CA ILE CA 976 -47.17 29.00 -101.46
C ILE CA 976 -48.47 28.91 -102.24
N ALA CA 977 -49.35 29.90 -102.05
CA ALA CA 977 -50.61 29.90 -102.78
C ALA CA 977 -50.38 29.89 -104.28
N ALA CA 978 -49.34 30.59 -104.74
CA ALA CA 978 -49.01 30.55 -106.16
C ALA CA 978 -48.66 29.15 -106.61
N LEU CA 979 -47.89 28.43 -105.81
CA LEU CA 979 -47.54 27.06 -106.17
C LEU CA 979 -48.77 26.16 -106.14
N LEU CA 980 -49.52 26.19 -105.06
CA LEU CA 980 -50.72 25.36 -104.93
C LEU CA 980 -51.92 26.26 -104.67
N PRO CA 981 -52.80 26.45 -105.65
CA PRO CA 981 -53.96 27.33 -105.42
C PRO CA 981 -55.12 26.66 -104.72
N ALA CA 982 -55.18 25.32 -104.72
CA ALA CA 982 -56.35 24.61 -104.23
C ALA CA 982 -56.08 23.85 -102.93
N ALA CA 983 -55.03 24.21 -102.20
CA ALA CA 983 -54.66 23.52 -100.99
C ALA CA 983 -54.89 24.40 -99.77
N ALA CA 984 -55.23 23.77 -98.66
CA ALA CA 984 -55.46 24.48 -97.41
C ALA CA 984 -54.17 24.66 -96.64
N LEU CA 985 -54.08 25.77 -95.92
CA LEU CA 985 -52.91 26.11 -95.14
C LEU CA 985 -53.31 26.38 -93.69
N SER CA 986 -52.42 26.04 -92.77
CA SER CA 986 -52.65 26.32 -91.36
C SER CA 986 -51.31 26.40 -90.65
N TRP CA 987 -51.34 27.04 -89.49
CA TRP CA 987 -50.15 27.25 -88.68
C TRP CA 987 -50.32 26.59 -87.31
N HIS CA 988 -49.21 26.19 -86.72
CA HIS CA 988 -49.23 25.55 -85.41
C HIS CA 988 -48.04 25.99 -84.60
N THR CA 989 -48.28 26.33 -83.33
CA THR CA 989 -47.24 26.73 -82.40
C THR CA 989 -47.51 26.06 -81.06
N LEU CA 990 -46.58 26.26 -80.12
CA LEU CA 990 -46.74 25.69 -78.79
C LEU CA 990 -47.98 26.26 -78.12
N SER CA 991 -48.78 25.38 -77.55
CA SER CA 991 -50.01 25.82 -76.92
C SER CA 991 -49.72 26.43 -75.55
N PRO CA 992 -50.40 27.52 -75.20
CA PRO CA 992 -50.32 28.02 -73.83
C PRO CA 992 -51.06 27.17 -72.83
N THR CA 993 -51.78 26.14 -73.29
CA THR CA 993 -52.44 25.19 -72.41
C THR CA 993 -51.52 24.09 -71.92
N CYS CA 994 -50.31 24.01 -72.45
CA CYS CA 994 -49.27 23.11 -71.95
C CYS CA 994 -49.64 21.64 -72.10
N ASP CA 995 -50.45 21.32 -73.12
CA ASP CA 995 -50.82 19.93 -73.35
C ASP CA 995 -49.64 19.05 -73.73
N TRP CA 996 -48.52 19.66 -74.11
CA TRP CA 996 -47.33 18.94 -74.53
C TRP CA 996 -46.44 18.53 -73.38
N LEU CA 997 -46.83 18.84 -72.15
CA LEU CA 997 -46.01 18.52 -70.98
C LEU CA 997 -45.60 17.06 -70.87
N PRO CA 998 -46.48 16.06 -71.12
CA PRO CA 998 -46.06 14.67 -70.91
C PRO CA 998 -44.81 14.30 -71.69
N TYR CA 999 -44.48 15.05 -72.73
CA TYR CA 999 -43.25 14.81 -73.47
C TYR CA 999 -42.05 15.45 -72.81
N ILE CA 1000 -42.24 16.17 -71.71
CA ILE CA 1000 -41.14 16.71 -70.92
C ILE CA 1000 -41.05 16.01 -69.57
N ILE CA 1001 -42.15 16.00 -68.82
CA ILE CA 1001 -42.16 15.33 -67.53
C ILE CA 1001 -42.19 13.82 -67.71
N GLY CA 1002 -43.08 13.34 -68.57
CA GLY CA 1002 -43.20 11.90 -68.77
C GLY CA 1002 -41.96 11.26 -69.34
N VAL CA 1003 -41.00 12.05 -69.80
CA VAL CA 1003 -39.71 11.54 -70.24
C VAL CA 1003 -38.64 11.72 -69.17
N GLY CA 1004 -39.02 12.23 -67.99
CA GLY CA 1004 -38.09 12.29 -66.89
C GLY CA 1004 -37.13 13.46 -66.90
N SER CA 1005 -37.50 14.56 -67.54
CA SER CA 1005 -36.63 15.72 -67.61
C SER CA 1005 -37.22 16.85 -66.76
N PRO CA 1006 -36.42 17.49 -65.92
CA PRO CA 1006 -36.93 18.55 -65.05
C PRO CA 1006 -37.18 19.84 -65.82
N LEU CA 1007 -37.81 20.79 -65.14
CA LEU CA 1007 -38.35 21.97 -65.80
C LEU CA 1007 -38.34 23.16 -64.85
N ASN CA 1008 -38.28 24.36 -65.42
CA ASN CA 1008 -38.53 25.60 -64.70
C ASN CA 1008 -39.71 26.31 -65.35
N LEU CA 1009 -40.69 26.67 -64.54
CA LEU CA 1009 -41.93 27.21 -65.08
C LEU CA 1009 -41.73 28.55 -65.76
N SER CA 1010 -40.82 29.38 -65.27
CA SER CA 1010 -40.68 30.73 -65.80
C SER CA 1010 -40.21 30.74 -67.25
N ASP CA 1011 -39.70 29.61 -67.75
CA ASP CA 1011 -39.21 29.58 -69.13
C ASP CA 1011 -40.33 29.42 -70.15
N ILE CA 1012 -41.53 29.06 -69.71
CA ILE CA 1012 -42.58 28.66 -70.64
C ILE CA 1012 -42.94 29.79 -71.58
N ASN CA 1013 -43.06 31.01 -71.05
CA ASN CA 1013 -43.40 32.15 -71.91
C ASN CA 1013 -42.38 32.32 -73.01
N THR CA 1014 -41.10 32.19 -72.68
CA THR CA 1014 -40.06 32.28 -73.71
C THR CA 1014 -40.21 31.18 -74.73
N ALA CA 1015 -40.49 29.96 -74.27
CA ALA CA 1015 -40.63 28.85 -75.20
C ALA CA 1015 -41.76 29.09 -76.19
N ILE CA 1016 -42.89 29.60 -75.71
CA ILE CA 1016 -43.98 29.95 -76.62
C ILE CA 1016 -43.51 30.99 -77.63
N SER CA 1017 -42.83 32.04 -77.14
CA SER CA 1017 -42.32 33.07 -78.04
C SER CA 1017 -41.35 32.47 -79.04
N TYR CA 1018 -40.49 31.57 -78.57
CA TYR CA 1018 -39.59 30.86 -79.46
C TYR CA 1018 -40.36 30.15 -80.56
N SER CA 1019 -41.43 29.45 -80.19
CA SER CA 1019 -42.25 28.77 -81.18
C SER CA 1019 -42.89 29.76 -82.13
N ARG CA 1020 -43.33 30.91 -81.60
CA ARG CA 1020 -43.92 31.93 -82.46
C ARG CA 1020 -42.97 32.35 -83.56
N LEU CA 1021 -41.66 32.27 -83.33
CA LEU CA 1021 -40.69 32.59 -84.35
C LEU CA 1021 -40.40 31.43 -85.29
N THR CA 1022 -40.76 30.21 -84.90
CA THR CA 1022 -40.46 29.02 -85.69
C THR CA 1022 -41.70 28.17 -85.81
N PRO CA 1023 -42.70 28.63 -86.55
CA PRO CA 1023 -43.97 27.90 -86.64
C PRO CA 1023 -43.82 26.66 -87.49
N ILE CA 1024 -44.86 25.83 -87.43
CA ILE CA 1024 -45.02 24.69 -88.32
C ILE CA 1024 -46.16 25.00 -89.28
N LEU CA 1025 -45.89 24.90 -90.57
CA LEU CA 1025 -46.90 25.14 -91.59
C LEU CA 1025 -47.47 23.79 -92.02
N HIS CA 1026 -48.78 23.66 -91.93
CA HIS CA 1026 -49.47 22.45 -92.35
C HIS CA 1026 -50.14 22.71 -93.68
N ILE CA 1027 -49.73 21.95 -94.70
CA ILE CA 1027 -50.27 22.07 -96.05
C ILE CA 1027 -51.08 20.82 -96.34
N ASP CA 1028 -52.28 21.01 -96.89
CA ASP CA 1028 -53.16 19.90 -97.21
C ASP CA 1028 -53.81 20.15 -98.55
N THR CA 1029 -53.59 19.26 -99.51
CA THR CA 1029 -54.10 19.45 -100.86
C THR CA 1029 -55.43 18.73 -101.09
N THR CA 1030 -55.86 17.87 -100.18
CA THR CA 1030 -57.08 17.10 -100.38
C THR CA 1030 -58.32 17.82 -99.84
N THR CA 1031 -58.27 19.14 -99.71
CA THR CA 1031 -59.43 19.87 -99.26
C THR CA 1031 -59.36 21.30 -99.76
N PRO CA 1032 -60.49 21.91 -100.14
CA PRO CA 1032 -60.45 23.27 -100.65
C PRO CA 1032 -60.07 24.25 -99.54
N PRO CA 1033 -59.48 25.38 -99.88
CA PRO CA 1033 -58.95 26.29 -98.87
C PRO CA 1033 -60.01 27.23 -98.32
N LEU CA 1034 -59.63 27.93 -97.25
CA LEU CA 1034 -60.46 28.91 -96.59
C LEU CA 1034 -60.41 30.25 -97.32
N ARG CA 1035 -61.38 31.10 -97.05
CA ARG CA 1035 -61.40 32.43 -97.66
C ARG CA 1035 -62.19 33.39 -96.79
N VAL CA 1036 -61.82 34.67 -96.87
CA VAL CA 1036 -62.44 35.74 -96.09
C VAL CA 1036 -62.45 37.00 -96.93
N ASN CA 1037 -63.50 37.82 -96.77
CA ASN CA 1037 -63.65 38.98 -97.65
C ASN CA 1037 -62.64 40.07 -97.32
N PRO CA 1038 -62.63 40.67 -96.12
CA PRO CA 1038 -61.64 41.71 -95.85
C PRO CA 1038 -60.28 41.13 -95.50
N VAL CA 1039 -59.49 40.82 -96.51
CA VAL CA 1039 -58.21 40.11 -96.36
C VAL CA 1039 -57.32 40.74 -95.28
N PRO CA 1040 -57.21 42.06 -95.18
CA PRO CA 1040 -56.45 42.64 -94.07
C PRO CA 1040 -57.00 42.27 -92.70
N THR CA 1041 -58.27 41.88 -92.61
CA THR CA 1041 -58.90 41.42 -91.37
C THR CA 1041 -58.65 42.38 -90.20
N PRO CA 1042 -59.20 43.59 -90.23
CA PRO CA 1042 -59.03 44.50 -89.11
C PRO CA 1042 -59.89 44.09 -87.92
N LEU CA 1043 -59.45 44.53 -86.74
CA LEU CA 1043 -60.11 44.14 -85.52
C LEU CA 1043 -61.47 44.83 -85.37
N ASN CA 1044 -62.34 44.19 -84.57
CA ASN CA 1044 -63.60 44.79 -84.13
C ASN CA 1044 -64.53 45.14 -85.29
N GLN CA 1045 -64.42 44.43 -86.40
CA GLN CA 1045 -65.19 44.75 -87.58
C GLN CA 1045 -65.79 43.50 -88.19
N GLN CA 1046 -66.97 43.66 -88.77
CA GLN CA 1046 -67.68 42.54 -89.38
C GLN CA 1046 -66.87 41.96 -90.54
N CYS CA 1047 -66.79 40.63 -90.58
CA CYS CA 1047 -66.09 39.93 -91.65
C CYS CA 1047 -66.84 38.66 -91.98
N ALA CA 1048 -66.92 38.36 -93.28
CA ALA CA 1048 -67.58 37.16 -93.76
C ALA CA 1048 -66.53 36.12 -94.13
N ILE CA 1049 -66.78 34.88 -93.72
CA ILE CA 1049 -65.86 33.77 -93.96
C ILE CA 1049 -66.62 32.63 -94.61
N ARG CA 1050 -66.07 32.09 -95.68
CA ARG CA 1050 -66.70 31.01 -96.45
C ARG CA 1050 -65.94 29.71 -96.22
N ILE CA 1051 -66.69 28.65 -95.91
CA ILE CA 1051 -66.14 27.31 -95.77
C ILE CA 1051 -66.99 26.41 -96.66
N THR CA 1052 -66.51 26.16 -97.88
CA THR CA 1052 -67.25 25.30 -98.79
C THR CA 1052 -67.30 23.89 -98.24
N SER CA 1053 -68.49 23.29 -98.30
CA SER CA 1053 -68.74 22.02 -97.64
C SER CA 1053 -70.02 21.42 -98.22
N LEU CA 1054 -70.19 20.12 -98.02
CA LEU CA 1054 -71.29 19.40 -98.63
C LEU CA 1054 -72.41 19.05 -97.66
N ASP CA 1055 -72.15 19.04 -96.36
CA ASP CA 1055 -73.14 18.58 -95.40
C ASP CA 1055 -73.59 19.71 -94.49
N PRO CA 1056 -74.84 20.15 -94.58
CA PRO CA 1056 -75.37 21.06 -93.55
C PRO CA 1056 -75.44 20.44 -92.18
N ALA CA 1057 -75.38 19.10 -92.10
CA ALA CA 1057 -75.44 18.42 -90.81
C ALA CA 1057 -74.13 18.48 -90.03
N ALA CA 1058 -73.07 18.99 -90.64
CA ALA CA 1058 -71.78 19.05 -89.96
C ALA CA 1058 -71.83 20.06 -88.82
N VAL CA 1059 -70.83 19.98 -87.95
CA VAL CA 1059 -70.71 20.88 -86.81
C VAL CA 1059 -69.35 21.57 -86.87
N LEU CA 1060 -69.31 22.80 -86.38
CA LEU CA 1060 -68.16 23.69 -86.55
C LEU CA 1060 -67.57 24.07 -85.20
N SER CA 1061 -66.27 24.36 -85.20
CA SER CA 1061 -65.60 24.90 -84.04
C SER CA 1061 -64.41 25.73 -84.48
N VAL CA 1062 -64.11 26.77 -83.72
CA VAL CA 1062 -62.97 27.65 -83.96
C VAL CA 1062 -62.18 27.77 -82.66
N GLN CA 1063 -60.86 27.73 -82.77
CA GLN CA 1063 -59.99 27.75 -81.60
C GLN CA 1063 -59.04 28.93 -81.66
N HIS CA 1064 -58.63 29.37 -80.48
CA HIS CA 1064 -57.70 30.47 -80.32
C HIS CA 1064 -56.94 30.27 -79.02
N ASN CA 1065 -55.61 30.43 -79.08
CA ASN CA 1065 -54.75 30.15 -77.94
C ASN CA 1065 -54.97 28.73 -77.43
N GLY CA 1066 -55.21 27.80 -78.35
CA GLY CA 1066 -55.34 26.41 -77.98
C GLY CA 1066 -56.63 26.06 -77.26
N VAL CA 1067 -57.68 26.86 -77.40
CA VAL CA 1067 -58.97 26.55 -76.80
C VAL CA 1067 -60.07 27.03 -77.74
N GLU CA 1068 -61.16 26.27 -77.78
CA GLU CA 1068 -62.28 26.63 -78.64
C GLU CA 1068 -62.87 27.96 -78.22
N VAL CA 1069 -63.22 28.78 -79.20
CA VAL CA 1069 -63.73 30.12 -78.93
C VAL CA 1069 -65.09 30.30 -79.61
N ILE CA 1070 -65.30 29.57 -80.69
CA ILE CA 1070 -66.58 29.57 -81.39
C ILE CA 1070 -66.91 28.12 -81.75
N GLY CA 1071 -68.17 27.75 -81.60
CA GLY CA 1071 -68.62 26.43 -81.99
C GLY CA 1071 -70.13 26.33 -82.04
N GLY CA 1072 -70.64 25.43 -82.85
CA GLY CA 1072 -72.07 25.22 -82.91
C GLY CA 1072 -72.51 24.80 -84.30
N THR CA 1073 -73.75 25.11 -84.61
CA THR CA 1073 -74.45 24.71 -85.82
C THR CA 1073 -75.02 25.94 -86.50
N PRO CA 1074 -75.38 25.83 -87.78
CA PRO CA 1074 -76.06 26.96 -88.42
C PRO CA 1074 -77.33 27.36 -87.70
N GLY CA 1075 -78.02 26.41 -87.07
CA GLY CA 1075 -79.20 26.76 -86.30
C GLY CA 1075 -78.85 27.63 -85.09
N ASN CA 1076 -77.81 27.24 -84.36
CA ASN CA 1076 -77.41 28.00 -83.18
C ASN CA 1076 -75.92 27.85 -82.98
N VAL CA 1077 -75.28 28.93 -82.54
CA VAL CA 1077 -73.84 28.97 -82.35
C VAL CA 1077 -73.53 29.80 -81.12
N ILE CA 1078 -72.44 29.46 -80.44
CA ILE CA 1078 -71.99 30.17 -79.26
C ILE CA 1078 -70.57 30.66 -79.49
N SER CA 1079 -70.29 31.89 -79.05
CA SER CA 1079 -68.99 32.50 -79.24
C SER CA 1079 -68.59 33.28 -78.00
N VAL CA 1080 -67.29 33.41 -77.79
CA VAL CA 1080 -66.75 34.24 -76.73
C VAL CA 1080 -65.72 35.19 -77.32
N ALA CA 1081 -65.89 35.55 -78.59
CA ALA CA 1081 -64.99 36.48 -79.25
C ALA CA 1081 -65.72 37.54 -80.05
N GLY CA 1082 -67.02 37.71 -79.83
CA GLY CA 1082 -67.81 38.67 -80.58
C GLY CA 1082 -68.99 38.02 -81.27
N ALA CA 1083 -69.79 38.88 -81.90
CA ALA CA 1083 -70.99 38.42 -82.58
C ALA CA 1083 -70.63 37.44 -83.69
N ALA CA 1084 -71.35 36.33 -83.75
CA ALA CA 1084 -71.11 35.30 -84.74
C ALA CA 1084 -72.44 34.78 -85.26
N ALA CA 1085 -72.57 34.73 -86.59
CA ALA CA 1085 -73.76 34.20 -87.23
C ALA CA 1085 -73.34 33.10 -88.19
N LEU CA 1086 -73.92 31.91 -88.03
CA LEU CA 1086 -73.59 30.75 -88.83
C LEU CA 1086 -74.76 30.38 -89.71
N GLN CA 1087 -74.50 30.23 -91.00
CA GLN CA 1087 -75.52 29.85 -91.96
C GLN CA 1087 -74.90 28.95 -93.01
N TYR CA 1088 -75.70 28.03 -93.54
CA TYR CA 1088 -75.29 27.15 -94.61
C TYR CA 1088 -76.02 27.56 -95.88
N ILE CA 1089 -75.26 27.89 -96.92
CA ILE CA 1089 -75.83 28.24 -98.22
C ILE CA 1089 -75.68 27.00 -99.10
N LEU CA 1090 -76.78 26.26 -99.25
CA LEU CA 1090 -76.75 25.04 -100.03
C LEU CA 1090 -76.45 25.32 -101.50
N ALA CA 1091 -76.99 26.41 -102.03
CA ALA CA 1091 -76.76 26.75 -103.43
C ALA CA 1091 -75.28 26.87 -103.75
N ASN CA 1092 -74.48 27.32 -102.79
CA ASN CA 1092 -73.04 27.39 -102.96
C ASN CA 1092 -72.31 26.26 -102.26
N GLN CA 1093 -73.03 25.41 -101.54
CA GLN CA 1093 -72.41 24.35 -100.75
C GLN CA 1093 -71.33 24.91 -99.84
N GLU CA 1094 -71.73 25.90 -99.04
CA GLU CA 1094 -70.82 26.57 -98.13
C GLU CA 1094 -71.49 26.80 -96.79
N PHE CA 1095 -70.67 26.83 -95.75
CA PHE CA 1095 -71.06 27.45 -94.49
C PHE CA 1095 -70.62 28.89 -94.52
N LEU CA 1096 -71.54 29.80 -94.21
CA LEU CA 1096 -71.23 31.22 -94.12
C LEU CA 1096 -71.13 31.61 -92.65
N LEU CA 1097 -70.01 32.21 -92.28
CA LEU CA 1097 -69.81 32.72 -90.94
C LEU CA 1097 -69.58 34.22 -91.01
N GLN CA 1098 -70.43 34.97 -90.33
CA GLN CA 1098 -70.29 36.41 -90.19
C GLN CA 1098 -69.85 36.70 -88.76
N PHE CA 1099 -68.77 37.47 -88.62
CA PHE CA 1099 -68.06 37.51 -87.35
C PHE CA 1099 -67.49 38.90 -87.12
N THR CA 1100 -67.47 39.30 -85.85
CA THR CA 1100 -66.91 40.59 -85.42
C THR CA 1100 -65.90 40.29 -84.33
N PRO CA 1101 -64.66 39.96 -84.69
CA PRO CA 1101 -63.67 39.57 -83.69
C PRO CA 1101 -63.44 40.68 -82.67
N THR CA 1102 -63.29 40.29 -81.41
CA THR CA 1102 -63.03 41.22 -80.32
C THR CA 1102 -61.61 41.11 -79.78
N LEU CA 1103 -60.76 40.32 -80.42
CA LEU CA 1103 -59.39 40.17 -79.98
C LEU CA 1103 -58.56 39.66 -81.15
N PRO CA 1104 -57.28 40.02 -81.22
CA PRO CA 1104 -56.47 39.64 -82.39
C PRO CA 1104 -55.84 38.27 -82.25
N GLY CA 1105 -55.02 37.90 -83.21
CA GLY CA 1105 -54.25 36.68 -83.15
C GLY CA 1105 -54.70 35.66 -84.17
N ILE CA 1106 -54.15 34.45 -84.02
CA ILE CA 1106 -54.44 33.36 -84.92
C ILE CA 1106 -55.74 32.68 -84.51
N PHE CA 1107 -56.57 32.36 -85.50
CA PHE CA 1107 -57.76 31.55 -85.30
C PHE CA 1107 -57.77 30.45 -86.33
N ASP CA 1108 -57.97 29.21 -85.87
CA ASP CA 1108 -58.08 28.06 -86.76
C ASP CA 1108 -59.44 27.42 -86.58
N VAL CA 1109 -59.94 26.83 -87.65
CA VAL CA 1109 -61.33 26.40 -87.74
C VAL CA 1109 -61.39 24.94 -88.16
N PHE CA 1110 -62.41 24.24 -87.67
CA PHE CA 1110 -62.57 22.82 -87.92
C PHE CA 1110 -64.01 22.52 -88.27
N LEU CA 1111 -64.21 21.42 -89.01
CA LEU CA 1111 -65.54 20.90 -89.29
C LEU CA 1111 -65.57 19.43 -88.86
N THR CA 1112 -66.76 18.99 -88.44
CA THR CA 1112 -66.91 17.64 -87.96
C THR CA 1112 -68.31 17.14 -88.27
N THR CA 1113 -68.43 15.84 -88.48
CA THR CA 1113 -69.71 15.17 -88.57
C THR CA 1113 -69.71 13.97 -87.63
N LEU CA 1114 -70.90 13.45 -87.37
CA LEU CA 1114 -71.11 12.57 -86.23
C LEU CA 1114 -70.23 11.32 -86.28
N GLY CA 1115 -69.94 10.81 -87.47
CA GLY CA 1115 -69.20 9.58 -87.57
C GLY CA 1115 -67.73 9.74 -87.91
N GLN CA 1116 -67.18 10.91 -87.68
CA GLN CA 1116 -65.83 11.22 -88.13
C GLN CA 1116 -65.09 12.04 -87.08
N PRO CA 1117 -63.76 12.01 -87.12
CA PRO CA 1117 -62.97 12.95 -86.31
C PRO CA 1117 -63.10 14.36 -86.86
N PRO CA 1118 -62.75 15.38 -86.07
CA PRO CA 1118 -62.77 16.74 -86.60
C PRO CA 1118 -61.74 16.92 -87.71
N VAL CA 1119 -62.10 17.76 -88.68
CA VAL CA 1119 -61.27 17.99 -89.86
C VAL CA 1119 -60.81 19.44 -89.85
N PRO CA 1120 -59.50 19.70 -89.84
CA PRO CA 1120 -59.04 21.08 -89.96
C PRO CA 1120 -59.37 21.65 -91.33
N ARG CA 1121 -59.71 22.93 -91.35
CA ARG CA 1121 -60.10 23.61 -92.58
C ARG CA 1121 -59.40 24.95 -92.70
N GLY CA 1122 -58.14 25.01 -92.30
CA GLY CA 1122 -57.37 26.22 -92.44
C GLY CA 1122 -57.46 27.11 -91.21
N SER CA 1123 -56.87 28.30 -91.36
CA SER CA 1123 -56.79 29.25 -90.26
C SER CA 1123 -56.71 30.65 -90.83
N PHE CA 1124 -57.03 31.63 -89.98
CA PHE CA 1124 -56.99 33.03 -90.38
C PHE CA 1124 -56.45 33.87 -89.23
N THR CA 1125 -55.99 35.07 -89.57
CA THR CA 1125 -55.40 36.00 -88.62
C THR CA 1125 -56.25 37.26 -88.51
N ILE CA 1126 -56.34 37.80 -87.31
CA ILE CA 1126 -57.00 39.06 -87.05
C ILE CA 1126 -55.96 40.09 -86.64
N THR CA 1127 -55.97 41.24 -87.29
CA THR CA 1127 -54.94 42.24 -87.09
C THR CA 1127 -55.39 43.32 -86.12
N PRO CA 1128 -54.46 43.87 -85.35
CA PRO CA 1128 -54.81 44.94 -84.40
C PRO CA 1128 -55.03 46.25 -85.15
N PRO CA 1129 -55.68 47.21 -84.51
CA PRO CA 1129 -55.87 48.53 -85.14
C PRO CA 1129 -54.54 49.25 -85.30
N PRO CA 1130 -54.46 50.22 -86.21
CA PRO CA 1130 -53.19 50.89 -86.46
C PRO CA 1130 -52.73 51.73 -85.28
N THR CA 1131 -51.42 51.94 -85.22
CA THR CA 1131 -50.76 52.65 -84.13
C THR CA 1131 -50.52 54.12 -84.44
N THR CA 1132 -51.10 54.64 -85.52
CA THR CA 1132 -50.76 55.97 -86.02
C THR CA 1132 -51.56 57.04 -85.28
N VAL CA 1133 -50.95 57.60 -84.26
CA VAL CA 1133 -51.47 58.82 -83.62
C VAL CA 1133 -50.77 60.01 -84.26
N VAL CA 1134 -51.51 61.09 -84.47
CA VAL CA 1134 -50.98 62.29 -85.12
C VAL CA 1134 -51.42 63.51 -84.33
N LEU CA 1135 -50.52 64.48 -84.21
CA LEU CA 1135 -50.77 65.72 -83.50
C LEU CA 1135 -50.71 66.90 -84.48
N ASN CA 1136 -51.50 67.92 -84.20
CA ASN CA 1136 -51.62 69.09 -85.07
C ASN CA 1136 -51.38 70.35 -84.25
N MET CA 1137 -50.50 71.22 -84.73
CA MET CA 1137 -49.86 72.24 -83.93
C MET CA 1137 -50.23 73.65 -84.35
N PRO CA 1138 -50.09 74.62 -83.46
CA PRO CA 1138 -50.35 76.02 -83.81
C PRO CA 1138 -49.11 76.67 -84.42
N PRO CA 1139 -49.26 77.82 -85.06
CA PRO CA 1139 -48.09 78.55 -85.59
C PRO CA 1139 -47.25 79.13 -84.46
N PRO CA 1140 -46.03 79.58 -84.76
CA PRO CA 1140 -45.20 80.17 -83.69
C PRO CA 1140 -45.85 81.38 -83.03
N GLY CA 1141 -46.65 82.15 -83.76
CA GLY CA 1141 -47.39 83.22 -83.13
C GLY CA 1141 -48.34 82.73 -82.05
N GLN CA 1142 -48.81 81.49 -82.18
CA GLN CA 1142 -49.68 80.88 -81.18
C GLN CA 1142 -48.92 79.92 -80.27
N LEU CA 1143 -47.60 79.90 -80.33
CA LEU CA 1143 -46.79 79.25 -79.30
C LEU CA 1143 -46.93 80.09 -78.03
N ASP CA 1144 -47.73 79.60 -77.08
CA ASP CA 1144 -48.14 80.38 -75.93
C ASP CA 1144 -47.14 80.20 -74.80
N PHE CA 1145 -46.11 81.05 -74.80
CA PHE CA 1145 -45.19 81.12 -73.67
C PHE CA 1145 -45.81 81.82 -72.47
N THR CA 1146 -46.98 82.43 -72.66
CA THR CA 1146 -47.71 83.03 -71.56
C THR CA 1146 -48.18 81.95 -70.58
N ASP CA 1147 -48.81 82.40 -69.49
CA ASP CA 1147 -49.29 81.47 -68.48
C ASP CA 1147 -50.33 80.52 -69.06
N VAL CA 1148 -51.23 81.04 -69.88
CA VAL CA 1148 -52.21 80.20 -70.56
C VAL CA 1148 -51.55 79.59 -71.79
N GLY CA 1149 -51.00 78.39 -71.63
CA GLY CA 1149 -50.34 77.70 -72.72
C GLY CA 1149 -51.32 77.36 -73.82
N ASN CA 1150 -50.80 76.92 -74.97
CA ASN CA 1150 -51.68 76.74 -76.11
C ASN CA 1150 -52.21 75.31 -76.19
N ASP CA 1151 -52.86 75.00 -77.31
CA ASP CA 1151 -53.65 73.79 -77.48
C ASP CA 1151 -53.35 73.20 -78.86
N ALA CA 1152 -53.35 71.87 -78.93
CA ALA CA 1152 -53.05 71.17 -80.17
C ALA CA 1152 -54.05 70.04 -80.36
N ARG CA 1153 -54.47 69.83 -81.59
CA ARG CA 1153 -55.50 68.84 -81.90
C ARG CA 1153 -54.86 67.48 -82.15
N ILE CA 1154 -55.44 66.45 -81.53
CA ILE CA 1154 -54.97 65.08 -81.68
C ILE CA 1154 -55.88 64.35 -82.65
N THR CA 1155 -55.28 63.61 -83.58
CA THR CA 1155 -56.01 62.78 -84.53
C THR CA 1155 -55.60 61.34 -84.30
N CYS CA 1156 -56.52 60.53 -83.79
CA CYS CA 1156 -56.21 59.17 -83.41
C CYS CA 1156 -57.50 58.37 -83.32
N ASP CA 1157 -57.34 57.04 -83.28
CA ASP CA 1157 -58.49 56.18 -83.06
C ASP CA 1157 -58.99 56.31 -81.62
N PRO CA 1158 -60.29 56.13 -81.39
CA PRO CA 1158 -60.79 56.11 -80.02
C PRO CA 1158 -60.37 54.87 -79.24
N TYR CA 1159 -59.86 53.85 -79.92
CA TYR CA 1159 -59.46 52.62 -79.25
C TYR CA 1159 -58.31 52.84 -78.29
N TYR CA 1160 -57.45 53.83 -78.55
CA TYR CA 1160 -56.33 54.14 -77.69
C TYR CA 1160 -56.65 55.40 -76.88
N GLN CA 1161 -56.92 55.22 -75.60
CA GLN CA 1161 -56.98 56.36 -74.68
C GLN CA 1161 -55.56 56.83 -74.39
N LEU CA 1162 -55.40 58.15 -74.27
CA LEU CA 1162 -54.06 58.74 -74.22
C LEU CA 1162 -53.89 59.66 -73.03
N ALA CA 1163 -52.64 59.81 -72.60
CA ALA CA 1163 -52.25 60.75 -71.57
C ALA CA 1163 -50.78 61.10 -71.77
N VAL CA 1164 -50.38 62.24 -71.21
CA VAL CA 1164 -49.02 62.74 -71.38
C VAL CA 1164 -48.14 62.21 -70.26
N CYS CA 1165 -47.00 61.63 -70.64
CA CYS CA 1165 -46.15 60.92 -69.69
C CYS CA 1165 -44.68 61.18 -70.01
N ILE CA 1166 -43.82 60.83 -69.06
CA ILE CA 1166 -42.38 61.03 -69.17
C ILE CA 1166 -41.68 59.69 -68.99
N PHE CA 1167 -40.82 59.34 -69.95
CA PHE CA 1167 -40.05 58.09 -69.91
C PHE CA 1167 -38.88 58.25 -68.95
N LYS CA 1168 -39.22 58.28 -67.66
CA LYS CA 1168 -38.24 58.69 -66.65
C LYS CA 1168 -37.15 57.65 -66.45
N ASP CA 1169 -37.54 56.38 -66.29
CA ASP CA 1169 -36.60 55.37 -65.81
C ASP CA 1169 -36.75 54.06 -66.56
N GLY CA 1170 -37.12 54.12 -67.84
CA GLY CA 1170 -37.56 52.95 -68.54
C GLY CA 1170 -39.05 52.70 -68.46
N GLN CA 1171 -39.77 53.52 -67.68
CA GLN CA 1171 -41.22 53.47 -67.63
C GLN CA 1171 -41.77 54.89 -67.68
N TYR CA 1172 -42.88 55.06 -68.39
CA TYR CA 1172 -43.52 56.36 -68.50
C TYR CA 1172 -44.27 56.68 -67.21
N VAL CA 1173 -44.11 57.91 -66.73
CA VAL CA 1173 -44.83 58.40 -65.56
C VAL CA 1173 -45.69 59.58 -66.00
N ARG CA 1174 -46.95 59.57 -65.59
CA ARG CA 1174 -47.91 60.58 -66.05
C ARG CA 1174 -47.53 61.96 -65.52
N VAL CA 1175 -47.55 62.94 -66.40
CA VAL CA 1175 -47.21 64.31 -66.03
C VAL CA 1175 -48.42 64.97 -65.37
N ASN CA 1176 -48.15 65.95 -64.52
CA ASN CA 1176 -49.24 66.72 -63.94
C ASN CA 1176 -49.95 67.50 -65.04
N PRO CA 1177 -51.26 67.73 -64.89
CA PRO CA 1177 -52.03 68.32 -65.99
C PRO CA 1177 -51.66 69.75 -66.32
N GLU CA 1178 -51.13 70.50 -65.36
CA GLU CA 1178 -50.95 71.94 -65.54
C GLU CA 1178 -49.78 72.30 -66.42
N LYS CA 1179 -49.07 71.31 -66.98
CA LYS CA 1179 -48.10 71.57 -68.02
C LYS CA 1179 -48.51 71.00 -69.37
N ALA CA 1180 -49.26 69.89 -69.37
CA ALA CA 1180 -49.79 69.32 -70.59
C ALA CA 1180 -50.97 68.43 -70.23
N SER CA 1181 -51.92 68.33 -71.15
CA SER CA 1181 -53.11 67.52 -70.90
C SER CA 1181 -53.77 67.16 -72.22
N VAL CA 1182 -54.17 65.89 -72.35
CA VAL CA 1182 -55.05 65.50 -73.45
C VAL CA 1182 -56.44 66.02 -73.17
N VAL CA 1183 -57.03 66.72 -74.14
CA VAL CA 1183 -58.30 67.42 -73.95
C VAL CA 1183 -59.42 66.57 -74.51
N THR CA 1184 -60.48 66.39 -73.71
CA THR CA 1184 -61.63 65.59 -74.12
C THR CA 1184 -62.66 66.46 -74.84
N ASN CA 1185 -62.22 67.03 -75.96
CA ASN CA 1185 -63.14 67.78 -76.80
C ASN CA 1185 -64.16 66.84 -77.43
N ALA CA 1186 -65.37 67.35 -77.66
CA ALA CA 1186 -66.48 66.50 -78.08
C ALA CA 1186 -66.21 65.75 -79.39
N PRO CA 1187 -65.76 66.38 -80.47
CA PRO CA 1187 -65.54 65.60 -81.69
C PRO CA 1187 -64.31 64.72 -81.64
N ASN CA 1188 -63.26 65.15 -80.95
CA ASN CA 1188 -62.00 64.42 -80.95
C ASN CA 1188 -61.18 64.85 -79.75
N ARG CA 1189 -60.11 64.11 -79.48
CA ARG CA 1189 -59.18 64.49 -78.43
C ARG CA 1189 -58.26 65.59 -78.92
N ASP CA 1190 -57.96 66.54 -78.05
CA ASP CA 1190 -56.99 67.59 -78.31
C ASP CA 1190 -55.92 67.56 -77.22
N LEU CA 1191 -55.00 68.51 -77.29
CA LEU CA 1191 -53.84 68.49 -76.40
C LEU CA 1191 -53.48 69.92 -76.02
N HIS CA 1192 -53.79 70.30 -74.78
CA HIS CA 1192 -53.34 71.57 -74.23
C HIS CA 1192 -52.02 71.38 -73.52
N PHE CA 1193 -51.16 72.40 -73.62
CA PHE CA 1193 -49.85 72.33 -73.00
C PHE CA 1193 -49.30 73.75 -72.86
N VAL CA 1194 -48.31 73.88 -71.97
CA VAL CA 1194 -47.69 75.17 -71.67
C VAL CA 1194 -46.19 75.02 -71.86
N LEU CA 1195 -45.54 76.13 -72.18
CA LEU CA 1195 -44.13 76.14 -72.56
C LEU CA 1195 -43.26 76.56 -71.38
N ASP CA 1196 -42.14 75.86 -71.21
CA ASP CA 1196 -41.21 76.14 -70.12
C ASP CA 1196 -39.79 75.92 -70.63
N LEU CA 1197 -38.84 76.66 -70.06
CA LEU CA 1197 -37.46 76.64 -70.55
C LEU CA 1197 -36.76 75.32 -70.33
N ALA CA 1198 -37.40 74.34 -69.71
CA ALA CA 1198 -36.82 73.01 -69.58
C ALA CA 1198 -37.18 72.08 -70.73
N ASP CA 1199 -38.10 72.49 -71.59
CA ASP CA 1199 -38.74 71.55 -72.50
C ASP CA 1199 -37.78 70.98 -73.53
N ASN CA 1200 -36.84 71.80 -74.03
CA ASN CA 1200 -35.96 71.33 -75.08
C ASN CA 1200 -35.02 70.23 -74.62
N HIS CA 1201 -34.76 70.13 -73.32
CA HIS CA 1201 -33.81 69.17 -72.79
C HIS CA 1201 -34.48 67.89 -72.30
N VAL CA 1202 -35.78 67.73 -72.48
CA VAL CA 1202 -36.51 66.60 -71.95
C VAL CA 1202 -37.38 65.99 -73.04
N LEU CA 1203 -37.81 64.76 -72.80
CA LEU CA 1203 -38.68 64.04 -73.72
C LEU CA 1203 -39.95 63.61 -73.01
N LEU CA 1204 -41.08 63.80 -73.70
CA LEU CA 1204 -42.39 63.43 -73.18
C LEU CA 1204 -43.16 62.73 -74.29
N TYR CA 1205 -44.10 61.88 -73.89
CA TYR CA 1205 -44.74 60.97 -74.82
C TYR CA 1205 -46.25 60.94 -74.61
N LEU CA 1206 -46.99 60.85 -75.71
CA LEU CA 1206 -48.39 60.45 -75.65
C LEU CA 1206 -48.44 58.93 -75.49
N CYS CA 1207 -49.02 58.47 -74.38
CA CYS CA 1207 -48.93 57.08 -73.99
C CYS CA 1207 -50.31 56.43 -73.99
N ASP CA 1208 -50.34 55.17 -74.42
CA ASP CA 1208 -51.57 54.39 -74.35
C ASP CA 1208 -51.99 54.20 -72.91
N VAL CA 1209 -53.29 54.26 -72.66
CA VAL CA 1209 -53.85 54.18 -71.32
C VAL CA 1209 -54.61 52.86 -71.18
N THR CA 1210 -54.12 51.99 -70.31
CA THR CA 1210 -54.82 50.79 -69.89
C THR CA 1210 -54.66 50.65 -68.38
N PRO CA 1211 -55.65 50.07 -67.69
CA PRO CA 1211 -55.48 49.82 -66.25
C PRO CA 1211 -54.32 48.89 -65.95
N SER CA 1212 -53.95 48.02 -66.90
CA SER CA 1212 -52.82 47.13 -66.70
C SER CA 1212 -51.50 47.87 -66.76
N GLY CA 1213 -51.38 48.87 -67.63
CA GLY CA 1213 -50.13 49.59 -67.77
C GLY CA 1213 -50.31 50.85 -68.59
N LEU CA 1214 -49.31 51.72 -68.49
CA LEU CA 1214 -49.34 53.04 -69.11
C LEU CA 1214 -48.34 53.07 -70.25
N GLY CA 1215 -48.80 53.42 -71.45
CA GLY CA 1215 -47.93 53.46 -72.60
C GLY CA 1215 -47.51 52.10 -73.12
N ASP CA 1216 -48.24 51.05 -72.78
CA ASP CA 1216 -47.85 49.71 -73.18
C ASP CA 1216 -47.92 49.54 -74.69
N ARG CA 1217 -49.12 49.70 -75.25
CA ARG CA 1217 -49.31 49.38 -76.67
C ARG CA 1217 -48.66 50.41 -77.57
N ILE CA 1218 -48.83 51.70 -77.27
CA ILE CA 1218 -48.20 52.76 -78.05
C ILE CA 1218 -47.63 53.81 -77.11
N ALA CA 1219 -46.56 54.46 -77.56
CA ALA CA 1219 -45.95 55.56 -76.81
C ALA CA 1219 -45.29 56.47 -77.84
N PHE CA 1220 -45.90 57.63 -78.08
CA PHE CA 1220 -45.53 58.49 -79.19
C PHE CA 1220 -44.77 59.72 -78.70
N PRO CA 1221 -43.54 59.92 -79.14
CA PRO CA 1221 -42.78 61.09 -78.68
C PRO CA 1221 -43.39 62.39 -79.22
N ILE CA 1222 -43.57 63.35 -78.33
CA ILE CA 1222 -44.11 64.67 -78.71
C ILE CA 1222 -42.90 65.52 -79.09
N VAL CA 1223 -42.45 65.35 -80.33
CA VAL CA 1223 -41.11 65.79 -80.71
C VAL CA 1223 -41.01 67.31 -80.76
N ASP CA 1224 -42.08 67.99 -81.16
CA ASP CA 1224 -42.02 69.43 -81.37
C ASP CA 1224 -41.52 70.15 -80.12
N ILE CA 1225 -42.09 69.80 -78.97
CA ILE CA 1225 -41.72 70.44 -77.72
C ILE CA 1225 -40.25 70.21 -77.39
N TYR CA 1226 -39.68 69.09 -77.86
CA TYR CA 1226 -38.26 68.85 -77.63
C TYR CA 1226 -37.39 69.88 -78.32
N ARG CA 1227 -37.92 70.57 -79.32
CA ARG CA 1227 -37.13 71.43 -80.21
C ARG CA 1227 -37.85 72.72 -80.53
N ILE CA 1228 -38.40 73.38 -79.51
CA ILE CA 1228 -39.06 74.66 -79.68
C ILE CA 1228 -38.27 75.73 -78.93
N ALA CA 1229 -37.91 76.80 -79.64
CA ALA CA 1229 -37.15 77.90 -79.07
C ALA CA 1229 -38.06 78.91 -78.40
N PHE CA 1230 -37.47 79.75 -77.57
CA PHE CA 1230 -38.20 80.71 -76.77
C PHE CA 1230 -37.82 82.13 -77.16
N PRO CA 1231 -38.79 83.03 -77.36
CA PRO CA 1231 -38.48 84.39 -77.81
C PRO CA 1231 -37.84 85.20 -76.69
N ARG CA 1232 -36.66 85.75 -76.97
CA ARG CA 1232 -35.93 86.51 -75.97
C ARG CA 1232 -36.68 87.77 -75.55
N ASN CA 1233 -37.53 88.30 -76.43
CA ASN CA 1233 -38.19 89.58 -76.22
C ASN CA 1233 -39.46 89.48 -75.40
N THR CA 1234 -39.71 88.38 -74.70
CA THR CA 1234 -40.97 88.16 -74.02
C THR CA 1234 -40.71 87.62 -72.61
N PRO CA 1235 -41.67 87.77 -71.70
CA PRO CA 1235 -41.59 87.05 -70.43
C PRO CA 1235 -41.69 85.55 -70.66
N VAL CA 1236 -40.85 84.81 -69.94
CA VAL CA 1236 -40.73 83.37 -70.13
C VAL CA 1236 -40.87 82.67 -68.78
N ARG CA 1237 -40.78 81.34 -68.81
CA ARG CA 1237 -41.12 80.51 -67.66
C ARG CA 1237 -40.04 79.46 -67.45
N ALA CA 1238 -39.80 79.12 -66.19
CA ALA CA 1238 -38.77 78.13 -65.85
C ALA CA 1238 -39.16 77.40 -64.57
N SER CA 1239 -38.76 76.13 -64.49
CA SER CA 1239 -38.99 75.31 -63.30
C SER CA 1239 -38.08 74.09 -63.38
N LEU CA 1240 -38.10 73.30 -62.31
CA LEU CA 1240 -37.29 72.10 -62.25
C LEU CA 1240 -37.87 71.01 -63.15
N PRO CA 1241 -37.02 70.19 -63.77
CA PRO CA 1241 -37.52 69.22 -64.76
C PRO CA 1241 -37.97 67.88 -64.20
N TYR CA 1242 -37.51 67.51 -63.01
CA TYR CA 1242 -37.84 66.20 -62.46
C TYR CA 1242 -38.40 66.36 -61.04
N THR CA 1243 -38.86 65.24 -60.49
CA THR CA 1243 -39.35 65.22 -59.11
C THR CA 1243 -38.27 65.65 -58.13
N GLY CA 1244 -37.03 65.26 -58.40
CA GLY CA 1244 -35.90 65.74 -57.63
C GLY CA 1244 -34.87 66.37 -58.54
N GLY CA 1245 -35.36 67.01 -59.60
CA GLY CA 1245 -34.52 67.52 -60.66
C GLY CA 1245 -33.89 68.88 -60.37
N GLY CA 1246 -32.83 68.89 -59.56
CA GLY CA 1246 -32.12 70.13 -59.30
C GLY CA 1246 -31.61 70.75 -60.59
N ALA CA 1247 -31.74 72.07 -60.69
CA ALA CA 1247 -31.36 72.78 -61.90
C ALA CA 1247 -30.86 74.18 -61.56
N HIS CA 1248 -30.10 74.75 -62.48
CA HIS CA 1248 -29.54 76.08 -62.35
C HIS CA 1248 -29.56 76.75 -63.71
N LEU CA 1249 -29.66 78.08 -63.72
CA LEU CA 1249 -29.85 78.84 -64.95
C LEU CA 1249 -28.65 79.76 -65.21
N THR CA 1250 -28.34 79.92 -66.49
CA THR CA 1250 -27.24 80.76 -66.94
C THR CA 1250 -27.76 81.68 -68.03
N SER CA 1251 -27.95 82.95 -67.68
CA SER CA 1251 -28.54 83.93 -68.59
C SER CA 1251 -27.48 84.40 -69.59
N GLY CA 1252 -27.56 83.90 -70.81
CA GLY CA 1252 -26.66 84.39 -71.86
C GLY CA 1252 -25.20 84.22 -71.52
N GLY CA 1253 -24.83 83.10 -70.92
CA GLY CA 1253 -23.47 82.86 -70.47
C GLY CA 1253 -23.17 83.38 -69.09
N ASN CA 1254 -24.00 84.26 -68.56
CA ASN CA 1254 -23.85 84.77 -67.20
C ASN CA 1254 -24.66 83.91 -66.24
N PRO CA 1255 -24.04 83.38 -65.18
CA PRO CA 1255 -24.81 82.59 -64.22
C PRO CA 1255 -25.97 83.39 -63.67
N PHE CA 1256 -27.14 82.75 -63.59
CA PHE CA 1256 -28.37 83.47 -63.27
C PHE CA 1256 -28.95 83.06 -61.93
N MET CA 1257 -29.31 81.78 -61.74
CA MET CA 1257 -29.99 81.35 -60.54
C MET CA 1257 -29.85 79.85 -60.37
N SER CA 1258 -29.70 79.42 -59.12
CA SER CA 1258 -29.94 78.03 -58.76
C SER CA 1258 -31.45 77.88 -58.60
N LEU CA 1259 -32.11 77.35 -59.62
CA LEU CA 1259 -33.57 77.29 -59.61
C LEU CA 1259 -34.10 76.47 -58.46
N THR CA 1260 -33.28 75.57 -57.90
CA THR CA 1260 -33.66 74.86 -56.69
C THR CA 1260 -33.72 75.79 -55.49
N THR CA 1261 -32.68 76.61 -55.32
CA THR CA 1261 -32.57 77.54 -54.20
C THR CA 1261 -32.20 78.91 -54.73
N PRO CA 1262 -33.15 79.59 -55.36
CA PRO CA 1262 -32.86 80.89 -55.96
C PRO CA 1262 -32.52 81.91 -54.88
N PRO CA 1263 -31.88 83.02 -55.25
CA PRO CA 1263 -31.50 84.02 -54.25
C PRO CA 1263 -32.71 84.48 -53.44
N ALA CA 1264 -32.51 84.58 -52.11
CA ALA CA 1264 -33.62 84.96 -51.23
C ALA CA 1264 -34.24 86.27 -51.67
N VAL CA 1265 -33.41 87.25 -52.02
CA VAL CA 1265 -33.85 88.40 -52.79
C VAL CA 1265 -33.56 88.07 -54.25
N LEU CA 1266 -34.63 87.82 -55.01
CA LEU CA 1266 -34.49 87.31 -56.36
C LEU CA 1266 -33.82 88.35 -57.25
N PRO CA 1267 -33.19 87.91 -58.34
CA PRO CA 1267 -32.70 88.87 -59.33
C PRO CA 1267 -33.83 89.72 -59.87
N ALA CA 1268 -33.50 90.96 -60.20
CA ALA CA 1268 -34.53 91.93 -60.57
C ALA CA 1268 -35.35 91.45 -61.75
N GLY CA 1269 -36.67 91.61 -61.65
CA GLY CA 1269 -37.58 91.32 -62.71
C GLY CA 1269 -38.19 89.92 -62.69
N VAL CA 1270 -37.52 88.96 -62.08
CA VAL CA 1270 -38.05 87.61 -62.01
C VAL CA 1270 -39.03 87.52 -60.85
N ALA CA 1271 -39.99 86.61 -60.96
CA ALA CA 1271 -41.01 86.47 -59.94
C ALA CA 1271 -41.49 85.03 -59.91
N LEU CA 1272 -42.11 84.65 -58.80
CA LEU CA 1272 -42.68 83.31 -58.66
C LEU CA 1272 -44.02 83.28 -59.38
N ALA CA 1273 -44.16 82.35 -60.33
CA ALA CA 1273 -45.38 82.26 -61.11
C ALA CA 1273 -46.52 81.70 -60.27
N ALA CA 1274 -47.75 81.95 -60.73
CA ALA CA 1274 -48.94 81.50 -60.01
C ALA CA 1274 -49.20 80.03 -60.23
N LEU CA 1275 -49.45 79.64 -61.48
CA LEU CA 1275 -49.71 78.24 -61.80
C LEU CA 1275 -48.42 77.42 -61.68
N SER CA 1276 -48.55 76.19 -61.18
CA SER CA 1276 -47.40 75.33 -60.98
C SER CA 1276 -46.64 75.10 -62.27
N THR CA 1277 -47.27 74.42 -63.23
CA THR CA 1277 -46.75 74.20 -64.58
C THR CA 1277 -45.40 73.50 -64.60
N SER CA 1278 -44.94 72.99 -63.47
CA SER CA 1278 -43.69 72.24 -63.48
C SER CA 1278 -43.94 70.82 -63.93
N VAL CA 1279 -42.92 69.96 -63.84
CA VAL CA 1279 -43.13 68.56 -64.15
C VAL CA 1279 -44.11 67.94 -63.16
N ALA CA 1280 -43.95 68.26 -61.89
CA ALA CA 1280 -44.87 67.83 -60.84
C ALA CA 1280 -45.35 69.06 -60.09
N THR CA 1281 -46.61 69.05 -59.69
CA THR CA 1281 -47.27 70.25 -59.18
C THR CA 1281 -46.56 70.83 -57.96
N GLN CA 1282 -45.80 70.01 -57.22
CA GLN CA 1282 -45.12 70.50 -56.03
C GLN CA 1282 -44.13 71.60 -56.37
N TYR CA 1283 -43.41 71.46 -57.47
CA TYR CA 1283 -42.52 72.55 -57.85
C TYR CA 1283 -43.31 73.71 -58.46
N PRO CA 1284 -42.97 74.95 -58.12
CA PRO CA 1284 -43.54 76.10 -58.82
C PRO CA 1284 -42.69 76.49 -60.02
N THR CA 1285 -43.27 77.34 -60.85
CA THR CA 1285 -42.53 77.95 -61.95
C THR CA 1285 -42.09 79.35 -61.55
N TYR CA 1286 -41.00 79.79 -62.17
CA TYR CA 1286 -40.47 81.13 -61.99
C TYR CA 1286 -40.50 81.82 -63.34
N THR CA 1287 -41.10 83.01 -63.40
CA THR CA 1287 -41.23 83.74 -64.64
C THR CA 1287 -40.07 84.72 -64.78
N LEU CA 1288 -39.45 84.73 -65.95
CA LEU CA 1288 -38.34 85.62 -66.23
C LEU CA 1288 -38.76 86.70 -67.20
N PRO CA 1289 -38.40 87.96 -66.95
CA PRO CA 1289 -38.94 89.05 -67.78
C PRO CA 1289 -38.56 88.97 -69.24
N ALA CA 1290 -37.35 88.53 -69.55
CA ALA CA 1290 -36.85 88.47 -70.93
C ALA CA 1290 -35.55 87.68 -70.90
N GLY CA 1291 -34.84 87.66 -72.03
CA GLY CA 1291 -33.52 87.09 -72.08
C GLY CA 1291 -33.47 85.65 -72.56
N VAL CA 1292 -32.25 85.15 -72.63
CA VAL CA 1292 -31.98 83.77 -73.05
C VAL CA 1292 -31.12 83.11 -71.97
N TYR CA 1293 -31.46 81.87 -71.65
CA TYR CA 1293 -30.89 81.20 -70.49
C TYR CA 1293 -30.51 79.77 -70.84
N GLU CA 1294 -29.60 79.21 -70.03
CA GLU CA 1294 -29.21 77.82 -70.14
C GLU CA 1294 -29.88 77.00 -69.04
N TYR CA 1295 -29.78 75.68 -69.17
CA TYR CA 1295 -30.30 74.73 -68.20
C TYR CA 1295 -29.21 73.75 -67.84
N VAL CA 1296 -28.59 73.93 -66.68
CA VAL CA 1296 -27.73 72.91 -66.09
C VAL CA 1296 -28.53 72.20 -65.02
N ILE CA 1297 -28.61 70.88 -65.13
CA ILE CA 1297 -29.52 70.08 -64.33
C ILE CA 1297 -28.73 69.10 -63.47
N ALA DA 1 74.77 12.57 -13.29
CA ALA DA 1 75.84 11.90 -14.02
C ALA DA 1 76.39 12.80 -15.11
N GLN DA 2 76.74 12.20 -16.25
CA GLN DA 2 77.34 12.94 -17.37
C GLN DA 2 76.98 12.20 -18.64
N ARG DA 3 76.05 12.75 -19.42
CA ARG DA 3 75.43 12.02 -20.51
C ARG DA 3 76.15 12.18 -21.84
N GLN DA 4 77.38 12.68 -21.86
CA GLN DA 4 78.03 12.94 -23.13
C GLN DA 4 79.54 12.92 -22.95
N PHE DA 5 80.23 12.50 -24.01
CA PHE DA 5 81.69 12.57 -24.03
C PHE DA 5 82.16 12.78 -25.45
N PHE DA 6 83.41 13.20 -25.58
CA PHE DA 6 84.06 13.39 -26.86
C PHE DA 6 85.40 12.68 -26.84
N GLY DA 7 85.86 12.23 -28.00
CA GLY DA 7 87.07 11.45 -28.06
C GLY DA 7 87.81 11.61 -29.37
N LEU DA 8 89.03 11.08 -29.38
CA LEU DA 8 89.90 11.13 -30.56
C LEU DA 8 90.71 9.84 -30.62
N THR DA 9 90.73 9.22 -31.80
CA THR DA 9 91.47 7.98 -31.95
C THR DA 9 92.95 8.25 -32.13
N TYR DA 10 93.73 7.17 -32.16
CA TYR DA 10 95.18 7.28 -32.18
C TYR DA 10 95.66 7.78 -33.55
N ASN DA 11 96.95 8.07 -33.60
CA ASN DA 11 97.62 8.46 -34.84
C ASN DA 11 98.53 7.33 -35.31
N PHE DA 12 98.49 7.05 -36.61
CA PHE DA 12 99.44 6.13 -37.19
C PHE DA 12 100.75 6.87 -37.44
N TYR DA 13 101.84 6.33 -36.91
CA TYR DA 13 103.15 6.94 -37.12
C TYR DA 13 103.67 6.56 -38.50
N GLY DA 14 103.03 7.14 -39.51
CA GLY DA 14 103.36 6.85 -40.89
C GLY DA 14 102.93 5.49 -41.38
N GLN DA 15 102.55 4.58 -40.50
CA GLN DA 15 102.10 3.27 -40.91
C GLN DA 15 100.70 3.35 -41.50
N PRO DA 16 100.33 2.37 -42.34
CA PRO DA 16 99.02 2.43 -43.01
C PRO DA 16 97.86 1.84 -42.25
N ALA DA 17 98.09 1.11 -41.17
CA ALA DA 17 97.02 0.39 -40.49
C ALA DA 17 97.25 0.46 -39.00
N PRO DA 18 96.21 0.28 -38.19
CA PRO DA 18 96.39 0.26 -36.73
C PRO DA 18 97.36 -0.83 -36.31
N LEU DA 19 98.11 -0.55 -35.25
CA LEU DA 19 99.30 -1.33 -34.91
C LEU DA 19 98.99 -2.30 -33.77
N PHE DA 20 98.51 -3.48 -34.15
CA PHE DA 20 98.37 -4.60 -33.22
C PHE DA 20 98.05 -5.83 -34.04
N ASP DA 21 98.55 -6.98 -33.59
CA ASP DA 21 98.29 -8.23 -34.27
C ASP DA 21 97.13 -8.95 -33.60
N LEU DA 22 96.78 -10.11 -34.15
CA LEU DA 22 95.68 -10.89 -33.60
C LEU DA 22 95.98 -11.32 -32.17
N ASN DA 23 97.21 -11.75 -31.91
CA ASN DA 23 97.55 -12.27 -30.59
C ASN DA 23 97.38 -11.18 -29.53
N ASP DA 24 97.71 -9.94 -29.86
CA ASP DA 24 97.49 -8.85 -28.93
C ASP DA 24 96.02 -8.78 -28.53
N LEU DA 25 95.12 -8.75 -29.52
CA LEU DA 25 93.70 -8.74 -29.21
C LEU DA 25 93.31 -9.99 -28.45
N GLN DA 26 93.78 -11.14 -28.92
CA GLN DA 26 93.38 -12.40 -28.31
C GLN DA 26 93.81 -12.47 -26.85
N GLU DA 27 95.00 -11.96 -26.56
CA GLU DA 27 95.48 -11.99 -25.18
C GLU DA 27 94.86 -10.89 -24.35
N LEU DA 28 94.88 -9.66 -24.84
CA LEU DA 28 94.53 -8.51 -24.04
C LEU DA 28 93.03 -8.27 -23.95
N ALA DA 29 92.23 -8.82 -24.88
CA ALA DA 29 90.80 -8.59 -24.82
C ALA DA 29 89.99 -9.82 -25.21
N GLY DA 30 90.56 -11.02 -25.10
CA GLY DA 30 89.92 -12.23 -25.58
C GLY DA 30 88.98 -12.85 -24.58
N CYS DA 31 88.74 -14.15 -24.76
CA CYS DA 31 87.92 -14.97 -23.88
C CYS DA 31 86.46 -14.56 -23.86
N TYR DA 32 86.02 -13.76 -24.83
CA TYR DA 32 84.65 -13.24 -24.86
C TYR DA 32 84.31 -12.46 -23.59
N ALA DA 33 85.31 -11.86 -22.96
CA ALA DA 33 85.10 -11.13 -21.73
C ALA DA 33 84.96 -9.64 -21.99
N ARG DA 34 84.45 -8.93 -20.99
CA ARG DA 34 84.34 -7.49 -21.10
C ARG DA 34 85.72 -6.85 -20.97
N PRO DA 35 86.17 -6.07 -21.94
CA PRO DA 35 87.48 -5.42 -21.84
C PRO DA 35 87.47 -4.06 -21.16
N TRP DA 36 86.37 -3.65 -20.57
CA TRP DA 36 86.15 -2.25 -20.24
C TRP DA 36 86.70 -1.83 -18.89
N THR DA 37 87.32 -2.74 -18.14
CA THR DA 37 87.97 -2.33 -16.89
C THR DA 37 89.27 -3.09 -16.68
N SER DA 38 89.94 -3.47 -17.75
CA SER DA 38 91.09 -4.36 -17.65
C SER DA 38 92.40 -3.62 -17.44
N ARG DA 39 92.40 -2.29 -17.44
CA ARG DA 39 93.65 -1.55 -17.51
C ARG DA 39 94.56 -1.85 -16.32
N PHE DA 40 94.00 -2.08 -15.14
CA PHE DA 40 94.81 -2.39 -13.98
C PHE DA 40 94.95 -3.87 -13.71
N SER DA 41 94.27 -4.72 -14.49
CA SER DA 41 94.36 -6.15 -14.24
C SER DA 41 95.73 -6.72 -14.53
N HIS DA 42 96.62 -5.95 -15.15
CA HIS DA 42 97.97 -6.38 -15.45
C HIS DA 42 98.98 -5.37 -14.91
N LEU DA 43 98.74 -4.87 -13.70
CA LEU DA 43 99.66 -3.98 -13.03
C LEU DA 43 99.78 -4.43 -11.58
N ALA DA 44 100.86 -4.02 -10.94
CA ALA DA 44 101.12 -4.42 -9.56
C ALA DA 44 101.87 -3.30 -8.85
N ILE DA 45 102.41 -3.62 -7.68
CA ILE DA 45 103.00 -2.58 -6.83
C ILE DA 45 104.29 -2.04 -7.44
N SER DA 46 105.08 -2.89 -8.10
CA SER DA 46 106.37 -2.42 -8.59
C SER DA 46 106.77 -3.24 -9.80
N THR DA 47 107.76 -2.69 -10.54
CA THR DA 47 108.25 -3.37 -11.74
C THR DA 47 108.89 -4.70 -11.41
N GLY DA 48 109.44 -4.84 -10.20
CA GLY DA 48 110.13 -6.06 -9.85
C GLY DA 48 109.26 -7.30 -9.93
N SER DA 49 107.95 -7.12 -9.80
CA SER DA 49 107.02 -8.25 -9.80
C SER DA 49 106.32 -8.43 -11.15
N LEU DA 50 106.73 -7.71 -12.18
CA LEU DA 50 105.96 -7.73 -13.41
C LEU DA 50 106.83 -8.16 -14.58
N PRO DA 51 106.23 -8.80 -15.59
CA PRO DA 51 107.03 -9.27 -16.73
C PRO DA 51 107.23 -8.19 -17.78
N VAL DA 52 107.65 -6.99 -17.36
CA VAL DA 52 107.80 -5.88 -18.28
C VAL DA 52 109.21 -5.78 -18.85
N TRP DA 53 110.10 -6.69 -18.51
CA TRP DA 53 111.50 -6.52 -18.85
C TRP DA 53 111.91 -7.22 -20.13
N SER DA 54 111.04 -7.99 -20.76
CA SER DA 54 111.44 -8.75 -21.94
C SER DA 54 110.21 -9.18 -22.72
N ALA DA 55 110.47 -9.80 -23.87
CA ALA DA 55 109.43 -10.38 -24.72
C ALA DA 55 108.40 -9.35 -25.14
N ARG DA 56 107.23 -9.83 -25.56
CA ARG DA 56 106.16 -8.91 -25.92
C ARG DA 56 105.74 -8.10 -24.70
N TYR DA 57 105.20 -6.91 -24.95
CA TYR DA 57 104.88 -5.94 -23.91
C TYR DA 57 106.05 -5.69 -22.96
N PRO DA 58 107.23 -5.33 -23.49
CA PRO DA 58 108.41 -5.13 -22.64
C PRO DA 58 108.53 -3.71 -22.10
N SER DA 59 107.44 -3.20 -21.55
CA SER DA 59 107.46 -1.89 -20.91
C SER DA 59 106.24 -1.75 -20.02
N VAL DA 60 106.33 -0.82 -19.08
CA VAL DA 60 105.23 -0.61 -18.15
C VAL DA 60 103.99 -0.15 -18.90
N ALA DA 61 104.16 0.78 -19.83
CA ALA DA 61 103.03 1.35 -20.54
C ALA DA 61 102.60 0.52 -21.74
N SER DA 62 103.37 -0.50 -22.11
CA SER DA 62 103.16 -1.19 -23.37
C SER DA 62 101.72 -1.69 -23.52
N ARG DA 63 101.23 -2.37 -22.48
CA ARG DA 63 99.91 -2.98 -22.58
C ARG DA 63 98.83 -1.93 -22.81
N ASN DA 64 98.84 -0.87 -22.00
CA ASN DA 64 97.81 0.15 -22.14
C ASN DA 64 97.90 0.83 -23.49
N ILE DA 65 99.12 1.04 -24.00
CA ILE DA 65 99.27 1.63 -25.32
C ILE DA 65 98.57 0.76 -26.37
N ILE DA 66 98.84 -0.54 -26.34
CA ILE DA 66 98.25 -1.43 -27.32
C ILE DA 66 96.74 -1.43 -27.19
N VAL DA 67 96.23 -1.41 -25.96
CA VAL DA 67 94.79 -1.35 -25.75
C VAL DA 67 94.22 -0.13 -26.46
N ASN DA 68 94.88 1.02 -26.30
CA ASN DA 68 94.39 2.23 -26.94
C ASN DA 68 94.36 2.08 -28.45
N THR DA 69 95.43 1.52 -29.03
CA THR DA 69 95.43 1.28 -30.46
C THR DA 69 94.33 0.32 -30.86
N LEU DA 70 94.09 -0.70 -30.03
CA LEU DA 70 93.06 -1.67 -30.34
C LEU DA 70 91.69 -1.01 -30.44
N LEU DA 71 91.37 -0.16 -29.47
CA LEU DA 71 90.06 0.49 -29.48
C LEU DA 71 89.89 1.36 -30.71
N GLY DA 72 90.98 1.93 -31.23
CA GLY DA 72 90.87 2.81 -32.38
C GLY DA 72 90.26 2.15 -33.59
N ALA DA 73 90.29 0.82 -33.64
CA ALA DA 73 89.74 0.09 -34.78
C ALA DA 73 88.30 -0.34 -34.59
N HIS DA 74 87.68 -0.01 -33.45
CA HIS DA 74 86.34 -0.50 -33.18
C HIS DA 74 85.40 0.54 -32.60
N LEU DA 75 85.83 1.78 -32.44
CA LEU DA 75 84.97 2.82 -31.91
C LEU DA 75 84.19 3.54 -32.99
N ASN DA 76 84.00 2.90 -34.14
CA ASN DA 76 83.28 3.53 -35.24
C ASN DA 76 81.89 4.05 -34.88
N PRO DA 77 81.08 3.36 -34.07
CA PRO DA 77 79.74 3.90 -33.76
C PRO DA 77 79.75 5.33 -33.26
N PHE DA 78 80.74 5.71 -32.47
CA PHE DA 78 80.82 7.09 -32.02
C PHE DA 78 81.42 8.01 -33.07
N ALA DA 79 81.69 7.49 -34.25
CA ALA DA 79 82.15 8.29 -35.38
C ALA DA 79 81.18 8.26 -36.55
N GLY DA 80 80.59 7.11 -36.84
CA GLY DA 80 79.70 6.99 -37.98
C GLY DA 80 78.34 6.42 -37.60
N GLY DA 81 78.15 6.15 -36.32
CA GLY DA 81 76.86 5.67 -35.86
C GLY DA 81 76.56 4.23 -36.17
N GLN DA 82 77.54 3.45 -36.63
CA GLN DA 82 77.30 2.07 -36.98
C GLN DA 82 78.41 1.18 -36.46
N VAL DA 83 78.04 -0.01 -36.02
CA VAL DA 83 79.02 -1.03 -35.68
C VAL DA 83 79.61 -1.60 -36.96
N THR DA 84 80.91 -1.85 -36.94
CA THR DA 84 81.61 -2.37 -38.11
C THR DA 84 82.49 -3.53 -37.70
N SER DA 85 83.18 -4.10 -38.68
CA SER DA 85 84.09 -5.21 -38.46
C SER DA 85 85.46 -4.84 -38.98
N HIS DA 86 86.49 -5.42 -38.36
CA HIS DA 86 87.87 -5.19 -38.79
C HIS DA 86 88.62 -6.50 -38.68
N GLN DA 87 89.12 -6.99 -39.81
CA GLN DA 87 89.85 -8.24 -39.87
C GLN DA 87 89.05 -9.37 -39.23
N GLY DA 88 87.75 -9.39 -39.50
CA GLY DA 88 86.91 -10.50 -39.11
C GLY DA 88 86.44 -10.52 -37.68
N ILE DA 89 86.56 -9.42 -36.95
CA ILE DA 89 86.17 -9.35 -35.56
C ILE DA 89 85.32 -8.12 -35.34
N THR DA 90 84.29 -8.26 -34.50
CA THR DA 90 83.37 -7.16 -34.24
C THR DA 90 82.72 -7.36 -32.88
N TRP DA 91 81.93 -6.36 -32.48
CA TRP DA 91 81.17 -6.44 -31.25
C TRP DA 91 80.05 -7.45 -31.37
N ARG DA 92 79.70 -8.07 -30.25
CA ARG DA 92 78.66 -9.09 -30.25
C ARG DA 92 77.25 -8.53 -30.27
N ASP DA 93 77.07 -7.28 -29.85
CA ASP DA 93 75.73 -6.75 -29.60
C ASP DA 93 75.79 -5.23 -29.70
N PRO DA 94 74.65 -4.57 -29.89
CA PRO DA 94 74.65 -3.10 -29.92
C PRO DA 94 75.14 -2.48 -28.64
N VAL DA 95 75.11 -3.22 -27.52
CA VAL DA 95 75.63 -2.70 -26.26
C VAL DA 95 77.15 -2.68 -26.22
N LEU DA 96 77.82 -3.29 -27.20
CA LEU DA 96 79.27 -3.34 -27.25
C LEU DA 96 79.83 -4.03 -26.00
N SER DA 97 79.21 -5.14 -25.62
CA SER DA 97 79.63 -5.83 -24.41
C SER DA 97 80.99 -6.49 -24.57
N SER DA 98 81.23 -7.10 -25.73
CA SER DA 98 82.45 -7.86 -25.92
C SER DA 98 82.67 -8.07 -27.42
N LEU DA 99 83.84 -8.59 -27.75
CA LEU DA 99 84.23 -8.84 -29.13
C LEU DA 99 84.11 -10.32 -29.46
N ALA DA 100 83.98 -10.61 -30.75
CA ALA DA 100 83.86 -11.97 -31.24
C ALA DA 100 84.07 -11.95 -32.75
N PRO DA 101 84.40 -13.10 -33.35
CA PRO DA 101 84.48 -13.17 -34.80
C PRO DA 101 83.13 -12.94 -35.44
N VAL DA 102 83.15 -12.41 -36.66
CA VAL DA 102 81.94 -12.02 -37.36
C VAL DA 102 81.09 -13.24 -37.67
N PRO DA 103 79.77 -13.13 -37.63
CA PRO DA 103 78.92 -14.24 -38.05
C PRO DA 103 78.99 -14.42 -39.57
N ALA DA 104 78.65 -15.63 -40.01
CA ALA DA 104 78.75 -15.96 -41.41
C ALA DA 104 77.52 -15.60 -42.23
N ILE DA 105 76.40 -15.27 -41.58
CA ILE DA 105 75.15 -15.08 -42.31
C ILE DA 105 74.93 -13.61 -42.66
N GLN DA 106 75.06 -12.71 -41.69
CA GLN DA 106 74.84 -11.29 -41.91
C GLN DA 106 76.00 -10.50 -41.31
N PRO DA 107 77.15 -10.49 -41.96
CA PRO DA 107 78.28 -9.75 -41.43
C PRO DA 107 78.01 -8.25 -41.46
N PRO DA 108 78.50 -7.51 -40.48
CA PRO DA 108 78.40 -6.06 -40.52
C PRO DA 108 79.36 -5.49 -41.56
N PRO DA 109 79.18 -4.24 -41.95
CA PRO DA 109 80.09 -3.64 -42.94
C PRO DA 109 81.51 -3.57 -42.40
N VAL DA 110 82.46 -3.67 -43.33
CA VAL DA 110 83.88 -3.64 -42.97
C VAL DA 110 84.29 -2.19 -42.71
N TRP DA 111 85.05 -1.99 -41.64
CA TRP DA 111 85.49 -0.66 -41.28
C TRP DA 111 86.52 -0.13 -42.26
N ALA DA 112 86.33 1.10 -42.70
CA ALA DA 112 87.35 1.78 -43.51
C ALA DA 112 88.36 2.42 -42.58
N VAL DA 113 89.64 2.07 -42.76
CA VAL DA 113 90.65 2.47 -41.79
C VAL DA 113 90.91 3.96 -41.88
N ALA DA 114 91.17 4.57 -40.73
CA ALA DA 114 91.52 5.98 -40.64
C ALA DA 114 92.19 6.22 -39.30
N GLU DA 115 92.74 7.41 -39.13
CA GLU DA 115 93.45 7.75 -37.90
C GLU DA 115 92.98 9.10 -37.39
N ASN DA 116 93.16 9.31 -36.10
CA ASN DA 116 92.81 10.57 -35.44
C ASN DA 116 91.37 10.94 -35.71
N VAL DA 117 90.48 9.97 -35.53
CA VAL DA 117 89.07 10.17 -35.80
C VAL DA 117 88.39 10.84 -34.60
N PRO DA 118 87.78 12.00 -34.77
CA PRO DA 118 87.01 12.59 -33.67
C PRO DA 118 85.78 11.77 -33.37
N LEU DA 119 85.39 11.77 -32.09
CA LEU DA 119 84.31 10.91 -31.62
C LEU DA 119 83.32 11.71 -30.80
N ASP DA 120 82.03 11.46 -31.05
CA ASP DA 120 80.94 12.08 -30.31
C ASP DA 120 80.02 11.00 -29.77
N SER DA 121 79.58 11.18 -28.52
CA SER DA 121 78.60 10.27 -27.97
C SER DA 121 77.28 10.37 -28.69
N ASN DA 122 76.90 11.59 -29.11
CA ASN DA 122 75.60 11.80 -29.71
C ASN DA 122 75.43 11.07 -31.03
N ASN DA 123 76.52 10.62 -31.64
CA ASN DA 123 76.41 9.89 -32.90
C ASN DA 123 75.81 8.52 -32.74
N TYR DA 124 75.67 8.02 -31.51
CA TYR DA 124 75.21 6.66 -31.25
C TYR DA 124 74.15 6.71 -30.16
N PRO DA 125 72.90 6.96 -30.53
CA PRO DA 125 71.87 7.24 -29.52
C PRO DA 125 71.68 6.13 -28.52
N THR DA 126 71.87 4.88 -28.92
CA THR DA 126 71.61 3.77 -28.02
C THR DA 126 72.48 3.84 -26.78
N TYR DA 127 73.63 4.50 -26.87
CA TYR DA 127 74.51 4.62 -25.72
C TYR DA 127 73.81 5.34 -24.57
N VAL DA 128 73.27 6.53 -24.84
CA VAL DA 128 72.60 7.27 -23.79
C VAL DA 128 71.39 6.51 -23.29
N LEU DA 129 70.63 5.91 -24.21
CA LEU DA 129 69.47 5.12 -23.81
C LEU DA 129 69.85 3.94 -22.93
N ASN DA 130 71.10 3.50 -23.00
CA ASN DA 130 71.58 2.43 -22.14
C ASN DA 130 72.75 2.89 -21.30
N LEU DA 131 72.73 4.16 -20.89
CA LEU DA 131 73.84 4.74 -20.16
C LEU DA 131 74.15 3.95 -18.90
N SER DA 132 73.12 3.42 -18.25
CA SER DA 132 73.33 2.74 -16.98
C SER DA 132 74.24 1.54 -17.11
N SER DA 133 74.25 0.90 -18.27
CA SER DA 133 75.08 -0.29 -18.48
C SER DA 133 76.32 -0.02 -19.32
N MET DA 134 76.27 0.97 -20.20
CA MET DA 134 77.40 1.28 -21.06
C MET DA 134 78.32 2.31 -20.46
N TRP DA 135 78.08 2.69 -19.20
CA TRP DA 135 78.91 3.71 -18.56
C TRP DA 135 80.41 3.44 -18.61
N PRO DA 136 80.91 2.21 -18.42
CA PRO DA 136 82.36 2.02 -18.43
C PRO DA 136 83.04 2.46 -19.71
N ILE DA 137 82.33 2.49 -20.83
CA ILE DA 137 82.93 2.95 -22.07
C ILE DA 137 83.43 4.37 -21.90
N ASN DA 138 82.67 5.20 -21.18
CA ASN DA 138 83.01 6.60 -21.03
C ASN DA 138 84.43 6.77 -20.50
N GLN DA 139 84.77 6.03 -19.44
CA GLN DA 139 86.08 6.20 -18.83
C GLN DA 139 87.19 5.84 -19.81
N ASP DA 140 87.12 4.65 -20.39
CA ASP DA 140 88.21 4.18 -21.24
C ASP DA 140 88.40 5.07 -22.46
N VAL DA 141 87.30 5.47 -23.11
CA VAL DA 141 87.40 6.34 -24.27
C VAL DA 141 88.10 7.63 -23.88
N HIS DA 142 87.74 8.19 -22.72
CA HIS DA 142 88.40 9.38 -22.24
C HIS DA 142 89.89 9.13 -22.06
N ILE DA 143 90.24 8.00 -21.44
CA ILE DA 143 91.64 7.68 -21.20
C ILE DA 143 92.39 7.58 -22.52
N MET DA 144 91.80 6.87 -23.48
CA MET DA 144 92.44 6.72 -24.78
C MET DA 144 92.70 8.09 -25.40
N THR DA 145 91.70 8.96 -25.34
CA THR DA 145 91.86 10.29 -25.93
C THR DA 145 92.96 11.07 -25.23
N MET DA 146 92.97 11.04 -23.90
CA MET DA 146 93.97 11.79 -23.16
C MET DA 146 95.38 11.34 -23.50
N TRP DA 147 95.53 10.07 -23.91
CA TRP DA 147 96.84 9.61 -24.36
C TRP DA 147 97.07 9.93 -25.81
N ALA DA 148 96.04 9.74 -26.65
CA ALA DA 148 96.21 9.93 -28.08
C ALA DA 148 96.58 11.37 -28.42
N LEU DA 149 96.20 12.31 -27.57
CA LEU DA 149 96.41 13.72 -27.87
C LEU DA 149 97.87 14.13 -27.84
N SER DA 150 98.76 13.32 -27.26
CA SER DA 150 100.12 13.77 -27.03
C SER DA 150 101.12 12.70 -27.41
N ASP DA 151 102.24 13.13 -27.98
CA ASP DA 151 103.43 12.31 -28.00
C ASP DA 151 104.09 12.35 -26.63
N GLN DA 152 105.00 11.41 -26.40
CA GLN DA 152 105.64 11.23 -25.09
C GLN DA 152 104.53 10.99 -24.07
N GLY DA 153 104.55 11.63 -22.92
CA GLY DA 153 103.63 11.31 -21.84
C GLY DA 153 102.21 11.71 -22.13
N PRO DA 154 101.27 10.99 -21.52
CA PRO DA 154 99.86 11.35 -21.64
C PRO DA 154 99.56 12.63 -20.90
N ILE DA 155 98.42 13.22 -21.23
CA ILE DA 155 97.99 14.49 -20.67
C ILE DA 155 97.00 14.23 -19.54
N TYR DA 156 97.09 15.04 -18.50
CA TYR DA 156 96.14 14.99 -17.40
C TYR DA 156 96.01 16.38 -16.80
N HIS DA 157 95.02 16.53 -15.93
CA HIS DA 157 94.60 17.84 -15.45
C HIS DA 157 94.74 17.95 -13.94
N LEU DA 158 95.09 19.15 -13.48
CA LEU DA 158 95.27 19.44 -12.07
C LEU DA 158 94.43 20.65 -11.71
N GLU DA 159 94.01 20.71 -10.44
CA GLU DA 159 93.31 21.89 -9.94
C GLU DA 159 93.29 21.86 -8.42
N VAL DA 160 93.28 23.05 -7.83
CA VAL DA 160 93.17 23.21 -6.38
C VAL DA 160 92.18 24.33 -6.08
N PRO DA 161 91.16 24.09 -5.27
CA PRO DA 161 90.21 25.15 -4.94
C PRO DA 161 90.77 26.09 -3.88
N VAL DA 162 90.02 27.16 -3.64
CA VAL DA 162 90.39 28.12 -2.59
C VAL DA 162 89.93 27.67 -1.22
N ASP DA 163 89.07 26.67 -1.15
CA ASP DA 163 88.50 26.18 0.10
C ASP DA 163 89.40 25.14 0.73
N PRO DA 164 89.26 24.89 2.02
CA PRO DA 164 89.95 23.77 2.66
C PRO DA 164 89.29 22.46 2.30
N MET DA 165 89.97 21.37 2.64
CA MET DA 165 89.44 20.05 2.34
C MET DA 165 88.16 19.81 3.14
N PRO DA 166 87.16 19.16 2.57
CA PRO DA 166 86.00 18.75 3.34
C PRO DA 166 86.34 17.60 4.27
N ALA DA 167 85.52 17.46 5.31
CA ALA DA 167 85.79 16.46 6.33
C ALA DA 167 85.79 15.05 5.75
N ALA DA 168 84.85 14.76 4.85
CA ALA DA 168 84.73 13.42 4.30
C ALA DA 168 86.02 12.99 3.63
N THR DA 169 86.58 13.85 2.78
CA THR DA 169 87.84 13.52 2.13
C THR DA 169 88.94 13.32 3.16
N THR DA 170 88.95 14.13 4.22
CA THR DA 170 89.95 13.98 5.27
C THR DA 170 89.87 12.59 5.87
N ALA DA 171 88.67 12.14 6.22
CA ALA DA 171 88.51 10.83 6.82
C ALA DA 171 88.95 9.74 5.86
N ALA DA 172 88.57 9.86 4.59
CA ALA DA 172 88.93 8.84 3.61
C ALA DA 172 90.44 8.74 3.45
N LEU DA 173 91.11 9.88 3.33
CA LEU DA 173 92.56 9.86 3.16
C LEU DA 173 93.24 9.29 4.39
N MET DA 174 92.67 9.54 5.57
CA MET DA 174 93.27 9.01 6.79
C MET DA 174 93.28 7.50 6.84
N ALA DA 175 92.55 6.84 5.95
CA ALA DA 175 92.54 5.39 5.87
C ALA DA 175 93.42 4.85 4.75
N TYR DA 176 93.96 5.72 3.89
CA TYR DA 176 94.83 5.30 2.80
C TYR DA 176 96.28 5.64 3.07
N ILE DA 177 96.68 5.69 4.33
CA ILE DA 177 97.98 6.25 4.68
C ILE DA 177 99.11 5.43 4.05
N GLY DA 178 99.25 4.19 4.46
CA GLY DA 178 100.41 3.43 4.05
C GLY DA 178 100.38 2.88 2.66
N VAL DA 179 99.32 3.15 1.90
CA VAL DA 179 99.11 2.54 0.60
C VAL DA 179 100.09 3.10 -0.43
N PRO DA 180 100.63 2.27 -1.30
CA PRO DA 180 101.44 2.79 -2.41
C PRO DA 180 100.56 3.39 -3.50
N ILE DA 181 101.21 4.18 -4.35
CA ILE DA 181 100.49 4.94 -5.37
C ILE DA 181 99.73 4.00 -6.30
N ALA DA 182 100.34 2.87 -6.65
CA ALA DA 182 99.75 1.98 -7.63
C ALA DA 182 98.39 1.49 -7.18
N HIS DA 183 98.30 1.04 -5.93
CA HIS DA 183 97.01 0.57 -5.42
C HIS DA 183 95.98 1.70 -5.41
N LEU DA 184 96.40 2.89 -5.01
CA LEU DA 184 95.48 4.03 -5.00
C LEU DA 184 94.93 4.29 -6.38
N ALA DA 185 95.80 4.30 -7.38
CA ALA DA 185 95.35 4.56 -8.74
C ALA DA 185 94.30 3.55 -9.18
N GLN DA 186 94.44 2.30 -8.73
CA GLN DA 186 93.46 1.29 -9.10
C GLN DA 186 92.07 1.68 -8.60
N THR DA 187 91.96 2.01 -7.32
CA THR DA 187 90.65 2.31 -6.75
C THR DA 187 90.00 3.48 -7.49
N ALA DA 188 90.79 4.52 -7.77
CA ALA DA 188 90.26 5.62 -8.55
C ALA DA 188 89.72 5.14 -9.88
N TYR DA 189 90.49 4.29 -10.57
CA TYR DA 189 90.02 3.71 -11.82
C TYR DA 189 88.80 2.84 -11.57
N ARG DA 190 88.85 2.02 -10.51
CA ARG DA 190 87.72 1.15 -10.22
C ARG DA 190 86.47 1.95 -9.92
N PHE DA 191 86.60 3.04 -9.17
CA PHE DA 191 85.45 3.82 -8.76
C PHE DA 191 84.70 4.37 -9.96
N ALA DA 192 85.37 5.21 -10.75
CA ALA DA 192 84.71 5.88 -11.85
C ALA DA 192 84.35 4.93 -12.98
N GLY DA 193 84.83 3.69 -12.95
CA GLY DA 193 84.70 2.83 -14.11
C GLY DA 193 83.38 2.10 -14.23
N GLN DA 194 82.80 1.66 -13.12
CA GLN DA 194 81.80 0.62 -13.19
C GLN DA 194 80.35 1.07 -13.08
N LEU DA 195 80.07 2.34 -12.74
CA LEU DA 195 78.69 2.78 -12.67
C LEU DA 195 78.67 4.30 -12.67
N PRO DA 196 77.63 4.92 -13.24
CA PRO DA 196 77.61 6.39 -13.33
C PRO DA 196 77.62 7.03 -11.96
N GLN DA 197 78.27 8.20 -11.90
CA GLN DA 197 78.37 8.96 -10.67
C GLN DA 197 78.24 10.45 -10.97
N SER DA 198 77.79 11.19 -10.02
CA SER DA 198 77.72 12.61 -10.23
C SER DA 198 79.05 13.26 -9.84
N PRO DA 199 79.42 14.35 -10.50
CA PRO DA 199 80.64 15.06 -10.11
C PRO DA 199 80.58 15.58 -8.68
N ASP DA 200 79.40 15.81 -8.14
CA ASP DA 200 79.25 16.27 -6.76
C ASP DA 200 79.17 15.07 -5.82
N SER DA 201 80.21 14.25 -5.88
CA SER DA 201 80.32 13.08 -5.03
C SER DA 201 81.63 13.13 -4.26
N THR DA 202 81.63 12.53 -3.07
CA THR DA 202 82.76 12.65 -2.16
C THR DA 202 84.04 12.12 -2.79
N MET DA 203 83.97 10.96 -3.43
CA MET DA 203 85.16 10.36 -4.02
C MET DA 203 85.76 11.28 -5.07
N VAL DA 204 84.93 11.93 -5.87
CA VAL DA 204 85.44 12.80 -6.93
C VAL DA 204 86.32 13.88 -6.34
N SER DA 205 85.84 14.53 -5.28
CA SER DA 205 86.67 15.52 -4.60
C SER DA 205 87.91 14.87 -4.01
N THR DA 206 87.77 13.67 -3.46
CA THR DA 206 88.90 12.99 -2.86
C THR DA 206 90.02 12.80 -3.86
N ILE DA 207 89.70 12.18 -5.00
CA ILE DA 207 90.73 11.90 -5.99
C ILE DA 207 91.32 13.20 -6.52
N ARG DA 208 90.48 14.22 -6.67
CA ARG DA 208 90.97 15.51 -7.14
C ARG DA 208 92.08 16.02 -6.24
N TRP DA 209 91.89 15.90 -4.93
CA TRP DA 209 92.94 16.31 -4.00
C TRP DA 209 94.19 15.47 -4.16
N LEU DA 210 94.02 14.16 -4.35
CA LEU DA 210 95.19 13.28 -4.45
C LEU DA 210 96.09 13.69 -5.59
N SER DA 211 95.51 13.93 -6.76
CA SER DA 211 96.30 14.36 -7.90
C SER DA 211 97.06 15.64 -7.55
N ALA DA 212 96.40 16.57 -6.89
CA ALA DA 212 97.06 17.80 -6.48
C ALA DA 212 98.22 17.50 -5.54
N ILE DA 213 97.96 16.71 -4.50
CA ILE DA 213 98.98 16.43 -3.51
C ILE DA 213 100.16 15.71 -4.16
N TRP DA 214 99.86 14.74 -5.02
CA TRP DA 214 100.93 13.99 -5.68
C TRP DA 214 101.86 14.91 -6.43
N PHE DA 215 101.30 15.81 -7.25
CA PHE DA 215 102.13 16.73 -8.00
C PHE DA 215 102.88 17.67 -7.07
N GLY DA 216 102.20 18.18 -6.04
CA GLY DA 216 102.87 19.09 -5.12
C GLY DA 216 104.06 18.44 -4.45
N SER DA 217 103.92 17.18 -4.05
CA SER DA 217 105.05 16.44 -3.51
C SER DA 217 106.05 16.08 -4.58
N LEU DA 218 105.59 15.81 -5.81
CA LEU DA 218 106.51 15.49 -6.89
C LEU DA 218 107.48 16.63 -7.14
N THR DA 219 106.97 17.86 -7.15
CA THR DA 219 107.82 19.03 -7.29
C THR DA 219 108.65 19.31 -6.05
N GLY DA 220 108.39 18.62 -4.95
CA GLY DA 220 109.13 18.85 -3.73
C GLY DA 220 108.61 19.99 -2.89
N ARG DA 221 107.59 20.70 -3.35
CA ARG DA 221 107.01 21.76 -2.52
C ARG DA 221 106.38 21.17 -1.27
N LEU DA 222 105.72 20.02 -1.38
CA LEU DA 222 105.11 19.37 -0.23
C LEU DA 222 106.08 18.34 0.33
N ASN DA 223 106.43 18.50 1.61
CA ASN DA 223 107.44 17.66 2.25
C ASN DA 223 107.02 17.41 3.69
N ARG DA 224 107.90 16.75 4.43
CA ARG DA 224 107.70 16.64 5.87
C ARG DA 224 107.68 18.00 6.53
N SER DA 225 108.40 18.97 5.96
CA SER DA 225 108.41 20.31 6.51
C SER DA 225 107.11 21.05 6.22
N ARG DA 226 106.56 20.85 5.02
CA ARG DA 226 105.41 21.62 4.57
C ARG DA 226 104.44 20.66 3.90
N THR DA 227 103.20 20.63 4.39
CA THR DA 227 102.26 19.61 3.97
C THR DA 227 100.89 20.22 3.71
N CYS DA 228 100.10 19.51 2.90
CA CYS DA 228 98.73 19.92 2.58
C CYS DA 228 97.81 19.28 3.60
N ASN DA 229 97.33 20.09 4.55
CA ASN DA 229 96.42 19.65 5.58
C ASN DA 229 96.96 18.45 6.37
N GLY DA 230 98.28 18.26 6.33
CA GLY DA 230 98.91 17.15 7.01
C GLY DA 230 99.31 16.00 6.11
N PHE DA 231 98.93 16.02 4.84
CA PHE DA 231 99.24 14.94 3.93
C PHE DA 231 100.36 15.32 2.97
N TYR DA 232 101.04 14.30 2.47
CA TYR DA 232 102.09 14.44 1.47
C TYR DA 232 102.55 13.06 1.06
N PHE DA 233 103.23 12.98 -0.07
CA PHE DA 233 103.75 11.73 -0.59
C PHE DA 233 105.24 11.59 -0.27
N GLU DA 234 105.66 10.36 -0.05
CA GLU DA 234 107.06 10.04 0.20
C GLU DA 234 107.60 9.18 -0.93
N PHE DA 235 108.76 9.56 -1.45
CA PHE DA 235 109.37 8.88 -2.58
C PHE DA 235 110.52 8.00 -2.12
N ALA DA 236 110.69 6.87 -2.80
CA ALA DA 236 111.72 5.92 -2.42
C ALA DA 236 113.10 6.46 -2.78
N LYS DA 237 114.12 5.81 -2.21
CA LYS DA 237 115.49 6.27 -2.38
C LYS DA 237 115.93 6.07 -3.83
N PRO DA 238 116.54 7.07 -4.46
CA PRO DA 238 117.06 6.86 -5.82
C PRO DA 238 118.17 5.82 -5.86
N ALA DA 239 118.87 5.61 -4.75
CA ALA DA 239 119.96 4.66 -4.73
C ALA DA 239 119.48 3.24 -4.98
N LEU DA 240 118.21 2.95 -4.72
CA LEU DA 240 117.69 1.61 -4.94
C LEU DA 240 116.65 1.58 -6.06
N ASN DA 241 115.54 2.28 -5.88
CA ASN DA 241 114.50 2.33 -6.90
C ASN DA 241 113.58 3.51 -6.63
N PRO DA 242 113.83 4.68 -7.22
CA PRO DA 242 112.97 5.83 -6.95
C PRO DA 242 111.56 5.71 -7.52
N ASP DA 243 111.27 4.69 -8.32
CA ASP DA 243 109.97 4.57 -8.98
C ASP DA 243 108.93 3.99 -8.02
N GLN DA 244 108.68 4.72 -6.94
CA GLN DA 244 107.70 4.28 -5.95
C GLN DA 244 107.38 5.45 -5.03
N ALA DA 245 106.11 5.55 -4.64
CA ALA DA 245 105.69 6.60 -3.72
C ALA DA 245 104.51 6.09 -2.91
N VAL DA 246 104.43 6.55 -1.66
CA VAL DA 246 103.35 6.19 -0.76
C VAL DA 246 102.84 7.44 -0.06
N LEU DA 247 101.62 7.34 0.46
CA LEU DA 247 100.99 8.44 1.15
C LEU DA 247 101.49 8.53 2.59
N LYS DA 248 101.45 9.74 3.14
CA LYS DA 248 101.90 9.96 4.50
C LYS DA 248 101.07 11.06 5.14
N TRP DA 249 101.02 11.04 6.47
CA TRP DA 249 100.38 12.10 7.22
C TRP DA 249 101.30 12.49 8.38
N ASN DA 250 101.35 13.78 8.68
CA ASN DA 250 102.45 14.30 9.48
C ASN DA 250 102.02 15.58 10.19
N ASP DA 251 102.83 15.95 11.19
CA ASP DA 251 102.61 17.14 11.99
C ASP DA 251 103.25 18.40 11.40
N GLY DA 252 103.83 18.32 10.21
CA GLY DA 252 104.47 19.48 9.63
C GLY DA 252 103.53 20.65 9.45
N ALA DA 253 104.12 21.82 9.22
CA ALA DA 253 103.33 23.02 8.99
C ALA DA 253 102.45 22.84 7.77
N ARG DA 254 101.24 23.38 7.84
CA ARG DA 254 100.26 23.21 6.78
C ARG DA 254 100.31 24.41 5.84
N ALA DA 255 100.38 24.13 4.54
CA ALA DA 255 100.43 25.20 3.56
C ALA DA 255 99.11 25.95 3.49
N ALA DA 256 99.19 27.23 3.21
CA ALA DA 256 98.01 28.06 3.06
C ALA DA 256 97.37 27.84 1.69
N PRO DA 257 96.06 28.00 1.58
CA PRO DA 257 95.40 27.87 0.29
C PRO DA 257 95.81 28.98 -0.65
N PRO DA 258 95.74 28.76 -1.95
CA PRO DA 258 96.17 29.78 -2.90
C PRO DA 258 95.25 31.00 -2.88
N ALA DA 259 95.80 32.12 -3.35
CA ALA DA 259 95.02 33.35 -3.41
C ALA DA 259 93.81 33.18 -4.32
N ALA DA 260 93.97 32.44 -5.42
CA ALA DA 260 92.86 32.16 -6.32
C ALA DA 260 93.00 30.72 -6.79
N ALA DA 261 91.88 30.17 -7.25
CA ALA DA 261 91.86 28.78 -7.70
C ALA DA 261 92.88 28.56 -8.81
N GLN DA 262 93.65 27.49 -8.69
CA GLN DA 262 94.69 27.16 -9.64
C GLN DA 262 94.34 25.88 -10.37
N SER DA 263 94.72 25.81 -11.64
CA SER DA 263 94.46 24.62 -12.45
C SER DA 263 95.32 24.68 -13.70
N SER DA 264 95.62 23.50 -14.24
CA SER DA 264 96.38 23.40 -15.48
C SER DA 264 96.36 21.95 -15.95
N TYR DA 265 96.84 21.75 -17.17
CA TYR DA 265 97.06 20.43 -17.73
C TYR DA 265 98.55 20.10 -17.69
N MET DA 266 98.85 18.81 -17.63
CA MET DA 266 100.22 18.36 -17.43
C MET DA 266 100.51 17.17 -18.33
N ARG DA 267 101.79 16.97 -18.61
CA ARG DA 267 102.27 15.77 -19.29
C ARG DA 267 103.78 15.68 -19.09
N CYS DA 268 104.31 14.48 -19.26
CA CYS DA 268 105.75 14.26 -19.23
C CYS DA 268 106.32 14.44 -20.63
N ILE DA 269 107.33 15.31 -20.74
CA ILE DA 269 107.85 15.66 -22.06
C ILE DA 269 108.87 14.67 -22.57
N SER DA 270 109.28 13.69 -21.77
CA SER DA 270 110.38 12.82 -22.11
C SER DA 270 109.93 11.37 -22.14
N PRO DA 271 110.60 10.52 -22.92
CA PRO DA 271 110.13 9.13 -23.06
C PRO DA 271 110.22 8.30 -21.79
N HIS DA 272 110.83 8.81 -20.72
CA HIS DA 272 111.00 8.00 -19.51
C HIS DA 272 109.68 7.47 -18.99
N TRP DA 273 108.60 8.19 -19.24
CA TRP DA 273 107.31 7.81 -18.68
C TRP DA 273 106.90 6.41 -19.11
N GLN DA 274 107.34 5.97 -20.28
CA GLN DA 274 106.87 4.68 -20.80
C GLN DA 274 107.25 3.51 -19.90
N HIS DA 275 108.25 3.68 -19.05
CA HIS DA 275 108.73 2.60 -18.20
C HIS DA 275 108.89 3.08 -16.77
N GLN DA 276 107.89 3.82 -16.28
CA GLN DA 276 108.00 4.44 -14.96
C GLN DA 276 106.61 4.45 -14.33
N ILE DA 277 106.42 3.62 -13.31
CA ILE DA 277 105.07 3.32 -12.84
C ILE DA 277 104.43 4.55 -12.19
N VAL DA 278 105.22 5.38 -11.51
CA VAL DA 278 104.64 6.53 -10.83
C VAL DA 278 104.03 7.48 -11.84
N GLU DA 279 104.64 7.61 -13.02
CA GLU DA 279 104.06 8.44 -14.06
C GLU DA 279 102.75 7.84 -14.56
N VAL DA 280 102.74 6.54 -14.81
CA VAL DA 280 101.55 5.89 -15.36
C VAL DA 280 100.40 5.99 -14.37
N ALA DA 281 100.66 5.61 -13.12
CA ALA DA 281 99.60 5.61 -12.12
C ALA DA 281 99.07 7.02 -11.89
N GLY DA 282 99.97 7.99 -11.76
CA GLY DA 282 99.54 9.36 -11.52
C GLY DA 282 98.68 9.88 -12.65
N ALA DA 283 99.08 9.61 -13.89
CA ALA DA 283 98.28 10.05 -15.03
C ALA DA 283 96.91 9.40 -15.01
N LEU DA 284 96.86 8.08 -14.85
CA LEU DA 284 95.59 7.38 -14.87
C LEU DA 284 94.70 7.88 -13.75
N MET DA 285 95.26 8.03 -12.54
CA MET DA 285 94.47 8.52 -11.42
C MET DA 285 93.88 9.88 -11.74
N SER DA 286 94.70 10.79 -12.23
CA SER DA 286 94.21 12.13 -12.55
C SER DA 286 93.19 12.09 -13.68
N GLN DA 287 93.45 11.28 -14.70
CA GLN DA 287 92.53 11.20 -15.83
C GLN DA 287 91.17 10.68 -15.41
N SER DA 288 91.12 9.88 -14.33
CA SER DA 288 89.85 9.35 -13.88
C SER DA 288 88.90 10.46 -13.46
N VAL DA 289 89.43 11.49 -12.79
CA VAL DA 289 88.59 12.60 -12.36
C VAL DA 289 87.95 13.27 -13.56
N THR DA 290 88.76 13.62 -14.55
CA THR DA 290 88.21 14.26 -15.75
C THR DA 290 87.24 13.35 -16.47
N ALA DA 291 87.41 12.04 -16.33
CA ALA DA 291 86.49 11.11 -16.97
C ALA DA 291 85.08 11.26 -16.43
N VAL DA 292 84.94 11.44 -15.12
CA VAL DA 292 83.60 11.51 -14.54
C VAL DA 292 83.06 12.94 -14.62
N THR DA 293 83.93 13.95 -14.60
CA THR DA 293 83.47 15.32 -14.60
C THR DA 293 83.61 16.01 -15.94
N GLY DA 294 84.24 15.38 -16.92
CA GLY DA 294 84.46 16.01 -18.20
C GLY DA 294 85.58 17.02 -18.15
N LEU DA 295 85.96 17.49 -19.33
CA LEU DA 295 87.05 18.46 -19.44
C LEU DA 295 86.55 19.83 -18.97
N PRO DA 296 87.21 20.45 -17.99
CA PRO DA 296 86.79 21.80 -17.58
C PRO DA 296 86.90 22.82 -18.69
N ALA DA 297 87.89 22.71 -19.56
CA ALA DA 297 88.09 23.70 -20.61
C ALA DA 297 88.96 23.10 -21.70
N LEU DA 298 88.97 23.78 -22.85
CA LEU DA 298 89.79 23.34 -23.96
C LEU DA 298 91.27 23.45 -23.61
N ILE DA 299 92.05 22.54 -24.16
CA ILE DA 299 93.48 22.48 -23.91
C ILE DA 299 94.19 23.37 -24.92
N ASP DA 300 95.27 24.01 -24.49
CA ASP DA 300 96.02 24.89 -25.37
C ASP DA 300 96.75 24.09 -26.45
N GLU DA 301 96.55 24.51 -27.70
CA GLU DA 301 97.20 23.82 -28.81
C GLU DA 301 98.68 24.15 -28.94
N ALA DA 302 99.16 25.13 -28.20
CA ALA DA 302 100.44 25.76 -28.52
C ALA DA 302 101.61 24.80 -28.50
N THR DA 303 101.54 23.70 -27.75
CA THR DA 303 102.68 22.82 -27.55
C THR DA 303 102.28 21.37 -27.74
N LEU DA 304 101.58 21.08 -28.82
CA LEU DA 304 101.03 19.76 -29.07
C LEU DA 304 101.40 19.29 -30.47
N PRO DA 305 101.41 17.98 -30.70
CA PRO DA 305 101.72 17.47 -32.04
C PRO DA 305 100.76 17.99 -33.08
N ALA DA 306 101.14 17.81 -34.34
CA ALA DA 306 100.42 18.42 -35.44
C ALA DA 306 98.97 17.96 -35.49
N TRP DA 307 98.74 16.67 -35.30
CA TRP DA 307 97.38 16.16 -35.40
C TRP DA 307 96.48 16.68 -34.28
N SER DA 308 97.06 17.19 -33.20
CA SER DA 308 96.28 17.70 -32.08
C SER DA 308 95.88 19.15 -32.25
N GLN DA 309 96.23 19.78 -33.37
CA GLN DA 309 95.95 21.20 -33.56
C GLN DA 309 94.48 21.39 -33.86
N GLY DA 310 93.77 22.07 -32.95
CA GLY DA 310 92.40 22.45 -33.19
C GLY DA 310 91.41 21.31 -33.29
N VAL DA 311 91.54 20.30 -32.42
CA VAL DA 311 90.60 19.20 -32.41
C VAL DA 311 89.30 19.68 -31.74
N ALA DA 312 88.18 19.43 -32.41
CA ALA DA 312 86.90 19.90 -31.91
C ALA DA 312 86.61 19.34 -30.52
N ASN DA 313 86.09 20.20 -29.65
CA ASN DA 313 85.69 19.90 -28.28
C ASN DA 313 86.86 19.52 -27.39
N LEU DA 314 88.09 19.50 -27.89
CA LEU DA 314 89.22 19.10 -27.08
C LEU DA 314 90.30 20.18 -26.98
N THR DA 315 90.72 20.74 -28.10
CA THR DA 315 91.81 21.70 -28.12
C THR DA 315 91.34 23.02 -28.70
N GLY DA 316 91.99 24.10 -28.27
CA GLY DA 316 91.64 25.41 -28.77
C GLY DA 316 92.78 26.38 -28.52
N ASN DA 317 92.63 27.57 -29.11
CA ASN DA 317 93.60 28.64 -28.91
C ASN DA 317 92.91 29.94 -28.52
N GLY DA 318 91.63 29.90 -28.19
CA GLY DA 318 90.88 31.10 -27.88
C GLY DA 318 91.08 31.56 -26.45
N GLN DA 319 90.14 32.37 -25.98
CA GLN DA 319 90.25 32.94 -24.64
C GLN DA 319 90.02 31.88 -23.57
N GLY DA 320 88.98 31.07 -23.72
CA GLY DA 320 88.64 30.09 -22.71
C GLY DA 320 89.49 28.84 -22.82
N VAL DA 321 90.81 29.00 -22.69
CA VAL DA 321 91.75 27.92 -22.90
C VAL DA 321 92.70 27.85 -21.72
N VAL DA 322 92.92 26.63 -21.23
CA VAL DA 322 93.83 26.39 -20.11
C VAL DA 322 95.17 25.93 -20.67
N PRO DA 323 96.28 26.54 -20.25
CA PRO DA 323 97.59 26.10 -20.76
C PRO DA 323 97.94 24.72 -20.22
N CYS DA 324 98.79 24.03 -20.98
CA CYS DA 324 99.31 22.73 -20.60
C CYS DA 324 100.80 22.83 -20.39
N LEU DA 325 101.26 22.38 -19.23
CA LEU DA 325 102.69 22.37 -18.91
C LEU DA 325 103.25 20.97 -19.06
N ASP DA 326 104.58 20.91 -19.07
CA ASP DA 326 105.27 19.64 -19.22
C ASP DA 326 106.63 19.73 -18.54
N TYR DA 327 107.23 18.58 -18.31
CA TYR DA 327 108.45 18.51 -17.52
C TYR DA 327 109.24 17.28 -17.90
N ASN DA 328 110.50 17.29 -17.52
CA ASN DA 328 111.38 16.14 -17.63
C ASN DA 328 111.73 15.66 -16.24
N PRO DA 329 111.65 14.36 -15.97
CA PRO DA 329 111.86 13.89 -14.59
C PRO DA 329 113.21 14.29 -14.01
N VAL DA 330 114.27 14.25 -14.79
CA VAL DA 330 115.60 14.52 -14.25
C VAL DA 330 115.69 15.96 -13.77
N PRO DA 331 115.39 16.98 -14.58
CA PRO DA 331 115.38 18.33 -14.03
C PRO DA 331 114.39 18.47 -12.89
N MET DA 332 113.25 17.78 -12.99
CA MET DA 332 112.28 17.81 -11.91
C MET DA 332 112.88 17.29 -10.61
N ALA DA 333 113.59 16.17 -10.70
CA ALA DA 333 114.20 15.60 -9.51
C ALA DA 333 115.20 16.56 -8.89
N ALA DA 334 116.01 17.21 -9.73
CA ALA DA 334 116.96 18.19 -9.22
C ALA DA 334 116.24 19.31 -8.49
N ALA DA 335 115.14 19.79 -9.06
CA ALA DA 335 114.37 20.82 -8.38
C ALA DA 335 113.82 20.32 -7.06
N ARG DA 336 113.30 19.09 -7.03
CA ARG DA 336 112.78 18.54 -5.79
C ARG DA 336 113.86 18.45 -4.72
N HIS DA 337 115.04 17.98 -5.11
CA HIS DA 337 116.14 17.89 -4.16
C HIS DA 337 116.53 19.27 -3.66
N LEU DA 338 116.59 20.26 -4.56
CA LEU DA 338 116.95 21.60 -4.16
C LEU DA 338 115.97 22.14 -3.13
N GLN DA 339 114.67 21.93 -3.35
CA GLN DA 339 113.68 22.38 -2.39
C GLN DA 339 113.90 21.72 -1.04
N TRP DA 340 114.29 20.45 -1.03
CA TRP DA 340 114.53 19.77 0.23
C TRP DA 340 115.66 20.43 1.01
N ARG DA 341 116.75 20.78 0.33
CA ARG DA 341 117.85 21.43 1.03
C ARG DA 341 117.42 22.80 1.56
N GLN DA 342 116.67 23.56 0.75
CA GLN DA 342 116.21 24.86 1.21
C GLN DA 342 115.27 24.71 2.39
N ASP DA 343 114.40 23.70 2.36
CA ASP DA 343 113.58 23.41 3.54
C ASP DA 343 114.40 22.86 4.69
N GLY DA 344 115.66 22.51 4.47
CA GLY DA 344 116.49 22.02 5.54
C GLY DA 344 116.38 20.55 5.83
N LEU DA 345 115.72 19.78 4.96
CA LEU DA 345 115.61 18.36 5.19
C LEU DA 345 116.95 17.64 4.97
N ILE DA 346 117.79 18.17 4.09
CA ILE DA 346 119.04 17.53 3.72
C ILE DA 346 120.14 18.57 3.66
N THR DA 347 121.38 18.08 3.61
CA THR DA 347 122.54 18.94 3.44
C THR DA 347 122.92 19.05 1.97
N ALA DA 348 123.77 20.03 1.68
CA ALA DA 348 124.22 20.22 0.30
C ALA DA 348 124.93 18.99 -0.23
N ALA DA 349 125.74 18.35 0.62
CA ALA DA 349 126.44 17.14 0.18
C ALA DA 349 125.46 16.06 -0.24
N GLN DA 350 124.39 15.88 0.54
CA GLN DA 350 123.38 14.91 0.18
C GLN DA 350 122.71 15.28 -1.13
N GLU DA 351 122.41 16.55 -1.32
CA GLU DA 351 121.72 16.99 -2.54
C GLU DA 351 122.54 16.63 -3.77
N ALA DA 352 123.85 16.86 -3.72
CA ALA DA 352 124.70 16.49 -4.84
C ALA DA 352 124.65 14.99 -5.08
N GLN DA 353 124.68 14.20 -4.01
CA GLN DA 353 124.66 12.76 -4.17
C GLN DA 353 123.35 12.29 -4.77
N LEU DA 354 122.23 12.86 -4.31
CA LEU DA 354 120.94 12.44 -4.83
C LEU DA 354 120.84 12.68 -6.32
N ASN DA 355 121.34 13.81 -6.81
CA ASN DA 355 121.32 14.08 -8.23
C ASN DA 355 122.12 13.02 -8.99
N ASN DA 356 123.29 12.65 -8.47
CA ASN DA 356 124.10 11.63 -9.14
C ASN DA 356 123.36 10.32 -9.21
N ASP DA 357 122.73 9.91 -8.11
CA ASP DA 357 122.02 8.64 -8.10
C ASP DA 357 120.86 8.66 -9.07
N TYR DA 358 120.05 9.71 -9.02
CA TYR DA 358 118.86 9.75 -9.87
C TYR DA 358 119.24 9.77 -11.34
N THR DA 359 120.24 10.57 -11.68
CA THR DA 359 120.70 10.60 -13.07
C THR DA 359 121.17 9.22 -13.51
N ALA DA 360 121.90 8.53 -12.64
CA ALA DA 360 122.32 7.17 -12.96
C ALA DA 360 121.12 6.27 -13.16
N TYR DA 361 120.12 6.39 -12.29
CA TYR DA 361 118.91 5.59 -12.43
C TYR DA 361 118.22 5.87 -13.75
N ALA DA 362 118.02 7.15 -14.08
CA ALA DA 362 117.33 7.49 -15.31
C ALA DA 362 118.08 6.97 -16.53
N LEU DA 363 119.41 6.95 -16.45
CA LEU DA 363 120.20 6.48 -17.58
C LEU DA 363 119.85 5.04 -17.92
N THR DA 364 119.66 4.19 -16.90
CA THR DA 364 119.29 2.81 -17.16
C THR DA 364 117.96 2.73 -17.88
N ILE DA 365 116.98 3.53 -17.45
CA ILE DA 365 115.67 3.52 -18.11
C ILE DA 365 115.82 3.90 -19.57
N GLU DA 366 116.57 4.96 -19.84
CA GLU DA 366 116.80 5.38 -21.22
C GLU DA 366 117.48 4.26 -22.00
N ARG DA 367 118.53 3.69 -21.42
CA ARG DA 367 119.27 2.64 -22.11
C ARG DA 367 118.39 1.43 -22.40
N HIS DA 368 117.54 1.07 -21.45
CA HIS DA 368 116.64 -0.05 -21.67
C HIS DA 368 115.67 0.24 -22.80
N LEU DA 369 115.02 1.41 -22.75
CA LEU DA 369 114.00 1.72 -23.74
C LEU DA 369 114.59 1.83 -25.13
N THR DA 370 115.69 2.56 -25.28
CA THR DA 370 116.25 2.76 -26.59
C THR DA 370 116.67 1.43 -27.22
N ALA DA 371 117.19 0.52 -26.40
CA ALA DA 371 117.49 -0.81 -26.90
C ALA DA 371 116.22 -1.57 -27.22
N MET DA 372 115.14 -1.31 -26.47
CA MET DA 372 113.90 -2.04 -26.70
C MET DA 372 113.25 -1.61 -28.01
N LEU DA 373 113.42 -0.35 -28.42
CA LEU DA 373 112.76 0.12 -29.62
C LEU DA 373 113.29 -0.59 -30.86
N VAL DA 374 114.61 -0.66 -31.00
CA VAL DA 374 115.19 -1.35 -32.14
C VAL DA 374 114.82 -2.82 -32.11
N ALA DA 375 114.51 -3.37 -30.95
CA ALA DA 375 114.04 -4.74 -30.88
C ALA DA 375 112.61 -4.87 -31.37
N ASN DA 376 111.84 -3.79 -31.39
CA ASN DA 376 110.45 -3.82 -31.84
C ASN DA 376 110.21 -2.65 -32.78
N PRO DA 377 110.80 -2.70 -33.97
CA PRO DA 377 110.59 -1.60 -34.93
C PRO DA 377 109.12 -1.48 -35.28
N ILE DA 378 108.65 -0.24 -35.41
CA ILE DA 378 107.23 -0.01 -35.62
C ILE DA 378 106.77 -0.53 -36.98
N ALA DA 379 107.70 -0.73 -37.91
CA ALA DA 379 107.35 -1.31 -39.19
C ALA DA 379 106.87 -2.75 -39.06
N ALA DA 380 107.08 -3.39 -37.92
CA ALA DA 380 106.65 -4.75 -37.73
C ALA DA 380 105.13 -4.90 -37.68
N GLY DA 381 104.39 -3.80 -37.58
CA GLY DA 381 102.95 -3.84 -37.61
C GLY DA 381 102.28 -3.73 -36.25
N ARG DA 382 103.04 -3.76 -35.17
CA ARG DA 382 102.50 -3.54 -33.83
C ARG DA 382 103.43 -2.62 -33.07
N MET DA 383 102.86 -1.77 -32.23
CA MET DA 383 103.63 -0.76 -31.50
C MET DA 383 103.57 -1.07 -30.02
N PRO DA 384 104.51 -1.83 -29.48
CA PRO DA 384 104.54 -2.03 -28.03
C PRO DA 384 105.03 -0.83 -27.28
N ILE DA 385 105.88 0.00 -27.88
CA ILE DA 385 106.37 1.22 -27.24
C ILE DA 385 106.30 2.36 -28.23
N GLN DA 386 105.95 3.54 -27.74
CA GLN DA 386 105.82 4.71 -28.61
C GLN DA 386 107.19 5.10 -29.14
N PRO DA 387 107.28 5.41 -30.43
CA PRO DA 387 108.58 5.78 -31.01
C PRO DA 387 109.08 7.11 -30.47
N PHE DA 388 110.39 7.29 -30.56
CA PHE DA 388 111.03 8.50 -30.07
C PHE DA 388 112.40 8.61 -30.71
N ASN DA 389 113.05 9.74 -30.45
CA ASN DA 389 114.43 9.96 -30.89
C ASN DA 389 115.33 10.11 -29.67
N ALA DA 390 116.62 9.92 -29.89
CA ALA DA 390 117.57 9.92 -28.78
C ALA DA 390 117.57 11.26 -28.06
N ALA DA 391 117.45 12.36 -28.80
CA ALA DA 391 117.48 13.67 -28.17
C ALA DA 391 116.29 13.91 -27.25
N ASP DA 392 115.23 13.11 -27.38
CA ASP DA 392 114.03 13.34 -26.58
C ASP DA 392 114.30 13.18 -25.08
N PHE DA 393 115.33 12.41 -24.71
CA PHE DA 393 115.62 12.24 -23.30
C PHE DA 393 116.23 13.50 -22.68
N GLY DA 394 116.78 14.39 -23.49
CA GLY DA 394 117.44 15.57 -22.99
C GLY DA 394 116.61 16.82 -22.91
N GLN DA 395 115.35 16.79 -23.32
CA GLN DA 395 114.53 17.99 -23.32
C GLN DA 395 114.20 18.41 -21.90
N ALA DA 396 114.42 19.68 -21.59
CA ALA DA 396 114.03 20.21 -20.29
C ALA DA 396 112.56 20.60 -20.23
N GLY DA 397 111.94 20.83 -21.38
CA GLY DA 397 110.53 21.18 -21.42
C GLY DA 397 110.25 22.46 -20.66
N GLN DA 398 109.04 22.52 -20.11
CA GLN DA 398 108.61 23.66 -19.31
C GLN DA 398 108.79 23.43 -17.82
N THR DA 399 109.82 22.67 -17.43
CA THR DA 399 109.97 22.26 -16.04
C THR DA 399 110.00 23.46 -15.10
N ALA DA 400 110.68 24.52 -15.51
CA ALA DA 400 110.77 25.70 -14.66
C ALA DA 400 109.38 26.27 -14.37
N ALA DA 401 108.55 26.35 -15.41
CA ALA DA 401 107.19 26.83 -15.19
C ALA DA 401 106.41 25.87 -14.30
N ALA DA 402 106.66 24.57 -14.44
CA ALA DA 402 105.92 23.58 -13.67
C ALA DA 402 106.10 23.80 -12.18
N VAL DA 403 107.36 23.89 -11.74
CA VAL DA 403 107.60 24.10 -10.31
C VAL DA 403 107.07 25.46 -9.88
N ALA DA 404 107.09 26.44 -10.78
CA ALA DA 404 106.50 27.73 -10.46
C ALA DA 404 105.01 27.58 -10.16
N LEU DA 405 104.33 26.72 -10.89
CA LEU DA 405 102.91 26.49 -10.64
C LEU DA 405 102.70 25.92 -9.24
N ALA DA 406 103.48 24.90 -8.88
CA ALA DA 406 103.38 24.34 -7.54
C ALA DA 406 103.71 25.39 -6.50
N GLN DA 407 104.67 26.26 -6.80
CA GLN DA 407 104.98 27.37 -5.92
C GLN DA 407 103.74 28.19 -5.64
N ALA DA 408 102.99 28.52 -6.70
CA ALA DA 408 101.75 29.26 -6.53
C ALA DA 408 100.60 28.40 -6.04
N MET DA 409 100.70 27.08 -6.20
CA MET DA 409 99.59 26.22 -5.86
C MET DA 409 99.51 25.94 -4.36
N PHE DA 410 100.65 25.79 -3.69
CA PHE DA 410 100.69 25.55 -2.26
C PHE DA 410 101.53 26.66 -1.63
N VAL DA 411 100.89 27.77 -1.32
CA VAL DA 411 101.58 28.90 -0.72
C VAL DA 411 101.68 28.69 0.77
N ALA EA 1 149.54 37.49 58.73
CA ALA EA 1 148.35 38.31 58.89
C ALA EA 1 148.72 39.78 59.04
N GLN EA 2 147.80 40.67 58.66
CA GLN EA 2 148.05 42.09 58.76
C GLN EA 2 148.09 42.50 60.23
N ARG EA 3 149.16 43.17 60.64
CA ARG EA 3 149.39 43.45 62.05
C ARG EA 3 149.20 44.91 62.43
N GLN EA 4 148.85 45.78 61.49
CA GLN EA 4 148.64 47.18 61.80
C GLN EA 4 147.49 47.71 60.98
N PHE EA 5 146.72 48.63 61.57
CA PHE EA 5 145.63 49.27 60.86
C PHE EA 5 145.55 50.74 61.26
N PHE EA 6 144.84 51.50 60.45
CA PHE EA 6 144.64 52.93 60.67
C PHE EA 6 143.15 53.23 60.60
N GLY EA 7 142.75 54.37 61.17
CA GLY EA 7 141.35 54.69 61.18
C GLY EA 7 141.09 56.16 61.46
N LEU EA 8 139.81 56.52 61.42
CA LEU EA 8 139.37 57.88 61.65
C LEU EA 8 137.99 57.85 62.27
N THR EA 9 137.77 58.72 63.26
CA THR EA 9 136.48 58.77 63.94
C THR EA 9 135.48 59.61 63.17
N TYR EA 10 134.24 59.57 63.62
CA TYR EA 10 133.16 60.29 62.96
C TYR EA 10 133.33 61.79 63.14
N ASN EA 11 132.50 62.54 62.43
CA ASN EA 11 132.50 63.99 62.47
C ASN EA 11 131.19 64.48 63.05
N PHE EA 12 131.28 65.31 64.08
CA PHE EA 12 130.08 65.93 64.62
C PHE EA 12 129.51 66.90 63.60
N TYR EA 13 128.21 66.80 63.34
CA TYR EA 13 127.56 67.70 62.40
C TYR EA 13 127.17 68.98 63.15
N GLY EA 14 128.19 69.72 63.55
CA GLY EA 14 128.01 70.93 64.31
C GLY EA 14 127.67 70.73 65.76
N GLN EA 15 127.20 69.55 66.15
CA GLN EA 15 126.88 69.29 67.53
C GLN EA 15 128.17 69.20 68.35
N PRO EA 16 128.08 69.44 69.66
CA PRO EA 16 129.30 69.48 70.49
C PRO EA 16 129.79 68.15 71.00
N ALA EA 17 129.01 67.08 70.91
CA ALA EA 17 129.38 65.81 71.52
C ALA EA 17 128.96 64.69 70.59
N PRO EA 18 129.56 63.50 70.74
CA PRO EA 18 129.14 62.37 69.91
C PRO EA 18 127.67 62.05 70.12
N LEU EA 19 127.00 61.66 69.03
CA LEU EA 19 125.54 61.61 68.99
C LEU EA 19 125.06 60.20 69.31
N PHE EA 20 125.02 59.90 70.60
CA PHE EA 20 124.39 58.68 71.09
C PHE EA 20 124.09 58.88 72.56
N ASP EA 21 123.24 58.01 73.10
CA ASP EA 21 122.88 58.07 74.50
C ASP EA 21 123.15 56.72 75.15
N LEU EA 22 123.01 56.70 76.47
CA LEU EA 22 123.34 55.49 77.23
C LEU EA 22 122.44 54.33 76.87
N ASN EA 23 121.15 54.60 76.61
CA ASN EA 23 120.25 53.51 76.25
C ASN EA 23 120.71 52.82 74.98
N ASP EA 24 121.13 53.60 73.99
CA ASP EA 24 121.76 53.01 72.81
C ASP EA 24 122.88 52.07 73.21
N LEU EA 25 123.72 52.53 74.14
CA LEU EA 25 124.80 51.71 74.67
C LEU EA 25 124.28 50.50 75.44
N GLN EA 26 123.01 50.50 75.81
CA GLN EA 26 122.44 49.41 76.58
C GLN EA 26 121.66 48.42 75.74
N GLU EA 27 121.29 48.78 74.51
CA GLU EA 27 120.36 47.99 73.73
C GLU EA 27 120.99 47.43 72.46
N LEU EA 28 122.30 47.22 72.47
CA LEU EA 28 122.93 46.58 71.32
C LEU EA 28 122.41 45.16 71.17
N ALA EA 29 122.38 44.69 69.93
CA ALA EA 29 121.78 43.40 69.62
C ALA EA 29 122.66 42.22 69.97
N GLY EA 30 123.95 42.43 70.18
CA GLY EA 30 124.89 41.35 70.44
C GLY EA 30 125.01 41.02 71.91
N CYS EA 31 126.22 40.63 72.31
CA CYS EA 31 126.50 40.43 73.72
C CYS EA 31 126.39 41.76 74.46
N TYR EA 32 126.14 41.67 75.75
CA TYR EA 32 125.82 42.86 76.53
C TYR EA 32 126.93 43.90 76.44
N ALA EA 33 126.58 45.06 75.91
CA ALA EA 33 127.42 46.26 75.98
C ALA EA 33 128.77 46.07 75.29
N ARG EA 34 128.83 45.24 74.26
CA ARG EA 34 130.03 45.17 73.45
C ARG EA 34 129.68 45.50 72.01
N PRO EA 35 130.41 46.40 71.35
CA PRO EA 35 130.08 46.75 69.97
C PRO EA 35 130.66 45.79 68.95
N TRP EA 36 131.68 45.04 69.31
CA TRP EA 36 132.37 44.21 68.33
C TRP EA 36 131.45 43.11 67.82
N THR EA 37 131.70 42.70 66.58
CA THR EA 37 131.00 41.62 65.89
C THR EA 37 129.51 41.60 66.22
N SER EA 38 128.87 42.75 65.99
CA SER EA 38 127.46 42.90 66.31
C SER EA 38 126.65 43.49 65.18
N ARG EA 39 127.27 43.82 64.04
CA ARG EA 39 126.60 44.57 63.00
C ARG EA 39 125.51 43.77 62.29
N PHE EA 40 125.41 42.47 62.54
CA PHE EA 40 124.35 41.66 61.98
C PHE EA 40 123.52 40.94 63.03
N SER EA 41 123.84 41.12 64.31
CA SER EA 41 123.16 40.36 65.35
C SER EA 41 121.66 40.59 65.32
N HIS EA 42 121.22 41.78 64.92
CA HIS EA 42 119.80 42.08 64.94
C HIS EA 42 119.02 41.33 63.89
N LEU EA 43 119.66 40.55 63.02
CA LEU EA 43 118.92 39.75 62.05
C LEU EA 43 119.51 38.37 61.86
N ALA EA 44 120.19 37.84 62.87
CA ALA EA 44 120.76 36.50 62.76
C ALA EA 44 119.66 35.46 62.52
N ILE EA 45 118.56 35.59 63.25
CA ILE EA 45 117.37 34.78 63.01
C ILE EA 45 116.34 35.68 62.34
N SER EA 46 115.77 35.19 61.24
CA SER EA 46 114.88 36.02 60.44
C SER EA 46 113.64 35.24 60.06
N THR EA 47 112.59 35.98 59.73
CA THR EA 47 111.41 35.42 59.10
C THR EA 47 110.83 36.48 58.18
N GLY EA 48 110.42 36.06 56.99
CA GLY EA 48 109.89 37.00 56.02
C GLY EA 48 110.98 37.87 55.42
N SER EA 49 110.54 38.76 54.54
CA SER EA 49 111.45 39.66 53.84
C SER EA 49 111.38 41.09 54.35
N LEU EA 50 110.49 41.38 55.30
CA LEU EA 50 110.31 42.75 55.73
C LEU EA 50 111.58 43.27 56.40
N PRO EA 51 112.01 44.48 56.09
CA PRO EA 51 113.17 45.04 56.79
C PRO EA 51 112.88 45.24 58.26
N VAL EA 52 113.93 45.19 59.06
CA VAL EA 52 113.80 45.27 60.51
C VAL EA 52 114.21 46.66 60.97
N TRP EA 53 113.28 47.37 61.59
CA TRP EA 53 113.57 48.69 62.13
C TRP EA 53 112.55 49.00 63.21
N SER EA 54 112.88 49.99 64.04
CA SER EA 54 112.09 50.29 65.22
C SER EA 54 112.02 51.80 65.42
N ALA EA 55 111.32 52.21 66.48
CA ALA EA 55 111.06 53.63 66.69
C ALA EA 55 112.35 54.42 66.85
N ARG EA 56 113.27 53.94 67.67
CA ARG EA 56 114.56 54.62 67.85
C ARG EA 56 115.65 54.03 66.99
N TYR EA 57 115.32 53.06 66.14
CA TYR EA 57 116.22 52.58 65.09
C TYR EA 57 115.42 52.46 63.80
N PRO EA 58 115.06 53.60 63.20
CA PRO EA 58 114.04 53.62 62.15
C PRO EA 58 114.54 53.36 60.74
N SER EA 59 115.81 53.04 60.54
CA SER EA 59 116.32 52.74 59.22
C SER EA 59 117.25 51.54 59.31
N VAL EA 60 117.40 50.84 58.18
CA VAL EA 60 118.24 49.65 58.18
C VAL EA 60 119.67 50.02 58.54
N ALA EA 61 120.10 51.23 58.21
CA ALA EA 61 121.45 51.65 58.53
C ALA EA 61 121.56 52.26 59.92
N SER EA 62 120.43 52.48 60.61
CA SER EA 62 120.45 53.24 61.85
C SER EA 62 121.34 52.58 62.89
N ARG EA 63 121.20 51.26 63.05
CA ARG EA 63 121.97 50.58 64.09
C ARG EA 63 123.46 50.72 63.85
N ASN EA 64 123.91 50.53 62.61
CA ASN EA 64 125.32 50.65 62.33
C ASN EA 64 125.82 52.06 62.55
N ILE EA 65 125.02 53.05 62.14
CA ILE EA 65 125.42 54.44 62.35
C ILE EA 65 125.64 54.72 63.82
N ILE EA 66 124.71 54.26 64.65
CA ILE EA 66 124.83 54.47 66.09
C ILE EA 66 126.09 53.82 66.62
N VAL EA 67 126.34 52.58 66.19
CA VAL EA 67 127.54 51.87 66.62
C VAL EA 67 128.79 52.67 66.25
N ASN EA 68 128.82 53.20 65.04
CA ASN EA 68 129.98 53.98 64.61
C ASN EA 68 130.17 55.20 65.50
N THR EA 69 129.09 55.93 65.75
CA THR EA 69 129.19 57.09 66.63
C THR EA 69 129.61 56.67 68.03
N LEU EA 70 129.05 55.56 68.51
CA LEU EA 70 129.40 55.07 69.83
C LEU EA 70 130.90 54.81 69.94
N LEU EA 71 131.46 54.14 68.93
CA LEU EA 71 132.88 53.82 68.97
C LEU EA 71 133.72 55.08 68.99
N GLY EA 72 133.24 56.17 68.39
CA GLY EA 72 134.04 57.37 68.29
C GLY EA 72 134.46 57.93 69.63
N ALA EA 73 133.75 57.58 70.70
CA ALA EA 73 134.04 58.14 72.01
C ALA EA 73 135.02 57.29 72.82
N HIS EA 74 135.29 56.05 72.41
CA HIS EA 74 136.04 55.14 73.25
C HIS EA 74 137.29 54.58 72.60
N LEU EA 75 137.65 55.05 71.41
CA LEU EA 75 138.83 54.53 70.72
C LEU EA 75 140.08 55.32 71.05
N ASN EA 76 140.10 56.00 72.20
CA ASN EA 76 141.29 56.77 72.57
C ASN EA 76 142.58 55.96 72.59
N PRO EA 77 142.61 54.70 73.04
CA PRO EA 77 143.89 53.98 73.07
C PRO EA 77 144.64 53.99 71.74
N PHE EA 78 143.92 53.95 70.63
CA PHE EA 78 144.58 53.98 69.33
C PHE EA 78 144.95 55.39 68.90
N ALA EA 79 144.66 56.38 69.71
CA ALA EA 79 145.11 57.74 69.46
C ALA EA 79 146.02 58.27 70.55
N GLY EA 80 145.61 58.14 71.81
CA GLY EA 80 146.41 58.57 72.93
C GLY EA 80 147.20 57.48 73.61
N GLY EA 81 147.06 56.23 73.16
CA GLY EA 81 147.80 55.16 73.79
C GLY EA 81 147.29 54.75 75.15
N GLN EA 82 146.14 55.27 75.58
CA GLN EA 82 145.61 54.96 76.89
C GLN EA 82 144.10 54.76 76.82
N VAL EA 83 143.60 53.93 77.71
CA VAL EA 83 142.16 53.77 77.88
C VAL EA 83 141.63 54.93 78.70
N THR EA 84 140.47 55.45 78.33
CA THR EA 84 139.84 56.55 79.03
C THR EA 84 138.40 56.19 79.35
N SER EA 85 137.71 57.10 80.00
CA SER EA 85 136.31 56.92 80.35
C SER EA 85 135.52 58.13 79.89
N HIS EA 86 134.26 57.89 79.54
CA HIS EA 86 133.37 58.95 79.11
C HIS EA 86 132.04 58.77 79.81
N GLN EA 87 131.61 59.78 80.55
CA GLN EA 87 130.36 59.73 81.31
C GLN EA 87 130.33 58.51 82.22
N GLY EA 88 131.47 58.22 82.83
CA GLY EA 88 131.54 57.15 83.82
C GLY EA 88 131.48 55.75 83.26
N ILE EA 89 131.79 55.55 81.99
CA ILE EA 89 131.76 54.23 81.38
C ILE EA 89 133.07 54.03 80.62
N THR EA 90 133.62 52.83 80.72
CA THR EA 90 134.87 52.49 80.05
C THR EA 90 134.90 50.99 79.79
N TRP EA 91 136.03 50.50 79.32
CA TRP EA 91 136.19 49.09 79.02
C TRP EA 91 136.44 48.29 80.28
N ARG EA 92 136.03 47.02 80.24
CA ARG EA 92 136.28 46.13 81.37
C ARG EA 92 137.76 45.86 81.54
N ASP EA 93 138.49 45.71 80.44
CA ASP EA 93 139.83 45.17 80.47
C ASP EA 93 140.62 45.78 79.33
N PRO EA 94 141.96 45.73 79.38
CA PRO EA 94 142.75 46.24 78.26
C PRO EA 94 142.47 45.52 76.96
N VAL EA 95 141.97 44.28 77.01
CA VAL EA 95 141.56 43.58 75.80
C VAL EA 95 140.31 44.19 75.17
N LEU EA 96 139.62 45.07 75.89
CA LEU EA 96 138.43 45.74 75.39
C LEU EA 96 137.32 44.74 75.08
N SER EA 97 137.08 43.83 76.03
CA SER EA 97 136.03 42.83 75.84
C SER EA 97 134.66 43.48 75.73
N SER EA 98 134.37 44.42 76.63
CA SER EA 98 133.07 45.07 76.64
C SER EA 98 133.17 46.34 77.47
N LEU EA 99 132.11 47.13 77.44
CA LEU EA 99 132.01 48.37 78.19
C LEU EA 99 131.26 48.15 79.49
N ALA EA 100 131.62 48.93 80.50
CA ALA EA 100 131.06 48.76 81.84
C ALA EA 100 131.24 50.07 82.59
N PRO EA 101 130.47 50.29 83.65
CA PRO EA 101 130.67 51.48 84.49
C PRO EA 101 132.06 51.47 85.11
N VAL EA 102 132.62 52.66 85.26
CA VAL EA 102 133.99 52.77 85.78
C VAL EA 102 134.04 52.25 87.22
N PRO EA 103 134.99 51.41 87.57
CA PRO EA 103 135.13 51.00 88.97
C PRO EA 103 135.72 52.10 89.82
N ALA EA 104 135.36 52.08 91.10
CA ALA EA 104 135.86 53.08 92.04
C ALA EA 104 137.13 52.61 92.74
N ILE EA 105 138.11 52.15 91.95
CA ILE EA 105 139.39 51.73 92.49
C ILE EA 105 140.50 52.51 91.83
N GLN EA 106 140.64 52.34 90.51
CA GLN EA 106 141.63 53.07 89.72
C GLN EA 106 140.93 53.66 88.50
N PRO EA 107 140.16 54.74 88.71
CA PRO EA 107 139.41 55.33 87.61
C PRO EA 107 140.36 55.86 86.54
N PRO EA 108 140.16 55.47 85.28
CA PRO EA 108 140.99 55.99 84.21
C PRO EA 108 140.70 57.46 83.98
N PRO EA 109 141.61 58.18 83.35
CA PRO EA 109 141.38 59.61 83.11
C PRO EA 109 140.19 59.83 82.17
N VAL EA 110 139.55 60.97 82.36
CA VAL EA 110 138.35 61.29 81.58
C VAL EA 110 138.76 61.64 80.15
N TRP EA 111 138.03 61.08 79.19
CA TRP EA 111 138.32 61.36 77.79
C TRP EA 111 138.02 62.81 77.45
N ALA EA 112 138.90 63.41 76.64
CA ALA EA 112 138.68 64.75 76.12
C ALA EA 112 137.91 64.63 74.81
N VAL EA 113 136.81 65.37 74.71
CA VAL EA 113 135.93 65.24 73.56
C VAL EA 113 136.59 65.86 72.33
N ALA EA 114 136.61 65.11 71.23
CA ALA EA 114 137.13 65.59 69.97
C ALA EA 114 136.51 64.75 68.86
N GLU EA 115 136.69 65.21 67.61
CA GLU EA 115 136.11 64.53 66.45
C GLU EA 115 137.17 64.35 65.38
N ASN EA 116 136.97 63.33 64.56
CA ASN EA 116 137.83 63.04 63.41
C ASN EA 116 139.29 62.90 63.82
N VAL EA 117 139.51 62.18 64.92
CA VAL EA 117 140.89 61.93 65.36
C VAL EA 117 141.46 60.77 64.55
N PRO EA 118 142.64 60.93 63.95
CA PRO EA 118 143.25 59.81 63.24
C PRO EA 118 143.65 58.70 64.20
N LEU EA 119 143.60 57.47 63.71
CA LEU EA 119 143.86 56.30 64.53
C LEU EA 119 145.02 55.49 63.97
N ASP EA 120 145.78 54.88 64.88
CA ASP EA 120 146.89 54.02 64.49
C ASP EA 120 147.04 52.94 65.56
N SER EA 121 147.00 51.68 65.12
CA SER EA 121 147.07 50.58 66.07
C SER EA 121 148.39 50.51 66.80
N ASN EA 122 149.46 51.05 66.23
CA ASN EA 122 150.76 51.00 66.89
C ASN EA 122 150.83 51.89 68.13
N ASN EA 123 149.85 52.76 68.33
CA ASN EA 123 149.81 53.55 69.56
C ASN EA 123 149.48 52.73 70.78
N TYR EA 124 149.01 51.49 70.61
CA TYR EA 124 148.51 50.67 71.72
C TYR EA 124 149.19 49.31 71.64
N PRO EA 125 150.36 49.16 72.26
CA PRO EA 125 151.16 47.96 72.03
C PRO EA 125 150.45 46.67 72.40
N THR EA 126 149.60 46.68 73.41
CA THR EA 126 148.98 45.45 73.88
C THR EA 126 148.15 44.77 72.80
N TYR EA 127 147.68 45.54 71.81
CA TYR EA 127 146.90 44.95 70.73
C TYR EA 127 147.72 43.91 69.98
N VAL EA 128 148.98 44.24 69.68
CA VAL EA 128 149.83 43.31 68.96
C VAL EA 128 150.03 42.03 69.75
N LEU EA 129 150.22 42.16 71.07
CA LEU EA 129 150.42 40.99 71.90
C LEU EA 129 149.17 40.11 71.94
N ASN EA 130 148.00 40.72 72.05
CA ASN EA 130 146.75 39.99 72.14
C ASN EA 130 146.02 39.96 70.81
N LEU EA 131 146.76 39.91 69.71
CA LEU EA 131 146.14 39.96 68.39
C LEU EA 131 145.15 38.83 68.19
N SER EA 132 145.46 37.64 68.71
CA SER EA 132 144.61 36.48 68.46
C SER EA 132 143.21 36.67 69.01
N SER EA 133 143.05 37.49 70.06
CA SER EA 133 141.74 37.71 70.65
C SER EA 133 141.18 39.10 70.39
N MET EA 134 141.99 40.04 69.93
CA MET EA 134 141.51 41.37 69.60
C MET EA 134 141.31 41.55 68.10
N TRP EA 135 141.40 40.47 67.32
CA TRP EA 135 141.26 40.56 65.88
C TRP EA 135 139.98 41.24 65.41
N PRO EA 136 138.80 40.97 65.97
CA PRO EA 136 137.59 41.62 65.45
C PRO EA 136 137.63 43.13 65.51
N ILE EA 137 138.43 43.70 66.41
CA ILE EA 137 138.55 45.16 66.46
C ILE EA 137 139.03 45.69 65.11
N ASN EA 138 139.96 44.96 64.49
CA ASN EA 138 140.48 45.38 63.18
C ASN EA 138 139.36 45.58 62.18
N GLN EA 139 138.45 44.61 62.08
CA GLN EA 139 137.38 44.70 61.10
C GLN EA 139 136.46 45.87 61.41
N ASP EA 140 136.01 45.97 62.66
CA ASP EA 140 135.02 46.99 62.99
C ASP EA 140 135.58 48.40 62.83
N VAL EA 141 136.81 48.62 63.28
CA VAL EA 141 137.39 49.95 63.14
C VAL EA 141 137.48 50.34 61.67
N HIS EA 142 137.92 49.41 60.83
CA HIS EA 142 138.01 49.69 59.41
C HIS EA 142 136.65 50.05 58.84
N ILE EA 143 135.62 49.31 59.24
CA ILE EA 143 134.28 49.60 58.77
C ILE EA 143 133.86 51.00 59.18
N MET EA 144 134.11 51.35 60.44
CA MET EA 144 133.75 52.68 60.92
C MET EA 144 134.46 53.75 60.09
N THR EA 145 135.74 53.55 59.82
CA THR EA 145 136.49 54.53 59.06
C THR EA 145 135.93 54.69 57.66
N MET EA 146 135.60 53.57 57.01
CA MET EA 146 135.10 53.64 55.65
C MET EA 146 133.78 54.39 55.58
N TRP EA 147 133.03 54.42 56.68
CA TRP EA 147 131.81 55.20 56.69
C TRP EA 147 132.05 56.64 57.10
N ALA EA 148 132.98 56.86 58.03
CA ALA EA 148 133.22 58.21 58.53
C ALA EA 148 133.74 59.12 57.43
N LEU EA 149 134.42 58.56 56.43
CA LEU EA 149 135.04 59.37 55.40
C LEU EA 149 134.04 60.01 54.45
N SER EA 150 132.77 59.62 54.51
CA SER EA 150 131.79 60.08 53.55
C SER EA 150 130.64 60.79 54.25
N ASP EA 151 130.21 61.89 53.66
CA ASP EA 151 129.05 62.63 54.13
C ASP EA 151 127.75 62.12 53.54
N GLN EA 152 127.80 61.19 52.60
CA GLN EA 152 126.65 60.82 51.83
C GLN EA 152 126.40 59.32 51.74
N GLY EA 153 127.42 58.48 51.83
CA GLY EA 153 127.24 57.06 51.72
C GLY EA 153 128.56 56.33 51.83
N PRO EA 154 128.53 55.11 52.37
CA PRO EA 154 129.78 54.41 52.69
C PRO EA 154 130.64 54.19 51.46
N ILE EA 155 131.95 54.25 51.68
CA ILE EA 155 132.94 54.08 50.62
C ILE EA 155 133.44 52.65 50.65
N TYR EA 156 133.54 52.03 49.48
CA TYR EA 156 134.12 50.69 49.37
C TYR EA 156 134.89 50.60 48.07
N HIS EA 157 135.55 49.47 47.87
CA HIS EA 157 136.57 49.31 46.85
C HIS EA 157 136.26 48.15 45.93
N LEU EA 158 136.61 48.32 44.65
CA LEU EA 158 136.42 47.30 43.64
C LEU EA 158 137.73 47.08 42.90
N GLU EA 159 137.92 45.87 42.39
CA GLU EA 159 139.05 45.59 41.51
C GLU EA 159 138.82 44.27 40.79
N VAL EA 160 139.43 44.16 39.61
CA VAL EA 160 139.42 42.93 38.83
C VAL EA 160 140.79 42.74 38.19
N PRO EA 161 141.42 41.59 38.34
CA PRO EA 161 142.74 41.38 37.75
C PRO EA 161 142.64 40.99 36.28
N VAL EA 162 143.81 40.97 35.63
CA VAL EA 162 143.85 40.61 34.22
C VAL EA 162 143.69 39.11 34.01
N ASP EA 163 144.11 38.31 34.97
CA ASP EA 163 144.00 36.87 34.85
C ASP EA 163 142.57 36.42 35.04
N PRO EA 164 142.20 35.26 34.48
CA PRO EA 164 140.88 34.71 34.75
C PRO EA 164 140.78 34.26 36.19
N MET EA 165 139.55 34.00 36.61
CA MET EA 165 139.29 33.61 37.98
C MET EA 165 140.04 32.32 38.31
N PRO EA 166 140.91 32.32 39.31
CA PRO EA 166 141.69 31.12 39.61
C PRO EA 166 140.81 29.98 40.06
N ALA EA 167 141.25 28.76 39.76
CA ALA EA 167 140.42 27.58 39.96
C ALA EA 167 140.04 27.40 41.41
N ALA EA 168 140.99 27.62 42.33
CA ALA EA 168 140.72 27.42 43.73
C ALA EA 168 139.53 28.24 44.19
N THR EA 169 139.46 29.50 43.75
CA THR EA 169 138.32 30.33 44.11
C THR EA 169 137.03 29.75 43.56
N THR EA 170 137.06 29.24 42.33
CA THR EA 170 135.86 28.64 41.74
C THR EA 170 135.36 27.50 42.60
N ALA EA 171 136.28 26.73 43.19
CA ALA EA 171 135.88 25.64 44.07
C ALA EA 171 135.11 26.16 45.26
N ALA EA 172 135.52 27.31 45.80
CA ALA EA 172 134.83 27.87 46.95
C ALA EA 172 133.50 28.51 46.55
N LEU EA 173 133.44 29.11 45.36
CA LEU EA 173 132.27 29.87 44.97
C LEU EA 173 131.04 28.97 44.86
N MET EA 174 131.21 27.74 44.38
CA MET EA 174 130.07 26.88 44.17
C MET EA 174 129.34 26.57 45.47
N ALA EA 175 129.98 26.84 46.61
CA ALA EA 175 129.30 26.68 47.89
C ALA EA 175 128.24 27.74 48.12
N TYR EA 176 128.18 28.78 47.30
CA TYR EA 176 127.30 29.91 47.55
C TYR EA 176 126.35 30.15 46.38
N ILE EA 177 125.87 29.08 45.79
CA ILE EA 177 124.87 29.19 44.74
C ILE EA 177 123.51 29.45 45.37
N GLY EA 178 122.72 30.31 44.75
CA GLY EA 178 121.34 30.50 45.16
C GLY EA 178 121.19 31.03 46.57
N VAL EA 179 121.97 32.03 46.93
CA VAL EA 179 121.84 32.65 48.25
C VAL EA 179 121.77 34.17 48.05
N PRO EA 180 120.87 34.87 48.72
CA PRO EA 180 120.73 36.30 48.48
C PRO EA 180 121.95 37.09 48.96
N ILE EA 181 122.07 38.29 48.40
CA ILE EA 181 123.25 39.11 48.68
C ILE EA 181 123.34 39.43 50.17
N ALA EA 182 122.20 39.67 50.81
CA ALA EA 182 122.20 40.04 52.22
C ALA EA 182 122.82 38.93 53.06
N HIS EA 183 122.44 37.68 52.81
CA HIS EA 183 123.05 36.57 53.53
C HIS EA 183 124.54 36.52 53.26
N LEU EA 184 124.95 36.73 52.01
CA LEU EA 184 126.36 36.69 51.68
C LEU EA 184 127.13 37.73 52.48
N ALA EA 185 126.58 38.93 52.59
CA ALA EA 185 127.25 39.97 53.36
C ALA EA 185 127.42 39.55 54.81
N GLN EA 186 126.38 38.94 55.38
CA GLN EA 186 126.48 38.45 56.75
C GLN EA 186 127.58 37.41 56.87
N THR EA 187 127.66 36.49 55.91
CA THR EA 187 128.73 35.50 55.93
C THR EA 187 130.09 36.16 55.82
N ALA EA 188 130.22 37.12 54.90
CA ALA EA 188 131.49 37.79 54.72
C ALA EA 188 131.91 38.51 55.98
N TYR EA 189 130.95 39.16 56.66
CA TYR EA 189 131.27 39.85 57.90
C TYR EA 189 131.78 38.87 58.94
N ARG EA 190 131.14 37.71 59.06
CA ARG EA 190 131.56 36.73 60.04
C ARG EA 190 132.96 36.21 59.76
N PHE EA 191 133.25 35.95 58.48
CA PHE EA 191 134.53 35.36 58.13
C PHE EA 191 135.70 36.21 58.63
N ALA EA 192 135.75 37.46 58.20
CA ALA EA 192 136.81 38.34 58.64
C ALA EA 192 136.67 38.77 60.08
N GLY EA 193 135.64 38.30 60.78
CA GLY EA 193 135.34 38.80 62.11
C GLY EA 193 136.06 38.12 63.24
N GLN EA 194 136.09 36.79 63.24
CA GLN EA 194 136.49 36.09 64.45
C GLN EA 194 138.01 35.90 64.58
N LEU EA 195 138.65 35.31 63.57
CA LEU EA 195 140.06 34.99 63.76
C LEU EA 195 140.93 35.69 62.72
N PRO EA 196 142.19 35.97 63.06
CA PRO EA 196 143.07 36.62 62.08
C PRO EA 196 143.32 35.74 60.88
N GLN EA 197 143.41 36.37 59.71
CA GLN EA 197 143.57 35.67 58.45
C GLN EA 197 144.70 36.29 57.65
N SER EA 198 145.26 35.51 56.75
CA SER EA 198 146.31 36.05 55.90
C SER EA 198 145.70 36.82 54.73
N PRO EA 199 146.34 37.89 54.28
CA PRO EA 199 145.83 38.58 53.09
C PRO EA 199 145.79 37.67 51.87
N ASP EA 200 146.78 36.80 51.74
CA ASP EA 200 146.77 35.77 50.72
C ASP EA 200 145.97 34.59 51.25
N SER EA 201 144.77 34.39 50.73
CA SER EA 201 143.94 33.27 51.15
C SER EA 201 142.85 33.07 50.12
N THR EA 202 142.48 31.80 49.91
CA THR EA 202 141.45 31.48 48.93
C THR EA 202 140.15 32.20 49.27
N MET EA 203 139.77 32.17 50.54
CA MET EA 203 138.53 32.80 50.96
C MET EA 203 138.54 34.29 50.67
N VAL EA 204 139.66 34.95 50.93
CA VAL EA 204 139.74 36.39 50.73
C VAL EA 204 139.51 36.74 49.27
N SER EA 205 140.25 36.09 48.38
CA SER EA 205 140.07 36.36 46.96
C SER EA 205 138.67 35.99 46.52
N THR EA 206 138.08 34.95 47.12
CA THR EA 206 136.73 34.57 46.78
C THR EA 206 135.76 35.73 47.00
N ILE EA 207 135.79 36.32 48.18
CA ILE EA 207 134.88 37.42 48.47
C ILE EA 207 135.19 38.60 47.58
N ARG EA 208 136.48 38.82 47.28
CA ARG EA 208 136.84 39.91 46.39
C ARG EA 208 136.15 39.77 45.05
N TRP EA 209 136.14 38.56 44.48
CA TRP EA 209 135.44 38.33 43.23
C TRP EA 209 133.95 38.55 43.41
N LEU EA 210 133.38 38.08 44.52
CA LEU EA 210 131.95 38.26 44.77
C LEU EA 210 131.58 39.73 44.69
N SER EA 211 132.36 40.58 45.35
CA SER EA 211 132.08 42.01 45.31
C SER EA 211 132.10 42.52 43.88
N ALA EA 212 133.11 42.11 43.11
CA ALA EA 212 133.18 42.53 41.71
C ALA EA 212 131.99 42.03 40.93
N ILE EA 213 131.64 40.76 41.11
CA ILE EA 213 130.56 40.17 40.33
C ILE EA 213 129.25 40.88 40.60
N TRP EA 214 128.96 41.15 41.88
CA TRP EA 214 127.71 41.80 42.21
C TRP EA 214 127.60 43.16 41.56
N PHE EA 215 128.69 43.93 41.58
CA PHE EA 215 128.66 45.22 40.92
C PHE EA 215 128.43 45.08 39.43
N GLY EA 216 129.08 44.10 38.80
CA GLY EA 216 128.85 43.88 37.39
C GLY EA 216 127.40 43.58 37.08
N SER EA 217 126.75 42.77 37.92
CA SER EA 217 125.33 42.54 37.76
C SER EA 217 124.52 43.78 38.12
N LEU EA 218 125.00 44.58 39.07
CA LEU EA 218 124.25 45.75 39.49
C LEU EA 218 124.02 46.70 38.32
N THR EA 219 125.05 46.93 37.54
CA THR EA 219 124.90 47.73 36.32
C THR EA 219 124.15 46.97 35.24
N GLY EA 220 123.91 45.68 35.42
CA GLY EA 220 123.35 44.86 34.38
C GLY EA 220 124.34 44.41 33.34
N ARG EA 221 125.60 44.84 33.43
CA ARG EA 221 126.61 44.41 32.48
C ARG EA 221 126.76 42.90 32.51
N LEU EA 222 126.71 42.32 33.71
CA LEU EA 222 126.68 40.87 33.88
C LEU EA 222 125.24 40.43 34.05
N ASN EA 223 124.85 39.42 33.28
CA ASN EA 223 123.50 38.87 33.34
C ASN EA 223 123.55 37.45 32.83
N ARG EA 224 122.38 36.80 32.80
CA ARG EA 224 122.35 35.39 32.44
C ARG EA 224 122.78 35.14 31.00
N SER EA 225 122.87 36.18 30.17
CA SER EA 225 123.45 36.02 28.85
C SER EA 225 124.95 36.25 28.82
N ARG EA 226 125.50 36.91 29.85
CA ARG EA 226 126.92 37.22 29.89
C ARG EA 226 127.38 37.07 31.33
N THR EA 227 127.95 35.91 31.64
CA THR EA 227 128.38 35.61 32.99
C THR EA 227 129.86 35.94 33.18
N CYS EA 228 130.27 36.07 34.44
CA CYS EA 228 131.67 36.27 34.73
C CYS EA 228 132.47 35.00 34.50
N ASN EA 229 132.14 33.95 35.24
CA ASN EA 229 132.74 32.64 35.04
C ASN EA 229 131.67 31.58 35.15
N GLY EA 230 130.54 31.84 34.50
CA GLY EA 230 129.32 31.11 34.74
C GLY EA 230 128.48 31.69 35.84
N PHE EA 231 129.04 32.55 36.68
CA PHE EA 231 128.33 33.15 37.78
C PHE EA 231 127.72 34.49 37.36
N TYR EA 232 126.66 34.87 38.08
CA TYR EA 232 126.00 36.16 37.91
C TYR EA 232 124.92 36.23 39.00
N PHE EA 233 124.31 37.40 39.12
CA PHE EA 233 123.27 37.64 40.10
C PHE EA 233 121.93 37.79 39.40
N GLU EA 234 120.93 37.06 39.90
CA GLU EA 234 119.58 37.11 39.36
C GLU EA 234 118.74 38.08 40.17
N PHE EA 235 117.86 38.82 39.49
CA PHE EA 235 117.06 39.85 40.12
C PHE EA 235 115.57 39.52 40.01
N ALA EA 236 114.81 40.01 40.98
CA ALA EA 236 113.37 39.92 40.95
C ALA EA 236 112.76 41.24 40.48
N LYS EA 237 111.49 41.19 40.14
CA LYS EA 237 110.81 42.39 39.68
C LYS EA 237 110.79 43.43 40.80
N PRO EA 238 111.16 44.67 40.53
CA PRO EA 238 111.26 45.66 41.62
C PRO EA 238 109.93 45.95 42.28
N ALA EA 239 108.81 45.65 41.62
CA ALA EA 239 107.51 45.91 42.21
C ALA EA 239 107.24 45.07 43.44
N LEU EA 240 108.02 44.01 43.66
CA LEU EA 240 107.81 43.13 44.80
C LEU EA 240 109.09 42.33 45.01
N ASN EA 241 109.56 42.29 46.25
CA ASN EA 241 110.87 41.76 46.56
C ASN EA 241 111.94 42.47 45.72
N PRO EA 242 112.05 43.80 45.84
CA PRO EA 242 113.01 44.52 45.00
C PRO EA 242 114.46 44.27 45.39
N ASP EA 243 114.70 43.52 46.45
CA ASP EA 243 116.03 43.35 47.00
C ASP EA 243 116.50 41.90 47.03
N GLN EA 244 115.66 40.94 46.63
CA GLN EA 244 116.02 39.53 46.73
C GLN EA 244 116.78 39.11 45.48
N ALA EA 245 117.98 39.66 45.36
CA ALA EA 245 118.91 39.25 44.32
C ALA EA 245 119.81 38.15 44.86
N VAL EA 246 119.89 37.04 44.14
CA VAL EA 246 120.67 35.89 44.57
C VAL EA 246 121.70 35.56 43.51
N LEU EA 247 122.64 34.69 43.88
CA LEU EA 247 123.71 34.29 42.99
C LEU EA 247 123.31 33.05 42.21
N LYS EA 248 123.67 33.02 40.93
CA LYS EA 248 123.34 31.92 40.06
C LYS EA 248 124.56 31.54 39.23
N TRP EA 249 124.64 30.26 38.87
CA TRP EA 249 125.65 29.76 37.97
C TRP EA 249 124.98 29.26 36.69
N ASN EA 250 125.65 29.49 35.57
CA ASN EA 250 125.04 29.23 34.27
C ASN EA 250 126.12 28.75 33.31
N ASP EA 251 125.68 28.05 32.26
CA ASP EA 251 126.58 27.46 31.30
C ASP EA 251 126.79 28.33 30.06
N GLY EA 252 126.23 29.53 30.02
CA GLY EA 252 126.27 30.36 28.84
C GLY EA 252 127.63 31.00 28.61
N ALA EA 253 127.62 32.08 27.83
CA ALA EA 253 128.85 32.75 27.45
C ALA EA 253 129.47 33.44 28.66
N ARG EA 254 130.77 33.69 28.57
CA ARG EA 254 131.53 34.35 29.62
C ARG EA 254 132.17 35.61 29.08
N ALA EA 255 132.15 36.67 29.89
CA ALA EA 255 132.82 37.90 29.51
C ALA EA 255 134.32 37.69 29.50
N ALA EA 256 134.98 38.28 28.50
CA ALA EA 256 136.42 38.15 28.41
C ALA EA 256 137.10 39.05 29.45
N PRO EA 257 138.30 38.69 29.89
CA PRO EA 257 139.00 39.48 30.91
C PRO EA 257 139.35 40.85 30.38
N PRO EA 258 139.53 41.83 31.26
CA PRO EA 258 139.85 43.18 30.80
C PRO EA 258 141.25 43.27 30.22
N ALA EA 259 141.46 44.32 29.43
CA ALA EA 259 142.78 44.54 28.85
C ALA EA 259 143.82 44.78 29.93
N ALA EA 260 143.49 45.57 30.94
CA ALA EA 260 144.39 45.87 32.03
C ALA EA 260 143.64 45.74 33.34
N ALA EA 261 144.39 45.71 34.44
CA ALA EA 261 143.78 45.59 35.75
C ALA EA 261 142.91 46.81 36.03
N GLN EA 262 141.72 46.55 36.57
CA GLN EA 262 140.76 47.60 36.89
C GLN EA 262 140.58 47.67 38.40
N SER EA 263 140.41 48.88 38.93
CA SER EA 263 140.17 49.08 40.35
C SER EA 263 139.69 50.50 40.57
N SER EA 264 138.79 50.66 41.52
CA SER EA 264 138.29 51.98 41.89
C SER EA 264 137.58 51.89 43.22
N TYR EA 265 137.35 53.05 43.82
CA TYR EA 265 136.53 53.17 45.01
C TYR EA 265 135.12 53.60 44.62
N MET EA 266 134.14 53.12 45.38
CA MET EA 266 132.74 53.34 45.05
C MET EA 266 132.00 53.93 46.24
N ARG EA 267 130.90 54.62 45.93
CA ARG EA 267 130.11 55.30 46.94
C ARG EA 267 128.71 55.53 46.38
N CYS EA 268 127.72 55.54 47.26
CA CYS EA 268 126.38 55.94 46.90
C CYS EA 268 126.19 57.42 47.17
N ILE EA 269 125.75 58.16 46.16
CA ILE EA 269 125.73 59.61 46.23
C ILE EA 269 124.37 60.15 46.66
N SER EA 270 123.44 59.27 47.00
CA SER EA 270 122.10 59.71 47.38
C SER EA 270 121.69 59.08 48.70
N PRO EA 271 120.85 59.76 49.47
CA PRO EA 271 120.49 59.22 50.80
C PRO EA 271 119.71 57.93 50.75
N HIS EA 272 119.36 57.42 49.56
CA HIS EA 272 118.53 56.23 49.49
C HIS EA 272 119.15 55.05 50.21
N TRP EA 273 120.47 55.02 50.33
CA TRP EA 273 121.14 53.86 50.89
C TRP EA 273 120.74 53.62 52.33
N GLN EA 274 120.38 54.67 53.06
CA GLN EA 274 120.14 54.52 54.49
C GLN EA 274 118.98 53.59 54.80
N HIS EA 275 118.12 53.30 53.83
CA HIS EA 275 117.00 52.39 54.05
C HIS EA 275 116.89 51.34 52.96
N GLN EA 276 117.96 51.12 52.21
CA GLN EA 276 117.98 50.11 51.15
C GLN EA 276 119.04 49.08 51.49
N ILE EA 277 118.62 47.84 51.71
CA ILE EA 277 119.49 46.85 52.31
C ILE EA 277 120.67 46.54 51.40
N VAL EA 278 120.42 46.48 50.08
CA VAL EA 278 121.44 45.98 49.18
C VAL EA 278 122.68 46.87 49.17
N GLU EA 279 122.49 48.18 49.30
CA GLU EA 279 123.64 49.07 49.40
C GLU EA 279 124.46 48.74 50.63
N VAL EA 280 123.79 48.53 51.77
CA VAL EA 280 124.50 48.20 53.00
C VAL EA 280 125.23 46.89 52.84
N ALA EA 281 124.56 45.88 52.27
CA ALA EA 281 125.19 44.58 52.08
C ALA EA 281 126.43 44.69 51.19
N GLY EA 282 126.27 45.36 50.05
CA GLY EA 282 127.39 45.46 49.12
C GLY EA 282 128.56 46.20 49.73
N ALA EA 283 128.30 47.31 50.41
CA ALA EA 283 129.37 48.08 51.01
C ALA EA 283 130.09 47.27 52.08
N LEU EA 284 129.33 46.61 52.96
CA LEU EA 284 129.95 45.85 54.03
C LEU EA 284 130.79 44.70 53.47
N MET EA 285 130.28 44.02 52.45
CA MET EA 285 131.03 42.90 51.88
C MET EA 285 132.37 43.37 51.34
N SER EA 286 132.36 44.42 50.52
CA SER EA 286 133.61 44.93 49.99
C SER EA 286 134.52 45.42 51.10
N GLN EA 287 133.95 46.15 52.07
CA GLN EA 287 134.75 46.65 53.17
C GLN EA 287 135.39 45.53 53.95
N SER EA 288 134.71 44.38 54.05
CA SER EA 288 135.28 43.25 54.77
C SER EA 288 136.58 42.80 54.12
N VAL EA 289 136.61 42.74 52.79
CA VAL EA 289 137.84 42.35 52.10
C VAL EA 289 138.95 43.34 52.38
N THR EA 290 138.66 44.63 52.24
CA THR EA 290 139.66 45.64 52.50
C THR EA 290 140.14 45.59 53.94
N ALA EA 291 139.26 45.16 54.85
CA ALA EA 291 139.65 45.11 56.26
C ALA EA 291 140.80 44.13 56.48
N VAL EA 292 140.68 42.92 55.95
CA VAL EA 292 141.73 41.94 56.18
C VAL EA 292 142.99 42.30 55.41
N THR EA 293 142.84 42.81 54.20
CA THR EA 293 144.00 43.06 53.36
C THR EA 293 144.52 44.49 53.46
N GLY EA 294 143.80 45.38 54.14
CA GLY EA 294 144.21 46.76 54.19
C GLY EA 294 143.84 47.49 52.91
N LEU EA 295 144.09 48.80 52.92
CA LEU EA 295 143.76 49.60 51.75
C LEU EA 295 144.80 49.37 50.65
N PRO EA 296 144.36 49.02 49.44
CA PRO EA 296 145.33 48.91 48.33
C PRO EA 296 146.06 50.21 48.06
N ALA EA 297 145.37 51.35 48.16
CA ALA EA 297 145.99 52.64 47.86
C ALA EA 297 145.13 53.73 48.46
N LEU EA 298 145.71 54.93 48.50
CA LEU EA 298 145.00 56.08 49.05
C LEU EA 298 143.84 56.48 48.14
N ILE EA 299 142.86 57.14 48.75
CA ILE EA 299 141.65 57.56 48.05
C ILE EA 299 141.80 59.01 47.62
N ASP EA 300 141.22 59.33 46.47
CA ASP EA 300 141.27 60.69 45.95
C ASP EA 300 140.42 61.62 46.80
N GLU EA 301 141.01 62.74 47.23
CA GLU EA 301 140.29 63.68 48.07
C GLU EA 301 139.29 64.51 47.29
N ALA EA 302 139.38 64.52 45.96
CA ALA EA 302 138.75 65.58 45.17
C ALA EA 302 137.26 65.69 45.42
N THR EA 303 136.57 64.56 45.56
CA THR EA 303 135.12 64.55 45.66
C THR EA 303 134.62 64.35 47.09
N LEU EA 304 135.50 64.32 48.06
CA LEU EA 304 135.13 63.99 49.42
C LEU EA 304 134.79 65.25 50.21
N PRO EA 305 134.08 65.10 51.33
CA PRO EA 305 133.77 66.27 52.17
C PRO EA 305 135.02 66.91 52.78
N ALA EA 306 134.81 68.01 53.49
CA ALA EA 306 135.93 68.83 53.93
C ALA EA 306 136.81 68.11 54.94
N TRP EA 307 136.19 67.49 55.95
CA TRP EA 307 136.99 66.87 57.01
C TRP EA 307 137.83 65.71 56.50
N SER EA 308 137.48 65.16 55.35
CA SER EA 308 138.19 64.03 54.77
C SER EA 308 139.35 64.45 53.89
N GLN EA 309 139.61 65.75 53.77
CA GLN EA 309 140.66 66.24 52.86
C GLN EA 309 142.02 66.01 53.50
N GLY EA 310 142.80 65.10 52.92
CA GLY EA 310 144.17 64.92 53.35
C GLY EA 310 144.37 64.13 54.61
N VAL EA 311 143.58 63.08 54.81
CA VAL EA 311 143.76 62.22 55.98
C VAL EA 311 145.04 61.40 55.80
N ALA EA 312 145.79 61.26 56.91
CA ALA EA 312 147.18 60.80 56.83
C ALA EA 312 147.32 59.52 56.03
N ASN EA 313 146.71 58.43 56.50
CA ASN EA 313 146.86 57.13 55.87
C ASN EA 313 145.65 56.73 55.04
N LEU EA 314 144.76 57.67 54.75
CA LEU EA 314 143.51 57.33 54.06
C LEU EA 314 143.36 58.04 52.74
N THR EA 315 143.55 59.35 52.70
CA THR EA 315 143.26 60.15 51.51
C THR EA 315 144.51 60.90 51.06
N GLY EA 316 144.52 61.24 49.78
CA GLY EA 316 145.63 61.96 49.21
C GLY EA 316 145.29 62.47 47.83
N ASN EA 317 146.25 63.17 47.24
CA ASN EA 317 146.08 63.69 45.89
C ASN EA 317 147.32 63.47 45.03
N GLY EA 318 148.20 62.56 45.43
CA GLY EA 318 149.45 62.32 44.72
C GLY EA 318 149.27 61.46 43.49
N GLN EA 319 150.33 60.70 43.18
CA GLN EA 319 150.32 59.89 41.97
C GLN EA 319 149.54 58.60 42.17
N GLY EA 320 150.00 57.74 43.07
CA GLY EA 320 149.34 56.46 43.28
C GLY EA 320 148.09 56.60 44.10
N VAL EA 321 147.09 57.30 43.56
CA VAL EA 321 145.84 57.56 44.27
C VAL EA 321 144.70 57.06 43.40
N VAL EA 322 144.00 56.06 43.88
CA VAL EA 322 142.88 55.50 43.13
C VAL EA 322 141.70 56.47 43.19
N PRO EA 323 141.08 56.80 42.07
CA PRO EA 323 139.90 57.68 42.11
C PRO EA 323 138.70 56.94 42.70
N CYS EA 324 137.72 57.73 43.10
CA CYS EA 324 136.49 57.23 43.69
C CYS EA 324 135.29 57.68 42.86
N LEU EA 325 134.46 56.73 42.47
CA LEU EA 325 133.24 57.03 41.76
C LEU EA 325 132.03 56.92 42.68
N ASP EA 326 130.98 57.64 42.34
CA ASP EA 326 129.73 57.59 43.08
C ASP EA 326 128.57 57.60 42.09
N TYR EA 327 127.43 57.09 42.54
CA TYR EA 327 126.31 56.89 41.65
C TYR EA 327 125.01 57.04 42.41
N ASN EA 328 123.92 57.15 41.66
CA ASN EA 328 122.58 57.23 42.17
C ASN EA 328 121.81 55.98 41.76
N PRO EA 329 121.09 55.33 42.68
CA PRO EA 329 120.43 54.07 42.32
C PRO EA 329 119.44 54.20 41.17
N VAL EA 330 118.68 55.29 41.10
CA VAL EA 330 117.63 55.39 40.09
C VAL EA 330 118.22 55.40 38.69
N PRO EA 331 119.17 56.28 38.36
CA PRO EA 331 119.79 56.16 37.02
C PRO EA 331 120.47 54.83 36.83
N MET EA 332 121.04 54.26 37.89
CA MET EA 332 121.67 52.96 37.79
C MET EA 332 120.67 51.90 37.33
N ALA EA 333 119.48 51.92 37.91
CA ALA EA 333 118.45 50.97 37.50
C ALA EA 333 118.09 51.17 36.04
N ALA EA 334 117.98 52.42 35.60
CA ALA EA 334 117.68 52.70 34.21
C ALA EA 334 118.75 52.09 33.31
N ALA EA 335 120.02 52.28 33.66
CA ALA EA 335 121.08 51.69 32.87
C ALA EA 335 120.99 50.18 32.87
N ARG EA 336 120.70 49.58 34.03
CA ARG EA 336 120.58 48.13 34.11
C ARG EA 336 119.47 47.63 33.20
N HIS EA 337 118.31 48.29 33.23
CA HIS EA 337 117.23 47.89 32.35
C HIS EA 337 117.62 48.06 30.89
N LEU EA 338 118.31 49.14 30.56
CA LEU EA 338 118.73 49.36 29.18
C LEU EA 338 119.64 48.25 28.72
N GLN EA 339 120.55 47.80 29.57
CA GLN EA 339 121.41 46.68 29.21
C GLN EA 339 120.59 45.45 28.92
N TRP EA 340 119.55 45.19 29.72
CA TRP EA 340 118.75 43.99 29.55
C TRP EA 340 118.07 43.96 28.20
N ARG EA 341 117.46 45.07 27.79
CA ARG EA 341 116.80 45.09 26.49
C ARG EA 341 117.81 45.06 25.35
N GLN EA 342 118.97 45.69 25.53
CA GLN EA 342 120.00 45.61 24.52
C GLN EA 342 120.51 44.19 24.36
N ASP EA 343 120.73 43.49 25.47
CA ASP EA 343 121.09 42.09 25.38
C ASP EA 343 119.90 41.21 25.04
N GLY EA 344 118.70 41.78 24.93
CA GLY EA 344 117.56 41.04 24.46
C GLY EA 344 116.80 40.27 25.52
N LEU EA 345 117.09 40.48 26.79
CA LEU EA 345 116.34 39.78 27.83
C LEU EA 345 114.91 40.27 27.92
N ILE EA 346 114.67 41.54 27.57
CA ILE EA 346 113.35 42.15 27.71
C ILE EA 346 113.06 42.98 26.47
N THR EA 347 111.78 43.33 26.31
CA THR EA 347 111.36 44.24 25.25
C THR EA 347 111.28 45.65 25.80
N ALA EA 348 111.31 46.61 24.87
CA ALA EA 348 111.30 48.02 25.26
C ALA EA 348 110.07 48.36 26.08
N ALA EA 349 108.94 47.72 25.78
CA ALA EA 349 107.73 47.96 26.56
C ALA EA 349 107.95 47.58 28.03
N GLN EA 350 108.60 46.45 28.27
CA GLN EA 350 108.91 46.08 29.64
C GLN EA 350 109.87 47.06 30.27
N GLU EA 351 110.89 47.51 29.52
CA GLU EA 351 111.88 48.40 30.08
C GLU EA 351 111.24 49.69 30.58
N ALA EA 352 110.28 50.23 29.82
CA ALA EA 352 109.57 51.41 30.27
C ALA EA 352 108.84 51.13 31.57
N GLN EA 353 108.18 49.97 31.66
CA GLN EA 353 107.45 49.63 32.87
C GLN EA 353 108.38 49.52 34.06
N LEU EA 354 109.53 48.86 33.88
CA LEU EA 354 110.45 48.66 35.00
C LEU EA 354 110.92 49.97 35.58
N ASN EA 355 111.26 50.93 34.71
CA ASN EA 355 111.70 52.23 35.20
C ASN EA 355 110.59 52.90 36.00
N ASN EA 356 109.35 52.81 35.52
CA ASN EA 356 108.24 53.40 36.26
C ASN EA 356 108.10 52.74 37.62
N ASP EA 357 108.18 51.41 37.66
CA ASP EA 357 108.05 50.71 38.94
C ASP EA 357 109.17 51.11 39.89
N TYR EA 358 110.41 51.09 39.41
CA TYR EA 358 111.53 51.38 40.29
C TYR EA 358 111.48 52.81 40.81
N THR EA 359 111.17 53.75 39.93
CA THR EA 359 111.09 55.14 40.35
C THR EA 359 110.05 55.33 41.44
N ALA EA 360 108.88 54.70 41.26
CA ALA EA 360 107.86 54.76 42.29
C ALA EA 360 108.36 54.16 43.59
N TYR EA 361 109.04 53.01 43.50
CA TYR EA 361 109.59 52.39 44.69
C TYR EA 361 110.61 53.29 45.36
N ALA EA 362 111.51 53.89 44.57
CA ALA EA 362 112.52 54.77 45.14
C ALA EA 362 111.87 55.97 45.81
N LEU EA 363 110.75 56.44 45.26
CA LEU EA 363 110.07 57.59 45.84
C LEU EA 363 109.64 57.31 47.26
N THR EA 364 109.15 56.10 47.52
CA THR EA 364 108.74 55.73 48.87
C THR EA 364 109.92 55.82 49.83
N ILE EA 365 111.08 55.35 49.40
CA ILE EA 365 112.27 55.41 50.24
C ILE EA 365 112.55 56.86 50.64
N GLU EA 366 112.56 57.75 49.65
CA GLU EA 366 112.78 59.16 49.95
C GLU EA 366 111.71 59.69 50.88
N ARG EA 367 110.45 59.36 50.59
CA ARG EA 367 109.35 59.86 51.42
C ARG EA 367 109.47 59.36 52.84
N HIS EA 368 109.84 58.08 53.01
CA HIS EA 368 110.00 57.55 54.35
C HIS EA 368 111.12 58.25 55.11
N LEU EA 369 112.29 58.38 54.47
CA LEU EA 369 113.44 58.94 55.16
C LEU EA 369 113.19 60.40 55.53
N THR EA 370 112.68 61.19 54.59
CA THR EA 370 112.49 62.61 54.88
C THR EA 370 111.52 62.82 56.02
N ALA EA 371 110.47 61.99 56.08
CA ALA EA 371 109.56 62.05 57.21
C ALA EA 371 110.24 61.58 58.48
N MET EA 372 111.16 60.62 58.36
CA MET EA 372 111.81 60.10 59.56
C MET EA 372 112.84 61.08 60.11
N LEU EA 373 113.44 61.89 59.25
CA LEU EA 373 114.47 62.82 59.71
C LEU EA 373 113.90 63.84 60.68
N VAL EA 374 112.75 64.43 60.34
CA VAL EA 374 112.17 65.44 61.21
C VAL EA 374 111.71 64.82 62.52
N ALA EA 375 111.40 63.52 62.51
CA ALA EA 375 111.05 62.84 63.74
C ALA EA 375 112.23 62.65 64.66
N ASN EA 376 113.45 62.70 64.13
CA ASN EA 376 114.67 62.51 64.91
C ASN EA 376 115.65 63.62 64.60
N PRO EA 377 115.36 64.84 65.05
CA PRO EA 377 116.30 65.94 64.79
C PRO EA 377 117.65 65.65 65.42
N ILE EA 378 118.71 66.02 64.70
CA ILE EA 378 120.05 65.71 65.16
C ILE EA 378 120.38 66.47 66.44
N ALA EA 379 119.72 67.60 66.68
CA ALA EA 379 119.97 68.36 67.90
C ALA EA 379 119.43 67.66 69.13
N ALA EA 380 118.65 66.59 68.97
CA ALA EA 380 118.10 65.89 70.12
C ALA EA 380 119.21 65.29 70.98
N GLY EA 381 120.25 64.76 70.35
CA GLY EA 381 121.36 64.20 71.10
C GLY EA 381 121.93 62.93 70.50
N ARG EA 382 121.15 62.26 69.67
CA ARG EA 382 121.59 61.06 68.98
C ARG EA 382 121.24 61.18 67.51
N MET EA 383 121.96 60.44 66.67
CA MET EA 383 121.83 60.53 65.22
C MET EA 383 121.47 59.14 64.69
N PRO EA 384 120.21 58.73 64.83
CA PRO EA 384 119.82 57.45 64.24
C PRO EA 384 119.95 57.42 62.73
N ILE EA 385 119.74 58.54 62.05
CA ILE EA 385 119.91 58.61 60.61
C ILE EA 385 120.74 59.84 60.26
N GLN EA 386 121.50 59.73 59.19
CA GLN EA 386 122.40 60.80 58.78
C GLN EA 386 121.62 61.91 58.11
N PRO EA 387 121.92 63.17 58.44
CA PRO EA 387 121.17 64.29 57.85
C PRO EA 387 121.44 64.44 56.36
N PHE EA 388 120.52 65.11 55.69
CA PHE EA 388 120.62 65.34 54.26
C PHE EA 388 119.70 66.49 53.88
N ASN EA 389 119.76 66.86 52.60
CA ASN EA 389 118.86 67.86 52.04
C ASN EA 389 118.02 67.23 50.95
N ALA EA 390 116.86 67.83 50.69
CA ALA EA 390 115.93 67.26 49.72
C ALA EA 390 116.57 67.14 48.34
N ALA EA 391 117.44 68.08 47.97
CA ALA EA 391 118.08 68.03 46.66
C ALA EA 391 118.97 66.81 46.52
N ASP EA 392 119.41 66.22 47.62
CA ASP EA 392 120.34 65.10 47.54
C ASP EA 392 119.73 63.87 46.90
N PHE EA 393 118.40 63.77 46.85
CA PHE EA 393 117.77 62.64 46.19
C PHE EA 393 117.83 62.72 44.69
N GLY EA 394 118.09 63.89 44.12
CA GLY EA 394 118.10 64.07 42.69
C GLY EA 394 119.47 64.08 42.05
N GLN EA 395 120.54 64.00 42.82
CA GLN EA 395 121.87 64.08 42.26
C GLN EA 395 122.18 62.82 41.46
N ALA EA 396 122.62 63.01 40.21
CA ALA EA 396 123.03 61.89 39.38
C ALA EA 396 124.45 61.43 39.67
N GLY EA 397 125.28 62.31 40.22
CA GLY EA 397 126.64 61.93 40.55
C GLY EA 397 127.43 61.54 39.32
N GLN EA 398 128.36 60.61 39.51
CA GLN EA 398 129.19 60.09 38.44
C GLN EA 398 128.65 58.78 37.88
N THR EA 399 127.32 58.61 37.89
CA THR EA 399 126.74 57.32 37.50
C THR EA 399 127.15 56.93 36.09
N ALA EA 400 127.23 57.90 35.18
CA ALA EA 400 127.63 57.60 33.81
C ALA EA 400 129.02 56.98 33.79
N ALA EA 401 129.95 57.55 34.56
CA ALA EA 401 131.28 56.96 34.64
C ALA EA 401 131.23 55.57 35.26
N ALA EA 402 130.33 55.35 36.21
CA ALA EA 402 130.26 54.07 36.89
C ALA EA 402 129.96 52.94 35.91
N VAL EA 403 128.89 53.10 35.11
CA VAL EA 403 128.55 52.06 34.15
C VAL EA 403 129.65 51.91 33.12
N ALA EA 404 130.33 53.01 32.78
CA ALA EA 404 131.47 52.91 31.87
C ALA EA 404 132.54 52.01 32.44
N LEU EA 405 132.80 52.14 33.74
CA LEU EA 405 133.82 51.30 34.37
C LEU EA 405 133.44 49.83 34.29
N ALA EA 406 132.18 49.52 34.60
CA ALA EA 406 131.74 48.13 34.55
C ALA EA 406 131.88 47.56 33.15
N GLN EA 407 131.52 48.36 32.13
CA GLN EA 407 131.71 47.93 30.76
C GLN EA 407 133.19 47.70 30.46
N ALA EA 408 134.05 48.59 30.94
CA ALA EA 408 135.48 48.37 30.81
C ALA EA 408 135.97 47.24 31.69
N MET EA 409 135.25 46.93 32.77
CA MET EA 409 135.71 45.90 33.70
C MET EA 409 135.41 44.50 33.16
N PHE EA 410 134.18 44.26 32.73
CA PHE EA 410 133.78 42.99 32.14
C PHE EA 410 133.59 43.21 30.65
N VAL EA 411 134.42 42.55 29.86
CA VAL EA 411 134.42 42.78 28.43
C VAL EA 411 134.75 41.49 27.70
N ALA FA 1 57.20 15.34 -50.78
CA ALA FA 1 56.88 16.03 -49.54
C ALA FA 1 55.72 15.37 -48.82
N ALA FA 2 55.88 14.08 -48.50
CA ALA FA 2 54.85 13.34 -47.81
C ALA FA 2 55.50 12.40 -46.80
N VAL FA 3 54.87 12.29 -45.64
CA VAL FA 3 55.36 11.42 -44.56
C VAL FA 3 54.22 10.50 -44.18
N PHE FA 4 54.40 9.20 -44.42
CA PHE FA 4 53.34 8.22 -44.25
C PHE FA 4 52.08 8.70 -44.96
N GLY FA 5 51.04 9.01 -44.22
CA GLY FA 5 49.80 9.51 -44.79
C GLY FA 5 49.61 11.00 -44.68
N ILE FA 6 50.64 11.76 -44.36
CA ILE FA 6 50.54 13.20 -44.18
C ILE FA 6 51.12 13.89 -45.41
N GLN FA 7 50.40 14.87 -45.92
CA GLN FA 7 50.79 15.61 -47.11
C GLN FA 7 51.29 17.00 -46.71
N LEU FA 8 52.41 17.42 -47.29
CA LEU FA 8 53.06 18.66 -46.91
C LEU FA 8 53.31 19.51 -48.14
N VAL FA 9 53.12 20.82 -47.98
CA VAL FA 9 53.40 21.78 -49.05
C VAL FA 9 54.90 22.06 -49.05
N PRO FA 10 55.47 22.48 -50.18
CA PRO FA 10 56.93 22.67 -50.24
C PRO FA 10 57.44 23.98 -49.66
N LYS FA 11 56.59 24.79 -49.02
CA LYS FA 11 57.01 26.08 -48.51
C LYS FA 11 57.12 26.04 -46.98
N LEU FA 12 58.15 26.69 -46.46
CA LEU FA 12 58.40 26.74 -45.03
C LEU FA 12 58.01 28.09 -44.46
N ASN FA 13 57.45 28.08 -43.25
CA ASN FA 13 57.05 29.31 -42.60
C ASN FA 13 57.03 29.10 -41.09
N THR FA 14 57.55 30.08 -40.35
CA THR FA 14 57.46 30.09 -38.90
C THR FA 14 57.80 31.48 -38.41
N SER FA 15 57.37 31.78 -37.18
CA SER FA 15 57.62 33.08 -36.60
C SER FA 15 59.11 33.26 -36.31
N THR FA 16 59.49 34.49 -35.97
CA THR FA 16 60.90 34.85 -35.94
C THR FA 16 61.34 35.54 -34.65
N THR FA 17 60.50 35.57 -33.61
CA THR FA 17 60.93 36.18 -32.36
C THR FA 17 60.12 35.61 -31.21
N ARG FA 18 60.79 35.43 -30.07
CA ARG FA 18 60.19 34.79 -28.91
C ARG FA 18 59.78 35.83 -27.88
N ARG FA 19 58.55 35.74 -27.40
CA ARG FA 19 58.07 36.63 -26.36
C ARG FA 19 58.67 36.21 -25.02
N THR FA 20 59.19 37.18 -24.28
CA THR FA 20 59.76 36.89 -22.98
C THR FA 20 58.67 36.68 -21.94
N PHE FA 21 58.97 35.88 -20.93
CA PHE FA 21 58.04 35.64 -19.84
C PHE FA 21 58.10 36.77 -18.84
N LEU FA 22 56.95 37.05 -18.22
CA LEU FA 22 56.90 38.03 -17.14
C LEU FA 22 55.94 37.48 -16.08
N PRO FA 23 56.32 37.50 -14.82
CA PRO FA 23 55.45 36.97 -13.77
C PRO FA 23 54.29 37.92 -13.49
N LEU FA 24 53.29 37.38 -12.79
CA LEU FA 24 52.07 38.10 -12.50
C LEU FA 24 52.23 38.91 -11.23
N ARG FA 25 51.92 40.20 -11.32
CA ARG FA 25 51.94 41.06 -10.14
C ARG FA 25 50.80 40.67 -9.20
N PHE FA 26 51.01 40.97 -7.92
CA PHE FA 26 50.04 40.58 -6.90
C PHE FA 26 48.68 41.24 -7.16
N ASP FA 27 48.68 42.53 -7.49
CA ASP FA 27 47.42 43.23 -7.71
C ASP FA 27 46.70 42.67 -8.92
N LEU FA 28 47.43 42.43 -10.01
CA LEU FA 28 46.79 41.91 -11.22
C LEU FA 28 46.14 40.57 -10.96
N LEU FA 29 46.76 39.74 -10.12
CA LEU FA 29 46.16 38.46 -9.76
C LEU FA 29 44.80 38.67 -9.14
N LEU FA 30 44.71 39.59 -8.18
CA LEU FA 30 43.43 39.83 -7.52
C LEU FA 30 42.38 40.30 -8.53
N ASP FA 31 42.80 41.10 -9.51
CA ASP FA 31 41.86 41.59 -10.51
C ASP FA 31 41.25 40.42 -11.29
N ARG FA 32 42.09 39.48 -11.73
CA ARG FA 32 41.56 38.35 -12.48
C ARG FA 32 40.59 37.54 -11.65
N LEU FA 33 40.92 37.29 -10.38
CA LEU FA 33 40.04 36.51 -9.54
C LEU FA 33 38.77 37.28 -9.18
N GLN FA 34 38.85 38.61 -9.12
CA GLN FA 34 37.70 39.42 -8.77
C GLN FA 34 36.86 39.80 -9.97
N SER FA 35 37.18 39.29 -11.16
CA SER FA 35 36.41 39.63 -12.35
C SER FA 35 34.95 39.27 -12.14
N THR FA 36 34.06 40.18 -12.54
CA THR FA 36 32.63 39.97 -12.33
C THR FA 36 32.15 38.70 -13.03
N ASN FA 37 32.73 38.37 -14.17
CA ASN FA 37 32.48 37.09 -14.83
C ASN FA 37 33.82 36.43 -15.11
N LEU FA 38 33.92 35.15 -14.78
CA LEU FA 38 35.16 34.43 -14.94
C LEU FA 38 35.24 33.66 -16.24
N HIS FA 39 34.12 33.39 -16.88
CA HIS FA 39 34.15 32.78 -18.20
C HIS FA 39 34.89 33.67 -19.16
N GLY FA 40 35.79 33.08 -19.94
CA GLY FA 40 36.65 33.83 -20.82
C GLY FA 40 37.80 34.53 -20.12
N VAL FA 41 37.85 34.48 -18.80
CA VAL FA 41 38.94 35.06 -18.02
C VAL FA 41 39.75 33.98 -17.32
N LEU FA 42 39.06 33.05 -16.66
CA LEU FA 42 39.70 31.94 -15.98
C LEU FA 42 39.43 30.61 -16.63
N TYR FA 43 38.35 30.47 -17.38
CA TYR FA 43 38.03 29.25 -18.08
C TYR FA 43 37.16 29.60 -19.28
N ARG FA 44 37.07 28.67 -20.22
CA ARG FA 44 36.24 28.87 -21.39
C ARG FA 44 35.52 27.57 -21.74
N ALA FA 45 34.27 27.69 -22.15
CA ALA FA 45 33.47 26.56 -22.56
C ALA FA 45 33.65 26.34 -24.06
N LEU FA 46 34.13 25.17 -24.44
CA LEU FA 46 34.29 24.83 -25.84
C LEU FA 46 33.03 24.26 -26.45
N ASP FA 47 31.95 24.15 -25.67
CA ASP FA 47 30.84 23.29 -26.06
C ASP FA 47 29.48 23.91 -25.74
N PHE FA 48 29.39 25.22 -25.56
CA PHE FA 48 28.18 25.80 -25.03
C PHE FA 48 27.04 25.71 -26.04
N ASN FA 49 25.89 25.21 -25.58
CA ASN FA 49 24.68 25.19 -26.40
C ASN FA 49 23.78 26.32 -25.93
N PRO FA 50 23.67 27.42 -26.67
CA PRO FA 50 22.84 28.53 -26.21
C PRO FA 50 21.37 28.21 -26.15
N VAL FA 51 20.89 27.19 -26.87
CA VAL FA 51 19.49 26.80 -26.76
C VAL FA 51 19.19 26.39 -25.33
N ASP FA 52 20.06 25.59 -24.73
CA ASP FA 52 20.02 25.34 -23.30
C ASP FA 52 20.94 26.35 -22.61
N ARG FA 53 21.24 26.10 -21.35
CA ARG FA 53 22.23 26.91 -20.65
C ARG FA 53 23.37 25.99 -20.24
N SER FA 54 23.82 25.14 -21.15
CA SER FA 54 24.70 24.05 -20.78
C SER FA 54 25.88 23.93 -21.75
N ALA FA 55 27.00 23.49 -21.20
CA ALA FA 55 28.15 23.03 -21.96
C ALA FA 55 28.65 21.76 -21.30
N THR FA 56 29.63 21.11 -21.92
CA THR FA 56 30.10 19.83 -21.41
C THR FA 56 31.62 19.72 -21.27
N VAL FA 57 32.39 20.52 -21.99
CA VAL FA 57 33.85 20.49 -21.89
C VAL FA 57 34.33 21.90 -21.63
N ILE FA 58 35.19 22.05 -20.63
CA ILE FA 58 35.72 23.35 -20.23
C ILE FA 58 37.23 23.34 -20.40
N GLN FA 59 37.77 24.43 -20.92
CA GLN FA 59 39.21 24.64 -21.00
C GLN FA 59 39.62 25.66 -19.95
N THR FA 60 40.70 25.37 -19.24
CA THR FA 60 41.13 26.16 -18.11
C THR FA 60 42.34 27.02 -18.48
N TYR FA 61 42.66 27.94 -17.59
CA TYR FA 61 43.65 28.99 -17.82
C TYR FA 61 44.59 29.07 -16.63
N PRO FA 62 45.74 29.70 -16.78
CA PRO FA 62 46.91 29.43 -15.90
C PRO FA 62 46.55 29.34 -14.42
N PRO FA 63 45.86 30.34 -13.85
CA PRO FA 63 45.63 30.25 -12.39
C PRO FA 63 44.87 29.01 -11.98
N LEU FA 64 44.07 28.46 -12.87
CA LEU FA 64 43.23 27.31 -12.55
C LEU FA 64 43.75 26.00 -13.14
N ASN FA 65 44.42 26.04 -14.29
CA ASN FA 65 44.76 24.82 -14.98
C ASN FA 65 45.74 23.95 -14.22
N ALA FA 66 46.35 24.46 -13.14
CA ALA FA 66 47.20 23.63 -12.30
C ALA FA 66 46.41 22.70 -11.40
N TRP FA 67 45.10 22.87 -11.31
CA TRP FA 67 44.29 22.08 -10.40
C TRP FA 67 44.24 20.62 -10.82
N SER FA 68 44.29 19.73 -9.85
CA SER FA 68 44.01 18.30 -10.06
C SER FA 68 42.85 17.91 -9.17
N PRO FA 69 41.65 17.75 -9.71
CA PRO FA 69 40.49 17.46 -8.86
C PRO FA 69 40.62 16.15 -8.12
N HIS FA 70 40.07 16.12 -6.92
CA HIS FA 70 40.00 14.87 -6.16
C HIS FA 70 38.99 13.93 -6.82
N PRO FA 71 39.15 12.62 -6.63
CA PRO FA 71 38.33 11.68 -7.40
C PRO FA 71 36.84 11.82 -7.15
N ALA FA 72 36.43 12.27 -5.96
CA ALA FA 72 35.01 12.42 -5.68
C ALA FA 72 34.34 13.33 -6.70
N PHE FA 73 35.05 14.38 -7.12
CA PHE FA 73 34.52 15.24 -8.17
C PHE FA 73 34.46 14.51 -9.50
N ILE FA 74 35.51 13.75 -9.83
CA ILE FA 74 35.61 13.14 -11.15
C ILE FA 74 34.51 12.11 -11.34
N GLU FA 75 34.33 11.23 -10.35
CA GLU FA 75 33.37 10.15 -10.49
C GLU FA 75 31.92 10.62 -10.47
N ASN FA 76 31.68 11.88 -10.11
CA ASN FA 76 30.32 12.40 -10.02
C ASN FA 76 30.32 13.85 -10.47
N PRO FA 77 30.45 14.10 -11.77
CA PRO FA 77 30.56 15.48 -12.25
C PRO FA 77 29.25 16.24 -12.06
N LEU FA 78 29.38 17.55 -11.96
CA LEU FA 78 28.24 18.45 -11.90
C LEU FA 78 28.00 19.09 -13.26
N ASP FA 79 26.89 19.80 -13.37
CA ASP FA 79 26.50 20.41 -14.62
C ASP FA 79 27.10 21.81 -14.74
N TYR FA 80 26.86 22.44 -15.90
CA TYR FA 80 27.44 23.74 -16.17
C TYR FA 80 26.93 24.80 -15.20
N ARG FA 81 25.63 24.80 -14.93
CA ARG FA 81 25.07 25.80 -14.05
C ARG FA 81 25.65 25.70 -12.64
N ASP FA 82 25.86 24.47 -12.16
CA ASP FA 82 26.54 24.31 -10.88
C ASP FA 82 27.99 24.75 -10.97
N TRP FA 83 28.64 24.46 -12.09
CA TRP FA 83 30.05 24.79 -12.24
C TRP FA 83 30.27 26.28 -12.09
N THR FA 84 29.51 27.08 -12.84
CA THR FA 84 29.71 28.52 -12.80
C THR FA 84 29.44 29.06 -11.41
N GLU FA 85 28.45 28.51 -10.71
CA GLU FA 85 28.22 28.89 -9.33
C GLU FA 85 29.39 28.46 -8.44
N PHE FA 86 29.87 27.24 -8.63
CA PHE FA 86 30.92 26.72 -7.75
C PHE FA 86 32.19 27.54 -7.87
N ILE FA 87 32.58 27.89 -9.09
CA ILE FA 87 33.84 28.60 -9.28
C ILE FA 87 33.76 30.00 -8.68
N HIS FA 88 32.68 30.72 -8.98
CA HIS FA 88 32.57 32.09 -8.48
C HIS FA 88 32.62 32.13 -6.97
N ASP FA 89 32.11 31.10 -6.29
CA ASP FA 89 32.22 31.03 -4.85
C ASP FA 89 33.67 30.85 -4.41
N ARG FA 90 34.34 29.84 -4.97
CA ARG FA 90 35.69 29.52 -4.53
C ARG FA 90 36.65 30.66 -4.80
N ALA FA 91 36.52 31.29 -5.97
CA ALA FA 91 37.42 32.38 -6.32
C ALA FA 91 37.35 33.50 -5.28
N LEU FA 92 36.14 33.91 -4.92
CA LEU FA 92 35.99 34.97 -3.93
C LEU FA 92 36.56 34.54 -2.59
N ALA FA 93 36.28 33.30 -2.18
CA ALA FA 93 36.80 32.81 -0.91
C ALA FA 93 38.31 32.81 -0.92
N PHE FA 94 38.90 32.34 -2.03
CA PHE FA 94 40.36 32.29 -2.11
C PHE FA 94 40.97 33.67 -2.04
N VAL FA 95 40.31 34.66 -2.66
CA VAL FA 95 40.80 36.03 -2.58
C VAL FA 95 40.83 36.49 -1.14
N GLY FA 96 39.77 36.19 -0.39
CA GLY FA 96 39.72 36.62 1.00
C GLY FA 96 40.90 36.10 1.80
N VAL FA 97 41.24 34.83 1.58
CA VAL FA 97 42.40 34.26 2.27
C VAL FA 97 43.66 34.99 1.87
N LEU FA 98 43.86 35.19 0.57
CA LEU FA 98 45.06 35.84 0.10
C LEU FA 98 45.17 37.27 0.62
N THR FA 99 44.05 37.90 0.90
CA THR FA 99 44.06 39.28 1.36
C THR FA 99 43.98 39.40 2.87
N GLN FA 100 43.51 38.37 3.57
CA GLN FA 100 43.59 38.38 5.02
C GLN FA 100 45.05 38.48 5.48
N ARG FA 101 45.92 37.73 4.83
CA ARG FA 101 47.35 37.97 4.89
C ARG FA 101 47.74 38.93 3.77
N TYR FA 102 48.93 39.50 3.87
CA TYR FA 102 49.48 40.34 2.82
C TYR FA 102 48.50 41.43 2.41
N PRO FA 103 48.30 42.46 3.23
CA PRO FA 103 47.42 43.55 2.81
C PRO FA 103 47.89 44.17 1.51
N LEU FA 104 46.92 44.53 0.66
CA LEU FA 104 47.24 44.86 -0.72
C LEU FA 104 48.16 46.07 -0.81
N THR FA 105 47.90 47.10 -0.02
CA THR FA 105 48.64 48.35 -0.15
C THR FA 105 50.13 48.17 0.13
N GLN FA 106 50.52 47.10 0.80
CA GLN FA 106 51.92 46.84 1.07
C GLN FA 106 52.52 45.78 0.17
N ASN FA 107 51.72 45.21 -0.74
CA ASN FA 107 52.19 44.06 -1.50
C ASN FA 107 51.81 44.07 -2.97
N ALA FA 108 51.18 45.13 -3.47
CA ALA FA 108 50.72 45.10 -4.86
C ALA FA 108 51.86 44.95 -5.85
N GLN FA 109 53.05 45.43 -5.49
CA GLN FA 109 54.17 45.43 -6.42
C GLN FA 109 54.87 44.08 -6.52
N ARG FA 110 54.63 43.18 -5.57
CA ARG FA 110 55.38 41.94 -5.51
C ARG FA 110 54.89 40.96 -6.57
N TYR FA 111 55.80 40.10 -7.01
CA TYR FA 111 55.51 39.12 -8.05
C TYR FA 111 55.24 37.76 -7.42
N THR FA 112 54.16 37.13 -7.84
CA THR FA 112 53.80 35.81 -7.34
C THR FA 112 54.58 34.74 -8.08
N ASN FA 113 54.96 33.70 -7.35
CA ASN FA 113 55.57 32.54 -7.98
C ASN FA 113 54.46 31.72 -8.63
N PRO FA 114 54.49 31.54 -9.94
CA PRO FA 114 53.40 30.80 -10.59
C PRO FA 114 53.25 29.38 -10.10
N LEU FA 115 54.37 28.70 -9.83
CA LEU FA 115 54.28 27.32 -9.37
C LEU FA 115 53.59 27.24 -8.02
N VAL FA 116 54.02 28.07 -7.07
CA VAL FA 116 53.41 28.06 -5.75
C VAL FA 116 51.95 28.46 -5.85
N LEU FA 117 51.67 29.50 -6.64
CA LEU FA 117 50.29 29.96 -6.78
C LEU FA 117 49.41 28.85 -7.33
N GLY FA 118 49.89 28.15 -8.36
CA GLY FA 118 49.11 27.07 -8.91
C GLY FA 118 48.83 25.98 -7.91
N ALA FA 119 49.86 25.55 -7.19
CA ALA FA 119 49.69 24.47 -6.22
C ALA FA 119 48.75 24.89 -5.10
N ALA FA 120 48.96 26.09 -4.56
CA ALA FA 120 48.13 26.54 -3.45
C ALA FA 120 46.67 26.63 -3.85
N PHE FA 121 46.39 27.22 -5.01
CA PHE FA 121 45.02 27.34 -5.46
C PHE FA 121 44.41 25.97 -5.69
N GLY FA 122 45.17 25.05 -6.28
CA GLY FA 122 44.65 23.72 -6.54
C GLY FA 122 44.24 23.00 -5.27
N ASP FA 123 45.06 23.11 -4.23
CA ASP FA 123 44.69 22.49 -2.96
C ASP FA 123 43.45 23.14 -2.37
N PHE FA 124 43.33 24.46 -2.51
CA PHE FA 124 42.26 25.18 -1.85
C PHE FA 124 40.89 24.65 -2.27
N LEU FA 125 40.65 24.56 -3.57
CA LEU FA 125 39.36 24.05 -4.01
C LEU FA 125 39.31 22.54 -3.96
N ASN FA 126 40.41 21.87 -3.63
CA ASN FA 126 40.34 20.48 -3.19
C ASN FA 126 40.03 20.36 -1.71
N ALA FA 127 39.67 21.47 -1.06
CA ALA FA 127 39.32 21.48 0.36
C ALA FA 127 40.47 20.97 1.21
N ARG FA 128 41.68 21.39 0.90
CA ARG FA 128 42.86 21.00 1.63
C ARG FA 128 43.61 22.26 2.06
N SER FA 129 44.19 22.21 3.26
CA SER FA 129 44.82 23.40 3.82
C SER FA 129 46.02 23.83 2.98
N ILE FA 130 46.28 25.14 2.98
CA ILE FA 130 47.26 25.71 2.08
C ILE FA 130 48.24 26.61 2.81
N ASP FA 131 48.23 26.55 4.14
CA ASP FA 131 49.00 27.51 4.93
C ASP FA 131 50.48 27.47 4.57
N ILE FA 132 51.00 26.27 4.30
CA ILE FA 132 52.44 26.12 4.03
C ILE FA 132 52.85 26.95 2.83
N PHE FA 133 51.97 27.08 1.84
CA PHE FA 133 52.34 27.79 0.62
C PHE FA 133 52.35 29.30 0.83
N LEU FA 134 51.46 29.81 1.68
CA LEU FA 134 51.29 31.26 1.77
C LEU FA 134 52.57 31.97 2.18
N ASP FA 135 53.46 31.28 2.90
CA ASP FA 135 54.70 31.91 3.31
C ASP FA 135 55.61 32.20 2.13
N ARG FA 136 55.42 31.51 1.01
CA ARG FA 136 56.36 31.60 -0.10
C ARG FA 136 55.65 31.90 -1.39
N LEU FA 137 54.66 32.79 -1.34
CA LEU FA 137 53.91 33.12 -2.54
C LEU FA 137 54.68 34.03 -3.49
N PHE FA 138 55.64 34.80 -2.99
CA PHE FA 138 56.34 35.79 -3.80
C PHE FA 138 57.78 35.38 -4.04
N TYR FA 139 58.39 36.01 -5.03
CA TYR FA 139 59.81 35.83 -5.30
C TYR FA 139 60.31 37.04 -6.09
N GLY FA 140 61.62 37.27 -6.00
CA GLY FA 140 62.23 38.38 -6.68
C GLY FA 140 62.82 37.95 -8.01
N PRO FA 141 62.09 38.21 -9.10
CA PRO FA 141 62.51 37.67 -10.40
C PRO FA 141 63.87 38.15 -10.85
N THR FA 142 64.30 39.33 -10.40
CA THR FA 142 65.62 39.82 -10.79
C THR FA 142 66.74 39.05 -10.09
N GLN FA 143 66.43 38.32 -9.03
CA GLN FA 143 67.45 37.63 -8.25
C GLN FA 143 67.44 36.12 -8.41
N GLU FA 144 66.34 35.54 -8.86
CA GLU FA 144 66.26 34.09 -9.00
C GLU FA 144 65.09 33.75 -9.90
N SER FA 145 64.96 32.49 -10.22
CA SER FA 145 63.89 31.92 -11.01
C SER FA 145 62.77 31.43 -10.11
N PRO FA 146 61.57 31.24 -10.65
CA PRO FA 146 60.51 30.63 -9.83
C PRO FA 146 60.87 29.26 -9.32
N ILE FA 147 61.77 28.54 -9.98
CA ILE FA 147 62.21 27.25 -9.47
C ILE FA 147 63.18 27.44 -8.31
N THR FA 148 64.29 28.13 -8.56
CA THR FA 148 65.33 28.26 -7.54
C THR FA 148 64.81 28.93 -6.28
N SER FA 149 63.82 29.81 -6.42
CA SER FA 149 63.20 30.40 -5.25
C SER FA 149 62.60 29.34 -4.35
N ILE FA 150 62.15 28.23 -4.93
CA ILE FA 150 61.52 27.17 -4.16
C ILE FA 150 62.56 26.23 -3.57
N THR FA 151 63.61 25.92 -4.33
CA THR FA 151 64.60 24.96 -3.86
C THR FA 151 65.36 25.41 -2.64
N LYS FA 152 65.07 26.60 -2.10
CA LYS FA 152 65.63 27.00 -0.83
C LYS FA 152 65.13 26.15 0.33
N PHE FA 153 64.08 25.37 0.12
CA PHE FA 153 63.44 24.58 1.17
C PHE FA 153 63.30 23.14 0.71
N PRO FA 154 64.40 22.42 0.59
CA PRO FA 154 64.41 21.08 -0.03
C PRO FA 154 63.88 19.99 0.89
N TYR FA 155 62.55 19.86 0.93
CA TYR FA 155 61.92 18.80 1.69
C TYR FA 155 60.50 18.63 1.19
N GLN FA 156 59.86 17.55 1.64
CA GLN FA 156 58.49 17.26 1.21
C GLN FA 156 57.56 18.26 1.86
N TRP FA 157 57.21 19.31 1.12
CA TRP FA 157 56.26 20.30 1.64
C TRP FA 157 54.92 19.65 1.96
N THR FA 158 54.36 18.94 0.99
CA THR FA 158 53.13 18.21 1.19
C THR FA 158 53.15 16.99 0.30
N ILE FA 159 52.13 16.15 0.47
CA ILE FA 159 52.13 14.84 -0.16
C ILE FA 159 52.12 14.93 -1.68
N ASP FA 160 51.65 16.04 -2.24
CA ASP FA 160 51.60 16.23 -3.68
C ASP FA 160 52.58 17.28 -4.16
N PHE FA 161 53.44 17.79 -3.30
CA PHE FA 161 54.40 18.82 -3.67
C PHE FA 161 55.70 18.52 -2.94
N ASN FA 162 56.63 17.88 -3.64
CA ASN FA 162 57.89 17.44 -3.07
C ASN FA 162 59.03 18.12 -3.79
N VAL FA 163 59.95 18.72 -3.04
CA VAL FA 163 61.04 19.51 -3.60
C VAL FA 163 62.36 19.02 -3.01
N THR FA 164 63.33 18.80 -3.88
CA THR FA 164 64.68 18.42 -3.50
C THR FA 164 65.59 19.65 -3.57
N ALA FA 165 66.89 19.43 -3.41
CA ALA FA 165 67.84 20.53 -3.52
C ALA FA 165 67.94 21.08 -4.94
N ASP FA 166 67.43 20.37 -5.94
CA ASP FA 166 67.60 20.78 -7.31
C ASP FA 166 66.34 20.63 -8.16
N SER FA 167 65.26 20.09 -7.62
CA SER FA 167 64.12 19.74 -8.47
C SER FA 167 62.85 19.74 -7.63
N VAL FA 168 61.73 19.88 -8.34
CA VAL FA 168 60.41 19.87 -7.73
C VAL FA 168 59.54 18.88 -8.49
N ARG FA 169 58.76 18.09 -7.76
CA ARG FA 169 57.87 17.10 -8.34
C ARG FA 169 56.44 17.40 -7.92
N THR FA 170 55.51 17.34 -8.88
CA THR FA 170 54.11 17.59 -8.62
C THR FA 170 53.29 17.01 -9.76
N PRO FA 171 52.05 16.59 -9.50
CA PRO FA 171 51.20 16.13 -10.60
C PRO FA 171 50.87 17.26 -11.55
N ALA FA 172 50.75 16.92 -12.84
CA ALA FA 172 50.35 17.90 -13.82
C ALA FA 172 48.88 18.26 -13.66
N GLY FA 173 48.57 19.53 -13.80
CA GLY FA 173 47.19 19.97 -13.70
C GLY FA 173 46.37 19.56 -14.91
N CYS FA 174 45.06 19.61 -14.74
CA CYS FA 174 44.13 19.23 -15.80
C CYS FA 174 43.84 20.44 -16.67
N LYS FA 175 44.18 20.35 -17.96
CA LYS FA 175 43.92 21.44 -18.88
C LYS FA 175 42.48 21.50 -19.33
N TYR FA 176 41.74 20.42 -19.17
CA TYR FA 176 40.33 20.39 -19.53
C TYR FA 176 39.53 19.78 -18.40
N ILE FA 177 38.26 20.17 -18.32
CA ILE FA 177 37.33 19.63 -17.34
C ILE FA 177 36.06 19.22 -18.06
N THR FA 178 35.61 17.99 -17.81
CA THR FA 178 34.41 17.47 -18.42
C THR FA 178 33.28 17.53 -17.41
N LEU FA 179 32.17 18.16 -17.80
CA LEU FA 179 31.04 18.33 -16.91
C LEU FA 179 30.08 17.15 -17.07
N TYR FA 180 28.92 17.25 -16.44
CA TYR FA 180 27.93 16.19 -16.55
C TYR FA 180 27.46 16.02 -17.98
N GLY FA 181 27.31 14.78 -18.40
CA GLY FA 181 26.86 14.48 -19.74
C GLY FA 181 27.95 14.30 -20.77
N TYR FA 182 29.21 14.22 -20.35
CA TYR FA 182 30.30 14.08 -21.30
C TYR FA 182 30.25 12.72 -21.99
N ASP FA 183 30.61 12.70 -23.27
CA ASP FA 183 30.52 11.49 -24.08
C ASP FA 183 31.58 11.53 -25.17
N PRO FA 184 32.69 10.83 -24.99
CA PRO FA 184 33.69 10.76 -26.07
C PRO FA 184 33.18 10.10 -27.34
N SER FA 185 32.23 9.17 -27.24
CA SER FA 185 31.77 8.45 -28.42
C SER FA 185 31.16 9.39 -29.45
N ARG FA 186 30.53 10.47 -28.99
CA ARG FA 186 29.99 11.47 -29.91
C ARG FA 186 31.14 12.09 -30.69
N PRO FA 187 31.21 11.86 -32.00
CA PRO FA 187 32.38 12.31 -32.77
C PRO FA 187 32.53 13.82 -32.81
N SER FA 188 31.47 14.58 -32.56
CA SER FA 188 31.52 16.02 -32.64
C SER FA 188 31.99 16.68 -31.35
N THR FA 189 32.19 15.91 -30.29
CA THR FA 189 32.67 16.50 -29.05
C THR FA 189 34.11 16.96 -29.19
N PRO FA 190 34.48 18.03 -28.49
CA PRO FA 190 35.88 18.49 -28.56
C PRO FA 190 36.82 17.44 -27.99
N ALA FA 191 38.00 17.34 -28.58
CA ALA FA 191 39.01 16.44 -28.09
C ALA FA 191 39.70 17.01 -26.87
N THR FA 192 40.11 16.12 -25.96
CA THR FA 192 40.82 16.54 -24.77
C THR FA 192 42.14 15.81 -24.55
N TYR FA 193 42.43 14.78 -25.33
CA TYR FA 193 43.69 14.04 -25.24
C TYR FA 193 43.89 13.46 -23.84
N GLY FA 194 42.80 13.22 -23.12
CA GLY FA 194 42.87 12.59 -21.82
C GLY FA 194 43.33 13.49 -20.70
N LYS FA 195 43.60 14.77 -20.98
CA LYS FA 195 44.09 15.65 -19.93
C LYS FA 195 43.03 15.95 -18.88
N HIS FA 196 41.78 15.55 -19.11
CA HIS FA 196 40.75 15.76 -18.11
C HIS FA 196 40.89 14.82 -16.92
N ARG FA 197 41.51 13.66 -17.11
CA ARG FA 197 41.74 12.77 -15.98
C ARG FA 197 42.67 13.44 -14.97
N PRO FA 198 42.45 13.22 -13.68
CA PRO FA 198 43.22 13.98 -12.67
C PRO FA 198 44.69 13.67 -12.64
N THR FA 199 45.11 12.50 -13.12
CA THR FA 199 46.49 12.05 -12.94
C THR FA 199 47.05 11.51 -14.26
N TYR FA 200 46.87 12.26 -15.33
CA TYR FA 200 47.33 11.76 -16.62
C TYR FA 200 48.84 11.81 -16.77
N ALA FA 201 49.55 12.54 -15.93
CA ALA FA 201 51.00 12.67 -16.06
C ALA FA 201 51.56 13.24 -14.77
N THR FA 202 52.86 13.52 -14.78
CA THR FA 202 53.56 14.12 -13.65
C THR FA 202 54.75 14.89 -14.19
N VAL FA 203 55.00 16.07 -13.64
CA VAL FA 203 56.06 16.96 -14.11
C VAL FA 203 57.18 17.01 -13.10
N PHE FA 204 58.40 17.19 -13.58
CA PHE FA 204 59.59 17.33 -12.74
C PHE FA 204 60.35 18.57 -13.20
N TYR FA 205 60.20 19.67 -12.47
CA TYR FA 205 60.99 20.85 -12.74
C TYR FA 205 62.40 20.67 -12.20
N TYR FA 206 63.39 21.15 -12.95
CA TYR FA 206 64.78 21.04 -12.54
C TYR FA 206 65.49 22.36 -12.79
N SER FA 207 66.48 22.64 -11.96
CA SER FA 207 67.18 23.91 -12.02
C SER FA 207 68.40 23.90 -12.93
N THR FA 208 69.04 22.75 -13.09
CA THR FA 208 70.29 22.70 -13.83
C THR FA 208 70.42 21.35 -14.53
N LEU FA 209 71.30 21.33 -15.54
CA LEU FA 209 71.46 20.12 -16.34
C LEU FA 209 71.86 18.90 -15.52
N PRO FA 210 72.81 18.96 -14.59
CA PRO FA 210 73.12 17.76 -13.80
C PRO FA 210 71.91 17.22 -13.08
N ALA FA 211 71.02 18.09 -12.60
CA ALA FA 211 69.78 17.63 -12.01
C ALA FA 211 68.94 16.87 -13.04
N ARG FA 212 68.89 17.38 -14.26
CA ARG FA 212 68.14 16.69 -15.32
C ARG FA 212 68.70 15.30 -15.53
N SER FA 213 70.03 15.17 -15.54
CA SER FA 213 70.63 13.85 -15.67
C SER FA 213 70.22 12.94 -14.52
N ARG FA 214 70.24 13.47 -13.29
CA ARG FA 214 69.89 12.65 -12.15
C ARG FA 214 68.46 12.16 -12.23
N LEU FA 215 67.54 13.03 -12.63
CA LEU FA 215 66.14 12.62 -12.74
C LEU FA 215 65.97 11.52 -13.77
N LEU FA 216 66.59 11.68 -14.94
CA LEU FA 216 66.40 10.72 -16.01
C LEU FA 216 66.87 9.34 -15.60
N ALA FA 217 67.93 9.28 -14.79
CA ALA FA 217 68.42 7.99 -14.33
C ALA FA 217 67.34 7.22 -13.56
N ASN FA 218 66.53 7.93 -12.77
CA ASN FA 218 65.48 7.26 -12.02
C ASN FA 218 64.35 6.80 -12.93
N LEU FA 219 63.99 7.61 -13.92
CA LEU FA 219 62.82 7.34 -14.73
C LEU FA 219 63.08 6.37 -15.87
N ALA FA 220 64.33 5.92 -16.05
CA ALA FA 220 64.68 5.16 -17.24
C ALA FA 220 63.89 3.88 -17.40
N ALA FA 221 63.36 3.33 -16.31
CA ALA FA 221 62.69 2.03 -16.38
C ALA FA 221 61.20 2.13 -16.70
N GLY FA 222 60.61 3.30 -16.58
CA GLY FA 222 59.18 3.44 -16.75
C GLY FA 222 58.79 3.79 -18.17
N PRO FA 223 57.64 4.44 -18.31
CA PRO FA 223 57.19 4.87 -19.65
C PRO FA 223 58.10 5.92 -20.26
N THR FA 224 57.79 6.35 -21.47
CA THR FA 224 58.63 7.30 -22.19
C THR FA 224 58.47 8.70 -21.62
N VAL FA 225 59.58 9.34 -21.32
CA VAL FA 225 59.58 10.70 -20.79
C VAL FA 225 59.65 11.68 -21.94
N LEU FA 226 58.93 12.79 -21.81
CA LEU FA 226 58.86 13.82 -22.83
C LEU FA 226 59.34 15.15 -22.27
N GLU FA 227 59.76 16.03 -23.17
CA GLU FA 227 60.25 17.33 -22.75
C GLU FA 227 60.19 18.31 -23.91
N HIS FA 228 59.89 19.57 -23.58
CA HIS FA 228 60.04 20.67 -24.51
C HIS FA 228 61.43 21.25 -24.36
N PHE FA 229 62.10 21.50 -25.49
CA PHE FA 229 63.41 22.13 -25.45
C PHE FA 229 63.37 23.63 -25.68
N ASP FA 230 62.37 24.12 -26.41
CA ASP FA 230 62.40 25.51 -26.85
C ASP FA 230 62.14 26.46 -25.69
N SER FA 231 60.97 26.39 -25.09
CA SER FA 231 60.58 27.32 -24.04
C SER FA 231 59.68 26.58 -23.07
N PRO FA 232 60.21 26.12 -21.95
CA PRO FA 232 59.47 25.23 -21.05
C PRO FA 232 58.56 25.96 -20.06
N THR FA 233 57.80 26.93 -20.55
CA THR FA 233 56.88 27.71 -19.73
C THR FA 233 57.58 28.26 -18.48
N TYR FA 234 57.14 27.81 -17.30
CA TYR FA 234 57.68 28.37 -16.07
C TYR FA 234 59.13 27.98 -15.83
N GLY FA 235 59.62 26.94 -16.49
CA GLY FA 235 61.00 26.55 -16.32
C GLY FA 235 61.27 25.17 -16.86
N PRO FA 236 62.55 24.83 -17.01
CA PRO FA 236 62.91 23.52 -17.55
C PRO FA 236 62.31 22.40 -16.71
N HIS FA 237 61.66 21.45 -17.37
CA HIS FA 237 60.97 20.41 -16.64
C HIS FA 237 60.72 19.23 -17.57
N LEU FA 238 60.87 18.03 -17.03
CA LEU FA 238 60.41 16.83 -17.69
C LEU FA 238 58.95 16.58 -17.32
N LEU FA 239 58.30 15.70 -18.07
CA LEU FA 239 56.98 15.22 -17.68
C LEU FA 239 56.89 13.74 -17.98
N LEU FA 240 56.30 13.00 -17.05
CA LEU FA 240 56.14 11.56 -17.18
C LEU FA 240 54.67 11.24 -17.38
N PRO FA 241 54.26 10.77 -18.55
CA PRO FA 241 52.85 10.45 -18.77
C PRO FA 241 52.45 9.19 -18.03
N GLN FA 242 51.15 9.11 -17.74
CA GLN FA 242 50.59 7.88 -17.21
C GLN FA 242 50.76 6.76 -18.22
N THR FA 243 51.05 5.56 -17.73
CA THR FA 243 51.44 4.45 -18.60
C THR FA 243 50.27 3.79 -19.30
N GLY FA 244 49.04 4.26 -19.10
CA GLY FA 244 47.87 3.66 -19.70
C GLY FA 244 47.54 4.25 -21.04
N ASP FA 245 46.32 3.98 -21.50
CA ASP FA 245 45.80 4.46 -22.77
C ASP FA 245 44.51 5.23 -22.53
N VAL FA 246 43.96 5.79 -23.60
CA VAL FA 246 42.73 6.56 -23.53
C VAL FA 246 41.77 6.04 -24.60
N LEU FA 247 40.49 5.97 -24.25
CA LEU FA 247 39.49 5.36 -25.10
C LEU FA 247 38.92 6.35 -26.11
N GLY FA 248 38.45 5.81 -27.23
CA GLY FA 248 37.67 6.54 -28.19
C GLY FA 248 38.45 7.26 -29.28
N TYR FA 249 39.75 7.37 -29.15
CA TYR FA 249 40.51 8.17 -30.09
C TYR FA 249 40.93 7.41 -31.35
N SER FA 250 40.95 6.08 -31.31
CA SER FA 250 41.33 5.29 -32.48
C SER FA 250 40.96 3.84 -32.18
N SER FA 251 41.38 2.94 -33.07
CA SER FA 251 41.19 1.51 -32.87
C SER FA 251 42.28 0.97 -31.94
N SER FA 252 42.32 1.53 -30.73
CA SER FA 252 43.23 1.11 -29.68
C SER FA 252 44.70 1.18 -30.13
N LEU FA 253 45.00 2.13 -31.01
CA LEU FA 253 46.35 2.32 -31.51
C LEU FA 253 47.17 3.25 -30.65
N ILE FA 254 46.79 3.44 -29.39
CA ILE FA 254 47.22 4.62 -28.63
C ILE FA 254 47.61 4.23 -27.22
N SER FA 255 48.70 4.85 -26.74
CA SER FA 255 48.99 4.96 -25.32
C SER FA 255 49.07 6.44 -24.98
N GLN FA 256 49.05 6.74 -23.68
CA GLN FA 256 48.95 8.13 -23.25
C GLN FA 256 50.08 8.98 -23.82
N ALA FA 257 51.30 8.45 -23.82
CA ALA FA 257 52.44 9.21 -24.32
C ALA FA 257 52.24 9.59 -25.78
N ALA FA 258 51.75 8.65 -26.59
CA ALA FA 258 51.53 8.95 -28.00
C ALA FA 258 50.54 10.10 -28.17
N LEU FA 259 49.50 10.12 -27.36
CA LEU FA 259 48.51 11.19 -27.45
C LEU FA 259 49.14 12.55 -27.21
N LEU FA 260 49.99 12.65 -26.20
CA LEU FA 260 50.66 13.92 -25.93
C LEU FA 260 51.50 14.35 -27.12
N MET FA 261 52.21 13.41 -27.73
CA MET FA 261 53.02 13.73 -28.90
C MET FA 261 52.15 14.23 -30.05
N VAL FA 262 51.12 13.46 -30.40
CA VAL FA 262 50.39 13.74 -31.63
C VAL FA 262 49.69 15.08 -31.55
N GLU FA 263 49.08 15.38 -30.41
CA GLU FA 263 48.42 16.68 -30.28
C GLU FA 263 49.44 17.80 -30.27
N SER FA 264 50.60 17.55 -29.67
CA SER FA 264 51.68 18.53 -29.73
C SER FA 264 52.10 18.78 -31.16
N VAL FA 265 52.18 17.73 -31.96
CA VAL FA 265 52.55 17.87 -33.37
C VAL FA 265 51.52 18.72 -34.10
N MET FA 266 50.24 18.48 -33.84
CA MET FA 266 49.20 19.25 -34.51
C MET FA 266 49.34 20.73 -34.19
N ASP FA 267 49.60 21.06 -32.93
CA ASP FA 267 49.80 22.46 -32.57
C ASP FA 267 50.97 23.06 -33.32
N ALA FA 268 52.07 22.31 -33.45
CA ALA FA 268 53.21 22.79 -34.21
C ALA FA 268 52.82 23.08 -35.63
N LEU FA 269 52.04 22.18 -36.25
CA LEU FA 269 51.60 22.42 -37.62
C LEU FA 269 50.70 23.63 -37.70
N ARG FA 270 49.79 23.79 -36.75
CA ARG FA 270 48.88 24.93 -36.81
C ARG FA 270 49.65 26.24 -36.72
N ASP FA 271 50.67 26.30 -35.85
CA ASP FA 271 51.42 27.53 -35.70
C ASP FA 271 52.16 27.89 -36.98
N ASN FA 272 52.86 26.91 -37.57
CA ASN FA 272 53.56 27.18 -38.82
C ASN FA 272 52.59 27.65 -39.88
N ALA FA 273 51.35 27.18 -39.85
CA ALA FA 273 50.38 27.54 -40.86
C ALA FA 273 49.97 29.01 -40.78
N ASN FA 274 50.14 29.65 -39.63
CA ASN FA 274 49.63 31.01 -39.49
C ASN FA 274 50.61 31.94 -38.79
N ALA FA 275 51.89 31.58 -38.74
CA ALA FA 275 52.87 32.47 -38.14
C ALA FA 275 53.13 33.67 -39.04
N SER FA 276 53.49 34.79 -38.43
CA SER FA 276 53.81 36.00 -39.17
C SER FA 276 55.07 36.62 -38.60
N ALA FA 277 55.79 37.34 -39.46
CA ALA FA 277 57.00 38.01 -39.01
C ALA FA 277 56.70 39.11 -38.01
N SER FA 278 55.53 39.74 -38.12
CA SER FA 278 55.19 40.87 -37.29
C SER FA 278 54.81 40.50 -35.86
N THR FA 279 54.67 39.21 -35.56
CA THR FA 279 54.10 38.77 -34.30
C THR FA 279 55.13 37.93 -33.54
N ALA FA 280 55.40 38.31 -32.30
CA ALA FA 280 56.18 37.48 -31.42
C ALA FA 280 55.32 36.35 -30.85
N VAL FA 281 55.97 35.30 -30.38
CA VAL FA 281 55.28 34.15 -29.83
C VAL FA 281 56.09 33.60 -28.67
N THR FA 282 55.42 32.84 -27.80
CA THR FA 282 56.10 32.29 -26.63
C THR FA 282 57.08 31.19 -26.98
N ARG FA 283 56.91 30.52 -28.12
CA ARG FA 283 57.70 29.33 -28.41
C ARG FA 283 57.65 29.05 -29.89
N LEU FA 284 58.81 28.81 -30.50
CA LEU FA 284 58.83 28.47 -31.92
C LEU FA 284 58.49 27.02 -32.17
N ASP FA 285 59.00 26.11 -31.34
CA ASP FA 285 58.86 24.67 -31.54
C ASP FA 285 57.90 24.12 -30.49
N GLN FA 286 56.70 23.79 -30.92
CA GLN FA 286 55.69 23.27 -30.00
C GLN FA 286 55.79 21.76 -29.78
N SER FA 287 56.71 21.08 -30.46
CA SER FA 287 56.74 19.63 -30.42
C SER FA 287 57.42 19.13 -29.14
N TYR FA 288 56.85 18.07 -28.58
CA TYR FA 288 57.54 17.34 -27.52
C TYR FA 288 58.68 16.53 -28.11
N HIS FA 289 59.51 15.97 -27.23
CA HIS FA 289 60.61 15.15 -27.68
C HIS FA 289 60.85 14.03 -26.67
N PRO FA 290 60.84 12.78 -27.11
CA PRO FA 290 61.08 11.67 -26.19
C PRO FA 290 62.54 11.57 -25.82
N VAL FA 291 62.81 11.20 -24.56
CA VAL FA 291 64.17 11.13 -24.05
C VAL FA 291 64.47 9.82 -23.34
N THR FA 292 63.51 8.92 -23.21
CA THR FA 292 63.74 7.62 -22.58
C THR FA 292 62.97 6.54 -23.32
N SER FA 293 63.48 5.32 -23.24
CA SER FA 293 62.77 4.11 -23.67
C SER FA 293 62.15 4.30 -25.06
N PHE FA 294 63.03 4.46 -26.04
CA PHE FA 294 62.59 4.82 -27.38
C PHE FA 294 63.45 4.12 -28.41
N ASP FA 295 62.85 3.80 -29.55
CA ASP FA 295 63.56 3.12 -30.63
C ASP FA 295 63.73 4.07 -31.81
N PRO FA 296 64.96 4.47 -32.13
CA PRO FA 296 65.17 5.24 -33.37
C PRO FA 296 65.18 4.37 -34.61
N SER FA 297 65.13 3.06 -34.47
CA SER FA 297 65.35 2.14 -35.59
C SER FA 297 64.06 1.69 -36.25
N THR FA 298 62.89 1.98 -35.68
CA THR FA 298 61.66 1.37 -36.16
C THR FA 298 60.57 2.42 -36.23
N PHE FA 299 59.58 2.16 -37.08
CA PHE FA 299 58.49 3.10 -37.31
C PHE FA 299 57.17 2.36 -37.42
N ASN FA 300 56.94 1.38 -36.55
CA ASN FA 300 55.71 0.61 -36.58
C ASN FA 300 54.87 0.80 -35.32
N THR FA 301 55.01 1.95 -34.67
CA THR FA 301 54.08 2.33 -33.62
C THR FA 301 53.88 3.83 -33.68
N LEU FA 302 52.73 4.27 -33.17
CA LEU FA 302 52.34 5.67 -33.30
C LEU FA 302 53.41 6.59 -32.75
N LEU FA 303 53.93 6.26 -31.57
CA LEU FA 303 54.91 7.13 -30.92
C LEU FA 303 56.12 7.35 -31.81
N GLN FA 304 56.61 6.28 -32.46
CA GLN FA 304 57.75 6.43 -33.34
C GLN FA 304 57.42 7.35 -34.50
N ARG FA 305 56.27 7.13 -35.14
CA ARG FA 305 55.93 7.90 -36.33
C ARG FA 305 55.75 9.38 -36.00
N ALA FA 306 55.06 9.66 -34.90
CA ALA FA 306 54.86 11.05 -34.51
C ALA FA 306 56.20 11.74 -34.27
N THR FA 307 57.12 11.05 -33.62
CA THR FA 307 58.45 11.61 -33.42
C THR FA 307 59.13 11.88 -34.76
N ASN FA 308 59.04 10.92 -35.68
CA ASN FA 308 59.67 11.10 -36.98
C ASN FA 308 59.10 12.31 -37.69
N LEU FA 309 57.82 12.58 -37.52
CA LEU FA 309 57.23 13.78 -38.11
C LEU FA 309 57.66 15.03 -37.35
N ALA FA 310 57.71 14.95 -36.01
CA ALA FA 310 58.04 16.13 -35.23
C ALA FA 310 59.43 16.65 -35.57
N LEU FA 311 60.39 15.75 -35.72
CA LEU FA 311 61.75 16.17 -36.09
C LEU FA 311 61.74 16.97 -37.38
N LEU FA 312 60.81 16.67 -38.28
CA LEU FA 312 60.70 17.46 -39.50
C LEU FA 312 59.86 18.71 -39.27
N ALA FA 313 58.87 18.63 -38.39
CA ALA FA 313 57.97 19.76 -38.20
C ALA FA 313 58.70 21.00 -37.70
N VAL FA 314 59.73 20.81 -36.89
CA VAL FA 314 60.45 21.94 -36.31
C VAL FA 314 61.06 22.82 -37.39
N GLN FA 315 61.33 22.27 -38.57
CA GLN FA 315 61.89 23.07 -39.65
C GLN FA 315 60.91 24.10 -40.18
N GLY FA 316 59.64 24.03 -39.79
CA GLY FA 316 58.67 25.01 -40.22
C GLY FA 316 57.84 24.55 -41.38
N VAL FA 317 57.45 23.27 -41.38
CA VAL FA 317 56.68 22.70 -42.46
C VAL FA 317 55.20 22.92 -42.18
N GLN FA 318 54.40 22.88 -43.25
CA GLN FA 318 52.97 23.08 -43.16
C GLN FA 318 52.23 21.94 -43.83
N SER FA 319 51.04 21.65 -43.35
CA SER FA 319 50.18 20.63 -43.92
C SER FA 319 49.40 21.20 -45.08
N GLU FA 320 49.04 20.34 -46.04
CA GLU FA 320 48.32 20.80 -47.21
C GLU FA 320 46.91 21.24 -46.86
N SER FA 321 46.34 20.74 -45.77
CA SER FA 321 45.00 21.08 -45.36
C SER FA 321 45.02 21.69 -43.97
N ALA FA 322 44.16 22.69 -43.75
CA ALA FA 322 44.11 23.35 -42.46
C ALA FA 322 43.61 22.40 -41.38
N ILE FA 323 44.05 22.63 -40.15
CA ILE FA 323 43.61 21.83 -39.02
C ILE FA 323 42.81 22.73 -38.07
N PRO FA 324 41.75 22.22 -37.46
CA PRO FA 324 40.84 23.10 -36.72
C PRO FA 324 41.51 23.73 -35.51
N ALA FA 325 41.03 24.92 -35.15
CA ALA FA 325 41.50 25.57 -33.93
C ALA FA 325 41.07 24.80 -32.70
N ILE FA 326 39.87 24.20 -32.72
CA ILE FA 326 39.39 23.39 -31.60
C ILE FA 326 39.01 22.03 -32.15
N PRO FA 327 39.96 21.11 -32.27
CA PRO FA 327 39.67 19.83 -32.91
C PRO FA 327 38.63 19.01 -32.14
N THR FA 328 37.80 18.29 -32.88
CA THR FA 328 36.89 17.33 -32.30
C THR FA 328 37.47 15.94 -32.43
N MET FA 329 36.77 14.98 -31.81
CA MET FA 329 37.26 13.60 -31.83
C MET FA 329 37.44 13.10 -33.25
N SER FA 330 36.51 13.43 -34.14
CA SER FA 330 36.62 13.01 -35.52
C SER FA 330 37.88 13.58 -36.16
N ASP FA 331 38.19 14.84 -35.88
CA ASP FA 331 39.37 15.46 -36.47
C ASP FA 331 40.63 14.72 -36.07
N VAL FA 332 40.77 14.42 -34.78
CA VAL FA 332 41.96 13.73 -34.31
C VAL FA 332 42.06 12.35 -34.93
N ARG FA 333 40.93 11.64 -35.01
CA ARG FA 333 40.92 10.31 -35.60
C ARG FA 333 41.45 10.35 -37.02
N SER FA 334 41.01 11.33 -37.81
CA SER FA 334 41.50 11.44 -39.17
C SER FA 334 43.00 11.65 -39.19
N PHE FA 335 43.51 12.47 -38.28
CA PHE FA 335 44.94 12.73 -38.23
C PHE FA 335 45.71 11.46 -37.90
N VAL FA 336 45.28 10.75 -36.86
CA VAL FA 336 45.96 9.52 -36.48
C VAL FA 336 45.89 8.50 -37.60
N ALA FA 337 44.71 8.37 -38.22
CA ALA FA 337 44.54 7.40 -39.30
C ALA FA 337 45.56 7.65 -40.40
N ARG FA 338 45.70 8.90 -40.82
CA ARG FA 338 46.69 9.22 -41.83
C ARG FA 338 48.10 8.91 -41.33
N LEU FA 339 48.37 9.24 -40.06
CA LEU FA 339 49.71 9.03 -39.54
C LEU FA 339 50.08 7.56 -39.51
N MET FA 340 49.09 6.68 -39.35
CA MET FA 340 49.34 5.25 -39.29
C MET FA 340 49.27 4.57 -40.66
N ALA FA 341 49.05 5.34 -41.73
CA ALA FA 341 48.95 4.75 -43.05
C ALA FA 341 50.31 4.23 -43.50
N GLU FA 342 50.28 3.31 -44.46
CA GLU FA 342 51.51 2.79 -45.03
C GLU FA 342 52.21 3.88 -45.83
N GLY FA 343 53.53 3.91 -45.70
CA GLY FA 343 54.33 4.91 -46.40
C GLY FA 343 55.71 4.99 -45.82
N ASP FA 344 56.54 5.75 -46.50
CA ASP FA 344 57.92 5.90 -46.06
C ASP FA 344 58.02 6.89 -44.90
N PRO FA 345 58.91 6.64 -43.97
CA PRO FA 345 59.26 7.66 -42.99
C PRO FA 345 60.33 8.59 -43.56
N GLN FA 346 60.22 9.87 -43.23
CA GLN FA 346 61.23 10.81 -43.68
C GLN FA 346 62.55 10.49 -43.00
N GLN FA 347 63.64 10.73 -43.72
CA GLN FA 347 64.96 10.48 -43.16
C GLN FA 347 65.93 11.58 -43.53
N TRP FA 348 65.44 12.81 -43.70
CA TRP FA 348 66.33 13.94 -43.90
C TRP FA 348 67.13 14.23 -42.64
N PHE FA 349 66.46 14.21 -41.49
CA PHE FA 349 67.10 14.50 -40.22
C PHE FA 349 67.00 13.28 -39.32
N PRO FA 350 68.12 12.77 -38.83
CA PRO FA 350 68.06 11.62 -37.92
C PRO FA 350 67.70 12.02 -36.51
N TYR FA 351 67.05 11.09 -35.82
CA TYR FA 351 66.75 11.31 -34.41
C TYR FA 351 68.02 11.27 -33.59
N ARG FA 352 68.11 12.17 -32.61
CA ARG FA 352 69.17 12.14 -31.63
C ARG FA 352 68.58 12.39 -30.26
N VAL FA 353 69.16 11.74 -29.25
CA VAL FA 353 68.44 11.48 -28.01
C VAL FA 353 68.04 12.77 -27.32
N ASP FA 354 68.98 13.71 -27.17
CA ASP FA 354 68.68 14.97 -26.52
C ASP FA 354 69.37 16.12 -27.23
N GLN FA 355 69.31 16.12 -28.56
CA GLN FA 355 69.69 17.28 -29.34
C GLN FA 355 68.91 17.25 -30.64
N ILE FA 356 68.48 18.43 -31.09
CA ILE FA 356 67.64 18.55 -32.26
C ILE FA 356 68.38 19.32 -33.34
N LEU FA 357 68.31 18.83 -34.57
CA LEU FA 357 69.01 19.41 -35.70
C LEU FA 357 68.08 20.30 -36.50
N TYR FA 358 68.60 21.44 -36.96
CA TYR FA 358 67.82 22.38 -37.73
C TYR FA 358 68.57 22.75 -39.00
N TRP FA 359 67.80 22.97 -40.06
CA TRP FA 359 68.37 23.38 -41.33
C TRP FA 359 68.71 24.86 -41.29
N PRO FA 360 69.94 25.26 -41.57
CA PRO FA 360 70.29 26.69 -41.49
C PRO FA 360 69.45 27.57 -42.40
N GLU FA 361 68.95 27.04 -43.51
CA GLU FA 361 68.10 27.83 -44.38
C GLU FA 361 66.68 27.97 -43.86
N SER FA 362 66.31 27.22 -42.84
CA SER FA 362 64.96 27.32 -42.31
C SER FA 362 64.75 28.69 -41.68
N PRO FA 363 63.50 29.18 -41.68
CA PRO FA 363 63.20 30.42 -40.95
C PRO FA 363 63.36 30.26 -39.45
N PHE FA 364 63.51 29.03 -38.96
CA PHE FA 364 63.66 28.81 -37.53
C PHE FA 364 64.91 29.48 -36.98
N VAL FA 365 64.81 30.01 -35.77
CA VAL FA 365 65.91 30.64 -35.08
C VAL FA 365 66.14 29.88 -33.78
N PRO FA 366 67.34 29.35 -33.54
CA PRO FA 366 67.55 28.54 -32.35
C PRO FA 366 67.59 29.40 -31.11
N PRO FA 367 67.22 28.87 -29.96
CA PRO FA 367 67.43 29.59 -28.70
C PRO FA 367 68.88 29.49 -28.25
N ILE FA 368 69.18 29.95 -27.04
CA ILE FA 368 70.56 29.98 -26.58
C ILE FA 368 71.05 28.64 -26.06
N GLY FA 369 70.14 27.73 -25.71
CA GLY FA 369 70.52 26.48 -25.09
C GLY FA 369 71.32 25.57 -26.00
N PRO FA 370 71.91 24.52 -25.43
CA PRO FA 370 72.72 23.60 -26.22
C PRO FA 370 71.94 22.51 -26.92
N PHE FA 371 70.61 22.53 -26.84
CA PHE FA 371 69.81 21.42 -27.35
C PHE FA 371 69.62 21.47 -28.85
N TYR FA 372 70.05 22.52 -29.53
CA TYR FA 372 69.85 22.66 -30.96
C TYR FA 372 71.17 22.84 -31.68
N ALA FA 373 71.24 22.32 -32.90
CA ALA FA 373 72.45 22.38 -33.69
C ALA FA 373 72.12 22.36 -35.17
N PRO FA 374 72.81 23.15 -35.98
CA PRO FA 374 72.51 23.16 -37.42
C PRO FA 374 72.94 21.87 -38.09
N PHE FA 375 72.28 21.58 -39.22
CA PHE FA 375 72.57 20.36 -39.96
C PHE FA 375 72.23 20.56 -41.42
N ARG FA 376 72.90 19.79 -42.27
CA ARG FA 376 72.78 19.91 -43.72
C ARG FA 376 72.30 18.61 -44.34
N PRO FA 377 71.00 18.46 -44.61
CA PRO FA 377 70.55 17.34 -45.42
C PRO FA 377 71.05 17.50 -46.85
N VAL FA 378 71.14 16.37 -47.56
CA VAL FA 378 71.77 16.39 -48.87
C VAL FA 378 70.80 16.85 -49.95
N ASN FA 379 69.53 16.52 -49.86
CA ASN FA 379 68.60 16.76 -50.97
C ASN FA 379 67.27 17.30 -50.46
N PHE FA 380 67.34 18.28 -49.57
CA PHE FA 380 66.12 18.84 -49.01
C PHE FA 380 65.36 19.63 -50.07
N PRO FA 381 64.08 19.34 -50.29
CA PRO FA 381 63.34 19.98 -51.39
C PRO FA 381 62.56 21.23 -51.02
N PHE FA 382 62.54 21.64 -49.77
CA PHE FA 382 61.66 22.72 -49.35
C PHE FA 382 62.32 24.08 -49.52
N THR FA 383 61.50 25.12 -49.45
CA THR FA 383 61.95 26.50 -49.53
C THR FA 383 61.14 27.34 -48.56
N THR FA 384 61.70 28.48 -48.17
CA THR FA 384 60.97 29.41 -47.33
C THR FA 384 59.89 30.11 -48.14
N GLY FA 385 58.77 30.38 -47.48
CA GLY FA 385 57.67 31.07 -48.14
C GLY FA 385 56.34 30.81 -47.48
N SER FA 386 55.45 31.79 -47.53
CA SER FA 386 54.14 31.62 -46.93
C SER FA 386 53.20 30.90 -47.89
N TYR FA 387 52.14 30.33 -47.33
CA TYR FA 387 51.15 29.62 -48.13
C TYR FA 387 49.79 29.79 -47.48
N THR FA 388 48.84 30.30 -48.25
CA THR FA 388 47.47 30.48 -47.78
C THR FA 388 46.61 29.29 -48.21
N VAL FA 389 45.47 29.15 -47.55
CA VAL FA 389 44.56 28.04 -47.76
C VAL FA 389 43.27 28.57 -48.35
N VAL FA 390 42.74 27.85 -49.34
CA VAL FA 390 41.54 28.26 -50.06
C VAL FA 390 40.35 27.47 -49.53
N PRO FA 391 39.20 28.11 -49.33
CA PRO FA 391 38.01 27.38 -48.90
C PRO FA 391 37.59 26.36 -49.95
N ASP FA 392 36.86 25.35 -49.47
CA ASP FA 392 36.44 24.26 -50.35
C ASP FA 392 35.40 24.74 -51.36
N ALA FA 393 35.23 23.95 -52.42
CA ALA FA 393 34.35 24.29 -53.51
C ALA FA 393 33.08 23.45 -53.45
N SER FA 394 31.95 24.09 -53.72
CA SER FA 394 30.66 23.41 -53.75
C SER FA 394 30.38 22.71 -55.06
N ARG FA 395 31.27 22.84 -56.04
CA ARG FA 395 31.05 22.32 -57.38
C ARG FA 395 32.26 21.51 -57.82
N PRO FA 396 32.06 20.47 -58.60
CA PRO FA 396 33.20 19.83 -59.26
C PRO FA 396 33.91 20.82 -60.16
N LEU FA 397 35.24 20.74 -60.17
CA LEU FA 397 36.04 21.71 -60.90
C LEU FA 397 36.28 21.25 -62.34
N ARG FA 398 36.56 22.22 -63.20
CA ARG FA 398 36.91 21.97 -64.59
C ARG FA 398 38.29 22.54 -64.86
N LEU FA 399 39.10 21.83 -65.63
CA LEU FA 399 40.43 22.25 -65.98
C LEU FA 399 40.60 22.27 -67.48
N LEU FA 400 41.60 23.02 -67.94
CA LEU FA 400 41.93 23.12 -69.34
C LEU FA 400 43.32 22.55 -69.57
N PRO FA 401 43.49 21.63 -70.51
CA PRO FA 401 44.79 20.96 -70.66
C PRO FA 401 45.88 21.91 -71.10
N GLN FA 402 47.08 21.71 -70.54
CA GLN FA 402 48.30 22.37 -70.95
C GLN FA 402 49.43 21.36 -70.82
N TYR FA 403 50.31 21.33 -71.82
CA TYR FA 403 51.20 20.19 -72.00
C TYR FA 403 52.66 20.56 -71.79
N ARG FA 404 53.41 19.60 -71.28
CA ARG FA 404 54.87 19.68 -71.26
C ARG FA 404 55.42 19.16 -72.58
N ASN FA 405 56.73 19.10 -72.69
CA ASN FA 405 57.36 18.58 -73.90
C ASN FA 405 57.46 17.06 -73.90
N ALA FA 406 57.18 16.41 -72.78
CA ALA FA 406 57.27 14.96 -72.71
C ALA FA 406 56.03 14.30 -73.33
N THR FA 407 56.23 13.10 -73.85
CA THR FA 407 55.14 12.35 -74.44
C THR FA 407 55.35 10.87 -74.15
N ILE FA 408 54.28 10.09 -74.33
CA ILE FA 408 54.26 8.69 -73.91
C ILE FA 408 53.62 7.86 -75.00
N THR FA 409 54.13 6.64 -75.19
CA THR FA 409 53.59 5.71 -76.17
C THR FA 409 52.18 5.29 -75.78
N VAL FA 410 51.43 4.85 -76.80
CA VAL FA 410 50.03 4.53 -76.61
C VAL FA 410 49.86 3.39 -75.61
N GLN FA 411 50.69 2.36 -75.73
CA GLN FA 411 50.53 1.18 -74.88
C GLN FA 411 50.67 1.56 -73.41
N GLN FA 412 51.68 2.36 -73.08
CA GLN FA 412 51.83 2.83 -71.71
C GLN FA 412 50.60 3.61 -71.28
N ALA FA 413 50.07 4.45 -72.16
CA ALA FA 413 48.88 5.22 -71.81
C ALA FA 413 47.72 4.27 -71.50
N ASP FA 414 47.53 3.24 -72.32
CA ASP FA 414 46.40 2.35 -72.11
C ASP FA 414 46.54 1.56 -70.82
N ASP FA 415 47.69 0.93 -70.61
CA ASP FA 415 47.85 0.11 -69.41
C ASP FA 415 47.79 0.96 -68.16
N ALA FA 416 48.35 2.17 -68.21
CA ALA FA 416 48.20 3.08 -67.07
C ALA FA 416 46.74 3.44 -66.84
N TYR FA 417 45.94 3.42 -67.89
CA TYR FA 417 44.52 3.72 -67.74
C TYR FA 417 43.75 2.53 -67.20
N GLU FA 418 44.01 1.34 -67.74
CA GLU FA 418 43.16 0.19 -67.45
C GLU FA 418 43.23 -0.27 -66.00
N ASP FA 419 44.24 0.15 -65.24
CA ASP FA 419 44.35 -0.23 -63.84
C ASP FA 419 44.04 0.93 -62.92
N THR FA 420 43.62 2.06 -63.45
CA THR FA 420 43.21 3.19 -62.64
C THR FA 420 41.81 3.69 -62.97
N ALA FA 421 41.16 3.08 -63.95
CA ALA FA 421 39.86 3.55 -64.40
C ALA FA 421 38.74 2.81 -63.69
N LEU FA 422 37.60 3.51 -63.57
CA LEU FA 422 36.36 2.87 -63.13
C LEU FA 422 35.66 2.29 -64.35
N SER FA 423 36.24 1.20 -64.86
CA SER FA 423 35.92 0.75 -66.22
C SER FA 423 34.43 0.47 -66.41
N PRO FA 424 33.77 -0.36 -65.59
CA PRO FA 424 32.31 -0.36 -65.62
C PRO FA 424 31.77 0.67 -64.66
N LEU FA 425 30.81 1.45 -65.13
CA LEU FA 425 30.39 2.64 -64.40
C LEU FA 425 28.87 2.78 -64.46
N ILE FA 426 28.32 3.40 -63.42
CA ILE FA 426 26.90 3.71 -63.33
C ILE FA 426 26.72 5.20 -63.62
N THR FA 427 25.84 5.52 -64.57
CA THR FA 427 25.65 6.89 -65.01
C THR FA 427 24.17 7.19 -65.09
N THR FA 428 23.87 8.48 -65.29
CA THR FA 428 22.52 8.96 -65.51
C THR FA 428 22.48 9.73 -66.82
N HIS FA 429 21.33 9.65 -67.49
CA HIS FA 429 21.21 10.32 -68.78
C HIS FA 429 20.87 11.79 -68.63
N GLY FA 430 19.98 12.12 -67.73
CA GLY FA 430 19.39 13.45 -67.74
C GLY FA 430 18.37 13.54 -68.86
N PHE FA 431 18.12 14.76 -69.30
CA PHE FA 431 17.17 15.01 -70.38
C PHE FA 431 17.89 15.66 -71.54
N CYS FA 432 17.66 15.13 -72.75
CA CYS FA 432 18.31 15.65 -73.93
C CYS FA 432 17.55 16.82 -74.52
N VAL FA 433 16.24 16.68 -74.68
CA VAL FA 433 15.39 17.74 -75.21
C VAL FA 433 14.70 18.42 -74.03
N THR FA 434 14.94 19.72 -73.88
CA THR FA 434 14.39 20.47 -72.77
C THR FA 434 12.97 20.97 -73.01
N GLY FA 435 12.58 21.13 -74.26
CA GLY FA 435 11.24 21.60 -74.55
C GLY FA 435 11.18 22.25 -75.92
N GLY FA 436 10.04 22.87 -76.18
CA GLY FA 436 9.83 23.54 -77.45
C GLY FA 436 9.47 22.57 -78.56
N VAL FA 437 9.19 23.12 -79.73
CA VAL FA 437 8.86 22.27 -80.88
C VAL FA 437 9.33 22.95 -82.15
N SER FA 438 9.77 22.17 -83.12
CA SER FA 438 10.13 22.75 -84.40
C SER FA 438 9.11 22.29 -85.41
N THR FA 439 8.01 23.02 -85.52
CA THR FA 439 6.93 22.59 -86.40
C THR FA 439 7.03 23.09 -87.83
N SER FA 440 6.09 22.66 -88.67
CA SER FA 440 6.06 23.05 -90.07
C SER FA 440 4.66 22.83 -90.61
N ILE FA 441 4.27 23.68 -91.56
CA ILE FA 441 2.94 23.67 -92.12
C ILE FA 441 3.05 23.65 -93.64
N TYR FA 442 2.22 22.83 -94.28
CA TYR FA 442 2.21 22.70 -95.73
C TYR FA 442 0.78 22.90 -96.23
N ASP FA 443 0.59 23.93 -97.04
CA ASP FA 443 -0.67 24.08 -97.75
C ASP FA 443 -0.64 23.17 -98.96
N ILE FA 444 -1.62 22.26 -99.03
CA ILE FA 444 -1.67 21.30 -100.12
C ILE FA 444 -2.57 21.79 -101.25
N SER FA 445 -3.75 22.30 -100.91
CA SER FA 445 -4.69 22.76 -101.92
C SER FA 445 -4.10 23.90 -102.75
N GLY FA 446 -3.18 24.67 -102.17
CA GLY FA 446 -2.60 25.80 -102.88
C GLY FA 446 -1.80 25.38 -104.09
N ASP FA 447 -1.16 24.21 -104.04
CA ASP FA 447 -0.33 23.75 -105.14
C ASP FA 447 -1.21 23.31 -106.30
N PRO FA 448 -1.09 23.93 -107.48
CA PRO FA 448 -1.91 23.49 -108.63
C PRO FA 448 -1.34 22.32 -109.39
N THR FA 449 -0.13 21.86 -109.05
CA THR FA 449 0.56 20.84 -109.83
C THR FA 449 0.02 19.47 -109.43
N ALA FA 450 -0.83 18.90 -110.26
CA ALA FA 450 -1.38 17.58 -109.98
C ALA FA 450 -0.27 16.54 -109.94
N TYR FA 451 -0.40 15.58 -109.04
CA TYR FA 451 0.59 14.55 -108.86
C TYR FA 451 -0.11 13.25 -108.49
N PRO FA 452 0.04 12.20 -109.30
CA PRO FA 452 -0.72 10.97 -109.07
C PRO FA 452 -0.34 10.34 -107.74
N PRO FA 453 -1.33 9.90 -106.96
CA PRO FA 453 -1.03 9.38 -105.62
C PRO FA 453 -0.16 8.14 -105.62
N ALA FA 454 -0.28 7.30 -106.65
CA ALA FA 454 0.48 6.05 -106.67
C ALA FA 454 1.98 6.29 -106.64
N GLN FA 455 2.44 7.46 -107.06
CA GLN FA 455 3.85 7.77 -107.14
C GLN FA 455 4.38 8.42 -105.86
N LEU FA 456 3.56 8.54 -104.83
CA LEU FA 456 4.02 9.12 -103.58
C LEU FA 456 5.06 8.22 -102.91
N VAL FA 457 5.99 8.85 -102.21
CA VAL FA 457 6.94 8.10 -101.40
C VAL FA 457 6.20 7.43 -100.25
N ASP FA 458 6.71 6.28 -99.82
CA ASP FA 458 6.04 5.49 -98.80
C ASP FA 458 6.96 5.31 -97.60
N THR FA 459 6.44 4.62 -96.59
CA THR FA 459 7.18 4.43 -95.35
C THR FA 459 8.46 3.64 -95.63
N PRO FA 460 9.58 4.00 -95.00
CA PRO FA 460 10.81 3.25 -95.22
C PRO FA 460 10.66 1.80 -94.77
N ASN FA 461 11.40 0.92 -95.45
CA ASN FA 461 11.24 -0.51 -95.22
C ASN FA 461 11.59 -0.89 -93.80
N ASP FA 462 12.63 -0.30 -93.24
CA ASP FA 462 13.09 -0.64 -91.90
C ASP FA 462 12.37 0.13 -90.82
N TYR FA 463 11.35 0.91 -91.17
CA TYR FA 463 10.75 1.82 -90.19
C TYR FA 463 10.23 1.08 -88.96
N PHE FA 464 9.84 -0.18 -89.12
CA PHE FA 464 9.38 -0.98 -87.99
C PHE FA 464 10.40 -2.01 -87.56
N ASP FA 465 11.68 -1.80 -87.88
CA ASP FA 465 12.72 -2.65 -87.33
C ASP FA 465 12.82 -2.43 -85.82
N ARG FA 466 13.23 -3.49 -85.12
CA ARG FA 466 13.30 -3.42 -83.66
C ARG FA 466 14.21 -2.29 -83.22
N GLU FA 467 15.38 -2.16 -83.84
CA GLU FA 467 16.36 -1.18 -83.39
C GLU FA 467 15.82 0.23 -83.56
N ARG FA 468 15.30 0.55 -84.74
CA ARG FA 468 14.77 1.89 -84.95
C ARG FA 468 13.61 2.17 -84.00
N MET FA 469 12.74 1.18 -83.79
CA MET FA 469 11.68 1.33 -82.81
C MET FA 469 12.25 1.57 -81.42
N ALA FA 470 13.30 0.82 -81.08
CA ALA FA 470 13.92 0.99 -79.77
C ALA FA 470 14.46 2.40 -79.60
N ARG FA 471 15.19 2.90 -80.61
CA ARG FA 471 15.69 4.26 -80.54
C ARG FA 471 14.55 5.26 -80.46
N ARG FA 472 13.47 4.99 -81.21
CA ARG FA 472 12.31 5.86 -81.16
C ARG FA 472 11.76 5.95 -79.74
N ASP FA 473 11.64 4.81 -79.07
CA ASP FA 473 11.20 4.83 -77.68
C ASP FA 473 12.22 5.52 -76.78
N LEU FA 474 13.51 5.25 -77.01
CA LEU FA 474 14.54 5.86 -76.19
C LEU FA 474 14.48 7.38 -76.27
N PHE FA 475 14.26 7.91 -77.48
CA PHE FA 475 14.13 9.35 -77.63
C PHE FA 475 12.92 9.88 -76.86
N ARG FA 476 11.84 9.10 -76.86
CA ARG FA 476 10.64 9.53 -76.15
C ARG FA 476 10.92 9.76 -74.67
N ARG FA 477 11.73 8.90 -74.07
CA ARG FA 477 12.09 9.08 -72.66
C ARG FA 477 12.97 10.29 -72.46
N LEU FA 478 13.84 10.59 -73.42
CA LEU FA 478 14.87 11.60 -73.19
C LEU FA 478 14.32 13.01 -73.11
N ARG FA 479 13.14 13.26 -73.67
CA ARG FA 479 12.57 14.61 -73.57
C ARG FA 479 12.19 14.91 -72.13
N ALA FA 480 12.35 16.18 -71.76
CA ALA FA 480 11.98 16.61 -70.42
C ALA FA 480 10.50 16.34 -70.18
N PRO FA 481 10.12 15.98 -68.96
CA PRO FA 481 8.72 15.59 -68.70
C PRO FA 481 7.80 16.80 -68.76
N ALA FA 482 6.69 16.64 -69.47
CA ALA FA 482 5.64 17.64 -69.57
C ALA FA 482 4.43 16.98 -70.21
N ASP FA 483 3.39 17.75 -70.48
CA ASP FA 483 2.21 17.23 -71.15
C ASP FA 483 2.43 17.36 -72.66
N ARG FA 484 2.68 16.22 -73.31
CA ARG FA 484 2.93 16.24 -74.74
C ARG FA 484 1.73 16.74 -75.51
N SER FA 485 0.54 16.24 -75.15
CA SER FA 485 -0.67 16.60 -75.89
C SER FA 485 -0.98 18.09 -75.75
N ALA FA 486 -0.73 18.65 -74.57
CA ALA FA 486 -1.00 20.07 -74.35
C ALA FA 486 -0.24 20.92 -75.36
N ILE FA 487 1.07 20.67 -75.49
CA ILE FA 487 1.86 21.42 -76.46
C ILE FA 487 1.39 21.11 -77.87
N LYS FA 488 1.15 19.83 -78.16
CA LYS FA 488 0.75 19.44 -79.50
C LYS FA 488 -0.55 20.11 -79.91
N ASP FA 489 -1.56 20.05 -79.03
CA ASP FA 489 -2.84 20.68 -79.34
C ASP FA 489 -2.69 22.18 -79.50
N ARG FA 490 -1.92 22.81 -78.61
CA ARG FA 490 -1.78 24.26 -78.66
C ARG FA 490 -1.23 24.72 -79.99
N ALA FA 491 -0.27 23.98 -80.53
CA ALA FA 491 0.29 24.34 -81.83
C ALA FA 491 -0.77 24.31 -82.92
N VAL FA 492 -1.61 23.28 -82.93
CA VAL FA 492 -2.63 23.15 -83.97
C VAL FA 492 -3.63 24.30 -83.87
N PHE FA 493 -4.15 24.54 -82.67
CA PHE FA 493 -5.14 25.59 -82.50
C PHE FA 493 -4.57 26.97 -82.81
N ASP FA 494 -3.27 27.15 -82.62
CA ASP FA 494 -2.65 28.39 -83.04
C ASP FA 494 -2.81 28.58 -84.54
N PHE FA 495 -2.64 27.51 -85.32
CA PHE FA 495 -2.88 27.58 -86.75
C PHE FA 495 -4.35 27.84 -87.04
N LEU FA 496 -5.24 27.12 -86.36
CA LEU FA 496 -6.66 27.23 -86.65
C LEU FA 496 -7.17 28.65 -86.42
N ALA FA 497 -6.66 29.30 -85.37
CA ALA FA 497 -7.08 30.67 -85.10
C ALA FA 497 -6.75 31.61 -86.26
N SER FA 498 -5.76 31.25 -87.08
CA SER FA 498 -5.38 32.07 -88.22
C SER FA 498 -6.05 31.63 -89.51
N LEU FA 499 -6.79 30.53 -89.51
CA LEU FA 499 -7.36 30.01 -90.74
C LEU FA 499 -8.48 30.92 -91.23
N VAL FA 500 -8.38 31.32 -92.49
CA VAL FA 500 -9.31 32.27 -93.10
C VAL FA 500 -9.73 31.73 -94.46
N ASN FA 501 -11.03 31.84 -94.77
CA ASN FA 501 -11.53 31.29 -96.01
C ASN FA 501 -10.94 32.05 -97.20
N PRO FA 502 -10.64 31.36 -98.30
CA PRO FA 502 -9.96 32.02 -99.41
C PRO FA 502 -10.87 32.87 -100.27
N THR FA 503 -12.14 32.49 -100.34
CA THR FA 503 -13.06 33.16 -101.26
C THR FA 503 -13.45 34.55 -100.77
N THR FA 504 -13.71 34.69 -99.46
CA THR FA 504 -14.21 35.95 -98.93
C THR FA 504 -13.32 36.52 -97.83
N ALA FA 505 -12.18 35.91 -97.56
CA ALA FA 505 -11.16 36.49 -96.68
C ALA FA 505 -11.71 36.82 -95.30
N ASN FA 506 -12.47 35.89 -94.73
CA ASN FA 506 -12.91 36.02 -93.35
C ASN FA 506 -12.57 34.75 -92.60
N PRO FA 507 -12.34 34.83 -91.29
CA PRO FA 507 -11.92 33.65 -90.53
C PRO FA 507 -12.97 32.56 -90.60
N VAL FA 508 -12.49 31.32 -90.71
CA VAL FA 508 -13.40 30.18 -90.81
C VAL FA 508 -14.18 30.01 -89.51
N LEU FA 509 -13.51 30.16 -88.38
CA LEU FA 509 -14.19 30.06 -87.09
C LEU FA 509 -14.84 31.39 -86.73
N ASP FA 510 -15.68 31.34 -85.70
CA ASP FA 510 -16.38 32.53 -85.24
C ASP FA 510 -16.78 32.31 -83.79
N THR FA 511 -17.05 33.40 -83.09
CA THR FA 511 -17.51 33.30 -81.71
C THR FA 511 -18.80 32.49 -81.65
N SER FA 512 -18.95 31.73 -80.57
CA SER FA 512 -20.07 30.85 -80.30
C SER FA 512 -20.11 29.64 -81.23
N PHE FA 513 -19.02 29.36 -81.94
CA PHE FA 513 -19.02 28.19 -82.80
C PHE FA 513 -19.13 26.92 -81.98
N SER FA 514 -19.71 25.89 -82.58
CA SER FA 514 -19.93 24.61 -81.91
C SER FA 514 -18.76 23.68 -82.18
N MET FA 515 -18.20 23.11 -81.13
CA MET FA 515 -17.01 22.28 -81.22
C MET FA 515 -17.25 20.95 -80.54
N ALA FA 516 -16.72 19.88 -81.14
CA ALA FA 516 -16.70 18.57 -80.53
C ALA FA 516 -15.25 18.09 -80.49
N TYR FA 517 -14.72 17.93 -79.27
CA TYR FA 517 -13.40 17.33 -79.14
C TYR FA 517 -13.53 15.85 -79.40
N LEU FA 518 -13.70 15.48 -80.67
CA LEU FA 518 -13.93 14.09 -81.02
C LEU FA 518 -12.77 13.21 -80.60
N GLY FA 519 -11.58 13.80 -80.48
CA GLY FA 519 -10.44 13.06 -79.98
C GLY FA 519 -10.71 12.53 -78.59
N ALA FA 520 -9.97 11.50 -78.20
CA ALA FA 520 -10.26 10.83 -76.93
C ALA FA 520 -9.88 11.73 -75.78
N SER FA 521 -10.87 12.42 -75.22
CA SER FA 521 -10.70 13.03 -73.92
C SER FA 521 -10.36 11.93 -72.92
N SER FA 522 -9.20 12.03 -72.28
CA SER FA 522 -8.63 10.85 -71.66
C SER FA 522 -8.15 11.11 -70.23
N ALA FA 523 -8.70 12.10 -69.56
CA ALA FA 523 -8.31 12.44 -68.19
C ALA FA 523 -6.79 12.52 -68.07
N HIS FA 524 -6.22 13.37 -68.93
CA HIS FA 524 -4.77 13.43 -69.08
C HIS FA 524 -4.11 13.93 -67.80
N ALA FA 525 -3.09 13.20 -67.36
CA ALA FA 525 -2.31 13.57 -66.19
C ALA FA 525 -3.17 13.84 -64.97
N ASN FA 526 -3.10 15.06 -64.44
CA ASN FA 526 -3.81 15.42 -63.22
C ASN FA 526 -5.26 15.81 -63.46
N ALA FA 527 -5.65 16.09 -64.71
CA ALA FA 527 -6.98 16.57 -65.01
C ALA FA 527 -7.87 15.42 -65.49
N ASP FA 528 -9.17 15.69 -65.54
CA ASP FA 528 -10.15 14.75 -66.05
C ASP FA 528 -10.47 14.96 -67.52
N GLU FA 529 -9.94 16.01 -68.13
CA GLU FA 529 -10.18 16.32 -69.53
C GLU FA 529 -8.91 16.92 -70.10
N PRO FA 530 -8.73 16.90 -71.42
CA PRO FA 530 -7.53 17.51 -72.01
C PRO FA 530 -7.41 18.96 -71.58
N VAL FA 531 -6.19 19.34 -71.16
CA VAL FA 531 -6.00 20.63 -70.50
C VAL FA 531 -6.26 21.78 -71.45
N ILE FA 532 -6.12 21.56 -72.76
CA ILE FA 532 -6.30 22.64 -73.71
C ILE FA 532 -7.69 23.23 -73.64
N LEU FA 533 -8.67 22.46 -73.15
CA LEU FA 533 -10.03 22.96 -73.07
C LEU FA 533 -10.14 24.16 -72.13
N ALA FA 534 -9.36 24.17 -71.05
CA ALA FA 534 -9.39 25.31 -70.15
C ALA FA 534 -8.99 26.59 -70.86
N ASP FA 535 -7.92 26.53 -71.67
CA ASP FA 535 -7.50 27.69 -72.43
C ASP FA 535 -8.57 28.10 -73.43
N ILE FA 536 -9.18 27.14 -74.09
CA ILE FA 536 -10.20 27.45 -75.10
C ILE FA 536 -11.40 28.11 -74.45
N ARG FA 537 -11.88 27.55 -73.34
CA ARG FA 537 -13.03 28.13 -72.67
C ARG FA 537 -12.72 29.54 -72.17
N SER FA 538 -11.48 29.80 -71.81
CA SER FA 538 -11.08 31.08 -71.23
C SER FA 538 -10.60 32.07 -72.27
N GLY FA 539 -10.58 31.71 -73.54
CA GLY FA 539 -10.03 32.61 -74.54
C GLY FA 539 -8.55 32.87 -74.39
N SER FA 540 -7.84 31.96 -73.73
CA SER FA 540 -6.41 32.17 -73.49
C SER FA 540 -5.63 32.23 -74.79
N ILE FA 541 -6.05 31.47 -75.81
CA ILE FA 541 -5.34 31.42 -77.08
C ILE FA 541 -5.62 32.69 -77.86
N PRO FA 542 -4.59 33.46 -78.22
CA PRO FA 542 -4.83 34.71 -78.94
C PRO FA 542 -5.41 34.46 -80.32
N GLY FA 543 -6.36 35.29 -80.71
CA GLY FA 543 -6.99 35.20 -82.01
C GLY FA 543 -8.02 34.11 -82.14
N LEU FA 544 -8.20 33.29 -81.14
CA LEU FA 544 -9.18 32.21 -81.23
C LEU FA 544 -10.49 32.63 -80.58
N PRO FA 545 -11.60 32.56 -81.30
CA PRO FA 545 -12.89 32.95 -80.71
C PRO FA 545 -13.35 31.92 -79.68
N ILE FA 546 -14.32 32.33 -78.87
CA ILE FA 546 -14.88 31.49 -77.82
C ILE FA 546 -15.96 30.57 -78.40
N PRO FA 547 -15.86 29.26 -78.21
CA PRO FA 547 -16.94 28.38 -78.64
C PRO FA 547 -18.15 28.51 -77.73
N ARG FA 548 -19.33 28.22 -78.28
CA ARG FA 548 -20.54 28.25 -77.48
C ARG FA 548 -20.60 27.05 -76.54
N ARG FA 549 -20.15 25.90 -77.00
CA ARG FA 549 -20.15 24.69 -76.16
C ARG FA 549 -19.14 23.71 -76.74
N ILE FA 550 -18.72 22.78 -75.89
CA ILE FA 550 -17.74 21.77 -76.25
C ILE FA 550 -18.25 20.41 -75.82
N VAL FA 551 -18.16 19.42 -76.72
CA VAL FA 551 -18.60 18.07 -76.45
C VAL FA 551 -17.43 17.12 -76.66
N GLN FA 552 -17.39 16.05 -75.89
CA GLN FA 552 -16.26 15.14 -75.87
C GLN FA 552 -16.70 13.73 -76.19
N PHE FA 553 -15.82 12.98 -76.84
CA PHE FA 553 -16.13 11.62 -77.26
C PHE FA 553 -14.85 10.80 -77.26
N GLY FA 554 -15.02 9.48 -77.31
CA GLY FA 554 -13.90 8.56 -77.38
C GLY FA 554 -14.13 7.38 -76.45
N TYR FA 555 -13.02 6.73 -76.09
CA TYR FA 555 -13.05 5.58 -75.20
C TYR FA 555 -12.82 5.95 -73.74
N ASP FA 556 -12.01 6.98 -73.48
CA ASP FA 556 -11.56 7.29 -72.13
C ASP FA 556 -12.22 8.54 -71.57
N VAL FA 557 -13.38 8.92 -72.11
CA VAL FA 557 -14.03 10.14 -71.66
C VAL FA 557 -14.61 9.96 -70.27
N VAL FA 558 -14.84 11.08 -69.59
CA VAL FA 558 -15.63 11.09 -68.39
C VAL FA 558 -16.78 12.08 -68.56
N HIS FA 559 -16.47 13.29 -69.01
CA HIS FA 559 -17.48 14.32 -69.23
C HIS FA 559 -17.99 14.31 -70.67
N GLY FA 560 -18.46 13.15 -71.11
CA GLY FA 560 -18.94 13.02 -72.48
C GLY FA 560 -19.66 11.71 -72.69
N SER FA 561 -19.41 11.07 -73.83
CA SER FA 561 -20.08 9.83 -74.17
C SER FA 561 -19.08 8.86 -74.78
N LEU FA 562 -19.33 7.58 -74.55
CA LEU FA 562 -18.48 6.52 -75.07
C LEU FA 562 -19.04 6.00 -76.39
N LEU FA 563 -18.15 5.84 -77.37
CA LEU FA 563 -18.54 5.27 -78.65
C LEU FA 563 -17.30 4.98 -79.46
N ASP FA 564 -17.46 4.11 -80.46
CA ASP FA 564 -16.40 3.78 -81.39
C ASP FA 564 -16.57 4.63 -82.64
N LEU FA 565 -15.50 5.30 -83.05
CA LEU FA 565 -15.54 6.19 -84.18
C LEU FA 565 -15.44 5.46 -85.51
N SER FA 566 -15.29 4.15 -85.49
CA SER FA 566 -15.15 3.38 -86.73
C SER FA 566 -16.47 3.08 -87.40
N ARG FA 567 -17.59 3.26 -86.73
CA ARG FA 567 -18.90 2.99 -87.29
C ARG FA 567 -19.71 4.28 -87.38
N ALA FA 568 -20.94 4.15 -87.86
CA ALA FA 568 -21.86 5.27 -87.88
C ALA FA 568 -22.18 5.71 -86.46
N VAL FA 569 -22.52 6.99 -86.31
CA VAL FA 569 -22.69 7.56 -84.98
C VAL FA 569 -23.96 8.40 -84.91
N PRO FA 570 -24.75 8.27 -83.85
CA PRO FA 570 -25.95 9.11 -83.67
C PRO FA 570 -25.64 10.37 -82.87
N THR FA 571 -24.87 11.27 -83.47
CA THR FA 571 -24.24 12.33 -82.69
C THR FA 571 -24.60 13.75 -83.11
N GLY FA 572 -25.41 13.93 -84.15
CA GLY FA 572 -25.68 15.28 -84.61
C GLY FA 572 -24.51 15.82 -85.40
N THR FA 573 -24.19 17.11 -85.23
CA THR FA 573 -23.13 17.71 -86.04
C THR FA 573 -22.59 18.94 -85.31
N PHE FA 574 -21.44 19.42 -85.81
CA PHE FA 574 -20.73 20.52 -85.17
C PHE FA 574 -20.04 21.36 -86.22
N GLY FA 575 -19.60 22.54 -85.80
CA GLY FA 575 -18.84 23.42 -86.66
C GLY FA 575 -17.38 23.05 -86.71
N LEU FA 576 -16.80 22.72 -85.55
CA LEU FA 576 -15.43 22.28 -85.46
C LEU FA 576 -15.39 20.86 -84.90
N VAL FA 577 -14.72 19.96 -85.61
CA VAL FA 577 -14.51 18.60 -85.16
C VAL FA 577 -13.01 18.40 -85.02
N TYR FA 578 -12.56 18.20 -83.79
CA TYR FA 578 -11.14 18.00 -83.48
C TYR FA 578 -10.96 16.52 -83.16
N ALA FA 579 -10.45 15.76 -84.13
CA ALA FA 579 -10.35 14.31 -84.02
C ALA FA 579 -8.92 13.93 -83.70
N ASP FA 580 -8.58 13.99 -82.41
CA ASP FA 580 -7.28 13.52 -81.93
C ASP FA 580 -7.43 12.07 -81.51
N LEU FA 581 -7.44 11.19 -82.51
CA LEU FA 581 -7.58 9.76 -82.29
C LEU FA 581 -6.29 9.05 -82.68
N ASP FA 582 -5.85 8.14 -81.82
CA ASP FA 582 -4.76 7.25 -82.18
C ASP FA 582 -5.30 6.10 -83.04
N GLN FA 583 -4.41 5.53 -83.84
CA GLN FA 583 -4.73 4.31 -84.58
C GLN FA 583 -3.94 3.11 -84.11
N VAL FA 584 -2.81 3.33 -83.43
CA VAL FA 584 -1.91 2.24 -83.09
C VAL FA 584 -2.46 1.34 -81.99
N GLU FA 585 -3.43 1.81 -81.21
CA GLU FA 585 -3.85 1.09 -80.03
C GLU FA 585 -4.44 -0.28 -80.35
N ASP FA 586 -4.81 -0.54 -81.61
CA ASP FA 586 -5.24 -1.88 -82.01
C ASP FA 586 -4.50 -2.37 -83.25
N ALA FA 587 -3.41 -1.69 -83.62
CA ALA FA 587 -2.60 -2.11 -84.77
C ALA FA 587 -1.18 -1.65 -84.51
N GLY FA 588 -0.34 -2.56 -84.02
CA GLY FA 588 1.05 -2.23 -83.74
C GLY FA 588 1.83 -1.93 -85.01
N THR FA 589 1.89 -2.89 -85.91
CA THR FA 589 2.57 -2.69 -87.19
C THR FA 589 1.74 -3.19 -88.36
N ASP FA 590 0.49 -3.57 -88.15
CA ASP FA 590 -0.36 -4.11 -89.21
C ASP FA 590 -0.89 -2.94 -90.02
N MET FA 591 -0.12 -2.54 -91.04
CA MET FA 591 -0.45 -1.34 -91.79
C MET FA 591 -1.84 -1.38 -92.44
N PRO FA 592 -2.23 -2.44 -93.16
CA PRO FA 592 -3.57 -2.41 -93.75
C PRO FA 592 -4.68 -2.25 -92.73
N ALA FA 593 -4.52 -2.85 -91.55
CA ALA FA 593 -5.48 -2.63 -90.48
C ALA FA 593 -5.48 -1.17 -90.04
N ALA FA 594 -4.28 -0.59 -89.90
CA ALA FA 594 -4.19 0.82 -89.52
C ALA FA 594 -4.84 1.71 -90.58
N ASN FA 595 -4.63 1.37 -91.85
CA ASN FA 595 -5.20 2.17 -92.92
C ASN FA 595 -6.72 2.18 -92.86
N ARG FA 596 -7.32 1.00 -92.65
CA ARG FA 596 -8.77 0.93 -92.57
C ARG FA 596 -9.29 1.77 -91.42
N ALA FA 597 -8.64 1.69 -90.26
CA ALA FA 597 -9.05 2.50 -89.13
C ALA FA 597 -8.96 3.97 -89.46
N ALA FA 598 -7.86 4.39 -90.07
CA ALA FA 598 -7.68 5.80 -90.39
C ALA FA 598 -8.76 6.28 -91.35
N ILE FA 599 -8.99 5.51 -92.41
CA ILE FA 599 -9.99 5.91 -93.40
C ILE FA 599 -11.36 5.99 -92.75
N ALA FA 600 -11.71 4.99 -91.96
CA ALA FA 600 -13.03 4.98 -91.32
C ALA FA 600 -13.20 6.19 -90.42
N MET FA 601 -12.21 6.46 -89.57
CA MET FA 601 -12.32 7.59 -88.66
C MET FA 601 -12.41 8.90 -89.43
N LEU FA 602 -11.66 9.01 -90.52
CA LEU FA 602 -11.74 10.21 -91.34
C LEU FA 602 -13.15 10.42 -91.87
N GLY FA 603 -13.78 9.36 -92.36
CA GLY FA 603 -15.11 9.51 -92.90
C GLY FA 603 -16.12 9.98 -91.88
N THR FA 604 -16.12 9.37 -90.69
CA THR FA 604 -17.05 9.77 -89.66
C THR FA 604 -16.78 11.21 -89.21
N ALA FA 605 -15.51 11.58 -89.11
CA ALA FA 605 -15.18 12.94 -88.70
C ALA FA 605 -15.76 13.96 -89.66
N LEU FA 606 -15.64 13.70 -90.96
CA LEU FA 606 -16.24 14.60 -91.93
C LEU FA 606 -17.75 14.64 -91.77
N GLN FA 607 -18.38 13.49 -91.54
CA GLN FA 607 -19.83 13.43 -91.46
C GLN FA 607 -20.38 14.23 -90.29
N MET FA 608 -19.56 14.47 -89.26
CA MET FA 608 -20.03 15.22 -88.10
C MET FA 608 -19.87 16.72 -88.25
N THR FA 609 -19.29 17.18 -89.36
CA THR FA 609 -19.10 18.61 -89.58
C THR FA 609 -20.28 19.20 -90.32
N THR FA 610 -20.74 20.36 -89.86
CA THR FA 610 -21.75 21.09 -90.60
C THR FA 610 -21.16 21.62 -91.90
N ALA FA 611 -22.05 22.05 -92.80
CA ALA FA 611 -21.61 22.69 -94.02
C ALA FA 611 -20.79 23.92 -93.70
N GLY FA 612 -19.70 24.12 -94.43
CA GLY FA 612 -18.80 25.22 -94.16
C GLY FA 612 -17.97 25.05 -92.90
N GLY FA 613 -18.07 23.90 -92.25
CA GLY FA 613 -17.29 23.65 -91.05
C GLY FA 613 -15.87 23.25 -91.38
N VAL FA 614 -15.14 22.88 -90.33
CA VAL FA 614 -13.74 22.48 -90.44
C VAL FA 614 -13.50 21.31 -89.52
N SER FA 615 -12.72 20.34 -89.99
CA SER FA 615 -12.39 19.16 -89.22
C SER FA 615 -10.90 18.85 -89.36
N VAL FA 616 -10.30 18.40 -88.27
CA VAL FA 616 -8.90 18.00 -88.26
C VAL FA 616 -8.80 16.57 -87.78
N LEU FA 617 -7.77 15.88 -88.23
CA LEU FA 617 -7.57 14.48 -87.89
C LEU FA 617 -6.08 14.20 -87.77
N LYS FA 618 -5.70 13.52 -86.69
CA LYS FA 618 -4.33 13.06 -86.51
C LYS FA 618 -4.18 11.70 -87.17
N VAL FA 619 -3.12 11.54 -87.96
CA VAL FA 619 -2.83 10.29 -88.66
C VAL FA 619 -1.47 9.80 -88.21
N ASN FA 620 -1.41 8.56 -87.73
CA ASN FA 620 -0.15 8.02 -87.25
C ASN FA 620 0.81 7.73 -88.40
N PHE FA 621 0.30 7.19 -89.50
CA PHE FA 621 1.15 6.72 -90.59
C PHE FA 621 0.62 7.22 -91.93
N PRO FA 622 1.18 8.29 -92.45
CA PRO FA 622 0.78 8.76 -93.79
C PRO FA 622 1.29 7.84 -94.88
N THR FA 623 0.60 6.72 -95.08
CA THR FA 623 1.00 5.72 -96.04
C THR FA 623 0.36 6.01 -97.41
N ARG FA 624 1.10 5.71 -98.47
CA ARG FA 624 0.60 6.00 -99.80
C ARG FA 624 -0.71 5.26 -100.07
N ALA FA 625 -0.88 4.08 -99.48
CA ALA FA 625 -2.16 3.41 -99.57
C ALA FA 625 -3.24 4.23 -98.91
N PHE FA 626 -2.95 4.80 -97.75
CA PHE FA 626 -3.91 5.67 -97.08
C PHE FA 626 -4.26 6.86 -97.95
N TRP FA 627 -3.24 7.50 -98.53
CA TRP FA 627 -3.49 8.66 -99.38
C TRP FA 627 -4.33 8.28 -100.60
N THR FA 628 -4.10 7.10 -101.14
CA THR FA 628 -4.87 6.64 -102.30
C THR FA 628 -6.36 6.66 -101.98
N GLN FA 629 -6.75 6.06 -100.86
CA GLN FA 629 -8.15 5.98 -100.51
C GLN FA 629 -8.72 7.35 -100.19
N VAL FA 630 -7.90 8.24 -99.63
CA VAL FA 630 -8.38 9.56 -99.25
C VAL FA 630 -8.96 10.28 -100.47
N PHE FA 631 -8.21 10.30 -101.56
CA PHE FA 631 -8.70 10.96 -102.75
C PHE FA 631 -9.68 10.10 -103.54
N ASN FA 632 -9.75 8.80 -103.24
CA ASN FA 632 -10.76 7.98 -103.88
C ASN FA 632 -12.15 8.26 -103.33
N LEU FA 633 -12.23 8.67 -102.07
CA LEU FA 633 -13.52 8.77 -101.40
C LEU FA 633 -13.90 10.20 -101.05
N TYR FA 634 -13.07 10.90 -100.28
CA TYR FA 634 -13.47 12.16 -99.67
C TYR FA 634 -13.07 13.37 -100.49
N ALA FA 635 -12.76 13.17 -101.78
CA ALA FA 635 -12.18 14.24 -102.57
C ALA FA 635 -13.08 15.46 -102.70
N THR FA 636 -14.39 15.31 -102.51
CA THR FA 636 -15.33 16.39 -102.74
C THR FA 636 -15.93 16.96 -101.47
N HIS FA 637 -15.49 16.50 -100.31
CA HIS FA 637 -16.18 16.86 -99.07
C HIS FA 637 -15.70 18.16 -98.44
N ALA FA 638 -14.67 18.80 -98.98
CA ALA FA 638 -14.17 20.02 -98.40
C ALA FA 638 -13.51 20.87 -99.49
N THR FA 639 -13.29 22.14 -99.15
CA THR FA 639 -12.72 23.09 -100.11
C THR FA 639 -11.20 23.08 -100.10
N THR FA 640 -10.57 23.00 -98.93
CA THR FA 640 -9.13 23.17 -98.82
C THR FA 640 -8.56 22.17 -97.84
N LEU FA 641 -7.23 22.00 -97.90
CA LEU FA 641 -6.54 21.03 -97.07
C LEU FA 641 -5.11 21.46 -96.84
N HIS FA 642 -4.64 21.28 -95.61
CA HIS FA 642 -3.25 21.55 -95.25
C HIS FA 642 -2.73 20.39 -94.42
N LEU FA 643 -1.43 20.46 -94.12
CA LEU FA 643 -0.79 19.50 -93.22
C LEU FA 643 -0.05 20.27 -92.14
N VAL FA 644 -0.40 20.01 -90.89
CA VAL FA 644 0.26 20.60 -89.73
C VAL FA 644 1.08 19.52 -89.05
N LYS FA 645 2.38 19.76 -88.89
CA LYS FA 645 3.30 18.77 -88.35
C LYS FA 645 4.10 19.37 -87.21
N PRO FA 646 3.60 19.26 -85.98
CA PRO FA 646 4.44 19.55 -84.83
C PRO FA 646 5.40 18.40 -84.59
N THR FA 647 6.58 18.74 -84.08
CA THR FA 647 7.58 17.74 -83.70
C THR FA 647 7.89 17.92 -82.23
N ILE FA 648 7.41 16.99 -81.41
CA ILE FA 648 7.72 16.96 -79.99
C ILE FA 648 8.73 15.86 -79.69
N VAL FA 649 8.51 14.67 -80.24
CA VAL FA 649 9.50 13.60 -80.28
C VAL FA 649 9.50 13.05 -81.69
N ASN FA 650 10.49 12.22 -81.99
CA ASN FA 650 10.63 11.68 -83.34
C ASN FA 650 9.45 10.77 -83.64
N SER FA 651 8.58 11.22 -84.53
CA SER FA 651 7.41 10.44 -84.93
C SER FA 651 6.97 10.86 -86.31
N SER FA 652 6.32 9.93 -87.02
CA SER FA 652 5.85 10.17 -88.37
C SER FA 652 4.41 10.63 -88.43
N GLU FA 653 3.77 10.86 -87.29
CA GLU FA 653 2.37 11.25 -87.28
C GLU FA 653 2.21 12.69 -87.80
N VAL FA 654 1.04 12.97 -88.35
CA VAL FA 654 0.73 14.27 -88.93
C VAL FA 654 -0.70 14.64 -88.57
N PHE FA 655 -1.05 15.91 -88.85
CA PHE FA 655 -2.40 16.41 -88.64
C PHE FA 655 -2.96 16.88 -89.97
N LEU FA 656 -4.04 16.25 -90.41
CA LEU FA 656 -4.80 16.76 -91.54
C LEU FA 656 -5.77 17.83 -91.06
N VAL FA 657 -6.12 18.74 -91.96
CA VAL FA 657 -7.08 19.79 -91.65
C VAL FA 657 -7.89 20.09 -92.91
N PHE FA 658 -9.18 19.78 -92.87
CA PHE FA 658 -10.07 20.02 -93.99
C PHE FA 658 -10.90 21.26 -93.71
N GLY FA 659 -10.78 22.26 -94.57
CA GLY FA 659 -11.51 23.50 -94.43
C GLY FA 659 -12.64 23.60 -95.44
N GLY FA 660 -13.73 24.25 -95.01
CA GLY FA 660 -14.87 24.44 -95.89
C GLY FA 660 -15.59 23.15 -96.18
N ARG FA 661 -16.20 22.56 -95.15
CA ARG FA 661 -16.98 21.34 -95.34
C ARG FA 661 -18.12 21.62 -96.30
N GLN FA 662 -18.11 20.95 -97.44
CA GLN FA 662 -19.13 21.15 -98.46
C GLN FA 662 -19.25 19.87 -99.27
N SER FA 663 -20.15 19.89 -100.25
CA SER FA 663 -20.47 18.68 -100.99
C SER FA 663 -19.65 18.53 -102.27
N ASN FA 664 -19.21 19.63 -102.86
CA ASN FA 664 -18.66 19.58 -104.21
C ASN FA 664 -17.22 20.06 -104.27
N GLY FA 665 -16.38 19.60 -103.36
CA GLY FA 665 -14.97 19.93 -103.40
C GLY FA 665 -14.24 19.19 -104.52
N ALA FA 666 -13.00 19.60 -104.75
CA ALA FA 666 -12.20 19.06 -105.84
C ALA FA 666 -10.75 18.85 -105.41
N LEU FA 667 -10.54 18.27 -104.24
CA LEU FA 667 -9.19 18.05 -103.74
C LEU FA 667 -8.47 16.97 -104.54
N ARG FA 668 -7.18 17.17 -104.76
CA ARG FA 668 -6.35 16.23 -105.50
C ARG FA 668 -4.99 16.09 -104.82
N SER FA 669 -4.34 14.96 -105.09
CA SER FA 669 -2.95 14.80 -104.68
C SER FA 669 -2.06 15.67 -105.55
N THR FA 670 -1.18 16.43 -104.92
CA THR FA 670 -0.36 17.40 -105.65
C THR FA 670 1.06 17.34 -105.12
N THR FA 671 1.97 17.98 -105.88
CA THR FA 671 3.39 17.89 -105.59
C THR FA 671 3.72 18.42 -104.21
N ALA FA 672 2.90 19.30 -103.66
CA ALA FA 672 3.13 19.77 -102.29
C ALA FA 672 3.14 18.61 -101.33
N LEU FA 673 2.21 17.66 -101.50
CA LEU FA 673 2.18 16.48 -100.65
C LEU FA 673 3.49 15.71 -100.74
N GLN FA 674 3.99 15.52 -101.96
CA GLN FA 674 5.24 14.77 -102.11
C GLN FA 674 6.39 15.50 -101.44
N ARG FA 675 6.45 16.83 -101.57
CA ARG FA 675 7.50 17.58 -100.91
C ARG FA 675 7.44 17.41 -99.40
N ALA FA 676 6.24 17.51 -98.84
CA ALA FA 676 6.10 17.41 -97.39
C ALA FA 676 6.56 16.04 -96.90
N LEU FA 677 6.12 14.98 -97.57
CA LEU FA 677 6.49 13.64 -97.15
C LEU FA 677 8.00 13.45 -97.19
N LEU FA 678 8.64 13.88 -98.27
CA LEU FA 678 10.08 13.73 -98.39
C LEU FA 678 10.80 14.45 -97.26
N SER FA 679 10.38 15.68 -96.97
CA SER FA 679 10.98 16.41 -95.87
C SER FA 679 10.75 15.70 -94.55
N LEU FA 680 9.56 15.14 -94.37
CA LEU FA 680 9.24 14.49 -93.11
C LEU FA 680 10.14 13.31 -92.84
N TYR FA 681 10.22 12.38 -93.80
CA TYR FA 681 11.05 11.19 -93.59
C TYR FA 681 12.52 11.56 -93.43
N ALA FA 682 12.95 12.65 -94.09
CA ALA FA 682 14.33 13.08 -93.95
C ALA FA 682 14.65 13.41 -92.50
N ARG FA 683 13.79 14.17 -91.84
CA ARG FA 683 14.00 14.50 -90.43
C ARG FA 683 14.02 13.23 -89.59
N ASN FA 684 13.06 12.34 -89.83
CA ASN FA 684 12.97 11.12 -89.04
C ASN FA 684 14.25 10.32 -89.14
N ALA FA 685 14.78 10.17 -90.35
CA ALA FA 685 16.05 9.48 -90.51
C ALA FA 685 17.17 10.24 -89.81
N ALA FA 686 17.17 11.57 -89.93
CA ALA FA 686 18.23 12.36 -89.33
C ALA FA 686 18.26 12.19 -87.82
N ILE FA 687 17.09 12.24 -87.19
CA ILE FA 687 17.04 12.07 -85.74
C ILE FA 687 17.54 10.69 -85.34
N ASP FA 688 17.11 9.66 -86.08
CA ASP FA 688 17.50 8.30 -85.74
C ASP FA 688 19.01 8.14 -85.77
N ARG FA 689 19.67 8.73 -86.77
CA ARG FA 689 21.13 8.66 -86.83
C ARG FA 689 21.76 9.26 -85.59
N ALA FA 690 21.21 10.38 -85.11
CA ALA FA 690 21.75 11.00 -83.91
C ALA FA 690 21.61 10.10 -82.70
N VAL FA 691 20.45 9.44 -82.57
CA VAL FA 691 20.18 8.64 -81.38
C VAL FA 691 21.13 7.46 -81.27
N THR FA 692 21.67 6.99 -82.40
CA THR FA 692 22.48 5.77 -82.38
C THR FA 692 23.65 5.86 -81.43
N HIS FA 693 24.13 7.08 -81.16
CA HIS FA 693 25.29 7.23 -80.29
C HIS FA 693 24.97 7.05 -78.82
N ILE FA 694 23.70 7.15 -78.44
CA ILE FA 694 23.30 7.15 -77.04
C ILE FA 694 23.15 5.73 -76.53
N PRO FA 695 23.64 5.42 -75.33
CA PRO FA 695 23.37 4.10 -74.74
C PRO FA 695 21.98 4.04 -74.13
N PHE FA 696 21.48 2.82 -73.97
CA PHE FA 696 20.19 2.62 -73.35
C PHE FA 696 20.31 2.83 -71.84
N PHE FA 697 19.18 2.68 -71.14
CA PHE FA 697 19.11 3.16 -69.77
C PHE FA 697 19.84 2.24 -68.79
N GLY FA 698 19.40 0.99 -68.66
CA GLY FA 698 19.87 0.17 -67.56
C GLY FA 698 21.33 -0.23 -67.63
N VAL FA 699 21.93 -0.18 -68.82
CA VAL FA 699 23.25 -0.79 -69.01
C VAL FA 699 24.31 0.04 -68.30
N PRO FA 700 25.17 -0.57 -67.50
CA PRO FA 700 26.34 0.15 -67.00
C PRO FA 700 27.32 0.43 -68.12
N ASP FA 701 28.07 1.52 -67.97
CA ASP FA 701 28.90 2.01 -69.06
C ASP FA 701 30.23 1.27 -69.11
N ASP FA 702 30.16 0.03 -69.59
CA ASP FA 702 31.35 -0.59 -70.14
C ASP FA 702 31.65 0.09 -71.48
N GLY FA 703 32.92 0.38 -71.73
CA GLY FA 703 33.26 1.32 -72.76
C GLY FA 703 33.00 0.88 -74.19
N THR FA 704 31.75 0.57 -74.51
CA THR FA 704 31.38 0.26 -75.88
C THR FA 704 30.53 1.34 -76.53
N SER FA 705 29.85 2.16 -75.75
CA SER FA 705 29.01 3.21 -76.31
C SER FA 705 29.86 4.38 -76.80
N ASP FA 706 29.30 5.14 -77.74
CA ASP FA 706 30.00 6.30 -78.27
C ASP FA 706 29.98 7.46 -77.30
N LEU FA 707 28.85 7.66 -76.61
CA LEU FA 707 28.65 8.84 -75.77
C LEU FA 707 28.91 8.56 -74.31
N GLY FA 708 29.76 7.58 -74.00
CA GLY FA 708 29.99 7.19 -72.62
C GLY FA 708 30.86 8.18 -71.87
N ILE FA 709 31.13 7.82 -70.61
CA ILE FA 709 31.96 8.61 -69.71
C ILE FA 709 33.16 7.79 -69.32
N ASP FA 710 34.34 8.43 -69.30
CA ASP FA 710 35.55 7.80 -68.83
C ASP FA 710 36.02 8.51 -67.57
N ALA FA 711 36.47 7.73 -66.58
CA ALA FA 711 36.86 8.29 -65.30
C ALA FA 711 38.07 7.53 -64.77
N VAL FA 712 38.87 8.23 -63.98
CA VAL FA 712 40.04 7.65 -63.32
C VAL FA 712 40.05 8.13 -61.88
N ARG FA 713 40.31 7.22 -60.95
CA ARG FA 713 40.36 7.53 -59.53
C ARG FA 713 41.75 7.26 -58.99
N LEU FA 714 42.25 8.20 -58.19
CA LEU FA 714 43.55 8.07 -57.56
C LEU FA 714 43.45 8.49 -56.11
N PHE FA 715 44.24 7.85 -55.26
CA PHE FA 715 44.27 8.12 -53.83
C PHE FA 715 45.59 8.77 -53.47
N ASP FA 716 45.52 9.95 -52.86
CA ASP FA 716 46.69 10.74 -52.50
C ASP FA 716 47.74 10.77 -53.62
N PRO FA 717 47.36 11.17 -54.83
CA PRO FA 717 48.31 11.14 -55.94
C PRO FA 717 49.41 12.18 -55.74
N MET FA 718 50.58 11.86 -56.28
CA MET FA 718 51.72 12.77 -56.25
C MET FA 718 52.17 12.98 -57.69
N PHE FA 719 51.54 13.94 -58.36
CA PHE FA 719 51.92 14.26 -59.72
C PHE FA 719 53.27 14.92 -59.76
N SER FA 720 54.05 14.60 -60.78
CA SER FA 720 55.38 15.18 -60.96
C SER FA 720 55.80 14.93 -62.40
N ASP FA 721 56.82 15.65 -62.84
CA ASP FA 721 57.39 15.45 -64.16
C ASP FA 721 58.35 14.27 -64.20
N ALA FA 722 58.50 13.54 -63.09
CA ALA FA 722 59.36 12.37 -63.07
C ALA FA 722 58.80 11.30 -64.00
N VAL FA 723 59.72 10.56 -64.63
CA VAL FA 723 59.33 9.55 -65.59
C VAL FA 723 58.59 8.42 -64.88
N ALA FA 724 57.65 7.80 -65.61
CA ALA FA 724 56.89 6.65 -65.13
C ALA FA 724 56.05 6.96 -63.89
N ASN FA 725 55.84 8.22 -63.59
CA ASN FA 725 54.96 8.59 -62.50
C ASN FA 725 53.54 8.18 -62.87
N LEU FA 726 53.06 7.10 -62.25
CA LEU FA 726 51.76 6.54 -62.63
C LEU FA 726 50.64 7.56 -62.61
N PRO FA 727 50.47 8.39 -61.58
CA PRO FA 727 49.40 9.40 -61.65
C PRO FA 727 49.50 10.29 -62.88
N SER FA 728 50.72 10.69 -63.24
CA SER FA 728 50.88 11.49 -64.44
C SER FA 728 50.51 10.70 -65.69
N ASN FA 729 50.91 9.44 -65.76
CA ASN FA 729 50.60 8.62 -66.92
C ASN FA 729 49.09 8.45 -67.08
N ALA FA 730 48.42 8.06 -65.99
CA ALA FA 730 46.97 7.89 -66.07
C ALA FA 730 46.29 9.19 -66.44
N LEU FA 731 46.73 10.30 -65.86
CA LEU FA 731 46.16 11.59 -66.18
C LEU FA 731 46.25 11.87 -67.66
N ALA FA 732 47.44 11.72 -68.24
CA ALA FA 732 47.61 12.01 -69.66
C ALA FA 732 46.76 11.08 -70.51
N SER FA 733 46.66 9.82 -70.13
CA SER FA 733 45.88 8.87 -70.92
C SER FA 733 44.42 9.25 -70.95
N LEU FA 734 43.84 9.53 -69.78
CA LEU FA 734 42.42 9.87 -69.73
C LEU FA 734 42.14 11.14 -70.53
N VAL FA 735 43.00 12.14 -70.38
CA VAL FA 735 42.79 13.40 -71.10
C VAL FA 735 42.74 13.14 -72.59
N SER FA 736 43.64 12.30 -73.09
CA SER FA 736 43.69 12.02 -74.52
C SER FA 736 42.39 11.43 -75.04
N ARG FA 737 41.58 10.85 -74.16
CA ARG FA 737 40.32 10.23 -74.57
C ARG FA 737 39.14 11.17 -74.49
N VAL FA 738 39.34 12.42 -74.07
CA VAL FA 738 38.23 13.33 -73.82
C VAL FA 738 38.39 14.69 -74.49
N VAL FA 739 39.59 15.06 -74.92
CA VAL FA 739 40.02 16.44 -75.16
C VAL FA 739 38.94 17.38 -75.68
N PRO FA 740 38.23 17.05 -76.77
CA PRO FA 740 37.22 18.01 -77.27
C PRO FA 740 36.17 18.38 -76.24
N SER FA 741 35.89 17.50 -75.28
CA SER FA 741 34.91 17.78 -74.25
C SER FA 741 35.58 18.38 -73.02
N SER FA 742 34.76 18.79 -72.05
CA SER FA 742 35.28 19.34 -70.82
C SER FA 742 35.86 18.24 -69.93
N ILE FA 743 36.74 18.64 -69.03
CA ILE FA 743 37.42 17.73 -68.12
C ILE FA 743 37.08 18.13 -66.70
N MET FA 744 36.48 17.22 -65.95
CA MET FA 744 36.06 17.49 -64.59
C MET FA 744 37.04 16.90 -63.58
N PHE FA 745 37.02 17.46 -62.38
CA PHE FA 745 38.02 17.13 -61.36
C PHE FA 745 37.40 17.31 -59.98
N THR FA 746 37.65 16.34 -59.10
CA THR FA 746 37.10 16.36 -57.75
C THR FA 746 38.10 15.79 -56.76
N ARG FA 747 38.06 16.32 -55.54
CA ARG FA 747 38.84 15.79 -54.42
C ARG FA 747 37.89 15.60 -53.25
N VAL FA 748 37.70 14.36 -52.84
CA VAL FA 748 36.80 14.02 -51.74
C VAL FA 748 37.62 13.45 -50.61
N PRO FA 749 37.61 14.06 -49.42
CA PRO FA 749 38.39 13.54 -48.29
C PRO FA 749 37.64 12.42 -47.59
N SER FA 750 38.26 11.25 -47.50
CA SER FA 750 37.74 10.18 -46.68
C SER FA 750 38.22 10.35 -45.25
N ASN FA 751 37.91 9.39 -44.39
CA ASN FA 751 38.42 9.46 -43.02
C ASN FA 751 39.93 9.33 -42.99
N GLY FA 752 40.52 8.68 -43.99
CA GLY FA 752 41.95 8.57 -44.10
C GLY FA 752 42.49 9.35 -45.27
N PRO FA 753 42.78 8.66 -46.37
CA PRO FA 753 43.28 9.34 -47.57
C PRO FA 753 42.19 10.15 -48.24
N VAL FA 754 42.60 10.96 -49.19
CA VAL FA 754 41.68 11.73 -50.02
C VAL FA 754 41.62 11.09 -51.40
N SER FA 755 40.40 10.83 -51.87
CA SER FA 755 40.18 10.21 -53.17
C SER FA 755 39.96 11.30 -54.21
N THR FA 756 40.76 11.26 -55.27
CA THR FA 756 40.63 12.19 -56.37
C THR FA 756 40.09 11.45 -57.59
N THR FA 757 39.25 12.14 -58.36
CA THR FA 757 38.65 11.54 -59.54
C THR FA 757 38.64 12.55 -60.68
N ILE FA 758 39.02 12.09 -61.86
CA ILE FA 758 39.07 12.92 -63.06
C ILE FA 758 38.26 12.23 -64.14
N TYR FA 759 37.37 12.96 -64.78
CA TYR FA 759 36.45 12.32 -65.72
C TYR FA 759 35.95 13.32 -66.74
N GLY FA 760 35.39 12.77 -67.82
CA GLY FA 760 34.81 13.56 -68.89
C GLY FA 760 34.07 12.65 -69.84
N LYS FA 761 33.34 13.28 -70.76
CA LYS FA 761 32.54 12.55 -71.72
C LYS FA 761 33.39 12.18 -72.94
N ARG FA 762 33.32 10.92 -73.35
CA ARG FA 762 33.94 10.50 -74.59
C ARG FA 762 32.93 10.61 -75.73
N THR FA 763 33.39 11.10 -76.87
CA THR FA 763 32.54 11.28 -78.03
C THR FA 763 33.27 10.76 -79.26
N PHE FA 764 32.52 10.62 -80.35
CA PHE FA 764 33.15 10.23 -81.61
C PHE FA 764 34.14 11.29 -82.07
N LEU FA 765 33.92 12.54 -81.70
CA LEU FA 765 34.91 13.59 -81.99
C LEU FA 765 36.22 13.28 -81.29
N SER FA 766 36.16 12.87 -80.02
CA SER FA 766 37.37 12.52 -79.30
C SER FA 766 38.08 11.35 -79.96
N ASN FA 767 37.31 10.39 -80.48
CA ASN FA 767 37.91 9.26 -81.17
C ASN FA 767 38.70 9.71 -82.38
N ARG FA 768 38.14 10.63 -83.17
CA ARG FA 768 38.86 11.14 -84.32
C ARG FA 768 40.16 11.81 -83.90
N ARG FA 769 40.10 12.64 -82.86
CA ARG FA 769 41.30 13.31 -82.39
C ARG FA 769 42.33 12.29 -81.91
N ARG FA 770 41.89 11.31 -81.14
CA ARG FA 770 42.81 10.30 -80.63
C ARG FA 770 43.43 9.51 -81.78
N ALA FA 771 42.68 9.31 -82.86
CA ALA FA 771 43.24 8.65 -84.02
C ALA FA 771 44.34 9.49 -84.66
N ARG FA 772 44.26 10.80 -84.55
CA ARG FA 772 45.27 11.67 -85.15
C ARG FA 772 46.59 11.57 -84.40
N LEU FA 773 46.55 11.26 -83.11
CA LEU FA 773 47.75 11.22 -82.31
C LEU FA 773 48.67 10.08 -82.74
N ARG FA 774 49.98 10.32 -82.60
CA ARG FA 774 50.96 9.25 -82.66
C ARG FA 774 51.55 8.91 -81.31
N ASP FA 775 51.50 9.86 -80.36
CA ASP FA 775 51.91 9.64 -78.99
C ASP FA 775 51.08 10.54 -78.09
N VAL FA 776 51.00 10.17 -76.82
CA VAL FA 776 50.15 10.87 -75.86
C VAL FA 776 51.01 11.93 -75.17
N PRO FA 777 50.67 13.21 -75.28
CA PRO FA 777 51.45 14.24 -74.61
C PRO FA 777 51.21 14.26 -73.10
N MET FA 778 52.23 14.70 -72.38
CA MET FA 778 52.15 14.84 -70.94
C MET FA 778 51.63 16.23 -70.56
N LEU FA 779 50.93 16.30 -69.44
CA LEU FA 779 50.33 17.55 -69.01
C LEU FA 779 51.24 18.31 -68.07
N ILE FA 780 51.00 19.62 -67.97
CA ILE FA 780 51.63 20.45 -66.96
C ILE FA 780 50.89 20.26 -65.65
N THR FA 781 51.62 19.88 -64.61
CA THR FA 781 51.01 19.45 -63.36
C THR FA 781 50.73 20.58 -62.38
N THR FA 782 51.21 21.79 -62.65
CA THR FA 782 51.13 22.85 -61.66
C THR FA 782 49.69 23.13 -61.28
N THR FA 783 48.80 23.21 -62.28
CA THR FA 783 47.41 23.52 -61.99
C THR FA 783 46.79 22.49 -61.07
N LEU FA 784 47.13 21.23 -61.26
CA LEU FA 784 46.53 20.17 -60.44
C LEU FA 784 47.18 20.11 -59.06
N VAL FA 785 48.51 20.03 -59.02
CA VAL FA 785 49.21 19.90 -57.75
C VAL FA 785 48.92 21.10 -56.85
N HIS FA 786 48.55 22.23 -57.45
CA HIS FA 786 48.20 23.40 -56.67
C HIS FA 786 46.87 23.24 -55.97
N GLN FA 787 45.99 22.37 -56.46
CA GLN FA 787 44.66 22.23 -55.91
C GLN FA 787 44.74 21.44 -54.61
N ARG FA 788 44.43 22.09 -53.49
CA ARG FA 788 44.40 21.43 -52.20
C ARG FA 788 43.07 21.65 -51.49
N ARG FA 789 42.06 22.14 -52.20
CA ARG FA 789 40.73 22.25 -51.64
C ARG FA 789 40.07 20.87 -51.58
N PHE FA 790 38.83 20.86 -51.12
CA PHE FA 790 37.95 19.70 -51.23
C PHE FA 790 36.73 20.08 -52.03
N THR FA 791 36.13 19.09 -52.68
CA THR FA 791 35.04 19.34 -53.61
C THR FA 791 33.88 18.41 -53.31
N THR FA 792 32.73 18.74 -53.89
CA THR FA 792 31.60 17.84 -53.88
C THR FA 792 31.91 16.61 -54.75
N PRO FA 793 31.27 15.49 -54.47
CA PRO FA 793 31.58 14.25 -55.21
C PRO FA 793 31.15 14.37 -56.66
N PRO FA 794 31.69 13.53 -57.54
CA PRO FA 794 31.32 13.60 -58.96
C PRO FA 794 29.84 13.32 -59.17
N THR FA 795 29.41 13.53 -60.41
CA THR FA 795 28.01 13.39 -60.79
C THR FA 795 27.76 12.32 -61.84
N PHE FA 796 28.55 12.28 -62.90
CA PHE FA 796 28.45 11.25 -63.94
C PHE FA 796 27.07 11.28 -64.62
N THR FA 797 26.76 12.40 -65.24
CA THR FA 797 25.54 12.54 -66.02
C THR FA 797 25.90 12.88 -67.46
N LEU FA 798 25.12 12.37 -68.40
CA LEU FA 798 25.47 12.51 -69.81
C LEU FA 798 25.10 13.91 -70.33
N PHE FA 799 23.91 14.38 -70.04
CA PHE FA 799 23.41 15.62 -70.60
C PHE FA 799 23.36 16.69 -69.53
N SER FA 800 23.76 17.91 -69.91
CA SER FA 800 23.78 19.03 -68.98
C SER FA 800 22.36 19.44 -68.62
N SER FA 801 22.26 20.41 -67.72
CA SER FA 801 20.98 20.86 -67.21
C SER FA 801 20.35 21.97 -68.03
N GLU FA 802 21.10 22.61 -68.92
CA GLU FA 802 20.62 23.79 -69.61
C GLU FA 802 20.87 23.67 -71.11
N ALA FA 803 19.86 24.01 -71.90
CA ALA FA 803 19.98 23.92 -73.35
C ALA FA 803 21.01 24.92 -73.86
N VAL FA 804 21.67 24.53 -74.95
CA VAL FA 804 22.76 25.31 -75.53
C VAL FA 804 22.20 26.56 -76.21
N PRO FA 805 22.97 27.63 -76.34
CA PRO FA 805 22.49 28.81 -77.06
C PRO FA 805 22.50 28.59 -78.56
N VAL FA 806 21.82 29.50 -79.26
CA VAL FA 806 21.61 29.35 -80.70
C VAL FA 806 22.95 29.30 -81.44
N THR FA 807 23.90 30.16 -81.04
CA THR FA 807 25.16 30.25 -81.75
C THR FA 807 25.84 28.88 -81.85
N THR FA 808 25.79 28.11 -80.76
CA THR FA 808 26.42 26.79 -80.76
C THR FA 808 25.79 25.90 -81.82
N LEU FA 809 24.48 25.99 -81.99
CA LEU FA 809 23.81 25.18 -83.01
C LEU FA 809 24.40 25.47 -84.38
N VAL FA 810 24.57 26.75 -84.71
CA VAL FA 810 25.13 27.11 -86.01
C VAL FA 810 26.54 26.56 -86.14
N ALA FA 811 27.33 26.68 -85.08
CA ALA FA 811 28.69 26.18 -85.12
C ALA FA 811 28.71 24.68 -85.41
N ALA FA 812 27.84 23.93 -84.71
CA ALA FA 812 27.79 22.49 -84.92
C ALA FA 812 27.40 22.15 -86.34
N GLY FA 813 26.40 22.85 -86.88
CA GLY FA 813 25.99 22.58 -88.24
C GLY FA 813 27.11 22.75 -89.23
N TYR FA 814 27.87 23.84 -89.09
CA TYR FA 814 28.99 24.06 -89.98
C TYR FA 814 30.07 23.02 -89.76
N ASN FA 815 30.28 22.60 -88.51
CA ASN FA 815 31.19 21.49 -88.26
C ASN FA 815 30.75 20.25 -89.00
N SER FA 816 29.45 19.96 -88.96
CA SER FA 816 28.92 18.81 -89.69
C SER FA 816 29.19 18.97 -91.18
N PHE FA 817 28.99 20.16 -91.71
CA PHE FA 817 29.23 20.40 -93.12
C PHE FA 817 30.68 20.17 -93.48
N ILE FA 818 31.60 20.76 -92.72
CA ILE FA 818 33.01 20.62 -93.01
C ILE FA 818 33.45 19.17 -92.86
N SER FA 819 32.99 18.53 -91.79
CA SER FA 819 33.34 17.13 -91.56
C SER FA 819 32.97 16.29 -92.76
N GLU FA 820 31.80 16.54 -93.35
CA GLU FA 820 31.42 15.81 -94.54
C GLU FA 820 32.27 16.22 -95.74
N GLN FA 821 32.49 17.51 -95.91
CA GLN FA 821 33.20 17.98 -97.10
C GLN FA 821 34.61 17.43 -97.16
N THR FA 822 35.30 17.38 -96.02
CA THR FA 822 36.68 16.92 -95.99
C THR FA 822 36.84 15.45 -96.29
N ARG FA 823 35.76 14.72 -96.56
CA ARG FA 823 35.87 13.33 -96.92
C ARG FA 823 36.15 13.10 -98.40
N ASN FA 824 36.24 14.16 -99.19
CA ASN FA 824 36.50 14.01 -100.61
C ASN FA 824 37.85 13.33 -100.82
N PRO FA 825 37.90 12.22 -101.55
CA PRO FA 825 39.18 11.50 -101.70
C PRO FA 825 40.21 12.26 -102.52
N ASN FA 826 39.80 13.26 -103.29
CA ASN FA 826 40.70 13.97 -104.18
C ASN FA 826 41.34 15.18 -103.54
N LEU FA 827 41.49 15.19 -102.22
CA LEU FA 827 42.15 16.26 -101.50
C LEU FA 827 43.44 15.72 -100.90
N ALA FA 828 44.56 16.41 -101.17
CA ALA FA 828 45.85 15.98 -100.67
C ALA FA 828 46.40 16.84 -99.55
N HIS FA 829 45.86 18.04 -99.36
CA HIS FA 829 46.37 18.95 -98.35
C HIS FA 829 45.25 19.92 -97.99
N LEU FA 830 45.48 20.67 -96.92
CA LEU FA 830 44.49 21.66 -96.52
C LEU FA 830 45.17 22.73 -95.68
N LEU FA 831 44.79 23.98 -95.94
CA LEU FA 831 45.24 25.12 -95.16
C LEU FA 831 44.04 25.73 -94.46
N ASP FA 832 44.13 25.85 -93.14
CA ASP FA 832 43.07 26.48 -92.39
C ASP FA 832 43.55 27.83 -91.94
N LEU FA 833 42.70 28.83 -92.09
CA LEU FA 833 43.05 30.20 -91.72
C LEU FA 833 42.31 30.59 -90.46
N GLY FA 834 43.03 31.20 -89.52
CA GLY FA 834 42.40 31.66 -88.30
C GLY FA 834 41.96 30.55 -87.36
N THR FA 835 42.66 29.42 -87.36
CA THR FA 835 42.36 28.38 -86.39
C THR FA 835 42.59 28.92 -84.99
N GLY FA 836 41.75 28.51 -84.06
CA GLY FA 836 41.98 28.82 -82.67
C GLY FA 836 43.25 28.16 -82.21
N PRO FA 837 43.88 28.69 -81.16
CA PRO FA 837 45.08 28.02 -80.64
C PRO FA 837 44.80 26.59 -80.27
N GLU FA 838 43.60 26.32 -79.75
CA GLU FA 838 43.06 24.97 -79.72
C GLU FA 838 42.73 24.55 -81.15
N CYS FA 839 43.43 23.52 -81.63
CA CYS FA 839 43.30 23.10 -83.02
C CYS FA 839 42.11 22.15 -83.16
N ARG FA 840 40.92 22.74 -83.00
CA ARG FA 840 39.69 21.94 -83.02
C ARG FA 840 39.47 21.26 -84.36
N ILE FA 841 40.00 21.85 -85.43
CA ILE FA 841 39.77 21.31 -86.76
C ILE FA 841 40.23 19.87 -86.86
N LEU FA 842 41.26 19.51 -86.08
CA LEU FA 842 41.78 18.15 -86.11
C LEU FA 842 40.70 17.12 -85.81
N SER FA 843 39.76 17.46 -84.92
CA SER FA 843 38.72 16.52 -84.56
C SER FA 843 37.69 16.28 -85.67
N LEU FA 844 37.66 17.14 -86.69
CA LEU FA 844 36.67 17.02 -87.75
C LEU FA 844 37.19 16.32 -88.99
N ILE FA 845 38.50 16.17 -89.12
CA ILE FA 845 39.11 15.76 -90.38
C ILE FA 845 39.57 14.31 -90.29
N PRO FA 846 39.39 13.51 -91.33
CA PRO FA 846 39.94 12.16 -91.34
C PRO FA 846 41.44 12.20 -91.14
N PRO FA 847 41.99 11.26 -90.37
CA PRO FA 847 43.40 11.37 -89.95
C PRO FA 847 44.38 11.29 -91.10
N THR FA 848 43.97 10.84 -92.28
CA THR FA 848 44.90 10.66 -93.38
C THR FA 848 45.19 11.94 -94.15
N LEU FA 849 44.51 13.03 -93.86
CA LEU FA 849 44.63 14.24 -94.65
C LEU FA 849 45.69 15.17 -94.03
N GLN FA 850 46.59 15.66 -94.86
CA GLN FA 850 47.55 16.66 -94.42
C GLN FA 850 46.86 17.97 -94.13
N VAL FA 851 47.25 18.61 -93.03
CA VAL FA 851 46.60 19.83 -92.57
C VAL FA 851 47.66 20.84 -92.15
N THR FA 852 47.43 22.10 -92.51
CA THR FA 852 48.21 23.21 -92.00
C THR FA 852 47.26 24.24 -91.40
N MET FA 853 47.54 24.65 -90.17
CA MET FA 853 46.67 25.56 -89.45
C MET FA 853 47.47 26.76 -88.96
N SER FA 854 46.76 27.84 -88.66
CA SER FA 854 47.42 29.12 -88.44
C SER FA 854 46.66 29.96 -87.44
N ASP FA 855 47.41 30.82 -86.75
CA ASP FA 855 46.86 31.88 -85.91
C ASP FA 855 48.01 32.77 -85.47
N ALA FA 856 47.66 34.00 -85.08
CA ALA FA 856 48.66 34.90 -84.53
C ALA FA 856 49.19 34.42 -83.19
N ARG FA 857 48.45 33.59 -82.50
CA ARG FA 857 48.82 33.08 -81.20
C ARG FA 857 49.49 31.72 -81.33
N PRO FA 858 50.30 31.33 -80.35
CA PRO FA 858 50.91 30.00 -80.39
C PRO FA 858 49.85 28.92 -80.24
N CYS FA 859 50.15 27.75 -80.81
CA CYS FA 859 49.25 26.62 -80.67
C CYS FA 859 49.20 26.17 -79.22
N ALA FA 860 48.04 25.67 -78.81
CA ALA FA 860 47.83 25.22 -77.45
C ALA FA 860 48.19 23.76 -77.25
N GLU FA 861 48.64 23.07 -78.30
CA GLU FA 861 48.82 21.63 -78.25
C GLU FA 861 50.24 21.26 -78.62
N LEU FA 862 50.77 20.22 -77.97
CA LEU FA 862 52.14 19.78 -78.20
C LEU FA 862 52.25 19.20 -79.60
N MET FA 863 52.88 19.95 -80.50
CA MET FA 863 52.99 19.52 -81.89
C MET FA 863 53.83 18.26 -82.03
N ALA FA 864 54.68 17.95 -81.06
CA ALA FA 864 55.49 16.75 -81.13
C ALA FA 864 54.66 15.47 -81.04
N SER FA 865 53.39 15.58 -80.66
CA SER FA 865 52.55 14.40 -80.52
C SER FA 865 51.99 13.89 -81.84
N PHE FA 866 52.12 14.65 -82.92
CA PHE FA 866 51.59 14.26 -84.21
C PHE FA 866 52.70 13.94 -85.18
N ASP FA 867 52.34 13.33 -86.29
CA ASP FA 867 53.26 13.16 -87.39
C ASP FA 867 53.46 14.51 -88.07
N PRO FA 868 54.68 15.02 -88.14
CA PRO FA 868 54.88 16.34 -88.78
C PRO FA 868 54.47 16.37 -90.23
N ALA FA 869 54.54 15.24 -90.93
CA ALA FA 869 54.14 15.22 -92.33
C ALA FA 869 52.64 15.44 -92.49
N LEU FA 870 51.85 15.08 -91.48
CA LEU FA 870 50.40 15.17 -91.58
C LEU FA 870 49.83 16.44 -90.98
N THR FA 871 50.51 17.04 -90.01
CA THR FA 871 50.00 18.23 -89.33
C THR FA 871 51.10 19.29 -89.29
N ALA FA 872 50.68 20.54 -89.38
CA ALA FA 872 51.61 21.66 -89.29
C ALA FA 872 50.87 22.87 -88.78
N TYR FA 873 51.54 23.65 -87.93
CA TYR FA 873 50.97 24.85 -87.36
C TYR FA 873 51.91 26.01 -87.65
N VAL FA 874 51.36 27.06 -88.27
CA VAL FA 874 52.13 28.23 -88.63
C VAL FA 874 51.58 29.42 -87.86
N GLN FA 875 52.42 30.07 -87.07
CA GLN FA 875 52.01 31.23 -86.30
C GLN FA 875 52.23 32.48 -87.13
N GLY FA 876 51.16 33.25 -87.33
CA GLY FA 876 51.27 34.46 -88.12
C GLY FA 876 49.90 35.03 -88.37
N ASP FA 877 49.88 36.12 -89.13
CA ASP FA 877 48.65 36.84 -89.48
C ASP FA 877 48.45 36.73 -90.98
N TYR FA 878 47.40 36.02 -91.38
CA TYR FA 878 47.10 35.87 -92.80
C TYR FA 878 46.45 37.11 -93.40
N SER FA 879 46.25 38.17 -92.62
CA SER FA 879 45.84 39.42 -93.23
C SER FA 879 46.99 40.06 -93.99
N THR FA 880 48.22 39.76 -93.60
CA THR FA 880 49.40 40.37 -94.18
C THR FA 880 49.87 39.60 -95.40
N ALA FA 881 50.47 40.32 -96.34
CA ALA FA 881 51.05 39.68 -97.51
C ALA FA 881 52.28 38.86 -97.14
N ALA FA 882 53.04 39.30 -96.14
CA ALA FA 882 54.22 38.56 -95.72
C ALA FA 882 53.88 37.16 -95.23
N PHE FA 883 52.62 36.93 -94.87
CA PHE FA 883 52.21 35.61 -94.40
C PHE FA 883 52.46 34.55 -95.46
N TRP FA 884 52.27 34.89 -96.73
CA TRP FA 884 52.44 33.93 -97.82
C TRP FA 884 53.88 33.94 -98.28
N ASN FA 885 54.67 33.04 -97.71
CA ASN FA 885 56.03 32.78 -98.16
C ASN FA 885 56.30 31.30 -97.93
N GLY FA 886 56.32 30.52 -99.00
CA GLY FA 886 56.44 29.08 -98.89
C GLY FA 886 55.15 28.36 -98.59
N ILE FA 887 54.02 29.06 -98.57
CA ILE FA 887 52.73 28.43 -98.24
C ILE FA 887 52.22 27.70 -99.48
N ARG FA 888 52.11 26.38 -99.36
CA ARG FA 888 51.64 25.55 -100.46
C ARG FA 888 50.48 24.68 -99.98
N CYS FA 889 49.45 24.57 -100.81
CA CYS FA 889 48.29 23.74 -100.53
C CYS FA 889 47.47 23.61 -101.80
N ASP FA 890 46.46 22.76 -101.75
CA ASP FA 890 45.51 22.62 -102.85
C ASP FA 890 44.12 23.11 -102.49
N SER FA 891 43.86 23.41 -101.22
CA SER FA 891 42.56 23.85 -100.76
C SER FA 891 42.72 24.59 -99.45
N ALA FA 892 41.71 25.38 -99.10
CA ALA FA 892 41.79 26.22 -97.91
C ALA FA 892 40.40 26.46 -97.37
N THR FA 893 40.34 27.03 -96.17
CA THR FA 893 39.06 27.36 -95.56
C THR FA 893 39.27 28.44 -94.51
N ALA FA 894 38.18 29.13 -94.18
CA ALA FA 894 38.19 30.16 -93.15
C ALA FA 894 36.77 30.30 -92.63
N ILE FA 895 36.55 29.87 -91.39
CA ILE FA 895 35.22 29.81 -90.80
C ILE FA 895 35.22 30.64 -89.52
N PHE FA 896 34.24 31.53 -89.40
CA PHE FA 896 34.09 32.39 -88.22
C PHE FA 896 35.34 33.24 -87.99
N THR FA 897 36.06 33.56 -89.04
CA THR FA 897 37.27 34.36 -88.93
C THR FA 897 37.31 35.56 -89.86
N LEU FA 898 36.67 35.46 -91.03
CA LEU FA 898 36.82 36.49 -92.05
C LEU FA 898 36.33 37.84 -91.54
N GLY FA 899 35.10 37.88 -91.03
CA GLY FA 899 34.55 39.15 -90.57
C GLY FA 899 35.36 39.76 -89.45
N ALA FA 900 35.83 38.93 -88.53
CA ALA FA 900 36.68 39.43 -87.45
C ALA FA 900 37.98 39.99 -88.00
N ALA FA 901 38.62 39.25 -88.91
CA ALA FA 901 39.87 39.73 -89.48
C ALA FA 901 39.67 41.02 -90.26
N ALA FA 902 38.57 41.10 -91.02
CA ALA FA 902 38.27 42.33 -91.75
C ALA FA 902 38.06 43.49 -90.79
N ALA FA 903 37.33 43.25 -89.70
CA ALA FA 903 37.13 44.30 -88.71
C ALA FA 903 38.44 44.75 -88.10
N ALA FA 904 39.33 43.80 -87.79
CA ALA FA 904 40.63 44.16 -87.28
C ALA FA 904 41.43 44.96 -88.30
N ALA FA 905 41.33 44.59 -89.56
CA ALA FA 905 41.99 45.34 -90.64
C ALA FA 905 41.32 46.67 -90.93
N GLY FA 906 40.16 46.94 -90.34
CA GLY FA 906 39.48 48.19 -90.56
C GLY FA 906 39.06 48.38 -92.01
N THR FA 907 38.46 47.35 -92.59
CA THR FA 907 38.07 47.39 -93.99
C THR FA 907 36.76 46.65 -94.17
N ASP FA 908 36.14 46.88 -95.33
CA ASP FA 908 34.95 46.15 -95.71
C ASP FA 908 35.33 44.73 -96.16
N LEU FA 909 34.31 43.88 -96.27
CA LEU FA 909 34.53 42.52 -96.72
C LEU FA 909 35.07 42.50 -98.15
N ILE FA 910 34.45 43.28 -99.04
CA ILE FA 910 34.77 43.19 -100.46
C ILE FA 910 36.24 43.48 -100.69
N ALA FA 911 36.74 44.56 -100.11
CA ALA FA 911 38.15 44.87 -100.24
C ALA FA 911 39.00 43.77 -99.60
N PHE FA 912 38.57 43.27 -98.45
CA PHE FA 912 39.36 42.29 -97.74
C PHE FA 912 39.56 41.02 -98.56
N VAL FA 913 38.47 40.49 -99.12
CA VAL FA 913 38.57 39.25 -99.88
C VAL FA 913 39.33 39.47 -101.17
N GLN FA 914 39.20 40.66 -101.77
CA GLN FA 914 39.80 40.89 -103.08
C GLN FA 914 41.31 40.75 -103.04
N GLN FA 915 41.94 41.10 -101.93
CA GLN FA 915 43.38 40.93 -101.78
C GLN FA 915 43.74 39.62 -101.11
N LEU FA 916 42.75 38.80 -100.75
CA LEU FA 916 42.99 37.54 -100.07
C LEU FA 916 42.99 36.36 -101.04
N ILE FA 917 41.90 36.19 -101.77
CA ILE FA 917 41.71 35.06 -102.68
C ILE FA 917 42.88 34.93 -103.66
N PRO FA 918 43.37 36.00 -104.28
CA PRO FA 918 44.52 35.84 -105.18
C PRO FA 918 45.72 35.18 -104.52
N ARG FA 919 45.97 35.49 -103.25
CA ARG FA 919 47.07 34.84 -102.54
C ARG FA 919 46.81 33.34 -102.42
N ILE FA 920 45.57 32.96 -102.13
CA ILE FA 920 45.24 31.54 -102.04
C ILE FA 920 45.47 30.86 -103.38
N VAL FA 921 45.04 31.51 -104.46
CA VAL FA 921 45.29 30.97 -105.79
C VAL FA 921 46.78 30.85 -106.04
N ALA FA 922 47.54 31.88 -105.66
CA ALA FA 922 48.99 31.83 -105.82
C ALA FA 922 49.60 30.68 -105.04
N ALA FA 923 49.00 30.31 -103.91
CA ALA FA 923 49.51 29.23 -103.09
C ALA FA 923 49.20 27.86 -103.67
N GLY FA 924 48.66 27.79 -104.87
CA GLY FA 924 48.29 26.53 -105.48
C GLY FA 924 46.95 25.99 -105.05
N GLY FA 925 46.21 26.69 -104.19
CA GLY FA 925 44.90 26.22 -103.80
C GLY FA 925 43.93 26.23 -104.96
N THR FA 926 42.96 25.33 -104.91
CA THR FA 926 41.98 25.17 -105.97
C THR FA 926 40.57 25.47 -105.52
N ARG FA 927 40.17 25.00 -104.35
CA ARG FA 927 38.82 25.20 -103.87
C ARG FA 927 38.87 25.63 -102.40
N MET FA 928 37.86 26.37 -101.99
CA MET FA 928 37.83 26.84 -100.61
C MET FA 928 36.38 27.03 -100.16
N TRP FA 929 36.19 26.95 -98.85
CA TRP FA 929 34.91 27.24 -98.22
C TRP FA 929 35.10 28.43 -97.30
N LEU FA 930 34.31 29.47 -97.50
CA LEU FA 930 34.48 30.72 -96.79
C LEU FA 930 33.17 31.11 -96.13
N GLN FA 931 33.24 31.46 -94.84
CA GLN FA 931 32.07 31.81 -94.06
C GLN FA 931 31.89 33.32 -94.08
N LEU FA 932 31.24 33.80 -95.13
CA LEU FA 932 30.90 35.22 -95.23
C LEU FA 932 29.60 35.48 -94.51
N ASN FA 933 29.52 36.63 -93.83
CA ASN FA 933 28.29 37.07 -93.19
C ASN FA 933 27.58 38.03 -94.14
N THR FA 934 26.40 37.65 -94.58
CA THR FA 934 25.65 38.43 -95.56
C THR FA 934 24.20 37.95 -95.61
N PRO FA 935 23.26 38.86 -95.82
CA PRO FA 935 21.85 38.45 -95.91
C PRO FA 935 21.55 37.84 -97.28
N LEU FA 936 21.35 36.52 -97.29
CA LEU FA 936 21.01 35.85 -98.54
C LEU FA 936 19.53 35.98 -98.85
N TYR FA 937 18.68 35.74 -97.86
CA TYR FA 937 17.25 35.67 -98.12
C TYR FA 937 16.58 37.02 -97.97
N GLU FA 938 16.82 37.73 -96.87
CA GLU FA 938 16.34 39.09 -96.74
C GLU FA 938 17.12 39.78 -95.62
N VAL FA 939 17.05 41.10 -95.62
CA VAL FA 939 17.64 41.90 -94.55
C VAL FA 939 16.64 41.95 -93.40
N SER FA 940 16.98 41.31 -92.30
CA SER FA 940 16.10 41.29 -91.13
C SER FA 940 16.93 40.92 -89.91
N SER FA 941 16.99 41.83 -88.94
CA SER FA 941 17.78 41.60 -87.74
C SER FA 941 17.11 40.59 -86.83
N LEU FA 942 17.91 39.72 -86.24
CA LEU FA 942 17.42 38.84 -85.18
C LEU FA 942 17.43 39.61 -83.87
N PRO FA 943 16.31 39.67 -83.14
CA PRO FA 943 16.10 40.71 -82.13
C PRO FA 943 17.28 40.98 -81.20
N ASP FA 944 18.04 39.95 -80.84
CA ASP FA 944 19.19 40.20 -79.98
C ASP FA 944 20.47 39.58 -80.51
N LEU FA 945 20.35 38.46 -81.23
CA LEU FA 945 21.54 37.77 -81.68
C LEU FA 945 22.34 38.61 -82.67
N ILE FA 946 21.68 39.12 -83.71
CA ILE FA 946 22.34 39.90 -84.73
C ILE FA 946 21.49 41.12 -85.06
N ASP FA 947 22.11 42.29 -85.01
CA ASP FA 947 21.48 43.53 -85.47
C ASP FA 947 22.21 44.03 -86.69
N ILE FA 948 21.48 44.25 -87.76
CA ILE FA 948 22.06 44.68 -89.02
C ILE FA 948 22.11 46.21 -89.04
N ASP FA 949 23.31 46.76 -89.12
CA ASP FA 949 23.46 48.20 -89.25
C ASP FA 949 23.42 48.60 -90.72
N LEU FA 950 22.88 49.78 -90.98
CA LEU FA 950 22.64 50.22 -92.35
C LEU FA 950 23.44 51.44 -92.75
N ARG FA 951 23.51 52.46 -91.89
CA ARG FA 951 24.33 53.62 -92.22
C ARG FA 951 25.78 53.24 -92.42
N ASP FA 952 26.22 52.14 -91.81
CA ASP FA 952 27.44 51.44 -92.19
C ASP FA 952 27.15 49.96 -92.20
N ARG FA 953 27.76 49.25 -93.14
CA ARG FA 953 27.46 47.84 -93.35
C ARG FA 953 28.17 47.03 -92.27
N VAL FA 954 27.47 46.81 -91.16
CA VAL FA 954 28.06 46.19 -89.99
C VAL FA 954 27.00 45.36 -89.27
N TYR FA 955 27.41 44.19 -88.77
CA TYR FA 955 26.59 43.40 -87.87
C TYR FA 955 26.93 43.72 -86.42
N ARG FA 956 25.93 43.64 -85.55
CA ARG FA 956 26.12 43.69 -84.11
C ARG FA 956 25.76 42.33 -83.54
N PHE FA 957 26.69 41.71 -82.83
CA PHE FA 957 26.49 40.39 -82.26
C PHE FA 957 26.20 40.51 -80.77
N ASN FA 958 25.16 39.80 -80.33
CA ASN FA 958 24.80 39.71 -78.91
C ASN FA 958 24.70 41.11 -78.29
N GLY FA 959 23.86 41.93 -78.90
CA GLY FA 959 23.71 43.29 -78.42
C GLY FA 959 24.96 44.12 -78.56
N GLY FA 960 25.88 43.70 -79.42
CA GLY FA 960 27.09 44.47 -79.67
C GLY FA 960 28.33 44.00 -78.96
N GLU FA 961 28.34 42.81 -78.38
CA GLU FA 961 29.58 42.30 -77.79
C GLU FA 961 30.64 42.07 -78.86
N ARG FA 962 30.23 41.88 -80.10
CA ARG FA 962 31.15 41.70 -81.21
C ARG FA 962 30.57 42.40 -82.43
N VAL FA 963 31.42 43.08 -83.18
CA VAL FA 963 30.98 43.93 -84.28
C VAL FA 963 31.84 43.65 -85.50
N GLU FA 964 31.21 43.37 -86.63
CA GLU FA 964 31.90 43.01 -87.85
C GLU FA 964 31.19 43.61 -89.04
N PRO FA 965 31.90 43.84 -90.14
CA PRO FA 965 31.26 44.35 -91.36
C PRO FA 965 30.56 43.23 -92.12
N TYR FA 966 29.77 43.63 -93.10
CA TYR FA 966 29.11 42.68 -93.98
C TYR FA 966 28.98 43.30 -95.36
N ALA FA 967 28.60 42.46 -96.33
CA ALA FA 967 28.40 42.90 -97.71
C ALA FA 967 27.13 42.28 -98.25
N ASP FA 968 26.61 42.88 -99.31
CA ASP FA 968 25.40 42.35 -99.92
C ASP FA 968 25.75 41.19 -100.85
N PRO FA 969 24.85 40.21 -101.00
CA PRO FA 969 25.21 39.00 -101.75
C PRO FA 969 25.47 39.25 -103.23
N VAL FA 970 24.56 39.95 -103.91
CA VAL FA 970 24.69 40.15 -105.36
C VAL FA 970 25.97 40.91 -105.69
N PRO FA 971 26.24 42.07 -105.08
CA PRO FA 971 27.51 42.75 -105.41
C PRO FA 971 28.72 41.89 -105.10
N LEU FA 972 28.66 41.13 -104.01
CA LEU FA 972 29.78 40.27 -103.64
C LEU FA 972 30.02 39.21 -104.71
N GLN FA 973 28.95 38.55 -105.15
CA GLN FA 973 29.11 37.51 -106.16
C GLN FA 973 29.66 38.10 -107.45
N GLN FA 974 29.20 39.29 -107.83
CA GLN FA 974 29.76 39.97 -108.99
C GLN FA 974 31.24 40.25 -108.78
N ALA FA 975 31.61 40.71 -107.58
CA ALA FA 975 33.02 40.94 -107.28
C ALA FA 975 33.81 39.65 -107.37
N ILE FA 976 33.28 38.56 -106.83
CA ILE FA 976 33.97 37.28 -106.89
C ILE FA 976 34.14 36.84 -108.34
N ALA FA 977 33.07 36.95 -109.12
CA ALA FA 977 33.13 36.56 -110.52
C ALA FA 977 34.19 37.35 -111.26
N ALA FA 978 34.35 38.63 -110.91
CA ALA FA 978 35.40 39.43 -111.52
C ALA FA 978 36.77 38.86 -111.20
N LEU FA 979 36.99 38.44 -109.96
CA LEU FA 979 38.28 37.86 -109.59
C LEU FA 979 38.51 36.55 -110.31
N LEU FA 980 37.54 35.65 -110.25
CA LEU FA 980 37.65 34.34 -110.89
C LEU FA 980 36.50 34.15 -111.85
N PRO FA 981 36.72 34.25 -113.16
CA PRO FA 981 35.61 34.10 -114.10
C PRO FA 981 35.24 32.65 -114.39
N ALA FA 982 36.13 31.69 -114.15
CA ALA FA 982 35.91 30.32 -114.58
C ALA FA 982 35.71 29.36 -113.42
N ALA FA 983 35.28 29.86 -112.26
CA ALA FA 983 35.11 29.04 -111.08
C ALA FA 983 33.63 28.96 -110.70
N ALA FA 984 33.23 27.83 -110.14
CA ALA FA 984 31.87 27.61 -109.71
C ALA FA 984 31.65 28.12 -108.30
N LEU FA 985 30.45 28.62 -108.04
CA LEU FA 985 30.08 29.17 -106.74
C LEU FA 985 28.83 28.47 -106.24
N SER FA 986 28.74 28.32 -104.92
CA SER FA 986 27.56 27.75 -104.30
C SER FA 986 27.48 28.24 -102.86
N TRP FA 987 26.29 28.14 -102.29
CA TRP FA 987 26.02 28.59 -100.94
C TRP FA 987 25.55 27.42 -100.09
N HIS FA 988 25.78 27.52 -98.79
CA HIS FA 988 25.37 26.47 -97.87
C HIS FA 988 24.93 27.08 -96.55
N THR FA 989 23.79 26.60 -96.04
CA THR FA 989 23.27 27.04 -94.76
C THR FA 989 22.77 25.81 -94.01
N LEU FA 990 22.32 26.03 -92.78
CA LEU FA 990 21.79 24.94 -91.98
C LEU FA 990 20.56 24.34 -92.65
N SER FA 991 20.54 23.03 -92.70
CA SER FA 991 19.44 22.35 -93.36
C SER FA 991 18.22 22.32 -92.46
N PRO FA 992 17.01 22.52 -93.01
CA PRO FA 992 15.80 22.29 -92.22
C PRO FA 992 15.50 20.82 -91.98
N THR FA 993 16.32 19.92 -92.53
CA THR FA 993 16.18 18.50 -92.29
C THR FA 993 16.94 18.03 -91.05
N CYS FA 994 17.70 18.92 -90.42
CA CYS FA 994 18.31 18.65 -89.12
C CYS FA 994 19.31 17.51 -89.17
N ASP FA 995 19.94 17.29 -90.32
CA ASP FA 995 20.91 16.22 -90.44
C ASP FA 995 22.15 16.45 -89.58
N TRP FA 996 22.36 17.67 -89.10
CA TRP FA 996 23.51 18.04 -88.30
C TRP FA 996 23.33 17.72 -86.83
N LEU FA 997 22.19 17.17 -86.45
CA LEU FA 997 21.91 16.89 -85.05
C LEU FA 997 22.97 16.06 -84.34
N PRO FA 998 23.55 14.99 -84.93
CA PRO FA 998 24.53 14.19 -84.20
C PRO FA 998 25.69 14.99 -83.64
N TYR FA 999 25.93 16.17 -84.18
CA TYR FA 999 26.96 17.04 -83.63
C TYR FA 999 26.48 17.87 -82.46
N ILE FA 1000 25.20 17.74 -82.09
CA ILE FA 1000 24.66 18.37 -80.90
C ILE FA 1000 24.30 17.31 -79.85
N ILE FA 1001 23.48 16.34 -80.22
CA ILE FA 1001 23.10 15.30 -79.30
C ILE FA 1001 24.24 14.32 -79.09
N GLY FA 1002 24.88 13.90 -80.19
CA GLY FA 1002 25.97 12.94 -80.09
C GLY FA 1002 27.17 13.44 -79.33
N VAL FA 1003 27.22 14.73 -79.03
CA VAL FA 1003 28.26 15.31 -78.19
C VAL FA 1003 27.79 15.54 -76.77
N GLY FA 1004 26.55 15.19 -76.44
CA GLY FA 1004 26.09 15.27 -75.08
C GLY FA 1004 25.58 16.62 -74.63
N SER FA 1005 25.08 17.43 -75.55
CA SER FA 1005 24.59 18.75 -75.19
C SER FA 1005 23.08 18.80 -75.37
N PRO FA 1006 22.34 19.31 -74.40
CA PRO FA 1006 20.87 19.35 -74.50
C PRO FA 1006 20.42 20.45 -75.46
N LEU FA 1007 19.12 20.44 -75.74
CA LEU FA 1007 18.57 21.25 -76.82
C LEU FA 1007 17.13 21.64 -76.51
N ASN FA 1008 16.71 22.77 -77.05
CA ASN FA 1008 15.32 23.19 -77.09
C ASN FA 1008 14.89 23.30 -78.54
N LEU FA 1009 13.79 22.63 -78.89
CA LEU FA 1009 13.40 22.54 -80.29
C LEU FA 1009 12.98 23.89 -80.86
N SER FA 1010 12.36 24.74 -80.06
CA SER FA 1010 11.83 25.99 -80.59
C SER FA 1010 12.91 26.91 -81.13
N ASP FA 1011 14.17 26.68 -80.75
CA ASP FA 1011 15.25 27.54 -81.22
C ASP FA 1011 15.67 27.24 -82.65
N ILE FA 1012 15.24 26.12 -83.22
CA ILE FA 1012 15.78 25.67 -84.50
C ILE FA 1012 15.49 26.69 -85.60
N ASN FA 1013 14.27 27.21 -85.63
CA ASN FA 1013 13.92 28.19 -86.67
C ASN FA 1013 14.84 29.39 -86.61
N THR FA 1014 15.11 29.89 -85.41
CA THR FA 1014 16.03 31.00 -85.27
C THR FA 1014 17.42 30.61 -85.76
N ALA FA 1015 17.87 29.41 -85.42
CA ALA FA 1015 19.19 28.98 -85.83
C ALA FA 1015 19.30 28.95 -87.35
N ILE FA 1016 18.27 28.45 -88.02
CA ILE FA 1016 18.25 28.50 -89.48
C ILE FA 1016 18.35 29.93 -89.97
N SER FA 1017 17.53 30.81 -89.39
CA SER FA 1017 17.58 32.22 -89.77
C SER FA 1017 18.96 32.79 -89.52
N TYR FA 1018 19.57 32.43 -88.39
CA TYR FA 1018 20.93 32.88 -88.10
C TYR FA 1018 21.87 32.45 -89.21
N SER FA 1019 21.78 31.19 -89.63
CA SER FA 1019 22.64 30.70 -90.71
C SER FA 1019 22.36 31.46 -92.00
N ARG FA 1020 21.09 31.76 -92.26
CA ARG FA 1020 20.74 32.51 -93.46
C ARG FA 1020 21.47 33.83 -93.52
N LEU FA 1021 21.74 34.44 -92.37
CA LEU FA 1021 22.50 35.68 -92.33
C LEU FA 1021 24.00 35.47 -92.39
N THR FA 1022 24.47 34.25 -92.16
CA THR FA 1022 25.90 33.96 -92.12
C THR FA 1022 26.20 32.72 -92.94
N PRO FA 1023 26.03 32.80 -94.26
CA PRO FA 1023 26.18 31.60 -95.09
C PRO FA 1023 27.65 31.23 -95.24
N ILE FA 1024 27.86 30.06 -95.84
CA ILE FA 1024 29.18 29.60 -96.25
C ILE FA 1024 29.23 29.59 -97.76
N LEU FA 1025 30.22 30.28 -98.33
CA LEU FA 1025 30.41 30.34 -99.76
C LEU FA 1025 31.42 29.28 -100.15
N HIS FA 1026 31.03 28.40 -101.07
CA HIS FA 1026 31.90 27.36 -101.58
C HIS FA 1026 32.39 27.77 -102.97
N ILE FA 1027 33.71 27.93 -103.10
CA ILE FA 1027 34.33 28.30 -104.35
C ILE FA 1027 35.13 27.12 -104.88
N ASP FA 1028 34.98 26.83 -106.16
CA ASP FA 1028 35.66 25.71 -106.78
C ASP FA 1028 36.10 26.12 -108.18
N THR FA 1029 37.42 26.08 -108.40
CA THR FA 1029 37.99 26.53 -109.67
C THR FA 1029 38.21 25.39 -110.65
N THR FA 1030 38.13 24.13 -110.23
CA THR FA 1030 38.41 23.01 -111.10
C THR FA 1030 37.17 22.56 -111.87
N THR FA 1031 36.17 23.43 -112.04
CA THR FA 1031 35.00 23.06 -112.81
C THR FA 1031 34.37 24.32 -113.38
N PRO FA 1032 33.84 24.27 -114.60
CA PRO FA 1032 33.24 25.48 -115.17
C PRO FA 1032 31.97 25.85 -114.43
N PRO FA 1033 31.59 27.12 -114.43
CA PRO FA 1033 30.47 27.58 -113.62
C PRO FA 1033 29.13 27.35 -114.31
N LEU FA 1034 28.07 27.54 -113.54
CA LEU FA 1034 26.69 27.45 -113.98
C LEU FA 1034 26.26 28.74 -114.67
N ARG FA 1035 25.20 28.66 -115.45
CA ARG FA 1035 24.66 29.84 -116.11
C ARG FA 1035 23.17 29.66 -116.39
N VAL FA 1036 22.48 30.79 -116.49
CA VAL FA 1036 21.03 30.82 -116.70
C VAL FA 1036 20.71 32.05 -117.53
N ASN FA 1037 19.71 31.93 -118.41
CA ASN FA 1037 19.41 33.05 -119.32
C ASN FA 1037 18.75 34.22 -118.59
N PRO FA 1038 17.57 34.07 -117.96
CA PRO FA 1038 16.99 35.23 -117.26
C PRO FA 1038 17.62 35.42 -115.90
N VAL FA 1039 18.74 36.14 -115.85
CA VAL FA 1039 19.52 36.32 -114.63
C VAL FA 1039 18.67 36.77 -113.44
N PRO FA 1040 17.72 37.69 -113.61
CA PRO FA 1040 16.83 38.01 -112.47
C PRO FA 1040 16.04 36.82 -111.96
N THR FA 1041 15.86 35.76 -112.77
CA THR FA 1041 15.18 34.53 -112.39
C THR FA 1041 13.86 34.80 -111.69
N PRO FA 1042 12.87 35.36 -112.39
CA PRO FA 1042 11.56 35.58 -111.77
C PRO FA 1042 10.80 34.27 -111.60
N LEU FA 1043 9.89 34.28 -110.64
CA LEU FA 1043 9.13 33.08 -110.30
C LEU FA 1043 8.13 32.72 -111.40
N ASN FA 1044 7.76 31.44 -111.42
CA ASN FA 1044 6.66 30.92 -112.23
C ASN FA 1044 6.87 31.15 -113.72
N GLN FA 1045 8.11 31.27 -114.18
CA GLN FA 1045 8.37 31.58 -115.57
C GLN FA 1045 9.46 30.67 -116.11
N GLN FA 1046 9.34 30.35 -117.40
CA GLN FA 1046 10.28 29.45 -118.04
C GLN FA 1046 11.69 30.02 -118.02
N CYS FA 1047 12.66 29.18 -117.71
CA CYS FA 1047 14.06 29.59 -117.68
C CYS FA 1047 14.93 28.44 -118.16
N ALA FA 1048 15.94 28.78 -118.95
CA ALA FA 1048 16.87 27.80 -119.50
C ALA FA 1048 18.17 27.84 -118.70
N ILE FA 1049 18.67 26.67 -118.34
CA ILE FA 1049 19.89 26.54 -117.55
C ILE FA 1049 20.85 25.63 -118.28
N ARG FA 1050 22.11 26.05 -118.40
CA ARG FA 1050 23.13 25.31 -119.10
C ARG FA 1050 24.13 24.74 -118.10
N ILE FA 1051 24.44 23.45 -118.25
CA ILE FA 1051 25.45 22.78 -117.43
C ILE FA 1051 26.38 22.09 -118.41
N THR FA 1052 27.49 22.74 -118.74
CA THR FA 1052 28.45 22.13 -119.66
C THR FA 1052 29.05 20.87 -119.04
N SER FA 1053 29.13 19.82 -119.84
CA SER FA 1053 29.51 18.51 -119.35
C SER FA 1053 29.90 17.64 -120.53
N LEU FA 1054 30.61 16.56 -120.24
CA LEU FA 1054 31.15 15.72 -121.29
C LEU FA 1054 30.40 14.41 -121.48
N ASP FA 1055 29.64 13.97 -120.48
CA ASP FA 1055 29.02 12.65 -120.55
C ASP FA 1055 27.51 12.76 -120.60
N PRO FA 1056 26.87 12.39 -121.71
CA PRO FA 1056 25.40 12.26 -121.70
C PRO FA 1056 24.91 11.15 -120.78
N ALA FA 1057 25.80 10.23 -120.37
CA ALA FA 1057 25.41 9.15 -119.49
C ALA FA 1057 25.27 9.58 -118.03
N ALA FA 1058 25.65 10.81 -117.70
CA ALA FA 1058 25.60 11.25 -116.31
C ALA FA 1058 24.14 11.43 -115.88
N VAL FA 1059 23.96 11.55 -114.56
CA VAL FA 1059 22.65 11.73 -113.97
C VAL FA 1059 22.67 13.00 -113.14
N LEU FA 1060 21.50 13.64 -113.05
CA LEU FA 1060 21.37 14.98 -112.47
C LEU FA 1060 20.41 14.96 -111.29
N SER FA 1061 20.62 15.88 -110.37
CA SER FA 1061 19.70 16.10 -109.27
C SER FA 1061 19.79 17.56 -108.83
N VAL FA 1062 18.65 18.09 -108.37
CA VAL FA 1062 18.57 19.45 -107.85
C VAL FA 1062 17.89 19.38 -106.48
N GLN FA 1063 18.41 20.15 -105.54
CA GLN FA 1063 17.91 20.13 -104.17
C GLN FA 1063 17.43 21.51 -103.76
N HIS FA 1064 16.50 21.51 -102.81
CA HIS FA 1064 15.94 22.74 -102.27
C HIS FA 1064 15.48 22.46 -100.85
N ASN FA 1065 15.83 23.35 -99.92
CA ASN FA 1065 15.58 23.14 -98.50
C ASN FA 1065 16.16 21.80 -98.04
N GLY FA 1066 17.33 21.46 -98.59
CA GLY FA 1066 18.02 20.27 -98.17
C GLY FA 1066 17.38 18.97 -98.61
N VAL FA 1067 16.56 18.99 -99.66
CA VAL FA 1067 15.96 17.77 -100.19
C VAL FA 1067 15.90 17.89 -101.71
N GLU FA 1068 16.11 16.75 -102.38
CA GLU FA 1068 16.06 16.73 -103.83
C GLU FA 1068 14.68 17.11 -104.34
N VAL FA 1069 14.62 17.92 -105.38
CA VAL FA 1069 13.36 18.41 -105.90
C VAL FA 1069 13.25 18.06 -107.38
N ILE FA 1070 14.39 17.95 -108.06
CA ILE FA 1070 14.43 17.55 -109.45
C ILE FA 1070 15.55 16.54 -109.62
N GLY FA 1071 15.30 15.50 -110.41
CA GLY FA 1071 16.33 14.54 -110.71
C GLY FA 1071 15.94 13.63 -111.86
N GLY FA 1072 16.91 13.08 -112.55
CA GLY FA 1072 16.63 12.16 -113.62
C GLY FA 1072 17.71 12.20 -114.68
N THR FA 1073 17.31 11.87 -115.89
CA THR FA 1073 18.17 11.74 -117.06
C THR FA 1073 17.57 12.55 -118.20
N PRO FA 1074 18.37 12.87 -119.22
CA PRO FA 1074 17.79 13.55 -120.39
C PRO FA 1074 16.64 12.78 -121.02
N GLY FA 1075 16.67 11.45 -120.94
CA GLY FA 1075 15.53 10.68 -121.42
C GLY FA 1075 14.27 10.93 -120.61
N ASN FA 1076 14.40 10.91 -119.29
CA ASN FA 1076 13.24 11.12 -118.43
C ASN FA 1076 13.70 11.78 -117.15
N VAL FA 1077 12.88 12.71 -116.65
CA VAL FA 1077 13.21 13.47 -115.45
C VAL FA 1077 11.93 13.68 -114.66
N ILE FA 1078 12.06 13.77 -113.34
CA ILE FA 1078 10.93 13.96 -112.45
C ILE FA 1078 11.19 15.21 -111.61
N SER FA 1079 10.14 16.00 -111.40
CA SER FA 1079 10.24 17.24 -110.66
C SER FA 1079 9.02 17.42 -109.77
N VAL FA 1080 9.21 18.15 -108.67
CA VAL FA 1080 8.11 18.55 -107.81
C VAL FA 1080 8.18 20.05 -107.62
N ALA FA 1081 8.71 20.76 -108.61
CA ALA FA 1081 8.80 22.21 -108.55
C ALA FA 1081 8.34 22.89 -109.84
N GLY FA 1082 7.58 22.19 -110.67
CA GLY FA 1082 7.13 22.73 -111.93
C GLY FA 1082 7.69 21.95 -113.10
N ALA FA 1083 7.29 22.39 -114.29
CA ALA FA 1083 7.68 21.69 -115.51
C ALA FA 1083 9.19 21.73 -115.69
N ALA FA 1084 9.76 20.58 -116.02
CA ALA FA 1084 11.20 20.45 -116.22
C ALA FA 1084 11.46 19.56 -117.41
N ALA FA 1085 12.31 20.03 -118.33
CA ALA FA 1085 12.71 19.27 -119.49
C ALA FA 1085 14.23 19.20 -119.53
N LEU FA 1086 14.77 17.99 -119.60
CA LEU FA 1086 16.20 17.76 -119.58
C LEU FA 1086 16.65 17.24 -120.94
N GLN FA 1087 17.66 17.88 -121.51
CA GLN FA 1087 18.22 17.47 -122.78
C GLN FA 1087 19.73 17.67 -122.75
N TYR FA 1088 20.44 16.83 -123.48
CA TYR FA 1088 21.89 16.95 -123.62
C TYR FA 1088 22.19 17.39 -125.05
N ILE FA 1089 22.90 18.50 -125.18
CA ILE FA 1089 23.32 19.02 -126.48
C ILE FA 1089 24.79 18.66 -126.64
N LEU FA 1090 25.06 17.60 -127.40
CA LEU FA 1090 26.44 17.13 -127.57
C LEU FA 1090 27.28 18.17 -128.31
N ALA FA 1091 26.68 18.87 -129.27
CA ALA FA 1091 27.43 19.86 -130.05
C ALA FA 1091 28.03 20.93 -129.17
N ASN FA 1092 27.36 21.26 -128.07
CA ASN FA 1092 27.90 22.20 -127.09
C ASN FA 1092 28.45 21.52 -125.85
N GLN FA 1093 28.32 20.20 -125.74
CA GLN FA 1093 28.72 19.46 -124.56
C GLN FA 1093 28.08 20.04 -123.31
N GLU FA 1094 26.76 20.15 -123.35
CA GLU FA 1094 26.00 20.70 -122.24
C GLU FA 1094 24.75 19.87 -122.00
N PHE FA 1095 24.29 19.88 -120.76
CA PHE FA 1095 22.92 19.48 -120.45
C PHE FA 1095 22.07 20.74 -120.44
N LEU FA 1096 20.99 20.72 -121.20
CA LEU FA 1096 20.04 21.82 -121.22
C LEU FA 1096 18.87 21.50 -120.32
N LEU FA 1097 18.57 22.39 -119.39
CA LEU FA 1097 17.43 22.26 -118.50
C LEU FA 1097 16.52 23.45 -118.72
N GLN FA 1098 15.27 23.16 -119.08
CA GLN FA 1098 14.22 24.18 -119.19
C GLN FA 1098 13.25 23.97 -118.06
N PHE FA 1099 12.97 25.04 -117.31
CA PHE FA 1099 12.36 24.89 -116.00
C PHE FA 1099 11.42 26.05 -115.73
N THR FA 1100 10.33 25.76 -115.01
CA THR FA 1100 9.34 26.75 -114.61
C THR FA 1100 9.15 26.62 -113.10
N PRO FA 1101 10.02 27.25 -112.32
CA PRO FA 1101 9.95 27.10 -110.86
C PRO FA 1101 8.62 27.55 -110.31
N THR FA 1102 8.08 26.76 -109.38
CA THR FA 1102 6.84 27.07 -108.71
C THR FA 1102 7.05 27.55 -107.28
N LEU FA 1103 8.29 27.75 -106.87
CA LEU FA 1103 8.57 28.22 -105.52
C LEU FA 1103 9.93 28.90 -105.52
N PRO FA 1104 10.13 29.90 -104.68
CA PRO FA 1104 11.39 30.65 -104.69
C PRO FA 1104 12.45 30.01 -103.82
N GLY FA 1105 13.58 30.68 -103.69
CA GLY FA 1105 14.64 30.26 -102.79
C GLY FA 1105 15.86 29.75 -103.52
N ILE FA 1106 16.76 29.18 -102.74
CA ILE FA 1106 18.02 28.66 -103.27
C ILE FA 1106 17.79 27.27 -103.85
N PHE FA 1107 18.35 27.04 -105.03
CA PHE FA 1107 18.40 25.71 -105.63
C PHE FA 1107 19.83 25.41 -106.02
N ASP FA 1108 20.31 24.24 -105.63
CA ASP FA 1108 21.65 23.79 -105.98
C ASP FA 1108 21.57 22.51 -106.78
N VAL FA 1109 22.54 22.31 -107.67
CA VAL FA 1109 22.46 21.29 -108.69
C VAL FA 1109 23.71 20.42 -108.65
N PHE FA 1110 23.53 19.13 -108.93
CA PHE FA 1110 24.61 18.16 -108.89
C PHE FA 1110 24.56 17.29 -110.14
N LEU FA 1111 25.72 16.74 -110.50
CA LEU FA 1111 25.84 15.76 -111.54
C LEU FA 1111 26.58 14.55 -111.00
N THR FA 1112 26.24 13.38 -111.53
CA THR FA 1112 26.85 12.15 -111.05
C THR FA 1112 26.94 11.16 -112.20
N THR FA 1113 27.95 10.29 -112.13
CA THR FA 1113 28.07 9.15 -113.02
C THR FA 1113 28.29 7.90 -112.17
N LEU FA 1114 28.12 6.75 -112.81
CA LEU FA 1114 27.93 5.50 -112.07
C LEU FA 1114 29.09 5.18 -111.14
N GLY FA 1115 30.30 5.52 -111.53
CA GLY FA 1115 31.45 5.13 -110.73
C GLY FA 1115 32.03 6.23 -109.86
N GLN FA 1116 31.25 7.26 -109.57
CA GLN FA 1116 31.76 8.43 -108.90
C GLN FA 1116 30.75 8.95 -107.89
N PRO FA 1117 31.21 9.71 -106.89
CA PRO FA 1117 30.29 10.44 -106.03
C PRO FA 1117 29.62 11.58 -106.78
N PRO FA 1118 28.52 12.11 -106.27
CA PRO FA 1118 27.90 13.28 -106.92
C PRO FA 1118 28.82 14.48 -106.87
N VAL FA 1119 28.77 15.28 -107.93
CA VAL FA 1119 29.63 16.44 -108.09
C VAL FA 1119 28.76 17.69 -108.03
N PRO FA 1120 29.00 18.61 -107.10
CA PRO FA 1120 28.27 19.87 -107.12
C PRO FA 1120 28.66 20.71 -108.33
N ARG FA 1121 27.68 21.40 -108.90
CA ARG FA 1121 27.88 22.21 -110.08
C ARG FA 1121 27.25 23.58 -109.90
N GLY FA 1122 27.34 24.14 -108.71
CA GLY FA 1122 26.83 25.47 -108.46
C GLY FA 1122 25.38 25.48 -108.00
N SER FA 1123 24.86 26.69 -107.88
CA SER FA 1123 23.52 26.90 -107.37
C SER FA 1123 22.94 28.17 -107.97
N PHE FA 1124 21.62 28.28 -107.91
CA PHE FA 1124 20.93 29.44 -108.43
C PHE FA 1124 19.77 29.80 -107.52
N THR FA 1125 19.30 31.04 -107.65
CA THR FA 1125 18.23 31.58 -106.83
C THR FA 1125 17.03 31.90 -107.70
N ILE FA 1126 15.83 31.72 -107.13
CA ILE FA 1126 14.58 32.10 -107.78
C ILE FA 1126 13.95 33.21 -106.97
N THR FA 1127 13.58 34.28 -107.64
CA THR FA 1127 13.08 35.46 -106.93
C THR FA 1127 11.56 35.50 -106.94
N PRO FA 1128 10.96 36.04 -105.89
CA PRO FA 1128 9.51 36.16 -105.83
C PRO FA 1128 9.01 37.28 -106.74
N PRO FA 1129 7.73 37.27 -107.10
CA PRO FA 1129 7.18 38.36 -107.91
C PRO FA 1129 7.20 39.67 -107.13
N PRO FA 1130 7.14 40.80 -107.82
CA PRO FA 1130 7.27 42.10 -107.14
C PRO FA 1130 6.06 42.39 -106.26
N THR FA 1131 6.30 43.26 -105.28
CA THR FA 1131 5.31 43.64 -104.28
C THR FA 1131 4.58 44.94 -104.62
N THR FA 1132 4.67 45.41 -105.86
CA THR FA 1132 4.19 46.74 -106.21
C THR FA 1132 2.72 46.69 -106.61
N VAL FA 1133 1.86 46.96 -105.65
CA VAL FA 1133 0.45 47.23 -105.93
C VAL FA 1133 0.27 48.73 -106.05
N VAL FA 1134 -0.60 49.15 -106.96
CA VAL FA 1134 -0.83 50.57 -107.23
C VAL FA 1134 -2.33 50.79 -107.36
N LEU FA 1135 -2.81 51.92 -106.82
CA LEU FA 1135 -4.20 52.30 -106.87
C LEU FA 1135 -4.35 53.59 -107.67
N ASN FA 1136 -5.49 53.74 -108.33
CA ASN FA 1136 -5.77 54.88 -109.20
C ASN FA 1136 -7.10 55.50 -108.80
N MET FA 1137 -7.11 56.82 -108.61
CA MET FA 1137 -8.14 57.52 -107.86
C MET FA 1137 -8.97 58.45 -108.74
N PRO FA 1138 -10.19 58.78 -108.31
CA PRO FA 1138 -11.00 59.76 -109.05
C PRO FA 1138 -10.66 61.16 -108.61
N PRO FA 1139 -11.09 62.17 -109.37
CA PRO FA 1139 -10.87 63.57 -108.97
C PRO FA 1139 -11.72 63.93 -107.76
N PRO FA 1140 -11.44 65.07 -107.10
CA PRO FA 1140 -12.26 65.46 -105.95
C PRO FA 1140 -13.73 65.62 -106.28
N GLY FA 1141 -14.06 66.02 -107.51
CA GLY FA 1141 -15.46 66.05 -107.91
C GLY FA 1141 -16.11 64.69 -107.86
N GLN FA 1142 -15.33 63.63 -108.06
CA GLN FA 1142 -15.81 62.27 -107.98
C GLN FA 1142 -15.49 61.62 -106.63
N LEU FA 1143 -14.96 62.39 -105.67
CA LEU FA 1143 -14.95 61.94 -104.29
C LEU FA 1143 -16.38 61.87 -103.80
N ASP FA 1144 -16.91 60.66 -103.69
CA ASP FA 1144 -18.35 60.47 -103.48
C ASP FA 1144 -18.64 60.38 -101.99
N PHE FA 1145 -18.91 61.54 -101.39
CA PHE FA 1145 -19.39 61.60 -100.02
C PHE FA 1145 -20.86 61.23 -99.92
N THR FA 1146 -21.53 61.05 -101.05
CA THR FA 1146 -22.89 60.54 -101.08
C THR FA 1146 -22.91 59.08 -100.62
N ASP FA 1147 -24.12 58.52 -100.52
CA ASP FA 1147 -24.26 57.14 -100.07
C ASP FA 1147 -23.55 56.18 -101.01
N VAL FA 1148 -23.71 56.38 -102.32
CA VAL FA 1148 -23.03 55.56 -103.31
C VAL FA 1148 -21.58 56.05 -103.39
N GLY FA 1149 -20.69 55.37 -102.68
CA GLY FA 1149 -19.30 55.77 -102.66
C GLY FA 1149 -18.63 55.59 -104.01
N ASN FA 1150 -17.43 56.17 -104.11
CA ASN FA 1150 -16.72 56.21 -105.37
C ASN FA 1150 -15.95 54.91 -105.59
N ASP FA 1151 -15.27 54.82 -106.74
CA ASP FA 1151 -14.60 53.61 -107.16
C ASP FA 1151 -13.21 53.96 -107.68
N ALA FA 1152 -12.25 53.08 -107.41
CA ALA FA 1152 -10.86 53.31 -107.78
C ALA FA 1152 -10.30 52.05 -108.42
N ARG FA 1153 -9.41 52.23 -109.38
CA ARG FA 1153 -8.85 51.11 -110.14
C ARG FA 1153 -7.54 50.63 -109.51
N ILE FA 1154 -7.44 49.33 -109.30
CA ILE FA 1154 -6.25 48.70 -108.75
C ILE FA 1154 -5.41 48.14 -109.89
N THR FA 1155 -4.11 48.36 -109.82
CA THR FA 1155 -3.16 47.79 -110.77
C THR FA 1155 -2.16 46.95 -109.98
N CYS FA 1156 -2.22 45.63 -110.19
CA CYS FA 1156 -1.39 44.71 -109.42
C CYS FA 1156 -1.32 43.38 -110.16
N ASP FA 1157 -0.39 42.54 -109.73
CA ASP FA 1157 -0.29 41.20 -110.27
C ASP FA 1157 -1.46 40.35 -109.80
N PRO FA 1158 -1.91 39.39 -110.62
CA PRO FA 1158 -2.95 38.47 -110.16
C PRO FA 1158 -2.46 37.49 -109.10
N TYR FA 1159 -1.15 37.38 -108.91
CA TYR FA 1159 -0.61 36.44 -107.93
C TYR FA 1159 -1.03 36.80 -106.52
N TYR FA 1160 -1.26 38.09 -106.24
CA TYR FA 1160 -1.67 38.55 -104.93
C TYR FA 1160 -3.16 38.88 -104.96
N GLN FA 1161 -3.97 38.03 -104.34
CA GLN FA 1161 -5.36 38.37 -104.08
C GLN FA 1161 -5.43 39.35 -102.91
N LEU FA 1162 -6.37 40.29 -102.99
CA LEU FA 1162 -6.38 41.43 -102.09
C LEU FA 1162 -7.74 41.59 -101.42
N ALA FA 1163 -7.71 42.22 -100.25
CA ALA FA 1163 -8.91 42.62 -99.52
C ALA FA 1163 -8.55 43.79 -98.63
N VAL FA 1164 -9.58 44.56 -98.25
CA VAL FA 1164 -9.38 45.75 -97.45
C VAL FA 1164 -9.47 45.38 -95.97
N CYS FA 1165 -8.46 45.79 -95.19
CA CYS FA 1165 -8.33 45.36 -93.81
C CYS FA 1165 -7.85 46.52 -92.95
N ILE FA 1166 -7.94 46.33 -91.63
CA ILE FA 1166 -7.55 47.33 -90.65
C ILE FA 1166 -6.52 46.72 -89.71
N PHE FA 1167 -5.38 47.41 -89.57
CA PHE FA 1167 -4.30 46.97 -88.70
C PHE FA 1167 -4.65 47.32 -87.25
N LYS FA 1168 -5.61 46.57 -86.72
CA LYS FA 1168 -6.24 46.94 -85.45
C LYS FA 1168 -5.28 46.76 -84.27
N ASP FA 1169 -4.64 45.61 -84.18
CA ASP FA 1169 -3.94 45.23 -82.95
C ASP FA 1169 -2.59 44.58 -83.23
N GLY FA 1170 -1.92 44.98 -84.30
CA GLY FA 1170 -0.81 44.23 -84.80
C GLY FA 1170 -1.18 43.18 -85.83
N GLN FA 1171 -2.46 43.00 -86.09
CA GLN FA 1171 -2.94 42.11 -87.14
C GLN FA 1171 -4.06 42.81 -87.89
N TYR FA 1172 -4.06 42.64 -89.21
CA TYR FA 1172 -5.09 43.22 -90.05
C TYR FA 1172 -6.39 42.43 -89.92
N VAL FA 1173 -7.50 43.16 -89.78
CA VAL FA 1173 -8.83 42.56 -89.73
C VAL FA 1173 -9.63 43.07 -90.93
N ARG FA 1174 -10.28 42.16 -91.63
CA ARG FA 1174 -10.98 42.51 -92.86
C ARG FA 1174 -12.16 43.42 -92.56
N VAL FA 1175 -12.27 44.50 -93.33
CA VAL FA 1175 -13.35 45.46 -93.15
C VAL FA 1175 -14.61 44.93 -93.81
N ASN FA 1176 -15.76 45.38 -93.31
CA ASN FA 1176 -17.01 45.03 -93.95
C ASN FA 1176 -17.06 45.63 -95.35
N PRO FA 1177 -17.73 44.98 -96.29
CA PRO FA 1177 -17.66 45.45 -97.68
C PRO FA 1177 -18.35 46.78 -97.92
N GLU FA 1178 -19.30 47.16 -97.07
CA GLU FA 1178 -20.12 48.32 -97.37
C GLU FA 1178 -19.44 49.65 -97.09
N LYS FA 1179 -18.17 49.63 -96.66
CA LYS FA 1179 -17.37 50.84 -96.64
C LYS FA 1179 -16.22 50.82 -97.63
N ALA FA 1180 -15.71 49.64 -97.96
CA ALA FA 1180 -14.67 49.49 -98.98
C ALA FA 1180 -14.66 48.05 -99.44
N SER FA 1181 -14.34 47.86 -100.72
CA SER FA 1181 -14.31 46.52 -101.29
C SER FA 1181 -13.42 46.52 -102.53
N VAL FA 1182 -12.60 45.46 -102.65
CA VAL FA 1182 -11.91 45.22 -103.90
C VAL FA 1182 -12.90 44.66 -104.91
N VAL FA 1183 -12.95 45.26 -106.09
CA VAL FA 1183 -13.95 44.95 -107.09
C VAL FA 1183 -13.37 43.96 -108.10
N THR FA 1184 -14.09 42.87 -108.34
CA THR FA 1184 -13.64 41.83 -109.26
C THR FA 1184 -14.07 42.17 -110.69
N ASN FA 1185 -13.62 43.33 -111.15
CA ASN FA 1185 -13.86 43.72 -112.53
C ASN FA 1185 -13.11 42.78 -113.48
N ALA FA 1186 -13.70 42.54 -114.65
CA ALA FA 1186 -13.18 41.50 -115.54
C ALA FA 1186 -11.73 41.73 -115.97
N PRO FA 1187 -11.33 42.91 -116.44
CA PRO FA 1187 -9.93 43.05 -116.87
C PRO FA 1187 -8.96 43.13 -115.71
N ASN FA 1188 -9.37 43.71 -114.59
CA ASN FA 1188 -8.47 43.93 -113.46
C ASN FA 1188 -9.30 44.15 -112.22
N ARG FA 1189 -8.63 44.11 -111.06
CA ARG FA 1189 -9.27 44.44 -109.81
C ARG FA 1189 -9.42 45.94 -109.67
N ASP FA 1190 -10.55 46.36 -109.12
CA ASP FA 1190 -10.81 47.75 -108.78
C ASP FA 1190 -11.16 47.84 -107.30
N LEU FA 1191 -11.45 49.05 -106.83
CA LEU FA 1191 -11.67 49.29 -105.41
C LEU FA 1191 -12.81 50.28 -105.23
N HIS FA 1192 -13.96 49.79 -104.79
CA HIS FA 1192 -15.06 50.65 -104.40
C HIS FA 1192 -14.97 50.97 -102.92
N PHE FA 1193 -15.33 52.20 -102.57
CA PHE FA 1193 -15.26 52.64 -101.18
C PHE FA 1193 -16.15 53.86 -101.00
N VAL FA 1194 -16.51 54.11 -99.74
CA VAL FA 1194 -17.38 55.22 -99.38
C VAL FA 1194 -16.68 56.07 -98.33
N LEU FA 1195 -17.06 57.34 -98.25
CA LEU FA 1195 -16.37 58.31 -97.44
C LEU FA 1195 -17.13 58.62 -96.16
N ASP FA 1196 -16.40 58.69 -95.05
CA ASP FA 1196 -17.00 58.92 -93.74
C ASP FA 1196 -16.05 59.78 -92.92
N LEU FA 1197 -16.63 60.57 -92.00
CA LEU FA 1197 -15.87 61.57 -91.25
C LEU FA 1197 -14.86 60.96 -90.29
N ALA FA 1198 -14.74 59.64 -90.21
CA ALA FA 1198 -13.70 59.00 -89.41
C ALA FA 1198 -12.46 58.66 -90.22
N ASP FA 1199 -12.50 58.84 -91.54
CA ASP FA 1199 -11.50 58.24 -92.40
C ASP FA 1199 -10.15 58.95 -92.34
N ASN FA 1200 -10.12 60.24 -91.99
CA ASN FA 1200 -8.85 60.94 -91.95
C ASN FA 1200 -7.99 60.51 -90.76
N HIS FA 1201 -8.62 60.09 -89.67
CA HIS FA 1201 -7.88 59.66 -88.49
C HIS FA 1201 -7.45 58.20 -88.57
N VAL FA 1202 -8.26 57.34 -89.16
CA VAL FA 1202 -8.02 55.91 -89.19
C VAL FA 1202 -7.06 55.54 -90.32
N LEU FA 1203 -6.59 54.30 -90.32
CA LEU FA 1203 -5.77 53.77 -91.40
C LEU FA 1203 -6.31 52.41 -91.83
N LEU FA 1204 -6.14 52.11 -93.12
CA LEU FA 1204 -6.55 50.83 -93.68
C LEU FA 1204 -5.52 50.39 -94.71
N TYR FA 1205 -5.57 49.11 -95.06
CA TYR FA 1205 -4.54 48.52 -95.91
C TYR FA 1205 -5.16 47.55 -96.91
N LEU FA 1206 -4.65 47.58 -98.14
CA LEU FA 1206 -4.89 46.50 -99.10
C LEU FA 1206 -3.96 45.35 -98.74
N CYS FA 1207 -4.54 44.23 -98.33
CA CYS FA 1207 -3.78 43.14 -97.72
C CYS FA 1207 -3.78 41.91 -98.62
N ASP FA 1208 -2.63 41.22 -98.64
CA ASP FA 1208 -2.53 39.96 -99.36
C ASP FA 1208 -3.44 38.92 -98.72
N VAL FA 1209 -4.07 38.11 -99.55
CA VAL FA 1209 -5.06 37.13 -99.11
C VAL FA 1209 -4.50 35.73 -99.33
N THR FA 1210 -4.31 35.00 -98.23
CA THR FA 1210 -3.98 33.59 -98.25
C THR FA 1210 -4.80 32.91 -97.17
N PRO FA 1211 -5.16 31.64 -97.36
CA PRO FA 1211 -5.86 30.92 -96.28
C PRO FA 1211 -5.03 30.79 -95.02
N SER FA 1212 -3.71 30.84 -95.14
CA SER FA 1212 -2.84 30.79 -93.96
C SER FA 1212 -2.95 32.08 -93.15
N GLY FA 1213 -2.99 33.22 -93.81
CA GLY FA 1213 -3.02 34.48 -93.11
C GLY FA 1213 -3.40 35.62 -94.03
N LEU FA 1214 -3.76 36.74 -93.41
CA LEU FA 1214 -4.26 37.92 -94.10
C LEU FA 1214 -3.22 39.02 -94.03
N GLY FA 1215 -2.85 39.55 -95.20
CA GLY FA 1215 -1.85 40.59 -95.25
C GLY FA 1215 -0.45 40.14 -94.92
N ASP FA 1216 -0.17 38.85 -95.05
CA ASP FA 1216 1.14 38.33 -94.69
C ASP FA 1216 2.22 38.85 -95.63
N ARG FA 1217 2.09 38.55 -96.92
CA ARG FA 1217 3.16 38.89 -97.86
C ARG FA 1217 3.23 40.38 -98.12
N ILE FA 1218 2.08 41.03 -98.35
CA ILE FA 1218 2.05 42.46 -98.61
C ILE FA 1218 0.85 43.08 -97.89
N ALA FA 1219 0.99 44.36 -97.54
CA ALA FA 1219 -0.11 45.13 -96.96
C ALA FA 1219 0.19 46.60 -97.22
N PHE FA 1220 -0.62 47.22 -98.08
CA PHE FA 1220 -0.34 48.56 -98.57
C PHE FA 1220 -1.36 49.54 -98.05
N PRO FA 1221 -0.96 50.60 -97.34
CA PRO FA 1221 -1.93 51.58 -96.85
C PRO FA 1221 -2.51 52.41 -97.99
N ILE FA 1222 -3.81 52.68 -97.90
CA ILE FA 1222 -4.48 53.57 -98.85
C ILE FA 1222 -4.38 54.97 -98.26
N VAL FA 1223 -3.24 55.61 -98.53
CA VAL FA 1223 -2.94 56.89 -97.89
C VAL FA 1223 -3.87 57.99 -98.40
N ASP FA 1224 -4.37 57.86 -99.62
CA ASP FA 1224 -5.22 58.90 -100.19
C ASP FA 1224 -6.45 59.15 -99.32
N ILE FA 1225 -7.06 58.07 -98.83
CA ILE FA 1225 -8.24 58.20 -97.99
C ILE FA 1225 -7.91 58.94 -96.70
N TYR FA 1226 -6.69 58.77 -96.18
CA TYR FA 1226 -6.31 59.46 -94.95
C TYR FA 1226 -6.22 60.97 -95.13
N ARG FA 1227 -6.22 61.46 -96.37
CA ARG FA 1227 -6.05 62.87 -96.66
C ARG FA 1227 -7.28 63.51 -97.29
N ILE FA 1228 -8.39 62.77 -97.43
CA ILE FA 1228 -9.55 63.28 -98.14
C ILE FA 1228 -10.16 64.44 -97.37
N ALA FA 1229 -10.46 65.53 -98.09
CA ALA FA 1229 -11.10 66.69 -97.50
C ALA FA 1229 -12.61 66.61 -97.73
N PHE FA 1230 -13.38 66.79 -96.66
CA PHE FA 1230 -14.82 66.67 -96.72
C PHE FA 1230 -15.45 68.04 -97.00
N PRO FA 1231 -16.25 68.17 -98.05
CA PRO FA 1231 -16.83 69.48 -98.39
C PRO FA 1231 -17.93 69.86 -97.40
N ARG FA 1232 -17.74 71.01 -96.74
CA ARG FA 1232 -18.67 71.45 -95.72
C ARG FA 1232 -20.07 71.67 -96.28
N ASN FA 1233 -20.14 72.16 -97.51
CA ASN FA 1233 -21.40 72.57 -98.14
C ASN FA 1233 -22.29 71.39 -98.55
N THR FA 1234 -22.01 70.14 -98.20
CA THR FA 1234 -22.78 69.00 -98.65
C THR FA 1234 -23.15 68.11 -97.47
N PRO FA 1235 -24.19 67.29 -97.62
CA PRO FA 1235 -24.45 66.27 -96.60
C PRO FA 1235 -23.28 65.31 -96.49
N VAL FA 1236 -22.98 64.90 -95.25
CA VAL FA 1236 -21.82 64.08 -94.96
C VAL FA 1236 -22.25 62.90 -94.09
N ARG FA 1237 -21.29 62.05 -93.76
CA ARG FA 1237 -21.54 60.76 -93.14
C ARG FA 1237 -20.60 60.53 -91.97
N ALA FA 1238 -21.11 59.91 -90.91
CA ALA FA 1238 -20.32 59.64 -89.72
C ALA FA 1238 -20.76 58.34 -89.09
N SER FA 1239 -19.82 57.67 -88.42
CA SER FA 1239 -20.10 56.44 -87.69
C SER FA 1239 -18.92 56.16 -86.76
N LEU FA 1240 -19.09 55.11 -85.95
CA LEU FA 1240 -18.04 54.74 -85.02
C LEU FA 1240 -16.89 54.06 -85.76
N PRO FA 1241 -15.64 54.28 -85.32
CA PRO FA 1241 -14.50 53.77 -86.10
C PRO FA 1241 -14.09 52.34 -85.79
N TYR FA 1242 -14.44 51.78 -84.63
CA TYR FA 1242 -14.00 50.44 -84.26
C TYR FA 1242 -15.19 49.60 -83.86
N THR FA 1243 -14.91 48.32 -83.60
CA THR FA 1243 -15.96 47.40 -83.15
C THR FA 1243 -16.54 47.86 -81.82
N GLY FA 1244 -15.71 48.42 -80.94
CA GLY FA 1244 -16.18 49.04 -79.72
C GLY FA 1244 -15.71 50.47 -79.64
N GLY FA 1245 -15.63 51.12 -80.80
CA GLY FA 1245 -15.04 52.44 -80.91
C GLY FA 1245 -15.97 53.59 -80.56
N GLY FA 1246 -16.17 53.82 -79.26
CA GLY FA 1246 -16.97 54.96 -78.86
C GLY FA 1246 -16.40 56.26 -79.38
N ALA FA 1247 -17.29 57.15 -79.82
CA ALA FA 1247 -16.87 58.40 -80.45
C ALA FA 1247 -17.89 59.49 -80.16
N HIS FA 1248 -17.44 60.73 -80.27
CA HIS FA 1248 -18.27 61.91 -80.07
C HIS FA 1248 -17.85 62.98 -81.07
N LEU FA 1249 -18.80 63.82 -81.45
CA LEU FA 1249 -18.60 64.80 -82.50
C LEU FA 1249 -18.66 66.22 -81.97
N THR FA 1250 -17.87 67.10 -82.58
CA THR FA 1250 -17.81 68.51 -82.20
C THR FA 1250 -17.91 69.34 -83.48
N SER FA 1251 -19.06 69.98 -83.67
CA SER FA 1251 -19.33 70.73 -84.89
C SER FA 1251 -18.68 72.10 -84.81
N GLY FA 1252 -17.56 72.27 -85.51
CA GLY FA 1252 -16.90 73.56 -85.58
C GLY FA 1252 -16.53 74.12 -84.21
N GLY FA 1253 -16.06 73.26 -83.31
CA GLY FA 1253 -15.77 73.65 -81.96
C GLY FA 1253 -16.93 73.53 -81.00
N ASN FA 1254 -18.16 73.51 -81.52
CA ASN FA 1254 -19.33 73.32 -80.67
C ASN FA 1254 -19.59 71.82 -80.50
N PRO FA 1255 -19.72 71.34 -79.26
CA PRO FA 1255 -20.02 69.91 -79.07
C PRO FA 1255 -21.29 69.53 -79.81
N PHE FA 1256 -21.24 68.39 -80.50
CA PHE FA 1256 -22.32 68.02 -81.42
C PHE FA 1256 -23.11 66.81 -80.96
N MET FA 1257 -22.47 65.66 -80.79
CA MET FA 1257 -23.20 64.44 -80.49
C MET FA 1257 -22.24 63.38 -79.97
N SER FA 1258 -22.74 62.59 -79.02
CA SER FA 1258 -22.11 61.31 -78.69
C SER FA 1258 -22.60 60.31 -79.73
N LEU FA 1259 -21.78 60.07 -80.75
CA LEU FA 1259 -22.22 59.24 -81.86
C LEU FA 1259 -22.55 57.82 -81.43
N THR FA 1260 -21.99 57.36 -80.31
CA THR FA 1260 -22.42 56.08 -79.76
C THR FA 1260 -23.88 56.13 -79.35
N THR FA 1261 -24.28 57.18 -78.67
CA THR FA 1261 -25.65 57.33 -78.15
C THR FA 1261 -26.15 58.71 -78.50
N PRO FA 1262 -26.48 58.95 -79.77
CA PRO FA 1262 -26.96 60.27 -80.16
C PRO FA 1262 -28.25 60.61 -79.44
N PRO FA 1263 -28.48 61.88 -79.14
CA PRO FA 1263 -29.66 62.25 -78.35
C PRO FA 1263 -30.95 61.85 -79.06
N ALA FA 1264 -31.93 61.42 -78.26
CA ALA FA 1264 -33.19 60.97 -78.83
C ALA FA 1264 -33.88 62.09 -79.62
N VAL FA 1265 -33.74 63.34 -79.16
CA VAL FA 1265 -34.11 64.50 -79.97
C VAL FA 1265 -32.85 64.86 -80.75
N LEU FA 1266 -32.75 64.30 -81.96
CA LEU FA 1266 -31.55 64.48 -82.76
C LEU FA 1266 -31.36 65.95 -83.12
N PRO FA 1267 -30.12 66.38 -83.27
CA PRO FA 1267 -29.89 67.75 -83.76
C PRO FA 1267 -30.51 67.94 -85.13
N ALA FA 1268 -31.02 69.15 -85.36
CA ALA FA 1268 -31.83 69.42 -86.54
C ALA FA 1268 -31.07 69.08 -87.81
N GLY FA 1269 -31.73 68.36 -88.71
CA GLY FA 1269 -31.19 68.01 -90.00
C GLY FA 1269 -30.46 66.67 -90.06
N VAL FA 1270 -29.90 66.23 -88.94
CA VAL FA 1270 -29.19 64.95 -88.94
C VAL FA 1270 -30.20 63.80 -89.01
N ALA FA 1271 -29.73 62.66 -89.49
CA ALA FA 1271 -30.62 61.51 -89.65
C ALA FA 1271 -29.79 60.24 -89.62
N LEU FA 1272 -30.48 59.12 -89.39
CA LEU FA 1272 -29.86 57.81 -89.40
C LEU FA 1272 -29.79 57.30 -90.84
N ALA FA 1273 -28.59 56.99 -91.31
CA ALA FA 1273 -28.40 56.60 -92.69
C ALA FA 1273 -28.92 55.18 -92.94
N ALA FA 1274 -29.24 54.91 -94.21
CA ALA FA 1274 -29.79 53.61 -94.57
C ALA FA 1274 -28.70 52.54 -94.61
N LEU FA 1275 -27.71 52.71 -95.48
CA LEU FA 1275 -26.62 51.75 -95.58
C LEU FA 1275 -25.70 51.88 -94.37
N SER FA 1276 -25.21 50.73 -93.88
CA SER FA 1276 -24.41 50.71 -92.66
C SER FA 1276 -23.13 51.51 -92.82
N THR FA 1277 -22.24 51.07 -93.71
CA THR FA 1277 -21.03 51.79 -94.10
C THR FA 1277 -20.10 52.09 -92.92
N SER FA 1278 -20.33 51.49 -91.76
CA SER FA 1278 -19.41 51.71 -90.66
C SER FA 1278 -18.21 50.81 -90.81
N VAL FA 1279 -17.36 50.76 -89.79
CA VAL FA 1279 -16.23 49.83 -89.81
C VAL FA 1279 -16.74 48.39 -89.82
N ALA FA 1280 -17.74 48.10 -88.99
CA ALA FA 1280 -18.42 46.82 -88.97
C ALA FA 1280 -19.91 47.07 -89.15
N THR FA 1281 -20.57 46.19 -89.88
CA THR FA 1281 -21.94 46.44 -90.32
C THR FA 1281 -22.90 46.64 -89.15
N GLN FA 1282 -22.53 46.18 -87.95
CA GLN FA 1282 -23.41 46.35 -86.80
C GLN FA 1282 -23.67 47.82 -86.51
N TYR FA 1283 -22.64 48.66 -86.61
CA TYR FA 1283 -22.89 50.08 -86.40
C TYR FA 1283 -23.55 50.70 -87.63
N PRO FA 1284 -24.54 51.57 -87.44
CA PRO FA 1284 -25.07 52.35 -88.55
C PRO FA 1284 -24.30 53.66 -88.71
N THR FA 1285 -24.51 54.28 -89.87
CA THR FA 1285 -24.00 55.61 -90.12
C THR FA 1285 -25.09 56.64 -89.86
N TYR FA 1286 -24.67 57.85 -89.51
CA TYR FA 1286 -25.56 58.98 -89.32
C TYR FA 1286 -25.14 60.07 -90.29
N THR FA 1287 -26.10 60.56 -91.08
CA THR FA 1287 -25.82 61.57 -92.09
C THR FA 1287 -26.03 62.96 -91.51
N LEU FA 1288 -25.04 63.83 -91.72
CA LEU FA 1288 -25.14 65.21 -91.26
C LEU FA 1288 -25.38 66.14 -92.45
N PRO FA 1289 -26.32 67.08 -92.32
CA PRO FA 1289 -26.71 67.88 -93.49
C PRO FA 1289 -25.59 68.72 -94.08
N ALA FA 1290 -24.69 69.23 -93.25
CA ALA FA 1290 -23.59 70.09 -93.70
C ALA FA 1290 -22.64 70.27 -92.53
N GLY FA 1291 -21.67 71.15 -92.69
CA GLY FA 1291 -20.81 71.56 -91.59
C GLY FA 1291 -19.51 70.79 -91.51
N VAL FA 1292 -18.70 71.20 -90.54
CA VAL FA 1292 -17.41 70.59 -90.25
C VAL FA 1292 -17.41 70.14 -88.80
N TYR FA 1293 -16.83 68.97 -88.55
CA TYR FA 1293 -16.95 68.33 -87.24
C TYR FA 1293 -15.62 67.71 -86.84
N GLU FA 1294 -15.47 67.49 -85.54
CA GLU FA 1294 -14.32 66.79 -84.98
C GLU FA 1294 -14.69 65.35 -84.65
N TYR FA 1295 -13.66 64.57 -84.34
CA TYR FA 1295 -13.81 63.17 -83.93
C TYR FA 1295 -13.00 62.95 -82.66
N VAL FA 1296 -13.67 62.94 -81.52
CA VAL FA 1296 -13.06 62.48 -80.27
C VAL FA 1296 -13.51 61.04 -80.06
N ILE FA 1297 -12.54 60.15 -79.87
CA ILE FA 1297 -12.78 58.72 -79.90
C ILE FA 1297 -12.42 58.10 -78.54
N ALA GA 1 27.16 55.40 43.05
CA ALA GA 1 28.42 55.89 43.59
C ALA GA 1 28.68 57.32 43.13
N GLN GA 2 29.95 57.63 42.86
CA GLN GA 2 30.35 58.98 42.46
C GLN GA 2 31.58 58.85 41.58
N ARG GA 3 31.40 59.05 40.28
CA ARG GA 3 32.41 58.70 39.29
C ARG GA 3 33.38 59.83 38.99
N GLN GA 4 33.45 60.86 39.82
CA GLN GA 4 34.29 61.99 39.48
C GLN GA 4 34.68 62.75 40.73
N PHE GA 5 35.85 63.38 40.69
CA PHE GA 5 36.26 64.27 41.76
C PHE GA 5 37.20 65.33 41.20
N PHE GA 6 37.41 66.38 41.99
CA PHE GA 6 38.32 67.44 41.65
C PHE GA 6 39.23 67.70 42.85
N GLY GA 7 40.44 68.18 42.56
CA GLY GA 7 41.42 68.35 43.62
C GLY GA 7 42.39 69.47 43.34
N LEU GA 8 43.17 69.79 44.36
CA LEU GA 8 44.17 70.85 44.29
C LEU GA 8 45.35 70.46 45.16
N THR GA 9 46.56 70.57 44.60
CA THR GA 9 47.75 70.21 45.35
C THR GA 9 48.14 71.32 46.31
N TYR GA 10 49.16 71.05 47.12
CA TYR GA 10 49.55 71.97 48.17
C TYR GA 10 50.25 73.19 47.60
N ASN GA 11 50.47 74.18 48.46
CA ASN GA 11 51.21 75.38 48.13
C ASN GA 11 52.59 75.31 48.79
N PHE GA 12 53.60 75.73 48.05
CA PHE GA 12 54.93 75.89 48.61
C PHE GA 12 55.00 77.25 49.28
N TYR GA 13 55.39 77.26 50.56
CA TYR GA 13 55.52 78.52 51.29
C TYR GA 13 56.86 79.16 50.92
N GLY GA 14 56.92 79.64 49.68
CA GLY GA 14 58.12 80.25 49.15
C GLY GA 14 59.24 79.29 48.82
N GLN GA 15 59.17 78.06 49.29
CA GLN GA 15 60.21 77.09 49.00
C GLN GA 15 60.08 76.60 47.56
N PRO GA 16 61.18 76.10 46.98
CA PRO GA 16 61.17 75.73 45.56
C PRO GA 16 60.72 74.30 45.26
N ALA GA 17 60.56 73.44 46.27
CA ALA GA 17 60.25 72.05 46.02
C ALA GA 17 59.32 71.56 47.12
N PRO GA 18 58.57 70.47 46.87
CA PRO GA 18 57.70 69.93 47.92
C PRO GA 18 58.50 69.54 49.15
N LEU GA 19 57.85 69.68 50.31
CA LEU GA 19 58.55 69.67 51.59
C LEU GA 19 58.40 68.32 52.28
N PHE GA 20 59.28 67.39 51.92
CA PHE GA 20 59.41 66.12 52.62
C PHE GA 20 60.70 65.45 52.15
N ASP GA 21 61.33 64.72 53.06
CA ASP GA 21 62.55 64.02 52.72
C ASP GA 21 62.25 62.56 52.42
N LEU GA 22 63.28 61.81 52.08
CA LEU GA 22 63.12 60.41 51.75
C LEU GA 22 62.60 59.62 52.94
N ASN GA 23 63.14 59.89 54.13
CA ASN GA 23 62.74 59.13 55.31
C ASN GA 23 61.26 59.31 55.60
N ASP GA 24 60.75 60.52 55.38
CA ASP GA 24 59.31 60.75 55.54
C ASP GA 24 58.53 59.78 54.68
N LEU GA 25 58.86 59.72 53.39
CA LEU GA 25 58.21 58.77 52.50
C LEU GA 25 58.47 57.34 52.96
N GLN GA 26 59.72 57.04 53.29
CA GLN GA 26 60.09 55.67 53.60
C GLN GA 26 59.34 55.18 54.83
N GLU GA 27 59.08 56.06 55.79
CA GLU GA 27 58.36 55.65 56.98
C GLU GA 27 56.86 55.71 56.76
N LEU GA 28 56.37 56.82 56.24
CA LEU GA 28 54.92 57.04 56.20
C LEU GA 28 54.23 56.31 55.07
N ALA GA 29 54.95 55.93 54.01
CA ALA GA 29 54.31 55.24 52.91
C ALA GA 29 55.16 54.12 52.32
N GLY GA 30 56.13 53.61 53.06
CA GLY GA 30 57.06 52.63 52.55
C GLY GA 30 56.55 51.21 52.60
N CYS GA 31 57.48 50.26 52.65
CA CYS GA 31 57.19 48.84 52.78
C CYS GA 31 56.42 48.28 51.60
N TYR GA 32 56.40 49.01 50.48
CA TYR GA 32 55.62 48.63 49.29
C TYR GA 32 54.15 48.46 49.60
N ALA GA 33 53.66 49.02 50.69
CA ALA GA 33 52.28 48.85 51.09
C ALA GA 33 51.38 49.91 50.47
N ARG GA 34 50.09 49.66 50.52
CA ARG GA 34 49.13 50.63 50.03
C ARG GA 34 49.04 51.79 51.02
N PRO GA 35 49.24 53.03 50.59
CA PRO GA 35 49.16 54.17 51.50
C PRO GA 35 47.78 54.78 51.63
N TRP GA 36 46.76 54.16 51.06
CA TRP GA 36 45.51 54.85 50.78
C TRP GA 36 44.51 54.85 51.93
N THR GA 37 44.81 54.21 53.05
CA THR GA 37 43.92 54.30 54.20
C THR GA 37 44.70 54.37 55.49
N SER GA 38 45.90 54.94 55.46
CA SER GA 38 46.80 54.90 56.61
C SER GA 38 46.58 56.05 57.58
N ARG GA 39 45.70 56.99 57.26
CA ARG GA 39 45.67 58.25 58.01
C ARG GA 39 45.41 58.02 59.49
N PHE GA 40 44.63 57.01 59.84
CA PHE GA 40 44.34 56.75 61.25
C PHE GA 40 45.27 55.73 61.88
N SER GA 41 46.16 55.11 61.10
CA SER GA 41 47.03 54.08 61.65
C SER GA 41 47.98 54.63 62.70
N HIS GA 42 48.15 55.95 62.76
CA HIS GA 42 49.05 56.58 63.71
C HIS GA 42 48.31 57.62 64.54
N LEU GA 43 47.09 57.30 64.93
CA LEU GA 43 46.31 58.12 65.83
C LEU GA 43 45.71 57.23 66.91
N ALA GA 44 45.36 57.83 68.04
CA ALA GA 44 44.83 57.07 69.16
C ALA GA 44 43.84 57.93 69.93
N ILE GA 45 43.49 57.47 71.12
CA ILE GA 45 42.42 58.11 71.88
C ILE GA 45 42.83 59.51 72.34
N SER GA 46 44.10 59.71 72.68
CA SER GA 46 44.53 60.99 73.23
C SER GA 46 46.01 61.17 72.99
N THR GA 47 46.46 62.42 73.19
CA THR GA 47 47.86 62.76 72.97
C THR GA 47 48.77 62.02 73.92
N GLY GA 48 48.30 61.71 75.13
CA GLY GA 48 49.16 61.09 76.12
C GLY GA 48 49.78 59.79 75.65
N SER GA 49 49.11 59.10 74.74
CA SER GA 49 49.60 57.83 74.23
C SER GA 49 50.36 57.96 72.92
N LEU GA 50 50.68 59.18 72.51
CA LEU GA 50 51.26 59.35 71.19
C LEU GA 50 52.61 60.05 71.28
N PRO GA 51 53.50 59.81 70.33
CA PRO GA 51 54.85 60.40 70.39
C PRO GA 51 54.91 61.81 69.86
N VAL GA 52 53.77 62.48 69.77
CA VAL GA 52 53.65 63.76 69.08
C VAL GA 52 54.39 64.89 69.79
N TRP GA 53 55.06 64.59 70.91
CA TRP GA 53 55.60 65.66 71.72
C TRP GA 53 57.05 66.00 71.43
N SER GA 54 57.74 65.25 70.56
CA SER GA 54 59.16 65.52 70.35
C SER GA 54 59.61 64.90 69.03
N ALA GA 55 60.87 65.17 68.69
CA ALA GA 55 61.52 64.60 67.52
C ALA GA 55 60.76 64.90 66.24
N ARG GA 56 60.96 64.09 65.20
CA ARG GA 56 60.21 64.27 63.98
C ARG GA 56 58.73 64.04 64.23
N TYR GA 57 57.91 64.66 63.40
CA TYR GA 57 56.46 64.66 63.57
C TYR GA 57 56.04 65.10 64.98
N PRO GA 58 56.49 66.26 65.44
CA PRO GA 58 56.20 66.71 66.81
C PRO GA 58 54.90 67.51 66.91
N SER GA 59 53.84 66.98 66.33
CA SER GA 59 52.52 67.59 66.46
C SER GA 59 51.48 66.58 66.01
N VAL GA 60 50.25 66.79 66.47
CA VAL GA 60 49.17 65.86 66.15
C VAL GA 60 48.93 65.82 64.65
N ALA GA 61 48.88 66.99 64.01
CA ALA GA 61 48.59 67.05 62.60
C ALA GA 61 49.81 66.78 61.72
N SER GA 62 50.99 66.67 62.32
CA SER GA 62 52.23 66.67 61.54
C SER GA 62 52.23 65.59 60.49
N ARG GA 63 51.89 64.36 60.87
CA ARG GA 63 51.97 63.24 59.94
C ARG GA 63 51.05 63.45 58.74
N ASN GA 64 49.79 63.82 59.00
CA ASN GA 64 48.86 63.99 57.91
C ASN GA 64 49.26 65.14 57.01
N ILE GA 65 49.84 66.19 57.58
CA ILE GA 65 50.32 67.30 56.77
C ILE GA 65 51.37 66.79 55.79
N ILE GA 66 52.33 66.02 56.30
CA ILE GA 66 53.39 65.52 55.44
C ILE GA 66 52.83 64.63 54.35
N VAL GA 67 51.85 63.80 54.70
CA VAL GA 67 51.22 62.93 53.72
C VAL GA 67 50.65 63.75 52.58
N ASN GA 68 49.95 64.83 52.92
CA ASN GA 68 49.36 65.68 51.90
C ASN GA 68 50.44 66.24 50.97
N THR GA 69 51.53 66.73 51.56
CA THR GA 69 52.63 67.22 50.75
C THR GA 69 53.20 66.11 49.88
N LEU GA 70 53.30 64.90 50.43
CA LEU GA 70 53.85 63.79 49.67
C LEU GA 70 53.00 63.49 48.44
N LEU GA 71 51.68 63.46 48.61
CA LEU GA 71 50.82 63.17 47.48
C LEU GA 71 50.95 64.22 46.39
N GLY GA 72 51.21 65.46 46.76
CA GLY GA 72 51.30 66.52 45.78
C GLY GA 72 52.38 66.28 44.74
N ALA GA 73 53.35 65.42 45.04
CA ALA GA 73 54.41 65.13 44.09
C ALA GA 73 54.10 63.95 43.19
N HIS GA 74 52.99 63.26 43.40
CA HIS GA 74 52.73 62.04 42.64
C HIS GA 74 51.34 61.96 42.04
N LEU GA 75 50.52 62.98 42.16
CA LEU GA 75 49.17 62.95 41.61
C LEU GA 75 49.12 63.49 40.19
N ASN GA 76 50.25 63.45 39.47
CA ASN GA 76 50.28 63.99 38.11
C ASN GA 76 49.24 63.40 37.17
N PRO GA 77 48.94 62.10 37.20
CA PRO GA 77 47.95 61.56 36.24
C PRO GA 77 46.64 62.31 36.23
N PHE GA 78 46.17 62.78 37.37
CA PHE GA 78 44.95 63.57 37.38
C PHE GA 78 45.20 65.02 37.00
N ALA GA 79 46.43 65.38 36.67
CA ALA GA 79 46.77 66.70 36.17
C ALA GA 79 47.24 66.68 34.73
N GLY GA 80 48.03 65.69 34.35
CA GLY GA 80 48.56 65.63 33.00
C GLY GA 80 48.28 64.31 32.31
N GLY GA 81 47.56 63.43 33.00
CA GLY GA 81 47.19 62.17 32.39
C GLY GA 81 48.27 61.13 32.32
N GLN GA 82 49.42 61.36 32.95
CA GLN GA 82 50.53 60.42 32.87
C GLN GA 82 51.12 60.21 34.25
N VAL GA 83 51.62 59.00 34.46
CA VAL GA 83 52.39 58.68 35.66
C VAL GA 83 53.82 59.19 35.45
N THR GA 84 54.41 59.73 36.51
CA THR GA 84 55.75 60.29 36.43
C THR GA 84 56.56 59.79 37.61
N SER GA 85 57.82 60.22 37.66
CA SER GA 85 58.72 59.90 38.75
C SER GA 85 59.23 61.18 39.39
N HIS GA 86 59.50 61.11 40.68
CA HIS GA 86 60.05 62.25 41.41
C HIS GA 86 61.13 61.74 42.33
N GLN GA 87 62.36 62.22 42.13
CA GLN GA 87 63.51 61.81 42.93
C GLN GA 87 63.64 60.29 42.97
N GLY GA 88 63.42 59.66 41.82
CA GLY GA 88 63.68 58.26 41.65
C GLY GA 88 62.62 57.31 42.14
N ILE GA 89 61.42 57.80 42.47
CA ILE GA 89 60.36 56.96 42.98
C ILE GA 89 59.08 57.23 42.19
N THR GA 90 58.33 56.16 41.94
CA THR GA 90 57.10 56.28 41.17
C THR GA 90 56.17 55.13 41.54
N TRP GA 91 54.95 55.21 41.01
CA TRP GA 91 53.97 54.15 41.22
C TRP GA 91 54.39 52.87 40.52
N ARG GA 92 53.96 51.74 41.09
CA ARG GA 92 54.33 50.44 40.53
C ARG GA 92 53.48 50.03 39.34
N ASP GA 93 52.31 50.63 39.15
CA ASP GA 93 51.36 50.12 38.18
C ASP GA 93 50.41 51.25 37.82
N PRO GA 94 49.71 51.15 36.69
CA PRO GA 94 48.72 52.18 36.34
C PRO GA 94 47.61 52.30 37.36
N VAL GA 95 47.39 51.27 38.19
CA VAL GA 95 46.38 51.33 39.23
C VAL GA 95 46.82 52.16 40.43
N LEU GA 96 48.09 52.58 40.46
CA LEU GA 96 48.62 53.40 41.55
C LEU GA 96 48.47 52.70 42.89
N SER GA 97 48.76 51.39 42.91
CA SER GA 97 48.59 50.61 44.12
C SER GA 97 49.60 51.01 45.19
N SER GA 98 50.85 51.25 44.79
CA SER GA 98 51.90 51.52 45.76
C SER GA 98 53.08 52.17 45.05
N LEU GA 99 54.03 52.64 45.85
CA LEU GA 99 55.21 53.32 45.36
C LEU GA 99 56.43 52.40 45.40
N ALA GA 100 57.41 52.70 44.57
CA ALA GA 100 58.63 51.93 44.47
C ALA GA 100 59.66 52.76 43.72
N PRO GA 101 60.94 52.42 43.87
CA PRO GA 101 61.97 53.07 43.04
C PRO GA 101 61.78 52.74 41.57
N VAL GA 102 62.21 53.66 40.72
CA VAL GA 102 62.01 53.54 39.28
C VAL GA 102 62.77 52.35 38.73
N PRO GA 103 62.24 51.66 37.73
CA PRO GA 103 63.01 50.60 37.08
C PRO GA 103 64.13 51.18 36.24
N ALA GA 104 65.14 50.35 35.99
CA ALA GA 104 66.33 50.79 35.29
C ALA GA 104 66.22 50.71 33.77
N ILE GA 105 65.20 50.05 33.24
CA ILE GA 105 65.14 49.81 31.80
C ILE GA 105 64.29 50.85 31.10
N GLN GA 106 63.08 51.12 31.59
CA GLN GA 106 62.17 52.07 30.97
C GLN GA 106 61.60 53.01 32.03
N PRO GA 107 62.39 53.97 32.49
CA PRO GA 107 61.87 54.89 33.49
C PRO GA 107 60.76 55.74 32.93
N PRO GA 108 59.78 56.10 33.75
CA PRO GA 108 58.77 57.06 33.32
C PRO GA 108 59.35 58.46 33.29
N PRO GA 109 58.67 59.40 32.64
CA PRO GA 109 59.21 60.77 32.60
C PRO GA 109 59.27 61.38 33.99
N VAL GA 110 60.25 62.26 34.18
CA VAL GA 110 60.44 62.92 35.46
C VAL GA 110 59.42 64.04 35.61
N TRP GA 111 58.83 64.11 36.80
CA TRP GA 111 57.79 65.12 37.04
C TRP GA 111 58.40 66.51 37.12
N ALA GA 112 57.80 67.45 36.41
CA ALA GA 112 58.17 68.85 36.53
C ALA GA 112 57.47 69.45 37.74
N VAL GA 113 58.23 70.00 38.67
CA VAL GA 113 57.67 70.44 39.94
C VAL GA 113 56.76 71.65 39.73
N ALA GA 114 55.68 71.68 40.49
CA ALA GA 114 54.74 72.80 40.47
C ALA GA 114 53.92 72.73 41.75
N GLU GA 115 53.19 73.81 42.03
CA GLU GA 115 52.40 73.91 43.24
C GLU GA 115 50.98 74.33 42.90
N ASN GA 116 50.05 73.98 43.80
CA ASN GA 116 48.65 74.35 43.66
C ASN GA 116 48.09 73.91 42.32
N VAL GA 117 48.36 72.65 41.99
CA VAL GA 117 47.94 72.11 40.70
C VAL GA 117 46.49 71.65 40.77
N PRO GA 118 45.61 72.16 39.93
CA PRO GA 118 44.24 71.65 39.88
C PRO GA 118 44.22 70.23 39.32
N LEU GA 119 43.25 69.45 39.81
CA LEU GA 119 43.17 68.04 39.48
C LEU GA 119 41.76 67.66 39.05
N ASP GA 120 41.67 66.87 37.98
CA ASP GA 120 40.41 66.32 37.50
C ASP GA 120 40.54 64.81 37.36
N SER GA 121 39.48 64.10 37.73
CA SER GA 121 39.47 62.66 37.53
C SER GA 121 39.44 62.30 36.05
N ASN GA 122 38.77 63.12 35.24
CA ASN GA 122 38.60 62.81 33.83
C ASN GA 122 39.92 62.80 33.07
N ASN GA 123 40.96 63.42 33.60
CA ASN GA 123 42.24 63.43 32.91
C ASN GA 123 42.89 62.06 32.84
N TYR GA 124 42.40 61.09 33.60
CA TYR GA 124 43.02 59.78 33.70
C TYR GA 124 41.94 58.72 33.57
N PRO GA 125 41.60 58.34 32.34
CA PRO GA 125 40.42 57.49 32.12
C PRO GA 125 40.46 56.16 32.85
N THR GA 126 41.65 55.59 33.03
CA THR GA 126 41.74 54.26 33.62
C THR GA 126 41.17 54.23 35.03
N TYR GA 127 41.13 55.38 35.71
CA TYR GA 127 40.59 55.41 37.06
C TYR GA 127 39.14 55.00 37.08
N VAL GA 128 38.31 55.64 36.24
CA VAL GA 128 36.90 55.30 36.20
C VAL GA 128 36.72 53.86 35.76
N LEU GA 129 37.49 53.43 34.76
CA LEU GA 129 37.39 52.06 34.29
C LEU GA 129 37.75 51.05 35.36
N ASN GA 130 38.47 51.47 36.40
CA ASN GA 130 38.80 50.61 37.52
C ASN GA 130 38.32 51.21 38.83
N LEU GA 131 37.18 51.89 38.78
CA LEU GA 131 36.68 52.60 39.95
C LEU GA 131 36.53 51.67 41.15
N SER GA 132 36.14 50.43 40.89
CA SER GA 132 35.86 49.50 41.97
C SER GA 132 37.08 49.27 42.86
N SER GA 133 38.28 49.37 42.30
CA SER GA 133 39.49 49.14 43.07
C SER GA 133 40.26 50.41 43.42
N MET GA 134 40.14 51.46 42.61
CA MET GA 134 40.85 52.70 42.88
C MET GA 134 40.02 53.66 43.73
N TRP GA 135 38.87 53.22 44.21
CA TRP GA 135 38.00 54.09 45.00
C TRP GA 135 38.69 54.78 46.17
N PRO GA 136 39.58 54.14 46.94
CA PRO GA 136 40.18 54.84 48.08
C PRO GA 136 40.89 56.12 47.72
N ILE GA 137 41.39 56.24 46.48
CA ILE GA 137 42.07 57.47 46.09
C ILE GA 137 41.14 58.66 46.24
N ASN GA 138 39.86 58.46 45.91
CA ASN GA 138 38.90 59.56 45.96
C ASN GA 138 38.90 60.23 47.33
N GLN GA 139 38.82 59.44 48.39
CA GLN GA 139 38.73 60.03 49.73
C GLN GA 139 39.96 60.85 50.05
N ASP GA 140 41.14 60.27 49.89
CA ASP GA 140 42.36 60.95 50.31
C ASP GA 140 42.59 62.21 49.50
N VAL GA 141 42.38 62.15 48.18
CA VAL GA 141 42.56 63.34 47.36
C VAL GA 141 41.64 64.44 47.84
N HIS GA 142 40.38 64.09 48.13
CA HIS GA 142 39.45 65.08 48.67
C HIS GA 142 39.99 65.66 49.97
N ILE GA 143 40.45 64.80 50.87
CA ILE GA 143 40.98 65.28 52.15
C ILE GA 143 42.17 66.20 51.90
N MET GA 144 43.07 65.78 51.02
CA MET GA 144 44.23 66.62 50.73
C MET GA 144 43.79 67.98 50.23
N THR GA 145 42.81 68.00 49.33
CA THR GA 145 42.31 69.26 48.81
C THR GA 145 41.72 70.11 49.92
N MET GA 146 40.87 69.51 50.75
CA MET GA 146 40.18 70.28 51.79
C MET GA 146 41.17 70.91 52.75
N TRP GA 147 42.35 70.32 52.90
CA TRP GA 147 43.37 70.96 53.73
C TRP GA 147 44.17 71.98 52.93
N ALA GA 148 44.52 71.65 51.69
CA ALA GA 148 45.38 72.52 50.91
C ALA GA 148 44.73 73.87 50.67
N LEU GA 149 43.41 73.92 50.67
CA LEU GA 149 42.71 75.15 50.33
C LEU GA 149 42.88 76.24 51.37
N SER GA 150 43.34 75.92 52.57
CA SER GA 150 43.32 76.88 53.65
C SER GA 150 44.64 76.89 54.40
N ASP GA 151 45.07 78.09 54.78
CA ASP GA 151 46.03 78.22 55.85
C ASP GA 151 45.32 78.01 57.19
N GLN GA 152 46.12 77.80 58.23
CA GLN GA 152 45.60 77.43 59.55
C GLN GA 152 44.75 76.17 59.39
N GLY GA 153 43.56 76.11 59.95
CA GLY GA 153 42.79 74.88 59.99
C GLY GA 153 42.25 74.45 58.65
N PRO GA 154 42.01 73.16 58.50
CA PRO GA 154 41.37 72.67 57.27
C PRO GA 154 39.92 73.06 57.21
N ILE GA 155 39.36 72.95 56.01
CA ILE GA 155 37.98 73.31 55.74
C ILE GA 155 37.12 72.07 55.75
N TYR GA 156 35.90 72.18 56.28
CA TYR GA 156 34.94 71.10 56.25
C TYR GA 156 33.55 71.69 56.20
N HIS GA 157 32.57 70.84 55.89
CA HIS GA 157 31.23 71.28 55.58
C HIS GA 157 30.23 70.78 56.62
N LEU GA 158 29.24 71.61 56.89
CA LEU GA 158 28.17 71.31 57.84
C LEU GA 158 26.83 71.49 57.16
N GLU GA 159 25.83 70.74 57.62
CA GLU GA 159 24.47 70.91 57.13
C GLU GA 159 23.51 70.19 58.05
N VAL GA 160 22.28 70.70 58.11
CA VAL GA 160 21.21 70.09 58.88
C VAL GA 160 19.93 70.15 58.06
N PRO GA 161 19.22 69.04 57.89
CA PRO GA 161 17.96 69.06 57.14
C PRO GA 161 16.82 69.56 58.02
N VAL GA 162 15.68 69.80 57.37
CA VAL GA 162 14.47 70.20 58.08
C VAL GA 162 13.74 69.00 58.68
N ASP GA 163 14.07 67.80 58.26
CA ASP GA 163 13.41 66.58 58.69
C ASP GA 163 14.00 66.07 60.00
N PRO GA 164 13.27 65.23 60.72
CA PRO GA 164 13.85 64.55 61.88
C PRO GA 164 14.79 63.44 61.44
N MET GA 165 15.54 62.92 62.42
CA MET GA 165 16.47 61.85 62.12
C MET GA 165 15.71 60.60 61.68
N PRO GA 166 16.23 59.84 60.74
CA PRO GA 166 15.65 58.54 60.43
C PRO GA 166 15.95 57.54 61.54
N ALA GA 167 15.12 56.50 61.58
CA ALA GA 167 15.24 55.51 62.66
C ALA GA 167 16.59 54.81 62.61
N ALA GA 168 17.07 54.49 61.40
CA ALA GA 168 18.32 53.74 61.28
C ALA GA 168 19.47 54.49 61.95
N THR GA 169 19.61 55.77 61.65
CA THR GA 169 20.66 56.55 62.29
C THR GA 169 20.49 56.56 63.80
N THR GA 170 19.25 56.66 64.27
CA THR GA 170 19.00 56.65 65.70
C THR GA 170 19.54 55.38 66.33
N ALA GA 171 19.22 54.23 65.73
CA ALA GA 171 19.71 52.97 66.27
C ALA GA 171 21.22 52.92 66.26
N ALA GA 172 21.83 53.36 65.16
CA ALA GA 172 23.29 53.32 65.05
C ALA GA 172 23.93 54.16 66.15
N LEU GA 173 23.45 55.40 66.31
CA LEU GA 173 24.04 56.28 67.31
C LEU GA 173 23.84 55.71 68.71
N MET GA 174 22.73 55.02 68.93
CA MET GA 174 22.50 54.42 70.24
C MET GA 174 23.51 53.34 70.56
N ALA GA 175 24.27 52.88 69.57
CA ALA GA 175 25.34 51.93 69.81
C ALA GA 175 26.70 52.59 69.98
N TYR GA 176 26.84 53.87 69.65
CA TYR GA 176 28.12 54.56 69.77
C TYR GA 176 28.15 55.52 70.95
N ILE GA 177 27.41 55.21 72.01
CA ILE GA 177 27.22 56.18 73.08
C ILE GA 177 28.54 56.51 73.76
N GLY GA 178 29.16 55.52 74.39
CA GLY GA 178 30.32 55.78 75.22
C GLY GA 178 31.63 55.82 74.46
N VAL GA 179 31.60 56.31 73.23
CA VAL GA 179 32.79 56.26 72.37
C VAL GA 179 33.42 57.64 72.28
N PRO GA 180 34.74 57.76 72.41
CA PRO GA 180 35.39 59.05 72.20
C PRO GA 180 35.36 59.44 70.72
N ILE GA 181 35.60 60.73 70.49
CA ILE GA 181 35.51 61.27 69.14
C ILE GA 181 36.51 60.60 68.22
N ALA GA 182 37.71 60.30 68.73
CA ALA GA 182 38.77 59.77 67.88
C ALA GA 182 38.36 58.45 67.24
N HIS GA 183 37.81 57.54 68.04
CA HIS GA 183 37.38 56.26 67.49
C HIS GA 183 36.28 56.44 66.46
N LEU GA 184 35.33 57.34 66.73
CA LEU GA 184 34.26 57.59 65.79
C LEU GA 184 34.82 58.07 64.46
N ALA GA 185 35.74 59.02 64.51
CA ALA GA 185 36.32 59.57 63.28
C ALA GA 185 36.95 58.48 62.45
N GLN GA 186 37.58 57.50 63.10
CA GLN GA 186 38.19 56.40 62.37
C GLN GA 186 37.14 55.66 61.55
N THR GA 187 36.04 55.27 62.18
CA THR GA 187 35.03 54.50 61.48
C THR GA 187 34.49 55.26 60.28
N ALA GA 188 34.26 56.56 60.45
CA ALA GA 188 33.82 57.37 59.31
C ALA GA 188 34.86 57.32 58.21
N TYR GA 189 36.14 57.47 58.56
CA TYR GA 189 37.20 57.38 57.57
C TYR GA 189 37.26 55.98 56.97
N ARG GA 190 37.14 54.96 57.82
CA ARG GA 190 37.20 53.59 57.35
C ARG GA 190 36.05 53.29 56.39
N PHE GA 191 34.85 53.77 56.73
CA PHE GA 191 33.68 53.45 55.94
C PHE GA 191 33.83 53.96 54.51
N ALA GA 192 33.96 55.26 54.35
CA ALA GA 192 33.99 55.84 53.00
C ALA GA 192 35.26 55.47 52.24
N GLY GA 193 36.25 54.90 52.91
CA GLY GA 193 37.55 54.76 52.27
C GLY GA 193 37.72 53.55 51.38
N GLN GA 194 37.09 52.43 51.72
CA GLN GA 194 37.56 51.17 51.16
C GLN GA 194 36.70 50.62 50.02
N LEU GA 195 35.54 51.19 49.73
CA LEU GA 195 34.73 50.68 48.63
C LEU GA 195 33.69 51.72 48.25
N PRO GA 196 33.29 51.79 46.99
CA PRO GA 196 32.33 52.82 46.58
C PRO GA 196 31.00 52.66 47.30
N GLN GA 197 30.36 53.80 47.57
CA GLN GA 197 29.07 53.83 48.25
C GLN GA 197 28.20 54.92 47.64
N SER GA 198 26.91 54.71 47.70
CA SER GA 198 26.03 55.75 47.22
C SER GA 198 25.77 56.78 48.32
N PRO GA 199 25.56 58.05 47.95
CA PRO GA 199 25.22 59.04 48.97
C PRO GA 199 23.93 58.72 49.68
N ASP GA 200 23.02 58.00 49.04
CA ASP GA 200 21.78 57.59 49.67
C ASP GA 200 21.97 56.31 50.49
N SER GA 201 22.94 56.35 51.39
CA SER GA 201 23.23 55.22 52.27
C SER GA 201 23.12 55.67 53.71
N THR GA 202 22.74 54.72 54.58
CA THR GA 202 22.42 55.05 55.96
C THR GA 202 23.61 55.67 56.67
N MET GA 203 24.79 55.11 56.48
CA MET GA 203 25.97 55.64 57.15
C MET GA 203 26.22 57.09 56.77
N VAL GA 204 26.03 57.43 55.50
CA VAL GA 204 26.29 58.79 55.04
C VAL GA 204 25.44 59.77 55.83
N SER GA 205 24.14 59.48 55.95
CA SER GA 205 23.28 60.32 56.77
C SER GA 205 23.72 60.31 58.22
N THR GA 206 24.16 59.15 58.70
CA THR GA 206 24.60 59.05 60.09
C THR GA 206 25.73 60.01 60.38
N ILE GA 207 26.80 59.95 59.58
CA ILE GA 207 27.96 60.79 59.84
C ILE GA 207 27.59 62.25 59.66
N ARG GA 208 26.71 62.55 58.71
CA ARG GA 208 26.27 63.92 58.51
C ARG GA 208 25.68 64.48 59.79
N TRP GA 209 24.85 63.69 60.47
CA TRP GA 209 24.30 64.15 61.74
C TRP GA 209 25.40 64.34 62.78
N LEU GA 210 26.37 63.42 62.83
CA LEU GA 210 27.41 63.52 63.84
C LEU GA 210 28.16 64.84 63.73
N SER GA 211 28.57 65.21 62.52
CA SER GA 211 29.26 66.48 62.34
C SER GA 211 28.40 67.62 62.85
N ALA GA 212 27.10 67.57 62.54
CA ALA GA 212 26.21 68.61 63.02
C ALA GA 212 26.17 68.64 64.54
N ILE GA 213 25.99 67.48 65.16
CA ILE GA 213 25.90 67.42 66.61
C ILE GA 213 27.19 67.89 67.24
N TRP GA 214 28.33 67.46 66.68
CA TRP GA 214 29.61 67.86 67.22
C TRP GA 214 29.74 69.38 67.26
N PHE GA 215 29.42 70.04 66.16
CA PHE GA 215 29.53 71.50 66.13
C PHE GA 215 28.56 72.14 67.10
N GLY GA 216 27.32 71.65 67.14
CA GLY GA 216 26.33 72.25 68.02
C GLY GA 216 26.75 72.19 69.47
N SER GA 217 27.30 71.06 69.89
CA SER GA 217 27.83 70.95 71.25
C SER GA 217 29.09 71.77 71.41
N LEU GA 218 29.93 71.84 70.36
CA LEU GA 218 31.14 72.63 70.45
C LEU GA 218 30.82 74.09 70.75
N THR GA 219 29.81 74.63 70.07
CA THR GA 219 29.35 75.98 70.37
C THR GA 219 28.61 76.06 71.69
N GLY GA 220 28.29 74.93 72.31
CA GLY GA 220 27.58 74.94 73.56
C GLY GA 220 26.08 75.08 73.44
N ARG GA 221 25.55 75.20 72.23
CA ARG GA 221 24.10 75.23 72.08
C ARG GA 221 23.47 73.91 72.49
N LEU GA 222 24.13 72.80 72.19
CA LEU GA 222 23.64 71.48 72.57
C LEU GA 222 24.29 71.08 73.89
N ASN GA 223 23.47 70.81 74.89
CA ASN GA 223 23.95 70.51 76.23
C ASN GA 223 23.08 69.44 76.85
N ARG GA 224 23.34 69.14 78.13
CA ARG GA 224 22.42 68.29 78.87
C ARG GA 224 21.05 68.94 78.97
N SER GA 225 20.99 70.26 78.95
CA SER GA 225 19.71 70.94 79.02
C SER GA 225 18.96 70.84 77.70
N ARG GA 226 19.68 70.94 76.59
CA ARG GA 226 19.06 71.02 75.27
C ARG GA 226 19.83 70.12 74.33
N THR GA 227 19.14 69.17 73.71
CA THR GA 227 19.82 68.11 72.98
C THR GA 227 19.15 67.88 71.63
N CYS GA 228 19.92 67.31 70.71
CA CYS GA 228 19.44 66.95 69.37
C CYS GA 228 18.91 65.53 69.43
N ASN GA 229 17.59 65.40 69.48
CA ASN GA 229 16.93 64.09 69.52
C ASN GA 229 17.43 63.23 70.66
N GLY GA 230 17.99 63.85 71.69
CA GLY GA 230 18.53 63.12 72.82
C GLY GA 230 20.03 62.99 72.85
N PHE GA 231 20.72 63.32 71.75
CA PHE GA 231 22.16 63.17 71.67
C PHE GA 231 22.86 64.52 71.85
N TYR GA 232 24.12 64.45 72.27
CA TYR GA 232 24.99 65.61 72.42
C TYR GA 232 26.36 65.08 72.81
N PHE GA 233 27.36 65.94 72.70
CA PHE GA 233 28.73 65.61 73.07
C PHE GA 233 29.08 66.22 74.42
N GLU GA 234 29.97 65.54 75.13
CA GLU GA 234 30.46 66.00 76.42
C GLU GA 234 31.97 66.22 76.32
N PHE GA 235 32.43 67.36 76.81
CA PHE GA 235 33.84 67.74 76.73
C PHE GA 235 34.50 67.59 78.08
N ALA GA 236 35.78 67.21 78.06
CA ALA GA 236 36.51 66.98 79.29
C ALA GA 236 36.80 68.30 80.00
N LYS GA 237 37.20 68.18 81.27
CA LYS GA 237 37.46 69.36 82.08
C LYS GA 237 38.67 70.11 81.56
N PRO GA 238 38.58 71.44 81.40
CA PRO GA 238 39.77 72.20 81.03
C PRO GA 238 40.84 72.15 82.10
N ALA GA 239 40.47 71.88 83.35
CA ALA GA 239 41.46 71.83 84.42
C ALA GA 239 42.46 70.71 84.21
N LEU GA 240 42.10 69.66 83.46
CA LEU GA 240 43.01 68.55 83.23
C LEU GA 240 43.43 68.44 81.76
N ASN GA 241 42.48 68.21 80.87
CA ASN GA 241 42.77 68.13 79.45
C ASN GA 241 41.49 68.27 78.65
N PRO GA 242 41.13 69.49 78.22
CA PRO GA 242 39.88 69.67 77.49
C PRO GA 242 39.88 69.08 76.10
N ASP GA 243 41.00 68.55 75.62
CA ASP GA 243 41.09 68.03 74.25
C ASP GA 243 40.55 66.61 74.19
N GLN GA 244 39.26 66.47 74.51
CA GLN GA 244 38.62 65.16 74.49
C GLN GA 244 37.11 65.34 74.55
N ALA GA 245 36.40 64.52 73.78
CA ALA GA 245 34.95 64.58 73.76
C ALA GA 245 34.39 63.19 73.51
N VAL GA 246 33.24 62.92 74.10
CA VAL GA 246 32.54 61.65 73.94
C VAL GA 246 31.07 61.92 73.68
N LEU GA 247 30.41 60.92 73.12
CA LEU GA 247 28.99 61.01 72.79
C LEU GA 247 28.15 60.70 74.02
N LYS GA 248 26.95 61.28 74.06
CA LYS GA 248 26.04 61.07 75.18
C LYS GA 248 24.61 61.06 74.68
N TRP GA 249 23.73 60.45 75.47
CA TRP GA 249 22.30 60.48 75.22
C TRP GA 249 21.58 60.72 76.53
N ASN GA 250 20.49 61.48 76.48
CA ASN GA 250 19.98 62.09 77.71
C ASN GA 250 18.50 62.39 77.58
N ASP GA 251 17.88 62.66 78.73
CA ASP GA 251 16.47 63.01 78.83
C ASP GA 251 16.19 64.47 78.52
N GLY GA 252 17.21 65.28 78.28
CA GLY GA 252 17.02 66.71 78.15
C GLY GA 252 16.05 67.07 77.04
N ALA GA 253 15.58 68.31 77.10
CA ALA GA 253 14.64 68.80 76.10
C ALA GA 253 15.27 68.73 74.72
N ARG GA 254 14.46 68.37 73.73
CA ARG GA 254 14.94 68.17 72.37
C ARG GA 254 14.75 69.45 71.57
N ALA GA 255 15.80 69.85 70.85
CA ALA GA 255 15.72 71.07 70.05
C ALA GA 255 14.81 70.87 68.86
N ALA GA 256 14.14 71.94 68.47
CA ALA GA 256 13.27 71.91 67.31
C ALA GA 256 14.07 72.01 66.03
N PRO GA 257 13.58 71.45 64.93
CA PRO GA 257 14.29 71.54 63.66
C PRO GA 257 14.28 72.97 63.14
N PRO GA 258 15.25 73.34 62.32
CA PRO GA 258 15.32 74.72 61.82
C PRO GA 258 14.17 75.03 60.87
N ALA GA 259 13.88 76.33 60.76
CA ALA GA 259 12.83 76.77 59.86
C ALA GA 259 13.13 76.39 58.42
N ALA GA 260 14.41 76.43 58.04
CA ALA GA 260 14.82 76.01 56.71
C ALA GA 260 16.18 75.33 56.83
N ALA GA 261 16.50 74.52 55.82
CA ALA GA 261 17.75 73.77 55.84
C ALA GA 261 18.94 74.72 55.98
N GLN GA 262 19.87 74.35 56.85
CA GLN GA 262 21.05 75.15 57.13
C GLN GA 262 22.30 74.40 56.69
N SER GA 263 23.29 75.16 56.22
CA SER GA 263 24.54 74.56 55.79
C SER GA 263 25.59 75.66 55.65
N SER GA 264 26.84 75.28 55.83
CA SER GA 264 27.97 76.19 55.67
C SER GA 264 29.27 75.40 55.74
N TYR GA 265 30.35 76.08 55.39
CA TYR GA 265 31.69 75.54 55.52
C TYR GA 265 32.37 76.15 56.74
N MET GA 266 33.32 75.39 57.30
CA MET GA 266 33.95 75.76 58.56
C MET GA 266 35.45 75.53 58.46
N ARG GA 267 36.18 76.26 59.32
CA ARG GA 267 37.60 76.01 59.51
C ARG GA 267 38.03 76.71 60.79
N CYS GA 268 39.15 76.27 61.34
CA CYS GA 268 39.74 76.91 62.51
C CYS GA 268 40.69 78.01 62.04
N ILE GA 269 40.48 79.22 62.55
CA ILE GA 269 41.25 80.36 62.09
C ILE GA 269 42.59 80.49 62.78
N SER GA 270 42.86 79.69 63.80
CA SER GA 270 44.03 79.87 64.63
C SER GA 270 44.91 78.63 64.59
N PRO GA 271 46.23 78.78 64.81
CA PRO GA 271 47.13 77.63 64.69
C PRO GA 271 46.89 76.53 65.72
N HIS GA 272 46.03 76.74 66.72
CA HIS GA 272 45.87 75.75 67.76
C HIS GA 272 45.45 74.39 67.21
N TRP GA 273 44.81 74.38 66.05
CA TRP GA 273 44.30 73.14 65.49
C TRP GA 273 45.41 72.12 65.26
N GLN GA 274 46.63 72.58 64.99
CA GLN GA 274 47.70 71.67 64.61
C GLN GA 274 48.03 70.69 65.72
N HIS GA 275 47.64 70.97 66.95
CA HIS GA 275 48.00 70.12 68.08
C HIS GA 275 46.80 69.90 68.98
N GLN GA 276 45.64 69.66 68.38
CA GLN GA 276 44.40 69.51 69.15
C GLN GA 276 43.55 68.45 68.47
N ILE GA 277 43.43 67.30 69.10
CA ILE GA 277 42.90 66.12 68.41
C ILE GA 277 41.43 66.30 68.05
N VAL GA 278 40.67 66.99 68.89
CA VAL GA 278 39.24 67.13 68.61
C VAL GA 278 39.04 67.89 67.31
N GLU GA 279 39.90 68.87 67.03
CA GLU GA 279 39.81 69.59 65.78
C GLU GA 279 40.12 68.67 64.60
N VAL GA 280 41.19 67.90 64.72
CA VAL GA 280 41.60 67.04 63.61
C VAL GA 280 40.54 65.99 63.33
N ALA GA 281 40.08 65.30 64.38
CA ALA GA 281 39.08 64.26 64.19
C ALA GA 281 37.79 64.85 63.64
N GLY GA 282 37.35 65.98 64.19
CA GLY GA 282 36.13 66.59 63.71
C GLY GA 282 36.22 66.95 62.24
N ALA GA 283 37.33 67.54 61.84
CA ALA GA 283 37.51 67.89 60.44
C ALA GA 283 37.50 66.66 59.56
N LEU GA 284 38.29 65.65 59.93
CA LEU GA 284 38.36 64.44 59.13
C LEU GA 284 37.00 63.78 59.01
N MET GA 285 36.29 63.66 60.12
CA MET GA 285 34.97 63.05 60.10
C MET GA 285 34.05 63.78 59.14
N SER GA 286 33.99 65.11 59.26
CA SER GA 286 33.14 65.89 58.38
C SER GA 286 33.59 65.77 56.93
N GLN GA 287 34.91 65.84 56.70
CA GLN GA 287 35.41 65.76 55.34
C GLN GA 287 35.06 64.43 54.69
N SER GA 288 34.88 63.39 55.49
CA SER GA 288 34.55 62.09 54.94
C SER GA 288 33.22 62.12 54.21
N VAL GA 289 32.23 62.81 54.78
CA VAL GA 289 30.92 62.88 54.13
C VAL GA 289 31.03 63.52 52.76
N THR GA 290 31.70 64.68 52.68
CA THR GA 290 31.86 65.34 51.40
C THR GA 290 32.65 64.48 50.43
N ALA GA 291 33.52 63.62 50.94
CA ALA GA 291 34.30 62.76 50.07
C ALA GA 291 33.41 61.81 49.29
N VAL GA 292 32.38 61.27 49.93
CA VAL GA 292 31.53 60.31 49.25
C VAL GA 292 30.41 61.02 48.47
N THR GA 293 29.95 62.18 48.93
CA THR GA 293 28.85 62.85 48.28
C THR GA 293 29.28 64.02 47.40
N GLY GA 294 30.55 64.40 47.42
CA GLY GA 294 31.02 65.53 46.66
C GLY GA 294 30.64 66.84 47.31
N LEU GA 295 31.19 67.92 46.76
CA LEU GA 295 30.92 69.25 47.30
C LEU GA 295 29.52 69.69 46.91
N PRO GA 296 28.67 70.05 47.87
CA PRO GA 296 27.34 70.55 47.51
C PRO GA 296 27.39 71.82 46.68
N ALA GA 297 28.35 72.70 46.93
CA ALA GA 297 28.41 73.96 46.20
C ALA GA 297 29.81 74.54 46.34
N LEU GA 298 30.09 75.54 45.51
CA LEU GA 298 31.39 76.20 45.55
C LEU GA 298 31.57 76.96 46.86
N ILE GA 299 32.81 77.05 47.29
CA ILE GA 299 33.16 77.71 48.53
C ILE GA 299 33.42 79.18 48.25
N ASP GA 300 33.03 80.04 49.19
CA ASP GA 300 33.23 81.47 49.03
C ASP GA 300 34.71 81.81 49.09
N GLU GA 301 35.18 82.58 48.10
CA GLU GA 301 36.58 82.97 48.05
C GLU GA 301 36.91 84.09 49.02
N ALA GA 302 35.91 84.72 49.64
CA ALA GA 302 36.11 86.02 50.27
C ALA GA 302 37.16 85.99 51.36
N THR GA 303 37.35 84.87 52.04
CA THR GA 303 38.19 84.80 53.23
C THR GA 303 39.19 83.65 53.12
N LEU GA 304 39.86 83.56 51.98
CA LEU GA 304 40.76 82.45 51.71
C LEU GA 304 42.10 82.99 51.26
N PRO GA 305 43.16 82.19 51.41
CA PRO GA 305 44.49 82.63 50.96
C PRO GA 305 44.50 82.94 49.47
N ALA GA 306 45.57 83.60 49.05
CA ALA GA 306 45.64 84.12 47.69
C ALA GA 306 45.52 83.00 46.66
N TRP GA 307 46.20 81.88 46.90
CA TRP GA 307 46.18 80.80 45.91
C TRP GA 307 44.81 80.15 45.80
N SER GA 308 43.94 80.35 46.77
CA SER GA 308 42.62 79.73 46.74
C SER GA 308 41.59 80.58 46.01
N GLN GA 309 41.98 81.73 45.46
CA GLN GA 309 41.04 82.64 44.83
C GLN GA 309 40.64 82.09 43.46
N GLY GA 310 39.38 81.73 43.33
CA GLY GA 310 38.84 81.32 42.04
C GLY GA 310 39.37 80.00 41.50
N VAL GA 311 39.52 79.00 42.35
CA VAL GA 311 39.95 77.69 41.89
C VAL GA 311 38.78 76.98 41.24
N ALA GA 312 39.00 76.46 40.03
CA ALA GA 312 37.93 75.84 39.27
C ALA GA 312 37.34 74.66 40.04
N ASN GA 313 36.02 74.54 39.98
CA ASN GA 313 35.23 73.47 40.58
C ASN GA 313 35.30 73.47 42.10
N LEU GA 314 36.02 74.39 42.71
CA LEU GA 314 36.14 74.40 44.16
C LEU GA 314 35.67 75.71 44.78
N THR GA 315 36.14 76.85 44.29
CA THR GA 315 35.85 78.13 44.90
C THR GA 315 35.16 79.03 43.89
N GLY GA 316 34.36 79.96 44.41
CA GLY GA 316 33.65 80.88 43.55
C GLY GA 316 33.18 82.08 44.35
N ASN GA 317 32.70 83.08 43.61
CA ASN GA 317 32.13 84.28 44.20
C ASN GA 317 30.76 84.60 43.62
N GLY GA 318 30.17 83.68 42.87
CA GLY GA 318 28.90 83.93 42.22
C GLY GA 318 27.73 83.68 43.14
N GLN GA 319 26.56 83.51 42.54
CA GLN GA 319 25.33 83.35 43.31
C GLN GA 319 25.30 82.01 44.05
N GLY GA 320 25.60 80.93 43.34
CA GLY GA 320 25.53 79.61 43.94
C GLY GA 320 26.74 79.29 44.79
N VAL GA 321 26.98 80.12 45.81
CA VAL GA 321 28.19 80.01 46.63
C VAL GA 321 27.79 79.97 48.10
N VAL GA 322 28.38 79.04 48.84
CA VAL GA 322 28.12 78.88 50.26
C VAL GA 322 29.22 79.60 51.04
N PRO GA 323 28.87 80.44 52.00
CA PRO GA 323 29.91 81.12 52.78
C PRO GA 323 30.64 80.14 53.68
N CYS GA 324 31.87 80.49 54.03
CA CYS GA 324 32.67 79.72 54.96
C CYS GA 324 32.93 80.54 56.20
N LEU GA 325 32.67 79.95 57.36
CA LEU GA 325 32.90 80.60 58.63
C LEU GA 325 34.15 80.02 59.29
N ASP GA 326 34.64 80.75 60.30
CA ASP GA 326 35.83 80.33 61.01
C ASP GA 326 35.75 80.85 62.44
N TYR GA 327 36.60 80.30 63.29
CA TYR GA 327 36.52 80.59 64.71
C TYR GA 327 37.88 80.35 65.35
N ASN GA 328 38.04 80.93 66.52
CA ASN GA 328 39.19 80.68 67.37
C ASN GA 328 38.72 79.91 68.60
N PRO GA 329 39.42 78.85 68.99
CA PRO GA 329 38.93 78.04 70.10
C PRO GA 329 38.71 78.80 71.39
N VAL GA 330 39.58 79.74 71.72
CA VAL GA 330 39.48 80.44 73.00
C VAL GA 330 38.18 81.25 73.06
N PRO GA 331 37.90 82.15 72.11
CA PRO GA 331 36.59 82.81 72.14
C PRO GA 331 35.44 81.82 72.05
N MET GA 332 35.64 80.74 71.29
CA MET GA 332 34.61 79.72 71.21
C MET GA 332 34.32 79.12 72.59
N ALA GA 333 35.38 78.80 73.33
CA ALA GA 333 35.18 78.23 74.66
C ALA GA 333 34.44 79.19 75.57
N ALA GA 334 34.78 80.48 75.50
CA ALA GA 334 34.09 81.46 76.32
C ALA GA 334 32.61 81.48 75.98
N ALA GA 335 32.28 81.44 74.69
CA ALA GA 335 30.88 81.41 74.30
C ALA GA 335 30.19 80.17 74.82
N ARG GA 336 30.85 79.02 74.70
CA ARG GA 336 30.25 77.77 75.17
C ARG GA 336 29.97 77.85 76.67
N HIS GA 337 30.93 78.33 77.44
CA HIS GA 337 30.72 78.47 78.87
C HIS GA 337 29.59 79.44 79.16
N LEU GA 338 29.53 80.56 78.43
CA LEU GA 338 28.47 81.52 78.65
C LEU GA 338 27.10 80.88 78.41
N GLN GA 339 26.99 80.11 77.34
CA GLN GA 339 25.73 79.43 77.08
C GLN GA 339 25.37 78.48 78.22
N TRP GA 340 26.37 77.81 78.78
CA TRP GA 340 26.10 76.92 79.90
C TRP GA 340 25.51 77.66 81.08
N ARG GA 341 26.05 78.83 81.41
CA ARG GA 341 25.50 79.60 82.51
C ARG GA 341 24.08 80.04 82.20
N GLN GA 342 23.83 80.50 80.98
CA GLN GA 342 22.48 80.91 80.63
C GLN GA 342 21.51 79.75 80.66
N ASP GA 343 21.96 78.56 80.27
CA ASP GA 343 21.14 77.38 80.44
C ASP GA 343 21.02 76.96 81.89
N GLY GA 344 21.79 77.56 82.78
CA GLY GA 344 21.73 77.22 84.19
C GLY GA 344 22.54 76.01 84.58
N LEU GA 345 23.38 75.50 83.70
CA LEU GA 345 24.21 74.35 84.06
C LEU GA 345 25.25 74.70 85.09
N ILE GA 346 25.74 75.95 85.09
CA ILE GA 346 26.82 76.37 85.98
C ILE GA 346 26.49 77.74 86.54
N THR GA 347 27.25 78.13 87.56
CA THR GA 347 27.14 79.44 88.16
C THR GA 347 28.13 80.40 87.50
N ALA GA 348 27.93 81.69 87.74
CA ALA GA 348 28.83 82.69 87.19
C ALA GA 348 30.25 82.49 87.70
N ALA GA 349 30.39 82.10 88.97
CA ALA GA 349 31.71 81.86 89.52
C ALA GA 349 32.43 80.76 88.76
N GLN GA 350 31.73 79.67 88.45
CA GLN GA 350 32.34 78.60 87.68
C GLN GA 350 32.73 79.07 86.29
N GLU GA 351 31.87 79.87 85.65
CA GLU GA 351 32.16 80.31 84.29
C GLU GA 351 33.46 81.09 84.24
N ALA GA 352 33.67 81.97 85.21
CA ALA GA 352 34.93 82.69 85.27
C ALA GA 352 36.10 81.74 85.43
N GLN GA 353 35.94 80.72 86.28
CA GLN GA 353 37.01 79.76 86.48
C GLN GA 353 37.31 78.99 85.21
N LEU GA 354 36.26 78.57 84.50
CA LEU GA 354 36.46 77.79 83.29
C LEU GA 354 37.23 78.57 82.25
N ASN GA 355 36.91 79.86 82.10
CA ASN GA 355 37.65 80.68 81.14
C ASN GA 355 39.13 80.75 81.52
N ASN GA 356 39.43 80.92 82.80
CA ASN GA 356 40.83 80.99 83.23
C ASN GA 356 41.55 79.69 82.91
N ASP GA 357 40.92 78.56 83.21
CA ASP GA 357 41.57 77.28 82.96
C ASP GA 357 41.82 77.07 81.47
N TYR GA 358 40.81 77.31 80.66
CA TYR GA 358 40.96 77.05 79.23
C TYR GA 358 42.02 77.95 78.61
N THR GA 359 42.02 79.23 78.98
CA THR GA 359 43.04 80.13 78.48
C THR GA 359 44.43 79.63 78.87
N ALA GA 360 44.58 79.19 80.11
CA ALA GA 360 45.86 78.65 80.54
C ALA GA 360 46.23 77.44 79.70
N TYR GA 361 45.27 76.55 79.48
CA TYR GA 361 45.54 75.37 78.65
C TYR GA 361 45.96 75.76 77.26
N ALA GA 362 45.22 76.67 76.64
CA ALA GA 362 45.55 77.08 75.28
C ALA GA 362 46.93 77.69 75.20
N LEU GA 363 47.32 78.43 76.25
CA LEU GA 363 48.62 79.07 76.25
C LEU GA 363 49.73 78.04 76.10
N THR GA 364 49.60 76.90 76.75
CA THR GA 364 50.59 75.84 76.62
C THR GA 364 50.70 75.37 75.19
N ILE GA 365 49.56 75.16 74.53
CA ILE GA 365 49.58 74.68 73.15
C ILE GA 365 50.32 75.68 72.27
N GLU GA 366 49.98 76.96 72.40
CA GLU GA 366 50.68 77.98 71.64
C GLU GA 366 52.17 77.98 71.95
N ARG GA 367 52.50 77.94 73.24
CA ARG GA 367 53.90 77.96 73.65
C ARG GA 367 54.65 76.77 73.08
N HIS GA 368 54.02 75.59 73.09
CA HIS GA 368 54.65 74.41 72.53
C HIS GA 368 54.88 74.56 71.04
N LEU GA 369 53.84 74.96 70.31
CA LEU GA 369 53.94 75.03 68.86
C LEU GA 369 54.97 76.07 68.43
N THR GA 370 54.89 77.28 69.00
CA THR GA 370 55.80 78.33 68.56
C THR GA 370 57.24 77.95 68.80
N ALA GA 371 57.52 77.26 69.91
CA ALA GA 371 58.86 76.74 70.12
C ALA GA 371 59.18 75.63 69.14
N MET GA 372 58.16 74.88 68.73
CA MET GA 372 58.42 73.77 67.81
C MET GA 372 58.75 74.26 66.41
N LEU GA 373 58.19 75.41 66.01
CA LEU GA 373 58.43 75.90 64.66
C LEU GA 373 59.90 76.27 64.47
N VAL GA 374 60.47 77.04 65.39
CA VAL GA 374 61.86 77.42 65.27
C VAL GA 374 62.76 76.20 65.33
N ALA GA 375 62.28 75.12 65.94
CA ALA GA 375 63.04 73.88 65.94
C ALA GA 375 63.00 73.19 64.58
N ASN GA 376 62.01 73.50 63.75
CA ASN GA 376 61.87 72.89 62.43
C ASN GA 376 61.60 73.96 61.40
N PRO GA 377 62.58 74.81 61.13
CA PRO GA 377 62.37 75.88 60.14
C PRO GA 377 62.04 75.28 58.78
N ILE GA 378 61.11 75.93 58.08
CA ILE GA 378 60.64 75.40 56.82
C ILE GA 378 61.73 75.39 55.76
N ALA GA 379 62.77 76.20 55.94
CA ALA GA 379 63.89 76.18 55.00
C ALA GA 379 64.65 74.88 55.05
N ALA GA 380 64.43 74.03 56.05
CA ALA GA 380 65.12 72.77 56.16
C ALA GA 380 64.72 71.78 55.08
N GLY GA 381 63.65 72.05 54.33
CA GLY GA 381 63.24 71.19 53.25
C GLY GA 381 62.09 70.27 53.55
N ARG GA 382 61.61 70.23 54.79
CA ARG GA 382 60.43 69.45 55.14
C ARG GA 382 59.59 70.27 56.10
N MET GA 383 58.27 70.13 56.00
CA MET GA 383 57.34 70.93 56.79
C MET GA 383 56.56 70.00 57.72
N PRO GA 384 57.01 69.80 58.94
CA PRO GA 384 56.24 68.99 59.88
C PRO GA 384 55.07 69.76 60.44
N ILE GA 385 55.18 71.08 60.53
CA ILE GA 385 54.09 71.93 61.00
C ILE GA 385 53.94 73.12 60.07
N GLN GA 386 52.69 73.51 59.84
CA GLN GA 386 52.42 74.64 58.97
C GLN GA 386 52.92 75.93 59.59
N PRO GA 387 53.57 76.80 58.81
CA PRO GA 387 54.08 78.06 59.36
C PRO GA 387 52.96 78.99 59.81
N PHE GA 388 53.32 79.89 60.70
CA PHE GA 388 52.37 80.87 61.23
C PHE GA 388 53.15 82.01 61.85
N ASN GA 389 52.41 83.06 62.23
CA ASN GA 389 52.97 84.20 62.95
C ASN GA 389 52.38 84.25 64.34
N ALA GA 390 53.09 84.94 65.23
CA ALA GA 390 52.68 85.00 66.63
C ALA GA 390 51.29 85.59 66.78
N ALA GA 391 50.97 86.60 65.96
CA ALA GA 391 49.67 87.25 66.07
C ALA GA 391 48.53 86.33 65.70
N ASP GA 392 48.81 85.23 65.01
CA ASP GA 392 47.74 84.35 64.54
C ASP GA 392 46.98 83.71 65.69
N PHE GA 393 47.58 83.61 66.87
CA PHE GA 393 46.87 83.02 68.00
C PHE GA 393 45.82 83.96 68.58
N GLY GA 394 45.89 85.25 68.25
CA GLY GA 394 44.99 86.23 68.80
C GLY GA 394 43.79 86.57 67.96
N GLN GA 395 43.67 86.00 66.77
CA GLN GA 395 42.57 86.37 65.89
C GLN GA 395 41.27 85.80 66.41
N ALA GA 396 40.25 86.66 66.50
CA ALA GA 396 38.92 86.21 66.87
C ALA GA 396 38.17 85.60 65.70
N GLY GA 397 38.54 85.95 64.48
CA GLY GA 397 37.88 85.40 63.31
C GLY GA 397 36.42 85.76 63.28
N GLN GA 398 35.63 84.87 62.67
CA GLN GA 398 34.19 85.04 62.59
C GLN GA 398 33.44 84.30 63.68
N THR GA 399 34.04 84.18 64.87
CA THR GA 399 33.47 83.35 65.92
C THR GA 399 32.05 83.78 66.26
N ALA GA 400 31.80 85.09 66.29
CA ALA GA 400 30.46 85.56 66.61
C ALA GA 400 29.44 85.05 65.61
N ALA GA 401 29.80 85.08 64.32
CA ALA GA 401 28.90 84.53 63.31
C ALA GA 401 28.71 83.04 63.50
N ALA GA 402 29.76 82.34 63.90
CA ALA GA 402 29.68 80.89 64.03
C ALA GA 402 28.63 80.48 65.04
N VAL GA 403 28.69 81.05 66.26
CA VAL GA 403 27.71 80.70 67.27
C VAL GA 403 26.32 81.13 66.83
N ALA GA 404 26.23 82.22 66.07
CA ALA GA 404 24.93 82.62 65.54
C ALA GA 404 24.37 81.53 64.63
N LEU GA 405 25.23 80.88 63.84
CA LEU GA 405 24.76 79.82 62.96
C LEU GA 405 24.19 78.67 63.77
N ALA GA 406 24.92 78.22 64.80
CA ALA GA 406 24.39 77.16 65.64
C ALA GA 406 23.10 77.59 66.32
N GLN GA 407 23.01 78.87 66.67
CA GLN GA 407 21.77 79.40 67.23
C GLN GA 407 20.61 79.14 66.28
N ALA GA 408 20.80 79.45 65.00
CA ALA GA 408 19.77 79.18 64.01
C ALA GA 408 19.69 77.72 63.63
N MET GA 409 20.77 76.97 63.82
CA MET GA 409 20.78 75.58 63.38
C MET GA 409 19.98 74.67 64.30
N PHE GA 410 20.03 74.91 65.61
CA PHE GA 410 19.28 74.12 66.58
C PHE GA 410 18.40 75.07 67.36
N VAL GA 411 17.22 75.35 66.82
CA VAL GA 411 16.28 76.24 67.46
C VAL GA 411 15.48 75.48 68.50
N ALA HA 1 -12.84 82.44 138.41
CA ALA HA 1 -13.88 82.27 137.40
C ALA HA 1 -14.86 83.42 137.43
N GLN HA 2 -15.56 83.63 136.31
CA GLN HA 2 -16.52 84.72 136.22
C GLN HA 2 -17.75 84.38 137.05
N ARG HA 3 -18.12 85.25 137.97
CA ARG HA 3 -19.14 84.95 138.96
C ARG HA 3 -20.47 85.66 138.73
N GLN HA 4 -20.58 86.47 137.68
CA GLN HA 4 -21.83 87.16 137.40
C GLN HA 4 -22.04 87.26 135.90
N PHE HA 5 -23.30 87.18 135.47
CA PHE HA 5 -23.63 87.34 134.07
C PHE HA 5 -24.93 88.12 133.94
N PHE HA 6 -25.18 88.62 132.73
CA PHE HA 6 -26.37 89.37 132.40
C PHE HA 6 -26.99 88.78 131.15
N GLY HA 7 -28.25 89.12 130.92
CA GLY HA 7 -28.93 88.55 129.76
C GLY HA 7 -30.21 89.27 129.43
N LEU HA 8 -30.86 88.78 128.39
CA LEU HA 8 -32.10 89.36 127.89
C LEU HA 8 -32.93 88.28 127.23
N THR HA 9 -34.23 88.31 127.49
CA THR HA 9 -35.13 87.30 126.93
C THR HA 9 -35.55 87.68 125.50
N TYR HA 10 -36.15 86.71 124.82
CA TYR HA 10 -36.57 86.90 123.45
C TYR HA 10 -37.67 87.95 123.35
N ASN HA 11 -38.00 88.30 122.11
CA ASN HA 11 -39.03 89.27 121.82
C ASN HA 11 -40.18 88.59 121.08
N PHE HA 12 -41.39 88.72 121.59
CA PHE HA 12 -42.54 88.22 120.87
C PHE HA 12 -42.72 89.03 119.60
N TYR HA 13 -42.95 88.35 118.48
CA TYR HA 13 -43.16 89.03 117.21
C TYR HA 13 -44.65 89.35 117.08
N GLY HA 14 -45.11 90.25 117.95
CA GLY HA 14 -46.49 90.65 118.00
C GLY HA 14 -47.42 89.67 118.67
N GLN HA 15 -47.00 88.42 118.84
CA GLN HA 15 -47.82 87.44 119.51
C GLN HA 15 -47.87 87.74 121.00
N PRO HA 16 -48.90 87.28 121.71
CA PRO HA 16 -49.07 87.62 123.12
C PRO HA 16 -48.36 86.72 124.11
N ALA HA 17 -47.72 85.64 123.66
CA ALA HA 17 -47.14 84.68 124.59
C ALA HA 17 -45.90 84.08 123.96
N PRO HA 18 -44.99 83.53 124.77
CA PRO HA 18 -43.81 82.86 124.19
C PRO HA 18 -44.22 81.72 123.29
N LEU HA 19 -43.45 81.53 122.23
CA LEU HA 19 -43.87 80.69 121.11
C LEU HA 19 -43.29 79.29 121.23
N PHE HA 20 -43.97 78.47 122.01
CA PHE HA 20 -43.65 77.05 122.10
C PHE HA 20 -44.83 76.34 122.74
N ASP HA 21 -44.86 75.02 122.59
CA ASP HA 21 -45.90 74.21 123.19
C ASP HA 21 -45.27 73.13 124.06
N LEU HA 22 -46.13 72.45 124.82
CA LEU HA 22 -45.63 71.49 125.80
C LEU HA 22 -44.90 70.34 125.14
N ASN HA 23 -45.33 69.92 123.96
CA ASN HA 23 -44.64 68.81 123.30
C ASN HA 23 -43.20 69.17 123.01
N ASP HA 24 -42.94 70.40 122.55
CA ASP HA 24 -41.58 70.87 122.43
C ASP HA 24 -40.85 70.72 123.76
N LEU HA 25 -41.51 71.11 124.84
CA LEU HA 25 -40.94 70.93 126.17
C LEU HA 25 -40.77 69.46 126.52
N GLN HA 26 -41.43 68.57 125.80
CA GLN HA 26 -41.36 67.15 126.11
C GLN HA 26 -40.38 66.39 125.23
N GLU HA 27 -39.95 66.96 124.11
CA GLU HA 27 -39.16 66.23 123.13
C GLU HA 27 -37.77 66.82 122.93
N LEU HA 28 -37.19 67.41 123.98
CA LEU HA 28 -35.81 67.85 123.89
C LEU HA 28 -34.89 66.65 123.72
N ALA HA 29 -33.78 66.87 123.03
CA ALA HA 29 -32.88 65.78 122.68
C ALA HA 29 -32.01 65.32 123.84
N GLY HA 30 -31.82 66.14 124.86
CA GLY HA 30 -30.95 65.81 125.97
C GLY HA 30 -31.64 64.97 127.02
N CYS HA 31 -31.25 65.19 128.27
CA CYS HA 31 -31.96 64.55 129.37
C CYS HA 31 -33.39 65.07 129.43
N TYR HA 32 -34.25 64.31 130.08
CA TYR HA 32 -35.68 64.59 130.05
C TYR HA 32 -35.97 65.98 130.59
N ALA HA 33 -36.55 66.81 129.74
CA ALA HA 33 -37.15 68.09 130.13
C ALA HA 33 -36.15 69.06 130.74
N ARG HA 34 -34.88 68.97 130.39
CA ARG HA 34 -33.94 69.97 130.83
C ARG HA 34 -33.32 70.67 129.62
N PRO HA 35 -33.33 72.00 129.58
CA PRO HA 35 -32.78 72.69 128.41
C PRO HA 35 -31.28 72.82 128.42
N TRP HA 36 -30.65 72.71 129.59
CA TRP HA 36 -29.23 72.98 129.70
C TRP HA 36 -28.42 71.95 128.92
N THR HA 37 -27.25 72.38 128.46
CA THR HA 37 -26.27 71.54 127.75
C THR HA 37 -26.95 70.53 126.83
N SER HA 38 -27.83 71.03 125.98
CA SER HA 38 -28.59 70.18 125.08
C SER HA 38 -28.53 70.63 123.63
N ARG HA 39 -27.84 71.73 123.33
CA ARG HA 39 -27.90 72.32 122.00
C ARG HA 39 -27.25 71.47 120.94
N PHE HA 40 -26.52 70.42 121.31
CA PHE HA 40 -25.94 69.52 120.33
C PHE HA 40 -26.36 68.08 120.52
N SER HA 41 -27.22 67.79 121.50
CA SER HA 41 -27.56 66.41 121.81
C SER HA 41 -28.18 65.70 120.61
N HIS HA 42 -28.85 66.44 119.74
CA HIS HA 42 -29.51 65.81 118.61
C HIS HA 42 -28.55 65.32 117.55
N LEU HA 43 -27.24 65.58 117.69
CA LEU HA 43 -26.30 65.05 116.70
C LEU HA 43 -25.01 64.56 117.35
N ALA HA 44 -25.08 64.15 118.62
CA ALA HA 44 -23.88 63.60 119.26
C ALA HA 44 -23.39 62.36 118.53
N ILE HA 45 -24.31 61.49 118.15
CA ILE HA 45 -24.01 60.37 117.26
C ILE HA 45 -24.53 60.72 115.88
N SER HA 46 -23.72 60.51 114.87
CA SER HA 46 -24.09 60.94 113.53
C SER HA 46 -23.62 59.93 112.50
N THR HA 47 -24.27 59.96 111.34
CA THR HA 47 -23.84 59.20 110.18
C THR HA 47 -24.14 60.04 108.95
N GLY HA 48 -23.23 60.02 107.99
CA GLY HA 48 -23.40 60.79 106.78
C GLY HA 48 -23.26 62.28 107.05
N SER HA 49 -23.49 63.05 105.98
CA SER HA 49 -23.37 64.50 106.03
C SER HA 49 -24.70 65.21 105.95
N LEU HA 50 -25.80 64.48 105.80
CA LEU HA 50 -27.09 65.12 105.60
C LEU HA 50 -27.50 65.91 106.85
N PRO HA 51 -28.02 67.12 106.67
CA PRO HA 51 -28.51 67.88 107.83
C PRO HA 51 -29.67 67.17 108.49
N VAL HA 52 -29.79 67.36 109.79
CA VAL HA 52 -30.80 66.68 110.59
C VAL HA 52 -31.92 67.65 110.89
N TRP HA 53 -33.12 67.34 110.42
CA TRP HA 53 -34.29 68.15 110.69
C TRP HA 53 -35.53 67.30 110.45
N SER HA 54 -36.66 67.79 110.95
CA SER HA 54 -37.89 67.01 110.94
C SER HA 54 -39.07 67.92 110.72
N ALA HA 55 -40.27 67.34 110.81
CA ALA HA 55 -41.48 68.08 110.47
C ALA HA 55 -41.67 69.29 111.36
N ARG HA 56 -41.64 69.10 112.67
CA ARG HA 56 -41.80 70.20 113.61
C ARG HA 56 -40.47 70.78 114.06
N TYR HA 57 -39.37 70.32 113.47
CA TYR HA 57 -38.06 70.97 113.61
C TYR HA 57 -37.44 71.02 112.24
N PRO HA 58 -37.94 71.91 111.37
CA PRO HA 58 -37.65 71.83 109.94
C PRO HA 58 -36.41 72.58 109.48
N SER HA 59 -35.60 73.14 110.38
CA SER HA 59 -34.38 73.80 109.97
C SER HA 59 -33.30 73.47 110.99
N VAL HA 60 -32.04 73.58 110.54
CA VAL HA 60 -30.93 73.21 111.40
C VAL HA 60 -30.91 74.08 112.64
N ALA HA 61 -31.43 75.30 112.54
CA ALA HA 61 -31.48 76.19 113.68
C ALA HA 61 -32.75 76.05 114.50
N SER HA 62 -33.72 75.28 114.02
CA SER HA 62 -35.06 75.28 114.62
C SER HA 62 -35.00 74.88 116.09
N ARG HA 63 -34.27 73.81 116.40
CA ARG HA 63 -34.24 73.32 117.78
C ARG HA 63 -33.69 74.39 118.72
N ASN HA 64 -32.58 75.03 118.34
CA ASN HA 64 -32.01 76.04 119.21
C ASN HA 64 -32.94 77.22 119.38
N ILE HA 65 -33.62 77.62 118.30
CA ILE HA 65 -34.57 78.72 118.39
C ILE HA 65 -35.67 78.38 119.38
N ILE HA 66 -36.20 77.16 119.30
CA ILE HA 66 -37.26 76.74 120.21
C ILE HA 66 -36.77 76.81 121.64
N VAL HA 67 -35.57 76.30 121.89
CA VAL HA 67 -35.02 76.32 123.24
C VAL HA 67 -34.96 77.74 123.77
N ASN HA 68 -34.50 78.67 122.93
CA ASN HA 68 -34.38 80.05 123.38
C ASN HA 68 -35.75 80.61 123.79
N THR HA 69 -36.76 80.40 122.94
CA THR HA 69 -38.10 80.86 123.29
C THR HA 69 -38.58 80.20 124.57
N LEU HA 70 -38.32 78.90 124.70
CA LEU HA 70 -38.75 78.18 125.89
C LEU HA 70 -38.15 78.80 127.15
N LEU HA 71 -36.85 79.07 127.12
CA LEU HA 71 -36.18 79.60 128.30
C LEU HA 71 -36.76 80.95 128.70
N GLY HA 72 -37.29 81.71 127.73
CA GLY HA 72 -37.80 83.02 128.04
C GLY HA 72 -38.92 83.02 129.05
N ALA HA 73 -39.60 81.89 129.23
CA ALA HA 73 -40.74 81.83 130.13
C ALA HA 73 -40.36 81.46 131.55
N HIS HA 74 -39.18 80.90 131.77
CA HIS HA 74 -38.85 80.33 133.08
C HIS HA 74 -37.63 80.96 133.72
N LEU HA 75 -37.09 82.04 133.16
CA LEU HA 75 -35.91 82.66 133.72
C LEU HA 75 -36.24 83.78 134.70
N ASN HA 76 -37.43 83.74 135.29
CA ASN HA 76 -37.80 84.76 136.26
C ASN HA 76 -36.82 84.93 137.43
N PRO HA 77 -36.23 83.86 138.00
CA PRO HA 77 -35.36 84.08 139.16
C PRO HA 77 -34.25 85.09 138.93
N PHE HA 78 -33.71 85.16 137.71
CA PHE HA 78 -32.69 86.15 137.44
C PHE HA 78 -33.27 87.52 137.14
N ALA HA 79 -34.59 87.67 137.20
CA ALA HA 79 -35.24 88.96 137.09
C ALA HA 79 -36.00 89.33 138.34
N GLY HA 80 -36.88 88.46 138.81
CA GLY HA 80 -37.66 88.71 140.01
C GLY HA 80 -37.10 88.10 141.26
N GLY HA 81 -35.99 87.38 141.17
CA GLY HA 81 -35.41 86.78 142.35
C GLY HA 81 -36.17 85.60 142.89
N GLN HA 82 -37.17 85.10 142.15
CA GLN HA 82 -37.97 83.99 142.63
C GLN HA 82 -38.28 83.05 141.48
N VAL HA 83 -38.41 81.78 141.80
CA VAL HA 83 -38.87 80.79 140.85
C VAL HA 83 -40.38 80.91 140.72
N THR HA 84 -40.87 80.77 139.50
CA THR HA 84 -42.29 80.86 139.21
C THR HA 84 -42.72 79.64 138.40
N SER HA 85 -43.99 79.59 138.06
CA SER HA 85 -44.55 78.51 137.26
C SER HA 85 -45.33 79.10 136.12
N HIS HA 86 -45.36 78.36 135.01
CA HIS HA 86 -46.11 78.77 133.83
C HIS HA 86 -46.86 77.56 133.30
N GLN HA 87 -48.18 77.67 133.24
CA GLN HA 87 -49.04 76.58 132.77
C GLN HA 87 -48.77 75.31 133.57
N GLY HA 88 -48.58 75.46 134.87
CA GLY HA 88 -48.43 74.31 135.75
C GLY HA 88 -47.12 73.58 135.67
N ILE HA 89 -46.08 74.22 135.15
CA ILE HA 89 -44.77 73.59 135.02
C ILE HA 89 -43.72 74.52 135.59
N THR HA 90 -42.78 73.96 136.32
CA THR HA 90 -41.71 74.74 136.94
C THR HA 90 -40.50 73.84 137.14
N TRP HA 91 -39.52 74.35 137.88
CA TRP HA 91 -38.29 73.62 138.13
C TRP HA 91 -38.46 72.64 139.27
N ARG HA 92 -37.72 71.54 139.20
CA ARG HA 92 -37.73 70.57 140.30
C ARG HA 92 -37.17 71.16 141.57
N ASP HA 93 -36.09 71.93 141.47
CA ASP HA 93 -35.33 72.33 142.63
C ASP HA 93 -34.75 73.72 142.37
N PRO HA 94 -34.34 74.43 143.42
CA PRO HA 94 -33.72 75.75 143.19
C PRO HA 94 -32.47 75.69 142.35
N VAL HA 95 -31.80 74.53 142.29
CA VAL HA 95 -30.66 74.37 141.39
C VAL HA 95 -31.08 74.36 139.93
N LEU HA 96 -32.37 74.22 139.66
CA LEU HA 96 -32.91 74.24 138.30
C LEU HA 96 -32.37 73.07 137.48
N SER HA 97 -32.40 71.87 138.07
CA SER HA 97 -31.93 70.69 137.37
C SER HA 97 -32.75 70.42 136.12
N SER HA 98 -34.08 70.44 136.25
CA SER HA 98 -34.95 70.16 135.13
C SER HA 98 -36.34 70.68 135.45
N LEU HA 99 -37.20 70.67 134.44
CA LEU HA 99 -38.57 71.13 134.58
C LEU HA 99 -39.49 69.96 134.87
N ALA HA 100 -40.60 70.25 135.55
CA ALA HA 100 -41.54 69.22 135.97
C ALA HA 100 -42.87 69.88 136.26
N PRO HA 101 -43.97 69.12 136.26
CA PRO HA 101 -45.25 69.69 136.65
C PRO HA 101 -45.21 70.17 138.10
N VAL HA 102 -45.98 71.21 138.37
CA VAL HA 102 -45.95 71.83 139.70
C VAL HA 102 -46.48 70.84 140.73
N PRO HA 103 -45.84 70.70 141.88
CA PRO HA 103 -46.40 69.84 142.93
C PRO HA 103 -47.51 70.57 143.68
N ALA HA 104 -48.45 69.79 144.19
CA ALA HA 104 -49.59 70.34 144.91
C ALA HA 104 -49.31 70.42 146.41
N ILE HA 105 -48.17 71.00 146.78
CA ILE HA 105 -47.82 71.18 148.19
C ILE HA 105 -47.58 72.65 148.45
N GLN HA 106 -46.57 73.21 147.81
CA GLN HA 106 -46.24 74.63 147.92
C GLN HA 106 -46.10 75.19 146.51
N PRO HA 107 -47.21 75.40 145.82
CA PRO HA 107 -47.15 75.86 144.44
C PRO HA 107 -46.54 77.24 144.36
N PRO HA 108 -45.52 77.43 143.54
CA PRO HA 108 -44.90 78.74 143.39
C PRO HA 108 -45.85 79.70 142.70
N PRO HA 109 -45.62 81.00 142.83
CA PRO HA 109 -46.51 81.97 142.18
C PRO HA 109 -46.47 81.84 140.67
N VAL HA 110 -47.60 82.15 140.04
CA VAL HA 110 -47.70 82.06 138.59
C VAL HA 110 -46.89 83.17 137.94
N TRP HA 111 -46.11 82.81 136.93
CA TRP HA 111 -45.31 83.79 136.22
C TRP HA 111 -46.20 84.77 135.47
N ALA HA 112 -45.82 86.04 135.51
CA ALA HA 112 -46.49 87.07 134.72
C ALA HA 112 -45.79 87.17 133.37
N VAL HA 113 -46.59 87.12 132.30
CA VAL HA 113 -46.01 87.06 130.97
C VAL HA 113 -45.46 88.42 130.58
N ALA HA 114 -44.22 88.43 130.08
CA ALA HA 114 -43.58 89.63 129.57
C ALA HA 114 -42.48 89.21 128.61
N GLU HA 115 -41.91 90.19 127.92
CA GLU HA 115 -40.87 89.91 126.94
C GLU HA 115 -39.71 90.88 127.11
N ASN HA 116 -38.53 90.44 126.67
CA ASN HA 116 -37.34 91.27 126.68
C ASN HA 116 -37.02 91.79 128.07
N VAL HA 117 -37.16 90.93 129.08
CA VAL HA 117 -36.82 91.32 130.44
C VAL HA 117 -35.32 91.21 130.62
N PRO HA 118 -34.65 92.25 131.09
CA PRO HA 118 -33.21 92.14 131.37
C PRO HA 118 -32.95 91.21 132.53
N LEU HA 119 -31.80 90.55 132.49
CA LEU HA 119 -31.46 89.54 133.48
C LEU HA 119 -30.16 89.90 134.19
N ASP HA 120 -30.10 89.51 135.47
CA ASP HA 120 -28.91 89.71 136.28
C ASP HA 120 -28.79 88.55 137.25
N SER HA 121 -27.66 87.85 137.19
CA SER HA 121 -27.47 86.68 138.05
C SER HA 121 -27.49 87.05 139.53
N ASN HA 122 -27.14 88.30 139.85
CA ASN HA 122 -27.11 88.71 141.25
C ASN HA 122 -28.49 88.79 141.88
N ASN HA 123 -29.55 88.71 141.08
CA ASN HA 123 -30.90 88.69 141.64
C ASN HA 123 -31.23 87.38 142.32
N TYR HA 124 -30.42 86.34 142.12
CA TYR HA 124 -30.72 84.99 142.60
C TYR HA 124 -29.50 84.48 143.35
N PRO HA 125 -29.39 84.79 144.64
CA PRO HA 125 -28.15 84.52 145.37
C PRO HA 125 -27.73 83.07 145.36
N THR HA 126 -28.68 82.14 145.33
CA THR HA 126 -28.33 80.73 145.44
C THR HA 126 -27.44 80.28 144.29
N TYR HA 127 -27.50 80.97 143.16
CA TYR HA 127 -26.63 80.62 142.03
C TYR HA 127 -25.17 80.73 142.43
N VAL HA 128 -24.81 81.81 143.13
CA VAL HA 128 -23.43 81.99 143.56
C VAL HA 128 -23.02 80.85 144.48
N LEU HA 129 -23.90 80.47 145.40
CA LEU HA 129 -23.57 79.40 146.33
C LEU HA 129 -23.39 78.07 145.60
N ASN HA 130 -24.24 77.78 144.63
CA ASN HA 130 -24.19 76.52 143.90
C ASN HA 130 -23.55 76.68 142.53
N LEU HA 131 -22.56 77.56 142.42
CA LEU HA 131 -21.94 77.84 141.14
C LEU HA 131 -21.37 76.58 140.51
N SER HA 132 -20.72 75.74 141.32
CA SER HA 132 -20.04 74.57 140.80
C SER HA 132 -20.97 73.61 140.07
N SER HA 133 -22.27 73.64 140.39
CA SER HA 133 -23.23 72.77 139.72
C SER HA 133 -24.18 73.53 138.81
N MET HA 134 -24.28 74.84 138.93
CA MET HA 134 -25.14 75.64 138.08
C MET HA 134 -24.37 76.33 136.97
N TRP HA 135 -23.09 76.00 136.80
CA TRP HA 135 -22.26 76.65 135.79
C TRP HA 135 -22.84 76.59 134.38
N PRO HA 136 -23.38 75.47 133.88
CA PRO HA 136 -23.87 75.46 132.50
C PRO HA 136 -24.93 76.50 132.22
N ILE HA 137 -25.69 76.91 133.23
CA ILE HA 137 -26.69 77.96 133.03
C ILE HA 137 -26.02 79.21 132.49
N ASN HA 138 -24.83 79.51 132.96
CA ASN HA 138 -24.10 80.68 132.48
C ASN HA 138 -23.95 80.65 130.96
N GLN HA 139 -23.48 79.53 130.42
CA GLN HA 139 -23.24 79.46 128.99
C GLN HA 139 -24.55 79.59 128.21
N ASP HA 140 -25.56 78.81 128.60
CA ASP HA 140 -26.80 78.79 127.82
C ASP HA 140 -27.49 80.15 127.83
N VAL HA 141 -27.56 80.79 129.00
CA VAL HA 141 -28.21 82.09 129.07
C VAL HA 141 -27.50 83.09 128.16
N HIS HA 142 -26.17 83.08 128.19
CA HIS HA 142 -25.42 83.98 127.33
C HIS HA 142 -25.73 83.70 125.86
N ILE HA 143 -25.83 82.42 125.49
CA ILE HA 143 -26.16 82.07 124.12
C ILE HA 143 -27.52 82.63 123.74
N MET HA 144 -28.50 82.45 124.61
CA MET HA 144 -29.84 82.95 124.32
C MET HA 144 -29.81 84.46 124.13
N THR HA 145 -29.07 85.16 124.99
CA THR HA 145 -29.01 86.61 124.88
C THR HA 145 -28.39 87.02 123.56
N MET HA 146 -27.30 86.36 123.16
CA MET HA 146 -26.64 86.72 121.92
C MET HA 146 -27.53 86.53 120.70
N TRP HA 147 -28.54 85.66 120.80
CA TRP HA 147 -29.48 85.52 119.70
C TRP HA 147 -30.64 86.48 119.83
N ALA HA 148 -31.13 86.70 121.05
CA ALA HA 148 -32.30 87.53 121.23
C ALA HA 148 -32.05 88.96 120.77
N LEU HA 149 -30.80 89.41 120.82
CA LEU HA 149 -30.50 90.79 120.49
C LEU HA 149 -30.63 91.10 119.00
N SER HA 150 -30.78 90.09 118.16
CA SER HA 150 -30.80 90.29 116.71
C SER HA 150 -32.10 89.79 116.11
N ASP HA 151 -32.61 90.54 115.15
CA ASP HA 151 -33.80 90.16 114.41
C ASP HA 151 -33.48 89.34 113.16
N GLN HA 152 -32.20 89.16 112.84
CA GLN HA 152 -31.83 88.56 111.56
C GLN HA 152 -30.82 87.44 111.66
N GLY HA 153 -29.98 87.41 112.69
CA GLY HA 153 -29.00 86.37 112.83
C GLY HA 153 -28.14 86.57 114.06
N PRO HA 154 -27.64 85.49 114.64
CA PRO HA 154 -26.96 85.59 115.93
C PRO HA 154 -25.73 86.49 115.86
N ILE HA 155 -25.46 87.16 116.97
CA ILE HA 155 -24.35 88.09 117.10
C ILE HA 155 -23.21 87.40 117.83
N TYR HA 156 -22.00 87.58 117.32
CA TYR HA 156 -20.81 87.03 117.97
C TYR HA 156 -19.65 87.98 117.76
N HIS HA 157 -18.53 87.65 118.41
CA HIS HA 157 -17.41 88.57 118.61
C HIS HA 157 -16.14 87.98 118.04
N LEU HA 158 -15.33 88.85 117.41
CA LEU HA 158 -14.02 88.50 116.89
C LEU HA 158 -12.97 89.44 117.48
N GLU HA 159 -11.75 88.93 117.63
CA GLU HA 159 -10.65 89.79 118.04
C GLU HA 159 -9.33 89.10 117.72
N VAL HA 160 -8.31 89.92 117.48
CA VAL HA 160 -6.95 89.43 117.25
C VAL HA 160 -5.98 90.38 117.95
N PRO HA 161 -5.07 89.87 118.77
CA PRO HA 161 -4.12 90.75 119.46
C PRO HA 161 -2.95 91.13 118.56
N VAL HA 162 -2.13 92.04 119.07
CA VAL HA 162 -0.95 92.46 118.32
C VAL HA 162 0.16 91.43 118.42
N ASP HA 163 0.22 90.69 119.51
CA ASP HA 163 1.26 89.69 119.67
C ASP HA 163 0.98 88.48 118.81
N PRO HA 164 2.02 87.74 118.43
CA PRO HA 164 1.80 86.48 117.72
C PRO HA 164 1.15 85.46 118.64
N MET HA 165 0.66 84.40 118.02
CA MET HA 165 -0.04 83.36 118.76
C MET HA 165 0.89 82.76 119.82
N PRO HA 166 0.52 82.79 121.09
CA PRO HA 166 1.40 82.28 122.14
C PRO HA 166 1.63 80.78 121.98
N ALA HA 167 2.83 80.35 122.38
CA ALA HA 167 3.24 78.98 122.13
C ALA HA 167 2.32 77.98 122.80
N ALA HA 168 1.88 78.28 124.02
CA ALA HA 168 1.02 77.34 124.75
C ALA HA 168 -0.22 77.01 123.95
N THR HA 169 -0.84 78.03 123.34
CA THR HA 169 -2.02 77.77 122.51
C THR HA 169 -1.67 76.88 121.33
N THR HA 170 -0.53 77.13 120.69
CA THR HA 170 -0.13 76.31 119.55
C THR HA 170 -0.07 74.83 119.93
N ALA HA 171 0.39 74.55 121.16
CA ALA HA 171 0.41 73.17 121.61
C ALA HA 171 -0.99 72.58 121.67
N ALA HA 172 -1.97 73.39 122.07
CA ALA HA 172 -3.33 72.88 122.14
C ALA HA 172 -3.97 72.76 120.77
N LEU HA 173 -3.67 73.70 119.87
CA LEU HA 173 -4.34 73.72 118.57
C LEU HA 173 -4.07 72.45 117.78
N MET HA 174 -2.84 71.94 117.85
CA MET HA 174 -2.47 70.81 117.01
C MET HA 174 -3.32 69.59 117.28
N ALA HA 175 -4.01 69.55 118.42
CA ALA HA 175 -4.90 68.43 118.69
C ALA HA 175 -6.10 68.41 117.77
N TYR HA 176 -6.34 69.47 117.01
CA TYR HA 176 -7.55 69.60 116.21
C TYR HA 176 -7.25 69.71 114.72
N ILE HA 177 -6.17 69.09 114.27
CA ILE HA 177 -5.93 69.04 112.83
C ILE HA 177 -6.93 68.11 112.19
N GLY HA 178 -7.50 68.53 111.07
CA GLY HA 178 -8.33 67.65 110.28
C GLY HA 178 -9.71 67.35 110.84
N VAL HA 179 -10.26 68.24 111.66
CA VAL HA 179 -11.61 68.03 112.18
C VAL HA 179 -12.50 69.15 111.63
N PRO HA 180 -13.70 68.84 111.17
CA PRO HA 180 -14.53 69.88 110.54
C PRO HA 180 -15.02 70.90 111.56
N ILE HA 181 -15.49 72.02 111.02
CA ILE HA 181 -15.90 73.14 111.86
C ILE HA 181 -17.04 72.73 112.79
N ALA HA 182 -18.01 71.96 112.26
CA ALA HA 182 -19.17 71.59 113.07
C ALA HA 182 -18.75 70.83 114.31
N HIS HA 183 -17.86 69.85 114.15
CA HIS HA 183 -17.38 69.11 115.30
C HIS HA 183 -16.69 70.03 116.29
N LEU HA 184 -15.88 70.97 115.78
CA LEU HA 184 -15.19 71.90 116.65
C LEU HA 184 -16.17 72.68 117.50
N ALA HA 185 -17.22 73.19 116.88
CA ALA HA 185 -18.22 73.95 117.64
C ALA HA 185 -18.81 73.10 118.74
N GLN HA 186 -19.12 71.83 118.42
CA GLN HA 186 -19.63 70.93 119.43
C GLN HA 186 -18.64 70.76 120.57
N THR HA 187 -17.36 70.62 120.25
CA THR HA 187 -16.35 70.53 121.29
C THR HA 187 -16.30 71.81 122.12
N ALA HA 188 -16.32 72.96 121.44
CA ALA HA 188 -16.25 74.22 122.16
C ALA HA 188 -17.44 74.38 123.10
N TYR HA 189 -18.62 73.97 122.64
CA TYR HA 189 -19.79 74.07 123.49
C TYR HA 189 -19.63 73.23 124.75
N ARG HA 190 -19.13 72.01 124.60
CA ARG HA 190 -18.96 71.14 125.75
C ARG HA 190 -17.95 71.72 126.74
N PHE HA 191 -16.85 72.27 126.22
CA PHE HA 191 -15.79 72.75 127.10
C PHE HA 191 -16.30 73.79 128.07
N ALA HA 192 -16.96 74.82 127.55
CA ALA HA 192 -17.48 75.87 128.42
C ALA HA 192 -18.75 75.46 129.12
N GLY HA 193 -19.22 74.23 128.91
CA GLY HA 193 -20.52 73.84 129.41
C GLY HA 193 -20.54 73.24 130.80
N GLN HA 194 -19.60 72.35 131.11
CA GLN HA 194 -19.73 71.54 132.32
C GLN HA 194 -19.22 72.23 133.58
N LEU HA 195 -17.94 72.57 133.62
CA LEU HA 195 -17.39 73.07 134.86
C LEU HA 195 -16.95 74.52 134.72
N PRO HA 196 -16.96 75.29 135.80
CA PRO HA 196 -16.50 76.68 135.73
C PRO HA 196 -15.04 76.75 135.34
N GLN HA 197 -14.71 77.75 134.52
CA GLN HA 197 -13.37 77.93 134.02
C GLN HA 197 -12.92 79.37 134.26
N SER HA 198 -11.61 79.54 134.33
CA SER HA 198 -11.09 80.90 134.49
C SER HA 198 -11.00 81.60 133.14
N PRO HA 199 -11.28 82.90 133.07
CA PRO HA 199 -11.14 83.60 131.80
C PRO HA 199 -9.73 83.52 131.25
N ASP HA 200 -8.74 83.59 132.12
CA ASP HA 200 -7.36 83.36 131.72
C ASP HA 200 -7.12 81.85 131.71
N SER HA 201 -7.08 81.27 130.52
CA SER HA 201 -6.87 79.84 130.40
C SER HA 201 -6.40 79.53 128.98
N THR HA 202 -5.49 78.56 128.88
CA THR HA 202 -4.96 78.19 127.57
C THR HA 202 -6.08 77.76 126.64
N MET HA 203 -7.00 76.95 127.14
CA MET HA 203 -8.09 76.46 126.31
C MET HA 203 -8.94 77.62 125.82
N VAL HA 204 -9.19 78.61 126.69
CA VAL HA 204 -10.04 79.74 126.31
C VAL HA 204 -9.41 80.48 125.15
N SER HA 205 -8.15 80.88 125.30
CA SER HA 205 -7.48 81.61 124.23
C SER HA 205 -7.37 80.76 122.98
N THR HA 206 -7.26 79.45 123.14
CA THR HA 206 -7.19 78.56 121.99
C THR HA 206 -8.44 78.71 121.13
N ILE HA 207 -9.61 78.61 121.75
CA ILE HA 207 -10.85 78.71 120.98
C ILE HA 207 -11.00 80.10 120.40
N ARG HA 208 -10.56 81.12 121.14
CA ARG HA 208 -10.63 82.48 120.63
C ARG HA 208 -9.88 82.60 119.32
N TRP HA 209 -8.67 82.04 119.26
CA TRP HA 209 -7.92 82.06 118.01
C TRP HA 209 -8.64 81.27 116.93
N LEU HA 210 -9.22 80.12 117.29
CA LEU HA 210 -9.97 79.34 116.33
C LEU HA 210 -11.05 80.18 115.67
N SER HA 211 -11.82 80.91 116.48
CA SER HA 211 -12.88 81.74 115.94
C SER HA 211 -12.31 82.76 114.96
N ALA HA 212 -11.21 83.39 115.33
CA ALA HA 212 -10.59 84.36 114.42
C ALA HA 212 -10.11 83.70 113.15
N ILE HA 213 -9.45 82.55 113.28
CA ILE HA 213 -8.88 81.89 112.11
C ILE HA 213 -9.96 81.51 111.13
N TRP HA 214 -11.06 80.94 111.63
CA TRP HA 214 -12.13 80.50 110.73
C TRP HA 214 -12.70 81.67 109.95
N PHE HA 215 -12.90 82.80 110.62
CA PHE HA 215 -13.38 83.98 109.91
C PHE HA 215 -12.38 84.41 108.84
N GLY HA 216 -11.09 84.39 109.18
CA GLY HA 216 -10.09 84.75 108.20
C GLY HA 216 -10.13 83.86 106.98
N SER HA 217 -10.33 82.56 107.18
CA SER HA 217 -10.50 81.67 106.05
C SER HA 217 -11.85 81.88 105.38
N LEU HA 218 -12.86 82.27 106.14
CA LEU HA 218 -14.19 82.45 105.56
C LEU HA 218 -14.17 83.50 104.47
N THR HA 219 -13.48 84.61 104.71
CA THR HA 219 -13.30 85.62 103.68
C THR HA 219 -12.32 85.18 102.61
N GLY HA 220 -11.62 84.06 102.82
CA GLY HA 220 -10.57 83.65 101.92
C GLY HA 220 -9.26 84.36 102.12
N ARG HA 221 -9.21 85.33 103.04
CA ARG HA 221 -7.95 86.02 103.31
C ARG HA 221 -6.89 85.05 103.79
N LEU HA 222 -7.27 84.10 104.63
CA LEU HA 222 -6.40 83.03 105.05
C LEU HA 222 -6.65 81.82 104.17
N ASN HA 223 -5.58 81.28 103.60
CA ASN HA 223 -5.67 80.10 102.75
C ASN HA 223 -4.32 79.40 102.79
N ARG HA 224 -4.22 78.29 102.05
CA ARG HA 224 -3.01 77.49 102.13
C ARG HA 224 -1.78 78.23 101.62
N SER HA 225 -1.96 79.36 100.93
CA SER HA 225 -0.83 80.20 100.57
C SER HA 225 -0.51 81.24 101.64
N ARG HA 226 -1.44 81.50 102.56
CA ARG HA 226 -1.24 82.51 103.59
C ARG HA 226 -1.91 82.01 104.86
N THR HA 227 -1.13 81.39 105.74
CA THR HA 227 -1.67 80.81 106.96
C THR HA 227 -1.56 81.80 108.11
N CYS HA 228 -2.32 81.50 109.18
CA CYS HA 228 -2.21 82.31 110.39
C CYS HA 228 -0.91 82.02 111.11
N ASN HA 229 -0.74 80.77 111.56
CA ASN HA 229 0.52 80.32 112.13
C ASN HA 229 0.84 78.93 111.62
N GLY HA 230 0.66 78.74 110.32
CA GLY HA 230 0.61 77.42 109.75
C GLY HA 230 -0.78 76.84 109.67
N PHE HA 231 -1.71 77.38 110.45
CA PHE HA 231 -3.09 76.91 110.47
C PHE HA 231 -3.92 77.67 109.45
N TYR HA 232 -4.93 77.00 108.94
CA TYR HA 232 -5.92 77.58 108.03
C TYR HA 232 -7.00 76.54 107.83
N PHE HA 233 -8.11 76.97 107.23
CA PHE HA 233 -9.26 76.10 107.03
C PHE HA 233 -9.36 75.72 105.56
N GLU HA 234 -9.53 74.44 105.31
CA GLU HA 234 -9.70 73.91 103.96
C GLU HA 234 -11.17 73.95 103.57
N PHE HA 235 -11.43 74.00 102.27
CA PHE HA 235 -12.79 74.04 101.77
C PHE HA 235 -12.97 73.04 100.63
N ALA HA 236 -14.16 72.45 100.57
CA ALA HA 236 -14.55 71.59 99.47
C ALA HA 236 -15.34 72.38 98.44
N LYS HA 237 -15.53 71.77 97.28
CA LYS HA 237 -16.30 72.42 96.22
C LYS HA 237 -17.73 72.64 96.69
N PRO HA 238 -18.30 73.83 96.51
CA PRO HA 238 -19.66 74.07 97.02
C PRO HA 238 -20.71 73.21 96.37
N ALA HA 239 -20.44 72.66 95.19
CA ALA HA 239 -21.43 71.83 94.50
C ALA HA 239 -21.73 70.56 95.27
N LEU HA 240 -20.87 70.16 96.20
CA LEU HA 240 -21.06 68.93 96.95
C LEU HA 240 -20.24 69.02 98.22
N ASN HA 241 -20.84 68.67 99.35
CA ASN HA 241 -20.25 68.90 100.66
C ASN HA 241 -19.89 70.38 100.80
N PRO HA 242 -20.85 71.29 100.67
CA PRO HA 242 -20.51 72.71 100.74
C PRO HA 242 -20.12 73.19 102.11
N ASP HA 243 -20.18 72.32 103.12
CA ASP HA 243 -19.99 72.71 104.50
C ASP HA 243 -18.88 71.96 105.21
N GLN HA 244 -18.18 71.06 104.54
CA GLN HA 244 -17.17 70.24 105.19
C GLN HA 244 -15.81 70.95 105.18
N ALA HA 245 -15.79 72.13 105.77
CA ALA HA 245 -14.55 72.86 105.96
C ALA HA 245 -13.83 72.33 107.19
N VAL HA 246 -12.55 72.00 107.03
CA VAL HA 246 -11.77 71.40 108.10
C VAL HA 246 -10.54 72.24 108.35
N LEU HA 247 -9.94 72.05 109.51
CA LEU HA 247 -8.73 72.76 109.90
C LEU HA 247 -7.52 72.02 109.38
N LYS HA 248 -6.55 72.77 108.86
CA LYS HA 248 -5.33 72.21 108.31
C LYS HA 248 -4.13 73.01 108.79
N TRP HA 249 -3.00 72.33 108.91
CA TRP HA 249 -1.74 72.97 109.25
C TRP HA 249 -0.78 72.82 108.09
N ASN HA 250 0.04 73.84 107.86
CA ASN HA 250 0.89 73.87 106.68
C ASN HA 250 2.15 74.65 107.00
N ASP HA 251 3.20 74.39 106.23
CA ASP HA 251 4.50 74.98 106.44
C ASP HA 251 4.73 76.23 105.58
N GLY HA 252 3.68 76.75 104.95
CA GLY HA 252 3.82 77.87 104.05
C GLY HA 252 3.97 79.19 104.77
N ALA HA 253 3.75 80.27 104.04
CA ALA HA 253 3.93 81.60 104.57
C ALA HA 253 2.90 81.89 105.66
N ARG HA 254 3.27 82.84 106.53
CA ARG HA 254 2.41 83.26 107.63
C ARG HA 254 2.08 84.73 107.49
N ALA HA 255 0.83 85.08 107.70
CA ALA HA 255 0.43 86.48 107.69
C ALA HA 255 1.04 87.20 108.88
N ALA HA 256 1.54 88.40 108.64
CA ALA HA 256 2.15 89.18 109.71
C ALA HA 256 1.07 89.73 110.64
N PRO HA 257 1.42 89.99 111.90
CA PRO HA 257 0.43 90.47 112.86
C PRO HA 257 -0.08 91.85 112.50
N PRO HA 258 -1.27 92.22 112.96
CA PRO HA 258 -1.81 93.54 112.62
C PRO HA 258 -1.03 94.65 113.29
N ALA HA 259 -1.20 95.86 112.75
CA ALA HA 259 -0.57 97.03 113.34
C ALA HA 259 -1.09 97.30 114.75
N ALA HA 260 -2.40 97.18 114.94
CA ALA HA 260 -3.02 97.40 116.24
C ALA HA 260 -4.02 96.30 116.50
N ALA HA 261 -4.45 96.20 117.76
CA ALA HA 261 -5.41 95.18 118.13
C ALA HA 261 -6.72 95.38 117.37
N GLN HA 262 -7.27 94.28 116.87
CA GLN HA 262 -8.51 94.30 116.10
C GLN HA 262 -9.58 93.54 116.85
N SER HA 263 -10.81 94.06 116.80
CA SER HA 263 -11.95 93.41 117.43
C SER HA 263 -13.22 94.00 116.88
N SER HA 264 -14.25 93.17 116.74
CA SER HA 264 -15.55 93.63 116.29
C SER HA 264 -16.58 92.57 116.58
N TYR HA 265 -17.85 92.97 116.48
CA TYR HA 265 -18.98 92.06 116.55
C TYR HA 265 -19.48 91.75 115.16
N MET HA 266 -19.95 90.52 114.97
CA MET HA 266 -20.35 90.03 113.66
C MET HA 266 -21.76 89.46 113.71
N ARG HA 267 -22.38 89.44 112.54
CA ARG HA 267 -23.76 88.95 112.41
C ARG HA 267 -24.02 88.60 110.96
N CYS HA 268 -24.88 87.62 110.75
CA CYS HA 268 -25.37 87.30 109.41
C CYS HA 268 -26.62 88.10 109.13
N ILE HA 269 -26.63 88.79 107.99
CA ILE HA 269 -27.68 89.75 107.69
C ILE HA 269 -28.76 89.17 106.79
N SER HA 270 -28.70 87.87 106.49
CA SER HA 270 -29.66 87.25 105.60
C SER HA 270 -30.19 85.99 106.24
N PRO HA 271 -31.44 85.61 105.95
CA PRO HA 271 -32.04 84.44 106.61
C PRO HA 271 -31.37 83.13 106.29
N HIS HA 272 -30.36 83.11 105.41
CA HIS HA 272 -29.77 81.84 104.99
C HIS HA 272 -29.23 81.06 106.17
N TRP HA 273 -28.85 81.74 107.26
CA TRP HA 273 -28.20 81.06 108.37
C TRP HA 273 -29.13 80.03 109.01
N GLN HA 274 -30.45 80.25 108.94
CA GLN HA 274 -31.37 79.37 109.65
C GLN HA 274 -31.29 77.93 109.17
N HIS HA 275 -30.76 77.69 107.97
CA HIS HA 275 -30.61 76.33 107.47
C HIS HA 275 -29.19 76.02 107.06
N GLN HA 276 -28.23 76.89 107.35
CA GLN HA 276 -26.83 76.69 106.97
C GLN HA 276 -26.03 76.41 108.23
N ILE HA 277 -25.42 75.23 108.28
CA ILE HA 277 -24.83 74.75 109.52
C ILE HA 277 -23.64 75.61 109.94
N VAL HA 278 -22.81 76.01 108.98
CA VAL HA 278 -21.54 76.63 109.33
C VAL HA 278 -21.75 77.95 110.06
N GLU HA 279 -22.80 78.69 109.69
CA GLU HA 279 -23.10 79.92 110.43
C GLU HA 279 -23.41 79.61 111.88
N VAL HA 280 -24.22 78.59 112.12
CA VAL HA 280 -24.56 78.21 113.48
C VAL HA 280 -23.31 77.81 114.24
N ALA HA 281 -22.47 77.00 113.61
CA ALA HA 281 -21.25 76.55 114.28
C ALA HA 281 -20.36 77.73 114.63
N GLY HA 282 -20.10 78.60 113.66
CA GLY HA 282 -19.22 79.73 113.91
C GLY HA 282 -19.75 80.63 115.00
N ALA HA 283 -21.05 80.94 114.94
CA ALA HA 283 -21.65 81.79 115.95
C ALA HA 283 -21.53 81.16 117.34
N LEU HA 284 -21.90 79.88 117.45
CA LEU HA 284 -21.84 79.22 118.74
C LEU HA 284 -20.43 79.18 119.27
N MET HA 285 -19.45 78.86 118.41
CA MET HA 285 -18.08 78.77 118.86
C MET HA 285 -17.61 80.09 119.45
N SER HA 286 -17.82 81.19 118.72
CA SER HA 286 -17.44 82.49 119.24
C SER HA 286 -18.20 82.82 120.51
N GLN HA 287 -19.51 82.56 120.52
CA GLN HA 287 -20.30 82.86 121.70
C GLN HA 287 -19.83 82.09 122.91
N SER HA 288 -19.33 80.87 122.71
CA SER HA 288 -18.84 80.08 123.83
C SER HA 288 -17.69 80.79 124.53
N VAL HA 289 -16.77 81.37 123.77
CA VAL HA 289 -15.66 82.12 124.38
C VAL HA 289 -16.20 83.30 125.17
N THR HA 290 -17.10 84.06 124.57
CA THR HA 290 -17.65 85.22 125.27
C THR HA 290 -18.39 84.81 126.53
N ALA HA 291 -18.96 83.61 126.53
CA ALA HA 291 -19.71 83.16 127.69
C ALA HA 291 -18.82 83.06 128.92
N VAL HA 292 -17.65 82.43 128.77
CA VAL HA 292 -16.79 82.24 129.92
C VAL HA 292 -16.10 83.54 130.32
N THR HA 293 -15.72 84.37 129.35
CA THR HA 293 -14.98 85.58 129.65
C THR HA 293 -15.88 86.81 129.78
N GLY HA 294 -17.17 86.70 129.48
CA GLY HA 294 -18.03 87.86 129.48
C GLY HA 294 -17.84 88.70 128.23
N LEU HA 295 -18.66 89.73 128.13
CA LEU HA 295 -18.55 90.63 127.00
C LEU HA 295 -17.38 91.58 127.18
N PRO HA 296 -16.45 91.66 126.22
CA PRO HA 296 -15.36 92.64 126.34
C PRO HA 296 -15.85 94.07 126.41
N ALA HA 297 -16.92 94.40 125.68
CA ALA HA 297 -17.43 95.76 125.67
C ALA HA 297 -18.86 95.74 125.15
N LEU HA 298 -19.54 96.88 125.32
CA LEU HA 298 -20.91 97.01 124.85
C LEU HA 298 -20.97 97.01 123.33
N ILE HA 299 -22.13 96.67 122.81
CA ILE HA 299 -22.35 96.58 121.38
C ILE HA 299 -23.01 97.86 120.90
N ASP HA 300 -22.69 98.24 119.67
CA ASP HA 300 -23.26 99.44 119.08
C ASP HA 300 -24.73 99.22 118.73
N GLU HA 301 -25.60 100.09 119.25
CA GLU HA 301 -27.02 99.94 119.00
C GLU HA 301 -27.43 100.30 117.59
N ALA HA 302 -26.55 101.00 116.85
CA ALA HA 302 -26.99 101.74 115.67
C ALA HA 302 -27.71 100.86 114.65
N THR HA 303 -27.21 99.64 114.45
CA THR HA 303 -27.73 98.76 113.41
C THR HA 303 -28.65 97.67 113.95
N LEU HA 304 -29.02 97.73 115.20
CA LEU HA 304 -29.80 96.67 115.82
C LEU HA 304 -31.28 96.99 115.79
N PRO HA 305 -32.14 95.97 115.95
CA PRO HA 305 -33.59 96.23 115.95
C PRO HA 305 -34.04 97.10 117.12
N ALA HA 306 -35.33 97.42 117.15
CA ALA HA 306 -35.84 98.42 118.07
C ALA HA 306 -35.69 97.97 119.52
N TRP HA 307 -36.12 96.74 119.82
CA TRP HA 307 -36.11 96.30 121.21
C TRP HA 307 -34.71 96.21 121.78
N SER HA 308 -33.69 96.18 120.93
CA SER HA 308 -32.31 96.06 121.37
C SER HA 308 -31.64 97.40 121.60
N GLN HA 309 -32.38 98.49 121.49
CA GLN HA 309 -31.79 99.83 121.60
C GLN HA 309 -31.62 100.18 123.08
N GLY HA 310 -30.38 100.11 123.56
CA GLY HA 310 -30.07 100.59 124.88
C GLY HA 310 -30.29 99.60 126.01
N VAL HA 311 -29.95 98.34 125.77
CA VAL HA 311 -30.06 97.33 126.83
C VAL HA 311 -28.97 97.59 127.86
N ALA HA 312 -29.33 97.40 129.14
CA ALA HA 312 -28.52 97.91 130.25
C ALA HA 312 -27.06 97.48 130.14
N ASN HA 313 -26.79 96.19 130.20
CA ASN HA 313 -25.42 95.69 130.22
C ASN HA 313 -24.99 95.12 128.88
N LEU HA 314 -25.74 95.39 127.82
CA LEU HA 314 -25.47 94.76 126.53
C LEU HA 314 -25.13 95.75 125.43
N THR HA 315 -25.94 96.77 125.24
CA THR HA 315 -25.81 97.67 124.11
C THR HA 315 -25.64 99.11 124.57
N GLY HA 316 -24.99 99.91 123.75
CA GLY HA 316 -24.77 101.30 124.08
C GLY HA 316 -24.36 102.08 122.86
N ASN HA 317 -24.17 103.39 123.07
CA ASN HA 317 -23.73 104.27 122.00
C ASN HA 317 -22.64 105.22 122.46
N GLY HA 318 -21.99 104.93 123.58
CA GLY HA 318 -20.98 105.80 124.14
C GLY HA 318 -19.64 105.67 123.44
N GLN HA 319 -18.57 105.88 124.22
CA GLN HA 319 -17.22 105.85 123.65
C GLN HA 319 -16.73 104.43 123.46
N GLY HA 320 -16.57 103.70 124.56
CA GLY HA 320 -16.06 102.34 124.47
C GLY HA 320 -17.10 101.36 123.99
N VAL HA 321 -17.54 101.52 122.75
CA VAL HA 321 -18.61 100.70 122.19
C VAL HA 321 -18.07 100.09 120.90
N VAL HA 322 -17.88 98.78 120.91
CA VAL HA 322 -17.37 98.10 119.72
C VAL HA 322 -18.46 98.08 118.65
N PRO HA 323 -18.15 98.45 117.41
CA PRO HA 323 -19.16 98.37 116.35
C PRO HA 323 -19.45 96.92 115.98
N CYS HA 324 -20.58 96.74 115.30
CA CYS HA 324 -21.00 95.42 114.83
C CYS HA 324 -21.14 95.44 113.32
N LEU HA 325 -20.51 94.50 112.66
CA LEU HA 325 -20.63 94.34 111.22
C LEU HA 325 -21.56 93.17 110.91
N ASP HA 326 -22.13 93.20 109.71
CA ASP HA 326 -22.98 92.13 109.22
C ASP HA 326 -22.70 91.90 107.75
N TYR HA 327 -23.03 90.70 107.28
CA TYR HA 327 -22.65 90.29 105.94
C TYR HA 327 -23.67 89.31 105.39
N ASN HA 328 -23.61 89.11 104.08
CA ASN HA 328 -24.42 88.15 103.38
C ASN HA 328 -23.52 87.05 102.83
N PRO HA 329 -23.90 85.78 102.97
CA PRO HA 329 -23.00 84.70 102.53
C PRO HA 329 -22.65 84.77 101.05
N VAL HA 330 -23.59 85.14 100.19
CA VAL HA 330 -23.36 85.07 98.75
C VAL HA 330 -22.26 86.03 98.33
N PRO HA 331 -22.34 87.34 98.64
CA PRO HA 331 -21.20 88.20 98.32
C PRO HA 331 -19.94 87.79 99.03
N MET HA 332 -20.06 87.24 100.24
CA MET HA 332 -18.89 86.75 100.95
C MET HA 332 -18.19 85.67 100.15
N ALA HA 333 -18.95 84.72 99.60
CA ALA HA 333 -18.35 83.67 98.79
C ALA HA 333 -17.68 84.27 97.56
N ALA HA 334 -18.31 85.26 96.94
CA ALA HA 334 -17.70 85.91 95.79
C ALA HA 334 -16.35 86.51 96.16
N ALA HA 335 -16.29 87.20 97.30
CA ALA HA 335 -15.02 87.76 97.75
C ALA HA 335 -14.01 86.66 98.02
N ARG HA 336 -14.46 85.56 98.65
CA ARG HA 336 -13.54 84.47 98.94
C ARG HA 336 -12.96 83.89 97.66
N HIS HA 337 -13.81 83.68 96.65
CA HIS HA 337 -13.32 83.18 95.39
C HIS HA 337 -12.34 84.17 94.75
N LEU HA 338 -12.65 85.46 94.83
CA LEU HA 338 -11.78 86.47 94.25
C LEU HA 338 -10.40 86.43 94.90
N GLN HA 339 -10.36 86.27 96.22
CA GLN HA 339 -9.08 86.15 96.90
C GLN HA 339 -8.30 84.96 96.39
N TRP HA 340 -8.98 83.84 96.15
CA TRP HA 340 -8.28 82.64 95.73
C TRP HA 340 -7.61 82.83 94.37
N ARG HA 341 -8.31 83.46 93.42
CA ARG HA 341 -7.69 83.69 92.12
C ARG HA 341 -6.60 84.75 92.20
N GLN HA 342 -6.79 85.77 93.04
CA GLN HA 342 -5.74 86.76 93.21
C GLN HA 342 -4.50 86.14 93.83
N ASP HA 343 -4.67 85.27 94.80
CA ASP HA 343 -3.54 84.52 95.34
C ASP HA 343 -3.09 83.40 94.42
N GLY HA 344 -3.79 83.17 93.31
CA GLY HA 344 -3.35 82.23 92.31
C GLY HA 344 -3.72 80.79 92.56
N LEU HA 345 -4.58 80.51 93.54
CA LEU HA 345 -5.01 79.13 93.75
C LEU HA 345 -5.88 78.62 92.61
N ILE HA 346 -6.60 79.52 91.93
CA ILE HA 346 -7.53 79.12 90.88
C ILE HA 346 -7.43 80.10 89.72
N THR HA 347 -7.96 79.68 88.58
CA THR HA 347 -8.06 80.54 87.41
C THR HA 347 -9.42 81.22 87.37
N ALA HA 348 -9.48 82.32 86.62
CA ALA HA 348 -10.72 83.10 86.55
C ALA HA 348 -11.87 82.26 86.04
N ALA HA 349 -11.59 81.32 85.13
CA ALA HA 349 -12.65 80.45 84.64
C ALA HA 349 -13.28 79.65 85.78
N GLN HA 350 -12.45 79.13 86.68
CA GLN HA 350 -12.98 78.43 87.85
C GLN HA 350 -13.76 79.39 88.74
N GLU HA 351 -13.24 80.60 88.92
CA GLU HA 351 -13.91 81.54 89.81
C GLU HA 351 -15.33 81.83 89.35
N ALA HA 352 -15.51 82.00 88.04
CA ALA HA 352 -16.85 82.19 87.51
C ALA HA 352 -17.73 80.99 87.81
N GLN HA 353 -17.19 79.79 87.64
CA GLN HA 353 -17.96 78.59 87.90
C GLN HA 353 -18.36 78.48 89.36
N LEU HA 354 -17.41 78.78 90.26
CA LEU HA 354 -17.70 78.66 91.69
C LEU HA 354 -18.83 79.59 92.10
N ASN HA 355 -18.82 80.81 91.60
CA ASN HA 355 -19.90 81.74 91.93
C ASN HA 355 -21.24 81.21 91.46
N ASN HA 356 -21.28 80.66 90.24
CA ASN HA 356 -22.54 80.09 89.74
C ASN HA 356 -23.00 78.95 90.63
N ASP HA 357 -22.08 78.06 91.00
CA ASP HA 357 -22.45 76.93 91.85
C ASP HA 357 -22.99 77.42 93.19
N TYR HA 358 -22.28 78.32 93.83
CA TYR HA 358 -22.69 78.76 95.16
C TYR HA 358 -24.03 79.47 95.12
N THR HA 359 -24.22 80.34 94.13
CA THR HA 359 -25.49 81.04 94.01
C THR HA 359 -26.63 80.08 93.83
N ALA HA 360 -26.45 79.06 92.98
CA ALA HA 360 -27.47 78.04 92.83
C ALA HA 360 -27.72 77.34 94.15
N TYR HA 361 -26.66 77.00 94.87
CA TYR HA 361 -26.82 76.35 96.17
C TYR HA 361 -27.58 77.25 97.13
N ALA HA 362 -27.20 78.53 97.17
CA ALA HA 362 -27.88 79.45 98.07
C ALA HA 362 -29.35 79.59 97.73
N LEU HA 363 -29.67 79.52 96.44
CA LEU HA 363 -31.07 79.65 96.03
C LEU HA 363 -31.92 78.55 96.64
N THR HA 364 -31.39 77.33 96.69
CA THR HA 364 -32.14 76.23 97.30
C THR HA 364 -32.43 76.52 98.76
N ILE HA 365 -31.45 77.07 99.48
CA ILE HA 365 -31.65 77.40 100.88
C ILE HA 365 -32.82 78.36 101.03
N GLU HA 366 -32.82 79.42 100.23
CA GLU HA 366 -33.91 80.37 100.27
C GLU HA 366 -35.23 79.70 99.92
N ARG HA 367 -35.23 78.90 98.86
CA ARG HA 367 -36.46 78.24 98.43
C ARG HA 367 -36.99 77.31 99.50
N HIS HA 368 -36.09 76.58 100.16
CA HIS HA 368 -36.52 75.69 101.25
C HIS HA 368 -37.14 76.48 102.38
N LEU HA 369 -36.44 77.53 102.84
CA LEU HA 369 -36.91 78.27 104.00
C LEU HA 369 -38.24 78.96 103.72
N THR HA 370 -38.34 79.62 102.57
CA THR HA 370 -39.57 80.37 102.30
C THR HA 370 -40.78 79.45 102.22
N ALA HA 371 -40.59 78.26 101.64
CA ALA HA 371 -41.68 77.29 101.65
C ALA HA 371 -41.94 76.78 103.06
N MET HA 372 -40.91 76.69 103.88
CA MET HA 372 -41.10 76.16 105.22
C MET HA 372 -41.82 77.17 106.13
N LEU HA 373 -41.66 78.46 105.85
CA LEU HA 373 -42.27 79.47 106.71
C LEU HA 373 -43.78 79.40 106.66
N VAL HA 374 -44.35 79.32 105.46
CA VAL HA 374 -45.80 79.25 105.33
C VAL HA 374 -46.33 77.97 105.95
N ALA HA 375 -45.53 76.90 105.94
CA ALA HA 375 -45.95 75.67 106.57
C ALA HA 375 -46.03 75.80 108.09
N ASN HA 376 -45.32 76.77 108.67
CA ASN HA 376 -45.30 76.97 110.12
C ASN HA 376 -45.55 78.44 110.42
N PRO HA 377 -46.78 78.91 110.21
CA PRO HA 377 -47.08 80.32 110.51
C PRO HA 377 -46.85 80.62 111.98
N ILE HA 378 -46.32 81.80 112.25
CA ILE HA 378 -45.97 82.15 113.61
C ILE HA 378 -47.22 82.27 114.48
N ALA HA 379 -48.36 82.57 113.87
CA ALA HA 379 -49.60 82.67 114.64
C ALA HA 379 -50.09 81.34 115.15
N ALA HA 380 -49.51 80.23 114.68
CA ALA HA 380 -49.95 78.91 115.13
C ALA HA 380 -49.74 78.74 116.63
N GLY HA 381 -48.62 79.25 117.15
CA GLY HA 381 -48.37 79.16 118.57
C GLY HA 381 -46.92 78.88 118.93
N ARG HA 382 -46.18 78.32 117.99
CA ARG HA 382 -44.76 78.05 118.19
C ARG HA 382 -43.98 78.60 117.01
N MET HA 383 -42.73 78.98 117.26
CA MET HA 383 -41.91 79.58 116.22
C MET HA 383 -40.73 78.67 115.90
N PRO HA 384 -40.93 77.61 115.13
CA PRO HA 384 -39.79 76.77 114.75
C PRO HA 384 -38.76 77.49 113.90
N ILE HA 385 -39.16 78.49 113.12
CA ILE HA 385 -38.21 79.27 112.35
C ILE HA 385 -38.55 80.75 112.47
N GLN HA 386 -37.53 81.57 112.45
CA GLN HA 386 -37.68 83.01 112.63
C GLN HA 386 -38.29 83.64 111.38
N PRO HA 387 -39.26 84.53 111.54
CA PRO HA 387 -39.90 85.15 110.37
C PRO HA 387 -38.95 86.09 109.64
N PHE HA 388 -39.28 86.36 108.39
CA PHE HA 388 -38.47 87.20 107.52
C PHE HA 388 -39.33 87.66 106.35
N ASN HA 389 -38.71 88.43 105.46
CA ASN HA 389 -39.33 88.87 104.23
C ASN HA 389 -38.46 88.47 103.06
N ALA HA 390 -39.07 88.35 101.88
CA ALA HA 390 -38.35 87.86 100.71
C ALA HA 390 -37.18 88.75 100.37
N ALA HA 391 -37.32 90.06 100.57
CA ALA HA 391 -36.23 90.97 100.26
C ALA HA 391 -35.00 90.73 101.12
N ASP HA 392 -35.18 90.08 102.28
CA ASP HA 392 -34.05 89.87 103.18
C ASP HA 392 -32.98 88.98 102.58
N PHE HA 393 -33.31 88.19 101.57
CA PHE HA 393 -32.31 87.34 100.94
C PHE HA 393 -31.38 88.12 100.02
N GLY HA 394 -31.74 89.34 99.64
CA GLY HA 394 -30.94 90.13 98.74
C GLY HA 394 -30.09 91.20 99.38
N GLN HA 395 -30.18 91.38 100.69
CA GLN HA 395 -29.44 92.46 101.35
C GLN HA 395 -27.95 92.15 101.37
N ALA HA 396 -27.15 93.10 100.93
CA ALA HA 396 -25.70 92.94 100.98
C ALA HA 396 -25.13 93.29 102.34
N GLY HA 397 -25.80 94.14 103.12
CA GLY HA 397 -25.33 94.49 104.43
C GLY HA 397 -23.99 95.23 104.37
N GLN HA 398 -23.18 95.00 105.39
CA GLN HA 398 -21.85 95.60 105.48
C GLN HA 398 -20.77 94.64 105.02
N THR HA 399 -21.07 93.81 104.01
CA THR HA 399 -20.14 92.76 103.61
C THR HA 399 -18.81 93.34 103.18
N ALA HA 400 -18.83 94.45 102.45
CA ALA HA 400 -17.58 95.07 102.00
C ALA HA 400 -16.71 95.46 103.18
N ALA HA 401 -17.31 96.02 104.22
CA ALA HA 401 -16.54 96.35 105.41
C ALA HA 401 -16.01 95.10 106.07
N ALA HA 402 -16.78 94.01 106.03
CA ALA HA 402 -16.36 92.77 106.69
C ALA HA 402 -15.05 92.26 106.12
N VAL HA 403 -14.99 92.12 104.78
CA VAL HA 403 -13.75 91.63 104.17
C VAL HA 403 -12.63 92.63 104.39
N ALA HA 404 -12.95 93.92 104.45
CA ALA HA 404 -11.93 94.93 104.76
C ALA HA 404 -11.32 94.67 106.13
N LEU HA 405 -12.16 94.31 107.11
CA LEU HA 405 -11.65 94.04 108.44
C LEU HA 405 -10.70 92.84 108.42
N ALA HA 406 -11.09 91.77 107.74
CA ALA HA 406 -10.24 90.59 107.69
C ALA HA 406 -8.89 90.91 107.07
N GLN HA 407 -8.90 91.71 105.99
CA GLN HA 407 -7.64 92.13 105.39
C GLN HA 407 -6.83 92.96 106.37
N ALA HA 408 -7.49 93.85 107.11
CA ALA HA 408 -6.81 94.57 108.17
C ALA HA 408 -6.46 93.67 109.35
N MET HA 409 -7.18 92.57 109.52
CA MET HA 409 -6.92 91.70 110.66
C MET HA 409 -5.74 90.78 110.41
N PHE HA 410 -5.67 90.16 109.24
CA PHE HA 410 -4.55 89.30 108.86
C PHE HA 410 -3.78 90.01 107.75
N VAL HA 411 -2.55 90.39 108.05
CA VAL HA 411 -1.77 91.18 107.12
C VAL HA 411 -0.29 90.78 107.20
N ALA IA 1 43.91 64.41 6.11
CA ALA IA 1 42.55 64.13 6.54
C ALA IA 1 42.17 62.69 6.22
N ALA IA 2 42.81 61.74 6.89
CA ALA IA 2 42.53 60.34 6.68
C ALA IA 2 42.75 59.58 7.98
N VAL IA 3 41.88 58.62 8.26
CA VAL IA 3 41.95 57.81 9.46
C VAL IA 3 41.98 56.35 9.04
N PHE IA 4 43.07 55.66 9.37
CA PHE IA 4 43.30 54.30 8.89
C PHE IA 4 43.04 54.24 7.39
N GLY IA 5 42.00 53.51 6.98
CA GLY IA 5 41.64 53.41 5.59
C GLY IA 5 40.48 54.28 5.16
N ILE IA 6 40.08 55.25 5.97
CA ILE IA 6 38.94 56.09 5.66
C ILE IA 6 39.44 57.45 5.19
N GLN IA 7 38.84 57.96 4.12
CA GLN IA 7 39.21 59.23 3.52
C GLN IA 7 38.15 60.27 3.84
N LEU IA 8 38.60 61.46 4.23
CA LEU IA 8 37.70 62.52 4.68
C LEU IA 8 37.99 63.81 3.93
N VAL IA 9 36.94 64.55 3.61
CA VAL IA 9 37.08 65.84 2.95
C VAL IA 9 37.37 66.90 4.00
N PRO IA 10 38.01 68.02 3.65
CA PRO IA 10 38.38 69.01 4.66
C PRO IA 10 37.25 69.89 5.15
N LYS IA 11 36.02 69.68 4.71
CA LYS IA 11 34.91 70.55 5.06
C LYS IA 11 33.99 69.88 6.07
N LEU IA 12 33.54 70.67 7.04
CA LEU IA 12 32.65 70.19 8.09
C LEU IA 12 31.22 70.63 7.82
N ASN IA 13 30.27 69.76 8.14
CA ASN IA 13 28.87 70.08 7.96
C ASN IA 13 28.02 69.23 8.88
N THR IA 14 27.05 69.88 9.53
CA THR IA 14 26.08 69.18 10.36
C THR IA 14 24.89 70.09 10.58
N SER IA 15 23.76 69.48 10.96
CA SER IA 15 22.55 70.24 11.22
C SER IA 15 22.73 71.08 12.48
N THR IA 16 21.77 71.98 12.70
CA THR IA 16 21.95 73.03 13.69
C THR IA 16 20.90 73.05 14.79
N THR IA 17 19.78 72.35 14.64
CA THR IA 17 18.75 72.41 15.67
C THR IA 17 18.14 71.02 15.86
N ARG IA 18 17.70 70.77 17.09
CA ARG IA 18 17.18 69.46 17.48
C ARG IA 18 15.66 69.50 17.55
N ARG IA 19 15.02 68.50 16.96
CA ARG IA 19 13.57 68.38 17.07
C ARG IA 19 13.21 67.84 18.44
N THR IA 20 12.25 68.48 19.09
CA THR IA 20 11.80 68.02 20.39
C THR IA 20 10.91 66.79 20.24
N PHE IA 21 10.91 65.95 21.27
CA PHE IA 21 10.08 64.77 21.27
C PHE IA 21 8.66 65.11 21.68
N LEU IA 22 7.69 64.39 21.10
CA LEU IA 22 6.30 64.53 21.49
C LEU IA 22 5.70 63.13 21.54
N PRO IA 23 4.99 62.80 22.60
CA PRO IA 23 4.40 61.45 22.70
C PRO IA 23 3.20 61.31 21.77
N LEU IA 24 2.80 60.06 21.58
CA LEU IA 24 1.73 59.72 20.66
C LEU IA 24 0.39 59.79 21.37
N ARG IA 25 -0.55 60.54 20.77
CA ARG IA 25 -1.90 60.60 21.30
C ARG IA 25 -2.60 59.26 21.12
N PHE IA 26 -3.57 59.00 22.01
CA PHE IA 26 -4.26 57.72 21.97
C PHE IA 26 -5.00 57.52 20.67
N ASP IA 27 -5.70 58.54 20.19
CA ASP IA 27 -6.45 58.42 18.96
C ASP IA 27 -5.52 58.18 17.77
N LEU IA 28 -4.41 58.92 17.72
CA LEU IA 28 -3.47 58.74 16.62
C LEU IA 28 -2.93 57.32 16.59
N LEU IA 29 -2.72 56.73 17.77
CA LEU IA 29 -2.24 55.36 17.82
C LEU IA 29 -3.22 54.41 17.13
N LEU IA 30 -4.51 54.56 17.43
CA LEU IA 30 -5.50 53.70 16.81
C LEU IA 30 -5.51 53.88 15.30
N ASP IA 31 -5.31 55.11 14.84
CA ASP IA 31 -5.30 55.37 13.40
C ASP IA 31 -4.19 54.59 12.72
N ARG IA 32 -2.98 54.63 13.28
CA ARG IA 32 -1.88 53.90 12.68
C ARG IA 32 -2.15 52.41 12.62
N LEU IA 33 -2.68 51.86 13.72
CA LEU IA 33 -2.96 50.43 13.76
C LEU IA 33 -4.12 50.07 12.83
N GLN IA 34 -5.07 50.98 12.66
CA GLN IA 34 -6.23 50.70 11.81
C GLN IA 34 -5.97 51.02 10.35
N SER IA 35 -4.75 51.41 9.99
CA SER IA 35 -4.44 51.75 8.60
C SER IA 35 -4.78 50.59 7.70
N THR IA 36 -5.45 50.89 6.57
CA THR IA 36 -5.90 49.83 5.68
C THR IA 36 -4.74 49.00 5.16
N ASN IA 37 -3.56 49.60 5.00
CA ASN IA 37 -2.35 48.87 4.67
C ASN IA 37 -1.26 49.33 5.62
N LEU IA 38 -0.57 48.36 6.23
CA LEU IA 38 0.43 48.67 7.23
C LEU IA 38 1.83 48.77 6.66
N HIS IA 39 2.06 48.23 5.45
CA HIS IA 39 3.35 48.41 4.81
C HIS IA 39 3.60 49.89 4.59
N GLY IA 40 4.80 50.34 4.92
CA GLY IA 40 5.13 51.73 4.86
C GLY IA 40 4.57 52.56 6.00
N VAL IA 41 3.75 51.96 6.86
CA VAL IA 41 3.20 52.63 8.03
C VAL IA 41 3.75 52.03 9.31
N LEU IA 42 3.70 50.71 9.42
CA LEU IA 42 4.22 50.01 10.58
C LEU IA 42 5.50 49.25 10.27
N TYR IA 43 5.72 48.88 9.02
CA TYR IA 43 6.92 48.18 8.61
C TYR IA 43 7.17 48.49 7.15
N ARG IA 44 8.40 48.21 6.71
CA ARG IA 44 8.76 48.42 5.32
C ARG IA 44 9.65 47.28 4.85
N ALA IA 45 9.41 46.82 3.63
CA ALA IA 45 10.22 45.77 3.03
C ALA IA 45 11.39 46.41 2.30
N LEU IA 46 12.61 46.02 2.69
CA LEU IA 46 13.81 46.52 2.05
C LEU IA 46 14.20 45.69 0.84
N ASP IA 47 13.44 44.66 0.51
CA ASP IA 47 13.93 43.61 -0.39
C ASP IA 47 12.87 43.12 -1.37
N PHE IA 48 11.80 43.89 -1.58
CA PHE IA 48 10.67 43.36 -2.33
C PHE IA 48 11.04 43.08 -3.78
N ASN IA 49 10.67 41.90 -4.26
CA ASN IA 49 10.84 41.54 -5.66
C ASN IA 49 9.48 41.59 -6.33
N PRO IA 50 9.18 42.62 -7.12
CA PRO IA 50 7.84 42.72 -7.73
C PRO IA 50 7.55 41.62 -8.73
N VAL IA 51 8.58 40.98 -9.30
CA VAL IA 51 8.32 39.87 -10.21
C VAL IA 51 7.59 38.76 -9.48
N ASP IA 52 8.02 38.45 -8.28
CA ASP IA 52 7.26 37.61 -7.37
C ASP IA 52 6.40 38.51 -6.49
N ARG IA 53 5.84 37.95 -5.42
CA ARG IA 53 5.15 38.75 -4.43
C ARG IA 53 5.87 38.60 -3.10
N SER IA 54 7.21 38.67 -3.13
CA SER IA 54 8.00 38.24 -2.00
C SER IA 54 9.09 39.26 -1.67
N ALA IA 55 9.41 39.33 -0.38
CA ALA IA 55 10.60 40.00 0.11
C ALA IA 55 11.24 39.09 1.15
N THR IA 56 12.37 39.51 1.71
CA THR IA 56 13.07 38.67 2.67
C THR IA 56 13.53 39.40 3.92
N VAL IA 57 13.68 40.71 3.90
CA VAL IA 57 14.11 41.47 5.06
C VAL IA 57 13.12 42.61 5.28
N ILE IA 58 12.67 42.78 6.51
CA ILE IA 58 11.68 43.78 6.87
C ILE IA 58 12.27 44.71 7.91
N GLN IA 59 12.04 46.01 7.74
CA GLN IA 59 12.39 47.00 8.74
C GLN IA 59 11.13 47.44 9.47
N THR IA 60 11.22 47.52 10.79
CA THR IA 60 10.08 47.78 11.64
C THR IA 60 10.11 49.22 12.13
N TYR IA 61 9.00 49.64 12.71
CA TYR IA 61 8.75 51.03 13.08
C TYR IA 61 8.23 51.09 14.51
N PRO IA 62 8.27 52.26 15.15
CA PRO IA 62 8.25 52.34 16.63
C PRO IA 62 7.22 51.42 17.28
N PRO IA 63 5.94 51.46 16.89
CA PRO IA 63 4.97 50.63 17.63
C PRO IA 63 5.30 49.15 17.58
N LEU IA 64 6.02 48.72 16.54
CA LEU IA 64 6.35 47.31 16.37
C LEU IA 64 7.79 46.99 16.71
N ASN IA 65 8.73 47.91 16.46
CA ASN IA 65 10.14 47.56 16.58
C ASN IA 65 10.56 47.22 18.01
N ALA IA 66 9.67 47.35 18.99
CA ALA IA 66 9.96 46.92 20.34
C ALA IA 66 9.77 45.42 20.53
N TRP IA 67 9.28 44.72 19.51
CA TRP IA 67 8.97 43.31 19.63
C TRP IA 67 10.24 42.48 19.69
N SER IA 68 10.22 41.45 20.53
CA SER IA 68 11.25 40.41 20.55
C SER IA 68 10.58 39.07 20.29
N PRO IA 69 10.62 38.55 19.07
CA PRO IA 69 9.90 37.31 18.76
C PRO IA 69 10.39 36.14 19.60
N HIS IA 70 9.46 35.28 19.96
CA HIS IA 70 9.82 34.04 20.64
C HIS IA 70 10.57 33.13 19.68
N PRO IA 71 11.42 32.24 20.21
CA PRO IA 71 12.31 31.47 19.33
C PRO IA 71 11.57 30.60 18.32
N ALA IA 72 10.37 30.14 18.64
CA ALA IA 72 9.62 29.30 17.71
C ALA IA 72 9.45 30.01 16.38
N PHE IA 73 9.19 31.31 16.41
CA PHE IA 73 9.11 32.08 15.18
C PHE IA 73 10.47 32.15 14.49
N ILE IA 74 11.53 32.39 15.26
CA ILE IA 74 12.84 32.62 14.66
C ILE IA 74 13.33 31.38 13.93
N GLU IA 75 13.24 30.22 14.58
CA GLU IA 75 13.78 29.00 14.01
C GLU IA 75 12.98 28.50 12.82
N ASN IA 76 11.81 29.06 12.56
CA ASN IA 76 10.96 28.61 11.47
C ASN IA 76 10.24 29.81 10.88
N PRO IA 77 10.95 30.64 10.11
CA PRO IA 77 10.33 31.85 9.57
C PRO IA 77 9.27 31.53 8.55
N LEU IA 78 8.31 32.45 8.42
CA LEU IA 78 7.30 32.38 7.39
C LEU IA 78 7.67 33.30 6.23
N ASP IA 79 6.88 33.23 5.17
CA ASP IA 79 7.15 34.01 3.97
C ASP IA 79 6.46 35.37 4.04
N TYR IA 80 6.69 36.18 3.01
CA TYR IA 80 6.15 37.54 3.00
C TYR IA 80 4.64 37.53 2.96
N ARG IA 81 4.04 36.66 2.14
CA ARG IA 81 2.59 36.65 2.03
C ARG IA 81 1.94 36.26 3.36
N ASP IA 82 2.53 35.32 4.08
CA ASP IA 82 2.02 35.01 5.40
C ASP IA 82 2.27 36.16 6.37
N TRP IA 83 3.41 36.84 6.22
CA TRP IA 83 3.73 37.94 7.13
C TRP IA 83 2.67 39.03 7.07
N THR IA 84 2.35 39.49 5.86
CA THR IA 84 1.39 40.58 5.73
C THR IA 84 0.03 40.16 6.26
N GLU IA 85 -0.34 38.90 6.06
CA GLU IA 85 -1.58 38.40 6.64
C GLU IA 85 -1.51 38.36 8.15
N PHE IA 86 -0.39 37.85 8.69
CA PHE IA 86 -0.29 37.70 10.13
C PHE IA 86 -0.36 39.04 10.84
N ILE IA 87 0.33 40.05 10.32
CA ILE IA 87 0.35 41.35 10.98
C ILE IA 87 -1.03 41.98 10.96
N HIS IA 88 -1.67 41.98 9.79
CA HIS IA 88 -2.98 42.62 9.69
C HIS IA 88 -3.98 42.00 10.65
N ASP IA 89 -3.85 40.70 10.91
CA ASP IA 89 -4.70 40.07 11.91
C ASP IA 89 -4.39 40.58 13.31
N ARG IA 90 -3.12 40.54 13.69
CA ARG IA 90 -2.76 40.90 15.06
C ARG IA 90 -3.07 42.35 15.36
N ALA IA 91 -2.80 43.23 14.40
CA ALA IA 91 -3.04 44.65 14.63
C ALA IA 91 -4.50 44.91 14.98
N LEU IA 92 -5.41 44.36 14.18
CA LEU IA 92 -6.82 44.56 14.46
C LEU IA 92 -7.21 43.97 15.81
N ALA IA 93 -6.72 42.76 16.11
CA ALA IA 93 -7.02 42.15 17.39
C ALA IA 93 -6.51 43.00 18.54
N PHE IA 94 -5.29 43.50 18.40
CA PHE IA 94 -4.71 44.34 19.45
C PHE IA 94 -5.54 45.60 19.64
N VAL IA 95 -6.05 46.17 18.54
CA VAL IA 95 -6.90 47.34 18.65
C VAL IA 95 -8.13 47.04 19.48
N GLY IA 96 -8.75 45.90 19.21
CA GLY IA 96 -9.95 45.54 19.94
C GLY IA 96 -9.72 45.49 21.43
N VAL IA 97 -8.59 44.92 21.85
CA VAL IA 97 -8.27 44.88 23.27
C VAL IA 97 -8.12 46.29 23.82
N LEU IA 98 -7.37 47.13 23.10
CA LEU IA 98 -7.13 48.48 23.58
C LEU IA 98 -8.43 49.28 23.68
N THR IA 99 -9.42 48.94 22.86
CA THR IA 99 -10.67 49.68 22.85
C THR IA 99 -11.75 49.02 23.70
N GLN IA 100 -11.63 47.74 23.99
CA GLN IA 100 -12.56 47.13 24.94
C GLN IA 100 -12.45 47.81 26.30
N ARG IA 101 -11.23 48.07 26.73
CA ARG IA 101 -10.97 49.03 27.80
C ARG IA 101 -10.79 50.40 27.18
N TYR IA 102 -10.86 51.43 28.02
CA TYR IA 102 -10.58 52.80 27.57
C TYR IA 102 -11.38 53.16 26.33
N PRO IA 103 -12.68 53.36 26.43
CA PRO IA 103 -13.45 53.79 25.26
C PRO IA 103 -12.89 55.08 24.69
N LEU IA 104 -12.92 55.18 23.36
CA LEU IA 104 -12.15 56.22 22.68
C LEU IA 104 -12.62 57.62 23.07
N THR IA 105 -13.93 57.83 23.13
CA THR IA 105 -14.44 59.18 23.32
C THR IA 105 -14.02 59.78 24.65
N GLN IA 106 -13.61 58.96 25.61
CA GLN IA 106 -13.16 59.46 26.90
C GLN IA 106 -11.65 59.48 27.03
N ASN IA 107 -10.92 59.05 26.01
CA ASN IA 107 -9.48 58.88 26.16
C ASN IA 107 -8.65 59.35 24.97
N ALA IA 108 -9.27 59.94 23.94
CA ALA IA 108 -8.51 60.29 22.75
C ALA IA 108 -7.41 61.29 23.04
N GLN IA 109 -7.58 62.13 24.06
CA GLN IA 109 -6.62 63.18 24.35
C GLN IA 109 -5.41 62.70 25.14
N ARG IA 110 -5.49 61.52 25.73
CA ARG IA 110 -4.43 61.06 26.62
C ARG IA 110 -3.21 60.60 25.83
N TYR IA 111 -2.04 60.74 26.43
CA TYR IA 111 -0.79 60.38 25.80
C TYR IA 111 -0.33 59.02 26.27
N THR IA 112 0.02 58.15 25.33
CA THR IA 112 0.49 56.82 25.67
C THR IA 112 1.97 56.85 26.04
N ASN IA 113 2.34 56.03 27.02
CA ASN IA 113 3.74 55.87 27.34
C ASN IA 113 4.38 54.97 26.30
N PRO IA 114 5.37 55.45 25.55
CA PRO IA 114 5.94 54.63 24.48
C PRO IA 114 6.56 53.34 25.00
N LEU IA 115 7.21 53.39 26.15
CA LEU IA 115 7.84 52.18 26.68
C LEU IA 115 6.79 51.12 26.99
N VAL IA 116 5.75 51.51 27.70
CA VAL IA 116 4.70 50.55 28.06
C VAL IA 116 4.04 50.02 26.80
N LEU IA 117 3.73 50.91 25.86
CA LEU IA 117 3.07 50.49 24.63
C LEU IA 117 3.93 49.47 23.89
N GLY IA 118 5.23 49.73 23.80
CA GLY IA 118 6.10 48.80 23.11
C GLY IA 118 6.12 47.44 23.78
N ALA IA 119 6.26 47.42 25.10
CA ALA IA 119 6.29 46.15 25.81
C ALA IA 119 4.97 45.41 25.68
N ALA IA 120 3.86 46.13 25.88
CA ALA IA 120 2.55 45.48 25.83
C ALA IA 120 2.30 44.88 24.46
N PHE IA 121 2.55 45.65 23.40
CA PHE IA 121 2.33 45.13 22.06
C PHE IA 121 3.22 43.94 21.77
N GLY IA 122 4.48 44.03 22.18
CA GLY IA 122 5.41 42.94 21.90
C GLY IA 122 4.98 41.63 22.54
N ASP IA 123 4.48 41.69 23.76
CA ASP IA 123 3.98 40.47 24.41
C ASP IA 123 2.75 39.95 23.69
N PHE IA 124 1.89 40.85 23.21
CA PHE IA 124 0.61 40.43 22.64
C PHE IA 124 0.81 39.47 21.49
N LEU IA 125 1.61 39.84 20.50
CA LEU IA 125 1.84 38.96 19.38
C LEU IA 125 2.81 37.84 19.71
N ASN IA 126 3.44 37.88 20.88
CA ASN IA 126 4.11 36.70 21.40
C ASN IA 126 3.16 35.76 22.12
N ALA IA 127 1.85 36.02 22.02
CA ALA IA 127 0.83 35.18 22.65
C ALA IA 127 1.03 35.10 24.15
N ARG IA 128 1.25 36.24 24.78
CA ARG IA 128 1.42 36.33 26.22
C ARG IA 128 0.50 37.42 26.76
N SER IA 129 -0.08 37.18 27.94
CA SER IA 129 -1.06 38.10 28.49
C SER IA 129 -0.44 39.46 28.79
N ILE IA 130 -1.26 40.51 28.69
CA ILE IA 130 -0.75 41.87 28.75
C ILE IA 130 -1.53 42.71 29.74
N ASP IA 131 -2.36 42.07 30.56
CA ASP IA 131 -3.28 42.83 31.42
C ASP IA 131 -2.53 43.78 32.33
N ILE IA 132 -1.37 43.37 32.84
CA ILE IA 132 -0.63 44.20 33.78
C ILE IA 132 -0.28 45.54 33.16
N PHE IA 133 -0.02 45.57 31.87
CA PHE IA 133 0.40 46.81 31.22
C PHE IA 133 -0.76 47.77 31.02
N LEU IA 134 -1.95 47.24 30.73
CA LEU IA 134 -3.06 48.11 30.34
C LEU IA 134 -3.40 49.12 31.42
N ASP IA 135 -3.10 48.81 32.68
CA ASP IA 135 -3.40 49.75 33.75
C ASP IA 135 -2.55 51.01 33.67
N ARG IA 136 -1.41 50.96 32.99
CA ARG IA 136 -0.47 52.07 33.01
C ARG IA 136 -0.08 52.48 31.60
N LEU IA 137 -1.05 52.51 30.70
CA LEU IA 137 -0.75 52.85 29.32
C LEU IA 137 -0.52 54.34 29.11
N PHE IA 138 -1.04 55.18 29.98
CA PHE IA 138 -0.99 56.63 29.78
C PHE IA 138 -0.11 57.29 30.83
N TYR IA 139 0.30 58.52 30.52
CA TYR IA 139 1.07 59.32 31.45
C TYR IA 139 0.90 60.79 31.08
N GLY IA 140 1.11 61.66 32.07
CA GLY IA 140 0.99 63.08 31.86
C GLY IA 140 2.33 63.72 31.60
N PRO IA 141 2.63 63.97 30.32
CA PRO IA 141 3.99 64.41 29.98
C PRO IA 141 4.38 65.72 30.62
N THR IA 142 3.43 66.58 30.95
CA THR IA 142 3.75 67.83 31.62
C THR IA 142 4.17 67.61 33.06
N GLN IA 143 3.86 66.45 33.63
CA GLN IA 143 4.14 66.20 35.04
C GLN IA 143 5.29 65.23 35.29
N GLU IA 144 5.64 64.41 34.30
CA GLU IA 144 6.73 63.45 34.48
C GLU IA 144 7.18 62.96 33.11
N SER IA 145 8.21 62.15 33.11
CA SER IA 145 8.78 61.53 31.94
C SER IA 145 8.19 60.15 31.74
N PRO IA 146 8.28 59.59 30.54
CA PRO IA 146 7.84 58.20 30.35
C PRO IA 146 8.57 57.21 31.24
N ILE IA 147 9.77 57.53 31.67
CA ILE IA 147 10.48 56.66 32.60
C ILE IA 147 9.92 56.81 34.01
N THR IA 148 9.97 58.04 34.53
CA THR IA 148 9.57 58.27 35.91
C THR IA 148 8.13 57.86 36.16
N SER IA 149 7.27 57.97 35.14
CA SER IA 149 5.90 57.48 35.29
C SER IA 149 5.88 55.99 35.61
N ILE IA 150 6.88 55.25 35.16
CA ILE IA 150 6.89 53.82 35.39
C ILE IA 150 7.48 53.48 36.74
N THR IA 151 8.51 54.20 37.16
CA THR IA 151 9.22 53.88 38.39
C THR IA 151 8.35 54.06 39.62
N LYS IA 152 7.11 54.48 39.44
CA LYS IA 152 6.16 54.52 40.55
C LYS IA 152 5.83 53.13 41.07
N PHE IA 153 6.15 52.08 40.32
CA PHE IA 153 5.80 50.71 40.69
C PHE IA 153 7.05 49.85 40.62
N PRO IA 154 7.97 50.04 41.55
CA PRO IA 154 9.31 49.39 41.47
C PRO IA 154 9.31 47.93 41.88
N TYR IA 155 8.95 47.06 40.94
CA TYR IA 155 9.00 45.63 41.16
C TYR IA 155 8.99 44.93 39.81
N GLN IA 156 9.24 43.63 39.84
CA GLN IA 156 9.27 42.85 38.61
C GLN IA 156 7.86 42.70 38.08
N TRP IA 157 7.49 43.57 37.14
CA TRP IA 157 6.17 43.46 36.52
C TRP IA 157 6.00 42.10 35.86
N THR IA 158 6.95 41.74 35.00
CA THR IA 158 6.93 40.44 34.37
C THR IA 158 8.36 40.01 34.12
N ILE IA 159 8.51 38.77 33.65
CA ILE IA 159 9.82 38.17 33.55
C ILE IA 159 10.72 38.93 32.59
N ASP IA 160 10.15 39.66 31.63
CA ASP IA 160 10.93 40.40 30.66
C ASP IA 160 10.82 41.91 30.85
N PHE IA 161 10.20 42.36 31.94
CA PHE IA 161 10.03 43.79 32.19
C PHE IA 161 10.20 44.00 33.69
N ASN IA 162 11.38 44.41 34.09
CA ASN IA 162 11.73 44.58 35.50
C ASN IA 162 12.09 46.03 35.77
N VAL IA 163 11.48 46.61 36.79
CA VAL IA 163 11.65 48.03 37.10
C VAL IA 163 12.03 48.18 38.57
N THR IA 164 13.06 48.97 38.82
CA THR IA 164 13.49 49.31 40.16
C THR IA 164 12.98 50.70 40.52
N ALA IA 165 13.44 51.22 41.66
CA ALA IA 165 13.07 52.57 42.05
C ALA IA 165 13.65 53.64 41.14
N ASP IA 166 14.61 53.29 40.31
CA ASP IA 166 15.29 54.30 39.49
C ASP IA 166 15.55 53.87 38.06
N SER IA 167 15.21 52.64 37.69
CA SER IA 167 15.64 52.14 36.38
C SER IA 167 14.69 51.04 35.92
N VAL IA 168 14.71 50.81 34.61
CA VAL IA 168 13.89 49.78 33.98
C VAL IA 168 14.78 48.94 33.07
N ARG IA 169 14.59 47.63 33.11
CA ARG IA 169 15.36 46.70 32.31
C ARG IA 169 14.43 45.89 31.42
N THR IA 170 14.80 45.77 30.14
CA THR IA 170 14.00 45.02 29.17
C THR IA 170 14.87 44.67 27.96
N PRO IA 171 14.59 43.56 27.29
CA PRO IA 171 15.35 43.24 26.07
C PRO IA 171 15.08 44.26 24.97
N ALA IA 172 16.12 44.55 24.20
CA ALA IA 172 15.97 45.47 23.08
C ALA IA 172 15.17 44.83 21.97
N GLY IA 173 14.27 45.61 21.37
CA GLY IA 173 13.46 45.09 20.29
C GLY IA 173 14.25 44.90 19.02
N CYS IA 174 13.70 44.06 18.14
CA CYS IA 174 14.34 43.74 16.87
C CYS IA 174 13.98 44.80 15.83
N LYS IA 175 14.97 45.54 15.36
CA LYS IA 175 14.71 46.55 14.35
C LYS IA 175 14.52 45.97 12.97
N TYR IA 176 14.95 44.74 12.74
CA TYR IA 176 14.77 44.07 11.46
C TYR IA 176 14.19 42.69 11.68
N ILE IA 177 13.48 42.20 10.68
CA ILE IA 177 12.91 40.86 10.70
C ILE IA 177 13.25 40.18 9.38
N THR IA 178 13.77 38.97 9.47
CA THR IA 178 14.15 38.20 8.30
C THR IA 178 13.08 37.13 8.04
N LEU IA 179 12.55 37.13 6.82
CA LEU IA 179 11.50 36.20 6.46
C LEU IA 179 12.13 34.92 5.93
N TYR IA 180 11.30 34.03 5.41
CA TYR IA 180 11.78 32.78 4.86
C TYR IA 180 12.69 33.04 3.66
N GLY IA 181 13.76 32.26 3.56
CA GLY IA 181 14.69 32.40 2.46
C GLY IA 181 15.81 33.40 2.68
N TYR IA 182 16.03 33.85 3.91
CA TYR IA 182 17.07 34.81 4.18
C TYR IA 182 18.44 34.16 4.05
N ASP IA 183 19.41 34.93 3.53
CA ASP IA 183 20.75 34.41 3.28
C ASP IA 183 21.76 35.54 3.39
N PRO IA 184 22.52 35.61 4.48
CA PRO IA 184 23.58 36.61 4.57
C PRO IA 184 24.69 36.43 3.56
N SER IA 185 24.91 35.20 3.07
CA SER IA 185 26.02 34.98 2.15
C SER IA 185 25.84 35.77 0.86
N ARG IA 186 24.60 35.96 0.42
CA ARG IA 186 24.33 36.76 -0.76
C ARG IA 186 24.78 38.20 -0.51
N PRO IA 187 25.83 38.66 -1.18
CA PRO IA 187 26.39 39.98 -0.86
C PRO IA 187 25.44 41.13 -1.10
N SER IA 188 24.42 40.95 -1.93
CA SER IA 188 23.50 42.03 -2.25
C SER IA 188 22.36 42.17 -1.26
N THR IA 189 22.26 41.27 -0.28
CA THR IA 189 21.17 41.36 0.69
C THR IA 189 21.39 42.57 1.59
N PRO IA 190 20.30 43.20 2.04
CA PRO IA 190 20.44 44.33 2.96
C PRO IA 190 21.08 43.90 4.28
N ALA IA 191 21.92 44.77 4.82
CA ALA IA 191 22.56 44.49 6.10
C ALA IA 191 21.59 44.71 7.24
N THR IA 192 21.76 43.92 8.30
CA THR IA 192 20.95 44.05 9.50
C THR IA 192 21.76 44.21 10.78
N TYR IA 193 23.08 44.04 10.72
CA TYR IA 193 23.95 44.18 11.88
C TYR IA 193 23.55 43.27 13.02
N GLY IA 194 22.86 42.17 12.71
CA GLY IA 194 22.49 41.20 13.70
C GLY IA 194 21.29 41.55 14.54
N LYS IA 195 20.67 42.70 14.31
CA LYS IA 195 19.54 43.11 15.13
C LYS IA 195 18.33 42.21 14.92
N HIS IA 196 18.34 41.36 13.90
CA HIS IA 196 17.22 40.45 13.68
C HIS IA 196 17.13 39.37 14.74
N ARG IA 197 18.23 39.04 15.41
CA ARG IA 197 18.18 38.04 16.46
C ARG IA 197 17.35 38.57 17.63
N PRO IA 198 16.58 37.71 18.29
CA PRO IA 198 15.66 38.20 19.33
C PRO IA 198 16.35 38.80 20.54
N THR IA 199 17.59 38.44 20.82
CA THR IA 199 18.24 38.85 22.06
C THR IA 199 19.65 39.37 21.79
N TYR IA 200 19.77 40.27 20.81
CA TYR IA 200 21.08 40.77 20.48
C TYR IA 200 21.64 41.74 21.50
N ALA IA 201 20.81 42.28 22.39
CA ALA IA 201 21.28 43.27 23.36
C ALA IA 201 20.24 43.39 24.47
N THR IA 202 20.45 44.34 25.36
CA THR IA 202 19.54 44.63 26.45
C THR IA 202 19.71 46.08 26.84
N VAL IA 203 18.59 46.76 27.14
CA VAL IA 203 18.60 48.19 27.43
C VAL IA 203 18.25 48.40 28.90
N PHE IA 204 18.87 49.41 29.49
CA PHE IA 204 18.61 49.82 30.87
C PHE IA 204 18.30 51.30 30.88
N TYR IA 205 17.03 51.66 31.00
CA TYR IA 205 16.66 53.05 31.16
C TYR IA 205 16.88 53.48 32.60
N TYR IA 206 17.34 54.71 32.79
CA TYR IA 206 17.59 55.23 34.13
C TYR IA 206 17.07 56.65 34.22
N SER IA 207 16.66 57.04 35.42
CA SER IA 207 16.03 58.33 35.63
C SER IA 207 17.02 59.43 36.01
N THR IA 208 18.14 59.08 36.65
CA THR IA 208 19.05 60.09 37.14
C THR IA 208 20.46 59.56 37.11
N LEU IA 209 21.41 60.50 37.15
CA LEU IA 209 22.82 60.13 37.04
C LEU IA 209 23.28 59.15 38.12
N PRO IA 210 22.94 59.33 39.39
CA PRO IA 210 23.35 58.31 40.38
C PRO IA 210 22.86 56.93 40.03
N ALA IA 211 21.66 56.82 39.46
CA ALA IA 211 21.20 55.52 38.98
C ALA IA 211 22.11 54.99 37.90
N ARG IA 212 22.55 55.86 36.99
CA ARG IA 212 23.46 55.44 35.93
C ARG IA 212 24.74 54.88 36.52
N SER IA 213 25.27 55.56 37.55
CA SER IA 213 26.46 55.06 38.21
C SER IA 213 26.21 53.68 38.82
N ARG IA 214 25.05 53.50 39.44
CA ARG IA 214 24.74 52.22 40.08
C ARG IA 214 24.70 51.10 39.06
N LEU IA 215 24.06 51.35 37.92
CA LEU IA 215 23.98 50.31 36.89
C LEU IA 215 25.35 49.92 36.38
N LEU IA 216 26.19 50.92 36.09
CA LEU IA 216 27.50 50.64 35.51
C LEU IA 216 28.33 49.78 36.44
N ALA IA 217 28.19 49.98 37.75
CA ALA IA 217 28.93 49.17 38.70
C ALA IA 217 28.60 47.70 38.55
N ASN IA 218 27.35 47.38 38.23
CA ASN IA 218 26.98 45.98 38.07
C ASN IA 218 27.51 45.41 36.76
N LEU IA 219 27.53 46.21 35.71
CA LEU IA 219 27.86 45.71 34.38
C LEU IA 219 29.35 45.70 34.10
N ALA IA 220 30.18 46.15 35.05
CA ALA IA 220 31.59 46.37 34.76
C ALA IA 220 32.31 45.09 34.34
N ALA IA 221 31.83 43.93 34.74
CA ALA IA 221 32.54 42.69 34.47
C ALA IA 221 32.22 42.06 33.13
N GLY IA 222 31.18 42.51 32.45
CA GLY IA 222 30.74 41.88 31.23
C GLY IA 222 31.29 42.56 29.98
N PRO IA 223 30.57 42.43 28.88
CA PRO IA 223 30.99 43.08 27.62
C PRO IA 223 30.93 44.60 27.71
N THR IA 224 31.32 45.27 26.64
CA THR IA 224 31.39 46.72 26.63
C THR IA 224 29.99 47.32 26.53
N VAL IA 225 29.69 48.25 27.42
CA VAL IA 225 28.40 48.93 27.43
C VAL IA 225 28.48 50.14 26.52
N LEU IA 226 27.38 50.42 25.82
CA LEU IA 226 27.31 51.54 24.88
C LEU IA 226 26.18 52.48 25.29
N GLU IA 227 26.31 53.73 24.87
CA GLU IA 227 25.30 54.73 25.21
C GLU IA 227 25.33 55.86 24.18
N HIS IA 228 24.17 56.46 23.97
CA HIS IA 228 24.05 57.72 23.25
C HIS IA 228 24.00 58.85 24.27
N PHE IA 229 24.78 59.90 24.02
CA PHE IA 229 24.76 61.06 24.89
C PHE IA 229 23.85 62.17 24.38
N ASP IA 230 23.67 62.28 23.07
CA ASP IA 230 23.00 63.45 22.51
C ASP IA 230 21.50 63.43 22.81
N SER IA 231 20.80 62.42 22.30
CA SER IA 231 19.35 62.36 22.42
C SER IA 231 18.94 60.90 22.52
N PRO IA 232 18.72 60.39 23.71
CA PRO IA 232 18.52 58.95 23.91
C PRO IA 232 17.08 58.50 23.69
N THR IA 233 16.47 58.94 22.59
CA THR IA 233 15.10 58.57 22.23
C THR IA 233 14.15 58.80 23.39
N TYR IA 234 13.54 57.73 23.89
CA TYR IA 234 12.53 57.87 24.94
C TYR IA 234 13.11 58.34 26.26
N GLY IA 235 14.41 58.17 26.48
CA GLY IA 235 15.02 58.60 27.71
C GLY IA 235 16.42 58.05 27.87
N PRO IA 236 17.16 58.62 28.82
CA PRO IA 236 18.53 58.17 29.05
C PRO IA 236 18.56 56.68 29.37
N HIS IA 237 19.43 55.96 28.68
CA HIS IA 237 19.46 54.51 28.84
C HIS IA 237 20.79 53.97 28.34
N LEU IA 238 21.31 52.99 29.07
CA LEU IA 238 22.42 52.19 28.58
C LEU IA 238 21.90 51.04 27.74
N LEU IA 239 22.80 50.41 27.00
CA LEU IA 239 22.46 49.15 26.34
C LEU IA 239 23.65 48.22 26.41
N LEU IA 240 23.37 46.95 26.69
CA LEU IA 240 24.40 45.93 26.83
C LEU IA 240 24.31 44.95 25.67
N PRO IA 241 25.27 44.93 24.76
CA PRO IA 241 25.18 44.02 23.62
C PRO IA 241 25.44 42.58 24.04
N GLN IA 242 24.91 41.67 23.22
CA GLN IA 242 25.21 40.25 23.40
C GLN IA 242 26.69 40.00 23.17
N THR IA 243 27.27 39.14 23.99
CA THR IA 243 28.72 38.97 24.02
C THR IA 243 29.26 38.15 22.85
N GLY IA 244 28.40 37.70 21.94
CA GLY IA 244 28.83 36.90 20.80
C GLY IA 244 29.19 37.75 19.59
N ASP IA 245 29.28 37.07 18.46
CA ASP IA 245 29.60 37.70 17.18
C ASP IA 245 28.49 37.37 16.18
N VAL IA 246 28.63 37.93 14.98
CA VAL IA 246 27.66 37.73 13.90
C VAL IA 246 28.43 37.30 12.66
N LEU IA 247 27.85 36.36 11.91
CA LEU IA 247 28.52 35.76 10.78
C LEU IA 247 28.35 36.60 9.51
N GLY IA 248 29.32 36.45 8.61
CA GLY IA 248 29.19 36.94 7.26
C GLY IA 248 29.64 38.36 7.03
N TYR IA 249 29.81 39.15 8.08
CA TYR IA 249 30.09 40.57 7.88
C TYR IA 249 31.56 40.85 7.58
N SER IA 250 32.47 39.94 7.88
CA SER IA 250 33.89 40.13 7.60
C SER IA 250 34.59 38.80 7.83
N SER IA 251 35.92 38.82 7.79
CA SER IA 251 36.73 37.65 8.10
C SER IA 251 36.85 37.49 9.62
N SER IA 252 35.70 37.36 10.27
CA SER IA 252 35.61 37.10 11.70
C SER IA 252 36.31 38.16 12.52
N LEU IA 253 36.34 39.40 12.02
CA LEU IA 253 36.98 40.50 12.73
C LEU IA 253 36.02 41.21 13.68
N ILE IA 254 34.96 40.55 14.11
CA ILE IA 254 33.80 41.24 14.63
C ILE IA 254 33.27 40.56 15.88
N SER IA 255 32.87 41.37 16.86
CA SER IA 255 31.95 40.97 17.92
C SER IA 255 30.74 41.88 17.85
N GLN IA 256 29.68 41.50 18.55
CA GLN IA 256 28.40 42.20 18.40
C GLN IA 256 28.55 43.68 18.72
N ALA IA 257 29.28 44.01 19.78
CA ALA IA 257 29.45 45.40 20.16
C ALA IA 257 30.08 46.20 19.03
N ALA IA 258 31.08 45.63 18.36
CA ALA IA 258 31.71 46.33 17.26
C ALA IA 258 30.71 46.66 16.16
N LEU IA 259 29.80 45.73 15.88
CA LEU IA 259 28.81 45.96 14.83
C LEU IA 259 27.94 47.16 15.16
N LEU IA 260 27.49 47.27 16.40
CA LEU IA 260 26.66 48.40 16.78
C LEU IA 260 27.41 49.70 16.58
N MET IA 261 28.68 49.75 16.97
CA MET IA 261 29.46 50.96 16.80
C MET IA 261 29.60 51.32 15.33
N VAL IA 262 30.05 50.36 14.51
CA VAL IA 262 30.42 50.70 13.14
C VAL IA 262 29.21 51.19 12.36
N GLU IA 263 28.06 50.52 12.53
CA GLU IA 263 26.87 50.99 11.83
C GLU IA 263 26.41 52.33 12.37
N SER IA 264 26.59 52.56 13.67
CA SER IA 264 26.28 53.87 14.22
C SER IA 264 27.17 54.94 13.60
N VAL IA 265 28.45 54.62 13.41
CA VAL IA 265 29.37 55.57 12.80
C VAL IA 265 28.92 55.89 11.39
N MET IA 266 28.52 54.88 10.63
CA MET IA 266 28.08 55.11 9.26
C MET IA 266 26.91 56.06 9.22
N ASP IA 267 25.94 55.88 10.11
CA ASP IA 267 24.80 56.78 10.14
C ASP IA 267 25.24 58.21 10.44
N ALA IA 268 26.19 58.37 11.36
CA ALA IA 268 26.70 59.69 11.66
C ALA IA 268 27.32 60.32 10.41
N LEU IA 269 28.09 59.53 9.65
CA LEU IA 269 28.67 60.05 8.43
C LEU IA 269 27.59 60.42 7.42
N ARG IA 270 26.58 59.57 7.27
CA ARG IA 270 25.54 59.86 6.29
C ARG IA 270 24.82 61.16 6.63
N ASP IA 271 24.50 61.36 7.91
CA ASP IA 271 23.81 62.58 8.31
C ASP IA 271 24.66 63.82 8.05
N ASN IA 272 25.94 63.75 8.43
CA ASN IA 272 26.83 64.87 8.14
C ASN IA 272 26.89 65.14 6.65
N ALA IA 273 26.75 64.10 5.83
CA ALA IA 273 26.86 64.27 4.39
C ALA IA 273 25.65 64.99 3.80
N ASN IA 274 24.50 64.99 4.48
CA ASN IA 274 23.32 65.59 3.89
C ASN IA 274 22.52 66.42 4.89
N ALA IA 275 23.12 66.87 5.97
CA ALA IA 275 22.42 67.75 6.89
C ALA IA 275 22.29 69.15 6.29
N SER IA 276 21.25 69.87 6.69
CA SER IA 276 21.00 71.21 6.18
C SER IA 276 20.62 72.12 7.33
N ALA IA 277 20.89 73.42 7.15
CA ALA IA 277 20.51 74.39 8.17
C ALA IA 277 19.00 74.51 8.31
N SER IA 278 18.26 74.22 7.25
CA SER IA 278 16.82 74.45 7.26
C SER IA 278 16.03 73.33 7.93
N THR IA 279 16.68 72.25 8.32
CA THR IA 279 15.98 71.06 8.78
C THR IA 279 16.39 70.74 10.21
N ALA IA 280 15.41 70.63 11.10
CA ALA IA 280 15.67 70.11 12.43
C ALA IA 280 15.75 68.59 12.38
N VAL IA 281 16.47 68.03 13.36
CA VAL IA 281 16.68 66.59 13.42
C VAL IA 281 16.56 66.16 14.87
N THR IA 282 16.33 64.86 15.07
CA THR IA 282 16.15 64.33 16.41
C THR IA 282 17.46 64.31 17.18
N ARG IA 283 18.60 64.25 16.50
CA ARG IA 283 19.86 64.02 17.19
C ARG IA 283 21.01 64.45 16.29
N LEU IA 284 21.90 65.30 16.81
CA LEU IA 284 23.04 65.74 16.04
C LEU IA 284 24.13 64.67 15.97
N ASP IA 285 24.33 63.94 17.05
CA ASP IA 285 25.44 62.99 17.18
C ASP IA 285 24.86 61.58 17.20
N GLN IA 286 24.96 60.88 16.08
CA GLN IA 286 24.41 59.53 16.00
C GLN IA 286 25.34 58.47 16.55
N SER IA 287 26.55 58.83 16.95
CA SER IA 287 27.53 57.85 17.37
C SER IA 287 27.19 57.27 18.74
N TYR IA 288 27.50 56.00 18.92
CA TYR IA 288 27.52 55.40 20.25
C TYR IA 288 28.82 55.78 20.96
N HIS IA 289 28.90 55.40 22.22
CA HIS IA 289 30.11 55.66 22.95
C HIS IA 289 30.31 54.56 23.98
N PRO IA 290 31.47 53.90 24.00
CA PRO IA 290 31.71 52.85 24.99
C PRO IA 290 32.03 53.45 26.34
N VAL IA 291 31.55 52.78 27.40
CA VAL IA 291 31.70 53.29 28.75
C VAL IA 291 32.28 52.26 29.71
N THR IA 292 32.49 51.01 29.28
CA THR IA 292 33.04 49.98 30.14
C THR IA 292 34.02 49.13 29.36
N SER IA 293 34.98 48.56 30.08
CA SER IA 293 35.87 47.52 29.57
C SER IA 293 36.45 47.89 28.20
N PHE IA 294 37.25 48.96 28.21
CA PHE IA 294 37.73 49.54 26.98
C PHE IA 294 39.15 50.03 27.16
N ASP IA 295 39.92 50.01 26.07
CA ASP IA 295 41.31 50.46 26.10
C ASP IA 295 41.47 51.73 25.30
N PRO IA 296 41.78 52.86 25.94
CA PRO IA 296 42.10 54.07 25.18
C PRO IA 296 43.52 54.07 24.62
N SER IA 297 44.32 53.06 24.95
CA SER IA 297 45.75 53.08 24.63
C SER IA 297 46.11 52.33 23.36
N THR IA 298 45.17 51.61 22.75
CA THR IA 298 45.51 50.70 21.67
C THR IA 298 44.49 50.84 20.55
N PHE IA 299 44.91 50.46 19.34
CA PHE IA 299 44.06 50.59 18.16
C PHE IA 299 44.21 49.37 17.26
N ASN IA 300 44.25 48.17 17.85
CA ASN IA 300 44.43 46.96 17.07
C ASN IA 300 43.22 46.05 17.15
N THR IA 301 42.03 46.62 17.39
CA THR IA 301 40.80 45.87 17.24
C THR IA 301 39.73 46.82 16.72
N LEU IA 302 38.72 46.23 16.08
CA LEU IA 302 37.70 47.02 15.40
C LEU IA 302 37.05 48.01 16.36
N LEU IA 303 36.70 47.55 17.56
CA LEU IA 303 35.98 48.40 18.50
C LEU IA 303 36.80 49.64 18.83
N GLN IA 304 38.09 49.48 19.06
CA GLN IA 304 38.93 50.65 19.32
C GLN IA 304 38.94 51.59 18.14
N ARG IA 305 39.14 51.06 16.94
CA ARG IA 305 39.25 51.91 15.76
C ARG IA 305 37.96 52.66 15.52
N ALA IA 306 36.82 51.97 15.62
CA ALA IA 306 35.55 52.63 15.42
C ALA IA 306 35.36 53.76 16.41
N THR IA 307 35.73 53.53 17.67
CA THR IA 307 35.64 54.58 18.67
C THR IA 307 36.51 55.77 18.28
N ASN IA 308 37.73 55.50 17.82
CA ASN IA 308 38.62 56.59 17.44
C ASN IA 308 38.00 57.42 16.33
N LEU IA 309 37.34 56.76 15.38
CA LEU IA 309 36.68 57.51 14.31
C LEU IA 309 35.47 58.26 14.83
N ALA IA 310 34.72 57.65 15.74
CA ALA IA 310 33.51 58.30 16.25
C ALA IA 310 33.83 59.61 16.93
N LEU IA 311 34.88 59.62 17.75
CA LEU IA 311 35.27 60.84 18.45
C LEU IA 311 35.54 61.97 17.48
N LEU IA 312 35.98 61.65 16.26
CA LEU IA 312 36.20 62.66 15.25
C LEU IA 312 34.92 62.97 14.48
N ALA IA 313 34.08 61.96 14.24
CA ALA IA 313 32.90 62.16 13.41
C ALA IA 313 31.95 63.18 14.01
N VAL IA 314 31.89 63.25 15.34
CA VAL IA 314 30.96 64.17 16.01
C VAL IA 314 31.24 65.61 15.64
N GLN IA 315 32.48 65.93 15.26
CA GLN IA 315 32.80 67.29 14.88
C GLN IA 315 32.11 67.74 13.60
N GLY IA 316 31.52 66.82 12.85
CA GLY IA 316 30.86 67.14 11.62
C GLY IA 316 31.63 66.79 10.37
N VAL IA 317 32.40 65.70 10.39
CA VAL IA 317 33.23 65.34 9.26
C VAL IA 317 32.42 64.54 8.26
N GLN IA 318 32.87 64.54 7.01
CA GLN IA 318 32.21 63.82 5.94
C GLN IA 318 33.21 62.93 5.22
N SER IA 319 32.72 61.80 4.72
CA SER IA 319 33.55 60.90 3.95
C SER IA 319 33.63 61.36 2.51
N GLU IA 320 34.72 61.00 1.84
CA GLU IA 320 34.92 61.45 0.46
C GLU IA 320 33.95 60.79 -0.50
N SER IA 321 33.40 59.64 -0.15
CA SER IA 321 32.47 58.91 -0.99
C SER IA 321 31.16 58.71 -0.27
N ALA IA 322 30.05 58.79 -1.00
CA ALA IA 322 28.75 58.63 -0.40
C ALA IA 322 28.53 57.19 0.06
N ILE IA 323 27.77 57.05 1.14
CA ILE IA 323 27.44 55.74 1.67
C ILE IA 323 25.96 55.47 1.44
N PRO IA 324 25.57 54.24 1.13
CA PRO IA 324 24.19 53.98 0.70
C PRO IA 324 23.19 54.25 1.80
N ALA IA 325 21.98 54.62 1.38
CA ALA IA 325 20.89 54.79 2.34
C ALA IA 325 20.48 53.47 2.94
N ILE IA 326 20.52 52.39 2.16
CA ILE IA 326 20.20 51.06 2.65
C ILE IA 326 21.38 50.15 2.35
N PRO IA 327 22.38 50.10 3.21
CA PRO IA 327 23.60 49.35 2.90
C PRO IA 327 23.33 47.87 2.76
N THR IA 328 24.05 47.25 1.84
CA THR IA 328 24.05 45.80 1.69
C THR IA 328 25.29 45.22 2.35
N MET IA 329 25.32 43.88 2.42
CA MET IA 329 26.43 43.20 3.07
C MET IA 329 27.76 43.61 2.47
N SER IA 330 27.81 43.71 1.14
CA SER IA 330 29.04 44.13 0.48
C SER IA 330 29.45 45.52 0.94
N ASP IA 331 28.48 46.44 1.05
CA ASP IA 331 28.81 47.80 1.43
C ASP IA 331 29.47 47.85 2.80
N VAL IA 332 28.90 47.13 3.77
CA VAL IA 332 29.46 47.13 5.11
C VAL IA 332 30.85 46.51 5.10
N ARG IA 333 31.03 45.43 4.33
CA ARG IA 333 32.33 44.78 4.27
C ARG IA 333 33.39 45.75 3.79
N SER IA 334 33.09 46.53 2.76
CA SER IA 334 34.05 47.52 2.27
C SER IA 334 34.39 48.52 3.35
N PHE IA 335 33.40 48.96 4.12
CA PHE IA 335 33.66 49.91 5.19
C PHE IA 335 34.56 49.31 6.25
N VAL IA 336 34.25 48.09 6.70
CA VAL IA 336 35.07 47.45 7.71
C VAL IA 336 36.48 47.23 7.19
N ALA IA 337 36.59 46.76 5.95
CA ALA IA 337 37.90 46.48 5.38
C ALA IA 337 38.78 47.72 5.43
N ARG IA 338 38.23 48.86 4.99
CA ARG IA 338 38.98 50.10 5.07
C ARG IA 338 39.29 50.45 6.51
N LEU IA 339 38.33 50.25 7.41
CA LEU IA 339 38.54 50.60 8.81
C LEU IA 339 39.66 49.78 9.43
N MET IA 340 39.87 48.56 8.95
CA MET IA 340 40.91 47.69 9.48
C MET IA 340 42.23 47.81 8.73
N ALA IA 341 42.32 48.69 7.75
CA ALA IA 341 43.56 48.84 7.01
C ALA IA 341 44.64 49.45 7.89
N GLU IA 342 45.90 49.27 7.46
CA GLU IA 342 47.00 49.89 8.17
C GLU IA 342 46.97 51.40 7.97
N GLY IA 343 47.26 52.13 9.05
CA GLY IA 343 47.25 53.57 8.98
C GLY IA 343 47.29 54.16 10.36
N ASP IA 344 47.45 55.46 10.40
CA ASP IA 344 47.55 56.13 11.68
C ASP IA 344 46.16 56.34 12.28
N PRO IA 345 46.03 56.22 13.59
CA PRO IA 345 44.80 56.67 14.25
C PRO IA 345 44.86 58.16 14.52
N GLN IA 346 43.73 58.82 14.34
CA GLN IA 346 43.69 60.25 14.63
C GLN IA 346 43.89 60.48 16.11
N GLN IA 347 44.53 61.60 16.44
CA GLN IA 347 44.75 61.94 17.84
C GLN IA 347 44.53 63.42 18.09
N TRP IA 348 43.63 64.04 17.34
CA TRP IA 348 43.27 65.41 17.63
C TRP IA 348 42.50 65.51 18.93
N PHE IA 349 41.54 64.61 19.14
CA PHE IA 349 40.71 64.61 20.34
C PHE IA 349 40.94 63.32 21.10
N PRO IA 350 41.38 63.39 22.36
CA PRO IA 350 41.58 62.16 23.13
C PRO IA 350 40.26 61.58 23.62
N TYR IA 351 40.27 60.27 23.81
CA TYR IA 351 39.12 59.59 24.39
C TYR IA 351 39.01 59.91 25.88
N ARG IA 352 37.79 60.14 26.34
CA ARG IA 352 37.52 60.27 27.76
C ARG IA 352 36.27 59.48 28.09
N VAL IA 353 36.24 58.92 29.30
CA VAL IA 353 35.40 57.76 29.56
C VAL IA 353 33.93 58.09 29.38
N ASP IA 354 33.46 59.19 29.97
CA ASP IA 354 32.07 59.57 29.82
C ASP IA 354 31.92 61.08 29.66
N GLN IA 355 32.78 61.66 28.82
CA GLN IA 355 32.60 63.04 28.38
C GLN IA 355 33.21 63.18 27.01
N ILE IA 356 32.58 63.96 26.15
CA ILE IA 356 32.98 64.10 24.76
C ILE IA 356 33.41 65.54 24.51
N LEU IA 357 34.51 65.70 23.78
CA LEU IA 357 35.08 67.01 23.50
C LEU IA 357 34.69 67.45 22.09
N TYR IA 358 34.32 68.72 21.96
CA TYR IA 358 33.93 69.26 20.67
C TYR IA 358 34.72 70.52 20.36
N TRP IA 359 35.01 70.71 19.09
CA TRP IA 359 35.72 71.90 18.65
C TRP IA 359 34.78 73.09 18.60
N PRO IA 360 35.09 74.19 19.28
CA PRO IA 360 34.16 75.32 19.27
C PRO IA 360 33.89 75.88 17.88
N GLU IA 361 34.82 75.74 16.96
CA GLU IA 361 34.59 76.21 15.60
C GLU IA 361 33.72 75.25 14.79
N SER IA 362 33.45 74.06 15.30
CA SER IA 362 32.61 73.13 14.58
C SER IA 362 31.18 73.65 14.50
N PRO IA 363 30.44 73.29 13.45
CA PRO IA 363 29.01 73.64 13.42
C PRO IA 363 28.19 72.93 14.47
N PHE IA 364 28.77 71.97 15.18
CA PHE IA 364 28.05 71.25 16.21
C PHE IA 364 27.63 72.17 17.33
N VAL IA 365 26.45 71.92 17.88
CA VAL IA 365 25.91 72.67 19.01
C VAL IA 365 25.67 71.69 20.15
N PRO IA 366 26.27 71.91 21.32
CA PRO IA 366 26.11 70.93 22.39
C PRO IA 366 24.72 71.00 23.00
N PRO IA 367 24.24 69.89 23.55
CA PRO IA 367 22.99 69.94 24.32
C PRO IA 367 23.23 70.50 25.71
N ILE IA 368 22.21 70.45 26.56
CA ILE IA 368 22.33 71.04 27.89
C ILE IA 368 23.07 70.15 28.88
N GLY IA 369 23.15 68.85 28.63
CA GLY IA 369 23.74 67.93 29.56
C GLY IA 369 25.21 68.17 29.79
N PRO IA 370 25.78 67.53 30.82
CA PRO IA 370 27.19 67.73 31.15
C PRO IA 370 28.14 66.83 30.38
N PHE IA 371 27.66 66.07 29.41
CA PHE IA 371 28.49 65.08 28.74
C PHE IA 371 29.40 65.66 27.66
N TYR IA 372 29.27 66.95 27.36
CA TYR IA 372 30.04 67.56 26.29
C TYR IA 372 30.81 68.76 26.82
N ALA IA 373 31.98 69.01 26.22
CA ALA IA 373 32.84 70.10 26.64
C ALA IA 373 33.67 70.58 25.47
N PRO IA 374 33.88 71.88 25.34
CA PRO IA 374 34.70 72.40 24.25
C PRO IA 374 36.16 72.04 24.44
N PHE IA 375 36.89 72.00 23.32
CA PHE IA 375 38.29 71.63 23.36
C PHE IA 375 39.01 72.24 22.16
N ARG IA 376 40.31 72.49 22.33
CA ARG IA 376 41.13 73.17 21.32
C ARG IA 376 42.27 72.28 20.87
N PRO IA 377 42.12 71.55 19.77
CA PRO IA 377 43.27 70.90 19.16
C PRO IA 377 44.25 71.92 18.62
N VAL IA 378 45.51 71.52 18.54
CA VAL IA 378 46.55 72.48 18.21
C VAL IA 378 46.64 72.74 16.70
N ASN IA 379 46.40 71.73 15.87
CA ASN IA 379 46.67 71.85 14.44
C ASN IA 379 45.55 71.24 13.62
N PHE IA 380 44.32 71.56 13.98
CA PHE IA 380 43.17 70.99 13.27
C PHE IA 380 43.07 71.59 11.87
N PRO IA 381 42.98 70.76 10.83
CA PRO IA 381 43.04 71.27 9.45
C PRO IA 381 41.69 71.56 8.79
N PHE IA 382 40.57 71.26 9.43
CA PHE IA 382 39.29 71.33 8.76
C PHE IA 382 38.68 72.72 8.86
N THR IA 383 37.65 72.94 8.05
CA THR IA 383 36.87 74.18 8.07
C THR IA 383 35.41 73.85 7.86
N THR IA 384 34.55 74.75 8.30
CA THR IA 384 33.12 74.60 8.06
C THR IA 384 32.80 74.80 6.58
N GLY IA 385 31.83 74.05 6.09
CA GLY IA 385 31.43 74.20 4.70
C GLY IA 385 30.75 72.96 4.15
N SER IA 386 29.82 73.16 3.22
CA SER IA 386 29.12 72.05 2.61
C SER IA 386 29.94 71.45 1.48
N TYR IA 387 29.60 70.22 1.12
CA TYR IA 387 30.30 69.52 0.06
C TYR IA 387 29.33 68.57 -0.63
N THR IA 388 29.16 68.73 -1.93
CA THR IA 388 28.31 67.84 -2.70
C THR IA 388 29.13 66.73 -3.35
N VAL IA 389 28.45 65.68 -3.76
CA VAL IA 389 29.08 64.50 -4.35
C VAL IA 389 28.70 64.43 -5.81
N VAL IA 390 29.66 64.07 -6.65
CA VAL IA 390 29.47 64.00 -8.09
C VAL IA 390 29.27 62.53 -8.50
N PRO IA 391 28.34 62.24 -9.39
CA PRO IA 391 28.18 60.86 -9.86
C PRO IA 391 29.43 60.38 -10.59
N ASP IA 392 29.57 59.06 -10.65
CA ASP IA 392 30.75 58.46 -11.25
C ASP IA 392 30.74 58.64 -12.76
N ALA IA 393 31.91 58.44 -13.36
CA ALA IA 393 32.13 58.68 -14.78
C ALA IA 393 32.26 57.36 -15.52
N SER IA 394 31.64 57.30 -16.71
CA SER IA 394 31.71 56.12 -17.56
C SER IA 394 32.95 56.09 -18.43
N ARG IA 395 33.78 57.12 -18.37
CA ARG IA 395 34.94 57.25 -19.23
C ARG IA 395 36.17 57.59 -18.40
N PRO IA 396 37.35 57.11 -18.78
CA PRO IA 396 38.57 57.62 -18.16
C PRO IA 396 38.71 59.12 -18.40
N LEU IA 397 39.20 59.82 -17.39
CA LEU IA 397 39.27 61.27 -17.44
C LEU IA 397 40.60 61.73 -18.03
N ARG IA 398 40.57 62.95 -18.57
CA ARG IA 398 41.75 63.61 -19.10
C ARG IA 398 41.98 64.91 -18.36
N LEU IA 399 43.24 65.21 -18.04
CA LEU IA 399 43.57 66.43 -17.34
C LEU IA 399 44.61 67.21 -18.13
N LEU IA 400 44.71 68.50 -17.83
CA LEU IA 400 45.67 69.39 -18.45
C LEU IA 400 46.64 69.89 -17.39
N PRO IA 401 47.94 69.70 -17.57
CA PRO IA 401 48.89 70.05 -16.50
C PRO IA 401 48.86 71.53 -16.17
N GLN IA 402 48.99 71.82 -14.87
CA GLN IA 402 49.20 73.17 -14.37
C GLN IA 402 50.21 73.08 -13.23
N TYR IA 403 51.15 74.00 -13.19
CA TYR IA 403 52.35 73.83 -12.38
C TYR IA 403 52.42 74.82 -11.23
N ARG IA 404 52.98 74.35 -10.12
CA ARG IA 404 53.38 75.22 -9.02
C ARG IA 404 54.77 75.77 -9.29
N ASN IA 405 55.27 76.60 -8.37
CA ASN IA 405 56.61 77.14 -8.51
C ASN IA 405 57.70 76.16 -8.12
N ALA IA 406 57.33 75.03 -7.51
CA ALA IA 406 58.32 74.06 -7.07
C ALA IA 406 58.80 73.21 -8.24
N THR IA 407 60.03 72.73 -8.14
CA THR IA 407 60.59 71.86 -9.15
C THR IA 407 61.51 70.84 -8.49
N ILE IA 408 61.80 69.77 -9.22
CA ILE IA 408 62.49 68.61 -8.66
C ILE IA 408 63.57 68.14 -9.63
N THR IA 409 64.69 67.67 -9.08
CA THR IA 409 65.79 67.17 -9.87
C THR IA 409 65.39 65.91 -10.64
N VAL IA 410 66.11 65.67 -11.73
CA VAL IA 410 65.77 64.56 -12.62
C VAL IA 410 65.87 63.23 -11.89
N GLN IA 411 66.92 63.04 -11.10
CA GLN IA 411 67.15 61.76 -10.45
C GLN IA 411 65.98 61.42 -9.53
N GLN IA 412 65.53 62.39 -8.74
CA GLN IA 412 64.38 62.16 -7.88
C GLN IA 412 63.15 61.81 -8.71
N ALA IA 413 62.97 62.48 -9.84
CA ALA IA 413 61.84 62.16 -10.70
C ALA IA 413 61.90 60.73 -11.18
N ASP IA 414 63.08 60.28 -11.61
CA ASP IA 414 63.21 58.93 -12.14
C ASP IA 414 62.97 57.88 -11.06
N ASP IA 415 63.66 58.01 -9.93
CA ASP IA 415 63.50 57.00 -8.88
C ASP IA 415 62.09 56.98 -8.34
N ALA IA 416 61.45 58.15 -8.23
CA ALA IA 416 60.05 58.17 -7.85
C ALA IA 416 59.18 57.48 -8.90
N TYR IA 417 59.60 57.55 -10.16
CA TYR IA 417 58.85 56.88 -11.22
C TYR IA 417 59.07 55.37 -11.19
N GLU IA 418 60.32 54.94 -11.01
CA GLU IA 418 60.68 53.55 -11.23
C GLU IA 418 60.08 52.61 -10.20
N ASP IA 419 59.59 53.12 -9.07
CA ASP IA 419 58.98 52.27 -8.06
C ASP IA 419 57.47 52.46 -7.97
N THR IA 420 56.89 53.26 -8.86
CA THR IA 420 55.45 53.43 -8.91
C THR IA 420 54.88 53.12 -10.29
N ALA IA 421 55.73 52.78 -11.25
CA ALA IA 421 55.29 52.57 -12.62
C ALA IA 421 55.00 51.10 -12.87
N LEU IA 422 54.06 50.86 -13.79
CA LEU IA 422 53.81 49.53 -14.31
C LEU IA 422 54.78 49.28 -15.47
N SER IA 423 56.05 49.07 -15.09
CA SER IA 423 57.13 49.18 -16.07
C SER IA 423 56.97 48.23 -17.24
N PRO IA 424 56.78 46.92 -17.05
CA PRO IA 424 56.34 46.09 -18.18
C PRO IA 424 54.83 46.08 -18.23
N LEU IA 425 54.29 46.27 -19.44
CA LEU IA 425 52.87 46.52 -19.57
C LEU IA 425 52.33 45.81 -20.81
N ILE IA 426 51.06 45.46 -20.75
CA ILE IA 426 50.35 44.83 -21.86
C ILE IA 426 49.45 45.88 -22.51
N THR IA 427 49.58 46.03 -23.83
CA THR IA 427 48.86 47.06 -24.55
C THR IA 427 48.22 46.47 -25.79
N THR IA 428 47.36 47.26 -26.42
CA THR IA 428 46.74 46.91 -27.69
C THR IA 428 47.03 48.01 -28.71
N HIS IA 429 47.15 47.61 -29.97
CA HIS IA 429 47.48 48.57 -31.01
C HIS IA 429 46.26 49.32 -31.51
N GLY IA 430 45.15 48.64 -31.69
CA GLY IA 430 44.09 49.27 -32.43
C GLY IA 430 44.44 49.25 -33.91
N PHE IA 431 43.78 50.13 -34.67
CA PHE IA 431 44.01 50.23 -36.09
C PHE IA 431 44.55 51.60 -36.42
N CYS IA 432 45.67 51.64 -37.15
CA CYS IA 432 46.29 52.91 -37.50
C CYS IA 432 45.62 53.53 -38.71
N VAL IA 433 45.32 52.73 -39.73
CA VAL IA 433 44.65 53.20 -40.94
C VAL IA 433 43.20 52.77 -40.88
N THR IA 434 42.30 53.74 -40.93
CA THR IA 434 40.88 53.46 -40.84
C THR IA 434 40.24 53.10 -42.18
N GLY IA 435 40.82 53.56 -43.28
CA GLY IA 435 40.28 53.25 -44.58
C GLY IA 435 40.70 54.29 -45.60
N GLY IA 436 40.09 54.19 -46.77
CA GLY IA 436 40.40 55.11 -47.85
C GLY IA 436 41.67 54.72 -48.58
N VAL IA 437 41.94 55.45 -49.65
CA VAL IA 437 43.11 55.22 -50.48
C VAL IA 437 43.70 56.55 -50.91
N SER IA 438 45.01 56.59 -51.08
CA SER IA 438 45.69 57.65 -51.83
C SER IA 438 46.09 57.04 -53.16
N THR IA 439 45.42 57.44 -54.23
CA THR IA 439 45.63 56.86 -55.54
C THR IA 439 46.19 57.91 -56.49
N SER IA 440 47.09 57.48 -57.36
CA SER IA 440 47.69 58.36 -58.35
C SER IA 440 47.74 57.64 -59.69
N ILE IA 441 47.63 58.42 -60.76
CA ILE IA 441 47.58 57.90 -62.12
C ILE IA 441 48.61 58.62 -62.96
N TYR IA 442 49.33 57.87 -63.80
CA TYR IA 442 50.38 58.43 -64.64
C TYR IA 442 50.16 57.97 -66.07
N ASP IA 443 49.85 58.92 -66.95
CA ASP IA 443 49.86 58.62 -68.37
C ASP IA 443 51.30 58.55 -68.85
N ILE IA 444 51.63 57.46 -69.54
CA ILE IA 444 52.97 57.25 -70.05
C ILE IA 444 53.07 57.63 -71.53
N SER IA 445 52.11 57.16 -72.34
CA SER IA 445 52.15 57.43 -73.76
C SER IA 445 52.06 58.92 -74.05
N GLY IA 446 51.42 59.69 -73.16
CA GLY IA 446 51.30 61.11 -73.39
C GLY IA 446 52.63 61.84 -73.44
N ASP IA 447 53.59 61.38 -72.65
CA ASP IA 447 54.90 62.02 -72.60
C ASP IA 447 55.69 61.68 -73.85
N PRO IA 448 56.11 62.67 -74.64
CA PRO IA 448 56.93 62.37 -75.82
C PRO IA 448 58.41 62.24 -75.53
N THR IA 449 58.85 62.56 -74.32
CA THR IA 449 60.27 62.62 -74.01
C THR IA 449 60.82 61.21 -73.87
N ALA IA 450 61.42 60.70 -74.94
CA ALA IA 450 61.99 59.37 -74.92
C ALA IA 450 63.08 59.27 -73.86
N TYR IA 451 63.10 58.15 -73.14
CA TYR IA 451 64.02 57.94 -72.04
C TYR IA 451 64.46 56.49 -72.03
N PRO IA 452 65.75 56.21 -72.17
CA PRO IA 452 66.20 54.82 -72.32
C PRO IA 452 65.86 53.99 -71.10
N PRO IA 453 65.35 52.77 -71.32
CA PRO IA 453 64.94 51.94 -70.17
C PRO IA 453 66.08 51.58 -69.25
N ALA IA 454 67.29 51.41 -69.77
CA ALA IA 454 68.41 51.01 -68.93
C ALA IA 454 68.69 52.02 -67.83
N GLN IA 455 68.30 53.28 -68.02
CA GLN IA 455 68.56 54.33 -67.05
C GLN IA 455 67.44 54.47 -66.03
N LEU IA 456 66.47 53.56 -66.04
CA LEU IA 456 65.39 53.64 -65.06
C LEU IA 456 65.90 53.34 -63.67
N VAL IA 457 65.34 54.02 -62.68
CA VAL IA 457 65.62 53.69 -61.29
C VAL IA 457 65.14 52.28 -61.01
N ASP IA 458 65.84 51.58 -60.12
CA ASP IA 458 65.51 50.20 -59.81
C ASP IA 458 65.15 50.08 -58.33
N THR IA 459 64.78 48.86 -57.95
CA THR IA 459 64.35 48.61 -56.58
C THR IA 459 65.46 48.92 -55.60
N PRO IA 460 65.16 49.51 -54.45
CA PRO IA 460 66.20 49.79 -53.46
C PRO IA 460 66.86 48.50 -52.99
N ASN IA 461 68.15 48.63 -52.64
CA ASN IA 461 68.94 47.45 -52.32
C ASN IA 461 68.39 46.71 -51.11
N ASP IA 462 67.98 47.44 -50.08
CA ASP IA 462 67.52 46.84 -48.84
C ASP IA 462 66.04 46.45 -48.88
N TYR IA 463 65.41 46.51 -50.05
CA TYR IA 463 63.96 46.36 -50.10
C TYR IA 463 63.51 45.01 -49.57
N PHE IA 464 64.37 44.00 -49.66
CA PHE IA 464 64.03 42.67 -49.16
C PHE IA 464 64.77 42.33 -47.88
N ASP IA 465 65.29 43.32 -47.19
CA ASP IA 465 65.82 43.09 -45.86
C ASP IA 465 64.71 42.69 -44.90
N ARG IA 466 65.06 41.86 -43.92
CA ARG IA 466 64.07 41.35 -42.99
C ARG IA 466 63.30 42.48 -42.31
N GLU IA 467 64.03 43.49 -41.83
CA GLU IA 467 63.38 44.54 -41.05
C GLU IA 467 62.34 45.30 -41.87
N ARG IA 468 62.72 45.73 -43.08
CA ARG IA 468 61.75 46.42 -43.92
C ARG IA 468 60.58 45.50 -44.24
N MET IA 469 60.86 44.23 -44.52
CA MET IA 469 59.78 43.27 -44.74
C MET IA 469 58.92 43.14 -43.48
N ALA IA 470 59.55 43.07 -42.31
CA ALA IA 470 58.79 42.94 -41.08
C ALA IA 470 57.87 44.14 -40.89
N ARG IA 471 58.41 45.35 -41.03
CA ARG IA 471 57.57 46.54 -40.92
C ARG IA 471 56.50 46.53 -42.01
N ARG IA 472 56.85 46.06 -43.20
CA ARG IA 472 55.87 45.96 -44.27
C ARG IA 472 54.69 45.09 -43.85
N ASP IA 473 54.99 43.93 -43.26
CA ASP IA 473 53.91 43.07 -42.77
C ASP IA 473 53.18 43.70 -41.60
N LEU IA 474 53.93 44.31 -40.68
CA LEU IA 474 53.30 44.95 -39.53
C LEU IA 474 52.29 45.99 -39.97
N PHE IA 475 52.65 46.79 -40.97
CA PHE IA 475 51.73 47.79 -41.48
C PHE IA 475 50.48 47.14 -42.07
N ARG IA 476 50.66 45.97 -42.70
CA ARG IA 476 49.51 45.27 -43.27
C ARG IA 476 48.47 44.95 -42.20
N ARG IA 477 48.93 44.54 -41.01
CA ARG IA 477 48.00 44.24 -39.94
C ARG IA 477 47.29 45.48 -39.43
N LEU IA 478 47.98 46.62 -39.45
CA LEU IA 478 47.45 47.80 -38.77
C LEU IA 478 46.28 48.45 -39.49
N ARG IA 479 46.06 48.14 -40.77
CA ARG IA 479 44.90 48.70 -41.45
C ARG IA 479 43.63 48.06 -40.91
N ALA IA 480 42.57 48.86 -40.83
CA ALA IA 480 41.29 48.36 -40.37
C ALA IA 480 40.82 47.24 -41.29
N PRO IA 481 40.16 46.22 -40.74
CA PRO IA 481 39.80 45.05 -41.55
C PRO IA 481 38.70 45.37 -42.56
N ALA IA 482 38.93 44.99 -43.80
CA ALA IA 482 37.98 45.15 -44.89
C ALA IA 482 38.48 44.29 -46.06
N ASP IA 483 37.77 44.35 -47.18
CA ASP IA 483 38.18 43.63 -48.38
C ASP IA 483 39.15 44.51 -49.16
N ARG IA 484 40.44 44.15 -49.12
CA ARG IA 484 41.45 44.94 -49.81
C ARG IA 484 41.20 44.95 -51.32
N SER IA 485 40.94 43.78 -51.89
CA SER IA 485 40.78 43.69 -53.34
C SER IA 485 39.56 44.47 -53.80
N ALA IA 486 38.48 44.45 -53.02
CA ALA IA 486 37.28 45.19 -53.40
C ALA IA 486 37.59 46.66 -53.61
N ILE IA 487 38.26 47.29 -52.64
CA ILE IA 487 38.63 48.68 -52.79
C ILE IA 487 39.60 48.84 -53.95
N LYS IA 488 40.58 47.95 -54.04
CA LYS IA 488 41.59 48.07 -55.08
C LYS IA 488 40.98 47.98 -56.47
N ASP IA 489 40.12 46.99 -56.69
CA ASP IA 489 39.50 46.84 -58.00
C ASP IA 489 38.59 48.03 -58.31
N ARG IA 490 37.83 48.49 -57.32
CA ARG IA 490 36.90 49.59 -57.55
C ARG IA 490 37.63 50.82 -58.06
N ALA IA 491 38.81 51.09 -57.50
CA ALA IA 491 39.58 52.25 -57.95
C ALA IA 491 39.95 52.12 -59.42
N VAL IA 492 40.42 50.94 -59.83
CA VAL IA 492 40.85 50.76 -61.21
C VAL IA 492 39.68 50.92 -62.16
N PHE IA 493 38.56 50.26 -61.86
CA PHE IA 493 37.41 50.33 -62.75
C PHE IA 493 36.85 51.74 -62.81
N ASP IA 494 37.02 52.52 -61.75
CA ASP IA 494 36.64 53.93 -61.83
C ASP IA 494 37.44 54.63 -62.91
N PHE IA 495 38.73 54.32 -63.02
CA PHE IA 495 39.53 54.88 -64.09
C PHE IA 495 39.08 54.36 -65.44
N LEU IA 496 38.81 53.06 -65.54
CA LEU IA 496 38.47 52.47 -66.82
C LEU IA 496 37.19 53.07 -67.39
N ALA IA 497 36.19 53.32 -66.52
CA ALA IA 497 34.94 53.88 -66.98
C ALA IA 497 35.16 55.24 -67.66
N SER IA 498 36.24 55.93 -67.30
CA SER IA 498 36.55 57.22 -67.89
C SER IA 498 37.49 57.12 -69.08
N LEU IA 499 38.02 55.95 -69.37
CA LEU IA 499 38.99 55.82 -70.45
C LEU IA 499 38.34 56.03 -71.80
N VAL IA 500 38.93 56.90 -72.61
CA VAL IA 500 38.38 57.30 -73.90
C VAL IA 500 39.49 57.29 -74.93
N ASN IA 501 39.18 56.79 -76.13
CA ASN IA 501 40.20 56.69 -77.16
C ASN IA 501 40.64 58.08 -77.60
N PRO IA 502 41.92 58.29 -77.86
CA PRO IA 502 42.39 59.64 -78.18
C PRO IA 502 42.07 60.08 -79.59
N THR IA 503 41.95 59.13 -80.53
CA THR IA 503 41.79 59.51 -81.93
C THR IA 503 40.39 60.01 -82.22
N THR IA 504 39.37 59.38 -81.65
CA THR IA 504 37.98 59.72 -81.98
C THR IA 504 37.17 60.12 -80.76
N ALA IA 505 37.79 60.23 -79.59
CA ALA IA 505 37.14 60.80 -78.40
C ALA IA 505 35.84 60.08 -78.08
N ASN IA 506 35.85 58.76 -78.13
CA ASN IA 506 34.73 57.96 -77.67
C ASN IA 506 35.23 56.93 -76.66
N PRO IA 507 34.39 56.55 -75.71
CA PRO IA 507 34.87 55.65 -74.65
C PRO IA 507 35.34 54.32 -75.22
N VAL IA 508 36.42 53.80 -74.64
CA VAL IA 508 36.98 52.54 -75.11
C VAL IA 508 36.02 51.40 -74.86
N LEU IA 509 35.39 51.37 -73.69
CA LEU IA 509 34.42 50.33 -73.39
C LEU IA 509 33.06 50.69 -73.97
N ASP IA 510 32.18 49.71 -74.00
CA ASP IA 510 30.84 49.89 -74.53
C ASP IA 510 29.90 48.92 -73.84
N THR IA 511 28.61 49.25 -73.89
CA THR IA 511 27.59 48.32 -73.42
C THR IA 511 27.78 46.97 -74.11
N SER IA 512 27.45 45.91 -73.36
CA SER IA 512 27.54 44.53 -73.81
C SER IA 512 28.97 44.10 -74.13
N PHE IA 513 29.97 44.82 -73.65
CA PHE IA 513 31.35 44.41 -73.92
C PHE IA 513 31.65 43.08 -73.24
N SER IA 514 32.54 42.31 -73.86
CA SER IA 514 32.90 41.00 -73.35
C SER IA 514 34.11 41.12 -72.45
N MET IA 515 34.03 40.53 -71.26
CA MET IA 515 35.04 40.71 -70.23
C MET IA 515 35.48 39.35 -69.70
N ALA IA 516 36.77 39.21 -69.44
CA ALA IA 516 37.34 38.04 -68.78
C ALA IA 516 38.09 38.51 -67.55
N TYR IA 517 37.61 38.14 -66.37
CA TYR IA 517 38.34 38.41 -65.13
C TYR IA 517 39.48 37.41 -65.04
N LEU IA 518 40.50 37.65 -65.88
CA LEU IA 518 41.62 36.73 -65.96
C LEU IA 518 42.34 36.61 -64.63
N GLY IA 519 42.25 37.65 -63.80
CA GLY IA 519 42.77 37.56 -62.45
C GLY IA 519 42.14 36.40 -61.71
N ALA IA 520 42.84 35.89 -60.70
CA ALA IA 520 42.39 34.70 -60.01
C ALA IA 520 41.15 35.04 -59.18
N SER IA 521 39.98 34.73 -59.72
CA SER IA 521 38.79 34.66 -58.88
C SER IA 521 39.03 33.63 -57.79
N SER IA 522 38.90 34.05 -56.53
CA SER IA 522 39.48 33.25 -55.46
C SER IA 522 38.54 33.07 -54.28
N ALA IA 523 37.24 33.15 -54.50
CA ALA IA 523 36.25 33.00 -53.44
C ALA IA 523 36.60 33.89 -52.25
N HIS IA 524 36.71 35.18 -52.55
CA HIS IA 524 37.21 36.13 -51.56
C HIS IA 524 36.27 36.25 -50.37
N ALA IA 525 36.83 36.12 -49.18
CA ALA IA 525 36.09 36.28 -47.93
C ALA IA 525 34.85 35.40 -47.89
N ASN IA 526 33.68 36.03 -47.77
CA ASN IA 526 32.43 35.30 -47.65
C ASN IA 526 31.85 34.86 -48.98
N ALA IA 527 32.32 35.41 -50.09
CA ALA IA 527 31.75 35.12 -51.39
C ALA IA 527 32.57 34.04 -52.11
N ASP IA 528 32.00 33.54 -53.20
CA ASP IA 528 32.67 32.56 -54.05
C ASP IA 528 33.35 33.19 -55.26
N GLU IA 529 33.17 34.49 -55.46
CA GLU IA 529 33.79 35.20 -56.57
C GLU IA 529 34.15 36.59 -56.08
N PRO IA 530 35.09 37.26 -56.75
CA PRO IA 530 35.44 38.63 -56.33
C PRO IA 530 34.20 39.52 -56.31
N VAL IA 531 34.05 40.26 -55.22
CA VAL IA 531 32.80 40.96 -54.96
C VAL IA 531 32.53 42.04 -56.00
N ILE IA 532 33.58 42.56 -56.63
CA ILE IA 532 33.41 43.64 -57.60
C ILE IA 532 32.50 43.22 -58.73
N LEU IA 533 32.39 41.93 -59.01
CA LEU IA 533 31.56 41.47 -60.11
C LEU IA 533 30.10 41.83 -59.89
N ALA IA 534 29.63 41.79 -58.64
CA ALA IA 534 28.25 42.14 -58.36
C ALA IA 534 27.96 43.59 -58.78
N ASP IA 535 28.88 44.50 -58.45
CA ASP IA 535 28.71 45.89 -58.87
C ASP IA 535 28.72 45.99 -60.39
N ILE IA 536 29.62 45.27 -61.04
CA ILE IA 536 29.73 45.35 -62.50
C ILE IA 536 28.46 44.84 -63.15
N ARG IA 537 27.98 43.68 -62.71
CA ARG IA 537 26.76 43.13 -63.30
C ARG IA 537 25.57 44.04 -63.07
N SER IA 538 25.54 44.75 -61.94
CA SER IA 538 24.42 45.60 -61.59
C SER IA 538 24.57 47.02 -62.09
N GLY IA 539 25.67 47.35 -62.74
CA GLY IA 539 25.89 48.72 -63.14
C GLY IA 539 26.06 49.68 -62.00
N SER IA 540 26.48 49.18 -60.84
CA SER IA 540 26.64 50.04 -59.67
C SER IA 540 27.70 51.11 -59.90
N ILE IA 541 28.73 50.80 -60.67
CA ILE IA 541 29.82 51.75 -60.91
C ILE IA 541 29.34 52.82 -61.87
N PRO IA 542 29.38 54.09 -61.49
CA PRO IA 542 28.91 55.15 -62.38
C PRO IA 542 29.78 55.27 -63.61
N GLY IA 543 29.13 55.44 -64.76
CA GLY IA 543 29.81 55.62 -66.02
C GLY IA 543 30.31 54.35 -66.66
N LEU IA 544 30.23 53.22 -65.98
CA LEU IA 544 30.73 51.98 -66.54
C LEU IA 544 29.61 51.23 -67.24
N PRO IA 545 29.79 50.85 -68.50
CA PRO IA 545 28.74 50.11 -69.21
C PRO IA 545 28.60 48.69 -68.69
N ILE IA 546 27.45 48.09 -69.00
CA ILE IA 546 27.16 46.73 -68.58
C ILE IA 546 27.85 45.75 -69.54
N PRO IA 547 28.63 44.80 -69.04
CA PRO IA 547 29.18 43.76 -69.92
C PRO IA 547 28.13 42.74 -70.31
N ARG IA 548 28.32 42.16 -71.49
CA ARG IA 548 27.41 41.11 -71.95
C ARG IA 548 27.59 39.84 -71.14
N ARG IA 549 28.84 39.49 -70.83
CA ARG IA 549 29.14 38.29 -70.06
C ARG IA 549 30.52 38.43 -69.45
N ILE IA 550 30.74 37.69 -68.37
CA ILE IA 550 32.01 37.71 -67.64
C ILE IA 550 32.49 36.28 -67.47
N VAL IA 551 33.78 36.07 -67.73
CA VAL IA 551 34.39 34.75 -67.61
C VAL IA 551 35.56 34.86 -66.64
N GLN IA 552 35.79 33.79 -65.89
CA GLN IA 552 36.77 33.79 -64.80
C GLN IA 552 37.81 32.70 -65.02
N PHE IA 553 39.04 32.99 -64.62
CA PHE IA 553 40.15 32.06 -64.77
C PHE IA 553 41.11 32.24 -63.62
N GLY IA 554 42.02 31.27 -63.49
CA GLY IA 554 43.05 31.30 -62.47
C GLY IA 554 43.19 29.95 -61.80
N TYR IA 555 43.79 29.97 -60.61
CA TYR IA 555 43.99 28.75 -59.83
C TYR IA 555 42.86 28.48 -58.85
N ASP IA 556 42.26 29.52 -58.29
CA ASP IA 556 41.31 29.37 -57.20
C ASP IA 556 39.87 29.58 -57.66
N VAL IA 557 39.59 29.36 -58.95
CA VAL IA 557 38.27 29.63 -59.47
C VAL IA 557 37.28 28.57 -59.00
N VAL IA 558 36.00 28.93 -59.03
CA VAL IA 558 34.93 27.94 -58.89
C VAL IA 558 33.99 28.07 -60.08
N HIS IA 559 33.54 29.28 -60.37
CA HIS IA 559 32.64 29.53 -61.50
C HIS IA 559 33.42 29.88 -62.75
N GLY IA 560 34.33 29.00 -63.15
CA GLY IA 560 35.15 29.24 -64.32
C GLY IA 560 35.99 28.03 -64.68
N SER IA 561 37.24 28.25 -65.04
CA SER IA 561 38.12 27.17 -65.44
C SER IA 561 39.50 27.37 -64.85
N LEU IA 562 40.21 26.26 -64.63
CA LEU IA 562 41.55 26.29 -64.08
C LEU IA 562 42.57 26.18 -65.19
N LEU IA 563 43.62 27.00 -65.11
CA LEU IA 563 44.71 26.93 -66.06
C LEU IA 563 45.85 27.80 -65.55
N ASP IA 564 47.05 27.51 -66.05
CA ASP IA 564 48.23 28.29 -65.75
C ASP IA 564 48.38 29.39 -66.79
N LEU IA 565 48.48 30.63 -66.33
CA LEU IA 565 48.57 31.77 -67.23
C LEU IA 565 49.96 31.93 -67.82
N SER IA 566 50.93 31.12 -67.40
CA SER IA 566 52.29 31.25 -67.88
C SER IA 566 52.53 30.58 -69.22
N ARG IA 567 51.56 29.83 -69.74
CA ARG IA 567 51.71 29.11 -70.99
C ARG IA 567 50.69 29.59 -72.01
N ALA IA 568 50.75 29.01 -73.20
CA ALA IA 568 49.70 29.19 -74.18
C ALA IA 568 48.40 28.64 -73.64
N VAL IA 569 47.29 29.28 -74.02
CA VAL IA 569 46.00 28.92 -73.43
C VAL IA 569 45.00 28.61 -74.54
N PRO IA 570 44.17 27.59 -74.37
CA PRO IA 570 43.11 27.29 -75.33
C PRO IA 570 41.84 28.08 -75.03
N THR IA 571 41.85 29.36 -75.40
CA THR IA 571 40.76 30.26 -75.07
C THR IA 571 40.37 31.07 -76.29
N GLY IA 572 39.22 31.73 -76.18
CA GLY IA 572 38.82 32.72 -77.16
C GLY IA 572 39.50 34.04 -76.89
N THR IA 573 38.76 35.14 -76.99
CA THR IA 573 39.33 36.44 -76.71
C THR IA 573 38.22 37.39 -76.31
N PHE IA 574 38.61 38.50 -75.69
CA PHE IA 574 37.67 39.38 -75.01
C PHE IA 574 38.00 40.83 -75.28
N GLY IA 575 37.01 41.68 -75.08
CA GLY IA 575 37.21 43.11 -75.17
C GLY IA 575 38.02 43.66 -74.02
N LEU IA 576 37.68 43.23 -72.80
CA LEU IA 576 38.40 43.64 -71.60
C LEU IA 576 38.98 42.42 -70.92
N VAL IA 577 40.28 42.45 -70.66
CA VAL IA 577 40.97 41.42 -69.92
C VAL IA 577 41.52 42.05 -68.65
N TYR IA 578 41.01 41.61 -67.51
CA TYR IA 578 41.41 42.13 -66.20
C TYR IA 578 42.29 41.08 -65.55
N ALA IA 579 43.60 41.28 -65.62
CA ALA IA 579 44.57 40.29 -65.16
C ALA IA 579 45.09 40.69 -63.79
N ASP IA 580 44.31 40.37 -62.76
CA ASP IA 580 44.72 40.56 -61.37
C ASP IA 580 45.39 39.27 -60.90
N LEU IA 581 46.63 39.10 -61.32
CA LEU IA 581 47.42 37.93 -60.94
C LEU IA 581 48.57 38.36 -60.04
N ASP IA 582 48.80 37.60 -58.98
CA ASP IA 582 50.01 37.78 -58.20
C ASP IA 582 51.18 37.08 -58.88
N GLN IA 583 52.38 37.56 -58.58
CA GLN IA 583 53.60 36.89 -58.99
C GLN IA 583 54.38 36.29 -57.83
N VAL IA 584 54.15 36.78 -56.61
CA VAL IA 584 54.97 36.39 -55.48
C VAL IA 584 54.68 34.96 -55.01
N GLU IA 585 53.54 34.39 -55.39
CA GLU IA 585 53.13 33.12 -54.81
C GLU IA 585 54.09 31.99 -55.14
N ASP IA 586 54.97 32.16 -56.12
CA ASP IA 586 56.01 31.18 -56.40
C ASP IA 586 57.39 31.81 -56.47
N ALA IA 587 57.53 33.06 -56.04
CA ALA IA 587 58.83 33.74 -56.03
C ALA IA 587 58.80 34.73 -54.88
N GLY IA 588 59.38 34.34 -53.75
CA GLY IA 588 59.42 35.21 -52.59
C GLY IA 588 60.27 36.45 -52.83
N THR IA 589 61.55 36.25 -53.15
CA THR IA 589 62.43 37.36 -53.44
C THR IA 589 63.28 37.12 -54.69
N ASP IA 590 63.02 36.05 -55.43
CA ASP IA 590 63.82 35.71 -56.60
C ASP IA 590 63.35 36.58 -57.77
N MET IA 591 64.01 37.73 -57.90
CA MET IA 591 63.57 38.71 -58.90
C MET IA 591 63.56 38.18 -60.33
N PRO IA 592 64.64 37.54 -60.84
CA PRO IA 592 64.57 37.07 -62.23
C PRO IA 592 63.43 36.11 -62.47
N ALA IA 593 63.14 35.23 -61.51
CA ALA IA 593 61.99 34.35 -61.64
C ALA IA 593 60.71 35.17 -61.68
N ALA IA 594 60.59 36.17 -60.80
CA ALA IA 594 59.41 37.02 -60.82
C ALA IA 594 59.29 37.76 -62.14
N ASN IA 595 60.41 38.21 -62.69
CA ASN IA 595 60.38 38.92 -63.96
C ASN IA 595 59.85 38.02 -65.08
N ARG IA 596 60.31 36.78 -65.13
CA ARG IA 596 59.85 35.87 -66.17
C ARG IA 596 58.35 35.63 -66.05
N ALA IA 597 57.86 35.44 -64.82
CA ALA IA 597 56.43 35.23 -64.62
C ALA IA 597 55.65 36.44 -65.11
N ALA IA 598 56.07 37.63 -64.73
CA ALA IA 598 55.35 38.84 -65.11
C ALA IA 598 55.33 38.99 -66.62
N ILE IA 599 56.48 38.81 -67.27
CA ILE IA 599 56.55 38.96 -68.71
C ILE IA 599 55.65 37.95 -69.40
N ALA IA 600 55.68 36.70 -68.94
CA ALA IA 600 54.86 35.68 -69.55
C ALA IA 600 53.38 36.02 -69.43
N MET IA 601 52.94 36.36 -68.22
CA MET IA 601 51.52 36.67 -68.02
C MET IA 601 51.10 37.87 -68.85
N LEU IA 602 51.97 38.87 -68.97
CA LEU IA 602 51.65 40.03 -69.79
C LEU IA 602 51.39 39.61 -71.23
N GLY IA 603 52.25 38.75 -71.77
CA GLY IA 603 52.09 38.34 -73.15
C GLY IA 603 50.78 37.62 -73.37
N THR IA 604 50.46 36.66 -72.50
CA THR IA 604 49.21 35.93 -72.64
C THR IA 604 48.01 36.85 -72.51
N ALA IA 605 48.08 37.79 -71.55
CA ALA IA 605 46.96 38.71 -71.36
C ALA IA 605 46.70 39.53 -72.62
N LEU IA 606 47.76 40.01 -73.26
CA LEU IA 606 47.58 40.72 -74.51
C LEU IA 606 46.99 39.82 -75.58
N GLN IA 607 47.44 38.57 -75.62
CA GLN IA 607 46.97 37.65 -76.65
C GLN IA 607 45.49 37.32 -76.51
N MET IA 608 44.92 37.51 -75.32
CA MET IA 608 43.51 37.21 -75.11
C MET IA 608 42.61 38.39 -75.39
N THR IA 609 43.15 39.51 -75.84
CA THR IA 609 42.37 40.70 -76.11
C THR IA 609 42.10 40.82 -77.60
N THR IA 610 40.86 41.15 -77.94
CA THR IA 610 40.51 41.42 -79.33
C THR IA 610 41.15 42.73 -79.79
N ALA IA 611 41.14 42.93 -81.10
CA ALA IA 611 41.61 44.19 -81.65
C ALA IA 611 40.77 45.33 -81.10
N GLY IA 612 41.44 46.43 -80.77
CA GLY IA 612 40.75 47.56 -80.16
C GLY IA 612 40.34 47.34 -78.73
N GLY IA 613 40.69 46.21 -78.13
CA GLY IA 613 40.36 45.94 -76.75
C GLY IA 613 41.33 46.63 -75.80
N VAL IA 614 41.11 46.36 -74.51
CA VAL IA 614 41.93 46.93 -73.46
C VAL IA 614 42.25 45.84 -72.44
N SER IA 615 43.48 45.84 -71.97
CA SER IA 615 43.92 44.86 -70.97
C SER IA 615 44.68 45.56 -69.87
N VAL IA 616 44.49 45.09 -68.64
CA VAL IA 616 45.21 45.61 -67.49
C VAL IA 616 45.91 44.44 -66.82
N LEU IA 617 46.99 44.76 -66.10
CA LEU IA 617 47.79 43.74 -65.43
C LEU IA 617 48.37 44.33 -64.15
N LYS IA 618 48.27 43.58 -63.06
CA LYS IA 618 48.91 43.94 -61.82
C LYS IA 618 50.33 43.39 -61.80
N VAL IA 619 51.29 44.24 -61.47
CA VAL IA 619 52.69 43.85 -61.39
C VAL IA 619 53.18 44.10 -59.98
N ASN IA 620 53.77 43.07 -59.37
CA ASN IA 620 54.25 43.19 -58.00
C ASN IA 620 55.48 44.08 -57.93
N PHE IA 621 56.41 43.92 -58.87
CA PHE IA 621 57.72 44.57 -58.78
C PHE IA 621 58.07 45.25 -60.09
N PRO IA 622 57.87 46.55 -60.19
CA PRO IA 622 58.31 47.27 -61.40
C PRO IA 622 59.82 47.39 -61.45
N THR IA 623 60.47 46.32 -61.88
CA THR IA 623 61.93 46.27 -61.95
C THR IA 623 62.40 46.74 -63.33
N ARG IA 624 63.54 47.42 -63.35
CA ARG IA 624 64.04 47.94 -64.62
C ARG IA 624 64.29 46.82 -65.62
N ALA IA 625 64.68 45.64 -65.13
CA ALA IA 625 64.79 44.49 -66.03
C ALA IA 625 63.43 44.16 -66.64
N PHE IA 626 62.39 44.19 -65.81
CA PHE IA 626 61.05 43.93 -66.32
C PHE IA 626 60.66 44.95 -67.37
N TRP IA 627 60.93 46.22 -67.10
CA TRP IA 627 60.61 47.26 -68.07
C TRP IA 627 61.38 47.08 -69.36
N THR IA 628 62.63 46.63 -69.26
CA THR IA 628 63.43 46.40 -70.45
C THR IA 628 62.75 45.42 -71.39
N GLN IA 629 62.30 44.28 -70.85
CA GLN IA 629 61.67 43.27 -71.69
C GLN IA 629 60.34 43.77 -72.25
N VAL IA 630 59.62 44.59 -71.47
CA VAL IA 630 58.31 45.06 -71.91
C VAL IA 630 58.43 45.78 -73.24
N PHE IA 631 59.36 46.72 -73.33
CA PHE IA 631 59.54 47.45 -74.58
C PHE IA 631 60.32 46.66 -75.61
N ASN IA 632 60.96 45.56 -75.21
CA ASN IA 632 61.63 44.71 -76.19
C ASN IA 632 60.63 43.87 -76.97
N LEU IA 633 59.49 43.54 -76.37
CA LEU IA 633 58.57 42.57 -76.96
C LEU IA 633 57.24 43.19 -77.37
N TYR IA 634 56.52 43.79 -76.43
CA TYR IA 634 55.13 44.15 -76.64
C TYR IA 634 54.96 45.59 -77.12
N ALA IA 635 56.03 46.20 -77.63
CA ALA IA 635 56.00 47.63 -77.91
C ALA IA 635 54.96 48.02 -78.95
N THR IA 636 54.51 47.08 -79.78
CA THR IA 636 53.61 47.39 -80.88
C THR IA 636 52.20 46.86 -80.66
N HIS IA 637 51.91 46.29 -79.50
CA HIS IA 637 50.65 45.58 -79.32
C HIS IA 637 49.49 46.47 -78.88
N ALA IA 638 49.74 47.73 -78.56
CA ALA IA 638 48.67 48.60 -78.11
C ALA IA 638 49.01 50.04 -78.47
N THR IA 639 47.99 50.90 -78.37
CA THR IA 639 48.14 52.31 -78.74
C THR IA 639 48.64 53.16 -77.57
N THR IA 640 48.13 52.93 -76.37
CA THR IA 640 48.40 53.81 -75.24
C THR IA 640 48.64 52.99 -73.99
N LEU IA 641 49.22 53.65 -72.99
CA LEU IA 641 49.61 52.99 -71.75
C LEU IA 641 49.61 54.00 -70.61
N HIS IA 642 49.08 53.58 -69.47
CA HIS IA 642 49.08 54.39 -68.25
C HIS IA 642 49.53 53.54 -67.08
N LEU IA 643 49.67 54.17 -65.93
CA LEU IA 643 49.97 53.48 -64.68
C LEU IA 643 48.98 53.93 -63.62
N VAL IA 644 48.21 52.99 -63.10
CA VAL IA 644 47.26 53.25 -62.03
C VAL IA 644 47.82 52.65 -60.75
N LYS IA 645 47.96 53.48 -59.72
CA LYS IA 645 48.58 53.07 -58.46
C LYS IA 645 47.69 53.44 -57.29
N PRO IA 646 46.83 52.52 -56.85
CA PRO IA 646 46.16 52.71 -55.56
C PRO IA 646 47.10 52.33 -54.44
N THR IA 647 46.96 53.02 -53.31
CA THR IA 647 47.71 52.72 -52.10
C THR IA 647 46.71 52.34 -51.02
N ILE IA 648 46.72 51.06 -50.63
CA ILE IA 648 45.92 50.56 -49.53
C ILE IA 648 46.80 50.21 -48.33
N VAL IA 649 47.90 49.49 -48.58
CA VAL IA 649 48.96 49.31 -47.61
C VAL IA 649 50.27 49.52 -48.35
N ASN IA 650 51.36 49.61 -47.58
CA ASN IA 650 52.65 49.91 -48.17
C ASN IA 650 53.11 48.74 -49.04
N SER IA 651 53.09 48.96 -50.36
CA SER IA 651 53.54 47.95 -51.30
C SER IA 651 53.98 48.63 -52.58
N SER IA 652 54.87 47.96 -53.31
CA SER IA 652 55.44 48.50 -54.54
C SER IA 652 54.68 48.07 -55.78
N GLU IA 653 53.55 47.38 -55.63
CA GLU IA 653 52.82 46.89 -56.77
C GLU IA 653 52.17 48.03 -57.54
N VAL IA 654 51.95 47.80 -58.84
CA VAL IA 654 51.34 48.77 -59.73
C VAL IA 654 50.39 48.06 -60.68
N PHE IA 655 49.56 48.84 -61.37
CA PHE IA 655 48.66 48.33 -62.39
C PHE IA 655 49.02 48.94 -63.73
N LEU IA 656 49.33 48.09 -64.69
CA LEU IA 656 49.48 48.53 -66.08
C LEU IA 656 48.12 48.47 -66.76
N VAL IA 657 47.95 49.34 -67.76
CA VAL IA 657 46.73 49.34 -68.56
C VAL IA 657 47.09 49.65 -70.00
N PHE IA 658 46.82 48.72 -70.90
CA PHE IA 658 47.12 48.89 -72.31
C PHE IA 658 45.83 49.15 -73.06
N GLY IA 659 45.74 50.30 -73.70
CA GLY IA 659 44.57 50.68 -74.46
C GLY IA 659 44.79 50.54 -75.95
N GLY IA 660 43.71 50.25 -76.66
CA GLY IA 660 43.78 50.11 -78.11
C GLY IA 660 44.62 48.94 -78.54
N ARG IA 661 44.19 47.73 -78.21
CA ARG IA 661 44.89 46.54 -78.65
C ARG IA 661 44.96 46.51 -80.16
N GLN IA 662 46.17 46.52 -80.70
CA GLN IA 662 46.37 46.53 -82.14
C GLN IA 662 47.74 45.94 -82.43
N SER IA 663 48.10 45.93 -83.72
CA SER IA 663 49.32 45.26 -84.13
C SER IA 663 50.50 46.21 -84.30
N ASN IA 664 50.24 47.50 -84.55
CA ASN IA 664 51.31 48.39 -84.97
C ASN IA 664 51.47 49.58 -84.02
N GLY IA 665 51.49 49.31 -82.72
CA GLY IA 665 51.77 50.36 -81.75
C GLY IA 665 53.23 50.76 -81.74
N ALA IA 666 53.51 51.85 -81.03
CA ALA IA 666 54.86 52.42 -80.99
C ALA IA 666 55.22 52.88 -79.59
N LEU IA 667 54.95 52.03 -78.60
CA LEU IA 667 55.20 52.41 -77.21
C LEU IA 667 56.69 52.42 -76.91
N ARG IA 668 57.12 53.40 -76.10
CA ARG IA 668 58.52 53.55 -75.72
C ARG IA 668 58.62 53.94 -74.25
N SER IA 669 59.78 53.70 -73.68
CA SER IA 669 60.06 54.18 -72.34
C SER IA 669 60.30 55.68 -72.36
N THR IA 670 59.65 56.40 -71.44
CA THR IA 670 59.71 57.85 -71.43
C THR IA 670 59.85 58.36 -70.02
N THR IA 671 60.21 59.64 -69.90
CA THR IA 671 60.52 60.22 -68.61
C THR IA 671 59.34 60.14 -67.65
N ALA IA 672 58.11 60.08 -68.17
CA ALA IA 672 56.95 59.92 -67.31
C ALA IA 672 57.10 58.67 -66.46
N LEU IA 673 57.61 57.58 -67.05
CA LEU IA 673 57.86 56.38 -66.28
C LEU IA 673 58.87 56.65 -65.17
N GLN IA 674 59.96 57.36 -65.50
CA GLN IA 674 60.97 57.63 -64.50
C GLN IA 674 60.40 58.48 -63.37
N ARG IA 675 59.59 59.47 -63.70
CA ARG IA 675 58.97 60.28 -62.66
C ARG IA 675 58.11 59.44 -61.73
N ALA IA 676 57.30 58.55 -62.30
CA ALA IA 676 56.39 57.76 -61.50
C ALA IA 676 57.14 56.87 -60.52
N LEU IA 677 58.16 56.16 -61.00
CA LEU IA 677 58.90 55.25 -60.14
C LEU IA 677 59.57 56.00 -59.00
N LEU IA 678 60.18 57.14 -59.31
CA LEU IA 678 60.84 57.93 -58.27
C LEU IA 678 59.85 58.33 -57.20
N SER IA 679 58.68 58.81 -57.60
CA SER IA 679 57.65 59.14 -56.63
C SER IA 679 57.22 57.91 -55.84
N LEU IA 680 57.13 56.78 -56.52
CA LEU IA 680 56.66 55.56 -55.86
C LEU IA 680 57.57 55.17 -54.71
N TYR IA 681 58.87 55.00 -55.00
CA TYR IA 681 59.78 54.58 -53.94
C TYR IA 681 59.88 55.63 -52.86
N ALA IA 682 59.72 56.90 -53.21
CA ALA IA 682 59.75 57.97 -52.21
C ALA IA 682 58.65 57.74 -51.17
N ARG IA 683 57.43 57.48 -51.63
CA ARG IA 683 56.35 57.20 -50.70
C ARG IA 683 56.66 55.96 -49.85
N ASN IA 684 57.16 54.91 -50.50
CA ASN IA 684 57.43 53.67 -49.79
C ASN IA 684 58.46 53.89 -48.70
N ALA IA 685 59.52 54.63 -49.01
CA ALA IA 685 60.52 54.94 -48.00
C ALA IA 685 59.92 55.77 -46.88
N ALA IA 686 59.07 56.75 -47.24
CA ALA IA 686 58.47 57.60 -46.23
C ALA IA 686 57.62 56.79 -45.26
N ILE IA 687 56.81 55.88 -45.79
CA ILE IA 687 55.96 55.06 -44.93
C ILE IA 687 56.82 54.22 -43.99
N ASP IA 688 57.88 53.61 -44.53
CA ASP IA 688 58.73 52.75 -43.71
C ASP IA 688 59.33 53.53 -42.55
N ARG IA 689 59.79 54.76 -42.81
CA ARG IA 689 60.34 55.57 -41.74
C ARG IA 689 59.31 55.78 -40.64
N ALA IA 690 58.05 56.02 -41.02
CA ALA IA 690 57.00 56.23 -40.03
C ALA IA 690 56.80 54.99 -39.18
N VAL IA 691 56.78 53.81 -39.81
CA VAL IA 691 56.50 52.58 -39.08
C VAL IA 691 57.57 52.26 -38.05
N THR IA 692 58.79 52.79 -38.24
CA THR IA 692 59.91 52.44 -37.37
C THR IA 692 59.59 52.69 -35.90
N HIS IA 693 58.75 53.67 -35.61
CA HIS IA 693 58.45 54.00 -34.23
C HIS IA 693 57.49 53.02 -33.57
N ILE IA 694 56.85 52.14 -34.34
CA ILE IA 694 55.80 51.28 -33.80
C ILE IA 694 56.40 49.97 -33.31
N PRO IA 695 56.01 49.49 -32.13
CA PRO IA 695 56.45 48.18 -31.68
C PRO IA 695 55.63 47.07 -32.32
N PHE IA 696 56.19 45.86 -32.27
CA PHE IA 696 55.50 44.71 -32.81
C PHE IA 696 54.39 44.25 -31.86
N PHE IA 697 53.71 43.17 -32.22
CA PHE IA 697 52.46 42.84 -31.55
C PHE IA 697 52.67 42.21 -30.18
N GLY IA 698 53.31 41.04 -30.14
CA GLY IA 698 53.30 40.25 -28.92
C GLY IA 698 54.13 40.82 -27.78
N VAL IA 699 55.03 41.76 -28.08
CA VAL IA 699 55.99 42.20 -27.08
C VAL IA 699 55.30 43.06 -26.03
N PRO IA 700 55.47 42.77 -24.74
CA PRO IA 700 55.01 43.72 -23.72
C PRO IA 700 55.85 44.98 -23.73
N ASP IA 701 55.22 46.09 -23.34
CA ASP IA 701 55.85 47.40 -23.50
C ASP IA 701 56.84 47.66 -22.35
N ASP IA 702 57.99 47.01 -22.47
CA ASP IA 702 59.16 47.50 -21.75
C ASP IA 702 59.68 48.72 -22.49
N GLY IA 703 60.08 49.75 -21.74
CA GLY IA 703 60.22 51.07 -22.31
C GLY IA 703 61.36 51.25 -23.30
N THR IA 704 61.37 50.47 -24.38
CA THR IA 704 62.34 50.67 -25.44
C THR IA 704 61.74 51.24 -26.71
N SER IA 705 60.44 51.08 -26.92
CA SER IA 705 59.82 51.58 -28.14
C SER IA 705 59.58 53.08 -28.05
N ASP IA 706 59.47 53.71 -29.22
CA ASP IA 706 59.20 55.14 -29.27
C ASP IA 706 57.75 55.45 -28.92
N LEU IA 707 56.82 54.63 -29.40
CA LEU IA 707 55.40 54.92 -29.29
C LEU IA 707 54.73 54.20 -28.12
N GLY IA 708 55.49 53.89 -27.07
CA GLY IA 708 54.97 53.14 -25.96
C GLY IA 708 54.08 53.96 -25.05
N ILE IA 709 53.60 53.30 -24.00
CA ILE IA 709 52.73 53.90 -23.00
C ILE IA 709 53.43 53.85 -21.65
N ASP IA 710 53.36 54.94 -20.90
CA ASP IA 710 53.89 55.00 -19.55
C ASP IA 710 52.75 55.22 -18.58
N ALA IA 711 52.77 54.47 -17.48
CA ALA IA 711 51.68 54.51 -16.51
C ALA IA 711 52.25 54.43 -15.10
N VAL IA 712 51.51 55.01 -14.16
CA VAL IA 712 51.86 54.99 -12.75
C VAL IA 712 50.60 54.66 -11.97
N ARG IA 713 50.72 53.76 -11.00
CA ARG IA 713 49.60 53.35 -10.16
C ARG IA 713 49.87 53.71 -8.71
N LEU IA 714 48.86 54.28 -8.07
CA LEU IA 714 48.94 54.65 -6.66
C LEU IA 714 47.68 54.21 -5.95
N PHE IA 715 47.82 53.86 -4.67
CA PHE IA 715 46.71 53.42 -3.84
C PHE IA 715 46.44 54.46 -2.77
N ASP IA 716 45.21 54.96 -2.73
CA ASP IA 716 44.79 55.99 -1.79
C ASP IA 716 45.82 57.12 -1.68
N PRO IA 717 46.20 57.74 -2.80
CA PRO IA 717 47.25 58.76 -2.74
C PRO IA 717 46.78 60.00 -2.01
N MET IA 718 47.72 60.68 -1.38
CA MET IA 718 47.47 61.95 -0.69
C MET IA 718 48.40 62.98 -1.30
N PHE IA 719 47.96 63.59 -2.39
CA PHE IA 719 48.75 64.64 -3.02
C PHE IA 719 48.75 65.89 -2.16
N SER IA 720 49.89 66.56 -2.11
CA SER IA 720 50.01 67.81 -1.38
C SER IA 720 51.25 68.54 -1.86
N ASP IA 721 51.34 69.82 -1.54
CA ASP IA 721 52.52 70.60 -1.85
C ASP IA 721 53.66 70.35 -0.86
N ALA IA 722 53.49 69.41 0.05
CA ALA IA 722 54.56 69.07 0.98
C ALA IA 722 55.73 68.45 0.23
N VAL IA 723 56.94 68.75 0.71
CA VAL IA 723 58.15 68.28 0.05
C VAL IA 723 58.24 66.77 0.17
N ALA IA 724 58.85 66.14 -0.84
CA ALA IA 724 59.10 64.71 -0.87
C ALA IA 724 57.82 63.88 -0.80
N ASN IA 725 56.67 64.50 -1.06
CA ASN IA 725 55.43 63.73 -1.13
C ASN IA 725 55.50 62.81 -2.34
N LEU IA 726 55.69 61.53 -2.09
CA LEU IA 726 55.90 60.57 -3.17
C LEU IA 726 54.84 60.61 -4.25
N PRO IA 727 53.54 60.63 -3.94
CA PRO IA 727 52.55 60.72 -5.03
C PRO IA 727 52.77 61.94 -5.91
N SER IA 728 53.09 63.09 -5.31
CA SER IA 728 53.35 64.27 -6.11
C SER IA 728 54.58 64.08 -6.99
N ASN IA 729 55.64 63.48 -6.44
CA ASN IA 729 56.86 63.29 -7.21
C ASN IA 729 56.61 62.38 -8.40
N ALA IA 730 55.96 61.24 -8.17
CA ALA IA 730 55.68 60.33 -9.27
C ALA IA 730 54.81 61.01 -10.31
N LEU IA 731 53.80 61.74 -9.86
CA LEU IA 731 52.92 62.45 -10.78
C LEU IA 731 53.72 63.38 -11.68
N ALA IA 732 54.57 64.21 -11.08
CA ALA IA 732 55.36 65.15 -11.87
C ALA IA 732 56.28 64.42 -12.82
N SER IA 733 56.84 63.28 -12.38
CA SER IA 733 57.75 62.53 -13.22
C SER IA 733 57.05 62.00 -14.46
N LEU IA 734 55.92 61.32 -14.27
CA LEU IA 734 55.22 60.75 -15.41
C LEU IA 734 54.76 61.83 -16.38
N VAL IA 735 54.23 62.93 -15.85
CA VAL IA 735 53.79 64.02 -16.71
C VAL IA 735 54.92 64.47 -17.61
N SER IA 736 56.12 64.62 -17.05
CA SER IA 736 57.25 65.09 -17.83
C SER IA 736 57.57 64.19 -19.01
N ARG IA 737 57.14 62.94 -18.98
CA ARG IA 737 57.43 62.00 -20.05
C ARG IA 737 56.33 61.94 -21.10
N VAL IA 738 55.27 62.72 -20.96
CA VAL IA 738 54.12 62.60 -21.84
C VAL IA 738 53.65 63.93 -22.43
N VAL IA 739 54.08 65.06 -21.87
CA VAL IA 739 53.43 66.36 -22.00
C VAL IA 739 52.79 66.62 -23.36
N PRO IA 740 53.49 66.47 -24.49
CA PRO IA 740 52.85 66.78 -25.77
C PRO IA 740 51.60 65.97 -26.04
N SER IA 741 51.46 64.79 -25.44
CA SER IA 741 50.29 63.96 -25.62
C SER IA 741 49.29 64.17 -24.47
N SER IA 742 48.12 63.57 -24.62
CA SER IA 742 47.10 63.67 -23.60
C SER IA 742 47.48 62.84 -22.38
N ILE IA 743 46.90 63.20 -21.23
CA ILE IA 743 47.16 62.53 -19.97
C ILE IA 743 45.84 61.99 -19.44
N MET IA 744 45.79 60.69 -19.19
CA MET IA 744 44.59 60.02 -18.74
C MET IA 744 44.65 59.72 -17.25
N PHE IA 745 43.48 59.57 -16.64
CA PHE IA 745 43.37 59.45 -15.20
C PHE IA 745 42.15 58.60 -14.85
N THR IA 746 42.34 57.67 -13.91
CA THR IA 746 41.27 56.77 -13.51
C THR IA 746 41.34 56.51 -12.02
N ARG IA 747 40.16 56.28 -11.42
CA ARG IA 747 40.05 55.84 -10.03
C ARG IA 747 39.12 54.65 -10.00
N VAL IA 748 39.64 53.50 -9.59
CA VAL IA 748 38.87 52.26 -9.53
C VAL IA 748 38.79 51.81 -8.09
N PRO IA 749 37.58 51.70 -7.51
CA PRO IA 749 37.46 51.26 -6.11
C PRO IA 749 37.56 49.75 -6.03
N SER IA 750 38.52 49.27 -5.24
CA SER IA 750 38.60 47.85 -4.90
C SER IA 750 37.69 47.58 -3.72
N ASN IA 751 37.73 46.36 -3.19
CA ASN IA 751 36.96 46.08 -1.99
C ASN IA 751 37.50 46.84 -0.79
N GLY IA 752 38.78 47.19 -0.80
CA GLY IA 752 39.38 47.97 0.24
C GLY IA 752 39.76 49.36 -0.24
N PRO IA 753 41.03 49.55 -0.53
CA PRO IA 753 41.48 50.85 -1.02
C PRO IA 753 41.02 51.09 -2.45
N VAL IA 754 41.25 52.32 -2.92
CA VAL IA 754 40.94 52.71 -4.29
C VAL IA 754 42.26 52.85 -5.04
N SER IA 755 42.34 52.21 -6.21
CA SER IA 755 43.54 52.24 -7.03
C SER IA 755 43.41 53.35 -8.06
N THR IA 756 44.40 54.24 -8.08
CA THR IA 756 44.44 55.34 -9.04
C THR IA 756 45.56 55.08 -10.03
N THR IA 757 45.28 55.34 -11.31
CA THR IA 757 46.26 55.14 -12.35
C THR IA 757 46.31 56.35 -13.26
N ILE IA 758 47.51 56.79 -13.59
CA ILE IA 758 47.73 57.92 -14.49
C ILE IA 758 48.66 57.44 -15.60
N TYR IA 759 48.28 57.72 -16.84
CA TYR IA 759 49.04 57.17 -17.96
C TYR IA 759 48.86 58.02 -19.19
N GLY IA 760 49.75 57.83 -20.15
CA GLY IA 760 49.70 58.52 -21.42
C GLY IA 760 50.73 57.95 -22.36
N LYS IA 761 50.59 58.31 -23.63
CA LYS IA 761 51.49 57.82 -24.67
C LYS IA 761 52.79 58.61 -24.65
N ARG IA 762 53.91 57.92 -24.76
CA ARG IA 762 55.20 58.58 -24.95
C ARG IA 762 55.54 58.59 -26.43
N THR IA 763 56.12 59.71 -26.88
CA THR IA 763 56.49 59.87 -28.28
C THR IA 763 57.87 60.50 -28.36
N PHE IA 764 58.45 60.46 -29.56
CA PHE IA 764 59.73 61.12 -29.76
C PHE IA 764 59.62 62.62 -29.51
N LEU IA 765 58.43 63.19 -29.75
CA LEU IA 765 58.21 64.59 -29.41
C LEU IA 765 58.38 64.81 -27.91
N SER IA 766 57.80 63.92 -27.11
CA SER IA 766 57.95 64.04 -25.66
C SER IA 766 59.41 63.93 -25.26
N ASN IA 767 60.16 63.07 -25.93
CA ASN IA 767 61.59 62.96 -25.64
C ASN IA 767 62.30 64.27 -25.90
N ARG IA 768 61.99 64.93 -27.02
CA ARG IA 768 62.62 66.21 -27.32
C ARG IA 768 62.29 67.22 -26.24
N ARG IA 769 61.03 67.28 -25.82
CA ARG IA 769 60.66 68.21 -24.76
C ARG IA 769 61.38 67.88 -23.47
N ARG IA 770 61.45 66.58 -23.13
CA ARG IA 770 62.12 66.19 -21.89
C ARG IA 770 63.60 66.55 -21.93
N ALA IA 771 64.22 66.46 -23.10
CA ALA IA 771 65.61 66.87 -23.21
C ALA IA 771 65.79 68.36 -22.95
N ARG IA 772 64.79 69.17 -23.30
CA ARG IA 772 64.89 70.60 -23.06
C ARG IA 772 64.88 70.93 -21.57
N LEU IA 773 64.26 70.08 -20.76
CA LEU IA 773 64.14 70.36 -19.34
C LEU IA 773 65.49 70.31 -18.65
N ARG IA 774 65.65 71.19 -17.66
CA ARG IA 774 66.73 71.08 -16.70
C ARG IA 774 66.27 70.56 -15.35
N ASP IA 775 64.99 70.74 -15.02
CA ASP IA 775 64.39 70.23 -13.81
C ASP IA 775 62.92 69.95 -14.08
N VAL IA 776 62.33 69.09 -13.26
CA VAL IA 776 60.96 68.63 -13.46
C VAL IA 776 60.04 69.54 -12.64
N PRO IA 777 59.11 70.25 -13.27
CA PRO IA 777 58.20 71.09 -12.51
C PRO IA 777 57.15 70.28 -11.76
N MET IA 778 56.68 70.84 -10.66
CA MET IA 778 55.64 70.23 -9.85
C MET IA 778 54.27 70.75 -10.27
N LEU IA 779 53.27 69.88 -10.17
CA LEU IA 779 51.93 70.22 -10.62
C LEU IA 779 51.10 70.84 -9.51
N ILE IA 780 50.08 71.58 -9.92
CA ILE IA 780 49.06 72.03 -8.99
C ILE IA 780 48.11 70.87 -8.73
N THR IA 781 47.89 70.57 -7.46
CA THR IA 781 47.18 69.34 -7.07
C THR IA 781 45.68 69.52 -6.95
N THR IA 782 45.17 70.75 -7.03
CA THR IA 782 43.76 70.98 -6.74
C THR IA 782 42.87 70.18 -7.66
N THR IA 783 43.20 70.16 -8.95
CA THR IA 783 42.37 69.46 -9.92
C THR IA 783 42.27 67.98 -9.59
N LEU IA 784 43.37 67.38 -9.15
CA LEU IA 784 43.35 65.95 -8.86
C LEU IA 784 42.71 65.65 -7.52
N VAL IA 785 43.18 66.31 -6.46
CA VAL IA 785 42.66 66.05 -5.12
C VAL IA 785 41.17 66.30 -5.06
N HIS IA 786 40.66 67.16 -5.93
CA HIS IA 786 39.22 67.40 -5.97
C HIS IA 786 38.46 66.23 -6.56
N GLN IA 787 39.13 65.38 -7.33
CA GLN IA 787 38.45 64.26 -7.98
C GLN IA 787 38.18 63.16 -6.95
N ARG IA 788 36.91 62.93 -6.67
CA ARG IA 788 36.51 61.87 -5.75
C ARG IA 788 35.48 60.95 -6.37
N ARG IA 789 35.28 61.03 -7.67
CA ARG IA 789 34.41 60.09 -8.37
C ARG IA 789 35.10 58.75 -8.52
N PHE IA 790 34.40 57.82 -9.16
CA PHE IA 790 34.98 56.58 -9.63
C PHE IA 790 34.84 56.51 -11.14
N THR IA 791 35.76 55.79 -11.77
CA THR IA 791 35.83 55.76 -13.22
C THR IA 791 35.94 54.33 -13.71
N THR IA 792 35.73 54.17 -15.01
CA THR IA 792 35.99 52.91 -15.67
C THR IA 792 37.50 52.64 -15.67
N PRO IA 793 37.89 51.37 -15.75
CA PRO IA 793 39.32 51.03 -15.68
C PRO IA 793 40.05 51.52 -16.92
N PRO IA 794 41.38 51.60 -16.86
CA PRO IA 794 42.16 52.08 -18.01
C PRO IA 794 42.01 51.16 -19.21
N THR IA 795 42.52 51.63 -20.34
CA THR IA 795 42.39 50.92 -21.60
C THR IA 795 43.72 50.50 -22.20
N PHE IA 796 44.71 51.39 -22.24
CA PHE IA 796 46.04 51.08 -22.75
C PHE IA 796 46.00 50.62 -24.20
N THR IA 797 45.53 51.51 -25.06
CA THR IA 797 45.54 51.27 -26.50
C THR IA 797 46.33 52.38 -27.19
N LEU IA 798 47.05 52.01 -28.24
CA LEU IA 798 47.96 52.96 -28.87
C LEU IA 798 47.21 53.93 -29.77
N PHE IA 799 46.34 53.43 -30.64
CA PHE IA 799 45.69 54.26 -31.63
C PHE IA 799 44.23 54.47 -31.26
N SER IA 800 43.76 55.70 -31.43
CA SER IA 800 42.40 56.06 -31.08
C SER IA 800 41.42 55.37 -32.03
N SER IA 801 40.14 55.63 -31.81
CA SER IA 801 39.09 54.97 -32.58
C SER IA 801 38.67 55.75 -33.81
N GLU IA 802 39.03 57.02 -33.92
CA GLU IA 802 38.51 57.87 -34.97
C GLU IA 802 39.64 58.62 -35.67
N ALA IA 803 39.59 58.67 -36.99
CA ALA IA 803 40.63 59.32 -37.77
C ALA IA 803 40.62 60.83 -37.51
N VAL IA 804 41.81 61.42 -37.56
CA VAL IA 804 41.99 62.85 -37.28
C VAL IA 804 41.41 63.68 -38.41
N PRO IA 805 40.99 64.90 -38.14
CA PRO IA 805 40.49 65.77 -39.21
C PRO IA 805 41.62 66.31 -40.07
N VAL IA 806 41.24 66.86 -41.22
CA VAL IA 806 42.22 67.29 -42.22
C VAL IA 806 43.14 68.34 -41.65
N THR IA 807 42.60 69.29 -40.89
CA THR IA 807 43.40 70.39 -40.36
C THR IA 807 44.60 69.88 -39.60
N THR IA 808 44.43 68.80 -38.84
CA THR IA 808 45.54 68.26 -38.07
C THR IA 808 46.66 67.78 -38.99
N LEU IA 809 46.30 67.17 -40.12
CA LEU IA 809 47.32 66.72 -41.06
C LEU IA 809 48.19 67.87 -41.52
N VAL IA 810 47.56 68.99 -41.88
CA VAL IA 810 48.31 70.15 -42.32
C VAL IA 810 49.22 70.64 -41.22
N ALA IA 811 48.70 70.68 -39.99
CA ALA IA 811 49.51 71.12 -38.86
C ALA IA 811 50.73 70.22 -38.69
N ALA IA 812 50.51 68.90 -38.78
CA ALA IA 812 51.62 67.98 -38.61
C ALA IA 812 52.67 68.18 -39.71
N GLY IA 813 52.23 68.35 -40.94
CA GLY IA 813 53.18 68.53 -42.03
C GLY IA 813 54.06 69.73 -41.80
N TYR IA 814 53.46 70.87 -41.43
CA TYR IA 814 54.25 72.06 -41.15
C TYR IA 814 55.15 71.84 -39.94
N ASN IA 815 54.68 71.09 -38.94
CA ASN IA 815 55.56 70.73 -37.84
C ASN IA 815 56.77 69.96 -38.36
N SER IA 816 56.54 69.01 -39.26
CA SER IA 816 57.64 68.27 -39.84
C SER IA 816 58.59 69.21 -40.57
N PHE IA 817 58.03 70.15 -41.34
CA PHE IA 817 58.86 71.09 -42.08
C PHE IA 817 59.71 71.93 -41.13
N ILE IA 818 59.07 72.50 -40.10
CA ILE IA 818 59.80 73.34 -39.16
C ILE IA 818 60.85 72.53 -38.43
N SER IA 819 60.48 71.32 -38.00
CA SER IA 819 61.42 70.48 -37.28
C SER IA 819 62.67 70.23 -38.11
N GLU IA 820 62.51 70.00 -39.41
CA GLU IA 820 63.66 69.81 -40.28
C GLU IA 820 64.43 71.12 -40.43
N GLN IA 821 63.72 72.22 -40.70
CA GLN IA 821 64.40 73.49 -40.98
C GLN IA 821 65.26 73.92 -39.81
N THR IA 822 64.77 73.75 -38.58
CA THR IA 822 65.48 74.19 -37.40
C THR IA 822 66.78 73.44 -37.15
N ARG IA 823 67.13 72.48 -37.99
CA ARG IA 823 68.38 71.74 -37.81
C ARG IA 823 69.56 72.43 -38.45
N ASN IA 824 69.37 73.57 -39.10
CA ASN IA 824 70.48 74.25 -39.74
C ASN IA 824 71.52 74.64 -38.71
N PRO IA 825 72.78 74.24 -38.87
CA PRO IA 825 73.79 74.55 -37.85
C PRO IA 825 74.12 76.02 -37.74
N ASN IA 826 73.82 76.82 -38.76
CA ASN IA 826 74.17 78.23 -38.76
C ASN IA 826 73.10 79.10 -38.10
N LEU IA 827 72.29 78.52 -37.23
CA LEU IA 827 71.29 79.26 -36.47
C LEU IA 827 71.72 79.33 -35.01
N ALA IA 828 71.69 80.53 -34.45
CA ALA IA 828 72.05 80.73 -33.04
C ALA IA 828 70.90 81.19 -32.18
N HIS IA 829 69.81 81.66 -32.76
CA HIS IA 829 68.68 82.14 -31.99
C HIS IA 829 67.40 81.88 -32.79
N LEU IA 830 66.26 82.15 -32.16
CA LEU IA 830 65.00 82.06 -32.87
C LEU IA 830 63.94 82.79 -32.07
N LEU IA 831 63.14 83.60 -32.75
CA LEU IA 831 62.00 84.27 -32.17
C LEU IA 831 60.74 83.71 -32.80
N ASP IA 832 59.83 83.24 -31.95
CA ASP IA 832 58.56 82.72 -32.42
C ASP IA 832 57.47 83.72 -32.07
N LEU IA 833 56.67 84.09 -33.05
CA LEU IA 833 55.60 85.06 -32.85
C LEU IA 833 54.27 84.33 -32.77
N GLY IA 834 53.46 84.69 -31.79
CA GLY IA 834 52.17 84.06 -31.64
C GLY IA 834 52.21 82.64 -31.14
N THR IA 835 53.19 82.31 -30.31
CA THR IA 835 53.21 81.00 -29.67
C THR IA 835 51.98 80.87 -28.79
N GLY IA 836 51.40 79.67 -28.76
CA GLY IA 836 50.38 79.38 -27.79
C GLY IA 836 50.98 79.42 -26.41
N PRO IA 837 50.16 79.67 -25.40
CA PRO IA 837 50.69 79.63 -24.02
C PRO IA 837 51.35 78.31 -23.72
N GLU IA 838 50.79 77.22 -24.24
CA GLU IA 838 51.48 75.96 -24.35
C GLU IA 838 52.62 76.11 -25.36
N CYS IA 839 53.86 76.00 -24.88
CA CYS IA 839 55.02 76.24 -25.73
C CYS IA 839 55.41 74.97 -26.49
N ARG IA 840 54.51 74.56 -27.39
CA ARG IA 840 54.71 73.31 -28.13
C ARG IA 840 55.94 73.35 -29.02
N ILE IA 841 56.40 74.54 -29.40
CA ILE IA 841 57.55 74.64 -30.29
C ILE IA 841 58.76 73.97 -29.67
N LEU IA 842 58.85 73.98 -28.34
CA LEU IA 842 59.99 73.36 -27.67
C LEU IA 842 60.12 71.89 -28.01
N SER IA 843 59.00 71.23 -28.32
CA SER IA 843 59.04 69.81 -28.65
C SER IA 843 59.59 69.53 -30.04
N LEU IA 844 59.73 70.55 -30.88
CA LEU IA 844 60.23 70.36 -32.23
C LEU IA 844 61.70 70.69 -32.37
N ILE IA 845 62.18 71.71 -31.66
CA ILE IA 845 63.49 72.29 -31.87
C ILE IA 845 64.55 71.47 -31.16
N PRO IA 846 65.73 71.30 -31.76
CA PRO IA 846 66.84 70.69 -31.02
C PRO IA 846 67.15 71.48 -29.76
N PRO IA 847 67.50 70.80 -28.67
CA PRO IA 847 67.60 71.49 -27.38
C PRO IA 847 68.70 72.51 -27.29
N THR IA 848 69.64 72.53 -28.25
CA THR IA 848 70.78 73.42 -28.15
C THR IA 848 70.50 74.83 -28.66
N LEU IA 849 69.33 75.06 -29.25
CA LEU IA 849 69.05 76.33 -29.90
C LEU IA 849 68.38 77.30 -28.92
N GLN IA 850 68.86 78.53 -28.88
CA GLN IA 850 68.19 79.57 -28.11
C GLN IA 850 66.83 79.89 -28.72
N VAL IA 851 65.83 80.02 -27.87
CA VAL IA 851 64.45 80.20 -28.30
C VAL IA 851 63.82 81.34 -27.51
N THR IA 852 63.05 82.17 -28.20
CA THR IA 852 62.19 83.15 -27.56
C THR IA 852 60.80 83.05 -28.16
N MET IA 853 59.79 82.99 -27.30
CA MET IA 853 58.41 82.78 -27.72
C MET IA 853 57.53 83.84 -27.10
N SER IA 854 56.38 84.07 -27.72
CA SER IA 854 55.58 85.23 -27.38
C SER IA 854 54.10 84.94 -27.51
N ASP IA 855 53.31 85.70 -26.76
CA ASP IA 855 51.85 85.75 -26.86
C ASP IA 855 51.35 86.85 -25.96
N ALA IA 856 50.12 87.29 -26.20
CA ALA IA 856 49.48 88.24 -25.30
C ALA IA 856 49.12 87.60 -23.97
N ARG IA 857 49.04 86.29 -23.92
CA ARG IA 857 48.66 85.57 -22.72
C ARG IA 857 49.89 85.09 -21.97
N PRO IA 858 49.77 84.84 -20.66
CA PRO IA 858 50.91 84.30 -19.92
C PRO IA 858 51.23 82.89 -20.38
N CYS IA 859 52.49 82.50 -20.19
CA CYS IA 859 52.90 81.15 -20.53
C CYS IA 859 52.19 80.14 -19.64
N ALA IA 860 51.94 78.96 -20.18
CA ALA IA 860 51.29 77.90 -19.44
C ALA IA 860 52.28 77.00 -18.70
N GLU IA 861 53.57 77.24 -18.84
CA GLU IA 861 54.59 76.33 -18.33
C GLU IA 861 55.54 77.07 -17.41
N LEU IA 862 56.03 76.35 -16.40
CA LEU IA 862 56.95 76.91 -15.41
C LEU IA 862 58.29 77.20 -16.09
N MET IA 863 58.54 78.47 -16.37
CA MET IA 863 59.78 78.85 -17.04
C MET IA 863 61.01 78.56 -16.19
N ALA IA 864 60.86 78.43 -14.87
CA ALA IA 864 61.99 78.12 -14.02
C ALA IA 864 62.57 76.73 -14.28
N SER IA 865 61.85 75.87 -15.01
CA SER IA 865 62.32 74.53 -15.27
C SER IA 865 63.34 74.46 -16.40
N PHE IA 866 63.57 75.55 -17.10
CA PHE IA 866 64.50 75.56 -18.22
C PHE IA 866 65.71 76.41 -17.91
N ASP IA 867 66.72 76.28 -18.77
CA ASP IA 867 67.84 77.19 -18.72
C ASP IA 867 67.41 78.54 -19.28
N PRO IA 868 67.49 79.62 -18.51
CA PRO IA 868 67.05 80.91 -19.04
C PRO IA 868 67.83 81.38 -20.24
N ALA IA 869 69.09 80.96 -20.37
CA ALA IA 869 69.87 81.38 -21.54
C ALA IA 869 69.35 80.74 -22.82
N LEU IA 870 68.68 79.59 -22.71
CA LEU IA 870 68.22 78.87 -23.89
C LEU IA 870 66.77 79.14 -24.24
N THR IA 871 65.95 79.52 -23.26
CA THR IA 871 64.53 79.74 -23.49
C THR IA 871 64.10 81.05 -22.85
N ALA IA 872 63.15 81.72 -23.48
CA ALA IA 872 62.61 82.96 -22.96
C ALA IA 872 61.19 83.14 -23.48
N TYR IA 873 60.28 83.50 -22.59
CA TYR IA 873 58.89 83.75 -22.93
C TYR IA 873 58.59 85.22 -22.71
N VAL IA 874 58.08 85.88 -23.74
CA VAL IA 874 57.80 87.31 -23.69
C VAL IA 874 56.31 87.51 -23.92
N GLN IA 875 55.64 88.10 -22.93
CA GLN IA 875 54.21 88.35 -23.05
C GLN IA 875 54.00 89.72 -23.69
N GLY IA 876 53.26 89.74 -24.79
CA GLY IA 876 53.01 90.98 -25.49
C GLY IA 876 52.33 90.72 -26.81
N ASP IA 877 52.01 91.81 -27.49
CA ASP IA 877 51.34 91.77 -28.79
C ASP IA 877 52.31 92.28 -29.85
N TYR IA 878 52.78 91.38 -30.70
CA TYR IA 878 53.69 91.78 -31.77
C TYR IA 878 52.98 92.49 -32.90
N SER IA 879 51.68 92.77 -32.78
CA SER IA 879 51.06 93.66 -33.75
C SER IA 879 51.49 95.09 -33.50
N THR IA 880 51.84 95.43 -32.26
CA THR IA 880 52.20 96.79 -31.88
C THR IA 880 53.67 97.04 -32.10
N ALA IA 881 54.00 98.29 -32.43
CA ALA IA 881 55.39 98.68 -32.56
C ALA IA 881 56.09 98.68 -31.20
N ALA IA 882 55.34 98.96 -30.12
CA ALA IA 882 55.93 98.96 -28.79
C ALA IA 882 56.46 97.60 -28.40
N PHE IA 883 56.03 96.54 -29.11
CA PHE IA 883 56.51 95.20 -28.80
C PHE IA 883 58.01 95.09 -29.01
N TRP IA 884 58.53 95.73 -30.06
CA TRP IA 884 59.96 95.64 -30.38
C TRP IA 884 60.73 96.69 -29.60
N ASN IA 885 61.15 96.29 -28.41
CA ASN IA 885 62.08 97.08 -27.61
C ASN IA 885 63.03 96.11 -26.94
N GLY IA 886 64.29 96.09 -27.39
CA GLY IA 886 65.25 95.14 -26.89
C GLY IA 886 65.16 93.78 -27.51
N ILE IA 887 64.30 93.59 -28.51
CA ILE IA 887 64.12 92.28 -29.13
C ILE IA 887 65.27 92.03 -30.11
N ARG IA 888 66.06 91.00 -29.85
CA ARG IA 888 67.19 90.65 -30.69
C ARG IA 888 67.10 89.17 -31.06
N CYS IA 889 67.42 88.87 -32.32
CA CYS IA 889 67.47 87.49 -32.80
C CYS IA 889 68.09 87.49 -34.18
N ASP IA 890 68.38 86.29 -34.67
CA ASP IA 890 68.90 86.10 -36.02
C ASP IA 890 67.87 85.56 -36.98
N SER IA 891 66.80 84.95 -36.47
CA SER IA 891 65.78 84.33 -37.30
C SER IA 891 64.47 84.32 -36.54
N ALA IA 892 63.38 84.18 -37.28
CA ALA IA 892 62.05 84.26 -36.69
C ALA IA 892 61.09 83.40 -37.49
N THR IA 893 59.90 83.21 -36.92
CA THR IA 893 58.85 82.48 -37.61
C THR IA 893 57.50 82.84 -37.02
N ALA IA 894 56.46 82.58 -37.81
CA ALA IA 894 55.08 82.82 -37.38
C ALA IA 894 54.18 81.88 -38.18
N ILE IA 895 53.54 80.95 -37.48
CA ILE IA 895 52.77 79.89 -38.12
C ILE IA 895 51.37 79.89 -37.54
N PHE IA 896 50.36 79.89 -38.42
CA PHE IA 896 48.95 79.88 -38.04
C PHE IA 896 48.60 81.07 -37.15
N THR IA 897 49.31 82.17 -37.32
CA THR IA 897 49.10 83.36 -36.50
C THR IA 897 48.87 84.62 -37.31
N LEU IA 898 49.45 84.72 -38.50
CA LEU IA 898 49.42 85.98 -39.24
C LEU IA 898 48.00 86.38 -39.59
N GLY IA 899 47.24 85.47 -40.20
CA GLY IA 899 45.89 85.81 -40.61
C GLY IA 899 45.01 86.23 -39.46
N ALA IA 900 45.13 85.52 -38.33
CA ALA IA 900 44.35 85.88 -37.15
C ALA IA 900 44.72 87.27 -36.65
N ALA IA 901 46.02 87.54 -36.54
CA ALA IA 901 46.46 88.85 -36.06
C ALA IA 901 46.01 89.96 -36.99
N ALA IA 902 46.11 89.73 -38.30
CA ALA IA 902 45.62 90.72 -39.25
C ALA IA 902 44.13 90.96 -39.09
N ALA IA 903 43.37 89.87 -38.90
CA ALA IA 903 41.94 90.02 -38.67
C ALA IA 903 41.67 90.80 -37.40
N ALA IA 904 42.42 90.50 -36.33
CA ALA IA 904 42.26 91.26 -35.09
C ALA IA 904 42.63 92.73 -35.31
N ALA IA 905 43.67 92.98 -36.09
CA ALA IA 905 44.05 94.35 -36.42
C ALA IA 905 43.11 94.99 -37.43
N GLY IA 906 42.17 94.24 -37.98
CA GLY IA 906 41.23 94.79 -38.93
C GLY IA 906 41.90 95.32 -40.19
N THR IA 907 42.83 94.55 -40.74
CA THR IA 907 43.58 94.97 -41.90
C THR IA 907 43.81 93.79 -42.83
N ASP IA 908 44.16 94.10 -44.07
CA ASP IA 908 44.54 93.08 -45.03
C ASP IA 908 45.94 92.56 -44.73
N LEU IA 909 46.31 91.48 -45.42
CA LEU IA 909 47.62 90.90 -45.23
C LEU IA 909 48.72 91.86 -45.67
N ILE IA 910 48.56 92.44 -46.86
CA ILE IA 910 49.64 93.23 -47.45
C ILE IA 910 50.04 94.36 -46.53
N ALA IA 911 49.05 95.12 -46.05
CA ALA IA 911 49.35 96.20 -45.12
C ALA IA 911 49.97 95.65 -43.84
N PHE IA 912 49.46 94.52 -43.36
CA PHE IA 912 49.94 93.97 -42.09
C PHE IA 912 51.41 93.59 -42.18
N VAL IA 913 51.79 92.87 -43.23
CA VAL IA 913 53.17 92.41 -43.34
C VAL IA 913 54.10 93.59 -43.61
N GLN IA 914 53.63 94.61 -44.32
CA GLN IA 914 54.50 95.70 -44.72
C GLN IA 914 55.07 96.44 -43.52
N GLN IA 915 54.29 96.53 -42.44
CA GLN IA 915 54.78 97.17 -41.22
C GLN IA 915 55.37 96.17 -40.24
N LEU IA 916 55.37 94.88 -40.59
CA LEU IA 916 55.87 93.84 -39.70
C LEU IA 916 57.31 93.46 -40.04
N ILE IA 917 57.56 93.05 -41.28
CA ILE IA 917 58.86 92.57 -41.72
C ILE IA 917 59.96 93.57 -41.41
N PRO IA 918 59.78 94.88 -41.66
CA PRO IA 918 60.86 95.83 -41.30
C PRO IA 918 61.27 95.75 -39.85
N ARG IA 919 60.31 95.55 -38.94
CA ARG IA 919 60.66 95.43 -37.53
C ARG IA 919 61.54 94.21 -37.29
N ILE IA 920 61.23 93.09 -37.94
CA ILE IA 920 62.07 91.90 -37.81
C ILE IA 920 63.46 92.18 -38.34
N VAL IA 921 63.55 92.85 -39.49
CA VAL IA 921 64.85 93.23 -40.02
C VAL IA 921 65.59 94.11 -39.02
N ALA IA 922 64.89 95.09 -38.45
CA ALA IA 922 65.50 95.95 -37.46
C ALA IA 922 65.97 95.16 -36.25
N ALA IA 923 65.29 94.06 -35.93
CA ALA IA 923 65.65 93.23 -34.79
C ALA IA 923 66.88 92.37 -35.06
N GLY IA 924 67.56 92.57 -36.19
CA GLY IA 924 68.71 91.78 -36.52
C GLY IA 924 68.41 90.43 -37.15
N GLY IA 925 67.14 90.11 -37.35
CA GLY IA 925 66.80 88.85 -38.00
C GLY IA 925 67.22 88.84 -39.46
N THR IA 926 67.48 87.66 -39.97
CA THR IA 926 67.94 87.48 -41.33
C THR IA 926 66.99 86.65 -42.19
N ARG IA 927 66.43 85.58 -41.65
CA ARG IA 927 65.55 84.72 -42.40
C ARG IA 927 64.33 84.39 -41.56
N MET IA 928 63.22 84.11 -42.23
CA MET IA 928 61.99 83.78 -41.53
C MET IA 928 61.14 82.88 -42.39
N TRP IA 929 60.30 82.09 -41.72
CA TRP IA 929 59.29 81.27 -42.36
C TRP IA 929 57.92 81.77 -41.91
N LEU IA 930 57.08 82.13 -42.87
CA LEU IA 930 55.80 82.75 -42.57
C LEU IA 930 54.69 81.96 -43.26
N GLN IA 931 53.60 81.72 -42.53
CA GLN IA 931 52.48 80.95 -43.05
C GLN IA 931 51.41 81.92 -43.53
N LEU IA 932 51.52 82.33 -44.78
CA LEU IA 932 50.52 83.17 -45.40
C LEU IA 932 49.44 82.32 -46.03
N ASN IA 933 48.19 82.71 -45.84
CA ASN IA 933 47.07 82.05 -46.50
C ASN IA 933 46.82 82.73 -47.84
N THR IA 934 47.06 81.99 -48.92
CA THR IA 934 46.94 82.55 -50.25
C THR IA 934 46.80 81.43 -51.26
N PRO IA 935 45.98 81.59 -52.29
CA PRO IA 935 45.84 80.55 -53.31
C PRO IA 935 47.03 80.57 -54.27
N LEU IA 936 47.89 79.57 -54.15
CA LEU IA 936 49.04 79.48 -55.04
C LEU IA 936 48.67 78.89 -56.38
N TYR IA 937 47.93 77.79 -56.38
CA TYR IA 937 47.68 77.05 -57.61
C TYR IA 937 46.43 77.56 -58.34
N GLU IA 938 45.32 77.69 -57.63
CA GLU IA 938 44.13 78.31 -58.21
C GLU IA 938 43.19 78.69 -57.08
N VAL IA 939 42.25 79.57 -57.42
CA VAL IA 939 41.20 79.96 -56.49
C VAL IA 939 40.09 78.91 -56.57
N SER IA 940 39.94 78.13 -55.51
CA SER IA 940 38.91 77.10 -55.47
C SER IA 940 38.64 76.74 -54.02
N SER IA 941 37.42 77.01 -53.55
CA SER IA 941 37.09 76.76 -52.16
C SER IA 941 36.96 75.27 -51.89
N LEU IA 942 37.42 74.86 -50.73
CA LEU IA 942 37.16 73.50 -50.26
C LEU IA 942 35.78 73.44 -49.63
N PRO IA 943 34.95 72.47 -50.03
CA PRO IA 943 33.49 72.59 -49.80
C PRO IA 943 33.09 72.97 -48.39
N ASP IA 944 33.83 72.54 -47.37
CA ASP IA 944 33.47 72.96 -46.02
C ASP IA 944 34.65 73.49 -45.23
N LEU IA 945 35.84 73.01 -45.56
CA LEU IA 945 37.02 73.37 -44.77
C LEU IA 945 37.37 74.84 -44.94
N ILE IA 946 37.46 75.31 -46.18
CA ILE IA 946 37.83 76.69 -46.46
C ILE IA 946 36.96 77.22 -47.59
N ASP IA 947 36.27 78.32 -47.33
CA ASP IA 947 35.52 79.04 -48.35
C ASP IA 947 36.22 80.34 -48.65
N ILE IA 948 36.44 80.60 -49.93
CA ILE IA 948 37.18 81.79 -50.38
C ILE IA 948 36.17 82.86 -50.72
N ASP IA 949 36.26 84.01 -50.06
CA ASP IA 949 35.44 85.16 -50.37
C ASP IA 949 36.15 86.04 -51.39
N LEU IA 950 35.37 86.66 -52.26
CA LEU IA 950 35.92 87.48 -53.33
C LEU IA 950 35.45 88.92 -53.29
N ARG IA 951 34.18 89.16 -52.93
CA ARG IA 951 33.74 90.54 -52.75
C ARG IA 951 34.53 91.23 -51.65
N ASP IA 952 35.15 90.46 -50.77
CA ASP IA 952 36.25 90.93 -49.95
C ASP IA 952 37.20 89.76 -49.76
N ARG IA 953 38.49 90.09 -49.62
CA ARG IA 953 39.53 89.06 -49.64
C ARG IA 953 39.62 88.41 -48.27
N VAL IA 954 38.88 87.32 -48.09
CA VAL IA 954 38.75 86.67 -46.79
C VAL IA 954 38.51 85.18 -46.99
N TYR IA 955 39.07 84.37 -46.10
CA TYR IA 955 38.76 82.96 -46.00
C TYR IA 955 37.72 82.71 -44.92
N ARG IA 956 36.91 81.68 -45.12
CA ARG IA 956 35.99 81.17 -44.11
C ARG IA 956 36.44 79.78 -43.71
N PHE IA 957 36.69 79.57 -42.42
CA PHE IA 957 37.15 78.29 -41.91
C PHE IA 957 36.01 77.55 -41.23
N ASN IA 958 35.89 76.26 -41.55
CA ASN IA 958 34.91 75.38 -40.94
C ASN IA 958 33.51 75.97 -41.03
N GLY IA 959 33.14 76.38 -42.24
CA GLY IA 959 31.84 76.98 -42.45
C GLY IA 959 31.64 78.26 -41.67
N GLY IA 960 32.69 79.04 -41.48
CA GLY IA 960 32.57 80.30 -40.78
C GLY IA 960 32.93 80.26 -39.32
N GLU IA 961 33.52 79.16 -38.83
CA GLU IA 961 34.00 79.16 -37.45
C GLU IA 961 35.08 80.20 -37.24
N ARG IA 962 36.01 80.30 -38.20
CA ARG IA 962 37.08 81.27 -38.14
C ARG IA 962 37.18 81.99 -39.47
N VAL IA 963 37.48 83.28 -39.42
CA VAL IA 963 37.44 84.13 -40.59
C VAL IA 963 38.72 84.98 -40.63
N GLU IA 964 39.46 84.90 -41.73
CA GLU IA 964 40.73 85.59 -41.86
C GLU IA 964 40.87 86.15 -43.27
N PRO IA 965 41.63 87.23 -43.43
CA PRO IA 965 41.89 87.76 -44.76
C PRO IA 965 42.96 86.95 -45.49
N TYR IA 966 43.00 87.14 -46.81
CA TYR IA 966 44.02 86.53 -47.63
C TYR IA 966 44.47 87.53 -48.69
N ALA IA 967 45.51 87.17 -49.43
CA ALA IA 967 46.02 88.01 -50.49
C ALA IA 967 46.40 87.15 -51.68
N ASP IA 968 46.44 87.77 -52.84
CA ASP IA 968 46.84 87.05 -54.04
C ASP IA 968 48.36 86.90 -54.08
N PRO IA 969 48.86 85.77 -54.60
CA PRO IA 969 50.31 85.51 -54.50
C PRO IA 969 51.16 86.49 -55.28
N VAL IA 970 50.84 86.73 -56.55
CA VAL IA 970 51.68 87.60 -57.38
C VAL IA 970 51.78 89.01 -56.81
N PRO IA 971 50.68 89.71 -56.50
CA PRO IA 971 50.83 91.04 -55.90
C PRO IA 971 51.60 90.99 -54.59
N LEU IA 972 51.40 89.94 -53.81
CA LEU IA 972 52.10 89.81 -52.54
C LEU IA 972 53.60 89.71 -52.76
N GLN IA 973 54.02 88.86 -53.70
CA GLN IA 973 55.45 88.72 -53.97
C GLN IA 973 56.04 90.03 -54.47
N GLN IA 974 55.31 90.74 -55.32
CA GLN IA 974 55.78 92.05 -55.76
C GLN IA 974 55.93 93.00 -54.59
N ALA IA 975 54.96 92.97 -53.67
CA ALA IA 975 55.07 93.80 -52.48
C ALA IA 975 56.27 93.41 -51.64
N ILE IA 976 56.50 92.10 -51.47
CA ILE IA 976 57.64 91.65 -50.69
C ILE IA 976 58.94 92.08 -51.36
N ALA IA 977 59.03 91.90 -52.68
CA ALA IA 977 60.21 92.31 -53.41
C ALA IA 977 60.46 93.81 -53.23
N ALA IA 978 59.39 94.59 -53.17
CA ALA IA 978 59.55 96.03 -52.93
C ALA IA 978 60.17 96.29 -51.56
N LEU IA 979 59.72 95.56 -50.54
CA LEU IA 979 60.29 95.74 -49.20
C LEU IA 979 61.74 95.30 -49.17
N LEU IA 980 62.02 94.10 -49.66
CA LEU IA 980 63.39 93.57 -49.69
C LEU IA 980 63.75 93.21 -51.12
N PRO IA 981 64.62 93.98 -51.76
CA PRO IA 981 64.98 93.66 -53.16
C PRO IA 981 66.05 92.60 -53.29
N ALA IA 982 66.85 92.36 -52.25
CA ALA IA 982 68.03 91.49 -52.37
C ALA IA 982 67.88 90.20 -51.58
N ALA IA 983 66.66 89.75 -51.32
CA ALA IA 983 66.42 88.54 -50.56
C ALA IA 983 65.76 87.48 -51.42
N ALA IA 984 66.03 86.22 -51.10
CA ALA IA 984 65.46 85.10 -51.83
C ALA IA 984 64.11 84.70 -51.24
N LEU IA 985 63.23 84.23 -52.12
CA LEU IA 985 61.90 83.80 -51.73
C LEU IA 985 61.65 82.38 -52.20
N SER IA 986 60.91 81.62 -51.39
CA SER IA 986 60.54 80.27 -51.76
C SER IA 986 59.24 79.90 -51.07
N TRP IA 987 58.54 78.93 -51.63
CA TRP IA 987 57.27 78.47 -51.12
C TRP IA 987 57.37 77.01 -50.71
N HIS IA 988 56.51 76.60 -49.78
CA HIS IA 988 56.52 75.23 -49.30
C HIS IA 988 55.09 74.81 -48.98
N THR IA 989 54.75 73.59 -49.38
CA THR IA 989 53.44 73.01 -49.09
C THR IA 989 53.64 71.55 -48.73
N LEU IA 990 52.55 70.90 -48.33
CA LEU IA 990 52.61 69.49 -48.00
C LEU IA 990 53.07 68.68 -49.20
N SER IA 991 54.01 67.79 -48.98
CA SER IA 991 54.53 67.01 -50.09
C SER IA 991 53.58 65.86 -50.42
N PRO IA 992 53.40 65.56 -51.71
CA PRO IA 992 52.66 64.34 -52.08
C PRO IA 992 53.45 63.07 -51.83
N THR IA 993 54.68 63.18 -51.35
CA THR IA 993 55.50 62.02 -51.02
C THR IA 993 55.27 61.54 -49.59
N CYS IA 994 54.49 62.26 -48.81
CA CYS IA 994 54.04 61.80 -47.49
C CYS IA 994 55.20 61.60 -46.52
N ASP IA 995 56.28 62.36 -46.69
CA ASP IA 995 57.41 62.26 -45.77
C ASP IA 995 57.07 62.73 -44.37
N TRP IA 996 55.98 63.47 -44.20
CA TRP IA 996 55.56 64.00 -42.92
C TRP IA 996 54.76 63.02 -42.09
N LEU IA 997 54.56 61.81 -42.60
CA LEU IA 997 53.75 60.81 -41.90
C LEU IA 997 54.18 60.53 -40.47
N PRO IA 998 55.47 60.39 -40.14
CA PRO IA 998 55.83 60.04 -38.76
C PRO IA 998 55.28 61.01 -37.71
N TYR IA 999 54.93 62.22 -38.12
CA TYR IA 999 54.32 63.16 -37.19
C TYR IA 999 52.83 62.92 -37.02
N ILE IA 1000 52.25 61.99 -37.77
CA ILE IA 1000 50.86 61.59 -37.60
C ILE IA 1000 50.77 60.20 -36.99
N ILE IA 1001 51.48 59.23 -37.57
CA ILE IA 1001 51.43 57.87 -37.05
C ILE IA 1001 52.35 57.73 -35.84
N GLY IA 1002 53.57 58.24 -35.95
CA GLY IA 1002 54.52 58.14 -34.85
C GLY IA 1002 54.07 58.84 -33.59
N VAL IA 1003 53.03 59.67 -33.67
CA VAL IA 1003 52.44 60.27 -32.50
C VAL IA 1003 51.20 59.51 -32.02
N GLY IA 1004 50.83 58.43 -32.71
CA GLY IA 1004 49.75 57.60 -32.24
C GLY IA 1004 48.36 58.05 -32.63
N SER IA 1005 48.22 58.68 -33.79
CA SER IA 1005 46.92 59.15 -34.24
C SER IA 1005 46.51 58.42 -35.51
N PRO IA 1006 45.29 57.90 -35.57
CA PRO IA 1006 44.87 57.15 -36.76
C PRO IA 1006 44.58 58.08 -37.93
N LEU IA 1007 44.39 57.46 -39.10
CA LEU IA 1007 44.36 58.19 -40.34
C LEU IA 1007 43.44 57.51 -41.34
N ASN IA 1008 42.85 58.31 -42.23
CA ASN IA 1008 42.13 57.82 -43.40
C ASN IA 1008 42.84 58.32 -44.64
N LEU IA 1009 43.17 57.40 -45.55
CA LEU IA 1009 44.02 57.77 -46.69
C LEU IA 1009 43.31 58.70 -47.65
N SER IA 1010 41.99 58.58 -47.79
CA SER IA 1010 41.28 59.37 -48.78
C SER IA 1010 41.34 60.87 -48.48
N ASP IA 1011 41.72 61.26 -47.27
CA ASP IA 1011 41.75 62.66 -46.92
C ASP IA 1011 43.01 63.37 -47.42
N ILE IA 1012 44.02 62.63 -47.85
CA ILE IA 1012 45.32 63.22 -48.11
C ILE IA 1012 45.24 64.24 -49.24
N ASN IA 1013 44.50 63.92 -50.31
CA ASN IA 1013 44.40 64.84 -51.42
C ASN IA 1013 43.81 66.18 -50.98
N THR IA 1014 42.78 66.13 -50.14
CA THR IA 1014 42.23 67.37 -49.60
C THR IA 1014 43.26 68.10 -48.77
N ALA IA 1015 44.02 67.36 -47.95
CA ALA IA 1015 45.02 68.00 -47.11
C ALA IA 1015 46.05 68.74 -47.95
N ILE IA 1016 46.50 68.12 -49.03
CA ILE IA 1016 47.42 68.79 -49.94
C ILE IA 1016 46.78 70.06 -50.47
N SER IA 1017 45.55 69.94 -50.97
CA SER IA 1017 44.83 71.11 -51.47
C SER IA 1017 44.70 72.16 -50.38
N TYR IA 1018 44.41 71.74 -49.15
CA TYR IA 1018 44.36 72.66 -48.03
C TYR IA 1018 45.68 73.40 -47.90
N SER IA 1019 46.79 72.67 -47.97
CA SER IA 1019 48.10 73.31 -47.89
C SER IA 1019 48.32 74.27 -49.06
N ARG IA 1020 47.88 73.87 -50.25
CA ARG IA 1020 48.01 74.74 -51.41
C ARG IA 1020 47.35 76.09 -51.17
N LEU IA 1021 46.26 76.12 -50.41
CA LEU IA 1021 45.60 77.36 -50.08
C LEU IA 1021 46.28 78.09 -48.92
N THR IA 1022 47.11 77.41 -48.15
CA THR IA 1022 47.76 78.00 -46.99
C THR IA 1022 49.25 77.65 -47.01
N PRO IA 1023 49.98 78.18 -47.97
CA PRO IA 1023 51.40 77.82 -48.09
C PRO IA 1023 52.24 78.45 -47.01
N ILE IA 1024 53.53 78.11 -46.99
CA ILE IA 1024 54.51 78.76 -46.13
C ILE IA 1024 55.50 79.49 -47.02
N LEU IA 1025 55.69 80.78 -46.76
CA LEU IA 1025 56.66 81.58 -47.48
C LEU IA 1025 57.96 81.61 -46.69
N HIS IA 1026 59.04 81.21 -47.34
CA HIS IA 1026 60.37 81.24 -46.74
C HIS IA 1026 61.14 82.42 -47.32
N ILE IA 1027 61.53 83.35 -46.47
CA ILE IA 1027 62.29 84.52 -46.86
C ILE IA 1027 63.71 84.38 -46.33
N ASP IA 1028 64.68 84.71 -47.16
CA ASP IA 1028 66.09 84.61 -46.77
C ASP IA 1028 66.84 85.78 -47.36
N THR IA 1029 67.44 86.60 -46.50
CA THR IA 1029 68.14 87.79 -46.93
C THR IA 1029 69.64 87.59 -47.10
N THR IA 1030 70.19 86.47 -46.64
CA THR IA 1030 71.62 86.24 -46.71
C THR IA 1030 72.04 85.55 -48.01
N THR IA 1031 71.24 85.69 -49.07
CA THR IA 1031 71.61 85.10 -50.35
C THR IA 1031 70.92 85.87 -51.46
N PRO IA 1032 71.59 86.09 -52.60
CA PRO IA 1032 70.94 86.82 -53.69
C PRO IA 1032 69.80 86.02 -54.28
N PRO IA 1033 68.79 86.68 -54.82
CA PRO IA 1033 67.60 85.99 -55.29
C PRO IA 1033 67.78 85.36 -56.67
N LEU IA 1034 66.78 84.57 -57.05
CA LEU IA 1034 66.71 83.93 -58.35
C LEU IA 1034 66.12 84.90 -59.39
N ARG IA 1035 66.32 84.58 -60.66
CA ARG IA 1035 65.75 85.39 -61.72
C ARG IA 1035 65.57 84.57 -62.99
N VAL IA 1036 64.62 85.00 -63.83
CA VAL IA 1036 64.27 84.30 -65.05
C VAL IA 1036 63.86 85.34 -66.08
N ASN IA 1037 64.18 85.07 -67.36
CA ASN IA 1037 63.89 86.07 -68.38
C ASN IA 1037 62.41 86.18 -68.69
N PRO IA 1038 61.73 85.13 -69.17
CA PRO IA 1038 60.29 85.29 -69.44
C PRO IA 1038 59.46 85.15 -68.17
N VAL IA 1039 59.29 86.26 -67.45
CA VAL IA 1039 58.65 86.27 -66.13
C VAL IA 1039 57.29 85.57 -66.16
N PRO IA 1040 56.45 85.73 -67.18
CA PRO IA 1040 55.22 84.92 -67.21
C PRO IA 1040 55.48 83.43 -67.24
N THR IA 1041 56.67 82.99 -67.65
CA THR IA 1041 57.09 81.58 -67.65
C THR IA 1041 56.06 80.68 -68.30
N PRO IA 1042 55.82 80.82 -69.59
CA PRO IA 1042 54.84 79.95 -70.27
C PRO IA 1042 55.38 78.54 -70.44
N LEU IA 1043 54.45 77.60 -70.57
CA LEU IA 1043 54.78 76.19 -70.67
C LEU IA 1043 55.42 75.86 -72.02
N ASN IA 1044 56.21 74.79 -72.02
CA ASN IA 1044 56.75 74.18 -73.22
C ASN IA 1044 57.63 75.12 -74.02
N GLN IA 1045 58.21 76.13 -73.39
CA GLN IA 1045 58.98 77.13 -74.10
C GLN IA 1045 60.31 77.37 -73.42
N GLN IA 1046 61.32 77.66 -74.23
CA GLN IA 1046 62.67 77.87 -73.72
C GLN IA 1046 62.71 79.06 -72.78
N CYS IA 1047 63.39 78.89 -71.65
CA CYS IA 1047 63.54 79.96 -70.67
C CYS IA 1047 64.93 79.89 -70.07
N ALA IA 1048 65.53 81.06 -69.84
CA ALA IA 1048 66.85 81.17 -69.25
C ALA IA 1048 66.72 81.56 -67.78
N ILE IA 1049 67.44 80.86 -66.92
CA ILE IA 1049 67.41 81.08 -65.49
C ILE IA 1049 68.82 81.34 -64.99
N ARG IA 1050 69.00 82.41 -64.23
CA ARG IA 1050 70.31 82.80 -63.70
C ARG IA 1050 70.37 82.50 -62.22
N ILE IA 1051 71.45 81.85 -61.80
CA ILE IA 1051 71.72 81.60 -60.38
C ILE IA 1051 73.14 82.11 -60.13
N THR IA 1052 73.24 83.34 -59.64
CA THR IA 1052 74.56 83.89 -59.35
C THR IA 1052 75.21 83.10 -58.22
N SER IA 1053 76.49 82.79 -58.41
CA SER IA 1053 77.19 81.87 -57.53
C SER IA 1053 78.68 82.02 -57.78
N LEU IA 1054 79.47 81.59 -56.79
CA LEU IA 1054 80.91 81.81 -56.84
C LEU IA 1054 81.71 80.58 -57.22
N ASP IA 1055 81.15 79.38 -57.08
CA ASP IA 1055 81.92 78.16 -57.29
C ASP IA 1055 81.41 77.40 -58.49
N PRO IA 1056 82.20 77.25 -59.56
CA PRO IA 1056 81.83 76.33 -60.63
C PRO IA 1056 81.84 74.88 -60.19
N ALA IA 1057 82.42 74.57 -59.04
CA ALA IA 1057 82.50 73.20 -58.54
C ALA IA 1057 81.23 72.74 -57.86
N ALA IA 1058 80.26 73.63 -57.65
CA ALA IA 1058 79.04 73.25 -56.95
C ALA IA 1058 78.18 72.33 -57.82
N VAL IA 1059 77.17 71.74 -57.20
CA VAL IA 1059 76.24 70.84 -57.86
C VAL IA 1059 74.82 71.34 -57.63
N LEU IA 1060 73.96 71.09 -58.61
CA LEU IA 1060 72.62 71.67 -58.65
C LEU IA 1060 71.57 70.57 -58.63
N SER IA 1061 70.40 70.93 -58.12
CA SER IA 1061 69.24 70.05 -58.18
C SER IA 1061 67.97 70.89 -58.17
N VAL IA 1062 66.96 70.43 -58.90
CA VAL IA 1062 65.66 71.05 -58.95
C VAL IA 1062 64.61 70.01 -58.61
N GLN IA 1063 63.62 70.39 -57.82
CA GLN IA 1063 62.60 69.47 -57.36
C GLN IA 1063 61.21 69.93 -57.76
N HIS IA 1064 60.32 68.97 -57.93
CA HIS IA 1064 58.94 69.24 -58.31
C HIS IA 1064 58.08 68.15 -57.71
N ASN IA 1065 56.96 68.55 -57.09
CA ASN IA 1065 56.10 67.62 -56.35
C ASN IA 1065 56.89 66.85 -55.31
N GLY IA 1066 57.84 67.52 -54.68
CA GLY IA 1066 58.61 66.91 -53.63
C GLY IA 1066 59.61 65.87 -54.07
N VAL IA 1067 60.03 65.90 -55.34
CA VAL IA 1067 61.04 64.97 -55.84
C VAL IA 1067 61.92 65.71 -56.84
N GLU IA 1068 63.20 65.36 -56.84
CA GLU IA 1068 64.14 65.98 -57.76
C GLU IA 1068 63.79 65.64 -59.21
N VAL IA 1069 63.88 66.64 -60.08
CA VAL IA 1069 63.46 66.48 -61.46
C VAL IA 1069 64.63 66.84 -62.38
N ILE IA 1070 65.51 67.72 -61.91
CA ILE IA 1070 66.71 68.10 -62.65
C ILE IA 1070 67.87 68.11 -61.66
N GLY IA 1071 69.01 67.61 -62.09
CA GLY IA 1071 70.21 67.64 -61.29
C GLY IA 1071 71.45 67.32 -62.09
N GLY IA 1072 72.59 67.81 -61.65
CA GLY IA 1072 73.83 67.52 -62.34
C GLY IA 1072 74.82 68.66 -62.17
N THR IA 1073 75.70 68.77 -63.16
CA THR IA 1073 76.81 69.72 -63.18
C THR IA 1073 76.78 70.47 -64.50
N PRO IA 1074 77.48 71.61 -64.60
CA PRO IA 1074 77.57 72.27 -65.90
C PRO IA 1074 78.17 71.37 -66.97
N GLY IA 1075 79.04 70.44 -66.59
CA GLY IA 1075 79.54 69.48 -67.56
C GLY IA 1075 78.45 68.58 -68.10
N ASN IA 1076 77.61 68.05 -67.21
CA ASN IA 1076 76.54 67.15 -67.62
C ASN IA 1076 75.39 67.26 -66.65
N VAL IA 1077 74.17 67.18 -67.18
CA VAL IA 1077 72.96 67.33 -66.37
C VAL IA 1077 71.91 66.37 -66.90
N ILE IA 1078 71.04 65.91 -66.01
CA ILE IA 1078 69.95 65.00 -66.36
C ILE IA 1078 68.64 65.63 -65.94
N SER IA 1079 67.63 65.49 -66.80
CA SER IA 1079 66.32 66.07 -66.56
C SER IA 1079 65.24 65.07 -66.91
N VAL IA 1080 64.09 65.21 -66.27
CA VAL IA 1080 62.89 64.45 -66.63
C VAL IA 1080 61.74 65.43 -66.82
N ALA IA 1081 62.07 66.67 -67.21
CA ALA IA 1081 61.05 67.69 -67.44
C ALA IA 1081 61.28 68.48 -68.71
N GLY IA 1082 62.06 67.96 -69.65
CA GLY IA 1082 62.37 68.65 -70.88
C GLY IA 1082 63.85 68.93 -71.01
N ALA IA 1083 64.19 69.58 -72.12
CA ALA IA 1083 65.58 69.88 -72.41
C ALA IA 1083 66.15 70.84 -71.37
N ALA IA 1084 67.35 70.53 -70.90
CA ALA IA 1084 68.02 71.34 -69.88
C ALA IA 1084 69.50 71.45 -70.22
N ALA IA 1085 70.01 72.67 -70.24
CA ALA IA 1085 71.43 72.93 -70.50
C ALA IA 1085 71.98 73.75 -69.35
N LEU IA 1086 73.04 73.25 -68.73
CA LEU IA 1086 73.66 73.90 -67.58
C LEU IA 1086 75.05 74.41 -67.97
N GLN IA 1087 75.31 75.68 -67.66
CA GLN IA 1087 76.59 76.29 -67.95
C GLN IA 1087 76.91 77.28 -66.84
N TYR IA 1088 78.19 77.42 -66.54
CA TYR IA 1088 78.66 78.40 -65.56
C TYR IA 1088 79.40 79.52 -66.30
N ILE IA 1089 78.91 80.74 -66.14
CA ILE IA 1089 79.53 81.92 -66.74
C ILE IA 1089 80.34 82.58 -65.63
N LEU IA 1090 81.65 82.34 -65.64
CA LEU IA 1090 82.51 82.89 -64.60
C LEU IA 1090 82.54 84.41 -64.64
N ALA IA 1091 82.48 84.99 -65.83
CA ALA IA 1091 82.53 86.45 -65.95
C ALA IA 1091 81.41 87.11 -65.17
N ASN IA 1092 80.25 86.48 -65.10
CA ASN IA 1092 79.14 86.99 -64.31
C ASN IA 1092 79.00 86.27 -62.97
N GLN IA 1093 79.81 85.24 -62.73
CA GLN IA 1093 79.69 84.41 -61.54
C GLN IA 1093 78.27 83.90 -61.37
N GLU IA 1094 77.77 83.25 -62.42
CA GLU IA 1094 76.43 82.70 -62.43
C GLU IA 1094 76.46 81.30 -63.03
N PHE IA 1095 75.50 80.48 -62.62
CA PHE IA 1095 75.14 79.30 -63.37
C PHE IA 1095 74.00 79.67 -64.29
N LEU IA 1096 74.16 79.37 -65.57
CA LEU IA 1096 73.12 79.60 -66.56
C LEU IA 1096 72.39 78.30 -66.82
N LEU IA 1097 71.07 78.32 -66.65
CA LEU IA 1097 70.23 77.17 -66.95
C LEU IA 1097 69.25 77.55 -68.05
N GLN IA 1098 69.29 76.82 -69.16
CA GLN IA 1098 68.33 76.96 -70.23
C GLN IA 1098 67.43 75.75 -70.23
N PHE IA 1099 66.12 75.98 -70.23
CA PHE IA 1099 65.18 74.94 -69.87
C PHE IA 1099 63.89 75.10 -70.66
N THR IA 1100 63.28 73.97 -70.99
CA THR IA 1100 62.01 73.91 -71.70
C THR IA 1100 61.08 73.04 -70.88
N PRO IA 1101 60.37 73.60 -69.90
CA PRO IA 1101 59.52 72.80 -69.03
C PRO IA 1101 58.43 72.08 -69.82
N THR IA 1102 58.21 70.82 -69.47
CA THR IA 1102 57.17 70.01 -70.07
C THR IA 1102 56.01 69.75 -69.13
N LEU IA 1103 55.96 70.46 -68.01
CA LEU IA 1103 54.86 70.32 -67.06
C LEU IA 1103 54.81 71.57 -66.20
N PRO IA 1104 53.63 71.99 -65.76
CA PRO IA 1104 53.54 73.23 -64.99
C PRO IA 1104 53.80 72.99 -63.50
N GLY IA 1105 53.62 74.03 -62.71
CA GLY IA 1105 53.68 73.91 -61.27
C GLY IA 1105 54.90 74.61 -60.68
N ILE IA 1106 55.04 74.44 -59.37
CA ILE IA 1106 56.14 75.04 -58.64
C ILE IA 1106 57.39 74.20 -58.85
N PHE IA 1107 58.51 74.89 -59.09
CA PHE IA 1107 59.82 74.26 -59.13
C PHE IA 1107 60.74 75.04 -58.21
N ASP IA 1108 61.45 74.33 -57.34
CA ASP IA 1108 62.40 74.95 -56.43
C ASP IA 1108 63.79 74.36 -56.68
N VAL IA 1109 64.80 75.19 -56.45
CA VAL IA 1109 66.15 74.91 -56.91
C VAL IA 1109 67.12 75.01 -55.73
N PHE IA 1110 68.14 74.15 -55.76
CA PHE IA 1110 69.13 74.08 -54.71
C PHE IA 1110 70.53 74.03 -55.30
N LEU IA 1111 71.50 74.52 -54.53
CA LEU IA 1111 72.89 74.39 -54.85
C LEU IA 1111 73.61 73.71 -53.69
N THR IA 1112 74.64 72.94 -54.03
CA THR IA 1112 75.37 72.19 -53.01
C THR IA 1112 76.83 72.09 -53.42
N THR IA 1113 77.70 72.05 -52.41
CA THR IA 1113 79.10 71.74 -52.61
C THR IA 1113 79.49 70.63 -51.64
N LEU IA 1114 80.65 70.02 -51.91
CA LEU IA 1114 80.96 68.73 -51.32
C LEU IA 1114 80.96 68.76 -49.80
N GLY IA 1115 81.39 69.86 -49.19
CA GLY IA 1115 81.52 69.89 -47.75
C GLY IA 1115 80.37 70.57 -47.03
N GLN IA 1116 79.22 70.70 -47.68
CA GLN IA 1116 78.14 71.51 -47.14
C GLN IA 1116 76.80 70.83 -47.39
N PRO IA 1117 75.78 71.17 -46.61
CA PRO IA 1117 74.42 70.75 -46.93
C PRO IA 1117 73.90 71.50 -48.14
N PRO IA 1118 72.85 71.00 -48.79
CA PRO IA 1118 72.26 71.75 -49.91
C PRO IA 1118 71.70 73.08 -49.46
N VAL IA 1119 71.82 74.07 -50.32
CA VAL IA 1119 71.38 75.43 -50.02
C VAL IA 1119 70.20 75.76 -50.94
N PRO IA 1120 69.03 76.08 -50.41
CA PRO IA 1120 67.94 76.54 -51.26
C PRO IA 1120 68.29 77.87 -51.89
N ARG IA 1121 67.86 78.05 -53.14
CA ARG IA 1121 68.12 79.27 -53.89
C ARG IA 1121 66.86 79.75 -54.58
N GLY IA 1122 65.74 79.67 -53.88
CA GLY IA 1122 64.50 80.17 -54.42
C GLY IA 1122 63.72 79.13 -55.20
N SER IA 1123 62.65 79.62 -55.83
CA SER IA 1123 61.74 78.75 -56.58
C SER IA 1123 61.08 79.56 -57.68
N PHE IA 1124 60.53 78.86 -58.65
CA PHE IA 1124 59.84 79.51 -59.76
C PHE IA 1124 58.64 78.67 -60.18
N THR IA 1125 57.72 79.33 -60.86
CA THR IA 1125 56.46 78.72 -61.30
C THR IA 1125 56.41 78.67 -62.82
N ILE IA 1126 55.82 77.61 -63.36
CA ILE IA 1126 55.57 77.48 -64.79
C ILE IA 1126 54.06 77.52 -65.01
N THR IA 1127 53.63 78.34 -65.94
CA THR IA 1127 52.21 78.54 -66.13
C THR IA 1127 51.69 77.71 -67.30
N PRO IA 1128 50.43 77.28 -67.21
CA PRO IA 1128 49.84 76.51 -68.31
C PRO IA 1128 49.49 77.40 -69.49
N PRO IA 1129 49.30 76.82 -70.66
CA PRO IA 1129 48.89 77.64 -71.83
C PRO IA 1129 47.49 78.20 -71.63
N PRO IA 1130 47.16 79.27 -72.35
CA PRO IA 1130 45.85 79.91 -72.14
C PRO IA 1130 44.70 79.03 -72.59
N THR IA 1131 43.54 79.29 -71.99
CA THR IA 1131 42.33 78.52 -72.23
C THR IA 1131 41.43 79.14 -73.28
N THR IA 1132 41.92 80.12 -74.04
CA THR IA 1132 41.07 80.92 -74.92
C THR IA 1132 40.89 80.23 -76.26
N VAL IA 1133 39.79 79.51 -76.39
CA VAL IA 1133 39.34 79.00 -77.67
C VAL IA 1133 38.32 79.97 -78.24
N VAL IA 1134 38.37 80.19 -79.55
CA VAL IA 1134 37.49 81.15 -80.22
C VAL IA 1134 36.95 80.51 -81.49
N LEU IA 1135 35.67 80.76 -81.77
CA LEU IA 1135 34.99 80.26 -82.96
C LEU IA 1135 34.56 81.44 -83.83
N ASN IA 1136 34.53 81.20 -85.14
CA ASN IA 1136 34.21 82.23 -86.11
C ASN IA 1136 33.08 81.74 -87.01
N MET IA 1137 32.04 82.55 -87.16
CA MET IA 1137 30.75 82.11 -87.64
C MET IA 1137 30.39 82.68 -89.01
N PRO IA 1138 29.51 82.02 -89.74
CA PRO IA 1138 29.05 82.55 -91.03
C PRO IA 1138 27.90 83.53 -90.85
N PRO IA 1139 27.57 84.29 -91.89
CA PRO IA 1139 26.41 85.20 -91.80
C PRO IA 1139 25.11 84.43 -91.80
N PRO IA 1140 23.99 85.08 -91.45
CA PRO IA 1140 22.70 84.37 -91.46
C PRO IA 1140 22.34 83.78 -92.81
N GLY IA 1141 22.74 84.42 -93.90
CA GLY IA 1141 22.53 83.82 -95.20
C GLY IA 1141 23.26 82.50 -95.37
N GLN IA 1142 24.35 82.31 -94.62
CA GLN IA 1142 25.09 81.07 -94.62
C GLN IA 1142 24.77 80.19 -93.43
N LEU IA 1143 23.78 80.57 -92.62
CA LEU IA 1143 23.18 79.64 -91.68
C LEU IA 1143 22.47 78.56 -92.48
N ASP IA 1144 23.04 77.36 -92.50
CA ASP IA 1144 22.61 76.31 -93.41
C ASP IA 1144 21.59 75.41 -92.70
N PHE IA 1145 20.33 75.78 -92.82
CA PHE IA 1145 19.22 74.93 -92.38
C PHE IA 1145 18.96 73.80 -93.34
N THR IA 1146 19.60 73.82 -94.52
CA THR IA 1146 19.55 72.70 -95.45
C THR IA 1146 20.24 71.49 -94.83
N ASP IA 1147 20.16 70.37 -95.56
CA ASP IA 1147 20.75 69.12 -95.06
C ASP IA 1147 22.25 69.29 -94.87
N VAL IA 1148 22.92 69.93 -95.83
CA VAL IA 1148 24.34 70.22 -95.70
C VAL IA 1148 24.49 71.45 -94.81
N GLY IA 1149 24.70 71.22 -93.51
CA GLY IA 1149 24.91 72.31 -92.59
C GLY IA 1149 26.21 73.05 -92.89
N ASN IA 1150 26.34 74.23 -92.31
CA ASN IA 1150 27.47 75.08 -92.65
C ASN IA 1150 28.67 74.78 -91.76
N ASP IA 1151 29.68 75.63 -91.85
CA ASP IA 1151 30.99 75.40 -91.27
C ASP IA 1151 31.48 76.67 -90.60
N ALA IA 1152 32.20 76.51 -89.50
CA ALA IA 1152 32.72 77.63 -88.74
C ALA IA 1152 34.19 77.38 -88.41
N ARG IA 1153 34.98 78.44 -88.38
CA ARG IA 1153 36.42 78.32 -88.18
C ARG IA 1153 36.77 78.46 -86.71
N ILE IA 1154 37.60 77.55 -86.23
CA ILE IA 1154 38.05 77.53 -84.84
C ILE IA 1154 39.45 78.13 -84.77
N THR IA 1155 39.67 78.99 -83.80
CA THR IA 1155 40.98 79.57 -83.52
C THR IA 1155 41.36 79.19 -82.10
N CYS IA 1156 42.39 78.35 -81.96
CA CYS IA 1156 42.78 77.83 -80.66
C CYS IA 1156 44.19 77.27 -80.77
N ASP IA 1157 44.81 77.04 -79.62
CA ASP IA 1157 46.12 76.43 -79.58
C ASP IA 1157 46.04 74.96 -79.99
N PRO IA 1158 47.10 74.42 -80.59
CA PRO IA 1158 47.11 72.98 -80.90
C PRO IA 1158 47.26 72.10 -79.68
N TYR IA 1159 47.63 72.67 -78.53
CA TYR IA 1159 47.83 71.88 -77.32
C TYR IA 1159 46.52 71.25 -76.85
N TYR IA 1160 45.38 71.88 -77.14
CA TYR IA 1160 44.08 71.36 -76.76
C TYR IA 1160 43.40 70.74 -77.98
N GLN IA 1161 43.28 69.42 -77.99
CA GLN IA 1161 42.43 68.75 -78.97
C GLN IA 1161 40.98 68.88 -78.55
N LEU IA 1162 40.09 69.04 -79.53
CA LEU IA 1162 38.72 69.42 -79.26
C LEU IA 1162 37.73 68.47 -79.93
N ALA IA 1163 36.55 68.37 -79.32
CA ALA IA 1163 35.42 67.65 -79.89
C ALA IA 1163 34.15 68.24 -79.31
N VAL IA 1164 33.04 68.01 -80.01
CA VAL IA 1164 31.75 68.59 -79.62
C VAL IA 1164 31.03 67.61 -78.70
N CYS IA 1165 30.57 68.10 -77.56
CA CYS IA 1165 30.01 67.25 -76.52
C CYS IA 1165 28.82 67.93 -75.86
N ILE IA 1166 28.04 67.15 -75.11
CA ILE IA 1166 26.85 67.63 -74.43
C ILE IA 1166 27.00 67.38 -72.94
N PHE IA 1167 26.77 68.42 -72.15
CA PHE IA 1167 26.86 68.34 -70.68
C PHE IA 1167 25.56 67.71 -70.14
N LYS IA 1168 25.42 66.42 -70.40
CA LYS IA 1168 24.15 65.74 -70.18
C LYS IA 1168 23.83 65.62 -68.70
N ASP IA 1169 24.77 65.14 -67.90
CA ASP IA 1169 24.47 64.71 -66.53
C ASP IA 1169 25.54 65.14 -65.54
N GLY IA 1170 26.17 66.29 -65.79
CA GLY IA 1170 27.37 66.65 -65.06
C GLY IA 1170 28.65 66.21 -65.75
N GLN IA 1171 28.54 65.44 -66.83
CA GLN IA 1171 29.69 65.04 -67.63
C GLN IA 1171 29.36 65.21 -69.10
N TYR IA 1172 30.33 65.70 -69.86
CA TYR IA 1172 30.17 65.88 -71.29
C TYR IA 1172 30.20 64.54 -72.00
N VAL IA 1173 29.26 64.34 -72.93
CA VAL IA 1173 29.21 63.16 -73.77
C VAL IA 1173 29.36 63.59 -75.22
N ARG IA 1174 30.22 62.91 -75.96
CA ARG IA 1174 30.54 63.31 -77.32
C ARG IA 1174 29.36 63.12 -78.24
N VAL IA 1175 29.04 64.15 -79.03
CA VAL IA 1175 27.92 64.11 -79.95
C VAL IA 1175 28.32 63.34 -81.20
N ASN IA 1176 27.32 62.75 -81.86
CA ASN IA 1176 27.57 62.10 -83.14
C ASN IA 1176 28.04 63.13 -84.15
N PRO IA 1177 28.89 62.73 -85.11
CA PRO IA 1177 29.47 63.72 -86.02
C PRO IA 1177 28.47 64.38 -86.95
N GLU IA 1178 27.35 63.72 -87.25
CA GLU IA 1178 26.48 64.18 -88.32
C GLU IA 1178 25.61 65.36 -87.93
N LYS IA 1179 25.74 65.87 -86.71
CA LYS IA 1179 25.15 67.16 -86.35
C LYS IA 1179 26.18 68.25 -86.10
N ALA IA 1180 27.36 67.87 -85.62
CA ALA IA 1180 28.46 68.81 -85.43
C ALA IA 1180 29.76 68.03 -85.38
N SER IA 1181 30.84 68.66 -85.84
CA SER IA 1181 32.14 68.02 -85.85
C SER IA 1181 33.24 69.07 -85.94
N VAL IA 1182 34.31 68.85 -85.19
CA VAL IA 1182 35.52 69.64 -85.37
C VAL IA 1182 36.22 69.16 -86.63
N VAL IA 1183 36.55 70.09 -87.52
CA VAL IA 1183 37.10 69.79 -88.83
C VAL IA 1183 38.62 69.90 -88.78
N THR IA 1184 39.30 68.85 -89.24
CA THR IA 1184 40.77 68.82 -89.23
C THR IA 1184 41.32 69.45 -90.51
N ASN IA 1185 41.00 70.71 -90.70
CA ASN IA 1185 41.55 71.46 -91.82
C ASN IA 1185 43.05 71.67 -91.61
N ALA IA 1186 43.79 71.69 -92.72
CA ALA IA 1186 45.25 71.68 -92.64
C ALA IA 1186 45.82 72.86 -91.86
N PRO IA 1187 45.43 74.12 -92.12
CA PRO IA 1187 46.03 75.21 -91.35
C PRO IA 1187 45.54 75.28 -89.92
N ASN IA 1188 44.26 74.96 -89.68
CA ASN IA 1188 43.67 75.12 -88.35
C ASN IA 1188 42.45 74.22 -88.27
N ARG IA 1189 41.94 74.08 -87.05
CA ARG IA 1189 40.70 73.35 -86.83
C ARG IA 1189 39.52 74.23 -87.20
N ASP IA 1190 38.51 73.61 -87.80
CA ASP IA 1190 37.24 74.26 -88.11
C ASP IA 1190 36.11 73.46 -87.49
N LEU IA 1191 34.88 73.90 -87.71
CA LEU IA 1191 33.73 73.30 -87.04
C LEU IA 1191 32.56 73.26 -88.00
N HIS IA 1192 32.26 72.08 -88.53
CA HIS IA 1192 31.04 71.87 -89.31
C HIS IA 1192 29.90 71.48 -88.40
N PHE IA 1193 28.70 71.94 -88.74
CA PHE IA 1193 27.53 71.65 -87.92
C PHE IA 1193 26.28 71.87 -88.75
N VAL IA 1194 25.18 71.27 -88.30
CA VAL IA 1194 23.90 71.33 -88.98
C VAL IA 1194 22.85 71.85 -88.00
N LEU IA 1195 21.83 72.52 -88.53
CA LEU IA 1195 20.85 73.23 -87.72
C LEU IA 1195 19.57 72.41 -87.59
N ASP IA 1196 19.02 72.38 -86.38
CA ASP IA 1196 17.82 71.61 -86.09
C ASP IA 1196 16.98 72.38 -85.07
N LEU IA 1197 15.67 72.16 -85.12
CA LEU IA 1197 14.74 72.93 -84.28
C LEU IA 1197 14.86 72.63 -82.80
N ALA IA 1198 15.75 71.73 -82.39
CA ALA IA 1198 16.02 71.51 -80.97
C ALA IA 1198 17.19 72.34 -80.45
N ASP IA 1199 17.88 73.07 -81.32
CA ASP IA 1199 19.19 73.60 -80.97
C ASP IA 1199 19.10 74.76 -79.98
N ASN IA 1200 18.08 75.61 -80.09
CA ASN IA 1200 17.98 76.76 -79.20
C ASN IA 1200 17.72 76.34 -77.76
N HIS IA 1201 17.09 75.18 -77.56
CA HIS IA 1201 16.83 74.71 -76.21
C HIS IA 1201 18.03 73.98 -75.62
N VAL IA 1202 18.72 73.20 -76.44
CA VAL IA 1202 19.81 72.35 -75.96
C VAL IA 1202 21.09 73.16 -75.84
N LEU IA 1203 22.09 72.58 -75.17
CA LEU IA 1203 23.41 73.18 -75.07
C LEU IA 1203 24.48 72.15 -75.39
N LEU IA 1204 25.59 72.63 -75.95
CA LEU IA 1204 26.72 71.77 -76.28
C LEU IA 1204 28.00 72.58 -76.20
N TYR IA 1205 29.11 71.87 -76.00
CA TYR IA 1205 30.38 72.51 -75.67
C TYR IA 1205 31.51 71.95 -76.52
N LEU IA 1206 32.44 72.82 -76.89
CA LEU IA 1206 33.73 72.41 -77.42
C LEU IA 1206 34.59 71.97 -76.24
N CYS IA 1207 34.91 70.68 -76.18
CA CYS IA 1207 35.51 70.09 -74.99
C CYS IA 1207 36.94 69.66 -75.27
N ASP IA 1208 37.81 69.85 -74.28
CA ASP IA 1208 39.17 69.36 -74.38
C ASP IA 1208 39.18 67.84 -74.45
N VAL IA 1209 40.10 67.30 -75.23
CA VAL IA 1209 40.19 65.86 -75.47
C VAL IA 1209 41.47 65.34 -74.84
N THR IA 1210 41.32 64.45 -73.86
CA THR IA 1210 42.40 63.69 -73.28
C THR IA 1210 41.92 62.26 -73.10
N PRO IA 1211 42.82 61.28 -73.21
CA PRO IA 1211 42.39 59.89 -72.95
C PRO IA 1211 41.94 59.67 -71.52
N SER IA 1212 42.39 60.52 -70.58
CA SER IA 1212 41.95 60.40 -69.20
C SER IA 1212 40.51 60.90 -69.04
N GLY IA 1213 40.14 61.95 -69.76
CA GLY IA 1213 38.81 62.51 -69.62
C GLY IA 1213 38.49 63.47 -70.73
N LEU IA 1214 37.21 63.74 -70.88
CA LEU IA 1214 36.69 64.56 -71.97
C LEU IA 1214 36.20 65.88 -71.40
N GLY IA 1215 36.73 66.99 -71.94
CA GLY IA 1215 36.36 68.30 -71.45
C GLY IA 1215 36.91 68.66 -70.10
N ASP IA 1216 37.97 67.98 -69.66
CA ASP IA 1216 38.50 68.21 -68.32
C ASP IA 1216 39.08 69.62 -68.19
N ARG IA 1217 40.09 69.93 -69.00
CA ARG IA 1217 40.80 71.19 -68.83
C ARG IA 1217 39.98 72.37 -69.29
N ILE IA 1218 39.30 72.27 -70.44
CA ILE IA 1218 38.46 73.35 -70.94
C ILE IA 1218 37.18 72.76 -71.52
N ALA IA 1219 36.13 73.58 -71.51
CA ALA IA 1219 34.86 73.22 -72.13
C ALA IA 1219 34.10 74.51 -72.42
N PHE IA 1220 33.97 74.85 -73.70
CA PHE IA 1220 33.42 76.14 -74.10
C PHE IA 1220 32.08 75.97 -74.80
N PRO IA 1221 31.02 76.58 -74.29
CA PRO IA 1221 29.72 76.45 -74.97
C PRO IA 1221 29.68 77.18 -76.29
N ILE IA 1222 29.01 76.59 -77.26
CA ILE IA 1222 28.76 77.26 -78.55
C ILE IA 1222 27.42 77.97 -78.40
N VAL IA 1223 27.49 79.17 -77.83
CA VAL IA 1223 26.27 79.87 -77.45
C VAL IA 1223 25.48 80.31 -78.67
N ASP IA 1224 26.15 80.52 -79.80
CA ASP IA 1224 25.46 80.98 -81.00
C ASP IA 1224 24.36 80.00 -81.40
N ILE IA 1225 24.68 78.71 -81.38
CA ILE IA 1225 23.70 77.70 -81.73
C ILE IA 1225 22.53 77.73 -80.76
N TYR IA 1226 22.76 78.13 -79.52
CA TYR IA 1226 21.66 78.27 -78.56
C TYR IA 1226 20.74 79.42 -78.93
N ARG IA 1227 21.18 80.32 -79.82
CA ARG IA 1227 20.43 81.51 -80.17
C ARG IA 1227 20.09 81.61 -81.66
N ILE IA 1228 20.61 80.71 -82.50
CA ILE IA 1228 20.40 80.82 -83.94
C ILE IA 1228 18.93 80.57 -84.24
N ALA IA 1229 18.32 81.51 -84.97
CA ALA IA 1229 16.91 81.42 -85.35
C ALA IA 1229 16.76 80.67 -86.67
N PHE IA 1230 15.51 80.31 -86.99
CA PHE IA 1230 15.21 79.51 -88.15
C PHE IA 1230 14.20 80.25 -89.04
N PRO IA 1231 14.47 80.36 -90.34
CA PRO IA 1231 13.58 81.13 -91.23
C PRO IA 1231 12.32 80.33 -91.54
N ARG IA 1232 11.18 80.94 -91.22
CA ARG IA 1232 9.90 80.24 -91.35
C ARG IA 1232 9.59 79.88 -92.78
N ASN IA 1233 10.17 80.59 -93.75
CA ASN IA 1233 9.85 80.45 -95.15
C ASN IA 1233 10.60 79.33 -95.86
N THR IA 1234 11.33 78.49 -95.13
CA THR IA 1234 12.19 77.48 -95.72
C THR IA 1234 11.92 76.12 -95.09
N PRO IA 1235 12.27 75.04 -95.78
CA PRO IA 1235 12.24 73.72 -95.12
C PRO IA 1235 13.19 73.67 -93.95
N VAL IA 1236 12.76 73.00 -92.88
CA VAL IA 1236 13.50 72.96 -91.63
C VAL IA 1236 13.61 71.51 -91.17
N ARG IA 1237 14.29 71.31 -90.05
CA ARG IA 1237 14.68 69.99 -89.58
C ARG IA 1237 14.36 69.84 -88.10
N ALA IA 1238 13.99 68.61 -87.71
CA ALA IA 1238 13.63 68.35 -86.32
C ALA IA 1238 13.97 66.91 -85.98
N SER IA 1239 14.34 66.69 -84.71
CA SER IA 1239 14.61 65.36 -84.19
C SER IA 1239 14.60 65.42 -82.68
N LEU IA 1240 14.72 64.25 -82.06
CA LEU IA 1240 14.69 64.17 -80.60
C LEU IA 1240 16.01 64.69 -80.02
N PRO IA 1241 15.96 65.35 -78.85
CA PRO IA 1241 17.18 66.01 -78.34
C PRO IA 1241 18.10 65.12 -77.53
N TYR IA 1242 17.63 64.01 -76.96
CA TYR IA 1242 18.46 63.18 -76.11
C TYR IA 1242 18.42 61.74 -76.58
N THR IA 1243 19.23 60.90 -75.93
CA THR IA 1243 19.25 59.47 -76.24
C THR IA 1243 17.89 58.83 -76.00
N GLY IA 1244 17.17 59.30 -74.98
CA GLY IA 1244 15.82 58.89 -74.74
C GLY IA 1244 14.91 60.11 -74.65
N GLY IA 1245 15.25 61.14 -75.40
CA GLY IA 1245 14.61 62.44 -75.30
C GLY IA 1245 13.30 62.56 -76.03
N GLY IA 1246 12.23 62.02 -75.44
CA GLY IA 1246 10.92 62.17 -76.04
C GLY IA 1246 10.55 63.63 -76.21
N ALA IA 1247 9.95 63.95 -77.36
CA ALA IA 1247 9.60 65.33 -77.68
C ALA IA 1247 8.36 65.37 -78.55
N HIS IA 1248 7.71 66.53 -78.55
CA HIS IA 1248 6.50 66.75 -79.33
C HIS IA 1248 6.55 68.17 -79.88
N LEU IA 1249 5.91 68.38 -81.03
CA LEU IA 1249 5.99 69.64 -81.75
C LEU IA 1249 4.62 70.33 -81.80
N THR IA 1250 4.65 71.66 -81.74
CA THR IA 1250 3.46 72.48 -81.78
C THR IA 1250 3.67 73.57 -82.82
N SER IA 1251 2.99 73.44 -83.96
CA SER IA 1251 3.17 74.35 -85.09
C SER IA 1251 2.37 75.61 -84.86
N GLY IA 1252 3.06 76.69 -84.50
CA GLY IA 1252 2.40 77.98 -84.32
C GLY IA 1252 1.27 77.96 -83.32
N GLY IA 1253 1.46 77.25 -82.21
CA GLY IA 1253 0.42 77.08 -81.22
C GLY IA 1253 -0.51 75.91 -81.48
N ASN IA 1254 -0.52 75.39 -82.69
CA ASN IA 1254 -1.33 74.22 -83.02
C ASN IA 1254 -0.51 72.95 -82.80
N PRO IA 1255 -1.01 71.99 -82.03
CA PRO IA 1255 -0.25 70.75 -81.83
C PRO IA 1255 0.08 70.09 -83.16
N PHE IA 1256 1.32 69.66 -83.31
CA PHE IA 1256 1.81 69.21 -84.60
C PHE IA 1256 2.17 67.73 -84.63
N MET IA 1257 3.06 67.26 -83.77
CA MET IA 1257 3.53 65.89 -83.88
C MET IA 1257 4.23 65.45 -82.61
N SER IA 1258 3.99 64.20 -82.22
CA SER IA 1258 4.84 63.51 -81.25
C SER IA 1258 6.02 62.97 -82.03
N LEU IA 1259 7.14 63.69 -82.00
CA LEU IA 1259 8.29 63.33 -82.82
C LEU IA 1259 8.86 61.97 -82.45
N THR IA 1260 8.59 61.50 -81.23
CA THR IA 1260 8.99 60.15 -80.85
C THR IA 1260 8.24 59.10 -81.67
N THR IA 1261 6.92 59.29 -81.79
CA THR IA 1261 6.05 58.34 -82.49
C THR IA 1261 5.17 59.13 -83.45
N PRO IA 1262 5.73 59.53 -84.59
CA PRO IA 1262 4.95 60.30 -85.55
C PRO IA 1262 3.78 59.47 -86.07
N PRO IA 1263 2.71 60.12 -86.49
CA PRO IA 1263 1.53 59.36 -86.95
C PRO IA 1263 1.90 58.46 -88.13
N ALA IA 1264 1.21 57.32 -88.20
CA ALA IA 1264 1.54 56.31 -89.20
C ALA IA 1264 1.49 56.88 -90.61
N VAL IA 1265 0.63 57.87 -90.83
CA VAL IA 1265 0.72 58.72 -92.01
C VAL IA 1265 1.20 60.08 -91.54
N LEU IA 1266 2.32 60.54 -92.08
CA LEU IA 1266 2.94 61.76 -91.61
C LEU IA 1266 2.06 62.97 -91.93
N PRO IA 1267 2.22 64.06 -91.20
CA PRO IA 1267 1.52 65.29 -91.55
C PRO IA 1267 1.90 65.73 -92.96
N ALA IA 1268 0.94 66.36 -93.63
CA ALA IA 1268 1.12 66.73 -95.03
C ALA IA 1268 2.35 67.60 -95.21
N GLY IA 1269 3.24 67.18 -96.12
CA GLY IA 1269 4.40 67.94 -96.47
C GLY IA 1269 5.66 67.59 -95.69
N VAL IA 1270 5.53 66.97 -94.53
CA VAL IA 1270 6.70 66.59 -93.75
C VAL IA 1270 7.18 65.23 -94.23
N ALA IA 1271 8.46 64.95 -94.00
CA ALA IA 1271 9.06 63.73 -94.49
C ALA IA 1271 10.21 63.31 -93.58
N LEU IA 1272 10.57 62.04 -93.68
CA LEU IA 1272 11.73 61.53 -92.96
C LEU IA 1272 13.00 61.92 -93.69
N ALA IA 1273 13.90 62.60 -93.00
CA ALA IA 1273 15.13 63.07 -93.63
C ALA IA 1273 16.07 61.90 -93.89
N ALA IA 1274 17.04 62.14 -94.79
CA ALA IA 1274 18.00 61.10 -95.15
C ALA IA 1274 19.08 60.95 -94.10
N LEU IA 1275 19.85 62.01 -93.86
CA LEU IA 1275 20.91 61.98 -92.87
C LEU IA 1275 20.30 62.03 -91.46
N SER IA 1276 20.90 61.27 -90.54
CA SER IA 1276 20.38 61.19 -89.18
C SER IA 1276 20.35 62.56 -88.52
N THR IA 1277 21.52 63.17 -88.31
CA THR IA 1277 21.66 64.54 -87.80
C THR IA 1277 20.98 64.75 -86.44
N SER IA 1278 20.60 63.68 -85.76
CA SER IA 1278 20.04 63.88 -84.42
C SER IA 1278 21.15 64.00 -83.41
N VAL IA 1279 20.81 64.00 -82.12
CA VAL IA 1279 21.83 64.01 -81.08
C VAL IA 1279 22.66 62.74 -81.16
N ALA IA 1280 22.00 61.61 -81.35
CA ALA IA 1280 22.64 60.32 -81.53
C ALA IA 1280 22.13 59.70 -82.82
N THR IA 1281 23.01 58.99 -83.52
CA THR IA 1281 22.70 58.53 -84.88
C THR IA 1281 21.47 57.64 -84.93
N GLN IA 1282 21.10 57.02 -83.83
CA GLN IA 1282 19.93 56.13 -83.84
C GLN IA 1282 18.67 56.88 -84.23
N TYR IA 1283 18.48 58.08 -83.70
CA TYR IA 1283 17.29 58.83 -84.08
C TYR IA 1283 17.46 59.44 -85.47
N PRO IA 1284 16.42 59.42 -86.30
CA PRO IA 1284 16.45 60.16 -87.56
C PRO IA 1284 15.91 61.58 -87.36
N THR IA 1285 16.13 62.40 -88.38
CA THR IA 1285 15.52 63.71 -88.45
C THR IA 1285 14.29 63.68 -89.35
N TYR IA 1286 13.35 64.57 -89.07
CA TYR IA 1286 12.17 64.75 -89.90
C TYR IA 1286 12.17 66.17 -90.43
N THR IA 1287 12.04 66.32 -91.73
CA THR IA 1287 12.10 67.63 -92.36
C THR IA 1287 10.70 68.21 -92.48
N LEU IA 1288 10.55 69.47 -92.09
CA LEU IA 1288 9.25 70.13 -92.19
C LEU IA 1288 9.30 71.14 -93.30
N PRO IA 1289 8.27 71.17 -94.17
CA PRO IA 1289 8.37 72.07 -95.32
C PRO IA 1289 8.70 73.52 -94.96
N ALA IA 1290 8.21 74.04 -93.84
CA ALA IA 1290 8.45 75.44 -93.50
C ALA IA 1290 7.91 75.72 -92.12
N GLY IA 1291 7.38 76.89 -91.83
CA GLY IA 1291 6.64 77.21 -90.61
C GLY IA 1291 7.40 77.30 -89.30
N VAL IA 1292 6.70 77.67 -88.22
CA VAL IA 1292 7.33 77.78 -86.91
C VAL IA 1292 6.77 76.71 -85.98
N TYR IA 1293 7.58 76.23 -85.03
CA TYR IA 1293 7.13 75.14 -84.19
C TYR IA 1293 7.71 75.30 -82.79
N GLU IA 1294 7.07 74.65 -81.82
CA GLU IA 1294 7.55 74.57 -80.46
C GLU IA 1294 8.21 73.24 -80.20
N TYR IA 1295 8.88 73.14 -79.06
CA TYR IA 1295 9.54 71.92 -78.62
C TYR IA 1295 9.14 71.64 -77.18
N VAL IA 1296 8.20 70.72 -76.98
CA VAL IA 1296 7.90 70.18 -75.67
C VAL IA 1296 8.61 68.85 -75.55
N ILE IA 1297 9.39 68.69 -74.49
CA ILE IA 1297 10.31 67.57 -74.37
C ILE IA 1297 9.96 66.74 -73.13
N ASP KA 65 19.07 47.23 121.49
CA ASP KA 65 20.47 47.43 121.18
C ASP KA 65 20.64 48.52 120.12
N ILE KA 66 21.74 48.48 119.39
CA ILE KA 66 22.03 49.48 118.36
C ILE KA 66 22.44 48.75 117.08
N ILE KA 67 22.26 49.43 115.96
CA ILE KA 67 22.58 48.89 114.66
C ILE KA 67 23.97 49.33 114.26
N THR KA 68 24.71 48.49 113.55
CA THR KA 68 26.03 48.88 113.08
C THR KA 68 26.36 48.03 111.89
N ARG KA 69 26.24 48.58 110.69
CA ARG KA 69 26.45 47.73 109.54
C ARG KA 69 27.91 47.77 109.10
N PRO KA 70 28.44 46.64 108.61
CA PRO KA 70 29.80 46.66 108.08
C PRO KA 70 29.87 47.42 106.77
N THR KA 71 31.04 47.98 106.50
CA THR KA 71 31.23 48.71 105.26
C THR KA 71 31.47 47.75 104.10
N SER KA 72 31.44 48.29 102.89
CA SER KA 72 31.86 47.52 101.74
C SER KA 72 33.32 47.13 101.89
N ASP KA 73 33.60 45.84 101.72
CA ASP KA 73 34.93 45.32 102.02
C ASP KA 73 35.99 46.03 101.19
N SER KA 74 35.62 46.54 100.02
CA SER KA 74 36.56 47.29 99.21
C SER KA 74 37.18 48.43 100.02
N ILE KA 75 36.35 49.17 100.75
CA ILE KA 75 36.88 50.22 101.61
C ILE KA 75 37.75 49.62 102.70
N ALA KA 76 37.27 48.57 103.35
CA ALA KA 76 38.03 47.96 104.43
C ALA KA 76 39.36 47.43 103.93
N ALA KA 77 39.39 46.94 102.69
CA ALA KA 77 40.63 46.44 102.13
C ALA KA 77 41.68 47.53 102.07
N VAL KA 78 41.29 48.72 101.62
CA VAL KA 78 42.23 49.83 101.55
C VAL KA 78 42.67 50.25 102.95
N ALA KA 79 41.71 50.40 103.85
CA ALA KA 79 42.03 50.86 105.20
C ALA KA 79 42.99 49.89 105.89
N ASN KA 80 42.67 48.59 105.84
CA ASN KA 80 43.54 47.62 106.48
C ASN KA 80 44.92 47.57 105.86
N ALA KA 81 45.05 47.97 104.60
CA ALA KA 81 46.35 47.97 103.96
C ALA KA 81 47.28 49.04 104.50
N THR KA 82 46.77 50.00 105.26
CA THR KA 82 47.55 51.15 105.73
C THR KA 82 47.36 51.30 107.24
N LYS KA 83 48.20 50.61 108.01
CA LYS KA 83 48.15 50.70 109.47
C LYS KA 83 49.55 50.55 110.02
N PRO KA 84 50.30 51.64 110.12
CA PRO KA 84 51.65 51.56 110.68
C PRO KA 84 51.59 51.18 112.15
N ALA KA 85 52.64 50.51 112.60
CA ALA KA 85 52.73 50.14 114.01
C ALA KA 85 52.81 51.39 114.88
N ALA KA 86 52.00 51.43 115.93
CA ALA KA 86 52.00 52.59 116.81
C ALA KA 86 53.18 52.60 117.76
N VAL KA 87 53.80 51.45 118.02
CA VAL KA 87 54.94 51.38 118.92
C VAL KA 87 56.00 50.48 118.31
N VAL KA 88 57.07 51.09 117.82
CA VAL KA 88 58.19 50.36 117.29
C VAL KA 88 59.31 50.34 118.32
N SER KA 89 60.30 49.50 118.11
CA SER KA 89 61.42 49.34 119.03
C SER KA 89 62.68 49.80 118.33
N ASP KA 90 63.21 50.95 118.74
CA ASP KA 90 64.46 51.44 118.20
C ASP KA 90 65.40 51.80 119.35
N PRO KA 91 66.70 51.64 119.16
CA PRO KA 91 67.63 51.85 120.28
C PRO KA 91 67.76 53.30 120.70
N GLN KA 92 67.39 54.26 119.86
CA GLN KA 92 67.61 55.67 120.15
C GLN KA 92 66.24 56.34 120.30
N SER KA 93 65.69 56.27 121.50
CA SER KA 93 64.38 56.84 121.76
C SER KA 93 64.33 57.50 123.13
N MET KA 94 65.37 58.24 123.49
CA MET KA 94 65.42 58.96 124.76
C MET KA 94 65.20 58.03 125.96
N ASP LA 65 127.87 -4.62 43.68
CA ASP LA 65 127.40 -5.46 42.58
C ASP LA 65 127.39 -4.66 41.28
N ILE LA 66 127.12 -5.34 40.17
CA ILE LA 66 127.07 -4.72 38.86
C ILE LA 66 125.76 -5.12 38.18
N ILE LA 67 125.39 -4.34 37.17
CA ILE LA 67 124.14 -4.54 36.44
C ILE LA 67 124.42 -5.22 35.13
N THR LA 68 123.59 -6.21 34.78
CA THR LA 68 123.64 -6.84 33.47
C THR LA 68 122.27 -7.43 33.16
N ARG LA 69 121.81 -7.21 31.93
CA ARG LA 69 120.48 -7.65 31.53
C ARG LA 69 120.55 -8.36 30.20
N PRO LA 70 119.66 -9.32 29.96
CA PRO LA 70 119.71 -10.09 28.71
C PRO LA 70 119.31 -9.24 27.51
N THR LA 71 119.74 -9.68 26.35
CA THR LA 71 119.41 -9.01 25.10
C THR LA 71 118.01 -9.44 24.66
N SER LA 72 117.60 -8.97 23.49
CA SER LA 72 116.36 -9.44 22.90
C SER LA 72 116.52 -10.88 22.43
N ASP LA 73 115.42 -11.63 22.44
CA ASP LA 73 115.47 -13.02 22.05
C ASP LA 73 115.91 -13.17 20.60
N SER LA 74 115.40 -12.31 19.72
CA SER LA 74 115.75 -12.41 18.31
C SER LA 74 117.23 -12.23 18.11
N ILE LA 75 117.82 -11.23 18.78
CA ILE LA 75 119.26 -11.01 18.67
C ILE LA 75 120.02 -12.23 19.14
N ALA LA 76 119.61 -12.79 20.27
CA ALA LA 76 120.29 -13.97 20.79
C ALA LA 76 120.19 -15.13 19.82
N ALA LA 77 119.02 -15.32 19.23
CA ALA LA 77 118.82 -16.46 18.33
C ALA LA 77 119.75 -16.38 17.13
N VAL LA 78 119.76 -15.23 16.44
CA VAL LA 78 120.58 -15.11 15.25
C VAL LA 78 122.05 -15.22 15.61
N ALA LA 79 122.45 -14.67 16.75
CA ALA LA 79 123.85 -14.77 17.17
C ALA LA 79 124.24 -16.21 17.40
N ASN LA 80 123.40 -16.97 18.11
CA ASN LA 80 123.73 -18.36 18.39
C ASN LA 80 123.71 -19.20 17.12
N ALA LA 81 122.91 -18.81 16.13
CA ALA LA 81 122.82 -19.59 14.91
C ALA LA 81 124.11 -19.59 14.11
N THR LA 82 125.05 -18.71 14.43
CA THR LA 82 126.32 -18.61 13.72
C THR LA 82 127.44 -18.76 14.73
N LYS LA 83 127.85 -20.00 14.99
CA LYS LA 83 128.94 -20.28 15.91
C LYS LA 83 129.71 -21.49 15.40
N PRO LA 84 130.56 -21.30 14.39
CA PRO LA 84 131.36 -22.41 13.89
C PRO LA 84 132.31 -22.93 14.97
N ALA LA 85 132.59 -24.22 14.91
CA ALA LA 85 133.48 -24.82 15.88
C ALA LA 85 134.87 -24.18 15.81
N ALA LA 86 135.43 -23.87 16.97
CA ALA LA 86 136.75 -23.25 17.00
C ALA LA 86 137.84 -24.25 16.63
N VAL LA 87 137.75 -25.46 17.17
CA VAL LA 87 138.75 -26.49 16.92
C VAL LA 87 138.05 -27.68 16.28
N VAL LA 88 138.62 -28.19 15.19
CA VAL LA 88 138.08 -29.35 14.50
C VAL LA 88 139.14 -30.43 14.48
N SER LA 89 138.83 -31.56 13.86
CA SER LA 89 139.74 -32.70 13.76
C SER LA 89 139.90 -33.07 12.30
N ASP LA 90 141.01 -32.69 11.71
CA ASP LA 90 141.31 -33.08 10.34
C ASP LA 90 142.71 -33.69 10.28
N PRO LA 91 142.92 -34.66 9.40
CA PRO LA 91 144.21 -35.37 9.36
C PRO LA 91 145.35 -34.55 8.81
N GLN LA 92 145.10 -33.34 8.31
CA GLN LA 92 146.13 -32.53 7.66
C GLN LA 92 146.19 -31.18 8.38
N SER LA 93 147.05 -31.09 9.39
CA SER LA 93 147.09 -29.89 10.20
C SER LA 93 148.51 -29.45 10.55
N MET LA 94 149.53 -30.11 10.02
CA MET LA 94 150.93 -29.77 10.31
C MET LA 94 151.24 -29.83 11.80
N ASP MA 65 71.33 -100.19 -51.11
CA ASP MA 65 70.28 -99.20 -50.94
C ASP MA 65 70.10 -98.37 -52.21
N ILE MA 66 68.91 -97.83 -52.40
CA ILE MA 66 68.59 -97.03 -53.58
C ILE MA 66 67.60 -95.95 -53.17
N ILE MA 67 67.61 -94.85 -53.91
CA ILE MA 67 66.69 -93.76 -53.63
C ILE MA 67 65.33 -94.08 -54.24
N THR MA 68 64.31 -94.13 -53.40
CA THR MA 68 62.96 -94.38 -53.86
C THR MA 68 61.99 -93.70 -52.89
N ARG MA 69 60.91 -93.15 -53.43
CA ARG MA 69 59.95 -92.41 -52.62
C ARG MA 69 58.54 -92.82 -53.01
N PRO MA 70 57.63 -92.85 -52.05
CA PRO MA 70 56.24 -93.19 -52.36
C PRO MA 70 55.62 -92.19 -53.31
N THR MA 71 54.80 -92.68 -54.22
CA THR MA 71 54.08 -91.81 -55.14
C THR MA 71 52.99 -91.06 -54.38
N SER MA 72 52.55 -89.95 -54.97
CA SER MA 72 51.47 -89.17 -54.38
C SER MA 72 50.24 -90.04 -54.15
N ASP MA 73 49.59 -89.82 -53.01
CA ASP MA 73 48.48 -90.68 -52.61
C ASP MA 73 47.39 -90.71 -53.68
N SER MA 74 47.08 -89.56 -54.27
CA SER MA 74 46.03 -89.50 -55.27
C SER MA 74 46.31 -90.45 -56.42
N ILE MA 75 47.55 -90.43 -56.91
CA ILE MA 75 47.90 -91.29 -58.04
C ILE MA 75 47.78 -92.75 -57.65
N ALA MA 76 48.25 -93.11 -56.46
CA ALA MA 76 48.18 -94.50 -56.04
C ALA MA 76 46.74 -94.96 -55.95
N ALA MA 77 45.85 -94.11 -55.43
CA ALA MA 77 44.46 -94.50 -55.28
C ALA MA 77 43.83 -94.83 -56.61
N VAL MA 78 43.96 -93.93 -57.59
CA VAL MA 78 43.33 -94.17 -58.89
C VAL MA 78 43.99 -95.35 -59.57
N ALA MA 79 45.30 -95.49 -59.43
CA ALA MA 79 45.99 -96.60 -60.08
C ALA MA 79 45.49 -97.93 -59.54
N ASN MA 80 45.35 -98.04 -58.21
CA ASN MA 80 44.89 -99.30 -57.64
C ASN MA 80 43.44 -99.59 -57.98
N ALA MA 81 42.67 -98.57 -58.36
CA ALA MA 81 41.27 -98.81 -58.70
C ALA MA 81 41.15 -99.68 -59.93
N THR MA 82 41.97 -99.45 -60.94
CA THR MA 82 41.87 -100.13 -62.22
C THR MA 82 42.97 -101.18 -62.31
N LYS MA 83 42.69 -102.36 -61.77
CA LYS MA 83 43.64 -103.48 -61.79
C LYS MA 83 42.87 -104.77 -61.98
N PRO MA 84 42.53 -105.11 -63.22
CA PRO MA 84 41.77 -106.34 -63.47
C PRO MA 84 42.60 -107.58 -63.15
N ALA MA 85 41.89 -108.66 -62.85
CA ALA MA 85 42.54 -109.93 -62.54
C ALA MA 85 43.26 -110.45 -63.78
N ALA MA 86 44.50 -110.89 -63.60
CA ALA MA 86 45.28 -111.38 -64.73
C ALA MA 86 44.80 -112.74 -65.19
N VAL MA 87 44.49 -113.63 -64.25
CA VAL MA 87 44.02 -114.99 -64.57
C VAL MA 87 42.64 -115.15 -63.98
N VAL MA 88 41.72 -115.69 -64.80
CA VAL MA 88 40.34 -115.88 -64.38
C VAL MA 88 39.90 -117.27 -64.84
N SER MA 89 38.89 -117.80 -64.16
CA SER MA 89 38.37 -119.14 -64.45
C SER MA 89 37.36 -119.04 -65.58
N ASP MA 90 37.78 -119.42 -66.78
CA ASP MA 90 36.90 -119.50 -67.92
C ASP MA 90 36.70 -120.96 -68.30
N PRO MA 91 35.48 -121.45 -68.34
CA PRO MA 91 35.27 -122.86 -68.68
C PRO MA 91 35.48 -123.17 -70.15
N GLN MA 92 36.02 -122.24 -70.91
CA GLN MA 92 36.17 -122.40 -72.35
C GLN MA 92 37.57 -121.99 -72.78
N SER MA 93 38.24 -122.88 -73.53
CA SER MA 93 39.53 -122.58 -74.12
C SER MA 93 39.69 -123.17 -75.53
N MET MA 94 38.59 -123.45 -76.23
CA MET MA 94 38.65 -124.12 -77.53
C MET MA 94 38.99 -123.16 -78.67
N ALA NA 1 -54.25 32.22 31.93
CA ALA NA 1 -54.53 33.03 33.11
C ALA NA 1 -55.14 34.37 32.71
N GLN NA 2 -54.75 35.43 33.41
CA GLN NA 2 -55.32 36.75 33.18
C GLN NA 2 -54.26 37.78 33.60
N ARG NA 3 -53.65 38.43 32.61
CA ARG NA 3 -52.44 39.20 32.84
C ARG NA 3 -52.72 40.68 33.15
N GLN NA 4 -53.94 41.03 33.53
CA GLN NA 4 -54.22 42.45 33.71
C GLN NA 4 -55.44 42.62 34.60
N PHE NA 5 -55.45 43.71 35.37
CA PHE NA 5 -56.61 44.08 36.16
C PHE NA 5 -56.69 45.59 36.27
N PHE NA 6 -57.86 46.06 36.66
CA PHE NA 6 -58.10 47.48 36.91
C PHE NA 6 -58.79 47.62 38.26
N GLY NA 7 -58.60 48.77 38.89
CA GLY NA 7 -59.12 48.96 40.23
C GLY NA 7 -59.39 50.40 40.55
N LEU NA 8 -59.98 50.61 41.73
CA LEU NA 8 -60.34 51.94 42.20
C LEU NA 8 -60.24 51.98 43.72
N THR NA 9 -59.57 52.98 44.25
CA THR NA 9 -59.41 53.09 45.69
C THR NA 9 -60.69 53.63 46.33
N TYR NA 10 -60.70 53.62 47.65
CA TYR NA 10 -61.88 54.00 48.41
C TYR NA 10 -62.12 55.51 48.33
N ASN NA 11 -63.27 55.92 48.85
CA ASN NA 11 -63.64 57.32 48.94
C ASN NA 11 -63.57 57.77 50.38
N PHE NA 12 -63.06 58.97 50.61
CA PHE NA 12 -63.10 59.58 51.92
C PHE NA 12 -64.45 60.26 52.08
N TYR NA 13 -65.19 59.87 53.12
CA TYR NA 13 -66.50 60.48 53.37
C TYR NA 13 -66.29 61.85 54.02
N GLY NA 14 -65.76 62.76 53.21
CA GLY NA 14 -65.47 64.10 53.65
C GLY NA 14 -64.23 64.25 54.49
N GLN NA 15 -63.70 63.16 55.03
CA GLN NA 15 -62.51 63.24 55.85
C GLN NA 15 -61.28 63.46 54.98
N PRO NA 16 -60.20 64.02 55.55
CA PRO NA 16 -59.03 64.37 54.75
C PRO NA 16 -58.01 63.27 54.54
N ALA NA 17 -58.13 62.14 55.22
CA ALA NA 17 -57.10 61.11 55.15
C ALA NA 17 -57.76 59.75 55.22
N PRO NA 18 -57.09 58.70 54.77
CA PRO NA 18 -57.66 57.35 54.90
C PRO NA 18 -57.91 56.99 56.35
N LEU NA 19 -58.97 56.22 56.56
CA LEU NA 19 -59.55 56.04 57.89
C LEU NA 19 -59.11 54.70 58.49
N PHE NA 20 -57.96 54.73 59.15
CA PHE NA 20 -57.50 53.60 59.94
C PHE NA 20 -56.32 54.07 60.79
N ASP NA 21 -56.21 53.53 61.99
CA ASP NA 21 -55.11 53.87 62.87
C ASP NA 21 -54.01 52.82 62.76
N LEU NA 22 -52.91 53.07 63.47
CA LEU NA 22 -51.81 52.14 63.45
C LEU NA 22 -52.20 50.78 64.00
N ASN NA 23 -53.01 50.77 65.06
CA ASN NA 23 -53.41 49.50 65.67
C ASN NA 23 -54.17 48.64 64.68
N ASP NA 24 -55.04 49.25 63.88
CA ASP NA 24 -55.74 48.49 62.85
C ASP NA 24 -54.75 47.79 61.93
N LEU NA 25 -53.79 48.54 61.39
CA LEU NA 25 -52.78 47.93 60.54
C LEU NA 25 -51.99 46.90 61.32
N GLN NA 26 -51.57 47.24 62.53
CA GLN NA 26 -50.71 46.35 63.30
C GLN NA 26 -51.42 45.05 63.60
N GLU NA 27 -52.72 45.09 63.84
CA GLU NA 27 -53.46 43.87 64.16
C GLU NA 27 -53.89 43.14 62.89
N LEU NA 28 -54.33 43.87 61.88
CA LEU NA 28 -54.93 43.24 60.72
C LEU NA 28 -53.93 42.88 59.63
N ALA NA 29 -52.73 43.46 59.65
CA ALA NA 29 -51.73 43.06 58.67
C ALA NA 29 -50.32 43.03 59.25
N GLY NA 30 -50.16 42.85 60.55
CA GLY NA 30 -48.87 42.94 61.19
C GLY NA 30 -48.08 41.65 61.10
N CYS NA 31 -47.13 41.52 62.02
CA CYS NA 31 -46.30 40.33 62.17
C CYS NA 31 -45.42 40.06 60.96
N TYR NA 32 -45.26 41.04 60.08
CA TYR NA 32 -44.51 40.88 58.83
C TYR NA 32 -45.06 39.77 57.96
N ALA NA 33 -46.30 39.36 58.19
CA ALA NA 33 -46.87 38.27 57.41
C ALA NA 33 -47.50 38.79 56.13
N ARG NA 34 -47.79 37.88 55.23
CA ARG NA 34 -48.44 38.25 53.98
C ARG NA 34 -49.90 38.57 54.25
N PRO NA 35 -50.37 39.75 53.86
CA PRO NA 35 -51.78 40.09 54.10
C PRO NA 35 -52.72 39.66 52.99
N TRP NA 36 -52.23 38.93 52.00
CA TRP NA 36 -52.93 38.85 50.72
C TRP NA 36 -54.03 37.80 50.67
N THR NA 37 -54.20 36.97 51.70
CA THR NA 37 -55.31 36.03 51.68
C THR NA 37 -55.90 35.89 53.07
N SER NA 38 -56.06 36.99 53.77
CA SER NA 38 -56.45 36.96 55.17
C SER NA 38 -57.93 37.23 55.39
N ARG NA 39 -58.71 37.43 54.34
CA ARG NA 39 -60.07 37.93 54.51
C ARG NA 39 -60.94 36.95 55.28
N PHE NA 40 -60.70 35.65 55.15
CA PHE NA 40 -61.49 34.67 55.86
C PHE NA 40 -60.86 34.20 57.16
N SER NA 41 -59.65 34.67 57.48
CA SER NA 41 -59.00 34.23 58.71
C SER NA 41 -59.72 34.71 59.96
N HIS NA 42 -60.66 35.63 59.81
CA HIS NA 42 -61.42 36.18 60.93
C HIS NA 42 -62.91 36.10 60.65
N LEU NA 43 -63.34 35.00 60.04
CA LEU NA 43 -64.74 34.72 59.83
C LEU NA 43 -65.02 33.29 60.28
N ALA NA 44 -66.28 32.96 60.49
CA ALA NA 44 -66.65 31.64 60.96
C ALA NA 44 -68.05 31.32 60.49
N ILE NA 45 -68.62 30.25 61.06
CA ILE NA 45 -69.90 29.75 60.58
C ILE NA 45 -71.03 30.72 60.89
N SER NA 46 -70.96 31.44 62.00
CA SER NA 46 -72.08 32.28 62.40
C SER NA 46 -71.57 33.42 63.28
N THR NA 47 -72.45 34.41 63.46
CA THR NA 47 -72.11 35.56 64.29
C THR NA 47 -71.89 35.17 65.73
N GLY NA 48 -72.62 34.18 66.24
CA GLY NA 48 -72.53 33.83 67.64
C GLY NA 48 -71.13 33.45 68.08
N SER NA 49 -70.33 32.94 67.15
CA SER NA 49 -68.97 32.52 67.45
C SER NA 49 -67.94 33.62 67.24
N LEU NA 50 -68.38 34.83 66.93
CA LEU NA 50 -67.44 35.87 66.56
C LEU NA 50 -67.55 37.08 67.47
N PRO NA 51 -66.45 37.80 67.68
CA PRO NA 51 -66.49 38.98 68.54
C PRO NA 51 -66.93 40.22 67.78
N VAL NA 52 -68.01 40.11 67.02
CA VAL NA 52 -68.44 41.21 66.16
C VAL NA 52 -69.48 42.09 66.82
N TRP NA 53 -69.74 41.91 68.10
CA TRP NA 53 -70.85 42.60 68.74
C TRP NA 53 -70.42 43.79 69.58
N SER NA 54 -69.13 43.99 69.81
CA SER NA 54 -68.70 45.05 70.70
C SER NA 54 -67.26 45.44 70.38
N ALA NA 55 -66.79 46.47 71.08
CA ALA NA 55 -65.41 46.94 70.97
C ALA NA 55 -65.05 47.30 69.53
N ARG NA 56 -63.76 47.31 69.23
CA ARG NA 56 -63.33 47.58 67.86
C ARG NA 56 -63.82 46.46 66.95
N TYR NA 57 -63.98 46.81 65.67
CA TYR NA 57 -64.57 45.91 64.68
C TYR NA 57 -65.92 45.35 65.15
N PRO NA 58 -66.87 46.20 65.52
CA PRO NA 58 -68.16 45.73 66.04
C PRO NA 58 -69.19 45.48 64.94
N SER NA 59 -68.79 44.80 63.88
CA SER NA 59 -69.72 44.44 62.82
C SER NA 59 -69.08 43.33 61.99
N VAL NA 60 -69.94 42.58 61.29
CA VAL NA 60 -69.46 41.48 60.47
C VAL NA 60 -68.53 42.00 59.38
N ALA NA 61 -68.94 43.07 58.71
CA ALA NA 61 -68.15 43.59 57.61
C ALA NA 61 -66.99 44.46 58.06
N SER NA 62 -66.91 44.77 59.36
CA SER NA 62 -66.02 45.81 59.83
C SER NA 62 -64.57 45.55 59.42
N ARG NA 63 -64.07 44.34 59.66
CA ARG NA 63 -62.67 44.06 59.40
C ARG NA 63 -62.35 44.21 57.91
N ASN NA 64 -63.15 43.59 57.05
CA ASN NA 64 -62.87 43.67 55.63
C ASN NA 64 -62.96 45.10 55.11
N ILE NA 65 -63.85 45.90 55.70
CA ILE NA 65 -63.93 47.30 55.30
C ILE NA 65 -62.62 48.02 55.60
N ILE NA 66 -62.12 47.86 56.81
CA ILE NA 66 -60.89 48.53 57.20
C ILE NA 66 -59.74 48.06 56.32
N VAL NA 67 -59.71 46.78 56.00
CA VAL NA 67 -58.67 46.24 55.12
C VAL NA 67 -58.67 47.01 53.80
N ASN NA 68 -59.86 47.20 53.22
CA ASN NA 68 -59.95 47.92 51.96
C ASN NA 68 -59.40 49.34 52.10
N THR NA 69 -59.78 50.02 53.18
CA THR NA 69 -59.25 51.36 53.41
C THR NA 69 -57.73 51.31 53.57
N LEU NA 70 -57.24 50.29 54.26
CA LEU NA 70 -55.80 50.18 54.46
C LEU NA 70 -55.07 50.03 53.13
N LEU NA 71 -55.59 49.18 52.24
CA LEU NA 71 -54.93 48.97 50.97
C LEU NA 71 -54.88 50.25 50.15
N GLY NA 72 -55.90 51.10 50.27
CA GLY NA 72 -55.93 52.32 49.48
C GLY NA 72 -54.73 53.21 49.72
N ALA NA 73 -54.06 53.05 50.84
CA ALA NA 73 -52.92 53.88 51.17
C ALA NA 73 -51.60 53.33 50.67
N HIS NA 74 -51.60 52.14 50.06
CA HIS NA 74 -50.34 51.52 49.66
C HIS NA 74 -50.35 50.95 48.25
N LEU NA 75 -51.44 51.12 47.50
CA LEU NA 75 -51.49 50.61 46.14
C LEU NA 75 -50.96 51.60 45.12
N ASN NA 76 -50.13 52.54 45.55
CA ASN NA 76 -49.61 53.55 44.62
C ASN NA 76 -48.90 52.97 43.41
N PRO NA 77 -48.10 51.90 43.50
CA PRO NA 77 -47.42 51.42 42.29
C PRO NA 77 -48.35 51.16 41.12
N PHE NA 78 -49.56 50.70 41.36
CA PHE NA 78 -50.50 50.51 40.25
C PHE NA 78 -51.16 51.82 39.83
N ALA NA 79 -50.82 52.92 40.47
CA ALA NA 79 -51.30 54.24 40.08
C ALA NA 79 -50.20 55.14 39.56
N GLY NA 80 -49.01 55.09 40.16
CA GLY NA 80 -47.92 55.95 39.75
C GLY NA 80 -46.64 55.20 39.45
N GLY NA 81 -46.70 53.87 39.52
CA GLY NA 81 -45.55 53.08 39.16
C GLY NA 81 -44.42 53.07 40.17
N GLN NA 82 -44.65 53.54 41.39
CA GLN NA 82 -43.61 53.59 42.39
C GLN NA 82 -44.13 53.18 43.75
N VAL NA 83 -43.31 52.44 44.49
CA VAL NA 83 -43.62 52.16 45.88
C VAL NA 83 -43.39 53.41 46.71
N THR NA 84 -44.27 53.65 47.68
CA THR NA 84 -44.18 54.83 48.53
C THR NA 84 -44.32 54.41 49.97
N SER NA 85 -44.30 55.39 50.85
CA SER NA 85 -44.49 55.18 52.28
C SER NA 85 -45.61 56.08 52.77
N HIS NA 86 -46.30 55.63 53.81
CA HIS NA 86 -47.35 56.42 54.43
C HIS NA 86 -47.26 56.25 55.93
N GLN NA 87 -47.05 57.36 56.63
CA GLN NA 87 -46.91 57.36 58.08
C GLN NA 87 -45.84 56.37 58.53
N GLY NA 88 -44.75 56.33 57.77
CA GLY NA 88 -43.58 55.57 58.16
C GLY NA 88 -43.59 54.10 57.87
N ILE NA 89 -44.54 53.61 57.08
CA ILE NA 89 -44.64 52.20 56.77
C ILE NA 89 -44.75 52.01 55.27
N THR NA 90 -44.09 50.97 54.77
CA THR NA 90 -44.04 50.71 53.34
C THR NA 90 -43.82 49.22 53.12
N TRP NA 91 -43.80 48.83 51.85
CA TRP NA 91 -43.55 47.45 51.47
C TRP NA 91 -42.08 47.09 51.69
N ARG NA 92 -41.84 45.82 51.99
CA ARG NA 92 -40.48 45.35 52.22
C ARG NA 92 -39.69 45.15 50.93
N ASP NA 93 -40.36 45.01 49.80
CA ASP NA 93 -39.69 44.59 48.58
C ASP NA 93 -40.53 44.99 47.39
N PRO NA 94 -39.94 45.03 46.19
CA PRO NA 94 -40.75 45.34 45.00
C PRO NA 94 -41.85 44.34 44.73
N VAL NA 95 -41.75 43.13 45.29
CA VAL NA 95 -42.82 42.14 45.12
C VAL NA 95 -44.01 42.42 46.01
N LEU NA 96 -43.92 43.40 46.91
CA LEU NA 96 -45.02 43.75 47.80
C LEU NA 96 -45.42 42.57 48.67
N SER NA 97 -44.43 41.83 49.17
CA SER NA 97 -44.73 40.65 49.97
C SER NA 97 -45.40 41.03 51.28
N SER NA 98 -44.92 42.08 51.95
CA SER NA 98 -45.42 42.42 53.27
C SER NA 98 -45.01 43.85 53.59
N LEU NA 99 -45.51 44.33 54.72
CA LEU NA 99 -45.28 45.69 55.17
C LEU NA 99 -44.26 45.72 56.30
N ALA NA 100 -43.62 46.88 56.46
CA ALA NA 100 -42.63 47.09 57.51
C ALA NA 100 -42.39 48.58 57.64
N PRO NA 101 -41.86 49.02 58.78
CA PRO NA 101 -41.46 50.42 58.90
C PRO NA 101 -40.35 50.76 57.92
N VAL NA 102 -40.31 52.02 57.50
CA VAL NA 102 -39.37 52.46 56.48
C VAL NA 102 -37.94 52.32 56.98
N PRO NA 103 -36.99 52.00 56.11
CA PRO NA 103 -35.58 52.00 56.51
C PRO NA 103 -35.09 53.42 56.73
N ALA NA 104 -34.05 53.53 57.57
CA ALA NA 104 -33.53 54.82 57.95
C ALA NA 104 -32.53 55.40 56.96
N ILE NA 105 -32.00 54.59 56.05
CA ILE NA 105 -30.92 55.04 55.19
C ILE NA 105 -31.44 55.62 53.87
N GLN NA 106 -32.33 54.89 53.19
CA GLN NA 106 -32.86 55.32 51.91
C GLN NA 106 -34.37 55.17 51.89
N PRO NA 107 -35.09 56.07 52.56
CA PRO NA 107 -36.54 55.96 52.59
C PRO NA 107 -37.13 56.16 51.21
N PRO NA 108 -38.23 55.48 50.89
CA PRO NA 108 -38.93 55.75 49.65
C PRO NA 108 -39.69 57.06 49.76
N PRO NA 109 -40.15 57.62 48.64
CA PRO NA 109 -40.90 58.87 48.70
C PRO NA 109 -42.20 58.71 49.47
N VAL NA 110 -42.62 59.78 50.12
CA VAL NA 110 -43.85 59.77 50.90
C VAL NA 110 -45.05 59.88 49.96
N TRP NA 111 -46.05 59.05 50.20
CA TRP NA 111 -47.23 59.05 49.36
C TRP NA 111 -48.04 60.33 49.57
N ALA NA 112 -48.45 60.95 48.46
CA ALA NA 112 -49.36 62.07 48.52
C ALA NA 112 -50.78 61.53 48.57
N VAL NA 113 -51.55 61.94 49.58
CA VAL NA 113 -52.84 61.34 49.83
C VAL NA 113 -53.83 61.76 48.74
N ALA NA 114 -54.71 60.82 48.38
CA ALA NA 114 -55.77 61.06 47.42
C ALA NA 114 -56.81 59.96 47.59
N GLU NA 115 -57.98 60.16 46.98
CA GLU NA 115 -59.07 59.21 47.11
C GLU NA 115 -59.61 58.86 45.73
N ASN NA 116 -60.24 57.69 45.65
CA ASN NA 116 -60.85 57.20 44.42
C ASN NA 116 -59.84 57.19 43.28
N VAL NA 117 -58.68 56.62 43.55
CA VAL NA 117 -57.60 56.60 42.57
C VAL NA 117 -57.81 55.42 41.64
N PRO NA 118 -57.88 55.64 40.33
CA PRO NA 118 -57.95 54.50 39.40
C PRO NA 118 -56.61 53.77 39.34
N LEU NA 119 -56.68 52.47 39.10
CA LEU NA 119 -55.50 51.63 39.15
C LEU NA 119 -55.41 50.77 37.90
N ASP NA 120 -54.19 50.68 37.35
CA ASP NA 120 -53.90 49.82 36.21
C ASP NA 120 -52.74 48.91 36.54
N SER NA 121 -52.85 47.64 36.13
CA SER NA 121 -51.74 46.72 36.32
C SER NA 121 -50.54 47.13 35.46
N ASN NA 122 -50.81 47.69 34.29
CA ASN NA 122 -49.74 48.00 33.36
C ASN NA 122 -48.80 49.08 33.88
N ASN NA 123 -49.23 49.86 34.87
CA ASN NA 123 -48.35 50.90 35.41
C ASN NA 123 -47.18 50.34 36.18
N TYR NA 124 -47.18 49.06 36.50
CA TYR NA 124 -46.15 48.45 37.34
C TYR NA 124 -45.66 47.18 36.66
N PRO NA 125 -44.71 47.29 35.73
CA PRO NA 125 -44.35 46.14 34.91
C PRO NA 125 -43.89 44.93 35.69
N THR NA 126 -43.22 45.12 36.82
CA THR NA 126 -42.67 43.98 37.54
C THR NA 126 -43.76 43.02 37.97
N TYR NA 127 -44.99 43.50 38.11
CA TYR NA 127 -46.09 42.63 38.50
C TYR NA 127 -46.28 41.50 37.49
N VAL NA 128 -46.41 41.85 36.21
CA VAL NA 128 -46.60 40.83 35.19
C VAL NA 128 -45.38 39.94 35.12
N LEU NA 129 -44.19 40.52 35.20
CA LEU NA 129 -42.96 39.72 35.16
C LEU NA 129 -42.86 38.77 36.33
N ASN NA 130 -43.57 39.03 37.41
CA ASN NA 130 -43.61 38.13 38.56
C ASN NA 130 -45.03 37.68 38.84
N LEU NA 131 -45.81 37.51 37.78
CA LEU NA 131 -47.23 37.18 37.93
C LEU NA 131 -47.41 35.91 38.74
N SER NA 132 -46.53 34.94 38.56
CA SER NA 132 -46.71 33.65 39.21
C SER NA 132 -46.73 33.78 40.73
N SER NA 133 -46.01 34.76 41.27
CA SER NA 133 -45.96 34.94 42.72
C SER NA 133 -46.82 36.10 43.21
N MET NA 134 -47.06 37.11 42.38
CA MET NA 134 -47.87 38.25 42.77
C MET NA 134 -49.34 38.07 42.44
N TRP NA 135 -49.72 36.89 41.99
CA TRP NA 135 -51.11 36.62 41.65
C TRP NA 135 -52.10 36.96 42.75
N PRO NA 136 -51.87 36.67 44.03
CA PRO NA 136 -52.89 36.96 45.04
C PRO NA 136 -53.31 38.42 45.09
N ILE NA 137 -52.44 39.33 44.69
CA ILE NA 137 -52.80 40.75 44.69
C ILE NA 137 -54.02 40.97 43.81
N ASN NA 138 -54.08 40.24 42.69
CA ASN NA 138 -55.18 40.42 41.74
C ASN NA 138 -56.54 40.29 42.42
N GLN NA 139 -56.71 39.21 43.19
CA GLN NA 139 -58.02 38.95 43.80
C GLN NA 139 -58.41 40.06 44.76
N ASP NA 140 -57.51 40.40 45.69
CA ASP NA 140 -57.86 41.37 46.73
C ASP NA 140 -58.13 42.74 46.14
N VAL NA 141 -57.32 43.17 45.17
CA VAL NA 141 -57.56 44.47 44.55
C VAL NA 141 -58.93 44.50 43.91
N HIS NA 142 -59.30 43.41 43.23
CA HIS NA 142 -60.63 43.32 42.63
C HIS NA 142 -61.70 43.45 43.70
N ILE NA 143 -61.54 42.71 44.81
CA ILE NA 143 -62.53 42.76 45.88
C ILE NA 143 -62.66 44.17 46.41
N MET NA 144 -61.53 44.81 46.68
CA MET NA 144 -61.56 46.18 47.20
C MET NA 144 -62.30 47.09 46.24
N THR NA 145 -62.03 46.95 44.94
CA THR NA 145 -62.69 47.77 43.95
C THR NA 145 -64.19 47.53 43.96
N MET NA 146 -64.59 46.26 43.93
CA MET NA 146 -66.02 45.94 43.88
C MET NA 146 -66.75 46.50 45.09
N TRP NA 147 -66.08 46.63 46.22
CA TRP NA 147 -66.71 47.26 47.36
C TRP NA 147 -66.66 48.78 47.25
N ALA NA 148 -65.50 49.32 46.85
CA ALA NA 148 -65.34 50.77 46.82
C ALA NA 148 -66.33 51.43 45.87
N LEU NA 149 -66.79 50.71 44.86
CA LEU NA 149 -67.62 51.30 43.83
C LEU NA 149 -69.01 51.65 44.31
N SER NA 150 -69.42 51.21 45.50
CA SER NA 150 -70.79 51.40 45.91
C SER NA 150 -70.88 51.77 47.38
N ASP NA 151 -71.84 52.63 47.70
CA ASP NA 151 -72.30 52.76 49.06
C ASP NA 151 -73.25 51.62 49.39
N GLN NA 152 -73.52 51.44 50.69
CA GLN NA 152 -74.28 50.31 51.20
C GLN NA 152 -73.56 49.04 50.75
N GLY NA 153 -74.27 48.04 50.23
CA GLY NA 153 -73.68 46.77 49.94
C GLY NA 153 -72.70 46.80 48.78
N PRO NA 154 -71.74 45.89 48.78
CA PRO NA 154 -70.81 45.77 47.66
C PRO NA 154 -71.52 45.22 46.42
N ILE NA 155 -70.84 45.33 45.30
CA ILE NA 155 -71.38 44.92 44.01
C ILE NA 155 -70.79 43.57 43.63
N TYR NA 156 -71.62 42.73 43.02
CA TYR NA 156 -71.16 41.45 42.51
C TYR NA 156 -71.97 41.12 41.26
N HIS NA 157 -71.53 40.09 40.54
CA HIS NA 157 -72.05 39.78 39.22
C HIS NA 157 -72.69 38.39 39.20
N LEU NA 158 -73.75 38.27 38.40
CA LEU NA 158 -74.48 37.03 38.24
C LEU NA 158 -74.60 36.70 36.76
N GLU NA 159 -74.70 35.41 36.46
CA GLU NA 159 -74.92 34.97 35.09
C GLU NA 159 -75.34 33.51 35.08
N VAL NA 160 -76.15 33.15 34.10
CA VAL NA 160 -76.57 31.77 33.89
C VAL NA 160 -76.50 31.44 32.41
N PRO NA 161 -75.81 30.37 32.01
CA PRO NA 161 -75.74 30.02 30.60
C PRO NA 161 -77.00 29.28 30.15
N VAL NA 162 -77.09 29.08 28.84
CA VAL NA 162 -78.22 28.33 28.28
C VAL NA 162 -78.01 26.83 28.35
N ASP NA 163 -76.81 26.38 28.65
CA ASP NA 163 -76.47 24.97 28.70
C ASP NA 163 -76.77 24.39 30.08
N PRO NA 164 -76.91 23.08 30.17
CA PRO NA 164 -76.99 22.44 31.49
C PRO NA 164 -75.63 22.41 32.16
N MET NA 165 -75.64 22.05 33.44
CA MET NA 165 -74.40 21.97 34.19
C MET NA 165 -73.52 20.86 33.61
N PRO NA 166 -72.21 21.07 33.55
CA PRO NA 166 -71.30 19.97 33.20
C PRO NA 166 -71.23 18.97 34.33
N ALA NA 167 -70.83 17.75 33.96
CA ALA NA 167 -70.79 16.67 34.94
C ALA NA 167 -69.83 16.99 36.08
N ALA NA 168 -68.69 17.60 35.75
CA ALA NA 168 -67.68 17.87 36.77
C ALA NA 168 -68.24 18.72 37.90
N THR NA 169 -68.93 19.79 37.56
CA THR NA 169 -69.54 20.64 38.58
C THR NA 169 -70.55 19.86 39.39
N THR NA 170 -71.35 19.02 38.73
CA THR NA 170 -72.34 18.21 39.43
C THR NA 170 -71.68 17.37 40.51
N ALA NA 171 -70.62 16.66 40.16
CA ALA NA 171 -69.93 15.83 41.14
C ALA NA 171 -69.37 16.68 42.27
N ALA NA 172 -68.78 17.83 41.93
CA ALA NA 172 -68.22 18.69 42.97
C ALA NA 172 -69.29 19.15 43.94
N LEU NA 173 -70.43 19.60 43.41
CA LEU NA 173 -71.50 20.05 44.28
C LEU NA 173 -72.05 18.93 45.13
N MET NA 174 -72.12 17.72 44.58
CA MET NA 174 -72.63 16.59 45.35
C MET NA 174 -71.78 16.28 46.57
N ALA NA 175 -70.57 16.82 46.64
CA ALA NA 175 -69.74 16.69 47.83
C ALA NA 175 -69.84 17.89 48.75
N TYR NA 176 -70.55 18.94 48.36
CA TYR NA 176 -70.69 20.13 49.18
C TYR NA 176 -72.08 20.26 49.79
N ILE NA 177 -72.78 19.14 49.99
CA ILE NA 177 -74.20 19.19 50.29
C ILE NA 177 -74.45 19.90 51.61
N GLY NA 178 -73.97 19.32 52.70
CA GLY NA 178 -74.34 19.85 54.00
C GLY NA 178 -73.58 21.06 54.45
N VAL NA 179 -72.80 21.67 53.57
CA VAL NA 179 -71.89 22.75 53.94
C VAL NA 179 -72.64 24.07 54.10
N PRO NA 180 -72.39 24.82 55.16
CA PRO NA 180 -72.95 26.17 55.25
C PRO NA 180 -72.27 27.10 54.26
N ILE NA 181 -72.95 28.24 54.03
CA ILE NA 181 -72.49 29.16 52.99
C ILE NA 181 -71.10 29.70 53.31
N ALA NA 182 -70.85 30.00 54.59
CA ALA NA 182 -69.59 30.64 54.96
C ALA NA 182 -68.40 29.76 54.57
N HIS NA 183 -68.48 28.46 54.88
CA HIS NA 183 -67.39 27.57 54.49
C HIS NA 183 -67.23 27.53 52.98
N LEU NA 184 -68.33 27.49 52.25
CA LEU NA 184 -68.26 27.49 50.79
C LEU NA 184 -67.54 28.73 50.31
N ALA NA 185 -67.87 29.89 50.87
CA ALA NA 185 -67.26 31.14 50.43
C ALA NA 185 -65.75 31.09 50.64
N GLN NA 186 -65.30 30.48 51.74
CA GLN NA 186 -63.87 30.42 52.00
C GLN NA 186 -63.15 29.67 50.89
N THR NA 187 -63.67 28.51 50.50
CA THR NA 187 -63.01 27.71 49.48
C THR NA 187 -62.91 28.48 48.18
N ALA NA 188 -63.98 29.16 47.78
CA ALA NA 188 -63.93 29.96 46.57
C ALA NA 188 -62.84 31.03 46.68
N TYR NA 189 -62.80 31.72 47.81
CA TYR NA 189 -61.76 32.72 48.01
C TYR NA 189 -60.39 32.08 48.02
N ARG NA 190 -60.25 30.95 48.72
CA ARG NA 190 -58.97 30.27 48.78
C ARG NA 190 -58.53 29.81 47.40
N PHE NA 191 -59.48 29.32 46.60
CA PHE NA 191 -59.13 28.79 45.28
C PHE NA 191 -58.50 29.86 44.41
N ALA NA 192 -59.26 30.91 44.11
CA ALA NA 192 -58.78 31.92 43.19
C ALA NA 192 -57.63 32.74 43.75
N GLY NA 193 -57.35 32.62 45.04
CA GLY NA 193 -56.41 33.52 45.67
C GLY NA 193 -54.94 33.20 45.51
N GLN NA 194 -54.58 31.92 45.50
CA GLN NA 194 -53.20 31.57 45.79
C GLN NA 194 -52.35 31.25 44.56
N LEU NA 195 -52.93 31.04 43.39
CA LEU NA 195 -52.11 30.76 42.21
C LEU NA 195 -52.94 31.03 40.97
N PRO NA 196 -52.31 31.46 39.88
CA PRO NA 196 -53.08 31.80 38.67
C PRO NA 196 -53.86 30.61 38.14
N GLN NA 197 -55.04 30.91 37.60
CA GLN NA 197 -55.90 29.89 37.01
C GLN NA 197 -56.53 30.43 35.74
N SER NA 198 -56.82 29.54 34.84
CA SER NA 198 -57.50 30.01 33.64
C SER NA 198 -59.00 30.04 33.87
N PRO NA 199 -59.71 30.95 33.22
CA PRO NA 199 -61.18 30.97 33.35
C PRO NA 199 -61.82 29.69 32.88
N ASP NA 200 -61.20 28.96 31.97
CA ASP NA 200 -61.74 27.68 31.49
C ASP NA 200 -61.32 26.56 32.42
N SER NA 201 -61.68 26.70 33.69
CA SER NA 201 -61.37 25.71 34.70
C SER NA 201 -62.65 25.27 35.38
N THR NA 202 -62.64 24.02 35.84
CA THR NA 202 -63.85 23.42 36.40
C THR NA 202 -64.37 24.20 37.59
N MET NA 203 -63.46 24.60 38.49
CA MET NA 203 -63.89 25.33 39.67
C MET NA 203 -64.56 26.64 39.29
N VAL NA 204 -64.04 27.32 38.28
CA VAL NA 204 -64.59 28.62 37.88
C VAL NA 204 -66.06 28.47 37.52
N SER NA 205 -66.37 27.50 36.67
CA SER NA 205 -67.76 27.25 36.34
C SER NA 205 -68.54 26.83 37.57
N THR NA 206 -67.91 26.04 38.44
CA THR NA 206 -68.60 25.56 39.64
C THR NA 206 -69.06 26.74 40.50
N ILE NA 207 -68.14 27.64 40.82
CA ILE NA 207 -68.50 28.77 41.67
C ILE NA 207 -69.51 29.66 40.98
N ARG NA 208 -69.39 29.80 39.67
CA ARG NA 208 -70.35 30.60 38.92
C ARG NA 208 -71.77 30.08 39.15
N TRP NA 209 -71.94 28.77 39.07
CA TRP NA 209 -73.25 28.20 39.31
C TRP NA 209 -73.71 28.46 40.74
N LEU NA 210 -72.81 28.33 41.71
CA LEU NA 210 -73.19 28.52 43.11
C LEU NA 210 -73.79 29.90 43.32
N SER NA 211 -73.14 30.93 42.78
CA SER NA 211 -73.68 32.27 42.90
C SER NA 211 -75.07 32.34 42.31
N ALA NA 212 -75.27 31.71 41.15
CA ALA NA 212 -76.59 31.70 40.54
C ALA NA 212 -77.61 31.02 41.45
N ILE NA 213 -77.27 29.83 41.94
CA ILE NA 213 -78.20 29.07 42.77
C ILE NA 213 -78.53 29.84 44.04
N TRP NA 214 -77.51 30.42 44.67
CA TRP NA 214 -77.73 31.17 45.90
C TRP NA 214 -78.75 32.28 45.68
N PHE NA 215 -78.58 33.06 44.61
CA PHE NA 215 -79.52 34.14 44.35
C PHE NA 215 -80.91 33.60 44.05
N GLY NA 216 -80.99 32.54 43.23
CA GLY NA 216 -82.28 32.00 42.88
C GLY NA 216 -83.05 31.52 44.09
N SER NA 217 -82.37 30.86 45.02
CA SER NA 217 -83.00 30.47 46.28
C SER NA 217 -83.27 31.68 47.16
N LEU NA 218 -82.39 32.67 47.13
CA LEU NA 218 -82.61 33.86 47.94
C LEU NA 218 -83.91 34.54 47.57
N THR NA 219 -84.19 34.65 46.27
CA THR NA 219 -85.45 35.20 45.81
C THR NA 219 -86.61 34.24 46.03
N GLY NA 220 -86.35 33.02 46.46
CA GLY NA 220 -87.40 32.06 46.67
C GLY NA 220 -87.86 31.34 45.44
N ARG NA 221 -87.32 31.66 44.26
CA ARG NA 221 -87.70 30.93 43.07
C ARG NA 221 -87.24 29.48 43.14
N LEU NA 222 -86.08 29.22 43.72
CA LEU NA 222 -85.58 27.86 43.88
C LEU NA 222 -85.94 27.35 45.26
N ASN NA 223 -86.69 26.26 45.32
CA ASN NA 223 -87.20 25.72 46.57
C ASN NA 223 -87.17 24.21 46.51
N ARG NA 224 -87.73 23.59 47.56
CA ARG NA 224 -87.93 22.14 47.52
C ARG NA 224 -88.84 21.75 46.38
N SER NA 225 -89.76 22.64 45.99
CA SER NA 225 -90.66 22.36 44.89
C SER NA 225 -89.98 22.48 43.54
N ARG NA 226 -89.03 23.40 43.40
CA ARG NA 226 -88.44 23.72 42.12
C ARG NA 226 -86.96 23.97 42.33
N THR NA 227 -86.12 23.23 41.62
CA THR NA 227 -84.69 23.24 41.90
C THR NA 227 -83.89 23.29 40.60
N CYS NA 228 -82.66 23.77 40.71
CA CYS NA 228 -81.73 23.82 39.60
C CYS NA 228 -80.94 22.52 39.58
N ASN NA 229 -81.27 21.64 38.64
CA ASN NA 229 -80.60 20.35 38.48
C ASN NA 229 -80.58 19.55 39.78
N GLY NA 230 -81.50 19.83 40.68
CA GLY NA 230 -81.58 19.14 41.94
C GLY NA 230 -81.03 19.90 43.13
N PHE NA 231 -80.35 21.01 42.90
CA PHE NA 231 -79.73 21.77 43.98
C PHE NA 231 -80.55 23.02 44.31
N TYR NA 232 -80.38 23.48 45.54
CA TYR NA 232 -80.99 24.72 46.04
C TYR NA 232 -80.45 24.95 47.44
N PHE NA 233 -80.66 26.18 47.94
CA PHE NA 233 -80.22 26.55 49.27
C PHE NA 233 -81.40 26.58 50.23
N GLU NA 234 -81.10 26.25 51.49
CA GLU NA 234 -82.10 26.27 52.55
C GLU NA 234 -81.71 27.31 53.58
N PHE NA 235 -82.67 28.13 53.98
CA PHE NA 235 -82.44 29.23 54.90
C PHE NA 235 -82.99 28.88 56.28
N ALA NA 236 -82.32 29.40 57.30
CA ALA NA 236 -82.70 29.12 58.68
C ALA NA 236 -84.01 29.83 59.03
N LYS NA 237 -84.61 29.39 60.13
CA LYS NA 237 -85.87 29.98 60.56
C LYS NA 237 -85.67 31.42 61.00
N PRO NA 238 -86.53 32.35 60.56
CA PRO NA 238 -86.43 33.72 61.07
C PRO NA 238 -86.71 33.82 62.55
N ALA NA 239 -87.44 32.87 63.12
CA ALA NA 239 -87.77 32.93 64.54
C ALA NA 239 -86.55 32.85 65.42
N LEU NA 240 -85.45 32.25 64.94
CA LEU NA 240 -84.25 32.14 65.74
C LEU NA 240 -83.10 32.95 65.17
N ASN NA 241 -82.66 32.64 63.95
CA ASN NA 241 -81.59 33.39 63.32
C ASN NA 241 -81.59 33.12 61.82
N PRO NA 242 -82.25 33.94 61.02
CA PRO NA 242 -82.30 33.68 59.57
C PRO NA 242 -80.99 33.90 58.85
N ASP NA 243 -79.95 34.38 59.53
CA ASP NA 243 -78.67 34.68 58.87
C ASP NA 243 -77.84 33.41 58.73
N GLN NA 244 -78.36 32.46 57.96
CA GLN NA 244 -77.66 31.20 57.75
C GLN NA 244 -78.30 30.47 56.58
N ALA NA 245 -77.47 29.84 55.75
CA ALA NA 245 -77.96 29.08 54.63
C ALA NA 245 -77.02 27.91 54.37
N VAL NA 246 -77.60 26.79 53.94
CA VAL NA 246 -76.84 25.59 53.62
C VAL NA 246 -77.31 25.06 52.27
N LEU NA 247 -76.43 24.29 51.64
CA LEU NA 247 -76.73 23.71 50.35
C LEU NA 247 -77.59 22.47 50.52
N LYS NA 248 -78.42 22.19 49.52
CA LYS NA 248 -79.29 21.03 49.53
C LYS NA 248 -79.44 20.47 48.12
N TRP NA 249 -79.61 19.16 48.04
CA TRP NA 249 -79.94 18.50 46.79
C TRP NA 249 -81.19 17.66 47.00
N ASN NA 250 -82.07 17.65 46.00
CA ASN NA 250 -83.40 17.10 46.23
C ASN NA 250 -83.96 16.55 44.94
N ASP NA 251 -84.94 15.66 45.08
CA ASP NA 251 -85.63 15.04 43.96
C ASP NA 251 -86.81 15.85 43.45
N GLY NA 252 -86.84 17.15 43.73
CA GLY NA 252 -87.93 17.97 43.23
C GLY NA 252 -87.82 18.24 41.75
N ALA NA 253 -88.85 18.88 41.22
CA ALA NA 253 -88.87 19.21 39.80
C ALA NA 253 -87.73 20.16 39.46
N ARG NA 254 -87.14 19.94 38.29
CA ARG NA 254 -85.98 20.71 37.85
C ARG NA 254 -86.42 21.84 36.94
N ALA NA 255 -85.91 23.03 37.21
CA ALA NA 255 -86.25 24.20 36.40
C ALA NA 255 -85.61 24.11 35.01
N ALA NA 256 -86.31 24.64 34.03
CA ALA NA 256 -85.81 24.65 32.66
C ALA NA 256 -84.80 25.77 32.46
N PRO NA 257 -83.87 25.60 31.53
CA PRO NA 257 -82.88 26.64 31.25
C PRO NA 257 -83.54 27.85 30.61
N PRO NA 258 -82.96 29.03 30.78
CA PRO NA 258 -83.57 30.24 30.21
C PRO NA 258 -83.51 30.23 28.69
N ALA NA 259 -84.42 31.00 28.09
CA ALA NA 259 -84.45 31.10 26.64
C ALA NA 259 -83.18 31.70 26.09
N ALA NA 260 -82.56 32.62 26.83
CA ALA NA 260 -81.28 33.19 26.44
C ALA NA 260 -80.46 33.44 27.69
N ALA NA 261 -79.15 33.53 27.50
CA ALA NA 261 -78.24 33.71 28.62
C ALA NA 261 -78.60 34.97 29.39
N GLN NA 262 -78.64 34.85 30.71
CA GLN NA 262 -79.00 35.96 31.59
C GLN NA 262 -77.79 36.35 32.43
N SER NA 263 -77.67 37.66 32.69
CA SER NA 263 -76.58 38.15 33.50
C SER NA 263 -76.91 39.57 33.97
N SER NA 264 -76.35 39.93 35.13
CA SER NA 264 -76.54 41.26 35.69
C SER NA 264 -75.61 41.44 36.86
N TYR NA 265 -75.51 42.68 37.33
CA TYR NA 265 -74.79 43.01 38.54
C TYR NA 265 -75.78 43.25 39.67
N MET NA 266 -75.32 43.02 40.90
CA MET NA 266 -76.18 43.06 42.07
C MET NA 266 -75.48 43.78 43.21
N ARG NA 267 -76.29 44.29 44.13
CA ARG NA 267 -75.78 44.83 45.39
C ARG NA 267 -76.96 44.97 46.34
N CYS NA 268 -76.64 45.03 47.63
CA CYS NA 268 -77.65 45.28 48.65
C CYS NA 268 -77.81 46.79 48.83
N ILE NA 269 -79.05 47.26 48.77
CA ILE NA 269 -79.30 48.70 48.81
C ILE NA 269 -79.42 49.25 50.22
N SER NA 270 -79.44 48.38 51.24
CA SER NA 270 -79.71 48.82 52.60
C SER NA 270 -78.55 48.47 53.51
N PRO NA 271 -78.35 49.22 54.59
CA PRO NA 271 -77.17 49.00 55.45
C PRO NA 271 -77.15 47.65 56.15
N HIS NA 272 -78.23 46.86 56.09
CA HIS NA 272 -78.27 45.61 56.83
C HIS NA 272 -77.11 44.70 56.47
N TRP NA 273 -76.61 44.82 55.25
CA TRP NA 273 -75.55 43.92 54.80
C TRP NA 273 -74.33 43.97 55.70
N GLN NA 274 -74.08 45.12 56.34
CA GLN NA 274 -72.86 45.27 57.13
C GLN NA 274 -72.79 44.29 58.29
N HIS NA 275 -73.91 43.73 58.70
CA HIS NA 275 -73.94 42.83 59.85
C HIS NA 275 -74.78 41.60 59.54
N GLN NA 276 -74.60 41.05 58.34
CA GLN NA 276 -75.40 39.90 57.89
C GLN NA 276 -74.48 38.99 57.09
N ILE NA 277 -74.17 37.82 57.67
CA ILE NA 277 -73.07 37.02 57.14
C ILE NA 277 -73.41 36.48 55.75
N VAL NA 278 -74.68 36.16 55.50
CA VAL NA 278 -75.03 35.57 54.21
C VAL NA 278 -74.76 36.56 53.09
N GLU NA 279 -74.99 37.85 53.33
CA GLU NA 279 -74.70 38.85 52.33
C GLU NA 279 -73.21 38.93 52.07
N VAL NA 280 -72.41 38.96 53.13
CA VAL NA 280 -70.97 39.09 52.98
C VAL NA 280 -70.42 37.90 52.22
N ALA NA 281 -70.78 36.69 52.66
CA ALA NA 281 -70.26 35.49 52.01
C ALA NA 281 -70.68 35.42 50.56
N GLY NA 282 -71.97 35.69 50.30
CA GLY NA 282 -72.44 35.63 48.94
C GLY NA 282 -71.72 36.60 48.03
N ALA NA 283 -71.52 37.82 48.51
CA ALA NA 283 -70.80 38.81 47.71
C ALA NA 283 -69.38 38.36 47.44
N LEU NA 284 -68.65 37.96 48.48
CA LEU NA 284 -67.26 37.55 48.30
C LEU NA 284 -67.17 36.36 47.37
N MET NA 285 -68.04 35.38 47.55
CA MET NA 285 -68.03 34.21 46.68
C MET NA 285 -68.23 34.61 45.23
N SER NA 286 -69.23 35.44 44.97
CA SER NA 286 -69.51 35.87 43.60
C SER NA 286 -68.36 36.69 43.05
N GLN NA 287 -67.81 37.59 43.87
CA GLN NA 287 -66.72 38.44 43.39
C GLN NA 287 -65.49 37.61 43.02
N SER NA 288 -65.32 36.46 43.65
CA SER NA 288 -64.15 35.63 43.36
C SER NA 288 -64.16 35.19 41.90
N VAL NA 289 -65.34 34.88 41.36
CA VAL NA 289 -65.42 34.48 39.96
C VAL NA 289 -64.93 35.61 39.06
N THR NA 290 -65.47 36.81 39.26
CA THR NA 290 -65.07 37.94 38.43
C THR NA 290 -63.58 38.23 38.59
N ALA NA 291 -63.02 37.94 39.76
CA ALA NA 291 -61.60 38.20 39.97
C ALA NA 291 -60.74 37.39 39.01
N VAL NA 292 -61.07 36.12 38.81
CA VAL NA 292 -60.23 35.29 37.97
C VAL NA 292 -60.55 35.50 36.49
N THR NA 293 -61.79 35.83 36.17
CA THR NA 293 -62.20 35.95 34.77
C THR NA 293 -62.29 37.40 34.29
N GLY NA 294 -62.14 38.37 35.18
CA GLY NA 294 -62.29 39.76 34.80
C GLY NA 294 -63.75 40.14 34.66
N LEU NA 295 -63.97 41.44 34.51
CA LEU NA 295 -65.34 41.95 34.39
C LEU NA 295 -65.87 41.66 33.00
N PRO NA 296 -67.00 40.97 32.87
CA PRO NA 296 -67.55 40.71 31.52
C PRO NA 296 -67.89 41.97 30.76
N ALA NA 297 -68.35 43.02 31.44
CA ALA NA 297 -68.75 44.24 30.77
C ALA NA 297 -68.78 45.38 31.77
N LEU NA 298 -68.82 46.60 31.24
CA LEU NA 298 -68.88 47.77 32.09
C LEU NA 298 -70.20 47.81 32.86
N ILE NA 299 -70.13 48.33 34.06
CA ILE NA 299 -71.28 48.43 34.95
C ILE NA 299 -72.02 49.72 34.64
N ASP NA 300 -73.35 49.67 34.73
CA ASP NA 300 -74.16 50.84 34.46
C ASP NA 300 -73.96 51.88 35.56
N GLU NA 301 -73.73 53.13 35.14
CA GLU NA 301 -73.52 54.21 36.09
C GLU NA 301 -74.82 54.74 36.68
N ALA NA 302 -75.97 54.31 36.16
CA ALA NA 302 -77.21 55.04 36.38
C ALA NA 302 -77.58 55.16 37.86
N THR NA 303 -77.20 54.18 38.68
CA THR NA 303 -77.65 54.11 40.06
C THR NA 303 -76.49 53.95 41.01
N LEU NA 304 -75.46 54.75 40.83
CA LEU NA 304 -74.23 54.63 41.60
C LEU NA 304 -73.87 55.96 42.23
N PRO NA 305 -73.08 55.95 43.31
CA PRO NA 305 -72.66 57.19 43.94
C PRO NA 305 -71.89 58.07 42.97
N ALA NA 306 -71.72 59.33 43.38
CA ALA NA 306 -71.18 60.34 42.48
C ALA NA 306 -69.78 59.98 42.02
N TRP NA 307 -68.93 59.50 42.93
CA TRP NA 307 -67.56 59.19 42.55
C TRP NA 307 -67.48 58.02 41.59
N SER NA 308 -68.54 57.22 41.47
CA SER NA 308 -68.53 56.06 40.60
C SER NA 308 -68.96 56.39 39.17
N GLN NA 309 -69.22 57.66 38.87
CA GLN NA 309 -69.74 58.04 37.56
C GLN NA 309 -68.60 58.05 36.55
N GLY NA 310 -68.67 57.14 35.57
CA GLY NA 310 -67.73 57.14 34.48
C GLY NA 310 -66.30 56.76 34.83
N VAL NA 311 -66.12 55.78 35.70
CA VAL NA 311 -64.78 55.32 36.03
C VAL NA 311 -64.24 54.49 34.88
N ALA NA 312 -63.02 54.79 34.45
CA ALA NA 312 -62.44 54.10 33.31
C ALA NA 312 -62.31 52.62 33.58
N ASN NA 313 -62.61 51.81 32.56
CA ASN NA 313 -62.51 50.36 32.57
C ASN NA 313 -63.47 49.71 33.56
N LEU NA 314 -64.27 50.48 34.28
CA LEU NA 314 -65.17 49.90 35.27
C LEU NA 314 -66.63 50.25 35.02
N THR NA 315 -66.95 51.52 34.82
CA THR NA 315 -68.32 51.95 34.69
C THR NA 315 -68.52 52.62 33.34
N GLY NA 316 -69.76 52.57 32.86
CA GLY NA 316 -70.09 53.17 31.57
C GLY NA 316 -71.58 53.37 31.45
N ASN NA 317 -71.95 54.09 30.39
CA ASN NA 317 -73.35 54.32 30.08
C ASN NA 317 -73.66 54.04 28.62
N GLY NA 318 -72.74 53.44 27.88
CA GLY NA 318 -72.91 53.19 26.46
C GLY NA 318 -73.72 51.94 26.20
N GLN NA 319 -73.57 51.43 24.98
CA GLN NA 319 -74.34 50.26 24.56
C GLN NA 319 -73.87 49.00 25.28
N GLY NA 320 -72.57 48.76 25.32
CA GLY NA 320 -72.05 47.56 25.94
C GLY NA 320 -72.00 47.65 27.44
N VAL NA 321 -73.16 47.84 28.06
CA VAL NA 321 -73.26 48.11 29.49
C VAL NA 321 -74.28 47.16 30.10
N VAL NA 322 -73.91 46.52 31.20
CA VAL NA 322 -74.79 45.61 31.92
C VAL NA 322 -75.43 46.37 33.08
N PRO NA 323 -76.76 46.33 33.22
CA PRO NA 323 -77.39 47.02 34.34
C PRO NA 323 -77.06 46.33 35.66
N CYS NA 324 -77.16 47.11 36.73
CA CYS NA 324 -76.96 46.61 38.08
C CYS NA 324 -78.25 46.78 38.87
N LEU NA 325 -78.71 45.70 39.48
CA LEU NA 325 -79.90 45.73 40.30
C LEU NA 325 -79.53 45.73 41.78
N ASP NA 326 -80.52 46.04 42.61
CA ASP NA 326 -80.32 46.11 44.04
C ASP NA 326 -81.62 45.79 44.75
N TYR NA 327 -81.52 45.51 46.04
CA TYR NA 327 -82.67 45.03 46.77
C TYR NA 327 -82.49 45.35 48.25
N ASN NA 328 -83.60 45.29 48.96
CA ASN NA 328 -83.61 45.38 50.41
C ASN NA 328 -84.03 44.04 50.97
N PRO NA 329 -83.32 43.53 51.97
CA PRO NA 329 -83.64 42.18 52.47
C PRO NA 329 -85.08 42.00 52.92
N VAL NA 330 -85.65 43.00 53.57
CA VAL NA 330 -86.99 42.85 54.13
C VAL NA 330 -88.01 42.64 53.00
N PRO NA 331 -88.09 43.52 51.99
CA PRO NA 331 -88.99 43.21 50.88
C PRO NA 331 -88.63 41.91 50.19
N MET NA 332 -87.33 41.62 50.09
CA MET NA 332 -86.91 40.36 49.48
C MET NA 332 -87.48 39.17 50.24
N ALA NA 333 -87.41 39.23 51.57
CA ALA NA 333 -87.93 38.13 52.38
C ALA NA 333 -89.43 37.96 52.16
N ALA NA 334 -90.16 39.07 52.09
CA ALA NA 334 -91.59 38.97 51.83
C ALA NA 334 -91.85 38.32 50.48
N ALA NA 335 -91.07 38.69 49.46
CA ALA NA 335 -91.22 38.05 48.17
C ALA NA 335 -90.90 36.57 48.25
N ARG NA 336 -89.82 36.22 48.95
CA ARG NA 336 -89.47 34.81 49.07
C ARG NA 336 -90.58 34.02 49.76
N HIS NA 337 -91.14 34.58 50.83
CA HIS NA 337 -92.22 33.89 51.52
C HIS NA 337 -93.43 33.74 50.61
N LEU NA 338 -93.77 34.80 49.86
CA LEU NA 338 -94.92 34.71 48.98
C LEU NA 338 -94.74 33.61 47.94
N GLN NA 339 -93.54 33.50 47.37
CA GLN NA 339 -93.28 32.45 46.41
C GLN NA 339 -93.48 31.08 47.04
N TRP NA 340 -93.08 30.93 48.31
CA TRP NA 340 -93.26 29.65 48.99
C TRP NA 340 -94.74 29.29 49.09
N ARG NA 341 -95.59 30.26 49.43
CA ARG NA 341 -97.01 29.97 49.54
C ARG NA 341 -97.58 29.58 48.18
N GLN NA 342 -97.20 30.31 47.13
CA GLN NA 342 -97.71 29.98 45.81
C GLN NA 342 -97.24 28.61 45.35
N ASP NA 343 -96.02 28.24 45.72
CA ASP NA 343 -95.58 26.88 45.46
C ASP NA 343 -96.25 25.87 46.38
N GLY NA 344 -96.99 26.32 47.39
CA GLY NA 344 -97.67 25.42 48.28
C GLY NA 344 -96.81 24.85 49.38
N LEU NA 345 -95.60 25.38 49.59
CA LEU NA 345 -94.78 24.90 50.68
C LEU NA 345 -95.31 25.31 52.05
N ILE NA 346 -96.07 26.42 52.12
CA ILE NA 346 -96.59 26.93 53.38
C ILE NA 346 -98.01 27.43 53.16
N THR NA 347 -98.71 27.65 54.26
CA THR NA 347 -100.04 28.23 54.22
C THR NA 347 -99.95 29.75 54.33
N ALA NA 348 -101.09 30.41 54.10
CA ALA NA 348 -101.14 31.86 54.21
C ALA NA 348 -100.85 32.29 55.64
N ALA NA 349 -101.38 31.55 56.62
CA ALA NA 349 -101.16 31.92 58.01
C ALA NA 349 -99.67 31.89 58.34
N GLN NA 350 -98.96 30.88 57.88
CA GLN NA 350 -97.52 30.82 58.10
C GLN NA 350 -96.81 31.99 57.45
N GLU NA 351 -97.24 32.35 56.24
CA GLU NA 351 -96.56 33.43 55.52
C GLU NA 351 -96.63 34.73 56.29
N ALA NA 352 -97.79 35.03 56.86
CA ALA NA 352 -97.91 36.24 57.67
C ALA NA 352 -96.97 36.18 58.86
N GLN NA 353 -96.89 35.02 59.52
CA GLN NA 353 -96.01 34.89 60.68
C GLN NA 353 -94.55 35.08 60.30
N LEU NA 354 -94.14 34.50 59.17
CA LEU NA 354 -92.75 34.64 58.75
C LEU NA 354 -92.38 36.09 58.52
N ASN NA 355 -93.28 36.86 57.89
CA ASN NA 355 -93.01 38.27 57.68
C ASN NA 355 -92.82 39.00 59.00
N ASN NA 356 -93.67 38.72 59.98
CA ASN NA 356 -93.53 39.37 61.28
C ASN NA 356 -92.19 39.01 61.92
N ASP NA 357 -91.83 37.73 61.87
CA ASP NA 357 -90.58 37.31 62.49
C ASP NA 357 -89.39 37.97 61.82
N TYR NA 358 -89.35 37.95 60.49
CA TYR NA 358 -88.20 38.50 59.79
C TYR NA 358 -88.09 40.00 60.03
N THR NA 359 -89.21 40.71 59.99
CA THR NA 359 -89.18 42.14 60.25
C THR NA 359 -88.65 42.42 61.64
N ALA NA 360 -89.10 41.64 62.62
CA ALA NA 360 -88.58 41.79 63.98
C ALA NA 360 -87.09 41.55 64.01
N TYR NA 361 -86.63 40.51 63.33
CA TYR NA 361 -85.19 40.23 63.30
C TYR NA 361 -84.43 41.38 62.68
N ALA NA 362 -84.89 41.86 61.53
CA ALA NA 362 -84.17 42.93 60.84
C ALA NA 362 -84.12 44.18 61.70
N LEU NA 363 -85.19 44.44 62.45
CA LEU NA 363 -85.20 45.62 63.31
C LEU NA 363 -84.05 45.60 64.29
N THR NA 364 -83.73 44.43 64.85
CA THR NA 364 -82.61 44.33 65.77
C THR NA 364 -81.31 44.69 65.09
N ILE NA 365 -81.10 44.19 63.87
CA ILE NA 365 -79.87 44.50 63.13
C ILE NA 365 -79.75 46.00 62.94
N GLU NA 366 -80.83 46.64 62.50
CA GLU NA 366 -80.82 48.08 62.32
C GLU NA 366 -80.54 48.79 63.64
N ARG NA 367 -81.24 48.39 64.70
CA ARG NA 367 -81.07 49.03 65.98
C ARG NA 367 -79.64 48.90 66.49
N HIS NA 368 -79.04 47.73 66.28
CA HIS NA 368 -77.65 47.53 66.67
C HIS NA 368 -76.73 48.44 65.87
N LEU NA 369 -76.89 48.45 64.55
CA LEU NA 369 -75.97 49.20 63.71
C LEU NA 369 -76.07 50.70 63.98
N THR NA 370 -77.29 51.22 64.03
CA THR NA 370 -77.44 52.66 64.22
C THR NA 370 -76.85 53.09 65.56
N ALA NA 371 -77.02 52.29 66.60
CA ALA NA 371 -76.37 52.58 67.86
C ALA NA 371 -74.87 52.45 67.75
N MET NA 372 -74.40 51.52 66.92
CA MET NA 372 -72.96 51.33 66.80
C MET NA 372 -72.29 52.49 66.08
N LEU NA 373 -73.00 53.15 65.17
CA LEU NA 373 -72.39 54.25 64.41
C LEU NA 373 -72.06 55.41 65.32
N VAL NA 374 -73.01 55.85 66.14
CA VAL NA 374 -72.75 56.96 67.04
C VAL NA 374 -71.66 56.59 68.03
N ALA NA 375 -71.48 55.30 68.29
CA ALA NA 375 -70.36 54.87 69.12
C ALA NA 375 -69.03 55.01 68.42
N ASN NA 376 -69.02 55.02 67.09
CA ASN NA 376 -67.79 55.14 66.30
C ASN NA 376 -67.97 56.19 65.23
N PRO NA 377 -68.05 57.46 65.62
CA PRO NA 377 -68.20 58.52 64.61
C PRO NA 377 -67.01 58.54 63.68
N ILE NA 378 -67.29 58.79 62.40
CA ILE NA 378 -66.24 58.70 61.39
C ILE NA 378 -65.21 59.81 61.57
N ALA NA 379 -65.54 60.88 62.28
CA ALA NA 379 -64.57 61.92 62.54
C ALA NA 379 -63.44 61.46 63.45
N ALA NA 380 -63.58 60.30 64.07
CA ALA NA 380 -62.54 59.79 64.96
C ALA NA 380 -61.30 59.34 64.21
N GLY NA 381 -61.35 59.26 62.88
CA GLY NA 381 -60.18 58.92 62.10
C GLY NA 381 -60.11 57.49 61.61
N ARG NA 382 -61.03 56.64 62.04
CA ARG NA 382 -61.10 55.27 61.51
C ARG NA 382 -62.57 54.93 61.29
N MET NA 383 -62.83 54.15 60.26
CA MET NA 383 -64.20 53.81 59.88
C MET NA 383 -64.42 52.31 60.06
N PRO NA 384 -64.90 51.87 61.23
CA PRO NA 384 -65.21 50.45 61.38
C PRO NA 384 -66.49 50.07 60.66
N ILE NA 385 -67.42 50.99 60.49
CA ILE NA 385 -68.66 50.71 59.76
C ILE NA 385 -68.95 51.87 58.82
N GLN NA 386 -69.46 51.53 57.64
CA GLN NA 386 -69.75 52.53 56.64
C GLN NA 386 -70.90 53.43 57.10
N PRO NA 387 -70.80 54.74 56.89
CA PRO NA 387 -71.85 55.64 57.36
C PRO NA 387 -73.13 55.46 56.55
N PHE NA 388 -74.24 55.87 57.18
CA PHE NA 388 -75.56 55.76 56.56
C PHE NA 388 -76.50 56.70 57.28
N ASN NA 389 -77.71 56.82 56.74
CA ASN NA 389 -78.77 57.60 57.35
C ASN NA 389 -79.91 56.69 57.75
N ALA NA 390 -80.75 57.18 58.67
CA ALA NA 390 -81.82 56.35 59.21
C ALA NA 390 -82.78 55.91 58.11
N ALA NA 391 -83.06 56.78 57.15
CA ALA NA 391 -83.98 56.42 56.08
C ALA NA 391 -83.47 55.30 55.20
N ASP NA 392 -82.17 55.04 55.21
CA ASP NA 392 -81.60 54.03 54.32
C ASP NA 392 -82.15 52.64 54.61
N PHE NA 393 -82.61 52.39 55.83
CA PHE NA 393 -83.18 51.07 56.14
C PHE NA 393 -84.52 50.85 55.48
N GLY NA 394 -85.18 51.92 55.03
CA GLY NA 394 -86.51 51.80 54.46
C GLY NA 394 -86.56 51.78 52.95
N GLN NA 395 -85.42 51.83 52.27
CA GLN NA 395 -85.44 51.87 50.81
C GLN NA 395 -85.81 50.51 50.25
N ALA NA 396 -86.79 50.50 49.35
CA ALA NA 396 -87.16 49.27 48.66
C ALA NA 396 -86.24 48.95 47.50
N GLY NA 397 -85.58 49.96 46.93
CA GLY NA 397 -84.67 49.73 45.84
C GLY NA 397 -85.37 49.15 44.63
N GLN NA 398 -84.61 48.38 43.84
CA GLN NA 398 -85.15 47.72 42.66
C GLN NA 398 -85.59 46.30 42.94
N THR NA 399 -86.06 46.03 44.16
CA THR NA 399 -86.35 44.66 44.56
C THR NA 399 -87.32 43.99 43.61
N ALA NA 400 -88.31 44.73 43.11
CA ALA NA 400 -89.27 44.15 42.18
C ALA NA 400 -88.58 43.64 40.93
N ALA NA 401 -87.65 44.43 40.39
CA ALA NA 401 -86.91 43.98 39.22
C ALA NA 401 -86.06 42.77 39.54
N ALA NA 402 -85.51 42.72 40.75
CA ALA NA 402 -84.61 41.62 41.11
C ALA NA 402 -85.32 40.28 41.02
N VAL NA 403 -86.48 40.16 41.68
CA VAL NA 403 -87.22 38.90 41.61
C VAL NA 403 -87.67 38.62 40.20
N ALA NA 404 -87.94 39.67 39.42
CA ALA NA 404 -88.29 39.47 38.02
C ALA NA 404 -87.14 38.82 37.28
N LEU NA 405 -85.91 39.20 37.59
CA LEU NA 405 -84.76 38.60 36.93
C LEU NA 405 -84.68 37.12 37.24
N ALA NA 406 -84.81 36.75 38.51
CA ALA NA 406 -84.79 35.34 38.87
C ALA NA 406 -85.93 34.60 38.19
N GLN NA 407 -87.08 35.25 38.06
CA GLN NA 407 -88.20 34.68 37.33
C GLN NA 407 -87.76 34.28 35.92
N ALA NA 408 -87.07 35.19 35.24
CA ALA NA 408 -86.54 34.88 33.91
C ALA NA 408 -85.31 34.00 33.96
N MET NA 409 -84.57 34.02 35.07
CA MET NA 409 -83.34 33.27 35.13
C MET NA 409 -83.57 31.77 35.30
N PHE NA 410 -84.57 31.38 36.07
CA PHE NA 410 -84.89 29.97 36.28
C PHE NA 410 -86.34 29.77 35.87
N VAL NA 411 -86.55 29.48 34.59
CA VAL NA 411 -87.89 29.27 34.07
C VAL NA 411 -88.29 27.82 34.28
ZN ZN QA . -91.55 -61.95 35.68
ZN ZN RA . 17.92 -9.20 57.63
ZN ZN SA . -3.70 -2.49 63.15
ZN ZN TA . 32.38 -15.06 40.54
#